data_8QBX
#
_entry.id   8QBX
#
_cell.length_a   1.00
_cell.length_b   1.00
_cell.length_c   1.00
_cell.angle_alpha   90.00
_cell.angle_beta   90.00
_cell.angle_gamma   90.00
#
_symmetry.space_group_name_H-M   'P 1'
#
_entity_poly.entity_id   1
_entity_poly.type   'polypeptide(L)'
_entity_poly.pdbx_seq_one_letter_code
;MMRRAYPEGPPPSYESVMQQAMAAAAAMQPPLEAPYVPPRYLAPTEGRNSIRYSELSPLYDTTRLYLVDNKSADIASLNY
QNDHSNFLTTVVQNNDFTPTEASTQTINFDERSRWGGQLKTIMHTNMPNVNEYMFSNKFKARVMVSRKAPEGEFVTVNDG
PVNDTYDHKEDILKYEWFEFILPEGNFSATMTIDLMNNAIIDNYLEIGRQNGVLESDIGVKFDTRNFRLGWDPETKLIMP
GVYTYEAFHPDIVLLPGCGVDFTESRLSNLLGIRKRHPFQEGFKIMYEDLEGGNIPALLDVTAYEESKKDTTTARETTTL
AVAEETSEDVDDDITRGDTYITELEKQKREAAAAEVSRKKELKIQPLEKDSKSRSYNVLEDKINTAYRSWYLSYNYGNPE
KGIRSWTLLTTSDVTCGVEQVYWSLPDMMQDPVTFRSTRQVSNYPVVGAELMPVFSKSFYNEQAVYSQQLRQATSLTHVF
NRFPENQILIRPPAPTITTVSENVPALTDHGTLPLRSSIRGVQRVTVTDARRRTCPYVYKALGIVAPRVLSSRTF
;
_entity_poly.pdbx_strand_id   F,C,A,B,D,E,G,H,I,J,K,L,M,N,O,P,Q,R,S,T,V,W,X,Y,Z,AA,BA,CA,DA,EA,FA,GA,HA,IA,JA,KA,LA,MA,NA,OA,PA,QA,RA,SA,TA,UA,VA,WA,XA,YA,ZA,AB,BB,CB,DB,EB,FB,GB,HB,IB
#
# COMPACT_ATOMS: atom_id res chain seq x y z
N ARG A 48 -30.25 34.92 6.27
CA ARG A 48 -29.79 36.22 6.76
C ARG A 48 -30.61 37.37 6.19
N ASN A 49 -31.92 37.18 6.09
CA ASN A 49 -32.78 38.20 5.47
C ASN A 49 -34.10 38.41 6.22
N SER A 50 -34.16 38.07 7.50
CA SER A 50 -35.41 38.19 8.26
C SER A 50 -35.56 39.59 8.85
N ILE A 51 -36.81 39.95 9.12
CA ILE A 51 -37.18 41.25 9.68
C ILE A 51 -38.09 41.00 10.88
N ARG A 52 -37.72 41.53 12.05
CA ARG A 52 -38.37 41.16 13.31
C ARG A 52 -38.85 42.39 14.08
N TYR A 53 -39.98 42.24 14.76
CA TYR A 53 -40.57 43.28 15.57
C TYR A 53 -40.54 42.86 17.04
N SER A 54 -40.08 43.76 17.90
CA SER A 54 -39.70 43.38 19.27
C SER A 54 -40.89 42.90 20.11
N GLU A 55 -42.13 43.17 19.71
CA GLU A 55 -43.26 42.72 20.50
C GLU A 55 -43.77 41.33 20.11
N LEU A 56 -43.13 40.65 19.15
CA LEU A 56 -43.56 39.34 18.69
C LEU A 56 -42.47 38.31 18.90
N SER A 57 -42.87 37.08 19.25
CA SER A 57 -41.94 35.98 19.50
C SER A 57 -42.66 34.65 19.33
N PRO A 58 -41.98 33.62 18.83
CA PRO A 58 -42.65 32.33 18.62
C PRO A 58 -42.68 31.46 19.87
N LEU A 59 -43.57 30.47 19.87
CA LEU A 59 -43.90 29.66 21.04
C LEU A 59 -43.37 28.23 20.92
N TYR A 60 -42.93 27.67 22.05
CA TYR A 60 -42.37 26.33 22.10
C TYR A 60 -42.79 25.59 23.37
N ASP A 61 -42.86 24.26 23.25
CA ASP A 61 -42.87 23.22 24.29
C ASP A 61 -44.13 23.05 25.14
N THR A 62 -44.97 24.08 25.29
CA THR A 62 -46.18 23.98 26.11
C THR A 62 -46.87 25.34 26.11
N THR A 63 -48.17 25.32 26.43
CA THR A 63 -49.02 26.50 26.46
C THR A 63 -50.31 26.13 27.19
N ARG A 64 -51.32 27.01 27.12
CA ARG A 64 -52.63 26.76 27.70
C ARG A 64 -53.73 27.01 26.66
N LEU A 65 -54.79 26.19 26.71
CA LEU A 65 -56.02 26.42 25.96
C LEU A 65 -57.19 26.49 26.94
N TYR A 66 -58.06 27.48 26.78
CA TYR A 66 -59.16 27.71 27.72
C TYR A 66 -60.50 27.47 27.04
N LEU A 67 -61.36 26.70 27.71
CA LEU A 67 -62.69 26.36 27.22
C LEU A 67 -63.71 26.94 28.20
N VAL A 68 -64.28 28.08 27.85
CA VAL A 68 -65.05 28.91 28.77
C VAL A 68 -66.46 29.09 28.23
N ASP A 69 -67.46 28.98 29.11
CA ASP A 69 -68.85 28.90 28.71
C ASP A 69 -69.59 30.24 28.71
N ASN A 70 -68.95 31.35 29.03
CA ASN A 70 -69.67 32.62 29.16
C ASN A 70 -68.90 33.78 28.52
N LYS A 71 -68.32 33.55 27.35
CA LYS A 71 -67.74 34.66 26.59
C LYS A 71 -68.86 35.51 25.99
N SER A 72 -68.68 36.84 26.00
CA SER A 72 -69.76 37.75 25.65
C SER A 72 -70.21 37.58 24.19
N ALA A 73 -69.24 37.47 23.26
CA ALA A 73 -69.58 37.37 21.85
C ALA A 73 -70.12 35.99 21.48
N ASP A 74 -69.63 34.93 22.14
CA ASP A 74 -70.13 33.59 21.84
C ASP A 74 -71.57 33.40 22.29
N ILE A 75 -72.00 34.12 23.32
CA ILE A 75 -73.37 34.02 23.80
C ILE A 75 -74.35 34.45 22.72
N ALA A 76 -74.04 35.56 22.04
CA ALA A 76 -74.99 36.15 21.11
C ALA A 76 -75.09 35.36 19.81
N SER A 77 -73.95 34.89 19.27
CA SER A 77 -73.92 34.37 17.92
C SER A 77 -73.77 32.85 17.81
N LEU A 78 -73.53 32.15 18.90
CA LEU A 78 -73.32 30.71 18.77
C LEU A 78 -74.34 29.86 19.52
N ASN A 79 -74.77 30.27 20.70
CA ASN A 79 -75.41 29.36 21.66
C ASN A 79 -76.85 29.74 21.96
N TYR A 80 -77.59 30.16 20.95
CA TYR A 80 -78.94 30.67 21.18
C TYR A 80 -79.88 29.57 21.66
N GLN A 81 -79.72 28.35 21.18
CA GLN A 81 -80.60 27.24 21.54
C GLN A 81 -79.93 26.21 22.47
N ASN A 82 -78.81 26.55 23.08
CA ASN A 82 -78.01 25.60 23.87
C ASN A 82 -78.17 25.88 25.36
N ASP A 83 -77.55 25.01 26.18
CA ASP A 83 -77.44 25.23 27.62
C ASP A 83 -76.04 24.82 28.08
N HIS A 84 -75.78 24.97 29.37
CA HIS A 84 -74.43 24.77 29.90
C HIS A 84 -73.96 23.33 29.86
N SER A 85 -74.86 22.38 29.61
CA SER A 85 -74.47 20.98 29.46
C SER A 85 -74.02 20.64 28.05
N ASN A 86 -74.31 21.48 27.04
CA ASN A 86 -73.95 21.18 25.65
C ASN A 86 -73.89 22.51 24.88
N PHE A 87 -72.68 23.03 24.66
CA PHE A 87 -72.53 24.36 24.09
C PHE A 87 -71.29 24.42 23.20
N LEU A 88 -71.14 25.55 22.50
CA LEU A 88 -70.01 25.84 21.64
C LEU A 88 -69.21 27.01 22.21
N THR A 89 -67.89 26.98 22.00
CA THR A 89 -67.04 28.06 22.47
C THR A 89 -65.85 28.21 21.53
N THR A 90 -65.20 29.37 21.60
CA THR A 90 -64.04 29.67 20.77
C THR A 90 -62.76 29.59 21.60
N VAL A 91 -61.76 28.86 21.10
CA VAL A 91 -60.47 28.81 21.76
C VAL A 91 -59.52 29.90 21.28
N VAL A 92 -59.90 30.68 20.28
CA VAL A 92 -59.12 31.84 19.84
C VAL A 92 -59.45 33.01 20.75
N GLN A 93 -58.44 33.57 21.40
CA GLN A 93 -58.62 34.65 22.38
C GLN A 93 -58.20 36.01 21.83
N ASN A 94 -58.46 36.29 20.55
CA ASN A 94 -58.01 37.50 19.87
C ASN A 94 -59.25 38.25 19.37
N ASN A 95 -59.51 39.42 19.95
CA ASN A 95 -60.75 40.14 19.67
C ASN A 95 -60.70 40.97 18.38
N ASP A 96 -59.66 40.80 17.56
CA ASP A 96 -59.70 41.36 16.21
C ASP A 96 -60.67 40.63 15.30
N PHE A 97 -61.22 39.50 15.73
CA PHE A 97 -62.09 38.67 14.91
C PHE A 97 -63.36 38.32 15.68
N THR A 98 -64.46 38.15 14.94
CA THR A 98 -65.69 37.62 15.50
C THR A 98 -65.61 36.10 15.61
N PRO A 99 -66.46 35.50 16.44
CA PRO A 99 -66.44 34.02 16.53
C PRO A 99 -66.69 33.31 15.21
N THR A 100 -67.54 33.87 14.35
CA THR A 100 -67.78 33.28 13.04
C THR A 100 -66.50 33.26 12.21
N GLU A 101 -65.76 34.38 12.21
CA GLU A 101 -64.48 34.41 11.51
C GLU A 101 -63.48 33.46 12.16
N ALA A 102 -63.49 33.37 13.49
CA ALA A 102 -62.54 32.51 14.19
C ALA A 102 -62.76 31.04 13.87
N SER A 103 -63.97 30.66 13.47
CA SER A 103 -64.28 29.24 13.27
C SER A 103 -63.43 28.63 12.17
N THR A 104 -62.97 29.42 11.21
CA THR A 104 -62.16 28.90 10.12
C THR A 104 -60.65 28.90 10.42
N GLN A 105 -60.22 29.51 11.52
CA GLN A 105 -58.80 29.54 11.85
C GLN A 105 -58.39 28.25 12.57
N THR A 106 -57.09 28.01 12.64
CA THR A 106 -56.56 26.79 13.27
C THR A 106 -55.36 27.11 14.15
N ILE A 107 -55.10 26.20 15.08
CA ILE A 107 -53.88 26.16 15.87
C ILE A 107 -53.17 24.85 15.54
N ASN A 108 -51.89 24.92 15.23
CA ASN A 108 -51.15 23.78 14.68
C ASN A 108 -49.98 23.41 15.58
N PHE A 109 -49.96 22.15 16.02
CA PHE A 109 -48.86 21.58 16.80
C PHE A 109 -47.97 20.77 15.87
N ASP A 110 -46.64 20.92 16.02
CA ASP A 110 -45.70 20.44 15.02
C ASP A 110 -45.94 18.97 14.67
N GLU A 111 -46.10 18.70 13.38
CA GLU A 111 -46.50 17.38 12.89
C GLU A 111 -45.41 16.33 13.00
N ARG A 112 -44.18 16.72 13.33
CA ARG A 112 -43.12 15.75 13.54
C ARG A 112 -43.11 15.17 14.96
N SER A 113 -44.09 15.53 15.80
CA SER A 113 -44.26 14.95 17.12
C SER A 113 -45.71 14.52 17.31
N ARG A 114 -45.93 13.60 18.23
CA ARG A 114 -47.26 13.28 18.73
C ARG A 114 -47.47 14.00 20.05
N TRP A 115 -48.63 14.65 20.21
CA TRP A 115 -48.89 15.53 21.32
C TRP A 115 -49.99 14.97 22.24
N GLY A 116 -49.88 15.29 23.52
CA GLY A 116 -50.91 14.97 24.48
C GLY A 116 -51.31 16.19 25.26
N GLY A 117 -52.48 16.11 25.89
CA GLY A 117 -53.01 17.21 26.67
C GLY A 117 -53.52 16.84 28.04
N GLN A 118 -53.00 17.49 29.07
CA GLN A 118 -53.47 17.28 30.43
C GLN A 118 -54.72 18.13 30.69
N LEU A 119 -55.78 17.50 31.16
CA LEU A 119 -57.10 18.12 31.26
C LEU A 119 -57.54 18.30 32.71
N LYS A 120 -57.95 19.52 33.06
CA LYS A 120 -58.55 19.84 34.34
C LYS A 120 -59.90 20.48 34.12
N THR A 121 -60.89 20.13 34.95
CA THR A 121 -62.24 20.65 34.78
C THR A 121 -62.77 21.22 36.10
N ILE A 122 -63.72 22.14 35.96
CA ILE A 122 -64.45 22.72 37.09
C ILE A 122 -65.94 22.66 36.76
N MET A 123 -66.74 22.13 37.68
CA MET A 123 -68.17 21.96 37.46
C MET A 123 -68.96 22.32 38.71
N HIS A 124 -70.13 22.92 38.51
CA HIS A 124 -71.04 23.24 39.61
C HIS A 124 -72.49 23.00 39.18
N THR A 125 -73.28 22.44 40.09
CA THR A 125 -74.65 22.03 39.81
C THR A 125 -75.63 22.65 40.82
N ASN A 126 -76.91 22.61 40.49
CA ASN A 126 -77.97 23.08 41.39
C ASN A 126 -79.19 22.13 41.36
N MET A 127 -78.94 20.83 41.47
CA MET A 127 -80.00 19.82 41.38
C MET A 127 -80.76 19.67 42.71
N PRO A 128 -82.08 19.72 42.71
CA PRO A 128 -82.85 19.34 43.90
C PRO A 128 -83.11 17.84 43.95
N ASN A 129 -83.31 17.33 45.17
CA ASN A 129 -83.34 15.88 45.35
C ASN A 129 -84.64 15.23 44.88
N VAL A 130 -85.76 15.94 44.85
CA VAL A 130 -87.03 15.39 44.37
C VAL A 130 -87.39 16.13 43.09
N ASN A 131 -87.29 15.43 41.95
CA ASN A 131 -87.56 16.06 40.66
C ASN A 131 -87.96 14.99 39.64
N GLU A 132 -88.56 15.45 38.55
CA GLU A 132 -89.10 14.55 37.53
C GLU A 132 -88.02 13.93 36.65
N TYR A 133 -86.96 14.69 36.34
CA TYR A 133 -85.98 14.23 35.36
C TYR A 133 -85.23 13.00 35.84
N MET A 134 -85.05 12.85 37.16
CA MET A 134 -84.29 11.76 37.73
C MET A 134 -85.16 10.65 38.31
N PHE A 135 -86.47 10.68 38.05
CA PHE A 135 -87.41 9.63 38.45
C PHE A 135 -87.51 9.48 39.97
N SER A 136 -87.29 10.57 40.71
CA SER A 136 -87.51 10.58 42.15
C SER A 136 -88.80 11.28 42.53
N ASN A 137 -89.75 11.31 41.59
CA ASN A 137 -90.96 12.09 41.71
C ASN A 137 -92.22 11.26 41.89
N LYS A 138 -92.16 9.94 41.71
CA LYS A 138 -93.35 9.14 41.56
C LYS A 138 -93.11 7.71 42.05
N PHE A 139 -94.22 7.04 42.38
CA PHE A 139 -94.22 5.62 42.73
C PHE A 139 -95.64 5.09 42.47
N LYS A 140 -95.78 3.77 42.52
CA LYS A 140 -97.05 3.09 42.29
C LYS A 140 -97.47 2.29 43.51
N ALA A 141 -98.79 2.20 43.72
CA ALA A 141 -99.33 1.46 44.85
C ALA A 141 -100.74 0.98 44.52
N ARG A 142 -101.19 -0.02 45.28
CA ARG A 142 -102.51 -0.62 45.11
C ARG A 142 -103.32 -0.38 46.38
N VAL A 143 -104.46 0.30 46.24
CA VAL A 143 -105.30 0.68 47.36
C VAL A 143 -106.74 0.23 47.07
N MET A 144 -107.61 0.43 48.07
CA MET A 144 -109.00 -0.01 47.98
C MET A 144 -109.87 1.12 47.43
N VAL A 145 -110.66 0.80 46.41
CA VAL A 145 -111.49 1.79 45.75
C VAL A 145 -112.96 1.70 46.16
N SER A 146 -113.45 0.51 46.51
CA SER A 146 -114.86 0.36 46.87
C SER A 146 -115.00 -0.73 47.92
N ARG A 147 -115.77 -0.44 48.96
CA ARG A 147 -116.34 -1.46 49.83
C ARG A 147 -117.70 -1.85 49.25
N LYS A 148 -118.49 -2.61 50.00
CA LYS A 148 -119.81 -3.01 49.52
C LYS A 148 -120.76 -1.82 49.44
N ASP A 171 -119.47 -8.39 52.58
CA ASP A 171 -118.88 -7.23 51.91
C ASP A 171 -117.89 -7.66 50.83
N ILE A 172 -117.96 -7.00 49.67
CA ILE A 172 -117.06 -7.25 48.56
C ILE A 172 -116.16 -6.04 48.41
N LEU A 173 -114.84 -6.27 48.32
CA LEU A 173 -113.84 -5.22 48.31
C LEU A 173 -113.13 -5.20 46.97
N LYS A 174 -112.93 -4.01 46.42
CA LYS A 174 -112.28 -3.83 45.12
C LYS A 174 -111.02 -2.99 45.29
N TYR A 175 -109.97 -3.38 44.58
CA TYR A 175 -108.67 -2.72 44.65
C TYR A 175 -108.20 -2.37 43.23
N GLU A 176 -107.31 -1.38 43.15
CA GLU A 176 -106.80 -0.94 41.86
C GLU A 176 -105.42 -0.29 42.04
N TRP A 177 -104.63 -0.33 40.96
CA TRP A 177 -103.32 0.30 40.94
C TRP A 177 -103.41 1.75 40.46
N PHE A 178 -102.57 2.60 41.03
CA PHE A 178 -102.46 4.00 40.63
C PHE A 178 -101.00 4.42 40.65
N GLU A 179 -100.72 5.54 40.00
CA GLU A 179 -99.40 6.19 40.07
C GLU A 179 -99.56 7.53 40.79
N PHE A 180 -98.69 7.77 41.76
CA PHE A 180 -98.77 8.94 42.63
C PHE A 180 -97.61 9.89 42.34
N ILE A 181 -97.89 11.20 42.39
CA ILE A 181 -96.93 12.23 42.01
C ILE A 181 -96.74 13.20 43.18
N LEU A 182 -95.48 13.52 43.50
CA LEU A 182 -95.05 14.49 44.49
C LEU A 182 -94.67 15.80 43.82
N PRO A 183 -94.77 16.93 44.52
CA PRO A 183 -94.26 18.19 43.97
C PRO A 183 -92.76 18.31 44.17
N GLU A 184 -92.13 19.09 43.28
CA GLU A 184 -90.67 19.14 43.21
C GLU A 184 -90.08 20.12 44.22
N GLY A 185 -88.86 19.81 44.65
CA GLY A 185 -88.18 20.63 45.64
C GLY A 185 -87.04 19.85 46.26
N ASN A 186 -86.37 20.51 47.21
CA ASN A 186 -85.22 19.94 47.91
C ASN A 186 -85.61 19.73 49.37
N PHE A 187 -85.88 18.48 49.75
CA PHE A 187 -86.49 18.16 51.03
C PHE A 187 -85.62 17.19 51.82
N SER A 188 -85.78 17.22 53.14
CA SER A 188 -85.17 16.22 53.99
C SER A 188 -85.93 14.89 53.88
N ALA A 189 -85.34 13.85 54.46
CA ALA A 189 -85.94 12.52 54.35
C ALA A 189 -87.28 12.44 55.08
N THR A 190 -87.39 13.03 56.27
CA THR A 190 -88.66 13.02 56.99
C THR A 190 -89.74 13.77 56.24
N MET A 191 -89.39 14.95 55.69
CA MET A 191 -90.36 15.73 54.93
C MET A 191 -90.80 15.00 53.67
N THR A 192 -89.91 14.22 53.06
CA THR A 192 -90.28 13.44 51.88
C THR A 192 -91.30 12.37 52.23
N ILE A 193 -91.14 11.71 53.37
CA ILE A 193 -92.08 10.67 53.79
C ILE A 193 -93.45 11.25 54.09
N ASP A 194 -93.51 12.47 54.62
CA ASP A 194 -94.80 13.13 54.82
C ASP A 194 -95.52 13.36 53.49
N LEU A 195 -94.78 13.74 52.45
CA LEU A 195 -95.39 13.99 51.16
C LEU A 195 -95.93 12.72 50.53
N MET A 196 -95.26 11.58 50.74
CA MET A 196 -95.75 10.31 50.20
C MET A 196 -97.05 9.89 50.89
N ASN A 197 -97.14 10.06 52.21
CA ASN A 197 -98.40 9.78 52.91
C ASN A 197 -99.51 10.70 52.42
N ASN A 198 -99.20 11.98 52.23
CA ASN A 198 -100.19 12.95 51.77
C ASN A 198 -100.73 12.58 50.39
N ALA A 199 -99.89 12.02 49.52
CA ALA A 199 -100.34 11.60 48.20
C ALA A 199 -101.36 10.45 48.29
N ILE A 200 -101.12 9.51 49.21
CA ILE A 200 -102.05 8.40 49.38
C ILE A 200 -103.41 8.91 49.84
N ILE A 201 -103.41 9.83 50.79
CA ILE A 201 -104.66 10.32 51.37
C ILE A 201 -105.47 11.13 50.37
N ASP A 202 -104.81 11.91 49.51
CA ASP A 202 -105.54 12.65 48.49
C ASP A 202 -106.25 11.75 47.50
N ASN A 203 -105.77 10.52 47.33
CA ASN A 203 -106.49 9.53 46.53
C ASN A 203 -107.72 9.01 47.27
N TYR A 204 -107.64 8.91 48.59
CA TYR A 204 -108.79 8.45 49.38
C TYR A 204 -109.86 9.52 49.50
N LEU A 205 -109.52 10.79 49.26
CA LEU A 205 -110.53 11.85 49.32
C LEU A 205 -111.20 12.09 47.99
N GLU A 206 -110.56 11.74 46.87
CA GLU A 206 -111.12 11.93 45.53
C GLU A 206 -111.89 10.71 45.05
N ILE A 207 -111.39 9.51 45.33
CA ILE A 207 -112.06 8.25 45.09
C ILE A 207 -112.19 7.65 46.49
N GLY A 208 -112.73 6.45 46.61
CA GLY A 208 -112.67 5.87 47.93
C GLY A 208 -113.78 6.37 48.83
N ARG A 209 -113.46 7.38 49.64
CA ARG A 209 -114.38 7.93 50.64
C ARG A 209 -115.81 8.06 50.14
N GLN A 210 -116.00 8.53 48.91
CA GLN A 210 -117.34 8.66 48.35
C GLN A 210 -117.90 7.34 47.86
N ASN A 211 -117.17 6.23 47.97
CA ASN A 211 -117.65 4.91 47.56
C ASN A 211 -117.65 3.93 48.72
N GLY A 212 -117.71 4.41 49.95
CA GLY A 212 -117.98 3.56 51.09
C GLY A 212 -116.80 3.02 51.87
N VAL A 213 -115.58 3.46 51.58
CA VAL A 213 -114.43 3.02 52.37
C VAL A 213 -114.29 3.94 53.57
N LEU A 214 -113.91 3.36 54.70
CA LEU A 214 -113.78 4.12 55.93
C LEU A 214 -112.33 4.53 56.15
N GLU A 215 -112.14 5.48 57.07
CA GLU A 215 -110.79 5.86 57.44
C GLU A 215 -110.24 4.88 58.46
N SER A 216 -110.42 3.58 58.19
CA SER A 216 -109.76 2.52 58.95
C SER A 216 -109.35 1.38 58.03
N ASP A 217 -109.50 1.55 56.71
CA ASP A 217 -109.08 0.55 55.73
C ASP A 217 -108.19 1.15 54.65
N ILE A 218 -107.45 2.22 54.97
CA ILE A 218 -106.61 2.90 53.99
C ILE A 218 -105.66 1.92 53.31
N GLY A 219 -104.78 1.31 54.10
CA GLY A 219 -104.04 0.15 53.61
C GLY A 219 -102.60 0.36 53.18
N VAL A 220 -102.13 1.60 53.07
CA VAL A 220 -100.73 1.86 52.75
C VAL A 220 -100.26 3.04 53.59
N LYS A 221 -99.22 2.84 54.39
CA LYS A 221 -98.65 3.92 55.20
C LYS A 221 -97.15 3.73 55.32
N PHE A 222 -96.41 4.84 55.33
CA PHE A 222 -94.97 4.85 55.53
C PHE A 222 -94.65 5.35 56.93
N ASP A 223 -93.94 4.55 57.71
CA ASP A 223 -93.70 4.84 59.12
C ASP A 223 -92.22 4.74 59.44
N THR A 224 -91.89 4.97 60.72
CA THR A 224 -90.52 4.84 61.21
C THR A 224 -90.38 4.06 62.52
N ARG A 225 -91.47 3.58 63.09
CA ARG A 225 -91.45 3.05 64.45
C ARG A 225 -91.13 1.56 64.48
N ASN A 226 -90.69 1.09 65.64
CA ASN A 226 -90.50 -0.34 65.90
C ASN A 226 -91.70 -0.80 66.70
N PHE A 227 -92.71 -1.32 66.00
CA PHE A 227 -93.84 -1.91 66.69
C PHE A 227 -93.37 -3.16 67.42
N ARG A 228 -94.13 -3.55 68.44
CA ARG A 228 -93.85 -4.67 69.35
C ARG A 228 -92.63 -4.44 70.25
N LEU A 229 -92.22 -3.18 70.47
CA LEU A 229 -91.12 -2.93 71.39
C LEU A 229 -91.48 -3.32 72.82
N GLY A 230 -92.61 -2.84 73.32
CA GLY A 230 -93.01 -3.13 74.68
C GLY A 230 -93.81 -4.41 74.85
N TRP A 231 -93.56 -5.37 73.98
CA TRP A 231 -94.31 -6.63 73.95
C TRP A 231 -93.99 -7.48 75.18
N ASP A 232 -94.99 -8.22 75.64
CA ASP A 232 -94.84 -9.07 76.82
C ASP A 232 -94.99 -10.53 76.44
N PRO A 233 -94.06 -11.40 76.86
CA PRO A 233 -94.08 -12.78 76.37
C PRO A 233 -95.23 -13.62 76.92
N GLU A 234 -95.89 -13.18 78.00
CA GLU A 234 -97.00 -13.95 78.57
C GLU A 234 -98.34 -13.49 78.01
N THR A 235 -98.67 -12.21 78.17
CA THR A 235 -99.93 -11.68 77.66
C THR A 235 -99.92 -11.48 76.16
N LYS A 236 -98.74 -11.39 75.53
CA LYS A 236 -98.60 -11.21 74.09
C LYS A 236 -99.33 -9.96 73.59
N LEU A 237 -99.27 -8.89 74.37
CA LEU A 237 -99.84 -7.61 73.98
C LEU A 237 -98.88 -6.49 74.39
N ILE A 238 -99.06 -5.32 73.78
CA ILE A 238 -98.23 -4.17 74.09
C ILE A 238 -98.74 -3.58 75.40
N MET A 239 -98.06 -3.89 76.50
CA MET A 239 -98.57 -3.53 77.83
C MET A 239 -98.80 -2.04 78.04
N PRO A 240 -97.92 -1.12 77.60
CA PRO A 240 -98.17 0.31 77.87
C PRO A 240 -99.46 0.84 77.26
N GLY A 241 -100.03 0.17 76.26
CA GLY A 241 -101.22 0.66 75.60
C GLY A 241 -100.96 1.63 74.46
N VAL A 242 -99.72 2.06 74.24
CA VAL A 242 -99.33 2.85 73.09
C VAL A 242 -98.00 2.33 72.57
N TYR A 243 -97.86 2.30 71.25
CA TYR A 243 -96.59 1.91 70.65
C TYR A 243 -95.51 2.94 70.97
N THR A 244 -94.28 2.47 71.12
CA THR A 244 -93.17 3.35 71.45
C THR A 244 -92.96 4.39 70.35
N TYR A 245 -92.87 5.65 70.74
CA TYR A 245 -92.86 6.76 69.78
C TYR A 245 -91.42 7.22 69.49
N GLU A 246 -90.61 6.28 68.98
CA GLU A 246 -89.21 6.54 68.64
C GLU A 246 -88.93 6.06 67.23
N ALA A 247 -88.04 6.77 66.54
CA ALA A 247 -87.71 6.46 65.15
C ALA A 247 -86.54 5.49 65.10
N PHE A 248 -86.70 4.43 64.29
CA PHE A 248 -85.67 3.40 64.13
C PHE A 248 -85.15 3.32 62.70
N HIS A 249 -86.03 3.18 61.72
CA HIS A 249 -85.72 3.00 60.30
C HIS A 249 -87.02 3.12 59.52
N PRO A 250 -87.01 3.72 58.33
CA PRO A 250 -88.25 3.83 57.55
C PRO A 250 -88.84 2.47 57.21
N ASP A 251 -90.17 2.42 57.18
CA ASP A 251 -90.90 1.16 57.17
C ASP A 251 -92.16 1.30 56.31
N ILE A 252 -92.68 0.17 55.86
CA ILE A 252 -93.89 0.08 55.04
C ILE A 252 -94.92 -0.78 55.79
N VAL A 253 -96.13 -0.26 55.93
CA VAL A 253 -97.21 -0.94 56.63
C VAL A 253 -98.36 -1.19 55.66
N LEU A 254 -98.85 -2.44 55.61
CA LEU A 254 -99.83 -2.87 54.62
C LEU A 254 -101.00 -3.60 55.26
N LEU A 255 -102.17 -3.49 54.60
CA LEU A 255 -103.40 -4.22 54.83
C LEU A 255 -103.59 -5.26 53.73
N PRO A 256 -104.42 -6.29 53.95
CA PRO A 256 -104.60 -7.33 52.92
C PRO A 256 -105.10 -6.75 51.61
N GLY A 257 -104.58 -7.27 50.51
CA GLY A 257 -104.95 -6.82 49.19
C GLY A 257 -104.18 -5.64 48.63
N CYS A 258 -103.25 -5.07 49.40
CA CYS A 258 -102.53 -3.87 48.98
C CYS A 258 -101.07 -4.20 48.67
N GLY A 259 -100.34 -3.20 48.19
CA GLY A 259 -98.93 -3.36 47.88
C GLY A 259 -98.36 -2.10 47.26
N VAL A 260 -97.03 -2.08 47.14
CA VAL A 260 -96.30 -0.99 46.51
C VAL A 260 -95.35 -1.56 45.48
N ASP A 261 -95.03 -0.76 44.46
CA ASP A 261 -94.18 -1.18 43.36
C ASP A 261 -93.17 -0.08 43.03
N PHE A 262 -91.88 -0.39 43.12
CA PHE A 262 -90.82 0.57 42.90
C PHE A 262 -90.03 0.32 41.62
N THR A 263 -90.65 -0.32 40.63
CA THR A 263 -89.92 -0.65 39.41
C THR A 263 -89.43 0.59 38.68
N GLU A 264 -90.23 1.65 38.66
CA GLU A 264 -89.88 2.85 37.92
C GLU A 264 -89.71 4.04 38.87
N SER A 265 -88.98 3.84 39.96
CA SER A 265 -88.85 4.85 41.00
C SER A 265 -87.52 4.68 41.71
N ARG A 266 -86.96 5.80 42.17
CA ARG A 266 -85.73 5.79 42.95
C ARG A 266 -85.97 6.08 44.43
N LEU A 267 -87.22 6.10 44.86
CA LEU A 267 -87.54 6.40 46.25
C LEU A 267 -87.27 5.24 47.20
N SER A 268 -87.02 4.03 46.68
CA SER A 268 -86.63 2.94 47.56
C SER A 268 -85.24 3.14 48.16
N ASN A 269 -84.36 3.89 47.47
CA ASN A 269 -83.05 4.22 48.05
C ASN A 269 -83.18 5.15 49.24
N LEU A 270 -84.11 6.10 49.18
CA LEU A 270 -84.34 6.99 50.30
C LEU A 270 -84.94 6.25 51.50
N LEU A 271 -85.69 5.18 51.26
CA LEU A 271 -86.27 4.40 52.34
C LEU A 271 -85.28 3.42 52.96
N GLY A 272 -84.16 3.15 52.30
CA GLY A 272 -83.23 2.18 52.82
C GLY A 272 -83.66 0.74 52.69
N ILE A 273 -84.39 0.41 51.64
CA ILE A 273 -84.81 -0.96 51.34
C ILE A 273 -84.35 -1.29 49.93
N ARG A 274 -83.54 -2.33 49.80
CA ARG A 274 -82.93 -2.71 48.53
C ARG A 274 -83.03 -4.21 48.31
N LYS A 275 -82.80 -4.63 47.07
CA LYS A 275 -82.85 -6.04 46.69
C LYS A 275 -81.46 -6.67 46.76
N ARG A 276 -81.41 -7.93 47.23
CA ARG A 276 -80.16 -8.66 47.27
C ARG A 276 -79.66 -9.06 45.88
N HIS A 277 -80.53 -9.05 44.88
CA HIS A 277 -80.17 -9.30 43.49
C HIS A 277 -80.55 -8.05 42.69
N PRO A 278 -79.71 -7.02 42.73
CA PRO A 278 -80.13 -5.70 42.21
C PRO A 278 -80.20 -5.63 40.69
N PHE A 279 -79.70 -6.62 39.96
CA PHE A 279 -79.75 -6.59 38.51
C PHE A 279 -80.97 -7.31 37.93
N GLN A 280 -81.85 -7.85 38.77
CA GLN A 280 -83.08 -8.49 38.31
C GLN A 280 -84.19 -7.44 38.27
N GLU A 281 -84.83 -7.28 37.12
CA GLU A 281 -85.83 -6.24 36.94
C GLU A 281 -87.08 -6.51 37.78
N GLY A 282 -87.68 -5.44 38.29
CA GLY A 282 -88.91 -5.54 39.05
C GLY A 282 -88.73 -5.52 40.56
N PHE A 283 -89.49 -4.66 41.23
CA PHE A 283 -89.41 -4.52 42.69
C PHE A 283 -90.82 -4.26 43.22
N LYS A 284 -91.49 -5.32 43.65
CA LYS A 284 -92.84 -5.24 44.19
C LYS A 284 -92.89 -5.90 45.55
N ILE A 285 -93.61 -5.28 46.49
CA ILE A 285 -93.79 -5.82 47.84
C ILE A 285 -95.29 -5.83 48.13
N MET A 286 -95.86 -7.02 48.29
CA MET A 286 -97.29 -7.20 48.51
C MET A 286 -97.54 -7.73 49.93
N TYR A 287 -98.82 -7.74 50.31
CA TYR A 287 -99.18 -8.17 51.66
C TYR A 287 -98.82 -9.62 51.91
N GLU A 288 -98.84 -10.46 50.87
CA GLU A 288 -98.51 -11.86 51.03
C GLU A 288 -97.02 -12.11 51.24
N ASP A 289 -96.17 -11.14 50.92
CA ASP A 289 -94.73 -11.30 51.09
C ASP A 289 -94.25 -10.93 52.48
N LEU A 290 -95.10 -10.33 53.32
CA LEU A 290 -94.71 -9.87 54.66
C LEU A 290 -95.13 -10.84 55.75
N GLU A 291 -95.09 -12.15 55.48
CA GLU A 291 -95.52 -13.13 56.46
C GLU A 291 -94.66 -13.05 57.73
N GLY A 292 -95.33 -13.18 58.88
CA GLY A 292 -94.66 -13.09 60.16
C GLY A 292 -94.52 -11.68 60.70
N GLY A 293 -95.01 -10.68 59.99
CA GLY A 293 -94.81 -9.30 60.41
C GLY A 293 -96.06 -8.61 60.91
N ASN A 294 -97.03 -9.36 61.39
CA ASN A 294 -98.26 -8.75 61.91
C ASN A 294 -97.96 -7.91 63.15
N ILE A 295 -98.60 -6.76 63.22
CA ILE A 295 -98.40 -5.82 64.32
C ILE A 295 -99.23 -6.26 65.52
N PRO A 296 -98.62 -6.50 66.68
CA PRO A 296 -99.39 -6.96 67.84
C PRO A 296 -100.41 -5.92 68.28
N ALA A 297 -101.57 -6.39 68.72
CA ALA A 297 -102.65 -5.52 69.13
C ALA A 297 -102.39 -4.89 70.48
N LEU A 298 -103.02 -3.73 70.71
CA LEU A 298 -103.03 -3.03 71.98
C LEU A 298 -101.69 -3.01 72.69
N ILE A 364 -107.43 -7.90 80.83
CA ILE A 364 -106.53 -8.51 79.87
C ILE A 364 -107.26 -8.77 78.55
N GLN A 365 -107.61 -7.69 77.83
CA GLN A 365 -108.24 -7.81 76.53
C GLN A 365 -107.70 -6.72 75.61
N PRO A 366 -107.56 -7.00 74.31
CA PRO A 366 -107.06 -5.98 73.40
C PRO A 366 -108.07 -4.86 73.18
N LEU A 367 -107.57 -3.66 72.96
CA LEU A 367 -108.41 -2.55 72.55
C LEU A 367 -108.86 -2.76 71.12
N GLU A 368 -110.16 -2.60 70.86
CA GLU A 368 -110.72 -2.89 69.55
C GLU A 368 -111.05 -1.67 68.72
N LYS A 369 -110.99 -0.46 69.31
CA LYS A 369 -111.36 0.74 68.57
C LYS A 369 -110.62 1.93 69.17
N ASP A 370 -110.59 3.02 68.41
CA ASP A 370 -109.87 4.23 68.79
C ASP A 370 -110.80 5.18 69.54
N SER A 371 -110.29 6.37 69.85
CA SER A 371 -111.07 7.34 70.63
C SER A 371 -112.31 7.80 69.87
N LYS A 372 -112.18 8.05 68.58
CA LYS A 372 -113.29 8.53 67.75
C LYS A 372 -113.99 7.40 67.03
N SER A 373 -113.99 6.20 67.60
CA SER A 373 -114.67 5.03 67.04
C SER A 373 -114.13 4.70 65.65
N ARG A 374 -112.85 4.35 65.60
CA ARG A 374 -112.22 3.81 64.41
C ARG A 374 -111.70 2.41 64.72
N SER A 375 -112.01 1.47 63.84
CA SER A 375 -111.60 0.08 64.05
C SER A 375 -110.09 -0.05 63.94
N TYR A 376 -109.49 -0.78 64.87
CA TYR A 376 -108.09 -1.17 64.78
C TYR A 376 -107.88 -2.44 63.98
N ASN A 377 -108.94 -3.03 63.44
CA ASN A 377 -108.85 -4.25 62.63
C ASN A 377 -108.27 -5.43 63.40
N VAL A 378 -108.68 -5.58 64.66
CA VAL A 378 -108.23 -6.72 65.45
C VAL A 378 -108.84 -8.00 64.88
N LEU A 379 -108.08 -9.10 64.97
CA LEU A 379 -108.46 -10.37 64.39
C LEU A 379 -108.88 -11.36 65.48
N GLU A 380 -109.13 -12.60 65.07
CA GLU A 380 -109.39 -13.65 66.02
C GLU A 380 -108.13 -13.97 66.81
N ASP A 381 -108.32 -14.62 67.96
CA ASP A 381 -107.29 -14.94 68.95
C ASP A 381 -106.89 -13.70 69.73
N LYS A 382 -107.37 -12.52 69.33
CA LYS A 382 -107.32 -11.31 70.13
C LYS A 382 -105.90 -10.96 70.60
N ILE A 383 -104.91 -11.23 69.74
CA ILE A 383 -103.53 -10.84 70.01
C ILE A 383 -102.94 -10.00 68.89
N ASN A 384 -103.14 -10.40 67.64
CA ASN A 384 -102.53 -9.72 66.50
C ASN A 384 -103.56 -8.96 65.69
N THR A 385 -103.06 -8.02 64.90
CA THR A 385 -103.84 -7.15 64.06
C THR A 385 -103.55 -7.45 62.60
N ALA A 386 -104.50 -7.09 61.72
CA ALA A 386 -104.36 -7.36 60.30
C ALA A 386 -103.21 -6.59 59.65
N TYR A 387 -102.74 -5.50 60.26
CA TYR A 387 -101.64 -4.74 59.70
C TYR A 387 -100.34 -5.54 59.72
N ARG A 388 -99.59 -5.46 58.64
CA ARG A 388 -98.25 -6.05 58.55
C ARG A 388 -97.23 -4.98 58.19
N SER A 389 -95.99 -5.17 58.63
CA SER A 389 -94.94 -4.21 58.37
C SER A 389 -93.66 -4.89 57.92
N TRP A 390 -92.92 -4.23 57.00
CA TRP A 390 -91.69 -4.79 56.47
C TRP A 390 -90.63 -4.97 57.56
N TYR A 391 -90.53 -4.00 58.47
CA TYR A 391 -89.47 -4.06 59.48
C TYR A 391 -89.67 -5.22 60.44
N LEU A 392 -90.92 -5.45 60.87
CA LEU A 392 -91.19 -6.57 61.77
C LEU A 392 -90.90 -7.91 61.10
N SER A 393 -91.27 -8.03 59.82
CA SER A 393 -91.01 -9.27 59.10
C SER A 393 -89.53 -9.49 58.87
N TYR A 394 -88.77 -8.41 58.60
CA TYR A 394 -87.34 -8.54 58.37
C TYR A 394 -86.61 -8.97 59.63
N ASN A 395 -87.00 -8.44 60.79
CA ASN A 395 -86.24 -8.68 62.01
C ASN A 395 -86.77 -9.85 62.85
N TYR A 396 -88.08 -10.13 62.80
CA TYR A 396 -88.66 -11.15 63.66
C TYR A 396 -89.26 -12.34 62.93
N GLY A 397 -89.43 -12.26 61.61
CA GLY A 397 -90.01 -13.34 60.83
C GLY A 397 -89.03 -14.46 60.58
N ASN A 398 -89.43 -15.35 59.69
CA ASN A 398 -88.61 -16.53 59.36
C ASN A 398 -87.40 -16.10 58.53
N PRO A 399 -86.18 -16.38 58.97
CA PRO A 399 -85.00 -15.92 58.22
C PRO A 399 -84.89 -16.46 56.81
N GLU A 400 -85.41 -17.67 56.54
CA GLU A 400 -85.19 -18.32 55.26
C GLU A 400 -86.43 -18.35 54.39
N LYS A 401 -87.53 -17.75 54.81
CA LYS A 401 -88.76 -17.71 54.01
C LYS A 401 -89.41 -16.34 53.94
N GLY A 402 -89.15 -15.45 54.89
CA GLY A 402 -89.78 -14.14 54.89
C GLY A 402 -89.09 -13.16 53.95
N ILE A 403 -89.41 -11.88 54.15
CA ILE A 403 -88.89 -10.83 53.30
C ILE A 403 -87.37 -10.69 53.43
N ARG A 404 -86.77 -11.20 54.50
CA ARG A 404 -85.34 -11.09 54.72
C ARG A 404 -84.52 -11.94 53.75
N SER A 405 -85.14 -12.90 53.07
CA SER A 405 -84.38 -13.77 52.19
C SER A 405 -84.03 -13.11 50.86
N TRP A 406 -84.75 -12.07 50.45
CA TRP A 406 -84.45 -11.41 49.19
C TRP A 406 -84.44 -9.88 49.26
N THR A 407 -84.53 -9.28 50.43
CA THR A 407 -84.34 -7.84 50.59
C THR A 407 -83.27 -7.57 51.63
N LEU A 408 -82.77 -6.34 51.63
CA LEU A 408 -81.65 -5.93 52.47
C LEU A 408 -81.95 -4.57 53.10
N LEU A 409 -81.57 -4.42 54.36
CA LEU A 409 -81.78 -3.18 55.09
C LEU A 409 -80.50 -2.33 55.04
N THR A 410 -80.63 -1.08 54.62
CA THR A 410 -79.49 -0.18 54.44
C THR A 410 -79.80 1.19 55.05
N THR A 411 -78.77 2.02 55.20
CA THR A 411 -78.96 3.38 55.66
C THR A 411 -79.68 4.22 54.61
N SER A 412 -80.53 5.13 55.09
CA SER A 412 -81.27 6.01 54.18
C SER A 412 -80.34 6.94 53.42
N ASP A 413 -80.58 7.07 52.12
CA ASP A 413 -79.76 7.93 51.25
C ASP A 413 -80.65 9.03 50.69
N VAL A 414 -80.48 10.25 51.21
CA VAL A 414 -81.38 11.35 50.88
C VAL A 414 -81.20 11.81 49.42
N THR A 415 -80.01 11.67 48.85
CA THR A 415 -79.83 12.07 47.45
C THR A 415 -80.52 11.13 46.47
N CYS A 416 -81.04 9.99 46.96
CA CYS A 416 -81.70 8.95 46.16
C CYS A 416 -80.73 8.20 45.26
N GLY A 417 -79.42 8.31 45.50
CA GLY A 417 -78.45 7.54 44.77
C GLY A 417 -77.88 8.29 43.59
N VAL A 418 -76.67 8.78 43.71
CA VAL A 418 -76.04 9.53 42.64
C VAL A 418 -75.25 8.56 41.76
N GLU A 419 -75.19 8.87 40.47
CA GLU A 419 -74.41 8.10 39.53
C GLU A 419 -73.36 8.99 38.88
N GLN A 420 -72.68 8.47 37.88
CA GLN A 420 -71.54 9.13 37.27
C GLN A 420 -71.96 10.08 36.14
N VAL A 421 -71.02 10.93 35.73
CA VAL A 421 -71.16 11.81 34.58
C VAL A 421 -69.96 11.64 33.67
N TYR A 422 -70.15 11.92 32.38
CA TYR A 422 -69.13 11.75 31.35
C TYR A 422 -68.87 13.06 30.62
N TRP A 423 -67.59 13.34 30.33
CA TRP A 423 -67.16 14.50 29.55
C TRP A 423 -66.81 14.10 28.12
N SER A 424 -67.16 14.96 27.16
CA SER A 424 -66.79 14.77 25.76
C SER A 424 -66.21 16.05 25.16
N LEU A 425 -65.12 15.92 24.42
CA LEU A 425 -64.52 17.02 23.66
C LEU A 425 -64.17 16.54 22.25
N PRO A 426 -65.18 16.33 21.40
CA PRO A 426 -64.93 15.62 20.14
C PRO A 426 -64.04 16.35 19.14
N ASP A 427 -63.91 17.68 19.21
CA ASP A 427 -63.07 18.41 18.27
C ASP A 427 -61.65 18.63 18.77
N MET A 428 -61.30 18.17 19.96
CA MET A 428 -59.97 18.41 20.50
C MET A 428 -59.18 17.14 20.74
N MET A 429 -59.77 16.12 21.37
CA MET A 429 -59.09 14.89 21.71
C MET A 429 -59.35 13.80 20.67
N GLN A 430 -58.41 12.87 20.55
CA GLN A 430 -58.63 11.67 19.76
C GLN A 430 -59.59 10.73 20.49
N ASP A 431 -60.33 9.94 19.72
CA ASP A 431 -61.27 8.99 20.31
C ASP A 431 -60.53 7.88 21.04
N PRO A 432 -60.89 7.58 22.28
CA PRO A 432 -60.29 6.43 22.97
C PRO A 432 -60.69 5.09 22.33
N VAL A 433 -59.93 4.06 22.67
CA VAL A 433 -59.99 2.78 21.96
C VAL A 433 -61.39 2.17 22.03
N THR A 434 -61.85 1.66 20.88
CA THR A 434 -63.12 1.00 20.56
C THR A 434 -64.31 1.96 20.39
N PHE A 435 -64.16 3.26 20.64
CA PHE A 435 -65.23 4.22 20.36
C PHE A 435 -65.27 4.57 18.86
N ARG A 436 -66.48 4.67 18.31
CA ARG A 436 -66.66 5.08 16.92
C ARG A 436 -66.80 6.61 16.82
N SER A 437 -66.27 7.15 15.72
CA SER A 437 -66.47 8.57 15.41
C SER A 437 -67.89 8.80 14.90
N THR A 438 -68.52 9.86 15.40
CA THR A 438 -69.92 10.10 15.07
C THR A 438 -70.26 11.56 15.36
N ARG A 439 -71.44 11.97 14.89
CA ARG A 439 -72.00 13.29 15.18
C ARG A 439 -73.32 13.20 15.95
N GLN A 440 -73.66 12.05 16.51
CA GLN A 440 -74.85 11.92 17.34
C GLN A 440 -74.48 12.20 18.80
N VAL A 441 -75.24 13.10 19.43
CA VAL A 441 -74.87 13.60 20.76
C VAL A 441 -74.90 12.49 21.80
N SER A 442 -75.89 11.62 21.75
CA SER A 442 -75.94 10.54 22.72
C SER A 442 -74.89 9.45 22.46
N ASN A 443 -73.95 9.60 21.53
CA ASN A 443 -72.94 8.57 21.32
C ASN A 443 -71.54 9.16 21.12
N TYR A 444 -71.28 10.36 21.64
CA TYR A 444 -69.94 10.94 21.58
C TYR A 444 -68.94 10.08 22.35
N PRO A 445 -67.70 9.99 21.89
CA PRO A 445 -66.67 9.31 22.69
C PRO A 445 -66.41 10.02 24.01
N VAL A 446 -66.06 9.24 25.04
CA VAL A 446 -65.97 9.71 26.42
C VAL A 446 -64.52 9.94 26.78
N VAL A 447 -64.21 11.12 27.30
CA VAL A 447 -62.85 11.52 27.62
C VAL A 447 -62.56 11.56 29.13
N GLY A 448 -63.59 11.50 29.98
CA GLY A 448 -63.37 11.45 31.41
C GLY A 448 -64.67 11.16 32.14
N ALA A 449 -64.53 10.74 33.40
CA ALA A 449 -65.68 10.37 34.21
C ALA A 449 -65.46 10.76 35.67
N GLU A 450 -66.55 11.03 36.38
CA GLU A 450 -66.54 11.38 37.80
C GLU A 450 -67.96 11.26 38.32
N LEU A 451 -68.14 11.46 39.63
CA LEU A 451 -69.46 11.45 40.22
C LEU A 451 -70.18 12.78 40.01
N MET A 452 -71.46 12.72 39.76
CA MET A 452 -72.29 13.91 39.81
C MET A 452 -72.19 14.53 41.20
N PRO A 453 -71.82 15.80 41.32
CA PRO A 453 -71.33 16.33 42.62
C PRO A 453 -72.43 16.75 43.59
N VAL A 454 -73.17 15.78 44.10
CA VAL A 454 -74.24 16.00 45.07
C VAL A 454 -74.01 15.05 46.24
N PHE A 455 -74.05 15.59 47.46
CA PHE A 455 -73.67 14.83 48.64
C PHE A 455 -74.66 15.03 49.78
N SER A 456 -74.67 14.07 50.69
CA SER A 456 -75.50 14.10 51.89
C SER A 456 -74.74 14.72 53.06
N LYS A 457 -75.46 15.48 53.90
CA LYS A 457 -74.92 16.06 55.11
C LYS A 457 -75.83 15.78 56.29
N SER A 458 -75.23 15.50 57.46
CA SER A 458 -75.97 15.10 58.65
C SER A 458 -76.05 16.24 59.68
N PHE A 459 -77.17 16.28 60.39
CA PHE A 459 -77.38 17.21 61.48
C PHE A 459 -78.02 16.47 62.65
N TYR A 460 -77.88 17.03 63.85
CA TYR A 460 -78.42 16.45 65.07
C TYR A 460 -79.57 17.30 65.58
N ASN A 461 -80.70 16.66 65.85
CA ASN A 461 -81.88 17.37 66.35
C ASN A 461 -82.58 16.60 67.47
N HIS A 478 -103.22 20.95 60.89
CA HIS A 478 -102.12 20.06 60.53
C HIS A 478 -102.53 19.12 59.40
N VAL A 479 -102.13 19.47 58.18
CA VAL A 479 -102.40 18.61 57.03
C VAL A 479 -101.60 17.33 57.08
N PHE A 480 -100.48 17.31 57.82
CA PHE A 480 -99.64 16.12 57.94
C PHE A 480 -100.01 15.26 59.15
N ASN A 481 -101.11 15.58 59.85
CA ASN A 481 -101.59 14.75 60.95
C ASN A 481 -103.12 14.86 60.94
N ARG A 482 -103.77 13.95 60.21
CA ARG A 482 -105.22 13.96 60.04
C ARG A 482 -105.93 12.98 60.95
N PHE A 483 -105.20 12.07 61.59
CA PHE A 483 -105.77 11.10 62.51
C PHE A 483 -104.95 11.13 63.80
N PRO A 484 -105.02 12.22 64.55
CA PRO A 484 -104.19 12.32 65.77
C PRO A 484 -104.46 11.22 66.78
N GLU A 485 -105.68 10.74 66.87
CA GLU A 485 -106.02 9.76 67.90
C GLU A 485 -105.53 8.37 67.56
N ASN A 486 -105.51 7.99 66.28
CA ASN A 486 -105.28 6.62 65.89
C ASN A 486 -103.81 6.26 66.06
N GLN A 487 -103.52 5.21 66.83
CA GLN A 487 -102.15 4.82 67.10
C GLN A 487 -101.43 4.29 65.88
N ILE A 488 -102.16 3.81 64.87
CA ILE A 488 -101.53 3.30 63.65
C ILE A 488 -101.32 4.42 62.64
N LEU A 489 -102.26 5.36 62.56
CA LEU A 489 -102.23 6.43 61.57
C LEU A 489 -101.68 7.74 62.11
N ILE A 490 -101.08 7.72 63.31
CA ILE A 490 -100.45 8.92 63.83
C ILE A 490 -99.24 9.29 62.97
N ARG A 491 -98.89 10.58 62.99
CA ARG A 491 -97.75 11.07 62.24
C ARG A 491 -96.46 10.47 62.78
N PRO A 492 -95.58 9.94 61.93
CA PRO A 492 -94.42 9.23 62.44
C PRO A 492 -93.50 10.15 63.19
N PRO A 493 -92.81 9.65 64.23
CA PRO A 493 -91.80 10.46 64.91
C PRO A 493 -90.60 10.74 64.00
N ALA A 494 -89.97 11.89 64.24
CA ALA A 494 -88.82 12.34 63.45
C ALA A 494 -87.52 11.74 64.01
N PRO A 495 -86.58 11.35 63.15
CA PRO A 495 -85.32 10.82 63.65
C PRO A 495 -84.49 11.88 64.35
N THR A 496 -83.65 11.42 65.27
CA THR A 496 -82.70 12.31 65.91
C THR A 496 -81.53 12.69 64.98
N ILE A 497 -81.39 12.02 63.84
CA ILE A 497 -80.39 12.36 62.82
C ILE A 497 -81.13 12.73 61.53
N THR A 498 -80.92 13.95 61.06
CA THR A 498 -81.53 14.44 59.84
C THR A 498 -80.47 14.62 58.76
N THR A 499 -80.79 14.21 57.52
CA THR A 499 -79.87 14.35 56.39
C THR A 499 -80.51 15.16 55.28
N VAL A 500 -79.71 16.02 54.66
CA VAL A 500 -80.12 16.85 53.53
C VAL A 500 -79.03 16.79 52.46
N SER A 501 -79.41 17.03 51.21
CA SER A 501 -78.50 16.93 50.08
C SER A 501 -77.98 18.30 49.67
N GLU A 502 -76.71 18.35 49.26
CA GLU A 502 -76.00 19.58 48.95
C GLU A 502 -75.26 19.47 47.62
N ASN A 503 -75.08 20.60 46.95
CA ASN A 503 -74.28 20.72 45.74
C ASN A 503 -72.93 21.34 46.10
N VAL A 504 -71.84 20.65 45.75
CA VAL A 504 -70.49 21.08 46.10
C VAL A 504 -69.69 21.18 44.81
N PRO A 505 -69.02 22.31 44.54
CA PRO A 505 -68.23 22.42 43.30
C PRO A 505 -67.11 21.39 43.25
N ALA A 506 -66.91 20.84 42.05
CA ALA A 506 -66.00 19.73 41.83
C ALA A 506 -64.82 20.16 40.96
N LEU A 507 -63.61 19.90 41.45
CA LEU A 507 -62.36 20.24 40.77
C LEU A 507 -61.62 18.95 40.51
N THR A 508 -61.40 18.61 39.24
CA THR A 508 -60.96 17.28 38.87
C THR A 508 -59.80 17.32 37.90
N ASP A 509 -58.81 16.47 38.14
CA ASP A 509 -57.69 16.24 37.23
C ASP A 509 -57.90 14.91 36.52
N HIS A 510 -58.03 14.95 35.20
CA HIS A 510 -58.33 13.76 34.40
C HIS A 510 -57.11 13.13 33.75
N GLY A 511 -55.91 13.64 34.00
CA GLY A 511 -54.72 13.10 33.39
C GLY A 511 -54.49 13.57 31.96
N THR A 512 -53.58 12.88 31.27
CA THR A 512 -53.13 13.26 29.93
C THR A 512 -53.78 12.36 28.88
N LEU A 513 -54.31 12.97 27.82
CA LEU A 513 -54.93 12.27 26.70
C LEU A 513 -54.33 12.73 25.36
N PRO A 514 -54.27 11.84 24.37
CA PRO A 514 -53.72 12.23 23.06
C PRO A 514 -54.55 13.30 22.37
N LEU A 515 -53.84 14.24 21.75
CA LEU A 515 -54.40 15.47 21.20
C LEU A 515 -54.32 15.45 19.67
N ARG A 516 -55.32 16.03 19.01
CA ARG A 516 -55.26 16.17 17.56
C ARG A 516 -54.22 17.22 17.15
N SER A 517 -53.58 16.98 15.99
CA SER A 517 -52.51 17.86 15.54
C SER A 517 -53.01 19.22 15.05
N SER A 518 -54.25 19.29 14.57
CA SER A 518 -54.82 20.54 14.10
C SER A 518 -56.13 20.79 14.83
N ILE A 519 -56.24 21.96 15.46
CA ILE A 519 -57.36 22.31 16.33
C ILE A 519 -58.10 23.48 15.70
N ARG A 520 -59.39 23.31 15.45
CA ARG A 520 -60.21 24.38 14.91
C ARG A 520 -60.56 25.40 15.99
N GLY A 521 -60.92 26.61 15.54
CA GLY A 521 -61.18 27.72 16.43
C GLY A 521 -62.44 27.61 17.26
N VAL A 522 -63.42 26.83 16.81
CA VAL A 522 -64.68 26.64 17.53
C VAL A 522 -64.75 25.20 18.01
N GLN A 523 -65.07 25.01 19.28
CA GLN A 523 -65.02 23.70 19.94
C GLN A 523 -66.34 23.40 20.63
N ARG A 524 -66.70 22.11 20.66
CA ARG A 524 -67.91 21.63 21.32
C ARG A 524 -67.58 21.01 22.68
N VAL A 525 -68.39 21.32 23.68
CA VAL A 525 -68.23 20.79 25.04
C VAL A 525 -69.55 20.15 25.46
N THR A 526 -69.49 18.90 25.95
CA THR A 526 -70.70 18.15 26.31
C THR A 526 -70.52 17.40 27.62
N VAL A 527 -71.58 17.38 28.43
CA VAL A 527 -71.64 16.62 29.68
C VAL A 527 -72.92 15.79 29.67
N THR A 528 -72.81 14.47 29.85
CA THR A 528 -73.95 13.57 29.84
C THR A 528 -73.92 12.61 31.02
N ASP A 529 -75.09 12.04 31.34
CA ASP A 529 -75.25 11.13 32.47
C ASP A 529 -75.07 9.68 32.03
N ALA A 530 -75.42 8.74 32.91
CA ALA A 530 -75.16 7.32 32.66
C ALA A 530 -75.99 6.78 31.50
N ARG A 531 -77.19 7.32 31.28
CA ARG A 531 -78.03 6.95 30.14
C ARG A 531 -77.75 7.79 28.91
N ARG A 532 -76.70 8.62 28.96
CA ARG A 532 -76.26 9.47 27.84
C ARG A 532 -77.29 10.54 27.49
N ARG A 533 -77.95 11.10 28.49
CA ARG A 533 -78.73 12.32 28.34
C ARG A 533 -77.94 13.50 28.89
N THR A 534 -78.15 14.68 28.32
CA THR A 534 -77.58 15.88 28.91
C THR A 534 -78.30 16.21 30.22
N CYS A 535 -77.60 16.90 31.11
CA CYS A 535 -78.13 17.21 32.43
C CYS A 535 -78.53 18.68 32.52
N PRO A 536 -79.82 18.98 32.68
CA PRO A 536 -80.25 20.39 32.78
C PRO A 536 -79.84 21.10 34.06
N TYR A 537 -79.25 20.44 35.03
CA TYR A 537 -78.89 21.08 36.28
C TYR A 537 -77.43 21.52 36.37
N VAL A 538 -76.67 21.38 35.29
CA VAL A 538 -75.34 21.98 35.22
C VAL A 538 -75.50 23.46 34.86
N TYR A 539 -74.87 24.34 35.63
CA TYR A 539 -74.89 25.76 35.27
C TYR A 539 -73.51 26.40 35.23
N LYS A 540 -72.43 25.64 35.39
CA LYS A 540 -71.08 26.16 35.23
C LYS A 540 -70.16 25.01 34.89
N ALA A 541 -69.43 25.12 33.78
CA ALA A 541 -68.49 24.10 33.35
C ALA A 541 -67.34 24.76 32.60
N LEU A 542 -66.11 24.50 33.05
CA LEU A 542 -64.90 25.04 32.45
C LEU A 542 -63.87 23.94 32.22
N GLY A 543 -63.06 24.11 31.20
CA GLY A 543 -61.95 23.21 30.95
C GLY A 543 -60.67 23.96 30.67
N ILE A 544 -59.56 23.38 31.11
CA ILE A 544 -58.23 23.91 30.88
C ILE A 544 -57.33 22.77 30.41
N VAL A 545 -56.66 22.97 29.28
CA VAL A 545 -55.83 21.94 28.66
C VAL A 545 -54.40 22.46 28.55
N ALA A 546 -53.43 21.61 28.89
CA ALA A 546 -52.01 21.94 28.80
C ALA A 546 -51.28 20.98 27.87
N PRO A 547 -51.03 21.35 26.62
CA PRO A 547 -50.37 20.42 25.68
C PRO A 547 -48.89 20.21 26.00
N ARG A 548 -48.39 19.03 25.61
CA ARG A 548 -46.96 18.72 25.67
C ARG A 548 -46.65 17.55 24.75
N VAL A 549 -45.37 17.37 24.44
CA VAL A 549 -44.92 16.35 23.51
C VAL A 549 -44.90 14.99 24.21
N LEU A 550 -45.44 13.97 23.55
CA LEU A 550 -45.43 12.59 24.04
C LEU A 550 -44.37 11.72 23.39
N SER A 551 -44.29 11.72 22.05
CA SER A 551 -43.28 10.91 21.38
C SER A 551 -43.00 11.51 20.00
N SER A 552 -41.98 10.96 19.36
CA SER A 552 -41.53 11.44 18.06
C SER A 552 -42.31 10.79 16.92
N ARG A 553 -42.42 11.51 15.82
CA ARG A 553 -43.01 11.05 14.56
C ARG A 553 -44.51 10.80 14.68
N ARG B 48 -8.32 -5.79 45.91
CA ARG B 48 -8.62 -7.11 46.46
C ARG B 48 -8.09 -7.26 47.89
N ASN B 49 -8.23 -6.21 48.69
CA ASN B 49 -7.68 -6.24 50.04
C ASN B 49 -8.62 -5.62 51.09
N SER B 50 -9.92 -5.58 50.82
CA SER B 50 -10.86 -4.94 51.74
C SER B 50 -11.35 -5.93 52.80
N ILE B 51 -11.80 -5.38 53.91
CA ILE B 51 -12.30 -6.15 55.06
C ILE B 51 -13.65 -5.57 55.47
N ARG B 52 -14.69 -6.40 55.50
CA ARG B 52 -16.07 -5.93 55.62
C ARG B 52 -16.79 -6.60 56.77
N TYR B 53 -17.67 -5.85 57.43
CA TYR B 53 -18.48 -6.33 58.54
C TYR B 53 -19.95 -6.31 58.12
N SER B 54 -20.65 -7.42 58.38
CA SER B 54 -21.95 -7.65 57.76
C SER B 54 -23.02 -6.66 58.22
N GLU B 55 -22.81 -5.93 59.30
CA GLU B 55 -23.81 -4.96 59.75
C GLU B 55 -23.64 -3.58 59.16
N LEU B 56 -22.65 -3.36 58.29
CA LEU B 56 -22.38 -2.05 57.71
C LEU B 56 -22.49 -2.11 56.20
N SER B 57 -23.02 -1.02 55.60
CA SER B 57 -23.20 -0.93 54.15
C SER B 57 -23.26 0.54 53.74
N PRO B 58 -22.74 0.90 52.56
CA PRO B 58 -22.76 2.30 52.14
C PRO B 58 -24.07 2.71 51.49
N LEU B 59 -24.30 4.03 51.43
CA LEU B 59 -25.58 4.61 51.02
C LEU B 59 -25.49 5.28 49.65
N TYR B 60 -26.58 5.18 48.88
CA TYR B 60 -26.64 5.73 47.54
C TYR B 60 -28.04 6.31 47.23
N ASP B 61 -28.04 7.32 46.36
CA ASP B 61 -29.14 7.88 45.57
C ASP B 61 -30.21 8.71 46.30
N THR B 62 -30.42 8.52 47.60
CA THR B 62 -31.43 9.27 48.35
C THR B 62 -31.44 8.79 49.79
N THR B 63 -31.96 9.63 50.67
CA THR B 63 -32.04 9.36 52.11
C THR B 63 -33.00 10.39 52.73
N ARG B 64 -33.03 10.45 54.06
CA ARG B 64 -33.84 11.44 54.78
C ARG B 64 -32.99 12.19 55.80
N LEU B 65 -33.28 13.47 55.98
CA LEU B 65 -32.73 14.30 57.05
C LEU B 65 -33.89 14.87 57.87
N TYR B 66 -33.79 14.80 59.20
CA TYR B 66 -34.88 15.20 60.08
C TYR B 66 -34.47 16.41 60.91
N LEU B 67 -35.32 17.43 60.94
CA LEU B 67 -35.10 18.68 61.68
C LEU B 67 -36.19 18.79 62.75
N VAL B 68 -35.84 18.43 63.98
CA VAL B 68 -36.81 18.20 65.05
C VAL B 68 -36.50 19.14 66.21
N ASP B 69 -37.53 19.73 66.79
CA ASP B 69 -37.39 20.81 67.74
C ASP B 69 -37.40 20.38 69.21
N ASN B 70 -37.52 19.09 69.51
CA ASN B 70 -37.65 18.66 70.91
C ASN B 70 -36.80 17.43 71.21
N LYS B 71 -35.56 17.40 70.71
CA LYS B 71 -34.63 16.36 71.13
C LYS B 71 -34.15 16.63 72.55
N SER B 72 -34.02 15.56 73.34
CA SER B 72 -33.77 15.72 74.79
C SER B 72 -32.44 16.41 75.06
N ALA B 73 -31.38 15.99 74.37
CA ALA B 73 -30.06 16.55 74.62
C ALA B 73 -29.90 17.96 74.06
N ASP B 74 -30.55 18.26 72.94
CA ASP B 74 -30.46 19.60 72.36
C ASP B 74 -31.16 20.64 73.22
N ILE B 75 -32.18 20.23 73.96
CA ILE B 75 -32.89 21.16 74.84
C ILE B 75 -31.96 21.71 75.91
N ALA B 76 -31.16 20.84 76.51
CA ALA B 76 -30.34 21.23 77.66
C ALA B 76 -29.15 22.10 77.24
N SER B 77 -28.48 21.75 76.14
CA SER B 77 -27.18 22.34 75.84
C SER B 77 -27.18 23.32 74.67
N LEU B 78 -28.27 23.48 73.95
CA LEU B 78 -28.24 24.37 72.80
C LEU B 78 -29.21 25.53 72.88
N ASN B 79 -30.41 25.33 73.40
CA ASN B 79 -31.53 26.23 73.15
C ASN B 79 -32.04 26.88 74.43
N TYR B 80 -31.13 27.28 75.32
CA TYR B 80 -31.54 27.80 76.62
C TYR B 80 -32.28 29.13 76.49
N GLN B 81 -31.88 29.99 75.54
CA GLN B 81 -32.47 31.30 75.36
C GLN B 81 -33.36 31.40 74.12
N ASN B 82 -33.76 30.29 73.51
CA ASN B 82 -34.47 30.27 72.24
C ASN B 82 -35.94 29.92 72.45
N ASP B 83 -36.71 29.96 71.36
CA ASP B 83 -38.09 29.47 71.35
C ASP B 83 -38.34 28.73 70.03
N HIS B 84 -39.55 28.21 69.88
CA HIS B 84 -39.85 27.33 68.75
C HIS B 84 -39.87 28.04 67.40
N SER B 85 -39.85 29.37 67.39
CA SER B 85 -39.76 30.12 66.15
C SER B 85 -38.32 30.31 65.67
N ASN B 86 -37.31 30.09 66.53
CA ASN B 86 -35.92 30.30 66.15
C ASN B 86 -35.03 29.47 67.08
N PHE B 87 -34.56 28.32 66.60
CA PHE B 87 -33.87 27.37 67.46
C PHE B 87 -32.78 26.64 66.68
N LEU B 88 -31.97 25.87 67.41
CA LEU B 88 -30.92 25.03 66.85
C LEU B 88 -31.23 23.56 67.07
N THR B 89 -30.80 22.73 66.14
CA THR B 89 -31.03 21.29 66.24
C THR B 89 -29.89 20.54 65.56
N THR B 90 -29.75 19.26 65.91
CA THR B 90 -28.72 18.41 65.34
C THR B 90 -29.33 17.45 64.33
N VAL B 91 -28.72 17.36 63.15
CA VAL B 91 -29.16 16.39 62.15
C VAL B 91 -28.44 15.06 62.26
N VAL B 92 -27.45 14.95 63.15
CA VAL B 92 -26.78 13.68 63.44
C VAL B 92 -27.63 12.91 64.44
N GLN B 93 -28.06 11.71 64.07
CA GLN B 93 -28.95 10.89 64.89
C GLN B 93 -28.22 9.73 65.58
N ASN B 94 -26.99 9.95 66.05
CA ASN B 94 -26.14 8.90 66.62
C ASN B 94 -25.80 9.31 68.04
N ASN B 95 -26.32 8.56 69.02
CA ASN B 95 -26.18 8.94 70.42
C ASN B 95 -24.84 8.56 71.04
N ASP B 96 -23.87 8.12 70.24
CA ASP B 96 -22.50 7.98 70.74
C ASP B 96 -21.83 9.33 70.97
N PHE B 97 -22.44 10.43 70.55
CA PHE B 97 -21.86 11.75 70.64
C PHE B 97 -22.85 12.73 71.24
N THR B 98 -22.33 13.73 71.95
CA THR B 98 -23.14 14.85 72.42
C THR B 98 -23.36 15.85 71.29
N PRO B 99 -24.38 16.72 71.42
CA PRO B 99 -24.59 17.73 70.36
C PRO B 99 -23.40 18.63 70.13
N THR B 100 -22.65 18.98 71.19
CA THR B 100 -21.45 19.79 71.01
C THR B 100 -20.42 19.08 70.14
N GLU B 101 -20.19 17.79 70.40
CA GLU B 101 -19.29 17.01 69.56
C GLU B 101 -19.84 16.88 68.14
N ALA B 102 -21.16 16.71 68.00
CA ALA B 102 -21.75 16.55 66.68
C ALA B 102 -21.61 17.80 65.82
N SER B 103 -21.45 18.97 66.44
CA SER B 103 -21.43 20.22 65.68
C SER B 103 -20.26 20.27 64.71
N THR B 104 -19.17 19.57 65.00
CA THR B 104 -18.01 19.57 64.13
C THR B 104 -18.05 18.50 63.04
N GLN B 105 -19.00 17.57 63.08
CA GLN B 105 -19.09 16.52 62.08
C GLN B 105 -19.84 17.02 60.85
N THR B 106 -19.70 16.29 59.74
CA THR B 106 -20.33 16.68 58.48
C THR B 106 -20.96 15.48 57.80
N ILE B 107 -21.92 15.77 56.91
CA ILE B 107 -22.50 14.83 55.96
C ILE B 107 -22.16 15.33 54.57
N ASN B 108 -21.62 14.46 53.72
CA ASN B 108 -21.07 14.87 52.44
C ASN B 108 -21.78 14.17 51.29
N PHE B 109 -22.32 14.96 50.36
CA PHE B 109 -22.95 14.47 49.14
C PHE B 109 -21.95 14.61 47.99
N ASP B 110 -21.88 13.57 47.15
CA ASP B 110 -20.76 13.45 46.20
C ASP B 110 -20.59 14.71 45.36
N GLU B 111 -19.36 15.25 45.36
CA GLU B 111 -19.07 16.54 44.76
C GLU B 111 -19.09 16.52 43.24
N ARG B 112 -19.16 15.35 42.62
CA ARG B 112 -19.28 15.27 41.17
C ARG B 112 -20.72 15.42 40.68
N SER B 113 -21.68 15.69 41.57
CA SER B 113 -23.05 15.97 41.20
C SER B 113 -23.52 17.23 41.92
N ARG B 114 -24.54 17.86 41.37
CA ARG B 114 -25.29 18.91 42.06
C ARG B 114 -26.56 18.31 42.64
N TRP B 115 -26.85 18.62 43.90
CA TRP B 115 -27.92 17.97 44.64
C TRP B 115 -29.04 18.95 44.97
N GLY B 116 -30.26 18.42 45.04
CA GLY B 116 -31.40 19.18 45.49
C GLY B 116 -32.14 18.45 46.60
N GLY B 117 -32.97 19.20 47.31
CA GLY B 117 -33.71 18.63 48.42
C GLY B 117 -35.18 19.00 48.43
N GLN B 118 -36.05 17.99 48.46
CA GLN B 118 -37.48 18.23 48.56
C GLN B 118 -37.87 18.43 50.03
N LEU B 119 -38.57 19.52 50.31
CA LEU B 119 -38.82 19.96 51.68
C LEU B 119 -40.32 19.87 52.03
N LYS B 120 -40.62 19.23 53.15
CA LYS B 120 -41.96 19.19 53.72
C LYS B 120 -41.91 19.69 55.16
N THR B 121 -42.92 20.47 55.56
CA THR B 121 -42.95 21.05 56.90
C THR B 121 -44.27 20.77 57.58
N ILE B 122 -44.23 20.80 58.92
CA ILE B 122 -45.40 20.67 59.78
C ILE B 122 -45.34 21.79 60.81
N MET B 123 -46.43 22.55 60.95
CA MET B 123 -46.47 23.70 61.85
C MET B 123 -47.80 23.75 62.60
N HIS B 124 -47.75 24.15 63.86
CA HIS B 124 -48.94 24.36 64.67
C HIS B 124 -48.79 25.60 65.55
N THR B 125 -49.87 26.37 65.68
CA THR B 125 -49.86 27.65 66.38
C THR B 125 -50.96 27.69 67.44
N ASN B 126 -50.85 28.66 68.35
CA ASN B 126 -51.87 28.90 69.38
C ASN B 126 -52.14 30.39 69.58
N MET B 127 -52.32 31.13 68.48
CA MET B 127 -52.50 32.59 68.52
C MET B 127 -53.94 32.97 68.89
N PRO B 128 -54.16 33.84 69.86
CA PRO B 128 -55.49 34.42 70.07
C PRO B 128 -55.71 35.65 69.20
N ASN B 129 -56.99 35.93 68.92
CA ASN B 129 -57.30 36.94 67.90
C ASN B 129 -57.12 38.38 68.39
N VAL B 130 -57.20 38.64 69.69
CA VAL B 130 -57.00 39.98 70.24
C VAL B 130 -55.73 39.95 71.09
N ASN B 131 -54.66 40.57 70.60
CA ASN B 131 -53.38 40.54 71.30
C ASN B 131 -52.55 41.75 70.91
N GLU B 132 -51.53 42.02 71.72
CA GLU B 132 -50.71 43.22 71.53
C GLU B 132 -49.71 43.08 70.39
N TYR B 133 -49.17 41.88 70.19
CA TYR B 133 -48.07 41.70 69.23
C TYR B 133 -48.53 41.98 67.80
N MET B 134 -49.80 41.72 67.50
CA MET B 134 -50.33 41.87 66.15
C MET B 134 -51.14 43.15 65.95
N PHE B 135 -51.10 44.07 66.92
CA PHE B 135 -51.74 45.38 66.83
C PHE B 135 -53.26 45.28 66.70
N SER B 136 -53.87 44.23 67.27
CA SER B 136 -55.31 44.11 67.34
C SER B 136 -55.84 44.43 68.72
N ASN B 137 -55.09 45.23 69.48
CA ASN B 137 -55.33 45.48 70.89
C ASN B 137 -55.80 46.90 71.18
N LYS B 138 -55.71 47.82 70.22
CA LYS B 138 -55.84 49.23 70.52
C LYS B 138 -56.40 49.99 69.33
N PHE B 139 -56.97 51.17 69.61
CA PHE B 139 -57.44 52.10 68.61
C PHE B 139 -57.47 53.49 69.25
N LYS B 140 -57.65 54.52 68.41
CA LYS B 140 -57.70 55.90 68.87
C LYS B 140 -59.03 56.54 68.53
N ALA B 141 -59.48 57.46 69.39
CA ALA B 141 -60.75 58.16 69.19
C ALA B 141 -60.70 59.52 69.86
N ARG B 142 -61.61 60.40 69.43
CA ARG B 142 -61.73 61.76 69.97
C ARG B 142 -63.08 61.92 70.63
N VAL B 143 -63.07 62.23 71.94
CA VAL B 143 -64.29 62.35 72.72
C VAL B 143 -64.28 63.69 73.45
N MET B 144 -65.39 63.97 74.14
CA MET B 144 -65.58 65.24 74.84
C MET B 144 -65.09 65.14 76.28
N VAL B 145 -64.24 66.08 76.68
CA VAL B 145 -63.65 66.08 78.00
C VAL B 145 -64.32 67.07 78.95
N SER B 146 -64.84 68.18 78.45
CA SER B 146 -65.44 69.19 79.31
C SER B 146 -66.59 69.88 78.60
N ARG B 147 -67.72 70.00 79.29
CA ARG B 147 -68.75 70.95 78.91
C ARG B 147 -68.45 72.27 79.64
N LYS B 148 -69.39 73.20 79.64
CA LYS B 148 -69.17 74.48 80.32
C LYS B 148 -69.15 74.29 81.83
N ASP B 171 -72.58 77.50 76.12
CA ASP B 171 -71.73 76.39 76.55
C ASP B 171 -70.53 76.22 75.61
N ILE B 172 -69.36 76.02 76.19
CA ILE B 172 -68.13 75.77 75.45
C ILE B 172 -67.72 74.32 75.67
N LEU B 173 -67.44 73.62 74.58
CA LEU B 173 -67.17 72.18 74.59
C LEU B 173 -65.72 71.93 74.19
N LYS B 174 -65.05 71.05 74.92
CA LYS B 174 -63.66 70.70 74.66
C LYS B 174 -63.54 69.22 74.34
N TYR B 175 -62.69 68.90 73.36
CA TYR B 175 -62.48 67.53 72.90
C TYR B 175 -60.99 67.22 72.90
N GLU B 176 -60.66 65.93 72.97
CA GLU B 176 -59.28 65.50 72.99
C GLU B 176 -59.16 64.07 72.45
N TRP B 177 -57.97 63.74 71.94
CA TRP B 177 -57.67 62.40 71.44
C TRP B 177 -57.10 61.54 72.56
N PHE B 178 -57.44 60.25 72.51
CA PHE B 178 -56.91 59.26 73.45
C PHE B 178 -56.65 57.97 72.70
N GLU B 179 -55.87 57.09 73.33
CA GLU B 179 -55.66 55.72 72.85
C GLU B 179 -56.27 54.75 73.85
N PHE B 180 -57.06 53.80 73.34
CA PHE B 180 -57.82 52.89 74.16
C PHE B 180 -57.26 51.47 74.03
N ILE B 181 -57.24 50.72 75.14
CA ILE B 181 -56.62 49.40 75.21
C ILE B 181 -57.66 48.39 75.68
N LEU B 182 -57.72 47.24 74.98
CA LEU B 182 -58.55 46.08 75.29
C LEU B 182 -57.72 45.01 75.99
N PRO B 183 -58.31 44.15 76.81
CA PRO B 183 -57.58 43.01 77.36
C PRO B 183 -57.51 41.86 76.37
N GLU B 184 -56.47 41.05 76.52
CA GLU B 184 -56.16 40.03 75.52
C GLU B 184 -56.96 38.75 75.72
N GLY B 185 -57.21 38.05 74.62
CA GLY B 185 -57.99 36.83 74.64
C GLY B 185 -58.47 36.49 73.26
N ASN B 186 -59.23 35.40 73.18
CA ASN B 186 -59.78 34.89 71.92
C ASN B 186 -61.29 35.04 71.96
N PHE B 187 -61.81 36.05 71.26
CA PHE B 187 -63.20 36.46 71.39
C PHE B 187 -63.91 36.41 70.04
N SER B 188 -65.24 36.26 70.10
CA SER B 188 -66.06 36.40 68.91
C SER B 188 -66.19 37.87 68.53
N ALA B 189 -66.75 38.12 67.34
CA ALA B 189 -66.86 39.48 66.84
C ALA B 189 -67.81 40.32 67.69
N THR B 190 -68.95 39.76 68.11
CA THR B 190 -69.87 40.52 68.96
C THR B 190 -69.24 40.84 70.31
N MET B 191 -68.55 39.88 70.92
CA MET B 191 -67.90 40.13 72.19
C MET B 191 -66.80 41.17 72.07
N THR B 192 -66.11 41.22 70.93
CA THR B 192 -65.09 42.24 70.73
C THR B 192 -65.70 43.63 70.69
N ILE B 193 -66.84 43.79 70.03
CA ILE B 193 -67.49 45.08 69.94
C ILE B 193 -67.98 45.55 71.31
N ASP B 194 -68.41 44.64 72.18
CA ASP B 194 -68.77 45.02 73.53
C ASP B 194 -67.56 45.59 74.29
N LEU B 195 -66.39 45.00 74.09
CA LEU B 195 -65.20 45.47 74.79
C LEU B 195 -64.78 46.85 74.32
N MET B 196 -64.97 47.16 73.03
CA MET B 196 -64.64 48.49 72.53
C MET B 196 -65.57 49.55 73.10
N ASN B 197 -66.87 49.25 73.22
CA ASN B 197 -67.78 50.19 73.87
C ASN B 197 -67.42 50.38 75.33
N ASN B 198 -67.06 49.29 76.02
CA ASN B 198 -66.69 49.38 77.43
C ASN B 198 -65.46 50.25 77.64
N ALA B 199 -64.51 50.23 76.70
CA ALA B 199 -63.33 51.07 76.81
C ALA B 199 -63.70 52.55 76.72
N ILE B 200 -64.63 52.90 75.83
CA ILE B 200 -65.06 54.30 75.70
C ILE B 200 -65.69 54.77 77.00
N ILE B 201 -66.55 53.95 77.60
CA ILE B 201 -67.29 54.36 78.78
C ILE B 201 -66.37 54.53 79.98
N ASP B 202 -65.35 53.67 80.11
CA ASP B 202 -64.40 53.82 81.22
C ASP B 202 -63.63 55.13 81.15
N ASN B 203 -63.48 55.71 79.96
CA ASN B 203 -62.91 57.04 79.83
C ASN B 203 -63.88 58.11 80.29
N TYR B 204 -65.19 57.89 80.08
CA TYR B 204 -66.18 58.85 80.52
C TYR B 204 -66.39 58.81 82.04
N LEU B 205 -65.99 57.73 82.70
CA LEU B 205 -66.14 57.66 84.15
C LEU B 205 -64.90 58.18 84.89
N GLU B 206 -63.75 58.19 84.24
CA GLU B 206 -62.51 58.68 84.85
C GLU B 206 -62.27 60.16 84.59
N ILE B 207 -62.55 60.60 83.37
CA ILE B 207 -62.56 62.00 82.97
C ILE B 207 -63.99 62.27 82.57
N GLY B 208 -64.30 63.46 82.10
CA GLY B 208 -65.64 63.61 81.57
C GLY B 208 -66.67 63.85 82.66
N ARG B 209 -67.33 62.76 83.09
CA ARG B 209 -68.41 62.82 84.06
C ARG B 209 -68.16 63.81 85.20
N GLN B 210 -66.94 63.81 85.74
CA GLN B 210 -66.60 64.74 86.82
C GLN B 210 -66.33 66.15 86.32
N ASN B 211 -66.41 66.41 85.02
CA ASN B 211 -66.20 67.74 84.46
C ASN B 211 -67.43 68.23 83.70
N GLY B 212 -68.60 67.72 84.00
CA GLY B 212 -69.83 68.30 83.53
C GLY B 212 -70.45 67.72 82.27
N VAL B 213 -69.92 66.64 81.72
CA VAL B 213 -70.54 66.02 80.55
C VAL B 213 -71.62 65.06 81.03
N LEU B 214 -72.72 65.02 80.28
CA LEU B 214 -73.84 64.17 80.63
C LEU B 214 -73.78 62.84 79.89
N GLU B 215 -74.56 61.88 80.36
CA GLU B 215 -74.66 60.61 79.65
C GLU B 215 -75.66 60.75 78.51
N SER B 216 -75.53 61.83 77.73
CA SER B 216 -76.25 62.01 76.49
C SER B 216 -75.38 62.71 75.45
N ASP B 217 -74.10 62.92 75.74
CA ASP B 217 -73.15 63.51 74.81
C ASP B 217 -71.89 62.67 74.67
N ILE B 218 -71.98 61.36 74.87
CA ILE B 218 -70.82 60.47 74.81
C ILE B 218 -70.08 60.64 73.49
N GLY B 219 -70.76 60.33 72.39
CA GLY B 219 -70.26 60.74 71.08
C GLY B 219 -69.57 59.69 70.23
N VAL B 220 -69.27 58.51 70.76
CA VAL B 220 -68.70 57.42 69.97
C VAL B 220 -69.35 56.11 70.43
N LYS B 221 -69.97 55.40 69.50
CA LYS B 221 -70.57 54.10 69.80
C LYS B 221 -70.47 53.18 68.59
N PHE B 222 -70.24 51.89 68.84
CA PHE B 222 -70.20 50.86 67.80
C PHE B 222 -71.48 50.04 67.85
N ASP B 223 -72.20 49.99 66.73
CA ASP B 223 -73.51 49.37 66.69
C ASP B 223 -73.59 48.37 65.54
N THR B 224 -74.77 47.75 65.38
CA THR B 224 -75.02 46.81 64.30
C THR B 224 -76.35 47.04 63.57
N ARG B 225 -77.15 48.03 63.98
CA ARG B 225 -78.52 48.14 63.50
C ARG B 225 -78.62 48.97 62.24
N ASN B 226 -79.72 48.79 61.52
CA ASN B 226 -80.07 49.62 60.36
C ASN B 226 -81.10 50.64 60.84
N PHE B 227 -80.63 51.81 61.24
CA PHE B 227 -81.55 52.88 61.59
C PHE B 227 -82.30 53.32 60.34
N ARG B 228 -83.46 53.92 60.54
CA ARG B 228 -84.40 54.36 59.50
C ARG B 228 -85.06 53.21 58.74
N LEU B 229 -85.10 52.00 59.32
CA LEU B 229 -85.79 50.89 58.66
C LEU B 229 -87.29 51.16 58.55
N GLY B 230 -87.93 51.52 59.66
CA GLY B 230 -89.37 51.74 59.65
C GLY B 230 -89.78 53.16 59.31
N TRP B 231 -88.95 53.84 58.53
CA TRP B 231 -89.16 55.23 58.18
C TRP B 231 -90.39 55.39 57.28
N ASP B 232 -91.08 56.52 57.44
CA ASP B 232 -92.29 56.82 56.67
C ASP B 232 -92.05 58.02 55.77
N PRO B 233 -92.38 57.92 54.48
CA PRO B 233 -92.03 59.01 53.56
C PRO B 233 -92.84 60.28 53.75
N GLU B 234 -93.97 60.23 54.45
CA GLU B 234 -94.78 61.43 54.67
C GLU B 234 -94.42 62.12 55.98
N THR B 235 -94.52 61.40 57.10
CA THR B 235 -94.20 61.99 58.40
C THR B 235 -92.69 62.10 58.63
N LYS B 236 -91.88 61.35 57.89
CA LYS B 236 -90.42 61.39 58.01
C LYS B 236 -89.95 61.10 59.43
N LEU B 237 -90.61 60.15 60.09
CA LEU B 237 -90.21 59.70 61.41
C LEU B 237 -90.35 58.20 61.49
N ILE B 238 -89.68 57.59 62.47
CA ILE B 238 -89.75 56.15 62.67
C ILE B 238 -91.08 55.85 63.37
N MET B 239 -92.06 55.40 62.60
CA MET B 239 -93.42 55.26 63.14
C MET B 239 -93.54 54.32 64.33
N PRO B 240 -92.88 53.15 64.38
CA PRO B 240 -93.07 52.26 65.54
C PRO B 240 -92.64 52.88 66.87
N GLY B 241 -91.81 53.91 66.86
CA GLY B 241 -91.33 54.49 68.10
C GLY B 241 -90.07 53.85 68.66
N VAL B 242 -89.62 52.74 68.08
CA VAL B 242 -88.34 52.11 68.44
C VAL B 242 -87.66 51.67 67.16
N TYR B 243 -86.35 51.82 67.11
CA TYR B 243 -85.57 51.34 65.99
C TYR B 243 -85.61 49.81 65.92
N THR B 244 -85.60 49.29 64.70
CA THR B 244 -85.65 47.84 64.51
C THR B 244 -84.45 47.17 65.15
N TYR B 245 -84.71 46.14 65.97
CA TYR B 245 -83.67 45.52 66.79
C TYR B 245 -83.11 44.26 66.10
N GLU B 246 -82.56 44.46 64.90
CA GLU B 246 -81.96 43.40 64.10
C GLU B 246 -80.56 43.79 63.66
N ALA B 247 -79.68 42.80 63.56
CA ALA B 247 -78.28 43.04 63.19
C ALA B 247 -78.12 42.94 61.68
N PHE B 248 -77.44 43.94 61.10
CA PHE B 248 -77.19 44.00 59.66
C PHE B 248 -75.71 43.96 59.33
N HIS B 249 -74.90 44.83 59.92
CA HIS B 249 -73.49 45.01 59.65
C HIS B 249 -72.92 45.94 60.71
N PRO B 250 -71.70 45.72 61.19
CA PRO B 250 -71.14 46.64 62.20
C PRO B 250 -71.02 48.06 61.68
N ASP B 251 -71.22 49.01 62.60
CA ASP B 251 -71.44 50.41 62.24
C ASP B 251 -70.80 51.32 63.28
N ILE B 252 -70.54 52.56 62.88
CA ILE B 252 -69.95 53.60 63.73
C ILE B 252 -70.92 54.77 63.81
N VAL B 253 -71.23 55.20 65.03
CA VAL B 253 -72.16 56.31 65.28
C VAL B 253 -71.42 57.44 65.97
N LEU B 254 -71.57 58.67 65.46
CA LEU B 254 -70.79 59.81 65.91
C LEU B 254 -71.68 61.02 66.20
N LEU B 255 -71.22 61.86 67.13
CA LEU B 255 -71.71 63.18 67.48
C LEU B 255 -70.75 64.24 66.96
N PRO B 256 -71.20 65.50 66.82
CA PRO B 256 -70.32 66.53 66.27
C PRO B 256 -69.06 66.71 67.13
N GLY B 257 -67.93 66.91 66.45
CA GLY B 257 -66.66 67.09 67.11
C GLY B 257 -65.89 65.82 67.42
N CYS B 258 -66.42 64.65 67.12
CA CYS B 258 -65.79 63.38 67.47
C CYS B 258 -65.27 62.67 66.21
N GLY B 259 -64.60 61.55 66.43
CA GLY B 259 -64.06 60.75 65.33
C GLY B 259 -63.25 59.59 65.85
N VAL B 260 -62.91 58.68 64.93
CA VAL B 260 -62.07 57.53 65.22
C VAL B 260 -60.95 57.47 64.20
N ASP B 261 -59.83 56.86 64.60
CA ASP B 261 -58.64 56.78 63.76
C ASP B 261 -58.05 55.38 63.84
N PHE B 262 -57.95 54.70 62.69
CA PHE B 262 -57.47 53.33 62.64
C PHE B 262 -56.10 53.19 61.98
N THR B 263 -55.28 54.25 62.03
CA THR B 263 -53.99 54.21 61.34
C THR B 263 -53.09 53.13 61.91
N GLU B 264 -53.12 52.92 63.23
CA GLU B 264 -52.22 51.96 63.86
C GLU B 264 -53.03 50.84 64.52
N SER B 265 -54.00 50.29 63.80
CA SER B 265 -54.91 49.30 64.36
C SER B 265 -55.38 48.38 63.24
N ARG B 266 -55.65 47.13 63.60
CA ARG B 266 -56.21 46.15 62.67
C ARG B 266 -57.68 45.84 62.96
N LEU B 267 -58.31 46.60 63.84
CA LEU B 267 -59.70 46.36 64.19
C LEU B 267 -60.68 46.83 63.13
N SER B 268 -60.24 47.60 62.14
CA SER B 268 -61.13 47.95 61.03
C SER B 268 -61.47 46.75 60.15
N ASN B 269 -60.58 45.74 60.09
CA ASN B 269 -60.90 44.52 59.35
C ASN B 269 -62.02 43.73 60.03
N LEU B 270 -62.02 43.71 61.37
CA LEU B 270 -63.09 43.02 62.08
C LEU B 270 -64.43 43.75 61.92
N LEU B 271 -64.41 45.06 61.72
CA LEU B 271 -65.64 45.81 61.51
C LEU B 271 -66.16 45.72 60.08
N GLY B 272 -65.35 45.26 59.14
CA GLY B 272 -65.79 45.22 57.76
C GLY B 272 -65.86 46.56 57.07
N ILE B 273 -64.97 47.48 57.42
CA ILE B 273 -64.87 48.80 56.79
C ILE B 273 -63.43 48.96 56.30
N ARG B 274 -63.25 49.16 55.00
CA ARG B 274 -61.94 49.25 54.39
C ARG B 274 -61.88 50.42 53.41
N LYS B 275 -60.65 50.78 53.03
CA LYS B 275 -60.40 51.88 52.10
C LYS B 275 -60.30 51.38 50.67
N ARG B 276 -60.85 52.14 49.73
CA ARG B 276 -60.74 51.79 48.32
C ARG B 276 -59.34 51.99 47.76
N HIS B 277 -58.50 52.76 48.46
CA HIS B 277 -57.08 52.94 48.11
C HIS B 277 -56.27 52.45 49.31
N PRO B 278 -56.08 51.14 49.44
CA PRO B 278 -55.52 50.59 50.68
C PRO B 278 -54.04 50.86 50.87
N PHE B 279 -53.32 51.35 49.87
CA PHE B 279 -51.90 51.63 50.02
C PHE B 279 -51.61 53.07 50.41
N GLN B 280 -52.63 53.91 50.60
CA GLN B 280 -52.43 55.28 51.07
C GLN B 280 -52.50 55.30 52.59
N GLU B 281 -51.46 55.83 53.22
CA GLU B 281 -51.37 55.81 54.68
C GLU B 281 -52.42 56.70 55.32
N GLY B 282 -52.93 56.26 56.47
CA GLY B 282 -53.89 57.04 57.22
C GLY B 282 -55.33 56.63 57.03
N PHE B 283 -56.06 56.42 58.13
CA PHE B 283 -57.47 56.00 58.07
C PHE B 283 -58.19 56.69 59.23
N LYS B 284 -58.82 57.83 58.93
CA LYS B 284 -59.57 58.59 59.92
C LYS B 284 -60.98 58.86 59.41
N ILE B 285 -61.97 58.73 60.29
CA ILE B 285 -63.37 59.00 59.96
C ILE B 285 -63.91 59.98 61.00
N MET B 286 -64.26 61.18 60.56
CA MET B 286 -64.74 62.25 61.44
C MET B 286 -66.21 62.54 61.16
N TYR B 287 -66.81 63.34 62.05
CA TYR B 287 -68.23 63.66 61.92
C TYR B 287 -68.54 64.39 60.63
N GLU B 288 -67.60 65.19 60.12
CA GLU B 288 -67.82 65.93 58.89
C GLU B 288 -67.79 65.04 57.65
N ASP B 289 -67.25 63.83 57.74
CA ASP B 289 -67.19 62.93 56.59
C ASP B 289 -68.45 62.09 56.42
N LEU B 290 -69.35 62.10 57.39
CA LEU B 290 -70.57 61.28 57.36
C LEU B 290 -71.80 62.04 56.91
N GLU B 291 -71.63 62.98 55.99
CA GLU B 291 -72.76 63.80 55.54
C GLU B 291 -73.85 62.94 54.91
N GLY B 292 -75.10 63.27 55.21
CA GLY B 292 -76.24 62.52 54.74
C GLY B 292 -76.63 61.34 55.58
N GLY B 293 -75.92 61.08 56.69
CA GLY B 293 -76.18 59.90 57.48
C GLY B 293 -76.83 60.16 58.83
N ASN B 294 -77.53 61.28 58.96
CA ASN B 294 -78.19 61.60 60.23
C ASN B 294 -79.29 60.58 60.52
N ILE B 295 -79.36 60.18 61.79
CA ILE B 295 -80.32 59.18 62.23
C ILE B 295 -81.68 59.85 62.44
N PRO B 296 -82.73 59.40 61.77
CA PRO B 296 -84.05 60.04 61.93
C PRO B 296 -84.56 59.92 63.36
N ALA B 297 -85.24 60.97 63.81
CA ALA B 297 -85.74 61.02 65.18
C ALA B 297 -86.97 60.15 65.35
N LEU B 298 -87.19 59.71 66.59
CA LEU B 298 -88.40 59.00 67.02
C LEU B 298 -88.86 57.94 66.04
N ILE B 364 -98.25 63.86 66.19
CA ILE B 364 -97.19 63.86 65.18
C ILE B 364 -96.05 64.77 65.60
N GLN B 365 -95.31 64.38 66.64
CA GLN B 365 -94.15 65.12 67.09
C GLN B 365 -93.06 64.15 67.52
N PRO B 366 -91.79 64.49 67.31
CA PRO B 366 -90.72 63.59 67.73
C PRO B 366 -90.58 63.52 69.24
N LEU B 367 -90.18 62.36 69.73
CA LEU B 367 -89.83 62.24 71.15
C LEU B 367 -88.51 62.95 71.40
N GLU B 368 -88.46 63.75 72.45
CA GLU B 368 -87.29 64.59 72.72
C GLU B 368 -86.43 64.09 73.87
N LYS B 369 -86.89 63.10 74.63
CA LYS B 369 -86.12 62.63 75.78
C LYS B 369 -86.49 61.18 76.06
N ASP B 370 -85.64 60.53 76.84
CA ASP B 370 -85.79 59.11 77.16
C ASP B 370 -86.61 58.94 78.44
N SER B 371 -86.72 57.69 78.89
CA SER B 371 -87.53 57.39 80.08
C SER B 371 -86.97 58.05 81.33
N LYS B 372 -85.63 58.01 81.49
CA LYS B 372 -84.97 58.58 82.66
C LYS B 372 -84.48 60.00 82.41
N SER B 373 -85.16 60.74 81.54
CA SER B 373 -84.82 62.14 81.23
C SER B 373 -83.38 62.25 80.70
N ARG B 374 -83.15 61.63 79.55
CA ARG B 374 -81.92 61.79 78.79
C ARG B 374 -82.26 62.37 77.43
N SER B 375 -81.53 63.42 77.04
CA SER B 375 -81.78 64.07 75.77
C SER B 375 -81.42 63.15 74.61
N TYR B 376 -82.31 63.10 73.62
CA TYR B 376 -82.02 62.42 72.35
C TYR B 376 -81.31 63.33 71.36
N ASN B 377 -81.01 64.57 71.73
CA ASN B 377 -80.29 65.51 70.86
C ASN B 377 -81.06 65.81 69.58
N VAL B 378 -82.38 65.98 69.68
CA VAL B 378 -83.18 66.34 68.52
C VAL B 378 -82.84 67.76 68.08
N LEU B 379 -82.88 68.00 66.78
CA LEU B 379 -82.48 69.27 66.18
C LEU B 379 -83.71 70.06 65.72
N GLU B 380 -83.46 71.18 65.07
CA GLU B 380 -84.53 71.93 64.45
C GLU B 380 -85.12 71.15 63.28
N ASP B 381 -86.33 71.54 62.89
CA ASP B 381 -87.16 70.89 61.87
C ASP B 381 -87.76 69.58 62.41
N LYS B 382 -87.33 69.16 63.61
CA LYS B 382 -88.01 68.12 64.37
C LYS B 382 -88.19 66.82 63.57
N ILE B 383 -87.21 66.49 62.74
CA ILE B 383 -87.21 65.23 62.01
C ILE B 383 -85.93 64.43 62.24
N ASN B 384 -84.78 65.06 62.19
CA ASN B 384 -83.50 64.38 62.29
C ASN B 384 -82.81 64.69 63.61
N THR B 385 -81.87 63.82 63.96
CA THR B 385 -81.10 63.89 65.19
C THR B 385 -79.65 64.18 64.86
N ALA B 386 -78.92 64.73 65.84
CA ALA B 386 -77.51 65.07 65.63
C ALA B 386 -76.63 63.86 65.40
N TYR B 387 -77.05 62.65 65.79
CA TYR B 387 -76.24 61.46 65.58
C TYR B 387 -76.11 61.15 64.10
N ARG B 388 -74.92 60.76 63.67
CA ARG B 388 -74.66 60.29 62.32
C ARG B 388 -74.05 58.89 62.37
N SER B 389 -74.28 58.10 61.31
CA SER B 389 -73.76 56.75 61.27
C SER B 389 -73.16 56.45 59.90
N TRP B 390 -72.09 55.64 59.90
CA TRP B 390 -71.40 55.28 58.67
C TRP B 390 -72.31 54.49 57.73
N TYR B 391 -73.10 53.57 58.27
CA TYR B 391 -73.92 52.71 57.42
C TYR B 391 -75.00 53.50 56.69
N LEU B 392 -75.65 54.43 57.38
CA LEU B 392 -76.67 55.25 56.74
C LEU B 392 -76.08 56.12 55.65
N SER B 393 -74.90 56.69 55.89
CA SER B 393 -74.26 57.53 54.88
C SER B 393 -73.79 56.69 53.69
N TYR B 394 -73.31 55.48 53.93
CA TYR B 394 -72.85 54.62 52.84
C TYR B 394 -74.01 54.21 51.92
N ASN B 395 -75.15 53.89 52.50
CA ASN B 395 -76.26 53.32 51.73
C ASN B 395 -77.27 54.36 51.25
N TYR B 396 -77.46 55.46 51.97
CA TYR B 396 -78.50 56.43 51.61
C TYR B 396 -77.97 57.81 51.25
N GLY B 397 -76.70 58.11 51.52
CA GLY B 397 -76.14 59.39 51.22
C GLY B 397 -75.82 59.57 49.74
N ASN B 398 -75.08 60.64 49.46
CA ASN B 398 -74.72 60.97 48.08
C ASN B 398 -73.67 59.99 47.58
N PRO B 399 -73.92 59.28 46.47
CA PRO B 399 -72.94 58.28 46.01
C PRO B 399 -71.59 58.85 45.63
N GLU B 400 -71.52 60.10 45.18
CA GLU B 400 -70.28 60.65 44.63
C GLU B 400 -69.63 61.68 45.55
N LYS B 401 -70.18 61.92 46.74
CA LYS B 401 -69.60 62.87 47.68
C LYS B 401 -69.53 62.36 49.10
N GLY B 402 -70.34 61.38 49.49
CA GLY B 402 -70.33 60.88 50.85
C GLY B 402 -69.21 59.89 51.10
N ILE B 403 -69.35 59.16 52.21
CA ILE B 403 -68.33 58.22 52.63
C ILE B 403 -68.18 57.06 51.64
N ARG B 404 -69.19 56.81 50.80
CA ARG B 404 -69.15 55.72 49.83
C ARG B 404 -68.12 55.94 48.73
N SER B 405 -67.66 57.16 48.53
CA SER B 405 -66.72 57.42 47.44
C SER B 405 -65.31 56.96 47.74
N TRP B 406 -64.94 56.78 49.00
CA TRP B 406 -63.59 56.32 49.32
C TRP B 406 -63.53 55.23 50.38
N THR B 407 -64.65 54.66 50.81
CA THR B 407 -64.64 53.48 51.66
C THR B 407 -65.46 52.37 51.03
N LEU B 408 -65.28 51.15 51.54
CA LEU B 408 -65.88 49.95 50.98
C LEU B 408 -66.42 49.08 52.10
N LEU B 409 -67.59 48.49 51.87
CA LEU B 409 -68.24 47.61 52.84
C LEU B 409 -67.90 46.16 52.53
N THR B 410 -67.39 45.43 53.53
CA THR B 410 -66.95 44.06 53.36
C THR B 410 -67.49 43.19 54.50
N THR B 411 -67.38 41.87 54.34
CA THR B 411 -67.76 40.95 55.40
C THR B 411 -66.78 41.03 56.56
N SER B 412 -67.30 40.89 57.77
CA SER B 412 -66.47 40.93 58.97
C SER B 412 -65.48 39.78 59.01
N ASP B 413 -64.24 40.07 59.35
CA ASP B 413 -63.17 39.07 59.42
C ASP B 413 -62.66 38.98 60.86
N VAL B 414 -63.05 37.92 61.57
CA VAL B 414 -62.77 37.81 63.00
C VAL B 414 -61.28 37.63 63.28
N THR B 415 -60.52 37.02 62.36
CA THR B 415 -59.10 36.86 62.60
C THR B 415 -58.34 38.18 62.50
N CYS B 416 -58.99 39.25 62.04
CA CYS B 416 -58.42 40.58 61.83
C CYS B 416 -57.42 40.62 60.66
N GLY B 417 -57.43 39.60 59.80
CA GLY B 417 -56.62 39.61 58.61
C GLY B 417 -55.29 38.91 58.81
N VAL B 418 -55.18 37.71 58.28
CA VAL B 418 -53.95 36.94 58.42
C VAL B 418 -53.04 37.24 57.24
N GLU B 419 -51.74 37.21 57.50
CA GLU B 419 -50.74 37.41 56.46
C GLU B 419 -49.86 36.16 56.38
N GLN B 420 -48.79 36.25 55.59
CA GLN B 420 -47.95 35.11 55.28
C GLN B 420 -46.84 34.93 56.31
N VAL B 421 -46.19 33.76 56.26
CA VAL B 421 -45.01 33.44 57.06
C VAL B 421 -43.93 32.90 56.14
N TYR B 422 -42.67 33.06 56.55
CA TYR B 422 -41.50 32.67 55.77
C TYR B 422 -40.62 31.69 56.55
N TRP B 423 -40.11 30.68 55.85
CA TRP B 423 -39.17 29.71 56.40
C TRP B 423 -37.73 30.01 55.95
N SER B 424 -36.78 29.80 56.86
CA SER B 424 -35.35 29.94 56.56
C SER B 424 -34.56 28.74 57.08
N LEU B 425 -33.66 28.23 56.25
CA LEU B 425 -32.72 27.17 56.64
C LEU B 425 -31.32 27.52 56.14
N PRO B 426 -30.67 28.51 56.77
CA PRO B 426 -29.45 29.08 56.17
C PRO B 426 -28.25 28.13 56.12
N ASP B 427 -28.19 27.09 56.94
CA ASP B 427 -27.07 26.16 56.93
C ASP B 427 -27.29 24.94 56.03
N MET B 428 -28.45 24.82 55.39
CA MET B 428 -28.74 23.65 54.59
C MET B 428 -28.94 23.97 53.11
N MET B 429 -29.74 24.98 52.78
CA MET B 429 -30.07 25.32 51.41
C MET B 429 -29.19 26.45 50.91
N GLN B 430 -28.98 26.48 49.59
CA GLN B 430 -28.36 27.63 48.96
C GLN B 430 -29.31 28.82 48.93
N ASP B 431 -28.76 30.03 48.95
CA ASP B 431 -29.57 31.24 48.92
C ASP B 431 -30.26 31.39 47.57
N PRO B 432 -31.57 31.62 47.54
CA PRO B 432 -32.24 31.91 46.25
C PRO B 432 -31.78 33.23 45.66
N VAL B 433 -32.09 33.39 44.36
CA VAL B 433 -31.50 34.46 43.55
C VAL B 433 -31.87 35.84 44.11
N THR B 434 -30.86 36.72 44.15
CA THR B 434 -30.82 38.11 44.61
C THR B 434 -30.77 38.27 46.14
N PHE B 435 -30.88 37.21 46.93
CA PHE B 435 -30.70 37.32 48.39
C PHE B 435 -29.21 37.36 48.75
N ARG B 436 -28.86 38.21 49.71
CA ARG B 436 -27.49 38.29 50.21
C ARG B 436 -27.28 37.32 51.38
N SER B 437 -26.07 36.77 51.46
CA SER B 437 -25.68 35.97 52.60
C SER B 437 -25.39 36.85 53.82
N THR B 438 -25.90 36.46 54.98
CA THR B 438 -25.80 37.30 56.17
C THR B 438 -26.01 36.46 57.41
N ARG B 439 -25.71 37.05 58.56
CA ARG B 439 -25.99 36.45 59.86
C ARG B 439 -26.96 37.26 60.70
N GLN B 440 -27.67 38.22 60.09
CA GLN B 440 -28.71 38.96 60.79
C GLN B 440 -30.05 38.25 60.65
N VAL B 441 -30.72 38.03 61.78
CA VAL B 441 -31.91 37.18 61.79
C VAL B 441 -33.04 37.80 60.96
N SER B 442 -33.23 39.10 61.06
CA SER B 442 -34.29 39.72 60.28
C SER B 442 -33.95 39.83 58.78
N ASN B 443 -32.86 39.24 58.28
CA ASN B 443 -32.57 39.32 56.85
C ASN B 443 -32.10 37.98 56.28
N TYR B 444 -32.46 36.86 56.91
CA TYR B 444 -32.11 35.55 56.37
C TYR B 444 -32.78 35.34 55.00
N PRO B 445 -32.13 34.64 54.09
CA PRO B 445 -32.79 34.27 52.83
C PRO B 445 -33.99 33.36 53.06
N VAL B 446 -35.00 33.49 52.21
CA VAL B 446 -36.30 32.85 52.39
C VAL B 446 -36.39 31.62 51.49
N VAL B 447 -36.75 30.48 52.07
CA VAL B 447 -36.80 29.21 51.36
C VAL B 447 -38.22 28.72 51.10
N GLY B 448 -39.24 29.31 51.73
CA GLY B 448 -40.62 28.94 51.46
C GLY B 448 -41.58 29.90 52.13
N ALA B 449 -42.82 29.87 51.67
CA ALA B 449 -43.85 30.77 52.17
C ALA B 449 -45.21 30.08 52.20
N GLU B 450 -46.07 30.52 53.12
CA GLU B 450 -47.43 30.01 53.27
C GLU B 450 -48.20 30.97 54.17
N LEU B 451 -49.49 30.71 54.34
CA LEU B 451 -50.29 31.53 55.24
C LEU B 451 -50.10 31.10 56.70
N MET B 452 -50.08 32.07 57.58
CA MET B 452 -50.15 31.79 59.01
C MET B 452 -51.46 31.03 59.28
N PRO B 453 -51.41 29.86 59.90
CA PRO B 453 -52.54 28.91 59.84
C PRO B 453 -53.65 29.19 60.87
N VAL B 454 -54.36 30.29 60.68
CA VAL B 454 -55.47 30.69 61.53
C VAL B 454 -56.67 31.00 60.64
N PHE B 455 -57.82 30.43 60.96
CA PHE B 455 -58.98 30.48 60.09
C PHE B 455 -60.25 30.82 60.87
N SER B 456 -61.23 31.33 60.14
CA SER B 456 -62.55 31.68 60.69
C SER B 456 -63.52 30.51 60.51
N LYS B 457 -64.39 30.32 61.50
CA LYS B 457 -65.44 29.30 61.45
C LYS B 457 -66.78 29.92 61.82
N SER B 458 -67.85 29.50 61.13
CA SER B 458 -69.17 30.06 61.31
C SER B 458 -70.09 29.13 62.09
N PHE B 459 -70.98 29.75 62.88
CA PHE B 459 -72.02 29.03 63.61
C PHE B 459 -73.34 29.78 63.47
N TYR B 460 -74.43 29.07 63.71
CA TYR B 460 -75.78 29.64 63.60
C TYR B 460 -76.40 29.73 64.99
N ASN B 461 -76.91 30.91 65.33
CA ASN B 461 -77.53 31.13 66.63
C ASN B 461 -78.82 31.95 66.52
N HIS B 478 -75.48 44.15 84.64
CA HIS B 478 -75.01 44.09 83.26
C HIS B 478 -74.05 45.24 82.96
N VAL B 479 -72.75 44.93 82.99
CA VAL B 479 -71.74 45.93 82.66
C VAL B 479 -71.78 46.28 81.17
N PHE B 480 -72.31 45.41 80.32
CA PHE B 480 -72.39 45.65 78.89
C PHE B 480 -73.72 46.28 78.47
N ASN B 481 -74.55 46.69 79.43
CA ASN B 481 -75.79 47.41 79.12
C ASN B 481 -76.04 48.38 80.29
N ARG B 482 -75.50 49.59 80.17
CA ARG B 482 -75.58 50.61 81.21
C ARG B 482 -76.67 51.63 80.97
N PHE B 483 -77.26 51.66 79.77
CA PHE B 483 -78.35 52.56 79.44
C PHE B 483 -79.46 51.76 78.80
N PRO B 484 -80.12 50.89 79.57
CA PRO B 484 -81.16 50.04 78.98
C PRO B 484 -82.31 50.81 78.34
N GLU B 485 -82.64 51.98 78.87
CA GLU B 485 -83.79 52.72 78.36
C GLU B 485 -83.49 53.43 77.04
N ASN B 486 -82.27 53.91 76.85
CA ASN B 486 -81.96 54.79 75.75
C ASN B 486 -81.91 54.02 74.44
N GLN B 487 -82.71 54.43 73.46
CA GLN B 487 -82.78 53.72 72.19
C GLN B 487 -81.50 53.82 71.38
N ILE B 488 -80.68 54.84 71.61
CA ILE B 488 -79.43 54.98 70.90
C ILE B 488 -78.30 54.23 71.59
N LEU B 489 -78.30 54.22 72.92
CA LEU B 489 -77.23 53.63 73.71
C LEU B 489 -77.55 52.23 74.20
N ILE B 490 -78.62 51.62 73.69
CA ILE B 490 -78.93 50.24 74.05
C ILE B 490 -77.85 49.30 73.51
N ARG B 491 -77.70 48.15 74.16
CA ARG B 491 -76.71 47.16 73.73
C ARG B 491 -77.09 46.60 72.36
N PRO B 492 -76.16 46.54 71.42
CA PRO B 492 -76.52 46.15 70.06
C PRO B 492 -77.03 44.73 70.02
N PRO B 493 -77.96 44.43 69.12
CA PRO B 493 -78.39 43.05 68.92
C PRO B 493 -77.27 42.20 68.33
N ALA B 494 -77.30 40.90 68.67
CA ALA B 494 -76.30 39.94 68.21
C ALA B 494 -76.68 39.38 66.84
N PRO B 495 -75.71 39.17 65.96
CA PRO B 495 -76.03 38.60 64.64
C PRO B 495 -76.49 37.15 64.76
N THR B 496 -77.29 36.74 63.78
CA THR B 496 -77.68 35.33 63.69
C THR B 496 -76.55 34.45 63.17
N ILE B 497 -75.45 35.03 62.68
CA ILE B 497 -74.26 34.29 62.27
C ILE B 497 -73.09 34.76 63.13
N THR B 498 -72.47 33.84 63.87
CA THR B 498 -71.34 34.12 64.72
C THR B 498 -70.08 33.47 64.16
N THR B 499 -68.96 34.19 64.18
CA THR B 499 -67.68 33.68 63.68
C THR B 499 -66.63 33.74 64.77
N VAL B 500 -65.80 32.68 64.86
CA VAL B 500 -64.69 32.59 65.79
C VAL B 500 -63.47 32.08 65.04
N SER B 501 -62.29 32.40 65.56
CA SER B 501 -61.04 32.04 64.91
C SER B 501 -60.43 30.79 65.52
N GLU B 502 -59.81 29.96 64.68
CA GLU B 502 -59.26 28.66 65.06
C GLU B 502 -57.84 28.48 64.54
N ASN B 503 -57.07 27.67 65.25
CA ASN B 503 -55.73 27.26 64.83
C ASN B 503 -55.80 25.83 64.29
N VAL B 504 -55.34 25.64 63.06
CA VAL B 504 -55.42 24.35 62.38
C VAL B 504 -54.00 23.95 61.94
N PRO B 505 -53.52 22.75 62.28
CA PRO B 505 -52.17 22.36 61.87
C PRO B 505 -52.01 22.33 60.36
N ALA B 506 -50.86 22.79 59.91
CA ALA B 506 -50.58 23.01 58.49
C ALA B 506 -49.49 22.06 58.01
N LEU B 507 -49.79 21.32 56.94
CA LEU B 507 -48.89 20.35 56.34
C LEU B 507 -48.61 20.79 54.90
N THR B 508 -47.36 21.13 54.60
CA THR B 508 -47.03 21.83 53.37
C THR B 508 -45.87 21.18 52.63
N ASP B 509 -46.02 21.06 51.32
CA ASP B 509 -44.95 20.62 50.42
C ASP B 509 -44.41 21.84 49.69
N HIS B 510 -43.13 22.14 49.88
CA HIS B 510 -42.50 23.33 49.32
C HIS B 510 -41.71 23.05 48.04
N GLY B 511 -41.72 21.82 47.53
CA GLY B 511 -40.96 21.50 46.33
C GLY B 511 -39.47 21.27 46.60
N THR B 512 -38.71 21.25 45.50
CA THR B 512 -37.28 20.94 45.54
C THR B 512 -36.43 22.20 45.44
N LEU B 513 -35.42 22.31 46.30
CA LEU B 513 -34.48 23.43 46.32
C LEU B 513 -33.05 22.94 46.30
N PRO B 514 -32.14 23.71 45.69
CA PRO B 514 -30.72 23.30 45.65
C PRO B 514 -30.09 23.22 47.03
N LEU B 515 -29.28 22.19 47.23
CA LEU B 515 -28.73 21.80 48.52
C LEU B 515 -27.21 22.03 48.54
N ARG B 516 -26.69 22.42 49.70
CA ARG B 516 -25.24 22.54 49.85
C ARG B 516 -24.57 21.16 49.86
N SER B 517 -23.35 21.11 49.32
CA SER B 517 -22.65 19.82 49.20
C SER B 517 -22.12 19.31 50.52
N SER B 518 -21.87 20.18 51.49
CA SER B 518 -21.39 19.77 52.81
C SER B 518 -22.31 20.35 53.86
N ILE B 519 -22.85 19.49 54.72
CA ILE B 519 -23.86 19.86 55.71
C ILE B 519 -23.27 19.63 57.10
N ARG B 520 -23.25 20.69 57.92
CA ARG B 520 -22.77 20.58 59.28
C ARG B 520 -23.81 19.90 60.19
N GLY B 521 -23.32 19.38 61.30
CA GLY B 521 -24.14 18.61 62.21
C GLY B 521 -25.17 19.40 62.99
N VAL B 522 -24.97 20.70 63.17
CA VAL B 522 -25.91 21.56 63.87
C VAL B 522 -26.50 22.56 62.89
N GLN B 523 -27.84 22.68 62.90
CA GLN B 523 -28.57 23.45 61.92
C GLN B 523 -29.50 24.45 62.60
N ARG B 524 -29.70 25.59 61.95
CA ARG B 524 -30.60 26.64 62.44
C ARG B 524 -31.93 26.62 61.68
N VAL B 525 -33.03 26.76 62.41
CA VAL B 525 -34.38 26.79 61.85
C VAL B 525 -35.07 28.07 62.31
N THR B 526 -35.66 28.82 61.37
CA THR B 526 -36.26 30.11 61.67
C THR B 526 -37.59 30.29 60.93
N VAL B 527 -38.57 30.88 61.62
CA VAL B 527 -39.87 31.24 61.06
C VAL B 527 -40.15 32.70 61.39
N THR B 528 -40.41 33.52 60.37
CA THR B 528 -40.68 34.95 60.56
C THR B 528 -41.92 35.39 59.78
N ASP B 529 -42.48 36.54 60.20
CA ASP B 529 -43.69 37.09 59.62
C ASP B 529 -43.34 38.07 58.49
N ALA B 530 -44.35 38.82 58.03
CA ALA B 530 -44.18 39.69 56.87
C ALA B 530 -43.23 40.85 57.15
N ARG B 531 -43.18 41.32 58.39
CA ARG B 531 -42.24 42.37 58.79
C ARG B 531 -40.90 41.80 59.25
N ARG B 532 -40.70 40.48 59.09
CA ARG B 532 -39.47 39.79 59.43
C ARG B 532 -39.19 39.81 60.94
N ARG B 533 -40.24 39.66 61.74
CA ARG B 533 -40.12 39.37 63.17
C ARG B 533 -40.43 37.89 63.40
N THR B 534 -39.80 37.31 64.41
CA THR B 534 -40.18 35.95 64.81
C THR B 534 -41.57 35.98 65.47
N CYS B 535 -42.26 34.85 65.40
CA CYS B 535 -43.62 34.77 65.92
C CYS B 535 -43.65 33.99 67.23
N PRO B 536 -44.00 34.61 68.35
CA PRO B 536 -44.03 33.89 69.63
C PRO B 536 -45.17 32.88 69.77
N TYR B 537 -46.08 32.77 68.81
CA TYR B 537 -47.20 31.85 68.95
C TYR B 537 -46.99 30.53 68.21
N VAL B 538 -45.82 30.29 67.63
CA VAL B 538 -45.47 28.97 67.12
C VAL B 538 -45.02 28.10 68.28
N TYR B 539 -45.60 26.91 68.40
CA TYR B 539 -45.11 25.98 69.43
C TYR B 539 -44.79 24.59 68.90
N LYS B 540 -44.83 24.37 67.59
CA LYS B 540 -44.40 23.11 67.01
C LYS B 540 -44.02 23.35 65.56
N ALA B 541 -42.79 22.97 65.20
CA ALA B 541 -42.29 23.14 63.84
C ALA B 541 -41.31 22.01 63.54
N LEU B 542 -41.57 21.27 62.45
CA LEU B 542 -40.72 20.17 62.00
C LEU B 542 -40.42 20.29 60.52
N GLY B 543 -39.27 19.80 60.12
CA GLY B 543 -38.91 19.72 58.71
C GLY B 543 -38.35 18.36 58.35
N ILE B 544 -38.64 17.94 57.13
CA ILE B 544 -38.15 16.69 56.57
C ILE B 544 -37.63 16.97 55.16
N VAL B 545 -36.39 16.59 54.89
CA VAL B 545 -35.73 16.86 53.61
C VAL B 545 -35.34 15.53 52.97
N ALA B 546 -35.59 15.40 51.67
CA ALA B 546 -35.23 14.21 50.89
C ALA B 546 -34.28 14.57 49.76
N PRO B 547 -32.97 14.36 49.92
CA PRO B 547 -32.02 14.73 48.85
C PRO B 547 -32.10 13.82 47.64
N ARG B 548 -31.74 14.38 46.48
CA ARG B 548 -31.58 13.62 45.24
C ARG B 548 -30.73 14.39 44.26
N VAL B 549 -30.23 13.70 43.24
CA VAL B 549 -29.33 14.28 42.25
C VAL B 549 -30.12 15.10 41.24
N LEU B 550 -29.65 16.32 40.95
CA LEU B 550 -30.25 17.20 39.96
C LEU B 550 -29.51 17.21 38.63
N SER B 551 -28.19 17.39 38.65
CA SER B 551 -27.41 17.40 37.41
C SER B 551 -25.97 17.03 37.72
N SER B 552 -25.21 16.83 36.65
CA SER B 552 -23.82 16.42 36.74
C SER B 552 -22.89 17.62 36.91
N ARG B 553 -21.76 17.37 37.56
CA ARG B 553 -20.67 18.34 37.74
C ARG B 553 -21.06 19.52 38.62
N ARG C 48 20.04 -41.87 -5.31
CA ARG C 48 21.36 -41.99 -5.93
C ARG C 48 22.16 -43.16 -5.36
N ASN C 49 21.50 -44.29 -5.12
CA ASN C 49 22.16 -45.42 -4.50
C ASN C 49 21.78 -46.76 -5.14
N SER C 50 21.32 -46.77 -6.37
CA SER C 50 20.89 -48.01 -7.01
C SER C 50 22.05 -48.73 -7.67
N ILE C 51 21.88 -50.04 -7.86
CA ILE C 51 22.87 -50.92 -8.46
C ILE C 51 22.18 -51.74 -9.55
N ARG C 52 22.69 -51.67 -10.78
CA ARG C 52 21.99 -52.21 -11.94
C ARG C 52 22.85 -53.17 -12.73
N TYR C 53 22.21 -54.19 -13.30
CA TYR C 53 22.85 -55.20 -14.12
C TYR C 53 22.33 -55.10 -15.54
N SER C 54 23.24 -55.08 -16.52
CA SER C 54 22.90 -54.67 -17.88
C SER C 54 21.93 -55.62 -18.57
N GLU C 55 21.75 -56.84 -18.07
CA GLU C 55 20.82 -57.77 -18.71
C GLU C 55 19.39 -57.67 -18.18
N LEU C 56 19.10 -56.76 -17.25
CA LEU C 56 17.78 -56.62 -16.64
C LEU C 56 17.22 -55.23 -16.90
N SER C 57 15.91 -55.14 -17.12
CA SER C 57 15.22 -53.88 -17.38
C SER C 57 13.76 -54.01 -17.05
N PRO C 58 13.10 -52.96 -16.54
CA PRO C 58 11.68 -53.06 -16.18
C PRO C 58 10.76 -52.83 -17.37
N LEU C 59 9.50 -53.28 -17.21
CA LEU C 59 8.52 -53.33 -18.28
C LEU C 59 7.42 -52.29 -18.11
N TYR C 60 6.95 -51.74 -19.25
CA TYR C 60 5.92 -50.71 -19.25
C TYR C 60 4.97 -50.88 -20.43
N ASP C 61 3.73 -50.43 -20.20
CA ASP C 61 2.66 -50.10 -21.16
C ASP C 61 1.93 -51.24 -21.87
N THR C 62 2.55 -52.42 -22.01
CA THR C 62 1.92 -53.55 -22.70
C THR C 62 2.90 -54.72 -22.72
N THR C 63 2.36 -55.92 -22.91
CA THR C 63 3.12 -57.16 -22.95
C THR C 63 2.22 -58.26 -23.52
N ARG C 64 2.66 -59.52 -23.42
CA ARG C 64 1.85 -60.66 -23.84
C ARG C 64 1.77 -61.71 -22.73
N LEU C 65 0.62 -62.37 -22.61
CA LEU C 65 0.43 -63.53 -21.76
C LEU C 65 -0.04 -64.69 -22.63
N TYR C 66 0.55 -65.88 -22.45
CA TYR C 66 0.26 -67.04 -23.29
C TYR C 66 -0.40 -68.14 -22.48
N LEU C 67 -1.51 -68.66 -23.00
CA LEU C 67 -2.28 -69.73 -22.36
C LEU C 67 -2.24 -70.95 -23.27
N VAL C 68 -1.36 -71.90 -22.95
CA VAL C 68 -0.99 -72.98 -23.85
C VAL C 68 -1.30 -74.32 -23.18
N ASP C 69 -1.87 -75.25 -23.95
CA ASP C 69 -2.43 -76.47 -23.41
C ASP C 69 -1.49 -77.67 -23.43
N ASN C 70 -0.26 -77.53 -23.90
CA ASN C 70 0.63 -78.70 -24.03
C ASN C 70 2.04 -78.39 -23.56
N LYS C 71 2.18 -77.70 -22.44
CA LYS C 71 3.49 -77.56 -21.81
C LYS C 71 3.91 -78.87 -21.16
N SER C 72 5.20 -79.21 -21.29
CA SER C 72 5.66 -80.54 -20.89
C SER C 72 5.49 -80.79 -19.39
N ALA C 73 5.85 -79.81 -18.56
CA ALA C 73 5.76 -80.00 -17.12
C ALA C 73 4.33 -79.93 -16.60
N ASP C 74 3.47 -79.12 -17.23
CA ASP C 74 2.09 -79.03 -16.80
C ASP C 74 1.32 -80.31 -17.08
N ILE C 75 1.71 -81.05 -18.13
CA ILE C 75 1.05 -82.30 -18.45
C ILE C 75 1.20 -83.30 -17.31
N ALA C 76 2.40 -83.41 -16.76
CA ALA C 76 2.66 -84.45 -15.78
C ALA C 76 2.04 -84.15 -14.42
N SER C 77 2.08 -82.90 -13.96
CA SER C 77 1.77 -82.57 -12.58
C SER C 77 0.44 -81.84 -12.38
N LEU C 78 -0.24 -81.42 -13.45
CA LEU C 78 -1.46 -80.66 -13.24
C LEU C 78 -2.71 -81.32 -13.82
N ASN C 79 -2.62 -81.94 -14.98
CA ASN C 79 -3.79 -82.23 -15.81
C ASN C 79 -4.01 -83.72 -15.99
N TYR C 80 -3.80 -84.52 -14.94
CA TYR C 80 -3.88 -85.96 -15.08
C TYR C 80 -5.29 -86.44 -15.39
N GLN C 81 -6.31 -85.78 -14.84
CA GLN C 81 -7.70 -86.18 -15.03
C GLN C 81 -8.48 -85.24 -15.95
N ASN C 82 -7.81 -84.36 -16.70
CA ASN C 82 -8.46 -83.32 -17.49
C ASN C 82 -8.42 -83.67 -18.98
N ASP C 83 -9.05 -82.82 -19.79
CA ASP C 83 -8.96 -82.89 -21.24
C ASP C 83 -8.86 -81.48 -21.81
N HIS C 84 -8.75 -81.37 -23.13
CA HIS C 84 -8.47 -80.08 -23.76
C HIS C 84 -9.63 -79.10 -23.67
N SER C 85 -10.81 -79.54 -23.27
CA SER C 85 -11.93 -78.63 -23.07
C SER C 85 -11.94 -77.99 -21.68
N ASN C 86 -11.17 -78.52 -20.72
CA ASN C 86 -11.16 -77.99 -19.35
C ASN C 86 -9.84 -78.40 -18.67
N PHE C 87 -8.89 -77.47 -18.61
CA PHE C 87 -7.54 -77.81 -18.16
C PHE C 87 -6.92 -76.64 -17.39
N LEU C 88 -5.76 -76.90 -16.79
CA LEU C 88 -4.98 -75.91 -16.07
C LEU C 88 -3.66 -75.66 -16.79
N THR C 89 -3.16 -74.43 -16.72
CA THR C 89 -1.89 -74.09 -17.34
C THR C 89 -1.20 -72.99 -16.53
N THR C 90 0.10 -72.85 -16.74
CA THR C 90 0.90 -71.84 -16.05
C THR C 90 1.23 -70.69 -17.00
N VAL C 91 1.00 -69.47 -16.54
CA VAL C 91 1.37 -68.29 -17.33
C VAL C 91 2.78 -67.81 -17.02
N VAL C 92 3.45 -68.40 -16.04
CA VAL C 92 4.86 -68.10 -15.76
C VAL C 92 5.72 -68.92 -16.71
N GLN C 93 6.55 -68.25 -17.50
CA GLN C 93 7.37 -68.89 -18.52
C GLN C 93 8.85 -68.99 -18.11
N ASN C 94 9.13 -69.27 -16.84
CA ASN C 94 10.48 -69.28 -16.29
C ASN C 94 10.75 -70.67 -15.73
N ASN C 95 11.67 -71.40 -16.36
CA ASN C 95 11.90 -72.81 -16.02
C ASN C 95 12.79 -72.99 -14.80
N ASP C 96 13.13 -71.92 -14.06
CA ASP C 96 13.76 -72.08 -12.76
C ASP C 96 12.82 -72.64 -11.70
N PHE C 97 11.52 -72.74 -12.00
CA PHE C 97 10.51 -73.17 -11.05
C PHE C 97 9.63 -74.25 -11.66
N THR C 98 9.14 -75.15 -10.81
CA THR C 98 8.13 -76.11 -11.21
C THR C 98 6.75 -75.46 -11.22
N PRO C 99 5.78 -76.06 -11.91
CA PRO C 99 4.42 -75.47 -11.91
C PRO C 99 3.81 -75.35 -10.53
N THR C 100 4.09 -76.29 -9.64
CA THR C 100 3.59 -76.19 -8.27
C THR C 100 4.15 -74.95 -7.57
N GLU C 101 5.45 -74.71 -7.71
CA GLU C 101 6.04 -73.50 -7.15
C GLU C 101 5.48 -72.25 -7.82
N ALA C 102 5.26 -72.32 -9.14
CA ALA C 102 4.76 -71.16 -9.87
C ALA C 102 3.35 -70.76 -9.43
N SER C 103 2.58 -71.71 -8.88
CA SER C 103 1.18 -71.43 -8.55
C SER C 103 1.05 -70.33 -7.49
N THR C 104 2.05 -70.17 -6.65
CA THR C 104 2.00 -69.14 -5.61
C THR C 104 2.53 -67.78 -6.05
N GLN C 105 3.14 -67.68 -7.22
CA GLN C 105 3.68 -66.42 -7.71
C GLN C 105 2.58 -65.58 -8.36
N THR C 106 2.84 -64.29 -8.54
CA THR C 106 1.86 -63.38 -9.13
C THR C 106 2.51 -62.46 -10.14
N ILE C 107 1.69 -61.92 -11.03
CA ILE C 107 2.03 -60.83 -11.94
C ILE C 107 1.13 -59.64 -11.59
N ASN C 108 1.72 -58.47 -11.40
CA ASN C 108 0.99 -57.33 -10.86
C ASN C 108 1.01 -56.16 -11.84
N PHE C 109 -0.17 -55.68 -12.19
CA PHE C 109 -0.36 -54.50 -13.03
C PHE C 109 -0.68 -53.31 -12.14
N ASP C 110 -0.06 -52.16 -12.43
CA ASP C 110 -0.04 -51.04 -11.49
C ASP C 110 -1.44 -50.67 -11.02
N GLU C 111 -1.62 -50.62 -9.70
CA GLU C 111 -2.94 -50.47 -9.08
C GLU C 111 -3.49 -49.05 -9.24
N ARG C 112 -2.71 -48.10 -9.70
CA ARG C 112 -3.21 -46.76 -9.95
C ARG C 112 -3.89 -46.62 -11.31
N SER C 113 -4.01 -47.71 -12.07
CA SER C 113 -4.76 -47.73 -13.33
C SER C 113 -5.71 -48.91 -13.34
N ARG C 114 -6.73 -48.81 -14.18
CA ARG C 114 -7.58 -49.93 -14.52
C ARG C 114 -7.13 -50.50 -15.87
N TRP C 115 -7.00 -51.81 -15.95
CA TRP C 115 -6.40 -52.47 -17.10
C TRP C 115 -7.42 -53.32 -17.85
N GLY C 116 -7.22 -53.42 -19.16
CA GLY C 116 -8.00 -54.32 -19.98
C GLY C 116 -7.11 -55.21 -20.82
N GLY C 117 -7.70 -56.29 -21.33
CA GLY C 117 -6.96 -57.25 -22.12
C GLY C 117 -7.64 -57.66 -23.41
N GLN C 118 -6.95 -57.49 -24.53
CA GLN C 118 -7.46 -57.94 -25.82
C GLN C 118 -7.17 -59.42 -26.01
N LEU C 119 -8.21 -60.19 -26.33
CA LEU C 119 -8.15 -61.66 -26.33
C LEU C 119 -8.29 -62.22 -27.75
N LYS C 120 -7.37 -63.08 -28.15
CA LYS C 120 -7.43 -63.85 -29.38
C LYS C 120 -7.33 -65.33 -29.07
N THR C 121 -8.12 -66.15 -29.77
CA THR C 121 -8.13 -67.59 -29.52
C THR C 121 -7.94 -68.37 -30.81
N ILE C 122 -7.44 -69.59 -30.65
CA ILE C 122 -7.29 -70.56 -31.73
C ILE C 122 -7.88 -71.89 -31.26
N MET C 123 -8.77 -72.48 -32.06
CA MET C 123 -9.45 -73.71 -31.68
C MET C 123 -9.55 -74.66 -32.87
N HIS C 124 -9.41 -75.96 -32.61
CA HIS C 124 -9.57 -76.99 -33.63
C HIS C 124 -10.31 -78.19 -33.05
N THR C 125 -11.22 -78.77 -33.84
CA THR C 125 -12.09 -79.86 -33.39
C THR C 125 -11.99 -81.05 -34.35
N ASN C 126 -12.49 -82.20 -33.88
CA ASN C 126 -12.55 -83.42 -34.70
C ASN C 126 -13.87 -84.17 -34.50
N MET C 127 -14.99 -83.44 -34.54
CA MET C 127 -16.32 -84.02 -34.28
C MET C 127 -16.86 -84.74 -35.52
N PRO C 128 -17.32 -85.98 -35.39
CA PRO C 128 -18.08 -86.62 -36.47
C PRO C 128 -19.56 -86.27 -36.39
N ASN C 129 -20.23 -86.34 -37.55
CA ASN C 129 -21.60 -85.82 -37.62
C ASN C 129 -22.65 -86.73 -36.99
N VAL C 130 -22.42 -88.03 -36.89
CA VAL C 130 -23.35 -88.95 -36.26
C VAL C 130 -22.68 -89.49 -35.00
N ASN C 131 -23.16 -89.06 -33.83
CA ASN C 131 -22.56 -89.46 -32.57
C ASN C 131 -23.60 -89.36 -31.45
N GLU C 132 -23.28 -90.02 -30.33
CA GLU C 132 -24.22 -90.11 -29.21
C GLU C 132 -24.29 -88.82 -28.40
N TYR C 133 -23.16 -88.13 -28.24
CA TYR C 133 -23.10 -86.97 -27.33
C TYR C 133 -24.01 -85.84 -27.80
N MET C 134 -24.21 -85.70 -29.11
CA MET C 134 -24.98 -84.61 -29.68
C MET C 134 -26.39 -85.02 -30.09
N PHE C 135 -26.83 -86.22 -29.70
CA PHE C 135 -28.20 -86.70 -29.94
C PHE C 135 -28.52 -86.83 -31.43
N SER C 136 -27.52 -87.10 -32.26
CA SER C 136 -27.73 -87.39 -33.67
C SER C 136 -27.62 -88.88 -33.96
N ASN C 137 -27.86 -89.71 -32.95
CA ASN C 137 -27.61 -91.14 -33.00
C ASN C 137 -28.87 -91.98 -33.01
N LYS C 138 -30.04 -91.39 -32.73
CA LYS C 138 -31.22 -92.18 -32.41
C LYS C 138 -32.49 -91.44 -32.83
N PHE C 139 -33.56 -92.21 -32.99
CA PHE C 139 -34.91 -91.69 -33.25
C PHE C 139 -35.90 -92.77 -32.82
N LYS C 140 -37.18 -92.38 -32.76
CA LYS C 140 -38.25 -93.28 -32.36
C LYS C 140 -39.28 -93.44 -33.47
N ALA C 141 -39.88 -94.63 -33.56
CA ALA C 141 -40.87 -94.92 -34.58
C ALA C 141 -41.83 -96.00 -34.08
N ARG C 142 -42.99 -96.08 -34.72
CA ARG C 142 -44.03 -97.05 -34.38
C ARG C 142 -44.25 -97.97 -35.57
N VAL C 143 -44.04 -99.27 -35.37
CA VAL C 143 -44.12 -100.26 -36.43
C VAL C 143 -45.05 -101.39 -35.97
N MET C 144 -45.31 -102.33 -36.89
CA MET C 144 -46.22 -103.44 -36.63
C MET C 144 -45.46 -104.64 -36.08
N VAL C 145 -45.95 -105.18 -34.97
CA VAL C 145 -45.29 -106.29 -34.30
C VAL C 145 -45.98 -107.62 -34.56
N SER C 146 -47.28 -107.64 -34.77
CA SER C 146 -48.00 -108.89 -34.99
C SER C 146 -49.17 -108.68 -35.93
N ARG C 147 -49.29 -109.57 -36.92
CA ARG C 147 -50.54 -109.74 -37.66
C ARG C 147 -51.35 -110.81 -36.92
N LYS C 148 -52.42 -111.29 -37.54
CA LYS C 148 -53.24 -112.32 -36.90
C LYS C 148 -52.50 -113.64 -36.81
N ASP C 171 -58.37 -110.11 -39.60
CA ASP C 171 -57.01 -109.97 -39.08
C ASP C 171 -56.92 -108.84 -38.07
N ILE C 172 -56.23 -109.09 -36.95
CA ILE C 172 -56.00 -108.08 -35.92
C ILE C 172 -54.52 -107.71 -35.95
N LEU C 173 -54.24 -106.41 -35.97
CA LEU C 173 -52.89 -105.90 -36.13
C LEU C 173 -52.47 -105.16 -34.86
N LYS C 174 -51.24 -105.41 -34.43
CA LYS C 174 -50.69 -104.80 -33.22
C LYS C 174 -49.47 -103.97 -33.56
N TYR C 175 -49.34 -102.80 -32.93
CA TYR C 175 -48.25 -101.87 -33.17
C TYR C 175 -47.61 -101.49 -31.85
N GLU C 176 -46.36 -101.04 -31.91
CA GLU C 176 -45.62 -100.66 -30.70
C GLU C 176 -44.53 -99.66 -31.06
N TRP C 177 -44.14 -98.86 -30.07
CA TRP C 177 -43.07 -97.89 -30.22
C TRP C 177 -41.72 -98.50 -29.83
N PHE C 178 -40.67 -98.10 -30.54
CA PHE C 178 -39.31 -98.51 -30.25
C PHE C 178 -38.37 -97.33 -30.45
N GLU C 179 -37.16 -97.46 -29.90
CA GLU C 179 -36.08 -96.51 -30.15
C GLU C 179 -34.97 -97.21 -30.93
N PHE C 180 -34.52 -96.57 -32.00
CA PHE C 180 -33.57 -97.15 -32.94
C PHE C 180 -32.22 -96.43 -32.82
N ILE C 181 -31.13 -97.20 -32.94
CA ILE C 181 -29.77 -96.69 -32.73
C ILE C 181 -28.94 -96.97 -33.97
N LEU C 182 -28.20 -95.95 -34.44
CA LEU C 182 -27.24 -95.99 -35.53
C LEU C 182 -25.82 -96.11 -34.99
N PRO C 183 -24.89 -96.69 -35.76
CA PRO C 183 -23.49 -96.67 -35.35
C PRO C 183 -22.82 -95.35 -35.70
N GLU C 184 -21.79 -95.01 -34.94
CA GLU C 184 -21.17 -93.68 -35.01
C GLU C 184 -20.15 -93.58 -36.14
N GLY C 185 -20.00 -92.37 -36.67
CA GLY C 185 -19.10 -92.12 -37.77
C GLY C 185 -19.45 -90.81 -38.44
N ASN C 186 -18.68 -90.50 -39.49
CA ASN C 186 -18.84 -89.28 -40.27
C ASN C 186 -19.34 -89.64 -41.66
N PHE C 187 -20.62 -89.43 -41.92
CA PHE C 187 -21.28 -89.95 -43.11
C PHE C 187 -21.92 -88.83 -43.91
N SER C 188 -22.09 -89.08 -45.21
CA SER C 188 -22.86 -88.17 -46.04
C SER C 188 -24.35 -88.35 -45.77
N ALA C 189 -25.16 -87.45 -46.34
CA ALA C 189 -26.59 -87.48 -46.08
C ALA C 189 -27.25 -88.72 -46.66
N THR C 190 -26.87 -89.13 -47.87
CA THR C 190 -27.44 -90.33 -48.46
C THR C 190 -27.06 -91.58 -47.66
N MET C 191 -25.80 -91.67 -47.24
CA MET C 191 -25.38 -92.82 -46.45
C MET C 191 -26.08 -92.86 -45.10
N THR C 192 -26.41 -91.69 -44.52
CA THR C 192 -27.14 -91.67 -43.26
C THR C 192 -28.55 -92.22 -43.43
N ILE C 193 -29.21 -91.88 -44.53
CA ILE C 193 -30.57 -92.36 -44.79
C ILE C 193 -30.58 -93.87 -44.99
N ASP C 194 -29.54 -94.44 -45.60
CA ASP C 194 -29.45 -95.89 -45.72
C ASP C 194 -29.37 -96.56 -44.35
N LEU C 195 -28.64 -95.95 -43.42
CA LEU C 195 -28.51 -96.54 -42.08
C LEU C 195 -29.82 -96.51 -41.32
N MET C 196 -30.63 -95.46 -41.51
CA MET C 196 -31.93 -95.39 -40.85
C MET C 196 -32.88 -96.46 -41.37
N ASN C 197 -32.89 -96.70 -42.69
CA ASN C 197 -33.70 -97.78 -43.24
C ASN C 197 -33.22 -99.14 -42.71
N ASN C 198 -31.91 -99.33 -42.64
CA ASN C 198 -31.35 -100.59 -42.15
C ASN C 198 -31.75 -100.85 -40.70
N ALA C 199 -31.86 -99.80 -39.89
CA ALA C 199 -32.29 -99.99 -38.50
C ALA C 199 -33.73 -100.47 -38.42
N ILE C 200 -34.60 -99.95 -39.28
CA ILE C 200 -36.00 -100.38 -39.29
C ILE C 200 -36.08 -101.86 -39.65
N ILE C 201 -35.33 -102.29 -40.65
CA ILE C 201 -35.42 -103.65 -41.14
C ILE C 201 -34.89 -104.65 -40.12
N ASP C 202 -33.83 -104.30 -39.39
CA ASP C 202 -33.31 -105.18 -38.35
C ASP C 202 -34.32 -105.43 -37.24
N ASN C 203 -35.26 -104.50 -37.02
CA ASN C 203 -36.35 -104.73 -36.10
C ASN C 203 -37.37 -105.71 -36.67
N TYR C 204 -37.57 -105.68 -38.00
CA TYR C 204 -38.51 -106.60 -38.63
C TYR C 204 -37.94 -108.01 -38.72
N LEU C 205 -36.63 -108.18 -38.61
CA LEU C 205 -36.04 -109.52 -38.64
C LEU C 205 -35.93 -110.15 -37.26
N GLU C 206 -35.91 -109.35 -36.20
CA GLU C 206 -35.80 -109.85 -34.83
C GLU C 206 -37.17 -110.07 -34.18
N ILE C 207 -38.10 -109.15 -34.43
CA ILE C 207 -39.50 -109.27 -34.05
C ILE C 207 -40.24 -109.24 -35.38
N GLY C 208 -41.56 -109.28 -35.36
CA GLY C 208 -42.21 -109.08 -36.63
C GLY C 208 -42.26 -110.36 -37.45
N ARG C 209 -41.29 -110.50 -38.37
CA ARG C 209 -41.24 -111.63 -39.31
C ARG C 209 -41.61 -112.96 -38.67
N GLN C 210 -41.12 -113.23 -37.47
CA GLN C 210 -41.46 -114.48 -36.78
C GLN C 210 -42.84 -114.47 -36.16
N ASN C 211 -43.58 -113.36 -36.26
CA ASN C 211 -44.94 -113.27 -35.72
C ASN C 211 -45.97 -112.97 -36.79
N GLY C 212 -45.67 -113.29 -38.05
CA GLY C 212 -46.67 -113.28 -39.09
C GLY C 212 -46.79 -112.03 -39.95
N VAL C 213 -45.89 -111.06 -39.80
CA VAL C 213 -45.94 -109.89 -40.67
C VAL C 213 -45.17 -110.19 -41.94
N LEU C 214 -45.68 -109.69 -43.06
CA LEU C 214 -45.06 -109.93 -44.35
C LEU C 214 -44.14 -108.78 -44.73
N GLU C 215 -43.30 -109.02 -45.74
CA GLU C 215 -42.47 -107.95 -46.26
C GLU C 215 -43.27 -107.14 -47.26
N SER C 216 -44.49 -106.77 -46.89
CA SER C 216 -45.30 -105.81 -47.62
C SER C 216 -46.10 -104.94 -46.66
N ASP C 217 -45.86 -105.05 -45.36
CA ASP C 217 -46.52 -104.22 -44.36
C ASP C 217 -45.52 -103.57 -43.41
N ILE C 218 -44.30 -103.32 -43.88
CA ILE C 218 -43.24 -102.75 -43.03
C ILE C 218 -43.72 -101.45 -42.39
N GLY C 219 -44.03 -100.45 -43.20
CA GLY C 219 -44.77 -99.29 -42.73
C GLY C 219 -43.99 -98.02 -42.45
N VAL C 220 -42.66 -98.06 -42.45
CA VAL C 220 -41.84 -96.85 -42.30
C VAL C 220 -40.66 -96.94 -43.26
N LYS C 221 -40.54 -95.96 -44.15
CA LYS C 221 -39.42 -95.90 -45.08
C LYS C 221 -39.02 -94.45 -45.34
N PHE C 222 -37.72 -94.20 -45.48
CA PHE C 222 -37.19 -92.88 -45.82
C PHE C 222 -36.76 -92.88 -47.29
N ASP C 223 -37.30 -91.95 -48.08
CA ASP C 223 -37.09 -91.95 -49.52
C ASP C 223 -36.65 -90.55 -49.98
N THR C 224 -36.44 -90.42 -51.29
CA THR C 224 -36.08 -89.15 -51.90
C THR C 224 -36.88 -88.80 -53.16
N ARG C 225 -37.80 -89.66 -53.59
CA ARG C 225 -38.42 -89.51 -54.91
C ARG C 225 -39.68 -88.65 -54.86
N ASN C 226 -40.04 -88.14 -56.02
CA ASN C 226 -41.31 -87.42 -56.21
C ASN C 226 -42.29 -88.40 -56.85
N PHE C 227 -43.06 -89.08 -56.01
CA PHE C 227 -44.11 -89.94 -56.56
C PHE C 227 -45.16 -89.07 -57.23
N ARG C 228 -45.91 -89.68 -58.15
CA ARG C 228 -46.92 -89.04 -59.00
C ARG C 228 -46.34 -88.07 -60.03
N LEU C 229 -45.05 -88.20 -60.37
CA LEU C 229 -44.49 -87.34 -61.41
C LEU C 229 -45.14 -87.61 -62.77
N GLY C 230 -45.18 -88.87 -63.19
CA GLY C 230 -45.72 -89.21 -64.49
C GLY C 230 -47.22 -89.46 -64.49
N TRP C 231 -47.94 -88.81 -63.57
CA TRP C 231 -49.37 -89.00 -63.39
C TRP C 231 -50.14 -88.46 -64.58
N ASP C 232 -51.26 -89.12 -64.89
CA ASP C 232 -52.11 -88.74 -66.02
C ASP C 232 -53.46 -88.28 -65.52
N PRO C 233 -53.95 -87.11 -65.96
CA PRO C 233 -55.18 -86.57 -65.38
C PRO C 233 -56.44 -87.34 -65.77
N GLU C 234 -56.41 -88.17 -66.80
CA GLU C 234 -57.59 -88.93 -67.21
C GLU C 234 -57.62 -90.31 -66.55
N THR C 235 -56.57 -91.12 -66.77
CA THR C 235 -56.53 -92.45 -66.18
C THR C 235 -56.17 -92.43 -64.69
N LYS C 236 -55.58 -91.33 -64.20
CA LYS C 236 -55.22 -91.19 -62.79
C LYS C 236 -54.31 -92.31 -62.32
N LEU C 237 -53.37 -92.72 -63.17
CA LEU C 237 -52.37 -93.71 -62.81
C LEU C 237 -51.03 -93.29 -63.39
N ILE C 238 -49.95 -93.86 -62.85
CA ILE C 238 -48.61 -93.57 -63.31
C ILE C 238 -48.39 -94.35 -64.61
N MET C 239 -48.53 -93.68 -65.75
CA MET C 239 -48.53 -94.37 -67.03
C MET C 239 -47.27 -95.17 -67.33
N PRO C 240 -46.05 -94.68 -67.04
CA PRO C 240 -44.86 -95.48 -67.38
C PRO C 240 -44.79 -96.84 -66.69
N GLY C 241 -45.52 -97.05 -65.60
CA GLY C 241 -45.45 -98.28 -64.86
C GLY C 241 -44.36 -98.35 -63.82
N VAL C 242 -43.47 -97.36 -63.76
CA VAL C 242 -42.46 -97.24 -62.70
C VAL C 242 -42.40 -95.78 -62.28
N TYR C 243 -42.22 -95.55 -60.98
CA TYR C 243 -42.04 -94.19 -60.48
C TYR C 243 -40.71 -93.62 -60.97
N THR C 244 -40.70 -92.31 -61.21
CA THR C 244 -39.49 -91.65 -61.71
C THR C 244 -38.36 -91.79 -60.70
N TYR C 245 -37.20 -92.23 -61.19
CA TYR C 245 -36.08 -92.59 -60.32
C TYR C 245 -35.09 -91.42 -60.20
N GLU C 246 -35.59 -90.28 -59.72
CA GLU C 246 -34.79 -89.08 -59.53
C GLU C 246 -34.97 -88.55 -58.12
N ALA C 247 -33.92 -87.95 -57.56
CA ALA C 247 -33.93 -87.43 -56.21
C ALA C 247 -34.38 -85.98 -56.19
N PHE C 248 -35.32 -85.67 -55.31
CA PHE C 248 -35.86 -84.32 -55.17
C PHE C 248 -35.60 -83.72 -53.80
N HIS C 249 -35.96 -84.42 -52.72
CA HIS C 249 -35.86 -83.96 -51.34
C HIS C 249 -36.17 -85.16 -50.45
N PRO C 250 -35.49 -85.31 -49.31
CA PRO C 250 -35.79 -86.44 -48.42
C PRO C 250 -37.23 -86.44 -47.93
N ASP C 251 -37.78 -87.64 -47.77
CA ASP C 251 -39.21 -87.83 -47.59
C ASP C 251 -39.46 -88.98 -46.63
N ILE C 252 -40.67 -88.99 -46.06
CA ILE C 252 -41.12 -90.01 -45.12
C ILE C 252 -42.37 -90.67 -45.70
N VAL C 253 -42.37 -92.01 -45.76
CA VAL C 253 -43.48 -92.78 -46.31
C VAL C 253 -44.06 -93.68 -45.20
N LEU C 254 -45.38 -93.65 -45.04
CA LEU C 254 -46.04 -94.31 -43.92
C LEU C 254 -47.22 -95.15 -44.39
N LEU C 255 -47.50 -96.22 -43.62
CA LEU C 255 -48.67 -97.09 -43.68
C LEU C 255 -49.58 -96.79 -42.50
N PRO C 256 -50.86 -97.17 -42.56
CA PRO C 256 -51.78 -96.86 -41.46
C PRO C 256 -51.31 -97.47 -40.15
N GLY C 257 -51.48 -96.71 -39.07
CA GLY C 257 -51.08 -97.16 -37.75
C GLY C 257 -49.64 -96.86 -37.36
N CYS C 258 -48.84 -96.28 -38.24
CA CYS C 258 -47.41 -96.05 -37.98
C CYS C 258 -47.13 -94.56 -37.80
N GLY C 259 -45.89 -94.24 -37.47
CA GLY C 259 -45.48 -92.87 -37.28
C GLY C 259 -44.04 -92.80 -36.81
N VAL C 260 -43.50 -91.57 -36.82
CA VAL C 260 -42.15 -91.28 -36.34
C VAL C 260 -42.20 -90.11 -35.37
N ASP C 261 -41.25 -90.07 -34.45
CA ASP C 261 -41.21 -89.05 -33.41
C ASP C 261 -39.78 -88.54 -33.25
N PHE C 262 -39.59 -87.24 -33.44
CA PHE C 262 -38.27 -86.61 -33.40
C PHE C 262 -38.07 -85.72 -32.19
N THR C 263 -38.78 -85.98 -31.09
CA THR C 263 -38.70 -85.10 -29.93
C THR C 263 -37.30 -85.07 -29.34
N GLU C 264 -36.63 -86.22 -29.32
CA GLU C 264 -35.31 -86.32 -28.71
C GLU C 264 -34.25 -86.69 -29.75
N SER C 265 -34.27 -86.00 -30.89
CA SER C 265 -33.39 -86.34 -32.01
C SER C 265 -33.12 -85.10 -32.82
N ARG C 266 -31.93 -85.05 -33.42
CA ARG C 266 -31.55 -83.96 -34.31
C ARG C 266 -31.51 -84.39 -35.76
N LEU C 267 -32.02 -85.58 -36.09
CA LEU C 267 -32.00 -86.08 -37.45
C LEU C 267 -33.07 -85.43 -38.33
N SER C 268 -34.03 -84.71 -37.77
CA SER C 268 -34.97 -83.98 -38.60
C SER C 268 -34.32 -82.81 -39.34
N ASN C 269 -33.23 -82.25 -38.80
CA ASN C 269 -32.49 -81.21 -39.51
C ASN C 269 -31.80 -81.77 -40.75
N LEU C 270 -31.28 -82.99 -40.67
CA LEU C 270 -30.66 -83.62 -41.83
C LEU C 270 -31.68 -83.95 -42.90
N LEU C 271 -32.93 -84.21 -42.52
CA LEU C 271 -33.98 -84.52 -43.48
C LEU C 271 -34.56 -83.26 -44.12
N GLY C 272 -34.31 -82.09 -43.57
CA GLY C 272 -34.91 -80.89 -44.11
C GLY C 272 -36.39 -80.72 -43.82
N ILE C 273 -36.87 -81.19 -42.68
CA ILE C 273 -38.25 -81.03 -42.25
C ILE C 273 -38.24 -80.39 -40.88
N ARG C 274 -38.87 -79.22 -40.76
CA ARG C 274 -38.86 -78.45 -39.52
C ARG C 274 -40.25 -77.93 -39.20
N LYS C 275 -40.43 -77.49 -37.96
CA LYS C 275 -41.71 -76.96 -37.48
C LYS C 275 -41.76 -75.45 -37.64
N ARG C 276 -42.95 -74.95 -38.01
CA ARG C 276 -43.15 -73.51 -38.13
C ARG C 276 -43.20 -72.81 -36.77
N HIS C 277 -43.41 -73.55 -35.69
CA HIS C 277 -43.36 -73.03 -34.33
C HIS C 277 -42.28 -73.82 -33.59
N PRO C 278 -41.00 -73.45 -33.78
CA PRO C 278 -39.90 -74.31 -33.31
C PRO C 278 -39.71 -74.30 -31.81
N PHE C 279 -40.36 -73.42 -31.07
CA PHE C 279 -40.21 -73.38 -29.62
C PHE C 279 -41.28 -74.19 -28.88
N GLN C 280 -42.19 -74.84 -29.60
CA GLN C 280 -43.19 -75.71 -28.97
C GLN C 280 -42.64 -77.13 -28.90
N GLU C 281 -42.63 -77.71 -27.69
CA GLU C 281 -42.03 -79.02 -27.51
C GLU C 281 -42.84 -80.11 -28.19
N GLY C 282 -42.14 -81.11 -28.71
CA GLY C 282 -42.78 -82.25 -29.34
C GLY C 282 -42.84 -82.19 -30.85
N PHE C 283 -42.41 -83.27 -31.51
CA PHE C 283 -42.40 -83.34 -32.98
C PHE C 283 -42.75 -84.77 -33.38
N LYS C 284 -44.02 -85.01 -33.67
CA LYS C 284 -44.51 -86.31 -34.08
C LYS C 284 -45.29 -86.19 -35.39
N ILE C 285 -45.08 -87.14 -36.29
CA ILE C 285 -45.77 -87.19 -37.57
C ILE C 285 -46.39 -88.59 -37.71
N MET C 286 -47.71 -88.66 -37.73
CA MET C 286 -48.45 -89.91 -37.80
C MET C 286 -49.16 -90.03 -39.14
N TYR C 287 -49.69 -91.23 -39.40
CA TYR C 287 -50.37 -91.48 -40.67
C TYR C 287 -51.59 -90.60 -40.85
N GLU C 288 -52.27 -90.24 -39.76
CA GLU C 288 -53.45 -89.40 -39.87
C GLU C 288 -53.13 -87.94 -40.20
N ASP C 289 -51.88 -87.52 -40.03
CA ASP C 289 -51.50 -86.14 -40.33
C ASP C 289 -51.12 -85.92 -41.79
N LEU C 290 -50.98 -86.99 -42.57
CA LEU C 290 -50.54 -86.90 -43.96
C LEU C 290 -51.70 -86.98 -44.95
N GLU C 291 -52.85 -86.41 -44.60
CA GLU C 291 -54.03 -86.49 -45.46
C GLU C 291 -53.76 -85.83 -46.81
N GLY C 292 -54.25 -86.45 -47.88
CA GLY C 292 -54.04 -85.96 -49.22
C GLY C 292 -52.74 -86.40 -49.87
N GLY C 293 -51.93 -87.19 -49.18
CA GLY C 293 -50.64 -87.58 -49.71
C GLY C 293 -50.52 -89.02 -50.14
N ASN C 294 -51.64 -89.66 -50.47
CA ASN C 294 -51.60 -91.05 -50.91
C ASN C 294 -50.84 -91.18 -52.22
N ILE C 295 -50.02 -92.22 -52.31
CA ILE C 295 -49.20 -92.47 -53.49
C ILE C 295 -50.04 -93.14 -54.57
N PRO C 296 -50.15 -92.56 -55.76
CA PRO C 296 -50.98 -93.17 -56.80
C PRO C 296 -50.45 -94.53 -57.21
N ALA C 297 -51.38 -95.44 -57.51
CA ALA C 297 -51.03 -96.81 -57.86
C ALA C 297 -50.48 -96.90 -59.28
N LEU C 298 -49.68 -97.93 -59.52
CA LEU C 298 -49.16 -98.30 -60.83
C LEU C 298 -48.71 -97.12 -61.67
N ILE C 364 -56.21 -101.02 -68.86
CA ILE C 364 -56.34 -99.89 -67.94
C ILE C 364 -56.72 -100.38 -66.54
N GLN C 365 -55.78 -101.06 -65.88
CA GLN C 365 -56.00 -101.53 -64.51
C GLN C 365 -54.71 -101.38 -63.73
N PRO C 366 -54.78 -101.08 -62.44
CA PRO C 366 -53.55 -100.95 -61.64
C PRO C 366 -52.89 -102.30 -61.41
N LEU C 367 -51.56 -102.28 -61.33
CA LEU C 367 -50.83 -103.48 -60.91
C LEU C 367 -51.05 -103.71 -59.43
N GLU C 368 -51.36 -104.95 -59.06
CA GLU C 368 -51.71 -105.26 -57.69
C GLU C 368 -50.62 -106.00 -56.92
N LYS C 369 -49.56 -106.44 -57.58
CA LYS C 369 -48.52 -107.20 -56.90
C LYS C 369 -47.21 -107.02 -57.64
N ASP C 370 -46.12 -107.38 -56.97
CA ASP C 370 -44.77 -107.20 -57.50
C ASP C 370 -44.32 -108.47 -58.22
N SER C 371 -43.06 -108.47 -58.67
CA SER C 371 -42.55 -109.62 -59.43
C SER C 371 -42.52 -110.88 -58.59
N LYS C 372 -42.11 -110.78 -57.33
CA LYS C 372 -42.01 -111.93 -56.44
C LYS C 372 -43.24 -112.10 -55.57
N SER C 373 -44.40 -111.68 -56.06
CA SER C 373 -45.68 -111.80 -55.35
C SER C 373 -45.64 -111.10 -54.00
N ARG C 374 -45.47 -109.78 -54.06
CA ARG C 374 -45.60 -108.92 -52.89
C ARG C 374 -46.73 -107.92 -53.15
N SER C 375 -47.62 -107.78 -52.18
CA SER C 375 -48.75 -106.88 -52.34
C SER C 375 -48.30 -105.43 -52.37
N TYR C 376 -48.84 -104.66 -53.31
CA TYR C 376 -48.64 -103.22 -53.33
C TYR C 376 -49.66 -102.47 -52.47
N ASN C 377 -50.56 -103.19 -51.79
CA ASN C 377 -51.56 -102.59 -50.89
C ASN C 377 -52.49 -101.64 -51.63
N VAL C 378 -52.92 -102.04 -52.83
CA VAL C 378 -53.87 -101.23 -53.58
C VAL C 378 -55.23 -101.26 -52.88
N LEU C 379 -55.95 -100.15 -52.96
CA LEU C 379 -57.21 -99.96 -52.26
C LEU C 379 -58.39 -100.04 -53.23
N GLU C 380 -59.58 -99.76 -52.71
CA GLU C 380 -60.75 -99.66 -53.56
C GLU C 380 -60.64 -98.42 -54.45
N ASP C 381 -61.42 -98.42 -55.53
CA ASP C 381 -61.43 -97.41 -56.59
C ASP C 381 -60.21 -97.57 -57.49
N LYS C 382 -59.28 -98.44 -57.12
CA LYS C 382 -58.22 -98.91 -58.01
C LYS C 382 -57.42 -97.78 -58.63
N ILE C 383 -57.19 -96.70 -57.86
CA ILE C 383 -56.34 -95.60 -58.29
C ILE C 383 -55.23 -95.31 -57.29
N ASN C 384 -55.54 -95.27 -56.00
CA ASN C 384 -54.58 -94.89 -54.97
C ASN C 384 -54.18 -96.09 -54.12
N THR C 385 -53.05 -95.94 -53.46
CA THR C 385 -52.46 -96.95 -52.60
C THR C 385 -52.48 -96.48 -51.16
N ALA C 386 -52.42 -97.44 -50.23
CA ALA C 386 -52.47 -97.11 -48.80
C ALA C 386 -51.25 -96.30 -48.33
N TYR C 387 -50.15 -96.33 -49.06
CA TYR C 387 -48.97 -95.58 -48.65
C TYR C 387 -49.22 -94.08 -48.74
N ARG C 388 -48.74 -93.33 -47.75
CA ARG C 388 -48.77 -91.88 -47.76
C ARG C 388 -47.36 -91.33 -47.57
N SER C 389 -47.11 -90.14 -48.11
CA SER C 389 -45.79 -89.54 -48.02
C SER C 389 -45.90 -88.06 -47.65
N TRP C 390 -44.92 -87.59 -46.87
CA TRP C 390 -44.90 -86.20 -46.42
C TRP C 390 -44.78 -85.24 -47.59
N TYR C 391 -43.94 -85.56 -48.58
CA TYR C 391 -43.70 -84.63 -49.67
C TYR C 391 -44.94 -84.43 -50.53
N LEU C 392 -45.67 -85.51 -50.82
CA LEU C 392 -46.88 -85.38 -51.61
C LEU C 392 -47.93 -84.56 -50.87
N SER C 393 -48.07 -84.77 -49.56
CA SER C 393 -49.04 -84.01 -48.79
C SER C 393 -48.65 -82.54 -48.68
N TYR C 394 -47.35 -82.26 -48.56
CA TYR C 394 -46.89 -80.87 -48.47
C TYR C 394 -47.15 -80.11 -49.76
N ASN C 395 -46.92 -80.74 -50.91
CA ASN C 395 -46.98 -80.03 -52.18
C ASN C 395 -48.33 -80.13 -52.87
N TYR C 396 -49.09 -81.21 -52.68
CA TYR C 396 -50.34 -81.40 -53.41
C TYR C 396 -51.58 -81.45 -52.53
N GLY C 397 -51.43 -81.55 -51.22
CA GLY C 397 -52.57 -81.63 -50.33
C GLY C 397 -53.20 -80.27 -50.09
N ASN C 398 -54.09 -80.23 -49.10
CA ASN C 398 -54.82 -79.01 -48.77
C ASN C 398 -53.88 -78.02 -48.09
N PRO C 399 -53.72 -76.80 -48.63
CA PRO C 399 -52.78 -75.85 -48.03
C PRO C 399 -53.10 -75.45 -46.60
N GLU C 400 -54.37 -75.44 -46.21
CA GLU C 400 -54.77 -74.91 -44.91
C GLU C 400 -55.17 -75.99 -43.92
N LYS C 401 -55.08 -77.26 -44.28
CA LYS C 401 -55.43 -78.34 -43.37
C LYS C 401 -54.41 -79.48 -43.33
N GLY C 402 -53.58 -79.65 -44.35
CA GLY C 402 -52.62 -80.72 -44.39
C GLY C 402 -51.37 -80.41 -43.59
N ILE C 403 -50.33 -81.21 -43.84
CA ILE C 403 -49.07 -81.08 -43.12
C ILE C 403 -48.38 -79.75 -43.40
N ARG C 404 -48.74 -79.08 -44.50
CA ARG C 404 -48.12 -77.81 -44.86
C ARG C 404 -48.48 -76.67 -43.91
N SER C 405 -49.54 -76.82 -43.11
CA SER C 405 -49.96 -75.73 -42.25
C SER C 405 -49.08 -75.58 -41.01
N TRP C 406 -48.35 -76.62 -40.61
CA TRP C 406 -47.50 -76.52 -39.42
C TRP C 406 -46.10 -77.10 -39.60
N THR C 407 -45.70 -77.50 -40.81
CA THR C 407 -44.32 -77.89 -41.07
C THR C 407 -43.77 -77.07 -42.23
N LEU C 408 -42.45 -77.09 -42.37
CA LEU C 408 -41.74 -76.28 -43.34
C LEU C 408 -40.66 -77.11 -44.03
N LEU C 409 -40.51 -76.91 -45.33
CA LEU C 409 -39.51 -77.62 -46.13
C LEU C 409 -38.25 -76.77 -46.26
N THR C 410 -37.10 -77.35 -45.91
CA THR C 410 -35.83 -76.64 -45.90
C THR C 410 -34.75 -77.49 -46.58
N THR C 411 -33.62 -76.86 -46.89
CA THR C 411 -32.48 -77.60 -47.42
C THR C 411 -31.87 -78.52 -46.37
N SER C 412 -31.40 -79.69 -46.82
CA SER C 412 -30.80 -80.65 -45.91
C SER C 412 -29.50 -80.10 -45.31
N ASP C 413 -29.34 -80.29 -44.01
CA ASP C 413 -28.16 -79.82 -43.28
C ASP C 413 -27.41 -81.02 -42.70
N VAL C 414 -26.29 -81.38 -43.33
CA VAL C 414 -25.57 -82.60 -42.98
C VAL C 414 -24.95 -82.53 -41.60
N THR C 415 -24.56 -81.34 -41.12
CA THR C 415 -23.99 -81.24 -39.79
C THR C 415 -25.02 -81.46 -38.68
N CYS C 416 -26.30 -81.53 -39.04
CA CYS C 416 -27.43 -81.67 -38.12
C CYS C 416 -27.66 -80.43 -37.25
N GLY C 417 -27.09 -79.29 -37.64
CA GLY C 417 -27.36 -78.05 -36.94
C GLY C 417 -26.33 -77.74 -35.87
N VAL C 418 -25.43 -76.82 -36.16
CA VAL C 418 -24.39 -76.47 -35.21
C VAL C 418 -24.89 -75.32 -34.34
N GLU C 419 -24.46 -75.30 -33.09
CA GLU C 419 -24.78 -74.22 -32.17
C GLU C 419 -23.49 -73.57 -31.70
N GLN C 420 -23.61 -72.67 -30.72
CA GLN C 420 -22.50 -71.83 -30.27
C GLN C 420 -21.68 -72.52 -29.19
N VAL C 421 -20.50 -71.96 -28.93
CA VAL C 421 -19.62 -72.36 -27.83
C VAL C 421 -19.22 -71.13 -27.03
N TYR C 422 -18.91 -71.34 -25.75
CA TYR C 422 -18.58 -70.26 -24.82
C TYR C 422 -17.20 -70.49 -24.21
N TRP C 423 -16.43 -69.40 -24.07
CA TRP C 423 -15.12 -69.39 -23.42
C TRP C 423 -15.22 -68.83 -22.00
N SER C 424 -14.46 -69.42 -21.07
CA SER C 424 -14.35 -68.93 -19.70
C SER C 424 -12.89 -68.85 -19.26
N LEU C 425 -12.52 -67.74 -18.61
CA LEU C 425 -11.20 -67.57 -18.01
C LEU C 425 -11.37 -66.97 -16.60
N PRO C 426 -11.85 -67.78 -15.64
CA PRO C 426 -12.29 -67.18 -14.36
C PRO C 426 -11.17 -66.59 -13.50
N ASP C 427 -9.91 -66.99 -13.68
CA ASP C 427 -8.83 -66.44 -12.88
C ASP C 427 -8.13 -65.25 -13.53
N MET C 428 -8.55 -64.82 -14.71
CA MET C 428 -7.88 -63.73 -15.41
C MET C 428 -8.77 -62.52 -15.63
N MET C 429 -9.99 -62.72 -16.12
CA MET C 429 -10.91 -61.63 -16.44
C MET C 429 -11.89 -61.39 -15.31
N GLN C 430 -12.37 -60.15 -15.22
CA GLN C 430 -13.49 -59.84 -14.33
C GLN C 430 -14.80 -60.40 -14.90
N ASP C 431 -15.72 -60.73 -14.01
CA ASP C 431 -17.01 -61.27 -14.43
C ASP C 431 -17.82 -60.21 -15.15
N PRO C 432 -18.37 -60.49 -16.34
CA PRO C 432 -19.27 -59.54 -16.99
C PRO C 432 -20.57 -59.36 -16.22
N VAL C 433 -21.28 -58.28 -16.57
CA VAL C 433 -22.40 -57.79 -15.76
C VAL C 433 -23.51 -58.84 -15.65
N THR C 434 -24.04 -59.00 -14.44
CA THR C 434 -25.09 -59.89 -13.95
C THR C 434 -24.63 -61.35 -13.73
N PHE C 435 -23.41 -61.73 -14.09
CA PHE C 435 -22.91 -63.07 -13.76
C PHE C 435 -22.45 -63.15 -12.31
N ARG C 436 -22.77 -64.25 -11.64
CA ARG C 436 -22.30 -64.50 -10.27
C ARG C 436 -20.95 -65.20 -10.26
N SER C 437 -20.13 -64.87 -9.27
CA SER C 437 -18.88 -65.57 -9.04
C SER C 437 -19.15 -66.94 -8.40
N THR C 438 -18.47 -67.97 -8.91
CA THR C 438 -18.74 -69.33 -8.46
C THR C 438 -17.57 -70.23 -8.82
N ARG C 439 -17.59 -71.44 -8.26
CA ARG C 439 -16.62 -72.47 -8.61
C ARG C 439 -17.27 -73.71 -9.23
N GLN C 440 -18.52 -73.61 -9.67
CA GLN C 440 -19.18 -74.70 -10.37
C GLN C 440 -18.92 -74.57 -11.87
N VAL C 441 -18.46 -75.65 -12.49
CA VAL C 441 -17.98 -75.59 -13.87
C VAL C 441 -19.12 -75.25 -14.83
N SER C 442 -20.29 -75.83 -14.62
CA SER C 442 -21.41 -75.51 -15.50
C SER C 442 -21.99 -74.11 -15.27
N ASN C 443 -21.39 -73.24 -14.45
CA ASN C 443 -21.93 -71.90 -14.27
C ASN C 443 -20.83 -70.83 -14.26
N TYR C 444 -19.69 -71.09 -14.87
CA TYR C 444 -18.64 -70.08 -14.98
C TYR C 444 -19.14 -68.88 -15.79
N PRO C 445 -18.70 -67.67 -15.45
CA PRO C 445 -19.01 -66.51 -16.29
C PRO C 445 -18.39 -66.63 -17.68
N VAL C 446 -19.09 -66.07 -18.67
CA VAL C 446 -18.75 -66.26 -20.08
C VAL C 446 -18.03 -65.03 -20.60
N VAL C 447 -16.87 -65.24 -21.24
CA VAL C 447 -16.02 -64.16 -21.71
C VAL C 447 -16.03 -64.00 -23.23
N GLY C 448 -16.57 -64.97 -23.98
CA GLY C 448 -16.67 -64.85 -25.42
C GLY C 448 -17.51 -65.98 -26.00
N ALA C 449 -17.96 -65.78 -27.23
CA ALA C 449 -18.83 -66.74 -27.91
C ALA C 449 -18.53 -66.78 -29.40
N GLU C 450 -18.77 -67.93 -30.01
CA GLU C 450 -18.59 -68.14 -31.45
C GLU C 450 -19.29 -69.45 -31.81
N LEU C 451 -19.31 -69.75 -33.11
CA LEU C 451 -19.88 -71.01 -33.57
C LEU C 451 -18.91 -72.16 -33.38
N MET C 452 -19.44 -73.32 -33.02
CA MET C 452 -18.66 -74.54 -33.06
C MET C 452 -18.19 -74.78 -34.49
N PRO C 453 -16.89 -74.94 -34.75
CA PRO C 453 -16.35 -74.77 -36.11
C PRO C 453 -16.47 -76.01 -36.99
N VAL C 454 -17.71 -76.34 -37.37
CA VAL C 454 -18.00 -77.47 -38.23
C VAL C 454 -18.90 -76.97 -39.35
N PHE C 455 -18.56 -77.29 -40.60
CA PHE C 455 -19.22 -76.72 -41.76
C PHE C 455 -19.54 -77.78 -42.80
N SER C 456 -20.52 -77.48 -43.65
CA SER C 456 -20.92 -78.33 -44.76
C SER C 456 -20.19 -77.94 -46.03
N LYS C 457 -19.85 -78.96 -46.84
CA LYS C 457 -19.22 -78.75 -48.15
C LYS C 457 -19.95 -79.56 -49.21
N SER C 458 -20.09 -78.97 -50.40
CA SER C 458 -20.86 -79.58 -51.49
C SER C 458 -19.96 -80.15 -52.58
N PHE C 459 -20.42 -81.25 -53.18
CA PHE C 459 -19.75 -81.87 -54.32
C PHE C 459 -20.79 -82.24 -55.36
N TYR C 460 -20.34 -82.41 -56.60
CA TYR C 460 -21.21 -82.75 -57.72
C TYR C 460 -20.92 -84.18 -58.17
N ASN C 461 -21.96 -84.99 -58.29
CA ASN C 461 -21.82 -86.38 -58.71
C ASN C 461 -22.89 -86.79 -59.71
N HIS C 478 -26.07 -107.06 -51.47
CA HIS C 478 -26.43 -105.67 -51.15
C HIS C 478 -27.34 -105.61 -49.93
N VAL C 479 -26.74 -105.30 -48.78
CA VAL C 479 -27.51 -105.15 -47.55
C VAL C 479 -28.40 -103.92 -47.60
N PHE C 480 -28.06 -102.93 -48.43
CA PHE C 480 -28.85 -101.71 -48.56
C PHE C 480 -29.90 -101.78 -49.66
N ASN C 481 -30.10 -102.96 -50.26
CA ASN C 481 -31.17 -103.15 -51.25
C ASN C 481 -31.64 -104.61 -51.10
N ARG C 482 -32.64 -104.81 -50.24
CA ARG C 482 -33.16 -106.13 -49.95
C ARG C 482 -34.43 -106.46 -50.71
N PHE C 483 -35.05 -105.48 -51.36
CA PHE C 483 -36.26 -105.68 -52.15
C PHE C 483 -36.06 -105.02 -53.50
N PRO C 484 -35.16 -105.55 -54.33
CA PRO C 484 -34.86 -104.90 -55.61
C PRO C 484 -36.08 -104.79 -56.52
N GLU C 485 -36.99 -105.75 -56.46
CA GLU C 485 -38.13 -105.75 -57.38
C GLU C 485 -39.20 -104.72 -57.00
N ASN C 486 -39.40 -104.49 -55.70
CA ASN C 486 -40.54 -103.71 -55.24
C ASN C 486 -40.32 -102.23 -55.52
N GLN C 487 -41.26 -101.62 -56.24
CA GLN C 487 -41.12 -100.22 -56.62
C GLN C 487 -41.21 -99.27 -55.43
N ILE C 488 -41.84 -99.69 -54.33
CA ILE C 488 -41.93 -98.84 -53.16
C ILE C 488 -40.72 -99.01 -52.25
N LEU C 489 -40.21 -100.23 -52.14
CA LEU C 489 -39.12 -100.57 -51.24
C LEU C 489 -37.75 -100.59 -51.91
N ILE C 490 -37.67 -100.11 -53.16
CA ILE C 490 -36.38 -100.03 -53.82
C ILE C 490 -35.49 -99.00 -53.11
N ARG C 491 -34.18 -99.19 -53.25
CA ARG C 491 -33.21 -98.27 -52.64
C ARG C 491 -33.32 -96.89 -53.28
N PRO C 492 -33.40 -95.83 -52.48
CA PRO C 492 -33.67 -94.50 -53.05
C PRO C 492 -32.53 -94.07 -53.96
N PRO C 493 -32.84 -93.32 -55.01
CA PRO C 493 -31.78 -92.74 -55.84
C PRO C 493 -30.97 -91.69 -55.07
N ALA C 494 -29.70 -91.57 -55.45
CA ALA C 494 -28.78 -90.63 -54.82
C ALA C 494 -28.89 -89.24 -55.46
N PRO C 495 -28.80 -88.18 -54.67
CA PRO C 495 -28.86 -86.83 -55.24
C PRO C 495 -27.65 -86.53 -56.09
N THR C 496 -27.84 -85.63 -57.06
CA THR C 496 -26.72 -85.14 -57.85
C THR C 496 -25.84 -84.15 -57.06
N ILE C 497 -26.29 -83.69 -55.90
CA ILE C 497 -25.50 -82.85 -55.01
C ILE C 497 -25.30 -83.58 -53.69
N THR C 498 -24.06 -83.84 -53.32
CA THR C 498 -23.71 -84.51 -52.08
C THR C 498 -23.02 -83.54 -51.12
N THR C 499 -23.39 -83.59 -49.85
CA THR C 499 -22.82 -82.72 -48.82
C THR C 499 -22.19 -83.56 -47.70
N VAL C 500 -21.03 -83.12 -47.23
CA VAL C 500 -20.32 -83.75 -46.11
C VAL C 500 -19.85 -82.65 -45.17
N SER C 501 -19.64 -83.03 -43.90
CA SER C 501 -19.27 -82.07 -42.86
C SER C 501 -17.77 -82.09 -42.60
N GLU C 502 -17.21 -80.92 -42.32
CA GLU C 502 -15.77 -80.73 -42.16
C GLU C 502 -15.47 -79.91 -40.90
N ASN C 503 -14.28 -80.15 -40.34
CA ASN C 503 -13.76 -79.38 -39.23
C ASN C 503 -12.71 -78.40 -39.75
N VAL C 504 -12.89 -77.11 -39.48
CA VAL C 504 -12.01 -76.06 -39.97
C VAL C 504 -11.48 -75.27 -38.78
N PRO C 505 -10.17 -75.08 -38.66
CA PRO C 505 -9.64 -74.32 -37.52
C PRO C 505 -10.16 -72.88 -37.49
N ALA C 506 -10.46 -72.41 -36.29
CA ALA C 506 -11.13 -71.13 -36.08
C ALA C 506 -10.20 -70.16 -35.36
N LEU C 507 -10.01 -68.97 -35.95
CA LEU C 507 -9.16 -67.93 -35.42
C LEU C 507 -10.04 -66.71 -35.15
N THR C 508 -10.14 -66.31 -33.88
CA THR C 508 -11.17 -65.37 -33.46
C THR C 508 -10.58 -64.24 -32.61
N ASP C 509 -11.01 -63.02 -32.90
CA ASP C 509 -10.70 -61.85 -32.08
C ASP C 509 -11.94 -61.49 -31.26
N HIS C 510 -11.82 -61.54 -29.94
CA HIS C 510 -12.94 -61.31 -29.04
C HIS C 510 -12.99 -59.89 -28.47
N GLY C 511 -12.09 -59.00 -28.87
CA GLY C 511 -12.07 -57.65 -28.34
C GLY C 511 -11.41 -57.54 -26.97
N THR C 512 -11.62 -56.39 -26.33
CA THR C 512 -10.98 -56.04 -25.07
C THR C 512 -11.94 -56.23 -23.90
N LEU C 513 -11.46 -56.87 -22.84
CA LEU C 513 -12.23 -57.10 -21.61
C LEU C 513 -11.45 -56.65 -20.39
N PRO C 514 -12.15 -56.19 -19.34
CA PRO C 514 -11.44 -55.75 -18.12
C PRO C 514 -10.70 -56.88 -17.44
N LEU C 515 -9.51 -56.56 -16.94
CA LEU C 515 -8.53 -57.51 -16.43
C LEU C 515 -8.37 -57.33 -14.92
N ARG C 516 -8.14 -58.43 -14.22
CA ARG C 516 -7.84 -58.34 -12.78
C ARG C 516 -6.45 -57.77 -12.55
N SER C 517 -6.31 -57.02 -11.45
CA SER C 517 -5.05 -56.34 -11.16
C SER C 517 -3.95 -57.29 -10.71
N SER C 518 -4.29 -58.43 -10.13
CA SER C 518 -3.30 -59.41 -9.69
C SER C 518 -3.65 -60.76 -10.31
N ILE C 519 -2.69 -61.34 -11.00
CA ILE C 519 -2.89 -62.57 -11.78
C ILE C 519 -2.02 -63.66 -11.17
N ARG C 520 -2.64 -64.77 -10.78
CA ARG C 520 -1.91 -65.91 -10.25
C ARG C 520 -1.22 -66.69 -11.35
N GLY C 521 -0.19 -67.47 -10.94
CA GLY C 521 0.64 -68.18 -11.89
C GLY C 521 -0.02 -69.35 -12.58
N VAL C 522 -1.07 -69.93 -11.98
CA VAL C 522 -1.79 -71.06 -12.57
C VAL C 522 -3.20 -70.59 -12.93
N GLN C 523 -3.62 -70.89 -14.15
CA GLN C 523 -4.87 -70.39 -14.72
C GLN C 523 -5.73 -71.53 -15.25
N ARG C 524 -7.04 -71.37 -15.16
CA ARG C 524 -8.01 -72.34 -15.67
C ARG C 524 -8.60 -71.87 -16.99
N VAL C 525 -8.73 -72.79 -17.95
CA VAL C 525 -9.29 -72.54 -19.27
C VAL C 525 -10.42 -73.53 -19.51
N THR C 526 -11.59 -73.02 -19.92
CA THR C 526 -12.77 -73.86 -20.10
C THR C 526 -13.54 -73.49 -21.37
N VAL C 527 -14.04 -74.50 -22.07
CA VAL C 527 -14.89 -74.35 -23.26
C VAL C 527 -16.14 -75.21 -23.07
N THR C 528 -17.32 -74.60 -23.16
CA THR C 528 -18.59 -75.32 -22.97
C THR C 528 -19.58 -74.98 -24.09
N ASP C 529 -20.58 -75.86 -24.25
CA ASP C 529 -21.59 -75.74 -25.29
C ASP C 529 -22.81 -74.96 -24.77
N ALA C 530 -23.89 -74.98 -25.55
CA ALA C 530 -25.07 -74.18 -25.22
C ALA C 530 -25.76 -74.66 -23.95
N ARG C 531 -25.70 -75.96 -23.66
CA ARG C 531 -26.25 -76.51 -22.43
C ARG C 531 -25.25 -76.50 -21.29
N ARG C 532 -24.10 -75.86 -21.49
CA ARG C 532 -23.03 -75.71 -20.49
C ARG C 532 -22.40 -77.06 -20.11
N ARG C 533 -22.23 -77.94 -21.08
CA ARG C 533 -21.40 -79.12 -20.94
C ARG C 533 -20.07 -78.89 -21.65
N THR C 534 -19.00 -79.51 -21.14
CA THR C 534 -17.75 -79.49 -21.86
C THR C 534 -17.85 -80.35 -23.11
N CYS C 535 -17.04 -80.03 -24.12
CA CYS C 535 -17.09 -80.73 -25.40
C CYS C 535 -15.91 -81.66 -25.55
N PRO C 536 -16.12 -82.98 -25.61
CA PRO C 536 -15.01 -83.92 -25.74
C PRO C 536 -14.33 -83.91 -27.11
N TYR C 537 -14.81 -83.16 -28.09
CA TYR C 537 -14.21 -83.17 -29.42
C TYR C 537 -13.27 -82.00 -29.66
N VAL C 538 -12.99 -81.17 -28.67
CA VAL C 538 -11.92 -80.18 -28.77
C VAL C 538 -10.60 -80.87 -28.50
N TYR C 539 -9.61 -80.69 -29.39
CA TYR C 539 -8.29 -81.22 -29.12
C TYR C 539 -7.16 -80.20 -29.26
N LYS C 540 -7.48 -78.93 -29.47
CA LYS C 540 -6.46 -77.87 -29.48
C LYS C 540 -7.14 -76.56 -29.16
N ALA C 541 -6.64 -75.86 -28.13
CA ALA C 541 -7.18 -74.58 -27.71
C ALA C 541 -6.07 -73.73 -27.14
N LEU C 542 -5.89 -72.52 -27.69
CA LEU C 542 -4.86 -71.59 -27.24
C LEU C 542 -5.46 -70.20 -27.05
N GLY C 543 -4.89 -69.45 -26.12
CA GLY C 543 -5.28 -68.07 -25.91
C GLY C 543 -4.06 -67.16 -25.80
N ILE C 544 -4.23 -65.94 -26.31
CA ILE C 544 -3.21 -64.91 -26.26
C ILE C 544 -3.86 -63.62 -25.80
N VAL C 545 -3.32 -63.00 -24.74
CA VAL C 545 -3.88 -61.79 -24.15
C VAL C 545 -2.85 -60.68 -24.22
N ALA C 546 -3.30 -59.48 -24.59
CA ALA C 546 -2.44 -58.30 -24.66
C ALA C 546 -2.95 -57.19 -23.74
N PRO C 547 -2.40 -57.03 -22.55
CA PRO C 547 -2.90 -56.00 -21.62
C PRO C 547 -2.57 -54.57 -22.06
N ARG C 548 -3.42 -53.64 -21.64
CA ARG C 548 -3.17 -52.21 -21.83
C ARG C 548 -4.04 -51.42 -20.85
N VAL C 549 -3.68 -50.15 -20.66
CA VAL C 549 -4.36 -49.27 -19.71
C VAL C 549 -5.68 -48.77 -20.31
N LEU C 550 -6.75 -48.83 -19.53
CA LEU C 550 -8.06 -48.33 -19.93
C LEU C 550 -8.39 -46.96 -19.32
N SER C 551 -8.23 -46.81 -18.01
CA SER C 551 -8.53 -45.53 -17.37
C SER C 551 -7.73 -45.41 -16.08
N SER C 552 -7.78 -44.22 -15.49
CA SER C 552 -7.03 -43.91 -14.29
C SER C 552 -7.81 -44.31 -13.04
N ARG C 553 -7.07 -44.61 -11.98
CA ARG C 553 -7.60 -44.92 -10.65
C ARG C 553 -8.41 -46.19 -10.60
N ARG D 48 37.59 -0.95 27.85
CA ARG D 48 38.57 -2.03 27.76
C ARG D 48 39.98 -1.56 28.09
N ASN D 49 40.12 -0.70 29.10
CA ASN D 49 41.43 -0.14 29.42
C ASN D 49 41.69 -0.07 30.93
N SER D 50 41.02 -0.90 31.73
CA SER D 50 41.18 -0.83 33.17
C SER D 50 42.36 -1.70 33.64
N ILE D 51 42.89 -1.36 34.82
CA ILE D 51 44.01 -2.05 35.43
C ILE D 51 43.63 -2.37 36.87
N ARG D 52 43.71 -3.65 37.25
CA ARG D 52 43.15 -4.14 38.50
C ARG D 52 44.18 -4.89 39.33
N TYR D 53 44.08 -4.76 40.65
CA TYR D 53 44.96 -5.41 41.60
C TYR D 53 44.13 -6.39 42.43
N SER D 54 44.62 -7.63 42.56
CA SER D 54 43.79 -8.73 43.05
C SER D 54 43.36 -8.57 44.50
N GLU D 55 43.99 -7.68 45.27
CA GLU D 55 43.59 -7.49 46.66
C GLU D 55 42.52 -6.43 46.85
N LEU D 56 42.02 -5.82 45.78
CA LEU D 56 41.02 -4.75 45.88
C LEU D 56 39.76 -5.14 45.13
N SER D 57 38.60 -4.75 45.67
CA SER D 57 37.30 -5.05 45.06
C SER D 57 36.27 -4.05 45.56
N PRO D 58 35.30 -3.65 44.72
CA PRO D 58 34.30 -2.67 45.15
C PRO D 58 33.14 -3.30 45.92
N LEU D 59 32.41 -2.46 46.66
CA LEU D 59 31.38 -2.89 47.60
C LEU D 59 29.98 -2.57 47.12
N TYR D 60 29.03 -3.47 47.42
CA TYR D 60 27.65 -3.33 47.01
C TYR D 60 26.67 -3.81 48.09
N ASP D 61 25.49 -3.20 48.09
CA ASP D 61 24.22 -3.61 48.71
C ASP D 61 24.09 -3.51 50.23
N THR D 62 25.18 -3.54 50.99
CA THR D 62 25.13 -3.48 52.46
C THR D 62 26.54 -3.58 53.02
N THR D 63 26.70 -3.12 54.25
CA THR D 63 27.99 -3.10 54.94
C THR D 63 27.72 -2.82 56.43
N ARG D 64 28.77 -2.55 57.19
CA ARG D 64 28.64 -2.17 58.61
C ARG D 64 29.41 -0.89 58.89
N LEU D 65 28.87 -0.06 59.79
CA LEU D 65 29.55 1.10 60.34
C LEU D 65 29.59 0.96 61.86
N TYR D 66 30.75 1.20 62.47
CA TYR D 66 30.95 0.99 63.90
C TYR D 66 31.20 2.32 64.61
N LEU D 67 30.47 2.57 65.69
CA LEU D 67 30.57 3.78 66.50
C LEU D 67 31.06 3.37 67.90
N VAL D 68 32.35 3.54 68.15
CA VAL D 68 33.02 2.96 69.30
C VAL D 68 33.65 4.07 70.13
N ASP D 69 33.51 3.98 71.45
CA ASP D 69 33.85 5.07 72.35
C ASP D 69 35.25 5.00 72.94
N ASN D 70 36.06 3.99 72.60
CA ASN D 70 37.37 3.84 73.25
C ASN D 70 38.47 3.49 72.24
N LYS D 71 38.47 4.15 71.09
CA LYS D 71 39.59 4.02 70.17
C LYS D 71 40.80 4.77 70.72
N SER D 72 41.99 4.19 70.56
CA SER D 72 43.18 4.72 71.23
C SER D 72 43.54 6.13 70.75
N ALA D 73 43.50 6.34 69.44
CA ALA D 73 43.88 7.64 68.89
C ALA D 73 42.82 8.71 69.11
N ASP D 74 41.54 8.33 69.11
CA ASP D 74 40.47 9.30 69.35
C ASP D 74 40.47 9.81 70.78
N ILE D 75 40.95 8.99 71.72
CA ILE D 75 41.01 9.42 73.12
C ILE D 75 41.94 10.61 73.28
N ALA D 76 43.10 10.55 72.63
CA ALA D 76 44.12 11.57 72.85
C ALA D 76 43.78 12.89 72.18
N SER D 77 43.24 12.86 70.95
CA SER D 77 43.14 14.05 70.14
C SER D 77 41.73 14.60 69.95
N LEU D 78 40.71 13.90 70.42
CA LEU D 78 39.35 14.39 70.18
C LEU D 78 38.56 14.69 71.44
N ASN D 79 38.69 13.87 72.49
CA ASN D 79 37.72 13.82 73.56
C ASN D 79 38.30 14.23 74.90
N TYR D 80 39.14 15.25 74.91
CA TYR D 80 39.84 15.63 76.14
C TYR D 80 38.88 16.16 77.20
N GLN D 81 37.84 16.88 76.80
CA GLN D 81 36.89 17.48 77.73
C GLN D 81 35.52 16.78 77.74
N ASN D 82 35.41 15.58 77.18
CA ASN D 82 34.14 14.89 77.01
C ASN D 82 33.99 13.75 78.00
N ASP D 83 32.82 13.10 77.98
CA ASP D 83 32.59 11.87 78.73
C ASP D 83 31.77 10.91 77.86
N HIS D 84 31.48 9.72 78.40
CA HIS D 84 30.86 8.67 77.61
C HIS D 84 29.41 8.96 77.23
N SER D 85 28.79 9.99 77.82
CA SER D 85 27.46 10.39 77.42
C SER D 85 27.44 11.34 76.23
N ASN D 86 28.58 11.95 75.88
CA ASN D 86 28.63 12.93 74.78
C ASN D 86 30.07 13.00 74.27
N PHE D 87 30.35 12.33 73.15
CA PHE D 87 31.73 12.20 72.69
C PHE D 87 31.78 12.19 71.16
N LEU D 88 33.00 12.24 70.63
CA LEU D 88 33.27 12.16 69.20
C LEU D 88 34.03 10.88 68.87
N THR D 89 33.78 10.34 67.68
CA THR D 89 34.46 9.13 67.24
C THR D 89 34.61 9.15 65.73
N THR D 90 35.54 8.34 65.24
CA THR D 90 35.80 8.23 63.81
C THR D 90 35.21 6.93 63.26
N VAL D 91 34.47 7.04 62.16
CA VAL D 91 33.95 5.85 61.49
C VAL D 91 34.90 5.30 60.43
N VAL D 92 36.00 5.99 60.16
CA VAL D 92 37.04 5.49 59.25
C VAL D 92 37.95 4.57 60.05
N GLN D 93 38.07 3.31 59.60
CA GLN D 93 38.83 2.27 60.31
C GLN D 93 40.17 1.97 59.63
N ASN D 94 40.85 2.99 59.10
CA ASN D 94 42.08 2.83 58.32
C ASN D 94 43.19 3.61 59.03
N ASN D 95 44.16 2.89 59.57
CA ASN D 95 45.19 3.52 60.41
C ASN D 95 46.32 4.18 59.61
N ASP D 96 46.18 4.31 58.29
CA ASP D 96 47.09 5.14 57.52
C ASP D 96 46.88 6.63 57.79
N PHE D 97 45.82 7.00 58.50
CA PHE D 97 45.47 8.40 58.74
C PHE D 97 45.20 8.63 60.22
N THR D 98 45.49 9.84 60.68
CA THR D 98 45.10 10.27 62.02
C THR D 98 43.64 10.69 62.02
N PRO D 99 43.01 10.74 63.21
CA PRO D 99 41.61 11.18 63.25
C PRO D 99 41.38 12.58 62.70
N THR D 100 42.33 13.49 62.89
CA THR D 100 42.21 14.83 62.31
C THR D 100 42.15 14.77 60.78
N GLU D 101 43.03 13.98 60.18
CA GLU D 101 42.99 13.80 58.73
C GLU D 101 41.71 13.11 58.30
N ALA D 102 41.24 12.13 59.09
CA ALA D 102 40.03 11.39 58.73
C ALA D 102 38.79 12.28 58.73
N SER D 103 38.81 13.38 59.50
CA SER D 103 37.61 14.20 59.63
C SER D 103 37.18 14.81 58.31
N THR D 104 38.09 15.01 57.37
CA THR D 104 37.74 15.57 56.08
C THR D 104 37.33 14.54 55.03
N GLN D 105 37.49 13.25 55.31
CA GLN D 105 37.12 12.21 54.36
C GLN D 105 35.62 11.91 54.46
N THR D 106 35.10 11.23 53.43
CA THR D 106 33.67 10.91 53.39
C THR D 106 33.46 9.47 52.92
N ILE D 107 32.27 8.95 53.25
CA ILE D 107 31.75 7.69 52.72
C ILE D 107 30.47 8.03 51.97
N ASN D 108 30.35 7.56 50.74
CA ASN D 108 29.28 7.99 49.85
C ASN D 108 28.42 6.80 49.41
N PHE D 109 27.12 6.90 49.66
CA PHE D 109 26.13 5.92 49.23
C PHE D 109 25.45 6.43 47.97
N ASP D 110 25.25 5.55 46.99
CA ASP D 110 24.89 5.97 45.63
C ASP D 110 23.68 6.90 45.64
N GLU D 111 23.83 8.06 45.01
CA GLU D 111 22.83 9.12 45.08
C GLU D 111 21.58 8.81 44.26
N ARG D 112 21.58 7.77 43.44
CA ARG D 112 20.39 7.37 42.71
C ARG D 112 19.44 6.51 43.55
N SER D 113 19.74 6.28 44.82
CA SER D 113 18.85 5.57 45.74
C SER D 113 18.72 6.36 47.02
N ARG D 114 17.64 6.10 47.75
CA ARG D 114 17.48 6.56 49.12
C ARG D 114 17.82 5.42 50.06
N TRP D 115 18.63 5.69 51.08
CA TRP D 115 19.19 4.67 51.94
C TRP D 115 18.64 4.77 53.37
N GLY D 116 18.55 3.62 54.03
CA GLY D 116 18.20 3.57 55.43
C GLY D 116 19.20 2.75 56.21
N GLY D 117 19.19 2.93 57.52
CA GLY D 117 20.12 2.23 58.39
C GLY D 117 19.48 1.60 59.61
N GLN D 118 19.68 0.30 59.78
CA GLN D 118 19.19 -0.41 60.96
C GLN D 118 20.18 -0.23 62.11
N LEU D 119 19.69 0.22 63.26
CA LEU D 119 20.52 0.63 64.37
C LEU D 119 20.38 -0.30 65.57
N LYS D 120 21.49 -0.78 66.11
CA LYS D 120 21.55 -1.54 67.35
C LYS D 120 22.51 -0.87 68.31
N THR D 121 22.16 -0.83 69.59
CA THR D 121 22.98 -0.17 70.59
C THR D 121 23.25 -1.09 71.78
N ILE D 122 24.35 -0.80 72.47
CA ILE D 122 24.73 -1.47 73.71
C ILE D 122 25.10 -0.39 74.73
N MET D 123 24.50 -0.47 75.92
CA MET D 123 24.70 0.54 76.95
C MET D 123 24.86 -0.11 78.33
N HIS D 124 25.73 0.46 79.16
CA HIS D 124 25.92 0.00 80.53
C HIS D 124 26.12 1.20 81.47
N THR D 125 25.51 1.14 82.64
CA THR D 125 25.50 2.24 83.60
C THR D 125 25.99 1.78 84.97
N ASN D 126 26.33 2.74 85.82
CA ASN D 126 26.74 2.46 87.20
C ASN D 126 26.13 3.48 88.18
N MET D 127 24.82 3.74 88.05
CA MET D 127 24.13 4.74 88.87
C MET D 127 23.79 4.18 90.27
N PRO D 128 24.12 4.89 91.34
CA PRO D 128 23.59 4.54 92.67
C PRO D 128 22.22 5.18 92.91
N ASN D 129 21.45 4.55 93.80
CA ASN D 129 20.05 4.94 93.93
C ASN D 129 19.84 6.23 94.73
N VAL D 130 20.76 6.61 95.60
CA VAL D 130 20.66 7.86 96.36
C VAL D 130 21.79 8.77 95.90
N ASN D 131 21.45 9.83 95.17
CA ASN D 131 22.45 10.73 94.62
C ASN D 131 21.84 12.10 94.37
N GLU D 132 22.72 13.09 94.21
CA GLU D 132 22.28 14.48 94.06
C GLU D 132 21.73 14.79 92.68
N TYR D 133 22.30 14.18 91.63
CA TYR D 133 21.94 14.55 90.27
C TYR D 133 20.49 14.22 89.96
N MET D 134 19.93 13.18 90.57
CA MET D 134 18.58 12.72 90.29
C MET D 134 17.57 13.16 91.35
N PHE D 135 17.96 14.05 92.26
CA PHE D 135 17.06 14.63 93.26
C PHE D 135 16.51 13.59 94.23
N SER D 136 17.26 12.51 94.48
CA SER D 136 16.91 11.53 95.49
C SER D 136 17.74 11.69 96.76
N ASN D 137 18.23 12.91 96.99
CA ASN D 137 19.20 13.19 98.04
C ASN D 137 18.63 14.04 99.17
N LYS D 138 17.44 14.61 99.02
CA LYS D 138 16.99 15.67 99.91
C LYS D 138 15.47 15.68 100.01
N PHE D 139 14.99 16.27 101.11
CA PHE D 139 13.57 16.51 101.33
C PHE D 139 13.45 17.66 102.33
N LYS D 140 12.22 18.17 102.49
CA LYS D 140 11.94 19.28 103.39
C LYS D 140 10.93 18.87 104.45
N ALA D 141 11.07 19.45 105.65
CA ALA D 141 10.17 19.14 106.76
C ALA D 141 10.11 20.34 107.71
N ARG D 142 9.07 20.36 108.53
CA ARG D 142 8.83 21.41 109.51
C ARG D 142 8.87 20.82 110.91
N VAL D 143 9.80 21.29 111.74
CA VAL D 143 10.01 20.76 113.08
C VAL D 143 9.98 21.91 114.07
N MET D 144 10.06 21.56 115.36
CA MET D 144 9.99 22.54 116.45
C MET D 144 11.38 23.03 116.82
N VAL D 145 11.55 24.35 116.87
CA VAL D 145 12.84 24.94 117.15
C VAL D 145 12.95 25.46 118.59
N SER D 146 11.85 25.88 119.20
CA SER D 146 11.90 26.43 120.55
C SER D 146 10.61 26.10 121.30
N ARG D 147 10.76 25.61 122.53
CA ARG D 147 9.68 25.63 123.49
C ARG D 147 9.77 26.95 124.27
N LYS D 148 9.02 27.07 125.35
CA LYS D 148 9.07 28.30 126.15
C LYS D 148 10.41 28.45 126.86
N ASP D 171 3.11 27.72 127.70
CA ASP D 171 4.24 27.49 126.83
C ASP D 171 3.94 27.92 125.40
N ILE D 172 4.90 28.62 124.78
CA ILE D 172 4.80 29.06 123.39
C ILE D 172 5.78 28.25 122.56
N LEU D 173 5.30 27.69 121.45
CA LEU D 173 6.06 26.77 120.62
C LEU D 173 6.31 27.41 119.26
N LYS D 174 7.55 27.30 118.76
CA LYS D 174 7.94 27.86 117.48
C LYS D 174 8.40 26.74 116.55
N TYR D 175 8.02 26.86 115.27
CA TYR D 175 8.35 25.87 114.26
C TYR D 175 8.97 26.56 113.06
N GLU D 176 9.72 25.79 112.27
CA GLU D 176 10.40 26.33 111.10
C GLU D 176 10.65 25.22 110.08
N TRP D 177 10.77 25.62 108.82
CA TRP D 177 11.07 24.71 107.71
C TRP D 177 12.58 24.61 107.50
N PHE D 178 13.03 23.41 107.15
CA PHE D 178 14.42 23.14 106.82
C PHE D 178 14.50 22.18 105.64
N GLU D 179 15.67 22.12 105.02
CA GLU D 179 15.97 21.13 103.99
C GLU D 179 17.05 20.19 104.52
N PHE D 180 16.80 18.89 104.38
CA PHE D 180 17.67 17.85 104.94
C PHE D 180 18.40 17.12 103.82
N ILE D 181 19.65 16.75 104.06
CA ILE D 181 20.52 16.15 103.06
C ILE D 181 21.05 14.81 103.58
N LEU D 182 20.98 13.78 102.73
CA LEU D 182 21.51 12.43 102.96
C LEU D 182 22.85 12.26 102.25
N PRO D 183 23.73 11.39 102.74
CA PRO D 183 24.95 11.08 101.98
C PRO D 183 24.68 10.07 100.88
N GLU D 184 25.52 10.12 99.84
CA GLU D 184 25.27 9.37 98.62
C GLU D 184 25.77 7.93 98.71
N GLY D 185 25.11 7.04 97.98
CA GLY D 185 25.43 5.63 97.99
C GLY D 185 24.28 4.82 97.43
N ASN D 186 24.48 3.51 97.43
CA ASN D 186 23.50 2.56 96.92
C ASN D 186 22.97 1.73 98.09
N PHE D 187 21.76 2.04 98.54
CA PHE D 187 21.22 1.51 99.78
C PHE D 187 19.90 0.79 99.55
N SER D 188 19.58 -0.14 100.44
CA SER D 188 18.27 -0.76 100.45
C SER D 188 17.23 0.21 101.01
N ALA D 189 15.96 -0.17 100.89
CA ALA D 189 14.88 0.72 101.32
C ALA D 189 14.89 0.92 102.83
N THR D 190 15.12 -0.15 103.61
CA THR D 190 15.17 -0.01 105.06
C THR D 190 16.33 0.88 105.49
N MET D 191 17.51 0.69 104.89
CA MET D 191 18.66 1.51 105.22
C MET D 191 18.44 2.97 104.86
N THR D 192 17.70 3.23 103.77
CA THR D 192 17.39 4.60 103.40
C THR D 192 16.51 5.29 104.45
N ILE D 193 15.53 4.57 104.98
CA ILE D 193 14.64 5.13 105.99
C ILE D 193 15.39 5.43 107.27
N ASP D 194 16.39 4.62 107.63
CA ASP D 194 17.22 4.94 108.78
C ASP D 194 17.97 6.25 108.59
N LEU D 195 18.47 6.50 107.38
CA LEU D 195 19.21 7.73 107.13
C LEU D 195 18.32 8.96 107.21
N MET D 196 17.05 8.84 106.80
CA MET D 196 16.13 9.97 106.90
C MET D 196 15.81 10.31 108.36
N ASN D 197 15.62 9.29 109.20
CA ASN D 197 15.42 9.54 110.63
C ASN D 197 16.66 10.18 111.24
N ASN D 198 17.84 9.70 110.86
CA ASN D 198 19.09 10.25 111.39
C ASN D 198 19.27 11.71 111.02
N ALA D 199 18.81 12.12 109.84
CA ALA D 199 18.89 13.52 109.45
C ALA D 199 18.02 14.41 110.33
N ILE D 200 16.82 13.93 110.68
CA ILE D 200 15.93 14.69 111.55
C ILE D 200 16.58 14.90 112.92
N ILE D 201 17.16 13.83 113.46
CA ILE D 201 17.71 13.90 114.81
C ILE D 201 18.93 14.81 114.88
N ASP D 202 19.77 14.83 113.84
CA ASP D 202 20.92 15.73 113.82
C ASP D 202 20.51 17.20 113.84
N ASN D 203 19.31 17.51 113.35
CA ASN D 203 18.77 18.86 113.48
C ASN D 203 18.33 19.15 114.92
N TYR D 204 17.85 18.13 115.63
CA TYR D 204 17.43 18.33 117.02
C TYR D 204 18.63 18.43 117.95
N LEU D 205 19.81 17.98 117.54
CA LEU D 205 20.99 18.10 118.37
C LEU D 205 21.76 19.39 118.14
N GLU D 206 21.61 20.02 116.97
CA GLU D 206 22.28 21.26 116.65
C GLU D 206 21.46 22.49 117.00
N ILE D 207 20.16 22.43 116.76
CA ILE D 207 19.18 23.42 117.18
C ILE D 207 18.25 22.65 118.11
N GLY D 208 17.21 23.28 118.63
CA GLY D 208 16.27 22.47 119.35
C GLY D 208 16.72 22.20 120.77
N ARG D 209 17.37 21.03 120.98
CA ARG D 209 17.80 20.58 122.30
C ARG D 209 18.36 21.70 123.18
N GLN D 210 19.20 22.56 122.60
CA GLN D 210 19.77 23.67 123.36
C GLN D 210 18.79 24.82 123.55
N ASN D 211 17.57 24.73 123.03
CA ASN D 211 16.57 25.77 123.19
C ASN D 211 15.31 25.25 123.88
N GLY D 212 15.42 24.18 124.64
CA GLY D 212 14.36 23.77 125.52
C GLY D 212 13.39 22.72 125.03
N VAL D 213 13.61 22.13 123.86
CA VAL D 213 12.73 21.06 123.39
C VAL D 213 13.21 19.74 123.98
N LEU D 214 12.26 18.89 124.32
CA LEU D 214 12.58 17.61 124.94
C LEU D 214 12.60 16.51 123.88
N GLU D 215 13.17 15.37 124.26
CA GLU D 215 13.13 14.21 123.36
C GLU D 215 11.80 13.49 123.53
N SER D 216 10.71 14.26 123.51
CA SER D 216 9.37 13.71 123.44
C SER D 216 8.48 14.60 122.58
N ASP D 217 9.04 15.61 121.92
CA ASP D 217 8.30 16.49 121.03
C ASP D 217 8.99 16.62 119.66
N ILE D 218 9.72 15.59 119.24
CA ILE D 218 10.47 15.64 117.98
C ILE D 218 9.53 15.98 116.82
N GLY D 219 8.55 15.13 116.57
CA GLY D 219 7.45 15.51 115.70
C GLY D 219 7.45 14.99 114.28
N VAL D 220 8.54 14.38 113.81
CA VAL D 220 8.58 13.76 112.49
C VAL D 220 9.34 12.45 112.60
N LYS D 221 8.70 11.34 112.22
CA LYS D 221 9.35 10.04 112.21
C LYS D 221 8.82 9.19 111.07
N PHE D 222 9.69 8.40 110.46
CA PHE D 222 9.33 7.46 109.40
C PHE D 222 9.32 6.04 109.97
N ASP D 223 8.19 5.35 109.85
CA ASP D 223 8.01 4.04 110.47
C ASP D 223 7.51 3.03 109.46
N THR D 224 7.28 1.79 109.93
CA THR D 224 6.73 0.73 109.10
C THR D 224 5.61 -0.06 109.75
N ARG D 225 5.22 0.27 110.99
CA ARG D 225 4.33 -0.58 111.76
C ARG D 225 2.86 -0.24 111.53
N ASN D 226 2.00 -1.20 111.85
CA ASN D 226 0.55 -0.99 111.86
C ASN D 226 0.14 -0.78 113.31
N PHE D 227 0.08 0.48 113.73
CA PHE D 227 -0.42 0.78 115.04
C PHE D 227 -1.90 0.43 115.11
N ARG D 228 -2.40 0.20 116.32
CA ARG D 228 -3.77 -0.24 116.62
C ARG D 228 -4.07 -1.67 116.16
N LEU D 229 -3.05 -2.50 115.96
CA LEU D 229 -3.30 -3.89 115.59
C LEU D 229 -4.01 -4.65 116.72
N GLY D 230 -3.46 -4.58 117.93
CA GLY D 230 -4.04 -5.30 119.04
C GLY D 230 -5.11 -4.54 119.80
N TRP D 231 -5.81 -3.66 119.10
CA TRP D 231 -6.81 -2.79 119.70
C TRP D 231 -8.02 -3.59 120.17
N ASP D 232 -8.64 -3.14 121.25
CA ASP D 232 -9.80 -3.80 121.84
C ASP D 232 -11.02 -2.91 121.74
N PRO D 233 -12.14 -3.42 121.24
CA PRO D 233 -13.29 -2.54 120.99
C PRO D 233 -13.99 -2.04 122.24
N GLU D 234 -13.75 -2.66 123.40
CA GLU D 234 -14.39 -2.22 124.64
C GLU D 234 -13.51 -1.23 125.41
N THR D 235 -12.29 -1.63 125.74
CA THR D 235 -11.39 -0.75 126.48
C THR D 235 -10.76 0.32 125.59
N LYS D 236 -10.75 0.12 124.27
CA LYS D 236 -10.20 1.07 123.31
C LYS D 236 -8.74 1.40 123.61
N LEU D 237 -7.98 0.40 124.00
CA LEU D 237 -6.55 0.54 124.22
C LEU D 237 -5.83 -0.69 123.68
N ILE D 238 -4.53 -0.56 123.45
CA ILE D 238 -3.71 -1.65 122.95
C ILE D 238 -3.43 -2.58 124.13
N MET D 239 -4.18 -3.68 124.22
CA MET D 239 -4.11 -4.53 125.40
C MET D 239 -2.73 -5.11 125.69
N PRO D 240 -1.95 -5.58 124.72
CA PRO D 240 -0.63 -6.16 125.07
C PRO D 240 0.32 -5.19 125.75
N GLY D 241 0.11 -3.88 125.64
CA GLY D 241 1.02 -2.92 126.22
C GLY D 241 2.18 -2.53 125.34
N VAL D 242 2.38 -3.19 124.20
CA VAL D 242 3.37 -2.80 123.21
C VAL D 242 2.74 -2.95 121.82
N TYR D 243 3.06 -2.02 120.94
CA TYR D 243 2.60 -2.11 119.56
C TYR D 243 3.24 -3.30 118.86
N THR D 244 2.49 -3.92 117.95
CA THR D 244 2.98 -5.08 117.23
C THR D 244 4.21 -4.73 116.41
N TYR D 245 5.27 -5.52 116.57
CA TYR D 245 6.57 -5.21 115.99
C TYR D 245 6.77 -5.92 114.64
N GLU D 246 5.87 -5.65 113.70
CA GLU D 246 5.90 -6.23 112.36
C GLU D 246 5.80 -5.13 111.31
N ALA D 247 6.47 -5.35 110.17
CA ALA D 247 6.51 -4.37 109.10
C ALA D 247 5.36 -4.61 108.13
N PHE D 248 4.65 -3.53 107.80
CA PHE D 248 3.51 -3.60 106.87
C PHE D 248 3.73 -2.76 105.62
N HIS D 249 4.08 -1.48 105.77
CA HIS D 249 4.24 -0.52 104.69
C HIS D 249 4.86 0.74 105.28
N PRO D 250 5.76 1.42 104.59
CA PRO D 250 6.35 2.64 105.13
C PRO D 250 5.31 3.72 105.42
N ASP D 251 5.55 4.48 106.49
CA ASP D 251 4.54 5.34 107.09
C ASP D 251 5.20 6.62 107.60
N ILE D 252 4.37 7.64 107.79
CA ILE D 252 4.78 8.96 108.28
C ILE D 252 4.00 9.25 109.56
N VAL D 253 4.70 9.61 110.62
CA VAL D 253 4.10 9.92 111.93
C VAL D 253 4.39 11.37 112.29
N LEU D 254 3.34 12.11 112.67
CA LEU D 254 3.43 13.55 112.88
C LEU D 254 2.83 13.97 114.23
N LEU D 255 3.37 15.05 114.78
CA LEU D 255 2.87 15.82 115.93
C LEU D 255 2.27 17.13 115.44
N PRO D 256 1.42 17.78 116.26
CA PRO D 256 0.78 19.02 115.80
C PRO D 256 1.81 20.09 115.45
N GLY D 257 1.53 20.83 114.39
CA GLY D 257 2.41 21.88 113.92
C GLY D 257 3.50 21.45 112.95
N CYS D 258 3.62 20.17 112.64
CA CYS D 258 4.70 19.66 111.80
C CYS D 258 4.16 19.23 110.44
N GLY D 259 5.08 18.83 109.56
CA GLY D 259 4.71 18.36 108.23
C GLY D 259 5.95 18.08 107.40
N VAL D 260 5.72 17.43 106.25
CA VAL D 260 6.76 17.12 105.28
C VAL D 260 6.31 17.60 103.91
N ASP D 261 7.29 17.91 103.05
CA ASP D 261 7.02 18.44 101.72
C ASP D 261 7.93 17.76 100.70
N PHE D 262 7.33 17.10 99.71
CA PHE D 262 8.07 16.34 98.71
C PHE D 262 8.04 16.98 97.33
N THR D 263 7.86 18.30 97.25
CA THR D 263 7.73 18.95 95.96
C THR D 263 9.00 18.80 95.11
N GLU D 264 10.16 18.86 95.75
CA GLU D 264 11.43 18.80 95.02
C GLU D 264 12.22 17.56 95.43
N SER D 265 11.57 16.41 95.48
CA SER D 265 12.18 15.19 95.96
C SER D 265 11.54 13.99 95.30
N ARG D 266 12.32 12.93 95.11
CA ARG D 266 11.82 11.68 94.56
C ARG D 266 11.73 10.58 95.61
N LEU D 267 11.90 10.92 96.89
CA LEU D 267 11.84 9.93 97.96
C LEU D 267 10.43 9.48 98.29
N SER D 268 9.40 10.17 97.80
CA SER D 268 8.04 9.68 98.01
C SER D 268 7.76 8.41 97.22
N ASN D 269 8.46 8.17 96.10
CA ASN D 269 8.32 6.92 95.37
C ASN D 269 8.88 5.75 96.16
N LEU D 270 9.98 5.95 96.87
CA LEU D 270 10.54 4.90 97.71
C LEU D 270 9.64 4.58 98.91
N LEU D 271 8.87 5.56 99.38
CA LEU D 271 7.95 5.33 100.48
C LEU D 271 6.65 4.68 100.06
N GLY D 272 6.35 4.66 98.76
CA GLY D 272 5.08 4.10 98.31
C GLY D 272 3.88 4.96 98.60
N ILE D 273 4.03 6.28 98.58
CA ILE D 273 2.93 7.22 98.76
C ILE D 273 2.92 8.16 97.56
N ARG D 274 1.81 8.20 96.83
CA ARG D 274 1.70 8.97 95.61
C ARG D 274 0.37 9.72 95.57
N LYS D 275 0.29 10.69 94.67
CA LYS D 275 -0.91 11.51 94.49
C LYS D 275 -1.82 10.94 93.42
N ARG D 276 -3.12 11.01 93.66
CA ARG D 276 -4.10 10.55 92.66
C ARG D 276 -4.19 11.49 91.47
N HIS D 277 -3.69 12.73 91.59
CA HIS D 277 -3.61 13.67 90.47
C HIS D 277 -2.13 14.03 90.32
N PRO D 278 -1.36 13.18 89.64
CA PRO D 278 0.11 13.34 89.67
C PRO D 278 0.63 14.49 88.84
N PHE D 279 -0.20 15.13 88.02
CA PHE D 279 0.25 16.26 87.21
C PHE D 279 0.01 17.61 87.87
N GLN D 280 -0.54 17.64 89.09
CA GLN D 280 -0.74 18.90 89.82
C GLN D 280 0.49 19.15 90.69
N GLU D 281 1.11 20.31 90.54
CA GLU D 281 2.35 20.61 91.24
C GLU D 281 2.12 20.75 92.74
N GLY D 282 3.10 20.30 93.52
CA GLY D 282 3.06 20.43 94.96
C GLY D 282 2.61 19.19 95.70
N PHE D 283 3.37 18.77 96.70
CA PHE D 283 3.07 17.57 97.48
C PHE D 283 3.46 17.84 98.94
N LYS D 284 2.50 18.26 99.74
CA LYS D 284 2.71 18.54 101.16
C LYS D 284 1.71 17.78 102.00
N ILE D 285 2.17 17.22 103.11
CA ILE D 285 1.32 16.50 104.06
C ILE D 285 1.55 17.09 105.45
N MET D 286 0.51 17.71 106.00
CA MET D 286 0.59 18.38 107.30
C MET D 286 -0.24 17.63 108.33
N TYR D 287 -0.09 18.02 109.60
CA TYR D 287 -0.80 17.36 110.68
C TYR D 287 -2.31 17.49 110.54
N GLU D 288 -2.79 18.59 109.97
CA GLU D 288 -4.22 18.79 109.80
C GLU D 288 -4.82 17.92 108.71
N ASP D 289 -4.01 17.35 107.83
CA ASP D 289 -4.52 16.50 106.76
C ASP D 289 -4.69 15.03 107.18
N LEU D 290 -4.18 14.65 108.35
CA LEU D 290 -4.22 13.27 108.81
C LEU D 290 -5.35 13.01 109.80
N GLU D 291 -6.50 13.65 109.62
CA GLU D 291 -7.60 13.49 110.55
C GLU D 291 -8.07 12.04 110.59
N GLY D 292 -8.38 11.57 111.80
CA GLY D 292 -8.81 10.20 112.01
C GLY D 292 -7.68 9.21 112.20
N GLY D 293 -6.43 9.65 112.17
CA GLY D 293 -5.31 8.74 112.24
C GLY D 293 -4.53 8.78 113.54
N ASN D 294 -5.17 9.22 114.63
CA ASN D 294 -4.49 9.27 115.91
C ASN D 294 -4.13 7.87 116.39
N ILE D 295 -2.92 7.74 116.94
CA ILE D 295 -2.41 6.46 117.41
C ILE D 295 -2.99 6.16 118.79
N PRO D 296 -3.68 5.04 118.96
CA PRO D 296 -4.27 4.73 120.28
C PRO D 296 -3.20 4.57 121.35
N ALA D 297 -3.53 5.03 122.55
CA ALA D 297 -2.59 5.01 123.67
C ALA D 297 -2.45 3.60 124.24
N LEU D 298 -1.30 3.36 124.86
CA LEU D 298 -1.00 2.15 125.62
C LEU D 298 -1.48 0.88 124.94
N ILE D 364 -7.14 -0.46 134.39
CA ILE D 364 -7.63 0.02 133.11
C ILE D 364 -7.34 1.51 132.93
N GLN D 365 -6.05 1.84 132.77
CA GLN D 365 -5.65 3.22 132.54
C GLN D 365 -4.49 3.24 131.55
N PRO D 366 -4.41 4.25 130.69
CA PRO D 366 -3.29 4.31 129.73
C PRO D 366 -1.98 4.62 130.43
N LEU D 367 -0.90 4.08 129.87
CA LEU D 367 0.44 4.45 130.32
C LEU D 367 0.75 5.86 129.85
N GLU D 368 1.26 6.69 130.74
CA GLU D 368 1.48 8.10 130.45
C GLU D 368 2.93 8.48 130.22
N LYS D 369 3.87 7.57 130.50
CA LYS D 369 5.29 7.89 130.36
C LYS D 369 6.07 6.62 130.10
N ASP D 370 7.30 6.79 129.63
CA ASP D 370 8.15 5.68 129.25
C ASP D 370 9.03 5.26 130.43
N SER D 371 9.95 4.32 130.19
CA SER D 371 10.79 3.81 131.27
C SER D 371 11.71 4.89 131.83
N LYS D 372 12.29 5.71 130.97
CA LYS D 372 13.20 6.77 131.38
C LYS D 372 12.50 8.12 131.54
N SER D 373 11.22 8.11 131.90
CA SER D 373 10.43 9.32 132.13
C SER D 373 10.41 10.20 130.88
N ARG D 374 9.82 9.67 129.81
CA ARG D 374 9.53 10.43 128.61
C ARG D 374 8.02 10.42 128.38
N SER D 375 7.46 11.59 128.13
CA SER D 375 6.03 11.70 127.93
C SER D 375 5.60 11.01 126.63
N TYR D 376 4.52 10.24 126.70
CA TYR D 376 3.88 9.68 125.52
C TYR D 376 2.89 10.63 124.88
N ASN D 377 2.71 11.84 125.43
CA ASN D 377 1.80 12.85 124.90
C ASN D 377 0.35 12.37 124.88
N VAL D 378 -0.07 11.69 125.96
CA VAL D 378 -1.46 11.25 126.06
C VAL D 378 -2.36 12.47 126.24
N LEU D 379 -3.56 12.39 125.68
CA LEU D 379 -4.52 13.49 125.66
C LEU D 379 -5.66 13.24 126.64
N GLU D 380 -6.64 14.13 126.62
CA GLU D 380 -7.85 13.93 127.40
C GLU D 380 -8.64 12.75 126.83
N ASP D 381 -9.54 12.22 127.66
CA ASP D 381 -10.34 11.03 127.40
C ASP D 381 -9.49 9.77 127.53
N LYS D 382 -8.17 9.92 127.66
CA LYS D 382 -7.27 8.84 128.08
C LYS D 382 -7.40 7.60 127.20
N ILE D 383 -7.61 7.80 125.90
CA ILE D 383 -7.63 6.71 124.93
C ILE D 383 -6.65 6.95 123.79
N ASN D 384 -6.62 8.15 123.22
CA ASN D 384 -5.80 8.44 122.07
C ASN D 384 -4.63 9.34 122.43
N THR D 385 -3.63 9.33 121.55
CA THR D 385 -2.40 10.09 121.69
C THR D 385 -2.33 11.15 120.60
N ALA D 386 -1.54 12.20 120.87
CA ALA D 386 -1.41 13.30 119.92
C ALA D 386 -0.75 12.89 118.60
N TYR D 387 -0.02 11.78 118.57
CA TYR D 387 0.63 11.34 117.34
C TYR D 387 -0.41 10.91 116.31
N ARG D 388 -0.19 11.30 115.05
CA ARG D 388 -1.01 10.85 113.93
C ARG D 388 -0.12 10.19 112.88
N SER D 389 -0.70 9.25 112.12
CA SER D 389 0.06 8.53 111.10
C SER D 389 -0.73 8.43 109.81
N TRP D 390 -0.01 8.49 108.69
CA TRP D 390 -0.64 8.42 107.38
C TRP D 390 -1.35 7.08 107.15
N TYR D 391 -0.73 5.99 107.59
CA TYR D 391 -1.30 4.67 107.32
C TYR D 391 -2.62 4.46 108.06
N LEU D 392 -2.69 4.90 109.31
CA LEU D 392 -3.93 4.76 110.06
C LEU D 392 -5.05 5.59 109.45
N SER D 393 -4.72 6.81 109.02
CA SER D 393 -5.73 7.66 108.40
C SER D 393 -6.18 7.11 107.05
N TYR D 394 -5.26 6.53 106.27
CA TYR D 394 -5.62 5.96 104.97
C TYR D 394 -6.55 4.77 105.12
N ASN D 395 -6.30 3.91 106.11
CA ASN D 395 -7.04 2.65 106.20
C ASN D 395 -8.25 2.72 107.14
N TYR D 396 -8.23 3.57 108.17
CA TYR D 396 -9.29 3.60 109.15
C TYR D 396 -10.06 4.91 109.22
N GLY D 397 -9.57 5.98 108.59
CA GLY D 397 -10.23 7.26 108.62
C GLY D 397 -11.42 7.32 107.69
N ASN D 398 -11.92 8.54 107.50
CA ASN D 398 -13.08 8.77 106.65
C ASN D 398 -12.71 8.60 105.19
N PRO D 399 -13.37 7.70 104.44
CA PRO D 399 -12.97 7.46 103.04
C PRO D 399 -13.10 8.67 102.15
N GLU D 400 -14.03 9.59 102.42
CA GLU D 400 -14.33 10.67 101.51
C GLU D 400 -13.84 12.03 102.00
N LYS D 401 -13.16 12.08 103.14
CA LYS D 401 -12.63 13.34 103.66
C LYS D 401 -11.19 13.26 104.15
N GLY D 402 -10.68 12.07 104.49
CA GLY D 402 -9.33 11.95 104.98
C GLY D 402 -8.30 11.94 103.86
N ILE D 403 -7.10 11.50 104.22
CA ILE D 403 -5.98 11.48 103.29
C ILE D 403 -6.21 10.51 102.14
N ARG D 404 -7.12 9.56 102.29
CA ARG D 404 -7.40 8.57 101.24
C ARG D 404 -8.08 9.18 100.02
N SER D 405 -8.65 10.37 100.13
CA SER D 405 -9.38 10.95 99.02
C SER D 405 -8.45 11.53 97.95
N TRP D 406 -7.20 11.85 98.28
CA TRP D 406 -6.29 12.41 97.29
C TRP D 406 -4.88 11.81 97.31
N THR D 407 -4.64 10.75 98.08
CA THR D 407 -3.39 10.01 98.00
C THR D 407 -3.67 8.54 97.73
N LEU D 408 -2.62 7.83 97.32
CA LEU D 408 -2.72 6.44 96.90
C LEU D 408 -1.58 5.64 97.48
N LEU D 409 -1.87 4.41 97.92
CA LEU D 409 -0.88 3.51 98.50
C LEU D 409 -0.35 2.57 97.43
N THR D 410 0.98 2.50 97.28
CA THR D 410 1.62 1.70 96.24
C THR D 410 2.78 0.93 96.84
N THR D 411 3.29 -0.05 96.07
CA THR D 411 4.47 -0.80 96.49
C THR D 411 5.71 0.09 96.46
N SER D 412 6.61 -0.13 97.41
CA SER D 412 7.85 0.65 97.49
C SER D 412 8.73 0.38 96.27
N ASP D 413 9.29 1.45 95.70
CA ASP D 413 10.15 1.37 94.53
C ASP D 413 11.54 1.88 94.91
N VAL D 414 12.49 0.95 95.07
CA VAL D 414 13.81 1.30 95.60
C VAL D 414 14.61 2.14 94.61
N THR D 415 14.39 1.99 93.30
CA THR D 415 15.12 2.81 92.34
C THR D 415 14.68 4.26 92.34
N CYS D 416 13.59 4.58 93.05
CA CYS D 416 12.98 5.91 93.13
C CYS D 416 12.34 6.35 91.83
N GLY D 417 12.09 5.42 90.90
CA GLY D 417 11.37 5.72 89.69
C GLY D 417 12.28 6.04 88.53
N VAL D 418 12.44 5.12 87.62
CA VAL D 418 13.31 5.32 86.48
C VAL D 418 12.50 5.91 85.33
N GLU D 419 13.14 6.74 84.53
CA GLU D 419 12.52 7.33 83.36
C GLU D 419 13.32 6.92 82.12
N GLN D 420 12.98 7.51 80.98
CA GLN D 420 13.52 7.11 79.70
C GLN D 420 14.82 7.86 79.37
N VAL D 421 15.53 7.36 78.36
CA VAL D 421 16.71 7.99 77.80
C VAL D 421 16.56 8.09 76.28
N TYR D 422 17.23 9.08 75.69
CA TYR D 422 17.15 9.37 74.26
C TYR D 422 18.52 9.31 73.61
N TRP D 423 18.59 8.74 72.41
CA TRP D 423 19.80 8.68 71.59
C TRP D 423 19.76 9.73 70.47
N SER D 424 20.91 10.34 70.19
CA SER D 424 21.06 11.27 69.07
C SER D 424 22.30 10.94 68.25
N LEU D 425 22.15 10.97 66.92
CA LEU D 425 23.28 10.82 65.98
C LEU D 425 23.15 11.87 64.89
N PRO D 426 23.42 13.14 65.22
CA PRO D 426 23.07 14.23 64.29
C PRO D 426 23.85 14.24 62.97
N ASP D 427 25.03 13.64 62.89
CA ASP D 427 25.81 13.63 61.66
C ASP D 427 25.57 12.41 60.79
N MET D 428 24.71 11.48 61.21
CA MET D 428 24.50 10.25 60.45
C MET D 428 23.07 10.11 59.95
N MET D 429 22.08 10.32 60.81
CA MET D 429 20.68 10.13 60.46
C MET D 429 20.02 11.46 60.08
N GLN D 430 18.99 11.37 59.24
CA GLN D 430 18.14 12.52 58.98
C GLN D 430 17.25 12.82 60.18
N ASP D 431 16.89 14.09 60.35
CA ASP D 431 16.05 14.49 61.47
C ASP D 431 14.64 13.93 61.30
N PRO D 432 14.07 13.29 62.32
CA PRO D 432 12.67 12.86 62.23
C PRO D 432 11.71 14.04 62.20
N VAL D 433 10.46 13.73 61.80
CA VAL D 433 9.50 14.77 61.43
C VAL D 433 9.20 15.69 62.61
N THR D 434 9.16 17.00 62.33
CA THR D 434 8.91 18.16 63.18
C THR D 434 10.12 18.59 64.03
N PHE D 435 11.23 17.86 64.05
CA PHE D 435 12.43 18.31 64.75
C PHE D 435 13.18 19.34 63.91
N ARG D 436 13.70 20.38 64.57
CA ARG D 436 14.53 21.39 63.91
C ARG D 436 16.01 20.99 63.93
N SER D 437 16.72 21.35 62.86
CA SER D 437 18.17 21.18 62.83
C SER D 437 18.84 22.26 63.68
N THR D 438 19.82 21.85 64.49
CA THR D 438 20.45 22.76 65.43
C THR D 438 21.80 22.20 65.87
N ARG D 439 22.57 23.06 66.54
CA ARG D 439 23.83 22.65 67.15
C ARG D 439 23.83 22.81 68.67
N GLN D 440 22.66 22.99 69.29
CA GLN D 440 22.55 23.05 70.74
C GLN D 440 22.33 21.64 71.29
N VAL D 441 23.14 21.25 72.27
CA VAL D 441 23.15 19.87 72.73
C VAL D 441 21.81 19.49 73.37
N SER D 442 21.24 20.37 74.16
CA SER D 442 19.95 20.05 74.78
C SER D 442 18.79 20.07 73.78
N ASN D 443 18.99 20.22 72.47
CA ASN D 443 17.87 20.20 71.53
C ASN D 443 18.19 19.37 70.28
N TYR D 444 19.10 18.41 70.36
CA TYR D 444 19.37 17.52 69.24
C TYR D 444 18.12 16.70 68.89
N PRO D 445 17.91 16.41 67.61
CA PRO D 445 16.82 15.49 67.23
C PRO D 445 17.04 14.09 67.79
N VAL D 446 15.95 13.41 68.12
CA VAL D 446 15.98 12.14 68.83
C VAL D 446 15.77 10.99 67.86
N VAL D 447 16.66 10.00 67.91
CA VAL D 447 16.64 8.88 66.98
C VAL D 447 16.19 7.57 67.63
N GLY D 448 16.11 7.50 68.95
CA GLY D 448 15.60 6.31 69.62
C GLY D 448 15.40 6.56 71.10
N ALA D 449 14.63 5.68 71.73
CA ALA D 449 14.29 5.81 73.14
C ALA D 449 14.19 4.44 73.81
N GLU D 450 14.48 4.41 75.10
CA GLU D 450 14.39 3.19 75.92
C GLU D 450 14.44 3.61 77.39
N LEU D 451 14.28 2.65 78.27
CA LEU D 451 14.39 2.92 79.71
C LEU D 451 15.85 2.98 80.14
N MET D 452 16.13 3.89 81.06
CA MET D 452 17.42 3.88 81.74
C MET D 452 17.57 2.54 82.47
N PRO D 453 18.64 1.79 82.23
CA PRO D 453 18.66 0.35 82.58
C PRO D 453 19.02 0.06 84.03
N VAL D 454 18.11 0.42 84.94
CA VAL D 454 18.27 0.18 86.38
C VAL D 454 17.01 -0.50 86.87
N PHE D 455 17.16 -1.59 87.62
CA PHE D 455 16.04 -2.43 88.00
C PHE D 455 16.11 -2.82 89.48
N SER D 456 14.95 -3.17 90.01
CA SER D 456 14.82 -3.63 91.39
C SER D 456 14.90 -5.16 91.46
N LYS D 457 15.51 -5.68 92.52
CA LYS D 457 15.59 -7.11 92.77
C LYS D 457 15.19 -7.42 94.21
N SER D 458 14.47 -8.52 94.40
CA SER D 458 13.91 -8.90 95.71
C SER D 458 14.69 -10.03 96.36
N PHE D 459 14.77 -9.98 97.68
CA PHE D 459 15.37 -11.03 98.49
C PHE D 459 14.48 -11.31 99.69
N TYR D 460 14.63 -12.50 100.27
CA TYR D 460 13.85 -12.92 101.42
C TYR D 460 14.75 -12.99 102.66
N ASN D 461 14.32 -12.35 103.73
CA ASN D 461 15.09 -12.34 104.98
C ASN D 461 14.20 -12.54 106.20
N HIS D 478 24.60 2.08 119.11
CA HIS D 478 23.64 2.08 118.01
C HIS D 478 23.17 3.49 117.69
N VAL D 479 23.76 4.08 116.64
CA VAL D 479 23.35 5.41 116.21
C VAL D 479 21.96 5.39 115.59
N PHE D 480 21.49 4.24 115.12
CA PHE D 480 20.16 4.12 114.52
C PHE D 480 19.10 3.70 115.53
N ASN D 481 19.43 3.65 116.82
CA ASN D 481 18.43 3.38 117.86
C ASN D 481 18.88 4.16 119.10
N ARG D 482 18.38 5.41 119.21
CA ARG D 482 18.75 6.32 120.29
C ARG D 482 17.72 6.36 121.40
N PHE D 483 16.54 5.80 121.19
CA PHE D 483 15.48 5.76 122.20
C PHE D 483 14.97 4.32 122.28
N PRO D 484 15.78 3.39 122.78
CA PRO D 484 15.35 1.99 122.80
C PRO D 484 14.10 1.76 123.62
N GLU D 485 13.89 2.53 124.68
CA GLU D 485 12.75 2.28 125.56
C GLU D 485 11.43 2.77 124.97
N ASN D 486 11.46 3.86 124.21
CA ASN D 486 10.23 4.54 123.81
C ASN D 486 9.52 3.73 122.71
N GLN D 487 8.27 3.37 122.94
CA GLN D 487 7.53 2.56 121.99
C GLN D 487 7.23 3.29 120.69
N ILE D 488 7.22 4.62 120.70
CA ILE D 488 6.97 5.38 119.48
C ILE D 488 8.26 5.64 118.72
N LEU D 489 9.36 5.88 119.43
CA LEU D 489 10.63 6.23 118.83
C LEU D 489 11.57 5.05 118.67
N ILE D 490 11.09 3.83 118.88
CA ILE D 490 11.92 2.66 118.67
C ILE D 490 12.26 2.52 117.18
N ARG D 491 13.38 1.86 116.90
CA ARG D 491 13.81 1.63 115.52
C ARG D 491 12.81 0.74 114.80
N PRO D 492 12.37 1.10 113.60
CA PRO D 492 11.31 0.34 112.95
C PRO D 492 11.77 -1.08 112.64
N PRO D 493 10.86 -2.04 112.69
CA PRO D 493 11.19 -3.40 112.25
C PRO D 493 11.46 -3.46 110.75
N ALA D 494 12.33 -4.39 110.36
CA ALA D 494 12.72 -4.59 108.97
C ALA D 494 11.73 -5.50 108.25
N PRO D 495 11.41 -5.22 106.98
CA PRO D 495 10.49 -6.08 106.25
C PRO D 495 11.10 -7.44 105.98
N THR D 496 10.23 -8.44 105.83
CA THR D 496 10.67 -9.76 105.42
C THR D 496 11.03 -9.82 103.93
N ILE D 497 10.71 -8.79 103.16
CA ILE D 497 11.11 -8.67 101.75
C ILE D 497 11.98 -7.43 101.59
N THR D 498 13.21 -7.62 101.14
CA THR D 498 14.15 -6.54 100.91
C THR D 498 14.40 -6.35 99.43
N THR D 499 14.45 -5.10 98.97
CA THR D 499 14.69 -4.79 97.57
C THR D 499 15.91 -3.88 97.43
N VAL D 500 16.72 -4.15 96.41
CA VAL D 500 17.91 -3.36 96.08
C VAL D 500 17.92 -3.12 94.57
N SER D 501 18.59 -2.05 94.15
CA SER D 501 18.62 -1.66 92.75
C SER D 501 19.91 -2.12 92.08
N GLU D 502 19.80 -2.52 90.80
CA GLU D 502 20.88 -3.10 90.03
C GLU D 502 21.00 -2.45 88.66
N ASN D 503 22.22 -2.44 88.12
CA ASN D 503 22.50 -2.00 86.76
C ASN D 503 22.68 -3.22 85.87
N VAL D 504 21.91 -3.31 84.79
CA VAL D 504 21.92 -4.45 83.89
C VAL D 504 22.20 -3.95 82.48
N PRO D 505 23.19 -4.51 81.78
CA PRO D 505 23.48 -4.03 80.41
C PRO D 505 22.30 -4.22 79.47
N ALA D 506 22.08 -3.23 78.61
CA ALA D 506 20.90 -3.16 77.76
C ALA D 506 21.30 -3.28 76.30
N LEU D 507 20.67 -4.22 75.60
CA LEU D 507 20.92 -4.50 74.19
C LEU D 507 19.61 -4.25 73.44
N THR D 508 19.62 -3.27 72.53
CA THR D 508 18.38 -2.75 71.96
C THR D 508 18.45 -2.67 70.45
N ASP D 509 17.37 -3.08 69.79
CA ASP D 509 17.18 -2.92 68.35
C ASP D 509 16.19 -1.78 68.12
N HIS D 510 16.64 -0.72 67.47
CA HIS D 510 15.83 0.48 67.26
C HIS D 510 15.15 0.53 65.88
N GLY D 511 15.30 -0.49 65.05
CA GLY D 511 14.71 -0.48 63.72
C GLY D 511 15.51 0.32 62.70
N THR D 512 14.88 0.59 61.57
CA THR D 512 15.51 1.24 60.43
C THR D 512 15.12 2.72 60.35
N LEU D 513 16.11 3.59 60.14
CA LEU D 513 15.91 5.02 60.00
C LEU D 513 16.58 5.54 58.74
N PRO D 514 16.02 6.59 58.12
CA PRO D 514 16.65 7.15 56.91
C PRO D 514 18.03 7.73 57.17
N LEU D 515 18.93 7.50 56.22
CA LEU D 515 20.36 7.77 56.35
C LEU D 515 20.75 8.89 55.39
N ARG D 516 21.70 9.73 55.81
CA ARG D 516 22.24 10.75 54.92
C ARG D 516 23.11 10.13 53.82
N SER D 517 23.09 10.74 52.64
CA SER D 517 23.80 10.18 51.48
C SER D 517 25.32 10.35 51.60
N SER D 518 25.79 11.36 52.33
CA SER D 518 27.22 11.57 52.50
C SER D 518 27.52 11.64 53.99
N ILE D 519 28.45 10.80 54.44
CA ILE D 519 28.77 10.63 55.86
C ILE D 519 30.21 11.08 56.08
N ARG D 520 30.40 12.02 56.98
CA ARG D 520 31.72 12.50 57.33
C ARG D 520 32.45 11.50 58.23
N GLY D 521 33.78 11.61 58.26
CA GLY D 521 34.62 10.67 58.97
C GLY D 521 34.56 10.77 60.47
N VAL D 522 34.16 11.92 61.02
CA VAL D 522 34.05 12.12 62.47
C VAL D 522 32.58 12.32 62.81
N GLN D 523 32.11 11.58 63.82
CA GLN D 523 30.69 11.53 64.17
C GLN D 523 30.49 11.84 65.66
N ARG D 524 29.36 12.46 65.97
CA ARG D 524 28.98 12.78 67.34
C ARG D 524 27.94 11.81 67.86
N VAL D 525 28.11 11.36 69.11
CA VAL D 525 27.21 10.44 69.78
C VAL D 525 26.76 11.06 71.10
N THR D 526 25.45 11.10 71.35
CA THR D 526 24.91 11.75 72.54
C THR D 526 23.79 10.93 73.16
N VAL D 527 23.76 10.89 74.50
CA VAL D 527 22.71 10.24 75.29
C VAL D 527 22.21 11.24 76.34
N THR D 528 20.91 11.52 76.35
CA THR D 528 20.32 12.48 77.29
C THR D 528 19.07 11.91 77.96
N ASP D 529 18.70 12.50 79.09
CA ASP D 529 17.57 12.06 79.89
C ASP D 529 16.30 12.81 79.50
N ALA D 530 15.25 12.67 80.30
CA ALA D 530 13.94 13.24 79.96
C ALA D 530 13.94 14.76 79.97
N ARG D 531 14.77 15.37 80.81
CA ARG D 531 14.92 16.82 80.83
C ARG D 531 16.00 17.31 79.87
N ARG D 532 16.54 16.40 79.05
CA ARG D 532 17.56 16.71 78.03
C ARG D 532 18.88 17.16 78.65
N ARG D 533 19.26 16.55 79.76
CA ARG D 533 20.61 16.65 80.30
C ARG D 533 21.38 15.37 79.97
N THR D 534 22.69 15.51 79.81
CA THR D 534 23.52 14.31 79.68
C THR D 534 23.61 13.59 81.02
N CYS D 535 23.84 12.29 80.95
CA CYS D 535 23.86 11.46 82.16
C CYS D 535 25.30 11.09 82.53
N PRO D 536 25.82 11.54 83.66
CA PRO D 536 27.19 11.21 84.05
C PRO D 536 27.41 9.76 84.47
N TYR D 537 26.38 8.93 84.55
CA TYR D 537 26.54 7.56 84.99
C TYR D 537 26.61 6.54 83.85
N VAL D 538 26.62 7.00 82.60
CA VAL D 538 26.92 6.12 81.48
C VAL D 538 28.43 5.95 81.38
N TYR D 539 28.90 4.71 81.32
CA TYR D 539 30.33 4.48 81.11
C TYR D 539 30.64 3.54 79.95
N LYS D 540 29.65 3.11 79.19
CA LYS D 540 29.90 2.30 77.99
C LYS D 540 28.72 2.48 77.05
N ALA D 541 29.00 2.88 75.82
CA ALA D 541 27.96 3.07 74.80
C ALA D 541 28.55 2.78 73.42
N LEU D 542 27.91 1.86 72.69
CA LEU D 542 28.32 1.47 71.35
C LEU D 542 27.14 1.49 70.41
N GLY D 543 27.41 1.76 69.14
CA GLY D 543 26.41 1.67 68.10
C GLY D 543 26.92 0.93 66.88
N ILE D 544 26.01 0.20 66.25
CA ILE D 544 26.28 -0.55 65.02
C ILE D 544 25.16 -0.26 64.03
N VAL D 545 25.52 0.17 62.82
CA VAL D 545 24.56 0.55 61.79
C VAL D 545 24.77 -0.32 60.57
N ALA D 546 23.67 -0.80 59.99
CA ALA D 546 23.70 -1.62 58.78
C ALA D 546 22.91 -0.98 57.65
N PRO D 547 23.56 -0.28 56.71
CA PRO D 547 22.83 0.40 55.64
C PRO D 547 22.22 -0.56 54.63
N ARG D 548 21.13 -0.12 54.00
CA ARG D 548 20.51 -0.83 52.89
C ARG D 548 19.61 0.13 52.11
N VAL D 549 19.26 -0.27 50.89
CA VAL D 549 18.46 0.55 49.98
C VAL D 549 16.99 0.50 50.37
N LEU D 550 16.35 1.67 50.44
CA LEU D 550 14.92 1.78 50.74
C LEU D 550 14.07 2.01 49.49
N SER D 551 14.43 2.98 48.66
CA SER D 551 13.65 3.25 47.45
C SER D 551 14.54 3.93 46.42
N SER D 552 14.00 4.06 45.22
CA SER D 552 14.72 4.63 44.09
C SER D 552 14.61 6.15 44.07
N ARG D 553 15.63 6.79 43.50
CA ARG D 553 15.69 8.23 43.26
C ARG D 553 15.74 9.04 44.55
N ARG E 48 -31.97 -6.21 33.59
CA ARG E 48 -31.62 -6.01 34.99
C ARG E 48 -32.79 -5.48 35.82
N ASN E 49 -33.99 -5.99 35.55
CA ASN E 49 -35.18 -5.50 36.22
C ASN E 49 -36.14 -6.60 36.65
N SER E 50 -35.67 -7.82 36.82
CA SER E 50 -36.55 -8.93 37.16
C SER E 50 -36.73 -9.05 38.67
N ILE E 51 -37.84 -9.68 39.06
CA ILE E 51 -38.21 -9.88 40.46
C ILE E 51 -38.56 -11.36 40.64
N ARG E 52 -37.90 -12.03 41.58
CA ARG E 52 -37.95 -13.48 41.69
C ARG E 52 -38.34 -13.93 43.09
N TYR E 53 -39.09 -15.03 43.16
CA TYR E 53 -39.54 -15.62 44.40
C TYR E 53 -38.88 -16.99 44.57
N SER E 54 -38.31 -17.25 45.74
CA SER E 54 -37.40 -18.39 45.91
C SER E 54 -38.08 -19.74 45.75
N GLU E 55 -39.40 -19.82 45.79
CA GLU E 55 -40.07 -21.10 45.62
C GLU E 55 -40.41 -21.43 44.17
N LEU E 56 -40.05 -20.58 43.22
CA LEU E 56 -40.37 -20.79 41.81
C LEU E 56 -39.10 -20.87 40.97
N SER E 57 -39.11 -21.73 39.95
CA SER E 57 -37.97 -21.92 39.07
C SER E 57 -38.43 -22.50 37.74
N PRO E 58 -37.82 -22.14 36.62
CA PRO E 58 -38.25 -22.65 35.32
C PRO E 58 -37.65 -24.02 34.99
N LEU E 59 -38.29 -24.70 34.03
CA LEU E 59 -37.99 -26.10 33.71
C LEU E 59 -37.29 -26.24 32.36
N TYR E 60 -36.37 -27.21 32.28
CA TYR E 60 -35.60 -27.46 31.08
C TYR E 60 -35.36 -28.95 30.86
N ASP E 61 -35.23 -29.32 29.58
CA ASP E 61 -34.66 -30.54 29.01
C ASP E 61 -35.46 -31.84 29.11
N THR E 62 -36.36 -31.98 30.09
CA THR E 62 -37.14 -33.20 30.26
C THR E 62 -38.04 -33.05 31.48
N THR E 63 -39.09 -33.85 31.53
CA THR E 63 -40.09 -33.84 32.62
C THR E 63 -40.93 -35.12 32.49
N ARG E 64 -42.03 -35.18 33.25
CA ARG E 64 -42.97 -36.29 33.16
C ARG E 64 -44.39 -35.78 32.96
N LEU E 65 -45.19 -36.52 32.20
CA LEU E 65 -46.63 -36.31 32.07
C LEU E 65 -47.35 -37.61 32.45
N TYR E 66 -48.38 -37.50 33.27
CA TYR E 66 -49.09 -38.67 33.80
C TYR E 66 -50.51 -38.73 33.27
N LEU E 67 -50.91 -39.90 32.78
CA LEU E 67 -52.23 -40.15 32.21
C LEU E 67 -52.91 -41.20 33.08
N VAL E 68 -53.78 -40.77 33.99
CA VAL E 68 -54.29 -41.60 35.07
C VAL E 68 -55.81 -41.65 34.97
N ASP E 69 -56.37 -42.84 35.17
CA ASP E 69 -57.78 -43.10 34.89
C ASP E 69 -58.71 -42.98 36.09
N ASN E 70 -58.21 -42.63 37.27
CA ASN E 70 -59.06 -42.61 38.47
C ASN E 70 -58.80 -41.38 39.33
N LYS E 71 -58.67 -40.21 38.71
CA LYS E 71 -58.63 -38.96 39.47
C LYS E 71 -60.02 -38.63 39.99
N SER E 72 -60.10 -38.13 41.22
CA SER E 72 -61.39 -37.98 41.89
C SER E 72 -62.30 -36.98 41.17
N ALA E 73 -61.75 -35.83 40.77
CA ALA E 73 -62.55 -34.80 40.13
C ALA E 73 -62.92 -35.15 38.69
N ASP E 74 -62.03 -35.86 37.98
CA ASP E 74 -62.34 -36.25 36.60
C ASP E 74 -63.46 -37.28 36.54
N ILE E 75 -63.59 -38.10 37.58
CA ILE E 75 -64.66 -39.11 37.60
C ILE E 75 -66.02 -38.44 37.57
N ALA E 76 -66.20 -37.39 38.36
CA ALA E 76 -67.51 -36.78 38.50
C ALA E 76 -67.94 -35.98 37.29
N SER E 77 -67.01 -35.21 36.70
CA SER E 77 -67.38 -34.21 35.70
C SER E 77 -67.00 -34.54 34.27
N LEU E 78 -66.25 -35.61 34.03
CA LEU E 78 -65.83 -35.89 32.66
C LEU E 78 -66.34 -37.22 32.11
N ASN E 79 -66.36 -38.27 32.92
CA ASN E 79 -66.42 -39.64 32.41
C ASN E 79 -67.70 -40.36 32.82
N TYR E 80 -68.83 -39.67 32.80
CA TYR E 80 -70.07 -40.25 33.30
C TYR E 80 -70.54 -41.41 32.43
N GLN E 81 -70.34 -41.33 31.12
CA GLN E 81 -70.79 -42.36 30.19
C GLN E 81 -69.66 -43.21 29.62
N ASN E 82 -68.47 -43.17 30.21
CA ASN E 82 -67.29 -43.82 29.65
C ASN E 82 -66.93 -45.07 30.46
N ASP E 83 -65.90 -45.79 30.00
CA ASP E 83 -65.32 -46.90 30.74
C ASP E 83 -63.80 -46.85 30.58
N HIS E 84 -63.10 -47.80 31.22
CA HIS E 84 -61.65 -47.74 31.29
C HIS E 84 -60.97 -48.01 29.95
N SER E 85 -61.70 -48.47 28.94
CA SER E 85 -61.14 -48.64 27.61
C SER E 85 -61.19 -47.36 26.78
N ASN E 86 -61.97 -46.36 27.17
CA ASN E 86 -62.10 -45.12 26.39
C ASN E 86 -62.58 -44.00 27.33
N PHE E 87 -61.65 -43.14 27.78
CA PHE E 87 -61.97 -42.17 28.81
C PHE E 87 -61.19 -40.88 28.58
N LEU E 88 -61.52 -39.86 29.36
CA LEU E 88 -60.85 -38.57 29.35
C LEU E 88 -60.14 -38.34 30.68
N THR E 89 -59.01 -37.63 30.64
CA THR E 89 -58.25 -37.32 31.84
C THR E 89 -57.53 -35.99 31.67
N THR E 90 -57.14 -35.40 32.80
CA THR E 90 -56.45 -34.12 32.80
C THR E 90 -54.96 -34.34 33.10
N VAL E 91 -54.10 -33.73 32.28
CA VAL E 91 -52.67 -33.78 32.53
C VAL E 91 -52.18 -32.63 33.40
N VAL E 92 -53.05 -31.68 33.74
CA VAL E 92 -52.72 -30.60 34.67
C VAL E 92 -52.91 -31.12 36.08
N GLN E 93 -51.85 -31.09 36.89
CA GLN E 93 -51.85 -31.64 38.25
C GLN E 93 -51.93 -30.55 39.32
N ASN E 94 -52.70 -29.49 39.09
CA ASN E 94 -52.76 -28.32 39.97
C ASN E 94 -54.20 -28.17 40.43
N ASN E 95 -54.46 -28.39 41.72
CA ASN E 95 -55.81 -28.42 42.24
C ASN E 95 -56.40 -27.03 42.51
N ASP E 96 -55.74 -25.95 42.09
CA ASP E 96 -56.36 -24.64 42.11
C ASP E 96 -57.44 -24.50 41.05
N PHE E 97 -57.58 -25.46 40.14
CA PHE E 97 -58.51 -25.39 39.03
C PHE E 97 -59.32 -26.68 38.94
N THR E 98 -60.56 -26.56 38.47
CA THR E 98 -61.38 -27.71 38.14
C THR E 98 -60.98 -28.26 36.78
N PRO E 99 -61.34 -29.52 36.48
CA PRO E 99 -61.01 -30.08 35.16
C PRO E 99 -61.59 -29.29 34.00
N THR E 100 -62.78 -28.72 34.17
CA THR E 100 -63.36 -27.89 33.12
C THR E 100 -62.51 -26.67 32.84
N GLU E 101 -62.04 -26.00 33.90
CA GLU E 101 -61.14 -24.87 33.72
C GLU E 101 -59.81 -25.32 33.13
N ALA E 102 -59.32 -26.49 33.53
CA ALA E 102 -58.04 -26.97 33.05
C ALA E 102 -58.06 -27.28 31.55
N SER E 103 -59.25 -27.56 31.00
CA SER E 103 -59.34 -27.98 29.60
C SER E 103 -58.85 -26.89 28.65
N THR E 104 -58.94 -25.63 29.05
CA THR E 104 -58.49 -24.53 28.19
C THR E 104 -57.02 -24.18 28.35
N GLN E 105 -56.33 -24.73 29.35
CA GLN E 105 -54.93 -24.42 29.56
C GLN E 105 -54.05 -25.29 28.66
N THR E 106 -52.79 -24.89 28.50
CA THR E 106 -51.85 -25.60 27.64
C THR E 106 -50.49 -25.76 28.30
N ILE E 107 -49.74 -26.75 27.82
CA ILE E 107 -48.33 -26.93 28.13
C ILE E 107 -47.55 -26.79 26.83
N ASN E 108 -46.52 -25.96 26.83
CA ASN E 108 -45.84 -25.58 25.59
C ASN E 108 -44.36 -25.98 25.63
N PHE E 109 -43.94 -26.76 24.63
CA PHE E 109 -42.56 -27.16 24.44
C PHE E 109 -41.93 -26.27 23.38
N ASP E 110 -40.70 -25.81 23.63
CA ASP E 110 -40.12 -24.72 22.84
C ASP E 110 -40.19 -25.00 21.33
N GLU E 111 -40.75 -24.05 20.60
CA GLU E 111 -41.06 -24.24 19.18
C GLU E 111 -39.82 -24.23 18.29
N ARG E 112 -38.66 -23.88 18.82
CA ARG E 112 -37.43 -23.94 18.06
C ARG E 112 -36.80 -25.33 18.04
N SER E 113 -37.45 -26.33 18.65
CA SER E 113 -37.01 -27.71 18.60
C SER E 113 -38.18 -28.60 18.22
N ARG E 114 -37.86 -29.79 17.70
CA ARG E 114 -38.84 -30.85 17.54
C ARG E 114 -38.68 -31.84 18.69
N TRP E 115 -39.79 -32.23 19.30
CA TRP E 115 -39.79 -33.01 20.53
C TRP E 115 -40.35 -34.41 20.31
N GLY E 116 -39.83 -35.36 21.09
CA GLY E 116 -40.38 -36.70 21.11
C GLY E 116 -40.68 -37.14 22.53
N GLY E 117 -41.49 -38.18 22.64
CA GLY E 117 -41.90 -38.69 23.93
C GLY E 117 -41.79 -40.20 24.07
N GLN E 118 -41.05 -40.65 25.08
CA GLN E 118 -40.95 -42.07 25.37
C GLN E 118 -42.15 -42.52 26.22
N LEU E 119 -42.83 -43.56 25.76
CA LEU E 119 -44.11 -43.97 26.32
C LEU E 119 -44.00 -45.33 27.02
N LYS E 120 -44.48 -45.40 28.26
CA LYS E 120 -44.62 -46.64 29.01
C LYS E 120 -46.07 -46.79 29.48
N THR E 121 -46.59 -48.02 29.41
CA THR E 121 -47.98 -48.27 29.78
C THR E 121 -48.08 -49.42 30.78
N ILE E 122 -49.17 -49.39 31.55
CA ILE E 122 -49.54 -50.46 32.48
C ILE E 122 -51.00 -50.80 32.24
N MET E 123 -51.30 -52.09 32.06
CA MET E 123 -52.64 -52.54 31.76
C MET E 123 -52.98 -53.82 32.53
N HIS E 124 -54.23 -53.93 32.97
CA HIS E 124 -54.71 -55.13 33.65
C HIS E 124 -56.14 -55.44 33.19
N THR E 125 -56.43 -56.73 32.99
CA THR E 125 -57.71 -57.19 32.45
C THR E 125 -58.33 -58.24 33.36
N ASN E 126 -59.63 -58.50 33.15
CA ASN E 126 -60.35 -59.54 33.88
C ASN E 126 -61.29 -60.33 32.95
N MET E 127 -60.78 -60.75 31.79
CA MET E 127 -61.59 -61.44 30.78
C MET E 127 -61.75 -62.92 31.12
N PRO E 128 -62.98 -63.45 31.11
CA PRO E 128 -63.18 -64.91 31.16
C PRO E 128 -63.10 -65.54 29.79
N ASN E 129 -62.75 -66.83 29.76
CA ASN E 129 -62.43 -67.47 28.49
C ASN E 129 -63.66 -67.83 27.66
N VAL E 130 -64.83 -68.02 28.26
CA VAL E 130 -66.06 -68.31 27.52
C VAL E 130 -67.00 -67.13 27.70
N ASN E 131 -67.20 -66.35 26.64
CA ASN E 131 -68.03 -65.15 26.72
C ASN E 131 -68.57 -64.80 25.34
N GLU E 132 -69.60 -63.96 25.33
CA GLU E 132 -70.30 -63.62 24.09
C GLU E 132 -69.52 -62.63 23.24
N TYR E 133 -68.82 -61.67 23.86
CA TYR E 133 -68.19 -60.59 23.12
C TYR E 133 -67.10 -61.10 22.17
N MET E 134 -66.43 -62.18 22.54
CA MET E 134 -65.32 -62.72 21.77
C MET E 134 -65.69 -63.93 20.93
N PHE E 135 -66.99 -64.23 20.81
CA PHE E 135 -67.50 -65.31 19.95
C PHE E 135 -67.00 -66.69 20.38
N SER E 136 -66.74 -66.88 21.67
CA SER E 136 -66.40 -68.19 22.21
C SER E 136 -67.58 -68.81 22.94
N ASN E 137 -68.79 -68.40 22.59
CA ASN E 137 -70.01 -68.74 23.31
C ASN E 137 -70.92 -69.69 22.56
N LYS E 138 -70.68 -69.92 21.26
CA LYS E 138 -71.68 -70.56 20.41
C LYS E 138 -71.01 -71.34 19.29
N PHE E 139 -71.77 -72.29 18.75
CA PHE E 139 -71.39 -73.06 17.57
C PHE E 139 -72.67 -73.59 16.92
N LYS E 140 -72.53 -74.12 15.71
CA LYS E 140 -73.65 -74.66 14.95
C LYS E 140 -73.43 -76.14 14.65
N ALA E 141 -74.53 -76.89 14.59
CA ALA E 141 -74.48 -78.32 14.31
C ALA E 141 -75.79 -78.78 13.68
N ARG E 142 -75.73 -79.94 13.02
CA ARG E 142 -76.89 -80.53 12.36
C ARG E 142 -77.21 -81.87 13.01
N VAL E 143 -78.43 -81.99 13.55
CA VAL E 143 -78.86 -83.17 14.29
C VAL E 143 -80.18 -83.65 13.71
N MET E 144 -80.65 -84.79 14.22
CA MET E 144 -81.87 -85.43 13.74
C MET E 144 -83.07 -84.94 14.54
N VAL E 145 -84.11 -84.50 13.83
CA VAL E 145 -85.29 -83.96 14.46
C VAL E 145 -86.45 -84.95 14.47
N SER E 146 -86.56 -85.83 13.48
CA SER E 146 -87.68 -86.77 13.42
C SER E 146 -87.23 -88.08 12.80
N ARG E 147 -87.60 -89.18 13.43
CA ARG E 147 -87.60 -90.48 12.78
C ARG E 147 -88.98 -90.68 12.15
N LYS E 148 -89.29 -91.89 11.70
CA LYS E 148 -90.59 -92.16 11.10
C LYS E 148 -91.70 -92.08 12.13
N ASP E 171 -88.15 -96.38 7.28
CA ASP E 171 -88.07 -95.19 8.13
C ASP E 171 -87.49 -94.01 7.37
N ILE E 172 -88.10 -92.84 7.53
CA ILE E 172 -87.64 -91.59 6.92
C ILE E 172 -87.10 -90.69 8.03
N LEU E 173 -85.90 -90.16 7.83
CA LEU E 173 -85.18 -89.40 8.83
C LEU E 173 -85.03 -87.96 8.38
N LYS E 174 -85.28 -87.02 9.29
CA LYS E 174 -85.19 -85.60 8.99
C LYS E 174 -84.13 -84.94 9.89
N TYR E 175 -83.36 -84.03 9.29
CA TYR E 175 -82.28 -83.34 9.99
C TYR E 175 -82.43 -81.84 9.80
N GLU E 176 -81.84 -81.07 10.72
CA GLU E 176 -81.93 -79.62 10.66
C GLU E 176 -80.74 -79.00 11.39
N TRP E 177 -80.41 -77.77 10.98
CA TRP E 177 -79.33 -77.00 11.60
C TRP E 177 -79.86 -76.16 12.76
N PHE E 178 -79.05 -76.02 13.80
CA PHE E 178 -79.36 -75.18 14.95
C PHE E 178 -78.10 -74.47 15.41
N GLU E 179 -78.28 -73.42 16.21
CA GLU E 179 -77.19 -72.74 16.89
C GLU E 179 -77.31 -72.97 18.40
N PHE E 180 -76.21 -73.36 19.02
CA PHE E 180 -76.19 -73.75 20.42
C PHE E 180 -75.43 -72.71 21.25
N ILE E 181 -75.90 -72.45 22.46
CA ILE E 181 -75.36 -71.40 23.32
C ILE E 181 -74.93 -72.00 24.65
N LEU E 182 -73.73 -71.64 25.11
CA LEU E 182 -73.16 -71.99 26.41
C LEU E 182 -73.30 -70.84 27.39
N PRO E 183 -73.36 -71.11 28.69
CA PRO E 183 -73.33 -70.03 29.67
C PRO E 183 -71.91 -69.53 29.93
N GLU E 184 -71.80 -68.27 30.32
CA GLU E 184 -70.50 -67.59 30.40
C GLU E 184 -69.78 -67.89 31.72
N GLY E 185 -68.46 -67.86 31.65
CA GLY E 185 -67.62 -68.15 32.79
C GLY E 185 -66.21 -68.47 32.36
N ASN E 186 -65.38 -68.79 33.35
CA ASN E 186 -63.97 -69.10 33.14
C ASN E 186 -63.75 -70.57 33.46
N PHE E 187 -63.62 -71.41 32.43
CA PHE E 187 -63.64 -72.85 32.60
C PHE E 187 -62.38 -73.49 32.03
N SER E 188 -62.05 -74.67 32.55
CA SER E 188 -61.00 -75.46 31.96
C SER E 188 -61.48 -76.12 30.67
N ALA E 189 -60.54 -76.71 29.94
CA ALA E 189 -60.87 -77.30 28.64
C ALA E 189 -61.81 -78.50 28.78
N THR E 190 -61.58 -79.36 29.78
CA THR E 190 -62.47 -80.50 29.98
C THR E 190 -63.87 -80.05 30.37
N MET E 191 -63.98 -79.06 31.26
CA MET E 191 -65.28 -78.56 31.66
C MET E 191 -66.01 -77.91 30.49
N THR E 192 -65.27 -77.27 29.58
CA THR E 192 -65.91 -76.68 28.40
C THR E 192 -66.51 -77.74 27.50
N ILE E 193 -65.82 -78.87 27.32
CA ILE E 193 -66.32 -79.94 26.47
C ILE E 193 -67.57 -80.57 27.07
N ASP E 194 -67.66 -80.65 28.40
CA ASP E 194 -68.89 -81.13 29.03
C ASP E 194 -70.07 -80.23 28.71
N LEU E 195 -69.84 -78.92 28.71
CA LEU E 195 -70.93 -77.98 28.44
C LEU E 195 -71.42 -78.09 26.99
N MET E 196 -70.52 -78.35 26.05
CA MET E 196 -70.92 -78.51 24.66
C MET E 196 -71.77 -79.77 24.46
N ASN E 197 -71.40 -80.88 25.11
CA ASN E 197 -72.23 -82.08 25.07
C ASN E 197 -73.61 -81.82 25.70
N ASN E 198 -73.63 -81.11 26.82
CA ASN E 198 -74.88 -80.80 27.49
C ASN E 198 -75.81 -79.97 26.63
N ALA E 199 -75.26 -79.06 25.82
CA ALA E 199 -76.08 -78.27 24.92
C ALA E 199 -76.74 -79.14 23.85
N ILE E 200 -76.02 -80.13 23.32
CA ILE E 200 -76.59 -81.03 22.32
C ILE E 200 -77.77 -81.80 22.91
N ILE E 201 -77.59 -82.32 24.13
CA ILE E 201 -78.60 -83.16 24.75
C ILE E 201 -79.87 -82.38 25.08
N ASP E 202 -79.73 -81.12 25.51
CA ASP E 202 -80.90 -80.30 25.79
C ASP E 202 -81.74 -80.05 24.55
N ASN E 203 -81.15 -80.10 23.36
CA ASN E 203 -81.91 -80.05 22.13
C ASN E 203 -82.66 -81.35 21.87
N TYR E 204 -82.08 -82.48 22.28
CA TYR E 204 -82.75 -83.76 22.10
C TYR E 204 -83.88 -83.96 23.09
N LEU E 205 -83.90 -83.21 24.19
CA LEU E 205 -84.99 -83.32 25.16
C LEU E 205 -86.15 -82.38 24.85
N GLU E 206 -85.90 -81.29 24.13
CA GLU E 206 -86.94 -80.32 23.79
C GLU E 206 -87.60 -80.61 22.45
N ILE E 207 -86.81 -81.03 21.47
CA ILE E 207 -87.27 -81.53 20.18
C ILE E 207 -86.76 -82.96 20.14
N GLY E 208 -86.98 -83.68 19.06
CA GLY E 208 -86.34 -84.97 19.01
C GLY E 208 -87.11 -86.03 19.77
N ARG E 209 -86.71 -86.26 21.03
CA ARG E 209 -87.28 -87.30 21.87
C ARG E 209 -88.80 -87.43 21.75
N GLN E 210 -89.50 -86.30 21.71
CA GLN E 210 -90.96 -86.33 21.57
C GLN E 210 -91.41 -86.57 20.14
N ASN E 211 -90.49 -86.72 19.18
CA ASN E 211 -90.83 -87.01 17.79
C ASN E 211 -90.22 -88.32 17.30
N GLY E 212 -89.91 -89.24 18.21
CA GLY E 212 -89.58 -90.59 17.84
C GLY E 212 -88.12 -90.95 17.69
N VAL E 213 -87.20 -90.06 18.03
CA VAL E 213 -85.78 -90.39 17.97
C VAL E 213 -85.39 -91.06 19.27
N LEU E 214 -84.51 -92.07 19.18
CA LEU E 214 -84.08 -92.82 20.34
C LEU E 214 -82.76 -92.27 20.87
N GLU E 215 -82.43 -92.67 22.09
CA GLU E 215 -81.13 -92.30 22.64
C GLU E 215 -80.07 -93.27 22.14
N SER E 216 -80.08 -93.52 20.83
CA SER E 216 -79.01 -94.25 20.15
C SER E 216 -78.77 -93.67 18.77
N ASP E 217 -79.41 -92.55 18.43
CA ASP E 217 -79.21 -91.88 17.15
C ASP E 217 -78.91 -90.39 17.34
N ILE E 218 -78.31 -90.01 18.48
CA ILE E 218 -78.04 -88.61 18.77
C ILE E 218 -77.23 -87.97 17.64
N GLY E 219 -76.03 -88.47 17.41
CA GLY E 219 -75.32 -88.15 16.19
C GLY E 219 -74.20 -87.12 16.28
N VAL E 220 -74.05 -86.42 17.39
CA VAL E 220 -72.93 -85.48 17.58
C VAL E 220 -72.42 -85.62 19.01
N LYS E 221 -71.14 -85.95 19.16
CA LYS E 221 -70.53 -86.04 20.49
C LYS E 221 -69.08 -85.60 20.42
N PHE E 222 -68.61 -84.93 21.48
CA PHE E 222 -67.22 -84.51 21.61
C PHE E 222 -66.52 -85.42 22.62
N ASP E 223 -65.43 -86.05 22.20
CA ASP E 223 -64.76 -87.06 23.00
C ASP E 223 -63.26 -86.76 23.09
N THR E 224 -62.53 -87.63 23.79
CA THR E 224 -61.09 -87.52 23.92
C THR E 224 -60.34 -88.84 23.70
N ARG E 225 -61.03 -89.93 23.41
CA ARG E 225 -60.41 -91.26 23.43
C ARG E 225 -59.84 -91.63 22.07
N ASN E 226 -58.91 -92.60 22.10
CA ASN E 226 -58.38 -93.21 20.89
C ASN E 226 -59.09 -94.54 20.70
N PHE E 227 -60.17 -94.52 19.93
CA PHE E 227 -60.84 -95.76 19.59
C PHE E 227 -59.91 -96.60 18.72
N ARG E 228 -60.14 -97.91 18.72
CA ARG E 228 -59.34 -98.93 18.03
C ARG E 228 -57.96 -99.12 18.63
N LEU E 229 -57.74 -98.74 19.88
CA LEU E 229 -56.44 -98.98 20.51
C LEU E 229 -56.17 -100.47 20.67
N GLY E 230 -57.11 -101.21 21.26
CA GLY E 230 -56.91 -102.63 21.49
C GLY E 230 -57.34 -103.52 20.34
N TRP E 231 -57.26 -102.98 19.12
CA TRP E 231 -57.71 -103.68 17.92
C TRP E 231 -56.81 -104.87 17.61
N ASP E 232 -57.41 -105.92 17.05
CA ASP E 232 -56.70 -107.14 16.71
C ASP E 232 -56.69 -107.35 15.21
N PRO E 233 -55.54 -107.61 14.61
CA PRO E 233 -55.48 -107.66 13.14
C PRO E 233 -56.15 -108.87 12.52
N GLU E 234 -56.44 -109.92 13.30
CA GLU E 234 -57.09 -111.11 12.76
C GLU E 234 -58.61 -111.04 12.93
N THR E 235 -59.09 -110.88 14.17
CA THR E 235 -60.52 -110.80 14.40
C THR E 235 -61.11 -109.45 14.03
N LYS E 236 -60.28 -108.40 13.93
CA LYS E 236 -60.71 -107.06 13.56
C LYS E 236 -61.80 -106.53 14.49
N LEU E 237 -61.66 -106.81 15.79
CA LEU E 237 -62.56 -106.29 16.80
C LEU E 237 -61.74 -105.89 18.02
N ILE E 238 -62.35 -105.06 18.87
CA ILE E 238 -61.70 -104.60 20.10
C ILE E 238 -61.80 -105.74 21.11
N MET E 239 -60.72 -106.49 21.26
CA MET E 239 -60.76 -107.71 22.07
C MET E 239 -61.16 -107.50 23.53
N PRO E 240 -60.70 -106.47 24.24
CA PRO E 240 -61.10 -106.34 25.66
C PRO E 240 -62.59 -106.17 25.87
N GLY E 241 -63.35 -105.77 24.86
CA GLY E 241 -64.77 -105.53 25.02
C GLY E 241 -65.15 -104.14 25.49
N VAL E 242 -64.17 -103.31 25.85
CA VAL E 242 -64.38 -101.90 26.17
C VAL E 242 -63.27 -101.10 25.55
N TYR E 243 -63.61 -99.91 25.04
CA TYR E 243 -62.60 -99.01 24.50
C TYR E 243 -61.70 -98.51 25.61
N THR E 244 -60.43 -98.28 25.28
CA THR E 244 -59.46 -97.81 26.27
C THR E 244 -59.88 -96.46 26.83
N TYR E 245 -59.90 -96.34 28.15
CA TYR E 245 -60.43 -95.16 28.82
C TYR E 245 -59.32 -94.17 29.18
N GLU E 246 -58.59 -93.71 28.16
CA GLU E 246 -57.49 -92.77 28.33
C GLU E 246 -57.67 -91.60 27.37
N ALA E 247 -57.23 -90.42 27.81
CA ALA E 247 -57.38 -89.20 27.02
C ALA E 247 -56.16 -89.00 26.13
N PHE E 248 -56.40 -88.72 24.85
CA PHE E 248 -55.33 -88.49 23.88
C PHE E 248 -55.36 -87.09 23.28
N HIS E 249 -56.50 -86.66 22.75
CA HIS E 249 -56.70 -85.39 22.07
C HIS E 249 -58.20 -85.22 21.82
N PRO E 250 -58.74 -84.00 21.94
CA PRO E 250 -60.17 -83.82 21.71
C PRO E 250 -60.57 -84.21 20.29
N ASP E 251 -61.79 -84.74 20.18
CA ASP E 251 -62.23 -85.45 18.98
C ASP E 251 -63.72 -85.19 18.74
N ILE E 252 -64.14 -85.39 17.49
CA ILE E 252 -65.52 -85.21 17.05
C ILE E 252 -66.03 -86.54 16.50
N VAL E 253 -67.18 -87.00 16.99
CA VAL E 253 -67.79 -88.27 16.58
C VAL E 253 -69.14 -87.99 15.93
N LEU E 254 -69.37 -88.56 14.75
CA LEU E 254 -70.54 -88.25 13.94
C LEU E 254 -71.24 -89.52 13.45
N LEU E 255 -72.57 -89.40 13.26
CA LEU E 255 -73.47 -90.33 12.61
C LEU E 255 -73.85 -89.82 11.23
N PRO E 256 -74.33 -90.69 10.33
CA PRO E 256 -74.66 -90.22 8.99
C PRO E 256 -75.73 -89.13 9.01
N GLY E 257 -75.54 -88.14 8.13
CA GLY E 257 -76.46 -87.02 8.03
C GLY E 257 -76.18 -85.84 8.95
N CYS E 258 -75.17 -85.93 9.80
CA CYS E 258 -74.89 -84.89 10.78
C CYS E 258 -73.60 -84.14 10.42
N GLY E 259 -73.30 -83.10 11.21
CA GLY E 259 -72.09 -82.31 10.99
C GLY E 259 -72.05 -81.14 11.95
N VAL E 260 -70.88 -80.48 11.98
CA VAL E 260 -70.65 -79.29 12.79
C VAL E 260 -70.05 -78.20 11.90
N ASP E 261 -70.29 -76.96 12.29
CA ASP E 261 -69.84 -75.80 11.50
C ASP E 261 -69.26 -74.75 12.44
N PHE E 262 -67.98 -74.40 12.23
CA PHE E 262 -67.27 -73.46 13.09
C PHE E 262 -66.98 -72.13 12.41
N THR E 263 -67.79 -71.74 11.42
CA THR E 263 -67.51 -70.52 10.67
C THR E 263 -67.56 -69.28 11.58
N GLU E 264 -68.49 -69.26 12.52
CA GLU E 264 -68.67 -68.09 13.38
C GLU E 264 -68.39 -68.44 14.84
N SER E 265 -67.29 -69.13 15.09
CA SER E 265 -66.99 -69.63 16.42
C SER E 265 -65.47 -69.74 16.59
N ARG E 266 -65.01 -69.55 17.81
CA ARG E 266 -63.60 -69.71 18.14
C ARG E 266 -63.33 -70.96 18.96
N LEU E 267 -64.32 -71.85 19.10
CA LEU E 267 -64.16 -73.06 19.88
C LEU E 267 -63.35 -74.14 19.17
N SER E 268 -63.08 -73.99 17.87
CA SER E 268 -62.19 -74.94 17.20
C SER E 268 -60.74 -74.80 17.67
N ASN E 269 -60.33 -73.62 18.13
CA ASN E 269 -59.00 -73.47 18.70
C ASN E 269 -58.85 -74.23 20.01
N LEU E 270 -59.91 -74.25 20.83
CA LEU E 270 -59.86 -75.01 22.07
C LEU E 270 -59.84 -76.51 21.81
N LEU E 271 -60.41 -76.96 20.70
CA LEU E 271 -60.39 -78.38 20.35
C LEU E 271 -59.08 -78.83 19.72
N GLY E 272 -58.24 -77.89 19.27
CA GLY E 272 -57.02 -78.27 18.60
C GLY E 272 -57.19 -78.80 17.20
N ILE E 273 -58.18 -78.32 16.47
CA ILE E 273 -58.42 -78.68 15.08
C ILE E 273 -58.45 -77.40 14.26
N ARG E 274 -57.56 -77.30 13.28
CA ARG E 274 -57.41 -76.08 12.48
C ARG E 274 -57.28 -76.43 11.00
N LYS E 275 -57.46 -75.43 10.15
CA LYS E 275 -57.38 -75.58 8.71
C LYS E 275 -55.98 -75.28 8.20
N ARG E 276 -55.53 -76.05 7.22
CA ARG E 276 -54.23 -75.82 6.60
C ARG E 276 -54.21 -74.58 5.73
N HIS E 277 -55.38 -74.07 5.33
CA HIS E 277 -55.51 -72.81 4.59
C HIS E 277 -56.38 -71.89 5.43
N PRO E 278 -55.80 -71.24 6.45
CA PRO E 278 -56.61 -70.53 7.45
C PRO E 278 -57.25 -69.24 6.94
N PHE E 279 -56.86 -68.75 5.77
CA PHE E 279 -57.46 -67.52 5.25
C PHE E 279 -58.64 -67.77 4.31
N GLN E 280 -59.04 -69.02 4.09
CA GLN E 280 -60.21 -69.33 3.29
C GLN E 280 -61.43 -69.42 4.21
N GLU E 281 -62.47 -68.64 3.89
CA GLU E 281 -63.63 -68.56 4.76
C GLU E 281 -64.41 -69.88 4.76
N GLY E 282 -64.97 -70.21 5.92
CA GLY E 282 -65.81 -71.39 6.06
C GLY E 282 -65.09 -72.59 6.65
N PHE E 283 -65.69 -73.21 7.67
CA PHE E 283 -65.11 -74.37 8.36
C PHE E 283 -66.25 -75.31 8.73
N LYS E 284 -66.50 -76.30 7.88
CA LYS E 284 -67.55 -77.28 8.11
C LYS E 284 -66.98 -78.68 8.01
N ILE E 285 -67.39 -79.57 8.91
CA ILE E 285 -66.98 -80.97 8.90
C ILE E 285 -68.23 -81.84 8.94
N MET E 286 -68.47 -82.60 7.87
CA MET E 286 -69.65 -83.43 7.73
C MET E 286 -69.27 -84.91 7.77
N TYR E 287 -70.28 -85.76 7.85
CA TYR E 287 -70.05 -87.20 7.95
C TYR E 287 -69.35 -87.74 6.70
N GLU E 288 -69.60 -87.14 5.54
CA GLU E 288 -68.96 -87.61 4.31
C GLU E 288 -67.49 -87.25 4.23
N ASP E 289 -67.01 -86.30 5.03
CA ASP E 289 -65.61 -85.92 5.01
C ASP E 289 -64.72 -86.78 5.89
N LEU E 290 -65.30 -87.65 6.72
CA LEU E 290 -64.55 -88.47 7.66
C LEU E 290 -64.35 -89.90 7.17
N GLU E 291 -64.16 -90.08 5.86
CA GLU E 291 -64.00 -91.42 5.29
C GLU E 291 -62.79 -92.11 5.88
N GLY E 292 -62.94 -93.40 6.16
CA GLY E 292 -61.88 -94.20 6.76
C GLY E 292 -61.81 -94.14 8.27
N GLY E 293 -62.70 -93.41 8.91
CA GLY E 293 -62.64 -93.23 10.35
C GLY E 293 -63.72 -93.94 11.13
N ASN E 294 -64.29 -95.00 10.58
CA ASN E 294 -65.34 -95.75 11.28
C ASN E 294 -64.77 -96.41 12.53
N ILE E 295 -65.54 -96.35 13.61
CA ILE E 295 -65.13 -96.90 14.90
C ILE E 295 -65.36 -98.39 14.91
N PRO E 296 -64.33 -99.21 15.14
CA PRO E 296 -64.53 -100.67 15.12
C PRO E 296 -65.49 -101.11 16.21
N ALA E 297 -66.29 -102.13 15.89
CA ALA E 297 -67.31 -102.63 16.80
C ALA E 297 -66.68 -103.48 17.91
N LEU E 298 -67.39 -103.54 19.04
CA LEU E 298 -67.06 -104.41 20.17
C LEU E 298 -65.59 -104.45 20.51
N ILE E 364 -66.91 -115.33 18.80
CA ILE E 364 -66.34 -114.35 17.90
C ILE E 364 -67.43 -113.61 17.14
N GLN E 365 -68.20 -112.79 17.86
CA GLN E 365 -69.24 -111.97 17.24
C GLN E 365 -69.29 -110.61 17.92
N PRO E 366 -69.60 -109.56 17.19
CA PRO E 366 -69.66 -108.22 17.81
C PRO E 366 -70.87 -108.10 18.72
N LEU E 367 -70.71 -107.30 19.78
CA LEU E 367 -71.84 -106.95 20.62
C LEU E 367 -72.74 -105.97 19.86
N GLU E 368 -74.04 -106.23 19.87
CA GLU E 368 -74.98 -105.44 19.08
C GLU E 368 -75.81 -104.48 19.89
N LYS E 369 -75.78 -104.55 21.22
CA LYS E 369 -76.61 -103.68 22.05
C LYS E 369 -75.94 -103.50 23.40
N ASP E 370 -76.40 -102.49 24.13
CA ASP E 370 -75.83 -102.12 25.42
C ASP E 370 -76.57 -102.83 26.55
N SER E 371 -76.22 -102.49 27.79
CA SER E 371 -76.83 -103.16 28.95
C SER E 371 -78.31 -102.88 29.04
N LYS E 372 -78.72 -101.63 28.79
CA LYS E 372 -80.13 -101.23 28.87
C LYS E 372 -80.82 -101.27 27.53
N SER E 373 -80.38 -102.16 26.64
CA SER E 373 -80.99 -102.33 25.32
C SER E 373 -80.95 -101.04 24.50
N ARG E 374 -79.73 -100.59 24.22
CA ARG E 374 -79.49 -99.49 23.30
C ARG E 374 -78.65 -100.00 22.14
N SER E 375 -79.07 -99.68 20.92
CA SER E 375 -78.37 -100.15 19.74
C SER E 375 -77.00 -99.47 19.63
N TYR E 376 -75.98 -100.27 19.33
CA TYR E 376 -74.66 -99.75 19.00
C TYR E 376 -74.53 -99.39 17.52
N ASN E 377 -75.57 -99.56 16.73
CA ASN E 377 -75.56 -99.23 15.30
C ASN E 377 -74.53 -100.03 14.52
N VAL E 378 -74.42 -101.32 14.83
CA VAL E 378 -73.50 -102.18 14.10
C VAL E 378 -74.02 -102.37 12.67
N LEU E 379 -73.09 -102.49 11.72
CA LEU E 379 -73.41 -102.56 10.30
C LEU E 379 -73.21 -103.99 9.78
N GLU E 380 -73.36 -104.14 8.47
CA GLU E 380 -73.04 -105.42 7.83
C GLU E 380 -71.54 -105.67 7.89
N ASP E 381 -71.18 -106.94 7.71
CA ASP E 381 -69.82 -107.46 7.83
C ASP E 381 -69.39 -107.56 9.29
N LYS E 382 -70.21 -107.03 10.20
CA LYS E 382 -70.09 -107.29 11.64
C LYS E 382 -68.69 -106.99 12.18
N ILE E 383 -68.05 -105.94 11.67
CA ILE E 383 -66.77 -105.48 12.17
C ILE E 383 -66.80 -104.01 12.56
N ASN E 384 -67.37 -103.16 11.71
CA ASN E 384 -67.35 -101.72 11.93
C ASN E 384 -68.74 -101.20 12.30
N THR E 385 -68.74 -100.02 12.89
CA THR E 385 -69.93 -99.34 13.35
C THR E 385 -70.15 -98.07 12.53
N ALA E 386 -71.41 -97.60 12.50
CA ALA E 386 -71.74 -96.42 11.72
C ALA E 386 -71.08 -95.15 12.25
N TYR E 387 -70.63 -95.12 13.50
CA TYR E 387 -69.98 -93.92 14.04
C TYR E 387 -68.64 -93.69 13.35
N ARG E 388 -68.35 -92.42 13.05
CA ARG E 388 -67.06 -92.00 12.52
C ARG E 388 -66.47 -90.92 13.42
N SER E 389 -65.13 -90.85 13.45
CA SER E 389 -64.46 -89.87 14.30
C SER E 389 -63.33 -89.19 13.54
N TRP E 390 -63.12 -87.90 13.84
CA TRP E 390 -62.09 -87.12 13.18
C TRP E 390 -60.69 -87.68 13.46
N TYR E 391 -60.43 -88.09 14.70
CA TYR E 391 -59.10 -88.53 15.07
C TYR E 391 -58.71 -89.82 14.35
N LEU E 392 -59.64 -90.77 14.24
CA LEU E 392 -59.34 -92.01 13.54
C LEU E 392 -59.09 -91.75 12.06
N SER E 393 -59.86 -90.87 11.45
CA SER E 393 -59.66 -90.56 10.04
C SER E 393 -58.35 -89.81 9.81
N TYR E 394 -57.97 -88.93 10.73
CA TYR E 394 -56.72 -88.18 10.59
C TYR E 394 -55.51 -89.10 10.68
N ASN E 395 -55.54 -90.07 11.59
CA ASN E 395 -54.36 -90.88 11.86
C ASN E 395 -54.32 -92.19 11.08
N TYR E 396 -55.47 -92.78 10.74
CA TYR E 396 -55.49 -94.08 10.10
C TYR E 396 -56.09 -94.09 8.70
N GLY E 397 -56.74 -93.01 8.28
CA GLY E 397 -57.35 -92.94 6.96
C GLY E 397 -56.34 -92.70 5.86
N ASN E 398 -56.86 -92.39 4.68
CA ASN E 398 -56.02 -92.16 3.51
C ASN E 398 -55.30 -90.82 3.65
N PRO E 399 -53.97 -90.77 3.59
CA PRO E 399 -53.26 -89.50 3.79
C PRO E 399 -53.58 -88.44 2.75
N GLU E 400 -53.92 -88.82 1.52
CA GLU E 400 -54.07 -87.86 0.44
C GLU E 400 -55.52 -87.63 0.03
N LYS E 401 -56.48 -88.24 0.72
CA LYS E 401 -57.89 -88.05 0.40
C LYS E 401 -58.77 -87.82 1.62
N GLY E 402 -58.36 -88.22 2.81
CA GLY E 402 -59.17 -88.05 4.00
C GLY E 402 -59.07 -86.65 4.58
N ILE E 403 -59.53 -86.54 5.82
CA ILE E 403 -59.56 -85.25 6.50
C ILE E 403 -58.16 -84.69 6.74
N ARG E 404 -57.12 -85.53 6.69
CA ARG E 404 -55.75 -85.08 6.93
C ARG E 404 -55.22 -84.20 5.82
N SER E 405 -55.84 -84.20 4.64
CA SER E 405 -55.31 -83.42 3.54
C SER E 405 -55.61 -81.93 3.66
N TRP E 406 -56.61 -81.53 4.46
CA TRP E 406 -56.91 -80.11 4.61
C TRP E 406 -57.16 -79.67 6.05
N THR E 407 -56.94 -80.52 7.04
CA THR E 407 -56.97 -80.10 8.43
C THR E 407 -55.66 -80.46 9.12
N LEU E 408 -55.44 -79.85 10.29
CA LEU E 408 -54.19 -79.98 11.02
C LEU E 408 -54.48 -80.18 12.50
N LEU E 409 -53.71 -81.06 13.13
CA LEU E 409 -53.86 -81.36 14.55
C LEU E 409 -52.87 -80.52 15.36
N THR E 410 -53.38 -79.80 16.37
CA THR E 410 -52.58 -78.88 17.18
C THR E 410 -52.90 -79.08 18.65
N THR E 411 -52.05 -78.51 19.52
CA THR E 411 -52.32 -78.54 20.95
C THR E 411 -53.51 -77.67 21.30
N SER E 412 -54.29 -78.12 22.29
CA SER E 412 -55.46 -77.38 22.73
C SER E 412 -55.06 -76.04 23.34
N ASP E 413 -55.77 -74.99 22.98
CA ASP E 413 -55.51 -73.63 23.47
C ASP E 413 -56.74 -73.15 24.25
N VAL E 414 -56.62 -73.13 25.59
CA VAL E 414 -57.76 -72.85 26.45
C VAL E 414 -58.23 -71.40 26.32
N THR E 415 -57.33 -70.46 26.02
CA THR E 415 -57.75 -69.07 25.88
C THR E 415 -58.56 -68.83 24.61
N CYS E 416 -58.64 -69.82 23.73
CA CYS E 416 -59.33 -69.76 22.45
C CYS E 416 -58.65 -68.84 21.44
N GLY E 417 -57.39 -68.47 21.68
CA GLY E 417 -56.63 -67.70 20.73
C GLY E 417 -56.68 -66.22 21.01
N VAL E 418 -55.62 -65.67 21.56
CA VAL E 418 -55.58 -64.25 21.88
C VAL E 418 -55.01 -63.49 20.69
N GLU E 419 -55.48 -62.27 20.49
CA GLU E 419 -54.98 -61.40 19.44
C GLU E 419 -54.43 -60.13 20.08
N GLN E 420 -54.07 -59.16 19.24
CA GLN E 420 -53.38 -57.96 19.68
C GLN E 420 -54.36 -56.87 20.11
N VAL E 421 -53.81 -55.84 20.78
CA VAL E 421 -54.52 -54.64 21.17
C VAL E 421 -53.73 -53.42 20.71
N TYR E 422 -54.44 -52.32 20.49
CA TYR E 422 -53.85 -51.07 19.98
C TYR E 422 -54.12 -49.92 20.94
N TRP E 423 -53.11 -49.06 21.13
CA TRP E 423 -53.23 -47.84 21.92
C TRP E 423 -53.36 -46.61 21.03
N SER E 424 -54.18 -45.65 21.45
CA SER E 424 -54.33 -44.36 20.76
C SER E 424 -54.26 -43.21 21.76
N LEU E 425 -53.51 -42.16 21.40
CA LEU E 425 -53.45 -40.91 22.16
C LEU E 425 -53.55 -39.73 21.20
N PRO E 426 -54.75 -39.48 20.66
CA PRO E 426 -54.86 -38.55 19.52
C PRO E 426 -54.56 -37.08 19.86
N ASP E 427 -54.65 -36.66 21.13
CA ASP E 427 -54.37 -35.28 21.49
C ASP E 427 -52.94 -35.04 21.94
N MET E 428 -52.10 -36.07 21.96
CA MET E 428 -50.72 -35.91 22.45
C MET E 428 -49.68 -36.20 21.39
N MET E 429 -49.81 -37.31 20.66
CA MET E 429 -48.82 -37.73 19.67
C MET E 429 -49.24 -37.30 18.27
N GLN E 430 -48.25 -37.11 17.40
CA GLN E 430 -48.52 -36.93 15.98
C GLN E 430 -48.95 -38.25 15.34
N ASP E 431 -49.75 -38.15 14.29
CA ASP E 431 -50.23 -39.35 13.60
C ASP E 431 -49.06 -40.04 12.88
N PRO E 432 -48.88 -41.35 13.04
CA PRO E 432 -47.87 -42.05 12.25
C PRO E 432 -48.21 -42.10 10.77
N VAL E 433 -47.20 -42.43 9.97
CA VAL E 433 -47.28 -42.26 8.52
C VAL E 433 -48.41 -43.10 7.91
N THR E 434 -49.16 -42.48 7.00
CA THR E 434 -50.31 -42.94 6.22
C THR E 434 -51.63 -42.96 7.00
N PHE E 435 -51.66 -42.69 8.30
CA PHE E 435 -52.92 -42.58 9.04
C PHE E 435 -53.56 -41.21 8.80
N ARG E 436 -54.89 -41.20 8.64
CA ARG E 436 -55.64 -39.95 8.50
C ARG E 436 -56.08 -39.43 9.86
N SER E 437 -56.11 -38.10 9.98
CA SER E 437 -56.67 -37.46 11.16
C SER E 437 -58.19 -37.52 11.14
N THR E 438 -58.79 -37.87 12.27
CA THR E 438 -60.23 -38.07 12.32
C THR E 438 -60.71 -37.99 13.77
N ARG E 439 -62.04 -37.94 13.92
CA ARG E 439 -62.67 -37.98 15.22
C ARG E 439 -63.58 -39.20 15.39
N GLN E 440 -63.48 -40.20 14.51
CA GLN E 440 -64.22 -41.44 14.66
C GLN E 440 -63.41 -42.44 15.48
N VAL E 441 -64.04 -42.99 16.52
CA VAL E 441 -63.31 -43.81 17.49
C VAL E 441 -62.74 -45.06 16.85
N SER E 442 -63.50 -45.72 16.00
CA SER E 442 -62.99 -46.91 15.35
C SER E 442 -61.92 -46.62 14.28
N ASN E 443 -61.44 -45.39 14.12
CA ASN E 443 -60.40 -45.14 13.12
C ASN E 443 -59.30 -44.20 13.65
N TYR E 444 -59.10 -44.14 14.97
CA TYR E 444 -58.02 -43.35 15.53
C TYR E 444 -56.67 -43.89 15.06
N PRO E 445 -55.68 -43.01 14.85
CA PRO E 445 -54.32 -43.49 14.56
C PRO E 445 -53.74 -44.27 15.74
N VAL E 446 -52.90 -45.26 15.40
CA VAL E 446 -52.40 -46.24 16.37
C VAL E 446 -50.98 -45.89 16.77
N VAL E 447 -50.74 -45.82 18.08
CA VAL E 447 -49.44 -45.40 18.61
C VAL E 447 -48.65 -46.55 19.23
N GLY E 448 -49.25 -47.71 19.45
CA GLY E 448 -48.52 -48.86 19.95
C GLY E 448 -49.38 -50.11 19.90
N ALA E 449 -48.72 -51.27 20.00
CA ALA E 449 -49.40 -52.55 19.91
C ALA E 449 -48.73 -53.57 20.83
N GLU E 450 -49.52 -54.54 21.30
CA GLU E 450 -49.05 -55.63 22.15
C GLU E 450 -50.14 -56.70 22.19
N LEU E 451 -49.85 -57.81 22.85
CA LEU E 451 -50.84 -58.87 23.00
C LEU E 451 -51.81 -58.54 24.14
N MET E 452 -53.07 -58.88 23.93
CA MET E 452 -54.04 -58.87 25.02
C MET E 452 -53.55 -59.81 26.11
N PRO E 453 -53.40 -59.35 27.36
CA PRO E 453 -52.57 -60.08 28.36
C PRO E 453 -53.30 -61.21 29.07
N VAL E 454 -53.60 -62.27 28.33
CA VAL E 454 -54.27 -63.47 28.86
C VAL E 454 -53.45 -64.68 28.42
N PHE E 455 -53.14 -65.55 29.37
CA PHE E 455 -52.21 -66.65 29.14
C PHE E 455 -52.74 -67.96 29.71
N SER E 456 -52.22 -69.06 29.16
CA SER E 456 -52.55 -70.41 29.60
C SER E 456 -51.55 -70.90 30.64
N LYS E 457 -52.05 -71.65 31.62
CA LYS E 457 -51.21 -72.27 32.65
C LYS E 457 -51.56 -73.74 32.79
N SER E 458 -50.53 -74.58 33.00
CA SER E 458 -50.69 -76.02 33.04
C SER E 458 -50.59 -76.57 34.47
N PHE E 459 -51.37 -77.62 34.74
CA PHE E 459 -51.33 -78.34 36.00
C PHE E 459 -51.35 -79.83 35.73
N TYR E 460 -50.89 -80.60 36.71
CA TYR E 460 -50.82 -82.05 36.60
C TYR E 460 -51.84 -82.69 37.54
N ASN E 461 -52.67 -83.59 37.00
CA ASN E 461 -53.68 -84.27 37.78
C ASN E 461 -53.76 -85.76 37.47
N HIS E 478 -75.80 -87.20 38.22
CA HIS E 478 -74.77 -86.73 37.30
C HIS E 478 -75.37 -86.24 35.99
N VAL E 479 -75.52 -84.93 35.87
CA VAL E 479 -76.04 -84.34 34.64
C VAL E 479 -75.04 -84.48 33.50
N PHE E 480 -73.75 -84.65 33.80
CA PHE E 480 -72.72 -84.80 32.78
C PHE E 480 -72.44 -86.26 32.43
N ASN E 481 -73.24 -87.20 32.93
CA ASN E 481 -73.14 -88.61 32.55
C ASN E 481 -74.54 -89.20 32.60
N ARG E 482 -75.24 -89.13 31.45
CA ARG E 482 -76.62 -89.58 31.35
C ARG E 482 -76.76 -90.96 30.73
N PHE E 483 -75.69 -91.51 30.18
CA PHE E 483 -75.68 -92.86 29.60
C PHE E 483 -74.46 -93.59 30.14
N PRO E 484 -74.45 -93.91 31.43
CA PRO E 484 -73.28 -94.57 32.01
C PRO E 484 -72.94 -95.90 31.37
N GLU E 485 -73.94 -96.64 30.90
CA GLU E 485 -73.68 -97.98 30.37
C GLU E 485 -73.09 -97.94 28.96
N ASN E 486 -73.47 -96.97 28.15
CA ASN E 486 -73.15 -96.98 26.73
C ASN E 486 -71.68 -96.64 26.52
N GLN E 487 -70.95 -97.53 25.85
CA GLN E 487 -69.52 -97.32 25.65
C GLN E 487 -69.21 -96.15 24.72
N ILE E 488 -70.15 -95.76 23.87
CA ILE E 488 -69.93 -94.63 22.98
C ILE E 488 -70.32 -93.32 23.63
N LEU E 489 -71.39 -93.32 24.44
CA LEU E 489 -71.93 -92.12 25.05
C LEU E 489 -71.46 -91.93 26.50
N ILE E 490 -70.48 -92.71 26.94
CA ILE E 490 -69.94 -92.50 28.29
C ILE E 490 -69.22 -91.15 28.35
N ARG E 491 -69.14 -90.60 29.56
CA ARG E 491 -68.47 -89.33 29.78
C ARG E 491 -66.97 -89.46 29.48
N PRO E 492 -66.39 -88.55 28.70
CA PRO E 492 -65.01 -88.74 28.28
C PRO E 492 -64.07 -88.71 29.47
N PRO E 493 -62.98 -89.46 29.41
CA PRO E 493 -61.96 -89.36 30.46
C PRO E 493 -61.25 -88.01 30.42
N ALA E 494 -60.80 -87.58 31.61
CA ALA E 494 -60.12 -86.29 31.77
C ALA E 494 -58.62 -86.43 31.48
N PRO E 495 -58.01 -85.44 30.84
CA PRO E 495 -56.58 -85.52 30.57
C PRO E 495 -55.76 -85.44 31.85
N THR E 496 -54.57 -86.02 31.81
CA THR E 496 -53.63 -85.87 32.92
C THR E 496 -52.98 -84.49 32.95
N ILE E 497 -53.15 -83.68 31.92
CA ILE E 497 -52.68 -82.29 31.89
C ILE E 497 -53.89 -81.39 31.72
N THR E 498 -54.10 -80.49 32.68
CA THR E 498 -55.20 -79.54 32.65
C THR E 498 -54.67 -78.12 32.46
N THR E 499 -55.33 -77.34 31.61
CA THR E 499 -54.93 -75.95 31.34
C THR E 499 -56.07 -74.99 31.64
N VAL E 500 -55.73 -73.86 32.25
CA VAL E 500 -56.69 -72.80 32.57
C VAL E 500 -56.07 -71.47 32.16
N SER E 501 -56.93 -70.47 31.91
CA SER E 501 -56.49 -69.18 31.43
C SER E 501 -56.41 -68.17 32.57
N GLU E 502 -55.41 -67.28 32.50
CA GLU E 502 -55.12 -66.31 33.55
C GLU E 502 -54.91 -64.92 32.98
N ASN E 503 -55.22 -63.91 33.79
CA ASN E 503 -54.94 -62.52 33.47
C ASN E 503 -53.70 -62.06 34.24
N VAL E 504 -52.70 -61.54 33.51
CA VAL E 504 -51.43 -61.14 34.10
C VAL E 504 -51.18 -59.68 33.74
N PRO E 505 -50.89 -58.81 34.71
CA PRO E 505 -50.64 -57.40 34.38
C PRO E 505 -49.45 -57.21 33.45
N ALA E 506 -49.61 -56.30 32.50
CA ALA E 506 -48.64 -56.12 31.41
C ALA E 506 -47.97 -54.75 31.53
N LEU E 507 -46.64 -54.75 31.53
CA LEU E 507 -45.83 -53.55 31.65
C LEU E 507 -44.98 -53.43 30.38
N THR E 508 -45.20 -52.39 29.60
CA THR E 508 -44.69 -52.32 28.23
C THR E 508 -43.98 -51.00 27.96
N ASP E 509 -42.83 -51.09 27.30
CA ASP E 509 -42.11 -49.92 26.80
C ASP E 509 -42.32 -49.84 25.29
N HIS E 510 -42.93 -48.75 24.82
CA HIS E 510 -43.27 -48.59 23.42
C HIS E 510 -42.28 -47.74 22.63
N GLY E 511 -41.18 -47.30 23.25
CA GLY E 511 -40.22 -46.46 22.57
C GLY E 511 -40.62 -45.00 22.47
N THR E 512 -39.91 -44.26 21.62
CA THR E 512 -40.07 -42.82 21.48
C THR E 512 -40.89 -42.48 20.23
N LEU E 513 -41.86 -41.58 20.38
CA LEU E 513 -42.70 -41.11 19.29
C LEU E 513 -42.74 -39.59 19.23
N PRO E 514 -42.89 -39.01 18.03
CA PRO E 514 -42.93 -37.55 17.92
C PRO E 514 -44.14 -36.94 18.63
N LEU E 515 -43.91 -35.81 19.29
CA LEU E 515 -44.85 -35.18 20.21
C LEU E 515 -45.33 -33.85 19.62
N ARG E 516 -46.59 -33.50 19.87
CA ARG E 516 -47.10 -32.20 19.46
C ARG E 516 -46.49 -31.08 20.31
N SER E 517 -46.29 -29.92 19.69
CA SER E 517 -45.64 -28.80 20.38
C SER E 517 -46.54 -28.14 21.42
N SER E 518 -47.85 -28.22 21.26
CA SER E 518 -48.78 -27.65 22.22
C SER E 518 -49.75 -28.72 22.68
N ILE E 519 -49.84 -28.93 23.99
CA ILE E 519 -50.61 -30.01 24.59
C ILE E 519 -51.73 -29.40 25.42
N ARG E 520 -52.97 -29.76 25.11
CA ARG E 520 -54.11 -29.29 25.88
C ARG E 520 -54.23 -30.02 27.22
N GLY E 521 -54.95 -29.39 28.14
CA GLY E 521 -55.06 -29.89 29.50
C GLY E 521 -55.90 -31.14 29.65
N VAL E 522 -56.81 -31.42 28.73
CA VAL E 522 -57.65 -32.61 28.77
C VAL E 522 -57.27 -33.52 27.61
N GLN E 523 -57.06 -34.81 27.90
CA GLN E 523 -56.53 -35.76 26.94
C GLN E 523 -57.43 -36.99 26.86
N ARG E 524 -57.50 -37.58 25.67
CA ARG E 524 -58.27 -38.81 25.43
C ARG E 524 -57.35 -40.02 25.36
N VAL E 525 -57.77 -41.12 26.00
CA VAL E 525 -57.04 -42.38 26.02
C VAL E 525 -57.97 -43.49 25.53
N THR E 526 -57.50 -44.30 24.57
CA THR E 526 -58.32 -45.33 23.95
C THR E 526 -57.54 -46.63 23.75
N VAL E 527 -58.20 -47.75 24.00
CA VAL E 527 -57.67 -49.09 23.77
C VAL E 527 -58.68 -49.88 22.94
N THR E 528 -58.26 -50.41 21.79
CA THR E 528 -59.14 -51.17 20.90
C THR E 528 -58.50 -52.48 20.46
N ASP E 529 -59.33 -53.42 20.01
CA ASP E 529 -58.91 -54.74 19.59
C ASP E 529 -58.62 -54.77 18.08
N ALA E 530 -58.44 -55.96 17.52
CA ALA E 530 -58.04 -56.10 16.13
C ALA E 530 -59.12 -55.64 15.16
N ARG E 531 -60.39 -55.77 15.53
CA ARG E 531 -61.49 -55.28 14.72
C ARG E 531 -61.84 -53.83 15.05
N ARG E 532 -61.03 -53.17 15.88
CA ARG E 532 -61.20 -51.76 16.27
C ARG E 532 -62.48 -51.53 17.08
N ARG E 533 -62.81 -52.47 17.95
CA ARG E 533 -63.81 -52.26 19.00
C ARG E 533 -63.10 -52.03 20.33
N THR E 534 -63.74 -51.24 21.20
CA THR E 534 -63.22 -51.11 22.56
C THR E 534 -63.46 -52.42 23.32
N CYS E 535 -62.61 -52.66 24.32
CA CYS E 535 -62.67 -53.90 25.08
C CYS E 535 -63.28 -53.67 26.45
N PRO E 536 -64.45 -54.23 26.76
CA PRO E 536 -65.08 -54.02 28.07
C PRO E 536 -64.37 -54.71 29.23
N TYR E 537 -63.35 -55.52 29.01
CA TYR E 537 -62.68 -56.23 30.08
C TYR E 537 -61.40 -55.56 30.57
N VAL E 538 -61.08 -54.37 30.07
CA VAL E 538 -60.01 -53.57 30.66
C VAL E 538 -60.56 -52.85 31.89
N TYR E 539 -59.86 -52.96 33.02
CA TYR E 539 -60.28 -52.19 34.18
C TYR E 539 -59.16 -51.38 34.83
N LYS E 540 -57.98 -51.33 34.22
CA LYS E 540 -56.90 -50.46 34.70
C LYS E 540 -55.97 -50.18 33.54
N ALA E 541 -55.74 -48.90 33.27
CA ALA E 541 -54.85 -48.47 32.19
C ALA E 541 -54.20 -47.15 32.57
N LEU E 542 -52.86 -47.11 32.55
CA LEU E 542 -52.08 -45.93 32.87
C LEU E 542 -51.02 -45.68 31.81
N GLY E 543 -50.68 -44.41 31.62
CA GLY E 543 -49.59 -44.05 30.73
C GLY E 543 -48.68 -43.03 31.37
N ILE E 544 -47.40 -43.14 31.04
CA ILE E 544 -46.36 -42.22 31.50
C ILE E 544 -45.51 -41.83 30.31
N VAL E 545 -45.35 -40.53 30.09
CA VAL E 545 -44.62 -39.99 28.94
C VAL E 545 -43.45 -39.14 29.43
N ALA E 546 -42.29 -39.32 28.82
CA ALA E 546 -41.09 -38.55 29.15
C ALA E 546 -40.59 -37.78 27.94
N PRO E 547 -40.90 -36.48 27.82
CA PRO E 547 -40.46 -35.72 26.63
C PRO E 547 -38.96 -35.46 26.62
N ARG E 548 -38.42 -35.30 25.40
CA ARG E 548 -37.04 -34.87 25.19
C ARG E 548 -36.88 -34.34 23.77
N VAL E 549 -35.79 -33.61 23.55
CA VAL E 549 -35.52 -32.97 22.26
C VAL E 549 -34.99 -34.00 21.27
N LEU E 550 -35.54 -33.99 20.05
CA LEU E 550 -35.09 -34.86 18.97
C LEU E 550 -34.19 -34.15 17.96
N SER E 551 -34.61 -32.99 17.46
CA SER E 551 -33.80 -32.26 16.49
C SER E 551 -34.15 -30.77 16.54
N SER E 552 -33.36 -29.98 15.83
CA SER E 552 -33.51 -28.54 15.81
C SER E 552 -34.52 -28.11 14.75
N ARG E 553 -35.16 -26.97 15.01
CA ARG E 553 -36.08 -26.30 14.08
C ARG E 553 -37.35 -27.10 13.84
N ARG F 48 -11.78 41.18 -19.09
CA ARG F 48 -12.45 41.24 -20.39
C ARG F 48 -13.40 42.43 -20.48
N ASN F 49 -13.00 43.58 -19.94
CA ASN F 49 -13.88 44.74 -19.91
C ASN F 49 -13.17 46.05 -20.24
N SER F 50 -12.04 46.00 -20.96
CA SER F 50 -11.28 47.21 -21.24
C SER F 50 -11.78 47.88 -22.53
N ILE F 51 -11.51 49.17 -22.62
CA ILE F 51 -11.91 50.00 -23.76
C ILE F 51 -10.68 50.78 -24.23
N ARG F 52 -10.33 50.64 -25.52
CA ARG F 52 -9.06 51.12 -26.03
C ARG F 52 -9.24 52.03 -27.24
N TYR F 53 -8.37 53.03 -27.34
CA TYR F 53 -8.36 53.99 -28.44
C TYR F 53 -7.08 53.81 -29.24
N SER F 54 -7.21 53.73 -30.58
CA SER F 54 -6.12 53.25 -31.41
C SER F 54 -4.90 54.18 -31.42
N GLU F 55 -5.04 55.43 -30.98
CA GLU F 55 -3.89 56.32 -30.96
C GLU F 55 -3.09 56.27 -29.66
N LEU F 56 -3.45 55.42 -28.71
CA LEU F 56 -2.76 55.33 -27.43
C LEU F 56 -2.20 53.94 -27.22
N SER F 57 -1.02 53.85 -26.59
CA SER F 57 -0.35 52.59 -26.32
C SER F 57 0.63 52.76 -25.17
N PRO F 58 0.80 51.75 -24.31
CA PRO F 58 1.71 51.87 -23.17
C PRO F 58 3.17 51.60 -23.53
N LEU F 59 4.08 52.06 -22.66
CA LEU F 59 5.51 52.08 -22.92
C LEU F 59 6.25 51.05 -22.06
N TYR F 60 7.30 50.45 -22.65
CA TYR F 60 8.10 49.44 -21.98
C TYR F 60 9.58 49.56 -22.34
N ASP F 61 10.42 49.13 -21.38
CA ASP F 61 11.83 48.77 -21.48
C ASP F 61 12.87 49.88 -21.65
N THR F 62 12.50 51.04 -22.20
CA THR F 62 13.43 52.14 -22.41
C THR F 62 12.70 53.29 -23.09
N THR F 63 13.28 54.48 -22.97
CA THR F 63 12.71 55.72 -23.52
C THR F 63 13.80 56.79 -23.48
N ARG F 64 13.42 58.05 -23.72
CA ARG F 64 14.34 59.18 -23.63
C ARG F 64 13.75 60.28 -22.75
N LEU F 65 14.62 60.96 -22.01
CA LEU F 65 14.27 62.18 -21.28
C LEU F 65 15.20 63.30 -21.72
N TYR F 66 14.66 64.47 -22.00
CA TYR F 66 15.42 65.60 -22.55
C TYR F 66 15.47 66.75 -21.56
N LEU F 67 16.68 67.27 -21.32
CA LEU F 67 16.93 68.38 -20.40
C LEU F 67 17.48 69.54 -21.22
N VAL F 68 16.61 70.49 -21.53
CA VAL F 68 16.89 71.52 -22.53
C VAL F 68 16.76 72.89 -21.87
N ASP F 69 17.69 73.78 -22.19
CA ASP F 69 17.84 75.04 -21.48
C ASP F 69 17.14 76.23 -22.13
N ASN F 70 16.43 76.06 -23.25
CA ASN F 70 15.84 77.20 -23.95
C ASN F 70 14.42 76.90 -24.42
N LYS F 71 13.61 76.27 -23.58
CA LYS F 71 12.19 76.14 -23.88
C LYS F 71 11.50 77.48 -23.69
N SER F 72 10.55 77.80 -24.58
CA SER F 72 9.98 79.14 -24.62
C SER F 72 9.22 79.47 -23.34
N ALA F 73 8.40 78.53 -22.84
CA ALA F 73 7.59 78.80 -21.66
C ALA F 73 8.41 78.77 -20.37
N ASP F 74 9.45 77.94 -20.31
CA ASP F 74 10.29 77.89 -19.12
C ASP F 74 11.11 79.17 -18.95
N ILE F 75 11.44 79.84 -20.05
CA ILE F 75 12.19 81.08 -19.96
C ILE F 75 11.41 82.14 -19.21
N ALA F 76 10.12 82.27 -19.49
CA ALA F 76 9.33 83.35 -18.93
C ALA F 76 9.00 83.13 -17.46
N SER F 77 8.65 81.91 -17.08
CA SER F 77 8.07 81.66 -15.77
C SER F 77 8.97 80.95 -14.77
N LEU F 78 10.15 80.49 -15.16
CA LEU F 78 10.99 79.76 -14.23
C LEU F 78 12.33 80.40 -13.96
N ASN F 79 12.99 80.96 -14.97
CA ASN F 79 14.42 81.22 -14.92
C ASN F 79 14.74 82.70 -15.02
N TYR F 80 13.96 83.55 -14.34
CA TYR F 80 14.13 84.99 -14.48
C TYR F 80 15.46 85.46 -13.89
N GLN F 81 15.91 84.85 -12.80
CA GLN F 81 17.14 85.26 -12.13
C GLN F 81 18.30 84.27 -12.33
N ASN F 82 18.20 83.35 -13.30
CA ASN F 82 19.18 82.28 -13.47
C ASN F 82 20.06 82.54 -14.69
N ASP F 83 21.04 81.65 -14.90
CA ASP F 83 21.84 81.65 -16.12
C ASP F 83 22.08 80.21 -16.55
N HIS F 84 22.79 80.03 -17.66
CA HIS F 84 22.92 78.71 -18.27
C HIS F 84 23.77 77.74 -17.44
N SER F 85 24.47 78.22 -16.42
CA SER F 85 25.21 77.34 -15.54
C SER F 85 24.36 76.77 -14.41
N ASN F 86 23.18 77.34 -14.14
CA ASN F 86 22.32 76.89 -13.03
C ASN F 86 20.88 77.32 -13.32
N PHE F 87 20.06 76.38 -13.80
CA PHE F 87 18.73 76.72 -14.28
C PHE F 87 17.74 75.59 -14.00
N LEU F 88 16.47 75.87 -14.24
CA LEU F 88 15.39 74.90 -14.09
C LEU F 88 14.76 74.61 -15.46
N THR F 89 14.30 73.38 -15.63
CA THR F 89 13.66 72.98 -16.88
C THR F 89 12.61 71.92 -16.61
N THR F 90 11.69 71.75 -17.56
CA THR F 90 10.61 70.77 -17.44
C THR F 90 10.90 69.57 -18.34
N VAL F 91 10.79 68.36 -17.78
CA VAL F 91 10.94 67.15 -18.56
C VAL F 91 9.62 66.67 -19.16
N VAL F 92 8.50 67.31 -18.82
CA VAL F 92 7.21 67.01 -19.43
C VAL F 92 7.12 67.76 -20.76
N GLN F 93 6.93 67.03 -21.86
CA GLN F 93 6.91 67.61 -23.20
C GLN F 93 5.50 67.72 -23.77
N ASN F 94 4.51 68.05 -22.95
CA ASN F 94 3.09 68.08 -23.34
C ASN F 94 2.58 69.49 -23.13
N ASN F 95 2.25 70.18 -24.22
CA ASN F 95 1.89 71.59 -24.16
C ASN F 95 0.43 71.84 -23.74
N ASP F 96 -0.29 70.81 -23.31
CA ASP F 96 -1.59 71.02 -22.68
C ASP F 96 -1.46 71.65 -21.30
N PHE F 97 -0.25 71.75 -20.75
CA PHE F 97 -0.02 72.24 -19.40
C PHE F 97 1.07 73.30 -19.41
N THR F 98 0.96 74.25 -18.48
CA THR F 98 2.03 75.20 -18.23
C THR F 98 3.12 74.57 -17.36
N PRO F 99 4.33 75.14 -17.35
CA PRO F 99 5.39 74.57 -16.50
C PRO F 99 5.03 74.53 -15.03
N THR F 100 4.29 75.52 -14.53
CA THR F 100 3.84 75.50 -13.14
C THR F 100 2.95 74.29 -12.86
N GLU F 101 1.99 74.03 -13.75
CA GLU F 101 1.17 72.84 -13.61
C GLU F 101 1.99 71.56 -13.74
N ALA F 102 2.96 71.56 -14.64
CA ALA F 102 3.78 70.37 -14.86
C ALA F 102 4.62 70.01 -13.64
N SER F 103 4.93 71.00 -12.79
CA SER F 103 5.82 70.76 -11.66
C SER F 103 5.26 69.72 -10.68
N THR F 104 3.94 69.59 -10.61
CA THR F 104 3.34 68.62 -9.71
C THR F 104 3.15 67.23 -10.32
N GLN F 105 3.37 67.06 -11.61
CA GLN F 105 3.21 65.76 -12.26
C GLN F 105 4.47 64.91 -12.06
N THR F 106 4.34 63.61 -12.30
CA THR F 106 5.45 62.68 -12.13
C THR F 106 5.52 61.69 -13.28
N ILE F 107 6.72 61.12 -13.45
CA ILE F 107 6.97 59.98 -14.32
C ILE F 107 7.45 58.84 -13.44
N ASN F 108 6.83 57.66 -13.59
CA ASN F 108 7.05 56.56 -12.67
C ASN F 108 7.61 55.34 -13.39
N PHE F 109 8.76 54.86 -12.92
CA PHE F 109 9.39 53.64 -13.42
C PHE F 109 9.07 52.50 -12.46
N ASP F 110 8.73 51.32 -13.01
CA ASP F 110 8.12 50.26 -12.22
C ASP F 110 8.94 49.93 -10.98
N GLU F 111 8.27 49.96 -9.82
CA GLU F 111 8.94 49.85 -8.53
C GLU F 111 9.44 48.44 -8.23
N ARG F 112 9.07 47.45 -9.03
CA ARG F 112 9.60 46.10 -8.86
C ARG F 112 10.97 45.90 -9.51
N SER F 113 11.56 46.95 -10.10
CA SER F 113 12.91 46.91 -10.65
C SER F 113 13.69 48.10 -10.13
N ARG F 114 15.01 47.96 -10.17
CA ARG F 114 15.92 49.09 -9.98
C ARG F 114 16.40 49.57 -11.34
N TRP F 115 16.37 50.89 -11.55
CA TRP F 115 16.61 51.47 -12.86
C TRP F 115 17.90 52.28 -12.89
N GLY F 116 18.54 52.32 -14.05
CA GLY F 116 19.68 53.18 -14.27
C GLY F 116 19.50 54.02 -15.52
N GLY F 117 20.30 55.07 -15.61
CA GLY F 117 20.21 55.97 -16.74
C GLY F 117 21.54 56.32 -17.37
N GLN F 118 21.68 56.09 -18.67
CA GLN F 118 22.87 56.47 -19.40
C GLN F 118 22.80 57.94 -19.80
N LEU F 119 23.83 58.71 -19.47
CA LEU F 119 23.82 60.17 -19.58
C LEU F 119 24.80 60.64 -20.64
N LYS F 120 24.33 61.49 -21.56
CA LYS F 120 25.15 62.18 -22.54
C LYS F 120 24.92 63.68 -22.43
N THR F 121 25.98 64.48 -22.55
CA THR F 121 25.88 65.92 -22.41
C THR F 121 26.53 66.63 -23.58
N ILE F 122 26.07 67.85 -23.83
CA ILE F 122 26.62 68.77 -24.82
C ILE F 122 26.82 70.12 -24.15
N MET F 123 28.03 70.68 -24.28
CA MET F 123 28.38 71.94 -23.62
C MET F 123 29.19 72.81 -24.56
N HIS F 124 28.95 74.13 -24.49
CA HIS F 124 29.73 75.11 -25.26
C HIS F 124 29.99 76.35 -24.41
N THR F 125 31.20 76.90 -24.52
CA THR F 125 31.64 78.01 -23.68
C THR F 125 32.18 79.16 -24.55
N ASN F 126 32.32 80.34 -23.95
CA ASN F 126 32.89 81.50 -24.62
C ASN F 126 33.84 82.27 -23.70
N MET F 127 34.73 81.57 -23.01
CA MET F 127 35.64 82.17 -22.02
C MET F 127 36.84 82.84 -22.71
N PRO F 128 37.16 84.09 -22.39
CA PRO F 128 38.43 84.67 -22.81
C PRO F 128 39.56 84.35 -21.83
N ASN F 129 40.78 84.37 -22.34
CA ASN F 129 41.90 83.86 -21.55
C ASN F 129 42.37 84.82 -20.46
N VAL F 130 42.16 86.12 -20.59
CA VAL F 130 42.53 87.09 -19.55
C VAL F 130 41.25 87.68 -18.99
N ASN F 131 40.91 87.32 -17.75
CA ASN F 131 39.67 87.78 -17.14
C ASN F 131 39.81 87.75 -15.62
N GLU F 132 38.90 88.46 -14.96
CA GLU F 132 38.96 88.62 -13.51
C GLU F 132 38.49 87.38 -12.76
N TYR F 133 37.48 86.68 -13.28
CA TYR F 133 36.86 85.59 -12.55
C TYR F 133 37.84 84.43 -12.31
N MET F 134 38.79 84.23 -13.22
CA MET F 134 39.73 83.12 -13.14
C MET F 134 41.11 83.53 -12.62
N PHE F 135 41.25 84.75 -12.11
CA PHE F 135 42.49 85.23 -11.50
C PHE F 135 43.65 85.29 -12.49
N SER F 136 43.37 85.50 -13.76
CA SER F 136 44.41 85.72 -14.77
C SER F 136 44.52 87.19 -15.14
N ASN F 137 44.11 88.07 -14.24
CA ASN F 137 43.99 89.50 -14.50
C ASN F 137 45.01 90.35 -13.78
N LYS F 138 45.75 89.79 -12.82
CA LYS F 138 46.51 90.60 -11.89
C LYS F 138 47.75 89.87 -11.41
N PHE F 139 48.72 90.64 -10.93
CA PHE F 139 49.93 90.13 -10.29
C PHE F 139 50.49 91.23 -9.39
N LYS F 140 51.46 90.87 -8.55
CA LYS F 140 52.09 91.81 -7.62
C LYS F 140 53.58 91.91 -7.89
N ALA F 141 54.13 93.10 -7.65
CA ALA F 141 55.55 93.35 -7.87
C ALA F 141 56.02 94.47 -6.94
N ARG F 142 57.35 94.52 -6.74
CA ARG F 142 57.99 95.53 -5.90
C ARG F 142 58.91 96.39 -6.76
N VAL F 143 58.64 97.69 -6.80
CA VAL F 143 59.37 98.63 -7.62
C VAL F 143 59.86 99.80 -6.76
N MET F 144 60.64 100.69 -7.37
CA MET F 144 61.24 101.82 -6.67
C MET F 144 60.33 103.04 -6.76
N VAL F 145 60.05 103.64 -5.60
CA VAL F 145 59.14 104.78 -5.53
C VAL F 145 59.87 106.11 -5.39
N SER F 146 61.05 106.13 -4.76
CA SER F 146 61.77 107.37 -4.56
C SER F 146 63.27 107.13 -4.59
N ARG F 147 63.98 107.96 -5.33
CA ARG F 147 65.41 108.11 -5.16
C ARG F 147 65.65 109.22 -4.14
N LYS F 148 66.88 109.69 -4.01
CA LYS F 148 67.18 110.76 -3.05
C LYS F 148 66.56 112.08 -3.51
N ASP F 171 72.82 108.48 -1.96
CA ASP F 171 71.43 108.35 -2.37
C ASP F 171 70.72 107.26 -1.57
N ILE F 172 69.51 107.56 -1.12
CA ILE F 172 68.66 106.61 -0.40
C ILE F 172 67.50 106.23 -1.29
N LEU F 173 67.26 104.92 -1.41
CA LEU F 173 66.27 104.38 -2.33
C LEU F 173 65.16 103.71 -1.56
N LYS F 174 63.91 103.97 -1.97
CA LYS F 174 62.73 103.41 -1.31
C LYS F 174 61.95 102.56 -2.29
N TYR F 175 61.45 101.42 -1.80
CA TYR F 175 60.71 100.47 -2.62
C TYR F 175 59.38 100.14 -1.93
N GLU F 176 58.41 99.68 -2.72
CA GLU F 176 57.09 99.36 -2.20
C GLU F 176 56.42 98.33 -3.09
N TRP F 177 55.49 97.56 -2.51
CA TRP F 177 54.70 96.57 -3.22
C TRP F 177 53.42 97.19 -3.76
N PHE F 178 53.01 96.73 -4.95
CA PHE F 178 51.76 97.15 -5.57
C PHE F 178 51.11 95.95 -6.24
N GLU F 179 49.82 96.09 -6.55
CA GLU F 179 49.08 95.12 -7.35
C GLU F 179 48.71 95.76 -8.68
N PHE F 180 48.98 95.06 -9.77
CA PHE F 180 48.80 95.58 -11.12
C PHE F 180 47.65 94.85 -11.82
N ILE F 181 46.87 95.59 -12.61
CA ILE F 181 45.66 95.09 -13.25
C ILE F 181 45.76 95.28 -14.75
N LEU F 182 45.43 94.23 -15.52
CA LEU F 182 45.33 94.20 -16.97
C LEU F 182 43.89 94.33 -17.41
N PRO F 183 43.62 94.86 -18.61
CA PRO F 183 42.26 94.84 -19.14
C PRO F 183 41.92 93.50 -19.76
N GLU F 184 40.63 93.18 -19.77
CA GLU F 184 40.15 91.85 -20.13
C GLU F 184 40.02 91.67 -21.64
N GLY F 185 40.20 90.44 -22.09
CA GLY F 185 40.15 90.10 -23.50
C GLY F 185 40.81 88.77 -23.76
N ASN F 186 40.83 88.40 -25.04
CA ASN F 186 41.40 87.13 -25.49
C ASN F 186 42.65 87.43 -26.32
N PHE F 187 43.82 87.23 -25.72
CA PHE F 187 45.08 87.68 -26.29
C PHE F 187 46.05 86.54 -26.49
N SER F 188 46.97 86.71 -27.43
CA SER F 188 48.08 85.77 -27.57
C SER F 188 49.10 85.99 -26.45
N ALA F 189 50.06 85.07 -26.36
CA ALA F 189 51.04 85.12 -25.29
C ALA F 189 51.95 86.35 -25.41
N THR F 190 52.39 86.68 -26.63
CA THR F 190 53.23 87.86 -26.81
C THR F 190 52.47 89.14 -26.46
N MET F 191 51.22 89.25 -26.91
CA MET F 191 50.43 90.42 -26.58
C MET F 191 50.17 90.55 -25.09
N THR F 192 50.04 89.43 -24.39
CA THR F 192 49.86 89.47 -22.94
C THR F 192 51.09 90.03 -22.24
N ILE F 193 52.28 89.65 -22.70
CA ILE F 193 53.52 90.13 -22.09
C ILE F 193 53.69 91.63 -22.32
N ASP F 194 53.25 92.14 -23.47
CA ASP F 194 53.28 93.58 -23.69
C ASP F 194 52.40 94.32 -22.68
N LEU F 195 51.23 93.76 -22.37
CA LEU F 195 50.34 94.41 -21.43
C LEU F 195 50.91 94.44 -20.02
N MET F 196 51.65 93.40 -19.62
CA MET F 196 52.27 93.38 -18.30
C MET F 196 53.37 94.43 -18.19
N ASN F 197 54.18 94.60 -19.24
CA ASN F 197 55.18 95.66 -19.24
C ASN F 197 54.52 97.03 -19.18
N ASN F 198 53.43 97.21 -19.93
CA ASN F 198 52.73 98.49 -19.94
C ASN F 198 52.17 98.83 -18.57
N ALA F 199 51.73 97.84 -17.80
CA ALA F 199 51.23 98.09 -16.45
C ALA F 199 52.34 98.60 -15.53
N ILE F 200 53.54 98.04 -15.66
CA ILE F 200 54.67 98.50 -14.83
C ILE F 200 54.98 99.95 -15.14
N ILE F 201 55.02 100.31 -16.43
CA ILE F 201 55.41 101.66 -16.83
C ILE F 201 54.39 102.70 -16.39
N ASP F 202 53.09 102.37 -16.43
CA ASP F 202 52.08 103.30 -15.98
C ASP F 202 52.21 103.61 -14.49
N ASN F 203 52.79 102.71 -13.70
CA ASN F 203 53.10 103.01 -12.32
C ASN F 203 54.29 103.97 -12.19
N TYR F 204 55.25 103.88 -13.12
CA TYR F 204 56.40 104.77 -13.10
C TYR F 204 56.04 106.17 -13.59
N LEU F 205 54.93 106.33 -14.31
CA LEU F 205 54.51 107.65 -14.76
C LEU F 205 53.61 108.36 -13.76
N GLU F 206 52.92 107.62 -12.89
CA GLU F 206 52.02 108.18 -11.89
C GLU F 206 52.71 108.45 -10.57
N ILE F 207 53.58 107.54 -10.15
CA ILE F 207 54.46 107.69 -9.00
C ILE F 207 55.85 107.60 -9.60
N GLY F 208 56.90 107.67 -8.79
CA GLY F 208 58.18 107.41 -9.39
C GLY F 208 58.75 108.63 -10.07
N ARG F 209 58.54 108.72 -11.40
CA ARG F 209 59.08 109.79 -12.23
C ARG F 209 59.03 111.17 -11.56
N GLN F 210 57.92 111.49 -10.92
CA GLN F 210 57.80 112.78 -10.24
C GLN F 210 58.51 112.81 -8.90
N ASN F 211 59.14 111.72 -8.48
CA ASN F 211 59.88 111.67 -7.22
C ASN F 211 61.34 111.31 -7.42
N GLY F 212 61.88 111.56 -8.62
CA GLY F 212 63.31 111.51 -8.83
C GLY F 212 63.90 110.23 -9.38
N VAL F 213 63.08 109.25 -9.76
CA VAL F 213 63.61 108.03 -10.36
C VAL F 213 63.78 108.26 -11.85
N LEU F 214 64.85 107.71 -12.41
CA LEU F 214 65.15 107.88 -13.81
C LEU F 214 64.64 106.70 -14.62
N GLU F 215 64.58 106.87 -15.94
CA GLU F 215 64.21 105.76 -16.80
C GLU F 215 65.44 104.90 -17.07
N SER F 216 66.18 104.58 -16.00
CA SER F 216 67.24 103.59 -16.05
C SER F 216 67.27 102.78 -14.77
N ASP F 217 66.30 102.95 -13.88
CA ASP F 217 66.19 102.19 -12.64
C ASP F 217 64.80 101.57 -12.46
N ILE F 218 64.12 101.28 -13.58
CA ILE F 218 62.75 100.75 -13.51
C ILE F 218 62.70 99.49 -12.65
N GLY F 219 63.42 98.45 -13.05
CA GLY F 219 63.69 97.34 -12.17
C GLY F 219 62.87 96.07 -12.36
N VAL F 220 61.83 96.09 -13.18
CA VAL F 220 61.06 94.89 -13.49
C VAL F 220 60.71 94.90 -14.97
N LYS F 221 61.13 93.87 -15.70
CA LYS F 221 60.79 93.75 -17.12
C LYS F 221 60.62 92.29 -17.49
N PHE F 222 59.67 92.01 -18.38
CA PHE F 222 59.43 90.67 -18.91
C PHE F 222 59.97 90.58 -20.34
N ASP F 223 60.85 89.63 -20.59
CA ASP F 223 61.56 89.54 -21.85
C ASP F 223 61.46 88.13 -22.42
N THR F 224 62.10 87.91 -23.58
CA THR F 224 62.15 86.61 -24.22
C THR F 224 63.54 86.21 -24.70
N ARG F 225 64.55 87.05 -24.53
CA ARG F 225 65.84 86.84 -25.19
C ARG F 225 66.79 85.99 -24.35
N ASN F 226 67.78 85.42 -25.01
CA ASN F 226 68.88 84.72 -24.36
C ASN F 226 70.06 85.67 -24.32
N PHE F 227 70.19 86.40 -23.23
CA PHE F 227 71.36 87.25 -23.05
C PHE F 227 72.60 86.36 -22.91
N ARG F 228 73.76 86.93 -23.22
CA ARG F 228 75.06 86.25 -23.24
C ARG F 228 75.21 85.22 -24.36
N LEU F 229 74.40 85.31 -25.42
CA LEU F 229 74.56 84.40 -26.54
C LEU F 229 75.91 84.61 -27.24
N GLY F 230 76.22 85.84 -27.61
CA GLY F 230 77.46 86.11 -28.32
C GLY F 230 78.66 86.38 -27.42
N TRP F 231 78.65 85.79 -26.23
CA TRP F 231 79.67 86.01 -25.23
C TRP F 231 81.01 85.41 -25.67
N ASP F 232 82.10 86.07 -25.28
CA ASP F 232 83.44 85.64 -25.63
C ASP F 232 84.21 85.23 -24.39
N PRO F 233 84.84 84.05 -24.39
CA PRO F 233 85.45 83.55 -23.14
C PRO F 233 86.69 84.31 -22.71
N GLU F 234 87.32 85.09 -23.60
CA GLU F 234 88.52 85.84 -23.25
C GLU F 234 88.18 87.25 -22.78
N THR F 235 87.50 88.03 -23.62
CA THR F 235 87.13 89.40 -23.25
C THR F 235 85.95 89.45 -22.29
N LYS F 236 85.16 88.39 -22.20
CA LYS F 236 84.01 88.30 -21.30
C LYS F 236 83.01 89.43 -21.53
N LEU F 237 82.80 89.78 -22.80
CA LEU F 237 81.81 90.78 -23.17
C LEU F 237 81.09 90.32 -24.43
N ILE F 238 79.92 90.90 -24.68
CA ILE F 238 79.12 90.56 -25.86
C ILE F 238 79.77 91.28 -27.05
N MET F 239 80.55 90.54 -27.83
CA MET F 239 81.35 91.16 -28.88
C MET F 239 80.54 91.92 -29.94
N PRO F 240 79.39 91.44 -30.42
CA PRO F 240 78.67 92.22 -31.46
C PRO F 240 78.23 93.60 -31.01
N GLY F 241 78.14 93.87 -29.72
CA GLY F 241 77.67 95.15 -29.24
C GLY F 241 76.17 95.26 -29.08
N VAL F 242 75.40 94.26 -29.52
CA VAL F 242 73.97 94.19 -29.29
C VAL F 242 73.62 92.75 -28.93
N TYR F 243 72.70 92.59 -27.99
CA TYR F 243 72.21 91.26 -27.64
C TYR F 243 71.45 90.65 -28.81
N THR F 244 71.55 89.32 -28.94
CA THR F 244 70.88 88.63 -30.03
C THR F 244 69.37 88.81 -29.93
N TYR F 245 68.76 89.20 -31.04
CA TYR F 245 67.35 89.58 -31.05
C TYR F 245 66.46 88.43 -31.51
N GLU F 246 66.53 87.31 -30.76
CA GLU F 246 65.76 86.11 -31.04
C GLU F 246 65.04 85.66 -29.78
N ALA F 247 63.85 85.07 -29.96
CA ALA F 247 63.02 84.64 -28.85
C ALA F 247 63.34 83.19 -28.49
N PHE F 248 63.54 82.94 -27.20
CA PHE F 248 63.85 81.61 -26.70
C PHE F 248 62.80 81.07 -25.74
N HIS F 249 62.45 81.84 -24.70
CA HIS F 249 61.52 81.45 -23.64
C HIS F 249 61.25 82.70 -22.80
N PRO F 250 60.03 82.90 -22.33
CA PRO F 250 59.74 84.08 -21.50
C PRO F 250 60.58 84.12 -20.24
N ASP F 251 60.95 85.33 -19.83
CA ASP F 251 61.99 85.56 -18.84
C ASP F 251 61.63 86.76 -17.97
N ILE F 252 62.24 86.82 -16.78
CA ILE F 252 62.05 87.90 -15.82
C ILE F 252 63.41 88.54 -15.55
N VAL F 253 63.47 89.87 -15.67
CA VAL F 253 64.71 90.63 -15.46
C VAL F 253 64.51 91.59 -14.29
N LEU F 254 65.45 91.58 -13.35
CA LEU F 254 65.32 92.31 -12.09
C LEU F 254 66.56 93.14 -11.78
N LEU F 255 66.34 94.25 -11.07
CA LEU F 255 67.32 95.13 -10.44
C LEU F 255 67.32 94.91 -8.94
N PRO F 256 68.39 95.31 -8.23
CA PRO F 256 68.44 95.06 -6.78
C PRO F 256 67.28 95.74 -6.06
N GLY F 257 66.74 95.04 -5.07
CA GLY F 257 65.63 95.55 -4.28
C GLY F 257 64.24 95.25 -4.83
N CYS F 258 64.13 94.62 -5.99
CA CYS F 258 62.84 94.38 -6.64
C CYS F 258 62.47 92.90 -6.59
N GLY F 259 61.27 92.60 -7.07
CA GLY F 259 60.80 91.22 -7.11
C GLY F 259 59.37 91.15 -7.60
N VAL F 260 58.93 89.92 -7.88
CA VAL F 260 57.56 89.65 -8.31
C VAL F 260 56.99 88.53 -7.44
N ASP F 261 55.66 88.53 -7.30
CA ASP F 261 54.97 87.57 -6.45
C ASP F 261 53.73 87.04 -7.16
N PHE F 262 53.67 85.73 -7.37
CA PHE F 262 52.58 85.09 -8.10
C PHE F 262 51.67 84.26 -7.22
N THR F 263 51.58 84.59 -5.93
CA THR F 263 50.78 83.76 -5.01
C THR F 263 49.31 83.76 -5.40
N GLU F 264 48.79 84.90 -5.85
CA GLU F 264 47.37 85.01 -6.17
C GLU F 264 47.18 85.30 -7.65
N SER F 265 47.86 84.57 -8.52
CA SER F 265 47.86 84.83 -9.94
C SER F 265 48.10 83.54 -10.70
N ARG F 266 47.52 83.45 -11.89
CA ARG F 266 47.74 82.31 -12.78
C ARG F 266 48.60 82.65 -13.97
N LEU F 267 49.22 83.83 -13.98
CA LEU F 267 50.06 84.25 -15.09
C LEU F 267 51.43 83.59 -15.12
N SER F 268 51.82 82.90 -14.04
CA SER F 268 53.07 82.14 -14.10
C SER F 268 52.97 80.93 -15.02
N ASN F 269 51.77 80.38 -15.22
CA ASN F 269 51.59 79.30 -16.19
C ASN F 269 51.81 79.78 -17.62
N LEU F 270 51.37 80.99 -17.93
CA LEU F 270 51.60 81.54 -19.26
C LEU F 270 53.07 81.85 -19.50
N LEU F 271 53.83 82.14 -18.45
CA LEU F 271 55.26 82.40 -18.59
C LEU F 271 56.09 81.12 -18.68
N GLY F 272 55.52 79.98 -18.34
CA GLY F 272 56.30 78.75 -18.34
C GLY F 272 57.29 78.62 -17.21
N ILE F 273 56.99 79.17 -16.04
CA ILE F 273 57.82 79.05 -14.85
C ILE F 273 56.96 78.48 -13.73
N ARG F 274 57.37 77.33 -13.20
CA ARG F 274 56.59 76.61 -12.19
C ARG F 274 57.49 76.14 -11.05
N LYS F 275 56.86 75.77 -9.94
CA LYS F 275 57.57 75.28 -8.76
C LYS F 275 57.68 73.76 -8.77
N ARG F 276 58.84 73.26 -8.33
CA ARG F 276 59.04 71.81 -8.22
C ARG F 276 58.23 71.19 -7.09
N HIS F 277 57.76 72.00 -6.14
CA HIS F 277 56.88 71.55 -5.06
C HIS F 277 55.59 72.36 -5.18
N PRO F 278 54.69 71.96 -6.08
CA PRO F 278 53.56 72.83 -6.42
C PRO F 278 52.48 72.91 -5.35
N PHE F 279 52.52 72.07 -4.32
CA PHE F 279 51.52 72.11 -3.26
C PHE F 279 51.93 72.96 -2.07
N GLN F 280 53.10 73.59 -2.11
CA GLN F 280 53.55 74.50 -1.04
C GLN F 280 53.11 75.92 -1.40
N GLU F 281 52.38 76.55 -0.49
CA GLU F 281 51.80 77.86 -0.76
C GLU F 281 52.90 78.94 -0.86
N GLY F 282 52.68 79.89 -1.76
CA GLY F 282 53.58 81.01 -1.92
C GLY F 282 54.55 80.88 -3.08
N PHE F 283 54.64 81.90 -3.92
CA PHE F 283 55.53 81.89 -5.09
C PHE F 283 56.08 83.31 -5.27
N LYS F 284 57.27 83.54 -4.73
CA LYS F 284 57.94 84.84 -4.83
C LYS F 284 59.34 84.65 -5.38
N ILE F 285 59.75 85.55 -6.28
CA ILE F 285 61.08 85.54 -6.87
C ILE F 285 61.69 86.93 -6.68
N MET F 286 62.75 87.01 -5.88
CA MET F 286 63.41 88.28 -5.56
C MET F 286 64.79 88.33 -6.20
N TYR F 287 65.40 89.52 -6.14
CA TYR F 287 66.71 89.71 -6.75
C TYR F 287 67.78 88.84 -6.10
N GLU F 288 67.64 88.55 -4.81
CA GLU F 288 68.62 87.71 -4.13
C GLU F 288 68.53 86.25 -4.51
N ASP F 289 67.43 85.81 -5.12
CA ASP F 289 67.29 84.42 -5.51
C ASP F 289 67.86 84.11 -6.89
N LEU F 290 68.25 85.13 -7.66
CA LEU F 290 68.75 84.96 -9.02
C LEU F 290 70.28 85.01 -9.10
N GLU F 291 70.96 84.48 -8.08
CA GLU F 291 72.42 84.52 -8.06
C GLU F 291 73.00 83.78 -9.25
N GLY F 292 74.06 84.35 -9.83
CA GLY F 292 74.69 83.79 -11.00
C GLY F 292 74.07 84.18 -12.33
N GLY F 293 73.03 85.01 -12.32
CA GLY F 293 72.33 85.33 -13.54
C GLY F 293 72.54 86.75 -14.03
N ASN F 294 73.64 87.39 -13.64
CA ASN F 294 73.90 88.75 -14.08
C ASN F 294 74.11 88.81 -15.59
N ILE F 295 73.53 89.83 -16.21
CA ILE F 295 73.60 90.01 -17.65
C ILE F 295 74.94 90.63 -18.03
N PRO F 296 75.74 89.97 -18.88
CA PRO F 296 77.04 90.55 -19.23
C PRO F 296 76.90 91.88 -19.95
N ALA F 297 77.84 92.79 -19.67
CA ALA F 297 77.81 94.12 -20.23
C ALA F 297 78.23 94.12 -21.69
N LEU F 298 77.77 95.14 -22.41
CA LEU F 298 78.17 95.43 -23.79
C LEU F 298 78.29 94.19 -24.67
N ILE F 364 88.70 97.80 -25.99
CA ILE F 364 88.22 96.73 -25.13
C ILE F 364 87.69 97.30 -23.82
N GLN F 365 86.56 98.01 -23.89
CA GLN F 365 85.90 98.54 -22.71
C GLN F 365 84.39 98.42 -22.87
N PRO F 366 83.66 98.19 -21.78
CA PRO F 366 82.20 98.09 -21.90
C PRO F 366 81.57 99.44 -22.18
N LEU F 367 80.46 99.41 -22.92
CA LEU F 367 79.66 100.61 -23.10
C LEU F 367 78.93 100.93 -21.80
N GLU F 368 78.98 102.19 -21.38
CA GLU F 368 78.43 102.58 -20.09
C GLU F 368 77.12 103.34 -20.18
N LYS F 369 76.69 103.74 -21.38
CA LYS F 369 75.47 104.52 -21.52
C LYS F 369 74.87 104.28 -22.90
N ASP F 370 73.61 104.65 -23.03
CA ASP F 370 72.86 104.43 -24.27
C ASP F 370 72.97 105.65 -25.18
N SER F 371 72.24 105.63 -26.29
CA SER F 371 72.33 106.72 -27.26
C SER F 371 71.82 108.04 -26.69
N LYS F 372 70.72 108.00 -25.93
CA LYS F 372 70.12 109.18 -25.35
C LYS F 372 70.58 109.42 -23.91
N SER F 373 71.80 108.98 -23.57
CA SER F 373 72.38 109.16 -22.25
C SER F 373 71.51 108.52 -21.16
N ARG F 374 71.37 107.21 -21.25
CA ARG F 374 70.75 106.41 -20.20
C ARG F 374 71.78 105.41 -19.68
N SER F 375 71.90 105.34 -18.35
CA SER F 375 72.87 104.45 -17.74
C SER F 375 72.49 102.99 -17.97
N TYR F 376 73.48 102.18 -18.34
CA TYR F 376 73.31 100.74 -18.41
C TYR F 376 73.56 100.06 -17.07
N ASN F 377 73.89 100.82 -16.02
CA ASN F 377 74.12 100.27 -14.68
C ASN F 377 75.29 99.30 -14.65
N VAL F 378 76.37 99.64 -15.37
CA VAL F 378 77.57 98.81 -15.33
C VAL F 378 78.21 98.89 -13.95
N LEU F 379 78.82 97.78 -13.52
CA LEU F 379 79.38 97.65 -12.19
C LEU F 379 80.90 97.68 -12.25
N GLU F 380 81.53 97.46 -11.10
CA GLU F 380 82.97 97.32 -11.05
C GLU F 380 83.40 96.03 -11.76
N ASP F 381 84.68 95.98 -12.13
CA ASP F 381 85.30 94.92 -12.93
C ASP F 381 84.88 95.02 -14.38
N LYS F 382 83.94 95.91 -14.70
CA LYS F 382 83.65 96.31 -16.08
C LYS F 382 83.37 95.12 -17.00
N ILE F 383 82.69 94.10 -16.47
CA ILE F 383 82.26 92.96 -17.27
C ILE F 383 80.76 92.71 -17.14
N ASN F 384 80.23 92.74 -15.93
CA ASN F 384 78.83 92.40 -15.69
C ASN F 384 78.03 93.64 -15.31
N THR F 385 76.71 93.51 -15.47
CA THR F 385 75.75 94.56 -15.20
C THR F 385 74.88 94.17 -14.01
N ALA F 386 74.29 95.17 -13.36
CA ALA F 386 73.45 94.92 -12.19
C ALA F 386 72.18 94.13 -12.51
N TYR F 387 71.74 94.11 -13.77
CA TYR F 387 70.54 93.36 -14.13
C TYR F 387 70.77 91.86 -13.97
N ARG F 388 69.76 91.16 -13.43
CA ARG F 388 69.76 89.72 -13.34
C ARG F 388 68.52 89.17 -14.04
N SER F 389 68.63 87.94 -14.55
CA SER F 389 67.51 87.31 -15.25
C SER F 389 67.33 85.87 -14.82
N TRP F 390 66.07 85.43 -14.77
CA TRP F 390 65.75 84.07 -14.36
C TRP F 390 66.34 83.03 -15.31
N TYR F 391 66.29 83.30 -16.61
CA TYR F 391 66.74 82.31 -17.59
C TYR F 391 68.24 82.08 -17.50
N LEU F 392 69.02 83.15 -17.33
CA LEU F 392 70.46 83.00 -17.22
C LEU F 392 70.83 82.23 -15.95
N SER F 393 70.15 82.51 -14.85
CA SER F 393 70.42 81.81 -13.60
C SER F 393 70.01 80.34 -13.69
N TYR F 394 68.90 80.04 -14.37
CA TYR F 394 68.45 78.66 -14.50
C TYR F 394 69.43 77.83 -15.34
N ASN F 395 69.95 78.40 -16.41
CA ASN F 395 70.76 77.63 -17.35
C ASN F 395 72.26 77.70 -17.08
N TYR F 396 72.77 78.80 -16.52
CA TYR F 396 74.21 78.97 -16.35
C TYR F 396 74.66 79.08 -14.90
N GLY F 397 73.75 79.26 -13.96
CA GLY F 397 74.10 79.38 -12.56
C GLY F 397 74.43 78.06 -11.92
N ASN F 398 74.54 78.08 -10.59
CA ASN F 398 74.89 76.88 -9.83
C ASN F 398 73.72 75.91 -9.81
N PRO F 399 73.88 74.67 -10.27
CA PRO F 399 72.74 73.74 -10.33
C PRO F 399 72.12 73.43 -8.98
N GLU F 400 72.90 73.45 -7.89
CA GLU F 400 72.40 72.99 -6.60
C GLU F 400 72.16 74.13 -5.61
N LYS F 401 72.33 75.39 -6.03
CA LYS F 401 72.06 76.52 -5.15
C LYS F 401 71.26 77.64 -5.79
N GLY F 402 71.24 77.75 -7.11
CA GLY F 402 70.51 78.81 -7.79
C GLY F 402 69.03 78.51 -7.89
N ILE F 403 68.38 79.29 -8.77
CA ILE F 403 66.94 79.19 -8.96
C ILE F 403 66.53 77.83 -9.53
N ARG F 404 67.46 77.10 -10.15
CA ARG F 404 67.17 75.81 -10.74
C ARG F 404 66.85 74.73 -9.72
N SER F 405 67.21 74.94 -8.46
CA SER F 405 66.99 73.90 -7.45
C SER F 405 65.54 73.80 -6.99
N TRP F 406 64.74 74.85 -7.18
CA TRP F 406 63.34 74.80 -6.75
C TRP F 406 62.35 75.36 -7.78
N THR F 407 62.78 75.69 -8.99
CA THR F 407 61.86 76.05 -10.06
C THR F 407 62.11 75.16 -11.28
N LEU F 408 61.15 75.15 -12.19
CA LEU F 408 61.15 74.27 -13.35
C LEU F 408 60.73 75.06 -14.58
N LEU F 409 61.39 74.79 -15.71
CA LEU F 409 61.11 75.44 -16.97
C LEU F 409 60.16 74.58 -17.80
N THR F 410 59.05 75.16 -18.26
CA THR F 410 58.02 74.43 -19.00
C THR F 410 57.59 75.24 -20.22
N THR F 411 56.87 74.58 -21.12
CA THR F 411 56.31 75.27 -22.29
C THR F 411 55.21 76.24 -21.86
N SER F 412 55.13 77.36 -22.56
CA SER F 412 54.12 78.37 -22.26
C SER F 412 52.72 77.84 -22.54
N ASP F 413 51.79 78.10 -21.62
CA ASP F 413 50.41 77.65 -21.74
C ASP F 413 49.50 78.87 -21.80
N VAL F 414 48.99 79.18 -23.00
CA VAL F 414 48.24 80.42 -23.21
C VAL F 414 46.90 80.41 -22.50
N THR F 415 46.28 79.24 -22.30
CA THR F 415 45.01 79.20 -21.58
C THR F 415 45.16 79.50 -20.09
N CYS F 416 46.39 79.55 -19.59
CA CYS F 416 46.73 79.77 -18.19
C CYS F 416 46.37 78.58 -17.30
N GLY F 417 46.12 77.41 -17.88
CA GLY F 417 45.88 76.21 -17.12
C GLY F 417 44.42 75.94 -16.88
N VAL F 418 43.85 75.01 -17.60
CA VAL F 418 42.44 74.69 -17.47
C VAL F 418 42.29 73.59 -16.42
N GLU F 419 41.18 73.64 -15.70
CA GLU F 419 40.85 72.61 -14.71
C GLU F 419 39.52 71.97 -15.09
N GLN F 420 39.00 71.13 -14.20
CA GLN F 420 37.84 70.30 -14.48
C GLN F 420 36.54 71.03 -14.15
N VAL F 421 35.42 70.47 -14.63
CA VAL F 421 34.08 70.92 -14.31
C VAL F 421 33.24 69.72 -13.86
N TYR F 422 32.23 70.00 -13.05
CA TYR F 422 31.37 68.98 -12.47
C TYR F 422 29.91 69.21 -12.83
N TRP F 423 29.19 68.12 -13.13
CA TRP F 423 27.76 68.15 -13.41
C TRP F 423 26.96 67.66 -12.20
N SER F 424 25.80 68.29 -11.96
CA SER F 424 24.87 67.86 -10.91
C SER F 424 23.44 67.79 -11.45
N LEU F 425 22.74 66.71 -11.11
CA LEU F 425 21.30 66.55 -11.41
C LEU F 425 20.57 66.04 -10.17
N PRO F 426 20.40 66.89 -9.16
CA PRO F 426 19.96 66.39 -7.85
C PRO F 426 18.53 65.82 -7.82
N ASP F 427 17.65 66.19 -8.75
CA ASP F 427 16.29 65.67 -8.75
C ASP F 427 16.10 64.44 -9.63
N MET F 428 17.15 63.95 -10.29
CA MET F 428 17.00 62.82 -11.19
C MET F 428 17.83 61.61 -10.77
N MET F 429 19.09 61.79 -10.41
CA MET F 429 19.99 60.71 -10.06
C MET F 429 20.08 60.54 -8.55
N GLN F 430 20.38 59.31 -8.13
CA GLN F 430 20.72 59.07 -6.73
C GLN F 430 22.11 59.62 -6.41
N ASP F 431 22.32 60.00 -5.16
CA ASP F 431 23.61 60.54 -4.73
C ASP F 431 24.66 59.44 -4.76
N PRO F 432 25.82 59.67 -5.38
CA PRO F 432 26.92 58.69 -5.31
C PRO F 432 27.48 58.56 -3.89
N VAL F 433 28.23 57.48 -3.69
CA VAL F 433 28.62 57.05 -2.34
C VAL F 433 29.45 58.12 -1.64
N THR F 434 29.14 58.34 -0.36
CA THR F 434 29.70 59.28 0.63
C THR F 434 29.22 60.74 0.45
N PHE F 435 28.47 61.09 -0.59
CA PHE F 435 27.93 62.43 -0.71
C PHE F 435 26.68 62.58 0.16
N ARG F 436 26.54 63.73 0.83
CA ARG F 436 25.35 64.05 1.62
C ARG F 436 24.29 64.73 0.76
N SER F 437 23.02 64.44 1.08
CA SER F 437 21.90 65.14 0.46
C SER F 437 21.76 66.54 1.05
N THR F 438 21.56 67.53 0.19
CA THR F 438 21.54 68.91 0.63
C THR F 438 20.83 69.77 -0.41
N ARG F 439 20.54 71.02 -0.01
CA ARG F 439 20.00 72.02 -0.93
C ARG F 439 20.93 73.22 -1.08
N GLN F 440 22.18 73.13 -0.66
CA GLN F 440 23.16 74.19 -0.88
C GLN F 440 23.86 73.97 -2.22
N VAL F 441 23.90 75.01 -3.04
CA VAL F 441 24.35 74.87 -4.42
C VAL F 441 25.83 74.49 -4.47
N SER F 442 26.66 75.10 -3.63
CA SER F 442 28.07 74.74 -3.63
C SER F 442 28.36 73.37 -3.02
N ASN F 443 27.36 72.53 -2.69
CA ASN F 443 27.66 71.21 -2.15
C ASN F 443 26.75 70.14 -2.75
N TYR F 444 26.22 70.34 -3.95
CA TYR F 444 25.44 69.31 -4.62
C TYR F 444 26.29 68.08 -4.90
N PRO F 445 25.71 66.88 -4.84
CA PRO F 445 26.44 65.68 -5.26
C PRO F 445 26.80 65.73 -6.74
N VAL F 446 27.94 65.13 -7.07
CA VAL F 446 28.54 65.23 -8.40
C VAL F 446 28.26 63.96 -9.20
N VAL F 447 27.73 64.13 -10.41
CA VAL F 447 27.32 63.01 -11.24
C VAL F 447 28.24 62.78 -12.44
N GLY F 448 29.14 63.71 -12.76
CA GLY F 448 30.11 63.51 -13.83
C GLY F 448 31.14 64.62 -13.83
N ALA F 449 32.25 64.36 -14.52
CA ALA F 449 33.37 65.30 -14.58
C ALA F 449 34.04 65.24 -15.95
N GLU F 450 34.63 66.37 -16.34
CA GLU F 450 35.36 66.50 -17.60
C GLU F 450 36.18 67.79 -17.53
N LEU F 451 36.98 68.04 -18.56
CA LEU F 451 37.75 69.27 -18.64
C LEU F 451 36.88 70.42 -19.14
N MET F 452 37.10 71.60 -18.59
CA MET F 452 36.53 72.81 -19.15
C MET F 452 37.05 72.96 -20.59
N PRO F 453 36.17 73.09 -21.58
CA PRO F 453 36.57 72.84 -22.99
C PRO F 453 37.23 74.03 -23.67
N VAL F 454 38.44 74.36 -23.23
CA VAL F 454 39.23 75.44 -23.80
C VAL F 454 40.62 74.90 -24.11
N PHE F 455 41.11 75.14 -25.33
CA PHE F 455 42.33 74.53 -25.82
C PHE F 455 43.24 75.54 -26.51
N SER F 456 44.52 75.19 -26.56
CA SER F 456 45.53 75.99 -27.23
C SER F 456 45.72 75.54 -28.67
N LYS F 457 45.97 76.49 -29.57
CA LYS F 457 46.26 76.21 -30.97
C LYS F 457 47.50 76.97 -31.42
N SER F 458 48.33 76.32 -32.24
CA SER F 458 49.61 76.88 -32.67
C SER F 458 49.57 77.38 -34.11
N PHE F 459 50.32 78.44 -34.36
CA PHE F 459 50.50 79.00 -35.69
C PHE F 459 51.97 79.32 -35.91
N TYR F 460 52.36 79.42 -37.17
CA TYR F 460 53.74 79.72 -37.55
C TYR F 460 53.82 81.11 -38.16
N ASN F 461 54.73 81.93 -37.65
CA ASN F 461 54.91 83.30 -38.15
C ASN F 461 56.38 83.67 -38.30
N HIS F 478 54.35 104.38 -30.86
CA HIS F 478 54.41 103.03 -30.32
C HIS F 478 54.38 103.04 -28.80
N VAL F 479 53.20 102.77 -28.23
CA VAL F 479 53.07 102.71 -26.78
C VAL F 479 53.77 101.48 -26.22
N PHE F 480 53.99 100.45 -27.04
CA PHE F 480 54.66 99.23 -26.59
C PHE F 480 56.17 99.26 -26.83
N ASN F 481 56.71 100.40 -27.25
CA ASN F 481 58.17 100.56 -27.39
C ASN F 481 58.49 102.02 -27.06
N ARG F 482 58.77 102.28 -25.78
CA ARG F 482 59.02 103.63 -25.28
C ARG F 482 60.51 103.93 -25.13
N PHE F 483 61.36 102.93 -25.22
CA PHE F 483 62.81 103.10 -25.13
C PHE F 483 63.45 102.36 -26.29
N PRO F 484 63.25 102.85 -27.52
CA PRO F 484 63.80 102.13 -28.69
C PRO F 484 65.31 101.97 -28.66
N GLU F 485 66.02 102.94 -28.10
CA GLU F 485 67.48 102.91 -28.14
C GLU F 485 68.07 101.93 -27.13
N ASN F 486 67.43 101.76 -25.98
CA ASN F 486 68.04 101.02 -24.87
C ASN F 486 68.01 99.52 -25.15
N GLN F 487 69.18 98.89 -25.13
CA GLN F 487 69.27 97.46 -25.44
C GLN F 487 68.59 96.59 -24.40
N ILE F 488 68.43 97.07 -23.17
CA ILE F 488 67.77 96.29 -22.13
C ILE F 488 66.27 96.49 -22.17
N LEU F 489 65.82 97.71 -22.45
CA LEU F 489 64.41 98.08 -22.41
C LEU F 489 63.75 98.05 -23.78
N ILE F 490 64.42 97.50 -24.80
CA ILE F 490 63.80 97.36 -26.10
C ILE F 490 62.63 96.37 -26.03
N ARG F 491 61.69 96.53 -26.95
CA ARG F 491 60.53 95.64 -27.01
C ARG F 491 60.97 94.23 -27.37
N PRO F 492 60.53 93.21 -26.63
CA PRO F 492 61.05 91.87 -26.86
C PRO F 492 60.70 91.37 -28.25
N PRO F 493 61.56 90.56 -28.86
CA PRO F 493 61.20 89.93 -30.13
C PRO F 493 60.08 88.91 -29.96
N ALA F 494 59.30 88.75 -31.03
CA ALA F 494 58.15 87.83 -31.04
C ALA F 494 58.61 86.42 -31.41
N PRO F 495 58.04 85.40 -30.79
CA PRO F 495 58.40 84.02 -31.14
C PRO F 495 57.95 83.66 -32.54
N THR F 496 58.67 82.71 -33.14
CA THR F 496 58.25 82.17 -34.42
C THR F 496 57.06 81.21 -34.28
N ILE F 497 56.69 80.82 -33.06
CA ILE F 497 55.49 80.02 -32.80
C ILE F 497 54.56 80.81 -31.91
N THR F 498 53.35 81.06 -32.39
CA THR F 498 52.33 81.80 -31.65
C THR F 498 51.19 80.87 -31.26
N THR F 499 50.71 81.01 -30.02
CA THR F 499 49.61 80.19 -29.52
C THR F 499 48.45 81.07 -29.05
N VAL F 500 47.23 80.64 -29.36
CA VAL F 500 46.01 81.33 -28.95
C VAL F 500 45.03 80.28 -28.43
N SER F 501 44.10 80.71 -27.57
CA SER F 501 43.16 79.81 -26.93
C SER F 501 41.81 79.82 -27.63
N GLU F 502 41.17 78.65 -27.70
CA GLU F 502 39.92 78.45 -28.43
C GLU F 502 38.90 77.71 -27.59
N ASN F 503 37.63 77.97 -27.87
CA ASN F 503 36.51 77.25 -27.27
C ASN F 503 35.98 76.23 -28.27
N VAL F 504 35.91 74.96 -27.87
CA VAL F 504 35.51 73.86 -28.75
C VAL F 504 34.34 73.13 -28.10
N PRO F 505 33.21 72.93 -28.78
CA PRO F 505 32.08 72.24 -28.16
C PRO F 505 32.44 70.81 -27.76
N ALA F 506 31.95 70.40 -26.59
CA ALA F 506 32.32 69.14 -25.97
C ALA F 506 31.13 68.20 -25.91
N LEU F 507 31.31 66.99 -26.42
CA LEU F 507 30.29 65.95 -26.47
C LEU F 507 30.79 64.77 -25.66
N THR F 508 30.09 64.44 -24.58
CA THR F 508 30.63 63.52 -23.58
C THR F 508 29.62 62.45 -23.20
N ASP F 509 30.11 61.21 -23.10
CA ASP F 509 29.34 60.08 -22.59
C ASP F 509 29.81 59.78 -21.16
N HIS F 510 28.92 59.91 -20.20
CA HIS F 510 29.26 59.73 -18.79
C HIS F 510 28.92 58.35 -18.24
N GLY F 511 28.43 57.42 -19.05
CA GLY F 511 28.07 56.11 -18.57
C GLY F 511 26.70 56.06 -17.90
N THR F 512 26.46 54.94 -17.20
CA THR F 512 25.17 54.66 -16.58
C THR F 512 25.22 54.93 -15.07
N LEU F 513 24.21 55.62 -14.55
CA LEU F 513 24.09 55.93 -13.13
C LEU F 513 22.71 55.52 -12.61
N PRO F 514 22.62 55.13 -11.33
CA PRO F 514 21.31 54.75 -10.77
C PRO F 514 20.33 55.91 -10.74
N LEU F 515 19.08 55.59 -11.05
CA LEU F 515 18.01 56.56 -11.29
C LEU F 515 16.95 56.46 -10.20
N ARG F 516 16.38 57.59 -9.82
CA ARG F 516 15.26 57.59 -8.87
C ARG F 516 14.00 56.99 -9.49
N SER F 517 13.21 56.30 -8.67
CA SER F 517 12.01 55.62 -9.18
C SER F 517 10.89 56.59 -9.55
N SER F 518 10.83 57.76 -8.92
CA SER F 518 9.81 58.75 -9.23
C SER F 518 10.48 60.06 -9.58
N ILE F 519 10.16 60.61 -10.75
CA ILE F 519 10.82 61.79 -11.30
C ILE F 519 9.78 62.91 -11.40
N ARG F 520 10.06 64.04 -10.77
CA ARG F 520 9.18 65.19 -10.84
C ARG F 520 9.32 65.91 -12.18
N GLY F 521 8.28 66.69 -12.52
CA GLY F 521 8.21 67.35 -13.81
C GLY F 521 9.17 68.49 -14.01
N VAL F 522 9.66 69.10 -12.93
CA VAL F 522 10.61 70.21 -13.00
C VAL F 522 11.94 69.75 -12.42
N GLN F 523 13.03 69.99 -13.14
CA GLN F 523 14.35 69.46 -12.81
C GLN F 523 15.38 70.59 -12.77
N ARG F 524 16.36 70.45 -11.89
CA ARG F 524 17.47 71.40 -11.74
C ARG F 524 18.73 70.87 -12.41
N VAL F 525 19.43 71.75 -13.15
CA VAL F 525 20.67 71.43 -13.83
C VAL F 525 21.74 72.41 -13.38
N THR F 526 22.91 71.90 -12.98
CA THR F 526 23.98 72.74 -12.44
C THR F 526 25.34 72.31 -12.96
N VAL F 527 26.20 73.29 -13.26
CA VAL F 527 27.58 73.09 -13.68
C VAL F 527 28.48 73.98 -12.81
N THR F 528 29.46 73.38 -12.13
CA THR F 528 30.37 74.12 -11.26
C THR F 528 31.82 73.74 -11.52
N ASP F 529 32.73 74.61 -11.08
CA ASP F 529 34.16 74.45 -11.28
C ASP F 529 34.80 73.73 -10.09
N ALA F 530 36.13 73.71 -10.04
CA ALA F 530 36.86 72.95 -9.03
C ALA F 530 36.65 73.51 -7.62
N ARG F 531 36.45 74.82 -7.50
CA ARG F 531 36.15 75.44 -6.22
C ARG F 531 34.65 75.47 -5.92
N ARG F 532 33.85 74.81 -6.75
CA ARG F 532 32.39 74.70 -6.60
C ARG F 532 31.69 76.06 -6.74
N ARG F 533 32.16 76.88 -7.66
CA ARG F 533 31.44 78.06 -8.12
C ARG F 533 30.81 77.77 -9.47
N THR F 534 29.68 78.40 -9.75
CA THR F 534 29.12 78.33 -11.10
C THR F 534 29.98 79.13 -12.06
N CYS F 535 29.94 78.74 -13.34
CA CYS F 535 30.77 79.37 -14.35
C CYS F 535 29.95 80.28 -15.23
N PRO F 536 30.19 81.60 -15.22
CA PRO F 536 29.41 82.52 -16.05
C PRO F 536 29.69 82.43 -17.55
N TYR F 537 30.66 81.63 -18.00
CA TYR F 537 30.99 81.56 -19.41
C TYR F 537 30.36 80.36 -20.13
N VAL F 538 29.52 79.59 -19.46
CA VAL F 538 28.71 78.58 -20.14
C VAL F 538 27.51 79.28 -20.77
N TYR F 539 27.27 79.02 -22.05
CA TYR F 539 26.06 79.56 -22.67
C TYR F 539 25.23 78.52 -23.42
N LYS F 540 25.58 77.24 -23.34
CA LYS F 540 24.76 76.17 -23.90
C LYS F 540 25.07 74.88 -23.17
N ALA F 541 24.04 74.24 -22.63
CA ALA F 541 24.18 72.99 -21.90
C ALA F 541 22.93 72.15 -22.08
N LEU F 542 23.09 70.92 -22.57
CA LEU F 542 21.98 69.99 -22.79
C LEU F 542 22.32 68.63 -22.19
N GLY F 543 21.28 67.92 -21.78
CA GLY F 543 21.44 66.55 -21.32
C GLY F 543 20.38 65.64 -21.92
N ILE F 544 20.79 64.40 -22.16
CA ILE F 544 19.92 63.35 -22.68
C ILE F 544 20.14 62.09 -21.85
N VAL F 545 19.05 61.53 -21.33
CA VAL F 545 19.10 60.37 -20.45
C VAL F 545 18.31 59.23 -21.07
N ALA F 546 18.86 58.03 -21.04
CA ALA F 546 18.20 56.83 -21.55
C ALA F 546 18.02 55.78 -20.46
N PRO F 547 16.85 55.67 -19.84
CA PRO F 547 16.66 54.70 -18.75
C PRO F 547 16.64 53.26 -19.23
N ARG F 548 17.03 52.36 -18.33
CA ARG F 548 16.92 50.92 -18.56
C ARG F 548 16.99 50.18 -17.22
N VAL F 549 16.57 48.92 -17.22
CA VAL F 549 16.51 48.11 -16.01
C VAL F 549 17.91 47.59 -15.67
N LEU F 550 18.28 47.71 -14.40
CA LEU F 550 19.56 47.19 -13.89
C LEU F 550 19.42 45.88 -13.14
N SER F 551 18.49 45.78 -12.19
CA SER F 551 18.30 44.55 -11.44
C SER F 551 16.89 44.49 -10.90
N SER F 552 16.54 43.33 -10.35
CA SER F 552 15.20 43.08 -9.82
C SER F 552 15.08 43.55 -8.38
N ARG F 553 13.85 43.90 -8.01
CA ARG F 553 13.46 44.28 -6.65
C ARG F 553 14.11 45.58 -6.19
N ARG G 48 35.48 28.22 -12.08
CA ARG G 48 36.23 28.01 -13.31
C ARG G 48 36.73 29.32 -13.93
N ASN G 49 37.19 30.23 -13.08
CA ASN G 49 37.60 31.55 -13.55
C ASN G 49 38.89 32.05 -12.90
N SER G 50 39.73 31.17 -12.38
CA SER G 50 40.93 31.58 -11.68
C SER G 50 42.10 31.77 -12.65
N ILE G 51 43.06 32.58 -12.24
CA ILE G 51 44.26 32.89 -13.01
C ILE G 51 45.48 32.69 -12.12
N ARG G 52 46.42 31.85 -12.56
CA ARG G 52 47.50 31.38 -11.70
C ARG G 52 48.87 31.61 -12.32
N TYR G 53 49.85 31.90 -11.48
CA TYR G 53 51.22 32.14 -11.88
C TYR G 53 52.10 31.04 -11.30
N SER G 54 52.96 30.45 -12.15
CA SER G 54 53.62 29.20 -11.81
C SER G 54 54.59 29.32 -10.64
N GLU G 55 55.00 30.53 -10.26
CA GLU G 55 55.93 30.67 -9.15
C GLU G 55 55.23 30.83 -7.79
N LEU G 56 53.91 30.78 -7.74
CA LEU G 56 53.16 30.96 -6.50
C LEU G 56 52.33 29.73 -6.19
N SER G 57 52.21 29.38 -4.91
CA SER G 57 51.45 28.23 -4.46
C SER G 57 51.05 28.41 -3.00
N PRO G 58 49.88 27.94 -2.59
CA PRO G 58 49.44 28.11 -1.19
C PRO G 58 49.99 27.05 -0.26
N LEU G 59 49.96 27.36 1.04
CA LEU G 59 50.62 26.57 2.07
C LEU G 59 49.61 25.82 2.96
N TYR G 60 50.00 24.61 3.38
CA TYR G 60 49.14 23.76 4.20
C TYR G 60 49.96 22.98 5.24
N ASP G 61 49.29 22.69 6.36
CA ASP G 61 49.60 21.69 7.40
C ASP G 61 50.75 21.97 8.36
N THR G 62 51.74 22.79 7.99
CA THR G 62 52.89 23.08 8.84
C THR G 62 53.83 24.00 8.10
N THR G 63 54.68 24.69 8.87
CA THR G 63 55.66 25.64 8.35
C THR G 63 56.65 25.97 9.47
N ARG G 64 57.48 26.98 9.27
CA ARG G 64 58.42 27.45 10.29
C ARG G 64 58.29 28.95 10.50
N LEU G 65 58.45 29.40 11.74
CA LEU G 65 58.58 30.81 12.09
C LEU G 65 59.91 31.01 12.82
N TYR G 66 60.66 32.05 12.45
CA TYR G 66 61.98 32.29 12.99
C TYR G 66 62.01 33.58 13.81
N LEU G 67 62.56 33.50 15.01
CA LEU G 67 62.68 34.64 15.94
C LEU G 67 64.16 34.90 16.16
N VAL G 68 64.69 35.90 15.46
CA VAL G 68 66.13 36.11 15.35
C VAL G 68 66.48 37.49 15.86
N ASP G 69 67.56 37.59 16.63
CA ASP G 69 67.89 38.79 17.38
C ASP G 69 68.85 39.74 16.68
N ASN G 70 69.32 39.44 15.47
CA ASN G 70 70.34 40.28 14.83
C ASN G 70 70.02 40.52 13.35
N LYS G 71 68.76 40.79 13.02
CA LYS G 71 68.44 41.23 11.67
C LYS G 71 68.90 42.67 11.46
N SER G 72 69.43 42.96 10.27
CA SER G 72 70.10 44.24 10.05
C SER G 72 69.15 45.41 10.18
N ALA G 73 67.96 45.31 9.60
CA ALA G 73 67.01 46.43 9.62
C ALA G 73 66.35 46.59 10.99
N ASP G 74 66.12 45.49 11.72
CA ASP G 74 65.51 45.59 13.04
C ASP G 74 66.44 46.25 14.05
N ILE G 75 67.77 46.12 13.85
CA ILE G 75 68.73 46.74 14.76
C ILE G 75 68.58 48.24 14.73
N ALA G 76 68.45 48.82 13.54
CA ALA G 76 68.47 50.28 13.41
C ALA G 76 67.17 50.91 13.90
N SER G 77 66.02 50.32 13.59
CA SER G 77 64.75 51.00 13.76
C SER G 77 63.90 50.48 14.92
N LEU G 78 64.27 49.39 15.57
CA LEU G 78 63.41 48.86 16.62
C LEU G 78 64.06 48.82 17.99
N ASN G 79 65.34 48.48 18.09
CA ASN G 79 65.94 48.03 19.33
C ASN G 79 67.03 48.96 19.84
N TYR G 80 66.82 50.27 19.72
CA TYR G 80 67.87 51.22 20.07
C TYR G 80 68.18 51.21 21.56
N GLN G 81 67.17 51.02 22.41
CA GLN G 81 67.34 51.04 23.86
C GLN G 81 67.26 49.65 24.50
N ASN G 82 67.34 48.57 23.73
CA ASN G 82 67.11 47.22 24.21
C ASN G 82 68.43 46.45 24.32
N ASP G 83 68.35 45.22 24.84
CA ASP G 83 69.47 44.30 24.84
C ASP G 83 68.96 42.89 24.52
N HIS G 84 69.88 41.92 24.46
CA HIS G 84 69.53 40.59 23.98
C HIS G 84 68.61 39.82 24.93
N SER G 85 68.42 40.30 26.16
CA SER G 85 67.48 39.68 27.08
C SER G 85 66.05 40.15 26.88
N ASN G 86 65.83 41.27 26.17
CA ASN G 86 64.47 41.82 25.99
C ASN G 86 64.48 42.71 24.73
N PHE G 87 63.98 42.17 23.62
CA PHE G 87 64.09 42.85 22.33
C PHE G 87 62.87 42.59 21.47
N LEU G 88 62.80 43.29 20.34
CA LEU G 88 61.74 43.14 19.35
C LEU G 88 62.32 42.60 18.05
N THR G 89 61.53 41.81 17.33
CA THR G 89 61.96 41.26 16.05
C THR G 89 60.76 41.08 15.14
N THR G 90 61.04 40.96 13.84
CA THR G 90 60.01 40.78 12.84
C THR G 90 59.99 39.32 12.36
N VAL G 91 58.80 38.72 12.34
CA VAL G 91 58.66 37.38 11.79
C VAL G 91 58.35 37.37 10.30
N VAL G 92 58.14 38.54 9.70
CA VAL G 92 57.97 38.64 8.25
C VAL G 92 59.35 38.68 7.60
N GLN G 93 59.62 37.73 6.71
CA GLN G 93 60.93 37.57 6.08
C GLN G 93 60.94 38.07 4.63
N ASN G 94 60.25 39.16 4.33
CA ASN G 94 60.08 39.67 2.97
C ASN G 94 60.63 41.09 2.94
N ASN G 95 61.74 41.28 2.21
CA ASN G 95 62.45 42.56 2.22
C ASN G 95 61.84 43.61 1.31
N ASP G 96 60.65 43.38 0.75
CA ASP G 96 59.92 44.43 0.07
C ASP G 96 59.35 45.47 1.04
N PHE G 97 59.42 45.21 2.35
CA PHE G 97 58.85 46.07 3.36
C PHE G 97 59.86 46.35 4.46
N THR G 98 59.76 47.54 5.06
CA THR G 98 60.52 47.86 6.26
C THR G 98 59.86 47.25 7.49
N PRO G 99 60.61 47.11 8.59
CA PRO G 99 59.98 46.56 9.82
C PRO G 99 58.79 47.36 10.31
N THR G 100 58.82 48.69 10.16
CA THR G 100 57.66 49.49 10.55
C THR G 100 56.43 49.13 9.74
N GLU G 101 56.59 48.98 8.43
CA GLU G 101 55.47 48.54 7.59
C GLU G 101 55.04 47.12 7.95
N ALA G 102 56.01 46.25 8.25
CA ALA G 102 55.68 44.87 8.57
C ALA G 102 54.87 44.74 9.85
N SER G 103 54.97 45.73 10.75
CA SER G 103 54.31 45.61 12.05
C SER G 103 52.79 45.53 11.93
N THR G 104 52.23 46.08 10.86
CA THR G 104 50.78 46.05 10.66
C THR G 104 50.29 44.81 9.91
N GLN G 105 51.18 44.00 9.35
CA GLN G 105 50.78 42.80 8.63
C GLN G 105 50.53 41.64 9.60
N THR G 106 49.85 40.61 9.12
CA THR G 106 49.51 39.46 9.94
C THR G 106 49.74 38.16 9.18
N ILE G 107 49.89 37.08 9.96
CA ILE G 107 49.89 35.70 9.46
C ILE G 107 48.70 34.99 10.11
N ASN G 108 47.88 34.33 9.31
CA ASN G 108 46.61 33.80 9.78
C ASN G 108 46.54 32.30 9.60
N PHE G 109 46.28 31.59 10.69
CA PHE G 109 46.09 30.14 10.71
C PHE G 109 44.59 29.85 10.74
N ASP G 110 44.14 28.88 9.94
CA ASP G 110 42.71 28.71 9.67
C ASP G 110 41.89 28.64 10.95
N GLU G 111 40.87 29.48 11.04
CA GLU G 111 40.10 29.65 12.26
C GLU G 111 39.18 28.48 12.56
N ARG G 112 39.01 27.55 11.64
CA ARG G 112 38.23 26.35 11.90
C ARG G 112 39.02 25.27 12.62
N SER G 113 40.26 25.52 12.99
CA SER G 113 41.07 24.60 13.78
C SER G 113 41.71 25.36 14.95
N ARG G 114 42.08 24.62 15.98
CA ARG G 114 42.94 25.12 17.04
C ARG G 114 44.37 24.65 16.78
N TRP G 115 45.32 25.57 16.90
CA TRP G 115 46.70 25.31 16.49
C TRP G 115 47.63 25.31 17.70
N GLY G 116 48.70 24.52 17.59
CA GLY G 116 49.76 24.53 18.58
C GLY G 116 51.11 24.70 17.90
N GLY G 117 52.10 25.07 18.71
CA GLY G 117 53.43 25.30 18.21
C GLY G 117 54.53 24.65 19.02
N GLN G 118 55.36 23.83 18.38
CA GLN G 118 56.50 23.23 19.03
C GLN G 118 57.68 24.20 19.04
N LEU G 119 58.25 24.44 20.21
CA LEU G 119 59.23 25.50 20.42
C LEU G 119 60.61 24.93 20.75
N LYS G 120 61.63 25.38 20.02
CA LYS G 120 63.02 25.08 20.31
C LYS G 120 63.81 26.38 20.46
N THR G 121 64.73 26.42 21.42
CA THR G 121 65.49 27.64 21.69
C THR G 121 66.99 27.34 21.71
N ILE G 122 67.77 28.38 21.45
CA ILE G 122 69.22 28.37 21.53
C ILE G 122 69.66 29.60 22.33
N MET G 123 70.49 29.38 23.35
CA MET G 123 70.92 30.47 24.23
C MET G 123 72.39 30.34 24.56
N HIS G 124 73.09 31.47 24.66
CA HIS G 124 74.49 31.51 25.06
C HIS G 124 74.74 32.70 25.98
N THR G 125 75.55 32.51 27.02
CA THR G 125 75.80 33.51 28.05
C THR G 125 77.30 33.73 28.22
N ASN G 126 77.65 34.84 28.90
CA ASN G 126 79.04 35.15 29.23
C ASN G 126 79.17 35.70 30.65
N MET G 127 78.53 35.04 31.63
CA MET G 127 78.51 35.51 33.02
C MET G 127 79.79 35.14 33.76
N PRO G 128 80.45 36.08 34.42
CA PRO G 128 81.53 35.74 35.36
C PRO G 128 81.00 35.40 36.74
N ASN G 129 81.78 34.59 37.48
CA ASN G 129 81.25 34.03 38.71
C ASN G 129 81.22 35.02 39.89
N VAL G 130 82.05 36.05 39.88
CA VAL G 130 82.05 37.06 40.95
C VAL G 130 81.59 38.38 40.31
N ASN G 131 80.38 38.81 40.64
CA ASN G 131 79.82 40.03 40.05
C ASN G 131 78.77 40.62 40.98
N GLU G 132 78.44 41.89 40.74
CA GLU G 132 77.52 42.62 41.60
C GLU G 132 76.06 42.24 41.38
N TYR G 133 75.68 41.94 40.14
CA TYR G 133 74.27 41.74 39.82
C TYR G 133 73.71 40.51 40.53
N MET G 134 74.53 39.50 40.77
CA MET G 134 74.09 38.24 41.36
C MET G 134 74.43 38.12 42.84
N PHE G 135 74.87 39.22 43.47
CA PHE G 135 75.13 39.27 44.91
C PHE G 135 76.25 38.32 45.35
N SER G 136 77.21 38.05 44.46
CA SER G 136 78.39 37.27 44.81
C SER G 136 79.61 38.16 44.98
N ASN G 137 79.38 39.42 45.31
CA ASN G 137 80.40 40.46 45.34
C ASN G 137 80.76 40.94 46.73
N LYS G 138 79.98 40.59 47.75
CA LYS G 138 80.07 41.26 49.03
C LYS G 138 79.66 40.32 50.16
N PHE G 139 80.13 40.66 51.37
CA PHE G 139 79.74 39.99 52.60
C PHE G 139 79.98 40.96 53.76
N LYS G 140 79.46 40.60 54.94
CA LYS G 140 79.59 41.43 56.13
C LYS G 140 80.33 40.68 57.23
N ALA G 141 81.08 41.43 58.05
CA ALA G 141 81.85 40.84 59.14
C ALA G 141 82.04 41.88 60.24
N ARG G 142 82.36 41.39 61.44
CA ARG G 142 82.60 42.22 62.61
C ARG G 142 84.04 42.06 63.06
N VAL G 143 84.78 43.16 63.08
CA VAL G 143 86.20 43.15 63.41
C VAL G 143 86.46 44.18 64.50
N MET G 144 87.71 44.22 64.98
CA MET G 144 88.11 45.11 66.07
C MET G 144 88.63 46.43 65.51
N VAL G 145 88.10 47.53 66.03
CA VAL G 145 88.46 48.85 65.55
C VAL G 145 89.42 49.57 66.48
N SER G 146 89.37 49.32 67.78
CA SER G 146 90.23 50.01 68.73
C SER G 146 90.58 49.10 69.88
N ARG G 147 91.87 49.06 70.23
CA ARG G 147 92.31 48.57 71.52
C ARG G 147 92.35 49.76 72.49
N LYS G 148 92.94 49.59 73.66
CA LYS G 148 93.03 50.69 74.61
C LYS G 148 93.96 51.77 74.12
N ASP G 171 92.67 46.76 79.39
CA ASP G 171 92.43 47.14 78.00
C ASP G 171 90.96 47.00 77.64
N ILE G 172 90.42 48.01 76.95
CA ILE G 172 89.04 48.01 76.48
C ILE G 172 89.06 47.88 74.97
N LEU G 173 88.26 46.95 74.45
CA LEU G 173 88.26 46.59 73.03
C LEU G 173 86.92 46.96 72.41
N LYS G 174 86.97 47.57 71.23
CA LYS G 174 85.78 47.99 70.52
C LYS G 174 85.69 47.27 69.17
N TYR G 175 84.47 46.87 68.81
CA TYR G 175 84.21 46.13 67.57
C TYR G 175 83.08 46.82 66.80
N GLU G 176 83.06 46.58 65.49
CA GLU G 176 82.05 47.20 64.62
C GLU G 176 81.82 46.33 63.39
N TRP G 177 80.64 46.46 62.81
CA TRP G 177 80.27 45.76 61.58
C TRP G 177 80.62 46.59 60.36
N PHE G 178 81.05 45.92 59.29
CA PHE G 178 81.34 46.55 58.02
C PHE G 178 80.86 45.65 56.89
N GLU G 179 80.75 46.23 55.70
CA GLU G 179 80.48 45.49 54.47
C GLU G 179 81.70 45.56 53.56
N PHE G 180 82.13 44.41 53.06
CA PHE G 180 83.36 44.29 52.28
C PHE G 180 83.03 43.98 50.82
N ILE G 181 83.80 44.56 49.90
CA ILE G 181 83.54 44.46 48.47
C ILE G 181 84.77 43.90 47.77
N LEU G 182 84.55 42.91 46.87
CA LEU G 182 85.53 42.28 46.01
C LEU G 182 85.47 42.87 44.61
N PRO G 183 86.56 42.86 43.85
CA PRO G 183 86.48 43.27 42.44
C PRO G 183 85.97 42.13 41.56
N GLU G 184 85.36 42.50 40.44
CA GLU G 184 84.64 41.56 39.60
C GLU G 184 85.56 40.81 38.64
N GLY G 185 85.17 39.59 38.32
CA GLY G 185 85.95 38.74 37.44
C GLY G 185 85.53 37.29 37.57
N ASN G 186 86.21 36.43 36.83
CA ASN G 186 85.93 35.00 36.80
C ASN G 186 87.12 34.27 37.43
N PHE G 187 86.94 33.82 38.68
CA PHE G 187 88.05 33.31 39.48
C PHE G 187 87.78 31.89 39.95
N SER G 188 88.87 31.17 40.23
CA SER G 188 88.74 29.86 40.87
C SER G 188 88.42 30.04 42.36
N ALA G 189 88.09 28.93 43.01
CA ALA G 189 87.67 28.99 44.41
C ALA G 189 88.82 29.42 45.32
N THR G 190 90.04 28.93 45.08
CA THR G 190 91.18 29.34 45.90
C THR G 190 91.47 30.83 45.71
N MET G 191 91.45 31.31 44.48
CA MET G 191 91.70 32.72 44.22
C MET G 191 90.63 33.60 44.85
N THR G 192 89.38 33.12 44.91
CA THR G 192 88.32 33.88 45.56
C THR G 192 88.58 34.04 47.06
N ILE G 193 89.04 32.98 47.71
CA ILE G 193 89.32 33.02 49.13
C ILE G 193 90.47 33.98 49.44
N ASP G 194 91.46 34.07 48.55
CA ASP G 194 92.53 35.05 48.74
C ASP G 194 91.98 36.48 48.71
N LEU G 195 91.03 36.75 47.83
CA LEU G 195 90.47 38.09 47.73
C LEU G 195 89.66 38.46 48.96
N MET G 196 88.98 37.50 49.57
CA MET G 196 88.23 37.77 50.80
C MET G 196 89.16 38.10 51.96
N ASN G 197 90.27 37.37 52.09
CA ASN G 197 91.26 37.71 53.11
C ASN G 197 91.87 39.09 52.87
N ASN G 198 92.15 39.41 51.61
CA ASN G 198 92.72 40.71 51.27
C ASN G 198 91.78 41.85 51.63
N ALA G 199 90.47 41.64 51.49
CA ALA G 199 89.51 42.67 51.87
C ALA G 199 89.53 42.94 53.37
N ILE G 200 89.66 41.89 54.18
CA ILE G 200 89.72 42.06 55.63
C ILE G 200 90.96 42.88 56.01
N ILE G 201 92.09 42.58 55.40
CA ILE G 201 93.35 43.23 55.77
C ILE G 201 93.35 44.70 55.37
N ASP G 202 92.76 45.04 54.22
CA ASP G 202 92.68 46.44 53.82
C ASP G 202 91.85 47.28 54.79
N ASN G 203 90.94 46.67 55.52
CA ASN G 203 90.23 47.36 56.59
C ASN G 203 91.12 47.57 57.80
N TYR G 204 92.04 46.64 58.07
CA TYR G 204 92.95 46.78 59.19
C TYR G 204 94.06 47.80 58.91
N LEU G 205 94.30 48.12 57.64
CA LEU G 205 95.31 49.12 57.31
C LEU G 205 94.74 50.54 57.25
N GLU G 206 93.45 50.69 57.01
CA GLU G 206 92.80 51.98 56.94
C GLU G 206 92.24 52.45 58.27
N ILE G 207 91.65 51.53 59.02
CA ILE G 207 91.22 51.74 60.40
C ILE G 207 92.05 50.75 61.19
N GLY G 208 91.84 50.66 62.50
CA GLY G 208 92.54 49.58 63.18
C GLY G 208 93.97 49.94 63.50
N ARG G 209 94.89 49.52 62.63
CA ARG G 209 96.32 49.71 62.84
C ARG G 209 96.69 51.07 63.42
N GLN G 210 96.07 52.13 62.91
CA GLN G 210 96.36 53.47 63.44
C GLN G 210 95.64 53.75 64.75
N ASN G 211 94.87 52.81 65.29
CA ASN G 211 94.18 52.99 66.57
C ASN G 211 94.59 51.93 67.59
N GLY G 212 95.77 51.33 67.43
CA GLY G 212 96.36 50.52 68.46
C GLY G 212 96.14 49.03 68.40
N VAL G 213 95.53 48.50 67.33
CA VAL G 213 95.37 47.05 67.21
C VAL G 213 96.64 46.48 66.59
N LEU G 214 97.04 45.31 67.05
CA LEU G 214 98.25 44.66 66.57
C LEU G 214 97.91 43.65 65.49
N GLU G 215 98.95 43.22 64.76
CA GLU G 215 98.75 42.18 63.77
C GLU G 215 98.81 40.82 64.46
N SER G 216 98.09 40.70 65.57
CA SER G 216 97.85 39.43 66.23
C SER G 216 96.45 39.36 66.80
N ASP G 217 95.60 40.36 66.52
CA ASP G 217 94.21 40.37 66.95
C ASP G 217 93.25 40.65 65.79
N ILE G 218 93.64 40.26 64.57
CA ILE G 218 92.81 40.53 63.39
C ILE G 218 91.40 39.97 63.58
N GLY G 219 91.28 38.67 63.74
CA GLY G 219 90.05 38.09 64.23
C GLY G 219 89.13 37.44 63.22
N VAL G 220 89.39 37.58 61.91
CA VAL G 220 88.61 36.88 60.89
C VAL G 220 89.56 36.41 59.80
N LYS G 221 89.57 35.10 59.54
CA LYS G 221 90.40 34.53 58.48
C LYS G 221 89.69 33.34 57.86
N PHE G 222 89.85 33.19 56.54
CA PHE G 222 89.32 32.05 55.79
C PHE G 222 90.46 31.10 55.44
N ASP G 223 90.33 29.83 55.85
CA ASP G 223 91.40 28.87 55.74
C ASP G 223 90.89 27.59 55.07
N THR G 224 91.80 26.62 54.92
CA THR G 224 91.45 25.31 54.36
C THR G 224 92.01 24.13 55.16
N ARG G 225 92.73 24.35 56.25
CA ARG G 225 93.49 23.30 56.90
C ARG G 225 92.68 22.58 57.97
N ASN G 226 93.12 21.38 58.30
CA ASN G 226 92.57 20.61 59.42
C ASN G 226 93.53 20.80 60.59
N PHE G 227 93.24 21.78 61.43
CA PHE G 227 94.03 21.93 62.65
C PHE G 227 93.78 20.74 63.56
N ARG G 228 94.72 20.49 64.46
CA ARG G 228 94.75 19.34 65.38
C ARG G 228 94.94 18.00 64.69
N LEU G 229 95.49 17.97 63.48
CA LEU G 229 95.78 16.70 62.82
C LEU G 229 96.84 15.91 63.58
N GLY G 230 97.97 16.54 63.88
CA GLY G 230 99.06 15.84 64.56
C GLY G 230 98.97 15.87 66.07
N TRP G 231 97.75 15.95 66.60
CA TRP G 231 97.52 16.09 68.02
C TRP G 231 97.89 14.81 68.76
N ASP G 232 98.37 14.97 69.99
CA ASP G 232 98.79 13.84 70.82
C ASP G 232 97.89 13.72 72.04
N PRO G 233 97.37 12.53 72.32
CA PRO G 233 96.38 12.41 73.40
C PRO G 233 96.96 12.58 74.80
N GLU G 234 98.27 12.48 74.98
CA GLU G 234 98.88 12.65 76.30
C GLU G 234 99.31 14.09 76.55
N THR G 235 100.18 14.62 75.69
CA THR G 235 100.63 15.99 75.85
C THR G 235 99.60 17.03 75.42
N LYS G 236 98.62 16.63 74.61
CA LYS G 236 97.55 17.52 74.14
C LYS G 236 98.10 18.74 73.42
N LEU G 237 99.15 18.55 72.62
CA LEU G 237 99.71 19.61 71.81
C LEU G 237 100.08 19.03 70.45
N ILE G 238 100.24 19.93 69.47
CA ILE G 238 100.61 19.52 68.11
C ILE G 238 102.12 19.23 68.13
N MET G 239 102.47 17.95 68.21
CA MET G 239 103.87 17.58 68.40
C MET G 239 104.82 18.07 67.33
N PRO G 240 104.51 18.04 66.02
CA PRO G 240 105.49 18.50 65.02
C PRO G 240 105.89 19.95 65.17
N GLY G 241 105.10 20.79 65.85
CA GLY G 241 105.40 22.19 65.97
C GLY G 241 104.87 23.06 64.86
N VAL G 242 104.31 22.46 63.80
CA VAL G 242 103.63 23.19 62.74
C VAL G 242 102.36 22.43 62.36
N TYR G 243 101.29 23.16 62.09
CA TYR G 243 100.06 22.54 61.63
C TYR G 243 100.26 21.92 60.26
N THR G 244 99.57 20.80 60.01
CA THR G 244 99.70 20.11 58.74
C THR G 244 99.25 21.01 57.59
N TYR G 245 100.09 21.11 56.56
CA TYR G 245 99.87 22.07 55.48
C TYR G 245 99.18 21.39 54.28
N GLU G 246 97.99 20.85 54.53
CA GLU G 246 97.18 20.18 53.52
C GLU G 246 95.77 20.74 53.52
N ALA G 247 95.15 20.79 52.34
CA ALA G 247 93.81 21.34 52.18
C ALA G 247 92.76 20.25 52.35
N PHE G 248 91.75 20.54 53.17
CA PHE G 248 90.66 19.60 53.44
C PHE G 248 89.31 20.12 52.99
N HIS G 249 88.93 21.33 53.42
CA HIS G 249 87.64 21.96 53.17
C HIS G 249 87.73 23.40 53.63
N PRO G 250 87.11 24.35 52.92
CA PRO G 250 87.16 25.75 53.37
C PRO G 250 86.57 25.94 54.76
N ASP G 251 87.15 26.87 55.51
CA ASP G 251 86.91 26.99 56.94
C ASP G 251 86.93 28.46 57.35
N ILE G 252 86.32 28.74 58.50
CA ILE G 252 86.24 30.07 59.08
C ILE G 252 86.90 30.04 60.46
N VAL G 253 87.82 30.96 60.71
CA VAL G 253 88.55 31.05 61.97
C VAL G 253 88.24 32.39 62.64
N LEU G 254 87.88 32.36 63.92
CA LEU G 254 87.39 33.54 64.63
C LEU G 254 88.10 33.72 65.97
N LEU G 255 88.21 34.98 66.40
CA LEU G 255 88.63 35.46 67.71
C LEU G 255 87.42 35.97 68.48
N PRO G 256 87.51 36.08 69.81
CA PRO G 256 86.34 36.51 70.59
C PRO G 256 85.87 37.90 70.16
N GLY G 257 84.55 38.07 70.13
CA GLY G 257 83.94 39.32 69.74
C GLY G 257 83.70 39.51 68.26
N CYS G 258 84.09 38.57 67.41
CA CYS G 258 83.99 38.71 65.96
C CYS G 258 82.91 37.79 65.40
N GLY G 259 82.67 37.91 64.10
CA GLY G 259 81.69 37.07 63.42
C GLY G 259 81.54 37.48 61.97
N VAL G 260 80.83 36.64 61.22
CA VAL G 260 80.52 36.89 59.82
C VAL G 260 79.02 36.69 59.60
N ASP G 261 78.48 37.39 58.60
CA ASP G 261 77.05 37.36 58.31
C ASP G 261 76.83 37.24 56.81
N PHE G 262 76.14 36.17 56.39
CA PHE G 262 75.92 35.87 54.97
C PHE G 262 74.47 36.08 54.56
N THR G 263 73.73 36.93 55.25
CA THR G 263 72.31 37.10 54.93
C THR G 263 72.10 37.63 53.52
N GLU G 264 72.96 38.53 53.07
CA GLU G 264 72.80 39.15 51.76
C GLU G 264 73.97 38.81 50.85
N SER G 265 74.35 37.53 50.81
CA SER G 265 75.53 37.10 50.07
C SER G 265 75.35 35.67 49.61
N ARG G 266 75.95 35.35 48.47
CA ARG G 266 75.93 33.98 47.96
C ARG G 266 77.29 33.30 48.07
N LEU G 267 78.23 33.89 48.81
CA LEU G 267 79.56 33.33 48.96
C LEU G 267 79.60 32.16 49.95
N SER G 268 78.55 31.93 50.72
CA SER G 268 78.51 30.74 51.56
C SER G 268 78.39 29.45 50.74
N ASN G 269 77.79 29.51 49.54
CA ASN G 269 77.75 28.35 48.67
C ASN G 269 79.15 27.97 48.17
N LEU G 270 79.98 28.96 47.87
CA LEU G 270 81.34 28.69 47.44
C LEU G 270 82.18 28.10 48.58
N LEU G 271 81.87 28.44 49.82
CA LEU G 271 82.59 27.89 50.96
C LEU G 271 82.12 26.49 51.35
N GLY G 272 80.98 26.04 50.85
CA GLY G 272 80.48 24.74 51.25
C GLY G 272 79.92 24.67 52.64
N ILE G 273 79.32 25.75 53.13
CA ILE G 273 78.67 25.79 54.44
C ILE G 273 77.24 26.27 54.23
N ARG G 274 76.27 25.44 54.64
CA ARG G 274 74.86 25.73 54.41
C ARG G 274 74.05 25.44 55.66
N LYS G 275 72.82 25.94 55.68
CA LYS G 275 71.91 25.77 56.80
C LYS G 275 71.01 24.56 56.60
N ARG G 276 70.75 23.83 57.69
CA ARG G 276 69.86 22.68 57.63
C ARG G 276 68.40 23.10 57.48
N HIS G 277 68.07 24.36 57.75
CA HIS G 277 66.74 24.91 57.53
C HIS G 277 66.90 26.08 56.57
N PRO G 278 67.00 25.81 55.27
CA PRO G 278 67.41 26.86 54.32
C PRO G 278 66.35 27.90 54.04
N PHE G 279 65.11 27.70 54.47
CA PHE G 279 64.06 28.67 54.23
C PHE G 279 63.87 29.66 55.38
N GLN G 280 64.67 29.56 56.44
CA GLN G 280 64.62 30.52 57.55
C GLN G 280 65.60 31.65 57.27
N GLU G 281 65.11 32.88 57.30
CA GLU G 281 65.95 34.04 56.93
C GLU G 281 67.03 34.28 57.97
N GLY G 282 68.20 34.71 57.50
CA GLY G 282 69.30 35.06 58.37
C GLY G 282 70.36 33.98 58.51
N PHE G 283 71.63 34.34 58.31
CA PHE G 283 72.74 33.39 58.40
C PHE G 283 73.93 34.12 59.03
N LYS G 284 74.08 33.97 60.35
CA LYS G 284 75.18 34.60 61.08
C LYS G 284 75.91 33.54 61.90
N ILE G 285 77.24 33.63 61.92
CA ILE G 285 78.09 32.73 62.69
C ILE G 285 79.01 33.58 63.56
N MET G 286 78.85 33.49 64.87
CA MET G 286 79.61 34.29 65.83
C MET G 286 80.55 33.39 66.63
N TYR G 287 81.45 34.03 67.38
CA TYR G 287 82.43 33.28 68.17
C TYR G 287 81.77 32.40 69.22
N GLU G 288 80.62 32.82 69.75
CA GLU G 288 79.94 32.02 70.76
C GLU G 288 79.27 30.77 70.20
N ASP G 289 79.07 30.70 68.88
CA ASP G 289 78.44 29.54 68.28
C ASP G 289 79.43 28.42 67.95
N LEU G 290 80.73 28.67 68.05
CA LEU G 290 81.76 27.70 67.68
C LEU G 290 82.33 26.98 68.89
N GLU G 291 81.51 26.69 69.90
CA GLU G 291 82.00 26.05 71.12
C GLU G 291 82.58 24.67 70.80
N GLY G 292 83.69 24.35 71.46
CA GLY G 292 84.38 23.10 71.24
C GLY G 292 85.36 23.10 70.09
N GLY G 293 85.52 24.23 69.40
CA GLY G 293 86.38 24.26 68.23
C GLY G 293 87.67 25.03 68.41
N ASN G 294 88.15 25.16 69.64
CA ASN G 294 89.40 25.87 69.88
C ASN G 294 90.57 25.14 69.24
N ILE G 295 91.47 25.92 68.63
CA ILE G 295 92.62 25.38 67.93
C ILE G 295 93.71 25.04 68.95
N PRO G 296 94.17 23.80 69.01
CA PRO G 296 95.20 23.45 70.00
C PRO G 296 96.50 24.20 69.75
N ALA G 297 97.16 24.57 70.85
CA ALA G 297 98.38 25.36 70.77
C ALA G 297 99.57 24.51 70.34
N LEU G 298 100.57 25.18 69.76
CA LEU G 298 101.85 24.59 69.39
C LEU G 298 101.75 23.22 68.78
N ILE G 364 108.33 20.40 77.27
CA ILE G 364 106.89 20.22 77.14
C ILE G 364 106.13 21.48 77.52
N GLN G 365 106.25 22.52 76.69
CA GLN G 365 105.54 23.76 76.91
C GLN G 365 105.09 24.32 75.56
N PRO G 366 103.93 24.97 75.50
CA PRO G 366 103.47 25.54 74.23
C PRO G 366 104.30 26.73 73.82
N LEU G 367 104.45 26.91 72.51
CA LEU G 367 105.07 28.12 71.98
C LEU G 367 104.10 29.29 72.16
N GLU G 368 104.60 30.41 72.67
CA GLU G 368 103.75 31.54 73.00
C GLU G 368 103.86 32.71 72.02
N LYS G 369 104.82 32.67 71.10
CA LYS G 369 105.00 33.79 70.18
C LYS G 369 105.64 33.28 68.90
N ASP G 370 105.57 34.09 67.85
CA ASP G 370 106.06 33.74 66.53
C ASP G 370 107.50 34.21 66.36
N SER G 371 108.04 34.04 65.16
CA SER G 371 109.44 34.39 64.91
C SER G 371 109.68 35.88 65.07
N LYS G 372 108.76 36.71 64.57
CA LYS G 372 108.90 38.16 64.64
C LYS G 372 108.16 38.76 65.83
N SER G 373 108.04 38.00 66.92
CA SER G 373 107.40 38.46 68.16
C SER G 373 105.96 38.87 67.90
N ARG G 374 105.15 37.89 67.50
CA ARG G 374 103.71 38.04 67.40
C ARG G 374 103.05 37.04 68.33
N SER G 375 102.10 37.51 69.13
CA SER G 375 101.43 36.65 70.09
C SER G 375 100.56 35.62 69.37
N TYR G 376 100.64 34.37 69.82
CA TYR G 376 99.73 33.32 69.36
C TYR G 376 98.44 33.28 70.17
N ASN G 377 98.27 34.17 71.15
CA ASN G 377 97.05 34.25 71.95
C ASN G 377 96.81 32.96 72.75
N VAL G 378 97.88 32.39 73.31
CA VAL G 378 97.73 31.21 74.15
C VAL G 378 97.01 31.58 75.43
N LEU G 379 96.21 30.65 75.95
CA LEU G 379 95.36 30.87 77.10
C LEU G 379 95.92 30.15 78.32
N GLU G 380 95.17 30.20 79.42
CA GLU G 380 95.51 29.41 80.60
C GLU G 380 95.36 27.93 80.31
N ASP G 381 96.01 27.11 81.14
CA ASP G 381 96.12 25.67 81.03
C ASP G 381 97.08 25.28 79.91
N LYS G 382 97.55 26.26 79.14
CA LYS G 382 98.69 26.09 78.23
C LYS G 382 98.52 24.92 77.27
N ILE G 383 97.29 24.69 76.81
CA ILE G 383 97.01 23.68 75.79
C ILE G 383 96.27 24.26 74.59
N ASN G 384 95.25 25.07 74.81
CA ASN G 384 94.42 25.60 73.74
C ASN G 384 94.65 27.08 73.53
N THR G 385 94.26 27.53 72.35
CA THR G 385 94.41 28.91 71.90
C THR G 385 93.03 29.55 71.76
N ALA G 386 93.00 30.88 71.82
CA ALA G 386 91.74 31.61 71.73
C ALA G 386 91.07 31.47 70.37
N TYR G 387 91.80 31.11 69.32
CA TYR G 387 91.20 30.94 68.00
C TYR G 387 90.23 29.77 67.98
N ARG G 388 89.09 29.95 67.32
CA ARG G 388 88.12 28.90 67.08
C ARG G 388 87.86 28.76 65.59
N SER G 389 87.51 27.55 65.15
CA SER G 389 87.25 27.30 63.74
C SER G 389 85.99 26.48 63.55
N TRP G 390 85.27 26.76 62.46
CA TRP G 390 84.02 26.06 62.16
C TRP G 390 84.25 24.57 61.93
N TYR G 391 85.33 24.22 61.22
CA TYR G 391 85.55 22.82 60.87
C TYR G 391 85.84 21.97 62.11
N LEU G 392 86.65 22.48 63.04
CA LEU G 392 86.93 21.74 64.25
C LEU G 392 85.68 21.55 65.09
N SER G 393 84.84 22.57 65.18
CA SER G 393 83.61 22.46 65.95
C SER G 393 82.62 21.50 65.29
N TYR G 394 82.56 21.50 63.95
CA TYR G 394 81.65 20.60 63.25
C TYR G 394 82.05 19.15 63.43
N ASN G 395 83.33 18.85 63.38
CA ASN G 395 83.79 17.46 63.39
C ASN G 395 84.13 16.92 64.78
N TYR G 396 84.58 17.77 65.71
CA TYR G 396 85.03 17.29 67.01
C TYR G 396 84.22 17.80 68.19
N GLY G 397 83.35 18.79 67.98
CA GLY G 397 82.56 19.35 69.06
C GLY G 397 81.38 18.46 69.42
N ASN G 398 80.49 19.02 70.23
CA ASN G 398 79.31 18.28 70.70
C ASN G 398 78.31 18.12 69.56
N PRO G 399 77.92 16.89 69.21
CA PRO G 399 77.01 16.69 68.07
C PRO G 399 75.66 17.35 68.23
N GLU G 400 75.15 17.49 69.46
CA GLU G 400 73.78 17.95 69.67
C GLU G 400 73.70 19.38 70.22
N LYS G 401 74.83 20.06 70.38
CA LYS G 401 74.83 21.43 70.86
C LYS G 401 75.73 22.37 70.08
N GLY G 402 76.72 21.89 69.35
CA GLY G 402 77.62 22.73 68.61
C GLY G 402 77.04 23.17 67.27
N ILE G 403 77.93 23.68 66.42
CA ILE G 403 77.53 24.20 65.12
C ILE G 403 76.96 23.11 64.21
N ARG G 404 77.25 21.84 64.50
CA ARG G 404 76.78 20.73 63.68
C ARG G 404 75.27 20.52 63.77
N SER G 405 74.62 21.06 64.79
CA SER G 405 73.19 20.83 64.95
C SER G 405 72.34 21.64 64.00
N TRP G 406 72.86 22.74 63.45
CA TRP G 406 72.07 23.56 62.52
C TRP G 406 72.81 24.00 61.27
N THR G 407 74.03 23.51 61.03
CA THR G 407 74.71 23.73 59.75
C THR G 407 75.10 22.40 59.13
N LEU G 408 75.44 22.46 57.85
CA LEU G 408 75.72 21.26 57.05
C LEU G 408 76.96 21.51 56.19
N LEU G 409 77.80 20.49 56.07
CA LEU G 409 79.02 20.56 55.27
C LEU G 409 78.76 19.97 53.89
N THR G 410 79.08 20.75 52.85
CA THR G 410 78.83 20.35 51.46
C THR G 410 80.05 20.62 50.60
N THR G 411 80.05 20.07 49.39
CA THR G 411 81.12 20.33 48.44
C THR G 411 81.07 21.78 47.96
N SER G 412 82.24 22.36 47.73
CA SER G 412 82.32 23.75 47.27
C SER G 412 81.74 23.88 45.86
N ASP G 413 80.95 24.92 45.66
CA ASP G 413 80.29 25.19 44.37
C ASP G 413 80.80 26.52 43.83
N VAL G 414 81.68 26.47 42.82
CA VAL G 414 82.37 27.66 42.34
C VAL G 414 81.41 28.62 41.62
N THR G 415 80.34 28.11 41.01
CA THR G 415 79.39 29.00 40.35
C THR G 415 78.56 29.81 41.33
N CYS G 416 78.64 29.50 42.62
CA CYS G 416 77.89 30.13 43.71
C CYS G 416 76.39 29.79 43.66
N GLY G 417 76.02 28.77 42.91
CA GLY G 417 74.64 28.30 42.90
C GLY G 417 73.82 28.91 41.78
N VAL G 418 73.57 28.14 40.74
CA VAL G 418 72.82 28.63 39.60
C VAL G 418 71.34 28.33 39.83
N GLU G 419 70.49 29.22 39.33
CA GLU G 419 69.05 29.03 39.40
C GLU G 419 68.48 29.01 37.98
N GLN G 420 67.16 29.01 37.88
CA GLN G 420 66.47 28.82 36.61
C GLN G 420 66.26 30.13 35.87
N VAL G 421 65.89 30.02 34.58
CA VAL G 421 65.51 31.15 33.74
C VAL G 421 64.17 30.84 33.08
N TYR G 422 63.44 31.88 32.74
CA TYR G 422 62.10 31.78 32.16
C TYR G 422 62.03 32.49 30.81
N TRP G 423 61.34 31.86 29.86
CA TRP G 423 61.08 32.43 28.53
C TRP G 423 59.65 32.99 28.44
N SER G 424 59.49 34.11 27.75
CA SER G 424 58.19 34.70 27.48
C SER G 424 58.06 35.09 26.00
N LEU G 425 56.91 34.76 25.40
CA LEU G 425 56.57 35.18 24.03
C LEU G 425 55.13 35.69 24.01
N PRO G 426 54.88 36.87 24.58
CA PRO G 426 53.48 37.28 24.83
C PRO G 426 52.65 37.54 23.57
N ASP G 427 53.25 37.82 22.43
CA ASP G 427 52.49 38.08 21.21
C ASP G 427 52.29 36.84 20.34
N MET G 428 52.79 35.68 20.74
CA MET G 428 52.68 34.49 19.92
C MET G 428 51.90 33.37 20.59
N MET G 429 52.18 33.06 21.85
CA MET G 429 51.54 31.97 22.57
C MET G 429 50.38 32.47 23.42
N GLN G 430 49.42 31.59 23.66
CA GLN G 430 48.38 31.86 24.65
C GLN G 430 48.95 31.76 26.06
N ASP G 431 48.36 32.51 26.98
CA ASP G 431 48.82 32.49 28.38
C ASP G 431 48.50 31.15 29.02
N PRO G 432 49.47 30.50 29.67
CA PRO G 432 49.16 29.27 30.42
C PRO G 432 48.26 29.53 31.62
N VAL G 433 47.67 28.45 32.13
CA VAL G 433 46.58 28.54 33.09
C VAL G 433 47.02 29.26 34.37
N THR G 434 46.14 30.16 34.84
CA THR G 434 46.20 31.04 36.02
C THR G 434 47.08 32.29 35.82
N PHE G 435 47.80 32.45 34.71
CA PHE G 435 48.54 33.69 34.46
C PHE G 435 47.60 34.77 33.94
N ARG G 436 47.81 36.01 34.40
CA ARG G 436 47.04 37.16 33.92
C ARG G 436 47.73 37.81 32.72
N SER G 437 46.91 38.32 31.80
CA SER G 437 47.42 39.11 30.69
C SER G 437 47.83 40.50 31.16
N THR G 438 48.99 40.97 30.72
CA THR G 438 49.53 42.23 31.21
C THR G 438 50.57 42.75 30.24
N ARG G 439 50.97 44.01 30.46
CA ARG G 439 52.06 44.62 29.72
C ARG G 439 53.23 45.03 30.62
N GLN G 440 53.28 44.54 31.85
CA GLN G 440 54.41 44.79 32.73
C GLN G 440 55.45 43.69 32.55
N VAL G 441 56.70 44.11 32.33
CA VAL G 441 57.75 43.16 31.93
C VAL G 441 58.03 42.15 33.03
N SER G 442 58.07 42.59 34.28
CA SER G 442 58.31 41.66 35.37
C SER G 442 57.12 40.74 35.67
N ASN G 443 56.04 40.73 34.88
CA ASN G 443 54.93 39.84 35.15
C ASN G 443 54.39 39.18 33.88
N TYR G 444 55.21 39.05 32.83
CA TYR G 444 54.79 38.35 31.63
C TYR G 444 54.50 36.88 31.94
N PRO G 445 53.52 36.28 31.26
CA PRO G 445 53.31 34.82 31.41
C PRO G 445 54.51 34.03 30.90
N VAL G 446 54.75 32.88 31.53
CA VAL G 446 55.95 32.08 31.33
C VAL G 446 55.64 30.90 30.41
N VAL G 447 56.44 30.74 29.36
CA VAL G 447 56.20 29.71 28.36
C VAL G 447 57.21 28.57 28.43
N GLY G 448 58.31 28.70 29.16
CA GLY G 448 59.26 27.63 29.34
C GLY G 448 60.29 27.96 30.39
N ALA G 449 60.98 26.93 30.87
CA ALA G 449 61.96 27.09 31.93
C ALA G 449 63.12 26.12 31.74
N GLU G 450 64.30 26.53 32.22
CA GLU G 450 65.52 25.71 32.16
C GLU G 450 66.54 26.34 33.11
N LEU G 451 67.68 25.68 33.26
CA LEU G 451 68.76 26.22 34.08
C LEU G 451 69.55 27.28 33.33
N MET G 452 69.95 28.32 34.03
CA MET G 452 70.93 29.25 33.49
C MET G 452 72.21 28.48 33.16
N PRO G 453 72.71 28.56 31.93
CA PRO G 453 73.70 27.56 31.45
C PRO G 453 75.14 27.84 31.85
N VAL G 454 75.42 27.71 33.14
CA VAL G 454 76.76 27.90 33.69
C VAL G 454 77.09 26.69 34.55
N PHE G 455 78.27 26.11 34.34
CA PHE G 455 78.63 24.83 34.95
C PHE G 455 80.04 24.87 35.52
N SER G 456 80.28 23.98 36.46
CA SER G 456 81.59 23.80 37.09
C SER G 456 82.39 22.73 36.37
N LYS G 457 83.70 22.93 36.27
CA LYS G 457 84.62 21.95 35.69
C LYS G 457 85.82 21.75 36.61
N SER G 458 86.28 20.49 36.72
CA SER G 458 87.34 20.11 37.64
C SER G 458 88.66 19.87 36.92
N PHE G 459 89.75 20.22 37.61
CA PHE G 459 91.11 19.96 37.13
C PHE G 459 91.95 19.41 38.29
N TYR G 460 93.03 18.74 37.94
CA TYR G 460 93.94 18.14 38.92
C TYR G 460 95.26 18.88 38.92
N ASN G 461 95.70 19.30 40.11
CA ASN G 461 96.96 20.03 40.24
C ASN G 461 97.78 19.54 41.44
N HIS G 478 104.69 39.55 47.81
CA HIS G 478 103.49 38.73 47.89
C HIS G 478 102.40 39.44 48.70
N VAL G 479 101.46 40.05 47.99
CA VAL G 479 100.33 40.70 48.65
C VAL G 479 99.39 39.69 49.29
N PHE G 480 99.41 38.43 48.84
CA PHE G 480 98.56 37.40 49.39
C PHE G 480 99.24 36.59 50.49
N ASN G 481 100.43 37.01 50.94
CA ASN G 481 101.09 36.38 52.08
C ASN G 481 101.88 37.48 52.80
N ARG G 482 101.21 38.11 53.77
CA ARG G 482 101.79 39.24 54.51
C ARG G 482 102.35 38.83 55.87
N PHE G 483 102.06 37.62 56.33
CA PHE G 483 102.58 37.11 57.59
C PHE G 483 103.16 35.72 57.35
N PRO G 484 104.26 35.63 56.61
CA PRO G 484 104.82 34.32 56.28
C PRO G 484 105.20 33.50 57.50
N GLU G 485 105.64 34.14 58.58
CA GLU G 485 106.12 33.40 59.74
C GLU G 485 104.98 32.82 60.58
N ASN G 486 103.85 33.52 60.65
CA ASN G 486 102.80 33.17 61.61
C ASN G 486 102.05 31.92 61.13
N GLN G 487 102.03 30.89 61.99
CA GLN G 487 101.40 29.62 61.61
C GLN G 487 99.88 29.75 61.46
N ILE G 488 99.26 30.73 62.08
CA ILE G 488 97.83 30.92 61.96
C ILE G 488 97.48 31.78 60.75
N LEU G 489 98.30 32.79 60.46
CA LEU G 489 98.03 33.75 59.41
C LEU G 489 98.78 33.43 58.12
N ILE G 490 99.38 32.25 58.01
CA ILE G 490 100.02 31.85 56.77
C ILE G 490 98.98 31.68 55.66
N ARG G 491 99.42 31.85 54.41
CA ARG G 491 98.53 31.69 53.27
C ARG G 491 98.05 30.25 53.16
N PRO G 492 96.75 30.01 52.99
CA PRO G 492 96.25 28.65 53.04
C PRO G 492 96.81 27.81 51.90
N PRO G 493 97.02 26.52 52.12
CA PRO G 493 97.42 25.64 51.03
C PRO G 493 96.30 25.48 49.99
N ALA G 494 96.71 25.25 48.75
CA ALA G 494 95.78 25.10 47.63
C ALA G 494 95.31 23.65 47.53
N PRO G 495 94.04 23.42 47.20
CA PRO G 495 93.56 22.05 47.04
C PRO G 495 94.18 21.36 45.84
N THR G 496 94.26 20.04 45.92
CA THR G 496 94.70 19.25 44.78
C THR G 496 93.62 19.14 43.69
N ILE G 497 92.38 19.57 43.98
CA ILE G 497 91.31 19.64 42.99
C ILE G 497 90.87 21.09 42.87
N THR G 498 90.97 21.64 41.66
CA THR G 498 90.57 23.02 41.37
C THR G 498 89.34 23.03 40.47
N THR G 499 88.38 23.90 40.77
CA THR G 499 87.16 24.04 39.99
C THR G 499 87.00 25.46 39.47
N VAL G 500 86.55 25.58 38.22
CA VAL G 500 86.28 26.85 37.56
C VAL G 500 84.94 26.76 36.86
N SER G 501 84.30 27.90 36.65
CA SER G 501 82.97 27.96 36.06
C SER G 501 83.05 28.30 34.56
N GLU G 502 82.16 27.69 33.78
CA GLU G 502 82.15 27.79 32.32
C GLU G 502 80.75 28.10 31.80
N ASN G 503 80.70 28.77 30.66
CA ASN G 503 79.46 29.02 29.93
C ASN G 503 79.37 28.05 28.75
N VAL G 504 78.27 27.30 28.68
CA VAL G 504 78.09 26.27 27.65
C VAL G 504 76.78 26.56 26.92
N PRO G 505 76.79 26.64 25.59
CA PRO G 505 75.53 26.92 24.86
C PRO G 505 74.48 25.85 25.10
N ALA G 506 73.24 26.29 25.25
CA ALA G 506 72.13 25.44 25.65
C ALA G 506 71.12 25.32 24.52
N LEU G 507 70.79 24.08 24.16
CA LEU G 507 69.84 23.75 23.10
C LEU G 507 68.69 22.98 23.71
N THR G 508 67.49 23.54 23.67
CA THR G 508 66.39 23.04 24.48
C THR G 508 65.12 22.86 23.64
N ASP G 509 64.44 21.74 23.86
CA ASP G 509 63.12 21.48 23.29
C ASP G 509 62.08 21.65 24.40
N HIS G 510 61.16 22.61 24.21
CA HIS G 510 60.18 22.95 25.22
C HIS G 510 58.81 22.30 24.97
N GLY G 511 58.66 21.47 23.96
CA GLY G 511 57.38 20.85 23.65
C GLY G 511 56.41 21.77 22.90
N THR G 512 55.15 21.35 22.86
CA THR G 512 54.11 22.02 22.10
C THR G 512 53.22 22.86 23.01
N LEU G 513 52.95 24.11 22.60
CA LEU G 513 52.09 25.03 23.32
C LEU G 513 51.01 25.61 22.41
N PRO G 514 49.83 25.93 22.94
CA PRO G 514 48.77 26.51 22.11
C PRO G 514 49.15 27.87 21.55
N LEU G 515 48.77 28.09 20.29
CA LEU G 515 49.19 29.22 19.48
C LEU G 515 48.00 30.13 19.19
N ARG G 516 48.26 31.43 19.13
CA ARG G 516 47.20 32.37 18.74
C ARG G 516 46.88 32.25 17.26
N SER G 517 45.60 32.47 16.91
CA SER G 517 45.16 32.30 15.54
C SER G 517 45.65 33.40 14.60
N SER G 518 45.92 34.59 15.12
CA SER G 518 46.42 35.69 14.31
C SER G 518 47.70 36.22 14.93
N ILE G 519 48.76 36.26 14.13
CA ILE G 519 50.11 36.60 14.60
C ILE G 519 50.53 37.89 13.91
N ARG G 520 50.88 38.89 14.71
CA ARG G 520 51.36 40.16 14.16
C ARG G 520 52.81 40.05 13.69
N GLY G 521 53.19 40.97 12.82
CA GLY G 521 54.50 40.94 12.18
C GLY G 521 55.67 41.25 13.09
N VAL G 522 55.44 41.97 14.19
CA VAL G 522 56.49 42.32 15.14
C VAL G 522 56.21 41.60 16.45
N GLN G 523 57.24 40.94 17.00
CA GLN G 523 57.10 40.08 18.15
C GLN G 523 58.12 40.46 19.24
N ARG G 524 57.72 40.28 20.49
CA ARG G 524 58.56 40.54 21.65
C ARG G 524 59.12 39.24 22.22
N VAL G 525 60.42 39.25 22.56
CA VAL G 525 61.12 38.10 23.14
C VAL G 525 61.76 38.54 24.46
N THR G 526 61.52 37.79 25.53
CA THR G 526 62.01 38.16 26.86
C THR G 526 62.56 36.94 27.61
N VAL G 527 63.66 37.15 28.33
CA VAL G 527 64.29 36.16 29.20
C VAL G 527 64.50 36.79 30.57
N THR G 528 63.97 36.17 31.63
CA THR G 528 64.11 36.69 32.99
C THR G 528 64.53 35.60 33.97
N ASP G 529 65.06 36.03 35.12
CA ASP G 529 65.57 35.13 36.14
C ASP G 529 64.47 34.81 37.18
N ALA G 530 64.87 34.19 38.28
CA ALA G 530 63.90 33.72 39.28
C ALA G 530 63.18 34.87 39.98
N ARG G 531 63.84 36.01 40.13
CA ARG G 531 63.22 37.19 40.71
C ARG G 531 62.54 38.06 39.65
N ARG G 532 62.46 37.57 38.40
CA ARG G 532 61.82 38.25 37.28
C ARG G 532 62.53 39.55 36.90
N ARG G 533 63.86 39.54 36.94
CA ARG G 533 64.68 40.57 36.34
C ARG G 533 65.26 40.05 35.03
N THR G 534 65.48 40.95 34.07
CA THR G 534 66.20 40.56 32.87
C THR G 534 67.67 40.32 33.20
N CYS G 535 68.33 39.48 32.41
CA CYS G 535 69.71 39.10 32.66
C CYS G 535 70.64 39.80 31.68
N PRO G 536 71.53 40.70 32.14
CA PRO G 536 72.44 41.39 31.22
C PRO G 536 73.54 40.52 30.63
N TYR G 537 73.67 39.25 31.03
CA TYR G 537 74.74 38.42 30.51
C TYR G 537 74.31 37.48 29.38
N VAL G 538 73.08 37.60 28.90
CA VAL G 538 72.67 36.92 27.68
C VAL G 538 73.16 37.73 26.49
N TYR G 539 73.84 37.08 25.54
CA TYR G 539 74.22 37.78 24.33
C TYR G 539 73.84 37.05 23.05
N LYS G 540 73.09 35.95 23.13
CA LYS G 540 72.57 35.29 21.94
C LYS G 540 71.34 34.48 22.34
N ALA G 541 70.23 34.72 21.67
CA ALA G 541 68.98 34.03 21.94
C ALA G 541 68.18 33.91 20.65
N LEU G 542 67.81 32.68 20.28
CA LEU G 542 67.03 32.40 19.09
C LEU G 542 65.87 31.47 19.41
N GLY G 543 64.79 31.62 18.65
CA GLY G 543 63.66 30.71 18.76
C GLY G 543 63.18 30.25 17.41
N ILE G 544 62.71 29.01 17.36
CA ILE G 544 62.16 28.39 16.17
C ILE G 544 60.86 27.70 16.56
N VAL G 545 59.77 28.02 15.85
CA VAL G 545 58.44 27.51 16.14
C VAL G 545 57.91 26.75 14.93
N ALA G 546 57.33 25.58 15.17
CA ALA G 546 56.73 24.76 14.11
C ALA G 546 55.24 24.54 14.36
N PRO G 547 54.36 25.29 13.72
CA PRO G 547 52.91 25.12 13.97
C PRO G 547 52.35 23.82 13.41
N ARG G 548 51.28 23.35 14.04
CA ARG G 548 50.51 22.21 13.55
C ARG G 548 49.12 22.21 14.20
N VAL G 549 48.21 21.45 13.60
CA VAL G 549 46.81 21.41 14.05
C VAL G 549 46.70 20.50 15.28
N LEU G 550 45.99 20.98 16.31
CA LEU G 550 45.73 20.21 17.52
C LEU G 550 44.33 19.61 17.56
N SER G 551 43.29 20.41 17.29
CA SER G 551 41.94 19.89 17.31
C SER G 551 41.05 20.76 16.43
N SER G 552 39.82 20.29 16.22
CA SER G 552 38.86 20.96 15.38
C SER G 552 38.08 22.02 16.14
N ARG G 553 37.64 23.04 15.41
CA ARG G 553 36.77 24.12 15.90
C ARG G 553 37.46 25.00 16.93
N ARG H 48 -4.37 -25.85 -38.93
CA ARG H 48 -3.21 -26.50 -39.55
C ARG H 48 -3.58 -27.82 -40.22
N ASN H 49 -4.73 -27.86 -40.89
CA ASN H 49 -5.20 -29.11 -41.49
C ASN H 49 -5.79 -28.92 -42.88
N SER H 50 -5.44 -27.85 -43.59
CA SER H 50 -6.03 -27.58 -44.89
C SER H 50 -5.25 -28.29 -46.01
N ILE H 51 -5.94 -28.50 -47.12
CA ILE H 51 -5.39 -29.18 -48.30
C ILE H 51 -5.70 -28.31 -49.52
N ARG H 52 -4.66 -27.94 -50.26
CA ARG H 52 -4.78 -26.92 -51.31
C ARG H 52 -4.26 -27.42 -52.65
N TYR H 53 -4.90 -26.97 -53.72
CA TYR H 53 -4.54 -27.31 -55.09
C TYR H 53 -4.07 -26.05 -55.80
N SER H 54 -2.92 -26.15 -56.49
CA SER H 54 -2.21 -24.95 -56.94
C SER H 54 -2.97 -24.15 -58.00
N GLU H 55 -3.99 -24.73 -58.63
CA GLU H 55 -4.73 -23.99 -59.64
C GLU H 55 -5.93 -23.21 -59.08
N LEU H 56 -6.15 -23.25 -57.76
CA LEU H 56 -7.29 -22.58 -57.15
C LEU H 56 -6.82 -21.54 -56.13
N SER H 57 -7.53 -20.42 -56.06
CA SER H 57 -7.20 -19.34 -55.13
C SER H 57 -8.44 -18.50 -54.86
N PRO H 58 -8.61 -17.96 -53.66
CA PRO H 58 -9.80 -17.16 -53.35
C PRO H 58 -9.66 -15.71 -53.78
N LEU H 59 -10.81 -15.03 -53.89
CA LEU H 59 -10.91 -13.69 -54.46
C LEU H 59 -11.21 -12.62 -53.41
N TYR H 60 -10.63 -11.43 -53.61
CA TYR H 60 -10.78 -10.32 -52.67
C TYR H 60 -10.88 -8.98 -53.42
N ASP H 61 -11.60 -8.05 -52.78
CA ASP H 61 -11.61 -6.60 -52.97
C ASP H 61 -12.30 -6.04 -54.22
N THR H 62 -12.42 -6.81 -55.30
CA THR H 62 -13.04 -6.33 -56.54
C THR H 62 -12.98 -7.43 -57.59
N THR H 63 -13.85 -7.33 -58.59
CA THR H 63 -13.96 -8.30 -59.67
C THR H 63 -14.82 -7.67 -60.78
N ARG H 64 -15.22 -8.47 -61.76
CA ARG H 64 -16.12 -8.03 -62.83
C ARG H 64 -17.30 -8.99 -62.97
N LEU H 65 -18.47 -8.43 -63.30
CA LEU H 65 -19.65 -9.18 -63.68
C LEU H 65 -20.10 -8.72 -65.06
N TYR H 66 -20.40 -9.66 -65.95
CA TYR H 66 -20.73 -9.35 -67.34
C TYR H 66 -22.18 -9.71 -67.64
N LEU H 67 -22.91 -8.78 -68.25
CA LEU H 67 -24.32 -8.94 -68.62
C LEU H 67 -24.41 -8.86 -70.14
N VAL H 68 -24.50 -10.02 -70.79
CA VAL H 68 -24.31 -10.13 -72.23
C VAL H 68 -25.57 -10.75 -72.84
N ASP H 69 -25.99 -10.20 -73.97
CA ASP H 69 -27.29 -10.51 -74.56
C ASP H 69 -27.27 -11.61 -75.62
N ASN H 70 -26.12 -12.20 -75.94
CA ASN H 70 -26.05 -13.15 -77.04
C ASN H 70 -25.21 -14.38 -76.68
N LYS H 71 -25.36 -14.90 -75.46
CA LYS H 71 -24.75 -16.18 -75.13
C LYS H 71 -25.50 -17.31 -75.82
N SER H 72 -24.75 -18.30 -76.31
CA SER H 72 -25.33 -19.33 -77.18
C SER H 72 -26.38 -20.16 -76.45
N ALA H 73 -26.09 -20.59 -75.22
CA ALA H 73 -27.02 -21.43 -74.48
C ALA H 73 -28.23 -20.65 -73.96
N ASP H 74 -28.05 -19.39 -73.59
CA ASP H 74 -29.16 -18.59 -73.10
C ASP H 74 -30.17 -18.29 -74.19
N ILE H 75 -29.72 -18.23 -75.45
CA ILE H 75 -30.63 -17.96 -76.56
C ILE H 75 -31.66 -19.08 -76.68
N ALA H 76 -31.21 -20.33 -76.57
CA ALA H 76 -32.10 -21.46 -76.82
C ALA H 76 -33.09 -21.69 -75.69
N SER H 77 -32.66 -21.56 -74.44
CA SER H 77 -33.46 -22.03 -73.31
C SER H 77 -34.08 -20.92 -72.46
N LEU H 78 -33.75 -19.66 -72.69
CA LEU H 78 -34.29 -18.61 -71.83
C LEU H 78 -35.14 -17.59 -72.56
N ASN H 79 -34.77 -17.19 -73.76
CA ASN H 79 -35.27 -15.94 -74.35
C ASN H 79 -36.07 -16.18 -75.62
N TYR H 80 -36.91 -17.22 -75.63
CA TYR H 80 -37.62 -17.58 -76.84
C TYR H 80 -38.63 -16.51 -77.24
N GLN H 81 -39.28 -15.87 -76.27
CA GLN H 81 -40.31 -14.87 -76.54
C GLN H 81 -39.85 -13.44 -76.26
N ASN H 82 -38.55 -13.19 -76.10
CA ASN H 82 -38.02 -11.89 -75.69
C ASN H 82 -37.36 -11.17 -76.86
N ASP H 83 -36.92 -9.93 -76.60
CA ASP H 83 -36.11 -9.18 -77.55
C ASP H 83 -35.01 -8.44 -76.78
N HIS H 84 -34.17 -7.71 -77.51
CA HIS H 84 -32.98 -7.10 -76.91
C HIS H 84 -33.30 -5.97 -75.95
N SER H 85 -34.53 -5.49 -75.91
CA SER H 85 -34.92 -4.48 -74.95
C SER H 85 -35.35 -5.07 -73.61
N ASN H 86 -35.63 -6.38 -73.53
CA ASN H 86 -36.10 -7.00 -72.28
C ASN H 86 -35.79 -8.50 -72.35
N PHE H 87 -34.71 -8.93 -71.69
CA PHE H 87 -34.23 -10.30 -71.84
C PHE H 87 -33.64 -10.80 -70.53
N LEU H 88 -33.31 -12.10 -70.52
CA LEU H 88 -32.66 -12.76 -69.38
C LEU H 88 -31.27 -13.23 -69.78
N THR H 89 -30.35 -13.22 -68.81
CA THR H 89 -29.00 -13.66 -69.06
C THR H 89 -28.41 -14.27 -67.79
N THR H 90 -27.35 -15.05 -67.96
CA THR H 90 -26.68 -15.70 -66.84
C THR H 90 -25.36 -15.00 -66.55
N VAL H 91 -25.13 -14.68 -65.27
CA VAL H 91 -23.85 -14.10 -64.87
C VAL H 91 -22.83 -15.14 -64.46
N VAL H 92 -23.21 -16.42 -64.41
CA VAL H 92 -22.28 -17.51 -64.17
C VAL H 92 -21.61 -17.87 -65.50
N GLN H 93 -20.28 -17.79 -65.53
CA GLN H 93 -19.51 -18.01 -66.75
C GLN H 93 -18.80 -19.36 -66.76
N ASN H 94 -19.43 -20.41 -66.24
CA ASN H 94 -18.83 -21.74 -66.07
C ASN H 94 -19.67 -22.73 -66.86
N ASN H 95 -19.08 -23.29 -67.93
CA ASN H 95 -19.84 -24.14 -68.85
C ASN H 95 -20.00 -25.58 -68.37
N ASP H 96 -19.63 -25.89 -67.12
CA ASP H 96 -19.98 -27.17 -66.53
C ASP H 96 -21.47 -27.29 -66.22
N PHE H 97 -22.23 -26.20 -66.34
CA PHE H 97 -23.64 -26.16 -65.98
C PHE H 97 -24.45 -25.51 -67.10
N THR H 98 -25.69 -25.96 -67.24
CA THR H 98 -26.65 -25.31 -68.12
C THR H 98 -27.23 -24.07 -67.45
N PRO H 99 -27.81 -23.15 -68.23
CA PRO H 99 -28.41 -21.96 -67.61
C PRO H 99 -29.50 -22.27 -66.61
N THR H 100 -30.29 -23.33 -66.85
CA THR H 100 -31.31 -23.73 -65.89
C THR H 100 -30.69 -24.12 -64.55
N GLU H 101 -29.62 -24.92 -64.60
CA GLU H 101 -28.91 -25.26 -63.37
C GLU H 101 -28.28 -24.04 -62.73
N ALA H 102 -27.74 -23.12 -63.54
CA ALA H 102 -27.10 -21.93 -63.01
C ALA H 102 -28.07 -21.02 -62.27
N SER H 103 -29.36 -21.10 -62.61
CA SER H 103 -30.33 -20.17 -62.02
C SER H 103 -30.43 -20.32 -60.51
N THR H 104 -30.13 -21.50 -59.97
CA THR H 104 -30.21 -21.71 -58.54
C THR H 104 -28.92 -21.39 -57.79
N GLN H 105 -27.82 -21.12 -58.49
CA GLN H 105 -26.56 -20.79 -57.84
C GLN H 105 -26.51 -19.31 -57.46
N THR H 106 -25.58 -18.96 -56.58
CA THR H 106 -25.45 -17.59 -56.11
C THR H 106 -23.98 -17.16 -56.05
N ILE H 107 -23.79 -15.84 -56.07
CA ILE H 107 -22.51 -15.20 -55.79
C ILE H 107 -22.70 -14.34 -54.55
N ASN H 108 -21.81 -14.48 -53.58
CA ASN H 108 -22.00 -13.87 -52.27
C ASN H 108 -20.86 -12.91 -51.93
N PHE H 109 -21.22 -11.67 -51.64
CA PHE H 109 -20.29 -10.64 -51.20
C PHE H 109 -20.37 -10.53 -49.67
N ASP H 110 -19.21 -10.42 -49.02
CA ASP H 110 -19.14 -10.60 -47.57
C ASP H 110 -20.13 -9.73 -46.83
N GLU H 111 -20.94 -10.35 -45.97
CA GLU H 111 -22.07 -9.69 -45.33
C GLU H 111 -21.65 -8.71 -44.24
N ARG H 112 -20.38 -8.69 -43.86
CA ARG H 112 -19.89 -7.71 -42.90
C ARG H 112 -19.54 -6.37 -43.53
N SER H 113 -19.76 -6.20 -44.83
CA SER H 113 -19.59 -4.93 -45.52
C SER H 113 -20.82 -4.62 -46.35
N ARG H 114 -21.01 -3.34 -46.65
CA ARG H 114 -21.97 -2.90 -47.65
C ARG H 114 -21.23 -2.63 -48.96
N TRP H 115 -21.77 -3.13 -50.07
CA TRP H 115 -21.08 -3.13 -51.35
C TRP H 115 -21.79 -2.22 -52.35
N GLY H 116 -21.00 -1.63 -53.25
CA GLY H 116 -21.54 -0.88 -54.36
C GLY H 116 -20.95 -1.36 -55.68
N GLY H 117 -21.61 -0.99 -56.76
CA GLY H 117 -21.19 -1.41 -58.08
C GLY H 117 -21.15 -0.28 -59.10
N GLN H 118 -20.01 -0.08 -59.73
CA GLN H 118 -19.87 0.90 -60.80
C GLN H 118 -20.34 0.30 -62.12
N LEU H 119 -21.25 0.98 -62.81
CA LEU H 119 -21.94 0.44 -63.96
C LEU H 119 -21.57 1.18 -65.24
N LYS H 120 -21.19 0.44 -66.28
CA LYS H 120 -20.95 0.96 -67.62
C LYS H 120 -21.80 0.20 -68.61
N THR H 121 -22.37 0.89 -69.59
CA THR H 121 -23.26 0.28 -70.56
C THR H 121 -22.83 0.63 -71.98
N ILE H 122 -23.21 -0.25 -72.91
CA ILE H 122 -23.03 -0.06 -74.35
C ILE H 122 -24.35 -0.35 -75.04
N MET H 123 -24.81 0.56 -75.88
CA MET H 123 -26.10 0.43 -76.55
C MET H 123 -26.01 0.87 -78.01
N HIS H 124 -26.73 0.18 -78.88
CA HIS H 124 -26.81 0.54 -80.30
C HIS H 124 -28.23 0.33 -80.81
N THR H 125 -28.70 1.26 -81.64
CA THR H 125 -30.08 1.28 -82.13
C THR H 125 -30.11 1.36 -83.66
N ASN H 126 -31.28 1.06 -84.23
CA ASN H 126 -31.49 1.17 -85.68
C ASN H 126 -32.88 1.77 -85.99
N MET H 127 -33.23 2.86 -85.31
CA MET H 127 -34.56 3.49 -85.46
C MET H 127 -34.62 4.37 -86.71
N PRO H 128 -35.63 4.21 -87.55
CA PRO H 128 -35.89 5.19 -88.63
C PRO H 128 -36.74 6.35 -88.13
N ASN H 129 -36.60 7.49 -88.81
CA ASN H 129 -37.20 8.71 -88.28
C ASN H 129 -38.71 8.81 -88.50
N VAL H 130 -39.27 8.13 -89.49
CA VAL H 130 -40.72 8.13 -89.73
C VAL H 130 -41.22 6.72 -89.47
N ASN H 131 -41.96 6.54 -88.37
CA ASN H 131 -42.44 5.22 -87.99
C ASN H 131 -43.68 5.36 -87.12
N GLU H 132 -44.41 4.25 -87.00
CA GLU H 132 -45.69 4.25 -86.29
C GLU H 132 -45.51 4.26 -84.77
N TYR H 133 -44.49 3.58 -84.26
CA TYR H 133 -44.36 3.40 -82.81
C TYR H 133 -44.12 4.72 -82.09
N MET H 134 -43.48 5.68 -82.75
CA MET H 134 -43.13 6.95 -82.14
C MET H 134 -44.06 8.09 -82.55
N PHE H 135 -45.18 7.79 -83.21
CA PHE H 135 -46.20 8.77 -83.58
C PHE H 135 -45.69 9.83 -84.54
N SER H 136 -44.70 9.49 -85.38
CA SER H 136 -44.23 10.37 -86.43
C SER H 136 -44.76 9.96 -87.79
N ASN H 137 -45.89 9.26 -87.81
CA ASN H 137 -46.43 8.61 -89.00
C ASN H 137 -47.70 9.26 -89.52
N LYS H 138 -48.32 10.15 -88.75
CA LYS H 138 -49.69 10.57 -89.05
C LYS H 138 -49.94 11.99 -88.57
N PHE H 139 -50.96 12.61 -89.16
CA PHE H 139 -51.45 13.92 -88.74
C PHE H 139 -52.90 14.05 -89.21
N LYS H 140 -53.59 15.08 -88.73
CA LYS H 140 -54.99 15.32 -89.07
C LYS H 140 -55.15 16.68 -89.75
N ALA H 141 -56.11 16.76 -90.67
CA ALA H 141 -56.37 18.00 -91.39
C ALA H 141 -57.84 18.04 -91.83
N ARG H 142 -58.31 19.25 -92.14
CA ARG H 142 -59.67 19.48 -92.59
C ARG H 142 -59.66 20.03 -94.02
N VAL H 143 -60.27 19.31 -94.95
CA VAL H 143 -60.28 19.65 -96.35
C VAL H 143 -61.72 19.68 -96.86
N MET H 144 -61.88 20.08 -98.12
CA MET H 144 -63.19 20.23 -98.74
C MET H 144 -63.60 18.93 -99.44
N VAL H 145 -64.80 18.46 -99.14
CA VAL H 145 -65.29 17.20 -99.68
C VAL H 145 -66.28 17.40 -100.82
N SER H 146 -67.06 18.49 -100.81
CA SER H 146 -68.06 18.72 -101.84
C SER H 146 -68.22 20.20 -102.11
N ARG H 147 -68.22 20.56 -103.38
CA ARG H 147 -68.75 21.84 -103.83
C ARG H 147 -70.23 21.66 -104.13
N LYS H 148 -70.86 22.64 -104.76
CA LYS H 148 -72.28 22.53 -105.09
C LYS H 148 -72.51 21.48 -106.17
N ASP H 171 -73.12 28.62 -104.40
CA ASP H 171 -72.42 27.37 -104.13
C ASP H 171 -72.32 27.10 -102.63
N ILE H 172 -72.59 25.85 -102.23
CA ILE H 172 -72.48 25.42 -100.85
C ILE H 172 -71.29 24.47 -100.74
N LEU H 173 -70.43 24.72 -99.75
CA LEU H 173 -69.17 24.00 -99.60
C LEU H 173 -69.20 23.20 -98.31
N LYS H 174 -68.75 21.94 -98.38
CA LYS H 174 -68.73 21.05 -97.24
C LYS H 174 -67.29 20.63 -96.93
N TYR H 175 -66.96 20.57 -95.65
CA TYR H 175 -65.62 20.23 -95.18
C TYR H 175 -65.71 19.10 -94.14
N GLU H 176 -64.61 18.37 -93.99
CA GLU H 176 -64.57 17.26 -93.04
C GLU H 176 -63.14 17.00 -92.59
N TRP H 177 -63.01 16.41 -91.41
CA TRP H 177 -61.71 16.04 -90.85
C TRP H 177 -61.34 14.62 -91.26
N PHE H 178 -60.04 14.40 -91.49
CA PHE H 178 -59.51 13.08 -91.80
C PHE H 178 -58.16 12.91 -91.09
N GLU H 179 -57.72 11.67 -91.00
CA GLU H 179 -56.38 11.33 -90.54
C GLU H 179 -55.58 10.75 -91.69
N PHE H 180 -54.37 11.26 -91.88
CA PHE H 180 -53.52 10.91 -93.01
C PHE H 180 -52.32 10.09 -92.54
N ILE H 181 -51.92 9.09 -93.33
CA ILE H 181 -50.87 8.16 -92.96
C ILE H 181 -49.78 8.17 -94.03
N LEU H 182 -48.51 8.24 -93.59
CA LEU H 182 -47.30 8.17 -94.40
C LEU H 182 -46.69 6.77 -94.33
N PRO H 183 -45.97 6.34 -95.35
CA PRO H 183 -45.24 5.07 -95.26
C PRO H 183 -43.92 5.24 -94.50
N GLU H 184 -43.48 4.15 -93.90
CA GLU H 184 -42.35 4.19 -92.96
C GLU H 184 -41.00 4.13 -93.67
N GLY H 185 -40.00 4.75 -93.06
CA GLY H 185 -38.68 4.82 -93.63
C GLY H 185 -37.87 5.92 -92.97
N ASN H 186 -36.64 6.07 -93.45
CA ASN H 186 -35.69 7.05 -92.92
C ASN H 186 -35.46 8.11 -94.00
N PHE H 187 -36.07 9.28 -93.84
CA PHE H 187 -36.13 10.29 -94.89
C PHE H 187 -35.55 11.62 -94.41
N SER H 188 -35.08 12.41 -95.38
CA SER H 188 -34.70 13.78 -95.07
C SER H 188 -35.94 14.66 -94.88
N ALA H 189 -35.70 15.88 -94.42
CA ALA H 189 -36.82 16.78 -94.11
C ALA H 189 -37.58 17.19 -95.38
N THR H 190 -36.87 17.46 -96.46
CA THR H 190 -37.55 17.82 -97.71
C THR H 190 -38.37 16.66 -98.25
N MET H 191 -37.81 15.46 -98.22
CA MET H 191 -38.54 14.28 -98.70
C MET H 191 -39.76 14.00 -97.83
N THR H 192 -39.68 14.29 -96.53
CA THR H 192 -40.84 14.11 -95.66
C THR H 192 -41.98 15.05 -96.04
N ILE H 193 -41.65 16.30 -96.36
CA ILE H 193 -42.66 17.28 -96.73
C ILE H 193 -43.34 16.89 -98.05
N ASP H 194 -42.60 16.30 -98.98
CA ASP H 194 -43.22 15.80 -100.21
C ASP H 194 -44.24 14.72 -99.91
N LEU H 195 -43.95 13.83 -98.96
CA LEU H 195 -44.88 12.76 -98.64
C LEU H 195 -46.16 13.28 -97.99
N MET H 196 -46.06 14.35 -97.19
CA MET H 196 -47.25 14.94 -96.58
C MET H 196 -48.15 15.58 -97.63
N ASN H 197 -47.56 16.28 -98.62
CA ASN H 197 -48.36 16.83 -99.71
C ASN H 197 -49.02 15.70 -100.52
N ASN H 198 -48.28 14.63 -100.77
CA ASN H 198 -48.82 13.50 -101.53
C ASN H 198 -50.00 12.86 -100.83
N ALA H 199 -49.98 12.81 -99.50
CA ALA H 199 -51.11 12.26 -98.76
C ALA H 199 -52.36 13.11 -98.93
N ILE H 200 -52.22 14.43 -98.92
CA ILE H 200 -53.37 15.31 -99.11
C ILE H 200 -53.99 15.08 -100.48
N ILE H 201 -53.15 14.98 -101.52
CA ILE H 201 -53.64 14.86 -102.88
C ILE H 201 -54.35 13.53 -103.11
N ASP H 202 -53.87 12.45 -102.51
CA ASP H 202 -54.53 11.16 -102.65
C ASP H 202 -55.93 11.16 -102.05
N ASN H 203 -56.20 12.03 -101.08
CA ASN H 203 -57.55 12.23 -100.58
C ASN H 203 -58.42 12.97 -101.58
N TYR H 204 -57.82 13.90 -102.33
CA TYR H 204 -58.57 14.66 -103.33
C TYR H 204 -58.87 13.82 -104.57
N LEU H 205 -58.14 12.72 -104.78
CA LEU H 205 -58.41 11.85 -105.92
C LEU H 205 -59.41 10.75 -105.61
N GLU H 206 -59.56 10.38 -104.33
CA GLU H 206 -60.48 9.33 -103.92
C GLU H 206 -61.86 9.89 -103.54
N ILE H 207 -61.89 11.03 -102.86
CA ILE H 207 -63.08 11.79 -102.55
C ILE H 207 -62.85 13.11 -103.25
N GLY H 208 -63.76 14.07 -103.12
CA GLY H 208 -63.41 15.36 -103.66
C GLY H 208 -63.65 15.44 -105.15
N ARG H 209 -62.58 15.22 -105.93
CA ARG H 209 -62.61 15.34 -107.39
C ARG H 209 -63.88 14.80 -108.02
N GLN H 210 -64.35 13.63 -107.56
CA GLN H 210 -65.58 13.06 -108.10
C GLN H 210 -66.83 13.71 -107.55
N ASN H 211 -66.71 14.70 -106.65
CA ASN H 211 -67.86 15.40 -106.09
C ASN H 211 -67.81 16.90 -106.38
N GLY H 212 -67.09 17.30 -107.43
CA GLY H 212 -67.20 18.64 -107.93
C GLY H 212 -66.18 19.66 -107.46
N VAL H 213 -65.15 19.25 -106.70
CA VAL H 213 -64.12 20.20 -106.30
C VAL H 213 -63.07 20.27 -107.39
N LEU H 214 -62.55 21.46 -107.62
CA LEU H 214 -61.57 21.69 -108.65
C LEU H 214 -60.16 21.64 -108.08
N GLU H 215 -59.18 21.51 -108.98
CA GLU H 215 -57.80 21.58 -108.54
C GLU H 215 -57.36 23.04 -108.41
N SER H 216 -58.21 23.84 -107.76
CA SER H 216 -57.85 25.18 -107.35
C SER H 216 -58.46 25.51 -105.99
N ASP H 217 -59.06 24.53 -105.31
CA ASP H 217 -59.62 24.72 -103.98
C ASP H 217 -59.13 23.64 -103.01
N ILE H 218 -57.93 23.11 -103.24
CA ILE H 218 -57.40 22.03 -102.39
C ILE H 218 -57.40 22.45 -100.93
N GLY H 219 -56.65 23.49 -100.60
CA GLY H 219 -56.81 24.14 -99.31
C GLY H 219 -55.79 23.84 -98.24
N VAL H 220 -54.91 22.86 -98.42
CA VAL H 220 -53.84 22.58 -97.47
C VAL H 220 -52.58 22.25 -98.26
N LYS H 221 -51.50 23.01 -98.03
CA LYS H 221 -50.22 22.74 -98.67
C LYS H 221 -49.09 23.11 -97.74
N PHE H 222 -48.01 22.32 -97.77
CA PHE H 222 -46.80 22.59 -97.00
C PHE H 222 -45.71 23.12 -97.93
N ASP H 223 -45.17 24.29 -97.62
CA ASP H 223 -44.25 24.99 -98.51
C ASP H 223 -43.00 25.40 -97.74
N THR H 224 -42.08 26.07 -98.45
CA THR H 224 -40.86 26.60 -97.85
C THR H 224 -40.54 28.04 -98.24
N ARG H 225 -41.36 28.68 -99.07
CA ARG H 225 -40.99 29.95 -99.69
C ARG H 225 -41.41 31.14 -98.82
N ASN H 226 -40.76 32.27 -99.08
CA ASN H 226 -41.14 33.55 -98.48
C ASN H 226 -41.95 34.32 -99.53
N PHE H 227 -43.27 34.16 -99.47
CA PHE H 227 -44.11 34.95 -100.35
C PHE H 227 -44.00 36.42 -99.96
N ARG H 228 -44.32 37.30 -100.91
CA ARG H 228 -44.21 38.77 -100.80
C ARG H 228 -42.77 39.27 -100.72
N LEU H 229 -41.80 38.48 -101.18
CA LEU H 229 -40.41 38.97 -101.19
C LEU H 229 -40.25 40.15 -102.15
N GLY H 230 -40.69 39.99 -103.40
CA GLY H 230 -40.53 41.05 -104.38
C GLY H 230 -41.66 42.06 -104.41
N TRP H 231 -42.30 42.27 -103.26
CA TRP H 231 -43.45 43.15 -103.13
C TRP H 231 -43.05 44.60 -103.33
N ASP H 232 -43.97 45.38 -103.91
CA ASP H 232 -43.73 46.79 -104.20
C ASP H 232 -44.67 47.65 -103.37
N PRO H 233 -44.15 48.66 -102.67
CA PRO H 233 -45.02 49.42 -101.74
C PRO H 233 -46.04 50.31 -102.43
N GLU H 234 -45.88 50.60 -103.73
CA GLU H 234 -46.84 51.45 -104.43
C GLU H 234 -47.92 50.62 -105.12
N THR H 235 -47.52 49.70 -106.00
CA THR H 235 -48.49 48.87 -106.71
C THR H 235 -49.05 47.75 -105.84
N LYS H 236 -48.37 47.40 -104.75
CA LYS H 236 -48.81 46.35 -103.82
C LYS H 236 -49.03 45.02 -104.52
N LEU H 237 -48.15 44.69 -105.47
CA LEU H 237 -48.18 43.41 -106.15
C LEU H 237 -46.76 42.91 -106.32
N ILE H 238 -46.63 41.61 -106.57
CA ILE H 238 -45.31 40.99 -106.78
C ILE H 238 -44.88 41.32 -108.21
N MET H 239 -44.01 42.32 -108.34
CA MET H 239 -43.67 42.84 -109.66
C MET H 239 -43.07 41.81 -110.62
N PRO H 240 -42.17 40.91 -110.20
CA PRO H 240 -41.59 39.96 -111.18
C PRO H 240 -42.62 39.05 -111.84
N GLY H 241 -43.80 38.87 -111.25
CA GLY H 241 -44.79 37.96 -111.80
C GLY H 241 -44.65 36.53 -111.34
N VAL H 242 -43.59 36.18 -110.63
CA VAL H 242 -43.43 34.87 -110.01
C VAL H 242 -42.86 35.07 -108.62
N TYR H 243 -43.33 34.26 -107.67
CA TYR H 243 -42.78 34.29 -106.32
C TYR H 243 -41.34 33.80 -106.32
N THR H 244 -40.53 34.37 -105.43
CA THR H 244 -39.12 34.01 -105.36
C THR H 244 -38.97 32.53 -104.99
N TYR H 245 -38.17 31.81 -105.76
CA TYR H 245 -38.07 30.35 -105.65
C TYR H 245 -36.87 29.95 -104.77
N GLU H 246 -36.88 30.43 -103.52
CA GLU H 246 -35.84 30.14 -102.55
C GLU H 246 -36.45 29.64 -101.25
N ALA H 247 -35.74 28.74 -100.58
CA ALA H 247 -36.22 28.12 -99.35
C ALA H 247 -35.79 28.94 -98.14
N PHE H 248 -36.73 29.22 -97.25
CA PHE H 248 -36.47 30.00 -96.04
C PHE H 248 -36.74 29.21 -94.77
N HIS H 249 -37.91 28.60 -94.63
CA HIS H 249 -38.36 27.88 -93.45
C HIS H 249 -39.66 27.16 -93.81
N PRO H 250 -39.90 25.95 -93.32
CA PRO H 250 -41.16 25.26 -93.66
C PRO H 250 -42.38 26.03 -93.18
N ASP H 251 -43.46 25.93 -93.97
CA ASP H 251 -44.60 26.82 -93.85
C ASP H 251 -45.88 26.05 -94.15
N ILE H 252 -47.00 26.59 -93.67
CA ILE H 252 -48.34 26.03 -93.86
C ILE H 252 -49.19 27.07 -94.58
N VAL H 253 -49.84 26.65 -95.68
CA VAL H 253 -50.69 27.52 -96.49
C VAL H 253 -52.12 26.99 -96.46
N LEU H 254 -53.08 27.87 -96.18
CA LEU H 254 -54.47 27.48 -95.96
C LEU H 254 -55.43 28.33 -96.77
N LEU H 255 -56.57 27.72 -97.12
CA LEU H 255 -57.77 28.32 -97.70
C LEU H 255 -58.88 28.41 -96.65
N PRO H 256 -59.89 29.25 -96.84
CA PRO H 256 -60.94 29.38 -95.82
C PRO H 256 -61.65 28.07 -95.57
N GLY H 257 -61.96 27.80 -94.30
CA GLY H 257 -62.62 26.59 -93.90
C GLY H 257 -61.72 25.41 -93.59
N CYS H 258 -60.41 25.54 -93.76
CA CYS H 258 -59.48 24.42 -93.59
C CYS H 258 -58.64 24.61 -92.33
N GLY H 259 -57.82 23.60 -92.03
CA GLY H 259 -56.94 23.66 -90.88
C GLY H 259 -56.19 22.35 -90.70
N VAL H 260 -55.20 22.38 -89.81
CA VAL H 260 -54.42 21.21 -89.45
C VAL H 260 -54.38 21.08 -87.93
N ASP H 261 -54.21 19.84 -87.45
CA ASP H 261 -54.23 19.55 -86.03
C ASP H 261 -53.10 18.59 -85.69
N PHE H 262 -52.20 19.01 -84.80
CA PHE H 262 -51.02 18.22 -84.44
C PHE H 262 -51.09 17.67 -83.02
N THR H 263 -52.28 17.47 -82.48
CA THR H 263 -52.41 17.03 -81.10
C THR H 263 -51.78 15.66 -80.89
N GLU H 264 -51.93 14.76 -81.86
CA GLU H 264 -51.43 13.40 -81.72
C GLU H 264 -50.35 13.11 -82.75
N SER H 265 -49.40 14.02 -82.90
CA SER H 265 -48.39 13.92 -83.94
C SER H 265 -47.11 14.62 -83.49
N ARG H 266 -45.98 14.10 -83.95
CA ARG H 266 -44.69 14.72 -83.66
C ARG H 266 -44.09 15.40 -84.89
N LEU H 267 -44.87 15.55 -85.96
CA LEU H 267 -44.37 16.18 -87.18
C LEU H 267 -44.28 17.69 -87.08
N SER H 268 -44.86 18.31 -86.05
CA SER H 268 -44.66 19.75 -85.87
C SER H 268 -43.23 20.09 -85.48
N ASN H 269 -42.51 19.17 -84.83
CA ASN H 269 -41.09 19.40 -84.53
C ASN H 269 -40.25 19.43 -85.80
N LEU H 270 -40.57 18.58 -86.77
CA LEU H 270 -39.84 18.59 -88.03
C LEU H 270 -40.13 19.86 -88.83
N LEU H 271 -41.31 20.46 -88.66
CA LEU H 271 -41.64 21.69 -89.36
C LEU H 271 -41.05 22.93 -88.69
N GLY H 272 -40.57 22.82 -87.45
CA GLY H 272 -40.07 23.99 -86.76
C GLY H 272 -41.12 24.96 -86.29
N ILE H 273 -42.30 24.48 -85.93
CA ILE H 273 -43.37 25.30 -85.38
C ILE H 273 -43.78 24.70 -84.04
N ARG H 274 -43.67 25.50 -82.98
CA ARG H 274 -43.93 25.03 -81.62
C ARG H 274 -44.78 26.04 -80.86
N LYS H 275 -45.34 25.59 -79.74
CA LYS H 275 -46.18 26.43 -78.88
C LYS H 275 -45.36 27.08 -77.78
N ARG H 276 -45.69 28.34 -77.48
CA ARG H 276 -45.03 29.05 -76.39
C ARG H 276 -45.44 28.53 -75.02
N HIS H 277 -46.54 27.79 -74.93
CA HIS H 277 -46.98 27.14 -73.69
C HIS H 277 -47.05 25.64 -74.00
N PRO H 278 -45.91 24.94 -73.96
CA PRO H 278 -45.87 23.57 -74.49
C PRO H 278 -46.55 22.54 -73.60
N PHE H 279 -46.93 22.89 -72.37
CA PHE H 279 -47.59 21.94 -71.49
C PHE H 279 -49.11 22.02 -71.56
N GLN H 280 -49.69 22.89 -72.40
CA GLN H 280 -51.13 22.95 -72.59
C GLN H 280 -51.53 22.03 -73.73
N GLU H 281 -52.47 21.12 -73.46
CA GLU H 281 -52.84 20.12 -74.45
C GLU H 281 -53.56 20.75 -75.63
N GLY H 282 -53.32 20.20 -76.82
CA GLY H 282 -54.00 20.64 -78.02
C GLY H 282 -53.20 21.59 -78.89
N PHE H 283 -53.10 21.29 -80.18
CA PHE H 283 -52.33 22.12 -81.11
C PHE H 283 -53.08 22.13 -82.45
N LYS H 284 -53.91 23.15 -82.66
CA LYS H 284 -54.67 23.31 -83.89
C LYS H 284 -54.43 24.68 -84.48
N ILE H 285 -54.28 24.74 -85.81
CA ILE H 285 -54.09 25.99 -86.54
C ILE H 285 -55.13 26.05 -87.66
N MET H 286 -56.04 27.01 -87.56
CA MET H 286 -57.13 27.17 -88.51
C MET H 286 -56.95 28.43 -89.34
N TYR H 287 -57.77 28.56 -90.38
CA TYR H 287 -57.67 29.72 -91.27
C TYR H 287 -57.94 31.03 -90.54
N GLU H 288 -58.79 31.01 -89.52
CA GLU H 288 -59.10 32.22 -88.78
C GLU H 288 -57.96 32.68 -87.86
N ASP H 289 -57.00 31.80 -87.58
CA ASP H 289 -55.88 32.17 -86.71
C ASP H 289 -54.72 32.82 -87.47
N LEU H 290 -54.75 32.81 -88.80
CA LEU H 290 -53.66 33.34 -89.61
C LEU H 290 -53.95 34.74 -90.14
N GLU H 291 -54.62 35.58 -89.35
CA GLU H 291 -54.97 36.92 -89.79
C GLU H 291 -53.72 37.73 -90.11
N GLY H 292 -53.80 38.51 -91.19
CA GLY H 292 -52.67 39.30 -91.64
C GLY H 292 -51.69 38.59 -92.53
N GLY H 293 -51.93 37.32 -92.83
CA GLY H 293 -50.97 36.55 -93.60
C GLY H 293 -51.39 36.22 -95.01
N ASN H 294 -52.29 37.01 -95.59
CA ASN H 294 -52.74 36.77 -96.96
C ASN H 294 -51.60 36.94 -97.94
N ILE H 295 -51.52 36.04 -98.91
CA ILE H 295 -50.46 36.03 -99.91
C ILE H 295 -50.78 37.06 -100.99
N PRO H 296 -49.92 38.04 -101.23
CA PRO H 296 -50.22 39.05 -102.26
C PRO H 296 -50.34 38.44 -103.64
N ALA H 297 -51.26 38.98 -104.43
CA ALA H 297 -51.54 38.46 -105.77
C ALA H 297 -50.45 38.87 -106.75
N LEU H 298 -50.32 38.06 -107.80
CA LEU H 298 -49.45 38.34 -108.95
C LEU H 298 -48.10 38.89 -108.57
N ILE H 364 -51.22 47.30 -115.12
CA ILE H 364 -51.23 47.23 -113.66
C ILE H 364 -52.48 46.52 -113.17
N GLN H 365 -52.56 45.22 -113.41
CA GLN H 365 -53.68 44.42 -112.93
C GLN H 365 -53.17 43.05 -112.50
N PRO H 366 -53.75 42.45 -111.46
CA PRO H 366 -53.31 41.13 -111.02
C PRO H 366 -53.68 40.05 -112.02
N LEU H 367 -52.83 39.02 -112.12
CA LEU H 367 -53.17 37.84 -112.88
C LEU H 367 -54.23 37.05 -112.15
N GLU H 368 -55.28 36.64 -112.87
CA GLU H 368 -56.42 35.99 -112.25
C GLU H 368 -56.48 34.49 -112.49
N LYS H 369 -55.64 33.94 -113.37
CA LYS H 369 -55.70 32.53 -113.67
C LYS H 369 -54.32 32.06 -114.13
N ASP H 370 -54.14 30.73 -114.12
CA ASP H 370 -52.87 30.12 -114.46
C ASP H 370 -52.83 29.78 -115.96
N SER H 371 -51.75 29.11 -116.38
CA SER H 371 -51.58 28.79 -117.79
C SER H 371 -52.66 27.84 -118.30
N LYS H 372 -53.02 26.84 -117.50
CA LYS H 372 -54.02 25.85 -117.88
C LYS H 372 -55.41 26.20 -117.34
N SER H 373 -55.69 27.49 -117.18
CA SER H 373 -56.99 27.96 -116.70
C SER H 373 -57.34 27.37 -115.32
N ARG H 374 -56.52 27.73 -114.35
CA ARG H 374 -56.79 27.45 -112.94
C ARG H 374 -56.90 28.75 -112.19
N SER H 375 -57.95 28.90 -111.39
CA SER H 375 -58.16 30.13 -110.64
C SER H 375 -57.09 30.30 -109.57
N TYR H 376 -56.55 31.51 -109.46
CA TYR H 376 -55.68 31.88 -108.36
C TYR H 376 -56.44 32.36 -107.14
N ASN H 377 -57.78 32.39 -107.18
CA ASN H 377 -58.61 32.80 -106.05
C ASN H 377 -58.35 34.25 -105.65
N VAL H 378 -58.19 35.13 -106.64
CA VAL H 378 -58.01 36.54 -106.34
C VAL H 378 -59.32 37.11 -105.78
N LEU H 379 -59.19 38.07 -104.87
CA LEU H 379 -60.32 38.65 -104.16
C LEU H 379 -60.61 40.06 -104.67
N GLU H 380 -61.55 40.72 -104.00
CA GLU H 380 -61.82 42.13 -104.29
C GLU H 380 -60.63 42.99 -103.87
N ASP H 381 -60.58 44.19 -104.42
CA ASP H 381 -59.49 45.16 -104.27
C ASP H 381 -58.27 44.74 -105.09
N LYS H 382 -58.29 43.54 -105.65
CA LYS H 382 -57.34 43.12 -106.68
C LYS H 382 -55.89 43.28 -106.25
N ILE H 383 -55.61 43.03 -104.97
CA ILE H 383 -54.25 43.04 -104.46
C ILE H 383 -53.89 41.73 -103.75
N ASN H 384 -54.77 41.22 -102.90
CA ASN H 384 -54.49 40.04 -102.10
C ASN H 384 -55.31 38.84 -102.58
N THR H 385 -54.83 37.67 -102.18
CA THR H 385 -55.41 36.39 -102.54
C THR H 385 -55.97 35.71 -101.28
N ALA H 386 -56.92 34.80 -101.48
CA ALA H 386 -57.55 34.12 -100.36
C ALA H 386 -56.59 33.22 -99.59
N TYR H 387 -55.46 32.82 -100.18
CA TYR H 387 -54.51 31.97 -99.47
C TYR H 387 -53.86 32.72 -98.32
N ARG H 388 -53.70 32.04 -97.19
CA ARG H 388 -52.97 32.56 -96.04
C ARG H 388 -51.85 31.60 -95.67
N SER H 389 -50.78 32.14 -95.07
CA SER H 389 -49.64 31.32 -94.69
C SER H 389 -49.16 31.69 -93.30
N TRP H 390 -48.68 30.68 -92.56
CA TRP H 390 -48.21 30.87 -91.20
C TRP H 390 -47.00 31.79 -91.16
N TYR H 391 -46.07 31.64 -92.10
CA TYR H 391 -44.85 32.42 -92.06
C TYR H 391 -45.11 33.92 -92.28
N LEU H 392 -45.99 34.25 -93.22
CA LEU H 392 -46.32 35.65 -93.45
C LEU H 392 -46.99 36.27 -92.24
N SER H 393 -47.89 35.53 -91.61
CA SER H 393 -48.58 36.05 -90.42
C SER H 393 -47.61 36.20 -89.24
N TYR H 394 -46.67 35.27 -89.10
CA TYR H 394 -45.70 35.35 -88.00
C TYR H 394 -44.79 36.55 -88.15
N ASN H 395 -44.34 36.85 -89.37
CA ASN H 395 -43.33 37.87 -89.57
C ASN H 395 -43.90 39.24 -89.91
N TYR H 396 -45.07 39.33 -90.56
CA TYR H 396 -45.61 40.60 -91.01
C TYR H 396 -46.94 40.98 -90.37
N GLY H 397 -47.60 40.06 -89.68
CA GLY H 397 -48.88 40.34 -89.06
C GLY H 397 -48.74 41.15 -87.77
N ASN H 398 -49.85 41.23 -87.05
CA ASN H 398 -49.88 41.98 -85.80
C ASN H 398 -49.11 41.24 -84.72
N PRO H 399 -48.11 41.85 -84.10
CA PRO H 399 -47.30 41.12 -83.10
C PRO H 399 -48.09 40.66 -81.88
N GLU H 400 -49.15 41.38 -81.50
CA GLU H 400 -49.84 41.08 -80.24
C GLU H 400 -51.20 40.43 -80.44
N LYS H 401 -51.60 40.15 -81.68
CA LYS H 401 -52.87 39.49 -81.94
C LYS H 401 -52.80 38.33 -82.93
N GLY H 402 -51.77 38.27 -83.78
CA GLY H 402 -51.66 37.21 -84.76
C GLY H 402 -51.10 35.94 -84.17
N ILE H 403 -50.68 35.05 -85.08
CA ILE H 403 -50.16 33.75 -84.69
C ILE H 403 -48.86 33.86 -83.89
N ARG H 404 -48.17 34.99 -83.97
CA ARG H 404 -46.90 35.18 -83.26
C ARG H 404 -47.08 35.27 -81.75
N SER H 405 -48.29 35.54 -81.27
CA SER H 405 -48.49 35.71 -79.84
C SER H 405 -48.50 34.39 -79.08
N TRP H 406 -48.75 33.26 -79.74
CA TRP H 406 -48.77 31.98 -79.04
C TRP H 406 -48.04 30.86 -79.76
N THR H 407 -47.33 31.13 -80.86
CA THR H 407 -46.46 30.14 -81.48
C THR H 407 -45.04 30.70 -81.60
N LEU H 408 -44.10 29.80 -81.86
CA LEU H 408 -42.68 30.13 -81.88
C LEU H 408 -42.02 29.46 -83.07
N LEU H 409 -41.11 30.17 -83.72
CA LEU H 409 -40.38 29.66 -84.88
C LEU H 409 -39.04 29.09 -84.43
N THR H 410 -38.75 27.86 -84.82
CA THR H 410 -37.53 27.15 -84.40
C THR H 410 -36.89 26.47 -85.59
N THR H 411 -35.64 26.02 -85.42
CA THR H 411 -34.96 25.26 -86.46
C THR H 411 -35.60 23.88 -86.62
N SER H 412 -35.64 23.40 -87.86
CA SER H 412 -36.22 22.09 -88.14
C SER H 412 -35.40 20.98 -87.50
N ASP H 413 -36.09 20.03 -86.88
CA ASP H 413 -35.45 18.89 -86.20
C ASP H 413 -35.88 17.60 -86.89
N VAL H 414 -34.97 17.02 -87.68
CA VAL H 414 -35.31 15.87 -88.53
C VAL H 414 -35.60 14.62 -87.70
N THR H 415 -35.00 14.48 -86.53
CA THR H 415 -35.28 13.30 -85.70
C THR H 415 -36.68 13.34 -85.10
N CYS H 416 -37.38 14.46 -85.20
CA CYS H 416 -38.71 14.70 -84.63
C CYS H 416 -38.70 14.79 -83.12
N GLY H 417 -37.53 14.98 -82.51
CA GLY H 417 -37.44 15.20 -81.08
C GLY H 417 -37.17 13.92 -80.31
N VAL H 418 -35.95 13.74 -79.86
CA VAL H 418 -35.58 12.53 -79.12
C VAL H 418 -35.80 12.79 -77.64
N GLU H 419 -36.18 11.75 -76.92
CA GLU H 419 -36.35 11.81 -75.48
C GLU H 419 -35.40 10.81 -74.83
N GLN H 420 -35.55 10.63 -73.52
CA GLN H 420 -34.62 9.84 -72.72
C GLN H 420 -35.01 8.36 -72.70
N VAL H 421 -34.08 7.53 -72.22
CA VAL H 421 -34.29 6.11 -71.99
C VAL H 421 -33.83 5.76 -70.58
N TYR H 422 -34.42 4.72 -70.00
CA TYR H 422 -34.15 4.29 -68.64
C TYR H 422 -33.66 2.84 -68.59
N TRP H 423 -32.68 2.57 -67.75
CA TRP H 423 -32.15 1.23 -67.51
C TRP H 423 -32.70 0.66 -66.19
N SER H 424 -32.99 -0.65 -66.19
CA SER H 424 -33.40 -1.37 -64.98
C SER H 424 -32.62 -2.67 -64.82
N LEU H 425 -32.17 -2.94 -63.60
CA LEU H 425 -31.52 -4.21 -63.25
C LEU H 425 -32.09 -4.70 -61.92
N PRO H 426 -33.33 -5.19 -61.91
CA PRO H 426 -34.02 -5.42 -60.63
C PRO H 426 -33.44 -6.53 -59.77
N ASP H 427 -32.70 -7.48 -60.33
CA ASP H 427 -32.12 -8.58 -59.55
C ASP H 427 -30.70 -8.30 -59.07
N MET H 428 -30.12 -7.15 -59.40
CA MET H 428 -28.74 -6.87 -59.04
C MET H 428 -28.61 -5.66 -58.11
N MET H 429 -29.25 -4.55 -58.42
CA MET H 429 -29.13 -3.32 -57.66
C MET H 429 -30.28 -3.18 -56.66
N GLN H 430 -30.02 -2.46 -55.58
CA GLN H 430 -31.09 -2.05 -54.67
C GLN H 430 -31.94 -0.95 -55.31
N ASP H 431 -33.21 -0.91 -54.92
CA ASP H 431 -34.12 0.11 -55.45
C ASP H 431 -33.72 1.50 -54.95
N PRO H 432 -33.60 2.49 -55.83
CA PRO H 432 -33.35 3.87 -55.37
C PRO H 432 -34.55 4.43 -54.60
N VAL H 433 -34.28 5.53 -53.89
CA VAL H 433 -35.21 6.04 -52.88
C VAL H 433 -36.55 6.43 -53.52
N THR H 434 -37.64 6.06 -52.85
CA THR H 434 -39.06 6.23 -53.14
C THR H 434 -39.62 5.27 -54.21
N PHE H 435 -38.81 4.45 -54.86
CA PHE H 435 -39.33 3.45 -55.78
C PHE H 435 -39.86 2.23 -55.01
N ARG H 436 -40.99 1.69 -55.45
CA ARG H 436 -41.55 0.47 -54.88
C ARG H 436 -41.01 -0.78 -55.58
N SER H 437 -40.83 -1.85 -54.81
CA SER H 437 -40.48 -3.15 -55.37
C SER H 437 -41.70 -3.79 -56.03
N THR H 438 -41.50 -4.33 -57.23
CA THR H 438 -42.62 -4.86 -58.00
C THR H 438 -42.10 -5.82 -59.06
N ARG H 439 -43.03 -6.55 -59.69
CA ARG H 439 -42.73 -7.41 -60.81
C ARG H 439 -43.46 -6.99 -62.09
N GLN H 440 -44.01 -5.78 -62.13
CA GLN H 440 -44.63 -5.25 -63.34
C GLN H 440 -43.57 -4.51 -64.17
N VAL H 441 -43.48 -4.87 -65.46
CA VAL H 441 -42.39 -4.38 -66.30
C VAL H 441 -42.46 -2.86 -66.47
N SER H 442 -43.64 -2.32 -66.67
CA SER H 442 -43.75 -0.88 -66.83
C SER H 442 -43.55 -0.11 -65.52
N ASN H 443 -43.15 -0.73 -64.40
CA ASN H 443 -42.93 0.01 -63.17
C ASN H 443 -41.66 -0.44 -62.44
N TYR H 444 -40.68 -1.01 -63.16
CA TYR H 444 -39.41 -1.37 -62.54
C TYR H 444 -38.69 -0.12 -62.03
N PRO H 445 -37.96 -0.23 -60.91
CA PRO H 445 -37.12 0.89 -60.47
C PRO H 445 -36.02 1.20 -61.48
N VAL H 446 -35.67 2.49 -61.56
CA VAL H 446 -34.78 3.00 -62.59
C VAL H 446 -33.38 3.20 -62.03
N VAL H 447 -32.38 2.66 -62.71
CA VAL H 447 -31.00 2.67 -62.24
C VAL H 447 -30.10 3.63 -63.03
N GLY H 448 -30.55 4.12 -64.19
CA GLY H 448 -29.78 5.09 -64.95
C GLY H 448 -30.61 5.65 -66.09
N ALA H 449 -30.14 6.78 -66.62
CA ALA H 449 -30.85 7.48 -67.69
C ALA H 449 -29.85 8.13 -68.65
N GLU H 450 -30.28 8.27 -69.91
CA GLU H 450 -29.48 8.91 -70.96
C GLU H 450 -30.42 9.20 -72.13
N LEU H 451 -29.89 9.87 -73.15
CA LEU H 451 -30.67 10.12 -74.35
C LEU H 451 -30.71 8.90 -75.26
N MET H 452 -31.85 8.69 -75.89
CA MET H 452 -31.93 7.72 -76.97
C MET H 452 -30.97 8.14 -78.07
N PRO H 453 -30.05 7.28 -78.50
CA PRO H 453 -28.86 7.74 -79.26
C PRO H 453 -29.10 7.92 -80.76
N VAL H 454 -29.89 8.93 -81.10
CA VAL H 454 -30.19 9.28 -82.48
C VAL H 454 -29.93 10.77 -82.66
N PHE H 455 -29.20 11.13 -83.71
CA PHE H 455 -28.72 12.50 -83.88
C PHE H 455 -28.92 12.98 -85.32
N SER H 456 -28.94 14.29 -85.46
CA SER H 456 -29.07 14.95 -86.75
C SER H 456 -27.69 15.29 -87.32
N LYS H 457 -27.53 15.18 -88.64
CA LYS H 457 -26.31 15.55 -89.33
C LYS H 457 -26.63 16.43 -90.53
N SER H 458 -25.79 17.44 -90.77
CA SER H 458 -26.02 18.43 -91.81
C SER H 458 -25.12 18.21 -93.03
N PHE H 459 -25.66 18.53 -94.20
CA PHE H 459 -24.92 18.49 -95.46
C PHE H 459 -25.24 19.74 -96.26
N TYR H 460 -24.36 20.08 -97.19
CA TYR H 460 -24.51 21.25 -98.04
C TYR H 460 -24.80 20.81 -99.47
N ASN H 461 -25.84 21.38 -100.06
CA ASN H 461 -26.23 21.05 -101.43
C ASN H 461 -26.63 22.29 -102.24
N HIS H 478 -43.56 12.88 -112.88
CA HIS H 478 -43.27 13.43 -111.56
C HIS H 478 -44.50 13.40 -110.66
N VAL H 479 -44.56 12.39 -109.79
CA VAL H 479 -45.66 12.30 -108.84
C VAL H 479 -45.61 13.40 -107.79
N PHE H 480 -44.43 13.97 -107.56
CA PHE H 480 -44.26 15.05 -106.58
C PHE H 480 -44.40 16.44 -107.18
N ASN H 481 -44.81 16.53 -108.45
CA ASN H 481 -45.09 17.83 -109.07
C ASN H 481 -46.22 17.60 -110.08
N ARG H 482 -47.46 17.76 -109.61
CA ARG H 482 -48.65 17.51 -110.41
C ARG H 482 -49.26 18.79 -110.98
N PHE H 483 -48.82 19.96 -110.52
CA PHE H 483 -49.30 21.24 -111.03
C PHE H 483 -48.09 22.11 -111.34
N PRO H 484 -47.31 21.74 -112.36
CA PRO H 484 -46.10 22.51 -112.66
C PRO H 484 -46.35 23.97 -112.99
N GLU H 485 -47.50 24.29 -113.59
CA GLU H 485 -47.75 25.66 -114.01
C GLU H 485 -48.15 26.56 -112.85
N ASN H 486 -48.86 26.04 -111.86
CA ASN H 486 -49.48 26.86 -110.83
C ASN H 486 -48.43 27.38 -109.86
N GLN H 487 -48.34 28.71 -109.71
CA GLN H 487 -47.34 29.30 -108.85
C GLN H 487 -47.55 28.98 -107.38
N ILE H 488 -48.77 28.66 -106.97
CA ILE H 488 -49.05 28.33 -105.57
C ILE H 488 -48.81 26.85 -105.31
N LEU H 489 -49.16 25.99 -106.26
CA LEU H 489 -49.09 24.54 -106.11
C LEU H 489 -47.82 23.95 -106.70
N ILE H 490 -46.84 24.76 -107.08
CA ILE H 490 -45.58 24.23 -107.56
C ILE H 490 -44.84 23.51 -106.43
N ARG H 491 -43.99 22.57 -106.81
CA ARG H 491 -43.21 21.81 -105.83
C ARG H 491 -42.24 22.74 -105.11
N PRO H 492 -42.17 22.69 -103.78
CA PRO H 492 -41.36 23.67 -103.05
C PRO H 492 -39.89 23.52 -103.39
N PRO H 493 -39.15 24.62 -103.39
CA PRO H 493 -37.70 24.52 -103.56
C PRO H 493 -37.03 23.84 -102.36
N ALA H 494 -35.92 23.16 -102.64
CA ALA H 494 -35.16 22.43 -101.63
C ALA H 494 -34.18 23.36 -100.90
N PRO H 495 -34.00 23.20 -99.60
CA PRO H 495 -33.05 24.04 -98.88
C PRO H 495 -31.61 23.75 -99.30
N THR H 496 -30.77 24.76 -99.15
CA THR H 496 -29.34 24.57 -99.36
C THR H 496 -28.67 23.80 -98.22
N ILE H 497 -29.36 23.60 -97.09
CA ILE H 497 -28.88 22.78 -95.98
C ILE H 497 -29.85 21.62 -95.79
N THR H 498 -29.33 20.40 -95.91
CA THR H 498 -30.13 19.18 -95.73
C THR H 498 -29.69 18.45 -94.46
N THR H 499 -30.65 17.96 -93.69
CA THR H 499 -30.38 17.23 -92.46
C THR H 499 -31.00 15.83 -92.51
N VAL H 500 -30.25 14.85 -92.01
CA VAL H 500 -30.69 13.46 -91.92
C VAL H 500 -30.34 12.93 -90.54
N SER H 501 -31.07 11.92 -90.10
CA SER H 501 -30.90 11.36 -88.75
C SER H 501 -30.05 10.09 -88.80
N GLU H 502 -29.22 9.91 -87.76
CA GLU H 502 -28.25 8.83 -87.68
C GLU H 502 -28.30 8.14 -86.32
N ASN H 503 -27.95 6.87 -86.30
CA ASN H 503 -27.80 6.08 -85.07
C ASN H 503 -26.31 5.96 -84.75
N VAL H 504 -25.93 6.36 -83.54
CA VAL H 504 -24.53 6.37 -83.11
C VAL H 504 -24.42 5.56 -81.83
N PRO H 505 -23.51 4.58 -81.76
CA PRO H 505 -23.39 3.77 -80.53
C PRO H 505 -23.01 4.63 -79.32
N ALA H 506 -23.62 4.32 -78.19
CA ALA H 506 -23.52 5.12 -76.98
C ALA H 506 -22.79 4.34 -75.89
N LEU H 507 -21.75 4.95 -75.33
CA LEU H 507 -20.92 4.38 -74.27
C LEU H 507 -21.04 5.28 -73.05
N THR H 508 -21.59 4.75 -71.96
CA THR H 508 -22.02 5.58 -70.84
C THR H 508 -21.51 5.03 -69.51
N ASP H 509 -21.01 5.93 -68.66
CA ASP H 509 -20.65 5.63 -67.29
C ASP H 509 -21.73 6.18 -66.37
N HIS H 510 -22.39 5.29 -65.62
CA HIS H 510 -23.52 5.67 -64.76
C HIS H 510 -23.13 5.86 -63.30
N GLY H 511 -21.86 5.73 -62.94
CA GLY H 511 -21.44 5.87 -61.55
C GLY H 511 -21.68 4.62 -60.72
N THR H 512 -21.58 4.80 -59.41
CA THR H 512 -21.66 3.70 -58.44
C THR H 512 -23.03 3.65 -57.77
N LEU H 513 -23.61 2.46 -57.70
CA LEU H 513 -24.90 2.23 -57.05
C LEU H 513 -24.81 1.09 -56.03
N PRO H 514 -25.61 1.15 -54.96
CA PRO H 514 -25.58 0.06 -53.97
C PRO H 514 -26.03 -1.27 -54.53
N LEU H 515 -25.34 -2.33 -54.11
CA LEU H 515 -25.45 -3.66 -54.67
C LEU H 515 -26.06 -4.61 -53.64
N ARG H 516 -26.85 -5.57 -54.11
CA ARG H 516 -27.39 -6.59 -53.21
C ARG H 516 -26.28 -7.55 -52.77
N SER H 517 -26.40 -8.06 -51.54
CA SER H 517 -25.35 -8.91 -50.97
C SER H 517 -25.36 -10.32 -51.58
N SER H 518 -26.49 -10.79 -52.09
CA SER H 518 -26.57 -12.10 -52.71
C SER H 518 -27.15 -11.95 -54.11
N ILE H 519 -26.43 -12.45 -55.10
CA ILE H 519 -26.77 -12.26 -56.51
C ILE H 519 -27.08 -13.64 -57.10
N ARG H 520 -28.27 -13.78 -57.67
CA ARG H 520 -28.66 -15.02 -58.34
C ARG H 520 -27.99 -15.16 -59.70
N GLY H 521 -27.93 -16.40 -60.18
CA GLY H 521 -27.23 -16.71 -61.41
C GLY H 521 -27.90 -16.22 -62.68
N VAL H 522 -29.21 -15.99 -62.65
CA VAL H 522 -29.96 -15.50 -63.80
C VAL H 522 -30.47 -14.09 -63.49
N GLN H 523 -30.24 -13.16 -64.43
CA GLN H 523 -30.51 -11.75 -64.22
C GLN H 523 -31.38 -11.20 -65.35
N ARG H 524 -32.22 -10.23 -65.01
CA ARG H 524 -33.09 -9.55 -65.97
C ARG H 524 -32.53 -8.17 -66.33
N VAL H 525 -32.57 -7.85 -67.62
CA VAL H 525 -32.10 -6.57 -68.15
C VAL H 525 -33.23 -5.92 -68.95
N THR H 526 -33.54 -4.66 -68.66
CA THR H 526 -34.66 -3.97 -69.29
C THR H 526 -34.29 -2.53 -69.68
N VAL H 527 -34.77 -2.10 -70.84
CA VAL H 527 -34.61 -0.74 -71.34
C VAL H 527 -35.98 -0.22 -71.76
N THR H 528 -36.42 0.92 -71.20
CA THR H 528 -37.73 1.50 -71.51
C THR H 528 -37.62 2.99 -71.80
N ASP H 529 -38.65 3.52 -72.48
CA ASP H 529 -38.70 4.92 -72.88
C ASP H 529 -39.40 5.76 -71.83
N ALA H 530 -39.71 7.01 -72.18
CA ALA H 530 -40.27 7.96 -71.22
C ALA H 530 -41.67 7.57 -70.75
N ARG H 531 -42.44 6.91 -71.61
CA ARG H 531 -43.76 6.41 -71.23
C ARG H 531 -43.69 4.99 -70.65
N ARG H 532 -42.49 4.49 -70.40
CA ARG H 532 -42.24 3.17 -69.81
C ARG H 532 -42.73 2.02 -70.71
N ARG H 533 -42.53 2.17 -72.01
CA ARG H 533 -42.66 1.07 -72.96
C ARG H 533 -41.27 0.59 -73.35
N THR H 534 -41.15 -0.70 -73.65
CA THR H 534 -39.90 -1.20 -74.22
C THR H 534 -39.74 -0.68 -75.65
N CYS H 535 -38.49 -0.58 -76.09
CA CYS H 535 -38.19 -0.03 -77.41
C CYS H 535 -37.80 -1.13 -78.38
N PRO H 536 -38.58 -1.38 -79.42
CA PRO H 536 -38.24 -2.45 -80.39
C PRO H 536 -37.04 -2.15 -81.28
N TYR H 537 -36.45 -0.96 -81.22
CA TYR H 537 -35.34 -0.63 -82.09
C TYR H 537 -33.97 -0.77 -81.43
N VAL H 538 -33.91 -1.28 -80.20
CA VAL H 538 -32.63 -1.67 -79.61
C VAL H 538 -32.25 -3.04 -80.15
N TYR H 539 -31.02 -3.17 -80.64
CA TYR H 539 -30.55 -4.49 -81.07
C TYR H 539 -29.20 -4.88 -80.47
N LYS H 540 -28.65 -4.09 -79.56
CA LYS H 540 -27.42 -4.47 -78.85
C LYS H 540 -27.38 -3.72 -77.54
N ALA H 541 -27.25 -4.45 -76.43
CA ALA H 541 -27.17 -3.86 -75.11
C ALA H 541 -26.31 -4.73 -74.21
N LEU H 542 -25.28 -4.14 -73.61
CA LEU H 542 -24.35 -4.82 -72.72
C LEU H 542 -24.15 -4.02 -71.45
N GLY H 543 -23.88 -4.73 -70.36
CA GLY H 543 -23.54 -4.09 -69.10
C GLY H 543 -22.33 -4.74 -68.46
N ILE H 544 -21.54 -3.91 -67.78
CA ILE H 544 -20.36 -4.34 -67.05
C ILE H 544 -20.38 -3.69 -65.67
N VAL H 545 -20.28 -4.50 -64.63
CA VAL H 545 -20.36 -4.02 -63.25
C VAL H 545 -19.06 -4.35 -62.52
N ALA H 546 -18.55 -3.40 -61.76
CA ALA H 546 -17.33 -3.59 -60.96
C ALA H 546 -17.60 -3.37 -59.48
N PRO H 547 -17.80 -4.43 -58.69
CA PRO H 547 -18.11 -4.25 -57.26
C PRO H 547 -16.92 -3.75 -56.45
N ARG H 548 -17.24 -3.05 -55.35
CA ARG H 548 -16.24 -2.64 -54.37
C ARG H 548 -16.93 -2.30 -53.06
N VAL H 549 -16.15 -2.24 -51.98
CA VAL H 549 -16.67 -2.00 -50.64
C VAL H 549 -16.97 -0.52 -50.45
N LEU H 550 -18.14 -0.20 -49.90
CA LEU H 550 -18.54 1.16 -49.60
C LEU H 550 -18.40 1.51 -48.12
N SER H 551 -18.91 0.68 -47.21
CA SER H 551 -18.80 0.96 -45.79
C SER H 551 -18.90 -0.35 -45.01
N SER H 552 -18.65 -0.24 -43.72
CA SER H 552 -18.64 -1.39 -42.82
C SER H 552 -20.04 -1.68 -42.30
N ARG H 553 -20.28 -2.96 -41.99
CA ARG H 553 -21.50 -3.46 -41.35
C ARG H 553 -22.73 -3.32 -42.24
N ARG I 48 -8.35 41.71 19.17
CA ARG I 48 -9.13 41.84 20.40
C ARG I 48 -8.65 43.00 21.27
N ASN I 49 -8.30 44.13 20.63
CA ASN I 49 -7.75 45.26 21.38
C ASN I 49 -8.30 46.60 20.91
N SER I 50 -9.48 46.63 20.30
CA SER I 50 -10.02 47.87 19.77
C SER I 50 -10.82 48.62 20.84
N ILE I 51 -10.95 49.94 20.64
CA ILE I 51 -11.68 50.82 21.55
C ILE I 51 -12.64 51.66 20.71
N ARG I 52 -13.92 51.62 21.05
CA ARG I 52 -14.98 52.17 20.21
C ARG I 52 -15.86 53.15 20.95
N TYR I 53 -16.32 54.18 20.24
CA TYR I 53 -17.20 55.21 20.77
C TYR I 53 -18.55 55.13 20.07
N SER I 54 -19.63 55.13 20.85
CA SER I 54 -20.94 54.74 20.33
C SER I 54 -21.48 55.70 19.28
N GLU I 55 -20.94 56.91 19.16
CA GLU I 55 -21.44 57.84 18.15
C GLU I 55 -20.73 57.72 16.80
N LEU I 56 -19.79 56.80 16.64
CA LEU I 56 -19.03 56.64 15.41
C LEU I 56 -19.23 55.24 14.83
N SER I 57 -19.28 55.16 13.50
CA SER I 57 -19.47 53.90 12.80
C SER I 57 -18.95 54.02 11.37
N PRO I 58 -18.38 52.95 10.80
CA PRO I 58 -17.83 53.04 9.44
C PRO I 58 -18.90 52.82 8.36
N LEU I 59 -18.57 53.26 7.14
CA LEU I 59 -19.51 53.31 6.02
C LEU I 59 -19.22 52.26 4.96
N TYR I 60 -20.28 51.73 4.36
CA TYR I 60 -20.17 50.70 3.34
C TYR I 60 -21.22 50.88 2.23
N ASP I 61 -20.84 50.42 1.03
CA ASP I 61 -21.66 50.10 -0.14
C ASP I 61 -22.25 51.25 -0.96
N THR I 62 -22.44 52.44 -0.38
CA THR I 62 -23.03 53.57 -1.09
C THR I 62 -23.16 54.75 -0.13
N THR I 63 -23.25 55.95 -0.69
CA THR I 63 -23.36 57.20 0.06
C THR I 63 -23.78 58.30 -0.92
N ARG I 64 -23.72 59.56 -0.48
CA ARG I 64 -24.01 60.71 -1.34
C ARG I 64 -22.88 61.73 -1.27
N LEU I 65 -22.61 62.38 -2.40
CA LEU I 65 -21.72 63.54 -2.48
C LEU I 65 -22.49 64.71 -3.07
N TYR I 66 -22.38 65.89 -2.46
CA TYR I 66 -23.15 67.05 -2.86
C TYR I 66 -22.24 68.14 -3.43
N LEU I 67 -22.60 68.68 -4.58
CA LEU I 67 -21.85 69.73 -5.28
C LEU I 67 -22.74 70.96 -5.35
N VAL I 68 -22.51 71.91 -4.45
CA VAL I 68 -23.44 73.01 -4.20
C VAL I 68 -22.71 74.33 -4.43
N ASP I 69 -23.38 75.26 -5.09
CA ASP I 69 -22.75 76.49 -5.59
C ASP I 69 -22.88 77.69 -4.66
N ASN I 70 -23.49 77.57 -3.49
CA ASN I 70 -23.72 78.73 -2.64
C ASN I 70 -23.45 78.43 -1.17
N LYS I 71 -22.36 77.72 -0.89
CA LYS I 71 -21.91 77.57 0.49
C LYS I 71 -21.30 78.88 0.99
N SER I 72 -21.58 79.23 2.24
CA SER I 72 -21.23 80.56 2.74
C SER I 72 -19.71 80.78 2.77
N ALA I 73 -18.95 79.79 3.24
CA ALA I 73 -17.51 79.95 3.34
C ALA I 73 -16.81 79.86 1.98
N ASP I 74 -17.34 79.06 1.06
CA ASP I 74 -16.73 78.95 -0.26
C ASP I 74 -16.89 80.23 -1.06
N ILE I 75 -17.96 80.98 -0.81
CA ILE I 75 -18.18 82.24 -1.51
C ILE I 75 -17.05 83.22 -1.22
N ALA I 76 -16.66 83.33 0.04
CA ALA I 76 -15.69 84.36 0.43
C ALA I 76 -14.28 84.03 -0.03
N SER I 77 -13.86 82.76 0.10
CA SER I 77 -12.45 82.42 -0.05
C SER I 77 -12.10 81.67 -1.33
N LEU I 78 -13.06 81.27 -2.14
CA LEU I 78 -12.72 80.49 -3.33
C LEU I 78 -13.12 81.15 -4.64
N ASN I 79 -14.27 81.80 -4.70
CA ASN I 79 -14.93 82.10 -5.97
C ASN I 79 -15.06 83.59 -6.21
N TYR I 80 -14.03 84.37 -5.89
CA TYR I 80 -14.12 85.82 -5.98
C TYR I 80 -14.25 86.28 -7.42
N GLN I 81 -13.58 85.62 -8.35
CA GLN I 81 -13.59 86.00 -9.76
C GLN I 81 -14.41 85.07 -10.65
N ASN I 82 -15.26 84.22 -10.08
CA ASN I 82 -15.98 83.19 -10.83
C ASN I 82 -17.45 83.55 -10.97
N ASP I 83 -18.18 82.72 -11.71
CA ASP I 83 -19.64 82.82 -11.80
C ASP I 83 -20.23 81.41 -11.77
N HIS I 84 -21.56 81.33 -11.83
CA HIS I 84 -22.25 80.06 -11.63
C HIS I 84 -22.03 79.06 -12.76
N SER I 85 -21.47 79.50 -13.89
CA SER I 85 -21.13 78.57 -14.97
C SER I 85 -19.78 77.91 -14.79
N ASN I 86 -18.91 78.43 -13.90
CA ASN I 86 -17.56 77.87 -13.72
C ASN I 86 -17.06 78.28 -12.32
N PHE I 87 -17.14 77.36 -11.37
CA PHE I 87 -16.85 77.70 -9.97
C PHE I 87 -16.21 76.52 -9.26
N LEU I 88 -15.75 76.78 -8.03
CA LEU I 88 -15.16 75.77 -7.16
C LEU I 88 -16.05 75.55 -5.93
N THR I 89 -16.05 74.31 -5.43
CA THR I 89 -16.84 73.99 -4.25
C THR I 89 -16.14 72.88 -3.47
N THR I 90 -16.53 72.75 -2.20
CA THR I 90 -15.97 71.74 -1.32
C THR I 90 -16.97 70.61 -1.10
N VAL I 91 -16.52 69.37 -1.27
CA VAL I 91 -17.36 68.22 -1.00
C VAL I 91 -17.24 67.74 0.44
N VAL I 92 -16.35 68.32 1.23
CA VAL I 92 -16.25 68.02 2.66
C VAL I 92 -17.30 68.87 3.40
N GLN I 93 -18.20 68.21 4.12
CA GLN I 93 -19.31 68.87 4.80
C GLN I 93 -19.09 68.97 6.31
N ASN I 94 -17.86 69.23 6.76
CA ASN I 94 -17.49 69.23 8.17
C ASN I 94 -16.95 70.63 8.50
N ASN I 95 -17.68 71.38 9.33
CA ASN I 95 -17.34 72.77 9.60
C ASN I 95 -16.24 72.95 10.65
N ASP I 96 -15.57 71.87 11.07
CA ASP I 96 -14.37 72.01 11.87
C ASP I 96 -13.19 72.53 11.07
N PHE I 97 -13.32 72.63 9.74
CA PHE I 97 -12.23 73.04 8.87
C PHE I 97 -12.70 74.12 7.91
N THR I 98 -11.79 75.00 7.52
CA THR I 98 -12.03 75.97 6.47
C THR I 98 -11.88 75.31 5.10
N PRO I 99 -12.42 75.92 4.04
CA PRO I 99 -12.26 75.32 2.70
C PRO I 99 -10.81 75.17 2.28
N THR I 100 -9.94 76.11 2.66
CA THR I 100 -8.52 75.97 2.35
C THR I 100 -7.93 74.73 3.00
N GLU I 101 -8.24 74.49 4.27
CA GLU I 101 -7.78 73.28 4.93
C GLU I 101 -8.39 72.04 4.30
N ALA I 102 -9.67 72.12 3.90
CA ALA I 102 -10.35 70.96 3.32
C ALA I 102 -9.74 70.56 1.98
N SER I 103 -9.09 71.49 1.28
CA SER I 103 -8.58 71.20 -0.06
C SER I 103 -7.54 70.09 -0.05
N THR I 104 -6.82 69.91 1.06
CA THR I 104 -5.81 68.87 1.15
C THR I 104 -6.34 67.52 1.62
N GLN I 105 -7.58 67.44 2.08
CA GLN I 105 -8.16 66.19 2.55
C GLN I 105 -8.68 65.36 1.38
N THR I 106 -8.92 64.07 1.61
CA THR I 106 -9.39 63.17 0.57
C THR I 106 -10.49 62.26 1.09
N ILE I 107 -11.28 61.73 0.16
CA ILE I 107 -12.24 60.66 0.38
C ILE I 107 -11.80 59.48 -0.46
N ASN I 108 -11.71 58.29 0.15
CA ASN I 108 -11.10 57.15 -0.49
C ASN I 108 -12.08 55.99 -0.60
N PHE I 109 -12.30 55.51 -1.82
CA PHE I 109 -13.13 54.34 -2.10
C PHE I 109 -12.22 53.13 -2.29
N ASP I 110 -12.61 52.00 -1.71
CA ASP I 110 -11.70 50.86 -1.57
C ASP I 110 -11.06 50.47 -2.90
N GLU I 111 -9.73 50.40 -2.90
CA GLU I 111 -8.96 50.22 -4.13
C GLU I 111 -9.06 48.81 -4.70
N ARG I 112 -9.64 47.86 -3.97
CA ARG I 112 -9.85 46.53 -4.50
C ARG I 112 -11.11 46.41 -5.35
N SER I 113 -11.83 47.51 -5.58
CA SER I 113 -12.98 47.55 -6.47
C SER I 113 -12.85 48.72 -7.43
N ARG I 114 -13.55 48.63 -8.55
CA ARG I 114 -13.75 49.76 -9.44
C ARG I 114 -15.13 50.35 -9.17
N TRP I 115 -15.21 51.67 -9.05
CA TRP I 115 -16.41 52.35 -8.61
C TRP I 115 -17.02 53.20 -9.72
N GLY I 116 -18.35 53.34 -9.69
CA GLY I 116 -19.04 54.24 -10.58
C GLY I 116 -19.97 55.15 -9.80
N GLY I 117 -20.37 56.23 -10.46
CA GLY I 117 -21.23 57.21 -9.83
C GLY I 117 -22.42 57.64 -10.67
N GLN I 118 -23.62 57.50 -10.14
CA GLN I 118 -24.83 57.96 -10.81
C GLN I 118 -25.02 59.45 -10.55
N LEU I 119 -25.19 60.22 -11.63
CA LEU I 119 -25.18 61.68 -11.57
C LEU I 119 -26.55 62.26 -11.90
N LYS I 120 -27.04 63.15 -11.04
CA LYS I 120 -28.26 63.92 -11.27
C LYS I 120 -27.93 65.41 -11.13
N THR I 121 -28.51 66.24 -11.99
CA THR I 121 -28.23 67.67 -12.00
C THR I 121 -29.52 68.47 -11.97
N ILE I 122 -29.41 69.70 -11.46
CA ILE I 122 -30.48 70.70 -11.46
C ILE I 122 -29.91 72.01 -11.99
N MET I 123 -30.57 72.60 -12.96
CA MET I 123 -30.10 73.82 -13.61
C MET I 123 -31.24 74.79 -13.86
N HIS I 124 -30.97 76.08 -13.69
CA HIS I 124 -31.95 77.13 -13.99
C HIS I 124 -31.26 78.32 -14.66
N THR I 125 -31.90 78.91 -15.66
CA THR I 125 -31.33 79.99 -16.46
C THR I 125 -32.27 81.19 -16.49
N ASN I 126 -31.73 82.33 -16.93
CA ASN I 126 -32.51 83.56 -17.10
C ASN I 126 -32.13 84.30 -18.39
N MET I 127 -32.03 83.57 -19.51
CA MET I 127 -31.59 84.13 -20.79
C MET I 127 -32.73 84.87 -21.49
N PRO I 128 -32.53 86.11 -21.94
CA PRO I 128 -33.49 86.76 -22.84
C PRO I 128 -33.22 86.40 -24.30
N ASN I 129 -34.28 86.49 -25.11
CA ASN I 129 -34.19 85.95 -26.47
C ASN I 129 -33.41 86.85 -27.43
N VAL I 130 -33.32 88.15 -27.19
CA VAL I 130 -32.55 89.05 -28.04
C VAL I 130 -31.37 89.58 -27.22
N ASN I 131 -30.16 89.13 -27.54
CA ASN I 131 -28.98 89.50 -26.78
C ASN I 131 -27.74 89.38 -27.66
N GLU I 132 -26.66 90.01 -27.21
CA GLU I 132 -25.44 90.08 -27.99
C GLU I 132 -24.64 88.77 -27.95
N TYR I 133 -24.64 88.08 -26.81
CA TYR I 133 -23.78 86.93 -26.63
C TYR I 133 -24.14 85.79 -27.58
N MET I 134 -25.41 85.67 -27.95
CA MET I 134 -25.89 84.58 -28.79
C MET I 134 -26.11 85.00 -30.24
N PHE I 135 -25.65 86.19 -30.64
CA PHE I 135 -25.71 86.66 -32.02
C PHE I 135 -27.14 86.82 -32.53
N SER I 136 -28.09 87.11 -31.65
CA SER I 136 -29.45 87.42 -32.04
C SER I 136 -29.73 88.92 -31.98
N ASN I 137 -28.68 89.73 -32.08
CA ASN I 137 -28.73 91.16 -31.85
C ASN I 137 -28.57 91.99 -33.11
N LYS I 138 -28.15 91.39 -34.22
CA LYS I 138 -27.67 92.16 -35.35
C LYS I 138 -27.92 91.42 -36.66
N PHE I 139 -27.94 92.20 -37.75
CA PHE I 139 -28.02 91.67 -39.11
C PHE I 139 -27.46 92.73 -40.06
N LYS I 140 -27.23 92.35 -41.30
CA LYS I 140 -26.68 93.23 -42.33
C LYS I 140 -27.65 93.40 -43.49
N ALA I 141 -27.63 94.58 -44.09
CA ALA I 141 -28.51 94.88 -45.22
C ALA I 141 -27.87 95.94 -46.10
N ARG I 142 -28.35 96.02 -47.35
CA ARG I 142 -27.87 96.99 -48.34
C ARG I 142 -29.00 97.93 -48.71
N VAL I 143 -28.81 99.23 -48.47
CA VAL I 143 -29.83 100.24 -48.70
C VAL I 143 -29.24 101.36 -49.56
N MET I 144 -30.10 102.31 -49.94
CA MET I 144 -29.70 103.41 -50.82
C MET I 144 -29.23 104.60 -50.00
N VAL I 145 -28.05 105.11 -50.34
CA VAL I 145 -27.45 106.21 -49.61
C VAL I 145 -27.60 107.56 -50.32
N SER I 146 -27.65 107.57 -51.66
CA SER I 146 -27.74 108.82 -52.40
C SER I 146 -28.53 108.61 -53.67
N ARG I 147 -29.47 109.51 -53.92
CA ARG I 147 -30.03 109.70 -55.25
C ARG I 147 -29.19 110.74 -55.98
N LYS I 148 -29.65 111.23 -57.12
CA LYS I 148 -28.90 112.24 -57.86
C LYS I 148 -28.88 113.57 -57.11
N ASP I 171 -30.94 110.06 -63.27
CA ASP I 171 -30.61 109.92 -61.87
C ASP I 171 -29.64 108.76 -61.63
N ILE I 172 -28.62 108.99 -60.82
CA ILE I 172 -27.65 107.98 -60.44
C ILE I 172 -27.87 107.61 -58.98
N LEU I 173 -27.95 106.31 -58.70
CA LEU I 173 -28.29 105.81 -57.37
C LEU I 173 -27.11 105.05 -56.79
N LYS I 174 -26.82 105.31 -55.52
CA LYS I 174 -25.70 104.67 -54.82
C LYS I 174 -26.23 103.86 -53.64
N TYR I 175 -25.64 102.69 -53.43
CA TYR I 175 -26.03 101.77 -52.37
C TYR I 175 -24.81 101.36 -51.57
N GLU I 176 -25.04 100.92 -50.33
CA GLU I 176 -23.95 100.53 -49.45
C GLU I 176 -24.47 99.54 -48.40
N TRP I 177 -23.55 98.72 -47.89
CA TRP I 177 -23.85 97.75 -46.84
C TRP I 177 -23.63 98.38 -45.46
N PHE I 178 -24.47 97.99 -44.51
CA PHE I 178 -24.36 98.41 -43.12
C PHE I 178 -24.70 97.24 -42.22
N GLU I 179 -24.30 97.36 -40.94
CA GLU I 179 -24.71 96.43 -39.90
C GLU I 179 -25.62 97.14 -38.91
N PHE I 180 -26.75 96.53 -38.59
CA PHE I 180 -27.79 97.13 -37.77
C PHE I 180 -27.86 96.42 -36.42
N ILE I 181 -28.10 97.20 -35.35
CA ILE I 181 -28.08 96.70 -33.99
C ILE I 181 -29.42 97.00 -33.32
N LEU I 182 -29.98 95.99 -32.64
CA LEU I 182 -31.20 96.05 -31.83
C LEU I 182 -30.85 96.17 -30.35
N PRO I 183 -31.71 96.77 -29.53
CA PRO I 183 -31.49 96.75 -28.09
C PRO I 183 -31.95 95.44 -27.47
N GLU I 184 -31.34 95.09 -26.34
CA GLU I 184 -31.51 93.78 -25.73
C GLU I 184 -32.76 93.70 -24.86
N GLY I 185 -33.33 92.50 -24.79
CA GLY I 185 -34.54 92.27 -24.04
C GLY I 185 -35.19 90.97 -24.46
N ASN I 186 -36.33 90.70 -23.84
CA ASN I 186 -37.10 89.48 -24.09
C ASN I 186 -38.42 89.86 -24.75
N PHE I 187 -38.51 89.66 -26.07
CA PHE I 187 -39.60 90.19 -26.87
C PHE I 187 -40.33 89.07 -27.61
N SER I 188 -41.59 89.34 -27.94
CA SER I 188 -42.33 88.45 -28.82
C SER I 188 -41.86 88.61 -30.26
N ALA I 189 -42.33 87.72 -31.13
CA ALA I 189 -41.89 87.74 -32.52
C ALA I 189 -42.37 88.98 -33.26
N THR I 190 -43.61 89.41 -33.03
CA THR I 190 -44.10 90.62 -33.67
C THR I 190 -43.33 91.85 -33.21
N MET I 191 -43.07 91.95 -31.91
CA MET I 191 -42.32 93.09 -31.39
C MET I 191 -40.89 93.10 -31.92
N THR I 192 -40.30 91.93 -32.14
CA THR I 192 -38.95 91.87 -32.71
C THR I 192 -38.93 92.41 -34.14
N ILE I 193 -39.95 92.10 -34.93
CA ILE I 193 -40.01 92.57 -36.31
C ILE I 193 -40.18 94.08 -36.36
N ASP I 194 -40.92 94.66 -35.40
CA ASP I 194 -41.01 96.13 -35.34
C ASP I 194 -39.65 96.76 -35.08
N LEU I 195 -38.83 96.15 -34.23
CA LEU I 195 -37.53 96.72 -33.93
C LEU I 195 -36.60 96.65 -35.13
N MET I 196 -36.70 95.61 -35.96
CA MET I 196 -35.87 95.53 -37.16
C MET I 196 -36.25 96.59 -38.17
N ASN I 197 -37.55 96.85 -38.36
CA ASN I 197 -37.97 97.94 -39.23
C ASN I 197 -37.49 99.29 -38.70
N ASN I 198 -37.58 99.49 -37.38
CA ASN I 198 -37.15 100.74 -36.78
C ASN I 198 -35.66 100.98 -36.99
N ALA I 199 -34.84 99.92 -36.98
CA ALA I 199 -33.42 100.08 -37.24
C ALA I 199 -33.14 100.54 -38.66
N ILE I 200 -33.89 100.03 -39.64
CA ILE I 200 -33.71 100.46 -41.02
C ILE I 200 -34.02 101.94 -41.15
N ILE I 201 -35.12 102.39 -40.54
CA ILE I 201 -35.57 103.77 -40.70
C ILE I 201 -34.60 104.75 -40.04
N ASP I 202 -34.02 104.38 -38.90
CA ASP I 202 -33.05 105.25 -38.25
C ASP I 202 -31.81 105.48 -39.11
N ASN I 203 -31.49 104.54 -40.00
CA ASN I 203 -30.43 104.75 -40.97
C ASN I 203 -30.85 105.73 -42.06
N TYR I 204 -32.13 105.73 -42.43
CA TYR I 204 -32.62 106.65 -43.44
C TYR I 204 -32.76 108.07 -42.90
N LEU I 205 -32.81 108.24 -41.58
CA LEU I 205 -32.89 109.58 -41.01
C LEU I 205 -31.53 110.20 -40.72
N GLU I 206 -30.49 109.37 -40.56
CA GLU I 206 -29.14 109.85 -40.28
C GLU I 206 -28.32 110.05 -41.55
N ILE I 207 -28.46 109.13 -42.50
CA ILE I 207 -27.89 109.22 -43.85
C ILE I 207 -29.12 109.22 -44.75
N GLY I 208 -28.93 109.25 -46.05
CA GLY I 208 -30.11 109.07 -46.87
C GLY I 208 -30.90 110.36 -47.03
N ARG I 209 -31.93 110.53 -46.19
CA ARG I 209 -32.84 111.67 -46.25
C ARG I 209 -32.14 113.00 -46.56
N GLN I 210 -31.01 113.24 -45.91
CA GLN I 210 -30.27 114.48 -46.17
C GLN I 210 -29.46 114.45 -47.44
N ASN I 211 -29.49 113.34 -48.20
CA ASN I 211 -28.78 113.23 -49.46
C ASN I 211 -29.72 112.94 -50.63
N GLY I 212 -30.99 113.27 -50.50
CA GLY I 212 -31.90 113.28 -51.62
C GLY I 212 -32.76 112.05 -51.85
N VAL I 213 -32.75 111.08 -50.94
CA VAL I 213 -33.62 109.92 -51.09
C VAL I 213 -34.98 110.26 -50.49
N LEU I 214 -36.03 109.77 -51.13
CA LEU I 214 -37.39 110.05 -50.70
C LEU I 214 -37.91 108.90 -49.83
N GLU I 215 -39.00 109.17 -49.12
CA GLU I 215 -39.65 108.10 -48.36
C GLU I 215 -40.55 107.31 -49.29
N SER I 216 -40.02 106.94 -50.45
CA SER I 216 -40.67 105.98 -51.35
C SER I 216 -39.63 105.07 -52.01
N ASP I 217 -38.37 105.17 -51.61
CA ASP I 217 -37.30 104.32 -52.13
C ASP I 217 -36.51 103.66 -51.01
N ILE I 218 -37.13 103.42 -49.85
CA ILE I 218 -36.44 102.85 -48.69
C ILE I 218 -35.76 101.53 -49.09
N GLY I 219 -36.55 100.54 -49.49
CA GLY I 219 -36.00 99.38 -50.15
C GLY I 219 -35.85 98.11 -49.34
N VAL I 220 -36.04 98.15 -48.02
CA VAL I 220 -36.01 96.94 -47.19
C VAL I 220 -37.11 97.06 -46.15
N LYS I 221 -38.02 96.09 -46.13
CA LYS I 221 -39.09 96.05 -45.13
C LYS I 221 -39.43 94.61 -44.78
N PHE I 222 -39.75 94.37 -43.51
CA PHE I 222 -40.18 93.07 -43.02
C PHE I 222 -41.68 93.10 -42.77
N ASP I 223 -42.41 92.18 -43.41
CA ASP I 223 -43.87 92.20 -43.39
C ASP I 223 -44.41 90.82 -43.01
N THR I 224 -45.74 90.71 -42.97
CA THR I 224 -46.41 89.45 -42.69
C THR I 224 -47.56 89.12 -43.65
N ARG I 225 -47.86 89.98 -44.62
CA ARG I 225 -49.08 89.84 -45.40
C ARG I 225 -48.88 88.98 -46.63
N ASN I 226 -50.00 88.48 -47.15
CA ASN I 226 -50.03 87.77 -48.42
C ASN I 226 -50.53 88.75 -49.47
N PHE I 227 -49.59 89.41 -50.15
CA PHE I 227 -49.96 90.27 -51.25
C PHE I 227 -50.53 89.40 -52.38
N ARG I 228 -51.33 90.03 -53.25
CA ARG I 228 -52.05 89.40 -54.36
C ARG I 228 -53.15 88.45 -53.90
N LEU I 229 -53.66 88.59 -52.69
CA LEU I 229 -54.78 87.76 -52.25
C LEU I 229 -56.04 88.05 -53.07
N GLY I 230 -56.42 89.31 -53.17
CA GLY I 230 -57.64 89.66 -53.88
C GLY I 230 -57.44 89.91 -55.38
N TRP I 231 -56.46 89.24 -55.95
CA TRP I 231 -56.09 89.42 -57.35
C TRP I 231 -57.17 88.89 -58.27
N ASP I 232 -57.33 89.55 -59.43
CA ASP I 232 -58.34 89.18 -60.41
C ASP I 232 -57.68 88.71 -61.69
N PRO I 233 -58.07 87.56 -62.22
CA PRO I 233 -57.35 86.99 -63.37
C PRO I 233 -57.55 87.75 -64.67
N GLU I 234 -58.56 88.61 -64.77
CA GLU I 234 -58.81 89.37 -65.99
C GLU I 234 -58.13 90.74 -65.95
N THR I 235 -58.46 91.55 -64.94
CA THR I 235 -57.86 92.87 -64.82
C THR I 235 -56.43 92.83 -64.28
N LYS I 236 -56.04 91.73 -63.63
CA LYS I 236 -54.70 91.56 -63.09
C LYS I 236 -54.31 92.68 -62.12
N LEU I 237 -55.28 93.11 -61.30
CA LEU I 237 -55.03 94.10 -60.27
C LEU I 237 -55.79 93.70 -59.01
N ILE I 238 -55.38 94.26 -57.88
CA ILE I 238 -56.03 93.99 -56.61
C ILE I 238 -57.33 94.80 -56.57
N MET I 239 -58.44 94.14 -56.84
CA MET I 239 -59.70 94.86 -57.01
C MET I 239 -60.15 95.67 -55.80
N PRO I 240 -60.03 95.19 -54.56
CA PRO I 240 -60.51 96.01 -53.42
C PRO I 240 -59.80 97.35 -53.27
N GLY I 241 -58.63 97.53 -53.85
CA GLY I 241 -57.87 98.75 -53.69
C GLY I 241 -56.99 98.81 -52.47
N VAL I 242 -57.05 97.82 -51.58
CA VAL I 242 -56.15 97.69 -50.45
C VAL I 242 -55.77 96.22 -50.32
N TYR I 243 -54.50 95.97 -49.98
CA TYR I 243 -54.05 94.61 -49.73
C TYR I 243 -54.72 94.05 -48.48
N THR I 244 -54.98 92.74 -48.49
CA THR I 244 -55.64 92.11 -47.36
C THR I 244 -54.79 92.23 -46.10
N TYR I 245 -55.41 92.69 -45.01
CA TYR I 245 -54.70 93.03 -43.79
C TYR I 245 -54.73 91.88 -42.79
N GLU I 246 -54.20 90.72 -43.21
CA GLU I 246 -54.14 89.52 -42.39
C GLU I 246 -52.73 88.96 -42.40
N ALA I 247 -52.33 88.36 -41.27
CA ALA I 247 -50.98 87.82 -41.11
C ALA I 247 -50.94 86.37 -41.55
N PHE I 248 -49.95 86.03 -42.36
CA PHE I 248 -49.77 84.68 -42.87
C PHE I 248 -48.45 84.05 -42.44
N HIS I 249 -47.32 84.73 -42.66
CA HIS I 249 -45.98 84.26 -42.38
C HIS I 249 -45.03 85.44 -42.57
N PRO I 250 -43.99 85.56 -41.76
CA PRO I 250 -43.05 86.68 -41.93
C PRO I 250 -42.37 86.65 -43.29
N ASP I 251 -42.12 87.85 -43.83
CA ASP I 251 -41.76 88.03 -45.23
C ASP I 251 -40.75 89.17 -45.36
N ILE I 252 -40.03 89.16 -46.49
CA ILE I 252 -39.02 90.16 -46.82
C ILE I 252 -39.42 90.83 -48.13
N VAL I 253 -39.46 92.16 -48.15
CA VAL I 253 -39.84 92.94 -49.32
C VAL I 253 -38.66 93.81 -49.75
N LEU I 254 -38.32 93.77 -51.03
CA LEU I 254 -37.11 94.40 -51.55
C LEU I 254 -37.41 95.26 -52.79
N LEU I 255 -36.60 96.31 -52.96
CA LEU I 255 -36.49 97.16 -54.14
C LEU I 255 -35.20 96.84 -54.89
N PRO I 256 -35.10 97.22 -56.17
CA PRO I 256 -33.89 96.88 -56.94
C PRO I 256 -32.64 97.48 -56.30
N GLY I 257 -31.56 96.70 -56.33
CA GLY I 257 -30.29 97.11 -55.76
C GLY I 257 -30.09 96.82 -54.28
N CYS I 258 -31.09 96.26 -53.59
CA CYS I 258 -31.02 96.03 -52.15
C CYS I 258 -30.89 94.54 -51.85
N GLY I 259 -30.74 94.23 -50.56
CA GLY I 259 -30.64 92.85 -50.12
C GLY I 259 -30.35 92.78 -48.63
N VAL I 260 -30.46 91.56 -48.10
CA VAL I 260 -30.16 91.28 -46.70
C VAL I 260 -29.21 90.09 -46.63
N ASP I 261 -28.43 90.04 -45.56
CA ASP I 261 -27.41 89.00 -45.37
C ASP I 261 -27.45 88.49 -43.94
N PHE I 262 -27.70 87.19 -43.77
CA PHE I 262 -27.84 86.57 -42.45
C PHE I 262 -26.68 85.65 -42.10
N THR I 263 -25.49 85.90 -42.66
CA THR I 263 -24.37 84.99 -42.43
C THR I 263 -23.96 84.98 -40.96
N GLU I 264 -24.01 86.12 -40.29
CA GLU I 264 -23.57 86.22 -38.90
C GLU I 264 -24.73 86.61 -37.99
N SER I 265 -25.87 85.95 -38.16
CA SER I 265 -27.08 86.31 -37.43
C SER I 265 -27.95 85.08 -37.26
N ARG I 266 -28.70 85.05 -36.16
CA ARG I 266 -29.64 83.97 -35.90
C ARG I 266 -31.09 84.43 -36.05
N LEU I 267 -31.31 85.62 -36.60
CA LEU I 267 -32.67 86.14 -36.76
C LEU I 267 -33.42 85.52 -37.93
N SER I 268 -32.74 84.77 -38.80
CA SER I 268 -33.46 84.05 -39.85
C SER I 268 -34.30 82.91 -39.28
N ASN I 269 -33.92 82.34 -38.14
CA ASN I 269 -34.75 81.31 -37.50
C ASN I 269 -36.05 81.90 -36.97
N LEU I 270 -36.01 83.12 -36.45
CA LEU I 270 -37.23 83.76 -35.98
C LEU I 270 -38.15 84.13 -37.14
N LEU I 271 -37.60 84.37 -38.34
CA LEU I 271 -38.42 84.67 -39.49
C LEU I 271 -39.00 83.43 -40.16
N GLY I 272 -38.50 82.25 -39.83
CA GLY I 272 -38.98 81.05 -40.49
C GLY I 272 -38.52 80.87 -41.92
N ILE I 273 -37.32 81.33 -42.24
CA ILE I 273 -36.72 81.16 -43.56
C ILE I 273 -35.37 80.49 -43.36
N ARG I 274 -35.18 79.31 -43.97
CA ARG I 274 -33.98 78.52 -43.80
C ARG I 274 -33.48 77.99 -45.14
N LYS I 275 -32.24 77.52 -45.16
CA LYS I 275 -31.61 76.98 -46.35
C LYS I 275 -31.79 75.47 -46.43
N ARG I 276 -32.02 74.97 -47.64
CA ARG I 276 -32.13 73.53 -47.85
C ARG I 276 -30.80 72.80 -47.72
N HIS I 277 -29.67 73.53 -47.79
CA HIS I 277 -28.35 72.98 -47.56
C HIS I 277 -27.74 73.76 -46.40
N PRO I 278 -28.09 73.41 -45.17
CA PRO I 278 -27.76 74.26 -44.02
C PRO I 278 -26.30 74.23 -43.63
N PHE I 279 -25.49 73.32 -44.17
CA PHE I 279 -24.07 73.26 -43.84
C PHE I 279 -23.18 74.05 -44.80
N GLN I 280 -23.76 74.72 -45.80
CA GLN I 280 -22.99 75.56 -46.72
C GLN I 280 -22.98 76.99 -46.18
N GLU I 281 -21.77 77.54 -46.01
CA GLU I 281 -21.63 78.85 -45.39
C GLU I 281 -22.19 79.95 -46.28
N GLY I 282 -22.79 80.97 -45.66
CA GLY I 282 -23.30 82.12 -46.38
C GLY I 282 -24.79 82.08 -46.64
N PHE I 283 -25.49 83.17 -46.30
CA PHE I 283 -26.93 83.26 -46.47
C PHE I 283 -27.26 84.70 -46.88
N LYS I 284 -27.38 84.93 -48.19
CA LYS I 284 -27.70 86.25 -48.73
C LYS I 284 -28.90 86.14 -49.66
N ILE I 285 -29.81 87.11 -49.57
CA ILE I 285 -30.98 87.18 -50.44
C ILE I 285 -31.02 88.57 -51.07
N MET I 286 -30.86 88.63 -52.39
CA MET I 286 -30.82 89.89 -53.13
C MET I 286 -32.06 90.02 -54.01
N TYR I 287 -32.23 91.22 -54.57
CA TYR I 287 -33.39 91.49 -55.40
C TYR I 287 -33.43 90.61 -56.65
N GLU I 288 -32.26 90.23 -57.18
CA GLU I 288 -32.22 89.38 -58.36
C GLU I 288 -32.63 87.93 -58.07
N ASP I 289 -32.62 87.51 -56.81
CA ASP I 289 -32.99 86.14 -56.47
C ASP I 289 -34.50 85.95 -56.28
N LEU I 290 -35.27 87.03 -56.24
CA LEU I 290 -36.72 86.97 -55.99
C LEU I 290 -37.53 87.06 -57.27
N GLU I 291 -37.05 86.48 -58.37
CA GLU I 291 -37.75 86.57 -59.64
C GLU I 291 -39.13 85.92 -59.54
N GLY I 292 -40.12 86.56 -60.18
CA GLY I 292 -41.48 86.10 -60.13
C GLY I 292 -42.29 86.57 -58.94
N GLY I 293 -41.70 87.35 -58.05
CA GLY I 293 -42.39 87.75 -56.84
C GLY I 293 -42.80 89.20 -56.77
N ASN I 294 -42.96 89.84 -57.93
CA ASN I 294 -43.38 91.24 -57.96
C ASN I 294 -44.78 91.40 -57.37
N ILE I 295 -44.96 92.44 -56.58
CA ILE I 295 -46.23 92.71 -55.91
C ILE I 295 -47.17 93.40 -56.89
N PRO I 296 -48.35 92.83 -57.15
CA PRO I 296 -49.26 93.46 -58.11
C PRO I 296 -49.72 94.83 -57.65
N ALA I 297 -49.87 95.74 -58.61
CA ALA I 297 -50.25 97.12 -58.30
C ALA I 297 -51.72 97.23 -57.96
N LEU I 298 -52.04 98.28 -57.19
CA LEU I 298 -53.41 98.67 -56.86
C LEU I 298 -54.32 97.51 -56.50
N ILE I 364 -60.40 101.49 -64.90
CA ILE I 364 -59.49 100.35 -64.90
C ILE I 364 -58.05 100.81 -65.09
N GLN I 365 -57.50 101.48 -64.08
CA GLN I 365 -56.11 101.93 -64.12
C GLN I 365 -55.50 101.77 -62.73
N PRO I 366 -54.22 101.45 -62.64
CA PRO I 366 -53.59 101.31 -61.32
C PRO I 366 -53.42 102.66 -60.64
N LEU I 367 -53.51 102.65 -59.31
CA LEU I 367 -53.17 103.83 -58.53
C LEU I 367 -51.67 104.04 -58.57
N GLU I 368 -51.24 105.27 -58.83
CA GLU I 368 -49.83 105.56 -59.00
C GLU I 368 -49.19 106.29 -57.82
N LYS I 369 -49.98 106.76 -56.86
CA LYS I 369 -49.42 107.51 -55.74
C LYS I 369 -50.34 107.35 -54.53
N ASP I 370 -49.81 107.69 -53.37
CA ASP I 370 -50.50 107.53 -52.10
C ASP I 370 -51.26 108.82 -51.75
N SER I 371 -51.86 108.85 -50.56
CA SER I 371 -52.66 110.01 -50.16
C SER I 371 -51.81 111.27 -50.03
N LYS I 372 -50.61 111.14 -49.45
CA LYS I 372 -49.72 112.27 -49.24
C LYS I 372 -48.70 112.41 -50.36
N SER I 373 -49.05 111.99 -51.57
CA SER I 373 -48.18 112.10 -52.74
C SER I 373 -46.86 111.37 -52.53
N ARG I 374 -46.96 110.05 -52.35
CA ARG I 374 -45.80 109.17 -52.34
C ARG I 374 -45.93 108.17 -53.47
N SER I 375 -44.86 108.02 -54.24
CA SER I 375 -44.88 107.11 -55.38
C SER I 375 -45.00 105.66 -54.92
N TYR I 376 -45.87 104.91 -55.58
CA TYR I 376 -45.94 103.46 -55.38
C TYR I 376 -44.96 102.70 -56.27
N ASN I 377 -44.16 103.39 -57.08
CA ASN I 377 -43.17 102.77 -57.95
C ASN I 377 -43.80 101.83 -58.98
N VAL I 378 -44.92 102.25 -59.55
CA VAL I 378 -45.56 101.45 -60.60
C VAL I 378 -44.68 101.46 -61.85
N LEU I 379 -44.69 100.35 -62.57
CA LEU I 379 -43.83 100.14 -63.73
C LEU I 379 -44.64 100.22 -65.02
N GLU I 380 -43.98 99.94 -66.14
CA GLU I 380 -44.67 99.84 -67.41
C GLU I 380 -45.59 98.61 -67.41
N ASP I 381 -46.55 98.63 -68.33
CA ASP I 381 -47.62 97.64 -68.46
C ASP I 381 -48.67 97.82 -67.37
N LYS I 382 -48.41 98.69 -66.40
CA LYS I 382 -49.42 99.19 -65.47
C LYS I 382 -50.16 98.06 -64.74
N ILE I 383 -49.45 96.98 -64.42
CA ILE I 383 -50.00 95.89 -63.63
C ILE I 383 -49.16 95.59 -62.40
N ASN I 384 -47.84 95.51 -62.55
CA ASN I 384 -46.97 95.13 -61.45
C ASN I 384 -46.15 96.31 -60.96
N THR I 385 -45.64 96.16 -59.74
CA THR I 385 -44.84 97.16 -59.05
C THR I 385 -43.42 96.66 -58.88
N ALA I 386 -42.48 97.60 -58.71
CA ALA I 386 -41.07 97.25 -58.57
C ALA I 386 -40.77 96.45 -57.30
N TYR I 387 -41.65 96.49 -56.29
CA TYR I 387 -41.41 95.74 -55.06
C TYR I 387 -41.49 94.24 -55.33
N ARG I 388 -40.58 93.48 -54.72
CA ARG I 388 -40.61 92.02 -54.75
C ARG I 388 -40.62 91.48 -53.32
N SER I 389 -41.21 90.30 -53.14
CA SER I 389 -41.30 89.70 -51.81
C SER I 389 -40.94 88.23 -51.86
N TRP I 390 -40.31 87.75 -50.79
CA TRP I 390 -39.88 86.35 -50.72
C TRP I 390 -41.08 85.40 -50.74
N TYR I 391 -42.16 85.75 -50.04
CA TYR I 391 -43.29 84.84 -49.93
C TYR I 391 -43.99 84.66 -51.28
N LEU I 392 -44.16 85.73 -52.04
CA LEU I 392 -44.78 85.61 -53.36
C LEU I 392 -43.94 84.77 -54.30
N SER I 393 -42.62 84.96 -54.25
CA SER I 393 -41.74 84.18 -55.11
C SER I 393 -41.72 82.70 -54.70
N TYR I 394 -41.76 82.43 -53.40
CA TYR I 394 -41.76 81.04 -52.93
C TYR I 394 -43.02 80.30 -53.35
N ASN I 395 -44.17 80.96 -53.28
CA ASN I 395 -45.44 80.27 -53.50
C ASN I 395 -45.96 80.37 -54.93
N TYR I 396 -45.64 81.44 -55.66
CA TYR I 396 -46.21 81.65 -56.99
C TYR I 396 -45.17 81.67 -58.11
N GLY I 397 -43.89 81.75 -57.80
CA GLY I 397 -42.85 81.79 -58.80
C GLY I 397 -42.56 80.44 -59.40
N ASN I 398 -41.47 80.38 -60.15
CA ASN I 398 -41.07 79.14 -60.83
C ASN I 398 -40.54 78.14 -59.81
N PRO I 399 -41.11 76.94 -59.71
CA PRO I 399 -40.66 75.97 -58.69
C PRO I 399 -39.21 75.55 -58.82
N GLU I 400 -38.65 75.54 -60.04
CA GLU I 400 -37.33 74.98 -60.25
C GLU I 400 -36.27 76.03 -60.54
N LYS I 401 -36.61 77.31 -60.50
CA LYS I 401 -35.65 78.37 -60.72
C LYS I 401 -35.72 79.51 -59.72
N GLY I 402 -36.83 79.71 -59.02
CA GLY I 402 -36.97 80.79 -58.08
C GLY I 402 -36.35 80.47 -56.74
N ILE I 403 -36.72 81.28 -55.74
CA ILE I 403 -36.17 81.15 -54.41
C ILE I 403 -36.56 79.82 -53.74
N ARG I 404 -37.61 79.16 -54.24
CA ARG I 404 -38.08 77.90 -53.67
C ARG I 404 -37.11 76.75 -53.90
N SER I 405 -36.19 76.88 -54.84
CA SER I 405 -35.29 75.77 -55.15
C SER I 405 -34.18 75.62 -54.12
N TRP I 406 -33.85 76.65 -53.35
CA TRP I 406 -32.80 76.53 -52.35
C TRP I 406 -33.14 77.13 -50.98
N THR I 407 -34.38 77.55 -50.76
CA THR I 407 -34.82 77.95 -49.42
C THR I 407 -36.05 77.15 -49.02
N LEU I 408 -36.37 77.19 -47.72
CA LEU I 408 -37.43 76.39 -47.14
C LEU I 408 -38.24 77.24 -46.16
N LEU I 409 -39.55 77.06 -46.18
CA LEU I 409 -40.46 77.80 -45.30
C LEU I 409 -40.75 76.96 -44.07
N THR I 410 -40.56 77.54 -42.89
CA THR I 410 -40.73 76.84 -41.61
C THR I 410 -41.52 77.71 -40.64
N THR I 411 -41.98 77.09 -39.54
CA THR I 411 -42.65 77.84 -38.49
C THR I 411 -41.67 78.75 -37.75
N SER I 412 -42.14 79.92 -37.35
CA SER I 412 -41.31 80.88 -36.63
C SER I 412 -40.89 80.33 -35.28
N ASP I 413 -39.61 80.50 -34.94
CA ASP I 413 -39.06 80.02 -33.68
C ASP I 413 -38.57 81.22 -32.87
N VAL I 414 -39.32 81.59 -31.83
CA VAL I 414 -39.05 82.82 -31.09
C VAL I 414 -37.75 82.72 -30.28
N THR I 415 -37.36 81.53 -29.85
CA THR I 415 -36.11 81.41 -29.10
C THR I 415 -34.88 81.59 -29.97
N CYS I 416 -35.05 81.65 -31.29
CA CYS I 416 -33.99 81.79 -32.29
C CYS I 416 -33.14 80.53 -32.41
N GLY I 417 -33.60 79.40 -31.89
CA GLY I 417 -32.91 78.14 -32.05
C GLY I 417 -32.00 77.82 -30.90
N VAL I 418 -32.40 76.92 -30.05
CA VAL I 418 -31.60 76.55 -28.88
C VAL I 418 -30.70 75.38 -29.27
N GLU I 419 -29.52 75.34 -28.67
CA GLU I 419 -28.58 74.25 -28.88
C GLU I 419 -28.29 73.60 -27.53
N GLN I 420 -27.32 72.68 -27.52
CA GLN I 420 -27.05 71.85 -26.36
C GLN I 420 -26.05 72.51 -25.40
N VAL I 421 -25.96 71.95 -24.19
CA VAL I 421 -24.98 72.35 -23.19
C VAL I 421 -24.26 71.10 -22.69
N TYR I 422 -23.03 71.29 -22.21
CA TYR I 422 -22.16 70.20 -21.75
C TYR I 422 -21.74 70.42 -20.31
N TRP I 423 -21.72 69.33 -19.52
CA TRP I 423 -21.24 69.33 -18.14
C TRP I 423 -19.84 68.74 -18.05
N SER I 424 -19.00 69.32 -17.19
CA SER I 424 -17.67 68.79 -16.89
C SER I 424 -17.42 68.72 -15.39
N LEU I 425 -16.84 67.60 -14.94
CA LEU I 425 -16.41 67.43 -13.55
C LEU I 425 -15.01 66.82 -13.53
N PRO I 426 -13.99 67.58 -13.89
CA PRO I 426 -12.67 66.98 -14.16
C PRO I 426 -11.98 66.37 -12.93
N ASP I 427 -12.31 66.78 -11.71
CA ASP I 427 -11.67 66.22 -10.52
C ASP I 427 -12.42 65.05 -9.91
N MET I 428 -13.55 64.64 -10.48
CA MET I 428 -14.34 63.56 -9.90
C MET I 428 -14.47 62.36 -10.81
N MET I 429 -14.79 62.56 -12.08
CA MET I 429 -15.02 61.47 -13.02
C MET I 429 -13.77 61.20 -13.87
N GLN I 430 -13.63 59.95 -14.32
CA GLN I 430 -12.62 59.63 -15.31
C GLN I 430 -13.00 60.19 -16.68
N ASP I 431 -11.99 60.49 -17.49
CA ASP I 431 -12.23 61.04 -18.82
C ASP I 431 -12.87 59.97 -19.72
N PRO I 432 -13.96 60.28 -20.40
CA PRO I 432 -14.51 59.33 -21.39
C PRO I 432 -13.59 59.12 -22.58
N VAL I 433 -13.86 58.04 -23.32
CA VAL I 433 -12.92 57.54 -24.31
C VAL I 433 -12.66 58.59 -25.41
N THR I 434 -11.38 58.72 -25.77
CA THR I 434 -10.74 59.60 -26.76
C THR I 434 -10.56 61.05 -26.29
N PHE I 435 -11.06 61.44 -25.12
CA PHE I 435 -10.78 62.78 -24.59
C PHE I 435 -9.39 62.83 -23.95
N ARG I 436 -8.68 63.93 -24.17
CA ARG I 436 -7.38 64.16 -23.55
C ARG I 436 -7.52 64.86 -22.20
N SER I 437 -6.65 64.52 -21.26
CA SER I 437 -6.57 65.23 -20.00
C SER I 437 -5.88 66.57 -20.18
N THR I 438 -6.46 67.62 -19.58
CA THR I 438 -5.96 68.97 -19.79
C THR I 438 -6.44 69.88 -18.68
N ARG I 439 -5.86 71.08 -18.63
CA ARG I 439 -6.30 72.13 -17.72
C ARG I 439 -6.82 73.37 -18.45
N GLN I 440 -7.09 73.28 -19.75
CA GLN I 440 -7.68 74.37 -20.49
C GLN I 440 -9.20 74.27 -20.44
N VAL I 441 -9.86 75.37 -20.05
CA VAL I 441 -11.29 75.34 -19.77
C VAL I 441 -12.10 75.01 -21.02
N SER I 442 -11.73 75.57 -22.15
CA SER I 442 -12.47 75.25 -23.38
C SER I 442 -12.19 73.85 -23.91
N ASN I 443 -11.47 72.97 -23.21
CA ASN I 443 -11.24 71.63 -23.72
C ASN I 443 -11.39 70.57 -22.63
N TYR I 444 -12.15 70.84 -21.56
CA TYR I 444 -12.41 69.84 -20.54
C TYR I 444 -13.18 68.65 -21.13
N PRO I 445 -12.91 67.43 -20.65
CA PRO I 445 -13.72 66.29 -21.06
C PRO I 445 -15.18 66.44 -20.63
N VAL I 446 -16.08 65.90 -21.44
CA VAL I 446 -17.52 66.12 -21.30
C VAL I 446 -18.16 64.89 -20.64
N VAL I 447 -18.93 65.12 -19.58
CA VAL I 447 -19.53 64.05 -18.80
C VAL I 447 -21.04 63.93 -19.01
N GLY I 448 -21.69 64.90 -19.63
CA GLY I 448 -23.11 64.81 -19.92
C GLY I 448 -23.55 65.94 -20.83
N ALA I 449 -24.72 65.76 -21.44
CA ALA I 449 -25.26 66.73 -22.39
C ALA I 449 -26.78 66.79 -22.29
N GLU I 450 -27.34 67.96 -22.60
CA GLU I 450 -28.78 68.20 -22.62
C GLU I 450 -29.03 69.49 -23.36
N LEU I 451 -30.30 69.83 -23.55
CA LEU I 451 -30.66 71.09 -24.18
C LEU I 451 -30.58 72.25 -23.20
N MET I 452 -30.12 73.39 -23.68
CA MET I 452 -30.24 74.62 -22.91
C MET I 452 -31.73 74.88 -22.63
N PRO I 453 -32.14 75.05 -21.38
CA PRO I 453 -33.57 74.92 -21.03
C PRO I 453 -34.40 76.17 -21.27
N VAL I 454 -34.61 76.50 -22.53
CA VAL I 454 -35.42 77.64 -22.95
C VAL I 454 -36.42 77.16 -23.99
N PHE I 455 -37.69 77.50 -23.80
CA PHE I 455 -38.77 76.95 -24.62
C PHE I 455 -39.73 78.03 -25.07
N SER I 456 -40.45 77.73 -26.14
CA SER I 456 -41.49 78.60 -26.69
C SER I 456 -42.85 78.25 -26.13
N LYS I 457 -43.68 79.27 -25.90
CA LYS I 457 -45.06 79.09 -25.44
C LYS I 457 -46.00 79.91 -26.31
N SER I 458 -47.17 79.35 -26.61
CA SER I 458 -48.15 79.96 -27.50
C SER I 458 -49.33 80.57 -26.75
N PHE I 459 -49.85 81.66 -27.30
CA PHE I 459 -51.06 82.31 -26.78
C PHE I 459 -51.94 82.70 -27.95
N TYR I 460 -53.23 82.89 -27.67
CA TYR I 460 -54.22 83.25 -28.67
C TYR I 460 -54.68 84.68 -28.45
N ASN I 461 -54.65 85.49 -29.50
CA ASN I 461 -55.05 86.89 -29.42
C ASN I 461 -55.89 87.32 -30.62
N HIS I 478 -46.95 107.41 -32.77
CA HIS I 478 -46.61 106.02 -33.09
C HIS I 478 -45.29 105.93 -33.83
N VAL I 479 -44.23 105.59 -33.08
CA VAL I 479 -42.92 105.42 -33.69
C VAL I 479 -42.87 104.18 -34.57
N PHE I 480 -43.76 103.21 -34.34
CA PHE I 480 -43.79 101.99 -35.14
C PHE I 480 -44.76 102.08 -36.32
N ASN I 481 -45.31 103.26 -36.60
CA ASN I 481 -46.15 103.47 -37.78
C ASN I 481 -45.91 104.91 -38.24
N ARG I 482 -44.93 105.09 -39.12
CA ARG I 482 -44.53 106.41 -39.61
C ARG I 482 -45.12 106.74 -40.97
N PHE I 483 -45.70 105.77 -41.66
CA PHE I 483 -46.34 105.98 -42.96
C PHE I 483 -47.71 105.34 -42.93
N PRO I 484 -48.63 105.90 -42.14
CA PRO I 484 -49.96 105.28 -42.02
C PRO I 484 -50.71 105.17 -43.34
N GLU I 485 -50.51 106.12 -44.26
CA GLU I 485 -51.27 106.12 -45.49
C GLU I 485 -50.77 105.09 -46.49
N ASN I 486 -49.47 104.83 -46.52
CA ASN I 486 -48.87 104.03 -47.59
C ASN I 486 -49.21 102.56 -47.41
N GLN I 487 -49.82 101.96 -48.43
CA GLN I 487 -50.24 100.56 -48.34
C GLN I 487 -49.06 99.59 -48.27
N ILE I 488 -47.89 99.99 -48.75
CA ILE I 488 -46.72 99.12 -48.68
C ILE I 488 -45.97 99.29 -47.38
N LEU I 489 -45.91 100.51 -46.85
CA LEU I 489 -45.15 100.84 -45.66
C LEU I 489 -46.00 100.88 -44.40
N ILE I 490 -47.25 100.43 -44.47
CA ILE I 490 -48.08 100.36 -43.27
C ILE I 490 -47.51 99.32 -42.29
N ARG I 491 -47.81 99.52 -41.01
CA ARG I 491 -47.36 98.60 -39.97
C ARG I 491 -47.99 97.23 -40.16
N PRO I 492 -47.21 96.15 -40.13
CA PRO I 492 -47.76 94.84 -40.46
C PRO I 492 -48.82 94.43 -39.45
N PRO I 493 -49.83 93.69 -39.89
CA PRO I 493 -50.80 93.13 -38.95
C PRO I 493 -50.17 92.07 -38.05
N ALA I 494 -50.71 91.96 -36.82
CA ALA I 494 -50.22 91.03 -35.83
C ALA I 494 -50.86 89.65 -36.02
N PRO I 495 -50.11 88.57 -35.82
CA PRO I 495 -50.70 87.24 -35.96
C PRO I 495 -51.71 86.95 -34.85
N THR I 496 -52.65 86.07 -35.17
CA THR I 496 -53.59 85.60 -34.16
C THR I 496 -52.96 84.61 -33.19
N ILE I 497 -51.74 84.12 -33.48
CA ILE I 497 -50.98 83.27 -32.57
C ILE I 497 -49.68 83.98 -32.21
N THR I 498 -49.48 84.23 -30.92
CA THR I 498 -48.27 84.89 -30.43
C THR I 498 -47.43 83.90 -29.62
N THR I 499 -46.11 83.93 -29.82
CA THR I 499 -45.19 83.06 -29.11
C THR I 499 -44.15 83.87 -28.36
N VAL I 500 -43.83 83.43 -27.14
CA VAL I 500 -42.82 84.05 -26.29
C VAL I 500 -41.95 82.94 -25.70
N SER I 501 -40.71 83.29 -25.33
CA SER I 501 -39.76 82.31 -24.82
C SER I 501 -39.69 82.34 -23.30
N GLU I 502 -39.51 81.17 -22.71
CA GLU I 502 -39.54 80.98 -21.26
C GLU I 502 -38.34 80.15 -20.79
N ASN I 503 -37.94 80.39 -19.55
CA ASN I 503 -36.91 79.60 -18.87
C ASN I 503 -37.59 78.64 -17.90
N VAL I 504 -37.31 77.34 -18.04
CA VAL I 504 -37.94 76.30 -17.22
C VAL I 504 -36.84 75.49 -16.55
N PRO I 505 -36.89 75.31 -15.22
CA PRO I 505 -35.84 74.53 -14.54
C PRO I 505 -35.78 73.09 -15.05
N ALA I 506 -34.55 72.60 -15.20
CA ALA I 506 -34.29 71.31 -15.82
C ALA I 506 -33.71 70.33 -14.81
N LEU I 507 -34.34 69.16 -14.70
CA LEU I 507 -33.94 68.10 -13.78
C LEU I 507 -33.58 66.88 -14.61
N THR I 508 -32.31 66.46 -14.54
CA THR I 508 -31.78 65.49 -15.50
C THR I 508 -31.04 64.37 -14.81
N ASP I 509 -31.29 63.14 -15.26
CA ASP I 509 -30.54 61.96 -14.85
C ASP I 509 -29.58 61.58 -15.97
N HIS I 510 -28.28 61.61 -15.67
CA HIS I 510 -27.25 61.35 -16.68
C HIS I 510 -26.70 59.93 -16.64
N GLY I 511 -27.23 59.04 -15.80
CA GLY I 511 -26.74 57.69 -15.71
C GLY I 511 -25.46 57.56 -14.87
N THR I 512 -24.83 56.39 -15.00
CA THR I 512 -23.66 56.03 -14.19
C THR I 512 -22.37 56.19 -14.99
N LEU I 513 -21.37 56.82 -14.39
CA LEU I 513 -20.05 57.02 -14.99
C LEU I 513 -18.95 56.55 -14.06
N PRO I 514 -17.83 56.06 -14.61
CA PRO I 514 -16.72 55.61 -13.76
C PRO I 514 -16.11 56.74 -12.93
N LEU I 515 -15.78 56.41 -11.69
CA LEU I 515 -15.38 57.36 -10.66
C LEU I 515 -13.91 57.16 -10.29
N ARG I 516 -13.22 58.25 -9.99
CA ARG I 516 -11.84 58.13 -9.51
C ARG I 516 -11.80 57.56 -8.09
N SER I 517 -10.75 56.80 -7.80
CA SER I 517 -10.64 56.11 -6.51
C SER I 517 -10.32 57.07 -5.37
N SER I 518 -9.67 58.19 -5.64
CA SER I 518 -9.35 59.17 -4.61
C SER I 518 -9.89 60.53 -5.03
N ILE I 519 -10.70 61.14 -4.17
CA ILE I 519 -11.41 62.37 -4.47
C ILE I 519 -10.90 63.46 -3.54
N ARG I 520 -10.42 64.55 -4.11
CA ARG I 520 -9.96 65.70 -3.32
C ARG I 520 -11.13 66.50 -2.78
N GLY I 521 -10.85 67.27 -1.72
CA GLY I 521 -11.88 68.01 -1.02
C GLY I 521 -12.45 69.19 -1.76
N VAL I 522 -11.72 69.74 -2.73
CA VAL I 522 -12.18 70.88 -3.52
C VAL I 522 -12.37 70.42 -4.97
N GLN I 523 -13.52 70.73 -5.55
CA GLN I 523 -13.92 70.23 -6.86
C GLN I 523 -14.33 71.38 -7.78
N ARG I 524 -14.07 71.20 -9.07
CA ARG I 524 -14.43 72.17 -10.10
C ARG I 524 -15.68 71.72 -10.85
N VAL I 525 -16.58 72.67 -11.10
CA VAL I 525 -17.82 72.43 -11.83
C VAL I 525 -17.90 73.42 -12.99
N THR I 526 -18.17 72.92 -14.21
CA THR I 526 -18.17 73.75 -15.41
C THR I 526 -19.34 73.39 -16.33
N VAL I 527 -19.95 74.41 -16.92
CA VAL I 527 -21.03 74.28 -17.91
C VAL I 527 -20.66 75.13 -19.12
N THR I 528 -20.61 74.51 -20.31
CA THR I 528 -20.25 75.21 -21.54
C THR I 528 -21.23 74.89 -22.67
N ASP I 529 -21.24 75.77 -23.68
CA ASP I 529 -22.14 75.66 -24.82
C ASP I 529 -21.49 74.87 -25.96
N ALA I 530 -22.11 74.90 -27.14
CA ALA I 530 -21.65 74.08 -28.26
C ALA I 530 -20.30 74.54 -28.79
N ARG I 531 -19.99 75.83 -28.70
CA ARG I 531 -18.70 76.36 -29.08
C ARG I 531 -17.68 76.33 -27.93
N ARG I 532 -18.05 75.69 -26.81
CA ARG I 532 -17.20 75.54 -25.63
C ARG I 532 -16.88 76.88 -24.97
N ARG I 533 -17.85 77.79 -24.93
CA ARG I 533 -17.79 78.97 -24.08
C ARG I 533 -18.67 78.75 -22.85
N THR I 534 -18.30 79.37 -21.74
CA THR I 534 -19.18 79.37 -20.58
C THR I 534 -20.39 80.26 -20.85
N CYS I 535 -21.50 79.96 -20.17
CA CYS I 535 -22.74 80.67 -20.40
C CYS I 535 -23.02 81.62 -19.24
N PRO I 536 -23.03 82.94 -19.47
CA PRO I 536 -23.31 83.90 -18.38
C PRO I 536 -24.74 83.91 -17.88
N TYR I 537 -25.67 83.17 -18.49
CA TYR I 537 -27.06 83.21 -18.07
C TYR I 537 -27.45 82.04 -17.16
N VAL I 538 -26.50 81.20 -16.75
CA VAL I 538 -26.76 80.23 -15.70
C VAL I 538 -26.66 80.92 -14.35
N TYR I 539 -27.66 80.76 -13.50
CA TYR I 539 -27.56 81.29 -12.15
C TYR I 539 -27.87 80.29 -11.05
N LYS I 540 -28.06 79.01 -11.38
CA LYS I 540 -28.22 77.96 -10.38
C LYS I 540 -27.83 76.63 -11.00
N ALA I 541 -26.90 75.93 -10.37
CA ALA I 541 -26.43 74.63 -10.84
C ALA I 541 -26.02 73.78 -9.66
N LEU I 542 -26.61 72.59 -9.55
CA LEU I 542 -26.32 71.64 -8.47
C LEU I 542 -26.07 70.25 -9.04
N GLY I 543 -25.25 69.48 -8.35
CA GLY I 543 -25.02 68.10 -8.69
C GLY I 543 -25.08 67.21 -7.48
N ILE I 544 -25.59 66.00 -7.70
CA ILE I 544 -25.68 64.96 -6.68
C ILE I 544 -25.16 63.66 -7.27
N VAL I 545 -24.21 63.03 -6.59
CA VAL I 545 -23.56 61.81 -7.06
C VAL I 545 -23.78 60.70 -6.04
N ALA I 546 -24.11 59.51 -6.53
CA ALA I 546 -24.31 58.33 -5.68
C ALA I 546 -23.36 57.21 -6.07
N PRO I 547 -22.25 57.03 -5.37
CA PRO I 547 -21.29 55.98 -5.74
C PRO I 547 -21.79 54.57 -5.47
N ARG I 548 -21.29 53.62 -6.25
CA ARG I 548 -21.52 52.19 -6.03
C ARG I 548 -20.46 51.38 -6.76
N VAL I 549 -20.35 50.11 -6.37
CA VAL I 549 -19.33 49.21 -6.92
C VAL I 549 -19.77 48.70 -8.29
N LEU I 550 -18.85 48.75 -9.26
CA LEU I 550 -19.09 48.24 -10.60
C LEU I 550 -18.46 46.88 -10.85
N SER I 551 -17.19 46.69 -10.52
CA SER I 551 -16.53 45.39 -10.72
C SER I 551 -15.37 45.27 -9.76
N SER I 552 -14.80 44.06 -9.73
CA SER I 552 -13.70 43.73 -8.84
C SER I 552 -12.36 44.11 -9.45
N ARG I 553 -11.40 44.40 -8.57
CA ARG I 553 -10.00 44.66 -8.93
C ARG I 553 -9.82 45.95 -9.74
N ARG J 48 -39.08 20.19 16.46
CA ARG J 48 -40.39 19.59 16.26
C ARG J 48 -41.34 19.86 17.44
N ASN J 49 -41.30 21.09 17.96
CA ASN J 49 -42.09 21.41 19.14
C ASN J 49 -42.75 22.78 19.05
N SER J 50 -42.94 23.33 17.86
CA SER J 50 -43.51 24.67 17.70
C SER J 50 -45.03 24.63 17.69
N ILE J 51 -45.63 25.77 18.03
CA ILE J 51 -47.09 25.93 18.09
C ILE J 51 -47.43 27.20 17.31
N ARG J 52 -48.31 27.09 16.32
CA ARG J 52 -48.55 28.15 15.35
C ARG J 52 -50.03 28.51 15.25
N TYR J 53 -50.29 29.79 15.03
CA TYR J 53 -51.64 30.32 14.88
C TYR J 53 -51.80 30.85 13.45
N SER J 54 -52.91 30.46 12.80
CA SER J 54 -53.03 30.63 11.35
C SER J 54 -53.07 32.09 10.92
N GLU J 55 -53.32 33.03 11.82
CA GLU J 55 -53.36 34.44 11.43
C GLU J 55 -52.01 35.15 11.53
N LEU J 56 -50.95 34.44 11.90
CA LEU J 56 -49.63 35.04 12.07
C LEU J 56 -48.62 34.37 11.15
N SER J 57 -47.68 35.17 10.62
CA SER J 57 -46.66 34.68 9.70
C SER J 57 -45.46 35.62 9.71
N PRO J 58 -44.23 35.13 9.58
CA PRO J 58 -43.06 36.00 9.61
C PRO J 58 -42.76 36.64 8.26
N LEU J 59 -41.97 37.72 8.30
CA LEU J 59 -41.72 38.58 7.14
C LEU J 59 -40.30 38.43 6.61
N TYR J 60 -40.16 38.52 5.28
CA TYR J 60 -38.88 38.37 4.61
C TYR J 60 -38.75 39.34 3.42
N ASP J 61 -37.49 39.71 3.15
CA ASP J 61 -36.94 40.31 1.92
C ASP J 61 -37.27 41.76 1.61
N THR J 62 -38.38 42.31 2.11
CA THR J 62 -38.77 43.70 1.83
C THR J 62 -40.10 43.99 2.51
N THR J 63 -40.37 45.27 2.72
CA THR J 63 -41.58 45.75 3.39
C THR J 63 -41.69 47.26 3.13
N ARG J 64 -42.61 47.92 3.84
CA ARG J 64 -42.76 49.37 3.76
C ARG J 64 -42.74 49.99 5.15
N LEU J 65 -42.16 51.19 5.26
CA LEU J 65 -42.24 52.03 6.45
C LEU J 65 -42.82 53.38 6.06
N TYR J 66 -43.78 53.88 6.84
CA TYR J 66 -44.51 55.10 6.52
C TYR J 66 -44.20 56.19 7.54
N LEU J 67 -43.87 57.38 7.04
CA LEU J 67 -43.54 58.55 7.87
C LEU J 67 -44.58 59.62 7.58
N VAL J 68 -45.57 59.74 8.46
CA VAL J 68 -46.77 60.51 8.20
C VAL J 68 -46.92 61.60 9.27
N ASP J 69 -47.30 62.79 8.85
CA ASP J 69 -47.25 63.98 9.69
C ASP J 69 -48.56 64.31 10.39
N ASN J 70 -49.63 63.53 10.21
CA ASN J 70 -50.93 63.89 10.77
C ASN J 70 -51.63 62.69 11.40
N LYS J 71 -50.91 61.86 12.13
CA LYS J 71 -51.56 60.81 12.91
C LYS J 71 -52.25 61.43 14.12
N SER J 72 -53.43 60.92 14.45
CA SER J 72 -54.27 61.57 15.46
C SER J 72 -53.63 61.58 16.84
N ALA J 73 -53.06 60.44 17.25
CA ALA J 73 -52.46 60.35 18.58
C ALA J 73 -51.13 61.09 18.68
N ASP J 74 -50.35 61.11 17.60
CA ASP J 74 -49.06 61.82 17.62
C ASP J 74 -49.25 63.33 17.72
N ILE J 75 -50.37 63.85 17.20
CA ILE J 75 -50.63 65.29 17.28
C ILE J 75 -50.75 65.73 18.73
N ALA J 76 -51.47 64.96 19.54
CA ALA J 76 -51.78 65.39 20.90
C ALA J 76 -50.57 65.28 21.83
N SER J 77 -49.78 64.20 21.72
CA SER J 77 -48.79 63.89 22.72
C SER J 77 -47.33 64.11 22.30
N LEU J 78 -47.07 64.41 21.03
CA LEU J 78 -45.68 64.56 20.61
C LEU J 78 -45.33 65.94 20.09
N ASN J 79 -46.20 66.59 19.34
CA ASN J 79 -45.82 67.70 18.48
C ASN J 79 -46.48 69.01 18.88
N TYR J 80 -46.58 69.27 20.18
CA TYR J 80 -47.31 70.45 20.65
C TYR J 80 -46.62 71.74 20.23
N GLN J 81 -45.28 71.76 20.23
CA GLN J 81 -44.52 72.97 19.89
C GLN J 81 -43.86 72.91 18.52
N ASN J 82 -44.25 71.97 17.64
CA ASN J 82 -43.59 71.74 16.37
C ASN J 82 -44.43 72.28 15.20
N ASP J 83 -43.87 72.18 14.00
CA ASP J 83 -44.61 72.47 12.77
C ASP J 83 -44.21 71.43 11.71
N HIS J 84 -44.82 71.54 10.53
CA HIS J 84 -44.66 70.52 9.50
C HIS J 84 -43.26 70.47 8.91
N SER J 85 -42.42 71.46 9.17
CA SER J 85 -41.03 71.42 8.72
C SER J 85 -40.11 70.66 9.68
N ASN J 86 -40.55 70.39 10.92
CA ASN J 86 -39.70 69.72 11.91
C ASN J 86 -40.59 69.09 12.97
N PHE J 87 -40.82 67.77 12.86
CA PHE J 87 -41.81 67.11 13.71
C PHE J 87 -41.37 65.69 14.04
N LEU J 88 -42.11 65.06 14.94
CA LEU J 88 -41.89 63.67 15.34
C LEU J 88 -43.07 62.81 14.91
N THR J 89 -42.80 61.55 14.58
CA THR J 89 -43.85 60.63 14.18
C THR J 89 -43.46 59.21 14.59
N THR J 90 -44.47 58.34 14.65
CA THR J 90 -44.27 56.94 15.03
C THR J 90 -44.35 56.05 13.79
N VAL J 91 -43.37 55.17 13.63
CA VAL J 91 -43.40 54.20 12.54
C VAL J 91 -44.08 52.89 12.94
N VAL J 92 -44.47 52.74 14.20
CA VAL J 92 -45.25 51.59 14.65
C VAL J 92 -46.72 51.87 14.35
N GLN J 93 -47.34 50.99 13.56
CA GLN J 93 -48.73 51.17 13.11
C GLN J 93 -49.71 50.26 13.85
N ASN J 94 -49.52 50.05 15.15
CA ASN J 94 -50.30 49.10 15.95
C ASN J 94 -50.95 49.89 17.09
N ASN J 95 -52.28 50.01 17.04
CA ASN J 95 -53.00 50.86 17.98
C ASN J 95 -53.25 50.21 19.35
N ASP J 96 -52.65 49.06 19.62
CA ASP J 96 -52.65 48.53 20.98
C ASP J 96 -51.76 49.32 21.93
N PHE J 97 -50.96 50.26 21.41
CA PHE J 97 -50.00 51.02 22.20
C PHE J 97 -50.14 52.51 21.90
N THR J 98 -49.86 53.33 22.90
CA THR J 98 -49.75 54.77 22.72
C THR J 98 -48.39 55.13 22.13
N PRO J 99 -48.26 56.32 21.53
CA PRO J 99 -46.94 56.71 20.98
C PRO J 99 -45.83 56.72 22.01
N THR J 100 -46.13 57.09 23.26
CA THR J 100 -45.11 57.05 24.31
C THR J 100 -44.61 55.64 24.53
N GLU J 101 -45.54 54.67 24.61
CA GLU J 101 -45.13 53.27 24.73
C GLU J 101 -44.38 52.80 23.50
N ALA J 102 -44.81 53.25 22.32
CA ALA J 102 -44.16 52.81 21.08
C ALA J 102 -42.72 53.30 20.98
N SER J 103 -42.38 54.38 21.67
CA SER J 103 -41.04 54.97 21.53
C SER J 103 -39.95 54.02 21.97
N THR J 104 -40.25 53.09 22.89
CA THR J 104 -39.24 52.15 23.36
C THR J 104 -39.16 50.88 22.53
N GLN J 105 -40.08 50.65 21.60
CA GLN J 105 -40.05 49.44 20.77
C GLN J 105 -39.10 49.63 19.59
N THR J 106 -38.72 48.52 18.96
CA THR J 106 -37.79 48.54 17.84
C THR J 106 -38.26 47.62 16.72
N ILE J 107 -37.75 47.91 15.52
CA ILE J 107 -37.85 47.05 14.35
C ILE J 107 -36.43 46.64 13.96
N ASN J 108 -36.21 45.34 13.77
CA ASN J 108 -34.86 44.81 13.62
C ASN J 108 -34.71 44.10 12.27
N PHE J 109 -33.73 44.55 11.48
CA PHE J 109 -33.37 43.93 10.21
C PHE J 109 -32.15 43.03 10.44
N ASP J 110 -32.17 41.83 9.85
CA ASP J 110 -31.22 40.79 10.22
C ASP J 110 -29.77 41.28 10.15
N GLU J 111 -29.05 41.10 11.25
CA GLU J 111 -27.72 41.66 11.43
C GLU J 111 -26.66 40.97 10.59
N ARG J 112 -26.97 39.84 9.96
CA ARG J 112 -26.03 39.19 9.06
C ARG J 112 -26.04 39.77 7.66
N SER J 113 -26.82 40.83 7.40
CA SER J 113 -26.81 41.54 6.14
C SER J 113 -26.69 43.03 6.39
N ARG J 114 -26.23 43.76 5.37
CA ARG J 114 -26.30 45.22 5.35
C ARG J 114 -27.49 45.62 4.50
N TRP J 115 -28.29 46.56 5.01
CA TRP J 115 -29.57 46.91 4.40
C TRP J 115 -29.54 48.34 3.86
N GLY J 116 -30.32 48.56 2.79
CA GLY J 116 -30.53 49.88 2.25
C GLY J 116 -32.00 50.17 2.10
N GLY J 117 -32.32 51.45 1.96
CA GLY J 117 -33.69 51.88 1.83
C GLY J 117 -33.94 52.87 0.71
N GLN J 118 -34.86 52.53 -0.19
CA GLN J 118 -35.25 53.44 -1.25
C GLN J 118 -36.29 54.44 -0.74
N LEU J 119 -36.04 55.72 -0.94
CA LEU J 119 -36.82 56.79 -0.33
C LEU J 119 -37.60 57.59 -1.38
N LYS J 120 -38.90 57.77 -1.14
CA LYS J 120 -39.76 58.62 -1.94
C LYS J 120 -40.45 59.63 -1.02
N THR J 121 -40.56 60.87 -1.48
CA THR J 121 -41.16 61.94 -0.67
C THR J 121 -42.25 62.66 -1.43
N ILE J 122 -43.17 63.26 -0.68
CA ILE J 122 -44.23 64.12 -1.19
C ILE J 122 -44.24 65.39 -0.36
N MET J 123 -44.22 66.55 -1.02
CA MET J 123 -44.16 67.84 -0.34
C MET J 123 -45.07 68.86 -1.02
N HIS J 124 -45.70 69.71 -0.22
CA HIS J 124 -46.53 70.79 -0.72
C HIS J 124 -46.33 72.05 0.11
N THR J 125 -46.28 73.21 -0.54
CA THR J 125 -45.98 74.48 0.10
C THR J 125 -47.05 75.51 -0.23
N ASN J 126 -47.06 76.60 0.54
CA ASN J 126 -47.98 77.73 0.31
C ASN J 126 -47.26 79.08 0.49
N MET J 127 -46.08 79.23 -0.09
CA MET J 127 -45.26 80.44 0.07
C MET J 127 -45.74 81.57 -0.84
N PRO J 128 -45.96 82.77 -0.32
CA PRO J 128 -46.17 83.94 -1.19
C PRO J 128 -44.85 84.58 -1.60
N ASN J 129 -44.88 85.27 -2.75
CA ASN J 129 -43.63 85.73 -3.34
C ASN J 129 -43.02 86.95 -2.65
N VAL J 130 -43.80 87.77 -1.97
CA VAL J 130 -43.28 88.93 -1.24
C VAL J 130 -43.50 88.68 0.24
N ASN J 131 -42.43 88.42 0.98
CA ASN J 131 -42.54 88.10 2.40
C ASN J 131 -41.23 88.44 3.10
N GLU J 132 -41.31 88.53 4.44
CA GLU J 132 -40.17 88.96 5.25
C GLU J 132 -39.13 87.85 5.41
N TYR J 133 -39.56 86.60 5.51
CA TYR J 133 -38.64 85.52 5.85
C TYR J 133 -37.59 85.30 4.76
N MET J 134 -37.94 85.57 3.51
CA MET J 134 -37.06 85.33 2.37
C MET J 134 -36.38 86.60 1.86
N PHE J 135 -36.48 87.71 2.60
CA PHE J 135 -35.79 88.97 2.27
C PHE J 135 -36.25 89.56 0.94
N SER J 136 -37.50 89.31 0.55
CA SER J 136 -38.10 89.94 -0.62
C SER J 136 -39.05 91.06 -0.24
N ASN J 137 -38.85 91.64 0.95
CA ASN J 137 -39.77 92.58 1.55
C ASN J 137 -39.24 94.01 1.60
N LYS J 138 -37.95 94.22 1.34
CA LYS J 138 -37.32 95.49 1.67
C LYS J 138 -36.18 95.79 0.71
N PHE J 139 -35.83 97.07 0.63
CA PHE J 139 -34.67 97.56 -0.11
C PHE J 139 -34.27 98.91 0.48
N LYS J 140 -33.09 99.40 0.09
CA LYS J 140 -32.56 100.67 0.57
C LYS J 140 -32.35 101.64 -0.59
N ALA J 141 -32.53 102.93 -0.31
CA ALA J 141 -32.36 103.97 -1.31
C ALA J 141 -31.96 105.28 -0.65
N ARG J 142 -31.40 106.19 -1.45
CA ARG J 142 -30.97 107.50 -0.99
C ARG J 142 -31.78 108.58 -1.70
N VAL J 143 -32.50 109.38 -0.94
CA VAL J 143 -33.38 110.41 -1.48
C VAL J 143 -33.06 111.76 -0.82
N MET J 144 -33.72 112.80 -1.29
CA MET J 144 -33.48 114.17 -0.82
C MET J 144 -34.41 114.50 0.33
N VAL J 145 -33.84 114.99 1.43
CA VAL J 145 -34.60 115.30 2.63
C VAL J 145 -34.86 116.78 2.80
N SER J 146 -33.98 117.66 2.31
CA SER J 146 -34.15 119.09 2.48
C SER J 146 -33.58 119.84 1.28
N ARG J 147 -34.35 120.78 0.76
CA ARG J 147 -33.83 121.82 -0.09
C ARG J 147 -33.42 123.00 0.80
N LYS J 148 -33.13 124.15 0.21
CA LYS J 148 -32.74 125.32 1.01
C LYS J 148 -33.93 125.85 1.81
N ASP J 171 -28.96 127.33 -3.46
CA ASP J 171 -29.69 126.29 -2.75
C ASP J 171 -28.75 125.17 -2.31
N ILE J 172 -28.91 124.71 -1.07
CA ILE J 172 -28.14 123.60 -0.52
C ILE J 172 -29.07 122.41 -0.35
N LEU J 173 -28.65 121.25 -0.84
CA LEU J 173 -29.47 120.05 -0.89
C LEU J 173 -28.88 118.98 0.01
N LYS J 174 -29.73 118.33 0.79
CA LYS J 174 -29.33 117.29 1.72
C LYS J 174 -29.99 115.96 1.35
N TYR J 175 -29.22 114.88 1.46
CA TYR J 175 -29.68 113.54 1.11
C TYR J 175 -29.40 112.59 2.27
N GLU J 176 -30.14 111.49 2.31
CA GLU J 176 -29.99 110.51 3.38
C GLU J 176 -30.47 109.14 2.90
N TRP J 177 -29.93 108.10 3.54
CA TRP J 177 -30.31 106.72 3.25
C TRP J 177 -31.47 106.29 4.15
N PHE J 178 -32.36 105.47 3.61
CA PHE J 178 -33.47 104.89 4.34
C PHE J 178 -33.67 103.45 3.90
N GLU J 179 -34.41 102.68 4.71
CA GLU J 179 -34.86 101.35 4.35
C GLU J 179 -36.37 101.35 4.20
N PHE J 180 -36.85 100.79 3.09
CA PHE J 180 -38.27 100.83 2.73
C PHE J 180 -38.87 99.44 2.85
N ILE J 181 -40.12 99.36 3.31
CA ILE J 181 -40.79 98.10 3.60
C ILE J 181 -42.10 98.04 2.80
N LEU J 182 -42.34 96.89 2.15
CA LEU J 182 -43.56 96.55 1.42
C LEU J 182 -44.46 95.65 2.27
N PRO J 183 -45.77 95.67 2.05
CA PRO J 183 -46.64 94.71 2.73
C PRO J 183 -46.64 93.36 2.02
N GLU J 184 -46.91 92.31 2.79
CA GLU J 184 -46.74 90.94 2.32
C GLU J 184 -47.94 90.45 1.51
N GLY J 185 -47.68 89.55 0.58
CA GLY J 185 -48.70 89.01 -0.29
C GLY J 185 -48.09 88.35 -1.50
N ASN J 186 -48.96 87.86 -2.38
CA ASN J 186 -48.56 87.18 -3.60
C ASN J 186 -48.97 88.04 -4.80
N PHE J 187 -48.01 88.72 -5.40
CA PHE J 187 -48.29 89.75 -6.39
C PHE J 187 -47.59 89.46 -7.72
N SER J 188 -48.15 90.00 -8.79
CA SER J 188 -47.47 89.96 -10.07
C SER J 188 -46.33 90.96 -10.10
N ALA J 189 -45.52 90.88 -11.16
CA ALA J 189 -44.34 91.75 -11.25
C ALA J 189 -44.71 93.21 -11.40
N THR J 190 -45.73 93.51 -12.20
CA THR J 190 -46.15 94.91 -12.36
C THR J 190 -46.71 95.46 -11.05
N MET J 191 -47.52 94.68 -10.35
CA MET J 191 -48.08 95.13 -9.08
C MET J 191 -46.99 95.33 -8.04
N THR J 192 -45.92 94.53 -8.08
CA THR J 192 -44.80 94.72 -7.16
C THR J 192 -44.10 96.04 -7.40
N ILE J 193 -43.91 96.42 -8.66
CA ILE J 193 -43.23 97.66 -8.99
C ILE J 193 -44.06 98.87 -8.55
N ASP J 194 -45.40 98.76 -8.63
CA ASP J 194 -46.24 99.84 -8.10
C ASP J 194 -46.03 100.03 -6.60
N LEU J 195 -45.89 98.93 -5.86
CA LEU J 195 -45.71 99.03 -4.42
C LEU J 195 -44.37 99.68 -4.06
N MET J 196 -43.33 99.41 -4.84
CA MET J 196 -42.03 100.03 -4.59
C MET J 196 -42.07 101.54 -4.82
N ASN J 197 -42.75 101.98 -5.89
CA ASN J 197 -42.92 103.42 -6.11
C ASN J 197 -43.73 104.05 -4.97
N ASN J 198 -44.77 103.37 -4.53
CA ASN J 198 -45.61 103.88 -3.45
C ASN J 198 -44.83 104.05 -2.16
N ALA J 199 -43.87 103.16 -1.89
CA ALA J 199 -43.04 103.29 -0.70
C ALA J 199 -42.16 104.54 -0.75
N ILE J 200 -41.61 104.85 -1.93
CA ILE J 200 -40.78 106.05 -2.08
C ILE J 200 -41.61 107.29 -1.80
N ILE J 201 -42.82 107.35 -2.34
CA ILE J 201 -43.65 108.54 -2.23
C ILE J 201 -44.11 108.77 -0.79
N ASP J 202 -44.41 107.70 -0.05
CA ASP J 202 -44.80 107.85 1.34
C ASP J 202 -43.68 108.44 2.20
N ASN J 203 -42.42 108.27 1.79
CA ASN J 203 -41.32 108.94 2.44
C ASN J 203 -41.28 110.43 2.11
N TYR J 204 -41.69 110.79 0.89
CA TYR J 204 -41.71 112.19 0.50
C TYR J 204 -42.89 112.94 1.14
N LEU J 205 -43.91 112.23 1.61
CA LEU J 205 -45.04 112.89 2.27
C LEU J 205 -44.84 113.04 3.77
N GLU J 206 -44.00 112.21 4.38
CA GLU J 206 -43.74 112.26 5.81
C GLU J 206 -42.54 113.13 6.16
N ILE J 207 -41.49 113.06 5.35
CA ILE J 207 -40.33 113.93 5.41
C ILE J 207 -40.33 114.64 4.06
N GLY J 208 -39.36 115.48 3.79
CA GLY J 208 -39.31 115.98 2.43
C GLY J 208 -40.27 117.14 2.23
N ARG J 209 -41.46 116.83 1.71
CA ARG J 209 -42.47 117.84 1.36
C ARG J 209 -42.58 118.96 2.39
N GLN J 210 -42.57 118.63 3.67
CA GLN J 210 -42.64 119.66 4.71
C GLN J 210 -41.32 120.37 4.94
N ASN J 211 -40.25 120.01 4.23
CA ASN J 211 -38.96 120.67 4.35
C ASN J 211 -38.50 121.29 3.04
N GLY J 212 -39.42 121.60 2.14
CA GLY J 212 -39.11 122.42 0.99
C GLY J 212 -38.77 121.71 -0.31
N VAL J 213 -38.90 120.38 -0.38
CA VAL J 213 -38.65 119.69 -1.64
C VAL J 213 -39.93 119.70 -2.46
N LEU J 214 -39.78 119.85 -3.77
CA LEU J 214 -40.92 119.91 -4.67
C LEU J 214 -41.20 118.54 -5.28
N GLU J 215 -42.38 118.40 -5.86
CA GLU J 215 -42.70 117.18 -6.57
C GLU J 215 -42.12 117.25 -7.97
N SER J 216 -40.86 117.65 -8.07
CA SER J 216 -40.09 117.56 -9.31
C SER J 216 -38.64 117.21 -9.01
N ASP J 217 -38.31 116.89 -7.77
CA ASP J 217 -36.97 116.47 -7.37
C ASP J 217 -36.99 115.16 -6.58
N ILE J 218 -37.99 114.31 -6.81
CA ILE J 218 -38.13 113.06 -6.05
C ILE J 218 -36.84 112.24 -6.15
N GLY J 219 -36.46 111.83 -7.35
CA GLY J 219 -35.13 111.31 -7.57
C GLY J 219 -34.96 109.81 -7.67
N VAL J 220 -35.99 109.01 -7.37
CA VAL J 220 -35.92 107.56 -7.54
C VAL J 220 -37.27 107.08 -8.08
N LYS J 221 -37.26 106.44 -9.25
CA LYS J 221 -38.47 105.88 -9.81
C LYS J 221 -38.15 104.59 -10.57
N PHE J 222 -39.07 103.63 -10.49
CA PHE J 222 -38.95 102.36 -11.23
C PHE J 222 -39.92 102.37 -12.41
N ASP J 223 -39.38 102.17 -13.61
CA ASP J 223 -40.16 102.31 -14.84
C ASP J 223 -40.00 101.07 -15.72
N THR J 224 -40.66 101.10 -16.88
CA THR J 224 -40.55 100.03 -17.87
C THR J 224 -40.32 100.50 -19.30
N ARG J 225 -40.24 101.81 -19.54
CA ARG J 225 -40.26 102.35 -20.89
C ARG J 225 -38.87 102.46 -21.50
N ASN J 226 -38.83 102.52 -22.82
CA ASN J 226 -37.61 102.79 -23.58
C ASN J 226 -37.65 104.27 -23.95
N PHE J 227 -37.04 105.10 -23.12
CA PHE J 227 -36.92 106.50 -23.47
C PHE J 227 -35.98 106.63 -24.68
N ARG J 228 -36.12 107.74 -25.41
CA ARG J 228 -35.40 108.05 -26.65
C ARG J 228 -35.80 107.15 -27.82
N LEU J 229 -36.97 106.52 -27.77
CA LEU J 229 -37.43 105.72 -28.92
C LEU J 229 -37.65 106.59 -30.15
N GLY J 230 -38.44 107.66 -30.01
CA GLY J 230 -38.75 108.51 -31.14
C GLY J 230 -37.75 109.63 -31.38
N TRP J 231 -36.49 109.39 -31.00
CA TRP J 231 -35.43 110.39 -31.09
C TRP J 231 -35.08 110.69 -32.54
N ASP J 232 -34.72 111.95 -32.81
CA ASP J 232 -34.37 112.40 -34.14
C ASP J 232 -32.91 112.78 -34.21
N PRO J 233 -32.16 112.30 -35.19
CA PRO J 233 -30.71 112.53 -35.19
C PRO J 233 -30.31 113.97 -35.50
N GLU J 234 -31.20 114.78 -36.06
CA GLU J 234 -30.86 116.17 -36.37
C GLU J 234 -31.25 117.11 -35.23
N THR J 235 -32.52 117.13 -34.84
CA THR J 235 -32.98 117.99 -33.77
C THR J 235 -32.59 117.47 -32.38
N LYS J 236 -32.28 116.17 -32.26
CA LYS J 236 -31.87 115.55 -31.00
C LYS J 236 -32.92 115.75 -29.91
N LEU J 237 -34.19 115.65 -30.28
CA LEU J 237 -35.28 115.71 -29.32
C LEU J 237 -36.33 114.68 -29.70
N ILE J 238 -37.19 114.35 -28.73
CA ILE J 238 -38.26 113.38 -28.96
C ILE J 238 -39.36 114.10 -29.72
N MET J 239 -39.41 113.89 -31.04
CA MET J 239 -40.31 114.68 -31.88
C MET J 239 -41.79 114.55 -31.53
N PRO J 240 -42.34 113.38 -31.19
CA PRO J 240 -43.78 113.32 -30.89
C PRO J 240 -44.21 114.18 -29.70
N GLY J 241 -43.30 114.57 -28.82
CA GLY J 241 -43.65 115.32 -27.65
C GLY J 241 -44.05 114.49 -26.44
N VAL J 242 -44.20 113.18 -26.60
CA VAL J 242 -44.44 112.26 -25.49
C VAL J 242 -43.59 111.01 -25.70
N TYR J 243 -43.03 110.49 -24.62
CA TYR J 243 -42.28 109.25 -24.70
C TYR J 243 -43.21 108.08 -25.06
N THR J 244 -42.67 107.12 -25.81
CA THR J 244 -43.46 105.98 -26.24
C THR J 244 -43.95 105.19 -25.04
N TYR J 245 -45.25 104.90 -25.02
CA TYR J 245 -45.90 104.30 -23.85
C TYR J 245 -46.01 102.78 -24.00
N GLU J 246 -44.85 102.13 -24.16
CA GLU J 246 -44.78 100.68 -24.31
C GLU J 246 -43.76 100.10 -23.33
N ALA J 247 -44.02 98.90 -22.85
CA ALA J 247 -43.16 98.24 -21.87
C ALA J 247 -42.10 97.42 -22.56
N PHE J 248 -40.85 97.58 -22.13
CA PHE J 248 -39.71 96.86 -22.69
C PHE J 248 -39.02 95.97 -21.67
N HIS J 249 -38.64 96.51 -20.52
CA HIS J 249 -37.88 95.84 -19.47
C HIS J 249 -37.86 96.76 -18.25
N PRO J 250 -37.96 96.22 -17.04
CA PRO J 250 -37.93 97.09 -15.85
C PRO J 250 -36.62 97.89 -15.76
N ASP J 251 -36.74 99.11 -15.24
CA ASP J 251 -35.68 100.11 -15.34
C ASP J 251 -35.65 100.95 -14.07
N ILE J 252 -34.50 101.59 -13.83
CA ILE J 252 -34.27 102.47 -12.69
C ILE J 252 -33.91 103.86 -13.21
N VAL J 253 -34.61 104.88 -12.72
CA VAL J 253 -34.39 106.27 -13.13
C VAL J 253 -33.94 107.08 -11.92
N LEU J 254 -32.84 107.84 -12.09
CA LEU J 254 -32.19 108.54 -10.98
C LEU J 254 -31.93 110.01 -11.32
N LEU J 255 -31.93 110.84 -10.27
CA LEU J 255 -31.50 112.23 -10.22
C LEU J 255 -30.16 112.34 -9.51
N PRO J 256 -29.42 113.44 -9.71
CA PRO J 256 -28.10 113.54 -9.08
C PRO J 256 -28.19 113.47 -7.56
N GLY J 257 -27.23 112.78 -6.96
CA GLY J 257 -27.17 112.61 -5.53
C GLY J 257 -27.93 111.41 -4.98
N CYS J 258 -28.63 110.64 -5.80
CA CYS J 258 -29.48 109.55 -5.35
C CYS J 258 -28.86 108.20 -5.74
N GLY J 259 -29.50 107.12 -5.30
CA GLY J 259 -29.05 105.79 -5.60
C GLY J 259 -29.89 104.75 -4.88
N VAL J 260 -29.68 103.48 -5.28
CA VAL J 260 -30.35 102.34 -4.66
C VAL J 260 -29.30 101.30 -4.31
N ASP J 261 -29.62 100.49 -3.29
CA ASP J 261 -28.68 99.48 -2.79
C ASP J 261 -29.43 98.17 -2.54
N PHE J 262 -29.01 97.10 -3.21
CA PHE J 262 -29.67 95.80 -3.12
C PHE J 262 -28.85 94.76 -2.39
N THR J 263 -27.97 95.19 -1.48
CA THR J 263 -27.09 94.24 -0.79
C THR J 263 -27.88 93.24 0.04
N GLU J 264 -28.95 93.69 0.68
CA GLU J 264 -29.72 92.82 1.57
C GLU J 264 -31.15 92.66 1.05
N SER J 265 -31.29 92.38 -0.25
CA SER J 265 -32.60 92.31 -0.88
C SER J 265 -32.54 91.35 -2.06
N ARG J 266 -33.67 90.69 -2.34
CA ARG J 266 -33.79 89.82 -3.48
C ARG J 266 -34.66 90.40 -4.58
N LEU J 267 -35.01 91.68 -4.48
CA LEU J 267 -35.85 92.32 -5.47
C LEU J 267 -35.12 92.66 -6.76
N SER J 268 -33.79 92.59 -6.79
CA SER J 268 -33.07 92.78 -8.04
C SER J 268 -33.30 91.64 -9.02
N ASN J 269 -33.60 90.43 -8.53
CA ASN J 269 -33.95 89.32 -9.43
C ASN J 269 -35.29 89.57 -10.13
N LEU J 270 -36.25 90.15 -9.42
CA LEU J 270 -37.52 90.47 -10.04
C LEU J 270 -37.38 91.58 -11.08
N LEU J 271 -36.41 92.48 -10.92
CA LEU J 271 -36.18 93.54 -11.89
C LEU J 271 -35.39 93.08 -13.10
N GLY J 272 -34.76 91.92 -13.05
CA GLY J 272 -33.95 91.48 -14.15
C GLY J 272 -32.63 92.21 -14.32
N ILE J 273 -32.02 92.64 -13.23
CA ILE J 273 -30.71 93.30 -13.22
C ILE J 273 -29.81 92.52 -12.28
N ARG J 274 -28.70 92.01 -12.80
CA ARG J 274 -27.79 91.16 -12.04
C ARG J 274 -26.34 91.57 -12.28
N LYS J 275 -25.45 91.10 -11.41
CA LYS J 275 -24.03 91.39 -11.51
C LYS J 275 -23.29 90.31 -12.29
N ARG J 276 -22.32 90.73 -13.09
CA ARG J 276 -21.50 89.78 -13.83
C ARG J 276 -20.54 89.02 -12.95
N HIS J 277 -20.28 89.49 -11.73
CA HIS J 277 -19.46 88.80 -10.74
C HIS J 277 -20.36 88.59 -9.51
N PRO J 278 -21.21 87.56 -9.55
CA PRO J 278 -22.25 87.44 -8.52
C PRO J 278 -21.76 87.02 -7.16
N PHE J 279 -20.51 86.59 -7.01
CA PHE J 279 -19.98 86.19 -5.72
C PHE J 279 -19.26 87.31 -4.98
N GLN J 280 -19.20 88.52 -5.54
CA GLN J 280 -18.62 89.67 -4.87
C GLN J 280 -19.71 90.41 -4.09
N GLU J 281 -19.48 90.60 -2.80
CA GLU J 281 -20.51 91.19 -1.94
C GLU J 281 -20.74 92.66 -2.28
N GLY J 282 -22.00 93.08 -2.17
CA GLY J 282 -22.36 94.47 -2.39
C GLY J 282 -22.92 94.77 -3.75
N PHE J 283 -24.08 95.44 -3.80
CA PHE J 283 -24.75 95.78 -5.06
C PHE J 283 -25.37 97.17 -4.89
N LYS J 284 -24.66 98.19 -5.35
CA LYS J 284 -25.12 99.57 -5.28
C LYS J 284 -25.04 100.21 -6.66
N ILE J 285 -26.06 100.99 -7.01
CA ILE J 285 -26.11 101.71 -8.28
C ILE J 285 -26.40 103.18 -7.97
N MET J 286 -25.45 104.05 -8.26
CA MET J 286 -25.56 105.48 -7.97
C MET J 286 -25.66 106.27 -9.27
N TYR J 287 -25.96 107.56 -9.12
CA TYR J 287 -26.13 108.42 -10.29
C TYR J 287 -24.85 108.54 -11.10
N GLU J 288 -23.69 108.47 -10.44
CA GLU J 288 -22.43 108.59 -11.15
C GLU J 288 -22.09 107.34 -11.96
N ASP J 289 -22.74 106.22 -11.71
CA ASP J 289 -22.47 104.99 -12.46
C ASP J 289 -23.27 104.88 -13.75
N LEU J 290 -24.25 105.75 -13.96
CA LEU J 290 -25.13 105.69 -15.13
C LEU J 290 -24.73 106.66 -16.23
N GLU J 291 -23.43 106.88 -16.42
CA GLU J 291 -22.95 107.83 -17.42
C GLU J 291 -23.40 107.42 -18.82
N GLY J 292 -23.81 108.40 -19.61
CA GLY J 292 -24.30 108.17 -20.95
C GLY J 292 -25.77 107.83 -21.04
N GLY J 293 -26.49 107.80 -19.91
CA GLY J 293 -27.88 107.40 -19.93
C GLY J 293 -28.87 108.51 -19.68
N ASN J 294 -28.49 109.75 -19.96
CA ASN J 294 -29.40 110.87 -19.75
C ASN J 294 -30.61 110.76 -20.68
N ILE J 295 -31.78 111.07 -20.15
CA ILE J 295 -33.03 110.97 -20.89
C ILE J 295 -33.20 112.22 -21.77
N PRO J 296 -33.33 112.08 -23.07
CA PRO J 296 -33.47 113.26 -23.93
C PRO J 296 -34.73 114.05 -23.61
N ALA J 297 -34.60 115.37 -23.70
CA ALA J 297 -35.70 116.27 -23.37
C ALA J 297 -36.77 116.28 -24.46
N LEU J 298 -37.99 116.62 -24.05
CA LEU J 298 -39.13 116.83 -24.94
C LEU J 298 -39.23 115.82 -26.06
N ILE J 364 -38.64 124.84 -32.51
CA ILE J 364 -37.58 123.89 -32.19
C ILE J 364 -36.95 124.21 -30.84
N GLN J 365 -37.70 124.03 -29.76
CA GLN J 365 -37.18 124.24 -28.41
C GLN J 365 -37.75 123.18 -27.48
N PRO J 366 -36.98 122.74 -26.49
CA PRO J 366 -37.50 121.73 -25.56
C PRO J 366 -38.57 122.30 -24.65
N LEU J 367 -39.52 121.45 -24.28
CA LEU J 367 -40.49 121.81 -23.25
C LEU J 367 -39.81 121.84 -21.89
N GLU J 368 -40.03 122.91 -21.13
CA GLU J 368 -39.33 123.09 -19.87
C GLU J 368 -40.18 122.82 -18.64
N LYS J 369 -41.49 122.64 -18.79
CA LYS J 369 -42.36 122.43 -17.64
C LYS J 369 -43.58 121.64 -18.07
N ASP J 370 -44.28 121.09 -17.08
CA ASP J 370 -45.43 120.24 -17.32
C ASP J 370 -46.72 121.07 -17.32
N SER J 371 -47.86 120.39 -17.41
CA SER J 371 -49.15 121.09 -17.49
C SER J 371 -49.44 121.87 -16.22
N LYS J 372 -49.15 121.28 -15.06
CA LYS J 372 -49.42 121.92 -13.78
C LYS J 372 -48.20 122.64 -13.22
N SER J 373 -47.33 123.14 -14.11
CA SER J 373 -46.13 123.88 -13.72
C SER J 373 -45.22 123.05 -12.81
N ARG J 374 -44.72 121.95 -13.37
CA ARG J 374 -43.68 121.15 -12.73
C ARG J 374 -42.46 121.14 -13.63
N SER J 375 -41.29 121.40 -13.04
CA SER J 375 -40.07 121.45 -13.81
C SER J 375 -39.69 120.06 -14.33
N TYR J 376 -39.31 119.99 -15.60
CA TYR J 376 -38.74 118.78 -16.17
C TYR J 376 -37.24 118.67 -15.95
N ASN J 377 -36.63 119.63 -15.27
CA ASN J 377 -35.18 119.61 -14.96
C ASN J 377 -34.33 119.63 -16.22
N VAL J 378 -34.72 120.43 -17.21
CA VAL J 378 -33.92 120.56 -18.42
C VAL J 378 -32.62 121.27 -18.10
N LEU J 379 -31.56 120.90 -18.80
CA LEU J 379 -30.21 121.39 -18.54
C LEU J 379 -29.78 122.36 -19.64
N GLU J 380 -28.54 122.79 -19.57
CA GLU J 380 -27.96 123.60 -20.64
C GLU J 380 -27.81 122.76 -21.90
N ASP J 381 -27.69 123.46 -23.03
CA ASP J 381 -27.63 122.90 -24.38
C ASP J 381 -29.02 122.45 -24.83
N LYS J 382 -30.00 122.46 -23.93
CA LYS J 382 -31.41 122.35 -24.27
C LYS J 382 -31.71 121.10 -25.11
N ILE J 383 -31.02 120.00 -24.82
CA ILE J 383 -31.29 118.72 -25.46
C ILE J 383 -31.55 117.61 -24.45
N ASN J 384 -30.73 117.52 -23.40
CA ASN J 384 -30.83 116.44 -22.44
C ASN J 384 -31.36 116.93 -21.10
N THR J 385 -31.85 115.99 -20.32
CA THR J 385 -32.43 116.23 -19.01
C THR J 385 -31.55 115.59 -17.93
N ALA J 386 -31.67 116.10 -16.71
CA ALA J 386 -30.86 115.60 -15.60
C ALA J 386 -31.17 114.15 -15.24
N TYR J 387 -32.34 113.63 -15.62
CA TYR J 387 -32.68 112.24 -15.30
C TYR J 387 -31.78 111.28 -16.06
N ARG J 388 -31.33 110.22 -15.38
CA ARG J 388 -30.58 109.13 -15.99
C ARG J 388 -31.30 107.81 -15.73
N SER J 389 -31.12 106.85 -16.65
CA SER J 389 -31.77 105.56 -16.52
C SER J 389 -30.79 104.43 -16.82
N TRP J 390 -30.96 103.31 -16.10
CA TRP J 390 -30.08 102.16 -16.28
C TRP J 390 -30.20 101.57 -17.69
N TYR J 391 -31.42 101.50 -18.22
CA TYR J 391 -31.60 100.85 -19.52
C TYR J 391 -30.94 101.65 -20.64
N LEU J 392 -31.05 102.97 -20.62
CA LEU J 392 -30.41 103.78 -21.64
C LEU J 392 -28.90 103.66 -21.58
N SER J 393 -28.34 103.65 -20.37
CA SER J 393 -26.90 103.51 -20.23
C SER J 393 -26.41 102.13 -20.65
N TYR J 394 -27.20 101.08 -20.36
CA TYR J 394 -26.81 99.73 -20.75
C TYR J 394 -26.80 99.56 -22.26
N ASN J 395 -27.78 100.13 -22.96
CA ASN J 395 -27.93 99.88 -24.38
C ASN J 395 -27.25 100.93 -25.27
N TYR J 396 -27.15 102.18 -24.83
CA TYR J 396 -26.62 103.25 -25.68
C TYR J 396 -25.33 103.87 -25.16
N GLY J 397 -24.92 103.60 -23.93
CA GLY J 397 -23.73 104.18 -23.38
C GLY J 397 -22.46 103.49 -23.87
N ASN J 398 -21.36 103.82 -23.23
CA ASN J 398 -20.06 103.27 -23.61
C ASN J 398 -19.97 101.81 -23.21
N PRO J 399 -19.71 100.89 -24.15
CA PRO J 399 -19.69 99.46 -23.79
C PRO J 399 -18.64 99.08 -22.78
N GLU J 400 -17.51 99.78 -22.73
CA GLU J 400 -16.38 99.36 -21.90
C GLU J 400 -16.18 100.24 -20.66
N LYS J 401 -17.05 101.22 -20.43
CA LYS J 401 -16.94 102.08 -19.26
C LYS J 401 -18.25 102.31 -18.53
N GLY J 402 -19.39 102.13 -19.17
CA GLY J 402 -20.68 102.35 -18.53
C GLY J 402 -21.12 101.18 -17.68
N ILE J 403 -22.41 101.21 -17.33
CA ILE J 403 -22.97 100.19 -16.46
C ILE J 403 -22.95 98.80 -17.09
N ARG J 404 -22.82 98.72 -18.42
CA ARG J 404 -22.80 97.44 -19.12
C ARG J 404 -21.56 96.62 -18.84
N SER J 405 -20.49 97.23 -18.33
CA SER J 405 -19.26 96.50 -18.11
C SER J 405 -19.30 95.60 -16.88
N TRP J 406 -20.21 95.86 -15.92
CA TRP J 406 -20.28 95.01 -14.73
C TRP J 406 -21.70 94.63 -14.33
N THR J 407 -22.72 94.92 -15.13
CA THR J 407 -24.06 94.42 -14.89
C THR J 407 -24.57 93.68 -16.13
N LEU J 408 -25.65 92.92 -15.93
CA LEU J 408 -26.18 92.05 -16.96
C LEU J 408 -27.70 92.14 -16.98
N LEU J 409 -28.29 92.15 -18.17
CA LEU J 409 -29.73 92.24 -18.35
C LEU J 409 -30.31 90.84 -18.52
N THR J 410 -31.31 90.50 -17.71
CA THR J 410 -31.92 89.17 -17.71
C THR J 410 -33.44 89.28 -17.70
N THR J 411 -34.11 88.16 -17.96
CA THR J 411 -35.57 88.13 -17.87
C THR J 411 -36.02 88.25 -16.43
N SER J 412 -37.15 88.92 -16.23
CA SER J 412 -37.70 89.11 -14.89
C SER J 412 -38.14 87.78 -14.29
N ASP J 413 -37.80 87.57 -13.03
CA ASP J 413 -38.14 86.33 -12.32
C ASP J 413 -39.05 86.68 -11.14
N VAL J 414 -40.34 86.37 -11.29
CA VAL J 414 -41.34 86.80 -10.31
C VAL J 414 -41.18 86.08 -8.97
N THR J 415 -40.67 84.85 -8.97
CA THR J 415 -40.47 84.15 -7.69
C THR J 415 -39.34 84.73 -6.87
N CYS J 416 -38.55 85.64 -7.44
CA CYS J 416 -37.38 86.27 -6.83
C CYS J 416 -36.22 85.31 -6.65
N GLY J 417 -36.24 84.16 -7.31
CA GLY J 417 -35.13 83.25 -7.28
C GLY J 417 -35.28 82.16 -6.24
N VAL J 418 -35.62 80.97 -6.66
CA VAL J 418 -35.82 79.86 -5.73
C VAL J 418 -34.49 79.13 -5.56
N GLU J 419 -34.27 78.60 -4.36
CA GLU J 419 -33.09 77.80 -4.08
C GLU J 419 -33.53 76.40 -3.63
N GLN J 420 -32.58 75.61 -3.18
CA GLN J 420 -32.80 74.20 -2.88
C GLN J 420 -33.30 73.99 -1.44
N VAL J 421 -33.79 72.79 -1.17
CA VAL J 421 -34.18 72.34 0.16
C VAL J 421 -33.51 71.00 0.45
N TYR J 422 -33.30 70.71 1.73
CA TYR J 422 -32.61 69.51 2.19
C TYR J 422 -33.50 68.70 3.13
N TRP J 423 -33.48 67.37 2.98
CA TRP J 423 -34.18 66.43 3.85
C TRP J 423 -33.22 65.78 4.84
N SER J 424 -33.68 65.57 6.08
CA SER J 424 -32.92 64.86 7.11
C SER J 424 -33.79 63.82 7.80
N LEU J 425 -33.23 62.62 7.99
CA LEU J 425 -33.88 61.55 8.77
C LEU J 425 -32.86 60.92 9.71
N PRO J 426 -32.48 61.64 10.77
CA PRO J 426 -31.30 61.22 11.56
C PRO J 426 -31.48 59.90 12.32
N ASP J 427 -32.70 59.46 12.62
CA ASP J 427 -32.90 58.21 13.35
C ASP J 427 -33.10 57.01 12.44
N MET J 428 -33.09 57.17 11.13
CA MET J 428 -33.35 56.06 10.22
C MET J 428 -32.16 55.74 9.31
N MET J 429 -31.55 56.74 8.68
CA MET J 429 -30.46 56.54 7.74
C MET J 429 -29.11 56.74 8.42
N GLN J 430 -28.09 56.08 7.87
CA GLN J 430 -26.72 56.37 8.28
C GLN J 430 -26.26 57.71 7.70
N ASP J 431 -25.35 58.35 8.42
CA ASP J 431 -24.83 59.64 7.97
C ASP J 431 -24.00 59.48 6.70
N PRO J 432 -24.24 60.27 5.66
CA PRO J 432 -23.37 60.23 4.47
C PRO J 432 -21.96 60.74 4.78
N VAL J 433 -21.04 60.43 3.86
CA VAL J 433 -19.61 60.59 4.11
C VAL J 433 -19.26 62.05 4.38
N THR J 434 -18.42 62.26 5.40
CA THR J 434 -17.86 63.49 5.96
C THR J 434 -18.83 64.27 6.87
N PHE J 435 -20.10 63.87 6.99
CA PHE J 435 -21.00 64.53 7.94
C PHE J 435 -20.76 64.02 9.36
N ARG J 436 -20.79 64.93 10.34
CA ARG J 436 -20.67 64.56 11.75
C ARG J 436 -22.03 64.25 12.36
N SER J 437 -22.05 63.29 13.28
CA SER J 437 -23.25 63.01 14.07
C SER J 437 -23.46 64.09 15.13
N THR J 438 -24.69 64.56 15.27
CA THR J 438 -24.98 65.67 16.16
C THR J 438 -26.47 65.69 16.49
N ARG J 439 -26.82 66.53 17.48
CA ARG J 439 -28.20 66.78 17.83
C ARG J 439 -28.60 68.24 17.64
N GLN J 440 -27.79 69.03 16.92
CA GLN J 440 -28.16 70.40 16.60
C GLN J 440 -28.92 70.44 15.29
N VAL J 441 -30.09 71.10 15.31
CA VAL J 441 -31.01 71.04 14.17
C VAL J 441 -30.38 71.67 12.92
N SER J 442 -29.72 72.78 13.07
CA SER J 442 -29.10 73.41 11.91
C SER J 442 -27.86 72.66 11.40
N ASN J 443 -27.52 71.47 11.90
CA ASN J 443 -26.36 70.75 11.38
C ASN J 443 -26.65 69.25 11.20
N TYR J 444 -27.91 68.86 11.03
CA TYR J 444 -28.24 67.46 10.75
C TYR J 444 -27.62 67.02 9.42
N PRO J 445 -27.18 65.75 9.33
CA PRO J 445 -26.74 65.22 8.03
C PRO J 445 -27.87 65.22 7.01
N VAL J 446 -27.49 65.42 5.75
CA VAL J 446 -28.45 65.63 4.65
C VAL J 446 -28.60 64.35 3.85
N VAL J 447 -29.84 63.92 3.65
CA VAL J 447 -30.14 62.67 2.97
C VAL J 447 -30.72 62.86 1.56
N GLY J 448 -31.12 64.06 1.20
CA GLY J 448 -31.60 64.33 -0.16
C GLY J 448 -31.78 65.81 -0.39
N ALA J 449 -31.87 66.18 -1.67
CA ALA J 449 -32.00 67.58 -2.05
C ALA J 449 -32.88 67.72 -3.28
N GLU J 450 -33.54 68.87 -3.40
CA GLU J 450 -34.40 69.20 -4.54
C GLU J 450 -34.68 70.70 -4.49
N LEU J 451 -35.38 71.20 -5.50
CA LEU J 451 -35.77 72.61 -5.52
C LEU J 451 -37.01 72.84 -4.65
N MET J 452 -37.03 73.97 -3.97
CA MET J 452 -38.24 74.43 -3.32
C MET J 452 -39.32 74.60 -4.38
N PRO J 453 -40.49 73.97 -4.24
CA PRO J 453 -41.41 73.78 -5.38
C PRO J 453 -42.31 74.97 -5.67
N VAL J 454 -41.71 76.06 -6.15
CA VAL J 454 -42.42 77.28 -6.51
C VAL J 454 -41.98 77.67 -7.92
N PHE J 455 -42.94 77.95 -8.81
CA PHE J 455 -42.65 78.15 -10.22
C PHE J 455 -43.39 79.37 -10.77
N SER J 456 -42.87 79.90 -11.86
CA SER J 456 -43.46 81.02 -12.57
C SER J 456 -44.38 80.53 -13.69
N LYS J 457 -45.48 81.25 -13.91
CA LYS J 457 -46.41 80.95 -14.99
C LYS J 457 -46.73 82.23 -15.77
N SER J 458 -46.85 82.12 -17.09
CA SER J 458 -47.03 83.25 -17.98
C SER J 458 -48.47 83.34 -18.49
N PHE J 459 -48.93 84.59 -18.67
CA PHE J 459 -50.24 84.87 -19.25
C PHE J 459 -50.08 86.00 -20.26
N TYR J 460 -51.04 86.09 -21.18
CA TYR J 460 -51.05 87.11 -22.22
C TYR J 460 -52.17 88.11 -21.96
N ASN J 461 -51.84 89.39 -21.97
CA ASN J 461 -52.82 90.44 -21.73
C ASN J 461 -52.65 91.63 -22.68
N HIS J 478 -56.83 107.38 -7.77
CA HIS J 478 -55.73 106.50 -8.14
C HIS J 478 -54.49 106.76 -7.30
N VAL J 479 -54.28 105.92 -6.27
CA VAL J 479 -53.11 106.05 -5.44
C VAL J 479 -51.84 105.66 -6.20
N PHE J 480 -51.95 104.88 -7.26
CA PHE J 480 -50.81 104.45 -8.06
C PHE J 480 -50.54 105.38 -9.23
N ASN J 481 -51.23 106.51 -9.33
CA ASN J 481 -50.95 107.51 -10.35
C ASN J 481 -51.26 108.88 -9.74
N ARG J 482 -50.24 109.49 -9.13
CA ARG J 482 -50.38 110.76 -8.43
C ARG J 482 -49.91 111.95 -9.26
N PHE J 483 -49.23 111.71 -10.38
CA PHE J 483 -48.78 112.77 -11.28
C PHE J 483 -49.18 112.40 -12.69
N PRO J 484 -50.48 112.42 -12.99
CA PRO J 484 -50.93 111.99 -14.32
C PRO J 484 -50.35 112.84 -15.44
N GLU J 485 -50.11 114.12 -15.21
CA GLU J 485 -49.65 115.00 -16.28
C GLU J 485 -48.18 114.80 -16.60
N ASN J 486 -47.35 114.49 -15.61
CA ASN J 486 -45.91 114.52 -15.79
C ASN J 486 -45.45 113.31 -16.60
N GLN J 487 -44.74 113.57 -17.71
CA GLN J 487 -44.32 112.49 -18.59
C GLN J 487 -43.27 111.59 -17.96
N ILE J 488 -42.53 112.08 -16.96
CA ILE J 488 -41.53 111.27 -16.30
C ILE J 488 -42.14 110.47 -15.14
N LEU J 489 -43.08 111.07 -14.43
CA LEU J 489 -43.67 110.46 -13.24
C LEU J 489 -45.01 109.77 -13.52
N ILE J 490 -45.37 109.60 -14.79
CA ILE J 490 -46.59 108.87 -15.11
C ILE J 490 -46.44 107.39 -14.71
N ARG J 491 -47.57 106.76 -14.46
CA ARG J 491 -47.58 105.34 -14.08
C ARG J 491 -47.08 104.48 -15.24
N PRO J 492 -46.14 103.57 -14.99
CA PRO J 492 -45.53 102.84 -16.09
C PRO J 492 -46.56 101.99 -16.82
N PRO J 493 -46.41 101.81 -18.13
CA PRO J 493 -47.27 100.87 -18.85
C PRO J 493 -47.03 99.42 -18.44
N ALA J 494 -48.08 98.62 -18.52
CA ALA J 494 -48.03 97.21 -18.14
C ALA J 494 -47.54 96.36 -19.30
N PRO J 495 -46.73 95.34 -19.03
CA PRO J 495 -46.26 94.46 -20.12
C PRO J 495 -47.39 93.65 -20.71
N THR J 496 -47.22 93.28 -21.97
CA THR J 496 -48.15 92.36 -22.62
C THR J 496 -47.98 90.92 -22.14
N ILE J 497 -46.92 90.61 -21.40
CA ILE J 497 -46.71 89.30 -20.78
C ILE J 497 -46.65 89.48 -19.27
N THR J 498 -47.55 88.83 -18.55
CA THR J 498 -47.61 88.88 -17.09
C THR J 498 -47.23 87.53 -16.51
N THR J 499 -46.43 87.55 -15.44
CA THR J 499 -45.99 86.33 -14.76
C THR J 499 -46.39 86.37 -13.29
N VAL J 500 -46.84 85.22 -12.78
CA VAL J 500 -47.21 85.03 -11.39
C VAL J 500 -46.61 83.73 -10.89
N SER J 501 -46.41 83.64 -9.58
CA SER J 501 -45.75 82.48 -8.98
C SER J 501 -46.79 81.52 -8.39
N GLU J 502 -46.50 80.21 -8.50
CA GLU J 502 -47.41 79.14 -8.11
C GLU J 502 -46.70 78.09 -7.28
N ASN J 503 -47.46 77.43 -6.40
CA ASN J 503 -47.00 76.30 -5.63
C ASN J 503 -47.53 75.01 -6.25
N VAL J 504 -46.63 74.08 -6.58
CA VAL J 504 -46.97 72.83 -7.26
C VAL J 504 -46.46 71.68 -6.41
N PRO J 505 -47.30 70.69 -6.08
CA PRO J 505 -46.83 69.57 -5.26
C PRO J 505 -45.72 68.78 -5.95
N ALA J 506 -44.73 68.38 -5.17
CA ALA J 506 -43.51 67.77 -5.67
C ALA J 506 -43.41 66.32 -5.22
N LEU J 507 -43.21 65.43 -6.19
CA LEU J 507 -43.09 63.99 -5.96
C LEU J 507 -41.71 63.56 -6.43
N THR J 508 -40.89 63.06 -5.50
CA THR J 508 -39.47 62.89 -5.77
C THR J 508 -38.98 61.51 -5.34
N ASP J 509 -38.17 60.90 -6.20
CA ASP J 509 -37.47 59.66 -5.89
C ASP J 509 -36.01 59.99 -5.61
N HIS J 510 -35.55 59.69 -4.39
CA HIS J 510 -34.21 60.03 -3.95
C HIS J 510 -33.21 58.87 -4.05
N GLY J 511 -33.62 57.72 -4.56
CA GLY J 511 -32.72 56.57 -4.65
C GLY J 511 -32.59 55.81 -3.35
N THR J 512 -31.58 54.94 -3.31
CA THR J 512 -31.34 54.03 -2.19
C THR J 512 -30.21 54.54 -1.30
N LEU J 513 -30.42 54.53 0.02
CA LEU J 513 -29.44 54.94 1.01
C LEU J 513 -29.26 53.87 2.08
N PRO J 514 -28.06 53.73 2.65
CA PRO J 514 -27.85 52.73 3.70
C PRO J 514 -28.68 52.99 4.95
N LEU J 515 -29.20 51.92 5.52
CA LEU J 515 -30.19 51.94 6.59
C LEU J 515 -29.58 51.40 7.88
N ARG J 516 -29.99 51.96 9.02
CA ARG J 516 -29.55 51.43 10.31
C ARG J 516 -30.21 50.07 10.59
N SER J 517 -29.47 49.20 11.29
CA SER J 517 -29.95 47.85 11.55
C SER J 517 -31.07 47.81 12.58
N SER J 518 -31.12 48.77 13.50
CA SER J 518 -32.16 48.82 14.51
C SER J 518 -32.84 50.18 14.45
N ILE J 519 -34.16 50.17 14.30
CA ILE J 519 -34.95 51.38 14.07
C ILE J 519 -35.89 51.56 15.27
N ARG J 520 -35.82 52.71 15.92
CA ARG J 520 -36.70 53.02 17.04
C ARG J 520 -38.09 53.40 16.55
N GLY J 521 -39.06 53.28 17.45
CA GLY J 521 -40.46 53.49 17.11
C GLY J 521 -40.83 54.94 16.85
N VAL J 522 -40.08 55.90 17.37
CA VAL J 522 -40.35 57.32 17.16
C VAL J 522 -39.22 57.91 16.32
N GLN J 523 -39.57 58.64 15.27
CA GLN J 523 -38.63 59.13 14.27
C GLN J 523 -38.79 60.64 14.08
N ARG J 524 -37.68 61.31 13.80
CA ARG J 524 -37.65 62.74 13.52
C ARG J 524 -37.55 63.01 12.03
N VAL J 525 -38.33 63.98 11.55
CA VAL J 525 -38.35 64.40 10.14
C VAL J 525 -38.09 65.90 10.08
N THR J 526 -37.14 66.32 9.24
CA THR J 526 -36.73 67.73 9.16
C THR J 526 -36.53 68.16 7.71
N VAL J 527 -36.95 69.38 7.40
CA VAL J 527 -36.75 70.02 6.10
C VAL J 527 -36.16 71.41 6.33
N THR J 528 -35.01 71.71 5.72
CA THR J 528 -34.33 72.99 5.89
C THR J 528 -33.91 73.57 4.55
N ASP J 529 -33.66 74.89 4.55
CA ASP J 529 -33.28 75.61 3.34
C ASP J 529 -31.76 75.69 3.20
N ALA J 530 -31.28 76.52 2.28
CA ALA J 530 -29.86 76.58 1.96
C ALA J 530 -29.03 77.13 3.12
N ARG J 531 -29.60 78.02 3.93
CA ARG J 531 -28.93 78.53 5.12
C ARG J 531 -29.18 77.67 6.35
N ARG J 532 -29.82 76.51 6.16
CA ARG J 532 -30.12 75.55 7.23
C ARG J 532 -31.09 76.11 8.27
N ARG J 533 -32.08 76.87 7.82
CA ARG J 533 -33.24 77.23 8.62
C ARG J 533 -34.43 76.36 8.21
N THR J 534 -35.32 76.07 9.15
CA THR J 534 -36.57 75.43 8.79
C THR J 534 -37.46 76.39 8.03
N CYS J 535 -38.34 75.84 7.19
CA CYS J 535 -39.20 76.65 6.35
C CYS J 535 -40.63 76.67 6.88
N PRO J 536 -41.14 77.82 7.32
CA PRO J 536 -42.52 77.87 7.85
C PRO J 536 -43.61 77.71 6.80
N TYR J 537 -43.29 77.63 5.51
CA TYR J 537 -44.32 77.53 4.48
C TYR J 537 -44.55 76.10 3.99
N VAL J 538 -43.92 75.10 4.59
CA VAL J 538 -44.27 73.71 4.35
C VAL J 538 -45.50 73.37 5.17
N TYR J 539 -46.52 72.79 4.53
CA TYR J 539 -47.67 72.33 5.30
C TYR J 539 -48.07 70.88 5.01
N LYS J 540 -47.29 70.15 4.23
CA LYS J 540 -47.53 68.73 4.01
C LYS J 540 -46.22 68.08 3.59
N ALA J 541 -45.82 67.05 4.33
CA ALA J 541 -44.58 66.32 4.03
C ALA J 541 -44.76 64.86 4.45
N LEU J 542 -44.52 63.95 3.51
CA LEU J 542 -44.63 62.51 3.74
C LEU J 542 -43.40 61.79 3.20
N GLY J 543 -43.06 60.68 3.84
CA GLY J 543 -41.99 59.82 3.36
C GLY J 543 -42.40 58.37 3.35
N ILE J 544 -41.89 57.64 2.37
CA ILE J 544 -42.12 56.20 2.22
C ILE J 544 -40.78 55.54 1.94
N VAL J 545 -40.44 54.53 2.73
CA VAL J 545 -39.15 53.85 2.64
C VAL J 545 -39.39 52.37 2.35
N ALA J 546 -38.63 51.80 1.43
CA ALA J 546 -38.71 50.39 1.06
C ALA J 546 -37.36 49.68 1.30
N PRO J 547 -37.19 48.98 2.41
CA PRO J 547 -35.90 48.33 2.68
C PRO J 547 -35.63 47.13 1.78
N ARG J 548 -34.34 46.86 1.57
CA ARG J 548 -33.89 45.66 0.87
C ARG J 548 -32.43 45.39 1.20
N VAL J 549 -31.99 44.16 0.92
CA VAL J 549 -30.63 43.74 1.24
C VAL J 549 -29.65 44.28 0.20
N LEU J 550 -28.53 44.84 0.67
CA LEU J 550 -27.47 45.35 -0.19
C LEU J 550 -26.28 44.39 -0.29
N SER J 551 -25.76 43.91 0.84
CA SER J 551 -24.62 42.99 0.80
C SER J 551 -24.60 42.16 2.07
N SER J 552 -23.72 41.17 2.08
CA SER J 552 -23.60 40.24 3.19
C SER J 552 -22.67 40.77 4.27
N ARG J 553 -22.93 40.34 5.50
CA ARG J 553 -22.11 40.63 6.68
C ARG J 553 -22.12 42.10 7.07
N ARG K 48 -13.11 23.02 -38.49
CA ARG K 48 -12.14 23.81 -39.25
C ARG K 48 -12.44 23.82 -40.74
N ASN K 49 -13.74 23.92 -41.09
CA ASN K 49 -14.12 23.84 -42.50
C ASN K 49 -15.19 24.87 -42.87
N SER K 50 -15.33 25.95 -42.12
CA SER K 50 -16.38 26.92 -42.38
C SER K 50 -15.93 27.96 -43.42
N ILE K 51 -16.92 28.58 -44.07
CA ILE K 51 -16.69 29.59 -45.10
C ILE K 51 -17.58 30.80 -44.76
N ARG K 52 -16.97 31.98 -44.63
CA ARG K 52 -17.65 33.15 -44.08
C ARG K 52 -17.55 34.34 -45.01
N TYR K 53 -18.62 35.15 -45.02
CA TYR K 53 -18.70 36.36 -45.82
C TYR K 53 -18.77 37.57 -44.89
N SER K 54 -17.95 38.58 -45.16
CA SER K 54 -17.71 39.64 -44.18
C SER K 54 -18.94 40.49 -43.88
N GLU K 55 -19.97 40.44 -44.72
CA GLU K 55 -21.16 41.24 -44.44
C GLU K 55 -22.21 40.53 -43.59
N LEU K 56 -21.94 39.29 -43.15
CA LEU K 56 -22.90 38.51 -42.37
C LEU K 56 -22.31 38.16 -41.01
N SER K 57 -23.16 38.16 -39.98
CA SER K 57 -22.75 37.85 -38.62
C SER K 57 -23.96 37.38 -37.81
N PRO K 58 -23.79 36.45 -36.87
CA PRO K 58 -24.94 35.96 -36.10
C PRO K 58 -25.26 36.84 -34.89
N LEU K 59 -26.48 36.68 -34.38
CA LEU K 59 -27.06 37.56 -33.36
C LEU K 59 -27.17 36.87 -32.00
N TYR K 60 -26.95 37.65 -30.94
CA TYR K 60 -26.98 37.14 -29.57
C TYR K 60 -27.60 38.16 -28.61
N ASP K 61 -28.22 37.62 -27.56
CA ASP K 61 -28.60 38.24 -26.28
C ASP K 61 -29.79 39.21 -26.26
N THR K 62 -30.13 39.85 -27.38
CA THR K 62 -31.22 40.81 -27.43
C THR K 62 -31.32 41.39 -28.85
N THR K 63 -32.48 41.93 -29.17
CA THR K 63 -32.78 42.51 -30.48
C THR K 63 -34.07 43.31 -30.36
N ARG K 64 -34.63 43.74 -31.50
CA ARG K 64 -35.92 44.43 -31.54
C ARG K 64 -36.85 43.77 -32.54
N LEU K 65 -38.14 43.76 -32.22
CA LEU K 65 -39.21 43.37 -33.14
C LEU K 65 -40.20 44.52 -33.25
N TYR K 66 -40.60 44.88 -34.48
CA TYR K 66 -41.45 46.03 -34.72
C TYR K 66 -42.82 45.59 -35.26
N LEU K 67 -43.88 46.11 -34.66
CA LEU K 67 -45.27 45.81 -35.04
C LEU K 67 -45.90 47.10 -35.53
N VAL K 68 -45.97 47.27 -36.84
CA VAL K 68 -46.30 48.54 -37.47
C VAL K 68 -47.54 48.36 -38.35
N ASP K 69 -48.44 49.34 -38.28
CA ASP K 69 -49.77 49.22 -38.87
C ASP K 69 -49.90 49.80 -40.28
N ASN K 70 -48.84 50.34 -40.86
CA ASN K 70 -48.97 51.01 -42.17
C ASN K 70 -47.83 50.65 -43.11
N LYS K 71 -47.44 49.39 -43.15
CA LYS K 71 -46.50 48.95 -44.18
C LYS K 71 -47.20 48.88 -45.53
N SER K 72 -46.48 49.29 -46.58
CA SER K 72 -47.12 49.48 -47.89
C SER K 72 -47.65 48.16 -48.46
N ALA K 73 -46.86 47.09 -48.38
CA ALA K 73 -47.28 45.81 -48.94
C ALA K 73 -48.35 45.12 -48.11
N ASP K 74 -48.31 45.28 -46.78
CA ASP K 74 -49.32 44.66 -45.93
C ASP K 74 -50.69 45.29 -46.13
N ILE K 75 -50.74 46.57 -46.49
CA ILE K 75 -52.01 47.24 -46.73
C ILE K 75 -52.77 46.57 -47.86
N ALA K 76 -52.07 46.26 -48.96
CA ALA K 76 -52.73 45.77 -50.15
C ALA K 76 -53.20 44.32 -50.01
N SER K 77 -52.38 43.46 -49.41
CA SER K 77 -52.63 42.03 -49.46
C SER K 77 -53.11 41.39 -48.17
N LEU K 78 -53.14 42.12 -47.06
CA LEU K 78 -53.55 41.49 -45.81
C LEU K 78 -54.79 42.09 -45.17
N ASN K 79 -54.96 43.40 -45.22
CA ASN K 79 -55.87 44.10 -44.33
C ASN K 79 -57.01 44.80 -45.06
N TYR K 80 -57.57 44.14 -46.07
CA TYR K 80 -58.58 44.78 -46.91
C TYR K 80 -59.87 45.06 -46.13
N GLN K 81 -60.24 44.16 -45.21
CA GLN K 81 -61.47 44.30 -44.44
C GLN K 81 -61.24 44.69 -42.98
N ASN K 82 -60.05 45.16 -42.62
CA ASN K 82 -59.68 45.42 -41.24
C ASN K 82 -59.65 46.92 -40.96
N ASP K 83 -59.40 47.27 -39.69
CA ASP K 83 -59.15 48.65 -39.29
C ASP K 83 -58.03 48.67 -38.25
N HIS K 84 -57.66 49.87 -37.79
CA HIS K 84 -56.49 50.02 -36.94
C HIS K 84 -56.67 49.42 -35.55
N SER K 85 -57.87 49.05 -35.16
CA SER K 85 -58.10 48.37 -33.90
C SER K 85 -57.89 46.86 -33.98
N ASN K 86 -57.85 46.28 -35.17
CA ASN K 86 -57.71 44.83 -35.33
C ASN K 86 -57.15 44.53 -36.72
N PHE K 87 -55.84 44.26 -36.81
CA PHE K 87 -55.19 44.16 -38.10
C PHE K 87 -54.07 43.11 -38.04
N LEU K 88 -53.51 42.82 -39.22
CA LEU K 88 -52.39 41.90 -39.37
C LEU K 88 -51.15 42.65 -39.86
N THR K 89 -49.98 42.19 -39.44
CA THR K 89 -48.73 42.81 -39.87
C THR K 89 -47.64 41.77 -39.91
N THR K 90 -46.56 42.09 -40.64
CA THR K 90 -45.42 41.20 -40.78
C THR K 90 -44.25 41.70 -39.95
N VAL K 91 -43.66 40.79 -39.16
CA VAL K 91 -42.47 41.14 -38.39
C VAL K 91 -41.18 40.88 -39.15
N VAL K 92 -41.25 40.29 -40.33
CA VAL K 92 -40.09 40.10 -41.21
C VAL K 92 -39.87 41.39 -41.98
N GLN K 93 -38.69 41.99 -41.84
CA GLN K 93 -38.38 43.29 -42.45
C GLN K 93 -37.45 43.14 -43.66
N ASN K 94 -37.64 42.12 -44.49
CA ASN K 94 -36.76 41.79 -45.61
C ASN K 94 -37.61 41.82 -46.88
N ASN K 95 -37.34 42.80 -47.75
CA ASN K 95 -38.19 43.02 -48.92
C ASN K 95 -37.86 42.08 -50.09
N ASP K 96 -37.03 41.06 -49.89
CA ASP K 96 -36.88 40.01 -50.89
C ASP K 96 -38.11 39.11 -50.97
N PHE K 97 -39.05 39.24 -50.04
CA PHE K 97 -40.23 38.38 -49.97
C PHE K 97 -41.49 39.23 -49.84
N THR K 98 -42.59 38.70 -50.38
CA THR K 98 -43.90 39.28 -50.16
C THR K 98 -44.45 38.86 -48.80
N PRO K 99 -45.44 39.59 -48.28
CA PRO K 99 -46.01 39.19 -46.98
C PRO K 99 -46.60 37.78 -46.97
N THR K 100 -47.18 37.34 -48.08
CA THR K 100 -47.69 35.98 -48.16
C THR K 100 -46.56 34.96 -48.00
N GLU K 101 -45.44 35.17 -48.68
CA GLU K 101 -44.28 34.30 -48.51
C GLU K 101 -43.74 34.39 -47.09
N ALA K 102 -43.72 35.59 -46.51
CA ALA K 102 -43.18 35.77 -45.17
C ALA K 102 -44.00 35.03 -44.11
N SER K 103 -45.27 34.77 -44.38
CA SER K 103 -46.14 34.18 -43.37
C SER K 103 -45.68 32.79 -42.95
N THR K 104 -44.97 32.07 -43.83
CA THR K 104 -44.49 30.74 -43.50
C THR K 104 -43.11 30.72 -42.85
N GLN K 105 -42.41 31.86 -42.79
CA GLN K 105 -41.09 31.91 -42.17
C GLN K 105 -41.21 32.07 -40.65
N THR K 106 -40.13 31.79 -39.94
CA THR K 106 -40.12 31.88 -38.49
C THR K 106 -38.85 32.56 -37.98
N ILE K 107 -38.95 33.07 -36.75
CA ILE K 107 -37.81 33.55 -35.97
C ILE K 107 -37.72 32.69 -34.72
N ASN K 108 -36.53 32.16 -34.45
CA ASN K 108 -36.36 31.15 -33.41
C ASN K 108 -35.40 31.62 -32.33
N PHE K 109 -35.87 31.61 -31.08
CA PHE K 109 -35.07 31.94 -29.91
C PHE K 109 -34.63 30.63 -29.25
N ASP K 110 -33.36 30.57 -28.84
CA ASP K 110 -32.75 29.30 -28.46
C ASP K 110 -33.57 28.54 -27.44
N GLU K 111 -33.88 27.28 -27.75
CA GLU K 111 -34.81 26.48 -26.97
C GLU K 111 -34.24 26.02 -25.62
N ARG K 112 -32.95 26.21 -25.39
CA ARG K 112 -32.36 25.89 -24.10
C ARG K 112 -32.54 27.00 -23.07
N SER K 113 -33.24 28.08 -23.41
CA SER K 113 -33.58 29.15 -22.47
C SER K 113 -35.07 29.46 -22.56
N ARG K 114 -35.60 30.06 -21.51
CA ARG K 114 -36.92 30.66 -21.54
C ARG K 114 -36.76 32.17 -21.72
N TRP K 115 -37.55 32.74 -22.62
CA TRP K 115 -37.37 34.12 -23.05
C TRP K 115 -38.56 34.98 -22.62
N GLY K 116 -38.27 36.27 -22.36
CA GLY K 116 -39.31 37.23 -22.12
C GLY K 116 -39.14 38.45 -23.00
N GLY K 117 -40.21 39.23 -23.10
CA GLY K 117 -40.20 40.40 -23.94
C GLY K 117 -40.76 41.66 -23.29
N GLN K 118 -39.97 42.72 -23.27
CA GLN K 118 -40.43 43.99 -22.74
C GLN K 118 -41.20 44.75 -23.82
N LEU K 119 -42.42 45.18 -23.49
CA LEU K 119 -43.35 45.74 -24.46
C LEU K 119 -43.61 47.22 -24.22
N LYS K 120 -43.48 48.02 -25.28
CA LYS K 120 -43.84 49.43 -25.27
C LYS K 120 -44.82 49.70 -26.40
N THR K 121 -45.82 50.54 -26.15
CA THR K 121 -46.86 50.82 -27.14
C THR K 121 -47.04 52.32 -27.32
N ILE K 122 -47.54 52.69 -28.49
CA ILE K 122 -47.91 54.06 -28.84
C ILE K 122 -49.31 54.03 -29.45
N MET K 123 -50.22 54.86 -28.94
CA MET K 123 -51.60 54.87 -29.38
C MET K 123 -52.13 56.29 -29.52
N HIS K 124 -52.95 56.54 -30.54
CA HIS K 124 -53.60 57.83 -30.71
C HIS K 124 -55.04 57.64 -31.19
N THR K 125 -55.95 58.45 -30.66
CA THR K 125 -57.38 58.32 -30.92
C THR K 125 -57.97 59.64 -31.41
N ASN K 126 -59.17 59.57 -31.97
CA ASN K 126 -59.91 60.76 -32.42
C ASN K 126 -61.40 60.66 -32.06
N MET K 127 -61.71 60.28 -30.82
CA MET K 127 -63.09 60.07 -30.38
C MET K 127 -63.77 61.40 -30.03
N PRO K 128 -64.96 61.67 -30.55
CA PRO K 128 -65.77 62.80 -30.06
C PRO K 128 -66.62 62.39 -28.85
N ASN K 129 -66.96 63.40 -28.04
CA ASN K 129 -67.56 63.08 -26.74
C ASN K 129 -69.05 62.69 -26.83
N VAL K 130 -69.77 63.11 -27.86
CA VAL K 130 -71.17 62.72 -28.03
C VAL K 130 -71.26 61.85 -29.28
N ASN K 131 -71.51 60.55 -29.09
CA ASN K 131 -71.54 59.62 -30.20
C ASN K 131 -72.39 58.41 -29.83
N GLU K 132 -72.80 57.66 -30.85
CA GLU K 132 -73.70 56.53 -30.67
C GLU K 132 -73.01 55.31 -30.08
N TYR K 133 -71.76 55.06 -30.46
CA TYR K 133 -71.09 53.82 -30.08
C TYR K 133 -70.89 53.72 -28.58
N MET K 134 -70.72 54.85 -27.90
CA MET K 134 -70.45 54.86 -26.46
C MET K 134 -71.68 55.20 -25.63
N PHE K 135 -72.87 55.21 -26.23
CA PHE K 135 -74.13 55.43 -25.51
C PHE K 135 -74.22 56.81 -24.85
N SER K 136 -73.55 57.80 -25.41
CA SER K 136 -73.67 59.17 -24.96
C SER K 136 -74.55 60.01 -25.88
N ASN K 137 -75.45 59.34 -26.61
CA ASN K 137 -76.23 59.94 -27.67
C ASN K 137 -77.70 60.08 -27.34
N LYS K 138 -78.18 59.45 -26.27
CA LYS K 138 -79.62 59.28 -26.08
C LYS K 138 -79.96 59.22 -24.60
N PHE K 139 -81.22 59.51 -24.30
CA PHE K 139 -81.80 59.38 -22.97
C PHE K 139 -83.32 59.23 -23.11
N LYS K 140 -83.98 58.87 -22.03
CA LYS K 140 -85.43 58.67 -22.01
C LYS K 140 -86.08 59.62 -21.02
N ALA K 141 -87.30 60.05 -21.33
CA ALA K 141 -88.06 60.95 -20.48
C ALA K 141 -89.55 60.75 -20.69
N ARG K 142 -90.34 61.21 -19.71
CA ARG K 142 -91.80 61.12 -19.75
C ARG K 142 -92.39 62.52 -19.77
N VAL K 143 -93.14 62.83 -20.82
CA VAL K 143 -93.71 64.16 -21.02
C VAL K 143 -95.22 64.02 -21.27
N MET K 144 -95.89 65.17 -21.38
CA MET K 144 -97.33 65.22 -21.55
C MET K 144 -97.70 65.25 -23.03
N VAL K 145 -98.59 64.35 -23.43
CA VAL K 145 -98.97 64.23 -24.83
C VAL K 145 -100.33 64.86 -25.12
N SER K 146 -101.25 64.89 -24.17
CA SER K 146 -102.58 65.45 -24.41
C SER K 146 -103.11 66.08 -23.13
N ARG K 147 -103.65 67.29 -23.27
CA ARG K 147 -104.53 67.86 -22.27
C ARG K 147 -105.96 67.47 -22.66
N LYS K 148 -106.96 68.06 -22.01
CA LYS K 148 -108.35 67.74 -22.34
C LYS K 148 -108.72 68.23 -23.72
N ASP K 171 -110.10 68.72 -16.48
CA ASP K 171 -109.11 68.38 -17.50
C ASP K 171 -108.44 67.05 -17.19
N ILE K 172 -108.30 66.20 -18.21
CA ILE K 172 -107.61 64.91 -18.09
C ILE K 172 -106.30 65.01 -18.86
N LEU K 173 -105.21 64.59 -18.21
CA LEU K 173 -103.86 64.74 -18.75
C LEU K 173 -103.27 63.37 -19.01
N LYS K 174 -102.62 63.21 -20.17
CA LYS K 174 -102.01 61.95 -20.57
C LYS K 174 -100.52 62.14 -20.76
N TYR K 175 -99.75 61.15 -20.32
CA TYR K 175 -98.29 61.18 -20.39
C TYR K 175 -97.78 59.91 -21.04
N GLU K 176 -96.57 59.97 -21.59
CA GLU K 176 -95.97 58.83 -22.28
C GLU K 176 -94.46 58.95 -22.26
N TRP K 177 -93.80 57.79 -22.36
CA TRP K 177 -92.34 57.71 -22.42
C TRP K 177 -91.85 57.77 -23.86
N PHE K 178 -90.71 58.42 -24.07
CA PHE K 178 -90.06 58.49 -25.38
C PHE K 178 -88.56 58.37 -25.20
N GLU K 179 -87.86 58.08 -26.29
CA GLU K 179 -86.41 58.11 -26.33
C GLU K 179 -85.96 59.24 -27.25
N PHE K 180 -85.02 60.05 -26.78
CA PHE K 180 -84.59 61.26 -27.48
C PHE K 180 -83.16 61.08 -27.97
N ILE K 181 -82.87 61.61 -29.17
CA ILE K 181 -81.59 61.42 -29.84
C ILE K 181 -80.98 62.77 -30.15
N LEU K 182 -79.68 62.93 -29.84
CA LEU K 182 -78.85 64.09 -30.13
C LEU K 182 -77.99 63.83 -31.37
N PRO K 183 -77.60 64.87 -32.11
CA PRO K 183 -76.64 64.68 -33.19
C PRO K 183 -75.21 64.62 -32.68
N GLU K 184 -74.35 63.92 -33.44
CA GLU K 184 -73.01 63.60 -32.98
C GLU K 184 -72.02 64.74 -33.22
N GLY K 185 -71.01 64.81 -32.36
CA GLY K 185 -70.02 65.85 -32.42
C GLY K 185 -69.27 65.95 -31.11
N ASN K 186 -68.35 66.91 -31.07
CA ASN K 186 -67.50 67.15 -29.90
C ASN K 186 -67.88 68.51 -29.31
N PHE K 187 -68.62 68.49 -28.21
CA PHE K 187 -69.25 69.69 -27.66
C PHE K 187 -68.83 69.94 -26.22
N SER K 188 -68.89 71.19 -25.81
CA SER K 188 -68.71 71.52 -24.40
C SER K 188 -69.95 71.14 -23.60
N ALA K 189 -69.83 71.22 -22.28
CA ALA K 189 -70.91 70.79 -21.40
C ALA K 189 -72.14 71.70 -21.54
N THR K 190 -71.93 73.01 -21.63
CA THR K 190 -73.07 73.92 -21.81
C THR K 190 -73.77 73.68 -23.14
N MET K 191 -73.00 73.50 -24.21
CA MET K 191 -73.60 73.24 -25.51
C MET K 191 -74.35 71.92 -25.53
N THR K 192 -73.89 70.92 -24.78
CA THR K 192 -74.59 69.65 -24.70
C THR K 192 -75.96 69.82 -24.04
N ILE K 193 -76.03 70.62 -22.97
CA ILE K 193 -77.29 70.84 -22.27
C ILE K 193 -78.29 71.58 -23.16
N ASP K 194 -77.82 72.49 -24.01
CA ASP K 194 -78.71 73.14 -24.96
C ASP K 194 -79.33 72.13 -25.92
N LEU K 195 -78.54 71.14 -26.37
CA LEU K 195 -79.07 70.15 -27.30
C LEU K 195 -80.11 69.26 -26.65
N MET K 196 -79.95 68.94 -25.37
CA MET K 196 -80.95 68.13 -24.67
C MET K 196 -82.26 68.87 -24.52
N ASN K 197 -82.22 70.17 -24.19
CA ASN K 197 -83.45 70.96 -24.15
C ASN K 197 -84.11 71.04 -25.52
N ASN K 198 -83.30 71.21 -26.57
CA ASN K 198 -83.84 71.29 -27.92
C ASN K 198 -84.54 70.00 -28.34
N ALA K 199 -84.04 68.86 -27.89
CA ALA K 199 -84.69 67.58 -28.20
C ALA K 199 -86.07 67.49 -27.55
N ILE K 200 -86.21 67.97 -26.31
CA ILE K 200 -87.50 67.95 -25.64
C ILE K 200 -88.51 68.80 -26.39
N ILE K 201 -88.08 70.00 -26.83
CA ILE K 201 -89.00 70.93 -27.47
C ILE K 201 -89.46 70.42 -28.82
N ASP K 202 -88.58 69.76 -29.58
CA ASP K 202 -88.97 69.20 -30.87
C ASP K 202 -90.04 68.13 -30.73
N ASN K 203 -90.12 67.46 -29.57
CA ASN K 203 -91.22 66.55 -29.31
C ASN K 203 -92.52 67.29 -29.02
N TYR K 204 -92.42 68.47 -28.41
CA TYR K 204 -93.61 69.27 -28.13
C TYR K 204 -94.16 69.94 -29.39
N LEU K 205 -93.34 70.07 -30.44
CA LEU K 205 -93.82 70.67 -31.68
C LEU K 205 -94.40 69.64 -32.65
N GLU K 206 -94.01 68.37 -32.52
CA GLU K 206 -94.50 67.31 -33.39
C GLU K 206 -95.72 66.61 -32.84
N ILE K 207 -95.73 66.38 -31.52
CA ILE K 207 -96.87 65.87 -30.78
C ILE K 207 -97.17 66.99 -29.79
N GLY K 208 -98.15 66.81 -28.92
CA GLY K 208 -98.28 67.82 -27.90
C GLY K 208 -99.05 69.03 -28.39
N ARG K 209 -98.30 70.06 -28.82
CA ARG K 209 -98.87 71.34 -29.24
C ARG K 209 -100.15 71.19 -30.06
N GLN K 210 -100.18 70.24 -31.00
CA GLN K 210 -101.38 70.03 -31.81
C GLN K 210 -102.45 69.25 -31.08
N ASN K 211 -102.23 68.84 -29.83
CA ASN K 211 -103.22 68.13 -29.04
C ASN K 211 -103.58 68.86 -27.76
N GLY K 212 -103.38 70.18 -27.72
CA GLY K 212 -103.93 71.00 -26.67
C GLY K 212 -103.03 71.32 -25.48
N VAL K 213 -101.76 70.96 -25.52
CA VAL K 213 -100.85 71.32 -24.44
C VAL K 213 -100.30 72.71 -24.71
N LEU K 214 -100.15 73.48 -23.65
CA LEU K 214 -99.66 74.86 -23.77
C LEU K 214 -98.16 74.92 -23.51
N GLU K 215 -97.56 76.04 -23.89
CA GLU K 215 -96.15 76.24 -23.60
C GLU K 215 -96.01 76.76 -22.17
N SER K 216 -96.70 76.11 -21.23
CA SER K 216 -96.51 76.33 -19.81
C SER K 216 -96.65 75.03 -19.04
N ASP K 217 -96.76 73.90 -19.73
CA ASP K 217 -96.84 72.58 -19.11
C ASP K 217 -95.83 71.61 -19.71
N ILE K 218 -94.70 72.11 -20.22
CA ILE K 218 -93.70 71.26 -20.88
C ILE K 218 -93.27 70.14 -19.94
N GLY K 219 -92.68 70.49 -18.81
CA GLY K 219 -92.51 69.52 -17.74
C GLY K 219 -91.13 68.91 -17.55
N VAL K 220 -90.20 69.12 -18.48
CA VAL K 220 -88.82 68.64 -18.32
C VAL K 220 -87.88 69.72 -18.84
N LYS K 221 -86.97 70.20 -17.98
CA LYS K 221 -85.98 71.18 -18.40
C LYS K 221 -84.68 70.95 -17.63
N PHE K 222 -83.55 71.18 -18.31
CA PHE K 222 -82.23 71.09 -17.71
C PHE K 222 -81.67 72.49 -17.49
N ASP K 223 -81.32 72.80 -16.25
CA ASP K 223 -80.93 74.16 -15.88
C ASP K 223 -79.59 74.14 -15.12
N THR K 224 -79.14 75.33 -14.72
CA THR K 224 -77.92 75.48 -13.93
C THR K 224 -78.05 76.39 -12.73
N ARG K 225 -79.23 76.99 -12.48
CA ARG K 225 -79.36 78.05 -11.51
C ARG K 225 -79.68 77.52 -10.12
N ASN K 226 -79.41 78.36 -9.12
CA ASN K 226 -79.81 78.09 -7.74
C ASN K 226 -81.07 78.92 -7.47
N PHE K 227 -82.22 78.29 -7.67
CA PHE K 227 -83.46 78.95 -7.31
C PHE K 227 -83.52 79.13 -5.79
N ARG K 228 -84.33 80.09 -5.35
CA ARG K 228 -84.48 80.50 -3.96
C ARG K 228 -83.24 81.16 -3.37
N LEU K 229 -82.35 81.70 -4.20
CA LEU K 229 -81.20 82.43 -3.68
C LEU K 229 -81.63 83.69 -2.93
N GLY K 230 -82.44 84.54 -3.55
CA GLY K 230 -82.85 85.78 -2.93
C GLY K 230 -84.10 85.67 -2.07
N TRP K 231 -84.31 84.49 -1.49
CA TRP K 231 -85.51 84.19 -0.71
C TRP K 231 -85.50 84.98 0.60
N ASP K 232 -86.71 85.37 1.04
CA ASP K 232 -86.87 86.14 2.26
C ASP K 232 -87.62 85.33 3.30
N PRO K 233 -87.11 85.26 4.53
CA PRO K 233 -87.72 84.36 5.52
C PRO K 233 -89.07 84.81 6.02
N GLU K 234 -89.45 86.08 5.83
CA GLU K 234 -90.74 86.56 6.29
C GLU K 234 -91.81 86.45 5.20
N THR K 235 -91.57 87.08 4.06
CA THR K 235 -92.53 87.04 2.96
C THR K 235 -92.51 85.71 2.21
N LYS K 236 -91.43 84.94 2.33
CA LYS K 236 -91.28 83.64 1.68
C LYS K 236 -91.47 83.73 0.16
N LEU K 237 -90.93 84.79 -0.43
CA LEU K 237 -90.95 84.96 -1.88
C LEU K 237 -89.61 85.52 -2.32
N ILE K 238 -89.31 85.38 -3.60
CA ILE K 238 -88.06 85.89 -4.18
C ILE K 238 -88.24 87.39 -4.36
N MET K 239 -87.70 88.17 -3.43
CA MET K 239 -87.96 89.62 -3.42
C MET K 239 -87.53 90.35 -4.69
N PRO K 240 -86.38 90.08 -5.32
CA PRO K 240 -86.02 90.84 -6.52
C PRO K 240 -87.00 90.71 -7.68
N GLY K 241 -87.84 89.68 -7.69
CA GLY K 241 -88.74 89.46 -8.80
C GLY K 241 -88.18 88.67 -9.96
N VAL K 242 -86.87 88.37 -9.94
CA VAL K 242 -86.25 87.50 -10.93
C VAL K 242 -85.27 86.58 -10.19
N TYR K 243 -85.21 85.33 -10.62
CA TYR K 243 -84.23 84.40 -10.06
C TYR K 243 -82.82 84.83 -10.43
N THR K 244 -81.88 84.57 -9.51
CA THR K 244 -80.49 84.96 -9.74
C THR K 244 -79.93 84.24 -10.95
N TYR K 245 -79.33 85.00 -11.86
CA TYR K 245 -78.89 84.48 -13.15
C TYR K 245 -77.42 84.08 -13.13
N GLU K 246 -77.08 83.15 -12.23
CA GLU K 246 -75.71 82.65 -12.08
C GLU K 246 -75.72 81.13 -12.10
N ALA K 247 -74.64 80.55 -12.65
CA ALA K 247 -74.52 79.11 -12.79
C ALA K 247 -73.87 78.51 -11.55
N PHE K 248 -74.47 77.45 -11.03
CA PHE K 248 -73.96 76.75 -9.85
C PHE K 248 -73.59 75.31 -10.11
N HIS K 249 -74.49 74.53 -10.70
CA HIS K 249 -74.35 73.10 -10.97
C HIS K 249 -75.52 72.67 -11.84
N PRO K 250 -75.31 71.77 -12.80
CA PRO K 250 -76.43 71.32 -13.64
C PRO K 250 -77.54 70.68 -12.83
N ASP K 251 -78.78 70.89 -13.28
CA ASP K 251 -79.97 70.60 -12.48
C ASP K 251 -81.08 70.10 -13.38
N ILE K 252 -82.04 69.41 -12.77
CA ILE K 252 -83.22 68.86 -13.44
C ILE K 252 -84.47 69.46 -12.81
N VAL K 253 -85.36 70.00 -13.64
CA VAL K 253 -86.60 70.64 -13.18
C VAL K 253 -87.79 69.87 -13.76
N LEU K 254 -88.74 69.51 -12.89
CA LEU K 254 -89.85 68.64 -13.26
C LEU K 254 -91.20 69.22 -12.82
N LEU K 255 -92.24 68.87 -13.59
CA LEU K 255 -93.66 69.07 -13.32
C LEU K 255 -94.31 67.75 -12.93
N PRO K 256 -95.47 67.78 -12.28
CA PRO K 256 -96.10 66.51 -11.85
C PRO K 256 -96.38 65.60 -13.01
N GLY K 257 -96.17 64.30 -12.80
CA GLY K 257 -96.38 63.30 -13.82
C GLY K 257 -95.22 63.03 -14.75
N CYS K 258 -94.11 63.75 -14.62
CA CYS K 258 -92.97 63.62 -15.53
C CYS K 258 -91.79 62.94 -14.83
N GLY K 259 -90.74 62.69 -15.61
CA GLY K 259 -89.53 62.07 -15.08
C GLY K 259 -88.53 61.80 -16.17
N VAL K 260 -87.31 61.45 -15.76
CA VAL K 260 -86.23 61.09 -16.66
C VAL K 260 -85.63 59.76 -16.22
N ASP K 261 -85.06 59.03 -17.17
CA ASP K 261 -84.51 57.70 -16.92
C ASP K 261 -83.17 57.56 -17.61
N PHE K 262 -82.11 57.29 -16.84
CA PHE K 262 -80.75 57.21 -17.37
C PHE K 262 -80.20 55.79 -17.35
N THR K 263 -81.06 54.77 -17.41
CA THR K 263 -80.60 53.40 -17.33
C THR K 263 -79.66 53.04 -18.47
N GLU K 264 -79.96 53.53 -19.67
CA GLU K 264 -79.18 53.18 -20.85
C GLU K 264 -78.51 54.41 -21.45
N SER K 265 -77.87 55.22 -20.59
CA SER K 265 -77.29 56.48 -21.01
C SER K 265 -76.12 56.83 -20.12
N ARG K 266 -75.13 57.52 -20.69
CA ARG K 266 -73.98 57.99 -19.93
C ARG K 266 -74.01 59.50 -19.71
N LEU K 267 -75.13 60.16 -20.01
CA LEU K 267 -75.23 61.60 -19.87
C LEU K 267 -75.43 62.03 -18.41
N SER K 268 -75.71 61.12 -17.49
CA SER K 268 -75.76 61.48 -16.09
C SER K 268 -74.38 61.83 -15.53
N ASN K 269 -73.31 61.29 -16.10
CA ASN K 269 -71.96 61.67 -15.68
C ASN K 269 -71.64 63.11 -16.07
N LEU K 270 -72.11 63.54 -17.25
CA LEU K 270 -71.89 64.92 -17.66
C LEU K 270 -72.70 65.90 -16.80
N LEU K 271 -73.83 65.46 -16.26
CA LEU K 271 -74.62 66.31 -15.38
C LEU K 271 -74.10 66.37 -13.96
N GLY K 272 -73.20 65.47 -13.57
CA GLY K 272 -72.74 65.44 -12.20
C GLY K 272 -73.72 64.93 -11.19
N ILE K 273 -74.58 63.99 -11.58
CA ILE K 273 -75.53 63.34 -10.68
C ILE K 273 -75.31 61.83 -10.76
N ARG K 274 -74.99 61.22 -9.62
CA ARG K 274 -74.65 59.80 -9.57
C ARG K 274 -75.36 59.12 -8.41
N LYS K 275 -75.39 57.80 -8.44
CA LYS K 275 -76.02 56.99 -7.41
C LYS K 275 -75.02 56.58 -6.33
N ARG K 276 -75.46 56.58 -5.08
CA ARG K 276 -74.62 56.13 -3.98
C ARG K 276 -74.40 54.62 -3.97
N HIS K 277 -75.23 53.87 -4.70
CA HIS K 277 -75.06 52.43 -4.88
C HIS K 277 -74.93 52.18 -6.38
N PRO K 278 -73.74 52.40 -6.94
CA PRO K 278 -73.60 52.43 -8.41
C PRO K 278 -73.70 51.07 -9.07
N PHE K 279 -73.69 49.97 -8.32
CA PHE K 279 -73.79 48.65 -8.92
C PHE K 279 -75.22 48.11 -8.96
N GLN K 280 -76.20 48.88 -8.50
CA GLN K 280 -77.61 48.48 -8.60
C GLN K 280 -78.20 49.01 -9.90
N GLU K 281 -78.76 48.11 -10.71
CA GLU K 281 -79.26 48.50 -12.02
C GLU K 281 -80.46 49.42 -11.92
N GLY K 282 -80.55 50.36 -12.85
CA GLY K 282 -81.69 51.26 -12.93
C GLY K 282 -81.46 52.62 -12.32
N PHE K 283 -81.76 53.69 -13.07
CA PHE K 283 -81.56 55.06 -12.60
C PHE K 283 -82.72 55.90 -13.13
N LYS K 284 -83.75 56.08 -12.31
CA LYS K 284 -84.92 56.88 -12.67
C LYS K 284 -85.18 57.92 -11.60
N ILE K 285 -85.52 59.13 -12.03
CA ILE K 285 -85.87 60.23 -11.13
C ILE K 285 -87.22 60.78 -11.55
N MET K 286 -88.22 60.64 -10.69
CA MET K 286 -89.58 61.07 -10.97
C MET K 286 -89.97 62.26 -10.08
N TYR K 287 -91.12 62.86 -10.39
CA TYR K 287 -91.57 64.03 -9.64
C TYR K 287 -91.81 63.71 -8.18
N GLU K 288 -92.23 62.49 -7.87
CA GLU K 288 -92.49 62.10 -6.49
C GLU K 288 -91.22 61.92 -5.67
N ASP K 289 -90.07 61.78 -6.31
CA ASP K 289 -88.82 61.61 -5.58
C ASP K 289 -88.16 62.93 -5.18
N LEU K 290 -88.65 64.06 -5.68
CA LEU K 290 -88.06 65.37 -5.43
C LEU K 290 -88.78 66.14 -4.34
N GLU K 291 -89.29 65.45 -3.32
CA GLU K 291 -90.04 66.12 -2.26
C GLU K 291 -89.17 67.16 -1.55
N GLY K 292 -89.78 68.30 -1.23
CA GLY K 292 -89.08 69.39 -0.58
C GLY K 292 -88.36 70.33 -1.52
N GLY K 293 -88.41 70.10 -2.83
CA GLY K 293 -87.66 70.89 -3.76
C GLY K 293 -88.49 71.83 -4.62
N ASN K 294 -89.67 72.22 -4.15
CA ASN K 294 -90.51 73.13 -4.91
C ASN K 294 -89.84 74.49 -5.05
N ILE K 295 -89.95 75.06 -6.24
CA ILE K 295 -89.33 76.35 -6.55
C ILE K 295 -90.22 77.47 -6.01
N PRO K 296 -89.70 78.34 -5.14
CA PRO K 296 -90.55 79.42 -4.60
C PRO K 296 -91.02 80.37 -5.68
N ALA K 297 -92.26 80.84 -5.53
CA ALA K 297 -92.88 81.71 -6.52
C ALA K 297 -92.31 83.12 -6.45
N LEU K 298 -92.41 83.83 -7.57
CA LEU K 298 -92.06 85.24 -7.69
C LEU K 298 -90.81 85.64 -6.95
N ILE K 364 -97.68 92.67 -1.78
CA ILE K 364 -97.17 91.39 -1.30
C ILE K 364 -97.98 90.23 -1.85
N GLN K 365 -97.88 89.99 -3.16
CA GLN K 365 -98.57 88.88 -3.79
C GLN K 365 -97.68 88.28 -4.86
N PRO K 366 -97.73 86.97 -5.08
CA PRO K 366 -96.89 86.36 -6.11
C PRO K 366 -97.36 86.73 -7.50
N LEU K 367 -96.42 86.82 -8.43
CA LEU K 367 -96.75 86.98 -9.83
C LEU K 367 -97.31 85.66 -10.36
N GLU K 368 -98.43 85.73 -11.07
CA GLU K 368 -99.12 84.53 -11.52
C GLU K 368 -98.97 84.24 -13.01
N LYS K 369 -98.39 85.15 -13.78
CA LYS K 369 -98.27 84.95 -15.22
C LYS K 369 -97.09 85.75 -15.73
N ASP K 370 -96.65 85.40 -16.94
CA ASP K 370 -95.48 86.00 -17.56
C ASP K 370 -95.89 87.20 -18.43
N SER K 371 -94.94 87.79 -19.14
CA SER K 371 -95.21 88.97 -19.95
C SER K 371 -96.19 88.67 -21.07
N LYS K 372 -96.03 87.52 -21.73
CA LYS K 372 -96.88 87.14 -22.85
C LYS K 372 -98.02 86.22 -22.42
N SER K 373 -98.49 86.36 -21.18
CA SER K 373 -99.60 85.59 -20.65
C SER K 373 -99.31 84.09 -20.70
N ARG K 374 -98.29 83.69 -19.96
CA ARG K 374 -97.99 82.28 -19.72
C ARG K 374 -98.07 82.00 -18.23
N SER K 375 -98.78 80.94 -17.87
CA SER K 375 -98.96 80.59 -16.46
C SER K 375 -97.64 80.16 -15.84
N TYR K 376 -97.35 80.67 -14.65
CA TYR K 376 -96.24 80.19 -13.85
C TYR K 376 -96.60 78.98 -12.99
N ASN K 377 -97.84 78.49 -13.07
CA ASN K 377 -98.29 77.32 -12.32
C ASN K 377 -98.21 77.54 -10.81
N VAL K 378 -98.58 78.72 -10.35
CA VAL K 378 -98.61 78.99 -8.92
C VAL K 378 -99.71 78.16 -8.27
N LEU K 379 -99.47 77.74 -7.03
CA LEU K 379 -100.36 76.85 -6.30
C LEU K 379 -101.09 77.62 -5.20
N GLU K 380 -101.85 76.88 -4.40
CA GLU K 380 -102.48 77.46 -3.23
C GLU K 380 -101.41 77.84 -2.20
N ASP K 381 -101.81 78.72 -1.27
CA ASP K 381 -100.95 79.34 -0.26
C ASP K 381 -100.04 80.39 -0.87
N LYS K 382 -100.03 80.49 -2.20
CA LYS K 382 -99.44 81.63 -2.91
C LYS K 382 -98.00 81.89 -2.51
N ILE K 383 -97.24 80.83 -2.25
CA ILE K 383 -95.81 80.94 -1.97
C ILE K 383 -94.97 80.06 -2.90
N ASN K 384 -95.38 78.82 -3.10
CA ASN K 384 -94.59 77.88 -3.89
C ASN K 384 -95.26 77.58 -5.22
N THR K 385 -94.44 77.07 -6.14
CA THR K 385 -94.85 76.73 -7.50
C THR K 385 -94.78 75.21 -7.69
N ALA K 386 -95.53 74.71 -8.67
CA ALA K 386 -95.57 73.28 -8.93
C ALA K 386 -94.24 72.72 -9.42
N TYR K 387 -93.34 73.55 -9.93
CA TYR K 387 -92.04 73.06 -10.40
C TYR K 387 -91.20 72.57 -9.23
N ARG K 388 -90.51 71.45 -9.44
CA ARG K 388 -89.55 70.91 -8.48
C ARG K 388 -88.19 70.74 -9.16
N SER K 389 -87.12 70.84 -8.38
CA SER K 389 -85.77 70.71 -8.93
C SER K 389 -84.91 69.82 -8.04
N TRP K 390 -84.02 69.07 -8.68
CA TRP K 390 -83.14 68.15 -7.96
C TRP K 390 -82.20 68.89 -7.01
N TYR K 391 -81.66 70.03 -7.45
CA TYR K 391 -80.68 70.74 -6.64
C TYR K 391 -81.30 71.29 -5.35
N LEU K 392 -82.51 71.84 -5.45
CA LEU K 392 -83.17 72.36 -4.25
C LEU K 392 -83.49 71.24 -3.27
N SER K 393 -83.94 70.09 -3.77
CA SER K 393 -84.24 68.97 -2.90
C SER K 393 -82.98 68.38 -2.27
N TYR K 394 -81.87 68.35 -3.02
CA TYR K 394 -80.62 67.82 -2.47
C TYR K 394 -80.08 68.70 -1.35
N ASN K 395 -80.17 70.01 -1.51
CA ASN K 395 -79.52 70.92 -0.57
C ASN K 395 -80.45 71.42 0.55
N TYR K 396 -81.76 71.53 0.30
CA TYR K 396 -82.66 72.10 1.28
C TYR K 396 -83.73 71.14 1.79
N GLY K 397 -83.91 69.99 1.16
CA GLY K 397 -84.91 69.04 1.56
C GLY K 397 -84.49 68.24 2.79
N ASN K 398 -85.26 67.19 3.07
CA ASN K 398 -85.01 66.34 4.23
C ASN K 398 -83.77 65.49 4.00
N PRO K 399 -82.75 65.55 4.85
CA PRO K 399 -81.52 64.80 4.60
C PRO K 399 -81.71 63.28 4.56
N GLU K 400 -82.68 62.75 5.30
CA GLU K 400 -82.81 61.30 5.46
C GLU K 400 -84.00 60.72 4.70
N LYS K 401 -84.73 61.53 3.94
CA LYS K 401 -85.86 61.04 3.16
C LYS K 401 -85.90 61.56 1.74
N GLY K 402 -85.26 62.68 1.42
CA GLY K 402 -85.30 63.23 0.08
C GLY K 402 -84.30 62.55 -0.85
N ILE K 403 -84.06 63.22 -1.98
CA ILE K 403 -83.19 62.67 -3.01
C ILE K 403 -81.75 62.55 -2.53
N ARG K 404 -81.37 63.25 -1.48
CA ARG K 404 -80.01 63.21 -0.95
C ARG K 404 -79.65 61.88 -0.31
N SER K 405 -80.63 61.06 0.02
CA SER K 405 -80.35 59.80 0.70
C SER K 405 -79.82 58.73 -0.23
N TRP K 406 -80.06 58.84 -1.54
CA TRP K 406 -79.57 57.83 -2.46
C TRP K 406 -78.93 58.39 -3.73
N THR K 407 -78.73 59.70 -3.84
CA THR K 407 -77.95 60.28 -4.93
C THR K 407 -76.81 61.12 -4.37
N LEU K 408 -75.86 61.44 -5.25
CA LEU K 408 -74.64 62.13 -4.86
C LEU K 408 -74.32 63.21 -5.89
N LEU K 409 -73.86 64.37 -5.40
CA LEU K 409 -73.50 65.50 -6.26
C LEU K 409 -72.00 65.47 -6.53
N THR K 410 -71.63 65.53 -7.81
CA THR K 410 -70.23 65.43 -8.23
C THR K 410 -69.92 66.51 -9.27
N THR K 411 -68.64 66.72 -9.54
CA THR K 411 -68.23 67.64 -10.59
C THR K 411 -68.59 67.09 -11.97
N SER K 412 -68.97 67.98 -12.88
CA SER K 412 -69.33 67.58 -14.23
C SER K 412 -68.13 67.01 -14.97
N ASP K 413 -68.34 65.90 -15.67
CA ASP K 413 -67.30 65.22 -16.42
C ASP K 413 -67.68 65.23 -17.91
N VAL K 414 -67.00 66.09 -18.68
CA VAL K 414 -67.38 66.32 -20.07
C VAL K 414 -67.11 65.09 -20.95
N THR K 415 -66.10 64.27 -20.61
CA THR K 415 -65.83 63.09 -21.41
C THR K 415 -66.89 62.01 -21.24
N CYS K 416 -67.81 62.17 -20.28
CA CYS K 416 -68.87 61.23 -19.94
C CYS K 416 -68.33 59.95 -19.29
N GLY K 417 -67.09 59.97 -18.81
CA GLY K 417 -66.55 58.85 -18.08
C GLY K 417 -65.77 57.89 -18.96
N VAL K 418 -64.46 57.94 -18.89
CA VAL K 418 -63.62 57.07 -19.71
C VAL K 418 -63.35 55.79 -18.94
N GLU K 419 -63.23 54.69 -19.66
CA GLU K 419 -62.87 53.40 -19.07
C GLU K 419 -61.57 52.91 -19.71
N GLN K 420 -61.22 51.67 -19.40
CA GLN K 420 -59.93 51.11 -19.78
C GLN K 420 -59.98 50.47 -21.17
N VAL K 421 -58.79 50.18 -21.71
CA VAL K 421 -58.61 49.44 -22.95
C VAL K 421 -57.62 48.30 -22.71
N TYR K 422 -57.74 47.24 -23.51
CA TYR K 422 -56.93 46.04 -23.39
C TYR K 422 -56.18 45.74 -24.68
N TRP K 423 -54.92 45.33 -24.56
CA TRP K 423 -54.08 44.90 -25.68
C TRP K 423 -53.99 43.38 -25.76
N SER K 424 -54.00 42.84 -26.98
CA SER K 424 -53.81 41.41 -27.23
C SER K 424 -52.77 41.18 -28.33
N LEU K 425 -51.87 40.23 -28.10
CA LEU K 425 -50.90 39.79 -29.11
C LEU K 425 -50.84 38.26 -29.11
N PRO K 426 -51.88 37.60 -29.63
CA PRO K 426 -52.01 36.15 -29.41
C PRO K 426 -50.94 35.29 -30.09
N ASP K 427 -50.28 35.77 -31.14
CA ASP K 427 -49.25 34.98 -31.81
C ASP K 427 -47.84 35.24 -31.29
N MET K 428 -47.67 36.12 -30.32
CA MET K 428 -46.33 36.45 -29.83
C MET K 428 -46.12 36.10 -28.38
N MET K 429 -47.05 36.45 -27.49
CA MET K 429 -46.91 36.23 -26.06
C MET K 429 -47.64 34.96 -25.63
N GLN K 430 -47.17 34.36 -24.55
CA GLN K 430 -47.91 33.28 -23.90
C GLN K 430 -49.13 33.83 -23.18
N ASP K 431 -50.15 33.00 -23.05
CA ASP K 431 -51.39 33.41 -22.38
C ASP K 431 -51.12 33.58 -20.89
N PRO K 432 -51.52 34.70 -20.28
CA PRO K 432 -51.42 34.83 -18.82
C PRO K 432 -52.35 33.88 -18.08
N VAL K 433 -52.07 33.72 -16.79
CA VAL K 433 -52.67 32.63 -16.00
C VAL K 433 -54.20 32.77 -15.95
N THR K 434 -54.88 31.63 -16.12
CA THR K 434 -56.32 31.37 -16.15
C THR K 434 -57.01 31.76 -17.47
N PHE K 435 -56.34 32.39 -18.43
CA PHE K 435 -56.94 32.65 -19.74
C PHE K 435 -56.89 31.39 -20.60
N ARG K 436 -57.98 31.14 -21.35
CA ARG K 436 -58.04 30.03 -22.30
C ARG K 436 -57.53 30.46 -23.68
N SER K 437 -56.89 29.53 -24.37
CA SER K 437 -56.50 29.75 -25.76
C SER K 437 -57.71 29.63 -26.67
N THR K 438 -57.86 30.56 -27.61
CA THR K 438 -59.04 30.61 -28.46
C THR K 438 -58.74 31.42 -29.71
N ARG K 439 -59.67 31.35 -30.67
CA ARG K 439 -59.62 32.17 -31.87
C ARG K 439 -60.83 33.10 -31.99
N GLN K 440 -61.59 33.30 -30.92
CA GLN K 440 -62.68 34.26 -30.92
C GLN K 440 -62.17 35.63 -30.48
N VAL K 441 -62.47 36.66 -31.28
CA VAL K 441 -61.87 37.97 -31.07
C VAL K 441 -62.30 38.56 -29.73
N SER K 442 -63.56 38.43 -29.38
CA SER K 442 -64.00 38.98 -28.10
C SER K 442 -63.51 38.17 -26.89
N ASN K 443 -62.63 37.19 -27.03
CA ASN K 443 -62.14 36.45 -25.87
C ASN K 443 -60.63 36.21 -25.94
N TYR K 444 -59.88 37.03 -26.67
CA TYR K 444 -58.42 36.91 -26.70
C TYR K 444 -57.84 37.14 -25.31
N PRO K 445 -56.76 36.45 -24.95
CA PRO K 445 -56.06 36.76 -23.70
C PRO K 445 -55.47 38.17 -23.71
N VAL K 446 -55.44 38.78 -22.53
CA VAL K 446 -55.10 40.20 -22.37
C VAL K 446 -53.66 40.33 -21.90
N VAL K 447 -52.88 41.15 -22.60
CA VAL K 447 -51.46 41.31 -22.32
C VAL K 447 -51.11 42.65 -21.67
N GLY K 448 -52.03 43.62 -21.67
CA GLY K 448 -51.80 44.89 -21.01
C GLY K 448 -53.06 45.71 -20.96
N ALA K 449 -53.06 46.71 -20.07
CA ALA K 449 -54.22 47.57 -19.86
C ALA K 449 -53.79 49.00 -19.56
N GLU K 450 -54.65 49.95 -19.92
CA GLU K 450 -54.43 51.37 -19.67
C GLU K 450 -55.76 52.09 -19.90
N LEU K 451 -55.77 53.39 -19.63
CA LEU K 451 -56.96 54.20 -19.87
C LEU K 451 -57.07 54.58 -21.35
N MET K 452 -58.29 54.59 -21.85
CA MET K 452 -58.55 55.18 -23.15
C MET K 452 -58.14 56.64 -23.11
N PRO K 453 -57.27 57.12 -24.01
CA PRO K 453 -56.56 58.39 -23.79
C PRO K 453 -57.35 59.64 -24.19
N VAL K 454 -58.39 59.93 -23.43
CA VAL K 454 -59.23 61.10 -23.64
C VAL K 454 -59.36 61.84 -22.31
N PHE K 455 -59.13 63.14 -22.30
CA PHE K 455 -59.03 63.91 -21.07
C PHE K 455 -59.81 65.21 -21.18
N SER K 456 -60.17 65.75 -20.02
CA SER K 456 -60.86 67.02 -19.89
C SER K 456 -59.87 68.16 -19.70
N LYS K 457 -60.18 69.33 -20.28
CA LYS K 457 -59.38 70.54 -20.12
C LYS K 457 -60.27 71.71 -19.76
N SER K 458 -59.80 72.58 -18.87
CA SER K 458 -60.57 73.69 -18.35
C SER K 458 -60.14 75.03 -18.94
N PHE K 459 -61.11 75.92 -19.12
CA PHE K 459 -60.87 77.28 -19.58
C PHE K 459 -61.71 78.24 -18.73
N TYR K 460 -61.30 79.50 -18.71
CA TYR K 460 -61.98 80.54 -17.94
C TYR K 460 -62.66 81.51 -18.89
N ASN K 461 -63.94 81.77 -18.66
CA ASN K 461 -64.71 82.69 -19.49
C ASN K 461 -65.60 83.61 -18.66
N HIS K 478 -82.92 82.96 -32.37
CA HIS K 478 -82.31 82.11 -31.35
C HIS K 478 -83.11 80.83 -31.13
N VAL K 479 -82.65 79.74 -31.74
CA VAL K 479 -83.31 78.45 -31.55
C VAL K 479 -83.10 77.92 -30.14
N PHE K 480 -82.06 78.39 -29.44
CA PHE K 480 -81.78 77.95 -28.08
C PHE K 480 -82.39 78.85 -27.02
N ASN K 481 -83.24 79.81 -27.43
CA ASN K 481 -83.98 80.64 -26.47
C ASN K 481 -85.32 80.97 -27.13
N ARG K 482 -86.32 80.12 -26.89
CA ARG K 482 -87.64 80.24 -27.48
C ARG K 482 -88.66 80.89 -26.55
N PHE K 483 -88.33 81.05 -25.27
CA PHE K 483 -89.21 81.69 -24.30
C PHE K 483 -88.39 82.73 -23.54
N PRO K 484 -87.98 83.80 -24.20
CA PRO K 484 -87.12 84.79 -23.53
C PRO K 484 -87.76 85.42 -22.31
N GLU K 485 -89.08 85.59 -22.31
CA GLU K 485 -89.75 86.27 -21.21
C GLU K 485 -89.88 85.40 -19.97
N ASN K 486 -90.07 84.10 -20.14
CA ASN K 486 -90.44 83.24 -19.02
C ASN K 486 -89.24 82.98 -18.12
N GLN K 487 -89.38 83.30 -16.83
CA GLN K 487 -88.28 83.16 -15.90
C GLN K 487 -87.89 81.71 -15.65
N ILE K 488 -88.80 80.76 -15.88
CA ILE K 488 -88.48 79.35 -15.69
C ILE K 488 -87.87 78.75 -16.96
N LEU K 489 -88.35 79.16 -18.13
CA LEU K 489 -87.94 78.60 -19.40
C LEU K 489 -86.87 79.42 -20.10
N ILE K 490 -86.28 80.40 -19.42
CA ILE K 490 -85.19 81.16 -20.01
C ILE K 490 -83.97 80.25 -20.22
N ARG K 491 -83.13 80.63 -21.18
CA ARG K 491 -81.91 79.87 -21.47
C ARG K 491 -80.96 79.93 -20.28
N PRO K 492 -80.43 78.81 -19.83
CA PRO K 492 -79.63 78.81 -18.60
C PRO K 492 -78.37 79.64 -18.78
N PRO K 493 -77.92 80.29 -17.71
CA PRO K 493 -76.63 80.99 -17.77
C PRO K 493 -75.46 80.02 -17.92
N ALA K 494 -74.40 80.49 -18.58
CA ALA K 494 -73.21 79.70 -18.83
C ALA K 494 -72.25 79.77 -17.65
N PRO K 495 -71.59 78.66 -17.30
CA PRO K 495 -70.64 78.70 -16.20
C PRO K 495 -69.41 79.54 -16.53
N THR K 496 -68.79 80.08 -15.49
CA THR K 496 -67.53 80.77 -15.66
C THR K 496 -66.36 79.82 -15.90
N ILE K 497 -66.54 78.51 -15.72
CA ILE K 497 -65.55 77.50 -16.03
C ILE K 497 -66.13 76.57 -17.10
N THR K 498 -65.46 76.49 -18.24
CA THR K 498 -65.86 75.64 -19.36
C THR K 498 -64.87 74.50 -19.54
N THR K 499 -65.38 73.29 -19.77
CA THR K 499 -64.54 72.11 -19.97
C THR K 499 -64.84 71.47 -21.32
N VAL K 500 -63.78 71.02 -22.00
CA VAL K 500 -63.88 70.33 -23.28
C VAL K 500 -62.96 69.12 -23.24
N SER K 501 -63.26 68.12 -24.06
CA SER K 501 -62.52 66.87 -24.07
C SER K 501 -61.50 66.85 -25.21
N GLU K 502 -60.34 66.23 -24.94
CA GLU K 502 -59.20 66.21 -25.85
C GLU K 502 -58.64 64.80 -25.99
N ASN K 503 -58.04 64.53 -27.15
CA ASN K 503 -57.31 63.30 -27.41
C ASN K 503 -55.82 63.56 -27.31
N VAL K 504 -55.12 62.82 -26.46
CA VAL K 504 -53.69 63.01 -26.21
C VAL K 504 -52.98 61.70 -26.49
N PRO K 505 -51.92 61.69 -27.31
CA PRO K 505 -51.21 60.43 -27.59
C PRO K 505 -50.61 59.82 -26.33
N ALA K 506 -50.70 58.50 -26.24
CA ALA K 506 -50.34 57.76 -25.04
C ALA K 506 -49.14 56.86 -25.31
N LEU K 507 -48.12 57.00 -24.47
CA LEU K 507 -46.88 56.25 -24.57
C LEU K 507 -46.72 55.43 -23.29
N THR K 508 -46.73 54.10 -23.41
CA THR K 508 -46.89 53.23 -22.25
C THR K 508 -45.84 52.13 -22.24
N ASP K 509 -45.28 51.88 -21.06
CA ASP K 509 -44.40 50.74 -20.81
C ASP K 509 -45.17 49.69 -20.02
N HIS K 510 -45.34 48.50 -20.61
CA HIS K 510 -46.13 47.44 -20.01
C HIS K 510 -45.30 46.39 -19.27
N GLY K 511 -43.98 46.56 -19.17
CA GLY K 511 -43.14 45.59 -18.51
C GLY K 511 -42.80 44.38 -19.37
N THR K 512 -42.29 43.34 -18.72
CA THR K 512 -41.79 42.14 -19.39
C THR K 512 -42.79 41.00 -19.27
N LEU K 513 -43.07 40.31 -20.37
CA LEU K 513 -43.96 39.17 -20.43
C LEU K 513 -43.30 37.97 -21.11
N PRO K 514 -43.65 36.75 -20.71
CA PRO K 514 -43.05 35.56 -21.33
C PRO K 514 -43.40 35.45 -22.82
N LEU K 515 -42.40 35.03 -23.60
CA LEU K 515 -42.43 35.05 -25.05
C LEU K 515 -42.43 33.61 -25.58
N ARG K 516 -43.13 33.39 -26.69
CA ARG K 516 -43.09 32.08 -27.34
C ARG K 516 -41.73 31.85 -28.01
N SER K 517 -41.29 30.58 -28.02
CA SER K 517 -39.97 30.24 -28.54
C SER K 517 -39.90 30.33 -30.06
N SER K 518 -41.02 30.15 -30.76
CA SER K 518 -41.04 30.24 -32.22
C SER K 518 -42.10 31.25 -32.62
N ILE K 519 -41.70 32.24 -33.42
CA ILE K 519 -42.55 33.37 -33.79
C ILE K 519 -42.76 33.33 -35.30
N ARG K 520 -44.02 33.28 -35.72
CA ARG K 520 -44.35 33.31 -37.13
C ARG K 520 -44.21 34.71 -37.72
N GLY K 521 -44.07 34.75 -39.05
CA GLY K 521 -43.80 36.00 -39.74
C GLY K 521 -44.96 36.97 -39.80
N VAL K 522 -46.20 36.48 -39.67
CA VAL K 522 -47.38 37.33 -39.68
C VAL K 522 -48.02 37.31 -38.30
N GLN K 523 -48.33 38.48 -37.77
CA GLN K 523 -48.79 38.65 -36.39
C GLN K 523 -50.09 39.44 -36.35
N ARG K 524 -50.94 39.12 -35.38
CA ARG K 524 -52.21 39.80 -35.15
C ARG K 524 -52.11 40.78 -33.98
N VAL K 525 -52.67 41.98 -34.16
CA VAL K 525 -52.69 43.03 -33.15
C VAL K 525 -54.14 43.45 -32.92
N THR K 526 -54.56 43.49 -31.65
CA THR K 526 -55.95 43.79 -31.31
C THR K 526 -56.04 44.72 -30.10
N VAL K 527 -56.98 45.67 -30.16
CA VAL K 527 -57.29 46.59 -29.07
C VAL K 527 -58.80 46.56 -28.83
N THR K 528 -59.23 46.26 -27.60
CA THR K 528 -60.64 46.17 -27.25
C THR K 528 -60.96 46.95 -25.98
N ASP K 529 -62.24 47.28 -25.80
CA ASP K 529 -62.71 48.05 -24.66
C ASP K 529 -63.15 47.13 -23.52
N ALA K 530 -63.82 47.70 -22.52
CA ALA K 530 -64.17 46.95 -21.31
C ALA K 530 -65.21 45.86 -21.60
N ARG K 531 -66.09 46.07 -22.56
CA ARG K 531 -67.05 45.07 -22.98
C ARG K 531 -66.51 44.14 -24.06
N ARG K 532 -65.20 44.25 -24.37
CA ARG K 532 -64.51 43.42 -25.36
C ARG K 532 -65.03 43.65 -26.79
N ARG K 533 -65.35 44.89 -27.12
CA ARG K 533 -65.57 45.31 -28.50
C ARG K 533 -64.35 46.05 -29.00
N THR K 534 -64.08 45.95 -30.30
CA THR K 534 -63.05 46.79 -30.88
C THR K 534 -63.51 48.24 -30.93
N CYS K 535 -62.54 49.15 -30.93
CA CYS K 535 -62.85 50.58 -30.88
C CYS K 535 -62.61 51.21 -32.24
N PRO K 536 -63.64 51.73 -32.91
CA PRO K 536 -63.47 52.36 -34.23
C PRO K 536 -62.74 53.70 -34.20
N TYR K 537 -62.43 54.26 -33.05
CA TYR K 537 -61.78 55.57 -33.00
C TYR K 537 -60.28 55.50 -32.80
N VAL K 538 -59.68 54.31 -32.82
CA VAL K 538 -58.23 54.19 -32.88
C VAL K 538 -57.79 54.38 -34.32
N TYR K 539 -56.81 55.26 -34.55
CA TYR K 539 -56.27 55.39 -35.90
C TYR K 539 -54.75 55.30 -35.96
N LYS K 540 -54.08 54.99 -34.86
CA LYS K 540 -52.64 54.75 -34.87
C LYS K 540 -52.28 53.88 -33.68
N ALA K 541 -51.62 52.77 -33.94
CA ALA K 541 -51.20 51.83 -32.90
C ALA K 541 -49.91 51.15 -33.32
N LEU K 542 -48.87 51.24 -32.49
CA LEU K 542 -47.58 50.62 -32.73
C LEU K 542 -47.11 49.86 -31.51
N GLY K 543 -46.34 48.81 -31.75
CA GLY K 543 -45.71 48.07 -30.67
C GLY K 543 -44.25 47.81 -30.96
N ILE K 544 -43.45 47.81 -29.89
CA ILE K 544 -42.02 47.51 -29.94
C ILE K 544 -41.70 46.53 -28.83
N VAL K 545 -41.06 45.42 -29.18
CA VAL K 545 -40.75 44.35 -28.24
C VAL K 545 -39.24 44.15 -28.20
N ALA K 546 -38.69 43.99 -26.99
CA ALA K 546 -37.26 43.75 -26.80
C ALA K 546 -37.03 42.42 -26.07
N PRO K 547 -36.71 41.33 -26.77
CA PRO K 547 -36.53 40.04 -26.09
C PRO K 547 -35.25 39.98 -25.25
N ARG K 548 -35.30 39.14 -24.22
CA ARG K 548 -34.12 38.82 -23.41
C ARG K 548 -34.36 37.52 -22.65
N VAL K 549 -33.27 36.93 -22.16
CA VAL K 549 -33.32 35.64 -21.46
C VAL K 549 -33.83 35.83 -20.04
N LEU K 550 -34.77 34.99 -19.62
CA LEU K 550 -35.30 35.00 -18.26
C LEU K 550 -34.72 33.89 -17.39
N SER K 551 -34.70 32.65 -17.85
CA SER K 551 -34.15 31.55 -17.06
C SER K 551 -33.71 30.43 -17.99
N SER K 552 -33.03 29.46 -17.41
CA SER K 552 -32.48 28.33 -18.13
C SER K 552 -33.51 27.22 -18.30
N ARG K 553 -33.36 26.46 -19.38
CA ARG K 553 -34.15 25.26 -19.68
C ARG K 553 -35.61 25.58 -19.97
N ARG L 48 35.02 18.40 25.05
CA ARG L 48 35.47 17.77 26.29
C ARG L 48 36.97 17.96 26.53
N ASN L 49 37.48 19.15 26.23
CA ASN L 49 38.92 19.40 26.33
C ASN L 49 39.25 20.76 26.94
N SER L 50 38.34 21.35 27.70
CA SER L 50 38.58 22.69 28.25
C SER L 50 39.31 22.61 29.58
N ILE L 51 39.98 23.71 29.92
CA ILE L 51 40.75 23.83 31.16
C ILE L 51 40.34 25.14 31.84
N ARG L 52 39.91 25.05 33.10
CA ARG L 52 39.26 26.16 33.77
C ARG L 52 39.93 26.49 35.11
N TYR L 53 39.95 27.77 35.45
CA TYR L 53 40.52 28.28 36.69
C TYR L 53 39.40 28.87 37.54
N SER L 54 39.36 28.50 38.81
CA SER L 54 38.18 28.74 39.64
C SER L 54 37.91 30.23 39.89
N GLU L 55 38.87 31.11 39.65
CA GLU L 55 38.63 32.53 39.87
C GLU L 55 38.10 33.27 38.65
N LEU L 56 37.85 32.57 37.54
CA LEU L 56 37.38 33.19 36.31
C LEU L 56 36.03 32.60 35.90
N SER L 57 35.16 33.45 35.35
CA SER L 57 33.82 33.04 34.91
C SER L 57 33.30 34.01 33.87
N PRO L 58 32.54 33.56 32.88
CA PRO L 58 32.04 34.46 31.83
C PRO L 58 30.75 35.18 32.24
N LEU L 59 30.46 36.28 31.54
CA LEU L 59 29.39 37.21 31.89
C LEU L 59 28.21 37.13 30.92
N TYR L 60 27.00 37.30 31.46
CA TYR L 60 25.77 37.22 30.68
C TYR L 60 24.74 38.24 31.15
N ASP L 61 23.91 38.67 30.20
CA ASP L 61 22.61 39.34 30.33
C ASP L 61 22.59 40.81 30.76
N THR L 62 23.61 41.30 31.48
CA THR L 62 23.64 42.68 31.95
C THR L 62 24.92 42.89 32.75
N THR L 63 25.30 44.16 32.88
CA THR L 63 26.52 44.57 33.60
C THR L 63 26.44 46.09 33.81
N ARG L 64 27.54 46.69 34.25
CA ARG L 64 27.64 48.14 34.42
C ARG L 64 28.88 48.69 33.70
N LEU L 65 28.75 49.89 33.13
CA LEU L 65 29.87 50.65 32.60
C LEU L 65 29.92 52.01 33.31
N TYR L 66 31.09 52.44 33.74
CA TYR L 66 31.25 53.66 34.53
C TYR L 66 32.05 54.70 33.75
N LEU L 67 31.53 55.92 33.69
CA LEU L 67 32.15 57.04 33.00
C LEU L 67 32.48 58.11 34.04
N VAL L 68 33.75 58.15 34.46
CA VAL L 68 34.17 58.91 35.63
C VAL L 68 35.23 59.92 35.22
N ASP L 69 35.12 61.13 35.74
CA ASP L 69 35.91 62.27 35.28
C ASP L 69 37.19 62.53 36.07
N ASN L 70 37.50 61.73 37.09
CA ASN L 70 38.67 62.03 37.93
C ASN L 70 39.48 60.78 38.24
N LYS L 71 39.70 59.93 37.25
CA LYS L 71 40.64 58.83 37.43
C LYS L 71 42.07 59.35 37.42
N SER L 72 42.92 58.79 38.29
CA SER L 72 44.25 59.37 38.51
C SER L 72 45.11 59.31 37.26
N ALA L 73 45.12 58.17 36.57
CA ALA L 73 45.97 58.02 35.39
C ALA L 73 45.44 58.78 34.18
N ASP L 74 44.11 58.89 34.05
CA ASP L 74 43.55 59.63 32.92
C ASP L 74 43.82 61.12 33.03
N ILE L 75 43.95 61.64 34.24
CA ILE L 75 44.24 63.06 34.43
C ILE L 75 45.58 63.42 33.81
N ALA L 76 46.60 62.59 34.04
CA ALA L 76 47.95 62.93 33.62
C ALA L 76 48.13 62.80 32.11
N SER L 77 47.59 61.76 31.50
CA SER L 77 47.94 61.42 30.13
C SER L 77 46.87 61.69 29.08
N LEU L 78 45.66 62.08 29.47
CA LEU L 78 44.61 62.28 28.48
C LEU L 78 44.07 63.70 28.43
N ASN L 79 43.90 64.37 29.56
CA ASN L 79 43.03 65.53 29.65
C ASN L 79 43.79 66.80 30.02
N TYR L 80 44.97 66.99 29.45
CA TYR L 80 45.82 68.11 29.84
C TYR L 80 45.20 69.46 29.44
N GLN L 81 44.52 69.51 28.30
CA GLN L 81 43.93 70.74 27.79
C GLN L 81 42.40 70.78 27.90
N ASN L 82 41.80 69.89 28.68
CA ASN L 82 40.34 69.74 28.74
C ASN L 82 39.78 70.32 30.04
N ASP L 83 38.45 70.30 30.16
CA ASP L 83 37.78 70.64 31.41
C ASP L 83 36.60 69.68 31.60
N HIS L 84 35.89 69.84 32.71
CA HIS L 84 34.86 68.87 33.09
C HIS L 84 33.64 68.89 32.18
N SER L 85 33.51 69.89 31.30
CA SER L 85 32.43 69.90 30.33
C SER L 85 32.75 69.12 29.06
N ASN L 86 34.03 68.78 28.82
CA ASN L 86 34.42 68.07 27.59
C ASN L 86 35.75 67.35 27.85
N PHE L 87 35.69 66.05 28.11
CA PHE L 87 36.88 65.31 28.55
C PHE L 87 36.85 63.89 28.00
N LEU L 88 37.96 63.18 28.21
CA LEU L 88 38.12 61.78 27.82
C LEU L 88 38.28 60.92 29.07
N THR L 89 37.78 59.69 28.99
CA THR L 89 37.90 58.76 30.11
C THR L 89 37.98 57.33 29.58
N THR L 90 38.47 56.43 30.42
CA THR L 90 38.61 55.03 30.08
C THR L 90 37.52 54.20 30.77
N VAL L 91 36.85 53.35 29.99
CA VAL L 91 35.86 52.45 30.57
C VAL L 91 36.46 51.11 30.97
N VAL L 92 37.74 50.87 30.69
CA VAL L 92 38.44 49.68 31.15
C VAL L 92 38.93 49.94 32.56
N GLN L 93 38.51 49.09 33.51
CA GLN L 93 38.82 49.26 34.93
C GLN L 93 39.89 48.29 35.41
N ASN L 94 40.90 48.01 34.59
CA ASN L 94 41.93 47.00 34.88
C ASN L 94 43.28 47.70 34.89
N ASN L 95 43.92 47.79 36.06
CA ASN L 95 45.14 48.57 36.21
C ASN L 95 46.40 47.84 35.75
N ASP L 96 46.27 46.68 35.09
CA ASP L 96 47.41 46.08 34.42
C ASP L 96 47.84 46.85 33.18
N PHE L 97 47.05 47.83 32.74
CA PHE L 97 47.31 48.58 31.51
C PHE L 97 47.20 50.07 31.77
N THR L 98 47.98 50.84 31.02
CA THR L 98 47.86 52.28 31.02
C THR L 98 46.69 52.71 30.13
N PRO L 99 46.18 53.94 30.30
CA PRO L 99 45.09 54.40 29.44
C PRO L 99 45.42 54.38 27.95
N THR L 100 46.66 54.67 27.59
CA THR L 100 47.06 54.60 26.19
C THR L 100 46.93 53.19 25.65
N GLU L 101 47.39 52.19 26.41
CA GLU L 101 47.21 50.80 26.01
C GLU L 101 45.74 50.42 25.97
N ALA L 102 44.96 50.91 26.93
CA ALA L 102 43.54 50.57 26.99
C ALA L 102 42.77 51.10 25.79
N SER L 103 43.26 52.16 25.14
CA SER L 103 42.51 52.78 24.06
C SER L 103 42.29 51.84 22.89
N THR L 104 43.17 50.86 22.70
CA THR L 104 43.03 49.91 21.60
C THR L 104 42.20 48.69 21.94
N GLN L 105 41.83 48.48 23.21
CA GLN L 105 41.03 47.34 23.60
C GLN L 105 39.54 47.61 23.35
N THR L 106 38.75 46.54 23.36
CA THR L 106 37.31 46.66 23.10
C THR L 106 36.51 45.79 24.07
N ILE L 107 35.24 46.16 24.22
CA ILE L 107 34.23 45.36 24.90
C ILE L 107 33.16 45.01 23.87
N ASN L 108 32.81 43.73 23.77
CA ASN L 108 31.97 43.24 22.69
C ASN L 108 30.69 42.61 23.22
N PHE L 109 29.55 43.12 22.76
CA PHE L 109 28.23 42.59 23.08
C PHE L 109 27.76 41.71 21.92
N ASP L 110 27.19 40.56 22.24
CA ASP L 110 26.97 39.51 21.23
C ASP L 110 26.22 40.05 20.01
N GLU L 111 26.81 39.81 18.83
CA GLU L 111 26.33 40.40 17.59
C GLU L 111 25.03 39.79 17.10
N ARG L 112 24.58 38.69 17.68
CA ARG L 112 23.29 38.11 17.32
C ARG L 112 22.11 38.77 18.02
N SER L 113 22.35 39.82 18.82
CA SER L 113 21.30 40.60 19.44
C SER L 113 21.55 42.09 19.20
N ARG L 114 20.48 42.88 19.29
CA ARG L 114 20.59 44.33 19.37
C ARG L 114 20.47 44.75 20.83
N TRP L 115 21.36 45.63 21.26
CA TRP L 115 21.49 46.00 22.67
C TRP L 115 21.09 47.45 22.91
N GLY L 116 20.57 47.70 24.11
CA GLY L 116 20.30 49.05 24.55
C GLY L 116 20.91 49.31 25.91
N GLY L 117 21.02 50.59 26.23
CA GLY L 117 21.63 50.99 27.50
C GLY L 117 20.84 52.03 28.26
N GLN L 118 20.50 51.72 29.51
CA GLN L 118 19.82 52.68 30.37
C GLN L 118 20.85 53.62 31.01
N LEU L 119 20.62 54.92 30.89
CA LEU L 119 21.61 55.94 31.26
C LEU L 119 21.14 56.77 32.44
N LYS L 120 22.00 56.88 33.45
CA LYS L 120 21.78 57.77 34.60
C LYS L 120 22.98 58.71 34.73
N THR L 121 22.73 59.97 35.06
CA THR L 121 23.79 60.97 35.16
C THR L 121 23.71 61.71 36.49
N ILE L 122 24.86 62.23 36.90
CA ILE L 122 24.99 63.09 38.07
C ILE L 122 25.80 64.33 37.67
N MET L 123 25.28 65.52 37.97
CA MET L 123 25.92 66.77 37.57
C MET L 123 25.85 67.79 38.69
N HIS L 124 26.92 68.58 38.84
CA HIS L 124 26.95 69.67 39.81
C HIS L 124 27.66 70.89 39.21
N THR L 125 27.13 72.08 39.48
CA THR L 125 27.61 73.32 38.90
C THR L 125 27.93 74.34 39.98
N ASN L 126 28.66 75.39 39.60
CA ASN L 126 28.99 76.50 40.50
C ASN L 126 28.88 77.85 39.79
N MET L 127 27.78 78.07 39.06
CA MET L 127 27.60 79.29 38.25
C MET L 127 27.11 80.45 39.13
N PRO L 128 27.74 81.63 39.05
CA PRO L 128 27.17 82.83 39.65
C PRO L 128 26.19 83.52 38.71
N ASN L 129 25.27 84.29 39.30
CA ASN L 129 24.16 84.80 38.51
C ASN L 129 24.53 86.00 37.62
N VAL L 130 25.56 86.76 37.96
CA VAL L 130 26.00 87.89 37.15
C VAL L 130 27.38 87.55 36.60
N ASN L 131 27.47 87.27 35.30
CA ASN L 131 28.73 86.88 34.70
C ASN L 131 28.71 87.21 33.21
N GLU L 132 29.91 87.22 32.61
CA GLU L 132 30.07 87.64 31.22
C GLU L 132 29.63 86.55 30.24
N TYR L 133 29.85 85.28 30.57
CA TYR L 133 29.62 84.20 29.61
C TYR L 133 28.15 84.08 29.24
N MET L 134 27.25 84.41 30.17
CA MET L 134 25.81 84.25 29.97
C MET L 134 25.11 85.57 29.63
N PHE L 135 25.87 86.63 29.34
CA PHE L 135 25.32 87.92 28.91
C PHE L 135 24.44 88.58 29.97
N SER L 136 24.70 88.31 31.24
CA SER L 136 24.02 88.99 32.33
C SER L 136 24.90 90.06 32.96
N ASN L 137 25.85 90.58 32.20
CA ASN L 137 26.90 91.47 32.69
C ASN L 137 26.76 92.90 32.20
N LYS L 138 25.91 93.16 31.22
CA LYS L 138 25.95 94.43 30.49
C LYS L 138 24.58 94.82 29.98
N PHE L 139 24.42 96.11 29.70
CA PHE L 139 23.23 96.66 29.07
C PHE L 139 23.62 97.99 28.42
N LYS L 140 22.72 98.53 27.60
CA LYS L 140 22.95 99.79 26.89
C LYS L 140 21.91 100.82 27.27
N ALA L 141 22.32 102.09 27.28
CA ALA L 141 21.42 103.19 27.63
C ALA L 141 21.89 104.47 26.95
N ARG L 142 20.98 105.43 26.86
CA ARG L 142 21.24 106.73 26.24
C ARG L 142 21.08 107.82 27.29
N VAL L 143 22.16 108.57 27.54
CA VAL L 143 22.20 109.60 28.57
C VAL L 143 22.68 110.91 27.95
N MET L 144 22.67 111.97 28.75
CA MET L 144 23.03 113.31 28.31
C MET L 144 24.52 113.54 28.53
N VAL L 145 25.22 114.00 27.49
CA VAL L 145 26.65 114.21 27.55
C VAL L 145 27.02 115.68 27.69
N SER L 146 26.21 116.60 27.16
CA SER L 146 26.53 118.02 27.22
C SER L 146 25.26 118.84 27.31
N ARG L 147 25.25 119.79 28.24
CA ARG L 147 24.31 120.90 28.20
C ARG L 147 24.95 122.03 27.39
N LYS L 148 24.37 123.22 27.43
CA LYS L 148 24.94 124.35 26.70
C LYS L 148 26.25 124.80 27.32
N ASP L 171 19.31 126.71 25.63
CA ASP L 171 20.23 125.61 25.90
C ASP L 171 20.07 124.49 24.88
N ILE L 172 21.20 123.96 24.41
CA ILE L 172 21.22 122.84 23.47
C ILE L 172 21.76 121.63 24.21
N LEU L 173 21.05 120.50 24.09
CA LEU L 173 21.34 119.29 24.83
C LEU L 173 21.77 118.19 23.87
N LYS L 174 22.83 117.47 24.24
CA LYS L 174 23.37 116.39 23.42
C LYS L 174 23.30 115.08 24.18
N TYR L 175 22.94 114.01 23.47
CA TYR L 175 22.78 112.67 24.05
C TYR L 175 23.58 111.67 23.23
N GLU L 176 23.94 110.55 23.86
CA GLU L 176 24.72 109.52 23.20
C GLU L 176 24.46 108.16 23.87
N TRP L 177 24.67 107.10 23.09
CA TRP L 177 24.54 105.72 23.56
C TRP L 177 25.86 105.22 24.12
N PHE L 178 25.78 104.40 25.17
CA PHE L 178 26.93 103.76 25.77
C PHE L 178 26.56 102.34 26.18
N GLU L 179 27.58 101.52 26.42
CA GLU L 179 27.41 100.19 27.00
C GLU L 179 28.03 100.16 28.38
N PHE L 180 27.29 99.65 29.35
CA PHE L 180 27.68 99.67 30.75
C PHE L 180 27.99 98.25 31.23
N ILE L 181 29.01 98.13 32.08
CA ILE L 181 29.51 96.83 32.53
C ILE L 181 29.47 96.78 34.06
N LEU L 182 28.96 95.67 34.61
CA LEU L 182 28.91 95.33 36.02
C LEU L 182 30.03 94.38 36.39
N PRO L 183 30.50 94.37 37.64
CA PRO L 183 31.45 93.34 38.06
C PRO L 183 30.76 92.04 38.41
N GLU L 184 31.50 90.94 38.27
CA GLU L 184 30.92 89.61 38.37
C GLU L 184 30.80 89.13 39.82
N GLY L 185 29.80 88.29 40.05
CA GLY L 185 29.53 87.77 41.38
C GLY L 185 28.13 87.21 41.45
N ASN L 186 27.78 86.74 42.65
CA ASN L 186 26.47 86.13 42.91
C ASN L 186 25.70 87.04 43.86
N PHE L 187 24.74 87.79 43.32
CA PHE L 187 24.08 88.87 44.05
C PHE L 187 22.57 88.66 44.10
N SER L 188 21.95 89.25 45.13
CA SER L 188 20.50 89.30 45.17
C SER L 188 19.97 90.33 44.19
N ALA L 189 18.65 90.34 44.00
CA ALA L 189 18.04 91.23 43.02
C ALA L 189 18.18 92.69 43.43
N THR L 190 18.01 93.01 44.71
CA THR L 190 18.18 94.40 45.14
C THR L 190 19.61 94.87 44.98
N MET L 191 20.58 94.02 45.33
CA MET L 191 21.98 94.39 45.18
C MET L 191 22.35 94.56 43.71
N THR L 192 21.72 93.79 42.81
CA THR L 192 21.99 93.95 41.39
C THR L 192 21.51 95.31 40.88
N ILE L 193 20.34 95.76 41.35
CA ILE L 193 19.80 97.04 40.92
C ILE L 193 20.67 98.19 41.42
N ASP L 194 21.27 98.07 42.60
CA ASP L 194 22.20 99.08 43.07
C ASP L 194 23.41 99.20 42.14
N LEU L 195 23.91 98.06 41.65
CA LEU L 195 25.08 98.09 40.77
C LEU L 195 24.76 98.74 39.44
N MET L 196 23.54 98.56 38.92
CA MET L 196 23.16 99.18 37.66
C MET L 196 23.06 100.70 37.81
N ASN L 197 22.51 101.19 38.93
CA ASN L 197 22.50 102.63 39.18
C ASN L 197 23.91 103.17 39.32
N ASN L 198 24.79 102.44 40.00
CA ASN L 198 26.16 102.88 40.18
C ASN L 198 26.90 102.99 38.87
N ALA L 199 26.60 102.11 37.90
CA ALA L 199 27.23 102.20 36.59
C ALA L 199 26.82 103.46 35.85
N ILE L 200 25.55 103.86 35.95
CA ILE L 200 25.08 105.08 35.31
C ILE L 200 25.82 106.29 35.88
N ILE L 201 25.95 106.34 37.20
CA ILE L 201 26.54 107.50 37.86
C ILE L 201 28.01 107.64 37.54
N ASP L 202 28.74 106.52 37.43
CA ASP L 202 30.16 106.58 37.08
C ASP L 202 30.37 107.16 35.69
N ASN L 203 29.39 107.04 34.79
CA ASN L 203 29.44 107.70 33.50
C ASN L 203 29.22 109.20 33.63
N TYR L 204 28.40 109.63 34.59
CA TYR L 204 28.15 111.05 34.80
C TYR L 204 29.33 111.72 35.49
N LEU L 205 30.21 110.97 36.16
CA LEU L 205 31.37 111.56 36.79
C LEU L 205 32.59 111.63 35.87
N GLU L 206 32.65 110.78 34.85
CA GLU L 206 33.76 110.76 33.91
C GLU L 206 33.52 111.65 32.69
N ILE L 207 32.30 111.65 32.19
CA ILE L 207 31.82 112.55 31.14
C ILE L 207 30.71 113.33 31.81
N GLY L 208 30.04 114.21 31.10
CA GLY L 208 28.87 114.80 31.74
C GLY L 208 29.23 115.93 32.66
N ARG L 209 29.36 115.63 33.95
CA ARG L 209 29.62 116.62 34.99
C ARG L 209 30.63 117.68 34.58
N GLN L 210 31.71 117.28 33.92
CA GLN L 210 32.72 118.24 33.47
C GLN L 210 32.30 118.97 32.20
N ASN L 211 31.13 118.68 31.64
CA ASN L 211 30.64 119.37 30.44
C ASN L 211 29.30 120.07 30.69
N GLY L 212 29.01 120.40 31.94
CA GLY L 212 27.91 121.29 32.25
C GLY L 212 26.58 120.67 32.60
N VAL L 213 26.49 119.35 32.75
CA VAL L 213 25.24 118.73 33.16
C VAL L 213 25.16 118.76 34.68
N LEU L 214 23.97 118.97 35.21
CA LEU L 214 23.76 119.06 36.63
C LEU L 214 23.28 117.72 37.19
N GLU L 215 23.37 117.58 38.52
CA GLU L 215 22.83 116.38 39.14
C GLU L 215 21.33 116.55 39.34
N SER L 216 20.65 117.00 38.29
CA SER L 216 19.19 117.00 38.24
C SER L 216 18.70 116.67 36.84
N ASP L 217 19.60 116.28 35.93
CA ASP L 217 19.24 115.87 34.57
C ASP L 217 19.86 114.53 34.20
N ILE L 218 20.10 113.66 35.19
CA ILE L 218 20.75 112.37 34.95
C ILE L 218 19.98 111.59 33.88
N GLY L 219 18.73 111.25 34.16
CA GLY L 219 17.84 110.80 33.11
C GLY L 219 17.57 109.31 33.02
N VAL L 220 18.30 108.46 33.76
CA VAL L 220 18.03 107.03 33.80
C VAL L 220 18.20 106.55 35.24
N LYS L 221 17.15 105.97 35.81
CA LYS L 221 17.22 105.40 37.16
C LYS L 221 16.34 104.17 37.25
N PHE L 222 16.80 103.18 38.02
CA PHE L 222 16.04 101.96 38.29
C PHE L 222 15.48 102.02 39.72
N ASP L 223 14.17 101.89 39.85
CA ASP L 223 13.49 102.09 41.14
C ASP L 223 12.58 100.90 41.44
N THR L 224 11.90 100.97 42.59
CA THR L 224 10.93 99.97 42.99
C THR L 224 9.61 100.52 43.50
N ARG L 225 9.43 101.85 43.54
CA ARG L 225 8.31 102.45 44.24
C ARG L 225 7.10 102.63 43.33
N ASN L 226 5.94 102.77 43.96
CA ASN L 226 4.70 103.11 43.27
C ASN L 226 4.48 104.61 43.48
N PHE L 227 4.95 105.41 42.54
CA PHE L 227 4.66 106.84 42.59
C PHE L 227 3.18 107.05 42.38
N ARG L 228 2.68 108.19 42.86
CA ARG L 228 1.26 108.58 42.86
C ARG L 228 0.40 107.74 43.79
N LEU L 229 0.97 107.09 44.79
CA LEU L 229 0.16 106.35 45.75
C LEU L 229 -0.73 107.28 46.56
N GLY L 230 -0.16 108.31 47.16
CA GLY L 230 -0.93 109.22 47.99
C GLY L 230 -1.57 110.37 47.24
N TRP L 231 -1.88 110.15 45.96
CA TRP L 231 -2.42 111.18 45.09
C TRP L 231 -3.83 111.57 45.51
N ASP L 232 -4.16 112.84 45.30
CA ASP L 232 -5.47 113.38 45.68
C ASP L 232 -6.23 113.81 44.44
N PRO L 233 -7.48 113.39 44.28
CA PRO L 233 -8.19 113.66 43.01
C PRO L 233 -8.57 115.12 42.81
N GLU L 234 -8.55 115.94 43.86
CA GLU L 234 -8.90 117.36 43.72
C GLU L 234 -7.67 118.22 43.48
N THR L 235 -6.70 118.18 44.40
CA THR L 235 -5.50 118.97 44.24
C THR L 235 -4.52 118.38 43.22
N LYS L 236 -4.65 117.10 42.90
CA LYS L 236 -3.80 116.42 41.91
C LYS L 236 -2.33 116.52 42.28
N LEU L 237 -2.02 116.41 43.56
CA LEU L 237 -0.63 116.39 44.04
C LEU L 237 -0.51 115.35 45.14
N ILE L 238 0.73 114.94 45.41
CA ILE L 238 1.00 113.97 46.45
C ILE L 238 0.95 114.70 47.79
N MET L 239 -0.19 114.57 48.49
CA MET L 239 -0.42 115.37 49.68
C MET L 239 0.62 115.19 50.80
N PRO L 240 1.11 113.98 51.11
CA PRO L 240 2.08 113.87 52.21
C PRO L 240 3.38 114.65 51.99
N GLY L 241 3.71 115.01 50.75
CA GLY L 241 4.95 115.69 50.46
C GLY L 241 6.14 114.79 50.22
N VAL L 242 6.00 113.47 50.43
CA VAL L 242 7.02 112.49 50.09
C VAL L 242 6.33 111.29 49.47
N TYR L 243 6.96 110.71 48.45
CA TYR L 243 6.44 109.49 47.84
C TYR L 243 6.51 108.34 48.83
N THR L 244 5.54 107.43 48.74
CA THR L 244 5.48 106.29 49.65
C THR L 244 6.72 105.42 49.49
N TYR L 245 7.37 105.10 50.60
CA TYR L 245 8.67 104.42 50.59
C TYR L 245 8.51 102.91 50.76
N GLU L 246 7.75 102.29 49.85
CA GLU L 246 7.49 100.86 49.86
C GLU L 246 7.80 100.26 48.49
N ALA L 247 8.27 99.02 48.50
CA ALA L 247 8.66 98.33 47.27
C ALA L 247 7.47 97.57 46.68
N PHE L 248 7.24 97.75 45.38
CA PHE L 248 6.14 97.09 44.68
C PHE L 248 6.62 96.16 43.57
N HIS L 249 7.47 96.65 42.67
CA HIS L 249 7.96 95.94 41.50
C HIS L 249 9.06 96.79 40.87
N PRO L 250 10.13 96.19 40.35
CA PRO L 250 11.19 97.00 39.73
C PRO L 250 10.68 97.80 38.55
N ASP L 251 11.26 98.99 38.38
CA ASP L 251 10.71 100.02 37.52
C ASP L 251 11.84 100.80 36.85
N ILE L 252 11.51 101.46 35.73
CA ILE L 252 12.44 102.27 34.96
C ILE L 252 11.90 103.70 34.90
N VAL L 253 12.73 104.68 35.25
CA VAL L 253 12.35 106.09 35.25
C VAL L 253 13.22 106.85 34.26
N LEU L 254 12.59 107.64 33.39
CA LEU L 254 13.25 108.29 32.28
C LEU L 254 12.93 109.78 32.21
N LEU L 255 13.89 110.56 31.68
CA LEU L 255 13.79 111.95 31.28
C LEU L 255 13.75 112.06 29.76
N PRO L 256 13.28 113.18 29.21
CA PRO L 256 13.18 113.28 27.75
C PRO L 256 14.53 113.12 27.08
N GLY L 257 14.53 112.43 25.94
CA GLY L 257 15.74 112.17 25.18
C GLY L 257 16.52 110.94 25.58
N CYS L 258 16.10 110.20 26.60
CA CYS L 258 16.85 109.05 27.10
C CYS L 258 16.12 107.75 26.77
N GLY L 259 16.77 106.64 27.11
CA GLY L 259 16.18 105.32 26.88
C GLY L 259 17.15 104.22 27.26
N VAL L 260 16.64 103.00 27.30
CA VAL L 260 17.43 101.80 27.56
C VAL L 260 17.15 100.77 26.49
N ASP L 261 18.14 99.89 26.25
CA ASP L 261 18.05 98.88 25.20
C ASP L 261 18.56 97.55 25.74
N PHE L 262 17.70 96.53 25.70
CA PHE L 262 18.03 95.21 26.25
C PHE L 262 18.20 94.14 25.16
N THR L 263 18.58 94.54 23.95
CA THR L 263 18.67 93.58 22.86
C THR L 263 19.72 92.52 23.13
N GLU L 264 20.84 92.90 23.74
CA GLU L 264 21.93 91.97 23.98
C GLU L 264 22.18 91.79 25.46
N SER L 265 21.11 91.58 26.24
CA SER L 265 21.21 91.52 27.69
C SER L 265 20.10 90.63 28.23
N ARG L 266 20.39 89.96 29.34
CA ARG L 266 19.40 89.14 30.02
C ARG L 266 18.91 89.76 31.32
N LEU L 267 19.25 91.02 31.57
CA LEU L 267 18.86 91.70 32.80
C LEU L 267 17.40 92.13 32.79
N SER L 268 16.71 92.09 31.65
CA SER L 268 15.28 92.38 31.65
C SER L 268 14.47 91.28 32.35
N ASN L 269 14.97 90.04 32.37
CA ASN L 269 14.30 88.98 33.13
C ASN L 269 14.37 89.23 34.62
N LEU L 270 15.50 89.75 35.11
CA LEU L 270 15.62 90.07 36.52
C LEU L 270 14.72 91.23 36.92
N LEU L 271 14.43 92.15 35.98
CA LEU L 271 13.54 93.26 36.27
C LEU L 271 12.07 92.90 36.19
N GLY L 272 11.73 91.75 35.61
CA GLY L 272 10.34 91.39 35.47
C GLY L 272 9.59 92.17 34.40
N ILE L 273 10.26 92.55 33.32
CA ILE L 273 9.65 93.24 32.19
C ILE L 273 9.97 92.44 30.94
N ARG L 274 8.94 91.98 30.24
CA ARG L 274 9.09 91.12 29.07
C ARG L 274 8.18 91.58 27.93
N LYS L 275 8.47 91.08 26.74
CA LYS L 275 7.70 91.41 25.54
C LYS L 275 6.59 90.40 25.30
N ARG L 276 5.43 90.89 24.86
CA ARG L 276 4.33 90.00 24.52
C ARG L 276 4.56 89.22 23.24
N HIS L 277 5.52 89.63 22.41
CA HIS L 277 5.93 88.91 21.21
C HIS L 277 7.42 88.60 21.38
N PRO L 278 7.76 87.55 22.14
CA PRO L 278 9.15 87.35 22.54
C PRO L 278 10.06 86.87 21.43
N PHE L 279 9.54 86.47 20.28
CA PHE L 279 10.38 86.00 19.18
C PHE L 279 10.73 87.11 18.18
N GLN L 280 10.28 88.34 18.41
CA GLN L 280 10.65 89.47 17.55
C GLN L 280 11.91 90.13 18.11
N GLU L 281 12.93 90.26 17.27
CA GLU L 281 14.22 90.77 17.73
C GLU L 281 14.13 92.25 18.09
N GLY L 282 14.87 92.64 19.12
CA GLY L 282 14.95 94.03 19.54
C GLY L 282 14.06 94.38 20.72
N PHE L 283 14.64 95.03 21.73
CA PHE L 283 13.91 95.42 22.93
C PHE L 283 14.44 96.78 23.39
N LYS L 284 13.75 97.85 22.98
CA LYS L 284 14.13 99.20 23.35
C LYS L 284 12.94 99.92 23.96
N ILE L 285 13.18 100.69 25.02
CA ILE L 285 12.15 101.48 25.69
C ILE L 285 12.66 102.91 25.78
N MET L 286 11.99 103.84 25.09
CA MET L 286 12.39 105.23 25.04
C MET L 286 11.36 106.10 25.76
N TYR L 287 11.71 107.37 25.95
CA TYR L 287 10.84 108.30 26.68
C TYR L 287 9.52 108.49 25.97
N GLU L 288 9.50 108.41 24.63
CA GLU L 288 8.26 108.60 23.88
C GLU L 288 7.31 107.41 24.01
N ASP L 289 7.79 106.25 24.45
CA ASP L 289 6.93 105.09 24.59
C ASP L 289 6.21 105.02 25.94
N LEU L 290 6.56 105.89 26.88
CA LEU L 290 5.99 105.86 28.23
C LEU L 290 4.89 106.91 28.41
N GLU L 291 4.10 107.17 27.38
CA GLU L 291 3.06 108.18 27.47
C GLU L 291 2.04 107.84 28.55
N GLY L 292 1.62 108.86 29.29
CA GLY L 292 0.69 108.68 30.39
C GLY L 292 1.32 108.31 31.71
N GLY L 293 2.65 108.20 31.78
CA GLY L 293 3.31 107.77 32.98
C GLY L 293 4.08 108.83 33.72
N ASN L 294 3.72 110.10 33.52
CA ASN L 294 4.42 111.18 34.21
C ASN L 294 4.20 111.09 35.72
N ILE L 295 5.28 111.34 36.47
CA ILE L 295 5.24 111.25 37.92
C ILE L 295 4.65 112.53 38.49
N PRO L 296 3.58 112.47 39.26
CA PRO L 296 2.97 113.69 39.80
C PRO L 296 3.92 114.43 40.72
N ALA L 297 3.87 115.76 40.67
CA ALA L 297 4.76 116.60 41.44
C ALA L 297 4.35 116.64 42.91
N LEU L 298 5.32 116.93 43.76
CA LEU L 298 5.13 117.17 45.19
C LEU L 298 4.15 116.21 45.85
N ILE L 364 -1.16 125.60 48.49
CA ILE L 364 -1.47 124.66 47.43
C ILE L 364 -0.60 124.93 46.19
N GLN L 365 0.69 124.65 46.31
CA GLN L 365 1.61 124.81 45.20
C GLN L 365 2.63 123.68 45.23
N PRO L 366 3.09 123.20 44.07
CA PRO L 366 4.09 122.13 44.06
C PRO L 366 5.45 122.62 44.53
N LEU L 367 6.18 121.72 45.18
CA LEU L 367 7.57 122.01 45.51
C LEU L 367 8.41 121.97 44.24
N GLU L 368 9.25 122.99 44.05
CA GLU L 368 10.00 123.13 42.81
C GLU L 368 11.48 122.78 42.94
N LYS L 369 11.99 122.56 44.15
CA LYS L 369 13.40 122.27 44.33
C LYS L 369 13.58 121.47 45.61
N ASP L 370 14.76 120.84 45.73
CA ASP L 370 15.08 119.97 46.84
C ASP L 370 15.76 120.77 47.96
N SER L 371 16.20 120.06 49.00
CA SER L 371 16.82 120.73 50.15
C SER L 371 18.11 121.44 49.78
N LYS L 372 18.94 120.80 48.95
CA LYS L 372 20.23 121.36 48.53
C LYS L 372 20.14 122.08 47.20
N SER L 373 18.97 122.64 46.88
CA SER L 373 18.75 123.39 45.65
C SER L 373 19.03 122.54 44.41
N ARG L 374 18.24 121.49 44.25
CA ARG L 374 18.22 120.68 43.04
C ARG L 374 16.84 120.75 42.43
N SER L 375 16.79 121.00 41.12
CA SER L 375 15.52 121.13 40.44
C SER L 375 14.79 119.78 40.38
N TYR L 376 13.49 119.79 40.68
CA TYR L 376 12.65 118.63 40.48
C TYR L 376 12.09 118.55 39.07
N ASN L 377 12.44 119.49 38.19
CA ASN L 377 11.99 119.50 36.79
C ASN L 377 10.46 119.60 36.68
N VAL L 378 9.86 120.44 37.51
CA VAL L 378 8.42 120.65 37.42
C VAL L 378 8.09 121.38 36.12
N LEU L 379 6.93 121.07 35.55
CA LEU L 379 6.51 121.59 34.25
C LEU L 379 5.42 122.64 34.43
N GLU L 380 4.88 123.09 33.30
CA GLU L 380 3.72 123.97 33.33
C GLU L 380 2.50 123.21 33.83
N ASP L 381 1.50 123.98 34.28
CA ASP L 381 0.28 123.50 34.92
C ASP L 381 0.55 123.03 36.34
N LYS L 382 1.82 122.97 36.74
CA LYS L 382 2.21 122.83 38.13
C LYS L 382 1.56 121.63 38.82
N ILE L 383 1.40 120.53 38.08
CA ILE L 383 0.90 119.28 38.65
C ILE L 383 1.84 118.11 38.37
N ASN L 384 2.33 117.98 37.14
CA ASN L 384 3.14 116.85 36.76
C ASN L 384 4.60 117.25 36.54
N THR L 385 5.46 116.25 36.58
CA THR L 385 6.91 116.41 36.43
C THR L 385 7.36 115.74 35.14
N ALA L 386 8.51 116.17 34.63
CA ALA L 386 9.04 115.64 33.38
C ALA L 386 9.41 114.15 33.47
N TYR L 387 9.64 113.63 34.68
CA TYR L 387 9.99 112.21 34.83
C TYR L 387 8.82 111.32 34.42
N ARG L 388 9.12 110.24 33.71
CA ARG L 388 8.16 109.21 33.37
C ARG L 388 8.66 107.85 33.87
N SER L 389 7.72 106.96 34.17
CA SER L 389 8.08 105.63 34.67
C SER L 389 7.26 104.55 33.99
N TRP L 390 7.89 103.39 33.78
CA TRP L 390 7.23 102.28 33.11
C TRP L 390 6.04 101.77 33.91
N TYR L 391 6.18 101.69 35.23
CA TYR L 391 5.11 101.11 36.05
C TYR L 391 3.85 101.98 36.04
N LEU L 392 4.02 103.30 36.11
CA LEU L 392 2.85 104.19 36.06
C LEU L 392 2.16 104.10 34.72
N SER L 393 2.92 104.03 33.63
CA SER L 393 2.32 103.93 32.31
C SER L 393 1.62 102.58 32.11
N TYR L 394 2.20 101.50 32.65
CA TYR L 394 1.59 100.19 32.51
C TYR L 394 0.26 100.10 33.25
N ASN L 395 0.18 100.68 34.44
CA ASN L 395 -1.00 100.51 35.29
C ASN L 395 -2.03 101.62 35.14
N TYR L 396 -1.62 102.85 34.82
CA TYR L 396 -2.55 103.97 34.78
C TYR L 396 -2.72 104.60 33.40
N GLY L 397 -1.86 104.27 32.44
CA GLY L 397 -1.94 104.85 31.11
C GLY L 397 -3.04 104.22 30.28
N ASN L 398 -3.01 104.55 28.99
CA ASN L 398 -4.02 104.06 28.06
C ASN L 398 -3.81 102.57 27.79
N PRO L 399 -4.81 101.71 28.04
CA PRO L 399 -4.61 100.27 27.86
C PRO L 399 -4.27 99.86 26.43
N GLU L 400 -4.74 100.59 25.42
CA GLU L 400 -4.61 100.15 24.04
C GLU L 400 -3.59 100.96 23.25
N LYS L 401 -2.90 101.90 23.88
CA LYS L 401 -1.89 102.70 23.20
C LYS L 401 -0.59 102.85 23.97
N GLY L 402 -0.58 102.68 25.28
CA GLY L 402 0.62 102.84 26.07
C GLY L 402 1.51 101.61 26.04
N ILE L 403 2.45 101.58 26.98
CA ILE L 403 3.43 100.50 27.05
C ILE L 403 2.77 99.16 27.35
N ARG L 404 1.55 99.15 27.90
CA ARG L 404 0.87 97.92 28.24
C ARG L 404 0.44 97.11 27.03
N SER L 405 0.40 97.71 25.84
CA SER L 405 -0.07 97.00 24.66
C SER L 405 0.96 96.03 24.10
N TRP L 406 2.24 96.21 24.40
CA TRP L 406 3.26 95.31 23.88
C TRP L 406 4.30 94.87 24.91
N THR L 407 4.13 95.18 26.19
CA THR L 407 4.97 94.63 27.24
C THR L 407 4.11 93.95 28.30
N LEU L 408 4.77 93.13 29.13
CA LEU L 408 4.09 92.31 30.12
C LEU L 408 4.84 92.38 31.45
N LEU L 409 4.09 92.43 32.54
CA LEU L 409 4.65 92.50 33.89
C LEU L 409 4.71 91.09 34.48
N THR L 410 5.89 90.69 34.95
CA THR L 410 6.11 89.34 35.48
C THR L 410 6.89 89.41 36.79
N THR L 411 6.92 88.29 37.52
CA THR L 411 7.71 88.21 38.75
C THR L 411 9.21 88.24 38.42
N SER L 412 9.98 88.88 39.29
CA SER L 412 11.42 88.97 39.10
C SER L 412 12.07 87.61 39.19
N ASP L 413 12.99 87.32 38.27
CA ASP L 413 13.69 86.04 38.21
C ASP L 413 15.19 86.30 38.42
N VAL L 414 15.69 85.97 39.61
CA VAL L 414 17.06 86.31 39.99
C VAL L 414 18.09 85.53 39.18
N THR L 415 17.77 84.31 38.74
CA THR L 415 18.73 83.55 37.95
C THR L 415 18.91 84.12 36.55
N CYS L 416 18.08 85.08 36.15
CA CYS L 416 18.07 85.70 34.83
C CYS L 416 17.59 84.76 33.73
N GLY L 417 16.96 83.65 34.09
CA GLY L 417 16.37 82.76 33.11
C GLY L 417 17.29 81.62 32.73
N VAL L 418 17.01 80.44 33.24
CA VAL L 418 17.85 79.28 32.95
C VAL L 418 17.29 78.58 31.73
N GLU L 419 18.18 77.99 30.94
CA GLU L 419 17.80 77.20 29.78
C GLU L 419 18.32 75.77 29.95
N GLN L 420 18.19 74.98 28.90
CA GLN L 420 18.47 73.55 28.94
C GLN L 420 19.94 73.26 28.67
N VAL L 421 20.35 72.01 28.96
CA VAL L 421 21.67 71.49 28.64
C VAL L 421 21.50 70.15 27.93
N TYR L 422 22.50 69.80 27.11
CA TYR L 422 22.48 68.59 26.29
C TYR L 422 23.68 67.70 26.60
N TRP L 423 23.46 66.39 26.65
CA TRP L 423 24.50 65.38 26.84
C TRP L 423 24.84 64.71 25.51
N SER L 424 26.14 64.42 25.29
CA SER L 424 26.60 63.67 24.13
C SER L 424 27.57 62.57 24.55
N LEU L 425 27.39 61.37 23.97
CA LEU L 425 28.30 60.24 24.15
C LEU L 425 28.58 59.60 22.80
N PRO L 426 29.35 60.26 21.94
CA PRO L 426 29.42 59.83 20.53
C PRO L 426 30.09 58.47 20.31
N ASP L 427 30.93 57.98 21.23
CA ASP L 427 31.59 56.69 21.04
C ASP L 427 30.83 55.52 21.67
N MET L 428 29.69 55.77 22.31
CA MET L 428 28.97 54.70 23.00
C MET L 428 27.58 54.46 22.43
N MET L 429 26.80 55.51 22.21
CA MET L 429 25.42 55.39 21.73
C MET L 429 25.34 55.59 20.22
N GLN L 430 24.32 54.99 19.61
CA GLN L 430 24.00 55.28 18.22
C GLN L 430 23.37 56.67 18.10
N ASP L 431 23.56 57.30 16.94
CA ASP L 431 23.00 58.62 16.72
C ASP L 431 21.49 58.55 16.62
N PRO L 432 20.75 59.39 17.35
CA PRO L 432 19.29 59.44 17.19
C PRO L 432 18.89 59.97 15.81
N VAL L 433 17.61 59.73 15.47
CA VAL L 433 17.14 59.91 14.11
C VAL L 433 17.29 61.37 13.65
N THR L 434 17.76 61.54 12.41
CA THR L 434 18.04 62.75 11.64
C THR L 434 19.36 63.45 12.04
N PHE L 435 20.07 63.02 13.07
CA PHE L 435 21.38 63.59 13.38
C PHE L 435 22.45 63.01 12.46
N ARG L 436 23.37 63.86 12.00
CA ARG L 436 24.51 63.43 11.20
C ARG L 436 25.70 63.04 12.08
N SER L 437 26.45 62.03 11.64
CA SER L 437 27.71 61.68 12.29
C SER L 437 28.79 62.69 11.93
N THR L 438 29.55 63.13 12.94
CA THR L 438 30.54 64.17 12.73
C THR L 438 31.56 64.15 13.86
N ARG L 439 32.64 64.91 13.67
CA ARG L 439 33.65 65.11 14.69
C ARG L 439 33.78 66.57 15.13
N GLN L 440 32.81 67.41 14.78
CA GLN L 440 32.79 68.79 15.24
C GLN L 440 32.04 68.88 16.57
N VAL L 441 32.67 69.51 17.56
CA VAL L 441 32.15 69.48 18.92
C VAL L 441 30.80 70.20 19.01
N SER L 442 30.66 71.33 18.34
CA SER L 442 29.38 72.03 18.38
C SER L 442 28.29 71.34 17.56
N ASN L 443 28.47 70.13 17.03
CA ASN L 443 27.40 69.47 16.29
C ASN L 443 27.30 67.98 16.63
N TYR L 444 27.75 67.57 17.81
CA TYR L 444 27.59 66.18 18.24
C TYR L 444 26.10 65.82 18.36
N PRO L 445 25.73 64.59 18.05
CA PRO L 445 24.35 64.14 18.30
C PRO L 445 24.02 64.16 19.80
N VAL L 446 22.76 64.44 20.10
CA VAL L 446 22.30 64.69 21.47
C VAL L 446 21.60 63.45 22.01
N VAL L 447 22.01 63.00 23.19
CA VAL L 447 21.51 61.78 23.80
C VAL L 447 20.59 62.03 24.99
N GLY L 448 20.54 63.25 25.52
CA GLY L 448 19.63 63.57 26.61
C GLY L 448 19.61 65.06 26.88
N ALA L 449 18.56 65.50 27.58
CA ALA L 449 18.38 66.92 27.88
C ALA L 449 17.77 67.10 29.26
N GLU L 450 18.06 68.24 29.88
CA GLU L 450 17.53 68.61 31.19
C GLU L 450 17.80 70.10 31.40
N LEU L 451 17.30 70.63 32.51
CA LEU L 451 17.56 72.02 32.85
C LEU L 451 18.95 72.19 33.49
N MET L 452 19.61 73.27 33.15
CA MET L 452 20.81 73.66 33.89
C MET L 452 20.44 73.86 35.35
N PRO L 453 21.10 73.19 36.30
CA PRO L 453 20.56 73.04 37.66
C PRO L 453 20.82 74.23 38.58
N VAL L 454 20.18 75.35 38.29
CA VAL L 454 20.29 76.58 39.09
C VAL L 454 18.88 77.06 39.39
N PHE L 455 18.61 77.36 40.67
CA PHE L 455 17.26 77.65 41.13
C PHE L 455 17.23 78.87 42.04
N SER L 456 16.05 79.47 42.12
CA SER L 456 15.80 80.62 42.98
C SER L 456 15.25 80.16 44.34
N LYS L 457 15.66 80.87 45.40
CA LYS L 457 15.17 80.61 46.75
C LYS L 457 14.73 81.92 47.40
N SER L 458 13.64 81.88 48.16
CA SER L 458 13.03 83.06 48.76
C SER L 458 13.30 83.14 50.26
N PHE L 459 13.45 84.38 50.74
CA PHE L 459 13.61 84.66 52.16
C PHE L 459 12.73 85.85 52.53
N TYR L 460 12.43 85.96 53.82
CA TYR L 460 11.59 87.05 54.33
C TYR L 460 12.43 87.99 55.17
N ASN L 461 12.34 89.28 54.89
CA ASN L 461 13.10 90.29 55.62
C ASN L 461 12.25 91.53 55.93
N HIS L 478 28.21 106.32 52.04
CA HIS L 478 27.29 105.48 51.28
C HIS L 478 27.42 105.73 49.79
N VAL L 479 28.16 104.85 49.11
CA VAL L 479 28.30 104.95 47.67
C VAL L 479 27.00 104.64 46.95
N PHE L 480 26.08 103.92 47.59
CA PHE L 480 24.79 103.57 46.99
C PHE L 480 23.69 104.57 47.33
N ASN L 481 24.03 105.68 47.98
CA ASN L 481 23.06 106.75 48.23
C ASN L 481 23.84 108.07 48.19
N ARG L 482 23.90 108.67 47.00
CA ARG L 482 24.64 109.89 46.76
C ARG L 482 23.76 111.14 46.76
N PHE L 483 22.45 110.99 46.73
CA PHE L 483 21.51 112.09 46.78
C PHE L 483 20.45 111.80 47.84
N PRO L 484 20.85 111.80 49.11
CA PRO L 484 19.89 111.44 50.17
C PRO L 484 18.68 112.35 50.23
N GLU L 485 18.85 113.64 49.88
CA GLU L 485 17.74 114.58 50.01
C GLU L 485 16.72 114.44 48.91
N ASN L 486 17.15 114.10 47.69
CA ASN L 486 16.28 114.17 46.53
C ASN L 486 15.28 113.02 46.54
N GLN L 487 13.98 113.36 46.48
CA GLN L 487 12.94 112.34 46.55
C GLN L 487 12.91 111.44 45.33
N ILE L 488 13.44 111.89 44.20
CA ILE L 488 13.47 111.07 43.00
C ILE L 488 14.71 110.19 42.96
N LEU L 489 15.84 110.72 43.42
CA LEU L 489 17.14 110.04 43.35
C LEU L 489 17.50 109.33 44.64
N ILE L 490 16.57 109.22 45.59
CA ILE L 490 16.85 108.47 46.81
C ILE L 490 17.04 106.98 46.48
N ARG L 491 17.79 106.31 47.36
CA ARG L 491 18.04 104.87 47.18
C ARG L 491 16.73 104.09 47.32
N PRO L 492 16.42 103.19 46.40
CA PRO L 492 15.11 102.54 46.43
C PRO L 492 14.94 101.70 47.68
N PRO L 493 13.73 101.60 48.19
CA PRO L 493 13.47 100.69 49.31
C PRO L 493 13.62 99.23 48.89
N ALA L 494 14.02 98.40 49.86
CA ALA L 494 14.24 96.97 49.63
C ALA L 494 12.94 96.19 49.79
N PRO L 495 12.71 95.18 48.96
CA PRO L 495 11.49 94.39 49.09
C PRO L 495 11.48 93.58 50.37
N THR L 496 10.27 93.28 50.85
CA THR L 496 10.13 92.38 51.99
C THR L 496 10.37 90.91 51.61
N ILE L 497 10.46 90.59 50.32
CA ILE L 497 10.81 89.25 49.84
C ILE L 497 12.10 89.35 49.04
N THR L 498 13.13 88.63 49.47
CA THR L 498 14.42 88.61 48.80
C THR L 498 14.66 87.24 48.18
N THR L 499 15.19 87.22 46.95
CA THR L 499 15.48 85.98 46.24
C THR L 499 16.96 85.92 45.85
N VAL L 500 17.54 84.74 46.00
CA VAL L 500 18.93 84.47 45.63
C VAL L 500 18.98 83.14 44.86
N SER L 501 20.01 82.98 44.03
CA SER L 501 20.14 81.82 43.18
C SER L 501 21.09 80.79 43.79
N GLU L 502 20.78 79.51 43.60
CA GLU L 502 21.51 78.40 44.20
C GLU L 502 21.81 77.32 43.17
N ASN L 503 22.90 76.59 43.41
CA ASN L 503 23.28 75.42 42.61
C ASN L 503 22.92 74.17 43.40
N VAL L 504 22.13 73.28 42.78
CA VAL L 504 21.64 72.07 43.42
C VAL L 504 22.05 70.88 42.58
N PRO L 505 22.69 69.86 43.14
CA PRO L 505 23.09 68.69 42.33
C PRO L 505 21.90 67.98 41.71
N ALA L 506 22.06 67.56 40.46
CA ALA L 506 20.98 67.01 39.65
C ALA L 506 21.23 65.54 39.37
N LEU L 507 20.24 64.71 39.67
CA LEU L 507 20.30 63.26 39.47
C LEU L 507 19.18 62.89 38.50
N THR L 508 19.54 62.37 37.33
CA THR L 508 18.59 62.26 36.22
C THR L 508 18.63 60.86 35.61
N ASP L 509 17.45 60.32 35.33
CA ASP L 509 17.29 59.08 34.57
C ASP L 509 16.83 59.43 33.16
N HIS L 510 17.64 59.08 32.17
CA HIS L 510 17.37 59.43 30.77
C HIS L 510 16.72 58.31 29.97
N GLY L 511 16.40 57.17 30.58
CA GLY L 511 15.82 56.05 29.86
C GLY L 511 16.84 55.22 29.09
N THR L 512 16.31 54.38 28.20
CA THR L 512 17.11 53.41 27.44
C THR L 512 17.34 53.90 26.02
N LEU L 513 18.59 53.81 25.56
CA LEU L 513 18.99 54.18 24.20
C LEU L 513 19.75 53.06 23.52
N PRO L 514 19.64 52.94 22.20
CA PRO L 514 20.39 51.88 21.49
C PRO L 514 21.90 52.06 21.59
N LEU L 515 22.59 50.93 21.76
CA LEU L 515 24.01 50.87 22.09
C LEU L 515 24.78 50.27 20.92
N ARG L 516 26.01 50.76 20.70
CA ARG L 516 26.88 50.17 19.69
C ARG L 516 27.37 48.79 20.12
N SER L 517 27.54 47.90 19.14
CA SER L 517 27.92 46.51 19.44
C SER L 517 29.38 46.38 19.89
N SER L 518 30.25 47.29 19.48
CA SER L 518 31.65 47.27 19.87
C SER L 518 32.02 48.60 20.49
N ILE L 519 32.54 48.58 21.71
CA ILE L 519 32.82 49.77 22.50
C ILE L 519 34.33 49.86 22.72
N ARG L 520 34.92 50.97 22.32
CA ARG L 520 36.35 51.19 22.52
C ARG L 520 36.65 51.57 23.98
N GLY L 521 37.90 51.37 24.37
CA GLY L 521 38.31 51.57 25.74
C GLY L 521 38.36 53.01 26.21
N VAL L 522 38.49 53.96 25.28
CA VAL L 522 38.53 55.38 25.62
C VAL L 522 37.28 56.05 25.05
N GLN L 523 36.59 56.83 25.88
CA GLN L 523 35.29 57.40 25.55
C GLN L 523 35.30 58.92 25.78
N ARG L 524 34.54 59.62 24.94
CA ARG L 524 34.38 61.08 25.05
C ARG L 524 33.05 61.44 25.71
N VAL L 525 33.08 62.40 26.62
CA VAL L 525 31.90 62.90 27.33
C VAL L 525 31.80 64.41 27.13
N THR L 526 30.63 64.89 26.72
CA THR L 526 30.45 66.31 26.41
C THR L 526 29.12 66.83 26.94
N VAL L 527 29.13 68.06 27.47
CA VAL L 527 27.95 68.78 27.94
C VAL L 527 27.95 70.17 27.30
N THR L 528 26.86 70.52 26.60
CA THR L 528 26.75 71.81 25.91
C THR L 528 25.41 72.48 26.21
N ASP L 529 25.37 73.80 26.00
CA ASP L 529 24.18 74.60 26.26
C ASP L 529 23.31 74.72 25.01
N ALA L 530 22.33 75.62 25.06
CA ALA L 530 21.34 75.73 23.97
C ALA L 530 21.96 76.23 22.68
N ARG L 531 23.01 77.06 22.77
CA ARG L 531 23.73 77.53 21.59
C ARG L 531 24.87 76.60 21.21
N ARG L 532 24.96 75.43 21.86
CA ARG L 532 25.97 74.40 21.58
C ARG L 532 27.39 74.88 21.91
N ARG L 533 27.53 75.63 22.99
CA ARG L 533 28.83 75.91 23.59
C ARG L 533 29.01 75.04 24.84
N THR L 534 30.26 74.69 25.14
CA THR L 534 30.52 74.03 26.40
C THR L 534 30.36 75.01 27.55
N CYS L 535 30.05 74.48 28.73
CA CYS L 535 29.79 75.32 29.89
C CYS L 535 30.96 75.27 30.87
N PRO L 536 31.67 76.38 31.09
CA PRO L 536 32.81 76.37 32.02
C PRO L 536 32.44 76.23 33.50
N TYR L 537 31.16 76.23 33.86
CA TYR L 537 30.78 76.16 35.26
C TYR L 537 30.37 74.76 35.72
N VAL L 538 30.52 73.74 34.87
CA VAL L 538 30.40 72.36 35.31
C VAL L 538 31.70 71.94 35.96
N TYR L 539 31.62 71.38 37.16
CA TYR L 539 32.83 70.84 37.79
C TYR L 539 32.68 69.40 38.28
N LYS L 540 31.57 68.73 38.01
CA LYS L 540 31.42 67.32 38.32
C LYS L 540 30.37 66.73 37.40
N ALA L 541 30.74 65.67 36.69
CA ALA L 541 29.83 64.99 35.77
C ALA L 541 30.18 63.51 35.72
N LEU L 542 29.20 62.64 35.99
CA LEU L 542 29.37 61.20 35.97
C LEU L 542 28.24 60.54 35.18
N GLY L 543 28.56 59.41 34.57
CA GLY L 543 27.56 58.61 33.89
C GLY L 543 27.67 57.15 34.26
N ILE L 544 26.52 56.49 34.31
CA ILE L 544 26.42 55.07 34.58
C ILE L 544 25.47 54.45 33.57
N VAL L 545 25.91 53.40 32.88
CA VAL L 545 25.15 52.76 31.82
C VAL L 545 24.93 51.29 32.18
N ALA L 546 23.71 50.81 31.97
CA ALA L 546 23.36 49.42 32.23
C ALA L 546 22.85 48.73 30.96
N PRO L 547 23.69 47.97 30.26
CA PRO L 547 23.25 47.34 29.01
C PRO L 547 22.26 46.20 29.22
N ARG L 548 21.41 45.97 28.22
CA ARG L 548 20.52 44.82 28.18
C ARG L 548 20.06 44.58 26.75
N VAL L 549 19.52 43.39 26.51
CA VAL L 549 19.09 42.96 25.17
C VAL L 549 17.74 43.59 24.84
N LEU L 550 17.62 44.16 23.63
CA LEU L 550 16.38 44.73 23.14
C LEU L 550 15.64 43.83 22.16
N SER L 551 16.33 43.30 21.15
CA SER L 551 15.68 42.41 20.18
C SER L 551 16.72 41.50 19.54
N SER L 552 16.23 40.54 18.78
CA SER L 552 17.07 39.55 18.13
C SER L 552 17.58 40.05 16.79
N ARG L 553 18.75 39.54 16.40
CA ARG L 553 19.37 39.78 15.09
C ARG L 553 19.80 41.23 14.91
N ARG M 48 19.38 -33.90 25.49
CA ARG M 48 18.69 -35.17 25.66
C ARG M 48 19.67 -36.34 25.79
N ASN M 49 20.77 -36.13 26.51
CA ASN M 49 21.80 -37.16 26.61
C ASN M 49 22.37 -37.30 28.02
N SER M 50 21.64 -36.89 29.04
CA SER M 50 22.15 -36.94 30.41
C SER M 50 21.88 -38.29 31.06
N ILE M 51 22.69 -38.62 32.06
CA ILE M 51 22.61 -39.87 32.81
C ILE M 51 22.60 -39.53 34.29
N ARG M 52 21.58 -39.99 35.02
CA ARG M 52 21.32 -39.55 36.39
C ARG M 52 21.21 -40.71 37.35
N TYR M 53 21.67 -40.50 38.58
CA TYR M 53 21.62 -41.48 39.65
C TYR M 53 20.71 -40.96 40.75
N SER M 54 19.79 -41.82 41.21
CA SER M 54 18.67 -41.36 42.02
C SER M 54 19.08 -40.82 43.38
N GLU M 55 20.30 -41.09 43.85
CA GLU M 55 20.74 -40.57 45.14
C GLU M 55 21.39 -39.19 45.06
N LEU M 56 21.50 -38.59 43.88
CA LEU M 56 22.16 -37.30 43.70
C LEU M 56 21.18 -36.27 43.13
N SER M 57 21.32 -35.03 43.59
CA SER M 57 20.45 -33.93 43.14
C SER M 57 21.15 -32.60 43.37
N PRO M 58 20.96 -31.61 42.50
CA PRO M 58 21.64 -30.32 42.66
C PRO M 58 20.90 -29.38 43.62
N LEU M 59 21.64 -28.38 44.11
CA LEU M 59 21.18 -27.49 45.18
C LEU M 59 20.89 -26.09 44.67
N TYR M 60 19.86 -25.46 45.26
CA TYR M 60 19.41 -24.13 44.87
C TYR M 60 18.96 -23.31 46.09
N ASP M 61 19.13 -21.99 45.95
CA ASP M 61 18.52 -20.89 46.71
C ASP M 61 19.00 -20.65 48.15
N THR M 62 19.54 -21.64 48.84
CA THR M 62 19.99 -21.47 50.23
C THR M 62 20.52 -22.81 50.74
N THR M 63 21.34 -22.75 51.78
CA THR M 63 21.96 -23.91 52.40
C THR M 63 22.55 -23.47 53.74
N ARG M 64 23.36 -24.34 54.36
CA ARG M 64 24.06 -24.02 55.61
C ARG M 64 25.55 -24.31 55.48
N LEU M 65 26.37 -23.48 56.13
CA LEU M 65 27.80 -23.73 56.30
C LEU M 65 28.11 -23.71 57.80
N TYR M 66 28.88 -24.69 58.26
CA TYR M 66 29.16 -24.86 59.68
C TYR M 66 30.65 -24.63 59.97
N LEU M 67 30.93 -23.80 60.97
CA LEU M 67 32.29 -23.46 61.40
C LEU M 67 32.47 -23.96 62.82
N VAL M 68 33.11 -25.12 62.97
CA VAL M 68 33.14 -25.87 64.22
C VAL M 68 34.58 -26.06 64.67
N ASP M 69 34.82 -25.88 65.96
CA ASP M 69 36.16 -25.79 66.50
C ASP M 69 36.73 -27.11 67.03
N ASN M 70 35.99 -28.22 66.97
CA ASN M 70 36.46 -29.46 67.58
C ASN M 70 36.22 -30.67 66.67
N LYS M 71 36.48 -30.53 65.38
CA LYS M 71 36.47 -31.69 64.50
C LYS M 71 37.71 -32.56 64.76
N SER M 72 37.52 -33.88 64.73
CA SER M 72 38.57 -34.79 65.17
C SER M 72 39.81 -34.69 64.29
N ALA M 73 39.63 -34.67 62.97
CA ALA M 73 40.78 -34.65 62.06
C ALA M 73 41.46 -33.28 62.02
N ASP M 74 40.69 -32.19 62.17
CA ASP M 74 41.29 -30.86 62.16
C ASP M 74 42.16 -30.62 63.39
N ILE M 75 41.84 -31.27 64.51
CA ILE M 75 42.63 -31.11 65.72
C ILE M 75 44.06 -31.60 65.50
N ALA M 76 44.21 -32.75 64.85
CA ALA M 76 45.52 -33.37 64.73
C ALA M 76 46.41 -32.66 63.72
N SER M 77 45.86 -32.24 62.58
CA SER M 77 46.68 -31.81 61.46
C SER M 77 46.66 -30.31 61.18
N LEU M 78 45.82 -29.54 61.86
CA LEU M 78 45.76 -28.11 61.54
C LEU M 78 46.13 -27.20 62.70
N ASN M 79 45.73 -27.53 63.92
CA ASN M 79 45.67 -26.55 65.01
C ASN M 79 46.60 -26.90 66.15
N TYR M 80 47.80 -27.36 65.84
CA TYR M 80 48.72 -27.83 66.88
C TYR M 80 49.18 -26.68 67.78
N GLN M 81 49.39 -25.49 67.22
CA GLN M 81 49.88 -24.35 67.97
C GLN M 81 48.81 -23.28 68.24
N ASN M 82 47.52 -23.59 68.05
CA ASN M 82 46.44 -22.63 68.14
C ASN M 82 45.63 -22.80 69.42
N ASP M 83 44.67 -21.90 69.63
CA ASP M 83 43.69 -22.03 70.71
C ASP M 83 42.33 -21.62 70.18
N HIS M 84 41.31 -21.70 71.05
CA HIS M 84 39.94 -21.50 70.61
C HIS M 84 39.62 -20.07 70.22
N SER M 85 40.50 -19.12 70.51
CA SER M 85 40.32 -17.74 70.08
C SER M 85 40.84 -17.49 68.66
N ASN M 86 41.66 -18.39 68.10
CA ASN M 86 42.24 -18.18 66.77
C ASN M 86 42.65 -19.55 66.21
N PHE M 87 41.82 -20.10 65.32
CA PHE M 87 42.02 -21.48 64.86
C PHE M 87 41.59 -21.62 63.41
N LEU M 88 41.87 -22.78 62.83
CA LEU M 88 41.49 -23.15 61.48
C LEU M 88 40.49 -24.29 61.49
N THR M 89 39.58 -24.30 60.53
CA THR M 89 38.59 -25.36 60.42
C THR M 89 38.22 -25.59 58.96
N THR M 90 37.65 -26.75 58.69
CA THR M 90 37.24 -27.12 57.34
C THR M 90 35.72 -27.02 57.21
N VAL M 91 35.26 -26.36 56.15
CA VAL M 91 33.83 -26.28 55.87
C VAL M 91 33.35 -27.42 54.98
N VAL M 92 34.25 -28.26 54.48
CA VAL M 92 33.89 -29.44 53.72
C VAL M 92 33.56 -30.57 54.71
N GLN M 93 32.35 -31.09 54.64
CA GLN M 93 31.86 -32.11 55.57
C GLN M 93 31.84 -33.51 54.97
N ASN M 94 32.82 -33.86 54.14
CA ASN M 94 32.86 -35.12 53.39
C ASN M 94 34.12 -35.87 53.82
N ASN M 95 33.95 -37.00 54.51
CA ASN M 95 35.08 -37.71 55.08
C ASN M 95 35.82 -38.61 54.09
N ASP M 96 35.52 -38.51 52.80
CA ASP M 96 36.35 -39.16 51.78
C ASP M 96 37.70 -38.46 51.62
N PHE M 97 37.90 -37.30 52.24
CA PHE M 97 39.10 -36.51 52.07
C PHE M 97 39.64 -36.09 53.44
N THR M 98 40.95 -35.95 53.53
CA THR M 98 41.60 -35.36 54.69
C THR M 98 41.50 -33.84 54.64
N PRO M 99 41.68 -33.17 55.78
CA PRO M 99 41.64 -31.68 55.75
C PRO M 99 42.66 -31.06 54.82
N THR M 100 43.86 -31.66 54.70
CA THR M 100 44.86 -31.14 53.78
C THR M 100 44.35 -31.19 52.34
N GLU M 101 43.76 -32.32 51.95
CA GLU M 101 43.17 -32.43 50.61
C GLU M 101 42.00 -31.45 50.45
N ALA M 102 41.20 -31.28 51.50
CA ALA M 102 40.04 -30.40 51.42
C ALA M 102 40.43 -28.95 51.21
N SER M 103 41.65 -28.56 51.62
CA SER M 103 42.04 -27.16 51.57
C SER M 103 42.07 -26.62 50.14
N THR M 104 42.28 -27.49 49.15
CA THR M 104 42.32 -27.05 47.76
C THR M 104 40.95 -27.06 47.07
N GLN M 105 39.91 -27.61 47.70
CA GLN M 105 38.59 -27.65 47.11
C GLN M 105 37.85 -26.33 47.34
N THR M 106 36.79 -26.10 46.57
CA THR M 106 36.02 -24.87 46.68
C THR M 106 34.52 -25.15 46.65
N ILE M 107 33.76 -24.19 47.16
CA ILE M 107 32.31 -24.11 47.03
C ILE M 107 31.98 -22.85 46.26
N ASN M 108 31.16 -22.96 45.23
CA ASN M 108 30.95 -21.86 44.29
C ASN M 108 29.48 -21.46 44.24
N PHE M 109 29.22 -20.19 44.51
CA PHE M 109 27.89 -19.59 44.41
C PHE M 109 27.77 -18.86 43.09
N ASP M 110 26.64 -19.02 42.41
CA ASP M 110 26.53 -18.62 41.00
C ASP M 110 26.96 -17.17 40.78
N GLU M 111 27.88 -16.98 39.85
CA GLU M 111 28.53 -15.69 39.64
C GLU M 111 27.62 -14.65 38.99
N ARG M 112 26.45 -15.04 38.52
CA ARG M 112 25.49 -14.08 37.98
C ARG M 112 24.63 -13.42 39.05
N SER M 113 24.88 -13.70 40.33
CA SER M 113 24.21 -13.04 41.44
C SER M 113 25.26 -12.58 42.45
N ARG M 114 24.88 -11.60 43.26
CA ARG M 114 25.63 -11.22 44.45
C ARG M 114 24.96 -11.86 45.67
N TRP M 115 25.77 -12.46 46.53
CA TRP M 115 25.27 -13.28 47.63
C TRP M 115 25.59 -12.64 48.98
N GLY M 116 24.71 -12.88 49.95
CA GLY M 116 24.94 -12.49 51.32
C GLY M 116 24.74 -13.65 52.26
N GLY M 117 25.28 -13.51 53.46
CA GLY M 117 25.19 -14.55 54.46
C GLY M 117 24.76 -14.09 55.84
N GLN M 118 23.70 -14.68 56.37
CA GLN M 118 23.24 -14.38 57.71
C GLN M 118 24.05 -15.19 58.72
N LEU M 119 24.62 -14.51 59.72
CA LEU M 119 25.58 -15.11 60.64
C LEU M 119 25.03 -15.19 62.05
N LYS M 120 25.11 -16.37 62.66
CA LYS M 120 24.79 -16.60 64.06
C LYS M 120 25.97 -17.23 64.76
N THR M 121 26.26 -16.81 65.98
CA THR M 121 27.41 -17.31 66.73
C THR M 121 27.00 -17.79 68.11
N ILE M 122 27.81 -18.70 68.65
CA ILE M 122 27.69 -19.21 70.01
C ILE M 122 29.07 -19.14 70.67
N MET M 123 29.14 -18.54 71.86
CA MET M 123 30.41 -18.34 72.56
C MET M 123 30.26 -18.62 74.05
N HIS M 124 31.29 -19.21 74.64
CA HIS M 124 31.33 -19.45 76.08
C HIS M 124 32.73 -19.20 76.62
N THR M 125 32.82 -18.57 77.79
CA THR M 125 34.08 -18.15 78.39
C THR M 125 34.21 -18.69 79.82
N ASN M 126 35.44 -18.64 80.34
CA ASN M 126 35.71 -19.04 81.73
C ASN M 126 36.70 -18.08 82.41
N MET M 127 36.47 -16.77 82.26
CA MET M 127 37.38 -15.74 82.78
C MET M 127 37.15 -15.51 84.28
N PRO M 128 38.21 -15.53 85.10
CA PRO M 128 38.09 -15.06 86.48
C PRO M 128 38.29 -13.56 86.60
N ASN M 129 37.72 -12.98 87.65
CA ASN M 129 37.66 -11.52 87.72
C ASN M 129 38.98 -10.86 88.12
N VAL M 130 39.87 -11.56 88.82
CA VAL M 130 41.18 -11.01 89.18
C VAL M 130 42.24 -11.82 88.44
N ASN M 131 42.88 -11.20 87.44
CA ASN M 131 43.87 -11.90 86.63
C ASN M 131 44.83 -10.89 86.02
N GLU M 132 45.96 -11.40 85.54
CA GLU M 132 47.04 -10.55 85.03
C GLU M 132 46.74 -10.01 83.64
N TYR M 133 46.09 -10.80 82.79
CA TYR M 133 45.92 -10.43 81.39
C TYR M 133 45.06 -9.18 81.24
N MET M 134 44.12 -8.95 82.15
CA MET M 134 43.18 -7.84 82.06
C MET M 134 43.54 -6.68 82.99
N PHE M 135 44.73 -6.71 83.58
CA PHE M 135 45.25 -5.61 84.42
C PHE M 135 44.39 -5.37 85.66
N SER M 136 43.75 -6.42 86.19
CA SER M 136 43.03 -6.34 87.45
C SER M 136 43.80 -6.99 88.57
N ASN M 137 45.13 -7.06 88.44
CA ASN M 137 45.99 -7.81 89.32
C ASN M 137 46.89 -6.94 90.19
N LYS M 138 46.98 -5.64 89.91
CA LYS M 138 48.03 -4.82 90.49
C LYS M 138 47.58 -3.37 90.64
N PHE M 139 48.26 -2.67 91.54
CA PHE M 139 48.09 -1.23 91.74
C PHE M 139 49.36 -0.68 92.37
N LYS M 140 49.48 0.64 92.42
CA LYS M 140 50.65 1.32 92.97
C LYS M 140 50.24 2.20 94.15
N ALA M 141 51.14 2.33 95.12
CA ALA M 141 50.90 3.15 96.30
C ALA M 141 52.22 3.64 96.87
N ARG M 142 52.13 4.69 97.69
CA ARG M 142 53.29 5.30 98.34
C ARG M 142 53.15 5.16 99.85
N VAL M 143 54.11 4.48 100.48
CA VAL M 143 54.08 4.19 101.90
C VAL M 143 55.41 4.65 102.53
N MET M 144 55.47 4.54 103.86
CA MET M 144 56.63 4.98 104.62
C MET M 144 57.63 3.84 104.79
N VAL M 145 58.89 4.12 104.45
CA VAL M 145 59.94 3.11 104.49
C VAL M 145 60.84 3.25 105.71
N SER M 146 61.04 4.46 106.22
CA SER M 146 61.92 4.67 107.36
C SER M 146 61.43 5.83 108.21
N ARG M 147 61.38 5.61 109.52
CA ARG M 147 61.32 6.69 110.49
C ARG M 147 62.76 7.08 110.84
N LYS M 148 62.94 7.88 111.88
CA LYS M 148 64.28 8.29 112.29
C LYS M 148 65.05 7.10 112.87
N ASP M 171 62.25 13.82 114.17
CA ASP M 171 62.17 12.62 113.34
C ASP M 171 62.06 12.96 111.87
N ILE M 172 62.82 12.24 111.04
CA ILE M 172 62.79 12.40 109.59
C ILE M 172 62.15 11.16 108.99
N LEU M 173 61.18 11.37 108.10
CA LEU M 173 60.36 10.31 107.54
C LEU M 173 60.63 10.19 106.05
N LYS M 174 60.79 8.96 105.56
CA LYS M 174 61.06 8.69 104.16
C LYS M 174 59.95 7.85 103.57
N TYR M 175 59.56 8.17 102.33
CA TYR M 175 58.48 7.49 101.63
C TYR M 175 58.97 7.05 100.25
N GLU M 176 58.30 6.04 99.69
CA GLU M 176 58.68 5.50 98.39
C GLU M 176 57.47 4.85 97.73
N TRP M 177 57.51 4.79 96.39
CA TRP M 177 56.48 4.15 95.60
C TRP M 177 56.81 2.68 95.37
N PHE M 178 55.78 1.84 95.35
CA PHE M 178 55.91 0.42 95.06
C PHE M 178 54.73 -0.03 94.20
N GLU M 179 54.88 -1.19 93.58
CA GLU M 179 53.80 -1.86 92.87
C GLU M 179 53.44 -3.14 93.60
N PHE M 180 52.15 -3.35 93.85
CA PHE M 180 51.65 -4.46 94.65
C PHE M 180 50.91 -5.45 93.77
N ILE M 181 51.06 -6.75 94.05
CA ILE M 181 50.51 -7.82 93.23
C ILE M 181 49.63 -8.71 94.09
N LEU M 182 48.42 -9.04 93.57
CA LEU M 182 47.45 -9.96 94.16
C LEU M 182 47.53 -11.31 93.47
N PRO M 183 47.17 -12.40 94.15
CA PRO M 183 47.07 -13.70 93.49
C PRO M 183 45.76 -13.84 92.73
N GLU M 184 45.79 -14.67 91.68
CA GLU M 184 44.69 -14.75 90.74
C GLU M 184 43.58 -15.68 91.23
N GLY M 185 42.36 -15.38 90.80
CA GLY M 185 41.19 -16.14 91.20
C GLY M 185 39.92 -15.35 90.95
N ASN M 186 38.80 -15.96 91.31
CA ASN M 186 37.48 -15.38 91.13
C ASN M 186 36.89 -15.07 92.50
N PHE M 187 36.91 -13.79 92.89
CA PHE M 187 36.61 -13.38 94.25
C PHE M 187 35.45 -12.38 94.29
N SER M 188 34.77 -12.34 95.43
CA SER M 188 33.79 -11.29 95.65
C SER M 188 34.48 -9.96 95.96
N ALA M 189 33.69 -8.89 96.00
CA ALA M 189 34.26 -7.56 96.20
C ALA M 189 34.86 -7.41 97.59
N THR M 190 34.21 -7.93 98.62
CA THR M 190 34.76 -7.84 99.97
C THR M 190 36.06 -8.64 100.08
N MET M 191 36.09 -9.84 99.52
CA MET M 191 37.30 -10.65 99.56
C MET M 191 38.45 -9.99 98.80
N THR M 192 38.14 -9.27 97.72
CA THR M 192 39.17 -8.55 96.98
C THR M 192 39.80 -7.44 97.81
N ILE M 193 38.98 -6.72 98.58
CA ILE M 193 39.49 -5.64 99.41
C ILE M 193 40.36 -6.17 100.53
N ASP M 194 40.06 -7.36 101.06
CA ASP M 194 40.94 -7.97 102.05
C ASP M 194 42.32 -8.27 101.46
N LEU M 195 42.36 -8.72 100.21
CA LEU M 195 43.64 -9.05 99.58
C LEU M 195 44.48 -7.80 99.34
N MET M 196 43.85 -6.67 99.03
CA MET M 196 44.60 -5.43 98.84
C MET M 196 45.20 -4.94 100.15
N ASN M 197 44.46 -5.03 101.25
CA ASN M 197 45.02 -4.69 102.55
C ASN M 197 46.18 -5.62 102.92
N ASN M 198 46.03 -6.91 102.64
CA ASN M 198 47.07 -7.87 102.95
C ASN M 198 48.35 -7.59 102.17
N ALA M 199 48.23 -7.10 100.94
CA ALA M 199 49.42 -6.75 100.16
C ALA M 199 50.18 -5.57 100.78
N ILE M 200 49.45 -4.59 101.30
CA ILE M 200 50.11 -3.45 101.95
C ILE M 200 50.88 -3.90 103.17
N ILE M 201 50.28 -4.78 103.98
CA ILE M 201 50.89 -5.20 105.24
C ILE M 201 52.14 -6.04 104.99
N ASP M 202 52.12 -6.89 103.96
CA ASP M 202 53.31 -7.69 103.64
C ASP M 202 54.50 -6.83 103.25
N ASN M 203 54.26 -5.62 102.74
CA ASN M 203 55.34 -4.67 102.50
C ASN M 203 55.86 -4.08 103.80
N TYR M 204 54.99 -3.90 104.80
CA TYR M 204 55.42 -3.37 106.09
C TYR M 204 56.16 -4.41 106.91
N LEU M 205 56.02 -5.70 106.59
CA LEU M 205 56.75 -6.74 107.31
C LEU M 205 58.10 -7.05 106.70
N GLU M 206 58.28 -6.77 105.41
CA GLU M 206 59.54 -7.03 104.71
C GLU M 206 60.48 -5.83 104.73
N ILE M 207 59.93 -4.64 104.57
CA ILE M 207 60.64 -3.37 104.72
C ILE M 207 59.90 -2.69 105.85
N GLY M 208 60.27 -1.47 106.22
CA GLY M 208 59.43 -0.81 107.19
C GLY M 208 59.74 -1.24 108.60
N ARG M 209 58.96 -2.20 109.10
CA ARG M 209 59.07 -2.67 110.49
C ARG M 209 60.51 -2.81 110.98
N GLN M 210 61.39 -3.34 110.15
CA GLN M 210 62.79 -3.48 110.55
C GLN M 210 63.57 -2.18 110.42
N ASN M 211 62.95 -1.09 110.00
CA ASN M 211 63.60 0.21 109.89
C ASN M 211 62.92 1.28 110.74
N GLY M 212 62.20 0.87 111.78
CA GLY M 212 61.73 1.79 112.79
C GLY M 212 60.33 2.35 112.66
N VAL M 213 59.54 1.87 111.69
CA VAL M 213 58.16 2.33 111.58
C VAL M 213 57.28 1.49 112.50
N LEU M 214 56.31 2.13 113.12
CA LEU M 214 55.43 1.45 114.06
C LEU M 214 54.14 1.02 113.36
N GLU M 215 53.41 0.13 114.03
CA GLU M 215 52.10 -0.26 113.50
C GLU M 215 51.06 0.78 113.91
N SER M 216 51.39 2.05 113.73
CA SER M 216 50.45 3.14 113.86
C SER M 216 50.71 4.22 112.81
N ASP M 217 51.63 3.98 111.87
CA ASP M 217 51.93 4.91 110.79
C ASP M 217 51.88 4.21 109.43
N ILE M 218 51.07 3.16 109.29
CA ILE M 218 51.00 2.40 108.05
C ILE M 218 50.69 3.33 106.87
N GLY M 219 49.52 3.96 106.90
CA GLY M 219 49.26 5.08 106.02
C GLY M 219 48.39 4.82 104.80
N VAL M 220 48.06 3.56 104.48
CA VAL M 220 47.14 3.26 103.38
C VAL M 220 46.23 2.11 103.84
N LYS M 221 44.92 2.35 103.82
CA LYS M 221 43.96 1.31 104.16
C LYS M 221 42.69 1.48 103.33
N PHE M 222 42.09 0.35 102.95
CA PHE M 222 40.83 0.34 102.21
C PHE M 222 39.71 -0.09 103.16
N ASP M 223 38.68 0.75 103.28
CA ASP M 223 37.62 0.54 104.27
C ASP M 223 36.25 0.63 103.60
N THR M 224 35.20 0.47 104.41
CA THR M 224 33.82 0.60 103.95
C THR M 224 32.93 1.45 104.84
N ARG M 225 33.45 2.00 105.94
CA ARG M 225 32.61 2.61 106.96
C ARG M 225 32.37 4.09 106.70
N ASN M 226 31.32 4.62 107.32
CA ASN M 226 31.04 6.06 107.32
C ASN M 226 31.51 6.59 108.66
N PHE M 227 32.75 7.07 108.70
CA PHE M 227 33.23 7.74 109.90
C PHE M 227 32.44 9.03 110.11
N ARG M 228 32.41 9.48 111.36
CA ARG M 228 31.66 10.66 111.83
C ARG M 228 30.14 10.45 111.79
N LEU M 229 29.66 9.21 111.80
CA LEU M 229 28.22 8.98 111.86
C LEU M 229 27.63 9.47 113.19
N GLY M 230 28.21 9.04 114.31
CA GLY M 230 27.68 9.43 115.61
C GLY M 230 28.24 10.73 116.16
N TRP M 231 28.61 11.63 115.26
CA TRP M 231 29.24 12.89 115.62
C TRP M 231 28.25 13.81 116.33
N ASP M 232 28.77 14.60 117.28
CA ASP M 232 27.95 15.52 118.06
C ASP M 232 28.34 16.95 117.76
N PRO M 233 27.37 17.82 117.46
CA PRO M 233 27.72 19.18 117.02
C PRO M 233 28.30 20.06 118.11
N GLU M 234 28.14 19.71 119.38
CA GLU M 234 28.69 20.53 120.47
C GLU M 234 30.08 20.07 120.89
N THR M 235 30.21 18.79 121.28
CA THR M 235 31.50 18.27 121.69
C THR M 235 32.42 17.97 120.51
N LYS M 236 31.87 17.82 119.31
CA LYS M 236 32.65 17.55 118.09
C LYS M 236 33.49 16.29 118.23
N LEU M 237 32.94 15.27 118.86
CA LEU M 237 33.60 13.98 118.99
C LEU M 237 32.58 12.88 118.79
N ILE M 238 33.06 11.67 118.48
CA ILE M 238 32.19 10.52 118.29
C ILE M 238 31.78 10.02 119.67
N MET M 239 30.57 10.38 120.10
CA MET M 239 30.15 10.12 121.46
C MET M 239 30.17 8.65 121.87
N PRO M 240 29.72 7.69 121.04
CA PRO M 240 29.73 6.28 121.49
C PRO M 240 31.10 5.74 121.83
N GLY M 241 32.18 6.35 121.35
CA GLY M 241 33.52 5.84 121.59
C GLY M 241 33.99 4.82 120.60
N VAL M 242 33.13 4.35 119.69
CA VAL M 242 33.52 3.48 118.60
C VAL M 242 32.80 3.94 117.34
N TYR M 243 33.49 3.89 116.20
CA TYR M 243 32.87 4.21 114.93
C TYR M 243 31.81 3.18 114.58
N THR M 244 30.75 3.64 113.91
CA THR M 244 29.65 2.76 113.54
C THR M 244 30.14 1.66 112.61
N TYR M 245 29.82 0.42 112.94
CA TYR M 245 30.36 -0.75 112.24
C TYR M 245 29.40 -1.25 111.16
N GLU M 246 29.09 -0.36 110.21
CA GLU M 246 28.19 -0.66 109.10
C GLU M 246 28.85 -0.28 107.78
N ALA M 247 28.55 -1.04 106.74
CA ALA M 247 29.15 -0.83 105.42
C ALA M 247 28.29 0.12 104.60
N PHE M 248 28.93 1.13 104.00
CA PHE M 248 28.24 2.12 103.17
C PHE M 248 28.71 2.12 101.73
N HIS M 249 30.02 2.19 101.49
CA HIS M 249 30.64 2.30 100.18
C HIS M 249 32.15 2.15 100.36
N PRO M 250 32.85 1.48 99.46
CA PRO M 250 34.30 1.35 99.62
C PRO M 250 35.00 2.69 99.63
N ASP M 251 36.08 2.77 100.42
CA ASP M 251 36.70 4.03 100.79
C ASP M 251 38.21 3.87 100.89
N ILE M 252 38.92 4.98 100.79
CA ILE M 252 40.38 5.05 100.88
C ILE M 252 40.75 5.96 102.05
N VAL M 253 41.61 5.48 102.95
CA VAL M 253 42.05 6.22 104.12
C VAL M 253 43.56 6.43 104.04
N LEU M 254 44.00 7.68 104.23
CA LEU M 254 45.39 8.07 104.03
C LEU M 254 45.94 8.87 105.21
N LEU M 255 47.26 8.73 105.41
CA LEU M 255 48.11 9.51 106.30
C LEU M 255 48.96 10.48 105.50
N PRO M 256 49.51 11.53 106.12
CA PRO M 256 50.29 12.51 105.36
C PRO M 256 51.48 11.87 104.68
N GLY M 257 51.76 12.30 103.45
CA GLY M 257 52.86 11.78 102.67
C GLY M 257 52.56 10.56 101.82
N CYS M 258 51.35 10.02 101.88
CA CYS M 258 51.01 8.79 101.19
C CYS M 258 50.05 9.07 100.03
N GLY M 259 49.75 8.03 99.26
CA GLY M 259 48.83 8.14 98.14
C GLY M 259 48.73 6.83 97.38
N VAL M 260 47.76 6.78 96.48
CA VAL M 260 47.55 5.63 95.60
C VAL M 260 47.44 6.13 94.16
N ASP M 261 47.80 5.25 93.22
CA ASP M 261 47.81 5.60 91.80
C ASP M 261 47.20 4.46 90.99
N PHE M 262 46.13 4.76 90.25
CA PHE M 262 45.41 3.75 89.48
C PHE M 262 45.58 3.91 87.97
N THR M 263 46.69 4.50 87.53
CA THR M 263 46.87 4.76 86.10
C THR M 263 46.91 3.46 85.30
N GLU M 264 47.53 2.42 85.84
CA GLU M 264 47.67 1.16 85.12
C GLU M 264 46.93 0.03 85.84
N SER M 265 45.69 0.29 86.24
CA SER M 265 44.92 -0.67 87.03
C SER M 265 43.44 -0.48 86.75
N ARG M 266 42.70 -1.58 86.85
CA ARG M 266 41.25 -1.54 86.70
C ARG M 266 40.52 -1.75 88.03
N LEU M 267 41.24 -1.72 89.15
CA LEU M 267 40.64 -1.92 90.45
C LEU M 267 39.86 -0.71 90.96
N SER M 268 40.01 0.46 90.33
CA SER M 268 39.19 1.60 90.71
C SER M 268 37.72 1.40 90.34
N ASN M 269 37.43 0.60 89.30
CA ASN M 269 36.04 0.29 88.97
C ASN M 269 35.39 -0.57 90.05
N LEU M 270 36.14 -1.51 90.62
CA LEU M 270 35.60 -2.33 91.70
C LEU M 270 35.36 -1.51 92.97
N LEU M 271 36.14 -0.44 93.17
CA LEU M 271 35.93 0.42 94.34
C LEU M 271 34.80 1.42 94.16
N GLY M 272 34.31 1.62 92.94
CA GLY M 272 33.28 2.61 92.71
C GLY M 272 33.74 4.05 92.79
N ILE M 273 34.98 4.33 92.39
CA ILE M 273 35.52 5.68 92.34
C ILE M 273 36.03 5.92 90.92
N ARG M 274 35.48 6.93 90.25
CA ARG M 274 35.80 7.22 88.86
C ARG M 274 36.04 8.72 88.66
N LYS M 275 36.64 9.06 87.52
CA LYS M 275 36.94 10.43 87.17
C LYS M 275 35.81 11.04 86.33
N ARG M 276 35.53 12.32 86.59
CA ARG M 276 34.52 13.03 85.81
C ARG M 276 35.00 13.35 84.40
N HIS M 277 36.30 13.28 84.13
CA HIS M 277 36.87 13.44 82.80
C HIS M 277 37.63 12.16 82.49
N PRO M 278 36.92 11.11 82.06
CA PRO M 278 37.55 9.78 81.98
C PRO M 278 38.53 9.61 80.84
N PHE M 279 38.60 10.54 79.91
CA PHE M 279 39.54 10.43 78.79
C PHE M 279 40.87 11.14 79.04
N GLN M 280 41.06 11.74 80.21
CA GLN M 280 42.33 12.36 80.57
C GLN M 280 43.20 11.34 81.29
N GLU M 281 44.41 11.13 80.79
CA GLU M 281 45.29 10.10 81.32
C GLU M 281 45.76 10.44 82.73
N GLY M 282 45.89 9.42 83.57
CA GLY M 282 46.41 9.59 84.92
C GLY M 282 45.34 9.65 85.99
N PHE M 283 45.50 8.85 87.04
CA PHE M 283 44.53 8.80 88.15
C PHE M 283 45.32 8.60 89.44
N LYS M 284 45.61 9.70 90.13
CA LYS M 284 46.34 9.67 91.39
C LYS M 284 45.57 10.42 92.46
N ILE M 285 45.53 9.87 93.67
CA ILE M 285 44.87 10.50 94.82
C ILE M 285 45.86 10.55 95.96
N MET M 286 46.25 11.76 96.36
CA MET M 286 47.24 11.98 97.41
C MET M 286 46.57 12.59 98.64
N TYR M 287 47.34 12.64 99.73
CA TYR M 287 46.81 13.17 100.99
C TYR M 287 46.41 14.63 100.87
N GLU M 288 47.09 15.40 100.02
CA GLU M 288 46.76 16.81 99.86
C GLU M 288 45.46 17.03 99.09
N ASP M 289 44.97 16.03 98.38
CA ASP M 289 43.73 16.18 97.62
C ASP M 289 42.48 15.88 98.44
N LEU M 290 42.61 15.36 99.66
CA LEU M 290 41.50 14.96 100.49
C LEU M 290 41.16 16.01 101.56
N GLU M 291 41.32 17.30 101.24
CA GLU M 291 41.08 18.35 102.22
C GLU M 291 39.63 18.32 102.69
N GLY M 292 39.45 18.53 104.00
CA GLY M 292 38.14 18.51 104.61
C GLY M 292 37.66 17.13 105.03
N GLY M 293 38.45 16.10 104.83
CA GLY M 293 38.02 14.75 105.12
C GLY M 293 38.67 14.11 106.32
N ASN M 294 39.17 14.91 107.26
CA ASN M 294 39.81 14.36 108.45
C ASN M 294 38.80 13.60 109.29
N ILE M 295 39.22 12.45 109.81
CA ILE M 295 38.37 11.57 110.61
C ILE M 295 38.29 12.11 112.03
N PRO M 296 37.11 12.41 112.55
CA PRO M 296 37.02 12.95 113.92
C PRO M 296 37.52 11.95 114.95
N ALA M 297 38.17 12.48 115.99
CA ALA M 297 38.76 11.65 117.02
C ALA M 297 37.70 11.10 117.97
N LEU M 298 38.04 9.97 118.58
CA LEU M 298 37.25 9.34 119.65
C LEU M 298 35.76 9.35 119.38
N ILE M 364 35.39 14.82 129.02
CA ILE M 364 35.29 15.36 127.67
C ILE M 364 36.68 15.55 127.07
N GLN M 365 37.36 14.44 126.78
CA GLN M 365 38.67 14.49 126.14
C GLN M 365 38.78 13.34 125.14
N PRO M 366 39.48 13.54 124.03
CA PRO M 366 39.62 12.45 123.06
C PRO M 366 40.52 11.34 123.58
N LEU M 367 40.23 10.12 123.17
CA LEU M 367 41.12 9.00 123.44
C LEU M 367 42.36 9.14 122.57
N GLU M 368 43.54 8.98 123.17
CA GLU M 368 44.79 9.21 122.47
C GLU M 368 45.55 7.93 122.10
N LYS M 369 45.11 6.77 122.58
CA LYS M 369 45.82 5.54 122.31
C LYS M 369 44.85 4.37 122.39
N ASP M 370 45.27 3.24 121.84
CA ASP M 370 44.44 2.04 121.77
C ASP M 370 44.69 1.16 122.98
N SER M 371 44.08 -0.03 122.99
CA SER M 371 44.19 -0.93 124.14
C SER M 371 45.62 -1.42 124.34
N LYS M 372 46.31 -1.74 123.24
CA LYS M 372 47.68 -2.25 123.31
C LYS M 372 48.70 -1.14 123.10
N SER M 373 48.38 0.09 123.49
CA SER M 373 49.28 1.23 123.39
C SER M 373 49.72 1.46 121.95
N ARG M 374 48.75 1.79 121.10
CA ARG M 374 48.99 2.24 119.75
C ARG M 374 48.43 3.64 119.58
N SER M 375 49.24 4.54 119.02
CA SER M 375 48.81 5.92 118.85
C SER M 375 47.69 6.02 117.83
N TYR M 376 46.66 6.79 118.16
CA TYR M 376 45.62 7.14 117.21
C TYR M 376 45.97 8.36 116.36
N ASN M 377 47.16 8.96 116.57
CA ASN M 377 47.62 10.11 115.79
C ASN M 377 46.70 11.32 115.97
N VAL M 378 46.26 11.55 117.20
CA VAL M 378 45.45 12.73 117.48
C VAL M 378 46.30 14.00 117.33
N LEU M 379 45.68 15.07 116.87
CA LEU M 379 46.36 16.32 116.57
C LEU M 379 46.04 17.37 117.63
N GLU M 380 46.52 18.59 117.38
CA GLU M 380 46.16 19.72 118.24
C GLU M 380 44.69 20.05 118.06
N ASP M 381 44.14 20.77 119.04
CA ASP M 381 42.74 21.13 119.18
C ASP M 381 41.91 19.93 119.61
N LYS M 382 42.51 18.74 119.66
CA LYS M 382 41.95 17.58 120.33
C LYS M 382 40.54 17.24 119.84
N ILE M 383 40.29 17.43 118.55
CA ILE M 383 39.02 17.03 117.94
C ILE M 383 39.23 16.12 116.74
N ASN M 384 40.16 16.44 115.85
CA ASN M 384 40.37 15.69 114.62
C ASN M 384 41.66 14.90 114.67
N THR M 385 41.72 13.90 113.79
CA THR M 385 42.85 13.00 113.67
C THR M 385 43.53 13.20 112.32
N ALA M 386 44.81 12.81 112.24
CA ALA M 386 45.57 12.99 111.02
C ALA M 386 45.05 12.15 109.85
N TYR M 387 44.27 11.10 110.11
CA TYR M 387 43.74 10.28 109.02
C TYR M 387 42.73 11.06 108.20
N ARG M 388 42.78 10.90 106.88
CA ARG M 388 41.80 11.46 105.96
C ARG M 388 41.19 10.35 105.12
N SER M 389 39.94 10.55 104.69
CA SER M 389 39.26 9.54 103.88
C SER M 389 38.54 10.18 102.71
N TRP M 390 38.51 9.44 101.59
CA TRP M 390 37.87 9.94 100.37
C TRP M 390 36.37 10.17 100.57
N TYR M 391 35.70 9.26 101.27
CA TYR M 391 34.26 9.36 101.41
C TYR M 391 33.85 10.58 102.23
N LEU M 392 34.58 10.86 103.32
CA LEU M 392 34.26 12.04 104.12
C LEU M 392 34.48 13.31 103.34
N SER M 393 35.56 13.38 102.55
CA SER M 393 35.82 14.57 101.76
C SER M 393 34.80 14.74 100.64
N TYR M 394 34.35 13.63 100.04
CA TYR M 394 33.36 13.72 98.97
C TYR M 394 32.01 14.22 99.48
N ASN M 395 31.60 13.76 100.66
CA ASN M 395 30.26 14.07 101.15
C ASN M 395 30.19 15.28 102.06
N TYR M 396 31.26 15.60 102.81
CA TYR M 396 31.20 16.68 103.79
C TYR M 396 32.16 17.83 103.50
N GLY M 397 33.10 17.67 102.57
CA GLY M 397 34.06 18.70 102.26
C GLY M 397 33.47 19.80 101.39
N ASN M 398 34.35 20.65 100.88
CA ASN M 398 33.94 21.77 100.05
C ASN M 398 33.49 21.27 98.69
N PRO M 399 32.25 21.57 98.25
CA PRO M 399 31.78 21.03 96.97
C PRO M 399 32.57 21.49 95.76
N GLU M 400 33.17 22.68 95.80
CA GLU M 400 33.80 23.26 94.62
C GLU M 400 35.32 23.26 94.69
N LYS M 401 35.91 22.70 95.74
CA LYS M 401 37.36 22.64 95.86
C LYS M 401 37.89 21.28 96.30
N GLY M 402 37.09 20.43 96.93
CA GLY M 402 37.55 19.14 97.40
C GLY M 402 37.55 18.11 96.29
N ILE M 403 37.66 16.85 96.72
CA ILE M 403 37.75 15.73 95.79
C ILE M 403 36.47 15.57 94.97
N ARG M 404 35.36 16.13 95.41
CA ARG M 404 34.09 16.01 94.71
C ARG M 404 34.06 16.78 93.39
N SER M 405 34.98 17.71 93.18
CA SER M 405 34.95 18.52 91.97
C SER M 405 35.47 17.77 90.76
N TRP M 406 36.27 16.71 90.94
CA TRP M 406 36.79 15.97 89.79
C TRP M 406 36.70 14.46 89.93
N THR M 407 36.05 13.93 90.95
CA THR M 407 35.76 12.50 91.04
C THR M 407 34.27 12.27 91.22
N LEU M 408 33.85 11.03 91.00
CA LEU M 408 32.44 10.65 90.99
C LEU M 408 32.26 9.35 91.73
N LEU M 409 31.19 9.25 92.51
CA LEU M 409 30.86 8.07 93.29
C LEU M 409 29.88 7.19 92.52
N THR M 410 30.21 5.92 92.34
CA THR M 410 29.41 4.99 91.55
C THR M 410 29.24 3.67 92.30
N THR M 411 28.32 2.84 91.83
CA THR M 411 28.15 1.50 92.40
C THR M 411 29.34 0.62 92.06
N SER M 412 29.70 -0.25 93.01
CA SER M 412 30.82 -1.16 92.81
C SER M 412 30.53 -2.16 91.70
N ASP M 413 31.52 -2.37 90.82
CA ASP M 413 31.39 -3.28 89.69
C ASP M 413 32.41 -4.41 89.85
N VAL M 414 31.93 -5.59 90.24
CA VAL M 414 32.82 -6.70 90.59
C VAL M 414 33.56 -7.24 89.37
N THR M 415 32.98 -7.16 88.17
CA THR M 415 33.69 -7.65 86.99
C THR M 415 34.86 -6.76 86.59
N CYS M 416 34.99 -5.59 87.22
CA CYS M 416 36.02 -4.58 86.94
C CYS M 416 35.82 -3.90 85.59
N GLY M 417 34.64 -4.02 84.99
CA GLY M 417 34.34 -3.32 83.76
C GLY M 417 34.61 -4.15 82.53
N VAL M 418 33.57 -4.65 81.91
CA VAL M 418 33.71 -5.48 80.72
C VAL M 418 33.65 -4.58 79.50
N GLU M 419 34.39 -4.97 78.46
CA GLU M 419 34.38 -4.26 77.19
C GLU M 419 33.93 -5.23 76.09
N GLN M 420 34.02 -4.77 74.85
CA GLN M 420 33.47 -5.49 73.70
C GLN M 420 34.48 -6.50 73.14
N VAL M 421 33.97 -7.39 72.29
CA VAL M 421 34.77 -8.34 71.53
C VAL M 421 34.39 -8.25 70.05
N TYR M 422 35.32 -8.60 69.17
CA TYR M 422 35.16 -8.51 67.73
C TYR M 422 35.37 -9.88 67.08
N TRP M 423 34.53 -10.19 66.08
CA TRP M 423 34.64 -11.40 65.27
C TRP M 423 35.25 -11.09 63.90
N SER M 424 36.10 -12.00 63.41
CA SER M 424 36.68 -11.91 62.07
C SER M 424 36.55 -13.23 61.32
N LEU M 425 36.15 -13.16 60.05
CA LEU M 425 36.12 -14.33 59.16
C LEU M 425 36.73 -13.93 57.81
N PRO M 426 38.04 -13.77 57.75
CA PRO M 426 38.65 -13.14 56.56
C PRO M 426 38.54 -13.94 55.27
N ASP M 427 38.37 -15.26 55.33
CA ASP M 427 38.26 -16.07 54.11
C ASP M 427 36.83 -16.29 53.64
N MET M 428 35.83 -15.76 54.34
CA MET M 428 34.44 -15.99 53.96
C MET M 428 33.70 -14.71 53.59
N MET M 429 33.81 -13.66 54.39
CA MET M 429 33.08 -12.41 54.16
C MET M 429 33.96 -11.40 53.44
N GLN M 430 33.31 -10.49 52.71
CA GLN M 430 34.00 -9.34 52.16
C GLN M 430 34.33 -8.33 53.26
N ASP M 431 35.40 -7.58 53.06
CA ASP M 431 35.81 -6.58 54.06
C ASP M 431 34.79 -5.44 54.11
N PRO M 432 34.32 -5.05 55.28
CA PRO M 432 33.45 -3.88 55.38
C PRO M 432 34.20 -2.59 55.04
N VAL M 433 33.40 -1.53 54.80
CA VAL M 433 33.91 -0.31 54.18
C VAL M 433 34.99 0.34 55.07
N THR M 434 36.07 0.78 54.42
CA THR M 434 37.28 1.45 54.91
C THR M 434 38.30 0.50 55.56
N PHE M 435 38.00 -0.79 55.75
CA PHE M 435 39.00 -1.73 56.24
C PHE M 435 39.93 -2.17 55.11
N ARG M 436 41.23 -2.28 55.42
CA ARG M 436 42.22 -2.78 54.46
C ARG M 436 42.36 -4.31 54.55
N SER M 437 42.60 -4.93 53.41
CA SER M 437 42.92 -6.35 53.36
C SER M 437 44.34 -6.59 53.85
N THR M 438 44.52 -7.60 54.70
CA THR M 438 45.82 -7.85 55.31
C THR M 438 45.88 -9.28 55.84
N ARG M 439 47.09 -9.69 56.21
CA ARG M 439 47.31 -10.97 56.87
C ARG M 439 47.89 -10.82 58.28
N GLN M 440 47.84 -9.62 58.86
CA GLN M 440 48.26 -9.42 60.23
C GLN M 440 47.07 -9.62 61.17
N VAL M 441 47.27 -10.46 62.19
CA VAL M 441 46.15 -10.89 63.04
C VAL M 441 45.55 -9.72 63.80
N SER M 442 46.38 -8.84 64.33
CA SER M 442 45.85 -7.69 65.05
C SER M 442 45.21 -6.64 64.14
N ASN M 443 45.04 -6.87 62.84
CA ASN M 443 44.39 -5.87 61.98
C ASN M 443 43.39 -6.50 61.02
N TYR M 444 42.84 -7.68 61.33
CA TYR M 444 41.82 -8.29 60.50
C TYR M 444 40.57 -7.39 60.44
N PRO M 445 39.88 -7.36 59.30
CA PRO M 445 38.59 -6.64 59.26
C PRO M 445 37.56 -7.29 60.19
N VAL M 446 36.68 -6.45 60.73
CA VAL M 446 35.74 -6.84 61.78
C VAL M 446 34.36 -7.07 61.19
N VAL M 447 33.78 -8.22 61.49
CA VAL M 447 32.49 -8.63 60.92
C VAL M 447 31.34 -8.58 61.93
N GLY M 448 31.62 -8.45 63.22
CA GLY M 448 30.58 -8.31 64.22
C GLY M 448 31.16 -7.96 65.57
N ALA M 449 30.29 -7.47 66.45
CA ALA M 449 30.71 -7.02 67.79
C ALA M 449 29.63 -7.33 68.81
N GLU M 450 30.05 -7.54 70.05
CA GLU M 450 29.15 -7.80 71.18
C GLU M 450 29.96 -7.62 72.47
N LEU M 451 29.29 -7.74 73.60
CA LEU M 451 29.97 -7.66 74.89
C LEU M 451 30.63 -8.99 75.24
N MET M 452 31.80 -8.92 75.84
CA MET M 452 32.41 -10.10 76.45
C MET M 452 31.46 -10.63 77.52
N PRO M 453 31.05 -11.89 77.47
CA PRO M 453 29.86 -12.35 78.21
C PRO M 453 30.12 -12.71 79.68
N VAL M 454 30.41 -11.68 80.48
CA VAL M 454 30.66 -11.83 81.91
C VAL M 454 29.77 -10.81 82.64
N PHE M 455 29.04 -11.27 83.65
CA PHE M 455 28.03 -10.45 84.31
C PHE M 455 28.12 -10.56 85.82
N SER M 456 27.57 -9.55 86.49
CA SER M 456 27.50 -9.49 87.94
C SER M 456 26.17 -10.04 88.44
N LYS M 457 26.21 -10.73 89.57
CA LYS M 457 25.01 -11.27 90.23
C LYS M 457 25.01 -10.89 91.70
N SER M 458 23.83 -10.55 92.23
CA SER M 458 23.69 -10.07 93.60
C SER M 458 23.09 -11.14 94.52
N PHE M 459 23.55 -11.12 95.78
CA PHE M 459 23.02 -11.98 96.83
C PHE M 459 22.82 -11.15 98.10
N TYR M 460 21.96 -11.65 98.98
CA TYR M 460 21.65 -10.97 100.24
C TYR M 460 22.23 -11.77 101.40
N ASN M 461 22.97 -11.10 102.27
CA ASN M 461 23.58 -11.75 103.43
C ASN M 461 23.45 -10.91 104.70
N HIS M 478 43.68 -15.25 112.47
CA HIS M 478 43.06 -14.41 111.46
C HIS M 478 44.08 -13.53 110.75
N VAL M 479 44.52 -13.96 109.57
CA VAL M 479 45.46 -13.17 108.79
C VAL M 479 44.82 -11.89 108.26
N PHE M 480 43.49 -11.85 108.16
CA PHE M 480 42.78 -10.68 107.66
C PHE M 480 42.34 -9.74 108.78
N ASN M 481 42.77 -10.00 110.03
CA ASN M 481 42.50 -9.08 111.13
C ASN M 481 43.70 -9.17 112.09
N ARG M 482 44.68 -8.31 111.85
CA ARG M 482 45.94 -8.29 112.61
C ARG M 482 45.96 -7.24 113.70
N PHE M 483 45.01 -6.32 113.71
CA PHE M 483 44.90 -5.27 114.72
C PHE M 483 43.48 -5.24 115.23
N PRO M 484 43.04 -6.28 115.93
CA PRO M 484 41.64 -6.33 116.38
C PRO M 484 41.24 -5.17 117.28
N GLU M 485 42.18 -4.66 118.08
CA GLU M 485 41.83 -3.61 119.03
C GLU M 485 41.68 -2.24 118.38
N ASN M 486 42.46 -1.96 117.34
CA ASN M 486 42.54 -0.61 116.81
C ASN M 486 41.30 -0.27 116.01
N GLN M 487 40.62 0.82 116.39
CA GLN M 487 39.38 1.20 115.74
C GLN M 487 39.58 1.65 114.29
N ILE M 488 40.78 2.08 113.93
CA ILE M 488 41.04 2.49 112.55
C ILE M 488 41.47 1.31 111.69
N LEU M 489 42.24 0.39 112.26
CA LEU M 489 42.81 -0.73 111.53
C LEU M 489 42.01 -2.02 111.69
N ILE M 490 40.80 -1.94 112.26
CA ILE M 490 39.95 -3.12 112.35
C ILE M 490 39.52 -3.57 110.95
N ARG M 491 39.21 -4.86 110.84
CA ARG M 491 38.75 -5.42 109.57
C ARG M 491 37.42 -4.80 109.17
N PRO M 492 37.25 -4.34 107.93
CA PRO M 492 36.05 -3.62 107.57
C PRO M 492 34.83 -4.52 107.66
N PRO M 493 33.68 -3.98 108.02
CA PRO M 493 32.44 -4.76 107.98
C PRO M 493 32.05 -5.11 106.55
N ALA M 494 31.37 -6.26 106.42
CA ALA M 494 30.93 -6.78 105.12
C ALA M 494 29.59 -6.17 104.72
N PRO M 495 29.38 -5.86 103.45
CA PRO M 495 28.09 -5.31 103.03
C PRO M 495 26.99 -6.34 103.13
N THR M 496 25.77 -5.85 103.31
CA THR M 496 24.60 -6.72 103.28
C THR M 496 24.24 -7.16 101.86
N ILE M 497 24.85 -6.57 100.83
CA ILE M 497 24.68 -7.00 99.45
C ILE M 497 26.04 -7.42 98.91
N THR M 498 26.14 -8.67 98.48
CA THR M 498 27.37 -9.23 97.91
C THR M 498 27.19 -9.50 96.42
N THR M 499 28.20 -9.16 95.62
CA THR M 499 28.17 -9.38 94.18
C THR M 499 29.35 -10.24 93.75
N VAL M 500 29.08 -11.16 92.82
CA VAL M 500 30.08 -12.04 92.23
C VAL M 500 29.87 -12.07 90.72
N SER M 501 30.94 -12.38 89.98
CA SER M 501 30.92 -12.37 88.53
C SER M 501 30.72 -13.78 87.97
N GLU M 502 29.97 -13.86 86.87
CA GLU M 502 29.59 -15.13 86.25
C GLU M 502 29.82 -15.11 84.75
N ASN M 503 30.06 -16.29 84.19
CA ASN M 503 30.17 -16.49 82.75
C ASN M 503 28.87 -17.10 82.23
N VAL M 504 28.24 -16.47 81.26
CA VAL M 504 26.96 -16.91 80.73
C VAL M 504 27.10 -17.09 79.22
N PRO M 505 26.72 -18.25 78.66
CA PRO M 505 26.86 -18.46 77.21
C PRO M 505 26.04 -17.46 76.41
N ALA M 506 26.63 -16.97 75.32
CA ALA M 506 26.06 -15.89 74.53
C ALA M 506 25.66 -16.40 73.15
N LEU M 507 24.41 -16.14 72.76
CA LEU M 507 23.84 -16.55 71.49
C LEU M 507 23.44 -15.28 70.74
N THR M 508 24.07 -15.03 69.60
CA THR M 508 23.97 -13.72 68.95
C THR M 508 23.64 -13.85 67.48
N ASP M 509 22.73 -13.00 67.00
CA ASP M 509 22.42 -12.85 65.59
C ASP M 509 23.05 -11.56 65.08
N HIS M 510 23.97 -11.68 64.12
CA HIS M 510 24.72 -10.55 63.61
C HIS M 510 24.16 -9.97 62.31
N GLY M 511 23.05 -10.49 61.80
CA GLY M 511 22.49 -10.00 60.55
C GLY M 511 23.19 -10.57 59.32
N THR M 512 22.91 -9.95 58.17
CA THR M 512 23.38 -10.40 56.87
C THR M 512 24.55 -9.56 56.38
N LEU M 513 25.60 -10.23 55.91
CA LEU M 513 26.80 -9.59 55.37
C LEU M 513 27.13 -10.13 53.98
N PRO M 514 27.73 -9.31 53.12
CA PRO M 514 28.08 -9.79 51.76
C PRO M 514 29.14 -10.88 51.80
N LEU M 515 28.95 -11.87 50.92
CA LEU M 515 29.69 -13.12 50.91
C LEU M 515 30.56 -13.19 49.66
N ARG M 516 31.74 -13.79 49.79
CA ARG M 516 32.59 -14.03 48.63
C ARG M 516 32.00 -15.11 47.72
N SER M 517 32.21 -14.96 46.41
CA SER M 517 31.62 -15.89 45.43
C SER M 517 32.29 -17.25 45.44
N SER M 518 33.56 -17.34 45.83
CA SER M 518 34.27 -18.60 45.88
C SER M 518 34.85 -18.79 47.28
N ILE M 519 34.52 -19.91 47.91
CA ILE M 519 34.87 -20.18 49.30
C ILE M 519 35.81 -21.37 49.33
N ARG M 520 36.98 -21.20 49.92
CA ARG M 520 37.94 -22.29 50.07
C ARG M 520 37.53 -23.24 51.19
N GLY M 521 38.06 -24.45 51.13
CA GLY M 521 37.68 -25.51 52.06
C GLY M 521 38.19 -25.33 53.47
N VAL M 522 39.26 -24.55 53.68
CA VAL M 522 39.80 -24.30 55.01
C VAL M 522 39.60 -22.82 55.34
N GLN M 523 39.07 -22.55 56.53
CA GLN M 523 38.66 -21.21 56.94
C GLN M 523 39.28 -20.84 58.28
N ARG M 524 39.58 -19.56 58.44
CA ARG M 524 40.13 -19.01 59.68
C ARG M 524 39.05 -18.30 60.50
N VAL M 525 39.06 -18.54 61.82
CA VAL M 525 38.12 -17.94 62.75
C VAL M 525 38.92 -17.23 63.86
N THR M 526 38.60 -15.97 64.13
CA THR M 526 39.35 -15.17 65.10
C THR M 526 38.41 -14.34 65.98
N VAL M 527 38.75 -14.25 67.27
CA VAL M 527 38.05 -13.43 68.25
C VAL M 527 39.08 -12.58 68.99
N THR M 528 38.91 -11.25 68.97
CA THR M 528 39.84 -10.33 69.62
C THR M 528 39.11 -9.30 70.47
N ASP M 529 39.85 -8.69 71.40
CA ASP M 529 39.31 -7.71 72.34
C ASP M 529 39.46 -6.29 71.78
N ALA M 530 39.22 -5.29 72.64
CA ALA M 530 39.21 -3.90 72.20
C ALA M 530 40.59 -3.42 71.77
N ARG M 531 41.65 -3.94 72.37
CA ARG M 531 43.01 -3.62 71.97
C ARG M 531 43.53 -4.54 70.87
N ARG M 532 42.66 -5.38 70.31
CA ARG M 532 42.97 -6.31 69.22
C ARG M 532 43.99 -7.38 69.64
N ARG M 533 43.87 -7.87 70.86
CA ARG M 533 44.56 -9.08 71.29
C ARG M 533 43.57 -10.23 71.31
N THR M 534 44.06 -11.45 71.07
CA THR M 534 43.23 -12.62 71.25
C THR M 534 42.98 -12.85 72.74
N CYS M 535 41.85 -13.50 73.05
CA CYS M 535 41.46 -13.72 74.44
C CYS M 535 41.69 -15.17 74.84
N PRO M 536 42.60 -15.44 75.78
CA PRO M 536 42.86 -16.84 76.19
C PRO M 536 41.73 -17.48 77.00
N TYR M 537 40.68 -16.77 77.36
CA TYR M 537 39.61 -17.34 78.16
C TYR M 537 38.40 -17.80 77.35
N VAL M 538 38.46 -17.74 76.04
CA VAL M 538 37.44 -18.37 75.19
C VAL M 538 37.75 -19.86 75.11
N TYR M 539 36.77 -20.71 75.37
CA TYR M 539 36.97 -22.14 75.18
C TYR M 539 35.89 -22.82 74.35
N LYS M 540 34.97 -22.07 73.76
CA LYS M 540 33.99 -22.62 72.83
C LYS M 540 33.49 -21.50 71.94
N ALA M 541 33.59 -21.71 70.62
CA ALA M 541 33.14 -20.73 69.64
C ALA M 541 32.68 -21.45 68.38
N LEU M 542 31.44 -21.19 67.97
CA LEU M 542 30.85 -21.79 66.78
C LEU M 542 30.20 -20.72 65.91
N GLY M 543 30.18 -20.97 64.61
CA GLY M 543 29.48 -20.11 63.69
C GLY M 543 28.63 -20.90 62.71
N ILE M 544 27.49 -20.31 62.35
CA ILE M 544 26.56 -20.88 61.37
C ILE M 544 26.18 -19.80 60.39
N VAL M 545 26.34 -20.06 59.10
CA VAL M 545 26.09 -19.10 58.04
C VAL M 545 25.01 -19.65 57.11
N ALA M 546 24.06 -18.80 56.73
CA ALA M 546 22.99 -19.17 55.81
C ALA M 546 23.00 -18.27 54.57
N PRO M 547 23.58 -18.72 53.45
CA PRO M 547 23.65 -17.87 52.25
C PRO M 547 22.29 -17.66 51.59
N ARG M 548 22.17 -16.53 50.90
CA ARG M 548 21.01 -16.23 50.05
C ARG M 548 21.36 -15.12 49.07
N VAL M 549 20.53 -14.99 48.03
CA VAL M 549 20.77 -14.03 46.96
C VAL M 549 20.36 -12.64 47.41
N LEU M 550 21.21 -11.64 47.16
CA LEU M 550 20.93 -10.25 47.47
C LEU M 550 20.52 -9.44 46.25
N SER M 551 21.27 -9.51 45.15
CA SER M 551 20.91 -8.77 43.95
C SER M 551 21.52 -9.46 42.73
N SER M 552 21.13 -8.97 41.56
CA SER M 552 21.55 -9.53 40.29
C SER M 552 22.89 -8.94 39.84
N ARG M 553 23.64 -9.73 39.07
CA ARG M 553 24.89 -9.33 38.43
C ARG M 553 26.01 -9.04 39.43
N ARG N 48 -15.86 -43.54 5.70
CA ARG N 48 -15.07 -44.53 6.42
C ARG N 48 -15.94 -45.53 7.17
N ASN N 49 -17.04 -45.96 6.54
CA ASN N 49 -17.97 -46.85 7.21
C ASN N 49 -18.48 -47.97 6.30
N SER N 50 -17.76 -48.32 5.25
CA SER N 50 -18.22 -49.34 4.31
C SER N 50 -17.83 -50.74 4.78
N ILE N 51 -18.58 -51.73 4.29
CA ILE N 51 -18.37 -53.14 4.61
C ILE N 51 -18.34 -53.92 3.30
N ARG N 52 -17.26 -54.67 3.06
CA ARG N 52 -17.01 -55.27 1.76
C ARG N 52 -16.77 -56.77 1.86
N TYR N 53 -17.20 -57.49 0.84
CA TYR N 53 -17.05 -58.94 0.74
C TYR N 53 -16.13 -59.25 -0.44
N SER N 54 -15.14 -60.12 -0.21
CA SER N 54 -14.03 -60.26 -1.15
C SER N 54 -14.44 -60.84 -2.50
N GLU N 55 -15.63 -61.44 -2.61
CA GLU N 55 -16.06 -61.99 -3.90
C GLU N 55 -16.82 -61.01 -4.76
N LEU N 56 -17.01 -59.76 -4.32
CA LEU N 56 -17.77 -58.76 -5.06
C LEU N 56 -16.90 -57.56 -5.39
N SER N 57 -17.12 -56.97 -6.57
CA SER N 57 -16.36 -55.82 -7.03
C SER N 57 -17.16 -55.07 -8.09
N PRO N 58 -17.07 -53.74 -8.14
CA PRO N 58 -17.85 -52.98 -9.13
C PRO N 58 -17.16 -52.91 -10.50
N LEU N 59 -17.95 -52.58 -11.52
CA LEU N 59 -17.53 -52.64 -12.92
C LEU N 59 -17.36 -51.26 -13.53
N TYR N 60 -16.37 -51.13 -14.42
CA TYR N 60 -16.05 -49.87 -15.07
C TYR N 60 -15.63 -50.08 -16.53
N ASP N 61 -15.90 -49.06 -17.34
CA ASP N 61 -15.35 -48.74 -18.67
C ASP N 61 -15.81 -49.58 -19.86
N THR N 62 -16.25 -50.82 -19.66
CA THR N 62 -16.67 -51.70 -20.75
C THR N 62 -17.07 -53.05 -20.19
N THR N 63 -17.85 -53.78 -20.96
CA THR N 63 -18.36 -55.11 -20.58
C THR N 63 -18.95 -55.76 -21.84
N ARG N 64 -19.66 -56.87 -21.67
CA ARG N 64 -20.33 -57.55 -22.77
C ARG N 64 -21.80 -57.80 -22.43
N LEU N 65 -22.67 -57.71 -23.44
CA LEU N 65 -24.07 -58.12 -23.36
C LEU N 65 -24.33 -59.17 -24.44
N TYR N 66 -25.00 -60.26 -24.07
CA TYR N 66 -25.23 -61.38 -24.99
C TYR N 66 -26.72 -61.53 -25.30
N LEU N 67 -27.03 -61.64 -26.59
CA LEU N 67 -28.40 -61.80 -27.08
C LEU N 67 -28.50 -63.16 -27.76
N VAL N 68 -29.04 -64.14 -27.06
CA VAL N 68 -28.96 -65.54 -27.44
C VAL N 68 -30.37 -66.10 -27.59
N ASP N 69 -30.59 -66.89 -28.64
CA ASP N 69 -31.92 -67.31 -29.05
C ASP N 69 -32.36 -68.67 -28.52
N ASN N 70 -31.54 -69.36 -27.72
CA ASN N 70 -31.88 -70.72 -27.29
C ASN N 70 -31.57 -70.94 -25.82
N LYS N 71 -31.89 -69.97 -24.96
CA LYS N 71 -31.82 -70.19 -23.53
C LYS N 71 -32.98 -71.09 -23.08
N SER N 72 -32.68 -72.01 -22.15
CA SER N 72 -33.65 -73.05 -21.81
C SER N 72 -34.92 -72.49 -21.20
N ALA N 73 -34.78 -71.54 -20.26
CA ALA N 73 -35.96 -70.98 -19.59
C ALA N 73 -36.74 -70.02 -20.48
N ASP N 74 -36.06 -69.29 -21.37
CA ASP N 74 -36.76 -68.37 -22.25
C ASP N 74 -37.61 -69.10 -23.28
N ILE N 75 -37.21 -70.32 -23.65
CA ILE N 75 -37.97 -71.11 -24.62
C ILE N 75 -39.36 -71.42 -24.08
N ALA N 76 -39.44 -71.81 -22.81
CA ALA N 76 -40.69 -72.29 -22.25
C ALA N 76 -41.67 -71.14 -21.98
N SER N 77 -41.19 -70.01 -21.46
CA SER N 77 -42.08 -68.99 -20.92
C SER N 77 -42.18 -67.72 -21.75
N LEU N 78 -41.39 -67.57 -22.81
CA LEU N 78 -41.45 -66.32 -23.56
C LEU N 78 -41.85 -66.49 -25.02
N ASN N 79 -41.39 -67.54 -25.69
CA ASN N 79 -41.37 -67.57 -27.14
C ASN N 79 -42.24 -68.68 -27.71
N TYR N 80 -43.41 -68.91 -27.12
CA TYR N 80 -44.25 -70.02 -27.53
C TYR N 80 -44.78 -69.86 -28.95
N GLN N 81 -45.09 -68.63 -29.36
CA GLN N 81 -45.64 -68.36 -30.68
C GLN N 81 -44.65 -67.69 -31.64
N ASN N 82 -43.36 -67.69 -31.33
CA ASN N 82 -42.35 -66.95 -32.09
C ASN N 82 -41.50 -67.91 -32.93
N ASP N 83 -40.60 -67.33 -33.73
CA ASP N 83 -39.58 -68.09 -34.45
C ASP N 83 -38.27 -67.32 -34.40
N HIS N 84 -37.22 -67.89 -35.00
CA HIS N 84 -35.88 -67.34 -34.86
C HIS N 84 -35.70 -66.02 -35.59
N SER N 85 -36.64 -65.60 -36.42
CA SER N 85 -36.58 -64.30 -37.06
C SER N 85 -37.16 -63.18 -36.19
N ASN N 86 -37.93 -63.52 -35.14
CA ASN N 86 -38.56 -62.50 -34.30
C ASN N 86 -38.88 -63.12 -32.93
N PHE N 87 -38.03 -62.84 -31.93
CA PHE N 87 -38.14 -63.53 -30.66
C PHE N 87 -37.75 -62.59 -29.52
N LEU N 88 -37.96 -63.06 -28.29
CA LEU N 88 -37.60 -62.35 -27.07
C LEU N 88 -36.50 -63.11 -26.32
N THR N 89 -35.63 -62.38 -25.65
CA THR N 89 -34.57 -63.00 -24.87
C THR N 89 -34.23 -62.12 -23.67
N THR N 90 -33.57 -62.73 -22.68
CA THR N 90 -33.17 -62.03 -21.47
C THR N 90 -31.68 -61.75 -21.49
N VAL N 91 -31.31 -60.50 -21.21
CA VAL N 91 -29.89 -60.15 -21.09
C VAL N 91 -29.35 -60.31 -19.68
N VAL N 92 -30.21 -60.63 -18.71
CA VAL N 92 -29.76 -60.95 -17.35
C VAL N 92 -29.33 -62.40 -17.31
N GLN N 93 -28.06 -62.64 -16.93
CA GLN N 93 -27.48 -63.98 -16.93
C GLN N 93 -27.36 -64.56 -15.51
N ASN N 94 -28.34 -64.34 -14.65
CA ASN N 94 -28.31 -64.73 -13.24
C ASN N 94 -29.49 -65.65 -12.99
N ASN N 95 -29.21 -66.93 -12.71
CA ASN N 95 -30.25 -67.93 -12.60
C ASN N 95 -30.95 -67.95 -11.24
N ASP N 96 -30.70 -66.97 -10.38
CA ASP N 96 -31.51 -66.80 -9.18
C ASP N 96 -32.92 -66.30 -9.49
N PHE N 97 -33.19 -65.90 -10.74
CA PHE N 97 -34.46 -65.31 -11.13
C PHE N 97 -34.98 -65.99 -12.38
N THR N 98 -36.30 -66.05 -12.51
CA THR N 98 -36.95 -66.48 -13.73
C THR N 98 -36.98 -65.35 -14.74
N PRO N 99 -37.18 -65.66 -16.03
CA PRO N 99 -37.24 -64.57 -17.03
C PRO N 99 -38.35 -63.56 -16.76
N THR N 100 -39.48 -64.01 -16.23
CA THR N 100 -40.55 -63.07 -15.88
C THR N 100 -40.10 -62.08 -14.81
N GLU N 101 -39.42 -62.58 -13.77
CA GLU N 101 -38.88 -61.69 -12.76
C GLU N 101 -37.79 -60.78 -13.35
N ALA N 102 -36.98 -61.31 -14.25
CA ALA N 102 -35.89 -60.53 -14.83
C ALA N 102 -36.41 -59.37 -15.68
N SER N 103 -37.64 -59.48 -16.20
CA SER N 103 -38.14 -58.46 -17.11
C SER N 103 -38.26 -57.10 -16.44
N THR N 104 -38.43 -57.05 -15.13
CA THR N 104 -38.54 -55.78 -14.43
C THR N 104 -37.20 -55.20 -13.97
N GLN N 105 -36.11 -55.96 -14.08
CA GLN N 105 -34.80 -55.46 -13.66
C GLN N 105 -34.16 -54.61 -14.77
N THR N 106 -33.15 -53.84 -14.39
CA THR N 106 -32.48 -52.96 -15.35
C THR N 106 -30.96 -53.02 -15.17
N ILE N 107 -30.27 -52.62 -16.24
CA ILE N 107 -28.83 -52.37 -16.24
C ILE N 107 -28.63 -50.90 -16.57
N ASN N 108 -27.83 -50.20 -15.76
CA ASN N 108 -27.73 -48.75 -15.84
C ASN N 108 -26.31 -48.32 -16.14
N PHE N 109 -26.14 -47.56 -17.21
CA PHE N 109 -24.87 -46.95 -17.60
C PHE N 109 -24.86 -45.50 -17.14
N ASP N 110 -23.72 -45.06 -16.58
CA ASP N 110 -23.69 -43.79 -15.84
C ASP N 110 -24.24 -42.64 -16.67
N GLU N 111 -25.20 -41.92 -16.10
CA GLU N 111 -25.96 -40.90 -16.81
C GLU N 111 -25.15 -39.64 -17.09
N ARG N 112 -23.97 -39.50 -16.51
CA ARG N 112 -23.11 -38.37 -16.81
C ARG N 112 -22.29 -38.55 -18.08
N SER N 113 -22.47 -39.66 -18.80
CA SER N 113 -21.82 -39.90 -20.08
C SER N 113 -22.85 -40.35 -21.10
N ARG N 114 -22.53 -40.16 -22.37
CA ARG N 114 -23.27 -40.78 -23.47
C ARG N 114 -22.52 -42.02 -23.93
N TRP N 115 -23.24 -43.12 -24.11
CA TRP N 115 -22.65 -44.42 -24.36
C TRP N 115 -22.97 -44.91 -25.77
N GLY N 116 -22.04 -45.69 -26.33
CA GLY N 116 -22.27 -46.36 -27.58
C GLY N 116 -21.95 -47.85 -27.47
N GLY N 117 -22.46 -48.61 -28.43
CA GLY N 117 -22.25 -50.04 -28.43
C GLY N 117 -21.82 -50.61 -29.76
N GLN N 118 -20.69 -51.32 -29.77
CA GLN N 118 -20.22 -52.00 -30.97
C GLN N 118 -20.93 -53.34 -31.11
N LEU N 119 -21.52 -53.58 -32.28
CA LEU N 119 -22.40 -54.72 -32.51
C LEU N 119 -21.80 -55.72 -33.50
N LYS N 120 -21.77 -56.99 -33.11
CA LYS N 120 -21.39 -58.09 -33.99
C LYS N 120 -22.50 -59.13 -34.01
N THR N 121 -22.77 -59.70 -35.18
CA THR N 121 -23.86 -60.66 -35.34
C THR N 121 -23.37 -61.93 -36.02
N ILE N 122 -24.09 -63.01 -35.76
CA ILE N 122 -23.88 -64.31 -36.40
C ILE N 122 -25.24 -64.82 -36.88
N MET N 123 -25.32 -65.21 -38.15
CA MET N 123 -26.58 -65.65 -38.75
C MET N 123 -26.37 -66.86 -39.64
N HIS N 124 -27.32 -67.79 -39.64
CA HIS N 124 -27.29 -68.95 -40.51
C HIS N 124 -28.70 -69.25 -41.04
N THR N 125 -28.79 -69.62 -42.31
CA THR N 125 -30.07 -69.83 -42.99
C THR N 125 -30.11 -71.21 -43.65
N ASN N 126 -31.31 -71.64 -44.03
CA ASN N 126 -31.51 -72.90 -44.74
C ASN N 126 -32.55 -72.75 -45.87
N MET N 127 -32.43 -71.69 -46.66
CA MET N 127 -33.40 -71.39 -47.72
C MET N 127 -33.15 -72.23 -48.97
N PRO N 128 -34.17 -72.90 -49.52
CA PRO N 128 -34.05 -73.50 -50.85
C PRO N 128 -34.37 -72.51 -51.96
N ASN N 129 -33.80 -72.78 -53.14
CA ASN N 129 -33.86 -71.77 -54.20
C ASN N 129 -35.22 -71.67 -54.90
N VAL N 130 -36.03 -72.73 -54.89
CA VAL N 130 -37.36 -72.69 -55.50
C VAL N 130 -38.38 -72.84 -54.37
N ASN N 131 -39.10 -71.76 -54.06
CA ASN N 131 -40.04 -71.77 -52.96
C ASN N 131 -41.10 -70.71 -53.18
N GLU N 132 -42.21 -70.84 -52.45
CA GLU N 132 -43.36 -69.97 -52.63
C GLU N 132 -43.16 -68.58 -52.00
N TYR N 133 -42.47 -68.52 -50.86
CA TYR N 133 -42.37 -67.27 -50.11
C TYR N 133 -41.62 -66.20 -50.89
N MET N 134 -40.67 -66.59 -51.72
CA MET N 134 -39.83 -65.66 -52.46
C MET N 134 -40.26 -65.49 -53.92
N PHE N 135 -41.42 -66.01 -54.30
CA PHE N 135 -41.99 -65.84 -55.65
C PHE N 135 -41.12 -66.47 -56.74
N SER N 136 -40.38 -67.51 -56.42
CA SER N 136 -39.62 -68.27 -57.40
C SER N 136 -40.31 -69.59 -57.75
N ASN N 137 -41.62 -69.65 -57.55
CA ASN N 137 -42.41 -70.86 -57.65
C ASN N 137 -43.34 -70.90 -58.85
N LYS N 138 -43.54 -69.78 -59.55
CA LYS N 138 -44.64 -69.68 -60.50
C LYS N 138 -44.29 -68.71 -61.62
N PHE N 139 -45.00 -68.87 -62.73
CA PHE N 139 -44.93 -67.96 -63.87
C PHE N 139 -46.22 -68.10 -64.67
N LYS N 140 -46.45 -67.18 -65.61
CA LYS N 140 -47.64 -67.18 -66.44
C LYS N 140 -47.27 -67.31 -67.92
N ALA N 141 -48.15 -67.97 -68.67
CA ALA N 141 -47.93 -68.18 -70.10
C ALA N 141 -49.27 -68.31 -70.82
N ARG N 142 -49.24 -68.11 -72.14
CA ARG N 142 -50.42 -68.21 -72.98
C ARG N 142 -50.22 -69.34 -73.99
N VAL N 143 -51.11 -70.34 -73.94
CA VAL N 143 -51.01 -71.52 -74.78
C VAL N 143 -52.34 -71.74 -75.50
N MET N 144 -52.36 -72.74 -76.38
CA MET N 144 -53.53 -73.04 -77.21
C MET N 144 -54.43 -74.05 -76.51
N VAL N 145 -55.72 -73.72 -76.41
CA VAL N 145 -56.68 -74.57 -75.72
C VAL N 145 -57.55 -75.38 -76.67
N SER N 146 -57.82 -74.87 -77.88
CA SER N 146 -58.69 -75.57 -78.80
C SER N 146 -58.26 -75.29 -80.24
N ARG N 147 -58.15 -76.34 -81.04
CA ARG N 147 -58.14 -76.23 -82.49
C ARG N 147 -59.60 -76.31 -82.96
N LYS N 148 -59.81 -76.45 -84.27
CA LYS N 148 -61.16 -76.55 -84.80
C LYS N 148 -61.81 -77.87 -84.39
N ASP N 171 -59.52 -73.70 -90.03
CA ASP N 171 -59.37 -74.00 -88.62
C ASP N 171 -59.34 -72.71 -87.78
N ILE N 172 -60.06 -72.72 -86.67
CA ILE N 172 -60.09 -71.61 -85.73
C ILE N 172 -59.38 -72.04 -84.46
N LEU N 173 -58.46 -71.20 -83.99
CA LEU N 173 -57.58 -71.51 -82.87
C LEU N 173 -57.88 -70.59 -81.71
N LYS N 174 -57.95 -71.15 -80.51
CA LYS N 174 -58.25 -70.40 -79.29
C LYS N 174 -57.09 -70.52 -78.31
N TYR N 175 -56.77 -69.40 -77.65
CA TYR N 175 -55.67 -69.32 -76.71
C TYR N 175 -56.16 -68.73 -75.40
N GLU N 176 -55.43 -69.02 -74.31
CA GLU N 176 -55.81 -68.53 -73.00
C GLU N 176 -54.57 -68.46 -72.10
N TRP N 177 -54.65 -67.57 -71.10
CA TRP N 177 -53.59 -67.40 -70.10
C TRP N 177 -53.82 -68.33 -68.92
N PHE N 178 -52.73 -68.84 -68.36
CA PHE N 178 -52.75 -69.68 -67.17
C PHE N 178 -51.56 -69.32 -66.27
N GLU N 179 -51.65 -69.73 -65.01
CA GLU N 179 -50.53 -69.64 -64.08
C GLU N 179 -50.05 -71.04 -63.72
N PHE N 180 -48.75 -71.26 -63.81
CA PHE N 180 -48.14 -72.57 -63.64
C PHE N 180 -47.34 -72.61 -62.34
N ILE N 181 -47.39 -73.76 -61.65
CA ILE N 181 -46.78 -73.92 -60.33
C ILE N 181 -45.80 -75.08 -60.37
N LEU N 182 -44.59 -74.87 -59.81
CA LEU N 182 -43.54 -75.85 -59.63
C LEU N 182 -43.53 -76.38 -58.19
N PRO N 183 -43.06 -77.59 -57.96
CA PRO N 183 -42.88 -78.06 -56.57
C PRO N 183 -41.58 -77.53 -55.97
N GLU N 184 -41.58 -77.41 -54.65
CA GLU N 184 -40.51 -76.73 -53.93
C GLU N 184 -39.31 -77.65 -53.68
N GLY N 185 -38.14 -77.04 -53.62
CA GLY N 185 -36.89 -77.77 -53.42
C GLY N 185 -35.70 -76.93 -53.82
N ASN N 186 -34.53 -77.54 -53.70
CA ASN N 186 -33.26 -76.88 -54.02
C ASN N 186 -32.66 -77.56 -55.25
N PHE N 187 -32.77 -76.91 -56.40
CA PHE N 187 -32.45 -77.53 -57.67
C PHE N 187 -31.38 -76.75 -58.42
N SER N 188 -30.67 -77.44 -59.31
CA SER N 188 -29.76 -76.77 -60.23
C SER N 188 -30.55 -76.08 -61.33
N ALA N 189 -29.85 -75.27 -62.13
CA ALA N 189 -30.51 -74.49 -63.17
C ALA N 189 -31.08 -75.38 -64.27
N THR N 190 -30.35 -76.42 -64.68
CA THR N 190 -30.87 -77.34 -65.69
C THR N 190 -32.10 -78.09 -65.19
N MET N 191 -32.06 -78.57 -63.94
CA MET N 191 -33.20 -79.28 -63.38
C MET N 191 -34.41 -78.36 -63.24
N THR N 192 -34.19 -77.08 -62.98
CA THR N 192 -35.31 -76.14 -62.90
C THR N 192 -35.99 -75.96 -64.25
N ILE N 193 -35.20 -75.90 -65.32
CA ILE N 193 -35.77 -75.73 -66.66
C ILE N 193 -36.57 -76.97 -67.08
N ASP N 194 -36.16 -78.16 -66.65
CA ASP N 194 -36.95 -79.36 -66.92
C ASP N 194 -38.31 -79.26 -66.24
N LEU N 195 -38.37 -78.74 -65.02
CA LEU N 195 -39.63 -78.64 -64.30
C LEU N 195 -40.58 -77.65 -64.95
N MET N 196 -40.04 -76.56 -65.53
CA MET N 196 -40.90 -75.59 -66.22
C MET N 196 -41.49 -76.19 -67.50
N ASN N 197 -40.71 -76.96 -68.26
CA ASN N 197 -41.27 -77.66 -69.42
C ASN N 197 -42.33 -78.67 -69.00
N ASN N 198 -42.08 -79.40 -67.92
CA ASN N 198 -43.04 -80.39 -67.44
C ASN N 198 -44.37 -79.75 -67.04
N ALA N 199 -44.32 -78.54 -66.48
CA ALA N 199 -45.55 -77.84 -66.12
C ALA N 199 -46.38 -77.49 -67.36
N ILE N 200 -45.73 -77.07 -68.44
CA ILE N 200 -46.44 -76.74 -69.67
C ILE N 200 -47.14 -77.98 -70.21
N ILE N 201 -46.44 -79.12 -70.22
CA ILE N 201 -46.98 -80.34 -70.81
C ILE N 201 -48.16 -80.87 -70.01
N ASP N 202 -48.12 -80.77 -68.69
CA ASP N 202 -49.23 -81.22 -67.87
C ASP N 202 -50.51 -80.42 -68.14
N ASN N 203 -50.38 -79.18 -68.62
CA ASN N 203 -51.55 -78.42 -69.06
C ASN N 203 -52.07 -78.94 -70.39
N TYR N 204 -51.18 -79.43 -71.26
CA TYR N 204 -51.61 -79.97 -72.54
C TYR N 204 -52.25 -81.34 -72.40
N LEU N 205 -52.01 -82.03 -71.29
CA LEU N 205 -52.63 -83.34 -71.08
C LEU N 205 -53.98 -83.25 -70.37
N GLU N 206 -54.22 -82.17 -69.62
CA GLU N 206 -55.47 -81.97 -68.90
C GLU N 206 -56.50 -81.20 -69.70
N ILE N 207 -56.06 -80.18 -70.43
CA ILE N 207 -56.85 -79.44 -71.40
C ILE N 207 -56.13 -79.67 -72.71
N GLY N 208 -56.59 -79.08 -73.79
CA GLY N 208 -55.78 -79.20 -74.98
C GLY N 208 -56.01 -80.50 -75.70
N ARG N 209 -55.14 -81.48 -75.43
CA ARG N 209 -55.16 -82.78 -76.10
C ARG N 209 -56.56 -83.33 -76.33
N GLN N 210 -57.44 -83.23 -75.32
CA GLN N 210 -58.81 -83.70 -75.47
C GLN N 210 -59.68 -82.75 -76.25
N ASN N 211 -59.17 -81.61 -76.72
CA ASN N 211 -59.93 -80.66 -77.51
C ASN N 211 -59.30 -80.43 -78.89
N GLY N 212 -58.52 -81.37 -79.38
CA GLY N 212 -58.10 -81.38 -80.76
C GLY N 212 -56.75 -80.77 -81.09
N VAL N 213 -55.95 -80.38 -80.10
CA VAL N 213 -54.61 -79.87 -80.38
C VAL N 213 -53.65 -81.04 -80.48
N LEU N 214 -52.70 -80.92 -81.40
CA LEU N 214 -51.75 -81.99 -81.64
C LEU N 214 -50.45 -81.72 -80.89
N GLU N 215 -49.63 -82.76 -80.77
CA GLU N 215 -48.31 -82.58 -80.17
C GLU N 215 -47.34 -82.04 -81.21
N SER N 216 -47.78 -81.01 -81.95
CA SER N 216 -46.92 -80.25 -82.83
C SER N 216 -47.31 -78.77 -82.80
N ASP N 217 -48.23 -78.37 -81.92
CA ASP N 217 -48.64 -76.98 -81.77
C ASP N 217 -48.58 -76.53 -80.31
N ILE N 218 -47.69 -77.13 -79.51
CA ILE N 218 -47.61 -76.81 -78.08
C ILE N 218 -47.40 -75.31 -77.89
N GLY N 219 -46.29 -74.78 -78.38
CA GLY N 219 -46.14 -73.34 -78.52
C GLY N 219 -45.30 -72.63 -77.49
N VAL N 220 -44.88 -73.29 -76.41
CA VAL N 220 -43.97 -72.68 -75.43
C VAL N 220 -42.96 -73.74 -75.00
N LYS N 221 -41.67 -73.45 -75.19
CA LYS N 221 -40.62 -74.36 -74.74
C LYS N 221 -39.40 -73.57 -74.30
N PHE N 222 -38.72 -74.07 -73.26
CA PHE N 222 -37.49 -73.47 -72.76
C PHE N 222 -36.31 -74.33 -73.19
N ASP N 223 -35.34 -73.74 -73.89
CA ASP N 223 -34.25 -74.49 -74.50
C ASP N 223 -32.91 -73.85 -74.11
N THR N 224 -31.82 -74.44 -74.63
CA THR N 224 -30.48 -73.93 -74.42
C THR N 224 -29.63 -73.85 -75.68
N ARG N 225 -30.15 -74.26 -76.84
CA ARG N 225 -29.33 -74.45 -78.03
C ARG N 225 -29.22 -73.19 -78.87
N ASN N 226 -28.19 -73.14 -79.70
CA ASN N 226 -28.02 -72.10 -80.70
C ASN N 226 -28.50 -72.68 -82.03
N PHE N 227 -29.76 -72.44 -82.35
CA PHE N 227 -30.25 -72.84 -83.66
C PHE N 227 -29.57 -72.00 -84.72
N ARG N 228 -29.53 -72.52 -85.95
CA ARG N 228 -28.86 -71.94 -87.12
C ARG N 228 -27.33 -71.94 -87.01
N LEU N 229 -26.76 -72.81 -86.17
CA LEU N 229 -25.30 -72.90 -86.10
C LEU N 229 -24.71 -73.42 -87.42
N GLY N 230 -25.22 -74.54 -87.91
CA GLY N 230 -24.68 -75.12 -89.14
C GLY N 230 -25.32 -74.61 -90.41
N TRP N 231 -25.79 -73.37 -90.38
CA TRP N 231 -26.50 -72.76 -91.49
C TRP N 231 -25.57 -72.51 -92.67
N ASP N 232 -26.12 -72.63 -93.88
CA ASP N 232 -25.36 -72.44 -95.10
C ASP N 232 -25.86 -71.24 -95.87
N PRO N 233 -24.98 -70.33 -96.28
CA PRO N 233 -25.44 -69.07 -96.88
C PRO N 233 -26.06 -69.23 -98.26
N GLU N 234 -25.84 -70.35 -98.94
CA GLU N 234 -26.40 -70.55 -100.28
C GLU N 234 -27.74 -71.29 -100.22
N THR N 235 -27.76 -72.48 -99.62
CA THR N 235 -29.00 -73.24 -99.51
C THR N 235 -29.92 -72.72 -98.43
N LYS N 236 -29.40 -71.95 -97.47
CA LYS N 236 -30.19 -71.37 -96.38
C LYS N 236 -30.93 -72.43 -95.58
N LEU N 237 -30.28 -73.57 -95.35
CA LEU N 237 -30.84 -74.63 -94.53
C LEU N 237 -29.73 -75.21 -93.66
N ILE N 238 -30.13 -75.90 -92.60
CA ILE N 238 -29.17 -76.53 -91.68
C ILE N 238 -28.68 -77.81 -92.36
N MET N 239 -27.49 -77.74 -92.96
CA MET N 239 -27.01 -78.86 -93.78
C MET N 239 -26.89 -80.19 -93.04
N PRO N 240 -26.41 -80.27 -91.81
CA PRO N 240 -26.29 -81.59 -91.17
C PRO N 240 -27.60 -82.33 -90.99
N GLY N 241 -28.74 -81.65 -91.04
CA GLY N 241 -30.01 -82.29 -90.82
C GLY N 241 -30.45 -82.37 -89.37
N VAL N 242 -29.58 -82.02 -88.43
CA VAL N 242 -29.93 -81.92 -87.02
C VAL N 242 -29.29 -80.66 -86.45
N TYR N 243 -30.01 -79.98 -85.56
CA TYR N 243 -29.47 -78.82 -84.89
C TYR N 243 -28.33 -79.23 -83.96
N THR N 244 -27.34 -78.35 -83.82
CA THR N 244 -26.19 -78.65 -82.99
C THR N 244 -26.62 -78.84 -81.53
N TYR N 245 -26.18 -79.94 -80.93
CA TYR N 245 -26.65 -80.34 -79.60
C TYR N 245 -25.69 -79.87 -78.51
N GLU N 246 -25.47 -78.55 -78.44
CA GLU N 246 -24.60 -77.94 -77.46
C GLU N 246 -25.33 -76.80 -76.75
N ALA N 247 -25.00 -76.61 -75.47
CA ALA N 247 -25.66 -75.60 -74.65
C ALA N 247 -24.90 -74.27 -74.74
N PHE N 248 -25.64 -73.20 -74.98
CA PHE N 248 -25.06 -71.86 -75.09
C PHE N 248 -25.57 -70.90 -74.02
N HIS N 249 -26.89 -70.77 -73.87
CA HIS N 249 -27.55 -69.85 -72.96
C HIS N 249 -29.04 -70.20 -72.95
N PRO N 250 -29.72 -70.12 -71.81
CA PRO N 250 -31.15 -70.44 -71.78
C PRO N 250 -31.96 -69.53 -72.70
N ASP N 251 -33.00 -70.10 -73.30
CA ASP N 251 -33.71 -69.49 -74.41
C ASP N 251 -35.21 -69.82 -74.32
N ILE N 252 -36.00 -68.99 -75.00
CA ILE N 252 -37.46 -69.13 -75.06
C ILE N 252 -37.85 -69.30 -76.53
N VAL N 253 -38.65 -70.34 -76.82
CA VAL N 253 -39.11 -70.65 -78.17
C VAL N 253 -40.64 -70.56 -78.21
N LEU N 254 -41.16 -69.83 -79.19
CA LEU N 254 -42.58 -69.51 -79.27
C LEU N 254 -43.16 -69.80 -80.65
N LEU N 255 -44.46 -70.14 -80.66
CA LEU N 255 -45.34 -70.26 -81.82
C LEU N 255 -46.29 -69.07 -81.87
N PRO N 256 -46.89 -68.79 -83.03
CA PRO N 256 -47.78 -67.62 -83.13
C PRO N 256 -48.94 -67.72 -82.16
N GLY N 257 -49.29 -66.57 -81.56
CA GLY N 257 -50.37 -66.49 -80.61
C GLY N 257 -50.00 -66.77 -79.16
N CYS N 258 -48.75 -67.11 -78.87
CA CYS N 258 -48.34 -67.49 -77.52
C CYS N 258 -47.44 -66.41 -76.91
N GLY N 259 -47.07 -66.61 -75.65
CA GLY N 259 -46.21 -65.68 -74.95
C GLY N 259 -46.04 -66.10 -73.50
N VAL N 260 -45.08 -65.43 -72.84
CA VAL N 260 -44.82 -65.63 -71.42
C VAL N 260 -44.80 -64.28 -70.71
N ASP N 261 -45.10 -64.29 -69.42
CA ASP N 261 -45.19 -63.06 -68.63
C ASP N 261 -44.53 -63.28 -67.28
N PHE N 262 -43.51 -62.47 -66.98
CA PHE N 262 -42.72 -62.60 -65.76
C PHE N 262 -42.96 -61.46 -64.77
N THR N 263 -44.13 -60.82 -64.82
CA THR N 263 -44.38 -59.67 -63.96
C THR N 263 -44.34 -60.05 -62.48
N GLU N 264 -44.85 -61.22 -62.14
CA GLU N 264 -44.92 -61.64 -60.75
C GLU N 264 -44.07 -62.88 -60.51
N SER N 265 -42.84 -62.88 -61.01
CA SER N 265 -41.98 -64.05 -60.95
C SER N 265 -40.52 -63.61 -60.93
N ARG N 266 -39.69 -64.41 -60.27
CA ARG N 266 -38.26 -64.16 -60.23
C ARG N 266 -37.47 -65.17 -61.07
N LEU N 267 -38.16 -65.97 -61.87
CA LEU N 267 -37.50 -66.97 -62.70
C LEU N 267 -36.81 -66.39 -63.92
N SER N 268 -37.07 -65.13 -64.27
CA SER N 268 -36.32 -64.51 -65.35
C SER N 268 -34.86 -64.28 -65.00
N ASN N 269 -34.54 -64.12 -63.71
CA ASN N 269 -33.14 -64.00 -63.30
C ASN N 269 -32.39 -65.32 -63.50
N LEU N 270 -33.04 -66.44 -63.25
CA LEU N 270 -32.41 -67.73 -63.48
C LEU N 270 -32.19 -67.99 -64.98
N LEU N 271 -33.04 -67.43 -65.84
CA LEU N 271 -32.87 -67.59 -67.27
C LEU N 271 -31.82 -66.66 -67.87
N GLY N 272 -31.40 -65.64 -67.14
CA GLY N 272 -30.45 -64.69 -67.69
C GLY N 272 -31.02 -63.75 -68.73
N ILE N 273 -32.29 -63.36 -68.59
CA ILE N 273 -32.94 -62.40 -69.47
C ILE N 273 -33.51 -61.28 -68.59
N ARG N 274 -33.07 -60.06 -68.82
CA ARG N 274 -33.45 -58.91 -68.00
C ARG N 274 -33.81 -57.72 -68.88
N LYS N 275 -34.47 -56.74 -68.27
CA LYS N 275 -34.89 -55.52 -68.95
C LYS N 275 -33.85 -54.42 -68.81
N ARG N 276 -33.65 -53.66 -69.89
CA ARG N 276 -32.74 -52.52 -69.84
C ARG N 276 -33.28 -51.35 -69.02
N HIS N 277 -34.58 -51.33 -68.75
CA HIS N 277 -35.21 -50.34 -67.87
C HIS N 277 -35.87 -51.11 -66.73
N PRO N 278 -35.09 -51.52 -65.72
CA PRO N 278 -35.61 -52.47 -64.74
C PRO N 278 -36.61 -51.88 -63.76
N PHE N 279 -36.79 -50.57 -63.73
CA PHE N 279 -37.75 -49.95 -62.80
C PHE N 279 -39.12 -49.73 -63.44
N GLN N 280 -39.32 -50.11 -64.70
CA GLN N 280 -40.63 -50.01 -65.34
C GLN N 280 -41.40 -51.32 -65.13
N GLU N 281 -42.60 -51.21 -64.58
CA GLU N 281 -43.37 -52.40 -64.23
C GLU N 281 -43.82 -53.16 -65.47
N GLY N 282 -43.85 -54.48 -65.37
CA GLY N 282 -44.33 -55.33 -66.44
C GLY N 282 -43.25 -55.94 -67.30
N PHE N 283 -43.30 -57.25 -67.51
CA PHE N 283 -42.31 -57.98 -68.30
C PHE N 283 -43.02 -59.08 -69.07
N LYS N 284 -43.39 -58.78 -70.32
CA LYS N 284 -44.07 -59.73 -71.19
C LYS N 284 -43.32 -59.86 -72.50
N ILE N 285 -43.20 -61.09 -73.00
CA ILE N 285 -42.55 -61.38 -74.28
C ILE N 285 -43.51 -62.21 -75.12
N MET N 286 -43.98 -61.63 -76.23
CA MET N 286 -44.95 -62.28 -77.10
C MET N 286 -44.30 -62.64 -78.45
N TYR N 287 -45.04 -63.41 -79.24
CA TYR N 287 -44.52 -63.87 -80.53
C TYR N 287 -44.22 -62.69 -81.46
N GLU N 288 -44.98 -61.61 -81.37
CA GLU N 288 -44.77 -60.46 -82.23
C GLU N 288 -43.52 -59.67 -81.86
N ASP N 289 -42.98 -59.86 -80.67
CA ASP N 289 -41.78 -59.13 -80.27
C ASP N 289 -40.48 -59.81 -80.70
N LEU N 290 -40.54 -61.03 -81.21
CA LEU N 290 -39.36 -61.80 -81.58
C LEU N 290 -39.08 -61.76 -83.08
N GLU N 291 -39.36 -60.63 -83.74
CA GLU N 291 -39.17 -60.53 -85.18
C GLU N 291 -37.71 -60.76 -85.55
N GLY N 292 -37.50 -61.48 -86.64
CA GLY N 292 -36.17 -61.83 -87.10
C GLY N 292 -35.58 -63.06 -86.47
N GLY N 293 -36.29 -63.73 -85.59
CA GLY N 293 -35.74 -64.87 -84.88
C GLY N 293 -36.30 -66.22 -85.30
N ASN N 294 -36.83 -66.32 -86.51
CA ASN N 294 -37.38 -67.59 -86.97
C ASN N 294 -36.29 -68.64 -87.08
N ILE N 295 -36.60 -69.86 -86.66
CA ILE N 295 -35.65 -70.97 -86.66
C ILE N 295 -35.58 -71.56 -88.06
N PRO N 296 -34.41 -71.61 -88.69
CA PRO N 296 -34.31 -72.16 -90.04
C PRO N 296 -34.71 -73.62 -90.09
N ALA N 297 -35.36 -74.01 -91.18
CA ALA N 297 -35.85 -75.37 -91.34
C ALA N 297 -34.73 -76.33 -91.68
N LEU N 298 -34.96 -77.61 -91.34
CA LEU N 298 -34.08 -78.72 -91.70
C LEU N 298 -32.61 -78.41 -91.56
N ILE N 364 -32.36 -81.08 -102.33
CA ILE N 364 -32.35 -79.76 -101.72
C ILE N 364 -33.77 -79.32 -101.38
N GLN N 365 -34.37 -79.97 -100.38
CA GLN N 365 -35.69 -79.61 -99.90
C GLN N 365 -35.74 -79.75 -98.39
N PRO N 366 -36.49 -78.90 -97.69
CA PRO N 366 -36.58 -79.02 -96.24
C PRO N 366 -37.38 -80.25 -95.83
N LEU N 367 -37.00 -80.82 -94.68
CA LEU N 367 -37.80 -81.89 -94.09
C LEU N 367 -39.07 -81.28 -93.52
N GLU N 368 -40.21 -81.91 -93.80
CA GLU N 368 -41.50 -81.36 -93.41
C GLU N 368 -42.15 -82.08 -92.24
N LYS N 369 -41.62 -83.22 -91.81
CA LYS N 369 -42.24 -83.97 -90.74
C LYS N 369 -41.17 -84.80 -90.03
N ASP N 370 -41.52 -85.26 -88.83
CA ASP N 370 -40.60 -86.01 -87.97
C ASP N 370 -40.74 -87.51 -88.23
N SER N 371 -40.03 -88.32 -87.45
CA SER N 371 -40.03 -89.76 -87.65
C SER N 371 -41.42 -90.36 -87.42
N LYS N 372 -42.11 -89.91 -86.38
CA LYS N 372 -43.43 -90.41 -86.03
C LYS N 372 -44.56 -89.57 -86.62
N SER N 373 -44.32 -88.92 -87.75
CA SER N 373 -45.30 -88.09 -88.44
C SER N 373 -45.81 -86.97 -87.54
N ARG N 374 -44.89 -86.07 -87.19
CA ARG N 374 -45.22 -84.84 -86.50
C ARG N 374 -44.77 -83.67 -87.37
N SER N 375 -45.67 -82.70 -87.56
CA SER N 375 -45.35 -81.56 -88.40
C SER N 375 -44.28 -80.69 -87.77
N TYR N 376 -43.30 -80.28 -88.57
CA TYR N 376 -42.32 -79.28 -88.16
C TYR N 376 -42.80 -77.86 -88.37
N ASN N 377 -44.01 -77.66 -88.89
CA ASN N 377 -44.60 -76.34 -89.11
C ASN N 377 -43.78 -75.51 -90.11
N VAL N 378 -43.31 -76.15 -91.17
CA VAL N 378 -42.58 -75.43 -92.21
C VAL N 378 -43.54 -74.49 -92.95
N LEU N 379 -43.02 -73.35 -93.37
CA LEU N 379 -43.80 -72.30 -94.00
C LEU N 379 -43.54 -72.24 -95.50
N GLU N 380 -44.12 -71.23 -96.15
CA GLU N 380 -43.83 -70.98 -97.55
C GLU N 380 -42.38 -70.51 -97.69
N ASP N 381 -41.87 -70.62 -98.92
CA ASP N 381 -40.49 -70.34 -99.30
C ASP N 381 -39.56 -71.44 -98.83
N LYS N 382 -40.07 -72.38 -98.02
CA LYS N 382 -39.40 -73.63 -97.72
C LYS N 382 -37.98 -73.43 -97.19
N ILE N 383 -37.78 -72.38 -96.38
CA ILE N 383 -36.51 -72.14 -95.70
C ILE N 383 -36.68 -71.99 -94.20
N ASN N 384 -37.67 -71.22 -93.75
CA ASN N 384 -37.85 -70.93 -92.34
C ASN N 384 -39.08 -71.64 -91.79
N THR N 385 -39.09 -71.76 -90.47
CA THR N 385 -40.15 -72.42 -89.72
C THR N 385 -40.88 -71.38 -88.86
N ALA N 386 -42.12 -71.72 -88.49
CA ALA N 386 -42.94 -70.81 -87.70
C ALA N 386 -42.38 -70.56 -86.30
N TYR N 387 -41.53 -71.43 -85.79
CA TYR N 387 -40.96 -71.24 -84.45
C TYR N 387 -40.03 -70.02 -84.43
N ARG N 388 -40.13 -69.24 -83.36
CA ARG N 388 -39.23 -68.12 -83.11
C ARG N 388 -38.55 -68.30 -81.76
N SER N 389 -37.34 -67.76 -81.61
CA SER N 389 -36.60 -67.87 -80.36
C SER N 389 -35.98 -66.55 -79.97
N TRP N 390 -35.92 -66.29 -78.66
CA TRP N 390 -35.37 -65.05 -78.14
C TRP N 390 -33.89 -64.91 -78.50
N TYR N 391 -33.13 -65.99 -78.39
CA TYR N 391 -31.68 -65.90 -78.61
C TYR N 391 -31.35 -65.56 -80.05
N LEU N 392 -32.06 -66.15 -81.01
CA LEU N 392 -31.81 -65.84 -82.42
C LEU N 392 -32.15 -64.39 -82.72
N SER N 393 -33.26 -63.89 -82.16
CA SER N 393 -33.64 -62.51 -82.40
C SER N 393 -32.67 -61.54 -81.74
N TYR N 394 -32.16 -61.88 -80.55
CA TYR N 394 -31.21 -61.00 -79.87
C TYR N 394 -29.89 -60.90 -80.64
N ASN N 395 -29.41 -62.00 -81.19
CA ASN N 395 -28.08 -62.02 -81.79
C ASN N 395 -28.08 -61.76 -83.30
N TYR N 396 -29.14 -62.14 -84.02
CA TYR N 396 -29.14 -62.03 -85.47
C TYR N 396 -30.20 -61.08 -86.02
N GLY N 397 -31.15 -60.63 -85.21
CA GLY N 397 -32.20 -59.74 -85.67
C GLY N 397 -31.71 -58.31 -85.82
N ASN N 398 -32.68 -57.41 -86.00
CA ASN N 398 -32.38 -55.99 -86.19
C ASN N 398 -31.94 -55.38 -84.87
N PRO N 399 -30.75 -54.77 -84.80
CA PRO N 399 -30.27 -54.24 -83.51
C PRO N 399 -31.14 -53.13 -82.94
N GLU N 400 -31.83 -52.35 -83.77
CA GLU N 400 -32.55 -51.17 -83.29
C GLU N 400 -34.06 -51.34 -83.30
N LYS N 401 -34.56 -52.52 -83.65
CA LYS N 401 -36.00 -52.76 -83.65
C LYS N 401 -36.41 -54.08 -83.01
N GLY N 402 -35.52 -55.07 -82.92
CA GLY N 402 -35.86 -56.35 -82.34
C GLY N 402 -35.82 -56.33 -80.83
N ILE N 403 -35.81 -57.54 -80.27
CA ILE N 403 -35.84 -57.71 -78.82
C ILE N 403 -34.58 -57.17 -78.16
N ARG N 404 -33.51 -56.97 -78.90
CA ARG N 404 -32.25 -56.47 -78.35
C ARG N 404 -32.33 -55.02 -77.92
N SER N 405 -33.32 -54.27 -78.39
CA SER N 405 -33.40 -52.86 -78.06
C SER N 405 -33.90 -52.59 -76.66
N TRP N 406 -34.60 -53.55 -76.03
CA TRP N 406 -35.10 -53.32 -74.67
C TRP N 406 -34.89 -54.51 -73.73
N THR N 407 -34.16 -55.55 -74.13
CA THR N 407 -33.76 -56.61 -73.22
C THR N 407 -32.25 -56.78 -73.24
N LEU N 408 -31.74 -57.49 -72.22
CA LEU N 408 -30.31 -57.63 -72.01
C LEU N 408 -29.99 -59.09 -71.66
N LEU N 409 -28.90 -59.60 -72.20
CA LEU N 409 -28.45 -60.97 -71.95
C LEU N 409 -27.43 -60.98 -70.81
N THR N 410 -27.67 -61.80 -69.80
CA THR N 410 -26.81 -61.87 -68.61
C THR N 410 -26.53 -63.33 -68.25
N THR N 411 -25.55 -63.53 -67.36
CA THR N 411 -25.26 -64.86 -66.86
C THR N 411 -26.39 -65.36 -65.98
N SER N 412 -26.66 -66.67 -66.04
CA SER N 412 -27.70 -67.28 -65.24
C SER N 412 -27.37 -67.20 -63.75
N ASP N 413 -28.36 -66.83 -62.94
CA ASP N 413 -28.20 -66.70 -61.50
C ASP N 413 -29.12 -67.70 -60.80
N VAL N 414 -28.54 -68.79 -60.28
CA VAL N 414 -29.32 -69.90 -59.74
C VAL N 414 -30.06 -69.51 -58.47
N THR N 415 -29.53 -68.58 -57.68
CA THR N 415 -30.23 -68.16 -56.46
C THR N 415 -31.47 -67.34 -56.76
N CYS N 416 -31.68 -66.94 -58.01
CA CYS N 416 -32.79 -66.11 -58.47
C CYS N 416 -32.71 -64.67 -57.97
N GLY N 417 -31.54 -64.25 -57.49
CA GLY N 417 -31.34 -62.87 -57.09
C GLY N 417 -31.57 -62.64 -55.61
N VAL N 418 -30.51 -62.49 -54.86
CA VAL N 418 -30.62 -62.28 -53.42
C VAL N 418 -30.67 -60.79 -53.15
N GLU N 419 -31.41 -60.41 -52.12
CA GLU N 419 -31.50 -59.02 -51.68
C GLU N 419 -31.00 -58.93 -50.25
N GLN N 420 -31.18 -57.75 -49.65
CA GLN N 420 -30.61 -57.44 -48.34
C GLN N 420 -31.54 -57.86 -47.21
N VAL N 421 -31.00 -57.86 -45.99
CA VAL N 421 -31.75 -58.09 -44.76
C VAL N 421 -31.41 -56.98 -43.77
N TYR N 422 -32.36 -56.70 -42.86
CA TYR N 422 -32.24 -55.63 -41.89
C TYR N 422 -32.36 -56.17 -40.46
N TRP N 423 -31.53 -55.64 -39.55
CA TRP N 423 -31.58 -55.97 -38.13
C TRP N 423 -32.26 -54.85 -37.33
N SER N 424 -33.04 -55.24 -36.33
CA SER N 424 -33.67 -54.29 -35.40
C SER N 424 -33.46 -54.72 -33.95
N LEU N 425 -33.11 -53.76 -33.09
CA LEU N 425 -33.01 -53.98 -31.64
C LEU N 425 -33.68 -52.82 -30.91
N PRO N 426 -35.02 -52.76 -30.94
CA PRO N 426 -35.71 -51.53 -30.50
C PRO N 426 -35.58 -51.21 -29.02
N ASP N 427 -35.30 -52.18 -28.15
CA ASP N 427 -35.17 -51.93 -26.72
C ASP N 427 -33.74 -51.64 -26.28
N MET N 428 -32.76 -51.66 -27.17
CA MET N 428 -31.38 -51.47 -26.79
C MET N 428 -30.75 -50.23 -27.42
N MET N 429 -30.92 -50.03 -28.72
CA MET N 429 -30.31 -48.92 -29.43
C MET N 429 -31.28 -47.76 -29.59
N GLN N 430 -30.72 -46.55 -29.70
CA GLN N 430 -31.52 -45.40 -30.08
C GLN N 430 -31.89 -45.46 -31.56
N ASP N 431 -33.03 -44.86 -31.91
CA ASP N 431 -33.48 -44.86 -33.30
C ASP N 431 -32.56 -43.99 -34.15
N PRO N 432 -32.07 -44.50 -35.28
CA PRO N 432 -31.30 -43.64 -36.20
C PRO N 432 -32.15 -42.54 -36.82
N VAL N 433 -31.45 -41.54 -37.39
CA VAL N 433 -32.08 -40.28 -37.77
C VAL N 433 -33.18 -40.51 -38.83
N THR N 434 -34.31 -39.83 -38.63
CA THR N 434 -35.55 -39.78 -39.40
C THR N 434 -36.47 -41.00 -39.19
N PHE N 435 -36.07 -42.02 -38.45
CA PHE N 435 -36.98 -43.13 -38.12
C PHE N 435 -37.91 -42.74 -36.97
N ARG N 436 -39.18 -43.14 -37.07
CA ARG N 436 -40.16 -42.92 -36.01
C ARG N 436 -40.16 -44.08 -35.02
N SER N 437 -40.40 -43.76 -33.75
CA SER N 437 -40.60 -44.78 -32.73
C SER N 437 -41.99 -45.40 -32.86
N THR N 438 -42.06 -46.73 -32.79
CA THR N 438 -43.31 -47.43 -33.02
C THR N 438 -43.25 -48.83 -32.42
N ARG N 439 -44.40 -49.48 -32.37
CA ARG N 439 -44.50 -50.87 -31.94
C ARG N 439 -45.04 -51.78 -33.05
N GLN N 440 -45.07 -51.31 -34.29
CA GLN N 440 -45.47 -52.15 -35.42
C GLN N 440 -44.24 -52.86 -36.00
N VAL N 441 -44.32 -54.17 -36.15
CA VAL N 441 -43.15 -54.98 -36.49
C VAL N 441 -42.63 -54.61 -37.88
N SER N 442 -43.51 -54.41 -38.84
CA SER N 442 -43.05 -54.04 -40.17
C SER N 442 -42.52 -52.60 -40.26
N ASN N 443 -42.37 -51.86 -39.16
CA ASN N 443 -41.83 -50.50 -39.26
C ASN N 443 -40.82 -50.20 -38.15
N TYR N 444 -40.17 -51.23 -37.59
CA TYR N 444 -39.13 -51.00 -36.59
C TYR N 444 -37.96 -50.23 -37.21
N PRO N 445 -37.30 -49.36 -36.44
CA PRO N 445 -36.08 -48.72 -36.93
C PRO N 445 -34.97 -49.73 -37.19
N VAL N 446 -34.14 -49.43 -38.19
CA VAL N 446 -33.14 -50.37 -38.71
C VAL N 446 -31.77 -50.02 -38.17
N VAL N 447 -31.09 -51.01 -37.61
CA VAL N 447 -29.79 -50.80 -36.96
C VAL N 447 -28.62 -51.37 -37.75
N GLY N 448 -28.87 -52.19 -38.78
CA GLY N 448 -27.81 -52.70 -39.62
C GLY N 448 -28.37 -53.43 -40.82
N ALA N 449 -27.51 -53.61 -41.84
CA ALA N 449 -27.92 -54.24 -43.09
C ALA N 449 -26.79 -55.08 -43.65
N GLU N 450 -27.15 -56.13 -44.40
CA GLU N 450 -26.21 -57.02 -45.06
C GLU N 450 -26.99 -57.84 -46.09
N LEU N 451 -26.26 -58.65 -46.86
CA LEU N 451 -26.91 -59.54 -47.82
C LEU N 451 -27.45 -60.79 -47.13
N MET N 452 -28.61 -61.25 -47.57
CA MET N 452 -29.09 -62.56 -47.19
C MET N 452 -28.07 -63.61 -47.63
N PRO N 453 -27.57 -64.45 -46.73
CA PRO N 453 -26.32 -65.21 -47.00
C PRO N 453 -26.52 -66.48 -47.80
N VAL N 454 -26.86 -66.32 -49.08
CA VAL N 454 -27.04 -67.43 -50.00
C VAL N 454 -26.22 -67.13 -51.26
N PHE N 455 -25.43 -68.10 -51.70
CA PHE N 455 -24.46 -67.88 -52.76
C PHE N 455 -24.49 -69.02 -53.78
N SER N 456 -24.00 -68.70 -54.98
CA SER N 456 -23.89 -69.65 -56.07
C SER N 456 -22.50 -70.29 -56.10
N LYS N 457 -22.45 -71.57 -56.45
CA LYS N 457 -21.20 -72.31 -56.59
C LYS N 457 -21.18 -73.06 -57.92
N SER N 458 -20.02 -73.09 -58.57
CA SER N 458 -19.86 -73.68 -59.89
C SER N 458 -19.16 -75.03 -59.85
N PHE N 459 -19.56 -75.92 -60.76
CA PHE N 459 -18.95 -77.22 -60.94
C PHE N 459 -18.76 -77.48 -62.43
N TYR N 460 -17.85 -78.39 -62.76
CA TYR N 460 -17.55 -78.74 -64.14
C TYR N 460 -18.03 -80.16 -64.41
N ASN N 461 -18.79 -80.34 -65.49
CA ASN N 461 -19.31 -81.64 -65.86
C ASN N 461 -19.22 -81.90 -67.36
N HIS N 478 -38.77 -91.99 -69.35
CA HIS N 478 -38.26 -90.64 -69.22
C HIS N 478 -39.36 -89.61 -69.28
N VAL N 479 -39.80 -89.13 -68.11
CA VAL N 479 -40.82 -88.09 -68.06
C VAL N 479 -40.30 -86.76 -68.58
N PHE N 480 -38.99 -86.56 -68.58
CA PHE N 480 -38.39 -85.31 -69.05
C PHE N 480 -37.99 -85.38 -70.52
N ASN N 481 -38.36 -86.45 -71.23
CA ASN N 481 -38.13 -86.53 -72.67
C ASN N 481 -39.28 -87.35 -73.25
N ARG N 482 -40.34 -86.64 -73.66
CA ARG N 482 -41.56 -87.26 -74.17
C ARG N 482 -41.64 -87.25 -75.69
N PHE N 483 -40.76 -86.51 -76.37
CA PHE N 483 -40.71 -86.46 -77.82
C PHE N 483 -39.27 -86.67 -78.25
N PRO N 484 -38.73 -87.87 -78.06
CA PRO N 484 -37.31 -88.10 -78.39
C PRO N 484 -36.99 -87.85 -79.86
N GLU N 485 -37.93 -88.11 -80.76
CA GLU N 485 -37.64 -87.99 -82.19
C GLU N 485 -37.62 -86.54 -82.66
N ASN N 486 -38.45 -85.68 -82.08
CA ASN N 486 -38.66 -84.34 -82.61
C ASN N 486 -37.47 -83.45 -82.32
N GLN N 487 -36.87 -82.88 -83.36
CA GLN N 487 -35.68 -82.06 -83.19
C GLN N 487 -35.96 -80.76 -82.45
N ILE N 488 -37.20 -80.28 -82.44
CA ILE N 488 -37.54 -79.07 -81.72
C ILE N 488 -37.90 -79.35 -80.27
N LEU N 489 -38.57 -80.47 -80.03
CA LEU N 489 -39.08 -80.82 -78.71
C LEU N 489 -38.17 -81.80 -77.96
N ILE N 490 -36.96 -82.04 -78.47
CA ILE N 490 -36.02 -82.88 -77.75
C ILE N 490 -35.60 -82.21 -76.45
N ARG N 491 -35.19 -83.03 -75.47
CA ARG N 491 -34.74 -82.51 -74.19
C ARG N 491 -33.46 -81.70 -74.36
N PRO N 492 -33.39 -80.50 -73.79
CA PRO N 492 -32.24 -79.64 -74.07
C PRO N 492 -30.95 -80.25 -73.55
N PRO N 493 -29.84 -80.01 -74.22
CA PRO N 493 -28.55 -80.45 -73.69
C PRO N 493 -28.17 -79.70 -72.42
N ALA N 494 -27.42 -80.37 -71.55
CA ALA N 494 -26.97 -79.81 -70.27
C ALA N 494 -25.69 -79.00 -70.45
N PRO N 495 -25.55 -77.88 -69.75
CA PRO N 495 -24.33 -77.10 -69.86
C PRO N 495 -23.14 -77.82 -69.26
N THR N 496 -21.96 -77.49 -69.77
CA THR N 496 -20.73 -78.00 -69.18
C THR N 496 -20.38 -77.32 -67.86
N ILE N 497 -21.06 -76.22 -67.50
CA ILE N 497 -20.91 -75.56 -66.21
C ILE N 497 -22.25 -75.61 -65.49
N THR N 498 -22.26 -76.22 -64.31
CA THR N 498 -23.46 -76.34 -63.48
C THR N 498 -23.30 -75.49 -62.22
N THR N 499 -24.37 -74.77 -61.84
CA THR N 499 -24.37 -73.93 -60.65
C THR N 499 -25.48 -74.34 -59.70
N VAL N 500 -25.17 -74.34 -58.41
CA VAL N 500 -26.12 -74.66 -57.35
C VAL N 500 -25.96 -73.61 -56.24
N SER N 501 -27.02 -73.42 -55.46
CA SER N 501 -27.04 -72.40 -54.42
C SER N 501 -26.76 -73.02 -53.04
N GLU N 502 -26.03 -72.27 -52.21
CA GLU N 502 -25.57 -72.71 -50.91
C GLU N 502 -25.86 -71.68 -49.83
N ASN N 503 -26.02 -72.17 -48.60
CA ASN N 503 -26.16 -71.33 -47.42
C ASN N 503 -24.84 -71.32 -46.66
N VAL N 504 -24.29 -70.13 -46.40
CA VAL N 504 -22.99 -69.97 -45.76
C VAL N 504 -23.17 -69.08 -44.53
N PRO N 505 -22.71 -69.51 -43.35
CA PRO N 505 -22.88 -68.66 -42.15
C PRO N 505 -22.17 -67.33 -42.29
N ALA N 506 -22.82 -66.28 -41.81
CA ALA N 506 -22.38 -64.90 -42.00
C ALA N 506 -21.98 -64.29 -40.67
N LEU N 507 -20.77 -63.73 -40.61
CA LEU N 507 -20.21 -63.10 -39.43
C LEU N 507 -19.93 -61.64 -39.77
N THR N 508 -20.60 -60.73 -39.10
CA THR N 508 -20.65 -59.34 -39.53
C THR N 508 -20.35 -58.38 -38.38
N ASP N 509 -19.52 -57.38 -38.65
CA ASP N 509 -19.27 -56.27 -37.74
C ASP N 509 -20.03 -55.04 -38.24
N HIS N 510 -20.95 -54.54 -37.45
CA HIS N 510 -21.81 -53.42 -37.84
C HIS N 510 -21.35 -52.07 -37.31
N GLY N 511 -20.22 -52.01 -36.61
CA GLY N 511 -19.74 -50.75 -36.06
C GLY N 511 -20.42 -50.36 -34.75
N THR N 512 -20.22 -49.10 -34.36
CA THR N 512 -20.69 -48.57 -33.09
C THR N 512 -21.96 -47.73 -33.29
N LEU N 513 -22.96 -47.96 -32.44
CA LEU N 513 -24.23 -47.22 -32.45
C LEU N 513 -24.55 -46.67 -31.07
N PRO N 514 -25.24 -45.53 -30.99
CA PRO N 514 -25.60 -44.98 -29.68
C PRO N 514 -26.56 -45.88 -28.91
N LEU N 515 -26.33 -45.97 -27.60
CA LEU N 515 -26.97 -46.91 -26.71
C LEU N 515 -27.87 -46.17 -25.72
N ARG N 516 -29.00 -46.79 -25.37
CA ARG N 516 -29.85 -46.22 -24.34
C ARG N 516 -29.21 -46.33 -22.95
N SER N 517 -29.48 -45.34 -22.10
CA SER N 517 -28.84 -45.28 -20.78
C SER N 517 -29.41 -46.33 -19.81
N SER N 518 -30.65 -46.76 -20.00
CA SER N 518 -31.26 -47.76 -19.14
C SER N 518 -31.78 -48.90 -20.01
N ILE N 519 -31.33 -50.12 -19.71
CA ILE N 519 -31.62 -51.31 -20.52
C ILE N 519 -32.45 -52.27 -19.68
N ARG N 520 -33.62 -52.63 -20.20
CA ARG N 520 -34.48 -53.60 -19.52
C ARG N 520 -33.96 -55.01 -19.70
N GLY N 521 -34.41 -55.90 -18.79
CA GLY N 521 -33.92 -57.26 -18.75
C GLY N 521 -34.38 -58.15 -19.88
N VAL N 522 -35.50 -57.82 -20.53
CA VAL N 522 -36.02 -58.59 -21.65
C VAL N 522 -35.93 -57.74 -22.91
N GLN N 523 -35.38 -58.33 -23.98
CA GLN N 523 -35.06 -57.61 -25.21
C GLN N 523 -35.68 -58.32 -26.41
N ARG N 524 -36.07 -57.53 -27.41
CA ARG N 524 -36.62 -58.03 -28.66
C ARG N 524 -35.58 -58.00 -29.77
N VAL N 525 -35.52 -59.08 -30.57
CA VAL N 525 -34.61 -59.21 -31.70
C VAL N 525 -35.41 -59.53 -32.94
N THR N 526 -35.18 -58.79 -34.03
CA THR N 526 -35.96 -58.94 -35.26
C THR N 526 -35.08 -58.88 -36.50
N VAL N 527 -35.37 -59.72 -37.48
CA VAL N 527 -34.72 -59.75 -38.78
C VAL N 527 -35.79 -59.73 -39.87
N THR N 528 -35.73 -58.75 -40.78
CA THR N 528 -36.71 -58.60 -41.85
C THR N 528 -36.03 -58.39 -43.20
N ASP N 529 -36.78 -58.66 -44.27
CA ASP N 529 -36.29 -58.56 -45.64
C ASP N 529 -36.57 -57.17 -46.21
N ALA N 530 -36.38 -57.02 -47.53
CA ALA N 530 -36.50 -55.71 -48.16
C ALA N 530 -37.92 -55.17 -48.15
N ARG N 531 -38.92 -56.05 -48.19
CA ARG N 531 -40.32 -55.65 -48.08
C ARG N 531 -40.80 -55.59 -46.62
N ARG N 532 -39.88 -55.75 -45.67
CA ARG N 532 -40.15 -55.69 -44.23
C ARG N 532 -41.08 -56.82 -43.76
N ARG N 533 -40.88 -58.02 -44.32
CA ARG N 533 -41.45 -59.24 -43.78
C ARG N 533 -40.37 -60.00 -43.02
N THR N 534 -40.78 -60.75 -41.99
CA THR N 534 -39.84 -61.66 -41.35
C THR N 534 -39.53 -62.83 -42.27
N CYS N 535 -38.35 -63.42 -42.08
CA CYS N 535 -37.90 -64.50 -42.95
C CYS N 535 -38.00 -65.84 -42.24
N PRO N 536 -38.85 -66.76 -42.70
CA PRO N 536 -38.98 -68.07 -42.03
C PRO N 536 -37.78 -69.00 -42.20
N TYR N 537 -36.78 -68.64 -42.99
CA TYR N 537 -35.64 -69.53 -43.21
C TYR N 537 -34.43 -69.20 -42.35
N VAL N 538 -34.54 -68.26 -41.43
CA VAL N 538 -33.50 -68.05 -40.42
C VAL N 538 -33.69 -69.08 -39.31
N TYR N 539 -32.63 -69.81 -38.96
CA TYR N 539 -32.73 -70.72 -37.82
C TYR N 539 -31.63 -70.54 -36.78
N LYS N 540 -30.78 -69.52 -36.92
CA LYS N 540 -29.79 -69.21 -35.89
C LYS N 540 -29.41 -67.74 -36.02
N ALA N 541 -29.55 -67.00 -34.93
CA ALA N 541 -29.21 -65.58 -34.90
C ALA N 541 -28.73 -65.20 -33.51
N LEU N 542 -27.53 -64.63 -33.43
CA LEU N 542 -26.93 -64.20 -32.18
C LEU N 542 -26.39 -62.77 -32.31
N GLY N 543 -26.39 -62.06 -31.19
CA GLY N 543 -25.79 -60.74 -31.15
C GLY N 543 -24.92 -60.58 -29.92
N ILE N 544 -23.84 -59.81 -30.10
CA ILE N 544 -22.90 -59.48 -29.02
C ILE N 544 -22.64 -57.98 -29.08
N VAL N 545 -22.82 -57.30 -27.95
CA VAL N 545 -22.68 -55.85 -27.86
C VAL N 545 -21.59 -55.52 -26.84
N ALA N 546 -20.73 -54.57 -27.18
CA ALA N 546 -19.65 -54.12 -26.29
C ALA N 546 -19.77 -52.62 -26.00
N PRO N 547 -20.35 -52.21 -24.87
CA PRO N 547 -20.53 -50.79 -24.60
C PRO N 547 -19.22 -50.06 -24.30
N ARG N 548 -19.19 -48.77 -24.59
CA ARG N 548 -18.09 -47.88 -24.21
C ARG N 548 -18.56 -46.43 -24.25
N VAL N 549 -17.79 -45.56 -23.62
CA VAL N 549 -18.13 -44.15 -23.50
C VAL N 549 -17.81 -43.42 -24.80
N LEU N 550 -18.76 -42.61 -25.28
CA LEU N 550 -18.57 -41.78 -26.47
C LEU N 550 -18.27 -40.32 -26.15
N SER N 551 -19.04 -39.68 -25.28
CA SER N 551 -18.79 -38.29 -24.94
C SER N 551 -19.38 -37.99 -23.56
N SER N 552 -19.06 -36.80 -23.07
CA SER N 552 -19.49 -36.37 -21.75
C SER N 552 -20.88 -35.74 -21.79
N ARG N 553 -21.58 -35.84 -20.66
CA ARG N 553 -22.88 -35.21 -20.43
C ARG N 553 -23.98 -35.78 -21.32
N ARG O 48 -41.79 8.48 -18.96
CA ARG O 48 -42.03 8.27 -20.38
C ARG O 48 -43.46 7.81 -20.67
N ASN O 49 -44.43 8.41 -19.97
CA ASN O 49 -45.82 7.98 -20.12
C ASN O 49 -46.80 9.14 -20.15
N SER O 50 -46.36 10.34 -20.52
CA SER O 50 -47.24 11.51 -20.51
C SER O 50 -47.99 11.63 -21.83
N ILE O 51 -49.12 12.33 -21.77
CA ILE O 51 -50.00 12.56 -22.92
C ILE O 51 -50.30 14.06 -22.97
N ARG O 52 -50.02 14.69 -24.11
CA ARG O 52 -50.03 16.15 -24.22
C ARG O 52 -50.91 16.63 -25.37
N TYR O 53 -51.55 17.77 -25.16
CA TYR O 53 -52.41 18.40 -26.15
C TYR O 53 -51.79 19.74 -26.57
N SER O 54 -51.71 19.96 -27.88
CA SER O 54 -50.88 21.04 -28.42
C SER O 54 -51.36 22.43 -28.02
N GLU O 55 -52.59 22.59 -27.56
CA GLU O 55 -53.06 23.91 -27.16
C GLU O 55 -52.79 24.25 -25.69
N LEU O 56 -52.14 23.37 -24.94
CA LEU O 56 -51.88 23.60 -23.52
C LEU O 56 -50.38 23.58 -23.25
N SER O 57 -49.94 24.44 -22.32
CA SER O 57 -48.53 24.55 -21.96
C SER O 57 -48.42 25.16 -20.56
N PRO O 58 -47.43 24.75 -19.77
CA PRO O 58 -47.29 25.28 -18.40
C PRO O 58 -46.54 26.61 -18.35
N LEU O 59 -46.71 27.33 -17.24
CA LEU O 59 -46.24 28.70 -17.08
C LEU O 59 -45.06 28.79 -16.12
N TYR O 60 -44.14 29.71 -16.41
CA TYR O 60 -42.93 29.90 -15.62
C TYR O 60 -42.54 31.38 -15.52
N ASP O 61 -41.90 31.72 -14.40
CA ASP O 61 -41.09 32.91 -14.12
C ASP O 61 -41.79 34.26 -13.93
N THR O 62 -42.99 34.44 -14.49
CA THR O 62 -43.71 35.71 -14.36
C THR O 62 -45.02 35.62 -15.13
N THR O 63 -45.96 36.49 -14.79
CA THR O 63 -47.28 36.55 -15.40
C THR O 63 -47.95 37.87 -14.98
N ARG O 64 -49.24 38.00 -15.25
CA ARG O 64 -50.01 39.17 -14.83
C ARG O 64 -51.28 38.75 -14.09
N LEU O 65 -51.66 39.53 -13.09
CA LEU O 65 -52.95 39.41 -12.40
C LEU O 65 -53.68 40.75 -12.51
N TYR O 66 -54.97 40.71 -12.85
CA TYR O 66 -55.75 41.92 -13.09
C TYR O 66 -56.85 42.06 -12.05
N LEU O 67 -56.95 43.24 -11.45
CA LEU O 67 -57.95 43.57 -10.43
C LEU O 67 -58.84 44.67 -10.99
N VAL O 68 -60.01 44.30 -11.48
CA VAL O 68 -60.86 45.17 -12.29
C VAL O 68 -62.21 45.31 -11.61
N ASP O 69 -62.74 46.53 -11.60
CA ASP O 69 -63.91 46.88 -10.79
C ASP O 69 -65.24 46.80 -11.54
N ASN O 70 -65.26 46.44 -12.82
CA ASN O 70 -66.50 46.48 -13.58
C ASN O 70 -66.68 45.23 -14.46
N LYS O 71 -66.37 44.05 -13.92
CA LYS O 71 -66.71 42.83 -14.61
C LYS O 71 -68.22 42.57 -14.54
N SER O 72 -68.79 42.09 -15.65
CA SER O 72 -70.24 42.02 -15.75
C SER O 72 -70.86 41.07 -14.72
N ALA O 73 -70.26 39.88 -14.55
CA ALA O 73 -70.81 38.90 -13.62
C ALA O 73 -70.57 39.27 -12.17
N ASP O 74 -69.44 39.92 -11.86
CA ASP O 74 -69.16 40.32 -10.48
C ASP O 74 -70.10 41.41 -10.00
N ILE O 75 -70.59 42.24 -10.93
CA ILE O 75 -71.52 43.31 -10.55
C ILE O 75 -72.80 42.73 -9.98
N ALA O 76 -73.33 41.69 -10.62
CA ALA O 76 -74.63 41.17 -10.24
C ALA O 76 -74.59 40.39 -8.94
N SER O 77 -73.56 39.56 -8.74
CA SER O 77 -73.57 38.58 -7.66
C SER O 77 -72.64 38.88 -6.50
N LEU O 78 -71.80 39.90 -6.58
CA LEU O 78 -70.86 40.15 -5.49
C LEU O 78 -71.04 41.50 -4.81
N ASN O 79 -71.32 42.55 -5.56
CA ASN O 79 -71.10 43.91 -5.09
C ASN O 79 -72.38 44.72 -4.99
N TYR O 80 -73.46 44.09 -4.52
CA TYR O 80 -74.75 44.76 -4.52
C TYR O 80 -74.79 45.94 -3.55
N GLN O 81 -74.10 45.84 -2.42
CA GLN O 81 -74.10 46.89 -1.40
C GLN O 81 -72.78 47.66 -1.33
N ASN O 82 -71.92 47.56 -2.33
CA ASN O 82 -70.58 48.13 -2.29
C ASN O 82 -70.49 49.37 -3.20
N ASP O 83 -69.32 50.01 -3.18
CA ASP O 83 -69.01 51.10 -4.12
C ASP O 83 -67.56 50.96 -4.56
N HIS O 84 -67.11 51.86 -5.44
CA HIS O 84 -65.80 51.72 -6.06
C HIS O 84 -64.64 51.93 -5.09
N SER O 85 -64.90 52.43 -3.89
CA SER O 85 -63.85 52.56 -2.88
C SER O 85 -63.64 51.28 -2.07
N ASN O 86 -64.58 50.33 -2.12
CA ASN O 86 -64.46 49.09 -1.33
C ASN O 86 -65.33 48.01 -1.98
N PHE O 87 -64.71 47.11 -2.73
CA PHE O 87 -65.45 46.16 -3.55
C PHE O 87 -64.71 44.82 -3.62
N LEU O 88 -65.39 43.83 -4.20
CA LEU O 88 -64.84 42.50 -4.42
C LEU O 88 -64.71 42.23 -5.92
N THR O 89 -63.70 41.46 -6.29
CA THR O 89 -63.50 41.11 -7.69
C THR O 89 -62.85 39.74 -7.80
N THR O 90 -62.96 39.13 -8.97
CA THR O 90 -62.39 37.81 -9.24
C THR O 90 -61.14 37.94 -10.08
N VAL O 91 -60.06 37.28 -9.65
CA VAL O 91 -58.83 37.25 -10.44
C VAL O 91 -58.79 36.07 -11.40
N VAL O 92 -59.77 35.18 -11.36
CA VAL O 92 -59.89 34.09 -12.33
C VAL O 92 -60.58 34.63 -13.58
N GLN O 93 -59.92 34.54 -14.72
CA GLN O 93 -60.43 35.10 -15.98
C GLN O 93 -60.97 34.02 -16.92
N ASN O 94 -61.65 33.00 -16.39
CA ASN O 94 -62.12 31.85 -17.16
C ASN O 94 -63.63 31.78 -17.02
N ASN O 95 -64.35 32.02 -18.12
CA ASN O 95 -65.81 32.14 -18.06
C ASN O 95 -66.54 30.79 -18.07
N ASP O 96 -65.81 29.68 -17.92
CA ASP O 96 -66.47 28.40 -17.67
C ASP O 96 -67.07 28.32 -16.26
N PHE O 97 -66.78 29.28 -15.39
CA PHE O 97 -67.22 29.26 -14.01
C PHE O 97 -67.86 30.59 -13.64
N THR O 98 -68.81 30.55 -12.72
CA THR O 98 -69.37 31.75 -12.12
C THR O 98 -68.45 32.27 -11.03
N PRO O 99 -68.59 33.54 -10.64
CA PRO O 99 -67.74 34.07 -9.57
C PRO O 99 -67.87 33.30 -8.25
N THR O 100 -69.07 32.82 -7.93
CA THR O 100 -69.23 32.02 -6.72
C THR O 100 -68.41 30.74 -6.78
N GLU O 101 -68.44 30.05 -7.93
CA GLU O 101 -67.60 28.86 -8.10
C GLU O 101 -66.12 29.23 -8.06
N ALA O 102 -65.76 30.37 -8.66
CA ALA O 102 -64.36 30.78 -8.71
C ALA O 102 -63.80 31.07 -7.32
N SER O 103 -64.65 31.42 -6.36
CA SER O 103 -64.16 31.83 -5.04
C SER O 103 -63.41 30.72 -4.33
N THR O 104 -63.72 29.45 -4.64
CA THR O 104 -63.03 28.33 -4.01
C THR O 104 -61.77 27.90 -4.73
N GLN O 105 -61.49 28.41 -5.92
CA GLN O 105 -60.30 28.03 -6.66
C GLN O 105 -59.09 28.83 -6.18
N THR O 106 -57.89 28.35 -6.52
CA THR O 106 -56.65 29.01 -6.10
C THR O 106 -55.65 29.08 -7.24
N ILE O 107 -54.72 30.02 -7.11
CA ILE O 107 -53.53 30.13 -7.94
C ILE O 107 -52.32 29.93 -7.04
N ASN O 108 -51.41 29.04 -7.43
CA ASN O 108 -50.33 28.61 -6.55
C ASN O 108 -48.97 28.92 -7.16
N PHE O 109 -48.15 29.66 -6.42
CA PHE O 109 -46.77 29.99 -6.78
C PHE O 109 -45.84 29.05 -6.04
N ASP O 110 -44.82 28.52 -6.73
CA ASP O 110 -44.05 27.39 -6.21
C ASP O 110 -43.52 27.67 -4.81
N GLU O 111 -43.81 26.75 -3.89
CA GLU O 111 -43.52 26.94 -2.47
C GLU O 111 -42.04 26.85 -2.13
N ARG O 112 -41.19 26.43 -3.06
CA ARG O 112 -39.76 26.42 -2.83
C ARG O 112 -39.09 27.78 -3.09
N SER O 113 -39.87 28.81 -3.42
CA SER O 113 -39.36 30.16 -3.56
C SER O 113 -40.24 31.12 -2.78
N ARG O 114 -39.69 32.28 -2.44
CA ARG O 114 -40.46 33.41 -1.93
C ARG O 114 -40.71 34.38 -3.09
N TRP O 115 -41.94 34.84 -3.22
CA TRP O 115 -42.38 35.62 -4.36
C TRP O 115 -42.72 37.06 -3.97
N GLY O 116 -42.49 37.99 -4.91
CA GLY O 116 -42.93 39.36 -4.74
C GLY O 116 -43.73 39.81 -5.93
N GLY O 117 -44.45 40.90 -5.74
CA GLY O 117 -45.31 41.45 -6.78
C GLY O 117 -45.17 42.94 -6.98
N GLN O 118 -44.86 43.35 -8.20
CA GLN O 118 -44.80 44.76 -8.54
C GLN O 118 -46.20 45.30 -8.85
N LEU O 119 -46.59 46.38 -8.19
CA LEU O 119 -47.96 46.87 -8.23
C LEU O 119 -48.06 48.22 -8.93
N LYS O 120 -48.97 48.33 -9.89
CA LYS O 120 -49.32 49.58 -10.55
C LYS O 120 -50.81 49.82 -10.42
N THR O 121 -51.21 51.07 -10.19
CA THR O 121 -52.61 51.41 -9.99
C THR O 121 -53.03 52.57 -10.89
N ILE O 122 -54.33 52.61 -11.18
CA ILE O 122 -54.96 53.70 -11.91
C ILE O 122 -56.20 54.14 -11.13
N MET O 123 -56.33 55.44 -10.88
CA MET O 123 -57.42 55.97 -10.07
C MET O 123 -57.96 57.27 -10.68
N HIS O 124 -59.27 57.46 -10.61
CA HIS O 124 -59.91 58.68 -11.06
C HIS O 124 -61.03 59.08 -10.10
N THR O 125 -61.15 60.39 -9.81
CA THR O 125 -62.09 60.91 -8.83
C THR O 125 -62.95 62.00 -9.45
N ASN O 126 -64.04 62.34 -8.75
CA ASN O 126 -64.93 63.43 -9.16
C ASN O 126 -65.39 64.26 -7.96
N MET O 127 -64.44 64.65 -7.08
CA MET O 127 -64.75 65.38 -5.86
C MET O 127 -64.96 66.88 -6.13
N PRO O 128 -66.05 67.48 -5.66
CA PRO O 128 -66.17 68.94 -5.67
C PRO O 128 -65.53 69.57 -4.44
N ASN O 129 -65.12 70.83 -4.57
CA ASN O 129 -64.30 71.44 -3.53
C ASN O 129 -65.08 71.87 -2.29
N VAL O 130 -66.38 72.13 -2.39
CA VAL O 130 -67.20 72.49 -1.25
C VAL O 130 -68.21 71.36 -1.03
N ASN O 131 -68.02 70.60 0.04
CA ASN O 131 -68.88 69.44 0.31
C ASN O 131 -68.86 69.13 1.80
N GLU O 132 -69.86 68.35 2.22
CA GLU O 132 -70.04 68.04 3.64
C GLU O 132 -69.05 66.99 4.15
N TYR O 133 -68.70 66.01 3.32
CA TYR O 133 -67.90 64.88 3.78
C TYR O 133 -66.50 65.33 4.21
N MET O 134 -65.96 66.37 3.59
CA MET O 134 -64.61 66.83 3.86
C MET O 134 -64.56 68.06 4.76
N PHE O 135 -65.68 68.43 5.38
CA PHE O 135 -65.76 69.54 6.35
C PHE O 135 -65.39 70.88 5.73
N SER O 136 -65.64 71.07 4.43
CA SER O 136 -65.47 72.36 3.78
C SER O 136 -66.80 73.05 3.55
N ASN O 137 -67.80 72.71 4.36
CA ASN O 137 -69.18 73.13 4.16
C ASN O 137 -69.67 74.13 5.19
N LYS O 138 -68.94 74.34 6.28
CA LYS O 138 -69.48 75.02 7.44
C LYS O 138 -68.39 75.76 8.20
N PHE O 139 -68.82 76.75 8.98
CA PHE O 139 -67.96 77.49 9.91
C PHE O 139 -68.86 78.10 10.99
N LYS O 140 -68.23 78.61 12.04
CA LYS O 140 -68.93 79.21 13.16
C LYS O 140 -68.54 80.68 13.34
N ALA O 141 -69.48 81.50 13.80
CA ALA O 141 -69.24 82.91 14.00
C ALA O 141 -70.17 83.44 15.10
N ARG O 142 -69.80 84.59 15.66
CA ARG O 142 -70.57 85.25 16.71
C ARG O 142 -71.05 86.60 16.20
N VAL O 143 -72.36 86.80 16.18
CA VAL O 143 -72.97 88.00 15.65
C VAL O 143 -73.94 88.57 16.68
N MET O 144 -74.51 89.74 16.37
CA MET O 144 -75.40 90.44 17.28
C MET O 144 -76.84 90.05 17.01
N VAL O 145 -77.55 89.67 18.08
CA VAL O 145 -78.92 89.20 17.97
C VAL O 145 -79.93 90.24 18.39
N SER O 146 -79.59 91.13 19.32
CA SER O 146 -80.55 92.13 19.80
C SER O 146 -79.81 93.41 20.18
N ARG O 147 -80.33 94.54 19.72
CA ARG O 147 -80.01 95.84 20.29
C ARG O 147 -81.03 96.11 21.41
N LYS O 148 -81.06 97.34 21.91
CA LYS O 148 -82.01 97.67 22.98
C LYS O 148 -83.44 97.67 22.46
N ASP O 171 -78.03 101.72 25.47
CA ASP O 171 -78.37 100.53 24.68
C ASP O 171 -77.59 99.31 25.17
N ILE O 172 -78.29 98.18 25.29
CA ILE O 172 -77.70 96.91 25.68
C ILE O 172 -77.69 95.99 24.48
N LEU O 173 -76.54 95.38 24.21
CA LEU O 173 -76.31 94.58 23.01
C LEU O 173 -76.08 93.13 23.40
N LYS O 174 -76.71 92.22 22.68
CA LYS O 174 -76.60 90.78 22.93
C LYS O 174 -76.01 90.08 21.72
N TYR O 175 -75.13 89.12 21.98
CA TYR O 175 -74.44 88.36 20.94
C TYR O 175 -74.60 86.87 21.19
N GLU O 176 -74.46 86.08 20.13
CA GLU O 176 -74.59 84.64 20.24
C GLU O 176 -73.82 83.95 19.12
N TRP O 177 -73.43 82.70 19.38
CA TRP O 177 -72.73 81.86 18.41
C TRP O 177 -73.71 81.07 17.57
N PHE O 178 -73.38 80.88 16.29
CA PHE O 178 -74.16 80.08 15.38
C PHE O 178 -73.22 79.29 14.48
N GLU O 179 -73.77 78.26 13.83
CA GLU O 179 -73.06 77.51 12.79
C GLU O 179 -73.75 77.76 11.45
N PHE O 180 -72.95 78.09 10.43
CA PHE O 180 -73.45 78.49 9.13
C PHE O 180 -73.12 77.41 8.09
N ILE O 181 -74.05 77.18 7.17
CA ILE O 181 -73.94 76.11 6.18
C ILE O 181 -74.04 76.69 4.78
N LEU O 182 -73.14 76.27 3.88
CA LEU O 182 -73.08 76.59 2.46
C LEU O 182 -73.67 75.45 1.63
N PRO O 183 -74.21 75.73 0.46
CA PRO O 183 -74.62 74.64 -0.44
C PRO O 183 -73.44 74.08 -1.22
N GLU O 184 -73.57 72.81 -1.61
CA GLU O 184 -72.46 72.06 -2.16
C GLU O 184 -72.28 72.31 -3.67
N GLY O 185 -71.04 72.21 -4.12
CA GLY O 185 -70.70 72.45 -5.50
C GLY O 185 -69.21 72.68 -5.65
N ASN O 186 -68.82 72.95 -6.89
CA ASN O 186 -67.41 73.18 -7.24
C ASN O 186 -67.25 74.64 -7.67
N PHE O 187 -66.70 75.46 -6.78
CA PHE O 187 -66.69 76.90 -6.94
C PHE O 187 -65.28 77.46 -6.93
N SER O 188 -65.10 78.62 -7.55
CA SER O 188 -63.85 79.35 -7.43
C SER O 188 -63.76 80.02 -6.06
N ALA O 189 -62.58 80.56 -5.77
CA ALA O 189 -62.35 81.16 -4.45
C ALA O 189 -63.19 82.42 -4.24
N THR O 190 -63.32 83.26 -5.27
CA THR O 190 -64.15 84.46 -5.13
C THR O 190 -65.62 84.09 -4.93
N MET O 191 -66.12 83.13 -5.69
CA MET O 191 -67.50 82.70 -5.55
C MET O 191 -67.75 82.08 -4.18
N THR O 192 -66.76 81.40 -3.60
CA THR O 192 -66.92 80.84 -2.27
C THR O 192 -67.06 81.93 -1.22
N ILE O 193 -66.29 83.00 -1.35
CA ILE O 193 -66.37 84.11 -0.38
C ILE O 193 -67.71 84.81 -0.47
N ASP O 194 -68.30 84.91 -1.66
CA ASP O 194 -69.65 85.47 -1.77
C ASP O 194 -70.66 84.63 -1.01
N LEU O 195 -70.53 83.31 -1.06
CA LEU O 195 -71.48 82.44 -0.38
C LEU O 195 -71.36 82.57 1.14
N MET O 196 -70.15 82.77 1.65
CA MET O 196 -69.97 82.95 3.09
C MET O 196 -70.61 84.26 3.58
N ASN O 197 -70.46 85.34 2.82
CA ASN O 197 -71.14 86.59 3.15
C ASN O 197 -72.65 86.43 3.11
N ASN O 198 -73.16 85.71 2.10
CA ASN O 198 -74.59 85.49 1.97
C ASN O 198 -75.16 84.72 3.14
N ALA O 199 -74.38 83.78 3.69
CA ALA O 199 -74.84 83.02 4.86
C ALA O 199 -74.98 83.93 6.08
N ILE O 200 -74.05 84.86 6.28
CA ILE O 200 -74.14 85.79 7.41
C ILE O 200 -75.40 86.64 7.30
N ILE O 201 -75.69 87.14 6.10
CA ILE O 201 -76.81 88.05 5.90
C ILE O 201 -78.14 87.35 6.11
N ASP O 202 -78.25 86.09 5.68
CA ASP O 202 -79.49 85.35 5.88
C ASP O 202 -79.79 85.13 7.36
N ASN O 203 -78.78 85.15 8.22
CA ASN O 203 -79.01 85.13 9.66
C ASN O 203 -79.52 86.47 10.17
N TYR O 204 -79.09 87.57 9.54
CA TYR O 204 -79.55 88.89 9.95
C TYR O 204 -80.98 89.16 9.46
N LEU O 205 -81.46 88.41 8.48
CA LEU O 205 -82.84 88.60 8.01
C LEU O 205 -83.84 87.73 8.74
N GLU O 206 -83.38 86.62 9.34
CA GLU O 206 -84.26 85.71 10.07
C GLU O 206 -84.33 86.04 11.56
N ILE O 207 -83.20 86.40 12.15
CA ILE O 207 -83.10 86.92 13.51
C ILE O 207 -82.53 88.32 13.32
N GLY O 208 -82.27 89.05 14.40
CA GLY O 208 -81.58 90.29 14.17
C GLY O 208 -82.53 91.40 13.74
N ARG O 209 -82.63 91.62 12.43
CA ARG O 209 -83.43 92.69 11.85
C ARG O 209 -84.77 92.91 12.56
N GLN O 210 -85.47 91.82 12.88
CA GLN O 210 -86.75 91.94 13.57
C GLN O 210 -86.59 92.20 15.07
N ASN O 211 -85.36 92.29 15.58
CA ASN O 211 -85.12 92.59 16.99
C ASN O 211 -84.30 93.86 17.18
N GLY O 212 -84.32 94.76 16.20
CA GLY O 212 -83.79 96.09 16.39
C GLY O 212 -82.36 96.36 15.96
N VAL O 213 -81.69 95.42 15.30
CA VAL O 213 -80.35 95.67 14.80
C VAL O 213 -80.46 96.32 13.44
N LEU O 214 -79.57 97.26 13.18
CA LEU O 214 -79.57 98.00 11.92
C LEU O 214 -78.59 97.37 10.94
N GLU O 215 -78.74 97.76 9.67
CA GLU O 215 -77.78 97.31 8.66
C GLU O 215 -76.56 98.21 8.70
N SER O 216 -76.05 98.46 9.90
CA SER O 216 -74.76 99.13 10.10
C SER O 216 -74.02 98.52 11.29
N ASP O 217 -74.55 97.44 11.87
CA ASP O 217 -73.91 96.74 12.98
C ASP O 217 -73.79 95.24 12.73
N ILE O 218 -73.70 94.84 11.45
CA ILE O 218 -73.65 93.42 11.09
C ILE O 218 -72.50 92.72 11.83
N GLY O 219 -71.27 93.15 11.57
CA GLY O 219 -70.17 92.78 12.43
C GLY O 219 -69.24 91.69 11.94
N VAL O 220 -69.57 90.99 10.85
CA VAL O 220 -68.67 89.99 10.26
C VAL O 220 -68.76 90.10 8.75
N LYS O 221 -67.61 90.35 8.11
CA LYS O 221 -67.56 90.42 6.65
C LYS O 221 -66.22 89.89 6.16
N PHE O 222 -66.24 89.20 5.01
CA PHE O 222 -65.04 88.70 4.36
C PHE O 222 -64.74 89.56 3.13
N ASP O 223 -63.53 90.13 3.09
CA ASP O 223 -63.17 91.10 2.07
C ASP O 223 -61.84 90.71 1.41
N THR O 224 -61.39 91.54 0.47
CA THR O 224 -60.12 91.35 -0.21
C THR O 224 -59.27 92.61 -0.31
N ARG O 225 -59.73 93.75 0.19
CA ARG O 225 -59.09 95.03 -0.09
C ARG O 225 -58.02 95.36 0.94
N ASN O 226 -57.12 96.27 0.53
CA ASN O 226 -56.12 96.84 1.43
C ASN O 226 -56.63 98.21 1.85
N PHE O 227 -57.32 98.25 2.99
CA PHE O 227 -57.73 99.53 3.54
C PHE O 227 -56.49 100.31 3.97
N ARG O 228 -56.63 101.63 4.05
CA ARG O 228 -55.57 102.59 4.35
C ARG O 228 -54.52 102.70 3.25
N LEU O 229 -54.83 102.31 2.02
CA LEU O 229 -53.87 102.48 0.92
C LEU O 229 -53.60 103.96 0.65
N GLY O 230 -54.65 104.76 0.47
CA GLY O 230 -54.46 106.16 0.14
C GLY O 230 -54.36 107.07 1.35
N TRP O 231 -53.85 106.52 2.46
CA TRP O 231 -53.75 107.23 3.72
C TRP O 231 -52.74 108.37 3.64
N ASP O 232 -53.01 109.45 4.37
CA ASP O 232 -52.15 110.63 4.38
C ASP O 232 -51.55 110.82 5.75
N PRO O 233 -50.24 111.01 5.86
CA PRO O 233 -49.60 111.05 7.20
C PRO O 233 -49.92 112.29 8.00
N GLU O 234 -50.43 113.36 7.37
CA GLU O 234 -50.76 114.58 8.10
C GLU O 234 -52.22 114.60 8.54
N THR O 235 -53.14 114.48 7.59
CA THR O 235 -54.56 114.49 7.93
C THR O 235 -55.04 113.17 8.52
N LYS O 236 -54.29 112.08 8.31
CA LYS O 236 -54.62 110.77 8.85
C LYS O 236 -56.02 110.30 8.41
N LEU O 237 -56.37 110.58 7.17
CA LEU O 237 -57.62 110.13 6.59
C LEU O 237 -57.37 109.69 5.15
N ILE O 238 -58.30 108.90 4.62
CA ILE O 238 -58.21 108.41 3.25
C ILE O 238 -58.63 109.56 2.34
N MET O 239 -57.65 110.25 1.76
CA MET O 239 -57.94 111.47 1.01
C MET O 239 -58.88 111.29 -0.17
N PRO O 240 -58.80 110.23 -1.00
CA PRO O 240 -59.72 110.14 -2.14
C PRO O 240 -61.18 110.06 -1.76
N GLY O 241 -61.52 109.70 -0.52
CA GLY O 241 -62.90 109.55 -0.12
C GLY O 241 -63.51 108.19 -0.37
N VAL O 242 -62.79 107.31 -1.07
CA VAL O 242 -63.20 105.92 -1.26
C VAL O 242 -61.97 105.03 -1.11
N TYR O 243 -62.16 103.88 -0.48
CA TYR O 243 -61.08 102.91 -0.35
C TYR O 243 -60.71 102.35 -1.73
N THR O 244 -59.42 102.05 -1.92
CA THR O 244 -58.95 101.54 -3.18
C THR O 244 -59.62 100.21 -3.51
N TYR O 245 -60.16 100.10 -4.72
CA TYR O 245 -60.98 98.95 -5.10
C TYR O 245 -60.15 97.91 -5.86
N GLU O 246 -59.12 97.40 -5.20
CA GLU O 246 -58.22 96.39 -5.76
C GLU O 246 -58.07 95.23 -4.78
N ALA O 247 -57.92 94.03 -5.33
CA ALA O 247 -57.82 92.82 -4.53
C ALA O 247 -56.36 92.53 -4.18
N PHE O 248 -56.10 92.26 -2.91
CA PHE O 248 -54.75 91.97 -2.41
C PHE O 248 -54.63 90.57 -1.83
N HIS O 249 -55.50 90.20 -0.89
CA HIS O 249 -55.49 88.94 -0.15
C HIS O 249 -56.78 88.86 0.64
N PRO O 250 -57.39 87.68 0.77
CA PRO O 250 -58.63 87.58 1.55
C PRO O 250 -58.43 87.98 3.00
N ASP O 251 -59.47 88.59 3.57
CA ASP O 251 -59.38 89.32 4.84
C ASP O 251 -60.66 89.14 5.63
N ILE O 252 -60.56 89.37 6.94
CA ILE O 252 -61.67 89.27 7.88
C ILE O 252 -61.84 90.63 8.56
N VAL O 253 -63.07 91.15 8.55
CA VAL O 253 -63.39 92.45 9.15
C VAL O 253 -64.40 92.25 10.26
N LEU O 254 -64.12 92.83 11.44
CA LEU O 254 -64.89 92.58 12.66
C LEU O 254 -65.28 93.89 13.34
N LEU O 255 -66.43 93.85 14.03
CA LEU O 255 -66.95 94.83 14.96
C LEU O 255 -66.80 94.34 16.40
N PRO O 256 -66.84 95.22 17.40
CA PRO O 256 -66.66 94.77 18.78
C PRO O 256 -67.70 93.74 19.19
N GLY O 257 -67.26 92.74 19.94
CA GLY O 257 -68.12 91.68 20.41
C GLY O 257 -68.28 90.50 19.47
N CYS O 258 -67.68 90.52 18.29
CA CYS O 258 -67.86 89.46 17.31
C CYS O 258 -66.59 88.64 17.15
N GLY O 259 -66.67 87.59 16.34
CA GLY O 259 -65.53 86.73 16.08
C GLY O 259 -65.93 85.56 15.20
N VAL O 260 -64.90 84.84 14.73
CA VAL O 260 -65.07 83.64 13.92
C VAL O 260 -64.24 82.52 14.51
N ASP O 261 -64.67 81.28 14.28
CA ASP O 261 -64.02 80.10 14.84
C ASP O 261 -63.91 79.02 13.78
N PHE O 262 -62.68 78.59 13.47
CA PHE O 262 -62.42 77.61 12.42
C PHE O 262 -61.96 76.27 12.96
N THR O 263 -62.35 75.92 14.20
CA THR O 263 -61.87 74.68 14.79
C THR O 263 -62.34 73.46 14.01
N GLU O 264 -63.57 73.49 13.50
CA GLU O 264 -64.12 72.34 12.80
C GLU O 264 -64.42 72.68 11.34
N SER O 265 -63.46 73.31 10.67
CA SER O 265 -63.66 73.80 9.31
C SER O 265 -62.34 73.83 8.58
N ARG O 266 -62.40 73.60 7.26
CA ARG O 266 -61.22 73.69 6.42
C ARG O 266 -61.22 74.92 5.53
N LEU O 267 -62.13 75.86 5.78
CA LEU O 267 -62.21 77.07 4.97
C LEU O 267 -61.13 78.09 5.30
N SER O 268 -60.39 77.93 6.39
CA SER O 268 -59.26 78.81 6.64
C SER O 268 -58.12 78.59 5.66
N ASN O 269 -57.99 77.39 5.09
CA ASN O 269 -56.98 77.16 4.04
C ASN O 269 -57.32 77.92 2.77
N LEU O 270 -58.60 78.00 2.42
CA LEU O 270 -59.00 78.77 1.24
C LEU O 270 -58.78 80.27 1.45
N LEU O 271 -58.86 80.75 2.69
CA LEU O 271 -58.62 82.16 2.98
C LEU O 271 -57.15 82.52 3.04
N GLY O 272 -56.25 81.54 3.14
CA GLY O 272 -54.85 81.83 3.28
C GLY O 272 -54.43 82.37 4.63
N ILE O 273 -55.09 81.93 5.70
CA ILE O 273 -54.75 82.30 7.07
C ILE O 273 -54.54 81.02 7.86
N ARG O 274 -53.33 80.86 8.41
CA ARG O 274 -52.95 79.64 9.12
C ARG O 274 -52.26 79.98 10.43
N LYS O 275 -52.14 78.97 11.30
CA LYS O 275 -51.50 79.11 12.59
C LYS O 275 -50.02 78.72 12.52
N ARG O 276 -49.18 79.47 13.24
CA ARG O 276 -47.76 79.15 13.30
C ARG O 276 -47.48 77.90 14.13
N HIS O 277 -48.43 77.45 14.95
CA HIS O 277 -48.33 76.21 15.71
C HIS O 277 -49.52 75.35 15.28
N PRO O 278 -49.40 74.67 14.14
CA PRO O 278 -50.59 74.02 13.55
C PRO O 278 -51.05 72.77 14.28
N PHE O 279 -50.28 72.24 15.22
CA PHE O 279 -50.69 71.05 15.96
C PHE O 279 -51.40 71.36 17.27
N GLN O 280 -51.60 72.64 17.60
CA GLN O 280 -52.35 73.02 18.79
C GLN O 280 -53.83 73.18 18.43
N GLU O 281 -54.70 72.47 19.13
CA GLU O 281 -56.11 72.47 18.79
C GLU O 281 -56.76 73.82 19.06
N GLY O 282 -57.71 74.19 18.20
CA GLY O 282 -58.46 75.43 18.38
C GLY O 282 -57.97 76.59 17.53
N PHE O 283 -58.88 77.24 16.81
CA PHE O 283 -58.54 78.36 15.94
C PHE O 283 -59.68 79.38 16.02
N LYS O 284 -59.53 80.37 16.88
CA LYS O 284 -60.53 81.42 17.06
C LYS O 284 -59.87 82.79 16.91
N ILE O 285 -60.55 83.70 16.22
CA ILE O 285 -60.09 85.08 16.04
C ILE O 285 -61.20 86.01 16.47
N MET O 286 -60.96 86.78 17.53
CA MET O 286 -61.95 87.68 18.11
C MET O 286 -61.52 89.13 17.90
N TYR O 287 -62.45 90.05 18.20
CA TYR O 287 -62.18 91.46 18.00
C TYR O 287 -61.02 91.96 18.86
N GLU O 288 -60.84 91.38 20.04
CA GLU O 288 -59.75 91.79 20.92
C GLU O 288 -58.37 91.34 20.44
N ASP O 289 -58.31 90.38 19.52
CA ASP O 289 -57.03 89.91 19.01
C ASP O 289 -56.51 90.72 17.83
N LEU O 290 -57.31 91.63 17.27
CA LEU O 290 -56.94 92.41 16.10
C LEU O 290 -56.48 93.82 16.46
N GLU O 291 -55.78 93.98 17.59
CA GLU O 291 -55.35 95.30 18.02
C GLU O 291 -54.41 95.92 17.00
N GLY O 292 -54.59 97.23 16.78
CA GLY O 292 -53.81 97.95 15.80
C GLY O 292 -54.33 97.90 14.38
N GLY O 293 -55.45 97.23 14.14
CA GLY O 293 -55.95 97.06 12.80
C GLY O 293 -57.21 97.84 12.48
N ASN O 294 -57.45 98.93 13.20
CA ASN O 294 -58.64 99.73 12.94
C ASN O 294 -58.57 100.37 11.55
N ILE O 295 -59.70 100.36 10.86
CA ILE O 295 -59.79 100.89 9.50
C ILE O 295 -59.92 102.41 9.57
N PRO O 296 -59.02 103.16 8.94
CA PRO O 296 -59.11 104.62 9.00
C PRO O 296 -60.39 105.14 8.36
N ALA O 297 -60.95 106.19 8.95
CA ALA O 297 -62.20 106.76 8.48
C ALA O 297 -62.01 107.57 7.21
N LEU O 298 -63.09 107.69 6.44
CA LEU O 298 -63.18 108.54 5.26
C LEU O 298 -61.96 108.49 4.38
N ILE O 364 -61.88 119.43 6.27
CA ILE O 364 -61.05 118.40 6.89
C ILE O 364 -61.82 117.72 8.03
N GLN O 365 -62.85 116.96 7.69
CA GLN O 365 -63.61 116.20 8.67
C GLN O 365 -63.99 114.86 8.09
N PRO O 366 -64.06 113.80 8.91
CA PRO O 366 -64.44 112.49 8.38
C PRO O 366 -65.91 112.44 8.01
N LEU O 367 -66.22 111.64 6.99
CA LEU O 367 -67.61 111.36 6.67
C LEU O 367 -68.19 110.44 7.73
N GLU O 368 -69.39 110.78 8.22
CA GLU O 368 -69.98 110.04 9.33
C GLU O 368 -71.13 109.13 8.91
N LYS O 369 -71.60 109.22 7.67
CA LYS O 369 -72.73 108.40 7.25
C LYS O 369 -72.66 108.19 5.75
N ASP O 370 -73.42 107.20 5.27
CA ASP O 370 -73.42 106.81 3.87
C ASP O 370 -74.50 107.57 3.11
N SER O 371 -74.68 107.22 1.83
CA SER O 371 -75.64 107.93 0.99
C SER O 371 -77.07 107.74 1.48
N LYS O 372 -77.42 106.52 1.90
CA LYS O 372 -78.76 106.20 2.37
C LYS O 372 -78.88 106.28 3.88
N SER O 373 -78.08 107.14 4.52
CA SER O 373 -78.10 107.34 5.96
C SER O 373 -77.83 106.04 6.72
N ARG O 374 -76.63 105.51 6.52
CA ARG O 374 -76.11 104.40 7.29
C ARG O 374 -74.87 104.84 8.03
N SER O 375 -74.80 104.55 9.32
CA SER O 375 -73.65 104.96 10.12
C SER O 375 -72.40 104.20 9.71
N TYR O 376 -71.29 104.94 9.58
CA TYR O 376 -69.98 104.34 9.38
C TYR O 376 -69.30 103.96 10.68
N ASN O 377 -69.96 104.20 11.83
CA ASN O 377 -69.41 103.84 13.14
C ASN O 377 -68.11 104.59 13.45
N VAL O 378 -68.05 105.86 13.09
CA VAL O 378 -66.87 106.66 13.40
C VAL O 378 -66.79 106.88 14.91
N LEU O 379 -65.56 106.94 15.43
CA LEU O 379 -65.30 107.02 16.86
C LEU O 379 -64.83 108.42 17.23
N GLU O 380 -64.45 108.59 18.49
CA GLU O 380 -63.84 109.83 18.93
C GLU O 380 -62.46 109.99 18.29
N ASP O 381 -61.99 111.24 18.30
CA ASP O 381 -60.74 111.68 17.65
C ASP O 381 -60.92 111.76 16.14
N LYS O 382 -62.05 111.28 15.62
CA LYS O 382 -62.49 111.55 14.25
C LYS O 382 -61.43 111.17 13.21
N ILE O 383 -60.70 110.08 13.47
CA ILE O 383 -59.75 109.55 12.50
C ILE O 383 -60.01 108.08 12.19
N ASN O 384 -60.25 107.26 13.21
CA ASN O 384 -60.41 105.83 13.02
C ASN O 384 -61.85 105.39 13.23
N THR O 385 -62.15 104.21 12.71
CA THR O 385 -63.47 103.61 12.75
C THR O 385 -63.43 102.35 13.61
N ALA O 386 -64.59 101.96 14.14
CA ALA O 386 -64.67 100.80 15.01
C ALA O 386 -64.34 99.49 14.30
N TYR O 387 -64.41 99.44 12.96
CA TYR O 387 -64.09 98.22 12.23
C TYR O 387 -62.60 97.89 12.35
N ARG O 388 -62.30 96.61 12.54
CA ARG O 388 -60.94 96.10 12.54
C ARG O 388 -60.80 95.01 11.49
N SER O 389 -59.59 94.85 10.95
CA SER O 389 -59.35 93.84 9.93
C SER O 389 -58.05 93.08 10.20
N TRP O 390 -58.06 91.79 9.86
CA TRP O 390 -56.89 90.95 10.09
C TRP O 390 -55.68 91.42 9.28
N TYR O 391 -55.91 91.82 8.02
CA TYR O 391 -54.79 92.18 7.16
C TYR O 391 -54.08 93.44 7.65
N LEU O 392 -54.85 94.45 8.10
CA LEU O 392 -54.23 95.66 8.61
C LEU O 392 -53.43 95.38 9.87
N SER O 393 -53.96 94.53 10.76
CA SER O 393 -53.24 94.21 11.98
C SER O 393 -51.99 93.38 11.69
N TYR O 394 -52.06 92.48 10.72
CA TYR O 394 -50.89 91.66 10.37
C TYR O 394 -49.76 92.50 9.80
N ASN O 395 -50.08 93.48 8.96
CA ASN O 395 -49.06 94.22 8.24
C ASN O 395 -48.64 95.52 8.92
N TYR O 396 -49.54 96.17 9.67
CA TYR O 396 -49.23 97.48 10.24
C TYR O 396 -49.23 97.50 11.77
N GLY O 397 -49.74 96.47 12.42
CA GLY O 397 -49.79 96.43 13.87
C GLY O 397 -48.44 96.11 14.50
N ASN O 398 -48.49 95.84 15.79
CA ASN O 398 -47.26 95.54 16.55
C ASN O 398 -46.74 94.17 16.18
N PRO O 399 -45.50 94.04 15.71
CA PRO O 399 -44.99 92.73 15.27
C PRO O 399 -44.95 91.69 16.37
N GLU O 400 -44.76 92.08 17.63
CA GLU O 400 -44.53 91.12 18.70
C GLU O 400 -45.72 90.98 19.64
N LYS O 401 -46.83 91.66 19.37
CA LYS O 401 -48.02 91.54 20.22
C LYS O 401 -49.31 91.37 19.44
N GLY O 402 -49.38 91.75 18.17
CA GLY O 402 -50.59 91.65 17.40
C GLY O 402 -50.80 90.24 16.86
N ILE O 403 -51.71 90.16 15.88
CA ILE O 403 -52.09 88.87 15.29
C ILE O 403 -50.92 88.24 14.55
N ARG O 404 -49.90 89.02 14.17
CA ARG O 404 -48.76 88.50 13.43
C ARG O 404 -47.88 87.57 14.25
N SER O 405 -48.00 87.59 15.58
CA SER O 405 -47.14 86.78 16.42
C SER O 405 -47.53 85.31 16.44
N TRP O 406 -48.79 84.98 16.10
CA TRP O 406 -49.21 83.58 16.11
C TRP O 406 -50.03 83.16 14.89
N THR O 407 -50.16 84.00 13.87
CA THR O 407 -50.75 83.60 12.61
C THR O 407 -49.80 83.88 11.46
N LEU O 408 -50.08 83.27 10.30
CA LEU O 408 -49.21 83.33 9.15
C LEU O 408 -50.04 83.55 7.89
N LEU O 409 -49.52 84.38 6.99
CA LEU O 409 -50.19 84.70 5.73
C LEU O 409 -49.65 83.81 4.63
N THR O 410 -50.55 83.13 3.91
CA THR O 410 -50.19 82.17 2.87
C THR O 410 -51.04 82.39 1.62
N THR O 411 -50.63 81.78 0.51
CA THR O 411 -51.42 81.84 -0.71
C THR O 411 -52.70 81.04 -0.56
N SER O 412 -53.78 81.55 -1.17
CA SER O 412 -55.07 80.88 -1.11
C SER O 412 -55.03 79.51 -1.81
N ASP O 413 -55.60 78.51 -1.17
CA ASP O 413 -55.63 77.14 -1.70
C ASP O 413 -57.08 76.73 -1.94
N VAL O 414 -57.49 76.72 -3.22
CA VAL O 414 -58.90 76.51 -3.55
C VAL O 414 -59.36 75.09 -3.24
N THR O 415 -58.47 74.10 -3.30
CA THR O 415 -58.88 72.74 -2.97
C THR O 415 -59.15 72.54 -1.50
N CYS O 416 -58.83 73.53 -0.66
CA CYS O 416 -58.97 73.50 0.80
C CYS O 416 -57.99 72.53 1.47
N GLY O 417 -56.96 72.10 0.76
CA GLY O 417 -55.92 71.27 1.35
C GLY O 417 -56.17 69.80 1.15
N VAL O 418 -55.44 69.19 0.24
CA VAL O 418 -55.61 67.77 -0.04
C VAL O 418 -54.66 66.97 0.85
N GLU O 419 -55.09 65.79 1.24
CA GLU O 419 -54.27 64.88 2.01
C GLU O 419 -54.09 63.57 1.24
N GLN O 420 -53.50 62.58 1.90
CA GLN O 420 -53.09 61.35 1.24
C GLN O 420 -54.22 60.31 1.24
N VAL O 421 -54.04 59.27 0.43
CA VAL O 421 -54.93 58.11 0.38
C VAL O 421 -54.09 56.84 0.50
N TYR O 422 -54.71 55.78 1.01
CA TYR O 422 -54.05 54.51 1.27
C TYR O 422 -54.74 53.37 0.52
N TRP O 423 -53.93 52.45 -0.04
CA TRP O 423 -54.41 51.25 -0.70
C TRP O 423 -54.26 50.03 0.20
N SER O 424 -55.24 49.11 0.14
CA SER O 424 -55.18 47.84 0.85
C SER O 424 -55.57 46.69 -0.07
N LEU O 425 -54.80 45.59 0.00
CA LEU O 425 -55.11 44.35 -0.71
C LEU O 425 -54.90 43.17 0.24
N PRO O 426 -55.81 43.00 1.21
CA PRO O 426 -55.53 42.06 2.31
C PRO O 426 -55.45 40.58 1.90
N ASP O 427 -56.07 40.17 0.79
CA ASP O 427 -56.02 38.77 0.37
C ASP O 427 -54.89 38.45 -0.60
N MET O 428 -54.07 39.43 -0.96
CA MET O 428 -53.01 39.19 -1.94
C MET O 428 -51.62 39.41 -1.37
N MET O 429 -51.39 40.52 -0.67
CA MET O 429 -50.07 40.87 -0.15
C MET O 429 -49.94 40.47 1.32
N GLN O 430 -48.70 40.21 1.73
CA GLN O 430 -48.41 40.04 3.14
C GLN O 430 -48.48 41.39 3.88
N ASP O 431 -48.82 41.33 5.16
CA ASP O 431 -48.91 42.55 5.95
C ASP O 431 -47.53 43.16 6.16
N PRO O 432 -47.34 44.45 5.91
CA PRO O 432 -46.06 45.09 6.23
C PRO O 432 -45.80 45.16 7.73
N VAL O 433 -44.54 45.42 8.07
CA VAL O 433 -44.06 45.25 9.45
C VAL O 433 -44.81 46.15 10.42
N THR O 434 -45.19 45.57 11.57
CA THR O 434 -45.91 46.09 12.73
C THR O 434 -47.43 46.20 12.52
N PHE O 435 -47.98 45.94 11.33
CA PHE O 435 -49.42 45.90 11.15
C PHE O 435 -50.00 44.58 11.65
N ARG O 436 -51.16 44.64 12.31
CA ARG O 436 -51.87 43.45 12.75
C ARG O 436 -52.84 42.95 11.68
N SER O 437 -52.98 41.63 11.60
CA SER O 437 -54.00 41.03 10.74
C SER O 437 -55.39 41.18 11.35
N THR O 438 -56.36 41.58 10.53
CA THR O 438 -57.69 41.87 11.04
C THR O 438 -58.70 41.83 9.90
N ARG O 439 -59.97 41.85 10.27
CA ARG O 439 -61.07 41.95 9.31
C ARG O 439 -61.90 43.21 9.49
N GLN O 440 -61.40 44.19 10.25
CA GLN O 440 -62.07 45.48 10.37
C GLN O 440 -61.58 46.43 9.28
N VAL O 441 -62.54 47.03 8.56
CA VAL O 441 -62.20 47.80 7.36
C VAL O 441 -61.35 49.02 7.71
N SER O 442 -61.69 49.71 8.79
CA SER O 442 -60.88 50.88 9.16
C SER O 442 -59.51 50.52 9.74
N ASN O 443 -59.06 49.26 9.72
CA ASN O 443 -57.75 48.93 10.25
C ASN O 443 -57.00 47.93 9.34
N TYR O 444 -57.33 47.88 8.06
CA TYR O 444 -56.60 47.02 7.13
C TYR O 444 -55.14 47.47 7.02
N PRO O 445 -54.20 46.54 6.84
CA PRO O 445 -52.81 46.93 6.58
C PRO O 445 -52.69 47.68 5.26
N VAL O 446 -51.73 48.62 5.23
CA VAL O 446 -51.59 49.57 4.13
C VAL O 446 -50.46 49.13 3.21
N VAL O 447 -50.74 49.06 1.91
CA VAL O 447 -49.80 48.57 0.93
C VAL O 447 -49.22 49.66 0.03
N GLY O 448 -49.79 50.87 0.04
CA GLY O 448 -49.26 51.98 -0.73
C GLY O 448 -49.96 53.27 -0.38
N ALA O 449 -49.32 54.39 -0.73
CA ALA O 449 -49.84 55.72 -0.42
C ALA O 449 -49.53 56.69 -1.55
N GLU O 450 -50.38 57.71 -1.68
CA GLU O 450 -50.21 58.78 -2.67
C GLU O 450 -51.16 59.90 -2.30
N LEU O 451 -51.09 61.01 -3.04
CA LEU O 451 -52.00 62.11 -2.83
C LEU O 451 -53.35 61.86 -3.48
N MET O 452 -54.41 62.27 -2.81
CA MET O 452 -55.72 62.32 -3.44
C MET O 452 -55.64 63.24 -4.66
N PRO O 453 -56.01 62.78 -5.85
CA PRO O 453 -55.61 63.46 -7.10
C PRO O 453 -56.49 64.64 -7.49
N VAL O 454 -56.41 65.72 -6.71
CA VAL O 454 -57.15 66.94 -6.96
C VAL O 454 -56.17 68.10 -6.91
N PHE O 455 -56.20 68.98 -7.92
CA PHE O 455 -55.19 70.01 -8.07
C PHE O 455 -55.82 71.36 -8.42
N SER O 456 -55.08 72.42 -8.14
CA SER O 456 -55.47 73.78 -8.44
C SER O 456 -54.94 74.22 -9.80
N LYS O 457 -55.72 75.00 -10.52
CA LYS O 457 -55.31 75.57 -11.81
C LYS O 457 -55.59 77.07 -11.83
N SER O 458 -54.69 77.85 -12.42
CA SER O 458 -54.77 79.29 -12.45
C SER O 458 -55.21 79.83 -13.80
N PHE O 459 -55.95 80.94 -13.76
CA PHE O 459 -56.38 81.66 -14.96
C PHE O 459 -56.19 83.16 -14.73
N TYR O 460 -56.11 83.90 -15.82
CA TYR O 460 -55.92 85.35 -15.77
C TYR O 460 -57.19 86.04 -16.25
N ASN O 461 -57.68 86.99 -15.45
CA ASN O 461 -58.89 87.73 -15.80
C ASN O 461 -58.75 89.23 -15.50
N HIS O 478 -79.23 91.99 -7.66
CA HIS O 478 -77.95 91.47 -7.21
C HIS O 478 -78.02 91.00 -5.76
N VAL O 479 -78.19 89.69 -5.57
CA VAL O 479 -78.21 89.13 -4.22
C VAL O 479 -76.84 89.21 -3.56
N PHE O 480 -75.77 89.30 -4.35
CA PHE O 480 -74.42 89.38 -3.80
C PHE O 480 -73.94 90.82 -3.61
N ASN O 481 -74.83 91.81 -3.79
CA ASN O 481 -74.49 93.20 -3.50
C ASN O 481 -75.77 93.87 -3.01
N ARG O 482 -75.98 93.84 -1.69
CA ARG O 482 -77.18 94.37 -1.05
C ARG O 482 -76.98 95.76 -0.47
N PHE O 483 -75.74 96.25 -0.37
CA PHE O 483 -75.43 97.57 0.13
C PHE O 483 -74.49 98.24 -0.85
N PRO O 484 -74.97 98.57 -2.05
CA PRO O 484 -74.07 99.15 -3.06
C PRO O 484 -73.43 100.47 -2.62
N GLU O 485 -74.13 101.26 -1.81
CA GLU O 485 -73.60 102.58 -1.44
C GLU O 485 -72.52 102.50 -0.38
N ASN O 486 -72.62 101.54 0.54
CA ASN O 486 -71.76 101.53 1.72
C ASN O 486 -70.35 101.09 1.35
N GLN O 487 -69.36 101.94 1.67
CA GLN O 487 -67.98 101.65 1.30
C GLN O 487 -67.41 100.45 2.06
N ILE O 488 -67.96 100.11 3.21
CA ILE O 488 -67.48 98.97 3.97
C ILE O 488 -68.17 97.68 3.54
N LEU O 489 -69.46 97.76 3.21
CA LEU O 489 -70.27 96.60 2.88
C LEU O 489 -70.41 96.38 1.37
N ILE O 490 -69.64 97.10 0.56
CA ILE O 490 -69.67 96.87 -0.88
C ILE O 490 -69.11 95.48 -1.21
N ARG O 491 -69.54 94.94 -2.34
CA ARG O 491 -69.08 93.62 -2.78
C ARG O 491 -67.59 93.67 -3.09
N PRO O 492 -66.79 92.72 -2.57
CA PRO O 492 -65.35 92.83 -2.73
C PRO O 492 -64.95 92.74 -4.18
N PRO O 493 -63.88 93.43 -4.57
CA PRO O 493 -63.35 93.27 -5.93
C PRO O 493 -62.77 91.88 -6.15
N ALA O 494 -62.84 91.43 -7.40
CA ALA O 494 -62.35 90.11 -7.80
C ALA O 494 -60.86 90.16 -8.11
N PRO O 495 -60.10 89.13 -7.74
CA PRO O 495 -58.67 89.12 -8.05
C PRO O 495 -58.43 88.98 -9.54
N THR O 496 -57.28 89.50 -9.97
CA THR O 496 -56.86 89.31 -11.36
C THR O 496 -56.35 87.89 -11.62
N ILE O 497 -56.14 87.08 -10.58
CA ILE O 497 -55.79 85.66 -10.72
C ILE O 497 -56.88 84.83 -10.07
N THR O 498 -57.51 83.96 -10.86
CA THR O 498 -58.56 83.06 -10.39
C THR O 498 -58.08 81.63 -10.40
N THR O 499 -58.40 80.87 -9.34
CA THR O 499 -58.02 79.47 -9.23
C THR O 499 -59.23 78.59 -9.04
N VAL O 500 -59.23 77.43 -9.71
CA VAL O 500 -60.29 76.43 -9.62
C VAL O 500 -59.63 75.06 -9.45
N SER O 501 -60.38 74.13 -8.87
CA SER O 501 -59.86 72.80 -8.57
C SER O 501 -60.31 71.79 -9.64
N GLU O 502 -59.41 70.85 -9.95
CA GLU O 502 -59.60 69.87 -11.02
C GLU O 502 -59.26 68.46 -10.54
N ASN O 503 -59.92 67.48 -11.15
CA ASN O 503 -59.63 66.07 -10.94
C ASN O 503 -58.81 65.54 -12.11
N VAL O 504 -57.64 64.96 -11.83
CA VAL O 504 -56.72 64.49 -12.85
C VAL O 504 -56.43 63.01 -12.60
N PRO O 505 -56.59 62.13 -13.59
CA PRO O 505 -56.32 60.71 -13.35
C PRO O 505 -54.88 60.45 -12.96
N ALA O 506 -54.70 59.54 -12.00
CA ALA O 506 -53.40 59.29 -11.38
C ALA O 506 -52.91 57.88 -11.72
N LEU O 507 -51.69 57.80 -12.23
CA LEU O 507 -51.05 56.56 -12.64
C LEU O 507 -49.80 56.39 -11.79
N THR O 508 -49.75 55.34 -10.97
CA THR O 508 -48.75 55.25 -9.92
C THR O 508 -48.08 53.88 -9.91
N ASP O 509 -46.75 53.89 -9.75
CA ASP O 509 -45.96 52.68 -9.54
C ASP O 509 -45.56 52.61 -8.07
N HIS O 510 -46.01 51.56 -7.39
CA HIS O 510 -45.79 51.41 -5.95
C HIS O 510 -44.62 50.49 -5.60
N GLY O 511 -43.88 49.99 -6.58
CA GLY O 511 -42.77 49.09 -6.31
C GLY O 511 -43.20 47.66 -6.05
N THR O 512 -42.26 46.87 -5.52
CA THR O 512 -42.44 45.44 -5.30
C THR O 512 -42.71 45.14 -3.83
N LEU O 513 -43.72 44.31 -3.57
CA LEU O 513 -44.11 43.89 -2.24
C LEU O 513 -44.19 42.37 -2.14
N PRO O 514 -43.90 41.79 -0.98
CA PRO O 514 -43.99 40.33 -0.82
C PRO O 514 -45.41 39.81 -1.00
N LEU O 515 -45.51 38.67 -1.67
CA LEU O 515 -46.77 38.10 -2.14
C LEU O 515 -47.06 36.80 -1.39
N ARG O 516 -48.34 36.53 -1.13
CA ARG O 516 -48.73 35.26 -0.53
C ARG O 516 -48.57 34.11 -1.53
N SER O 517 -48.21 32.93 -1.00
CA SER O 517 -47.94 31.78 -1.87
C SER O 517 -49.21 31.18 -2.47
N SER O 518 -50.35 31.34 -1.82
CA SER O 518 -51.62 30.82 -2.34
C SER O 518 -52.61 31.96 -2.41
N ILE O 519 -53.19 32.17 -3.57
CA ILE O 519 -54.08 33.31 -3.85
C ILE O 519 -55.46 32.76 -4.17
N ARG O 520 -56.46 33.21 -3.42
CA ARG O 520 -57.84 32.82 -3.66
C ARG O 520 -58.42 33.55 -4.87
N GLY O 521 -59.48 32.98 -5.42
CA GLY O 521 -60.09 33.49 -6.64
C GLY O 521 -60.84 34.79 -6.49
N VAL O 522 -61.30 35.12 -5.28
CA VAL O 522 -62.03 36.36 -5.02
C VAL O 522 -61.16 37.24 -4.11
N GLN O 523 -61.01 38.51 -4.48
CA GLN O 523 -60.10 39.43 -3.82
C GLN O 523 -60.82 40.71 -3.42
N ARG O 524 -60.40 41.30 -2.31
CA ARG O 524 -60.93 42.56 -1.81
C ARG O 524 -60.00 43.72 -2.13
N VAL O 525 -60.56 44.84 -2.57
CA VAL O 525 -59.83 46.05 -2.90
C VAL O 525 -60.42 47.22 -2.11
N THR O 526 -59.57 47.98 -1.42
CA THR O 526 -60.03 49.06 -0.55
C THR O 526 -59.16 50.30 -0.70
N VAL O 527 -59.79 51.48 -0.68
CA VAL O 527 -59.13 52.78 -0.70
C VAL O 527 -59.70 53.63 0.44
N THR O 528 -58.84 54.13 1.33
CA THR O 528 -59.26 54.93 2.48
C THR O 528 -58.42 56.20 2.61
N ASP O 529 -58.97 57.17 3.34
CA ASP O 529 -58.33 58.46 3.53
C ASP O 529 -57.47 58.46 4.81
N ALA O 530 -57.03 59.65 5.23
CA ALA O 530 -56.11 59.75 6.36
C ALA O 530 -56.76 59.35 7.67
N ARG O 531 -58.05 59.56 7.82
CA ARG O 531 -58.79 59.12 9.00
C ARG O 531 -59.32 57.70 8.87
N ARG O 532 -58.93 57.00 7.81
CA ARG O 532 -59.32 55.61 7.53
C ARG O 532 -60.82 55.46 7.29
N ARG O 533 -61.42 56.43 6.59
CA ARG O 533 -62.74 56.29 6.02
C ARG O 533 -62.63 56.01 4.52
N THR O 534 -63.60 55.27 3.98
CA THR O 534 -63.65 55.13 2.53
C THR O 534 -64.09 56.44 1.89
N CYS O 535 -63.70 56.64 0.65
CA CYS O 535 -63.98 57.89 -0.05
C CYS O 535 -65.09 57.69 -1.08
N PRO O 536 -66.24 58.34 -0.91
CA PRO O 536 -67.34 58.17 -1.88
C PRO O 536 -67.10 58.82 -3.23
N TYR O 537 -66.02 59.57 -3.44
CA TYR O 537 -65.80 60.25 -4.71
C TYR O 537 -64.84 59.50 -5.63
N VAL O 538 -64.42 58.29 -5.28
CA VAL O 538 -63.71 57.43 -6.23
C VAL O 538 -64.73 56.75 -7.12
N TYR O 539 -64.53 56.82 -8.44
CA TYR O 539 -65.41 56.09 -9.34
C TYR O 539 -64.68 55.21 -10.35
N LYS O 540 -63.36 55.09 -10.26
CA LYS O 540 -62.60 54.17 -11.10
C LYS O 540 -61.31 53.82 -10.39
N ALA O 541 -61.06 52.52 -10.20
CA ALA O 541 -59.85 52.04 -9.55
C ALA O 541 -59.48 50.69 -10.13
N LEU O 542 -58.24 50.57 -10.62
CA LEU O 542 -57.72 49.34 -11.19
C LEU O 542 -56.34 49.02 -10.63
N GLY O 543 -56.04 47.73 -10.55
CA GLY O 543 -54.71 47.30 -10.16
C GLY O 543 -54.18 46.23 -11.08
N ILE O 544 -52.86 46.27 -11.28
CA ILE O 544 -52.15 45.29 -12.09
C ILE O 544 -50.92 44.84 -11.30
N VAL O 545 -50.76 43.52 -11.15
CA VAL O 545 -49.68 42.94 -10.36
C VAL O 545 -48.85 42.03 -11.26
N ALA O 546 -47.53 42.13 -11.14
CA ALA O 546 -46.60 41.29 -11.90
C ALA O 546 -45.70 40.47 -10.96
N PRO O 547 -46.02 39.21 -10.71
CA PRO O 547 -45.20 38.41 -9.78
C PRO O 547 -43.83 38.06 -10.34
N ARG O 548 -42.87 37.87 -9.42
CA ARG O 548 -41.54 37.35 -9.76
C ARG O 548 -40.88 36.80 -8.50
N VAL O 549 -39.82 36.01 -8.70
CA VAL O 549 -39.11 35.35 -7.62
C VAL O 549 -38.18 36.33 -6.92
N LEU O 550 -38.22 36.35 -5.59
CA LEU O 550 -37.34 37.19 -4.79
C LEU O 550 -36.16 36.41 -4.18
N SER O 551 -36.41 35.27 -3.54
CA SER O 551 -35.33 34.49 -2.95
C SER O 551 -35.76 33.04 -2.84
N SER O 552 -34.80 32.20 -2.47
CA SER O 552 -35.02 30.76 -2.36
C SER O 552 -35.56 30.38 -0.99
N ARG O 553 -36.31 29.29 -0.96
CA ARG O 553 -36.85 28.67 0.25
C ARG O 553 -37.86 29.54 0.97
N ARG P 48 33.40 -24.98 -20.99
CA ARG P 48 33.07 -25.84 -22.13
C ARG P 48 34.23 -25.93 -23.13
N ASN P 49 35.46 -26.03 -22.62
CA ASN P 49 36.63 -26.02 -23.49
C ASN P 49 37.69 -27.05 -23.06
N SER P 50 37.32 -28.08 -22.33
CA SER P 50 38.29 -29.04 -21.84
C SER P 50 38.53 -30.16 -22.86
N ILE P 51 39.70 -30.79 -22.75
CA ILE P 51 40.13 -31.87 -23.62
C ILE P 51 40.60 -33.03 -22.75
N ARG P 52 40.02 -34.21 -22.95
CA ARG P 52 40.20 -35.32 -22.03
C ARG P 52 40.66 -36.58 -22.74
N TYR P 53 41.49 -37.36 -22.06
CA TYR P 53 42.02 -38.62 -22.57
C TYR P 53 41.49 -39.77 -21.72
N SER P 54 40.98 -40.81 -22.38
CA SER P 54 40.17 -41.82 -21.69
C SER P 54 40.94 -42.63 -20.66
N GLU P 55 42.27 -42.61 -20.68
CA GLU P 55 43.04 -43.36 -19.68
C GLU P 55 43.35 -42.58 -18.42
N LEU P 56 42.90 -41.33 -18.31
CA LEU P 56 43.18 -40.48 -17.15
C LEU P 56 41.90 -40.06 -16.46
N SER P 57 41.94 -39.98 -15.13
CA SER P 57 40.79 -39.60 -14.32
C SER P 57 41.26 -39.07 -12.97
N PRO P 58 40.57 -38.08 -12.39
CA PRO P 58 41.01 -37.52 -11.11
C PRO P 58 40.52 -38.32 -9.91
N LEU P 59 41.17 -38.12 -8.77
CA LEU P 59 40.98 -38.91 -7.56
C LEU P 59 40.25 -38.14 -6.46
N TYR P 60 39.41 -38.86 -5.71
CA TYR P 60 38.61 -38.27 -4.64
C TYR P 60 38.49 -39.22 -3.45
N ASP P 61 38.34 -38.61 -2.27
CA ASP P 61 37.85 -39.14 -0.99
C ASP P 61 38.76 -40.09 -0.19
N THR P 62 39.70 -40.78 -0.83
CA THR P 62 40.58 -41.72 -0.15
C THR P 62 41.50 -42.38 -1.17
N THR P 63 42.61 -42.92 -0.67
CA THR P 63 43.64 -43.57 -1.49
C THR P 63 44.58 -44.34 -0.56
N ARG P 64 45.70 -44.82 -1.09
CA ARG P 64 46.73 -45.49 -0.29
C ARG P 64 48.10 -44.88 -0.55
N LEU P 65 48.92 -44.81 0.49
CA LEU P 65 50.33 -44.46 0.40
C LEU P 65 51.16 -45.60 0.99
N TYR P 66 52.21 -46.00 0.29
CA TYR P 66 53.03 -47.15 0.68
C TYR P 66 54.44 -46.71 1.07
N LEU P 67 54.90 -47.18 2.23
CA LEU P 67 56.23 -46.88 2.75
C LEU P 67 57.01 -48.18 2.83
N VAL P 68 57.86 -48.42 1.85
CA VAL P 68 58.49 -49.72 1.63
C VAL P 68 60.00 -49.58 1.68
N ASP P 69 60.66 -50.52 2.35
CA ASP P 69 62.07 -50.41 2.69
C ASP P 69 63.02 -51.07 1.70
N ASN P 70 62.54 -51.67 0.61
CA ASN P 70 63.43 -52.41 -0.29
C ASN P 70 63.10 -52.14 -1.75
N LYS P 71 62.85 -50.88 -2.10
CA LYS P 71 62.74 -50.52 -3.52
C LYS P 71 64.12 -50.52 -4.16
N SER P 72 64.20 -51.01 -5.40
CA SER P 72 65.49 -51.25 -6.03
C SER P 72 66.29 -49.97 -6.22
N ALA P 73 65.64 -48.91 -6.71
CA ALA P 73 66.35 -47.66 -6.98
C ALA P 73 66.69 -46.90 -5.70
N ASP P 74 65.85 -46.98 -4.67
CA ASP P 74 66.12 -46.29 -3.42
C ASP P 74 67.32 -46.90 -2.69
N ILE P 75 67.56 -48.20 -2.88
CA ILE P 75 68.70 -48.85 -2.25
C ILE P 75 70.00 -48.24 -2.72
N ALA P 76 70.12 -48.01 -4.03
CA ALA P 76 71.40 -47.58 -4.60
C ALA P 76 71.70 -46.11 -4.29
N SER P 77 70.71 -45.24 -4.35
CA SER P 77 70.96 -43.81 -4.34
C SER P 77 70.56 -43.09 -3.05
N LEU P 78 69.90 -43.75 -2.11
CA LEU P 78 69.46 -43.04 -0.93
C LEU P 78 70.04 -43.57 0.37
N ASN P 79 70.18 -44.89 0.51
CA ASN P 79 70.33 -45.52 1.82
C ASN P 79 71.67 -46.22 1.98
N TYR P 80 72.75 -45.62 1.48
CA TYR P 80 74.04 -46.28 1.48
C TYR P 80 74.58 -46.48 2.90
N GLN P 81 74.33 -45.53 3.80
CA GLN P 81 74.83 -45.60 5.17
C GLN P 81 73.75 -45.91 6.20
N ASN P 82 72.57 -46.38 5.78
CA ASN P 82 71.43 -46.56 6.68
C ASN P 82 71.19 -48.05 6.96
N ASP P 83 70.23 -48.32 7.82
CA ASP P 83 69.75 -49.68 8.07
C ASP P 83 68.23 -49.66 8.20
N HIS P 84 67.64 -50.84 8.41
CA HIS P 84 66.18 -50.96 8.38
C HIS P 84 65.49 -50.29 9.55
N SER P 85 66.21 -49.87 10.56
CA SER P 85 65.62 -49.11 11.66
C SER P 85 65.54 -47.61 11.39
N ASN P 86 66.26 -47.10 10.38
CA ASN P 86 66.26 -45.66 10.09
C ASN P 86 66.68 -45.46 8.63
N PHE P 87 65.71 -45.23 7.74
CA PHE P 87 65.98 -45.21 6.31
C PHE P 87 65.09 -44.19 5.61
N LEU P 88 65.37 -43.97 4.33
CA LEU P 88 64.59 -43.09 3.47
C LEU P 88 63.90 -43.89 2.37
N THR P 89 62.73 -43.44 1.96
CA THR P 89 62.00 -44.11 0.89
C THR P 89 61.17 -43.08 0.12
N THR P 90 60.76 -43.47 -1.09
CA THR P 90 59.97 -42.61 -1.96
C THR P 90 58.52 -43.08 -1.97
N VAL P 91 57.59 -42.15 -1.77
CA VAL P 91 56.17 -42.48 -1.88
C VAL P 91 55.62 -42.28 -3.28
N VAL P 92 56.42 -41.76 -4.20
CA VAL P 92 56.03 -41.65 -5.61
C VAL P 92 56.32 -42.99 -6.28
N GLN P 93 55.29 -43.61 -6.86
CA GLN P 93 55.38 -44.93 -7.46
C GLN P 93 55.39 -44.88 -8.99
N ASN P 94 56.06 -43.90 -9.58
CA ASN P 94 56.06 -43.66 -11.02
C ASN P 94 57.51 -43.75 -11.51
N ASN P 95 57.81 -44.77 -12.30
CA ASN P 95 59.19 -45.05 -12.69
C ASN P 95 59.67 -44.19 -13.87
N ASP P 96 58.91 -43.18 -14.28
CA ASP P 96 59.43 -42.19 -15.23
C ASP P 96 60.47 -41.27 -14.58
N PHE P 97 60.65 -41.34 -13.27
CA PHE P 97 61.54 -40.45 -12.54
C PHE P 97 62.44 -41.25 -11.62
N THR P 98 63.65 -40.74 -11.40
CA THR P 98 64.55 -41.28 -10.39
C THR P 98 64.15 -40.77 -9.00
N PRO P 99 64.60 -41.45 -7.94
CA PRO P 99 64.26 -40.96 -6.59
C PRO P 99 64.75 -39.54 -6.31
N THR P 100 65.90 -39.16 -6.86
CA THR P 100 66.38 -37.79 -6.69
C THR P 100 65.41 -36.78 -7.31
N GLU P 101 64.94 -37.06 -8.53
CA GLU P 101 63.94 -36.20 -9.14
C GLU P 101 62.63 -36.22 -8.35
N ALA P 102 62.25 -37.38 -7.83
CA ALA P 102 60.99 -37.50 -7.11
C ALA P 102 61.00 -36.69 -5.82
N SER P 103 62.19 -36.41 -5.26
CA SER P 103 62.26 -35.74 -3.96
C SER P 103 61.66 -34.34 -4.01
N THR P 104 61.66 -33.69 -5.16
CA THR P 104 61.10 -32.35 -5.29
C THR P 104 59.61 -32.34 -5.61
N GLN P 105 59.00 -33.47 -5.92
CA GLN P 105 57.58 -33.51 -6.24
C GLN P 105 56.75 -33.58 -4.96
N THR P 106 55.46 -33.29 -5.09
CA THR P 106 54.55 -33.28 -3.94
C THR P 106 53.23 -33.96 -4.28
N ILE P 107 52.54 -34.40 -3.22
CA ILE P 107 51.16 -34.86 -3.27
C ILE P 107 50.34 -33.91 -2.40
N ASN P 108 49.24 -33.39 -2.93
CA ASN P 108 48.49 -32.32 -2.28
C ASN P 108 47.06 -32.76 -1.98
N PHE P 109 46.67 -32.67 -0.71
CA PHE P 109 45.31 -32.93 -0.26
C PHE P 109 44.59 -31.61 -0.09
N ASP P 110 43.32 -31.54 -0.54
CA ASP P 110 42.64 -30.26 -0.70
C ASP P 110 42.68 -29.42 0.57
N GLU P 111 43.15 -28.19 0.44
CA GLU P 111 43.42 -27.32 1.58
C GLU P 111 42.16 -26.80 2.25
N ARG P 112 40.99 -27.00 1.67
CA ARG P 112 39.74 -26.62 2.31
C ARG P 112 39.22 -27.66 3.30
N SER P 113 39.96 -28.74 3.52
CA SER P 113 39.64 -29.74 4.52
C SER P 113 40.87 -30.03 5.38
N ARG P 114 40.62 -30.55 6.58
CA ARG P 114 41.67 -31.14 7.40
C ARG P 114 41.63 -32.65 7.25
N TRP P 115 42.79 -33.26 7.04
CA TRP P 115 42.89 -34.67 6.69
C TRP P 115 43.55 -35.48 7.80
N GLY P 116 43.14 -36.75 7.90
CA GLY P 116 43.78 -37.68 8.79
C GLY P 116 44.17 -38.95 8.06
N GLY P 117 45.06 -39.71 8.68
CA GLY P 117 45.55 -40.93 8.08
C GLY P 117 45.56 -42.13 9.01
N GLN P 118 44.90 -43.21 8.61
CA GLN P 118 44.91 -44.44 9.39
C GLN P 118 46.18 -45.24 9.05
N LEU P 119 46.92 -45.64 10.08
CA LEU P 119 48.25 -46.22 9.92
C LEU P 119 48.28 -47.68 10.35
N LYS P 120 48.79 -48.55 9.49
CA LYS P 120 49.06 -49.95 9.79
C LYS P 120 50.52 -50.27 9.52
N THR P 121 51.14 -51.06 10.38
CA THR P 121 52.55 -51.39 10.25
C THR P 121 52.78 -52.89 10.31
N ILE P 122 53.89 -53.32 9.71
CA ILE P 122 54.36 -54.69 9.76
C ILE P 122 55.84 -54.67 10.12
N MET P 123 56.22 -55.45 11.13
CA MET P 123 57.60 -55.46 11.62
C MET P 123 58.05 -56.88 11.93
N HIS P 124 59.33 -57.17 11.64
CA HIS P 124 59.93 -58.46 11.97
C HIS P 124 61.35 -58.26 12.47
N THR P 125 61.75 -59.03 13.49
CA THR P 125 63.04 -58.87 14.15
C THR P 125 63.77 -60.21 14.20
N ASN P 126 65.07 -60.15 14.50
CA ASN P 126 65.91 -61.35 14.67
C ASN P 126 66.86 -61.20 15.86
N MET P 127 66.36 -60.74 17.00
CA MET P 127 67.19 -60.48 18.19
C MET P 127 67.48 -61.77 18.95
N PRO P 128 68.74 -62.04 19.29
CA PRO P 128 69.05 -63.12 20.23
C PRO P 128 68.99 -62.64 21.67
N ASN P 129 68.74 -63.58 22.59
CA ASN P 129 68.43 -63.17 23.97
C ASN P 129 69.66 -62.77 24.77
N VAL P 130 70.86 -63.22 24.44
CA VAL P 130 72.09 -62.82 25.13
C VAL P 130 72.93 -62.02 24.16
N ASN P 131 73.03 -60.71 24.38
CA ASN P 131 73.76 -59.85 23.47
C ASN P 131 74.23 -58.60 24.21
N GLU P 132 75.19 -57.90 23.61
CA GLU P 132 75.82 -56.75 24.24
C GLU P 132 74.95 -55.50 24.21
N TYR P 133 74.18 -55.31 23.13
CA TYR P 133 73.45 -54.06 22.94
C TYR P 133 72.38 -53.87 23.99
N MET P 134 71.81 -54.96 24.50
CA MET P 134 70.71 -54.90 25.47
C MET P 134 71.15 -55.16 26.90
N PHE P 135 72.46 -55.19 27.15
CA PHE P 135 73.03 -55.33 28.51
C PHE P 135 72.66 -56.67 29.16
N SER P 136 72.45 -57.71 28.36
CA SER P 136 72.24 -59.06 28.88
C SER P 136 73.49 -59.91 28.74
N ASN P 137 74.65 -59.28 28.67
CA ASN P 137 75.91 -59.92 28.35
C ASN P 137 76.88 -60.01 29.52
N LYS P 138 76.61 -59.32 30.63
CA LYS P 138 77.63 -59.11 31.64
C LYS P 138 77.00 -58.94 33.02
N PHE P 139 77.81 -59.20 34.04
CA PHE P 139 77.45 -58.96 35.44
C PHE P 139 78.73 -58.81 36.24
N LYS P 140 78.60 -58.36 37.48
CA LYS P 140 79.74 -58.14 38.37
C LYS P 140 79.64 -59.01 39.62
N ALA P 141 80.79 -59.43 40.14
CA ALA P 141 80.83 -60.27 41.33
C ALA P 141 82.15 -60.06 42.06
N ARG P 142 82.17 -60.44 43.34
CA ARG P 142 83.35 -60.32 44.19
C ARG P 142 83.80 -61.71 44.63
N VAL P 143 85.03 -62.07 44.28
CA VAL P 143 85.57 -63.39 44.55
C VAL P 143 86.92 -63.24 45.26
N MET P 144 87.49 -64.38 45.66
CA MET P 144 88.75 -64.41 46.41
C MET P 144 89.93 -64.52 45.46
N VAL P 145 90.90 -63.63 45.64
CA VAL P 145 92.06 -63.57 44.77
C VAL P 145 93.30 -64.20 45.40
N SER P 146 93.45 -64.15 46.72
CA SER P 146 94.62 -64.69 47.38
C SER P 146 94.26 -65.24 48.75
N ARG P 147 94.74 -66.44 49.04
CA ARG P 147 94.82 -66.94 50.40
C ARG P 147 96.19 -66.53 50.95
N LYS P 148 96.57 -67.07 52.11
CA LYS P 148 97.88 -66.74 52.69
C LYS P 148 99.02 -67.31 51.85
N ASP P 171 95.65 -67.34 58.43
CA ASP P 171 95.51 -67.08 57.00
C ASP P 171 94.81 -65.74 56.76
N ILE P 172 95.34 -64.96 55.81
CA ILE P 172 94.76 -63.70 55.41
C ILE P 172 94.19 -63.85 54.00
N LEU P 173 92.94 -63.42 53.83
CA LEU P 173 92.19 -63.63 52.59
C LEU P 173 91.91 -62.28 51.94
N LYS P 174 92.12 -62.21 50.62
CA LYS P 174 91.91 -60.99 49.85
C LYS P 174 90.84 -61.22 48.80
N TYR P 175 89.98 -60.22 48.62
CA TYR P 175 88.86 -60.29 47.68
C TYR P 175 88.89 -59.06 46.77
N GLU P 176 88.27 -59.19 45.60
CA GLU P 176 88.24 -58.10 44.63
C GLU P 176 87.03 -58.24 43.71
N TRP P 177 86.59 -57.11 43.17
CA TRP P 177 85.48 -57.07 42.22
C TRP P 177 85.98 -57.22 40.79
N PHE P 178 85.19 -57.89 39.96
CA PHE P 178 85.47 -58.06 38.55
C PHE P 178 84.17 -57.96 37.77
N GLU P 179 84.31 -57.75 36.45
CA GLU P 179 83.18 -57.81 35.53
C GLU P 179 83.37 -59.00 34.60
N PHE P 180 82.32 -59.81 34.45
CA PHE P 180 82.37 -61.05 33.70
C PHE P 180 81.56 -60.93 32.42
N ILE P 181 82.04 -61.54 31.34
CA ILE P 181 81.45 -61.41 30.01
C ILE P 181 81.12 -62.80 29.47
N LEU P 182 79.90 -62.96 28.92
CA LEU P 182 79.40 -64.15 28.25
C LEU P 182 79.49 -63.99 26.74
N PRO P 183 79.60 -65.08 25.98
CA PRO P 183 79.52 -64.97 24.52
C PRO P 183 78.07 -64.91 24.06
N GLU P 184 77.88 -64.28 22.89
CA GLU P 184 76.54 -63.95 22.41
C GLU P 184 75.89 -65.12 21.69
N GLY P 185 74.56 -65.16 21.75
CA GLY P 185 73.79 -66.22 21.15
C GLY P 185 72.39 -66.26 21.74
N ASN P 186 71.62 -67.23 21.26
CA ASN P 186 70.24 -67.43 21.68
C ASN P 186 70.14 -68.74 22.46
N PHE P 187 70.06 -68.64 23.79
CA PHE P 187 70.20 -69.79 24.66
C PHE P 187 68.97 -69.96 25.55
N SER P 188 68.75 -71.19 25.99
CA SER P 188 67.74 -71.45 27.01
C SER P 188 68.23 -70.98 28.38
N ALA P 189 67.32 -70.98 29.35
CA ALA P 189 67.66 -70.49 30.68
C ALA P 189 68.69 -71.37 31.37
N THR P 190 68.56 -72.70 31.25
CA THR P 190 69.55 -73.59 31.86
C THR P 190 70.92 -73.42 31.23
N MET P 191 70.97 -73.32 29.90
CA MET P 191 72.24 -73.13 29.23
C MET P 191 72.88 -71.79 29.59
N THR P 192 72.07 -70.77 29.84
CA THR P 192 72.61 -69.47 30.27
C THR P 192 73.27 -69.57 31.63
N ILE P 193 72.67 -70.31 32.56
CA ILE P 193 73.22 -70.46 33.89
C ILE P 193 74.54 -71.23 33.86
N ASP P 194 74.68 -72.20 32.95
CA ASP P 194 75.96 -72.88 32.79
C ASP P 194 77.05 -71.91 32.36
N LEU P 195 76.72 -70.99 31.46
CA LEU P 195 77.73 -70.04 30.98
C LEU P 195 78.17 -69.08 32.08
N MET P 196 77.26 -68.69 32.98
CA MET P 196 77.64 -67.82 34.08
C MET P 196 78.58 -68.53 35.06
N ASN P 197 78.31 -69.80 35.36
CA ASN P 197 79.24 -70.56 36.20
C ASN P 197 80.61 -70.71 35.52
N ASN P 198 80.61 -70.96 34.22
CA ASN P 198 81.86 -71.12 33.48
C ASN P 198 82.69 -69.84 33.51
N ALA P 199 82.03 -68.67 33.49
CA ALA P 199 82.76 -67.42 33.57
C ALA P 199 83.47 -67.26 34.92
N ILE P 200 82.80 -67.65 36.00
CA ILE P 200 83.41 -67.57 37.33
C ILE P 200 84.66 -68.45 37.39
N ILE P 201 84.57 -69.66 36.87
CA ILE P 201 85.66 -70.62 36.98
C ILE P 201 86.87 -70.19 36.16
N ASP P 202 86.64 -69.59 34.99
CA ASP P 202 87.76 -69.10 34.18
C ASP P 202 88.53 -67.99 34.88
N ASN P 203 87.91 -67.27 35.79
CA ASN P 203 88.62 -66.30 36.63
C ASN P 203 89.46 -67.01 37.69
N TYR P 204 88.99 -68.16 38.19
CA TYR P 204 89.75 -68.90 39.18
C TYR P 204 90.93 -69.65 38.56
N LEU P 205 90.93 -69.85 37.25
CA LEU P 205 92.05 -70.52 36.60
C LEU P 205 93.12 -69.53 36.13
N GLU P 206 92.77 -68.27 35.90
CA GLU P 206 93.70 -67.25 35.46
C GLU P 206 94.35 -66.49 36.60
N ILE P 207 93.56 -66.18 37.64
CA ILE P 207 94.02 -65.60 38.89
C ILE P 207 93.63 -66.65 39.92
N GLY P 208 93.87 -66.40 41.20
CA GLY P 208 93.33 -67.35 42.14
C GLY P 208 94.20 -68.57 42.29
N ARG P 209 93.86 -69.64 41.56
CA ARG P 209 94.55 -70.93 41.64
C ARG P 209 96.06 -70.81 41.77
N GLN P 210 96.67 -69.92 40.99
CA GLN P 210 98.12 -69.73 41.08
C GLN P 210 98.54 -68.88 42.26
N ASN P 211 97.60 -68.42 43.09
CA ASN P 211 97.92 -67.62 44.28
C ASN P 211 97.40 -68.29 45.56
N GLY P 212 97.19 -69.60 45.54
CA GLY P 212 96.96 -70.34 46.75
C GLY P 212 95.53 -70.61 47.16
N VAL P 213 94.55 -70.28 46.33
CA VAL P 213 93.16 -70.60 46.64
C VAL P 213 92.87 -72.01 46.18
N LEU P 214 92.08 -72.72 46.96
CA LEU P 214 91.75 -74.10 46.66
C LEU P 214 90.40 -74.18 45.93
N GLU P 215 90.14 -75.34 45.33
CA GLU P 215 88.83 -75.55 44.72
C GLU P 215 87.84 -75.99 45.79
N SER P 216 87.84 -75.27 46.91
CA SER P 216 86.80 -75.41 47.94
C SER P 216 86.47 -74.05 48.55
N ASP P 217 87.01 -72.97 48.00
CA ASP P 217 86.71 -71.62 48.47
C ASP P 217 86.30 -70.70 47.31
N ILE P 218 85.71 -71.26 46.25
CA ILE P 218 85.34 -70.47 45.07
C ILE P 218 84.44 -69.30 45.48
N GLY P 219 83.27 -69.60 46.03
CA GLY P 219 82.50 -68.57 46.72
C GLY P 219 81.32 -67.98 45.98
N VAL P 220 81.14 -68.26 44.68
CA VAL P 220 79.97 -67.80 43.95
C VAL P 220 79.52 -68.92 43.02
N LYS P 221 78.27 -69.37 43.18
CA LYS P 221 77.71 -70.40 42.30
C LYS P 221 76.22 -70.15 42.09
N PHE P 222 75.75 -70.43 40.88
CA PHE P 222 74.33 -70.33 40.53
C PHE P 222 73.73 -71.74 40.46
N ASP P 223 72.68 -71.99 41.23
CA ASP P 223 72.12 -73.33 41.36
C ASP P 223 70.60 -73.28 41.14
N THR P 224 69.97 -74.46 41.26
CA THR P 224 68.52 -74.59 41.14
C THR P 224 67.87 -75.43 42.22
N ARG P 225 68.64 -75.98 43.17
CA ARG P 225 68.13 -76.98 44.09
C ARG P 225 67.54 -76.37 45.34
N ASN P 226 66.70 -77.15 46.01
CA ASN P 226 66.17 -76.80 47.33
C ASN P 226 66.99 -77.57 48.36
N PHE P 227 68.03 -76.93 48.87
CA PHE P 227 68.78 -77.55 49.95
C PHE P 227 67.90 -77.63 51.20
N ARG P 228 68.24 -78.55 52.10
CA ARG P 228 67.51 -78.87 53.32
C ARG P 228 66.15 -79.53 53.06
N LEU P 229 65.95 -80.14 51.89
CA LEU P 229 64.70 -80.85 51.64
C LEU P 229 64.56 -82.06 52.57
N GLY P 230 65.56 -82.92 52.62
CA GLY P 230 65.48 -84.12 53.44
C GLY P 230 65.94 -83.93 54.87
N TRP P 231 65.78 -82.71 55.39
CA TRP P 231 66.24 -82.35 56.72
C TRP P 231 65.43 -83.07 57.80
N ASP P 232 66.10 -83.39 58.91
CA ASP P 232 65.47 -84.10 60.02
C ASP P 232 65.44 -83.21 61.24
N PRO P 233 64.28 -83.07 61.90
CA PRO P 233 64.18 -82.10 62.99
C PRO P 233 64.94 -82.50 64.25
N GLU P 234 65.33 -83.77 64.41
CA GLU P 234 66.06 -84.19 65.59
C GLU P 234 67.56 -84.13 65.37
N THR P 235 68.07 -84.84 64.35
CA THR P 235 69.50 -84.83 64.08
C THR P 235 69.97 -83.55 63.40
N LYS P 236 69.05 -82.80 62.78
CA LYS P 236 69.37 -81.54 62.11
C LYS P 236 70.44 -81.71 61.03
N LEU P 237 70.35 -82.82 60.30
CA LEU P 237 71.24 -83.08 59.18
C LEU P 237 70.44 -83.69 58.04
N ILE P 238 71.01 -83.63 56.84
CA ILE P 238 70.36 -84.20 55.65
C ILE P 238 70.59 -85.71 55.71
N MET P 239 69.57 -86.44 56.14
CA MET P 239 69.74 -87.87 56.40
C MET P 239 70.17 -88.69 55.19
N PRO P 240 69.65 -88.48 53.98
CA PRO P 240 70.08 -89.33 52.84
C PRO P 240 71.57 -89.24 52.52
N GLY P 241 72.26 -88.19 52.96
CA GLY P 241 73.65 -88.02 52.63
C GLY P 241 73.93 -87.31 51.32
N VAL P 242 72.90 -87.05 50.52
CA VAL P 242 73.02 -86.24 49.31
C VAL P 242 71.82 -85.30 49.24
N TYR P 243 72.06 -84.07 48.79
CA TYR P 243 70.96 -83.13 48.58
C TYR P 243 70.06 -83.61 47.45
N THR P 244 68.76 -83.32 47.58
CA THR P 244 67.80 -83.74 46.58
C THR P 244 68.12 -83.11 45.23
N TYR P 245 68.17 -83.94 44.19
CA TYR P 245 68.64 -83.51 42.87
C TYR P 245 67.46 -83.13 41.96
N GLU P 246 66.66 -82.16 42.41
CA GLU P 246 65.50 -81.68 41.67
C GLU P 246 65.55 -80.16 41.56
N ALA P 247 65.04 -79.64 40.44
CA ALA P 247 65.06 -78.21 40.17
C ALA P 247 63.80 -77.56 40.71
N PHE P 248 63.98 -76.45 41.43
CA PHE P 248 62.87 -75.71 42.01
C PHE P 248 62.76 -74.28 41.48
N HIS P 249 63.85 -73.52 41.52
CA HIS P 249 63.93 -72.11 41.14
C HIS P 249 65.40 -71.71 41.15
N PRO P 250 65.84 -70.87 40.21
CA PRO P 250 67.25 -70.45 40.22
C PRO P 250 67.64 -69.73 41.50
N ASP P 251 68.89 -69.95 41.91
CA ASP P 251 69.35 -69.59 43.24
C ASP P 251 70.79 -69.12 43.19
N ILE P 252 71.20 -68.37 44.23
CA ILE P 252 72.55 -67.84 44.38
C ILE P 252 73.13 -68.38 45.67
N VAL P 253 74.33 -68.96 45.59
CA VAL P 253 75.02 -69.53 46.76
C VAL P 253 76.33 -68.78 46.99
N LEU P 254 76.56 -68.35 48.23
CA LEU P 254 77.68 -67.48 48.57
C LEU P 254 78.46 -68.00 49.77
N LEU P 255 79.77 -67.68 49.78
CA LEU P 255 80.72 -67.84 50.87
C LEU P 255 81.02 -66.48 51.50
N PRO P 256 81.54 -66.45 52.74
CA PRO P 256 81.80 -65.15 53.38
C PRO P 256 82.75 -64.29 52.58
N GLY P 257 82.48 -63.00 52.54
CA GLY P 257 83.29 -62.05 51.81
C GLY P 257 82.95 -61.86 50.35
N CYS P 258 81.97 -62.59 49.82
CA CYS P 258 81.64 -62.54 48.39
C CYS P 258 80.29 -61.84 48.18
N GLY P 259 79.94 -61.66 46.91
CA GLY P 259 78.67 -61.05 46.56
C GLY P 259 78.56 -60.86 45.06
N VAL P 260 77.35 -60.51 44.62
CA VAL P 260 77.05 -60.22 43.22
C VAL P 260 76.33 -58.87 43.13
N ASP P 261 76.48 -58.22 41.99
CA ASP P 261 75.92 -56.89 41.77
C ASP P 261 75.29 -56.82 40.39
N PHE P 262 73.99 -56.52 40.34
CA PHE P 262 73.23 -56.50 39.08
C PHE P 262 72.81 -55.09 38.67
N THR P 263 73.56 -54.07 39.09
CA THR P 263 73.16 -52.69 38.80
C THR P 263 73.14 -52.42 37.30
N GLU P 264 74.10 -52.98 36.57
CA GLU P 264 74.20 -52.71 35.13
C GLU P 264 74.01 -54.00 34.33
N SER P 265 72.97 -54.76 34.66
CA SER P 265 72.75 -56.06 34.05
C SER P 265 71.26 -56.37 34.06
N ARG P 266 70.82 -57.11 33.04
CA ARG P 266 69.44 -57.57 32.97
C ARG P 266 69.30 -59.06 33.24
N LEU P 267 70.35 -59.70 33.72
CA LEU P 267 70.31 -61.14 34.00
C LEU P 267 69.57 -61.49 35.28
N SER P 268 69.25 -60.51 36.13
CA SER P 268 68.42 -60.79 37.29
C SER P 268 66.98 -61.13 36.90
N ASN P 269 66.49 -60.64 35.77
CA ASN P 269 65.17 -61.03 35.29
C ASN P 269 65.12 -62.49 34.87
N LEU P 270 66.20 -62.98 34.26
CA LEU P 270 66.26 -64.39 33.88
C LEU P 270 66.34 -65.29 35.11
N LEU P 271 66.91 -64.81 36.21
CA LEU P 271 66.99 -65.59 37.44
C LEU P 271 65.70 -65.58 38.25
N GLY P 272 64.78 -64.67 37.94
CA GLY P 272 63.57 -64.57 38.73
C GLY P 272 63.74 -63.98 40.11
N ILE P 273 64.67 -63.05 40.27
CA ILE P 273 64.89 -62.33 41.53
C ILE P 273 64.79 -60.83 41.23
N ARG P 274 63.86 -60.16 41.90
CA ARG P 274 63.59 -58.75 41.65
C ARG P 274 63.45 -57.99 42.96
N LYS P 275 63.52 -56.66 42.88
CA LYS P 275 63.40 -55.78 44.04
C LYS P 275 61.96 -55.33 44.24
N ARG P 276 61.54 -55.25 45.50
CA ARG P 276 60.21 -54.75 45.82
C ARG P 276 60.07 -53.26 45.60
N HIS P 277 61.18 -52.52 45.50
CA HIS P 277 61.18 -51.11 45.16
C HIS P 277 62.00 -50.95 43.89
N PRO P 278 61.40 -51.22 42.73
CA PRO P 278 62.19 -51.34 41.50
C PRO P 278 62.70 -50.02 40.95
N PHE P 279 62.26 -48.89 41.46
CA PHE P 279 62.73 -47.60 40.98
C PHE P 279 63.89 -47.04 41.79
N GLN P 280 64.38 -47.75 42.79
CA GLN P 280 65.56 -47.33 43.56
C GLN P 280 66.81 -47.93 42.92
N GLU P 281 67.76 -47.07 42.59
CA GLU P 281 68.95 -47.52 41.87
C GLU P 281 69.83 -48.41 42.73
N GLY P 282 70.45 -49.40 42.11
CA GLY P 282 71.38 -50.29 42.80
C GLY P 282 70.79 -51.61 43.22
N PHE P 283 71.47 -52.71 42.89
CA PHE P 283 71.00 -54.05 43.22
C PHE P 283 72.22 -54.90 43.55
N LYS P 284 72.53 -55.01 44.84
CA LYS P 284 73.66 -55.80 45.32
C LYS P 284 73.19 -56.78 46.38
N ILE P 285 73.70 -58.01 46.32
CA ILE P 285 73.40 -59.04 47.31
C ILE P 285 74.71 -59.60 47.84
N MET P 286 74.98 -59.38 49.12
CA MET P 286 76.22 -59.80 49.76
C MET P 286 75.96 -60.92 50.77
N TYR P 287 77.04 -61.51 51.26
CA TYR P 287 76.91 -62.63 52.20
C TYR P 287 76.22 -62.22 53.48
N GLU P 288 76.39 -60.97 53.91
CA GLU P 288 75.76 -60.50 55.14
C GLU P 288 74.25 -60.30 55.00
N ASP P 289 73.73 -60.22 53.78
CA ASP P 289 72.30 -60.04 53.58
C ASP P 289 71.52 -61.33 53.57
N LEU P 290 72.18 -62.48 53.54
CA LEU P 290 71.53 -63.79 53.45
C LEU P 290 71.43 -64.49 54.80
N GLU P 291 71.21 -63.73 55.88
CA GLU P 291 71.14 -64.32 57.21
C GLU P 291 70.01 -65.32 57.30
N GLY P 292 70.27 -66.44 57.99
CA GLY P 292 69.30 -67.50 58.13
C GLY P 292 69.27 -68.50 57.00
N GLY P 293 70.13 -68.34 56.00
CA GLY P 293 70.10 -69.22 54.84
C GLY P 293 71.24 -70.19 54.73
N ASN P 294 71.89 -70.51 55.85
CA ASN P 294 73.00 -71.45 55.82
C ASN P 294 72.53 -72.84 55.38
N ILE P 295 73.33 -73.48 54.54
CA ILE P 295 73.01 -74.80 53.99
C ILE P 295 73.36 -75.86 55.03
N PRO P 296 72.40 -76.69 55.45
CA PRO P 296 72.72 -77.71 56.46
C PRO P 296 73.73 -78.71 55.95
N ALA P 297 74.61 -79.15 56.86
CA ALA P 297 75.69 -80.07 56.50
C ALA P 297 75.17 -81.49 56.30
N LEU P 298 75.91 -82.25 55.51
CA LEU P 298 75.69 -83.69 55.29
C LEU P 298 74.24 -84.06 55.14
N ILE P 364 76.36 -90.62 63.83
CA ILE P 364 75.68 -89.34 63.81
C ILE P 364 76.69 -88.20 63.82
N GLN P 365 77.42 -88.04 62.71
CA GLN P 365 78.36 -86.94 62.56
C GLN P 365 78.33 -86.43 61.13
N PRO P 366 78.52 -85.13 60.92
CA PRO P 366 78.51 -84.60 59.56
C PRO P 366 79.73 -85.04 58.77
N LEU P 367 79.55 -85.21 57.47
CA LEU P 367 80.67 -85.44 56.57
C LEU P 367 81.46 -84.15 56.43
N GLU P 368 82.78 -84.23 56.55
CA GLU P 368 83.63 -83.05 56.55
C GLU P 368 84.42 -82.84 55.27
N LYS P 369 84.42 -83.82 54.36
CA LYS P 369 85.21 -83.70 53.13
C LYS P 369 84.57 -84.56 52.06
N ASP P 370 84.97 -84.29 50.81
CA ASP P 370 84.41 -84.95 49.65
C ASP P 370 85.26 -86.18 49.29
N SER P 371 84.92 -86.84 48.17
CA SER P 371 85.60 -88.06 47.78
C SER P 371 87.07 -87.80 47.47
N LYS P 372 87.37 -86.69 46.78
CA LYS P 372 88.74 -86.37 46.39
C LYS P 372 89.40 -85.40 47.38
N SER P 373 89.00 -85.46 48.65
CA SER P 373 89.57 -84.64 49.71
C SER P 373 89.40 -83.15 49.40
N ARG P 374 88.15 -82.72 49.34
CA ARG P 374 87.79 -81.31 49.26
C ARG P 374 86.95 -80.94 50.47
N SER P 375 87.32 -79.84 51.12
CA SER P 375 86.60 -79.41 52.32
C SER P 375 85.19 -78.97 51.98
N TYR P 376 84.22 -79.41 52.77
CA TYR P 376 82.86 -78.92 52.69
C TYR P 376 82.64 -77.65 53.52
N ASN P 377 83.69 -77.14 54.18
CA ASN P 377 83.60 -75.92 54.98
C ASN P 377 82.61 -76.04 56.14
N VAL P 378 82.61 -77.20 56.80
CA VAL P 378 81.73 -77.38 57.96
C VAL P 378 82.22 -76.50 59.11
N LEU P 379 81.28 -76.00 59.90
CA LEU P 379 81.56 -75.05 60.97
C LEU P 379 81.45 -75.74 62.34
N GLU P 380 81.57 -74.93 63.39
CA GLU P 380 81.34 -75.43 64.73
C GLU P 380 79.86 -75.78 64.92
N ASP P 381 79.60 -76.60 65.93
CA ASP P 381 78.29 -77.17 66.25
C ASP P 381 77.91 -78.27 65.27
N LYS P 382 78.71 -78.45 64.22
CA LYS P 382 78.66 -79.64 63.37
C LYS P 382 77.26 -79.91 62.81
N ILE P 383 76.53 -78.84 62.48
CA ILE P 383 75.24 -78.97 61.84
C ILE P 383 75.16 -78.17 60.54
N ASN P 384 75.63 -76.93 60.56
CA ASN P 384 75.50 -76.04 59.40
C ASN P 384 76.85 -75.81 58.74
N THR P 385 76.78 -75.37 57.49
CA THR P 385 77.94 -75.11 56.65
C THR P 385 78.03 -73.61 56.36
N ALA P 386 79.24 -73.15 56.03
CA ALA P 386 79.46 -71.73 55.76
C ALA P 386 78.71 -71.23 54.53
N TYR P 387 78.30 -72.11 53.61
CA TYR P 387 77.58 -71.69 52.42
C TYR P 387 76.20 -71.13 52.80
N ARG P 388 75.81 -70.04 52.15
CA ARG P 388 74.47 -69.47 52.28
C ARG P 388 73.82 -69.37 50.91
N SER P 389 72.49 -69.45 50.88
CA SER P 389 71.76 -69.38 49.61
C SER P 389 70.56 -68.45 49.73
N TRP P 390 70.26 -67.75 48.63
CA TRP P 390 69.14 -66.81 48.61
C TRP P 390 67.81 -67.51 48.82
N TYR P 391 67.62 -68.69 48.22
CA TYR P 391 66.34 -69.36 48.31
C TYR P 391 66.03 -69.83 49.72
N LEU P 392 67.03 -70.37 50.43
CA LEU P 392 66.81 -70.79 51.80
C LEU P 392 66.49 -69.62 52.70
N SER P 393 67.17 -68.49 52.51
CA SER P 393 66.90 -67.31 53.32
C SER P 393 65.53 -66.72 53.02
N TYR P 394 65.11 -66.75 51.74
CA TYR P 394 63.80 -66.21 51.37
C TYR P 394 62.67 -67.04 51.98
N ASN P 395 62.81 -68.36 51.98
CA ASN P 395 61.71 -69.22 52.38
C ASN P 395 61.74 -69.63 53.86
N TYR P 396 62.92 -69.72 54.48
CA TYR P 396 63.03 -70.23 55.84
C TYR P 396 63.58 -69.21 56.83
N GLY P 397 64.13 -68.10 56.37
CA GLY P 397 64.69 -67.09 57.26
C GLY P 397 63.62 -66.24 57.92
N ASN P 398 64.08 -65.17 58.55
CA ASN P 398 63.18 -64.26 59.26
C ASN P 398 62.38 -63.43 58.26
N PRO P 399 61.04 -63.48 58.32
CA PRO P 399 60.24 -62.75 57.31
C PRO P 399 60.44 -61.25 57.32
N GLU P 400 60.78 -60.65 58.46
CA GLU P 400 60.80 -59.20 58.58
C GLU P 400 62.23 -58.64 58.67
N LYS P 401 63.25 -59.48 58.57
CA LYS P 401 64.63 -59.01 58.62
C LYS P 401 65.53 -59.60 57.55
N GLY P 402 65.19 -60.76 56.99
CA GLY P 402 66.02 -61.39 55.98
C GLY P 402 65.82 -60.78 54.60
N ILE P 403 66.31 -61.52 53.60
CA ILE P 403 66.27 -61.06 52.22
C ILE P 403 64.83 -60.93 51.71
N ARG P 404 63.87 -61.59 52.35
CA ARG P 404 62.48 -61.54 51.93
C ARG P 404 61.84 -60.18 52.13
N SER P 405 62.42 -59.31 52.95
CA SER P 405 61.80 -58.03 53.24
C SER P 405 61.98 -57.02 52.11
N TRP P 406 62.97 -57.20 51.23
CA TRP P 406 63.16 -56.26 50.15
C TRP P 406 63.43 -56.91 48.79
N THR P 407 63.30 -58.23 48.65
CA THR P 407 63.34 -58.89 47.36
C THR P 407 62.09 -59.73 47.15
N LEU P 408 61.86 -60.11 45.90
CA LEU P 408 60.65 -60.80 45.49
C LEU P 408 61.00 -61.94 44.55
N LEU P 409 60.32 -63.07 44.72
CA LEU P 409 60.53 -64.26 43.90
C LEU P 409 59.52 -64.28 42.76
N THR P 410 60.00 -64.42 41.52
CA THR P 410 59.16 -64.39 40.33
C THR P 410 59.53 -65.52 39.39
N THR P 411 58.68 -65.77 38.40
CA THR P 411 58.98 -66.76 37.37
C THR P 411 60.12 -66.29 36.48
N SER P 412 60.95 -67.22 36.05
CA SER P 412 62.08 -66.90 35.18
C SER P 412 61.60 -66.39 33.82
N ASP P 413 62.22 -65.32 33.34
CA ASP P 413 61.87 -64.71 32.06
C ASP P 413 63.07 -64.80 31.12
N VAL P 414 62.99 -65.72 30.15
CA VAL P 414 64.14 -66.01 29.30
C VAL P 414 64.48 -64.85 28.37
N THR P 415 63.50 -64.04 27.96
CA THR P 415 63.81 -62.90 27.10
C THR P 415 64.56 -61.80 27.83
N CYS P 416 64.69 -61.89 29.15
CA CYS P 416 65.33 -60.91 30.02
C CYS P 416 64.54 -59.61 30.13
N GLY P 417 63.27 -59.62 29.74
CA GLY P 417 62.41 -58.46 29.91
C GLY P 417 62.36 -57.57 28.69
N VAL P 418 61.28 -57.64 27.96
CA VAL P 418 61.14 -56.85 26.75
C VAL P 418 60.47 -55.53 27.10
N GLU P 419 60.83 -54.47 26.40
CA GLU P 419 60.23 -53.17 26.57
C GLU P 419 59.60 -52.73 25.24
N GLN P 420 59.15 -51.48 25.19
CA GLN P 420 58.37 -50.97 24.07
C GLN P 420 59.27 -50.41 22.97
N VAL P 421 58.67 -50.18 21.80
CA VAL P 421 59.31 -49.52 20.67
C VAL P 421 58.40 -48.39 20.18
N TYR P 422 59.01 -47.38 19.56
CA TYR P 422 58.31 -46.19 19.09
C TYR P 422 58.52 -45.98 17.59
N TRP P 423 57.45 -45.58 16.90
CA TRP P 423 57.49 -45.24 15.47
C TRP P 423 57.50 -43.74 15.27
N SER P 424 58.27 -43.27 14.28
CA SER P 424 58.28 -41.86 13.89
C SER P 424 58.16 -41.71 12.37
N LEU P 425 57.32 -40.77 11.94
CA LEU P 425 57.18 -40.40 10.53
C LEU P 425 57.16 -38.88 10.40
N PRO P 426 58.32 -38.23 10.59
CA PRO P 426 58.31 -36.77 10.75
C PRO P 426 57.90 -35.98 9.51
N ASP P 427 58.01 -36.53 8.30
CA ASP P 427 57.63 -35.81 7.09
C ASP P 427 56.20 -36.06 6.66
N MET P 428 55.44 -36.89 7.38
CA MET P 428 54.08 -37.21 6.95
C MET P 428 53.02 -36.77 7.96
N MET P 429 53.22 -37.06 9.24
CA MET P 429 52.24 -36.75 10.27
C MET P 429 52.57 -35.45 10.99
N GLN P 430 51.54 -34.79 11.51
CA GLN P 430 51.75 -33.66 12.40
C GLN P 430 52.26 -34.15 13.77
N ASP P 431 53.02 -33.28 14.43
CA ASP P 431 53.57 -33.64 15.75
C ASP P 431 52.44 -33.72 16.78
N PRO P 432 52.36 -34.79 17.57
CA PRO P 432 51.38 -34.84 18.65
C PRO P 432 51.70 -33.82 19.75
N VAL P 433 50.69 -33.59 20.59
CA VAL P 433 50.71 -32.46 21.52
C VAL P 433 51.87 -32.56 22.51
N THR P 434 52.54 -31.42 22.72
CA THR P 434 53.70 -31.12 23.56
C THR P 434 55.05 -31.58 22.97
N PHE P 435 55.08 -32.28 21.84
CA PHE P 435 56.36 -32.60 21.19
C PHE P 435 56.88 -31.40 20.41
N ARG P 436 58.19 -31.18 20.47
CA ARG P 436 58.84 -30.12 19.68
C ARG P 436 59.29 -30.64 18.32
N SER P 437 59.22 -29.77 17.33
CA SER P 437 59.76 -30.07 16.00
C SER P 437 61.28 -29.98 16.02
N THR P 438 61.94 -30.97 15.42
CA THR P 438 63.40 -31.04 15.48
C THR P 438 63.91 -31.93 14.36
N ARG P 439 65.24 -31.90 14.17
CA ARG P 439 65.92 -32.79 13.24
C ARG P 439 66.92 -33.70 13.93
N GLN P 440 66.87 -33.82 15.26
CA GLN P 440 67.71 -34.76 15.98
C GLN P 440 67.01 -36.11 16.10
N VAL P 441 67.72 -37.17 15.71
CA VAL P 441 67.09 -38.48 15.58
C VAL P 441 66.59 -38.99 16.94
N SER P 442 67.38 -38.81 17.99
CA SER P 442 66.93 -39.27 19.30
C SER P 442 65.82 -38.41 19.90
N ASN P 443 65.23 -37.45 19.18
CA ASN P 443 64.15 -36.67 19.76
C ASN P 443 63.00 -36.45 18.77
N TYR P 444 62.84 -37.33 17.78
CA TYR P 444 61.71 -37.23 16.86
C TYR P 444 60.39 -37.40 17.61
N PRO P 445 59.33 -36.70 17.19
CA PRO P 445 58.00 -36.96 17.77
C PRO P 445 57.52 -38.38 17.49
N VAL P 446 56.76 -38.92 18.43
CA VAL P 446 56.37 -40.33 18.43
C VAL P 446 54.94 -40.46 17.93
N VAL P 447 54.73 -41.34 16.95
CA VAL P 447 53.42 -41.51 16.30
C VAL P 447 52.74 -42.82 16.68
N GLY P 448 53.44 -43.76 17.30
CA GLY P 448 52.83 -45.00 17.76
C GLY P 448 53.77 -45.79 18.63
N ALA P 449 53.21 -46.74 19.38
CA ALA P 449 53.99 -47.56 20.30
C ALA P 449 53.43 -48.98 20.36
N GLU P 450 54.31 -49.93 20.66
CA GLU P 450 53.96 -51.35 20.81
C GLU P 450 55.12 -52.05 21.49
N LEU P 451 54.94 -53.34 21.78
CA LEU P 451 56.02 -54.13 22.37
C LEU P 451 57.00 -54.59 21.29
N MET P 452 58.27 -54.60 21.63
CA MET P 452 59.27 -55.26 20.81
C MET P 452 58.90 -56.74 20.68
N PRO P 453 58.75 -57.27 19.47
CA PRO P 453 58.01 -58.54 19.28
C PRO P 453 58.86 -59.79 19.52
N VAL P 454 59.21 -60.02 20.77
CA VAL P 454 59.99 -61.18 21.19
C VAL P 454 59.26 -61.83 22.37
N PHE P 455 59.04 -63.14 22.30
CA PHE P 455 58.20 -63.85 23.26
C PHE P 455 58.86 -65.14 23.73
N SER P 456 58.41 -65.60 24.90
CA SER P 456 58.86 -66.84 25.50
C SER P 456 57.93 -67.99 25.11
N LYS P 457 58.51 -69.17 24.90
CA LYS P 457 57.76 -70.39 24.61
C LYS P 457 58.23 -71.53 25.51
N SER P 458 57.28 -72.35 25.97
CA SER P 458 57.56 -73.42 26.93
C SER P 458 57.54 -74.79 26.27
N PHE P 459 58.41 -75.67 26.78
CA PHE P 459 58.47 -77.06 26.36
C PHE P 459 58.59 -77.96 27.59
N TYR P 460 58.23 -79.22 27.43
CA TYR P 460 58.27 -80.19 28.51
C TYR P 460 59.38 -81.21 28.23
N ASN P 461 60.24 -81.43 29.23
CA ASN P 461 61.34 -82.37 29.08
C ASN P 461 61.53 -83.23 30.34
N HIS P 478 83.62 -83.03 30.10
CA HIS P 478 82.52 -82.14 30.48
C HIS P 478 83.04 -80.85 31.07
N VAL P 479 83.09 -79.79 30.24
CA VAL P 479 83.51 -78.49 30.72
C VAL P 479 82.48 -77.88 31.66
N PHE P 480 81.23 -78.32 31.61
CA PHE P 480 80.18 -77.80 32.48
C PHE P 480 80.01 -78.63 33.75
N ASN P 481 80.91 -79.59 34.00
CA ASN P 481 80.89 -80.35 35.26
C ASN P 481 82.34 -80.70 35.58
N ARG P 482 82.99 -79.80 36.34
CA ARG P 482 84.40 -79.95 36.69
C ARG P 482 84.63 -80.51 38.08
N PHE P 483 83.59 -80.60 38.90
CA PHE P 483 83.67 -81.17 40.24
C PHE P 483 82.53 -82.18 40.40
N PRO P 484 82.59 -83.30 39.68
CA PRO P 484 81.49 -84.26 39.75
C PRO P 484 81.24 -84.81 41.14
N GLU P 485 82.28 -84.95 41.96
CA GLU P 485 82.11 -85.55 43.28
C GLU P 485 81.47 -84.61 44.28
N ASN P 486 81.75 -83.31 44.19
CA ASN P 486 81.39 -82.38 45.25
C ASN P 486 79.88 -82.09 45.20
N GLN P 487 79.21 -82.33 46.32
CA GLN P 487 77.76 -82.16 46.38
C GLN P 487 77.33 -80.71 46.25
N ILE P 488 78.21 -79.76 46.57
CA ILE P 488 77.87 -78.34 46.44
C ILE P 488 78.17 -77.83 45.03
N LEU P 489 79.26 -78.30 44.44
CA LEU P 489 79.73 -77.81 43.14
C LEU P 489 79.29 -78.70 41.98
N ILE P 490 78.39 -79.66 42.22
CA ILE P 490 77.88 -80.47 41.13
C ILE P 490 77.06 -79.60 40.17
N ARG P 491 76.98 -80.05 38.92
CA ARG P 491 76.21 -79.34 37.90
C ARG P 491 74.72 -79.35 38.26
N PRO P 492 74.04 -78.20 38.22
CA PRO P 492 72.67 -78.15 38.70
C PRO P 492 71.76 -79.02 37.84
N PRO P 493 70.74 -79.62 38.44
CA PRO P 493 69.75 -80.34 37.64
C PRO P 493 68.93 -79.41 36.75
N ALA P 494 68.49 -79.94 35.62
CA ALA P 494 67.72 -79.18 34.63
C ALA P 494 66.23 -79.20 34.99
N PRO P 495 65.52 -78.09 34.79
CA PRO P 495 64.09 -78.08 35.08
C PRO P 495 63.32 -78.96 34.12
N THR P 496 62.18 -79.45 34.59
CA THR P 496 61.26 -80.18 33.72
C THR P 496 60.50 -79.26 32.76
N ILE P 497 60.57 -77.95 32.95
CA ILE P 497 59.99 -76.97 32.03
C ILE P 497 61.12 -76.10 31.48
N THR P 498 61.29 -76.11 30.16
CA THR P 498 62.32 -75.31 29.49
C THR P 498 61.66 -74.20 28.67
N THR P 499 62.23 -73.00 28.73
CA THR P 499 61.71 -71.85 27.98
C THR P 499 62.80 -71.28 27.07
N VAL P 500 62.39 -70.90 25.86
CA VAL P 500 63.25 -70.29 24.86
C VAL P 500 62.52 -69.09 24.26
N SER P 501 63.29 -68.14 23.74
CA SER P 501 62.74 -66.90 23.20
C SER P 501 62.62 -66.97 21.68
N GLU P 502 61.55 -66.36 21.15
CA GLU P 502 61.21 -66.41 19.73
C GLU P 502 60.88 -65.03 19.19
N ASN P 503 61.13 -64.84 17.90
CA ASN P 503 60.73 -63.64 17.18
C ASN P 503 59.48 -63.93 16.35
N VAL P 504 58.43 -63.15 16.55
CA VAL P 504 57.14 -63.35 15.89
C VAL P 504 56.77 -62.08 15.15
N PRO P 505 56.44 -62.14 13.86
CA PRO P 505 56.08 -60.92 13.13
C PRO P 505 54.85 -60.24 13.71
N ALA P 506 54.89 -58.92 13.77
CA ALA P 506 53.88 -58.11 14.45
C ALA P 506 53.12 -57.26 13.44
N LEU P 507 51.79 -57.37 13.49
CA LEU P 507 50.88 -56.65 12.60
C LEU P 507 50.00 -55.76 13.48
N THR P 508 50.11 -54.44 13.30
CA THR P 508 49.54 -53.50 14.26
C THR P 508 48.73 -52.41 13.58
N ASP P 509 47.56 -52.11 14.14
CA ASP P 509 46.74 -50.98 13.73
C ASP P 509 46.88 -49.87 14.77
N HIS P 510 47.40 -48.72 14.33
CA HIS P 510 47.68 -47.60 15.23
C HIS P 510 46.59 -46.54 15.24
N GLY P 511 45.49 -46.73 14.52
CA GLY P 511 44.44 -45.72 14.47
C GLY P 511 44.73 -44.57 13.51
N THR P 512 43.93 -43.52 13.65
CA THR P 512 43.98 -42.37 12.75
C THR P 512 44.72 -41.19 13.40
N LEU P 513 45.63 -40.57 12.64
CA LEU P 513 46.40 -39.42 13.08
C LEU P 513 46.30 -38.29 12.07
N PRO P 514 46.37 -37.03 12.53
CA PRO P 514 46.30 -35.89 11.60
C PRO P 514 47.48 -35.85 10.63
N LEU P 515 47.18 -35.51 9.39
CA LEU P 515 48.09 -35.61 8.26
C LEU P 515 48.45 -34.21 7.75
N ARG P 516 49.69 -34.04 7.29
CA ARG P 516 50.07 -32.77 6.67
C ARG P 516 49.41 -32.59 5.31
N SER P 517 49.10 -31.34 4.96
CA SER P 517 48.39 -31.07 3.71
C SER P 517 49.26 -31.24 2.47
N SER P 518 50.57 -31.08 2.60
CA SER P 518 51.48 -31.26 1.48
C SER P 518 52.55 -32.28 1.87
N ILE P 519 52.69 -33.31 1.05
CA ILE P 519 53.57 -34.45 1.35
C ILE P 519 54.66 -34.49 0.28
N ARG P 520 55.91 -34.45 0.72
CA ARG P 520 57.04 -34.54 -0.19
C ARG P 520 57.26 -35.98 -0.66
N GLY P 521 57.96 -36.11 -1.79
CA GLY P 521 58.15 -37.39 -2.43
C GLY P 521 59.09 -38.34 -1.71
N VAL P 522 59.99 -37.82 -0.87
CA VAL P 522 60.92 -38.65 -0.11
C VAL P 522 60.58 -38.52 1.37
N GLN P 523 60.47 -39.67 2.05
CA GLN P 523 59.99 -39.74 3.42
C GLN P 523 60.98 -40.51 4.30
N ARG P 524 61.06 -40.10 5.57
CA ARG P 524 61.92 -40.75 6.56
C ARG P 524 61.10 -41.66 7.47
N VAL P 525 61.63 -42.85 7.75
CA VAL P 525 61.00 -43.83 8.63
C VAL P 525 61.98 -44.23 9.72
N THR P 526 61.55 -44.18 10.98
CA THR P 526 62.44 -44.43 12.11
C THR P 526 61.75 -45.29 13.18
N VAL P 527 62.51 -46.22 13.76
CA VAL P 527 62.07 -47.06 14.87
C VAL P 527 63.12 -46.99 15.98
N THR P 528 62.71 -46.61 17.20
CA THR P 528 63.62 -46.48 18.33
C THR P 528 63.06 -47.16 19.57
N ASP P 529 63.96 -47.46 20.51
CA ASP P 529 63.62 -48.15 21.75
C ASP P 529 63.29 -47.15 22.86
N ALA P 530 63.19 -47.65 24.10
CA ALA P 530 62.76 -46.83 25.22
C ALA P 530 63.76 -45.73 25.56
N ARG P 531 65.05 -45.98 25.35
CA ARG P 531 66.08 -44.98 25.55
C ARG P 531 66.33 -44.14 24.31
N ARG P 532 65.50 -44.30 23.28
CA ARG P 532 65.57 -43.53 22.03
C ARG P 532 66.85 -43.83 21.24
N ARG P 533 67.28 -45.09 21.24
CA ARG P 533 68.29 -45.58 20.31
C ARG P 533 67.61 -46.38 19.20
N THR P 534 68.21 -46.36 18.01
CA THR P 534 67.73 -47.25 16.97
C THR P 534 68.09 -48.69 17.30
N CYS P 535 67.31 -49.63 16.77
CA CYS P 535 67.49 -51.04 17.08
C CYS P 535 68.12 -51.76 15.90
N PRO P 536 69.34 -52.29 16.04
CA PRO P 536 69.98 -52.99 14.92
C PRO P 536 69.38 -54.35 14.58
N TYR P 537 68.40 -54.85 15.33
CA TYR P 537 67.85 -56.17 15.05
C TYR P 537 66.52 -56.12 14.28
N VAL P 538 66.10 -54.94 13.83
CA VAL P 538 64.99 -54.86 12.89
C VAL P 538 65.52 -55.14 11.49
N TYR P 539 64.87 -56.05 10.76
CA TYR P 539 65.26 -56.27 9.38
C TYR P 539 64.10 -56.22 8.39
N LYS P 540 62.90 -55.86 8.83
CA LYS P 540 61.78 -55.65 7.93
C LYS P 540 60.79 -54.72 8.59
N ALA P 541 60.44 -53.62 7.92
CA ALA P 541 59.49 -52.65 8.43
C ALA P 541 58.75 -52.01 7.27
N LEU P 542 57.41 -52.07 7.30
CA LEU P 542 56.55 -51.50 6.26
C LEU P 542 55.45 -50.67 6.91
N GLY P 543 55.01 -49.65 6.18
CA GLY P 543 53.87 -48.87 6.60
C GLY P 543 52.89 -48.65 5.47
N ILE P 544 51.61 -48.61 5.82
CA ILE P 544 50.52 -48.35 4.89
C ILE P 544 49.60 -47.31 5.51
N VAL P 545 49.33 -46.23 4.78
CA VAL P 545 48.53 -45.11 5.26
C VAL P 545 47.31 -44.93 4.35
N ALA P 546 46.15 -44.72 4.96
CA ALA P 546 44.90 -44.50 4.22
C ALA P 546 44.30 -43.14 4.59
N PRO P 547 44.49 -42.10 3.77
CA PRO P 547 43.96 -40.77 4.12
C PRO P 547 42.45 -40.69 4.00
N ARG P 548 41.86 -39.79 4.78
CA ARG P 548 40.45 -39.44 4.69
C ARG P 548 40.20 -38.09 5.35
N VAL P 549 39.05 -37.50 5.04
CA VAL P 549 38.69 -36.17 5.54
C VAL P 549 38.20 -36.27 6.99
N LEU P 550 38.72 -35.39 7.84
CA LEU P 550 38.31 -35.30 9.24
C LEU P 550 37.32 -34.16 9.51
N SER P 551 37.62 -32.94 9.06
CA SER P 551 36.73 -31.82 9.28
C SER P 551 36.97 -30.76 8.21
N SER P 552 36.09 -29.77 8.21
CA SER P 552 36.13 -28.70 7.22
C SER P 552 37.06 -27.57 7.66
N ARG P 553 37.62 -26.88 6.67
CA ARG P 553 38.45 -25.68 6.85
C ARG P 553 39.78 -25.99 7.53
N ARG Q 48 -43.22 -17.58 -0.55
CA ARG Q 48 -44.31 -16.88 0.12
C ARG Q 48 -45.65 -17.08 -0.59
N ASN Q 49 -45.90 -18.29 -1.07
CA ASN Q 49 -47.12 -18.55 -1.84
C ASN Q 49 -47.78 -19.88 -1.48
N SER Q 50 -47.53 -20.41 -0.29
CA SER Q 50 -48.09 -21.72 0.08
C SER Q 50 -49.49 -21.56 0.69
N ILE Q 51 -50.25 -22.65 0.62
CA ILE Q 51 -51.61 -22.71 1.13
C ILE Q 51 -51.73 -23.96 2.00
N ARG Q 52 -52.15 -23.79 3.25
CA ARG Q 52 -52.07 -24.85 4.26
C ARG Q 52 -53.42 -25.10 4.92
N TYR Q 53 -53.68 -26.36 5.26
CA TYR Q 53 -54.89 -26.79 5.93
C TYR Q 53 -54.54 -27.32 7.31
N SER Q 54 -55.27 -26.86 8.33
CA SER Q 54 -54.84 -27.04 9.72
C SER Q 54 -54.81 -28.50 10.17
N GLU Q 55 -55.46 -29.41 9.44
CA GLU Q 55 -55.44 -30.81 9.85
C GLU Q 55 -54.28 -31.60 9.24
N LEU Q 56 -53.40 -30.98 8.48
CA LEU Q 56 -52.29 -31.67 7.84
C LEU Q 56 -50.96 -31.09 8.28
N SER Q 57 -49.95 -31.96 8.43
CA SER Q 57 -48.62 -31.54 8.86
C SER Q 57 -47.59 -32.57 8.43
N PRO Q 58 -46.38 -32.16 8.07
CA PRO Q 58 -45.36 -33.12 7.61
C PRO Q 58 -44.62 -33.80 8.75
N LEU Q 59 -43.97 -34.92 8.43
CA LEU Q 59 -43.37 -35.81 9.42
C LEU Q 59 -41.84 -35.78 9.37
N TYR Q 60 -41.21 -35.89 10.54
CA TYR Q 60 -39.75 -35.84 10.67
C TYR Q 60 -39.25 -36.81 11.73
N ASP Q 61 -38.02 -37.29 11.51
CA ASP Q 61 -37.08 -37.93 12.44
C ASP Q 61 -37.37 -39.36 12.89
N THR Q 62 -38.62 -39.82 12.86
CA THR Q 62 -38.96 -41.18 13.29
C THR Q 62 -40.47 -41.36 13.17
N THR Q 63 -40.89 -42.63 13.11
CA THR Q 63 -42.30 -43.01 12.97
C THR Q 63 -42.41 -44.50 13.28
N ARG Q 64 -43.57 -45.10 12.99
CA ARG Q 64 -43.78 -46.54 13.14
C ARG Q 64 -44.34 -47.14 11.86
N LEU Q 65 -43.93 -48.38 11.57
CA LEU Q 65 -44.52 -49.20 10.51
C LEU Q 65 -45.00 -50.50 11.12
N TYR Q 66 -46.23 -50.92 10.78
CA TYR Q 66 -46.85 -52.09 11.38
C TYR Q 66 -47.03 -53.19 10.34
N LEU Q 67 -46.62 -54.41 10.69
CA LEU Q 67 -46.72 -55.60 9.83
C LEU Q 67 -47.64 -56.59 10.51
N VAL Q 68 -48.89 -56.64 10.08
CA VAL Q 68 -49.96 -57.32 10.79
C VAL Q 68 -50.58 -58.37 9.88
N ASP Q 69 -50.84 -59.55 10.44
CA ASP Q 69 -51.21 -60.72 9.65
C ASP Q 69 -52.71 -60.96 9.53
N ASN Q 70 -53.57 -60.10 10.09
CA ASN Q 70 -55.01 -60.37 10.08
C ASN Q 70 -55.82 -59.11 9.75
N LYS Q 71 -55.37 -58.32 8.78
CA LYS Q 71 -56.20 -57.23 8.28
C LYS Q 71 -57.33 -57.78 7.43
N SER Q 72 -58.52 -57.19 7.58
CA SER Q 72 -59.72 -57.77 6.98
C SER Q 72 -59.66 -57.80 5.46
N ALA Q 73 -59.20 -56.71 4.84
CA ALA Q 73 -59.16 -56.65 3.38
C ALA Q 73 -58.03 -57.47 2.80
N ASP Q 74 -56.90 -57.57 3.50
CA ASP Q 74 -55.78 -58.37 3.00
C ASP Q 74 -56.09 -59.86 3.01
N ILE Q 75 -56.96 -60.30 3.92
CA ILE Q 75 -57.33 -61.71 3.98
C ILE Q 75 -58.03 -62.13 2.70
N ALA Q 76 -58.95 -61.31 2.20
CA ALA Q 76 -59.78 -61.70 1.08
C ALA Q 76 -59.00 -61.68 -0.24
N SER Q 77 -58.17 -60.66 -0.46
CA SER Q 77 -57.61 -60.41 -1.78
C SER Q 77 -56.13 -60.73 -1.94
N LEU Q 78 -55.43 -61.08 -0.87
CA LEU Q 78 -54.00 -61.31 -1.01
C LEU Q 78 -53.57 -62.72 -0.63
N ASN Q 79 -54.14 -63.32 0.41
CA ASN Q 79 -53.53 -64.46 1.08
C ASN Q 79 -54.38 -65.71 0.98
N TYR Q 80 -54.99 -65.95 -0.18
CA TYR Q 80 -55.92 -67.07 -0.31
C TYR Q 80 -55.22 -68.42 -0.16
N GLN Q 81 -53.99 -68.53 -0.66
CA GLN Q 81 -53.24 -69.79 -0.63
C GLN Q 81 -52.10 -69.79 0.39
N ASN Q 82 -52.07 -68.85 1.32
CA ASN Q 82 -50.94 -68.67 2.24
C ASN Q 82 -51.30 -69.15 3.64
N ASP Q 83 -50.33 -69.10 4.55
CA ASP Q 83 -50.55 -69.35 5.97
C ASP Q 83 -49.72 -68.36 6.78
N HIS Q 84 -49.83 -68.44 8.10
CA HIS Q 84 -49.21 -67.44 8.98
C HIS Q 84 -47.70 -67.49 8.99
N SER Q 85 -47.09 -68.53 8.44
CA SER Q 85 -45.64 -68.59 8.32
C SER Q 85 -45.11 -67.90 7.08
N ASN Q 86 -45.96 -67.60 6.09
CA ASN Q 86 -45.51 -66.97 4.84
C ASN Q 86 -46.70 -66.27 4.19
N PHE Q 87 -46.78 -64.94 4.34
CA PHE Q 87 -47.97 -64.21 3.93
C PHE Q 87 -47.58 -62.81 3.43
N LEU Q 88 -48.57 -62.12 2.86
CA LEU Q 88 -48.42 -60.74 2.39
C LEU Q 88 -49.29 -59.81 3.22
N THR Q 89 -48.82 -58.58 3.39
CA THR Q 89 -49.57 -57.58 4.15
C THR Q 89 -49.28 -56.19 3.59
N THR Q 90 -50.15 -55.25 3.91
CA THR Q 90 -50.02 -53.87 3.46
C THR Q 90 -49.56 -52.99 4.61
N VAL Q 91 -48.53 -52.18 4.37
CA VAL Q 91 -48.08 -51.22 5.37
C VAL Q 91 -48.76 -49.87 5.25
N VAL Q 92 -49.60 -49.67 4.22
CA VAL Q 92 -50.40 -48.46 4.09
C VAL Q 92 -51.66 -48.64 4.93
N GLN Q 93 -51.88 -47.73 5.89
CA GLN Q 93 -52.99 -47.81 6.83
C GLN Q 93 -54.11 -46.83 6.51
N ASN Q 94 -54.42 -46.61 5.22
CA ASN Q 94 -55.39 -45.61 4.76
C ASN Q 94 -56.47 -46.34 3.99
N ASN Q 95 -57.69 -46.36 4.54
CA ASN Q 95 -58.78 -47.15 3.96
C ASN Q 95 -59.48 -46.48 2.79
N ASP Q 96 -58.94 -45.36 2.28
CA ASP Q 96 -59.43 -44.81 1.02
C ASP Q 96 -59.03 -45.68 -0.18
N PHE Q 97 -58.16 -46.66 0.01
CA PHE Q 97 -57.63 -47.49 -1.07
C PHE Q 97 -57.75 -48.96 -0.72
N THR Q 98 -57.94 -49.79 -1.73
CA THR Q 98 -57.87 -51.24 -1.58
C THR Q 98 -56.41 -51.70 -1.55
N PRO Q 99 -56.14 -52.90 -1.03
CA PRO Q 99 -54.75 -53.39 -1.01
C PRO Q 99 -54.13 -53.47 -2.39
N THR Q 100 -54.90 -53.81 -3.42
CA THR Q 100 -54.36 -53.83 -4.77
C THR Q 100 -53.89 -52.45 -5.21
N GLU Q 101 -54.70 -51.42 -4.95
CA GLU Q 101 -54.28 -50.05 -5.24
C GLU Q 101 -53.07 -49.66 -4.40
N ALA Q 102 -53.05 -50.07 -3.14
CA ALA Q 102 -51.96 -49.70 -2.25
C ALA Q 102 -50.62 -50.29 -2.69
N SER Q 103 -50.65 -51.40 -3.45
CA SER Q 103 -49.41 -52.07 -3.80
C SER Q 103 -48.50 -51.20 -4.66
N THR Q 104 -49.06 -50.26 -5.41
CA THR Q 104 -48.26 -49.38 -6.25
C THR Q 104 -47.78 -48.11 -5.54
N GLN Q 105 -48.25 -47.83 -4.33
CA GLN Q 105 -47.82 -46.65 -3.60
C GLN Q 105 -46.49 -46.91 -2.87
N THR Q 106 -45.84 -45.83 -2.45
CA THR Q 106 -44.55 -45.93 -1.77
C THR Q 106 -44.48 -45.00 -0.58
N ILE Q 107 -43.57 -45.33 0.34
CA ILE Q 107 -43.15 -44.47 1.45
C ILE Q 107 -41.68 -44.17 1.25
N ASN Q 108 -41.31 -42.89 1.32
CA ASN Q 108 -39.96 -42.46 0.94
C ASN Q 108 -39.27 -41.78 2.09
N PHE Q 109 -38.09 -42.30 2.46
CA PHE Q 109 -37.22 -41.73 3.48
C PHE Q 109 -36.12 -40.92 2.79
N ASP Q 110 -35.84 -39.72 3.33
CA ASP Q 110 -35.03 -38.75 2.60
C ASP Q 110 -33.71 -39.34 2.11
N GLU Q 111 -33.46 -39.20 0.81
CA GLU Q 111 -32.33 -39.85 0.15
C GLU Q 111 -30.98 -39.25 0.51
N ARG Q 112 -30.95 -38.11 1.19
CA ARG Q 112 -29.69 -37.53 1.64
C ARG Q 112 -29.20 -38.13 2.96
N SER Q 113 -29.89 -39.13 3.51
CA SER Q 113 -29.45 -39.85 4.69
C SER Q 113 -29.54 -41.35 4.43
N ARG Q 114 -28.79 -42.11 5.21
CA ARG Q 114 -28.94 -43.56 5.29
C ARG Q 114 -29.75 -43.89 6.54
N TRP Q 115 -30.74 -44.75 6.40
CA TRP Q 115 -31.71 -45.03 7.44
C TRP Q 115 -31.57 -46.45 7.97
N GLY Q 116 -31.89 -46.62 9.26
CA GLY Q 116 -31.97 -47.93 9.86
C GLY Q 116 -33.29 -48.13 10.58
N GLY Q 117 -33.62 -49.38 10.85
CA GLY Q 117 -34.87 -49.71 11.50
C GLY Q 117 -34.73 -50.69 12.64
N GLN Q 118 -35.22 -50.30 13.82
CA GLN Q 118 -35.23 -51.18 14.97
C GLN Q 118 -36.45 -52.09 14.92
N LEU Q 119 -36.23 -53.40 15.02
CA LEU Q 119 -37.26 -54.41 14.78
C LEU Q 119 -37.63 -55.15 16.06
N LYS Q 120 -38.93 -55.23 16.35
CA LYS Q 120 -39.48 -56.03 17.44
C LYS Q 120 -40.53 -56.98 16.88
N THR Q 121 -40.56 -58.22 17.36
CA THR Q 121 -41.49 -59.22 16.86
C THR Q 121 -42.25 -59.88 18.00
N ILE Q 122 -43.43 -60.40 17.66
CA ILE Q 122 -44.26 -61.19 18.56
C ILE Q 122 -44.69 -62.45 17.82
N MET Q 123 -44.49 -63.62 18.45
CA MET Q 123 -44.79 -64.89 17.82
C MET Q 123 -45.44 -65.84 18.81
N HIS Q 124 -46.39 -66.65 18.33
CA HIS Q 124 -47.04 -67.67 19.14
C HIS Q 124 -47.26 -68.93 18.31
N THR Q 125 -47.04 -70.10 18.92
CA THR Q 125 -47.09 -71.38 18.24
C THR Q 125 -48.04 -72.34 18.96
N ASN Q 126 -48.41 -73.42 18.28
CA ASN Q 126 -49.25 -74.48 18.86
C ASN Q 126 -48.76 -75.87 18.45
N MET Q 127 -47.45 -76.11 18.54
CA MET Q 127 -46.84 -77.37 18.10
C MET Q 127 -47.00 -78.48 19.15
N PRO Q 128 -47.49 -79.66 18.78
CA PRO Q 128 -47.44 -80.81 19.67
C PRO Q 128 -46.11 -81.55 19.57
N ASN Q 129 -45.75 -82.25 20.64
CA ASN Q 129 -44.40 -82.80 20.73
C ASN Q 129 -44.18 -84.05 19.88
N VAL Q 130 -45.22 -84.82 19.57
CA VAL Q 130 -45.11 -86.00 18.72
C VAL Q 130 -45.87 -85.72 17.42
N ASN Q 131 -45.14 -85.54 16.32
CA ASN Q 131 -45.77 -85.19 15.05
C ASN Q 131 -44.86 -85.62 13.90
N GLU Q 132 -45.45 -85.69 12.71
CA GLU Q 132 -44.74 -86.19 11.53
C GLU Q 132 -43.75 -85.17 10.96
N TYR Q 133 -44.11 -83.88 11.00
CA TYR Q 133 -43.32 -82.86 10.32
C TYR Q 133 -41.92 -82.73 10.92
N MET Q 134 -41.78 -82.99 12.22
CA MET Q 134 -40.51 -82.82 12.92
C MET Q 134 -39.78 -84.14 13.16
N PHE Q 135 -40.23 -85.24 12.54
CA PHE Q 135 -39.56 -86.54 12.61
C PHE Q 135 -39.52 -87.11 14.02
N SER Q 136 -40.50 -86.77 14.85
CA SER Q 136 -40.65 -87.37 16.18
C SER Q 136 -41.75 -88.41 16.20
N ASN Q 137 -42.06 -89.00 15.05
CA ASN Q 137 -43.20 -89.87 14.86
C ASN Q 137 -42.84 -91.33 14.64
N LYS Q 138 -41.57 -91.64 14.40
CA LYS Q 138 -41.19 -92.94 13.87
C LYS Q 138 -39.80 -93.33 14.32
N PHE Q 139 -39.54 -94.65 14.28
CA PHE Q 139 -38.22 -95.22 14.53
C PHE Q 139 -38.18 -96.59 13.86
N LYS Q 140 -36.97 -97.16 13.78
CA LYS Q 140 -36.76 -98.46 13.16
C LYS Q 140 -36.18 -99.45 14.16
N ALA Q 141 -36.54 -100.73 14.00
CA ALA Q 141 -36.07 -101.78 14.88
C ALA Q 141 -36.06 -103.11 14.13
N ARG Q 142 -35.30 -104.07 14.68
CA ARG Q 142 -35.17 -105.40 14.11
C ARG Q 142 -35.71 -106.43 15.10
N VAL Q 143 -36.73 -107.18 14.69
CA VAL Q 143 -37.41 -108.14 15.54
C VAL Q 143 -37.45 -109.50 14.84
N MET Q 144 -37.96 -110.50 15.55
CA MET Q 144 -38.01 -111.87 15.05
C MET Q 144 -39.34 -112.12 14.35
N VAL Q 145 -39.26 -112.65 13.12
CA VAL Q 145 -40.44 -112.88 12.31
C VAL Q 145 -40.86 -114.35 12.29
N SER Q 146 -39.91 -115.29 12.41
CA SER Q 146 -40.25 -116.70 12.35
C SER Q 146 -39.31 -117.50 13.24
N ARG Q 147 -39.88 -118.38 14.05
CA ARG Q 147 -39.14 -119.47 14.66
C ARG Q 147 -39.19 -120.67 13.70
N LYS Q 148 -38.78 -121.84 14.15
CA LYS Q 148 -38.82 -123.02 13.29
C LYS Q 148 -40.25 -123.46 13.01
N ASP Q 171 -33.76 -125.35 16.00
CA ASP Q 171 -34.63 -124.25 15.60
C ASP Q 171 -33.85 -123.19 14.82
N ILE Q 172 -34.45 -122.72 13.72
CA ILE Q 172 -33.87 -121.66 12.90
C ILE Q 172 -34.72 -120.41 13.08
N LEU Q 173 -34.05 -119.29 13.35
CA LEU Q 173 -34.71 -118.03 13.69
C LEU Q 173 -34.44 -116.99 12.61
N LYS Q 174 -35.48 -116.27 12.20
CA LYS Q 174 -35.38 -115.26 11.16
C LYS Q 174 -35.76 -113.90 11.73
N TYR Q 175 -35.01 -112.87 11.33
CA TYR Q 175 -35.21 -111.51 11.80
C TYR Q 175 -35.32 -110.56 10.60
N GLU Q 176 -35.96 -109.41 10.82
CA GLU Q 176 -36.16 -108.43 9.76
C GLU Q 176 -36.32 -107.05 10.36
N TRP Q 177 -35.99 -106.03 9.55
CA TRP Q 177 -36.14 -104.63 9.93
C TRP Q 177 -37.51 -104.11 9.53
N PHE Q 178 -38.07 -103.23 10.37
CA PHE Q 178 -39.33 -102.56 10.10
C PHE Q 178 -39.24 -101.12 10.56
N GLU Q 179 -40.18 -100.30 10.08
CA GLU Q 179 -40.37 -98.94 10.55
C GLU Q 179 -41.70 -98.83 11.28
N PHE Q 180 -41.68 -98.25 12.47
CA PHE Q 180 -42.84 -98.19 13.35
C PHE Q 180 -43.35 -96.75 13.45
N ILE Q 181 -44.68 -96.59 13.49
CA ILE Q 181 -45.31 -95.28 13.47
C ILE Q 181 -46.21 -95.13 14.70
N LEU Q 182 -46.11 -93.97 15.37
CA LEU Q 182 -46.92 -93.55 16.51
C LEU Q 182 -48.01 -92.59 16.05
N PRO Q 183 -49.13 -92.52 16.75
CA PRO Q 183 -50.13 -91.49 16.45
C PRO Q 183 -49.76 -90.15 17.07
N GLU Q 184 -50.24 -89.07 16.45
CA GLU Q 184 -49.80 -87.72 16.80
C GLU Q 184 -50.57 -87.15 17.98
N GLY Q 185 -49.90 -86.28 18.73
CA GLY Q 185 -50.47 -85.68 19.92
C GLY Q 185 -49.40 -85.09 20.78
N ASN Q 186 -49.83 -84.54 21.92
CA ASN Q 186 -48.95 -83.89 22.88
C ASN Q 186 -48.92 -84.73 24.16
N PHE Q 187 -47.86 -85.49 24.36
CA PHE Q 187 -47.81 -86.51 25.40
C PHE Q 187 -46.64 -86.27 26.35
N SER Q 188 -46.78 -86.79 27.57
CA SER Q 188 -45.65 -86.80 28.50
C SER Q 188 -44.66 -87.89 28.10
N ALA Q 189 -43.50 -87.88 28.76
CA ALA Q 189 -42.44 -88.83 28.41
C ALA Q 189 -42.83 -90.26 28.72
N THR Q 190 -43.48 -90.50 29.87
CA THR Q 190 -43.92 -91.86 30.20
C THR Q 190 -44.96 -92.36 29.21
N MET Q 191 -45.93 -91.51 28.87
CA MET Q 191 -46.95 -91.91 27.91
C MET Q 191 -46.36 -92.18 26.53
N THR Q 192 -45.30 -91.47 26.15
CA THR Q 192 -44.65 -91.72 24.87
C THR Q 192 -43.99 -93.09 24.84
N ILE Q 193 -43.36 -93.49 25.95
CA ILE Q 193 -42.70 -94.78 26.02
C ILE Q 193 -43.72 -95.92 25.96
N ASP Q 194 -44.91 -95.73 26.53
CA ASP Q 194 -45.97 -96.73 26.38
C ASP Q 194 -46.37 -96.92 24.93
N LEU Q 195 -46.44 -95.83 24.17
CA LEU Q 195 -46.84 -95.94 22.77
C LEU Q 195 -45.78 -96.66 21.94
N MET Q 196 -44.50 -96.49 22.26
CA MET Q 196 -43.45 -97.19 21.53
C MET Q 196 -43.50 -98.70 21.79
N ASN Q 197 -43.74 -99.10 23.04
CA ASN Q 197 -43.93 -100.52 23.35
C ASN Q 197 -45.15 -101.08 22.62
N ASN Q 198 -46.24 -100.33 22.59
CA ASN Q 198 -47.45 -100.77 21.93
C ASN Q 198 -47.24 -100.98 20.44
N ALA Q 199 -46.39 -100.15 19.80
CA ALA Q 199 -46.10 -100.33 18.39
C ALA Q 199 -45.36 -101.64 18.14
N ILE Q 200 -44.42 -102.00 19.01
CA ILE Q 200 -43.69 -103.25 18.85
C ILE Q 200 -44.64 -104.44 18.94
N ILE Q 201 -45.56 -104.41 19.90
CA ILE Q 201 -46.45 -105.54 20.13
C ILE Q 201 -47.43 -105.72 18.99
N ASP Q 202 -47.92 -104.62 18.41
CA ASP Q 202 -48.83 -104.74 17.26
C ASP Q 202 -48.17 -105.39 16.06
N ASN Q 203 -46.84 -105.32 15.95
CA ASN Q 203 -46.12 -106.07 14.93
C ASN Q 203 -46.06 -107.55 15.26
N TYR Q 204 -45.99 -107.89 16.55
CA TYR Q 204 -45.97 -109.30 16.94
C TYR Q 204 -47.34 -109.95 16.82
N LEU Q 205 -48.42 -109.17 16.77
CA LEU Q 205 -49.74 -109.74 16.60
C LEU Q 205 -50.15 -109.88 15.14
N GLU Q 206 -49.56 -109.11 14.24
CA GLU Q 206 -49.86 -109.16 12.82
C GLU Q 206 -48.96 -110.12 12.06
N ILE Q 207 -47.67 -110.14 12.40
CA ILE Q 207 -46.69 -111.09 11.91
C ILE Q 207 -46.23 -111.80 13.17
N GLY Q 208 -45.29 -112.71 13.06
CA GLY Q 208 -44.75 -113.23 14.31
C GLY Q 208 -45.64 -114.32 14.89
N ARG Q 209 -46.52 -113.93 15.82
CA ARG Q 209 -47.38 -114.86 16.54
C ARG Q 209 -47.96 -115.97 15.66
N GLN Q 210 -48.41 -115.62 14.47
CA GLN Q 210 -48.96 -116.64 13.55
C GLN Q 210 -47.88 -117.44 12.85
N ASN Q 211 -46.60 -117.17 13.10
CA ASN Q 211 -45.50 -117.92 12.49
C ASN Q 211 -44.61 -118.58 13.54
N GLY Q 212 -45.13 -118.82 14.73
CA GLY Q 212 -44.46 -119.67 15.70
C GLY Q 212 -43.61 -119.01 16.74
N VAL Q 213 -43.60 -117.68 16.84
CA VAL Q 213 -42.83 -117.01 17.89
C VAL Q 213 -43.71 -116.94 19.14
N LEU Q 214 -43.08 -117.11 20.29
CA LEU Q 214 -43.79 -117.10 21.55
C LEU Q 214 -43.71 -115.72 22.20
N GLU Q 215 -44.58 -115.50 23.19
CA GLU Q 215 -44.51 -114.26 23.94
C GLU Q 215 -43.44 -114.38 25.03
N SER Q 216 -42.26 -114.89 24.64
CA SER Q 216 -41.09 -114.87 25.48
C SER Q 216 -39.83 -114.61 24.64
N ASP Q 217 -39.98 -114.30 23.36
CA ASP Q 217 -38.88 -113.98 22.48
C ASP Q 217 -39.10 -112.66 21.73
N ILE Q 218 -39.87 -111.74 22.32
CA ILE Q 218 -40.20 -110.48 21.64
C ILE Q 218 -38.93 -109.76 21.22
N GLY Q 219 -38.10 -109.39 22.17
CA GLY Q 219 -36.74 -108.97 21.86
C GLY Q 219 -36.44 -107.48 21.87
N VAL Q 220 -37.44 -106.61 21.95
CA VAL Q 220 -37.22 -105.17 22.06
C VAL Q 220 -38.21 -104.61 23.07
N LYS Q 221 -37.71 -103.96 24.13
CA LYS Q 221 -38.58 -103.33 25.11
C LYS Q 221 -37.90 -102.07 25.65
N PHE Q 222 -38.71 -101.05 25.93
CA PHE Q 222 -38.24 -99.80 26.53
C PHE Q 222 -38.67 -99.76 28.00
N ASP Q 223 -37.71 -99.60 28.89
CA ASP Q 223 -37.96 -99.69 30.33
C ASP Q 223 -37.39 -98.48 31.06
N THR Q 224 -37.54 -98.47 32.38
CA THR Q 224 -36.99 -97.42 33.23
C THR Q 224 -36.27 -97.93 34.47
N ARG Q 225 -36.19 -99.24 34.69
CA ARG Q 225 -35.74 -99.78 35.96
C ARG Q 225 -34.23 -99.99 35.98
N ASN Q 226 -33.68 -100.07 37.20
CA ASN Q 226 -32.29 -100.45 37.43
C ASN Q 226 -32.28 -101.92 37.81
N PHE Q 227 -32.11 -102.78 36.84
CA PHE Q 227 -31.94 -104.20 37.14
C PHE Q 227 -30.64 -104.40 37.89
N ARG Q 228 -30.56 -105.49 38.64
CA ARG Q 228 -29.44 -105.86 39.52
C ARG Q 228 -29.30 -104.96 40.73
N LEU Q 229 -30.35 -104.24 41.13
CA LEU Q 229 -30.28 -103.43 42.35
C LEU Q 229 -30.08 -104.29 43.59
N GLY Q 230 -30.92 -105.30 43.78
CA GLY Q 230 -30.83 -106.13 44.95
C GLY Q 230 -29.90 -107.32 44.82
N TRP Q 231 -28.88 -107.17 43.99
CA TRP Q 231 -27.94 -108.24 43.68
C TRP Q 231 -27.08 -108.59 44.89
N ASP Q 232 -26.72 -109.86 45.01
CA ASP Q 232 -25.93 -110.36 46.13
C ASP Q 232 -24.59 -110.85 45.63
N PRO Q 233 -23.48 -110.42 46.25
CA PRO Q 233 -22.16 -110.76 45.69
C PRO Q 233 -21.78 -112.22 45.84
N GLU Q 234 -22.44 -112.97 46.72
CA GLU Q 234 -22.11 -114.39 46.91
C GLU Q 234 -22.97 -115.29 46.03
N THR Q 235 -24.29 -115.20 46.15
CA THR Q 235 -25.18 -116.03 45.34
C THR Q 235 -25.32 -115.52 43.92
N LYS Q 236 -24.98 -114.25 43.66
CA LYS Q 236 -25.05 -113.65 42.33
C LYS Q 236 -26.44 -113.76 41.72
N LEU Q 237 -27.47 -113.57 42.55
CA LEU Q 237 -28.85 -113.55 42.08
C LEU Q 237 -29.59 -112.45 42.82
N ILE Q 238 -30.73 -112.04 42.25
CA ILE Q 238 -31.57 -111.00 42.84
C ILE Q 238 -32.34 -111.65 43.99
N MET Q 239 -31.87 -111.45 45.22
CA MET Q 239 -32.42 -112.18 46.37
C MET Q 239 -33.91 -111.94 46.59
N PRO Q 240 -34.47 -110.74 46.47
CA PRO Q 240 -35.91 -110.57 46.75
C PRO Q 240 -36.82 -111.38 45.83
N GLY Q 241 -36.34 -111.82 44.68
CA GLY Q 241 -37.16 -112.54 43.73
C GLY Q 241 -37.95 -111.68 42.77
N VAL Q 242 -37.92 -110.36 42.94
CA VAL Q 242 -38.51 -109.41 41.99
C VAL Q 242 -37.55 -108.23 41.84
N TYR Q 243 -37.42 -107.74 40.62
CA TYR Q 243 -36.62 -106.55 40.38
C TYR Q 243 -37.24 -105.33 41.04
N THR Q 244 -36.39 -104.42 41.51
CA THR Q 244 -36.87 -103.22 42.20
C THR Q 244 -37.73 -102.39 41.25
N TYR Q 245 -38.91 -102.00 41.72
CA TYR Q 245 -39.92 -101.36 40.88
C TYR Q 245 -39.85 -99.83 41.03
N GLU Q 246 -38.69 -99.26 40.74
CA GLU Q 246 -38.45 -97.82 40.81
C GLU Q 246 -37.86 -97.32 39.51
N ALA Q 247 -38.19 -96.08 39.14
CA ALA Q 247 -37.75 -95.48 37.90
C ALA Q 247 -36.43 -94.75 38.11
N PHE Q 248 -35.46 -95.00 37.24
CA PHE Q 248 -34.15 -94.37 37.30
C PHE Q 248 -33.83 -93.52 36.09
N HIS Q 249 -33.96 -94.08 34.87
CA HIS Q 249 -33.63 -93.45 33.60
C HIS Q 249 -34.14 -94.36 32.50
N PRO Q 250 -34.65 -93.81 31.39
CA PRO Q 250 -35.14 -94.67 30.31
C PRO Q 250 -34.04 -95.54 29.74
N ASP Q 251 -34.43 -96.75 29.33
CA ASP Q 251 -33.48 -97.82 29.03
C ASP Q 251 -34.01 -98.66 27.86
N ILE Q 252 -33.09 -99.38 27.22
CA ILE Q 252 -33.37 -100.26 26.08
C ILE Q 252 -32.93 -101.67 26.46
N VAL Q 253 -33.83 -102.64 26.29
CA VAL Q 253 -33.58 -104.04 26.60
C VAL Q 253 -33.67 -104.88 25.34
N LEU Q 254 -32.67 -105.71 25.09
CA LEU Q 254 -32.54 -106.45 23.83
C LEU Q 254 -32.27 -107.93 24.07
N LEU Q 255 -32.73 -108.75 23.12
CA LEU Q 255 -32.45 -110.17 22.93
C LEU Q 255 -31.49 -110.37 21.77
N PRO Q 256 -30.81 -111.51 21.68
CA PRO Q 256 -29.85 -111.71 20.60
C PRO Q 256 -30.51 -111.62 19.23
N GLY Q 257 -29.80 -110.99 18.29
CA GLY Q 257 -30.29 -110.80 16.94
C GLY Q 257 -31.12 -109.56 16.70
N CYS Q 258 -31.40 -108.75 17.72
CA CYS Q 258 -32.26 -107.60 17.60
C CYS Q 258 -31.46 -106.30 17.71
N GLY Q 259 -32.14 -105.18 17.52
CA GLY Q 259 -31.51 -103.87 17.61
C GLY Q 259 -32.49 -102.77 17.25
N VAL Q 260 -32.06 -101.53 17.51
CA VAL Q 260 -32.82 -100.34 17.18
C VAL Q 260 -31.93 -99.36 16.43
N ASP Q 261 -32.54 -98.53 15.60
CA ASP Q 261 -31.81 -97.59 14.75
C ASP Q 261 -32.50 -96.23 14.78
N PHE Q 262 -31.79 -95.19 15.22
CA PHE Q 262 -32.34 -93.85 15.36
C PHE Q 262 -31.79 -92.87 14.35
N THR Q 263 -31.35 -93.34 13.18
CA THR Q 263 -30.74 -92.46 12.19
C THR Q 263 -31.72 -91.39 11.71
N GLU Q 264 -32.99 -91.76 11.53
CA GLU Q 264 -33.98 -90.84 11.00
C GLU Q 264 -35.07 -90.56 12.02
N SER Q 265 -34.69 -90.29 13.27
CA SER Q 265 -35.65 -90.14 14.35
C SER Q 265 -35.08 -89.19 15.39
N ARG Q 266 -35.96 -88.47 16.07
CA ARG Q 266 -35.57 -87.58 17.16
C ARG Q 266 -35.99 -88.12 18.51
N LEU Q 267 -36.44 -89.37 18.59
CA LEU Q 267 -36.88 -89.95 19.84
C LEU Q 267 -35.74 -90.37 20.76
N SER Q 268 -34.50 -90.38 20.26
CA SER Q 268 -33.37 -90.64 21.15
C SER Q 268 -33.13 -89.50 22.12
N ASN Q 269 -33.51 -88.27 21.77
CA ASN Q 269 -33.41 -87.15 22.70
C ASN Q 269 -34.38 -87.30 23.86
N LEU Q 270 -35.59 -87.81 23.59
CA LEU Q 270 -36.54 -88.03 24.67
C LEU Q 270 -36.09 -89.16 25.59
N LEU Q 271 -35.33 -90.13 25.08
CA LEU Q 271 -34.82 -91.21 25.91
C LEU Q 271 -33.59 -90.82 26.72
N GLY Q 272 -32.95 -89.70 26.41
CA GLY Q 272 -31.73 -89.33 27.11
C GLY Q 272 -30.51 -90.15 26.77
N ILE Q 273 -30.41 -90.63 25.53
CA ILE Q 273 -29.25 -91.37 25.05
C ILE Q 273 -28.72 -90.65 23.81
N ARG Q 274 -27.46 -90.22 23.86
CA ARG Q 274 -26.86 -89.44 22.79
C ARG Q 274 -25.46 -89.95 22.47
N LYS Q 275 -24.94 -89.54 21.32
CA LYS Q 275 -23.61 -89.93 20.86
C LYS Q 275 -22.57 -88.91 21.28
N ARG Q 276 -21.39 -89.41 21.66
CA ARG Q 276 -20.27 -88.53 22.01
C ARG Q 276 -19.67 -87.83 20.81
N HIS Q 277 -19.95 -88.31 19.59
CA HIS Q 277 -19.53 -87.68 18.35
C HIS Q 277 -20.80 -87.38 17.57
N PRO Q 278 -21.50 -86.30 17.89
CA PRO Q 278 -22.85 -86.09 17.35
C PRO Q 278 -22.89 -85.70 15.88
N PHE Q 279 -21.76 -85.36 15.28
CA PHE Q 279 -21.74 -84.98 13.86
C PHE Q 279 -21.44 -86.16 12.93
N GLN Q 280 -21.26 -87.36 13.45
CA GLN Q 280 -21.05 -88.55 12.62
C GLN Q 280 -22.41 -89.20 12.34
N GLU Q 281 -22.72 -89.38 11.06
CA GLU Q 281 -24.03 -89.89 10.67
C GLU Q 281 -24.22 -91.34 11.10
N GLY Q 282 -25.44 -91.68 11.49
CA GLY Q 282 -25.79 -93.04 11.86
C GLY Q 282 -25.82 -93.30 13.35
N PHE Q 283 -26.90 -93.90 13.84
CA PHE Q 283 -27.06 -94.19 15.26
C PHE Q 283 -27.79 -95.53 15.38
N LYS Q 284 -27.03 -96.61 15.54
CA LYS Q 284 -27.58 -97.95 15.69
C LYS Q 284 -27.03 -98.61 16.94
N ILE Q 285 -27.89 -99.31 17.67
CA ILE Q 285 -27.49 -100.04 18.87
C ILE Q 285 -27.99 -101.48 18.72
N MET Q 286 -27.05 -102.43 18.64
CA MET Q 286 -27.37 -103.84 18.44
C MET Q 286 -27.01 -104.64 19.69
N TYR Q 287 -27.45 -105.90 19.71
CA TYR Q 287 -27.21 -106.76 20.87
C TYR Q 287 -25.73 -106.98 21.13
N GLU Q 288 -24.91 -106.99 20.08
CA GLU Q 288 -23.48 -107.19 20.24
C GLU Q 288 -22.77 -105.98 20.85
N ASP Q 289 -23.38 -104.81 20.83
CA ASP Q 289 -22.76 -103.61 21.40
C ASP Q 289 -23.00 -103.46 22.90
N LEU Q 290 -23.88 -104.26 23.49
CA LEU Q 290 -24.25 -104.15 24.89
C LEU Q 290 -23.52 -105.16 25.78
N GLU Q 291 -22.26 -105.47 25.46
CA GLU Q 291 -21.51 -106.46 26.21
C GLU Q 291 -21.36 -106.03 27.67
N GLY Q 292 -21.49 -107.00 28.57
CA GLY Q 292 -21.43 -106.74 29.99
C GLY Q 292 -22.72 -106.30 30.64
N GLY Q 293 -23.81 -106.20 29.88
CA GLY Q 293 -25.05 -105.70 30.41
C GLY Q 293 -26.14 -106.73 30.59
N ASN Q 294 -25.77 -108.00 30.73
CA ASN Q 294 -26.76 -109.05 30.91
C ASN Q 294 -27.51 -108.86 32.22
N ILE Q 295 -28.81 -109.08 32.19
CA ILE Q 295 -29.68 -108.90 33.35
C ILE Q 295 -29.58 -110.14 34.23
N PRO Q 296 -29.19 -110.01 35.50
CA PRO Q 296 -29.07 -111.18 36.37
C PRO Q 296 -30.40 -111.88 36.57
N ALA Q 297 -30.36 -113.20 36.64
CA ALA Q 297 -31.56 -114.02 36.76
C ALA Q 297 -32.12 -113.96 38.18
N LEU Q 298 -33.42 -114.20 38.28
CA LEU Q 298 -34.14 -114.36 39.54
C LEU Q 298 -33.75 -113.34 40.59
N ILE Q 364 -31.36 -122.44 46.48
CA ILE Q 364 -30.44 -121.56 45.77
C ILE Q 364 -30.38 -121.92 44.29
N GLN Q 365 -31.49 -121.67 43.58
CA GLN Q 365 -31.54 -121.91 42.14
C GLN Q 365 -32.35 -120.80 41.47
N PRO Q 366 -31.99 -120.40 40.25
CA PRO Q 366 -32.76 -119.35 39.57
C PRO Q 366 -34.13 -119.84 39.15
N LEU Q 367 -35.09 -118.92 39.16
CA LEU Q 367 -36.40 -119.21 38.60
C LEU Q 367 -36.29 -119.27 37.07
N GLU Q 368 -36.86 -120.30 36.48
CA GLU Q 368 -36.71 -120.53 35.04
C GLU Q 368 -37.96 -120.19 34.24
N LYS Q 369 -39.09 -119.91 34.87
CA LYS Q 369 -40.32 -119.64 34.14
C LYS Q 369 -41.21 -118.75 34.99
N ASP Q 370 -42.20 -118.15 34.33
CA ASP Q 370 -43.11 -117.22 34.98
C ASP Q 370 -44.35 -117.95 35.49
N SER Q 371 -45.33 -117.19 36.01
CA SER Q 371 -46.52 -117.79 36.58
C SER Q 371 -47.34 -118.55 35.53
N LYS Q 372 -47.48 -117.98 34.34
CA LYS Q 372 -48.27 -118.59 33.27
C LYS Q 372 -47.40 -119.39 32.30
N SER Q 373 -46.30 -119.95 32.79
CA SER Q 373 -45.38 -120.77 31.99
C SER Q 373 -44.84 -120.00 30.79
N ARG Q 374 -44.09 -118.95 31.09
CA ARG Q 374 -43.33 -118.22 30.09
C ARG Q 374 -41.86 -118.30 30.45
N SER Q 375 -41.03 -118.63 29.47
CA SER Q 375 -39.60 -118.78 29.70
C SER Q 375 -38.97 -117.43 30.01
N TYR Q 376 -38.12 -117.40 31.04
CA TYR Q 376 -37.29 -116.24 31.33
C TYR Q 376 -35.99 -116.24 30.54
N ASN Q 377 -35.75 -117.24 29.69
CA ASN Q 377 -34.54 -117.32 28.86
C ASN Q 377 -33.27 -117.40 29.70
N VAL Q 378 -33.31 -118.17 30.78
CA VAL Q 378 -32.11 -118.37 31.60
C VAL Q 378 -31.09 -119.18 30.81
N LEU Q 379 -29.81 -118.89 31.04
CA LEU Q 379 -28.71 -119.47 30.31
C LEU Q 379 -27.97 -120.48 31.17
N GLU Q 380 -26.87 -121.00 30.63
CA GLU Q 380 -25.99 -121.86 31.41
C GLU Q 380 -25.31 -121.05 32.50
N ASP Q 381 -24.80 -121.77 33.52
CA ASP Q 381 -24.21 -121.23 34.74
C ASP Q 381 -25.27 -120.68 35.68
N LYS Q 382 -26.52 -120.62 35.21
CA LYS Q 382 -27.68 -120.40 36.07
C LYS Q 382 -27.55 -119.14 36.93
N ILE Q 383 -26.94 -118.09 36.38
CA ILE Q 383 -26.86 -116.80 37.06
C ILE Q 383 -27.42 -115.67 36.19
N ASN Q 384 -27.06 -115.62 34.91
CA ASN Q 384 -27.44 -114.52 34.04
C ASN Q 384 -28.47 -114.97 33.02
N THR Q 385 -29.16 -113.99 32.46
CA THR Q 385 -30.21 -114.17 31.49
C THR Q 385 -29.77 -113.59 30.14
N ALA Q 386 -30.39 -114.08 29.06
CA ALA Q 386 -30.03 -113.63 27.72
C ALA Q 386 -30.36 -112.16 27.48
N TYR Q 387 -31.25 -111.55 28.25
CA TYR Q 387 -31.58 -110.14 28.07
C TYR Q 387 -30.39 -109.25 28.41
N ARG Q 388 -30.17 -108.22 27.59
CA ARG Q 388 -29.17 -107.20 27.85
C ARG Q 388 -29.83 -105.82 27.86
N SER Q 389 -29.26 -104.90 28.62
CA SER Q 389 -29.82 -103.55 28.72
C SER Q 389 -28.72 -102.50 28.61
N TRP Q 390 -29.07 -101.37 27.99
CA TRP Q 390 -28.11 -100.28 27.79
C TRP Q 390 -27.64 -99.71 29.13
N TYR Q 391 -28.55 -99.55 30.09
CA TYR Q 391 -28.18 -98.90 31.35
C TYR Q 391 -27.19 -99.75 32.15
N LEU Q 392 -27.40 -101.06 32.18
CA LEU Q 392 -26.48 -101.93 32.91
C LEU Q 392 -25.10 -101.92 32.26
N SER Q 393 -25.05 -101.93 30.93
CA SER Q 393 -23.76 -101.90 30.24
C SER Q 393 -23.06 -100.56 30.42
N TYR Q 394 -23.81 -99.46 30.44
CA TYR Q 394 -23.21 -98.13 30.62
C TYR Q 394 -22.61 -97.98 32.01
N ASN Q 395 -23.28 -98.48 33.04
CA ASN Q 395 -22.85 -98.24 34.41
C ASN Q 395 -21.97 -99.34 34.99
N TYR Q 396 -22.13 -100.59 34.56
CA TYR Q 396 -21.40 -101.70 35.16
C TYR Q 396 -20.44 -102.42 34.21
N GLY Q 397 -20.53 -102.17 32.91
CA GLY Q 397 -19.67 -102.82 31.94
C GLY Q 397 -18.27 -102.23 31.92
N ASN Q 398 -17.53 -102.63 30.90
CA ASN Q 398 -16.14 -102.18 30.74
C ASN Q 398 -16.11 -100.72 30.31
N PRO Q 399 -15.45 -99.84 31.06
CA PRO Q 399 -15.47 -98.41 30.70
C PRO Q 399 -14.86 -98.10 29.35
N GLU Q 400 -13.89 -98.88 28.89
CA GLU Q 400 -13.15 -98.54 27.68
C GLU Q 400 -13.49 -99.41 26.48
N LYS Q 401 -14.45 -100.33 26.62
CA LYS Q 401 -14.86 -101.17 25.51
C LYS Q 401 -16.36 -101.30 25.34
N GLY Q 402 -17.16 -101.04 26.37
CA GLY Q 402 -18.60 -101.18 26.27
C GLY Q 402 -19.26 -99.97 25.63
N ILE Q 403 -20.57 -99.90 25.80
CA ILE Q 403 -21.36 -98.83 25.20
C ILE Q 403 -20.99 -97.46 25.75
N ARG Q 404 -20.36 -97.39 26.92
CA ARG Q 404 -20.00 -96.13 27.54
C ARG Q 404 -18.89 -95.40 26.78
N SER Q 405 -18.15 -96.08 25.92
CA SER Q 405 -17.05 -95.43 25.23
C SER Q 405 -17.50 -94.52 24.09
N TRP Q 406 -18.71 -94.70 23.56
CA TRP Q 406 -19.18 -93.85 22.48
C TRP Q 406 -20.62 -93.35 22.63
N THR Q 407 -21.28 -93.59 23.77
CA THR Q 407 -22.56 -92.98 24.05
C THR Q 407 -22.50 -92.23 25.38
N LEU Q 408 -23.51 -91.38 25.59
CA LEU Q 408 -23.55 -90.48 26.74
C LEU Q 408 -24.95 -90.47 27.33
N LEU Q 409 -25.03 -90.45 28.65
CA LEU Q 409 -26.30 -90.44 29.37
C LEU Q 409 -26.67 -89.00 29.73
N THR Q 410 -27.89 -88.58 29.37
CA THR Q 410 -28.34 -87.21 29.57
C THR Q 410 -29.75 -87.21 30.14
N THR Q 411 -30.20 -86.05 30.63
CA THR Q 411 -31.57 -85.90 31.11
C THR Q 411 -32.55 -85.98 29.95
N SER Q 412 -33.72 -86.58 30.20
CA SER Q 412 -34.75 -86.70 29.19
C SER Q 412 -35.30 -85.34 28.78
N ASP Q 413 -35.45 -85.14 27.47
CA ASP Q 413 -35.94 -83.88 26.92
C ASP Q 413 -37.26 -84.14 26.20
N VAL Q 414 -38.37 -83.75 26.82
CA VAL Q 414 -39.70 -84.10 26.30
C VAL Q 414 -40.01 -83.38 25.00
N THR Q 415 -39.45 -82.18 24.77
CA THR Q 415 -39.72 -81.49 23.51
C THR Q 415 -39.02 -82.15 22.32
N CYS Q 416 -38.15 -83.12 22.57
CA CYS Q 416 -37.35 -83.83 21.56
C CYS Q 416 -36.28 -82.94 20.93
N GLY Q 417 -35.96 -81.81 21.54
CA GLY Q 417 -34.88 -80.97 21.06
C GLY Q 417 -35.35 -79.86 20.14
N VAL Q 418 -35.41 -78.65 20.63
CA VAL Q 418 -35.88 -77.54 19.83
C VAL Q 418 -34.68 -76.89 19.15
N GLU Q 419 -34.90 -76.37 17.95
CA GLU Q 419 -33.86 -75.65 17.22
C GLU Q 419 -34.34 -74.23 16.95
N GLN Q 420 -33.58 -73.50 16.15
CA GLN Q 420 -33.80 -72.08 15.93
C GLN Q 420 -34.79 -71.83 14.79
N VAL Q 421 -35.26 -70.58 14.70
CA VAL Q 421 -36.11 -70.09 13.61
C VAL Q 421 -35.51 -68.81 13.08
N TYR Q 422 -35.78 -68.52 11.80
CA TYR Q 422 -35.24 -67.36 11.10
C TYR Q 422 -36.36 -66.48 10.55
N TRP Q 423 -36.19 -65.16 10.65
CA TRP Q 423 -37.10 -64.17 10.09
C TRP Q 423 -36.55 -63.58 8.79
N SER Q 424 -37.44 -63.34 7.82
CA SER Q 424 -37.09 -62.66 6.58
C SER Q 424 -38.08 -61.55 6.26
N LEU Q 425 -37.56 -60.40 5.84
CA LEU Q 425 -38.37 -59.27 5.35
C LEU Q 425 -37.75 -58.72 4.07
N PRO Q 426 -37.86 -59.45 2.96
CA PRO Q 426 -37.05 -59.10 1.78
C PRO Q 426 -37.41 -57.77 1.11
N ASP Q 427 -38.62 -57.24 1.30
CA ASP Q 427 -38.99 -55.97 0.68
C ASP Q 427 -38.75 -54.76 1.57
N MET Q 428 -38.25 -54.95 2.79
CA MET Q 428 -38.05 -53.82 3.70
C MET Q 428 -36.60 -53.60 4.08
N MET Q 429 -35.87 -54.65 4.44
CA MET Q 429 -34.49 -54.53 4.89
C MET Q 429 -33.51 -54.82 3.76
N GLN Q 430 -32.32 -54.25 3.85
CA GLN Q 430 -31.23 -54.62 2.97
C GLN Q 430 -30.68 -56.00 3.34
N ASP Q 431 -30.16 -56.71 2.34
CA ASP Q 431 -29.60 -58.03 2.58
C ASP Q 431 -28.33 -57.94 3.43
N PRO Q 432 -28.22 -58.71 4.50
CA PRO Q 432 -26.96 -58.75 5.26
C PRO Q 432 -25.82 -59.36 4.45
N VAL Q 433 -24.60 -59.12 4.94
CA VAL Q 433 -23.39 -59.39 4.16
C VAL Q 433 -23.27 -60.86 3.80
N THR Q 434 -22.90 -61.12 2.54
CA THR Q 434 -22.69 -62.38 1.83
C THR Q 434 -23.98 -63.09 1.39
N PHE Q 435 -25.17 -62.60 1.75
CA PHE Q 435 -26.41 -63.17 1.23
C PHE Q 435 -26.69 -62.67 -0.18
N ARG Q 436 -27.16 -63.56 -1.06
CA ARG Q 436 -27.57 -63.19 -2.41
C ARG Q 436 -29.04 -62.78 -2.46
N SER Q 437 -29.34 -61.82 -3.33
CA SER Q 437 -30.72 -61.45 -3.59
C SER Q 437 -31.39 -62.49 -4.47
N THR Q 438 -32.62 -62.87 -4.12
CA THR Q 438 -33.30 -63.96 -4.80
C THR Q 438 -34.80 -63.87 -4.55
N ARG Q 439 -35.56 -64.66 -5.31
CA ARG Q 439 -36.99 -64.81 -5.10
C ARG Q 439 -37.39 -66.24 -4.74
N GLN Q 440 -36.43 -67.09 -4.37
CA GLN Q 440 -36.73 -68.44 -3.91
C GLN Q 440 -36.94 -68.44 -2.41
N VAL Q 441 -38.06 -69.01 -1.96
CA VAL Q 441 -38.46 -68.89 -0.56
C VAL Q 441 -37.46 -69.57 0.37
N SER Q 442 -36.98 -70.74 -0.01
CA SER Q 442 -36.00 -71.42 0.83
C SER Q 442 -34.62 -70.76 0.82
N ASN Q 443 -34.41 -69.59 0.21
CA ASN Q 443 -33.11 -68.96 0.23
C ASN Q 443 -33.19 -67.45 0.47
N TYR Q 444 -34.26 -66.97 1.11
CA TYR Q 444 -34.36 -65.56 1.46
C TYR Q 444 -33.24 -65.17 2.44
N PRO Q 445 -32.72 -63.94 2.34
CA PRO Q 445 -31.78 -63.46 3.36
C PRO Q 445 -32.42 -63.37 4.74
N VAL Q 446 -31.61 -63.62 5.77
CA VAL Q 446 -32.08 -63.78 7.15
C VAL Q 446 -31.82 -62.48 7.92
N VAL Q 447 -32.86 -61.98 8.57
CA VAL Q 447 -32.79 -60.71 9.30
C VAL Q 447 -32.80 -60.87 10.81
N GLY Q 448 -33.11 -62.05 11.33
CA GLY Q 448 -33.05 -62.30 12.77
C GLY Q 448 -33.24 -63.76 13.08
N ALA Q 449 -32.85 -64.14 14.30
CA ALA Q 449 -32.92 -65.53 14.73
C ALA Q 449 -33.26 -65.61 16.21
N GLU Q 450 -33.91 -66.71 16.60
CA GLU Q 450 -34.29 -66.99 17.98
C GLU Q 450 -34.67 -68.46 18.07
N LEU Q 451 -34.96 -68.92 19.29
CA LEU Q 451 -35.42 -70.30 19.47
C LEU Q 451 -36.90 -70.44 19.15
N MET Q 452 -37.25 -71.55 18.55
CA MET Q 452 -38.66 -71.92 18.43
C MET Q 452 -39.26 -72.02 19.82
N PRO Q 453 -40.34 -71.31 20.12
CA PRO Q 453 -40.73 -71.06 21.54
C PRO Q 453 -41.53 -72.19 22.17
N VAL Q 454 -40.88 -73.33 22.40
CA VAL Q 454 -41.48 -74.49 23.03
C VAL Q 454 -40.57 -74.92 24.16
N PHE Q 455 -41.12 -75.14 25.36
CA PHE Q 455 -40.33 -75.39 26.55
C PHE Q 455 -40.90 -76.54 27.37
N SER Q 456 -40.02 -77.12 28.19
CA SER Q 456 -40.38 -78.20 29.10
C SER Q 456 -40.76 -77.65 30.47
N LYS Q 457 -41.74 -78.29 31.11
CA LYS Q 457 -42.16 -77.95 32.46
C LYS Q 457 -42.25 -79.20 33.32
N SER Q 458 -41.84 -79.09 34.58
CA SER Q 458 -41.75 -80.23 35.50
C SER Q 458 -42.88 -80.22 36.52
N PHE Q 459 -43.32 -81.43 36.89
CA PHE Q 459 -44.32 -81.62 37.94
C PHE Q 459 -43.87 -82.76 38.84
N TYR Q 460 -44.42 -82.79 40.05
CA TYR Q 460 -44.09 -83.83 41.03
C TYR Q 460 -45.29 -84.73 41.24
N ASN Q 461 -45.07 -86.04 41.14
CA ASN Q 461 -46.14 -87.02 41.32
C ASN Q 461 -45.70 -88.21 42.16
N HIS Q 478 -56.37 -103.49 30.28
CA HIS Q 478 -55.16 -102.69 30.18
C HIS Q 478 -54.36 -103.03 28.94
N VAL Q 479 -54.50 -102.21 27.91
CA VAL Q 479 -53.74 -102.41 26.68
C VAL Q 479 -52.26 -102.12 26.88
N PHE Q 480 -51.91 -101.34 27.90
CA PHE Q 480 -50.52 -101.01 28.18
C PHE Q 480 -49.87 -101.96 29.19
N ASN Q 481 -50.56 -103.04 29.56
CA ASN Q 481 -49.98 -104.07 30.42
C ASN Q 481 -50.60 -105.40 30.00
N ARG Q 482 -49.93 -106.07 29.06
CA ARG Q 482 -50.41 -107.33 28.48
C ARG Q 482 -49.75 -108.56 29.10
N PHE Q 483 -48.68 -108.38 29.86
CA PHE Q 483 -47.99 -109.48 30.53
C PHE Q 483 -47.79 -109.09 32.00
N PRO Q 484 -48.88 -109.02 32.76
CA PRO Q 484 -48.75 -108.57 34.16
C PRO Q 484 -47.84 -109.47 34.99
N GLU Q 485 -47.80 -110.77 34.70
CA GLU Q 485 -47.03 -111.68 35.53
C GLU Q 485 -45.54 -111.59 35.27
N ASN Q 486 -45.13 -111.33 34.03
CA ASN Q 486 -43.73 -111.47 33.63
C ASN Q 486 -42.91 -110.30 34.19
N GLN Q 487 -41.87 -110.63 34.95
CA GLN Q 487 -41.06 -109.59 35.58
C GLN Q 487 -40.27 -108.76 34.57
N ILE Q 488 -40.01 -109.29 33.38
CA ILE Q 488 -39.29 -108.54 32.36
C ILE Q 488 -40.23 -107.69 31.52
N LEU Q 489 -41.42 -108.20 31.23
CA LEU Q 489 -42.38 -107.55 30.35
C LEU Q 489 -43.45 -106.78 31.11
N ILE Q 490 -43.28 -106.59 32.42
CA ILE Q 490 -44.22 -105.78 33.17
C ILE Q 490 -44.14 -104.31 32.71
N ARG Q 491 -45.25 -103.59 32.89
CA ARG Q 491 -45.29 -102.18 32.53
C ARG Q 491 -44.32 -101.37 33.38
N PRO Q 492 -43.50 -100.52 32.79
CA PRO Q 492 -42.46 -99.85 33.57
C PRO Q 492 -43.07 -98.93 34.61
N PRO Q 493 -42.41 -98.77 35.75
CA PRO Q 493 -42.86 -97.79 36.73
C PRO Q 493 -42.70 -96.36 36.22
N ALA Q 494 -43.58 -95.48 36.70
CA ALA Q 494 -43.59 -94.07 36.30
C ALA Q 494 -42.62 -93.27 37.16
N PRO Q 495 -41.91 -92.30 36.58
CA PRO Q 495 -40.99 -91.48 37.38
C PRO Q 495 -41.76 -90.59 38.35
N THR Q 496 -41.09 -90.25 39.45
CA THR Q 496 -41.63 -89.27 40.38
C THR Q 496 -41.56 -87.84 39.85
N ILE Q 497 -40.84 -87.61 38.75
CA ILE Q 497 -40.79 -86.31 38.07
C ILE Q 497 -41.32 -86.48 36.66
N THR Q 498 -42.40 -85.75 36.33
CA THR Q 498 -43.01 -85.79 35.01
C THR Q 498 -42.79 -84.47 34.30
N THR Q 499 -42.46 -84.53 33.00
CA THR Q 499 -42.23 -83.34 32.20
C THR Q 499 -43.17 -83.33 30.99
N VAL Q 500 -43.69 -82.14 30.67
CA VAL Q 500 -44.57 -81.93 29.52
C VAL Q 500 -44.10 -80.66 28.80
N SER Q 501 -44.41 -80.57 27.51
CA SER Q 501 -43.97 -79.45 26.68
C SER Q 501 -45.07 -78.41 26.52
N GLU Q 502 -44.68 -77.14 26.49
CA GLU Q 502 -45.59 -76.00 26.46
C GLU Q 502 -45.19 -75.01 25.39
N ASN Q 503 -46.17 -74.28 24.87
CA ASN Q 503 -45.97 -73.18 23.95
C ASN Q 503 -46.12 -71.86 24.71
N VAL Q 504 -45.11 -71.01 24.64
CA VAL Q 504 -45.07 -69.74 25.38
C VAL Q 504 -44.84 -68.61 24.38
N PRO Q 505 -45.68 -67.56 24.38
CA PRO Q 505 -45.47 -66.47 23.42
C PRO Q 505 -44.14 -65.78 23.62
N ALA Q 506 -43.50 -65.43 22.51
CA ALA Q 506 -42.14 -64.92 22.49
C ALA Q 506 -42.12 -63.48 22.02
N LEU Q 507 -41.49 -62.60 22.80
CA LEU Q 507 -41.38 -61.18 22.53
C LEU Q 507 -39.90 -60.85 22.41
N THR Q 508 -39.47 -60.42 21.24
CA THR Q 508 -38.04 -60.35 20.93
C THR Q 508 -37.67 -59.00 20.33
N ASP Q 509 -36.54 -58.46 20.80
CA ASP Q 509 -35.92 -57.26 20.23
C ASP Q 509 -34.71 -57.70 19.41
N HIS Q 510 -34.74 -57.42 18.10
CA HIS Q 510 -33.69 -57.85 17.19
C HIS Q 510 -32.66 -56.77 16.88
N GLY Q 511 -32.75 -55.60 17.48
CA GLY Q 511 -31.82 -54.52 17.21
C GLY Q 511 -32.14 -53.76 15.93
N THR Q 512 -31.16 -52.96 15.49
CA THR Q 512 -31.31 -52.06 14.35
C THR Q 512 -30.64 -52.63 13.11
N LEU Q 513 -31.35 -52.59 11.97
CA LEU Q 513 -30.85 -53.06 10.69
C LEU Q 513 -31.03 -51.99 9.61
N PRO Q 514 -30.13 -51.95 8.63
CA PRO Q 514 -30.26 -50.96 7.54
C PRO Q 514 -31.52 -51.15 6.72
N LEU Q 515 -32.14 -50.04 6.37
CA LEU Q 515 -33.47 -49.97 5.76
C LEU Q 515 -33.36 -49.47 4.33
N ARG Q 516 -34.22 -49.98 3.44
CA ARG Q 516 -34.27 -49.48 2.07
C ARG Q 516 -34.89 -48.07 2.03
N SER Q 517 -34.42 -47.25 1.10
CA SER Q 517 -34.87 -45.86 1.02
C SER Q 517 -36.29 -45.73 0.49
N SER Q 518 -36.75 -46.68 -0.32
CA SER Q 518 -38.11 -46.65 -0.86
C SER Q 518 -38.80 -47.95 -0.51
N ILE Q 519 -39.97 -47.86 0.13
CA ILE Q 519 -40.69 -49.00 0.66
C ILE Q 519 -42.03 -49.10 -0.08
N ARG Q 520 -42.28 -50.24 -0.69
CA ARG Q 520 -43.54 -50.48 -1.37
C ARG Q 520 -44.66 -50.77 -0.37
N GLY Q 521 -45.90 -50.58 -0.85
CA GLY Q 521 -47.07 -50.69 0.01
C GLY Q 521 -47.42 -52.10 0.43
N VAL Q 522 -46.99 -53.11 -0.32
CA VAL Q 522 -47.26 -54.51 0.00
C VAL Q 522 -45.94 -55.19 0.35
N GLN Q 523 -45.91 -55.90 1.47
CA GLN Q 523 -44.69 -56.47 2.04
C GLN Q 523 -44.87 -57.97 2.31
N ARG Q 524 -43.79 -58.72 2.16
CA ARG Q 524 -43.76 -60.15 2.43
C ARG Q 524 -43.11 -60.44 3.77
N VAL Q 525 -43.71 -61.36 4.53
CA VAL Q 525 -43.22 -61.78 5.84
C VAL Q 525 -43.06 -63.30 5.84
N THR Q 526 -41.89 -63.79 6.25
CA THR Q 526 -41.59 -65.22 6.20
C THR Q 526 -40.87 -65.69 7.47
N VAL Q 527 -41.24 -66.88 7.94
CA VAL Q 527 -40.60 -67.55 9.07
C VAL Q 527 -40.24 -68.97 8.66
N THR Q 528 -38.96 -69.34 8.78
CA THR Q 528 -38.49 -70.68 8.39
C THR Q 528 -37.62 -71.30 9.49
N ASP Q 529 -37.49 -72.63 9.42
CA ASP Q 529 -36.73 -73.39 10.40
C ASP Q 529 -35.28 -73.58 9.94
N ALA Q 530 -34.55 -74.45 10.63
CA ALA Q 530 -33.12 -74.61 10.38
C ALA Q 530 -32.84 -75.21 9.00
N ARG Q 531 -33.73 -76.05 8.49
CA ARG Q 531 -33.60 -76.59 7.15
C ARG Q 531 -34.25 -75.72 6.09
N ARG Q 532 -34.69 -74.51 6.48
CA ARG Q 532 -35.30 -73.53 5.59
C ARG Q 532 -36.64 -74.00 5.02
N ARG Q 533 -37.43 -74.69 5.83
CA ARG Q 533 -38.84 -74.95 5.53
C ARG Q 533 -39.70 -74.01 6.36
N THR Q 534 -40.87 -73.65 5.82
CA THR Q 534 -41.84 -72.92 6.62
C THR Q 534 -42.43 -73.82 7.68
N CYS Q 535 -42.88 -73.22 8.78
CA CYS Q 535 -43.41 -73.98 9.91
C CYS Q 535 -44.93 -73.89 9.96
N PRO Q 536 -45.65 -75.00 9.78
CA PRO Q 536 -47.12 -74.94 9.83
C PRO Q 536 -47.71 -74.71 11.21
N TYR Q 537 -46.92 -74.66 12.27
CA TYR Q 537 -47.46 -74.50 13.61
C TYR Q 537 -47.39 -73.06 14.12
N VAL Q 538 -46.97 -72.12 13.30
CA VAL Q 538 -47.10 -70.70 13.65
C VAL Q 538 -48.52 -70.26 13.35
N TYR Q 539 -49.18 -69.62 14.32
CA TYR Q 539 -50.50 -69.07 14.04
C TYR Q 539 -50.65 -67.60 14.43
N LYS Q 540 -49.58 -66.93 14.85
CA LYS Q 540 -49.62 -65.49 15.11
C LYS Q 540 -48.21 -64.95 14.98
N ALA Q 541 -48.05 -63.94 14.13
CA ALA Q 541 -46.75 -63.30 13.91
C ALA Q 541 -46.96 -61.83 13.57
N LEU Q 542 -46.33 -60.94 14.33
CA LEU Q 542 -46.42 -59.50 14.12
C LEU Q 542 -45.03 -58.88 14.14
N GLY Q 543 -44.88 -57.79 13.40
CA GLY Q 543 -43.65 -57.02 13.42
C GLY Q 543 -43.92 -55.53 13.55
N ILE Q 544 -43.03 -54.86 14.26
CA ILE Q 544 -43.08 -53.41 14.45
C ILE Q 544 -41.69 -52.85 14.18
N VAL Q 545 -41.60 -51.86 13.29
CA VAL Q 545 -40.34 -51.27 12.88
C VAL Q 545 -40.34 -49.78 13.21
N ALA Q 546 -39.24 -49.29 13.76
CA ALA Q 546 -39.08 -47.86 14.10
C ALA Q 546 -37.90 -47.26 13.36
N PRO Q 547 -38.11 -46.56 12.24
CA PRO Q 547 -36.98 -46.00 11.49
C PRO Q 547 -36.31 -44.83 12.20
N ARG Q 548 -35.02 -44.65 11.89
CA ARG Q 548 -34.25 -43.49 12.34
C ARG Q 548 -33.00 -43.34 11.47
N VAL Q 549 -32.41 -42.15 11.54
CA VAL Q 549 -31.25 -41.81 10.72
C VAL Q 549 -29.99 -42.43 11.31
N LEU Q 550 -29.18 -43.07 10.45
CA LEU Q 550 -27.90 -43.66 10.86
C LEU Q 550 -26.70 -42.79 10.48
N SER Q 551 -26.62 -42.34 9.22
CA SER Q 551 -25.49 -41.50 8.81
C SER Q 551 -25.91 -40.67 7.61
N SER Q 552 -25.03 -39.74 7.25
CA SER Q 552 -25.28 -38.81 6.16
C SER Q 552 -24.89 -39.40 4.81
N ARG Q 553 -25.56 -38.94 3.77
CA ARG Q 553 -25.28 -39.27 2.37
C ARG Q 553 -25.53 -40.74 2.04
N ARG R 48 -32.56 -32.92 6.11
CA ARG R 48 -32.41 -34.24 5.50
C ARG R 48 -33.03 -35.35 6.35
N ASN R 49 -34.21 -35.08 6.94
CA ASN R 49 -34.83 -36.05 7.83
C ASN R 49 -36.33 -36.17 7.63
N SER R 50 -36.85 -35.81 6.47
CA SER R 50 -38.28 -35.85 6.23
C SER R 50 -38.74 -37.23 5.76
N ILE R 51 -40.02 -37.51 5.97
CA ILE R 51 -40.65 -38.77 5.59
C ILE R 51 -41.93 -38.44 4.83
N ARG R 52 -42.06 -38.97 3.61
CA ARG R 52 -43.11 -38.56 2.68
C ARG R 52 -43.91 -39.74 2.16
N TYR R 53 -45.19 -39.51 1.95
CA TYR R 53 -46.12 -40.50 1.43
C TYR R 53 -46.61 -40.06 0.05
N SER R 54 -46.57 -40.98 -0.92
CA SER R 54 -46.71 -40.59 -2.33
C SER R 54 -48.08 -40.04 -2.67
N GLU R 55 -49.10 -40.23 -1.84
CA GLU R 55 -50.42 -39.70 -2.14
C GLU R 55 -50.65 -38.29 -1.61
N LEU R 56 -49.66 -37.67 -0.97
CA LEU R 56 -49.81 -36.34 -0.39
C LEU R 56 -48.81 -35.37 -1.01
N SER R 57 -49.24 -34.12 -1.19
CA SER R 57 -48.40 -33.08 -1.78
C SER R 57 -48.92 -31.71 -1.36
N PRO R 58 -48.04 -30.73 -1.16
CA PRO R 58 -48.50 -29.40 -0.73
C PRO R 58 -48.95 -28.51 -1.89
N LEU R 59 -49.71 -27.47 -1.56
CA LEU R 59 -50.39 -26.63 -2.54
C LEU R 59 -49.77 -25.24 -2.64
N TYR R 60 -49.76 -24.69 -3.86
CA TYR R 60 -49.17 -23.38 -4.13
C TYR R 60 -49.98 -22.60 -5.16
N ASP R 61 -49.92 -21.27 -5.03
CA ASP R 61 -50.25 -20.22 -6.00
C ASP R 61 -51.72 -19.95 -6.32
N THR R 62 -52.62 -20.93 -6.14
CA THR R 62 -54.03 -20.75 -6.45
C THR R 62 -54.77 -22.06 -6.17
N THR R 63 -56.09 -21.95 -5.99
CA THR R 63 -56.96 -23.08 -5.69
C THR R 63 -58.40 -22.63 -5.87
N ARG R 64 -59.37 -23.44 -5.44
CA ARG R 64 -60.79 -23.09 -5.48
C ARG R 64 -61.42 -23.29 -4.11
N LEU R 65 -62.37 -22.42 -3.77
CA LEU R 65 -63.24 -22.58 -2.61
C LEU R 65 -64.70 -22.56 -3.08
N TYR R 66 -65.50 -23.49 -2.60
CA TYR R 66 -66.88 -23.66 -3.05
C TYR R 66 -67.86 -23.34 -1.93
N LEU R 67 -68.85 -22.51 -2.23
CA LEU R 67 -69.89 -22.09 -1.29
C LEU R 67 -71.23 -22.59 -1.81
N VAL R 68 -71.70 -23.70 -1.26
CA VAL R 68 -72.81 -24.47 -1.82
C VAL R 68 -73.92 -24.57 -0.79
N ASP R 69 -75.16 -24.39 -1.24
CA ASP R 69 -76.31 -24.22 -0.35
C ASP R 69 -77.07 -25.51 -0.05
N ASN R 70 -76.67 -26.67 -0.59
CA ASN R 70 -77.46 -27.89 -0.42
C ASN R 70 -76.59 -29.09 -0.11
N LYS R 71 -75.59 -28.92 0.76
CA LYS R 71 -74.85 -30.08 1.27
C LYS R 71 -75.71 -30.87 2.26
N SER R 72 -75.62 -32.19 2.18
CA SER R 72 -76.56 -33.04 2.93
C SER R 72 -76.40 -32.87 4.43
N ALA R 73 -75.17 -32.84 4.94
CA ALA R 73 -74.96 -32.73 6.37
C ALA R 73 -75.23 -31.33 6.90
N ASP R 74 -74.96 -30.29 6.10
CA ASP R 74 -75.22 -28.92 6.55
C ASP R 74 -76.70 -28.64 6.67
N ILE R 75 -77.53 -29.32 5.88
CA ILE R 75 -78.97 -29.12 5.95
C ILE R 75 -79.50 -29.52 7.32
N ALA R 76 -79.04 -30.65 7.84
CA ALA R 76 -79.60 -31.19 9.07
C ALA R 76 -79.16 -30.42 10.30
N SER R 77 -77.88 -30.03 10.37
CA SER R 77 -77.31 -29.53 11.62
C SER R 77 -77.03 -28.03 11.64
N LEU R 78 -77.18 -27.32 10.54
CA LEU R 78 -76.85 -25.89 10.55
C LEU R 78 -78.02 -24.97 10.24
N ASN R 79 -78.89 -25.34 9.30
CA ASN R 79 -79.76 -24.38 8.65
C ASN R 79 -81.24 -24.68 8.91
N TYR R 80 -81.57 -25.07 10.14
CA TYR R 80 -82.94 -25.48 10.43
C TYR R 80 -83.93 -24.32 10.32
N GLN R 81 -83.52 -23.11 10.70
CA GLN R 81 -84.39 -21.95 10.67
C GLN R 81 -84.06 -20.96 9.56
N ASN R 82 -83.27 -21.35 8.56
CA ASN R 82 -82.78 -20.44 7.53
C ASN R 82 -83.49 -20.68 6.20
N ASP R 83 -83.17 -19.85 5.21
CA ASP R 83 -83.63 -20.06 3.84
C ASP R 83 -82.47 -19.72 2.89
N HIS R 84 -82.72 -19.87 1.59
CA HIS R 84 -81.65 -19.75 0.60
C HIS R 84 -81.12 -18.33 0.45
N SER R 85 -81.80 -17.33 1.00
CA SER R 85 -81.30 -15.97 0.98
C SER R 85 -80.32 -15.67 2.12
N ASN R 86 -80.28 -16.51 3.17
CA ASN R 86 -79.40 -16.26 4.33
C ASN R 86 -79.14 -17.59 5.03
N PHE R 87 -77.97 -18.18 4.79
CA PHE R 87 -77.70 -19.54 5.27
C PHE R 87 -76.23 -19.69 5.64
N LEU R 88 -75.91 -20.83 6.23
CA LEU R 88 -74.55 -21.20 6.61
C LEU R 88 -74.10 -22.41 5.80
N THR R 89 -72.80 -22.47 5.50
CA THR R 89 -72.24 -23.59 4.76
C THR R 89 -70.80 -23.82 5.18
N THR R 90 -70.29 -25.01 4.90
CA THR R 90 -68.93 -25.40 5.23
C THR R 90 -68.06 -25.38 3.98
N VAL R 91 -66.90 -24.74 4.07
CA VAL R 91 -65.95 -24.75 2.97
C VAL R 91 -64.95 -25.90 3.07
N VAL R 92 -64.99 -26.67 4.15
CA VAL R 92 -64.17 -27.88 4.28
C VAL R 92 -64.90 -29.02 3.58
N GLN R 93 -64.24 -29.63 2.59
CA GLN R 93 -64.83 -30.68 1.76
C GLN R 93 -64.32 -32.07 2.13
N ASN R 94 -64.11 -32.36 3.41
CA ASN R 94 -63.51 -33.61 3.89
C ASN R 94 -64.51 -34.28 4.82
N ASN R 95 -65.05 -35.42 4.40
CA ASN R 95 -66.13 -36.07 5.12
C ASN R 95 -65.66 -36.92 6.31
N ASP R 96 -64.38 -36.82 6.69
CA ASP R 96 -63.94 -37.40 7.95
C ASP R 96 -64.45 -36.63 9.16
N PHE R 97 -65.06 -35.45 8.95
CA PHE R 97 -65.51 -34.59 10.03
C PHE R 97 -66.94 -34.15 9.79
N THR R 98 -67.67 -33.93 10.87
CA THR R 98 -68.99 -33.31 10.81
C THR R 98 -68.86 -31.80 10.67
N PRO R 99 -69.93 -31.12 10.22
CA PRO R 99 -69.85 -29.66 10.10
C PRO R 99 -69.54 -28.96 11.41
N THR R 100 -70.05 -29.48 12.53
CA THR R 100 -69.74 -28.89 13.83
C THR R 100 -68.24 -28.97 14.12
N GLU R 101 -67.63 -30.12 13.87
CA GLU R 101 -66.19 -30.25 14.03
C GLU R 101 -65.44 -29.34 13.05
N ALA R 102 -65.94 -29.24 11.82
CA ALA R 102 -65.27 -28.43 10.80
C ALA R 102 -65.26 -26.95 11.16
N SER R 103 -66.21 -26.50 11.98
CA SER R 103 -66.33 -25.07 12.27
C SER R 103 -65.09 -24.52 12.98
N THR R 104 -64.36 -25.36 13.71
CA THR R 104 -63.17 -24.90 14.40
C THR R 104 -61.90 -24.99 13.57
N GLN R 105 -61.94 -25.61 12.39
CA GLN R 105 -60.75 -25.72 11.54
C GLN R 105 -60.57 -24.45 10.72
N THR R 106 -59.36 -24.29 10.16
CA THR R 106 -59.03 -23.10 9.38
C THR R 106 -58.27 -23.47 8.12
N ILE R 107 -58.31 -22.57 7.14
CA ILE R 107 -57.48 -22.58 5.95
C ILE R 107 -56.62 -21.34 5.97
N ASN R 108 -55.31 -21.49 5.78
CA ASN R 108 -54.37 -20.40 6.01
C ASN R 108 -53.59 -20.08 4.74
N PHE R 109 -53.66 -18.83 4.31
CA PHE R 109 -52.90 -18.32 3.16
C PHE R 109 -51.68 -17.58 3.69
N ASP R 110 -50.52 -17.80 3.05
CA ASP R 110 -49.24 -17.40 3.63
C ASP R 110 -49.24 -15.92 4.03
N GLU R 111 -48.88 -15.67 5.29
CA GLU R 111 -49.00 -14.33 5.88
C GLU R 111 -47.96 -13.35 5.35
N ARG R 112 -46.97 -13.81 4.60
CA ARG R 112 -46.01 -12.90 3.99
C ARG R 112 -46.50 -12.30 2.67
N SER R 113 -47.73 -12.58 2.26
CA SER R 113 -48.35 -11.97 1.09
C SER R 113 -49.73 -11.46 1.46
N ARG R 114 -50.23 -10.52 0.67
CA ARG R 114 -51.62 -10.10 0.71
C ARG R 114 -52.36 -10.80 -0.44
N TRP R 115 -53.52 -11.36 -0.14
CA TRP R 115 -54.23 -12.21 -1.08
C TRP R 115 -55.55 -11.58 -1.52
N GLY R 116 -55.96 -11.88 -2.75
CA GLY R 116 -57.26 -11.49 -3.25
C GLY R 116 -58.00 -12.68 -3.82
N GLY R 117 -59.30 -12.50 -3.97
CA GLY R 117 -60.15 -13.57 -4.48
C GLY R 117 -61.11 -13.14 -5.57
N GLN R 118 -61.06 -13.81 -6.71
CA GLN R 118 -61.99 -13.54 -7.80
C GLN R 118 -63.29 -14.32 -7.57
N LEU R 119 -64.41 -13.61 -7.60
CA LEU R 119 -65.70 -14.15 -7.20
C LEU R 119 -66.66 -14.28 -8.38
N LYS R 120 -67.25 -15.47 -8.53
CA LYS R 120 -68.31 -15.73 -9.51
C LYS R 120 -69.52 -16.30 -8.79
N THR R 121 -70.71 -15.87 -9.19
CA THR R 121 -71.95 -16.31 -8.53
C THR R 121 -72.95 -16.82 -9.54
N ILE R 122 -73.84 -17.69 -9.06
CA ILE R 122 -74.97 -18.21 -9.82
C ILE R 122 -76.23 -18.07 -8.96
N MET R 123 -77.28 -17.47 -9.52
CA MET R 123 -78.51 -17.21 -8.79
C MET R 123 -79.73 -17.51 -9.64
N HIS R 124 -80.77 -18.04 -9.02
CA HIS R 124 -82.04 -18.29 -9.69
C HIS R 124 -83.21 -17.96 -8.76
N THR R 125 -84.26 -17.35 -9.31
CA THR R 125 -85.40 -16.86 -8.53
C THR R 125 -86.70 -17.40 -9.11
N ASN R 126 -87.77 -17.28 -8.32
CA ASN R 126 -89.12 -17.68 -8.74
C ASN R 126 -90.17 -16.66 -8.29
N MET R 127 -89.90 -15.37 -8.49
CA MET R 127 -90.80 -14.30 -8.02
C MET R 127 -91.97 -14.09 -8.98
N PRO R 128 -93.21 -14.05 -8.48
CA PRO R 128 -94.34 -13.62 -9.30
C PRO R 128 -94.50 -12.10 -9.27
N ASN R 129 -95.12 -11.56 -10.32
CA ASN R 129 -95.11 -10.11 -10.50
C ASN R 129 -96.11 -9.37 -9.59
N VAL R 130 -97.17 -10.02 -9.13
CA VAL R 130 -98.13 -9.40 -8.21
C VAL R 130 -98.04 -10.14 -6.88
N ASN R 131 -97.48 -9.47 -5.87
CA ASN R 131 -97.27 -10.09 -4.56
C ASN R 131 -97.21 -9.02 -3.49
N GLU R 132 -97.38 -9.46 -2.24
CA GLU R 132 -97.45 -8.54 -1.11
C GLU R 132 -96.08 -8.00 -0.70
N TYR R 133 -95.03 -8.82 -0.79
CA TYR R 133 -93.73 -8.44 -0.27
C TYR R 133 -93.14 -7.24 -1.00
N MET R 134 -93.45 -7.10 -2.29
CA MET R 134 -92.89 -6.05 -3.11
C MET R 134 -93.85 -4.87 -3.33
N PHE R 135 -94.96 -4.82 -2.60
CA PHE R 135 -95.91 -3.72 -2.64
C PHE R 135 -96.57 -3.54 -4.01
N SER R 136 -96.72 -4.63 -4.77
CA SER R 136 -97.44 -4.60 -6.02
C SER R 136 -98.82 -5.22 -5.88
N ASN R 137 -99.36 -5.21 -4.67
CA ASN R 137 -100.59 -5.91 -4.31
C ASN R 137 -101.76 -5.00 -4.03
N LYS R 138 -101.54 -3.68 -3.89
CA LYS R 138 -102.55 -2.81 -3.30
C LYS R 138 -102.42 -1.40 -3.86
N PHE R 139 -103.52 -0.66 -3.76
CA PHE R 139 -103.58 0.76 -4.10
C PHE R 139 -104.75 1.38 -3.35
N LYS R 140 -104.81 2.71 -3.35
CA LYS R 140 -105.87 3.45 -2.66
C LYS R 140 -106.66 4.30 -3.64
N ALA R 141 -107.96 4.47 -3.35
CA ALA R 141 -108.84 5.26 -4.21
C ALA R 141 -109.98 5.82 -3.38
N ARG R 142 -110.62 6.86 -3.93
CA ARG R 142 -111.74 7.53 -3.29
C ARG R 142 -112.99 7.37 -4.16
N VAL R 143 -114.03 6.74 -3.59
CA VAL R 143 -115.25 6.44 -4.31
C VAL R 143 -116.44 6.97 -3.52
N MET R 144 -117.63 6.85 -4.11
CA MET R 144 -118.86 7.36 -3.51
C MET R 144 -119.53 6.28 -2.67
N VAL R 145 -119.86 6.64 -1.43
CA VAL R 145 -120.45 5.69 -0.49
C VAL R 145 -121.95 5.87 -0.33
N SER R 146 -122.47 7.09 -0.48
CA SER R 146 -123.88 7.35 -0.29
C SER R 146 -124.35 8.46 -1.22
N ARG R 147 -125.47 8.22 -1.90
CA ARG R 147 -126.25 9.29 -2.50
C ARG R 147 -127.27 9.76 -1.46
N LYS R 148 -128.24 10.57 -1.87
CA LYS R 148 -129.25 11.04 -0.93
C LYS R 148 -130.17 9.91 -0.50
N ASP R 171 -129.75 16.43 -3.95
CA ASP R 171 -129.03 15.23 -3.54
C ASP R 171 -127.67 15.58 -2.91
N ILE R 172 -127.36 14.92 -1.81
CA ILE R 172 -126.08 15.10 -1.11
C ILE R 172 -125.27 13.82 -1.30
N LEU R 173 -124.01 13.98 -1.71
CA LEU R 173 -123.13 12.87 -2.06
C LEU R 173 -121.98 12.79 -1.08
N LYS R 174 -121.67 11.58 -0.63
CA LYS R 174 -120.59 11.33 0.32
C LYS R 174 -119.54 10.43 -0.29
N TYR R 175 -118.27 10.74 -0.03
CA TYR R 175 -117.14 10.00 -0.57
C TYR R 175 -116.20 9.61 0.56
N GLU R 176 -115.41 8.56 0.33
CA GLU R 176 -114.48 8.07 1.33
C GLU R 176 -113.32 7.34 0.66
N TRP R 177 -112.17 7.30 1.36
CA TRP R 177 -110.98 6.60 0.90
C TRP R 177 -110.99 5.16 1.40
N PHE R 178 -110.48 4.27 0.56
CA PHE R 178 -110.32 2.86 0.90
C PHE R 178 -109.00 2.35 0.34
N GLU R 179 -108.56 1.20 0.85
CA GLU R 179 -107.42 0.48 0.31
C GLU R 179 -107.90 -0.84 -0.29
N PHE R 180 -107.48 -1.13 -1.51
CA PHE R 180 -107.94 -2.27 -2.28
C PHE R 180 -106.83 -3.30 -2.42
N ILE R 181 -107.19 -4.59 -2.36
CA ILE R 181 -106.22 -5.68 -2.36
C ILE R 181 -106.55 -6.64 -3.51
N LEU R 182 -105.50 -7.03 -4.27
CA LEU R 182 -105.54 -8.01 -5.34
C LEU R 182 -105.03 -9.35 -4.85
N PRO R 183 -105.46 -10.46 -5.45
CA PRO R 183 -104.86 -11.76 -5.12
C PRO R 183 -103.55 -11.98 -5.87
N GLU R 184 -102.68 -12.79 -5.27
CA GLU R 184 -101.31 -12.93 -5.74
C GLU R 184 -101.19 -13.94 -6.89
N GLY R 185 -100.21 -13.71 -7.75
CA GLY R 185 -99.99 -14.54 -8.91
C GLY R 185 -99.13 -13.83 -9.93
N ASN R 186 -98.90 -14.51 -11.04
CA ASN R 186 -98.06 -14.01 -12.14
C ASN R 186 -98.95 -13.75 -13.35
N PHE R 187 -99.27 -12.48 -13.60
CA PHE R 187 -100.29 -12.11 -14.56
C PHE R 187 -99.72 -11.18 -15.63
N SER R 188 -100.37 -11.19 -16.80
CA SER R 188 -100.05 -10.21 -17.82
C SER R 188 -100.64 -8.85 -17.45
N ALA R 189 -100.25 -7.83 -18.22
CA ALA R 189 -100.68 -6.47 -17.91
C ALA R 189 -102.18 -6.28 -18.09
N THR R 190 -102.76 -6.86 -19.14
CA THR R 190 -104.20 -6.75 -19.33
C THR R 190 -104.97 -7.46 -18.23
N MET R 191 -104.52 -8.66 -17.85
CA MET R 191 -105.18 -9.39 -16.77
C MET R 191 -105.07 -8.65 -15.44
N THR R 192 -103.96 -7.93 -15.21
CA THR R 192 -103.83 -7.16 -13.99
C THR R 192 -104.84 -6.02 -13.93
N ILE R 193 -105.07 -5.35 -15.07
CA ILE R 193 -106.02 -4.25 -15.11
C ILE R 193 -107.45 -4.74 -14.87
N ASP R 194 -107.78 -5.95 -15.34
CA ASP R 194 -109.09 -6.52 -15.03
C ASP R 194 -109.27 -6.72 -13.53
N LEU R 195 -108.22 -7.16 -12.84
CA LEU R 195 -108.32 -7.40 -11.41
C LEU R 195 -108.51 -6.10 -10.63
N MET R 196 -107.89 -5.01 -11.08
CA MET R 196 -108.07 -3.72 -10.42
C MET R 196 -109.50 -3.20 -10.57
N ASN R 197 -110.09 -3.36 -11.77
CA ASN R 197 -111.50 -2.99 -11.95
C ASN R 197 -112.41 -3.85 -11.07
N ASN R 198 -112.12 -5.15 -10.99
CA ASN R 198 -112.93 -6.05 -10.18
C ASN R 198 -112.88 -5.67 -8.71
N ALA R 199 -111.75 -5.18 -8.22
CA ALA R 199 -111.66 -4.75 -6.83
C ALA R 199 -112.56 -3.55 -6.56
N ILE R 200 -112.62 -2.59 -7.49
CA ILE R 200 -113.47 -1.43 -7.33
C ILE R 200 -114.94 -1.86 -7.23
N ILE R 201 -115.35 -2.77 -8.12
CA ILE R 201 -116.75 -3.17 -8.18
C ILE R 201 -117.18 -3.93 -6.94
N ASP R 202 -116.30 -4.76 -6.38
CA ASP R 202 -116.63 -5.48 -5.15
C ASP R 202 -116.86 -4.54 -3.98
N ASN R 203 -116.28 -3.35 -4.01
CA ASN R 203 -116.60 -2.33 -3.01
C ASN R 203 -117.97 -1.73 -3.24
N TYR R 204 -118.39 -1.61 -4.50
CA TYR R 204 -119.71 -1.07 -4.80
C TYR R 204 -120.82 -2.08 -4.51
N LEU R 205 -120.50 -3.36 -4.40
CA LEU R 205 -121.51 -4.36 -4.07
C LEU R 205 -121.66 -4.58 -2.57
N GLU R 206 -120.62 -4.28 -1.78
CA GLU R 206 -120.65 -4.46 -0.34
C GLU R 206 -121.11 -3.20 0.39
N ILE R 207 -120.68 -2.04 -0.07
CA ILE R 207 -121.13 -0.73 0.39
C ILE R 207 -121.73 -0.11 -0.86
N GLY R 208 -122.20 1.12 -0.79
CA GLY R 208 -122.61 1.73 -2.04
C GLY R 208 -124.00 1.30 -2.45
N ARG R 209 -124.07 0.29 -3.32
CA ARG R 209 -125.33 -0.19 -3.90
C ARG R 209 -126.47 -0.24 -2.89
N GLN R 210 -126.22 -0.72 -1.68
CA GLN R 210 -127.26 -0.77 -0.66
C GLN R 210 -127.52 0.58 0.00
N ASN R 211 -126.81 1.64 -0.39
CA ASN R 211 -127.01 2.97 0.16
C ASN R 211 -127.39 3.98 -0.92
N GLY R 212 -127.93 3.52 -2.05
CA GLY R 212 -128.56 4.39 -3.01
C GLY R 212 -127.73 4.87 -4.18
N VAL R 213 -126.50 4.36 -4.36
CA VAL R 213 -125.71 4.74 -5.52
C VAL R 213 -126.10 3.83 -6.68
N LEU R 214 -126.13 4.40 -7.88
CA LEU R 214 -126.52 3.66 -9.06
C LEU R 214 -125.28 3.16 -9.80
N GLU R 215 -125.51 2.21 -10.72
CA GLU R 215 -124.41 1.75 -11.56
C GLU R 215 -124.23 2.71 -12.72
N SER R 216 -124.20 4.01 -12.42
CA SER R 216 -123.82 5.04 -13.37
C SER R 216 -123.02 6.15 -12.68
N ASP R 217 -122.67 5.97 -11.41
CA ASP R 217 -121.86 6.91 -10.66
C ASP R 217 -120.67 6.25 -9.98
N ILE R 218 -120.18 5.15 -10.55
CA ILE R 218 -119.07 4.40 -9.94
C ILE R 218 -117.88 5.31 -9.69
N GLY R 219 -117.31 5.87 -10.75
CA GLY R 219 -116.38 6.98 -10.59
C GLY R 219 -114.90 6.68 -10.72
N VAL R 220 -114.50 5.42 -10.77
CA VAL R 220 -113.09 5.05 -11.00
C VAL R 220 -113.06 3.86 -11.94
N LYS R 221 -112.39 4.01 -13.08
CA LYS R 221 -112.22 2.91 -14.02
C LYS R 221 -110.86 3.01 -14.71
N PHE R 222 -110.26 1.85 -14.98
CA PHE R 222 -108.99 1.77 -15.70
C PHE R 222 -109.26 1.26 -17.12
N ASP R 223 -108.83 2.03 -18.12
CA ASP R 223 -109.16 1.75 -19.51
C ASP R 223 -107.90 1.77 -20.37
N THR R 224 -108.08 1.54 -21.68
CA THR R 224 -106.99 1.57 -22.64
C THR R 224 -107.30 2.36 -23.90
N ARG R 225 -108.50 2.93 -24.03
CA ARG R 225 -108.95 3.48 -25.31
C ARG R 225 -108.57 4.94 -25.47
N ASN R 226 -108.57 5.40 -26.72
CA ASN R 226 -108.40 6.80 -27.05
C ASN R 226 -109.78 7.36 -27.34
N PHE R 227 -110.42 7.92 -26.33
CA PHE R 227 -111.69 8.59 -26.54
C PHE R 227 -111.45 9.83 -27.41
N ARG R 228 -112.51 10.27 -28.08
CA ARG R 228 -112.51 11.39 -29.04
C ARG R 228 -111.74 11.10 -30.32
N LEU R 229 -111.53 9.83 -30.66
CA LEU R 229 -110.87 9.50 -31.93
C LEU R 229 -111.71 9.94 -33.13
N GLY R 230 -112.98 9.55 -33.16
CA GLY R 230 -113.83 9.88 -34.29
C GLY R 230 -114.56 11.21 -34.15
N TRP R 231 -113.94 12.15 -33.44
CA TRP R 231 -114.54 13.44 -33.15
C TRP R 231 -114.65 14.29 -34.42
N ASP R 232 -115.71 15.10 -34.49
CA ASP R 232 -115.97 15.94 -35.64
C ASP R 232 -115.86 17.40 -35.24
N PRO R 233 -115.11 18.22 -35.98
CA PRO R 233 -114.85 19.60 -35.54
C PRO R 233 -116.07 20.51 -35.63
N GLU R 234 -117.11 20.13 -36.38
CA GLU R 234 -118.30 20.98 -36.51
C GLU R 234 -119.37 20.60 -35.48
N THR R 235 -119.80 19.33 -35.49
CA THR R 235 -120.81 18.88 -34.55
C THR R 235 -120.26 18.65 -33.15
N LYS R 236 -118.94 18.48 -33.02
CA LYS R 236 -118.28 18.28 -31.72
C LYS R 236 -118.85 17.07 -30.98
N LEU R 237 -119.15 16.01 -31.71
CA LEU R 237 -119.61 14.76 -31.13
C LEU R 237 -118.94 13.60 -31.85
N ILE R 238 -118.96 12.42 -31.21
CA ILE R 238 -118.37 11.22 -31.79
C ILE R 238 -119.38 10.69 -32.81
N MET R 239 -119.14 10.97 -34.09
CA MET R 239 -120.13 10.66 -35.12
C MET R 239 -120.50 9.19 -35.22
N PRO R 240 -119.59 8.22 -35.13
CA PRO R 240 -120.01 6.81 -35.27
C PRO R 240 -121.01 6.35 -34.22
N GLY R 241 -121.13 7.03 -33.09
CA GLY R 241 -122.00 6.60 -32.03
C GLY R 241 -121.41 5.62 -31.06
N VAL R 242 -120.20 5.11 -31.31
CA VAL R 242 -119.46 4.28 -30.39
C VAL R 242 -118.00 4.71 -30.41
N TYR R 243 -117.37 4.70 -29.23
CA TYR R 243 -115.95 5.01 -29.16
C TYR R 243 -115.14 3.92 -29.84
N THR R 244 -114.02 4.32 -30.45
CA THR R 244 -113.17 3.37 -31.16
C THR R 244 -112.64 2.32 -30.20
N TYR R 245 -112.78 1.04 -30.59
CA TYR R 245 -112.48 -0.07 -29.70
C TYR R 245 -111.07 -0.62 -29.95
N GLU R 246 -110.07 0.26 -29.80
CA GLU R 246 -108.67 -0.09 -30.00
C GLU R 246 -107.85 0.36 -28.79
N ALA R 247 -106.81 -0.43 -28.48
CA ALA R 247 -105.96 -0.16 -27.34
C ALA R 247 -104.80 0.75 -27.72
N PHE R 248 -104.58 1.79 -26.93
CA PHE R 248 -103.51 2.75 -27.16
C PHE R 248 -102.48 2.79 -26.04
N HIS R 249 -102.93 2.96 -24.79
CA HIS R 249 -102.10 3.10 -23.61
C HIS R 249 -103.01 3.06 -22.39
N PRO R 250 -102.60 2.44 -21.29
CA PRO R 250 -103.46 2.39 -20.10
C PRO R 250 -103.79 3.79 -19.58
N ASP R 251 -105.01 3.92 -19.05
CA ASP R 251 -105.62 5.21 -18.78
C ASP R 251 -106.46 5.13 -17.51
N ILE R 252 -106.71 6.30 -16.91
CA ILE R 252 -107.52 6.46 -15.70
C ILE R 252 -108.68 7.38 -16.02
N VAL R 253 -109.91 6.94 -15.69
CA VAL R 253 -111.13 7.69 -15.94
C VAL R 253 -111.80 8.01 -14.61
N LEU R 254 -112.17 9.28 -14.41
CA LEU R 254 -112.66 9.75 -13.12
C LEU R 254 -113.95 10.55 -13.28
N LEU R 255 -114.79 10.51 -12.24
CA LEU R 255 -115.97 11.33 -11.99
C LEU R 255 -115.68 12.36 -10.91
N PRO R 256 -116.46 13.44 -10.81
CA PRO R 256 -116.17 14.46 -9.82
C PRO R 256 -116.19 13.90 -8.40
N GLY R 257 -115.26 14.38 -7.58
CA GLY R 257 -115.15 13.93 -6.20
C GLY R 257 -114.28 12.70 -5.97
N CYS R 258 -113.75 12.09 -7.02
CA CYS R 258 -113.00 10.84 -6.89
C CYS R 258 -111.52 11.07 -7.15
N GLY R 259 -110.72 10.02 -6.98
CA GLY R 259 -109.29 10.09 -7.21
C GLY R 259 -108.62 8.79 -6.83
N VAL R 260 -107.34 8.69 -7.23
CA VAL R 260 -106.50 7.54 -6.90
C VAL R 260 -105.19 8.04 -6.30
N ASP R 261 -104.57 7.20 -5.48
CA ASP R 261 -103.34 7.56 -4.77
C ASP R 261 -102.36 6.39 -4.82
N PHE R 262 -101.17 6.63 -5.40
CA PHE R 262 -100.18 5.59 -5.58
C PHE R 262 -98.96 5.78 -4.69
N THR R 263 -99.11 6.43 -3.54
CA THR R 263 -97.96 6.72 -2.68
C THR R 263 -97.31 5.44 -2.17
N GLU R 264 -98.11 4.42 -1.86
CA GLU R 264 -97.59 3.19 -1.29
C GLU R 264 -97.85 2.01 -2.22
N SER R 265 -97.58 2.18 -3.51
CA SER R 265 -97.91 1.18 -4.51
C SER R 265 -96.92 1.27 -5.67
N ARG R 266 -96.66 0.13 -6.30
CA ARG R 266 -95.81 0.08 -7.48
C ARG R 266 -96.60 -0.18 -8.75
N LEU R 267 -97.92 -0.12 -8.69
CA LEU R 267 -98.75 -0.38 -9.85
C LEU R 267 -98.79 0.78 -10.85
N SER R 268 -98.29 1.95 -10.47
CA SER R 268 -98.18 3.04 -11.44
C SER R 268 -97.13 2.76 -12.51
N ASN R 269 -96.10 1.96 -12.20
CA ASN R 269 -95.13 1.56 -13.22
C ASN R 269 -95.76 0.65 -14.27
N LEU R 270 -96.66 -0.25 -13.85
CA LEU R 270 -97.34 -1.10 -14.80
C LEU R 270 -98.30 -0.32 -15.70
N LEU R 271 -98.84 0.80 -15.20
CA LEU R 271 -99.72 1.63 -16.00
C LEU R 271 -98.98 2.55 -16.95
N GLY R 272 -97.67 2.74 -16.77
CA GLY R 272 -96.95 3.66 -17.61
C GLY R 272 -97.21 5.13 -17.34
N ILE R 273 -97.47 5.49 -16.08
CA ILE R 273 -97.67 6.87 -15.67
C ILE R 273 -96.69 7.16 -14.54
N ARG R 274 -95.82 8.15 -14.73
CA ARG R 274 -94.76 8.46 -13.77
C ARG R 274 -94.68 9.97 -13.56
N LYS R 275 -93.98 10.36 -12.49
CA LYS R 275 -93.79 11.76 -12.13
C LYS R 275 -92.50 12.31 -12.73
N ARG R 276 -92.54 13.56 -13.19
CA ARG R 276 -91.36 14.22 -13.70
C ARG R 276 -90.36 14.57 -12.61
N HIS R 277 -90.79 14.59 -11.35
CA HIS R 277 -89.91 14.80 -10.19
C HIS R 277 -90.05 13.57 -9.31
N PRO R 278 -89.35 12.48 -9.65
CA PRO R 278 -89.63 11.20 -8.99
C PRO R 278 -89.13 11.10 -7.56
N PHE R 279 -88.33 12.05 -7.08
CA PHE R 279 -87.84 12.00 -5.71
C PHE R 279 -88.71 12.79 -4.73
N GLN R 280 -89.80 13.39 -5.19
CA GLN R 280 -90.72 14.09 -4.30
C GLN R 280 -91.81 13.12 -3.85
N GLU R 281 -91.99 12.98 -2.53
CA GLU R 281 -92.91 12.00 -1.99
C GLU R 281 -94.35 12.36 -2.30
N GLY R 282 -95.18 11.34 -2.54
CA GLY R 282 -96.59 11.53 -2.77
C GLY R 282 -96.99 11.52 -4.24
N PHE R 283 -97.99 10.71 -4.58
CA PHE R 283 -98.47 10.59 -5.96
C PHE R 283 -99.99 10.43 -5.92
N LYS R 284 -100.71 11.53 -6.08
CA LYS R 284 -102.17 11.53 -6.08
C LYS R 284 -102.68 12.22 -7.33
N ILE R 285 -103.73 11.66 -7.93
CA ILE R 285 -104.38 12.23 -9.11
C ILE R 285 -105.86 12.34 -8.83
N MET R 286 -106.37 13.57 -8.77
CA MET R 286 -107.77 13.84 -8.45
C MET R 286 -108.50 14.40 -9.66
N TYR R 287 -109.82 14.48 -9.55
CA TYR R 287 -110.64 14.96 -10.67
C TYR R 287 -110.30 16.39 -11.05
N GLU R 288 -109.90 17.21 -10.09
CA GLU R 288 -109.56 18.60 -10.38
C GLU R 288 -108.23 18.75 -11.12
N ASP R 289 -107.39 17.73 -11.14
CA ASP R 289 -106.11 17.80 -11.83
C ASP R 289 -106.21 17.42 -13.30
N LEU R 290 -107.34 16.89 -13.76
CA LEU R 290 -107.51 16.42 -15.13
C LEU R 290 -108.25 17.44 -16.00
N GLU R 291 -108.03 18.73 -15.79
CA GLU R 291 -108.73 19.75 -16.55
C GLU R 291 -108.42 19.63 -18.04
N GLY R 292 -109.45 19.83 -18.85
CA GLY R 292 -109.32 19.71 -20.29
C GLY R 292 -109.48 18.31 -20.83
N GLY R 293 -109.73 17.32 -19.98
CA GLY R 293 -109.79 15.95 -20.42
C GLY R 293 -111.18 15.33 -20.42
N ASN R 294 -112.22 16.15 -20.51
CA ASN R 294 -113.57 15.63 -20.52
C ASN R 294 -113.81 14.79 -21.77
N ILE R 295 -114.51 13.67 -21.59
CA ILE R 295 -114.79 12.74 -22.68
C ILE R 295 -115.98 13.25 -23.49
N PRO R 296 -115.83 13.48 -24.79
CA PRO R 296 -116.95 13.99 -25.58
C PRO R 296 -118.11 13.02 -25.61
N ALA R 297 -119.32 13.58 -25.59
CA ALA R 297 -120.54 12.77 -25.54
C ALA R 297 -120.84 12.14 -26.90
N LEU R 298 -121.57 11.04 -26.86
CA LEU R 298 -122.10 10.35 -28.04
C LEU R 298 -121.13 10.26 -29.18
N ILE R 364 -129.18 15.61 -34.65
CA ILE R 364 -127.95 16.16 -34.09
C ILE R 364 -128.11 16.43 -32.60
N GLN R 365 -128.23 15.38 -31.80
CA GLN R 365 -128.32 15.51 -30.36
C GLN R 365 -127.55 14.38 -29.70
N PRO R 366 -126.92 14.63 -28.54
CA PRO R 366 -126.18 13.56 -27.87
C PRO R 366 -127.10 12.51 -27.28
N LEU R 367 -126.63 11.27 -27.26
CA LEU R 367 -127.34 10.21 -26.56
C LEU R 367 -127.20 10.44 -25.06
N GLU R 368 -128.31 10.34 -24.33
CA GLU R 368 -128.32 10.65 -22.91
C GLU R 368 -128.40 9.44 -22.01
N LYS R 369 -128.64 8.25 -22.55
CA LYS R 369 -128.78 7.06 -21.72
C LYS R 369 -128.40 5.83 -22.54
N ASP R 370 -128.15 4.73 -21.83
CA ASP R 370 -127.70 3.49 -22.44
C ASP R 370 -128.90 2.60 -22.79
N SER R 371 -128.61 1.38 -23.25
CA SER R 371 -129.69 0.48 -23.67
C SER R 371 -130.58 0.09 -22.51
N LYS R 372 -129.99 -0.19 -21.34
CA LYS R 372 -130.74 -0.61 -20.17
C LYS R 372 -131.06 0.56 -19.24
N SER R 373 -131.20 1.76 -19.79
CA SER R 373 -131.53 2.96 -19.03
C SER R 373 -130.50 3.24 -17.94
N ARG R 374 -129.27 3.50 -18.38
CA ARG R 374 -128.21 3.98 -17.51
C ARG R 374 -127.76 5.36 -18.00
N SER R 375 -127.66 6.30 -17.08
CA SER R 375 -127.27 7.65 -17.44
C SER R 375 -125.82 7.70 -17.91
N TYR R 376 -125.58 8.41 -19.01
CA TYR R 376 -124.22 8.70 -19.45
C TYR R 376 -123.64 9.95 -18.80
N ASN R 377 -124.39 10.60 -17.90
CA ASN R 377 -123.92 11.80 -17.19
C ASN R 377 -123.60 12.94 -18.14
N VAL R 378 -124.45 13.14 -19.16
CA VAL R 378 -124.25 14.26 -20.07
C VAL R 378 -124.52 15.58 -19.33
N LEU R 379 -123.79 16.62 -19.71
CA LEU R 379 -123.83 17.91 -19.03
C LEU R 379 -124.57 18.93 -19.90
N GLU R 380 -124.58 20.18 -19.44
CA GLU R 380 -125.10 21.27 -20.24
C GLU R 380 -124.21 21.51 -21.44
N ASP R 381 -124.78 22.19 -22.44
CA ASP R 381 -124.17 22.46 -23.74
C ASP R 381 -124.17 21.21 -24.61
N LYS R 382 -124.54 20.05 -24.04
CA LYS R 382 -124.87 18.85 -24.80
C LYS R 382 -123.75 18.43 -25.75
N ILE R 383 -122.49 18.62 -25.34
CA ILE R 383 -121.34 18.15 -26.09
C ILE R 383 -120.43 17.26 -25.26
N ASN R 384 -120.12 17.65 -24.04
CA ASN R 384 -119.17 16.93 -23.20
C ASN R 384 -119.88 16.21 -22.05
N THR R 385 -119.18 15.24 -21.51
CA THR R 385 -119.65 14.40 -20.42
C THR R 385 -118.81 14.67 -19.17
N ALA R 386 -119.39 14.35 -18.01
CA ALA R 386 -118.70 14.59 -16.74
C ALA R 386 -117.45 13.74 -16.56
N TYR R 387 -117.32 12.63 -17.30
CA TYR R 387 -116.13 11.79 -17.17
C TYR R 387 -114.88 12.52 -17.69
N ARG R 388 -113.77 12.38 -16.96
CA ARG R 388 -112.48 12.89 -17.38
C ARG R 388 -111.47 11.75 -17.42
N SER R 389 -110.47 11.88 -18.30
CA SER R 389 -109.46 10.83 -18.44
C SER R 389 -108.07 11.44 -18.50
N TRP R 390 -107.09 10.72 -17.93
CA TRP R 390 -105.71 11.19 -17.90
C TRP R 390 -105.13 11.32 -19.30
N TYR R 391 -105.42 10.36 -20.18
CA TYR R 391 -104.82 10.37 -21.51
C TYR R 391 -105.30 11.56 -22.34
N LEU R 392 -106.60 11.87 -22.27
CA LEU R 392 -107.11 13.02 -23.02
C LEU R 392 -106.51 14.32 -22.52
N SER R 393 -106.37 14.46 -21.19
CA SER R 393 -105.79 15.67 -20.64
C SER R 393 -104.31 15.78 -20.98
N TYR R 394 -103.58 14.65 -21.00
CA TYR R 394 -102.15 14.69 -21.32
C TYR R 394 -101.92 15.10 -22.77
N ASN R 395 -102.74 14.61 -23.69
CA ASN R 395 -102.49 14.83 -25.11
C ASN R 395 -103.22 16.02 -25.70
N TYR R 396 -104.39 16.40 -25.17
CA TYR R 396 -105.20 17.46 -25.77
C TYR R 396 -105.40 18.67 -24.86
N GLY R 397 -105.07 18.57 -23.58
CA GLY R 397 -105.25 19.68 -22.65
C GLY R 397 -104.18 20.74 -22.80
N ASN R 398 -104.16 21.64 -21.83
CA ASN R 398 -103.20 22.75 -21.83
C ASN R 398 -101.80 22.24 -21.52
N PRO R 399 -100.82 22.46 -22.38
CA PRO R 399 -99.47 21.91 -22.13
C PRO R 399 -98.82 22.44 -20.86
N GLU R 400 -99.12 23.67 -20.43
CA GLU R 400 -98.40 24.29 -19.33
C GLU R 400 -99.23 24.38 -18.05
N LYS R 401 -100.44 23.85 -18.04
CA LYS R 401 -101.26 23.87 -16.84
C LYS R 401 -101.94 22.55 -16.52
N GLY R 402 -102.11 21.64 -17.48
CA GLY R 402 -102.77 20.39 -17.24
C GLY R 402 -101.84 19.35 -16.61
N ILE R 403 -102.29 18.10 -16.66
CA ILE R 403 -101.56 17.01 -16.06
C ILE R 403 -100.21 16.77 -16.74
N ARG R 404 -100.03 17.26 -17.97
CA ARG R 404 -98.79 17.07 -18.71
C ARG R 404 -97.62 17.85 -18.11
N SER R 405 -97.88 18.84 -17.27
CA SER R 405 -96.79 19.66 -16.73
C SER R 405 -96.01 18.96 -15.63
N TRP R 406 -96.59 17.94 -14.97
CA TRP R 406 -95.87 17.26 -13.91
C TRP R 406 -95.98 15.73 -13.96
N THR R 407 -96.55 15.15 -15.01
CA THR R 407 -96.53 13.71 -15.21
C THR R 407 -95.93 13.39 -16.58
N LEU R 408 -95.55 12.12 -16.76
CA LEU R 408 -94.86 11.67 -17.94
C LEU R 408 -95.44 10.33 -18.40
N LEU R 409 -95.58 10.17 -19.72
CA LEU R 409 -96.12 8.96 -20.31
C LEU R 409 -94.97 8.03 -20.72
N THR R 410 -95.01 6.78 -20.28
CA THR R 410 -93.95 5.81 -20.52
C THR R 410 -94.55 4.48 -20.96
N THR R 411 -93.70 3.59 -21.48
CA THR R 411 -94.13 2.25 -21.82
C THR R 411 -94.46 1.44 -20.58
N SER R 412 -95.48 0.59 -20.68
CA SER R 412 -95.89 -0.25 -19.56
C SER R 412 -94.80 -1.25 -19.20
N ASP R 413 -94.54 -1.40 -17.90
CA ASP R 413 -93.51 -2.30 -17.39
C ASP R 413 -94.18 -3.37 -16.51
N VAL R 414 -94.31 -4.58 -17.06
CA VAL R 414 -95.07 -5.63 -16.40
C VAL R 414 -94.40 -6.11 -15.11
N THR R 415 -93.07 -6.05 -15.02
CA THR R 415 -92.41 -6.49 -13.80
C THR R 415 -92.63 -5.52 -12.64
N CYS R 416 -93.22 -4.35 -12.90
CA CYS R 416 -93.47 -3.28 -11.94
C CYS R 416 -92.19 -2.60 -11.46
N GLY R 417 -91.08 -2.79 -12.17
CA GLY R 417 -89.85 -2.09 -11.87
C GLY R 417 -88.93 -2.88 -10.98
N VAL R 418 -87.89 -3.44 -11.54
CA VAL R 418 -86.95 -4.25 -10.77
C VAL R 418 -85.84 -3.36 -10.26
N GLU R 419 -85.32 -3.68 -9.08
CA GLU R 419 -84.20 -2.96 -8.50
C GLU R 419 -83.03 -3.94 -8.29
N GLN R 420 -82.00 -3.47 -7.61
CA GLN R 420 -80.76 -4.21 -7.47
C GLN R 420 -80.79 -5.15 -6.26
N VAL R 421 -79.82 -6.05 -6.22
CA VAL R 421 -79.58 -6.95 -5.08
C VAL R 421 -78.11 -6.87 -4.69
N TYR R 422 -77.83 -7.15 -3.42
CA TYR R 422 -76.49 -7.06 -2.85
C TYR R 422 -76.05 -8.39 -2.26
N TRP R 423 -74.77 -8.75 -2.47
CA TRP R 423 -74.16 -9.94 -1.89
C TRP R 423 -73.27 -9.58 -0.69
N SER R 424 -73.29 -10.44 0.32
CA SER R 424 -72.42 -10.29 1.50
C SER R 424 -71.73 -11.62 1.84
N LEU R 425 -70.44 -11.56 2.12
CA LEU R 425 -69.66 -12.71 2.60
C LEU R 425 -68.79 -12.27 3.78
N PRO R 426 -69.40 -12.02 4.94
CA PRO R 426 -68.65 -11.34 6.01
C PRO R 426 -67.50 -12.14 6.62
N ASP R 427 -67.49 -13.46 6.51
CA ASP R 427 -66.40 -14.26 7.08
C ASP R 427 -65.29 -14.57 6.09
N MET R 428 -65.38 -14.11 4.84
CA MET R 428 -64.37 -14.42 3.85
C MET R 428 -63.64 -13.19 3.33
N MET R 429 -64.36 -12.13 2.96
CA MET R 429 -63.78 -10.94 2.37
C MET R 429 -63.57 -9.86 3.43
N GLN R 430 -62.60 -8.99 3.17
CA GLN R 430 -62.43 -7.78 3.98
C GLN R 430 -63.53 -6.78 3.65
N ASP R 431 -63.88 -5.95 4.63
CA ASP R 431 -64.92 -4.95 4.43
C ASP R 431 -64.43 -3.87 3.45
N PRO R 432 -65.21 -3.53 2.44
CA PRO R 432 -64.83 -2.40 1.56
C PRO R 432 -64.88 -1.06 2.30
N VAL R 433 -64.25 -0.06 1.69
CA VAL R 433 -63.95 1.20 2.36
C VAL R 433 -65.24 1.90 2.81
N THR R 434 -65.21 2.42 4.04
CA THR R 434 -66.22 3.15 4.80
C THR R 434 -67.31 2.25 5.42
N PHE R 435 -67.35 0.96 5.14
CA PHE R 435 -68.30 0.07 5.82
C PHE R 435 -67.80 -0.29 7.22
N ARG R 436 -68.72 -0.33 8.18
CA ARG R 436 -68.40 -0.77 9.54
C ARG R 436 -68.57 -2.27 9.70
N SER R 437 -67.72 -2.86 10.53
CA SER R 437 -67.87 -4.26 10.90
C SER R 437 -69.00 -4.42 11.91
N THR R 438 -69.85 -5.43 11.70
CA THR R 438 -71.03 -5.60 12.53
C THR R 438 -71.56 -7.02 12.40
N ARG R 439 -72.50 -7.37 13.28
CA ARG R 439 -73.20 -8.64 13.22
C ARG R 439 -74.70 -8.48 13.01
N GLN R 440 -75.15 -7.29 12.60
CA GLN R 440 -76.56 -7.08 12.27
C GLN R 440 -76.78 -7.36 10.79
N VAL R 441 -77.78 -8.19 10.49
CA VAL R 441 -77.96 -8.70 9.14
C VAL R 441 -78.30 -7.58 8.17
N SER R 442 -79.15 -6.65 8.58
CA SER R 442 -79.48 -5.55 7.68
C SER R 442 -78.35 -4.53 7.52
N ASN R 443 -77.13 -4.75 8.03
CA ASN R 443 -76.07 -3.80 7.84
C ASN R 443 -74.74 -4.47 7.51
N TYR R 444 -74.76 -5.68 6.94
CA TYR R 444 -73.54 -6.34 6.50
C TYR R 444 -72.85 -5.52 5.41
N PRO R 445 -71.52 -5.52 5.37
CA PRO R 445 -70.81 -4.90 4.23
C PRO R 445 -71.12 -5.60 2.92
N VAL R 446 -71.13 -4.83 1.84
CA VAL R 446 -71.59 -5.29 0.53
C VAL R 446 -70.38 -5.60 -0.36
N VAL R 447 -70.38 -6.78 -0.95
CA VAL R 447 -69.25 -7.26 -1.74
C VAL R 447 -69.56 -7.29 -3.24
N GLY R 448 -70.81 -7.16 -3.65
CA GLY R 448 -71.16 -7.10 -5.07
C GLY R 448 -72.61 -6.73 -5.26
N ALA R 449 -72.93 -6.31 -6.48
CA ALA R 449 -74.28 -5.85 -6.81
C ALA R 449 -74.64 -6.24 -8.24
N GLU R 450 -75.93 -6.43 -8.48
CA GLU R 450 -76.47 -6.75 -9.81
C GLU R 450 -77.98 -6.54 -9.76
N LEU R 451 -78.62 -6.70 -10.91
CA LEU R 451 -80.08 -6.60 -10.96
C LEU R 451 -80.75 -7.89 -10.49
N MET R 452 -81.84 -7.75 -9.78
CA MET R 452 -82.70 -8.89 -9.49
C MET R 452 -83.16 -9.49 -10.82
N PRO R 453 -82.94 -10.79 -11.07
CA PRO R 453 -83.01 -11.33 -12.45
C PRO R 453 -84.41 -11.67 -12.92
N VAL R 454 -85.23 -10.65 -13.14
CA VAL R 454 -86.59 -10.79 -13.63
C VAL R 454 -86.76 -9.85 -14.82
N PHE R 455 -87.29 -10.35 -15.93
CA PHE R 455 -87.33 -9.61 -17.18
C PHE R 455 -88.69 -9.73 -17.85
N SER R 456 -88.97 -8.76 -18.72
CA SER R 456 -90.18 -8.72 -19.51
C SER R 456 -89.97 -9.36 -20.87
N LYS R 457 -90.99 -10.06 -21.36
CA LYS R 457 -90.96 -10.66 -22.70
C LYS R 457 -92.24 -10.31 -23.45
N SER R 458 -92.10 -10.06 -24.76
CA SER R 458 -93.20 -9.60 -25.59
C SER R 458 -93.74 -10.70 -26.50
N PHE R 459 -95.04 -10.66 -26.75
CA PHE R 459 -95.71 -11.57 -27.68
C PHE R 459 -96.69 -10.77 -28.54
N TYR R 460 -97.04 -11.33 -29.68
CA TYR R 460 -97.95 -10.70 -30.62
C TYR R 460 -99.27 -11.47 -30.65
N ASN R 461 -100.38 -10.75 -30.49
CA ASN R 461 -101.70 -11.38 -30.50
C ASN R 461 -102.72 -10.56 -31.29
N HIS R 478 -119.65 -13.72 -17.44
CA HIS R 478 -118.44 -12.91 -17.52
C HIS R 478 -118.32 -11.96 -16.34
N VAL R 479 -117.51 -12.35 -15.35
CA VAL R 479 -117.29 -11.50 -14.19
C VAL R 479 -116.48 -10.26 -14.56
N PHE R 480 -115.73 -10.30 -15.65
CA PHE R 480 -114.93 -9.16 -16.08
C PHE R 480 -115.66 -8.27 -17.08
N ASN R 481 -116.95 -8.51 -17.31
CA ASN R 481 -117.76 -7.63 -18.16
C ASN R 481 -119.18 -7.65 -17.59
N ARG R 482 -119.46 -6.72 -16.67
CA ARG R 482 -120.73 -6.65 -15.97
C ARG R 482 -121.67 -5.60 -16.56
N PHE R 483 -121.18 -4.73 -17.44
CA PHE R 483 -121.99 -3.71 -18.10
C PHE R 483 -121.70 -3.77 -19.58
N PRO R 484 -122.13 -4.85 -20.25
CA PRO R 484 -121.81 -4.98 -21.69
C PRO R 484 -122.37 -3.86 -22.54
N GLU R 485 -123.52 -3.29 -22.17
CA GLU R 485 -124.15 -2.28 -23.01
C GLU R 485 -123.47 -0.93 -22.88
N ASN R 486 -122.95 -0.58 -21.72
CA ASN R 486 -122.51 0.78 -21.45
C ASN R 486 -121.18 1.05 -22.16
N GLN R 487 -121.16 2.09 -22.99
CA GLN R 487 -119.96 2.40 -23.76
C GLN R 487 -118.79 2.87 -22.89
N ILE R 488 -119.07 3.38 -21.70
CA ILE R 488 -118.01 3.82 -20.81
C ILE R 488 -117.50 2.67 -19.94
N LEU R 489 -118.40 1.80 -19.51
CA LEU R 489 -118.08 0.72 -18.58
C LEU R 489 -117.84 -0.61 -19.28
N ILE R 490 -117.73 -0.62 -20.61
CA ILE R 490 -117.42 -1.85 -21.32
C ILE R 490 -116.00 -2.30 -20.97
N ARG R 491 -115.77 -3.61 -21.10
CA ARG R 491 -114.45 -4.18 -20.82
C ARG R 491 -113.42 -3.66 -21.82
N PRO R 492 -112.27 -3.19 -21.37
CA PRO R 492 -111.33 -2.53 -22.28
C PRO R 492 -110.83 -3.52 -23.32
N PRO R 493 -110.55 -3.04 -24.53
CA PRO R 493 -109.91 -3.90 -25.53
C PRO R 493 -108.48 -4.27 -25.13
N ALA R 494 -108.05 -5.45 -25.58
CA ALA R 494 -106.72 -5.98 -25.28
C ALA R 494 -105.70 -5.46 -26.29
N PRO R 495 -104.48 -5.13 -25.84
CA PRO R 495 -103.46 -4.67 -26.78
C PRO R 495 -103.02 -5.77 -27.73
N THR R 496 -102.56 -5.36 -28.90
CA THR R 496 -101.97 -6.29 -29.85
C THR R 496 -100.57 -6.74 -29.42
N ILE R 497 -99.97 -6.11 -28.42
CA ILE R 497 -98.69 -6.52 -27.84
C ILE R 497 -98.92 -6.86 -26.37
N THR R 498 -98.62 -8.10 -26.00
CA THR R 498 -98.76 -8.57 -24.62
C THR R 498 -97.38 -8.84 -24.02
N THR R 499 -97.19 -8.43 -22.76
CA THR R 499 -95.93 -8.63 -22.05
C THR R 499 -96.16 -9.41 -20.76
N VAL R 500 -95.24 -10.34 -20.48
CA VAL R 500 -95.25 -11.15 -19.27
C VAL R 500 -93.83 -11.17 -18.69
N SER R 501 -93.75 -11.41 -17.39
CA SER R 501 -92.47 -11.38 -16.69
C SER R 501 -91.92 -12.79 -16.48
N GLU R 502 -90.59 -12.92 -16.59
CA GLU R 502 -89.89 -14.20 -16.54
C GLU R 502 -88.71 -14.15 -15.58
N ASN R 503 -88.37 -15.31 -15.02
CA ASN R 503 -87.18 -15.48 -14.19
C ASN R 503 -86.10 -16.18 -15.03
N VAL R 504 -84.93 -15.57 -15.12
CA VAL R 504 -83.82 -16.07 -15.93
C VAL R 504 -82.60 -16.25 -15.04
N PRO R 505 -81.96 -17.42 -15.03
CA PRO R 505 -80.78 -17.59 -14.17
C PRO R 505 -79.65 -16.64 -14.55
N ALA R 506 -78.99 -16.11 -13.52
CA ALA R 506 -77.99 -15.05 -13.67
C ALA R 506 -76.61 -15.57 -13.30
N LEU R 507 -75.66 -15.38 -14.21
CA LEU R 507 -74.27 -15.81 -14.03
C LEU R 507 -73.39 -14.57 -14.09
N THR R 508 -72.70 -14.26 -12.99
CA THR R 508 -72.07 -12.96 -12.83
C THR R 508 -70.63 -13.10 -12.36
N ASP R 509 -69.75 -12.30 -12.96
CA ASP R 509 -68.37 -12.16 -12.54
C ASP R 509 -68.21 -10.82 -11.81
N HIS R 510 -67.85 -10.87 -10.53
CA HIS R 510 -67.76 -9.69 -9.69
C HIS R 510 -66.34 -9.14 -9.56
N GLY R 511 -65.35 -9.72 -10.23
CA GLY R 511 -63.98 -9.25 -10.12
C GLY R 511 -63.27 -9.77 -8.87
N THR R 512 -62.13 -9.14 -8.59
CA THR R 512 -61.24 -9.56 -7.50
C THR R 512 -61.40 -8.64 -6.28
N LEU R 513 -61.52 -9.24 -5.10
CA LEU R 513 -61.63 -8.52 -3.84
C LEU R 513 -60.61 -9.03 -2.82
N PRO R 514 -60.12 -8.16 -1.93
CA PRO R 514 -59.15 -8.59 -0.92
C PRO R 514 -59.73 -9.64 0.04
N LEU R 515 -58.90 -10.62 0.38
CA LEU R 515 -59.29 -11.81 1.10
C LEU R 515 -58.64 -11.83 2.49
N ARG R 516 -59.36 -12.35 3.47
CA ARG R 516 -58.77 -12.51 4.80
C ARG R 516 -57.71 -13.62 4.81
N SER R 517 -56.69 -13.46 5.64
CA SER R 517 -55.57 -14.40 5.66
C SER R 517 -55.94 -15.72 6.32
N SER R 518 -56.91 -15.73 7.23
CA SER R 518 -57.34 -16.96 7.89
C SER R 518 -58.84 -17.12 7.70
N ILE R 519 -59.25 -18.26 7.17
CA ILE R 519 -60.63 -18.53 6.79
C ILE R 519 -61.16 -19.66 7.66
N ARG R 520 -62.25 -19.42 8.37
CA ARG R 520 -62.87 -20.44 9.18
C ARG R 520 -63.67 -21.43 8.33
N GLY R 521 -63.90 -22.61 8.89
CA GLY R 521 -64.54 -23.70 8.17
C GLY R 521 -66.01 -23.50 7.88
N VAL R 522 -66.71 -22.66 8.65
CA VAL R 522 -68.13 -22.39 8.45
C VAL R 522 -68.28 -20.93 8.02
N GLN R 523 -69.04 -20.71 6.95
CA GLN R 523 -69.16 -19.40 6.32
C GLN R 523 -70.63 -19.01 6.16
N ARG R 524 -70.89 -17.70 6.26
CA ARG R 524 -72.23 -17.14 6.09
C ARG R 524 -72.38 -16.51 4.71
N VAL R 525 -73.53 -16.77 4.07
CA VAL R 525 -73.86 -16.23 2.75
C VAL R 525 -75.19 -15.49 2.84
N THR R 526 -75.25 -14.25 2.35
CA THR R 526 -76.45 -13.42 2.47
C THR R 526 -76.72 -12.66 1.18
N VAL R 527 -78.01 -12.56 0.82
CA VAL R 527 -78.48 -11.78 -0.32
C VAL R 527 -79.62 -10.88 0.15
N THR R 528 -79.49 -9.57 -0.06
CA THR R 528 -80.50 -8.59 0.36
C THR R 528 -80.85 -7.62 -0.76
N ASP R 529 -82.01 -6.99 -0.62
CA ASP R 529 -82.53 -6.05 -1.61
C ASP R 529 -82.10 -4.62 -1.29
N ALA R 530 -82.70 -3.64 -1.98
CA ALA R 530 -82.27 -2.25 -1.85
C ALA R 530 -82.58 -1.68 -0.47
N ARG R 531 -83.64 -2.14 0.18
CA ARG R 531 -83.96 -1.73 1.53
C ARG R 531 -83.29 -2.60 2.58
N ARG R 532 -82.40 -3.50 2.16
CA ARG R 532 -81.63 -4.39 3.03
C ARG R 532 -82.52 -5.40 3.77
N ARG R 533 -83.54 -5.91 3.08
CA ARG R 533 -84.28 -7.08 3.53
C ARG R 533 -83.82 -8.30 2.73
N THR R 534 -83.88 -9.47 3.35
CA THR R 534 -83.65 -10.69 2.60
C THR R 534 -84.82 -10.96 1.66
N CYS R 535 -84.55 -11.68 0.57
CA CYS R 535 -85.55 -11.94 -0.45
C CYS R 535 -86.05 -13.37 -0.36
N PRO R 536 -87.33 -13.59 -0.04
CA PRO R 536 -87.84 -14.97 0.06
C PRO R 536 -87.99 -15.70 -1.28
N TYR R 537 -87.76 -15.05 -2.41
CA TYR R 537 -87.94 -15.71 -3.70
C TYR R 537 -86.64 -16.22 -4.32
N VAL R 538 -85.53 -16.14 -3.60
CA VAL R 538 -84.31 -16.83 -4.03
C VAL R 538 -84.41 -18.30 -3.62
N TYR R 539 -84.18 -19.21 -4.56
CA TYR R 539 -84.14 -20.62 -4.20
C TYR R 539 -82.89 -21.36 -4.68
N LYS R 540 -81.91 -20.65 -5.24
CA LYS R 540 -80.63 -21.26 -5.58
C LYS R 540 -79.58 -20.17 -5.63
N ALA R 541 -78.49 -20.35 -4.87
CA ALA R 541 -77.40 -19.39 -4.82
C ALA R 541 -76.10 -20.14 -4.56
N LEU R 542 -75.11 -19.94 -5.44
CA LEU R 542 -73.80 -20.56 -5.32
C LEU R 542 -72.70 -19.53 -5.51
N GLY R 543 -71.57 -19.77 -4.87
CA GLY R 543 -70.40 -18.94 -5.06
C GLY R 543 -69.15 -19.78 -5.26
N ILE R 544 -68.25 -19.25 -6.09
CA ILE R 544 -66.96 -19.87 -6.38
C ILE R 544 -65.90 -18.79 -6.28
N VAL R 545 -64.86 -19.04 -5.47
CA VAL R 545 -63.80 -18.09 -5.23
C VAL R 545 -62.47 -18.69 -5.65
N ALA R 546 -61.64 -17.89 -6.33
CA ALA R 546 -60.31 -18.32 -6.78
C ALA R 546 -59.23 -17.41 -6.20
N PRO R 547 -58.55 -17.82 -5.12
CA PRO R 547 -57.53 -16.95 -4.52
C PRO R 547 -56.27 -16.82 -5.37
N ARG R 548 -55.59 -15.68 -5.21
CA ARG R 548 -54.28 -15.46 -5.80
C ARG R 548 -53.57 -14.31 -5.07
N VAL R 549 -52.26 -14.23 -5.27
CA VAL R 549 -51.43 -13.24 -4.58
C VAL R 549 -51.58 -11.87 -5.25
N LEU R 550 -51.77 -10.84 -4.44
CA LEU R 550 -51.87 -9.46 -4.92
C LEU R 550 -50.58 -8.66 -4.72
N SER R 551 -50.01 -8.68 -3.52
CA SER R 551 -48.77 -7.94 -3.26
C SER R 551 -48.04 -8.59 -2.10
N SER R 552 -46.82 -8.11 -1.87
CA SER R 552 -45.95 -8.63 -0.84
C SER R 552 -46.21 -7.94 0.51
N ARG R 553 -45.94 -8.68 1.58
CA ARG R 553 -46.00 -8.21 2.96
C ARG R 553 -47.41 -7.86 3.40
N ARG S 48 9.95 44.16 11.62
CA ARG S 48 8.90 45.18 11.65
C ARG S 48 9.15 46.24 12.72
N ASN S 49 10.41 46.66 12.86
CA ASN S 49 10.76 47.61 13.91
C ASN S 49 11.74 48.68 13.45
N SER S 50 11.82 48.96 12.15
CA SER S 50 12.78 49.92 11.63
C SER S 50 12.22 51.34 11.68
N ILE S 51 13.12 52.31 11.69
CA ILE S 51 12.78 53.74 11.74
C ILE S 51 13.59 54.45 10.65
N ARG S 52 12.89 55.15 9.75
CA ARG S 52 13.50 55.66 8.53
C ARG S 52 13.27 57.17 8.37
N TYR S 53 14.26 57.84 7.80
CA TYR S 53 14.23 59.27 7.54
C TYR S 53 14.23 59.50 6.03
N SER S 54 13.32 60.35 5.55
CA SER S 54 13.03 60.41 4.12
C SER S 54 14.20 60.93 3.27
N GLU S 55 15.21 61.55 3.87
CA GLU S 55 16.34 62.03 3.09
C GLU S 55 17.46 61.01 2.94
N LEU S 56 17.31 59.79 3.48
CA LEU S 56 18.35 58.77 3.42
C LEU S 56 17.84 57.53 2.70
N SER S 57 18.72 56.89 1.93
CA SER S 57 18.38 55.69 1.17
C SER S 57 19.64 54.90 0.86
N PRO S 58 19.58 53.57 0.84
CA PRO S 58 20.78 52.77 0.59
C PRO S 58 21.08 52.59 -0.90
N LEU S 59 22.32 52.23 -1.21
CA LEU S 59 22.86 52.20 -2.57
C LEU S 59 23.06 50.77 -3.07
N TYR S 60 22.82 50.58 -4.38
CA TYR S 60 22.94 49.28 -5.02
C TYR S 60 23.51 49.39 -6.44
N ASP S 61 24.19 48.33 -6.85
CA ASP S 61 24.57 47.92 -8.20
C ASP S 61 25.68 48.71 -8.92
N THR S 62 25.92 49.97 -8.56
CA THR S 62 26.95 50.78 -9.22
C THR S 62 26.94 52.17 -8.61
N THR S 63 28.06 52.88 -8.78
CA THR S 63 28.25 54.23 -8.24
C THR S 63 29.49 54.82 -8.93
N ARG S 64 29.97 55.96 -8.42
CA ARG S 64 31.20 56.59 -8.91
C ARG S 64 32.15 56.88 -7.76
N LEU S 65 33.45 56.75 -8.02
CA LEU S 65 34.51 57.19 -7.13
C LEU S 65 35.41 58.18 -7.87
N TYR S 66 35.74 59.30 -7.24
CA TYR S 66 36.49 60.38 -7.88
C TYR S 66 37.86 60.54 -7.24
N LEU S 67 38.90 60.58 -8.07
CA LEU S 67 40.29 60.73 -7.63
C LEU S 67 40.81 62.05 -8.18
N VAL S 68 40.83 63.08 -7.34
CA VAL S 68 41.02 64.47 -7.78
C VAL S 68 42.24 65.04 -7.06
N ASP S 69 43.07 65.77 -7.81
CA ASP S 69 44.39 66.18 -7.34
C ASP S 69 44.43 67.58 -6.73
N ASN S 70 43.31 68.30 -6.65
CA ASN S 70 43.35 69.69 -6.17
C ASN S 70 42.20 69.99 -5.21
N LYS S 71 41.92 69.08 -4.29
CA LYS S 71 40.98 69.40 -3.22
C LYS S 71 41.63 70.33 -2.21
N SER S 72 40.86 71.30 -1.71
CA SER S 72 41.44 72.38 -0.92
C SER S 72 42.06 71.88 0.38
N ALA S 73 41.36 70.99 1.09
CA ALA S 73 41.86 70.50 2.38
C ALA S 73 43.01 69.50 2.21
N ASP S 74 42.99 68.71 1.14
CA ASP S 74 44.07 67.74 0.92
C ASP S 74 45.38 68.44 0.58
N ILE S 75 45.32 69.62 -0.03
CA ILE S 75 46.53 70.36 -0.37
C ILE S 75 47.29 70.73 0.90
N ALA S 76 46.59 71.21 1.92
CA ALA S 76 47.26 71.73 3.10
C ALA S 76 47.84 70.63 3.97
N SER S 77 47.12 69.52 4.17
CA SER S 77 47.47 68.55 5.18
C SER S 77 48.04 67.24 4.67
N LEU S 78 48.06 67.01 3.36
CA LEU S 78 48.54 65.72 2.87
C LEU S 78 49.75 65.81 1.96
N ASN S 79 49.82 66.81 1.09
CA ASN S 79 50.69 66.76 -0.07
C ASN S 79 51.75 67.86 -0.05
N TYR S 80 52.32 68.13 1.12
CA TYR S 80 53.25 69.24 1.25
C TYR S 80 54.54 69.00 0.45
N GLN S 81 55.01 67.76 0.39
CA GLN S 81 56.25 67.43 -0.29
C GLN S 81 56.04 66.68 -1.61
N ASN S 82 54.84 66.67 -2.16
CA ASN S 82 54.50 65.87 -3.33
C ASN S 82 54.35 66.76 -4.57
N ASP S 83 54.11 66.12 -5.72
CA ASP S 83 53.77 66.81 -6.95
C ASP S 83 52.68 66.03 -7.68
N HIS S 84 52.23 66.54 -8.82
CA HIS S 84 51.07 65.96 -9.51
C HIS S 84 51.34 64.59 -10.11
N SER S 85 52.60 64.16 -10.16
CA SER S 85 52.91 62.82 -10.63
C SER S 85 52.82 61.76 -9.52
N ASN S 86 52.79 62.17 -8.24
CA ASN S 86 52.76 61.21 -7.13
C ASN S 86 52.18 61.92 -5.90
N PHE S 87 50.89 61.69 -5.62
CA PHE S 87 50.20 62.45 -4.58
C PHE S 87 49.18 61.57 -3.86
N LEU S 88 48.61 62.12 -2.80
CA LEU S 88 47.56 61.48 -2.02
C LEU S 88 46.26 62.25 -2.14
N THR S 89 45.13 61.55 -2.10
CA THR S 89 43.83 62.19 -2.17
C THR S 89 42.82 61.38 -1.38
N THR S 90 41.71 62.03 -1.04
CA THR S 90 40.63 61.39 -0.29
C THR S 90 39.46 61.08 -1.21
N VAL S 91 38.96 59.85 -1.14
CA VAL S 91 37.77 59.47 -1.89
C VAL S 91 36.48 59.69 -1.12
N VAL S 92 36.57 60.10 0.15
CA VAL S 92 35.39 60.47 0.93
C VAL S 92 35.05 61.93 0.62
N GLN S 93 33.83 62.16 0.13
CA GLN S 93 33.39 63.48 -0.30
C GLN S 93 32.44 64.15 0.70
N ASN S 94 32.68 63.99 2.00
CA ASN S 94 31.80 64.46 3.07
C ASN S 94 32.60 65.42 3.93
N ASN S 95 32.23 66.70 3.90
CA ASN S 95 33.02 67.74 4.57
C ASN S 95 32.74 67.85 6.08
N ASP S 96 31.98 66.91 6.65
CA ASP S 96 31.89 66.84 8.11
C ASP S 96 33.18 66.34 8.75
N PHE S 97 34.15 65.87 7.96
CA PHE S 97 35.38 65.29 8.46
C PHE S 97 36.58 65.91 7.74
N THR S 98 37.70 65.99 8.46
CA THR S 98 38.97 66.36 7.87
C THR S 98 39.59 65.17 7.15
N PRO S 99 40.54 65.41 6.24
CA PRO S 99 41.18 64.27 5.55
C PRO S 99 41.87 63.30 6.50
N THR S 100 42.45 63.79 7.59
CA THR S 100 43.07 62.90 8.57
C THR S 100 42.03 61.97 9.19
N GLU S 101 40.88 62.51 9.57
CA GLU S 101 39.81 61.66 10.09
C GLU S 101 39.29 60.71 9.02
N ALA S 102 39.21 61.17 7.77
CA ALA S 102 38.69 60.33 6.69
C ALA S 102 39.59 59.15 6.41
N SER S 103 40.89 59.24 6.75
CA SER S 103 41.83 58.19 6.40
C SER S 103 41.48 56.86 7.07
N THR S 104 40.81 56.90 8.22
CA THR S 104 40.44 55.67 8.92
C THR S 104 39.09 55.09 8.50
N GLN S 105 38.31 55.82 7.70
CA GLN S 105 37.00 55.32 7.26
C GLN S 105 37.17 54.40 6.04
N THR S 106 36.13 53.63 5.75
CA THR S 106 36.16 52.67 4.64
C THR S 106 34.85 52.72 3.85
N ILE S 107 34.95 52.25 2.61
CA ILE S 107 33.80 51.97 1.75
C ILE S 107 33.82 50.48 1.44
N ASN S 108 32.69 49.81 1.64
CA ASN S 108 32.63 48.35 1.60
C ASN S 108 31.67 47.87 0.52
N PHE S 109 32.18 47.05 -0.39
CA PHE S 109 31.40 46.40 -1.44
C PHE S 109 31.08 44.97 -1.00
N ASP S 110 29.84 44.54 -1.22
CA ASP S 110 29.34 43.32 -0.59
C ASP S 110 30.26 42.13 -0.84
N GLU S 111 30.65 41.47 0.25
CA GLU S 111 31.67 40.42 0.20
C GLU S 111 31.17 39.14 -0.43
N ARG S 112 29.88 39.00 -0.69
CA ARG S 112 29.36 37.84 -1.39
C ARG S 112 29.49 37.94 -2.90
N SER S 113 30.09 39.00 -3.43
CA SER S 113 30.37 39.14 -4.85
C SER S 113 31.82 39.55 -5.04
N ARG S 114 32.34 39.30 -6.23
CA ARG S 114 33.62 39.86 -6.68
C ARG S 114 33.32 41.06 -7.57
N TRP S 115 34.03 42.16 -7.34
CA TRP S 115 33.74 43.43 -7.99
C TRP S 115 34.87 43.86 -8.92
N GLY S 116 34.49 44.57 -9.98
CA GLY S 116 35.45 45.18 -10.87
C GLY S 116 35.15 46.65 -11.06
N GLY S 117 36.15 47.37 -11.55
CA GLY S 117 36.03 48.80 -11.76
C GLY S 117 36.51 49.28 -13.11
N GLN S 118 35.64 49.97 -13.84
CA GLN S 118 36.01 50.57 -15.12
C GLN S 118 36.68 51.91 -14.88
N LEU S 119 37.87 52.09 -15.46
CA LEU S 119 38.73 53.23 -15.16
C LEU S 119 38.87 54.16 -16.37
N LYS S 120 38.64 55.45 -16.16
CA LYS S 120 38.89 56.49 -17.14
C LYS S 120 39.82 57.54 -16.54
N THR S 121 40.76 58.06 -17.33
CA THR S 121 41.73 59.03 -16.85
C THR S 121 41.79 60.24 -17.76
N ILE S 122 42.22 61.36 -17.17
CA ILE S 122 42.48 62.61 -17.89
C ILE S 122 43.85 63.12 -17.47
N MET S 123 44.70 63.44 -18.44
CA MET S 123 46.07 63.86 -18.16
C MET S 123 46.46 65.01 -19.07
N HIS S 124 47.24 65.96 -18.54
CA HIS S 124 47.78 67.07 -19.31
C HIS S 124 49.21 67.36 -18.88
N THR S 125 50.08 67.67 -19.85
CA THR S 125 51.51 67.86 -19.61
C THR S 125 51.96 69.19 -20.19
N ASN S 126 53.16 69.63 -19.77
CA ASN S 126 53.78 70.85 -20.30
C ASN S 126 55.28 70.66 -20.53
N MET S 127 55.66 69.55 -21.18
CA MET S 127 57.08 69.20 -21.40
C MET S 127 57.66 69.97 -22.59
N PRO S 128 58.80 70.62 -22.43
CA PRO S 128 59.54 71.15 -23.60
C PRO S 128 60.44 70.10 -24.21
N ASN S 129 60.73 70.28 -25.50
CA ASN S 129 61.40 69.21 -26.25
C ASN S 129 62.90 69.11 -25.96
N VAL S 130 63.57 70.17 -25.53
CA VAL S 130 64.99 70.13 -25.19
C VAL S 130 65.10 70.37 -23.68
N ASN S 131 65.45 69.32 -22.94
CA ASN S 131 65.53 69.42 -21.49
C ASN S 131 66.49 68.36 -20.95
N GLU S 132 66.91 68.56 -19.70
CA GLU S 132 67.92 67.70 -19.08
C GLU S 132 67.35 66.36 -18.64
N TYR S 133 66.10 66.34 -18.16
CA TYR S 133 65.54 65.14 -17.55
C TYR S 133 65.40 64.00 -18.56
N MET S 134 65.17 64.34 -19.82
CA MET S 134 64.94 63.34 -20.86
C MET S 134 66.16 63.09 -21.75
N PHE S 135 67.33 63.62 -21.37
CA PHE S 135 68.60 63.38 -22.07
C PHE S 135 68.59 63.91 -23.49
N SER S 136 67.83 64.97 -23.76
CA SER S 136 67.85 65.66 -25.04
C SER S 136 68.64 66.96 -24.96
N ASN S 137 69.55 67.05 -24.02
CA ASN S 137 70.26 68.28 -23.68
C ASN S 137 71.73 68.27 -24.07
N LYS S 138 72.29 67.12 -24.43
CA LYS S 138 73.74 66.98 -24.49
C LYS S 138 74.13 65.94 -25.54
N PHE S 139 75.38 66.04 -25.99
CA PHE S 139 76.00 65.07 -26.87
C PHE S 139 77.52 65.19 -26.72
N LYS S 140 78.25 64.23 -27.27
CA LYS S 140 79.70 64.20 -27.20
C LYS S 140 80.31 64.24 -28.59
N ALA S 141 81.49 64.87 -28.69
CA ALA S 141 82.19 64.99 -29.97
C ALA S 141 83.69 65.12 -29.71
N ARG S 142 84.47 64.83 -30.76
CA ARG S 142 85.93 64.90 -30.72
C ARG S 142 86.40 65.97 -31.69
N VAL S 143 87.10 66.98 -31.18
CA VAL S 143 87.55 68.12 -31.96
C VAL S 143 89.06 68.32 -31.74
N MET S 144 89.62 69.27 -32.47
CA MET S 144 91.06 69.54 -32.42
C MET S 144 91.36 70.61 -31.38
N VAL S 145 92.31 70.31 -30.50
CA VAL S 145 92.66 71.22 -29.41
C VAL S 145 93.95 71.98 -29.68
N SER S 146 94.91 71.41 -30.43
CA SER S 146 96.16 72.08 -30.68
C SER S 146 96.70 71.70 -32.06
N ARG S 147 97.12 72.71 -32.81
CA ARG S 147 98.00 72.51 -33.95
C ARG S 147 99.44 72.59 -33.44
N LYS S 148 100.41 72.67 -34.35
CA LYS S 148 101.81 72.76 -33.94
C LYS S 148 102.09 74.11 -33.29
N ASP S 171 103.66 69.57 -38.91
CA ASP S 171 102.67 69.95 -37.91
C ASP S 171 102.12 68.72 -37.19
N ILE S 172 102.01 68.80 -35.86
CA ILE S 172 101.44 67.75 -35.04
C ILE S 172 100.10 68.23 -34.51
N LEU S 173 99.07 67.40 -34.66
CA LEU S 173 97.69 67.77 -34.33
C LEU S 173 97.20 66.92 -33.17
N LYS S 174 96.54 67.55 -32.21
CA LYS S 174 96.01 66.88 -31.02
C LYS S 174 94.50 67.03 -30.97
N TYR S 175 93.82 65.95 -30.59
CA TYR S 175 92.37 65.90 -30.51
C TYR S 175 91.95 65.40 -29.14
N GLU S 176 90.71 65.73 -28.75
CA GLU S 176 90.19 65.34 -27.44
C GLU S 176 88.67 65.28 -27.48
N TRP S 177 88.09 64.47 -26.60
CA TRP S 177 86.65 64.33 -26.45
C TRP S 177 86.12 65.33 -25.44
N PHE S 178 84.93 65.85 -25.70
CA PHE S 178 84.23 66.76 -24.78
C PHE S 178 82.74 66.42 -24.78
N GLU S 179 82.04 66.91 -23.77
CA GLU S 179 80.59 66.85 -23.70
C GLU S 179 80.02 68.26 -23.81
N PHE S 180 79.04 68.45 -24.69
CA PHE S 180 78.48 69.75 -25.00
C PHE S 180 77.06 69.86 -24.46
N ILE S 181 76.70 71.04 -23.96
CA ILE S 181 75.41 71.26 -23.31
C ILE S 181 74.68 72.40 -24.00
N LEU S 182 73.39 72.20 -24.28
CA LEU S 182 72.45 73.17 -24.85
C LEU S 182 71.59 73.77 -23.75
N PRO S 183 71.08 75.00 -23.93
CA PRO S 183 70.11 75.53 -22.97
C PRO S 183 68.70 75.02 -23.25
N GLU S 184 67.88 74.98 -22.21
CA GLU S 184 66.59 74.32 -22.26
C GLU S 184 65.51 75.22 -22.84
N GLY S 185 64.53 74.60 -23.48
CA GLY S 185 63.45 75.32 -24.13
C GLY S 185 62.73 74.43 -25.12
N ASN S 186 61.75 75.01 -25.78
CA ASN S 186 60.92 74.31 -26.77
C ASN S 186 61.20 74.91 -28.15
N PHE S 187 61.99 74.20 -28.95
CA PHE S 187 62.53 74.73 -30.19
C PHE S 187 62.14 73.88 -31.39
N SER S 188 62.12 74.51 -32.56
CA SER S 188 61.95 73.77 -33.80
C SER S 188 63.24 73.03 -34.15
N ALA S 189 63.16 72.17 -35.16
CA ALA S 189 64.30 71.35 -35.54
C ALA S 189 65.44 72.18 -36.10
N THR S 190 65.13 73.18 -36.93
CA THR S 190 66.18 74.05 -37.47
C THR S 190 66.87 74.85 -36.36
N MET S 191 66.08 75.39 -35.43
CA MET S 191 66.65 76.16 -34.33
C MET S 191 67.50 75.28 -33.43
N THR S 192 67.15 74.01 -33.28
CA THR S 192 67.95 73.09 -32.48
C THR S 192 69.32 72.86 -33.11
N ILE S 193 69.36 72.71 -34.44
CA ILE S 193 70.62 72.49 -35.14
C ILE S 193 71.53 73.70 -35.05
N ASP S 194 70.96 74.91 -35.04
CA ASP S 194 71.77 76.10 -34.82
C ASP S 194 72.44 76.09 -33.45
N LEU S 195 71.71 75.64 -32.43
CA LEU S 195 72.29 75.61 -31.09
C LEU S 195 73.41 74.59 -30.96
N MET S 196 73.32 73.47 -31.68
CA MET S 196 74.40 72.48 -31.64
C MET S 196 75.66 73.01 -32.32
N ASN S 197 75.53 73.72 -33.44
CA ASN S 197 76.69 74.36 -34.06
C ASN S 197 77.29 75.41 -33.14
N ASN S 198 76.45 76.19 -32.47
CA ASN S 198 76.93 77.24 -31.57
C ASN S 198 77.71 76.64 -30.41
N ALA S 199 77.33 75.47 -29.93
CA ALA S 199 78.07 74.82 -28.85
C ALA S 199 79.47 74.42 -29.29
N ILE S 200 79.61 73.92 -30.52
CA ILE S 200 80.92 73.53 -31.04
C ILE S 200 81.83 74.75 -31.11
N ILE S 201 81.30 75.87 -31.61
CA ILE S 201 82.12 77.06 -31.82
C ILE S 201 82.57 77.67 -30.49
N ASP S 202 81.71 77.65 -29.47
CA ASP S 202 82.11 78.16 -28.17
C ASP S 202 83.27 77.38 -27.56
N ASN S 203 83.43 76.11 -27.93
CA ASN S 203 84.61 75.35 -27.54
C ASN S 203 85.85 75.80 -28.29
N TYR S 204 85.69 76.22 -29.55
CA TYR S 204 86.82 76.69 -30.34
C TYR S 204 87.27 78.09 -29.91
N LEU S 205 86.41 78.84 -29.22
CA LEU S 205 86.81 80.16 -28.74
C LEU S 205 87.42 80.14 -27.36
N GLU S 206 87.15 79.12 -26.55
CA GLU S 206 87.68 78.98 -25.21
C GLU S 206 88.98 78.19 -25.17
N ILE S 207 89.05 77.12 -25.95
CA ILE S 207 90.26 76.34 -26.19
C ILE S 207 90.50 76.48 -27.68
N GLY S 208 91.51 75.83 -28.22
CA GLY S 208 91.60 75.86 -29.66
C GLY S 208 92.24 77.13 -30.17
N ARG S 209 91.41 78.11 -30.54
CA ARG S 209 91.86 79.37 -31.13
C ARG S 209 93.12 79.93 -30.48
N GLN S 210 93.20 79.89 -29.15
CA GLN S 210 94.38 80.40 -28.44
C GLN S 210 95.53 79.41 -28.47
N ASN S 211 95.39 78.24 -29.10
CA ASN S 211 96.45 77.26 -29.20
C ASN S 211 96.80 76.94 -30.65
N GLY S 212 96.49 77.84 -31.57
CA GLY S 212 97.01 77.74 -32.92
C GLY S 212 96.13 77.09 -33.96
N VAL S 213 94.88 76.75 -33.65
CA VAL S 213 93.99 76.19 -34.66
C VAL S 213 93.32 77.34 -35.40
N LEU S 214 93.14 77.16 -36.70
CA LEU S 214 92.54 78.18 -37.54
C LEU S 214 91.05 77.93 -37.72
N GLU S 215 90.35 78.96 -38.19
CA GLU S 215 88.94 78.78 -38.51
C GLU S 215 88.81 78.16 -39.89
N SER S 216 89.57 77.11 -40.14
CA SER S 216 89.42 76.27 -41.32
C SER S 216 89.68 74.80 -40.98
N ASP S 217 89.86 74.48 -39.70
CA ASP S 217 90.06 73.11 -39.25
C ASP S 217 89.12 72.74 -38.11
N ILE S 218 87.93 73.37 -38.05
CA ILE S 218 86.99 73.13 -36.96
C ILE S 218 86.67 71.64 -36.85
N GLY S 219 86.09 71.06 -37.89
CA GLY S 219 86.03 69.62 -38.00
C GLY S 219 84.72 68.95 -37.66
N VAL S 220 83.73 69.66 -37.10
CA VAL S 220 82.40 69.09 -36.85
C VAL S 220 81.36 70.15 -37.19
N LYS S 221 80.46 69.83 -38.11
CA LYS S 221 79.37 70.75 -38.46
C LYS S 221 78.12 69.95 -38.81
N PHE S 222 76.96 70.49 -38.44
CA PHE S 222 75.66 69.90 -38.76
C PHE S 222 75.01 70.72 -39.88
N ASP S 223 74.67 70.07 -40.98
CA ASP S 223 74.18 70.76 -42.17
C ASP S 223 72.88 70.12 -42.66
N THR S 224 72.35 70.65 -43.76
CA THR S 224 71.15 70.11 -44.39
C THR S 224 71.25 69.96 -45.90
N ARG S 225 72.38 70.31 -46.52
CA ARG S 225 72.46 70.41 -47.97
C ARG S 225 72.86 69.10 -48.62
N ASN S 226 72.57 69.00 -49.91
CA ASN S 226 73.01 67.89 -50.75
C ASN S 226 74.22 68.39 -51.54
N PHE S 227 75.41 68.17 -51.01
CA PHE S 227 76.60 68.49 -51.75
C PHE S 227 76.70 67.58 -52.97
N ARG S 228 77.44 68.03 -53.98
CA ARG S 228 77.61 67.37 -55.28
C ARG S 228 76.34 67.34 -56.13
N LEU S 229 75.38 68.25 -55.87
CA LEU S 229 74.19 68.31 -56.71
C LEU S 229 74.54 68.74 -58.13
N GLY S 230 75.27 69.84 -58.29
CA GLY S 230 75.60 70.34 -59.61
C GLY S 230 76.88 69.76 -60.20
N TRP S 231 77.21 68.53 -59.80
CA TRP S 231 78.43 67.87 -60.21
C TRP S 231 78.42 67.54 -61.70
N ASP S 232 79.59 67.60 -62.32
CA ASP S 232 79.73 67.33 -63.75
C ASP S 232 80.58 66.09 -63.96
N PRO S 233 80.11 65.15 -64.79
CA PRO S 233 80.82 63.87 -64.90
C PRO S 233 82.15 63.95 -65.62
N GLU S 234 82.42 65.02 -66.36
CA GLU S 234 83.69 65.16 -67.07
C GLU S 234 84.73 65.92 -66.25
N THR S 235 84.40 67.15 -65.85
CA THR S 235 85.33 67.94 -65.05
C THR S 235 85.39 67.51 -63.59
N LYS S 236 84.37 66.78 -63.11
CA LYS S 236 84.32 66.29 -61.73
C LYS S 236 84.44 67.41 -60.72
N LEU S 237 83.80 68.54 -60.99
CA LEU S 237 83.76 69.66 -60.07
C LEU S 237 82.36 70.27 -60.09
N ILE S 238 82.04 71.03 -59.06
CA ILE S 238 80.74 71.69 -58.95
C ILE S 238 80.79 72.91 -59.86
N MET S 239 80.22 72.79 -61.06
CA MET S 239 80.35 73.84 -62.06
C MET S 239 79.84 75.21 -61.64
N PRO S 240 78.70 75.35 -60.97
CA PRO S 240 78.23 76.71 -60.61
C PRO S 240 79.18 77.49 -59.72
N GLY S 241 80.10 76.83 -59.02
CA GLY S 241 80.99 77.50 -58.10
C GLY S 241 80.44 77.69 -56.69
N VAL S 242 79.17 77.36 -56.45
CA VAL S 242 78.58 77.36 -55.12
C VAL S 242 77.71 76.12 -55.00
N TYR S 243 77.73 75.51 -53.82
CA TYR S 243 76.85 74.37 -53.55
C TYR S 243 75.40 74.81 -53.54
N THR S 244 74.51 73.93 -53.99
CA THR S 244 73.09 74.25 -54.05
C THR S 244 72.55 74.53 -52.65
N TYR S 245 71.86 75.65 -52.50
CA TYR S 245 71.42 76.14 -51.19
C TYR S 245 69.98 75.73 -50.89
N GLU S 246 69.75 74.40 -50.89
CA GLU S 246 68.44 73.83 -50.62
C GLU S 246 68.56 72.75 -49.55
N ALA S 247 67.52 72.62 -48.72
CA ALA S 247 67.51 71.68 -47.62
C ALA S 247 66.94 70.34 -48.07
N PHE S 248 67.65 69.26 -47.74
CA PHE S 248 67.23 67.91 -48.11
C PHE S 248 66.96 67.02 -46.90
N HIS S 249 67.91 66.94 -45.97
CA HIS S 249 67.87 66.08 -44.79
C HIS S 249 69.04 66.46 -43.90
N PRO S 250 68.88 66.46 -42.58
CA PRO S 250 70.01 66.81 -41.69
C PRO S 250 71.19 65.87 -41.87
N ASP S 251 72.39 66.43 -41.72
CA ASP S 251 73.61 65.77 -42.15
C ASP S 251 74.74 66.11 -41.18
N ILE S 252 75.77 65.28 -41.18
CA ILE S 252 76.96 65.44 -40.35
C ILE S 252 78.18 65.53 -41.25
N VAL S 253 79.00 66.57 -41.06
CA VAL S 253 80.20 66.81 -41.86
C VAL S 253 81.43 66.74 -40.97
N LEU S 254 82.44 65.97 -41.38
CA LEU S 254 83.60 65.68 -40.54
C LEU S 254 84.90 65.90 -41.29
N LEU S 255 85.95 66.26 -40.53
CA LEU S 255 87.35 66.33 -40.91
C LEU S 255 88.12 65.16 -40.31
N PRO S 256 89.30 64.83 -40.83
CA PRO S 256 90.04 63.68 -40.30
C PRO S 256 90.35 63.84 -38.82
N GLY S 257 90.25 62.75 -38.08
CA GLY S 257 90.51 62.75 -36.66
C GLY S 257 89.34 63.10 -35.76
N CYS S 258 88.18 63.43 -36.31
CA CYS S 258 87.03 63.88 -35.53
C CYS S 258 85.93 62.82 -35.53
N GLY S 259 84.88 63.09 -34.77
CA GLY S 259 83.74 62.18 -34.69
C GLY S 259 82.74 62.67 -33.68
N VAL S 260 81.56 62.03 -33.70
CA VAL S 260 80.48 62.31 -32.76
C VAL S 260 80.01 61.00 -32.15
N ASP S 261 79.47 61.08 -30.93
CA ASP S 261 79.03 59.91 -30.18
C ASP S 261 77.67 60.18 -29.53
N PHE S 262 76.67 59.37 -29.87
CA PHE S 262 75.31 59.57 -29.39
C PHE S 262 74.87 58.49 -28.41
N THR S 263 75.80 57.87 -27.70
CA THR S 263 75.45 56.78 -26.80
C THR S 263 74.52 57.24 -25.68
N GLU S 264 74.74 58.46 -25.16
CA GLU S 264 73.95 58.95 -24.04
C GLU S 264 73.16 60.18 -24.45
N SER S 265 72.49 60.13 -25.59
CA SER S 265 71.81 61.28 -26.15
C SER S 265 70.63 60.82 -26.99
N ARG S 266 69.58 61.63 -27.03
CA ARG S 266 68.42 61.36 -27.87
C ARG S 266 68.33 62.30 -29.07
N LEU S 267 69.39 63.07 -29.34
CA LEU S 267 69.39 64.01 -30.45
C LEU S 267 69.59 63.34 -31.79
N SER S 268 69.97 62.06 -31.84
CA SER S 268 70.04 61.36 -33.12
C SER S 268 68.65 61.12 -33.71
N ASN S 269 67.61 61.03 -32.88
CA ASN S 269 66.24 60.91 -33.41
C ASN S 269 65.81 62.20 -34.11
N LEU S 270 66.19 63.36 -33.58
CA LEU S 270 65.86 64.61 -34.22
C LEU S 270 66.60 64.79 -35.55
N LEU S 271 67.79 64.18 -35.67
CA LEU S 271 68.54 64.26 -36.92
C LEU S 271 68.06 63.28 -37.97
N GLY S 272 67.25 62.29 -37.60
CA GLY S 272 66.83 61.29 -38.56
C GLY S 272 67.89 60.30 -38.97
N ILE S 273 68.81 59.95 -38.06
CA ILE S 273 69.84 58.95 -38.30
C ILE S 273 69.73 57.90 -37.20
N ARG S 274 69.50 56.66 -37.58
CA ARG S 274 69.28 55.57 -36.63
C ARG S 274 70.07 54.34 -37.03
N LYS S 275 70.21 53.40 -36.08
CA LYS S 275 70.93 52.16 -36.30
C LYS S 275 69.99 51.05 -36.76
N ARG S 276 70.48 50.22 -37.68
CA ARG S 276 69.70 49.07 -38.14
C ARG S 276 69.62 47.97 -37.10
N HIS S 277 70.47 47.98 -36.08
CA HIS S 277 70.42 47.06 -34.95
C HIS S 277 70.26 47.91 -33.69
N PRO S 278 69.04 48.36 -33.40
CA PRO S 278 68.85 49.38 -32.35
C PRO S 278 69.04 48.86 -30.94
N PHE S 279 69.13 47.55 -30.73
CA PHE S 279 69.32 47.02 -29.38
C PHE S 279 70.79 46.78 -29.02
N GLN S 280 71.72 47.09 -29.91
CA GLN S 280 73.15 46.98 -29.62
C GLN S 280 73.65 48.31 -29.06
N GLU S 281 74.26 48.27 -27.88
CA GLU S 281 74.67 49.49 -27.20
C GLU S 281 75.81 50.18 -27.95
N GLY S 282 75.79 51.51 -27.92
CA GLY S 282 76.86 52.30 -28.53
C GLY S 282 76.53 52.84 -29.91
N PHE S 283 76.72 54.14 -30.11
CA PHE S 283 76.43 54.80 -31.39
C PHE S 283 77.51 55.86 -31.63
N LYS S 284 78.54 55.51 -32.37
CA LYS S 284 79.63 56.42 -32.69
C LYS S 284 79.85 56.45 -34.20
N ILE S 285 80.08 57.65 -34.73
CA ILE S 285 80.35 57.84 -36.15
C ILE S 285 81.65 58.64 -36.27
N MET S 286 82.69 58.02 -36.83
CA MET S 286 84.01 58.64 -36.97
C MET S 286 84.31 58.89 -38.44
N TYR S 287 85.40 59.64 -38.66
CA TYR S 287 85.78 60.01 -40.03
C TYR S 287 86.11 58.79 -40.88
N GLU S 288 86.63 57.72 -40.26
CA GLU S 288 86.97 56.52 -41.01
C GLU S 288 85.74 55.72 -41.44
N ASP S 289 84.58 55.97 -40.85
CA ASP S 289 83.37 55.24 -41.22
C ASP S 289 82.63 55.86 -42.38
N LEU S 290 83.01 57.06 -42.82
CA LEU S 290 82.31 57.78 -43.89
C LEU S 290 83.02 57.65 -45.24
N GLU S 291 83.61 56.49 -45.52
CA GLU S 291 84.33 56.30 -46.76
C GLU S 291 83.42 56.48 -47.97
N GLY S 292 83.93 57.13 -49.00
CA GLY S 292 83.17 57.42 -50.20
C GLY S 292 82.34 58.68 -50.15
N GLY S 293 82.38 59.42 -49.05
CA GLY S 293 81.54 60.58 -48.90
C GLY S 293 82.26 61.92 -48.95
N ASN S 294 83.42 61.96 -49.59
CA ASN S 294 84.16 63.21 -49.70
C ASN S 294 83.38 64.23 -50.51
N ILE S 295 83.41 65.48 -50.05
CA ILE S 295 82.68 66.56 -50.70
C ILE S 295 83.49 67.07 -51.88
N PRO S 296 82.94 67.06 -53.10
CA PRO S 296 83.72 67.52 -54.26
C PRO S 296 84.08 68.99 -54.14
N ALA S 297 85.28 69.32 -54.62
CA ALA S 297 85.79 70.69 -54.53
C ALA S 297 85.12 71.61 -55.54
N LEU S 298 85.12 72.89 -55.21
CA LEU S 298 84.67 73.97 -56.10
C LEU S 298 83.41 73.65 -56.87
N ILE S 364 89.85 75.67 -65.66
CA ILE S 364 89.46 74.38 -65.12
C ILE S 364 90.36 74.00 -63.94
N GLN S 365 90.23 74.72 -62.84
CA GLN S 365 90.98 74.41 -61.63
C GLN S 365 90.10 74.65 -60.41
N PRO S 366 90.25 73.85 -59.35
CA PRO S 366 89.43 74.06 -58.16
C PRO S 366 89.83 75.32 -57.41
N LEU S 367 88.85 75.96 -56.78
CA LEU S 367 89.14 77.06 -55.89
C LEU S 367 89.77 76.52 -54.62
N GLU S 368 90.87 77.16 -54.19
CA GLU S 368 91.63 76.66 -53.05
C GLU S 368 91.45 77.46 -51.78
N LYS S 369 90.78 78.60 -51.83
CA LYS S 369 90.63 79.44 -50.64
C LYS S 369 89.37 80.28 -50.79
N ASP S 370 88.92 80.82 -49.66
CA ASP S 370 87.69 81.59 -49.59
C ASP S 370 87.99 83.08 -49.80
N SER S 371 86.96 83.92 -49.66
CA SER S 371 87.11 85.35 -49.90
C SER S 371 88.07 85.99 -48.90
N LYS S 372 87.98 85.61 -47.63
CA LYS S 372 88.82 86.16 -46.58
C LYS S 372 90.05 85.31 -46.30
N SER S 373 90.54 84.59 -47.31
CA SER S 373 91.73 83.75 -47.20
C SER S 373 91.56 82.68 -46.12
N ARG S 374 90.60 81.79 -46.34
CA ARG S 374 90.41 80.61 -45.53
C ARG S 374 90.57 79.38 -46.42
N SER S 375 91.37 78.42 -45.97
CA SER S 375 91.62 77.22 -46.75
C SER S 375 90.36 76.37 -46.87
N TYR S 376 90.07 75.89 -48.07
CA TYR S 376 89.03 74.91 -48.28
C TYR S 376 89.51 73.48 -48.08
N ASN S 377 90.79 73.28 -47.73
CA ASN S 377 91.35 71.95 -47.47
C ASN S 377 91.29 71.06 -48.71
N VAL S 378 91.59 71.63 -49.88
CA VAL S 378 91.64 70.83 -51.10
C VAL S 378 92.83 69.87 -51.04
N LEU S 379 92.66 68.69 -51.62
CA LEU S 379 93.64 67.62 -51.57
C LEU S 379 94.34 67.47 -52.92
N GLU S 380 95.18 66.44 -53.01
CA GLU S 380 95.79 66.11 -54.28
C GLU S 380 94.74 65.59 -55.26
N ASP S 381 95.09 65.62 -56.55
CA ASP S 381 94.23 65.29 -57.68
C ASP S 381 93.22 66.40 -57.93
N LYS S 382 93.15 67.39 -57.04
CA LYS S 382 92.46 68.66 -57.29
C LYS S 382 91.00 68.45 -57.72
N ILE S 383 90.34 67.44 -57.14
CA ILE S 383 88.92 67.22 -57.38
C ILE S 383 88.12 67.17 -56.07
N ASN S 384 88.62 66.44 -55.08
CA ASN S 384 87.89 66.24 -53.84
C ASN S 384 88.53 67.00 -52.68
N THR S 385 87.73 67.20 -51.65
CA THR S 385 88.12 67.92 -50.44
C THR S 385 88.16 66.96 -49.26
N ALA S 386 88.93 67.34 -48.23
CA ALA S 386 89.07 66.49 -47.06
C ALA S 386 87.77 66.30 -46.27
N TYR S 387 86.79 67.19 -46.44
CA TYR S 387 85.52 67.06 -45.73
C TYR S 387 84.76 65.84 -46.21
N ARG S 388 84.16 65.12 -45.27
CA ARG S 388 83.27 63.99 -45.55
C ARG S 388 81.91 64.24 -44.90
N SER S 389 80.86 63.68 -45.50
CA SER S 389 79.51 63.86 -44.97
C SER S 389 78.75 62.54 -44.98
N TRP S 390 77.90 62.37 -43.95
CA TRP S 390 77.12 61.14 -43.82
C TRP S 390 76.16 60.95 -44.99
N TYR S 391 75.52 62.02 -45.44
CA TYR S 391 74.51 61.89 -46.48
C TYR S 391 75.12 61.45 -47.81
N LEU S 392 76.28 62.02 -48.16
CA LEU S 392 76.94 61.61 -49.41
C LEU S 392 77.37 60.16 -49.36
N SER S 393 77.89 59.72 -48.21
CA SER S 393 78.31 58.33 -48.09
C SER S 393 77.12 57.38 -48.09
N TYR S 394 76.00 57.78 -47.50
CA TYR S 394 74.81 56.93 -47.48
C TYR S 394 74.23 56.74 -48.88
N ASN S 395 74.22 57.81 -49.68
CA ASN S 395 73.53 57.75 -50.97
C ASN S 395 74.45 57.42 -52.14
N TYR S 396 75.74 57.76 -52.08
CA TYR S 396 76.62 57.58 -53.22
C TYR S 396 77.78 56.62 -52.96
N GLY S 397 78.03 56.23 -51.71
CA GLY S 397 79.12 55.34 -51.38
C GLY S 397 78.80 53.90 -51.71
N ASN S 398 79.66 53.01 -51.21
CA ASN S 398 79.51 51.58 -51.45
C ASN S 398 78.34 51.03 -50.65
N PRO S 399 77.35 50.41 -51.29
CA PRO S 399 76.18 49.93 -50.54
C PRO S 399 76.48 48.89 -49.48
N GLU S 400 77.52 48.07 -49.67
CA GLU S 400 77.77 46.93 -48.79
C GLU S 400 78.97 47.13 -47.88
N LYS S 401 79.61 48.29 -47.91
CA LYS S 401 80.75 48.57 -47.05
C LYS S 401 80.70 49.93 -46.37
N GLY S 402 79.97 50.90 -46.89
CA GLY S 402 79.91 52.22 -46.31
C GLY S 402 78.95 52.30 -45.14
N ILE S 403 78.63 53.54 -44.78
CA ILE S 403 77.77 53.80 -43.63
C ILE S 403 76.35 53.26 -43.84
N ARG S 404 75.95 53.00 -45.09
CA ARG S 404 74.62 52.51 -45.38
C ARG S 404 74.39 51.08 -44.92
N SER S 405 75.44 50.33 -44.63
CA SER S 405 75.28 48.94 -44.25
C SER S 405 74.80 48.77 -42.81
N TRP S 406 75.00 49.76 -41.95
CA TRP S 406 74.55 49.64 -40.56
C TRP S 406 73.84 50.88 -40.01
N THR S 407 73.53 51.87 -40.84
CA THR S 407 72.67 52.98 -40.42
C THR S 407 71.49 53.12 -41.37
N LEU S 408 70.48 53.86 -40.92
CA LEU S 408 69.22 54.01 -41.64
C LEU S 408 68.79 55.46 -41.64
N LEU S 409 68.26 55.92 -42.77
CA LEU S 409 67.79 57.29 -42.92
C LEU S 409 66.28 57.35 -42.65
N THR S 410 65.86 58.23 -41.76
CA THR S 410 64.46 58.35 -41.34
C THR S 410 64.04 59.82 -41.33
N THR S 411 62.73 60.06 -41.23
CA THR S 411 62.22 61.41 -41.09
C THR S 411 62.58 61.99 -39.73
N SER S 412 62.85 63.29 -39.70
CA SER S 412 63.21 63.96 -38.46
C SER S 412 62.03 63.96 -37.49
N ASP S 413 62.31 63.67 -36.23
CA ASP S 413 61.30 63.61 -35.18
C ASP S 413 61.62 64.68 -34.12
N VAL S 414 60.86 65.78 -34.13
CA VAL S 414 61.18 66.92 -33.29
C VAL S 414 60.97 66.63 -31.81
N THR S 415 60.05 65.73 -31.46
CA THR S 415 59.85 65.41 -30.05
C THR S 415 61.00 64.60 -29.47
N CYS S 416 61.92 64.13 -30.31
CA CYS S 416 63.06 63.29 -29.93
C CYS S 416 62.66 61.89 -29.51
N GLY S 417 61.43 61.47 -29.82
CA GLY S 417 61.01 60.11 -29.56
C GLY S 417 60.28 59.97 -28.24
N VAL S 418 58.97 59.85 -28.28
CA VAL S 418 58.18 59.73 -27.06
C VAL S 418 58.03 58.25 -26.73
N GLU S 419 57.97 57.95 -25.44
CA GLU S 419 57.74 56.59 -24.96
C GLU S 419 56.47 56.57 -24.12
N GLN S 420 56.21 55.43 -23.48
CA GLN S 420 54.96 55.19 -22.78
C GLN S 420 55.02 55.69 -21.34
N VAL S 421 53.84 55.75 -20.71
CA VAL S 421 53.68 56.06 -19.29
C VAL S 421 52.79 55.01 -18.65
N TYR S 422 52.98 54.81 -17.35
CA TYR S 422 52.26 53.79 -16.58
C TYR S 422 51.50 54.42 -15.42
N TRP S 423 50.28 53.93 -15.17
CA TRP S 423 49.45 54.33 -14.04
C TRP S 423 49.48 53.29 -12.94
N SER S 424 49.48 53.74 -11.68
CA SER S 424 49.40 52.86 -10.51
C SER S 424 48.35 53.37 -9.52
N LEU S 425 47.53 52.46 -9.01
CA LEU S 425 46.57 52.76 -7.94
C LEU S 425 46.64 51.65 -6.88
N PRO S 426 47.71 51.62 -6.09
CA PRO S 426 47.96 50.43 -5.24
C PRO S 426 46.94 50.21 -4.13
N ASP S 427 46.21 51.22 -3.68
CA ASP S 427 45.23 51.04 -2.61
C ASP S 427 43.81 50.76 -3.12
N MET S 428 43.60 50.70 -4.43
CA MET S 428 42.26 50.50 -4.96
C MET S 428 42.13 49.22 -5.77
N MET S 429 43.05 48.94 -6.68
CA MET S 429 42.99 47.78 -7.56
C MET S 429 43.83 46.63 -7.02
N GLN S 430 43.43 45.42 -7.38
CA GLN S 430 44.27 44.25 -7.12
C GLN S 430 45.47 44.24 -8.07
N ASP S 431 46.57 43.64 -7.60
CA ASP S 431 47.77 43.57 -8.42
C ASP S 431 47.55 42.64 -9.61
N PRO S 432 47.88 43.06 -10.83
CA PRO S 432 47.81 42.14 -11.98
C PRO S 432 48.84 41.02 -11.87
N VAL S 433 48.62 39.98 -12.70
CA VAL S 433 49.32 38.72 -12.54
C VAL S 433 50.84 38.90 -12.72
N THR S 434 51.60 38.25 -11.83
CA THR S 434 53.05 38.19 -11.67
C THR S 434 53.67 39.43 -11.00
N PHE S 435 52.92 40.50 -10.73
CA PHE S 435 53.46 41.64 -9.99
C PHE S 435 53.49 41.33 -8.48
N ARG S 436 54.56 41.75 -7.81
CA ARG S 436 54.67 41.61 -6.36
C ARG S 436 54.10 42.83 -5.64
N SER S 437 53.50 42.58 -4.48
CA SER S 437 53.06 43.67 -3.61
C SER S 437 54.25 44.31 -2.91
N THR S 438 54.28 45.64 -2.88
CA THR S 438 55.43 46.35 -2.34
C THR S 438 55.03 47.78 -1.99
N ARG S 439 55.93 48.45 -1.27
CA ARG S 439 55.78 49.88 -0.96
C ARG S 439 56.90 50.73 -1.55
N GLN S 440 57.68 50.19 -2.49
CA GLN S 440 58.69 50.96 -3.19
C GLN S 440 58.09 51.61 -4.43
N VAL S 441 58.28 52.92 -4.58
CA VAL S 441 57.58 53.67 -5.61
C VAL S 441 58.00 53.22 -7.01
N SER S 442 59.29 52.98 -7.21
CA SER S 442 59.73 52.52 -8.53
C SER S 442 59.33 51.08 -8.83
N ASN S 443 58.53 50.38 -8.02
CA ASN S 443 58.14 49.02 -8.33
C ASN S 443 56.65 48.77 -8.06
N TYR S 444 55.81 49.80 -8.09
CA TYR S 444 54.38 49.62 -7.93
C TYR S 444 53.82 48.78 -9.08
N PRO S 445 52.81 47.95 -8.82
CA PRO S 445 52.13 47.26 -9.92
C PRO S 445 51.43 48.24 -10.87
N VAL S 446 51.39 47.87 -12.15
CA VAL S 446 50.94 48.74 -13.22
C VAL S 446 49.51 48.40 -13.61
N VAL S 447 48.65 49.40 -13.65
CA VAL S 447 47.22 49.21 -13.92
C VAL S 447 46.79 49.71 -15.30
N GLY S 448 47.64 50.48 -15.99
CA GLY S 448 47.32 50.91 -17.35
C GLY S 448 48.52 51.57 -17.99
N ALA S 449 48.46 51.68 -19.32
CA ALA S 449 49.56 52.25 -20.09
C ALA S 449 49.02 53.04 -21.28
N GLU S 450 49.79 54.03 -21.71
CA GLU S 450 49.47 54.87 -22.86
C GLU S 450 50.72 55.65 -23.25
N LEU S 451 50.64 56.40 -24.34
CA LEU S 451 51.76 57.24 -24.76
C LEU S 451 51.79 58.54 -23.95
N MET S 452 52.99 58.99 -23.62
CA MET S 452 53.16 60.34 -23.10
C MET S 452 52.65 61.33 -24.14
N PRO S 453 51.71 62.21 -23.78
CA PRO S 453 50.91 62.93 -24.79
C PRO S 453 51.58 64.17 -25.39
N VAL S 454 52.63 63.93 -26.18
CA VAL S 454 53.36 64.99 -26.86
C VAL S 454 53.47 64.61 -28.33
N PHE S 455 53.14 65.53 -29.23
CA PHE S 455 53.02 65.22 -30.65
C PHE S 455 53.69 66.30 -31.50
N SER S 456 54.03 65.90 -32.72
CA SER S 456 54.63 66.79 -33.71
C SER S 456 53.56 67.40 -34.61
N LYS S 457 53.76 68.66 -34.99
CA LYS S 457 52.86 69.36 -35.92
C LYS S 457 53.68 70.03 -37.02
N SER S 458 53.17 70.00 -38.25
CA SER S 458 53.87 70.50 -39.42
C SER S 458 53.31 71.84 -39.89
N PHE S 459 54.20 72.68 -40.41
CA PHE S 459 53.84 73.96 -41.01
C PHE S 459 54.62 74.13 -42.32
N TYR S 460 54.11 74.99 -43.19
CA TYR S 460 54.73 75.26 -44.48
C TYR S 460 55.31 76.68 -44.48
N ASN S 461 56.57 76.79 -44.87
CA ASN S 461 57.23 78.10 -44.93
C ASN S 461 58.08 78.26 -46.19
N HIS S 478 74.96 88.62 -36.38
CA HIS S 478 74.44 87.27 -36.51
C HIS S 478 75.34 86.25 -35.82
N VAL S 479 74.95 85.85 -34.61
CA VAL S 479 75.71 84.84 -33.87
C VAL S 479 75.59 83.47 -34.52
N PHE S 480 74.54 83.24 -35.31
CA PHE S 480 74.34 81.97 -35.98
C PHE S 480 74.93 81.94 -37.39
N ASN S 481 75.67 82.97 -37.79
CA ASN S 481 76.38 82.97 -39.07
C ASN S 481 77.66 83.77 -38.87
N ARG S 482 78.74 83.06 -38.50
CA ARG S 482 80.02 83.67 -38.19
C ARG S 482 81.02 83.57 -39.34
N PHE S 483 80.72 82.78 -40.37
CA PHE S 483 81.57 82.64 -41.54
C PHE S 483 80.70 82.79 -42.78
N PRO S 484 80.18 83.99 -43.03
CA PRO S 484 79.27 84.17 -44.17
C PRO S 484 79.90 83.84 -45.50
N GLU S 485 81.20 84.06 -45.66
CA GLU S 485 81.84 83.85 -46.95
C GLU S 485 82.08 82.38 -47.26
N ASN S 486 82.37 81.57 -46.24
CA ASN S 486 82.84 80.21 -46.46
C ASN S 486 81.69 79.31 -46.90
N GLN S 487 81.85 78.67 -48.05
CA GLN S 487 80.79 77.83 -48.60
C GLN S 487 80.53 76.59 -47.76
N ILE S 488 81.50 76.14 -46.97
CA ILE S 488 81.30 74.96 -46.13
C ILE S 488 80.70 75.34 -44.78
N LEU S 489 81.11 76.50 -44.23
CA LEU S 489 80.71 76.94 -42.91
C LEU S 489 79.55 77.92 -42.93
N ILE S 490 78.91 78.11 -44.09
CA ILE S 490 77.75 78.98 -44.14
C ILE S 490 76.60 78.37 -43.33
N ARG S 491 75.70 79.24 -42.88
CA ARG S 491 74.55 78.80 -42.10
C ARG S 491 73.62 77.94 -42.97
N PRO S 492 73.19 76.78 -42.50
CA PRO S 492 72.44 75.88 -43.36
C PRO S 492 71.11 76.50 -43.77
N PRO S 493 70.64 76.20 -44.98
CA PRO S 493 69.30 76.64 -45.37
C PRO S 493 68.21 75.95 -44.56
N ALA S 494 67.09 76.65 -44.38
CA ALA S 494 65.96 76.16 -43.60
C ALA S 494 65.03 75.33 -44.48
N PRO S 495 64.47 74.24 -43.95
CA PRO S 495 63.56 73.42 -44.74
C PRO S 495 62.26 74.17 -45.04
N THR S 496 61.63 73.78 -46.14
CA THR S 496 60.32 74.30 -46.46
C THR S 496 59.22 73.68 -45.59
N ILE S 497 59.52 72.63 -44.83
CA ILE S 497 58.59 72.04 -43.87
C ILE S 497 59.21 72.15 -42.48
N THR S 498 58.50 72.83 -41.58
CA THR S 498 58.95 73.02 -40.20
C THR S 498 58.04 72.24 -39.25
N THR S 499 58.65 71.57 -38.26
CA THR S 499 57.90 70.80 -37.28
C THR S 499 58.20 71.29 -35.87
N VAL S 500 57.16 71.36 -35.03
CA VAL S 500 57.27 71.76 -33.63
C VAL S 500 56.44 70.78 -32.80
N SER S 501 56.80 70.65 -31.52
CA SER S 501 56.16 69.70 -30.62
C SER S 501 55.10 70.38 -29.76
N GLU S 502 54.01 69.67 -29.50
CA GLU S 502 52.85 70.18 -28.78
C GLU S 502 52.39 69.22 -27.69
N ASN S 503 51.79 69.78 -26.66
CA ASN S 503 51.16 69.01 -25.59
C ASN S 503 49.64 69.02 -25.80
N VAL S 504 49.03 67.85 -25.87
CA VAL S 504 47.61 67.70 -26.15
C VAL S 504 46.98 66.89 -25.01
N PRO S 505 45.91 67.37 -24.38
CA PRO S 505 45.29 66.59 -23.28
C PRO S 505 44.78 65.24 -23.75
N ALA S 506 44.99 64.23 -22.92
CA ALA S 506 44.73 62.84 -23.26
C ALA S 506 43.58 62.30 -22.41
N LEU S 507 42.59 61.72 -23.08
CA LEU S 507 41.40 61.15 -22.45
C LEU S 507 41.36 59.67 -22.81
N THR S 508 41.46 58.80 -21.80
CA THR S 508 41.73 57.39 -22.04
C THR S 508 40.78 56.50 -21.26
N ASP S 509 40.27 55.46 -21.93
CA ASP S 509 39.49 54.41 -21.29
C ASP S 509 40.37 53.16 -21.16
N HIS S 510 40.61 52.74 -19.92
CA HIS S 510 41.50 51.62 -19.65
C HIS S 510 40.78 50.29 -19.43
N GLY S 511 39.46 50.24 -19.58
CA GLY S 511 38.72 49.01 -19.35
C GLY S 511 38.45 48.71 -17.88
N THR S 512 38.04 47.47 -17.62
CA THR S 512 37.62 47.03 -16.30
C THR S 512 38.72 46.20 -15.64
N LEU S 513 39.00 46.50 -14.37
CA LEU S 513 39.99 45.78 -13.57
C LEU S 513 39.39 45.33 -12.24
N PRO S 514 39.86 44.21 -11.69
CA PRO S 514 39.33 43.74 -10.40
C PRO S 514 39.64 44.70 -9.25
N LEU S 515 38.65 44.86 -8.38
CA LEU S 515 38.63 45.88 -7.33
C LEU S 515 38.73 45.22 -5.96
N ARG S 516 39.41 45.87 -5.03
CA ARG S 516 39.45 45.37 -3.65
C ARG S 516 38.10 45.56 -2.96
N SER S 517 37.76 44.62 -2.07
CA SER S 517 36.46 44.63 -1.41
C SER S 517 36.33 45.73 -0.38
N SER S 518 37.44 46.18 0.22
CA SER S 518 37.41 47.25 1.20
C SER S 518 38.37 48.35 0.78
N ILE S 519 37.87 49.57 0.68
CA ILE S 519 38.61 50.70 0.13
C ILE S 519 38.78 51.73 1.25
N ARG S 520 40.02 52.10 1.54
CA ARG S 520 40.31 53.11 2.55
C ARG S 520 40.03 54.51 2.01
N GLY S 521 39.85 55.45 2.94
CA GLY S 521 39.46 56.80 2.59
C GLY S 521 40.54 57.63 1.93
N VAL S 522 41.81 57.29 2.12
CA VAL S 522 42.92 58.01 1.52
C VAL S 522 43.61 57.08 0.51
N GLN S 523 43.84 57.59 -0.70
CA GLN S 523 44.33 56.80 -1.82
C GLN S 523 45.56 57.44 -2.44
N ARG S 524 46.47 56.60 -2.93
CA ARG S 524 47.69 57.05 -3.61
C ARG S 524 47.55 56.94 -5.14
N VAL S 525 48.00 57.96 -5.85
CA VAL S 525 47.97 58.01 -7.31
C VAL S 525 49.38 58.28 -7.82
N THR S 526 49.85 57.46 -8.77
CA THR S 526 51.22 57.56 -9.27
C THR S 526 51.28 57.41 -10.79
N VAL S 527 52.13 58.20 -11.42
CA VAL S 527 52.40 58.13 -12.86
C VAL S 527 53.92 58.07 -13.06
N THR S 528 54.40 57.04 -13.76
CA THR S 528 55.84 56.85 -13.99
C THR S 528 56.12 56.55 -15.46
N ASP S 529 57.38 56.77 -15.86
CA ASP S 529 57.82 56.58 -17.24
C ASP S 529 58.37 55.16 -17.44
N ALA S 530 59.02 54.93 -18.58
CA ALA S 530 59.48 53.59 -18.94
C ALA S 530 60.58 53.08 -18.02
N ARG S 531 61.41 53.97 -17.49
CA ARG S 531 62.43 53.61 -16.52
C ARG S 531 61.94 53.65 -15.09
N ARG S 532 60.63 53.84 -14.90
CA ARG S 532 59.96 53.87 -13.59
C ARG S 532 60.42 55.05 -12.73
N ARG S 533 60.63 56.21 -13.36
CA ARG S 533 60.78 57.47 -12.65
C ARG S 533 59.47 58.25 -12.76
N THR S 534 59.19 59.07 -11.74
CA THR S 534 58.06 59.99 -11.86
C THR S 534 58.41 61.10 -12.85
N CYS S 535 57.37 61.68 -13.46
CA CYS S 535 57.56 62.70 -14.47
C CYS S 535 57.24 64.08 -13.93
N PRO S 536 58.21 64.98 -13.83
CA PRO S 536 57.93 66.34 -13.31
C PRO S 536 57.11 67.23 -14.22
N TYR S 537 56.78 66.81 -15.44
CA TYR S 537 56.05 67.66 -16.36
C TYR S 537 54.55 67.35 -16.41
N VAL S 538 54.05 66.47 -15.56
CA VAL S 538 52.62 66.30 -15.39
C VAL S 538 52.11 67.40 -14.45
N TYR S 539 51.06 68.12 -14.87
CA TYR S 539 50.46 69.10 -13.96
C TYR S 539 48.95 68.96 -13.81
N LYS S 540 48.34 67.92 -14.37
CA LYS S 540 46.93 67.64 -14.15
C LYS S 540 46.68 66.16 -14.40
N ALA S 541 46.10 65.49 -13.41
CA ALA S 541 45.79 64.07 -13.51
C ALA S 541 44.55 63.76 -12.69
N LEU S 542 43.54 63.17 -13.33
CA LEU S 542 42.29 62.80 -12.68
C LEU S 542 41.92 61.36 -13.04
N GLY S 543 41.22 60.71 -12.11
CA GLY S 543 40.69 59.39 -12.35
C GLY S 543 39.25 59.27 -11.92
N ILE S 544 38.49 58.48 -12.66
CA ILE S 544 37.09 58.20 -12.38
C ILE S 544 36.88 56.69 -12.50
N VAL S 545 36.32 56.08 -11.46
CA VAL S 545 36.12 54.64 -11.39
C VAL S 545 34.64 54.35 -11.22
N ALA S 546 34.14 53.36 -11.97
CA ALA S 546 32.74 52.93 -11.90
C ALA S 546 32.64 51.46 -11.52
N PRO S 547 32.39 51.13 -10.25
CA PRO S 547 32.32 49.73 -9.84
C PRO S 547 31.09 49.00 -10.37
N ARG S 548 31.23 47.68 -10.53
CA ARG S 548 30.11 46.81 -10.86
C ARG S 548 30.48 45.36 -10.52
N VAL S 549 29.45 44.51 -10.44
CA VAL S 549 29.63 43.12 -10.05
C VAL S 549 30.16 42.30 -11.23
N LEU S 550 31.19 41.49 -10.97
CA LEU S 550 31.76 40.58 -11.98
C LEU S 550 31.29 39.15 -11.83
N SER S 551 31.36 38.58 -10.64
CA SER S 551 30.92 37.20 -10.44
C SER S 551 30.54 36.99 -8.98
N SER S 552 29.95 35.83 -8.71
CA SER S 552 29.47 35.48 -7.38
C SER S 552 30.59 34.87 -6.54
N ARG S 553 30.46 35.06 -5.22
CA ARG S 553 31.34 34.48 -4.21
C ARG S 553 32.76 35.01 -4.27
N ARG T 48 -24.48 6.76 -39.12
CA ARG T 48 -24.87 8.11 -39.51
C ARG T 48 -24.92 8.27 -41.04
N ASN T 49 -25.44 7.25 -41.73
CA ASN T 49 -25.44 7.28 -43.19
C ASN T 49 -26.74 6.75 -43.79
N SER T 50 -27.84 6.78 -43.05
CA SER T 50 -29.10 6.23 -43.54
C SER T 50 -29.89 7.27 -44.33
N ILE T 51 -30.77 6.78 -45.20
CA ILE T 51 -31.62 7.62 -46.05
C ILE T 51 -33.05 7.12 -45.91
N ARG T 52 -33.97 8.02 -45.54
CA ARG T 52 -35.31 7.64 -45.13
C ARG T 52 -36.38 8.38 -45.93
N TYR T 53 -37.49 7.70 -46.19
CA TYR T 53 -38.63 8.26 -46.90
C TYR T 53 -39.83 8.32 -45.96
N SER T 54 -40.50 9.47 -45.92
CA SER T 54 -41.44 9.76 -44.85
C SER T 54 -42.68 8.85 -44.86
N GLU T 55 -42.94 8.14 -45.95
CA GLU T 55 -44.10 7.25 -45.98
C GLU T 55 -43.81 5.83 -45.52
N LEU T 56 -42.58 5.54 -45.09
CA LEU T 56 -42.19 4.20 -44.67
C LEU T 56 -41.72 4.22 -43.22
N SER T 57 -42.04 3.15 -42.48
CA SER T 57 -41.67 3.03 -41.07
C SER T 57 -41.66 1.56 -40.68
N PRO T 58 -40.76 1.12 -39.79
CA PRO T 58 -40.71 -0.29 -39.40
C PRO T 58 -41.69 -0.64 -38.29
N LEU T 59 -41.97 -1.94 -38.16
CA LEU T 59 -43.03 -2.45 -37.29
C LEU T 59 -42.47 -3.16 -36.06
N TYR T 60 -43.17 -3.02 -34.93
CA TYR T 60 -42.75 -3.62 -33.66
C TYR T 60 -43.96 -4.11 -32.87
N ASP T 61 -43.69 -5.15 -32.07
CA ASP T 61 -44.45 -5.67 -30.91
C ASP T 61 -45.77 -6.41 -31.18
N THR T 62 -46.44 -6.18 -32.30
CA THR T 62 -47.70 -6.83 -32.61
C THR T 62 -48.23 -6.32 -33.94
N THR T 63 -49.11 -7.10 -34.55
CA THR T 63 -49.70 -6.79 -35.85
C THR T 63 -50.90 -7.73 -36.06
N ARG T 64 -51.45 -7.75 -37.28
CA ARG T 64 -52.52 -8.67 -37.63
C ARG T 64 -52.18 -9.44 -38.91
N LEU T 65 -52.60 -10.70 -38.97
CA LEU T 65 -52.56 -11.52 -40.18
C LEU T 65 -53.98 -12.00 -40.50
N TYR T 66 -54.39 -11.89 -41.75
CA TYR T 66 -55.75 -12.21 -42.16
C TYR T 66 -55.77 -13.41 -43.09
N LEU T 67 -56.64 -14.37 -42.79
CA LEU T 67 -56.81 -15.61 -43.56
C LEU T 67 -58.22 -15.62 -44.13
N VAL T 68 -58.34 -15.24 -45.40
CA VAL T 68 -59.62 -14.94 -46.02
C VAL T 68 -59.84 -15.85 -47.22
N ASP T 69 -61.06 -16.36 -47.35
CA ASP T 69 -61.36 -17.43 -48.30
C ASP T 69 -61.90 -16.95 -49.65
N ASN T 70 -62.04 -15.65 -49.88
CA ASN T 70 -62.67 -15.17 -51.11
C ASN T 70 -61.91 -13.98 -51.71
N LYS T 71 -60.59 -14.04 -51.73
CA LYS T 71 -59.81 -13.05 -52.46
C LYS T 71 -59.94 -13.30 -53.96
N SER T 72 -60.04 -12.23 -54.74
CA SER T 72 -60.38 -12.36 -56.16
C SER T 72 -59.30 -13.10 -56.93
N ALA T 73 -58.03 -12.78 -56.70
CA ALA T 73 -56.94 -13.41 -57.44
C ALA T 73 -56.68 -14.84 -56.99
N ASP T 74 -56.87 -15.14 -55.70
CA ASP T 74 -56.65 -16.49 -55.21
C ASP T 74 -57.70 -17.46 -55.75
N ILE T 75 -58.90 -16.98 -56.04
CA ILE T 75 -59.95 -17.83 -56.58
C ILE T 75 -59.53 -18.40 -57.93
N ALA T 76 -58.96 -17.57 -58.79
CA ALA T 76 -58.68 -17.97 -60.16
C ALA T 76 -57.48 -18.91 -60.23
N SER T 77 -56.41 -18.65 -59.48
CA SER T 77 -55.14 -19.32 -59.70
C SER T 77 -54.75 -20.33 -58.63
N LEU T 78 -55.49 -20.44 -57.54
CA LEU T 78 -55.08 -21.37 -56.49
C LEU T 78 -56.09 -22.47 -56.19
N ASN T 79 -57.38 -22.18 -56.21
CA ASN T 79 -58.38 -23.02 -55.56
C ASN T 79 -59.38 -23.61 -56.55
N TYR T 80 -58.91 -24.02 -57.72
CA TYR T 80 -59.82 -24.49 -58.77
C TYR T 80 -60.53 -25.78 -58.37
N GLN T 81 -59.86 -26.67 -57.66
CA GLN T 81 -60.42 -27.96 -57.27
C GLN T 81 -60.78 -28.04 -55.78
N ASN T 82 -60.84 -26.92 -55.07
CA ASN T 82 -61.01 -26.92 -53.62
C ASN T 82 -62.42 -26.46 -53.25
N ASP T 83 -62.72 -26.49 -51.94
CA ASP T 83 -63.95 -25.93 -51.41
C ASP T 83 -63.63 -25.21 -50.10
N HIS T 84 -64.65 -24.61 -49.47
CA HIS T 84 -64.44 -23.76 -48.32
C HIS T 84 -63.99 -24.52 -47.07
N SER T 85 -64.06 -25.84 -47.07
CA SER T 85 -63.55 -26.63 -45.96
C SER T 85 -62.05 -26.92 -46.07
N ASN T 86 -61.44 -26.73 -47.25
CA ASN T 86 -60.02 -27.04 -47.43
C ASN T 86 -59.51 -26.23 -48.63
N PHE T 87 -58.81 -25.12 -48.37
CA PHE T 87 -58.43 -24.19 -49.42
C PHE T 87 -57.09 -23.55 -49.12
N LEU T 88 -56.58 -22.80 -50.09
CA LEU T 88 -55.33 -22.06 -49.97
C LEU T 88 -55.60 -20.56 -50.05
N THR T 89 -54.81 -19.77 -49.34
CA THR T 89 -54.96 -18.32 -49.36
C THR T 89 -53.61 -17.66 -49.15
N THR T 90 -53.52 -16.39 -49.52
CA THR T 90 -52.29 -15.62 -49.39
C THR T 90 -52.41 -14.65 -48.22
N VAL T 91 -51.39 -14.64 -47.36
CA VAL T 91 -51.35 -13.67 -46.26
C VAL T 91 -50.63 -12.39 -46.63
N VAL T 92 -50.06 -12.30 -47.84
CA VAL T 92 -49.47 -11.07 -48.34
C VAL T 92 -50.58 -10.22 -48.94
N GLN T 93 -50.76 -9.01 -48.43
CA GLN T 93 -51.84 -8.11 -48.85
C GLN T 93 -51.35 -6.99 -49.76
N ASN T 94 -50.41 -7.26 -50.65
CA ASN T 94 -49.77 -6.25 -51.50
C ASN T 94 -50.03 -6.63 -52.95
N ASN T 95 -50.83 -5.82 -53.66
CA ASN T 95 -51.28 -6.16 -55.00
C ASN T 95 -50.24 -5.85 -56.09
N ASP T 96 -49.01 -5.49 -55.72
CA ASP T 96 -47.93 -5.41 -56.70
C ASP T 96 -47.49 -6.79 -57.19
N PHE T 97 -47.97 -7.87 -56.57
CA PHE T 97 -47.55 -9.23 -56.87
C PHE T 97 -48.77 -10.12 -57.06
N THR T 98 -48.62 -11.12 -57.92
CA THR T 98 -49.61 -12.18 -58.05
C THR T 98 -49.45 -13.20 -56.93
N PRO T 99 -50.49 -14.00 -56.66
CA PRO T 99 -50.36 -15.03 -55.61
C PRO T 99 -49.23 -16.02 -55.86
N THR T 100 -48.96 -16.37 -57.11
CA THR T 100 -47.84 -17.26 -57.41
C THR T 100 -46.52 -16.62 -57.00
N GLU T 101 -46.32 -15.34 -57.33
CA GLU T 101 -45.12 -14.64 -56.88
C GLU T 101 -45.07 -14.54 -55.36
N ALA T 102 -46.23 -14.29 -54.73
CA ALA T 102 -46.26 -14.13 -53.28
C ALA T 102 -45.88 -15.42 -52.54
N SER T 103 -46.05 -16.57 -53.19
CA SER T 103 -45.82 -17.84 -52.49
C SER T 103 -44.37 -18.00 -52.06
N THR T 104 -43.43 -17.34 -52.74
CA THR T 104 -42.03 -17.44 -52.37
C THR T 104 -41.58 -16.40 -51.34
N GLN T 105 -42.41 -15.42 -51.02
CA GLN T 105 -42.04 -14.39 -50.06
C GLN T 105 -42.29 -14.89 -48.63
N THR T 106 -41.70 -14.20 -47.65
CA THR T 106 -41.83 -14.59 -46.26
C THR T 106 -42.07 -13.37 -45.36
N ILE T 107 -42.63 -13.64 -44.19
CA ILE T 107 -42.74 -12.69 -43.09
C ILE T 107 -41.93 -13.25 -41.93
N ASN T 108 -41.05 -12.43 -41.35
CA ASN T 108 -40.08 -12.91 -40.37
C ASN T 108 -40.25 -12.21 -39.04
N PHE T 109 -40.46 -12.99 -37.98
CA PHE T 109 -40.54 -12.51 -36.61
C PHE T 109 -39.18 -12.73 -35.93
N ASP T 110 -38.72 -11.73 -35.18
CA ASP T 110 -37.33 -11.71 -34.72
C ASP T 110 -36.93 -13.00 -34.02
N GLU T 111 -35.83 -13.60 -34.50
CA GLU T 111 -35.42 -14.92 -34.06
C GLU T 111 -34.86 -14.95 -32.64
N ARG T 112 -34.62 -13.80 -32.03
CA ARG T 112 -34.17 -13.75 -30.65
C ARG T 112 -35.31 -13.84 -29.65
N SER T 113 -36.55 -14.02 -30.11
CA SER T 113 -37.70 -14.23 -29.25
C SER T 113 -38.48 -15.44 -29.74
N ARG T 114 -39.27 -16.03 -28.84
CA ARG T 114 -40.27 -17.01 -29.20
C ARG T 114 -41.64 -16.31 -29.25
N TRP T 115 -42.41 -16.57 -30.29
CA TRP T 115 -43.62 -15.83 -30.57
C TRP T 115 -44.85 -16.73 -30.45
N GLY T 116 -45.97 -16.14 -30.04
CA GLY T 116 -47.25 -16.82 -30.03
C GLY T 116 -48.29 -16.00 -30.76
N GLY T 117 -49.38 -16.68 -31.11
CA GLY T 117 -50.46 -16.04 -31.85
C GLY T 117 -51.84 -16.33 -31.30
N GLN T 118 -52.59 -15.27 -30.99
CA GLN T 118 -53.96 -15.41 -30.53
C GLN T 118 -54.88 -15.55 -31.74
N LEU T 119 -55.71 -16.59 -31.74
CA LEU T 119 -56.50 -16.97 -32.90
C LEU T 119 -58.00 -16.78 -32.66
N LYS T 120 -58.67 -16.09 -33.58
CA LYS T 120 -60.12 -15.95 -33.59
C LYS T 120 -60.66 -16.42 -34.94
N THR T 121 -61.79 -17.12 -34.93
CA THR T 121 -62.36 -17.66 -36.15
C THR T 121 -63.83 -17.28 -36.28
N ILE T 122 -64.30 -17.27 -37.53
CA ILE T 122 -65.70 -17.05 -37.88
C ILE T 122 -66.11 -18.14 -38.86
N MET T 123 -67.22 -18.84 -38.58
CA MET T 123 -67.67 -19.95 -39.41
C MET T 123 -69.19 -19.90 -39.58
N HIS T 124 -69.65 -20.28 -40.77
CA HIS T 124 -71.08 -20.38 -41.06
C HIS T 124 -71.35 -21.60 -41.93
N THR T 125 -72.45 -22.31 -41.64
CA THR T 125 -72.79 -23.56 -42.30
C THR T 125 -74.21 -23.50 -42.86
N ASN T 126 -74.52 -24.46 -43.74
CA ASN T 126 -75.87 -24.59 -44.30
C ASN T 126 -76.29 -26.06 -44.40
N MET T 127 -76.09 -26.82 -43.32
CA MET T 127 -76.37 -28.27 -43.30
C MET T 127 -77.86 -28.55 -43.07
N PRO T 128 -78.49 -29.37 -43.90
CA PRO T 128 -79.84 -29.88 -43.59
C PRO T 128 -79.79 -31.11 -42.70
N ASN T 129 -80.88 -31.33 -41.95
CA ASN T 129 -80.83 -32.35 -40.91
C ASN T 129 -80.96 -33.77 -41.44
N VAL T 130 -81.55 -33.99 -42.60
CA VAL T 130 -81.65 -35.33 -43.20
C VAL T 130 -80.81 -35.34 -44.46
N ASN T 131 -79.68 -36.04 -44.42
CA ASN T 131 -78.77 -36.06 -45.56
C ASN T 131 -77.93 -37.33 -45.52
N GLU T 132 -77.32 -37.65 -46.66
CA GLU T 132 -76.57 -38.89 -46.81
C GLU T 132 -75.20 -38.84 -46.14
N TYR T 133 -74.53 -37.68 -46.16
CA TYR T 133 -73.16 -37.60 -45.68
C TYR T 133 -73.05 -37.90 -44.19
N MET T 134 -74.08 -37.57 -43.42
CA MET T 134 -74.07 -37.73 -41.97
C MET T 134 -74.83 -38.96 -41.49
N PHE T 135 -75.22 -39.86 -42.41
CA PHE T 135 -75.86 -41.13 -42.08
C PHE T 135 -77.21 -40.94 -41.38
N SER T 136 -77.91 -39.84 -41.67
CA SER T 136 -79.26 -39.63 -41.18
C SER T 136 -80.30 -39.88 -42.26
N ASN T 137 -79.95 -40.69 -43.25
CA ASN T 137 -80.73 -40.90 -44.46
C ASN T 137 -81.37 -42.28 -44.55
N LYS T 138 -80.98 -43.23 -43.71
CA LYS T 138 -81.30 -44.62 -43.94
C LYS T 138 -81.42 -45.38 -42.62
N PHE T 139 -82.12 -46.51 -42.68
CA PHE T 139 -82.24 -47.45 -41.58
C PHE T 139 -82.61 -48.81 -42.15
N LYS T 140 -82.52 -49.85 -41.32
CA LYS T 140 -82.83 -51.22 -41.74
C LYS T 140 -83.98 -51.79 -40.91
N ALA T 141 -84.77 -52.65 -41.54
CA ALA T 141 -85.90 -53.28 -40.87
C ALA T 141 -86.22 -54.62 -41.51
N ARG T 142 -86.94 -55.46 -40.78
CA ARG T 142 -87.34 -56.79 -41.24
C ARG T 142 -88.86 -56.85 -41.34
N VAL T 143 -89.37 -57.12 -42.53
CA VAL T 143 -90.79 -57.14 -42.81
C VAL T 143 -91.16 -58.46 -43.48
N MET T 144 -92.46 -58.66 -43.70
CA MET T 144 -92.98 -59.89 -44.28
C MET T 144 -93.07 -59.77 -45.79
N VAL T 145 -92.51 -60.76 -46.49
CA VAL T 145 -92.46 -60.75 -47.94
C VAL T 145 -93.51 -61.66 -48.58
N SER T 146 -93.87 -62.77 -47.91
CA SER T 146 -94.83 -63.70 -48.48
C SER T 146 -95.66 -64.34 -47.38
N ARG T 147 -96.97 -64.38 -47.59
CA ARG T 147 -97.84 -65.28 -46.86
C ARG T 147 -97.92 -66.59 -47.65
N LYS T 148 -98.85 -67.47 -47.28
CA LYS T 148 -99.00 -68.73 -48.01
C LYS T 148 -99.54 -68.50 -49.42
N ASP T 171 -100.73 -71.67 -42.84
CA ASP T 171 -100.04 -70.60 -43.56
C ASP T 171 -98.57 -70.53 -43.15
N ILE T 172 -97.69 -70.38 -44.14
CA ILE T 172 -96.26 -70.23 -43.92
C ILE T 172 -95.88 -68.80 -44.27
N LEU T 173 -95.14 -68.15 -43.37
CA LEU T 173 -94.81 -66.73 -43.48
C LEU T 173 -93.31 -66.57 -43.65
N LYS T 174 -92.91 -65.71 -44.59
CA LYS T 174 -91.50 -65.46 -44.88
C LYS T 174 -91.17 -63.99 -44.62
N TYR T 175 -90.00 -63.75 -44.04
CA TYR T 175 -89.54 -62.42 -43.68
C TYR T 175 -88.14 -62.19 -44.25
N GLU T 176 -87.79 -60.92 -44.43
CA GLU T 176 -86.48 -60.57 -44.98
C GLU T 176 -86.08 -59.17 -44.53
N TRP T 177 -84.77 -58.93 -44.50
CA TRP T 177 -84.21 -57.63 -44.15
C TRP T 177 -84.04 -56.76 -45.39
N PHE T 178 -84.27 -55.46 -45.23
CA PHE T 178 -84.07 -54.47 -46.28
C PHE T 178 -83.46 -53.21 -45.68
N GLU T 179 -82.91 -52.37 -46.56
CA GLU T 179 -82.45 -51.04 -46.19
C GLU T 179 -83.33 -50.00 -46.88
N PHE T 180 -83.80 -49.03 -46.10
CA PHE T 180 -84.76 -48.04 -46.56
C PHE T 180 -84.10 -46.66 -46.65
N ILE T 181 -84.46 -45.89 -47.68
CA ILE T 181 -83.83 -44.60 -47.97
C ILE T 181 -84.89 -43.52 -48.00
N LEU T 182 -84.62 -42.38 -47.33
CA LEU T 182 -85.41 -41.17 -47.30
C LEU T 182 -84.84 -40.13 -48.25
N PRO T 183 -85.65 -39.22 -48.78
CA PRO T 183 -85.12 -38.11 -49.57
C PRO T 183 -84.60 -36.99 -48.66
N GLU T 184 -83.64 -36.23 -49.19
CA GLU T 184 -82.89 -35.27 -48.40
C GLU T 184 -83.63 -33.94 -48.28
N GLY T 185 -83.39 -33.26 -47.16
CA GLY T 185 -84.04 -31.99 -46.87
C GLY T 185 -83.94 -31.67 -45.40
N ASN T 186 -84.53 -30.53 -45.04
CA ASN T 186 -84.53 -30.03 -43.67
C ASN T 186 -85.95 -30.10 -43.12
N PHE T 187 -86.22 -31.09 -42.28
CA PHE T 187 -87.58 -31.42 -41.86
C PHE T 187 -87.73 -31.36 -40.34
N SER T 188 -88.96 -31.13 -39.89
CA SER T 188 -89.26 -31.26 -38.48
C SER T 188 -89.34 -32.73 -38.09
N ALA T 189 -89.43 -32.98 -36.78
CA ALA T 189 -89.42 -34.35 -36.27
C ALA T 189 -90.67 -35.11 -36.70
N THR T 190 -91.84 -34.46 -36.65
CA THR T 190 -93.07 -35.13 -37.08
C THR T 190 -93.03 -35.46 -38.57
N MET T 191 -92.56 -34.52 -39.39
CA MET T 191 -92.47 -34.77 -40.83
C MET T 191 -91.47 -35.88 -41.14
N THR T 192 -90.41 -36.00 -40.35
CA THR T 192 -89.45 -37.08 -40.56
C THR T 192 -90.08 -38.44 -40.30
N ILE T 193 -90.90 -38.55 -39.25
CA ILE T 193 -91.56 -39.81 -38.92
C ILE T 193 -92.55 -40.21 -40.01
N ASP T 194 -93.22 -39.25 -40.64
CA ASP T 194 -94.09 -39.57 -41.76
C ASP T 194 -93.31 -40.17 -42.91
N LEU T 195 -92.11 -39.66 -43.18
CA LEU T 195 -91.31 -40.18 -44.29
C LEU T 195 -90.84 -41.61 -44.01
N MET T 196 -90.54 -41.94 -42.76
CA MET T 196 -90.13 -43.30 -42.43
C MET T 196 -91.27 -44.29 -42.60
N ASN T 197 -92.49 -43.91 -42.21
CA ASN T 197 -93.65 -44.77 -42.46
C ASN T 197 -93.89 -44.94 -43.96
N ASN T 198 -93.75 -43.86 -44.73
CA ASN T 198 -93.95 -43.92 -46.17
C ASN T 198 -92.96 -44.85 -46.84
N ALA T 199 -91.73 -44.92 -46.33
CA ALA T 199 -90.74 -45.84 -46.90
C ALA T 199 -91.13 -47.29 -46.68
N ILE T 200 -91.67 -47.61 -45.50
CA ILE T 200 -92.12 -48.97 -45.22
C ILE T 200 -93.23 -49.37 -46.18
N ILE T 201 -94.18 -48.48 -46.40
CA ILE T 201 -95.35 -48.81 -47.21
C ILE T 201 -94.97 -49.00 -48.68
N ASP T 202 -94.02 -48.21 -49.19
CA ASP T 202 -93.58 -48.37 -50.57
C ASP T 202 -92.93 -49.72 -50.81
N ASN T 203 -92.37 -50.34 -49.77
CA ASN T 203 -91.88 -51.72 -49.87
C ASN T 203 -93.03 -52.72 -49.93
N TYR T 204 -94.14 -52.42 -49.25
CA TYR T 204 -95.29 -53.31 -49.27
C TYR T 204 -96.06 -53.22 -50.59
N LEU T 205 -95.88 -52.14 -51.34
CA LEU T 205 -96.54 -52.01 -52.63
C LEU T 205 -95.74 -52.59 -53.79
N GLU T 206 -94.42 -52.69 -53.64
CA GLU T 206 -93.55 -53.23 -54.68
C GLU T 206 -93.32 -54.73 -54.53
N ILE T 207 -93.14 -55.19 -53.30
CA ILE T 207 -93.09 -56.60 -52.94
C ILE T 207 -94.27 -56.78 -52.01
N GLY T 208 -94.47 -57.97 -51.47
CA GLY T 208 -95.51 -58.06 -50.46
C GLY T 208 -96.88 -58.20 -51.07
N ARG T 209 -97.58 -57.07 -51.21
CA ARG T 209 -98.96 -57.03 -51.71
C ARG T 209 -99.22 -57.99 -52.86
N GLN T 210 -98.30 -58.06 -53.81
CA GLN T 210 -98.47 -58.97 -54.95
C GLN T 210 -98.12 -60.41 -54.61
N ASN T 211 -97.71 -60.71 -53.37
CA ASN T 211 -97.40 -62.06 -52.94
C ASN T 211 -98.26 -62.52 -51.77
N GLY T 212 -99.43 -61.91 -51.59
CA GLY T 212 -100.43 -62.43 -50.69
C GLY T 212 -100.48 -61.86 -49.29
N VAL T 213 -99.71 -60.82 -48.98
CA VAL T 213 -99.78 -60.20 -47.66
C VAL T 213 -100.91 -59.17 -47.68
N LEU T 214 -101.63 -59.08 -46.58
CA LEU T 214 -102.75 -58.17 -46.47
C LEU T 214 -102.31 -56.87 -45.79
N GLU T 215 -103.15 -55.84 -45.93
CA GLU T 215 -102.88 -54.59 -45.22
C GLU T 215 -103.39 -54.71 -43.78
N SER T 216 -103.04 -55.82 -43.13
CA SER T 216 -103.24 -55.99 -41.70
C SER T 216 -102.08 -56.76 -41.08
N ASP T 217 -101.03 -57.03 -41.85
CA ASP T 217 -99.84 -57.73 -41.36
C ASP T 217 -98.57 -56.96 -41.70
N ILE T 218 -98.65 -55.64 -41.83
CA ILE T 218 -97.49 -54.82 -42.23
C ILE T 218 -96.31 -55.08 -41.29
N GLY T 219 -96.49 -54.76 -40.00
CA GLY T 219 -95.57 -55.23 -39.00
C GLY T 219 -94.54 -54.25 -38.47
N VAL T 220 -94.39 -53.08 -39.08
CA VAL T 220 -93.49 -52.04 -38.56
C VAL T 220 -94.17 -50.69 -38.72
N LYS T 221 -94.35 -49.97 -37.61
CA LYS T 221 -94.93 -48.63 -37.66
C LYS T 221 -94.31 -47.75 -36.57
N PHE T 222 -94.11 -46.47 -36.90
CA PHE T 222 -93.61 -45.48 -35.94
C PHE T 222 -94.76 -44.58 -35.50
N ASP T 223 -94.99 -44.52 -34.18
CA ASP T 223 -96.15 -43.83 -33.63
C ASP T 223 -95.71 -42.85 -32.54
N THR T 224 -96.70 -42.17 -31.95
CA THR T 224 -96.45 -41.26 -30.84
C THR T 224 -97.42 -41.43 -29.66
N ARG T 225 -98.37 -42.35 -29.73
CA ARG T 225 -99.46 -42.40 -28.77
C ARG T 225 -99.13 -43.26 -27.56
N ASN T 226 -99.87 -43.04 -26.48
CA ASN T 226 -99.80 -43.87 -25.28
C ASN T 226 -101.00 -44.81 -25.34
N PHE T 227 -100.79 -45.99 -25.89
CA PHE T 227 -101.84 -47.00 -25.87
C PHE T 227 -102.08 -47.44 -24.43
N ARG T 228 -103.27 -47.96 -24.17
CA ARG T 228 -103.76 -48.38 -22.84
C ARG T 228 -104.00 -47.21 -21.90
N LEU T 229 -104.18 -45.99 -22.40
CA LEU T 229 -104.50 -44.87 -21.53
C LEU T 229 -105.86 -45.05 -20.86
N GLY T 230 -106.90 -45.32 -21.64
CA GLY T 230 -108.23 -45.47 -21.09
C GLY T 230 -108.58 -46.87 -20.62
N TRP T 231 -107.56 -47.61 -20.20
CA TRP T 231 -107.72 -49.01 -19.81
C TRP T 231 -108.51 -49.13 -18.51
N ASP T 232 -109.28 -50.20 -18.40
CA ASP T 232 -110.12 -50.45 -17.23
C ASP T 232 -109.64 -51.69 -16.50
N PRO T 233 -109.45 -51.60 -15.18
CA PRO T 233 -108.84 -52.74 -14.46
C PRO T 233 -109.74 -53.95 -14.34
N GLU T 234 -111.05 -53.82 -14.56
CA GLU T 234 -111.96 -54.96 -14.45
C GLU T 234 -112.18 -55.64 -15.81
N THR T 235 -112.64 -54.88 -16.80
CA THR T 235 -112.88 -55.44 -18.13
C THR T 235 -111.59 -55.64 -18.92
N LYS T 236 -110.51 -54.96 -18.54
CA LYS T 236 -109.21 -55.08 -19.20
C LYS T 236 -109.30 -54.77 -20.70
N LEU T 237 -110.10 -53.77 -21.05
CA LEU T 237 -110.20 -53.31 -22.42
C LEU T 237 -110.27 -51.79 -22.43
N ILE T 238 -109.99 -51.20 -23.59
CA ILE T 238 -110.03 -49.75 -23.75
C ILE T 238 -111.50 -49.35 -23.88
N MET T 239 -112.09 -48.87 -22.79
CA MET T 239 -113.53 -48.64 -22.76
C MET T 239 -114.03 -47.65 -23.81
N PRO T 240 -113.37 -46.53 -24.10
CA PRO T 240 -113.93 -45.59 -25.11
C PRO T 240 -114.08 -46.19 -26.50
N GLY T 241 -113.38 -47.27 -26.82
CA GLY T 241 -113.44 -47.85 -28.14
C GLY T 241 -112.47 -47.26 -29.14
N VAL T 242 -111.75 -46.19 -28.78
CA VAL T 242 -110.67 -45.63 -29.59
C VAL T 242 -109.52 -45.27 -28.66
N TYR T 243 -108.30 -45.51 -29.13
CA TYR T 243 -107.12 -45.10 -28.37
C TYR T 243 -107.03 -43.58 -28.30
N THR T 244 -106.52 -43.09 -27.18
CA THR T 244 -106.41 -41.64 -26.97
C THR T 244 -105.50 -41.03 -28.03
N TYR T 245 -105.98 -39.97 -28.66
CA TYR T 245 -105.29 -39.38 -29.82
C TYR T 245 -104.43 -38.19 -29.40
N GLU T 246 -103.47 -38.45 -28.50
CA GLU T 246 -102.55 -37.44 -28.00
C GLU T 246 -101.12 -37.93 -28.11
N ALA T 247 -100.20 -37.00 -28.36
CA ALA T 247 -98.79 -37.33 -28.55
C ALA T 247 -98.05 -37.29 -27.22
N PHE T 248 -97.28 -38.34 -26.96
CA PHE T 248 -96.51 -38.45 -25.72
C PHE T 248 -95.00 -38.52 -25.96
N HIS T 249 -94.55 -39.42 -26.83
CA HIS T 249 -93.15 -39.68 -27.13
C HIS T 249 -93.09 -40.62 -28.32
N PRO T 250 -92.14 -40.46 -29.24
CA PRO T 250 -92.07 -41.37 -30.39
C PRO T 250 -91.85 -42.82 -29.96
N ASP T 251 -92.44 -43.73 -30.74
CA ASP T 251 -92.60 -45.12 -30.32
C ASP T 251 -92.47 -46.03 -31.53
N ILE T 252 -92.16 -47.30 -31.27
CA ILE T 252 -92.01 -48.35 -32.28
C ILE T 252 -93.02 -49.45 -32.00
N VAL T 253 -93.80 -49.83 -33.01
CA VAL T 253 -94.82 -50.87 -32.89
C VAL T 253 -94.48 -52.02 -33.82
N LEU T 254 -94.50 -53.25 -33.29
CA LEU T 254 -94.02 -54.43 -34.00
C LEU T 254 -95.03 -55.58 -33.94
N LEU T 255 -95.02 -56.41 -34.99
CA LEU T 255 -95.70 -57.69 -35.12
C LEU T 255 -94.68 -58.82 -35.01
N PRO T 256 -95.13 -60.05 -34.72
CA PRO T 256 -94.17 -61.15 -34.56
C PRO T 256 -93.35 -61.38 -35.82
N GLY T 257 -92.06 -61.67 -35.64
CA GLY T 257 -91.15 -61.90 -36.73
C GLY T 257 -90.47 -60.67 -37.30
N CYS T 258 -90.78 -59.48 -36.82
CA CYS T 258 -90.25 -58.24 -37.38
C CYS T 258 -89.24 -57.60 -36.41
N GLY T 259 -88.62 -56.52 -36.87
CA GLY T 259 -87.67 -55.78 -36.06
C GLY T 259 -87.04 -54.66 -36.85
N VAL T 260 -86.32 -53.81 -36.11
CA VAL T 260 -85.57 -52.69 -36.70
C VAL T 260 -84.15 -52.72 -36.18
N ASP T 261 -83.23 -52.17 -36.98
CA ASP T 261 -81.80 -52.18 -36.66
C ASP T 261 -81.19 -50.81 -36.96
N PHE T 262 -80.62 -50.18 -35.93
CA PHE T 262 -80.07 -48.84 -36.05
C PHE T 262 -78.55 -48.81 -35.96
N THR T 263 -77.88 -49.90 -36.33
CA THR T 263 -76.43 -49.97 -36.19
C THR T 263 -75.73 -48.92 -37.06
N GLU T 264 -76.25 -48.68 -38.26
CA GLU T 264 -75.61 -47.75 -39.18
C GLU T 264 -76.53 -46.56 -39.48
N SER T 265 -77.10 -45.98 -38.44
CA SER T 265 -78.09 -44.92 -38.60
C SER T 265 -78.05 -44.01 -37.38
N ARG T 266 -78.36 -42.73 -37.61
CA ARG T 266 -78.44 -41.76 -36.53
C ARG T 266 -79.88 -41.34 -36.24
N LEU T 267 -80.86 -42.05 -36.81
CA LEU T 267 -82.26 -41.71 -36.60
C LEU T 267 -82.79 -42.15 -35.24
N SER T 268 -82.05 -42.98 -34.50
CA SER T 268 -82.48 -43.31 -33.15
C SER T 268 -82.36 -42.12 -32.19
N ASN T 269 -81.47 -41.16 -32.47
CA ASN T 269 -81.39 -39.95 -31.67
C ASN T 269 -82.63 -39.08 -31.87
N LEU T 270 -83.15 -39.02 -33.09
CA LEU T 270 -84.36 -38.25 -33.33
C LEU T 270 -85.58 -38.89 -32.68
N LEU T 271 -85.57 -40.22 -32.51
CA LEU T 271 -86.67 -40.90 -31.85
C LEU T 271 -86.61 -40.82 -30.33
N GLY T 272 -85.47 -40.43 -29.76
CA GLY T 272 -85.35 -40.41 -28.32
C GLY T 272 -85.23 -41.76 -27.67
N ILE T 273 -84.61 -42.72 -28.33
CA ILE T 273 -84.36 -44.06 -27.79
C ILE T 273 -82.87 -44.33 -27.89
N ARG T 274 -82.22 -44.58 -26.75
CA ARG T 274 -80.77 -44.76 -26.70
C ARG T 274 -80.42 -45.95 -25.83
N LYS T 275 -79.17 -46.40 -25.95
CA LYS T 275 -78.67 -47.54 -25.19
C LYS T 275 -77.98 -47.08 -23.90
N ARG T 276 -78.18 -47.84 -22.83
CA ARG T 276 -77.52 -47.54 -21.56
C ARG T 276 -76.03 -47.84 -21.59
N HIS T 277 -75.56 -48.63 -22.56
CA HIS T 277 -74.14 -48.90 -22.78
C HIS T 277 -73.82 -48.44 -24.19
N PRO T 278 -73.60 -47.13 -24.37
CA PRO T 278 -73.52 -46.59 -25.74
C PRO T 278 -72.25 -46.92 -26.49
N PHE T 279 -71.24 -47.48 -25.83
CA PHE T 279 -70.00 -47.85 -26.51
C PHE T 279 -69.98 -49.29 -27.00
N GLN T 280 -71.04 -50.06 -26.79
CA GLN T 280 -71.14 -51.43 -27.30
C GLN T 280 -71.78 -51.40 -28.69
N GLU T 281 -71.10 -51.98 -29.67
CA GLU T 281 -71.57 -51.91 -31.05
C GLU T 281 -72.84 -52.73 -31.24
N GLY T 282 -73.72 -52.23 -32.11
CA GLY T 282 -74.94 -52.93 -32.44
C GLY T 282 -76.18 -52.43 -31.70
N PHE T 283 -77.25 -52.14 -32.44
CA PHE T 283 -78.49 -51.65 -31.85
C PHE T 283 -79.65 -52.26 -32.64
N LYS T 284 -80.20 -53.37 -32.14
CA LYS T 284 -81.32 -54.05 -32.76
C LYS T 284 -82.44 -54.24 -31.75
N ILE T 285 -83.68 -54.03 -32.18
CA ILE T 285 -84.86 -54.23 -31.36
C ILE T 285 -85.82 -55.14 -32.11
N MET T 286 -86.05 -56.34 -31.58
CA MET T 286 -86.89 -57.35 -32.20
C MET T 286 -88.17 -57.55 -31.38
N TYR T 287 -89.11 -58.30 -31.98
CA TYR T 287 -90.39 -58.54 -31.32
C TYR T 287 -90.24 -59.28 -30.00
N GLU T 288 -89.22 -60.16 -29.90
CA GLU T 288 -89.01 -60.92 -28.68
C GLU T 288 -88.45 -60.07 -27.55
N ASP T 289 -87.91 -58.90 -27.84
CA ASP T 289 -87.36 -58.03 -26.80
C ASP T 289 -88.39 -57.12 -26.15
N LEU T 290 -89.60 -57.05 -26.70
CA LEU T 290 -90.65 -56.15 -26.21
C LEU T 290 -91.67 -56.87 -25.32
N GLU T 291 -91.22 -57.84 -24.53
CA GLU T 291 -92.15 -58.60 -23.69
C GLU T 291 -92.85 -57.70 -22.69
N GLY T 292 -94.15 -57.95 -22.50
CA GLY T 292 -94.96 -57.14 -21.62
C GLY T 292 -95.57 -55.91 -22.24
N GLY T 293 -95.32 -55.67 -23.53
CA GLY T 293 -95.78 -54.45 -24.16
C GLY T 293 -96.91 -54.64 -25.16
N ASN T 294 -97.69 -55.71 -25.02
CA ASN T 294 -98.80 -55.94 -25.93
C ASN T 294 -99.85 -54.86 -25.79
N ILE T 295 -100.39 -54.41 -26.92
CA ILE T 295 -101.38 -53.35 -26.96
C ILE T 295 -102.74 -53.93 -26.64
N PRO T 296 -103.43 -53.44 -25.61
CA PRO T 296 -104.75 -53.99 -25.26
C PRO T 296 -105.75 -53.80 -26.38
N ALA T 297 -106.62 -54.79 -26.55
CA ALA T 297 -107.61 -54.77 -27.62
C ALA T 297 -108.76 -53.82 -27.30
N LEU T 298 -109.41 -53.34 -28.37
CA LEU T 298 -110.63 -52.55 -28.29
C LEU T 298 -110.61 -51.50 -27.20
N ILE T 364 -119.71 -56.84 -23.78
CA ILE T 364 -118.35 -56.94 -23.25
C ILE T 364 -117.52 -57.90 -24.07
N GLN T 365 -117.21 -57.51 -25.31
CA GLN T 365 -116.36 -58.32 -26.18
C GLN T 365 -115.46 -57.40 -26.99
N PRO T 366 -114.24 -57.82 -27.29
CA PRO T 366 -113.33 -56.96 -28.08
C PRO T 366 -113.78 -56.87 -29.52
N LEU T 367 -113.53 -55.72 -30.14
CA LEU T 367 -113.73 -55.57 -31.57
C LEU T 367 -112.66 -56.35 -32.32
N GLU T 368 -113.07 -57.14 -33.31
CA GLU T 368 -112.16 -58.02 -34.00
C GLU T 368 -111.77 -57.54 -35.40
N LYS T 369 -112.42 -56.51 -35.92
CA LYS T 369 -112.12 -56.05 -37.27
C LYS T 369 -112.46 -54.57 -37.38
N ASP T 370 -111.94 -53.94 -38.43
CA ASP T 370 -112.09 -52.51 -38.66
C ASP T 370 -113.33 -52.24 -39.52
N SER T 371 -113.53 -50.98 -39.90
CA SER T 371 -114.71 -50.61 -40.68
C SER T 371 -114.70 -51.26 -42.06
N LYS T 372 -113.54 -51.30 -42.71
CA LYS T 372 -113.41 -51.87 -44.05
C LYS T 372 -112.96 -53.32 -44.02
N SER T 373 -113.29 -54.05 -42.95
CA SER T 373 -112.96 -55.46 -42.80
C SER T 373 -111.44 -55.68 -42.87
N ARG T 374 -110.75 -55.11 -41.89
CA ARG T 374 -109.33 -55.37 -41.66
C ARG T 374 -109.16 -55.97 -40.28
N SER T 375 -108.40 -57.06 -40.21
CA SER T 375 -108.21 -57.74 -38.93
C SER T 375 -107.37 -56.88 -37.99
N TYR T 376 -107.81 -56.80 -36.73
CA TYR T 376 -107.01 -56.18 -35.68
C TYR T 376 -106.04 -57.16 -35.04
N ASN T 377 -105.99 -58.41 -35.50
CA ASN T 377 -105.06 -59.42 -34.98
C ASN T 377 -105.29 -59.70 -33.50
N VAL T 378 -106.56 -59.79 -33.09
CA VAL T 378 -106.86 -60.13 -31.71
C VAL T 378 -106.48 -61.59 -31.45
N LEU T 379 -106.04 -61.86 -30.22
CA LEU T 379 -105.53 -63.17 -29.83
C LEU T 379 -106.54 -63.89 -28.95
N GLU T 380 -106.13 -65.05 -28.43
CA GLU T 380 -106.93 -65.76 -27.45
C GLU T 380 -106.97 -64.98 -26.15
N ASP T 381 -107.98 -65.30 -25.32
CA ASP T 381 -108.31 -64.63 -24.07
C ASP T 381 -108.97 -63.29 -24.33
N LYS T 382 -109.02 -62.85 -25.59
CA LYS T 382 -109.86 -61.75 -26.03
C LYS T 382 -109.64 -60.47 -25.23
N ILE T 383 -108.39 -60.22 -24.82
CA ILE T 383 -108.04 -58.98 -24.15
C ILE T 383 -106.90 -58.24 -24.85
N ASN T 384 -105.85 -58.96 -25.24
CA ASN T 384 -104.67 -58.34 -25.83
C ASN T 384 -104.55 -58.66 -27.31
N THR T 385 -103.77 -57.83 -27.99
CA THR T 385 -103.53 -57.92 -29.42
C THR T 385 -102.08 -58.30 -29.67
N ALA T 386 -101.81 -58.86 -30.86
CA ALA T 386 -100.47 -59.29 -31.21
C ALA T 386 -99.48 -58.13 -31.32
N TYR T 387 -99.94 -56.90 -31.51
CA TYR T 387 -99.03 -55.77 -31.63
C TYR T 387 -98.33 -55.51 -30.30
N ARG T 388 -97.03 -55.20 -30.37
CA ARG T 388 -96.25 -54.78 -29.22
C ARG T 388 -95.61 -53.43 -29.49
N SER T 389 -95.37 -52.65 -28.43
CA SER T 389 -94.78 -51.33 -28.58
C SER T 389 -93.69 -51.11 -27.53
N TRP T 390 -92.65 -50.37 -27.94
CA TRP T 390 -91.52 -50.09 -27.06
C TRP T 390 -91.95 -49.27 -25.85
N TYR T 391 -92.82 -48.29 -26.03
CA TYR T 391 -93.19 -47.41 -24.93
C TYR T 391 -93.97 -48.15 -23.85
N LEU T 392 -94.90 -49.03 -24.25
CA LEU T 392 -95.64 -49.80 -23.27
C LEU T 392 -94.74 -50.74 -22.48
N SER T 393 -93.79 -51.37 -23.17
CA SER T 393 -92.87 -52.27 -22.49
C SER T 393 -91.93 -51.51 -21.56
N TYR T 394 -91.49 -50.31 -21.95
CA TYR T 394 -90.60 -49.51 -21.11
C TYR T 394 -91.29 -49.06 -19.83
N ASN T 395 -92.55 -48.65 -19.93
CA ASN T 395 -93.23 -48.05 -18.78
C ASN T 395 -94.05 -49.04 -17.95
N TYR T 396 -94.57 -50.10 -18.55
CA TYR T 396 -95.46 -51.02 -17.84
C TYR T 396 -94.92 -52.44 -17.72
N GLY T 397 -93.87 -52.80 -18.45
CA GLY T 397 -93.32 -54.13 -18.39
C GLY T 397 -92.47 -54.37 -17.14
N ASN T 398 -91.76 -55.49 -17.17
CA ASN T 398 -90.93 -55.88 -16.03
C ASN T 398 -89.70 -54.98 -15.97
N PRO T 399 -89.45 -54.29 -14.85
CA PRO T 399 -88.31 -53.36 -14.79
C PRO T 399 -86.96 -54.03 -14.97
N GLU T 400 -86.80 -55.29 -14.57
CA GLU T 400 -85.50 -55.92 -14.56
C GLU T 400 -85.31 -56.96 -15.65
N LYS T 401 -86.29 -57.14 -16.53
CA LYS T 401 -86.17 -58.08 -17.63
C LYS T 401 -86.62 -57.55 -18.98
N GLY T 402 -87.44 -56.51 -19.03
CA GLY T 402 -87.92 -55.97 -20.28
C GLY T 402 -86.92 -55.04 -20.93
N ILE T 403 -87.42 -54.27 -21.90
CA ILE T 403 -86.59 -53.37 -22.68
C ILE T 403 -86.00 -52.25 -21.82
N ARG T 404 -86.58 -51.98 -20.65
CA ARG T 404 -86.11 -50.92 -19.78
C ARG T 404 -84.76 -51.23 -19.14
N SER T 405 -84.33 -52.48 -19.15
CA SER T 405 -83.08 -52.83 -18.48
C SER T 405 -81.84 -52.44 -19.30
N TRP T 406 -81.98 -52.25 -20.61
CA TRP T 406 -80.83 -51.87 -21.43
C TRP T 406 -81.10 -50.75 -22.42
N THR T 407 -82.26 -50.10 -22.38
CA THR T 407 -82.50 -48.89 -23.17
C THR T 407 -82.94 -47.75 -22.26
N LEU T 408 -82.89 -46.54 -22.81
CA LEU T 408 -83.15 -45.32 -22.05
C LEU T 408 -84.02 -44.39 -22.87
N LEU T 409 -84.97 -43.73 -22.20
CA LEU T 409 -85.88 -42.79 -22.85
C LEU T 409 -85.35 -41.38 -22.69
N THR T 410 -85.23 -40.65 -23.80
CA THR T 410 -84.66 -39.30 -23.81
C THR T 410 -85.52 -38.37 -24.66
N THR T 411 -85.29 -37.07 -24.53
CA THR T 411 -85.97 -36.10 -25.37
C THR T 411 -85.52 -36.20 -26.82
N SER T 412 -86.45 -35.99 -27.74
CA SER T 412 -86.15 -36.05 -29.17
C SER T 412 -85.18 -34.95 -29.57
N ASP T 413 -84.18 -35.32 -30.37
CA ASP T 413 -83.16 -34.37 -30.83
C ASP T 413 -83.24 -34.28 -32.36
N VAL T 414 -83.79 -33.18 -32.85
CA VAL T 414 -84.08 -33.04 -34.28
C VAL T 414 -82.80 -32.93 -35.11
N THR T 415 -81.71 -32.41 -34.56
CA THR T 415 -80.47 -32.32 -35.32
C THR T 415 -79.82 -33.68 -35.53
N CYS T 416 -80.31 -34.73 -34.86
CA CYS T 416 -79.79 -36.09 -34.89
C CYS T 416 -78.44 -36.22 -34.19
N GLY T 417 -78.05 -35.23 -33.38
CA GLY T 417 -76.85 -35.32 -32.59
C GLY T 417 -75.65 -34.69 -33.27
N VAL T 418 -75.26 -33.52 -32.83
CA VAL T 418 -74.14 -32.82 -33.43
C VAL T 418 -72.86 -33.21 -32.69
N GLU T 419 -71.76 -33.26 -33.42
CA GLU T 419 -70.45 -33.53 -32.83
C GLU T 419 -69.53 -32.35 -33.11
N GLN T 420 -68.25 -32.53 -32.78
CA GLN T 420 -67.27 -31.45 -32.81
C GLN T 420 -66.63 -31.29 -34.19
N VAL T 421 -65.95 -30.17 -34.39
CA VAL T 421 -65.14 -29.89 -35.57
C VAL T 421 -63.75 -29.44 -35.13
N TYR T 422 -62.76 -29.68 -36.00
CA TYR T 422 -61.36 -29.37 -35.72
C TYR T 422 -60.78 -28.43 -36.77
N TRP T 423 -59.98 -27.47 -36.31
CA TRP T 423 -59.26 -26.54 -37.18
C TRP T 423 -57.79 -26.93 -37.32
N SER T 424 -57.24 -26.76 -38.52
CA SER T 424 -55.82 -26.99 -38.79
C SER T 424 -55.21 -25.82 -39.56
N LEU T 425 -54.03 -25.39 -39.15
CA LEU T 425 -53.24 -24.38 -39.86
C LEU T 425 -51.78 -24.83 -39.94
N PRO T 426 -51.49 -25.83 -40.77
CA PRO T 426 -50.17 -26.49 -40.69
C PRO T 426 -48.99 -25.61 -41.09
N ASP T 427 -49.17 -24.56 -41.87
CA ASP T 427 -48.07 -23.69 -42.28
C ASP T 427 -47.85 -22.50 -41.37
N MET T 428 -48.66 -22.33 -40.32
CA MET T 428 -48.55 -21.16 -39.47
C MET T 428 -48.20 -21.50 -38.02
N MET T 429 -48.88 -22.48 -37.43
CA MET T 429 -48.68 -22.85 -36.04
C MET T 429 -47.75 -24.05 -35.91
N GLN T 430 -47.06 -24.13 -34.78
CA GLN T 430 -46.31 -25.32 -34.44
C GLN T 430 -47.26 -26.46 -34.05
N ASP T 431 -46.83 -27.70 -34.28
CA ASP T 431 -47.66 -28.85 -33.96
C ASP T 431 -47.79 -28.99 -32.44
N PRO T 432 -48.99 -29.16 -31.91
CA PRO T 432 -49.15 -29.44 -30.47
C PRO T 432 -48.58 -30.81 -30.09
N VAL T 433 -48.38 -30.99 -28.78
CA VAL T 433 -47.60 -32.11 -28.27
C VAL T 433 -48.24 -33.45 -28.65
N THR T 434 -47.39 -34.39 -29.07
CA THR T 434 -47.61 -35.76 -29.52
C THR T 434 -48.16 -35.88 -30.95
N PHE T 435 -48.50 -34.79 -31.65
CA PHE T 435 -48.89 -34.87 -33.05
C PHE T 435 -47.66 -34.99 -33.95
N ARG T 436 -47.75 -35.83 -34.98
CA ARG T 436 -46.70 -35.97 -35.98
C ARG T 436 -46.88 -34.99 -37.12
N SER T 437 -45.76 -34.51 -37.67
CA SER T 437 -45.79 -33.69 -38.87
C SER T 437 -46.04 -34.56 -40.10
N THR T 438 -46.93 -34.10 -40.98
CA THR T 438 -47.33 -34.91 -42.11
C THR T 438 -47.96 -34.02 -43.18
N ARG T 439 -48.16 -34.60 -44.36
CA ARG T 439 -48.87 -33.93 -45.45
C ARG T 439 -50.14 -34.67 -45.85
N GLN T 440 -50.63 -35.60 -45.04
CA GLN T 440 -51.90 -36.27 -45.29
C GLN T 440 -53.03 -35.48 -44.64
N VAL T 441 -54.06 -35.18 -45.42
CA VAL T 441 -55.12 -34.27 -44.97
C VAL T 441 -55.87 -34.84 -43.78
N SER T 442 -56.18 -36.13 -43.81
CA SER T 442 -56.89 -36.71 -42.67
C SER T 442 -56.02 -36.88 -41.42
N ASN T 443 -54.79 -36.38 -41.37
CA ASN T 443 -53.98 -36.51 -40.17
C ASN T 443 -53.23 -35.21 -39.82
N TYR T 444 -53.73 -34.06 -40.26
CA TYR T 444 -53.12 -32.79 -39.88
C TYR T 444 -53.21 -32.58 -38.37
N PRO T 445 -52.22 -31.94 -37.76
CA PRO T 445 -52.32 -31.57 -36.34
C PRO T 445 -53.45 -30.57 -36.10
N VAL T 446 -54.07 -30.68 -34.93
CA VAL T 446 -55.29 -29.95 -34.59
C VAL T 446 -54.95 -28.75 -33.72
N VAL T 447 -55.43 -27.58 -34.11
CA VAL T 447 -55.12 -26.33 -33.43
C VAL T 447 -56.30 -25.77 -32.64
N GLY T 448 -57.51 -26.27 -32.83
CA GLY T 448 -58.66 -25.84 -32.06
C GLY T 448 -59.86 -26.71 -32.31
N ALA T 449 -60.83 -26.63 -31.41
CA ALA T 449 -62.04 -27.46 -31.49
C ALA T 449 -63.26 -26.69 -30.99
N GLU T 450 -64.42 -27.03 -31.51
CA GLU T 450 -65.70 -26.44 -31.12
C GLU T 450 -66.82 -27.33 -31.67
N LEU T 451 -68.05 -26.99 -31.34
CA LEU T 451 -69.20 -27.73 -31.87
C LEU T 451 -69.54 -27.27 -33.28
N MET T 452 -69.92 -28.23 -34.12
CA MET T 452 -70.52 -27.89 -35.40
C MET T 452 -71.77 -27.04 -35.15
N PRO T 453 -71.88 -25.86 -35.74
CA PRO T 453 -72.85 -24.85 -35.24
C PRO T 453 -74.28 -25.03 -35.77
N VAL T 454 -74.93 -26.10 -35.32
CA VAL T 454 -76.32 -26.40 -35.69
C VAL T 454 -77.09 -26.66 -34.41
N PHE T 455 -78.25 -26.01 -34.26
CA PHE T 455 -78.99 -26.03 -33.01
C PHE T 455 -80.48 -26.28 -33.25
N SER T 456 -81.14 -26.76 -32.20
CA SER T 456 -82.57 -27.00 -32.21
C SER T 456 -83.33 -25.79 -31.66
N LYS T 457 -84.50 -25.51 -32.24
CA LYS T 457 -85.38 -24.43 -31.78
C LYS T 457 -86.80 -24.96 -31.63
N SER T 458 -87.49 -24.50 -30.58
CA SER T 458 -88.82 -24.98 -30.24
C SER T 458 -89.91 -23.98 -30.60
N PHE T 459 -91.06 -24.51 -30.99
CA PHE T 459 -92.26 -23.71 -31.27
C PHE T 459 -93.47 -24.39 -30.64
N TYR T 460 -94.52 -23.61 -30.43
CA TYR T 460 -95.75 -24.09 -29.82
C TYR T 460 -96.86 -24.12 -30.87
N ASN T 461 -97.55 -25.25 -30.99
CA ASN T 461 -98.63 -25.39 -31.95
C ASN T 461 -99.83 -26.13 -31.36
N HIS T 478 -104.46 -37.97 -49.44
CA HIS T 478 -103.50 -37.98 -48.35
C HIS T 478 -102.58 -39.19 -48.44
N VAL T 479 -101.37 -38.96 -48.97
CA VAL T 479 -100.38 -40.03 -49.05
C VAL T 479 -99.87 -40.42 -47.66
N PHE T 480 -99.98 -39.54 -46.67
CA PHE T 480 -99.52 -39.82 -45.32
C PHE T 480 -100.62 -40.39 -44.43
N ASN T 481 -101.79 -40.71 -45.00
CA ASN T 481 -102.85 -41.38 -44.24
C ASN T 481 -103.60 -42.29 -45.24
N ARG T 482 -103.13 -43.53 -45.34
CA ARG T 482 -103.67 -44.52 -46.27
C ARG T 482 -104.65 -45.48 -45.63
N PHE T 483 -104.74 -45.50 -44.31
CA PHE T 483 -105.68 -46.35 -43.58
C PHE T 483 -106.41 -45.50 -42.55
N PRO T 484 -107.26 -44.58 -43.01
CA PRO T 484 -107.93 -43.68 -42.07
C PRO T 484 -108.79 -44.40 -41.04
N GLU T 485 -109.38 -45.54 -41.41
CA GLU T 485 -110.30 -46.22 -40.50
C GLU T 485 -109.57 -46.98 -39.41
N ASN T 486 -108.39 -47.54 -39.70
CA ASN T 486 -107.74 -48.48 -38.80
C ASN T 486 -107.15 -47.74 -37.60
N GLN T 487 -107.55 -48.13 -36.39
CA GLN T 487 -107.08 -47.45 -35.19
C GLN T 487 -105.59 -47.66 -34.93
N ILE T 488 -105.00 -48.72 -35.47
CA ILE T 488 -103.57 -48.95 -35.29
C ILE T 488 -102.74 -48.25 -36.35
N LEU T 489 -103.26 -48.20 -37.59
CA LEU T 489 -102.54 -47.65 -38.72
C LEU T 489 -102.92 -46.21 -39.04
N ILE T 490 -103.68 -45.56 -38.16
CA ILE T 490 -104.00 -44.16 -38.37
C ILE T 490 -102.74 -43.31 -38.27
N ARG T 491 -102.78 -42.15 -38.93
CA ARG T 491 -101.64 -41.23 -38.92
C ARG T 491 -101.43 -40.69 -37.50
N PRO T 492 -100.20 -40.71 -36.98
CA PRO T 492 -99.99 -40.34 -35.59
C PRO T 492 -100.34 -38.89 -35.35
N PRO T 493 -100.86 -38.57 -34.16
CA PRO T 493 -101.08 -37.16 -33.80
C PRO T 493 -99.76 -36.39 -33.68
N ALA T 494 -99.83 -35.10 -33.97
CA ALA T 494 -98.67 -34.21 -33.92
C ALA T 494 -98.46 -33.67 -32.52
N PRO T 495 -97.22 -33.54 -32.07
CA PRO T 495 -96.98 -32.98 -30.73
C PRO T 495 -97.35 -31.52 -30.65
N THR T 496 -97.68 -31.08 -29.45
CA THR T 496 -97.91 -29.67 -29.21
C THR T 496 -96.62 -28.86 -29.16
N ILE T 497 -95.45 -29.52 -29.12
CA ILE T 497 -94.15 -28.86 -29.20
C ILE T 497 -93.43 -29.37 -30.44
N THR T 498 -93.09 -28.48 -31.36
CA THR T 498 -92.38 -28.80 -32.59
C THR T 498 -90.97 -28.23 -32.54
N THR T 499 -89.99 -29.03 -32.99
CA THR T 499 -88.59 -28.60 -33.02
C THR T 499 -88.04 -28.70 -34.43
N VAL T 500 -87.24 -27.69 -34.81
CA VAL T 500 -86.57 -27.63 -36.10
C VAL T 500 -85.12 -27.21 -35.88
N SER T 501 -84.25 -27.58 -36.81
CA SER T 501 -82.82 -27.32 -36.69
C SER T 501 -82.41 -26.09 -37.48
N GLU T 502 -81.47 -25.33 -36.94
CA GLU T 502 -81.02 -24.05 -37.48
C GLU T 502 -79.51 -23.97 -37.54
N ASN T 503 -79.01 -23.19 -38.49
CA ASN T 503 -77.59 -22.88 -38.62
C ASN T 503 -77.35 -21.46 -38.08
N VAL T 504 -76.44 -21.32 -37.12
CA VAL T 504 -76.16 -20.06 -36.46
C VAL T 504 -74.68 -19.76 -36.60
N PRO T 505 -74.29 -18.58 -37.09
CA PRO T 505 -72.85 -18.27 -37.23
C PRO T 505 -72.13 -18.30 -35.90
N ALA T 506 -70.92 -18.85 -35.91
CA ALA T 506 -70.14 -19.11 -34.71
C ALA T 506 -68.89 -18.25 -34.68
N LEU T 507 -68.70 -17.53 -33.57
CA LEU T 507 -67.58 -16.63 -33.36
C LEU T 507 -66.80 -17.14 -32.14
N THR T 508 -65.56 -17.54 -32.35
CA THR T 508 -64.84 -18.31 -31.33
C THR T 508 -63.45 -17.74 -31.10
N ASP T 509 -63.07 -17.66 -29.82
CA ASP T 509 -61.71 -17.30 -29.40
C ASP T 509 -61.01 -18.58 -28.94
N HIS T 510 -59.93 -18.95 -29.61
CA HIS T 510 -59.21 -20.19 -29.34
C HIS T 510 -57.98 -19.99 -28.45
N GLY T 511 -57.70 -18.78 -27.98
CA GLY T 511 -56.52 -18.55 -27.16
C GLY T 511 -55.24 -18.39 -27.97
N THR T 512 -54.12 -18.45 -27.26
CA THR T 512 -52.79 -18.22 -27.83
C THR T 512 -52.06 -19.54 -28.06
N LEU T 513 -51.46 -19.68 -29.25
CA LEU T 513 -50.68 -20.85 -29.63
C LEU T 513 -49.31 -20.44 -30.16
N PRO T 514 -48.29 -21.29 -29.95
CA PRO T 514 -46.95 -20.95 -30.46
C PRO T 514 -46.89 -20.88 -31.97
N LEU T 515 -46.15 -19.89 -32.47
CA LEU T 515 -46.10 -19.50 -33.86
C LEU T 515 -44.74 -19.81 -34.46
N ARG T 516 -44.72 -20.20 -35.73
CA ARG T 516 -43.44 -20.40 -36.42
C ARG T 516 -42.75 -19.07 -36.69
N SER T 517 -41.40 -19.09 -36.66
CA SER T 517 -40.62 -17.87 -36.80
C SER T 517 -40.62 -17.33 -38.23
N SER T 518 -40.80 -18.19 -39.23
CA SER T 518 -40.85 -17.77 -40.62
C SER T 518 -42.13 -18.27 -41.24
N ILE T 519 -42.90 -17.36 -41.83
CA ILE T 519 -44.23 -17.63 -42.35
C ILE T 519 -44.20 -17.40 -43.86
N ARG T 520 -44.57 -18.43 -44.62
CA ARG T 520 -44.64 -18.32 -46.08
C ARG T 520 -45.89 -17.55 -46.51
N GLY T 521 -45.83 -17.03 -47.74
CA GLY T 521 -46.89 -16.18 -48.25
C GLY T 521 -48.19 -16.89 -48.58
N VAL T 522 -48.15 -18.19 -48.83
CA VAL T 522 -49.35 -18.97 -49.13
C VAL T 522 -49.59 -19.96 -47.99
N GLN T 523 -50.83 -20.00 -47.49
CA GLN T 523 -51.19 -20.76 -46.30
C GLN T 523 -52.37 -21.67 -46.58
N ARG T 524 -52.39 -22.83 -45.92
CA ARG T 524 -53.46 -23.80 -46.02
C ARG T 524 -54.39 -23.73 -44.82
N VAL T 525 -55.70 -23.79 -45.07
CA VAL T 525 -56.73 -23.75 -44.03
C VAL T 525 -57.63 -24.97 -44.20
N THR T 526 -57.85 -25.71 -43.11
CA THR T 526 -58.61 -26.96 -43.16
C THR T 526 -59.57 -27.08 -41.97
N VAL T 527 -60.77 -27.59 -42.24
CA VAL T 527 -61.78 -27.89 -41.22
C VAL T 527 -62.27 -29.32 -41.43
N THR T 528 -62.18 -30.15 -40.39
CA THR T 528 -62.58 -31.56 -40.46
C THR T 528 -63.46 -31.96 -39.28
N ASP T 529 -64.21 -33.04 -39.46
CA ASP T 529 -65.13 -33.54 -38.46
C ASP T 529 -64.46 -34.57 -37.55
N ALA T 530 -65.26 -35.27 -36.74
CA ALA T 530 -64.72 -36.19 -35.74
C ALA T 530 -64.02 -37.40 -36.37
N ARG T 531 -64.48 -37.83 -37.54
CA ARG T 531 -63.84 -38.91 -38.27
C ARG T 531 -62.75 -38.42 -39.21
N ARG T 532 -62.41 -37.12 -39.13
CA ARG T 532 -61.36 -36.48 -39.92
C ARG T 532 -61.68 -36.48 -41.42
N ARG T 533 -62.95 -36.25 -41.75
CA ARG T 533 -63.35 -35.92 -43.11
C ARG T 533 -63.63 -34.42 -43.20
N THR T 534 -63.40 -33.84 -44.38
CA THR T 534 -63.82 -32.46 -44.59
C THR T 534 -65.34 -32.39 -44.68
N CYS T 535 -65.88 -31.22 -44.34
CA CYS T 535 -67.33 -31.03 -44.30
C CYS T 535 -67.79 -30.22 -45.49
N PRO T 536 -68.59 -30.80 -46.40
CA PRO T 536 -69.07 -30.04 -47.57
C PRO T 536 -70.09 -28.96 -47.26
N TYR T 537 -70.57 -28.82 -46.02
CA TYR T 537 -71.59 -27.83 -45.71
C TYR T 537 -71.03 -26.55 -45.10
N VAL T 538 -69.72 -26.40 -45.01
CA VAL T 538 -69.11 -25.12 -44.67
C VAL T 538 -69.09 -24.24 -45.91
N TYR T 539 -69.58 -23.01 -45.80
CA TYR T 539 -69.47 -22.09 -46.92
C TYR T 539 -68.87 -20.73 -46.56
N LYS T 540 -68.40 -20.55 -45.33
CA LYS T 540 -67.70 -19.33 -44.95
C LYS T 540 -66.80 -19.64 -43.76
N ALA T 541 -65.51 -19.34 -43.89
CA ALA T 541 -64.54 -19.57 -42.83
C ALA T 541 -63.45 -18.52 -42.92
N LEU T 542 -63.23 -17.80 -41.82
CA LEU T 542 -62.20 -16.77 -41.72
C LEU T 542 -61.38 -16.95 -40.46
N GLY T 543 -60.12 -16.53 -40.53
CA GLY T 543 -59.25 -16.52 -39.37
C GLY T 543 -58.50 -15.22 -39.24
N ILE T 544 -58.28 -14.80 -37.99
CA ILE T 544 -57.53 -13.61 -37.66
C ILE T 544 -56.54 -13.96 -36.57
N VAL T 545 -55.26 -13.65 -36.79
CA VAL T 545 -54.19 -13.99 -35.86
C VAL T 545 -53.49 -12.72 -35.41
N ALA T 546 -53.22 -12.61 -34.11
CA ALA T 546 -52.51 -11.47 -33.53
C ALA T 546 -51.22 -11.91 -32.85
N PRO T 547 -50.06 -11.79 -33.49
CA PRO T 547 -48.81 -12.23 -32.88
C PRO T 547 -48.35 -11.35 -31.72
N ARG T 548 -47.61 -11.97 -30.79
CA ARG T 548 -46.95 -11.25 -29.70
C ARG T 548 -45.83 -12.12 -29.12
N VAL T 549 -44.95 -11.48 -28.37
CA VAL T 549 -43.77 -12.15 -27.81
C VAL T 549 -44.17 -12.95 -26.58
N LEU T 550 -43.71 -14.20 -26.49
CA LEU T 550 -43.95 -15.06 -25.34
C LEU T 550 -42.75 -15.15 -24.41
N SER T 551 -41.55 -15.41 -24.93
CA SER T 551 -40.37 -15.52 -24.08
C SER T 551 -39.12 -15.21 -24.91
N SER T 552 -38.00 -15.10 -24.21
CA SER T 552 -36.73 -14.77 -24.83
C SER T 552 -36.02 -16.02 -25.35
N ARG T 553 -35.21 -15.81 -26.39
CA ARG T 553 -34.33 -16.83 -26.97
C ARG T 553 -35.11 -17.96 -27.63
N ARG U 48 12.43 25.36 37.33
CA ARG U 48 13.78 25.90 37.45
C ARG U 48 13.82 27.23 38.19
N ASN U 49 13.02 27.35 39.25
CA ASN U 49 12.91 28.62 39.97
C ASN U 49 12.89 28.44 41.49
N SER U 50 13.41 27.33 42.01
CA SER U 50 13.35 27.08 43.44
C SER U 50 14.55 27.71 44.16
N ILE U 51 14.37 27.96 45.46
CA ILE U 51 15.38 28.56 46.32
C ILE U 51 15.50 27.69 47.58
N ARG U 52 16.72 27.22 47.87
CA ARG U 52 16.93 26.20 48.89
C ARG U 52 17.97 26.63 49.91
N TYR U 53 17.76 26.21 51.16
CA TYR U 53 18.64 26.49 52.27
C TYR U 53 19.25 25.18 52.77
N SER U 54 20.57 25.17 52.95
CA SER U 54 21.30 23.92 53.10
C SER U 54 20.95 23.17 54.39
N GLU U 55 20.31 23.80 55.36
CA GLU U 55 19.95 23.10 56.59
C GLU U 55 18.58 22.44 56.53
N LEU U 56 17.87 22.52 55.42
CA LEU U 56 16.53 21.95 55.29
C LEU U 56 16.49 20.90 54.19
N SER U 57 15.71 19.84 54.40
CA SER U 57 15.57 18.75 53.44
C SER U 57 14.26 18.01 53.68
N PRO U 58 13.60 17.52 52.63
CA PRO U 58 12.32 16.82 52.82
C PRO U 58 12.49 15.36 53.18
N LEU U 59 11.42 14.76 53.74
CA LEU U 59 11.45 13.43 54.33
C LEU U 59 10.68 12.42 53.48
N TYR U 60 11.19 11.18 53.45
CA TYR U 60 10.59 10.10 52.67
C TYR U 60 10.69 8.76 53.40
N ASP U 61 9.71 7.90 53.10
CA ASP U 61 9.65 6.45 53.31
C ASP U 61 9.45 5.92 54.73
N THR U 62 9.82 6.67 55.76
CA THR U 62 9.69 6.21 57.15
C THR U 62 10.25 7.29 58.08
N THR U 63 9.82 7.23 59.34
CA THR U 63 10.23 8.19 60.37
C THR U 63 9.81 7.61 61.73
N ARG U 64 9.89 8.42 62.78
CA ARG U 64 9.44 8.03 64.12
C ARG U 64 8.48 9.07 64.69
N LEU U 65 7.49 8.60 65.45
CA LEU U 65 6.62 9.45 66.26
C LEU U 65 6.70 8.98 67.71
N TYR U 66 6.84 9.93 68.64
CA TYR U 66 7.05 9.62 70.05
C TYR U 66 5.86 10.09 70.89
N LEU U 67 5.35 9.20 71.74
CA LEU U 67 4.22 9.47 72.62
C LEU U 67 4.71 9.37 74.06
N VAL U 68 4.99 10.51 74.68
CA VAL U 68 5.71 10.58 75.94
C VAL U 68 4.85 11.28 76.97
N ASP U 69 4.85 10.74 78.20
CA ASP U 69 3.91 11.15 79.22
C ASP U 69 4.43 12.21 80.19
N ASN U 70 5.66 12.70 80.03
CA ASN U 70 6.23 13.64 81.00
C ASN U 70 6.97 14.79 80.33
N LYS U 71 6.39 15.35 79.27
CA LYS U 71 6.93 16.59 78.70
C LYS U 71 6.60 17.76 79.62
N SER U 72 7.56 18.67 79.77
CA SER U 72 7.44 19.72 80.78
C SER U 72 6.26 20.65 80.51
N ALA U 73 6.09 21.07 79.26
CA ALA U 73 5.02 22.01 78.93
C ALA U 73 3.64 21.34 78.91
N ASP U 74 3.57 20.07 78.52
CA ASP U 74 2.28 19.37 78.51
C ASP U 74 1.76 19.13 79.92
N ILE U 75 2.65 19.00 80.90
CA ILE U 75 2.23 18.79 82.27
C ILE U 75 1.41 19.99 82.77
N ALA U 76 1.88 21.20 82.48
CA ALA U 76 1.26 22.39 83.05
C ALA U 76 -0.07 22.72 82.40
N SER U 77 -0.18 22.59 81.07
CA SER U 77 -1.30 23.14 80.34
C SER U 77 -2.29 22.11 79.81
N LEU U 78 -2.00 20.81 79.91
CA LEU U 78 -2.91 19.83 79.33
C LEU U 78 -3.50 18.86 80.33
N ASN U 79 -2.72 18.40 81.31
CA ASN U 79 -3.04 17.20 82.06
C ASN U 79 -3.28 17.46 83.53
N TYR U 80 -3.96 18.56 83.86
CA TYR U 80 -4.12 18.95 85.25
C TYR U 80 -4.98 17.97 86.03
N GLN U 81 -6.00 17.40 85.39
CA GLN U 81 -6.92 16.47 86.04
C GLN U 81 -6.73 15.02 85.63
N ASN U 82 -5.61 14.67 84.98
CA ASN U 82 -5.39 13.35 84.41
C ASN U 82 -4.39 12.55 85.24
N ASP U 83 -4.18 11.29 84.85
CA ASP U 83 -3.14 10.45 85.41
C ASP U 83 -2.49 9.65 84.30
N HIS U 84 -1.49 8.84 84.64
CA HIS U 84 -0.69 8.15 83.64
C HIS U 84 -1.43 7.07 82.88
N SER U 85 -2.62 6.69 83.34
CA SER U 85 -3.44 5.73 82.61
C SER U 85 -4.30 6.38 81.53
N ASN U 86 -4.48 7.71 81.56
CA ASN U 86 -5.33 8.39 80.58
C ASN U 86 -4.91 9.86 80.51
N PHE U 87 -4.14 10.22 79.48
CA PHE U 87 -3.53 11.54 79.42
C PHE U 87 -3.44 12.02 77.97
N LEU U 88 -3.05 13.28 77.81
CA LEU U 88 -2.84 13.92 76.51
C LEU U 88 -1.38 14.27 76.33
N THR U 89 -0.91 14.20 75.09
CA THR U 89 0.48 14.54 74.79
C THR U 89 0.57 15.11 73.38
N THR U 90 1.67 15.82 73.11
CA THR U 90 1.91 16.43 71.82
C THR U 90 2.95 15.63 71.04
N VAL U 91 2.65 15.31 69.78
CA VAL U 91 3.60 14.65 68.92
C VAL U 91 4.47 15.61 68.13
N VAL U 92 4.21 16.92 68.23
CA VAL U 92 5.07 17.94 67.63
C VAL U 92 6.23 18.21 68.58
N GLN U 93 7.45 18.02 68.11
CA GLN U 93 8.66 18.16 68.93
C GLN U 93 9.42 19.46 68.64
N ASN U 94 8.71 20.57 68.39
CA ASN U 94 9.31 21.84 68.00
C ASN U 94 8.93 22.89 69.04
N ASN U 95 9.92 23.37 69.79
CA ASN U 95 9.65 24.25 70.92
C ASN U 95 9.43 25.71 70.52
N ASP U 96 9.32 26.02 69.22
CA ASP U 96 8.87 27.34 68.80
C ASP U 96 7.39 27.57 69.09
N PHE U 97 6.65 26.54 69.51
CA PHE U 97 5.22 26.62 69.73
C PHE U 97 4.85 26.02 71.08
N THR U 98 3.80 26.56 71.69
CA THR U 98 3.21 25.97 72.88
C THR U 98 2.32 24.79 72.49
N PRO U 99 2.02 23.91 73.46
CA PRO U 99 1.12 22.78 73.13
C PRO U 99 -0.24 23.21 72.62
N THR U 100 -0.79 24.32 73.14
CA THR U 100 -2.07 24.81 72.63
C THR U 100 -1.97 25.18 71.16
N GLU U 101 -0.91 25.89 70.77
CA GLU U 101 -0.70 26.21 69.36
C GLU U 101 -0.47 24.95 68.54
N ALA U 102 0.26 23.98 69.10
CA ALA U 102 0.55 22.75 68.37
C ALA U 102 -0.70 21.94 68.08
N SER U 103 -1.76 22.10 68.88
CA SER U 103 -2.94 21.27 68.74
C SER U 103 -3.61 21.45 67.38
N THR U 104 -3.45 22.61 66.76
CA THR U 104 -4.06 22.87 65.46
C THR U 104 -3.19 22.45 64.27
N GLN U 105 -1.93 22.08 64.50
CA GLN U 105 -1.04 21.68 63.41
C GLN U 105 -1.27 20.20 63.07
N THR U 106 -0.78 19.80 61.89
CA THR U 106 -0.96 18.44 61.42
C THR U 106 0.33 17.89 60.81
N ILE U 107 0.41 16.56 60.77
CA ILE U 107 1.42 15.82 60.03
C ILE U 107 0.71 15.01 58.97
N ASN U 108 1.16 15.09 57.72
CA ASN U 108 0.42 14.54 56.59
C ASN U 108 1.27 13.50 55.86
N PHE U 109 0.72 12.29 55.73
CA PHE U 109 1.32 11.20 54.98
C PHE U 109 0.65 11.13 53.61
N ASP U 110 1.46 10.94 52.56
CA ASP U 110 0.97 11.15 51.19
C ASP U 110 -0.30 10.36 50.91
N GLU U 111 -1.33 11.08 50.42
CA GLU U 111 -2.66 10.51 50.26
C GLU U 111 -2.77 9.53 49.12
N ARG U 112 -1.76 9.42 48.26
CA ARG U 112 -1.76 8.42 47.21
C ARG U 112 -1.30 7.04 47.67
N SER U 113 -1.03 6.87 48.96
CA SER U 113 -0.70 5.57 49.54
C SER U 113 -1.54 5.34 50.79
N ARG U 114 -1.69 4.08 51.15
CA ARG U 114 -2.22 3.69 52.46
C ARG U 114 -1.06 3.34 53.38
N TRP U 115 -1.08 3.86 54.60
CA TRP U 115 0.05 3.77 55.52
C TRP U 115 -0.29 2.90 56.72
N GLY U 116 0.74 2.24 57.25
CA GLY U 116 0.61 1.50 58.49
C GLY U 116 1.70 1.91 59.47
N GLY U 117 1.47 1.57 60.73
CA GLY U 117 2.42 1.93 61.78
C GLY U 117 2.74 0.79 62.73
N GLN U 118 4.03 0.48 62.86
CA GLN U 118 4.49 -0.53 63.80
C GLN U 118 4.61 0.08 65.20
N LEU U 119 3.98 -0.54 66.19
CA LEU U 119 3.84 0.03 67.52
C LEU U 119 4.62 -0.77 68.56
N LYS U 120 5.43 -0.08 69.35
CA LYS U 120 6.13 -0.65 70.51
C LYS U 120 5.79 0.17 71.75
N THR U 121 5.58 -0.51 72.88
CA THR U 121 5.20 0.16 74.11
C THR U 121 6.12 -0.26 75.26
N ILE U 122 6.20 0.63 76.25
CA ILE U 122 6.90 0.39 77.51
C ILE U 122 5.98 0.77 78.65
N MET U 123 5.81 -0.12 79.63
CA MET U 123 4.90 0.10 80.73
C MET U 123 5.51 -0.38 82.05
N HIS U 124 5.25 0.35 83.13
CA HIS U 124 5.69 -0.02 84.47
C HIS U 124 4.59 0.28 85.49
N THR U 125 4.40 -0.63 86.45
CA THR U 125 3.33 -0.54 87.43
C THR U 125 3.88 -0.65 88.85
N ASN U 126 3.05 -0.27 89.82
CA ASN U 126 3.40 -0.39 91.25
C ASN U 126 2.22 -0.89 92.07
N MET U 127 1.54 -1.93 91.60
CA MET U 127 0.33 -2.46 92.25
C MET U 127 0.69 -3.36 93.44
N PRO U 128 0.09 -3.14 94.61
CA PRO U 128 0.20 -4.11 95.71
C PRO U 128 -0.88 -5.19 95.60
N ASN U 129 -0.57 -6.35 96.18
CA ASN U 129 -1.43 -7.52 95.94
C ASN U 129 -2.74 -7.50 96.73
N VAL U 130 -2.82 -6.80 97.85
CA VAL U 130 -4.05 -6.69 98.63
C VAL U 130 -4.51 -5.24 98.58
N ASN U 131 -5.60 -4.98 97.84
CA ASN U 131 -6.08 -3.61 97.67
C ASN U 131 -7.57 -3.63 97.34
N GLU U 132 -8.19 -2.47 97.50
CA GLU U 132 -9.64 -2.36 97.34
C GLU U 132 -10.07 -2.34 95.87
N TYR U 133 -9.27 -1.74 94.99
CA TYR U 133 -9.69 -1.53 93.61
C TYR U 133 -9.86 -2.86 92.87
N MET U 134 -9.10 -3.88 93.24
CA MET U 134 -9.11 -5.17 92.56
C MET U 134 -9.91 -6.23 93.31
N PHE U 135 -10.65 -5.85 94.35
CA PHE U 135 -11.52 -6.75 95.09
C PHE U 135 -10.76 -7.88 95.79
N SER U 136 -9.51 -7.63 96.18
CA SER U 136 -8.75 -8.57 96.98
C SER U 136 -8.67 -8.14 98.43
N ASN U 137 -9.64 -7.35 98.88
CA ASN U 137 -9.62 -6.70 100.17
C ASN U 137 -10.65 -7.26 101.15
N LYS U 138 -11.59 -8.08 100.70
CA LYS U 138 -12.76 -8.39 101.50
C LYS U 138 -13.29 -9.78 101.17
N PHE U 139 -14.05 -10.34 102.11
CA PHE U 139 -14.77 -11.60 101.95
C PHE U 139 -15.93 -11.61 102.95
N LYS U 140 -16.83 -12.57 102.78
CA LYS U 140 -18.00 -12.72 103.64
C LYS U 140 -18.00 -14.07 104.34
N ALA U 141 -18.54 -14.10 105.55
CA ALA U 141 -18.59 -15.32 106.35
C ALA U 141 -19.77 -15.25 107.32
N ARG U 142 -20.18 -16.43 107.80
CA ARG U 142 -21.28 -16.56 108.75
C ARG U 142 -20.76 -17.13 110.06
N VAL U 143 -20.91 -16.38 111.14
CA VAL U 143 -20.40 -16.75 112.45
C VAL U 143 -21.53 -16.69 113.48
N MET U 144 -21.22 -17.10 114.71
CA MET U 144 -22.19 -17.15 115.78
C MET U 144 -22.19 -15.85 116.58
N VAL U 145 -23.38 -15.27 116.75
CA VAL U 145 -23.51 -13.99 117.43
C VAL U 145 -24.01 -14.14 118.87
N SER U 146 -24.81 -15.16 119.17
CA SER U 146 -25.35 -15.32 120.51
C SER U 146 -25.51 -16.80 120.83
N ARG U 147 -25.05 -17.18 122.02
CA ARG U 147 -25.46 -18.43 122.65
C ARG U 147 -26.70 -18.13 123.50
N LYS U 148 -27.11 -19.08 124.34
CA LYS U 148 -28.28 -18.86 125.19
C LYS U 148 -27.98 -17.81 126.26
N ASP U 171 -29.81 -24.85 124.94
CA ASP U 171 -29.17 -23.65 124.41
C ASP U 171 -29.63 -23.35 122.98
N ILE U 172 -29.93 -22.09 122.71
CA ILE U 172 -30.34 -21.64 121.38
C ILE U 172 -29.21 -20.78 120.81
N LEU U 173 -28.82 -21.07 119.58
CA LEU U 173 -27.67 -20.46 118.94
C LEU U 173 -28.12 -19.63 117.75
N LYS U 174 -27.58 -18.42 117.62
CA LYS U 174 -27.92 -17.50 116.54
C LYS U 174 -26.69 -17.19 115.70
N TYR U 175 -26.88 -17.13 114.39
CA TYR U 175 -25.80 -16.88 113.44
C TYR U 175 -26.20 -15.75 112.51
N GLU U 176 -25.19 -15.09 111.93
CA GLU U 176 -25.43 -13.97 111.03
C GLU U 176 -24.27 -13.81 110.06
N TRP U 177 -24.55 -13.21 108.90
CA TRP U 177 -23.55 -12.94 107.88
C TRP U 177 -22.94 -11.55 108.10
N PHE U 178 -21.64 -11.44 107.81
CA PHE U 178 -20.92 -10.18 107.88
C PHE U 178 -19.95 -10.10 106.70
N GLU U 179 -19.47 -8.88 106.44
CA GLU U 179 -18.39 -8.66 105.48
C GLU U 179 -17.16 -8.15 106.22
N PHE U 180 -16.01 -8.77 105.93
CA PHE U 180 -14.77 -8.51 106.65
C PHE U 180 -13.79 -7.78 105.73
N ILE U 181 -13.03 -6.84 106.31
CA ILE U 181 -12.13 -5.97 105.55
C ILE U 181 -10.72 -6.11 106.10
N LEU U 182 -9.73 -6.27 105.21
CA LEU U 182 -8.30 -6.30 105.48
C LEU U 182 -7.66 -4.95 105.18
N PRO U 183 -6.56 -4.60 105.83
CA PRO U 183 -5.82 -3.40 105.44
C PRO U 183 -4.93 -3.65 104.24
N GLU U 184 -4.65 -2.58 103.48
CA GLU U 184 -3.98 -2.69 102.19
C GLU U 184 -2.47 -2.77 102.33
N GLY U 185 -1.84 -3.44 101.39
CA GLY U 185 -0.40 -3.63 101.40
C GLY U 185 0.00 -4.77 100.48
N ASN U 186 1.29 -5.03 100.46
CA ASN U 186 1.88 -6.08 99.62
C ASN U 186 2.43 -7.18 100.53
N PHE U 187 1.71 -8.28 100.63
CA PHE U 187 1.98 -9.30 101.64
C PHE U 187 2.22 -10.66 101.00
N SER U 188 2.96 -11.51 101.71
CA SER U 188 3.08 -12.90 101.29
C SER U 188 1.80 -13.67 101.61
N ALA U 189 1.73 -14.90 101.10
CA ALA U 189 0.53 -15.70 101.26
C ALA U 189 0.28 -16.07 102.72
N THR U 190 1.33 -16.43 103.46
CA THR U 190 1.16 -16.77 104.88
C THR U 190 0.71 -15.55 105.67
N MET U 191 1.31 -14.38 105.42
CA MET U 191 0.92 -13.17 106.12
C MET U 191 -0.51 -12.78 105.80
N THR U 192 -0.97 -13.05 104.57
CA THR U 192 -2.36 -12.75 104.22
C THR U 192 -3.34 -13.61 105.02
N ILE U 193 -3.01 -14.89 105.20
CA ILE U 193 -3.88 -15.79 105.95
C ILE U 193 -3.96 -15.38 107.41
N ASP U 194 -2.86 -14.86 107.98
CA ASP U 194 -2.92 -14.35 109.35
C ASP U 194 -3.90 -13.18 109.46
N LEU U 195 -3.91 -12.30 108.46
CA LEU U 195 -4.81 -11.15 108.51
C LEU U 195 -6.27 -11.56 108.42
N MET U 196 -6.58 -12.61 107.65
CA MET U 196 -7.95 -13.09 107.57
C MET U 196 -8.43 -13.68 108.88
N ASN U 197 -7.57 -14.45 109.57
CA ASN U 197 -7.92 -14.95 110.90
C ASN U 197 -8.12 -13.81 111.88
N ASN U 198 -7.26 -12.79 111.82
CA ASN U 198 -7.37 -11.65 112.72
C ASN U 198 -8.68 -10.89 112.51
N ALA U 199 -9.17 -10.82 111.29
CA ALA U 199 -10.45 -10.16 111.02
C ALA U 199 -11.60 -10.91 111.68
N ILE U 200 -11.57 -12.24 111.64
CA ILE U 200 -12.63 -13.04 112.27
C ILE U 200 -12.65 -12.78 113.76
N ILE U 201 -11.47 -12.77 114.40
CA ILE U 201 -11.39 -12.65 115.84
C ILE U 201 -11.85 -11.26 116.31
N ASP U 202 -11.54 -10.22 115.56
CA ASP U 202 -11.99 -8.87 115.92
C ASP U 202 -13.51 -8.76 115.91
N ASN U 203 -14.19 -9.59 115.14
CA ASN U 203 -15.65 -9.65 115.20
C ASN U 203 -16.13 -10.36 116.47
N TYR U 204 -15.36 -11.35 116.94
CA TYR U 204 -15.73 -12.05 118.16
C TYR U 204 -15.45 -11.22 119.40
N LEU U 205 -14.61 -10.19 119.31
CA LEU U 205 -14.35 -9.33 120.46
C LEU U 205 -15.31 -8.14 120.54
N GLU U 206 -15.90 -7.74 119.42
CA GLU U 206 -16.83 -6.62 119.38
C GLU U 206 -18.28 -7.04 119.57
N ILE U 207 -18.65 -8.17 118.97
CA ILE U 207 -19.93 -8.82 119.16
C ILE U 207 -19.56 -10.18 119.72
N GLY U 208 -20.52 -11.06 119.97
CA GLY U 208 -20.09 -12.39 120.34
C GLY U 208 -19.74 -12.47 121.82
N ARG U 209 -18.45 -12.35 122.12
CA ARG U 209 -17.91 -12.50 123.47
C ARG U 209 -18.80 -11.88 124.54
N GLN U 210 -19.31 -10.67 124.28
CA GLN U 210 -20.18 -10.01 125.25
C GLN U 210 -21.61 -10.55 125.23
N ASN U 211 -21.92 -11.52 124.37
CA ASN U 211 -23.24 -12.12 124.31
C ASN U 211 -23.21 -13.62 124.58
N GLY U 212 -22.19 -14.11 125.26
CA GLY U 212 -22.19 -15.45 125.78
C GLY U 212 -21.52 -16.53 124.97
N VAL U 213 -20.85 -16.19 123.88
CA VAL U 213 -20.13 -17.21 123.10
C VAL U 213 -18.74 -17.38 123.72
N LEU U 214 -18.27 -18.62 123.73
CA LEU U 214 -16.99 -18.94 124.32
C LEU U 214 -15.91 -18.99 123.24
N GLU U 215 -14.65 -18.96 123.68
CA GLU U 215 -13.55 -19.13 122.74
C GLU U 215 -13.33 -20.61 122.47
N SER U 216 -14.42 -21.32 122.21
CA SER U 216 -14.36 -22.69 121.71
C SER U 216 -15.47 -22.94 120.70
N ASP U 217 -16.20 -21.91 120.30
CA ASP U 217 -17.26 -22.01 119.28
C ASP U 217 -17.09 -20.97 118.19
N ILE U 218 -15.85 -20.53 117.93
CA ILE U 218 -15.61 -19.48 116.93
C ILE U 218 -16.21 -19.87 115.58
N GLY U 219 -15.73 -20.96 115.00
CA GLY U 219 -16.43 -21.57 113.88
C GLY U 219 -15.88 -21.33 112.50
N VAL U 220 -14.93 -20.42 112.32
CA VAL U 220 -14.28 -20.21 111.02
C VAL U 220 -12.79 -19.99 111.25
N LYS U 221 -11.96 -20.83 110.63
CA LYS U 221 -10.51 -20.68 110.73
C LYS U 221 -9.85 -21.12 109.43
N PHE U 222 -8.79 -20.42 109.04
CA PHE U 222 -7.99 -20.76 107.86
C PHE U 222 -6.68 -21.39 108.31
N ASP U 223 -6.40 -22.61 107.82
CA ASP U 223 -5.27 -23.39 108.29
C ASP U 223 -4.45 -23.89 107.10
N THR U 224 -3.38 -24.64 107.41
CA THR U 224 -2.54 -25.25 106.40
C THR U 224 -2.21 -26.71 106.64
N ARG U 225 -2.69 -27.31 107.74
CA ARG U 225 -2.22 -28.62 108.16
C ARG U 225 -3.04 -29.75 107.55
N ASN U 226 -2.44 -30.94 107.55
CA ASN U 226 -3.12 -32.18 107.16
C ASN U 226 -3.51 -32.89 108.45
N PHE U 227 -4.73 -32.63 108.91
CA PHE U 227 -5.24 -33.37 110.06
C PHE U 227 -5.41 -34.84 109.67
N ARG U 228 -5.40 -35.70 110.67
CA ARG U 228 -5.46 -37.17 110.54
C ARG U 228 -4.21 -37.78 109.92
N LEU U 229 -3.07 -37.09 109.95
CA LEU U 229 -1.83 -37.68 109.44
C LEU U 229 -1.41 -38.89 110.27
N GLY U 230 -1.33 -38.72 111.60
CA GLY U 230 -0.88 -39.81 112.45
C GLY U 230 -1.99 -40.73 112.92
N TRP U 231 -3.03 -40.87 112.11
CA TRP U 231 -4.21 -41.65 112.46
C TRP U 231 -3.88 -43.13 112.51
N ASP U 232 -4.56 -43.85 113.40
CA ASP U 232 -4.35 -45.28 113.58
C ASP U 232 -5.60 -46.05 113.20
N PRO U 233 -5.49 -47.08 112.37
CA PRO U 233 -6.69 -47.75 111.86
C PRO U 233 -7.44 -48.56 112.90
N GLU U 234 -6.82 -48.89 114.03
CA GLU U 234 -7.50 -49.68 115.06
C GLU U 234 -8.16 -48.78 116.11
N THR U 235 -7.37 -47.91 116.76
CA THR U 235 -7.92 -47.03 117.77
C THR U 235 -8.68 -45.84 117.17
N LYS U 236 -8.45 -45.53 115.90
CA LYS U 236 -9.12 -44.43 115.20
C LYS U 236 -8.95 -43.10 115.92
N LEU U 237 -7.75 -42.86 116.44
CA LEU U 237 -7.41 -41.60 117.07
C LEU U 237 -6.00 -41.21 116.67
N ILE U 238 -5.68 -39.93 116.84
CA ILE U 238 -4.34 -39.42 116.52
C ILE U 238 -3.41 -39.82 117.66
N MET U 239 -2.65 -40.89 117.46
CA MET U 239 -1.87 -41.46 118.56
C MET U 239 -0.86 -40.50 119.19
N PRO U 240 -0.11 -39.67 118.45
CA PRO U 240 0.86 -38.78 119.12
C PRO U 240 0.25 -37.81 120.11
N GLY U 241 -1.05 -37.52 120.03
CA GLY U 241 -1.67 -36.56 120.90
C GLY U 241 -1.61 -35.12 120.42
N VAL U 242 -0.88 -34.84 119.34
CA VAL U 242 -0.86 -33.54 118.69
C VAL U 242 -0.89 -33.75 117.18
N TYR U 243 -1.63 -32.89 116.49
CA TYR U 243 -1.66 -32.94 115.03
C TYR U 243 -0.29 -32.56 114.48
N THR U 244 0.07 -33.18 113.35
CA THR U 244 1.35 -32.92 112.72
C THR U 244 1.47 -31.45 112.31
N TYR U 245 2.57 -30.81 112.71
CA TYR U 245 2.74 -29.37 112.54
C TYR U 245 3.53 -29.05 111.26
N GLU U 246 3.00 -29.50 110.13
CA GLU U 246 3.60 -29.27 108.81
C GLU U 246 2.58 -28.69 107.85
N ALA U 247 3.05 -27.84 106.95
CA ALA U 247 2.18 -27.16 105.99
C ALA U 247 2.05 -27.99 104.73
N PHE U 248 0.81 -28.18 104.27
CA PHE U 248 0.51 -28.94 103.06
C PHE U 248 -0.15 -28.12 101.98
N HIS U 249 -1.24 -27.41 102.30
CA HIS U 249 -2.05 -26.63 101.39
C HIS U 249 -3.05 -25.83 102.21
N PRO U 250 -3.36 -24.59 101.83
CA PRO U 250 -4.33 -23.80 102.62
C PRO U 250 -5.69 -24.47 102.67
N ASP U 251 -6.37 -24.30 103.81
CA ASP U 251 -7.54 -25.09 104.15
C ASP U 251 -8.54 -24.23 104.91
N ILE U 252 -9.80 -24.68 104.92
CA ILE U 252 -10.90 -24.01 105.60
C ILE U 252 -11.50 -24.98 106.61
N VAL U 253 -11.63 -24.54 107.86
CA VAL U 253 -12.17 -25.36 108.95
C VAL U 253 -13.45 -24.72 109.48
N LEU U 254 -14.51 -25.52 109.60
CA LEU U 254 -15.84 -25.02 109.92
C LEU U 254 -16.49 -25.81 111.05
N LEU U 255 -17.35 -25.12 111.81
CA LEU U 255 -18.27 -25.63 112.82
C LEU U 255 -19.70 -25.60 112.27
N PRO U 256 -20.62 -26.38 112.86
CA PRO U 256 -21.99 -26.40 112.32
C PRO U 256 -22.63 -25.02 112.35
N GLY U 257 -23.38 -24.72 111.30
CA GLY U 257 -24.06 -23.44 111.16
C GLY U 257 -23.26 -22.33 110.53
N CYS U 258 -22.00 -22.56 110.18
CA CYS U 258 -21.13 -21.52 109.64
C CYS U 258 -20.84 -21.75 108.16
N GLY U 259 -20.13 -20.81 107.56
CA GLY U 259 -19.77 -20.90 106.15
C GLY U 259 -19.05 -19.66 105.69
N VAL U 260 -18.48 -19.75 104.48
CA VAL U 260 -17.81 -18.63 103.83
C VAL U 260 -18.35 -18.48 102.42
N ASP U 261 -18.28 -17.25 101.90
CA ASP U 261 -18.83 -16.93 100.58
C ASP U 261 -17.84 -16.04 99.83
N PHE U 262 -17.39 -16.52 98.66
CA PHE U 262 -16.38 -15.81 97.86
C PHE U 262 -16.95 -15.24 96.58
N THR U 263 -18.24 -14.93 96.53
CA THR U 263 -18.86 -14.45 95.30
C THR U 263 -18.25 -13.13 94.85
N GLU U 264 -17.94 -12.24 95.79
CA GLU U 264 -17.43 -10.92 95.45
C GLU U 264 -16.00 -10.74 95.99
N SER U 265 -15.14 -11.72 95.77
CA SER U 265 -13.80 -11.73 96.33
C SER U 265 -12.87 -12.51 95.43
N ARG U 266 -11.61 -12.10 95.40
CA ARG U 266 -10.58 -12.82 94.66
C ARG U 266 -9.61 -13.57 95.56
N LEU U 267 -9.93 -13.68 96.84
CA LEU U 267 -9.05 -14.36 97.79
C LEU U 267 -9.13 -15.88 97.69
N SER U 268 -10.10 -16.43 96.96
CA SER U 268 -10.12 -17.87 96.74
C SER U 268 -8.98 -18.32 95.82
N ASN U 269 -8.48 -17.45 94.94
CA ASN U 269 -7.32 -17.79 94.12
C ASN U 269 -6.06 -17.91 94.95
N LEU U 270 -5.91 -17.05 95.97
CA LEU U 270 -4.75 -17.14 96.86
C LEU U 270 -4.81 -18.40 97.72
N LEU U 271 -6.01 -18.90 98.02
CA LEU U 271 -6.14 -20.12 98.80
C LEU U 271 -5.96 -21.38 97.97
N GLY U 272 -5.99 -21.29 96.65
CA GLY U 272 -5.88 -22.48 95.82
C GLY U 272 -7.11 -23.36 95.81
N ILE U 273 -8.30 -22.78 95.93
CA ILE U 273 -9.57 -23.50 95.85
C ILE U 273 -10.40 -22.84 94.76
N ARG U 274 -10.78 -23.62 93.75
CA ARG U 274 -11.51 -23.11 92.60
C ARG U 274 -12.67 -24.03 92.23
N LYS U 275 -13.58 -23.52 91.42
CA LYS U 275 -14.75 -24.27 90.97
C LYS U 275 -14.47 -24.97 89.64
N ARG U 276 -15.00 -26.19 89.50
CA ARG U 276 -14.86 -26.92 88.25
C ARG U 276 -15.73 -26.34 87.14
N HIS U 277 -16.73 -25.52 87.47
CA HIS U 277 -17.55 -24.80 86.50
C HIS U 277 -17.38 -23.32 86.78
N PRO U 278 -16.29 -22.71 86.31
CA PRO U 278 -15.93 -21.35 86.75
C PRO U 278 -16.82 -20.26 86.19
N PHE U 279 -17.67 -20.54 85.21
CA PHE U 279 -18.55 -19.53 84.64
C PHE U 279 -19.92 -19.49 85.29
N GLN U 280 -20.20 -20.33 86.30
CA GLN U 280 -21.45 -20.28 87.03
C GLN U 280 -21.31 -19.36 88.23
N GLU U 281 -22.19 -18.37 88.33
CA GLU U 281 -22.08 -17.36 89.37
C GLU U 281 -22.34 -17.95 90.75
N GLY U 282 -21.61 -17.45 91.75
CA GLY U 282 -21.80 -17.87 93.13
C GLY U 282 -20.81 -18.89 93.62
N PHE U 283 -20.18 -18.64 94.77
CA PHE U 283 -19.19 -19.53 95.35
C PHE U 283 -19.37 -19.51 96.87
N LYS U 284 -20.12 -20.48 97.39
CA LYS U 284 -20.36 -20.59 98.82
C LYS U 284 -20.01 -21.99 99.29
N ILE U 285 -19.37 -22.09 100.46
CA ILE U 285 -19.02 -23.36 101.08
C ILE U 285 -19.55 -23.36 102.50
N MET U 286 -20.50 -24.24 102.79
CA MET U 286 -21.14 -24.33 104.09
C MET U 286 -20.76 -25.63 104.78
N TYR U 287 -21.12 -25.72 106.07
CA TYR U 287 -20.78 -26.89 106.86
C TYR U 287 -21.40 -28.16 106.31
N GLU U 288 -22.59 -28.06 105.70
CA GLU U 288 -23.26 -29.23 105.15
C GLU U 288 -22.60 -29.75 103.87
N ASP U 289 -21.76 -28.95 103.22
CA ASP U 289 -21.09 -29.39 102.00
C ASP U 289 -19.79 -30.14 102.25
N LEU U 290 -19.30 -30.16 103.49
CA LEU U 290 -18.03 -30.78 103.83
C LEU U 290 -18.20 -32.18 104.44
N GLU U 291 -19.19 -32.94 103.98
CA GLU U 291 -19.45 -34.26 104.55
C GLU U 291 -18.25 -35.17 104.36
N GLY U 292 -17.96 -35.96 105.39
CA GLY U 292 -16.82 -36.85 105.38
C GLY U 292 -15.52 -36.23 105.81
N GLY U 293 -15.51 -34.95 106.17
CA GLY U 293 -14.27 -34.28 106.50
C GLY U 293 -14.08 -33.95 107.97
N ASN U 294 -14.75 -34.68 108.85
CA ASN U 294 -14.62 -34.42 110.29
C ASN U 294 -13.19 -34.70 110.75
N ILE U 295 -12.69 -33.83 111.62
CA ILE U 295 -11.32 -33.94 112.12
C ILE U 295 -11.29 -34.95 113.25
N PRO U 296 -10.48 -36.00 113.15
CA PRO U 296 -10.44 -37.01 114.22
C PRO U 296 -9.96 -36.42 115.54
N ALA U 297 -10.55 -36.91 116.63
CA ALA U 297 -10.25 -36.39 117.96
C ALA U 297 -8.90 -36.90 118.45
N LEU U 298 -8.31 -36.13 119.37
CA LEU U 298 -7.09 -36.49 120.08
C LEU U 298 -6.03 -37.14 119.22
N ILE U 364 -7.04 -45.41 126.56
CA ILE U 364 -7.61 -45.32 125.22
C ILE U 364 -8.90 -44.51 125.24
N GLN U 365 -8.78 -43.20 125.48
CA GLN U 365 -9.92 -42.30 125.46
C GLN U 365 -9.52 -40.97 124.85
N PRO U 366 -10.41 -40.31 124.12
CA PRO U 366 -10.05 -39.01 123.52
C PRO U 366 -9.91 -37.93 124.58
N LEU U 367 -9.02 -36.98 124.31
CA LEU U 367 -8.94 -35.79 125.15
C LEU U 367 -10.14 -34.90 124.87
N GLU U 368 -10.79 -34.42 125.94
CA GLU U 368 -12.03 -33.67 125.80
C GLU U 368 -11.86 -32.17 126.02
N LYS U 369 -10.71 -31.72 126.50
CA LYS U 369 -10.53 -30.30 126.79
C LYS U 369 -9.06 -29.95 126.68
N ASP U 370 -8.78 -28.66 126.58
CA ASP U 370 -7.43 -28.14 126.39
C ASP U 370 -6.79 -27.84 127.74
N SER U 371 -5.58 -27.27 127.72
CA SER U 371 -4.85 -27.00 128.95
C SER U 371 -5.58 -25.98 129.82
N LYS U 372 -6.13 -24.93 129.21
CA LYS U 372 -6.82 -23.87 129.94
C LYS U 372 -8.33 -24.10 129.99
N SER U 373 -8.76 -25.35 129.96
CA SER U 373 -10.18 -25.72 130.03
C SER U 373 -10.97 -25.08 128.90
N ARG U 374 -10.63 -25.48 127.67
CA ARG U 374 -11.40 -25.14 126.49
C ARG U 374 -11.90 -26.43 125.84
N SER U 375 -13.18 -26.47 125.51
CA SER U 375 -13.77 -27.66 124.92
C SER U 375 -13.22 -27.89 123.52
N TYR U 376 -12.86 -29.14 123.23
CA TYR U 376 -12.51 -29.55 121.88
C TYR U 376 -13.73 -29.95 121.05
N ASN U 377 -14.93 -29.87 121.61
CA ASN U 377 -16.18 -30.19 120.90
C ASN U 377 -16.21 -31.66 120.45
N VAL U 378 -15.75 -32.56 121.30
CA VAL U 378 -15.82 -33.98 120.98
C VAL U 378 -17.28 -34.43 120.98
N LEU U 379 -17.59 -35.38 120.09
CA LEU U 379 -18.95 -35.86 119.87
C LEU U 379 -19.14 -37.25 120.48
N GLU U 380 -20.31 -37.82 120.23
CA GLU U 380 -20.56 -39.20 120.63
C GLU U 380 -19.70 -40.14 119.78
N ASP U 381 -19.53 -41.36 120.29
CA ASP U 381 -18.67 -42.41 119.73
C ASP U 381 -17.20 -42.11 120.00
N LYS U 382 -16.91 -40.91 120.53
CA LYS U 382 -15.60 -40.59 121.11
C LYS U 382 -14.44 -40.86 120.14
N ILE U 383 -14.66 -40.61 118.85
CA ILE U 383 -13.60 -40.71 117.85
C ILE U 383 -13.45 -39.42 117.05
N ASN U 384 -14.55 -38.83 116.60
CA ASN U 384 -14.51 -37.66 115.74
C ASN U 384 -14.97 -36.40 116.48
N THR U 385 -14.58 -35.27 115.92
CA THR U 385 -14.89 -33.95 116.46
C THR U 385 -15.82 -33.22 115.51
N ALA U 386 -16.55 -32.23 116.06
CA ALA U 386 -17.51 -31.47 115.26
C ALA U 386 -16.85 -30.64 114.16
N TYR U 387 -15.56 -30.34 114.26
CA TYR U 387 -14.89 -29.55 113.24
C TYR U 387 -14.79 -30.33 111.92
N ARG U 388 -15.03 -29.64 110.81
CA ARG U 388 -14.85 -30.19 109.47
C ARG U 388 -13.89 -29.32 108.69
N SER U 389 -13.18 -29.93 107.73
CA SER U 389 -12.21 -29.21 106.93
C SER U 389 -12.34 -29.57 105.46
N TRP U 390 -12.10 -28.58 104.59
CA TRP U 390 -12.21 -28.79 103.15
C TRP U 390 -11.19 -29.80 102.66
N TYR U 391 -9.97 -29.75 103.17
CA TYR U 391 -8.91 -30.62 102.66
C TYR U 391 -9.18 -32.09 102.99
N LEU U 392 -9.67 -32.37 104.20
CA LEU U 392 -9.99 -33.75 104.55
C LEU U 392 -11.12 -34.29 103.71
N SER U 393 -12.14 -33.46 103.46
CA SER U 393 -13.26 -33.91 102.63
C SER U 393 -12.85 -34.10 101.19
N TYR U 394 -11.96 -33.25 100.67
CA TYR U 394 -11.50 -33.38 99.29
C TYR U 394 -10.70 -34.66 99.07
N ASN U 395 -9.84 -35.01 100.03
CA ASN U 395 -8.93 -36.12 99.85
C ASN U 395 -9.43 -37.45 100.40
N TYR U 396 -10.25 -37.45 101.45
CA TYR U 396 -10.68 -38.69 102.08
C TYR U 396 -12.17 -38.95 102.01
N GLY U 397 -12.98 -37.97 101.62
CA GLY U 397 -14.42 -38.13 101.54
C GLY U 397 -14.85 -38.91 100.32
N ASN U 398 -16.16 -38.90 100.08
CA ASN U 398 -16.74 -39.62 98.95
C ASN U 398 -16.39 -38.92 97.65
N PRO U 399 -15.74 -39.60 96.69
CA PRO U 399 -15.34 -38.92 95.45
C PRO U 399 -16.50 -38.37 94.63
N GLU U 400 -17.68 -38.98 94.68
CA GLU U 400 -18.76 -38.61 93.80
C GLU U 400 -19.90 -37.86 94.50
N LYS U 401 -19.75 -37.57 95.79
CA LYS U 401 -20.77 -36.82 96.53
C LYS U 401 -20.22 -35.70 97.39
N GLY U 402 -18.95 -35.73 97.78
CA GLY U 402 -18.39 -34.70 98.62
C GLY U 402 -17.99 -33.47 97.85
N ILE U 403 -17.18 -32.63 98.51
CA ILE U 403 -16.75 -31.37 97.94
C ILE U 403 -15.88 -31.56 96.70
N ARG U 404 -15.29 -32.75 96.52
CA ARG U 404 -14.43 -33.02 95.38
C ARG U 404 -15.19 -33.07 94.06
N SER U 405 -16.50 -33.23 94.08
CA SER U 405 -17.25 -33.36 92.84
C SER U 405 -17.44 -32.03 92.12
N TRP U 406 -17.34 -30.90 92.82
CA TRP U 406 -17.51 -29.60 92.17
C TRP U 406 -16.47 -28.56 92.55
N THR U 407 -15.42 -28.91 93.28
CA THR U 407 -14.30 -28.01 93.51
C THR U 407 -13.00 -28.67 93.08
N LEU U 408 -11.96 -27.85 92.94
CA LEU U 408 -10.67 -28.29 92.41
C LEU U 408 -9.55 -27.69 93.24
N LEU U 409 -8.51 -28.50 93.49
CA LEU U 409 -7.37 -28.08 94.28
C LEU U 409 -6.26 -27.61 93.34
N THR U 410 -5.74 -26.40 93.57
CA THR U 410 -4.73 -25.79 92.70
C THR U 410 -3.62 -25.18 93.56
N THR U 411 -2.51 -24.83 92.90
CA THR U 411 -1.42 -24.14 93.59
C THR U 411 -1.83 -22.72 93.97
N SER U 412 -1.36 -22.27 95.11
CA SER U 412 -1.67 -20.92 95.60
C SER U 412 -1.07 -19.87 94.67
N ASP U 413 -1.87 -18.85 94.36
CA ASP U 413 -1.45 -17.76 93.47
C ASP U 413 -1.48 -16.45 94.25
N VAL U 414 -0.29 -15.95 94.62
CA VAL U 414 -0.19 -14.81 95.52
C VAL U 414 -0.67 -13.51 94.86
N THR U 415 -0.56 -13.40 93.54
CA THR U 415 -1.04 -12.19 92.88
C THR U 415 -2.56 -12.10 92.85
N CYS U 416 -3.25 -13.16 93.24
CA CYS U 416 -4.72 -13.29 93.23
C CYS U 416 -5.30 -13.35 91.83
N GLY U 417 -4.48 -13.62 90.82
CA GLY U 417 -4.96 -13.81 89.47
C GLY U 417 -4.91 -12.54 88.64
N VAL U 418 -3.96 -12.45 87.75
CA VAL U 418 -3.80 -11.27 86.92
C VAL U 418 -4.59 -11.47 85.64
N GLU U 419 -5.13 -10.39 85.10
CA GLU U 419 -5.85 -10.40 83.84
C GLU U 419 -5.15 -9.47 82.86
N GLN U 420 -5.78 -9.24 81.71
CA GLN U 420 -5.18 -8.53 80.61
C GLN U 420 -5.42 -7.01 80.72
N VAL U 421 -4.68 -6.25 79.92
CA VAL U 421 -4.85 -4.81 79.76
C VAL U 421 -4.94 -4.48 78.28
N TYR U 422 -5.63 -3.38 77.97
CA TYR U 422 -5.87 -2.94 76.60
C TYR U 422 -5.32 -1.54 76.36
N TRP U 423 -4.72 -1.33 75.18
CA TRP U 423 -4.23 -0.02 74.75
C TRP U 423 -5.19 0.62 73.74
N SER U 424 -5.36 1.93 73.83
CA SER U 424 -6.14 2.71 72.87
C SER U 424 -5.39 3.95 72.41
N LEU U 425 -5.41 4.21 71.10
CA LEU U 425 -4.86 5.43 70.51
C LEU U 425 -5.85 6.00 69.50
N PRO U 426 -6.96 6.57 69.97
CA PRO U 426 -8.07 6.88 69.05
C PRO U 426 -7.77 7.97 68.01
N ASP U 427 -6.80 8.85 68.24
CA ASP U 427 -6.49 9.90 67.28
C ASP U 427 -5.39 9.53 66.29
N MET U 428 -4.82 8.32 66.39
CA MET U 428 -3.72 7.95 65.52
C MET U 428 -4.04 6.76 64.63
N MET U 429 -4.61 5.69 65.19
CA MET U 429 -4.90 4.47 64.44
C MET U 429 -6.35 4.43 63.98
N GLN U 430 -6.59 3.73 62.88
CA GLN U 430 -7.95 3.42 62.47
C GLN U 430 -8.58 2.38 63.39
N ASP U 431 -9.90 2.44 63.52
CA ASP U 431 -10.60 1.50 64.38
C ASP U 431 -10.54 0.09 63.79
N PRO U 432 -10.17 -0.93 64.56
CA PRO U 432 -10.24 -2.31 64.05
C PRO U 432 -11.68 -2.77 63.82
N VAL U 433 -11.80 -3.87 63.06
CA VAL U 433 -13.08 -4.28 62.51
C VAL U 433 -14.09 -4.58 63.61
N THR U 434 -15.32 -4.10 63.41
CA THR U 434 -16.54 -4.17 64.23
C THR U 434 -16.57 -3.20 65.42
N PHE U 435 -15.49 -2.46 65.71
CA PHE U 435 -15.54 -1.43 66.75
C PHE U 435 -16.22 -0.16 66.23
N ARG U 436 -17.05 0.47 67.07
CA ARG U 436 -17.68 1.73 66.74
C ARG U 436 -16.81 2.92 67.15
N SER U 437 -16.87 3.99 66.37
CA SER U 437 -16.21 5.24 66.73
C SER U 437 -17.02 5.96 67.80
N THR U 438 -16.34 6.46 68.83
CA THR U 438 -17.02 7.06 69.97
C THR U 438 -16.06 7.96 70.73
N ARG U 439 -16.62 8.74 71.66
CA ARG U 439 -15.83 9.56 72.57
C ARG U 439 -16.05 9.16 74.03
N GLN U 440 -16.62 8.00 74.30
CA GLN U 440 -16.77 7.51 75.66
C GLN U 440 -15.54 6.67 76.03
N VAL U 441 -14.94 6.99 77.18
CA VAL U 441 -13.64 6.40 77.53
C VAL U 441 -13.77 4.89 77.73
N SER U 442 -14.82 4.44 78.39
CA SER U 442 -14.98 3.01 78.58
C SER U 442 -15.36 2.25 77.30
N ASN U 443 -15.37 2.87 76.12
CA ASN U 443 -15.70 2.12 74.91
C ASN U 443 -14.78 2.49 73.74
N TYR U 444 -13.57 2.96 74.01
CA TYR U 444 -12.60 3.24 72.95
C TYR U 444 -12.25 1.94 72.21
N PRO U 445 -11.99 2.02 70.90
CA PRO U 445 -11.48 0.85 70.19
C PRO U 445 -10.11 0.42 70.69
N VAL U 446 -9.86 -0.88 70.64
CA VAL U 446 -8.68 -1.49 71.25
C VAL U 446 -7.64 -1.78 70.18
N VAL U 447 -6.41 -1.33 70.42
CA VAL U 447 -5.32 -1.45 69.45
C VAL U 447 -4.27 -2.48 69.86
N GLY U 448 -4.27 -2.97 71.10
CA GLY U 448 -3.35 -4.01 71.51
C GLY U 448 -3.71 -4.52 72.89
N ALA U 449 -3.17 -5.70 73.22
CA ALA U 449 -3.46 -6.37 74.48
C ALA U 449 -2.23 -7.10 74.99
N GLU U 450 -2.15 -7.24 76.31
CA GLU U 450 -1.06 -7.96 76.98
C GLU U 450 -1.50 -8.20 78.43
N LEU U 451 -0.66 -8.92 79.18
CA LEU U 451 -0.93 -9.16 80.59
C LEU U 451 -0.52 -7.95 81.43
N MET U 452 -1.31 -7.65 82.44
CA MET U 452 -0.89 -6.70 83.46
C MET U 452 0.39 -7.23 84.11
N PRO U 453 1.47 -6.45 84.14
CA PRO U 453 2.82 -7.02 84.38
C PRO U 453 3.16 -7.21 85.86
N VAL U 454 2.49 -8.16 86.50
CA VAL U 454 2.71 -8.51 87.90
C VAL U 454 2.89 -10.03 87.98
N PHE U 455 3.96 -10.47 88.65
CA PHE U 455 4.34 -11.87 88.64
C PHE U 455 4.69 -12.36 90.04
N SER U 456 4.60 -13.68 90.22
CA SER U 456 4.95 -14.34 91.46
C SER U 456 6.40 -14.80 91.44
N LYS U 457 7.06 -14.72 92.60
CA LYS U 457 8.43 -15.21 92.77
C LYS U 457 8.52 -16.09 94.02
N SER U 458 9.31 -17.16 93.92
CA SER U 458 9.42 -18.16 94.97
C SER U 458 10.73 -18.04 95.75
N PHE U 459 10.66 -18.33 97.04
CA PHE U 459 11.83 -18.37 97.92
C PHE U 459 11.75 -19.62 98.80
N TYR U 460 12.90 -20.04 99.31
CA TYR U 460 12.98 -21.21 100.16
C TYR U 460 13.31 -20.79 101.60
N ASN U 461 12.53 -21.28 102.55
CA ASN U 461 12.73 -20.94 103.96
C ASN U 461 12.58 -22.16 104.87
N HIS U 478 1.90 -11.67 121.13
CA HIS U 478 1.61 -12.21 119.81
C HIS U 478 0.14 -12.07 119.45
N VAL U 479 -0.17 -11.04 118.66
CA VAL U 479 -1.55 -10.84 118.22
C VAL U 479 -1.99 -11.92 117.24
N PHE U 480 -1.04 -12.59 116.57
CA PHE U 480 -1.35 -13.64 115.62
C PHE U 480 -1.36 -15.03 116.24
N ASN U 481 -1.25 -15.13 117.57
CA ASN U 481 -1.37 -16.40 118.27
C ASN U 481 -2.00 -16.10 119.63
N ARG U 482 -3.34 -16.16 119.69
CA ARG U 482 -4.11 -15.84 120.88
C ARG U 482 -4.55 -17.07 121.65
N PHE U 483 -4.41 -18.26 121.08
CA PHE U 483 -4.76 -19.52 121.74
C PHE U 483 -3.59 -20.48 121.57
N PRO U 484 -2.46 -20.20 122.21
CA PRO U 484 -1.29 -21.07 122.03
C PRO U 484 -1.52 -22.51 122.44
N GLU U 485 -2.36 -22.74 123.44
CA GLU U 485 -2.54 -24.10 123.94
C GLU U 485 -3.43 -24.95 123.04
N ASN U 486 -4.43 -24.34 122.40
CA ASN U 486 -5.46 -25.10 121.70
C ASN U 486 -4.90 -25.67 120.40
N GLN U 487 -5.00 -27.00 120.25
CA GLN U 487 -4.45 -27.66 119.06
C GLN U 487 -5.20 -27.30 117.79
N ILE U 488 -6.45 -26.86 117.89
CA ILE U 488 -7.21 -26.48 116.70
C ILE U 488 -6.98 -25.02 116.35
N LEU U 489 -6.85 -24.16 117.35
CA LEU U 489 -6.74 -22.72 117.16
C LEU U 489 -5.30 -22.23 117.21
N ILE U 490 -4.32 -23.14 117.19
CA ILE U 490 -2.93 -22.72 117.14
C ILE U 490 -2.64 -22.04 115.81
N ARG U 491 -1.62 -21.17 115.82
CA ARG U 491 -1.21 -20.46 114.60
C ARG U 491 -0.68 -21.44 113.57
N PRO U 492 -1.13 -21.37 112.31
CA PRO U 492 -0.75 -22.39 111.34
C PRO U 492 0.73 -22.37 111.08
N PRO U 493 1.33 -23.52 110.81
CA PRO U 493 2.75 -23.54 110.40
C PRO U 493 2.94 -22.89 109.03
N ALA U 494 4.13 -22.31 108.85
CA ALA U 494 4.49 -21.63 107.62
C ALA U 494 5.04 -22.62 106.59
N PRO U 495 4.71 -22.44 105.31
CA PRO U 495 5.24 -23.34 104.28
C PRO U 495 6.73 -23.17 104.11
N THR U 496 7.38 -24.24 103.66
CA THR U 496 8.79 -24.16 103.30
C THR U 496 9.02 -23.44 101.97
N ILE U 497 7.97 -23.16 101.21
CA ILE U 497 8.05 -22.36 99.98
C ILE U 497 7.18 -21.11 100.17
N THR U 498 7.80 -19.94 100.06
CA THR U 498 7.11 -18.67 100.19
C THR U 498 7.07 -17.94 98.85
N THR U 499 5.93 -17.35 98.51
CA THR U 499 5.76 -16.62 97.26
C THR U 499 5.33 -15.19 97.53
N VAL U 500 5.90 -14.26 96.76
CA VAL U 500 5.57 -12.84 96.83
C VAL U 500 5.41 -12.31 95.42
N SER U 501 4.64 -11.23 95.28
CA SER U 501 4.32 -10.66 93.96
C SER U 501 5.23 -9.47 93.66
N GLU U 502 5.60 -9.34 92.39
CA GLU U 502 6.55 -8.33 91.92
C GLU U 502 6.02 -7.61 90.68
N ASN U 503 6.45 -6.36 90.51
CA ASN U 503 6.17 -5.57 89.32
C ASN U 503 7.42 -5.56 88.44
N VAL U 504 7.28 -5.97 87.17
CA VAL U 504 8.39 -6.08 86.24
C VAL U 504 8.07 -5.25 85.01
N PRO U 505 8.95 -4.35 84.57
CA PRO U 505 8.66 -3.53 83.39
C PRO U 505 8.47 -4.39 82.15
N ALA U 506 7.49 -3.99 81.33
CA ALA U 506 7.05 -4.78 80.18
C ALA U 506 7.36 -4.04 78.89
N LEU U 507 8.05 -4.72 77.97
CA LEU U 507 8.45 -4.19 76.68
C LEU U 507 7.80 -5.05 75.61
N THR U 508 6.91 -4.46 74.81
CA THR U 508 6.03 -5.23 73.95
C THR U 508 6.02 -4.70 72.52
N ASP U 509 6.06 -5.62 71.55
CA ASP U 509 5.90 -5.32 70.14
C ASP U 509 4.50 -5.76 69.72
N HIS U 510 3.68 -4.81 69.28
CA HIS U 510 2.29 -5.08 68.93
C HIS U 510 2.06 -5.27 67.43
N GLY U 511 3.10 -5.24 66.60
CA GLY U 511 2.93 -5.38 65.17
C GLY U 511 2.50 -4.09 64.47
N THR U 512 2.06 -4.25 63.23
CA THR U 512 1.71 -3.13 62.35
C THR U 512 0.20 -2.97 62.27
N LEU U 513 -0.28 -1.73 62.41
CA LEU U 513 -1.69 -1.37 62.32
C LEU U 513 -1.91 -0.23 61.33
N PRO U 514 -3.06 -0.20 60.66
CA PRO U 514 -3.33 0.88 59.70
C PRO U 514 -3.42 2.25 60.39
N LEU U 515 -2.86 3.25 59.72
CA LEU U 515 -2.64 4.58 60.26
C LEU U 515 -3.52 5.59 59.54
N ARG U 516 -4.00 6.61 60.26
CA ARG U 516 -4.75 7.69 59.63
C ARG U 516 -3.82 8.57 58.78
N SER U 517 -4.37 9.10 57.69
CA SER U 517 -3.56 9.89 56.75
C SER U 517 -3.21 11.26 57.29
N SER U 518 -4.02 11.82 58.19
CA SER U 518 -3.74 13.13 58.79
C SER U 518 -3.75 12.99 60.30
N ILE U 519 -2.67 13.42 60.94
CA ILE U 519 -2.45 13.22 62.37
C ILE U 519 -2.39 14.60 63.02
N ARG U 520 -3.26 14.84 64.00
CA ARG U 520 -3.25 16.09 64.75
C ARG U 520 -2.10 16.14 65.75
N GLY U 521 -1.76 17.36 66.15
CA GLY U 521 -0.61 17.59 67.01
C GLY U 521 -0.79 17.12 68.44
N VAL U 522 -2.02 17.01 68.93
CA VAL U 522 -2.29 16.55 70.29
C VAL U 522 -2.99 15.19 70.21
N GLN U 523 -2.50 14.24 71.00
CA GLN U 523 -2.95 12.84 70.93
C GLN U 523 -3.34 12.34 72.31
N ARG U 524 -4.33 11.45 72.33
CA ARG U 524 -4.81 10.82 73.56
C ARG U 524 -4.27 9.40 73.70
N VAL U 525 -3.83 9.05 74.91
CA VAL U 525 -3.30 7.73 75.23
C VAL U 525 -4.08 7.16 76.41
N THR U 526 -4.57 5.92 76.28
CA THR U 526 -5.42 5.31 77.31
C THR U 526 -5.05 3.85 77.53
N VAL U 527 -5.07 3.43 78.80
CA VAL U 527 -4.85 2.05 79.22
C VAL U 527 -5.99 1.63 80.14
N THR U 528 -6.70 0.54 79.80
CA THR U 528 -7.83 0.06 80.60
C THR U 528 -7.73 -1.44 80.85
N ASP U 529 -8.46 -1.89 81.86
CA ASP U 529 -8.46 -3.29 82.28
C ASP U 529 -9.59 -4.07 81.58
N ALA U 530 -9.83 -5.29 82.05
CA ALA U 530 -10.80 -6.17 81.39
C ALA U 530 -12.22 -5.66 81.49
N ARG U 531 -12.55 -4.95 82.57
CA ARG U 531 -13.87 -4.35 82.74
C ARG U 531 -13.92 -2.93 82.16
N ARG U 532 -12.87 -2.52 81.46
CA ARG U 532 -12.76 -1.21 80.80
C ARG U 532 -12.76 -0.05 81.80
N ARG U 533 -12.10 -0.24 82.93
CA ARG U 533 -11.76 0.85 83.84
C ARG U 533 -10.29 1.22 83.65
N THR U 534 -9.96 2.49 83.87
CA THR U 534 -8.55 2.87 83.91
C THR U 534 -7.89 2.31 85.17
N CYS U 535 -6.58 2.10 85.09
CA CYS U 535 -5.84 1.50 86.19
C CYS U 535 -5.02 2.55 86.92
N PRO U 536 -5.31 2.84 88.20
CA PRO U 536 -4.54 3.85 88.94
C PRO U 536 -3.13 3.44 89.30
N TYR U 537 -2.69 2.21 89.03
CA TYR U 537 -1.36 1.77 89.41
C TYR U 537 -0.36 1.83 88.27
N VAL U 538 -0.73 2.35 87.11
CA VAL U 538 0.25 2.65 86.06
C VAL U 538 0.92 3.97 86.39
N TYR U 539 2.25 4.00 86.37
CA TYR U 539 2.95 5.27 86.56
C TYR U 539 3.99 5.56 85.49
N LYS U 540 4.09 4.76 84.44
CA LYS U 540 4.97 5.05 83.31
C LYS U 540 4.44 4.31 82.09
N ALA U 541 4.19 5.06 81.02
CA ALA U 541 3.70 4.49 79.77
C ALA U 541 4.22 5.31 78.59
N LEU U 542 4.90 4.64 77.65
CA LEU U 542 5.45 5.28 76.47
C LEU U 542 5.07 4.49 75.21
N GLY U 543 4.95 5.20 74.10
CA GLY U 543 4.73 4.56 72.82
C GLY U 543 5.65 5.13 71.75
N ILE U 544 6.05 4.25 70.84
CA ILE U 544 6.88 4.60 69.69
C ILE U 544 6.27 3.98 68.45
N VAL U 545 6.03 4.80 67.43
CA VAL U 545 5.38 4.36 66.20
C VAL U 545 6.32 4.61 65.02
N ALA U 546 6.42 3.63 64.12
CA ALA U 546 7.24 3.73 62.92
C ALA U 546 6.40 3.57 61.65
N PRO U 547 6.01 4.66 61.00
CA PRO U 547 5.16 4.53 59.80
C PRO U 547 5.89 3.96 58.60
N ARG U 548 5.12 3.30 57.71
CA ARG U 548 5.61 2.84 56.43
C ARG U 548 4.45 2.58 55.49
N VAL U 549 4.75 2.49 54.20
CA VAL U 549 3.73 2.31 53.16
C VAL U 549 3.26 0.86 53.12
N LEU U 550 1.94 0.66 53.08
CA LEU U 550 1.35 -0.67 52.96
C LEU U 550 0.89 -1.00 51.54
N SER U 551 0.13 -0.11 50.91
CA SER U 551 -0.34 -0.37 49.55
C SER U 551 -0.63 0.96 48.86
N SER U 552 -0.91 0.87 47.56
CA SER U 552 -1.16 2.03 46.73
C SER U 552 -2.62 2.44 46.78
N ARG U 553 -2.86 3.73 46.56
CA ARG U 553 -4.18 4.33 46.45
C ARG U 553 -4.97 4.28 47.76
N ARG V 48 27.57 23.37 -29.55
CA ARG V 48 27.02 23.92 -30.79
C ARG V 48 27.73 25.22 -31.20
N ASN V 49 29.06 25.26 -31.04
CA ASN V 49 29.81 26.48 -31.32
C ASN V 49 31.12 26.21 -32.05
N SER V 50 31.24 25.09 -32.75
CA SER V 50 32.50 24.75 -33.42
C SER V 50 32.56 25.36 -34.81
N ILE V 51 33.78 25.52 -35.31
CA ILE V 51 34.06 26.09 -36.63
C ILE V 51 35.03 25.16 -37.35
N ARG V 52 34.65 24.71 -38.54
CA ARG V 52 35.37 23.62 -39.22
C ARG V 52 35.76 24.02 -40.64
N TYR V 53 36.92 23.52 -41.07
CA TYR V 53 37.46 23.75 -42.40
C TYR V 53 37.49 22.43 -43.16
N SER V 54 36.99 22.44 -44.39
CA SER V 54 36.69 21.20 -45.10
C SER V 54 37.93 20.37 -45.43
N GLU V 55 39.13 20.93 -45.36
CA GLU V 55 40.33 20.16 -45.65
C GLU V 55 40.92 19.46 -44.43
N LEU V 56 40.32 19.59 -43.25
CA LEU V 56 40.84 19.00 -42.03
C LEU V 56 39.84 18.03 -41.43
N SER V 57 40.35 16.93 -40.85
CA SER V 57 39.52 15.90 -40.24
C SER V 57 40.33 15.12 -39.22
N PRO V 58 39.73 14.68 -38.12
CA PRO V 58 40.49 13.94 -37.09
C PRO V 58 40.62 12.45 -37.41
N LEU V 59 41.60 11.82 -36.75
CA LEU V 59 42.02 10.45 -37.05
C LEU V 59 41.61 9.46 -35.95
N TYR V 60 41.25 8.25 -36.37
CA TYR V 60 40.80 7.20 -35.45
C TYR V 60 41.31 5.82 -35.88
N ASP V 61 41.48 4.96 -34.88
CA ASP V 61 41.61 3.50 -34.91
C ASP V 61 42.90 2.88 -35.45
N THR V 62 43.65 3.58 -36.29
CA THR V 62 44.89 3.04 -36.87
C THR V 62 45.48 4.07 -37.82
N THR V 63 46.78 3.94 -38.08
CA THR V 63 47.53 4.83 -38.96
C THR V 63 48.87 4.17 -39.27
N ARG V 64 49.80 4.92 -39.87
CA ARG V 64 51.15 4.44 -40.14
C ARG V 64 52.19 5.42 -39.62
N LEU V 65 53.31 4.88 -39.13
CA LEU V 65 54.50 5.66 -38.78
C LEU V 65 55.68 5.13 -39.58
N TYR V 66 56.47 6.02 -40.17
CA TYR V 66 57.57 5.63 -41.05
C TYR V 66 58.91 6.02 -40.45
N LEU V 67 59.85 5.08 -40.42
CA LEU V 67 61.20 5.27 -39.87
C LEU V 67 62.18 5.09 -41.02
N VAL V 68 62.65 6.20 -41.58
CA VAL V 68 63.38 6.21 -42.84
C VAL V 68 64.76 6.83 -42.62
N ASP V 69 65.78 6.23 -43.22
CA ASP V 69 67.16 6.55 -42.92
C ASP V 69 67.79 7.57 -43.87
N ASN V 70 67.07 8.09 -44.86
CA ASN V 70 67.70 8.98 -45.84
C ASN V 70 66.82 10.18 -46.16
N LYS V 71 66.22 10.80 -45.14
CA LYS V 71 65.54 12.07 -45.34
C LYS V 71 66.56 13.18 -45.52
N SER V 72 66.26 14.11 -46.44
CA SER V 72 67.28 15.09 -46.85
C SER V 72 67.68 16.01 -45.70
N ALA V 73 66.71 16.50 -44.92
CA ALA V 73 67.02 17.43 -43.85
C ALA V 73 67.65 16.74 -42.65
N ASP V 74 67.27 15.49 -42.37
CA ASP V 74 67.86 14.76 -41.25
C ASP V 74 69.33 14.43 -41.49
N ILE V 75 69.72 14.26 -42.75
CA ILE V 75 71.11 13.97 -43.07
C ILE V 75 72.01 15.11 -42.62
N ALA V 76 71.61 16.35 -42.90
CA ALA V 76 72.47 17.49 -42.66
C ALA V 76 72.60 17.82 -41.18
N SER V 77 71.49 17.77 -40.42
CA SER V 77 71.46 18.33 -39.09
C SER V 77 71.43 17.32 -37.96
N LEU V 78 71.29 16.02 -38.25
CA LEU V 78 71.18 15.07 -37.15
C LEU V 78 72.30 14.02 -37.14
N ASN V 79 72.72 13.53 -38.29
CA ASN V 79 73.46 12.27 -38.37
C ASN V 79 74.86 12.45 -38.92
N TYR V 80 75.54 13.51 -38.50
CA TYR V 80 76.85 13.82 -39.06
C TYR V 80 77.90 12.76 -38.68
N GLN V 81 77.82 12.21 -37.48
CA GLN V 81 78.79 11.23 -37.00
C GLN V 81 78.24 9.80 -36.94
N ASN V 82 77.10 9.53 -37.58
CA ASN V 82 76.42 8.23 -37.47
C ASN V 82 76.59 7.41 -38.74
N ASP V 83 76.08 6.19 -38.71
CA ASP V 83 75.99 5.34 -39.90
C ASP V 83 74.65 4.61 -39.89
N HIS V 84 74.40 3.80 -40.93
CA HIS V 84 73.09 3.20 -41.12
C HIS V 84 72.75 2.14 -40.08
N SER V 85 73.70 1.71 -39.27
CA SER V 85 73.42 0.78 -38.19
C SER V 85 72.96 1.48 -36.91
N ASN V 86 73.15 2.80 -36.79
CA ASN V 86 72.78 3.52 -35.57
C ASN V 86 72.59 5.00 -35.91
N PHE V 87 71.34 5.44 -36.07
CA PHE V 87 71.06 6.77 -36.58
C PHE V 87 69.80 7.33 -35.94
N LEU V 88 69.55 8.61 -36.21
CA LEU V 88 68.36 9.32 -35.75
C LEU V 88 67.49 9.71 -36.94
N THR V 89 66.17 9.73 -36.72
CA THR V 89 65.24 10.12 -37.77
C THR V 89 64.02 10.78 -37.16
N THR V 90 63.28 11.52 -37.98
CA THR V 90 62.08 12.21 -37.55
C THR V 90 60.84 11.47 -38.05
N VAL V 91 59.89 11.23 -37.16
CA VAL V 91 58.62 10.63 -37.55
C VAL V 91 57.56 11.67 -37.92
N VAL V 92 57.86 12.95 -37.76
CA VAL V 92 56.97 14.03 -38.21
C VAL V 92 57.25 14.28 -39.69
N GLN V 93 56.21 14.14 -40.51
CA GLN V 93 56.32 14.26 -41.98
C GLN V 93 55.78 15.58 -42.50
N ASN V 94 55.98 16.68 -41.78
CA ASN V 94 55.41 18.00 -42.11
C ASN V 94 56.57 18.97 -42.31
N ASN V 95 56.76 19.43 -43.54
CA ASN V 95 57.92 20.24 -43.89
C ASN V 95 57.77 21.72 -43.53
N ASP V 96 56.74 22.09 -42.77
CA ASP V 96 56.67 23.43 -42.19
C ASP V 96 57.68 23.61 -41.06
N PHE V 97 58.34 22.54 -40.61
CA PHE V 97 59.24 22.58 -39.48
C PHE V 97 60.56 21.90 -39.83
N THR V 98 61.64 22.37 -39.23
CA THR V 98 62.93 21.71 -39.31
C THR V 98 62.98 20.53 -38.33
N PRO V 99 63.90 19.58 -38.53
CA PRO V 99 64.00 18.45 -37.59
C PRO V 99 64.27 18.88 -36.15
N THR V 100 65.05 19.95 -35.96
CA THR V 100 65.28 20.45 -34.60
C THR V 100 63.98 20.90 -33.95
N GLU V 101 63.16 21.66 -34.69
CA GLU V 101 61.87 22.05 -34.16
C GLU V 101 60.96 20.85 -33.94
N ALA V 102 61.02 19.87 -34.83
CA ALA V 102 60.16 18.69 -34.72
C ALA V 102 60.49 17.86 -33.48
N SER V 103 61.72 17.96 -32.97
CA SER V 103 62.14 17.11 -31.86
C SER V 103 61.30 17.37 -30.60
N THR V 104 60.75 18.57 -30.44
CA THR V 104 59.95 18.88 -29.27
C THR V 104 58.47 18.56 -29.44
N GLN V 105 58.01 18.21 -30.63
CA GLN V 105 56.61 17.88 -30.85
C GLN V 105 56.33 16.42 -30.47
N THR V 106 55.04 16.10 -30.29
CA THR V 106 54.64 14.76 -29.89
C THR V 106 53.44 14.27 -30.71
N ILE V 107 53.29 12.96 -30.74
CA ILE V 107 52.09 12.29 -31.24
C ILE V 107 51.48 11.51 -30.08
N ASN V 108 50.18 11.69 -29.86
CA ASN V 108 49.54 11.19 -28.64
C ASN V 108 48.42 10.20 -28.99
N PHE V 109 48.51 8.99 -28.44
CA PHE V 109 47.49 7.96 -28.58
C PHE V 109 46.64 7.95 -27.32
N ASP V 110 45.31 7.85 -27.48
CA ASP V 110 44.38 8.12 -26.39
C ASP V 110 44.73 7.33 -25.14
N GLU V 111 44.86 8.05 -24.02
CA GLU V 111 45.36 7.47 -22.78
C GLU V 111 44.35 6.55 -22.09
N ARG V 112 43.11 6.51 -22.54
CA ARG V 112 42.14 5.58 -22.00
C ARG V 112 42.23 4.18 -22.62
N SER V 113 43.19 3.94 -23.50
CA SER V 113 43.45 2.62 -24.06
C SER V 113 44.93 2.29 -23.95
N ARG V 114 45.25 1.01 -24.00
CA ARG V 114 46.62 0.54 -24.18
C ARG V 114 46.81 0.16 -25.63
N TRP V 115 47.91 0.60 -26.24
CA TRP V 115 48.14 0.49 -27.66
C TRP V 115 49.29 -0.46 -27.97
N GLY V 116 49.20 -1.13 -29.12
CA GLY V 116 50.30 -1.93 -29.62
C GLY V 116 50.62 -1.57 -31.05
N GLY V 117 51.80 -1.97 -31.49
CA GLY V 117 52.26 -1.67 -32.82
C GLY V 117 52.84 -2.85 -33.57
N GLN V 118 52.29 -3.14 -34.75
CA GLN V 118 52.82 -4.20 -35.60
C GLN V 118 54.00 -3.66 -36.41
N LEU V 119 55.13 -4.36 -36.36
CA LEU V 119 56.39 -3.88 -36.90
C LEU V 119 56.85 -4.71 -38.09
N LYS V 120 57.18 -4.04 -39.21
CA LYS V 120 57.80 -4.67 -40.37
C LYS V 120 59.08 -3.93 -40.70
N THR V 121 60.12 -4.68 -41.09
CA THR V 121 61.42 -4.10 -41.38
C THR V 121 61.94 -4.55 -42.74
N ILE V 122 62.81 -3.73 -43.32
CA ILE V 122 63.52 -4.02 -44.55
C ILE V 122 64.99 -3.73 -44.32
N MET V 123 65.87 -4.68 -44.65
CA MET V 123 67.29 -4.54 -44.42
C MET V 123 68.10 -5.08 -45.60
N HIS V 124 69.21 -4.42 -45.91
CA HIS V 124 70.12 -4.88 -46.96
C HIS V 124 71.57 -4.65 -46.53
N THR V 125 72.43 -5.62 -46.83
CA THR V 125 73.82 -5.60 -46.39
C THR V 125 74.77 -5.78 -47.57
N ASN V 126 76.05 -5.49 -47.35
CA ASN V 126 77.09 -5.68 -48.37
C ASN V 126 78.38 -6.25 -47.74
N MET V 127 78.24 -7.28 -46.91
CA MET V 127 79.37 -7.87 -46.18
C MET V 127 80.17 -8.83 -47.07
N PRO V 128 81.50 -8.69 -47.15
CA PRO V 128 82.33 -9.72 -47.77
C PRO V 128 82.70 -10.82 -46.77
N ASN V 129 82.99 -12.01 -47.31
CA ASN V 129 83.13 -13.17 -46.44
C ASN V 129 84.47 -13.23 -45.70
N VAL V 130 85.53 -12.59 -46.20
CA VAL V 130 86.82 -12.56 -45.52
C VAL V 130 87.08 -11.12 -45.11
N ASN V 131 87.00 -10.83 -43.81
CA ASN V 131 87.18 -9.48 -43.32
C ASN V 131 87.64 -9.51 -41.87
N GLU V 132 88.16 -8.37 -41.41
CA GLU V 132 88.75 -8.28 -40.07
C GLU V 132 87.69 -8.20 -38.98
N TYR V 133 86.58 -7.51 -39.23
CA TYR V 133 85.60 -7.25 -38.18
C TYR V 133 84.98 -8.53 -37.65
N MET V 134 84.83 -9.55 -38.49
CA MET V 134 84.18 -10.80 -38.13
C MET V 134 85.16 -11.92 -37.81
N PHE V 135 86.45 -11.61 -37.68
CA PHE V 135 87.48 -12.58 -37.28
C PHE V 135 87.64 -13.73 -38.27
N SER V 136 87.36 -13.47 -39.55
CA SER V 136 87.61 -14.45 -40.61
C SER V 136 88.85 -14.10 -41.41
N ASN V 137 89.78 -13.36 -40.80
CA ASN V 137 90.93 -12.79 -41.46
C ASN V 137 92.25 -13.41 -41.06
N LYS V 138 92.28 -14.23 -40.01
CA LYS V 138 93.53 -14.62 -39.39
C LYS V 138 93.43 -15.99 -38.75
N PHE V 139 94.59 -16.62 -38.56
CA PHE V 139 94.73 -17.88 -37.83
C PHE V 139 96.16 -17.98 -37.33
N LYS V 140 96.41 -18.96 -36.45
CA LYS V 140 97.73 -19.17 -35.87
C LYS V 140 98.25 -20.56 -36.20
N ALA V 141 99.57 -20.67 -36.35
CA ALA V 141 100.20 -21.94 -36.67
C ALA V 141 101.63 -21.95 -36.14
N ARG V 142 102.19 -23.16 -36.01
CA ARG V 142 103.54 -23.37 -35.53
C ARG V 142 104.37 -24.01 -36.64
N VAL V 143 105.45 -23.33 -37.05
CA VAL V 143 106.29 -23.77 -38.14
C VAL V 143 107.74 -23.78 -37.68
N MET V 144 108.63 -24.27 -38.55
CA MET V 144 110.05 -24.40 -38.25
C MET V 144 110.81 -23.14 -38.66
N VAL V 145 111.59 -22.60 -37.73
CA VAL V 145 112.32 -21.37 -37.96
C VAL V 145 113.80 -21.60 -38.25
N SER V 146 114.40 -22.67 -37.70
CA SER V 146 115.82 -22.92 -37.89
C SER V 146 116.09 -24.41 -37.91
N ARG V 147 116.86 -24.86 -38.89
CA ARG V 147 117.53 -26.15 -38.83
C ARG V 147 118.90 -25.93 -38.19
N LYS V 148 119.77 -26.93 -38.24
CA LYS V 148 121.11 -26.78 -37.65
C LYS V 148 121.95 -25.79 -38.45
N ASP V 171 121.28 -32.78 -36.14
CA ASP V 171 120.58 -31.53 -36.44
C ASP V 171 119.61 -31.17 -35.33
N ILE V 172 119.59 -29.90 -34.94
CA ILE V 172 118.68 -29.38 -33.94
C ILE V 172 117.67 -28.46 -34.64
N LEU V 173 116.39 -28.68 -34.37
CA LEU V 173 115.30 -28.00 -35.05
C LEU V 173 114.55 -27.11 -34.06
N LYS V 174 114.24 -25.89 -34.48
CA LYS V 174 113.54 -24.92 -33.66
C LYS V 174 112.23 -24.53 -34.31
N TYR V 175 111.18 -24.40 -33.49
CA TYR V 175 109.84 -24.07 -33.96
C TYR V 175 109.29 -22.88 -33.16
N GLU V 176 108.33 -22.19 -33.76
CA GLU V 176 107.75 -21.01 -33.10
C GLU V 176 106.33 -20.78 -33.64
N TRP V 177 105.52 -20.12 -32.81
CA TRP V 177 104.15 -19.75 -33.17
C TRP V 177 104.12 -18.38 -33.83
N PHE V 178 103.22 -18.22 -34.81
CA PHE V 178 103.00 -16.96 -35.48
C PHE V 178 101.51 -16.78 -35.74
N GLU V 179 101.12 -15.54 -36.03
CA GLU V 179 99.77 -15.23 -36.48
C GLU V 179 99.82 -14.75 -37.93
N PHE V 180 98.97 -15.32 -38.77
CA PHE V 180 98.98 -15.08 -40.22
C PHE V 180 97.75 -14.27 -40.62
N ILE V 181 97.92 -13.35 -41.56
CA ILE V 181 96.87 -12.42 -41.98
C ILE V 181 96.64 -12.56 -43.48
N LEU V 182 95.36 -12.64 -43.88
CA LEU V 182 94.88 -12.66 -45.26
C LEU V 182 94.38 -11.29 -45.68
N PRO V 183 94.42 -10.95 -46.96
CA PRO V 183 93.79 -9.71 -47.41
C PRO V 183 92.29 -9.88 -47.60
N GLU V 184 91.57 -8.76 -47.47
CA GLU V 184 90.11 -8.78 -47.39
C GLU V 184 89.47 -8.82 -48.79
N GLY V 185 88.29 -9.43 -48.85
CA GLY V 185 87.58 -9.59 -50.10
C GLY V 185 86.52 -10.66 -49.97
N ASN V 186 85.83 -10.89 -51.08
CA ASN V 186 84.75 -11.88 -51.16
C ASN V 186 85.20 -13.01 -52.08
N PHE V 187 85.58 -14.14 -51.49
CA PHE V 187 86.25 -15.22 -52.22
C PHE V 187 85.49 -16.53 -52.09
N SER V 188 85.69 -17.40 -53.07
CA SER V 188 85.17 -18.76 -52.97
C SER V 188 86.03 -19.58 -52.00
N ALA V 189 85.56 -20.78 -51.68
CA ALA V 189 86.25 -21.61 -50.71
C ALA V 189 87.62 -22.07 -51.22
N THR V 190 87.71 -22.45 -52.50
CA THR V 190 89.00 -22.86 -53.05
C THR V 190 89.99 -21.71 -53.07
N MET V 191 89.53 -20.52 -53.47
CA MET V 191 90.41 -19.36 -53.49
C MET V 191 90.88 -18.98 -52.10
N THR V 192 90.03 -19.19 -51.08
CA THR V 192 90.44 -18.90 -49.71
C THR V 192 91.55 -19.82 -49.25
N ILE V 193 91.47 -21.11 -49.62
CA ILE V 193 92.50 -22.07 -49.22
C ILE V 193 93.83 -21.75 -49.90
N ASP V 194 93.81 -21.24 -51.13
CA ASP V 194 95.05 -20.80 -51.77
C ASP V 194 95.70 -19.67 -51.00
N LEU V 195 94.91 -18.73 -50.49
CA LEU V 195 95.46 -17.61 -49.74
C LEU V 195 96.08 -18.04 -48.43
N MET V 196 95.51 -19.05 -47.77
CA MET V 196 96.09 -19.56 -46.52
C MET V 196 97.43 -20.24 -46.77
N ASN V 197 97.55 -21.02 -47.85
CA ASN V 197 98.84 -21.61 -48.20
C ASN V 197 99.86 -20.53 -48.53
N ASN V 198 99.44 -19.49 -49.26
CA ASN V 198 100.35 -18.40 -49.62
C ASN V 198 100.87 -17.67 -48.40
N ALA V 199 100.05 -17.53 -47.35
CA ALA V 199 100.50 -16.89 -46.13
C ALA V 199 101.60 -17.70 -45.44
N ILE V 200 101.47 -19.03 -45.43
CA ILE V 200 102.49 -19.88 -44.83
C ILE V 200 103.81 -19.72 -45.56
N ILE V 201 103.77 -19.71 -46.89
CA ILE V 201 104.99 -19.67 -47.69
C ILE V 201 105.71 -18.33 -47.54
N ASP V 202 104.97 -17.23 -47.44
CA ASP V 202 105.59 -15.93 -47.25
C ASP V 202 106.35 -15.84 -45.93
N ASN V 203 105.97 -16.64 -44.93
CA ASN V 203 106.75 -16.74 -43.70
C ASN V 203 108.03 -17.53 -43.92
N TYR V 204 108.00 -18.52 -44.81
CA TYR V 204 109.19 -19.31 -45.09
C TYR V 204 110.19 -18.54 -45.96
N LEU V 205 109.74 -17.49 -46.66
CA LEU V 205 110.66 -16.70 -47.46
C LEU V 205 111.28 -15.53 -46.68
N GLU V 206 110.64 -15.08 -45.62
CA GLU V 206 111.14 -13.97 -44.81
C GLU V 206 111.99 -14.45 -43.64
N ILE V 207 111.58 -15.54 -42.99
CA ILE V 207 112.35 -16.24 -41.98
C ILE V 207 112.57 -17.62 -42.58
N GLY V 208 113.21 -18.52 -41.85
CA GLY V 208 113.24 -19.86 -42.40
C GLY V 208 114.33 -20.03 -43.43
N ARG V 209 113.95 -19.90 -44.71
CA ARG V 209 114.85 -20.11 -45.84
C ARG V 209 116.25 -19.57 -45.62
N GLN V 210 116.36 -18.37 -45.06
CA GLN V 210 117.67 -17.78 -44.79
C GLN V 210 118.33 -18.34 -43.54
N ASN V 211 117.68 -19.27 -42.83
CA ASN V 211 118.25 -19.90 -41.64
C ASN V 211 118.38 -21.41 -41.80
N GLY V 212 118.43 -21.92 -43.02
CA GLY V 212 118.80 -23.29 -43.27
C GLY V 212 117.69 -24.31 -43.42
N VAL V 213 116.43 -23.88 -43.47
CA VAL V 213 115.34 -24.83 -43.69
C VAL V 213 115.17 -25.01 -45.19
N LEU V 214 114.87 -26.24 -45.59
CA LEU V 214 114.72 -26.57 -47.00
C LEU V 214 113.25 -26.53 -47.40
N GLU V 215 113.00 -26.51 -48.71
CA GLU V 215 111.64 -26.58 -49.19
C GLU V 215 111.20 -28.05 -49.23
N SER V 216 111.47 -28.77 -48.14
CA SER V 216 110.93 -30.11 -47.93
C SER V 216 110.59 -30.32 -46.47
N ASP V 217 110.68 -29.28 -45.64
CA ASP V 217 110.31 -29.35 -44.23
C ASP V 217 109.34 -28.23 -43.83
N ILE V 218 108.53 -27.76 -44.78
CA ILE V 218 107.62 -26.65 -44.51
C ILE V 218 106.72 -26.96 -43.31
N GLY V 219 105.91 -28.01 -43.42
CA GLY V 219 105.27 -28.58 -42.26
C GLY V 219 103.81 -28.24 -42.03
N VAL V 220 103.23 -27.30 -42.79
CA VAL V 220 101.79 -27.00 -42.70
C VAL V 220 101.27 -26.77 -44.10
N LYS V 221 100.26 -27.55 -44.51
CA LYS V 221 99.63 -27.37 -45.81
C LYS V 221 98.15 -27.71 -45.72
N PHE V 222 97.33 -26.98 -46.47
CA PHE V 222 95.90 -27.23 -46.57
C PHE V 222 95.59 -27.87 -47.91
N ASP V 223 94.96 -29.04 -47.90
CA ASP V 223 94.75 -29.82 -49.11
C ASP V 223 93.28 -30.24 -49.22
N THR V 224 92.97 -30.97 -50.29
CA THR V 224 91.63 -31.50 -50.51
C THR V 224 91.59 -32.97 -50.91
N ARG V 225 92.74 -33.64 -51.03
CA ARG V 225 92.80 -34.96 -51.64
C ARG V 225 92.60 -36.08 -50.61
N ASN V 226 92.23 -37.25 -51.12
CA ASN V 226 92.16 -38.47 -50.32
C ASN V 226 93.42 -39.27 -50.62
N PHE V 227 94.45 -39.07 -49.79
CA PHE V 227 95.64 -39.88 -49.91
C PHE V 227 95.30 -41.33 -49.56
N ARG V 228 96.11 -42.25 -50.06
CA ARG V 228 95.94 -43.71 -49.93
C ARG V 228 94.74 -44.26 -50.69
N LEU V 229 94.24 -43.54 -51.71
CA LEU V 229 93.15 -44.08 -52.51
C LEU V 229 93.59 -45.32 -53.28
N GLY V 230 94.69 -45.23 -54.01
CA GLY V 230 95.15 -46.36 -54.82
C GLY V 230 96.05 -47.34 -54.08
N TRP V 231 95.86 -47.43 -52.77
CA TRP V 231 96.70 -48.26 -51.92
C TRP V 231 96.49 -49.75 -52.20
N ASP V 232 97.55 -50.53 -52.06
CA ASP V 232 97.52 -51.95 -52.32
C ASP V 232 97.77 -52.72 -51.03
N PRO V 233 96.93 -53.70 -50.71
CA PRO V 233 97.04 -54.37 -49.40
C PRO V 233 98.27 -55.25 -49.26
N GLU V 234 98.92 -55.65 -50.36
CA GLU V 234 100.11 -56.50 -50.29
C GLU V 234 101.39 -55.69 -50.24
N THR V 235 101.61 -54.84 -51.26
CA THR V 235 102.81 -54.02 -51.29
C THR V 235 102.75 -52.83 -50.35
N LYS V 236 101.55 -52.43 -49.93
CA LYS V 236 101.35 -51.31 -49.00
C LYS V 236 101.96 -50.01 -49.53
N LEU V 237 101.83 -49.79 -50.83
CA LEU V 237 102.29 -48.55 -51.44
C LEU V 237 101.26 -48.11 -52.48
N ILE V 238 101.33 -46.83 -52.85
CA ILE V 238 100.41 -46.28 -53.85
C ILE V 238 100.92 -46.73 -55.22
N MET V 239 100.30 -47.77 -55.78
CA MET V 239 100.82 -48.38 -57.00
C MET V 239 100.92 -47.44 -58.20
N PRO V 240 99.97 -46.55 -58.48
CA PRO V 240 100.11 -45.69 -59.66
C PRO V 240 101.33 -44.78 -59.65
N GLY V 241 101.92 -44.52 -58.48
CA GLY V 241 103.04 -43.62 -58.38
C GLY V 241 102.69 -42.16 -58.21
N VAL V 242 101.41 -41.80 -58.31
CA VAL V 242 100.92 -40.46 -58.02
C VAL V 242 99.62 -40.58 -57.23
N TYR V 243 99.44 -39.71 -56.26
CA TYR V 243 98.19 -39.66 -55.51
C TYR V 243 97.05 -39.22 -56.41
N THR V 244 95.86 -39.78 -56.16
CA THR V 244 94.68 -39.45 -56.97
C THR V 244 94.37 -37.96 -56.87
N TYR V 245 94.20 -37.33 -58.03
CA TYR V 245 94.06 -35.87 -58.11
C TYR V 245 92.58 -35.45 -58.16
N GLU V 246 91.83 -35.84 -57.12
CA GLU V 246 90.42 -35.53 -57.00
C GLU V 246 90.13 -34.92 -55.63
N ALA V 247 89.16 -34.00 -55.61
CA ALA V 247 88.81 -33.29 -54.38
C ALA V 247 87.73 -34.05 -53.62
N PHE V 248 87.95 -34.23 -52.32
CA PHE V 248 87.00 -34.93 -51.46
C PHE V 248 86.45 -34.05 -50.34
N HIS V 249 87.31 -33.40 -49.57
CA HIS V 249 86.98 -32.58 -48.42
C HIS V 249 88.24 -31.84 -47.98
N PRO V 250 88.14 -30.59 -47.53
CA PRO V 250 89.34 -29.88 -47.09
C PRO V 250 90.03 -30.58 -45.93
N ASP V 251 91.36 -30.49 -45.90
CA ASP V 251 92.20 -31.33 -45.06
C ASP V 251 93.41 -30.53 -44.58
N ILE V 252 94.01 -31.01 -43.49
CA ILE V 252 95.19 -30.40 -42.88
C ILE V 252 96.30 -31.45 -42.86
N VAL V 253 97.48 -31.09 -43.37
CA VAL V 253 98.64 -31.97 -43.44
C VAL V 253 99.77 -31.39 -42.60
N LEU V 254 100.35 -32.21 -41.72
CA LEU V 254 101.33 -31.77 -40.74
C LEU V 254 102.58 -32.63 -40.75
N LEU V 255 103.72 -32.01 -40.38
CA LEU V 255 105.01 -32.60 -40.08
C LEU V 255 105.26 -32.57 -38.58
N PRO V 256 106.17 -33.40 -38.06
CA PRO V 256 106.39 -33.42 -36.61
C PRO V 256 106.82 -32.06 -36.07
N GLY V 257 106.30 -31.71 -34.90
CA GLY V 257 106.60 -30.45 -34.26
C GLY V 257 105.72 -29.28 -34.65
N CYS V 258 104.78 -29.46 -35.57
CA CYS V 258 103.94 -28.37 -36.07
C CYS V 258 102.51 -28.51 -35.57
N GLY V 259 101.68 -27.52 -35.90
CA GLY V 259 100.28 -27.53 -35.51
C GLY V 259 99.60 -26.24 -35.91
N VAL V 260 98.27 -26.25 -35.80
CA VAL V 260 97.43 -25.08 -36.07
C VAL V 260 96.50 -24.85 -34.89
N ASP V 261 96.08 -23.60 -34.72
CA ASP V 261 95.24 -23.21 -33.59
C ASP V 261 94.15 -22.26 -34.07
N PHE V 262 92.88 -22.65 -33.88
CA PHE V 262 91.74 -21.89 -34.36
C PHE V 262 90.94 -21.25 -33.22
N THR V 263 91.58 -20.96 -32.09
CA THR V 263 90.84 -20.43 -30.95
C THR V 263 90.23 -19.07 -31.27
N GLU V 264 90.94 -18.24 -32.01
CA GLU V 264 90.47 -16.89 -32.30
C GLU V 264 90.24 -16.70 -33.79
N SER V 265 89.56 -17.66 -34.43
CA SER V 265 89.38 -17.66 -35.86
C SER V 265 88.09 -18.38 -36.22
N ARG V 266 87.46 -17.93 -37.30
CA ARG V 266 86.25 -18.58 -37.81
C ARG V 266 86.51 -19.37 -39.09
N LEU V 267 87.78 -19.55 -39.47
CA LEU V 267 88.10 -20.28 -40.69
C LEU V 267 87.96 -21.79 -40.56
N SER V 268 87.79 -22.31 -39.34
CA SER V 268 87.52 -23.74 -39.21
C SER V 268 86.12 -24.11 -39.74
N ASN V 269 85.17 -23.18 -39.72
CA ASN V 269 83.86 -23.44 -40.31
C ASN V 269 83.95 -23.59 -41.83
N LEU V 270 84.80 -22.78 -42.47
CA LEU V 270 84.98 -22.91 -43.91
C LEU V 270 85.68 -24.21 -44.28
N LEU V 271 86.51 -24.75 -43.39
CA LEU V 271 87.18 -26.02 -43.66
C LEU V 271 86.29 -27.23 -43.39
N GLY V 272 85.17 -27.06 -42.70
CA GLY V 272 84.33 -28.19 -42.37
C GLY V 272 84.88 -29.10 -41.29
N ILE V 273 85.61 -28.56 -40.33
CA ILE V 273 86.13 -29.29 -39.18
C ILE V 273 85.65 -28.60 -37.91
N ARG V 274 84.92 -29.32 -37.07
CA ARG V 274 84.31 -28.76 -35.88
C ARG V 274 84.51 -29.68 -34.69
N LYS V 275 84.29 -29.14 -33.49
CA LYS V 275 84.43 -29.88 -32.24
C LYS V 275 83.11 -30.49 -31.81
N ARG V 276 83.18 -31.72 -31.27
CA ARG V 276 81.98 -32.37 -30.76
C ARG V 276 81.48 -31.75 -29.46
N HIS V 277 82.32 -30.97 -28.78
CA HIS V 277 81.93 -30.22 -27.58
C HIS V 277 82.20 -28.74 -27.89
N PRO V 278 81.28 -28.09 -28.60
CA PRO V 278 81.57 -26.75 -29.14
C PRO V 278 81.59 -25.65 -28.10
N PHE V 279 81.15 -25.89 -26.87
CA PHE V 279 81.16 -24.87 -25.84
C PHE V 279 82.41 -24.89 -24.97
N GLN V 280 83.36 -25.79 -25.23
CA GLN V 280 84.62 -25.83 -24.51
C GLN V 280 85.65 -24.97 -25.25
N GLU V 281 86.24 -24.01 -24.54
CA GLU V 281 87.14 -23.06 -25.18
C GLU V 281 88.43 -23.73 -25.63
N GLY V 282 88.95 -23.27 -26.76
CA GLY V 282 90.22 -23.77 -27.27
C GLY V 282 90.08 -24.81 -28.38
N PHE V 283 90.79 -24.61 -29.49
CA PHE V 283 90.74 -25.52 -30.63
C PHE V 283 92.14 -25.59 -31.24
N LYS V 284 92.90 -26.59 -30.84
CA LYS V 284 94.27 -26.79 -31.34
C LYS V 284 94.41 -28.22 -31.86
N ILE V 285 95.09 -28.36 -32.99
CA ILE V 285 95.36 -29.67 -33.60
C ILE V 285 96.86 -29.76 -33.86
N MET V 286 97.53 -30.69 -33.16
CA MET V 286 98.97 -30.86 -33.25
C MET V 286 99.31 -32.18 -33.92
N TYR V 287 100.59 -32.36 -34.24
CA TYR V 287 101.03 -33.57 -34.92
C TYR V 287 100.78 -34.82 -34.09
N GLU V 288 100.85 -34.70 -32.76
CA GLU V 288 100.64 -35.85 -31.89
C GLU V 288 99.17 -36.28 -31.82
N ASP V 289 98.25 -35.43 -32.23
CA ASP V 289 96.83 -35.77 -32.19
C ASP V 289 96.36 -36.51 -33.44
N LEU V 290 97.18 -36.60 -34.49
CA LEU V 290 96.80 -37.22 -35.75
C LEU V 290 97.33 -38.64 -35.89
N GLU V 291 97.38 -39.40 -34.80
CA GLU V 291 97.92 -40.75 -34.84
C GLU V 291 97.11 -41.63 -35.78
N GLY V 292 97.80 -42.46 -36.54
CA GLY V 292 97.17 -43.33 -37.51
C GLY V 292 96.93 -42.71 -38.87
N GLY V 293 97.31 -41.46 -39.06
CA GLY V 293 97.02 -40.78 -40.31
C GLY V 293 98.21 -40.53 -41.20
N ASN V 294 99.27 -41.33 -41.05
CA ASN V 294 100.46 -41.16 -41.89
C ASN V 294 100.13 -41.43 -43.36
N ILE V 295 100.68 -40.59 -44.23
CA ILE V 295 100.43 -40.70 -45.67
C ILE V 295 101.33 -41.78 -46.25
N PRO V 296 100.78 -42.80 -46.90
CA PRO V 296 101.62 -43.87 -47.45
C PRO V 296 102.56 -43.35 -48.52
N ALA V 297 103.76 -43.91 -48.55
CA ALA V 297 104.79 -43.47 -49.49
C ALA V 297 104.52 -43.98 -50.90
N LEU V 298 105.06 -43.25 -51.87
CA LEU V 298 105.04 -43.62 -53.29
C LEU V 298 103.73 -44.21 -53.76
N ILE V 364 110.07 -52.90 -56.46
CA ILE V 364 109.21 -52.74 -55.30
C ILE V 364 109.91 -51.96 -54.20
N GLN V 365 110.14 -50.67 -54.44
CA GLN V 365 110.75 -49.80 -53.44
C GLN V 365 110.10 -48.42 -53.51
N PRO V 366 109.95 -47.74 -52.38
CA PRO V 366 109.34 -46.40 -52.40
C PRO V 366 110.25 -45.39 -53.05
N LEU V 367 109.64 -44.40 -53.72
CA LEU V 367 110.39 -43.26 -54.22
C LEU V 367 110.81 -42.39 -53.05
N GLU V 368 112.08 -41.99 -53.02
CA GLU V 368 112.62 -41.25 -51.88
C GLU V 368 112.83 -39.77 -52.16
N LYS V 369 112.69 -39.31 -53.39
CA LYS V 369 112.94 -37.92 -53.71
C LYS V 369 112.13 -37.53 -54.94
N ASP V 370 111.99 -36.23 -55.14
CA ASP V 370 111.18 -35.68 -56.22
C ASP V 370 112.05 -35.44 -57.46
N SER V 371 111.47 -34.84 -58.50
CA SER V 371 112.18 -34.62 -59.75
C SER V 371 113.36 -33.67 -59.56
N LYS V 372 113.17 -32.60 -58.79
CA LYS V 372 114.21 -31.60 -58.56
C LYS V 372 114.99 -31.86 -57.27
N SER V 373 115.11 -33.12 -56.88
CA SER V 373 115.85 -33.52 -55.68
C SER V 373 115.30 -32.84 -54.43
N ARG V 374 114.05 -33.16 -54.12
CA ARG V 374 113.43 -32.76 -52.85
C ARG V 374 113.04 -34.02 -52.10
N SER V 375 113.39 -34.07 -50.82
CA SER V 375 113.11 -35.24 -50.00
C SER V 375 111.60 -35.38 -49.77
N TYR V 376 111.10 -36.60 -49.93
CA TYR V 376 109.73 -36.93 -49.55
C TYR V 376 109.60 -37.30 -48.08
N ASN V 377 110.69 -37.28 -47.32
CA ASN V 377 110.67 -37.59 -45.88
C ASN V 377 110.20 -39.01 -45.60
N VAL V 378 110.66 -39.96 -46.43
CA VAL V 378 110.33 -41.36 -46.19
C VAL V 378 111.02 -41.85 -44.92
N LEU V 379 110.36 -42.75 -44.20
CA LEU V 379 110.82 -43.24 -42.91
C LEU V 379 111.34 -44.66 -43.03
N GLU V 380 111.68 -45.24 -41.89
CA GLU V 380 112.06 -46.65 -41.85
C GLU V 380 110.84 -47.52 -42.17
N ASP V 381 111.12 -48.76 -42.55
CA ASP V 381 110.15 -49.76 -43.01
C ASP V 381 109.68 -49.44 -44.42
N LYS V 382 110.05 -48.28 -44.95
CA LYS V 382 109.93 -47.96 -46.37
C LYS V 382 108.50 -48.14 -46.89
N ILE V 383 107.51 -47.83 -46.06
CA ILE V 383 106.11 -47.84 -46.48
C ILE V 383 105.42 -46.51 -46.22
N ASN V 384 105.61 -45.91 -45.05
CA ASN V 384 104.92 -44.69 -44.67
C ASN V 384 105.87 -43.50 -44.65
N THR V 385 105.26 -42.32 -44.72
CA THR V 385 105.95 -41.05 -44.74
C THR V 385 105.65 -40.28 -43.46
N ALA V 386 106.55 -39.34 -43.12
CA ALA V 386 106.38 -38.56 -41.90
C ALA V 386 105.15 -37.65 -41.92
N TYR V 387 104.61 -37.33 -43.10
CA TYR V 387 103.43 -36.47 -43.18
C TYR V 387 102.22 -37.17 -42.59
N ARG V 388 101.41 -36.42 -41.85
CA ARG V 388 100.14 -36.89 -41.33
C ARG V 388 99.03 -35.95 -41.78
N SER V 389 97.81 -36.50 -41.91
CA SER V 389 96.68 -35.69 -42.36
C SER V 389 95.45 -35.98 -41.51
N TRP V 390 94.64 -34.94 -41.28
CA TRP V 390 93.44 -35.06 -40.48
C TRP V 390 92.43 -36.02 -41.10
N TYR V 391 92.27 -35.96 -42.42
CA TYR V 391 91.25 -36.78 -43.07
C TYR V 391 91.58 -38.27 -42.98
N LEU V 392 92.85 -38.64 -43.16
CA LEU V 392 93.23 -40.04 -43.06
C LEU V 392 93.04 -40.55 -41.64
N SER V 393 93.38 -39.74 -40.64
CA SER V 393 93.20 -40.16 -39.25
C SER V 393 91.72 -40.26 -38.88
N TYR V 394 90.88 -39.36 -39.41
CA TYR V 394 89.45 -39.40 -39.11
C TYR V 394 88.80 -40.64 -39.69
N ASN V 395 89.17 -41.04 -40.90
CA ASN V 395 88.49 -42.11 -41.60
C ASN V 395 89.13 -43.48 -41.42
N TYR V 396 90.45 -43.56 -41.23
CA TYR V 396 91.14 -44.84 -41.17
C TYR V 396 91.81 -45.13 -39.83
N GLY V 397 91.93 -44.14 -38.94
CA GLY V 397 92.57 -44.34 -37.66
C GLY V 397 91.68 -45.05 -36.66
N ASN V 398 92.12 -45.05 -35.42
CA ASN V 398 91.39 -45.72 -34.35
C ASN V 398 90.14 -44.94 -34.00
N PRO V 399 88.94 -45.54 -34.07
CA PRO V 399 87.71 -44.78 -33.81
C PRO V 399 87.61 -44.21 -32.42
N GLU V 400 88.22 -44.85 -31.42
CA GLU V 400 88.02 -44.45 -30.02
C GLU V 400 89.23 -43.77 -29.41
N LYS V 401 90.29 -43.55 -30.18
CA LYS V 401 91.48 -42.87 -29.67
C LYS V 401 92.02 -41.79 -30.59
N GLY V 402 91.72 -41.82 -31.88
CA GLY V 402 92.24 -40.83 -32.81
C GLY V 402 91.44 -39.54 -32.77
N ILE V 403 91.66 -38.73 -33.81
CA ILE V 403 91.03 -37.42 -33.91
C ILE V 403 89.51 -37.53 -34.05
N ARG V 404 89.00 -38.68 -34.45
CA ARG V 404 87.56 -38.88 -34.63
C ARG V 404 86.79 -38.86 -33.32
N SER V 405 87.46 -39.05 -32.19
CA SER V 405 86.75 -39.12 -30.92
C SER V 405 86.31 -37.76 -30.40
N TRP V 406 86.93 -36.66 -30.86
CA TRP V 406 86.54 -35.34 -30.39
C TRP V 406 86.40 -34.30 -31.49
N THR V 407 86.49 -34.67 -32.77
CA THR V 407 86.18 -33.75 -33.86
C THR V 407 85.12 -34.37 -34.77
N LEU V 408 84.53 -33.52 -35.60
CA LEU V 408 83.41 -33.90 -36.45
C LEU V 408 83.60 -33.33 -37.85
N LEU V 409 83.26 -34.12 -38.86
CA LEU V 409 83.39 -33.72 -40.26
C LEU V 409 82.05 -33.18 -40.76
N THR V 410 82.06 -31.97 -41.32
CA THR V 410 80.85 -31.29 -41.78
C THR V 410 81.07 -30.71 -43.17
N THR V 411 79.98 -30.30 -43.81
CA THR V 411 80.07 -29.62 -45.10
C THR V 411 80.69 -28.25 -44.95
N SER V 412 81.48 -27.85 -45.94
CA SER V 412 82.12 -26.54 -45.92
C SER V 412 81.09 -25.41 -45.98
N ASP V 413 81.28 -24.40 -45.15
CA ASP V 413 80.38 -23.25 -45.08
C ASP V 413 81.15 -21.99 -45.46
N VAL V 414 80.91 -21.49 -46.68
CA VAL V 414 81.70 -20.39 -47.23
C VAL V 414 81.45 -19.08 -46.49
N THR V 415 80.26 -18.88 -45.94
CA THR V 415 80.00 -17.64 -45.20
C THR V 415 80.75 -17.59 -43.88
N CYS V 416 81.36 -18.69 -43.45
CA CYS V 416 82.07 -18.85 -42.18
C CYS V 416 81.14 -18.84 -40.98
N GLY V 417 79.85 -19.03 -41.19
CA GLY V 417 78.91 -19.15 -40.09
C GLY V 417 78.24 -17.84 -39.73
N VAL V 418 77.00 -17.67 -40.12
CA VAL V 418 76.28 -16.43 -39.85
C VAL V 418 75.56 -16.58 -38.51
N GLU V 419 75.43 -15.48 -37.79
CA GLU V 419 74.69 -15.44 -36.54
C GLU V 419 73.55 -14.43 -36.67
N GLN V 420 72.89 -14.16 -35.55
CA GLN V 420 71.69 -13.36 -35.54
C GLN V 420 71.99 -11.87 -35.39
N VAL V 421 70.97 -11.04 -35.65
CA VAL V 421 71.01 -9.60 -35.43
C VAL V 421 69.79 -9.19 -34.61
N TYR V 422 69.94 -8.08 -33.88
CA TYR V 422 68.90 -7.57 -32.99
C TYR V 422 68.51 -6.14 -33.35
N TRP V 423 67.21 -5.85 -33.30
CA TRP V 423 66.66 -4.51 -33.52
C TRP V 423 66.31 -3.84 -32.19
N SER V 424 66.56 -2.53 -32.10
CA SER V 424 66.16 -1.72 -30.95
C SER V 424 65.46 -0.44 -31.39
N LEU V 425 64.36 -0.10 -30.71
CA LEU V 425 63.65 1.16 -30.91
C LEU V 425 63.30 1.76 -29.56
N PRO V 426 64.30 2.29 -28.84
CA PRO V 426 64.08 2.63 -27.42
C PRO V 426 63.10 3.78 -27.17
N ASP V 427 62.87 4.67 -28.13
CA ASP V 427 61.94 5.79 -27.94
C ASP V 427 60.52 5.49 -28.41
N MET V 428 60.25 4.30 -28.92
CA MET V 428 58.92 3.99 -29.44
C MET V 428 58.24 2.85 -28.71
N MET V 429 58.93 1.74 -28.47
CA MET V 429 58.36 0.56 -27.85
C MET V 429 58.68 0.52 -26.35
N GLN V 430 57.81 -0.14 -25.59
CA GLN V 430 58.11 -0.44 -24.20
C GLN V 430 59.16 -1.55 -24.11
N ASP V 431 59.93 -1.52 -23.03
CA ASP V 431 60.97 -2.54 -22.84
C ASP V 431 60.34 -3.90 -22.57
N PRO V 432 60.76 -4.95 -23.27
CA PRO V 432 60.28 -6.30 -22.95
C PRO V 432 60.76 -6.77 -21.58
N VAL V 433 60.10 -7.83 -21.09
CA VAL V 433 60.24 -8.24 -19.69
C VAL V 433 61.68 -8.62 -19.37
N THR V 434 62.15 -8.16 -18.21
CA THR V 434 63.46 -8.32 -17.56
C THR V 434 64.56 -7.41 -18.15
N PHE V 435 64.31 -6.65 -19.22
CA PHE V 435 65.30 -5.69 -19.72
C PHE V 435 65.27 -4.42 -18.87
N ARG V 436 66.44 -3.86 -18.58
CA ARG V 436 66.55 -2.58 -17.88
C ARG V 436 66.56 -1.41 -18.86
N SER V 437 65.97 -0.29 -18.43
CA SER V 437 66.04 0.94 -19.19
C SER V 437 67.41 1.58 -19.03
N THR V 438 67.98 2.04 -20.14
CA THR V 438 69.35 2.57 -20.13
C THR V 438 69.58 3.43 -21.35
N ARG V 439 70.71 4.14 -21.33
CA ARG V 439 71.15 4.93 -22.47
C ARG V 439 72.50 4.44 -23.02
N GLN V 440 72.96 3.26 -22.64
CA GLN V 440 74.17 2.67 -23.19
C GLN V 440 73.82 1.85 -24.42
N VAL V 441 74.53 2.11 -25.53
CA VAL V 441 74.16 1.53 -26.81
C VAL V 441 74.30 0.01 -26.80
N SER V 442 75.36 -0.50 -26.21
CA SER V 442 75.52 -1.95 -26.16
C SER V 442 74.56 -2.63 -25.17
N ASN V 443 73.58 -1.96 -24.58
CA ASN V 443 72.66 -2.62 -23.68
C ASN V 443 71.21 -2.17 -23.90
N TYR V 444 70.87 -1.69 -25.09
CA TYR V 444 69.48 -1.34 -25.41
C TYR V 444 68.59 -2.57 -25.32
N PRO V 445 67.33 -2.42 -24.89
CA PRO V 445 66.38 -3.54 -24.96
C PRO V 445 66.11 -3.96 -26.40
N VAL V 446 65.87 -5.25 -26.58
CA VAL V 446 65.77 -5.87 -27.90
C VAL V 446 64.31 -6.07 -28.28
N VAL V 447 63.93 -5.61 -29.46
CA VAL V 447 62.54 -5.65 -29.91
C VAL V 447 62.30 -6.69 -31.02
N GLY V 448 63.34 -7.24 -31.63
CA GLY V 448 63.18 -8.28 -32.62
C GLY V 448 64.52 -8.89 -33.00
N ALA V 449 64.46 -10.07 -33.62
CA ALA V 449 65.66 -10.81 -33.98
C ALA V 449 65.45 -11.56 -35.30
N GLU V 450 66.53 -11.77 -36.03
CA GLU V 450 66.53 -12.49 -37.30
C GLU V 450 67.98 -12.83 -37.65
N LEU V 451 68.17 -13.58 -38.72
CA LEU V 451 69.51 -13.90 -39.19
C LEU V 451 70.10 -12.74 -39.98
N MET V 452 71.40 -12.52 -39.81
CA MET V 452 72.12 -11.62 -40.69
C MET V 452 72.01 -12.15 -42.12
N PRO V 453 71.54 -11.35 -43.08
CA PRO V 453 71.05 -11.90 -44.36
C PRO V 453 72.14 -12.18 -45.39
N VAL V 454 72.97 -13.18 -45.12
CA VAL V 454 74.05 -13.61 -46.00
C VAL V 454 73.92 -15.11 -46.19
N PHE V 455 73.96 -15.57 -47.44
CA PHE V 455 73.67 -16.96 -47.76
C PHE V 455 74.69 -17.53 -48.74
N SER V 456 74.79 -18.85 -48.75
CA SER V 456 75.65 -19.59 -49.65
C SER V 456 74.89 -20.02 -50.91
N LYS V 457 75.57 -19.99 -52.05
CA LYS V 457 75.01 -20.45 -53.32
C LYS V 457 75.97 -21.41 -54.01
N SER V 458 75.44 -22.44 -54.64
CA SER V 458 76.23 -23.50 -55.26
C SER V 458 76.25 -23.40 -56.78
N PHE V 459 77.39 -23.77 -57.36
CA PHE V 459 77.56 -23.84 -58.80
C PHE V 459 78.29 -25.13 -59.15
N TYR V 460 78.14 -25.56 -60.41
CA TYR V 460 78.75 -26.78 -60.90
C TYR V 460 79.85 -26.43 -61.90
N ASN V 461 81.04 -26.99 -61.69
CA ASN V 461 82.18 -26.73 -62.57
C ASN V 461 82.96 -28.01 -62.88
N HIS V 478 102.99 -18.72 -61.85
CA HIS V 478 101.96 -19.19 -60.94
C HIS V 478 102.40 -19.05 -59.49
N VAL V 479 101.93 -17.99 -58.83
CA VAL V 479 102.25 -17.79 -57.42
C VAL V 479 101.55 -18.82 -56.54
N PHE V 480 100.46 -19.43 -57.02
CA PHE V 480 99.72 -20.44 -56.26
C PHE V 480 100.19 -21.86 -56.56
N ASN V 481 101.28 -22.02 -57.31
CA ASN V 481 101.86 -23.35 -57.54
C ASN V 481 103.38 -23.15 -57.68
N ARG V 482 104.07 -23.23 -56.54
CA ARG V 482 105.52 -22.99 -56.47
C ARG V 482 106.33 -24.28 -56.47
N PHE V 483 105.69 -25.43 -56.29
CA PHE V 483 106.36 -26.73 -56.31
C PHE V 483 105.58 -27.65 -57.22
N PRO V 484 105.59 -27.39 -58.52
CA PRO V 484 104.78 -28.22 -59.44
C PRO V 484 105.16 -29.68 -59.43
N GLU V 485 106.44 -30.00 -59.20
CA GLU V 485 106.88 -31.39 -59.27
C GLU V 485 106.49 -32.20 -58.05
N ASN V 486 106.46 -31.57 -56.87
CA ASN V 486 106.33 -32.32 -55.62
C ASN V 486 104.90 -32.79 -55.44
N GLN V 487 104.73 -34.12 -55.27
CA GLN V 487 103.39 -34.69 -55.15
C GLN V 487 102.68 -34.28 -53.87
N ILE V 488 103.42 -33.87 -52.84
CA ILE V 488 102.80 -33.44 -51.59
C ILE V 488 102.47 -31.96 -51.63
N LEU V 489 103.33 -31.16 -52.25
CA LEU V 489 103.19 -29.71 -52.27
C LEU V 489 102.55 -29.18 -53.54
N ILE V 490 101.99 -30.07 -54.38
CA ILE V 490 101.27 -29.61 -55.56
C ILE V 490 100.01 -28.85 -55.16
N ARG V 491 99.57 -27.96 -56.05
CA ARG V 491 98.36 -27.17 -55.80
C ARG V 491 97.14 -28.08 -55.73
N PRO V 492 96.29 -27.95 -54.72
CA PRO V 492 95.20 -28.91 -54.55
C PRO V 492 94.24 -28.83 -55.72
N PRO V 493 93.62 -29.96 -56.09
CA PRO V 493 92.56 -29.92 -57.10
C PRO V 493 91.32 -29.19 -56.61
N ALA V 494 90.61 -28.57 -57.54
CA ALA V 494 89.40 -27.81 -57.25
C ALA V 494 88.18 -28.72 -57.20
N PRO V 495 87.25 -28.48 -56.28
CA PRO V 495 86.05 -29.31 -56.22
C PRO V 495 85.16 -29.09 -57.43
N THR V 496 84.38 -30.13 -57.75
CA THR V 496 83.37 -30.00 -58.80
C THR V 496 82.15 -29.19 -58.34
N ILE V 497 82.04 -28.88 -57.05
CA ILE V 497 80.99 -28.01 -56.52
C ILE V 497 81.65 -26.80 -55.88
N THR V 498 81.33 -25.61 -56.36
CA THR V 498 81.86 -24.36 -55.84
C THR V 498 80.76 -23.57 -55.16
N THR V 499 81.08 -22.98 -53.99
CA THR V 499 80.12 -22.19 -53.23
C THR V 499 80.66 -20.78 -53.01
N VAL V 500 79.77 -19.79 -53.14
CA VAL V 500 80.09 -18.38 -52.89
C VAL V 500 78.98 -17.78 -52.05
N SER V 501 79.30 -16.70 -51.34
CA SER V 501 78.36 -16.06 -50.41
C SER V 501 77.72 -14.84 -51.05
N GLU V 502 76.44 -14.63 -50.75
CA GLU V 502 75.62 -13.58 -51.34
C GLU V 502 74.86 -12.80 -50.27
N ASN V 503 74.58 -11.54 -50.58
CA ASN V 503 73.73 -10.68 -49.75
C ASN V 503 72.34 -10.59 -50.39
N VAL V 504 71.31 -10.92 -49.63
CA VAL V 504 69.94 -10.96 -50.13
C VAL V 504 69.08 -10.06 -49.24
N PRO V 505 68.33 -9.12 -49.80
CA PRO V 505 67.50 -8.24 -48.96
C PRO V 505 66.46 -9.02 -48.17
N ALA V 506 66.27 -8.62 -46.92
CA ALA V 506 65.45 -9.34 -45.96
C ALA V 506 64.21 -8.52 -45.58
N LEU V 507 63.04 -9.14 -45.72
CA LEU V 507 61.76 -8.52 -45.42
C LEU V 507 61.09 -9.32 -44.32
N THR V 508 60.88 -8.71 -43.15
CA THR V 508 60.54 -9.44 -41.95
C THR V 508 59.34 -8.83 -41.25
N ASP V 509 58.42 -9.68 -40.79
CA ASP V 509 57.31 -9.30 -39.94
C ASP V 509 57.61 -9.76 -38.52
N HIS V 510 57.70 -8.80 -37.59
CA HIS V 510 58.07 -9.08 -36.21
C HIS V 510 56.88 -9.18 -35.27
N GLY V 511 55.65 -9.09 -35.75
CA GLY V 511 54.49 -9.14 -34.89
C GLY V 511 54.18 -7.83 -34.18
N THR V 512 53.30 -7.92 -33.18
CA THR V 512 52.80 -6.76 -32.45
C THR V 512 53.48 -6.62 -31.10
N LEU V 513 53.92 -5.40 -30.77
CA LEU V 513 54.56 -5.09 -29.50
C LEU V 513 53.90 -3.89 -28.83
N PRO V 514 53.88 -3.84 -27.49
CA PRO V 514 53.27 -2.71 -26.80
C PRO V 514 53.98 -1.38 -27.08
N LEU V 515 53.19 -0.34 -27.24
CA LEU V 515 53.63 0.96 -27.72
C LEU V 515 53.50 2.00 -26.60
N ARG V 516 54.43 2.95 -26.57
CA ARG V 516 54.32 4.05 -25.61
C ARG V 516 53.18 5.00 -25.99
N SER V 517 52.54 5.59 -24.97
CA SER V 517 51.38 6.45 -25.22
C SER V 517 51.76 7.80 -25.81
N SER V 518 52.97 8.28 -25.56
CA SER V 518 53.43 9.56 -26.11
C SER V 518 54.73 9.33 -26.85
N ILE V 519 54.77 9.73 -28.13
CA ILE V 519 55.89 9.47 -29.02
C ILE V 519 56.51 10.81 -29.42
N ARG V 520 57.79 10.96 -29.16
CA ARG V 520 58.52 12.16 -29.54
C ARG V 520 58.82 12.18 -31.04
N GLY V 521 59.07 13.38 -31.55
CA GLY V 521 59.26 13.58 -32.98
C GLY V 521 60.55 13.04 -33.54
N VAL V 522 61.58 12.86 -32.71
CA VAL V 522 62.86 12.33 -33.15
C VAL V 522 63.07 10.97 -32.50
N GLN V 523 63.43 9.97 -33.30
CA GLN V 523 63.51 8.58 -32.87
C GLN V 523 64.87 7.99 -33.20
N ARG V 524 65.34 7.07 -32.35
CA ARG V 524 66.60 6.37 -32.53
C ARG V 524 66.36 4.96 -33.06
N VAL V 525 67.16 4.54 -34.04
CA VAL V 525 67.09 3.22 -34.65
C VAL V 525 68.47 2.56 -34.55
N THR V 526 68.53 1.32 -34.05
CA THR V 526 69.79 0.63 -33.82
C THR V 526 69.72 -0.84 -34.24
N VAL V 527 70.79 -1.32 -34.85
CA VAL V 527 70.95 -2.73 -35.23
C VAL V 527 72.31 -3.21 -34.70
N THR V 528 72.30 -4.29 -33.91
CA THR V 528 73.52 -4.85 -33.32
C THR V 528 73.59 -6.36 -33.51
N ASP V 529 74.81 -6.89 -33.39
CA ASP V 529 75.08 -8.31 -33.58
C ASP V 529 74.99 -9.06 -32.25
N ALA V 530 75.45 -10.32 -32.25
CA ALA V 530 75.31 -11.19 -31.08
C ALA V 530 76.14 -10.70 -29.89
N ARG V 531 77.28 -10.08 -30.16
CA ARG V 531 78.12 -9.50 -29.11
C ARG V 531 77.73 -8.06 -28.78
N ARG V 532 76.62 -7.58 -29.36
CA ARG V 532 76.08 -6.23 -29.13
C ARG V 532 77.01 -5.14 -29.64
N ARG V 533 77.65 -5.37 -30.78
CA ARG V 533 78.33 -4.34 -31.53
C ARG V 533 77.46 -3.93 -32.72
N THR V 534 77.57 -2.67 -33.13
CA THR V 534 76.91 -2.26 -34.37
C THR V 534 77.64 -2.88 -35.57
N CYS V 535 76.91 -3.05 -36.66
CA CYS V 535 77.46 -3.70 -37.85
C CYS V 535 77.74 -2.67 -38.94
N PRO V 536 79.01 -2.46 -39.32
CA PRO V 536 79.33 -1.48 -40.37
C PRO V 536 78.90 -1.89 -41.77
N TYR V 537 78.39 -3.09 -41.99
CA TYR V 537 78.02 -3.52 -43.34
C TYR V 537 76.53 -3.38 -43.64
N VAL V 538 75.75 -2.79 -42.75
CA VAL V 538 74.38 -2.41 -43.07
C VAL V 538 74.40 -1.09 -43.83
N TYR V 539 73.73 -1.04 -44.98
CA TYR V 539 73.62 0.23 -45.69
C TYR V 539 72.19 0.61 -46.07
N LYS V 540 71.19 -0.13 -45.61
CA LYS V 540 69.80 0.25 -45.82
C LYS V 540 68.96 -0.43 -44.74
N ALA V 541 68.19 0.37 -44.00
CA ALA V 541 67.32 -0.13 -42.94
C ALA V 541 66.11 0.77 -42.82
N LEU V 542 64.91 0.18 -42.93
CA LEU V 542 63.64 0.89 -42.81
C LEU V 542 62.71 0.17 -41.86
N GLY V 543 61.85 0.93 -41.21
CA GLY V 543 60.82 0.37 -40.37
C GLY V 543 59.47 1.02 -40.64
N ILE V 544 58.42 0.21 -40.52
CA ILE V 544 57.04 0.64 -40.68
C ILE V 544 56.23 0.08 -39.52
N VAL V 545 55.51 0.94 -38.81
CA VAL V 545 54.74 0.57 -37.63
C VAL V 545 53.28 0.91 -37.86
N ALA V 546 52.39 -0.02 -37.49
CA ALA V 546 50.94 0.18 -37.60
C ALA V 546 50.26 0.07 -36.24
N PRO V 547 49.96 1.19 -35.58
CA PRO V 547 49.34 1.11 -34.24
C PRO V 547 47.90 0.62 -34.27
N ARG V 548 47.48 0.01 -33.16
CA ARG V 548 46.09 -0.38 -32.94
C ARG V 548 45.84 -0.60 -31.45
N VAL V 549 44.57 -0.62 -31.07
CA VAL V 549 44.18 -0.75 -29.67
C VAL V 549 44.28 -2.20 -29.24
N LEU V 550 44.89 -2.44 -28.07
CA LEU V 550 45.01 -3.77 -27.47
C LEU V 550 43.99 -4.02 -26.36
N SER V 551 43.87 -3.12 -25.40
CA SER V 551 42.93 -3.30 -24.31
C SER V 551 42.55 -1.95 -23.72
N SER V 552 41.56 -1.97 -22.84
CA SER V 552 41.03 -0.76 -22.22
C SER V 552 41.83 -0.39 -20.97
N ARG V 553 41.84 0.92 -20.69
CA ARG V 553 42.45 1.50 -19.48
C ARG V 553 43.96 1.34 -19.45
N ARG W 48 35.70 -30.36 -1.77
CA ARG W 48 36.87 -30.19 -0.92
C ARG W 48 37.49 -31.53 -0.52
N ASN W 49 37.55 -32.47 -1.46
CA ASN W 49 38.04 -33.80 -1.15
C ASN W 49 38.96 -34.37 -2.23
N SER W 50 39.57 -33.54 -3.05
CA SER W 50 40.40 -34.02 -4.15
C SER W 50 41.84 -34.27 -3.69
N ILE W 51 42.54 -35.13 -4.43
CA ILE W 51 43.92 -35.52 -4.14
C ILE W 51 44.71 -35.37 -5.44
N ARG W 52 45.79 -34.59 -5.40
CA ARG W 52 46.49 -34.18 -6.62
C ARG W 52 47.98 -34.49 -6.55
N TYR W 53 48.54 -34.83 -7.70
CA TYR W 53 49.97 -35.15 -7.85
C TYR W 53 50.62 -34.09 -8.74
N SER W 54 51.75 -33.56 -8.28
CA SER W 54 52.30 -32.34 -8.88
C SER W 54 52.75 -32.51 -10.32
N GLU W 55 52.92 -33.75 -10.81
CA GLU W 55 53.35 -33.93 -12.19
C GLU W 55 52.19 -34.04 -13.17
N LEU W 56 50.94 -33.92 -12.72
CA LEU W 56 49.77 -34.06 -13.59
C LEU W 56 48.95 -32.78 -13.57
N SER W 57 48.37 -32.43 -14.73
CA SER W 57 47.56 -31.23 -14.88
C SER W 57 46.63 -31.38 -16.07
N PRO W 58 45.41 -30.84 -16.01
CA PRO W 58 44.47 -30.99 -17.13
C PRO W 58 44.68 -29.96 -18.23
N LEU W 59 44.15 -30.27 -19.41
CA LEU W 59 44.40 -29.50 -20.64
C LEU W 59 43.18 -28.70 -21.09
N TYR W 60 43.44 -27.51 -21.64
CA TYR W 60 42.39 -26.61 -22.09
C TYR W 60 42.78 -25.88 -23.38
N ASP W 61 41.76 -25.54 -24.16
CA ASP W 61 41.69 -24.57 -25.25
C ASP W 61 42.38 -24.90 -26.58
N THR W 62 43.38 -25.78 -26.59
CA THR W 62 44.11 -26.13 -27.82
C THR W 62 45.22 -27.11 -27.48
N THR W 63 45.68 -27.83 -28.50
CA THR W 63 46.73 -28.84 -28.37
C THR W 63 47.20 -29.21 -29.77
N ARG W 64 47.99 -30.28 -29.89
CA ARG W 64 48.45 -30.80 -31.17
C ARG W 64 48.16 -32.29 -31.28
N LEU W 65 47.83 -32.74 -32.49
CA LEU W 65 47.73 -34.16 -32.84
C LEU W 65 48.67 -34.43 -34.01
N TYR W 66 49.44 -35.50 -33.93
CA TYR W 66 50.46 -35.82 -34.94
C TYR W 66 50.10 -37.10 -35.67
N LEU W 67 50.16 -37.05 -37.01
CA LEU W 67 49.86 -38.19 -37.88
C LEU W 67 51.13 -38.54 -38.65
N VAL W 68 51.83 -39.56 -38.18
CA VAL W 68 53.20 -39.85 -38.63
C VAL W 68 53.25 -41.26 -39.21
N ASP W 69 53.96 -41.41 -40.32
CA ASP W 69 53.91 -42.62 -41.12
C ASP W 69 55.02 -43.62 -40.82
N ASN W 70 55.91 -43.36 -39.87
CA ASN W 70 57.06 -44.25 -39.64
C ASN W 70 57.32 -44.48 -38.16
N LYS W 71 56.27 -44.68 -37.37
CA LYS W 71 56.45 -45.11 -36.00
C LYS W 71 56.88 -46.57 -35.96
N SER W 72 57.81 -46.89 -35.05
CA SER W 72 58.45 -48.20 -35.07
C SER W 72 57.46 -49.34 -34.81
N ALA W 73 56.58 -49.16 -33.82
CA ALA W 73 55.64 -50.22 -33.47
C ALA W 73 54.50 -50.35 -34.48
N ASP W 74 54.07 -49.24 -35.09
CA ASP W 74 53.00 -49.29 -36.07
C ASP W 74 53.45 -50.00 -37.35
N ILE W 75 54.75 -49.93 -37.67
CA ILE W 75 55.26 -50.61 -38.86
C ILE W 75 55.06 -52.11 -38.76
N ALA W 76 55.36 -52.68 -37.59
CA ALA W 76 55.35 -54.13 -37.45
C ALA W 76 53.93 -54.70 -37.39
N SER W 77 53.02 -54.04 -36.68
CA SER W 77 51.74 -54.66 -36.36
C SER W 77 50.54 -54.08 -37.11
N LEU W 78 50.70 -53.01 -37.87
CA LEU W 78 49.54 -52.43 -38.53
C LEU W 78 49.62 -52.42 -40.06
N ASN W 79 50.78 -52.16 -40.63
CA ASN W 79 50.88 -51.74 -42.02
C ASN W 79 51.65 -52.72 -42.88
N TYR W 80 51.43 -54.01 -42.67
CA TYR W 80 52.22 -55.03 -43.37
C TYR W 80 51.94 -55.03 -44.88
N GLN W 81 50.70 -54.77 -45.27
CA GLN W 81 50.31 -54.80 -46.68
C GLN W 81 50.05 -53.41 -47.27
N ASN W 82 50.48 -52.34 -46.60
CA ASN W 82 50.15 -50.97 -47.00
C ASN W 82 51.38 -50.28 -47.61
N ASP W 83 51.17 -49.04 -48.08
CA ASP W 83 52.26 -48.18 -48.53
C ASP W 83 51.98 -46.76 -48.06
N HIS W 84 52.89 -45.84 -48.37
CA HIS W 84 52.83 -44.48 -47.82
C HIS W 84 51.66 -43.67 -48.36
N SER W 85 50.99 -44.14 -49.41
CA SER W 85 49.80 -43.46 -49.91
C SER W 85 48.53 -43.86 -49.19
N ASN W 86 48.54 -44.96 -48.43
CA ASN W 86 47.33 -45.44 -47.73
C ASN W 86 47.76 -46.32 -46.55
N PHE W 87 47.75 -45.76 -45.34
CA PHE W 87 48.31 -46.46 -44.19
C PHE W 87 47.52 -46.12 -42.93
N LEU W 88 47.84 -46.83 -41.85
CA LEU W 88 47.25 -46.62 -40.53
C LEU W 88 48.31 -46.11 -39.56
N THR W 89 47.90 -45.28 -38.61
CA THR W 89 48.81 -44.76 -37.61
C THR W 89 48.05 -44.51 -36.31
N THR W 90 48.81 -44.42 -35.21
CA THR W 90 48.24 -44.18 -33.89
C THR W 90 48.49 -42.73 -33.47
N VAL W 91 47.43 -42.06 -33.01
CA VAL W 91 47.57 -40.72 -32.47
C VAL W 91 47.85 -40.70 -30.97
N VAL W 92 47.84 -41.84 -30.32
CA VAL W 92 48.22 -41.95 -28.91
C VAL W 92 49.73 -42.07 -28.84
N GLN W 93 50.37 -41.13 -28.13
CA GLN W 93 51.83 -41.05 -28.05
C GLN W 93 52.37 -41.55 -26.70
N ASN W 94 51.78 -42.61 -26.14
CA ASN W 94 52.11 -43.12 -24.80
C ASN W 94 52.57 -44.56 -24.96
N ASN W 95 53.85 -44.81 -24.70
CA ASN W 95 54.44 -46.12 -24.96
C ASN W 95 54.16 -47.15 -23.86
N ASP W 96 53.29 -46.84 -22.90
CA ASP W 96 52.81 -47.86 -21.97
C ASP W 96 51.88 -48.86 -22.64
N PHE W 97 51.46 -48.61 -23.88
CA PHE W 97 50.49 -49.44 -24.59
C PHE W 97 50.99 -49.77 -25.98
N THR W 98 50.61 -50.94 -26.48
CA THR W 98 50.84 -51.31 -27.86
C THR W 98 49.80 -50.66 -28.77
N PRO W 99 50.07 -50.56 -30.08
CA PRO W 99 49.07 -49.97 -30.98
C PRO W 99 47.74 -50.69 -30.98
N THR W 100 47.75 -52.02 -30.81
CA THR W 100 46.49 -52.76 -30.73
C THR W 100 45.68 -52.34 -29.51
N GLU W 101 46.33 -52.20 -28.36
CA GLU W 101 45.64 -51.70 -27.18
C GLU W 101 45.18 -50.26 -27.37
N ALA W 102 46.00 -49.44 -28.03
CA ALA W 102 45.65 -48.04 -28.23
C ALA W 102 44.42 -47.86 -29.11
N SER W 103 44.12 -48.85 -29.96
CA SER W 103 43.03 -48.70 -30.92
C SER W 103 41.68 -48.53 -30.22
N THR W 104 41.53 -49.06 -29.02
CA THR W 104 40.27 -48.93 -28.29
C THR W 104 40.17 -47.68 -27.43
N GLN W 105 41.25 -46.92 -27.28
CA GLN W 105 41.21 -45.70 -26.47
C GLN W 105 40.68 -44.53 -27.28
N THR W 106 40.28 -43.46 -26.60
CA THR W 106 39.71 -42.29 -27.25
C THR W 106 40.28 -41.01 -26.66
N ILE W 107 40.19 -39.94 -27.46
CA ILE W 107 40.44 -38.57 -27.02
C ILE W 107 39.14 -37.79 -27.19
N ASN W 108 38.72 -37.09 -26.14
CA ASN W 108 37.39 -36.49 -26.11
C ASN W 108 37.48 -34.98 -25.95
N PHE W 109 36.87 -34.25 -26.88
CA PHE W 109 36.74 -32.80 -26.84
C PHE W 109 35.36 -32.43 -26.31
N ASP W 110 35.31 -31.44 -25.42
CA ASP W 110 34.10 -31.20 -24.63
C ASP W 110 32.86 -31.05 -25.50
N GLU W 111 31.85 -31.85 -25.18
CA GLU W 111 30.65 -31.97 -26.01
C GLU W 111 29.75 -30.76 -25.97
N ARG W 112 30.00 -29.81 -25.06
CA ARG W 112 29.24 -28.57 -25.04
C ARG W 112 29.74 -27.52 -26.02
N SER W 113 30.75 -27.85 -26.83
CA SER W 113 31.25 -26.98 -27.89
C SER W 113 31.35 -27.76 -29.18
N ARG W 114 31.34 -27.04 -30.30
CA ARG W 114 31.70 -27.59 -31.60
C ARG W 114 33.14 -27.20 -31.91
N TRP W 115 33.94 -28.17 -32.36
CA TRP W 115 35.37 -27.99 -32.52
C TRP W 115 35.79 -28.04 -33.98
N GLY W 116 36.85 -27.30 -34.30
CA GLY W 116 37.46 -27.37 -35.61
C GLY W 116 38.95 -27.62 -35.50
N GLY W 117 39.53 -28.04 -36.61
CA GLY W 117 40.95 -28.35 -36.65
C GLY W 117 41.69 -27.76 -37.84
N GLN W 118 42.74 -27.00 -37.57
CA GLN W 118 43.58 -26.45 -38.62
C GLN W 118 44.61 -27.49 -39.05
N LEU W 119 44.68 -27.76 -40.35
CA LEU W 119 45.45 -28.87 -40.89
C LEU W 119 46.63 -28.37 -41.73
N LYS W 120 47.82 -28.89 -41.43
CA LYS W 120 49.03 -28.66 -42.23
C LYS W 120 49.62 -29.99 -42.64
N THR W 121 50.11 -30.09 -43.88
CA THR W 121 50.64 -31.34 -44.39
C THR W 121 52.03 -31.13 -44.99
N ILE W 122 52.80 -32.21 -45.02
CA ILE W 122 54.11 -32.28 -45.66
C ILE W 122 54.15 -33.52 -46.54
N MET W 123 54.53 -33.36 -47.80
CA MET W 123 54.54 -34.46 -48.76
C MET W 123 55.79 -34.41 -49.63
N HIS W 124 56.34 -35.59 -49.96
CA HIS W 124 57.47 -35.69 -50.86
C HIS W 124 57.30 -36.90 -51.78
N THR W 125 57.66 -36.74 -53.05
CA THR W 125 57.45 -37.76 -54.08
C THR W 125 58.76 -38.07 -54.81
N ASN W 126 58.77 -39.17 -55.54
CA ASN W 126 59.91 -39.57 -56.37
C ASN W 126 59.46 -40.13 -57.73
N MET W 127 58.53 -39.43 -58.40
CA MET W 127 57.96 -39.89 -59.67
C MET W 127 58.89 -39.59 -60.84
N PRO W 128 59.18 -40.56 -61.70
CA PRO W 128 59.85 -40.27 -62.97
C PRO W 128 58.85 -39.90 -64.06
N ASN W 129 59.33 -39.15 -65.05
CA ASN W 129 58.40 -38.55 -66.01
C ASN W 129 57.89 -39.53 -67.06
N VAL W 130 58.60 -40.60 -67.36
CA VAL W 130 58.14 -41.62 -68.31
C VAL W 130 57.89 -42.91 -67.53
N ASN W 131 56.62 -43.27 -67.37
CA ASN W 131 56.26 -44.45 -66.59
C ASN W 131 54.92 -44.97 -67.04
N GLU W 132 54.64 -46.22 -66.66
CA GLU W 132 53.43 -46.91 -67.11
C GLU W 132 52.18 -46.44 -66.36
N TYR W 133 52.31 -46.14 -65.06
CA TYR W 133 51.14 -45.85 -64.25
C TYR W 133 50.41 -44.60 -64.71
N MET W 134 51.14 -43.62 -65.26
CA MET W 134 50.57 -42.34 -65.67
C MET W 134 50.33 -42.24 -67.17
N PHE W 135 50.44 -43.36 -67.90
CA PHE W 135 50.14 -43.42 -69.33
C PHE W 135 51.05 -42.53 -70.17
N SER W 136 52.28 -42.32 -69.71
CA SER W 136 53.28 -41.61 -70.49
C SER W 136 54.30 -42.56 -71.11
N ASN W 137 53.90 -43.82 -71.30
CA ASN W 137 54.78 -44.89 -71.69
C ASN W 137 54.55 -45.40 -73.12
N LYS W 138 53.46 -45.00 -73.76
CA LYS W 138 53.02 -45.67 -74.98
C LYS W 138 52.27 -44.71 -75.89
N PHE W 139 52.21 -45.07 -77.16
CA PHE W 139 51.43 -44.37 -78.17
C PHE W 139 51.16 -45.36 -79.31
N LYS W 140 50.26 -44.96 -80.21
CA LYS W 140 49.88 -45.79 -81.36
C LYS W 140 50.19 -45.08 -82.67
N ALA W 141 50.53 -45.87 -83.69
CA ALA W 141 50.86 -45.32 -85.00
C ALA W 141 50.56 -46.36 -86.08
N ARG W 142 50.43 -45.89 -87.32
CA ARG W 142 50.16 -46.73 -88.48
C ARG W 142 51.33 -46.64 -89.45
N VAL W 143 51.96 -47.78 -89.72
CA VAL W 143 53.15 -47.85 -90.57
C VAL W 143 52.92 -48.89 -91.65
N MET W 144 53.87 -49.00 -92.57
CA MET W 144 53.79 -49.91 -93.71
C MET W 144 54.41 -51.26 -93.37
N VAL W 145 53.66 -52.33 -93.62
CA VAL W 145 54.10 -53.66 -93.29
C VAL W 145 54.61 -54.44 -94.51
N SER W 146 54.09 -54.18 -95.70
CA SER W 146 54.49 -54.92 -96.88
C SER W 146 54.42 -54.02 -98.11
N ARG W 147 55.48 -54.04 -98.91
CA ARG W 147 55.42 -53.58 -100.28
C ARG W 147 55.03 -54.76 -101.16
N LYS W 148 55.14 -54.62 -102.48
CA LYS W 148 54.80 -55.72 -103.38
C LYS W 148 55.80 -56.86 -103.25
N ASP W 171 52.87 -51.77 -107.73
CA ASP W 171 53.15 -52.14 -106.36
C ASP W 171 51.93 -51.93 -105.46
N ILE W 172 51.65 -52.90 -104.60
CA ILE W 172 50.55 -52.82 -103.65
C ILE W 172 51.15 -52.70 -102.25
N LEU W 173 50.66 -51.72 -101.49
CA LEU W 173 51.21 -51.37 -100.18
C LEU W 173 50.19 -51.67 -99.09
N LYS W 174 50.64 -52.28 -98.01
CA LYS W 174 49.80 -52.65 -96.88
C LYS W 174 50.26 -51.92 -95.62
N TYR W 175 49.30 -51.45 -94.83
CA TYR W 175 49.56 -50.72 -93.61
C TYR W 175 48.79 -51.34 -92.46
N GLU W 176 49.27 -51.10 -91.23
CA GLU W 176 48.63 -51.65 -90.05
C GLU W 176 48.94 -50.79 -88.83
N TRP W 177 48.05 -50.85 -87.84
CA TRP W 177 48.21 -50.14 -86.58
C TRP W 177 48.96 -51.00 -85.57
N PHE W 178 49.79 -50.34 -84.76
CA PHE W 178 50.52 -51.00 -83.67
C PHE W 178 50.54 -50.07 -82.46
N GLU W 179 50.86 -50.66 -81.30
CA GLU W 179 51.12 -49.89 -80.08
C GLU W 179 52.59 -50.04 -79.71
N PHE W 180 53.24 -48.92 -79.42
CA PHE W 180 54.67 -48.86 -79.17
C PHE W 180 54.94 -48.54 -77.70
N ILE W 181 55.96 -49.17 -77.13
CA ILE W 181 56.28 -49.06 -75.71
C ILE W 181 57.70 -48.56 -75.54
N LEU W 182 57.89 -47.58 -74.64
CA LEU W 182 59.17 -47.00 -74.23
C LEU W 182 59.60 -47.59 -72.89
N PRO W 183 60.90 -47.64 -72.61
CA PRO W 183 61.34 -48.05 -71.27
C PRO W 183 61.26 -46.88 -70.29
N GLU W 184 61.11 -47.22 -69.00
CA GLU W 184 60.81 -46.24 -67.98
C GLU W 184 62.06 -45.55 -67.45
N GLY W 185 61.89 -44.31 -67.01
CA GLY W 185 62.99 -43.51 -66.52
C GLY W 185 62.62 -42.04 -66.50
N ASN W 186 63.58 -41.23 -66.09
CA ASN W 186 63.41 -39.78 -65.99
C ASN W 186 64.30 -39.11 -67.04
N PHE W 187 63.69 -38.65 -68.13
CA PHE W 187 64.43 -38.20 -69.30
C PHE W 187 64.08 -36.77 -69.67
N SER W 188 65.02 -36.10 -70.34
CA SER W 188 64.73 -34.80 -70.92
C SER W 188 63.86 -34.95 -72.16
N ALA W 189 63.37 -33.82 -72.66
CA ALA W 189 62.45 -33.85 -73.80
C ALA W 189 63.14 -34.35 -75.07
N THR W 190 64.38 -33.93 -75.32
CA THR W 190 65.10 -34.39 -76.51
C THR W 190 65.37 -35.90 -76.41
N MET W 191 65.78 -36.38 -75.25
CA MET W 191 66.04 -37.80 -75.09
C MET W 191 64.76 -38.62 -75.24
N THR W 192 63.62 -38.07 -74.84
CA THR W 192 62.35 -38.78 -75.02
C THR W 192 62.01 -38.94 -76.50
N ILE W 193 62.25 -37.90 -77.30
CA ILE W 193 61.96 -37.96 -78.73
C ILE W 193 62.86 -38.97 -79.42
N ASP W 194 64.11 -39.12 -78.98
CA ASP W 194 64.96 -40.16 -79.53
C ASP W 194 64.40 -41.56 -79.27
N LEU W 195 63.84 -41.78 -78.09
CA LEU W 195 63.29 -43.09 -77.76
C LEU W 195 62.06 -43.41 -78.60
N MET W 196 61.25 -42.40 -78.92
CA MET W 196 60.08 -42.64 -79.77
C MET W 196 60.48 -43.01 -81.19
N ASN W 197 61.50 -42.34 -81.74
CA ASN W 197 62.01 -42.73 -83.06
C ASN W 197 62.58 -44.15 -83.03
N ASN W 198 63.31 -44.48 -81.96
CA ASN W 198 63.90 -45.81 -81.84
C ASN W 198 62.83 -46.90 -81.80
N ALA W 199 61.68 -46.62 -81.18
CA ALA W 199 60.59 -47.60 -81.15
C ALA W 199 60.04 -47.86 -82.54
N ILE W 200 59.90 -46.82 -83.36
CA ILE W 200 59.40 -46.99 -84.72
C ILE W 200 60.35 -47.88 -85.52
N ILE W 201 61.65 -47.63 -85.40
CA ILE W 201 62.64 -48.35 -86.20
C ILE W 201 62.71 -49.81 -85.81
N ASP W 202 62.58 -50.13 -84.52
CA ASP W 202 62.59 -51.52 -84.09
C ASP W 202 61.42 -52.32 -84.66
N ASN W 203 60.32 -51.65 -84.99
CA ASN W 203 59.22 -52.30 -85.70
C ASN W 203 59.59 -52.56 -87.17
N TYR W 204 60.37 -51.68 -87.77
CA TYR W 204 60.78 -51.87 -89.16
C TYR W 204 61.86 -52.94 -89.29
N LEU W 205 62.55 -53.28 -88.20
CA LEU W 205 63.55 -54.34 -88.27
C LEU W 205 62.97 -55.72 -87.96
N GLU W 206 61.86 -55.79 -87.25
CA GLU W 206 61.22 -57.06 -86.90
C GLU W 206 60.18 -57.49 -87.92
N ILE W 207 59.40 -56.54 -88.42
CA ILE W 207 58.46 -56.72 -89.52
C ILE W 207 58.97 -55.78 -90.59
N GLY W 208 58.30 -55.67 -91.72
CA GLY W 208 58.73 -54.64 -92.62
C GLY W 208 59.92 -55.07 -93.46
N ARG W 209 61.13 -54.70 -93.02
CA ARG W 209 62.36 -54.96 -93.75
C ARG W 209 62.41 -56.34 -94.41
N GLN W 210 61.97 -57.37 -93.69
CA GLN W 210 61.96 -58.72 -94.25
C GLN W 210 60.80 -58.96 -95.19
N ASN W 211 59.92 -57.97 -95.42
CA ASN W 211 58.80 -58.10 -96.33
C ASN W 211 58.85 -57.07 -97.44
N GLY W 212 60.02 -56.54 -97.76
CA GLY W 212 60.22 -55.75 -98.95
C GLY W 212 60.11 -54.26 -98.84
N VAL W 213 59.99 -53.70 -97.64
CA VAL W 213 59.97 -52.24 -97.48
C VAL W 213 61.40 -51.74 -97.39
N LEU W 214 61.65 -50.60 -98.00
CA LEU W 214 62.99 -50.02 -98.02
C LEU W 214 63.15 -48.99 -96.91
N GLU W 215 64.39 -48.64 -96.63
CA GLU W 215 64.64 -47.57 -95.67
C GLU W 215 64.51 -46.23 -96.35
N SER W 216 63.43 -46.06 -97.12
CA SER W 216 63.03 -44.77 -97.66
C SER W 216 61.51 -44.62 -97.65
N ASP W 217 60.79 -45.58 -97.05
CA ASP W 217 59.34 -45.52 -96.93
C ASP W 217 58.88 -45.73 -95.49
N ILE W 218 59.72 -45.38 -94.51
CA ILE W 218 59.39 -45.60 -93.10
C ILE W 218 58.05 -44.98 -92.76
N GLY W 219 57.94 -43.65 -92.88
CA GLY W 219 56.64 -43.01 -92.87
C GLY W 219 56.22 -42.30 -91.60
N VAL W 220 56.94 -42.47 -90.49
CA VAL W 220 56.65 -41.74 -89.25
C VAL W 220 57.96 -41.32 -88.62
N LYS W 221 58.14 -40.01 -88.42
CA LYS W 221 59.33 -39.50 -87.75
C LYS W 221 58.98 -38.27 -86.93
N PHE W 222 59.64 -38.13 -85.78
CA PHE W 222 59.49 -36.97 -84.89
C PHE W 222 60.72 -36.07 -85.02
N ASP W 223 60.51 -34.80 -85.38
CA ASP W 223 61.61 -33.90 -85.70
C ASP W 223 61.45 -32.60 -84.91
N THR W 224 62.40 -31.67 -85.12
CA THR W 224 62.36 -30.36 -84.51
C THR W 224 62.63 -29.21 -85.47
N ARG W 225 62.87 -29.48 -86.75
CA ARG W 225 63.38 -28.46 -87.66
C ARG W 225 62.26 -27.70 -88.36
N ASN W 226 62.61 -26.52 -88.86
CA ASN W 226 61.72 -25.72 -89.70
C ASN W 226 62.15 -25.95 -91.14
N PHE W 227 61.52 -26.92 -91.80
CA PHE W 227 61.76 -27.11 -93.21
C PHE W 227 61.25 -25.90 -93.99
N ARG W 228 61.80 -25.69 -95.18
CA ARG W 228 61.53 -24.55 -96.06
C ARG W 228 62.05 -23.22 -95.53
N LEU W 229 63.02 -23.23 -94.61
CA LEU W 229 63.60 -21.99 -94.14
C LEU W 229 64.33 -21.25 -95.25
N GLY W 230 65.23 -21.93 -95.95
CA GLY W 230 66.00 -21.29 -97.00
C GLY W 230 65.36 -21.32 -98.37
N TRP W 231 64.03 -21.34 -98.39
CA TRP W 231 63.25 -21.45 -99.61
C TRP W 231 63.39 -20.18 -100.47
N ASP W 232 63.36 -20.36 -101.78
CA ASP W 232 63.50 -19.26 -102.72
C ASP W 232 62.22 -19.09 -103.51
N PRO W 233 61.69 -17.87 -103.60
CA PRO W 233 60.37 -17.69 -104.23
C PRO W 233 60.35 -17.89 -105.74
N GLU W 234 61.51 -17.87 -106.40
CA GLU W 234 61.56 -18.06 -107.84
C GLU W 234 61.79 -19.53 -108.21
N THR W 235 62.88 -20.11 -107.74
CA THR W 235 63.18 -21.50 -108.03
C THR W 235 62.33 -22.48 -107.23
N LYS W 236 61.75 -22.03 -106.11
CA LYS W 236 60.89 -22.86 -105.26
C LYS W 236 61.61 -24.11 -104.78
N LEU W 237 62.89 -23.98 -104.44
CA LEU W 237 63.67 -25.07 -103.89
C LEU W 237 64.55 -24.53 -102.78
N ILE W 238 65.03 -25.43 -101.92
CA ILE W 238 65.91 -25.05 -100.81
C ILE W 238 67.30 -24.84 -101.39
N MET W 239 67.67 -23.58 -101.63
CA MET W 239 68.90 -23.28 -102.35
C MET W 239 70.18 -23.83 -101.70
N PRO W 240 70.37 -23.78 -100.38
CA PRO W 240 71.63 -24.30 -99.81
C PRO W 240 71.87 -25.78 -100.08
N GLY W 241 70.84 -26.56 -100.40
CA GLY W 241 71.00 -27.99 -100.60
C GLY W 241 70.89 -28.82 -99.34
N VAL W 242 70.80 -28.21 -98.17
CA VAL W 242 70.54 -28.89 -96.90
C VAL W 242 69.55 -28.06 -96.11
N TYR W 243 68.63 -28.74 -95.43
CA TYR W 243 67.70 -28.06 -94.54
C TYR W 243 68.43 -27.45 -93.36
N THR W 244 67.95 -26.29 -92.90
CA THR W 244 68.59 -25.61 -91.77
C THR W 244 68.56 -26.49 -90.52
N TYR W 245 69.71 -26.64 -89.89
CA TYR W 245 69.89 -27.58 -88.79
C TYR W 245 69.73 -26.88 -87.43
N GLU W 246 68.56 -26.26 -87.22
CA GLU W 246 68.24 -25.56 -85.99
C GLU W 246 66.90 -26.04 -85.45
N ALA W 247 66.78 -26.05 -84.12
CA ALA W 247 65.57 -26.53 -83.46
C ALA W 247 64.60 -25.39 -83.25
N PHE W 248 63.34 -25.61 -83.61
CA PHE W 248 62.28 -24.62 -83.46
C PHE W 248 61.16 -25.06 -82.53
N HIS W 249 60.59 -26.25 -82.75
CA HIS W 249 59.46 -26.80 -82.02
C HIS W 249 59.29 -28.24 -82.45
N PRO W 250 58.94 -29.16 -81.56
CA PRO W 250 58.76 -30.56 -81.96
C PRO W 250 57.66 -30.71 -83.01
N ASP W 251 57.87 -31.67 -83.91
CA ASP W 251 57.09 -31.77 -85.15
C ASP W 251 56.88 -33.24 -85.50
N ILE W 252 55.87 -33.48 -86.33
CA ILE W 252 55.51 -34.82 -86.82
C ILE W 252 55.59 -34.81 -88.33
N VAL W 253 56.31 -35.78 -88.90
CA VAL W 253 56.48 -35.90 -90.35
C VAL W 253 55.88 -37.22 -90.82
N LEU W 254 55.06 -37.16 -91.87
CA LEU W 254 54.29 -38.32 -92.32
C LEU W 254 54.41 -38.53 -93.82
N LEU W 255 54.29 -39.80 -94.24
CA LEU W 255 54.15 -40.29 -95.60
C LEU W 255 52.71 -40.73 -95.85
N PRO W 256 52.28 -40.84 -97.11
CA PRO W 256 50.89 -41.21 -97.38
C PRO W 256 50.54 -42.57 -96.79
N GLY W 257 49.33 -42.66 -96.25
CA GLY W 257 48.85 -43.88 -95.63
C GLY W 257 49.19 -44.07 -94.17
N CYS W 258 49.91 -43.15 -93.55
CA CYS W 258 50.36 -43.30 -92.16
C CYS W 258 49.62 -42.32 -91.26
N GLY W 259 49.89 -42.42 -89.96
CA GLY W 259 49.28 -41.53 -88.98
C GLY W 259 49.67 -41.94 -87.57
N VAL W 260 49.35 -41.06 -86.62
CA VAL W 260 49.58 -41.30 -85.20
C VAL W 260 48.28 -41.02 -84.44
N ASP W 261 48.14 -41.68 -83.29
CA ASP W 261 46.93 -41.58 -82.48
C ASP W 261 47.30 -41.45 -81.02
N PHE W 262 46.87 -40.34 -80.39
CA PHE W 262 47.22 -40.05 -79.00
C PHE W 262 46.04 -40.16 -78.06
N THR W 263 45.03 -40.98 -78.39
CA THR W 263 43.83 -41.08 -77.56
C THR W 263 44.15 -41.59 -76.17
N GLU W 264 45.07 -42.55 -76.07
CA GLU W 264 45.39 -43.15 -74.77
C GLU W 264 46.83 -42.87 -74.38
N SER W 265 47.27 -41.63 -74.51
CA SER W 265 48.66 -41.27 -74.29
C SER W 265 48.74 -39.83 -73.82
N ARG W 266 49.75 -39.53 -73.00
CA ARG W 266 50.00 -38.17 -72.55
C ARG W 266 51.24 -37.57 -73.18
N LEU W 267 51.80 -38.21 -74.20
CA LEU W 267 53.00 -37.72 -74.86
C LEU W 267 52.73 -36.55 -75.80
N SER W 268 51.47 -36.26 -76.13
CA SER W 268 51.17 -35.07 -76.91
C SER W 268 51.44 -33.78 -76.13
N ASN W 269 51.35 -33.82 -74.80
CA ASN W 269 51.70 -32.65 -74.00
C ASN W 269 53.19 -32.36 -74.06
N LEU W 270 54.03 -33.40 -74.09
CA LEU W 270 55.47 -33.19 -74.21
C LEU W 270 55.83 -32.65 -75.59
N LEU W 271 55.05 -32.97 -76.62
CA LEU W 271 55.32 -32.45 -77.96
C LEU W 271 54.82 -31.04 -78.17
N GLY W 272 53.98 -30.52 -77.28
CA GLY W 272 53.43 -29.19 -77.48
C GLY W 272 52.39 -29.09 -78.57
N ILE W 273 51.59 -30.14 -78.77
CA ILE W 273 50.50 -30.13 -79.73
C ILE W 273 49.23 -30.53 -78.99
N ARG W 274 48.23 -29.66 -79.01
CA ARG W 274 47.00 -29.85 -78.25
C ARG W 274 45.78 -29.52 -79.12
N LYS W 275 44.61 -29.95 -78.66
CA LYS W 275 43.35 -29.73 -79.36
C LYS W 275 42.66 -28.46 -78.85
N ARG W 276 42.06 -27.72 -79.77
CA ARG W 276 41.30 -26.53 -79.40
C ARG W 276 40.00 -26.86 -78.69
N HIS W 277 39.52 -28.10 -78.79
CA HIS W 277 38.34 -28.58 -78.08
C HIS W 277 38.79 -29.77 -77.23
N PRO W 278 39.40 -29.50 -76.07
CA PRO W 278 40.09 -30.57 -75.33
C PRO W 278 39.15 -31.56 -74.65
N PHE W 279 37.86 -31.29 -74.58
CA PHE W 279 36.92 -32.21 -73.94
C PHE W 279 36.25 -33.17 -74.92
N GLN W 280 36.60 -33.12 -76.21
CA GLN W 280 36.09 -34.06 -77.19
C GLN W 280 37.04 -35.24 -77.29
N GLU W 281 36.51 -36.46 -77.10
CA GLU W 281 37.36 -37.64 -77.07
C GLU W 281 37.96 -37.94 -78.43
N GLY W 282 39.19 -38.44 -78.43
CA GLY W 282 39.87 -38.85 -79.65
C GLY W 282 40.84 -37.83 -80.20
N PHE W 283 42.07 -38.26 -80.49
CA PHE W 283 43.11 -37.38 -81.01
C PHE W 283 43.93 -38.17 -82.04
N LYS W 284 43.58 -38.03 -83.30
CA LYS W 284 44.28 -38.71 -84.40
C LYS W 284 44.70 -37.70 -85.45
N ILE W 285 45.92 -37.86 -85.97
CA ILE W 285 46.45 -37.01 -87.02
C ILE W 285 46.93 -37.90 -88.16
N MET W 286 46.29 -37.81 -89.31
CA MET W 286 46.60 -38.63 -90.47
C MET W 286 47.21 -37.79 -91.59
N TYR W 287 47.71 -38.47 -92.61
CA TYR W 287 48.37 -37.78 -93.72
C TYR W 287 47.41 -36.86 -94.46
N GLU W 288 46.12 -37.21 -94.51
CA GLU W 288 45.14 -36.37 -95.21
C GLU W 288 44.80 -35.09 -94.44
N ASP W 289 45.13 -35.01 -93.15
CA ASP W 289 44.84 -33.82 -92.38
C ASP W 289 45.93 -32.76 -92.47
N LEU W 290 47.08 -33.08 -93.04
CA LEU W 290 48.22 -32.16 -93.12
C LEU W 290 48.33 -31.47 -94.47
N GLU W 291 47.21 -31.14 -95.10
CA GLU W 291 47.23 -30.52 -96.41
C GLU W 291 47.95 -29.18 -96.37
N GLY W 292 48.75 -28.91 -97.40
CA GLY W 292 49.54 -27.71 -97.49
C GLY W 292 50.88 -27.77 -96.80
N GLY W 293 51.23 -28.90 -96.20
CA GLY W 293 52.46 -28.99 -95.44
C GLY W 293 53.55 -29.83 -96.08
N ASN W 294 53.52 -29.98 -97.40
CA ASN W 294 54.54 -30.77 -98.08
C ASN W 294 55.91 -30.10 -97.94
N ILE W 295 56.92 -30.92 -97.70
CA ILE W 295 58.29 -30.44 -97.50
C ILE W 295 58.93 -30.17 -98.86
N PRO W 296 59.39 -28.95 -99.12
CA PRO W 296 59.98 -28.66 -100.43
C PRO W 296 61.24 -29.49 -100.68
N ALA W 297 61.42 -29.89 -101.94
CA ALA W 297 62.53 -30.75 -102.32
C ALA W 297 63.84 -29.96 -102.38
N LEU W 298 64.94 -30.68 -102.21
CA LEU W 298 66.30 -30.18 -102.37
C LEU W 298 66.51 -28.79 -101.79
N ILE W 364 69.51 -26.33 -112.19
CA ILE W 364 68.24 -26.05 -111.53
C ILE W 364 67.33 -27.28 -111.57
N GLN W 365 67.71 -28.33 -110.82
CA GLN W 365 66.89 -29.53 -110.74
C GLN W 365 66.96 -30.07 -109.31
N PRO W 366 65.88 -30.65 -108.80
CA PRO W 366 65.91 -31.20 -107.44
C PRO W 366 66.78 -32.44 -107.36
N LEU W 367 67.41 -32.63 -106.20
CA LEU W 367 68.09 -33.87 -105.92
C LEU W 367 67.09 -34.98 -105.70
N GLU W 368 67.30 -36.13 -106.34
CA GLU W 368 66.32 -37.21 -106.30
C GLU W 368 66.74 -38.38 -105.42
N LYS W 369 67.97 -38.40 -104.92
CA LYS W 369 68.43 -39.53 -104.12
C LYS W 369 69.54 -39.06 -103.19
N ASP W 370 69.82 -39.88 -102.18
CA ASP W 370 70.79 -39.55 -101.15
C ASP W 370 72.16 -40.09 -101.53
N SER W 371 73.13 -39.96 -100.63
CA SER W 371 74.50 -40.40 -100.92
C SER W 371 74.58 -41.90 -101.13
N LYS W 372 73.88 -42.67 -100.31
CA LYS W 372 73.89 -44.13 -100.39
C LYS W 372 72.74 -44.68 -101.20
N SER W 373 72.25 -43.91 -102.19
CA SER W 373 71.17 -44.32 -103.07
C SER W 373 69.91 -44.66 -102.29
N ARG W 374 69.37 -43.64 -101.62
CA ARG W 374 68.07 -43.72 -100.98
C ARG W 374 67.15 -42.67 -101.62
N SER W 375 65.94 -43.09 -101.98
CA SER W 375 65.01 -42.19 -102.63
C SER W 375 64.53 -41.11 -101.65
N TYR W 376 64.51 -39.87 -102.12
CA TYR W 376 63.89 -38.77 -101.38
C TYR W 376 62.40 -38.67 -101.63
N ASN W 377 61.82 -39.53 -102.45
CA ASN W 377 60.39 -39.54 -102.74
C ASN W 377 59.93 -38.24 -103.42
N VAL W 378 60.74 -37.73 -104.34
CA VAL W 378 60.34 -36.53 -105.08
C VAL W 378 59.17 -36.86 -106.00
N LEU W 379 58.28 -35.89 -106.19
CA LEU W 379 57.04 -36.06 -106.93
C LEU W 379 57.14 -35.37 -108.29
N GLU W 380 56.02 -35.36 -109.01
CA GLU W 380 55.94 -34.61 -110.25
C GLU W 380 55.99 -33.12 -109.95
N ASP W 381 56.31 -32.33 -110.99
CA ASP W 381 56.53 -30.89 -110.94
C ASP W 381 57.87 -30.56 -110.28
N LYS W 382 58.54 -31.57 -109.72
CA LYS W 382 59.94 -31.47 -109.32
C LYS W 382 60.22 -30.30 -108.39
N ILE W 383 59.26 -30.00 -107.49
CA ILE W 383 59.44 -28.98 -106.47
C ILE W 383 59.20 -29.52 -105.07
N ASN W 384 58.11 -30.28 -104.88
CA ASN W 384 57.73 -30.75 -103.56
C ASN W 384 57.95 -32.25 -103.43
N THR W 385 58.01 -32.68 -102.18
CA THR W 385 58.24 -34.06 -101.80
C THR W 385 56.99 -34.63 -101.13
N ALA W 386 56.87 -35.95 -101.15
CA ALA W 386 55.70 -36.61 -100.57
C ALA W 386 55.60 -36.44 -99.06
N TYR W 387 56.70 -36.12 -98.37
CA TYR W 387 56.66 -35.93 -96.93
C TYR W 387 55.83 -34.70 -96.56
N ARG W 388 55.02 -34.83 -95.52
CA ARG W 388 54.26 -33.72 -94.95
C ARG W 388 54.61 -33.57 -93.47
N SER W 389 54.50 -32.35 -92.95
CA SER W 389 54.82 -32.09 -91.55
C SER W 389 53.76 -31.19 -90.92
N TRP W 390 53.50 -31.45 -89.63
CA TRP W 390 52.49 -30.67 -88.90
C TRP W 390 52.88 -29.21 -88.80
N TYR W 391 54.15 -28.91 -88.55
CA TYR W 391 54.57 -27.53 -88.34
C TYR W 391 54.42 -26.69 -89.61
N LEU W 392 54.77 -27.25 -90.77
CA LEU W 392 54.62 -26.51 -92.02
C LEU W 392 53.15 -26.25 -92.32
N SER W 393 52.29 -27.23 -92.07
CA SER W 393 50.86 -27.04 -92.31
C SER W 393 50.24 -26.04 -91.34
N TYR W 394 50.70 -26.04 -90.08
CA TYR W 394 50.18 -25.09 -89.10
C TYR W 394 50.55 -23.66 -89.44
N ASN W 395 51.77 -23.43 -89.91
CA ASN W 395 52.26 -22.07 -90.10
C ASN W 395 52.09 -21.55 -91.53
N TYR W 396 52.10 -22.41 -92.54
CA TYR W 396 52.05 -21.96 -93.93
C TYR W 396 50.83 -22.43 -94.70
N GLY W 397 50.05 -23.36 -94.16
CA GLY W 397 48.88 -23.86 -94.84
C GLY W 397 47.69 -22.91 -94.75
N ASN W 398 46.54 -23.42 -95.15
CA ASN W 398 45.31 -22.63 -95.15
C ASN W 398 44.83 -22.41 -93.72
N PRO W 399 44.66 -21.15 -93.28
CA PRO W 399 44.28 -20.92 -91.88
C PRO W 399 42.92 -21.50 -91.50
N GLU W 400 41.98 -21.60 -92.44
CA GLU W 400 40.61 -21.99 -92.12
C GLU W 400 40.26 -23.40 -92.56
N LYS W 401 41.20 -24.15 -93.12
CA LYS W 401 40.95 -25.52 -93.54
C LYS W 401 42.02 -26.51 -93.13
N GLY W 402 43.24 -26.08 -92.86
CA GLY W 402 44.31 -26.98 -92.49
C GLY W 402 44.25 -27.38 -91.03
N ILE W 403 45.38 -27.94 -90.57
CA ILE W 403 45.47 -28.44 -89.21
C ILE W 403 45.36 -27.32 -88.17
N ARG W 404 45.57 -26.08 -88.57
CA ARG W 404 45.51 -24.94 -87.66
C ARG W 404 44.10 -24.65 -87.18
N SER W 405 43.07 -25.16 -87.85
CA SER W 405 41.71 -24.85 -87.47
C SER W 405 41.23 -25.62 -86.25
N TRP W 406 41.87 -26.74 -85.91
CA TRP W 406 41.45 -27.51 -84.75
C TRP W 406 42.59 -28.00 -83.87
N THR W 407 43.83 -27.57 -84.10
CA THR W 407 44.93 -27.84 -83.18
C THR W 407 45.60 -26.53 -82.78
N LEU W 408 46.40 -26.61 -81.71
CA LEU W 408 47.02 -25.44 -81.12
C LEU W 408 48.47 -25.75 -80.78
N LEU W 409 49.35 -24.78 -81.01
CA LEU W 409 50.77 -24.92 -80.73
C LEU W 409 51.09 -24.34 -79.36
N THR W 410 51.75 -25.12 -78.51
CA THR W 410 52.05 -24.72 -77.14
C THR W 410 53.50 -25.05 -76.80
N THR W 411 53.99 -24.51 -75.69
CA THR W 411 55.32 -24.84 -75.21
C THR W 411 55.38 -26.28 -74.72
N SER W 412 56.52 -26.93 -74.94
CA SER W 412 56.70 -28.31 -74.52
C SER W 412 56.69 -28.42 -72.99
N ASP W 413 55.97 -29.42 -72.48
CA ASP W 413 55.85 -29.65 -71.04
C ASP W 413 56.44 -31.01 -70.71
N VAL W 414 57.65 -31.00 -70.12
CA VAL W 414 58.39 -32.24 -69.89
C VAL W 414 57.73 -33.14 -68.86
N THR W 415 57.01 -32.58 -67.89
CA THR W 415 56.34 -33.42 -66.90
C THR W 415 55.15 -34.18 -67.49
N CYS W 416 54.75 -33.86 -68.72
CA CYS W 416 53.61 -34.45 -69.41
C CYS W 416 52.27 -34.03 -68.82
N GLY W 417 52.25 -32.99 -68.00
CA GLY W 417 51.01 -32.45 -67.47
C GLY W 417 50.66 -33.01 -66.12
N VAL W 418 50.86 -32.23 -65.08
CA VAL W 418 50.57 -32.69 -63.73
C VAL W 418 49.13 -32.31 -63.38
N GLU W 419 48.49 -33.14 -62.58
CA GLU W 419 47.14 -32.88 -62.10
C GLU W 419 47.16 -32.82 -60.57
N GLN W 420 45.97 -32.76 -59.99
CA GLN W 420 45.82 -32.52 -58.56
C GLN W 420 45.85 -33.83 -57.76
N VAL W 421 45.99 -33.70 -56.45
CA VAL W 421 45.91 -34.80 -55.50
C VAL W 421 44.94 -34.42 -54.39
N TYR W 422 44.33 -35.44 -53.77
CA TYR W 422 43.32 -35.26 -52.73
C TYR W 422 43.73 -35.96 -51.44
N TRP W 423 43.48 -35.31 -50.30
CA TRP W 423 43.72 -35.87 -48.97
C TRP W 423 42.41 -36.34 -48.34
N SER W 424 42.46 -37.46 -47.61
CA SER W 424 41.33 -37.97 -46.85
C SER W 424 41.75 -38.35 -45.44
N LEU W 425 40.93 -37.97 -44.45
CA LEU W 425 41.12 -38.37 -43.05
C LEU W 425 39.77 -38.80 -42.47
N PRO W 426 39.26 -39.96 -42.88
CA PRO W 426 37.86 -40.30 -42.58
C PRO W 426 37.55 -40.51 -41.09
N ASP W 427 38.52 -40.83 -40.25
CA ASP W 427 38.26 -41.04 -38.83
C ASP W 427 38.47 -39.80 -37.98
N MET W 428 38.85 -38.68 -38.56
CA MET W 428 39.13 -37.47 -37.78
C MET W 428 38.20 -36.31 -38.12
N MET W 429 38.00 -36.02 -39.41
CA MET W 429 37.20 -34.89 -39.85
C MET W 429 35.78 -35.33 -40.19
N GLN W 430 34.84 -34.39 -40.07
CA GLN W 430 33.50 -34.61 -40.58
C GLN W 430 33.48 -34.53 -42.10
N ASP W 431 32.55 -35.24 -42.72
CA ASP W 431 32.45 -35.25 -44.18
C ASP W 431 31.99 -33.88 -44.68
N PRO W 432 32.66 -33.28 -45.66
CA PRO W 432 32.15 -32.04 -46.26
C PRO W 432 30.85 -32.25 -47.02
N VAL W 433 30.18 -31.13 -47.30
CA VAL W 433 28.80 -31.16 -47.77
C VAL W 433 28.68 -31.90 -49.10
N THR W 434 27.65 -32.74 -49.19
CA THR W 434 27.21 -33.63 -50.29
C THR W 434 28.03 -34.92 -50.41
N PHE W 435 29.11 -35.12 -49.66
CA PHE W 435 29.82 -36.39 -49.68
C PHE W 435 29.10 -37.44 -48.82
N ARG W 436 29.04 -38.67 -49.31
CA ARG W 436 28.46 -39.78 -48.56
C ARG W 436 29.52 -40.47 -47.69
N SER W 437 29.08 -40.95 -46.53
CA SER W 437 29.94 -41.77 -45.68
C SER W 437 30.05 -43.18 -46.24
N THR W 438 31.27 -43.71 -46.27
CA THR W 438 31.51 -45.00 -46.89
C THR W 438 32.83 -45.58 -46.39
N ARG W 439 33.05 -46.86 -46.71
CA ARG W 439 34.31 -47.53 -46.43
C ARG W 439 35.02 -48.00 -47.69
N GLN W 440 34.62 -47.51 -48.86
CA GLN W 440 35.32 -47.81 -50.11
C GLN W 440 36.41 -46.79 -50.35
N VAL W 441 37.62 -47.26 -50.60
CA VAL W 441 38.80 -46.38 -50.66
C VAL W 441 38.68 -45.39 -51.81
N SER W 442 38.23 -45.83 -52.96
CA SER W 442 38.08 -44.90 -54.08
C SER W 442 36.92 -43.93 -53.92
N ASN W 443 36.23 -43.85 -52.78
CA ASN W 443 35.14 -42.89 -52.62
C ASN W 443 35.16 -42.21 -51.26
N TYR W 444 36.32 -42.13 -50.61
CA TYR W 444 36.43 -41.41 -49.35
C TYR W 444 36.12 -39.92 -49.55
N PRO W 445 35.50 -39.27 -48.56
CA PRO W 445 35.33 -37.81 -48.65
C PRO W 445 36.67 -37.08 -48.65
N VAL W 446 36.71 -35.95 -49.35
CA VAL W 446 37.95 -35.22 -49.62
C VAL W 446 38.06 -34.04 -48.68
N VAL W 447 39.20 -33.92 -48.01
CA VAL W 447 39.43 -32.87 -47.01
C VAL W 447 40.39 -31.78 -47.47
N GLY W 448 41.12 -31.99 -48.57
CA GLY W 448 41.99 -30.96 -49.11
C GLY W 448 42.52 -31.36 -50.47
N ALA W 449 43.02 -30.36 -51.20
CA ALA W 449 43.53 -30.57 -52.55
C ALA W 449 44.73 -29.67 -52.83
N GLU W 450 45.61 -30.13 -53.71
CA GLU W 450 46.80 -29.39 -54.13
C GLU W 450 47.35 -30.07 -55.39
N LEU W 451 48.39 -29.47 -55.97
CA LEU W 451 49.03 -30.07 -57.13
C LEU W 451 50.00 -31.17 -56.71
N MET W 452 50.05 -32.23 -57.50
CA MET W 452 51.10 -33.22 -57.35
C MET W 452 52.45 -32.53 -57.54
N PRO W 453 53.38 -32.62 -56.59
CA PRO W 453 54.52 -31.68 -56.54
C PRO W 453 55.69 -32.05 -57.45
N VAL W 454 55.47 -31.93 -58.75
CA VAL W 454 56.48 -32.20 -59.77
C VAL W 454 56.53 -31.00 -60.72
N PHE W 455 57.73 -30.48 -60.97
CA PHE W 455 57.89 -29.23 -61.70
C PHE W 455 58.99 -29.34 -62.75
N SER W 456 58.90 -28.46 -63.74
CA SER W 456 59.88 -28.35 -64.82
C SER W 456 60.95 -27.33 -64.48
N LYS W 457 62.20 -27.61 -64.88
CA LYS W 457 63.31 -26.69 -64.70
C LYS W 457 64.07 -26.54 -66.02
N SER W 458 64.52 -25.32 -66.31
CA SER W 458 65.17 -24.99 -67.57
C SER W 458 66.68 -24.83 -67.42
N PHE W 459 67.41 -25.22 -68.46
CA PHE W 459 68.85 -25.05 -68.54
C PHE W 459 69.22 -24.55 -69.93
N TYR W 460 70.39 -23.93 -70.04
CA TYR W 460 70.88 -23.38 -71.30
C TYR W 460 72.07 -24.21 -71.78
N ASN W 461 72.00 -24.64 -73.04
CA ASN W 461 73.07 -25.44 -73.63
C ASN W 461 73.41 -24.99 -75.05
N HIS W 478 76.33 -45.33 -83.20
CA HIS W 478 75.22 -44.45 -82.84
C HIS W 478 73.88 -45.08 -83.16
N VAL W 479 73.24 -45.65 -82.13
CA VAL W 479 71.92 -46.23 -82.30
C VAL W 479 70.86 -45.17 -82.57
N PHE W 480 71.11 -43.92 -82.17
CA PHE W 480 70.17 -42.83 -82.38
C PHE W 480 70.42 -42.06 -83.67
N ASN W 481 71.33 -42.56 -84.53
CA ASN W 481 71.54 -41.95 -85.85
C ASN W 481 71.94 -43.09 -86.79
N ARG W 482 70.93 -43.70 -87.43
CA ARG W 482 71.11 -44.84 -88.31
C ARG W 482 71.14 -44.46 -89.78
N PHE W 483 70.76 -43.23 -90.12
CA PHE W 483 70.78 -42.75 -91.50
C PHE W 483 71.49 -41.40 -91.51
N PRO W 484 72.80 -41.37 -91.26
CA PRO W 484 73.50 -40.09 -91.18
C PRO W 484 73.44 -39.29 -92.47
N GLU W 485 73.40 -39.96 -93.62
CA GLU W 485 73.44 -39.24 -94.89
C GLU W 485 72.10 -38.60 -95.24
N ASN W 486 70.99 -39.22 -94.87
CA ASN W 486 69.68 -38.81 -95.37
C ASN W 486 69.24 -37.53 -94.67
N GLN W 487 68.94 -36.49 -95.47
CA GLN W 487 68.56 -35.20 -94.91
C GLN W 487 67.22 -35.23 -94.19
N ILE W 488 66.36 -36.19 -94.51
CA ILE W 488 65.06 -36.29 -93.85
C ILE W 488 65.16 -37.13 -92.58
N LEU W 489 65.97 -38.18 -92.61
CA LEU W 489 66.09 -39.14 -91.51
C LEU W 489 67.27 -38.86 -90.61
N ILE W 490 67.93 -37.72 -90.76
CA ILE W 490 69.02 -37.36 -89.86
C ILE W 490 68.48 -37.14 -88.44
N ARG W 491 69.35 -37.33 -87.46
CA ARG W 491 68.98 -37.13 -86.06
C ARG W 491 68.65 -35.66 -85.81
N PRO W 492 67.53 -35.35 -85.16
CA PRO W 492 67.12 -33.96 -85.04
C PRO W 492 68.11 -33.16 -84.22
N PRO W 493 68.28 -31.89 -84.53
CA PRO W 493 69.12 -31.03 -83.68
C PRO W 493 68.49 -30.81 -82.31
N ALA W 494 69.35 -30.61 -81.31
CA ALA W 494 68.92 -30.41 -79.93
C ALA W 494 68.60 -28.93 -79.68
N PRO W 495 67.57 -28.64 -78.90
CA PRO W 495 67.25 -27.24 -78.60
C PRO W 495 68.32 -26.60 -77.73
N THR W 496 68.43 -25.27 -77.86
CA THR W 496 69.30 -24.52 -76.98
C THR W 496 68.73 -24.36 -75.58
N ILE W 497 67.45 -24.71 -75.35
CA ILE W 497 66.83 -24.72 -74.03
C ILE W 497 66.39 -26.15 -73.72
N THR W 498 66.92 -26.71 -72.64
CA THR W 498 66.59 -28.06 -72.20
C THR W 498 65.79 -28.00 -70.90
N THR W 499 64.75 -28.82 -70.79
CA THR W 499 63.91 -28.89 -69.61
C THR W 499 63.88 -30.31 -69.04
N VAL W 500 63.94 -30.40 -67.71
CA VAL W 500 63.88 -31.67 -66.99
C VAL W 500 62.91 -31.50 -65.81
N SER W 501 62.33 -32.61 -65.36
CA SER W 501 61.33 -32.59 -64.31
C SER W 501 61.95 -32.94 -62.95
N GLU W 502 61.45 -32.28 -61.90
CA GLU W 502 61.99 -32.40 -60.55
C GLU W 502 60.88 -32.61 -59.53
N ASN W 503 61.23 -33.29 -58.44
CA ASN W 503 60.34 -33.48 -57.29
C ASN W 503 60.76 -32.50 -56.18
N VAL W 504 59.82 -31.69 -55.72
CA VAL W 504 60.09 -30.66 -54.72
C VAL W 504 59.15 -30.87 -53.53
N PRO W 505 59.65 -30.95 -52.30
CA PRO W 505 58.76 -31.17 -51.15
C PRO W 505 57.76 -30.05 -50.99
N ALA W 506 56.52 -30.42 -50.65
CA ALA W 506 55.39 -29.50 -50.62
C ALA W 506 54.89 -29.32 -49.19
N LEU W 507 54.78 -28.07 -48.75
CA LEU W 507 54.34 -27.70 -47.42
C LEU W 507 53.07 -26.86 -47.57
N THR W 508 51.96 -27.36 -47.07
CA THR W 508 50.65 -26.79 -47.40
C THR W 508 49.81 -26.55 -46.16
N ASP W 509 49.16 -25.39 -46.11
CA ASP W 509 48.17 -25.05 -45.10
C ASP W 509 46.78 -25.17 -45.72
N HIS W 510 45.96 -26.07 -45.19
CA HIS W 510 44.64 -26.35 -45.74
C HIS W 510 43.50 -25.64 -45.01
N GLY W 511 43.80 -24.80 -44.01
CA GLY W 511 42.76 -24.11 -43.26
C GLY W 511 42.11 -24.97 -42.18
N THR W 512 40.98 -24.49 -41.69
CA THR W 512 40.27 -25.10 -40.57
C THR W 512 39.06 -25.88 -41.05
N LEU W 513 38.90 -27.11 -40.56
CA LEU W 513 37.78 -27.99 -40.88
C LEU W 513 37.10 -28.52 -39.61
N PRO W 514 35.79 -28.76 -39.66
CA PRO W 514 35.10 -29.28 -38.48
C PRO W 514 35.59 -30.67 -38.07
N LEU W 515 35.70 -30.86 -36.76
CA LEU W 515 36.34 -32.02 -36.15
C LEU W 515 35.31 -32.87 -35.42
N ARG W 516 35.49 -34.18 -35.43
CA ARG W 516 34.62 -35.07 -34.66
C ARG W 516 34.89 -34.92 -33.16
N SER W 517 33.83 -35.08 -32.36
CA SER W 517 33.95 -34.88 -30.91
C SER W 517 34.69 -36.01 -30.22
N SER W 518 34.68 -37.22 -30.78
CA SER W 518 35.40 -38.35 -30.20
C SER W 518 36.32 -38.94 -31.25
N ILE W 519 37.60 -39.05 -30.91
CA ILE W 519 38.65 -39.45 -31.85
C ILE W 519 39.23 -40.77 -31.35
N ARG W 520 39.21 -41.79 -32.19
CA ARG W 520 39.79 -43.09 -31.86
C ARG W 520 41.32 -43.05 -31.97
N GLY W 521 41.96 -44.00 -31.28
CA GLY W 521 43.40 -44.03 -31.19
C GLY W 521 44.12 -44.42 -32.47
N VAL W 522 43.46 -45.12 -33.39
CA VAL W 522 44.04 -45.52 -34.66
C VAL W 522 43.32 -44.79 -35.78
N GLN W 523 44.11 -44.18 -36.69
CA GLN W 523 43.58 -43.31 -37.72
C GLN W 523 44.09 -43.74 -39.10
N ARG W 524 43.25 -43.53 -40.11
CA ARG W 524 43.58 -43.83 -41.50
C ARG W 524 43.96 -42.56 -42.27
N VAL W 525 45.01 -42.65 -43.07
CA VAL W 525 45.49 -41.54 -43.89
C VAL W 525 45.57 -42.02 -45.34
N THR W 526 44.99 -41.24 -46.26
CA THR W 526 44.92 -41.64 -47.67
C THR W 526 45.20 -40.45 -48.60
N VAL W 527 45.94 -40.73 -49.68
CA VAL W 527 46.23 -39.76 -50.74
C VAL W 527 45.89 -40.40 -52.08
N THR W 528 45.03 -39.75 -52.87
CA THR W 528 44.60 -40.27 -54.17
C THR W 528 44.68 -39.20 -55.26
N ASP W 529 44.72 -39.65 -56.51
CA ASP W 529 44.84 -38.78 -57.67
C ASP W 529 43.45 -38.40 -58.21
N ALA W 530 43.43 -37.80 -59.40
CA ALA W 530 42.19 -37.27 -59.96
C ALA W 530 41.20 -38.37 -60.31
N ARG W 531 41.68 -39.56 -60.69
CA ARG W 531 40.82 -40.69 -60.96
C ARG W 531 40.56 -41.53 -59.71
N ARG W 532 40.98 -41.04 -58.54
CA ARG W 532 40.77 -41.68 -57.24
C ARG W 532 41.51 -43.02 -57.13
N ARG W 533 42.72 -43.09 -57.68
CA ARG W 533 43.66 -44.17 -57.41
C ARG W 533 44.72 -43.68 -56.43
N THR W 534 45.23 -44.59 -55.61
CA THR W 534 46.38 -44.24 -54.78
C THR W 534 47.63 -44.09 -55.65
N CYS W 535 48.58 -43.29 -55.17
CA CYS W 535 49.77 -42.99 -55.94
C CYS W 535 50.97 -43.75 -55.37
N PRO W 536 51.56 -44.68 -56.11
CA PRO W 536 52.72 -45.43 -55.60
C PRO W 536 54.01 -44.62 -55.48
N TYR W 537 54.06 -43.37 -55.93
CA TYR W 537 55.28 -42.59 -55.87
C TYR W 537 55.36 -41.64 -54.67
N VAL W 538 54.39 -41.69 -53.76
CA VAL W 538 54.51 -40.98 -52.49
C VAL W 538 55.38 -41.83 -51.56
N TYR W 539 56.39 -41.21 -50.96
CA TYR W 539 57.18 -41.94 -49.96
C TYR W 539 57.35 -41.20 -48.65
N LYS W 540 56.68 -40.06 -48.46
CA LYS W 540 56.68 -39.37 -47.18
C LYS W 540 55.44 -38.49 -47.10
N ALA W 541 54.66 -38.68 -46.04
CA ALA W 541 53.43 -37.91 -45.83
C ALA W 541 53.19 -37.76 -44.34
N LEU W 542 53.06 -36.51 -43.88
CA LEU W 542 52.81 -36.19 -42.48
C LEU W 542 51.66 -35.20 -42.36
N GLY W 543 50.93 -35.28 -41.26
CA GLY W 543 49.90 -34.31 -40.94
C GLY W 543 50.00 -33.83 -39.52
N ILE W 544 49.65 -32.56 -39.32
CA ILE W 544 49.61 -31.93 -38.01
C ILE W 544 48.30 -31.17 -37.89
N VAL W 545 47.56 -31.43 -36.82
CA VAL W 545 46.24 -30.84 -36.60
C VAL W 545 46.26 -30.06 -35.29
N ALA W 546 45.67 -28.86 -35.31
CA ALA W 546 45.58 -28.00 -34.12
C ALA W 546 44.12 -27.69 -33.79
N PRO W 547 43.50 -28.41 -32.85
CA PRO W 547 42.09 -28.16 -32.54
C PRO W 547 41.85 -26.83 -31.83
N ARG W 548 40.64 -26.29 -32.02
CA ARG W 548 40.17 -25.12 -31.29
C ARG W 548 38.65 -25.04 -31.37
N VAL W 549 38.06 -24.23 -30.48
CA VAL W 549 36.62 -24.11 -30.38
C VAL W 549 36.09 -23.19 -31.48
N LEU W 550 35.02 -23.63 -32.16
CA LEU W 550 34.36 -22.84 -33.19
C LEU W 550 33.09 -22.17 -32.71
N SER W 551 32.19 -22.90 -32.05
CA SER W 551 30.94 -22.31 -31.57
C SER W 551 30.42 -23.13 -30.40
N SER W 552 29.39 -22.60 -29.75
CA SER W 552 28.79 -23.22 -28.58
C SER W 552 27.72 -24.24 -28.99
N ARG W 553 27.54 -25.23 -28.12
CA ARG W 553 26.49 -26.25 -28.23
C ARG W 553 26.69 -27.17 -29.42
N ARG X 48 1.02 -22.59 40.98
CA ARG X 48 2.15 -23.45 41.33
C ARG X 48 2.43 -23.45 42.84
N ASN X 49 1.36 -23.47 43.64
CA ASN X 49 1.54 -23.39 45.09
C ASN X 49 0.61 -24.34 45.85
N SER X 50 0.13 -25.41 45.22
CA SER X 50 -0.80 -26.30 45.87
C SER X 50 -0.07 -27.38 46.68
N ILE X 51 -0.77 -27.94 47.66
CA ILE X 51 -0.25 -28.98 48.54
C ILE X 51 -1.27 -30.11 48.58
N ARG X 52 -0.83 -31.33 48.25
CA ARG X 52 -1.75 -32.45 48.01
C ARG X 52 -1.38 -33.66 48.86
N TYR X 53 -2.41 -34.40 49.27
CA TYR X 53 -2.27 -35.61 50.07
C TYR X 53 -2.77 -36.80 49.25
N SER X 54 -1.96 -37.87 49.21
CA SER X 54 -2.17 -38.93 48.23
C SER X 54 -3.47 -39.70 48.42
N GLU X 55 -4.12 -39.59 49.58
CA GLU X 55 -5.37 -40.31 49.79
C GLU X 55 -6.61 -39.51 49.37
N LEU X 56 -6.46 -38.30 48.84
CA LEU X 56 -7.57 -37.46 48.45
C LEU X 56 -7.52 -37.13 46.97
N SER X 57 -8.70 -37.06 46.33
CA SER X 57 -8.80 -36.76 44.91
C SER X 57 -10.18 -36.22 44.60
N PRO X 58 -10.31 -35.28 43.66
CA PRO X 58 -11.63 -34.71 43.35
C PRO X 58 -12.43 -35.56 42.37
N LEU X 59 -13.75 -35.32 42.35
CA LEU X 59 -14.72 -36.15 41.62
C LEU X 59 -15.28 -35.44 40.39
N TYR X 60 -15.52 -36.22 39.33
CA TYR X 60 -16.03 -35.71 38.07
C TYR X 60 -17.02 -36.67 37.42
N ASP X 61 -17.95 -36.08 36.66
CA ASP X 61 -18.82 -36.66 35.63
C ASP X 61 -19.98 -37.56 36.08
N THR X 62 -19.92 -38.18 37.25
CA THR X 62 -20.98 -39.07 37.72
C THR X 62 -20.58 -39.65 39.06
N THR X 63 -21.58 -40.12 39.82
CA THR X 63 -21.40 -40.70 41.14
C THR X 63 -22.69 -41.41 41.53
N ARG X 64 -22.81 -41.81 42.80
CA ARG X 64 -24.03 -42.42 43.32
C ARG X 64 -24.49 -41.71 44.59
N LEU X 65 -25.80 -41.61 44.77
CA LEU X 65 -26.43 -41.17 46.02
C LEU X 65 -27.37 -42.26 46.50
N TYR X 66 -27.31 -42.59 47.79
CA TYR X 66 -28.09 -43.68 48.36
C TYR X 66 -29.12 -43.15 49.36
N LEU X 67 -30.37 -43.60 49.20
CA LEU X 67 -31.49 -43.22 50.06
C LEU X 67 -31.98 -44.47 50.78
N VAL X 68 -31.57 -44.64 52.03
CA VAL X 68 -31.71 -45.90 52.75
C VAL X 68 -32.52 -45.65 54.02
N ASP X 69 -33.45 -46.56 54.32
CA ASP X 69 -34.45 -46.36 55.35
C ASP X 69 -34.09 -46.94 56.71
N ASN X 70 -32.93 -47.56 56.87
CA ASN X 70 -32.61 -48.23 58.14
C ASN X 70 -31.17 -47.96 58.58
N LYS X 71 -30.71 -46.72 58.46
CA LYS X 71 -29.44 -46.34 59.05
C LYS X 71 -29.57 -46.24 60.57
N SER X 72 -28.55 -46.72 61.29
CA SER X 72 -28.66 -46.87 62.74
C SER X 72 -28.86 -45.54 63.44
N ALA X 73 -28.10 -44.51 63.06
CA ALA X 73 -28.19 -43.22 63.72
C ALA X 73 -29.45 -42.45 63.33
N ASP X 74 -29.91 -42.60 62.09
CA ASP X 74 -31.12 -41.91 61.66
C ASP X 74 -32.36 -42.45 62.37
N ILE X 75 -32.35 -43.72 62.75
CA ILE X 75 -33.49 -44.31 63.45
C ILE X 75 -33.72 -43.60 64.77
N ALA X 76 -32.65 -43.35 65.52
CA ALA X 76 -32.79 -42.83 66.87
C ALA X 76 -33.19 -41.35 66.89
N SER X 77 -32.60 -40.54 66.01
CA SER X 77 -32.71 -39.09 66.13
C SER X 77 -33.60 -38.42 65.10
N LEU X 78 -34.08 -39.14 64.10
CA LEU X 78 -34.88 -38.48 63.06
C LEU X 78 -36.31 -38.99 62.95
N ASN X 79 -36.53 -40.29 63.09
CA ASN X 79 -37.75 -40.92 62.59
C ASN X 79 -38.57 -41.54 63.71
N TYR X 80 -38.67 -40.86 64.85
CA TYR X 80 -39.34 -41.44 66.00
C TYR X 80 -40.83 -41.62 65.77
N GLN X 81 -41.47 -40.70 65.04
CA GLN X 81 -42.90 -40.75 64.79
C GLN X 81 -43.26 -41.14 63.35
N ASN X 82 -42.32 -41.68 62.58
CA ASN X 82 -42.52 -41.95 61.17
C ASN X 82 -42.68 -43.45 60.91
N ASP X 83 -42.94 -43.80 59.65
CA ASP X 83 -42.95 -45.19 59.20
C ASP X 83 -42.29 -45.27 57.82
N HIS X 84 -42.20 -46.49 57.28
CA HIS X 84 -41.44 -46.71 56.06
C HIS X 84 -42.08 -46.09 54.82
N SER X 85 -43.33 -45.64 54.91
CA SER X 85 -43.96 -44.93 53.80
C SER X 85 -43.64 -43.45 53.78
N ASN X 86 -43.12 -42.88 54.87
CA ASN X 86 -42.85 -41.43 54.94
C ASN X 86 -41.79 -41.19 56.02
N PHE X 87 -40.53 -41.01 55.61
CA PHE X 87 -39.43 -40.95 56.56
C PHE X 87 -38.36 -39.99 56.09
N LEU X 88 -37.38 -39.73 56.95
CA LEU X 88 -36.22 -38.89 56.66
C LEU X 88 -34.95 -39.73 56.68
N THR X 89 -33.99 -39.34 55.85
CA THR X 89 -32.71 -40.05 55.79
C THR X 89 -31.61 -39.08 55.40
N THR X 90 -30.38 -39.46 55.69
CA THR X 90 -29.20 -38.65 55.39
C THR X 90 -28.47 -39.22 54.18
N VAL X 91 -28.15 -38.35 53.22
CA VAL X 91 -27.36 -38.78 52.07
C VAL X 91 -25.87 -38.60 52.29
N VAL X 92 -25.45 -38.02 53.42
CA VAL X 92 -24.04 -37.91 53.78
C VAL X 92 -23.63 -39.22 54.45
N GLN X 93 -22.63 -39.90 53.88
CA GLN X 93 -22.19 -41.21 54.35
C GLN X 93 -20.88 -41.14 55.13
N ASN X 94 -20.68 -40.11 55.94
CA ASN X 94 -19.42 -39.85 56.66
C ASN X 94 -19.73 -39.84 58.15
N ASN X 95 -19.23 -40.83 58.88
CA ASN X 95 -19.59 -41.01 60.29
C ASN X 95 -18.81 -40.11 61.24
N ASP X 96 -18.04 -39.14 60.73
CA ASP X 96 -17.46 -38.11 61.58
C ASP X 96 -18.51 -37.14 62.10
N PHE X 97 -19.74 -37.21 61.59
CA PHE X 97 -20.80 -36.26 61.94
C PHE X 97 -22.07 -37.03 62.30
N THR X 98 -22.86 -36.44 63.20
CA THR X 98 -24.19 -36.92 63.50
C THR X 98 -25.18 -36.46 62.43
N PRO X 99 -26.34 -37.12 62.32
CA PRO X 99 -27.33 -36.67 61.33
C PRO X 99 -27.78 -35.23 61.51
N THR X 100 -27.87 -34.76 62.76
CA THR X 100 -28.24 -33.37 62.99
C THR X 100 -27.19 -32.42 62.41
N GLU X 101 -25.91 -32.72 62.63
CA GLU X 101 -24.85 -31.92 62.03
C GLU X 101 -24.87 -32.03 60.51
N ALA X 102 -25.15 -33.23 59.98
CA ALA X 102 -25.16 -33.42 58.53
C ALA X 102 -26.26 -32.63 57.85
N SER X 103 -27.32 -32.29 58.57
CA SER X 103 -28.47 -31.63 57.94
C SER X 103 -28.09 -30.27 57.36
N THR X 104 -27.08 -29.62 57.90
CA THR X 104 -26.66 -28.31 57.39
C THR X 104 -25.63 -28.38 56.28
N GLN X 105 -25.07 -29.55 55.98
CA GLN X 105 -24.09 -29.68 54.91
C GLN X 105 -24.78 -29.82 53.55
N THR X 106 -24.01 -29.61 52.49
CA THR X 106 -24.55 -29.68 51.13
C THR X 106 -23.61 -30.43 50.21
N ILE X 107 -24.18 -30.93 49.11
CA ILE X 107 -23.45 -31.49 47.97
C ILE X 107 -23.77 -30.60 46.77
N ASN X 108 -22.74 -30.16 46.06
CA ASN X 108 -22.91 -29.15 45.01
C ASN X 108 -22.45 -29.67 43.66
N PHE X 109 -23.35 -29.63 42.68
CA PHE X 109 -23.07 -29.99 41.30
C PHE X 109 -22.82 -28.71 40.50
N ASP X 110 -21.79 -28.72 39.65
CA ASP X 110 -21.28 -27.49 39.06
C ASP X 110 -22.38 -26.67 38.40
N GLU X 111 -22.46 -25.40 38.78
CA GLU X 111 -23.57 -24.54 38.38
C GLU X 111 -23.51 -24.10 36.92
N ARG X 112 -22.41 -24.37 36.23
CA ARG X 112 -22.33 -24.08 34.81
C ARG X 112 -22.95 -25.17 33.93
N SER X 113 -23.54 -26.20 34.53
CA SER X 113 -24.26 -27.24 33.79
C SER X 113 -25.63 -27.45 34.44
N ARG X 114 -26.56 -28.00 33.67
CA ARG X 114 -27.81 -28.53 34.19
C ARG X 114 -27.68 -30.04 34.33
N TRP X 115 -28.11 -30.57 35.47
CA TRP X 115 -27.88 -31.96 35.82
C TRP X 115 -29.19 -32.74 35.88
N GLY X 116 -29.11 -34.04 35.56
CA GLY X 116 -30.22 -34.93 35.72
C GLY X 116 -29.81 -36.16 36.50
N GLY X 117 -30.81 -36.87 37.00
CA GLY X 117 -30.57 -38.06 37.80
C GLY X 117 -31.41 -39.25 37.42
N GLN X 118 -30.75 -40.38 37.12
CA GLN X 118 -31.46 -41.62 36.82
C GLN X 118 -31.82 -42.32 38.12
N LEU X 119 -33.09 -42.67 38.28
CA LEU X 119 -33.64 -43.17 39.53
C LEU X 119 -34.06 -44.63 39.43
N LYS X 120 -33.59 -45.45 40.38
CA LYS X 120 -34.02 -46.84 40.52
C LYS X 120 -34.52 -47.06 41.94
N THR X 121 -35.61 -47.82 42.09
CA THR X 121 -36.21 -48.05 43.41
C THR X 121 -36.41 -49.54 43.65
N ILE X 122 -36.45 -49.89 44.94
CA ILE X 122 -36.76 -51.22 45.42
C ILE X 122 -37.83 -51.11 46.51
N MET X 123 -38.91 -51.87 46.38
CA MET X 123 -40.03 -51.80 47.31
C MET X 123 -40.55 -53.19 47.64
N HIS X 124 -40.95 -53.39 48.90
CA HIS X 124 -41.57 -54.64 49.33
C HIS X 124 -42.71 -54.36 50.30
N THR X 125 -43.81 -55.10 50.16
CA THR X 125 -45.03 -54.88 50.94
C THR X 125 -45.48 -56.16 51.63
N ASN X 126 -46.38 -56.03 52.59
CA ASN X 126 -46.97 -57.16 53.30
C ASN X 126 -48.47 -56.97 53.53
N MET X 127 -49.19 -56.55 52.48
CA MET X 127 -50.63 -56.26 52.58
C MET X 127 -51.47 -57.53 52.53
N PRO X 128 -52.41 -57.73 53.46
CA PRO X 128 -53.41 -58.79 53.32
C PRO X 128 -54.61 -58.33 52.51
N ASN X 129 -55.29 -59.30 51.88
CA ASN X 129 -56.31 -58.94 50.91
C ASN X 129 -57.63 -58.45 51.53
N VAL X 130 -57.94 -58.83 52.76
CA VAL X 130 -59.16 -58.36 53.44
C VAL X 130 -58.72 -57.49 54.62
N ASN X 131 -58.93 -56.18 54.50
CA ASN X 131 -58.50 -55.25 55.54
C ASN X 131 -59.35 -53.99 55.49
N GLU X 132 -59.29 -53.23 56.58
CA GLU X 132 -60.13 -52.04 56.73
C GLU X 132 -59.63 -50.86 55.91
N TYR X 133 -58.30 -50.70 55.79
CA TYR X 133 -57.75 -49.50 55.18
C TYR X 133 -58.12 -49.39 53.71
N MET X 134 -58.29 -50.52 53.02
CA MET X 134 -58.57 -50.55 51.59
C MET X 134 -60.04 -50.80 51.28
N PHE X 135 -60.92 -50.74 52.27
CA PHE X 135 -62.37 -50.86 52.09
C PHE X 135 -62.78 -52.22 51.53
N SER X 136 -62.01 -53.27 51.82
CA SER X 136 -62.39 -54.63 51.46
C SER X 136 -62.92 -55.40 52.66
N ASN X 137 -63.43 -54.70 53.65
CA ASN X 137 -63.80 -55.25 54.94
C ASN X 137 -65.29 -55.30 55.18
N LYS X 138 -66.10 -54.63 54.35
CA LYS X 138 -67.49 -54.36 54.71
C LYS X 138 -68.35 -54.26 53.46
N PHE X 139 -69.65 -54.47 53.65
CA PHE X 139 -70.67 -54.28 52.63
C PHE X 139 -72.00 -54.05 53.33
N LYS X 140 -73.01 -53.63 52.55
CA LYS X 140 -74.34 -53.34 53.08
C LYS X 140 -75.38 -54.23 52.41
N ALA X 141 -76.42 -54.58 53.17
CA ALA X 141 -77.49 -55.43 52.66
C ALA X 141 -78.78 -55.14 53.41
N ARG X 142 -79.90 -55.54 52.81
CA ARG X 142 -81.23 -55.35 53.39
C ARG X 142 -81.86 -56.71 53.64
N VAL X 143 -82.19 -56.99 54.90
CA VAL X 143 -82.73 -58.28 55.32
C VAL X 143 -84.02 -58.04 56.11
N MET X 144 -84.68 -59.15 56.47
CA MET X 144 -85.96 -59.10 57.17
C MET X 144 -85.74 -59.12 58.67
N VAL X 145 -86.36 -58.17 59.37
CA VAL X 145 -86.19 -58.03 60.81
C VAL X 145 -87.38 -58.58 61.60
N SER X 146 -88.59 -58.54 61.04
CA SER X 146 -89.76 -59.01 61.77
C SER X 146 -90.78 -59.59 60.79
N ARG X 147 -91.29 -60.77 61.13
CA ARG X 147 -92.52 -61.27 60.56
C ARG X 147 -93.68 -60.78 61.42
N LYS X 148 -94.88 -61.32 61.21
CA LYS X 148 -96.03 -60.91 62.02
C LYS X 148 -95.89 -61.39 63.46
N ASP X 171 -99.88 -61.72 57.25
CA ASP X 171 -98.57 -61.45 57.83
C ASP X 171 -97.98 -60.16 57.27
N ILE X 172 -97.41 -59.34 58.14
CA ILE X 172 -96.74 -58.10 57.77
C ILE X 172 -95.24 -58.28 58.00
N LEU X 173 -94.45 -57.93 56.99
CA LEU X 173 -93.02 -58.17 56.98
C LEU X 173 -92.28 -56.84 56.99
N LYS X 174 -91.25 -56.74 57.82
CA LYS X 174 -90.45 -55.53 57.95
C LYS X 174 -89.00 -55.81 57.57
N TYR X 175 -88.39 -54.88 56.85
CA TYR X 175 -87.01 -55.00 56.38
C TYR X 175 -86.22 -53.76 56.78
N GLU X 176 -84.90 -53.92 56.84
CA GLU X 176 -84.02 -52.82 57.24
C GLU X 176 -82.63 -53.03 56.66
N TRP X 177 -81.91 -51.92 56.49
CA TRP X 177 -80.53 -51.93 56.00
C TRP X 177 -79.55 -52.04 57.17
N PHE X 178 -78.45 -52.76 56.95
CA PHE X 178 -77.38 -52.88 57.91
C PHE X 178 -76.04 -52.86 57.19
N GLU X 179 -74.97 -52.63 57.95
CA GLU X 179 -73.61 -52.76 57.45
C GLU X 179 -72.92 -53.92 58.15
N PHE X 180 -72.29 -54.78 57.38
CA PHE X 180 -71.70 -56.02 57.88
C PHE X 180 -70.17 -55.94 57.81
N ILE X 181 -69.50 -56.50 58.82
CA ILE X 181 -68.05 -56.40 58.97
C ILE X 181 -67.46 -57.79 59.04
N LEU X 182 -66.37 -58.03 58.27
CA LEU X 182 -65.57 -59.25 58.25
C LEU X 182 -64.30 -59.05 59.08
N PRO X 183 -63.74 -60.12 59.64
CA PRO X 183 -62.42 -60.00 60.29
C PRO X 183 -61.29 -60.03 59.28
N GLU X 184 -60.18 -59.40 59.66
CA GLU X 184 -59.08 -59.15 58.73
C GLU X 184 -58.14 -60.36 58.60
N GLY X 185 -57.54 -60.48 57.43
CA GLY X 185 -56.65 -61.59 57.13
C GLY X 185 -56.45 -61.72 55.64
N ASN X 186 -55.68 -62.75 55.27
CA ASN X 186 -55.34 -63.03 53.88
C ASN X 186 -56.00 -64.36 53.49
N PHE X 187 -57.10 -64.27 52.74
CA PHE X 187 -57.95 -65.43 52.50
C PHE X 187 -58.11 -65.68 50.99
N SER X 188 -58.41 -66.94 50.67
CA SER X 188 -58.78 -67.26 49.29
C SER X 188 -60.20 -66.79 49.00
N ALA X 189 -60.58 -66.87 47.72
CA ALA X 189 -61.89 -66.37 47.31
C ALA X 189 -63.03 -67.18 47.91
N THR X 190 -62.89 -68.52 47.94
CA THR X 190 -63.93 -69.35 48.54
C THR X 190 -64.07 -69.08 50.03
N MET X 191 -62.96 -68.96 50.75
CA MET X 191 -63.00 -68.67 52.17
C MET X 191 -63.61 -67.31 52.44
N THR X 192 -63.39 -66.34 51.56
CA THR X 192 -64.00 -65.02 51.74
C THR X 192 -65.52 -65.09 51.62
N ILE X 193 -66.03 -65.88 50.67
CA ILE X 193 -67.47 -66.01 50.49
C ILE X 193 -68.11 -66.69 51.69
N ASP X 194 -67.43 -67.64 52.32
CA ASP X 194 -67.95 -68.23 53.55
C ASP X 194 -68.10 -67.19 54.66
N LEU X 195 -67.14 -66.27 54.77
CA LEU X 195 -67.21 -65.26 55.81
C LEU X 195 -68.36 -64.29 55.58
N MET X 196 -68.67 -63.97 54.32
CA MET X 196 -69.80 -63.08 54.03
C MET X 196 -71.13 -63.74 54.39
N ASN X 197 -71.29 -65.03 54.10
CA ASN X 197 -72.49 -65.75 54.52
C ASN X 197 -72.60 -65.79 56.04
N ASN X 198 -71.48 -66.02 56.72
CA ASN X 198 -71.47 -66.09 58.17
C ASN X 198 -71.89 -64.76 58.80
N ALA X 199 -71.52 -63.64 58.17
CA ALA X 199 -71.93 -62.34 58.69
C ALA X 199 -73.44 -62.14 58.59
N ILE X 200 -74.05 -62.60 57.50
CA ILE X 200 -75.50 -62.49 57.36
C ILE X 200 -76.21 -63.29 58.45
N ILE X 201 -75.73 -64.50 58.71
CA ILE X 201 -76.40 -65.39 59.66
C ILE X 201 -76.29 -64.86 61.08
N ASP X 202 -75.15 -64.27 61.44
CA ASP X 202 -75.00 -63.70 62.78
C ASP X 202 -75.97 -62.56 63.03
N ASN X 203 -76.43 -61.87 61.98
CA ASN X 203 -77.49 -60.89 62.12
C ASN X 203 -78.84 -61.55 62.35
N TYR X 204 -79.06 -62.72 61.77
CA TYR X 204 -80.33 -63.43 61.96
C TYR X 204 -80.40 -64.08 63.34
N LEU X 205 -79.27 -64.28 64.01
CA LEU X 205 -79.28 -64.85 65.36
C LEU X 205 -79.39 -63.80 66.45
N GLU X 206 -79.00 -62.57 66.17
CA GLU X 206 -79.06 -61.48 67.14
C GLU X 206 -80.36 -60.69 67.07
N ILE X 207 -80.84 -60.45 65.85
CA ILE X 207 -82.15 -59.86 65.58
C ILE X 207 -82.86 -60.95 64.79
N GLY X 208 -84.08 -60.70 64.34
CA GLY X 208 -84.65 -61.69 63.46
C GLY X 208 -85.24 -62.85 64.21
N ARG X 209 -84.47 -63.93 64.36
CA ARG X 209 -84.91 -65.17 64.98
C ARG X 209 -85.78 -64.96 66.21
N GLN X 210 -85.40 -64.01 67.08
CA GLN X 210 -86.19 -63.73 68.27
C GLN X 210 -87.42 -62.87 67.98
N ASN X 211 -87.65 -62.48 66.73
CA ASN X 211 -88.81 -61.68 66.35
C ASN X 211 -89.67 -62.39 65.31
N GLY X 212 -89.58 -63.71 65.22
CA GLY X 212 -90.53 -64.49 64.46
C GLY X 212 -90.16 -64.85 63.03
N VAL X 213 -88.94 -64.57 62.58
CA VAL X 213 -88.53 -64.99 61.25
C VAL X 213 -88.00 -66.40 61.31
N LEU X 214 -88.30 -67.19 60.29
CA LEU X 214 -87.90 -68.58 60.24
C LEU X 214 -86.60 -68.74 59.45
N GLU X 215 -85.98 -69.90 59.59
CA GLU X 215 -84.79 -70.19 58.80
C GLU X 215 -85.23 -70.71 57.44
N SER X 216 -86.18 -70.00 56.81
CA SER X 216 -86.54 -70.23 55.43
C SER X 216 -86.87 -68.90 54.74
N ASP X 217 -86.65 -67.78 55.40
CA ASP X 217 -86.87 -66.45 54.84
C ASP X 217 -85.65 -65.55 55.00
N ILE X 218 -84.45 -66.13 55.07
CA ILE X 218 -83.23 -65.36 55.29
C ILE X 218 -83.10 -64.25 54.25
N GLY X 219 -83.00 -64.63 52.98
CA GLY X 219 -83.18 -63.67 51.91
C GLY X 219 -81.93 -63.15 51.22
N VAL X 220 -80.73 -63.42 51.73
CA VAL X 220 -79.49 -63.04 51.07
C VAL X 220 -78.48 -64.18 51.22
N LYS X 221 -78.00 -64.71 50.09
CA LYS X 221 -76.99 -65.75 50.12
C LYS X 221 -76.05 -65.60 48.92
N PHE X 222 -74.77 -65.91 49.14
CA PHE X 222 -73.76 -65.89 48.09
C PHE X 222 -73.41 -67.33 47.70
N ASP X 223 -73.56 -67.66 46.42
CA ASP X 223 -73.43 -69.04 45.95
C ASP X 223 -72.47 -69.09 44.77
N THR X 224 -72.28 -70.30 44.23
CA THR X 224 -71.46 -70.52 43.06
C THR X 224 -72.08 -71.42 41.99
N ARG X 225 -73.30 -71.92 42.22
CA ARG X 225 -73.85 -72.97 41.38
C ARG X 225 -74.64 -72.41 40.20
N ASN X 226 -74.81 -73.26 39.19
CA ASN X 226 -75.66 -72.96 38.04
C ASN X 226 -76.98 -73.70 38.28
N PHE X 227 -77.94 -73.00 38.88
CA PHE X 227 -79.27 -73.57 39.03
C PHE X 227 -79.89 -73.73 37.64
N ARG X 228 -80.87 -74.63 37.54
CA ARG X 228 -81.55 -75.02 36.30
C ARG X 228 -80.66 -75.76 35.31
N LEU X 229 -79.57 -76.37 35.76
CA LEU X 229 -78.74 -77.16 34.85
C LEU X 229 -79.50 -78.38 34.34
N GLY X 230 -80.07 -79.18 35.25
CA GLY X 230 -80.76 -80.38 34.83
C GLY X 230 -82.23 -80.18 34.50
N TRP X 231 -82.57 -78.99 34.03
CA TRP X 231 -83.94 -78.62 33.72
C TRP X 231 -84.48 -79.39 32.53
N ASP X 232 -85.77 -79.69 32.56
CA ASP X 232 -86.44 -80.44 31.51
C ASP X 232 -87.46 -79.57 30.80
N PRO X 233 -87.44 -79.52 29.47
CA PRO X 233 -88.32 -78.57 28.77
C PRO X 233 -89.78 -78.93 28.81
N GLU X 234 -90.14 -80.18 29.15
CA GLU X 234 -91.55 -80.58 29.21
C GLU X 234 -92.13 -80.40 30.61
N THR X 235 -91.52 -81.06 31.60
CA THR X 235 -91.99 -80.96 32.97
C THR X 235 -91.61 -79.65 33.64
N LYS X 236 -90.60 -78.95 33.12
CA LYS X 236 -90.15 -77.66 33.65
C LYS X 236 -89.75 -77.75 35.12
N LEU X 237 -89.11 -78.86 35.49
CA LEU X 237 -88.60 -79.03 36.84
C LEU X 237 -87.22 -79.69 36.76
N ILE X 238 -86.47 -79.57 37.85
CA ILE X 238 -85.13 -80.17 37.92
C ILE X 238 -85.32 -81.66 38.18
N MET X 239 -85.21 -82.47 37.13
CA MET X 239 -85.54 -83.89 37.24
C MET X 239 -84.73 -84.66 38.27
N PRO X 240 -83.42 -84.47 38.42
CA PRO X 240 -82.68 -85.27 39.42
C PRO X 240 -83.15 -85.08 40.85
N GLY X 241 -83.85 -84.00 41.17
CA GLY X 241 -84.27 -83.72 42.53
C GLY X 241 -83.26 -82.99 43.37
N VAL X 242 -82.04 -82.77 42.88
CA VAL X 242 -81.05 -81.95 43.54
C VAL X 242 -80.35 -81.10 42.48
N TYR X 243 -80.05 -79.86 42.84
CA TYR X 243 -79.31 -78.99 41.94
C TYR X 243 -77.88 -79.50 41.76
N THR X 244 -77.34 -79.30 40.56
CA THR X 244 -75.99 -79.78 40.26
C THR X 244 -74.97 -79.10 41.17
N TYR X 245 -74.13 -79.91 41.80
CA TYR X 245 -73.21 -79.44 42.84
C TYR X 245 -71.82 -79.14 42.26
N GLU X 246 -71.79 -78.22 41.28
CA GLU X 246 -70.55 -77.80 40.63
C GLU X 246 -70.45 -76.29 40.62
N ALA X 247 -69.21 -75.80 40.72
CA ALA X 247 -68.96 -74.36 40.78
C ALA X 247 -68.77 -73.79 39.39
N PHE X 248 -69.46 -72.68 39.11
CA PHE X 248 -69.39 -72.02 37.81
C PHE X 248 -68.84 -70.60 37.90
N HIS X 249 -69.41 -69.77 38.77
CA HIS X 249 -69.09 -68.36 38.93
C HIS X 249 -69.82 -67.85 40.17
N PRO X 250 -69.22 -66.97 40.96
CA PRO X 250 -69.92 -66.47 42.16
C PRO X 250 -71.20 -65.74 41.80
N ASP X 251 -72.20 -65.88 42.69
CA ASP X 251 -73.57 -65.51 42.38
C ASP X 251 -74.24 -64.94 43.63
N ILE X 252 -75.32 -64.18 43.41
CA ILE X 252 -76.12 -63.57 44.46
C ILE X 252 -77.55 -64.08 44.34
N VAL X 253 -78.10 -64.57 45.45
CA VAL X 253 -79.46 -65.12 45.50
C VAL X 253 -80.30 -64.29 46.46
N LEU X 254 -81.49 -63.87 46.01
CA LEU X 254 -82.32 -62.92 46.74
C LEU X 254 -83.76 -63.40 46.85
N LEU X 255 -84.43 -62.99 47.95
CA LEU X 255 -85.85 -63.10 48.23
C LEU X 255 -86.51 -61.74 48.08
N PRO X 256 -87.83 -61.69 47.90
CA PRO X 256 -88.50 -60.38 47.72
C PRO X 256 -88.27 -59.45 48.90
N GLY X 257 -88.07 -58.18 48.59
CA GLY X 257 -87.83 -57.17 49.60
C GLY X 257 -86.38 -56.99 50.03
N CYS X 258 -85.44 -57.77 49.51
CA CYS X 258 -84.05 -57.72 49.93
C CYS X 258 -83.17 -57.12 48.84
N GLY X 259 -81.89 -56.95 49.15
CA GLY X 259 -80.93 -56.41 48.21
C GLY X 259 -79.58 -56.22 48.85
N VAL X 260 -78.59 -55.93 48.01
CA VAL X 260 -77.22 -55.65 48.45
C VAL X 260 -76.75 -54.36 47.79
N ASP X 261 -75.82 -53.68 48.45
CA ASP X 261 -75.32 -52.38 47.99
C ASP X 261 -73.80 -52.34 48.14
N PHE X 262 -73.10 -52.14 47.02
CA PHE X 262 -71.64 -52.14 47.00
C PHE X 262 -71.04 -50.76 46.76
N THR X 263 -71.76 -49.70 47.13
CA THR X 263 -71.27 -48.35 46.84
C THR X 263 -69.96 -48.06 47.57
N GLU X 264 -69.82 -48.54 48.80
CA GLU X 264 -68.64 -48.25 49.59
C GLU X 264 -67.86 -49.53 49.91
N SER X 265 -67.65 -50.37 48.89
CA SER X 265 -67.04 -51.68 49.09
C SER X 265 -66.29 -52.09 47.83
N ARG X 266 -65.22 -52.84 48.01
CA ARG X 266 -64.47 -53.39 46.89
C ARG X 266 -64.67 -54.89 46.72
N LEU X 267 -65.63 -55.47 47.43
CA LEU X 267 -65.88 -56.90 47.35
C LEU X 267 -66.62 -57.31 46.08
N SER X 268 -67.17 -56.36 45.31
CA SER X 268 -67.76 -56.72 44.03
C SER X 268 -66.72 -57.15 43.01
N ASN X 269 -65.48 -56.68 43.13
CA ASN X 269 -64.40 -57.15 42.25
C ASN X 269 -64.06 -58.60 42.52
N LEU X 270 -64.07 -59.02 43.78
CA LEU X 270 -63.81 -60.41 44.11
C LEU X 270 -64.94 -61.32 43.63
N LEU X 271 -66.17 -60.81 43.53
CA LEU X 271 -67.28 -61.61 43.04
C LEU X 271 -67.32 -61.68 41.51
N GLY X 272 -66.59 -60.83 40.80
CA GLY X 272 -66.65 -60.83 39.37
C GLY X 272 -67.92 -60.24 38.79
N ILE X 273 -68.50 -59.25 39.44
CA ILE X 273 -69.68 -58.54 38.95
C ILE X 273 -69.35 -57.05 38.92
N ARG X 274 -69.43 -56.44 37.74
CA ARG X 274 -69.06 -55.05 37.55
C ARG X 274 -70.10 -54.31 36.71
N LYS X 275 -70.02 -52.99 36.74
CA LYS X 275 -70.94 -52.14 35.99
C LYS X 275 -70.39 -51.79 34.63
N ARG X 276 -71.27 -51.74 33.62
CA ARG X 276 -70.86 -51.35 32.28
C ARG X 276 -70.57 -49.85 32.17
N HIS X 277 -71.01 -49.05 33.14
CA HIS X 277 -70.70 -47.63 33.22
C HIS X 277 -70.01 -47.41 34.56
N PRO X 278 -68.72 -47.70 34.65
CA PRO X 278 -68.04 -47.75 35.96
C PRO X 278 -67.81 -46.39 36.59
N PHE X 279 -68.00 -45.30 35.87
CA PHE X 279 -67.79 -43.97 36.44
C PHE X 279 -69.06 -43.34 37.01
N GLN X 280 -70.19 -44.04 36.96
CA GLN X 280 -71.43 -43.55 37.56
C GLN X 280 -71.52 -44.05 38.99
N GLU X 281 -71.70 -43.14 39.94
CA GLU X 281 -71.69 -43.49 41.35
C GLU X 281 -72.90 -44.34 41.72
N GLY X 282 -72.70 -45.28 42.64
CA GLY X 282 -73.78 -46.10 43.14
C GLY X 282 -73.87 -47.47 42.50
N PHE X 283 -73.95 -48.52 43.32
CA PHE X 283 -74.03 -49.90 42.85
C PHE X 283 -74.95 -50.67 43.78
N LYS X 284 -76.22 -50.77 43.40
CA LYS X 284 -77.22 -51.49 44.19
C LYS X 284 -77.93 -52.51 43.31
N ILE X 285 -78.16 -53.71 43.85
CA ILE X 285 -78.88 -54.77 43.16
C ILE X 285 -80.02 -55.24 44.06
N MET X 286 -81.25 -55.03 43.63
CA MET X 286 -82.44 -55.37 44.40
C MET X 286 -83.20 -56.51 43.73
N TYR X 287 -84.18 -57.04 44.46
CA TYR X 287 -84.96 -58.17 43.96
C TYR X 287 -85.71 -57.83 42.68
N GLU X 288 -86.13 -56.58 42.53
CA GLU X 288 -86.87 -56.16 41.33
C GLU X 288 -85.99 -56.06 40.10
N ASP X 289 -84.66 -56.00 40.26
CA ASP X 289 -83.77 -55.90 39.12
C ASP X 289 -83.39 -57.26 38.53
N LEU X 290 -83.73 -58.36 39.19
CA LEU X 290 -83.36 -59.70 38.76
C LEU X 290 -84.48 -60.42 38.03
N GLU X 291 -85.29 -59.69 37.26
CA GLU X 291 -86.42 -60.30 36.57
C GLU X 291 -85.95 -61.37 35.59
N GLY X 292 -86.70 -62.48 35.54
CA GLY X 292 -86.36 -63.60 34.71
C GLY X 292 -85.40 -64.59 35.32
N GLY X 293 -84.95 -64.37 36.55
CA GLY X 293 -83.96 -65.23 37.15
C GLY X 293 -84.46 -66.12 38.27
N ASN X 294 -85.76 -66.41 38.28
CA ASN X 294 -86.32 -67.28 39.31
C ASN X 294 -85.73 -68.69 39.21
N ILE X 295 -85.42 -69.27 40.36
CA ILE X 295 -84.81 -70.59 40.44
C ILE X 295 -85.91 -71.65 40.29
N PRO X 296 -85.81 -72.54 39.31
CA PRO X 296 -86.86 -73.56 39.13
C PRO X 296 -86.96 -74.48 40.34
N ALA X 297 -88.19 -74.88 40.66
CA ALA X 297 -88.45 -75.71 41.82
C ALA X 297 -88.05 -77.15 41.56
N LEU X 298 -87.76 -77.87 42.66
CA LEU X 298 -87.49 -79.30 42.66
C LEU X 298 -86.62 -79.77 41.51
N ILE X 364 -95.36 -86.29 39.38
CA ILE X 364 -94.97 -85.05 38.72
C ILE X 364 -95.46 -83.84 39.51
N GLN X 365 -94.87 -83.62 40.68
CA GLN X 365 -95.19 -82.47 41.51
C GLN X 365 -93.92 -81.93 42.17
N PRO X 366 -93.82 -80.62 42.36
CA PRO X 366 -92.61 -80.08 43.00
C PRO X 366 -92.56 -80.43 44.47
N LEU X 367 -91.34 -80.60 44.98
CA LEU X 367 -91.15 -80.74 46.42
C LEU X 367 -91.38 -79.39 47.10
N GLU X 368 -92.16 -79.40 48.17
CA GLU X 368 -92.56 -78.16 48.83
C GLU X 368 -91.85 -77.89 50.14
N LYS X 369 -91.09 -78.85 50.67
CA LYS X 369 -90.43 -78.67 51.95
C LYS X 369 -89.18 -79.55 52.00
N ASP X 370 -88.31 -79.23 52.95
CA ASP X 370 -87.04 -79.92 53.11
C ASP X 370 -87.18 -81.10 54.08
N SER X 371 -86.06 -81.75 54.39
CA SER X 371 -86.09 -82.92 55.26
C SER X 371 -86.56 -82.57 56.67
N LYS X 372 -86.09 -81.44 57.20
CA LYS X 372 -86.43 -81.01 58.55
C LYS X 372 -87.60 -80.02 58.56
N SER X 373 -88.50 -80.12 57.58
CA SER X 373 -89.68 -79.27 57.49
C SER X 373 -89.30 -77.79 57.41
N ARG X 374 -88.60 -77.45 56.33
CA ARG X 374 -88.32 -76.06 55.98
C ARG X 374 -88.94 -75.77 54.62
N SER X 375 -89.66 -74.66 54.54
CA SER X 375 -90.32 -74.29 53.30
C SER X 375 -89.30 -73.94 52.22
N TYR X 376 -89.52 -74.45 51.02
CA TYR X 376 -88.75 -74.04 49.85
C TYR X 376 -89.32 -72.81 49.17
N ASN X 377 -90.42 -72.24 49.69
CA ASN X 377 -91.03 -71.03 49.15
C ASN X 377 -91.53 -71.24 47.72
N VAL X 378 -92.13 -72.40 47.45
CA VAL X 378 -92.70 -72.64 46.13
C VAL X 378 -93.91 -71.75 45.91
N LEU X 379 -94.12 -71.32 44.68
CA LEU X 379 -95.15 -70.37 44.31
C LEU X 379 -96.30 -71.08 43.57
N GLU X 380 -97.25 -70.28 43.10
CA GLU X 380 -98.30 -70.82 42.26
C GLU X 380 -97.73 -71.26 40.91
N ASP X 381 -98.48 -72.11 40.22
CA ASP X 381 -98.12 -72.77 38.97
C ASP X 381 -97.11 -73.88 39.21
N LYS X 382 -96.60 -73.99 40.45
CA LYS X 382 -95.87 -75.17 40.91
C LYS X 382 -94.70 -75.53 40.00
N ILE X 383 -94.02 -74.51 39.46
CA ILE X 383 -92.80 -74.71 38.67
C ILE X 383 -91.63 -73.90 39.21
N ASN X 384 -91.85 -72.63 39.53
CA ASN X 384 -90.78 -71.75 39.95
C ASN X 384 -90.87 -71.41 41.43
N THR X 385 -89.76 -70.96 41.98
CA THR X 385 -89.60 -70.62 43.37
C THR X 385 -89.36 -69.11 43.50
N ALA X 386 -89.68 -68.58 44.69
CA ALA X 386 -89.52 -67.14 44.92
C ALA X 386 -88.07 -66.67 44.87
N TYR X 387 -87.09 -67.56 45.03
CA TYR X 387 -85.69 -67.16 44.98
C TYR X 387 -85.31 -66.72 43.57
N ARG X 388 -84.53 -65.64 43.49
CA ARG X 388 -83.96 -65.16 42.24
C ARG X 388 -82.44 -65.09 42.36
N SER X 389 -81.74 -65.25 41.23
CA SER X 389 -80.28 -65.22 41.24
C SER X 389 -79.76 -64.37 40.08
N TRP X 390 -78.64 -63.68 40.34
CA TRP X 390 -78.04 -62.81 39.33
C TRP X 390 -77.57 -63.61 38.12
N TYR X 391 -76.98 -64.79 38.34
CA TYR X 391 -76.41 -65.55 37.23
C TYR X 391 -77.50 -66.05 36.28
N LEU X 392 -78.63 -66.52 36.82
CA LEU X 392 -79.71 -66.98 35.97
C LEU X 392 -80.30 -65.84 35.16
N SER X 393 -80.45 -64.66 35.78
CA SER X 393 -81.00 -63.52 35.05
C SER X 393 -80.02 -63.01 33.99
N TYR X 394 -78.72 -63.05 34.27
CA TYR X 394 -77.72 -62.61 33.30
C TYR X 394 -77.69 -63.51 32.07
N ASN X 395 -77.80 -64.82 32.27
CA ASN X 395 -77.61 -65.76 31.17
C ASN X 395 -78.91 -66.18 30.48
N TYR X 396 -80.04 -66.21 31.20
CA TYR X 396 -81.28 -66.71 30.63
C TYR X 396 -82.40 -65.68 30.54
N GLY X 397 -82.25 -64.52 31.18
CA GLY X 397 -83.27 -63.50 31.15
C GLY X 397 -83.28 -62.73 29.85
N ASN X 398 -84.03 -61.63 29.86
CA ASN X 398 -84.18 -60.79 28.67
C ASN X 398 -82.89 -60.02 28.42
N PRO X 399 -82.27 -60.14 27.25
CA PRO X 399 -80.99 -59.46 27.01
C PRO X 399 -81.06 -57.94 27.10
N GLU X 400 -82.19 -57.34 26.76
CA GLU X 400 -82.28 -55.88 26.64
C GLU X 400 -83.06 -55.24 27.78
N LYS X 401 -83.52 -56.00 28.76
CA LYS X 401 -84.24 -55.45 29.90
C LYS X 401 -83.78 -55.97 31.25
N GLY X 402 -83.14 -57.14 31.32
CA GLY X 402 -82.71 -57.70 32.58
C GLY X 402 -81.41 -57.09 33.07
N ILE X 403 -80.81 -57.78 34.04
CA ILE X 403 -79.58 -57.31 34.67
C ILE X 403 -78.41 -57.27 33.69
N ARG X 404 -78.50 -58.00 32.58
CA ARG X 404 -77.43 -58.03 31.59
C ARG X 404 -77.26 -56.72 30.84
N SER X 405 -78.24 -55.83 30.87
CA SER X 405 -78.15 -54.59 30.12
C SER X 405 -77.24 -53.56 30.78
N TRP X 406 -76.97 -53.67 32.08
CA TRP X 406 -76.12 -52.70 32.74
C TRP X 406 -75.09 -53.31 33.69
N THR X 407 -74.94 -54.64 33.73
CA THR X 407 -73.86 -55.27 34.47
C THR X 407 -73.07 -56.19 33.54
N LEU X 408 -71.88 -56.57 34.00
CA LEU X 408 -70.93 -57.34 33.21
C LEU X 408 -70.33 -58.44 34.05
N LEU X 409 -70.15 -59.62 33.45
CA LEU X 409 -69.58 -60.78 34.13
C LEU X 409 -68.08 -60.85 33.83
N THR X 410 -67.26 -60.94 34.88
CA THR X 410 -65.80 -60.94 34.74
C THR X 410 -65.21 -62.05 35.62
N THR X 411 -63.93 -62.34 35.39
CA THR X 411 -63.21 -63.30 36.24
C THR X 411 -63.00 -62.74 37.63
N SER X 412 -63.07 -63.61 38.63
CA SER X 412 -62.88 -63.21 40.02
C SER X 412 -61.46 -62.72 40.25
N ASP X 413 -61.33 -61.60 40.97
CA ASP X 413 -60.03 -60.99 41.27
C ASP X 413 -59.84 -60.99 42.78
N VAL X 414 -58.98 -61.90 43.26
CA VAL X 414 -58.82 -62.12 44.70
C VAL X 414 -58.17 -60.92 45.39
N THR X 415 -57.31 -60.17 44.70
CA THR X 415 -56.68 -59.01 45.32
C THR X 415 -57.67 -57.86 45.53
N CYS X 416 -58.88 -57.96 44.99
CA CYS X 416 -59.93 -56.95 45.05
C CYS X 416 -59.60 -55.71 44.22
N GLY X 417 -58.63 -55.79 43.33
CA GLY X 417 -58.32 -54.70 42.43
C GLY X 417 -57.21 -53.80 42.93
N VAL X 418 -56.04 -53.93 42.39
CA VAL X 418 -54.90 -53.13 42.83
C VAL X 418 -54.84 -51.87 41.98
N GLU X 419 -54.39 -50.78 42.59
CA GLU X 419 -54.20 -49.52 41.90
C GLU X 419 -52.74 -49.11 42.00
N GLN X 420 -52.43 -47.89 41.56
CA GLN X 420 -51.07 -47.42 41.42
C GLN X 420 -50.56 -46.78 42.71
N VAL X 421 -49.23 -46.58 42.77
CA VAL X 421 -48.57 -45.87 43.85
C VAL X 421 -47.66 -44.80 43.25
N TYR X 422 -47.42 -43.74 44.02
CA TYR X 422 -46.63 -42.59 43.57
C TYR X 422 -45.43 -42.36 44.50
N TRP X 423 -44.29 -42.02 43.91
CA TRP X 423 -43.07 -41.66 44.63
C TRP X 423 -42.86 -40.15 44.65
N SER X 424 -42.38 -39.62 45.78
CA SER X 424 -42.02 -38.21 45.91
C SER X 424 -40.64 -38.05 46.55
N LEU X 425 -39.83 -37.17 45.98
CA LEU X 425 -38.52 -36.79 46.55
C LEU X 425 -38.38 -35.28 46.51
N PRO X 426 -39.10 -34.55 47.36
CA PRO X 426 -39.21 -33.09 47.19
C PRO X 426 -37.91 -32.32 47.41
N ASP X 427 -36.94 -32.85 48.15
CA ASP X 427 -35.69 -32.13 48.38
C ASP X 427 -34.58 -32.47 47.38
N MET X 428 -34.84 -33.35 46.42
CA MET X 428 -33.81 -33.76 45.49
C MET X 428 -34.14 -33.42 44.04
N MET X 429 -35.34 -33.70 43.57
CA MET X 429 -35.74 -33.48 42.19
C MET X 429 -36.49 -32.15 42.04
N GLN X 430 -36.42 -31.58 40.85
CA GLN X 430 -37.27 -30.45 40.51
C GLN X 430 -38.70 -30.90 40.29
N ASP X 431 -39.65 -30.01 40.56
CA ASP X 431 -41.06 -30.34 40.38
C ASP X 431 -41.39 -30.51 38.90
N PRO X 432 -42.05 -31.59 38.51
CA PRO X 432 -42.51 -31.72 37.11
C PRO X 432 -43.58 -30.70 36.76
N VAL X 433 -43.79 -30.54 35.46
CA VAL X 433 -44.58 -29.42 34.93
C VAL X 433 -46.02 -29.46 35.45
N THR X 434 -46.52 -28.28 35.85
CA THR X 434 -47.82 -27.92 36.40
C THR X 434 -48.00 -28.27 37.89
N PHE X 435 -47.05 -28.95 38.54
CA PHE X 435 -47.14 -29.19 39.98
C PHE X 435 -46.71 -27.95 40.75
N ARG X 436 -47.41 -27.64 41.83
CA ARG X 436 -47.05 -26.53 42.73
C ARG X 436 -46.10 -27.01 43.83
N SER X 437 -45.18 -26.12 44.22
CA SER X 437 -44.32 -26.38 45.37
C SER X 437 -45.10 -26.19 46.66
N THR X 438 -44.94 -27.12 47.60
CA THR X 438 -45.72 -27.10 48.82
C THR X 438 -45.04 -27.94 49.89
N ARG X 439 -45.54 -27.82 51.12
CA ARG X 439 -45.10 -28.64 52.23
C ARG X 439 -46.22 -29.51 52.81
N GLN X 440 -47.33 -29.65 52.10
CA GLN X 440 -48.42 -30.53 52.52
C GLN X 440 -48.19 -31.92 51.95
N VAL X 441 -48.24 -32.94 52.81
CA VAL X 441 -47.84 -34.28 52.42
C VAL X 441 -48.77 -34.84 51.35
N SER X 442 -50.07 -34.62 51.48
CA SER X 442 -50.98 -35.13 50.47
C SER X 442 -50.93 -34.34 49.15
N ASN X 443 -50.00 -33.42 48.93
CA ASN X 443 -49.92 -32.71 47.67
C ASN X 443 -48.49 -32.56 47.17
N TYR X 444 -47.57 -33.44 47.59
CA TYR X 444 -46.20 -33.41 47.07
C TYR X 444 -46.19 -33.66 45.56
N PRO X 445 -45.28 -33.04 44.82
CA PRO X 445 -45.12 -33.38 43.40
C PRO X 445 -44.66 -34.83 43.21
N VAL X 446 -45.10 -35.44 42.12
CA VAL X 446 -44.94 -36.86 41.86
C VAL X 446 -43.79 -37.09 40.89
N VAL X 447 -42.86 -37.96 41.26
CA VAL X 447 -41.65 -38.21 40.48
C VAL X 447 -41.66 -39.57 39.78
N GLY X 448 -42.57 -40.47 40.13
CA GLY X 448 -42.69 -41.75 39.45
C GLY X 448 -43.93 -42.49 39.88
N ALA X 449 -44.31 -43.48 39.07
CA ALA X 449 -45.52 -44.26 39.33
C ALA X 449 -45.32 -45.71 38.92
N GLU X 450 -46.05 -46.61 39.58
CA GLU X 450 -46.03 -48.04 39.28
C GLU X 450 -47.22 -48.68 40.00
N LEU X 451 -47.42 -49.97 39.77
CA LEU X 451 -48.48 -50.70 40.46
C LEU X 451 -48.06 -51.09 41.86
N MET X 452 -49.00 -51.02 42.80
CA MET X 452 -48.80 -51.59 44.11
C MET X 452 -48.53 -53.09 43.95
N PRO X 453 -47.42 -53.62 44.46
CA PRO X 453 -46.92 -54.94 44.01
C PRO X 453 -47.58 -56.14 44.69
N VAL X 454 -48.85 -56.36 44.38
CA VAL X 454 -49.63 -57.48 44.90
C VAL X 454 -50.28 -58.18 43.73
N PHE X 455 -50.15 -59.50 43.66
CA PHE X 455 -50.57 -60.27 42.49
C PHE X 455 -51.33 -61.53 42.90
N SER X 456 -52.13 -62.02 41.95
CA SER X 456 -52.90 -63.24 42.12
C SER X 456 -52.12 -64.45 41.59
N LYS X 457 -52.27 -65.59 42.27
CA LYS X 457 -51.66 -66.84 41.84
C LYS X 457 -52.70 -67.95 41.86
N SER X 458 -52.64 -68.84 40.86
CA SER X 458 -53.63 -69.90 40.69
C SER X 458 -53.09 -71.26 41.11
N PHE X 459 -53.99 -72.10 41.64
CA PHE X 459 -53.68 -73.47 41.99
C PHE X 459 -54.82 -74.37 41.54
N TYR X 460 -54.54 -75.65 41.38
CA TYR X 460 -55.51 -76.64 40.93
C TYR X 460 -55.85 -77.58 42.09
N ASN X 461 -57.15 -77.75 42.34
CA ASN X 461 -57.60 -78.63 43.43
C ASN X 461 -58.80 -79.48 43.01
N HIS X 478 -69.72 -77.83 62.15
CA HIS X 478 -69.47 -77.02 60.97
C HIS X 478 -70.20 -75.68 61.03
N VAL X 479 -69.49 -74.63 61.42
CA VAL X 479 -70.08 -73.31 61.46
C VAL X 479 -70.38 -72.78 60.06
N PHE X 480 -69.71 -73.29 59.04
CA PHE X 480 -69.92 -72.86 57.66
C PHE X 480 -70.96 -73.71 56.92
N ASN X 481 -71.64 -74.62 57.63
CA ASN X 481 -72.73 -75.39 57.02
C ASN X 481 -73.76 -75.64 58.14
N ARG X 482 -74.72 -74.73 58.27
CA ARG X 482 -75.73 -74.77 59.31
C ARG X 482 -77.05 -75.34 58.83
N PHE X 483 -77.24 -75.51 57.53
CA PHE X 483 -78.45 -76.09 56.96
C PHE X 483 -78.04 -77.16 55.97
N PRO X 484 -77.48 -78.27 56.45
CA PRO X 484 -77.00 -79.31 55.53
C PRO X 484 -78.09 -79.88 54.64
N GLU X 485 -79.32 -79.96 55.13
CA GLU X 485 -80.39 -80.60 54.37
C GLU X 485 -80.91 -79.71 53.25
N ASN X 486 -80.94 -78.39 53.46
CA ASN X 486 -81.65 -77.49 52.55
C ASN X 486 -80.85 -77.32 51.27
N GLN X 487 -81.49 -77.61 50.13
CA GLN X 487 -80.80 -77.54 48.84
C GLN X 487 -80.44 -76.11 48.45
N ILE X 488 -81.14 -75.11 48.98
CA ILE X 488 -80.82 -73.72 48.67
C ILE X 488 -79.76 -73.17 49.60
N LEU X 489 -79.79 -73.57 50.87
CA LEU X 489 -78.90 -73.04 51.90
C LEU X 489 -77.70 -73.93 52.17
N ILE X 490 -77.47 -74.94 51.33
CA ILE X 490 -76.29 -75.77 51.48
C ILE X 490 -75.03 -74.95 51.20
N ARG X 491 -73.92 -75.39 51.80
CA ARG X 491 -72.64 -74.72 51.60
C ARG X 491 -72.19 -74.83 50.15
N PRO X 492 -71.79 -73.73 49.51
CA PRO X 492 -71.51 -73.78 48.07
C PRO X 492 -70.34 -74.69 47.78
N PRO X 493 -70.35 -75.36 46.64
CA PRO X 493 -69.18 -76.14 46.23
C PRO X 493 -67.99 -75.25 45.91
N ALA X 494 -66.79 -75.80 46.14
CA ALA X 494 -65.53 -75.09 45.92
C ALA X 494 -65.09 -75.20 44.47
N PRO X 495 -64.54 -74.14 43.88
CA PRO X 495 -64.07 -74.23 42.50
C PRO X 495 -62.86 -75.14 42.37
N THR X 496 -62.71 -75.72 41.19
CA THR X 496 -61.52 -76.50 40.88
C THR X 496 -60.28 -75.62 40.65
N ILE X 497 -60.45 -74.30 40.54
CA ILE X 497 -59.34 -73.35 40.44
C ILE X 497 -59.42 -72.41 41.63
N THR X 498 -58.37 -72.38 42.45
CA THR X 498 -58.28 -71.52 43.61
C THR X 498 -57.22 -70.44 43.40
N THR X 499 -57.53 -69.21 43.78
CA THR X 499 -56.61 -68.08 43.65
C THR X 499 -56.34 -67.43 44.99
N VAL X 500 -55.08 -67.06 45.24
CA VAL X 500 -54.64 -66.39 46.44
C VAL X 500 -53.73 -65.22 46.05
N SER X 501 -53.64 -64.22 46.90
CA SER X 501 -52.87 -63.02 46.62
C SER X 501 -51.50 -63.07 47.29
N GLU X 502 -50.49 -62.53 46.60
CA GLU X 502 -49.09 -62.59 47.03
C GLU X 502 -48.44 -61.23 46.92
N ASN X 503 -47.44 -61.00 47.78
CA ASN X 503 -46.59 -59.81 47.73
C ASN X 503 -45.26 -60.18 47.09
N VAL X 504 -44.87 -59.47 46.03
CA VAL X 504 -43.66 -59.76 45.26
C VAL X 504 -42.80 -58.50 45.24
N PRO X 505 -41.52 -58.57 45.61
CA PRO X 505 -40.68 -57.36 45.59
C PRO X 505 -40.55 -56.78 44.19
N ALA X 506 -40.60 -55.45 44.12
CA ALA X 506 -40.66 -54.72 42.85
C ALA X 506 -39.38 -53.92 42.64
N LEU X 507 -38.76 -54.11 41.49
CA LEU X 507 -37.52 -53.43 41.10
C LEU X 507 -37.80 -52.62 39.85
N THR X 508 -37.69 -51.30 39.94
CA THR X 508 -38.21 -50.40 38.91
C THR X 508 -37.18 -49.37 38.50
N ASP X 509 -37.07 -49.15 37.18
CA ASP X 509 -36.27 -48.07 36.61
C ASP X 509 -37.22 -46.97 36.15
N HIS X 510 -37.07 -45.78 36.73
CA HIS X 510 -37.97 -44.66 36.46
C HIS X 510 -37.40 -43.66 35.45
N GLY X 511 -36.23 -43.91 34.87
CA GLY X 511 -35.64 -42.99 33.93
C GLY X 511 -34.93 -41.81 34.58
N THR X 512 -34.62 -40.81 33.77
CA THR X 512 -33.85 -39.64 34.18
C THR X 512 -34.75 -38.43 34.43
N LEU X 513 -34.55 -37.75 35.55
CA LEU X 513 -35.28 -36.55 35.92
C LEU X 513 -34.34 -35.40 36.28
N PRO X 514 -34.73 -34.15 36.02
CA PRO X 514 -33.87 -33.02 36.36
C PRO X 514 -33.63 -32.88 37.86
N LEU X 515 -32.40 -32.56 38.21
CA LEU X 515 -31.89 -32.57 39.57
C LEU X 515 -31.59 -31.15 40.04
N ARG X 516 -31.81 -30.89 41.33
CA ARG X 516 -31.45 -29.59 41.89
C ARG X 516 -29.93 -29.45 42.01
N SER X 517 -29.45 -28.21 41.84
CA SER X 517 -28.00 -27.96 41.83
C SER X 517 -27.38 -28.07 43.22
N SER X 518 -28.14 -27.83 44.27
CA SER X 518 -27.63 -27.94 45.63
C SER X 518 -28.52 -28.88 46.42
N ILE X 519 -27.93 -29.89 47.02
CA ILE X 519 -28.64 -30.97 47.69
C ILE X 519 -28.28 -30.93 49.18
N ARG X 520 -29.28 -30.81 50.04
CA ARG X 520 -29.07 -30.81 51.47
C ARG X 520 -28.80 -32.23 51.98
N GLY X 521 -28.18 -32.30 53.17
CA GLY X 521 -27.76 -33.57 53.74
C GLY X 521 -28.87 -34.46 54.23
N VAL X 522 -30.04 -33.90 54.55
CA VAL X 522 -31.18 -34.66 55.03
C VAL X 522 -32.29 -34.58 53.98
N GLN X 523 -32.85 -35.73 53.62
CA GLN X 523 -33.79 -35.86 52.52
C GLN X 523 -35.07 -36.56 52.97
N ARG X 524 -36.20 -36.18 52.38
CA ARG X 524 -37.50 -36.78 52.66
C ARG X 524 -37.89 -37.75 51.55
N VAL X 525 -38.42 -38.91 51.94
CA VAL X 525 -38.89 -39.94 51.02
C VAL X 525 -40.34 -40.28 51.35
N THR X 526 -41.21 -40.27 50.33
CA THR X 526 -42.64 -40.48 50.53
C THR X 526 -43.23 -41.40 49.46
N VAL X 527 -44.14 -42.28 49.88
CA VAL X 527 -44.89 -43.17 49.00
C VAL X 527 -46.38 -43.03 49.34
N THR X 528 -47.21 -42.70 48.35
CA THR X 528 -48.65 -42.52 48.55
C THR X 528 -49.45 -43.26 47.49
N ASP X 529 -50.73 -43.50 47.81
CA ASP X 529 -51.64 -44.23 46.93
C ASP X 529 -52.41 -43.27 46.02
N ALA X 530 -53.44 -43.79 45.35
CA ALA X 530 -54.17 -43.01 44.36
C ALA X 530 -54.94 -41.86 44.98
N ARG X 531 -55.41 -42.02 46.21
CA ARG X 531 -56.10 -40.95 46.94
C ARG X 531 -55.13 -40.08 47.73
N ARG X 532 -53.82 -40.28 47.54
CA ARG X 532 -52.75 -39.51 48.18
C ARG X 532 -52.72 -39.71 49.70
N ARG X 533 -52.98 -40.92 50.15
CA ARG X 533 -52.70 -41.34 51.52
C ARG X 533 -51.41 -42.17 51.54
N THR X 534 -50.68 -42.10 52.66
CA THR X 534 -49.56 -43.01 52.83
C THR X 534 -50.07 -44.43 53.06
N CYS X 535 -49.23 -45.40 52.72
CA CYS X 535 -49.61 -46.80 52.81
C CYS X 535 -48.94 -47.47 53.99
N PRO X 536 -49.68 -47.92 55.00
CA PRO X 536 -49.05 -48.56 56.17
C PRO X 536 -48.49 -49.95 55.90
N TYR X 537 -48.66 -50.53 54.72
CA TYR X 537 -48.17 -51.86 54.45
C TYR X 537 -46.83 -51.90 53.71
N VAL X 538 -46.20 -50.75 53.48
CA VAL X 538 -44.83 -50.73 53.00
C VAL X 538 -43.89 -50.95 54.17
N TYR X 539 -42.96 -51.90 54.05
CA TYR X 539 -41.97 -52.07 55.09
C TYR X 539 -40.53 -52.09 54.58
N LYS X 540 -40.29 -51.82 53.31
CA LYS X 540 -38.94 -51.67 52.78
C LYS X 540 -39.00 -50.82 51.53
N ALA X 541 -38.21 -49.74 51.51
CA ALA X 541 -38.15 -48.83 50.38
C ALA X 541 -36.76 -48.23 50.28
N LEU X 542 -36.12 -48.38 49.12
CA LEU X 542 -34.79 -47.86 48.86
C LEU X 542 -34.76 -47.11 47.54
N GLY X 543 -33.89 -46.12 47.44
CA GLY X 543 -33.66 -45.40 46.21
C GLY X 543 -32.18 -45.24 45.93
N ILE X 544 -31.85 -45.28 44.64
CA ILE X 544 -30.48 -45.08 44.16
C ILE X 544 -30.54 -44.12 42.98
N VAL X 545 -29.74 -43.04 43.06
CA VAL X 545 -29.73 -41.99 42.05
C VAL X 545 -28.33 -41.89 41.46
N ALA X 546 -28.26 -41.76 40.13
CA ALA X 546 -27.00 -41.61 39.41
C ALA X 546 -26.97 -40.30 38.62
N PRO X 547 -26.34 -39.24 39.14
CA PRO X 547 -26.34 -37.95 38.42
C PRO X 547 -25.47 -37.96 37.17
N ARG X 548 -25.84 -37.11 36.22
CA ARG X 548 -25.03 -36.86 35.03
C ARG X 548 -25.46 -35.54 34.39
N VAL X 549 -24.60 -35.03 33.52
CA VAL X 549 -24.81 -33.72 32.87
C VAL X 549 -25.82 -33.87 31.74
N LEU X 550 -26.80 -32.96 31.69
CA LEU X 550 -27.80 -32.92 30.62
C LEU X 550 -27.51 -31.86 29.57
N SER X 551 -27.24 -30.61 29.98
CA SER X 551 -26.95 -29.56 29.03
C SER X 551 -26.14 -28.47 29.71
N SER X 552 -25.65 -27.53 28.89
CA SER X 552 -24.81 -26.45 29.35
C SER X 552 -25.63 -25.27 29.87
N ARG X 553 -25.04 -24.53 30.80
CA ARG X 553 -25.58 -23.30 31.35
C ARG X 553 -26.85 -23.52 32.16
N ARG Y 48 5.01 8.71 45.78
CA ARG Y 48 3.88 8.59 46.70
C ARG Y 48 4.32 8.12 48.09
N ASN Y 49 5.45 8.64 48.57
CA ASN Y 49 6.00 8.20 49.84
C ASN Y 49 6.54 9.33 50.70
N SER Y 50 6.07 10.57 50.49
CA SER Y 50 6.59 11.70 51.22
C SER Y 50 5.85 11.90 52.55
N ILE Y 51 6.51 12.56 53.48
CA ILE Y 51 5.97 12.85 54.81
C ILE Y 51 6.18 14.33 55.10
N ARG Y 52 5.09 15.04 55.41
CA ARG Y 52 5.09 16.50 55.46
C ARG Y 52 4.57 17.03 56.80
N TYR Y 53 5.14 18.14 57.24
CA TYR Y 53 4.78 18.81 58.48
C TYR Y 53 4.18 20.17 58.14
N SER Y 54 3.03 20.48 58.73
CA SER Y 54 2.21 21.60 58.27
C SER Y 54 2.87 22.96 58.46
N GLU Y 55 3.91 23.07 59.29
CA GLU Y 55 4.57 24.35 59.48
C GLU Y 55 5.71 24.62 58.51
N LEU Y 56 5.98 23.70 57.57
CA LEU Y 56 7.08 23.85 56.63
C LEU Y 56 6.56 23.85 55.20
N SER Y 57 7.19 24.67 54.34
CA SER Y 57 6.81 24.79 52.93
C SER Y 57 7.98 25.31 52.12
N PRO Y 58 8.15 24.87 50.87
CA PRO Y 58 9.29 25.33 50.07
C PRO Y 58 9.03 26.67 49.38
N LEU Y 59 10.11 27.32 48.96
CA LEU Y 59 10.10 28.69 48.46
C LEU Y 59 10.34 28.75 46.95
N TYR Y 60 9.67 29.70 46.29
CA TYR Y 60 9.76 29.87 44.84
C TYR Y 60 9.73 31.36 44.45
N ASP Y 61 10.40 31.65 43.33
CA ASP Y 61 10.31 32.83 42.47
C ASP Y 61 10.91 34.14 42.97
N THR Y 62 11.05 34.34 44.28
CA THR Y 62 11.59 35.59 44.82
C THR Y 62 11.58 35.52 46.34
N THR Y 63 12.40 36.34 46.97
CA THR Y 63 12.56 36.40 48.43
C THR Y 63 13.34 37.68 48.77
N ARG Y 64 13.77 37.81 50.02
CA ARG Y 64 14.58 38.93 50.46
C ARG Y 64 15.83 38.43 51.18
N LEU Y 65 16.94 39.15 51.00
CA LEU Y 65 18.17 38.96 51.76
C LEU Y 65 18.53 40.28 52.44
N TYR Y 66 18.88 40.24 53.72
CA TYR Y 66 19.14 41.44 54.50
C TYR Y 66 20.61 41.50 54.93
N LEU Y 67 21.24 42.65 54.70
CA LEU Y 67 22.65 42.89 55.04
C LEU Y 67 22.68 44.01 56.08
N VAL Y 68 22.83 43.63 57.35
CA VAL Y 68 22.62 44.53 58.47
C VAL Y 68 23.89 44.60 59.31
N ASP Y 69 24.24 45.81 59.74
CA ASP Y 69 25.55 46.08 60.33
C ASP Y 69 25.57 46.03 61.85
N ASN Y 70 24.45 45.73 62.53
CA ASN Y 70 24.42 45.79 63.99
C ASN Y 70 23.69 44.59 64.59
N LYS Y 71 23.93 43.40 64.07
CA LYS Y 71 23.42 42.20 64.73
C LYS Y 71 24.23 41.91 65.98
N SER Y 72 23.54 41.47 67.04
CA SER Y 72 24.18 41.38 68.36
C SER Y 72 25.31 40.36 68.37
N ALA Y 73 25.09 39.18 67.79
CA ALA Y 73 26.11 38.14 67.81
C ALA Y 73 27.26 38.43 66.85
N ASP Y 74 26.99 39.08 65.72
CA ASP Y 74 28.06 39.40 64.78
C ASP Y 74 29.01 40.44 65.34
N ILE Y 75 28.52 41.33 66.21
CA ILE Y 75 29.37 42.35 66.82
C ILE Y 75 30.47 41.71 67.64
N ALA Y 76 30.13 40.70 68.44
CA ALA Y 76 31.09 40.12 69.37
C ALA Y 76 32.14 39.26 68.68
N SER Y 77 31.74 38.45 67.70
CA SER Y 77 32.61 37.40 67.18
C SER Y 77 33.16 37.66 65.79
N LEU Y 78 32.73 38.70 65.09
CA LEU Y 78 33.22 38.91 63.72
C LEU Y 78 33.96 40.21 63.51
N ASN Y 79 33.53 41.30 64.13
CA ASN Y 79 33.90 42.64 63.69
C ASN Y 79 34.68 43.41 64.74
N TYR Y 80 35.60 42.72 65.44
CA TYR Y 80 36.30 43.36 66.55
C TYR Y 80 37.22 44.49 66.07
N GLN Y 81 37.84 44.33 64.91
CA GLN Y 81 38.77 45.32 64.38
C GLN Y 81 38.22 46.12 63.20
N ASN Y 82 36.91 46.09 62.96
CA ASN Y 82 36.30 46.69 61.78
C ASN Y 82 35.55 47.98 62.15
N ASP Y 83 35.03 48.65 61.12
CA ASP Y 83 34.13 49.78 61.32
C ASP Y 83 33.01 49.71 60.29
N HIS Y 84 32.09 50.68 60.33
CA HIS Y 84 30.88 50.60 59.52
C HIS Y 84 31.13 50.78 58.04
N SER Y 85 32.33 51.20 57.64
CA SER Y 85 32.68 51.29 56.23
C SER Y 85 33.19 49.97 55.66
N ASN Y 86 33.56 49.00 56.50
CA ASN Y 86 34.12 47.73 56.01
C ASN Y 86 33.92 46.67 57.10
N PHE Y 87 32.91 45.82 56.95
CA PHE Y 87 32.52 44.90 58.02
C PHE Y 87 32.00 43.59 57.43
N LEU Y 88 31.79 42.62 58.31
CA LEU Y 88 31.24 41.32 57.97
C LEU Y 88 29.86 41.15 58.62
N THR Y 89 28.98 40.42 57.94
CA THR Y 89 27.65 40.16 58.48
C THR Y 89 27.16 38.80 57.99
N THR Y 90 26.16 38.27 58.68
CA THR Y 90 25.58 36.98 58.33
C THR Y 90 24.21 37.18 57.67
N VAL Y 91 24.00 36.52 56.54
CA VAL Y 91 22.70 36.56 55.88
C VAL Y 91 21.77 35.44 56.34
N VAL Y 92 22.26 34.52 57.17
CA VAL Y 92 21.40 33.49 57.78
C VAL Y 92 20.72 34.09 59.01
N GLN Y 93 19.40 34.08 59.01
CA GLN Y 93 18.60 34.70 60.08
C GLN Y 93 18.00 33.67 61.03
N ASN Y 94 18.73 32.61 61.36
CA ASN Y 94 18.24 31.49 62.17
C ASN Y 94 19.12 31.38 63.40
N ASN Y 95 18.55 31.67 64.57
CA ASN Y 95 19.33 31.75 65.80
C ASN Y 95 19.62 30.40 66.44
N ASP Y 96 19.32 29.29 65.76
CA ASP Y 96 19.79 27.99 66.22
C ASP Y 96 21.29 27.80 66.02
N PHE Y 97 21.96 28.73 65.33
CA PHE Y 97 23.37 28.61 65.00
C PHE Y 97 24.09 29.91 65.35
N THR Y 98 25.36 29.79 65.72
CA THR Y 98 26.23 30.94 65.88
C THR Y 98 26.74 31.42 64.53
N PRO Y 99 27.22 32.66 64.44
CA PRO Y 99 27.76 33.14 63.15
C PRO Y 99 28.90 32.31 62.61
N THR Y 100 29.75 31.77 63.48
CA THR Y 100 30.83 30.90 63.04
C THR Y 100 30.28 29.64 62.36
N GLU Y 101 29.28 29.02 62.97
CA GLU Y 101 28.63 27.87 62.34
C GLU Y 101 27.93 28.26 61.04
N ALA Y 102 27.31 29.44 61.02
CA ALA Y 102 26.58 29.88 59.84
C ALA Y 102 27.50 30.11 58.65
N SER Y 103 28.79 30.38 58.90
CA SER Y 103 29.70 30.73 57.81
C SER Y 103 29.86 29.58 56.82
N THR Y 104 29.68 28.34 57.25
CA THR Y 104 29.81 27.20 56.35
C THR Y 104 28.53 26.83 55.63
N GLN Y 105 27.39 27.42 55.98
CA GLN Y 105 26.13 27.10 55.32
C GLN Y 105 25.98 27.91 54.03
N THR Y 106 25.05 27.47 53.18
CA THR Y 106 24.84 28.13 51.89
C THR Y 106 23.34 28.30 51.60
N ILE Y 107 23.05 29.24 50.72
CA ILE Y 107 21.73 29.43 50.11
C ILE Y 107 21.89 29.20 48.61
N ASN Y 108 21.04 28.36 48.03
CA ASN Y 108 21.23 27.90 46.66
C ASN Y 108 20.03 28.27 45.79
N PHE Y 109 20.30 29.00 44.70
CA PHE Y 109 19.31 29.36 43.71
C PHE Y 109 19.43 28.40 42.52
N ASP Y 110 18.29 27.94 42.01
CA ASP Y 110 18.27 26.80 41.09
C ASP Y 110 19.23 27.01 39.92
N GLU Y 111 20.11 26.03 39.70
CA GLU Y 111 21.20 26.14 38.75
C GLU Y 111 20.74 26.07 37.29
N ARG Y 112 19.48 25.72 37.04
CA ARG Y 112 18.95 25.73 35.69
C ARG Y 112 18.48 27.10 35.23
N SER Y 113 18.65 28.14 36.05
CA SER Y 113 18.36 29.52 35.68
C SER Y 113 19.54 30.41 36.03
N ARG Y 114 19.61 31.55 35.37
CA ARG Y 114 20.51 32.63 35.76
C ARG Y 114 19.71 33.66 36.54
N TRP Y 115 20.25 34.11 37.67
CA TRP Y 115 19.52 34.95 38.62
C TRP Y 115 20.13 36.35 38.70
N GLY Y 116 19.27 37.33 38.98
CA GLY Y 116 19.71 38.68 39.24
C GLY Y 116 19.11 39.19 40.54
N GLY Y 117 19.71 40.25 41.05
CA GLY Y 117 19.28 40.83 42.30
C GLY Y 117 19.12 42.34 42.28
N GLN Y 118 17.95 42.83 42.62
CA GLN Y 118 17.71 44.26 42.73
C GLN Y 118 18.18 44.78 44.09
N LEU Y 119 19.01 45.81 44.08
CA LEU Y 119 19.71 46.28 45.27
C LEU Y 119 19.24 47.66 45.70
N LYS Y 120 18.88 47.80 46.98
CA LYS Y 120 18.56 49.08 47.59
C LYS Y 120 19.44 49.29 48.81
N THR Y 121 19.92 50.51 49.02
CA THR Y 121 20.82 50.80 50.13
C THR Y 121 20.32 52.00 50.93
N ILE Y 122 20.74 52.04 52.20
CA ILE Y 122 20.50 53.15 53.10
C ILE Y 122 21.81 53.51 53.77
N MET Y 123 22.18 54.80 53.74
CA MET Y 123 23.45 55.26 54.28
C MET Y 123 23.28 56.57 55.03
N HIS Y 124 24.01 56.73 56.12
CA HIS Y 124 24.03 57.97 56.89
C HIS Y 124 25.45 58.28 57.37
N THR Y 125 25.82 59.56 57.31
CA THR Y 125 27.18 60.01 57.62
C THR Y 125 27.15 61.12 58.67
N ASN Y 126 28.32 61.39 59.25
CA ASN Y 126 28.48 62.48 60.22
C ASN Y 126 29.80 63.24 59.99
N MET Y 127 30.09 63.59 58.74
CA MET Y 127 31.36 64.25 58.38
C MET Y 127 31.32 65.75 58.67
N PRO Y 128 32.31 66.30 59.36
CA PRO Y 128 32.45 67.75 59.46
C PRO Y 128 33.23 68.32 58.28
N ASN Y 129 32.98 69.60 57.98
CA ASN Y 129 33.50 70.16 56.74
C ASN Y 129 34.99 70.50 56.79
N VAL Y 130 35.57 70.74 57.95
CA VAL Y 130 37.01 71.01 58.09
C VAL Y 130 37.63 69.86 58.86
N ASN Y 131 38.41 69.03 58.16
CA ASN Y 131 39.01 67.85 58.78
C ASN Y 131 40.26 67.45 58.02
N GLU Y 132 41.07 66.62 58.67
CA GLU Y 132 42.37 66.23 58.11
C GLU Y 132 42.24 65.18 57.02
N TYR Y 133 41.29 64.25 57.14
CA TYR Y 133 41.21 63.12 56.22
C TYR Y 133 40.91 63.56 54.80
N MET Y 134 40.17 64.65 54.63
CA MET Y 134 39.74 65.13 53.33
C MET Y 134 40.57 66.30 52.81
N PHE Y 135 41.69 66.62 53.47
CA PHE Y 135 42.62 67.66 53.03
C PHE Y 135 41.99 69.05 53.00
N SER Y 136 41.02 69.30 53.88
CA SER Y 136 40.45 70.63 54.04
C SER Y 136 40.96 71.30 55.31
N ASN Y 137 42.14 70.90 55.76
CA ASN Y 137 42.69 71.30 57.05
C ASN Y 137 43.89 72.23 56.94
N LYS Y 138 44.47 72.38 55.75
CA LYS Y 138 45.79 72.99 55.64
C LYS Y 138 45.94 73.70 54.31
N PHE Y 139 46.89 74.64 54.27
CA PHE Y 139 47.30 75.34 53.06
C PHE Y 139 48.72 75.87 53.27
N LYS Y 140 49.34 76.33 52.19
CA LYS Y 140 50.70 76.85 52.23
C LYS Y 140 50.74 78.31 51.78
N ALA Y 141 51.66 79.08 52.35
CA ALA Y 141 51.80 80.48 52.03
C ALA Y 141 53.24 80.93 52.27
N ARG Y 142 53.61 82.05 51.65
CA ARG Y 142 54.94 82.63 51.78
C ARG Y 142 54.83 84.00 52.43
N VAL Y 143 55.48 84.17 53.58
CA VAL Y 143 55.41 85.39 54.37
C VAL Y 143 56.83 85.88 54.67
N MET Y 144 56.92 87.04 55.30
CA MET Y 144 58.20 87.68 55.62
C MET Y 144 58.67 87.26 57.00
N VAL Y 145 59.92 86.80 57.07
CA VAL Y 145 60.48 86.31 58.31
C VAL Y 145 61.43 87.31 58.96
N SER Y 146 62.12 88.15 58.19
CA SER Y 146 63.06 89.10 58.76
C SER Y 146 63.10 90.37 57.92
N ARG Y 147 63.03 91.51 58.59
CA ARG Y 147 63.45 92.78 58.01
C ARG Y 147 64.93 92.97 58.31
N LYS Y 148 65.47 94.16 58.08
CA LYS Y 148 66.88 94.42 58.36
C LYS Y 148 67.14 94.41 59.86
N ASP Y 171 67.27 98.39 53.63
CA ASP Y 171 66.67 97.25 54.32
C ASP Y 171 66.64 96.01 53.43
N ILE Y 172 67.02 94.87 53.99
CA ILE Y 172 66.99 93.58 53.28
C ILE Y 172 65.89 92.74 53.89
N LEU Y 173 65.04 92.18 53.04
CA LEU Y 173 63.84 91.45 53.45
C LEU Y 173 63.97 89.99 53.07
N LYS Y 174 63.61 89.10 53.99
CA LYS Y 174 63.69 87.66 53.78
C LYS Y 174 62.30 87.04 53.90
N TYR Y 175 62.01 86.08 53.02
CA TYR Y 175 60.72 85.41 52.96
C TYR Y 175 60.93 83.90 52.98
N GLU Y 176 59.90 83.17 53.40
CA GLU Y 176 59.98 81.72 53.48
C GLU Y 176 58.59 81.11 53.38
N TRP Y 177 58.54 79.86 52.92
CA TRP Y 177 57.30 79.10 52.82
C TRP Y 177 57.01 78.34 54.10
N PHE Y 178 55.73 78.23 54.46
CA PHE Y 178 55.28 77.46 55.61
C PHE Y 178 53.99 76.75 55.26
N GLU Y 179 53.64 75.75 56.07
CA GLU Y 179 52.35 75.09 56.00
C GLU Y 179 51.55 75.40 57.26
N PHE Y 180 50.31 75.80 57.08
CA PHE Y 180 49.45 76.26 58.17
C PHE Y 180 48.34 75.25 58.43
N ILE Y 181 47.98 75.05 59.70
CA ILE Y 181 47.02 74.04 60.11
C ILE Y 181 45.89 74.71 60.90
N LEU Y 182 44.64 74.35 60.57
CA LEU Y 182 43.41 74.76 61.24
C LEU Y 182 42.93 73.66 62.17
N PRO Y 183 42.20 74.00 63.23
CA PRO Y 183 41.57 72.96 64.06
C PRO Y 183 40.28 72.46 63.44
N GLU Y 184 39.92 71.22 63.75
CA GLU Y 184 38.83 70.53 63.08
C GLU Y 184 37.47 70.87 63.69
N GLY Y 185 36.45 70.81 62.85
CA GLY Y 185 35.10 71.15 63.24
C GLY Y 185 34.23 71.42 62.04
N ASN Y 186 32.98 71.77 62.32
CA ASN Y 186 31.98 72.05 61.29
C ASN Y 186 31.63 73.53 61.34
N PHE Y 187 32.16 74.32 60.40
CA PHE Y 187 32.11 75.77 60.47
C PHE Y 187 31.45 76.35 59.23
N SER Y 188 30.89 77.55 59.39
CA SER Y 188 30.40 78.30 58.25
C SER Y 188 31.58 78.89 57.47
N ALA Y 189 31.27 79.44 56.29
CA ALA Y 189 32.32 79.97 55.42
C ALA Y 189 33.01 81.18 56.03
N THR Y 190 32.24 82.09 56.65
CA THR Y 190 32.85 83.25 57.28
C THR Y 190 33.74 82.85 58.46
N MET Y 191 33.27 81.91 59.28
CA MET Y 191 34.08 81.45 60.41
C MET Y 191 35.35 80.75 59.94
N THR Y 192 35.29 80.06 58.79
CA THR Y 192 36.49 79.41 58.26
C THR Y 192 37.54 80.44 57.85
N ILE Y 193 37.10 81.54 57.23
CA ILE Y 193 38.03 82.58 56.80
C ILE Y 193 38.68 83.26 58.00
N ASP Y 194 37.96 83.41 59.11
CA ASP Y 194 38.58 83.95 60.32
C ASP Y 194 39.70 83.04 60.82
N LEU Y 195 39.50 81.73 60.75
CA LEU Y 195 40.52 80.81 61.23
C LEU Y 195 41.77 80.83 60.36
N MET Y 196 41.62 81.04 59.05
CA MET Y 196 42.78 81.14 58.17
C MET Y 196 43.60 82.40 58.46
N ASN Y 197 42.92 83.54 58.70
CA ASN Y 197 43.64 84.75 59.11
C ASN Y 197 44.36 84.54 60.44
N ASN Y 198 43.70 83.88 61.39
CA ASN Y 198 44.30 83.64 62.69
C ASN Y 198 45.55 82.79 62.60
N ALA Y 199 45.58 81.83 61.66
CA ALA Y 199 46.76 81.01 61.47
C ALA Y 199 47.94 81.82 60.97
N ILE Y 200 47.70 82.78 60.06
CA ILE Y 200 48.77 83.63 59.56
C ILE Y 200 49.36 84.45 60.69
N ILE Y 201 48.50 85.02 61.53
CA ILE Y 201 48.97 85.93 62.59
C ILE Y 201 49.76 85.17 63.65
N ASP Y 202 49.37 83.94 63.98
CA ASP Y 202 50.13 83.16 64.94
C ASP Y 202 51.55 82.86 64.47
N ASN Y 203 51.77 82.84 63.16
CA ASN Y 203 53.13 82.74 62.63
C ASN Y 203 53.90 84.04 62.80
N TYR Y 204 53.21 85.17 62.73
CA TYR Y 204 53.88 86.46 62.91
C TYR Y 204 54.19 86.73 64.38
N LEU Y 205 53.55 86.03 65.31
CA LEU Y 205 53.85 86.21 66.73
C LEU Y 205 54.93 85.27 67.23
N GLU Y 206 55.15 84.15 66.55
CA GLU Y 206 56.17 83.18 66.94
C GLU Y 206 57.50 83.42 66.25
N ILE Y 207 57.46 83.77 64.97
CA ILE Y 207 58.61 84.21 64.19
C ILE Y 207 58.25 85.63 63.79
N GLY Y 208 59.08 86.30 63.02
CA GLY Y 208 58.62 87.57 62.52
C GLY Y 208 58.80 88.67 63.54
N ARG Y 209 57.74 88.97 64.29
CA ARG Y 209 57.71 90.07 65.26
C ARG Y 209 59.01 90.20 66.05
N GLN Y 210 59.57 89.08 66.51
CA GLN Y 210 60.83 89.14 67.26
C GLN Y 210 62.03 89.32 66.37
N ASN Y 211 61.88 89.40 65.04
CA ASN Y 211 62.98 89.62 64.12
C ASN Y 211 62.81 90.89 63.31
N GLY Y 212 62.03 91.85 63.80
CA GLY Y 212 62.01 93.18 63.24
C GLY Y 212 60.93 93.51 62.23
N VAL Y 213 59.98 92.61 61.99
CA VAL Y 213 58.88 92.92 61.08
C VAL Y 213 57.80 93.66 61.85
N LEU Y 214 57.18 94.63 61.20
CA LEU Y 214 56.15 95.43 61.84
C LEU Y 214 54.76 94.90 61.50
N GLU Y 215 53.77 95.35 62.26
CA GLU Y 215 52.39 94.98 61.94
C GLU Y 215 51.86 95.90 60.86
N SER Y 216 52.66 96.10 59.81
CA SER Y 216 52.22 96.77 58.59
C SER Y 216 52.84 96.12 57.36
N ASP Y 217 53.54 94.99 57.53
CA ASP Y 217 54.12 94.25 56.42
C ASP Y 217 53.74 92.77 56.47
N ILE Y 218 52.58 92.44 57.05
CA ILE Y 218 52.16 91.05 57.19
C ILE Y 218 52.18 90.34 55.84
N GLY Y 219 51.36 90.80 54.91
CA GLY Y 219 51.51 90.40 53.52
C GLY Y 219 50.56 89.37 52.98
N VAL Y 220 49.75 88.72 53.81
CA VAL Y 220 48.73 87.77 53.35
C VAL Y 220 47.47 87.97 54.18
N LYS Y 221 46.36 88.29 53.52
CA LYS Y 221 45.09 88.44 54.21
C LYS Y 221 43.94 87.97 53.32
N PHE Y 222 42.93 87.35 53.92
CA PHE Y 222 41.73 86.92 53.22
C PHE Y 222 40.57 87.86 53.56
N ASP Y 223 39.97 88.45 52.53
CA ASP Y 223 38.96 89.49 52.73
C ASP Y 223 37.71 89.17 51.92
N THR Y 224 36.72 90.06 52.00
CA THR Y 224 35.47 89.94 51.24
C THR Y 224 35.04 91.21 50.55
N ARG Y 225 35.77 92.31 50.68
CA ARG Y 225 35.29 93.62 50.25
C ARG Y 225 35.65 93.92 48.80
N ASN Y 226 34.91 94.86 48.23
CA ASN Y 226 35.21 95.40 46.90
C ASN Y 226 35.92 96.74 47.12
N PHE Y 227 37.25 96.69 47.14
CA PHE Y 227 38.00 97.93 47.20
C PHE Y 227 37.79 98.71 45.91
N ARG Y 228 38.01 100.02 45.98
CA ARG Y 228 37.79 100.99 44.90
C ARG Y 228 36.32 101.19 44.54
N LEU Y 229 35.39 100.86 45.44
CA LEU Y 229 33.98 101.12 45.16
C LEU Y 229 33.70 102.61 45.04
N GLY Y 230 34.11 103.39 46.05
CA GLY Y 230 33.84 104.81 46.03
C GLY Y 230 34.88 105.65 45.31
N TRP Y 231 35.53 105.06 44.32
CA TRP Y 231 36.62 105.70 43.59
C TRP Y 231 36.11 106.86 42.75
N ASP Y 232 36.94 107.89 42.60
CA ASP Y 232 36.59 109.08 41.85
C ASP Y 232 37.49 109.20 40.63
N PRO Y 233 36.92 109.41 39.44
CA PRO Y 233 37.75 109.39 38.22
C PRO Y 233 38.69 110.58 38.08
N GLU Y 234 38.46 111.67 38.82
CA GLU Y 234 39.32 112.84 38.72
C GLU Y 234 40.45 112.81 39.76
N THR Y 235 40.09 112.72 41.04
CA THR Y 235 41.10 112.68 42.09
C THR Y 235 41.77 111.31 42.22
N LYS Y 236 41.14 110.26 41.69
CA LYS Y 236 41.69 108.90 41.72
C LYS Y 236 41.99 108.44 43.15
N LEU Y 237 41.12 108.78 44.08
CA LEU Y 237 41.22 108.34 45.46
C LEU Y 237 39.83 107.98 45.97
N ILE Y 238 39.79 107.20 47.05
CA ILE Y 238 38.53 106.80 47.67
C ILE Y 238 38.02 107.99 48.48
N MET Y 239 37.08 108.74 47.92
CA MET Y 239 36.66 110.00 48.53
C MET Y 239 36.10 109.86 49.95
N PRO Y 240 35.29 108.86 50.30
CA PRO Y 240 34.77 108.81 51.68
C PRO Y 240 35.83 108.68 52.75
N GLY Y 241 37.04 108.23 52.41
CA GLY Y 241 38.07 108.04 53.40
C GLY Y 241 38.07 106.67 54.07
N VAL Y 242 37.05 105.85 53.83
CA VAL Y 242 37.01 104.46 54.28
C VAL Y 242 36.48 103.60 53.15
N TYR Y 243 37.04 102.41 53.01
CA TYR Y 243 36.54 101.45 52.03
C TYR Y 243 35.13 100.99 52.41
N THR Y 244 34.31 100.74 51.40
CA THR Y 244 32.94 100.30 51.63
C THR Y 244 32.93 98.97 52.39
N TYR Y 245 32.15 98.93 53.46
CA TYR Y 245 32.16 97.79 54.38
C TYR Y 245 31.03 96.81 54.06
N GLU Y 246 31.05 96.29 52.84
CA GLU Y 246 30.05 95.33 52.36
C GLU Y 246 30.75 94.12 51.75
N ALA Y 247 30.12 92.95 51.90
CA ALA Y 247 30.69 91.70 51.42
C ALA Y 247 30.23 91.43 49.99
N PHE Y 248 31.18 91.09 49.12
CA PHE Y 248 30.90 90.79 47.73
C PHE Y 248 31.26 89.37 47.34
N HIS Y 249 32.49 88.93 47.62
CA HIS Y 249 33.04 87.63 47.25
C HIS Y 249 34.37 87.47 47.96
N PRO Y 250 34.71 86.27 48.44
CA PRO Y 250 36.01 86.10 49.11
C PRO Y 250 37.19 86.42 48.20
N ASP Y 251 38.24 86.98 48.81
CA ASP Y 251 39.31 87.62 48.08
C ASP Y 251 40.65 87.38 48.79
N ILE Y 252 41.73 87.53 48.04
CA ILE Y 252 43.10 87.35 48.52
C ILE Y 252 43.85 88.66 48.32
N VAL Y 253 44.50 89.16 49.37
CA VAL Y 253 45.25 90.42 49.33
C VAL Y 253 46.71 90.13 49.64
N LEU Y 254 47.61 90.64 48.80
CA LEU Y 254 49.03 90.32 48.86
C LEU Y 254 49.90 91.56 48.83
N LEU Y 255 51.08 91.46 49.47
CA LEU Y 255 52.21 92.38 49.43
C LEU Y 255 53.33 91.80 48.59
N PRO Y 256 54.27 92.62 48.12
CA PRO Y 256 55.34 92.09 47.26
C PRO Y 256 56.15 91.03 47.96
N GLY Y 257 56.52 89.99 47.21
CA GLY Y 257 57.29 88.89 47.73
C GLY Y 257 56.49 87.76 48.36
N CYS Y 258 55.17 87.86 48.43
CA CYS Y 258 54.35 86.86 49.10
C CYS Y 258 53.53 86.07 48.09
N GLY Y 259 52.79 85.08 48.58
CA GLY Y 259 51.95 84.26 47.73
C GLY Y 259 51.32 83.14 48.54
N VAL Y 260 50.35 82.47 47.89
CA VAL Y 260 49.67 81.30 48.47
C VAL Y 260 49.69 80.17 47.46
N ASP Y 261 49.64 78.94 47.96
CA ASP Y 261 49.72 77.74 47.13
C ASP Y 261 48.67 76.72 47.59
N PHE Y 262 47.77 76.35 46.68
CA PHE Y 262 46.66 75.44 47.00
C PHE Y 262 46.82 74.07 46.34
N THR Y 263 48.06 73.65 46.06
CA THR Y 263 48.25 72.39 45.35
C THR Y 263 47.74 71.20 46.17
N GLU Y 264 47.93 71.24 47.49
CA GLU Y 264 47.53 70.12 48.33
C GLU Y 264 46.45 70.53 49.31
N SER Y 265 45.42 71.23 48.83
CA SER Y 265 44.39 71.78 49.68
C SER Y 265 43.08 71.88 48.91
N ARG Y 266 41.98 71.73 49.62
CA ARG Y 266 40.65 71.89 49.04
C ARG Y 266 39.97 73.18 49.47
N LEU Y 267 40.69 74.09 50.12
CA LEU Y 267 40.11 75.34 50.59
C LEU Y 267 39.91 76.36 49.48
N SER Y 268 40.47 76.14 48.28
CA SER Y 268 40.17 77.04 47.18
C SER Y 268 38.73 76.90 46.69
N ASN Y 269 38.10 75.74 46.88
CA ASN Y 269 36.69 75.59 46.54
C ASN Y 269 35.80 76.42 47.47
N LEU Y 270 36.16 76.49 48.75
CA LEU Y 270 35.39 77.31 49.68
C LEU Y 270 35.55 78.80 49.38
N LEU Y 271 36.69 79.20 48.80
CA LEU Y 271 36.89 80.60 48.44
C LEU Y 271 36.23 80.99 47.13
N GLY Y 272 35.81 80.02 46.33
CA GLY Y 272 35.23 80.34 45.04
C GLY Y 272 36.22 80.81 43.99
N ILE Y 273 37.45 80.30 44.02
CA ILE Y 273 38.48 80.60 43.03
C ILE Y 273 38.97 79.28 42.45
N ARG Y 274 38.84 79.11 41.14
CA ARG Y 274 39.17 77.86 40.47
C ARG Y 274 39.97 78.13 39.20
N LYS Y 275 40.59 77.08 38.68
CA LYS Y 275 41.39 77.16 37.46
C LYS Y 275 40.56 76.81 36.24
N ARG Y 276 40.80 77.53 35.14
CA ARG Y 276 40.12 77.23 33.88
C ARG Y 276 40.61 75.95 33.24
N HIS Y 277 41.78 75.45 33.64
CA HIS Y 277 42.30 74.16 33.20
C HIS Y 277 42.48 73.30 34.44
N PRO Y 278 41.40 72.68 34.93
CA PRO Y 278 41.45 72.05 36.26
C PRO Y 278 42.23 70.75 36.30
N PHE Y 279 42.63 70.18 35.16
CA PHE Y 279 43.39 68.94 35.16
C PHE Y 279 44.90 69.15 35.11
N GLN Y 280 45.37 70.40 35.10
CA GLN Y 280 46.79 70.69 35.14
C GLN Y 280 47.23 70.85 36.59
N GLU Y 281 48.23 70.08 37.00
CA GLU Y 281 48.66 70.07 38.40
C GLU Y 281 49.30 71.39 38.80
N GLY Y 282 49.05 71.79 40.04
CA GLY Y 282 49.66 73.00 40.59
C GLY Y 282 48.75 74.21 40.59
N PHE Y 283 48.63 74.89 41.73
CA PHE Y 283 47.79 76.07 41.86
C PHE Y 283 48.49 77.05 42.80
N LYS Y 284 49.22 77.99 42.22
CA LYS Y 284 49.94 79.01 42.99
C LYS Y 284 49.57 80.40 42.48
N ILE Y 285 49.37 81.34 43.41
CA ILE Y 285 49.06 82.72 43.07
C ILE Y 285 50.06 83.62 43.81
N MET Y 286 50.90 84.31 43.06
CA MET Y 286 51.94 85.16 43.61
C MET Y 286 51.64 86.63 43.33
N TYR Y 287 52.42 87.51 43.97
CA TYR Y 287 52.20 88.95 43.82
C TYR Y 287 52.38 89.41 42.39
N GLU Y 288 53.27 88.76 41.64
CA GLU Y 288 53.51 89.15 40.25
C GLU Y 288 52.37 88.76 39.31
N ASP Y 289 51.49 87.85 39.73
CA ASP Y 289 50.38 87.44 38.89
C ASP Y 289 49.15 88.34 39.03
N LEU Y 290 49.13 89.25 39.99
CA LEU Y 290 47.98 90.11 40.25
C LEU Y 290 48.14 91.51 39.65
N GLU Y 291 48.77 91.61 38.49
CA GLU Y 291 49.01 92.92 37.88
C GLU Y 291 47.69 93.63 37.58
N GLY Y 292 47.66 94.93 37.83
CA GLY Y 292 46.48 95.73 37.64
C GLY Y 292 45.52 95.74 38.81
N GLY Y 293 45.84 95.06 39.90
CA GLY Y 293 44.93 94.96 41.02
C GLY Y 293 45.32 95.74 42.25
N ASN Y 294 46.14 96.77 42.09
CA ASN Y 294 46.57 97.56 43.24
C ASN Y 294 45.38 98.28 43.87
N ILE Y 295 45.35 98.29 45.20
CA ILE Y 295 44.26 98.89 45.96
C ILE Y 295 44.47 100.40 46.02
N PRO Y 296 43.52 101.21 45.55
CA PRO Y 296 43.71 102.67 45.58
C PRO Y 296 43.83 103.19 47.00
N ALA Y 297 44.68 104.20 47.17
CA ALA Y 297 44.96 104.76 48.49
C ALA Y 297 43.81 105.65 48.95
N LEU Y 298 43.71 105.78 50.28
CA LEU Y 298 42.78 106.70 50.95
C LEU Y 298 41.41 106.73 50.33
N ILE Y 364 43.66 117.54 49.19
CA ILE Y 364 43.72 116.49 48.18
C ILE Y 364 45.04 115.74 48.27
N GLN Y 365 45.22 114.97 49.34
CA GLN Y 365 46.41 114.14 49.51
C GLN Y 365 46.02 112.83 50.16
N PRO Y 366 46.69 111.72 49.80
CA PRO Y 366 46.34 110.43 50.41
C PRO Y 366 46.77 110.38 51.87
N LEU Y 367 46.00 109.64 52.66
CA LEU Y 367 46.41 109.34 54.02
C LEU Y 367 47.56 108.35 54.01
N GLU Y 368 48.60 108.63 54.78
CA GLU Y 368 49.81 107.82 54.74
C GLU Y 368 49.98 106.91 55.95
N LYS Y 369 49.16 107.05 56.99
CA LYS Y 369 49.31 106.24 58.19
C LYS Y 369 47.97 106.12 58.88
N ASP Y 370 47.88 105.14 59.79
CA ASP Y 370 46.65 104.83 60.50
C ASP Y 370 46.58 105.62 61.81
N SER Y 371 45.55 105.34 62.62
CA SER Y 371 45.36 106.07 63.86
C SER Y 371 46.49 105.82 64.84
N LYS Y 372 46.95 104.57 64.95
CA LYS Y 372 48.01 104.20 65.88
C LYS Y 372 49.38 104.18 65.22
N SER Y 373 49.58 105.02 64.19
CA SER Y 373 50.85 105.14 63.48
C SER Y 373 51.28 103.80 62.88
N ARG Y 374 50.46 103.32 61.95
CA ARG Y 374 50.81 102.16 61.12
C ARG Y 374 50.84 102.60 59.66
N SER Y 375 51.90 102.23 58.96
CA SER Y 375 52.04 102.62 57.57
C SER Y 375 51.00 101.92 56.70
N TYR Y 376 50.38 102.68 55.80
CA TYR Y 376 49.50 102.12 54.78
C TYR Y 376 50.27 101.69 53.54
N ASN Y 377 51.60 101.84 53.52
CA ASN Y 377 52.44 101.42 52.38
C ASN Y 377 52.08 102.17 51.11
N VAL Y 378 51.82 103.47 51.22
CA VAL Y 378 51.54 104.28 50.04
C VAL Y 378 52.82 104.40 49.20
N LEU Y 379 52.64 104.46 47.88
CA LEU Y 379 53.74 104.46 46.92
C LEU Y 379 53.91 105.86 46.32
N GLU Y 380 54.82 105.95 45.35
CA GLU Y 380 54.97 107.18 44.59
C GLU Y 380 53.74 107.42 43.73
N ASP Y 381 53.57 108.66 43.30
CA ASP Y 381 52.41 109.18 42.56
C ASP Y 381 51.21 109.33 43.47
N LYS Y 382 51.31 108.87 44.71
CA LYS Y 382 50.36 109.20 45.77
C LYS Y 382 48.91 108.90 45.39
N ILE Y 383 48.69 107.82 44.64
CA ILE Y 383 47.35 107.37 44.31
C ILE Y 383 47.12 105.91 44.71
N ASN Y 384 48.06 105.03 44.41
CA ASN Y 384 47.90 103.60 44.66
C ASN Y 384 48.79 103.13 45.80
N THR Y 385 48.42 101.98 46.35
CA THR Y 385 49.09 101.34 47.46
C THR Y 385 49.73 100.04 47.00
N ALA Y 386 50.74 99.59 47.75
CA ALA Y 386 51.46 98.38 47.39
C ALA Y 386 50.59 97.11 47.47
N TYR Y 387 49.49 97.15 48.22
CA TYR Y 387 48.62 95.97 48.32
C TYR Y 387 47.95 95.68 46.98
N ARG Y 388 47.89 94.39 46.63
CA ARG Y 388 47.15 93.92 45.46
C ARG Y 388 46.12 92.88 45.88
N SER Y 389 45.03 92.79 45.11
CA SER Y 389 43.96 91.84 45.44
C SER Y 389 43.51 91.11 44.19
N TRP Y 390 43.13 89.83 44.37
CA TRP Y 390 42.68 88.99 43.26
C TRP Y 390 41.42 89.54 42.63
N TYR Y 391 40.47 90.01 43.44
CA TYR Y 391 39.19 90.45 42.92
C TYR Y 391 39.33 91.70 42.05
N LEU Y 392 40.15 92.65 42.46
CA LEU Y 392 40.36 93.85 41.66
C LEU Y 392 41.03 93.52 40.34
N SER Y 393 42.00 92.61 40.36
CA SER Y 393 42.68 92.22 39.12
C SER Y 393 41.75 91.44 38.20
N TYR Y 394 40.88 90.60 38.75
CA TYR Y 394 39.95 89.83 37.93
C TYR Y 394 38.94 90.73 37.24
N ASN Y 395 38.43 91.74 37.94
CA ASN Y 395 37.34 92.55 37.40
C ASN Y 395 37.79 93.82 36.69
N TYR Y 396 38.93 94.40 37.07
CA TYR Y 396 39.35 95.69 36.51
C TYR Y 396 40.67 95.62 35.74
N GLY Y 397 41.42 94.53 35.85
CA GLY Y 397 42.69 94.40 35.17
C GLY Y 397 42.54 94.09 33.69
N ASN Y 398 43.66 93.73 33.07
CA ASN Y 398 43.68 93.42 31.64
C ASN Y 398 43.00 92.08 31.39
N PRO Y 399 41.97 92.02 30.55
CA PRO Y 399 41.26 90.74 30.36
C PRO Y 399 42.11 89.63 29.78
N GLU Y 400 43.13 89.96 28.97
CA GLU Y 400 43.88 88.94 28.24
C GLU Y 400 45.27 88.72 28.79
N LYS Y 401 45.64 89.39 29.88
CA LYS Y 401 46.96 89.19 30.49
C LYS Y 401 46.94 89.05 32.00
N GLY Y 402 45.90 89.50 32.68
CA GLY Y 402 45.84 89.41 34.13
C GLY Y 402 45.39 88.04 34.60
N ILE Y 403 45.02 87.99 35.88
CA ILE Y 403 44.61 86.74 36.51
C ILE Y 403 43.34 86.17 35.89
N ARG Y 404 42.55 86.98 35.19
CA ARG Y 404 41.31 86.54 34.58
C ARG Y 404 41.53 85.58 33.42
N SER Y 405 42.72 85.53 32.86
CA SER Y 405 42.95 84.69 31.70
C SER Y 405 43.08 83.21 32.04
N TRP Y 406 43.41 82.87 33.30
CA TRP Y 406 43.55 81.47 33.67
C TRP Y 406 42.88 81.10 34.99
N THR Y 407 42.12 82.00 35.61
CA THR Y 407 41.30 81.65 36.77
C THR Y 407 39.85 82.02 36.52
N LEU Y 408 38.97 81.48 37.35
CA LEU Y 408 37.53 81.62 37.19
C LEU Y 408 36.88 81.90 38.54
N LEU Y 409 35.90 82.80 38.54
CA LEU Y 409 35.18 83.17 39.75
C LEU Y 409 33.89 82.35 39.85
N THR Y 410 33.69 81.69 41.00
CA THR Y 410 32.54 80.81 41.22
C THR Y 410 31.92 81.09 42.58
N THR Y 411 30.72 80.55 42.79
CA THR Y 411 30.06 80.66 44.09
C THR Y 411 30.80 79.83 45.14
N SER Y 412 30.85 80.34 46.36
CA SER Y 412 31.50 79.64 47.46
C SER Y 412 30.79 78.33 47.79
N ASP Y 413 31.58 77.27 47.96
CA ASP Y 413 31.04 75.94 48.27
C ASP Y 413 31.56 75.51 49.65
N VAL Y 414 30.67 75.56 50.65
CA VAL Y 414 31.07 75.34 52.04
C VAL Y 414 31.48 73.90 52.29
N THR Y 415 30.92 72.94 51.56
CA THR Y 415 31.33 71.54 51.77
C THR Y 415 32.73 71.26 51.26
N CYS Y 416 33.34 72.20 50.54
CA CYS Y 416 34.66 72.09 49.93
C CYS Y 416 34.70 71.10 48.77
N GLY Y 417 33.53 70.73 48.22
CA GLY Y 417 33.48 69.90 47.05
C GLY Y 417 33.33 68.43 47.37
N VAL Y 418 32.15 67.89 47.21
CA VAL Y 418 31.89 66.49 47.52
C VAL Y 418 32.13 65.66 46.26
N GLU Y 419 32.61 64.44 46.45
CA GLU Y 419 32.82 63.51 45.35
C GLU Y 419 31.98 62.26 45.60
N GLN Y 420 32.18 61.25 44.77
CA GLN Y 420 31.34 60.06 44.76
C GLN Y 420 31.84 59.01 45.75
N VAL Y 421 30.99 58.01 46.01
CA VAL Y 421 31.32 56.84 46.82
C VAL Y 421 30.93 55.58 46.04
N TYR Y 422 31.62 54.49 46.33
CA TYR Y 422 31.43 53.21 45.64
C TYR Y 422 31.05 52.10 46.63
N TRP Y 423 30.12 51.24 46.23
CA TRP Y 423 29.70 50.07 47.00
C TRP Y 423 30.33 48.79 46.42
N SER Y 424 30.73 47.86 47.30
CA SER Y 424 31.23 46.56 46.91
C SER Y 424 30.56 45.45 47.72
N LEU Y 425 30.17 44.38 47.03
CA LEU Y 425 29.63 43.16 47.67
C LEU Y 425 30.27 41.94 47.03
N PRO Y 426 31.55 41.69 47.32
CA PRO Y 426 32.30 40.69 46.53
C PRO Y 426 31.83 39.24 46.70
N ASP Y 427 31.15 38.88 47.78
CA ASP Y 427 30.68 37.52 47.97
C ASP Y 427 29.26 37.28 47.49
N MET Y 428 28.58 38.29 46.95
CA MET Y 428 27.20 38.14 46.54
C MET Y 428 27.00 38.35 45.04
N MET Y 429 27.55 39.42 44.48
CA MET Y 429 27.36 39.77 43.08
C MET Y 429 28.53 39.28 42.23
N GLN Y 430 28.24 39.04 40.95
CA GLN Y 430 29.31 38.78 39.98
C GLN Y 430 30.05 40.07 39.66
N ASP Y 431 31.33 39.94 39.30
CA ASP Y 431 32.14 41.12 38.97
C ASP Y 431 31.65 41.74 37.67
N PRO Y 432 31.42 43.05 37.62
CA PRO Y 432 31.10 43.70 36.35
C PRO Y 432 32.26 43.68 35.37
N VAL Y 433 31.93 43.95 34.10
CA VAL Y 433 32.85 43.71 33.00
C VAL Y 433 34.13 44.54 33.14
N THR Y 434 35.27 43.87 32.89
CA THR Y 434 36.67 44.32 32.93
C THR Y 434 37.26 44.40 34.34
N PHE Y 435 36.50 44.20 35.41
CA PHE Y 435 37.07 44.16 36.76
C PHE Y 435 37.70 42.78 37.02
N ARG Y 436 38.86 42.78 37.68
CA ARG Y 436 39.54 41.55 38.09
C ARG Y 436 39.07 41.09 39.47
N SER Y 437 39.00 39.78 39.65
CA SER Y 437 38.73 39.20 40.97
C SER Y 437 39.97 39.30 41.85
N THR Y 438 39.77 39.71 43.10
CA THR Y 438 40.90 39.95 44.00
C THR Y 438 40.43 39.95 45.44
N ARG Y 439 41.39 39.92 46.35
CA ARG Y 439 41.12 40.05 47.78
C ARG Y 439 41.78 41.29 48.39
N GLN Y 440 42.23 42.24 47.57
CA GLN Y 440 42.77 43.49 48.07
C GLN Y 440 41.64 44.52 48.20
N VAL Y 441 41.53 45.14 49.37
CA VAL Y 441 40.38 45.99 49.68
C VAL Y 441 40.32 47.20 48.76
N SER Y 442 41.46 47.83 48.50
CA SER Y 442 41.45 48.98 47.61
C SER Y 442 41.23 48.61 46.13
N ASN Y 443 40.91 47.37 45.76
CA ASN Y 443 40.67 47.04 44.37
C ASN Y 443 39.46 46.12 44.19
N TYR Y 444 38.52 46.12 45.13
CA TYR Y 444 37.30 45.34 44.97
C TYR Y 444 36.50 45.83 43.76
N PRO Y 445 35.82 44.93 43.06
CA PRO Y 445 34.91 45.37 41.98
C PRO Y 445 33.76 46.20 42.53
N VAL Y 446 33.30 47.15 41.72
CA VAL Y 446 32.34 48.18 42.14
C VAL Y 446 30.95 47.81 41.63
N VAL Y 447 29.97 47.81 42.53
CA VAL Y 447 28.62 47.39 42.21
C VAL Y 447 27.62 48.56 42.16
N GLY Y 448 27.99 49.74 42.65
CA GLY Y 448 27.13 50.91 42.55
C GLY Y 448 27.87 52.17 42.97
N ALA Y 449 27.30 53.30 42.58
CA ALA Y 449 27.92 54.60 42.85
C ALA Y 449 26.85 55.65 43.14
N GLU Y 450 27.22 56.66 43.94
CA GLU Y 450 26.35 57.77 44.28
C GLU Y 450 27.23 58.86 44.91
N LEU Y 451 26.61 60.01 45.20
CA LEU Y 451 27.34 61.09 45.86
C LEU Y 451 27.43 60.84 47.37
N MET Y 452 28.57 61.19 47.94
CA MET Y 452 28.69 61.24 49.39
C MET Y 452 27.66 62.24 49.92
N PRO Y 453 26.79 61.84 50.85
CA PRO Y 453 25.55 62.60 51.13
C PRO Y 453 25.73 63.78 52.08
N VAL Y 454 26.44 64.81 51.61
CA VAL Y 454 26.67 66.04 52.35
C VAL Y 454 26.29 67.22 51.47
N PHE Y 455 25.49 68.14 52.00
CA PHE Y 455 24.90 69.21 51.19
C PHE Y 455 25.02 70.55 51.90
N SER Y 456 24.94 71.61 51.10
CA SER Y 456 24.96 72.98 51.58
C SER Y 456 23.55 73.51 51.79
N LYS Y 457 23.37 74.32 52.83
CA LYS Y 457 22.10 74.97 53.12
C LYS Y 457 22.31 76.46 53.36
N SER Y 458 21.39 77.28 52.87
CA SER Y 458 21.50 78.73 52.93
C SER Y 458 20.59 79.35 54.00
N PHE Y 459 21.07 80.42 54.61
CA PHE Y 459 20.29 81.20 55.57
C PHE Y 459 20.49 82.69 55.28
N TYR Y 460 19.55 83.50 55.75
CA TYR Y 460 19.59 84.94 55.54
C TYR Y 460 19.86 85.63 56.87
N ASN Y 461 20.85 86.52 56.88
CA ASN Y 461 21.22 87.26 58.10
C ASN Y 461 21.48 88.73 57.81
N HIS Y 478 38.75 90.60 71.49
CA HIS Y 478 38.45 90.07 70.17
C HIS Y 478 39.71 89.52 69.50
N VAL Y 479 39.87 88.19 69.57
CA VAL Y 479 41.01 87.56 68.91
C VAL Y 479 40.90 87.62 67.40
N PHE Y 480 39.69 87.79 66.86
CA PHE Y 480 39.47 87.87 65.42
C PHE Y 480 39.49 89.30 64.89
N ASN Y 481 39.84 90.28 65.73
CA ASN Y 481 40.01 91.66 65.29
C ASN Y 481 41.12 92.27 66.14
N ARG Y 482 42.35 92.16 65.65
CA ARG Y 482 43.54 92.63 66.36
C ARG Y 482 44.03 93.99 65.88
N PHE Y 483 43.52 94.48 64.76
CA PHE Y 483 43.88 95.80 64.22
C PHE Y 483 42.60 96.54 63.89
N PRO Y 484 41.83 96.92 64.91
CA PRO Y 484 40.54 97.59 64.64
C PRO Y 484 40.67 98.88 63.85
N GLU Y 485 41.77 99.61 64.04
CA GLU Y 485 41.90 100.92 63.39
C GLU Y 485 42.27 100.80 61.92
N ASN Y 486 43.05 99.79 61.55
CA ASN Y 486 43.64 99.73 60.21
C ASN Y 486 42.58 99.35 59.18
N GLN Y 487 42.40 100.19 58.17
CA GLN Y 487 41.37 99.95 57.16
C GLN Y 487 41.67 98.73 56.30
N ILE Y 488 42.92 98.31 56.20
CA ILE Y 488 43.26 97.13 55.40
C ILE Y 488 43.15 95.86 56.23
N LEU Y 489 43.52 95.93 57.51
CA LEU Y 489 43.57 94.78 58.39
C LEU Y 489 42.34 94.64 59.27
N ILE Y 490 41.29 95.42 59.01
CA ILE Y 490 40.06 95.27 59.76
C ILE Y 490 39.41 93.92 59.47
N ARG Y 491 38.62 93.43 60.42
CA ARG Y 491 37.93 92.16 60.25
C ARG Y 491 36.91 92.25 59.11
N PRO Y 492 36.90 91.29 58.19
CA PRO Y 492 36.04 91.44 57.01
C PRO Y 492 34.57 91.44 57.41
N PRO Y 493 33.75 92.18 56.67
CA PRO Y 493 32.30 92.11 56.91
C PRO Y 493 31.73 90.75 56.52
N ALA Y 494 30.66 90.36 57.23
CA ALA Y 494 30.00 89.09 57.01
C ALA Y 494 28.97 89.19 55.89
N PRO Y 495 28.85 88.16 55.05
CA PRO Y 495 27.86 88.19 53.98
C PRO Y 495 26.44 88.15 54.52
N THR Y 496 25.52 88.71 53.75
CA THR Y 496 24.11 88.62 54.08
C THR Y 496 23.54 87.23 53.79
N ILE Y 497 24.28 86.36 53.10
CA ILE Y 497 23.89 84.97 52.87
C ILE Y 497 24.94 84.07 53.50
N THR Y 498 24.53 83.23 54.45
CA THR Y 498 25.41 82.30 55.14
C THR Y 498 25.08 80.86 54.73
N THR Y 499 26.10 80.04 54.49
CA THR Y 499 25.92 78.66 54.11
C THR Y 499 26.64 77.73 55.09
N VAL Y 500 25.99 76.62 55.42
CA VAL Y 500 26.54 75.60 56.30
C VAL Y 500 26.27 74.22 55.68
N SER Y 501 27.09 73.24 56.03
CA SER Y 501 27.01 71.91 55.45
C SER Y 501 26.26 70.96 56.38
N GLU Y 502 25.48 70.06 55.77
CA GLU Y 502 24.59 69.13 56.48
C GLU Y 502 24.75 67.71 55.97
N ASN Y 503 24.48 66.75 56.85
CA ASN Y 503 24.43 65.34 56.51
C ASN Y 503 22.98 64.90 56.40
N VAL Y 504 22.60 64.33 55.26
CA VAL Y 504 21.22 63.93 54.98
C VAL Y 504 21.21 62.46 54.62
N PRO Y 505 20.39 61.63 55.27
CA PRO Y 505 20.36 60.19 54.94
C PRO Y 505 19.96 59.95 53.49
N ALA Y 506 20.63 58.99 52.86
CA ALA Y 506 20.51 58.73 51.43
C ALA Y 506 19.87 57.36 51.20
N LEU Y 507 18.81 57.34 50.40
CA LEU Y 507 18.07 56.13 50.06
C LEU Y 507 18.15 55.94 48.56
N THR Y 508 18.77 54.85 48.11
CA THR Y 508 19.17 54.71 46.72
C THR Y 508 18.74 53.37 46.15
N ASP Y 509 18.21 53.40 44.92
CA ASP Y 509 17.92 52.19 44.15
C ASP Y 509 18.98 52.05 43.07
N HIS Y 510 19.73 50.95 43.12
CA HIS Y 510 20.84 50.72 42.21
C HIS Y 510 20.51 49.81 41.03
N GLY Y 511 19.25 49.38 40.89
CA GLY Y 511 18.87 48.49 39.81
C GLY Y 511 19.23 47.03 40.06
N THR Y 512 19.16 46.25 38.99
CA THR Y 512 19.35 44.80 39.04
C THR Y 512 20.73 44.41 38.54
N LEU Y 513 21.42 43.54 39.29
CA LEU Y 513 22.74 43.03 38.95
C LEU Y 513 22.77 41.51 39.00
N PRO Y 514 23.59 40.87 38.16
CA PRO Y 514 23.68 39.40 38.18
C PRO Y 514 24.21 38.86 39.50
N LEU Y 515 23.61 37.76 39.94
CA LEU Y 515 23.81 37.19 41.26
C LEU Y 515 24.52 35.84 41.15
N ARG Y 516 25.37 35.53 42.13
CA ARG Y 516 26.01 34.21 42.17
C ARG Y 516 25.00 33.13 42.54
N SER Y 517 25.19 31.93 41.98
CA SER Y 517 24.24 30.84 42.20
C SER Y 517 24.33 30.25 43.61
N SER Y 518 25.47 30.34 44.27
CA SER Y 518 25.63 29.84 45.62
C SER Y 518 26.15 30.95 46.51
N ILE Y 519 25.45 31.22 47.60
CA ILE Y 519 25.73 32.35 48.48
C ILE Y 519 26.12 31.80 49.85
N ARG Y 520 27.30 32.17 50.32
CA ARG Y 520 27.76 31.76 51.65
C ARG Y 520 27.07 32.55 52.75
N GLY Y 521 27.09 31.99 53.95
CA GLY Y 521 26.37 32.57 55.08
C GLY Y 521 26.96 33.83 55.64
N VAL Y 522 28.26 34.08 55.42
CA VAL Y 522 28.92 35.29 55.90
C VAL Y 522 29.33 36.13 54.69
N GLN Y 523 29.01 37.43 54.73
CA GLN Y 523 29.17 38.33 53.60
C GLN Y 523 29.95 39.56 54.01
N ARG Y 524 30.74 40.10 53.08
CA ARG Y 524 31.51 41.31 53.27
C ARG Y 524 30.84 42.51 52.61
N VAL Y 525 30.82 43.64 53.31
CA VAL Y 525 30.23 44.89 52.84
C VAL Y 525 31.28 45.98 52.93
N THR Y 526 31.50 46.74 51.85
CA THR Y 526 32.54 47.75 51.79
C THR Y 526 32.06 49.02 51.10
N VAL Y 527 32.46 50.17 51.63
CA VAL Y 527 32.18 51.48 51.05
C VAL Y 527 33.51 52.26 50.96
N THR Y 528 33.87 52.72 49.76
CA THR Y 528 35.12 53.45 49.54
C THR Y 528 34.88 54.72 48.73
N ASP Y 529 35.85 55.64 48.82
CA ASP Y 529 35.78 56.93 48.16
C ASP Y 529 36.45 56.87 46.79
N ALA Y 530 36.65 58.04 46.17
CA ALA Y 530 37.16 58.10 44.80
C ALA Y 530 38.60 57.61 44.70
N ARG Y 531 39.40 57.78 45.74
CA ARG Y 531 40.76 57.26 45.78
C ARG Y 531 40.83 55.85 46.33
N ARG Y 532 39.67 55.21 46.55
CA ARG Y 532 39.54 53.83 47.03
C ARG Y 532 40.08 53.66 48.45
N ARG Y 533 39.84 54.65 49.30
CA ARG Y 533 40.01 54.52 50.74
C ARG Y 533 38.66 54.34 51.40
N THR Y 534 38.63 53.60 52.51
CA THR Y 534 37.40 53.55 53.29
C THR Y 534 37.15 54.89 53.98
N CYS Y 535 35.88 55.16 54.27
CA CYS Y 535 35.51 56.45 54.85
C CYS Y 535 35.17 56.29 56.33
N PRO Y 536 35.94 56.90 57.24
CA PRO Y 536 35.64 56.76 58.67
C PRO Y 536 34.40 57.50 59.14
N TYR Y 537 33.73 58.28 58.31
CA TYR Y 537 32.57 59.03 58.74
C TYR Y 537 31.23 58.36 58.40
N VAL Y 538 31.25 57.14 57.87
CA VAL Y 538 30.03 56.35 57.74
C VAL Y 538 29.72 55.70 59.08
N TYR Y 539 28.50 55.86 59.58
CA TYR Y 539 28.12 55.16 60.80
C TYR Y 539 26.82 54.36 60.68
N LYS Y 540 26.24 54.26 59.49
CA LYS Y 540 25.07 53.41 59.28
C LYS Y 540 25.01 53.04 57.81
N ALA Y 541 24.97 51.75 57.53
CA ALA Y 541 24.89 51.24 56.15
C ALA Y 541 24.12 49.94 56.13
N LEU Y 542 23.06 49.88 55.32
CA LEU Y 542 22.22 48.69 55.17
C LEU Y 542 22.01 48.37 53.70
N GLY Y 543 21.83 47.09 53.41
CA GLY Y 543 21.48 46.66 52.07
C GLY Y 543 20.34 45.67 52.08
N ILE Y 544 19.51 45.73 51.06
CA ILE Y 544 18.39 44.83 50.85
C ILE Y 544 18.42 44.36 49.41
N VAL Y 545 18.40 43.04 49.20
CA VAL Y 545 18.49 42.43 47.88
C VAL Y 545 17.25 41.59 47.62
N ALA Y 546 16.69 41.72 46.42
CA ALA Y 546 15.51 40.95 46.01
C ALA Y 546 15.81 40.10 44.78
N PRO Y 547 16.11 38.81 44.93
CA PRO Y 547 16.45 37.98 43.76
C PRO Y 547 15.26 37.69 42.87
N ARG Y 548 15.55 37.46 41.58
CA ARG Y 548 14.56 37.00 40.61
C ARG Y 548 15.28 36.40 39.41
N VAL Y 549 14.52 35.64 38.61
CA VAL Y 549 15.07 34.93 37.46
C VAL Y 549 15.25 35.90 36.28
N LEU Y 550 16.41 35.84 35.65
CA LEU Y 550 16.72 36.63 34.47
C LEU Y 550 16.59 35.85 33.16
N SER Y 551 17.20 34.68 33.07
CA SER Y 551 17.11 33.88 31.84
C SER Y 551 17.34 32.42 32.18
N SER Y 552 17.11 31.58 31.17
CA SER Y 552 17.23 30.14 31.31
C SER Y 552 18.66 29.67 31.09
N ARG Y 553 19.01 28.56 31.74
CA ARG Y 553 20.29 27.86 31.59
C ARG Y 553 21.47 28.66 32.11
N ARG Z 48 24.29 -1.01 -39.89
CA ARG Z 48 25.28 0.01 -40.18
C ARG Z 48 26.45 -0.53 -41.01
N ASN Z 49 26.14 -1.38 -41.99
CA ASN Z 49 27.19 -2.01 -42.78
C ASN Z 49 26.87 -2.07 -44.27
N SER Z 50 26.00 -1.20 -44.77
CA SER Z 50 25.60 -1.25 -46.17
C SER Z 50 26.55 -0.44 -47.04
N ILE Z 51 26.59 -0.78 -48.33
CA ILE Z 51 27.44 -0.15 -49.33
C ILE Z 51 26.57 0.21 -50.53
N ARG Z 52 26.57 1.49 -50.91
CA ARG Z 52 25.60 2.02 -51.87
C ARG Z 52 26.29 2.74 -53.02
N TYR Z 53 25.69 2.62 -54.21
CA TYR Z 53 26.18 3.25 -55.43
C TYR Z 53 25.16 4.28 -55.88
N SER Z 54 25.63 5.49 -56.20
CA SER Z 54 24.75 6.65 -56.36
C SER Z 54 23.79 6.52 -57.54
N GLU Z 55 24.04 5.61 -58.48
CA GLU Z 55 23.13 5.48 -59.61
C GLU Z 55 22.01 4.48 -59.38
N LEU Z 56 21.92 3.87 -58.21
CA LEU Z 56 20.89 2.87 -57.91
C LEU Z 56 20.03 3.32 -56.74
N SER Z 57 18.73 2.99 -56.80
CA SER Z 57 17.78 3.35 -55.76
C SER Z 57 16.58 2.42 -55.82
N PRO Z 58 15.98 2.07 -54.68
CA PRO Z 58 14.84 1.16 -54.69
C PRO Z 58 13.51 1.85 -54.97
N LEU Z 59 12.51 1.06 -55.37
CA LEU Z 59 11.23 1.56 -55.87
C LEU Z 59 10.09 1.31 -54.88
N TYR Z 60 9.15 2.27 -54.82
CA TYR Z 60 8.02 2.19 -53.91
C TYR Z 60 6.74 2.75 -54.55
N ASP Z 61 5.61 2.19 -54.11
CA ASP Z 61 4.23 2.69 -54.21
C ASP Z 61 3.53 2.62 -55.56
N THR Z 62 4.26 2.60 -56.68
CA THR Z 62 3.65 2.56 -58.00
C THR Z 62 4.75 2.60 -59.06
N THR Z 63 4.41 2.14 -60.27
CA THR Z 63 5.34 2.07 -61.40
C THR Z 63 4.52 1.82 -62.66
N ARG Z 64 5.18 1.50 -63.77
CA ARG Z 64 4.52 1.16 -65.02
C ARG Z 64 5.05 -0.17 -65.57
N LEU Z 65 4.17 -0.94 -66.19
CA LEU Z 65 4.53 -2.13 -66.96
C LEU Z 65 4.00 -1.97 -68.37
N TYR Z 66 4.83 -2.26 -69.38
CA TYR Z 66 4.48 -2.05 -70.78
C TYR Z 66 4.37 -3.39 -71.52
N LEU Z 67 3.28 -3.57 -72.25
CA LEU Z 67 3.00 -4.77 -73.03
C LEU Z 67 2.95 -4.38 -74.50
N VAL Z 68 4.04 -4.61 -75.22
CA VAL Z 68 4.25 -4.05 -76.55
C VAL Z 68 4.47 -5.19 -77.54
N ASP Z 69 3.85 -5.06 -78.72
CA ASP Z 69 3.76 -6.16 -79.67
C ASP Z 69 4.84 -6.15 -80.75
N ASN Z 70 5.78 -5.20 -80.75
CA ASN Z 70 6.75 -5.10 -81.84
C ASN Z 70 8.16 -4.83 -81.31
N LYS Z 71 8.56 -5.50 -80.24
CA LYS Z 71 9.95 -5.45 -79.82
C LYS Z 71 10.83 -6.27 -80.77
N SER Z 72 12.02 -5.75 -81.08
CA SER Z 72 12.83 -6.34 -82.15
C SER Z 72 13.26 -7.77 -81.82
N ALA Z 73 13.71 -8.01 -80.58
CA ALA Z 73 14.19 -9.33 -80.22
C ALA Z 73 13.07 -10.33 -80.02
N ASP Z 74 11.90 -9.88 -79.53
CA ASP Z 74 10.77 -10.79 -79.35
C ASP Z 74 10.21 -11.27 -80.67
N ILE Z 75 10.34 -10.47 -81.73
CA ILE Z 75 9.85 -10.88 -83.04
C ILE Z 75 10.58 -12.12 -83.53
N ALA Z 76 11.90 -12.14 -83.37
CA ALA Z 76 12.70 -13.20 -83.95
C ALA Z 76 12.56 -14.52 -83.18
N SER Z 77 12.54 -14.47 -81.86
CA SER Z 77 12.69 -15.67 -81.05
C SER Z 77 11.41 -16.13 -80.35
N LEU Z 78 10.33 -15.38 -80.40
CA LEU Z 78 9.14 -15.80 -79.66
C LEU Z 78 7.92 -16.03 -80.54
N ASN Z 79 7.70 -15.21 -81.56
CA ASN Z 79 6.39 -15.09 -82.19
C ASN Z 79 6.40 -15.50 -83.65
N TYR Z 80 7.12 -16.58 -83.97
CA TYR Z 80 7.28 -16.97 -85.36
C TYR Z 80 5.96 -17.42 -85.98
N GLN Z 81 5.12 -18.11 -85.21
CA GLN Z 81 3.85 -18.63 -85.71
C GLN Z 81 2.62 -17.86 -85.21
N ASN Z 82 2.80 -16.66 -84.67
CA ASN Z 82 1.72 -15.91 -84.02
C ASN Z 82 1.28 -14.74 -84.90
N ASP Z 83 0.25 -14.03 -84.44
CA ASP Z 83 -0.19 -12.78 -85.07
C ASP Z 83 -0.57 -11.79 -83.96
N HIS Z 84 -0.96 -10.59 -84.36
CA HIS Z 84 -1.18 -9.51 -83.39
C HIS Z 84 -2.39 -9.73 -82.50
N SER Z 85 -3.24 -10.70 -82.81
CA SER Z 85 -4.36 -11.03 -81.93
C SER Z 85 -3.98 -12.00 -80.82
N ASN Z 86 -2.83 -12.69 -80.91
CA ASN Z 86 -2.43 -13.67 -79.90
C ASN Z 86 -0.90 -13.85 -79.97
N PHE Z 87 -0.18 -13.20 -79.05
CA PHE Z 87 1.27 -13.15 -79.14
C PHE Z 87 1.90 -13.17 -77.74
N LEU Z 88 3.21 -13.28 -77.71
CA LEU Z 88 4.00 -13.25 -76.49
C LEU Z 88 4.90 -12.02 -76.48
N THR Z 89 5.15 -11.48 -75.28
CA THR Z 89 6.02 -10.32 -75.15
C THR Z 89 6.72 -10.37 -73.79
N THR Z 90 7.81 -9.61 -73.69
CA THR Z 90 8.60 -9.55 -72.47
C THR Z 90 8.34 -8.22 -71.75
N VAL Z 91 8.06 -8.30 -70.44
CA VAL Z 91 7.90 -7.10 -69.64
C VAL Z 91 9.20 -6.62 -69.02
N VAL Z 92 10.29 -7.37 -69.17
CA VAL Z 92 11.61 -6.94 -68.73
C VAL Z 92 12.21 -6.06 -69.82
N GLN Z 93 12.55 -4.82 -69.45
CA GLN Z 93 13.05 -3.82 -70.40
C GLN Z 93 14.56 -3.60 -70.28
N ASN Z 94 15.33 -4.66 -70.04
CA ASN Z 94 16.77 -4.58 -69.78
C ASN Z 94 17.48 -5.40 -70.85
N ASN Z 95 18.22 -4.74 -71.73
CA ASN Z 95 18.83 -5.40 -72.88
C ASN Z 95 20.13 -6.14 -72.56
N ASP Z 96 20.49 -6.28 -71.28
CA ASP Z 96 21.58 -7.17 -70.91
C ASP Z 96 21.20 -8.64 -71.06
N PHE Z 97 19.93 -8.95 -71.33
CA PHE Z 97 19.44 -10.32 -71.41
C PHE Z 97 18.61 -10.50 -72.67
N THR Z 98 18.65 -11.72 -73.20
CA THR Z 98 17.77 -12.12 -74.29
C THR Z 98 16.37 -12.46 -73.74
N PRO Z 99 15.35 -12.45 -74.60
CA PRO Z 99 14.01 -12.82 -74.12
C PRO Z 99 13.93 -14.21 -73.50
N THR Z 100 14.69 -15.17 -74.04
CA THR Z 100 14.71 -16.50 -73.44
C THR Z 100 15.24 -16.46 -72.01
N GLU Z 101 16.33 -15.73 -71.79
CA GLU Z 101 16.84 -15.57 -70.42
C GLU Z 101 15.85 -14.82 -69.55
N ALA Z 102 15.18 -13.80 -70.11
CA ALA Z 102 14.24 -13.01 -69.33
C ALA Z 102 13.04 -13.83 -68.86
N SER Z 103 12.71 -14.91 -69.56
CA SER Z 103 11.50 -15.67 -69.24
C SER Z 103 11.57 -16.27 -67.84
N THR Z 104 12.76 -16.53 -67.32
CA THR Z 104 12.89 -17.10 -65.98
C THR Z 104 12.96 -16.05 -64.87
N GLN Z 105 13.07 -14.77 -65.19
CA GLN Z 105 13.14 -13.73 -64.18
C GLN Z 105 11.75 -13.34 -63.71
N THR Z 106 11.68 -12.66 -62.57
CA THR Z 106 10.40 -12.26 -61.99
C THR Z 106 10.45 -10.82 -61.48
N ILE Z 107 9.27 -10.23 -61.36
CA ILE Z 107 9.04 -8.96 -60.67
C ILE Z 107 8.12 -9.23 -59.50
N ASN Z 108 8.51 -8.77 -58.32
CA ASN Z 108 7.83 -9.15 -57.08
C ASN Z 108 7.27 -7.93 -56.36
N PHE Z 109 5.95 -7.94 -56.11
CA PHE Z 109 5.27 -6.93 -55.34
C PHE Z 109 5.08 -7.41 -53.91
N ASP Z 110 5.32 -6.54 -52.93
CA ASP Z 110 5.46 -6.97 -51.54
C ASP Z 110 4.28 -7.81 -51.08
N GLU Z 111 4.60 -8.99 -50.55
CA GLU Z 111 3.59 -9.99 -50.22
C GLU Z 111 2.76 -9.64 -49.00
N ARG Z 112 3.12 -8.61 -48.25
CA ARG Z 112 2.31 -8.16 -47.13
C ARG Z 112 1.17 -7.23 -47.55
N SER Z 113 0.99 -6.99 -48.85
CA SER Z 113 -0.13 -6.22 -49.36
C SER Z 113 -0.79 -6.99 -50.50
N ARG Z 114 -2.05 -6.67 -50.77
CA ARG Z 114 -2.74 -7.10 -51.98
C ARG Z 114 -2.71 -5.95 -52.99
N TRP Z 115 -2.37 -6.26 -54.23
CA TRP Z 115 -2.11 -5.25 -55.25
C TRP Z 115 -3.15 -5.30 -56.36
N GLY Z 116 -3.42 -4.13 -56.95
CA GLY Z 116 -4.28 -4.05 -58.12
C GLY Z 116 -3.59 -3.27 -59.22
N GLY Z 117 -4.10 -3.43 -60.43
CA GLY Z 117 -3.53 -2.77 -61.59
C GLY Z 117 -4.54 -2.09 -62.48
N GLN Z 118 -4.35 -0.80 -62.73
CA GLN Z 118 -5.21 -0.05 -63.64
C GLN Z 118 -4.74 -0.27 -65.08
N LEU Z 119 -5.65 -0.66 -65.95
CA LEU Z 119 -5.32 -1.11 -67.30
C LEU Z 119 -5.86 -0.16 -68.36
N LYS Z 120 -4.99 0.27 -69.27
CA LYS Z 120 -5.37 1.05 -70.45
C LYS Z 120 -4.87 0.33 -71.71
N THR Z 121 -5.68 0.34 -72.76
CA THR Z 121 -5.33 -0.36 -73.99
C THR Z 121 -5.48 0.57 -75.19
N ILE Z 122 -4.74 0.23 -76.25
CA ILE Z 122 -4.82 0.89 -77.54
C ILE Z 122 -4.93 -0.18 -78.61
N MET Z 123 -5.91 -0.05 -79.51
CA MET Z 123 -6.17 -1.06 -80.54
C MET Z 123 -6.50 -0.40 -81.86
N HIS Z 124 -6.05 -1.00 -82.96
CA HIS Z 124 -6.36 -0.53 -84.31
C HIS Z 124 -6.60 -1.72 -85.23
N THR Z 125 -7.60 -1.61 -86.10
CA THR Z 125 -8.03 -2.71 -86.97
C THR Z 125 -8.06 -2.25 -88.43
N ASN Z 126 -8.12 -3.22 -89.34
CA ASN Z 126 -8.24 -2.95 -90.78
C ASN Z 126 -9.24 -3.90 -91.45
N MET Z 127 -10.41 -4.09 -90.84
CA MET Z 127 -11.42 -5.04 -91.33
C MET Z 127 -12.23 -4.45 -92.49
N PRO Z 128 -12.36 -5.15 -93.61
CA PRO Z 128 -13.33 -4.76 -94.64
C PRO Z 128 -14.73 -5.31 -94.35
N ASN Z 129 -15.73 -4.63 -94.89
CA ASN Z 129 -17.11 -4.95 -94.48
C ASN Z 129 -17.67 -6.21 -95.13
N VAL Z 130 -17.17 -6.62 -96.28
CA VAL Z 130 -17.62 -7.85 -96.94
C VAL Z 130 -16.45 -8.83 -96.94
N ASN Z 131 -16.55 -9.88 -96.12
CA ASN Z 131 -15.46 -10.84 -95.98
C ASN Z 131 -16.02 -12.19 -95.51
N GLU Z 132 -15.20 -13.23 -95.69
CA GLU Z 132 -15.63 -14.58 -95.39
C GLU Z 132 -15.64 -14.88 -93.89
N TYR Z 133 -14.68 -14.33 -93.14
CA TYR Z 133 -14.52 -14.70 -91.73
C TYR Z 133 -15.73 -14.30 -90.89
N MET Z 134 -16.41 -13.22 -91.27
CA MET Z 134 -17.54 -12.69 -90.50
C MET Z 134 -18.90 -13.05 -91.10
N PHE Z 135 -18.93 -13.95 -92.07
CA PHE Z 135 -20.17 -14.47 -92.67
C PHE Z 135 -20.99 -13.37 -93.37
N SER Z 136 -20.32 -12.35 -93.89
CA SER Z 136 -20.97 -11.33 -94.70
C SER Z 136 -20.69 -11.53 -96.18
N ASN Z 137 -20.38 -12.75 -96.58
CA ASN Z 137 -19.91 -13.08 -97.91
C ASN Z 137 -20.90 -13.87 -98.74
N LYS Z 138 -21.97 -14.39 -98.14
CA LYS Z 138 -22.79 -15.40 -98.80
C LYS Z 138 -24.23 -15.32 -98.33
N PHE Z 139 -25.12 -15.86 -99.14
CA PHE Z 139 -26.54 -16.03 -98.83
C PHE Z 139 -27.09 -17.16 -99.70
N LYS Z 140 -28.31 -17.60 -99.37
CA LYS Z 140 -28.97 -18.67 -100.10
C LYS Z 140 -30.28 -18.19 -100.70
N ALA Z 141 -30.63 -18.76 -101.86
CA ALA Z 141 -31.86 -18.40 -102.55
C ALA Z 141 -32.34 -19.56 -103.41
N ARG Z 142 -33.62 -19.52 -103.77
CA ARG Z 142 -34.26 -20.54 -104.59
C ARG Z 142 -34.72 -19.92 -105.90
N VAL Z 143 -34.20 -20.44 -107.02
CA VAL Z 143 -34.48 -19.90 -108.33
C VAL Z 143 -34.94 -21.04 -109.25
N MET Z 144 -35.33 -20.68 -110.47
CA MET Z 144 -35.86 -21.63 -111.44
C MET Z 144 -34.74 -22.18 -112.31
N VAL Z 145 -34.68 -23.51 -112.41
CA VAL Z 145 -33.63 -24.17 -113.15
C VAL Z 145 -34.10 -24.67 -114.52
N SER Z 146 -35.36 -25.03 -114.67
CA SER Z 146 -35.86 -25.55 -115.93
C SER Z 146 -37.30 -25.15 -116.15
N ARG Z 147 -37.61 -24.65 -117.33
CA ARG Z 147 -38.97 -24.60 -117.83
C ARG Z 147 -39.25 -25.90 -118.58
N LYS Z 148 -40.37 -25.97 -119.30
CA LYS Z 148 -40.69 -27.19 -120.05
C LYS Z 148 -39.73 -27.39 -121.20
N ASP Z 171 -46.76 -26.26 -119.24
CA ASP Z 171 -45.35 -26.10 -118.86
C ASP Z 171 -45.12 -26.54 -117.42
N ILE Z 172 -44.04 -27.29 -117.20
CA ILE Z 172 -43.65 -27.75 -115.87
C ILE Z 172 -42.37 -27.00 -115.48
N LEU Z 173 -42.38 -26.45 -114.28
CA LEU Z 173 -41.30 -25.58 -113.80
C LEU Z 173 -40.59 -26.25 -112.62
N LYS Z 174 -39.27 -26.21 -112.64
CA LYS Z 174 -38.45 -26.81 -111.60
C LYS Z 174 -37.60 -25.73 -110.91
N TYR Z 175 -37.49 -25.85 -109.58
CA TYR Z 175 -36.75 -24.88 -108.77
C TYR Z 175 -35.76 -25.63 -107.88
N GLU Z 176 -34.73 -24.92 -107.45
CA GLU Z 176 -33.69 -25.51 -106.61
C GLU Z 176 -33.01 -24.43 -105.78
N TRP Z 177 -32.45 -24.86 -104.63
CA TRP Z 177 -31.71 -23.98 -103.74
C TRP Z 177 -30.23 -23.96 -104.11
N PHE Z 178 -29.60 -22.80 -103.96
CA PHE Z 178 -28.18 -22.63 -104.18
C PHE Z 178 -27.61 -21.68 -103.12
N GLU Z 179 -26.29 -21.70 -102.98
CA GLU Z 179 -25.57 -20.74 -102.16
C GLU Z 179 -24.72 -19.85 -103.05
N PHE Z 180 -24.82 -18.54 -102.84
CA PHE Z 180 -24.17 -17.55 -103.70
C PHE Z 180 -23.03 -16.87 -102.94
N ILE Z 181 -21.94 -16.57 -103.65
CA ILE Z 181 -20.72 -16.02 -103.04
C ILE Z 181 -20.36 -14.72 -103.73
N LEU Z 182 -20.05 -13.69 -102.93
CA LEU Z 182 -19.57 -12.37 -103.34
C LEU Z 182 -18.05 -12.29 -103.19
N PRO Z 183 -17.38 -11.45 -103.97
CA PRO Z 183 -15.95 -11.23 -103.74
C PRO Z 183 -15.72 -10.21 -102.63
N GLU Z 184 -14.57 -10.34 -101.97
CA GLU Z 184 -14.28 -9.58 -100.75
C GLU Z 184 -13.77 -8.18 -101.03
N GLY Z 185 -14.06 -7.27 -100.12
CA GLY Z 185 -13.69 -5.87 -100.26
C GLY Z 185 -14.50 -5.01 -99.31
N ASN Z 186 -14.24 -3.71 -99.40
CA ASN Z 186 -14.90 -2.71 -98.57
C ASN Z 186 -15.79 -1.84 -99.45
N PHE Z 187 -17.10 -2.09 -99.40
CA PHE Z 187 -18.02 -1.50 -100.36
C PHE Z 187 -19.12 -0.71 -99.65
N SER Z 188 -19.69 0.25 -100.38
CA SER Z 188 -20.87 0.94 -99.89
C SER Z 188 -22.10 0.03 -100.01
N ALA Z 189 -23.22 0.48 -99.42
CA ALA Z 189 -24.42 -0.33 -99.41
C ALA Z 189 -25.00 -0.51 -100.81
N THR Z 190 -25.01 0.55 -101.63
CA THR Z 190 -25.52 0.43 -102.99
C THR Z 190 -24.65 -0.52 -103.83
N MET Z 191 -23.33 -0.40 -103.71
CA MET Z 191 -22.44 -1.27 -104.44
C MET Z 191 -22.58 -2.73 -104.01
N THR Z 192 -22.88 -2.96 -102.73
CA THR Z 192 -23.11 -4.32 -102.25
C THR Z 192 -24.34 -4.94 -102.89
N ILE Z 193 -25.42 -4.16 -103.02
CA ILE Z 193 -26.66 -4.65 -103.61
C ILE Z 193 -26.46 -4.98 -105.09
N ASP Z 194 -25.61 -4.22 -105.80
CA ASP Z 194 -25.30 -4.57 -107.18
C ASP Z 194 -24.61 -5.92 -107.27
N LEU Z 195 -23.71 -6.21 -106.34
CA LEU Z 195 -23.00 -7.49 -106.37
C LEU Z 195 -23.93 -8.66 -106.11
N MET Z 196 -24.93 -8.49 -105.24
CA MET Z 196 -25.88 -9.57 -104.98
C MET Z 196 -26.75 -9.85 -106.21
N ASN Z 197 -27.19 -8.81 -106.93
CA ASN Z 197 -27.91 -9.03 -108.18
C ASN Z 197 -27.04 -9.73 -109.21
N ASN Z 198 -25.77 -9.33 -109.30
CA ASN Z 198 -24.85 -9.93 -110.25
C ASN Z 198 -24.63 -11.41 -109.97
N ALA Z 199 -24.64 -11.81 -108.70
CA ALA Z 199 -24.49 -13.22 -108.36
C ALA Z 199 -25.68 -14.04 -108.85
N ILE Z 200 -26.89 -13.49 -108.72
CA ILE Z 200 -28.09 -14.19 -109.19
C ILE Z 200 -28.01 -14.42 -110.69
N ILE Z 201 -27.62 -13.38 -111.44
CA ILE Z 201 -27.61 -13.45 -112.89
C ILE Z 201 -26.57 -14.44 -113.40
N ASP Z 202 -25.41 -14.51 -112.75
CA ASP Z 202 -24.39 -15.47 -113.16
C ASP Z 202 -24.86 -16.91 -113.01
N ASN Z 203 -25.81 -17.17 -112.11
CA ASN Z 203 -26.42 -18.48 -112.02
C ASN Z 203 -27.38 -18.73 -113.18
N TYR Z 204 -28.05 -17.68 -113.66
CA TYR Z 204 -28.96 -17.83 -114.79
C TYR Z 204 -28.21 -17.98 -116.12
N LEU Z 205 -26.93 -17.59 -116.17
CA LEU Z 205 -26.16 -17.76 -117.39
C LEU Z 205 -25.43 -19.11 -117.46
N GLU Z 206 -25.18 -19.74 -116.31
CA GLU Z 206 -24.49 -21.03 -116.26
C GLU Z 206 -25.47 -22.20 -116.27
N ILE Z 207 -26.58 -22.08 -115.55
CA ILE Z 207 -27.69 -23.01 -115.57
C ILE Z 207 -28.85 -22.17 -116.08
N GLY Z 208 -30.05 -22.74 -116.18
CA GLY Z 208 -31.14 -21.86 -116.49
C GLY Z 208 -31.24 -21.59 -117.99
N ARG Z 209 -30.66 -20.47 -118.43
CA ARG Z 209 -30.74 -20.02 -119.81
C ARG Z 209 -30.60 -21.15 -120.83
N GLN Z 210 -29.66 -22.06 -120.60
CA GLN Z 210 -29.48 -23.19 -121.52
C GLN Z 210 -30.51 -24.28 -121.32
N ASN Z 211 -31.44 -24.14 -120.37
CA ASN Z 211 -32.50 -25.13 -120.13
C ASN Z 211 -33.89 -24.52 -120.30
N GLY Z 212 -34.02 -23.44 -121.05
CA GLY Z 212 -35.31 -22.96 -121.49
C GLY Z 212 -35.96 -21.87 -120.66
N VAL Z 213 -35.27 -21.31 -119.67
CA VAL Z 213 -35.86 -20.20 -118.91
C VAL Z 213 -35.56 -18.90 -119.64
N LEU Z 214 -36.52 -17.99 -119.63
CA LEU Z 214 -36.38 -16.72 -120.31
C LEU Z 214 -35.92 -15.64 -119.35
N GLU Z 215 -35.46 -14.52 -119.92
CA GLU Z 215 -35.09 -13.38 -119.09
C GLU Z 215 -36.34 -12.59 -118.75
N SER Z 216 -37.38 -13.29 -118.32
CA SER Z 216 -38.57 -12.68 -117.74
C SER Z 216 -39.13 -13.53 -116.61
N ASP Z 217 -38.41 -14.58 -116.20
CA ASP Z 217 -38.80 -15.43 -115.09
C ASP Z 217 -37.67 -15.61 -114.08
N ILE Z 218 -36.77 -14.63 -113.98
CA ILE Z 218 -35.61 -14.75 -113.09
C ILE Z 218 -36.06 -15.06 -111.67
N GLY Z 219 -36.82 -14.15 -111.06
CA GLY Z 219 -37.54 -14.49 -109.85
C GLY Z 219 -36.97 -13.99 -108.54
N VAL Z 220 -35.75 -13.44 -108.51
CA VAL Z 220 -35.19 -12.85 -107.30
C VAL Z 220 -34.44 -11.58 -107.70
N LYS Z 221 -34.84 -10.44 -107.11
CA LYS Z 221 -34.16 -9.18 -107.36
C LYS Z 221 -34.18 -8.32 -106.11
N PHE Z 222 -33.08 -7.58 -105.88
CA PHE Z 222 -32.98 -6.64 -104.76
C PHE Z 222 -33.11 -5.22 -105.30
N ASP Z 223 -34.07 -4.46 -104.76
CA ASP Z 223 -34.41 -3.15 -105.29
C ASP Z 223 -34.44 -2.12 -104.16
N THR Z 224 -34.75 -0.87 -104.52
CA THR Z 224 -34.88 0.22 -103.56
C THR Z 224 -36.13 1.07 -103.75
N ARG Z 225 -36.96 0.79 -104.73
CA ARG Z 225 -38.03 1.70 -105.13
C ARG Z 225 -39.32 1.43 -104.37
N ASN Z 226 -40.19 2.44 -104.34
CA ASN Z 226 -41.55 2.32 -103.80
C ASN Z 226 -42.48 2.15 -104.99
N PHE Z 227 -42.75 0.90 -105.34
CA PHE Z 227 -43.74 0.64 -106.38
C PHE Z 227 -45.11 1.08 -105.88
N ARG Z 228 -46.01 1.35 -106.82
CA ARG Z 228 -47.37 1.87 -106.59
C ARG Z 228 -47.39 3.31 -106.06
N LEU Z 229 -46.33 4.08 -106.25
CA LEU Z 229 -46.34 5.48 -105.82
C LEU Z 229 -47.38 6.28 -106.62
N GLY Z 230 -47.33 6.21 -107.94
CA GLY Z 230 -48.25 6.98 -108.77
C GLY Z 230 -49.57 6.29 -109.06
N TRP Z 231 -50.00 5.43 -108.14
CA TRP Z 231 -51.20 4.63 -108.31
C TRP Z 231 -52.45 5.50 -108.30
N ASP Z 232 -53.46 5.10 -109.07
CA ASP Z 232 -54.71 5.83 -109.17
C ASP Z 232 -55.85 5.01 -108.62
N PRO Z 233 -56.67 5.57 -107.73
CA PRO Z 233 -57.70 4.75 -107.06
C PRO Z 233 -58.83 4.31 -107.97
N GLU Z 234 -59.02 4.94 -109.13
CA GLU Z 234 -60.10 4.54 -110.03
C GLU Z 234 -59.63 3.52 -111.07
N THR Z 235 -58.60 3.87 -111.85
CA THR Z 235 -58.09 2.94 -112.86
C THR Z 235 -57.24 1.83 -112.27
N LYS Z 236 -56.72 2.02 -111.05
CA LYS Z 236 -55.91 1.01 -110.36
C LYS Z 236 -54.69 0.61 -111.18
N LEU Z 237 -54.06 1.58 -111.84
CA LEU Z 237 -52.83 1.36 -112.57
C LEU Z 237 -51.90 2.54 -112.34
N ILE Z 238 -50.62 2.32 -112.63
CA ILE Z 238 -49.61 3.37 -112.48
C ILE Z 238 -49.74 4.30 -113.68
N MET Z 239 -50.41 5.43 -113.50
CA MET Z 239 -50.74 6.31 -114.62
C MET Z 239 -49.55 6.81 -115.41
N PRO Z 240 -48.42 7.22 -114.81
CA PRO Z 240 -47.31 7.73 -115.63
C PRO Z 240 -46.74 6.73 -116.62
N GLY Z 241 -46.97 5.43 -116.42
CA GLY Z 241 -46.41 4.43 -117.29
C GLY Z 241 -45.01 3.96 -116.92
N VAL Z 242 -44.37 4.60 -115.94
CA VAL Z 242 -43.10 4.14 -115.38
C VAL Z 242 -43.16 4.30 -113.87
N TYR Z 243 -42.58 3.33 -113.17
CA TYR Z 243 -42.48 3.43 -111.72
C TYR Z 243 -41.56 4.58 -111.32
N THR Z 244 -41.88 5.21 -110.19
CA THR Z 244 -41.09 6.35 -109.72
C THR Z 244 -39.65 5.90 -109.43
N TYR Z 245 -38.69 6.64 -109.97
CA TYR Z 245 -37.28 6.25 -109.92
C TYR Z 245 -36.56 6.94 -108.75
N GLU Z 246 -37.05 6.70 -107.54
CA GLU Z 246 -36.48 7.26 -106.31
C GLU Z 246 -36.25 6.16 -105.30
N ALA Z 247 -35.19 6.32 -104.50
CA ALA Z 247 -34.80 5.32 -103.51
C ALA Z 247 -35.49 5.60 -102.18
N PHE Z 248 -36.08 4.57 -101.59
CA PHE Z 248 -36.78 4.67 -100.31
C PHE Z 248 -36.16 3.81 -99.23
N HIS Z 249 -35.96 2.52 -99.49
CA HIS Z 249 -35.47 1.53 -98.54
C HIS Z 249 -35.19 0.25 -99.32
N PRO Z 250 -34.13 -0.49 -99.00
CA PRO Z 250 -33.86 -1.73 -99.72
C PRO Z 250 -34.99 -2.74 -99.59
N ASP Z 251 -35.21 -3.50 -100.67
CA ASP Z 251 -36.41 -4.30 -100.84
C ASP Z 251 -36.08 -5.60 -101.55
N ILE Z 252 -36.96 -6.58 -101.40
CA ILE Z 252 -36.85 -7.91 -102.01
C ILE Z 252 -38.07 -8.14 -102.89
N VAL Z 253 -37.84 -8.52 -104.15
CA VAL Z 253 -38.90 -8.77 -105.12
C VAL Z 253 -38.86 -10.23 -105.55
N LEU Z 254 -40.01 -10.91 -105.51
CA LEU Z 254 -40.08 -12.34 -105.73
C LEU Z 254 -41.17 -12.71 -106.74
N LEU Z 255 -40.94 -13.82 -107.46
CA LEU Z 255 -41.87 -14.54 -108.32
C LEU Z 255 -42.32 -15.82 -107.64
N PRO Z 256 -43.45 -16.41 -108.08
CA PRO Z 256 -43.94 -17.62 -107.41
C PRO Z 256 -42.91 -18.75 -107.46
N GLY Z 257 -42.82 -19.48 -106.36
CA GLY Z 257 -41.90 -20.59 -106.25
C GLY Z 257 -40.49 -20.24 -105.77
N CYS Z 258 -40.19 -18.97 -105.53
CA CYS Z 258 -38.85 -18.54 -105.16
C CYS Z 258 -38.81 -18.09 -103.70
N GLY Z 259 -37.61 -17.76 -103.24
CA GLY Z 259 -37.42 -17.29 -101.88
C GLY Z 259 -35.96 -17.08 -101.57
N VAL Z 260 -35.70 -16.45 -100.42
CA VAL Z 260 -34.35 -16.21 -99.92
C VAL Z 260 -34.27 -16.68 -98.47
N ASP Z 261 -33.07 -17.05 -98.05
CA ASP Z 261 -32.84 -17.59 -96.70
C ASP Z 261 -31.58 -16.98 -96.11
N PHE Z 262 -31.73 -16.30 -94.97
CA PHE Z 262 -30.62 -15.60 -94.33
C PHE Z 262 -30.18 -16.26 -93.03
N THR Z 263 -30.38 -17.56 -92.88
CA THR Z 263 -30.05 -18.24 -91.62
C THR Z 263 -28.56 -18.16 -91.33
N GLU Z 264 -27.72 -18.27 -92.35
CA GLU Z 264 -26.28 -18.29 -92.15
C GLU Z 264 -25.62 -17.10 -92.84
N SER Z 265 -26.19 -15.91 -92.64
CA SER Z 265 -25.72 -14.71 -93.34
C SER Z 265 -26.01 -13.49 -92.48
N ARG Z 266 -25.15 -12.49 -92.61
CA ARG Z 266 -25.33 -11.21 -91.92
C ARG Z 266 -25.75 -10.10 -92.87
N LEU Z 267 -26.10 -10.43 -94.11
CA LEU Z 267 -26.49 -9.42 -95.09
C LEU Z 267 -27.90 -8.89 -94.88
N SER Z 268 -28.71 -9.53 -94.02
CA SER Z 268 -30.01 -8.96 -93.71
C SER Z 268 -29.90 -7.68 -92.88
N ASN Z 269 -28.82 -7.50 -92.11
CA ASN Z 269 -28.61 -6.25 -91.39
C ASN Z 269 -28.32 -5.10 -92.35
N LEU Z 270 -27.58 -5.37 -93.42
CA LEU Z 270 -27.32 -4.32 -94.41
C LEU Z 270 -28.58 -3.94 -95.17
N LEU Z 271 -29.52 -4.87 -95.32
CA LEU Z 271 -30.78 -4.57 -96.00
C LEU Z 271 -31.79 -3.86 -95.12
N GLY Z 272 -31.58 -3.84 -93.80
CA GLY Z 272 -32.55 -3.23 -92.91
C GLY Z 272 -33.82 -4.01 -92.72
N ILE Z 273 -33.75 -5.34 -92.76
CA ILE Z 273 -34.88 -6.22 -92.50
C ILE Z 273 -34.50 -7.17 -91.38
N ARG Z 274 -35.26 -7.15 -90.28
CA ARG Z 274 -34.94 -7.94 -89.10
C ARG Z 274 -36.19 -8.61 -88.57
N LYS Z 275 -35.98 -9.60 -87.69
CA LYS Z 275 -37.07 -10.35 -87.08
C LYS Z 275 -37.48 -9.74 -85.74
N ARG Z 276 -38.78 -9.74 -85.46
CA ARG Z 276 -39.28 -9.24 -84.19
C ARG Z 276 -38.97 -10.19 -83.04
N HIS Z 277 -38.62 -11.44 -83.32
CA HIS Z 277 -38.18 -12.42 -82.32
C HIS Z 277 -36.77 -12.86 -82.73
N PRO Z 278 -35.75 -12.06 -82.40
CA PRO Z 278 -34.43 -12.30 -82.98
C PRO Z 278 -33.70 -13.50 -82.39
N PHE Z 279 -34.19 -14.10 -81.31
CA PHE Z 279 -33.53 -15.26 -80.73
C PHE Z 279 -34.08 -16.59 -81.25
N GLN Z 280 -35.05 -16.58 -82.16
CA GLN Z 280 -35.57 -17.79 -82.76
C GLN Z 280 -34.78 -18.10 -84.03
N GLU Z 281 -34.22 -19.31 -84.10
CA GLU Z 281 -33.36 -19.66 -85.22
C GLU Z 281 -34.14 -19.77 -86.52
N GLY Z 282 -33.49 -19.35 -87.62
CA GLY Z 282 -34.09 -19.47 -88.94
C GLY Z 282 -34.70 -18.18 -89.46
N PHE Z 283 -34.35 -17.80 -90.69
CA PHE Z 283 -34.86 -16.57 -91.30
C PHE Z 283 -35.06 -16.84 -92.79
N LYS Z 284 -36.28 -17.20 -93.17
CA LYS Z 284 -36.62 -17.47 -94.56
C LYS Z 284 -37.83 -16.63 -94.97
N ILE Z 285 -37.79 -16.09 -96.18
CA ILE Z 285 -38.88 -15.30 -96.74
C ILE Z 285 -39.23 -15.89 -98.11
N MET Z 286 -40.43 -16.44 -98.23
CA MET Z 286 -40.88 -17.09 -99.46
C MET Z 286 -42.00 -16.28 -100.10
N TYR Z 287 -42.35 -16.67 -101.33
CA TYR Z 287 -43.38 -15.94 -102.08
C TYR Z 287 -44.74 -16.00 -101.38
N GLU Z 288 -45.02 -17.08 -100.67
CA GLU Z 288 -46.30 -17.20 -99.97
C GLU Z 288 -46.40 -16.31 -98.73
N ASP Z 289 -45.28 -15.80 -98.23
CA ASP Z 289 -45.30 -14.94 -97.05
C ASP Z 289 -45.53 -13.48 -97.39
N LEU Z 290 -45.48 -13.10 -98.66
CA LEU Z 290 -45.62 -11.70 -99.08
C LEU Z 290 -47.02 -11.37 -99.58
N GLU Z 291 -48.05 -11.95 -98.97
CA GLU Z 291 -49.41 -11.71 -99.42
C GLU Z 291 -49.78 -10.25 -99.30
N GLY Z 292 -50.50 -9.74 -100.30
CA GLY Z 292 -50.88 -8.35 -100.35
C GLY Z 292 -49.86 -7.41 -100.94
N GLY Z 293 -48.71 -7.93 -101.39
CA GLY Z 293 -47.66 -7.08 -101.88
C GLY Z 293 -47.43 -7.14 -103.38
N ASN Z 294 -48.45 -7.52 -104.15
CA ASN Z 294 -48.31 -7.59 -105.58
C ASN Z 294 -48.07 -6.21 -106.17
N ILE Z 295 -47.16 -6.14 -107.14
CA ILE Z 295 -46.79 -4.88 -107.78
C ILE Z 295 -47.82 -4.53 -108.84
N PRO Z 296 -48.47 -3.36 -108.75
CA PRO Z 296 -49.49 -3.01 -109.75
C PRO Z 296 -48.89 -2.90 -111.14
N ALA Z 297 -49.67 -3.32 -112.14
CA ALA Z 297 -49.23 -3.32 -113.52
C ALA Z 297 -49.23 -1.92 -114.11
N LEU Z 298 -48.39 -1.74 -115.12
CA LEU Z 298 -48.33 -0.52 -115.94
C LEU Z 298 -48.44 0.76 -115.14
N ILE Z 364 -57.16 2.54 -121.78
CA ILE Z 364 -57.15 2.07 -120.40
C ILE Z 364 -56.90 0.57 -120.34
N GLN Z 365 -55.67 0.16 -120.68
CA GLN Z 365 -55.28 -1.24 -120.60
C GLN Z 365 -53.84 -1.33 -120.12
N PRO Z 366 -53.50 -2.36 -119.35
CA PRO Z 366 -52.11 -2.50 -118.88
C PRO Z 366 -51.17 -2.88 -120.01
N LEU Z 367 -49.93 -2.39 -119.91
CA LEU Z 367 -48.89 -2.84 -120.82
C LEU Z 367 -48.51 -4.27 -120.49
N GLU Z 368 -48.42 -5.12 -121.51
CA GLU Z 368 -48.19 -6.54 -121.30
C GLU Z 368 -46.77 -6.99 -121.64
N LYS Z 369 -45.96 -6.14 -122.26
CA LYS Z 369 -44.62 -6.55 -122.66
C LYS Z 369 -43.73 -5.31 -122.73
N ASP Z 370 -42.42 -5.56 -122.75
CA ASP Z 370 -41.42 -4.51 -122.73
C ASP Z 370 -41.03 -4.12 -124.16
N SER Z 371 -40.04 -3.23 -124.28
CA SER Z 371 -39.64 -2.75 -125.60
C SER Z 371 -39.06 -3.87 -126.46
N LYS Z 372 -38.24 -4.75 -125.87
CA LYS Z 372 -37.61 -5.84 -126.59
C LYS Z 372 -38.39 -7.14 -126.47
N SER Z 373 -39.72 -7.05 -126.32
CA SER Z 373 -40.60 -8.22 -126.22
C SER Z 373 -40.20 -9.12 -125.05
N ARG Z 374 -40.31 -8.56 -123.85
CA ARG Z 374 -40.18 -9.33 -122.62
C ARG Z 374 -41.48 -9.24 -121.84
N SER Z 375 -41.97 -10.38 -121.39
CA SER Z 375 -43.23 -10.42 -120.65
C SER Z 375 -43.10 -9.73 -119.31
N TYR Z 376 -44.08 -8.90 -118.96
CA TYR Z 376 -44.19 -8.33 -117.63
C TYR Z 376 -44.94 -9.23 -116.66
N ASN Z 377 -45.38 -10.41 -117.10
CA ASN Z 377 -46.08 -11.38 -116.25
C ASN Z 377 -47.38 -10.81 -115.70
N VAL Z 378 -48.13 -10.10 -116.54
CA VAL Z 378 -49.43 -9.59 -116.12
C VAL Z 378 -50.40 -10.75 -115.93
N LEU Z 379 -51.30 -10.61 -114.97
CA LEU Z 379 -52.23 -11.66 -114.58
C LEU Z 379 -53.64 -11.34 -115.07
N GLU Z 380 -54.59 -12.18 -114.67
CA GLU Z 380 -56.00 -11.90 -114.94
C GLU Z 380 -56.45 -10.68 -114.13
N ASP Z 381 -57.55 -10.08 -114.56
CA ASP Z 381 -58.13 -8.86 -114.03
C ASP Z 381 -57.32 -7.64 -114.46
N LYS Z 382 -56.17 -7.87 -115.10
CA LYS Z 382 -55.44 -6.83 -115.82
C LYS Z 382 -55.14 -5.60 -114.97
N ILE Z 383 -54.86 -5.81 -113.68
CA ILE Z 383 -54.45 -4.74 -112.78
C ILE Z 383 -53.13 -5.04 -112.09
N ASN Z 384 -52.96 -6.25 -111.58
CA ASN Z 384 -51.78 -6.60 -110.80
C ASN Z 384 -50.88 -7.56 -111.57
N THR Z 385 -49.63 -7.62 -111.14
CA THR Z 385 -48.59 -8.44 -111.73
C THR Z 385 -48.18 -9.53 -110.74
N ALA Z 386 -47.60 -10.60 -111.27
CA ALA Z 386 -47.19 -11.73 -110.44
C ALA Z 386 -46.07 -11.37 -109.46
N TYR Z 387 -45.31 -10.30 -109.72
CA TYR Z 387 -44.23 -9.93 -108.82
C TYR Z 387 -44.77 -9.45 -107.48
N ARG Z 388 -44.12 -9.87 -106.39
CA ARG Z 388 -44.44 -9.39 -105.05
C ARG Z 388 -43.18 -8.79 -104.42
N SER Z 389 -43.37 -7.84 -103.51
CA SER Z 389 -42.26 -7.18 -102.85
C SER Z 389 -42.49 -7.06 -101.36
N TRP Z 390 -41.41 -7.16 -100.58
CA TRP Z 390 -41.49 -7.09 -99.12
C TRP Z 390 -41.99 -5.72 -98.67
N TYR Z 391 -41.52 -4.65 -99.31
CA TYR Z 391 -41.87 -3.31 -98.85
C TYR Z 391 -43.36 -3.01 -99.05
N LEU Z 392 -43.92 -3.43 -100.18
CA LEU Z 392 -45.35 -3.21 -100.41
C LEU Z 392 -46.19 -3.99 -99.42
N SER Z 393 -45.79 -5.23 -99.12
CA SER Z 393 -46.54 -6.03 -98.17
C SER Z 393 -46.42 -5.48 -96.75
N TYR Z 394 -45.25 -4.96 -96.39
CA TYR Z 394 -45.06 -4.39 -95.05
C TYR Z 394 -45.90 -3.14 -94.84
N ASN Z 395 -46.00 -2.29 -95.86
CA ASN Z 395 -46.64 -0.99 -95.69
C ASN Z 395 -48.12 -0.99 -96.10
N TYR Z 396 -48.53 -1.81 -97.05
CA TYR Z 396 -49.89 -1.76 -97.57
C TYR Z 396 -50.70 -3.04 -97.32
N GLY Z 397 -50.07 -4.13 -96.92
CA GLY Z 397 -50.76 -5.38 -96.70
C GLY Z 397 -51.52 -5.40 -95.38
N ASN Z 398 -51.98 -6.58 -95.01
CA ASN Z 398 -52.75 -6.75 -93.78
C ASN Z 398 -51.84 -6.62 -92.56
N PRO Z 399 -52.12 -5.71 -91.64
CA PRO Z 399 -51.22 -5.51 -90.49
C PRO Z 399 -51.07 -6.73 -89.60
N GLU Z 400 -52.09 -7.59 -89.49
CA GLU Z 400 -52.08 -8.67 -88.53
C GLU Z 400 -51.89 -10.05 -89.17
N LYS Z 401 -51.68 -10.12 -90.48
CA LYS Z 401 -51.46 -11.39 -91.15
C LYS Z 401 -50.31 -11.38 -92.14
N GLY Z 402 -49.90 -10.22 -92.65
CA GLY Z 402 -48.82 -10.16 -93.62
C GLY Z 402 -47.46 -10.22 -92.97
N ILE Z 403 -46.46 -9.84 -93.76
CA ILE Z 403 -45.07 -9.91 -93.33
C ILE Z 403 -44.79 -8.95 -92.17
N ARG Z 404 -45.64 -7.94 -91.97
CA ARG Z 404 -45.44 -6.96 -90.91
C ARG Z 404 -45.65 -7.54 -89.51
N SER Z 405 -46.29 -8.70 -89.40
CA SER Z 405 -46.57 -9.25 -88.08
C SER Z 405 -45.35 -9.90 -87.44
N TRP Z 406 -44.34 -10.29 -88.22
CA TRP Z 406 -43.15 -10.91 -87.64
C TRP Z 406 -41.83 -10.38 -88.19
N THR Z 407 -41.83 -9.33 -89.00
CA THR Z 407 -40.60 -8.66 -89.40
C THR Z 407 -40.67 -7.18 -89.06
N LEU Z 408 -39.51 -6.53 -89.08
CA LEU Z 408 -39.37 -5.14 -88.65
C LEU Z 408 -38.48 -4.40 -89.64
N LEU Z 409 -38.85 -3.16 -89.93
CA LEU Z 409 -38.10 -2.30 -90.86
C LEU Z 409 -37.15 -1.41 -90.07
N THR Z 410 -35.87 -1.42 -90.42
CA THR Z 410 -34.84 -0.67 -89.71
C THR Z 410 -33.94 0.06 -90.71
N THR Z 411 -33.13 0.99 -90.20
CA THR Z 411 -32.15 1.67 -91.04
C THR Z 411 -31.04 0.72 -91.46
N SER Z 412 -30.56 0.90 -92.69
CA SER Z 412 -29.49 0.07 -93.21
C SER Z 412 -28.19 0.26 -92.43
N ASP Z 413 -27.53 -0.85 -92.10
CA ASP Z 413 -26.29 -0.83 -91.34
C ASP Z 413 -25.17 -1.40 -92.21
N VAL Z 414 -24.30 -0.53 -92.72
CA VAL Z 414 -23.30 -0.94 -93.71
C VAL Z 414 -22.23 -1.85 -93.08
N THR Z 415 -21.94 -1.70 -91.79
CA THR Z 415 -20.94 -2.57 -91.16
C THR Z 415 -21.44 -4.00 -90.99
N CYS Z 416 -22.73 -4.25 -91.23
CA CYS Z 416 -23.39 -5.54 -91.08
C CYS Z 416 -23.53 -5.96 -89.62
N GLY Z 417 -23.36 -5.03 -88.68
CA GLY Z 417 -23.58 -5.31 -87.28
C GLY Z 417 -22.33 -5.70 -86.54
N VAL Z 418 -21.77 -4.80 -85.77
CA VAL Z 418 -20.55 -5.06 -85.04
C VAL Z 418 -20.91 -5.63 -83.67
N GLU Z 419 -20.06 -6.51 -83.16
CA GLU Z 419 -20.23 -7.07 -81.82
C GLU Z 419 -19.00 -6.73 -80.99
N GLN Z 420 -18.93 -7.32 -79.80
CA GLN Z 420 -17.92 -6.96 -78.82
C GLN Z 420 -16.64 -7.79 -79.00
N VAL Z 421 -15.57 -7.34 -78.33
CA VAL Z 421 -14.30 -8.05 -78.25
C VAL Z 421 -13.89 -8.16 -76.79
N TYR Z 422 -13.10 -9.19 -76.49
CA TYR Z 422 -12.65 -9.50 -75.13
C TYR Z 422 -11.12 -9.52 -75.05
N TRP Z 423 -10.58 -8.98 -73.96
CA TRP Z 423 -9.15 -9.00 -73.65
C TRP Z 423 -8.83 -10.06 -72.60
N SER Z 424 -7.69 -10.73 -72.77
CA SER Z 424 -7.18 -11.69 -71.78
C SER Z 424 -5.71 -11.45 -71.49
N LEU Z 425 -5.35 -11.49 -70.20
CA LEU Z 425 -3.95 -11.41 -69.76
C LEU Z 425 -3.71 -12.47 -68.69
N PRO Z 426 -3.65 -13.74 -69.08
CA PRO Z 426 -3.70 -14.82 -68.07
C PRO Z 426 -2.48 -14.90 -67.16
N ASP Z 427 -1.33 -14.37 -67.53
CA ASP Z 427 -0.14 -14.42 -66.68
C ASP Z 427 0.04 -13.19 -65.79
N MET Z 428 -0.87 -12.22 -65.86
CA MET Z 428 -0.71 -10.99 -65.08
C MET Z 428 -1.83 -10.77 -64.09
N MET Z 429 -3.09 -10.92 -64.51
CA MET Z 429 -4.24 -10.66 -63.66
C MET Z 429 -4.78 -11.95 -63.05
N GLN Z 430 -5.42 -11.82 -61.89
CA GLN Z 430 -6.17 -12.93 -61.32
C GLN Z 430 -7.46 -13.16 -62.11
N ASP Z 431 -7.92 -14.41 -62.11
CA ASP Z 431 -9.15 -14.75 -62.83
C ASP Z 431 -10.36 -14.11 -62.15
N PRO Z 432 -11.22 -13.42 -62.88
CA PRO Z 432 -12.46 -12.92 -62.29
C PRO Z 432 -13.42 -14.05 -61.88
N VAL Z 433 -14.39 -13.69 -61.04
CA VAL Z 433 -15.20 -14.66 -60.33
C VAL Z 433 -15.98 -15.55 -61.31
N THR Z 434 -15.99 -16.85 -61.02
CA THR Z 434 -16.60 -18.00 -61.70
C THR Z 434 -15.83 -18.47 -62.95
N PHE Z 435 -14.76 -17.80 -63.39
CA PHE Z 435 -13.95 -18.31 -64.49
C PHE Z 435 -12.98 -19.39 -63.98
N ARG Z 436 -12.81 -20.46 -64.78
CA ARG Z 436 -11.86 -21.51 -64.47
C ARG Z 436 -10.47 -21.20 -65.05
N SER Z 437 -9.44 -21.61 -64.32
CA SER Z 437 -8.08 -21.52 -64.85
C SER Z 437 -7.83 -22.61 -65.88
N THR Z 438 -7.20 -22.25 -67.00
CA THR Z 438 -7.03 -23.19 -68.10
C THR Z 438 -5.92 -22.70 -69.02
N ARG Z 439 -5.50 -23.58 -69.92
CA ARG Z 439 -4.55 -23.24 -70.97
C ARG Z 439 -5.14 -23.38 -72.37
N GLN Z 440 -6.45 -23.48 -72.51
CA GLN Z 440 -7.10 -23.50 -73.81
C GLN Z 440 -7.44 -22.09 -74.24
N VAL Z 441 -7.03 -21.72 -75.46
CA VAL Z 441 -7.11 -20.33 -75.90
C VAL Z 441 -8.57 -19.87 -75.99
N SER Z 442 -9.45 -20.71 -76.50
CA SER Z 442 -10.85 -20.31 -76.59
C SER Z 442 -11.56 -20.28 -75.22
N ASN Z 443 -10.88 -20.45 -74.09
CA ASN Z 443 -11.56 -20.39 -72.80
C ASN Z 443 -10.77 -19.60 -71.76
N TYR Z 444 -9.89 -18.69 -72.19
CA TYR Z 444 -9.17 -17.84 -71.25
C TYR Z 444 -10.14 -16.96 -70.46
N PRO Z 445 -9.85 -16.68 -69.20
CA PRO Z 445 -10.66 -15.70 -68.45
C PRO Z 445 -10.57 -14.31 -69.07
N VAL Z 446 -11.67 -13.56 -68.96
CA VAL Z 446 -11.85 -12.29 -69.65
C VAL Z 446 -11.60 -11.14 -68.67
N VAL Z 447 -10.75 -10.20 -69.07
CA VAL Z 447 -10.35 -9.10 -68.21
C VAL Z 447 -10.94 -7.75 -68.64
N GLY Z 448 -11.51 -7.65 -69.83
CA GLY Z 448 -12.16 -6.43 -70.28
C GLY Z 448 -12.91 -6.64 -71.56
N ALA Z 449 -13.83 -5.71 -71.86
CA ALA Z 449 -14.67 -5.81 -73.05
C ALA Z 449 -14.93 -4.43 -73.63
N GLU Z 450 -15.16 -4.39 -74.94
CA GLU Z 450 -15.47 -3.16 -75.67
C GLU Z 450 -16.01 -3.55 -77.05
N LEU Z 451 -16.43 -2.57 -77.82
CA LEU Z 451 -16.89 -2.83 -79.18
C LEU Z 451 -15.71 -2.96 -80.14
N MET Z 452 -15.83 -3.87 -81.08
CA MET Z 452 -14.90 -3.93 -82.20
C MET Z 452 -14.96 -2.59 -82.94
N PRO Z 453 -13.84 -1.89 -83.12
CA PRO Z 453 -13.87 -0.46 -83.47
C PRO Z 453 -14.07 -0.17 -84.96
N VAL Z 454 -15.26 -0.45 -85.45
CA VAL Z 454 -15.64 -0.21 -86.84
C VAL Z 454 -16.97 0.54 -86.84
N PHE Z 455 -17.03 1.64 -87.59
CA PHE Z 455 -18.18 2.55 -87.52
C PHE Z 455 -18.64 2.95 -88.92
N SER Z 456 -19.89 3.38 -88.99
CA SER Z 456 -20.51 3.86 -90.22
C SER Z 456 -20.38 5.39 -90.32
N LYS Z 457 -20.17 5.88 -91.54
CA LYS Z 457 -20.11 7.31 -91.81
C LYS Z 457 -21.00 7.66 -92.99
N SER Z 458 -21.69 8.80 -92.92
CA SER Z 458 -22.66 9.23 -93.91
C SER Z 458 -22.13 10.33 -94.81
N PHE Z 459 -22.55 10.30 -96.08
CA PHE Z 459 -22.24 11.33 -97.05
C PHE Z 459 -23.51 11.67 -97.83
N TYR Z 460 -23.51 12.86 -98.43
CA TYR Z 460 -24.64 13.34 -99.22
C TYR Z 460 -24.27 13.37 -100.69
N ASN Z 461 -25.11 12.78 -101.53
CA ASN Z 461 -24.87 12.74 -102.97
C ASN Z 461 -26.14 13.01 -103.77
N HIS Z 478 -22.20 -1.96 -119.54
CA HIS Z 478 -22.67 -1.93 -118.16
C HIS Z 478 -23.06 -3.32 -117.68
N VAL Z 479 -22.16 -3.95 -116.92
CA VAL Z 479 -22.45 -5.26 -116.35
C VAL Z 479 -23.50 -5.18 -115.26
N PHE Z 480 -23.69 -4.01 -114.66
CA PHE Z 480 -24.69 -3.83 -113.61
C PHE Z 480 -26.03 -3.34 -114.14
N ASN Z 481 -26.21 -3.28 -115.46
CA ASN Z 481 -27.50 -2.94 -116.06
C ASN Z 481 -27.60 -3.74 -117.37
N ARG Z 482 -28.17 -4.94 -117.28
CA ARG Z 482 -28.29 -5.85 -118.41
C ARG Z 482 -29.66 -5.83 -119.05
N PHE Z 483 -30.65 -5.21 -118.41
CA PHE Z 483 -32.00 -5.09 -118.95
C PHE Z 483 -32.43 -3.64 -118.84
N PRO Z 484 -31.81 -2.74 -119.61
CA PRO Z 484 -32.13 -1.31 -119.48
C PRO Z 484 -33.59 -1.00 -119.77
N GLU Z 485 -34.22 -1.74 -120.67
CA GLU Z 485 -35.59 -1.42 -121.06
C GLU Z 485 -36.62 -1.85 -120.02
N ASN Z 486 -36.37 -2.95 -119.32
CA ASN Z 486 -37.39 -3.56 -118.47
C ASN Z 486 -37.58 -2.74 -117.20
N GLN Z 487 -38.82 -2.31 -116.95
CA GLN Z 487 -39.09 -1.47 -115.78
C GLN Z 487 -38.92 -2.20 -114.46
N ILE Z 488 -39.01 -3.52 -114.47
CA ILE Z 488 -38.83 -4.29 -113.24
C ILE Z 488 -37.36 -4.63 -113.01
N LEU Z 489 -36.62 -4.91 -114.08
CA LEU Z 489 -35.24 -5.36 -113.99
C LEU Z 489 -34.25 -4.22 -114.22
N ILE Z 490 -34.70 -2.97 -114.24
CA ILE Z 490 -33.79 -1.85 -114.35
C ILE Z 490 -32.91 -1.76 -113.10
N ARG Z 491 -31.73 -1.17 -113.27
CA ARG Z 491 -30.80 -0.98 -112.15
C ARG Z 491 -31.40 -0.04 -111.12
N PRO Z 492 -31.38 -0.39 -109.84
CA PRO Z 492 -32.08 0.42 -108.84
C PRO Z 492 -31.45 1.79 -108.74
N PRO Z 493 -32.26 2.81 -108.44
CA PRO Z 493 -31.70 4.14 -108.18
C PRO Z 493 -30.89 4.17 -106.89
N ALA Z 494 -29.89 5.04 -106.86
CA ALA Z 494 -28.99 5.18 -105.72
C ALA Z 494 -29.59 6.15 -104.69
N PRO Z 495 -29.42 5.86 -103.40
CA PRO Z 495 -29.96 6.77 -102.37
C PRO Z 495 -29.20 8.09 -102.36
N THR Z 496 -29.91 9.13 -101.91
CA THR Z 496 -29.27 10.42 -101.70
C THR Z 496 -28.37 10.44 -100.46
N ILE Z 497 -28.43 9.41 -99.61
CA ILE Z 497 -27.55 9.25 -98.46
C ILE Z 497 -26.75 7.97 -98.63
N THR Z 498 -25.43 8.08 -98.67
CA THR Z 498 -24.54 6.94 -98.81
C THR Z 498 -23.75 6.72 -97.52
N THR Z 499 -23.61 5.46 -97.10
CA THR Z 499 -22.87 5.11 -95.90
C THR Z 499 -21.75 4.14 -96.22
N VAL Z 500 -20.60 4.36 -95.58
CA VAL Z 500 -19.43 3.50 -95.72
C VAL Z 500 -18.86 3.24 -94.32
N SER Z 501 -18.14 2.12 -94.19
CA SER Z 501 -17.60 1.70 -92.89
C SER Z 501 -16.14 2.09 -92.75
N GLU Z 502 -15.75 2.47 -91.54
CA GLU Z 502 -14.41 2.97 -91.23
C GLU Z 502 -13.83 2.30 -90.00
N ASN Z 503 -12.51 2.22 -89.96
CA ASN Z 503 -11.76 1.74 -88.80
C ASN Z 503 -11.18 2.94 -88.05
N VAL Z 504 -11.48 3.05 -86.76
CA VAL Z 504 -11.08 4.18 -85.94
C VAL Z 504 -10.30 3.64 -84.74
N PRO Z 505 -9.10 4.13 -84.46
CA PRO Z 505 -8.34 3.63 -83.30
C PRO Z 505 -9.07 3.87 -81.99
N ALA Z 506 -9.01 2.87 -81.11
CA ALA Z 506 -9.78 2.86 -79.87
C ALA Z 506 -8.86 2.94 -78.67
N LEU Z 507 -9.13 3.90 -77.79
CA LEU Z 507 -8.35 4.14 -76.57
C LEU Z 507 -9.28 3.95 -75.39
N THR Z 508 -9.00 2.97 -74.54
CA THR Z 508 -9.96 2.50 -73.55
C THR Z 508 -9.32 2.39 -72.17
N ASP Z 509 -10.06 2.85 -71.16
CA ASP Z 509 -9.69 2.67 -69.76
C ASP Z 509 -10.60 1.59 -69.16
N HIS Z 510 -9.99 0.49 -68.71
CA HIS Z 510 -10.74 -0.66 -68.20
C HIS Z 510 -10.85 -0.70 -66.68
N GLY Z 511 -10.35 0.30 -65.97
CA GLY Z 511 -10.39 0.31 -64.51
C GLY Z 511 -9.30 -0.55 -63.87
N THR Z 512 -9.49 -0.80 -62.58
CA THR Z 512 -8.50 -1.50 -61.75
C THR Z 512 -8.92 -2.96 -61.52
N LEU Z 513 -7.97 -3.88 -61.70
CA LEU Z 513 -8.18 -5.31 -61.49
C LEU Z 513 -7.12 -5.88 -60.56
N PRO Z 514 -7.46 -6.91 -59.77
CA PRO Z 514 -6.46 -7.51 -58.88
C PRO Z 514 -5.32 -8.18 -59.64
N LEU Z 515 -4.12 -8.00 -59.10
CA LEU Z 515 -2.86 -8.35 -59.75
C LEU Z 515 -2.19 -9.50 -59.00
N ARG Z 516 -1.52 -10.38 -59.75
CA ARG Z 516 -0.74 -11.44 -59.11
C ARG Z 516 0.50 -10.89 -58.42
N SER Z 517 0.90 -11.52 -57.32
CA SER Z 517 2.02 -11.02 -56.53
C SER Z 517 3.37 -11.27 -57.19
N SER Z 518 3.47 -12.29 -58.04
CA SER Z 518 4.73 -12.58 -58.74
C SER Z 518 4.44 -12.64 -60.24
N ILE Z 519 5.17 -11.84 -61.00
CA ILE Z 519 4.94 -11.67 -62.43
C ILE Z 519 6.17 -12.19 -63.18
N ARG Z 520 5.95 -13.14 -64.09
CA ARG Z 520 7.03 -13.68 -64.91
C ARG Z 520 7.41 -12.71 -66.02
N GLY Z 521 8.62 -12.89 -66.53
CA GLY Z 521 9.19 -11.98 -67.52
C GLY Z 521 8.55 -12.06 -68.90
N VAL Z 522 7.93 -13.18 -69.25
CA VAL Z 522 7.27 -13.35 -70.54
C VAL Z 522 5.76 -13.46 -70.31
N GLN Z 523 4.98 -12.69 -71.07
CA GLN Z 523 3.55 -12.55 -70.86
C GLN Z 523 2.79 -12.82 -72.16
N ARG Z 524 1.60 -13.39 -72.02
CA ARG Z 524 0.71 -13.66 -73.15
C ARG Z 524 -0.40 -12.62 -73.25
N VAL Z 525 -0.68 -12.17 -74.47
CA VAL Z 525 -1.73 -11.18 -74.75
C VAL Z 525 -2.66 -11.76 -75.80
N THR Z 526 -3.97 -11.72 -75.55
CA THR Z 526 -4.97 -12.34 -76.44
C THR Z 526 -6.19 -11.44 -76.60
N VAL Z 527 -6.71 -11.38 -77.83
CA VAL Z 527 -7.94 -10.66 -78.17
C VAL Z 527 -8.85 -11.62 -78.94
N THR Z 528 -10.08 -11.83 -78.47
CA THR Z 528 -11.03 -12.73 -79.10
C THR Z 528 -12.40 -12.08 -79.26
N ASP Z 529 -13.20 -12.63 -80.18
CA ASP Z 529 -14.53 -12.12 -80.49
C ASP Z 529 -15.60 -12.81 -79.64
N ALA Z 530 -16.87 -12.60 -79.99
CA ALA Z 530 -17.97 -13.09 -79.18
C ALA Z 530 -18.06 -14.62 -79.18
N ARG Z 531 -17.65 -15.27 -80.27
CA ARG Z 531 -17.60 -16.72 -80.33
C ARG Z 531 -16.26 -17.28 -79.84
N ARG Z 532 -15.41 -16.42 -79.28
CA ARG Z 532 -14.10 -16.80 -78.73
C ARG Z 532 -13.14 -17.31 -79.80
N ARG Z 533 -13.17 -16.71 -80.97
CA ARG Z 533 -12.13 -16.87 -81.97
C ARG Z 533 -11.22 -15.65 -81.97
N THR Z 534 -9.95 -15.85 -82.31
CA THR Z 534 -9.07 -14.71 -82.51
C THR Z 534 -9.46 -13.97 -83.79
N CYS Z 535 -9.14 -12.68 -83.84
CA CYS Z 535 -9.52 -11.84 -84.96
C CYS Z 535 -8.32 -11.55 -85.84
N PRO Z 536 -8.28 -12.01 -87.09
CA PRO Z 536 -7.14 -11.74 -87.97
C PRO Z 536 -7.01 -10.30 -88.45
N TYR Z 537 -7.96 -9.42 -88.14
CA TYR Z 537 -7.89 -8.05 -88.62
C TYR Z 537 -7.34 -7.06 -87.59
N VAL Z 538 -6.88 -7.53 -86.44
CA VAL Z 538 -6.14 -6.69 -85.52
C VAL Z 538 -4.70 -6.59 -86.00
N TYR Z 539 -4.16 -5.39 -86.12
CA TYR Z 539 -2.75 -5.25 -86.47
C TYR Z 539 -1.97 -4.33 -85.52
N LYS Z 540 -2.57 -3.85 -84.43
CA LYS Z 540 -1.85 -3.09 -83.43
C LYS Z 540 -2.60 -3.21 -82.11
N ALA Z 541 -1.91 -3.65 -81.07
CA ALA Z 541 -2.49 -3.81 -79.74
C ALA Z 541 -1.42 -3.56 -78.69
N LEU Z 542 -1.68 -2.62 -77.77
CA LEU Z 542 -0.77 -2.28 -76.69
C LEU Z 542 -1.51 -2.23 -75.37
N GLY Z 543 -0.79 -2.53 -74.30
CA GLY Z 543 -1.33 -2.41 -72.95
C GLY Z 543 -0.36 -1.72 -72.03
N ILE Z 544 -0.92 -0.95 -71.10
CA ILE Z 544 -0.16 -0.24 -70.08
C ILE Z 544 -0.85 -0.47 -68.74
N VAL Z 545 -0.08 -0.94 -67.74
CA VAL Z 545 -0.61 -1.29 -66.43
C VAL Z 545 0.10 -0.44 -65.37
N ALA Z 546 -0.68 0.08 -64.43
CA ALA Z 546 -0.15 0.89 -63.32
C ALA Z 546 -0.49 0.26 -61.98
N PRO Z 547 0.43 -0.48 -61.35
CA PRO Z 547 0.10 -1.13 -60.07
C PRO Z 547 -0.03 -0.16 -58.91
N ARG Z 548 -0.82 -0.55 -57.92
CA ARG Z 548 -0.94 0.18 -56.66
C ARG Z 548 -1.53 -0.74 -55.60
N VAL Z 549 -1.37 -0.34 -54.33
CA VAL Z 549 -1.81 -1.14 -53.20
C VAL Z 549 -3.31 -1.00 -53.01
N LEU Z 550 -4.01 -2.12 -52.81
CA LEU Z 550 -5.44 -2.15 -52.55
C LEU Z 550 -5.77 -2.36 -51.07
N SER Z 551 -5.18 -3.36 -50.42
CA SER Z 551 -5.46 -3.59 -49.02
C SER Z 551 -4.28 -4.34 -48.38
N SER Z 552 -4.34 -4.46 -47.07
CA SER Z 552 -3.29 -5.08 -46.29
C SER Z 552 -3.47 -6.60 -46.22
N ARG Z 553 -2.35 -7.30 -46.08
CA ARG Z 553 -2.29 -8.74 -45.87
C ARG Z 553 -2.77 -9.54 -47.08
N ARG AA 48 -14.07 44.90 0.05
CA ARG AA 48 -13.57 45.86 -0.92
C ARG AA 48 -14.61 46.92 -1.29
N ASN AA 49 -15.36 47.40 -0.29
CA ASN AA 49 -16.44 48.34 -0.55
C ASN AA 49 -16.51 49.47 0.48
N SER AA 50 -15.42 49.78 1.16
CA SER AA 50 -15.44 50.80 2.20
C SER AA 50 -15.19 52.18 1.62
N ILE AA 51 -15.65 53.20 2.35
CA ILE AA 51 -15.50 54.60 1.96
C ILE AA 51 -14.95 55.37 3.16
N ARG AA 52 -13.83 56.06 2.96
CA ARG AA 52 -13.06 56.63 4.07
C ARG AA 52 -12.79 58.11 3.88
N TYR AA 53 -12.78 58.84 4.98
CA TYR AA 53 -12.53 60.28 5.01
C TYR AA 53 -11.22 60.53 5.76
N SER AA 54 -10.35 61.35 5.16
CA SER AA 54 -8.96 61.42 5.61
C SER AA 54 -8.80 62.00 7.01
N GLU AA 55 -9.82 62.67 7.56
CA GLU AA 55 -9.70 63.22 8.90
C GLU AA 55 -10.13 62.25 10.00
N LEU AA 56 -10.53 61.02 9.68
CA LEU AA 56 -11.00 60.06 10.65
C LEU AA 56 -10.13 58.81 10.63
N SER AA 57 -9.91 58.22 11.81
CA SER AA 57 -9.09 57.02 11.95
C SER AA 57 -9.45 56.29 13.24
N PRO AA 58 -9.42 54.96 13.26
CA PRO AA 58 -9.80 54.23 14.48
C PRO AA 58 -8.65 54.10 15.48
N LEU AA 59 -9.01 53.80 16.73
CA LEU AA 59 -8.09 53.82 17.87
C LEU AA 59 -7.76 52.42 18.37
N TYR AA 60 -6.52 52.24 18.81
CA TYR AA 60 -6.03 50.96 19.30
C TYR AA 60 -5.08 51.12 20.49
N ASP AA 61 -5.08 50.10 21.35
CA ASP AA 61 -4.08 49.74 22.37
C ASP AA 61 -4.00 50.59 23.64
N THR AA 62 -4.42 51.86 23.61
CA THR AA 62 -4.35 52.73 24.78
C THR AA 62 -4.87 54.11 24.40
N THR AA 63 -5.27 54.87 25.42
CA THR AA 63 -5.83 56.22 25.26
C THR AA 63 -5.84 56.88 26.63
N ARG AA 64 -6.52 58.03 26.75
CA ARG AA 64 -6.69 58.73 28.02
C ARG AA 64 -8.16 59.04 28.25
N LEU AA 65 -8.58 58.99 29.52
CA LEU AA 65 -9.89 59.46 29.98
C LEU AA 65 -9.67 60.50 31.06
N TYR AA 66 -10.37 61.63 30.99
CA TYR AA 66 -10.18 62.74 31.90
C TYR AA 66 -11.42 62.96 32.76
N LEU AA 67 -11.22 63.07 34.07
CA LEU AA 67 -12.28 63.29 35.05
C LEU AA 67 -12.06 64.64 35.71
N VAL AA 68 -12.78 65.66 35.25
CA VAL AA 68 -12.49 67.05 35.57
C VAL AA 68 -13.71 67.67 36.24
N ASP AA 69 -13.47 68.45 37.29
CA ASP AA 69 -14.53 68.92 38.17
C ASP AA 69 -15.06 70.31 37.84
N ASN AA 70 -14.57 70.97 36.79
CA ASN AA 70 -15.00 72.35 36.52
C ASN AA 70 -15.26 72.58 35.03
N LYS AA 71 -15.93 71.64 34.38
CA LYS AA 71 -16.39 71.88 33.02
C LYS AA 71 -17.59 72.84 33.04
N SER AA 72 -17.62 73.75 32.07
CA SER AA 72 -18.60 74.85 32.12
C SER AA 72 -20.03 74.35 32.04
N ALA AA 73 -20.30 73.41 31.13
CA ALA AA 73 -21.67 72.92 30.95
C ALA AA 73 -22.11 71.98 32.07
N ASP AA 74 -21.18 71.21 32.64
CA ASP AA 74 -21.53 70.30 33.73
C ASP AA 74 -21.89 71.07 35.00
N ILE AA 75 -21.31 72.26 35.18
CA ILE AA 75 -21.61 73.06 36.36
C ILE AA 75 -23.08 73.44 36.39
N ALA AA 76 -23.62 73.86 35.24
CA ALA AA 76 -24.98 74.39 35.21
C ALA AA 76 -26.03 73.31 35.33
N SER AA 77 -25.84 72.16 34.67
CA SER AA 77 -26.92 71.19 34.51
C SER AA 77 -26.76 69.92 35.34
N LEU AA 78 -25.63 69.71 36.01
CA LEU AA 78 -25.46 68.46 36.73
C LEU AA 78 -25.27 68.63 38.23
N ASN AA 79 -24.53 69.64 38.67
CA ASN AA 79 -23.96 69.66 40.02
C ASN AA 79 -24.50 70.81 40.86
N TYR AA 80 -25.79 71.08 40.76
CA TYR AA 80 -26.35 72.24 41.45
C TYR AA 80 -26.31 72.08 42.97
N GLN AA 81 -26.51 70.85 43.47
CA GLN AA 81 -26.52 70.60 44.90
C GLN AA 81 -25.28 69.87 45.42
N ASN AA 82 -24.21 69.81 44.64
CA ASN AA 82 -23.03 69.02 44.97
C ASN AA 82 -21.87 69.92 45.41
N ASP AA 83 -20.76 69.29 45.81
CA ASP AA 83 -19.51 69.99 46.09
C ASP AA 83 -18.35 69.17 45.54
N HIS AA 84 -17.13 69.68 45.70
CA HIS AA 84 -15.96 69.06 45.07
C HIS AA 84 -15.59 67.72 45.66
N SER AA 85 -16.16 67.35 46.80
CA SER AA 85 -15.93 66.03 47.37
C SER AA 85 -16.85 64.96 46.80
N ASN AA 86 -17.94 65.33 46.12
CA ASN AA 86 -18.90 64.36 45.58
C ASN AA 86 -19.67 65.01 44.44
N PHE AA 87 -19.28 64.70 43.20
CA PHE AA 87 -19.84 65.41 42.04
C PHE AA 87 -19.95 64.47 40.85
N LEU AA 88 -20.60 64.97 39.79
CA LEU AA 88 -20.75 64.26 38.53
C LEU AA 88 -20.00 65.00 37.43
N THR AA 89 -19.48 64.22 36.46
CA THR AA 89 -18.77 64.80 35.34
C THR AA 89 -18.96 63.93 34.11
N THR AA 90 -18.69 64.52 32.94
CA THR AA 90 -18.82 63.82 31.67
C THR AA 90 -17.44 63.47 31.13
N VAL AA 91 -17.27 62.21 30.72
CA VAL AA 91 -16.02 61.79 30.09
C VAL AA 91 -16.05 61.94 28.58
N VAL AA 92 -17.19 62.32 28.00
CA VAL AA 92 -17.29 62.62 26.58
C VAL AA 92 -16.84 64.07 26.36
N GLN AA 93 -15.81 64.24 25.53
CA GLN AA 93 -15.20 65.56 25.29
C GLN AA 93 -15.59 66.16 23.94
N ASN AA 94 -16.85 65.98 23.52
CA ASN AA 94 -17.33 66.40 22.20
C ASN AA 94 -18.47 67.38 22.41
N ASN AA 95 -18.26 68.64 22.04
CA ASN AA 95 -19.21 69.70 22.33
C ASN AA 95 -20.38 69.77 21.34
N ASP AA 96 -20.52 68.79 20.44
CA ASP AA 96 -21.73 68.68 19.65
C ASP AA 96 -22.94 68.23 20.48
N PHE AA 97 -22.73 67.83 21.73
CA PHE AA 97 -23.78 67.29 22.58
C PHE AA 97 -23.76 67.98 23.94
N THR AA 98 -24.92 68.10 24.55
CA THR AA 98 -25.04 68.54 25.94
C THR AA 98 -24.73 67.39 26.88
N PRO AA 99 -24.41 67.69 28.15
CA PRO AA 99 -24.15 66.61 29.11
C PRO AA 99 -25.32 65.65 29.28
N THR AA 100 -26.55 66.16 29.22
CA THR AA 100 -27.72 65.28 29.32
C THR AA 100 -27.75 64.28 28.16
N GLU AA 101 -27.50 64.76 26.94
CA GLU AA 101 -27.42 63.86 25.79
C GLU AA 101 -26.24 62.90 25.93
N ALA AA 102 -25.11 63.38 26.44
CA ALA AA 102 -23.93 62.54 26.58
C ALA AA 102 -24.14 61.39 27.56
N SER AA 103 -25.07 61.55 28.51
CA SER AA 103 -25.24 60.54 29.55
C SER AA 103 -25.66 59.19 28.99
N THR AA 104 -26.33 59.17 27.84
CA THR AA 104 -26.77 57.93 27.23
C THR AA 104 -25.73 57.29 26.31
N GLN AA 105 -24.64 57.98 25.98
CA GLN AA 105 -23.62 57.44 25.10
C GLN AA 105 -22.65 56.55 25.89
N THR AA 106 -21.88 55.73 25.16
CA THR AA 106 -20.95 54.81 25.79
C THR AA 106 -19.61 54.80 25.06
N ILE AA 107 -18.59 54.36 25.77
CA ILE AA 107 -17.26 54.04 25.23
C ILE AA 107 -17.03 52.56 25.47
N ASN AA 108 -16.63 51.83 24.42
CA ASN AA 108 -16.59 50.38 24.47
C ASN AA 108 -15.18 49.87 24.20
N PHE AA 109 -14.64 49.09 25.13
CA PHE AA 109 -13.36 48.42 25.01
C PHE AA 109 -13.59 46.98 24.59
N ASP AA 110 -12.78 46.49 23.64
CA ASP AA 110 -13.08 45.23 22.96
C ASP AA 110 -13.34 44.09 23.94
N GLU AA 111 -14.49 43.43 23.77
CA GLU AA 111 -14.96 42.44 24.73
C GLU AA 111 -14.18 41.13 24.69
N ARG AA 112 -13.31 40.95 23.70
CA ARG AA 112 -12.45 39.76 23.66
C ARG AA 112 -11.20 39.91 24.51
N SER AA 113 -11.03 41.01 25.24
CA SER AA 113 -9.94 41.19 26.18
C SER AA 113 -10.50 41.68 27.51
N ARG AA 114 -9.71 41.46 28.57
CA ARG AA 114 -9.96 42.09 29.86
C ARG AA 114 -9.02 43.29 30.00
N TRP AA 115 -9.57 44.43 30.44
CA TRP AA 115 -8.85 45.69 30.43
C TRP AA 115 -8.60 46.19 31.85
N GLY AA 116 -7.49 46.91 32.02
CA GLY AA 116 -7.19 47.58 33.26
C GLY AA 116 -6.87 49.04 33.02
N GLY AA 117 -6.92 49.81 34.09
CA GLY AA 117 -6.67 51.23 34.01
C GLY AA 117 -5.73 51.77 35.08
N GLN AA 118 -4.66 52.43 34.65
CA GLN AA 118 -3.74 53.06 35.57
C GLN AA 118 -4.27 54.44 35.98
N LEU AA 119 -4.35 54.69 37.28
CA LEU AA 119 -5.03 55.86 37.82
C LEU AA 119 -4.05 56.82 38.49
N LYS AA 120 -4.10 58.09 38.12
CA LYS AA 120 -3.36 59.16 38.78
C LYS AA 120 -4.34 60.25 39.22
N THR AA 121 -4.11 60.81 40.41
CA THR AA 121 -5.01 61.82 40.96
C THR AA 121 -4.24 63.06 41.40
N ILE AA 122 -4.94 64.18 41.42
CA ILE AA 122 -4.45 65.46 41.94
C ILE AA 122 -5.49 66.02 42.89
N MET AA 123 -5.07 66.40 44.10
CA MET AA 123 -5.98 66.88 45.12
C MET AA 123 -5.38 68.07 45.86
N HIS AA 124 -6.23 69.04 46.21
CA HIS AA 124 -5.81 70.19 47.00
C HIS AA 124 -6.89 70.56 48.02
N THR AA 125 -6.48 70.91 49.24
CA THR AA 125 -7.39 71.17 50.35
C THR AA 125 -7.11 72.53 50.97
N ASN AA 126 -8.05 73.01 51.77
CA ASN AA 126 -7.91 74.28 52.51
C ASN AA 126 -8.44 74.15 53.93
N MET AA 127 -8.08 73.08 54.64
CA MET AA 127 -8.59 72.82 55.99
C MET AA 127 -7.84 73.63 57.04
N PRO AA 128 -8.54 74.33 57.93
CA PRO AA 128 -7.89 74.91 59.12
C PRO AA 128 -7.81 73.92 60.27
N ASN AA 129 -6.83 74.14 61.15
CA ASN AA 129 -6.53 73.13 62.15
C ASN AA 129 -7.53 73.09 63.31
N VAL AA 130 -8.22 74.17 63.61
CA VAL AA 130 -9.22 74.19 64.67
C VAL AA 130 -10.58 74.41 64.02
N ASN AA 131 -11.42 73.36 64.01
CA ASN AA 131 -12.71 73.44 63.36
C ASN AA 131 -13.66 72.42 63.97
N GLU AA 132 -14.95 72.62 63.72
CA GLU AA 132 -15.99 71.79 64.32
C GLU AA 132 -16.10 70.42 63.67
N TYR AA 133 -15.91 70.33 62.35
CA TYR AA 133 -16.17 69.09 61.63
C TYR AA 133 -15.22 67.97 62.07
N MET AA 134 -14.01 68.31 62.48
CA MET AA 134 -13.00 67.33 62.85
C MET AA 134 -12.84 67.16 64.36
N PHE AA 135 -13.76 67.72 65.16
CA PHE AA 135 -13.78 67.57 66.61
C PHE AA 135 -12.53 68.13 67.29
N SER AA 136 -11.91 69.15 66.70
CA SER AA 136 -10.81 69.86 67.32
C SER AA 136 -11.24 71.19 67.90
N ASN AA 137 -12.53 71.32 68.22
CA ASN AA 137 -13.16 72.57 68.59
C ASN AA 137 -13.56 72.64 70.06
N LYS AA 138 -13.53 71.52 70.78
CA LYS AA 138 -14.19 71.46 72.08
C LYS AA 138 -13.49 70.45 72.99
N PHE AA 139 -13.72 70.62 74.29
CA PHE AA 139 -13.26 69.70 75.33
C PHE AA 139 -14.15 69.90 76.55
N LYS AA 140 -14.03 68.98 77.51
CA LYS AA 140 -14.82 69.02 78.74
C LYS AA 140 -13.91 69.12 79.97
N ALA AA 141 -14.41 69.79 81.00
CA ALA AA 141 -13.65 69.97 82.23
C ALA AA 141 -14.61 70.17 83.40
N ARG AA 142 -14.08 69.94 84.61
CA ARG AA 142 -14.85 70.09 85.84
C ARG AA 142 -14.24 71.19 86.68
N VAL AA 143 -15.02 72.23 86.98
CA VAL AA 143 -14.55 73.41 87.70
C VAL AA 143 -15.49 73.67 88.89
N MET AA 144 -15.13 74.66 89.70
CA MET AA 144 -15.88 74.99 90.91
C MET AA 144 -16.93 76.06 90.60
N VAL AA 145 -18.17 75.80 91.00
CA VAL AA 145 -19.28 76.69 90.72
C VAL AA 145 -19.67 77.52 91.93
N SER AA 146 -19.51 77.01 93.14
CA SER AA 146 -19.91 77.74 94.33
C SER AA 146 -18.98 77.43 95.50
N ARG AA 147 -18.54 78.47 96.19
CA ARG AA 147 -17.98 78.32 97.52
C ARG AA 147 -19.13 78.46 98.52
N LYS AA 148 -18.82 78.60 99.81
CA LYS AA 148 -19.88 78.76 100.82
C LYS AA 148 -20.57 80.11 100.67
N ASP AA 171 -16.50 75.76 105.04
CA ASP AA 171 -16.88 76.07 103.67
C ASP AA 171 -17.24 74.80 102.90
N ILE AA 172 -18.33 74.85 102.14
CA ILE AA 172 -18.78 73.76 101.28
C ILE AA 172 -18.57 74.18 99.84
N LEU AA 173 -17.93 73.29 99.06
CA LEU AA 173 -17.53 73.58 97.69
C LEU AA 173 -18.30 72.69 96.73
N LYS AA 174 -18.80 73.27 95.64
CA LYS AA 174 -19.58 72.55 94.64
C LYS AA 174 -18.87 72.63 93.30
N TYR AA 175 -18.87 71.51 92.57
CA TYR AA 175 -18.23 71.39 91.27
C TYR AA 175 -19.20 70.83 90.25
N GLU AA 176 -18.93 71.11 88.98
CA GLU AA 176 -19.81 70.66 87.90
C GLU AA 176 -19.01 70.53 86.60
N TRP AA 177 -19.50 69.68 85.71
CA TRP AA 177 -18.91 69.47 84.39
C TRP AA 177 -19.53 70.43 83.37
N PHE AA 178 -18.71 70.89 82.43
CA PHE AA 178 -19.14 71.74 81.34
C PHE AA 178 -18.41 71.33 80.07
N GLU AA 179 -18.94 71.78 78.93
CA GLU AA 179 -18.27 71.65 77.64
C GLU AA 179 -17.90 73.03 77.13
N PHE AA 180 -16.65 73.17 76.71
CA PHE AA 180 -16.08 74.46 76.31
C PHE AA 180 -15.85 74.49 74.80
N ILE AA 181 -16.09 75.64 74.18
CA ILE AA 181 -16.03 75.79 72.73
C ILE AA 181 -15.05 76.92 72.38
N LEU AA 182 -14.16 76.65 71.41
CA LEU AA 182 -13.20 77.58 70.83
C LEU AA 182 -13.72 78.12 69.50
N PRO AA 183 -13.30 79.32 69.09
CA PRO AA 183 -13.65 79.79 67.75
C PRO AA 183 -12.71 79.21 66.70
N GLU AA 184 -13.22 79.11 65.47
CA GLU AA 184 -12.53 78.40 64.41
C GLU AA 184 -11.48 79.26 63.71
N GLY AA 185 -10.44 78.60 63.21
CA GLY AA 185 -9.33 79.28 62.55
C GLY AA 185 -8.13 78.37 62.48
N ASN AA 186 -7.05 78.93 61.92
CA ASN AA 186 -5.80 78.21 61.72
C ASN AA 186 -4.74 78.84 62.63
N PHE AA 187 -4.44 78.17 63.74
CA PHE AA 187 -3.63 78.77 64.80
C PHE AA 187 -2.39 77.92 65.09
N SER AA 188 -1.37 78.57 65.63
CA SER AA 188 -0.21 77.84 66.13
C SER AA 188 -0.55 77.17 67.47
N ALA AA 189 0.36 76.33 67.94
CA ALA AA 189 0.11 75.57 69.15
C ALA AA 189 0.04 76.48 70.38
N THR AA 190 0.92 77.47 70.48
CA THR AA 190 0.87 78.39 71.62
C THR AA 190 -0.42 79.20 71.61
N MET AA 191 -0.82 79.70 70.44
CA MET AA 191 -2.06 80.47 70.35
C MET AA 191 -3.28 79.61 70.69
N THR AA 192 -3.24 78.32 70.36
CA THR AA 192 -4.35 77.43 70.72
C THR AA 192 -4.47 77.28 72.24
N ILE AA 193 -3.34 77.15 72.93
CA ILE AA 193 -3.36 77.00 74.38
C ILE AA 193 -3.88 78.27 75.06
N ASP AA 194 -3.60 79.44 74.50
CA ASP AA 194 -4.18 80.67 75.04
C ASP AA 194 -5.70 80.66 74.94
N LEU AA 195 -6.24 80.15 73.83
CA LEU AA 195 -7.68 80.12 73.65
C LEU AA 195 -8.35 79.16 74.63
N MET AA 196 -7.69 78.05 74.96
CA MET AA 196 -8.27 77.11 75.93
C MET AA 196 -8.31 77.71 77.33
N ASN AA 197 -7.26 78.44 77.72
CA ASN AA 197 -7.29 79.14 79.01
C ASN AA 197 -8.38 80.20 79.03
N ASN AA 198 -8.54 80.94 77.92
CA ASN AA 198 -9.56 81.98 77.84
C ASN AA 198 -10.96 81.41 77.98
N ALA AA 199 -11.19 80.20 77.45
CA ALA AA 199 -12.50 79.58 77.60
C ALA AA 199 -12.81 79.25 79.06
N ILE AA 200 -11.81 78.77 79.80
CA ILE AA 200 -12.02 78.48 81.22
C ILE AA 200 -12.40 79.73 81.98
N ILE AA 201 -11.70 80.83 81.72
CA ILE AA 201 -11.91 82.07 82.46
C ILE AA 201 -13.28 82.67 82.18
N ASP AA 202 -13.75 82.58 80.93
CA ASP AA 202 -15.07 83.09 80.60
C ASP AA 202 -16.18 82.36 81.33
N ASN AA 203 -15.94 81.11 81.73
CA ASN AA 203 -16.88 80.40 82.59
C ASN AA 203 -16.84 80.92 84.02
N TYR AA 204 -15.67 81.35 84.48
CA TYR AA 204 -15.55 81.89 85.84
C TYR AA 204 -16.12 83.30 85.93
N LEU AA 205 -16.29 84.00 84.81
CA LEU AA 205 -16.89 85.33 84.85
C LEU AA 205 -18.40 85.31 84.70
N GLU AA 206 -18.96 84.25 84.11
CA GLU AA 206 -20.40 84.13 83.92
C GLU AA 206 -21.08 83.39 85.06
N ILE AA 207 -20.44 82.35 85.57
CA ILE AA 207 -20.85 81.62 86.77
C ILE AA 207 -19.67 81.81 87.70
N GLY AA 208 -19.72 81.22 88.89
CA GLY AA 208 -18.50 81.29 89.68
C GLY AA 208 -18.37 82.59 90.43
N ARG AA 209 -17.63 83.53 89.84
CA ARG AA 209 -17.33 84.83 90.46
C ARG AA 209 -18.52 85.43 91.19
N GLN AA 210 -19.71 85.37 90.60
CA GLN AA 210 -20.89 85.92 91.25
C GLN AA 210 -21.46 85.00 92.32
N ASN AA 211 -20.85 83.83 92.55
CA ASN AA 211 -21.30 82.91 93.58
C ASN AA 211 -20.22 82.62 94.62
N GLY AA 212 -19.25 83.53 94.77
CA GLY AA 212 -18.34 83.49 95.89
C GLY AA 212 -17.00 82.81 95.68
N VAL AA 213 -16.67 82.41 94.45
CA VAL AA 213 -15.34 81.82 94.21
C VAL AA 213 -14.36 82.95 93.94
N LEU AA 214 -13.14 82.78 94.43
CA LEU AA 214 -12.12 83.79 94.28
C LEU AA 214 -11.22 83.48 93.09
N GLU AA 215 -10.44 84.48 92.67
CA GLU AA 215 -9.48 84.24 91.61
C GLU AA 215 -8.21 83.64 92.21
N SER AA 216 -8.39 82.63 93.06
CA SER AA 216 -7.29 81.80 93.55
C SER AA 216 -7.72 80.35 93.68
N ASP AA 217 -8.93 80.00 93.23
CA ASP AA 217 -9.44 78.64 93.24
C ASP AA 217 -9.95 78.21 91.87
N ILE AA 218 -9.41 78.78 90.79
CA ILE AA 218 -9.89 78.48 89.44
C ILE AA 218 -9.85 76.97 89.18
N GLY AA 219 -8.66 76.38 89.23
CA GLY AA 219 -8.55 74.93 89.31
C GLY AA 219 -8.19 74.19 88.03
N VAL AA 220 -8.18 74.84 86.87
CA VAL AA 220 -7.75 74.21 85.62
C VAL AA 220 -6.93 75.24 84.84
N LYS AA 221 -5.68 74.88 84.52
CA LYS AA 221 -4.83 75.74 83.71
C LYS AA 221 -3.92 74.91 82.83
N PHE AA 222 -3.66 75.38 81.62
CA PHE AA 222 -2.74 74.74 80.69
C PHE AA 222 -1.44 75.54 80.63
N ASP AA 223 -0.31 74.89 80.91
CA ASP AA 223 0.97 75.58 81.05
C ASP AA 223 2.03 74.89 80.20
N THR AA 224 3.25 75.42 80.25
CA THR AA 224 4.39 74.84 79.55
C THR AA 224 5.65 74.71 80.39
N ARG AA 225 5.63 75.12 81.65
CA ARG AA 225 6.86 75.26 82.44
C ARG AA 225 7.21 73.99 83.18
N ASN AA 226 8.48 73.89 83.57
CA ASN AA 226 8.96 72.81 84.44
C ASN AA 226 9.06 73.39 85.83
N PHE AA 227 8.00 73.22 86.62
CA PHE AA 227 8.06 73.62 88.01
C PHE AA 227 9.06 72.73 88.74
N ARG AA 228 9.58 73.24 89.86
CA ARG AA 228 10.62 72.61 90.69
C ARG AA 228 11.99 72.54 90.01
N LEU AA 229 12.24 73.39 89.01
CA LEU AA 229 13.56 73.41 88.39
C LEU AA 229 14.63 73.87 89.38
N GLY AA 230 14.41 75.02 90.02
CA GLY AA 230 15.40 75.56 90.94
C GLY AA 230 15.27 75.06 92.37
N TRP AA 231 14.76 73.84 92.52
CA TRP AA 231 14.49 73.25 93.82
C TRP AA 231 15.80 72.94 94.56
N ASP AA 232 15.75 73.07 95.89
CA ASP AA 232 16.92 72.84 96.74
C ASP AA 232 16.68 71.64 97.64
N PRO AA 233 17.62 70.69 97.69
CA PRO AA 233 17.35 69.45 98.43
C PRO AA 233 17.32 69.61 99.93
N GLU AA 234 17.83 70.71 100.48
CA GLU AA 234 17.83 70.93 101.92
C GLU AA 234 16.60 71.72 102.38
N THR AA 235 16.42 72.93 101.83
CA THR AA 235 15.27 73.75 102.19
C THR AA 235 13.98 73.28 101.54
N LYS AA 236 14.06 72.50 100.47
CA LYS AA 236 12.89 71.97 99.77
C LYS AA 236 11.94 73.08 99.30
N LEU AA 237 12.52 74.19 98.84
CA LEU AA 237 11.75 75.29 98.28
C LEU AA 237 12.46 75.82 97.05
N ILE AA 238 11.72 76.55 96.21
CA ILE AA 238 12.29 77.14 95.00
C ILE AA 238 13.06 78.39 95.44
N MET AA 239 14.38 78.26 95.53
CA MET AA 239 15.19 79.34 96.10
C MET AA 239 15.10 80.67 95.38
N PRO AA 240 15.08 80.75 94.04
CA PRO AA 240 15.01 82.07 93.40
C PRO AA 240 13.77 82.88 93.73
N GLY AA 241 12.70 82.25 94.21
CA GLY AA 241 11.46 82.94 94.49
C GLY AA 241 10.52 83.08 93.32
N VAL AA 242 10.94 82.69 92.11
CA VAL AA 242 10.07 82.63 90.94
C VAL AA 242 10.39 81.35 90.18
N TYR AA 243 9.35 80.72 89.65
CA TYR AA 243 9.54 79.54 88.82
C TYR AA 243 10.25 79.91 87.53
N THR AA 244 11.09 78.99 87.03
CA THR AA 244 11.84 79.25 85.81
C THR AA 244 10.90 79.47 84.63
N TYR AA 245 11.13 80.56 83.90
CA TYR AA 245 10.20 81.00 82.85
C TYR AA 245 10.65 80.50 81.47
N GLU AA 246 10.77 79.18 81.34
CA GLU AA 246 11.16 78.53 80.09
C GLU AA 246 10.17 77.45 79.72
N ALA AA 247 9.98 77.24 78.42
CA ALA AA 247 9.02 76.28 77.91
C ALA AA 247 9.68 74.93 77.72
N PHE AA 248 9.04 73.88 78.22
CA PHE AA 248 9.55 72.51 78.11
C PHE AA 248 8.63 71.60 77.33
N HIS AA 249 7.34 71.53 77.68
CA HIS AA 249 6.34 70.65 77.11
C HIS AA 249 4.98 71.08 77.66
N PRO AA 250 3.92 71.04 76.87
CA PRO AA 250 2.59 71.43 77.38
C PRO AA 250 2.16 70.54 78.54
N ASP AA 251 1.44 71.16 79.49
CA ASP AA 251 1.18 70.56 80.79
C ASP AA 251 -0.20 70.95 81.28
N ILE AA 252 -0.73 70.17 82.21
CA ILE AA 252 -2.04 70.37 82.82
C ILE AA 252 -1.85 70.54 84.33
N VAL AA 253 -2.42 71.61 84.89
CA VAL AA 253 -2.32 71.92 86.31
C VAL AA 253 -3.71 71.90 86.93
N LEU AA 254 -3.86 71.18 88.05
CA LEU AA 254 -5.16 70.93 88.67
C LEU AA 254 -5.16 71.23 90.16
N LEU AA 255 -6.33 71.63 90.66
CA LEU AA 255 -6.70 71.78 92.06
C LEU AA 255 -7.61 70.64 92.49
N PRO AA 256 -7.74 70.36 93.79
CA PRO AA 256 -8.58 69.24 94.22
C PRO AA 256 -10.02 69.40 93.76
N GLY AA 257 -10.62 68.28 93.36
CA GLY AA 257 -11.98 68.27 92.88
C GLY AA 257 -12.18 68.54 91.40
N CYS AA 258 -11.12 68.83 90.65
CA CYS AA 258 -11.23 69.21 89.25
C CYS AA 258 -10.69 68.09 88.35
N GLY AA 259 -10.82 68.30 87.04
CA GLY AA 259 -10.34 67.34 86.06
C GLY AA 259 -10.71 67.76 84.66
N VAL AA 260 -10.12 67.06 83.69
CA VAL AA 260 -10.39 67.27 82.27
C VAL AA 260 -10.71 65.93 81.62
N ASP AA 261 -11.48 65.96 80.54
CA ASP AA 261 -11.93 64.76 79.86
C ASP AA 261 -11.81 64.95 78.35
N PHE AA 262 -11.03 64.10 77.69
CA PHE AA 262 -10.77 64.23 76.26
C PHE AA 262 -11.41 63.10 75.45
N THR AA 263 -12.51 62.52 75.93
CA THR AA 263 -13.12 61.39 75.24
C THR AA 263 -13.62 61.80 73.86
N GLU AA 264 -14.17 63.00 73.73
CA GLU AA 264 -14.74 63.44 72.46
C GLU AA 264 -13.99 64.64 71.91
N SER AA 265 -12.66 64.58 71.91
CA SER AA 265 -11.84 65.71 71.53
C SER AA 265 -10.52 65.20 70.95
N ARG AA 266 -9.97 65.97 70.01
CA ARG AA 266 -8.67 65.65 69.44
C ARG AA 266 -7.57 66.61 69.91
N LEU AA 267 -7.86 67.43 70.92
CA LEU AA 267 -6.89 68.39 71.42
C LEU AA 267 -5.81 67.76 72.29
N SER AA 268 -5.98 66.50 72.71
CA SER AA 268 -4.91 65.83 73.44
C SER AA 268 -3.71 65.53 72.55
N ASN AA 269 -3.90 65.38 71.24
CA ASN AA 269 -2.78 65.21 70.33
C ASN AA 269 -1.94 66.48 70.22
N LEU AA 270 -2.60 67.65 70.24
CA LEU AA 270 -1.86 68.89 70.20
C LEU AA 270 -1.07 69.13 71.50
N LEU AA 271 -1.56 68.59 72.62
CA LEU AA 271 -0.85 68.73 73.88
C LEU AA 271 0.30 67.74 74.04
N GLY AA 272 0.37 66.71 73.21
CA GLY AA 272 1.40 65.71 73.36
C GLY AA 272 1.22 64.78 74.53
N ILE AA 273 -0.01 64.46 74.90
CA ILE AA 273 -0.33 63.51 75.96
C ILE AA 273 -1.24 62.43 75.38
N ARG AA 274 -0.81 61.19 75.43
CA ARG AA 274 -1.52 60.08 74.82
C ARG AA 274 -1.59 58.88 75.78
N LYS AA 275 -2.48 57.95 75.46
CA LYS AA 275 -2.66 56.74 76.27
C LYS AA 275 -1.80 55.60 75.74
N ARG AA 276 -1.25 54.81 76.66
CA ARG AA 276 -0.47 53.63 76.28
C ARG AA 276 -1.35 52.51 75.73
N HIS AA 277 -2.66 52.54 75.97
CA HIS AA 277 -3.61 51.60 75.41
C HIS AA 277 -4.61 52.41 74.61
N PRO AA 278 -4.27 52.80 73.38
CA PRO AA 278 -5.08 53.79 72.66
C PRO AA 278 -6.40 53.26 72.14
N PHE AA 279 -6.64 51.95 72.17
CA PHE AA 279 -7.91 51.40 71.71
C PHE AA 279 -8.94 51.22 72.81
N GLN AA 280 -8.64 51.60 74.05
CA GLN AA 280 -9.60 51.56 75.14
C GLN AA 280 -10.33 52.90 75.23
N GLU AA 281 -11.65 52.86 75.18
CA GLU AA 281 -12.44 54.09 75.14
C GLU AA 281 -12.35 54.84 76.46
N GLY AA 282 -12.35 56.17 76.36
CA GLY AA 282 -12.34 57.02 77.54
C GLY AA 282 -10.98 57.57 77.91
N PHE AA 283 -10.90 58.88 78.12
CA PHE AA 283 -9.64 59.55 78.47
C PHE AA 283 -9.96 60.67 79.45
N LYS AA 284 -9.82 60.38 80.75
CA LYS AA 284 -10.07 61.34 81.80
C LYS AA 284 -8.87 61.42 82.74
N ILE AA 285 -8.52 62.64 83.15
CA ILE AA 285 -7.42 62.87 84.08
C ILE AA 285 -7.95 63.73 85.22
N MET AA 286 -7.99 63.17 86.42
CA MET AA 286 -8.52 63.85 87.60
C MET AA 286 -7.40 64.16 88.59
N TYR AA 287 -7.73 64.95 89.60
CA TYR AA 287 -6.74 65.36 90.59
C TYR AA 287 -6.17 64.17 91.36
N GLU AA 288 -6.97 63.13 91.56
CA GLU AA 288 -6.49 61.95 92.28
C GLU AA 288 -5.51 61.11 91.47
N ASP AA 289 -5.46 61.29 90.16
CA ASP AA 289 -4.54 60.51 89.33
C ASP AA 289 -3.15 61.12 89.24
N LEU AA 290 -2.95 62.34 89.72
CA LEU AA 290 -1.67 63.05 89.61
C LEU AA 290 -0.85 62.98 90.90
N GLU AA 291 -0.91 61.85 91.60
CA GLU AA 291 -0.19 61.72 92.87
C GLU AA 291 1.31 61.87 92.66
N GLY AA 292 1.96 62.58 93.59
CA GLY AA 292 3.37 62.85 93.50
C GLY AA 292 3.75 64.06 92.69
N GLY AA 293 2.77 64.78 92.14
CA GLY AA 293 3.07 65.90 91.28
C GLY AA 293 2.78 67.27 91.86
N ASN AA 294 2.76 67.38 93.18
CA ASN AA 294 2.49 68.67 93.82
C ASN AA 294 3.59 69.66 93.50
N ILE AA 295 3.20 70.90 93.22
CA ILE AA 295 4.12 71.96 92.85
C ILE AA 295 4.75 72.53 94.12
N PRO AA 296 6.08 72.52 94.24
CA PRO AA 296 6.71 73.04 95.47
C PRO AA 296 6.43 74.52 95.65
N ALA AA 297 6.26 74.93 96.91
CA ALA AA 297 5.93 76.30 97.24
C ALA AA 297 7.15 77.21 97.11
N LEU AA 298 6.88 78.49 96.88
CA LEU AA 298 7.87 79.56 96.88
C LEU AA 298 9.17 79.19 96.18
N ILE AA 364 13.62 81.69 106.03
CA ILE AA 364 13.33 80.38 105.47
C ILE AA 364 11.87 80.01 105.69
N GLN AA 365 10.97 80.70 104.99
CA GLN AA 365 9.55 80.41 105.07
C GLN AA 365 8.93 80.58 103.69
N PRO AA 366 7.93 79.77 103.34
CA PRO AA 366 7.30 79.92 102.02
C PRO AA 366 6.47 81.19 101.94
N LEU AA 367 6.41 81.75 100.73
CA LEU AA 367 5.49 82.86 100.48
C LEU AA 367 4.08 82.33 100.43
N GLU AA 368 3.16 83.00 101.14
CA GLU AA 368 1.80 82.52 101.27
C GLU AA 368 0.79 83.29 100.43
N LYS AA 369 1.17 84.40 99.82
CA LYS AA 369 0.22 85.20 99.06
C LYS AA 369 0.98 85.99 97.99
N ASP AA 370 0.22 86.49 97.02
CA ASP AA 370 0.79 87.20 95.88
C ASP AA 370 0.84 88.70 96.16
N SER AA 371 1.22 89.48 95.16
CA SER AA 371 1.37 90.93 95.34
C SER AA 371 0.04 91.59 95.65
N LYS AA 372 -1.03 91.18 94.96
CA LYS AA 372 -2.36 91.77 95.14
C LYS AA 372 -3.21 90.96 96.10
N SER AA 373 -2.59 90.28 97.06
CA SER AA 373 -3.28 89.50 98.08
C SER AA 373 -4.15 88.40 97.45
N ARG AA 374 -3.47 87.48 96.77
CA ARG AA 374 -4.09 86.26 96.27
C ARG AA 374 -3.41 85.07 96.92
N SER AA 375 -4.20 84.14 97.44
CA SER AA 375 -3.66 82.97 98.10
C SER AA 375 -2.95 82.06 97.11
N TYR AA 376 -1.76 81.59 97.49
CA TYR AA 376 -1.06 80.56 96.73
C TYR AA 376 -1.48 79.16 97.12
N ASN AA 377 -2.43 79.01 98.07
CA ASN AA 377 -2.93 77.70 98.50
C ASN AA 377 -1.85 76.83 99.11
N VAL AA 378 -0.98 77.44 99.91
CA VAL AA 378 0.06 76.67 100.60
C VAL AA 378 -0.59 75.77 101.65
N LEU AA 379 0.00 74.60 101.85
CA LEU AA 379 -0.55 73.56 102.73
C LEU AA 379 0.27 73.47 104.01
N GLU AA 380 -0.08 72.50 104.85
CA GLU AA 380 0.72 72.21 106.03
C GLU AA 380 2.09 71.67 105.63
N ASP AA 381 3.03 71.74 106.56
CA ASP AA 381 4.44 71.39 106.39
C ASP AA 381 5.17 72.46 105.59
N LYS AA 382 4.44 73.42 105.03
CA LYS AA 382 5.01 74.64 104.49
C LYS AA 382 6.10 74.39 103.45
N ILE AA 383 5.92 73.34 102.65
CA ILE AA 383 6.83 73.05 101.54
C ILE AA 383 6.10 72.93 100.21
N ASN AA 384 4.97 72.22 100.18
CA ASN AA 384 4.26 71.95 98.94
C ASN AA 384 2.95 72.72 98.89
N THR AA 385 2.44 72.86 97.67
CA THR AA 385 1.21 73.58 97.37
C THR AA 385 0.15 72.59 96.88
N ALA AA 386 -1.11 72.99 97.00
CA ALA AA 386 -2.22 72.13 96.59
C ALA AA 386 -2.25 71.87 95.08
N TYR AA 387 -1.61 72.71 94.27
CA TYR AA 387 -1.60 72.51 92.83
C TYR AA 387 -0.82 71.26 92.46
N ARG AA 388 -1.34 70.49 91.51
CA ARG AA 388 -0.66 69.33 90.95
C ARG AA 388 -0.55 69.49 89.43
N SER AA 389 0.49 68.90 88.85
CA SER AA 389 0.71 69.01 87.41
C SER AA 389 1.07 67.65 86.82
N TRP AA 390 0.60 67.41 85.58
CA TRP AA 390 0.86 66.15 84.90
C TRP AA 390 2.35 65.94 84.65
N TYR AA 391 3.07 66.99 84.27
CA TYR AA 391 4.48 66.83 83.92
C TYR AA 391 5.32 66.45 85.13
N LEU AA 392 5.07 67.07 86.29
CA LEU AA 392 5.81 66.73 87.49
C LEU AA 392 5.54 65.29 87.91
N SER AA 393 4.29 64.85 87.83
CA SER AA 393 3.95 63.48 88.19
C SER AA 393 4.55 62.47 87.22
N TYR AA 394 4.59 62.80 85.93
CA TYR AA 394 5.16 61.90 84.93
C TYR AA 394 6.66 61.71 85.14
N ASN AA 395 7.37 62.79 85.46
CA ASN AA 395 8.83 62.73 85.51
C ASN AA 395 9.39 62.46 86.90
N TYR AA 396 8.71 62.87 87.97
CA TYR AA 396 9.25 62.75 89.32
C TYR AA 396 8.44 61.84 90.24
N GLY AA 397 7.23 61.45 89.86
CA GLY AA 397 6.40 60.60 90.68
C GLY AA 397 6.82 59.15 90.64
N ASN AA 398 5.96 58.29 91.19
CA ASN AA 398 6.24 56.87 91.26
C ASN AA 398 6.11 56.24 89.87
N PRO AA 399 7.15 55.59 89.35
CA PRO AA 399 7.08 55.04 87.98
C PRO AA 399 6.01 53.99 87.78
N GLU AA 400 5.65 53.23 88.82
CA GLU AA 400 4.76 52.09 88.65
C GLU AA 400 3.37 52.33 89.24
N LYS AA 401 3.09 53.52 89.75
CA LYS AA 401 1.77 53.83 90.29
C LYS AA 401 1.22 55.18 89.85
N GLY AA 402 2.04 56.12 89.42
CA GLY AA 402 1.58 57.43 89.02
C GLY AA 402 1.04 57.44 87.61
N ILE AA 403 0.89 58.65 87.07
CA ILE AA 403 0.32 58.84 85.75
C ILE AA 403 1.20 58.24 84.65
N ARG AA 404 2.49 57.99 84.93
CA ARG AA 404 3.41 57.44 83.95
C ARG AA 404 3.10 55.99 83.59
N SER AA 405 2.32 55.29 84.40
CA SER AA 405 2.06 53.88 84.14
C SER AA 405 1.04 53.66 83.03
N TRP AA 406 0.21 54.65 82.71
CA TRP AA 406 -0.77 54.48 81.65
C TRP AA 406 -0.89 55.66 80.69
N THR AA 407 -0.01 56.67 80.78
CA THR AA 407 0.06 57.72 79.78
C THR AA 407 1.47 57.82 79.22
N LEU AA 408 1.59 58.51 78.08
CA LEU AA 408 2.84 58.60 77.35
C LEU AA 408 3.07 60.03 76.89
N LEU AA 409 4.31 60.49 76.96
CA LEU AA 409 4.68 61.84 76.56
C LEU AA 409 5.20 61.81 75.12
N THR AA 410 4.64 62.67 74.26
CA THR AA 410 4.98 62.71 72.84
C THR AA 410 5.18 64.15 72.40
N THR AA 411 5.75 64.32 71.20
CA THR AA 411 5.89 65.65 70.62
C THR AA 411 4.54 66.22 70.23
N SER AA 412 4.39 67.53 70.39
CA SER AA 412 3.14 68.20 70.03
C SER AA 412 2.88 68.12 68.54
N ASP AA 413 1.63 67.81 68.17
CA ASP AA 413 1.23 67.69 66.77
C ASP AA 413 0.16 68.75 66.48
N VAL AA 414 0.56 69.82 65.77
CA VAL AA 414 -0.32 70.96 65.56
C VAL AA 414 -1.51 70.63 64.66
N THR AA 415 -1.36 69.68 63.74
CA THR AA 415 -2.49 69.32 62.88
C THR AA 415 -3.57 68.56 63.62
N CYS AA 416 -3.31 68.14 64.87
CA CYS AA 416 -4.19 67.36 65.72
C CYS AA 416 -4.38 65.92 65.23
N GLY AA 417 -3.50 65.46 64.34
CA GLY AA 417 -3.53 64.08 63.91
C GLY AA 417 -4.31 63.87 62.64
N VAL AA 418 -3.63 63.69 61.53
CA VAL AA 418 -4.29 63.51 60.25
C VAL AA 418 -4.52 62.02 60.02
N GLU AA 419 -5.61 61.69 59.36
CA GLU AA 419 -5.92 60.32 58.99
C GLU AA 419 -6.02 60.22 57.47
N GLN AA 420 -6.47 59.05 56.99
CA GLN AA 420 -6.45 58.74 55.57
C GLN AA 420 -7.73 59.22 54.87
N VAL AA 421 -7.69 59.21 53.54
CA VAL AA 421 -8.84 59.49 52.69
C VAL AA 421 -8.96 58.38 51.65
N TYR AA 422 -10.18 58.16 51.17
CA TYR AA 422 -10.51 57.10 50.23
C TYR AA 422 -11.13 57.67 48.95
N TRP AA 423 -10.74 57.11 47.80
CA TRP AA 423 -11.30 57.45 46.50
C TRP AA 423 -12.30 56.39 46.03
N SER AA 424 -13.38 56.82 45.39
CA SER AA 424 -14.36 55.91 44.77
C SER AA 424 -14.69 56.35 43.36
N LEU AA 425 -14.74 55.39 42.44
CA LEU AA 425 -15.19 55.62 41.06
C LEU AA 425 -16.15 54.51 40.64
N PRO AA 426 -17.37 54.51 41.19
CA PRO AA 426 -18.23 53.32 41.04
C PRO AA 426 -18.70 53.03 39.62
N ASP AA 427 -18.71 53.99 38.71
CA ASP AA 427 -19.16 53.75 37.33
C ASP AA 427 -18.02 53.40 36.38
N MET AA 428 -16.78 53.37 36.85
CA MET AA 428 -15.65 53.11 35.97
C MET AA 428 -14.90 51.84 36.31
N MET AA 429 -14.57 51.62 37.58
CA MET AA 429 -13.78 50.48 38.02
C MET AA 429 -14.67 49.35 38.53
N GLN AA 430 -14.18 48.13 38.43
CA GLN AA 430 -14.83 47.00 39.09
C GLN AA 430 -14.60 47.06 40.60
N ASP AA 431 -15.55 46.52 41.35
CA ASP AA 431 -15.43 46.52 42.82
C ASP AA 431 -14.30 45.60 43.25
N PRO AA 432 -13.40 46.06 44.12
CA PRO AA 432 -12.38 45.16 44.68
C PRO AA 432 -12.98 44.08 45.58
N VAL AA 433 -12.18 43.06 45.84
CA VAL AA 433 -12.67 41.82 46.45
C VAL AA 433 -13.26 42.08 47.83
N THR AA 434 -14.42 41.46 48.09
CA THR AA 434 -15.28 41.46 49.28
C THR AA 434 -16.15 42.72 49.42
N PHE AA 435 -16.01 43.74 48.57
CA PHE AA 435 -16.92 44.89 48.61
C PHE AA 435 -18.24 44.56 47.91
N ARG AA 436 -19.35 45.01 48.48
CA ARG AA 436 -20.66 44.85 47.87
C ARG AA 436 -21.00 46.03 46.95
N SER AA 437 -21.72 45.74 45.87
CA SER AA 437 -22.23 46.79 45.01
C SER AA 437 -23.43 47.47 45.65
N THR AA 438 -23.46 48.79 45.60
CA THR AA 438 -24.49 49.56 46.29
C THR AA 438 -24.60 50.95 45.70
N ARG AA 439 -25.65 51.66 46.08
CA ARG AA 439 -25.84 53.06 45.73
C ARG AA 439 -25.87 53.97 46.95
N GLN AA 440 -25.45 53.49 48.11
CA GLN AA 440 -25.35 54.33 49.30
C GLN AA 440 -23.96 54.96 49.36
N VAL AA 441 -23.91 56.30 49.53
CA VAL AA 441 -22.67 57.03 49.40
C VAL AA 441 -21.67 56.62 50.49
N SER AA 442 -22.13 56.45 51.71
CA SER AA 442 -21.21 56.04 52.77
C SER AA 442 -20.77 54.57 52.65
N ASN AA 443 -21.08 53.84 51.59
CA ASN AA 443 -20.61 52.46 51.47
C ASN AA 443 -20.12 52.13 50.07
N TYR AA 444 -19.68 53.12 49.30
CA TYR AA 444 -19.10 52.87 47.98
C TYR AA 444 -17.82 52.03 48.11
N PRO AA 445 -17.56 51.14 47.15
CA PRO AA 445 -16.27 50.43 47.14
C PRO AA 445 -15.10 51.40 46.96
N VAL AA 446 -13.97 51.05 47.57
CA VAL AA 446 -12.80 51.93 47.67
C VAL AA 446 -11.76 51.52 46.64
N VAL AA 447 -11.29 52.49 45.86
CA VAL AA 447 -10.35 52.23 44.77
C VAL AA 447 -8.94 52.73 45.05
N GLY AA 448 -8.74 53.55 46.09
CA GLY AA 448 -7.41 54.00 46.47
C GLY AA 448 -7.44 54.73 47.79
N ALA AA 449 -6.25 54.86 48.40
CA ALA AA 449 -6.12 55.50 49.70
C ALA AA 449 -4.82 56.27 49.79
N GLU AA 450 -4.82 57.32 50.61
CA GLU AA 450 -3.65 58.16 50.86
C GLU AA 450 -3.94 59.00 52.11
N LEU AA 451 -2.95 59.77 52.54
CA LEU AA 451 -3.14 60.67 53.67
C LEU AA 451 -3.83 61.96 53.23
N MET AA 452 -4.71 62.45 54.08
CA MET AA 452 -5.24 63.80 53.90
C MET AA 452 -4.07 64.79 53.91
N PRO AA 453 -3.92 65.62 52.89
CA PRO AA 453 -2.63 66.31 52.65
C PRO AA 453 -2.44 67.59 53.47
N VAL AA 454 -2.27 67.42 54.78
CA VAL AA 454 -2.03 68.53 55.70
C VAL AA 454 -0.82 68.18 56.55
N PHE AA 455 0.14 69.11 56.65
CA PHE AA 455 1.42 68.82 57.27
C PHE AA 455 1.83 69.93 58.21
N SER AA 456 2.72 69.59 59.14
CA SER AA 456 3.29 70.52 60.10
C SER AA 456 4.60 71.09 59.59
N LYS AA 457 4.85 72.36 59.88
CA LYS AA 457 6.10 73.03 59.54
C LYS AA 457 6.66 73.77 60.75
N SER AA 458 7.98 73.74 60.91
CA SER AA 458 8.65 74.30 62.08
C SER AA 458 9.35 75.62 61.76
N PHE AA 459 9.36 76.50 62.75
CA PHE AA 459 10.08 77.77 62.68
C PHE AA 459 10.82 78.01 63.98
N TYR AA 460 11.84 78.86 63.93
CA TYR AA 460 12.65 79.18 65.10
C TYR AA 460 12.39 80.62 65.52
N ASN AA 461 12.10 80.82 66.80
CA ASN AA 461 11.82 82.14 67.34
C ASN AA 461 12.50 82.37 68.69
N HIS AA 478 -4.32 93.35 77.93
CA HIS AA 478 -3.96 91.97 77.61
C HIS AA 478 -5.01 90.99 78.10
N VAL AA 479 -5.88 90.55 77.18
CA VAL AA 479 -6.90 89.57 77.53
C VAL AA 479 -6.28 88.21 77.82
N PHE AA 480 -5.07 87.93 77.31
CA PHE AA 480 -4.41 86.66 77.54
C PHE AA 480 -3.47 86.69 78.75
N ASN AA 481 -3.49 87.76 79.53
CA ASN AA 481 -2.72 87.83 80.78
C ASN AA 481 -3.53 88.68 81.76
N ARG AA 482 -4.39 88.01 82.53
CA ARG AA 482 -5.29 88.68 83.47
C ARG AA 482 -4.78 88.66 84.91
N PHE AA 483 -3.75 87.87 85.20
CA PHE AA 483 -3.16 87.79 86.53
C PHE AA 483 -1.65 87.93 86.37
N PRO AA 484 -1.17 89.10 85.98
CA PRO AA 484 0.27 89.26 85.76
C PRO AA 484 1.12 88.98 86.98
N GLU AA 485 0.61 89.27 88.18
CA GLU AA 485 1.41 89.12 89.38
C GLU AA 485 1.55 87.66 89.82
N ASN AA 486 0.52 86.85 89.60
CA ASN AA 486 0.45 85.52 90.20
C ASN AA 486 1.41 84.58 89.46
N GLN AA 487 2.33 83.96 90.20
CA GLN AA 487 3.32 83.08 89.60
C GLN AA 487 2.72 81.81 89.02
N ILE AA 488 1.54 81.40 89.49
CA ILE AA 488 0.90 80.20 88.97
C ILE AA 488 0.02 80.53 87.76
N LEU AA 489 -0.64 81.68 87.78
CA LEU AA 489 -1.58 82.07 86.75
C LEU AA 489 -0.98 83.01 85.72
N ILE AA 490 0.34 83.19 85.72
CA ILE AA 490 0.97 84.00 84.69
C ILE AA 490 0.84 83.33 83.33
N ARG AA 491 0.88 84.14 82.28
CA ARG AA 491 0.79 83.63 80.91
C ARG AA 491 1.99 82.75 80.59
N PRO AA 492 1.79 81.56 80.04
CA PRO AA 492 2.91 80.64 79.86
C PRO AA 492 3.92 81.19 78.89
N PRO AA 493 5.20 80.89 79.08
CA PRO AA 493 6.22 81.27 78.10
C PRO AA 493 6.04 80.52 76.79
N ALA AA 494 6.45 81.17 75.69
CA ALA AA 494 6.34 80.62 74.35
C ALA AA 494 7.54 79.74 74.03
N PRO AA 495 7.35 78.62 73.34
CA PRO AA 495 8.49 77.78 72.97
C PRO AA 495 9.39 78.46 71.96
N THR AA 496 10.66 78.07 71.98
CA THR AA 496 11.60 78.53 70.98
C THR AA 496 11.38 77.84 69.62
N ILE AA 497 10.56 76.80 69.56
CA ILE AA 497 10.18 76.14 68.31
C ILE AA 497 8.67 76.26 68.15
N THR AA 498 8.24 76.89 67.06
CA THR AA 498 6.83 77.07 66.75
C THR AA 498 6.45 76.24 65.53
N THR AA 499 5.29 75.58 65.59
CA THR AA 499 4.79 74.75 64.49
C THR AA 499 3.43 75.22 64.04
N VAL AA 500 3.21 75.23 62.72
CA VAL AA 500 1.95 75.60 62.10
C VAL AA 500 1.63 74.57 61.01
N SER AA 501 0.34 74.44 60.71
CA SER AA 501 -0.13 73.43 59.75
C SER AA 501 -0.35 74.05 58.37
N GLU AA 502 -0.04 73.28 57.34
CA GLU AA 502 -0.08 73.73 55.94
C GLU AA 502 -0.81 72.72 55.06
N ASN AA 503 -1.41 73.23 53.98
CA ASN AA 503 -2.03 72.41 52.95
C ASN AA 503 -1.08 72.36 51.74
N VAL AA 504 -0.73 71.15 51.31
CA VAL AA 504 0.21 70.93 50.21
C VAL AA 504 -0.47 70.08 49.15
N PRO AA 505 -0.48 70.49 47.89
CA PRO AA 505 -1.13 69.68 46.85
C PRO AA 505 -0.48 68.31 46.71
N ALA AA 506 -1.31 67.29 46.52
CA ALA AA 506 -0.90 65.89 46.53
C ALA AA 506 -1.08 65.28 45.15
N LEU AA 507 -0.01 64.68 44.65
CA LEU AA 507 0.04 64.04 43.34
C LEU AA 507 0.35 62.56 43.55
N THR AA 508 -0.57 61.68 43.20
CA THR AA 508 -0.50 60.28 43.62
C THR AA 508 -0.72 59.34 42.45
N ASP AA 509 0.09 58.29 42.39
CA ASP AA 509 -0.07 57.18 41.46
C ASP AA 509 -0.63 55.98 42.22
N HIS AA 510 -1.83 55.54 41.83
CA HIS AA 510 -2.52 54.46 42.53
C HIS AA 510 -2.36 53.10 41.87
N GLY AA 511 -1.57 52.99 40.80
CA GLY AA 511 -1.41 51.71 40.10
C GLY AA 511 -2.56 51.38 39.16
N THR AA 512 -2.59 50.12 38.74
CA THR AA 512 -3.53 49.62 37.74
C THR AA 512 -4.66 48.84 38.40
N LEU AA 513 -5.90 49.13 38.01
CA LEU AA 513 -7.10 48.46 38.50
C LEU AA 513 -7.96 47.94 37.35
N PRO AA 514 -8.67 46.84 37.54
CA PRO AA 514 -9.54 46.32 36.46
C PRO AA 514 -10.67 47.27 36.12
N LEU AA 515 -10.94 47.37 34.82
CA LEU AA 515 -11.83 48.35 34.23
C LEU AA 515 -13.07 47.68 33.67
N ARG AA 516 -14.22 48.35 33.76
CA ARG AA 516 -15.44 47.83 33.14
C ARG AA 516 -15.36 47.93 31.62
N SER AA 517 -15.98 46.96 30.93
CA SER AA 517 -15.90 46.90 29.47
C SER AA 517 -16.73 47.98 28.79
N SER AA 518 -17.80 48.47 29.43
CA SER AA 518 -18.63 49.51 28.86
C SER AA 518 -18.72 50.66 29.86
N ILE AA 519 -18.38 51.86 29.41
CA ILE AA 519 -18.27 53.04 30.25
C ILE AA 519 -19.31 54.05 29.80
N ARG AA 520 -20.18 54.47 30.71
CA ARG AA 520 -21.18 55.48 30.41
C ARG AA 520 -20.56 56.88 30.36
N GLY AA 521 -21.27 57.79 29.70
CA GLY AA 521 -20.77 59.12 29.47
C GLY AA 521 -20.73 60.01 30.69
N VAL AA 522 -21.53 59.74 31.70
CA VAL AA 522 -21.55 60.51 32.94
C VAL AA 522 -21.03 59.64 34.08
N GLN AA 523 -20.08 60.18 34.86
CA GLN AA 523 -19.36 59.44 35.87
C GLN AA 523 -19.44 60.15 37.22
N ARG AA 524 -19.45 59.38 38.29
CA ARG AA 524 -19.47 59.89 39.66
C ARG AA 524 -18.08 59.79 40.29
N VAL AA 525 -17.67 60.85 40.99
CA VAL AA 525 -16.39 60.93 41.68
C VAL AA 525 -16.64 61.27 43.15
N THR AA 526 -16.06 60.50 44.07
CA THR AA 526 -16.31 60.67 45.50
C THR AA 526 -15.02 60.55 46.31
N VAL AA 527 -14.88 61.40 47.32
CA VAL AA 527 -13.77 61.37 48.27
C VAL AA 527 -14.35 61.38 49.69
N THR AA 528 -13.99 60.39 50.51
CA THR AA 528 -14.50 60.28 51.88
C THR AA 528 -13.37 60.01 52.88
N ASP AA 529 -13.65 60.30 54.15
CA ASP AA 529 -12.68 60.16 55.22
C ASP AA 529 -12.79 58.78 55.88
N ALA AA 530 -12.12 58.60 57.02
CA ALA AA 530 -12.04 57.29 57.66
C ALA AA 530 -13.39 56.82 58.19
N ARG AA 531 -14.26 57.74 58.59
CA ARG AA 531 -15.61 57.41 59.03
C ARG AA 531 -16.60 57.40 57.87
N ARG AA 532 -16.11 57.52 56.63
CA ARG AA 532 -16.93 57.50 55.41
C ARG AA 532 -17.89 58.68 55.32
N ARG AA 533 -17.44 59.85 55.75
CA ARG AA 533 -18.11 61.11 55.46
C ARG AA 533 -17.37 61.84 54.36
N THR AA 534 -18.09 62.61 53.55
CA THR AA 534 -17.44 63.47 52.60
C THR AA 534 -16.73 64.63 53.33
N CYS AA 535 -15.70 65.17 52.69
CA CYS AA 535 -14.89 66.21 53.32
C CYS AA 535 -15.20 67.56 52.69
N PRO AA 536 -15.75 68.51 53.44
CA PRO AA 536 -16.07 69.84 52.86
C PRO AA 536 -14.86 70.70 52.56
N TYR AA 537 -13.64 70.29 52.91
CA TYR AA 537 -12.47 71.12 52.68
C TYR AA 537 -11.69 70.76 51.42
N VAL AA 538 -12.18 69.82 50.62
CA VAL AA 538 -11.62 69.59 49.29
C VAL AA 538 -12.17 70.64 48.33
N TYR AA 539 -11.29 71.31 47.60
CA TYR AA 539 -11.77 72.25 46.59
C TYR AA 539 -11.16 72.03 45.20
N LYS AA 540 -10.38 70.98 45.00
CA LYS AA 540 -9.86 70.63 43.69
C LYS AA 540 -9.53 69.14 43.67
N ALA AA 541 -10.11 68.43 42.72
CA ALA AA 541 -9.87 66.99 42.57
C ALA AA 541 -9.97 66.61 41.10
N LEU AA 542 -8.93 65.98 40.57
CA LEU AA 542 -8.87 65.53 39.19
C LEU AA 542 -8.40 64.09 39.11
N GLY AA 543 -8.86 63.39 38.09
CA GLY AA 543 -8.39 62.05 37.82
C GLY AA 543 -8.05 61.86 36.35
N ILE AA 544 -7.03 61.04 36.10
CA ILE AA 544 -6.59 60.68 34.77
C ILE AA 544 -6.40 59.17 34.71
N VAL AA 545 -7.02 58.52 33.75
CA VAL AA 545 -6.99 57.07 33.62
C VAL AA 545 -6.40 56.70 32.26
N ALA AA 546 -5.51 55.71 32.25
CA ALA AA 546 -4.89 55.21 31.02
C ALA AA 546 -5.18 53.73 30.82
N PRO AA 547 -6.16 53.36 29.98
CA PRO AA 547 -6.50 51.95 29.80
C PRO AA 547 -5.44 51.17 29.04
N ARG AA 548 -5.37 49.87 29.30
CA ARG AA 548 -4.53 48.94 28.54
C ARG AA 548 -5.02 47.51 28.76
N VAL AA 549 -4.60 46.61 27.88
CA VAL AA 549 -5.03 45.22 27.91
C VAL AA 549 -4.27 44.45 29.00
N LEU AA 550 -5.00 43.69 29.80
CA LEU AA 550 -4.43 42.84 30.84
C LEU AA 550 -4.33 41.37 30.44
N SER AA 551 -5.41 40.77 29.93
CA SER AA 551 -5.37 39.37 29.52
C SER AA 551 -6.45 39.13 28.49
N SER AA 552 -6.41 37.93 27.91
CA SER AA 552 -7.33 37.54 26.85
C SER AA 552 -8.62 36.97 27.42
N ARG AA 553 -9.69 37.12 26.65
CA ARG AA 553 -11.01 36.56 26.94
C ARG AA 553 -11.66 37.16 28.16
N ARG BA 48 43.24 -8.69 -15.48
CA ARG BA 48 43.77 -10.05 -15.46
C ARG BA 48 44.75 -10.30 -16.62
N ASN BA 49 45.59 -9.32 -16.92
CA ASN BA 49 46.49 -9.43 -18.07
C ASN BA 49 47.90 -8.92 -17.77
N SER BA 50 48.31 -8.87 -16.51
CA SER BA 50 49.62 -8.32 -16.16
C SER BA 50 50.71 -9.40 -16.24
N ILE BA 51 51.94 -8.95 -16.42
CA ILE BA 51 53.12 -9.81 -16.51
C ILE BA 51 54.18 -9.27 -15.56
N ARG BA 52 54.66 -10.13 -14.65
CA ARG BA 52 55.48 -9.69 -13.53
C ARG BA 52 56.79 -10.46 -13.46
N TYR BA 53 57.84 -9.78 -13.03
CA TYR BA 53 59.17 -10.35 -12.86
C TYR BA 53 59.54 -10.32 -11.38
N SER BA 54 60.02 -11.46 -10.87
CA SER BA 54 60.12 -11.66 -9.43
C SER BA 54 61.11 -10.73 -8.74
N GLU BA 55 62.00 -10.08 -9.48
CA GLU BA 55 62.95 -9.18 -8.86
C GLU BA 55 62.46 -7.73 -8.74
N LEU BA 56 61.24 -7.44 -9.18
CA LEU BA 56 60.70 -6.09 -9.16
C LEU BA 56 59.44 -6.04 -8.31
N SER BA 57 59.25 -4.92 -7.59
CA SER BA 57 58.10 -4.71 -6.72
C SER BA 57 57.88 -3.23 -6.50
N PRO BA 58 56.64 -2.77 -6.39
CA PRO BA 58 56.39 -1.33 -6.19
C PRO BA 58 56.49 -0.90 -4.73
N LEU BA 59 56.66 0.41 -4.53
CA LEU BA 59 56.97 1.01 -3.24
C LEU BA 59 55.80 1.78 -2.65
N TYR BA 60 55.65 1.72 -1.32
CA TYR BA 60 54.57 2.39 -0.61
C TYR BA 60 55.03 2.95 0.73
N ASP BA 61 54.35 4.03 1.14
CA ASP BA 61 54.27 4.62 2.48
C ASP BA 61 55.48 5.38 3.02
N THR BA 62 56.69 5.09 2.56
CA THR BA 62 57.89 5.76 3.06
C THR BA 62 59.11 5.18 2.36
N THR BA 63 60.20 5.94 2.37
CA THR BA 63 61.47 5.56 1.73
C THR BA 63 62.55 6.51 2.23
N ARG BA 64 63.73 6.48 1.60
CA ARG BA 64 64.83 7.39 1.93
C ARG BA 64 65.34 8.08 0.67
N LEU BA 65 65.74 9.35 0.81
CA LEU BA 65 66.46 10.09 -0.22
C LEU BA 65 67.78 10.57 0.37
N TYR BA 66 68.87 10.40 -0.36
CA TYR BA 66 70.21 10.72 0.13
C TYR BA 66 70.82 11.88 -0.67
N LEU BA 67 71.34 12.88 0.04
CA LEU BA 67 71.96 14.07 -0.55
C LEU BA 67 73.43 14.06 -0.13
N VAL BA 68 74.31 13.62 -1.03
CA VAL BA 68 75.69 13.30 -0.71
C VAL BA 68 76.61 14.15 -1.58
N ASP BA 69 77.67 14.68 -0.97
CA ASP BA 69 78.50 15.69 -1.60
C ASP BA 69 79.75 15.14 -2.31
N ASN BA 70 79.97 13.84 -2.33
CA ASN BA 70 81.22 13.30 -2.89
C ASN BA 70 80.96 12.06 -3.75
N LYS BA 71 79.92 12.09 -4.57
CA LYS BA 71 79.75 11.04 -5.57
C LYS BA 71 80.76 11.21 -6.70
N SER BA 72 81.29 10.08 -7.17
CA SER BA 72 82.44 10.15 -8.10
C SER BA 72 82.07 10.82 -9.42
N ALA BA 73 80.92 10.47 -9.99
CA ALA BA 73 80.53 11.05 -11.27
C ALA BA 73 80.07 12.49 -11.16
N ASP BA 74 79.43 12.86 -10.05
CA ASP BA 74 78.98 14.24 -9.87
C ASP BA 74 80.15 15.20 -9.72
N ILE BA 75 81.28 14.72 -9.18
CA ILE BA 75 82.46 15.57 -9.02
C ILE BA 75 82.96 16.05 -10.38
N ALA BA 76 83.02 15.14 -11.35
CA ALA BA 76 83.64 15.47 -12.63
C ALA BA 76 82.76 16.39 -13.48
N SER BA 77 81.45 16.13 -13.52
CA SER BA 77 80.59 16.76 -14.51
C SER BA 77 79.66 17.83 -13.97
N LEU BA 78 79.58 18.03 -12.66
CA LEU BA 78 78.63 19.01 -12.14
C LEU BA 78 79.26 20.14 -11.36
N ASN BA 79 80.29 19.87 -10.56
CA ASN BA 79 80.71 20.78 -9.50
C ASN BA 79 82.11 21.32 -9.69
N TYR BA 80 82.46 21.66 -10.93
CA TYR BA 80 83.82 22.08 -11.22
C TYR BA 80 84.17 23.41 -10.56
N GLN BA 81 83.22 24.33 -10.46
CA GLN BA 81 83.45 25.64 -9.88
C GLN BA 81 82.83 25.82 -8.49
N ASN BA 82 82.41 24.75 -7.83
CA ASN BA 82 81.66 24.84 -6.58
C ASN BA 82 82.55 24.43 -5.39
N ASP BA 83 81.98 24.55 -4.18
CA ASP BA 83 82.61 24.04 -2.98
C ASP BA 83 81.54 23.39 -2.10
N HIS BA 84 81.97 22.87 -0.94
CA HIS BA 84 81.07 22.07 -0.11
C HIS BA 84 79.96 22.89 0.55
N SER BA 85 80.05 24.22 0.51
CA SER BA 85 78.98 25.06 1.02
C SER BA 85 77.87 25.31 0.01
N ASN BA 86 78.10 25.04 -1.29
CA ASN BA 86 77.10 25.31 -2.32
C ASN BA 86 77.41 24.41 -3.53
N PHE BA 87 76.67 23.31 -3.67
CA PHE BA 87 77.01 22.30 -4.68
C PHE BA 87 75.74 21.65 -5.23
N LEU BA 88 75.91 20.84 -6.26
CA LEU BA 88 74.85 20.08 -6.89
C LEU BA 88 75.08 18.59 -6.68
N THR BA 89 74.00 17.83 -6.58
CA THR BA 89 74.10 16.39 -6.41
C THR BA 89 72.89 15.70 -7.03
N THR BA 90 73.03 14.41 -7.30
CA THR BA 90 71.96 13.62 -7.91
C THR BA 90 71.32 12.73 -6.85
N VAL BA 91 69.99 12.75 -6.79
CA VAL BA 91 69.27 11.85 -5.89
C VAL BA 91 68.91 10.52 -6.54
N VAL BA 92 69.18 10.36 -7.84
CA VAL BA 92 69.00 9.09 -8.53
C VAL BA 92 70.24 8.23 -8.27
N GLN BA 93 70.04 7.05 -7.69
CA GLN BA 93 71.13 6.16 -7.30
C GLN BA 93 71.28 4.96 -8.24
N ASN BA 94 71.09 5.17 -9.54
CA ASN BA 94 71.08 4.10 -10.54
C ASN BA 94 72.18 4.39 -11.55
N ASN BA 95 73.23 3.56 -11.57
CA ASN BA 95 74.41 3.84 -12.39
C ASN BA 95 74.25 3.43 -13.85
N ASP BA 96 73.04 3.07 -14.29
CA ASP BA 96 72.79 2.92 -15.72
C ASP BA 96 72.76 4.25 -16.46
N PHE BA 97 72.78 5.37 -15.74
CA PHE BA 97 72.67 6.70 -16.32
C PHE BA 97 73.76 7.61 -15.77
N THR BA 98 74.18 8.56 -16.60
CA THR BA 98 75.07 9.62 -16.16
C THR BA 98 74.28 10.70 -15.43
N PRO BA 99 74.95 11.54 -14.64
CA PRO BA 99 74.23 12.63 -13.95
C PRO BA 99 73.51 13.57 -14.89
N THR BA 100 74.07 13.84 -16.07
CA THR BA 100 73.39 14.68 -17.04
C THR BA 100 72.07 14.06 -17.50
N GLU BA 101 72.09 12.76 -17.79
CA GLU BA 101 70.86 12.06 -18.14
C GLU BA 101 69.89 12.03 -16.96
N ALA BA 102 70.40 11.85 -15.75
CA ALA BA 102 69.55 11.78 -14.57
C ALA BA 102 68.82 13.09 -14.30
N SER BA 103 69.36 14.21 -14.77
CA SER BA 103 68.79 15.51 -14.45
C SER BA 103 67.38 15.67 -14.99
N THR BA 104 67.04 14.97 -16.06
CA THR BA 104 65.70 15.05 -16.64
C THR BA 104 64.70 14.06 -16.04
N GLN BA 105 65.15 13.12 -15.22
CA GLN BA 105 64.24 12.15 -14.62
C GLN BA 105 63.58 12.73 -13.37
N THR BA 106 62.49 12.09 -12.92
CA THR BA 106 61.75 12.56 -11.77
C THR BA 106 61.37 11.40 -10.84
N ILE BA 107 61.10 11.75 -9.59
CA ILE BA 107 60.50 10.87 -8.60
C ILE BA 107 59.16 11.48 -8.21
N ASN BA 108 58.10 10.69 -8.24
CA ASN BA 108 56.74 11.20 -8.10
C ASN BA 108 56.04 10.58 -6.90
N PHE BA 109 55.57 11.43 -5.99
CA PHE BA 109 54.78 11.03 -4.83
C PHE BA 109 53.31 11.26 -5.13
N ASP BA 110 52.46 10.30 -4.76
CA ASP BA 110 51.08 10.27 -5.25
C ASP BA 110 50.36 11.59 -5.01
N GLU BA 111 49.79 12.14 -6.09
CA GLU BA 111 49.22 13.49 -6.08
C GLU BA 111 47.91 13.58 -5.32
N ARG BA 112 47.33 12.46 -4.92
CA ARG BA 112 46.13 12.49 -4.09
C ARG BA 112 46.42 12.66 -2.61
N SER BA 113 47.68 12.83 -2.23
CA SER BA 113 48.07 13.13 -0.85
C SER BA 113 49.01 14.32 -0.84
N ARG BA 114 49.09 14.98 0.32
CA ARG BA 114 50.14 15.96 0.59
C ARG BA 114 51.22 15.29 1.43
N TRP BA 115 52.48 15.50 1.06
CA TRP BA 115 53.60 14.77 1.64
C TRP BA 115 54.51 15.71 2.42
N GLY BA 116 55.13 15.15 3.47
CA GLY BA 116 56.15 15.87 4.20
C GLY BA 116 57.41 15.04 4.33
N GLY BA 117 58.50 15.71 4.67
CA GLY BA 117 59.78 15.05 4.79
C GLY BA 117 60.55 15.40 6.05
N GLN BA 118 60.92 14.37 6.82
CA GLN BA 118 61.74 14.58 8.00
C GLN BA 118 63.22 14.66 7.62
N LEU BA 119 63.89 15.71 8.06
CA LEU BA 119 65.24 16.04 7.60
C LEU BA 119 66.26 15.90 8.72
N LYS BA 120 67.34 15.17 8.45
CA LYS BA 120 68.49 15.06 9.33
C LYS BA 120 69.75 15.46 8.57
N THR BA 121 70.65 16.18 9.23
CA THR BA 121 71.87 16.67 8.59
C THR BA 121 73.11 16.31 9.40
N ILE BA 122 74.23 16.24 8.71
CA ILE BA 122 75.55 16.03 9.29
C ILE BA 122 76.50 17.07 8.71
N MET BA 123 77.21 17.79 9.56
CA MET BA 123 78.10 18.86 9.12
C MET BA 123 79.40 18.84 9.91
N HIS BA 124 80.51 19.16 9.24
CA HIS BA 124 81.82 19.27 9.88
C HIS BA 124 82.59 20.44 9.28
N THR BA 125 83.29 21.19 10.14
CA THR BA 125 83.99 22.41 9.75
C THR BA 125 85.45 22.36 10.19
N ASN BA 126 86.25 23.26 9.63
CA ASN BA 126 87.67 23.39 9.99
C ASN BA 126 88.09 24.86 10.10
N MET BA 127 87.28 25.68 10.77
CA MET BA 127 87.52 27.13 10.88
C MET BA 127 88.57 27.45 11.94
N PRO BA 128 89.59 28.24 11.63
CA PRO BA 128 90.47 28.79 12.67
C PRO BA 128 89.91 30.07 13.27
N ASN BA 129 90.32 30.35 14.51
CA ASN BA 129 89.67 31.43 15.24
C ASN BA 129 90.12 32.83 14.82
N VAL BA 130 91.30 33.00 14.25
CA VAL BA 130 91.77 34.30 13.76
C VAL BA 130 91.88 34.21 12.25
N ASN BA 131 90.98 34.89 11.54
CA ASN BA 131 90.95 34.82 10.08
C ASN BA 131 90.29 36.07 9.53
N GLU BA 132 90.51 36.31 8.23
CA GLU BA 132 90.03 37.52 7.58
C GLU BA 132 88.53 37.48 7.28
N TYR BA 133 88.01 36.32 6.93
CA TYR BA 133 86.63 36.23 6.47
C TYR BA 133 85.64 36.61 7.56
N MET BA 134 85.97 36.35 8.82
CA MET BA 134 85.07 36.59 9.95
C MET BA 134 85.40 37.88 10.71
N PHE BA 135 86.29 38.72 10.18
CA PHE BA 135 86.63 40.03 10.76
C PHE BA 135 87.27 39.91 12.14
N SER BA 136 87.96 38.81 12.41
CA SER BA 136 88.73 38.65 13.64
C SER BA 136 90.22 38.87 13.40
N ASN BA 137 90.57 39.62 12.35
CA ASN BA 137 91.92 39.75 11.87
C ASN BA 137 92.52 41.14 12.10
N LYS BA 138 91.71 42.12 12.48
CA LYS BA 138 92.13 43.51 12.41
C LYS BA 138 91.43 44.35 13.47
N PHE BA 139 92.05 45.49 13.79
CA PHE BA 139 91.48 46.50 14.68
C PHE BA 139 92.15 47.83 14.35
N LYS BA 140 91.60 48.91 14.90
CA LYS BA 140 92.11 50.26 14.68
C LYS BA 140 92.53 50.90 16.00
N ALA BA 141 93.57 51.75 15.93
CA ALA BA 141 94.07 52.43 17.12
C ALA BA 141 94.73 53.74 16.72
N ARG BA 142 94.88 54.64 17.69
CA ARG BA 142 95.49 55.94 17.50
C ARG BA 142 96.75 56.03 18.34
N VAL BA 143 97.90 56.24 17.69
CA VAL BA 143 99.19 56.27 18.35
C VAL BA 143 99.92 57.56 17.96
N MET BA 144 101.08 57.78 18.57
CA MET BA 144 101.87 58.98 18.37
C MET BA 144 102.87 58.78 17.22
N VAL BA 145 102.87 59.70 16.27
CA VAL BA 145 103.72 59.60 15.11
C VAL BA 145 104.96 60.51 15.19
N SER BA 146 104.87 61.65 15.87
CA SER BA 146 105.99 62.57 15.94
C SER BA 146 105.98 63.30 17.28
N ARG BA 147 107.14 63.35 17.92
CA ARG BA 147 107.41 64.31 18.97
C ARG BA 147 107.98 65.57 18.33
N LYS BA 148 108.50 66.49 19.13
CA LYS BA 148 109.09 67.72 18.57
C LYS BA 148 110.37 67.41 17.81
N ASP BA 171 107.35 70.99 23.53
CA ASP BA 171 107.23 69.87 22.60
C ASP BA 171 105.82 69.78 22.03
N ILE BA 172 105.72 69.56 20.73
CA ILE BA 172 104.45 69.39 20.03
C ILE BA 172 104.33 67.93 19.61
N LEU BA 173 103.20 67.32 19.91
CA LEU BA 173 102.97 65.90 19.71
C LEU BA 173 101.88 65.69 18.65
N LYS BA 174 102.12 64.77 17.73
CA LYS BA 174 101.18 64.47 16.65
C LYS BA 174 100.74 63.02 16.74
N TYR BA 175 99.45 62.79 16.50
CA TYR BA 175 98.84 61.47 16.57
C TYR BA 175 98.07 61.18 15.29
N GLU BA 176 97.87 59.89 15.00
CA GLU BA 176 97.18 59.48 13.79
C GLU BA 176 96.56 58.10 13.99
N TRP BA 177 95.50 57.83 13.22
CA TRP BA 177 94.82 56.54 13.23
C TRP BA 177 95.43 55.60 12.20
N PHE BA 178 95.48 54.32 12.55
CA PHE BA 178 95.95 53.27 11.65
C PHE BA 178 95.07 52.03 11.83
N GLU BA 179 95.16 51.13 10.85
CA GLU BA 179 94.54 49.81 10.95
C GLU BA 179 95.63 48.75 11.01
N PHE BA 180 95.52 47.84 11.96
CA PHE BA 180 96.54 46.84 12.25
C PHE BA 180 96.05 45.45 11.85
N ILE BA 181 96.94 44.63 11.31
CA ILE BA 181 96.59 43.31 10.77
C ILE BA 181 97.43 42.25 11.46
N LEU BA 182 96.78 41.15 11.89
CA LEU BA 182 97.38 39.95 12.48
C LEU BA 182 97.49 38.86 11.43
N PRO BA 183 98.43 37.94 11.58
CA PRO BA 183 98.46 36.76 10.69
C PRO BA 183 97.48 35.69 11.15
N GLU BA 184 97.03 34.88 10.19
CA GLU BA 184 95.93 33.94 10.42
C GLU BA 184 96.42 32.64 11.05
N GLY BA 185 95.53 32.02 11.83
CA GLY BA 185 95.85 30.80 12.53
C GLY BA 185 94.86 30.55 13.64
N ASN BA 186 95.08 29.46 14.36
CA ASN BA 186 94.23 29.04 15.47
C ASN BA 186 95.02 29.17 16.77
N PHE BA 187 94.74 30.22 17.54
CA PHE BA 187 95.57 30.59 18.68
C PHE BA 187 94.76 30.63 19.96
N SER BA 188 95.45 30.46 21.08
CA SER BA 188 94.83 30.68 22.38
C SER BA 188 94.67 32.17 22.65
N ALA BA 189 93.94 32.49 23.72
CA ALA BA 189 93.67 33.89 24.03
C ALA BA 189 94.93 34.65 24.41
N THR BA 190 95.81 34.04 25.21
CA THR BA 190 97.06 34.71 25.57
C THR BA 190 97.94 34.94 24.36
N MET BA 191 98.06 33.94 23.49
CA MET BA 191 98.87 34.10 22.28
C MET BA 191 98.30 35.17 21.36
N THR BA 192 96.97 35.32 21.32
CA THR BA 192 96.36 36.36 20.51
C THR BA 192 96.72 37.76 21.02
N ILE BA 193 96.74 37.94 22.34
CA ILE BA 193 97.08 39.23 22.92
C ILE BA 193 98.54 39.59 22.66
N ASP BA 194 99.43 38.60 22.63
CA ASP BA 194 100.82 38.87 22.25
C ASP BA 194 100.91 39.40 20.82
N LEU BA 195 100.12 38.84 19.92
CA LEU BA 195 100.18 39.28 18.53
C LEU BA 195 99.66 40.70 18.36
N MET BA 196 98.66 41.10 19.15
CA MET BA 196 98.16 42.47 19.07
C MET BA 196 99.20 43.48 19.58
N ASN BA 197 99.91 43.15 20.66
CA ASN BA 197 101.01 44.01 21.12
C ASN BA 197 102.10 44.10 20.07
N ASN BA 198 102.44 42.97 19.44
CA ASN BA 198 103.49 42.96 18.43
C ASN BA 198 103.13 43.82 17.23
N ALA BA 199 101.84 43.89 16.87
CA ALA BA 199 101.43 44.75 15.77
C ALA BA 199 101.63 46.22 16.10
N ILE BA 200 101.35 46.63 17.34
CA ILE BA 200 101.55 48.01 17.74
C ILE BA 200 103.03 48.38 17.65
N ILE BA 201 103.91 47.50 18.11
CA ILE BA 201 105.33 47.80 18.16
C ILE BA 201 105.93 47.90 16.76
N ASP BA 202 105.48 47.05 15.83
CA ASP BA 202 105.97 47.13 14.46
C ASP BA 202 105.63 48.45 13.79
N ASN BA 203 104.57 49.12 14.23
CA ASN BA 203 104.28 50.46 13.77
C ASN BA 203 105.24 51.48 14.37
N TYR BA 204 105.69 51.26 15.60
CA TYR BA 204 106.63 52.18 16.23
C TYR BA 204 108.03 52.01 15.67
N LEU BA 205 108.34 50.89 15.03
CA LEU BA 205 109.65 50.70 14.43
C LEU BA 205 109.73 51.19 12.99
N GLU BA 206 108.60 51.27 12.30
CA GLU BA 206 108.55 51.72 10.91
C GLU BA 206 108.31 53.22 10.79
N ILE BA 207 107.44 53.76 11.64
CA ILE BA 207 107.19 55.19 11.79
C ILE BA 207 107.57 55.45 13.24
N GLY BA 208 107.41 56.67 13.72
CA GLY BA 208 107.62 56.84 15.14
C GLY BA 208 109.08 56.98 15.49
N ARG BA 209 109.70 55.86 15.87
CA ARG BA 209 111.09 55.82 16.34
C ARG BA 209 112.02 56.72 15.53
N GLN BA 210 111.88 56.70 14.20
CA GLN BA 210 112.72 57.55 13.36
C GLN BA 210 112.26 58.99 13.32
N ASN BA 211 111.19 59.36 14.04
CA ASN BA 211 110.70 60.73 14.10
C ASN BA 211 110.68 61.26 15.52
N GLY BA 212 111.49 60.70 16.42
CA GLY BA 212 111.74 61.30 17.71
C GLY BA 212 110.91 60.81 18.88
N VAL BA 213 110.09 59.78 18.71
CA VAL BA 213 109.33 59.24 19.84
C VAL BA 213 110.21 58.23 20.57
N LEU BA 214 110.10 58.22 21.88
CA LEU BA 214 110.90 57.33 22.72
C LEU BA 214 110.13 56.08 23.05
N GLU BA 215 110.84 55.06 23.53
CA GLU BA 215 110.18 53.85 24.00
C GLU BA 215 109.70 54.06 25.43
N SER BA 216 109.05 55.20 25.67
CA SER BA 216 108.33 55.46 26.91
C SER BA 216 107.06 56.24 26.64
N ASP BA 217 106.70 56.45 25.38
CA ASP BA 217 105.47 57.14 25.00
C ASP BA 217 104.65 56.33 23.98
N ILE BA 218 104.78 55.00 24.01
CA ILE BA 218 104.09 54.15 23.04
C ILE BA 218 102.59 54.43 23.06
N GLY BA 219 101.94 54.19 24.19
CA GLY BA 219 100.60 54.70 24.40
C GLY BA 219 99.45 53.73 24.25
N VAL BA 220 99.66 52.52 23.74
CA VAL BA 220 98.62 51.50 23.66
C VAL BA 220 99.24 50.16 24.03
N LYS BA 221 98.69 49.50 25.06
CA LYS BA 221 99.14 48.18 25.46
C LYS BA 221 97.97 47.36 25.98
N PHE BA 222 97.99 46.06 25.70
CA PHE BA 222 96.99 45.12 26.19
C PHE BA 222 97.61 44.27 27.30
N ASP BA 223 96.98 44.28 28.48
CA ASP BA 223 97.55 43.65 29.67
C ASP BA 223 96.51 42.74 30.32
N THR BA 224 96.92 42.11 31.43
CA THR BA 224 96.04 41.26 32.22
C THR BA 224 96.08 41.52 33.71
N ARG BA 225 96.89 42.45 34.18
CA ARG BA 225 97.17 42.59 35.62
C ARG BA 225 96.18 43.52 36.31
N ASN BA 226 96.10 43.37 37.62
CA ASN BA 226 95.34 44.28 38.48
C ASN BA 226 96.33 45.23 39.11
N PHE BA 227 96.53 46.38 38.48
CA PHE BA 227 97.36 47.40 39.08
C PHE BA 227 96.67 47.93 40.33
N ARG BA 228 97.48 48.49 41.24
CA ARG BA 228 97.06 48.99 42.56
C ARG BA 228 96.65 47.89 43.52
N LEU BA 229 97.08 46.65 43.31
CA LEU BA 229 96.77 45.59 44.25
C LEU BA 229 97.44 45.84 45.61
N GLY BA 230 98.74 46.09 45.61
CA GLY BA 230 99.47 46.29 46.85
C GLY BA 230 99.48 47.73 47.35
N TRP BA 231 98.44 48.47 47.01
CA TRP BA 231 98.34 49.89 47.33
C TRP BA 231 98.17 50.10 48.83
N ASP BA 232 98.74 51.20 49.33
CA ASP BA 232 98.70 51.53 50.74
C ASP BA 232 97.89 52.80 50.96
N PRO BA 233 96.93 52.80 51.88
CA PRO BA 233 96.03 53.96 52.01
C PRO BA 233 96.69 55.20 52.59
N GLU BA 234 97.86 55.08 53.23
CA GLU BA 234 98.54 56.24 53.80
C GLU BA 234 99.54 56.83 52.82
N THR BA 235 100.51 56.04 52.37
CA THR BA 235 101.52 56.53 51.44
C THR BA 235 100.99 56.65 50.01
N LYS BA 236 99.89 55.96 49.68
CA LYS BA 236 99.27 56.01 48.36
C LYS BA 236 100.25 55.62 47.26
N LEU BA 237 101.07 54.61 47.52
CA LEU BA 237 102.00 54.08 46.53
C LEU BA 237 102.02 52.56 46.66
N ILE BA 238 102.50 51.91 45.61
CA ILE BA 238 102.59 50.45 45.60
C ILE BA 238 103.83 50.08 46.40
N MET BA 239 103.62 49.67 47.66
CA MET BA 239 104.74 49.47 48.58
C MET BA 239 105.76 48.44 48.11
N PRO BA 240 105.39 47.27 47.55
CA PRO BA 240 106.43 46.30 47.15
C PRO BA 240 107.41 46.81 46.12
N GLY BA 241 107.07 47.86 45.38
CA GLY BA 241 107.95 48.36 44.33
C GLY BA 241 107.77 47.69 42.98
N VAL BA 242 106.96 46.64 42.89
CA VAL BA 242 106.59 46.01 41.63
C VAL BA 242 105.12 45.68 41.67
N TYR BA 243 104.44 45.85 40.54
CA TYR BA 243 103.04 45.47 40.45
C TYR BA 243 102.90 43.95 40.55
N THR BA 244 101.79 43.52 41.14
CA THR BA 244 101.55 42.09 41.33
C THR BA 244 101.46 41.39 39.97
N TYR BA 245 102.21 40.30 39.83
CA TYR BA 245 102.37 39.64 38.53
C TYR BA 245 101.40 38.46 38.41
N GLU BA 246 100.10 38.74 38.52
CA GLU BA 246 99.04 37.75 38.42
C GLU BA 246 97.99 38.21 37.41
N ALA BA 247 97.39 37.23 36.72
CA ALA BA 247 96.41 37.52 35.68
C ALA BA 247 95.01 37.55 36.28
N PHE BA 248 94.25 38.60 35.96
CA PHE BA 248 92.88 38.77 36.45
C PHE BA 248 91.85 38.78 35.33
N HIS BA 249 92.04 39.62 34.32
CA HIS BA 249 91.12 39.83 33.20
C HIS BA 249 91.82 40.71 32.18
N PRO BA 250 91.62 40.46 30.88
CA PRO BA 250 92.29 41.30 29.88
C PRO BA 250 91.89 42.77 29.99
N ASP BA 251 92.85 43.65 29.69
CA ASP BA 251 92.75 45.06 30.02
C ASP BA 251 93.40 45.90 28.93
N ILE BA 252 93.03 47.18 28.88
CA ILE BA 252 93.54 48.15 27.92
C ILE BA 252 94.18 49.29 28.70
N VAL BA 253 95.42 49.63 28.36
CA VAL BA 253 96.19 50.70 29.02
C VAL BA 253 96.50 51.78 28.00
N LEU BA 254 96.22 53.04 28.36
CA LEU BA 254 96.31 54.16 27.43
C LEU BA 254 97.09 55.34 28.04
N LEU BA 255 97.74 56.10 27.15
CA LEU BA 255 98.37 57.39 27.37
C LEU BA 255 97.53 58.50 26.77
N PRO BA 256 97.73 59.76 27.20
CA PRO BA 256 96.89 60.85 26.68
C PRO BA 256 97.02 60.97 25.16
N GLY BA 257 95.90 61.25 24.52
CA GLY BA 257 95.85 61.40 23.08
C GLY BA 257 95.64 60.13 22.28
N CYS BA 258 95.56 58.96 22.92
CA CYS BA 258 95.46 57.69 22.23
C CYS BA 258 94.06 57.09 22.41
N GLY BA 259 93.84 55.96 21.74
CA GLY BA 259 92.56 55.27 21.85
C GLY BA 259 92.52 54.07 20.90
N VAL BA 260 91.49 53.25 21.08
CA VAL BA 260 91.23 52.08 20.24
C VAL BA 260 89.79 52.12 19.77
N ASP BA 261 89.54 51.50 18.61
CA ASP BA 261 88.22 51.50 17.99
C ASP BA 261 87.90 50.11 17.47
N PHE BA 262 86.81 49.53 17.97
CA PHE BA 262 86.41 48.16 17.61
C PHE BA 262 85.16 48.11 16.75
N THR BA 263 84.87 49.17 15.98
CA THR BA 263 83.64 49.21 15.20
C THR BA 263 83.60 48.10 14.16
N GLU BA 264 84.74 47.79 13.54
CA GLU BA 264 84.79 46.80 12.48
C GLU BA 264 85.67 45.61 12.89
N SER BA 265 85.48 45.10 14.09
CA SER BA 265 86.33 44.06 14.63
C SER BA 265 85.54 43.22 15.62
N ARG BA 266 85.89 41.94 15.71
CA ARG BA 266 85.29 41.04 16.67
C ARG BA 266 86.24 40.67 17.81
N LEU BA 267 87.37 41.36 17.91
CA LEU BA 267 88.34 41.07 18.95
C LEU BA 267 87.94 41.60 20.32
N SER BA 268 86.92 42.46 20.41
CA SER BA 268 86.43 42.87 21.72
C SER BA 268 85.74 41.73 22.47
N ASN BA 269 85.18 40.76 21.76
CA ASN BA 269 84.61 39.59 22.42
C ASN BA 269 85.69 38.73 23.07
N LEU BA 270 86.85 38.60 22.43
CA LEU BA 270 87.94 37.85 23.02
C LEU BA 270 88.51 38.56 24.24
N LEU BA 271 88.43 39.88 24.30
CA LEU BA 271 88.91 40.63 25.45
C LEU BA 271 87.93 40.64 26.61
N GLY BA 272 86.67 40.26 26.38
CA GLY BA 272 85.69 40.31 27.45
C GLY BA 272 85.23 41.71 27.82
N ILE BA 273 85.17 42.62 26.85
CA ILE BA 273 84.65 43.98 27.05
C ILE BA 273 83.54 44.21 26.03
N ARG BA 274 82.35 44.51 26.52
CA ARG BA 274 81.17 44.66 25.67
C ARG BA 274 80.38 45.90 26.07
N LYS BA 275 79.48 46.31 25.18
CA LYS BA 275 78.63 47.48 25.40
C LYS BA 275 77.30 47.09 26.03
N ARG BA 276 76.81 47.91 26.95
CA ARG BA 276 75.51 47.68 27.56
C ARG BA 276 74.36 47.95 26.61
N HIS BA 277 74.60 48.66 25.51
CA HIS BA 277 73.61 48.90 24.46
C HIS BA 277 74.21 48.34 23.17
N PRO BA 278 74.12 47.02 22.97
CA PRO BA 278 74.89 46.38 21.88
C PRO BA 278 74.34 46.66 20.49
N PHE BA 279 73.15 47.24 20.36
CA PHE BA 279 72.60 47.53 19.04
C PHE BA 279 72.90 48.94 18.56
N GLN BA 280 73.64 49.74 19.32
CA GLN BA 280 74.04 51.08 18.90
C GLN BA 280 75.40 50.99 18.20
N GLU BA 281 75.47 51.49 16.97
CA GLU BA 281 76.69 51.35 16.18
C GLU BA 281 77.83 52.17 16.75
N GLY BA 282 79.04 51.64 16.65
CA GLY BA 282 80.24 52.34 17.08
C GLY BA 282 80.74 51.93 18.44
N PHE BA 283 82.04 51.62 18.54
CA PHE BA 283 82.66 51.19 19.80
C PHE BA 283 84.07 51.77 19.85
N LYS BA 284 84.20 52.91 20.52
CA LYS BA 284 85.50 53.59 20.66
C LYS BA 284 85.77 53.87 22.13
N ILE BA 285 87.00 53.66 22.56
CA ILE BA 285 87.43 53.93 23.92
C ILE BA 285 88.67 54.82 23.87
N MET BA 286 88.55 56.05 24.35
CA MET BA 286 89.63 57.03 24.32
C MET BA 286 90.14 57.32 25.73
N TYR BA 287 91.25 58.04 25.79
CA TYR BA 287 91.88 58.34 27.09
C TYR BA 287 90.96 59.17 27.97
N GLU BA 288 90.12 60.02 27.38
CA GLU BA 288 89.21 60.85 28.17
C GLU BA 288 88.05 60.06 28.78
N ASP BA 289 87.78 58.85 28.29
CA ASP BA 289 86.69 58.05 28.82
C ASP BA 289 87.10 57.20 30.03
N LEU BA 290 88.39 57.11 30.33
CA LEU BA 290 88.90 56.28 31.41
C LEU BA 290 89.18 57.07 32.69
N GLU BA 291 88.37 58.08 32.99
CA GLU BA 291 88.59 58.90 34.17
C GLU BA 291 88.53 58.07 35.44
N GLY BA 292 89.44 58.36 36.37
CA GLY BA 292 89.52 57.63 37.62
C GLY BA 292 90.36 56.37 37.56
N GLY BA 293 90.94 56.05 36.41
CA GLY BA 293 91.68 54.81 36.27
C GLY BA 293 93.18 54.96 36.17
N ASN BA 294 93.73 56.05 36.69
CA ASN BA 294 95.17 56.27 36.62
C ASN BA 294 95.90 55.21 37.45
N ILE BA 295 97.00 54.71 36.91
CA ILE BA 295 97.79 53.66 37.56
C ILE BA 295 98.69 54.29 38.61
N PRO BA 296 98.59 53.88 39.87
CA PRO BA 296 99.42 54.48 40.91
C PRO BA 296 100.90 54.24 40.66
N ALA BA 297 101.71 55.24 40.99
CA ALA BA 297 103.15 55.17 40.76
C ALA BA 297 103.84 54.27 41.76
N LEU BA 298 104.99 53.75 41.36
CA LEU BA 298 105.90 52.98 42.20
C LEU BA 298 105.20 51.99 43.12
N ILE BA 364 110.40 57.73 51.07
CA ILE BA 364 109.02 57.83 50.65
C ILE BA 364 108.88 58.73 49.43
N GLN BA 365 109.39 58.25 48.29
CA GLN BA 365 109.27 58.99 47.04
C GLN BA 365 109.02 58.00 45.90
N PRO BA 366 108.25 58.38 44.89
CA PRO BA 366 108.01 57.46 43.77
C PRO BA 366 109.25 57.29 42.91
N LEU BA 367 109.39 56.10 42.34
CA LEU BA 367 110.43 55.87 41.34
C LEU BA 367 110.05 56.58 40.06
N GLU BA 368 111.00 57.31 39.47
CA GLU BA 368 110.72 58.14 38.31
C GLU BA 368 111.26 57.57 37.00
N LYS BA 369 112.05 56.52 37.04
CA LYS BA 369 112.65 55.98 35.83
C LYS BA 369 112.95 54.50 36.03
N ASP BA 370 113.17 53.80 34.93
CA ASP BA 370 113.41 52.36 34.94
C ASP BA 370 114.90 52.07 35.01
N SER BA 371 115.27 50.79 34.92
CA SER BA 371 116.67 50.39 35.05
C SER BA 371 117.52 50.97 33.93
N LYS BA 372 117.01 50.94 32.70
CA LYS BA 372 117.74 51.42 31.53
C LYS BA 372 117.38 52.87 31.18
N SER BA 373 117.01 53.66 32.18
CA SER BA 373 116.68 55.08 32.01
C SER BA 373 115.53 55.27 31.02
N ARG BA 374 114.37 54.74 31.40
CA ARG BA 374 113.12 54.97 30.70
C ARG BA 374 112.15 55.66 31.65
N SER BA 375 111.52 56.73 31.19
CA SER BA 375 110.60 57.48 32.02
C SER BA 375 109.35 56.66 32.31
N TYR BA 376 108.92 56.67 33.56
CA TYR BA 376 107.64 56.10 33.95
C TYR BA 376 106.48 57.08 33.80
N ASN BA 377 106.75 58.30 33.33
CA ASN BA 377 105.72 59.32 33.11
C ASN BA 377 105.00 59.71 34.41
N VAL BA 378 105.76 59.83 35.50
CA VAL BA 378 105.17 60.27 36.75
C VAL BA 378 104.73 61.72 36.64
N LEU BA 379 103.65 62.06 37.32
CA LEU BA 379 103.03 63.38 37.24
C LEU BA 379 103.29 64.18 38.52
N GLU BA 380 102.68 65.35 38.60
CA GLU BA 380 102.73 66.14 39.82
C GLU BA 380 101.95 65.43 40.93
N ASP BA 381 102.24 65.84 42.16
CA ASP BA 381 101.73 65.24 43.39
C ASP BA 381 102.39 63.90 43.67
N LYS BA 382 103.18 63.39 42.74
CA LYS BA 382 104.10 62.28 42.97
C LYS BA 382 103.40 61.06 43.56
N ILE BA 383 102.16 60.79 43.12
CA ILE BA 383 101.45 59.59 43.51
C ILE BA 383 100.96 58.80 42.30
N ASN BA 384 100.38 59.46 41.31
CA ASN BA 384 99.79 58.79 40.16
C ASN BA 384 100.62 59.01 38.90
N THR BA 385 100.39 58.13 37.94
CA THR BA 385 101.08 58.12 36.66
C THR BA 385 100.09 58.45 35.54
N ALA BA 386 100.63 58.94 34.42
CA ALA BA 386 99.78 59.32 33.29
C ALA BA 386 99.05 58.14 32.66
N TYR BA 387 99.52 56.90 32.87
CA TYR BA 387 98.84 55.74 32.29
C TYR BA 387 97.46 55.55 32.93
N ARG BA 388 96.47 55.22 32.09
CA ARG BA 388 95.15 54.85 32.55
C ARG BA 388 94.78 53.47 32.03
N SER BA 389 93.93 52.75 32.77
CA SER BA 389 93.53 51.41 32.37
C SER BA 389 92.02 51.22 32.53
N TRP BA 390 91.44 50.44 31.62
CA TRP BA 390 90.00 50.19 31.64
C TRP BA 390 89.58 49.46 32.92
N TYR BA 391 90.36 48.48 33.36
CA TYR BA 391 89.96 47.68 34.51
C TYR BA 391 89.93 48.50 35.79
N LEU BA 392 90.93 49.37 35.98
CA LEU BA 392 90.93 50.22 37.18
C LEU BA 392 89.75 51.18 37.18
N SER BA 393 89.42 51.76 36.02
CA SER BA 393 88.30 52.66 35.94
C SER BA 393 86.97 51.94 36.14
N TYR BA 394 86.85 50.72 35.63
CA TYR BA 394 85.62 49.96 35.80
C TYR BA 394 85.36 49.59 37.26
N ASN BA 395 86.41 49.21 37.98
CA ASN BA 395 86.24 48.69 39.33
C ASN BA 395 86.39 49.74 40.43
N TYR BA 396 87.20 50.78 40.21
CA TYR BA 396 87.48 51.75 41.27
C TYR BA 396 87.01 53.17 40.95
N GLY BA 397 86.63 53.46 39.71
CA GLY BA 397 86.19 54.78 39.33
C GLY BA 397 84.77 55.07 39.79
N ASN BA 398 84.24 56.17 39.26
CA ASN BA 398 82.89 56.61 39.62
C ASN BA 398 81.86 55.70 38.98
N PRO BA 399 80.96 55.07 39.76
CA PRO BA 399 80.01 54.12 39.15
C PRO BA 399 79.07 54.74 38.15
N GLU BA 400 78.72 56.02 38.29
CA GLU BA 400 77.69 56.63 37.46
C GLU BA 400 78.23 57.60 36.42
N LYS BA 401 79.56 57.74 36.32
CA LYS BA 401 80.15 58.63 35.32
C LYS BA 401 81.32 58.01 34.57
N GLY BA 402 81.98 56.99 35.09
CA GLY BA 402 83.11 56.38 34.44
C GLY BA 402 82.70 55.40 33.36
N ILE BA 403 83.68 54.59 32.95
CA ILE BA 403 83.48 53.62 31.88
C ILE BA 403 82.46 52.55 32.27
N ARG BA 404 82.21 52.35 33.57
CA ARG BA 404 81.27 51.34 34.03
C ARG BA 404 79.82 51.66 33.68
N SER BA 405 79.51 52.90 33.34
CA SER BA 405 78.12 53.26 33.07
C SER BA 405 77.64 52.80 31.70
N TRP BA 406 78.55 52.52 30.76
CA TRP BA 406 78.12 52.07 29.44
C TRP BA 406 78.93 50.90 28.89
N THR BA 407 79.81 50.28 29.66
CA THR BA 407 80.46 49.04 29.26
C THR BA 407 80.23 47.97 30.32
N LEU BA 408 80.49 46.72 29.93
CA LEU BA 408 80.22 45.56 30.76
C LEU BA 408 81.39 44.59 30.70
N LEU BA 409 81.72 44.00 31.84
CA LEU BA 409 82.82 43.04 31.95
C LEU BA 409 82.27 41.63 31.83
N THR BA 410 82.84 40.84 30.93
CA THR BA 410 82.37 39.47 30.66
C THR BA 410 83.56 38.52 30.58
N THR BA 411 83.26 37.22 30.60
CA THR BA 411 84.31 36.20 30.42
C THR BA 411 84.83 36.22 29.00
N SER BA 412 86.13 35.97 28.85
CA SER BA 412 86.76 35.95 27.54
C SER BA 412 86.22 34.80 26.69
N ASP BA 413 85.92 35.09 25.43
CA ASP BA 413 85.38 34.11 24.49
C ASP BA 413 86.37 33.92 23.35
N VAL BA 414 87.09 32.80 23.36
CA VAL BA 414 88.19 32.58 22.42
C VAL BA 414 87.68 32.41 20.98
N THR BA 415 86.47 31.89 20.79
CA THR BA 415 85.96 31.73 19.43
C THR BA 415 85.60 33.06 18.79
N CYS BA 416 85.60 34.15 19.56
CA CYS BA 416 85.23 35.50 19.13
C CYS BA 416 83.74 35.65 18.85
N GLY BA 417 82.92 34.70 19.31
CA GLY BA 417 81.48 34.81 19.18
C GLY BA 417 80.94 34.11 17.95
N VAL BA 418 80.34 32.97 18.13
CA VAL BA 418 79.81 32.20 17.01
C VAL BA 418 78.36 32.61 16.80
N GLU BA 419 77.93 32.59 15.54
CA GLU BA 419 76.55 32.88 15.19
C GLU BA 419 75.95 31.66 14.48
N GLN BA 420 74.75 31.83 13.94
CA GLN BA 420 73.98 30.72 13.40
C GLN BA 420 74.31 30.48 11.92
N VAL BA 421 73.86 29.33 11.42
CA VAL BA 421 73.95 28.97 10.01
C VAL BA 421 72.58 28.52 9.52
N TYR BA 422 72.32 28.68 8.22
CA TYR BA 422 71.04 28.37 7.61
C TYR BA 422 71.21 27.34 6.48
N TRP BA 423 70.27 26.39 6.41
CA TRP BA 423 70.21 25.40 5.34
C TRP BA 423 69.15 25.76 4.31
N SER BA 424 69.44 25.50 3.03
CA SER BA 424 68.48 25.68 1.93
C SER BA 424 68.46 24.46 1.03
N LEU BA 425 67.26 24.02 0.65
CA LEU BA 425 67.05 22.95 -0.33
C LEU BA 425 65.95 23.37 -1.31
N PRO BA 426 66.26 24.31 -2.21
CA PRO BA 426 65.17 24.94 -2.99
C PRO BA 426 64.46 24.02 -3.97
N ASP BA 427 65.08 22.93 -4.42
CA ASP BA 427 64.43 22.02 -5.37
C ASP BA 427 63.68 20.87 -4.70
N MET BA 428 63.68 20.78 -3.37
CA MET BA 428 63.04 19.66 -2.70
C MET BA 428 61.89 20.09 -1.80
N MET BA 429 62.08 21.11 -0.96
CA MET BA 429 61.07 21.56 -0.01
C MET BA 429 60.28 22.74 -0.55
N GLN BA 430 59.05 22.87 -0.08
CA GLN BA 430 58.28 24.08 -0.34
C GLN BA 430 58.81 25.26 0.48
N ASP BA 431 58.64 26.45 -0.05
CA ASP BA 431 59.12 27.65 0.64
C ASP BA 431 58.30 27.89 1.91
N PRO BA 432 58.93 28.11 3.06
CA PRO BA 432 58.17 28.48 4.27
C PRO BA 432 57.52 29.86 4.14
N VAL BA 433 56.56 30.10 5.04
CA VAL BA 433 55.66 31.24 4.90
C VAL BA 433 56.42 32.57 4.92
N THR BA 434 56.03 33.46 4.00
CA THR BA 434 56.50 34.81 3.70
C THR BA 434 57.82 34.85 2.90
N PHE BA 435 58.48 33.73 2.62
CA PHE BA 435 59.65 33.74 1.76
C PHE BA 435 59.23 33.78 0.28
N ARG BA 436 59.96 34.55 -0.52
CA ARG BA 436 59.73 34.62 -1.97
C ARG BA 436 60.56 33.57 -2.70
N SER BA 437 60.00 33.03 -3.78
CA SER BA 437 60.73 32.14 -4.67
C SER BA 437 61.70 32.95 -5.53
N THR BA 438 62.93 32.46 -5.66
CA THR BA 438 63.97 33.21 -6.35
C THR BA 438 65.10 32.26 -6.76
N ARG BA 439 65.99 32.78 -7.60
CA ARG BA 439 67.20 32.07 -7.99
C ARG BA 439 68.47 32.80 -7.57
N GLN BA 440 68.37 33.79 -6.68
CA GLN BA 440 69.54 34.47 -6.15
C GLN BA 440 70.03 33.74 -4.90
N VAL BA 441 71.32 33.42 -4.86
CA VAL BA 441 71.85 32.56 -3.81
C VAL BA 441 71.73 33.22 -2.44
N SER BA 442 72.03 34.50 -2.35
CA SER BA 442 71.90 35.17 -1.06
C SER BA 442 70.45 35.40 -0.62
N ASN BA 443 69.44 34.86 -1.30
CA ASN BA 443 68.06 35.06 -0.85
C ASN BA 443 67.24 33.78 -0.95
N TYR BA 444 67.87 32.60 -0.93
CA TYR BA 444 67.14 31.34 -0.92
C TYR BA 444 66.28 31.23 0.34
N PRO BA 445 65.10 30.61 0.24
CA PRO BA 445 64.32 30.33 1.44
C PRO BA 445 65.04 29.37 2.39
N VAL BA 446 64.81 29.56 3.69
CA VAL BA 446 65.56 28.88 4.74
C VAL BA 446 64.73 27.73 5.30
N VAL BA 447 65.34 26.53 5.36
CA VAL BA 447 64.64 25.33 5.77
C VAL BA 447 65.08 24.83 7.15
N GLY BA 448 66.17 25.35 7.71
CA GLY BA 448 66.59 24.99 9.05
C GLY BA 448 67.71 25.87 9.53
N ALA BA 449 67.94 25.87 10.85
CA ALA BA 449 68.94 26.71 11.47
C ALA BA 449 69.58 26.00 12.65
N GLU BA 450 70.84 26.34 12.92
CA GLU BA 450 71.60 25.80 14.06
C GLU BA 450 72.83 26.68 14.25
N LEU BA 451 73.60 26.39 15.30
CA LEU BA 451 74.84 27.12 15.54
C LEU BA 451 75.97 26.58 14.65
N MET BA 452 76.81 27.49 14.18
CA MET BA 452 78.05 27.09 13.55
C MET BA 452 78.87 26.30 14.56
N PRO BA 453 79.30 25.08 14.24
CA PRO BA 453 79.75 24.12 15.29
C PRO BA 453 81.20 24.30 15.72
N VAL BA 454 81.46 25.40 16.42
CA VAL BA 454 82.79 25.72 16.95
C VAL BA 454 82.63 26.07 18.43
N PHE BA 455 83.43 25.46 19.28
CA PHE BA 455 83.26 25.56 20.73
C PHE BA 455 84.58 25.82 21.43
N SER BA 456 84.48 26.38 22.63
CA SER BA 456 85.61 26.65 23.50
C SER BA 456 85.85 25.49 24.46
N LYS BA 457 87.13 25.21 24.73
CA LYS BA 457 87.53 24.18 25.70
C LYS BA 457 88.57 24.74 26.66
N SER BA 458 88.46 24.36 27.93
CA SER BA 458 89.31 24.89 28.99
C SER BA 458 90.38 23.89 29.43
N PHE BA 459 91.54 24.42 29.80
CA PHE BA 459 92.64 23.63 30.35
C PHE BA 459 93.22 24.37 31.55
N TYR BA 460 93.91 23.63 32.41
CA TYR BA 460 94.52 24.18 33.61
C TYR BA 460 96.04 24.15 33.46
N ASN BA 461 96.68 25.30 33.72
CA ASN BA 461 98.13 25.41 33.61
C ASN BA 461 98.73 26.21 34.77
N HIS BA 478 113.68 37.04 22.63
CA HIS BA 478 112.25 37.10 22.91
C HIS BA 478 111.61 38.27 22.20
N VAL BA 479 110.97 38.00 21.06
CA VAL BA 479 110.26 39.03 20.32
C VAL BA 479 109.01 39.50 21.08
N PHE BA 480 108.48 38.68 21.98
CA PHE BA 480 107.29 39.03 22.74
C PHE BA 480 107.63 39.67 24.09
N ASN BA 481 108.90 39.99 24.34
CA ASN BA 481 109.30 40.72 25.54
C ASN BA 481 110.51 41.59 25.16
N ARG BA 482 110.22 42.81 24.72
CA ARG BA 482 111.24 43.74 24.26
C ARG BA 482 111.65 44.77 25.31
N PHE BA 483 110.91 44.87 26.40
CA PHE BA 483 111.23 45.78 27.49
C PHE BA 483 111.16 45.01 28.80
N PRO BA 484 112.09 44.08 29.02
CA PRO BA 484 112.03 43.25 30.23
C PRO BA 484 112.09 44.05 31.52
N GLU BA 485 112.81 45.18 31.52
CA GLU BA 485 112.98 45.93 32.75
C GLU BA 485 111.76 46.75 33.13
N ASN BA 486 111.02 47.25 32.14
CA ASN BA 486 109.97 48.23 32.41
C ASN BA 486 108.75 47.55 33.02
N GLN BA 487 108.33 48.02 34.19
CA GLN BA 487 107.22 47.41 34.90
C GLN BA 487 105.89 47.60 34.18
N ILE BA 488 105.77 48.61 33.33
CA ILE BA 488 104.53 48.83 32.59
C ILE BA 488 104.52 48.05 31.28
N LEU BA 489 105.67 47.93 30.62
CA LEU BA 489 105.79 47.30 29.32
C LEU BA 489 106.27 45.86 29.40
N ILE BA 490 106.30 45.28 30.60
CA ILE BA 490 106.67 43.87 30.71
C ILE BA 490 105.59 42.99 30.06
N ARG BA 491 106.00 41.80 29.64
CA ARG BA 491 105.08 40.85 29.02
C ARG BA 491 104.03 40.40 30.03
N PRO BA 492 102.75 40.42 29.69
CA PRO BA 492 101.72 40.14 30.68
C PRO BA 492 101.82 38.72 31.18
N PRO BA 493 101.49 38.48 32.44
CA PRO BA 493 101.42 37.10 32.94
C PRO BA 493 100.29 36.31 32.29
N ALA BA 494 100.51 35.00 32.17
CA ALA BA 494 99.54 34.09 31.55
C ALA BA 494 98.50 33.63 32.57
N PRO BA 495 97.24 33.50 32.17
CA PRO BA 495 96.23 33.02 33.11
C PRO BA 495 96.44 31.57 33.48
N THR BA 496 95.96 31.22 34.67
CA THR BA 496 95.97 29.82 35.09
C THR BA 496 94.89 28.99 34.38
N ILE BA 497 93.97 29.63 33.66
CA ILE BA 497 92.97 28.94 32.83
C ILE BA 497 93.17 29.36 31.39
N THR BA 498 93.44 28.40 30.51
CA THR BA 498 93.64 28.64 29.09
C THR BA 498 92.48 28.04 28.29
N THR BA 499 92.00 28.79 27.30
CA THR BA 499 90.90 28.33 26.44
C THR BA 499 91.33 28.32 24.98
N VAL BA 500 90.92 27.28 24.26
CA VAL BA 500 91.18 27.14 22.83
C VAL BA 500 89.88 26.70 22.14
N SER BA 501 89.77 26.99 20.85
CA SER BA 501 88.56 26.72 20.08
C SER BA 501 88.69 25.43 19.29
N GLU BA 502 87.60 24.68 19.19
CA GLU BA 502 87.56 23.36 18.55
C GLU BA 502 86.40 23.25 17.59
N ASN BA 503 86.57 22.40 16.58
CA ASN BA 503 85.51 22.04 15.64
C ASN BA 503 84.97 20.66 16.00
N VAL BA 504 83.66 20.57 16.20
CA VAL BA 504 83.01 19.33 16.64
C VAL BA 504 81.91 18.99 15.64
N PRO BA 505 81.88 17.78 15.08
CA PRO BA 505 80.83 17.44 14.11
C PRO BA 505 79.44 17.52 14.71
N ALA BA 506 78.51 18.05 13.93
CA ALA BA 506 77.16 18.37 14.39
C ALA BA 506 76.14 17.47 13.70
N LEU BA 507 75.30 16.82 14.50
CA LEU BA 507 74.26 15.92 14.03
C LEU BA 507 72.92 16.47 14.49
N THR BA 508 72.07 16.84 13.54
CA THR BA 508 70.89 17.65 13.85
C THR BA 508 69.63 17.07 13.23
N ASP BA 509 68.55 17.05 14.00
CA ASP BA 509 67.22 16.70 13.53
C ASP BA 509 66.40 17.98 13.39
N HIS BA 510 65.96 18.28 12.17
CA HIS BA 510 65.26 19.52 11.89
C HIS BA 510 63.74 19.36 11.83
N GLY BA 511 63.20 18.18 12.11
CA GLY BA 511 61.76 17.95 12.04
C GLY BA 511 61.25 17.73 10.64
N THR BA 512 59.92 17.80 10.51
CA THR BA 512 59.21 17.51 9.26
C THR BA 512 58.81 18.80 8.54
N LEU BA 513 59.06 18.86 7.23
CA LEU BA 513 58.70 19.99 6.38
C LEU BA 513 57.93 19.52 5.16
N PRO BA 514 57.02 20.35 4.64
CA PRO BA 514 56.25 19.96 3.44
C PRO BA 514 57.14 19.79 2.22
N LEU BA 515 56.83 18.77 1.43
CA LEU BA 515 57.64 18.28 0.33
C LEU BA 515 56.93 18.54 -1.00
N ARG BA 516 57.71 18.84 -2.03
CA ARG BA 516 57.13 18.98 -3.38
C ARG BA 516 56.71 17.62 -3.93
N SER BA 517 55.63 17.62 -4.72
CA SER BA 517 55.08 16.37 -5.24
C SER BA 517 55.95 15.75 -6.34
N SER BA 518 56.71 16.56 -7.07
CA SER BA 518 57.58 16.05 -8.12
C SER BA 518 59.00 16.53 -7.86
N ILE BA 519 59.95 15.61 -7.79
CA ILE BA 519 61.32 15.88 -7.40
C ILE BA 519 62.22 15.57 -8.60
N ARG BA 520 62.99 16.54 -9.04
CA ARG BA 520 63.94 16.35 -10.13
C ARG BA 520 65.17 15.58 -9.66
N GLY BA 521 65.87 14.99 -10.63
CA GLY BA 521 67.00 14.13 -10.34
C GLY BA 521 68.25 14.85 -9.84
N VAL BA 522 68.39 16.14 -10.14
CA VAL BA 522 69.54 16.93 -9.70
C VAL BA 522 69.05 17.98 -8.71
N GLN BA 523 69.73 18.08 -7.57
CA GLN BA 523 69.30 18.91 -6.45
C GLN BA 523 70.42 19.83 -6.01
N ARG BA 524 70.05 21.02 -5.54
CA ARG BA 524 70.99 22.02 -5.02
C ARG BA 524 70.98 22.03 -3.50
N VAL BA 525 72.17 22.10 -2.90
CA VAL BA 525 72.35 22.15 -1.44
C VAL BA 525 73.18 23.38 -1.11
N THR BA 526 72.72 24.19 -0.15
CA THR BA 526 73.38 25.45 0.20
C THR BA 526 73.41 25.66 1.72
N VAL BA 527 74.53 26.18 2.21
CA VAL BA 527 74.72 26.56 3.61
C VAL BA 527 75.25 27.99 3.65
N THR BA 528 74.55 28.88 4.37
CA THR BA 528 74.96 30.28 4.48
C THR BA 528 74.93 30.77 5.92
N ASP BA 529 75.66 31.86 6.17
CA ASP BA 529 75.78 32.44 7.51
C ASP BA 529 74.71 33.51 7.74
N ALA BA 530 74.86 34.27 8.82
CA ALA BA 530 73.84 35.24 9.22
C ALA BA 530 73.70 36.38 8.24
N ARG BA 531 74.78 36.76 7.56
CA ARG BA 531 74.74 37.78 6.53
C ARG BA 531 74.44 37.20 5.16
N ARG BA 532 74.10 35.91 5.08
CA ARG BA 532 73.74 35.21 3.85
C ARG BA 532 74.92 35.11 2.87
N ARG BA 533 76.12 34.89 3.40
CA ARG BA 533 77.27 34.49 2.60
C ARG BA 533 77.51 33.00 2.78
N THR BA 534 78.04 32.36 1.76
CA THR BA 534 78.47 30.97 1.92
C THR BA 534 79.72 30.92 2.79
N CYS BA 535 79.92 29.78 3.46
CA CYS BA 535 81.04 29.64 4.39
C CYS BA 535 82.12 28.76 3.78
N PRO BA 536 83.31 29.30 3.53
CA PRO BA 536 84.39 28.48 2.94
C PRO BA 536 85.00 27.45 3.88
N TYR BA 537 84.61 27.39 5.15
CA TYR BA 537 85.20 26.45 6.08
C TYR BA 537 84.36 25.19 6.30
N VAL BA 538 83.27 25.02 5.56
CA VAL BA 538 82.55 23.74 5.54
C VAL BA 538 83.28 22.80 4.60
N TYR BA 539 83.59 21.59 5.06
CA TYR BA 539 84.16 20.59 4.16
C TYR BA 539 83.44 19.24 4.17
N LYS BA 540 82.31 19.13 4.85
CA LYS BA 540 81.50 17.92 4.81
C LYS BA 540 80.08 18.28 5.18
N ALA BA 541 79.13 17.95 4.30
CA ALA BA 541 77.72 18.22 4.53
C ALA BA 541 76.89 17.14 3.86
N LEU BA 542 76.02 16.49 4.63
CA LEU BA 542 75.13 15.44 4.14
C LEU BA 542 73.71 15.68 4.62
N GLY BA 543 72.75 15.23 3.82
CA GLY BA 543 71.36 15.27 4.21
C GLY BA 543 70.66 13.96 3.93
N ILE BA 544 69.71 13.62 4.80
CA ILE BA 544 68.89 12.43 4.67
C ILE BA 544 67.44 12.83 4.91
N VAL BA 545 66.56 12.47 3.98
CA VAL BA 545 65.16 12.85 4.03
C VAL BA 545 64.30 11.59 4.04
N ALA BA 546 63.28 11.56 4.89
CA ALA BA 546 62.35 10.43 4.98
C ALA BA 546 60.92 10.88 4.71
N PRO BA 547 60.39 10.69 3.50
CA PRO BA 547 59.03 11.16 3.19
C PRO BA 547 57.95 10.34 3.89
N ARG BA 548 56.81 10.99 4.13
CA ARG BA 548 55.61 10.33 4.63
C ARG BA 548 54.39 11.20 4.34
N VAL BA 549 53.21 10.59 4.43
CA VAL BA 549 51.96 11.26 4.12
C VAL BA 549 51.53 12.14 5.30
N LEU BA 550 51.14 13.39 4.99
CA LEU BA 550 50.64 14.32 5.99
C LEU BA 550 49.11 14.44 5.99
N SER BA 551 48.49 14.64 4.83
CA SER BA 551 47.04 14.77 4.77
C SER BA 551 46.57 14.40 3.38
N SER BA 552 45.25 14.30 3.24
CA SER BA 552 44.61 13.90 2.00
C SER BA 552 44.39 15.10 1.09
N ARG BA 553 44.38 14.82 -0.22
CA ARG BA 553 44.07 15.78 -1.28
C ARG BA 553 45.11 16.89 -1.39
N ARG CA 48 -6.20 -40.50 22.46
CA ARG CA 48 -6.32 -40.52 23.91
C ARG CA 48 -7.24 -41.65 24.39
N ASN CA 49 -7.14 -42.81 23.77
CA ASN CA 49 -8.04 -43.91 24.10
C ASN CA 49 -7.34 -45.26 24.17
N SER CA 50 -6.03 -45.29 24.39
CA SER CA 50 -5.29 -46.55 24.39
C SER CA 50 -5.30 -47.19 25.78
N ILE CA 51 -5.09 -48.51 25.80
CA ILE CA 51 -5.08 -49.31 27.02
C ILE CA 51 -3.82 -50.16 27.00
N ARG CA 52 -3.00 -50.05 28.05
CA ARG CA 52 -1.65 -50.61 28.06
C ARG CA 52 -1.41 -51.52 29.26
N TYR CA 53 -0.62 -52.56 29.04
CA TYR CA 53 -0.26 -53.53 30.08
C TYR CA 53 1.24 -53.44 30.32
N SER CA 54 1.62 -53.35 31.60
CA SER CA 54 2.98 -52.95 31.96
C SER CA 54 4.05 -53.96 31.52
N GLU CA 55 3.68 -55.19 31.18
CA GLU CA 55 4.68 -56.16 30.75
C GLU CA 55 4.93 -56.16 29.24
N LEU CA 56 4.28 -55.28 28.49
CA LEU CA 56 4.43 -55.23 27.03
C LEU CA 56 4.95 -53.87 26.60
N SER CA 57 5.80 -53.87 25.56
CA SER CA 57 6.39 -52.65 25.03
C SER CA 57 6.84 -52.87 23.59
N PRO CA 58 6.75 -51.87 22.72
CA PRO CA 58 7.14 -52.06 21.32
C PRO CA 58 8.64 -51.87 21.10
N LEU CA 59 9.11 -52.39 19.95
CA LEU CA 59 10.54 -52.50 19.65
C LEU CA 59 10.96 -51.52 18.55
N TYR CA 60 12.18 -51.00 18.68
CA TYR CA 60 12.73 -50.03 17.73
C TYR CA 60 14.22 -50.25 17.50
N ASP CA 61 14.65 -49.87 16.29
CA ASP CA 61 16.02 -49.60 15.83
C ASP CA 61 16.98 -50.78 15.62
N THR CA 62 16.77 -51.92 16.30
CA THR CA 62 17.65 -53.07 16.16
C THR CA 62 17.16 -54.18 17.09
N THR CA 63 17.57 -55.41 16.78
CA THR CA 63 17.19 -56.60 17.54
C THR CA 63 18.11 -57.74 17.10
N ARG CA 64 17.78 -58.98 17.50
CA ARG CA 64 18.52 -60.17 17.09
C ARG CA 64 17.57 -61.23 16.52
N LEU CA 65 18.04 -61.96 15.51
CA LEU CA 65 17.36 -63.14 14.99
C LEU CA 65 18.33 -64.32 15.09
N TYR CA 66 17.86 -65.47 15.58
CA TYR CA 66 18.70 -66.63 15.82
C TYR CA 66 18.30 -67.78 14.90
N LEU CA 67 19.30 -68.38 14.23
CA LEU CA 67 19.11 -69.49 13.31
C LEU CA 67 19.84 -70.70 13.88
N VAL CA 68 19.11 -71.60 14.53
CA VAL CA 68 19.68 -72.65 15.36
C VAL CA 68 19.23 -74.00 14.83
N ASP CA 69 20.16 -74.95 14.79
CA ASP CA 69 19.95 -76.21 14.10
C ASP CA 69 19.47 -77.36 14.99
N ASN CA 70 19.26 -77.14 16.30
CA ASN CA 70 18.92 -78.24 17.19
C ASN CA 70 17.80 -77.85 18.16
N LYS CA 71 16.77 -77.17 17.68
CA LYS CA 71 15.58 -76.94 18.49
C LYS CA 71 14.78 -78.24 18.61
N SER CA 72 14.23 -78.50 19.80
CA SER CA 72 13.64 -79.80 20.08
C SER CA 72 12.42 -80.07 19.19
N ALA CA 73 11.55 -79.09 19.04
CA ALA CA 73 10.33 -79.30 18.25
C ALA CA 73 10.60 -79.32 16.75
N ASP CA 74 11.59 -78.56 16.28
CA ASP CA 74 11.91 -78.55 14.85
C ASP CA 74 12.51 -79.88 14.41
N ILE CA 75 13.20 -80.58 15.32
CA ILE CA 75 13.79 -81.87 14.97
C ILE CA 75 12.71 -82.87 14.59
N ALA CA 76 11.62 -82.91 15.37
CA ALA CA 76 10.62 -83.94 15.16
C ALA CA 76 9.76 -83.69 13.93
N SER CA 77 9.37 -82.44 13.67
CA SER CA 77 8.34 -82.17 12.69
C SER CA 77 8.85 -81.51 11.40
N LEU CA 78 10.11 -81.13 11.31
CA LEU CA 78 10.57 -80.44 10.11
C LEU CA 78 11.67 -81.17 9.36
N ASN CA 79 12.62 -81.78 10.06
CA ASN CA 79 13.90 -82.13 9.47
C ASN CA 79 14.15 -83.64 9.47
N TYR CA 80 13.12 -84.42 9.16
CA TYR CA 80 13.24 -85.87 9.25
C TYR CA 80 14.21 -86.42 8.22
N GLN CA 81 14.25 -85.84 7.02
CA GLN CA 81 15.11 -86.32 5.94
C GLN CA 81 16.31 -85.41 5.66
N ASN CA 82 16.65 -84.50 6.56
CA ASN CA 82 17.68 -83.49 6.33
C ASN CA 82 18.94 -83.81 7.14
N ASP CA 83 19.98 -83.00 6.93
CA ASP CA 83 21.19 -83.05 7.75
C ASP CA 83 21.66 -81.62 8.03
N HIS CA 84 22.75 -81.49 8.79
CA HIS CA 84 23.19 -80.19 9.27
C HIS CA 84 23.70 -79.28 8.17
N SER CA 85 23.94 -79.79 6.97
CA SER CA 85 24.34 -78.96 5.85
C SER CA 85 23.15 -78.33 5.11
N ASN CA 86 21.92 -78.83 5.33
CA ASN CA 86 20.75 -78.31 4.62
C ASN CA 86 19.50 -78.65 5.44
N PHE CA 87 18.98 -77.67 6.18
CA PHE CA 87 17.91 -77.92 7.15
C PHE CA 87 16.97 -76.73 7.23
N LEU CA 88 15.87 -76.92 7.95
CA LEU CA 88 14.88 -75.89 8.21
C LEU CA 88 14.84 -75.55 9.70
N THR CA 89 14.55 -74.29 10.01
CA THR CA 89 14.47 -73.86 11.40
C THR CA 89 13.45 -72.74 11.52
N THR CA 90 12.99 -72.51 12.75
CA THR CA 90 12.00 -71.47 13.03
C THR CA 90 12.69 -70.29 13.73
N VAL CA 91 12.44 -69.08 13.23
CA VAL CA 91 12.96 -67.88 13.87
C VAL CA 91 11.99 -67.31 14.90
N VAL CA 92 10.80 -67.88 15.04
CA VAL CA 92 9.86 -67.49 16.09
C VAL CA 92 10.23 -68.25 17.36
N GLN CA 93 10.52 -67.52 18.43
CA GLN CA 93 10.98 -68.09 19.70
C GLN CA 93 9.89 -68.10 20.76
N ASN CA 94 8.64 -68.38 20.40
CA ASN CA 94 7.48 -68.32 21.29
C ASN CA 94 6.84 -69.69 21.33
N ASN CA 95 6.92 -70.36 22.48
CA ASN CA 95 6.47 -71.75 22.58
C ASN CA 95 4.96 -71.89 22.76
N ASP CA 96 4.18 -70.82 22.61
CA ASP CA 96 2.73 -70.95 22.53
C ASP CA 96 2.28 -71.57 21.21
N PHE CA 97 3.18 -71.75 20.25
CA PHE CA 97 2.85 -72.26 18.92
C PHE CA 97 3.80 -73.37 18.54
N THR CA 98 3.29 -74.31 17.74
CA THR CA 98 4.12 -75.34 17.11
C THR CA 98 4.82 -74.76 15.89
N PRO CA 99 5.91 -75.42 15.43
CA PRO CA 99 6.59 -74.92 14.22
C PRO CA 99 5.70 -74.85 13.01
N THR CA 100 4.76 -75.78 12.86
CA THR CA 100 3.83 -75.73 11.73
C THR CA 100 2.97 -74.47 11.79
N GLU CA 101 2.45 -74.15 12.97
CA GLU CA 101 1.70 -72.90 13.13
C GLU CA 101 2.58 -71.69 12.91
N ALA CA 102 3.84 -71.74 13.38
CA ALA CA 102 4.74 -70.61 13.24
C ALA CA 102 5.06 -70.31 11.78
N SER CA 103 4.96 -71.30 10.90
CA SER CA 103 5.38 -71.11 9.52
C SER CA 103 4.55 -70.05 8.81
N THR CA 104 3.32 -69.83 9.23
CA THR CA 104 2.47 -68.82 8.61
C THR CA 104 2.62 -67.43 9.22
N GLN CA 105 3.32 -67.28 10.33
CA GLN CA 105 3.51 -65.97 10.96
C GLN CA 105 4.64 -65.20 10.28
N THR CA 106 4.69 -63.89 10.52
CA THR CA 106 5.71 -63.04 9.91
C THR CA 106 6.29 -62.06 10.93
N ILE CA 107 7.48 -61.57 10.63
CA ILE CA 107 8.11 -60.45 11.32
C ILE CA 107 8.29 -59.33 10.29
N ASN CA 108 7.86 -58.12 10.64
CA ASN CA 108 7.77 -57.03 9.68
C ASN CA 108 8.63 -55.86 10.10
N PHE CA 109 9.55 -55.45 9.23
CA PHE CA 109 10.40 -54.28 9.42
C PHE CA 109 9.80 -53.11 8.63
N ASP CA 110 9.77 -51.92 9.24
CA ASP CA 110 8.97 -50.82 8.72
C ASP CA 110 9.27 -50.53 7.26
N GLU CA 111 8.21 -50.52 6.44
CA GLU CA 111 8.34 -50.44 4.99
C GLU CA 111 8.78 -49.06 4.49
N ARG CA 112 8.81 -48.06 5.35
CA ARG CA 112 9.31 -46.75 4.97
C ARG CA 112 10.84 -46.64 5.04
N SER CA 113 11.53 -47.73 5.38
CA SER CA 113 12.98 -47.77 5.38
C SER CA 113 13.45 -49.01 4.62
N ARG CA 114 14.69 -48.96 4.15
CA ARG CA 114 15.39 -50.15 3.65
C ARG CA 114 16.31 -50.66 4.74
N TRP CA 115 16.29 -51.97 4.98
CA TRP CA 115 16.97 -52.57 6.11
C TRP CA 115 18.12 -53.47 5.66
N GLY CA 116 19.16 -53.56 6.49
CA GLY CA 116 20.24 -54.49 6.28
C GLY CA 116 20.49 -55.32 7.52
N GLY CA 117 21.20 -56.41 7.33
CA GLY CA 117 21.49 -57.32 8.42
C GLY CA 117 22.95 -57.76 8.50
N GLN CA 118 23.57 -57.54 9.65
CA GLN CA 118 24.94 -58.00 9.87
C GLN CA 118 24.92 -59.47 10.30
N LEU CA 119 25.71 -60.29 9.61
CA LEU CA 119 25.65 -61.74 9.75
C LEU CA 119 26.93 -62.29 10.36
N LYS CA 120 26.79 -63.11 11.42
CA LYS CA 120 27.89 -63.85 12.02
C LYS CA 120 27.53 -65.34 12.04
N THR CA 121 28.51 -66.20 11.76
CA THR CA 121 28.27 -67.63 11.71
C THR CA 121 29.28 -68.39 12.56
N ILE CA 122 28.87 -69.58 12.98
CA ILE CA 122 29.71 -70.53 13.71
C ILE CA 122 29.56 -71.90 13.04
N MET CA 123 30.68 -72.53 12.71
CA MET CA 123 30.68 -73.80 12.00
C MET CA 123 31.73 -74.74 12.57
N HIS CA 124 31.41 -76.04 12.63
CA HIS CA 124 32.35 -77.06 13.06
C HIS CA 124 32.19 -78.32 12.21
N THR CA 125 33.31 -78.94 11.85
CA THR CA 125 33.33 -80.08 10.93
C THR CA 125 34.08 -81.25 11.57
N ASN CA 126 33.92 -82.44 10.98
CA ASN CA 126 34.62 -83.65 11.41
C ASN CA 126 35.10 -84.48 10.20
N MET CA 127 35.70 -83.83 9.21
CA MET CA 127 36.13 -84.48 7.98
C MET CA 127 37.46 -85.22 8.16
N PRO CA 128 37.55 -86.50 7.77
CA PRO CA 128 38.86 -87.17 7.69
C PRO CA 128 39.53 -86.92 6.34
N ASN CA 129 40.86 -87.02 6.35
CA ASN CA 129 41.61 -86.57 5.18
C ASN CA 129 41.58 -87.56 4.01
N VAL CA 130 41.35 -88.84 4.24
CA VAL CA 130 41.24 -89.82 3.17
C VAL CA 130 39.81 -90.34 3.15
N ASN CA 131 39.05 -89.95 2.11
CA ASN CA 131 37.65 -90.32 2.04
C ASN CA 131 37.19 -90.30 0.58
N GLU CA 132 36.05 -90.95 0.33
CA GLU CA 132 35.54 -91.10 -1.04
C GLU CA 132 34.91 -89.83 -1.57
N TYR CA 133 34.22 -89.07 -0.72
CA TYR CA 133 33.44 -87.93 -1.19
C TYR CA 133 34.31 -86.85 -1.80
N MET CA 134 35.54 -86.71 -1.33
CA MET CA 134 36.46 -85.65 -1.78
C MET CA 134 37.50 -86.15 -2.77
N PHE CA 135 37.36 -87.38 -3.28
CA PHE CA 135 38.24 -87.94 -4.31
C PHE CA 135 39.69 -88.08 -3.84
N SER CA 136 39.90 -88.28 -2.54
CA SER CA 136 41.22 -88.56 -2.00
C SER CA 136 41.39 -90.04 -1.67
N ASN CA 137 40.62 -90.89 -2.33
CA ASN CA 137 40.50 -92.31 -2.01
C ASN CA 137 41.12 -93.22 -3.05
N LYS CA 138 41.48 -92.70 -4.23
CA LYS CA 138 41.77 -93.57 -5.37
C LYS CA 138 42.78 -92.90 -6.30
N PHE CA 139 43.44 -93.74 -7.10
CA PHE CA 139 44.34 -93.30 -8.16
C PHE CA 139 44.45 -94.44 -9.17
N LYS CA 140 45.04 -94.14 -10.33
CA LYS CA 140 45.20 -95.11 -11.41
C LYS CA 140 46.69 -95.31 -11.73
N ALA CA 141 47.02 -96.53 -12.13
CA ALA CA 141 48.41 -96.87 -12.47
C ALA CA 141 48.42 -98.02 -13.49
N ARG CA 142 49.55 -98.16 -14.17
CA ARG CA 142 49.76 -99.20 -15.17
C ARG CA 142 50.88 -100.12 -14.71
N VAL CA 143 50.58 -101.40 -14.54
CA VAL CA 143 51.52 -102.39 -14.04
C VAL CA 143 51.55 -103.58 -15.00
N MET CA 144 52.45 -104.52 -14.72
CA MET CA 144 52.67 -105.69 -15.57
C MET CA 144 51.79 -106.84 -15.11
N VAL CA 145 51.05 -107.43 -16.06
CA VAL CA 145 50.12 -108.50 -15.76
C VAL CA 145 50.66 -109.87 -16.14
N SER CA 146 51.50 -109.97 -17.17
CA SER CA 146 52.01 -111.26 -17.60
C SER CA 146 53.42 -111.10 -18.15
N ARG CA 147 54.32 -111.99 -17.71
CA ARG CA 147 55.56 -112.23 -18.42
C ARG CA 147 55.32 -113.35 -19.43
N LYS CA 148 56.38 -113.90 -20.01
CA LYS CA 148 56.22 -114.98 -20.98
C LYS CA 148 55.74 -116.25 -20.30
N ASP CA 171 61.16 -113.07 -24.20
CA ASP CA 171 60.03 -112.85 -23.29
C ASP CA 171 59.14 -111.72 -23.78
N ILE CA 172 57.82 -111.93 -23.73
CA ILE CA 172 56.83 -110.93 -24.10
C ILE CA 172 56.12 -110.47 -22.83
N LEU CA 173 56.03 -109.16 -22.66
CA LEU CA 173 55.51 -108.55 -21.44
C LEU CA 173 54.22 -107.81 -21.74
N LYS CA 174 53.21 -107.99 -20.89
CA LYS CA 174 51.91 -107.36 -21.06
C LYS CA 174 51.61 -106.45 -19.87
N TYR CA 175 51.03 -105.28 -20.15
CA TYR CA 175 50.72 -104.29 -19.14
C TYR CA 175 49.25 -103.88 -19.27
N GLU CA 176 48.70 -103.36 -18.18
CA GLU CA 176 47.30 -102.94 -18.16
C GLU CA 176 47.08 -101.87 -17.10
N TRP CA 177 46.05 -101.05 -17.31
CA TRP CA 177 45.65 -100.01 -16.37
C TRP CA 177 44.64 -100.55 -15.36
N PHE CA 178 44.74 -100.07 -14.13
CA PHE CA 178 43.80 -100.41 -13.07
C PHE CA 178 43.52 -99.17 -12.23
N GLU CA 179 42.44 -99.23 -11.44
CA GLU CA 179 42.13 -98.22 -10.44
C GLU CA 179 42.25 -98.84 -9.06
N PHE CA 180 42.97 -98.16 -8.17
CA PHE CA 180 43.29 -98.67 -6.84
C PHE CA 180 42.53 -97.88 -5.78
N ILE CA 181 42.07 -98.57 -4.73
CA ILE CA 181 41.23 -97.98 -3.70
C ILE CA 181 41.89 -98.19 -2.33
N LEU CA 182 41.94 -97.12 -1.53
CA LEU CA 182 42.41 -97.09 -0.15
C LEU CA 182 41.23 -97.13 0.82
N PRO CA 183 41.41 -97.65 2.03
CA PRO CA 183 40.36 -97.54 3.04
C PRO CA 183 40.37 -96.18 3.72
N GLU CA 184 39.19 -95.78 4.21
CA GLU CA 184 38.98 -94.42 4.70
C GLU CA 184 39.45 -94.25 6.15
N GLY CA 185 39.86 -93.03 6.46
CA GLY CA 185 40.36 -92.70 7.78
C GLY CA 185 41.15 -91.41 7.74
N ASN CA 186 41.69 -91.05 8.91
CA ASN CA 186 42.46 -89.82 9.08
C ASN CA 186 43.91 -90.20 9.38
N PHE CA 187 44.77 -90.08 8.38
CA PHE CA 187 46.12 -90.62 8.44
C PHE CA 187 47.17 -89.52 8.22
N SER CA 188 48.37 -89.77 8.74
CA SER CA 188 49.50 -88.91 8.42
C SER CA 188 50.00 -89.18 7.01
N ALA CA 189 50.90 -88.33 6.55
CA ALA CA 189 51.40 -88.45 5.18
C ALA CA 189 52.21 -89.72 4.97
N THR CA 190 53.05 -90.09 5.94
CA THR CA 190 53.82 -91.32 5.81
C THR CA 190 52.92 -92.55 5.80
N MET CA 191 51.92 -92.57 6.69
CA MET CA 191 51.00 -93.70 6.73
C MET CA 191 50.19 -93.80 5.45
N THR CA 192 49.87 -92.66 4.82
CA THR CA 192 49.15 -92.70 3.55
C THR CA 192 49.99 -93.33 2.45
N ILE CA 193 51.28 -93.02 2.40
CA ILE CA 193 52.15 -93.58 1.39
C ILE CA 193 52.31 -95.08 1.57
N ASP CA 194 52.31 -95.58 2.81
CA ASP CA 194 52.34 -97.03 3.02
C ASP CA 194 51.10 -97.69 2.44
N LEU CA 195 49.93 -97.05 2.58
CA LEU CA 195 48.70 -97.65 2.07
C LEU CA 195 48.69 -97.70 0.54
N MET CA 196 49.29 -96.71 -0.12
CA MET CA 196 49.35 -96.73 -1.58
C MET CA 196 50.27 -97.85 -2.08
N ASN CA 197 51.40 -98.06 -1.42
CA ASN CA 197 52.26 -99.20 -1.77
C ASN CA 197 51.55 -100.52 -1.54
N ASN CA 198 50.81 -100.64 -0.43
CA ASN CA 198 50.08 -101.86 -0.12
C ASN CA 198 49.03 -102.17 -1.17
N ALA CA 199 48.40 -101.14 -1.74
CA ALA CA 199 47.41 -101.36 -2.79
C ALA CA 199 48.05 -101.94 -4.05
N ILE CA 200 49.24 -101.45 -4.41
CA ILE CA 200 49.94 -101.98 -5.58
C ILE CA 200 50.25 -103.45 -5.40
N ILE CA 201 50.74 -103.82 -4.21
CA ILE CA 201 51.18 -105.19 -3.96
C ILE CA 201 50.01 -106.16 -3.96
N ASP CA 202 48.86 -105.74 -3.43
CA ASP CA 202 47.68 -106.61 -3.44
C ASP CA 202 47.22 -106.92 -4.86
N ASN CA 203 47.52 -106.07 -5.82
CA ASN CA 203 47.25 -106.38 -7.22
C ASN CA 203 48.24 -107.40 -7.76
N TYR CA 204 49.48 -107.37 -7.27
CA TYR CA 204 50.48 -108.35 -7.71
C TYR CA 204 50.25 -109.72 -7.09
N LEU CA 205 49.49 -109.80 -6.01
CA LEU CA 205 49.20 -111.11 -5.41
C LEU CA 205 47.94 -111.74 -5.97
N GLU CA 206 47.02 -110.95 -6.52
CA GLU CA 206 45.77 -111.47 -7.09
C GLU CA 206 45.89 -111.77 -8.57
N ILE CA 207 46.59 -110.91 -9.31
CA ILE CA 207 46.95 -111.12 -10.70
C ILE CA 207 48.47 -111.13 -10.68
N GLY CA 208 49.11 -111.25 -11.83
CA GLY CA 208 50.55 -111.08 -11.77
C GLY CA 208 51.25 -112.34 -11.33
N ARG CA 209 51.56 -112.42 -10.02
CA ARG CA 209 52.32 -113.52 -9.44
C ARG CA 209 51.93 -114.89 -10.00
N GLN CA 210 50.64 -115.14 -10.16
CA GLN CA 210 50.19 -116.41 -10.72
C GLN CA 210 50.33 -116.49 -12.23
N ASN CA 211 50.82 -115.44 -12.89
CA ASN CA 211 51.02 -115.43 -14.34
C ASN CA 211 52.48 -115.18 -14.70
N GLY CA 212 53.41 -115.46 -13.80
CA GLY CA 212 54.81 -115.50 -14.15
C GLY CA 212 55.63 -114.27 -13.90
N VAL CA 213 55.09 -113.23 -13.26
CA VAL CA 213 55.88 -112.06 -12.93
C VAL CA 213 56.60 -112.30 -11.61
N LEU CA 214 57.83 -111.83 -11.51
CA LEU CA 214 58.64 -112.02 -10.33
C LEU CA 214 58.54 -110.81 -9.41
N GLU CA 215 58.98 -110.99 -8.17
CA GLU CA 215 59.04 -109.85 -7.25
C GLU CA 215 60.33 -109.08 -7.48
N SER CA 216 60.61 -108.80 -8.76
CA SER CA 216 61.68 -107.88 -9.14
C SER CA 216 61.27 -107.07 -10.37
N ASP CA 217 60.02 -107.18 -10.80
CA ASP CA 217 59.49 -106.40 -11.93
C ASP CA 217 58.19 -105.69 -11.57
N ILE CA 218 57.99 -105.36 -10.29
CA ILE CA 218 56.74 -104.74 -9.85
C ILE CA 218 56.45 -103.48 -10.65
N GLY CA 219 57.34 -102.50 -10.56
CA GLY CA 219 57.31 -101.40 -11.51
C GLY CA 219 56.71 -100.09 -11.05
N VAL CA 220 56.06 -100.04 -9.89
CA VAL CA 220 55.54 -98.78 -9.34
C VAL CA 220 55.78 -98.79 -7.84
N LYS CA 221 56.51 -97.78 -7.34
CA LYS CA 221 56.75 -97.64 -5.91
C LYS CA 221 56.81 -96.17 -5.53
N PHE CA 222 56.30 -95.84 -4.34
CA PHE CA 222 56.36 -94.50 -3.79
C PHE CA 222 57.41 -94.45 -2.69
N ASP CA 223 58.38 -93.56 -2.82
CA ASP CA 223 59.53 -93.52 -1.92
C ASP CA 223 59.73 -92.10 -1.39
N THR CA 224 60.77 -91.93 -0.56
CA THR CA 224 61.15 -90.63 -0.02
C THR CA 224 62.64 -90.33 -0.10
N ARG CA 225 63.45 -91.23 -0.63
CA ARG CA 225 64.90 -91.11 -0.52
C ARG CA 225 65.51 -90.32 -1.68
N ASN CA 226 66.72 -89.82 -1.45
CA ASN CA 226 67.52 -89.18 -2.49
C ASN CA 226 68.55 -90.21 -2.95
N PHE CA 227 68.20 -90.96 -4.01
CA PHE CA 227 69.16 -91.86 -4.59
C PHE CA 227 70.29 -91.06 -5.21
N ARG CA 228 71.46 -91.70 -5.36
CA ARG CA 228 72.70 -91.12 -5.85
C ARG CA 228 73.32 -90.10 -4.89
N LEU CA 229 72.98 -90.14 -3.60
CA LEU CA 229 73.62 -89.25 -2.64
C LEU CA 229 75.11 -89.54 -2.51
N GLY CA 230 75.46 -90.80 -2.26
CA GLY CA 230 76.86 -91.14 -2.07
C GLY CA 230 77.60 -91.50 -3.35
N TRP CA 231 77.18 -90.89 -4.45
CA TRP CA 231 77.73 -91.19 -5.77
C TRP CA 231 79.16 -90.67 -5.89
N ASP CA 232 79.97 -91.40 -6.66
CA ASP CA 232 81.38 -91.06 -6.85
C ASP CA 232 81.64 -90.69 -8.30
N PRO CA 233 82.29 -89.56 -8.56
CA PRO CA 233 82.42 -89.09 -9.95
C PRO CA 233 83.35 -89.93 -10.80
N GLU CA 234 84.22 -90.76 -10.20
CA GLU CA 234 85.14 -91.58 -10.97
C GLU CA 234 84.56 -92.97 -11.25
N THR CA 235 84.20 -93.70 -10.20
CA THR CA 235 83.64 -95.03 -10.36
C THR CA 235 82.18 -95.01 -10.81
N LYS CA 236 81.48 -93.89 -10.60
CA LYS CA 236 80.08 -93.73 -11.01
C LYS CA 236 79.19 -94.80 -10.39
N LEU CA 237 79.46 -95.14 -9.13
CA LEU CA 237 78.63 -96.07 -8.39
C LEU CA 237 78.46 -95.56 -6.96
N ILE CA 238 77.45 -96.08 -6.27
CA ILE CA 238 77.19 -95.69 -4.89
C ILE CA 238 78.19 -96.46 -4.01
N MET CA 239 79.26 -95.77 -3.60
CA MET CA 239 80.36 -96.45 -2.92
C MET CA 239 79.96 -97.16 -1.63
N PRO CA 240 79.11 -96.62 -0.75
CA PRO CA 240 78.80 -97.33 0.50
C PRO CA 240 78.14 -98.69 0.29
N GLY CA 241 77.55 -98.95 -0.87
CA GLY CA 241 76.85 -100.19 -1.11
C GLY CA 241 75.40 -100.20 -0.69
N VAL CA 242 74.92 -99.16 0.00
CA VAL CA 242 73.51 -98.98 0.33
C VAL CA 242 73.15 -97.53 0.10
N TYR CA 243 71.94 -97.31 -0.42
CA TYR CA 243 71.45 -95.95 -0.59
C TYR CA 243 71.22 -95.28 0.77
N THR CA 244 71.45 -93.98 0.82
CA THR CA 244 71.29 -93.24 2.07
C THR CA 244 69.86 -93.32 2.56
N TYR CA 245 69.68 -93.69 3.83
CA TYR CA 245 68.37 -93.98 4.39
C TYR CA 245 67.79 -92.76 5.12
N GLU CA 246 67.65 -91.65 4.38
CA GLU CA 246 67.10 -90.40 4.91
C GLU CA 246 65.99 -89.90 4.00
N ALA CA 247 65.00 -89.24 4.62
CA ALA CA 247 63.84 -88.74 3.89
C ALA CA 247 64.09 -87.32 3.41
N PHE CA 248 63.79 -87.08 2.13
CA PHE CA 248 63.97 -85.77 1.52
C PHE CA 248 62.66 -85.16 1.02
N HIS CA 249 61.90 -85.90 0.22
CA HIS CA 249 60.67 -85.45 -0.42
C HIS CA 249 60.01 -86.67 -1.06
N PRO CA 250 58.69 -86.79 -1.03
CA PRO CA 250 58.05 -87.95 -1.66
C PRO CA 250 58.34 -88.04 -3.14
N ASP CA 251 58.44 -89.27 -3.64
CA ASP CA 251 59.00 -89.55 -4.95
C ASP CA 251 58.27 -90.73 -5.58
N ILE CA 252 58.37 -90.82 -6.91
CA ILE CA 252 57.77 -91.89 -7.71
C ILE CA 252 58.88 -92.61 -8.46
N VAL CA 253 58.91 -93.94 -8.34
CA VAL CA 253 59.91 -94.79 -9.00
C VAL CA 253 59.22 -95.72 -9.99
N LEU CA 254 59.73 -95.77 -11.22
CA LEU CA 254 59.09 -96.48 -12.31
C LEU CA 254 60.06 -97.39 -13.05
N LEU CA 255 59.52 -98.49 -13.60
CA LEU CA 255 60.13 -99.42 -14.54
C LEU CA 255 59.57 -99.20 -15.94
N PRO CA 256 60.27 -99.66 -16.98
CA PRO CA 256 59.77 -99.41 -18.35
C PRO CA 256 58.39 -100.02 -18.56
N GLY CA 257 57.55 -99.27 -19.29
CA GLY CA 257 56.20 -99.71 -19.57
C GLY CA 257 55.14 -99.32 -18.55
N CYS CA 258 55.52 -98.68 -17.44
CA CYS CA 258 54.59 -98.38 -16.37
C CYS CA 258 54.33 -96.87 -16.30
N GLY CA 259 53.42 -96.48 -15.40
CA GLY CA 259 53.09 -95.09 -15.22
C GLY CA 259 51.96 -94.93 -14.21
N VAL CA 260 51.74 -93.67 -13.81
CA VAL CA 260 50.65 -93.31 -12.90
C VAL CA 260 49.86 -92.16 -13.51
N ASP CA 261 48.58 -92.06 -13.13
CA ASP CA 261 47.68 -91.06 -13.68
C ASP CA 261 46.85 -90.46 -12.56
N PHE CA 262 46.94 -89.14 -12.38
CA PHE CA 262 46.26 -88.44 -11.29
C PHE CA 262 45.14 -87.54 -11.78
N THR CA 263 44.54 -87.86 -12.92
CA THR CA 263 43.51 -86.99 -13.50
C THR CA 263 42.30 -86.89 -12.57
N GLU CA 264 41.92 -87.99 -11.93
CA GLU CA 264 40.73 -88.01 -11.09
C GLU CA 264 41.09 -88.30 -9.64
N SER CA 265 42.10 -87.61 -9.12
CA SER CA 265 42.63 -87.89 -7.79
C SER CA 265 43.22 -86.61 -7.21
N ARG CA 266 43.15 -86.49 -5.89
CA ARG CA 266 43.76 -85.37 -5.18
C ARG CA 266 44.99 -85.78 -4.40
N LEU CA 267 45.49 -86.99 -4.61
CA LEU CA 267 46.66 -87.47 -3.89
C LEU CA 267 47.96 -86.89 -4.40
N SER CA 268 47.96 -86.22 -5.56
CA SER CA 268 49.18 -85.55 -6.00
C SER CA 268 49.51 -84.34 -5.13
N ASN CA 269 48.52 -83.71 -4.50
CA ASN CA 269 48.79 -82.63 -3.56
C ASN CA 269 49.51 -83.12 -2.32
N LEU CA 270 49.15 -84.31 -1.83
CA LEU CA 270 49.83 -84.88 -0.68
C LEU CA 270 51.27 -85.28 -1.01
N LEU CA 271 51.55 -85.62 -2.27
CA LEU CA 271 52.90 -85.97 -2.68
C LEU CA 271 53.78 -84.75 -2.94
N GLY CA 272 53.20 -83.57 -3.06
CA GLY CA 272 53.99 -82.40 -3.38
C GLY CA 272 54.49 -82.32 -4.81
N ILE CA 273 53.73 -82.84 -5.76
CA ILE CA 273 54.04 -82.78 -7.19
C ILE CA 273 52.86 -82.14 -7.90
N ARG CA 274 53.10 -81.02 -8.57
CA ARG CA 274 52.04 -80.26 -9.23
C ARG CA 274 52.46 -79.84 -10.63
N LYS CA 275 51.49 -79.42 -11.42
CA LYS CA 275 51.72 -78.98 -12.79
C LYS CA 275 51.93 -77.46 -12.86
N ARG CA 276 52.85 -77.04 -13.72
CA ARG CA 276 53.08 -75.61 -13.92
C ARG CA 276 51.94 -74.93 -14.68
N HIS CA 277 51.09 -75.70 -15.36
CA HIS CA 277 49.89 -75.19 -16.03
C HIS CA 277 48.71 -75.92 -15.42
N PRO CA 278 48.24 -75.47 -14.25
CA PRO CA 278 47.27 -76.26 -13.47
C PRO CA 278 45.87 -76.26 -14.06
N PHE CA 279 45.57 -75.42 -15.04
CA PHE CA 279 44.23 -75.40 -15.63
C PHE CA 279 44.12 -76.27 -16.88
N GLN CA 280 45.17 -76.97 -17.28
CA GLN CA 280 45.11 -77.90 -18.40
C GLN CA 280 44.75 -79.29 -17.88
N GLU CA 281 43.69 -79.87 -18.44
CA GLU CA 281 43.19 -81.15 -17.93
C GLU CA 281 44.17 -82.28 -18.23
N GLY CA 282 44.25 -83.23 -17.30
CA GLY CA 282 45.08 -84.41 -17.47
C GLY CA 282 46.43 -84.34 -16.78
N PHE CA 283 46.76 -85.37 -16.01
CA PHE CA 283 48.02 -85.43 -15.26
C PHE CA 283 48.52 -86.88 -15.29
N LYS CA 284 49.40 -87.18 -16.23
CA LYS CA 284 49.97 -88.51 -16.36
C LYS CA 284 51.49 -88.43 -16.39
N ILE CA 285 52.15 -89.35 -15.71
CA ILE CA 285 53.61 -89.43 -15.67
C ILE CA 285 54.01 -90.86 -16.04
N MET CA 286 54.68 -91.01 -17.18
CA MET CA 286 55.09 -92.31 -17.70
C MET CA 286 56.59 -92.46 -17.64
N TYR CA 287 57.06 -93.69 -17.90
CA TYR CA 287 58.49 -93.97 -17.83
C TYR CA 287 59.29 -93.15 -18.86
N GLU CA 288 58.69 -92.85 -20.00
CA GLU CA 288 59.38 -92.08 -21.03
C GLU CA 288 59.53 -90.60 -20.67
N ASP CA 289 58.78 -90.11 -19.70
CA ASP CA 289 58.88 -88.71 -19.30
C ASP CA 289 59.95 -88.45 -18.26
N LEU CA 290 60.54 -89.49 -17.68
CA LEU CA 290 61.53 -89.36 -16.62
C LEU CA 290 62.96 -89.51 -17.12
N GLU CA 291 63.25 -89.02 -18.33
CA GLU CA 291 64.58 -89.16 -18.90
C GLU CA 291 65.62 -88.47 -18.04
N GLY CA 292 66.77 -89.10 -17.89
CA GLY CA 292 67.85 -88.59 -17.06
C GLY CA 292 67.75 -88.95 -15.60
N GLY CA 293 66.74 -89.70 -15.20
CA GLY CA 293 66.54 -89.99 -13.79
C GLY CA 293 66.82 -91.42 -13.39
N ASN CA 294 67.66 -92.12 -14.16
CA ASN CA 294 67.98 -93.50 -13.82
C ASN CA 294 68.74 -93.58 -12.50
N ILE CA 295 68.40 -94.57 -11.69
CA ILE CA 295 68.99 -94.74 -10.37
C ILE CA 295 70.33 -95.45 -10.52
N PRO CA 296 71.43 -94.86 -10.05
CA PRO CA 296 72.74 -95.51 -10.21
C PRO CA 296 72.80 -96.83 -9.47
N ALA CA 297 73.50 -97.79 -10.06
CA ALA CA 297 73.60 -99.14 -9.51
C ALA CA 297 74.56 -99.18 -8.32
N LEU CA 298 74.34 -100.16 -7.45
CA LEU CA 298 75.21 -100.48 -6.33
C LEU CA 298 75.74 -99.26 -5.59
N ILE CA 364 85.63 -103.53 -8.26
CA ILE CA 364 84.92 -102.44 -8.90
C ILE CA 364 83.89 -102.96 -9.89
N GLN CA 365 82.83 -103.59 -9.38
CA GLN CA 365 81.74 -104.08 -10.21
C GLN CA 365 80.42 -103.87 -9.49
N PRO CA 366 79.34 -103.58 -10.22
CA PRO CA 366 78.05 -103.39 -9.56
C PRO CA 366 77.48 -104.70 -9.03
N LEU CA 367 76.75 -104.59 -7.92
CA LEU CA 367 76.01 -105.74 -7.42
C LEU CA 367 74.82 -106.00 -8.34
N GLU CA 368 74.64 -107.27 -8.73
CA GLU CA 368 73.61 -107.62 -9.70
C GLU CA 368 72.39 -108.29 -9.09
N LYS CA 369 72.42 -108.67 -7.82
CA LYS CA 369 71.30 -109.37 -7.22
C LYS CA 369 71.29 -109.10 -5.72
N ASP CA 370 70.15 -109.39 -5.09
CA ASP CA 370 69.94 -109.12 -3.67
C ASP CA 370 70.32 -110.35 -2.85
N SER CA 371 70.08 -110.28 -1.54
CA SER CA 371 70.45 -111.38 -0.65
C SER CA 371 69.69 -112.66 -0.97
N LYS CA 372 68.39 -112.54 -1.25
CA LYS CA 372 67.55 -113.69 -1.54
C LYS CA 372 67.40 -113.95 -3.03
N SER CA 373 68.42 -113.58 -3.81
CA SER CA 373 68.44 -113.80 -5.26
C SER CA 373 67.27 -113.11 -5.95
N ARG CA 374 67.26 -111.78 -5.85
CA ARG CA 374 66.33 -110.94 -6.59
C ARG CA 374 67.14 -110.01 -7.49
N SER CA 375 66.75 -109.94 -8.76
CA SER CA 375 67.47 -109.12 -9.71
C SER CA 375 67.29 -107.63 -9.39
N TYR CA 376 68.39 -106.89 -9.43
CA TYR CA 376 68.35 -105.44 -9.34
C TYR CA 376 68.12 -104.76 -10.68
N ASN CA 377 67.96 -105.54 -11.77
CA ASN CA 377 67.70 -105.00 -13.11
C ASN CA 377 68.84 -104.12 -13.59
N VAL CA 378 70.08 -104.53 -13.35
CA VAL CA 378 71.22 -103.77 -13.85
C VAL CA 378 71.28 -103.89 -15.37
N LEU CA 379 71.74 -102.83 -16.02
CA LEU CA 379 71.77 -102.73 -17.47
C LEU CA 379 73.20 -102.86 -17.99
N GLU CA 380 73.35 -102.67 -19.30
CA GLU CA 380 74.67 -102.62 -19.90
C GLU CA 380 75.41 -101.37 -19.42
N ASP CA 381 76.73 -101.41 -19.57
CA ASP CA 381 77.67 -100.39 -19.10
C ASP CA 381 77.85 -100.47 -17.59
N LYS CA 382 77.04 -101.29 -16.92
CA LYS CA 382 77.27 -101.68 -15.53
C LYS CA 382 77.42 -100.48 -14.60
N ILE CA 383 76.67 -99.41 -14.85
CA ILE CA 383 76.65 -98.26 -13.96
C ILE CA 383 75.24 -97.91 -13.52
N ASN CA 384 74.28 -97.89 -14.44
CA ASN CA 384 72.91 -97.48 -14.13
C ASN CA 384 71.95 -98.65 -14.15
N THR CA 385 70.81 -98.44 -13.51
CA THR CA 385 69.75 -99.43 -13.36
C THR CA 385 68.53 -98.97 -14.14
N ALA CA 386 67.67 -99.93 -14.50
CA ALA CA 386 66.47 -99.62 -15.26
C ALA CA 386 65.47 -98.75 -14.50
N TYR CA 387 65.54 -98.70 -13.17
CA TYR CA 387 64.62 -97.88 -12.39
C TYR CA 387 64.86 -96.40 -12.66
N ARG CA 388 63.77 -95.64 -12.79
CA ARG CA 388 63.82 -94.19 -12.90
C ARG CA 388 62.97 -93.56 -11.80
N SER CA 389 63.34 -92.35 -11.38
CA SER CA 389 62.62 -91.66 -10.32
C SER CA 389 62.38 -90.20 -10.70
N TRP CA 390 61.23 -89.68 -10.26
CA TRP CA 390 60.87 -88.30 -10.56
C TRP CA 390 61.83 -87.30 -9.92
N TYR CA 391 62.26 -87.57 -8.69
CA TYR CA 391 63.11 -86.62 -7.97
C TYR CA 391 64.47 -86.49 -8.63
N LEU CA 392 65.07 -87.61 -9.06
CA LEU CA 392 66.36 -87.54 -9.73
C LEU CA 392 66.26 -86.80 -11.06
N SER CA 393 65.20 -87.03 -11.80
CA SER CA 393 65.03 -86.34 -13.08
C SER CA 393 64.77 -84.85 -12.88
N TYR CA 394 64.02 -84.48 -11.83
CA TYR CA 394 63.74 -83.07 -11.57
C TYR CA 394 65.00 -82.31 -11.18
N ASN CA 395 65.87 -82.92 -10.38
CA ASN CA 395 67.01 -82.20 -9.84
C ASN CA 395 68.29 -82.37 -10.66
N TYR CA 396 68.48 -83.50 -11.34
CA TYR CA 396 69.73 -83.77 -12.04
C TYR CA 396 69.59 -83.90 -13.56
N GLY CA 397 68.38 -84.01 -14.07
CA GLY CA 397 68.16 -84.16 -15.50
C GLY CA 397 68.31 -82.85 -16.25
N ASN CA 398 67.89 -82.88 -17.51
CA ASN CA 398 67.99 -81.71 -18.37
C ASN CA 398 66.97 -80.66 -17.96
N PRO CA 399 67.38 -79.43 -17.63
CA PRO CA 399 66.41 -78.43 -17.16
C PRO CA 399 65.33 -78.08 -18.18
N GLU CA 400 65.63 -78.15 -19.48
CA GLU CA 400 64.72 -77.66 -20.49
C GLU CA 400 64.04 -78.76 -21.28
N LYS CA 401 64.27 -80.03 -20.94
CA LYS CA 401 63.63 -81.14 -21.63
C LYS CA 401 63.07 -82.20 -20.71
N GLY CA 402 63.54 -82.32 -19.47
CA GLY CA 402 63.06 -83.33 -18.56
C GLY CA 402 61.75 -82.94 -17.90
N ILE CA 403 61.44 -83.68 -16.83
CA ILE CA 403 60.19 -83.48 -16.11
C ILE CA 403 60.13 -82.11 -15.45
N ARG CA 404 61.26 -81.44 -15.24
CA ARG CA 404 61.29 -80.13 -14.61
C ARG CA 404 60.67 -79.03 -15.46
N SER CA 405 60.51 -79.26 -16.75
CA SER CA 405 60.00 -78.20 -17.62
C SER CA 405 58.49 -78.01 -17.50
N TRP CA 406 57.75 -79.01 -17.00
CA TRP CA 406 56.31 -78.86 -16.86
C TRP CA 406 55.75 -79.36 -15.52
N THR CA 407 56.59 -79.73 -14.56
CA THR CA 407 56.12 -80.02 -13.21
C THR CA 407 56.87 -79.16 -12.20
N LEU CA 408 56.33 -79.10 -10.99
CA LEU CA 408 56.83 -78.23 -9.94
C LEU CA 408 56.87 -78.99 -8.62
N LEU CA 409 57.93 -78.76 -7.84
CA LEU CA 409 58.11 -79.40 -6.54
C LEU CA 409 57.60 -78.48 -5.44
N THR CA 410 56.72 -78.99 -4.59
CA THR CA 410 56.10 -78.20 -3.53
C THR CA 410 56.12 -78.98 -2.21
N THR CA 411 55.82 -78.28 -1.11
CA THR CA 411 55.72 -78.94 0.19
C THR CA 411 54.48 -79.83 0.24
N SER CA 412 54.60 -80.95 0.93
CA SER CA 412 53.50 -81.89 1.06
C SER CA 412 52.35 -81.28 1.85
N ASP CA 413 51.13 -81.47 1.35
CA ASP CA 413 49.92 -80.93 1.98
C ASP CA 413 49.02 -82.09 2.41
N VAL CA 414 49.00 -82.37 3.71
CA VAL CA 414 48.32 -83.56 4.23
C VAL CA 414 46.80 -83.46 4.07
N THR CA 415 46.23 -82.25 4.10
CA THR CA 415 44.79 -82.13 3.92
C THR CA 415 44.34 -82.42 2.50
N CYS CA 416 45.28 -82.56 1.57
CA CYS CA 416 45.04 -82.79 0.14
C CYS CA 416 44.44 -81.58 -0.57
N GLY CA 417 44.51 -80.40 0.05
CA GLY CA 417 44.07 -79.19 -0.60
C GLY CA 417 42.64 -78.82 -0.26
N VAL CA 418 42.45 -77.85 0.60
CA VAL CA 418 41.12 -77.44 1.01
C VAL CA 418 40.65 -76.33 0.08
N GLU CA 419 39.35 -76.30 -0.17
CA GLU CA 419 38.74 -75.26 -0.98
C GLU CA 419 37.69 -74.53 -0.13
N GLN CA 420 36.92 -73.65 -0.78
CA GLN CA 420 36.01 -72.76 -0.09
C GLN CA 420 34.64 -73.40 0.12
N VAL CA 421 33.83 -72.77 0.97
CA VAL CA 421 32.44 -73.13 1.21
C VAL CA 421 31.58 -71.88 1.08
N TYR CA 422 30.31 -72.08 0.72
CA TYR CA 422 29.35 -71.00 0.48
C TYR CA 422 28.13 -71.14 1.39
N TRP CA 423 27.65 -70.01 1.91
CA TRP CA 423 26.44 -69.94 2.71
C TRP CA 423 25.26 -69.39 1.89
N SER CA 424 24.07 -69.94 2.12
CA SER CA 424 22.84 -69.46 1.50
C SER CA 424 21.73 -69.30 2.54
N LEU CA 425 21.01 -68.18 2.47
CA LEU CA 425 19.83 -67.93 3.30
C LEU CA 425 18.71 -67.36 2.42
N PRO CA 426 18.10 -68.20 1.57
CA PRO CA 426 17.23 -67.66 0.51
C PRO CA 426 15.94 -67.00 1.02
N ASP CA 427 15.46 -67.32 2.21
CA ASP CA 427 14.23 -66.71 2.73
C ASP CA 427 14.47 -65.47 3.59
N MET CA 428 15.72 -65.05 3.79
CA MET CA 428 16.00 -63.92 4.65
C MET CA 428 16.67 -62.76 3.92
N MET CA 429 17.69 -63.03 3.12
CA MET CA 429 18.46 -62.00 2.43
C MET CA 429 17.97 -61.83 0.99
N GLN CA 430 18.15 -60.63 0.46
CA GLN CA 430 17.95 -60.40 -0.97
C GLN CA 430 19.08 -61.04 -1.78
N ASP CA 431 18.76 -61.42 -3.01
CA ASP CA 431 19.76 -62.04 -3.88
C ASP CA 431 20.82 -61.01 -4.28
N PRO CA 432 22.11 -61.32 -4.15
CA PRO CA 432 23.15 -60.42 -4.66
C PRO CA 432 23.14 -60.33 -6.18
N VAL CA 433 23.81 -59.29 -6.68
CA VAL CA 433 23.68 -58.88 -8.08
C VAL CA 433 24.12 -60.00 -9.02
N THR CA 434 23.32 -60.20 -10.07
CA THR CA 434 23.40 -61.16 -11.18
C THR CA 434 22.96 -62.59 -10.82
N PHE CA 435 22.65 -62.89 -9.55
CA PHE CA 435 22.10 -64.20 -9.21
C PHE CA 435 20.60 -64.27 -9.54
N ARG CA 436 20.15 -65.41 -10.07
CA ARG CA 436 18.74 -65.63 -10.34
C ARG CA 436 18.03 -66.25 -9.14
N SER CA 437 16.77 -65.88 -8.95
CA SER CA 437 15.93 -66.51 -7.93
C SER CA 437 15.49 -67.88 -8.40
N THR CA 438 15.57 -68.87 -7.51
CA THR CA 438 15.29 -70.25 -7.88
C THR CA 438 14.99 -71.07 -6.63
N ARG CA 439 14.49 -72.29 -6.86
CA ARG CA 439 14.28 -73.26 -5.79
C ARG CA 439 15.11 -74.51 -5.97
N GLN CA 440 16.13 -74.49 -6.84
CA GLN CA 440 17.04 -75.62 -6.99
C GLN CA 440 18.21 -75.46 -6.03
N VAL CA 441 18.50 -76.51 -5.25
CA VAL CA 441 19.46 -76.40 -4.15
C VAL CA 441 20.86 -76.12 -4.69
N SER CA 442 21.25 -76.77 -5.76
CA SER CA 442 22.59 -76.51 -6.30
C SER CA 442 22.71 -75.15 -7.01
N ASN CA 443 21.71 -74.25 -6.95
CA ASN CA 443 21.85 -72.96 -7.59
C ASN CA 443 21.32 -71.82 -6.71
N TYR CA 444 21.27 -72.00 -5.39
CA TYR CA 444 20.87 -70.92 -4.50
C TYR CA 444 21.85 -69.75 -4.59
N PRO CA 445 21.35 -68.51 -4.45
CA PRO CA 445 22.26 -67.36 -4.37
C PRO CA 445 23.15 -67.43 -3.13
N VAL CA 446 24.37 -66.91 -3.27
CA VAL CA 446 25.42 -67.07 -2.28
C VAL CA 446 25.54 -65.78 -1.45
N VAL CA 447 25.51 -65.92 -0.14
CA VAL CA 447 25.52 -64.78 0.78
C VAL CA 447 26.85 -64.62 1.52
N GLY CA 448 27.73 -65.60 1.49
CA GLY CA 448 29.04 -65.48 2.11
C GLY CA 448 29.93 -66.64 1.74
N ALA CA 449 31.23 -66.46 1.95
CA ALA CA 449 32.23 -67.46 1.60
C ALA CA 449 33.37 -67.47 2.60
N GLU CA 450 34.00 -68.63 2.78
CA GLU CA 450 35.15 -68.81 3.66
C GLU CA 450 35.80 -70.15 3.31
N LEU CA 451 36.92 -70.44 3.96
CA LEU CA 451 37.57 -71.73 3.76
C LEU CA 451 36.91 -72.82 4.58
N MET CA 452 36.81 -74.01 4.01
CA MET CA 452 36.43 -75.19 4.78
C MET CA 452 37.45 -75.38 5.91
N PRO CA 453 37.00 -75.45 7.17
CA PRO CA 453 37.93 -75.24 8.32
C PRO CA 453 38.73 -76.47 8.71
N VAL CA 454 39.65 -76.87 7.86
CA VAL CA 454 40.54 -78.02 8.10
C VAL CA 454 41.97 -77.56 7.85
N PHE CA 455 42.87 -77.84 8.79
CA PHE CA 455 44.22 -77.30 8.76
C PHE CA 455 45.25 -78.37 9.07
N SER CA 456 46.48 -78.11 8.63
CA SER CA 456 47.62 -78.98 8.88
C SER CA 456 48.37 -78.54 10.14
N LYS CA 457 48.89 -79.51 10.88
CA LYS CA 457 49.71 -79.26 12.07
C LYS CA 457 50.98 -80.09 12.02
N SER CA 458 52.09 -79.51 12.46
CA SER CA 458 53.40 -80.15 12.38
C SER CA 458 53.88 -80.65 13.73
N PHE CA 459 54.61 -81.77 13.70
CA PHE CA 459 55.25 -82.33 14.88
C PHE CA 459 56.67 -82.76 14.52
N TYR CA 460 57.51 -82.89 15.54
CA TYR CA 460 58.90 -83.28 15.37
C TYR CA 460 59.12 -84.67 15.93
N ASN CA 461 59.73 -85.55 15.13
CA ASN CA 461 59.98 -86.92 15.55
C ASN CA 461 61.39 -87.39 15.14
N HIS CA 478 55.39 -107.90 9.47
CA HIS CA 478 55.33 -106.54 8.92
C HIS CA 478 54.72 -106.54 7.53
N VAL CA 479 53.43 -106.21 7.45
CA VAL CA 479 52.76 -106.12 6.16
C VAL CA 479 53.27 -104.94 5.34
N PHE CA 480 53.84 -103.93 5.99
CA PHE CA 480 54.37 -102.76 5.29
C PHE CA 480 55.84 -102.89 4.95
N ASN CA 481 56.45 -104.06 5.15
CA ASN CA 481 57.82 -104.32 4.73
C ASN CA 481 57.90 -105.79 4.33
N ARG CA 482 57.66 -106.07 3.05
CA ARG CA 482 57.63 -107.43 2.53
C ARG CA 482 58.92 -107.82 1.83
N PHE CA 483 59.81 -106.88 1.55
CA PHE CA 483 61.09 -107.15 0.92
C PHE CA 483 62.18 -106.46 1.74
N PRO CA 484 62.43 -106.92 2.96
CA PRO CA 484 63.42 -106.24 3.81
C PRO CA 484 64.81 -106.19 3.22
N GLU CA 485 65.20 -107.21 2.44
CA GLU CA 485 66.56 -107.26 1.93
C GLU CA 485 66.77 -106.32 0.75
N ASN CA 486 65.76 -106.10 -0.09
CA ASN CA 486 65.94 -105.41 -1.35
C ASN CA 486 66.11 -103.91 -1.11
N GLN CA 487 67.22 -103.35 -1.59
CA GLN CA 487 67.51 -101.94 -1.37
C GLN CA 487 66.54 -101.01 -2.09
N ILE CA 488 65.90 -101.48 -3.15
CA ILE CA 488 64.94 -100.66 -3.88
C ILE CA 488 63.54 -100.76 -3.27
N LEU CA 489 63.17 -101.95 -2.81
CA LEU CA 489 61.83 -102.23 -2.31
C LEU CA 489 61.75 -102.16 -0.79
N ILE CA 490 62.79 -101.66 -0.12
CA ILE CA 490 62.73 -101.49 1.32
C ILE CA 490 61.69 -100.42 1.68
N ARG CA 491 61.15 -100.53 2.90
CA ARG CA 491 60.16 -99.56 3.37
C ARG CA 491 60.80 -98.17 3.50
N PRO CA 492 60.17 -97.12 2.98
CA PRO CA 492 60.82 -95.82 2.96
C PRO CA 492 61.05 -95.31 4.36
N PRO CA 493 62.13 -94.56 4.58
CA PRO CA 493 62.33 -93.91 5.88
C PRO CA 493 61.30 -92.82 6.13
N ALA CA 494 60.98 -92.61 7.41
CA ALA CA 494 59.99 -91.63 7.84
C ALA CA 494 60.64 -90.25 7.99
N PRO CA 495 59.93 -89.18 7.60
CA PRO CA 495 60.49 -87.85 7.75
C PRO CA 495 60.63 -87.46 9.21
N THR CA 496 61.58 -86.56 9.48
CA THR CA 496 61.71 -85.99 10.80
C THR CA 496 60.63 -84.96 11.12
N ILE CA 497 59.84 -84.55 10.13
CA ILE CA 497 58.69 -83.66 10.32
C ILE CA 497 57.43 -84.40 9.87
N THR CA 498 56.49 -84.58 10.78
CA THR CA 498 55.23 -85.24 10.49
C THR CA 498 54.08 -84.24 10.56
N THR CA 499 53.16 -84.33 9.60
CA THR CA 499 52.00 -83.45 9.53
C THR CA 499 50.70 -84.24 9.56
N VAL CA 500 49.71 -83.74 10.30
CA VAL CA 500 48.39 -84.34 10.40
C VAL CA 500 47.35 -83.22 10.27
N SER CA 501 46.15 -83.59 9.84
CA SER CA 501 45.08 -82.63 9.58
C SER CA 501 44.11 -82.56 10.76
N GLU CA 502 43.61 -81.36 11.03
CA GLU CA 502 42.75 -81.08 12.18
C GLU CA 502 41.53 -80.26 11.77
N ASN CA 503 40.45 -80.44 12.52
CA ASN CA 503 39.24 -79.65 12.38
C ASN CA 503 39.20 -78.59 13.49
N VAL CA 504 39.06 -77.33 13.12
CA VAL CA 504 39.09 -76.22 14.06
C VAL CA 504 37.81 -75.40 13.88
N PRO CA 505 37.04 -75.13 14.94
CA PRO CA 505 35.81 -74.36 14.79
C PRO CA 505 36.07 -72.97 14.24
N ALA CA 506 35.20 -72.51 13.35
CA ALA CA 506 35.38 -71.28 12.60
C ALA CA 506 34.31 -70.26 12.99
N LEU CA 507 34.75 -69.07 13.37
CA LEU CA 507 33.89 -67.97 13.78
C LEU CA 507 34.11 -66.82 12.81
N THR CA 508 33.09 -66.44 12.06
CA THR CA 508 33.25 -65.56 10.92
C THR CA 508 32.25 -64.41 10.94
N ASP CA 509 32.73 -63.22 10.63
CA ASP CA 509 31.90 -62.03 10.42
C ASP CA 509 31.81 -61.75 8.93
N HIS CA 510 30.60 -61.81 8.36
CA HIS CA 510 30.39 -61.66 6.93
C HIS CA 510 29.95 -60.26 6.53
N GLY CA 511 29.88 -59.31 7.45
CA GLY CA 511 29.44 -57.97 7.12
C GLY CA 511 27.91 -57.83 7.02
N THR CA 512 27.50 -56.71 6.44
CA THR CA 512 26.09 -56.33 6.34
C THR CA 512 25.55 -56.59 4.94
N LEU CA 513 24.38 -57.22 4.85
CA LEU CA 513 23.69 -57.51 3.60
C LEU CA 513 22.25 -57.01 3.63
N PRO CA 514 21.70 -56.61 2.48
CA PRO CA 514 20.31 -56.14 2.45
C PRO CA 514 19.32 -57.24 2.82
N LEU CA 515 18.31 -56.85 3.58
CA LEU CA 515 17.35 -57.74 4.22
C LEU CA 515 15.96 -57.57 3.61
N ARG CA 516 15.21 -58.67 3.51
CA ARG CA 516 13.83 -58.57 3.05
C ARG CA 516 12.95 -57.90 4.11
N SER CA 517 11.93 -57.17 3.64
CA SER CA 517 11.07 -56.41 4.55
C SER CA 517 10.11 -57.30 5.33
N SER CA 518 9.75 -58.46 4.80
CA SER CA 518 8.86 -59.38 5.50
C SER CA 518 9.54 -60.74 5.58
N ILE CA 519 9.65 -61.27 6.80
CA ILE CA 519 10.40 -62.48 7.09
C ILE CA 519 9.41 -63.54 7.60
N ARG CA 520 9.36 -64.69 6.93
CA ARG CA 520 8.51 -65.79 7.35
C ARG CA 520 9.10 -66.52 8.56
N GLY CA 521 8.22 -67.22 9.28
CA GLY CA 521 8.61 -67.87 10.52
C GLY CA 521 9.51 -69.08 10.35
N VAL CA 522 9.50 -69.72 9.19
CA VAL CA 522 10.35 -70.88 8.92
C VAL CA 522 11.38 -70.51 7.86
N GLN CA 523 12.64 -70.83 8.12
CA GLN CA 523 13.76 -70.39 7.30
C GLN CA 523 14.62 -71.57 6.89
N ARG CA 524 15.20 -71.49 5.70
CA ARG CA 524 16.11 -72.51 5.17
C ARG CA 524 17.56 -72.07 5.29
N VAL CA 525 18.42 -72.99 5.72
CA VAL CA 525 19.86 -72.76 5.88
C VAL CA 525 20.62 -73.81 5.07
N THR CA 526 21.57 -73.37 4.24
CA THR CA 526 22.30 -74.28 3.36
C THR CA 526 23.78 -73.94 3.30
N VAL CA 527 24.62 -74.98 3.28
CA VAL CA 527 26.07 -74.87 3.14
C VAL CA 527 26.52 -75.80 2.01
N THR CA 528 27.20 -75.27 1.00
CA THR CA 528 27.66 -76.05 -0.15
C THR CA 528 29.12 -75.78 -0.47
N ASP CA 529 29.74 -76.71 -1.20
CA ASP CA 529 31.14 -76.64 -1.56
C ASP CA 529 31.32 -75.96 -2.92
N ALA CA 530 32.53 -76.03 -3.48
CA ALA CA 530 32.86 -75.31 -4.70
C ALA CA 530 32.10 -75.85 -5.91
N ARG CA 531 31.79 -77.14 -5.93
CA ARG CA 531 30.98 -77.73 -6.98
C ARG CA 531 29.49 -77.67 -6.69
N ARG CA 532 29.10 -76.96 -5.62
CA ARG CA 532 27.70 -76.76 -5.21
C ARG CA 532 27.04 -78.07 -4.78
N ARG CA 533 27.77 -78.92 -4.09
CA ARG CA 533 27.21 -80.05 -3.37
C ARG CA 533 27.16 -79.73 -1.88
N THR CA 534 26.17 -80.29 -1.19
CA THR CA 534 26.18 -80.18 0.27
C THR CA 534 27.30 -81.04 0.85
N CYS CA 535 27.77 -80.65 2.04
CA CYS CA 535 28.89 -81.34 2.67
C CYS CA 535 28.40 -82.20 3.83
N PRO CA 536 28.54 -83.54 3.74
CA PRO CA 536 28.09 -84.41 4.84
C PRO CA 536 28.92 -84.33 6.10
N TYR CA 537 30.03 -83.60 6.13
CA TYR CA 537 30.88 -83.56 7.31
C TYR CA 537 30.65 -82.33 8.19
N VAL CA 538 29.66 -81.50 7.87
CA VAL CA 538 29.24 -80.44 8.79
C VAL CA 538 28.33 -81.06 9.85
N TYR CA 539 28.62 -80.79 11.12
CA TYR CA 539 27.71 -81.26 12.17
C TYR CA 539 27.29 -80.16 13.15
N LYS CA 540 27.66 -78.91 12.92
CA LYS CA 540 27.18 -77.79 13.73
C LYS CA 540 27.27 -76.52 12.91
N ALA CA 541 26.15 -75.82 12.78
CA ALA CA 541 26.09 -74.57 12.03
C ALA CA 541 25.04 -73.65 12.66
N LEU CA 542 25.46 -72.44 13.03
CA LEU CA 542 24.58 -71.44 13.62
C LEU CA 542 24.75 -70.10 12.93
N GLY CA 543 23.67 -69.32 12.91
CA GLY CA 543 23.71 -67.97 12.40
C GLY CA 543 23.04 -67.00 13.34
N ILE CA 544 23.59 -65.78 13.38
CA ILE CA 544 23.04 -64.68 14.17
C ILE CA 544 23.01 -63.44 13.30
N VAL CA 545 21.84 -62.81 13.21
CA VAL CA 545 21.62 -61.65 12.35
C VAL CA 545 21.19 -60.47 13.21
N ALA CA 546 21.77 -59.30 12.94
CA ALA CA 546 21.42 -58.06 13.64
C ALA CA 546 20.91 -56.99 12.68
N PRO CA 547 19.60 -56.82 12.55
CA PRO CA 547 19.06 -55.83 11.60
C PRO CA 547 19.32 -54.39 12.02
N ARG CA 548 19.39 -53.51 11.02
CA ARG CA 548 19.47 -52.06 11.24
C ARG CA 548 19.07 -51.34 9.96
N VAL CA 549 18.76 -50.05 10.11
CA VAL CA 549 18.29 -49.22 8.99
C VAL CA 549 19.47 -48.80 8.12
N LEU CA 550 19.33 -48.94 6.81
CA LEU CA 550 20.35 -48.51 5.84
C LEU CA 550 20.01 -47.18 5.17
N SER CA 551 18.80 -47.02 4.65
CA SER CA 551 18.42 -45.77 4.00
C SER CA 551 16.91 -45.62 4.04
N SER CA 552 16.44 -44.44 3.64
CA SER CA 552 15.04 -44.09 3.66
C SER CA 552 14.34 -44.55 2.38
N ARG CA 553 13.04 -44.83 2.51
CA ARG CA 553 12.15 -45.17 1.41
C ARG CA 553 12.48 -46.51 0.77
N ARG DA 48 10.62 32.89 -31.33
CA ARG DA 48 10.00 34.21 -31.26
C ARG DA 48 10.93 35.32 -31.76
N ASN DA 49 11.67 35.05 -32.83
CA ASN DA 49 12.64 36.01 -33.33
C ASN DA 49 12.64 36.14 -34.85
N SER DA 50 11.55 35.78 -35.53
CA SER DA 50 11.52 35.81 -36.98
C SER DA 50 11.11 37.19 -37.49
N ILE DA 51 11.50 37.48 -38.74
CA ILE DA 51 11.22 38.74 -39.41
C ILE DA 51 10.64 38.42 -40.79
N ARG DA 52 9.45 38.96 -41.07
CA ARG DA 52 8.67 38.54 -42.23
C ARG DA 52 8.27 39.72 -43.10
N TYR DA 53 8.22 39.49 -44.41
CA TYR DA 53 7.84 40.49 -45.40
C TYR DA 53 6.54 40.05 -46.07
N SER DA 54 5.57 40.97 -46.16
CA SER DA 54 4.19 40.59 -46.48
C SER DA 54 4.04 40.03 -47.90
N GLU DA 55 5.01 40.23 -48.79
CA GLU DA 55 4.89 39.69 -50.13
C GLU DA 55 5.45 38.28 -50.30
N LEU DA 56 5.95 37.67 -49.23
CA LEU DA 56 6.54 36.34 -49.30
C LEU DA 56 5.78 35.37 -48.39
N SER DA 57 5.66 34.11 -48.85
CA SER DA 57 4.97 33.07 -48.10
C SER DA 57 5.44 31.70 -48.56
N PRO DA 58 5.53 30.72 -47.66
CA PRO DA 58 6.01 29.39 -48.05
C PRO DA 58 4.92 28.51 -48.65
N LEU DA 59 5.35 27.46 -49.37
CA LEU DA 59 4.48 26.62 -50.18
C LEU DA 59 4.29 25.23 -49.58
N TYR DA 60 3.08 24.68 -49.72
CA TYR DA 60 2.74 23.37 -49.18
C TYR DA 60 1.82 22.59 -50.14
N ASP DA 61 1.94 21.27 -50.06
CA ASP DA 61 1.02 20.22 -50.51
C ASP DA 61 0.91 19.96 -52.02
N THR DA 62 1.21 20.93 -52.89
CA THR DA 62 1.09 20.75 -54.34
C THR DA 62 1.47 22.06 -55.02
N THR DA 63 1.83 21.96 -56.29
CA THR DA 63 2.25 23.09 -57.12
C THR DA 63 2.26 22.63 -58.58
N ARG DA 64 2.82 23.45 -59.47
CA ARG DA 64 2.97 23.10 -60.88
C ARG DA 64 4.42 23.30 -61.33
N LEU DA 65 4.89 22.43 -62.22
CA LEU DA 65 6.16 22.59 -62.93
C LEU DA 65 5.88 22.57 -64.43
N TYR DA 66 6.48 23.50 -65.17
CA TYR DA 66 6.21 23.67 -66.58
C TYR DA 66 7.46 23.35 -67.41
N LEU DA 67 7.29 22.52 -68.44
CA LEU DA 67 8.38 22.10 -69.34
C LEU DA 67 8.04 22.61 -70.73
N VAL DA 68 8.65 23.72 -71.12
CA VAL DA 68 8.24 24.48 -72.29
C VAL DA 68 9.43 24.59 -73.26
N ASP DA 69 9.14 24.41 -74.54
CA ASP DA 69 10.19 24.25 -75.56
C ASP DA 69 10.58 25.54 -76.28
N ASN DA 70 9.99 26.68 -75.95
CA ASN DA 70 10.27 27.91 -76.70
C ASN DA 70 10.46 29.11 -75.79
N LYS DA 71 11.20 28.94 -74.69
CA LYS DA 71 11.58 30.09 -73.89
C LYS DA 71 12.68 30.87 -74.60
N SER DA 72 12.60 32.21 -74.52
CA SER DA 72 13.47 33.06 -75.35
C SER DA 72 14.94 32.88 -75.00
N ALA DA 73 15.27 32.85 -73.70
CA ALA DA 73 16.66 32.74 -73.29
C ALA DA 73 17.22 31.33 -73.49
N ASP DA 74 16.39 30.30 -73.34
CA ASP DA 74 16.86 28.93 -73.52
C ASP DA 74 17.19 28.65 -74.99
N ILE DA 75 16.51 29.33 -75.92
CA ILE DA 75 16.78 29.14 -77.33
C ILE DA 75 18.21 29.53 -77.67
N ALA DA 76 18.67 30.66 -77.14
CA ALA DA 76 19.96 31.20 -77.53
C ALA DA 76 21.12 30.43 -76.92
N SER DA 77 21.02 30.03 -75.65
CA SER DA 77 22.17 29.54 -74.92
C SER DA 77 22.16 28.04 -74.63
N LEU DA 78 21.09 27.32 -74.93
CA LEU DA 78 21.06 25.90 -74.61
C LEU DA 78 20.90 24.99 -75.80
N ASN DA 79 20.10 25.35 -76.79
CA ASN DA 79 19.57 24.39 -77.75
C ASN DA 79 20.02 24.69 -79.17
N TYR DA 80 21.29 25.08 -79.35
CA TYR DA 80 21.76 25.49 -80.66
C TYR DA 80 21.79 24.34 -81.65
N GLN DA 81 22.11 23.13 -81.20
CA GLN DA 81 22.21 21.96 -82.07
C GLN DA 81 21.05 20.97 -81.89
N ASN DA 82 19.95 21.36 -81.24
CA ASN DA 82 18.87 20.45 -80.90
C ASN DA 82 17.64 20.70 -81.79
N ASP DA 83 16.62 19.87 -81.60
CA ASP DA 83 15.32 20.07 -82.24
C ASP DA 83 14.22 19.74 -81.22
N HIS DA 84 12.97 19.90 -81.65
CA HIS DA 84 11.85 19.77 -80.73
C HIS DA 84 11.61 18.35 -80.22
N SER DA 85 12.26 17.35 -80.82
CA SER DA 85 12.17 15.99 -80.32
C SER DA 85 13.17 15.69 -79.21
N ASN DA 86 14.19 16.53 -79.01
CA ASN DA 86 15.22 16.28 -78.00
C ASN DA 86 15.89 17.61 -77.63
N PHE DA 87 15.49 18.20 -76.51
CA PHE DA 87 15.93 19.56 -76.18
C PHE DA 87 16.10 19.70 -74.67
N LEU DA 88 16.64 20.84 -74.27
CA LEU DA 88 16.83 21.21 -72.86
C LEU DA 88 15.97 22.42 -72.52
N THR DA 89 15.49 22.48 -71.28
CA THR DA 89 14.69 23.60 -70.83
C THR DA 89 14.91 23.82 -69.35
N THR DA 90 14.56 25.02 -68.88
CA THR DA 90 14.70 25.40 -67.49
C THR DA 90 13.35 25.39 -66.79
N VAL DA 91 13.28 24.74 -65.63
CA VAL DA 91 12.05 24.76 -64.83
C VAL DA 91 12.02 25.90 -63.84
N VAL DA 92 13.10 26.68 -63.73
CA VAL DA 92 13.12 27.88 -62.89
C VAL DA 92 12.52 29.03 -63.71
N GLN DA 93 11.45 29.64 -63.19
CA GLN DA 93 10.71 30.68 -63.89
C GLN DA 93 11.01 32.08 -63.33
N ASN DA 94 12.25 32.36 -62.95
CA ASN DA 94 12.65 33.60 -62.28
C ASN DA 94 13.70 34.28 -63.16
N ASN DA 95 13.35 35.42 -63.74
CA ASN DA 95 14.22 36.08 -64.72
C ASN DA 95 15.34 36.91 -64.08
N ASP DA 96 15.54 36.82 -62.77
CA ASP DA 96 16.73 37.40 -62.15
C ASP DA 96 18.00 36.62 -62.51
N PHE DA 97 17.87 35.45 -63.13
CA PHE DA 97 19.00 34.58 -63.43
C PHE DA 97 18.96 34.15 -64.89
N THR DA 98 20.13 33.92 -65.46
CA THR DA 98 20.25 33.31 -66.78
C THR DA 98 20.09 31.80 -66.68
N PRO DA 99 19.78 31.12 -67.78
CA PRO DA 99 19.65 29.66 -67.73
C PRO DA 99 20.92 28.96 -67.25
N THR DA 100 22.09 29.47 -67.59
CA THR DA 100 23.33 28.88 -67.11
C THR DA 100 23.42 28.96 -65.59
N GLU DA 101 23.08 30.12 -65.01
CA GLU DA 101 23.05 30.24 -63.56
C GLU DA 101 21.97 29.34 -62.96
N ALA DA 102 20.82 29.23 -63.62
CA ALA DA 102 19.72 28.42 -63.09
C ALA DA 102 20.08 26.95 -63.04
N SER DA 103 21.03 26.49 -63.87
CA SER DA 103 21.32 25.07 -63.95
C SER DA 103 21.85 24.51 -62.64
N THR DA 104 22.47 25.34 -61.81
CA THR DA 104 23.00 24.89 -60.52
C THR DA 104 22.00 24.98 -59.38
N GLN DA 105 20.84 25.60 -59.58
CA GLN DA 105 19.84 25.71 -58.52
C GLN DA 105 18.99 24.44 -58.45
N THR DA 106 18.28 24.28 -57.34
CA THR DA 106 17.46 23.09 -57.12
C THR DA 106 16.10 23.46 -56.53
N ILE DA 107 15.14 22.56 -56.72
CA ILE DA 107 13.84 22.58 -56.05
C ILE DA 107 13.75 21.32 -55.19
N ASN DA 108 13.39 21.49 -53.93
CA ASN DA 108 13.48 20.38 -52.96
C ASN DA 108 12.12 20.07 -52.37
N PHE DA 109 11.69 18.82 -52.50
CA PHE DA 109 10.47 18.31 -51.89
C PHE DA 109 10.81 17.57 -50.61
N ASP DA 110 10.03 17.79 -49.55
CA ASP DA 110 10.42 17.38 -48.21
C ASP DA 110 10.81 15.91 -48.15
N GLU DA 111 12.01 15.65 -47.63
CA GLU DA 111 12.60 14.32 -47.67
C GLU DA 111 11.95 13.34 -46.71
N ARG DA 112 11.07 13.79 -45.83
CA ARG DA 112 10.33 12.89 -44.96
C ARG DA 112 9.10 12.28 -45.63
N SER DA 113 8.85 12.57 -46.90
CA SER DA 113 7.78 11.97 -47.67
C SER DA 113 8.33 11.45 -49.00
N ARG DA 114 7.62 10.51 -49.59
CA ARG DA 114 7.84 10.10 -50.97
C ARG DA 114 6.81 10.79 -51.86
N TRP DA 115 7.26 11.36 -52.97
CA TRP DA 115 6.43 12.21 -53.81
C TRP DA 115 6.17 11.57 -55.17
N GLY DA 116 5.01 11.88 -55.74
CA GLY DA 116 4.69 11.49 -57.09
C GLY DA 116 4.23 12.67 -57.91
N GLY DA 117 4.26 12.51 -59.22
CA GLY DA 117 3.87 13.57 -60.13
C GLY DA 117 2.93 13.15 -61.23
N GLN DA 118 1.78 13.82 -61.33
CA GLN DA 118 0.84 13.56 -62.40
C GLN DA 118 1.25 14.33 -63.65
N LEU DA 119 1.35 13.63 -64.77
CA LEU DA 119 1.94 14.17 -66.00
C LEU DA 119 0.89 14.30 -67.10
N LYS DA 120 0.82 15.49 -67.71
CA LYS DA 120 0.01 15.75 -68.89
C LYS DA 120 0.89 16.32 -69.99
N THR DA 121 0.65 15.90 -71.23
CA THR DA 121 1.48 16.33 -72.36
C THR DA 121 0.61 16.85 -73.49
N ILE DA 122 1.21 17.72 -74.31
CA ILE DA 122 0.61 18.24 -75.53
C ILE DA 122 1.63 18.10 -76.66
N MET DA 123 1.21 17.50 -77.78
CA MET DA 123 2.12 17.24 -78.90
C MET DA 123 1.43 17.54 -80.22
N HIS DA 124 2.20 18.08 -81.17
CA HIS DA 124 1.71 18.33 -82.52
C HIS DA 124 2.79 18.00 -83.55
N THR DA 125 2.37 17.38 -84.66
CA THR DA 125 3.30 16.89 -85.68
C THR DA 125 2.91 17.44 -87.06
N ASN DA 126 3.84 17.31 -88.01
CA ASN DA 126 3.60 17.72 -89.40
C ASN DA 126 4.19 16.70 -90.38
N MET DA 127 3.96 15.40 -90.14
CA MET DA 127 4.54 14.34 -90.97
C MET DA 127 3.76 14.14 -92.26
N PRO DA 128 4.42 14.10 -93.42
CA PRO DA 128 3.76 13.66 -94.66
C PRO DA 128 3.81 12.14 -94.81
N ASN DA 129 2.85 11.61 -95.57
CA ASN DA 129 2.68 10.16 -95.59
C ASN DA 129 3.71 9.43 -96.45
N VAL DA 130 4.31 10.07 -97.44
CA VAL DA 130 5.35 9.45 -98.27
C VAL DA 130 6.66 10.18 -97.98
N ASN DA 131 7.58 9.51 -97.30
CA ASN DA 131 8.84 10.13 -96.92
C ASN DA 131 9.90 9.06 -96.71
N GLU DA 132 11.16 9.49 -96.71
CA GLU DA 132 12.29 8.58 -96.63
C GLU DA 132 12.51 8.04 -95.21
N TYR DA 133 12.28 8.86 -94.19
CA TYR DA 133 12.63 8.48 -92.82
C TYR DA 133 11.81 7.29 -92.34
N MET DA 134 10.58 7.14 -92.83
CA MET DA 134 9.68 6.08 -92.38
C MET DA 134 9.59 4.91 -93.37
N PHE DA 135 10.47 4.86 -94.37
CA PHE DA 135 10.56 3.76 -95.31
C PHE DA 135 9.29 3.58 -96.15
N SER DA 136 8.57 4.67 -96.40
CA SER DA 136 7.42 4.65 -97.30
C SER DA 136 7.75 5.27 -98.64
N ASN DA 137 9.03 5.26 -99.01
CA ASN DA 137 9.55 5.96 -100.16
C ASN DA 137 9.98 5.05 -101.30
N LYS DA 138 10.10 3.73 -101.05
CA LYS DA 138 10.80 2.86 -101.98
C LYS DA 138 10.23 1.46 -101.94
N PHE DA 139 10.49 0.70 -103.01
CA PHE DA 139 10.16 -0.71 -103.11
C PHE DA 139 11.07 -1.33 -104.17
N LYS DA 140 11.06 -2.65 -104.24
CA LYS DA 140 11.89 -3.40 -105.18
C LYS DA 140 11.03 -4.24 -106.11
N ALA DA 141 11.49 -4.42 -107.35
CA ALA DA 141 10.76 -5.19 -108.35
C ALA DA 141 11.73 -5.77 -109.36
N ARG DA 142 11.28 -6.80 -110.07
CA ARG DA 142 12.07 -7.47 -111.10
C ARG DA 142 11.38 -7.31 -112.45
N VAL DA 143 12.08 -6.69 -113.40
CA VAL DA 143 11.53 -6.38 -114.71
C VAL DA 143 12.48 -6.91 -115.79
N MET DA 144 12.06 -6.78 -117.04
CA MET DA 144 12.81 -7.29 -118.18
C MET DA 144 13.74 -6.21 -118.73
N VAL DA 145 15.03 -6.57 -118.89
CA VAL DA 145 16.02 -5.62 -119.34
C VAL DA 145 16.39 -5.81 -120.80
N SER DA 146 16.32 -7.03 -121.34
CA SER DA 146 16.69 -7.28 -122.72
C SER DA 146 15.83 -8.39 -123.31
N ARG DA 147 15.32 -8.15 -124.51
CA ARG DA 147 14.83 -9.21 -125.37
C ARG DA 147 15.99 -9.69 -126.23
N LYS DA 148 15.72 -10.50 -127.25
CA LYS DA 148 16.79 -10.98 -128.13
C LYS DA 148 17.35 -9.84 -128.98
N ASP DA 171 13.86 -16.35 -129.03
CA ASP DA 171 14.16 -15.15 -128.25
C ASP DA 171 14.61 -15.50 -126.84
N ILE DA 172 15.66 -14.85 -126.37
CA ILE DA 172 16.17 -15.02 -125.01
C ILE DA 172 15.88 -13.75 -124.23
N LEU DA 173 15.30 -13.91 -123.04
CA LEU DA 173 14.83 -12.80 -122.23
C LEU DA 173 15.64 -12.72 -120.94
N LYS DA 174 16.05 -11.51 -120.57
CA LYS DA 174 16.85 -11.28 -119.38
C LYS DA 174 16.09 -10.37 -118.42
N TYR DA 175 16.18 -10.68 -117.13
CA TYR DA 175 15.49 -9.93 -116.08
C TYR DA 175 16.49 -9.55 -114.99
N GLU DA 176 16.14 -8.51 -114.23
CA GLU DA 176 17.02 -8.01 -113.18
C GLU DA 176 16.20 -7.29 -112.12
N TRP DA 177 16.73 -7.25 -110.90
CA TRP DA 177 16.12 -6.56 -109.77
C TRP DA 177 16.61 -5.11 -109.71
N PHE DA 178 15.71 -4.21 -109.32
CA PHE DA 178 16.03 -2.81 -109.11
C PHE DA 178 15.30 -2.30 -107.88
N GLU DA 179 15.74 -1.15 -107.37
CA GLU DA 179 15.04 -0.43 -106.32
C GLU DA 179 14.52 0.89 -106.87
N PHE DA 180 13.25 1.17 -106.62
CA PHE DA 180 12.55 2.33 -107.19
C PHE DA 180 12.26 3.35 -106.11
N ILE DA 181 12.38 4.64 -106.45
CA ILE DA 181 12.24 5.73 -105.48
C ILE DA 181 11.16 6.68 -105.96
N LEU DA 182 10.27 7.08 -105.04
CA LEU DA 182 9.20 8.06 -105.22
C LEU DA 182 9.62 9.41 -104.64
N PRO DA 183 9.09 10.52 -105.15
CA PRO DA 183 9.33 11.81 -104.50
C PRO DA 183 8.42 12.03 -103.30
N GLU DA 184 8.89 12.84 -102.36
CA GLU DA 184 8.23 12.99 -101.07
C GLU DA 184 7.08 13.99 -101.12
N GLY DA 185 6.09 13.76 -100.26
CA GLY DA 185 4.91 14.59 -100.20
C GLY DA 185 3.79 13.88 -99.48
N ASN DA 186 2.66 14.57 -99.40
CA ASN DA 186 1.46 14.06 -98.73
C ASN DA 186 0.38 13.80 -99.78
N PHE DA 187 0.17 12.53 -100.12
CA PHE DA 187 -0.65 12.16 -101.27
C PHE DA 187 -1.79 11.24 -100.86
N SER DA 188 -2.85 11.25 -101.65
CA SER DA 188 -3.91 10.27 -101.48
C SER DA 188 -3.46 8.91 -102.01
N ALA DA 189 -4.28 7.89 -101.73
CA ALA DA 189 -3.91 6.52 -102.11
C ALA DA 189 -3.88 6.35 -103.63
N THR DA 190 -4.85 6.93 -104.34
CA THR DA 190 -4.85 6.82 -105.80
C THR DA 190 -3.64 7.53 -106.40
N MET DA 191 -3.32 8.73 -105.91
CA MET DA 191 -2.16 9.46 -106.41
C MET DA 191 -0.86 8.72 -106.12
N THR DA 192 -0.79 8.00 -105.01
CA THR DA 192 0.41 7.21 -104.70
C THR DA 192 0.59 6.08 -105.70
N ILE DA 193 -0.50 5.42 -106.08
CA ILE DA 193 -0.41 4.31 -107.03
C ILE DA 193 0.01 4.81 -108.41
N ASP DA 194 -0.40 6.01 -108.79
CA ASP DA 194 0.09 6.59 -110.05
C ASP DA 194 1.60 6.79 -110.03
N LEU DA 195 2.14 7.23 -108.90
CA LEU DA 195 3.57 7.46 -108.80
C LEU DA 195 4.37 6.16 -108.88
N MET DA 196 3.83 5.07 -108.34
CA MET DA 196 4.52 3.79 -108.42
C MET DA 196 4.56 3.27 -109.86
N ASN DA 197 3.45 3.42 -110.60
CA ASN DA 197 3.46 3.05 -112.03
C ASN DA 197 4.46 3.91 -112.80
N ASN DA 198 4.50 5.21 -112.51
CA ASN DA 198 5.41 6.11 -113.20
C ASN DA 198 6.87 5.74 -112.96
N ALA DA 199 7.19 5.25 -111.76
CA ALA DA 199 8.56 4.81 -111.48
C ALA DA 199 8.95 3.61 -112.34
N ILE DA 200 8.03 2.66 -112.52
CA ILE DA 200 8.31 1.50 -113.35
C ILE DA 200 8.60 1.92 -114.79
N ILE DA 201 7.79 2.83 -115.32
CA ILE DA 201 7.91 3.23 -116.72
C ILE DA 201 9.20 4.00 -116.97
N ASP DA 202 9.63 4.83 -116.02
CA ASP DA 202 10.89 5.55 -116.18
C ASP DA 202 12.09 4.61 -116.25
N ASN DA 203 11.99 3.41 -115.68
CA ASN DA 203 13.01 2.40 -115.85
C ASN DA 203 12.97 1.79 -117.25
N TYR DA 204 11.78 1.67 -117.84
CA TYR DA 204 11.66 1.14 -119.18
C TYR DA 204 12.11 2.14 -120.25
N LEU DA 205 12.17 3.43 -119.91
CA LEU DA 205 12.63 4.42 -120.87
C LEU DA 205 14.14 4.64 -120.81
N GLU DA 206 14.78 4.34 -119.68
CA GLU DA 206 16.22 4.51 -119.51
C GLU DA 206 17.00 3.26 -119.87
N ILE DA 207 16.49 2.10 -119.50
CA ILE DA 207 17.00 0.79 -119.89
C ILE DA 207 15.85 0.17 -120.66
N GLY DA 208 15.98 -1.05 -121.12
CA GLY DA 208 14.80 -1.66 -121.69
C GLY DA 208 14.57 -1.23 -123.12
N ARG DA 209 13.72 -0.21 -123.31
CA ARG DA 209 13.33 0.27 -124.63
C ARG DA 209 14.48 0.31 -125.64
N GLN DA 210 15.65 0.78 -125.20
CA GLN DA 210 16.80 0.84 -126.09
C GLN DA 210 17.48 -0.50 -126.26
N ASN DA 211 16.99 -1.57 -125.62
CA ASN DA 211 17.57 -2.90 -125.75
C ASN DA 211 16.54 -3.91 -126.27
N GLY DA 212 15.51 -3.45 -126.97
CA GLY DA 212 14.64 -4.33 -127.71
C GLY DA 212 13.37 -4.80 -127.05
N VAL DA 213 13.02 -4.28 -125.87
CA VAL DA 213 11.76 -4.66 -125.24
C VAL DA 213 10.66 -3.75 -125.77
N LEU DA 214 9.49 -4.32 -125.97
CA LEU DA 214 8.36 -3.59 -126.52
C LEU DA 214 7.46 -3.08 -125.40
N GLU DA 215 6.58 -2.14 -125.74
CA GLU DA 215 5.61 -1.68 -124.77
C GLU DA 215 4.42 -2.64 -124.75
N SER DA 216 4.72 -3.92 -124.69
CA SER DA 216 3.72 -4.96 -124.44
C SER DA 216 4.30 -6.06 -123.56
N ASP DA 217 5.52 -5.89 -123.03
CA ASP DA 217 6.14 -6.84 -122.13
C ASP DA 217 6.66 -6.18 -120.85
N ILE DA 218 6.02 -5.07 -120.44
CA ILE DA 218 6.48 -4.32 -119.26
C ILE DA 218 6.57 -5.24 -118.05
N GLY DA 219 5.44 -5.81 -117.63
CA GLY DA 219 5.47 -6.92 -116.70
C GLY DA 219 5.14 -6.61 -115.25
N VAL DA 220 5.03 -5.34 -114.85
CA VAL DA 220 4.61 -4.99 -113.49
C VAL DA 220 3.67 -3.80 -113.58
N LYS DA 221 2.46 -3.94 -113.07
CA LYS DA 221 1.51 -2.84 -113.03
C LYS DA 221 0.63 -2.94 -111.78
N PHE DA 222 0.29 -1.79 -111.21
CA PHE DA 222 -0.60 -1.70 -110.05
C PHE DA 222 -1.97 -1.20 -110.52
N ASP DA 223 -3.02 -1.96 -110.23
CA ASP DA 223 -4.35 -1.67 -110.75
C ASP DA 223 -5.37 -1.69 -109.62
N THR DA 224 -6.64 -1.46 -109.97
CA THR DA 224 -7.74 -1.50 -109.02
C THR DA 224 -8.95 -2.29 -109.51
N ARG DA 225 -8.93 -2.85 -110.71
CA ARG DA 225 -10.13 -3.39 -111.33
C ARG DA 225 -10.33 -4.87 -110.99
N ASN DA 226 -11.58 -5.31 -111.14
CA ASN DA 226 -11.93 -6.73 -111.03
C ASN DA 226 -12.03 -7.28 -112.44
N PHE DA 227 -10.94 -7.85 -112.93
CA PHE DA 227 -10.98 -8.51 -114.22
C PHE DA 227 -11.87 -9.74 -114.11
N ARG DA 228 -12.39 -10.19 -115.24
CA ARG DA 228 -13.34 -11.30 -115.38
C ARG DA 228 -14.72 -11.01 -114.79
N LEU DA 229 -15.09 -9.74 -114.62
CA LEU DA 229 -16.42 -9.42 -114.13
C LEU DA 229 -17.50 -9.86 -115.13
N GLY DA 230 -17.36 -9.45 -116.40
CA GLY DA 230 -18.36 -9.78 -117.40
C GLY DA 230 -18.13 -11.11 -118.10
N TRP DA 231 -17.50 -12.05 -117.40
CA TRP DA 231 -17.15 -13.34 -117.95
C TRP DA 231 -18.38 -14.18 -118.23
N ASP DA 232 -18.30 -15.00 -119.29
CA ASP DA 232 -19.41 -15.85 -119.70
C ASP DA 232 -19.03 -17.31 -119.54
N PRO DA 233 -19.87 -18.12 -118.90
CA PRO DA 233 -19.47 -19.50 -118.60
C PRO DA 233 -19.40 -20.41 -119.81
N GLU DA 234 -20.00 -20.03 -120.94
CA GLU DA 234 -19.96 -20.87 -122.13
C GLU DA 234 -18.80 -20.48 -123.05
N THR DA 235 -18.75 -19.23 -123.49
CA THR DA 235 -17.67 -18.78 -124.36
C THR DA 235 -16.36 -18.55 -123.62
N LYS DA 236 -16.41 -18.38 -122.29
CA LYS DA 236 -15.22 -18.18 -121.47
C LYS DA 236 -14.40 -16.98 -121.93
N LEU DA 237 -15.09 -15.91 -122.32
CA LEU DA 237 -14.44 -14.66 -122.69
C LEU DA 237 -15.25 -13.50 -122.14
N ILE DA 238 -14.61 -12.33 -122.06
CA ILE DA 238 -15.28 -11.12 -121.56
C ILE DA 238 -16.14 -10.59 -122.69
N MET DA 239 -17.44 -10.87 -122.63
CA MET DA 239 -18.33 -10.56 -123.75
C MET DA 239 -18.38 -9.08 -124.14
N PRO DA 240 -18.41 -8.12 -123.21
CA PRO DA 240 -18.50 -6.72 -123.66
C PRO DA 240 -17.32 -6.24 -124.50
N GLY DA 241 -16.18 -6.93 -124.45
CA GLY DA 241 -15.00 -6.51 -125.19
C GLY DA 241 -14.12 -5.52 -124.45
N VAL DA 242 -14.55 -5.02 -123.30
CA VAL DA 242 -13.72 -4.18 -122.43
C VAL DA 242 -13.94 -4.62 -120.99
N TYR DA 243 -12.87 -4.61 -120.20
CA TYR DA 243 -12.98 -4.91 -118.79
C TYR DA 243 -13.77 -3.82 -118.08
N THR DA 244 -14.53 -4.23 -117.05
CA THR DA 244 -15.35 -3.28 -116.31
C THR DA 244 -14.47 -2.22 -115.65
N TYR DA 245 -14.82 -0.96 -115.85
CA TYR DA 245 -13.98 0.17 -115.42
C TYR DA 245 -14.43 0.70 -114.05
N GLU DA 246 -14.42 -0.17 -113.05
CA GLU DA 246 -14.81 0.18 -111.68
C GLU DA 246 -13.72 -0.26 -110.71
N ALA DA 247 -13.56 0.50 -109.63
CA ALA DA 247 -12.53 0.24 -108.64
C ALA DA 247 -13.07 -0.68 -107.55
N PHE DA 248 -12.32 -1.72 -107.21
CA PHE DA 248 -12.70 -2.68 -106.19
C PHE DA 248 -11.73 -2.72 -105.02
N HIS DA 249 -10.43 -2.88 -105.29
CA HIS DA 249 -9.38 -3.03 -104.31
C HIS DA 249 -8.04 -2.99 -105.05
N PRO DA 250 -7.01 -2.37 -104.48
CA PRO DA 250 -5.71 -2.33 -105.18
C PRO DA 250 -5.15 -3.71 -105.44
N ASP DA 251 -4.46 -3.85 -106.58
CA ASP DA 251 -4.10 -5.15 -107.13
C ASP DA 251 -2.74 -5.07 -107.81
N ILE DA 252 -2.12 -6.24 -107.97
CA ILE DA 252 -0.81 -6.39 -108.60
C ILE DA 252 -0.96 -7.31 -109.80
N VAL DA 253 -0.47 -6.86 -110.96
CA VAL DA 253 -0.56 -7.62 -112.21
C VAL DA 253 0.85 -7.94 -112.70
N LEU DA 254 1.11 -9.21 -113.04
CA LEU DA 254 2.45 -9.68 -113.36
C LEU DA 254 2.46 -10.49 -114.66
N LEU DA 255 3.62 -10.44 -115.34
CA LEU DA 255 4.02 -11.26 -116.48
C LEU DA 255 5.05 -12.28 -116.04
N PRO DA 256 5.25 -13.36 -116.80
CA PRO DA 256 6.20 -14.40 -116.38
C PRO DA 256 7.61 -13.84 -116.21
N GLY DA 257 8.30 -14.31 -115.17
CA GLY DA 257 9.64 -13.87 -114.87
C GLY DA 257 9.75 -12.64 -114.00
N CYS DA 258 8.65 -12.01 -113.60
CA CYS DA 258 8.67 -10.78 -112.84
C CYS DA 258 8.21 -11.01 -111.41
N GLY DA 259 8.27 -9.96 -110.59
CA GLY DA 259 7.85 -10.03 -109.20
C GLY DA 259 8.13 -8.73 -108.48
N VAL DA 260 7.57 -8.62 -107.27
CA VAL DA 260 7.78 -7.48 -106.39
C VAL DA 260 8.19 -7.98 -105.02
N ASP DA 261 8.92 -7.15 -104.29
CA ASP DA 261 9.45 -7.50 -102.98
C ASP DA 261 9.27 -6.34 -102.01
N PHE DA 262 8.54 -6.58 -100.92
CA PHE DA 262 8.21 -5.54 -99.94
C PHE DA 262 8.94 -5.74 -98.61
N THR DA 263 10.09 -6.39 -98.61
CA THR DA 263 10.79 -6.68 -97.36
C THR DA 263 11.20 -5.40 -96.64
N GLU DA 264 11.62 -4.38 -97.40
CA GLU DA 264 12.12 -3.15 -96.79
C GLU DA 264 11.23 -1.97 -97.19
N SER DA 265 9.92 -2.14 -97.09
CA SER DA 265 8.98 -1.13 -97.55
C SER DA 265 7.70 -1.23 -96.74
N ARG DA 266 7.04 -0.08 -96.56
CA ARG DA 266 5.75 -0.04 -95.87
C ARG DA 266 4.60 0.23 -96.82
N LEU DA 267 4.84 0.17 -98.14
CA LEU DA 267 3.79 0.43 -99.12
C LEU DA 267 2.82 -0.73 -99.28
N SER DA 268 3.12 -1.90 -98.74
CA SER DA 268 2.15 -2.99 -98.77
C SER DA 268 0.94 -2.71 -97.87
N ASN DA 269 1.11 -1.90 -96.82
CA ASN DA 269 -0.03 -1.51 -95.99
C ASN DA 269 -0.98 -0.59 -96.75
N LEU DA 270 -0.45 0.30 -97.58
CA LEU DA 270 -1.30 1.17 -98.39
C LEU DA 270 -2.05 0.37 -99.46
N LEU DA 271 -1.48 -0.74 -99.93
CA LEU DA 271 -2.15 -1.57 -100.92
C LEU DA 271 -3.20 -2.49 -100.31
N GLY DA 272 -3.20 -2.68 -98.99
CA GLY DA 272 -4.13 -3.61 -98.38
C GLY DA 272 -3.83 -5.06 -98.61
N ILE DA 273 -2.55 -5.43 -98.70
CA ILE DA 273 -2.12 -6.81 -98.85
C ILE DA 273 -1.13 -7.10 -97.71
N ARG DA 274 -1.44 -8.08 -96.88
CA ARG DA 274 -0.64 -8.41 -95.71
C ARG DA 274 -0.44 -9.91 -95.60
N LYS DA 275 0.53 -10.30 -94.76
CA LYS DA 275 0.84 -11.71 -94.53
C LYS DA 275 0.09 -12.26 -93.33
N ARG DA 276 -0.36 -13.51 -93.44
CA ARG DA 276 -1.04 -14.16 -92.33
C ARG DA 276 -0.09 -14.53 -91.19
N HIS DA 277 1.22 -14.54 -91.45
CA HIS DA 277 2.24 -14.76 -90.43
C HIS DA 277 3.14 -13.53 -90.44
N PRO DA 278 2.71 -12.44 -89.79
CA PRO DA 278 3.40 -11.15 -89.97
C PRO DA 278 4.75 -11.06 -89.28
N PHE DA 279 5.12 -12.01 -88.43
CA PHE DA 279 6.40 -11.97 -87.75
C PHE DA 279 7.50 -12.75 -88.48
N GLN DA 280 7.19 -13.36 -89.63
CA GLN DA 280 8.19 -14.05 -90.42
C GLN DA 280 8.80 -13.08 -91.43
N GLU DA 281 10.12 -12.95 -91.42
CA GLU DA 281 10.78 -11.96 -92.26
C GLU DA 281 10.67 -12.33 -93.75
N GLY DA 282 10.55 -11.30 -94.58
CA GLY DA 282 10.50 -11.48 -96.02
C GLY DA 282 9.11 -11.47 -96.62
N PHE DA 283 8.91 -10.66 -97.66
CA PHE DA 283 7.60 -10.54 -98.33
C PHE DA 283 7.85 -10.38 -99.82
N LYS DA 284 7.79 -11.49 -100.55
CA LYS DA 284 7.99 -11.48 -102.00
C LYS DA 284 6.83 -12.17 -102.68
N ILE DA 285 6.37 -11.61 -103.80
CA ILE DA 285 5.28 -12.17 -104.59
C ILE DA 285 5.78 -12.28 -106.03
N MET DA 286 5.90 -13.51 -106.53
CA MET DA 286 6.41 -13.77 -107.87
C MET DA 286 5.30 -14.33 -108.76
N TYR DA 287 5.59 -14.42 -110.06
CA TYR DA 287 4.60 -14.89 -111.02
C TYR DA 287 4.17 -16.32 -110.74
N GLU DA 288 5.07 -17.14 -110.20
CA GLU DA 288 4.73 -18.54 -109.91
C GLU DA 288 3.81 -18.69 -108.70
N ASP DA 289 3.69 -17.66 -107.87
CA ASP DA 289 2.83 -17.74 -106.70
C ASP DA 289 1.38 -17.36 -106.99
N LEU DA 290 1.08 -16.83 -108.17
CA LEU DA 290 -0.26 -16.36 -108.53
C LEU DA 290 -1.02 -17.37 -109.38
N GLU DA 291 -0.83 -18.66 -109.14
CA GLU DA 291 -1.49 -19.68 -109.93
C GLU DA 291 -3.01 -19.57 -109.83
N GLY DA 292 -3.68 -19.76 -110.96
CA GLY DA 292 -5.12 -19.63 -111.04
C GLY DA 292 -5.64 -18.22 -111.26
N GLY DA 293 -4.76 -17.25 -111.38
CA GLY DA 293 -5.19 -15.87 -111.51
C GLY DA 293 -5.00 -15.25 -112.88
N ASN DA 294 -4.94 -16.07 -113.92
CA ASN DA 294 -4.77 -15.55 -115.27
C ASN DA 294 -5.97 -14.71 -115.68
N ILE DA 295 -5.70 -13.59 -116.34
CA ILE DA 295 -6.74 -12.66 -116.76
C ILE DA 295 -7.37 -13.17 -118.05
N PRO DA 296 -8.68 -13.39 -118.08
CA PRO DA 296 -9.31 -13.90 -119.30
C PRO DA 296 -9.18 -12.93 -120.46
N ALA DA 297 -9.00 -13.48 -121.65
CA ALA DA 297 -8.79 -12.68 -122.86
C ALA DA 297 -10.09 -12.05 -123.33
N LEU DA 298 -9.94 -10.94 -124.06
CA LEU DA 298 -11.04 -10.25 -124.74
C LEU DA 298 -12.31 -10.16 -123.93
N ILE DA 364 -16.63 -15.49 -132.66
CA ILE DA 364 -16.25 -16.05 -131.37
C ILE DA 364 -14.74 -16.33 -131.33
N GLN DA 365 -13.94 -15.26 -131.33
CA GLN DA 365 -12.50 -15.40 -131.22
C GLN DA 365 -11.94 -14.27 -130.36
N PRO DA 366 -10.89 -14.53 -129.59
CA PRO DA 366 -10.32 -13.46 -128.76
C PRO DA 366 -9.61 -12.41 -129.60
N LEU DA 367 -9.66 -11.16 -129.11
CA LEU DA 367 -8.85 -10.11 -129.72
C LEU DA 367 -7.39 -10.33 -129.38
N GLU DA 368 -6.52 -10.25 -130.39
CA GLU DA 368 -5.11 -10.55 -130.20
C GLU DA 368 -4.20 -9.33 -130.15
N LYS DA 369 -4.71 -8.15 -130.46
CA LYS DA 369 -3.87 -6.96 -130.49
C LYS DA 369 -4.73 -5.74 -130.22
N ASP DA 370 -4.06 -4.63 -129.88
CA ASP DA 370 -4.72 -3.39 -129.51
C ASP DA 370 -4.91 -2.51 -130.75
N SER DA 371 -5.40 -1.29 -130.53
CA SER DA 371 -5.68 -0.38 -131.64
C SER DA 371 -4.40 0.02 -132.37
N LYS DA 372 -3.33 0.29 -131.63
CA LYS DA 372 -2.06 0.70 -132.20
C LYS DA 372 -1.09 -0.46 -132.40
N SER DA 373 -1.62 -1.66 -132.61
CA SER DA 373 -0.82 -2.87 -132.85
C SER DA 373 0.12 -3.14 -131.67
N ARG DA 374 -0.49 -3.41 -130.52
CA ARG DA 374 0.22 -3.89 -129.35
C ARG DA 374 -0.32 -5.26 -128.97
N SER DA 375 0.58 -6.21 -128.75
CA SER DA 375 0.16 -7.57 -128.41
C SER DA 375 -0.50 -7.61 -127.04
N TYR DA 376 -1.61 -8.32 -126.94
CA TYR DA 376 -2.24 -8.61 -125.67
C TYR DA 376 -1.67 -9.86 -125.01
N ASN DA 377 -0.69 -10.51 -125.62
CA ASN DA 377 -0.05 -11.71 -125.07
C ASN DA 377 -1.03 -12.86 -124.88
N VAL DA 378 -1.93 -13.06 -125.85
CA VAL DA 378 -2.86 -14.18 -125.78
C VAL DA 378 -2.09 -15.49 -125.96
N LEU DA 379 -2.56 -16.53 -125.28
CA LEU DA 379 -1.89 -17.82 -125.23
C LEU DA 379 -2.65 -18.84 -126.08
N GLU DA 380 -2.19 -20.09 -126.03
CA GLU DA 380 -2.91 -21.17 -126.66
C GLU DA 380 -4.23 -21.42 -125.94
N ASP DA 381 -5.15 -22.09 -126.64
CA ASP DA 381 -6.53 -22.37 -126.22
C ASP DA 381 -7.38 -21.11 -126.33
N LYS DA 382 -6.76 -19.96 -126.63
CA LYS DA 382 -7.46 -18.75 -127.04
C LYS DA 382 -8.56 -18.34 -126.07
N ILE DA 383 -8.32 -18.53 -124.76
CA ILE DA 383 -9.22 -18.06 -123.73
C ILE DA 383 -8.53 -17.17 -122.71
N ASN DA 384 -7.35 -17.57 -122.24
CA ASN DA 384 -6.66 -16.84 -121.19
C ASN DA 384 -5.43 -16.13 -121.73
N THR DA 385 -4.98 -15.15 -120.95
CA THR DA 385 -3.83 -14.32 -121.27
C THR DA 385 -2.71 -14.58 -120.28
N ALA DA 386 -1.48 -14.27 -120.69
CA ALA DA 386 -0.32 -14.51 -119.84
C ALA DA 386 -0.31 -13.66 -118.57
N TYR DA 387 -1.06 -12.55 -118.53
CA TYR DA 387 -1.09 -11.72 -117.33
C TYR DA 387 -1.78 -12.44 -116.18
N ARG DA 388 -1.21 -12.30 -114.99
CA ARG DA 388 -1.81 -12.82 -113.76
C ARG DA 388 -1.98 -11.67 -112.77
N SER DA 389 -2.98 -11.80 -111.89
CA SER DA 389 -3.25 -10.77 -110.91
C SER DA 389 -3.51 -11.37 -109.53
N TRP DA 390 -3.07 -10.65 -108.49
CA TRP DA 390 -3.23 -11.13 -107.12
C TRP DA 390 -4.71 -11.25 -106.73
N TYR DA 391 -5.53 -10.29 -107.14
CA TYR DA 391 -6.93 -10.30 -106.72
C TYR DA 391 -7.69 -11.48 -107.32
N LEU DA 392 -7.45 -11.80 -108.60
CA LEU DA 392 -8.12 -12.94 -109.21
C LEU DA 392 -7.70 -14.25 -108.55
N SER DA 393 -6.41 -14.38 -108.23
CA SER DA 393 -5.94 -15.59 -107.57
C SER DA 393 -6.47 -15.71 -106.15
N TYR DA 394 -6.59 -14.59 -105.44
CA TYR DA 394 -7.11 -14.63 -104.07
C TYR DA 394 -8.58 -15.03 -104.04
N ASN DA 395 -9.38 -14.54 -104.98
CA ASN DA 395 -10.82 -14.75 -104.92
C ASN DA 395 -11.30 -15.95 -105.73
N TYR DA 396 -10.62 -16.32 -106.81
CA TYR DA 396 -11.10 -17.38 -107.69
C TYR DA 396 -10.18 -18.60 -107.77
N GLY DA 397 -8.95 -18.50 -107.27
CA GLY DA 397 -8.02 -19.60 -107.32
C GLY DA 397 -8.30 -20.67 -106.28
N ASN DA 398 -7.35 -21.57 -106.13
CA ASN DA 398 -7.49 -22.69 -105.19
C ASN DA 398 -7.36 -22.17 -103.76
N PRO DA 399 -8.36 -22.39 -102.90
CA PRO DA 399 -8.29 -21.85 -101.53
C PRO DA 399 -7.12 -22.37 -100.71
N GLU DA 400 -6.65 -23.60 -100.95
CA GLU DA 400 -5.66 -24.23 -100.09
C GLU DA 400 -4.28 -24.33 -100.73
N LYS DA 401 -4.10 -23.79 -101.93
CA LYS DA 401 -2.80 -23.81 -102.59
C LYS DA 401 -2.39 -22.48 -103.21
N GLY DA 402 -3.32 -21.58 -103.51
CA GLY DA 402 -2.99 -20.32 -104.12
C GLY DA 402 -2.50 -19.29 -103.12
N ILE DA 403 -2.49 -18.04 -103.57
CA ILE DA 403 -1.98 -16.94 -102.76
C ILE DA 403 -2.84 -16.71 -101.51
N ARG DA 404 -4.08 -17.19 -101.50
CA ARG DA 404 -4.99 -17.01 -100.38
C ARG DA 404 -4.56 -17.79 -99.14
N SER DA 405 -3.69 -18.78 -99.27
CA SER DA 405 -3.31 -19.59 -98.13
C SER DA 405 -2.32 -18.89 -97.21
N TRP DA 406 -1.59 -17.89 -97.69
CA TRP DA 406 -0.63 -17.20 -96.83
C TRP DA 406 -0.66 -15.68 -96.95
N THR DA 407 -1.62 -15.09 -97.66
CA THR DA 407 -1.82 -13.65 -97.65
C THR DA 407 -3.26 -13.33 -97.25
N LEU DA 408 -3.49 -12.06 -96.90
CA LEU DA 408 -4.76 -11.60 -96.38
C LEU DA 408 -5.13 -10.27 -97.01
N LEU DA 409 -6.42 -10.11 -97.33
CA LEU DA 409 -6.92 -8.89 -97.95
C LEU DA 409 -7.49 -7.98 -96.86
N THR DA 410 -7.03 -6.72 -96.84
CA THR DA 410 -7.42 -5.75 -95.82
C THR DA 410 -7.78 -4.42 -96.47
N THR DA 411 -8.40 -3.53 -95.69
CA THR DA 411 -8.69 -2.18 -96.17
C THR DA 411 -7.40 -1.38 -96.33
N SER DA 412 -7.38 -0.52 -97.34
CA SER DA 412 -6.21 0.31 -97.60
C SER DA 412 -5.99 1.31 -96.47
N ASP DA 413 -4.74 1.45 -96.03
CA ASP DA 413 -4.38 2.35 -94.95
C ASP DA 413 -3.42 3.42 -95.50
N VAL DA 414 -3.94 4.64 -95.70
CA VAL DA 414 -3.18 5.69 -96.36
C VAL DA 414 -2.00 6.17 -95.52
N THR DA 415 -2.09 6.11 -94.19
CA THR DA 415 -0.97 6.54 -93.37
C THR DA 415 0.21 5.57 -93.43
N CYS DA 416 0.03 4.40 -94.04
CA CYS DA 416 1.02 3.33 -94.17
C CYS DA 416 1.31 2.65 -92.83
N GLY DA 417 0.46 2.84 -91.83
CA GLY DA 417 0.59 2.13 -90.57
C GLY DA 417 1.35 2.93 -89.53
N VAL DA 418 0.65 3.49 -88.58
CA VAL DA 418 1.28 4.29 -87.54
C VAL DA 418 1.64 3.39 -86.37
N GLU DA 419 2.73 3.72 -85.69
CA GLU DA 419 3.15 3.00 -84.51
C GLU DA 419 3.21 3.97 -83.33
N GLN DA 420 3.74 3.50 -82.21
CA GLN DA 420 3.71 4.24 -80.96
C GLN DA 420 4.91 5.18 -80.82
N VAL DA 421 4.82 6.09 -79.85
CA VAL DA 421 5.91 6.98 -79.46
C VAL DA 421 6.10 6.89 -77.95
N TYR DA 422 7.33 7.18 -77.50
CA TYR DA 422 7.71 7.08 -76.10
C TYR DA 422 8.23 8.42 -75.58
N TRP DA 423 7.85 8.77 -74.35
CA TRP DA 423 8.33 9.96 -73.65
C TRP DA 423 9.40 9.60 -72.62
N SER DA 424 10.42 10.44 -72.49
CA SER DA 424 11.45 10.30 -71.46
C SER DA 424 11.70 11.63 -70.75
N LEU DA 425 11.81 11.57 -69.42
CA LEU DA 425 12.19 12.71 -68.59
C LEU DA 425 13.23 12.28 -67.56
N PRO DA 426 14.46 12.02 -68.00
CA PRO DA 426 15.42 11.34 -67.12
C PRO DA 426 15.87 12.14 -65.89
N ASP DA 427 15.76 13.47 -65.90
CA ASP DA 427 16.17 14.27 -64.75
C ASP DA 427 15.04 14.56 -63.77
N MET DA 428 13.82 14.10 -64.03
CA MET DA 428 12.70 14.42 -63.17
C MET DA 428 12.08 13.19 -62.53
N MET DA 429 11.81 12.14 -63.29
CA MET DA 429 11.15 10.94 -62.79
C MET DA 429 12.16 9.86 -62.44
N GLN DA 430 11.78 8.99 -61.51
CA GLN DA 430 12.55 7.79 -61.25
C GLN DA 430 12.38 6.77 -62.38
N ASP DA 431 13.40 5.96 -62.59
CA ASP DA 431 13.34 4.94 -63.65
C ASP DA 431 12.31 3.87 -63.30
N PRO DA 432 11.41 3.53 -64.20
CA PRO DA 432 10.49 2.40 -63.96
C PRO DA 432 11.23 1.07 -63.91
N VAL DA 433 10.52 0.07 -63.37
CA VAL DA 433 11.15 -1.19 -62.98
C VAL DA 433 11.76 -1.90 -64.19
N THR DA 434 12.98 -2.42 -64.00
CA THR DA 434 13.87 -3.15 -64.89
C THR DA 434 14.64 -2.26 -65.89
N PHE DA 435 14.37 -0.95 -65.97
CA PHE DA 435 15.17 -0.06 -66.81
C PHE DA 435 16.48 0.30 -66.13
N ARG DA 436 17.57 0.34 -66.90
CA ARG DA 436 18.87 0.76 -66.40
C ARG DA 436 19.06 2.27 -66.54
N SER DA 437 19.76 2.86 -65.58
CA SER DA 437 20.15 4.27 -65.69
C SER DA 437 21.31 4.43 -66.67
N THR DA 438 21.21 5.43 -67.54
CA THR DA 438 22.20 5.60 -68.60
C THR DA 438 22.14 7.02 -69.13
N ARG DA 439 23.15 7.36 -69.93
CA ARG DA 439 23.19 8.64 -70.64
C ARG DA 439 23.17 8.48 -72.16
N GLN DA 440 22.84 7.29 -72.66
CA GLN DA 440 22.70 7.07 -74.10
C GLN DA 440 21.27 7.37 -74.52
N VAL DA 441 21.10 8.21 -75.55
CA VAL DA 441 19.79 8.72 -75.91
C VAL DA 441 18.87 7.58 -76.39
N SER DA 442 19.38 6.66 -77.17
CA SER DA 442 18.55 5.56 -77.63
C SER DA 442 18.24 4.54 -76.53
N ASN DA 443 18.57 4.76 -75.26
CA ASN DA 443 18.24 3.80 -74.23
C ASN DA 443 17.73 4.48 -72.95
N TYR DA 444 17.17 5.69 -73.06
CA TYR DA 444 16.57 6.35 -71.90
C TYR DA 444 15.39 5.53 -71.37
N PRO DA 445 15.16 5.53 -70.06
CA PRO DA 445 13.95 4.90 -69.51
C PRO DA 445 12.68 5.61 -69.99
N VAL DA 446 11.62 4.84 -70.16
CA VAL DA 446 10.39 5.31 -70.79
C VAL DA 446 9.35 5.61 -69.71
N VAL DA 447 8.76 6.80 -69.78
CA VAL DA 447 7.81 7.28 -68.78
C VAL DA 447 6.37 7.31 -69.29
N GLY DA 448 6.14 7.18 -70.59
CA GLY DA 448 4.78 7.12 -71.11
C GLY DA 448 4.79 6.75 -72.58
N ALA DA 449 3.63 6.32 -73.07
CA ALA DA 449 3.48 5.88 -74.45
C ALA DA 449 2.11 6.26 -74.99
N GLU DA 450 2.05 6.46 -76.31
CA GLU DA 450 0.81 6.79 -77.02
C GLU DA 450 1.06 6.58 -78.51
N LEU DA 451 0.02 6.74 -79.32
CA LEU DA 451 0.16 6.64 -80.77
C LEU DA 451 0.72 7.93 -81.35
N MET DA 452 1.58 7.79 -82.34
CA MET DA 452 1.97 8.94 -83.16
C MET DA 452 0.72 9.53 -83.79
N PRO DA 453 0.45 10.83 -83.61
CA PRO DA 453 -0.91 11.37 -83.86
C PRO DA 453 -1.18 11.71 -85.32
N VAL DA 454 -1.29 10.69 -86.16
CA VAL DA 454 -1.60 10.83 -87.57
C VAL DA 454 -2.74 9.88 -87.91
N PHE DA 455 -3.77 10.40 -88.57
CA PHE DA 455 -5.00 9.66 -88.78
C PHE DA 455 -5.49 9.77 -90.22
N SER DA 456 -6.30 8.80 -90.63
CA SER DA 456 -6.93 8.77 -91.94
C SER DA 456 -8.30 9.41 -91.91
N LYS DA 457 -8.66 10.12 -92.99
CA LYS DA 457 -9.97 10.72 -93.14
C LYS DA 457 -10.55 10.37 -94.51
N SER DA 458 -11.86 10.12 -94.55
CA SER DA 458 -12.55 9.66 -95.76
C SER DA 458 -13.37 10.77 -96.40
N PHE DA 459 -13.44 10.73 -97.73
CA PHE DA 459 -14.26 11.64 -98.52
C PHE DA 459 -14.98 10.85 -99.60
N TYR DA 460 -16.07 11.41 -100.11
CA TYR DA 460 -16.87 10.77 -101.15
C TYR DA 460 -16.73 11.55 -102.45
N ASN DA 461 -16.41 10.83 -103.53
CA ASN DA 461 -16.24 11.46 -104.84
C ASN DA 461 -16.89 10.63 -105.95
N HIS DA 478 -0.86 13.81 -120.83
CA HIS DA 478 -1.09 12.99 -119.65
C HIS DA 478 0.05 12.04 -119.37
N VAL DA 479 0.93 12.44 -118.44
CA VAL DA 479 2.04 11.57 -118.06
C VAL DA 479 1.58 10.34 -117.31
N PHE DA 480 0.38 10.38 -116.72
CA PHE DA 480 -0.16 9.24 -115.98
C PHE DA 480 -1.05 8.35 -116.83
N ASN DA 481 -1.10 8.59 -118.15
CA ASN DA 481 -1.83 7.71 -119.07
C ASN DA 481 -1.07 7.73 -120.40
N ARG DA 482 -0.12 6.80 -120.55
CA ARG DA 482 0.75 6.73 -121.72
C ARG DA 482 0.29 5.68 -122.73
N PHE DA 483 -0.65 4.81 -122.36
CA PHE DA 483 -1.19 3.79 -123.26
C PHE DA 483 -2.71 3.85 -123.17
N PRO DA 484 -3.31 4.94 -123.68
CA PRO DA 484 -4.77 5.07 -123.56
C PRO DA 484 -5.55 3.95 -124.23
N GLU DA 485 -5.02 3.39 -125.32
CA GLU DA 485 -5.76 2.38 -126.06
C GLU DA 485 -5.74 1.02 -125.39
N ASN DA 486 -4.65 0.67 -124.72
CA ASN DA 486 -4.45 -0.69 -124.23
C ASN DA 486 -5.33 -0.96 -123.01
N GLN DA 487 -6.16 -2.00 -123.10
CA GLN DA 487 -7.08 -2.31 -122.02
C GLN DA 487 -6.39 -2.77 -120.76
N ILE DA 488 -5.17 -3.30 -120.86
CA ILE DA 488 -4.43 -3.74 -119.68
C ILE DA 488 -3.64 -2.60 -119.07
N LEU DA 489 -3.08 -1.72 -119.89
CA LEU DA 489 -2.21 -0.64 -119.45
C LEU DA 489 -2.94 0.70 -119.31
N ILE DA 490 -4.27 0.70 -119.38
CA ILE DA 490 -5.01 1.93 -119.16
C ILE DA 490 -4.85 2.39 -117.72
N ARG DA 491 -5.02 3.69 -117.50
CA ARG DA 491 -4.92 4.27 -116.16
C ARG DA 491 -6.05 3.73 -115.28
N PRO DA 492 -5.76 3.26 -114.07
CA PRO DA 492 -6.79 2.62 -113.27
C PRO DA 492 -7.89 3.60 -112.91
N PRO DA 493 -9.13 3.12 -112.79
CA PRO DA 493 -10.21 3.98 -112.30
C PRO DA 493 -10.01 4.34 -110.83
N ALA DA 494 -10.50 5.53 -110.47
CA ALA DA 494 -10.39 6.06 -109.11
C ALA DA 494 -11.53 5.53 -108.23
N PRO DA 495 -11.26 5.21 -106.97
CA PRO DA 495 -12.33 4.75 -106.09
C PRO DA 495 -13.32 5.85 -105.79
N THR DA 496 -14.55 5.44 -105.49
CA THR DA 496 -15.56 6.37 -105.03
C THR DA 496 -15.32 6.82 -103.58
N ILE DA 497 -14.42 6.18 -102.84
CA ILE DA 497 -14.02 6.60 -101.50
C ILE DA 497 -12.53 6.93 -101.52
N THR DA 498 -12.20 8.17 -101.18
CA THR DA 498 -10.83 8.64 -101.12
C THR DA 498 -10.41 8.91 -99.68
N THR DA 499 -9.19 8.50 -99.32
CA THR DA 499 -8.66 8.69 -97.97
C THR DA 499 -7.35 9.47 -98.02
N VAL DA 500 -7.20 10.40 -97.07
CA VAL DA 500 -5.99 11.21 -96.92
C VAL DA 500 -5.62 11.23 -95.44
N SER DA 501 -4.34 11.47 -95.17
CA SER DA 501 -3.82 11.44 -93.81
C SER DA 501 -3.69 12.85 -93.24
N GLU DA 502 -3.96 12.97 -91.93
CA GLU DA 502 -4.01 14.25 -91.24
C GLU DA 502 -3.23 14.19 -89.93
N ASN DA 503 -2.71 15.35 -89.52
CA ASN DA 503 -2.07 15.52 -88.22
C ASN DA 503 -3.03 16.23 -87.27
N VAL DA 504 -3.28 15.62 -86.12
CA VAL DA 504 -4.25 16.12 -85.14
C VAL DA 504 -3.53 16.29 -83.80
N PRO DA 505 -3.60 17.46 -83.17
CA PRO DA 505 -2.91 17.63 -81.88
C PRO DA 505 -3.44 16.68 -80.81
N ALA DA 506 -2.52 16.14 -80.01
CA ALA DA 506 -2.80 15.09 -79.05
C ALA DA 506 -2.62 15.60 -77.63
N LEU DA 507 -3.65 15.41 -76.81
CA LEU DA 507 -3.67 15.84 -75.41
C LEU DA 507 -3.84 14.60 -74.55
N THR DA 508 -2.85 14.30 -73.72
CA THR DA 508 -2.77 12.99 -73.08
C THR DA 508 -2.50 13.12 -71.59
N ASP DA 509 -3.23 12.33 -70.79
CA ASP DA 509 -2.99 12.18 -69.36
C ASP DA 509 -2.29 10.85 -69.12
N HIS DA 510 -1.08 10.89 -68.58
CA HIS DA 510 -0.27 9.70 -68.38
C HIS DA 510 -0.32 9.16 -66.96
N GLY DA 511 -1.12 9.73 -66.06
CA GLY DA 511 -1.19 9.27 -64.69
C GLY DA 511 -0.06 9.78 -63.82
N THR DA 512 0.07 9.16 -62.64
CA THR DA 512 1.03 9.58 -61.62
C THR DA 512 2.25 8.66 -61.61
N LEU DA 513 3.44 9.25 -61.57
CA LEU DA 513 4.71 8.53 -61.50
C LEU DA 513 5.57 9.03 -60.35
N PRO DA 514 6.39 8.16 -59.76
CA PRO DA 514 7.26 8.60 -58.66
C PRO DA 514 8.29 9.63 -59.09
N LEU DA 515 8.51 10.62 -58.23
CA LEU DA 515 9.28 11.82 -58.51
C LEU DA 515 10.56 11.82 -57.68
N ARG DA 516 11.64 12.35 -58.25
CA ARG DA 516 12.88 12.51 -57.50
C ARG DA 516 12.74 13.62 -56.45
N SER DA 517 13.42 13.44 -55.32
CA SER DA 517 13.30 14.39 -54.21
C SER DA 517 14.00 15.72 -54.48
N SER DA 518 15.03 15.72 -55.32
CA SER DA 518 15.75 16.95 -55.66
C SER DA 518 15.77 17.10 -57.17
N ILE DA 519 15.29 18.25 -57.64
CA ILE DA 519 15.11 18.52 -59.07
C ILE DA 519 16.03 19.66 -59.46
N ARG DA 520 16.89 19.41 -60.44
CA ARG DA 520 17.78 20.44 -60.95
C ARG DA 520 17.04 21.43 -61.85
N GLY DA 521 17.64 22.61 -62.02
CA GLY DA 521 17.01 23.69 -62.75
C GLY DA 521 16.92 23.50 -64.25
N VAL DA 522 17.78 22.67 -64.82
CA VAL DA 522 17.78 22.39 -66.25
C VAL DA 522 17.38 20.93 -66.47
N GLN DA 523 16.41 20.71 -67.37
CA GLN DA 523 15.80 19.40 -67.57
C GLN DA 523 15.85 19.01 -69.04
N ARG DA 524 15.98 17.71 -69.30
CA ARG DA 524 16.00 17.15 -70.65
C ARG DA 524 14.64 16.51 -70.99
N VAL DA 525 14.17 16.78 -72.21
CA VAL DA 525 12.91 16.24 -72.72
C VAL DA 525 13.18 15.51 -74.03
N THR DA 526 12.70 14.26 -74.15
CA THR DA 526 12.98 13.44 -75.32
C THR DA 526 11.73 12.67 -75.77
N VAL DA 527 11.56 12.58 -77.09
CA VAL DA 527 10.49 11.81 -77.72
C VAL DA 527 11.12 10.90 -78.78
N THR DA 528 10.88 9.59 -78.69
CA THR DA 528 11.44 8.62 -79.63
C THR DA 528 10.37 7.64 -80.13
N ASP DA 529 10.67 7.00 -81.27
CA ASP DA 529 9.76 6.08 -81.92
C ASP DA 529 10.02 4.64 -81.44
N ALA DA 530 9.41 3.67 -82.14
CA ALA DA 530 9.47 2.28 -81.70
C ALA DA 530 10.88 1.70 -81.81
N ARG DA 531 11.68 2.16 -82.78
CA ARG DA 531 13.06 1.75 -82.92
C ARG DA 531 14.01 2.63 -82.10
N ARG DA 532 13.47 3.52 -81.27
CA ARG DA 532 14.24 4.41 -80.39
C ARG DA 532 15.09 5.42 -81.17
N ARG DA 533 14.54 5.93 -82.27
CA ARG DA 533 15.09 7.10 -82.94
C ARG DA 533 14.24 8.32 -82.61
N THR DA 534 14.87 9.49 -82.58
CA THR DA 534 14.09 10.71 -82.45
C THR DA 534 13.32 10.98 -83.74
N CYS DA 535 12.21 11.71 -83.60
CA CYS DA 535 11.34 11.96 -84.75
C CYS DA 535 11.48 13.40 -85.22
N PRO DA 536 11.98 13.63 -86.44
CA PRO DA 536 12.15 15.01 -86.94
C PRO DA 536 10.85 15.72 -87.27
N TYR DA 537 9.69 15.09 -87.19
CA TYR DA 537 8.44 15.73 -87.55
C TYR DA 537 7.65 16.25 -86.35
N VAL DA 538 8.20 16.18 -85.15
CA VAL DA 538 7.63 16.86 -83.99
C VAL DA 538 8.04 18.33 -84.04
N TYR DA 539 7.07 19.24 -83.93
CA TYR DA 539 7.43 20.65 -83.85
C TYR DA 539 6.79 21.39 -82.67
N LYS DA 540 6.10 20.69 -81.77
CA LYS DA 540 5.57 21.29 -80.56
C LYS DA 540 5.39 20.19 -79.52
N ALA DA 541 5.99 20.37 -78.35
CA ALA DA 541 5.89 19.42 -77.25
C ALA DA 541 5.98 20.15 -75.93
N LEU DA 542 4.97 19.97 -75.07
CA LEU DA 542 4.91 20.59 -73.75
C LEU DA 542 4.57 19.56 -72.69
N GLY DA 543 5.05 19.78 -71.48
CA GLY DA 543 4.71 18.95 -70.35
C GLY DA 543 4.34 19.79 -69.14
N ILE DA 544 3.39 19.27 -68.37
CA ILE DA 544 2.93 19.89 -67.13
C ILE DA 544 2.88 18.81 -66.05
N VAL DA 545 3.54 19.06 -64.93
CA VAL DA 545 3.63 18.10 -63.84
C VAL DA 545 3.03 18.70 -62.57
N ALA DA 546 2.24 17.90 -61.85
CA ALA DA 546 1.62 18.33 -60.60
C ALA DA 546 2.04 17.42 -59.44
N PRO DA 547 3.02 17.82 -58.63
CA PRO DA 547 3.48 16.95 -57.54
C PRO DA 547 2.47 16.82 -56.41
N ARG DA 548 2.54 15.68 -55.70
CA ARG DA 548 1.77 15.45 -54.49
C ARG DA 548 2.40 14.32 -53.70
N VAL DA 549 2.02 14.23 -52.42
CA VAL DA 549 2.58 13.23 -51.50
C VAL DA 549 1.94 11.88 -51.74
N LEU DA 550 2.76 10.83 -51.83
CA LEU DA 550 2.31 9.46 -51.99
C LEU DA 550 2.33 8.66 -50.69
N SER DA 551 3.45 8.68 -49.96
CA SER DA 551 3.52 7.94 -48.70
C SER DA 551 4.58 8.58 -47.81
N SER DA 552 4.63 8.10 -46.57
CA SER DA 552 5.55 8.62 -45.57
C SER DA 552 6.90 7.94 -45.64
N ARG DA 553 7.93 8.68 -45.23
CA ARG DA 553 9.31 8.19 -45.10
C ARG DA 553 9.94 7.84 -46.44
N ARG EA 48 5.31 -1.84 -46.39
CA ARG EA 48 4.68 -2.91 -47.16
C ARG EA 48 4.27 -2.44 -48.56
N ASN EA 49 5.13 -1.64 -49.19
CA ASN EA 49 4.80 -1.08 -50.50
C ASN EA 49 5.96 -1.11 -51.48
N SER EA 50 6.94 -1.98 -51.29
CA SER EA 50 8.12 -2.01 -52.15
C SER EA 50 7.88 -2.89 -53.38
N ILE EA 51 8.65 -2.62 -54.43
CA ILE EA 51 8.58 -3.33 -55.70
C ILE EA 51 9.99 -3.74 -56.09
N ARG EA 52 10.20 -5.04 -56.33
CA ARG EA 52 11.54 -5.61 -56.46
C ARG EA 52 11.70 -6.41 -57.75
N TYR EA 53 12.89 -6.34 -58.32
CA TYR EA 53 13.23 -7.06 -59.55
C TYR EA 53 14.31 -8.09 -59.22
N SER EA 54 14.09 -9.33 -59.69
CA SER EA 54 14.87 -10.47 -59.19
C SER EA 54 16.35 -10.40 -59.55
N GLU EA 55 16.75 -9.56 -60.50
CA GLU EA 55 18.16 -9.47 -60.84
C GLU EA 55 18.93 -8.43 -60.03
N LEU EA 56 18.29 -7.76 -59.08
CA LEU EA 56 18.94 -6.72 -58.29
C LEU EA 56 18.89 -7.08 -56.81
N SER EA 57 19.96 -6.73 -56.08
CA SER EA 57 20.07 -7.01 -54.66
C SER EA 57 21.08 -6.06 -54.02
N PRO EA 58 20.87 -5.63 -52.77
CA PRO EA 58 21.79 -4.69 -52.14
C PRO EA 58 23.00 -5.39 -51.50
N LEU EA 59 24.04 -4.60 -51.25
CA LEU EA 59 25.35 -5.10 -50.83
C LEU EA 59 25.66 -4.77 -49.37
N TYR EA 60 26.34 -5.70 -48.70
CA TYR EA 60 26.69 -5.55 -47.29
C TYR EA 60 28.08 -6.12 -46.99
N ASP EA 61 28.71 -5.52 -45.97
CA ASP EA 61 29.85 -5.99 -45.17
C ASP EA 61 31.23 -5.98 -45.82
N THR EA 62 31.34 -6.05 -47.14
CA THR EA 62 32.63 -6.07 -47.83
C THR EA 62 32.41 -6.19 -49.32
N THR EA 63 33.42 -5.80 -50.10
CA THR EA 63 33.38 -5.82 -51.56
C THR EA 63 34.82 -5.64 -52.07
N ARG EA 64 34.97 -5.39 -53.37
CA ARG EA 64 36.27 -5.11 -53.97
C ARG EA 64 36.21 -3.83 -54.80
N LEU EA 65 37.31 -3.07 -54.80
CA LEU EA 65 37.53 -1.94 -55.70
C LEU EA 65 38.81 -2.18 -56.48
N TYR EA 66 38.77 -1.95 -57.79
CA TYR EA 66 39.90 -2.24 -58.67
C TYR EA 66 40.47 -0.95 -59.27
N LEU EA 67 41.78 -0.80 -59.19
CA LEU EA 67 42.50 0.37 -59.71
C LEU EA 67 43.43 -0.12 -60.81
N VAL EA 68 43.02 0.05 -62.06
CA VAL EA 68 43.65 -0.59 -63.20
C VAL EA 68 44.11 0.48 -64.18
N ASP EA 69 45.31 0.30 -64.72
CA ASP EA 69 45.99 1.34 -65.48
C ASP EA 69 45.80 1.25 -66.99
N ASN EA 70 45.04 0.28 -67.51
CA ASN EA 70 44.93 0.11 -68.95
C ASN EA 70 43.49 -0.16 -69.40
N LYS EA 71 42.54 0.57 -68.84
CA LYS EA 71 41.17 0.51 -69.35
C LYS EA 71 41.09 1.25 -70.69
N SER EA 72 40.32 0.69 -71.62
CA SER EA 72 40.34 1.20 -72.99
C SER EA 72 39.83 2.63 -73.09
N ALA EA 73 38.72 2.94 -72.41
CA ALA EA 73 38.14 4.27 -72.49
C ALA EA 73 38.94 5.31 -71.70
N ASP EA 74 39.56 4.91 -70.58
CA ASP EA 74 40.34 5.84 -69.79
C ASP EA 74 41.62 6.26 -70.53
N ILE EA 75 42.15 5.39 -71.38
CA ILE EA 75 43.35 5.74 -72.15
C ILE EA 75 43.09 6.93 -73.06
N ALA EA 76 41.94 6.93 -73.74
CA ALA EA 76 41.69 7.94 -74.74
C ALA EA 76 41.36 9.30 -74.14
N SER EA 77 40.57 9.33 -73.07
CA SER EA 77 39.98 10.58 -72.59
C SER EA 77 40.57 11.11 -71.29
N LEU EA 78 41.44 10.38 -70.62
CA LEU EA 78 41.94 10.86 -69.33
C LEU EA 78 43.45 11.06 -69.30
N ASN EA 79 44.22 10.18 -69.91
CA ASN EA 79 45.64 10.05 -69.60
C ASN EA 79 46.54 10.38 -70.79
N TYR EA 80 46.18 11.42 -71.54
CA TYR EA 80 46.92 11.73 -72.76
C TYR EA 80 48.35 12.18 -72.47
N GLN EA 81 48.56 12.91 -71.38
CA GLN EA 81 49.87 13.43 -71.03
C GLN EA 81 50.52 12.72 -69.84
N ASN EA 82 50.02 11.55 -69.44
CA ASN EA 82 50.47 10.86 -68.24
C ASN EA 82 51.34 9.64 -68.59
N ASP EA 83 51.86 8.99 -67.56
CA ASP EA 83 52.54 7.71 -67.70
C ASP EA 83 52.15 6.79 -66.55
N HIS EA 84 52.69 5.58 -66.54
CA HIS EA 84 52.24 4.57 -65.59
C HIS EA 84 52.66 4.86 -64.15
N SER EA 85 53.54 5.83 -63.92
CA SER EA 85 53.89 6.24 -62.58
C SER EA 85 52.93 7.26 -61.99
N ASN EA 86 52.09 7.92 -62.81
CA ASN EA 86 51.18 8.96 -62.32
C ASN EA 86 50.03 9.09 -63.31
N PHE EA 87 48.87 8.49 -62.99
CA PHE EA 87 47.78 8.40 -63.95
C PHE EA 87 46.43 8.49 -63.23
N LEU EA 88 45.37 8.58 -64.02
CA LEU EA 88 43.99 8.61 -63.54
C LEU EA 88 43.25 7.36 -64.01
N THR EA 89 42.31 6.89 -63.19
CA THR EA 89 41.52 5.72 -63.54
C THR EA 89 40.14 5.83 -62.92
N THR EA 90 39.20 5.06 -63.45
CA THR EA 90 37.83 5.05 -62.96
C THR EA 90 37.57 3.78 -62.16
N VAL EA 91 36.99 3.95 -60.97
CA VAL EA 91 36.61 2.79 -60.16
C VAL EA 91 35.18 2.32 -60.45
N VAL EA 92 34.43 3.05 -61.28
CA VAL EA 92 33.10 2.62 -61.71
C VAL EA 92 33.27 1.65 -62.87
N GLN EA 93 32.76 0.44 -62.73
CA GLN EA 93 32.92 -0.63 -63.72
C GLN EA 93 31.66 -0.87 -64.54
N ASN EA 94 30.92 0.19 -64.89
CA ASN EA 94 29.62 0.10 -65.55
C ASN EA 94 29.73 0.84 -66.89
N ASN EA 95 29.67 0.11 -67.99
CA ASN EA 95 29.91 0.69 -69.31
C ASN EA 95 28.70 1.42 -69.90
N ASP EA 96 27.64 1.63 -69.12
CA ASP EA 96 26.57 2.53 -69.54
C ASP EA 96 26.99 3.99 -69.52
N PHE EA 97 28.16 4.30 -68.96
CA PHE EA 97 28.62 5.68 -68.81
C PHE EA 97 30.05 5.80 -69.32
N THR EA 98 30.39 6.98 -69.83
CA THR EA 98 31.75 7.34 -70.16
C THR EA 98 32.52 7.73 -68.91
N PRO EA 99 33.86 7.70 -68.96
CA PRO EA 99 34.63 8.12 -67.77
C PRO EA 99 34.35 9.54 -67.33
N THR EA 100 34.09 10.45 -68.26
CA THR EA 100 33.74 11.82 -67.89
C THR EA 100 32.44 11.86 -67.07
N GLU EA 101 31.42 11.11 -67.52
CA GLU EA 101 30.19 11.02 -66.76
C GLU EA 101 30.41 10.34 -65.41
N ALA EA 102 31.28 9.32 -65.39
CA ALA EA 102 31.52 8.58 -64.15
C ALA EA 102 32.20 9.45 -63.09
N SER EA 103 32.91 10.51 -63.51
CA SER EA 103 33.68 11.30 -62.56
C SER EA 103 32.79 11.98 -61.52
N THR EA 104 31.53 12.24 -61.86
CA THR EA 104 30.63 12.89 -60.92
C THR EA 104 29.86 11.91 -60.03
N GLN EA 105 29.95 10.61 -60.28
CA GLN EA 105 29.25 9.63 -59.46
C GLN EA 105 30.06 9.30 -58.21
N THR EA 106 29.40 8.68 -57.22
CA THR EA 106 30.05 8.34 -55.96
C THR EA 106 29.67 6.94 -55.51
N ILE EA 107 30.51 6.38 -54.65
CA ILE EA 107 30.25 5.15 -53.91
C ILE EA 107 30.25 5.51 -52.43
N ASN EA 108 29.21 5.11 -51.70
CA ASN EA 108 29.01 5.59 -50.34
C ASN EA 108 28.99 4.42 -49.35
N PHE EA 109 29.86 4.47 -48.35
CA PHE EA 109 29.93 3.51 -47.26
C PHE EA 109 29.20 4.09 -46.06
N ASP EA 110 28.40 3.27 -45.37
CA ASP EA 110 27.45 3.77 -44.39
C ASP EA 110 28.11 4.67 -43.36
N GLU EA 111 27.56 5.88 -43.20
CA GLU EA 111 28.17 6.92 -42.39
C GLU EA 111 28.08 6.65 -40.89
N ARG EA 112 27.31 5.66 -40.46
CA ARG EA 112 27.26 5.29 -39.06
C ARG EA 112 28.39 4.36 -38.63
N SER EA 113 29.33 4.05 -39.53
CA SER EA 113 30.52 3.27 -39.21
C SER EA 113 31.75 3.98 -39.75
N ARG EA 114 32.90 3.67 -39.17
CA ARG EA 114 34.19 4.04 -39.74
C ARG EA 114 34.77 2.84 -40.47
N TRP EA 115 35.26 3.06 -41.69
CA TRP EA 115 35.66 1.99 -42.58
C TRP EA 115 37.17 2.00 -42.81
N GLY EA 116 37.72 0.81 -43.04
CA GLY EA 116 39.10 0.68 -43.44
C GLY EA 116 39.21 -0.18 -44.69
N GLY EA 117 40.37 -0.08 -45.33
CA GLY EA 117 40.62 -0.82 -46.55
C GLY EA 117 41.95 -1.53 -46.60
N GLN EA 118 41.92 -2.85 -46.84
CA GLN EA 118 43.14 -3.62 -46.99
C GLN EA 118 43.65 -3.50 -48.43
N LEU EA 119 44.92 -3.14 -48.58
CA LEU EA 119 45.49 -2.78 -49.88
C LEU EA 119 46.54 -3.79 -50.32
N LYS EA 120 46.41 -4.28 -51.55
CA LYS EA 120 47.41 -5.13 -52.21
C LYS EA 120 47.81 -4.50 -53.53
N THR EA 121 49.09 -4.55 -53.87
CA THR EA 121 49.59 -3.94 -55.10
C THR EA 121 50.42 -4.92 -55.90
N ILE EA 122 50.48 -4.66 -57.20
CA ILE EA 122 51.32 -5.40 -58.15
C ILE EA 122 52.09 -4.39 -58.98
N MET EA 123 53.41 -4.55 -59.07
CA MET EA 123 54.26 -3.60 -59.78
C MET EA 123 55.33 -4.32 -60.59
N HIS EA 124 55.64 -3.81 -61.77
CA HIS EA 124 56.72 -4.35 -62.61
C HIS EA 124 57.49 -3.21 -63.27
N THR EA 125 58.81 -3.35 -63.33
CA THR EA 125 59.71 -2.30 -63.82
C THR EA 125 60.61 -2.84 -64.92
N ASN EA 126 61.25 -1.92 -65.66
CA ASN EA 126 62.22 -2.28 -66.70
C ASN EA 126 63.43 -1.35 -66.68
N MET EA 127 63.99 -1.10 -65.49
CA MET EA 127 65.11 -0.16 -65.32
C MET EA 127 66.45 -0.80 -65.70
N PRO EA 128 67.26 -0.16 -66.54
CA PRO EA 128 68.64 -0.60 -66.73
C PRO EA 128 69.58 0.00 -65.69
N ASN EA 129 70.69 -0.70 -65.44
CA ASN EA 129 71.53 -0.34 -64.31
C ASN EA 129 72.40 0.90 -64.55
N VAL EA 130 72.72 1.24 -65.80
CA VAL EA 130 73.49 2.44 -66.11
C VAL EA 130 72.59 3.39 -66.87
N ASN EA 131 72.19 4.49 -66.23
CA ASN EA 131 71.27 5.44 -66.84
C ASN EA 131 71.44 6.81 -66.22
N GLU EA 132 70.93 7.83 -66.91
CA GLU EA 132 71.11 9.21 -66.49
C GLU EA 132 70.21 9.60 -65.33
N TYR EA 133 68.98 9.07 -65.28
CA TYR EA 133 68.01 9.51 -64.30
C TYR EA 133 68.44 9.19 -62.87
N MET EA 134 69.18 8.10 -62.69
CA MET EA 134 69.59 7.64 -61.37
C MET EA 134 71.03 7.99 -61.02
N PHE EA 135 71.68 8.84 -61.82
CA PHE EA 135 73.04 9.34 -61.57
C PHE EA 135 74.08 8.23 -61.55
N SER EA 136 73.86 7.15 -62.31
CA SER EA 136 74.85 6.10 -62.49
C SER EA 136 75.54 6.20 -63.84
N ASN EA 137 75.56 7.41 -64.42
CA ASN EA 137 76.00 7.64 -65.77
C ASN EA 137 77.32 8.40 -65.87
N LYS EA 138 77.81 8.97 -64.77
CA LYS EA 138 78.88 9.96 -64.84
C LYS EA 138 79.72 9.94 -63.59
N PHE EA 139 80.95 10.46 -63.72
CA PHE EA 139 81.86 10.66 -62.61
C PHE EA 139 82.87 11.75 -63.02
N LYS EA 140 83.64 12.23 -62.05
CA LYS EA 140 84.63 13.29 -62.28
C LYS EA 140 86.02 12.79 -61.92
N ALA EA 141 87.02 13.29 -62.66
CA ALA EA 141 88.41 12.91 -62.43
C ALA EA 141 89.34 14.03 -62.87
N ARG EA 142 90.57 14.00 -62.37
CA ARG EA 142 91.60 14.98 -62.69
C ARG EA 142 92.75 14.29 -63.41
N VAL EA 143 93.04 14.73 -64.63
CA VAL EA 143 94.05 14.12 -65.47
C VAL EA 143 95.00 15.21 -65.97
N MET EA 144 96.05 14.79 -66.68
CA MET EA 144 97.08 15.69 -67.17
C MET EA 144 96.73 16.17 -68.57
N VAL EA 145 96.78 17.49 -68.77
CA VAL EA 145 96.41 18.09 -70.04
C VAL EA 145 97.63 18.51 -70.86
N SER EA 146 98.73 18.89 -70.22
CA SER EA 146 99.91 19.34 -70.95
C SER EA 146 101.18 18.96 -70.20
N ARG EA 147 102.13 18.39 -70.94
CA ARG EA 147 103.51 18.34 -70.48
C ARG EA 147 104.22 19.60 -70.97
N LYS EA 148 105.54 19.65 -70.87
CA LYS EA 148 106.28 20.83 -71.33
C LYS EA 148 106.23 20.94 -72.85
N ASP EA 171 110.57 20.06 -66.93
CA ASP EA 171 109.22 19.90 -67.47
C ASP EA 171 108.16 20.43 -66.51
N ILE EA 172 107.20 21.17 -67.04
CA ILE EA 172 106.07 21.69 -66.26
C ILE EA 172 104.81 20.95 -66.69
N LEU EA 173 104.06 20.46 -65.70
CA LEU EA 173 102.90 19.60 -65.93
C LEU EA 173 101.64 20.32 -65.48
N LYS EA 174 100.59 20.26 -66.30
CA LYS EA 174 99.32 20.90 -66.02
C LYS EA 174 98.22 19.86 -65.93
N TYR EA 175 97.31 20.04 -64.96
CA TYR EA 175 96.22 19.13 -64.72
C TYR EA 175 94.90 19.90 -64.66
N GLU EA 176 93.80 19.19 -64.92
CA GLU EA 176 92.48 19.81 -64.93
C GLU EA 176 91.41 18.77 -64.61
N TRP EA 177 90.29 19.25 -64.08
CA TRP EA 177 89.13 18.41 -63.79
C TRP EA 177 88.19 18.34 -64.98
N PHE EA 178 87.57 17.17 -65.18
CA PHE EA 178 86.58 16.96 -66.22
C PHE EA 178 85.47 16.08 -65.68
N GLU EA 179 84.34 16.07 -66.37
CA GLU EA 179 83.25 15.14 -66.11
C GLU EA 179 83.10 14.19 -67.29
N PHE EA 180 83.03 12.89 -66.98
CA PHE EA 180 83.02 11.84 -67.99
C PHE EA 180 81.64 11.18 -68.04
N ILE EA 181 81.20 10.83 -69.25
CA ILE EA 181 79.85 10.30 -69.49
C ILE EA 181 79.97 8.94 -70.18
N LEU EA 182 79.20 7.96 -69.68
CA LEU EA 182 79.06 6.61 -70.22
C LEU EA 182 77.76 6.51 -71.02
N PRO EA 183 77.69 5.61 -72.01
CA PRO EA 183 76.41 5.37 -72.69
C PRO EA 183 75.53 4.42 -71.89
N GLU EA 184 74.21 4.56 -72.09
CA GLU EA 184 73.23 3.88 -71.26
C GLU EA 184 72.98 2.44 -71.71
N GLY EA 185 72.62 1.60 -70.75
CA GLY EA 185 72.38 0.19 -71.01
C GLY EA 185 72.43 -0.60 -69.72
N ASN EA 186 72.25 -1.91 -69.87
CA ASN EA 186 72.23 -2.85 -68.75
C ASN EA 186 73.47 -3.75 -68.85
N PHE EA 187 74.47 -3.47 -68.03
CA PHE EA 187 75.79 -4.10 -68.17
C PHE EA 187 76.20 -4.82 -66.91
N SER EA 188 77.08 -5.82 -67.07
CA SER EA 188 77.70 -6.44 -65.92
C SER EA 188 78.76 -5.53 -65.32
N ALA EA 189 79.27 -5.92 -64.15
CA ALA EA 189 80.24 -5.09 -63.44
C ALA EA 189 81.56 -4.97 -64.20
N THR EA 190 82.04 -6.08 -64.78
CA THR EA 190 83.27 -6.02 -65.55
C THR EA 190 83.13 -5.15 -66.79
N MET EA 191 82.00 -5.30 -67.50
CA MET EA 191 81.77 -4.48 -68.69
C MET EA 191 81.65 -2.99 -68.33
N THR EA 192 81.10 -2.68 -67.16
CA THR EA 192 81.01 -1.29 -66.73
C THR EA 192 82.40 -0.68 -66.50
N ILE EA 193 83.32 -1.46 -65.91
CA ILE EA 193 84.66 -0.97 -65.65
C ILE EA 193 85.42 -0.73 -66.96
N ASP EA 194 85.17 -1.55 -67.98
CA ASP EA 194 85.77 -1.30 -69.28
C ASP EA 194 85.32 0.03 -69.86
N LEU EA 195 84.03 0.37 -69.69
CA LEU EA 195 83.52 1.63 -70.22
C LEU EA 195 84.11 2.83 -69.52
N MET EA 196 84.38 2.72 -68.21
CA MET EA 196 85.00 3.83 -67.49
C MET EA 196 86.43 4.07 -67.94
N ASN EA 197 87.20 3.00 -68.18
CA ASN EA 197 88.54 3.16 -68.72
C ASN EA 197 88.50 3.77 -70.13
N ASN EA 198 87.53 3.33 -70.95
CA ASN EA 198 87.41 3.87 -72.30
C ASN EA 198 87.10 5.36 -72.30
N ALA EA 199 86.33 5.83 -71.32
CA ALA EA 199 86.04 7.26 -71.22
C ALA EA 199 87.29 8.07 -70.91
N ILE EA 200 88.16 7.56 -70.04
CA ILE EA 200 89.40 8.25 -69.72
C ILE EA 200 90.27 8.38 -70.97
N ILE EA 201 90.39 7.30 -71.74
CA ILE EA 201 91.28 7.28 -72.88
C ILE EA 201 90.79 8.21 -73.99
N ASP EA 202 89.47 8.31 -74.19
CA ASP EA 202 88.94 9.21 -75.20
C ASP EA 202 89.24 10.67 -74.88
N ASN EA 203 89.45 11.00 -73.60
CA ASN EA 203 89.91 12.33 -73.22
C ASN EA 203 91.38 12.53 -73.58
N TYR EA 204 92.18 11.46 -73.49
CA TYR EA 204 93.60 11.55 -73.82
C TYR EA 204 93.81 11.62 -75.33
N LEU EA 205 92.83 11.21 -76.13
CA LEU EA 205 92.97 11.29 -77.59
C LEU EA 205 92.47 12.62 -78.15
N GLU EA 206 91.58 13.30 -77.44
CA GLU EA 206 91.03 14.58 -77.90
C GLU EA 206 91.82 15.77 -77.38
N ILE EA 207 92.27 15.71 -76.13
CA ILE EA 207 93.18 16.67 -75.52
C ILE EA 207 94.39 15.82 -75.16
N GLY EA 208 95.40 16.40 -74.54
CA GLY EA 208 96.45 15.52 -74.06
C GLY EA 208 97.44 15.18 -75.16
N ARG EA 209 97.22 14.02 -75.80
CA ARG EA 209 98.12 13.48 -76.82
C ARG EA 209 98.66 14.55 -77.77
N GLN EA 210 97.80 15.46 -78.22
CA GLN EA 210 98.24 16.53 -79.12
C GLN EA 210 98.95 17.66 -78.40
N ASN EA 211 99.11 17.58 -77.07
CA ASN EA 211 99.81 18.59 -76.29
C ASN EA 211 101.01 18.02 -75.54
N GLY EA 212 101.54 16.89 -76.00
CA GLY EA 212 102.82 16.41 -75.52
C GLY EA 212 102.81 15.39 -74.40
N VAL EA 213 101.65 14.87 -74.01
CA VAL EA 213 101.62 13.82 -72.99
C VAL EA 213 101.80 12.47 -73.67
N LEU EA 214 102.54 11.59 -73.01
CA LEU EA 214 102.83 10.28 -73.56
C LEU EA 214 101.84 9.24 -73.04
N GLU EA 215 101.80 8.09 -73.69
CA GLU EA 215 100.98 7.00 -73.19
C GLU EA 215 101.74 6.24 -72.11
N SER EA 216 102.32 6.99 -71.18
CA SER EA 216 102.90 6.44 -69.96
C SER EA 216 102.65 7.37 -68.77
N ASP EA 217 101.87 8.43 -68.96
CA ASP EA 217 101.51 9.35 -67.89
C ASP EA 217 100.00 9.57 -67.80
N ILE EA 218 99.21 8.57 -68.21
CA ILE EA 218 97.75 8.72 -68.22
C ILE EA 218 97.24 9.12 -66.85
N GLY EA 219 97.45 8.28 -65.85
CA GLY EA 219 97.29 8.69 -64.47
C GLY EA 219 96.02 8.26 -63.75
N VAL EA 220 95.03 7.69 -64.46
CA VAL EA 220 93.83 7.16 -63.81
C VAL EA 220 93.45 5.85 -64.50
N LYS EA 221 93.39 4.76 -63.73
CA LYS EA 221 92.97 3.47 -64.28
C LYS EA 221 92.20 2.69 -63.22
N PHE EA 222 91.19 1.95 -63.66
CA PHE EA 222 90.41 1.07 -62.79
C PHE EA 222 90.80 -0.38 -63.06
N ASP EA 223 91.22 -1.08 -62.00
CA ASP EA 223 91.78 -2.42 -62.13
C ASP EA 223 91.09 -3.38 -61.16
N THR EA 224 91.53 -4.64 -61.18
CA THR EA 224 91.03 -5.67 -60.27
C THR EA 224 92.11 -6.50 -59.61
N ARG EA 225 93.39 -6.26 -59.89
CA ARG EA 225 94.45 -7.17 -59.50
C ARG EA 225 95.01 -6.84 -58.12
N ASN EA 226 95.66 -7.82 -57.51
CA ASN EA 226 96.39 -7.65 -56.27
C ASN EA 226 97.87 -7.52 -56.64
N PHE EA 227 98.33 -6.29 -56.82
CA PHE EA 227 99.75 -6.08 -57.05
C PHE EA 227 100.52 -6.46 -55.80
N ARG EA 228 101.80 -6.78 -55.97
CA ARG EA 228 102.73 -7.26 -54.93
C ARG EA 228 102.38 -8.64 -54.41
N LEU EA 229 101.64 -9.45 -55.16
CA LEU EA 229 101.37 -10.83 -54.74
C LEU EA 229 102.66 -11.65 -54.68
N GLY EA 230 103.43 -11.66 -55.76
CA GLY EA 230 104.64 -12.46 -55.80
C GLY EA 230 105.87 -11.76 -55.27
N TRP EA 231 105.68 -10.85 -54.33
CA TRP EA 231 106.75 -10.03 -53.78
C TRP EA 231 107.70 -10.88 -52.94
N ASP EA 232 108.98 -10.50 -52.97
CA ASP EA 232 110.02 -11.21 -52.24
C ASP EA 232 110.60 -10.33 -51.15
N PRO EA 233 110.70 -10.82 -49.91
CA PRO EA 233 111.11 -9.95 -48.81
C PRO EA 233 112.57 -9.54 -48.85
N GLU EA 234 113.42 -10.23 -49.61
CA GLU EA 234 114.83 -9.88 -49.69
C GLU EA 234 115.12 -8.92 -50.84
N THR EA 235 114.77 -9.33 -52.08
CA THR EA 235 115.01 -8.48 -53.23
C THR EA 235 114.00 -7.35 -53.35
N LYS EA 236 112.84 -7.47 -52.70
CA LYS EA 236 111.80 -6.45 -52.72
C LYS EA 236 111.34 -6.11 -54.13
N LEU EA 237 111.23 -7.14 -54.97
CA LEU EA 237 110.71 -6.98 -56.33
C LEU EA 237 109.82 -8.17 -56.65
N ILE EA 238 108.98 -8.00 -57.67
CA ILE EA 238 108.07 -9.05 -58.11
C ILE EA 238 108.89 -10.05 -58.92
N MET EA 239 109.27 -11.16 -58.30
CA MET EA 239 110.21 -12.08 -58.93
C MET EA 239 109.74 -12.66 -60.26
N PRO EA 240 108.48 -13.05 -60.44
CA PRO EA 240 108.09 -13.64 -61.74
C PRO EA 240 108.26 -12.70 -62.93
N GLY EA 241 108.35 -11.39 -62.71
CA GLY EA 241 108.46 -10.45 -63.80
C GLY EA 241 107.14 -9.99 -64.39
N VAL EA 242 106.02 -10.58 -63.97
CA VAL EA 242 104.68 -10.13 -64.34
C VAL EA 242 103.80 -10.19 -63.10
N TYR EA 243 102.93 -9.19 -62.96
CA TYR EA 243 101.96 -9.20 -61.87
C TYR EA 243 100.97 -10.35 -62.05
N THR EA 244 100.52 -10.91 -60.93
CA THR EA 244 99.58 -12.03 -60.97
C THR EA 244 98.28 -11.60 -61.65
N TYR EA 245 97.84 -12.38 -62.62
CA TYR EA 245 96.69 -12.02 -63.46
C TYR EA 245 95.40 -12.64 -62.96
N GLU EA 246 95.04 -12.32 -61.70
CA GLU EA 246 93.84 -12.83 -61.05
C GLU EA 246 93.04 -11.67 -60.46
N ALA EA 247 91.72 -11.80 -60.48
CA ALA EA 247 90.83 -10.76 -59.98
C ALA EA 247 90.55 -10.95 -58.51
N PHE EA 248 90.69 -9.87 -57.73
CA PHE EA 248 90.45 -9.88 -56.29
C PHE EA 248 89.32 -8.97 -55.86
N HIS EA 249 89.34 -7.70 -56.27
CA HIS EA 249 88.38 -6.67 -55.89
C HIS EA 249 88.68 -5.44 -56.75
N PRO EA 250 87.65 -4.71 -57.19
CA PRO EA 250 87.91 -3.51 -58.00
C PRO EA 250 88.75 -2.48 -57.26
N ASP EA 251 89.59 -1.78 -58.02
CA ASP EA 251 90.68 -0.97 -57.46
C ASP EA 251 90.87 0.28 -58.31
N ILE EA 252 91.49 1.29 -57.70
CA ILE EA 252 91.80 2.57 -58.33
C ILE EA 252 93.31 2.78 -58.29
N VAL EA 253 93.90 3.07 -59.44
CA VAL EA 253 95.35 3.29 -59.57
C VAL EA 253 95.60 4.72 -60.04
N LEU EA 254 96.51 5.42 -59.34
CA LEU EA 254 96.73 6.85 -59.54
C LEU EA 254 98.22 7.17 -59.70
N LEU EA 255 98.50 8.23 -60.46
CA LEU EA 255 99.77 8.91 -60.62
C LEU EA 255 99.74 10.24 -59.88
N PRO EA 256 100.91 10.83 -59.58
CA PRO EA 256 100.91 12.09 -58.81
C PRO EA 256 100.16 13.19 -59.55
N GLY EA 257 99.42 13.99 -58.78
CA GLY EA 257 98.65 15.08 -59.33
C GLY EA 257 97.24 14.73 -59.79
N CYS EA 258 96.83 13.48 -59.71
CA CYS EA 258 95.54 13.03 -60.22
C CYS EA 258 94.60 12.67 -59.06
N GLY EA 259 93.36 12.34 -59.41
CA GLY EA 259 92.36 11.96 -58.43
C GLY EA 259 91.01 11.74 -59.07
N VAL EA 260 90.10 11.17 -58.28
CA VAL EA 260 88.72 10.94 -58.70
C VAL EA 260 87.78 11.49 -57.63
N ASP EA 261 86.57 11.86 -58.06
CA ASP EA 261 85.59 12.48 -57.17
C ASP EA 261 84.22 11.87 -57.43
N PHE EA 262 83.62 11.27 -56.40
CA PHE EA 262 82.33 10.58 -56.54
C PHE EA 262 81.20 11.30 -55.83
N THR EA 263 81.30 12.62 -55.67
CA THR EA 263 80.29 13.35 -54.92
C THR EA 263 78.92 13.27 -55.58
N GLU EA 264 78.89 13.31 -56.91
CA GLU EA 264 77.63 13.30 -57.64
C GLU EA 264 77.50 12.06 -58.51
N SER EA 265 77.80 10.90 -57.95
CA SER EA 265 77.84 9.66 -58.71
C SER EA 265 77.51 8.49 -57.79
N ARG EA 266 76.89 7.47 -58.36
CA ARG EA 266 76.59 6.24 -57.63
C ARG EA 266 77.48 5.08 -58.05
N LEU EA 267 78.52 5.34 -58.83
CA LEU EA 267 79.40 4.29 -59.31
C LEU EA 267 80.39 3.80 -58.24
N SER EA 268 80.51 4.50 -57.12
CA SER EA 268 81.33 3.98 -56.03
C SER EA 268 80.71 2.75 -55.37
N ASN EA 269 79.38 2.61 -55.42
CA ASN EA 269 78.76 1.39 -54.90
C ASN EA 269 79.09 0.18 -55.77
N LEU EA 270 79.16 0.36 -57.08
CA LEU EA 270 79.54 -0.73 -57.96
C LEU EA 270 80.99 -1.14 -57.78
N LEU EA 271 81.85 -0.20 -57.37
CA LEU EA 271 83.26 -0.52 -57.12
C LEU EA 271 83.50 -1.16 -55.76
N GLY EA 272 82.53 -1.11 -54.84
CA GLY EA 272 82.74 -1.64 -53.53
C GLY EA 272 83.64 -0.83 -52.63
N ILE EA 273 83.63 0.49 -52.78
CA ILE EA 273 84.40 1.40 -51.94
C ILE EA 273 83.42 2.42 -51.34
N ARG EA 274 83.34 2.47 -50.02
CA ARG EA 274 82.40 3.33 -49.33
C ARG EA 274 83.06 4.06 -48.17
N LYS EA 275 82.39 5.09 -47.67
CA LYS EA 275 82.89 5.90 -46.57
C LYS EA 275 82.37 5.37 -45.22
N ARG EA 276 83.24 5.42 -44.21
CA ARG EA 276 82.84 5.02 -42.86
C ARG EA 276 81.91 6.02 -42.21
N HIS EA 277 81.83 7.24 -42.72
CA HIS EA 277 80.90 8.26 -42.26
C HIS EA 277 80.04 8.65 -43.47
N PRO EA 278 79.02 7.85 -43.79
CA PRO EA 278 78.32 8.03 -45.06
C PRO EA 278 77.42 9.25 -45.12
N PHE EA 279 77.16 9.92 -44.01
CA PHE EA 279 76.31 11.10 -44.02
C PHE EA 279 77.08 12.41 -44.16
N GLN EA 280 78.40 12.36 -44.29
CA GLN EA 280 79.21 13.55 -44.52
C GLN EA 280 79.37 13.77 -46.02
N GLU EA 281 79.00 14.95 -46.50
CA GLU EA 281 79.00 15.23 -47.93
C GLU EA 281 80.42 15.26 -48.48
N GLY EA 282 80.58 14.79 -49.71
CA GLY EA 282 81.85 14.82 -50.40
C GLY EA 282 82.64 13.53 -50.35
N PHE EA 283 83.09 13.06 -51.51
CA PHE EA 283 83.85 11.80 -51.62
C PHE EA 283 84.92 12.00 -52.69
N LYS EA 284 86.14 12.35 -52.26
CA LYS EA 284 87.26 12.55 -53.16
C LYS EA 284 88.44 11.72 -52.69
N ILE EA 285 89.15 11.10 -53.65
CA ILE EA 285 90.34 10.31 -53.36
C ILE EA 285 91.46 10.82 -54.27
N MET EA 286 92.50 11.38 -53.66
CA MET EA 286 93.62 11.97 -54.39
C MET EA 286 94.89 11.15 -54.16
N TYR EA 287 95.92 11.46 -54.94
CA TYR EA 287 97.18 10.72 -54.86
C TYR EA 287 97.82 10.84 -53.48
N GLU EA 288 97.63 11.97 -52.80
CA GLU EA 288 98.21 12.16 -51.48
C GLU EA 288 97.52 11.34 -50.39
N ASP EA 289 96.32 10.85 -50.65
CA ASP EA 289 95.59 10.05 -49.65
C ASP EA 289 95.95 8.57 -49.69
N LEU EA 290 96.68 8.12 -50.71
CA LEU EA 290 97.02 6.71 -50.88
C LEU EA 290 98.42 6.37 -50.39
N GLU EA 291 98.88 7.01 -49.32
CA GLU EA 291 100.22 6.77 -48.82
C GLU EA 291 100.41 5.32 -48.41
N GLY EA 292 101.58 4.77 -48.73
CA GLY EA 292 101.88 3.39 -48.45
C GLY EA 292 101.42 2.40 -49.50
N GLY EA 293 100.80 2.86 -50.57
CA GLY EA 293 100.26 1.96 -51.56
C GLY EA 293 100.99 1.93 -52.89
N ASN EA 294 102.27 2.29 -52.89
CA ASN EA 294 103.05 2.27 -54.12
C ASN EA 294 103.19 0.85 -54.65
N ILE EA 295 103.05 0.70 -55.96
CA ILE EA 295 103.13 -0.60 -56.62
C ILE EA 295 104.58 -0.99 -56.80
N PRO EA 296 105.02 -2.13 -56.27
CA PRO EA 296 106.43 -2.52 -56.41
C PRO EA 296 106.81 -2.73 -57.86
N ALA EA 297 108.04 -2.35 -58.19
CA ALA EA 297 108.54 -2.43 -59.56
C ALA EA 297 108.87 -3.87 -59.94
N LEU EA 298 108.82 -4.14 -61.25
CA LEU EA 298 109.25 -5.39 -61.85
C LEU EA 298 108.82 -6.62 -61.08
N ILE EA 364 119.74 -8.62 -60.86
CA ILE EA 364 118.90 -8.07 -59.81
C ILE EA 364 118.70 -6.58 -60.01
N GLN EA 365 117.94 -6.21 -61.05
CA GLN EA 365 117.61 -4.81 -61.30
C GLN EA 365 116.18 -4.72 -61.82
N PRO EA 366 115.46 -3.65 -61.49
CA PRO EA 366 114.09 -3.52 -61.97
C PRO EA 366 114.05 -3.23 -63.45
N LEU EA 367 113.00 -3.72 -64.10
CA LEU EA 367 112.74 -3.36 -65.49
C LEU EA 367 112.25 -1.92 -65.55
N GLU EA 368 112.83 -1.13 -66.46
CA GLU EA 368 112.54 0.30 -66.52
C GLU EA 368 111.65 0.70 -67.68
N LYS EA 369 111.37 -0.20 -68.62
CA LYS EA 369 110.56 0.14 -69.77
C LYS EA 369 109.87 -1.10 -70.29
N ASP EA 370 108.85 -0.88 -71.13
CA ASP EA 370 108.03 -1.96 -71.67
C ASP EA 370 108.59 -2.43 -73.00
N SER EA 371 107.87 -3.34 -73.67
CA SER EA 371 108.35 -3.91 -74.92
C SER EA 371 108.44 -2.86 -76.01
N LYS EA 372 107.45 -1.97 -76.11
CA LYS EA 372 107.41 -0.92 -77.13
C LYS EA 372 107.99 0.39 -76.62
N SER EA 373 108.94 0.34 -75.68
CA SER EA 373 109.60 1.53 -75.14
C SER EA 373 108.59 2.49 -74.52
N ARG EA 374 107.93 2.01 -73.46
CA ARG EA 374 107.08 2.84 -72.62
C ARG EA 374 107.64 2.82 -71.21
N SER EA 375 107.77 4.00 -70.61
CA SER EA 375 108.32 4.11 -69.28
C SER EA 375 107.37 3.49 -68.25
N TYR EA 376 107.93 2.70 -67.33
CA TYR EA 376 107.18 2.22 -66.18
C TYR EA 376 107.19 3.19 -65.02
N ASN EA 377 107.84 4.35 -65.15
CA ASN EA 377 107.88 5.37 -64.12
C ASN EA 377 108.57 4.88 -62.85
N VAL EA 378 109.66 4.13 -63.01
CA VAL EA 378 110.42 3.67 -61.85
C VAL EA 378 111.10 4.86 -61.18
N LEU EA 379 111.21 4.79 -59.86
CA LEU EA 379 111.74 5.89 -59.04
C LEU EA 379 113.14 5.55 -58.55
N GLU EA 380 113.67 6.44 -57.70
CA GLU EA 380 114.93 6.17 -57.04
C GLU EA 380 114.76 5.01 -56.05
N ASP EA 381 115.90 4.41 -55.67
CA ASP EA 381 116.01 3.23 -54.84
C ASP EA 381 115.61 1.98 -55.60
N LYS EA 382 115.08 2.14 -56.82
CA LYS EA 382 114.93 1.05 -57.78
C LYS EA 382 114.15 -0.14 -57.21
N ILE EA 383 113.14 0.15 -56.38
CA ILE EA 383 112.25 -0.88 -55.86
C ILE EA 383 110.79 -0.57 -56.15
N ASN EA 384 110.37 0.67 -55.91
CA ASN EA 384 108.96 1.04 -56.04
C ASN EA 384 108.75 1.94 -57.26
N THR EA 385 107.49 2.00 -57.68
CA THR EA 385 107.04 2.76 -58.83
C THR EA 385 106.14 3.89 -58.37
N ALA EA 386 106.03 4.93 -59.20
CA ALA EA 386 105.22 6.10 -58.87
C ALA EA 386 103.72 5.77 -58.76
N TYR EA 387 103.26 4.68 -59.37
CA TYR EA 387 101.84 4.33 -59.30
C TYR EA 387 101.45 3.95 -57.87
N ARG EA 388 100.27 4.41 -57.45
CA ARG EA 388 99.69 4.03 -56.17
C ARG EA 388 98.30 3.44 -56.41
N SER EA 389 97.88 2.54 -55.52
CA SER EA 389 96.58 1.91 -55.65
C SER EA 389 95.84 1.87 -54.31
N TRP EA 390 94.51 2.01 -54.38
CA TRP EA 390 93.69 2.01 -53.17
C TRP EA 390 93.77 0.69 -52.42
N TYR EA 391 93.77 -0.43 -53.15
CA TYR EA 391 93.75 -1.74 -52.50
C TYR EA 391 95.02 -2.00 -51.72
N LEU EA 392 96.18 -1.65 -52.30
CA LEU EA 392 97.45 -1.86 -51.59
C LEU EA 392 97.51 -1.00 -50.34
N SER EA 393 97.05 0.24 -50.43
CA SER EA 393 97.08 1.12 -49.26
C SER EA 393 96.10 0.64 -48.18
N TYR EA 394 94.94 0.13 -48.58
CA TYR EA 394 93.96 -0.37 -47.62
C TYR EA 394 94.48 -1.57 -46.86
N ASN EA 395 95.15 -2.49 -47.55
CA ASN EA 395 95.53 -3.76 -46.94
C ASN EA 395 96.94 -3.76 -46.35
N TYR EA 396 97.87 -2.99 -46.91
CA TYR EA 396 99.27 -3.04 -46.47
C TYR EA 396 99.78 -1.73 -45.87
N GLY EA 397 99.06 -0.64 -46.00
CA GLY EA 397 99.50 0.64 -45.47
C GLY EA 397 99.28 0.75 -43.97
N ASN EA 398 99.44 1.96 -43.47
CA ASN EA 398 99.31 2.23 -42.04
C ASN EA 398 97.85 2.15 -41.63
N PRO EA 399 97.48 1.29 -40.67
CA PRO EA 399 96.05 1.15 -40.31
C PRO EA 399 95.42 2.42 -39.77
N GLU EA 400 96.19 3.29 -39.12
CA GLU EA 400 95.60 4.44 -38.42
C GLU EA 400 95.87 5.76 -39.12
N LYS EA 401 96.52 5.75 -40.28
CA LYS EA 401 96.78 6.98 -41.02
C LYS EA 401 96.47 6.89 -42.51
N GLY EA 402 96.43 5.70 -43.10
CA GLY EA 402 96.18 5.55 -44.51
C GLY EA 402 94.70 5.63 -44.84
N ILE EA 403 94.39 5.18 -46.07
CA ILE EA 403 93.02 5.25 -46.57
C ILE EA 403 92.08 4.35 -45.77
N ARG EA 404 92.60 3.37 -45.03
CA ARG EA 404 91.78 2.45 -44.26
C ARG EA 404 91.10 3.12 -43.07
N SER EA 405 91.56 4.29 -42.65
CA SER EA 405 90.99 4.93 -41.48
C SER EA 405 89.64 5.59 -41.75
N TRP EA 406 89.32 5.91 -43.01
CA TRP EA 406 88.05 6.54 -43.31
C TRP EA 406 87.33 5.95 -44.53
N THR EA 407 87.81 4.86 -45.10
CA THR EA 407 87.07 4.14 -46.14
C THR EA 407 86.87 2.69 -45.73
N LEU EA 408 85.95 2.02 -46.43
CA LEU EA 408 85.56 0.66 -46.09
C LEU EA 408 85.45 -0.17 -47.37
N LEU EA 409 85.89 -1.41 -47.30
CA LEU EA 409 85.84 -2.33 -48.44
C LEU EA 409 84.60 -3.20 -48.34
N THR EA 410 83.80 -3.23 -49.42
CA THR EA 410 82.54 -3.97 -49.45
C THR EA 410 82.42 -4.76 -50.73
N THR EA 411 81.44 -5.68 -50.78
CA THR EA 411 81.17 -6.43 -51.99
C THR EA 411 80.58 -5.53 -53.07
N SER EA 412 80.94 -5.79 -54.31
CA SER EA 412 80.44 -5.01 -55.43
C SER EA 412 78.93 -5.18 -55.60
N ASP EA 413 78.23 -4.07 -55.81
CA ASP EA 413 76.78 -4.07 -55.97
C ASP EA 413 76.44 -3.56 -57.37
N VAL EA 414 76.05 -4.49 -58.26
CA VAL EA 414 75.86 -4.15 -59.67
C VAL EA 414 74.66 -3.24 -59.89
N THR EA 415 73.63 -3.31 -59.04
CA THR EA 415 72.48 -2.43 -59.21
C THR EA 415 72.80 -0.99 -58.85
N CYS EA 416 73.97 -0.72 -58.27
CA CYS EA 416 74.42 0.59 -57.81
C CYS EA 416 73.64 1.10 -56.60
N GLY EA 417 72.92 0.22 -55.91
CA GLY EA 417 72.25 0.60 -54.69
C GLY EA 417 70.80 1.00 -54.91
N VAL EA 418 69.88 0.13 -54.57
CA VAL EA 418 68.47 0.42 -54.77
C VAL EA 418 67.93 1.06 -53.49
N GLU EA 419 66.97 1.96 -53.66
CA GLU EA 419 66.29 2.60 -52.55
C GLU EA 419 64.80 2.29 -52.62
N GLN EA 420 64.03 2.94 -51.76
CA GLN EA 420 62.62 2.63 -51.58
C GLN EA 420 61.74 3.41 -52.56
N VAL EA 421 60.48 2.99 -52.66
CA VAL EA 421 59.43 3.67 -53.42
C VAL EA 421 58.21 3.87 -52.53
N TYR EA 422 57.43 4.90 -52.83
CA TYR EA 422 56.25 5.28 -52.05
C TYR EA 422 54.99 5.27 -52.92
N TRP EA 423 53.89 4.78 -52.36
CA TRP EA 423 52.57 4.79 -53.00
C TRP EA 423 51.70 5.90 -52.43
N SER EA 424 50.91 6.55 -53.29
CA SER EA 424 49.93 7.55 -52.89
C SER EA 424 48.58 7.29 -53.54
N LEU EA 425 47.51 7.40 -52.75
CA LEU EA 425 46.13 7.33 -53.25
C LEU EA 425 45.31 8.44 -52.62
N PRO EA 426 45.52 9.69 -53.04
CA PRO EA 426 44.97 10.83 -52.28
C PRO EA 426 43.44 10.94 -52.30
N ASP EA 427 42.75 10.36 -53.28
CA ASP EA 427 41.29 10.44 -53.34
C ASP EA 427 40.58 9.26 -52.67
N MET EA 428 41.32 8.30 -52.12
CA MET EA 428 40.69 7.12 -51.53
C MET EA 428 40.97 6.99 -50.05
N MET EA 429 42.22 7.13 -49.61
CA MET EA 429 42.61 6.95 -48.22
C MET EA 429 42.68 8.28 -47.49
N GLN EA 430 42.47 8.23 -46.18
CA GLN EA 430 42.74 9.38 -45.33
C GLN EA 430 44.26 9.60 -45.18
N ASP EA 431 44.64 10.84 -44.97
CA ASP EA 431 46.06 11.16 -44.80
C ASP EA 431 46.58 10.59 -43.49
N PRO EA 432 47.71 9.88 -43.50
CA PRO EA 432 48.31 9.44 -42.23
C PRO EA 432 48.83 10.61 -41.41
N VAL EA 433 49.09 10.31 -40.12
CA VAL EA 433 49.32 11.35 -39.13
C VAL EA 433 50.55 12.19 -39.47
N THR EA 434 50.41 13.51 -39.31
CA THR EA 434 51.33 14.62 -39.54
C THR EA 434 51.49 15.01 -41.02
N PHE EA 435 50.90 14.29 -41.98
CA PHE EA 435 50.94 14.72 -43.38
C PHE EA 435 49.90 15.81 -43.63
N ARG EA 436 50.26 16.82 -44.43
CA ARG EA 436 49.34 17.87 -44.83
C ARG EA 436 48.60 17.50 -46.12
N SER EA 437 47.35 17.93 -46.22
CA SER EA 437 46.58 17.79 -47.45
C SER EA 437 47.04 18.82 -48.48
N THR EA 438 47.23 18.36 -49.72
CA THR EA 438 47.79 19.23 -50.75
C THR EA 438 47.45 18.67 -52.13
N ARG EA 439 47.71 19.49 -53.15
CA ARG EA 439 47.58 19.07 -54.54
C ARG EA 439 48.90 19.14 -55.29
N GLN EA 440 50.03 19.26 -54.60
CA GLN EA 440 51.34 19.22 -55.23
C GLN EA 440 51.84 17.78 -55.28
N VAL EA 441 52.26 17.34 -56.47
CA VAL EA 441 52.57 15.93 -56.68
C VAL EA 441 53.76 15.50 -55.84
N SER EA 442 54.79 16.32 -55.76
CA SER EA 442 55.95 15.94 -54.94
C SER EA 442 55.67 16.01 -53.43
N ASN EA 443 54.44 16.23 -52.95
CA ASN EA 443 54.19 16.26 -51.52
C ASN EA 443 52.91 15.52 -51.15
N TYR EA 444 52.45 14.56 -51.96
CA TYR EA 444 51.30 13.76 -51.61
C TYR EA 444 51.56 12.94 -50.35
N PRO EA 445 50.55 12.72 -49.52
CA PRO EA 445 50.72 11.81 -48.37
C PRO EA 445 50.99 10.38 -48.82
N VAL EA 446 51.78 9.67 -48.02
CA VAL EA 446 52.31 8.36 -48.39
C VAL EA 446 51.51 7.27 -47.70
N VAL EA 447 51.05 6.29 -48.48
CA VAL EA 447 50.18 5.23 -47.97
C VAL EA 447 50.89 3.87 -47.87
N GLY EA 448 52.07 3.72 -48.47
CA GLY EA 448 52.83 2.48 -48.34
C GLY EA 448 54.22 2.64 -48.91
N ALA EA 449 55.10 1.72 -48.54
CA ALA EA 449 56.49 1.76 -48.96
C ALA EA 449 57.03 0.34 -49.17
N GLU EA 450 58.01 0.23 -50.07
CA GLU EA 450 58.69 -1.03 -50.38
C GLU EA 450 59.95 -0.70 -51.16
N LEU EA 451 60.75 -1.73 -51.45
CA LEU EA 451 61.94 -1.55 -52.26
C LEU EA 451 61.60 -1.48 -53.74
N MET EA 452 62.30 -0.63 -54.46
CA MET EA 452 62.25 -0.67 -55.92
C MET EA 452 62.71 -2.05 -56.39
N PRO EA 453 61.93 -2.76 -57.17
CA PRO EA 453 62.13 -4.23 -57.35
C PRO EA 453 63.20 -4.60 -58.38
N VAL EA 454 64.45 -4.31 -58.06
CA VAL EA 454 65.59 -4.64 -58.90
C VAL EA 454 66.62 -5.36 -58.05
N PHE EA 455 67.11 -6.49 -58.53
CA PHE EA 455 67.96 -7.37 -57.73
C PHE EA 455 69.17 -7.86 -58.52
N SER EA 456 70.20 -8.25 -57.79
CA SER EA 456 71.42 -8.81 -58.35
C SER EA 456 71.35 -10.33 -58.42
N LYS EA 457 71.92 -10.90 -59.48
CA LYS EA 457 72.02 -12.35 -59.64
C LYS EA 457 73.44 -12.74 -60.01
N SER EA 458 73.90 -13.87 -59.46
CA SER EA 458 75.28 -14.33 -59.62
C SER EA 458 75.38 -15.49 -60.60
N PHE EA 459 76.50 -15.53 -61.33
CA PHE EA 459 76.83 -16.62 -62.23
C PHE EA 459 78.29 -16.99 -62.06
N TYR EA 460 78.64 -18.20 -62.47
CA TYR EA 460 80.01 -18.70 -62.35
C TYR EA 460 80.62 -18.84 -63.74
N ASN EA 461 81.81 -18.28 -63.92
CA ASN EA 461 82.50 -18.33 -65.21
C ASN EA 461 83.99 -18.62 -65.06
N HIS EA 478 90.83 -4.69 -80.77
CA HIS EA 478 90.36 -4.63 -79.40
C HIS EA 478 90.40 -3.21 -78.85
N VAL EA 479 89.25 -2.54 -78.86
CA VAL EA 479 89.15 -1.20 -78.30
C VAL EA 479 89.32 -1.20 -76.80
N PHE EA 480 89.07 -2.33 -76.12
CA PHE EA 480 89.21 -2.42 -74.68
C PHE EA 480 90.58 -2.93 -74.25
N ASN EA 481 91.54 -3.05 -75.18
CA ASN EA 481 92.92 -3.40 -74.83
C ASN EA 481 93.82 -2.68 -75.85
N ARG EA 482 94.23 -1.46 -75.51
CA ARG EA 482 95.03 -0.62 -76.38
C ARG EA 482 96.51 -0.65 -76.04
N PHE EA 483 96.89 -1.21 -74.90
CA PHE EA 483 98.29 -1.34 -74.49
C PHE EA 483 98.53 -2.77 -74.06
N PRO EA 484 98.48 -3.72 -74.99
CA PRO EA 484 98.64 -5.13 -74.61
C PRO EA 484 99.95 -5.44 -73.92
N GLU EA 485 101.03 -4.73 -74.29
CA GLU EA 485 102.33 -5.05 -73.74
C GLU EA 485 102.51 -4.55 -72.32
N ASN EA 486 101.92 -3.40 -71.97
CA ASN EA 486 102.22 -2.73 -70.72
C ASN EA 486 101.57 -3.46 -69.56
N GLN EA 487 102.39 -3.86 -68.58
CA GLN EA 487 101.88 -4.63 -67.43
C GLN EA 487 100.95 -3.82 -66.54
N ILE EA 488 101.05 -2.50 -66.57
CA ILE EA 488 100.17 -1.66 -65.76
C ILE EA 488 98.87 -1.34 -66.50
N LEU EA 489 98.95 -1.13 -67.80
CA LEU EA 489 97.81 -0.72 -68.62
C LEU EA 489 97.14 -1.88 -69.34
N ILE EA 490 97.50 -3.12 -68.99
CA ILE EA 490 96.81 -4.26 -69.59
C ILE EA 490 95.35 -4.30 -69.13
N ARG EA 491 94.52 -4.93 -69.95
CA ARG EA 491 93.10 -5.06 -69.63
C ARG EA 491 92.91 -5.92 -68.39
N PRO EA 492 92.12 -5.49 -67.41
CA PRO EA 492 92.05 -6.23 -66.16
C PRO EA 492 91.46 -7.62 -66.37
N PRO EA 493 91.90 -8.60 -65.59
CA PRO EA 493 91.27 -9.92 -65.65
C PRO EA 493 89.84 -9.88 -65.11
N ALA EA 494 89.01 -10.78 -65.66
CA ALA EA 494 87.60 -10.87 -65.29
C ALA EA 494 87.42 -11.75 -64.06
N PRO EA 495 86.50 -11.40 -63.16
CA PRO EA 495 86.28 -12.23 -61.98
C PRO EA 495 85.65 -13.56 -62.35
N THR EA 496 85.90 -14.55 -61.50
CA THR EA 496 85.24 -15.84 -61.65
C THR EA 496 83.77 -15.81 -61.23
N ILE EA 497 83.33 -14.73 -60.58
CA ILE EA 497 81.93 -14.53 -60.22
C ILE EA 497 81.43 -13.27 -60.92
N THR EA 498 80.40 -13.41 -61.75
CA THR EA 498 79.81 -12.30 -62.48
C THR EA 498 78.40 -12.02 -61.95
N THR EA 499 78.07 -10.75 -61.79
CA THR EA 499 76.75 -10.34 -61.30
C THR EA 499 76.08 -9.41 -62.30
N VAL EA 500 74.77 -9.60 -62.49
CA VAL EA 500 73.94 -8.78 -63.37
C VAL EA 500 72.65 -8.45 -62.63
N SER EA 501 72.02 -7.35 -63.02
CA SER EA 501 70.81 -6.86 -62.36
C SER EA 501 69.56 -7.26 -63.13
N GLU EA 502 68.50 -7.58 -62.39
CA GLU EA 502 67.25 -8.10 -62.94
C GLU EA 502 66.05 -7.36 -62.36
N ASN EA 503 64.98 -7.30 -63.15
CA ASN EA 503 63.69 -6.77 -62.71
C ASN EA 503 62.75 -7.94 -62.40
N VAL EA 504 62.19 -7.96 -61.19
CA VAL EA 504 61.34 -9.05 -60.73
C VAL EA 504 60.01 -8.46 -60.28
N PRO EA 505 58.87 -8.96 -60.77
CA PRO EA 505 57.58 -8.40 -60.36
C PRO EA 505 57.35 -8.55 -58.87
N ALA EA 506 56.78 -7.51 -58.26
CA ALA EA 506 56.63 -7.40 -56.82
C ALA EA 506 55.16 -7.42 -56.43
N LEU EA 507 54.82 -8.32 -55.51
CA LEU EA 507 53.46 -8.52 -55.01
C LEU EA 507 53.47 -8.24 -53.52
N THR EA 508 52.75 -7.20 -53.09
CA THR EA 508 52.91 -6.67 -51.75
C THR EA 508 51.57 -6.49 -51.06
N ASP EA 509 51.52 -6.88 -49.78
CA ASP EA 509 50.38 -6.62 -48.90
C ASP EA 509 50.76 -5.48 -47.95
N HIS EA 510 50.02 -4.37 -48.03
CA HIS EA 510 50.31 -3.19 -47.24
C HIS EA 510 49.47 -3.06 -45.98
N GLY EA 511 48.62 -4.02 -45.67
CA GLY EA 511 47.76 -3.93 -44.49
C GLY EA 511 46.53 -3.07 -44.70
N THR EA 512 45.88 -2.73 -43.58
CA THR EA 512 44.62 -2.01 -43.57
C THR EA 512 44.83 -0.53 -43.22
N LEU EA 513 44.22 0.36 -43.99
CA LEU EA 513 44.29 1.80 -43.78
C LEU EA 513 42.89 2.42 -43.74
N PRO EA 514 42.69 3.49 -42.96
CA PRO EA 514 41.37 4.13 -42.91
C PRO EA 514 40.94 4.72 -44.25
N LEU EA 515 39.66 4.56 -44.55
CA LEU EA 515 39.07 4.84 -45.85
C LEU EA 515 38.11 6.03 -45.74
N ARG EA 516 38.05 6.84 -46.79
CA ARG EA 516 37.07 7.93 -46.83
C ARG EA 516 35.66 7.38 -47.02
N SER EA 517 34.68 8.07 -46.42
CA SER EA 517 33.30 7.61 -46.45
C SER EA 517 32.65 7.78 -47.82
N SER EA 518 33.09 8.74 -48.61
CA SER EA 518 32.55 8.97 -49.95
C SER EA 518 33.69 8.95 -50.95
N ILE EA 519 33.57 8.10 -51.97
CA ILE EA 519 34.62 7.84 -52.95
C ILE EA 519 34.11 8.30 -54.31
N ARG EA 520 34.86 9.19 -54.95
CA ARG EA 520 34.52 9.65 -56.28
C ARG EA 520 34.88 8.61 -57.34
N GLY EA 521 34.24 8.74 -58.50
CA GLY EA 521 34.38 7.77 -59.57
C GLY EA 521 35.73 7.77 -60.27
N VAL EA 522 36.47 8.88 -60.22
CA VAL EA 522 37.78 8.99 -60.85
C VAL EA 522 38.83 9.15 -59.75
N GLN EA 523 39.89 8.34 -59.83
CA GLN EA 523 40.89 8.25 -58.78
C GLN EA 523 42.29 8.45 -59.36
N ARG EA 524 43.17 9.05 -58.55
CA ARG EA 524 44.56 9.28 -58.92
C ARG EA 524 45.48 8.25 -58.25
N VAL EA 525 46.44 7.73 -59.02
CA VAL EA 525 47.42 6.76 -58.54
C VAL EA 525 48.82 7.29 -58.83
N THR EA 526 49.69 7.30 -57.81
CA THR EA 526 51.03 7.88 -57.95
C THR EA 526 52.08 6.99 -57.28
N VAL EA 527 53.25 6.88 -57.93
CA VAL EA 527 54.41 6.16 -57.40
C VAL EA 527 55.62 7.09 -57.51
N THR EA 528 56.31 7.34 -56.39
CA THR EA 528 57.47 8.23 -56.37
C THR EA 528 58.64 7.60 -55.61
N ASP EA 529 59.84 8.12 -55.88
CA ASP EA 529 61.07 7.61 -55.28
C ASP EA 529 61.41 8.37 -54.00
N ALA EA 530 62.62 8.17 -53.48
CA ALA EA 530 63.01 8.73 -52.19
C ALA EA 530 63.11 10.24 -52.23
N ARG EA 531 63.47 10.82 -53.38
CA ARG EA 531 63.49 12.27 -53.54
C ARG EA 531 62.16 12.83 -54.01
N ARG EA 532 61.11 11.99 -54.04
CA ARG EA 532 59.75 12.37 -54.42
C ARG EA 532 59.66 12.81 -55.89
N ARG EA 533 60.39 12.12 -56.77
CA ARG EA 533 60.18 12.21 -58.21
C ARG EA 533 59.44 10.97 -58.68
N THR EA 534 58.65 11.14 -59.74
CA THR EA 534 58.05 9.97 -60.36
C THR EA 534 59.12 9.16 -61.10
N CYS EA 535 58.87 7.86 -61.25
CA CYS EA 535 59.84 6.97 -61.86
C CYS EA 535 59.42 6.60 -63.27
N PRO EA 536 60.18 6.98 -64.30
CA PRO EA 536 59.81 6.64 -65.68
C PRO EA 536 59.96 5.17 -66.05
N TYR EA 537 60.51 4.33 -65.18
CA TYR EA 537 60.72 2.93 -65.52
C TYR EA 537 59.63 2.00 -64.98
N VAL EA 538 58.58 2.53 -64.39
CA VAL EA 538 57.40 1.73 -64.06
C VAL EA 538 56.56 1.58 -65.32
N TYR EA 539 56.18 0.35 -65.67
CA TYR EA 539 55.28 0.16 -66.80
C TYR EA 539 54.06 -0.71 -66.48
N LYS EA 540 53.87 -1.11 -65.23
CA LYS EA 540 52.66 -1.82 -64.83
C LYS EA 540 52.46 -1.62 -63.34
N ALA EA 541 51.28 -1.12 -62.97
CA ALA EA 541 50.93 -0.89 -61.57
C ALA EA 541 49.43 -1.09 -61.38
N LEU EA 542 49.06 -1.97 -60.45
CA LEU EA 542 47.67 -2.26 -60.13
C LEU EA 542 47.44 -2.21 -58.63
N GLY EA 543 46.23 -1.87 -58.24
CA GLY EA 543 45.83 -1.90 -56.85
C GLY EA 543 44.47 -2.56 -56.67
N ILE EA 544 44.34 -3.25 -55.55
CA ILE EA 544 43.10 -3.92 -55.16
C ILE EA 544 42.82 -3.59 -53.70
N VAL EA 545 41.62 -3.08 -53.42
CA VAL EA 545 41.24 -2.65 -52.09
C VAL EA 545 40.02 -3.45 -51.63
N ALA EA 546 40.04 -3.90 -50.38
CA ALA EA 546 38.92 -4.64 -49.79
C ALA EA 546 38.38 -3.93 -48.55
N PRO EA 547 37.29 -3.17 -48.66
CA PRO EA 547 36.78 -2.44 -47.50
C PRO EA 547 36.15 -3.35 -46.44
N ARG EA 548 36.18 -2.88 -45.20
CA ARG EA 548 35.48 -3.52 -44.09
C ARG EA 548 35.32 -2.54 -42.94
N VAL EA 549 34.41 -2.87 -42.02
CA VAL EA 549 34.08 -1.99 -40.90
C VAL EA 549 35.15 -2.09 -39.82
N LEU EA 550 35.60 -0.95 -39.32
CA LEU EA 550 36.58 -0.88 -38.23
C LEU EA 550 35.94 -0.57 -36.88
N SER EA 551 35.10 0.45 -36.79
CA SER EA 551 34.46 0.78 -35.52
C SER EA 551 33.16 1.53 -35.79
N SER EA 552 32.40 1.73 -34.72
CA SER EA 552 31.11 2.38 -34.78
C SER EA 552 31.23 3.90 -34.71
N ARG EA 553 30.28 4.58 -35.32
CA ARG EA 553 30.13 6.05 -35.28
C ARG EA 553 31.26 6.77 -35.99
N ARG FA 48 -13.34 -8.52 -44.27
CA ARG FA 48 -14.73 -8.32 -44.70
C ARG FA 48 -14.83 -7.88 -46.15
N ASN FA 49 -14.00 -8.47 -47.02
CA ASN FA 49 -13.97 -8.05 -48.41
C ASN FA 49 -13.87 -9.22 -49.39
N SER FA 50 -14.28 -10.42 -48.99
CA SER FA 50 -14.16 -11.59 -49.85
C SER FA 50 -15.36 -11.73 -50.78
N ILE FA 51 -15.16 -12.44 -51.89
CA ILE FA 51 -16.18 -12.69 -52.90
C ILE FA 51 -16.19 -14.18 -53.20
N ARG FA 52 -17.35 -14.82 -53.06
CA ARG FA 52 -17.45 -16.27 -53.07
C ARG FA 52 -18.47 -16.76 -54.10
N TYR FA 53 -18.18 -17.91 -54.70
CA TYR FA 53 -19.04 -18.56 -55.68
C TYR FA 53 -19.53 -19.88 -55.12
N SER FA 54 -20.84 -20.12 -55.21
CA SER FA 54 -21.47 -21.19 -54.44
C SER FA 54 -21.02 -22.58 -54.85
N GLU FA 55 -20.39 -22.75 -56.00
CA GLU FA 55 -19.92 -24.07 -56.41
C GLU FA 55 -18.51 -24.40 -55.95
N LEU FA 56 -17.85 -23.51 -55.21
CA LEU FA 56 -16.48 -23.72 -54.77
C LEU FA 56 -16.41 -23.70 -53.24
N SER FA 57 -15.53 -24.56 -52.68
CA SER FA 57 -15.35 -24.66 -51.24
C SER FA 57 -13.98 -25.25 -50.93
N PRO FA 58 -13.33 -24.83 -49.86
CA PRO FA 58 -11.99 -25.35 -49.54
C PRO FA 58 -12.04 -26.68 -48.78
N LEU FA 59 -10.91 -27.39 -48.81
CA LEU FA 59 -10.81 -28.76 -48.30
C LEU FA 59 -10.00 -28.84 -47.00
N TYR FA 60 -10.42 -29.75 -46.12
CA TYR FA 60 -9.78 -29.93 -44.81
C TYR FA 60 -9.74 -31.42 -44.41
N ASP FA 61 -8.71 -31.74 -43.63
CA ASP FA 61 -8.53 -32.92 -42.78
C ASP FA 61 -8.23 -34.27 -43.44
N THR FA 62 -8.63 -34.48 -44.70
CA THR FA 62 -8.40 -35.75 -45.39
C THR FA 62 -9.01 -35.67 -46.78
N THR FA 63 -8.53 -36.54 -47.67
CA THR FA 63 -8.96 -36.61 -49.06
C THR FA 63 -8.46 -37.92 -49.65
N ARG FA 64 -8.55 -38.08 -50.98
CA ARG FA 64 -8.03 -39.25 -51.68
C ARG FA 64 -7.13 -38.82 -52.83
N LEU FA 65 -6.08 -39.60 -53.08
CA LEU FA 65 -5.23 -39.49 -54.27
C LEU FA 65 -5.24 -40.82 -55.00
N TYR FA 66 -5.41 -40.80 -56.31
CA TYR FA 66 -5.54 -42.01 -57.11
C TYR FA 66 -4.36 -42.16 -58.07
N LEU FA 67 -3.75 -43.34 -58.08
CA LEU FA 67 -2.61 -43.67 -58.93
C LEU FA 67 -3.04 -44.78 -59.89
N VAL FA 68 -3.38 -44.41 -61.11
CA VAL FA 68 -4.06 -45.28 -62.06
C VAL FA 68 -3.21 -45.43 -63.31
N ASP FA 69 -3.12 -46.66 -63.82
CA ASP FA 69 -2.17 -47.01 -64.86
C ASP FA 69 -2.74 -46.95 -66.29
N ASN FA 70 -4.01 -46.59 -66.48
CA ASN FA 70 -4.61 -46.64 -67.81
C ASN FA 70 -5.45 -45.40 -68.10
N LYS FA 71 -4.96 -44.22 -67.74
CA LYS FA 71 -5.62 -42.99 -68.18
C LYS FA 71 -5.35 -42.75 -69.66
N SER FA 72 -6.37 -42.27 -70.38
CA SER FA 72 -6.28 -42.21 -71.83
C SER FA 72 -5.18 -41.26 -72.30
N ALA FA 73 -5.09 -40.08 -71.71
CA ALA FA 73 -4.11 -39.10 -72.15
C ALA FA 73 -2.70 -39.45 -71.70
N ASP FA 74 -2.53 -40.09 -70.54
CA ASP FA 74 -1.20 -40.48 -70.08
C ASP FA 74 -0.61 -41.58 -70.94
N ILE FA 75 -1.45 -42.43 -71.54
CA ILE FA 75 -0.96 -43.49 -72.40
C ILE FA 75 -0.22 -42.91 -73.61
N ALA FA 76 -0.79 -41.88 -74.23
CA ALA FA 76 -0.25 -41.37 -75.48
C ALA FA 76 1.04 -40.57 -75.26
N SER FA 77 1.10 -39.74 -74.21
CA SER FA 77 2.16 -38.74 -74.10
C SER FA 77 3.20 -39.04 -73.02
N LEU FA 78 3.01 -40.06 -72.20
CA LEU FA 78 3.97 -40.29 -71.12
C LEU FA 78 4.67 -41.64 -71.18
N ASN FA 79 3.97 -42.71 -71.56
CA ASN FA 79 4.40 -44.06 -71.27
C ASN FA 79 4.68 -44.88 -72.53
N TYR FA 80 5.28 -44.24 -73.53
CA TYR FA 80 5.47 -44.92 -74.82
C TYR FA 80 6.43 -46.09 -74.71
N GLN FA 81 7.46 -45.98 -73.89
CA GLN FA 81 8.48 -47.03 -73.74
C GLN FA 81 8.38 -47.79 -72.42
N ASN FA 82 7.27 -47.69 -71.69
CA ASN FA 82 7.14 -48.25 -70.36
C ASN FA 82 6.22 -49.49 -70.38
N ASP FA 83 6.10 -50.14 -69.22
CA ASP FA 83 5.14 -51.22 -69.02
C ASP FA 83 4.51 -51.07 -67.65
N HIS FA 84 3.59 -51.98 -67.31
CA HIS FA 84 2.80 -51.84 -66.09
C HIS FA 84 3.60 -52.04 -64.82
N SER FA 85 4.83 -52.53 -64.91
CA SER FA 85 5.69 -52.64 -63.74
C SER FA 85 6.45 -51.36 -63.43
N ASN FA 86 6.53 -50.41 -64.37
CA ASN FA 86 7.30 -49.17 -64.16
C ASN FA 86 6.75 -48.10 -65.13
N PHE FA 87 5.92 -47.20 -64.61
CA PHE FA 87 5.21 -46.25 -65.46
C PHE FA 87 5.04 -44.92 -64.75
N LEU FA 88 4.55 -43.93 -65.50
CA LEU FA 88 4.25 -42.60 -64.99
C LEU FA 88 2.74 -42.34 -65.06
N THR FA 89 2.23 -41.57 -64.11
CA THR FA 89 0.82 -41.22 -64.10
C THR FA 89 0.63 -39.85 -63.48
N THR FA 90 -0.53 -39.24 -63.75
CA THR FA 90 -0.86 -37.93 -63.23
C THR FA 90 -1.87 -38.05 -62.09
N VAL FA 91 -1.59 -37.38 -60.97
CA VAL FA 91 -2.53 -37.35 -59.86
C VAL FA 91 -3.50 -36.17 -59.95
N VAL FA 92 -3.33 -35.29 -60.92
CA VAL FA 92 -4.29 -34.21 -61.17
C VAL FA 92 -5.42 -34.76 -62.03
N GLN FA 93 -6.64 -34.67 -61.52
CA GLN FA 93 -7.83 -35.24 -62.18
C GLN FA 93 -8.69 -34.17 -62.85
N ASN FA 94 -8.09 -33.15 -63.46
CA ASN FA 94 -8.79 -32.00 -64.03
C ASN FA 94 -8.45 -31.94 -65.51
N ASN FA 95 -9.44 -32.20 -66.37
CA ASN FA 95 -9.21 -32.33 -67.80
C ASN FA 95 -9.12 -30.97 -68.54
N ASP FA 96 -9.06 -29.86 -67.80
CA ASP FA 96 -8.74 -28.58 -68.43
C ASP FA 96 -7.27 -28.49 -68.84
N PHE FA 97 -6.44 -29.46 -68.44
CA PHE FA 97 -5.01 -29.44 -68.69
C PHE FA 97 -4.55 -30.77 -69.26
N THR FA 98 -3.52 -30.72 -70.10
CA THR FA 98 -2.85 -31.92 -70.57
C THR FA 98 -1.87 -32.43 -69.50
N PRO FA 99 -1.47 -33.70 -69.58
CA PRO FA 99 -0.51 -34.21 -68.59
C PRO FA 99 0.80 -33.45 -68.56
N THR FA 100 1.28 -32.96 -69.70
CA THR FA 100 2.50 -32.16 -69.71
C THR FA 100 2.32 -30.88 -68.91
N GLU FA 101 1.19 -30.19 -69.09
CA GLU FA 101 0.90 -29.01 -68.29
C GLU FA 101 0.74 -29.37 -66.82
N ALA FA 102 0.11 -30.50 -66.54
CA ALA FA 102 -0.12 -30.90 -65.15
C ALA FA 102 1.18 -31.18 -64.40
N SER FA 103 2.24 -31.53 -65.13
CA SER FA 103 3.49 -31.93 -64.48
C SER FA 103 4.09 -30.81 -63.64
N THR FA 104 3.82 -29.56 -63.99
CA THR FA 104 4.35 -28.43 -63.24
C THR FA 104 3.47 -27.98 -62.09
N GLN FA 105 2.26 -28.50 -61.96
CA GLN FA 105 1.36 -28.11 -60.87
C GLN FA 105 1.69 -28.91 -59.60
N THR FA 106 1.19 -28.42 -58.46
CA THR FA 106 1.45 -29.06 -57.18
C THR FA 106 0.18 -29.15 -56.34
N ILE FA 107 0.19 -30.08 -55.39
CA ILE FA 107 -0.79 -30.18 -54.31
C ILE FA 107 -0.05 -29.97 -53.00
N ASN FA 108 -0.56 -29.08 -52.16
CA ASN FA 108 0.17 -28.64 -50.97
C ASN FA 108 -0.61 -28.94 -49.70
N PHE FA 109 0.02 -29.68 -48.79
CA PHE FA 109 -0.52 -29.99 -47.47
C PHE FA 109 0.10 -29.04 -46.45
N ASP FA 110 -0.73 -28.52 -45.55
CA ASP FA 110 -0.32 -27.38 -44.71
C ASP FA 110 1.00 -27.64 -43.99
N GLU FA 111 1.95 -26.72 -44.16
CA GLU FA 111 3.31 -26.91 -43.70
C GLU FA 111 3.45 -26.81 -42.19
N ARG FA 112 2.42 -26.39 -41.48
CA ARG FA 112 2.46 -26.36 -40.03
C ARG FA 112 2.13 -27.72 -39.39
N SER FA 113 1.91 -28.75 -40.19
CA SER FA 113 1.70 -30.11 -39.70
C SER FA 113 2.60 -31.06 -40.47
N ARG FA 114 2.87 -32.22 -39.86
CA ARG FA 114 3.47 -33.36 -40.55
C ARG FA 114 2.38 -34.34 -40.94
N TRP FA 115 2.41 -34.80 -42.18
CA TRP FA 115 1.32 -35.60 -42.75
C TRP FA 115 1.77 -37.02 -43.04
N GLY FA 116 0.82 -37.95 -42.93
CA GLY FA 116 1.05 -39.32 -43.32
C GLY FA 116 -0.02 -39.80 -44.28
N GLY FA 117 0.27 -40.89 -44.97
CA GLY FA 117 -0.66 -41.45 -45.93
C GLY FA 117 -0.86 -42.94 -45.82
N GLN FA 118 -2.12 -43.36 -45.67
CA GLN FA 118 -2.45 -44.77 -45.64
C GLN FA 118 -2.57 -45.31 -47.07
N LEU FA 119 -1.86 -46.39 -47.36
CA LEU FA 119 -1.71 -46.89 -48.72
C LEU FA 119 -2.39 -48.25 -48.90
N LYS FA 120 -3.22 -48.36 -49.94
CA LYS FA 120 -3.82 -49.62 -50.36
C LYS FA 120 -3.50 -49.88 -51.83
N THR FA 121 -3.21 -51.12 -52.17
CA THR FA 121 -2.83 -51.46 -53.54
C THR FA 121 -3.66 -52.63 -54.06
N ILE FA 122 -3.77 -52.69 -55.38
CA ILE FA 122 -4.41 -53.78 -56.10
C ILE FA 122 -3.48 -54.22 -57.23
N MET FA 123 -3.20 -55.53 -57.31
CA MET FA 123 -2.26 -56.06 -58.28
C MET FA 123 -2.79 -57.36 -58.88
N HIS FA 124 -2.54 -57.56 -60.18
CA HIS FA 124 -2.90 -58.79 -60.86
C HIS FA 124 -1.79 -59.19 -61.85
N THR FA 125 -1.50 -60.49 -61.91
CA THR FA 125 -0.40 -61.01 -62.71
C THR FA 125 -0.88 -62.12 -63.65
N ASN FA 126 -0.05 -62.46 -64.63
CA ASN FA 126 -0.34 -63.56 -65.56
C ASN FA 126 0.91 -64.39 -65.84
N MET FA 127 1.65 -64.77 -64.80
CA MET FA 127 2.92 -65.49 -64.94
C MET FA 127 2.68 -66.99 -65.16
N PRO FA 128 3.30 -67.60 -66.18
CA PRO FA 128 3.31 -69.06 -66.29
C PRO FA 128 4.46 -69.67 -65.49
N ASN FA 129 4.26 -70.93 -65.10
CA ASN FA 129 5.20 -71.53 -64.14
C ASN FA 129 6.53 -71.96 -64.75
N VAL FA 130 6.59 -72.22 -66.05
CA VAL FA 130 7.85 -72.58 -66.72
C VAL FA 130 8.20 -71.47 -67.69
N ASN FA 131 9.22 -70.69 -67.37
CA ASN FA 131 9.59 -69.54 -68.20
C ASN FA 131 11.07 -69.22 -67.99
N GLU FA 132 11.62 -68.44 -68.92
CA GLU FA 132 13.04 -68.12 -68.92
C GLU FA 132 13.41 -67.07 -67.87
N TYR FA 133 12.54 -66.09 -67.65
CA TYR FA 133 12.89 -64.96 -66.80
C TYR FA 133 13.13 -65.38 -65.36
N MET FA 134 12.46 -66.43 -64.89
CA MET FA 134 12.55 -66.88 -63.51
C MET FA 134 13.44 -68.10 -63.34
N PHE FA 135 14.19 -68.49 -64.37
CA PHE FA 135 15.17 -69.59 -64.30
C PHE FA 135 14.52 -70.94 -64.02
N SER FA 136 13.27 -71.13 -64.43
CA SER FA 136 12.60 -72.42 -64.34
C SER FA 136 12.55 -73.12 -65.68
N ASN FA 137 13.48 -72.78 -66.57
CA ASN FA 137 13.46 -73.21 -67.96
C ASN FA 137 14.56 -74.20 -68.30
N LYS FA 138 15.55 -74.41 -67.43
CA LYS FA 138 16.77 -75.09 -67.83
C LYS FA 138 17.39 -75.81 -66.64
N PHE FA 139 18.22 -76.80 -66.95
CA PHE FA 139 19.03 -77.53 -65.98
C PHE FA 139 20.22 -78.14 -66.71
N LYS FA 140 21.19 -78.64 -65.95
CA LYS FA 140 22.39 -79.24 -66.50
C LYS FA 140 22.52 -80.70 -66.07
N ALA FA 141 23.10 -81.52 -66.94
CA ALA FA 141 23.29 -82.94 -66.67
C ALA FA 141 24.49 -83.46 -67.44
N ARG FA 142 25.01 -84.60 -66.99
CA ARG FA 142 26.15 -85.26 -67.62
C ARG FA 142 25.72 -86.62 -68.14
N VAL FA 143 25.86 -86.83 -69.45
CA VAL FA 143 25.43 -88.04 -70.12
C VAL FA 143 26.59 -88.61 -70.94
N MET FA 144 26.36 -89.78 -71.53
CA MET FA 144 27.37 -90.49 -72.30
C MET FA 144 27.30 -90.10 -73.77
N VAL FA 145 28.45 -89.71 -74.33
CA VAL FA 145 28.51 -89.25 -75.70
C VAL FA 145 29.07 -90.31 -76.65
N SER FA 146 29.95 -91.19 -76.19
CA SER FA 146 30.55 -92.19 -77.06
C SER FA 146 30.84 -93.46 -76.27
N ARG FA 147 30.46 -94.59 -76.84
CA ARG FA 147 30.98 -95.89 -76.44
C ARG FA 147 32.23 -96.16 -77.29
N LYS FA 148 32.74 -97.38 -77.26
CA LYS FA 148 33.92 -97.72 -78.05
C LYS FA 148 33.59 -97.73 -79.54
N ASP FA 171 35.89 -101.72 -73.76
CA ASP FA 171 35.14 -100.54 -74.20
C ASP FA 171 35.53 -99.32 -73.38
N ILE FA 172 35.73 -98.19 -74.06
CA ILE FA 172 36.04 -96.91 -73.44
C ILE FA 172 34.83 -96.00 -73.59
N LEU FA 173 34.41 -95.39 -72.48
CA LEU FA 173 33.19 -94.60 -72.42
C LEU FA 173 33.54 -93.14 -72.14
N LYS FA 174 32.90 -92.23 -72.88
CA LYS FA 174 33.14 -90.81 -72.74
C LYS FA 174 31.85 -90.10 -72.33
N TYR FA 175 31.99 -89.13 -71.42
CA TYR FA 175 30.86 -88.39 -70.88
C TYR FA 175 31.13 -86.88 -71.01
N GLU FA 176 30.05 -86.10 -71.01
CA GLU FA 176 30.17 -84.66 -71.15
C GLU FA 176 28.97 -83.96 -70.52
N TRP FA 177 29.16 -82.71 -70.12
CA TRP FA 177 28.10 -81.88 -69.56
C TRP FA 177 27.40 -81.10 -70.65
N PHE FA 178 26.09 -80.92 -70.48
CA PHE FA 178 25.27 -80.11 -71.38
C PHE FA 178 24.25 -79.33 -70.57
N GLU FA 179 23.68 -78.31 -71.20
CA GLU FA 179 22.55 -77.57 -70.65
C GLU FA 179 21.31 -77.82 -71.50
N PHE FA 180 20.21 -78.16 -70.84
CA PHE FA 180 18.98 -78.57 -71.51
C PHE FA 180 17.91 -77.50 -71.33
N ILE FA 181 17.11 -77.27 -72.37
CA ILE FA 181 16.11 -76.20 -72.40
C ILE FA 181 14.74 -76.80 -72.68
N LEU FA 182 13.73 -76.36 -71.90
CA LEU FA 182 12.32 -76.70 -72.03
C LEU FA 182 11.56 -75.57 -72.73
N PRO FA 183 10.47 -75.86 -73.41
CA PRO FA 183 9.63 -74.79 -73.95
C PRO FA 183 8.71 -74.21 -72.89
N GLU FA 184 8.33 -72.94 -73.08
CA GLU FA 184 7.62 -72.19 -72.05
C GLU FA 184 6.11 -72.45 -72.07
N GLY FA 185 5.51 -72.34 -70.90
CA GLY FA 185 4.08 -72.60 -70.74
C GLY FA 185 3.74 -72.82 -69.28
N ASN FA 186 2.47 -73.09 -69.05
CA ASN FA 186 1.93 -73.31 -67.71
C ASN FA 186 1.50 -74.77 -67.59
N PHE FA 187 2.31 -75.59 -66.92
CA PHE FA 187 2.15 -77.03 -66.93
C PHE FA 187 1.99 -77.58 -65.51
N SER FA 188 1.35 -78.74 -65.42
CA SER FA 188 1.31 -79.46 -64.16
C SER FA 188 2.65 -80.13 -63.89
N ALA FA 189 2.80 -80.66 -62.67
CA ALA FA 189 4.08 -81.25 -62.27
C ALA FA 189 4.40 -82.50 -63.07
N THR FA 190 3.40 -83.36 -63.33
CA THR FA 190 3.66 -84.55 -64.12
C THR FA 190 4.05 -84.20 -65.55
N MET FA 191 3.35 -83.24 -66.15
CA MET FA 191 3.67 -82.82 -67.51
C MET FA 191 5.06 -82.20 -67.59
N THR FA 192 5.49 -81.51 -66.53
CA THR FA 192 6.84 -80.93 -66.51
C THR FA 192 7.90 -82.03 -66.51
N ILE FA 193 7.68 -83.10 -65.76
CA ILE FA 193 8.64 -84.19 -65.69
C ILE FA 193 8.75 -84.91 -67.04
N ASP FA 194 7.64 -85.02 -67.77
CA ASP FA 194 7.71 -85.58 -69.13
C ASP FA 194 8.60 -84.74 -70.04
N LEU FA 195 8.51 -83.43 -69.92
CA LEU FA 195 9.32 -82.55 -70.78
C LEU FA 195 10.80 -82.67 -70.46
N MET FA 196 11.16 -82.87 -69.19
CA MET FA 196 12.57 -83.04 -68.83
C MET FA 196 13.13 -84.34 -69.39
N ASN FA 197 12.36 -85.44 -69.33
CA ASN FA 197 12.79 -86.68 -69.94
C ASN FA 197 12.95 -86.53 -71.46
N ASN FA 198 12.01 -85.82 -72.09
CA ASN FA 198 12.07 -85.62 -73.52
C ASN FA 198 13.31 -84.84 -73.94
N ALA FA 199 13.74 -83.89 -73.10
CA ALA FA 199 14.96 -83.13 -73.41
C ALA FA 199 16.20 -84.02 -73.39
N ILE FA 200 16.26 -84.96 -72.44
CA ILE FA 200 17.40 -85.87 -72.37
C ILE FA 200 17.45 -86.73 -73.63
N ILE FA 201 16.31 -87.25 -74.06
CA ILE FA 201 16.27 -88.17 -75.20
C ILE FA 201 16.65 -87.47 -76.50
N ASP FA 202 16.22 -86.21 -76.67
CA ASP FA 202 16.59 -85.47 -77.87
C ASP FA 202 18.09 -85.25 -77.99
N ASN FA 203 18.81 -85.26 -76.87
CA ASN FA 203 20.27 -85.23 -76.90
C ASN FA 203 20.84 -86.58 -77.34
N TYR FA 204 20.17 -87.67 -76.98
CA TYR FA 204 20.64 -89.00 -77.39
C TYR FA 204 20.34 -89.28 -78.85
N LEU FA 205 19.42 -88.54 -79.48
CA LEU FA 205 19.14 -88.74 -80.89
C LEU FA 205 20.01 -87.87 -81.79
N GLU FA 206 20.53 -86.76 -81.28
CA GLU FA 206 21.37 -85.84 -82.05
C GLU FA 206 22.85 -86.16 -81.93
N ILE FA 207 23.29 -86.52 -80.73
CA ILE FA 207 24.62 -87.03 -80.44
C ILE FA 207 24.37 -88.42 -79.90
N GLY FA 208 25.40 -89.14 -79.49
CA GLY FA 208 25.10 -90.39 -78.84
C GLY FA 208 24.81 -91.50 -79.82
N ARG FA 209 23.52 -91.72 -80.09
CA ARG FA 209 23.05 -92.81 -80.96
C ARG FA 209 23.93 -93.03 -82.18
N GLN FA 210 24.33 -91.95 -82.84
CA GLN FA 210 25.20 -92.07 -84.02
C GLN FA 210 26.65 -92.32 -83.67
N ASN FA 211 27.00 -92.40 -82.39
CA ASN FA 211 28.37 -92.68 -81.95
C ASN FA 211 28.46 -93.95 -81.11
N GLY FA 212 27.50 -94.86 -81.24
CA GLY FA 212 27.62 -96.18 -80.69
C GLY FA 212 27.01 -96.45 -79.34
N VAL FA 213 26.27 -95.50 -78.76
CA VAL FA 213 25.60 -95.75 -77.49
C VAL FA 213 24.26 -96.42 -77.77
N LEU FA 214 23.89 -97.35 -76.92
CA LEU FA 214 22.64 -98.10 -77.08
C LEU FA 214 21.53 -97.47 -76.25
N GLU FA 215 20.30 -97.86 -76.55
CA GLU FA 215 19.17 -97.41 -75.73
C GLU FA 215 19.06 -98.31 -74.52
N SER FA 216 20.18 -98.55 -73.85
CA SER FA 216 20.21 -99.20 -72.55
C SER FA 216 21.29 -98.59 -71.66
N ASP FA 217 21.93 -97.51 -72.11
CA ASP FA 217 22.95 -96.80 -71.33
C ASP FA 217 22.66 -95.30 -71.27
N ILE FA 218 21.39 -94.90 -71.35
CA ILE FA 218 21.03 -93.49 -71.35
C ILE FA 218 21.60 -92.79 -70.13
N GLY FA 219 21.19 -93.21 -68.93
CA GLY FA 219 21.89 -92.81 -67.73
C GLY FA 219 21.28 -91.73 -66.88
N VAL FA 220 20.24 -91.02 -67.35
CA VAL FA 220 19.54 -90.02 -66.55
C VAL FA 220 18.04 -90.16 -66.82
N LYS FA 221 17.26 -90.40 -65.78
CA LYS FA 221 15.81 -90.47 -65.92
C LYS FA 221 15.13 -89.94 -64.65
N PHE FA 222 14.00 -89.25 -64.84
CA PHE FA 222 13.20 -88.75 -63.73
C PHE FA 222 11.95 -89.62 -63.58
N ASP FA 223 11.75 -90.18 -62.39
CA ASP FA 223 10.69 -91.15 -62.16
C ASP FA 223 9.87 -90.76 -60.93
N THR FA 224 8.87 -91.59 -60.61
CA THR FA 224 8.04 -91.39 -59.43
C THR FA 224 7.83 -92.65 -58.59
N ARG FA 225 8.40 -93.79 -58.97
CA ARG FA 225 8.04 -95.07 -58.38
C ARG FA 225 8.92 -95.39 -57.17
N ASN FA 226 8.41 -96.29 -56.33
CA ASN FA 226 9.17 -96.85 -55.22
C ASN FA 226 9.66 -98.22 -55.66
N PHE FA 227 10.87 -98.26 -56.19
CA PHE FA 227 11.48 -99.54 -56.52
C PHE FA 227 11.75 -100.31 -55.23
N ARG FA 228 11.84 -101.63 -55.35
CA ARG FA 228 12.01 -102.59 -54.25
C ARG FA 228 10.79 -102.70 -53.35
N LEU FA 229 9.60 -102.32 -53.82
CA LEU FA 229 8.40 -102.49 -53.01
C LEU FA 229 8.10 -103.96 -52.76
N GLY FA 230 8.04 -104.76 -53.82
CA GLY FA 230 7.71 -106.17 -53.68
C GLY FA 230 8.91 -107.07 -53.41
N TRP FA 231 9.93 -106.52 -52.76
CA TRP FA 231 11.18 -107.23 -52.50
C TRP FA 231 10.97 -108.35 -51.49
N ASP FA 232 11.73 -109.43 -51.67
CA ASP FA 232 11.64 -110.60 -50.80
C ASP FA 232 12.92 -110.79 -50.03
N PRO FA 233 12.85 -110.96 -48.71
CA PRO FA 233 14.09 -110.99 -47.91
C PRO FA 233 14.94 -112.24 -48.11
N GLU FA 234 14.39 -113.30 -48.68
CA GLU FA 234 15.16 -114.52 -48.91
C GLU FA 234 15.79 -114.56 -50.30
N THR FA 235 14.97 -114.45 -51.34
CA THR FA 235 15.48 -114.45 -52.70
C THR FA 235 16.13 -113.14 -53.11
N LYS FA 236 15.82 -112.04 -52.40
CA LYS FA 236 16.39 -110.73 -52.67
C LYS FA 236 16.14 -110.28 -54.11
N LEU FA 237 14.95 -110.57 -54.62
CA LEU FA 237 14.53 -110.12 -55.94
C LEU FA 237 13.08 -109.68 -55.88
N ILE FA 238 12.67 -108.91 -56.88
CA ILE FA 238 11.29 -108.42 -56.97
C ILE FA 238 10.45 -109.58 -57.50
N MET FA 239 9.76 -110.27 -56.60
CA MET FA 239 9.06 -111.49 -56.98
C MET FA 239 8.01 -111.33 -58.07
N PRO FA 240 7.18 -110.28 -58.09
CA PRO FA 240 6.17 -110.19 -59.16
C PRO FA 240 6.73 -110.12 -60.57
N GLY FA 241 8.01 -109.76 -60.73
CA GLY FA 241 8.59 -109.61 -62.05
C GLY FA 241 8.39 -108.26 -62.69
N VAL FA 242 7.60 -107.37 -62.09
CA VAL FA 242 7.47 -105.99 -62.53
C VAL FA 242 7.46 -105.09 -61.30
N TYR FA 243 8.10 -103.94 -61.40
CA TYR FA 243 8.07 -102.96 -60.33
C TYR FA 243 6.66 -102.41 -60.14
N THR FA 244 6.31 -102.11 -58.89
CA THR FA 244 4.98 -101.60 -58.60
C THR FA 244 4.74 -100.27 -59.31
N TYR FA 245 3.62 -100.18 -60.00
CA TYR FA 245 3.33 -99.04 -60.88
C TYR FA 245 2.47 -97.99 -60.16
N GLU FA 246 2.99 -97.47 -59.04
CA GLU FA 246 2.32 -96.46 -58.25
C GLU FA 246 3.26 -95.30 -57.98
N ALA FA 247 2.69 -94.09 -57.91
CA ALA FA 247 3.47 -92.88 -57.70
C ALA FA 247 3.61 -92.58 -56.22
N PHE FA 248 4.84 -92.30 -55.79
CA PHE FA 248 5.16 -91.99 -54.40
C PHE FA 248 5.71 -90.59 -54.20
N HIS FA 249 6.76 -90.22 -54.96
CA HIS FA 249 7.48 -88.96 -54.85
C HIS FA 249 8.43 -88.88 -56.03
N PRO FA 250 8.64 -87.70 -56.62
CA PRO FA 250 9.57 -87.61 -57.75
C PRO FA 250 10.98 -88.01 -57.36
N ASP FA 251 11.68 -88.62 -58.32
CA ASP FA 251 12.93 -89.33 -58.05
C ASP FA 251 13.88 -89.16 -59.22
N ILE FA 252 15.17 -89.37 -58.95
CA ILE FA 252 16.25 -89.28 -59.93
C ILE FA 252 16.95 -90.63 -59.99
N VAL FA 253 17.10 -91.17 -61.21
CA VAL FA 253 17.74 -92.46 -61.44
C VAL FA 253 18.99 -92.26 -62.30
N LEU FA 254 20.11 -92.84 -61.86
CA LEU FA 254 21.42 -92.59 -62.47
C LEU FA 254 22.16 -93.89 -62.75
N LEU FA 255 23.00 -93.85 -63.80
CA LEU FA 255 24.00 -94.84 -64.19
C LEU FA 255 25.39 -94.32 -63.85
N PRO FA 256 26.39 -95.21 -63.77
CA PRO FA 256 27.73 -94.75 -63.40
C PRO FA 256 28.28 -93.73 -64.39
N GLY FA 257 28.96 -92.71 -63.86
CA GLY FA 257 29.53 -91.66 -64.66
C GLY FA 257 28.62 -90.49 -64.95
N CYS FA 258 27.37 -90.51 -64.51
CA CYS FA 258 26.40 -89.46 -64.82
C CYS FA 258 26.09 -88.62 -63.58
N GLY FA 259 25.28 -87.58 -63.78
CA GLY FA 259 24.87 -86.72 -62.69
C GLY FA 259 24.04 -85.56 -63.20
N VAL FA 260 23.44 -84.83 -62.26
CA VAL FA 260 22.66 -83.63 -62.54
C VAL FA 260 23.14 -82.50 -61.64
N ASP FA 261 22.95 -81.27 -62.12
CA ASP FA 261 23.41 -80.08 -61.41
C ASP FA 261 22.34 -79.01 -61.44
N PHE FA 262 21.88 -78.58 -60.27
CA PHE FA 262 20.80 -77.60 -60.15
C PHE FA 262 21.27 -76.25 -59.64
N THR FA 263 22.53 -75.90 -59.86
CA THR FA 263 23.06 -74.66 -59.31
C THR FA 263 22.34 -73.44 -59.89
N GLU FA 264 22.00 -73.49 -61.17
CA GLU FA 264 21.37 -72.34 -61.83
C GLU FA 264 19.97 -72.70 -62.30
N SER FA 265 19.18 -73.32 -61.43
CA SER FA 265 17.85 -73.82 -61.82
C SER FA 265 16.96 -73.83 -60.60
N ARG FA 266 15.67 -73.63 -60.83
CA ARG FA 266 14.66 -73.70 -59.77
C ARG FA 266 13.80 -74.95 -59.88
N LEU FA 267 14.16 -75.89 -60.74
CA LEU FA 267 13.38 -77.10 -60.92
C LEU FA 267 13.57 -78.12 -59.80
N SER FA 268 14.54 -77.93 -58.92
CA SER FA 268 14.66 -78.81 -57.76
C SER FA 268 13.53 -78.59 -56.76
N ASN FA 269 12.94 -77.39 -56.72
CA ASN FA 269 11.78 -77.16 -55.86
C ASN FA 269 10.56 -77.94 -56.35
N LEU FA 270 10.38 -78.02 -57.68
CA LEU FA 270 9.27 -78.80 -58.22
C LEU FA 270 9.45 -80.29 -57.97
N LEU FA 271 10.70 -80.77 -57.87
CA LEU FA 271 10.95 -82.17 -57.59
C LEU FA 271 10.83 -82.52 -56.11
N GLY FA 272 10.81 -81.54 -55.23
CA GLY FA 272 10.76 -81.83 -53.82
C GLY FA 272 12.05 -82.35 -53.22
N ILE FA 273 13.19 -81.92 -53.74
CA ILE FA 273 14.51 -82.28 -53.22
C ILE FA 273 15.26 -81.00 -52.91
N ARG FA 274 15.65 -80.82 -51.65
CA ARG FA 274 16.29 -79.60 -51.18
C ARG FA 274 17.50 -79.92 -50.31
N LYS FA 275 18.34 -78.91 -50.10
CA LYS FA 275 19.54 -79.03 -49.29
C LYS FA 275 19.27 -78.63 -47.84
N ARG FA 276 19.88 -79.37 -46.91
CA ARG FA 276 19.76 -79.05 -45.49
C ARG FA 276 20.53 -77.79 -45.11
N HIS FA 277 21.47 -77.35 -45.94
CA HIS FA 277 22.20 -76.10 -45.77
C HIS FA 277 21.93 -75.25 -47.00
N PRO FA 278 20.77 -74.57 -47.05
CA PRO FA 278 20.34 -73.94 -48.29
C PRO FA 278 21.12 -72.69 -48.66
N PHE FA 279 21.95 -72.15 -47.78
CA PHE FA 279 22.72 -70.95 -48.10
C PHE FA 279 24.12 -71.26 -48.63
N GLN FA 280 24.49 -72.53 -48.78
CA GLN FA 280 25.77 -72.91 -49.37
C GLN FA 280 25.60 -73.08 -50.87
N GLU FA 281 26.41 -72.38 -51.65
CA GLU FA 281 26.26 -72.38 -53.10
C GLU FA 281 26.62 -73.74 -53.69
N GLY FA 282 25.89 -74.13 -54.74
CA GLY FA 282 26.16 -75.36 -55.45
C GLY FA 282 25.27 -76.52 -55.07
N PHE FA 283 24.68 -77.18 -56.07
CA PHE FA 283 23.78 -78.31 -55.83
C PHE FA 283 24.00 -79.33 -56.95
N LYS FA 284 24.85 -80.32 -56.68
CA LYS FA 284 25.15 -81.37 -57.64
C LYS FA 284 24.94 -82.73 -57.00
N ILE FA 285 24.35 -83.66 -57.75
CA ILE FA 285 24.11 -85.03 -57.32
C ILE FA 285 24.69 -85.98 -58.35
N MET FA 286 25.72 -86.73 -57.97
CA MET FA 286 26.42 -87.64 -58.87
C MET FA 286 26.16 -89.09 -58.47
N TYR FA 287 26.59 -90.01 -59.34
CA TYR FA 287 26.35 -91.43 -59.08
C TYR FA 287 27.06 -91.90 -57.82
N GLU FA 288 28.21 -91.31 -57.49
CA GLU FA 288 28.94 -91.72 -56.30
C GLU FA 288 28.27 -91.26 -55.00
N ASP FA 289 27.36 -90.30 -55.06
CA ASP FA 289 26.67 -89.82 -53.86
C ASP FA 289 25.45 -90.65 -53.49
N LEU FA 290 25.01 -91.56 -54.36
CA LEU FA 290 23.80 -92.35 -54.13
C LEU FA 290 24.09 -93.75 -53.62
N GLU FA 291 25.12 -93.90 -52.78
CA GLU FA 291 25.51 -95.22 -52.29
C GLU FA 291 24.36 -95.84 -51.49
N GLY FA 292 24.17 -97.15 -51.68
CA GLY FA 292 23.11 -97.87 -51.03
C GLY FA 292 21.78 -97.83 -51.73
N GLY FA 293 21.69 -97.16 -52.88
CA GLY FA 293 20.41 -97.01 -53.56
C GLY FA 293 20.27 -97.80 -54.83
N ASN FA 294 21.02 -98.88 -54.98
CA ASN FA 294 20.92 -99.70 -56.19
C ASN FA 294 19.54 -100.34 -56.30
N ILE FA 295 19.01 -100.35 -57.51
CA ILE FA 295 17.67 -100.88 -57.77
C ILE FA 295 17.76 -102.40 -57.88
N PRO FA 296 17.02 -103.15 -57.07
CA PRO FA 296 17.10 -104.61 -57.14
C PRO FA 296 16.64 -105.14 -58.49
N ALA FA 297 17.30 -106.19 -58.95
CA ALA FA 297 17.00 -106.78 -60.25
C ALA FA 297 15.72 -107.59 -60.23
N LEU FA 298 15.11 -107.71 -61.40
CA LEU FA 298 13.95 -108.57 -61.64
C LEU FA 298 12.91 -108.52 -60.54
N ILE FA 364 14.82 -119.45 -60.14
CA ILE FA 364 15.33 -118.42 -59.25
C ILE FA 364 16.55 -117.73 -59.86
N GLN FA 365 16.34 -116.98 -60.93
CA GLN FA 365 17.42 -116.22 -61.56
C GLN FA 365 16.88 -114.87 -62.03
N PRO FA 366 17.70 -113.82 -61.99
CA PRO FA 366 17.22 -112.51 -62.45
C PRO FA 366 17.04 -112.48 -63.96
N LEU FA 367 16.07 -111.69 -64.41
CA LEU FA 367 15.93 -111.42 -65.83
C LEU FA 367 17.05 -110.49 -66.27
N GLU FA 368 17.71 -110.83 -67.38
CA GLU FA 368 18.87 -110.09 -67.84
C GLU FA 368 18.61 -109.19 -69.03
N LYS FA 369 17.44 -109.28 -69.66
CA LYS FA 369 17.17 -108.49 -70.85
C LYS FA 369 15.67 -108.28 -70.97
N ASP FA 370 15.29 -107.30 -71.79
CA ASP FA 370 13.90 -106.91 -71.98
C ASP FA 370 13.29 -107.68 -73.14
N SER FA 371 12.04 -107.34 -73.49
CA SER FA 371 11.34 -108.06 -74.55
C SER FA 371 12.02 -107.88 -75.90
N LYS FA 372 12.46 -106.66 -76.20
CA LYS FA 372 13.11 -106.34 -77.48
C LYS FA 372 14.62 -106.41 -77.40
N SER FA 373 15.15 -107.26 -76.51
CA SER FA 373 16.59 -107.46 -76.35
C SER FA 373 17.30 -106.16 -75.99
N ARG FA 374 16.94 -105.62 -74.82
CA ARG FA 374 17.63 -104.49 -74.22
C ARG FA 374 18.20 -104.93 -72.88
N SER FA 375 19.47 -104.63 -72.64
CA SER FA 375 20.12 -105.03 -71.41
C SER FA 375 19.54 -104.28 -70.22
N TYR FA 376 19.26 -105.00 -69.14
CA TYR FA 376 18.90 -104.39 -67.87
C TYR FA 376 20.11 -104.00 -67.03
N ASN FA 377 21.32 -104.23 -67.52
CA ASN FA 377 22.56 -103.87 -66.81
C ASN FA 377 22.69 -104.60 -65.47
N VAL FA 378 22.33 -105.89 -65.46
CA VAL FA 378 22.49 -106.68 -64.24
C VAL FA 378 23.98 -106.88 -63.96
N LEU FA 379 24.33 -106.92 -62.68
CA LEU FA 379 25.70 -107.01 -62.23
C LEU FA 379 26.02 -108.41 -61.70
N GLU FA 380 27.23 -108.55 -61.16
CA GLU FA 380 27.60 -109.79 -60.49
C GLU FA 380 26.78 -109.96 -59.21
N ASP FA 381 26.72 -111.20 -58.73
CA ASP FA 381 25.92 -111.64 -57.58
C ASP FA 381 24.45 -111.72 -57.95
N LYS FA 382 24.08 -111.25 -59.14
CA LYS FA 382 22.78 -111.53 -59.76
C LYS FA 382 21.61 -111.15 -58.85
N ILE FA 383 21.76 -110.06 -58.09
CA ILE FA 383 20.67 -109.53 -57.28
C ILE FA 383 20.40 -108.06 -57.59
N ASN FA 384 21.43 -107.23 -57.70
CA ASN FA 384 21.26 -105.80 -57.89
C ASN FA 384 21.65 -105.38 -59.29
N THR FA 385 21.17 -104.20 -59.67
CA THR FA 385 21.38 -103.60 -60.98
C THR FA 385 22.23 -102.34 -60.83
N ALA FA 386 22.90 -101.96 -61.92
CA ALA FA 386 23.77 -100.78 -61.89
C ALA FA 386 23.00 -99.47 -61.66
N TYR FA 387 21.70 -99.44 -61.90
CA TYR FA 387 20.93 -98.22 -61.69
C TYR FA 387 20.85 -97.88 -60.20
N ARG FA 388 20.99 -96.60 -59.89
CA ARG FA 388 20.81 -96.08 -58.54
C ARG FA 388 19.75 -94.99 -58.55
N SER FA 389 19.05 -94.83 -57.42
CA SER FA 389 18.00 -93.83 -57.33
C SER FA 389 18.09 -93.06 -56.01
N TRP FA 390 17.76 -91.77 -56.06
CA TRP FA 390 17.82 -90.92 -54.88
C TRP FA 390 16.86 -91.39 -53.80
N TYR FA 391 15.65 -91.80 -54.18
CA TYR FA 391 14.65 -92.16 -53.18
C TYR FA 391 15.05 -93.41 -52.41
N LEU FA 392 15.59 -94.41 -53.10
CA LEU FA 392 16.03 -95.63 -52.41
C LEU FA 392 17.17 -95.33 -51.45
N SER FA 393 18.12 -94.49 -51.87
CA SER FA 393 19.24 -94.14 -51.00
C SER FA 393 18.78 -93.31 -49.80
N TYR FA 394 17.82 -92.42 -49.99
CA TYR FA 394 17.32 -91.60 -48.90
C TYR FA 394 16.61 -92.44 -47.85
N ASN FA 395 15.81 -93.42 -48.28
CA ASN FA 395 14.97 -94.16 -47.34
C ASN FA 395 15.60 -95.45 -46.83
N TYR FA 396 16.46 -96.11 -47.61
CA TYR FA 396 17.00 -97.40 -47.23
C TYR FA 396 18.51 -97.42 -47.03
N GLY FA 397 19.23 -96.38 -47.44
CA GLY FA 397 20.66 -96.33 -47.31
C GLY FA 397 21.10 -96.01 -45.89
N ASN FA 398 22.40 -95.72 -45.77
CA ASN FA 398 22.99 -95.42 -44.46
C ASN FA 398 22.54 -94.04 -44.01
N PRO FA 399 21.91 -93.91 -42.83
CA PRO FA 399 21.41 -92.60 -42.40
C PRO FA 399 22.48 -91.55 -42.22
N GLU FA 400 23.71 -91.93 -41.86
CA GLU FA 400 24.74 -90.97 -41.51
C GLU FA 400 25.83 -90.83 -42.56
N LYS FA 401 25.71 -91.52 -43.69
CA LYS FA 401 26.70 -91.40 -44.75
C LYS FA 401 26.10 -91.24 -46.15
N GLY FA 402 24.86 -91.63 -46.37
CA GLY FA 402 24.24 -91.54 -47.67
C GLY FA 402 23.72 -90.14 -47.97
N ILE FA 403 22.89 -90.07 -49.00
CA ILE FA 403 22.34 -88.79 -49.45
C ILE FA 403 21.44 -88.15 -48.40
N ARG FA 404 20.94 -88.92 -47.43
CA ARG FA 404 20.05 -88.40 -46.40
C ARG FA 404 20.76 -87.46 -45.43
N SER FA 405 22.08 -87.49 -45.38
CA SER FA 405 22.79 -86.65 -44.41
C SER FA 405 22.86 -85.19 -44.82
N TRP FA 406 22.69 -84.87 -46.10
CA TRP FA 406 22.75 -83.47 -46.53
C TRP FA 406 21.64 -83.06 -47.50
N THR FA 407 20.65 -83.92 -47.76
CA THR FA 407 19.48 -83.51 -48.52
C THR FA 407 18.21 -83.80 -47.71
N LEU FA 408 17.11 -83.20 -48.15
CA LEU FA 408 15.84 -83.25 -47.44
C LEU FA 408 14.71 -83.49 -48.42
N LEU FA 409 13.76 -84.33 -48.03
CA LEU FA 409 12.59 -84.66 -48.85
C LEU FA 409 11.42 -83.76 -48.47
N THR FA 410 10.83 -83.09 -49.46
CA THR FA 410 9.74 -82.14 -49.24
C THR FA 410 8.62 -82.38 -50.25
N THR FA 411 7.46 -81.77 -49.99
CA THR FA 411 6.36 -81.84 -50.93
C THR FA 411 6.67 -81.05 -52.20
N SER FA 412 6.20 -81.56 -53.33
CA SER FA 412 6.43 -80.89 -54.61
C SER FA 412 5.73 -79.54 -54.66
N ASP FA 413 6.43 -78.53 -55.16
CA ASP FA 413 5.90 -77.17 -55.26
C ASP FA 413 5.85 -76.78 -56.74
N VAL FA 414 4.64 -76.77 -57.32
CA VAL FA 414 4.49 -76.58 -58.76
C VAL FA 414 4.86 -75.15 -59.19
N THR FA 415 4.67 -74.16 -58.31
CA THR FA 415 5.04 -72.79 -58.68
C THR FA 415 6.55 -72.59 -58.77
N CYS FA 416 7.34 -73.57 -58.33
CA CYS FA 416 8.80 -73.54 -58.27
C CYS FA 416 9.33 -72.56 -57.23
N GLY FA 417 8.50 -72.12 -56.30
CA GLY FA 417 8.94 -71.28 -55.20
C GLY FA 417 8.77 -69.81 -55.48
N VAL FA 418 7.77 -69.21 -54.88
CA VAL FA 418 7.50 -67.79 -55.10
C VAL FA 418 8.26 -66.98 -54.04
N GLU FA 419 8.69 -65.79 -54.43
CA GLU FA 419 9.36 -64.88 -53.52
C GLU FA 419 8.55 -63.58 -53.44
N GLN FA 420 9.12 -62.58 -52.78
CA GLN FA 420 8.42 -61.34 -52.47
C GLN FA 420 8.55 -60.32 -53.60
N VAL FA 421 7.73 -59.28 -53.53
CA VAL FA 421 7.79 -58.12 -54.43
C VAL FA 421 7.80 -56.85 -53.59
N TYR FA 422 8.37 -55.79 -54.14
CA TYR FA 422 8.54 -54.51 -53.46
C TYR FA 422 7.87 -53.39 -54.25
N TRP FA 423 7.21 -52.47 -53.54
CA TRP FA 423 6.61 -51.26 -54.11
C TRP FA 423 7.48 -50.03 -53.85
N SER FA 424 7.55 -49.14 -54.83
CA SER FA 424 8.24 -47.86 -54.69
C SER FA 424 7.37 -46.70 -55.19
N LEU FA 425 7.33 -45.62 -54.44
CA LEU FA 425 6.66 -44.37 -54.85
C LEU FA 425 7.57 -43.18 -54.53
N PRO FA 426 8.65 -43.01 -55.29
CA PRO FA 426 9.69 -42.07 -54.87
C PRO FA 426 9.28 -40.59 -54.87
N ASP FA 427 8.26 -40.20 -55.62
CA ASP FA 427 7.82 -38.79 -55.65
C ASP FA 427 6.71 -38.48 -54.65
N MET FA 428 6.24 -39.45 -53.87
CA MET FA 428 5.14 -39.22 -52.96
C MET FA 428 5.52 -39.42 -51.50
N MET FA 429 6.19 -40.53 -51.17
CA MET FA 429 6.54 -40.86 -49.80
C MET FA 429 7.97 -40.45 -49.47
N GLN FA 430 8.23 -40.19 -48.20
CA GLN FA 430 9.58 -40.00 -47.72
C GLN FA 430 10.33 -41.34 -47.69
N ASP FA 431 11.64 -41.28 -47.85
CA ASP FA 431 12.45 -42.50 -47.84
C ASP FA 431 12.47 -43.09 -46.43
N PRO FA 432 12.20 -44.39 -46.28
CA PRO FA 432 12.36 -45.03 -44.96
C PRO FA 432 13.82 -45.08 -44.50
N VAL FA 433 14.00 -45.33 -43.21
CA VAL FA 433 15.29 -45.15 -42.55
C VAL FA 433 16.36 -46.04 -43.17
N THR FA 434 17.54 -45.46 -43.39
CA THR FA 434 18.79 -45.98 -43.95
C THR FA 434 18.78 -46.10 -45.49
N PHE FA 435 17.67 -45.84 -46.19
CA PHE FA 435 17.68 -45.83 -47.64
C PHE FA 435 18.24 -44.50 -48.16
N ARG FA 436 19.05 -44.57 -49.22
CA ARG FA 436 19.58 -43.37 -49.88
C ARG FA 436 18.64 -42.89 -50.98
N SER FA 437 18.58 -41.57 -51.15
CA SER FA 437 17.85 -40.98 -52.26
C SER FA 437 18.64 -41.14 -53.56
N THR FA 438 17.95 -41.54 -54.63
CA THR FA 438 18.63 -41.85 -55.88
C THR FA 438 17.64 -41.80 -57.03
N ARG FA 439 18.17 -41.83 -58.24
CA ARG FA 439 17.37 -41.95 -59.46
C ARG FA 439 17.66 -43.22 -60.24
N GLN FA 440 18.34 -44.20 -59.64
CA GLN FA 440 18.57 -45.48 -60.28
C GLN FA 440 17.43 -46.44 -59.94
N VAL FA 441 16.84 -47.05 -60.98
CA VAL FA 441 15.62 -47.82 -60.79
C VAL FA 441 15.85 -49.04 -59.90
N SER FA 442 16.97 -49.73 -60.09
CA SER FA 442 17.23 -50.88 -59.24
C SER FA 442 17.63 -50.51 -57.80
N ASN FA 443 17.55 -49.24 -57.37
CA ASN FA 443 17.88 -48.90 -55.99
C ASN FA 443 16.89 -47.92 -55.38
N TYR FA 444 15.66 -47.86 -55.88
CA TYR FA 444 14.63 -47.01 -55.28
C TYR FA 444 14.35 -47.45 -53.84
N PRO FA 445 14.05 -46.52 -52.94
CA PRO FA 445 13.60 -46.90 -51.59
C PRO FA 445 12.28 -47.66 -51.64
N VAL FA 446 12.12 -48.59 -50.69
CA VAL FA 446 11.02 -49.55 -50.68
C VAL FA 446 9.96 -49.11 -49.69
N VAL FA 447 8.70 -49.04 -50.14
CA VAL FA 447 7.60 -48.55 -49.33
C VAL FA 447 6.65 -49.65 -48.88
N GLY FA 448 6.73 -50.86 -49.44
CA GLY FA 448 5.91 -51.97 -48.99
C GLY FA 448 6.36 -53.26 -49.64
N ALA FA 449 5.93 -54.37 -49.04
CA ALA FA 449 6.31 -55.70 -49.50
C ALA FA 449 5.16 -56.69 -49.33
N GLU FA 450 5.14 -57.70 -50.19
CA GLU FA 450 4.14 -58.77 -50.15
C GLU FA 450 4.64 -59.91 -51.04
N LEU FA 451 3.90 -61.02 -51.05
CA LEU FA 451 4.24 -62.14 -51.92
C LEU FA 451 3.77 -61.88 -53.35
N MET FA 452 4.57 -62.30 -54.31
CA MET FA 452 4.12 -62.36 -55.69
C MET FA 452 2.91 -63.29 -55.76
N PRO FA 453 1.77 -62.83 -56.29
CA PRO FA 453 0.48 -63.53 -56.04
C PRO FA 453 0.21 -64.71 -56.97
N VAL FA 454 0.98 -65.78 -56.78
CA VAL FA 454 0.84 -67.01 -57.54
C VAL FA 454 0.77 -68.17 -56.55
N PHE FA 455 -0.23 -69.04 -56.71
CA PHE FA 455 -0.51 -70.08 -55.72
C PHE FA 455 -0.76 -71.42 -56.38
N SER FA 456 -0.57 -72.47 -55.59
CA SER FA 456 -0.81 -73.84 -56.02
C SER FA 456 -2.23 -74.28 -55.66
N LYS FA 457 -2.84 -75.08 -56.53
CA LYS FA 457 -4.16 -75.66 -56.28
C LYS FA 457 -4.15 -77.16 -56.57
N SER FA 458 -4.85 -77.93 -55.74
CA SER FA 458 -4.85 -79.39 -55.81
C SER FA 458 -6.13 -79.93 -56.42
N PHE FA 459 -6.00 -81.03 -57.16
CA PHE FA 459 -7.12 -81.76 -57.72
C PHE FA 459 -6.90 -83.25 -57.50
N TYR FA 460 -8.00 -84.01 -57.55
CA TYR FA 460 -7.97 -85.45 -57.35
C TYR FA 460 -8.27 -86.16 -58.66
N ASN FA 461 -7.41 -87.11 -59.03
CA ASN FA 461 -7.59 -87.86 -60.28
C ASN FA 461 -7.32 -89.35 -60.09
N HIS FA 478 3.15 -92.20 -79.35
CA HIS FA 478 3.43 -91.65 -78.02
C HIS FA 478 4.87 -91.19 -77.91
N VAL FA 479 5.08 -89.88 -78.06
CA VAL FA 479 6.42 -89.31 -77.91
C VAL FA 479 6.89 -89.37 -76.46
N PHE FA 480 5.98 -89.47 -75.50
CA PHE FA 480 6.34 -89.54 -74.08
C PHE FA 480 6.47 -90.97 -73.58
N ASN FA 481 6.42 -91.96 -74.48
CA ASN FA 481 6.67 -93.36 -74.09
C ASN FA 481 7.33 -94.03 -75.30
N ARG FA 482 8.66 -94.00 -75.33
CA ARG FA 482 9.45 -94.53 -76.43
C ARG FA 482 10.01 -95.91 -76.15
N PHE FA 483 9.94 -96.38 -74.91
CA PHE FA 483 10.41 -97.71 -74.53
C PHE FA 483 9.32 -98.39 -73.71
N PRO FA 484 8.20 -98.72 -74.34
CA PRO FA 484 7.08 -99.31 -73.58
C PRO FA 484 7.43 -100.60 -72.88
N GLU FA 485 8.32 -101.41 -73.47
CA GLU FA 485 8.63 -102.70 -72.89
C GLU FA 485 9.55 -102.61 -71.68
N ASN FA 486 10.46 -101.66 -71.65
CA ASN FA 486 11.52 -101.64 -70.65
C ASN FA 486 10.96 -101.19 -69.30
N GLN FA 487 11.16 -102.03 -68.28
CA GLN FA 487 10.61 -101.73 -66.95
C GLN FA 487 11.28 -100.53 -66.30
N ILE FA 488 12.50 -100.19 -66.70
CA ILE FA 488 13.18 -99.04 -66.13
C ILE FA 488 12.84 -97.76 -66.88
N LEU FA 489 12.69 -97.85 -68.20
CA LEU FA 489 12.45 -96.69 -69.05
C LEU FA 489 10.98 -96.49 -69.39
N ILE FA 490 10.07 -97.21 -68.73
CA ILE FA 490 8.65 -96.99 -68.95
C ILE FA 490 8.25 -95.58 -68.45
N ARG FA 491 7.18 -95.05 -69.04
CA ARG FA 491 6.67 -93.74 -68.64
C ARG FA 491 6.18 -93.78 -67.20
N PRO FA 492 6.57 -92.83 -66.36
CA PRO FA 492 6.24 -92.92 -64.93
C PRO FA 492 4.74 -92.84 -64.73
N PRO FA 493 4.22 -93.52 -63.72
CA PRO FA 493 2.80 -93.37 -63.38
C PRO FA 493 2.50 -91.98 -62.83
N ALA FA 494 1.26 -91.53 -63.07
CA ALA FA 494 0.81 -90.21 -62.64
C ALA FA 494 0.30 -90.25 -61.21
N PRO FA 495 0.56 -89.22 -60.41
CA PRO FA 495 0.06 -89.20 -59.04
C PRO FA 495 -1.45 -89.08 -58.99
N THR FA 496 -2.02 -89.58 -57.91
CA THR FA 496 -3.45 -89.40 -57.68
C THR FA 496 -3.79 -87.98 -57.22
N ILE FA 497 -2.79 -87.16 -56.88
CA ILE FA 497 -2.97 -85.75 -56.54
C ILE FA 497 -2.19 -84.91 -57.56
N THR FA 498 -2.90 -84.05 -58.29
CA THR FA 498 -2.30 -83.16 -59.28
C THR FA 498 -2.38 -81.71 -58.80
N THR FA 499 -1.29 -80.96 -58.99
CA THR FA 499 -1.23 -79.56 -58.60
C THR FA 499 -0.90 -78.69 -59.80
N VAL FA 500 -1.56 -77.53 -59.88
CA VAL FA 500 -1.35 -76.54 -60.93
C VAL FA 500 -1.27 -75.16 -60.27
N SER FA 501 -0.60 -74.22 -60.94
CA SER FA 501 -0.38 -72.89 -60.40
C SER FA 501 -1.38 -71.90 -60.98
N GLU FA 502 -1.81 -70.95 -60.14
CA GLU FA 502 -2.85 -69.98 -60.48
C GLU FA 502 -2.42 -68.56 -60.09
N ASN FA 503 -2.95 -67.59 -60.82
CA ASN FA 503 -2.79 -66.17 -60.51
C ASN FA 503 -4.06 -65.65 -59.86
N VAL FA 504 -3.94 -65.06 -58.67
CA VAL FA 504 -5.07 -64.59 -57.89
C VAL FA 504 -4.86 -63.11 -57.59
N PRO FA 505 -5.83 -62.24 -57.88
CA PRO FA 505 -5.64 -60.81 -57.60
C PRO FA 505 -5.44 -60.54 -56.11
N ALA FA 506 -4.51 -59.62 -55.81
CA ALA FA 506 -4.07 -59.35 -54.45
C ALA FA 506 -4.48 -57.96 -54.02
N LEU FA 507 -5.14 -57.87 -52.87
CA LEU FA 507 -5.63 -56.63 -52.30
C LEU FA 507 -4.96 -56.44 -50.94
N THR FA 508 -4.16 -55.39 -50.80
CA THR FA 508 -3.24 -55.29 -49.67
C THR FA 508 -3.34 -53.92 -49.01
N ASP FA 509 -3.35 -53.92 -47.67
CA ASP FA 509 -3.26 -52.70 -46.87
C ASP FA 509 -1.84 -52.61 -46.29
N HIS FA 510 -1.12 -51.57 -46.65
CA HIS FA 510 0.28 -51.40 -46.24
C HIS FA 510 0.47 -50.48 -45.05
N GLY FA 511 -0.61 -49.97 -44.45
CA GLY FA 511 -0.49 -49.07 -43.32
C GLY FA 511 -0.18 -47.63 -43.71
N THR FA 512 0.21 -46.85 -42.71
CA THR FA 512 0.45 -45.41 -42.87
C THR FA 512 1.95 -45.11 -42.96
N LEU FA 513 2.33 -44.28 -43.93
CA LEU FA 513 3.71 -43.85 -44.13
C LEU FA 513 3.80 -42.33 -44.23
N PRO FA 514 4.91 -41.75 -43.78
CA PRO FA 514 5.07 -40.29 -43.86
C PRO FA 514 5.08 -39.77 -45.30
N LEU FA 515 4.43 -38.64 -45.50
CA LEU FA 515 4.12 -38.08 -46.81
C LEU FA 515 4.89 -36.78 -47.00
N ARG FA 516 5.32 -36.51 -48.24
CA ARG FA 516 5.96 -35.24 -48.55
C ARG FA 516 4.94 -34.10 -48.53
N SER FA 517 5.40 -32.92 -48.12
CA SER FA 517 4.51 -31.76 -47.96
C SER FA 517 4.08 -31.18 -49.31
N SER FA 518 4.88 -31.34 -50.36
CA SER FA 518 4.52 -30.84 -51.68
C SER FA 518 4.59 -31.98 -52.68
N ILE FA 519 3.51 -32.20 -53.40
CA ILE FA 519 3.35 -33.34 -54.30
C ILE FA 519 3.22 -32.81 -55.72
N ARG FA 520 4.10 -33.26 -56.61
CA ARG FA 520 4.04 -32.87 -58.02
C ARG FA 520 2.93 -33.62 -58.74
N GLY FA 521 2.50 -33.05 -59.87
CA GLY FA 521 1.38 -33.57 -60.62
C GLY FA 521 1.64 -34.88 -61.34
N VAL FA 522 2.89 -35.20 -61.64
CA VAL FA 522 3.26 -36.44 -62.31
C VAL FA 522 4.05 -37.32 -61.34
N GLN FA 523 3.66 -38.58 -61.22
CA GLN FA 523 4.21 -39.50 -60.22
C GLN FA 523 4.70 -40.78 -60.88
N ARG FA 524 5.75 -41.35 -60.31
CA ARG FA 524 6.33 -42.62 -60.77
C ARG FA 524 5.90 -43.78 -59.87
N VAL FA 525 5.54 -44.91 -60.50
CA VAL FA 525 5.12 -46.12 -59.80
C VAL FA 525 5.98 -47.28 -60.28
N THR FA 526 6.56 -48.03 -59.34
CA THR FA 526 7.49 -49.12 -59.67
C THR FA 526 7.23 -50.35 -58.82
N VAL FA 527 7.35 -51.52 -59.44
CA VAL FA 527 7.24 -52.82 -58.78
C VAL FA 527 8.44 -53.67 -59.18
N THR FA 528 9.22 -54.16 -58.20
CA THR FA 528 10.41 -54.96 -58.48
C THR FA 528 10.44 -56.22 -57.61
N ASP FA 529 11.24 -57.20 -58.06
CA ASP FA 529 11.36 -58.48 -57.38
C ASP FA 529 12.51 -58.46 -56.37
N ALA FA 530 12.87 -59.65 -55.87
CA ALA FA 530 13.87 -59.75 -54.81
C ALA FA 530 15.26 -59.33 -55.28
N ARG FA 531 15.58 -59.55 -56.55
CA ARG FA 531 16.85 -59.12 -57.12
C ARG FA 531 16.77 -57.70 -57.68
N ARG FA 532 15.66 -57.00 -57.44
CA ARG FA 532 15.44 -55.62 -57.87
C ARG FA 532 15.39 -55.47 -59.39
N ARG FA 533 14.78 -56.44 -60.06
CA ARG FA 533 14.39 -56.32 -61.46
C ARG FA 533 12.89 -56.04 -61.53
N THR FA 534 12.48 -55.32 -62.57
CA THR FA 534 11.05 -55.19 -62.82
C THR FA 534 10.48 -56.51 -63.33
N CYS FA 535 9.18 -56.71 -63.10
CA CYS FA 535 8.53 -57.96 -63.46
C CYS FA 535 7.67 -57.78 -64.69
N PRO FA 536 7.99 -58.43 -65.82
CA PRO FA 536 7.17 -58.27 -67.04
C PRO FA 536 5.80 -58.93 -66.96
N TYR FA 537 5.46 -59.67 -65.91
CA TYR FA 537 4.18 -60.35 -65.86
C TYR FA 537 3.12 -59.61 -65.04
N VAL FA 538 3.41 -58.40 -64.57
CA VAL FA 538 2.38 -57.53 -64.00
C VAL FA 538 1.62 -56.87 -65.14
N TYR FA 539 0.29 -56.95 -65.11
CA TYR FA 539 -0.49 -56.22 -66.11
C TYR FA 539 -1.59 -55.35 -65.52
N LYS FA 540 -1.67 -55.21 -64.20
CA LYS FA 540 -2.60 -54.30 -63.57
C LYS FA 540 -2.07 -53.93 -62.19
N ALA FA 541 -1.93 -52.63 -61.94
CA ALA FA 541 -1.44 -52.13 -60.66
C ALA FA 541 -2.07 -50.78 -60.37
N LEU FA 542 -2.72 -50.66 -59.21
CA LEU FA 542 -3.37 -49.44 -58.78
C LEU FA 542 -2.98 -49.10 -57.34
N GLY FA 543 -2.97 -47.82 -57.03
CA GLY FA 543 -2.75 -47.37 -55.67
C GLY FA 543 -3.74 -46.31 -55.26
N ILE FA 544 -4.10 -46.33 -53.99
CA ILE FA 544 -5.01 -45.36 -53.39
C ILE FA 544 -4.39 -44.89 -52.08
N VAL FA 545 -4.26 -43.58 -51.90
CA VAL FA 545 -3.62 -42.99 -50.73
C VAL FA 545 -4.63 -42.07 -50.03
N ALA FA 546 -4.68 -42.16 -48.71
CA ALA FA 546 -5.56 -41.32 -47.89
C ALA FA 546 -4.76 -40.50 -46.89
N PRO FA 547 -4.47 -39.22 -47.17
CA PRO FA 547 -3.66 -38.42 -46.24
C PRO FA 547 -4.39 -38.07 -44.96
N ARG FA 548 -3.61 -37.86 -43.90
CA ARG FA 548 -4.12 -37.34 -42.63
C ARG FA 548 -2.97 -36.79 -41.80
N VAL FA 549 -3.31 -35.98 -40.79
CA VAL FA 549 -2.32 -35.31 -39.96
C VAL FA 549 -1.75 -36.29 -38.93
N LEU FA 550 -0.43 -36.30 -38.79
CA LEU FA 550 0.26 -37.12 -37.80
C LEU FA 550 0.70 -36.34 -36.56
N SER FA 551 1.36 -35.20 -36.73
CA SER FA 551 1.80 -34.41 -35.60
C SER FA 551 1.97 -32.96 -36.02
N SER FA 552 2.19 -32.10 -35.03
CA SER FA 552 2.32 -30.67 -35.24
C SER FA 552 3.75 -30.29 -35.59
N ARG FA 553 3.88 -29.20 -36.35
CA ARG FA 553 5.15 -28.58 -36.71
C ARG FA 553 5.99 -29.45 -37.63
N ARG GA 48 35.32 -25.42 17.30
CA ARG GA 48 35.26 -25.97 18.66
C ARG GA 48 35.99 -27.32 18.76
N ASN GA 49 37.15 -27.42 18.10
CA ASN GA 49 37.88 -28.69 18.08
C ASN GA 49 39.38 -28.52 18.25
N SER GA 50 39.84 -27.42 18.84
CA SER GA 50 41.26 -27.18 18.97
C SER GA 50 41.83 -27.81 20.23
N ILE GA 51 43.13 -28.06 20.22
CA ILE GA 51 43.86 -28.68 21.33
C ILE GA 51 45.09 -27.83 21.62
N ARG GA 52 45.23 -27.37 22.87
CA ARG GA 52 46.21 -26.35 23.22
C ARG GA 52 47.11 -26.80 24.37
N TYR GA 53 48.37 -26.38 24.32
CA TYR GA 53 49.36 -26.68 25.33
C TYR GA 53 49.77 -25.38 26.02
N SER GA 54 49.78 -25.38 27.36
CA SER GA 54 49.85 -24.15 28.12
C SER GA 54 51.17 -23.40 27.95
N GLU GA 55 52.21 -24.02 27.43
CA GLU GA 55 53.48 -23.33 27.23
C GLU GA 55 53.60 -22.65 25.87
N LEU GA 56 52.58 -22.70 25.02
CA LEU GA 56 52.63 -22.12 23.69
C LEU GA 56 51.54 -21.07 23.52
N SER GA 57 51.85 -20.00 22.78
CA SER GA 57 50.92 -18.91 22.54
C SER GA 57 51.32 -18.16 21.29
N PRO GA 58 50.37 -17.65 20.50
CA PRO GA 58 50.72 -16.94 19.27
C PRO GA 58 51.06 -15.47 19.50
N LEU GA 59 51.74 -14.87 18.52
CA LEU GA 59 52.33 -13.54 18.64
C LEU GA 59 51.58 -12.51 17.78
N TYR GA 60 51.49 -11.28 18.31
CA TYR GA 60 50.80 -10.19 17.63
C TYR GA 60 51.51 -8.85 17.83
N ASP GA 61 51.34 -7.98 16.83
CA ASP GA 61 51.55 -6.52 16.82
C ASP GA 61 52.99 -6.00 16.81
N THR GA 62 53.97 -6.76 17.30
CA THR GA 62 55.36 -6.31 17.35
C THR GA 62 56.21 -7.39 18.01
N THR GA 63 57.51 -7.33 17.74
CA THR GA 63 58.49 -8.30 18.25
C THR GA 63 59.88 -7.72 18.03
N ARG GA 64 60.92 -8.54 18.23
CA ARG GA 64 62.30 -8.14 17.96
C ARG GA 64 62.99 -9.17 17.07
N LEU GA 65 63.87 -8.69 16.19
CA LEU GA 65 64.78 -9.52 15.41
C LEU GA 65 66.22 -9.08 15.68
N TYR GA 66 67.11 -10.03 15.93
CA TYR GA 66 68.48 -9.72 16.32
C TYR GA 66 69.46 -10.18 15.24
N LEU GA 67 70.38 -9.29 14.85
CA LEU GA 67 71.40 -9.54 13.83
C LEU GA 67 72.76 -9.45 14.51
N VAL GA 68 73.33 -10.60 14.85
CA VAL GA 68 74.49 -10.69 15.72
C VAL GA 68 75.63 -11.38 14.99
N ASP GA 69 76.84 -10.84 15.15
CA ASP GA 69 77.99 -11.23 14.33
C ASP GA 69 78.87 -12.32 14.97
N ASN GA 70 78.55 -12.82 16.16
CA ASN GA 70 79.45 -13.76 16.83
C ASN GA 70 78.68 -14.92 17.45
N LYS GA 71 77.70 -15.47 16.74
CA LYS GA 71 77.08 -16.71 17.20
C LYS GA 71 78.02 -17.89 16.97
N SER GA 72 78.05 -18.82 17.93
CA SER GA 72 79.06 -19.86 17.92
C SER GA 72 78.94 -20.77 16.70
N ALA GA 73 77.72 -21.19 16.37
CA ALA GA 73 77.53 -22.11 15.25
C ALA GA 73 77.69 -21.43 13.89
N ASP GA 74 77.31 -20.15 13.79
CA ASP GA 74 77.46 -19.44 12.52
C ASP GA 74 78.92 -19.19 12.18
N ILE GA 75 79.78 -19.09 13.19
CA ILE GA 75 81.21 -18.88 12.95
C ILE GA 75 81.80 -20.05 12.19
N ALA GA 76 81.45 -21.27 12.60
CA ALA GA 76 82.09 -22.46 12.05
C ALA GA 76 81.61 -22.76 10.64
N SER GA 77 80.30 -22.63 10.37
CA SER GA 77 79.73 -23.16 9.15
C SER GA 77 79.32 -22.11 8.12
N LEU GA 78 79.38 -20.82 8.44
CA LEU GA 78 78.93 -19.83 7.47
C LEU GA 78 80.00 -18.86 7.03
N ASN GA 79 80.88 -18.42 7.93
CA ASN GA 79 81.66 -17.21 7.71
C ASN GA 79 83.16 -17.47 7.67
N TYR GA 80 83.55 -18.57 7.02
CA TYR GA 80 84.96 -18.97 7.03
C TYR GA 80 85.84 -17.96 6.28
N GLN GA 81 85.34 -17.38 5.20
CA GLN GA 81 86.11 -16.44 4.38
C GLN GA 81 85.67 -14.98 4.55
N ASN GA 82 84.89 -14.66 5.57
CA ASN GA 82 84.30 -13.33 5.74
C ASN GA 82 85.00 -12.55 6.84
N ASP GA 83 84.58 -11.29 7.01
CA ASP GA 83 85.02 -10.47 8.14
C ASP GA 83 83.82 -9.67 8.65
N HIS GA 84 84.04 -8.87 9.70
CA HIS GA 84 82.95 -8.20 10.38
C HIS GA 84 82.29 -7.10 9.56
N SER GA 85 82.90 -6.71 8.44
CA SER GA 85 82.28 -5.74 7.55
C SER GA 85 81.32 -6.37 6.55
N ASN GA 86 81.36 -7.70 6.36
CA ASN GA 86 80.50 -8.37 5.37
C ASN GA 86 80.37 -9.85 5.78
N PHE GA 87 79.25 -10.21 6.40
CA PHE GA 87 79.11 -11.54 6.98
C PHE GA 87 77.67 -12.01 6.88
N LEU GA 88 77.45 -13.28 7.22
CA LEU GA 88 76.14 -13.91 7.26
C LEU GA 88 75.77 -14.28 8.70
N THR GA 89 74.48 -14.21 9.00
CA THR GA 89 74.01 -14.57 10.33
C THR GA 89 72.60 -15.14 10.23
N THR GA 90 72.20 -15.85 11.28
CA THR GA 90 70.87 -16.47 11.34
C THR GA 90 69.97 -15.68 12.29
N VAL GA 91 68.76 -15.36 11.83
CA VAL GA 91 67.79 -14.70 12.68
C VAL GA 91 66.90 -15.68 13.44
N VAL GA 92 67.02 -16.97 13.17
CA VAL GA 92 66.32 -18.00 13.93
C VAL GA 92 67.12 -18.30 15.20
N GLN GA 93 66.49 -18.12 16.35
CA GLN GA 93 67.15 -18.28 17.65
C GLN GA 93 66.77 -19.59 18.35
N ASN GA 94 66.62 -20.68 17.61
CA ASN GA 94 66.14 -21.96 18.13
C ASN GA 94 67.22 -23.00 17.87
N ASN GA 95 67.84 -23.50 18.94
CA ASN GA 95 69.00 -24.39 18.81
C ASN GA 95 68.63 -25.85 18.52
N ASP GA 96 67.36 -26.15 18.23
CA ASP GA 96 66.99 -27.45 17.72
C ASP GA 96 67.47 -27.67 16.29
N PHE GA 97 67.97 -26.63 15.63
CA PHE GA 97 68.37 -26.70 14.22
C PHE GA 97 69.75 -26.11 14.05
N THR GA 98 70.48 -26.63 13.07
CA THR GA 98 71.75 -26.03 12.65
C THR GA 98 71.48 -24.84 11.72
N PRO GA 99 72.47 -23.96 11.56
CA PRO GA 99 72.27 -22.82 10.65
C PRO GA 99 71.94 -23.22 9.22
N THR GA 100 72.51 -24.32 8.73
CA THR GA 100 72.18 -24.80 7.39
C THR GA 100 70.71 -25.17 7.29
N GLU GA 101 70.19 -25.89 8.29
CA GLU GA 101 68.76 -26.20 8.31
C GLU GA 101 67.92 -24.94 8.46
N ALA GA 102 68.38 -23.98 9.26
CA ALA GA 102 67.62 -22.76 9.48
C ALA GA 102 67.49 -21.93 8.21
N SER GA 103 68.42 -22.08 7.27
CA SER GA 103 68.42 -21.22 6.08
C SER GA 103 67.16 -21.41 5.24
N THR GA 104 66.52 -22.56 5.31
CA THR GA 104 65.31 -22.80 4.54
C THR GA 104 64.03 -22.40 5.26
N GLN GA 105 64.09 -22.05 6.54
CA GLN GA 105 62.90 -21.65 7.29
C GLN GA 105 62.59 -20.17 7.04
N THR GA 106 61.36 -19.77 7.37
CA THR GA 106 60.92 -18.40 7.16
C THR GA 106 60.16 -17.87 8.37
N ILE GA 107 60.10 -16.54 8.46
CA ILE GA 107 59.24 -15.81 9.38
C ILE GA 107 58.28 -14.99 8.55
N ASN GA 108 56.99 -15.08 8.84
CA ASN GA 108 55.96 -14.51 7.97
C ASN GA 108 55.13 -13.47 8.72
N PHE GA 109 55.07 -12.26 8.19
CA PHE GA 109 54.25 -11.17 8.71
C PHE GA 109 52.98 -11.09 7.87
N ASP GA 110 51.83 -10.91 8.54
CA ASP GA 110 50.53 -11.11 7.89
C ASP GA 110 50.42 -10.30 6.59
N GLU GA 111 50.07 -10.99 5.51
CA GLU GA 111 50.09 -10.42 4.17
C GLU GA 111 48.96 -9.43 3.93
N ARG GA 112 47.99 -9.33 4.83
CA ARG GA 112 46.94 -8.33 4.70
C ARG GA 112 47.35 -6.96 5.23
N SER GA 113 48.59 -6.79 5.68
CA SER GA 113 49.13 -5.50 6.10
C SER GA 113 50.47 -5.27 5.42
N ARG GA 114 50.85 -4.00 5.34
CA ARG GA 114 52.21 -3.62 4.98
C ARG GA 114 52.97 -3.28 6.25
N TRP GA 115 54.20 -3.80 6.37
CA TRP GA 115 54.97 -3.73 7.60
C TRP GA 115 56.20 -2.86 7.44
N GLY GA 116 56.61 -2.22 8.54
CA GLY GA 116 57.85 -1.49 8.58
C GLY GA 116 58.68 -1.91 9.78
N GLY GA 117 59.96 -1.58 9.72
CA GLY GA 117 60.88 -1.93 10.77
C GLY GA 117 61.78 -0.80 11.24
N GLN GA 118 61.75 -0.51 12.54
CA GLN GA 118 62.63 0.48 13.12
C GLN GA 118 64.00 -0.14 13.42
N LEU GA 119 65.05 0.50 12.92
CA LEU GA 119 66.40 -0.08 12.94
C LEU GA 119 67.34 0.71 13.86
N LYS GA 120 68.02 0.00 14.75
CA LYS GA 120 69.07 0.56 15.60
C LYS GA 120 70.34 -0.26 15.40
N THR GA 121 71.49 0.42 15.36
CA THR GA 121 72.77 -0.25 15.12
C THR GA 121 73.79 0.15 16.18
N ILE GA 122 74.76 -0.74 16.37
CA ILE GA 122 75.92 -0.52 17.24
C ILE GA 122 77.17 -0.89 16.46
N MET GA 123 78.16 0.00 16.43
CA MET GA 123 79.38 -0.21 15.65
C MET GA 123 80.60 0.25 16.43
N HIS GA 124 81.70 -0.48 16.31
CA HIS GA 124 82.97 -0.10 16.91
C HIS GA 124 84.13 -0.40 15.96
N THR GA 125 85.10 0.50 15.89
CA THR GA 125 86.21 0.43 14.95
C THR GA 125 87.55 0.52 15.68
N ASN GA 126 88.62 0.16 14.98
CA ASN GA 126 89.98 0.27 15.51
C ASN GA 126 90.96 0.77 14.44
N MET GA 127 90.58 1.83 13.72
CA MET GA 127 91.39 2.37 12.62
C MET GA 127 92.52 3.26 13.13
N PRO GA 128 93.76 3.04 12.69
CA PRO GA 128 94.82 4.01 12.94
C PRO GA 128 94.86 5.10 11.88
N ASN GA 129 95.40 6.27 12.27
CA ASN GA 129 95.27 7.43 11.40
C ASN GA 129 96.22 7.43 10.20
N VAL GA 130 97.34 6.73 10.26
CA VAL GA 130 98.27 6.64 9.13
C VAL GA 130 98.27 5.19 8.65
N ASN GA 131 97.68 4.95 7.49
CA ASN GA 131 97.56 3.59 6.96
C ASN GA 131 97.43 3.63 5.45
N GLU GA 132 97.66 2.47 4.82
CA GLU GA 132 97.69 2.37 3.37
C GLU GA 132 96.28 2.38 2.76
N TYR GA 133 95.31 1.76 3.43
CA TYR GA 133 93.99 1.58 2.84
C TYR GA 133 93.28 2.90 2.58
N MET GA 134 93.55 3.91 3.41
CA MET GA 134 92.88 5.20 3.33
C MET GA 134 93.73 6.28 2.65
N PHE GA 135 94.85 5.90 2.04
CA PHE GA 135 95.70 6.82 1.27
C PHE GA 135 96.31 7.92 2.13
N SER GA 136 96.53 7.66 3.42
CA SER GA 136 97.22 8.58 4.29
C SER GA 136 98.66 8.15 4.54
N ASN GA 137 99.22 7.37 3.63
CA ASN GA 137 100.50 6.72 3.79
C ASN GA 137 101.60 7.29 2.91
N LYS GA 138 101.28 8.12 1.93
CA LYS GA 138 102.22 8.44 0.88
C LYS GA 138 101.96 9.84 0.33
N PHE GA 139 103.00 10.40 -0.30
CA PHE GA 139 102.93 11.67 -1.02
C PHE GA 139 104.06 11.69 -2.04
N LYS GA 140 104.00 12.67 -2.95
CA LYS GA 140 105.01 12.83 -3.99
C LYS GA 140 105.70 14.17 -3.88
N ALA GA 141 106.98 14.20 -4.26
CA ALA GA 141 107.77 15.42 -4.20
C ALA GA 141 108.88 15.37 -5.25
N ARG GA 142 109.42 16.54 -5.58
CA ARG GA 142 110.50 16.69 -6.55
C ARG GA 142 111.73 17.26 -5.86
N VAL GA 143 112.83 16.51 -5.88
CA VAL GA 143 114.06 16.87 -5.20
C VAL GA 143 115.22 16.81 -6.19
N MET GA 144 116.40 17.22 -5.73
CA MET GA 144 117.59 17.28 -6.56
C MET GA 144 118.38 15.97 -6.47
N VAL GA 145 118.70 15.41 -7.63
CA VAL GA 145 119.39 14.14 -7.70
C VAL GA 145 120.87 14.27 -8.00
N SER GA 146 121.28 15.30 -8.74
CA SER GA 146 122.68 15.47 -9.10
C SER GA 146 123.03 16.95 -9.21
N ARG GA 147 124.14 17.33 -8.59
CA ARG GA 147 124.82 18.57 -8.91
C ARG GA 147 125.81 18.30 -10.04
N LYS GA 148 126.70 19.24 -10.33
CA LYS GA 148 127.69 19.03 -11.38
C LYS GA 148 128.72 17.98 -10.96
N ASP GA 171 127.65 25.04 -12.85
CA ASP GA 171 127.04 23.83 -12.30
C ASP GA 171 125.69 23.55 -12.94
N ILE GA 172 125.45 22.30 -13.30
CA ILE GA 172 124.19 21.84 -13.87
C ILE GA 172 123.47 20.98 -12.83
N LEU GA 173 122.20 21.27 -12.59
CA LEU GA 173 121.42 20.64 -11.54
C LEU GA 173 120.29 19.82 -12.15
N LYS GA 174 120.10 18.61 -11.65
CA LYS GA 174 119.07 17.70 -12.14
C LYS GA 174 118.09 17.38 -11.03
N TYR GA 175 116.81 17.33 -11.38
CA TYR GA 175 115.72 17.06 -10.44
C TYR GA 175 114.85 15.93 -10.95
N GLU GA 176 114.14 15.27 -10.04
CA GLU GA 176 113.28 14.15 -10.40
C GLU GA 176 112.17 13.99 -9.38
N TRP GA 177 111.06 13.40 -9.82
CA TRP GA 177 109.92 13.10 -8.96
C TRP GA 177 110.06 11.71 -8.34
N PHE GA 178 109.61 11.59 -7.09
CA PHE GA 178 109.58 10.32 -6.39
C PHE GA 178 108.29 10.23 -5.57
N GLU GA 179 107.96 9.01 -5.15
CA GLU GA 179 106.88 8.76 -4.20
C GLU GA 179 107.46 8.25 -2.90
N PHE GA 180 107.03 8.85 -1.78
CA PHE GA 180 107.58 8.57 -0.46
C PHE GA 180 106.55 7.83 0.38
N ILE GA 181 107.01 6.88 1.19
CA ILE GA 181 106.14 6.00 1.98
C ILE GA 181 106.53 6.11 3.45
N LEU GA 182 105.51 6.27 4.32
CA LEU GA 182 105.60 6.28 5.77
C LEU GA 182 105.21 4.92 6.35
N PRO GA 183 105.72 4.56 7.52
CA PRO GA 183 105.23 3.34 8.19
C PRO GA 183 103.93 3.59 8.93
N GLU GA 184 103.15 2.53 9.09
CA GLU GA 184 101.79 2.64 9.59
C GLU GA 184 101.74 2.68 11.12
N GLY GA 185 100.72 3.35 11.62
CA GLY GA 185 100.55 3.51 13.06
C GLY GA 185 99.59 4.65 13.35
N ASN GA 186 99.40 4.91 14.64
CA ASN GA 186 98.50 5.95 15.14
C ASN GA 186 99.34 7.03 15.81
N PHE GA 187 99.53 8.14 15.11
CA PHE GA 187 100.50 9.16 15.52
C PHE GA 187 99.82 10.52 15.70
N SER GA 188 100.44 11.36 16.53
CA SER GA 188 100.02 12.74 16.64
C SER GA 188 100.49 13.53 15.41
N ALA GA 189 100.01 14.77 15.29
CA ALA GA 189 100.32 15.58 14.13
C ALA GA 189 101.80 15.94 14.07
N THR GA 190 102.40 16.29 15.22
CA THR GA 190 103.83 16.61 15.23
C THR GA 190 104.67 15.40 14.86
N MET GA 191 104.33 14.24 15.41
CA MET GA 191 105.09 13.03 15.09
C MET GA 191 104.94 12.65 13.63
N THR GA 192 103.79 12.93 13.02
CA THR GA 192 103.61 12.66 11.60
C THR GA 192 104.52 13.53 10.74
N ILE GA 193 104.67 14.80 11.11
CA ILE GA 193 105.52 15.71 10.35
C ILE GA 193 106.99 15.30 10.45
N ASP GA 194 107.41 14.76 11.60
CA ASP GA 194 108.77 14.24 11.71
C ASP GA 194 109.00 13.08 10.74
N LEU GA 195 108.02 12.21 10.58
CA LEU GA 195 108.17 11.07 9.69
C LEU GA 195 108.26 11.51 8.22
N MET GA 196 107.55 12.56 7.84
CA MET GA 196 107.64 13.06 6.47
C MET GA 196 109.01 13.66 6.18
N ASN GA 197 109.58 14.40 7.13
CA ASN GA 197 110.94 14.90 6.96
C ASN GA 197 111.94 13.76 6.86
N ASN GA 198 111.77 12.74 7.70
CA ASN GA 198 112.67 11.58 7.69
C ASN GA 198 112.63 10.86 6.36
N ALA GA 199 111.47 10.80 5.71
CA ALA GA 199 111.38 10.15 4.40
C ALA GA 199 112.17 10.91 3.34
N ILE GA 200 112.13 12.25 3.38
CA ILE GA 200 112.89 13.05 2.43
C ILE GA 200 114.38 12.79 2.60
N ILE GA 201 114.85 12.75 3.84
CA ILE GA 201 116.28 12.63 4.11
C ILE GA 201 116.80 11.25 3.69
N ASP GA 202 116.01 10.20 3.89
CA ASP GA 202 116.43 8.87 3.47
C ASP GA 202 116.61 8.77 1.96
N ASN GA 203 115.93 9.61 1.19
CA ASN GA 203 116.18 9.69 -0.25
C ASN GA 203 117.49 10.41 -0.54
N TYR GA 204 117.87 11.38 0.29
CA TYR GA 204 119.12 12.08 0.09
C TYR GA 204 120.33 11.24 0.51
N LEU GA 205 120.12 10.21 1.32
CA LEU GA 205 121.23 9.33 1.71
C LEU GA 205 121.43 8.16 0.75
N GLU GA 206 120.39 7.77 0.02
CA GLU GA 206 120.47 6.66 -0.92
C GLU GA 206 120.84 7.11 -2.33
N ILE GA 207 120.29 8.24 -2.77
CA ILE GA 207 120.64 8.91 -4.00
C ILE GA 207 121.15 10.26 -3.53
N GLY GA 208 121.53 11.15 -4.45
CA GLY GA 208 121.84 12.46 -3.96
C GLY GA 208 123.26 12.55 -3.43
N ARG GA 209 123.40 12.41 -2.10
CA ARG GA 209 124.67 12.54 -1.41
C ARG GA 209 125.85 11.92 -2.16
N GLN GA 210 125.65 10.72 -2.71
CA GLN GA 210 126.72 10.07 -3.46
C GLN GA 210 126.88 10.63 -4.87
N ASN GA 211 126.08 11.62 -5.28
CA ASN GA 211 126.18 12.23 -6.59
C ASN GA 211 126.44 13.73 -6.50
N GLY GA 212 126.99 14.20 -5.39
CA GLY GA 212 127.51 15.55 -5.31
C GLY GA 212 126.62 16.62 -4.74
N VAL GA 213 125.45 16.27 -4.21
CA VAL GA 213 124.60 17.27 -3.58
C VAL GA 213 125.02 17.43 -2.13
N LEU GA 214 124.98 18.66 -1.65
CA LEU GA 214 125.40 18.96 -0.29
C LEU GA 214 124.20 19.00 0.65
N GLU GA 215 124.48 18.96 1.95
CA GLU GA 215 123.41 19.12 2.92
C GLU GA 215 123.12 20.59 3.13
N SER GA 216 122.99 21.32 2.02
CA SER GA 216 122.50 22.69 2.03
C SER GA 216 121.63 22.96 0.82
N ASP GA 217 121.32 21.94 0.02
CA ASP GA 217 120.45 22.05 -1.15
C ASP GA 217 119.34 21.01 -1.14
N ILE GA 218 118.92 20.56 0.04
CA ILE GA 218 117.91 19.51 0.16
C ILE GA 218 116.64 19.92 -0.61
N GLY GA 219 116.01 21.00 -0.19
CA GLY GA 219 114.99 21.63 -1.02
C GLY GA 219 113.55 21.38 -0.66
N VAL GA 220 113.24 20.47 0.26
CA VAL GA 220 111.87 20.25 0.73
C VAL GA 220 111.91 20.01 2.23
N LYS GA 221 111.20 20.85 2.99
CA LYS GA 221 111.11 20.67 4.43
C LYS GA 221 109.73 21.10 4.93
N PHE GA 222 109.22 20.39 5.93
CA PHE GA 222 107.95 20.73 6.57
C PHE GA 222 108.22 21.34 7.94
N ASP GA 223 107.71 22.55 8.17
CA ASP GA 223 108.03 23.32 9.36
C ASP GA 223 106.75 23.81 10.04
N THR GA 224 106.92 24.54 11.14
CA THR GA 224 105.81 25.15 11.86
C THR GA 224 106.02 26.61 12.24
N ARG GA 225 107.16 27.20 11.90
CA ARG GA 225 107.53 28.50 12.44
C ARG GA 225 107.03 29.65 11.58
N ASN GA 226 106.95 30.83 12.19
CA ASN GA 226 106.65 32.07 11.48
C ASN GA 226 107.99 32.79 11.26
N PHE GA 227 108.59 32.55 10.10
CA PHE GA 227 109.79 33.29 9.76
C PHE GA 227 109.43 34.76 9.57
N ARG GA 228 110.43 35.62 9.71
CA ARG GA 228 110.32 37.09 9.65
C ARG GA 228 109.54 37.69 10.82
N LEU GA 229 109.43 36.98 11.94
CA LEU GA 229 108.76 37.55 13.11
C LEU GA 229 109.54 38.76 13.66
N GLY GA 230 110.84 38.58 13.91
CA GLY GA 230 111.63 39.67 14.47
C GLY GA 230 112.24 40.61 13.44
N TRP GA 231 111.57 40.75 12.30
CA TRP GA 231 112.07 41.54 11.19
C TRP GA 231 112.07 43.03 11.54
N ASP GA 232 113.04 43.75 10.99
CA ASP GA 232 113.20 45.17 11.24
C ASP GA 232 112.99 45.95 9.97
N PRO GA 233 112.15 47.00 9.98
CA PRO GA 233 111.80 47.68 8.73
C PRO GA 233 112.92 48.50 8.13
N GLU GA 234 113.96 48.82 8.89
CA GLU GA 234 115.08 49.61 8.36
C GLU GA 234 116.20 48.72 7.83
N THR GA 235 116.74 47.84 8.68
CA THR GA 235 117.81 46.95 8.25
C THR GA 235 117.32 45.79 7.40
N LYS GA 236 116.02 45.46 7.48
CA LYS GA 236 115.41 44.39 6.69
C LYS GA 236 116.10 43.05 6.95
N LEU GA 237 116.47 42.79 8.20
CA LEU GA 237 117.04 41.52 8.59
C LEU GA 237 116.47 41.11 9.95
N ILE GA 238 116.59 39.83 10.27
CA ILE GA 238 116.10 39.31 11.54
C ILE GA 238 117.13 39.69 12.61
N MET GA 239 116.84 40.75 13.36
CA MET GA 239 117.81 41.30 14.29
C MET GA 239 118.32 40.33 15.35
N PRO GA 240 117.49 39.49 15.98
CA PRO GA 240 118.03 38.60 17.02
C PRO GA 240 119.09 37.62 16.53
N GLY GA 241 119.16 37.36 15.23
CA GLY GA 241 120.11 36.39 14.71
C GLY GA 241 119.62 34.96 14.69
N VAL GA 242 118.46 34.67 15.28
CA VAL GA 242 117.81 33.37 15.19
C VAL GA 242 116.33 33.59 14.97
N TYR GA 243 115.72 32.74 14.14
CA TYR GA 243 114.28 32.79 13.94
C TYR GA 243 113.55 32.40 15.21
N THR GA 244 112.39 33.02 15.43
CA THR GA 244 111.61 32.74 16.63
C THR GA 244 111.19 31.28 16.67
N TYR GA 245 111.44 30.63 17.80
CA TYR GA 245 111.25 29.18 17.92
C TYR GA 245 109.88 28.86 18.54
N GLU GA 246 108.81 29.31 17.88
CA GLU GA 246 107.44 29.08 18.32
C GLU GA 246 106.62 28.51 17.16
N ALA GA 247 105.65 27.65 17.51
CA ALA GA 247 104.82 27.00 16.51
C ALA GA 247 103.58 27.83 16.23
N PHE GA 248 103.28 28.04 14.95
CA PHE GA 248 102.12 28.81 14.52
C PHE GA 248 101.13 27.99 13.71
N HIS GA 249 101.60 27.30 12.66
CA HIS GA 249 100.77 26.54 11.73
C HIS GA 249 101.73 25.75 10.84
N PRO GA 250 101.40 24.51 10.47
CA PRO GA 250 102.29 23.74 9.59
C PRO GA 250 102.51 24.42 8.25
N ASP GA 251 103.72 24.26 7.72
CA ASP GA 251 104.22 25.06 6.61
C ASP GA 251 105.10 24.21 5.70
N ILE GA 252 105.26 24.67 4.46
CA ILE GA 252 106.08 24.02 3.45
C ILE GA 252 107.16 25.00 3.00
N VAL GA 253 108.42 24.56 3.02
CA VAL GA 253 109.57 25.38 2.63
C VAL GA 253 110.25 24.75 1.42
N LEU GA 254 110.50 25.56 0.39
CA LEU GA 254 110.99 25.08 -0.89
C LEU GA 254 112.20 25.87 -1.38
N LEU GA 255 113.06 25.19 -2.15
CA LEU GA 255 114.17 25.72 -2.94
C LEU GA 255 113.81 25.70 -4.41
N PRO GA 256 114.51 26.48 -5.25
CA PRO GA 256 114.15 26.53 -6.67
C PRO GA 256 114.26 25.16 -7.32
N GLY GA 257 113.31 24.87 -8.20
CA GLY GA 257 113.26 23.61 -8.91
C GLY GA 257 112.52 22.49 -8.20
N CYS GA 258 112.02 22.70 -7.00
CA CYS GA 258 111.38 21.64 -6.21
C CYS GA 258 109.87 21.88 -6.12
N GLY GA 259 109.18 20.93 -5.50
CA GLY GA 259 107.74 21.03 -5.32
C GLY GA 259 107.19 19.77 -4.68
N VAL GA 260 105.92 19.86 -4.27
CA VAL GA 260 105.18 18.74 -3.70
C VAL GA 260 103.85 18.60 -4.42
N ASP GA 261 103.33 17.37 -4.42
CA ASP GA 261 102.09 17.06 -5.13
C ASP GA 261 101.21 16.17 -4.26
N PHE GA 262 100.00 16.64 -3.96
CA PHE GA 262 99.08 15.92 -3.08
C PHE GA 262 97.87 15.36 -3.80
N THR GA 263 98.00 15.07 -5.10
CA THR GA 263 96.85 14.60 -5.87
C THR GA 263 96.32 13.27 -5.35
N GLU GA 264 97.22 12.37 -4.93
CA GLU GA 264 96.81 11.05 -4.48
C GLU GA 264 97.16 10.84 -3.01
N SER GA 265 96.84 11.83 -2.17
CA SER GA 265 97.23 11.80 -0.76
C SER GA 265 96.21 12.59 0.06
N ARG GA 266 96.03 12.16 1.30
CA ARG GA 266 95.16 12.86 2.24
C ARG GA 266 95.94 13.59 3.31
N LEU GA 267 97.25 13.70 3.17
CA LEU GA 267 98.08 14.38 4.17
C LEU GA 267 97.99 15.89 4.10
N SER GA 268 97.39 16.46 3.05
CA SER GA 268 97.17 17.90 3.03
C SER GA 268 96.13 18.34 4.05
N ASN GA 269 95.18 17.46 4.41
CA ASN GA 269 94.22 17.79 5.46
C ASN GA 269 94.90 17.89 6.83
N LEU GA 270 95.88 17.02 7.09
CA LEU GA 270 96.61 17.10 8.35
C LEU GA 270 97.48 18.36 8.42
N LEU GA 271 97.93 18.87 7.28
CA LEU GA 271 98.72 20.10 7.26
C LEU GA 271 97.88 21.36 7.36
N GLY GA 272 96.57 21.27 7.16
CA GLY GA 272 95.75 22.45 7.17
C GLY GA 272 95.89 23.36 5.97
N ILE GA 273 96.15 22.79 4.80
CA ILE GA 273 96.24 23.53 3.54
C ILE GA 273 95.26 22.89 2.55
N ARG GA 274 94.31 23.67 2.06
CA ARG GA 274 93.25 23.16 1.19
C ARG GA 274 93.05 24.11 0.01
N LYS GA 275 92.34 23.61 -1.00
CA LYS GA 275 92.04 24.38 -2.20
C LYS GA 275 90.69 25.07 -2.10
N ARG GA 276 90.62 26.31 -2.62
CA ARG GA 276 89.37 27.04 -2.64
C ARG GA 276 88.37 26.47 -3.64
N HIS GA 277 88.82 25.66 -4.60
CA HIS GA 277 87.96 24.96 -5.54
C HIS GA 277 88.23 23.47 -5.36
N PRO GA 278 87.62 22.86 -4.34
CA PRO GA 278 88.02 21.49 -3.96
C PRO GA 278 87.56 20.41 -4.93
N PHE GA 279 86.70 20.71 -5.89
CA PHE GA 279 86.25 19.71 -6.85
C PHE GA 279 87.07 19.68 -8.13
N GLN GA 280 88.09 20.52 -8.25
CA GLN GA 280 88.98 20.50 -9.42
C GLN GA 280 90.16 19.56 -9.13
N GLU GA 281 90.36 18.59 -10.00
CA GLU GA 281 91.38 17.57 -9.76
C GLU GA 281 92.78 18.16 -9.85
N GLY GA 282 93.68 17.65 -9.00
CA GLY GA 282 95.07 18.05 -9.02
C GLY GA 282 95.44 19.07 -7.95
N PHE GA 283 96.50 18.80 -7.20
CA PHE GA 283 96.95 19.69 -6.12
C PHE GA 283 98.48 19.66 -6.11
N LYS GA 284 99.09 20.63 -6.77
CA LYS GA 284 100.55 20.75 -6.83
C LYS GA 284 100.97 22.15 -6.41
N ILE GA 285 102.05 22.23 -5.63
CA ILE GA 285 102.61 23.50 -5.18
C ILE GA 285 104.10 23.49 -5.53
N MET GA 286 104.50 24.39 -6.42
CA MET GA 286 105.88 24.48 -6.90
C MET GA 286 106.52 25.78 -6.41
N TYR GA 287 107.84 25.86 -6.61
CA TYR GA 287 108.58 27.03 -6.15
C TYR GA 287 108.12 28.31 -6.83
N GLU GA 288 107.66 28.22 -8.08
CA GLU GA 288 107.20 29.40 -8.80
C GLU GA 288 105.85 29.92 -8.29
N ASP GA 289 105.10 29.11 -7.56
CA ASP GA 289 103.80 29.54 -7.04
C ASP GA 289 103.90 30.28 -5.71
N LEU GA 290 105.06 30.29 -5.06
CA LEU GA 290 105.23 30.89 -3.75
C LEU GA 290 105.86 32.28 -3.83
N GLU GA 291 105.54 33.06 -4.87
CA GLU GA 291 106.13 34.37 -5.02
C GLU GA 291 105.80 35.28 -3.85
N GLY GA 292 106.79 36.06 -3.42
CA GLY GA 292 106.64 36.94 -2.28
C GLY GA 292 106.89 36.30 -0.93
N GLY GA 293 107.25 35.02 -0.90
CA GLY GA 293 107.42 34.33 0.36
C GLY GA 293 108.85 33.99 0.72
N ASN GA 294 109.81 34.73 0.18
CA ASN GA 294 111.21 34.47 0.49
C ASN GA 294 111.49 34.73 1.97
N ILE GA 295 112.28 33.85 2.57
CA ILE GA 295 112.61 33.93 3.99
C ILE GA 295 113.74 34.95 4.18
N PRO GA 296 113.53 35.98 4.99
CA PRO GA 296 114.60 36.98 5.17
C PRO GA 296 115.84 36.38 5.80
N ALA GA 297 116.99 36.87 5.36
CA ALA GA 297 118.28 36.35 5.83
C ALA GA 297 118.60 36.84 7.23
N LEU GA 298 119.42 36.06 7.93
CA LEU GA 298 119.98 36.40 9.23
C LEU GA 298 118.99 37.05 10.17
N ILE GA 364 126.41 45.29 10.22
CA ILE GA 364 125.17 45.22 9.47
C ILE GA 364 125.34 44.42 8.19
N GLN GA 365 125.56 43.11 8.33
CA GLN GA 365 125.68 42.23 7.17
C GLN GA 365 125.02 40.90 7.49
N PRO GA 366 124.41 40.24 6.51
CA PRO GA 366 123.77 38.95 6.76
C PRO GA 366 124.80 37.86 7.01
N LEU GA 367 124.42 36.90 7.86
CA LEU GA 367 125.24 35.71 8.03
C LEU GA 367 125.11 34.84 6.79
N GLU GA 368 126.25 34.36 6.27
CA GLU GA 368 126.27 33.63 5.01
C GLU GA 368 126.47 32.13 5.19
N LYS GA 369 126.80 31.65 6.38
CA LYS GA 369 127.06 30.24 6.58
C LYS GA 369 126.76 29.87 8.02
N ASP GA 370 126.63 28.57 8.27
CA ASP GA 370 126.27 28.04 9.58
C ASP GA 370 127.54 27.72 10.38
N SER GA 371 127.35 27.14 11.56
CA SER GA 371 128.48 26.84 12.45
C SER GA 371 129.43 25.84 11.82
N LYS GA 372 128.90 24.80 11.18
CA LYS GA 372 129.71 23.74 10.57
C LYS GA 372 129.95 23.99 9.09
N SER GA 373 129.98 25.26 8.66
CA SER GA 373 130.22 25.63 7.28
C SER GA 373 129.20 25.01 6.33
N ARG GA 374 127.94 25.41 6.52
CA ARG GA 374 126.86 25.09 5.60
C ARG GA 374 126.29 26.39 5.05
N SER GA 375 126.12 26.44 3.73
CA SER GA 375 125.61 27.64 3.09
C SER GA 375 124.15 27.87 3.46
N TYR GA 376 123.83 29.12 3.80
CA TYR GA 376 122.44 29.53 3.99
C TYR GA 376 121.77 29.94 2.68
N ASN GA 377 122.48 29.87 1.55
CA ASN GA 377 121.93 30.22 0.24
C ASN GA 377 121.49 31.68 0.16
N VAL GA 378 122.28 32.58 0.73
CA VAL GA 378 121.97 34.00 0.64
C VAL GA 378 122.15 34.47 -0.79
N LEU GA 379 121.32 35.43 -1.20
CA LEU GA 379 121.28 35.93 -2.57
C LEU GA 379 121.90 37.31 -2.66
N GLU GA 380 121.81 37.90 -3.85
CA GLU GA 380 122.23 39.29 -4.02
C GLU GA 380 121.28 40.21 -3.27
N ASP GA 381 121.77 41.43 -3.03
CA ASP GA 381 121.11 42.47 -2.22
C ASP GA 381 121.19 42.14 -0.74
N LYS GA 382 121.67 40.95 -0.39
CA LYS GA 382 122.09 40.60 0.97
C LYS GA 382 120.99 40.87 2.00
N ILE GA 383 119.73 40.61 1.61
CA ILE GA 383 118.61 40.71 2.54
C ILE GA 383 117.79 39.43 2.57
N ASN GA 384 117.48 38.84 1.42
CA ASN GA 384 116.61 37.68 1.34
C ASN GA 384 117.41 36.44 0.96
N THR GA 385 116.80 35.29 1.25
CA THR GA 385 117.37 33.98 1.00
C THR GA 385 116.55 33.26 -0.06
N ALA GA 386 117.17 32.28 -0.72
CA ALA GA 386 116.51 31.54 -1.78
C ALA GA 386 115.34 30.70 -1.29
N TYR GA 387 115.27 30.38 0.01
CA TYR GA 387 114.16 29.59 0.54
C TYR GA 387 112.86 30.37 0.47
N ARG GA 388 111.78 29.69 0.08
CA ARG GA 388 110.44 30.25 0.10
C ARG GA 388 109.53 29.36 0.95
N SER GA 389 108.49 29.96 1.54
CA SER GA 389 107.57 29.23 2.39
C SER GA 389 106.13 29.60 2.08
N TRP GA 390 105.24 28.61 2.19
CA TRP GA 390 103.83 28.83 1.90
C TRP GA 390 103.20 29.83 2.87
N TYR GA 391 103.56 29.75 4.15
CA TYR GA 391 102.92 30.62 5.14
C TYR GA 391 103.28 32.08 4.93
N LEU GA 392 104.54 32.37 4.61
CA LEU GA 392 104.94 33.75 4.36
C LEU GA 392 104.24 34.30 3.12
N SER GA 393 104.13 33.50 2.08
CA SER GA 393 103.46 33.95 0.87
C SER GA 393 101.95 34.16 1.09
N TYR GA 394 101.34 33.29 1.90
CA TYR GA 394 99.90 33.42 2.17
C TYR GA 394 99.60 34.69 2.97
N ASN GA 395 100.44 35.02 3.94
CA ASN GA 395 100.13 36.12 4.85
C ASN GA 395 100.75 37.46 4.43
N TYR GA 396 101.89 37.46 3.74
CA TYR GA 396 102.58 38.70 3.42
C TYR GA 396 102.70 38.98 1.93
N GLY GA 397 102.42 38.02 1.07
CA GLY GA 397 102.52 38.21 -0.36
C GLY GA 397 101.36 39.00 -0.94
N ASN GA 398 101.29 39.00 -2.25
CA ASN GA 398 100.24 39.73 -2.96
C ASN GA 398 98.90 39.02 -2.80
N PRO GA 399 97.87 39.70 -2.27
CA PRO GA 399 96.59 39.02 -2.03
C PRO GA 399 95.93 38.49 -3.29
N GLU GA 400 96.13 39.11 -4.45
CA GLU GA 400 95.39 38.76 -5.65
C GLU GA 400 96.23 38.03 -6.68
N LYS GA 401 97.49 37.72 -6.39
CA LYS GA 401 98.34 36.99 -7.31
C LYS GA 401 99.13 35.85 -6.67
N GLY GA 402 99.35 35.87 -5.36
CA GLY GA 402 100.12 34.83 -4.71
C GLY GA 402 99.30 33.60 -4.43
N ILE GA 403 99.85 32.75 -3.55
CA ILE GA 403 99.24 31.48 -3.23
C ILE GA 403 97.89 31.67 -2.51
N ARG GA 404 97.64 32.85 -1.93
CA ARG GA 404 96.40 33.11 -1.22
C ARG GA 404 95.19 33.18 -2.13
N SER GA 405 95.38 33.35 -3.43
CA SER GA 405 94.24 33.49 -4.33
C SER GA 405 93.55 32.16 -4.64
N TRP GA 406 94.23 31.03 -4.46
CA TRP GA 406 93.60 29.75 -4.74
C TRP GA 406 93.84 28.68 -3.67
N THR GA 407 94.43 29.02 -2.52
CA THR GA 407 94.52 28.10 -1.40
C THR GA 407 93.92 28.76 -0.15
N LEU GA 408 93.66 27.92 0.85
CA LEU GA 408 92.97 28.34 2.06
C LEU GA 408 93.66 27.73 3.28
N LEU GA 409 93.78 28.52 4.34
CA LEU GA 409 94.40 28.08 5.59
C LEU GA 409 93.33 27.60 6.56
N THR GA 410 93.49 26.38 7.08
CA THR GA 410 92.50 25.76 7.96
C THR GA 410 93.21 25.14 9.17
N THR GA 411 92.42 24.77 10.18
CA THR GA 411 92.96 24.07 11.34
C THR GA 411 93.39 22.66 10.95
N SER GA 412 94.47 22.18 11.57
CA SER GA 412 94.98 20.85 11.30
C SER GA 412 93.98 19.78 11.76
N ASP GA 413 93.77 18.77 10.91
CA ASP GA 413 92.84 17.68 11.20
C ASP GA 413 93.62 16.38 11.27
N VAL GA 414 93.84 15.86 12.48
CA VAL GA 414 94.71 14.71 12.68
C VAL GA 414 94.11 13.43 12.09
N THR GA 415 92.79 13.31 12.05
CA THR GA 415 92.18 12.11 11.47
C THR GA 415 92.35 12.04 9.95
N CYS GA 416 92.84 13.12 9.33
CA CYS GA 416 93.01 13.26 7.88
C CYS GA 416 91.69 13.33 7.12
N GLY GA 417 90.58 13.59 7.82
CA GLY GA 417 89.31 13.80 7.17
C GLY GA 417 88.48 12.54 7.10
N VAL GA 418 87.48 12.43 7.93
CA VAL GA 418 86.62 11.25 7.96
C VAL GA 418 85.45 11.47 7.02
N GLU GA 419 84.99 10.39 6.40
CA GLU GA 419 83.83 10.43 5.53
C GLU GA 419 82.77 9.48 6.08
N GLN GA 420 81.71 9.27 5.31
CA GLN GA 420 80.53 8.54 5.76
C GLN GA 420 80.67 7.04 5.51
N VAL GA 421 79.78 6.27 6.14
CA VAL GA 421 79.65 4.84 5.93
C VAL GA 421 78.19 4.51 5.64
N TYR GA 422 77.97 3.42 4.92
CA TYR GA 422 76.63 2.99 4.49
C TYR GA 422 76.33 1.57 4.99
N TRP GA 423 75.09 1.36 5.43
CA TRP GA 423 74.58 0.05 5.85
C TRP GA 423 73.71 -0.57 4.76
N SER GA 424 73.81 -1.89 4.59
CA SER GA 424 72.96 -2.65 3.68
C SER GA 424 72.40 -3.89 4.35
N LEU GA 425 71.11 -4.15 4.15
CA LEU GA 425 70.45 -5.38 4.61
C LEU GA 425 69.58 -5.93 3.50
N PRO GA 426 70.18 -6.49 2.44
CA PRO GA 426 69.41 -6.78 1.23
C PRO GA 426 68.34 -7.87 1.37
N ASP GA 427 68.44 -8.77 2.36
CA ASP GA 427 67.45 -9.82 2.53
C ASP GA 427 66.34 -9.45 3.51
N MET GA 428 66.36 -8.27 4.09
CA MET GA 428 65.35 -7.89 5.09
C MET GA 428 64.52 -6.69 4.67
N MET GA 429 65.14 -5.62 4.19
CA MET GA 429 64.44 -4.40 3.82
C MET GA 429 64.16 -4.34 2.32
N GLN GA 430 63.11 -3.63 1.96
CA GLN GA 430 62.87 -3.30 0.56
C GLN GA 430 63.87 -2.26 0.07
N ASP GA 431 64.16 -2.30 -1.23
CA ASP GA 431 65.11 -1.35 -1.80
C ASP GA 431 64.51 0.06 -1.80
N PRO GA 432 65.23 1.07 -1.32
CA PRO GA 432 64.75 2.45 -1.44
C PRO GA 432 64.69 2.93 -2.88
N VAL GA 433 63.96 4.02 -3.08
CA VAL GA 433 63.58 4.46 -4.42
C VAL GA 433 64.80 4.78 -5.28
N THR GA 434 64.75 4.32 -6.53
CA THR GA 434 65.72 4.40 -7.63
C THR GA 434 66.90 3.42 -7.52
N PHE GA 435 67.05 2.66 -6.43
CA PHE GA 435 68.08 1.63 -6.36
C PHE GA 435 67.65 0.37 -7.12
N ARG GA 436 68.58 -0.24 -7.84
CA ARG GA 436 68.34 -1.50 -8.54
C ARG GA 436 68.64 -2.70 -7.63
N SER GA 437 67.86 -3.77 -7.80
CA SER GA 437 68.14 -5.03 -7.12
C SER GA 437 69.31 -5.74 -7.80
N THR GA 438 70.24 -6.26 -7.00
CA THR GA 438 71.45 -6.85 -7.54
C THR GA 438 72.08 -7.76 -6.50
N ARG GA 439 73.07 -8.53 -6.95
CA ARG GA 439 73.88 -9.37 -6.06
C ARG GA 439 75.36 -8.98 -6.09
N GLN GA 440 75.70 -7.81 -6.61
CA GLN GA 440 77.07 -7.31 -6.57
C GLN GA 440 77.28 -6.50 -5.30
N VAL GA 441 78.34 -6.83 -4.56
CA VAL GA 441 78.53 -6.26 -3.23
C VAL GA 441 78.75 -4.75 -3.30
N SER GA 442 79.53 -4.28 -4.25
CA SER GA 442 79.75 -2.85 -4.37
C SER GA 442 78.53 -2.09 -4.90
N ASN GA 443 77.36 -2.69 -5.07
CA ASN GA 443 76.19 -1.95 -5.54
C ASN GA 443 74.92 -2.32 -4.78
N TYR GA 444 75.03 -2.82 -3.55
CA TYR GA 444 73.86 -3.09 -2.73
C TYR GA 444 73.08 -1.80 -2.45
N PRO GA 445 71.75 -1.88 -2.38
CA PRO GA 445 70.98 -0.71 -1.94
C PRO GA 445 71.30 -0.30 -0.51
N VAL GA 446 71.22 1.00 -0.24
CA VAL GA 446 71.69 1.59 1.01
C VAL GA 446 70.49 1.87 1.92
N VAL GA 447 70.58 1.40 3.16
CA VAL GA 447 69.48 1.52 4.12
C VAL GA 447 69.75 2.54 5.22
N GLY GA 448 70.98 3.00 5.38
CA GLY GA 448 71.28 4.04 6.36
C GLY GA 448 72.68 4.56 6.19
N ALA GA 449 72.94 5.73 6.78
CA ALA GA 449 74.24 6.39 6.66
C ALA GA 449 74.59 7.11 7.95
N GLU GA 450 75.89 7.24 8.21
CA GLU GA 450 76.43 7.94 9.38
C GLU GA 450 77.91 8.19 9.14
N LEU GA 451 78.55 8.89 10.06
CA LEU GA 451 79.98 9.12 9.97
C LEU GA 451 80.76 7.91 10.48
N MET GA 452 81.86 7.62 9.82
CA MET GA 452 82.82 6.66 10.35
C MET GA 452 83.31 7.16 11.72
N PRO GA 453 83.19 6.37 12.78
CA PRO GA 453 83.27 6.92 14.15
C PRO GA 453 84.69 7.10 14.68
N VAL GA 454 85.40 8.07 14.10
CA VAL GA 454 86.77 8.41 14.51
C VAL GA 454 86.82 9.91 14.72
N PHE GA 455 87.36 10.34 15.86
CA PHE GA 455 87.31 11.74 16.27
C PHE GA 455 88.66 12.21 16.79
N SER GA 456 88.83 13.54 16.75
CA SER GA 456 90.03 14.20 17.25
C SER GA 456 89.83 14.64 18.70
N LYS GA 457 90.89 14.55 19.49
CA LYS GA 457 90.89 15.01 20.88
C LYS GA 457 92.11 15.88 21.14
N SER GA 458 91.92 16.95 21.93
CA SER GA 458 92.96 17.94 22.19
C SER GA 458 93.56 17.79 23.58
N PHE GA 459 94.86 18.09 23.68
CA PHE GA 459 95.58 18.12 24.95
C PHE GA 459 96.46 19.35 25.00
N TYR GA 460 96.83 19.76 26.20
CA TYR GA 460 97.66 20.94 26.42
C TYR GA 460 99.03 20.50 26.91
N ASN GA 461 100.09 21.00 26.26
CA ASN GA 461 101.46 20.65 26.64
C ASN GA 461 102.38 21.87 26.63
N HIS GA 478 119.85 11.47 17.94
CA HIS GA 478 118.57 12.02 17.50
C HIS GA 478 118.41 11.89 15.99
N VAL GA 479 117.66 10.87 15.57
CA VAL GA 479 117.39 10.68 14.15
C VAL GA 479 116.47 11.77 13.60
N PHE GA 480 115.70 12.43 14.46
CA PHE GA 480 114.79 13.49 14.04
C PHE GA 480 115.41 14.89 14.13
N ASN GA 481 116.72 14.97 14.42
CA ASN GA 481 117.43 16.25 14.40
C ASN GA 481 118.86 15.95 13.94
N ARG GA 482 119.08 16.03 12.62
CA ARG GA 482 120.36 15.71 12.01
C ARG GA 482 121.18 16.95 11.68
N PHE GA 483 120.60 18.13 11.76
CA PHE GA 483 121.30 19.39 11.52
C PHE GA 483 120.99 20.34 12.67
N PRO GA 484 121.49 20.04 13.86
CA PRO GA 484 121.16 20.89 15.02
C PRO GA 484 121.59 22.34 14.86
N GLU GA 485 122.69 22.59 14.16
CA GLU GA 485 123.22 23.94 14.06
C GLU GA 485 122.44 24.80 13.08
N ASN GA 486 121.91 24.21 12.00
CA ASN GA 486 121.36 24.98 10.90
C ASN GA 486 120.00 25.56 11.29
N GLN GA 487 119.86 26.88 11.20
CA GLN GA 487 118.62 27.53 11.60
C GLN GA 487 117.45 27.20 10.69
N ILE GA 488 117.70 26.77 9.46
CA ILE GA 488 116.63 26.41 8.54
C ILE GA 488 116.24 24.94 8.71
N LEU GA 489 117.23 24.08 8.95
CA LEU GA 489 117.02 22.64 9.02
C LEU GA 489 116.88 22.13 10.45
N ILE GA 490 116.74 23.02 11.43
CA ILE GA 490 116.51 22.58 12.80
C ILE GA 490 115.15 21.90 12.91
N ARG GA 491 115.03 21.02 13.91
CA ARG GA 491 113.78 20.31 14.14
C ARG GA 491 112.68 21.30 14.56
N PRO GA 492 111.50 21.23 13.95
CA PRO GA 492 110.49 22.25 14.21
C PRO GA 492 110.04 22.21 15.67
N PRO GA 493 109.69 23.35 16.24
CA PRO GA 493 109.11 23.36 17.59
C PRO GA 493 107.74 22.71 17.60
N ALA GA 494 107.39 22.12 18.75
CA ALA GA 494 106.13 21.42 18.94
C ALA GA 494 105.04 22.41 19.36
N PRO GA 495 103.82 22.24 18.88
CA PRO GA 495 102.72 23.14 19.29
C PRO GA 495 102.36 22.95 20.75
N THR GA 496 101.84 24.02 21.35
CA THR GA 496 101.31 23.92 22.69
C THR GA 496 99.97 23.20 22.74
N ILE GA 497 99.33 22.93 21.60
CA ILE GA 497 98.11 22.14 21.52
C ILE GA 497 98.39 20.91 20.66
N THR GA 498 98.21 19.72 21.24
CA THR GA 498 98.43 18.46 20.55
C THR GA 498 97.10 17.74 20.34
N THR GA 499 96.90 17.17 19.15
CA THR GA 499 95.68 16.44 18.82
C THR GA 499 96.00 15.01 18.41
N VAL GA 500 95.17 14.08 18.87
CA VAL GA 500 95.29 12.66 18.53
C VAL GA 500 93.89 12.13 18.18
N SER GA 501 93.85 11.07 17.39
CA SER GA 501 92.59 10.51 16.91
C SER GA 501 92.17 9.31 17.74
N GLU GA 502 90.85 9.18 17.95
CA GLU GA 502 90.27 8.15 18.81
C GLU GA 502 89.11 7.45 18.13
N ASN GA 503 88.89 6.20 18.52
CA ASN GA 503 87.73 5.41 18.09
C ASN GA 503 86.70 5.39 19.21
N VAL GA 504 85.47 5.80 18.91
CA VAL GA 504 84.40 5.90 19.90
C VAL GA 504 83.22 5.08 19.41
N PRO GA 505 82.68 4.17 20.23
CA PRO GA 505 81.53 3.36 19.77
C PRO GA 505 80.33 4.22 19.43
N ALA GA 506 79.64 3.86 18.35
CA ALA GA 506 78.56 4.65 17.79
C ALA GA 506 77.24 3.91 17.92
N LEU GA 507 76.25 4.58 18.50
CA LEU GA 507 74.91 4.05 18.73
C LEU GA 507 73.92 4.92 17.96
N THR GA 508 73.24 4.35 16.96
CA THR GA 508 72.51 5.13 15.99
C THR GA 508 71.10 4.60 15.80
N ASP GA 509 70.13 5.52 15.73
CA ASP GA 509 68.75 5.22 15.38
C ASP GA 509 68.50 5.69 13.94
N HIS GA 510 68.17 4.75 13.07
CA HIS GA 510 68.00 5.04 11.65
C HIS GA 510 66.54 5.24 11.22
N GLY GA 511 65.60 5.20 12.16
CA GLY GA 511 64.19 5.34 11.81
C GLY GA 511 63.56 4.07 11.28
N THR GA 512 62.38 4.24 10.69
CA THR GA 512 61.55 3.13 10.22
C THR GA 512 61.66 2.98 8.70
N LEU GA 513 61.86 1.74 8.23
CA LEU GA 513 61.93 1.42 6.81
C LEU GA 513 60.99 0.28 6.45
N PRO GA 514 60.46 0.27 5.23
CA PRO GA 514 59.55 -0.82 4.82
C PRO GA 514 60.24 -2.17 4.81
N LEU GA 515 59.50 -3.18 5.26
CA LEU GA 515 60.00 -4.52 5.54
C LEU GA 515 59.40 -5.52 4.56
N ARG GA 516 60.17 -6.52 4.16
CA ARG GA 516 59.64 -7.60 3.33
C ARG GA 516 58.68 -8.49 4.12
N SER GA 517 57.67 -9.01 3.44
CA SER GA 517 56.63 -9.81 4.10
C SER GA 517 57.13 -11.19 4.50
N SER GA 518 58.12 -11.74 3.81
CA SER GA 518 58.67 -13.05 4.13
C SER GA 518 60.18 -12.92 4.32
N ILE GA 519 60.67 -13.35 5.47
CA ILE GA 519 62.06 -13.18 5.87
C ILE GA 519 62.69 -14.55 6.00
N ARG GA 520 63.78 -14.77 5.26
CA ARG GA 520 64.52 -16.02 5.34
C ARG GA 520 65.37 -16.10 6.60
N GLY GA 521 65.72 -17.33 6.99
CA GLY GA 521 66.43 -17.57 8.22
C GLY GA 521 67.87 -17.11 8.24
N VAL GA 522 68.50 -16.98 7.08
CA VAL GA 522 69.89 -16.53 6.98
C VAL GA 522 69.92 -15.17 6.30
N GLN GA 523 70.62 -14.21 6.90
CA GLN GA 523 70.62 -12.82 6.47
C GLN GA 523 72.04 -12.31 6.25
N ARG GA 524 72.19 -11.41 5.29
CA ARG GA 524 73.47 -10.77 4.97
C ARG GA 524 73.54 -9.36 5.55
N VAL GA 525 74.69 -9.03 6.14
CA VAL GA 525 74.94 -7.71 6.73
C VAL GA 525 76.21 -7.14 6.10
N THR GA 526 76.14 -5.90 5.62
CA THR GA 526 77.27 -5.28 4.92
C THR GA 526 77.44 -3.81 5.34
N VAL GA 527 78.71 -3.40 5.48
CA VAL GA 527 79.09 -2.02 5.78
C VAL GA 527 80.16 -1.60 4.76
N THR GA 528 79.91 -0.50 4.04
CA THR GA 528 80.84 -0.01 3.02
C THR GA 528 81.09 1.49 3.16
N ASP GA 529 82.19 1.96 2.58
CA ASP GA 529 82.60 3.35 2.65
C ASP GA 529 82.06 4.14 1.46
N ALA GA 530 82.55 5.37 1.28
CA ALA GA 530 82.01 6.27 0.25
C ALA GA 530 82.30 5.76 -1.16
N ARG GA 531 83.41 5.07 -1.35
CA ARG GA 531 83.73 4.47 -2.65
C ARG GA 531 83.17 3.07 -2.79
N ARG GA 532 82.34 2.63 -1.84
CA ARG GA 532 81.67 1.33 -1.84
C ARG GA 532 82.66 0.17 -1.73
N ARG GA 533 83.70 0.34 -0.92
CA ARG GA 533 84.55 -0.76 -0.49
C ARG GA 533 84.18 -1.14 0.94
N THR GA 534 84.36 -2.41 1.28
CA THR GA 534 84.21 -2.80 2.68
C THR GA 534 85.38 -2.26 3.50
N CYS GA 535 85.15 -2.08 4.79
CA CYS GA 535 86.14 -1.49 5.68
C CYS GA 535 86.76 -2.55 6.57
N PRO GA 536 88.06 -2.84 6.43
CA PRO GA 536 88.69 -3.87 7.28
C PRO GA 536 88.88 -3.47 8.74
N TYR GA 537 88.56 -2.25 9.14
CA TYR GA 537 88.76 -1.83 10.52
C TYR GA 537 87.50 -1.89 11.38
N VAL GA 538 86.40 -2.41 10.85
CA VAL GA 538 85.24 -2.72 11.68
C VAL GA 538 85.48 -4.05 12.38
N TYR GA 539 85.29 -4.10 13.69
CA TYR GA 539 85.39 -5.37 14.39
C TYR GA 539 84.20 -5.68 15.29
N LYS GA 540 83.14 -4.87 15.26
CA LYS GA 540 81.91 -5.17 15.98
C LYS GA 540 80.77 -4.42 15.31
N ALA GA 541 79.73 -5.16 14.93
CA ALA GA 541 78.55 -4.58 14.29
C ALA GA 541 77.33 -5.41 14.65
N LEU GA 542 76.31 -4.75 15.20
CA LEU GA 542 75.06 -5.38 15.59
C LEU GA 542 73.87 -4.59 15.07
N GLY GA 543 72.78 -5.29 14.81
CA GLY GA 543 71.54 -4.65 14.44
C GLY GA 543 70.36 -5.22 15.19
N ILE GA 544 69.40 -4.34 15.49
CA ILE GA 544 68.16 -4.70 16.17
C ILE GA 544 67.00 -4.07 15.41
N VAL GA 545 66.02 -4.88 15.04
CA VAL GA 545 64.88 -4.43 14.24
C VAL GA 545 63.60 -4.68 15.02
N ALA GA 546 62.69 -3.70 15.02
CA ALA GA 546 61.40 -3.81 15.69
C ALA GA 546 60.25 -3.63 14.70
N PRO GA 547 59.64 -4.71 14.19
CA PRO GA 547 58.57 -4.58 13.21
C PRO GA 547 57.28 -4.00 13.79
N ARG GA 548 56.51 -3.34 12.93
CA ARG GA 548 55.17 -2.88 13.26
C ARG GA 548 54.38 -2.60 11.99
N VAL GA 549 53.06 -2.50 12.12
CA VAL GA 549 52.16 -2.31 10.98
C VAL GA 549 52.18 -0.85 10.54
N LEU GA 550 52.31 -0.63 9.23
CA LEU GA 550 52.27 0.70 8.64
C LEU GA 550 50.93 1.04 8.01
N SER GA 551 50.38 0.17 7.16
CA SER GA 551 49.11 0.43 6.53
C SER GA 551 48.45 -0.88 6.13
N SER GA 552 47.20 -0.79 5.70
CA SER GA 552 46.40 -1.93 5.33
C SER GA 552 46.64 -2.34 3.87
N ARG GA 553 46.46 -3.63 3.60
CA ARG GA 553 46.51 -4.21 2.26
C ARG GA 553 47.90 -4.15 1.64
N ARG HA 48 21.76 -20.20 -35.96
CA ARG HA 48 21.73 -19.58 -37.28
C ARG HA 48 23.01 -19.84 -38.08
N ASN HA 49 23.52 -21.07 -38.00
CA ASN HA 49 24.78 -21.40 -38.64
C ASN HA 49 24.77 -22.77 -39.32
N SER HA 50 23.61 -23.30 -39.68
CA SER HA 50 23.54 -24.63 -40.26
C SER HA 50 23.70 -24.57 -41.77
N ILE HA 51 24.12 -25.70 -42.34
CA ILE HA 51 24.34 -25.85 -43.78
C ILE HA 51 23.62 -27.12 -44.24
N ARG HA 52 22.75 -26.98 -45.23
CA ARG HA 52 21.82 -28.05 -45.60
C ARG HA 52 21.90 -28.39 -47.08
N TYR HA 53 21.71 -29.66 -47.39
CA TYR HA 53 21.72 -30.18 -48.76
C TYR HA 53 20.33 -30.70 -49.11
N SER HA 54 19.82 -30.29 -50.27
CA SER HA 54 18.40 -30.45 -50.57
C SER HA 54 17.97 -31.92 -50.69
N GLU HA 55 18.90 -32.86 -50.84
CA GLU HA 55 18.51 -34.26 -50.95
C GLU HA 55 18.44 -34.97 -49.59
N LEU HA 56 18.69 -34.29 -48.48
CA LEU HA 56 18.68 -34.90 -47.16
C LEU HA 56 17.64 -34.24 -46.27
N SER HA 57 17.00 -35.05 -45.42
CA SER HA 57 15.96 -34.57 -44.50
C SER HA 57 15.83 -35.54 -43.33
N PRO HA 58 15.54 -35.05 -42.12
CA PRO HA 58 15.43 -35.94 -40.97
C PRO HA 58 14.05 -36.58 -40.84
N LEU HA 59 13.98 -37.67 -40.06
CA LEU HA 59 12.80 -38.52 -39.97
C LEU HA 59 12.10 -38.39 -38.63
N TYR HA 60 10.77 -38.49 -38.66
CA TYR HA 60 9.93 -38.35 -37.46
C TYR HA 60 8.75 -39.31 -37.50
N ASP HA 61 8.32 -39.69 -36.29
CA ASP HA 61 7.03 -40.29 -35.90
C ASP HA 61 6.76 -41.75 -36.29
N THR HA 62 7.39 -42.29 -37.33
CA THR HA 62 7.16 -43.66 -37.77
C THR HA 62 8.01 -43.94 -39.00
N THR HA 63 8.24 -45.22 -39.27
CA THR HA 63 9.05 -45.69 -40.40
C THR HA 63 8.81 -47.19 -40.56
N ARG HA 64 9.62 -47.85 -41.38
CA ARG HA 64 9.56 -49.29 -41.56
C ARG HA 64 10.94 -49.92 -41.38
N LEU HA 65 10.97 -51.13 -40.80
CA LEU HA 65 12.17 -51.97 -40.74
C LEU HA 65 11.85 -53.31 -41.40
N TYR HA 66 12.73 -53.79 -42.25
CA TYR HA 66 12.51 -55.01 -43.03
C TYR HA 66 13.48 -56.11 -42.61
N LEU HA 67 12.94 -57.30 -42.35
CA LEU HA 67 13.72 -58.48 -41.93
C LEU HA 67 13.56 -59.54 -43.02
N VAL HA 68 14.56 -59.64 -43.89
CA VAL HA 68 14.45 -60.41 -45.13
C VAL HA 68 15.53 -61.48 -45.16
N ASP HA 69 15.16 -62.68 -45.59
CA ASP HA 69 15.99 -63.86 -45.45
C ASP HA 69 16.85 -64.18 -46.68
N ASN HA 70 16.79 -63.39 -47.75
CA ASN HA 70 17.51 -63.74 -48.98
C ASN HA 70 18.22 -62.54 -49.59
N LYS HA 71 18.85 -61.71 -48.76
CA LYS HA 71 19.72 -60.66 -49.30
C LYS HA 71 21.01 -61.27 -49.84
N SER HA 72 21.49 -60.75 -50.97
CA SER HA 72 22.58 -61.39 -51.69
C SER HA 72 23.87 -61.41 -50.86
N ALA HA 73 24.22 -60.28 -50.23
CA ALA HA 73 25.46 -60.20 -49.48
C ALA HA 73 25.39 -60.96 -48.16
N ASP HA 74 24.21 -60.99 -47.52
CA ASP HA 74 24.08 -61.71 -46.26
C ASP HA 74 24.20 -63.22 -46.45
N ILE HA 75 23.82 -63.72 -47.62
CA ILE HA 75 23.93 -65.15 -47.90
C ILE HA 75 25.38 -65.60 -47.84
N ALA HA 76 26.28 -64.83 -48.45
CA ALA HA 76 27.66 -65.25 -48.57
C ALA HA 76 28.43 -65.17 -47.27
N SER HA 77 28.23 -64.10 -46.49
CA SER HA 77 29.10 -63.80 -45.37
C SER HA 77 28.50 -64.04 -43.99
N LEU HA 78 27.21 -64.34 -43.88
CA LEU HA 78 26.62 -64.49 -42.55
C LEU HA 78 26.06 -65.89 -42.29
N ASN HA 79 25.43 -66.52 -43.27
CA ASN HA 79 24.52 -67.63 -43.01
C ASN HA 79 25.00 -68.93 -43.63
N TYR HA 80 26.30 -69.20 -43.57
CA TYR HA 80 26.85 -70.37 -44.24
C TYR HA 80 26.36 -71.67 -43.62
N GLN HA 81 26.18 -71.71 -42.31
CA GLN HA 81 25.75 -72.91 -41.60
C GLN HA 81 24.31 -72.87 -41.11
N ASN HA 82 23.50 -71.92 -41.60
CA ASN HA 82 22.14 -71.70 -41.09
C ASN HA 82 21.10 -72.21 -42.08
N ASP HA 83 19.82 -72.12 -41.68
CA ASP HA 83 18.70 -72.39 -42.56
C ASP HA 83 17.60 -71.36 -42.30
N HIS HA 84 16.50 -71.47 -43.04
CA HIS HA 84 15.46 -70.43 -42.99
C HIS HA 84 14.70 -70.40 -41.68
N SER HA 85 14.85 -71.40 -40.82
CA SER HA 85 14.24 -71.37 -39.51
C SER HA 85 15.07 -70.63 -38.47
N ASN HA 86 16.36 -70.37 -38.73
CA ASN HA 86 17.23 -69.71 -37.76
C ASN HA 86 18.40 -69.06 -38.52
N PHE HA 87 18.33 -67.75 -38.74
CA PHE HA 87 19.29 -67.07 -39.61
C PHE HA 87 19.56 -65.66 -39.11
N LEU HA 88 20.55 -65.01 -39.72
CA LEU HA 88 20.93 -63.63 -39.44
C LEU HA 88 20.65 -62.75 -40.66
N THR HA 89 20.29 -61.50 -40.40
CA THR HA 89 20.03 -60.56 -41.48
C THR HA 89 20.39 -59.15 -41.04
N THR HA 90 20.57 -58.26 -42.01
CA THR HA 90 20.92 -56.88 -41.76
C THR HA 90 19.71 -55.99 -41.98
N VAL HA 91 19.43 -55.11 -41.00
CA VAL HA 91 18.35 -54.13 -41.16
C VAL HA 91 18.83 -52.83 -41.78
N VAL HA 92 20.13 -52.67 -42.00
CA VAL HA 92 20.68 -51.52 -42.71
C VAL HA 92 20.55 -51.77 -44.21
N GLN HA 93 19.85 -50.90 -44.92
CA GLN HA 93 19.58 -51.06 -46.34
C GLN HA 93 20.44 -50.14 -47.21
N ASN HA 94 21.71 -49.93 -46.86
CA ASN HA 94 22.61 -48.97 -47.52
C ASN HA 94 23.80 -49.76 -48.04
N ASN HA 95 23.92 -49.86 -49.37
CA ASN HA 95 24.94 -50.70 -49.98
C ASN HA 95 26.33 -50.06 -50.04
N ASP HA 96 26.53 -48.91 -49.40
CA ASP HA 96 27.88 -48.38 -49.23
C ASP HA 96 28.70 -49.19 -48.23
N PHE HA 97 28.09 -50.14 -47.52
CA PHE HA 97 28.75 -50.91 -46.49
C PHE HA 97 28.47 -52.40 -46.68
N THR HA 98 29.43 -53.23 -46.27
CA THR HA 98 29.23 -54.66 -46.21
C THR HA 98 28.48 -55.04 -44.94
N PRO HA 99 27.87 -56.23 -44.90
CA PRO HA 99 27.16 -56.64 -43.67
C PRO HA 99 28.05 -56.66 -42.43
N THR HA 100 29.32 -57.04 -42.58
CA THR HA 100 30.23 -57.02 -41.44
C THR HA 100 30.40 -55.60 -40.90
N GLU HA 101 30.59 -54.63 -41.79
CA GLU HA 101 30.67 -53.23 -41.35
C GLU HA 101 29.35 -52.77 -40.75
N ALA HA 102 28.23 -53.20 -41.33
CA ALA HA 102 26.91 -52.77 -40.85
C ALA HA 102 26.64 -53.27 -39.43
N SER HA 103 27.27 -54.37 -39.02
CA SER HA 103 26.97 -54.97 -37.73
C SER HA 103 27.28 -54.04 -36.57
N THR HA 104 28.22 -53.12 -36.74
CA THR HA 104 28.57 -52.18 -35.68
C THR HA 104 27.74 -50.90 -35.69
N GLN HA 105 26.93 -50.66 -36.70
CA GLN HA 105 26.11 -49.46 -36.77
C GLN HA 105 24.82 -49.65 -35.97
N THR HA 106 24.15 -48.54 -35.66
CA THR HA 106 22.93 -48.58 -34.87
C THR HA 106 21.86 -47.65 -35.46
N ILE HA 107 20.61 -47.93 -35.11
CA ILE HA 107 19.46 -47.06 -35.35
C ILE HA 107 18.90 -46.67 -33.99
N ASN HA 108 18.69 -45.38 -33.77
CA ASN HA 108 18.37 -44.86 -32.45
C ASN HA 108 17.02 -44.15 -32.45
N PHE HA 109 16.11 -44.60 -31.59
CA PHE HA 109 14.81 -43.99 -31.36
C PHE HA 109 14.88 -43.11 -30.12
N ASP HA 110 14.29 -41.91 -30.20
CA ASP HA 110 14.55 -40.88 -29.20
C ASP HA 110 14.31 -41.39 -27.78
N GLU HA 111 15.31 -41.21 -26.93
CA GLU HA 111 15.31 -41.80 -25.59
C GLU HA 111 14.35 -41.11 -24.63
N ARG HA 112 13.77 -39.98 -25.01
CA ARG HA 112 12.77 -39.33 -24.18
C ARG HA 112 11.37 -39.92 -24.36
N SER HA 113 11.21 -40.95 -25.18
CA SER HA 113 9.95 -41.67 -25.34
C SER HA 113 10.19 -43.16 -25.21
N ARG HA 114 9.13 -43.89 -24.88
CA ARG HA 114 9.11 -45.35 -24.98
C ARG HA 114 8.41 -45.74 -26.27
N TRP HA 115 9.01 -46.66 -27.01
CA TRP HA 115 8.57 -47.01 -28.36
C TRP HA 115 8.01 -48.43 -28.42
N GLY HA 116 7.06 -48.63 -29.33
CA GLY HA 116 6.55 -49.95 -29.61
C GLY HA 116 6.58 -50.23 -31.11
N GLY HA 117 6.48 -51.50 -31.45
CA GLY HA 117 6.52 -51.92 -32.84
C GLY HA 117 5.44 -52.90 -33.23
N GLN HA 118 4.67 -52.54 -34.25
CA GLN HA 118 3.65 -53.44 -34.78
C GLN HA 118 4.29 -54.42 -35.76
N LEU HA 119 4.06 -55.72 -35.55
CA LEU HA 119 4.76 -56.78 -36.26
C LEU HA 119 3.81 -57.56 -37.17
N LYS HA 120 4.21 -57.72 -38.44
CA LYS HA 120 3.52 -58.57 -39.41
C LYS HA 120 4.51 -59.57 -39.99
N THR HA 121 4.07 -60.81 -40.18
CA THR HA 121 4.96 -61.87 -40.68
C THR HA 121 4.33 -62.58 -41.86
N ILE HA 122 5.19 -63.16 -42.69
CA ILE HA 122 4.81 -64.01 -43.82
C ILE HA 122 5.63 -65.30 -43.75
N MET HA 123 4.96 -66.44 -43.81
CA MET HA 123 5.63 -67.74 -43.68
C MET HA 123 5.08 -68.73 -44.69
N HIS HA 124 5.95 -69.58 -45.23
CA HIS HA 124 5.55 -70.65 -46.13
C HIS HA 124 6.36 -71.91 -45.84
N THR HA 125 5.70 -73.07 -45.89
CA THR HA 125 6.29 -74.35 -45.53
C THR HA 125 6.10 -75.37 -46.65
N ASN HA 126 6.86 -76.47 -46.56
CA ASN HA 126 6.75 -77.58 -47.52
C ASN HA 126 6.84 -78.94 -46.80
N MET HA 127 6.11 -79.10 -45.71
CA MET HA 127 6.16 -80.32 -44.89
C MET HA 127 5.31 -81.43 -45.49
N PRO HA 128 5.85 -82.64 -45.66
CA PRO HA 128 5.02 -83.80 -45.99
C PRO HA 128 4.45 -84.46 -44.73
N ASN HA 129 3.32 -85.15 -44.92
CA ASN HA 129 2.57 -85.62 -43.75
C ASN HA 129 3.18 -86.85 -43.08
N VAL HA 130 3.95 -87.67 -43.78
CA VAL HA 130 4.60 -88.84 -43.19
C VAL HA 130 6.11 -88.58 -43.23
N ASN HA 131 6.70 -88.34 -42.07
CA ASN HA 131 8.12 -88.02 -41.99
C ASN HA 131 8.66 -88.38 -40.61
N GLU HA 132 9.99 -88.47 -40.52
CA GLU HA 132 10.65 -88.91 -39.30
C GLU HA 132 10.69 -87.83 -38.23
N TYR HA 133 10.85 -86.56 -38.63
CA TYR HA 133 11.07 -85.49 -37.66
C TYR HA 133 9.86 -85.28 -36.76
N MET HA 134 8.66 -85.55 -37.26
CA MET HA 134 7.43 -85.32 -36.52
C MET HA 134 6.83 -86.60 -35.93
N PHE HA 135 7.57 -87.70 -35.95
CA PHE HA 135 7.17 -88.97 -35.33
C PHE HA 135 5.90 -89.55 -35.96
N SER HA 136 5.67 -89.28 -37.24
CA SER HA 136 4.58 -89.91 -37.98
C SER HA 136 5.08 -91.02 -38.90
N ASN HA 137 6.22 -91.59 -38.56
CA ASN HA 137 6.93 -92.53 -39.40
C ASN HA 137 6.91 -93.96 -38.89
N LYS HA 138 6.49 -94.20 -37.65
CA LYS HA 138 6.74 -95.47 -36.99
C LYS HA 138 5.64 -95.79 -35.98
N PHE HA 139 5.53 -97.07 -35.66
CA PHE HA 139 4.65 -97.57 -34.62
C PHE HA 139 5.19 -98.93 -34.17
N LYS HA 140 4.64 -99.43 -33.06
CA LYS HA 140 5.05 -100.71 -32.48
C LYS HA 140 3.87 -101.67 -32.42
N ALA HA 141 4.17 -102.96 -32.58
CA ALA HA 141 3.15 -104.00 -32.55
C ALA HA 141 3.76 -105.32 -32.09
N ARG HA 142 2.90 -106.23 -31.65
CA ARG HA 142 3.30 -107.55 -31.18
C ARG HA 142 2.69 -108.61 -32.07
N VAL HA 143 3.53 -109.42 -32.71
CA VAL HA 143 3.11 -110.43 -33.67
C VAL HA 143 3.72 -111.78 -33.28
N MET HA 144 3.33 -112.82 -34.01
CA MET HA 144 3.77 -114.18 -33.73
C MET HA 144 5.03 -114.50 -34.52
N VAL HA 145 6.04 -115.01 -33.81
CA VAL HA 145 7.33 -115.31 -34.42
C VAL HA 145 7.53 -116.80 -34.68
N SER HA 146 6.93 -117.67 -33.88
CA SER HA 146 7.12 -119.11 -34.05
C SER HA 146 5.86 -119.86 -33.64
N ARG HA 147 5.43 -120.79 -34.49
CA ARG HA 147 4.52 -121.84 -34.08
C ARG HA 147 5.36 -123.02 -33.58
N LYS HA 148 4.73 -124.18 -33.38
CA LYS HA 148 5.47 -125.35 -32.92
C LYS HA 148 6.41 -125.86 -33.99
N ASP HA 171 0.57 -127.41 -29.73
CA ASP HA 171 1.37 -126.35 -30.35
C ASP HA 171 1.69 -125.23 -29.36
N ILE HA 172 2.94 -124.79 -29.36
CA ILE HA 172 3.39 -123.68 -28.51
C ILE HA 172 3.68 -122.49 -29.40
N LEU HA 173 3.14 -121.33 -29.03
CA LEU HA 173 3.19 -120.12 -29.84
C LEU HA 173 4.02 -119.06 -29.13
N LYS HA 174 4.89 -118.40 -29.87
CA LYS HA 174 5.77 -117.36 -29.33
C LYS HA 174 5.49 -116.03 -30.01
N TYR HA 175 5.50 -114.96 -29.23
CA TYR HA 175 5.21 -113.61 -29.71
C TYR HA 175 6.33 -112.67 -29.28
N GLU HA 176 6.47 -111.57 -30.01
CA GLU HA 176 7.51 -110.59 -29.70
C GLU HA 176 7.10 -109.21 -30.22
N TRP HA 177 7.66 -108.17 -29.60
CA TRP HA 177 7.43 -106.79 -29.98
C TRP HA 177 8.47 -106.34 -31.02
N PHE HA 178 8.03 -105.51 -31.96
CA PHE HA 178 8.90 -104.92 -32.96
C PHE HA 178 8.49 -103.48 -33.20
N GLU HA 179 9.38 -102.72 -33.82
CA GLU HA 179 9.09 -101.37 -34.29
C GLU HA 179 9.12 -101.35 -35.81
N PHE HA 180 8.09 -100.78 -36.43
CA PHE HA 180 7.90 -100.80 -37.87
C PHE HA 180 8.10 -99.40 -38.44
N ILE HA 181 8.71 -99.31 -39.62
CA ILE HA 181 9.08 -98.04 -40.24
C ILE HA 181 8.46 -97.96 -41.63
N LEU HA 182 7.84 -96.81 -41.94
CA LEU HA 182 7.27 -96.45 -43.23
C LEU HA 182 8.22 -95.55 -44.00
N PRO HA 183 8.17 -95.55 -45.33
CA PRO HA 183 8.95 -94.57 -46.10
C PRO HA 183 8.24 -93.23 -46.17
N GLU HA 184 9.05 -92.17 -46.34
CA GLU HA 184 8.56 -90.81 -46.21
C GLU HA 184 7.91 -90.30 -47.50
N GLY HA 185 6.96 -89.40 -47.34
CA GLY HA 185 6.22 -88.84 -48.45
C GLY HA 185 4.94 -88.20 -47.98
N ASN HA 186 4.18 -87.69 -48.96
CA ASN HA 186 2.92 -87.00 -48.70
C ASN HA 186 1.78 -87.86 -49.27
N PHE HA 187 1.07 -88.55 -48.40
CA PHE HA 187 0.12 -89.58 -48.80
C PHE HA 187 -1.28 -89.28 -48.28
N SER HA 188 -2.29 -89.82 -48.97
CA SER HA 188 -3.65 -89.78 -48.46
C SER HA 188 -3.82 -90.80 -47.34
N ALA HA 189 -4.95 -90.73 -46.66
CA ALA HA 189 -5.19 -91.60 -45.51
C ALA HA 189 -5.30 -93.07 -45.92
N THR HA 190 -5.98 -93.36 -47.04
CA THR HA 190 -6.08 -94.74 -47.50
C THR HA 190 -4.72 -95.29 -47.89
N MET HA 191 -3.92 -94.49 -48.61
CA MET HA 191 -2.59 -94.95 -49.00
C MET HA 191 -1.69 -95.17 -47.79
N THR HA 192 -1.87 -94.38 -46.72
CA THR HA 192 -1.09 -94.58 -45.51
C THR HA 192 -1.41 -95.91 -44.85
N ILE HA 193 -2.70 -96.28 -44.82
CA ILE HA 193 -3.11 -97.54 -44.22
C ILE HA 193 -2.58 -98.73 -45.00
N ASP HA 194 -2.47 -98.62 -46.32
CA ASP HA 194 -1.86 -99.68 -47.11
C ASP HA 194 -0.39 -99.88 -46.72
N LEU HA 195 0.33 -98.78 -46.48
CA LEU HA 195 1.74 -98.90 -46.12
C LEU HA 195 1.93 -99.55 -44.75
N MET HA 196 1.01 -99.30 -43.81
CA MET HA 196 1.12 -99.94 -42.50
C MET HA 196 0.88 -101.44 -42.59
N ASN HA 197 -0.09 -101.87 -43.40
CA ASN HA 197 -0.29 -103.30 -43.62
C ASN HA 197 0.93 -103.93 -44.28
N ASN HA 198 1.51 -103.24 -45.26
CA ASN HA 198 2.68 -103.75 -45.96
C ASN HA 198 3.86 -103.93 -45.03
N ALA HA 199 4.01 -103.05 -44.03
CA ALA HA 199 5.10 -103.20 -43.06
C ALA HA 199 4.92 -104.45 -42.22
N ILE HA 200 3.69 -104.76 -41.81
CA ILE HA 200 3.44 -105.97 -41.03
C ILE HA 200 3.82 -107.21 -41.83
N ILE HA 201 3.43 -107.25 -43.11
CA ILE HA 201 3.64 -108.43 -43.93
C ILE HA 201 5.13 -108.66 -44.20
N ASP HA 202 5.90 -107.58 -44.40
CA ASP HA 202 7.33 -107.74 -44.61
C ASP HA 202 8.04 -108.34 -43.41
N ASN HA 203 7.48 -108.18 -42.21
CA ASN HA 203 7.99 -108.87 -41.04
C ASN HA 203 7.65 -110.36 -41.06
N TYR HA 204 6.49 -110.72 -41.62
CA TYR HA 204 6.11 -112.11 -41.71
C TYR HA 204 6.88 -112.85 -42.81
N LEU HA 205 7.47 -112.13 -43.75
CA LEU HA 205 8.27 -112.78 -44.79
C LEU HA 205 9.73 -112.93 -44.41
N GLU HA 206 10.24 -112.11 -43.49
CA GLU HA 206 11.62 -112.17 -43.06
C GLU HA 206 11.81 -113.06 -41.84
N ILE HA 207 10.88 -113.00 -40.89
CA ILE HA 207 10.80 -113.89 -39.75
C ILE HA 207 9.47 -114.59 -39.93
N GLY HA 208 9.07 -115.44 -39.00
CA GLY HA 208 7.72 -115.94 -39.14
C GLY HA 208 7.63 -117.08 -40.12
N ARG HA 209 7.26 -116.77 -41.36
CA ARG HA 209 7.04 -117.76 -42.42
C ARG HA 209 8.07 -118.89 -42.42
N GLN HA 210 9.35 -118.56 -42.24
CA GLN HA 210 10.38 -119.58 -42.20
C GLN HA 210 10.46 -120.31 -40.87
N ASN HA 211 9.60 -119.96 -39.90
CA ASN HA 211 9.57 -120.64 -38.61
C ASN HA 211 8.21 -121.26 -38.32
N GLY HA 212 7.43 -121.55 -39.35
CA GLY HA 212 6.24 -122.36 -39.20
C GLY HA 212 4.92 -121.67 -39.01
N VAL HA 213 4.86 -120.34 -39.13
CA VAL HA 213 3.58 -119.64 -39.03
C VAL HA 213 2.93 -119.63 -40.40
N LEU HA 214 1.62 -119.78 -40.41
CA LEU HA 214 0.87 -119.83 -41.66
C LEU HA 214 0.30 -118.45 -41.99
N GLU HA 215 -0.13 -118.30 -43.24
CA GLU HA 215 -0.80 -117.06 -43.63
C GLU HA 215 -2.27 -117.13 -43.24
N SER HA 216 -2.52 -117.56 -42.00
CA SER HA 216 -3.83 -117.48 -41.38
C SER HA 216 -3.73 -117.13 -39.90
N ASP HA 217 -2.53 -116.83 -39.41
CA ASP HA 217 -2.31 -116.42 -38.03
C ASP HA 217 -1.51 -115.12 -37.94
N ILE HA 218 -1.62 -114.25 -38.95
CA ILE HA 218 -0.85 -113.01 -38.98
C ILE HA 218 -1.09 -112.20 -37.70
N GLY HA 219 -2.33 -111.79 -37.47
CA GLY HA 219 -2.73 -111.29 -36.17
C GLY HA 219 -2.84 -109.79 -35.99
N VAL HA 220 -2.41 -108.98 -36.96
CA VAL HA 220 -2.59 -107.54 -36.91
C VAL HA 220 -2.96 -107.04 -38.30
N LYS HA 221 -4.11 -106.38 -38.42
CA LYS HA 221 -4.52 -105.80 -39.69
C LYS HA 221 -5.31 -104.52 -39.45
N PHE HA 222 -5.12 -103.55 -40.34
CA PHE HA 222 -5.86 -102.28 -40.31
C PHE HA 222 -6.91 -102.28 -41.41
N ASP HA 223 -8.18 -102.08 -41.02
CA ASP HA 223 -9.30 -102.21 -41.95
C ASP HA 223 -10.19 -100.97 -41.89
N THR HA 224 -11.26 -100.98 -42.67
CA THR HA 224 -12.25 -99.91 -42.68
C THR HA 224 -13.69 -100.39 -42.63
N ARG HA 225 -13.95 -101.69 -42.60
CA ARG HA 225 -15.29 -102.22 -42.81
C ARG HA 225 -16.06 -102.35 -41.49
N ASN HA 226 -17.38 -102.41 -41.62
CA ASN HA 226 -18.28 -102.69 -40.51
C ASN HA 226 -18.66 -104.16 -40.61
N PHE HA 227 -17.90 -105.01 -39.91
CA PHE HA 227 -18.28 -106.41 -39.85
C PHE HA 227 -19.58 -106.54 -39.08
N ARG HA 228 -20.29 -107.65 -39.31
CA ARG HA 228 -21.62 -107.95 -38.76
C ARG HA 228 -22.73 -107.05 -39.29
N LEU HA 229 -22.53 -106.41 -40.44
CA LEU HA 229 -23.61 -105.61 -41.02
C LEU HA 229 -24.80 -106.47 -41.42
N GLY HA 230 -24.57 -107.53 -42.18
CA GLY HA 230 -25.66 -108.37 -42.64
C GLY HA 230 -26.03 -109.51 -41.69
N TRP HA 231 -25.80 -109.28 -40.41
CA TRP HA 231 -26.02 -110.29 -39.38
C TRP HA 231 -27.51 -110.60 -39.21
N ASP HA 232 -27.81 -111.85 -38.89
CA ASP HA 232 -29.19 -112.30 -38.73
C ASP HA 232 -29.43 -112.71 -37.28
N PRO HA 233 -30.50 -112.22 -36.66
CA PRO HA 233 -30.68 -112.47 -35.22
C PRO HA 233 -31.03 -113.91 -34.87
N GLU HA 234 -31.48 -114.72 -35.84
CA GLU HA 234 -31.83 -116.11 -35.57
C GLU HA 234 -30.66 -117.05 -35.82
N THR HA 235 -30.11 -117.04 -37.03
CA THR HA 235 -28.99 -117.91 -37.36
C THR HA 235 -27.66 -117.40 -36.80
N LYS HA 236 -27.59 -116.11 -36.45
CA LYS HA 236 -26.39 -115.50 -35.89
C LYS HA 236 -25.16 -115.69 -36.79
N LEU HA 237 -25.38 -115.57 -38.10
CA LEU HA 237 -24.29 -115.63 -39.07
C LEU HA 237 -24.54 -114.58 -40.14
N ILE HA 238 -23.47 -114.23 -40.87
CA ILE HA 238 -23.56 -113.25 -41.95
C ILE HA 238 -24.18 -113.96 -43.15
N MET HA 239 -25.48 -113.75 -43.35
CA MET HA 239 -26.21 -114.51 -44.37
C MET HA 239 -25.67 -114.38 -45.79
N PRO HA 240 -25.27 -113.19 -46.28
CA PRO HA 240 -24.78 -113.13 -47.67
C PRO HA 240 -23.56 -113.97 -47.95
N GLY HA 241 -22.80 -114.38 -46.94
CA GLY HA 241 -21.59 -115.13 -47.16
C GLY HA 241 -20.35 -114.30 -47.40
N VAL HA 242 -20.48 -112.99 -47.55
CA VAL HA 242 -19.35 -112.07 -47.63
C VAL HA 242 -19.67 -110.84 -46.80
N TYR HA 243 -18.66 -110.31 -46.11
CA TYR HA 243 -18.82 -109.08 -45.36
C TYR HA 243 -19.07 -107.91 -46.30
N THR HA 244 -19.89 -106.96 -45.85
CA THR HA 244 -20.21 -105.80 -46.68
C THR HA 244 -18.95 -105.00 -47.00
N TYR HA 245 -18.77 -104.70 -48.28
CA TYR HA 245 -17.53 -104.09 -48.78
C TYR HA 245 -17.66 -102.57 -48.89
N GLU HA 246 -17.96 -101.93 -47.76
CA GLU HA 246 -18.12 -100.49 -47.67
C GLU HA 246 -17.28 -99.94 -46.53
N ALA HA 247 -16.76 -98.72 -46.73
CA ALA HA 247 -15.90 -98.08 -45.75
C ALA HA 247 -16.71 -97.26 -44.76
N PHE HA 248 -16.43 -97.45 -43.47
CA PHE HA 248 -17.14 -96.73 -42.41
C PHE HA 248 -16.21 -95.86 -41.58
N HIS HA 249 -15.11 -96.41 -41.07
CA HIS HA 249 -14.16 -95.74 -40.18
C HIS HA 249 -12.96 -96.67 -40.02
N PRO HA 250 -11.74 -96.15 -39.95
CA PRO HA 250 -10.57 -97.02 -39.79
C PRO HA 250 -10.63 -97.82 -38.49
N ASP HA 251 -10.11 -99.05 -38.56
CA ASP HA 251 -10.34 -100.05 -37.54
C ASP HA 251 -9.09 -100.90 -37.36
N ILE HA 252 -9.00 -101.56 -36.20
CA ILE HA 252 -7.90 -102.44 -35.84
C ILE HA 252 -8.46 -103.83 -35.56
N VAL HA 253 -7.88 -104.85 -36.20
CA VAL HA 253 -8.32 -106.24 -36.06
C VAL HA 253 -7.18 -107.07 -35.46
N LEU HA 254 -7.48 -107.84 -34.42
CA LEU HA 254 -6.47 -108.54 -33.65
C LEU HA 254 -6.83 -110.01 -33.44
N LEU HA 255 -5.80 -110.84 -33.32
CA LEU HA 255 -5.81 -112.24 -32.91
C LEU HA 255 -5.27 -112.37 -31.49
N PRO HA 256 -5.56 -113.48 -30.79
CA PRO HA 256 -5.09 -113.60 -29.41
C PRO HA 256 -3.58 -113.52 -29.31
N GLY HA 257 -3.10 -112.85 -28.27
CA GLY HA 257 -1.69 -112.68 -28.03
C GLY HA 257 -1.03 -111.48 -28.71
N CYS HA 258 -1.78 -110.71 -29.49
CA CYS HA 258 -1.22 -109.60 -30.26
C CYS HA 258 -1.68 -108.26 -29.68
N GLY HA 259 -1.15 -107.18 -30.24
CA GLY HA 259 -1.51 -105.84 -29.82
C GLY HA 259 -0.70 -104.80 -30.55
N VAL HA 260 -1.12 -103.54 -30.38
CA VAL HA 260 -0.42 -102.38 -30.96
C VAL HA 260 -0.19 -101.36 -29.85
N ASP HA 261 0.86 -100.55 -30.03
CA ASP HA 261 1.24 -99.55 -29.03
C ASP HA 261 1.59 -98.24 -29.73
N PHE HA 262 0.87 -97.17 -29.38
CA PHE HA 262 1.04 -95.87 -30.01
C PHE HA 262 1.68 -94.84 -29.08
N THR HA 263 2.46 -95.27 -28.10
CA THR HA 263 3.03 -94.33 -27.14
C THR HA 263 3.96 -93.33 -27.80
N GLU HA 264 4.73 -93.77 -28.79
CA GLU HA 264 5.71 -92.90 -29.44
C GLU HA 264 5.37 -92.72 -30.92
N SER HA 265 4.10 -92.43 -31.21
CA SER HA 265 3.63 -92.34 -32.59
C SER HA 265 2.46 -91.38 -32.66
N ARG HA 266 2.34 -90.71 -33.81
CA ARG HA 266 1.21 -89.82 -34.06
C ARG HA 266 0.22 -90.39 -35.07
N LEU HA 267 0.36 -91.67 -35.42
CA LEU HA 267 -0.52 -92.29 -36.39
C LEU HA 267 -1.89 -92.65 -35.82
N SER HA 268 -2.08 -92.59 -34.50
CA SER HA 268 -3.41 -92.79 -33.95
C SER HA 268 -4.36 -91.63 -34.29
N ASN HA 269 -3.83 -90.42 -34.51
CA ASN HA 269 -4.67 -89.31 -34.95
C ASN HA 269 -5.21 -89.54 -36.36
N LEU HA 270 -4.38 -90.11 -37.24
CA LEU HA 270 -4.85 -90.42 -38.59
C LEU HA 270 -5.90 -91.53 -38.59
N LEU HA 271 -5.85 -92.43 -37.62
CA LEU HA 271 -6.85 -93.50 -37.53
C LEU HA 271 -8.15 -93.04 -36.89
N GLY HA 272 -8.16 -91.88 -36.24
CA GLY HA 272 -9.37 -91.45 -35.56
C GLY HA 272 -9.69 -92.20 -34.29
N ILE HA 273 -8.68 -92.65 -33.55
CA ILE HA 273 -8.86 -93.31 -32.26
C ILE HA 273 -8.02 -92.55 -31.23
N ARG HA 274 -8.68 -92.04 -30.19
CA ARG HA 274 -8.03 -91.22 -29.18
C ARG HA 274 -8.46 -91.64 -27.78
N LYS HA 275 -7.70 -91.19 -26.79
CA LYS HA 275 -7.97 -91.48 -25.39
C LYS HA 275 -8.84 -90.42 -24.75
N ARG HA 276 -9.75 -90.85 -23.88
CA ARG HA 276 -10.60 -89.91 -23.15
C ARG HA 276 -9.83 -89.16 -22.07
N HIS HA 277 -8.66 -89.65 -21.68
CA HIS HA 277 -7.77 -88.97 -20.74
C HIS HA 277 -6.45 -88.74 -21.46
N PRO HA 278 -6.37 -87.70 -22.30
CA PRO HA 278 -5.22 -87.57 -23.21
C PRO HA 278 -3.93 -87.16 -22.54
N PHE HA 279 -3.94 -86.75 -21.28
CA PHE HA 279 -2.72 -86.36 -20.59
C PHE HA 279 -2.08 -87.50 -19.80
N GLN HA 280 -2.65 -88.70 -19.83
CA GLN HA 280 -2.05 -89.86 -19.18
C GLN HA 280 -1.15 -90.59 -20.17
N GLU HA 281 0.11 -90.78 -19.79
CA GLU HA 281 1.09 -91.36 -20.71
C GLU HA 281 0.78 -92.82 -21.00
N GLY HA 282 1.04 -93.24 -22.24
CA GLY HA 282 0.86 -94.63 -22.64
C GLY HA 282 -0.42 -94.90 -23.38
N PHE HA 283 -0.32 -95.57 -24.53
CA PHE HA 283 -1.48 -95.89 -25.36
C PHE HA 283 -1.25 -97.27 -25.97
N LYS HA 284 -1.79 -98.31 -25.33
CA LYS HA 284 -1.67 -99.68 -25.80
C LYS HA 284 -3.05 -100.31 -25.90
N ILE HA 285 -3.27 -101.08 -26.97
CA ILE HA 285 -4.53 -101.79 -27.19
C ILE HA 285 -4.19 -103.26 -27.46
N MET HA 286 -4.60 -104.15 -26.55
CA MET HA 286 -4.30 -105.57 -26.65
C MET HA 286 -5.57 -106.37 -26.92
N TYR HA 287 -5.39 -107.64 -27.22
CA TYR HA 287 -6.53 -108.50 -27.54
C TYR HA 287 -7.49 -108.63 -26.38
N GLU HA 288 -6.99 -108.58 -25.14
CA GLU HA 288 -7.84 -108.70 -23.97
C GLU HA 288 -8.69 -107.46 -23.72
N ASP HA 289 -8.36 -106.32 -24.32
CA ASP HA 289 -9.13 -105.11 -24.13
C ASP HA 289 -10.30 -104.98 -25.08
N LEU HA 290 -10.41 -105.84 -26.09
CA LEU HA 290 -11.45 -105.77 -27.11
C LEU HA 290 -12.59 -106.74 -26.85
N GLU HA 291 -12.94 -106.97 -25.59
CA GLU HA 291 -13.99 -107.92 -25.26
C GLU HA 291 -15.32 -107.51 -25.87
N GLY HA 292 -16.06 -108.49 -26.39
CA GLY HA 292 -17.33 -108.24 -27.04
C GLY HA 292 -17.23 -107.88 -28.51
N GLY HA 293 -16.04 -107.85 -29.08
CA GLY HA 293 -15.87 -107.42 -30.45
C GLY HA 293 -15.50 -108.53 -31.42
N ASN HA 294 -15.84 -109.77 -31.10
CA ASN HA 294 -15.52 -110.88 -31.99
C ASN HA 294 -16.29 -110.76 -33.30
N ILE HA 295 -15.62 -111.04 -34.40
CA ILE HA 295 -16.20 -110.93 -35.73
C ILE HA 295 -17.05 -112.18 -36.01
N PRO HA 296 -18.33 -112.03 -36.32
CA PRO HA 296 -19.17 -113.21 -36.57
C PRO HA 296 -18.69 -113.98 -37.79
N ALA HA 297 -18.80 -115.31 -37.70
CA ALA HA 297 -18.33 -116.18 -38.75
C ALA HA 297 -19.28 -116.18 -39.95
N LEU HA 298 -18.73 -116.51 -41.12
CA LEU HA 298 -19.47 -116.72 -42.36
C LEU HA 298 -20.57 -115.69 -42.59
N ILE HA 364 -27.05 -124.70 -42.91
CA ILE HA 364 -26.86 -123.76 -41.81
C ILE HA 364 -25.61 -124.10 -41.01
N GLN HA 365 -24.44 -123.91 -41.62
CA GLN HA 365 -23.17 -124.13 -40.95
C GLN HA 365 -22.18 -123.06 -41.38
N PRO HA 366 -21.28 -122.63 -40.50
CA PRO HA 366 -20.29 -121.62 -40.88
C PRO HA 366 -19.25 -122.18 -41.84
N LEU HA 367 -18.76 -121.32 -42.73
CA LEU HA 367 -17.63 -121.69 -43.57
C LEU HA 367 -16.37 -121.71 -42.71
N GLU HA 368 -15.59 -122.78 -42.85
CA GLU HA 368 -14.42 -122.98 -42.01
C GLU HA 368 -13.10 -122.71 -42.70
N LYS HA 369 -13.09 -122.50 -44.01
CA LYS HA 369 -11.84 -122.30 -44.72
C LYS HA 369 -12.11 -121.48 -45.98
N ASP HA 370 -11.04 -120.93 -46.55
CA ASP HA 370 -11.12 -120.05 -47.70
C ASP HA 370 -10.97 -120.87 -48.99
N SER HA 371 -10.92 -120.18 -50.14
CA SER HA 371 -10.85 -120.86 -51.42
C SER HA 371 -9.56 -121.64 -51.57
N LYS HA 372 -8.42 -121.07 -51.14
CA LYS HA 372 -7.13 -121.70 -51.25
C LYS HA 372 -6.73 -122.45 -49.97
N SER HA 373 -7.71 -122.94 -49.22
CA SER HA 373 -7.48 -123.70 -48.00
C SER HA 373 -6.69 -122.89 -46.97
N ARG HA 374 -7.30 -121.80 -46.53
CA ARG HA 374 -6.80 -121.01 -45.42
C ARG HA 374 -7.84 -121.01 -44.31
N SER HA 375 -7.40 -121.28 -43.09
CA SER HA 375 -8.31 -121.34 -41.96
C SER HA 375 -8.88 -119.95 -41.64
N TYR HA 376 -10.18 -119.89 -41.41
CA TYR HA 376 -10.83 -118.69 -40.91
C TYR HA 376 -10.79 -118.59 -39.39
N ASN HA 377 -10.19 -119.57 -38.71
CA ASN HA 377 -10.06 -119.57 -37.25
C ASN HA 377 -11.42 -119.59 -36.55
N VAL HA 378 -12.36 -120.38 -37.08
CA VAL HA 378 -13.65 -120.51 -36.44
C VAL HA 378 -13.49 -121.25 -35.11
N LEU HA 379 -14.32 -120.87 -34.14
CA LEU HA 379 -14.24 -121.39 -32.78
C LEU HA 379 -15.38 -122.37 -32.51
N GLU HA 380 -15.47 -122.81 -31.25
CA GLU HA 380 -16.59 -123.63 -30.82
C GLU HA 380 -17.87 -122.79 -30.83
N ASP HA 381 -19.01 -123.48 -30.84
CA ASP HA 381 -20.35 -122.92 -30.96
C ASP HA 381 -20.62 -122.45 -32.38
N LYS HA 382 -19.61 -122.45 -33.24
CA LYS HA 382 -19.78 -122.32 -34.69
C LYS HA 382 -20.57 -121.07 -35.07
N ILE HA 383 -20.36 -119.97 -34.33
CA ILE HA 383 -20.97 -118.69 -34.66
C ILE HA 383 -19.93 -117.58 -34.79
N ASN HA 384 -18.99 -117.50 -33.85
CA ASN HA 384 -18.01 -116.42 -33.81
C ASN HA 384 -16.63 -116.91 -34.17
N THR HA 385 -15.78 -115.96 -34.56
CA THR HA 385 -14.41 -116.21 -34.97
C THR HA 385 -13.46 -115.58 -33.95
N ALA HA 386 -12.22 -116.10 -33.93
CA ALA HA 386 -11.23 -115.61 -32.98
C ALA HA 386 -10.82 -114.15 -33.22
N TYR HA 387 -11.05 -113.62 -34.42
CA TYR HA 387 -10.69 -112.23 -34.70
C TYR HA 387 -11.56 -111.26 -33.89
N ARG HA 388 -10.94 -110.22 -33.35
CA ARG HA 388 -11.63 -109.14 -32.67
C ARG HA 388 -11.29 -107.81 -33.33
N SER HA 389 -12.21 -106.85 -33.26
CA SER HA 389 -12.00 -105.54 -33.87
C SER HA 389 -12.43 -104.43 -32.93
N TRP HA 390 -11.69 -103.32 -32.99
CA TRP HA 390 -11.98 -102.17 -32.13
C TRP HA 390 -13.36 -101.59 -32.41
N TYR HA 391 -13.74 -101.49 -33.67
CA TYR HA 391 -15.00 -100.84 -34.02
C TYR HA 391 -16.20 -101.64 -33.51
N LEU HA 392 -16.15 -102.96 -33.64
CA LEU HA 392 -17.26 -103.78 -33.14
C LEU HA 392 -17.38 -103.68 -31.63
N SER HA 393 -16.25 -103.67 -30.93
CA SER HA 393 -16.29 -103.56 -29.47
C SER HA 393 -16.76 -102.17 -29.03
N TYR HA 394 -16.38 -101.12 -29.75
CA TYR HA 394 -16.82 -99.77 -29.40
C TYR HA 394 -18.32 -99.60 -29.57
N ASN HA 395 -18.89 -100.16 -30.64
CA ASN HA 395 -20.28 -99.90 -30.96
C ASN HA 395 -21.25 -100.94 -30.42
N TYR HA 396 -20.82 -102.20 -30.26
CA TYR HA 396 -21.73 -103.27 -29.87
C TYR HA 396 -21.38 -103.92 -28.53
N GLY HA 397 -20.21 -103.66 -27.98
CA GLY HA 397 -19.81 -104.24 -26.72
C GLY HA 397 -20.46 -103.58 -25.52
N ASN HA 398 -19.95 -103.92 -24.35
CA ASN HA 398 -20.49 -103.39 -23.09
C ASN HA 398 -20.11 -101.92 -22.95
N PRO HA 399 -21.06 -101.00 -22.79
CA PRO HA 399 -20.72 -99.57 -22.71
C PRO HA 399 -19.84 -99.21 -21.54
N GLU HA 400 -19.93 -99.93 -20.41
CA GLU HA 400 -19.24 -99.53 -19.20
C GLU HA 400 -18.05 -100.41 -18.86
N LYS HA 401 -17.71 -101.38 -19.69
CA LYS HA 401 -16.57 -102.25 -19.45
C LYS HA 401 -15.67 -102.46 -20.66
N GLY HA 402 -16.16 -102.26 -21.88
CA GLY HA 402 -15.37 -102.48 -23.07
C GLY HA 402 -14.47 -101.30 -23.39
N ILE HA 403 -13.97 -101.31 -24.62
CA ILE HA 403 -13.03 -100.29 -25.06
C ILE HA 403 -13.67 -98.90 -25.10
N ARG HA 404 -15.00 -98.82 -25.14
CA ARG HA 404 -15.69 -97.54 -25.20
C ARG HA 404 -15.56 -96.73 -23.91
N SER HA 405 -15.18 -97.35 -22.81
CA SER HA 405 -15.12 -96.63 -21.54
C SER HA 405 -13.89 -95.73 -21.43
N TRP HA 406 -12.84 -95.98 -22.20
CA TRP HA 406 -11.65 -95.15 -22.12
C TRP HA 406 -11.06 -94.76 -23.47
N THR HA 407 -11.74 -95.04 -24.58
CA THR HA 407 -11.33 -94.52 -25.89
C THR HA 407 -12.49 -93.76 -26.53
N LEU HA 408 -12.17 -92.98 -27.56
CA LEU HA 408 -13.11 -92.10 -28.21
C LEU HA 408 -12.94 -92.19 -29.72
N LEU HA 409 -14.05 -92.18 -30.45
CA LEU HA 409 -14.05 -92.25 -31.90
C LEU HA 409 -14.14 -90.84 -32.48
N THR HA 410 -13.23 -90.49 -33.38
CA THR HA 410 -13.15 -89.16 -33.96
C THR HA 410 -12.95 -89.26 -35.47
N THR HA 411 -13.12 -88.12 -36.16
CA THR HA 411 -12.86 -88.08 -37.59
C THR HA 411 -11.37 -88.20 -37.87
N SER HA 412 -11.03 -88.86 -38.97
CA SER HA 412 -9.63 -89.03 -39.35
C SER HA 412 -8.98 -87.70 -39.69
N ASP HA 413 -7.77 -87.50 -39.20
CA ASP HA 413 -7.02 -86.26 -39.43
C ASP HA 413 -5.74 -86.59 -40.19
N VAL HA 414 -5.72 -86.27 -41.49
CA VAL HA 414 -4.63 -86.69 -42.36
C VAL HA 414 -3.31 -85.98 -42.03
N THR HA 415 -3.37 -84.75 -41.51
CA THR HA 415 -2.14 -84.06 -41.15
C THR HA 415 -1.47 -84.66 -39.92
N CYS HA 416 -2.13 -85.59 -39.23
CA CYS HA 416 -1.67 -86.23 -38.00
C CYS HA 416 -1.62 -85.28 -36.81
N GLY HA 417 -2.29 -84.13 -36.90
CA GLY HA 417 -2.39 -83.22 -35.78
C GLY HA 417 -1.33 -82.14 -35.79
N VAL HA 418 -1.71 -80.94 -36.16
CA VAL HA 418 -0.76 -79.84 -36.23
C VAL HA 418 -0.75 -79.12 -34.89
N GLU HA 419 0.40 -78.60 -34.51
CA GLU HA 419 0.54 -77.82 -33.29
C GLU HA 419 1.05 -76.41 -33.66
N GLN HA 420 1.39 -75.63 -32.64
CA GLN HA 420 1.70 -74.23 -32.81
C GLN HA 420 3.19 -74.02 -33.12
N VAL HA 421 3.52 -72.81 -33.56
CA VAL HA 421 4.89 -72.36 -33.78
C VAL HA 421 5.09 -71.02 -33.06
N TYR HA 422 6.34 -70.74 -32.69
CA TYR HA 422 6.71 -69.55 -31.95
C TYR HA 422 7.75 -68.73 -32.69
N TRP HA 423 7.61 -67.41 -32.67
CA TRP HA 423 8.56 -66.46 -33.24
C TRP HA 423 9.43 -65.83 -32.15
N SER HA 424 10.72 -65.62 -32.46
CA SER HA 424 11.64 -64.92 -31.57
C SER HA 424 12.44 -63.85 -32.34
N LEU HA 425 12.56 -62.67 -31.75
CA LEU HA 425 13.41 -61.60 -32.27
C LEU HA 425 14.22 -60.99 -31.14
N PRO HA 426 15.22 -61.71 -30.64
CA PRO HA 426 15.86 -61.30 -29.37
C PRO HA 426 16.65 -59.99 -29.43
N ASP HA 427 17.09 -59.53 -30.60
CA ASP HA 427 17.84 -58.29 -30.70
C ASP HA 427 16.96 -57.07 -31.00
N MET HA 428 15.66 -57.24 -31.14
CA MET HA 428 14.80 -56.12 -31.49
C MET HA 428 13.75 -55.81 -30.43
N MET HA 429 13.06 -56.81 -29.92
CA MET HA 429 11.98 -56.63 -28.96
C MET HA 429 12.48 -56.85 -27.53
N GLN HA 430 11.82 -56.20 -26.58
CA GLN HA 430 12.04 -56.49 -25.17
C GLN HA 430 11.43 -57.84 -24.81
N ASP HA 431 12.00 -58.50 -23.82
CA ASP HA 431 11.49 -59.80 -23.38
C ASP HA 431 10.13 -59.64 -22.71
N PRO HA 432 9.13 -60.42 -23.09
CA PRO HA 432 7.85 -60.39 -22.36
C PRO HA 432 7.97 -60.92 -20.94
N VAL HA 433 6.96 -60.61 -20.14
CA VAL HA 433 7.03 -60.79 -18.70
C VAL HA 433 7.25 -62.26 -18.33
N THR HA 434 8.16 -62.48 -17.37
CA THR HA 434 8.64 -63.72 -16.76
C THR HA 434 9.65 -64.50 -17.62
N PHE HA 435 9.95 -64.09 -18.86
CA PHE HA 435 10.99 -64.73 -19.64
C PHE HA 435 12.37 -64.23 -19.22
N ARG HA 436 13.35 -65.14 -19.14
CA ARG HA 436 14.73 -64.78 -18.84
C ARG HA 436 15.51 -64.44 -20.11
N SER HA 437 16.43 -63.49 -20.00
CA SER HA 437 17.35 -63.20 -21.09
C SER HA 437 18.43 -64.28 -21.18
N THR HA 438 18.71 -64.74 -22.39
CA THR HA 438 19.63 -65.85 -22.59
C THR HA 438 20.15 -65.86 -24.02
N ARG HA 439 21.17 -66.69 -24.25
CA ARG HA 439 21.69 -66.92 -25.59
C ARG HA 439 21.56 -68.37 -26.03
N GLN HA 440 20.74 -69.17 -25.33
CA GLN HA 440 20.47 -70.54 -25.74
C GLN HA 440 19.26 -70.56 -26.67
N VAL HA 441 19.41 -71.21 -27.83
CA VAL HA 441 18.40 -71.13 -28.87
C VAL HA 441 17.09 -71.76 -28.42
N SER HA 442 17.15 -72.90 -27.75
CA SER HA 442 15.91 -73.52 -27.29
C SER HA 442 15.26 -72.78 -26.12
N ASN HA 443 15.72 -71.60 -25.71
CA ASN HA 443 15.06 -70.89 -24.61
C ASN HA 443 14.92 -69.39 -24.90
N TYR HA 444 14.91 -68.98 -26.17
CA TYR HA 444 14.67 -67.58 -26.51
C TYR HA 444 13.28 -67.14 -26.05
N PRO HA 445 13.14 -65.89 -25.63
CA PRO HA 445 11.80 -65.36 -25.33
C PRO HA 445 10.91 -65.33 -26.57
N VAL HA 446 9.62 -65.53 -26.37
CA VAL HA 446 8.65 -65.73 -27.45
C VAL HA 446 7.87 -64.45 -27.69
N VAL HA 447 7.83 -64.00 -28.94
CA VAL HA 447 7.20 -62.74 -29.31
C VAL HA 447 5.88 -62.92 -30.05
N GLY HA 448 5.55 -64.12 -30.52
CA GLY HA 448 4.28 -64.38 -31.16
C GLY HA 448 4.07 -65.85 -31.40
N ALA HA 449 2.80 -66.23 -31.64
CA ALA HA 449 2.43 -67.62 -31.83
C ALA HA 449 1.32 -67.75 -32.87
N GLU HA 450 1.28 -68.89 -33.55
CA GLU HA 450 0.26 -69.20 -34.54
C GLU HA 450 0.34 -70.69 -34.84
N LEU HA 451 -0.58 -71.19 -35.66
CA LEU HA 451 -0.54 -72.59 -36.07
C LEU HA 451 0.47 -72.81 -37.19
N MET HA 452 1.15 -73.94 -37.13
CA MET HA 452 1.95 -74.38 -38.27
C MET HA 452 1.02 -74.54 -39.48
N PRO HA 453 1.31 -73.89 -40.61
CA PRO HA 453 0.28 -73.69 -41.65
C PRO HA 453 0.11 -74.87 -42.60
N VAL HA 454 -0.44 -75.97 -42.08
CA VAL HA 454 -0.72 -77.17 -42.85
C VAL HA 454 -2.17 -77.57 -42.58
N PHE HA 455 -2.92 -77.83 -43.65
CA PHE HA 455 -4.36 -78.03 -43.54
C PHE HA 455 -4.81 -79.23 -44.36
N SER HA 456 -5.97 -79.76 -43.99
CA SER HA 456 -6.60 -80.88 -44.68
C SER HA 456 -7.60 -80.37 -45.72
N LYS HA 457 -7.68 -81.07 -46.85
CA LYS HA 457 -8.64 -80.77 -47.91
C LYS HA 457 -9.37 -82.04 -48.33
N SER HA 458 -10.67 -81.92 -48.60
CA SER HA 458 -11.53 -83.05 -48.92
C SER HA 458 -11.86 -83.13 -50.41
N PHE HA 459 -11.98 -84.36 -50.91
CA PHE HA 459 -12.41 -84.63 -52.27
C PHE HA 459 -13.42 -85.76 -52.26
N TYR HA 460 -14.22 -85.84 -53.33
CA TYR HA 460 -15.25 -86.85 -53.48
C TYR HA 460 -14.85 -87.83 -54.57
N ASN HA 461 -14.90 -89.13 -54.26
CA ASN HA 461 -14.54 -90.16 -55.22
C ASN HA 461 -15.52 -91.34 -55.18
N HIS HA 478 -0.22 -107.10 -57.67
CA HIS HA 478 -0.73 -106.22 -56.62
C HIS HA 478 -0.04 -106.50 -55.29
N VAL HA 479 0.95 -105.67 -54.95
CA VAL HA 479 1.63 -105.82 -53.68
C VAL HA 479 0.72 -105.44 -52.50
N PHE HA 480 -0.31 -104.65 -52.74
CA PHE HA 480 -1.24 -104.24 -51.70
C PHE HA 480 -2.45 -105.16 -51.59
N ASN HA 481 -2.46 -106.29 -52.30
CA ASN HA 481 -3.52 -107.29 -52.17
C ASN HA 481 -2.87 -108.66 -52.42
N ARG HA 482 -2.39 -109.28 -51.33
CA ARG HA 482 -1.68 -110.55 -51.39
C ARG HA 482 -2.56 -111.74 -51.05
N PHE HA 483 -3.76 -111.51 -50.51
CA PHE HA 483 -4.71 -112.57 -50.19
C PHE HA 483 -6.06 -112.19 -50.76
N PRO HA 484 -6.19 -112.19 -52.08
CA PRO HA 484 -7.46 -111.76 -52.69
C PRO HA 484 -8.66 -112.60 -52.27
N GLU HA 485 -8.45 -113.90 -52.01
CA GLU HA 485 -9.57 -114.78 -51.69
C GLU HA 485 -10.08 -114.59 -50.28
N ASN HA 486 -9.19 -114.29 -49.33
CA ASN HA 486 -9.55 -114.34 -47.92
C ASN HA 486 -10.40 -113.14 -47.55
N GLN HA 487 -11.59 -113.40 -47.00
CA GLN HA 487 -12.52 -112.33 -46.66
C GLN HA 487 -12.02 -111.44 -45.53
N ILE HA 488 -11.12 -111.94 -44.69
CA ILE HA 488 -10.58 -111.14 -43.60
C ILE HA 488 -9.37 -110.34 -44.04
N LEU HA 489 -8.54 -110.92 -44.90
CA LEU HA 489 -7.29 -110.32 -45.34
C LEU HA 489 -7.40 -109.61 -46.68
N ILE HA 490 -8.61 -109.43 -47.20
CA ILE HA 490 -8.78 -108.68 -48.43
C ILE HA 490 -8.39 -107.21 -48.22
N ARG HA 491 -8.01 -106.56 -49.31
CA ARG HA 491 -7.63 -105.14 -49.26
C ARG HA 491 -8.84 -104.29 -48.88
N PRO HA 492 -8.71 -103.39 -47.92
CA PRO HA 492 -9.88 -102.66 -47.45
C PRO HA 492 -10.47 -101.79 -48.54
N PRO HA 493 -11.78 -101.62 -48.54
CA PRO HA 493 -12.40 -100.67 -49.48
C PRO HA 493 -12.01 -99.23 -49.16
N ALA HA 494 -11.96 -98.41 -50.21
CA ALA HA 494 -11.59 -97.00 -50.11
C ALA HA 494 -12.80 -96.15 -49.75
N PRO HA 495 -12.63 -95.14 -48.90
CA PRO HA 495 -13.76 -94.26 -48.55
C PRO HA 495 -14.21 -93.44 -49.74
N THR HA 496 -15.48 -93.06 -49.71
CA THR HA 496 -16.00 -92.14 -50.71
C THR HA 496 -15.55 -90.70 -50.47
N ILE HA 497 -14.95 -90.40 -49.31
CA ILE HA 497 -14.36 -89.10 -49.02
C ILE HA 497 -12.87 -89.28 -48.77
N THR HA 498 -12.04 -88.62 -49.57
CA THR HA 498 -10.59 -88.68 -49.45
C THR HA 498 -10.04 -87.34 -48.98
N THR HA 499 -9.10 -87.37 -48.06
CA THR HA 499 -8.48 -86.16 -47.52
C THR HA 499 -6.97 -86.20 -47.73
N VAL HA 500 -6.41 -85.04 -48.10
CA VAL HA 500 -4.97 -84.85 -48.30
C VAL HA 500 -4.55 -83.55 -47.62
N SER HA 501 -3.27 -83.47 -47.26
CA SER HA 501 -2.75 -82.32 -46.53
C SER HA 501 -2.05 -81.34 -47.46
N GLU HA 502 -2.20 -80.05 -47.18
CA GLU HA 502 -1.69 -78.97 -48.02
C GLU HA 502 -0.94 -77.93 -47.19
N ASN HA 503 0.02 -77.27 -47.84
CA ASN HA 503 0.74 -76.14 -47.26
C ASN HA 503 0.18 -74.84 -47.85
N VAL HA 504 -0.25 -73.93 -46.99
CA VAL HA 504 -0.88 -72.68 -47.39
C VAL HA 504 -0.11 -71.53 -46.77
N PRO HA 505 0.33 -70.53 -47.56
CA PRO HA 505 1.08 -69.41 -46.97
C PRO HA 505 0.26 -68.65 -45.94
N ALA HA 506 0.92 -68.25 -44.86
CA ALA HA 506 0.26 -67.65 -43.70
C ALA HA 506 0.71 -66.21 -43.53
N LEU HA 507 -0.28 -65.31 -43.43
CA LEU HA 507 -0.07 -63.88 -43.28
C LEU HA 507 -0.69 -63.46 -41.97
N THR HA 508 0.12 -62.98 -41.02
CA THR HA 508 -0.32 -62.83 -39.64
C THR HA 508 0.04 -61.45 -39.09
N ASP HA 509 -0.90 -60.85 -38.38
CA ASP HA 509 -0.68 -59.62 -37.63
C ASP HA 509 -0.59 -59.96 -36.14
N HIS HA 510 0.56 -59.67 -35.55
CA HIS HA 510 0.84 -60.03 -34.15
C HIS HA 510 0.62 -58.88 -33.18
N GLY HA 511 0.15 -57.72 -33.62
CA GLY HA 511 -0.04 -56.59 -32.74
C GLY HA 511 1.24 -55.83 -32.42
N THR HA 512 1.16 -54.98 -31.41
CA THR HA 512 2.24 -54.08 -31.03
C THR HA 512 2.98 -54.59 -29.80
N LEU HA 513 4.31 -54.59 -29.85
CA LEU HA 513 5.18 -55.01 -28.75
C LEU HA 513 6.21 -53.94 -28.43
N PRO HA 514 6.64 -53.83 -27.17
CA PRO HA 514 7.65 -52.83 -26.82
C PRO HA 514 8.99 -53.09 -27.48
N LEU HA 515 9.63 -52.01 -27.91
CA LEU HA 515 10.80 -52.02 -28.77
C LEU HA 515 12.01 -51.50 -27.99
N ARG HA 516 13.19 -52.05 -28.27
CA ARG HA 516 14.41 -51.53 -27.67
C ARG HA 516 14.79 -50.18 -28.27
N SER HA 517 15.38 -49.31 -27.44
CA SER HA 517 15.71 -47.95 -27.87
C SER HA 517 16.87 -47.90 -28.85
N SER HA 518 17.78 -48.87 -28.79
CA SER HA 518 18.91 -48.91 -29.70
C SER HA 518 18.94 -50.26 -30.41
N ILE HA 519 18.96 -50.24 -31.73
CA ILE HA 519 18.83 -51.43 -32.56
C ILE HA 519 20.12 -51.60 -33.34
N ARG HA 520 20.77 -52.75 -33.20
CA ARG HA 520 21.98 -53.06 -33.94
C ARG HA 520 21.66 -53.42 -35.39
N GLY HA 521 22.69 -53.29 -36.24
CA GLY HA 521 22.52 -53.48 -37.67
C GLY HA 521 22.30 -54.92 -38.10
N VAL HA 522 22.72 -55.90 -37.30
CA VAL HA 522 22.55 -57.31 -37.61
C VAL HA 522 21.58 -57.91 -36.59
N GLN HA 523 20.57 -58.64 -37.09
CA GLN HA 523 19.47 -59.14 -36.28
C GLN HA 523 19.30 -60.65 -36.49
N ARG HA 524 18.87 -61.33 -35.43
CA ARG HA 524 18.60 -62.76 -35.45
C ARG HA 524 17.10 -63.03 -35.53
N VAL HA 525 16.72 -63.98 -36.38
CA VAL HA 525 15.33 -64.40 -36.58
C VAL HA 525 15.23 -65.90 -36.35
N THR HA 526 14.28 -66.33 -35.51
CA THR HA 526 14.14 -67.74 -35.14
C THR HA 526 12.68 -68.18 -35.12
N VAL HA 527 12.42 -69.39 -35.60
CA VAL HA 527 11.11 -70.03 -35.57
C VAL HA 527 11.27 -71.42 -34.98
N THR HA 528 10.52 -71.72 -33.91
CA THR HA 528 10.60 -73.02 -33.22
C THR HA 528 9.21 -73.61 -32.97
N ASP HA 529 9.17 -74.92 -32.75
CA ASP HA 529 7.94 -75.65 -32.54
C ASP HA 529 7.61 -75.74 -31.04
N ALA HA 530 6.63 -76.58 -30.70
CA ALA HA 530 6.14 -76.65 -29.32
C ALA HA 530 7.18 -77.22 -28.37
N ARG HA 531 8.05 -78.10 -28.84
CA ARG HA 531 9.14 -78.63 -28.03
C ARG HA 531 10.40 -77.77 -28.12
N ARG HA 532 10.31 -76.60 -28.76
CA ARG HA 532 11.41 -75.64 -28.92
C ARG HA 532 12.55 -76.19 -29.76
N ARG HA 533 12.22 -76.93 -30.81
CA ARG HA 533 13.17 -77.28 -31.87
C ARG HA 533 12.90 -76.39 -33.08
N THR HA 534 13.95 -76.11 -33.84
CA THR HA 534 13.75 -75.43 -35.11
C THR HA 534 13.11 -76.40 -36.12
N CYS HA 535 12.39 -75.83 -37.09
CA CYS HA 535 11.65 -76.63 -38.05
C CYS HA 535 12.36 -76.63 -39.40
N PRO HA 536 12.85 -77.77 -39.87
CA PRO HA 536 13.54 -77.81 -41.17
C PRO HA 536 12.64 -77.64 -42.39
N TYR HA 537 11.33 -77.56 -42.23
CA TYR HA 537 10.44 -77.44 -43.37
C TYR HA 537 9.98 -76.01 -43.64
N VAL HA 538 10.50 -75.02 -42.92
CA VAL HA 538 10.30 -73.62 -43.29
C VAL HA 538 11.27 -73.25 -44.40
N TYR HA 539 10.77 -72.67 -45.49
CA TYR HA 539 11.66 -72.20 -46.53
C TYR HA 539 11.43 -70.75 -46.94
N LYS HA 540 10.55 -70.02 -46.25
CA LYS HA 540 10.38 -68.59 -46.50
C LYS HA 540 9.80 -67.96 -45.25
N ALA HA 541 10.47 -66.93 -44.74
CA ALA HA 541 10.04 -66.21 -43.55
C ALA HA 541 10.47 -64.76 -43.64
N LEU HA 542 9.51 -63.84 -43.53
CA LEU HA 542 9.77 -62.41 -43.58
C LEU HA 542 9.08 -61.70 -42.42
N GLY HA 543 9.66 -60.59 -41.99
CA GLY HA 543 9.05 -59.76 -40.97
C GLY HA 543 9.11 -58.29 -41.36
N ILE HA 544 8.07 -57.57 -40.97
CA ILE HA 544 7.95 -56.13 -41.20
C ILE HA 544 7.51 -55.48 -39.89
N VAL HA 545 8.25 -54.48 -39.44
CA VAL HA 545 8.00 -53.81 -38.17
C VAL HA 545 7.74 -52.33 -38.43
N ALA HA 546 6.73 -51.78 -37.77
CA ALA HA 546 6.39 -50.36 -37.88
C ALA HA 546 6.45 -49.66 -36.52
N PRO HA 547 7.54 -48.97 -36.20
CA PRO HA 547 7.65 -48.33 -34.88
C PRO HA 547 6.72 -47.14 -34.70
N ARG HA 548 6.35 -46.88 -33.45
CA ARG HA 548 5.60 -45.68 -33.07
C ARG HA 548 5.75 -45.44 -31.57
N VAL HA 549 5.42 -44.22 -31.15
CA VAL HA 549 5.57 -43.80 -29.76
C VAL HA 549 4.42 -44.35 -28.92
N LEU HA 550 4.74 -44.93 -27.77
CA LEU HA 550 3.75 -45.44 -26.82
C LEU HA 550 3.50 -44.50 -25.65
N SER HA 551 4.56 -44.03 -24.98
CA SER HA 551 4.38 -43.13 -23.85
C SER HA 551 5.65 -42.30 -23.66
N SER HA 552 5.55 -41.32 -22.78
CA SER HA 552 6.64 -40.39 -22.51
C SER HA 552 7.60 -40.95 -21.47
N ARG HA 553 8.85 -40.52 -21.56
CA ARG HA 553 9.92 -40.81 -20.60
C ARG HA 553 10.29 -42.29 -20.58
N ARG IA 48 40.39 22.70 6.52
CA ARG IA 48 40.60 23.55 7.68
C ARG IA 48 42.05 23.53 8.16
N ASN IA 49 43.00 23.54 7.21
CA ASN IA 49 44.40 23.43 7.56
C ASN IA 49 45.29 24.37 6.75
N SER IA 50 44.76 25.45 6.21
CA SER IA 50 45.54 26.34 5.37
C SER IA 50 46.26 27.40 6.20
N ILE IA 51 47.33 27.95 5.64
CA ILE IA 51 48.15 28.97 6.28
C ILE IA 51 48.35 30.11 5.27
N ARG IA 52 47.99 31.33 5.67
CA ARG IA 52 47.89 32.45 4.74
C ARG IA 52 48.69 33.65 5.21
N TYR IA 53 49.26 34.38 4.26
CA TYR IA 53 50.05 35.57 4.50
C TYR IA 53 49.32 36.78 3.91
N SER IA 54 49.19 37.84 4.70
CA SER IA 54 48.26 38.92 4.38
C SER IA 54 48.64 39.69 3.11
N GLU IA 55 49.87 39.57 2.61
CA GLU IA 55 50.25 40.28 1.41
C GLU IA 55 49.99 39.49 0.12
N LEU IA 56 49.43 38.30 0.20
CA LEU IA 56 49.18 37.46 -0.97
C LEU IA 56 47.70 37.15 -1.11
N SER IA 57 47.22 37.09 -2.36
CA SER IA 57 45.81 36.82 -2.65
C SER IA 57 45.68 36.29 -4.07
N PRO IA 58 44.76 35.36 -4.33
CA PRO IA 58 44.62 34.80 -5.68
C PRO IA 58 43.77 35.67 -6.60
N LEU IA 59 43.92 35.43 -7.91
CA LEU IA 59 43.33 36.27 -8.95
C LEU IA 59 42.18 35.59 -9.68
N TYR IA 60 41.18 36.39 -10.05
CA TYR IA 60 39.99 35.89 -10.73
C TYR IA 60 39.49 36.87 -11.79
N ASP IA 61 38.85 36.29 -12.82
CA ASP IA 61 37.96 36.89 -13.82
C ASP IA 61 38.57 37.77 -14.91
N THR IA 62 39.73 38.38 -14.69
CA THR IA 62 40.35 39.27 -15.67
C THR IA 62 41.64 39.83 -15.09
N THR IA 63 42.53 40.28 -15.98
CA THR IA 63 43.83 40.84 -15.62
C THR IA 63 44.40 41.54 -16.86
N ARG IA 64 45.68 41.92 -16.80
CA ARG IA 64 46.37 42.53 -17.94
C ARG IA 64 47.68 41.80 -18.22
N LEU IA 65 48.03 41.69 -19.50
CA LEU IA 65 49.34 41.23 -19.96
C LEU IA 65 49.96 42.31 -20.83
N TYR IA 66 51.24 42.62 -20.59
CA TYR IA 66 51.91 43.71 -21.28
C TYR IA 66 53.03 43.17 -22.18
N LEU IA 67 53.06 43.62 -23.43
CA LEU IA 67 54.06 43.22 -24.43
C LEU IA 67 54.85 44.46 -24.81
N VAL IA 68 56.03 44.61 -24.24
CA VAL IA 68 56.79 45.86 -24.29
C VAL IA 68 58.15 45.59 -24.91
N ASP IA 69 58.58 46.50 -25.79
CA ASP IA 69 59.73 46.28 -26.65
C ASP IA 69 61.04 46.84 -26.11
N ASN IA 70 61.07 47.46 -24.93
CA ASN IA 70 62.28 48.10 -24.44
C ASN IA 70 62.53 47.82 -22.96
N LYS IA 71 62.32 46.59 -22.53
CA LYS IA 71 62.74 46.20 -21.18
C LYS IA 71 64.26 46.08 -21.11
N SER IA 72 64.84 46.53 -20.00
CA SER IA 72 66.29 46.66 -19.93
C SER IA 72 67.00 45.31 -20.03
N ALA IA 73 66.50 44.30 -19.33
CA ALA IA 73 67.16 42.99 -19.34
C ALA IA 73 66.92 42.23 -20.64
N ASP IA 74 65.75 42.40 -21.27
CA ASP IA 74 65.47 41.72 -22.52
C ASP IA 74 66.35 42.25 -23.66
N ILE IA 75 66.74 43.52 -23.58
CA ILE IA 75 67.60 44.09 -24.62
C ILE IA 75 68.94 43.37 -24.68
N ALA IA 76 69.53 43.10 -23.52
CA ALA IA 76 70.88 42.56 -23.48
C ALA IA 76 70.92 41.08 -23.87
N SER IA 77 69.96 40.28 -23.41
CA SER IA 77 70.07 38.83 -23.52
C SER IA 77 69.15 38.18 -24.53
N LEU IA 78 68.23 38.91 -25.15
CA LEU IA 78 67.31 38.26 -26.08
C LEU IA 78 67.39 38.78 -27.51
N ASN IA 79 67.57 40.08 -27.70
CA ASN IA 79 67.26 40.72 -28.97
C ASN IA 79 68.49 41.33 -29.64
N TYR IA 80 69.62 40.62 -29.59
CA TYR IA 80 70.87 41.19 -30.10
C TYR IA 80 70.84 41.37 -31.61
N GLN IA 81 70.18 40.47 -32.33
CA GLN IA 81 70.12 40.52 -33.79
C GLN IA 81 68.76 40.95 -34.34
N ASN IA 82 67.88 41.49 -33.50
CA ASN IA 82 66.50 41.79 -33.89
C ASN IA 82 66.29 43.29 -34.08
N ASP IA 83 65.08 43.66 -34.51
CA ASP IA 83 64.66 45.06 -34.56
C ASP IA 83 63.22 45.17 -34.10
N HIS IA 84 62.69 46.39 -34.08
CA HIS IA 84 61.37 46.62 -33.48
C HIS IA 84 60.23 46.03 -34.28
N SER IA 85 60.47 45.57 -35.51
CA SER IA 85 59.45 44.89 -36.29
C SER IA 85 59.35 43.40 -35.98
N ASN IA 86 60.36 42.81 -35.33
CA ASN IA 86 60.36 41.37 -35.05
C ASN IA 86 61.29 41.11 -33.85
N PHE IA 87 60.71 40.93 -32.66
CA PHE IA 87 61.52 40.86 -31.44
C PHE IA 87 60.88 39.89 -30.44
N LEU IA 88 61.61 39.63 -29.36
CA LEU IA 88 61.15 38.79 -28.26
C LEU IA 88 61.01 39.63 -26.99
N THR IA 89 60.05 39.26 -26.16
CA THR IA 89 59.84 39.95 -24.90
C THR IA 89 59.30 38.99 -23.86
N THR IA 90 59.42 39.38 -22.59
CA THR IA 90 58.94 38.57 -21.47
C THR IA 90 57.66 39.15 -20.90
N VAL IA 91 56.65 38.30 -20.72
CA VAL IA 91 55.42 38.74 -20.08
C VAL IA 91 55.44 38.56 -18.58
N VAL IA 92 56.48 37.95 -18.02
CA VAL IA 92 56.66 37.85 -16.57
C VAL IA 92 57.28 39.15 -16.07
N GLN IA 93 56.60 39.83 -15.15
CA GLN IA 93 57.02 41.13 -14.65
C GLN IA 93 57.62 41.05 -13.25
N ASN IA 94 58.39 40.00 -12.95
CA ASN IA 94 58.93 39.73 -11.61
C ASN IA 94 60.45 39.69 -11.72
N ASN IA 95 61.12 40.68 -11.12
CA ASN IA 95 62.56 40.83 -11.29
C ASN IA 95 63.39 39.92 -10.38
N ASP IA 96 62.76 38.96 -9.70
CA ASP IA 96 63.51 37.91 -9.01
C ASP IA 96 64.15 36.93 -9.99
N PHE IA 97 63.82 37.00 -11.28
CA PHE IA 97 64.28 36.06 -12.28
C PHE IA 97 64.83 36.81 -13.48
N THR IA 98 65.81 36.21 -14.16
CA THR IA 98 66.30 36.70 -15.43
C THR IA 98 65.35 36.25 -16.55
N PRO IA 99 65.41 36.91 -17.72
CA PRO IA 99 64.55 36.48 -18.84
C PRO IA 99 64.77 35.04 -19.25
N THR IA 100 66.01 34.55 -19.19
CA THR IA 100 66.27 33.15 -19.52
C THR IA 100 65.54 32.22 -18.57
N GLU IA 101 65.59 32.51 -17.26
CA GLU IA 101 64.84 31.72 -16.30
C GLU IA 101 63.33 31.85 -16.52
N ALA IA 102 62.88 33.05 -16.86
CA ALA IA 102 61.45 33.29 -17.06
C ALA IA 102 60.89 32.50 -18.24
N SER IA 103 61.76 32.14 -19.21
CA SER IA 103 61.27 31.50 -20.43
C SER IA 103 60.62 30.15 -20.14
N THR IA 104 61.01 29.49 -19.06
CA THR IA 104 60.43 28.19 -18.72
C THR IA 104 59.18 28.28 -17.85
N GLN IA 105 58.84 29.45 -17.34
CA GLN IA 105 57.66 29.60 -16.50
C GLN IA 105 56.41 29.76 -17.36
N THR IA 106 55.24 29.57 -16.74
CA THR IA 106 53.97 29.66 -17.46
C THR IA 106 52.94 30.43 -16.64
N ILE IA 107 51.93 30.94 -17.35
CA ILE IA 107 50.72 31.51 -16.78
C ILE IA 107 49.55 30.65 -17.26
N ASN IA 108 48.70 30.22 -16.34
CA ASN IA 108 47.68 29.22 -16.65
C ASN IA 108 46.29 29.78 -16.37
N PHE IA 109 45.44 29.74 -17.39
CA PHE IA 109 44.03 30.12 -17.29
C PHE IA 109 43.19 28.86 -17.16
N ASP IA 110 42.20 28.89 -16.26
CA ASP IA 110 41.52 27.66 -15.83
C ASP IA 110 41.01 26.86 -17.01
N GLU IA 111 41.38 25.58 -17.05
CA GLU IA 111 41.12 24.72 -18.20
C GLU IA 111 39.66 24.32 -18.33
N ARG IA 112 38.83 24.60 -17.34
CA ARG IA 112 37.40 24.33 -17.45
C ARG IA 112 36.63 25.43 -18.18
N SER IA 113 37.32 26.46 -18.69
CA SER IA 113 36.71 27.50 -19.50
C SER IA 113 37.54 27.70 -20.75
N ARG IA 114 36.90 28.27 -21.77
CA ARG IA 114 37.59 28.78 -22.95
C ARG IA 114 37.74 30.30 -22.80
N TRP IA 115 38.93 30.80 -23.07
CA TRP IA 115 39.27 32.20 -22.80
C TRP IA 115 39.52 32.98 -24.08
N GLY IA 116 39.21 34.28 -24.03
CA GLY IA 116 39.54 35.17 -25.11
C GLY IA 116 40.28 36.39 -24.60
N GLY IA 117 40.92 37.09 -25.51
CA GLY IA 117 41.69 38.26 -25.16
C GLY IA 117 41.45 39.47 -26.05
N GLN IA 118 41.07 40.59 -25.44
CA GLN IA 118 40.90 41.83 -26.17
C GLN IA 118 42.25 42.53 -26.35
N LEU IA 119 42.57 42.88 -27.59
CA LEU IA 119 43.90 43.36 -27.96
C LEU IA 119 43.88 44.82 -28.39
N LYS IA 120 44.76 45.62 -27.79
CA LYS IA 120 44.99 47.00 -28.19
C LYS IA 120 46.47 47.19 -28.51
N THR IA 121 46.77 47.96 -29.55
CA THR IA 121 48.15 48.17 -29.97
C THR IA 121 48.46 49.65 -30.14
N ILE IA 122 49.74 49.98 -30.01
CA ILE IA 122 50.29 51.31 -30.25
C ILE IA 122 51.50 51.17 -31.16
N MET IA 123 51.53 51.95 -32.24
CA MET IA 123 52.60 51.86 -33.23
C MET IA 123 53.02 53.24 -33.70
N HIS IA 124 54.32 53.42 -33.94
CA HIS IA 124 54.86 54.66 -34.47
C HIS IA 124 55.97 54.37 -35.48
N THR IA 125 55.99 55.12 -36.59
CA THR IA 125 56.91 54.88 -37.69
C THR IA 125 57.68 56.16 -38.04
N ASN IA 126 58.75 56.00 -38.81
CA ASN IA 126 59.55 57.13 -39.29
C ASN IA 126 59.96 56.93 -40.76
N MET IA 127 59.02 56.54 -41.61
CA MET IA 127 59.31 56.24 -43.03
C MET IA 127 59.38 57.51 -43.87
N PRO IA 128 60.44 57.71 -44.66
CA PRO IA 128 60.44 58.77 -45.66
C PRO IA 128 59.80 58.33 -46.97
N ASN IA 129 59.29 59.30 -47.72
CA ASN IA 129 58.45 58.95 -48.87
C ASN IA 129 59.23 58.46 -50.08
N VAL IA 130 60.50 58.81 -50.24
CA VAL IA 130 61.33 58.34 -51.35
C VAL IA 130 62.42 57.46 -50.76
N ASN IA 131 62.32 56.14 -50.99
CA ASN IA 131 63.27 55.20 -50.42
C ASN IA 131 63.32 53.94 -51.29
N GLU IA 132 64.37 53.15 -51.08
CA GLU IA 132 64.62 51.97 -51.90
C GLU IA 132 63.71 50.80 -51.51
N TYR IA 133 63.43 50.64 -50.22
CA TYR IA 133 62.72 49.45 -49.76
C TYR IA 133 61.30 49.37 -50.32
N MET IA 134 60.67 50.51 -50.58
CA MET IA 134 59.30 50.55 -51.04
C MET IA 134 59.17 50.81 -52.54
N PHE IA 135 60.28 50.75 -53.29
CA PHE IA 135 60.29 50.87 -54.75
C PHE IA 135 59.81 52.24 -55.22
N SER IA 136 60.01 53.28 -54.41
CA SER IA 136 59.73 54.65 -54.83
C SER IA 136 61.00 55.40 -55.18
N ASN IA 137 62.04 54.68 -55.56
CA ASN IA 137 63.38 55.21 -55.76
C ASN IA 137 63.82 55.25 -57.22
N LYS IA 138 63.10 54.60 -58.12
CA LYS IA 138 63.62 54.33 -59.45
C LYS IA 138 62.50 54.26 -60.47
N PHE IA 139 62.87 54.46 -61.73
CA PHE IA 139 61.99 54.29 -62.89
C PHE IA 139 62.86 54.05 -64.12
N LYS IA 140 62.22 53.65 -65.21
CA LYS IA 140 62.91 53.35 -66.47
C LYS IA 140 62.40 54.25 -67.58
N ALA IA 141 63.29 54.58 -68.51
CA ALA IA 141 62.95 55.45 -69.64
C ALA IA 141 63.86 55.14 -70.82
N ARG IA 142 63.42 55.55 -72.01
CA ARG IA 142 64.16 55.36 -73.25
C ARG IA 142 64.52 56.71 -73.84
N VAL IA 143 65.82 56.97 -73.99
CA VAL IA 143 66.32 58.25 -74.47
C VAL IA 143 67.27 58.01 -75.64
N MET IA 144 67.74 59.11 -76.24
CA MET IA 144 68.61 59.05 -77.41
C MET IA 144 70.07 59.04 -77.00
N VAL IA 145 70.83 58.09 -77.52
CA VAL IA 145 72.22 57.93 -77.16
C VAL IA 145 73.17 58.47 -78.23
N SER IA 146 72.78 58.43 -79.51
CA SER IA 146 73.67 58.89 -80.57
C SER IA 146 72.85 59.49 -81.70
N ARG IA 147 73.27 60.66 -82.16
CA ARG IA 147 72.87 61.17 -83.46
C ARG IA 147 73.88 60.68 -84.49
N LYS IA 148 73.84 61.21 -85.71
CA LYS IA 148 74.79 60.79 -86.75
C LYS IA 148 76.20 61.26 -86.42
N ASP IA 171 70.58 61.69 -91.20
CA ASP IA 171 70.98 61.41 -89.82
C ASP IA 171 70.32 60.13 -89.31
N ILE IA 172 71.10 59.29 -88.63
CA ILE IA 172 70.62 58.05 -88.03
C ILE IA 172 70.65 58.23 -86.51
N LEU IA 173 69.53 57.90 -85.86
CA LEU IA 173 69.34 58.13 -84.44
C LEU IA 173 69.22 56.80 -83.71
N LYS IA 174 69.91 56.69 -82.58
CA LYS IA 174 69.92 55.48 -81.78
C LYS IA 174 69.36 55.76 -80.39
N TYR IA 175 68.55 54.83 -79.87
CA TYR IA 175 67.90 54.96 -78.58
C TYR IA 175 68.17 53.72 -77.75
N GLU IA 176 68.05 53.87 -76.43
CA GLU IA 176 68.31 52.76 -75.51
C GLU IA 176 67.56 52.98 -74.20
N TRP IA 177 67.27 51.88 -73.51
CA TRP IA 177 66.61 51.90 -72.21
C TRP IA 177 67.63 51.98 -71.09
N PHE IA 178 67.28 52.71 -70.03
CA PHE IA 178 68.10 52.81 -68.83
C PHE IA 178 67.20 52.80 -67.60
N GLU IA 179 67.81 52.56 -66.44
CA GLU IA 179 67.13 52.68 -65.15
C GLU IA 179 67.76 53.83 -64.38
N PHE IA 180 66.92 54.71 -63.85
CA PHE IA 180 67.35 55.94 -63.20
C PHE IA 180 67.09 55.86 -61.70
N ILE IA 181 68.01 56.40 -60.90
CA ILE IA 181 67.95 56.29 -59.44
C ILE IA 181 67.98 57.70 -58.84
N LEU IA 182 67.08 57.94 -57.86
CA LEU IA 182 66.97 59.15 -57.06
C LEU IA 182 67.62 58.95 -55.69
N PRO IA 183 68.11 60.00 -55.05
CA PRO IA 183 68.58 59.87 -53.67
C PRO IA 183 67.42 59.92 -52.68
N GLU IA 184 67.64 59.28 -51.53
CA GLU IA 184 66.57 59.04 -50.56
C GLU IA 184 66.34 60.25 -49.66
N GLY IA 185 65.10 60.40 -49.21
CA GLY IA 185 64.71 61.50 -48.36
C GLY IA 185 63.20 61.67 -48.37
N ASN IA 186 62.76 62.69 -47.64
CA ASN IA 186 61.33 63.00 -47.50
C ASN IA 186 61.05 64.33 -48.20
N PHE IA 187 60.45 64.26 -49.38
CA PHE IA 187 60.35 65.42 -50.26
C PHE IA 187 58.89 65.70 -50.61
N SER IA 188 58.62 66.96 -50.95
CA SER IA 188 57.31 67.32 -51.50
C SER IA 188 57.20 66.84 -52.95
N ALA IA 189 56.00 66.95 -53.49
CA ALA IA 189 55.75 66.45 -54.85
C ALA IA 189 56.50 67.26 -55.90
N THR IA 190 56.54 68.59 -55.75
CA THR IA 190 57.28 69.42 -56.70
C THR IA 190 58.78 69.12 -56.64
N MET IA 191 59.33 68.98 -55.43
CA MET IA 191 60.74 68.68 -55.30
C MET IA 191 61.08 67.30 -55.87
N THR IA 192 60.16 66.35 -55.77
CA THR IA 192 60.39 65.04 -56.36
C THR IA 192 60.48 65.10 -57.88
N ILE IA 193 59.63 65.91 -58.51
CA ILE IA 193 59.63 66.04 -59.96
C ILE IA 193 60.92 66.71 -60.44
N ASP IA 194 61.48 67.64 -59.66
CA ASP IA 194 62.77 68.21 -60.02
C ASP IA 194 63.87 67.16 -60.02
N LEU IA 195 63.83 66.23 -59.06
CA LEU IA 195 64.86 65.21 -58.99
C LEU IA 195 64.77 64.24 -60.16
N MET IA 196 63.56 63.95 -60.64
CA MET IA 196 63.41 63.07 -61.80
C MET IA 196 63.95 63.72 -63.07
N ASN IA 197 63.70 65.02 -63.26
CA ASN IA 197 64.29 65.73 -64.39
C ASN IA 197 65.81 65.74 -64.31
N ASN IA 198 66.34 65.97 -63.10
CA ASN IA 198 67.79 66.00 -62.90
C ASN IA 198 68.44 64.67 -63.23
N ALA IA 199 67.75 63.55 -62.96
CA ALA IA 199 68.29 62.25 -63.30
C ALA IA 199 68.40 62.06 -64.81
N ILE IA 200 67.40 62.54 -65.56
CA ILE IA 200 67.45 62.43 -67.02
C ILE IA 200 68.64 63.21 -67.57
N ILE IA 201 68.85 64.42 -67.06
CA ILE IA 201 69.90 65.28 -67.59
C ILE IA 201 71.29 64.74 -67.28
N ASP IA 202 71.49 64.14 -66.12
CA ASP IA 202 72.78 63.54 -65.79
C ASP IA 202 73.14 62.40 -66.72
N ASN IA 203 72.14 61.74 -67.33
CA ASN IA 203 72.40 60.75 -68.36
C ASN IA 203 72.83 61.40 -69.66
N TYR IA 204 72.30 62.59 -69.96
CA TYR IA 204 72.68 63.30 -71.18
C TYR IA 204 74.06 63.92 -71.07
N LEU IA 205 74.58 64.11 -69.85
CA LEU IA 205 75.92 64.66 -69.69
C LEU IA 205 77.00 63.59 -69.66
N GLU IA 206 76.66 62.36 -69.30
CA GLU IA 206 77.61 61.25 -69.24
C GLU IA 206 77.69 60.47 -70.54
N ILE IA 207 76.55 60.24 -71.18
CA ILE IA 207 76.44 59.67 -72.51
C ILE IA 207 75.77 60.77 -73.32
N GLY IA 208 75.48 60.53 -74.59
CA GLY IA 208 74.70 61.53 -75.26
C GLY IA 208 75.54 62.69 -75.75
N ARG IA 209 75.61 63.76 -74.95
CA ARG IA 209 76.30 64.99 -75.32
C ARG IA 209 77.63 64.76 -76.02
N GLN IA 210 78.42 63.80 -75.52
CA GLN IA 210 79.71 63.50 -76.15
C GLN IA 210 79.57 62.65 -77.41
N ASN IA 211 78.35 62.27 -77.80
CA ASN IA 211 78.12 61.49 -79.01
C ASN IA 211 77.22 62.21 -80.00
N GLY IA 212 77.13 63.54 -79.92
CA GLY IA 212 76.51 64.33 -80.95
C GLY IA 212 75.07 64.71 -80.77
N VAL IA 213 74.45 64.44 -79.63
CA VAL IA 213 73.08 64.87 -79.40
C VAL IA 213 73.10 66.29 -78.87
N LEU IA 214 72.14 67.09 -79.30
CA LEU IA 214 72.06 68.48 -78.89
C LEU IA 214 71.10 68.65 -77.73
N GLU IA 215 71.19 69.81 -77.07
CA GLU IA 215 70.24 70.12 -76.01
C GLU IA 215 68.95 70.65 -76.61
N SER IA 216 68.46 69.96 -77.65
CA SER IA 216 67.14 70.21 -78.19
C SER IA 216 66.47 68.90 -78.61
N ASP IA 217 67.09 67.76 -78.31
CA ASP IA 217 66.53 66.44 -78.60
C ASP IA 217 66.52 65.54 -77.37
N ILE IA 218 66.44 66.12 -76.17
CA ILE IA 218 66.48 65.34 -74.93
C ILE IA 218 65.41 64.25 -74.95
N GLY IA 219 64.14 64.64 -75.01
CA GLY IA 219 63.09 63.71 -75.34
C GLY IA 219 62.23 63.20 -74.19
N VAL IA 220 62.59 63.46 -72.94
CA VAL IA 220 61.76 63.08 -71.79
C VAL IA 220 61.79 64.22 -70.78
N LYS IA 221 60.62 64.76 -70.45
CA LYS IA 221 60.53 65.81 -69.44
C LYS IA 221 59.22 65.68 -68.66
N PHE IA 222 59.26 65.98 -67.37
CA PHE IA 222 58.08 65.98 -66.50
C PHE IA 222 57.68 67.42 -66.21
N ASP IA 223 56.44 67.77 -66.53
CA ASP IA 223 55.98 69.16 -66.45
C ASP IA 223 54.68 69.23 -65.66
N THR IA 224 54.15 70.45 -65.54
CA THR IA 224 52.86 70.68 -64.87
C THR IA 224 51.92 71.60 -65.64
N ARG IA 225 52.30 72.11 -66.81
CA ARG IA 225 51.57 73.18 -67.47
C ARG IA 225 50.50 72.63 -68.40
N ASN IA 226 49.52 73.49 -68.70
CA ASN IA 226 48.51 73.21 -69.71
C ASN IA 226 48.92 73.95 -70.98
N PHE IA 227 49.63 73.24 -71.86
CA PHE IA 227 49.96 73.81 -73.15
C PHE IA 227 48.68 73.99 -73.95
N ARG IA 228 48.72 74.90 -74.92
CA ARG IA 228 47.60 75.31 -75.77
C ARG IA 228 46.50 76.07 -75.02
N LEU IA 229 46.82 76.66 -73.87
CA LEU IA 229 45.83 77.47 -73.16
C LEU IA 229 45.43 78.70 -73.98
N GLY IA 230 46.41 79.47 -74.43
CA GLY IA 230 46.12 80.70 -75.17
C GLY IA 230 45.98 80.50 -76.66
N TRP IA 231 45.54 79.32 -77.06
CA TRP IA 231 45.42 78.95 -78.47
C TRP IA 231 44.31 79.75 -79.15
N ASP IA 232 44.53 80.04 -80.44
CA ASP IA 232 43.58 80.82 -81.22
C ASP IA 232 43.00 79.96 -82.34
N PRO IA 233 41.68 79.92 -82.50
CA PRO IA 233 41.08 78.99 -83.46
C PRO IA 233 41.33 79.36 -84.92
N GLU IA 234 41.73 80.59 -85.21
CA GLU IA 234 41.99 80.99 -86.60
C GLU IA 234 43.44 80.80 -86.98
N THR IA 235 44.36 81.44 -86.24
CA THR IA 235 45.78 81.32 -86.54
C THR IA 235 46.37 80.00 -86.07
N LYS IA 236 45.70 79.30 -85.14
CA LYS IA 236 46.15 78.00 -84.64
C LYS IA 236 47.56 78.08 -84.05
N LEU IA 237 47.86 79.17 -83.35
CA LEU IA 237 49.13 79.33 -82.67
C LEU IA 237 48.88 79.97 -81.32
N ILE IA 238 49.86 79.84 -80.42
CA ILE IA 238 49.76 80.44 -79.09
C ILE IA 238 50.07 81.93 -79.23
N MET IA 239 49.03 82.75 -79.26
CA MET IA 239 49.20 84.16 -79.57
C MET IA 239 50.13 84.92 -78.62
N PRO IA 240 50.10 84.72 -77.30
CA PRO IA 240 51.01 85.50 -76.44
C PRO IA 240 52.48 85.29 -76.71
N GLY IA 241 52.87 84.21 -77.36
CA GLY IA 241 54.27 83.91 -77.61
C GLY IA 241 54.96 83.16 -76.50
N VAL IA 242 54.30 82.96 -75.35
CA VAL IA 242 54.81 82.12 -74.27
C VAL IA 242 53.66 81.29 -73.74
N TYR IA 243 53.95 80.03 -73.40
CA TYR IA 243 52.95 79.18 -72.78
C TYR IA 243 52.59 79.70 -71.39
N THR IA 244 51.32 79.52 -71.01
CA THR IA 244 50.86 79.99 -69.72
C THR IA 244 51.62 79.30 -68.59
N TYR IA 245 52.14 80.10 -67.66
CA TYR IA 245 53.03 79.61 -66.61
C TYR IA 245 52.27 79.32 -65.32
N GLU IA 246 51.28 78.42 -65.42
CA GLU IA 246 50.46 78.01 -64.28
C GLU IA 246 50.42 76.49 -64.19
N ALA IA 247 50.35 75.99 -62.95
CA ALA IA 247 50.36 74.56 -62.69
C ALA IA 247 48.93 74.01 -62.69
N PHE IA 248 48.73 72.92 -63.42
CA PHE IA 248 47.42 72.27 -63.52
C PHE IA 248 47.41 70.85 -62.98
N HIS IA 249 48.34 70.01 -63.43
CA HIS IA 249 48.44 68.59 -63.09
C HIS IA 249 49.75 68.07 -63.65
N PRO IA 250 50.44 67.18 -62.95
CA PRO IA 250 51.72 66.65 -63.49
C PRO IA 250 51.52 65.93 -64.81
N ASP IA 251 52.53 66.05 -65.68
CA ASP IA 251 52.40 65.68 -67.09
C ASP IA 251 53.73 65.10 -67.59
N ILE IA 252 53.63 64.36 -68.68
CA ILE IA 252 54.77 63.71 -69.34
C ILE IA 252 54.86 64.23 -70.77
N VAL IA 253 56.04 64.71 -71.17
CA VAL IA 253 56.27 65.25 -72.50
C VAL IA 253 57.33 64.40 -73.21
N LEU IA 254 57.02 63.99 -74.45
CA LEU IA 254 57.85 63.04 -75.18
C LEU IA 254 58.15 63.53 -76.59
N LEU IA 255 59.32 63.09 -77.11
CA LEU IA 255 59.79 63.20 -78.49
C LEU IA 255 59.71 61.84 -79.17
N PRO IA 256 59.71 61.80 -80.50
CA PRO IA 256 59.59 60.50 -81.18
C PRO IA 256 60.73 59.55 -80.80
N GLY IA 257 60.38 58.27 -80.64
CA GLY IA 257 61.33 57.25 -80.28
C GLY IA 257 61.55 57.06 -78.79
N CYS IA 258 60.93 57.85 -77.93
CA CYS IA 258 61.16 57.79 -76.49
C CYS IA 258 59.94 57.20 -75.77
N GLY IA 259 60.09 57.03 -74.46
CA GLY IA 259 59.01 56.50 -73.63
C GLY IA 259 59.47 56.29 -72.21
N VAL IA 260 58.49 56.03 -71.34
CA VAL IA 260 58.73 55.74 -69.93
C VAL IA 260 58.01 54.45 -69.55
N ASP IA 261 58.52 53.76 -68.55
CA ASP IA 261 57.98 52.48 -68.11
C ASP IA 261 57.92 52.43 -66.60
N PHE IA 262 56.73 52.24 -66.05
CA PHE IA 262 56.51 52.24 -64.60
C PHE IA 262 56.17 50.87 -64.04
N THR IA 263 56.61 49.80 -64.71
CA THR IA 263 56.25 48.45 -64.27
C THR IA 263 56.77 48.15 -62.87
N GLU IA 264 57.99 48.62 -62.57
CA GLU IA 264 58.61 48.31 -61.30
C GLU IA 264 58.85 49.59 -60.49
N SER IA 265 57.83 50.43 -60.40
CA SER IA 265 57.96 51.74 -59.76
C SER IA 265 56.62 52.17 -59.20
N ARG IA 266 56.66 52.92 -58.11
CA ARG IA 266 55.46 53.48 -57.50
C ARG IA 266 55.34 54.98 -57.72
N LEU IA 267 56.18 55.56 -58.58
CA LEU IA 267 56.16 56.99 -58.83
C LEU IA 267 55.00 57.42 -59.73
N SER IA 268 54.31 56.49 -60.38
CA SER IA 268 53.12 56.87 -61.14
C SER IA 268 51.98 57.31 -60.24
N ASN IA 269 51.93 56.83 -58.99
CA ASN IA 269 50.91 57.32 -58.04
C ASN IA 269 51.16 58.77 -57.66
N LEU IA 270 52.43 59.16 -57.51
CA LEU IA 270 52.74 60.55 -57.20
C LEU IA 270 52.42 61.48 -58.37
N LEU IA 271 52.48 60.96 -59.61
CA LEU IA 271 52.15 61.77 -60.77
C LEU IA 271 50.65 61.86 -61.02
N GLY IA 272 49.84 61.03 -60.39
CA GLY IA 272 48.41 61.05 -60.64
C GLY IA 272 48.00 60.48 -61.98
N ILE IA 273 48.71 59.47 -62.47
CA ILE IA 273 48.38 58.77 -63.71
C ILE IA 273 48.27 57.28 -63.39
N ARG IA 274 47.11 56.70 -63.63
CA ARG IA 274 46.84 55.30 -63.28
C ARG IA 274 46.15 54.59 -64.44
N LYS IA 275 46.14 53.27 -64.37
CA LYS IA 275 45.51 52.42 -65.38
C LYS IA 275 44.07 52.09 -65.00
N ARG IA 276 43.19 52.07 -66.01
CA ARG IA 276 41.80 51.69 -65.78
C ARG IA 276 41.63 50.20 -65.52
N HIS IA 277 42.64 49.38 -65.84
CA HIS IA 277 42.65 47.96 -65.52
C HIS IA 277 43.88 47.71 -64.66
N PRO IA 278 43.81 48.00 -63.36
CA PRO IA 278 45.01 48.04 -62.53
C PRO IA 278 45.59 46.67 -62.21
N PHE IA 279 44.88 45.57 -62.49
CA PHE IA 279 45.40 44.24 -62.21
C PHE IA 279 46.12 43.61 -63.41
N GLN IA 280 46.23 44.30 -64.53
CA GLN IA 280 46.98 43.81 -65.68
C GLN IA 280 48.43 44.30 -65.58
N GLU IA 281 49.36 43.36 -65.63
CA GLU IA 281 50.78 43.69 -65.43
C GLU IA 281 51.31 44.53 -66.59
N GLY IA 282 52.21 45.45 -66.25
CA GLY IA 282 52.87 46.27 -67.25
C GLY IA 282 52.27 47.66 -67.43
N PHE IA 283 53.12 48.69 -67.39
CA PHE IA 283 52.67 50.08 -67.52
C PHE IA 283 53.73 50.83 -68.32
N LYS IA 284 53.53 50.94 -69.63
CA LYS IA 284 54.45 51.64 -70.51
C LYS IA 284 53.69 52.69 -71.32
N ILE IA 285 54.29 53.86 -71.48
CA ILE IA 285 53.71 54.94 -72.28
C ILE IA 285 54.75 55.40 -73.29
N MET IA 286 54.48 55.19 -74.57
CA MET IA 286 55.42 55.53 -75.65
C MET IA 286 54.88 56.68 -76.48
N TYR IA 287 55.74 57.21 -77.36
CA TYR IA 287 55.35 58.35 -78.18
C TYR IA 287 54.19 58.02 -79.10
N GLU IA 288 54.08 56.76 -79.55
CA GLU IA 288 52.99 56.38 -80.43
C GLU IA 288 51.64 56.30 -79.72
N ASP IA 289 51.62 56.24 -78.40
CA ASP IA 289 50.37 56.15 -77.66
C ASP IA 289 49.76 57.51 -77.35
N LEU IA 290 50.48 58.61 -77.59
CA LEU IA 290 50.02 59.95 -77.28
C LEU IA 290 49.46 60.69 -78.50
N GLU IA 291 48.79 59.97 -79.39
CA GLU IA 291 48.27 60.59 -80.61
C GLU IA 291 47.26 61.68 -80.27
N GLY IA 292 47.32 62.79 -81.01
CA GLY IA 292 46.47 63.93 -80.78
C GLY IA 292 46.96 64.90 -79.74
N GLY IA 293 48.12 64.66 -79.14
CA GLY IA 293 48.60 65.51 -78.08
C GLY IA 293 49.78 66.38 -78.42
N ASN IA 294 49.97 66.68 -79.71
CA ASN IA 294 51.09 67.53 -80.12
C ASN IA 294 50.93 68.93 -79.55
N ILE IA 295 52.04 69.49 -79.08
CA ILE IA 295 52.06 70.81 -78.47
C ILE IA 295 52.07 71.88 -79.56
N PRO IA 296 51.11 72.78 -79.60
CA PRO IA 296 51.09 73.80 -80.66
C PRO IA 296 52.30 74.71 -80.60
N ALA IA 297 52.80 75.10 -81.77
CA ALA IA 297 53.99 75.91 -81.87
C ALA IA 297 53.71 77.36 -81.50
N LEU IA 298 54.76 78.06 -81.06
CA LEU IA 298 54.76 79.49 -80.80
C LEU IA 298 53.51 79.98 -80.09
N ILE IA 364 52.65 86.54 -89.00
CA ILE IA 364 51.94 85.31 -88.72
C ILE IA 364 52.78 84.09 -89.10
N GLN IA 365 53.85 83.86 -88.35
CA GLN IA 365 54.70 82.69 -88.57
C GLN IA 365 55.17 82.14 -87.23
N PRO IA 366 55.32 80.83 -87.09
CA PRO IA 366 55.79 80.28 -85.82
C PRO IA 366 57.25 80.60 -85.57
N LEU IA 367 57.59 80.75 -84.29
CA LEU IA 367 58.99 80.88 -83.91
C LEU IA 367 59.67 79.52 -84.06
N GLU IA 368 60.84 79.51 -84.70
CA GLU IA 368 61.52 78.25 -85.00
C GLU IA 368 62.72 77.97 -84.12
N LYS IA 369 63.16 78.91 -83.30
CA LYS IA 369 64.34 78.71 -82.47
C LYS IA 369 64.24 79.59 -81.23
N ASP IA 370 65.07 79.26 -80.24
CA ASP IA 370 65.05 79.94 -78.95
C ASP IA 370 66.06 81.10 -78.96
N SER IA 371 66.23 81.75 -77.81
CA SER IA 371 67.12 82.90 -77.72
C SER IA 371 68.56 82.52 -78.00
N LYS IA 372 69.02 81.38 -77.46
CA LYS IA 372 70.39 80.94 -77.63
C LYS IA 372 70.55 79.95 -78.78
N SER IA 373 69.69 80.07 -79.80
CA SER IA 373 69.74 79.22 -80.99
C SER IA 373 69.59 77.74 -80.63
N ARG IA 374 68.42 77.41 -80.08
CA ARG IA 374 68.02 76.04 -79.85
C ARG IA 374 66.75 75.76 -80.65
N SER IA 375 66.74 74.66 -81.38
CA SER IA 375 65.59 74.31 -82.20
C SER IA 375 64.39 73.97 -81.34
N TYR IA 376 63.22 74.51 -81.71
CA TYR IA 376 61.96 74.12 -81.10
C TYR IA 376 61.34 72.89 -81.77
N ASN IA 377 62.00 72.31 -82.78
CA ASN IA 377 61.52 71.12 -83.48
C ASN IA 377 60.18 71.35 -84.15
N VAL IA 378 60.01 72.51 -84.78
CA VAL IA 378 58.78 72.79 -85.52
C VAL IA 378 58.72 71.89 -86.76
N LEU IA 379 57.51 71.49 -87.11
CA LEU IA 379 57.27 70.54 -88.20
C LEU IA 379 56.70 71.26 -89.42
N GLU IA 380 56.35 70.47 -90.44
CA GLU IA 380 55.66 71.02 -91.59
C GLU IA 380 54.26 71.49 -91.20
N ASP IA 381 53.69 72.35 -92.03
CA ASP IA 381 52.41 73.02 -91.84
C ASP IA 381 52.53 74.14 -90.81
N LYS IA 382 53.68 74.24 -90.14
CA LYS IA 382 54.06 75.40 -89.35
C LYS IA 382 53.01 75.77 -88.30
N ILE IA 383 52.37 74.76 -87.71
CA ILE IA 383 51.44 74.98 -86.61
C ILE IA 383 51.80 74.15 -85.38
N ASN IA 384 52.13 72.88 -85.55
CA ASN IA 384 52.39 71.99 -84.44
C ASN IA 384 53.86 71.63 -84.34
N THR IA 385 54.24 71.17 -83.16
CA THR IA 385 55.60 70.80 -82.83
C THR IA 385 55.68 69.29 -82.58
N ALA IA 386 56.88 68.73 -82.72
CA ALA IA 386 57.07 67.30 -82.54
C ALA IA 386 56.82 66.82 -81.11
N TYR IA 387 56.86 67.72 -80.13
CA TYR IA 387 56.62 67.32 -78.75
C TYR IA 387 55.16 66.89 -78.55
N ARG IA 388 54.96 65.82 -77.79
CA ARG IA 388 53.64 65.36 -77.40
C ARG IA 388 53.56 65.28 -75.88
N SER IA 389 52.35 65.46 -75.33
CA SER IA 389 52.16 65.42 -73.89
C SER IA 389 50.93 64.60 -73.53
N TRP IA 390 51.03 63.90 -72.38
CA TRP IA 390 49.94 63.05 -71.92
C TRP IA 390 48.68 63.87 -71.62
N TYR IA 391 48.84 65.03 -71.00
CA TYR IA 391 47.67 65.81 -70.59
C TYR IA 391 46.89 66.33 -71.79
N LEU IA 392 47.58 66.79 -72.83
CA LEU IA 392 46.89 67.28 -74.02
C LEU IA 392 46.15 66.14 -74.71
N SER IA 393 46.76 64.97 -74.79
CA SER IA 393 46.10 63.83 -75.42
C SER IA 393 44.90 63.34 -74.60
N TYR IA 394 45.01 63.38 -73.27
CA TYR IA 394 43.91 62.94 -72.42
C TYR IA 394 42.70 63.86 -72.55
N ASN IA 395 42.93 65.17 -72.61
CA ASN IA 395 41.84 66.12 -72.58
C ASN IA 395 41.34 66.56 -73.96
N TYR IA 396 42.19 66.58 -74.98
CA TYR IA 396 41.81 67.10 -76.29
C TYR IA 396 41.84 66.07 -77.40
N GLY IA 397 42.44 64.90 -77.18
CA GLY IA 397 42.53 63.88 -78.20
C GLY IA 397 41.23 63.12 -78.39
N ASN IA 398 41.33 62.03 -79.14
CA ASN IA 398 40.15 61.21 -79.44
C ASN IA 398 39.73 60.44 -78.20
N PRO IA 399 38.48 60.58 -77.74
CA PRO IA 399 38.06 59.90 -76.50
C PRO IA 399 38.13 58.40 -76.57
N GLU IA 400 37.94 57.79 -77.74
CA GLU IA 400 37.81 56.34 -77.85
C GLU IA 400 39.03 55.67 -78.47
N LYS IA 401 40.08 56.42 -78.78
CA LYS IA 401 41.30 55.85 -79.35
C LYS IA 401 42.58 56.35 -78.71
N GLY IA 402 42.58 57.50 -78.06
CA GLY IA 402 43.78 58.05 -77.47
C GLY IA 402 44.09 57.43 -76.12
N ILE IA 403 44.97 58.11 -75.39
CA ILE IA 403 45.43 57.63 -74.09
C ILE IA 403 44.30 57.60 -73.07
N ARG IA 404 43.21 58.34 -73.30
CA ARG IA 404 42.10 58.40 -72.37
C ARG IA 404 41.31 57.09 -72.30
N SER IA 405 41.46 56.21 -73.28
CA SER IA 405 40.68 54.98 -73.28
C SER IA 405 41.19 53.94 -72.30
N TRP IA 406 42.45 54.03 -71.87
CA TRP IA 406 42.98 53.04 -70.93
C TRP IA 406 43.80 53.65 -69.79
N THR IA 407 43.83 54.96 -69.63
CA THR IA 407 44.44 55.58 -68.46
C THR IA 407 43.43 56.51 -67.79
N LEU IA 408 43.73 56.89 -66.55
CA LEU IA 408 42.83 57.67 -65.72
C LEU IA 408 43.61 58.76 -65.00
N LEU IA 409 43.01 59.94 -64.91
CA LEU IA 409 43.62 61.09 -64.24
C LEU IA 409 43.12 61.16 -62.80
N THR IA 410 44.05 61.25 -61.84
CA THR IA 410 43.73 61.25 -60.42
C THR IA 410 44.53 62.33 -59.71
N THR IA 411 44.14 62.62 -58.46
CA THR IA 411 44.89 63.57 -57.65
C THR IA 411 46.25 62.98 -57.26
N SER IA 412 47.26 63.84 -57.18
CA SER IA 412 48.60 63.41 -56.82
C SER IA 412 48.63 62.91 -55.37
N ASP IA 413 49.30 61.78 -55.16
CA ASP IA 413 49.43 61.18 -53.83
C ASP IA 413 50.90 61.15 -53.43
N VAL IA 414 51.28 62.05 -52.51
CA VAL IA 414 52.69 62.24 -52.17
C VAL IA 414 53.26 61.03 -51.43
N THR IA 415 52.45 60.29 -50.68
CA THR IA 415 52.97 59.12 -49.98
C THR IA 415 53.29 57.97 -50.93
N CYS IA 416 52.91 58.08 -52.20
CA CYS IA 416 53.09 57.06 -53.24
C CYS IA 416 52.21 55.84 -53.02
N GLY IA 417 51.19 55.94 -52.17
CA GLY IA 417 50.24 54.86 -51.99
C GLY IA 417 50.59 53.95 -50.84
N VAL IA 418 49.88 54.09 -49.74
CA VAL IA 418 50.15 53.28 -48.56
C VAL IA 418 49.30 52.03 -48.62
N GLU IA 419 49.82 50.93 -48.09
CA GLU IA 419 49.09 49.68 -48.01
C GLU IA 419 48.98 49.27 -46.54
N GLN IA 420 48.49 48.06 -46.31
CA GLN IA 420 48.16 47.60 -44.97
C GLN IA 420 49.37 46.94 -44.29
N VAL IA 421 49.24 46.72 -42.98
CA VAL IA 421 50.21 46.00 -42.17
C VAL IA 421 49.47 44.94 -41.36
N TYR IA 422 50.18 43.86 -41.01
CA TYR IA 422 49.63 42.72 -40.29
C TYR IA 422 50.38 42.47 -38.99
N TRP IA 423 49.64 42.14 -37.94
CA TRP IA 423 50.19 41.77 -36.64
C TRP IA 423 50.15 40.25 -36.44
N SER IA 424 51.20 39.71 -35.81
CA SER IA 424 51.26 38.30 -35.43
C SER IA 424 51.70 38.13 -33.99
N LEU IA 425 51.02 37.25 -33.25
CA LEU IA 425 51.40 36.86 -31.89
C LEU IA 425 51.32 35.34 -31.75
N PRO IA 426 52.25 34.61 -32.37
CA PRO IA 426 52.06 33.15 -32.50
C PRO IA 426 52.10 32.37 -31.19
N ASP IA 427 52.70 32.89 -30.13
CA ASP IA 427 52.77 32.17 -28.86
C ASP IA 427 51.63 32.53 -27.89
N MET IA 428 50.73 33.43 -28.27
CA MET IA 428 49.67 33.85 -27.37
C MET IA 428 48.27 33.52 -27.89
N MET IA 429 47.98 33.82 -29.14
CA MET IA 429 46.66 33.62 -29.73
C MET IA 429 46.59 32.30 -30.50
N GLN IA 430 45.39 31.75 -30.58
CA GLN IA 430 45.14 30.62 -31.47
C GLN IA 430 45.13 31.08 -32.93
N ASP IA 431 45.50 30.19 -33.83
CA ASP IA 431 45.52 30.51 -35.26
C ASP IA 431 44.10 30.71 -35.77
N PRO IA 432 43.82 31.80 -36.48
CA PRO IA 432 42.50 31.96 -37.11
C PRO IA 432 42.28 30.94 -38.23
N VAL IA 433 41.01 30.81 -38.62
CA VAL IA 433 40.58 29.70 -39.47
C VAL IA 433 41.29 29.73 -40.83
N THR IA 434 41.72 28.54 -41.26
CA THR IA 434 42.44 28.17 -42.48
C THR IA 434 43.94 28.50 -42.47
N PHE IA 435 44.47 29.18 -41.44
CA PHE IA 435 45.91 29.38 -41.34
C PHE IA 435 46.61 28.13 -40.80
N ARG IA 436 47.77 27.80 -41.37
CA ARG IA 436 48.58 26.68 -40.88
C ARG IA 436 49.56 27.13 -39.79
N SER IA 437 49.80 26.24 -38.83
CA SER IA 437 50.83 26.48 -37.83
C SER IA 437 52.22 26.27 -38.43
N THR IA 438 53.14 27.18 -38.15
CA THR IA 438 54.46 27.14 -38.76
C THR IA 438 55.44 27.97 -37.93
N ARG IA 439 56.72 27.82 -38.26
CA ARG IA 439 57.78 28.63 -37.67
C ARG IA 439 58.51 29.48 -38.71
N GLN IA 440 57.96 29.64 -39.91
CA GLN IA 440 58.54 30.52 -40.92
C GLN IA 440 57.95 31.92 -40.77
N VAL IA 441 58.84 32.92 -40.70
CA VAL IA 441 58.42 34.27 -40.35
C VAL IA 441 57.49 34.85 -41.41
N SER IA 442 57.80 34.63 -42.68
CA SER IA 442 56.92 35.15 -43.73
C SER IA 442 55.59 34.39 -43.85
N ASN IA 443 55.24 33.47 -42.95
CA ASN IA 443 53.97 32.78 -43.06
C ASN IA 443 53.27 32.63 -41.70
N TYR IA 444 53.58 33.50 -40.73
CA TYR IA 444 52.88 33.48 -39.45
C TYR IA 444 51.40 33.77 -39.64
N PRO IA 445 50.53 33.15 -38.83
CA PRO IA 445 49.10 33.51 -38.86
C PRO IA 445 48.88 34.96 -38.43
N VAL IA 446 47.87 35.60 -39.01
CA VAL IA 446 47.62 37.02 -38.87
C VAL IA 446 46.51 37.26 -37.86
N VAL IA 447 46.76 38.13 -36.89
CA VAL IA 447 45.82 38.38 -35.80
C VAL IA 447 45.16 39.75 -35.89
N GLY IA 448 45.63 40.66 -36.75
CA GLY IA 448 45.00 41.94 -36.95
C GLY IA 448 45.61 42.68 -38.12
N ALA IA 449 44.87 43.68 -38.60
CA ALA IA 449 45.30 44.46 -39.76
C ALA IA 449 44.89 45.91 -39.62
N GLU IA 450 45.65 46.81 -40.25
CA GLU IA 450 45.39 48.24 -40.26
C GLU IA 450 46.26 48.87 -41.35
N LEU IA 451 46.08 50.17 -41.57
CA LEU IA 451 46.91 50.88 -42.52
C LEU IA 451 48.26 51.24 -41.92
N MET IA 452 49.31 51.16 -42.73
CA MET IA 452 50.60 51.72 -42.35
C MET IA 452 50.41 53.22 -42.10
N PRO IA 453 50.78 53.73 -40.93
CA PRO IA 453 50.30 55.07 -40.49
C PRO IA 453 51.08 56.25 -41.04
N VAL IA 454 50.95 56.47 -42.34
CA VAL IA 454 51.59 57.58 -43.04
C VAL IA 454 50.52 58.31 -43.85
N PHE IA 455 50.46 59.64 -43.72
CA PHE IA 455 49.36 60.42 -44.28
C PHE IA 455 49.89 61.67 -44.99
N SER IA 456 49.07 62.18 -45.90
CA SER IA 456 49.36 63.40 -46.64
C SER IA 456 48.74 64.61 -45.94
N LYS IA 457 49.45 65.74 -45.99
CA LYS IA 457 48.97 67.00 -45.44
C LYS IA 457 49.15 68.12 -46.46
N SER IA 458 48.16 69.03 -46.54
CA SER IA 458 48.14 70.08 -47.53
C SER IA 458 48.50 71.44 -46.93
N PHE IA 459 49.16 72.26 -47.75
CA PHE IA 459 49.50 73.63 -47.39
C PHE IA 459 49.22 74.54 -48.59
N TYR IA 460 49.04 75.83 -48.31
CA TYR IA 460 48.75 76.81 -49.34
C TYR IA 460 49.95 77.74 -49.52
N ASN IA 461 50.39 77.91 -50.76
CA ASN IA 461 51.52 78.76 -51.07
C ASN IA 461 51.28 79.63 -52.31
N HIS IA 478 71.68 77.67 -60.59
CA HIS IA 478 70.46 76.89 -60.51
C HIS IA 478 70.60 75.56 -61.24
N VAL IA 479 70.87 74.49 -60.48
CA VAL IA 479 70.97 73.16 -61.06
C VAL IA 479 69.61 72.66 -61.54
N PHE IA 480 68.52 73.20 -61.02
CA PHE IA 480 67.18 72.79 -61.41
C PHE IA 480 66.60 73.65 -62.52
N ASN IA 481 67.40 74.54 -63.10
CA ASN IA 481 66.97 75.32 -64.27
C ASN IA 481 68.21 75.56 -65.13
N ARG IA 482 68.44 74.64 -66.07
CA ARG IA 482 69.62 74.68 -66.94
C ARG IA 482 69.33 75.26 -68.31
N PHE IA 483 68.07 75.44 -68.67
CA PHE IA 483 67.67 76.03 -69.94
C PHE IA 483 66.65 77.12 -69.67
N PRO IA 484 67.07 78.22 -69.04
CA PRO IA 484 66.11 79.27 -68.68
C PRO IA 484 65.39 79.87 -69.88
N GLU IA 485 66.04 79.93 -71.04
CA GLU IA 485 65.43 80.58 -72.19
C GLU IA 485 64.39 79.72 -72.87
N ASN IA 486 64.57 78.40 -72.88
CA ASN IA 486 63.74 77.52 -73.70
C ASN IA 486 62.36 77.36 -73.07
N GLN IA 487 61.33 77.67 -73.85
CA GLN IA 487 59.97 77.62 -73.34
C GLN IA 487 59.50 76.20 -73.04
N ILE IA 488 60.11 75.19 -73.67
CA ILE IA 488 59.74 73.81 -73.41
C ILE IA 488 60.50 73.23 -72.23
N LEU IA 489 61.78 73.61 -72.09
CA LEU IA 489 62.66 73.06 -71.07
C LEU IA 489 62.78 73.95 -69.85
N ILE IA 490 61.94 74.98 -69.73
CA ILE IA 490 61.95 75.81 -68.53
C ILE IA 490 61.50 74.99 -67.32
N ARG IA 491 61.94 75.42 -66.14
CA ARG IA 491 61.57 74.74 -64.90
C ARG IA 491 60.07 74.88 -64.65
N PRO IA 492 59.36 73.79 -64.34
CA PRO IA 492 57.91 73.86 -64.26
C PRO IA 492 57.47 74.77 -63.12
N PRO IA 493 56.36 75.46 -63.29
CA PRO IA 493 55.80 76.25 -62.18
C PRO IA 493 55.32 75.37 -61.04
N ALA IA 494 55.39 75.91 -59.83
CA ALA IA 494 55.00 75.19 -58.61
C ALA IA 494 53.49 75.34 -58.36
N PRO IA 495 52.83 74.29 -57.90
CA PRO IA 495 51.40 74.39 -57.62
C PRO IA 495 51.13 75.31 -56.44
N THR IA 496 49.94 75.90 -56.44
CA THR IA 496 49.49 76.68 -55.30
C THR IA 496 49.09 75.81 -54.11
N ILE IA 497 48.97 74.50 -54.30
CA ILE IA 497 48.71 73.54 -53.21
C ILE IA 497 49.89 72.57 -53.13
N THR IA 498 50.56 72.54 -51.98
CA THR IA 498 51.69 71.66 -51.74
C THR IA 498 51.31 70.58 -50.72
N THR IA 499 51.71 69.34 -50.99
CA THR IA 499 51.44 68.22 -50.09
C THR IA 499 52.73 67.55 -49.65
N VAL IA 500 52.79 67.18 -48.37
CA VAL IA 500 53.93 66.47 -47.78
C VAL IA 500 53.39 65.32 -46.93
N SER IA 501 54.21 64.30 -46.73
CA SER IA 501 53.81 63.10 -46.02
C SER IA 501 54.29 63.14 -44.56
N GLU IA 502 53.47 62.62 -43.66
CA GLU IA 502 53.70 62.67 -42.22
C GLU IA 502 53.49 61.30 -41.58
N ASN IA 503 54.19 61.06 -40.47
CA ASN IA 503 54.01 59.88 -39.65
C ASN IA 503 53.21 60.26 -38.41
N VAL IA 504 52.10 59.56 -38.17
CA VAL IA 504 51.18 59.86 -37.08
C VAL IA 504 51.02 58.60 -36.23
N PRO IA 505 51.22 58.66 -34.92
CA PRO IA 505 51.06 57.45 -34.09
C PRO IA 505 49.66 56.89 -34.15
N ALA IA 506 49.56 55.56 -34.21
CA ALA IA 506 48.31 54.85 -34.44
C ALA IA 506 47.93 54.05 -33.21
N LEU IA 507 46.69 54.26 -32.74
CA LEU IA 507 46.14 53.59 -31.56
C LEU IA 507 44.93 52.80 -32.01
N THR IA 508 44.98 51.48 -31.89
CA THR IA 508 44.02 50.61 -32.55
C THR IA 508 43.45 49.58 -31.59
N ASP IA 509 42.13 49.37 -31.66
CA ASP IA 509 41.43 48.31 -30.95
C ASP IA 509 41.09 47.21 -31.95
N HIS IA 510 41.63 46.01 -31.73
CA HIS IA 510 41.46 44.90 -32.65
C HIS IA 510 40.36 43.91 -32.24
N GLY IA 511 39.64 44.17 -31.16
CA GLY IA 511 38.61 43.26 -30.69
C GLY IA 511 39.15 42.07 -29.90
N THR IA 512 38.28 41.08 -29.71
CA THR IA 512 38.58 39.91 -28.89
C THR IA 512 38.92 38.70 -29.75
N LEU IA 513 39.99 38.00 -29.41
CA LEU IA 513 40.43 36.79 -30.09
C LEU IA 513 40.64 35.64 -29.12
N PRO IA 514 40.42 34.40 -29.55
CA PRO IA 514 40.62 33.26 -28.65
C PRO IA 514 42.08 33.10 -28.21
N LEU IA 515 42.25 32.76 -26.95
CA LEU IA 515 43.53 32.75 -26.25
C LEU IA 515 43.94 31.32 -25.91
N ARG IA 516 45.24 31.04 -25.96
CA ARG IA 516 45.73 29.73 -25.53
C ARG IA 516 45.63 29.58 -24.00
N SER IA 517 45.38 28.36 -23.55
CA SER IA 517 45.17 28.10 -22.12
C SER IA 517 46.47 28.18 -21.32
N SER IA 518 47.61 27.93 -21.94
CA SER IA 518 48.90 28.00 -21.25
C SER IA 518 49.82 28.94 -22.03
N ILE IA 519 50.35 29.95 -21.34
CA ILE IA 519 51.13 31.01 -21.97
C ILE IA 519 52.54 30.94 -21.41
N ARG IA 520 53.53 30.81 -22.29
CA ARG IA 520 54.93 30.79 -21.89
C ARG IA 520 55.42 32.20 -21.55
N GLY IA 521 56.51 32.25 -20.78
CA GLY IA 521 57.03 33.51 -20.27
C GLY IA 521 57.69 34.38 -21.31
N VAL IA 522 58.16 33.82 -22.43
CA VAL IA 522 58.80 34.59 -23.50
C VAL IA 522 57.89 34.53 -24.73
N GLN IA 523 57.64 35.68 -25.33
CA GLN IA 523 56.67 35.82 -26.42
C GLN IA 523 57.31 36.53 -27.61
N ARG IA 524 56.86 36.15 -28.81
CA ARG IA 524 57.32 36.74 -30.07
C ARG IA 524 56.29 37.74 -30.60
N VAL IA 525 56.76 38.89 -31.08
CA VAL IA 525 55.93 39.94 -31.64
C VAL IA 525 56.46 40.27 -33.04
N THR IA 526 55.56 40.28 -34.04
CA THR IA 526 55.96 40.49 -35.43
C THR IA 526 54.99 41.42 -36.15
N VAL IA 527 55.54 42.30 -36.99
CA VAL IA 527 54.78 43.21 -37.85
C VAL IA 527 55.31 43.07 -39.28
N THR IA 528 54.43 42.76 -40.24
CA THR IA 528 54.83 42.57 -41.64
C THR IA 528 53.90 43.33 -42.58
N ASP IA 529 54.38 43.57 -43.80
CA ASP IA 529 53.66 44.32 -44.82
C ASP IA 529 52.84 43.37 -45.70
N ALA IA 530 52.31 43.90 -46.81
CA ALA IA 530 51.42 43.13 -47.67
C ALA IA 530 52.12 41.97 -48.37
N ARG IA 531 53.41 42.11 -48.66
CA ARG IA 531 54.20 41.04 -49.24
C ARG IA 531 54.83 40.16 -48.18
N ARG IA 532 54.48 40.36 -46.90
CA ARG IA 532 54.95 39.57 -45.77
C ARG IA 532 56.46 39.74 -45.54
N ARG IA 533 56.96 40.96 -45.71
CA ARG IA 533 58.28 41.34 -45.26
C ARG IA 533 58.15 42.17 -43.98
N THR IA 534 59.16 42.08 -43.11
CA THR IA 534 59.19 42.99 -41.97
C THR IA 534 59.52 44.41 -42.43
N CYS IA 535 59.08 45.38 -41.65
CA CYS IA 535 59.24 46.79 -42.02
C CYS IA 535 60.34 47.43 -41.18
N PRO IA 536 61.45 47.86 -41.78
CA PRO IA 536 62.53 48.49 -41.01
C PRO IA 536 62.21 49.88 -40.47
N TYR IA 537 61.07 50.47 -40.80
CA TYR IA 537 60.76 51.82 -40.34
C TYR IA 537 59.85 51.86 -39.12
N VAL IA 538 59.52 50.72 -38.53
CA VAL IA 538 58.86 50.70 -37.23
C VAL IA 538 59.91 50.90 -36.15
N TYR IA 539 59.67 51.85 -35.24
CA TYR IA 539 60.58 52.01 -34.11
C TYR IA 539 59.88 52.03 -32.75
N LYS IA 540 58.58 51.78 -32.69
CA LYS IA 540 57.88 51.64 -31.42
C LYS IA 540 56.63 50.80 -31.64
N ALA IA 541 56.49 49.73 -30.88
CA ALA IA 541 55.34 48.83 -30.98
C ALA IA 541 55.05 48.23 -29.61
N LEU IA 542 53.82 48.40 -29.13
CA LEU IA 542 53.38 47.88 -27.85
C LEU IA 542 52.05 47.16 -28.00
N GLY IA 543 51.82 46.17 -27.15
CA GLY IA 543 50.56 45.48 -27.08
C GLY IA 543 50.07 45.32 -25.66
N ILE IA 544 48.76 45.37 -25.50
CA ILE IA 544 48.09 45.19 -24.22
C ILE IA 544 46.92 44.23 -24.43
N VAL IA 545 46.87 43.16 -23.63
CA VAL IA 545 45.86 42.13 -23.76
C VAL IA 545 45.07 42.03 -22.45
N ALA IA 546 43.76 41.93 -22.56
CA ALA IA 546 42.87 41.78 -21.40
C ALA IA 546 42.06 40.48 -21.48
N PRO IA 547 42.48 39.42 -20.80
CA PRO IA 547 41.76 38.14 -20.90
C PRO IA 547 40.39 38.17 -20.20
N ARG IA 548 39.48 37.33 -20.70
CA ARG IA 548 38.19 37.11 -20.05
C ARG IA 548 37.59 35.80 -20.56
N VAL IA 549 36.60 35.29 -19.83
CA VAL IA 549 35.98 34.00 -20.14
C VAL IA 549 34.98 34.17 -21.28
N LEU IA 550 35.05 33.27 -22.27
CA LEU IA 550 34.13 33.24 -23.40
C LEU IA 550 33.03 32.19 -23.25
N SER IA 551 33.38 30.94 -22.94
CA SER IA 551 32.38 29.90 -22.79
C SER IA 551 32.92 28.80 -21.87
N SER IA 552 32.04 27.89 -21.52
CA SER IA 552 32.36 26.79 -20.62
C SER IA 552 32.97 25.60 -21.37
N ARG IA 553 33.80 24.86 -20.67
CA ARG IA 553 34.41 23.60 -21.14
C ARG IA 553 35.38 23.81 -22.29
N ARG JA 48 46.38 5.83 -2.09
CA ARG JA 48 46.94 7.15 -2.31
C ARG JA 48 48.29 7.33 -1.62
N ASN JA 49 49.13 6.29 -1.63
CA ASN JA 49 50.39 6.33 -0.93
C ASN JA 49 51.56 5.74 -1.71
N SER JA 50 51.46 5.68 -3.04
CA SER JA 50 52.50 5.06 -3.84
C SER JA 50 53.60 6.06 -4.20
N ILE JA 51 54.78 5.53 -4.50
CA ILE JA 51 55.96 6.32 -4.85
C ILE JA 51 56.54 5.73 -6.13
N ARG JA 52 56.70 6.57 -7.16
CA ARG JA 52 57.01 6.09 -8.51
C ARG JA 52 58.25 6.78 -9.08
N TYR JA 53 59.01 6.04 -9.87
CA TYR JA 53 60.21 6.52 -10.53
C TYR JA 53 60.00 6.50 -12.04
N SER JA 54 60.32 7.61 -12.70
CA SER JA 54 59.88 7.82 -14.08
C SER JA 54 60.47 6.84 -15.08
N GLU JA 55 61.54 6.13 -14.72
CA GLU JA 55 62.13 5.17 -15.65
C GLU JA 55 61.54 3.77 -15.54
N LEU JA 56 60.55 3.55 -14.68
CA LEU JA 56 59.96 2.23 -14.48
C LEU JA 56 58.47 2.26 -14.80
N SER JA 57 57.96 1.17 -15.38
CA SER JA 57 56.56 1.04 -15.74
C SER JA 57 56.18 -0.43 -15.85
N PRO JA 58 54.95 -0.80 -15.49
CA PRO JA 58 54.56 -2.22 -15.55
C PRO JA 58 54.08 -2.63 -16.94
N LEU JA 59 54.08 -3.95 -17.17
CA LEU JA 59 53.84 -4.55 -18.48
C LEU JA 59 52.48 -5.24 -18.58
N TYR JA 60 51.87 -5.15 -19.75
CA TYR JA 60 50.54 -5.74 -19.99
C TYR JA 60 50.44 -6.32 -21.40
N ASP JA 61 49.59 -7.34 -21.51
CA ASP JA 61 48.96 -7.92 -22.71
C ASP JA 61 49.83 -8.74 -23.66
N THR JA 62 51.15 -8.53 -23.69
CA THR JA 62 52.03 -9.27 -24.60
C THR JA 62 53.45 -8.77 -24.42
N THR JA 63 54.41 -9.59 -24.84
CA THR JA 63 55.84 -9.30 -24.72
C THR JA 63 56.59 -10.32 -25.59
N ARG JA 64 57.92 -10.37 -25.45
CA ARG JA 64 58.75 -11.35 -26.15
C ARG JA 64 59.66 -12.08 -25.17
N LEU JA 65 59.90 -13.37 -25.43
CA LEU JA 65 60.91 -14.17 -24.74
C LEU JA 65 61.88 -14.73 -25.78
N TYR JA 66 63.17 -14.63 -25.51
CA TYR JA 66 64.21 -15.03 -26.46
C TYR JA 66 64.99 -16.23 -25.94
N LEU JA 67 65.14 -17.25 -26.79
CA LEU JA 67 65.87 -18.48 -26.47
C LEU JA 67 67.07 -18.57 -27.41
N VAL JA 68 68.23 -18.19 -26.90
CA VAL JA 68 69.42 -17.96 -27.72
C VAL JA 68 70.54 -18.86 -27.26
N ASP JA 69 71.27 -19.45 -28.21
CA ASP JA 69 72.21 -20.53 -27.94
C ASP JA 69 73.66 -20.07 -27.76
N ASN JA 70 73.95 -18.77 -27.85
CA ASN JA 70 75.34 -18.32 -27.80
C ASN JA 70 75.52 -17.08 -26.91
N LYS JA 71 74.86 -17.06 -25.75
CA LYS JA 71 75.13 -16.01 -24.78
C LYS JA 71 76.50 -16.26 -24.12
N SER JA 72 77.24 -15.17 -23.89
CA SER JA 72 78.63 -15.32 -23.46
C SER JA 72 78.75 -15.98 -22.10
N ALA JA 73 77.92 -15.58 -21.14
CA ALA JA 73 78.01 -16.13 -19.79
C ALA JA 73 77.45 -17.55 -19.71
N ASP JA 74 76.43 -17.87 -20.50
CA ASP JA 74 75.86 -19.21 -20.48
C ASP JA 74 76.83 -20.24 -21.05
N ILE JA 75 77.70 -19.83 -21.97
CA ILE JA 75 78.67 -20.75 -22.55
C ILE JA 75 79.61 -21.27 -21.48
N ALA JA 76 80.09 -20.38 -20.62
CA ALA JA 76 81.12 -20.77 -19.66
C ALA JA 76 80.58 -21.63 -18.53
N SER JA 77 79.40 -21.30 -18.00
CA SER JA 77 78.94 -21.89 -16.75
C SER JA 77 77.80 -22.89 -16.90
N LEU JA 78 77.22 -23.06 -18.07
CA LEU JA 78 76.08 -23.98 -18.19
C LEU JA 78 76.31 -25.14 -19.13
N ASN JA 79 76.97 -24.93 -20.26
CA ASN JA 79 76.90 -25.84 -21.39
C ASN JA 79 78.24 -26.47 -21.74
N TYR JA 80 79.00 -26.85 -20.71
CA TYR JA 80 80.35 -27.36 -20.95
C TYR JA 80 80.34 -28.69 -21.69
N GLN JA 81 79.36 -29.55 -21.41
CA GLN JA 81 79.28 -30.87 -22.02
C GLN JA 81 78.17 -31.00 -23.06
N ASN JA 82 77.60 -29.90 -23.53
CA ASN JA 82 76.43 -29.90 -24.41
C ASN JA 82 76.83 -29.55 -25.84
N ASP JA 83 75.85 -29.61 -26.74
CA ASP JA 83 76.00 -29.13 -28.11
C ASP JA 83 74.72 -28.41 -28.53
N HIS JA 84 74.71 -27.89 -29.76
CA HIS JA 84 73.62 -27.03 -30.20
C HIS JA 84 72.30 -27.78 -30.40
N SER JA 85 72.31 -29.10 -30.37
CA SER JA 85 71.08 -29.87 -30.44
C SER JA 85 70.42 -30.06 -29.07
N ASN JA 86 71.14 -29.82 -27.97
CA ASN JA 86 70.59 -30.04 -26.63
C ASN JA 86 71.37 -29.19 -25.63
N PHE JA 87 70.82 -28.04 -25.24
CA PHE JA 87 71.57 -27.06 -24.44
C PHE JA 87 70.65 -26.35 -23.47
N LEU JA 88 71.25 -25.56 -22.58
CA LEU JA 88 70.54 -24.75 -21.61
C LEU JA 88 70.78 -23.26 -21.90
N THR JA 89 69.78 -22.44 -21.61
CA THR JA 89 69.90 -21.00 -21.82
C THR JA 89 69.07 -20.26 -20.79
N THR JA 90 69.38 -18.98 -20.61
CA THR JA 90 68.67 -18.14 -19.65
C THR JA 90 67.73 -17.18 -20.40
N VAL JA 91 66.47 -17.12 -19.95
CA VAL JA 91 65.53 -16.17 -20.53
C VAL JA 91 65.53 -14.83 -19.80
N VAL JA 92 66.27 -14.70 -18.70
CA VAL JA 92 66.45 -13.43 -18.02
C VAL JA 92 67.54 -12.64 -18.73
N GLN JA 93 67.21 -11.45 -19.21
CA GLN JA 93 68.14 -10.62 -20.00
C GLN JA 93 68.70 -9.45 -19.19
N ASN JA 94 69.00 -9.65 -17.90
CA ASN JA 94 69.45 -8.60 -16.99
C ASN JA 94 70.83 -8.98 -16.47
N ASN JA 95 71.85 -8.21 -16.85
CA ASN JA 95 73.23 -8.57 -16.55
C ASN JA 95 73.66 -8.18 -15.13
N ASP JA 96 72.74 -7.75 -14.27
CA ASP JA 96 73.05 -7.60 -12.86
C ASP JA 96 73.21 -8.93 -12.15
N PHE JA 97 72.89 -10.05 -12.81
CA PHE JA 97 72.92 -11.37 -12.21
C PHE JA 97 73.67 -12.35 -13.12
N THR JA 98 74.32 -13.32 -12.51
CA THR JA 98 74.90 -14.43 -13.23
C THR JA 98 73.83 -15.46 -13.60
N PRO JA 99 74.10 -16.33 -14.57
CA PRO JA 99 73.10 -17.35 -14.92
C PRO JA 99 72.73 -18.26 -13.76
N THR JA 100 73.68 -18.58 -12.89
CA THR JA 100 73.36 -19.39 -11.71
C THR JA 100 72.36 -18.70 -10.81
N GLU JA 101 72.56 -17.39 -10.56
CA GLU JA 101 71.59 -16.63 -9.78
C GLU JA 101 70.25 -16.53 -10.50
N ALA JA 102 70.30 -16.37 -11.83
CA ALA JA 102 69.06 -16.22 -12.59
C ALA JA 102 68.21 -17.49 -12.56
N SER JA 103 68.82 -18.65 -12.32
CA SER JA 103 68.08 -19.91 -12.38
C SER JA 103 66.97 -19.98 -11.34
N THR JA 104 67.10 -19.26 -10.23
CA THR JA 104 66.08 -19.28 -9.19
C THR JA 104 65.00 -18.22 -9.38
N GLN JA 105 65.15 -17.30 -10.32
CA GLN JA 105 64.15 -16.26 -10.55
C GLN JA 105 63.03 -16.79 -11.44
N THR JA 106 61.91 -16.07 -11.46
CA THR JA 106 60.75 -16.49 -12.24
C THR JA 106 60.12 -15.29 -12.97
N ILE JA 107 59.38 -15.61 -14.02
CA ILE JA 107 58.50 -14.68 -14.72
C ILE JA 107 57.08 -15.20 -14.58
N ASN JA 108 56.17 -14.34 -14.16
CA ASN JA 108 54.82 -14.77 -13.77
C ASN JA 108 53.76 -14.09 -14.63
N PHE JA 109 52.93 -14.90 -15.28
CA PHE JA 109 51.79 -14.44 -16.06
C PHE JA 109 50.53 -14.58 -15.22
N ASP JA 110 49.66 -13.56 -15.26
CA ASP JA 110 48.58 -13.45 -14.29
C ASP JA 110 47.74 -14.73 -14.21
N GLU JA 111 47.59 -15.25 -13.00
CA GLU JA 111 46.98 -16.55 -12.78
C GLU JA 111 45.47 -16.55 -13.00
N ARG JA 112 44.84 -15.39 -13.15
CA ARG JA 112 43.43 -15.33 -13.46
C ARG JA 112 43.12 -15.51 -14.94
N SER JA 113 44.13 -15.76 -15.78
CA SER JA 113 43.95 -16.06 -17.19
C SER JA 113 44.75 -17.31 -17.55
N ARG JA 114 44.35 -17.96 -18.63
CA ARG JA 114 45.15 -19.00 -19.28
C ARG JA 114 45.87 -18.39 -20.46
N TRP JA 115 47.16 -18.67 -20.58
CA TRP JA 115 48.04 -18.02 -21.55
C TRP JA 115 48.52 -18.99 -22.62
N GLY JA 116 48.73 -18.47 -23.83
CA GLY JA 116 49.35 -19.23 -24.89
C GLY JA 116 50.52 -18.47 -25.49
N GLY JA 117 51.36 -19.22 -26.20
CA GLY JA 117 52.54 -18.64 -26.80
C GLY JA 117 52.75 -19.01 -28.26
N GLN JA 118 52.87 -18.01 -29.12
CA GLN JA 118 53.16 -18.25 -30.53
C GLN JA 118 54.67 -18.42 -30.72
N LEU JA 119 55.07 -19.51 -31.38
CA LEU JA 119 56.46 -19.94 -31.45
C LEU JA 119 56.99 -19.84 -32.88
N LYS JA 120 58.14 -19.18 -33.04
CA LYS JA 120 58.88 -19.14 -34.29
C LYS JA 120 60.30 -19.61 -34.07
N THR JA 121 60.84 -20.39 -35.00
CA THR JA 121 62.18 -20.96 -34.86
C THR JA 121 63.03 -20.67 -36.08
N ILE JA 122 64.34 -20.67 -35.86
CA ILE JA 122 65.35 -20.54 -36.92
C ILE JA 122 66.39 -21.64 -36.71
N MET JA 123 66.68 -22.40 -37.77
CA MET JA 123 67.59 -23.53 -37.68
C MET JA 123 68.50 -23.59 -38.90
N HIS JA 124 69.76 -23.97 -38.69
CA HIS JA 124 70.72 -24.16 -39.77
C HIS JA 124 71.59 -25.38 -39.50
N THR JA 125 71.87 -26.16 -40.55
CA THR JA 125 72.58 -27.42 -40.44
C THR JA 125 73.77 -27.46 -41.39
N ASN JA 126 74.67 -28.42 -41.17
CA ASN JA 126 75.83 -28.63 -42.04
C ASN JA 126 76.09 -30.12 -42.27
N MET JA 127 75.03 -30.89 -42.59
CA MET JA 127 75.13 -32.34 -42.75
C MET JA 127 75.67 -32.71 -44.14
N PRO JA 128 76.68 -33.58 -44.22
CA PRO JA 128 77.07 -34.16 -45.51
C PRO JA 128 76.25 -35.40 -45.84
N ASN JA 129 76.15 -35.68 -47.13
CA ASN JA 129 75.19 -36.72 -47.56
C ASN JA 129 75.68 -38.15 -47.32
N VAL JA 130 76.98 -38.39 -47.23
CA VAL JA 130 77.51 -39.72 -46.95
C VAL JA 130 78.20 -39.67 -45.59
N ASN JA 131 77.58 -40.29 -44.59
CA ASN JA 131 78.11 -40.25 -43.22
C ASN JA 131 77.63 -41.46 -42.45
N GLU JA 132 78.31 -41.72 -41.33
CA GLU JA 132 78.04 -42.91 -40.52
C GLU JA 132 76.77 -42.79 -39.69
N TYR JA 133 76.48 -41.59 -39.18
CA TYR JA 133 75.39 -41.42 -38.22
C TYR JA 133 74.03 -41.73 -38.86
N MET JA 134 73.89 -41.47 -40.15
CA MET JA 134 72.62 -41.65 -40.85
C MET JA 134 72.57 -42.94 -41.68
N PHE JA 135 73.53 -43.85 -41.51
CA PHE JA 135 73.54 -45.16 -42.16
C PHE JA 135 73.61 -45.06 -43.68
N SER JA 136 74.23 -44.01 -44.20
CA SER JA 136 74.48 -43.89 -45.63
C SER JA 136 75.94 -44.20 -45.97
N ASN JA 137 76.60 -44.97 -45.13
CA ASN JA 137 78.03 -45.21 -45.19
C ASN JA 137 78.41 -46.62 -45.61
N LYS JA 138 77.45 -47.55 -45.64
CA LYS JA 138 77.79 -48.97 -45.72
C LYS JA 138 76.69 -49.74 -46.43
N PHE JA 139 77.06 -50.91 -46.95
CA PHE JA 139 76.14 -51.87 -47.54
C PHE JA 139 76.80 -53.25 -47.48
N LYS JA 140 76.01 -54.29 -47.77
CA LYS JA 140 76.50 -55.66 -47.73
C LYS JA 140 76.34 -56.32 -49.11
N ALA JA 141 77.27 -57.22 -49.43
CA ALA JA 141 77.24 -57.92 -50.70
C ALA JA 141 77.92 -59.28 -50.56
N ARG JA 142 77.63 -60.17 -51.52
CA ARG JA 142 78.20 -61.51 -51.55
C ARG JA 142 79.04 -61.68 -52.81
N VAL JA 143 80.33 -61.96 -52.63
CA VAL JA 143 81.28 -62.06 -53.73
C VAL JA 143 82.01 -63.39 -53.63
N MET JA 144 82.85 -63.68 -54.63
CA MET JA 144 83.58 -64.93 -54.72
C MET JA 144 84.94 -64.80 -54.05
N VAL JA 145 85.24 -65.74 -53.16
CA VAL JA 145 86.48 -65.71 -52.39
C VAL JA 145 87.52 -66.69 -52.92
N SER JA 146 87.11 -67.81 -53.50
CA SER JA 146 88.07 -68.81 -53.99
C SER JA 146 87.50 -69.50 -55.21
N ARG JA 147 88.34 -69.63 -56.24
CA ARG JA 147 88.13 -70.59 -57.31
C ARG JA 147 88.82 -71.90 -56.92
N LYS JA 148 88.94 -72.83 -57.84
CA LYS JA 148 89.62 -74.10 -57.53
C LYS JA 148 91.11 -73.88 -57.31
N ASP JA 171 85.95 -77.20 -61.43
CA ASP JA 171 86.25 -76.08 -60.54
C ASP JA 171 85.16 -75.91 -59.48
N ILE JA 172 85.58 -75.70 -58.23
CA ILE JA 172 84.67 -75.46 -57.12
C ILE JA 172 84.82 -74.00 -56.69
N LEU JA 173 83.69 -73.32 -56.55
CA LEU JA 173 83.65 -71.88 -56.29
C LEU JA 173 83.06 -71.62 -54.92
N LYS JA 174 83.68 -70.73 -54.16
CA LYS JA 174 83.24 -70.39 -52.82
C LYS JA 174 82.88 -68.91 -52.74
N TYR JA 175 81.80 -68.60 -52.04
CA TYR JA 175 81.29 -67.24 -51.90
C TYR JA 175 81.09 -66.93 -50.42
N GLU JA 176 81.09 -65.63 -50.09
CA GLU JA 176 80.93 -65.19 -48.71
C GLU JA 176 80.36 -63.78 -48.68
N TRP JA 177 79.70 -63.45 -47.58
CA TRP JA 177 79.14 -62.13 -47.33
C TRP JA 177 80.16 -61.23 -46.64
N PHE JA 178 80.15 -59.95 -46.98
CA PHE JA 178 80.98 -58.95 -46.34
C PHE JA 178 80.19 -57.66 -46.19
N GLU JA 179 80.70 -56.77 -45.33
CA GLU JA 179 80.17 -55.41 -45.21
C GLU JA 179 81.23 -54.42 -45.68
N PHE JA 180 80.81 -53.50 -46.53
CA PHE JA 180 81.72 -52.56 -47.19
C PHE JA 180 81.48 -51.15 -46.65
N ILE JA 181 82.57 -50.39 -46.50
CA ILE JA 181 82.54 -49.06 -45.89
C ILE JA 181 83.12 -48.04 -46.85
N LEU JA 182 82.42 -46.90 -47.01
CA LEU JA 182 82.83 -45.74 -47.80
C LEU JA 182 83.39 -44.65 -46.88
N PRO JA 183 84.27 -43.80 -47.38
CA PRO JA 183 84.71 -42.64 -46.59
C PRO JA 183 83.69 -41.50 -46.66
N GLU JA 184 83.69 -40.68 -45.61
CA GLU JA 184 82.64 -39.68 -45.42
C GLU JA 184 82.93 -38.40 -46.20
N GLY JA 185 81.87 -37.72 -46.60
CA GLY JA 185 81.97 -36.50 -47.38
C GLY JA 185 80.64 -36.18 -48.04
N ASN JA 186 80.66 -35.10 -48.80
CA ASN JA 186 79.47 -34.61 -49.52
C ASN JA 186 79.71 -34.77 -51.02
N PHE JA 187 79.09 -35.79 -51.61
CA PHE JA 187 79.42 -36.20 -52.98
C PHE JA 187 78.17 -36.17 -53.86
N SER JA 188 78.39 -36.03 -55.16
CA SER JA 188 77.32 -36.19 -56.12
C SER JA 188 76.99 -37.67 -56.30
N ALA JA 189 75.88 -37.94 -57.01
CA ALA JA 189 75.43 -39.31 -57.18
C ALA JA 189 76.40 -40.14 -58.00
N THR JA 190 76.96 -39.58 -59.08
CA THR JA 190 77.93 -40.32 -59.87
C THR JA 190 79.19 -40.62 -59.08
N MET JA 191 79.68 -39.64 -58.32
CA MET JA 191 80.88 -39.87 -57.51
C MET JA 191 80.63 -40.91 -56.42
N THR JA 192 79.41 -40.97 -55.90
CA THR JA 192 79.09 -41.99 -54.90
C THR JA 192 79.14 -43.39 -55.49
N ILE JA 193 78.64 -43.55 -56.72
CA ILE JA 193 78.66 -44.87 -57.38
C ILE JA 193 80.08 -45.31 -57.67
N ASP JA 194 80.99 -44.38 -57.99
CA ASP JA 194 82.40 -44.75 -58.16
C ASP JA 194 82.99 -45.29 -56.88
N LEU JA 195 82.63 -44.70 -55.74
CA LEU JA 195 83.17 -45.16 -54.46
C LEU JA 195 82.67 -46.55 -54.10
N MET JA 196 81.43 -46.88 -54.45
CA MET JA 196 80.91 -48.22 -54.18
C MET JA 196 81.63 -49.28 -55.02
N ASN JA 197 81.89 -48.98 -56.29
CA ASN JA 197 82.67 -49.90 -57.12
C ASN JA 197 84.08 -50.07 -56.57
N ASN JA 198 84.69 -48.98 -56.13
CA ASN JA 198 86.04 -49.04 -55.58
C ASN JA 198 86.11 -49.90 -54.32
N ALA JA 199 85.06 -49.88 -53.51
CA ALA JA 199 85.03 -50.73 -52.32
C ALA JA 199 85.01 -52.21 -52.69
N ILE JA 200 84.25 -52.58 -53.72
CA ILE JA 200 84.20 -53.97 -54.16
C ILE JA 200 85.58 -54.44 -54.61
N ILE JA 201 86.27 -53.60 -55.39
CA ILE JA 201 87.55 -53.99 -55.97
C ILE JA 201 88.62 -54.14 -54.90
N ASP JA 202 88.61 -53.28 -53.87
CA ASP JA 202 89.58 -53.41 -52.80
C ASP JA 202 89.43 -54.72 -52.03
N ASN JA 203 88.24 -55.30 -52.03
CA ASN JA 203 88.06 -56.64 -51.47
C ASN JA 203 88.65 -57.72 -52.38
N TYR JA 204 88.62 -57.50 -53.70
CA TYR JA 204 89.20 -58.46 -54.62
C TYR JA 204 90.73 -58.40 -54.64
N LEU JA 205 91.31 -57.30 -54.16
CA LEU JA 205 92.77 -57.20 -54.11
C LEU JA 205 93.35 -57.72 -52.80
N GLU JA 206 92.56 -57.74 -51.73
CA GLU JA 206 93.01 -58.21 -50.43
C GLU JA 206 92.73 -59.68 -50.21
N ILE JA 207 91.58 -60.15 -50.65
CA ILE JA 207 91.20 -61.56 -50.69
C ILE JA 207 90.99 -61.83 -52.16
N GLY JA 208 90.59 -63.03 -52.53
CA GLY JA 208 90.23 -63.19 -53.93
C GLY JA 208 91.44 -63.42 -54.80
N ARG JA 209 91.94 -62.33 -55.40
CA ARG JA 209 93.05 -62.37 -56.36
C ARG JA 209 94.17 -63.33 -55.94
N GLN JA 210 94.54 -63.33 -54.66
CA GLN JA 210 95.57 -64.25 -54.19
C GLN JA 210 95.07 -65.66 -53.98
N ASN JA 211 93.79 -65.94 -54.22
CA ASN JA 211 93.24 -67.27 -54.08
C ASN JA 211 92.65 -67.79 -55.39
N GLY JA 212 93.09 -67.27 -56.52
CA GLY JA 212 92.80 -67.86 -57.80
C GLY JA 212 91.62 -67.32 -58.58
N VAL JA 213 90.99 -66.24 -58.13
CA VAL JA 213 89.90 -65.64 -58.90
C VAL JA 213 90.49 -64.68 -59.91
N LEU JA 214 89.89 -64.64 -61.09
CA LEU JA 214 90.38 -63.80 -62.17
C LEU JA 214 89.61 -62.48 -62.21
N GLU JA 215 90.16 -61.51 -62.93
CA GLU JA 215 89.45 -60.26 -63.14
C GLU JA 215 88.45 -60.42 -64.27
N SER JA 216 87.69 -61.52 -64.24
CA SER JA 216 86.54 -61.71 -65.12
C SER JA 216 85.42 -62.42 -64.38
N ASP JA 217 85.55 -62.63 -63.07
CA ASP JA 217 84.51 -63.23 -62.24
C ASP JA 217 84.19 -62.39 -61.01
N ILE JA 218 84.38 -61.07 -61.10
CA ILE JA 218 84.16 -60.18 -59.95
C ILE JA 218 82.76 -60.37 -59.39
N GLY JA 219 81.74 -60.08 -60.19
CA GLY JA 219 80.39 -60.50 -59.88
C GLY JA 219 79.45 -59.47 -59.32
N VAL JA 220 79.92 -58.28 -58.94
CA VAL JA 220 79.04 -57.20 -58.49
C VAL JA 220 79.55 -55.88 -59.09
N LYS JA 221 78.70 -55.19 -59.83
CA LYS JA 221 79.06 -53.89 -60.39
C LYS JA 221 77.83 -52.99 -60.45
N PHE JA 222 78.03 -51.70 -60.20
CA PHE JA 222 76.98 -50.69 -60.30
C PHE JA 222 77.19 -49.87 -61.56
N ASP JA 223 76.16 -49.83 -62.42
CA ASP JA 223 76.28 -49.22 -63.74
C ASP JA 223 75.14 -48.23 -63.97
N THR JA 224 75.13 -47.62 -65.16
CA THR JA 224 74.07 -46.70 -65.56
C THR JA 224 73.53 -46.94 -66.96
N ARG JA 225 74.05 -47.92 -67.69
CA ARG JA 225 73.76 -48.06 -69.12
C ARG JA 225 72.52 -48.92 -69.38
N ASN JA 226 71.95 -48.74 -70.57
CA ASN JA 226 70.87 -49.59 -71.06
C ASN JA 226 71.50 -50.60 -72.01
N PHE JA 227 71.85 -51.77 -71.48
CA PHE JA 227 72.33 -52.83 -72.35
C PHE JA 227 71.19 -53.30 -73.24
N ARG JA 228 71.55 -53.90 -74.37
CA ARG JA 228 70.64 -54.36 -75.43
C ARG JA 228 69.96 -53.22 -76.19
N LEU JA 229 70.51 -52.00 -76.16
CA LEU JA 229 69.95 -50.92 -76.94
C LEU JA 229 70.03 -51.20 -78.44
N GLY JA 230 71.23 -51.52 -78.93
CA GLY JA 230 71.41 -51.75 -80.36
C GLY JA 230 71.14 -53.18 -80.80
N TRP JA 231 70.27 -53.87 -80.08
CA TRP JA 231 69.96 -55.27 -80.33
C TRP JA 231 69.24 -55.45 -81.65
N ASP JA 232 69.51 -56.58 -82.32
CA ASP JA 232 68.90 -56.90 -83.60
C ASP JA 232 68.00 -58.10 -83.49
N PRO JA 233 66.76 -58.03 -83.98
CA PRO JA 233 65.81 -59.12 -83.75
C PRO JA 233 66.14 -60.40 -84.52
N GLU JA 234 66.98 -60.34 -85.54
CA GLU JA 234 67.32 -61.53 -86.32
C GLU JA 234 68.58 -62.21 -85.79
N THR JA 235 69.69 -61.48 -85.74
CA THR JA 235 70.94 -62.03 -85.25
C THR JA 235 70.98 -62.14 -83.73
N LYS JA 236 70.13 -61.40 -83.02
CA LYS JA 236 70.05 -61.43 -81.56
C LYS JA 236 71.40 -61.12 -80.90
N LEU JA 237 72.12 -60.16 -81.48
CA LEU JA 237 73.38 -59.69 -80.92
C LEU JA 237 73.45 -58.18 -81.06
N ILE JA 238 74.33 -57.56 -80.27
CA ILE JA 238 74.52 -56.11 -80.32
C ILE JA 238 75.38 -55.81 -81.54
N MET JA 239 74.74 -55.39 -82.63
CA MET JA 239 75.44 -55.24 -83.91
C MET JA 239 76.62 -54.27 -83.87
N PRO JA 240 76.57 -53.11 -83.22
CA PRO JA 240 77.73 -52.20 -83.25
C PRO JA 240 79.00 -52.78 -82.66
N GLY JA 241 78.91 -53.82 -81.84
CA GLY JA 241 80.07 -54.38 -81.19
C GLY JA 241 80.46 -53.72 -79.88
N VAL JA 242 79.81 -52.62 -79.50
CA VAL JA 242 79.99 -51.98 -78.21
C VAL JA 242 78.62 -51.56 -77.69
N TYR JA 243 78.41 -51.70 -76.39
CA TYR JA 243 77.18 -51.24 -75.78
C TYR JA 243 77.10 -49.71 -75.83
N THR JA 244 75.87 -49.20 -75.97
CA THR JA 244 75.68 -47.76 -76.07
C THR JA 244 76.15 -47.08 -74.79
N TYR JA 245 76.97 -46.04 -74.95
CA TYR JA 245 77.64 -45.40 -73.82
C TYR JA 245 76.87 -44.16 -73.35
N GLU JA 246 75.61 -44.37 -72.96
CA GLU JA 246 74.73 -43.31 -72.48
C GLU JA 246 74.11 -43.71 -71.14
N ALA JA 247 73.88 -42.72 -70.29
CA ALA JA 247 73.35 -42.96 -68.96
C ALA JA 247 71.82 -42.89 -68.98
N PHE JA 248 71.17 -43.89 -68.39
CA PHE JA 248 69.72 -43.96 -68.32
C PHE JA 248 69.18 -43.94 -66.90
N HIS JA 249 69.69 -44.80 -66.02
CA HIS JA 249 69.24 -44.96 -64.64
C HIS JA 249 70.22 -45.89 -63.94
N PRO JA 250 70.55 -45.66 -62.68
CA PRO JA 250 71.48 -46.55 -61.98
C PRO JA 250 70.98 -47.99 -61.92
N ASP JA 251 71.93 -48.93 -61.99
CA ASP JA 251 71.62 -50.32 -62.25
C ASP JA 251 72.59 -51.22 -61.48
N ILE JA 252 72.17 -52.46 -61.27
CA ILE JA 252 72.94 -53.48 -60.56
C ILE JA 252 73.18 -54.65 -61.51
N VAL JA 253 74.44 -55.07 -61.66
CA VAL JA 253 74.83 -56.17 -62.54
C VAL JA 253 75.43 -57.29 -61.71
N LEU JA 254 74.96 -58.53 -61.91
CA LEU JA 254 75.31 -59.66 -61.08
C LEU JA 254 75.73 -60.87 -61.92
N LEU JA 255 76.63 -61.68 -61.33
CA LEU JA 255 77.05 -63.01 -61.77
C LEU JA 255 76.43 -64.07 -60.89
N PRO JA 256 76.36 -65.33 -61.34
CA PRO JA 256 75.72 -66.37 -60.53
C PRO JA 256 76.40 -66.53 -59.17
N GLY JA 257 75.59 -66.75 -58.14
CA GLY JA 257 76.09 -66.91 -56.79
C GLY JA 257 76.26 -65.64 -55.99
N CYS JA 258 76.02 -64.47 -56.57
CA CYS JA 258 76.27 -63.19 -55.90
C CYS JA 258 74.95 -62.50 -55.55
N GLY JA 259 75.06 -61.37 -54.86
CA GLY JA 259 73.89 -60.59 -54.48
C GLY JA 259 74.28 -59.41 -53.61
N VAL JA 260 73.31 -58.53 -53.40
CA VAL JA 260 73.47 -57.37 -52.54
C VAL JA 260 72.31 -57.30 -51.56
N ASP JA 261 72.55 -56.69 -50.40
CA ASP JA 261 71.57 -56.62 -49.33
C ASP JA 261 71.55 -55.22 -48.73
N PHE JA 262 70.39 -54.56 -48.78
CA PHE JA 262 70.24 -53.18 -48.33
C PHE JA 262 69.41 -53.06 -47.06
N THR JA 263 69.38 -54.10 -46.24
CA THR JA 263 68.53 -54.08 -45.05
C THR JA 263 68.96 -52.98 -44.08
N GLU JA 264 70.25 -52.76 -43.94
CA GLU JA 264 70.76 -51.78 -42.98
C GLU JA 264 71.51 -50.66 -43.70
N SER JA 265 70.89 -50.12 -44.75
CA SER JA 265 71.55 -49.11 -45.58
C SER JA 265 70.50 -48.21 -46.22
N ARG JA 266 70.87 -46.97 -46.44
CA ARG JA 266 70.01 -46.01 -47.12
C ARG JA 266 70.48 -45.69 -48.53
N LEU JA 267 71.44 -46.44 -49.05
CA LEU JA 267 71.97 -46.20 -50.38
C LEU JA 267 71.05 -46.69 -51.49
N SER JA 268 70.02 -47.48 -51.17
CA SER JA 268 69.05 -47.85 -52.20
C SER JA 268 68.20 -46.66 -52.65
N ASN JA 269 68.01 -45.66 -51.79
CA ASN JA 269 67.30 -44.45 -52.21
C ASN JA 269 68.11 -43.65 -53.22
N LEU JA 270 69.43 -43.60 -53.06
CA LEU JA 270 70.27 -42.91 -54.03
C LEU JA 270 70.30 -43.64 -55.37
N LEU JA 271 70.11 -44.96 -55.37
CA LEU JA 271 70.07 -45.72 -56.62
C LEU JA 271 68.73 -45.65 -57.32
N GLY JA 272 67.68 -45.20 -56.65
CA GLY JA 272 66.37 -45.19 -57.26
C GLY JA 272 65.71 -46.54 -57.41
N ILE JA 273 65.96 -47.45 -56.48
CA ILE JA 273 65.34 -48.77 -56.46
C ILE JA 273 64.68 -48.94 -55.09
N ARG JA 274 63.37 -49.16 -55.09
CA ARG JA 274 62.58 -49.26 -53.86
C ARG JA 274 61.63 -50.43 -53.92
N LYS JA 275 61.10 -50.81 -52.75
CA LYS JA 275 60.17 -51.92 -52.62
C LYS JA 275 58.72 -51.43 -52.70
N ARG JA 276 57.87 -52.22 -53.37
CA ARG JA 276 56.45 -51.89 -53.44
C ARG JA 276 55.73 -52.09 -52.13
N HIS JA 277 56.32 -52.85 -51.19
CA HIS JA 277 55.79 -53.03 -49.84
C HIS JA 277 56.86 -52.52 -48.88
N PRO JA 278 56.94 -51.20 -48.67
CA PRO JA 278 58.10 -50.64 -47.96
C PRO JA 278 58.10 -50.89 -46.47
N PHE JA 279 57.01 -51.40 -45.88
CA PHE JA 279 56.98 -51.67 -44.46
C PHE JA 279 57.36 -53.10 -44.10
N GLN JA 280 57.70 -53.93 -45.08
CA GLN JA 280 58.16 -55.30 -44.82
C GLN JA 280 59.68 -55.30 -44.69
N GLU JA 281 60.18 -55.82 -43.58
CA GLU JA 281 61.60 -55.77 -43.29
C GLU JA 281 62.39 -56.66 -44.25
N GLY JA 282 63.58 -56.21 -44.62
CA GLY JA 282 64.48 -56.97 -45.46
C GLY JA 282 64.45 -56.57 -46.92
N PHE JA 283 65.64 -56.35 -47.50
CA PHE JA 283 65.77 -55.93 -48.90
C PHE JA 283 67.01 -56.61 -49.47
N LYS JA 284 66.82 -57.76 -50.13
CA LYS JA 284 67.91 -58.50 -50.75
C LYS JA 284 67.58 -58.78 -52.20
N ILE JA 285 68.59 -58.64 -53.07
CA ILE JA 285 68.45 -58.92 -54.49
C ILE JA 285 69.57 -59.89 -54.89
N MET JA 286 69.19 -61.09 -55.29
CA MET JA 286 70.13 -62.15 -55.65
C MET JA 286 70.06 -62.45 -57.15
N TYR JA 287 71.02 -63.24 -57.61
CA TYR JA 287 71.09 -63.56 -59.04
C TYR JA 287 69.86 -64.32 -59.51
N GLU JA 288 69.25 -65.13 -58.64
CA GLU JA 288 68.07 -65.88 -59.02
C GLU JA 288 66.82 -65.01 -59.15
N ASP JA 289 66.82 -63.80 -58.61
CA ASP JA 289 65.66 -62.92 -58.70
C ASP JA 289 65.64 -62.08 -59.97
N LEU JA 290 66.72 -62.08 -60.75
CA LEU JA 290 66.84 -61.26 -61.96
C LEU JA 290 66.56 -62.04 -63.23
N GLU JA 291 65.64 -63.00 -63.19
CA GLU JA 291 65.36 -63.82 -64.36
C GLU JA 291 64.87 -62.97 -65.52
N GLY JA 292 65.33 -63.31 -66.72
CA GLY JA 292 65.00 -62.57 -67.92
C GLY JA 292 65.87 -61.37 -68.20
N GLY JA 293 66.86 -61.10 -67.36
CA GLY JA 293 67.67 -59.90 -67.51
C GLY JA 293 69.08 -60.15 -67.98
N ASN JA 294 69.33 -61.27 -68.66
CA ASN JA 294 70.67 -61.56 -69.15
C ASN JA 294 71.10 -60.55 -70.20
N ILE JA 295 72.35 -60.13 -70.12
CA ILE JA 295 72.91 -59.12 -71.02
C ILE JA 295 73.29 -59.79 -72.33
N PRO JA 296 72.76 -59.35 -73.47
CA PRO JA 296 73.10 -60.00 -74.74
C PRO JA 296 74.58 -59.85 -75.07
N ALA JA 297 75.14 -60.90 -75.67
CA ALA JA 297 76.56 -60.93 -75.99
C ALA JA 297 76.87 -60.06 -77.20
N LEU JA 298 78.13 -59.61 -77.26
CA LEU JA 298 78.69 -58.89 -78.40
C LEU JA 298 77.76 -57.85 -78.99
N ILE JA 364 79.22 -63.80 -88.25
CA ILE JA 364 78.09 -63.81 -87.33
C ILE JA 364 78.37 -64.71 -86.14
N GLN JA 365 79.29 -64.30 -85.28
CA GLN JA 365 79.61 -65.03 -84.06
C GLN JA 365 79.87 -64.05 -82.93
N PRO JA 366 79.51 -64.38 -81.70
CA PRO JA 366 79.76 -63.47 -80.58
C PRO JA 366 81.24 -63.39 -80.25
N LEU JA 367 81.67 -62.22 -79.80
CA LEU JA 367 83.02 -62.07 -79.27
C LEU JA 367 83.11 -62.77 -77.92
N GLU JA 368 84.16 -63.56 -77.74
CA GLU JA 368 84.28 -64.38 -76.54
C GLU JA 368 85.31 -63.87 -75.54
N LYS JA 369 86.11 -62.87 -75.90
CA LYS JA 369 87.14 -62.37 -74.99
C LYS JA 369 87.44 -60.93 -75.32
N ASP JA 370 88.10 -60.25 -74.38
CA ASP JA 370 88.40 -58.83 -74.50
C ASP JA 370 89.78 -58.64 -75.14
N SER JA 371 90.23 -57.38 -75.21
CA SER JA 371 91.50 -57.07 -75.85
C SER JA 371 92.68 -57.70 -75.12
N LYS JA 372 92.67 -57.66 -73.80
CA LYS JA 372 93.75 -58.21 -72.98
C LYS JA 372 93.46 -59.64 -72.52
N SER JA 373 92.69 -60.40 -73.29
CA SER JA 373 92.36 -61.79 -72.99
C SER JA 373 91.66 -61.91 -71.64
N ARG JA 374 90.47 -61.30 -71.56
CA ARG JA 374 89.57 -61.47 -70.43
C ARG JA 374 88.28 -62.08 -70.94
N SER JA 375 87.81 -63.13 -70.26
CA SER JA 375 86.59 -63.81 -70.68
C SER JA 375 85.37 -62.90 -70.48
N TYR JA 376 84.50 -62.86 -71.49
CA TYR JA 376 83.21 -62.21 -71.37
C TYR JA 376 82.14 -63.12 -70.79
N ASN JA 377 82.49 -64.37 -70.44
CA ASN JA 377 81.55 -65.32 -69.82
C ASN JA 377 80.38 -65.64 -70.75
N VAL JA 378 80.67 -65.81 -72.05
CA VAL JA 378 79.61 -66.18 -72.99
C VAL JA 378 79.16 -67.62 -72.69
N LEU JA 379 77.87 -67.88 -72.91
CA LEU JA 379 77.26 -69.16 -72.58
C LEU JA 379 76.97 -69.95 -73.86
N GLU JA 380 76.29 -71.08 -73.69
CA GLU JA 380 75.84 -71.86 -74.83
C GLU JA 380 74.75 -71.09 -75.57
N ASP JA 381 74.52 -71.49 -76.83
CA ASP JA 381 73.62 -70.86 -77.78
C ASP JA 381 74.21 -69.55 -78.30
N LYS JA 382 75.33 -69.10 -77.73
CA LYS JA 382 76.15 -68.05 -78.31
C LYS JA 382 75.37 -66.77 -78.61
N ILE JA 383 74.41 -66.44 -77.74
CA ILE JA 383 73.67 -65.19 -77.84
C ILE JA 383 73.72 -64.39 -76.55
N ASN JA 384 73.53 -65.02 -75.40
CA ASN JA 384 73.45 -64.33 -74.13
C ASN JA 384 74.67 -64.62 -73.27
N THR JA 385 74.89 -63.74 -72.31
CA THR JA 385 76.01 -63.79 -71.38
C THR JA 385 75.50 -64.08 -69.97
N ALA JA 386 76.38 -64.60 -69.12
CA ALA JA 386 76.01 -64.95 -67.76
C ALA JA 386 75.63 -63.73 -66.91
N TYR JA 387 76.06 -62.53 -67.29
CA TYR JA 387 75.73 -61.33 -66.52
C TYR JA 387 74.23 -61.05 -66.59
N ARG JA 388 73.65 -60.66 -65.45
CA ARG JA 388 72.27 -60.21 -65.38
C ARG JA 388 72.22 -58.81 -64.77
N SER JA 389 71.20 -58.04 -65.14
CA SER JA 389 71.06 -56.67 -64.64
C SER JA 389 69.62 -56.40 -64.22
N TRP JA 390 69.47 -55.59 -63.17
CA TRP JA 390 68.15 -55.25 -62.65
C TRP JA 390 67.32 -54.48 -63.68
N TYR JA 391 67.95 -53.55 -64.39
CA TYR JA 391 67.20 -52.70 -65.31
C TYR JA 391 66.63 -53.51 -66.48
N LEU JA 392 67.41 -54.44 -67.03
CA LEU JA 392 66.92 -55.27 -68.13
C LEU JA 392 65.77 -56.16 -67.67
N SER JA 393 65.87 -56.72 -66.48
CA SER JA 393 64.80 -57.56 -65.96
C SER JA 393 63.54 -56.76 -65.66
N TYR JA 394 63.71 -55.52 -65.15
CA TYR JA 394 62.54 -54.69 -64.85
C TYR JA 394 61.79 -54.29 -66.11
N ASN JA 395 62.51 -53.97 -67.18
CA ASN JA 395 61.87 -53.42 -68.37
C ASN JA 395 61.54 -54.46 -69.43
N TYR JA 396 62.30 -55.55 -69.53
CA TYR JA 396 62.10 -56.53 -70.60
C TYR JA 396 61.69 -57.92 -70.11
N GLY JA 397 61.79 -58.20 -68.82
CA GLY JA 397 61.44 -59.51 -68.28
C GLY JA 397 59.95 -59.69 -68.16
N ASN JA 398 59.58 -60.77 -67.47
CA ASN JA 398 58.17 -61.12 -67.29
C ASN JA 398 57.51 -60.14 -66.32
N PRO JA 399 56.45 -59.44 -66.70
CA PRO JA 399 55.85 -58.45 -65.80
C PRO JA 399 55.31 -59.02 -64.51
N GLU JA 400 54.86 -60.28 -64.49
CA GLU JA 400 54.17 -60.83 -63.33
C GLU JA 400 55.01 -61.85 -62.56
N LYS JA 401 56.26 -62.07 -62.96
CA LYS JA 401 57.13 -63.00 -62.25
C LYS JA 401 58.54 -62.48 -62.00
N GLY JA 402 59.01 -61.49 -62.75
CA GLY JA 402 60.34 -60.97 -62.57
C GLY JA 402 60.43 -59.97 -61.43
N ILE JA 403 61.54 -59.23 -61.43
CA ILE JA 403 61.81 -58.27 -60.37
C ILE JA 403 60.80 -57.12 -60.36
N ARG JA 404 60.08 -56.91 -61.46
CA ARG JA 404 59.11 -55.82 -61.56
C ARG JA 404 57.89 -56.05 -60.69
N SER JA 405 57.64 -57.28 -60.24
CA SER JA 405 56.44 -57.56 -59.46
C SER JA 405 56.55 -57.08 -58.02
N TRP JA 406 57.76 -56.87 -57.49
CA TRP JA 406 57.88 -56.42 -56.11
C TRP JA 406 58.91 -55.30 -55.92
N THR JA 407 59.47 -54.73 -56.97
CA THR JA 407 60.30 -53.54 -56.87
C THR JA 407 59.75 -52.44 -57.77
N LEU JA 408 60.23 -51.21 -57.52
CA LEU JA 408 59.73 -50.02 -58.20
C LEU JA 408 60.90 -49.14 -58.60
N LEU JA 409 60.81 -48.55 -59.79
CA LEU JA 409 61.84 -47.67 -60.31
C LEU JA 409 61.47 -46.22 -60.02
N THR JA 410 62.39 -45.47 -59.39
CA THR JA 410 62.14 -44.09 -58.99
C THR JA 410 63.33 -43.21 -59.37
N THR JA 411 63.12 -41.90 -59.29
CA THR JA 411 64.22 -40.96 -59.54
C THR JA 411 65.25 -41.02 -58.42
N SER JA 412 66.51 -40.85 -58.77
CA SER JA 412 67.59 -40.88 -57.80
C SER JA 412 67.48 -39.72 -56.82
N ASP JA 413 67.67 -40.01 -55.54
CA ASP JA 413 67.58 -39.00 -54.48
C ASP JA 413 68.95 -38.89 -53.78
N VAL JA 414 69.68 -37.81 -54.09
CA VAL JA 414 71.06 -37.68 -53.63
C VAL JA 414 71.14 -37.49 -52.12
N THR JA 415 70.12 -36.89 -51.49
CA THR JA 415 70.17 -36.73 -50.04
C THR JA 415 69.99 -38.05 -49.29
N CYS JA 416 69.64 -39.12 -50.00
CA CYS JA 416 69.37 -40.46 -49.44
C CYS JA 416 68.10 -40.51 -48.62
N GLY JA 417 67.22 -39.51 -48.74
CA GLY JA 417 65.93 -39.53 -48.08
C GLY JA 417 65.94 -38.81 -46.75
N VAL JA 418 65.39 -37.63 -46.70
CA VAL JA 418 65.36 -36.85 -45.48
C VAL JA 418 64.08 -37.17 -44.72
N GLU JA 419 64.16 -37.13 -43.40
CA GLU JA 419 63.00 -37.34 -42.55
C GLU JA 419 62.80 -36.10 -41.68
N GLN JA 420 61.87 -36.20 -40.73
CA GLN JA 420 61.44 -35.06 -39.94
C GLN JA 420 62.31 -34.85 -38.71
N VAL JA 421 62.17 -33.68 -38.08
CA VAL JA 421 62.79 -33.35 -36.81
C VAL JA 421 61.73 -32.82 -35.85
N TYR JA 422 61.98 -32.97 -34.56
CA TYR JA 422 61.05 -32.59 -33.51
C TYR JA 422 61.69 -31.60 -32.54
N TRP JA 423 60.92 -30.59 -32.12
CA TRP JA 423 61.32 -29.60 -31.12
C TRP JA 423 60.71 -29.91 -29.76
N SER JA 424 61.47 -29.69 -28.69
CA SER JA 424 60.99 -29.83 -27.31
C SER JA 424 61.38 -28.61 -26.48
N LEU JA 425 60.44 -28.11 -25.69
CA LEU JA 425 60.70 -27.04 -24.72
C LEU JA 425 60.03 -27.39 -23.39
N PRO JA 426 60.58 -28.37 -22.66
CA PRO JA 426 59.83 -28.95 -21.52
C PRO JA 426 59.60 -27.99 -20.34
N ASP JA 427 60.41 -26.94 -20.18
CA ASP JA 427 60.22 -26.01 -19.07
C ASP JA 427 59.36 -24.80 -19.42
N MET JA 428 58.85 -24.70 -20.65
CA MET JA 428 58.08 -23.54 -21.04
C MET JA 428 56.65 -23.89 -21.45
N MET JA 429 56.45 -24.90 -22.28
CA MET JA 429 55.13 -25.28 -22.78
C MET JA 429 54.54 -26.40 -21.96
N GLN JA 430 53.21 -26.46 -21.93
CA GLN JA 430 52.51 -27.62 -21.38
C GLN JA 430 52.63 -28.82 -22.33
N ASP JA 431 52.59 -30.01 -21.76
CA ASP JA 431 52.69 -31.22 -22.57
C ASP JA 431 51.44 -31.40 -23.42
N PRO JA 432 51.58 -31.64 -24.72
CA PRO JA 432 50.40 -31.94 -25.56
C PRO JA 432 49.77 -33.28 -25.18
N VAL JA 433 48.53 -33.46 -25.65
CA VAL JA 433 47.67 -34.54 -25.17
C VAL JA 433 48.29 -35.91 -25.44
N THR JA 434 48.21 -36.79 -24.45
CA THR JA 434 48.69 -38.17 -24.33
C THR JA 434 50.20 -38.30 -24.07
N PHE JA 435 50.98 -37.23 -24.08
CA PHE JA 435 52.40 -37.31 -23.73
C PHE JA 435 52.56 -37.34 -22.21
N ARG JA 436 53.49 -38.18 -21.73
CA ARG JA 436 53.81 -38.25 -20.30
C ARG JA 436 54.93 -37.26 -19.94
N SER JA 437 54.84 -36.71 -18.73
CA SER JA 437 55.91 -35.88 -18.20
C SER JA 437 57.09 -36.75 -17.76
N THR JA 438 58.30 -36.33 -18.12
CA THR JA 438 59.47 -37.16 -17.85
C THR JA 438 60.73 -36.29 -17.91
N ARG JA 439 61.84 -36.87 -17.46
CA ARG JA 439 63.15 -36.24 -17.57
C ARG JA 439 64.12 -37.05 -18.42
N GLN JA 440 63.62 -38.02 -19.19
CA GLN JA 440 64.47 -38.76 -20.13
C GLN JA 440 64.48 -38.05 -21.48
N VAL JA 441 65.69 -37.81 -22.01
CA VAL JA 441 65.84 -36.97 -23.19
C VAL JA 441 65.17 -37.61 -24.40
N SER JA 442 65.33 -38.90 -24.58
CA SER JA 442 64.68 -39.55 -25.73
C SER JA 442 63.17 -39.68 -25.58
N ASN JA 443 62.51 -39.10 -24.57
CA ASN JA 443 61.06 -39.20 -24.46
C ASN JA 443 60.42 -37.86 -24.08
N TYR JA 444 61.07 -36.73 -24.36
CA TYR JA 444 60.47 -35.43 -24.10
C TYR JA 444 59.20 -35.25 -24.95
N PRO JA 445 58.20 -34.55 -24.41
CA PRO JA 445 57.02 -34.20 -25.24
C PRO JA 445 57.41 -33.29 -26.40
N VAL JA 446 56.70 -33.44 -27.51
CA VAL JA 446 57.03 -32.80 -28.77
C VAL JA 446 56.13 -31.58 -28.99
N VAL JA 447 56.74 -30.44 -29.29
CA VAL JA 447 56.01 -29.18 -29.43
C VAL JA 447 55.93 -28.70 -30.88
N GLY JA 448 56.70 -29.28 -31.79
CA GLY JA 448 56.60 -28.93 -33.20
C GLY JA 448 57.41 -29.87 -34.06
N ALA JA 449 57.11 -29.87 -35.37
CA ALA JA 449 57.77 -30.76 -36.31
C ALA JA 449 57.95 -30.07 -37.65
N GLU JA 450 58.99 -30.49 -38.38
CA GLU JA 450 59.29 -29.99 -39.71
C GLU JA 450 60.30 -30.93 -40.35
N LEU JA 451 60.65 -30.68 -41.62
CA LEU JA 451 61.65 -31.48 -42.29
C LEU JA 451 63.06 -31.03 -41.91
N MET JA 452 63.96 -31.99 -41.77
CA MET JA 452 65.37 -31.68 -41.66
C MET JA 452 65.80 -30.92 -42.92
N PRO JA 453 66.39 -29.74 -42.80
CA PRO JA 453 66.47 -28.80 -43.95
C PRO JA 453 67.63 -29.07 -44.89
N VAL JA 454 67.55 -30.18 -45.63
CA VAL JA 454 68.55 -30.57 -46.61
C VAL JA 454 67.82 -30.89 -47.91
N PHE JA 455 68.29 -30.31 -49.03
CA PHE JA 455 67.57 -30.39 -50.29
C PHE JA 455 68.52 -30.72 -51.44
N SER JA 456 67.92 -31.25 -52.50
CA SER JA 456 68.64 -31.58 -53.73
C SER JA 456 68.57 -30.42 -54.72
N LYS JA 457 69.66 -30.22 -55.47
CA LYS JA 457 69.73 -29.21 -56.52
C LYS JA 457 70.29 -29.82 -57.80
N SER JA 458 69.74 -29.42 -58.94
CA SER JA 458 70.09 -29.99 -60.24
C SER JA 458 70.98 -29.05 -61.05
N PHE JA 459 71.88 -29.65 -61.83
CA PHE JA 459 72.74 -28.93 -62.77
C PHE JA 459 72.77 -29.69 -64.08
N TYR JA 460 73.13 -28.97 -65.15
CA TYR JA 460 73.21 -29.54 -66.49
C TYR JA 460 74.67 -29.62 -66.93
N ASN JA 461 75.09 -30.79 -67.39
CA ASN JA 461 76.47 -31.00 -67.83
C ASN JA 461 76.54 -31.82 -69.12
N HIS JA 478 94.26 -43.71 -63.38
CA HIS JA 478 92.83 -43.68 -63.10
C HIS JA 478 92.42 -44.82 -62.18
N VAL JA 479 92.28 -44.52 -60.89
CA VAL JA 479 91.83 -45.52 -59.93
C VAL JA 479 90.37 -45.90 -60.16
N PHE JA 480 89.59 -45.04 -60.80
CA PHE JA 480 88.18 -45.30 -61.06
C PHE JA 480 87.94 -45.95 -62.42
N ASN JA 481 89.01 -46.34 -63.12
CA ASN JA 481 88.88 -47.07 -64.38
C ASN JA 481 90.09 -48.01 -64.48
N ARG JA 482 89.91 -49.24 -63.96
CA ARG JA 482 90.97 -50.24 -63.89
C ARG JA 482 90.89 -51.27 -65.00
N PHE JA 483 89.78 -51.32 -65.74
CA PHE JA 483 89.61 -52.23 -66.86
C PHE JA 483 89.09 -51.44 -68.05
N PRO JA 484 89.94 -50.56 -68.62
CA PRO JA 484 89.47 -49.71 -69.73
C PRO JA 484 89.00 -50.51 -70.93
N GLU JA 485 89.58 -51.67 -71.20
CA GLU JA 485 89.24 -52.41 -72.39
C GLU JA 485 87.91 -53.15 -72.27
N ASN JA 486 87.57 -53.62 -71.07
CA ASN JA 486 86.44 -54.53 -70.91
C ASN JA 486 85.12 -53.77 -71.03
N GLN JA 487 84.27 -54.20 -71.95
CA GLN JA 487 83.00 -53.51 -72.19
C GLN JA 487 82.04 -53.63 -71.02
N ILE JA 488 82.19 -54.64 -70.17
CA ILE JA 488 81.31 -54.78 -69.02
C ILE JA 488 81.84 -54.01 -67.82
N LEU JA 489 83.16 -53.99 -67.64
CA LEU JA 489 83.80 -53.38 -66.48
C LEU JA 489 84.30 -51.97 -66.75
N ILE JA 490 83.92 -51.38 -67.88
CA ILE JA 490 84.30 -49.99 -68.15
C ILE JA 490 83.61 -49.06 -67.15
N ARG JA 491 84.22 -47.90 -66.92
CA ARG JA 491 83.66 -46.90 -66.01
C ARG JA 491 82.33 -46.37 -66.56
N PRO JA 492 81.27 -46.32 -65.75
CA PRO JA 492 79.97 -45.95 -66.29
C PRO JA 492 79.97 -44.54 -66.82
N PRO JA 493 79.20 -44.26 -67.86
CA PRO JA 493 79.04 -42.88 -68.31
C PRO JA 493 78.28 -42.03 -67.30
N ALA JA 494 78.61 -40.73 -67.28
CA ALA JA 494 78.01 -39.78 -66.36
C ALA JA 494 76.70 -39.24 -66.91
N PRO JA 495 75.68 -39.04 -66.07
CA PRO JA 495 74.42 -38.49 -66.56
C PRO JA 495 74.57 -37.04 -67.00
N THR JA 496 73.70 -36.64 -67.92
CA THR JA 496 73.64 -35.25 -68.33
C THR JA 496 72.97 -34.37 -67.28
N ILE JA 497 72.35 -34.94 -66.25
CA ILE JA 497 71.77 -34.21 -65.12
C ILE JA 497 72.48 -34.67 -63.85
N THR JA 498 73.12 -33.73 -63.15
CA THR JA 498 73.82 -34.00 -61.91
C THR JA 498 73.09 -33.34 -60.74
N THR JA 499 72.98 -34.07 -59.63
CA THR JA 499 72.31 -33.56 -58.43
C THR JA 499 73.26 -33.60 -57.23
N VAL JA 500 73.21 -32.54 -56.42
CA VAL JA 500 74.00 -32.43 -55.20
C VAL JA 500 73.08 -31.92 -54.09
N SER JA 501 73.46 -32.23 -52.84
CA SER JA 501 72.64 -31.88 -51.68
C SER JA 501 73.15 -30.62 -51.01
N GLU JA 502 72.22 -29.80 -50.51
CA GLU JA 502 72.51 -28.49 -49.93
C GLU JA 502 71.79 -28.31 -48.59
N ASN JA 503 72.40 -27.50 -47.74
CA ASN JA 503 71.80 -27.08 -46.46
C ASN JA 503 71.25 -25.67 -46.61
N VAL JA 504 69.96 -25.48 -46.31
CA VAL JA 504 69.28 -24.21 -46.48
C VAL JA 504 68.66 -23.81 -45.14
N PRO JA 505 68.92 -22.61 -44.64
CA PRO JA 505 68.33 -22.22 -43.34
C PRO JA 505 66.82 -22.21 -43.38
N ALA JA 506 66.21 -22.68 -42.29
CA ALA JA 506 64.77 -22.92 -42.21
C ALA JA 506 64.15 -21.96 -41.19
N LEU JA 507 63.11 -21.25 -41.63
CA LEU JA 507 62.38 -20.28 -40.81
C LEU JA 507 60.94 -20.75 -40.73
N THR JA 508 60.47 -21.08 -39.52
CA THR JA 508 59.22 -21.81 -39.35
C THR JA 508 58.34 -21.16 -38.30
N ASP JA 509 57.04 -21.06 -38.62
CA ASP JA 509 56.01 -20.64 -37.69
C ASP JA 509 55.23 -21.87 -37.23
N HIS JA 510 55.27 -22.16 -35.94
CA HIS JA 510 54.64 -23.35 -35.38
C HIS JA 510 53.27 -23.09 -34.77
N GLY JA 511 52.74 -21.88 -34.84
CA GLY JA 511 51.45 -21.57 -34.24
C GLY JA 511 51.52 -21.33 -32.74
N THR JA 512 50.35 -21.33 -32.12
CA THR JA 512 50.19 -21.00 -30.70
C THR JA 512 50.00 -22.27 -29.87
N LEU JA 513 50.72 -22.36 -28.75
CA LEU JA 513 50.63 -23.47 -27.83
C LEU JA 513 50.41 -22.98 -26.39
N PRO JA 514 49.70 -23.75 -25.56
CA PRO JA 514 49.48 -23.33 -24.17
C PRO JA 514 50.77 -23.24 -23.37
N LEU JA 515 50.84 -22.20 -22.54
CA LEU JA 515 52.05 -21.79 -21.83
C LEU JA 515 51.87 -22.01 -20.33
N ARG JA 516 52.95 -22.38 -19.65
CA ARG JA 516 52.91 -22.49 -18.20
C ARG JA 516 52.82 -21.12 -17.54
N SER JA 517 52.12 -21.06 -16.41
CA SER JA 517 51.89 -19.79 -15.73
C SER JA 517 53.13 -19.24 -15.04
N SER JA 518 54.07 -20.10 -14.65
CA SER JA 518 55.30 -19.66 -14.01
C SER JA 518 56.49 -20.23 -14.78
N ILE JA 519 57.39 -19.36 -15.21
CA ILE JA 519 58.50 -19.71 -16.09
C ILE JA 519 59.80 -19.47 -15.32
N ARG JA 520 60.63 -20.50 -15.20
CA ARG JA 520 61.92 -20.38 -14.55
C ARG JA 520 62.93 -19.70 -15.45
N GLY JA 521 63.98 -19.15 -14.82
CA GLY JA 521 64.97 -18.37 -15.53
C GLY JA 521 65.89 -19.15 -16.45
N VAL JA 522 66.05 -20.45 -16.21
CA VAL JA 522 66.90 -21.30 -17.04
C VAL JA 522 66.00 -22.31 -17.76
N GLN JA 523 66.20 -22.44 -19.07
CA GLN JA 523 65.33 -23.23 -19.94
C GLN JA 523 66.15 -24.22 -20.77
N ARG JA 524 65.55 -25.37 -21.04
CA ARG JA 524 66.16 -26.41 -21.86
C ARG JA 524 65.57 -26.41 -23.27
N VAL JA 525 66.44 -26.54 -24.27
CA VAL JA 525 66.06 -26.59 -25.69
C VAL JA 525 66.62 -27.87 -26.30
N THR JA 526 65.78 -28.63 -27.00
CA THR JA 526 66.18 -29.92 -27.56
C THR JA 526 65.63 -30.11 -28.97
N VAL JA 527 66.44 -30.69 -29.84
CA VAL JA 527 66.06 -31.06 -31.21
C VAL JA 527 66.45 -32.52 -31.44
N THR JA 528 65.49 -33.36 -31.82
CA THR JA 528 65.72 -34.79 -32.05
C THR JA 528 65.13 -35.25 -33.38
N ASP JA 529 65.64 -36.39 -33.87
CA ASP JA 529 65.22 -36.96 -35.15
C ASP JA 529 64.07 -37.95 -34.95
N ALA JA 530 63.76 -38.70 -36.00
CA ALA JA 530 62.60 -39.60 -35.98
C ALA JA 530 62.77 -40.75 -34.99
N ARG JA 531 64.00 -41.20 -34.78
CA ARG JA 531 64.28 -42.23 -33.79
C ARG JA 531 64.56 -41.65 -32.41
N ARG JA 532 64.36 -40.34 -32.23
CA ARG JA 532 64.54 -39.64 -30.97
C ARG JA 532 65.99 -39.63 -30.50
N ARG JA 533 66.92 -39.48 -31.44
CA ARG JA 533 68.31 -39.16 -31.14
C ARG JA 533 68.55 -37.68 -31.41
N THR JA 534 69.47 -37.08 -30.66
CA THR JA 534 69.90 -35.73 -31.01
C THR JA 534 70.73 -35.74 -32.29
N CYS JA 535 70.73 -34.61 -32.99
CA CYS JA 535 71.42 -34.53 -34.27
C CYS JA 535 72.71 -33.73 -34.13
N PRO JA 536 73.87 -34.34 -34.34
CA PRO JA 536 75.14 -33.60 -34.21
C PRO JA 536 75.41 -32.58 -35.32
N TYR JA 537 74.58 -32.50 -36.35
CA TYR JA 537 74.83 -31.58 -37.44
C TYR JA 537 74.06 -30.26 -37.35
N VAL JA 538 73.33 -30.04 -36.26
CA VAL JA 538 72.75 -28.72 -35.98
C VAL JA 538 73.84 -27.84 -35.40
N TYR JA 539 74.03 -26.64 -35.96
CA TYR JA 539 74.96 -25.70 -35.35
C TYR JA 539 74.38 -24.31 -35.10
N LYS JA 540 73.09 -24.11 -35.31
CA LYS JA 540 72.42 -22.85 -34.97
C LYS JA 540 70.94 -23.12 -34.77
N ALA JA 541 70.42 -22.74 -33.61
CA ALA JA 541 69.01 -22.92 -33.29
C ALA JA 541 68.56 -21.80 -32.36
N LEU JA 542 67.50 -21.09 -32.76
CA LEU JA 542 66.94 -19.99 -31.98
C LEU JA 542 65.43 -20.13 -31.89
N GLY JA 543 64.88 -19.63 -30.80
CA GLY JA 543 63.44 -19.58 -30.62
C GLY JA 543 62.98 -18.23 -30.12
N ILE JA 544 61.80 -17.83 -30.58
CA ILE JA 544 61.16 -16.59 -30.16
C ILE JA 544 59.70 -16.89 -29.83
N VAL JA 545 59.27 -16.50 -28.64
CA VAL JA 545 57.93 -16.78 -28.15
C VAL JA 545 57.22 -15.47 -27.85
N ALA JA 546 55.95 -15.37 -28.26
CA ALA JA 546 55.12 -14.19 -28.01
C ALA JA 546 53.87 -14.56 -27.21
N PRO JA 547 53.86 -14.35 -25.90
CA PRO JA 547 52.69 -14.73 -25.10
C PRO JA 547 51.48 -13.84 -25.34
N ARG JA 548 50.29 -14.41 -25.12
CA ARG JA 548 49.04 -13.67 -25.14
C ARG JA 548 47.97 -14.47 -24.40
N VAL JA 549 46.88 -13.78 -24.05
CA VAL JA 549 45.79 -14.38 -23.28
C VAL JA 549 44.91 -15.21 -24.20
N LEU JA 550 44.58 -16.43 -23.75
CA LEU JA 550 43.68 -17.33 -24.48
C LEU JA 550 42.26 -17.35 -23.91
N SER JA 551 42.11 -17.53 -22.60
CA SER JA 551 40.79 -17.56 -22.00
C SER JA 551 40.89 -17.18 -20.53
N SER JA 552 39.73 -17.00 -19.91
CA SER JA 552 39.64 -16.58 -18.52
C SER JA 552 39.71 -17.77 -17.57
N ARG JA 553 40.21 -17.51 -16.37
CA ARG JA 553 40.25 -18.48 -15.26
C ARG JA 553 41.20 -19.63 -15.53
N ARG KA 48 2.06 -44.53 -13.99
CA ARG KA 48 1.02 -45.48 -13.60
C ARG KA 48 0.78 -46.54 -14.68
N ASN KA 49 1.87 -47.04 -15.28
CA ASN KA 49 1.73 -47.99 -16.38
C ASN KA 49 2.75 -49.13 -16.30
N SER KA 50 3.29 -49.43 -15.13
CA SER KA 50 4.31 -50.46 -15.01
C SER KA 50 3.68 -51.85 -14.81
N ILE KA 51 4.45 -52.86 -15.16
CA ILE KA 51 4.04 -54.27 -15.05
C ILE KA 51 5.15 -55.03 -14.33
N ARG KA 52 4.80 -55.70 -13.24
CA ARG KA 52 5.78 -56.28 -12.33
C ARG KA 52 5.54 -57.75 -12.07
N TYR KA 53 6.63 -58.50 -11.91
CA TYR KA 53 6.61 -59.93 -11.63
C TYR KA 53 7.17 -60.17 -10.24
N SER KA 54 6.45 -60.97 -9.44
CA SER KA 54 6.72 -61.03 -8.01
C SER KA 54 8.08 -61.63 -7.66
N GLU KA 55 8.75 -62.30 -8.59
CA GLU KA 55 10.07 -62.86 -8.28
C GLU KA 55 11.23 -61.91 -8.58
N LEU KA 56 10.96 -60.69 -9.03
CA LEU KA 56 12.00 -59.74 -9.38
C LEU KA 56 11.88 -58.48 -8.54
N SER KA 57 13.02 -57.89 -8.17
CA SER KA 57 13.08 -56.69 -7.35
C SER KA 57 14.40 -55.98 -7.55
N PRO KA 58 14.44 -54.65 -7.53
CA PRO KA 58 15.70 -53.93 -7.74
C PRO KA 58 16.53 -53.80 -6.48
N LEU KA 59 17.83 -53.50 -6.68
CA LEU KA 59 18.83 -53.52 -5.61
C LEU KA 59 19.30 -52.13 -5.24
N TYR KA 60 19.58 -51.94 -3.94
CA TYR KA 60 20.01 -50.65 -3.41
C TYR KA 60 21.07 -50.82 -2.31
N ASP KA 61 21.92 -49.80 -2.21
CA ASP KA 61 22.80 -49.44 -1.09
C ASP KA 61 24.05 -50.30 -0.84
N THR KA 62 24.06 -51.56 -1.25
CA THR KA 62 25.21 -52.45 -1.00
C THR KA 62 24.89 -53.83 -1.55
N THR KA 63 25.93 -54.61 -1.81
CA THR KA 63 25.83 -55.95 -2.36
C THR KA 63 27.20 -56.64 -2.19
N ARG KA 64 27.38 -57.79 -2.83
CA ARG KA 64 28.66 -58.51 -2.83
C ARG KA 64 29.08 -58.85 -4.25
N LEU KA 65 30.40 -58.80 -4.50
CA LEU KA 65 31.02 -59.29 -5.73
C LEU KA 65 32.06 -60.34 -5.36
N TYR KA 66 32.06 -61.47 -6.05
CA TYR KA 66 32.93 -62.60 -5.72
C TYR KA 66 33.94 -62.84 -6.84
N LEU KA 67 35.22 -62.96 -6.47
CA LEU KA 67 36.32 -63.19 -7.40
C LEU KA 67 36.93 -64.54 -7.06
N VAL KA 68 36.56 -65.57 -7.83
CA VAL KA 68 36.83 -66.96 -7.48
C VAL KA 68 37.65 -67.60 -8.59
N ASP KA 69 38.65 -68.39 -8.22
CA ASP KA 69 39.66 -68.88 -9.13
C ASP KA 69 39.38 -70.27 -9.70
N ASN KA 70 38.27 -70.92 -9.35
CA ASN KA 70 38.04 -72.30 -9.78
C ASN KA 70 36.60 -72.52 -10.24
N LYS KA 71 36.05 -71.58 -11.00
CA LYS KA 71 34.76 -71.82 -11.63
C LYS KA 71 34.93 -72.79 -12.80
N SER KA 72 33.96 -73.70 -12.96
CA SER KA 72 34.13 -74.81 -13.89
C SER KA 72 34.24 -74.32 -15.34
N ALA KA 73 33.38 -73.38 -15.74
CA ALA KA 73 33.40 -72.90 -17.13
C ALA KA 73 34.58 -71.99 -17.42
N ASP KA 74 35.02 -71.21 -16.44
CA ASP KA 74 36.16 -70.32 -16.65
C ASP KA 74 37.46 -71.09 -16.82
N ILE KA 75 37.55 -72.27 -16.21
CA ILE KA 75 38.76 -73.10 -16.35
C ILE KA 75 38.97 -73.49 -17.80
N ALA KA 76 37.90 -73.91 -18.48
CA ALA KA 76 38.03 -74.47 -19.82
C ALA KA 76 38.32 -73.39 -20.86
N SER KA 77 37.64 -72.24 -20.78
CA SER KA 77 37.64 -71.28 -21.87
C SER KA 77 38.44 -70.01 -21.62
N LEU KA 78 38.96 -69.79 -20.42
CA LEU KA 78 39.68 -68.54 -20.17
C LEU KA 78 41.13 -68.72 -19.78
N ASN KA 79 41.47 -69.73 -18.99
CA ASN KA 79 42.72 -69.76 -18.24
C ASN KA 79 43.62 -70.92 -18.64
N TYR KA 80 43.69 -71.21 -19.94
CA TYR KA 80 44.43 -72.37 -20.39
C TYR KA 80 45.94 -72.23 -20.15
N GLN KA 81 46.47 -71.02 -20.29
CA GLN KA 81 47.90 -70.77 -20.11
C GLN KA 81 48.24 -70.04 -18.83
N ASN KA 82 47.33 -69.95 -17.86
CA ASN KA 82 47.51 -69.15 -16.66
C ASN KA 82 47.78 -70.04 -15.44
N ASP KA 83 48.04 -69.40 -14.31
CA ASP KA 83 48.14 -70.08 -13.02
C ASP KA 83 47.46 -69.23 -11.95
N HIS KA 84 47.45 -69.74 -10.71
CA HIS KA 84 46.67 -69.11 -9.66
C HIS KA 84 47.23 -67.75 -9.21
N SER KA 85 48.44 -67.40 -9.63
CA SER KA 85 48.99 -66.09 -9.34
C SER KA 85 48.55 -65.02 -10.34
N ASN KA 86 48.02 -65.41 -11.52
CA ASN KA 86 47.63 -64.44 -12.54
C ASN KA 86 46.59 -65.09 -13.45
N PHE KA 87 45.30 -64.78 -13.24
CA PHE KA 87 44.23 -65.48 -13.93
C PHE KA 87 43.07 -64.53 -14.21
N LEU KA 88 42.10 -65.03 -14.98
CA LEU KA 88 40.88 -64.31 -15.32
C LEU KA 88 39.67 -65.01 -14.70
N THR KA 89 38.67 -64.24 -14.33
CA THR KA 89 37.45 -64.79 -13.76
C THR KA 89 36.26 -63.92 -14.12
N THR KA 90 35.06 -64.49 -14.00
CA THR KA 90 33.83 -63.78 -14.31
C THR KA 90 33.11 -63.40 -13.03
N VAL KA 91 32.70 -62.14 -12.91
CA VAL KA 91 31.91 -61.70 -11.77
C VAL KA 91 30.42 -61.83 -12.00
N VAL KA 92 29.99 -62.23 -13.20
CA VAL KA 92 28.59 -62.52 -13.48
C VAL KA 92 28.30 -63.95 -13.04
N GLN KA 93 27.34 -64.12 -12.13
CA GLN KA 93 27.02 -65.42 -11.54
C GLN KA 93 25.72 -66.01 -12.11
N ASN KA 94 25.46 -65.85 -13.40
CA ASN KA 94 24.21 -66.25 -14.05
C ASN KA 94 24.57 -67.25 -15.14
N ASN KA 95 24.16 -68.51 -14.97
CA ASN KA 95 24.57 -69.58 -15.87
C ASN KA 95 23.73 -69.66 -17.15
N ASP KA 96 22.88 -68.66 -17.42
CA ASP KA 96 22.25 -68.57 -18.73
C ASP KA 96 23.24 -68.14 -19.82
N PHE KA 97 24.46 -67.74 -19.45
CA PHE KA 97 25.44 -67.24 -20.39
C PHE KA 97 26.78 -67.94 -20.17
N THR KA 98 27.54 -68.08 -21.25
CA THR KA 98 28.91 -68.53 -21.18
C THR KA 98 29.83 -67.39 -20.76
N PRO KA 99 31.04 -67.69 -20.27
CA PRO KA 99 31.96 -66.61 -19.90
C PRO KA 99 32.30 -65.67 -21.04
N THR KA 100 32.40 -66.19 -22.27
CA THR KA 100 32.65 -65.33 -23.42
C THR KA 100 31.52 -64.32 -23.62
N GLU KA 101 30.27 -64.79 -23.52
CA GLU KA 101 29.13 -63.87 -23.60
C GLU KA 101 29.13 -62.90 -22.43
N ALA KA 102 29.49 -63.37 -21.23
CA ALA KA 102 29.47 -62.51 -20.05
C ALA KA 102 30.49 -61.38 -20.16
N SER KA 103 31.55 -61.56 -20.95
CA SER KA 103 32.61 -60.56 -20.99
C SER KA 103 32.12 -59.22 -21.50
N THR KA 104 31.07 -59.19 -22.31
CA THR KA 104 30.54 -57.95 -22.83
C THR KA 104 29.49 -57.29 -21.94
N GLN KA 105 29.03 -57.97 -20.90
CA GLN KA 105 28.01 -57.40 -20.00
C GLN KA 105 28.68 -56.51 -18.96
N THR KA 106 27.87 -55.68 -18.30
CA THR KA 106 28.38 -54.74 -17.30
C THR KA 106 27.48 -54.71 -16.07
N ILE KA 107 28.05 -54.27 -14.96
CA ILE KA 107 27.34 -53.92 -13.73
C ILE KA 107 27.56 -52.44 -13.48
N ASN KA 108 26.49 -51.71 -13.24
CA ASN KA 108 26.54 -50.25 -13.20
C ASN KA 108 26.09 -49.72 -11.84
N PHE KA 109 26.95 -48.94 -11.21
CA PHE KA 109 26.66 -48.26 -9.95
C PHE KA 109 26.30 -46.81 -10.25
N ASP KA 110 25.25 -46.31 -9.58
CA ASP KA 110 24.63 -45.04 -9.99
C ASP KA 110 25.64 -43.92 -10.13
N GLU KA 111 25.64 -43.28 -11.29
CA GLU KA 111 26.66 -42.30 -11.64
C GLU KA 111 26.52 -40.98 -10.88
N ARG KA 112 25.44 -40.77 -10.15
CA ARG KA 112 25.30 -39.58 -9.33
C ARG KA 112 25.98 -39.70 -7.97
N SER KA 113 26.67 -40.81 -7.70
CA SER KA 113 27.45 -41.00 -6.49
C SER KA 113 28.84 -41.50 -6.85
N ARG KA 114 29.78 -41.29 -5.94
CA ARG KA 114 31.09 -41.93 -6.00
C ARG KA 114 31.09 -43.12 -5.06
N TRP KA 115 31.58 -44.26 -5.53
CA TRP KA 115 31.47 -45.52 -4.80
C TRP KA 115 32.84 -46.02 -4.35
N GLY KA 116 32.85 -46.73 -3.22
CA GLY KA 116 34.03 -47.40 -2.75
C GLY KA 116 33.74 -48.86 -2.45
N GLY KA 117 34.81 -49.64 -2.36
CA GLY KA 117 34.68 -51.06 -2.10
C GLY KA 117 35.60 -51.59 -1.03
N GLN KA 118 35.03 -52.23 -0.02
CA GLN KA 118 35.81 -52.87 1.03
C GLN KA 118 36.27 -54.26 0.58
N LEU KA 119 37.57 -54.52 0.66
CA LEU KA 119 38.19 -55.70 0.09
C LEU KA 119 38.71 -56.65 1.16
N LYS KA 120 38.35 -57.92 1.06
CA LYS KA 120 38.88 -58.99 1.89
C LYS KA 120 39.44 -60.09 1.00
N THR KA 121 40.57 -60.66 1.39
CA THR KA 121 41.23 -61.68 0.58
C THR KA 121 41.55 -62.91 1.42
N ILE KA 122 41.66 -64.05 0.74
CA ILE KA 122 42.09 -65.32 1.31
C ILE KA 122 43.17 -65.91 0.41
N MET KA 123 44.31 -66.29 0.99
CA MET KA 123 45.44 -66.80 0.23
C MET KA 123 46.08 -67.99 0.93
N HIS KA 124 46.53 -68.97 0.16
CA HIS KA 124 47.24 -70.13 0.68
C HIS KA 124 48.39 -70.51 -0.25
N THR KA 125 49.54 -70.86 0.32
CA THR KA 125 50.76 -71.15 -0.43
C THR KA 125 51.32 -72.51 -0.05
N ASN KA 126 52.24 -73.01 -0.87
CA ASN KA 126 52.93 -74.27 -0.62
C ASN KA 126 54.42 -74.18 -0.97
N MET KA 127 55.08 -73.10 -0.52
CA MET KA 127 56.50 -72.86 -0.85
C MET KA 127 57.44 -73.66 0.04
N PRO KA 128 58.40 -74.39 -0.53
CA PRO KA 128 59.48 -74.98 0.27
C PRO KA 128 60.62 -73.99 0.49
N ASN KA 129 61.36 -74.20 1.59
CA ASN KA 129 62.32 -73.19 2.00
C ASN KA 129 63.61 -73.17 1.17
N VAL KA 130 63.99 -74.28 0.53
CA VAL KA 130 65.17 -74.32 -0.32
C VAL KA 130 64.71 -74.55 -1.75
N ASN KA 131 64.81 -73.51 -2.59
CA ASN KA 131 64.32 -73.59 -3.96
C ASN KA 131 65.08 -72.60 -4.83
N GLU KA 132 64.99 -72.81 -6.14
CA GLU KA 132 65.73 -71.99 -7.11
C GLU KA 132 65.13 -70.61 -7.32
N TYR KA 133 63.79 -70.52 -7.29
CA TYR KA 133 63.12 -69.27 -7.66
C TYR KA 133 63.44 -68.15 -6.69
N MET KA 134 63.68 -68.48 -5.42
CA MET KA 134 63.93 -67.48 -4.39
C MET KA 134 65.41 -67.32 -4.03
N PHE KA 135 66.30 -67.91 -4.82
CA PHE KA 135 67.76 -67.77 -4.65
C PHE KA 135 68.26 -68.32 -3.32
N SER KA 136 67.59 -69.33 -2.78
CA SER KA 136 68.05 -70.03 -1.59
C SER KA 136 68.67 -71.38 -1.93
N ASN KA 137 69.15 -71.52 -3.16
CA ASN KA 137 69.60 -72.78 -3.72
C ASN KA 137 71.10 -72.86 -3.92
N LYS KA 138 71.83 -71.76 -3.81
CA LYS KA 138 73.19 -71.70 -4.30
C LYS KA 138 74.02 -70.71 -3.49
N PHE KA 139 75.34 -70.90 -3.54
CA PHE KA 139 76.31 -69.97 -2.96
C PHE KA 139 77.63 -70.19 -3.68
N LYS KA 140 78.58 -69.28 -3.45
CA LYS KA 140 79.90 -69.33 -4.07
C LYS KA 140 81.00 -69.43 -3.01
N ALA KA 141 82.07 -70.13 -3.35
CA ALA KA 141 83.20 -70.30 -2.43
C ALA KA 141 84.48 -70.52 -3.23
N ARG KA 142 85.62 -70.30 -2.56
CA ARG KA 142 86.94 -70.47 -3.15
C ARG KA 142 87.68 -71.58 -2.41
N VAL KA 143 88.06 -72.63 -3.14
CA VAL KA 143 88.71 -73.80 -2.57
C VAL KA 143 90.00 -74.08 -3.34
N MET KA 144 90.75 -75.07 -2.87
CA MET KA 144 92.04 -75.43 -3.45
C MET KA 144 91.86 -76.51 -4.51
N VAL KA 145 92.43 -76.26 -5.69
CA VAL KA 145 92.29 -77.17 -6.82
C VAL KA 145 93.53 -78.02 -7.04
N SER KA 146 94.73 -77.52 -6.72
CA SER KA 146 95.95 -78.27 -6.96
C SER KA 146 96.97 -77.94 -5.89
N ARG KA 147 97.59 -78.98 -5.33
CA ARG KA 147 98.85 -78.84 -4.61
C ARG KA 147 99.99 -79.01 -5.62
N LYS KA 148 101.21 -79.16 -5.14
CA LYS KA 148 102.35 -79.34 -6.05
C LYS KA 148 102.29 -80.70 -6.75
N ASP KA 171 106.13 -76.33 -2.18
CA ASP KA 171 104.82 -76.63 -2.74
C ASP KA 171 104.10 -75.37 -3.20
N ILE KA 172 103.51 -75.43 -4.39
CA ILE KA 172 102.72 -74.32 -4.95
C ILE KA 172 101.26 -74.72 -4.94
N LEU KA 173 100.41 -73.83 -4.42
CA LEU KA 173 99.00 -74.10 -4.20
C LEU KA 173 98.15 -73.21 -5.10
N LYS KA 174 97.14 -73.79 -5.73
CA LYS KA 174 96.26 -73.08 -6.64
C LYS KA 174 94.83 -73.12 -6.11
N TYR KA 175 94.12 -72.00 -6.23
CA TYR KA 175 92.75 -71.86 -5.75
C TYR KA 175 91.87 -71.31 -6.87
N GLU KA 176 90.57 -71.57 -6.77
CA GLU KA 176 89.62 -71.12 -7.78
C GLU KA 176 88.23 -70.98 -7.16
N TRP KA 177 87.43 -70.12 -7.78
CA TRP KA 177 86.04 -69.90 -7.38
C TRP KA 177 85.10 -70.84 -8.11
N PHE KA 178 84.05 -71.29 -7.41
CA PHE KA 178 83.02 -72.13 -7.98
C PHE KA 178 81.67 -71.71 -7.43
N GLU KA 179 80.61 -72.15 -8.09
CA GLU KA 179 79.24 -72.00 -7.60
C GLU KA 179 78.67 -73.37 -7.29
N PHE KA 180 78.09 -73.51 -6.10
CA PHE KA 180 77.61 -74.77 -5.58
C PHE KA 180 76.09 -74.79 -5.54
N ILE KA 181 75.48 -75.93 -5.85
CA ILE KA 181 74.04 -76.07 -5.98
C ILE KA 181 73.55 -77.17 -5.04
N LEU KA 182 72.47 -76.90 -4.29
CA LEU KA 182 71.76 -77.81 -3.41
C LEU KA 182 70.51 -78.35 -4.09
N PRO KA 183 70.04 -79.53 -3.72
CA PRO KA 183 68.74 -80.00 -4.24
C PRO KA 183 67.58 -79.40 -3.45
N GLU KA 184 66.44 -79.30 -4.12
CA GLU KA 184 65.30 -78.56 -3.58
C GLU KA 184 64.46 -79.41 -2.62
N GLY KA 185 63.84 -78.73 -1.66
CA GLY KA 185 63.03 -79.39 -0.66
C GLY KA 185 62.80 -78.46 0.52
N ASN KA 186 62.10 -79.00 1.52
CA ASN KA 186 61.75 -78.26 2.73
C ASN KA 186 62.50 -78.89 3.90
N PHE KA 187 63.57 -78.23 4.35
CA PHE KA 187 64.51 -78.82 5.30
C PHE KA 187 64.64 -77.96 6.55
N SER KA 188 65.03 -78.61 7.65
CA SER KA 188 65.39 -77.86 8.84
C SER KA 188 66.77 -77.21 8.68
N ALA KA 189 67.11 -76.35 9.64
CA ALA KA 189 68.37 -75.61 9.54
C ALA KA 189 69.58 -76.52 9.64
N THR KA 190 69.55 -77.52 10.54
CA THR KA 190 70.67 -78.44 10.65
C THR KA 190 70.83 -79.28 9.39
N MET KA 191 69.72 -79.77 8.83
CA MET KA 191 69.79 -80.55 7.60
C MET KA 191 70.30 -79.71 6.44
N THR KA 192 69.97 -78.42 6.41
CA THR KA 192 70.48 -77.55 5.35
C THR KA 192 72.01 -77.40 5.42
N ILE KA 193 72.54 -77.27 6.64
CA ILE KA 193 73.99 -77.14 6.81
C ILE KA 193 74.71 -78.41 6.39
N ASP KA 194 74.11 -79.58 6.61
CA ASP KA 194 74.71 -80.81 6.12
C ASP KA 194 74.81 -80.83 4.60
N LEU KA 195 73.79 -80.31 3.92
CA LEU KA 195 73.80 -80.30 2.47
C LEU KA 195 74.87 -79.36 1.91
N MET KA 196 75.12 -78.24 2.59
CA MET KA 196 76.17 -77.33 2.15
C MET KA 196 77.55 -77.94 2.30
N ASN KA 197 77.81 -78.66 3.40
CA ASN KA 197 79.07 -79.37 3.54
C ASN KA 197 79.22 -80.45 2.47
N ASN KA 198 78.14 -81.17 2.19
CA ASN KA 198 78.18 -82.22 1.18
C ASN KA 198 78.50 -81.67 -0.20
N ALA KA 199 78.04 -80.47 -0.51
CA ALA KA 199 78.36 -79.85 -1.80
C ALA KA 199 79.84 -79.54 -1.92
N ILE KA 200 80.46 -79.06 -0.84
CA ILE KA 200 81.89 -78.77 -0.86
C ILE KA 200 82.68 -80.05 -1.12
N ILE KA 201 82.32 -81.14 -0.45
CA ILE KA 201 83.08 -82.38 -0.54
C ILE KA 201 82.96 -83.00 -1.93
N ASP KA 202 81.79 -82.90 -2.56
CA ASP KA 202 81.63 -83.44 -3.91
C ASP KA 202 82.51 -82.71 -4.92
N ASN KA 203 82.89 -81.46 -4.64
CA ASN KA 203 83.88 -80.77 -5.47
C ASN KA 203 85.28 -81.31 -5.24
N TYR KA 204 85.58 -81.73 -4.00
CA TYR KA 204 86.90 -82.28 -3.70
C TYR KA 204 87.06 -83.70 -4.24
N LEU KA 205 85.96 -84.39 -4.55
CA LEU KA 205 86.06 -85.73 -5.12
C LEU KA 205 86.12 -85.72 -6.64
N GLU KA 206 85.61 -84.67 -7.29
CA GLU KA 206 85.61 -84.56 -8.74
C GLU KA 206 86.85 -83.85 -9.27
N ILE KA 207 87.27 -82.80 -8.59
CA ILE KA 207 88.53 -82.09 -8.84
C ILE KA 207 89.30 -82.27 -7.54
N GLY KA 208 90.49 -81.69 -7.44
CA GLY KA 208 91.10 -81.74 -6.13
C GLY KA 208 91.81 -83.05 -5.90
N ARG KA 209 91.12 -83.98 -5.22
CA ARG KA 209 91.68 -85.27 -4.83
C ARG KA 209 92.57 -85.91 -5.90
N GLN KA 210 92.13 -85.86 -7.16
CA GLN KA 210 92.93 -86.42 -8.24
C GLN KA 210 94.08 -85.51 -8.67
N ASN KA 211 94.24 -84.35 -8.06
CA ASN KA 211 95.33 -83.44 -8.37
C ASN KA 211 96.21 -83.15 -7.16
N GLY KA 212 96.23 -84.04 -6.18
CA GLY KA 212 97.21 -84.00 -5.13
C GLY KA 212 96.83 -83.31 -3.83
N VAL KA 213 95.59 -82.88 -3.66
CA VAL KA 213 95.17 -82.28 -2.40
C VAL KA 213 94.76 -83.39 -1.45
N LEU KA 214 95.10 -83.21 -0.18
CA LEU KA 214 94.80 -84.21 0.84
C LEU KA 214 93.51 -83.87 1.56
N GLU KA 215 92.97 -84.86 2.28
CA GLU KA 215 91.79 -84.60 3.11
C GLU KA 215 92.23 -83.99 4.43
N SER KA 216 93.10 -82.99 4.36
CA SER KA 216 93.46 -82.15 5.50
C SER KA 216 93.66 -80.71 5.07
N ASP KA 217 93.37 -80.37 3.81
CA ASP KA 217 93.47 -79.01 3.29
C ASP KA 217 92.18 -78.58 2.59
N ILE KA 218 91.03 -79.13 2.99
CA ILE KA 218 89.76 -78.82 2.34
C ILE KA 218 89.52 -77.32 2.33
N GLY KA 219 89.41 -76.72 3.51
CA GLY KA 219 89.48 -75.27 3.61
C GLY KA 219 88.18 -74.50 3.79
N VAL KA 220 87.03 -75.15 3.66
CA VAL KA 220 85.73 -74.51 3.91
C VAL KA 220 84.84 -75.50 4.63
N LYS KA 221 84.36 -75.14 5.82
CA LYS KA 221 83.44 -75.99 6.56
C LYS KA 221 82.46 -75.12 7.35
N PHE KA 222 81.22 -75.58 7.45
CA PHE KA 222 80.17 -74.92 8.23
C PHE KA 222 79.94 -75.71 9.52
N ASP KA 223 80.08 -75.05 10.67
CA ASP KA 223 80.04 -75.72 11.96
C ASP KA 223 79.06 -75.01 12.90
N THR KA 224 78.94 -75.52 14.12
CA THR KA 224 78.10 -74.92 15.15
C THR KA 224 78.78 -74.79 16.51
N ARG KA 225 80.03 -75.22 16.66
CA ARG KA 225 80.64 -75.35 17.98
C ARG KA 225 81.35 -74.06 18.41
N ASN KA 226 81.56 -73.95 19.71
CA ASN KA 226 82.37 -72.88 20.30
C ASN KA 226 83.74 -73.47 20.59
N PHE KA 227 84.66 -73.32 19.64
CA PHE KA 227 86.02 -73.73 19.89
C PHE KA 227 86.63 -72.84 20.97
N ARG KA 228 87.66 -73.35 21.63
CA ARG KA 228 88.35 -72.72 22.77
C ARG KA 228 87.50 -72.63 24.03
N LEU KA 229 86.46 -73.45 24.17
CA LEU KA 229 85.68 -73.46 25.39
C LEU KA 229 86.50 -73.92 26.59
N GLY KA 230 87.16 -75.07 26.47
CA GLY KA 230 87.94 -75.60 27.58
C GLY KA 230 89.38 -75.11 27.63
N TRP KA 231 89.61 -73.90 27.13
CA TRP KA 231 90.95 -73.33 27.03
C TRP KA 231 91.51 -73.01 28.41
N ASP KA 232 92.83 -73.16 28.54
CA ASP KA 232 93.51 -72.91 29.81
C ASP KA 232 94.44 -71.73 29.68
N PRO KA 233 94.39 -70.76 30.61
CA PRO KA 233 95.17 -69.53 30.42
C PRO KA 233 96.66 -69.71 30.59
N GLU KA 234 97.12 -70.81 31.19
CA GLU KA 234 98.56 -71.04 31.37
C GLU KA 234 99.15 -71.84 30.23
N THR KA 235 98.62 -73.04 29.99
CA THR KA 235 99.13 -73.89 28.92
C THR KA 235 98.66 -73.44 27.54
N LYS KA 236 97.58 -72.64 27.47
CA LYS KA 236 97.05 -72.12 26.21
C LYS KA 236 96.71 -73.24 25.22
N LEU KA 237 96.15 -74.34 25.75
CA LEU KA 237 95.70 -75.44 24.92
C LEU KA 237 94.37 -75.95 25.48
N ILE KA 238 93.64 -76.68 24.64
CA ILE KA 238 92.36 -77.26 25.04
C ILE KA 238 92.68 -78.50 25.88
N MET KA 239 92.60 -78.36 27.20
CA MET KA 239 93.05 -79.42 28.10
C MET KA 239 92.33 -80.76 27.92
N PRO KA 240 91.00 -80.82 27.72
CA PRO KA 240 90.36 -82.14 27.58
C PRO KA 240 90.85 -82.96 26.40
N GLY KA 241 91.47 -82.35 25.40
CA GLY KA 241 91.91 -83.06 24.22
C GLY KA 241 90.87 -83.20 23.13
N VAL KA 242 89.62 -82.80 23.39
CA VAL KA 242 88.58 -82.74 22.37
C VAL KA 242 87.79 -81.45 22.57
N TYR KA 243 87.41 -80.82 21.47
CA TYR KA 243 86.57 -79.63 21.53
C TYR KA 243 85.19 -79.99 22.08
N THR KA 244 84.60 -79.05 22.82
CA THR KA 244 83.29 -79.28 23.41
C THR KA 244 82.24 -79.51 22.32
N TYR KA 245 81.48 -80.59 22.46
CA TYR KA 245 80.55 -81.04 21.42
C TYR KA 245 79.13 -80.52 21.67
N GLU KA 246 79.00 -79.19 21.75
CA GLU KA 246 77.71 -78.53 21.97
C GLU KA 246 77.50 -77.45 20.92
N ALA KA 247 76.23 -77.25 20.56
CA ALA KA 247 75.86 -76.29 19.53
C ALA KA 247 75.60 -74.92 20.15
N PHE KA 248 76.19 -73.89 19.56
CA PHE KA 248 76.02 -72.51 20.04
C PHE KA 248 75.38 -71.60 19.01
N HIS KA 249 75.90 -71.57 17.78
CA HIS KA 249 75.47 -70.69 16.71
C HIS KA 249 76.20 -71.13 15.44
N PRO KA 250 75.55 -71.11 14.27
CA PRO KA 250 76.24 -71.52 13.04
C PRO KA 250 77.45 -70.65 12.75
N ASP KA 251 78.48 -71.28 12.17
CA ASP KA 251 79.81 -70.71 12.09
C ASP KA 251 80.47 -71.11 10.77
N ILE KA 252 81.48 -70.34 10.37
CA ILE KA 252 82.25 -70.56 9.16
C ILE KA 252 83.72 -70.74 9.55
N VAL KA 253 84.33 -71.83 9.06
CA VAL KA 253 85.73 -72.15 9.36
C VAL KA 253 86.52 -72.15 8.06
N LEU KA 254 87.66 -71.44 8.05
CA LEU KA 254 88.44 -71.21 6.85
C LEU KA 254 89.92 -71.53 7.04
N LEU KA 255 90.58 -71.94 5.95
CA LEU KA 255 92.00 -72.11 5.78
C LEU KA 255 92.56 -70.98 4.92
N PRO KA 256 93.87 -70.73 4.95
CA PRO KA 256 94.42 -69.61 4.16
C PRO KA 256 94.15 -69.78 2.68
N GLY KA 257 93.85 -68.68 2.02
CA GLY KA 257 93.55 -68.67 0.60
C GLY KA 257 92.11 -68.94 0.22
N CYS KA 258 91.22 -69.21 1.17
CA CYS KA 258 89.84 -69.58 0.88
C CYS KA 258 88.89 -68.45 1.28
N GLY KA 259 87.61 -68.64 0.98
CA GLY KA 259 86.59 -67.66 1.32
C GLY KA 259 85.24 -68.07 0.77
N VAL KA 260 84.21 -67.36 1.23
CA VAL KA 260 82.84 -67.56 0.77
C VAL KA 260 82.25 -66.22 0.35
N ASP KA 261 81.28 -66.25 -0.56
CA ASP KA 261 80.67 -65.05 -1.11
C ASP KA 261 79.17 -65.24 -1.19
N PHE KA 262 78.41 -64.36 -0.51
CA PHE KA 262 76.95 -64.47 -0.43
C PHE KA 262 76.25 -63.36 -1.19
N THR KA 263 76.89 -62.79 -2.22
CA THR KA 263 76.29 -61.66 -2.93
C THR KA 263 74.98 -62.05 -3.61
N GLU KA 264 74.91 -63.27 -4.15
CA GLU KA 264 73.73 -63.70 -4.89
C GLU KA 264 73.07 -64.89 -4.20
N SER KA 265 72.89 -64.81 -2.89
CA SER KA 265 72.39 -65.92 -2.10
C SER KA 265 71.65 -65.39 -0.88
N ARG KA 266 70.64 -66.15 -0.44
CA ARG KA 266 69.91 -65.81 0.77
C ARG KA 266 70.22 -66.75 1.92
N LEU KA 267 71.24 -67.59 1.78
CA LEU KA 267 71.60 -68.55 2.82
C LEU KA 267 72.34 -67.91 4.00
N SER KA 268 72.79 -66.66 3.86
CA SER KA 268 73.37 -65.98 5.01
C SER KA 268 72.34 -65.66 6.09
N ASN KA 269 71.07 -65.50 5.72
CA ASN KA 269 70.01 -65.30 6.71
C ASN KA 269 69.79 -66.56 7.54
N LEU KA 270 69.87 -67.73 6.91
CA LEU KA 270 69.73 -68.98 7.65
C LEU KA 270 70.91 -69.21 8.60
N LEU KA 271 72.09 -68.69 8.27
CA LEU KA 271 73.25 -68.83 9.14
C LEU KA 271 73.26 -67.83 10.28
N GLY KA 272 72.44 -66.78 10.23
CA GLY KA 272 72.47 -65.78 11.26
C GLY KA 272 73.67 -64.85 11.23
N ILE KA 273 74.19 -64.56 10.05
CA ILE KA 273 75.30 -63.63 9.87
C ILE KA 273 74.84 -62.56 8.87
N ARG KA 274 74.85 -61.30 9.30
CA ARG KA 274 74.36 -60.19 8.49
C ARG KA 274 75.33 -59.01 8.54
N LYS KA 275 75.15 -58.09 7.61
CA LYS KA 275 75.97 -56.88 7.51
C LYS KA 275 75.35 -55.72 8.28
N ARG KA 276 76.21 -54.94 8.95
CA ARG KA 276 75.73 -53.75 9.66
C ARG KA 276 75.31 -52.63 8.70
N HIS KA 277 75.73 -52.69 7.44
CA HIS KA 277 75.30 -51.75 6.41
C HIS KA 277 74.64 -52.57 5.31
N PRO KA 278 73.36 -52.94 5.50
CA PRO KA 278 72.74 -53.94 4.61
C PRO KA 278 72.40 -53.42 3.23
N PHE KA 279 72.50 -52.11 2.98
CA PHE KA 279 72.20 -51.57 1.66
C PHE KA 279 73.43 -51.42 0.76
N GLN KA 280 74.61 -51.81 1.24
CA GLN KA 280 75.83 -51.78 0.43
C GLN KA 280 76.00 -53.13 -0.26
N GLU KA 281 76.13 -53.11 -1.58
CA GLU KA 281 76.17 -54.34 -2.36
C GLU KA 281 77.46 -55.12 -2.08
N GLY KA 282 77.36 -56.44 -2.08
CA GLY KA 282 78.51 -57.30 -1.90
C GLY KA 282 78.70 -57.84 -0.50
N PHE KA 283 78.87 -59.15 -0.37
CA PHE KA 283 79.04 -59.80 0.92
C PHE KA 283 80.06 -60.94 0.75
N LYS KA 284 81.33 -60.65 1.06
CA LYS KA 284 82.39 -61.63 0.96
C LYS KA 284 83.15 -61.70 2.27
N ILE KA 285 83.50 -62.92 2.69
CA ILE KA 285 84.28 -63.15 3.90
C ILE KA 285 85.47 -64.03 3.54
N MET KA 286 86.68 -63.48 3.66
CA MET KA 286 87.91 -64.16 3.30
C MET KA 286 88.74 -64.47 4.54
N TYR KA 287 89.78 -65.28 4.35
CA TYR KA 287 90.62 -65.69 5.47
C TYR KA 287 91.31 -64.50 6.12
N GLU KA 288 91.63 -63.46 5.34
CA GLU KA 288 92.30 -62.29 5.90
C GLU KA 288 91.38 -61.42 6.75
N ASP KA 289 90.07 -61.59 6.64
CA ASP KA 289 89.14 -60.79 7.42
C ASP KA 289 88.84 -61.39 8.80
N LEU KA 290 89.29 -62.61 9.07
CA LEU KA 290 89.01 -63.29 10.33
C LEU KA 290 90.17 -63.22 11.32
N GLU KA 291 90.89 -62.11 11.34
CA GLU KA 291 92.05 -61.98 12.21
C GLU KA 291 91.64 -62.11 13.67
N GLY KA 292 92.47 -62.81 14.45
CA GLY KA 292 92.20 -63.07 15.84
C GLY KA 292 91.33 -64.27 16.13
N GLY KA 293 90.91 -64.99 15.10
CA GLY KA 293 90.00 -66.10 15.29
C GLY KA 293 90.61 -67.48 15.09
N ASN KA 294 91.91 -67.60 15.24
CA ASN KA 294 92.57 -68.89 15.07
C ASN KA 294 92.09 -69.88 16.14
N ILE KA 295 91.87 -71.12 15.72
CA ILE KA 295 91.36 -72.16 16.61
C ILE KA 295 92.52 -72.74 17.41
N PRO KA 296 92.48 -72.71 18.73
CA PRO KA 296 93.60 -73.23 19.53
C PRO KA 296 93.80 -74.72 19.30
N ALA KA 297 95.06 -75.13 19.30
CA ALA KA 297 95.42 -76.52 19.03
C ALA KA 297 95.13 -77.41 20.23
N LEU KA 298 94.92 -78.69 19.94
CA LEU KA 298 94.77 -79.75 20.94
C LEU KA 298 93.91 -79.36 22.12
N ILE KA 364 103.07 -81.89 27.88
CA ILE KA 364 102.57 -80.57 27.50
C ILE KA 364 102.98 -80.22 26.08
N GLN KA 365 102.40 -80.92 25.10
CA GLN KA 365 102.66 -80.65 23.70
C GLN KA 365 101.38 -80.81 22.90
N PRO KA 366 101.17 -80.02 21.85
CA PRO KA 366 99.95 -80.16 21.06
C PRO KA 366 99.95 -81.44 20.24
N LEU KA 367 98.77 -82.00 20.03
CA LEU KA 367 98.63 -83.11 19.10
C LEU KA 367 98.78 -82.60 17.68
N GLU KA 368 99.58 -83.29 16.87
CA GLU KA 368 99.90 -82.82 15.53
C GLU KA 368 99.20 -83.59 14.43
N LYS KA 369 98.53 -84.70 14.74
CA LYS KA 369 97.89 -85.51 13.71
C LYS KA 369 96.73 -86.27 14.33
N ASP KA 370 95.86 -86.77 13.45
CA ASP KA 370 94.64 -87.47 13.87
C ASP KA 370 94.90 -88.97 13.97
N SER KA 371 93.84 -89.74 14.24
CA SER KA 371 94.00 -91.18 14.42
C SER KA 371 94.47 -91.86 13.15
N LYS KA 372 93.92 -91.47 11.99
CA LYS KA 372 94.27 -92.06 10.71
C LYS KA 372 95.35 -91.28 9.98
N SER KA 373 96.23 -90.60 10.72
CA SER KA 373 97.35 -89.83 10.16
C SER KA 373 96.84 -88.75 9.21
N ARG KA 374 96.09 -87.80 9.77
CA ARG KA 374 95.69 -86.59 9.08
C ARG KA 374 96.25 -85.40 9.83
N SER KA 375 96.88 -84.48 9.09
CA SER KA 375 97.47 -83.31 9.71
C SER KA 375 96.41 -82.38 10.28
N TYR KA 376 96.63 -81.90 11.49
CA TYR KA 376 95.80 -80.86 12.09
C TYR KA 376 96.26 -79.46 11.69
N ASN KA 377 97.32 -79.34 10.88
CA ASN KA 377 97.82 -78.04 10.42
C ASN KA 377 98.29 -77.16 11.58
N VAL KA 378 98.97 -77.77 12.55
CA VAL KA 378 99.53 -76.99 13.66
C VAL KA 378 100.66 -76.11 13.13
N LEU KA 379 100.80 -74.92 13.73
CA LEU KA 379 101.75 -73.91 13.30
C LEU KA 379 102.93 -73.83 14.28
N GLU KA 380 103.79 -72.85 14.03
CA GLU KA 380 104.87 -72.57 14.98
C GLU KA 380 104.29 -72.00 16.27
N ASP KA 381 105.10 -72.07 17.33
CA ASP KA 381 104.75 -71.70 18.70
C ASP KA 381 103.84 -72.75 19.33
N LYS KA 382 103.38 -73.72 18.54
CA LYS KA 382 102.75 -74.94 19.06
C LYS KA 382 101.58 -74.65 20.00
N ILE KA 383 100.81 -73.60 19.70
CA ILE KA 383 99.61 -73.29 20.45
C ILE KA 383 98.38 -73.17 19.54
N ASN KA 384 98.51 -72.47 18.42
CA ASN KA 384 97.38 -72.20 17.55
C ASN KA 384 97.50 -72.99 16.25
N THR KA 385 96.35 -73.13 15.58
CA THR KA 385 96.21 -73.85 14.34
C THR KA 385 95.86 -72.88 13.22
N ALA KA 386 96.15 -73.29 11.97
CA ALA KA 386 95.90 -72.44 10.82
C ALA KA 386 94.41 -72.17 10.59
N TYR KA 387 93.52 -73.00 11.13
CA TYR KA 387 92.08 -72.78 10.94
C TYR KA 387 91.64 -71.52 11.65
N ARG KA 388 90.77 -70.75 10.99
CA ARG KA 388 90.13 -69.58 11.59
C ARG KA 388 88.61 -69.73 11.50
N SER KA 389 87.91 -69.11 12.44
CA SER KA 389 86.45 -69.20 12.46
C SER KA 389 85.82 -67.84 12.73
N TRP KA 390 84.66 -67.60 12.11
CA TRP KA 390 83.97 -66.32 12.26
C TRP KA 390 83.53 -66.08 13.70
N TYR KA 391 83.04 -67.13 14.38
CA TYR KA 391 82.51 -66.95 15.72
C TYR KA 391 83.61 -66.57 16.71
N LEU KA 392 84.78 -67.20 16.61
CA LEU KA 392 85.88 -66.85 17.51
C LEU KA 392 86.35 -65.43 17.28
N SER KA 393 86.43 -65.01 16.02
CA SER KA 393 86.85 -63.65 15.72
C SER KA 393 85.82 -62.62 16.18
N TYR KA 394 84.53 -62.94 16.05
CA TYR KA 394 83.48 -62.02 16.47
C TYR KA 394 83.49 -61.82 17.98
N ASN KA 395 83.70 -62.89 18.74
CA ASN KA 395 83.56 -62.81 20.20
C ASN KA 395 84.87 -62.54 20.93
N TYR KA 396 86.01 -62.97 20.40
CA TYR KA 396 87.28 -62.85 21.11
C TYR KA 396 88.31 -61.96 20.42
N GLY KA 397 88.08 -61.58 19.17
CA GLY KA 397 89.02 -60.75 18.44
C GLY KA 397 88.94 -59.30 18.84
N ASN KA 398 89.60 -58.46 18.05
CA ASN KA 398 89.65 -57.02 18.31
C ASN KA 398 88.30 -56.39 18.01
N PRO KA 399 87.66 -55.72 18.96
CA PRO KA 399 86.31 -55.16 18.71
C PRO KA 399 86.27 -54.13 17.60
N GLU KA 400 87.36 -53.38 17.38
CA GLU KA 400 87.32 -52.25 16.46
C GLU KA 400 88.07 -52.51 15.16
N LYS KA 401 88.62 -53.71 14.96
CA LYS KA 401 89.32 -54.04 13.73
C LYS KA 401 88.94 -55.39 13.14
N GLY KA 402 88.40 -56.32 13.92
CA GLY KA 402 88.05 -57.62 13.42
C GLY KA 402 86.71 -57.64 12.68
N ILE KA 403 86.19 -58.84 12.48
CA ILE KA 403 84.95 -59.03 11.75
C ILE KA 403 83.76 -58.41 12.47
N ARG KA 404 83.87 -58.15 13.78
CA ARG KA 404 82.78 -57.58 14.55
C ARG KA 404 82.49 -56.13 14.18
N SER KA 405 83.40 -55.44 13.51
CA SER KA 405 83.18 -54.04 13.21
C SER KA 405 82.22 -53.82 12.05
N TRP KA 406 82.00 -54.82 11.19
CA TRP KA 406 81.08 -54.65 10.07
C TRP KA 406 80.14 -55.82 9.85
N THR KA 407 80.09 -56.81 10.74
CA THR KA 407 79.08 -57.86 10.69
C THR KA 407 78.34 -57.93 12.02
N LEU KA 408 77.20 -58.62 11.99
CA LEU KA 408 76.30 -58.69 13.13
C LEU KA 408 75.79 -60.11 13.30
N LEU KA 409 75.70 -60.55 14.56
CA LEU KA 409 75.24 -61.90 14.90
C LEU KA 409 73.75 -61.85 15.22
N THR KA 410 72.96 -62.70 14.56
CA THR KA 410 71.51 -62.72 14.71
C THR KA 410 71.03 -64.16 14.86
N THR KA 411 69.76 -64.31 15.27
CA THR KA 411 69.15 -65.64 15.35
C THR KA 411 68.94 -66.21 13.96
N SER KA 412 69.10 -67.53 13.85
CA SER KA 412 68.91 -68.21 12.57
C SER KA 412 67.47 -68.13 12.12
N ASP KA 413 67.27 -67.83 10.83
CA ASP KA 413 65.93 -67.71 10.25
C ASP KA 413 65.77 -68.77 9.16
N VAL KA 414 65.00 -69.83 9.47
CA VAL KA 414 64.91 -70.98 8.59
C VAL KA 414 64.17 -70.66 7.29
N THR KA 415 63.25 -69.70 7.30
CA THR KA 415 62.55 -69.34 6.06
C THR KA 415 63.44 -68.60 5.08
N CYS KA 416 64.65 -68.20 5.51
CA CYS KA 416 65.62 -67.43 4.72
C CYS KA 416 65.17 -66.00 4.47
N GLY KA 417 64.18 -65.50 5.20
CA GLY KA 417 63.77 -64.12 5.11
C GLY KA 417 62.60 -63.92 4.16
N VAL KA 418 61.43 -63.71 4.69
CA VAL KA 418 60.23 -63.53 3.86
C VAL KA 418 60.07 -62.05 3.59
N GLU KA 419 59.54 -61.73 2.41
CA GLU KA 419 59.24 -60.35 2.04
C GLU KA 419 57.75 -60.24 1.74
N GLN KA 420 57.35 -59.08 1.23
CA GLN KA 420 55.94 -58.75 1.05
C GLN KA 420 55.41 -59.23 -0.31
N VAL KA 421 54.08 -59.22 -0.44
CA VAL KA 421 53.39 -59.50 -1.69
C VAL KA 421 52.39 -58.39 -1.96
N TYR KA 422 52.07 -58.18 -3.24
CA TYR KA 422 51.20 -57.12 -3.69
C TYR KA 422 50.01 -57.68 -4.47
N TRP KA 423 48.82 -57.11 -4.24
CA TRP KA 423 47.60 -57.45 -4.98
C TRP KA 423 47.28 -56.39 -6.03
N SER KA 424 46.78 -56.83 -7.18
CA SER KA 424 46.31 -55.93 -8.24
C SER KA 424 44.94 -56.37 -8.76
N LEU KA 425 44.05 -55.40 -8.95
CA LEU KA 425 42.74 -55.62 -9.57
C LEU KA 425 42.47 -54.52 -10.58
N PRO KA 426 43.16 -54.54 -11.72
CA PRO KA 426 43.15 -53.36 -12.61
C PRO KA 426 41.80 -53.05 -13.26
N ASP KA 427 40.89 -54.01 -13.39
CA ASP KA 427 39.60 -53.77 -14.01
C ASP KA 427 38.50 -53.40 -13.01
N MET KA 428 38.80 -53.35 -11.72
CA MET KA 428 37.78 -53.07 -10.72
C MET KA 428 38.03 -51.79 -9.94
N MET KA 429 39.25 -51.58 -9.45
CA MET KA 429 39.59 -50.43 -8.63
C MET KA 429 40.23 -49.33 -9.46
N GLN KA 430 40.07 -48.09 -8.99
CA GLN KA 430 40.83 -46.98 -9.57
C GLN KA 430 42.30 -47.05 -9.13
N ASP KA 431 43.17 -46.52 -9.98
CA ASP KA 431 44.61 -46.53 -9.68
C ASP KA 431 44.90 -45.61 -8.50
N PRO KA 432 45.64 -46.06 -7.50
CA PRO KA 432 46.06 -45.15 -6.42
C PRO KA 432 47.04 -44.10 -6.91
N VAL KA 433 47.21 -43.06 -6.09
CA VAL KA 433 47.89 -41.84 -6.51
C VAL KA 433 49.34 -42.11 -6.91
N THR KA 434 49.75 -41.50 -8.03
CA THR KA 434 51.04 -41.53 -8.73
C THR KA 434 51.29 -42.80 -9.56
N PHE KA 435 50.42 -43.82 -9.52
CA PHE KA 435 50.57 -44.97 -10.40
C PHE KA 435 50.04 -44.66 -11.80
N ARG KA 436 50.76 -45.13 -12.83
CA ARG KA 436 50.33 -44.98 -14.22
C ARG KA 436 49.45 -46.16 -14.65
N SER KA 437 48.47 -45.86 -15.50
CA SER KA 437 47.67 -46.90 -16.13
C SER KA 437 48.47 -47.60 -17.22
N THR KA 438 48.40 -48.93 -17.24
CA THR KA 438 49.21 -49.71 -18.17
C THR KA 438 48.63 -51.10 -18.33
N ARG KA 439 49.15 -51.83 -19.32
CA ARG KA 439 48.80 -53.23 -19.53
C ARG KA 439 50.00 -54.16 -19.40
N GLN KA 440 51.11 -53.68 -18.82
CA GLN KA 440 52.27 -54.53 -18.56
C GLN KA 440 52.14 -55.15 -17.16
N VAL KA 441 52.28 -56.47 -17.09
CA VAL KA 441 51.98 -57.19 -15.86
C VAL KA 441 52.92 -56.78 -14.74
N SER KA 442 54.20 -56.62 -15.03
CA SER KA 442 55.13 -56.22 -13.98
C SER KA 442 54.98 -54.74 -13.57
N ASN KA 443 53.97 -54.00 -14.03
CA ASN KA 443 53.81 -52.62 -13.60
C ASN KA 443 52.35 -52.27 -13.29
N TYR KA 444 51.52 -53.25 -12.95
CA TYR KA 444 50.14 -52.98 -12.56
C TYR KA 444 50.12 -52.12 -11.28
N PRO KA 445 49.14 -51.22 -11.15
CA PRO KA 445 48.97 -50.50 -9.89
C PRO KA 445 48.61 -51.44 -8.74
N VAL KA 446 49.08 -51.09 -7.54
CA VAL KA 446 49.01 -51.95 -6.37
C VAL KA 446 47.86 -51.52 -5.47
N VAL KA 447 47.01 -52.47 -5.10
CA VAL KA 447 45.81 -52.19 -4.32
C VAL KA 447 45.90 -52.69 -2.87
N GLY KA 448 46.89 -53.51 -2.54
CA GLY KA 448 47.08 -53.94 -1.16
C GLY KA 448 48.40 -54.68 -1.00
N ALA KA 449 48.83 -54.82 0.25
CA ALA KA 449 50.11 -55.45 0.56
C ALA KA 449 50.02 -56.22 1.88
N GLU KA 450 50.82 -57.27 1.99
CA GLU KA 450 50.91 -58.09 3.20
C GLU KA 450 52.16 -58.96 3.09
N LEU KA 451 52.46 -59.71 4.13
CA LEU KA 451 53.59 -60.62 4.10
C LEU KA 451 53.24 -61.92 3.37
N MET KA 452 54.19 -62.44 2.62
CA MET KA 452 54.07 -63.78 2.08
C MET KA 452 53.92 -64.76 3.25
N PRO KA 453 52.87 -65.58 3.28
CA PRO KA 453 52.46 -66.25 4.54
C PRO KA 453 53.23 -67.53 4.85
N VAL KA 454 54.51 -67.38 5.18
CA VAL KA 454 55.38 -68.48 5.55
C VAL KA 454 56.06 -68.12 6.87
N PHE KA 455 56.03 -69.04 7.83
CA PHE KA 455 56.48 -68.74 9.19
C PHE KA 455 57.35 -69.86 9.74
N SER KA 456 58.15 -69.51 10.73
CA SER KA 456 59.03 -70.45 11.44
C SER KA 456 58.33 -71.00 12.68
N LYS KA 457 58.58 -72.27 12.98
CA LYS KA 457 58.07 -72.93 14.18
C LYS KA 457 59.19 -73.66 14.90
N SER KA 458 59.18 -73.61 16.23
CA SER KA 458 60.23 -74.17 17.06
C SER KA 458 59.81 -75.48 17.73
N PHE KA 459 60.78 -76.38 17.88
CA PHE KA 459 60.60 -77.64 18.59
C PHE KA 459 61.80 -77.87 19.50
N TYR KA 460 61.61 -78.71 20.51
CA TYR KA 460 62.65 -79.04 21.48
C TYR KA 460 63.09 -80.48 21.29
N ASN KA 461 64.40 -80.69 21.17
CA ASN KA 461 64.95 -82.03 20.98
C ASN KA 461 66.20 -82.26 21.84
N HIS KA 478 77.46 -93.53 6.51
CA HIS KA 478 77.11 -92.15 6.81
C HIS KA 478 77.75 -91.18 5.82
N VAL KA 479 76.96 -90.74 4.83
CA VAL KA 479 77.45 -89.78 3.86
C VAL KA 479 77.67 -88.40 4.50
N PHE KA 480 77.01 -88.11 5.62
CA PHE KA 480 77.15 -86.83 6.30
C PHE KA 480 78.23 -86.86 7.38
N ASN KA 481 79.00 -87.94 7.48
CA ASN KA 481 80.14 -88.01 8.41
C ASN KA 481 81.20 -88.87 7.75
N ARG KA 482 82.09 -88.24 6.98
CA ARG KA 482 83.13 -88.91 6.23
C ARG KA 482 84.48 -88.90 6.92
N PHE KA 483 84.65 -88.10 7.97
CA PHE KA 483 85.89 -88.02 8.74
C PHE KA 483 85.54 -88.14 10.21
N PRO KA 484 85.08 -89.31 10.65
CA PRO KA 484 84.65 -89.45 12.06
C PRO KA 484 85.77 -89.17 13.05
N GLU KA 485 87.01 -89.47 12.70
CA GLU KA 485 88.11 -89.32 13.65
C GLU KA 485 88.53 -87.87 13.83
N ASN KA 486 88.47 -87.06 12.77
CA ASN KA 486 89.07 -85.74 12.78
C ASN KA 486 88.23 -84.77 13.61
N GLN KA 487 88.85 -84.16 14.62
CA GLN KA 487 88.12 -83.27 15.51
C GLN KA 487 87.64 -82.00 14.82
N ILE KA 488 88.27 -81.60 13.71
CA ILE KA 488 87.85 -80.41 12.99
C ILE KA 488 86.77 -80.74 11.97
N LEU KA 489 86.86 -81.90 11.32
CA LEU KA 489 85.97 -82.30 10.26
C LEU KA 489 84.85 -83.21 10.73
N ILE KA 490 84.67 -83.38 12.04
CA ILE KA 490 83.57 -84.18 12.54
C ILE KA 490 82.23 -83.48 12.22
N ARG KA 491 81.17 -84.29 12.14
CA ARG KA 491 79.84 -83.77 11.86
C ARG KA 491 79.38 -82.87 13.00
N PRO KA 492 78.87 -81.67 12.71
CA PRO KA 492 78.56 -80.73 13.78
C PRO KA 492 77.45 -81.28 14.67
N PRO KA 493 77.48 -80.96 15.96
CA PRO KA 493 76.36 -81.32 16.84
C PRO KA 493 75.10 -80.55 16.48
N ALA KA 494 73.95 -81.19 16.75
CA ALA KA 494 72.64 -80.62 16.45
C ALA KA 494 72.17 -79.74 17.60
N PRO KA 495 71.52 -78.61 17.30
CA PRO KA 495 71.02 -77.75 18.38
C PRO KA 495 69.90 -78.42 19.15
N THR KA 496 69.75 -78.01 20.41
CA THR KA 496 68.62 -78.44 21.21
C THR KA 496 67.32 -77.75 20.80
N ILE KA 497 67.37 -76.71 19.97
CA ILE KA 497 66.19 -76.05 19.42
C ILE KA 497 66.22 -76.19 17.90
N THR KA 498 65.20 -76.81 17.34
CA THR KA 498 65.07 -77.01 15.90
C THR KA 498 63.93 -76.17 15.35
N THR KA 499 64.15 -75.52 14.20
CA THR KA 499 63.14 -74.70 13.56
C THR KA 499 62.86 -75.18 12.15
N VAL KA 500 61.57 -75.18 11.76
CA VAL KA 500 61.12 -75.56 10.44
C VAL KA 500 60.11 -74.53 9.96
N SER KA 501 59.97 -74.41 8.64
CA SER KA 501 59.10 -73.41 8.04
C SER KA 501 57.76 -74.01 7.65
N GLU KA 502 56.68 -73.23 7.80
CA GLU KA 502 55.32 -73.66 7.58
C GLU KA 502 54.54 -72.66 6.73
N ASN KA 503 53.55 -73.17 6.01
CA ASN KA 503 52.61 -72.35 5.25
C ASN KA 503 51.30 -72.26 6.01
N VAL KA 504 50.83 -71.05 6.29
CA VAL KA 504 49.63 -70.82 7.09
C VAL KA 504 48.67 -69.96 6.26
N PRO KA 505 47.42 -70.36 6.09
CA PRO KA 505 46.48 -69.54 5.30
C PRO KA 505 46.27 -68.16 5.91
N ALA KA 506 46.21 -67.16 5.04
CA ALA KA 506 46.17 -65.76 5.44
C ALA KA 506 44.83 -65.13 5.08
N LEU KA 507 44.19 -64.51 6.06
CA LEU KA 507 42.90 -63.85 5.93
C LEU KA 507 43.08 -62.39 6.25
N THR KA 508 42.87 -61.51 5.28
CA THR KA 508 43.29 -60.12 5.37
C THR KA 508 42.17 -59.16 5.00
N ASP KA 509 42.01 -58.10 5.79
CA ASP KA 509 41.12 -57.00 5.49
C ASP KA 509 41.96 -55.81 5.02
N HIS KA 510 41.74 -55.37 3.78
CA HIS KA 510 42.54 -54.31 3.18
C HIS KA 510 41.87 -52.94 3.23
N GLY KA 511 40.71 -52.81 3.87
CA GLY KA 511 40.02 -51.53 3.92
C GLY KA 511 39.24 -51.20 2.66
N THR KA 512 38.83 -49.94 2.56
CA THR KA 512 37.97 -49.45 1.49
C THR KA 512 38.79 -48.68 0.44
N LEU KA 513 38.55 -48.98 -0.84
CA LEU KA 513 39.21 -48.32 -1.96
C LEU KA 513 38.19 -47.82 -2.98
N PRO KA 514 38.48 -46.72 -3.66
CA PRO KA 514 37.54 -46.21 -4.67
C PRO KA 514 37.32 -47.17 -5.83
N LEU KA 515 36.08 -47.26 -6.28
CA LEU KA 515 35.60 -48.25 -7.22
C LEU KA 515 35.22 -47.58 -8.54
N ARG KA 516 35.45 -48.27 -9.65
CA ARG KA 516 35.00 -47.76 -10.94
C ARG KA 516 33.48 -47.85 -11.07
N SER KA 517 32.90 -46.88 -11.79
CA SER KA 517 31.44 -46.81 -11.90
C SER KA 517 30.86 -47.89 -12.80
N SER KA 518 31.63 -48.39 -13.76
CA SER KA 518 31.17 -49.45 -14.65
C SER KA 518 32.15 -50.61 -14.60
N ILE KA 519 31.64 -51.79 -14.30
CA ILE KA 519 32.46 -52.98 -14.07
C ILE KA 519 32.14 -54.00 -15.15
N ARG KA 520 33.16 -54.44 -15.89
CA ARG KA 520 32.98 -55.46 -16.91
C ARG KA 520 32.84 -56.85 -16.30
N GLY KA 521 32.25 -57.76 -17.07
CA GLY KA 521 31.95 -59.09 -16.59
C GLY KA 521 33.14 -60.00 -16.38
N VAL KA 522 34.27 -59.73 -17.03
CA VAL KA 522 35.48 -60.52 -16.89
C VAL KA 522 36.55 -59.65 -16.23
N GLN KA 523 37.19 -60.19 -15.19
CA GLN KA 523 38.12 -59.44 -14.34
C GLN KA 523 39.45 -60.17 -14.23
N ARG KA 524 40.52 -59.40 -14.11
CA ARG KA 524 41.88 -59.92 -13.94
C ARG KA 524 42.32 -59.82 -12.48
N VAL KA 525 42.95 -60.88 -11.99
CA VAL KA 525 43.46 -60.95 -10.61
C VAL KA 525 44.95 -61.30 -10.67
N THR KA 526 45.79 -60.54 -9.98
CA THR KA 526 47.24 -60.73 -10.03
C THR KA 526 47.87 -60.59 -8.64
N VAL KA 527 48.85 -61.45 -8.36
CA VAL KA 527 49.65 -61.41 -7.14
C VAL KA 527 51.13 -61.44 -7.53
N THR KA 528 51.90 -60.45 -7.07
CA THR KA 528 53.33 -60.37 -7.39
C THR KA 528 54.17 -60.09 -6.15
N ASP KA 529 55.46 -60.40 -6.25
CA ASP KA 529 56.41 -60.24 -5.15
C ASP KA 529 57.07 -58.87 -5.19
N ALA KA 530 58.13 -58.70 -4.38
CA ALA KA 530 58.76 -57.39 -4.24
C ALA KA 530 59.46 -56.95 -5.51
N ARG KA 531 59.97 -57.88 -6.30
CA ARG KA 531 60.58 -57.56 -7.58
C ARG KA 531 59.57 -57.56 -8.72
N ARG KA 532 58.29 -57.67 -8.40
CA ARG KA 532 57.17 -57.63 -9.36
C ARG KA 532 57.20 -58.83 -10.32
N ARG KA 533 57.55 -60.00 -9.81
CA ARG KA 533 57.34 -61.27 -10.49
C ARG KA 533 56.14 -61.97 -9.90
N THR KA 534 55.44 -62.74 -10.72
CA THR KA 534 54.39 -63.60 -10.18
C THR KA 534 55.01 -64.75 -9.38
N CYS KA 535 54.24 -65.27 -8.42
CA CYS KA 535 54.74 -66.30 -7.53
C CYS KA 535 54.15 -67.65 -7.90
N PRO KA 536 54.95 -68.63 -8.35
CA PRO KA 536 54.41 -69.94 -8.71
C PRO KA 536 53.94 -70.79 -7.54
N TYR KA 537 54.13 -70.37 -6.30
CA TYR KA 537 53.74 -71.19 -5.16
C TYR KA 537 52.39 -70.79 -4.55
N VAL KA 538 51.67 -69.86 -5.16
CA VAL KA 538 50.29 -69.61 -4.79
C VAL KA 538 49.40 -70.67 -5.44
N TYR KA 539 48.54 -71.32 -4.66
CA TYR KA 539 47.59 -72.25 -5.26
C TYR KA 539 46.14 -72.01 -4.83
N LYS KA 540 45.86 -70.95 -4.09
CA LYS KA 540 44.49 -70.58 -3.77
C LYS KA 540 44.45 -69.09 -3.46
N ALA KA 541 43.58 -68.37 -4.16
CA ALA KA 541 43.42 -66.93 -3.97
C ALA KA 541 41.98 -66.54 -4.27
N LEU KA 542 41.32 -65.89 -3.30
CA LEU KA 542 39.95 -65.44 -3.44
C LEU KA 542 39.82 -63.99 -2.99
N GLY KA 543 38.88 -63.28 -3.59
CA GLY KA 543 38.56 -61.92 -3.18
C GLY KA 543 37.06 -61.72 -3.04
N ILE KA 544 36.70 -60.89 -2.07
CA ILE KA 544 35.32 -60.51 -1.81
C ILE KA 544 35.25 -59.01 -1.64
N VAL KA 545 34.39 -58.35 -2.40
CA VAL KA 545 34.26 -56.90 -2.41
C VAL KA 545 32.85 -56.51 -2.01
N ALA KA 546 32.74 -55.51 -1.13
CA ALA KA 546 31.44 -54.99 -0.68
C ALA KA 546 31.29 -53.51 -1.01
N PRO KA 547 30.60 -53.15 -2.10
CA PRO KA 547 30.47 -51.73 -2.47
C PRO KA 547 29.57 -50.94 -1.54
N ARG KA 548 29.85 -49.64 -1.44
CA ARG KA 548 28.99 -48.70 -0.73
C ARG KA 548 29.29 -47.28 -1.21
N VAL KA 549 28.37 -46.36 -0.91
CA VAL KA 549 28.47 -44.97 -1.35
C VAL KA 549 29.46 -44.22 -0.47
N LEU KA 550 30.36 -43.45 -1.09
CA LEU KA 550 31.33 -42.60 -0.39
C LEU KA 550 30.93 -41.14 -0.36
N SER KA 551 30.57 -40.55 -1.51
CA SER KA 551 30.18 -39.15 -1.54
C SER KA 551 29.29 -38.90 -2.75
N SER KA 552 28.72 -37.71 -2.80
CA SER KA 552 27.81 -37.32 -3.85
C SER KA 552 28.55 -36.77 -5.07
N ARG KA 553 27.93 -36.93 -6.23
CA ARG KA 553 28.39 -36.38 -7.50
C ARG KA 553 29.69 -37.01 -7.98
N ARG LA 48 -16.94 -27.85 33.55
CA ARG LA 48 -18.27 -27.62 34.13
C ARG LA 48 -18.94 -28.94 34.52
N ASN LA 49 -18.17 -29.86 35.09
CA ASN LA 49 -18.71 -31.17 35.43
C ASN LA 49 -18.24 -31.69 36.79
N SER LA 50 -17.83 -30.81 37.69
CA SER LA 50 -17.30 -31.23 38.98
C SER LA 50 -18.42 -31.42 40.00
N ILE LA 51 -18.14 -32.23 41.01
CA ILE LA 51 -19.08 -32.55 42.09
C ILE LA 51 -18.36 -32.36 43.42
N ARG LA 52 -18.92 -31.51 44.29
CA ARG LA 52 -18.21 -31.05 45.49
C ARG LA 52 -19.02 -31.29 46.75
N TYR LA 53 -18.32 -31.60 47.84
CA TYR LA 53 -18.91 -31.84 49.15
C TYR LA 53 -18.44 -30.73 50.10
N SER LA 54 -19.39 -30.15 50.84
CA SER LA 54 -19.14 -28.90 51.54
C SER LA 54 -18.11 -29.03 52.67
N GLU LA 55 -17.80 -30.25 53.12
CA GLU LA 55 -16.82 -30.40 54.18
C GLU LA 55 -15.39 -30.55 53.68
N LEU LA 56 -15.15 -30.49 52.38
CA LEU LA 56 -13.82 -30.68 51.81
C LEU LA 56 -13.41 -29.44 51.02
N SER LA 57 -12.11 -29.12 51.09
CA SER LA 57 -11.56 -27.95 50.40
C SER LA 57 -10.06 -28.14 50.20
N PRO LA 58 -9.49 -27.66 49.09
CA PRO LA 58 -8.06 -27.84 48.84
C PRO LA 58 -7.20 -26.78 49.53
N LEU LA 59 -5.91 -27.10 49.67
CA LEU LA 59 -4.97 -26.31 50.47
C LEU LA 59 -3.96 -25.56 49.60
N TYR LA 60 -3.58 -24.36 50.04
CA TYR LA 60 -2.66 -23.51 49.31
C TYR LA 60 -1.73 -22.74 50.26
N ASP LA 61 -0.53 -22.45 49.75
CA ASP LA 61 0.45 -21.46 50.19
C ASP LA 61 1.25 -21.75 51.47
N THR LA 62 0.75 -22.57 52.39
CA THR LA 62 1.44 -22.86 53.64
C THR LA 62 0.58 -23.79 54.49
N THR LA 63 1.21 -24.48 55.43
CA THR LA 63 0.56 -25.44 56.32
C THR LA 63 1.54 -25.77 57.44
N ARG LA 64 1.23 -26.80 58.25
CA ARG LA 64 2.10 -27.27 59.31
C ARG LA 64 2.32 -28.77 59.19
N LEU LA 65 3.53 -29.23 59.53
CA LEU LA 65 3.86 -30.64 59.70
C LEU LA 65 4.41 -30.85 61.10
N TYR LA 66 3.92 -31.89 61.79
CA TYR LA 66 4.28 -32.13 63.18
C TYR LA 66 5.08 -33.43 63.32
N LEU LA 67 6.20 -33.36 64.02
CA LEU LA 67 7.10 -34.49 64.26
C LEU LA 67 7.12 -34.77 65.75
N VAL LA 68 6.35 -35.76 66.19
CA VAL LA 68 6.04 -35.97 67.59
C VAL LA 68 6.50 -37.37 68.01
N ASP LA 69 7.11 -37.47 69.18
CA ASP LA 69 7.81 -38.68 69.60
C ASP LA 69 6.97 -39.63 70.45
N ASN LA 70 5.70 -39.32 70.75
CA ASN LA 70 4.93 -40.16 71.67
C ASN LA 70 3.51 -40.39 71.16
N LYS LA 71 3.36 -40.67 69.86
CA LYS LA 71 2.07 -41.10 69.35
C LYS LA 71 1.80 -42.54 69.78
N SER LA 72 0.54 -42.82 70.15
CA SER LA 72 0.21 -44.10 70.78
C SER LA 72 0.47 -45.28 69.85
N ALA LA 73 0.05 -45.17 68.58
CA ALA LA 73 0.22 -46.28 67.64
C ALA LA 73 1.66 -46.44 67.17
N ASP LA 74 2.41 -45.35 67.05
CA ASP LA 74 3.80 -45.44 66.62
C ASP LA 74 4.67 -46.11 67.68
N ILE LA 75 4.30 -45.98 68.96
CA ILE LA 75 5.06 -46.62 70.03
C ILE LA 75 5.05 -48.12 69.88
N ALA LA 76 3.89 -48.69 69.58
CA ALA LA 76 3.75 -50.14 69.57
C ALA LA 76 4.40 -50.79 68.36
N SER LA 77 4.26 -50.19 67.18
CA SER LA 77 4.61 -50.86 65.94
C SER LA 77 5.86 -50.33 65.25
N LEU LA 78 6.45 -49.26 65.72
CA LEU LA 78 7.62 -48.72 65.02
C LEU LA 78 8.89 -48.69 65.85
N ASN LA 79 8.81 -48.36 67.13
CA ASN LA 79 9.97 -47.92 67.89
C ASN LA 79 10.32 -48.85 69.04
N TYR LA 80 10.23 -50.17 68.81
CA TYR LA 80 10.42 -51.12 69.88
C TYR LA 80 11.86 -51.12 70.39
N GLN LA 81 12.84 -50.93 69.52
CA GLN LA 81 14.25 -50.94 69.88
C GLN LA 81 14.91 -49.56 69.88
N ASN LA 82 14.13 -48.49 69.87
CA ASN LA 82 14.65 -47.13 69.71
C ASN LA 82 14.58 -46.37 71.04
N ASP LA 83 15.11 -45.14 71.03
CA ASP LA 83 14.96 -44.23 72.16
C ASP LA 83 14.71 -42.82 71.61
N HIS LA 84 14.54 -41.85 72.52
CA HIS LA 84 14.12 -40.51 72.12
C HIS LA 84 15.18 -39.74 71.34
N SER LA 85 16.42 -40.23 71.31
CA SER LA 85 17.46 -39.61 70.51
C SER LA 85 17.46 -40.08 69.06
N ASN LA 86 16.78 -41.19 68.74
CA ASN LA 86 16.78 -41.74 67.37
C ASN LA 86 15.54 -42.61 67.19
N PHE LA 87 14.51 -42.07 66.55
CA PHE LA 87 13.21 -42.75 66.50
C PHE LA 87 12.52 -42.47 65.16
N LEU LA 88 11.42 -43.17 64.93
CA LEU LA 88 10.58 -43.01 63.75
C LEU LA 88 9.21 -42.47 64.15
N THR LA 89 8.61 -41.67 63.28
CA THR LA 89 7.29 -41.12 63.54
C THR LA 89 6.55 -40.92 62.22
N THR LA 90 5.22 -40.80 62.32
CA THR LA 90 4.37 -40.61 61.16
C THR LA 90 3.90 -39.16 61.09
N VAL LA 91 4.04 -38.55 59.91
CA VAL LA 91 3.52 -37.21 59.70
C VAL LA 91 2.10 -37.18 59.19
N VAL LA 92 1.52 -38.35 58.90
CA VAL LA 92 0.10 -38.46 58.53
C VAL LA 92 -0.72 -38.48 59.81
N GLN LA 93 -1.64 -37.53 59.96
CA GLN LA 93 -2.44 -37.38 61.18
C GLN LA 93 -3.88 -37.87 60.99
N ASN LA 94 -4.10 -38.96 60.26
CA ASN LA 94 -5.41 -39.46 59.90
C ASN LA 94 -5.53 -40.89 60.44
N ASN LA 95 -6.41 -41.08 61.43
CA ASN LA 95 -6.49 -42.35 62.14
C ASN LA 95 -7.32 -43.40 61.39
N ASP LA 96 -7.71 -43.16 60.15
CA ASP LA 96 -8.29 -44.21 59.32
C ASP LA 96 -7.25 -45.25 58.90
N PHE LA 97 -5.97 -44.99 59.14
CA PHE LA 97 -4.88 -45.86 58.71
C PHE LA 97 -3.93 -46.15 59.85
N THR LA 98 -3.33 -47.33 59.82
CA THR LA 98 -2.25 -47.67 60.74
C THR LA 98 -0.94 -47.06 60.26
N PRO LA 99 0.06 -46.94 61.15
CA PRO LA 99 1.35 -46.38 60.71
C PRO LA 99 2.00 -47.18 59.59
N THR LA 100 1.84 -48.51 59.58
CA THR LA 100 2.39 -49.31 58.49
C THR LA 100 1.75 -48.94 57.16
N GLU LA 101 0.42 -48.79 57.14
CA GLU LA 101 -0.24 -48.33 55.92
C GLU LA 101 0.17 -46.92 55.55
N ALA LA 102 0.34 -46.05 56.54
CA ALA LA 102 0.71 -44.67 56.27
C ALA LA 102 2.09 -44.54 55.65
N SER LA 103 2.97 -45.53 55.87
CA SER LA 103 4.34 -45.42 55.40
C SER LA 103 4.42 -45.33 53.88
N THR LA 104 3.44 -45.88 53.16
CA THR LA 104 3.45 -45.83 51.71
C THR LA 104 2.77 -44.59 51.12
N GLN LA 105 2.10 -43.78 51.94
CA GLN LA 105 1.44 -42.58 51.44
C GLN LA 105 2.44 -41.42 51.34
N THR LA 106 2.05 -40.39 50.59
CA THR LA 106 2.93 -39.24 50.37
C THR LA 106 2.14 -37.93 50.50
N ILE LA 107 2.89 -36.86 50.77
CA ILE LA 107 2.42 -35.48 50.70
C ILE LA 107 3.22 -34.77 49.62
N ASN LA 108 2.54 -34.10 48.70
CA ASN LA 108 3.18 -33.57 47.50
C ASN LA 108 3.01 -32.06 47.42
N PHE LA 109 4.14 -31.36 47.32
CA PHE LA 109 4.19 -29.91 47.13
C PHE LA 109 4.42 -29.62 45.66
N ASP LA 110 3.70 -28.64 45.11
CA ASP LA 110 3.62 -28.47 43.66
C ASP LA 110 5.00 -28.38 43.02
N GLU LA 111 5.22 -29.24 42.02
CA GLU LA 111 6.54 -29.40 41.41
C GLU LA 111 6.97 -28.22 40.55
N ARG LA 112 6.08 -27.29 40.27
CA ARG LA 112 6.46 -26.10 39.52
C ARG LA 112 7.06 -25.00 40.40
N SER LA 113 7.25 -25.27 41.70
CA SER LA 113 7.93 -24.36 42.61
C SER LA 113 8.99 -25.13 43.39
N ARG LA 114 9.97 -24.38 43.90
CA ARG LA 114 10.91 -24.91 44.90
C ARG LA 114 10.46 -24.44 46.27
N TRP LA 115 10.43 -25.36 47.23
CA TRP LA 115 9.85 -25.11 48.55
C TRP LA 115 10.91 -25.12 49.64
N GLY LA 116 10.67 -24.33 50.69
CA GLY LA 116 11.49 -24.35 51.87
C GLY LA 116 10.66 -24.52 53.11
N GLY LA 117 11.31 -24.90 54.19
CA GLY LA 117 10.64 -25.14 55.45
C GLY LA 117 11.30 -24.49 56.66
N GLN LA 118 10.56 -23.67 57.38
CA GLN LA 118 11.05 -23.08 58.61
C GLN LA 118 10.89 -24.06 59.77
N LEU LA 119 11.98 -24.31 60.50
CA LEU LA 119 12.04 -25.37 61.50
C LEU LA 119 12.18 -24.80 62.90
N LYS LA 120 11.32 -25.26 63.82
CA LYS LA 120 11.41 -24.96 65.25
C LYS LA 120 11.45 -26.27 66.03
N THR LA 121 12.27 -26.32 67.07
CA THR LA 121 12.44 -27.54 67.86
C THR LA 121 12.26 -27.24 69.35
N ILE LA 122 11.89 -28.28 70.08
CA ILE LA 122 11.78 -28.28 71.53
C ILE LA 122 12.50 -29.51 72.06
N MET LA 123 13.41 -29.31 73.02
CA MET LA 123 14.22 -30.40 73.57
C MET LA 123 14.34 -30.27 75.08
N HIS LA 124 14.34 -31.41 75.77
CA HIS LA 124 14.55 -31.46 77.21
C HIS LA 124 15.41 -32.66 77.58
N THR LA 125 16.34 -32.47 78.53
CA THR LA 125 17.32 -33.48 78.91
C THR LA 125 17.29 -33.70 80.42
N ASN LA 126 17.90 -34.81 80.85
CA ASN LA 126 18.04 -35.14 82.27
C ASN LA 126 19.44 -35.70 82.59
N MET LA 127 20.48 -35.04 82.09
CA MET LA 127 21.86 -35.51 82.25
C MET LA 127 22.42 -35.14 83.63
N PRO LA 128 23.00 -36.10 84.37
CA PRO LA 128 23.78 -35.76 85.56
C PRO LA 128 25.22 -35.41 85.23
N ASN LA 129 25.84 -34.63 86.10
CA ASN LA 129 27.15 -34.06 85.75
C ASN LA 129 28.31 -35.06 85.88
N VAL LA 130 28.19 -36.10 86.69
CA VAL LA 130 29.23 -37.11 86.83
C VAL LA 130 28.66 -38.42 86.29
N ASN LA 131 29.15 -38.85 85.13
CA ASN LA 131 28.63 -40.06 84.49
C ASN LA 131 29.70 -40.65 83.57
N GLU LA 132 29.50 -41.92 83.21
CA GLU LA 132 30.48 -42.66 82.42
C GLU LA 132 30.46 -42.26 80.94
N TYR LA 133 29.29 -41.97 80.39
CA TYR LA 133 29.16 -41.75 78.95
C TYR LA 133 29.94 -40.52 78.49
N MET LA 134 30.07 -39.51 79.35
CA MET LA 134 30.72 -38.26 79.00
C MET LA 134 32.15 -38.15 79.54
N PHE LA 135 32.71 -39.25 80.05
CA PHE LA 135 34.11 -39.31 80.51
C PHE LA 135 34.38 -38.36 81.68
N SER LA 136 33.38 -38.09 82.50
CA SER LA 136 33.55 -37.33 83.73
C SER LA 136 33.56 -38.22 84.96
N ASN LA 137 33.91 -39.49 84.78
CA ASN LA 137 33.79 -40.52 85.78
C ASN LA 137 35.14 -41.01 86.32
N LYS LA 138 36.24 -40.66 85.69
CA LYS LA 138 37.50 -41.34 85.95
C LYS LA 138 38.68 -40.41 85.71
N PHE LA 139 39.81 -40.75 86.32
CA PHE LA 139 41.09 -40.09 86.11
C PHE LA 139 42.19 -41.06 86.50
N LYS LA 140 43.43 -40.70 86.15
CA LYS LA 140 44.60 -41.53 86.44
C LYS LA 140 45.59 -40.80 87.33
N ALA LA 141 46.29 -41.55 88.17
CA ALA LA 141 47.27 -40.97 89.08
C ALA LA 141 48.34 -42.01 89.42
N ARG LA 142 49.48 -41.52 89.91
CA ARG LA 142 50.61 -42.37 90.29
C ARG LA 142 50.86 -42.22 91.78
N VAL LA 143 50.78 -43.31 92.52
CA VAL LA 143 50.91 -43.31 93.98
C VAL LA 143 51.95 -44.36 94.38
N MET LA 144 52.26 -44.39 95.67
CA MET LA 144 53.27 -45.29 96.21
C MET LA 144 52.64 -46.61 96.65
N VAL LA 145 53.22 -47.71 96.18
CA VAL LA 145 52.70 -49.04 96.46
C VAL LA 145 53.48 -49.77 97.55
N SER LA 146 54.79 -49.52 97.67
CA SER LA 146 55.60 -50.22 98.65
C SER LA 146 56.71 -49.31 99.16
N ARG LA 147 56.87 -49.28 100.49
CA ARG LA 147 58.09 -48.79 101.10
C ARG LA 147 59.04 -49.99 101.26
N LYS LA 148 60.11 -49.82 102.01
CA LYS LA 148 61.05 -50.93 102.21
C LYS LA 148 60.42 -52.03 103.07
N ASP LA 171 65.84 -47.01 102.53
CA ASP LA 171 64.50 -47.40 102.11
C ASP LA 171 64.34 -47.26 100.59
N ILE LA 172 63.73 -48.26 99.97
CA ILE LA 172 63.45 -48.25 98.53
C ILE LA 172 61.94 -48.11 98.35
N LEU LA 173 61.55 -47.17 97.49
CA LEU LA 173 60.15 -46.81 97.30
C LEU LA 173 59.71 -47.17 95.89
N LYS LA 174 58.53 -47.76 95.77
CA LYS LA 174 57.98 -48.19 94.49
C LYS LA 174 56.67 -47.47 94.21
N TYR LA 175 56.47 -47.05 92.97
CA TYR LA 175 55.29 -46.32 92.54
C TYR LA 175 54.67 -46.99 91.33
N GLU LA 176 53.38 -46.74 91.12
CA GLU LA 176 52.66 -47.34 89.99
C GLU LA 176 51.47 -46.48 89.62
N TRP LA 177 51.05 -46.60 88.35
CA TRP LA 177 49.89 -45.89 87.83
C TRP LA 177 48.63 -46.73 88.01
N PHE LA 178 47.52 -46.05 88.29
CA PHE LA 178 46.21 -46.67 88.41
C PHE LA 178 45.16 -45.77 87.77
N GLU LA 179 43.99 -46.35 87.50
CA GLU LA 179 42.82 -45.59 87.08
C GLU LA 179 41.75 -45.67 88.16
N PHE LA 180 41.20 -44.51 88.52
CA PHE LA 180 40.27 -44.39 89.63
C PHE LA 180 38.87 -44.08 89.11
N ILE LA 181 37.85 -44.66 89.74
CA ILE LA 181 36.46 -44.55 89.29
C ILE LA 181 35.60 -43.99 90.42
N LEU LA 182 34.76 -43.00 90.09
CA LEU LA 182 33.76 -42.37 90.95
C LEU LA 182 32.37 -42.95 90.69
N PRO LA 183 31.48 -42.95 91.66
CA PRO LA 183 30.09 -43.34 91.40
C PRO LA 183 29.29 -42.20 90.78
N GLU LA 184 28.27 -42.56 90.02
CA GLU LA 184 27.54 -41.61 89.19
C GLU LA 184 26.46 -40.86 89.98
N GLY LA 185 26.19 -39.64 89.55
CA GLY LA 185 25.22 -38.78 90.22
C GLY LA 185 25.42 -37.34 89.81
N ASN LA 186 24.60 -36.49 90.40
CA ASN LA 186 24.61 -35.05 90.13
C ASN LA 186 25.08 -34.32 91.39
N PHE LA 187 26.33 -33.88 91.39
CA PHE LA 187 26.98 -33.38 92.60
C PHE LA 187 27.49 -31.96 92.41
N SER LA 188 27.62 -31.25 93.52
CA SER LA 188 28.28 -29.95 93.49
C SER LA 188 29.79 -30.13 93.36
N ALA LA 189 30.49 -29.01 93.13
CA ALA LA 189 31.93 -29.08 92.92
C ALA LA 189 32.69 -29.52 94.18
N THR LA 190 32.28 -29.03 95.34
CA THR LA 190 32.93 -29.45 96.59
C THR LA 190 32.71 -30.94 96.85
N MET LA 191 31.48 -31.41 96.65
CA MET LA 191 31.19 -32.82 96.86
C MET LA 191 31.95 -33.70 95.87
N THR LA 192 32.19 -33.22 94.66
CA THR LA 192 32.96 -33.99 93.69
C THR LA 192 34.41 -34.15 94.14
N ILE LA 193 34.99 -33.09 94.70
CA ILE LA 193 36.38 -33.14 95.17
C ILE LA 193 36.52 -34.10 96.34
N ASP LA 194 35.51 -34.19 97.21
CA ASP LA 194 35.54 -35.18 98.28
C ASP LA 194 35.59 -36.60 97.73
N LEU LA 195 34.83 -36.86 96.66
CA LEU LA 195 34.80 -38.20 96.09
C LEU LA 195 36.14 -38.58 95.46
N MET LA 196 36.85 -37.61 94.87
CA MET LA 196 38.16 -37.90 94.29
C MET LA 196 39.18 -38.23 95.37
N ASN LA 197 39.16 -37.51 96.50
CA ASN LA 197 40.04 -37.85 97.61
C ASN LA 197 39.71 -39.23 98.16
N ASN LA 198 38.42 -39.55 98.28
CA ASN LA 198 38.00 -40.85 98.79
C ASN LA 198 38.47 -41.99 97.90
N ALA LA 199 38.53 -41.78 96.58
CA ALA LA 199 39.02 -42.81 95.67
C ALA LA 199 40.51 -43.08 95.91
N ILE LA 200 41.30 -42.03 96.14
CA ILE LA 200 42.72 -42.22 96.40
C ILE LA 200 42.93 -43.04 97.68
N ILE LA 201 42.17 -42.73 98.73
CA ILE LA 201 42.36 -43.39 100.01
C ILE LA 201 41.96 -44.85 99.95
N ASP LA 202 40.91 -45.19 99.20
CA ASP LA 202 40.51 -46.59 99.07
C ASP LA 202 41.58 -47.43 98.39
N ASN LA 203 42.44 -46.81 97.57
CA ASN LA 203 43.59 -47.52 97.01
C ASN LA 203 44.66 -47.74 98.07
N TYR LA 204 44.81 -46.81 99.01
CA TYR LA 204 45.80 -46.96 100.07
C TYR LA 204 45.36 -47.97 101.12
N LEU LA 205 44.07 -48.30 101.18
CA LEU LA 205 43.61 -49.30 102.14
C LEU LA 205 43.61 -50.71 101.56
N GLU LA 206 43.56 -50.85 100.23
CA GLU LA 206 43.55 -52.16 99.58
C GLU LA 206 44.95 -52.62 99.20
N ILE LA 207 45.79 -51.70 98.73
CA ILE LA 207 47.21 -51.92 98.48
C ILE LA 207 47.89 -50.93 99.41
N GLY LA 208 49.21 -50.84 99.40
CA GLY LA 208 49.79 -49.78 100.18
C GLY LA 208 49.92 -50.15 101.64
N ARG LA 209 48.94 -49.72 102.44
CA ARG LA 209 48.94 -49.91 103.89
C ARG LA 209 49.46 -51.28 104.32
N GLN LA 210 49.05 -52.33 103.64
CA GLN LA 210 49.52 -53.67 103.98
C GLN LA 210 50.91 -53.96 103.46
N ASN LA 211 51.56 -53.02 102.76
CA ASN LA 211 52.91 -53.20 102.26
C ASN LA 211 53.86 -52.15 102.81
N GLY LA 212 53.55 -51.55 103.95
CA GLY LA 212 54.50 -50.75 104.68
C GLY LA 212 54.48 -49.25 104.46
N VAL LA 213 53.50 -48.72 103.73
CA VAL LA 213 53.42 -47.28 103.55
C VAL LA 213 52.62 -46.70 104.72
N LEU LA 214 53.04 -45.53 105.18
CA LEU LA 214 52.40 -44.89 106.32
C LEU LA 214 51.37 -43.87 105.85
N GLU LA 215 50.51 -43.46 106.78
CA GLU LA 215 49.56 -42.39 106.45
C GLU LA 215 50.24 -41.04 106.62
N SER LA 216 51.45 -40.93 106.05
CA SER LA 216 52.13 -39.65 105.91
C SER LA 216 52.89 -39.59 104.59
N ASP LA 217 52.72 -40.57 103.71
CA ASP LA 217 53.34 -40.60 102.39
C ASP LA 217 52.32 -40.85 101.28
N ILE LA 218 51.06 -40.46 101.51
CA ILE LA 218 50.00 -40.73 100.53
C ILE LA 218 50.39 -40.17 99.16
N GLY LA 219 50.56 -38.86 99.07
CA GLY LA 219 51.21 -38.28 97.91
C GLY LA 219 50.34 -37.61 96.87
N VAL LA 220 49.01 -37.75 96.94
CA VAL LA 220 48.10 -37.06 96.03
C VAL LA 220 46.90 -36.57 96.83
N LYS LA 221 46.65 -35.26 96.82
CA LYS LA 221 45.49 -34.70 97.49
C LYS LA 221 44.96 -33.50 96.71
N PHE LA 222 43.64 -33.33 96.70
CA PHE LA 222 42.98 -32.20 96.07
C PHE LA 222 42.49 -31.25 97.15
N ASP LA 223 42.91 -29.99 97.09
CA ASP LA 223 42.65 -29.02 98.15
C ASP LA 223 42.07 -27.73 97.56
N THR LA 224 41.79 -26.77 98.44
CA THR LA 224 41.30 -25.46 98.02
C THR LA 224 42.01 -24.28 98.68
N ARG LA 225 42.99 -24.52 99.56
CA ARG LA 225 43.54 -23.47 100.40
C ARG LA 225 44.72 -22.76 99.74
N ASN LA 226 44.99 -21.55 100.23
CA ASN LA 226 46.18 -20.79 99.85
C ASN LA 226 47.21 -20.98 100.95
N PHE LA 227 48.08 -21.97 100.78
CA PHE LA 227 49.17 -22.13 101.72
C PHE LA 227 50.11 -20.94 101.59
N ARG LA 228 50.87 -20.69 102.66
CA ARG LA 228 51.79 -19.55 102.82
C ARG LA 228 51.09 -18.21 102.92
N LEU LA 229 49.81 -18.19 103.31
CA LEU LA 229 49.12 -16.91 103.51
C LEU LA 229 49.74 -16.12 104.66
N GLY LA 230 49.88 -16.75 105.82
CA GLY LA 230 50.40 -16.06 106.98
C GLY LA 230 51.92 -16.10 107.11
N TRP LA 231 52.59 -16.18 105.97
CA TRP LA 231 54.05 -16.32 105.92
C TRP LA 231 54.73 -15.04 106.40
N ASP LA 232 55.89 -15.20 107.04
CA ASP LA 232 56.65 -14.09 107.59
C ASP LA 232 57.97 -13.97 106.86
N PRO LA 233 58.34 -12.78 106.38
CA PRO LA 233 59.53 -12.65 105.55
C PRO LA 233 60.85 -12.84 106.30
N GLU LA 234 60.84 -12.75 107.64
CA GLU LA 234 62.07 -12.92 108.42
C GLU LA 234 62.25 -14.36 108.88
N THR LA 235 61.28 -14.91 109.61
CA THR LA 235 61.37 -16.27 110.08
C THR LA 235 61.08 -17.30 109.00
N LYS LA 236 60.41 -16.90 107.91
CA LYS LA 236 60.10 -17.77 106.78
C LYS LA 236 59.30 -19.00 107.23
N LEU LA 237 58.37 -18.81 108.15
CA LEU LA 237 57.48 -19.86 108.60
C LEU LA 237 56.09 -19.29 108.78
N ILE LA 238 55.09 -20.18 108.81
CA ILE LA 238 53.70 -19.77 109.00
C ILE LA 238 53.51 -19.49 110.49
N MET LA 239 53.54 -18.20 110.86
CA MET LA 239 53.55 -17.84 112.26
C MET LA 239 52.35 -18.34 113.07
N PRO LA 240 51.11 -18.29 112.57
CA PRO LA 240 49.98 -18.75 113.40
C PRO LA 240 50.07 -20.21 113.82
N GLY LA 241 50.85 -21.04 113.13
CA GLY LA 241 50.92 -22.45 113.43
C GLY LA 241 49.88 -23.31 112.75
N VAL LA 242 48.91 -22.70 112.06
CA VAL LA 242 47.95 -23.43 111.23
C VAL LA 242 47.76 -22.65 109.93
N TYR LA 243 47.63 -23.39 108.84
CA TYR LA 243 47.34 -22.76 107.55
C TYR LA 243 45.95 -22.14 107.57
N THR LA 244 45.81 -21.01 106.85
CA THR LA 244 44.53 -20.31 106.81
C THR LA 244 43.46 -21.20 106.20
N TYR LA 245 42.32 -21.30 106.90
CA TYR LA 245 41.27 -22.25 106.54
C TYR LA 245 40.18 -21.58 105.69
N GLU LA 246 40.59 -21.03 104.54
CA GLU LA 246 39.70 -20.35 103.61
C GLU LA 246 39.89 -20.91 102.20
N ALA LA 247 38.81 -20.94 101.43
CA ALA LA 247 38.82 -21.49 100.08
C ALA LA 247 39.15 -20.40 99.08
N PHE LA 248 40.10 -20.68 98.19
CA PHE LA 248 40.51 -19.74 97.14
C PHE LA 248 40.25 -20.26 95.74
N HIS LA 249 40.72 -21.46 95.42
CA HIS LA 249 40.64 -22.08 94.10
C HIS LA 249 41.08 -23.53 94.24
N PRO LA 250 40.47 -24.47 93.53
CA PRO LA 250 40.90 -25.87 93.64
C PRO LA 250 42.34 -26.07 93.23
N ASP LA 251 43.01 -27.01 93.91
CA ASP LA 251 44.46 -27.13 93.87
C ASP LA 251 44.86 -28.60 93.93
N ILE LA 252 46.08 -28.88 93.48
CA ILE LA 252 46.66 -30.22 93.47
C ILE LA 252 47.94 -30.19 94.31
N VAL LA 253 48.05 -31.12 95.27
CA VAL LA 253 49.21 -31.22 96.15
C VAL LA 253 49.90 -32.57 95.94
N LEU LA 254 51.22 -32.53 95.74
CA LEU LA 254 51.99 -33.71 95.36
C LEU LA 254 53.22 -33.90 96.24
N LEU LA 255 53.62 -35.17 96.40
CA LEU LA 255 54.86 -35.65 96.99
C LEU LA 255 55.79 -36.16 95.89
N PRO LA 256 57.10 -36.27 96.16
CA PRO LA 256 58.03 -36.71 95.10
C PRO LA 256 57.66 -38.09 94.58
N GLY LA 257 57.80 -38.26 93.26
CA GLY LA 257 57.50 -39.51 92.61
C GLY LA 257 56.06 -39.69 92.16
N CYS LA 258 55.17 -38.74 92.45
CA CYS LA 258 53.75 -38.88 92.15
C CYS LA 258 53.35 -37.94 91.00
N GLY LA 259 52.08 -38.06 90.59
CA GLY LA 259 51.56 -37.22 89.53
C GLY LA 259 50.14 -37.62 89.18
N VAL LA 260 49.49 -36.77 88.38
CA VAL LA 260 48.14 -37.02 87.87
C VAL LA 260 48.14 -36.82 86.36
N ASP LA 261 47.21 -37.49 85.70
CA ASP LA 261 47.12 -37.47 84.24
C ASP LA 261 45.66 -37.33 83.82
N PHE LA 262 45.34 -36.27 83.08
CA PHE LA 262 43.97 -35.96 82.67
C PHE LA 262 43.75 -36.16 81.18
N THR LA 263 44.53 -37.02 80.52
CA THR LA 263 44.41 -37.18 79.08
C THR LA 263 43.04 -37.70 78.67
N GLU LA 264 42.47 -38.60 79.47
CA GLU LA 264 41.19 -39.21 79.13
C GLU LA 264 40.14 -38.87 80.16
N SER LA 265 40.05 -37.60 80.54
CA SER LA 265 39.16 -37.17 81.62
C SER LA 265 38.73 -35.73 81.37
N ARG LA 266 37.53 -35.40 81.82
CA ARG LA 266 37.02 -34.04 81.74
C ARG LA 266 36.96 -33.36 83.11
N LEU LA 267 37.55 -33.96 84.13
CA LEU LA 267 37.54 -33.41 85.47
C LEU LA 267 38.50 -32.24 85.65
N SER LA 268 39.41 -32.01 84.71
CA SER LA 268 40.26 -30.81 84.80
C SER LA 268 39.47 -29.53 84.57
N ASN LA 269 38.36 -29.58 83.82
CA ASN LA 269 37.50 -28.41 83.67
C ASN LA 269 36.82 -28.05 84.98
N LEU LA 270 36.40 -29.04 85.76
CA LEU LA 270 35.80 -28.76 87.05
C LEU LA 270 36.81 -28.19 88.04
N LEU LA 271 38.09 -28.54 87.89
CA LEU LA 271 39.12 -27.99 88.77
C LEU LA 271 39.58 -26.59 88.37
N GLY LA 272 39.23 -26.13 87.17
CA GLY LA 272 39.70 -24.84 86.74
C GLY LA 272 41.16 -24.77 86.37
N ILE LA 273 41.72 -25.84 85.84
CA ILE LA 273 43.11 -25.89 85.38
C ILE LA 273 43.09 -26.36 83.93
N ARG LA 274 43.62 -25.53 83.02
CA ARG LA 274 43.59 -25.80 81.60
C ARG LA 274 44.95 -25.52 80.96
N LYS LA 275 45.13 -26.03 79.75
CA LYS LA 275 46.37 -25.84 78.99
C LYS LA 275 46.30 -24.63 78.08
N ARG LA 276 47.41 -23.90 77.98
CA ARG LA 276 47.47 -22.76 77.08
C ARG LA 276 47.51 -23.16 75.62
N HIS LA 277 47.83 -24.42 75.31
CA HIS LA 277 47.79 -24.97 73.96
C HIS LA 277 46.81 -26.14 73.99
N PRO LA 278 45.51 -25.87 73.92
CA PRO LA 278 44.52 -26.91 74.20
C PRO LA 278 44.38 -27.95 73.10
N PHE LA 279 44.97 -27.74 71.93
CA PHE LA 279 44.87 -28.71 70.85
C PHE LA 279 46.04 -29.71 70.82
N GLN LA 280 46.98 -29.61 71.76
CA GLN LA 280 48.08 -30.58 71.85
C GLN LA 280 47.67 -31.71 72.78
N GLU LA 281 47.75 -32.94 72.30
CA GLU LA 281 47.28 -34.09 73.07
C GLU LA 281 48.16 -34.34 74.28
N GLY LA 282 47.53 -34.78 75.37
CA GLY LA 282 48.23 -35.13 76.58
C GLY LA 282 48.23 -34.06 77.65
N PHE LA 283 47.87 -34.42 78.87
CA PHE LA 283 47.81 -33.48 80.00
C PHE LA 283 48.27 -34.22 81.26
N LYS LA 284 49.55 -34.08 81.58
CA LYS LA 284 50.13 -34.71 82.77
C LYS LA 284 50.84 -33.66 83.61
N ILE LA 285 50.68 -33.75 84.93
CA ILE LA 285 51.34 -32.86 85.88
C ILE LA 285 52.06 -33.72 86.90
N MET LA 286 53.39 -33.64 86.92
CA MET LA 286 54.23 -34.44 87.81
C MET LA 286 54.90 -33.55 88.85
N TYR LA 287 55.53 -34.19 89.84
CA TYR LA 287 56.17 -33.46 90.92
C TYR LA 287 57.30 -32.57 90.41
N GLU LA 288 57.98 -32.98 89.35
CA GLU LA 288 59.08 -32.19 88.81
C GLU LA 288 58.62 -30.94 88.08
N ASP LA 289 57.35 -30.87 87.71
CA ASP LA 289 56.83 -29.69 87.01
C ASP LA 289 56.37 -28.58 87.93
N LEU LA 290 56.30 -28.83 89.24
CA LEU LA 290 55.80 -27.86 90.21
C LEU LA 290 56.93 -27.15 90.95
N GLU LA 291 58.04 -26.87 90.28
CA GLU LA 291 59.17 -26.23 90.93
C GLU LA 291 58.80 -24.85 91.46
N GLY LA 292 59.29 -24.54 92.66
CA GLY LA 292 58.98 -23.30 93.31
C GLY LA 292 57.71 -23.30 94.14
N GLY LA 293 57.00 -24.42 94.20
CA GLY LA 293 55.73 -24.45 94.88
C GLY LA 293 55.72 -25.22 96.19
N ASN LA 294 56.88 -25.37 96.82
CA ASN LA 294 56.95 -26.08 98.09
C ASN LA 294 56.16 -25.36 99.17
N ILE LA 295 55.43 -26.13 99.97
CA ILE LA 295 54.58 -25.58 101.02
C ILE LA 295 55.44 -25.27 102.24
N PRO LA 296 55.45 -24.02 102.71
CA PRO LA 296 56.29 -23.68 103.87
C PRO LA 296 55.86 -24.44 105.12
N ALA LA 297 56.86 -24.82 105.92
CA ALA LA 297 56.61 -25.61 107.12
C ALA LA 297 56.03 -24.76 108.23
N LEU LA 298 55.31 -25.43 109.14
CA LEU LA 298 54.78 -24.85 110.37
C LEU LA 298 54.19 -23.47 110.20
N ILE LA 364 61.72 -20.72 117.87
CA ILE LA 364 61.78 -20.52 116.44
C ILE LA 364 62.26 -21.79 115.74
N GLN LA 365 61.42 -22.83 115.74
CA GLN LA 365 61.73 -24.07 115.05
C GLN LA 365 60.46 -24.62 114.42
N PRO LA 366 60.55 -25.26 113.26
CA PRO LA 366 59.35 -25.82 112.62
C PRO LA 366 58.83 -27.03 113.39
N LEU LA 367 57.51 -27.19 113.36
CA LEU LA 367 56.90 -28.40 113.89
C LEU LA 367 57.20 -29.57 112.95
N GLU LA 368 57.63 -30.69 113.52
CA GLU LA 368 58.07 -31.83 112.71
C GLU LA 368 57.08 -32.98 112.69
N LYS LA 369 56.03 -32.96 113.50
CA LYS LA 369 55.09 -34.07 113.55
C LYS LA 369 53.74 -33.54 114.02
N ASP LA 370 52.72 -34.36 113.80
CA ASP LA 370 51.34 -34.00 114.11
C ASP LA 370 50.98 -34.48 115.51
N SER LA 371 49.70 -34.30 115.89
CA SER LA 371 49.27 -34.66 117.24
C SER LA 371 49.39 -36.16 117.49
N LYS LA 372 49.02 -36.98 116.50
CA LYS LA 372 49.06 -38.43 116.63
C LYS LA 372 50.34 -39.02 116.07
N SER LA 373 51.44 -38.27 116.11
CA SER LA 373 52.74 -38.73 115.64
C SER LA 373 52.69 -39.13 114.16
N ARG LA 374 52.40 -38.15 113.32
CA ARG LA 374 52.50 -38.30 111.88
C ARG LA 374 53.52 -37.30 111.36
N SER LA 375 54.44 -37.77 110.52
CA SER LA 375 55.48 -36.90 109.98
C SER LA 375 54.90 -35.88 109.03
N TYR LA 376 55.33 -34.62 109.18
CA TYR LA 376 55.01 -33.57 108.22
C TYR LA 376 55.97 -33.53 107.06
N ASN LA 377 56.96 -34.42 107.01
CA ASN LA 377 57.94 -34.50 105.91
C ASN LA 377 58.76 -33.22 105.79
N VAL LA 378 59.17 -32.65 106.93
CA VAL LA 378 60.02 -31.47 106.89
C VAL LA 378 61.40 -31.84 106.35
N LEU LA 379 62.02 -30.91 105.64
CA LEU LA 379 63.28 -31.14 104.95
C LEU LA 379 64.42 -30.42 105.68
N GLU LA 380 65.60 -30.47 105.08
CA GLU LA 380 66.73 -29.70 105.59
C GLU LA 380 66.47 -28.21 105.41
N ASP LA 381 67.21 -27.40 106.17
CA ASP LA 381 67.08 -25.95 106.27
C ASP LA 381 65.85 -25.56 107.07
N LYS LA 382 65.01 -26.54 107.42
CA LYS LA 382 63.95 -26.38 108.43
C LYS LA 382 63.04 -25.20 108.13
N ILE LA 383 62.74 -24.97 106.85
CA ILE LA 383 61.78 -23.95 106.44
C ILE LA 383 60.69 -24.52 105.55
N ASN LA 384 61.05 -25.33 104.56
CA ASN LA 384 60.10 -25.84 103.59
C ASN LA 384 59.84 -27.33 103.79
N THR LA 385 58.73 -27.78 103.24
CA THR LA 385 58.26 -29.15 103.32
C THR LA 385 58.31 -29.78 101.93
N ALA LA 386 58.37 -31.11 101.90
CA ALA LA 386 58.44 -31.84 100.64
C ALA LA 386 57.18 -31.69 99.78
N TYR LA 387 56.05 -31.31 100.37
CA TYR LA 387 54.82 -31.15 99.59
C TYR LA 387 54.93 -29.98 98.64
N ARG LA 388 54.43 -30.16 97.42
CA ARG LA 388 54.34 -29.09 96.43
C ARG LA 388 52.89 -28.94 95.97
N SER LA 389 52.51 -27.73 95.57
CA SER LA 389 51.14 -27.47 95.13
C SER LA 389 51.13 -26.64 93.86
N TRP LA 390 50.15 -26.92 92.99
CA TRP LA 390 50.03 -26.22 91.72
C TRP LA 390 49.78 -24.73 91.92
N TYR LA 391 48.93 -24.38 92.89
CA TYR LA 391 48.56 -22.98 93.08
C TYR LA 391 49.74 -22.13 93.53
N LEU LA 392 50.55 -22.66 94.45
CA LEU LA 392 51.73 -21.91 94.91
C LEU LA 392 52.73 -21.72 93.78
N SER LA 393 52.92 -22.75 92.96
CA SER LA 393 53.85 -22.63 91.84
C SER LA 393 53.33 -21.66 90.78
N TYR LA 394 52.02 -21.66 90.53
CA TYR LA 394 51.44 -20.76 89.54
C TYR LA 394 51.58 -19.30 89.96
N ASN LA 395 51.37 -19.00 91.24
CA ASN LA 395 51.31 -17.62 91.68
C ASN LA 395 52.64 -17.09 92.22
N TYR LA 396 53.50 -17.93 92.79
CA TYR LA 396 54.72 -17.47 93.42
C TYR LA 396 56.00 -17.99 92.76
N GLY LA 397 55.92 -18.97 91.88
CA GLY LA 397 57.08 -19.52 91.23
C GLY LA 397 57.62 -18.63 90.12
N ASN LA 398 58.53 -19.20 89.34
CA ASN LA 398 59.16 -18.46 88.24
C ASN LA 398 58.16 -18.28 87.10
N PRO LA 399 57.88 -17.05 86.67
CA PRO LA 399 56.87 -16.85 85.62
C PRO LA 399 57.21 -17.50 84.30
N GLU LA 400 58.49 -17.64 83.96
CA GLU LA 400 58.89 -18.10 82.63
C GLU LA 400 59.43 -19.52 82.62
N LYS LA 401 59.44 -20.21 83.76
CA LYS LA 401 59.91 -21.59 83.81
C LYS LA 401 59.01 -22.53 84.58
N GLY LA 402 58.16 -22.04 85.48
CA GLY LA 402 57.30 -22.89 86.26
C GLY LA 402 56.06 -23.31 85.50
N ILE LA 403 55.09 -23.82 86.27
CA ILE LA 403 53.85 -24.33 85.69
C ILE LA 403 53.03 -23.24 85.01
N ARG LA 404 53.28 -21.97 85.34
CA ARG LA 404 52.54 -20.85 84.78
C ARG LA 404 52.84 -20.64 83.30
N SER LA 405 53.92 -21.19 82.78
CA SER LA 405 54.29 -20.95 81.39
C SER LA 405 53.45 -21.76 80.41
N TRP LA 406 52.83 -22.86 80.84
CA TRP LA 406 52.02 -23.66 79.93
C TRP LA 406 50.68 -24.10 80.51
N THR LA 407 50.27 -23.61 81.67
CA THR LA 407 48.92 -23.84 82.18
C THR LA 407 48.25 -22.50 82.49
N LEU LA 408 46.93 -22.55 82.65
CA LEU LA 408 46.11 -21.36 82.83
C LEU LA 408 45.09 -21.61 83.93
N LEU LA 409 44.86 -20.58 84.75
CA LEU LA 409 43.91 -20.66 85.85
C LEU LA 409 42.57 -20.08 85.40
N THR LA 410 41.49 -20.83 85.59
CA THR LA 410 40.15 -20.44 85.15
C THR LA 410 39.14 -20.70 86.25
N THR LA 411 37.94 -20.15 86.08
CA THR LA 411 36.85 -20.42 87.02
C THR LA 411 36.37 -21.86 86.88
N SER LA 412 35.99 -22.45 88.02
CA SER LA 412 35.51 -23.82 88.03
C SER LA 412 34.20 -23.96 87.25
N ASP LA 413 34.10 -24.99 86.43
CA ASP LA 413 32.91 -25.25 85.62
C ASP LA 413 32.30 -26.58 86.04
N VAL LA 414 31.19 -26.53 86.78
CA VAL LA 414 30.61 -27.72 87.38
C VAL LA 414 30.03 -28.67 86.32
N THR LA 415 29.56 -28.16 85.18
CA THR LA 415 29.03 -29.04 84.15
C THR LA 415 30.12 -29.85 83.46
N CYS LA 416 31.39 -29.55 83.72
CA CYS LA 416 32.56 -30.17 83.12
C CYS LA 416 32.72 -29.83 81.64
N GLY LA 417 32.04 -28.79 81.16
CA GLY LA 417 32.21 -28.34 79.79
C GLY LA 417 31.21 -28.93 78.84
N VAL LA 418 30.22 -28.16 78.45
CA VAL LA 418 29.19 -28.63 77.54
C VAL LA 418 29.61 -28.34 76.11
N GLU LA 419 29.24 -29.21 75.20
CA GLU LA 419 29.50 -29.02 73.78
C GLU LA 419 28.17 -28.99 73.03
N GLN LA 420 28.25 -28.99 71.70
CA GLN LA 420 27.09 -28.78 70.84
C GLN LA 420 26.37 -30.10 70.54
N VAL LA 421 25.16 -29.97 70.00
CA VAL LA 421 24.36 -31.09 69.50
C VAL LA 421 23.89 -30.78 68.08
N TYR LA 422 23.65 -31.82 67.30
CA TYR LA 422 23.27 -31.71 65.90
C TYR LA 422 21.93 -32.41 65.65
N TRP LA 423 21.08 -31.79 64.83
CA TRP LA 423 19.80 -32.35 64.39
C TRP LA 423 19.89 -32.89 62.97
N SER LA 424 19.23 -34.02 62.71
CA SER LA 424 19.14 -34.59 61.37
C SER LA 424 17.69 -34.97 61.04
N LEU LA 425 17.25 -34.64 59.83
CA LEU LA 425 15.95 -35.05 59.30
C LEU LA 425 16.12 -35.55 57.87
N PRO LA 426 16.70 -36.74 57.69
CA PRO LA 426 17.14 -37.14 56.34
C PRO LA 426 16.01 -37.39 55.35
N ASP LA 427 14.79 -37.68 55.78
CA ASP LA 427 13.69 -37.93 54.86
C ASP LA 427 12.86 -36.68 54.54
N MET LA 428 13.20 -35.52 55.12
CA MET LA 428 12.40 -34.32 54.90
C MET LA 428 13.17 -33.21 54.22
N MET LA 429 14.38 -32.90 54.66
CA MET LA 429 15.19 -31.81 54.14
C MET LA 429 16.19 -32.32 53.11
N GLN LA 430 16.56 -31.43 52.19
CA GLN LA 430 17.68 -31.71 51.29
C GLN LA 430 19.00 -31.61 52.04
N ASP LA 431 19.99 -32.36 51.58
CA ASP LA 431 21.31 -32.35 52.23
C ASP LA 431 21.99 -31.01 52.00
N PRO LA 432 22.52 -30.36 53.05
CA PRO LA 432 23.29 -29.14 52.85
C PRO LA 432 24.61 -29.41 52.12
N VAL LA 433 25.21 -28.32 51.62
CA VAL LA 433 26.30 -28.41 50.66
C VAL LA 433 27.51 -29.14 51.27
N THR LA 434 28.09 -30.04 50.46
CA THR LA 434 29.24 -30.92 50.67
C THR LA 434 28.92 -32.18 51.52
N PHE LA 435 27.73 -32.33 52.07
CA PHE LA 435 27.36 -33.56 52.77
C PHE LA 435 26.98 -34.65 51.76
N ARG LA 436 27.41 -35.89 52.02
CA ARG LA 436 27.03 -37.03 51.20
C ARG LA 436 25.74 -37.68 51.71
N SER LA 437 24.94 -38.19 50.77
CA SER LA 437 23.77 -38.97 51.13
C SER LA 437 24.18 -40.36 51.58
N THR LA 438 23.59 -40.84 52.67
CA THR LA 438 23.99 -42.11 53.27
C THR LA 438 22.88 -42.63 54.17
N ARG LA 439 23.03 -43.89 54.58
CA ARG LA 439 22.15 -44.50 55.57
C ARG LA 439 22.88 -44.91 56.84
N GLN LA 440 24.10 -44.43 57.06
CA GLN LA 440 24.82 -44.69 58.30
C GLN LA 440 24.50 -43.59 59.31
N VAL LA 441 24.10 -44.01 60.52
CA VAL LA 441 23.58 -43.07 61.51
C VAL LA 441 24.64 -42.07 61.94
N SER LA 442 25.87 -42.52 62.15
CA SER LA 442 26.91 -41.58 62.54
C SER LA 442 27.38 -40.67 61.40
N ASN LA 443 26.74 -40.65 60.23
CA ASN LA 443 27.17 -39.75 59.17
C ASN LA 443 25.98 -39.08 58.47
N TYR LA 444 24.83 -38.95 59.14
CA TYR LA 444 23.70 -38.24 58.56
C TYR LA 444 24.04 -36.77 58.32
N PRO LA 445 23.52 -36.16 57.26
CA PRO LA 445 23.69 -34.71 57.07
C PRO LA 445 23.03 -33.91 58.20
N VAL LA 446 23.63 -32.78 58.53
CA VAL LA 446 23.26 -31.98 59.70
C VAL LA 446 22.41 -30.80 59.26
N VAL LA 447 21.26 -30.64 59.91
CA VAL LA 447 20.30 -29.60 59.55
C VAL LA 447 20.23 -28.45 60.57
N GLY LA 448 20.81 -28.61 61.75
CA GLY LA 448 20.86 -27.53 62.73
C GLY LA 448 21.76 -27.89 63.88
N ALA LA 449 22.16 -26.85 64.64
CA ALA LA 449 23.07 -27.02 65.76
C ALA LA 449 22.71 -26.06 66.89
N GLU LA 450 23.04 -26.47 68.11
CA GLU LA 450 22.82 -25.66 69.32
C GLU LA 450 23.62 -26.29 70.45
N LEU LA 451 23.62 -25.63 71.61
CA LEU LA 451 24.29 -26.18 72.78
C LEU LA 451 23.42 -27.24 73.46
N MET LA 452 24.06 -28.29 73.95
CA MET LA 452 23.39 -29.22 74.84
C MET LA 452 22.90 -28.46 76.07
N PRO LA 453 21.60 -28.53 76.39
CA PRO LA 453 20.99 -27.53 77.31
C PRO LA 453 21.19 -27.83 78.79
N VAL LA 454 22.44 -27.70 79.25
CA VAL LA 454 22.80 -27.90 80.65
C VAL LA 454 23.62 -26.69 81.10
N PHE LA 455 23.24 -26.11 82.25
CA PHE LA 455 23.81 -24.84 82.68
C PHE LA 455 24.18 -24.88 84.16
N SER LA 456 25.09 -23.99 84.54
CA SER LA 456 25.52 -23.83 85.92
C SER LA 456 24.71 -22.76 86.62
N LYS LA 457 24.43 -22.97 87.91
CA LYS LA 457 23.74 -21.99 88.74
C LYS LA 457 24.49 -21.78 90.06
N SER LA 458 24.54 -20.55 90.53
CA SER LA 458 25.30 -20.17 91.71
C SER LA 458 24.42 -19.94 92.92
N PHE LA 459 24.95 -20.28 94.10
CA PHE LA 459 24.29 -20.03 95.37
C PHE LA 459 25.33 -19.49 96.36
N TYR LA 460 24.84 -18.82 97.40
CA TYR LA 460 25.69 -18.23 98.42
C TYR LA 460 25.51 -18.99 99.72
N ASN LA 461 26.62 -19.41 100.33
CA ASN LA 461 26.58 -20.15 101.59
C ASN LA 461 27.65 -19.67 102.57
N HIS LA 478 32.95 -39.73 110.18
CA HIS LA 478 33.21 -38.91 109.01
C HIS LA 478 34.14 -39.60 108.04
N VAL LA 479 33.57 -40.21 106.99
CA VAL LA 479 34.37 -40.86 105.98
C VAL LA 479 35.14 -39.85 105.14
N PHE LA 480 34.69 -38.59 105.09
CA PHE LA 480 35.36 -37.55 104.33
C PHE LA 480 36.36 -36.76 105.16
N ASN LA 481 36.64 -37.18 106.39
CA ASN LA 481 37.68 -36.56 107.21
C ASN LA 481 38.28 -37.67 108.08
N ARG LA 482 39.33 -38.30 107.56
CA ARG LA 482 39.99 -39.42 108.21
C ARG LA 482 41.26 -39.04 108.95
N PHE LA 483 41.76 -37.82 108.75
CA PHE LA 483 42.95 -37.32 109.43
C PHE LA 483 42.63 -35.94 109.98
N PRO LA 484 41.75 -35.86 110.97
CA PRO LA 484 41.35 -34.53 111.49
C PRO LA 484 42.50 -33.72 112.04
N GLU LA 485 43.52 -34.37 112.62
CA GLU LA 485 44.61 -33.64 113.24
C GLU LA 485 45.58 -33.06 112.23
N ASN LA 486 45.81 -33.74 111.12
CA ASN LA 486 46.90 -33.39 110.21
C ASN LA 486 46.54 -32.14 109.42
N GLN LA 487 47.40 -31.11 109.51
CA GLN LA 487 47.11 -29.85 108.84
C GLN LA 487 47.16 -29.96 107.32
N ILE LA 488 47.87 -30.95 106.78
CA ILE LA 488 47.93 -31.13 105.34
C ILE LA 488 46.78 -31.98 104.83
N LEU LA 489 46.39 -32.99 105.60
CA LEU LA 489 45.37 -33.95 105.19
C LEU LA 489 43.99 -33.62 105.75
N ILE LA 490 43.81 -32.44 106.34
CA ILE LA 490 42.49 -32.05 106.81
C ILE LA 490 41.54 -31.87 105.63
N ARG LA 491 40.25 -32.03 105.90
CA ARG LA 491 39.23 -31.87 104.86
C ARG LA 491 39.19 -30.42 104.37
N PRO LA 492 39.20 -30.18 103.07
CA PRO LA 492 39.32 -28.81 102.58
C PRO LA 492 38.12 -27.97 102.99
N PRO LA 493 38.32 -26.68 103.23
CA PRO LA 493 37.18 -25.80 103.48
C PRO LA 493 36.31 -25.62 102.24
N ALA LA 494 35.03 -25.40 102.48
CA ALA LA 494 34.04 -25.24 101.40
C ALA LA 494 34.00 -23.78 100.93
N PRO LA 495 33.85 -23.55 99.63
CA PRO LA 495 33.78 -22.17 99.14
C PRO LA 495 32.50 -21.49 99.59
N THR LA 496 32.57 -20.16 99.69
CA THR LA 496 31.39 -19.37 99.96
C THR LA 496 30.46 -19.26 98.75
N ILE LA 497 30.90 -19.68 97.56
CA ILE LA 497 30.07 -19.74 96.36
C ILE LA 497 30.00 -21.19 95.90
N THR LA 498 28.79 -21.73 95.84
CA THR LA 498 28.56 -23.11 95.39
C THR LA 498 27.83 -23.11 94.06
N THR LA 499 28.25 -23.98 93.15
CA THR LA 499 27.64 -24.10 91.83
C THR LA 499 27.15 -25.52 91.59
N VAL LA 500 25.97 -25.63 90.98
CA VAL LA 500 25.36 -26.91 90.62
C VAL LA 500 24.83 -26.80 89.19
N SER LA 501 24.71 -27.95 88.53
CA SER LA 501 24.30 -27.99 87.13
C SER LA 501 22.81 -28.32 87.00
N GLU LA 502 22.16 -27.71 86.02
CA GLU LA 502 20.72 -27.81 85.80
C GLU LA 502 20.39 -28.10 84.35
N ASN LA 503 19.26 -28.77 84.14
CA ASN LA 503 18.71 -29.01 82.81
C ASN LA 503 17.56 -28.04 82.56
N VAL LA 504 17.62 -27.28 81.48
CA VAL LA 504 16.65 -26.25 81.16
C VAL LA 504 16.10 -26.53 79.76
N PRO LA 505 14.77 -26.60 79.59
CA PRO LA 505 14.23 -26.87 78.24
C PRO LA 505 14.60 -25.80 77.24
N ALA LA 506 14.92 -26.24 76.03
CA ALA LA 506 15.47 -25.38 74.98
C ALA LA 506 14.48 -25.24 73.83
N LEU LA 507 14.18 -24.01 73.46
CA LEU LA 507 13.25 -23.68 72.38
C LEU LA 507 14.03 -22.90 71.33
N THR LA 508 14.15 -23.46 70.13
CA THR LA 508 15.10 -22.95 69.15
C THR LA 508 14.45 -22.77 67.78
N ASP LA 509 14.75 -21.64 67.14
CA ASP LA 509 14.38 -21.37 65.76
C ASP LA 509 15.61 -21.55 64.88
N HIS LA 510 15.54 -22.49 63.95
CA HIS LA 510 16.68 -22.84 63.09
C HIS LA 510 16.62 -22.19 61.71
N GLY LA 511 15.64 -21.35 61.42
CA GLY LA 511 15.51 -20.72 60.12
C GLY LA 511 14.90 -21.63 59.06
N THR LA 512 15.03 -21.21 57.81
CA THR LA 512 14.41 -21.88 56.66
C THR LA 512 15.43 -22.72 55.90
N LEU LA 513 15.05 -23.95 55.58
CA LEU LA 513 15.89 -24.88 54.82
C LEU LA 513 15.13 -25.45 53.62
N PRO LA 514 15.81 -25.76 52.52
CA PRO LA 514 15.13 -26.33 51.36
C PRO LA 514 14.51 -27.70 51.65
N LEU LA 515 13.33 -27.91 51.10
CA LEU LA 515 12.46 -29.04 51.40
C LEU LA 515 12.33 -29.94 50.18
N ARG LA 516 12.24 -31.25 50.42
CA ARG LA 516 11.99 -32.18 49.33
C ARG LA 516 10.56 -32.05 48.80
N SER LA 517 10.39 -32.27 47.49
CA SER LA 517 9.08 -32.07 46.86
C SER LA 517 8.09 -33.18 47.21
N SER LA 518 8.57 -34.38 47.54
CA SER LA 518 7.68 -35.48 47.92
C SER LA 518 8.13 -36.01 49.28
N ILE LA 519 7.20 -36.05 50.23
CA ILE LA 519 7.47 -36.40 51.61
C ILE LA 519 6.73 -37.69 51.94
N ARG LA 520 7.46 -38.70 52.38
CA ARG LA 520 6.86 -39.97 52.79
C ARG LA 520 6.19 -39.85 54.15
N GLY LA 521 5.26 -40.78 54.42
CA GLY LA 521 4.46 -40.74 55.62
C GLY LA 521 5.20 -41.08 56.90
N VAL LA 522 6.32 -41.80 56.82
CA VAL LA 522 7.12 -42.15 57.98
C VAL LA 522 8.45 -41.44 57.89
N GLN LA 523 8.85 -40.79 58.99
CA GLN LA 523 10.03 -39.92 59.01
C GLN LA 523 10.96 -40.32 60.16
N ARG LA 524 12.26 -40.14 59.93
CA ARG LA 524 13.29 -40.40 60.93
C ARG LA 524 13.78 -39.11 61.57
N VAL LA 525 13.95 -39.13 62.90
CA VAL LA 525 14.44 -37.98 63.67
C VAL LA 525 15.65 -38.44 64.48
N THR LA 526 16.75 -37.68 64.41
CA THR LA 526 18.00 -38.06 65.06
C THR LA 526 18.67 -36.86 65.72
N VAL LA 527 19.23 -37.08 66.91
CA VAL LA 527 20.02 -36.08 67.64
C VAL LA 527 21.34 -36.72 68.05
N THR LA 528 22.46 -36.11 67.66
CA THR LA 528 23.79 -36.63 67.98
C THR LA 528 24.71 -35.55 68.54
N ASP LA 529 25.77 -35.98 69.22
CA ASP LA 529 26.72 -35.09 69.86
C ASP LA 529 27.89 -34.78 68.92
N ALA LA 530 28.94 -34.15 69.47
CA ALA LA 530 30.05 -33.69 68.65
C ALA LA 530 30.84 -34.83 68.03
N ARG LA 531 30.91 -35.98 68.69
CA ARG LA 531 31.55 -37.17 68.14
C ARG LA 531 30.60 -38.02 67.33
N ARG LA 532 29.38 -37.53 67.08
CA ARG LA 532 28.35 -38.20 66.28
C ARG LA 532 27.86 -39.50 66.93
N ARG LA 533 27.73 -39.50 68.25
CA ARG LA 533 27.01 -40.53 68.98
C ARG LA 533 25.64 -40.00 69.38
N THR LA 534 24.66 -40.90 69.46
CA THR LA 534 23.38 -40.51 70.02
C THR LA 534 23.51 -40.28 71.52
N CYS LA 535 22.63 -39.44 72.06
CA CYS LA 535 22.70 -39.07 73.47
C CYS LA 535 21.59 -39.77 74.26
N PRO LA 536 21.92 -40.66 75.19
CA PRO LA 536 20.89 -41.35 75.97
C PRO LA 536 20.16 -40.48 76.98
N TYR LA 537 20.54 -39.23 77.18
CA TYR LA 537 19.88 -38.39 78.17
C TYR LA 537 18.82 -37.45 77.59
N VAL LA 538 18.53 -37.56 76.31
CA VAL LA 538 17.37 -36.87 75.74
C VAL LA 538 16.12 -37.68 76.06
N TYR LA 539 15.09 -37.02 76.61
CA TYR LA 539 13.83 -37.73 76.82
C TYR LA 539 12.61 -36.98 76.27
N LYS LA 540 12.80 -35.89 75.55
CA LYS LA 540 11.70 -35.21 74.88
C LYS LA 540 12.27 -34.40 73.71
N ALA LA 541 11.76 -34.64 72.52
CA ALA LA 541 12.19 -33.94 71.32
C ALA LA 541 11.02 -33.81 70.35
N LEU LA 542 10.71 -32.59 69.94
CA LEU LA 542 9.63 -32.29 69.01
C LEU LA 542 10.11 -31.36 67.90
N GLY LA 543 9.51 -31.49 66.73
CA GLY LA 543 9.78 -30.59 65.64
C GLY LA 543 8.50 -30.12 64.98
N ILE LA 544 8.53 -28.87 64.52
CA ILE LA 544 7.43 -28.25 63.80
C ILE LA 544 7.99 -27.56 62.56
N VAL LA 545 7.43 -27.88 61.40
CA VAL LA 545 7.90 -27.36 60.13
C VAL LA 545 6.77 -26.59 59.44
N ALA LA 546 7.10 -25.42 58.89
CA ALA LA 546 6.13 -24.58 58.17
C ALA LA 546 6.59 -24.35 56.72
N PRO LA 547 6.06 -25.11 55.76
CA PRO LA 547 6.51 -24.94 54.37
C PRO LA 547 6.04 -23.64 53.74
N ARG LA 548 6.81 -23.16 52.76
CA ARG LA 548 6.44 -22.01 51.93
C ARG LA 548 7.26 -22.01 50.65
N VAL LA 549 6.80 -21.25 49.67
CA VAL LA 549 7.44 -21.19 48.35
C VAL LA 549 8.67 -20.30 48.41
N LEU LA 550 9.78 -20.78 47.84
CA LEU LA 550 11.02 -20.01 47.75
C LEU LA 550 11.25 -19.41 46.37
N SER LA 551 11.13 -20.19 45.30
CA SER LA 551 11.33 -19.68 43.96
C SER LA 551 10.58 -20.54 42.96
N SER LA 552 10.54 -20.06 41.72
CA SER LA 552 9.83 -20.73 40.64
C SER LA 552 10.69 -21.79 39.98
N ARG LA 553 10.02 -22.80 39.44
CA ARG LA 553 10.62 -23.87 38.64
C ARG LA 553 11.55 -24.76 39.45
N ARG MA 48 -36.47 -22.95 -18.16
CA ARG MA 48 -37.34 -23.75 -17.31
C ARG MA 48 -38.79 -23.76 -17.82
N ASN MA 49 -38.96 -23.85 -19.13
CA ASN MA 49 -40.30 -23.78 -19.71
C ASN MA 49 -40.52 -24.79 -20.83
N SER MA 50 -39.77 -25.88 -20.86
CA SER MA 50 -39.88 -26.85 -21.94
C SER MA 50 -40.96 -27.89 -21.64
N ILE MA 51 -41.48 -28.51 -22.70
CA ILE MA 51 -42.52 -29.52 -22.62
C ILE MA 51 -42.08 -30.73 -23.45
N ARG MA 52 -42.03 -31.90 -22.83
CA ARG MA 52 -41.39 -33.08 -23.43
C ARG MA 52 -42.33 -34.28 -23.47
N TYR MA 53 -42.19 -35.08 -24.52
CA TYR MA 53 -42.98 -36.29 -24.72
C TYR MA 53 -42.05 -37.50 -24.66
N SER MA 54 -42.43 -38.51 -23.88
CA SER MA 54 -41.48 -39.56 -23.51
C SER MA 54 -41.03 -40.42 -24.69
N GLU MA 55 -41.70 -40.37 -25.83
CA GLU MA 55 -41.28 -41.17 -26.98
C GLU MA 55 -40.30 -40.45 -27.89
N LEU MA 56 -39.89 -39.22 -27.57
CA LEU MA 56 -38.99 -38.45 -28.41
C LEU MA 56 -37.72 -38.09 -27.65
N SER MA 57 -36.58 -38.08 -28.35
CA SER MA 57 -35.29 -37.77 -27.76
C SER MA 57 -34.32 -37.31 -28.84
N PRO MA 58 -33.42 -36.37 -28.55
CA PRO MA 58 -32.49 -35.88 -29.57
C PRO MA 58 -31.26 -36.76 -29.73
N LEU MA 59 -30.59 -36.60 -30.87
CA LEU MA 59 -29.50 -37.49 -31.30
C LEU MA 59 -28.13 -36.80 -31.22
N TYR MA 60 -27.12 -37.58 -30.87
CA TYR MA 60 -25.75 -37.07 -30.71
C TYR MA 60 -24.72 -38.08 -31.20
N ASP MA 61 -23.59 -37.54 -31.67
CA ASP MA 61 -22.27 -38.16 -31.87
C ASP MA 61 -22.10 -39.13 -33.05
N THR MA 62 -23.17 -39.77 -33.53
CA THR MA 62 -23.06 -40.73 -34.63
C THR MA 62 -24.44 -41.31 -34.91
N THR MA 63 -24.61 -41.85 -36.12
CA THR MA 63 -25.87 -42.43 -36.58
C THR MA 63 -25.57 -43.23 -37.86
N ARG MA 64 -26.63 -43.65 -38.57
CA ARG MA 64 -26.49 -44.35 -39.84
C ARG MA 64 -27.35 -43.69 -40.91
N LEU MA 65 -26.87 -43.67 -42.15
CA LEU MA 65 -27.63 -43.29 -43.32
C LEU MA 65 -27.60 -44.43 -44.32
N TYR MA 66 -28.75 -44.78 -44.88
CA TYR MA 66 -28.89 -45.93 -45.77
C TYR MA 66 -29.23 -45.49 -47.18
N LEU MA 67 -28.49 -46.01 -48.17
CA LEU MA 67 -28.68 -45.71 -49.59
C LEU MA 67 -29.08 -46.99 -50.28
N VAL MA 68 -30.38 -47.16 -50.53
CA VAL MA 68 -30.96 -48.43 -50.94
C VAL MA 68 -31.66 -48.26 -52.28
N ASP MA 69 -31.47 -49.23 -53.17
CA ASP MA 69 -31.87 -49.11 -54.57
C ASP MA 69 -33.24 -49.69 -54.89
N ASN MA 70 -33.97 -50.23 -53.92
CA ASN MA 70 -35.25 -50.90 -54.24
C ASN MA 70 -36.34 -50.54 -53.23
N LYS MA 71 -36.43 -49.28 -52.85
CA LYS MA 71 -37.58 -48.84 -52.05
C LYS MA 71 -38.83 -48.77 -52.92
N SER MA 72 -39.96 -49.17 -52.36
CA SER MA 72 -41.17 -49.36 -53.18
C SER MA 72 -41.65 -48.05 -53.78
N ALA MA 73 -41.69 -46.97 -52.98
CA ALA MA 73 -42.19 -45.70 -53.47
C ALA MA 73 -41.21 -45.00 -54.41
N ASP MA 74 -39.91 -45.17 -54.19
CA ASP MA 74 -38.92 -44.55 -55.07
C ASP MA 74 -38.93 -45.18 -56.46
N ILE MA 75 -39.29 -46.45 -56.56
CA ILE MA 75 -39.35 -47.11 -57.86
C ILE MA 75 -40.38 -46.44 -58.76
N ALA MA 76 -41.55 -46.14 -58.21
CA ALA MA 76 -42.64 -45.65 -59.04
C ALA MA 76 -42.44 -44.20 -59.48
N SER MA 77 -41.95 -43.34 -58.59
CA SER MA 77 -41.98 -41.90 -58.84
C SER MA 77 -40.62 -41.28 -59.14
N LEU MA 78 -39.52 -42.00 -59.02
CA LEU MA 78 -38.22 -41.38 -59.24
C LEU MA 78 -37.43 -41.97 -60.39
N ASN MA 79 -37.46 -43.29 -60.57
CA ASN MA 79 -36.44 -43.98 -61.35
C ASN MA 79 -37.02 -44.67 -62.57
N TYR MA 80 -37.95 -44.01 -63.26
CA TYR MA 80 -38.64 -44.66 -64.38
C TYR MA 80 -37.69 -44.93 -65.55
N GLN MA 81 -36.74 -44.03 -65.79
CA GLN MA 81 -35.80 -44.17 -66.91
C GLN MA 81 -34.38 -44.57 -66.48
N ASN MA 82 -34.19 -45.03 -65.26
CA ASN MA 82 -32.87 -45.30 -64.71
C ASN MA 82 -32.59 -46.80 -64.63
N ASP MA 83 -31.37 -47.15 -64.21
CA ASP MA 83 -31.01 -48.53 -63.92
C ASP MA 83 -30.13 -48.55 -62.66
N HIS MA 84 -29.73 -49.75 -62.25
CA HIS MA 84 -29.05 -49.90 -60.96
C HIS MA 84 -27.65 -49.30 -60.95
N SER MA 85 -27.09 -48.93 -62.10
CA SER MA 85 -25.81 -48.26 -62.15
C SER MA 85 -25.91 -46.75 -61.95
N ASN MA 86 -27.11 -46.16 -62.07
CA ASN MA 86 -27.28 -44.71 -61.95
C ASN MA 86 -28.74 -44.41 -61.59
N PHE MA 87 -29.00 -44.15 -60.30
CA PHE MA 87 -30.37 -44.04 -59.82
C PHE MA 87 -30.46 -43.00 -58.71
N LEU MA 88 -31.70 -42.70 -58.31
CA LEU MA 88 -32.01 -41.78 -57.22
C LEU MA 88 -32.66 -42.53 -56.08
N THR MA 89 -32.41 -42.08 -54.85
CA THR MA 89 -33.00 -42.70 -53.67
C THR MA 89 -33.19 -41.66 -52.58
N THR MA 90 -34.06 -41.98 -51.62
CA THR MA 90 -34.36 -41.09 -50.52
C THR MA 90 -33.68 -41.60 -49.24
N VAL MA 91 -32.98 -40.69 -48.55
CA VAL MA 91 -32.39 -41.05 -47.26
C VAL MA 91 -33.31 -40.77 -46.09
N VAL MA 92 -34.48 -40.18 -46.33
CA VAL MA 92 -35.50 -40.00 -45.29
C VAL MA 92 -36.30 -41.29 -45.18
N GLN MA 93 -36.31 -41.89 -43.99
CA GLN MA 93 -36.96 -43.19 -43.76
C GLN MA 93 -38.29 -43.05 -43.01
N ASN MA 94 -39.08 -42.01 -43.30
CA ASN MA 94 -40.32 -41.69 -42.59
C ASN MA 94 -41.46 -41.72 -43.60
N ASN MA 95 -42.36 -42.69 -43.46
CA ASN MA 95 -43.41 -42.91 -44.45
C ASN MA 95 -44.61 -41.98 -44.29
N ASP MA 96 -44.52 -40.96 -43.44
CA ASP MA 96 -45.53 -39.91 -43.42
C ASP MA 96 -45.44 -39.01 -44.65
N PHE MA 97 -44.39 -39.14 -45.46
CA PHE MA 97 -44.16 -38.28 -46.61
C PHE MA 97 -43.86 -39.11 -47.85
N THR MA 98 -44.25 -38.59 -49.00
CA THR MA 98 -43.85 -39.16 -50.28
C THR MA 98 -42.43 -38.74 -50.64
N PRO MA 99 -41.77 -39.47 -51.54
CA PRO MA 99 -40.41 -39.08 -51.95
C PRO MA 99 -40.32 -37.67 -52.51
N THR MA 100 -41.34 -37.23 -53.24
CA THR MA 100 -41.35 -35.86 -53.76
C THR MA 100 -41.34 -34.84 -52.62
N GLU MA 101 -42.17 -35.06 -51.59
CA GLU MA 101 -42.15 -34.19 -50.43
C GLU MA 101 -40.82 -34.28 -49.69
N ALA MA 102 -40.26 -35.48 -49.60
CA ALA MA 102 -39.00 -35.67 -48.88
C ALA MA 102 -37.84 -34.93 -49.55
N SER MA 103 -37.93 -34.67 -50.85
CA SER MA 103 -36.81 -34.07 -51.57
C SER MA 103 -36.46 -32.68 -51.04
N THR MA 104 -37.43 -31.97 -50.46
CA THR MA 104 -37.17 -30.64 -49.93
C THR MA 104 -36.71 -30.62 -48.49
N GLN MA 105 -36.75 -31.76 -47.80
CA GLN MA 105 -36.31 -31.81 -46.40
C GLN MA 105 -34.79 -31.97 -46.31
N THR MA 106 -34.24 -31.70 -45.13
CA THR MA 106 -32.79 -31.77 -44.93
C THR MA 106 -32.47 -32.47 -43.61
N ILE MA 107 -31.24 -32.97 -43.53
CA ILE MA 107 -30.62 -33.46 -42.31
C ILE MA 107 -29.40 -32.59 -42.04
N ASN MA 108 -29.28 -32.08 -40.82
CA ASN MA 108 -28.27 -31.05 -40.52
C ASN MA 108 -27.33 -31.54 -39.42
N PHE MA 109 -26.04 -31.53 -39.72
CA PHE MA 109 -24.98 -31.84 -38.77
C PHE MA 109 -24.39 -30.55 -38.24
N ASP MA 110 -24.15 -30.48 -36.92
CA ASP MA 110 -23.86 -29.22 -36.26
C ASP MA 110 -22.73 -28.45 -36.94
N GLU MA 111 -23.00 -27.19 -37.29
CA GLU MA 111 -22.11 -26.40 -38.10
C GLU MA 111 -20.86 -25.95 -37.35
N ARG MA 112 -20.79 -26.13 -36.04
CA ARG MA 112 -19.59 -25.81 -35.28
C ARG MA 112 -18.54 -26.93 -35.32
N SER MA 113 -18.79 -28.00 -36.06
CA SER MA 113 -17.82 -29.07 -36.27
C SER MA 113 -17.71 -29.38 -37.75
N ARG MA 114 -16.58 -29.97 -38.14
CA ARG MA 114 -16.43 -30.58 -39.46
C ARG MA 114 -16.64 -32.08 -39.33
N TRP MA 115 -17.43 -32.66 -40.23
CA TRP MA 115 -17.88 -34.04 -40.12
C TRP MA 115 -17.29 -34.90 -41.24
N GLY MA 116 -17.08 -36.17 -40.92
CA GLY MA 116 -16.68 -37.15 -41.91
C GLY MA 116 -17.59 -38.36 -41.87
N GLY MA 117 -17.55 -39.14 -42.94
CA GLY MA 117 -18.38 -40.32 -43.05
C GLY MA 117 -17.66 -41.56 -43.52
N GLN MA 118 -17.74 -42.63 -42.73
CA GLN MA 118 -17.16 -43.91 -43.12
C GLN MA 118 -18.12 -44.66 -44.03
N LEU MA 119 -17.63 -45.10 -45.19
CA LEU MA 119 -18.47 -45.64 -46.25
C LEU MA 119 -18.19 -47.12 -46.48
N LYS MA 120 -19.26 -47.93 -46.49
CA LYS MA 120 -19.21 -49.34 -46.85
C LYS MA 120 -20.19 -49.61 -47.98
N THR MA 121 -19.80 -50.44 -48.94
CA THR MA 121 -20.65 -50.73 -50.09
C THR MA 121 -20.80 -52.23 -50.30
N ILE MA 122 -21.89 -52.60 -50.96
CA ILE MA 122 -22.19 -53.96 -51.37
C ILE MA 122 -22.60 -53.92 -52.84
N MET MA 123 -21.98 -54.76 -53.67
CA MET MA 123 -22.23 -54.77 -55.10
C MET MA 123 -22.29 -56.19 -55.64
N HIS MA 124 -23.18 -56.43 -56.60
CA HIS MA 124 -23.28 -57.72 -57.27
C HIS MA 124 -23.55 -57.52 -58.75
N THR MA 125 -22.90 -58.34 -59.59
CA THR MA 125 -22.97 -58.20 -61.04
C THR MA 125 -23.38 -59.52 -61.69
N ASN MA 126 -23.76 -59.45 -62.97
CA ASN MA 126 -24.11 -60.63 -63.76
C ASN MA 126 -23.56 -60.54 -65.19
N MET MA 127 -22.29 -60.17 -65.32
CA MET MA 127 -21.65 -59.95 -66.63
C MET MA 127 -21.22 -61.27 -67.26
N PRO MA 128 -21.57 -61.55 -68.51
CA PRO MA 128 -20.97 -62.67 -69.25
C PRO MA 128 -19.67 -62.27 -69.91
N ASN MA 129 -18.81 -63.27 -70.14
CA ASN MA 129 -17.45 -62.96 -70.57
C ASN MA 129 -17.33 -62.56 -72.04
N VAL MA 130 -18.25 -62.98 -72.90
CA VAL MA 130 -18.23 -62.60 -74.32
C VAL MA 130 -19.45 -61.72 -74.57
N ASN MA 131 -19.23 -60.43 -74.78
CA ASN MA 131 -20.33 -59.48 -74.98
C ASN MA 131 -19.84 -58.28 -75.77
N GLU MA 132 -20.80 -57.53 -76.31
CA GLU MA 132 -20.50 -56.40 -77.18
C GLU MA 132 -20.02 -55.17 -76.41
N TYR MA 133 -20.56 -54.93 -75.22
CA TYR MA 133 -20.28 -53.69 -74.50
C TYR MA 133 -18.81 -53.58 -74.10
N MET MA 134 -18.16 -54.71 -73.84
CA MET MA 134 -16.77 -54.73 -73.38
C MET MA 134 -15.77 -55.07 -74.48
N PHE MA 135 -16.21 -55.08 -75.75
CA PHE MA 135 -15.34 -55.29 -76.90
C PHE MA 135 -14.66 -56.67 -76.90
N SER MA 136 -15.31 -57.68 -76.32
CA SER MA 136 -14.84 -59.05 -76.37
C SER MA 136 -15.64 -59.87 -77.37
N ASN MA 137 -16.24 -59.21 -78.36
CA ASN MA 137 -17.19 -59.81 -79.27
C ASN MA 137 -16.65 -59.94 -80.70
N LYS MA 138 -15.53 -59.32 -81.02
CA LYS MA 138 -15.15 -59.15 -82.42
C LYS MA 138 -13.64 -59.08 -82.56
N PHE MA 139 -13.17 -59.37 -83.77
CA PHE MA 139 -11.77 -59.24 -84.15
C PHE MA 139 -11.71 -59.09 -85.67
N LYS MA 140 -10.53 -58.72 -86.18
CA LYS MA 140 -10.32 -58.53 -87.62
C LYS MA 140 -9.25 -59.48 -88.14
N ALA MA 141 -9.40 -59.90 -89.39
CA ALA MA 141 -8.45 -60.80 -90.02
C ALA MA 141 -8.46 -60.61 -91.53
N ARG MA 142 -7.39 -61.06 -92.18
CA ARG MA 142 -7.23 -60.97 -93.63
C ARG MA 142 -7.16 -62.37 -94.21
N VAL MA 143 -8.10 -62.69 -95.10
CA VAL MA 143 -8.22 -64.01 -95.70
C VAL MA 143 -8.27 -63.87 -97.22
N MET MA 144 -8.28 -65.02 -97.90
CA MET MA 144 -8.25 -65.06 -99.36
C MET MA 144 -9.68 -65.10 -99.92
N VAL MA 145 -9.95 -64.19 -100.86
CA VAL MA 145 -11.28 -64.07 -101.42
C VAL MA 145 -11.40 -64.70 -102.81
N SER MA 146 -10.32 -64.72 -103.59
CA SER MA 146 -10.37 -65.28 -104.94
C SER MA 146 -9.04 -65.91 -105.30
N ARG MA 147 -9.11 -67.12 -105.84
CA ARG MA 147 -8.00 -67.69 -106.60
C ARG MA 147 -8.18 -67.29 -108.07
N LYS MA 148 -7.40 -67.89 -108.97
CA LYS MA 148 -7.53 -67.56 -110.39
C LYS MA 148 -8.86 -68.06 -110.94
N ASP MA 171 -1.50 -68.55 -111.33
CA ASP MA 171 -2.65 -68.21 -110.49
C ASP MA 171 -2.42 -66.87 -109.77
N ILE MA 172 -3.46 -66.03 -109.76
CA ILE MA 172 -3.43 -64.75 -109.07
C ILE MA 172 -4.37 -64.83 -107.87
N LEU MA 173 -3.87 -64.43 -106.71
CA LEU MA 173 -4.58 -64.57 -105.45
C LEU MA 173 -4.93 -63.20 -104.89
N LYS MA 174 -6.17 -63.05 -104.41
CA LYS MA 174 -6.65 -61.79 -103.86
C LYS MA 174 -7.04 -61.98 -102.40
N TYR MA 175 -6.70 -60.99 -101.58
CA TYR MA 175 -6.98 -61.02 -100.15
C TYR MA 175 -7.69 -59.74 -99.73
N GLU MA 176 -8.40 -59.81 -98.60
CA GLU MA 176 -9.16 -58.67 -98.11
C GLU MA 176 -9.34 -58.79 -96.60
N TRP MA 177 -9.53 -57.64 -95.95
CA TRP MA 177 -9.79 -57.56 -94.52
C TRP MA 177 -11.29 -57.62 -94.24
N PHE MA 178 -11.65 -58.26 -93.14
CA PHE MA 178 -13.02 -58.34 -92.67
C PHE MA 178 -13.05 -58.22 -91.15
N GLU MA 179 -14.23 -57.93 -90.61
CA GLU MA 179 -14.48 -57.96 -89.18
C GLU MA 179 -15.46 -59.09 -88.86
N PHE MA 180 -15.10 -59.91 -87.87
CA PHE MA 180 -15.86 -61.10 -87.53
C PHE MA 180 -16.54 -60.93 -86.19
N ILE MA 181 -17.76 -61.46 -86.07
CA ILE MA 181 -18.61 -61.28 -84.88
C ILE MA 181 -18.99 -62.64 -84.32
N LEU MA 182 -18.87 -62.79 -82.99
CA LEU MA 182 -19.27 -63.95 -82.21
C LEU MA 182 -20.61 -63.69 -81.52
N PRO MA 183 -21.40 -64.73 -81.24
CA PRO MA 183 -22.61 -64.54 -80.44
C PRO MA 183 -22.29 -64.48 -78.95
N GLU MA 184 -23.15 -63.79 -78.21
CA GLU MA 184 -22.89 -63.46 -76.81
C GLU MA 184 -23.26 -64.60 -75.86
N GLY MA 185 -22.54 -64.67 -74.76
CA GLY MA 185 -22.74 -65.72 -73.78
C GLY MA 185 -21.54 -65.82 -72.86
N ASN MA 186 -21.62 -66.78 -71.94
CA ASN MA 186 -20.59 -67.03 -70.95
C ASN MA 186 -19.94 -68.38 -71.24
N PHE MA 187 -18.75 -68.36 -71.83
CA PHE MA 187 -18.13 -69.55 -72.38
C PHE MA 187 -16.76 -69.81 -71.75
N SER MA 188 -16.34 -71.07 -71.77
CA SER MA 188 -14.98 -71.40 -71.40
C SER MA 188 -14.02 -71.01 -72.52
N ALA MA 189 -12.71 -71.09 -72.21
CA ALA MA 189 -11.71 -70.66 -73.18
C ALA MA 189 -11.67 -71.57 -74.41
N THR MA 190 -11.80 -72.89 -74.22
CA THR MA 190 -11.82 -73.79 -75.37
C THR MA 190 -13.03 -73.55 -76.24
N MET MA 191 -14.20 -73.38 -75.62
CA MET MA 191 -15.41 -73.11 -76.40
C MET MA 191 -15.33 -71.79 -77.14
N THR MA 192 -14.65 -70.79 -76.58
CA THR MA 192 -14.48 -69.52 -77.27
C THR MA 192 -13.63 -69.68 -78.53
N ILE MA 193 -12.57 -70.48 -78.45
CA ILE MA 193 -11.70 -70.70 -79.60
C ILE MA 193 -12.43 -71.44 -80.72
N ASP MA 194 -13.35 -72.35 -80.37
CA ASP MA 194 -14.17 -73.00 -81.39
C ASP MA 194 -15.03 -71.99 -82.13
N LEU MA 195 -15.59 -71.00 -81.41
CA LEU MA 195 -16.44 -70.01 -82.05
C LEU MA 195 -15.65 -69.11 -83.00
N MET MA 196 -14.40 -68.80 -82.66
CA MET MA 196 -13.57 -67.99 -83.55
C MET MA 196 -13.24 -68.73 -84.84
N ASN MA 197 -12.94 -70.02 -84.76
CA ASN MA 197 -12.72 -70.81 -85.97
C ASN MA 197 -13.99 -70.89 -86.81
N ASN MA 198 -15.14 -71.07 -86.15
CA ASN MA 198 -16.41 -71.15 -86.87
C ASN MA 198 -16.72 -69.86 -87.61
N ALA MA 199 -16.34 -68.71 -87.05
CA ALA MA 199 -16.56 -67.44 -87.74
C ALA MA 199 -15.72 -67.34 -89.02
N ILE MA 200 -14.48 -67.82 -88.99
CA ILE MA 200 -13.64 -67.80 -90.18
C ILE MA 200 -14.26 -68.65 -91.28
N ILE MA 201 -14.74 -69.84 -90.92
CA ILE MA 201 -15.25 -70.77 -91.92
C ILE MA 201 -16.53 -70.26 -92.56
N ASP MA 202 -17.39 -69.61 -91.78
CA ASP MA 202 -18.62 -69.05 -92.35
C ASP MA 202 -18.34 -67.97 -93.39
N ASN MA 203 -17.19 -67.31 -93.30
CA ASN MA 203 -16.77 -66.39 -94.35
C ASN MA 203 -16.31 -67.13 -95.60
N TYR MA 204 -15.72 -68.31 -95.43
CA TYR MA 204 -15.29 -69.11 -96.58
C TYR MA 204 -16.46 -69.78 -97.28
N LEU MA 205 -17.60 -69.91 -96.61
CA LEU MA 205 -18.77 -70.51 -97.26
C LEU MA 205 -19.64 -69.48 -97.96
N GLU MA 206 -19.58 -68.21 -97.56
CA GLU MA 206 -20.37 -67.15 -98.16
C GLU MA 206 -19.65 -66.45 -99.29
N ILE MA 207 -18.36 -66.21 -99.13
CA ILE MA 207 -17.46 -65.71 -100.16
C ILE MA 207 -16.44 -66.82 -100.33
N GLY MA 208 -15.45 -66.64 -101.18
CA GLY MA 208 -14.41 -67.66 -101.17
C GLY MA 208 -14.79 -68.86 -101.99
N ARG MA 209 -15.33 -69.89 -101.31
CA ARG MA 209 -15.67 -71.18 -101.94
C ARG MA 209 -16.31 -71.03 -103.32
N GLN MA 210 -17.23 -70.08 -103.47
CA GLN MA 210 -17.88 -69.86 -104.77
C GLN MA 210 -17.00 -69.07 -105.73
N ASN MA 211 -15.79 -68.67 -105.34
CA ASN MA 211 -14.88 -67.96 -106.21
C ASN MA 211 -13.56 -68.70 -106.39
N GLY MA 212 -13.55 -70.01 -106.20
CA GLY MA 212 -12.43 -70.83 -106.59
C GLY MA 212 -11.38 -71.16 -105.55
N VAL MA 213 -11.59 -70.79 -104.29
CA VAL MA 213 -10.64 -71.15 -103.24
C VAL MA 213 -10.99 -72.55 -102.73
N LEU MA 214 -9.95 -73.32 -102.44
CA LEU MA 214 -10.14 -74.69 -101.98
C LEU MA 214 -10.09 -74.76 -100.46
N GLU MA 215 -10.55 -75.88 -99.91
CA GLU MA 215 -10.45 -76.08 -98.48
C GLU MA 215 -9.05 -76.60 -98.15
N SER MA 216 -8.03 -75.96 -98.71
CA SER MA 216 -6.65 -76.17 -98.33
C SER MA 216 -5.86 -74.87 -98.35
N ASP MA 217 -6.53 -73.74 -98.56
CA ASP MA 217 -5.91 -72.42 -98.55
C ASP MA 217 -6.64 -71.45 -97.62
N ILE MA 218 -7.30 -71.96 -96.58
CA ILE MA 218 -8.08 -71.11 -95.69
C ILE MA 218 -7.22 -69.99 -95.12
N GLY MA 219 -6.18 -70.33 -94.38
CA GLY MA 219 -5.13 -69.37 -94.07
C GLY MA 219 -5.14 -68.76 -92.67
N VAL MA 220 -6.19 -68.97 -91.87
CA VAL MA 220 -6.21 -68.50 -90.49
C VAL MA 220 -6.85 -69.57 -89.63
N LYS MA 221 -6.13 -70.06 -88.62
CA LYS MA 221 -6.67 -71.04 -87.69
C LYS MA 221 -6.09 -70.81 -86.30
N PHE MA 222 -6.92 -71.04 -85.27
CA PHE MA 222 -6.50 -70.95 -83.88
C PHE MA 222 -6.37 -72.35 -83.31
N ASP MA 223 -5.18 -72.67 -82.78
CA ASP MA 223 -4.87 -74.03 -82.34
C ASP MA 223 -4.31 -74.01 -80.92
N THR MA 224 -3.97 -75.20 -80.41
CA THR MA 224 -3.35 -75.35 -79.11
C THR MA 224 -2.14 -76.27 -79.08
N ARG MA 225 -1.74 -76.85 -80.20
CA ARG MA 225 -0.76 -77.92 -80.21
C ARG MA 225 0.67 -77.40 -80.34
N ASN MA 226 1.62 -78.23 -79.93
CA ASN MA 226 3.05 -77.97 -80.14
C ASN MA 226 3.48 -78.78 -81.36
N PHE MA 227 3.43 -78.16 -82.52
CA PHE MA 227 3.96 -78.82 -83.70
C PHE MA 227 5.46 -78.99 -83.56
N ARG MA 228 6.01 -79.96 -84.30
CA ARG MA 228 7.42 -80.37 -84.26
C ARG MA 228 7.83 -81.04 -82.95
N LEU MA 229 6.89 -81.58 -82.19
CA LEU MA 229 7.25 -82.31 -80.97
C LEU MA 229 8.05 -83.56 -81.29
N GLY MA 230 7.54 -84.41 -82.19
CA GLY MA 230 8.21 -85.65 -82.51
C GLY MA 230 9.23 -85.53 -83.63
N TRP MA 231 9.83 -84.36 -83.76
CA TRP MA 231 10.78 -84.07 -84.83
C TRP MA 231 12.07 -84.85 -84.66
N ASP MA 232 12.67 -85.23 -85.79
CA ASP MA 232 13.91 -86.02 -85.78
C ASP MA 232 15.04 -85.21 -86.38
N PRO MA 233 16.19 -85.13 -85.71
CA PRO MA 233 17.25 -84.22 -86.18
C PRO MA 233 17.93 -84.68 -87.45
N GLU MA 234 17.79 -85.94 -87.86
CA GLU MA 234 18.43 -86.43 -89.08
C GLU MA 234 17.49 -86.32 -90.28
N THR MA 235 16.32 -86.95 -90.20
CA THR MA 235 15.36 -86.90 -91.30
C THR MA 235 14.63 -85.57 -91.38
N LYS MA 236 14.59 -84.81 -90.28
CA LYS MA 236 13.93 -83.50 -90.24
C LYS MA 236 12.45 -83.60 -90.62
N LEU MA 237 11.79 -84.65 -90.17
CA LEU MA 237 10.37 -84.82 -90.39
C LEU MA 237 9.74 -85.38 -89.11
N ILE MA 238 8.42 -85.24 -89.00
CA ILE MA 238 7.69 -85.76 -87.84
C ILE MA 238 7.53 -87.26 -88.04
N MET MA 239 8.37 -88.04 -87.38
CA MET MA 239 8.42 -89.48 -87.64
C MET MA 239 7.11 -90.22 -87.40
N PRO MA 240 6.33 -89.94 -86.34
CA PRO MA 240 5.08 -90.71 -86.14
C PRO MA 240 4.07 -90.58 -87.27
N GLY MA 241 4.17 -89.54 -88.10
CA GLY MA 241 3.20 -89.32 -89.15
C GLY MA 241 1.98 -88.54 -88.75
N VAL MA 242 1.81 -88.24 -87.45
CA VAL MA 242 0.76 -87.36 -86.96
C VAL MA 242 1.35 -86.45 -85.89
N TYR MA 243 0.91 -85.20 -85.88
CA TYR MA 243 1.34 -84.27 -84.84
C TYR MA 243 0.79 -84.70 -83.49
N THR MA 244 1.57 -84.45 -82.43
CA THR MA 244 1.15 -84.83 -81.09
C THR MA 244 -0.13 -84.11 -80.71
N TYR MA 245 -1.11 -84.87 -80.23
CA TYR MA 245 -2.46 -84.35 -79.97
C TYR MA 245 -2.64 -83.96 -78.51
N GLU MA 246 -1.78 -83.03 -78.04
CA GLU MA 246 -1.82 -82.52 -76.68
C GLU MA 246 -1.85 -81.00 -76.68
N ALA MA 247 -2.52 -80.43 -75.69
CA ALA MA 247 -2.68 -78.99 -75.59
C ALA MA 247 -1.55 -78.39 -74.77
N PHE MA 248 -0.94 -77.32 -75.29
CA PHE MA 248 0.16 -76.63 -74.63
C PHE MA 248 -0.16 -75.19 -74.29
N HIS MA 249 -0.62 -74.41 -75.27
CA HIS MA 249 -0.89 -72.98 -75.15
C HIS MA 249 -1.60 -72.54 -76.44
N PRO MA 250 -2.58 -71.65 -76.36
CA PRO MA 250 -3.25 -71.19 -77.59
C PRO MA 250 -2.30 -70.54 -78.57
N ASP MA 251 -2.58 -70.76 -79.86
CA ASP MA 251 -1.63 -70.47 -80.93
C ASP MA 251 -2.37 -69.96 -82.16
N ILE MA 252 -1.63 -69.27 -83.03
CA ILE MA 252 -2.14 -68.71 -84.28
C ILE MA 252 -1.34 -69.32 -85.43
N VAL MA 253 -2.04 -69.87 -86.43
CA VAL MA 253 -1.43 -70.49 -87.59
C VAL MA 253 -1.83 -69.73 -88.84
N LEU MA 254 -0.85 -69.37 -89.68
CA LEU MA 254 -1.05 -68.50 -90.82
C LEU MA 254 -0.44 -69.07 -92.10
N LEU MA 255 -1.07 -68.71 -93.24
CA LEU MA 255 -0.60 -68.91 -94.60
C LEU MA 255 -0.13 -67.60 -95.19
N PRO MA 256 0.68 -67.62 -96.26
CA PRO MA 256 1.20 -66.36 -96.81
C PRO MA 256 0.07 -65.44 -97.26
N GLY MA 257 0.25 -64.15 -97.01
CA GLY MA 257 -0.73 -63.15 -97.37
C GLY MA 257 -1.81 -62.87 -96.34
N CYS MA 258 -1.83 -63.59 -95.22
CA CYS MA 258 -2.88 -63.46 -94.22
C CYS MA 258 -2.35 -62.79 -92.95
N GLY MA 259 -3.26 -62.54 -92.01
CA GLY MA 259 -2.90 -61.93 -90.75
C GLY MA 259 -4.13 -61.66 -89.91
N VAL MA 260 -3.87 -61.31 -88.64
CA VAL MA 260 -4.92 -60.95 -87.68
C VAL MA 260 -4.56 -59.62 -87.04
N ASP MA 261 -5.58 -58.89 -86.60
CA ASP MA 261 -5.40 -57.56 -86.02
C ASP MA 261 -6.28 -57.43 -84.78
N PHE MA 262 -5.66 -57.15 -83.62
CA PHE MA 262 -6.36 -57.08 -82.35
C PHE MA 262 -6.42 -55.66 -81.80
N THR MA 263 -6.37 -54.64 -82.66
CA THR MA 263 -6.34 -53.27 -82.19
C THR MA 263 -7.60 -52.91 -81.43
N GLU MA 264 -8.75 -53.39 -81.88
CA GLU MA 264 -10.02 -53.05 -81.27
C GLU MA 264 -10.70 -54.28 -80.67
N SER MA 265 -9.94 -55.09 -79.93
CA SER MA 265 -10.44 -56.36 -79.42
C SER MA 265 -9.71 -56.69 -78.13
N ARG MA 266 -10.41 -57.39 -77.24
CA ARG MA 266 -9.82 -57.87 -75.99
C ARG MA 266 -9.60 -59.37 -76.00
N LEU MA 267 -9.75 -60.03 -77.15
CA LEU MA 267 -9.59 -61.47 -77.23
C LEU MA 267 -8.12 -61.91 -77.22
N SER MA 268 -7.18 -60.98 -77.38
CA SER MA 268 -5.77 -61.36 -77.24
C SER MA 268 -5.41 -61.71 -75.80
N ASN MA 269 -6.12 -61.16 -74.81
CA ASN MA 269 -5.89 -61.55 -73.42
C ASN MA 269 -6.33 -62.98 -73.16
N LEU MA 270 -7.42 -63.41 -73.78
CA LEU MA 270 -7.86 -64.80 -73.62
C LEU MA 270 -6.89 -65.77 -74.31
N LEU MA 271 -6.20 -65.33 -75.35
CA LEU MA 271 -5.23 -66.20 -76.03
C LEU MA 271 -3.89 -66.24 -75.31
N GLY MA 272 -3.63 -65.34 -74.38
CA GLY MA 272 -2.33 -65.32 -73.71
C GLY MA 272 -1.20 -64.81 -74.57
N ILE MA 273 -1.47 -63.86 -75.46
CA ILE MA 273 -0.45 -63.22 -76.29
C ILE MA 273 -0.56 -61.71 -76.07
N ARG MA 274 0.52 -61.09 -75.60
CA ARG MA 274 0.53 -59.68 -75.26
C ARG MA 274 1.78 -59.01 -75.80
N LYS MA 275 1.75 -57.67 -75.83
CA LYS MA 275 2.86 -56.87 -76.31
C LYS MA 275 3.79 -56.45 -75.17
N ARG MA 276 5.10 -56.46 -75.44
CA ARG MA 276 6.06 -56.02 -74.45
C ARG MA 276 6.04 -54.51 -74.23
N HIS MA 277 5.44 -53.74 -75.15
CA HIS MA 277 5.24 -52.31 -75.01
C HIS MA 277 3.74 -52.07 -75.09
N PRO MA 278 3.02 -52.28 -73.99
CA PRO MA 278 1.55 -52.31 -74.05
C PRO MA 278 0.90 -50.95 -74.24
N PHE MA 279 1.65 -49.85 -74.11
CA PHE MA 279 1.07 -48.52 -74.29
C PHE MA 279 1.22 -47.99 -75.72
N GLN MA 280 1.80 -48.75 -76.63
CA GLN MA 280 1.91 -48.36 -78.04
C GLN MA 280 0.69 -48.88 -78.80
N GLU MA 281 -0.03 -47.99 -79.46
CA GLU MA 281 -1.27 -48.37 -80.13
C GLU MA 281 -1.00 -49.28 -81.32
N GLY MA 282 -1.91 -50.23 -81.54
CA GLY MA 282 -1.84 -51.13 -82.67
C GLY MA 282 -1.26 -52.49 -82.35
N PHE MA 283 -1.96 -53.55 -82.75
CA PHE MA 283 -1.53 -54.93 -82.51
C PHE MA 283 -1.90 -55.77 -83.73
N LYS MA 284 -0.94 -55.94 -84.63
CA LYS MA 284 -1.14 -56.74 -85.84
C LYS MA 284 -0.04 -57.79 -85.95
N ILE MA 285 -0.43 -59.00 -86.36
CA ILE MA 285 0.51 -60.10 -86.58
C ILE MA 285 0.27 -60.65 -87.97
N MET MA 286 1.27 -60.50 -88.85
CA MET MA 286 1.18 -60.93 -90.23
C MET MA 286 2.12 -62.11 -90.50
N TYR MA 287 1.96 -62.71 -91.67
CA TYR MA 287 2.76 -63.89 -92.02
C TYR MA 287 4.24 -63.56 -92.07
N GLU MA 288 4.61 -62.33 -92.44
CA GLU MA 288 6.01 -61.96 -92.51
C GLU MA 288 6.65 -61.78 -91.14
N ASP MA 289 5.86 -61.64 -90.08
CA ASP MA 289 6.41 -61.48 -88.75
C ASP MA 289 6.71 -62.79 -88.04
N LEU MA 290 6.29 -63.92 -88.59
CA LEU MA 290 6.46 -65.23 -87.98
C LEU MA 290 7.64 -66.01 -88.55
N GLU MA 291 8.72 -65.32 -88.91
CA GLU MA 291 9.86 -65.99 -89.51
C GLU MA 291 10.46 -67.02 -88.56
N GLY MA 292 10.85 -68.16 -89.11
CA GLY MA 292 11.39 -69.25 -88.34
C GLY MA 292 10.36 -70.19 -87.74
N GLY MA 293 9.08 -69.96 -87.98
CA GLY MA 293 8.05 -70.76 -87.36
C GLY MA 293 7.31 -71.70 -88.29
N ASN MA 294 7.94 -72.08 -89.41
CA ASN MA 294 7.30 -72.99 -90.35
C ASN MA 294 7.06 -74.35 -89.71
N ILE MA 295 5.91 -74.93 -89.97
CA ILE MA 295 5.51 -76.22 -89.40
C ILE MA 295 6.16 -77.33 -90.21
N PRO MA 296 6.95 -78.21 -89.60
CA PRO MA 296 7.61 -79.28 -90.35
C PRO MA 296 6.60 -80.23 -90.97
N ALA MA 297 6.91 -80.70 -92.17
CA ALA MA 297 6.02 -81.57 -92.92
C ALA MA 297 6.02 -82.98 -92.36
N LEU MA 298 4.91 -83.69 -92.60
CA LEU MA 298 4.75 -85.11 -92.29
C LEU MA 298 5.31 -85.50 -90.94
N ILE MA 364 11.37 -92.52 -97.05
CA ILE MA 364 11.77 -91.25 -96.47
C ILE MA 364 11.34 -90.09 -97.36
N GLN MA 365 10.03 -89.85 -97.44
CA GLN MA 365 9.49 -88.73 -98.20
C GLN MA 365 8.31 -88.13 -97.46
N PRO MA 366 8.11 -86.82 -97.54
CA PRO MA 366 6.96 -86.20 -96.84
C PRO MA 366 5.65 -86.57 -97.50
N LEU MA 367 4.61 -86.67 -96.69
CA LEU MA 367 3.26 -86.82 -97.23
C LEU MA 367 2.82 -85.51 -97.84
N GLU MA 368 2.26 -85.58 -99.06
CA GLU MA 368 1.92 -84.37 -99.79
C GLU MA 368 0.43 -84.09 -99.84
N LYS MA 369 -0.43 -85.00 -99.38
CA LYS MA 369 -1.86 -84.79 -99.46
C LYS MA 369 -2.54 -85.60 -98.35
N ASP MA 370 -3.80 -85.25 -98.08
CA ASP MA 370 -4.56 -85.85 -97.00
C ASP MA 370 -5.36 -87.05 -97.55
N SER MA 371 -6.20 -87.63 -96.69
CA SER MA 371 -6.97 -88.81 -97.07
C SER MA 371 -7.95 -88.51 -98.19
N LYS MA 372 -8.62 -87.36 -98.12
CA LYS MA 372 -9.62 -86.98 -99.11
C LYS MA 372 -9.03 -86.06 -100.19
N SER MA 373 -7.74 -86.21 -100.48
CA SER MA 373 -7.06 -85.43 -101.51
C SER MA 373 -7.15 -83.93 -101.23
N ARG MA 374 -6.55 -83.53 -100.11
CA ARG MA 374 -6.36 -82.12 -99.77
C ARG MA 374 -4.88 -81.84 -99.67
N SER MA 375 -4.42 -80.77 -100.32
CA SER MA 375 -3.01 -80.44 -100.30
C SER MA 375 -2.56 -80.00 -98.90
N TYR MA 376 -1.42 -80.51 -98.46
CA TYR MA 376 -0.78 -80.04 -97.25
C TYR MA 376 0.12 -78.84 -97.49
N ASN MA 377 0.20 -78.34 -98.73
CA ASN MA 377 1.01 -77.17 -99.07
C ASN MA 377 2.50 -77.39 -98.78
N VAL MA 378 3.00 -78.57 -99.10
CA VAL MA 378 4.42 -78.84 -98.92
C VAL MA 378 5.22 -78.01 -99.92
N LEU MA 379 6.42 -77.58 -99.52
CA LEU MA 379 7.26 -76.70 -100.30
C LEU MA 379 8.45 -77.46 -100.88
N GLU MA 380 9.34 -76.72 -101.52
CA GLU MA 380 10.59 -77.31 -101.99
C GLU MA 380 11.47 -77.69 -100.79
N ASP MA 381 12.44 -78.57 -101.05
CA ASP MA 381 13.32 -79.19 -100.07
C ASP MA 381 12.60 -80.24 -99.26
N LYS MA 382 11.27 -80.35 -99.41
CA LYS MA 382 10.49 -81.48 -98.93
C LYS MA 382 10.70 -81.75 -97.45
N ILE MA 383 10.85 -80.68 -96.66
CA ILE MA 383 10.93 -80.80 -95.21
C ILE MA 383 9.89 -79.92 -94.51
N ASN MA 384 9.74 -78.67 -94.93
CA ASN MA 384 8.86 -77.72 -94.26
C ASN MA 384 7.63 -77.43 -95.10
N THR MA 385 6.61 -76.91 -94.42
CA THR MA 385 5.33 -76.58 -95.01
C THR MA 385 5.13 -75.06 -94.96
N ALA MA 386 4.26 -74.56 -95.84
CA ALA MA 386 4.00 -73.12 -95.91
C ALA MA 386 3.34 -72.57 -94.66
N TYR MA 387 2.70 -73.40 -93.83
CA TYR MA 387 2.07 -72.92 -92.62
C TYR MA 387 3.11 -72.43 -91.61
N ARG MA 388 2.81 -71.30 -90.97
CA ARG MA 388 3.63 -70.77 -89.88
C ARG MA 388 2.77 -70.60 -88.63
N SER MA 389 3.40 -70.70 -87.47
CA SER MA 389 2.68 -70.58 -86.20
C SER MA 389 3.44 -69.69 -85.22
N TRP MA 390 2.68 -68.92 -84.42
CA TRP MA 390 3.28 -68.01 -83.45
C TRP MA 390 4.09 -68.76 -82.40
N TYR MA 391 3.58 -69.89 -81.93
CA TYR MA 391 4.25 -70.60 -80.84
C TYR MA 391 5.60 -71.16 -81.28
N LEU MA 392 5.68 -71.71 -82.50
CA LEU MA 392 6.96 -72.22 -82.99
C LEU MA 392 7.97 -71.11 -83.17
N SER MA 393 7.53 -69.96 -83.68
CA SER MA 393 8.44 -68.84 -83.86
C SER MA 393 8.90 -68.26 -82.52
N TYR MA 394 8.00 -68.22 -81.53
CA TYR MA 394 8.37 -67.70 -80.22
C TYR MA 394 9.40 -68.58 -79.53
N ASN MA 395 9.26 -69.90 -79.63
CA ASN MA 395 10.11 -70.80 -78.87
C ASN MA 395 11.34 -71.30 -79.63
N TYR MA 396 11.28 -71.40 -80.96
CA TYR MA 396 12.37 -71.98 -81.73
C TYR MA 396 13.02 -71.01 -82.72
N GLY MA 397 12.42 -69.87 -82.98
CA GLY MA 397 12.96 -68.91 -83.91
C GLY MA 397 14.12 -68.11 -83.32
N ASN MA 398 14.49 -67.06 -84.05
CA ASN MA 398 15.62 -66.22 -83.65
C ASN MA 398 15.21 -65.36 -82.45
N PRO MA 399 15.92 -65.44 -81.33
CA PRO MA 399 15.50 -64.67 -80.13
C PRO MA 399 15.49 -63.17 -80.33
N GLU MA 400 16.36 -62.63 -81.19
CA GLU MA 400 16.53 -61.18 -81.30
C GLU MA 400 15.94 -60.59 -82.57
N LYS MA 401 15.28 -61.40 -83.40
CA LYS MA 401 14.66 -60.91 -84.62
C LYS MA 401 13.26 -61.43 -84.87
N GLY MA 402 12.86 -62.55 -84.28
CA GLY MA 402 11.55 -63.10 -84.49
C GLY MA 402 10.48 -62.42 -83.64
N ILE MA 403 9.33 -63.09 -83.55
CA ILE MA 403 8.19 -62.55 -82.83
C ILE MA 403 8.47 -62.42 -81.33
N ARG MA 404 9.47 -63.13 -80.81
CA ARG MA 404 9.79 -63.10 -79.40
C ARG MA 404 10.39 -61.76 -78.95
N SER MA 405 10.86 -60.94 -79.88
CA SER MA 405 11.49 -59.68 -79.50
C SER MA 405 10.48 -58.61 -79.10
N TRP MA 406 9.22 -58.72 -79.52
CA TRP MA 406 8.24 -57.70 -79.16
C TRP MA 406 6.90 -58.27 -78.70
N THR MA 407 6.77 -59.58 -78.51
CA THR MA 407 5.58 -60.16 -77.89
C THR MA 407 5.98 -61.00 -76.69
N LEU MA 408 4.97 -61.33 -75.86
CA LEU MA 408 5.19 -62.02 -74.60
C LEU MA 408 4.13 -63.10 -74.43
N LEU MA 409 4.55 -64.25 -73.91
CA LEU MA 409 3.65 -65.37 -73.67
C LEU MA 409 3.18 -65.36 -72.23
N THR MA 410 1.87 -65.41 -72.02
CA THR MA 410 1.25 -65.32 -70.70
C THR MA 410 0.19 -66.39 -70.54
N THR MA 411 -0.26 -66.60 -69.30
CA THR MA 411 -1.35 -67.53 -69.04
C THR MA 411 -2.67 -66.97 -69.59
N SER MA 412 -3.52 -67.86 -70.08
CA SER MA 412 -4.81 -67.47 -70.63
C SER MA 412 -5.71 -66.89 -69.54
N ASP MA 413 -6.37 -65.78 -69.84
CA ASP MA 413 -7.27 -65.11 -68.90
C ASP MA 413 -8.68 -65.12 -69.47
N VAL MA 414 -9.54 -65.97 -68.92
CA VAL MA 414 -10.87 -66.19 -69.49
C VAL MA 414 -11.77 -64.97 -69.33
N THR MA 415 -11.57 -64.16 -68.28
CA THR MA 415 -12.41 -62.97 -68.13
C THR MA 415 -12.09 -61.89 -69.16
N CYS MA 416 -11.02 -62.06 -69.93
CA CYS MA 416 -10.52 -61.11 -70.93
C CYS MA 416 -9.95 -59.84 -70.32
N GLY MA 417 -9.66 -59.86 -69.02
CA GLY MA 417 -9.00 -58.73 -68.38
C GLY MA 417 -9.97 -57.77 -67.73
N VAL MA 418 -10.08 -57.82 -66.42
CA VAL MA 418 -11.00 -56.96 -65.71
C VAL MA 418 -10.28 -55.68 -65.32
N GLU MA 419 -11.02 -54.58 -65.29
CA GLU MA 419 -10.48 -53.29 -64.87
C GLU MA 419 -11.29 -52.80 -63.67
N GLN MA 420 -11.02 -51.55 -63.27
CA GLN MA 420 -11.58 -51.00 -62.04
C GLN MA 420 -12.95 -50.35 -62.28
N VAL MA 421 -13.64 -50.07 -61.17
CA VAL MA 421 -14.90 -49.33 -61.17
C VAL MA 421 -14.79 -48.20 -60.15
N TYR MA 422 -15.57 -47.14 -60.38
CA TYR MA 422 -15.55 -45.94 -59.55
C TYR MA 422 -16.94 -45.64 -58.99
N TRP MA 423 -16.99 -45.22 -57.72
CA TRP MA 423 -18.22 -44.80 -57.04
C TRP MA 423 -18.31 -43.27 -56.96
N SER MA 424 -19.51 -42.74 -57.13
CA SER MA 424 -19.78 -41.31 -56.97
C SER MA 424 -21.02 -41.07 -56.10
N LEU MA 425 -20.91 -40.13 -55.17
CA LEU MA 425 -22.04 -39.68 -54.35
C LEU MA 425 -22.05 -38.15 -54.29
N PRO MA 426 -22.42 -37.49 -55.39
CA PRO MA 426 -22.19 -36.04 -55.49
C PRO MA 426 -23.00 -35.19 -54.51
N ASP MA 427 -24.13 -35.67 -54.01
CA ASP MA 427 -24.94 -34.88 -53.07
C ASP MA 427 -24.63 -35.14 -51.61
N MET MA 428 -23.68 -36.03 -51.30
CA MET MA 428 -23.39 -36.35 -49.91
C MET MA 428 -21.97 -36.00 -49.51
N MET MA 429 -20.96 -36.36 -50.31
CA MET MA 429 -19.57 -36.13 -49.99
C MET MA 429 -19.04 -34.87 -50.64
N GLN MA 430 -18.03 -34.26 -50.02
CA GLN MA 430 -17.30 -33.18 -50.66
C GLN MA 430 -16.40 -33.73 -51.78
N ASP MA 431 -16.15 -32.89 -52.79
CA ASP MA 431 -15.30 -33.32 -53.90
C ASP MA 431 -13.87 -33.48 -53.44
N PRO MA 432 -13.21 -34.60 -53.75
CA PRO MA 432 -11.78 -34.73 -53.46
C PRO MA 432 -10.92 -33.78 -54.28
N VAL MA 433 -9.68 -33.61 -53.83
CA VAL MA 433 -8.81 -32.53 -54.31
C VAL MA 433 -8.56 -32.68 -55.82
N THR MA 434 -8.64 -31.53 -56.52
CA THR MA 434 -8.46 -31.26 -57.95
C THR MA 434 -9.67 -31.65 -58.82
N PHE MA 435 -10.71 -32.28 -58.27
CA PHE MA 435 -11.93 -32.54 -59.05
C PHE MA 435 -12.80 -31.28 -59.13
N ARG MA 436 -13.39 -31.03 -60.30
CA ARG MA 436 -14.32 -29.92 -60.48
C ARG MA 436 -15.75 -30.35 -60.18
N SER MA 437 -16.53 -29.42 -59.62
CA SER MA 437 -17.95 -29.63 -59.43
C SER MA 437 -18.70 -29.52 -60.76
N THR MA 438 -19.61 -30.45 -61.02
CA THR MA 438 -20.29 -30.50 -62.31
C THR MA 438 -21.56 -31.31 -62.19
N ARG MA 439 -22.39 -31.23 -63.24
CA ARG MA 439 -23.59 -32.05 -63.35
C ARG MA 439 -23.54 -32.99 -64.57
N GLN MA 440 -22.38 -33.19 -65.18
CA GLN MA 440 -22.23 -34.14 -66.27
C GLN MA 440 -21.87 -35.51 -65.70
N VAL MA 441 -22.62 -36.53 -66.10
CA VAL MA 441 -22.49 -37.85 -65.48
C VAL MA 441 -21.12 -38.45 -65.72
N SER MA 442 -20.59 -38.31 -66.93
CA SER MA 442 -19.26 -38.86 -67.20
C SER MA 442 -18.13 -38.05 -66.54
N ASN MA 443 -18.39 -37.07 -65.68
CA ASN MA 443 -17.31 -36.34 -65.04
C ASN MA 443 -17.58 -36.09 -63.55
N TYR MA 444 -18.41 -36.91 -62.91
CA TYR MA 444 -18.63 -36.80 -61.48
C TYR MA 444 -17.33 -37.03 -60.71
N PRO MA 445 -17.13 -36.33 -59.58
CA PRO MA 445 -15.98 -36.65 -58.72
C PRO MA 445 -16.07 -38.06 -58.15
N VAL MA 446 -14.91 -38.68 -57.95
CA VAL MA 446 -14.80 -40.09 -57.60
C VAL MA 446 -14.52 -40.23 -56.10
N VAL MA 447 -15.32 -41.04 -55.42
CA VAL MA 447 -15.24 -41.20 -53.98
C VAL MA 447 -14.65 -42.56 -53.56
N GLY MA 448 -14.52 -43.52 -54.47
CA GLY MA 448 -13.89 -44.79 -54.15
C GLY MA 448 -13.68 -45.61 -55.39
N ALA MA 449 -12.80 -46.61 -55.27
CA ALA MA 449 -12.44 -47.47 -56.39
C ALA MA 449 -12.20 -48.89 -55.93
N GLU MA 450 -12.44 -49.85 -56.83
CA GLU MA 450 -12.22 -51.28 -56.58
C GLU MA 450 -12.26 -52.00 -57.93
N LEU MA 451 -11.99 -53.29 -57.91
CA LEU MA 451 -12.08 -54.09 -59.12
C LEU MA 451 -13.52 -54.48 -59.43
N MET MA 452 -13.85 -54.48 -60.70
CA MET MA 452 -15.11 -55.06 -61.14
C MET MA 452 -15.13 -56.54 -60.73
N PRO MA 453 -16.14 -57.01 -60.00
CA PRO MA 453 -16.02 -58.29 -59.26
C PRO MA 453 -16.30 -59.53 -60.09
N VAL MA 454 -15.41 -59.82 -61.03
CA VAL MA 454 -15.50 -60.99 -61.90
C VAL MA 454 -14.16 -61.72 -61.84
N PHE MA 455 -14.20 -63.03 -61.61
CA PHE MA 455 -13.00 -63.80 -61.35
C PHE MA 455 -12.99 -65.11 -62.14
N SER MA 456 -11.79 -65.64 -62.32
CA SER MA 456 -11.57 -66.91 -63.00
C SER MA 456 -11.51 -68.06 -62.00
N LYS MA 457 -12.06 -69.21 -62.38
CA LYS MA 457 -12.00 -70.42 -61.57
C LYS MA 457 -11.52 -71.61 -62.42
N SER MA 458 -10.70 -72.47 -61.82
CA SER MA 458 -10.08 -73.59 -62.52
C SER MA 458 -10.74 -74.92 -62.17
N PHE MA 459 -10.77 -75.81 -63.16
CA PHE MA 459 -11.25 -77.17 -62.99
C PHE MA 459 -10.31 -78.13 -63.70
N TYR MA 460 -10.35 -79.39 -63.29
CA TYR MA 460 -9.49 -80.42 -63.86
C TYR MA 460 -10.34 -81.40 -64.67
N ASN MA 461 -9.93 -81.66 -65.90
CA ASN MA 461 -10.66 -82.58 -66.78
C ASN MA 461 -9.72 -83.49 -67.56
N HIS MA 478 -20.95 -82.81 -86.59
CA HIS MA 478 -20.03 -81.97 -85.83
C HIS MA 478 -19.69 -80.69 -86.59
N VAL MA 479 -20.36 -79.59 -86.22
CA VAL MA 479 -20.08 -78.30 -86.84
C VAL MA 479 -18.71 -77.78 -86.44
N PHE MA 480 -18.16 -78.24 -85.32
CA PHE MA 480 -16.85 -77.80 -84.85
C PHE MA 480 -15.71 -78.71 -85.32
N ASN MA 481 -16.00 -79.66 -86.21
CA ASN MA 481 -14.95 -80.49 -86.82
C ASN MA 481 -15.42 -80.82 -88.24
N ARG MA 482 -15.04 -79.97 -89.20
CA ARG MA 482 -15.45 -80.09 -90.59
C ARG MA 482 -14.39 -80.75 -91.47
N PHE MA 483 -13.17 -80.89 -90.97
CA PHE MA 483 -12.09 -81.54 -91.71
C PHE MA 483 -11.44 -82.57 -90.79
N PRO MA 484 -12.17 -83.65 -90.47
CA PRO MA 484 -11.62 -84.65 -89.54
C PRO MA 484 -10.31 -85.28 -90.01
N GLU MA 485 -10.13 -85.43 -91.32
CA GLU MA 485 -8.96 -86.12 -91.83
C GLU MA 485 -7.71 -85.26 -91.79
N ASN MA 486 -7.85 -83.96 -92.00
CA ASN MA 486 -6.70 -83.08 -92.21
C ASN MA 486 -5.97 -82.83 -90.89
N GLN MA 487 -4.68 -83.15 -90.86
CA GLN MA 487 -3.90 -83.02 -89.64
C GLN MA 487 -3.71 -81.57 -89.22
N ILE MA 488 -3.81 -80.63 -90.15
CA ILE MA 488 -3.67 -79.21 -89.81
C ILE MA 488 -4.99 -78.61 -89.38
N LEU MA 489 -6.08 -79.02 -90.01
CA LEU MA 489 -7.41 -78.45 -89.78
C LEU MA 489 -8.25 -79.28 -88.82
N ILE MA 490 -7.66 -80.26 -88.14
CA ILE MA 490 -8.39 -81.02 -87.14
C ILE MA 490 -8.76 -80.12 -85.96
N ARG MA 491 -9.82 -80.49 -85.27
CA ARG MA 491 -10.28 -79.73 -84.10
C ARG MA 491 -9.23 -79.79 -82.98
N PRO MA 492 -8.85 -78.67 -82.39
CA PRO MA 492 -7.75 -78.67 -81.43
C PRO MA 492 -8.09 -79.52 -80.22
N PRO MA 493 -7.10 -80.17 -79.62
CA PRO MA 493 -7.34 -80.87 -78.36
C PRO MA 493 -7.64 -79.89 -77.22
N ALA MA 494 -8.44 -80.37 -76.26
CA ALA MA 494 -8.85 -79.57 -75.11
C ALA MA 494 -7.80 -79.64 -74.00
N PRO MA 495 -7.55 -78.54 -73.29
CA PRO MA 495 -6.59 -78.58 -72.20
C PRO MA 495 -7.09 -79.42 -71.04
N THR MA 496 -6.14 -79.95 -70.28
CA THR MA 496 -6.48 -80.66 -69.05
C THR MA 496 -6.88 -79.70 -67.93
N ILE MA 497 -6.66 -78.39 -68.09
CA ILE MA 497 -7.12 -77.38 -67.13
C ILE MA 497 -8.09 -76.45 -67.85
N THR MA 498 -9.32 -76.38 -67.34
CA THR MA 498 -10.36 -75.52 -67.90
C THR MA 498 -10.68 -74.38 -66.94
N THR MA 499 -10.84 -73.17 -67.47
CA THR MA 499 -11.16 -71.99 -66.67
C THR MA 499 -12.45 -71.35 -67.15
N VAL MA 500 -13.27 -70.91 -66.20
CA VAL MA 500 -14.53 -70.22 -66.46
C VAL MA 500 -14.61 -69.00 -65.53
N SER MA 501 -15.38 -68.01 -65.95
CA SER MA 501 -15.49 -66.75 -65.21
C SER MA 501 -16.75 -66.73 -64.36
N GLU MA 502 -16.64 -66.12 -63.18
CA GLU MA 502 -17.70 -66.09 -62.16
C GLU MA 502 -17.91 -64.69 -61.63
N ASN MA 503 -19.15 -64.42 -61.19
CA ASN MA 503 -19.50 -63.18 -60.51
C ASN MA 503 -19.60 -63.46 -59.01
N VAL MA 504 -18.87 -62.70 -58.20
CA VAL MA 504 -18.80 -62.90 -56.76
C VAL MA 504 -19.17 -61.59 -56.07
N PRO MA 505 -20.13 -61.59 -55.14
CA PRO MA 505 -20.51 -60.33 -54.48
C PRO MA 505 -19.34 -59.72 -53.72
N ALA MA 506 -19.23 -58.40 -53.80
CA ALA MA 506 -18.10 -57.66 -53.27
C ALA MA 506 -18.53 -56.77 -52.11
N LEU MA 507 -17.84 -56.90 -50.99
CA LEU MA 507 -18.10 -56.15 -49.76
C LEU MA 507 -16.85 -55.33 -49.44
N THR MA 508 -16.98 -54.01 -49.47
CA THR MA 508 -15.81 -53.14 -49.47
C THR MA 508 -15.93 -52.04 -48.43
N ASP MA 509 -14.84 -51.79 -47.70
CA ASP MA 509 -14.71 -50.66 -46.80
C ASP MA 509 -13.83 -49.61 -47.45
N HIS MA 510 -14.38 -48.42 -47.69
CA HIS MA 510 -13.68 -47.35 -48.39
C HIS MA 510 -13.06 -46.30 -47.48
N GLY MA 511 -13.15 -46.48 -46.16
CA GLY MA 511 -12.60 -45.49 -45.23
C GLY MA 511 -13.50 -44.29 -45.01
N THR MA 512 -12.93 -43.26 -44.41
CA THR MA 512 -13.65 -42.06 -44.01
C THR MA 512 -13.39 -40.90 -44.99
N LEU MA 513 -14.46 -40.23 -45.41
CA LEU MA 513 -14.40 -39.08 -46.30
C LEU MA 513 -15.15 -37.88 -45.72
N PRO MA 514 -14.70 -36.66 -46.02
CA PRO MA 514 -15.41 -35.48 -45.51
C PRO MA 514 -16.83 -35.36 -46.05
N LEU MA 515 -17.73 -34.94 -45.17
CA LEU MA 515 -19.17 -34.96 -45.40
C LEU MA 515 -19.70 -33.52 -45.47
N ARG MA 516 -20.70 -33.30 -46.31
CA ARG MA 516 -21.36 -31.99 -46.36
C ARG MA 516 -22.20 -31.76 -45.10
N SER MA 517 -22.26 -30.49 -44.67
CA SER MA 517 -22.96 -30.15 -43.43
C SER MA 517 -24.48 -30.23 -43.56
N SER MA 518 -25.01 -30.06 -44.77
CA SER MA 518 -26.45 -30.14 -44.99
C SER MA 518 -26.72 -31.16 -46.10
N ILE MA 519 -27.56 -32.15 -45.81
CA ILE MA 519 -27.81 -33.28 -46.69
C ILE MA 519 -29.27 -33.23 -47.11
N ARG MA 520 -29.52 -33.19 -48.42
CA ARG MA 520 -30.88 -33.21 -48.94
C ARG MA 520 -31.48 -34.60 -48.88
N GLY MA 521 -32.81 -34.65 -48.92
CA GLY MA 521 -33.55 -35.89 -48.75
C GLY MA 521 -33.44 -36.86 -49.92
N VAL MA 522 -33.13 -36.37 -51.12
CA VAL MA 522 -32.99 -37.23 -52.30
C VAL MA 522 -31.54 -37.19 -52.75
N GLN MA 523 -30.97 -38.38 -52.98
CA GLN MA 523 -29.54 -38.55 -53.25
C GLN MA 523 -29.33 -39.34 -54.53
N ARG MA 524 -28.25 -39.01 -55.24
CA ARG MA 524 -27.85 -39.69 -56.47
C ARG MA 524 -26.71 -40.67 -56.22
N VAL MA 525 -26.81 -41.86 -56.79
CA VAL MA 525 -25.80 -42.92 -56.67
C VAL MA 525 -25.37 -43.34 -58.08
N THR MA 526 -24.06 -43.37 -58.33
CA THR MA 526 -23.53 -43.68 -59.66
C THR MA 526 -22.33 -44.62 -59.59
N VAL MA 527 -22.26 -45.56 -60.53
CA VAL MA 527 -21.14 -46.48 -60.68
C VAL MA 527 -20.70 -46.45 -62.15
N THR MA 528 -19.42 -46.15 -62.40
CA THR MA 528 -18.89 -46.06 -63.76
C THR MA 528 -17.58 -46.83 -63.89
N ASP MA 529 -17.23 -47.17 -65.14
CA ASP MA 529 -16.03 -47.94 -65.45
C ASP MA 529 -14.85 -47.01 -65.75
N ALA MA 530 -13.76 -47.59 -66.26
CA ALA MA 530 -12.52 -46.84 -66.46
C ALA MA 530 -12.65 -45.74 -67.51
N ARG MA 531 -13.50 -45.95 -68.51
CA ARG MA 531 -13.78 -44.94 -69.52
C ARG MA 531 -14.93 -44.02 -69.13
N ARG MA 532 -15.41 -44.14 -67.88
CA ARG MA 532 -16.48 -43.31 -67.33
C ARG MA 532 -17.82 -43.53 -68.04
N ARG MA 533 -18.11 -44.77 -68.40
CA ARG MA 533 -19.45 -45.18 -68.81
C ARG MA 533 -20.11 -45.92 -67.67
N THR MA 534 -21.43 -45.82 -67.58
CA THR MA 534 -22.16 -46.67 -66.64
C THR MA 534 -22.14 -48.11 -67.11
N CYS MA 535 -22.27 -49.04 -66.14
CA CYS MA 535 -22.18 -50.46 -66.44
C CYS MA 535 -23.56 -51.10 -66.39
N PRO MA 536 -24.08 -51.60 -67.52
CA PRO MA 536 -25.42 -52.23 -67.51
C PRO MA 536 -25.49 -53.57 -66.80
N TYR MA 537 -24.39 -54.15 -66.33
CA TYR MA 537 -24.42 -55.45 -65.68
C TYR MA 537 -24.43 -55.38 -64.16
N VAL MA 538 -24.53 -54.20 -63.57
CA VAL MA 538 -24.79 -54.07 -62.14
C VAL MA 538 -26.28 -54.27 -61.90
N TYR MA 539 -26.64 -55.15 -60.96
CA TYR MA 539 -28.05 -55.28 -60.62
C TYR MA 539 -28.31 -55.19 -59.11
N LYS MA 540 -27.32 -54.88 -58.30
CA LYS MA 540 -27.53 -54.65 -56.88
C LYS MA 540 -26.39 -53.78 -56.36
N ALA MA 541 -26.74 -52.66 -55.73
CA ALA MA 541 -25.77 -51.73 -55.18
C ALA MA 541 -26.35 -51.03 -53.96
N LEU MA 542 -25.67 -51.14 -52.83
CA LEU MA 542 -26.10 -50.52 -51.57
C LEU MA 542 -24.94 -49.76 -50.93
N GLY MA 543 -25.28 -48.71 -50.20
CA GLY MA 543 -24.30 -47.97 -49.43
C GLY MA 543 -24.78 -47.71 -48.02
N ILE MA 544 -23.83 -47.71 -47.09
CA ILE MA 544 -24.08 -47.42 -45.68
C ILE MA 544 -23.02 -46.44 -45.21
N VAL MA 545 -23.45 -45.33 -44.62
CA VAL MA 545 -22.56 -44.26 -44.18
C VAL MA 545 -22.73 -44.06 -42.68
N ALA MA 546 -21.61 -43.91 -41.97
CA ALA MA 546 -21.61 -43.66 -40.53
C ALA MA 546 -20.91 -42.34 -40.20
N PRO MA 547 -21.65 -41.26 -39.98
CA PRO MA 547 -21.01 -39.96 -39.69
C PRO MA 547 -20.35 -39.90 -38.33
N ARG MA 548 -19.32 -39.06 -38.22
CA ARG MA 548 -18.68 -38.74 -36.95
C ARG MA 548 -17.90 -37.43 -37.09
N VAL MA 549 -17.55 -36.86 -35.94
CA VAL MA 549 -16.86 -35.57 -35.89
C VAL MA 549 -15.38 -35.75 -36.19
N LEU MA 550 -14.84 -34.92 -37.07
CA LEU MA 550 -13.42 -34.92 -37.41
C LEU MA 550 -12.62 -33.82 -36.71
N SER MA 551 -13.09 -32.57 -36.75
CA SER MA 551 -12.38 -31.48 -36.10
C SER MA 551 -13.36 -30.36 -35.79
N SER MA 552 -12.86 -29.39 -35.04
CA SER MA 552 -13.67 -28.25 -34.59
C SER MA 552 -13.69 -27.15 -35.64
N ARG MA 553 -14.78 -26.38 -35.63
CA ARG MA 553 -14.97 -25.19 -36.45
C ARG MA 553 -15.05 -25.50 -37.94
N ARG NA 48 22.56 0.94 40.91
CA ARG NA 48 22.33 2.03 41.85
C ARG NA 48 22.46 1.58 43.30
N ASN NA 49 23.45 0.72 43.58
CA ASN NA 49 23.60 0.16 44.92
C ASN NA 49 25.04 0.11 45.38
N SER NA 50 25.93 0.92 44.83
CA SER NA 50 27.34 0.87 45.19
C SER NA 50 27.64 1.74 46.41
N ILE NA 51 28.73 1.40 47.10
CA ILE NA 51 29.18 2.10 48.30
C ILE NA 51 30.66 2.43 48.12
N ARG NA 52 31.02 3.71 48.23
CA ARG NA 52 32.35 4.18 47.85
C ARG NA 52 33.02 4.95 48.98
N TYR NA 53 34.35 4.81 49.05
CA TYR NA 53 35.16 5.48 50.05
C TYR NA 53 36.10 6.46 49.33
N SER NA 54 36.15 7.70 49.83
CA SER NA 54 36.76 8.80 49.07
C SER NA 54 38.25 8.63 48.85
N GLU NA 55 38.94 7.75 49.59
CA GLU NA 55 40.37 7.57 49.37
C GLU NA 55 40.71 6.49 48.34
N LEU NA 56 39.71 5.87 47.71
CA LEU NA 56 39.94 4.81 46.75
C LEU NA 56 39.37 5.18 45.39
N SER NA 57 40.07 4.78 44.32
CA SER NA 57 39.65 5.08 42.95
C SER NA 57 40.27 4.08 41.99
N PRO NA 58 39.59 3.67 40.92
CA PRO NA 58 40.14 2.69 39.99
C PRO NA 58 41.07 3.31 38.95
N LEU NA 59 41.89 2.46 38.34
CA LEU NA 59 42.97 2.89 37.44
C LEU NA 59 42.68 2.56 35.98
N TYR NA 60 43.11 3.44 35.08
CA TYR NA 60 42.89 3.30 33.65
C TYR NA 60 44.10 3.78 32.84
N ASP NA 61 44.26 3.15 31.67
CA ASP NA 61 45.05 3.56 30.50
C ASP NA 61 46.58 3.46 30.57
N THR NA 62 47.17 3.51 31.77
CA THR NA 62 48.64 3.45 31.90
C THR NA 62 48.99 3.55 33.38
N THR NA 63 50.20 3.10 33.71
CA THR NA 63 50.71 3.09 35.09
C THR NA 63 52.21 2.80 35.02
N ARG NA 64 52.83 2.54 36.17
CA ARG NA 64 54.25 2.17 36.24
C ARG NA 64 54.42 0.89 37.05
N LEU NA 65 55.38 0.07 36.64
CA LEU NA 65 55.85 -1.09 37.40
C LEU NA 65 57.35 -0.95 37.65
N TYR NA 66 57.79 -1.18 38.88
CA TYR NA 66 59.18 -0.97 39.26
C TYR NA 66 59.85 -2.30 39.62
N LEU NA 67 61.03 -2.54 39.05
CA LEU NA 67 61.82 -3.75 39.27
C LEU NA 67 63.12 -3.35 39.94
N VAL NA 68 63.19 -3.50 41.26
CA VAL NA 68 64.24 -2.91 42.07
C VAL NA 68 64.98 -4.03 42.81
N ASP NA 69 66.30 -3.92 42.86
CA ASP NA 69 67.16 -5.01 43.33
C ASP NA 69 67.56 -4.92 44.80
N ASN NA 70 67.10 -3.92 45.55
CA ASN NA 70 67.56 -3.76 46.93
C ASN NA 70 66.42 -3.40 47.88
N LYS NA 71 65.27 -4.06 47.73
CA LYS NA 71 64.21 -3.92 48.71
C LYS NA 71 64.59 -4.68 49.99
N SER NA 72 64.27 -4.08 51.14
CA SER NA 72 64.77 -4.61 52.41
C SER NA 72 64.24 -6.01 52.71
N ALA NA 73 62.95 -6.24 52.49
CA ALA NA 73 62.35 -7.53 52.80
C ALA NA 73 62.73 -8.61 51.79
N ASP NA 74 62.90 -8.23 50.51
CA ASP NA 74 63.28 -9.20 49.50
C ASP NA 74 64.70 -9.71 49.70
N ILE NA 75 65.57 -8.89 50.29
CA ILE NA 75 66.94 -9.31 50.55
C ILE NA 75 66.98 -10.50 51.50
N ALA NA 76 66.17 -10.44 52.56
CA ALA NA 76 66.26 -11.45 53.61
C ALA NA 76 65.63 -12.77 53.19
N SER NA 77 64.49 -12.74 52.49
CA SER NA 77 63.70 -13.95 52.29
C SER NA 77 63.72 -14.49 50.86
N LEU NA 78 64.31 -13.80 49.90
CA LEU NA 78 64.26 -14.30 48.54
C LEU NA 78 65.62 -14.61 47.93
N ASN NA 79 66.63 -13.78 48.20
CA ASN NA 79 67.84 -13.74 47.37
C ASN NA 79 69.08 -14.13 48.14
N TYR NA 80 68.99 -15.16 48.99
CA TYR NA 80 70.10 -15.53 49.85
C TYR NA 80 71.28 -16.06 49.04
N GLN NA 81 71.03 -16.79 47.96
CA GLN NA 81 72.08 -17.39 47.15
C GLN NA 81 72.27 -16.70 45.80
N ASN NA 82 71.74 -15.51 45.60
CA ASN NA 82 71.74 -14.83 44.30
C ASN NA 82 72.75 -13.67 44.29
N ASP NA 83 72.88 -13.04 43.12
CA ASP NA 83 73.65 -11.80 42.99
C ASP NA 83 72.91 -10.86 42.06
N HIS NA 84 73.48 -9.67 41.84
CA HIS NA 84 72.77 -8.62 41.11
C HIS NA 84 72.60 -8.92 39.62
N SER NA 85 73.27 -9.95 39.10
CA SER NA 85 73.06 -10.35 37.72
C SER NA 85 71.89 -11.31 37.54
N ASN NA 86 71.38 -11.92 38.63
CA ASN NA 86 70.28 -12.89 38.53
C ASN NA 86 69.58 -12.97 39.89
N PHE NA 87 68.44 -12.29 40.02
CA PHE NA 87 67.79 -12.15 41.32
C PHE NA 87 66.27 -12.14 41.16
N LEU NA 88 65.58 -12.18 42.30
CA LEU NA 88 64.12 -12.11 42.36
C LEU NA 88 63.69 -10.83 43.05
N THR NA 89 62.55 -10.29 42.65
CA THR NA 89 62.02 -9.08 43.26
C THR NA 89 60.50 -9.10 43.20
N THR NA 90 59.88 -8.28 44.04
CA THR NA 90 58.43 -8.17 44.11
C THR NA 90 57.97 -6.88 43.45
N VAL NA 91 56.97 -6.99 42.56
CA VAL NA 91 56.39 -5.80 41.94
C VAL NA 91 55.21 -5.26 42.74
N VAL NA 92 54.78 -5.94 43.80
CA VAL NA 92 53.75 -5.43 44.70
C VAL NA 92 54.40 -4.50 45.70
N GLN NA 93 53.95 -3.25 45.74
CA GLN NA 93 54.54 -2.21 46.58
C GLN NA 93 53.69 -1.91 47.82
N ASN NA 94 53.07 -2.91 48.43
CA ASN NA 94 52.13 -2.75 49.54
C ASN NA 94 52.68 -3.52 50.74
N ASN NA 95 53.09 -2.80 51.79
CA ASN NA 95 53.77 -3.41 52.92
C ASN NA 95 52.83 -4.07 53.92
N ASP NA 96 51.54 -4.20 53.61
CA ASP NA 96 50.65 -5.03 54.41
C ASP NA 96 50.95 -6.52 54.26
N PHE NA 97 51.80 -6.90 53.30
CA PHE NA 97 52.08 -8.30 53.00
C PHE NA 97 53.59 -8.52 52.93
N THR NA 98 54.01 -9.73 53.29
CA THR NA 98 55.38 -10.16 53.09
C THR NA 98 55.60 -10.59 51.65
N PRO NA 99 56.85 -10.64 51.18
CA PRO NA 99 57.09 -11.10 49.79
C PRO NA 99 56.57 -12.49 49.51
N THR NA 100 56.62 -13.39 50.48
CA THR NA 100 56.08 -14.73 50.29
C THR NA 100 54.58 -14.68 50.03
N GLU NA 101 53.85 -13.89 50.82
CA GLU NA 101 52.42 -13.70 50.57
C GLU NA 101 52.17 -13.02 49.23
N ALA NA 102 53.01 -12.05 48.88
CA ALA NA 102 52.82 -11.32 47.62
C ALA NA 102 53.00 -12.21 46.40
N SER NA 103 53.75 -13.32 46.54
CA SER NA 103 54.06 -14.15 45.38
C SER NA 103 52.80 -14.75 44.76
N THR NA 104 51.75 -14.94 45.54
CA THR NA 104 50.51 -15.52 45.02
C THR NA 104 49.53 -14.49 44.47
N GLN NA 105 49.79 -13.20 44.66
CA GLN NA 105 48.90 -12.16 44.15
C GLN NA 105 49.20 -11.86 42.68
N THR NA 106 48.26 -11.20 42.00
CA THR NA 106 48.40 -10.89 40.59
C THR NA 106 47.97 -9.46 40.30
N ILE NA 107 48.46 -8.94 39.18
CA ILE NA 107 48.01 -7.69 38.57
C ILE NA 107 47.43 -8.03 37.20
N ASN NA 108 46.22 -7.56 36.92
CA ASN NA 108 45.49 -7.99 35.74
C ASN NA 108 45.18 -6.82 34.82
N PHE NA 109 45.61 -6.92 33.57
CA PHE NA 109 45.31 -5.95 32.52
C PHE NA 109 44.15 -6.47 31.68
N ASP NA 110 43.21 -5.59 31.35
CA ASP NA 110 41.92 -6.03 30.80
C ASP NA 110 42.09 -6.95 29.60
N GLU NA 111 41.45 -8.11 29.68
CA GLU NA 111 41.65 -9.18 28.70
C GLU NA 111 41.01 -8.89 27.35
N ARG NA 112 40.21 -7.84 27.23
CA ARG NA 112 39.65 -7.45 25.95
C ARG NA 112 40.60 -6.59 25.11
N SER NA 113 41.82 -6.36 25.59
CA SER NA 113 42.84 -5.65 24.84
C SER NA 113 44.14 -6.45 24.87
N ARG NA 114 45.01 -6.20 23.90
CA ARG NA 114 46.38 -6.65 23.95
C ARG NA 114 47.27 -5.49 24.40
N TRP NA 115 48.17 -5.76 25.34
CA TRP NA 115 48.95 -4.73 26.01
C TRP NA 115 50.43 -4.84 25.66
N GLY NA 116 51.10 -3.69 25.65
CA GLY NA 116 52.53 -3.64 25.50
C GLY NA 116 53.17 -2.80 26.59
N GLY NA 117 54.47 -2.99 26.76
CA GLY NA 117 55.20 -2.28 27.79
C GLY NA 117 56.49 -1.66 27.32
N GLN NA 118 56.64 -0.35 27.53
CA GLN NA 118 57.87 0.35 27.21
C GLN NA 118 58.88 0.19 28.35
N LEU NA 119 60.09 -0.27 28.02
CA LEU NA 119 61.08 -0.67 29.01
C LEU NA 119 62.28 0.26 29.01
N LYS NA 120 62.65 0.75 30.20
CA LYS NA 120 63.87 1.52 30.41
C LYS NA 120 64.69 0.85 31.51
N THR NA 121 66.02 0.82 31.32
CA THR NA 121 66.90 0.15 32.29
C THR NA 121 68.04 1.08 32.71
N ILE NA 122 68.57 0.81 33.89
CA ILE NA 122 69.74 1.47 34.44
C ILE NA 122 70.71 0.40 34.94
N MET NA 123 71.97 0.47 34.53
CA MET NA 123 72.97 -0.53 34.87
C MET NA 123 74.30 0.13 35.21
N HIS NA 124 75.01 -0.43 36.19
CA HIS NA 124 76.34 0.02 36.55
C HIS NA 124 77.23 -1.17 36.89
N THR NA 125 78.49 -1.11 36.44
CA THR NA 125 79.44 -2.21 36.58
C THR NA 125 80.73 -1.75 37.25
N ASN NA 126 81.53 -2.71 37.70
CA ASN NA 126 82.84 -2.43 38.30
C ASN NA 126 83.90 -3.44 37.84
N MET NA 127 83.95 -3.70 36.52
CA MET NA 127 84.86 -4.71 35.96
C MET NA 127 86.27 -4.15 35.80
N PRO NA 128 87.30 -4.86 36.28
CA PRO NA 128 88.69 -4.50 35.94
C PRO NA 128 89.12 -5.15 34.63
N ASN NA 129 90.10 -4.51 33.97
CA ASN NA 129 90.42 -4.93 32.60
C ASN NA 129 91.24 -6.22 32.52
N VAL NA 130 91.99 -6.59 33.55
CA VAL NA 130 92.75 -7.84 33.56
C VAL NA 130 92.14 -8.74 34.63
N ASN NA 131 91.45 -9.80 34.20
CA ASN NA 131 90.78 -10.70 35.13
C ASN NA 131 90.62 -12.08 34.49
N GLU NA 132 90.34 -13.06 35.34
CA GLU NA 132 90.26 -14.45 34.90
C GLU NA 132 88.97 -14.76 34.17
N TYR NA 133 87.85 -14.15 34.58
CA TYR NA 133 86.55 -14.53 34.04
C TYR NA 133 86.44 -14.22 32.55
N MET NA 134 87.12 -13.17 32.09
CA MET NA 134 87.02 -12.72 30.70
C MET NA 134 88.21 -13.16 29.85
N PHE NA 135 89.06 -14.06 30.36
CA PHE NA 135 90.19 -14.64 29.62
C PHE NA 135 91.22 -13.59 29.20
N SER NA 136 91.36 -12.52 29.97
CA SER NA 136 92.41 -11.53 29.75
C SER NA 136 93.55 -11.70 30.74
N ASN NA 137 93.71 -12.89 31.28
CA ASN NA 137 94.61 -13.18 32.38
C ASN NA 137 95.82 -14.02 31.97
N LYS NA 138 95.83 -14.60 30.78
CA LYS NA 138 96.78 -15.66 30.46
C LYS NA 138 97.09 -15.67 28.97
N PHE NA 139 98.24 -16.27 28.64
CA PHE NA 139 98.66 -16.52 27.27
C PHE NA 139 99.66 -17.67 27.29
N LYS NA 140 99.98 -18.19 26.11
CA LYS NA 140 100.92 -19.29 25.96
C LYS NA 140 102.11 -18.89 25.11
N ALA NA 141 103.28 -19.47 25.41
CA ALA NA 141 104.50 -19.17 24.67
C ALA NA 141 105.45 -20.35 24.74
N ARG NA 142 106.40 -20.39 23.82
CA ARG NA 142 107.41 -21.44 23.74
C ARG NA 142 108.79 -20.84 23.96
N VAL NA 143 109.49 -21.30 24.99
CA VAL NA 143 110.78 -20.78 25.39
C VAL NA 143 111.77 -21.92 25.50
N MET NA 144 113.04 -21.58 25.75
CA MET NA 144 114.12 -22.54 25.84
C MET NA 144 114.31 -23.02 27.27
N VAL NA 145 114.33 -24.34 27.45
CA VAL NA 145 114.44 -24.93 28.77
C VAL NA 145 115.84 -25.43 29.08
N SER NA 146 116.60 -25.87 28.08
CA SER NA 146 117.93 -26.41 28.32
C SER NA 146 118.84 -26.10 27.15
N ARG NA 147 120.03 -25.60 27.46
CA ARG NA 147 121.15 -25.63 26.51
C ARG NA 147 121.91 -26.95 26.71
N LYS NA 148 123.09 -27.07 26.13
CA LYS NA 148 123.87 -28.30 26.29
C LYS NA 148 124.39 -28.43 27.72
N ASP NA 171 126.22 -27.74 20.59
CA ASP NA 171 125.19 -27.51 21.59
C ASP NA 171 123.81 -27.96 21.11
N ILE NA 172 123.07 -28.64 21.97
CA ILE NA 172 121.72 -29.09 21.69
C ILE NA 172 120.76 -28.27 22.54
N LEU NA 173 119.72 -27.72 21.91
CA LEU NA 173 118.79 -26.80 22.54
C LEU NA 173 117.41 -27.43 22.61
N LYS NA 174 116.76 -27.31 23.77
CA LYS NA 174 115.43 -27.87 23.99
C LYS NA 174 114.44 -26.77 24.31
N TYR NA 175 113.23 -26.87 23.75
CA TYR NA 175 112.18 -25.88 23.92
C TYR NA 175 110.90 -26.58 24.38
N GLU NA 176 110.02 -25.80 25.02
CA GLU NA 176 108.76 -26.35 25.53
C GLU NA 176 107.72 -25.24 25.64
N TRP NA 177 106.45 -25.63 25.58
CA TRP NA 177 105.33 -24.72 25.73
C TRP NA 177 104.92 -24.61 27.19
N PHE NA 178 104.49 -23.40 27.58
CA PHE NA 178 103.97 -23.15 28.92
C PHE NA 178 102.80 -22.18 28.83
N GLU NA 179 102.02 -22.12 29.90
CA GLU NA 179 100.97 -21.12 30.05
C GLU NA 179 101.33 -20.18 31.19
N PHE NA 180 101.23 -18.87 30.92
CA PHE NA 180 101.67 -17.84 31.84
C PHE NA 180 100.46 -17.09 32.40
N ILE NA 181 100.52 -16.73 33.68
CA ILE NA 181 99.41 -16.11 34.40
C ILE NA 181 99.85 -14.78 34.97
N LEU NA 182 99.02 -13.73 34.79
CA LEU NA 182 99.17 -12.40 35.34
C LEU NA 182 98.29 -12.22 36.57
N PRO NA 183 98.64 -11.34 37.49
CA PRO NA 183 97.73 -11.02 38.59
C PRO NA 183 96.67 -10.01 38.18
N GLU NA 184 95.53 -10.06 38.86
CA GLU NA 184 94.35 -9.31 38.45
C GLU NA 184 94.38 -7.87 38.95
N GLY NA 185 93.75 -7.00 38.19
CA GLY NA 185 93.71 -5.58 38.50
C GLY NA 185 93.31 -4.78 37.28
N ASN NA 186 93.28 -3.46 37.47
CA ASN NA 186 92.91 -2.52 36.42
C ASN NA 186 94.14 -1.69 36.04
N PHE NA 187 94.75 -2.01 34.91
CA PHE NA 187 96.05 -1.48 34.54
C PHE NA 187 96.00 -0.77 33.20
N SER NA 188 96.93 0.16 33.01
CA SER NA 188 97.11 0.77 31.70
C SER NA 188 97.82 -0.20 30.76
N ALA NA 189 97.87 0.17 29.47
CA ALA NA 189 98.44 -0.72 28.47
C ALA NA 189 99.94 -0.92 28.67
N THR NA 190 100.67 0.15 29.02
CA THR NA 190 102.11 0.01 29.27
C THR NA 190 102.38 -0.87 30.49
N MET NA 191 101.61 -0.67 31.56
CA MET NA 191 101.80 -1.49 32.75
C MET NA 191 101.45 -2.94 32.49
N THR NA 192 100.49 -3.21 31.61
CA THR NA 192 100.17 -4.59 31.26
C THR NA 192 101.33 -5.28 30.54
N ILE NA 193 101.99 -4.55 29.64
CA ILE NA 193 103.11 -5.13 28.89
C ILE NA 193 104.28 -5.43 29.82
N ASP NA 194 104.49 -4.61 30.86
CA ASP NA 194 105.52 -4.92 31.84
C ASP NA 194 105.24 -6.22 32.56
N LEU NA 195 103.96 -6.47 32.89
CA LEU NA 195 103.61 -7.69 33.60
C LEU NA 195 103.82 -8.94 32.73
N MET NA 196 103.58 -8.83 31.43
CA MET NA 196 103.80 -9.96 30.53
C MET NA 196 105.29 -10.29 30.42
N ASN NA 197 106.15 -9.27 30.34
CA ASN NA 197 107.60 -9.52 30.34
C ASN NA 197 108.04 -10.15 31.66
N ASN NA 198 107.49 -9.67 32.78
CA ASN NA 198 107.86 -10.20 34.08
C ASN NA 198 107.47 -11.67 34.21
N ALA NA 199 106.36 -12.08 33.60
CA ALA NA 199 105.97 -13.48 33.64
C ALA NA 199 106.95 -14.37 32.90
N ILE NA 200 107.46 -13.91 31.75
CA ILE NA 200 108.45 -14.67 31.00
C ILE NA 200 109.71 -14.87 31.82
N ILE NA 201 110.17 -13.81 32.48
CA ILE NA 201 111.43 -13.87 33.22
C ILE NA 201 111.33 -14.77 34.43
N ASP NA 202 110.19 -14.79 35.12
CA ASP NA 202 110.02 -15.67 36.26
C ASP NA 202 110.09 -17.14 35.86
N ASN NA 203 109.78 -17.47 34.61
CA ASN NA 203 109.98 -18.82 34.10
C ASN NA 203 111.46 -19.12 33.86
N TYR NA 204 112.23 -18.10 33.47
CA TYR NA 204 113.66 -18.28 33.26
C TYR NA 204 114.43 -18.38 34.57
N LEU NA 205 113.84 -17.92 35.68
CA LEU NA 205 114.52 -18.03 36.97
C LEU NA 205 114.19 -19.33 37.70
N GLU NA 206 113.06 -19.95 37.40
CA GLU NA 206 112.64 -21.19 38.03
C GLU NA 206 113.10 -22.42 37.27
N ILE NA 207 113.04 -22.37 35.94
CA ILE NA 207 113.60 -23.38 35.05
C ILE NA 207 114.63 -22.61 34.25
N GLY NA 208 115.30 -23.24 33.30
CA GLY NA 208 116.14 -22.42 32.46
C GLY NA 208 117.48 -22.15 33.10
N ARG NA 209 117.60 -20.99 33.76
CA ARG NA 209 118.85 -20.53 34.36
C ARG NA 209 119.64 -21.64 35.05
N GLN NA 210 118.96 -22.50 35.80
CA GLN NA 210 119.64 -23.61 36.47
C GLN NA 210 119.96 -24.76 35.54
N ASN NA 211 119.60 -24.68 34.27
CA ASN NA 211 119.90 -25.72 33.29
C ASN NA 211 120.75 -25.22 32.14
N GLY NA 212 121.49 -24.13 32.34
CA GLY NA 212 122.52 -23.73 31.41
C GLY NA 212 122.16 -22.69 30.37
N VAL NA 213 120.97 -22.09 30.43
CA VAL NA 213 120.62 -21.04 29.49
C VAL NA 213 121.13 -19.71 30.03
N LEU NA 214 121.62 -18.86 29.14
CA LEU NA 214 122.18 -17.58 29.53
C LEU NA 214 121.12 -16.48 29.40
N GLU NA 215 121.42 -15.34 30.01
CA GLU NA 215 120.54 -14.19 29.84
C GLU NA 215 120.88 -13.47 28.55
N SER NA 216 121.02 -14.24 27.47
CA SER NA 216 121.12 -13.71 26.12
C SER NA 216 120.39 -14.60 25.12
N ASP NA 217 119.67 -15.61 25.60
CA ASP NA 217 118.88 -16.51 24.76
C ASP NA 217 117.44 -16.63 25.24
N ILE NA 218 116.92 -15.59 25.91
CA ILE NA 218 115.57 -15.64 26.47
C ILE NA 218 114.55 -16.00 25.40
N GLY NA 219 114.43 -15.15 24.38
CA GLY NA 219 113.73 -15.54 23.18
C GLY NA 219 112.32 -15.02 22.98
N VAL NA 220 111.70 -14.40 23.99
CA VAL NA 220 110.38 -13.79 23.85
C VAL NA 220 110.38 -12.47 24.60
N LYS NA 221 110.10 -11.37 23.91
CA LYS NA 221 110.00 -10.06 24.54
C LYS NA 221 108.93 -9.22 23.85
N PHE NA 222 108.21 -8.42 24.64
CA PHE NA 222 107.21 -7.49 24.12
C PHE NA 222 107.77 -6.07 24.18
N ASP NA 223 107.81 -5.38 23.05
CA ASP NA 223 108.46 -4.08 22.95
C ASP NA 223 107.52 -3.06 22.30
N THR NA 224 108.01 -1.83 22.13
CA THR NA 224 107.26 -0.77 21.47
C THR NA 224 108.07 0.01 20.44
N ARG NA 225 109.35 -0.32 20.22
CA ARG NA 225 110.23 0.53 19.43
C ARG NA 225 110.21 0.18 17.96
N ASN NA 226 110.64 1.14 17.14
CA ASN NA 226 110.84 0.91 15.71
C ASN NA 226 112.34 0.71 15.51
N PHE NA 227 112.76 -0.56 15.51
CA PHE NA 227 114.14 -0.86 15.19
C PHE NA 227 114.40 -0.51 13.73
N ARG NA 228 115.67 -0.28 13.40
CA ARG NA 228 116.16 0.15 12.09
C ARG NA 228 115.74 1.57 11.72
N LEU NA 229 115.39 2.41 12.69
CA LEU NA 229 115.07 3.80 12.38
C LEU NA 229 116.28 4.55 11.83
N GLY NA 230 117.40 4.50 12.55
CA GLY NA 230 118.59 5.22 12.12
C GLY NA 230 119.49 4.45 11.17
N TRP NA 231 118.89 3.55 10.38
CA TRP NA 231 119.63 2.69 9.48
C TRP NA 231 120.24 3.48 8.33
N ASP NA 232 121.41 3.02 7.88
CA ASP NA 232 122.14 3.68 6.81
C ASP NA 232 122.21 2.78 5.59
N PRO NA 233 121.87 3.28 4.40
CA PRO NA 233 121.78 2.40 3.23
C PRO NA 233 123.12 1.89 2.73
N GLU NA 234 124.23 2.52 3.11
CA GLU NA 234 125.55 2.07 2.65
C GLU NA 234 126.19 1.09 3.62
N THR NA 235 126.36 1.50 4.89
CA THR NA 235 126.95 0.63 5.89
C THR NA 235 125.99 -0.44 6.39
N LYS NA 236 124.69 -0.23 6.22
CA LYS NA 236 123.66 -1.20 6.63
C LYS NA 236 123.75 -1.51 8.13
N LEU NA 237 124.04 -0.50 8.94
CA LEU NA 237 124.06 -0.63 10.39
C LEU NA 237 123.42 0.60 11.00
N ILE NA 238 123.03 0.47 12.27
CA ILE NA 238 122.41 1.57 13.01
C ILE NA 238 123.54 2.50 13.44
N MET NA 239 123.73 3.60 12.69
CA MET NA 239 124.89 4.45 12.92
C MET NA 239 124.99 5.04 14.32
N PRO NA 240 123.92 5.51 14.97
CA PRO NA 240 124.09 6.10 16.32
C PRO NA 240 124.64 5.15 17.36
N GLY NA 241 124.55 3.84 17.13
CA GLY NA 241 125.00 2.87 18.12
C GLY NA 241 123.98 2.49 19.16
N VAL NA 242 122.82 3.16 19.18
CA VAL NA 242 121.69 2.77 20.04
C VAL NA 242 120.41 2.91 19.22
N TYR NA 243 119.49 1.98 19.43
CA TYR NA 243 118.19 2.06 18.79
C TYR NA 243 117.40 3.26 19.32
N THR NA 244 116.61 3.86 18.44
CA THR NA 244 115.83 5.04 18.82
C THR NA 244 114.85 4.68 19.94
N TYR NA 245 114.85 5.49 20.99
CA TYR NA 245 114.10 5.17 22.21
C TYR NA 245 112.75 5.89 22.22
N GLU NA 246 111.94 5.61 21.19
CA GLU NA 246 110.61 6.19 21.05
C GLU NA 246 109.58 5.10 20.81
N ALA NA 247 108.37 5.31 21.31
CA ALA NA 247 107.29 4.33 21.21
C ALA NA 247 106.49 4.55 19.94
N PHE NA 248 106.25 3.48 19.19
CA PHE NA 248 105.49 3.53 17.95
C PHE NA 248 104.23 2.70 17.99
N HIS NA 249 104.33 1.42 18.37
CA HIS NA 249 103.24 0.45 18.39
C HIS NA 249 103.74 -0.80 19.09
N PRO NA 250 102.92 -1.48 19.89
CA PRO NA 250 103.39 -2.70 20.56
C PRO NA 250 103.82 -3.77 19.56
N ASP NA 251 104.84 -4.53 19.96
CA ASP NA 251 105.59 -5.40 19.05
C ASP NA 251 106.01 -6.67 19.78
N ILE NA 252 106.29 -7.70 18.99
CA ILE NA 252 106.73 -9.01 19.47
C ILE NA 252 108.10 -9.30 18.86
N VAL NA 253 109.07 -9.66 19.71
CA VAL NA 253 110.44 -9.97 19.30
C VAL NA 253 110.76 -11.42 19.64
N LEU NA 254 111.29 -12.17 18.66
CA LEU NA 254 111.48 -13.61 18.79
C LEU NA 254 112.89 -14.02 18.37
N LEU NA 255 113.37 -15.11 19.00
CA LEU NA 255 114.57 -15.87 18.67
C LEU NA 255 114.18 -17.19 18.01
N PRO NA 256 115.11 -17.84 17.30
CA PRO NA 256 114.74 -19.08 16.61
C PRO NA 256 114.26 -20.15 17.58
N GLY NA 257 113.23 -20.89 17.16
CA GLY NA 257 112.65 -21.93 17.98
C GLY NA 257 111.54 -21.51 18.91
N CYS NA 258 111.22 -20.22 18.98
CA CYS NA 258 110.24 -19.71 19.94
C CYS NA 258 108.96 -19.27 19.22
N GLY NA 259 107.96 -18.88 20.00
CA GLY NA 259 106.70 -18.42 19.46
C GLY NA 259 105.71 -18.12 20.56
N VAL NA 260 104.60 -17.49 20.17
CA VAL NA 260 103.50 -17.18 21.07
C VAL NA 260 102.20 -17.65 20.44
N ASP NA 261 101.22 -17.96 21.30
CA ASP NA 261 99.93 -18.49 20.86
C ASP NA 261 98.80 -17.81 21.61
N PHE NA 262 97.89 -17.15 20.88
CA PHE NA 262 96.81 -16.39 21.46
C PHE NA 262 95.45 -17.03 21.24
N THR NA 263 95.39 -18.35 21.07
CA THR NA 263 94.12 -19.02 20.77
C THR NA 263 93.12 -18.85 21.90
N GLU NA 264 93.59 -18.91 23.14
CA GLU NA 264 92.70 -18.83 24.30
C GLU NA 264 92.99 -17.60 25.14
N SER NA 265 93.13 -16.45 24.49
CA SER NA 265 93.53 -15.22 25.16
C SER NA 265 92.95 -14.02 24.42
N ARG NA 266 92.65 -12.97 25.16
CA ARG NA 266 92.18 -11.72 24.59
C ARG NA 266 93.23 -10.62 24.64
N LEU NA 267 94.47 -10.95 24.97
CA LEU NA 267 95.54 -9.96 25.07
C LEU NA 267 96.07 -9.52 23.70
N SER NA 268 95.72 -10.21 22.62
CA SER NA 268 96.11 -9.74 21.30
C SER NA 268 95.37 -8.46 20.91
N ASN NA 269 94.16 -8.23 21.44
CA ASN NA 269 93.46 -6.97 21.20
C ASN NA 269 94.17 -5.80 21.85
N LEU NA 270 94.72 -6.00 23.05
CA LEU NA 270 95.47 -4.94 23.71
C LEU NA 270 96.77 -4.63 22.98
N LEU NA 271 97.35 -5.62 22.29
CA LEU NA 271 98.57 -5.38 21.52
C LEU NA 271 98.31 -4.74 20.16
N GLY NA 272 97.08 -4.72 19.70
CA GLY NA 272 96.81 -4.17 18.38
C GLY NA 272 97.26 -5.04 17.22
N ILE NA 273 97.22 -6.36 17.38
CA ILE NA 273 97.56 -7.31 16.32
C ILE NA 273 96.37 -8.25 16.16
N ARG NA 274 95.79 -8.29 14.96
CA ARG NA 274 94.60 -9.07 14.68
C ARG NA 274 94.74 -9.83 13.37
N LYS NA 275 93.87 -10.80 13.17
CA LYS NA 275 93.85 -11.63 11.96
C LYS NA 275 92.91 -11.06 10.91
N ARG NA 276 93.33 -11.14 9.65
CA ARG NA 276 92.48 -10.70 8.55
C ARG NA 276 91.31 -11.63 8.30
N HIS NA 277 91.35 -12.86 8.82
CA HIS NA 277 90.25 -13.81 8.76
C HIS NA 277 89.89 -14.16 10.19
N PRO NA 278 89.12 -13.31 10.87
CA PRO NA 278 88.94 -13.45 12.32
C PRO NA 278 88.04 -14.61 12.73
N PHE NA 279 87.35 -15.25 11.80
CA PHE NA 279 86.49 -16.38 12.15
C PHE NA 279 87.17 -17.74 12.00
N GLN NA 280 88.45 -17.77 11.63
CA GLN NA 280 89.21 -19.01 11.55
C GLN NA 280 89.91 -19.26 12.87
N GLU NA 281 89.67 -20.42 13.48
CA GLU NA 281 90.20 -20.71 14.81
C GLU NA 281 91.72 -20.85 14.78
N GLY NA 282 92.35 -20.39 15.86
CA GLY NA 282 93.79 -20.52 16.01
C GLY NA 282 94.57 -19.27 15.67
N PHE NA 283 95.47 -18.85 16.56
CA PHE NA 283 96.28 -17.65 16.36
C PHE NA 283 97.66 -17.92 16.94
N LYS NA 284 98.59 -18.34 16.09
CA LYS NA 284 99.96 -18.62 16.51
C LYS NA 284 100.93 -17.86 15.62
N ILE NA 285 101.98 -17.30 16.23
CA ILE NA 285 103.03 -16.58 15.52
C ILE NA 285 104.37 -17.17 15.94
N MET NA 286 105.07 -17.79 14.99
CA MET NA 286 106.34 -18.45 15.24
C MET NA 286 107.47 -17.71 14.55
N TYR NA 287 108.71 -18.11 14.88
CA TYR NA 287 109.88 -17.44 14.33
C TYR NA 287 109.95 -17.58 12.81
N GLU NA 288 109.45 -18.69 12.27
CA GLU NA 288 109.49 -18.90 10.83
C GLU NA 288 108.48 -18.03 10.07
N ASP NA 289 107.50 -17.46 10.75
CA ASP NA 289 106.50 -16.61 10.10
C ASP NA 289 106.94 -15.15 9.99
N LEU NA 290 108.03 -14.76 10.64
CA LEU NA 290 108.49 -13.38 10.66
C LEU NA 290 109.62 -13.12 9.68
N GLU NA 291 109.60 -13.78 8.52
CA GLU NA 291 110.68 -13.61 7.54
C GLU NA 291 110.79 -12.18 7.07
N GLY NA 292 112.02 -11.70 6.93
CA GLY NA 292 112.28 -10.34 6.53
C GLY NA 292 112.31 -9.34 7.66
N GLY NA 293 112.11 -9.77 8.91
CA GLY NA 293 112.04 -8.85 10.01
C GLY NA 293 113.22 -8.88 10.96
N ASN NA 294 114.38 -9.32 10.48
CA ASN NA 294 115.57 -9.37 11.33
C ASN NA 294 115.97 -7.96 11.75
N ILE NA 295 116.36 -7.82 13.01
CA ILE NA 295 116.75 -6.54 13.58
C ILE NA 295 118.20 -6.24 13.20
N PRO NA 296 118.47 -5.12 12.52
CA PRO NA 296 119.84 -4.82 12.12
C PRO NA 296 120.76 -4.65 13.33
N ALA NA 297 122.00 -5.11 13.17
CA ALA NA 297 122.97 -5.08 14.25
C ALA NA 297 123.53 -3.68 14.46
N LEU NA 298 123.99 -3.42 15.69
CA LEU NA 298 124.68 -2.20 16.08
C LEU NA 298 124.08 -0.93 15.50
N ILE NA 364 134.21 0.38 11.17
CA ILE NA 364 133.00 -0.10 10.51
C ILE NA 364 132.79 -1.59 10.79
N GLN NA 365 132.47 -1.92 12.05
CA GLN NA 365 132.18 -3.29 12.43
C GLN NA 365 131.04 -3.31 13.43
N PRO NA 366 130.18 -4.32 13.41
CA PRO NA 366 129.09 -4.38 14.38
C PRO NA 366 129.59 -4.67 15.78
N LEU NA 367 128.89 -4.12 16.77
CA LEU NA 367 129.15 -4.49 18.16
C LEU NA 367 128.64 -5.90 18.41
N GLU NA 368 129.47 -6.73 19.04
CA GLU NA 368 129.13 -8.14 19.22
C GLU NA 368 128.72 -8.50 20.64
N LYS NA 369 128.87 -7.59 21.60
CA LYS NA 369 128.53 -7.91 22.99
C LYS NA 369 128.17 -6.62 23.72
N ASP NA 370 127.53 -6.79 24.87
CA ASP NA 370 127.03 -5.68 25.67
C ASP NA 370 128.09 -5.26 26.69
N SER NA 371 127.72 -4.30 27.56
CA SER NA 371 128.67 -3.78 28.53
C SER NA 371 129.11 -4.86 29.53
N LYS NA 372 128.17 -5.68 29.99
CA LYS NA 372 128.46 -6.73 30.96
C LYS NA 372 128.72 -8.08 30.30
N SER NA 373 129.25 -8.07 29.07
CA SER NA 373 129.58 -9.29 28.34
C SER NA 373 128.34 -10.18 28.15
N ARG NA 374 127.37 -9.65 27.42
CA ARG NA 374 126.22 -10.41 26.96
C ARG NA 374 126.20 -10.41 25.44
N SER NA 375 126.02 -11.59 24.86
CA SER NA 375 126.03 -11.71 23.41
C SER NA 375 124.80 -11.03 22.81
N TYR NA 376 125.01 -10.27 21.74
CA TYR NA 376 123.92 -9.71 20.95
C TYR NA 376 123.44 -10.68 19.88
N ASN NA 377 124.01 -11.88 19.78
CA ASN NA 377 123.60 -12.90 18.81
C ASN NA 377 123.79 -12.41 17.37
N VAL NA 378 124.90 -11.74 17.10
CA VAL NA 378 125.19 -11.31 15.74
C VAL NA 378 125.50 -12.54 14.87
N LEU NA 379 125.11 -12.46 13.60
CA LEU NA 379 125.22 -13.57 12.67
C LEU NA 379 126.35 -13.33 11.68
N GLU NA 380 126.46 -14.23 10.71
CA GLU NA 380 127.41 -14.03 9.61
C GLU NA 380 126.95 -12.86 8.75
N ASP NA 381 127.90 -12.32 7.96
CA ASP NA 381 127.75 -11.14 7.13
C ASP NA 381 127.75 -9.87 7.98
N LYS NA 382 127.71 -10.02 9.30
CA LYS NA 382 128.00 -8.94 10.23
C LYS NA 382 127.14 -7.69 9.98
N ILE NA 383 125.87 -7.91 9.60
CA ILE NA 383 124.92 -6.81 9.45
C ILE NA 383 123.65 -7.04 10.26
N ASN NA 384 123.09 -8.25 10.22
CA ASN NA 384 121.83 -8.53 10.88
C ASN NA 384 122.02 -9.43 12.10
N THR NA 385 121.02 -9.41 12.96
CA THR NA 385 121.00 -10.16 14.20
C THR NA 385 119.92 -11.23 14.13
N ALA NA 386 120.07 -12.27 14.96
CA ALA NA 386 119.11 -13.37 14.96
C ALA NA 386 117.72 -12.96 15.43
N TYR NA 387 117.59 -11.85 16.15
CA TYR NA 387 116.27 -11.41 16.61
C TYR NA 387 115.39 -10.98 15.44
N ARG NA 388 114.12 -11.37 15.48
CA ARG NA 388 113.12 -10.93 14.52
C ARG NA 388 111.96 -10.26 15.26
N SER NA 389 111.29 -9.33 14.57
CA SER NA 389 110.17 -8.61 15.18
C SER NA 389 109.00 -8.52 14.22
N TRP NA 390 107.79 -8.57 14.78
CA TRP NA 390 106.57 -8.51 13.97
C TRP NA 390 106.45 -7.18 13.24
N TYR NA 391 106.79 -6.08 13.90
CA TYR NA 391 106.60 -4.76 13.28
C TYR NA 391 107.52 -4.56 12.09
N LEU NA 392 108.77 -5.00 12.18
CA LEU NA 392 109.69 -4.87 11.05
C LEU NA 392 109.24 -5.71 9.88
N SER NA 393 108.76 -6.92 10.15
CA SER NA 393 108.28 -7.78 9.06
C SER NA 393 107.01 -7.24 8.43
N TYR NA 394 106.11 -6.65 9.24
CA TYR NA 394 104.88 -6.09 8.70
C TYR NA 394 105.15 -4.89 7.79
N ASN NA 395 106.09 -4.04 8.17
CA ASN NA 395 106.29 -2.79 7.44
C ASN NA 395 107.38 -2.86 6.37
N TYR NA 396 108.39 -3.70 6.53
CA TYR NA 396 109.52 -3.73 5.61
C TYR NA 396 109.69 -5.06 4.88
N GLY NA 397 109.00 -6.12 5.28
CA GLY NA 397 109.12 -7.41 4.64
C GLY NA 397 108.36 -7.48 3.33
N ASN NA 398 108.25 -8.70 2.82
CA ASN NA 398 107.56 -8.94 1.55
C ASN NA 398 106.06 -8.76 1.72
N PRO NA 399 105.41 -7.87 0.96
CA PRO NA 399 103.97 -7.64 1.17
C PRO NA 399 103.10 -8.86 0.92
N GLU NA 400 103.50 -9.77 0.03
CA GLU NA 400 102.64 -10.87 -0.38
C GLU NA 400 103.07 -12.21 0.18
N LYS NA 401 104.10 -12.26 1.01
CA LYS NA 401 104.54 -13.51 1.62
C LYS NA 401 104.83 -13.41 3.11
N GLY NA 402 105.08 -12.23 3.65
CA GLY NA 402 105.39 -12.09 5.06
C GLY NA 402 104.15 -12.08 5.93
N ILE NA 403 104.34 -11.63 7.16
CA ILE NA 403 103.27 -11.62 8.15
C ILE NA 403 102.14 -10.65 7.76
N ARG NA 404 102.42 -9.69 6.87
CA ARG NA 404 101.42 -8.72 6.44
C ARG NA 404 100.31 -9.33 5.60
N SER NA 405 100.50 -10.52 5.06
CA SER NA 405 99.48 -11.11 4.20
C SER NA 405 98.31 -11.69 4.97
N TRP NA 406 98.47 -12.00 6.25
CA TRP NA 406 97.36 -12.55 7.02
C TRP NA 406 97.19 -11.94 8.41
N THR NA 407 97.91 -10.88 8.75
CA THR NA 407 97.66 -10.14 9.98
C THR NA 407 97.43 -8.66 9.66
N LEU NA 408 96.89 -7.94 10.64
CA LEU NA 408 96.48 -6.55 10.46
C LEU NA 408 96.90 -5.75 11.68
N LEU NA 409 97.38 -4.53 11.44
CA LEU NA 409 97.81 -3.63 12.49
C LEU NA 409 96.67 -2.68 12.86
N THR NA 410 96.34 -2.61 14.15
CA THR NA 410 95.23 -1.80 14.64
C THR NA 410 95.67 -1.01 15.88
N THR NA 411 94.83 -0.04 16.27
CA THR NA 411 95.08 0.71 17.49
C THR NA 411 94.88 -0.17 18.72
N SER NA 412 95.70 0.07 19.74
CA SER NA 412 95.61 -0.70 20.98
C SER NA 412 94.29 -0.44 21.69
N ASP NA 413 93.65 -1.50 22.16
CA ASP NA 413 92.37 -1.41 22.86
C ASP NA 413 92.55 -1.91 24.30
N VAL NA 414 92.59 -0.98 25.25
CA VAL NA 414 92.92 -1.32 26.63
C VAL NA 414 91.83 -2.16 27.30
N THR NA 415 90.57 -2.01 26.90
CA THR NA 415 89.52 -2.82 27.50
C THR NA 415 89.59 -4.28 27.06
N CYS NA 416 90.43 -4.61 26.09
CA CYS NA 416 90.59 -5.94 25.50
C CYS NA 416 89.40 -6.39 24.69
N GLY NA 417 88.52 -5.46 24.31
CA GLY NA 417 87.41 -5.77 23.43
C GLY NA 417 86.14 -6.09 24.19
N VAL NA 418 85.21 -5.16 24.21
CA VAL NA 418 83.96 -5.36 24.92
C VAL NA 418 82.94 -5.95 23.96
N GLU NA 419 82.05 -6.79 24.49
CA GLU NA 419 80.97 -7.38 23.72
C GLU NA 419 79.64 -6.97 24.34
N GLN NA 420 78.56 -7.56 23.84
CA GLN NA 420 77.21 -7.16 24.20
C GLN NA 420 76.72 -7.90 25.45
N VAL NA 421 75.62 -7.40 26.01
CA VAL NA 421 74.90 -8.03 27.12
C VAL NA 421 73.42 -8.13 26.75
N TYR NA 422 72.75 -9.12 27.35
CA TYR NA 422 71.34 -9.41 27.07
C TYR NA 422 70.50 -9.34 28.34
N TRP NA 423 69.30 -8.77 28.24
CA TRP NA 423 68.33 -8.71 29.32
C TRP NA 423 67.23 -9.76 29.14
N SER NA 424 66.79 -10.37 30.25
CA SER NA 424 65.67 -11.30 30.25
C SER NA 424 64.68 -10.97 31.36
N LEU NA 425 63.38 -11.00 31.04
CA LEU NA 425 62.30 -10.84 32.02
C LEU NA 425 61.24 -11.89 31.75
N PRO NA 426 61.52 -13.16 32.07
CA PRO NA 426 60.65 -14.25 31.59
C PRO NA 426 59.24 -14.26 32.19
N ASP NA 427 59.01 -13.66 33.35
CA ASP NA 427 57.68 -13.65 33.95
C ASP NA 427 56.84 -12.42 33.58
N MET NA 428 57.37 -11.50 32.79
CA MET NA 428 56.65 -10.28 32.46
C MET NA 428 56.35 -10.14 30.98
N MET NA 429 57.34 -10.36 30.11
CA MET NA 429 57.18 -10.18 28.68
C MET NA 429 56.90 -11.51 27.99
N GLN NA 430 56.21 -11.43 26.84
CA GLN NA 430 56.07 -12.59 25.98
C GLN NA 430 57.39 -12.89 25.26
N ASP NA 431 57.60 -14.16 24.94
CA ASP NA 431 58.82 -14.57 24.26
C ASP NA 431 58.85 -14.01 22.84
N PRO NA 432 59.93 -13.38 22.42
CA PRO NA 432 60.04 -12.95 21.01
C PRO NA 432 60.14 -14.14 20.06
N VAL NA 433 59.91 -13.84 18.78
CA VAL NA 433 59.69 -14.89 17.77
C VAL NA 433 60.90 -15.80 17.65
N THR NA 434 60.62 -17.11 17.57
CA THR NA 434 61.50 -18.27 17.45
C THR NA 434 62.18 -18.70 18.76
N PHE NA 435 62.04 -17.95 19.85
CA PHE NA 435 62.57 -18.40 21.15
C PHE NA 435 61.64 -19.42 21.79
N ARG NA 436 62.22 -20.46 22.40
CA ARG NA 436 61.44 -21.46 23.14
C ARG NA 436 61.27 -21.06 24.60
N SER NA 437 60.12 -21.41 25.16
CA SER NA 437 59.89 -21.24 26.59
C SER NA 437 60.64 -22.31 27.39
N THR NA 438 61.31 -21.89 28.46
CA THR NA 438 62.16 -22.80 29.22
C THR NA 438 62.40 -22.23 30.61
N ARG NA 439 62.97 -23.07 31.48
CA ARG NA 439 63.40 -22.67 32.80
C ARG NA 439 64.91 -22.83 33.00
N GLN NA 440 65.67 -23.01 31.93
CA GLN NA 440 67.13 -23.06 32.02
C GLN NA 440 67.70 -21.66 31.86
N VAL NA 441 68.56 -21.26 32.81
CA VAL NA 441 69.02 -19.87 32.87
C VAL NA 441 69.83 -19.50 31.63
N SER NA 442 70.70 -20.39 31.18
CA SER NA 442 71.47 -20.07 29.98
C SER NA 442 70.65 -20.10 28.69
N ASN NA 443 69.32 -20.24 28.72
CA ASN NA 443 68.55 -20.24 27.49
C ASN NA 443 67.26 -19.41 27.61
N TYR NA 444 67.22 -18.44 28.53
CA TYR NA 444 66.06 -17.56 28.63
C TYR NA 444 65.89 -16.75 27.35
N PRO NA 445 64.64 -16.47 26.95
CA PRO NA 445 64.43 -15.55 25.82
C PRO NA 445 64.95 -14.14 26.12
N VAL NA 446 65.42 -13.47 25.07
CA VAL NA 446 66.13 -12.20 25.19
C VAL NA 446 65.19 -11.05 24.84
N VAL NA 447 65.12 -10.06 25.72
CA VAL NA 447 64.20 -8.93 25.57
C VAL NA 447 64.90 -7.63 25.19
N GLY NA 448 66.23 -7.55 25.30
CA GLY NA 448 66.96 -6.37 24.88
C GLY NA 448 68.44 -6.62 24.89
N ALA NA 449 69.17 -5.74 24.20
CA ALA NA 449 70.62 -5.87 24.07
C ALA NA 449 71.29 -4.50 24.05
N GLU NA 450 72.54 -4.47 24.51
CA GLU NA 450 73.35 -3.24 24.53
C GLU NA 450 74.80 -3.66 24.77
N LEU NA 451 75.71 -2.70 24.73
CA LEU NA 451 77.11 -2.96 25.04
C LEU NA 451 77.34 -3.01 26.54
N MET NA 452 78.20 -3.93 26.96
CA MET NA 452 78.70 -3.90 28.32
C MET NA 452 79.41 -2.57 28.56
N PRO NA 453 79.02 -1.81 29.59
CA PRO NA 453 79.36 -0.37 29.65
C PRO NA 453 80.76 -0.07 30.20
N VAL NA 454 81.78 -0.43 29.43
CA VAL NA 454 83.17 -0.19 29.78
C VAL NA 454 83.84 0.48 28.60
N PHE NA 455 84.56 1.57 28.84
CA PHE NA 455 85.09 2.40 27.76
C PHE NA 455 86.54 2.80 28.05
N SER NA 456 87.23 3.15 26.97
CA SER NA 456 88.61 3.62 27.01
C SER NA 456 88.66 5.14 27.10
N LYS NA 457 89.63 5.66 27.86
CA LYS NA 457 89.87 7.10 27.95
C LYS NA 457 91.35 7.40 27.75
N SER NA 458 91.64 8.50 27.05
CA SER NA 458 93.01 8.87 26.68
C SER NA 458 93.54 10.01 27.54
N PHE NA 459 94.84 9.96 27.79
CA PHE NA 459 95.56 11.03 28.49
C PHE NA 459 96.88 11.30 27.78
N TYR NA 460 97.42 12.49 28.00
CA TYR NA 460 98.68 12.91 27.38
C TYR NA 460 99.76 12.98 28.44
N ASN NA 461 100.90 12.35 28.16
CA ASN NA 461 102.03 12.34 29.09
C ASN NA 461 103.36 12.54 28.38
N HIS NA 478 114.74 -1.99 40.54
CA HIS NA 478 113.79 -2.00 39.44
C HIS NA 478 113.52 -3.41 38.95
N VAL NA 479 112.41 -4.00 39.39
CA VAL NA 479 112.03 -5.33 38.93
C VAL NA 479 111.62 -5.32 37.46
N PHE NA 480 111.21 -4.17 36.93
CA PHE NA 480 110.80 -4.06 35.54
C PHE NA 480 111.94 -3.65 34.61
N ASN NA 481 113.18 -3.60 35.11
CA ASN NA 481 114.35 -3.33 34.28
C ASN NA 481 115.52 -4.12 34.88
N ARG NA 482 115.69 -5.36 34.42
CA ARG NA 482 116.71 -6.25 34.94
C ARG NA 482 117.96 -6.31 34.07
N PHE NA 483 117.91 -5.76 32.87
CA PHE NA 483 119.05 -5.72 31.96
C PHE NA 483 119.20 -4.30 31.44
N PRO NA 484 119.57 -3.35 32.32
CA PRO NA 484 119.66 -1.95 31.89
C PRO NA 484 120.64 -1.72 30.76
N GLU NA 485 121.73 -2.49 30.69
CA GLU NA 485 122.75 -2.25 29.69
C GLU NA 485 122.34 -2.75 28.31
N ASN NA 486 121.59 -3.85 28.23
CA ASN NA 486 121.36 -4.52 26.96
C ASN NA 486 120.37 -3.74 26.11
N GLN NA 487 120.78 -3.38 24.90
CA GLN NA 487 119.93 -2.57 24.03
C GLN NA 487 118.68 -3.31 23.56
N ILE NA 488 118.70 -4.64 23.56
CA ILE NA 488 117.52 -5.41 23.15
C ILE NA 488 116.59 -5.66 24.32
N LEU NA 489 117.14 -5.88 25.51
CA LEU NA 489 116.37 -6.23 26.70
C LEU NA 489 116.09 -5.05 27.60
N ILE NA 490 116.37 -3.83 27.14
CA ILE NA 490 116.03 -2.64 27.93
C ILE NA 490 114.51 -2.51 28.06
N ARG NA 491 114.08 -1.84 29.12
CA ARG NA 491 112.65 -1.62 29.36
C ARG NA 491 112.08 -0.73 28.27
N PRO NA 492 110.94 -1.10 27.66
CA PRO NA 492 110.45 -0.34 26.52
C PRO NA 492 110.08 1.07 26.93
N PRO NA 493 110.25 2.03 26.02
CA PRO NA 493 109.77 3.39 26.29
C PRO NA 493 108.25 3.46 26.35
N ALA NA 494 107.75 4.39 27.15
CA ALA NA 494 106.31 4.58 27.34
C ALA NA 494 105.73 5.48 26.25
N PRO NA 495 104.53 5.20 25.77
CA PRO NA 495 103.92 6.05 24.76
C PRO NA 495 103.57 7.43 25.31
N THR NA 496 103.55 8.41 24.43
CA THR NA 496 103.07 9.73 24.80
C THR NA 496 101.56 9.80 24.95
N ILE NA 497 100.83 8.76 24.53
CA ILE NA 497 99.39 8.65 24.73
C ILE NA 497 99.11 7.41 25.59
N THR NA 498 98.48 7.61 26.74
CA THR NA 498 98.14 6.52 27.65
C THR NA 498 96.62 6.34 27.70
N THR NA 499 96.17 5.09 27.68
CA THR NA 499 94.74 4.78 27.73
C THR NA 499 94.44 3.88 28.93
N VAL NA 500 93.32 4.15 29.59
CA VAL NA 500 92.84 3.37 30.72
C VAL NA 500 91.34 3.13 30.53
N SER NA 501 90.83 2.06 31.15
CA SER NA 501 89.44 1.66 30.99
C SER NA 501 88.59 2.13 32.17
N GLU NA 502 87.36 2.52 31.88
CA GLU NA 502 86.44 3.11 32.86
C GLU NA 502 85.07 2.45 32.78
N ASN NA 503 84.36 2.46 33.91
CA ASN NA 503 82.98 2.02 34.00
C ASN NA 503 82.07 3.23 34.05
N VAL NA 504 81.10 3.31 33.15
CA VAL NA 504 80.21 4.45 33.03
C VAL NA 504 78.77 3.96 33.12
N PRO NA 505 77.94 4.52 33.99
CA PRO NA 505 76.55 4.04 34.10
C PRO NA 505 75.78 4.23 32.80
N ALA NA 506 74.97 3.23 32.47
CA ALA NA 506 74.28 3.15 31.19
C ALA NA 506 72.78 3.27 31.38
N LEU NA 507 72.17 4.20 30.65
CA LEU NA 507 70.74 4.49 30.70
C LEU NA 507 70.16 4.22 29.31
N THR NA 508 69.28 3.24 29.20
CA THR NA 508 68.89 2.72 27.90
C THR NA 508 67.37 2.63 27.76
N ASP NA 509 66.87 3.03 26.60
CA ASP NA 509 65.47 2.86 26.22
C ASP NA 509 65.38 1.72 25.21
N HIS NA 510 64.66 0.66 25.57
CA HIS NA 510 64.57 -0.54 24.74
C HIS NA 510 63.31 -0.61 23.89
N GLY NA 511 62.46 0.42 23.91
CA GLY NA 511 61.23 0.40 23.15
C GLY NA 511 60.10 -0.39 23.81
N THR NA 512 59.07 -0.67 23.02
CA THR NA 512 57.85 -1.32 23.50
C THR NA 512 57.83 -2.80 23.11
N LEU NA 513 57.49 -3.66 24.07
CA LEU NA 513 57.38 -5.09 23.87
C LEU NA 513 56.04 -5.62 24.36
N PRO NA 514 55.50 -6.67 23.74
CA PRO NA 514 54.21 -7.23 24.19
C PRO NA 514 54.28 -7.81 25.60
N LEU NA 515 53.22 -7.57 26.36
CA LEU NA 515 53.15 -7.83 27.78
C LEU NA 515 52.15 -8.95 28.06
N ARG NA 516 52.43 -9.77 29.06
CA ARG NA 516 51.48 -10.79 29.48
C ARG NA 516 50.28 -10.17 30.18
N SER NA 517 49.11 -10.79 30.00
CA SER NA 517 47.86 -10.23 30.55
C SER NA 517 47.77 -10.39 32.06
N SER NA 518 48.43 -11.38 32.64
CA SER NA 518 48.41 -11.59 34.08
C SER NA 518 49.84 -11.65 34.59
N ILE NA 519 50.16 -10.81 35.57
CA ILE NA 519 51.52 -10.63 36.07
C ILE NA 519 51.53 -11.07 37.53
N ARG NA 520 52.41 -12.02 37.85
CA ARG NA 520 52.57 -12.49 39.22
C ARG NA 520 53.37 -11.48 40.05
N GLY NA 521 53.21 -11.58 41.36
CA GLY NA 521 53.80 -10.63 42.29
C GLY NA 521 55.30 -10.73 42.43
N VAL NA 522 55.90 -11.88 42.13
CA VAL NA 522 57.35 -12.08 42.22
C VAL NA 522 57.89 -12.28 40.81
N GLN NA 523 58.95 -11.55 40.46
CA GLN NA 523 59.49 -11.50 39.11
C GLN NA 523 60.99 -11.80 39.13
N ARG NA 524 61.45 -12.44 38.06
CA ARG NA 524 62.87 -12.77 37.87
C ARG NA 524 63.53 -11.79 36.90
N VAL NA 525 64.74 -11.34 37.24
CA VAL NA 525 65.52 -10.43 36.43
C VAL NA 525 66.90 -11.05 36.18
N THR NA 526 67.32 -11.09 34.91
CA THR NA 526 68.57 -11.75 34.53
C THR NA 526 69.35 -10.94 33.50
N VAL NA 527 70.67 -10.89 33.66
CA VAL NA 527 71.60 -10.25 32.72
C VAL NA 527 72.70 -11.25 32.39
N THR NA 528 72.90 -11.53 31.09
CA THR NA 528 73.91 -12.49 30.64
C THR NA 528 74.74 -11.93 29.50
N ASP NA 529 75.92 -12.52 29.30
CA ASP NA 529 76.87 -12.08 28.28
C ASP NA 529 76.64 -12.85 26.97
N ALA NA 530 77.59 -12.71 26.03
CA ALA NA 530 77.43 -13.28 24.70
C ALA NA 530 77.44 -14.81 24.71
N ARG NA 531 78.15 -15.42 25.64
CA ARG NA 531 78.16 -16.87 25.81
C ARG NA 531 77.06 -17.34 26.75
N ARG NA 532 76.16 -16.45 27.16
CA ARG NA 532 75.02 -16.74 28.03
C ARG NA 532 75.46 -17.18 29.43
N ARG NA 533 76.50 -16.56 29.96
CA ARG NA 533 76.86 -16.65 31.37
C ARG NA 533 76.42 -15.38 32.08
N THR NA 534 76.08 -15.50 33.36
CA THR NA 534 75.83 -14.31 34.15
C THR NA 534 77.15 -13.58 34.42
N CYS NA 535 77.05 -12.27 34.64
CA CYS NA 535 78.25 -11.45 34.82
C CYS NA 535 78.41 -11.06 36.28
N PRO NA 536 79.47 -11.51 36.95
CA PRO NA 536 79.67 -11.17 38.37
C PRO NA 536 80.05 -9.72 38.63
N TYR NA 537 80.27 -8.90 37.61
CA TYR NA 537 80.68 -7.52 37.84
C TYR NA 537 79.54 -6.51 37.73
N VAL NA 538 78.30 -6.97 37.59
CA VAL NA 538 77.15 -6.09 37.72
C VAL NA 538 76.85 -5.90 39.20
N TYR NA 539 76.71 -4.66 39.65
CA TYR NA 539 76.31 -4.43 41.04
C TYR NA 539 75.13 -3.48 41.18
N LYS NA 540 74.49 -3.06 40.10
CA LYS NA 540 73.28 -2.26 40.16
C LYS NA 540 72.50 -2.44 38.87
N ALA NA 541 71.25 -2.85 38.98
CA ALA NA 541 70.39 -3.05 37.81
C ALA NA 541 68.94 -2.75 38.20
N LEU NA 542 68.31 -1.84 37.46
CA LEU NA 542 66.92 -1.46 37.69
C LEU NA 542 66.14 -1.47 36.39
N GLY NA 543 64.85 -1.74 36.49
CA GLY NA 543 63.96 -1.66 35.34
C GLY NA 543 62.69 -0.92 35.69
N ILE NA 544 62.18 -0.20 34.69
CA ILE NA 544 60.93 0.55 34.79
C ILE NA 544 60.10 0.25 33.55
N VAL NA 545 58.85 -0.18 33.74
CA VAL NA 545 57.97 -0.57 32.66
C VAL NA 545 56.72 0.31 32.69
N ALA NA 546 56.29 0.77 31.51
CA ALA NA 546 55.09 1.59 31.38
C ALA NA 546 54.09 0.93 30.44
N PRO NA 547 53.07 0.25 30.96
CA PRO NA 547 52.11 -0.44 30.09
C PRO NA 547 51.18 0.52 29.34
N ARG NA 548 50.71 0.06 28.18
CA ARG NA 548 49.69 0.77 27.40
C ARG NA 548 49.04 -0.20 26.42
N VAL NA 549 47.89 0.20 25.90
CA VAL NA 549 47.10 -0.64 25.00
C VAL NA 549 47.70 -0.58 23.59
N LEU NA 550 47.85 -1.76 22.97
CA LEU NA 550 48.33 -1.88 21.60
C LEU NA 550 47.23 -2.12 20.58
N SER NA 551 46.34 -3.09 20.83
CA SER NA 551 45.26 -3.36 19.90
C SER NA 551 44.11 -4.03 20.65
N SER NA 552 42.99 -4.17 19.94
CA SER NA 552 41.78 -4.74 20.51
C SER NA 552 41.78 -6.27 20.40
N ARG NA 553 41.07 -6.89 21.34
CA ARG NA 553 40.83 -8.34 21.37
C ARG NA 553 42.10 -9.15 21.61
N ARG OA 48 -37.90 25.60 -9.42
CA ARG OA 48 -38.66 26.23 -8.34
C ARG OA 48 -39.29 27.55 -8.77
N ASN OA 49 -39.81 27.61 -10.00
CA ASN OA 49 -40.35 28.85 -10.52
C ASN OA 49 -41.66 28.66 -11.28
N SER OA 50 -42.40 27.58 -11.03
CA SER OA 50 -43.61 27.31 -11.78
C SER OA 50 -44.82 28.00 -11.14
N ILE OA 51 -45.85 28.22 -11.96
CA ILE OA 51 -47.09 28.88 -11.55
C ILE OA 51 -48.25 28.01 -12.02
N ARG OA 52 -49.12 27.62 -11.09
CA ARG OA 52 -50.14 26.60 -11.35
C ARG OA 52 -51.54 27.07 -11.00
N TYR OA 53 -52.51 26.62 -11.77
CA TYR OA 53 -53.92 26.95 -11.59
C TYR OA 53 -54.68 25.67 -11.23
N SER OA 54 -55.49 25.75 -10.17
CA SER OA 54 -56.02 24.54 -9.54
C SER OA 54 -56.98 23.75 -10.45
N GLU OA 55 -57.49 24.35 -11.52
CA GLU OA 55 -58.38 23.61 -12.40
C GLU OA 55 -57.66 22.86 -13.53
N LEU OA 56 -56.35 22.90 -13.59
CA LEU OA 56 -55.58 22.26 -14.66
C LEU OA 56 -54.62 21.22 -14.07
N SER OA 57 -54.44 20.11 -14.79
CA SER OA 57 -53.56 19.03 -14.37
C SER OA 57 -53.14 18.21 -15.57
N PRO OA 58 -51.91 17.68 -15.60
CA PRO OA 58 -51.46 16.91 -16.76
C PRO OA 58 -51.88 15.45 -16.70
N LEU OA 59 -51.83 14.79 -17.86
CA LEU OA 59 -52.39 13.45 -18.06
C LEU OA 59 -51.30 12.40 -18.24
N TYR OA 60 -51.55 11.20 -17.71
CA TYR OA 60 -50.60 10.09 -17.76
C TYR OA 60 -51.32 8.76 -17.97
N ASP OA 61 -50.58 7.84 -18.62
CA ASP OA 61 -50.76 6.38 -18.70
C ASP OA 61 -51.91 5.83 -19.54
N THR OA 62 -52.97 6.59 -19.78
CA THR OA 62 -54.12 6.12 -20.56
C THR OA 62 -55.17 7.20 -20.60
N THR OA 63 -56.06 7.11 -21.59
CA THR OA 63 -57.13 8.08 -21.82
C THR OA 63 -58.11 7.46 -22.82
N ARG OA 64 -59.05 8.27 -23.33
CA ARG OA 64 -59.99 7.83 -24.36
C ARG OA 64 -59.99 8.80 -25.54
N LEU OA 65 -60.16 8.26 -26.75
CA LEU OA 65 -60.41 9.05 -27.96
C LEU OA 65 -61.72 8.58 -28.58
N TYR OA 66 -62.57 9.52 -28.98
CA TYR OA 66 -63.91 9.21 -29.48
C TYR OA 66 -64.02 9.59 -30.96
N LEU OA 67 -64.53 8.67 -31.76
CA LEU OA 67 -64.72 8.85 -33.20
C LEU OA 67 -66.21 8.77 -33.49
N VAL OA 68 -66.86 9.91 -33.63
CA VAL OA 68 -68.32 10.02 -33.63
C VAL OA 68 -68.77 10.66 -34.93
N ASP OA 69 -69.83 10.11 -35.51
CA ASP OA 69 -70.25 10.44 -36.87
C ASP OA 69 -71.33 11.53 -36.96
N ASN OA 70 -71.78 12.09 -35.84
CA ASN OA 70 -72.89 13.04 -35.89
C ASN OA 70 -72.65 14.25 -34.99
N LYS OA 71 -71.43 14.79 -35.00
CA LYS OA 71 -71.19 16.06 -34.32
C LYS OA 71 -71.79 17.20 -35.13
N SER OA 72 -72.38 18.17 -34.42
CA SER OA 72 -73.18 19.20 -35.10
C SER OA 72 -72.33 20.05 -36.04
N ALA OA 73 -71.15 20.48 -35.59
CA ALA OA 73 -70.31 21.35 -36.41
C ALA OA 73 -69.63 20.60 -37.54
N ASP OA 74 -69.28 19.33 -37.34
CA ASP OA 74 -68.65 18.55 -38.40
C ASP OA 74 -69.60 18.27 -39.54
N ILE OA 75 -70.91 18.19 -39.25
CA ILE OA 75 -71.89 17.94 -40.30
C ILE OA 75 -71.89 19.07 -41.31
N ALA OA 76 -71.85 20.31 -40.84
CA ALA OA 76 -72.00 21.45 -41.73
C ALA OA 76 -70.76 21.71 -42.58
N SER OA 77 -69.57 21.59 -41.99
CA SER OA 77 -68.36 22.07 -42.64
C SER OA 77 -67.42 20.98 -43.16
N LEU OA 78 -67.68 19.72 -42.89
CA LEU OA 78 -66.75 18.69 -43.33
C LEU OA 78 -67.35 17.66 -44.28
N ASN OA 79 -68.59 17.25 -44.07
CA ASN OA 79 -69.10 16.01 -44.66
C ASN OA 79 -70.27 16.25 -45.61
N TYR OA 80 -70.18 17.31 -46.42
CA TYR OA 80 -71.30 17.67 -47.28
C TYR OA 80 -71.57 16.62 -48.35
N GLN OA 81 -70.51 15.99 -48.88
CA GLN OA 81 -70.64 15.01 -49.95
C GLN OA 81 -70.41 13.57 -49.48
N ASN OA 82 -70.41 13.31 -48.19
CA ASN OA 82 -70.05 12.00 -47.63
C ASN OA 82 -71.29 11.25 -47.14
N ASP OA 83 -71.08 10.01 -46.69
CA ASP OA 83 -72.12 9.24 -46.01
C ASP OA 83 -71.49 8.48 -44.84
N HIS OA 84 -72.31 7.74 -44.10
CA HIS OA 84 -71.85 7.12 -42.86
C HIS OA 84 -70.85 5.99 -43.07
N SER OA 85 -70.66 5.53 -44.31
CA SER OA 85 -69.64 4.54 -44.60
C SER OA 85 -68.26 5.15 -44.84
N ASN OA 86 -68.16 6.46 -45.08
CA ASN OA 86 -66.88 7.10 -45.38
C ASN OA 86 -66.99 8.59 -45.05
N PHE OA 87 -66.48 9.01 -43.90
CA PHE OA 87 -66.70 10.37 -43.41
C PHE OA 87 -65.47 10.87 -42.65
N LEU OA 88 -65.51 12.16 -42.31
CA LEU OA 88 -64.47 12.81 -41.52
C LEU OA 88 -65.05 13.26 -40.17
N THR OA 89 -64.20 13.23 -39.14
CA THR OA 89 -64.62 13.65 -37.82
C THR OA 89 -63.43 14.25 -37.07
N THR OA 90 -63.74 15.03 -36.03
CA THR OA 90 -62.72 15.67 -35.21
C THR OA 90 -62.59 14.94 -33.88
N VAL OA 91 -61.34 14.62 -33.49
CA VAL OA 91 -61.09 14.02 -32.19
C VAL OA 91 -60.83 15.06 -31.10
N VAL OA 92 -60.75 16.34 -31.46
CA VAL OA 92 -60.63 17.41 -30.48
C VAL OA 92 -62.03 17.75 -29.98
N GLN OA 93 -62.24 17.64 -28.67
CA GLN OA 93 -63.54 17.84 -28.04
C GLN OA 93 -63.65 19.19 -27.32
N ASN OA 94 -63.07 20.25 -27.86
CA ASN OA 94 -62.98 21.57 -27.22
C ASN OA 94 -63.67 22.57 -28.14
N ASN OA 95 -64.81 23.11 -27.69
CA ASN OA 95 -65.64 23.97 -28.53
C ASN OA 95 -65.16 25.41 -28.60
N ASP OA 96 -63.96 25.72 -28.08
CA ASP OA 96 -63.35 27.01 -28.33
C ASP OA 96 -62.86 27.16 -29.78
N PHE OA 97 -62.86 26.07 -30.56
CA PHE OA 97 -62.33 26.07 -31.91
C PHE OA 97 -63.34 25.44 -32.86
N THR OA 98 -63.33 25.89 -34.10
CA THR OA 98 -64.08 25.26 -35.18
C THR OA 98 -63.33 24.03 -35.69
N PRO OA 99 -64.03 23.11 -36.38
CA PRO OA 99 -63.33 21.95 -36.92
C PRO OA 99 -62.20 22.29 -37.88
N THR OA 100 -62.35 23.36 -38.67
CA THR OA 100 -61.26 23.77 -39.55
C THR OA 100 -60.03 24.17 -38.76
N GLU OA 101 -60.21 24.95 -37.69
CA GLU OA 101 -59.08 25.29 -36.82
C GLU OA 101 -58.51 24.06 -36.14
N ALA OA 102 -59.38 23.13 -35.73
CA ALA OA 102 -58.92 21.93 -35.04
C ALA OA 102 -58.07 21.04 -35.93
N SER OA 103 -58.23 21.13 -37.25
CA SER OA 103 -57.53 20.23 -38.15
C SER OA 103 -56.01 20.39 -38.07
N THR OA 104 -55.53 21.57 -37.68
CA THR OA 104 -54.10 21.79 -37.58
C THR OA 104 -53.52 21.44 -36.20
N GLN OA 105 -54.35 21.16 -35.21
CA GLN OA 105 -53.86 20.81 -33.88
C GLN OA 105 -53.47 19.33 -33.81
N THR OA 106 -52.71 18.98 -32.78
CA THR OA 106 -52.24 17.60 -32.63
C THR OA 106 -52.37 17.14 -31.17
N ILE OA 107 -52.40 15.82 -31.00
CA ILE OA 107 -52.27 15.15 -29.71
C ILE OA 107 -51.02 14.30 -29.75
N ASN OA 108 -50.16 14.44 -28.74
CA ASN OA 108 -48.83 13.85 -28.78
C ASN OA 108 -48.63 12.87 -27.63
N PHE OA 109 -48.28 11.63 -27.96
CA PHE OA 109 -47.95 10.59 -27.00
C PHE OA 109 -46.42 10.50 -26.90
N ASP OA 110 -45.93 10.36 -25.67
CA ASP OA 110 -44.50 10.56 -25.41
C ASP OA 110 -43.63 9.70 -26.33
N GLU OA 111 -42.69 10.36 -27.01
CA GLU OA 111 -41.90 9.71 -28.05
C GLU OA 111 -40.87 8.73 -27.52
N ARG OA 112 -40.64 8.69 -26.21
CA ARG OA 112 -39.74 7.71 -25.63
C ARG OA 112 -40.40 6.36 -25.39
N SER OA 113 -41.66 6.18 -25.77
CA SER OA 113 -42.36 4.90 -25.70
C SER OA 113 -43.02 4.62 -27.04
N ARG OA 114 -43.30 3.34 -27.27
CA ARG OA 114 -44.16 2.91 -28.37
C ARG OA 114 -45.55 2.61 -27.80
N TRP OA 115 -46.58 3.12 -28.46
CA TRP OA 115 -47.95 3.09 -27.94
C TRP OA 115 -48.84 2.19 -28.78
N GLY OA 116 -49.83 1.59 -28.12
CA GLY OA 116 -50.85 0.84 -28.80
C GLY OA 116 -52.24 1.29 -28.37
N GLY OA 117 -53.22 0.93 -29.17
CA GLY OA 117 -54.59 1.32 -28.90
C GLY OA 117 -55.60 0.21 -29.02
N GLN OA 118 -56.36 -0.03 -27.96
CA GLN OA 118 -57.43 -1.02 -27.99
C GLN OA 118 -58.69 -0.41 -28.61
N LEU OA 119 -59.25 -1.09 -29.60
CA LEU OA 119 -60.31 -0.54 -30.43
C LEU OA 119 -61.62 -1.30 -30.23
N LYS OA 120 -62.70 -0.57 -29.97
CA LYS OA 120 -64.06 -1.11 -29.90
C LYS OA 120 -64.94 -0.33 -30.87
N THR OA 121 -65.84 -1.02 -31.56
CA THR OA 121 -66.71 -0.40 -32.55
C THR OA 121 -68.17 -0.76 -32.32
N ILE OA 122 -69.05 0.11 -32.78
CA ILE OA 122 -70.49 -0.09 -32.78
C ILE OA 122 -71.02 0.22 -34.18
N MET OA 123 -71.79 -0.69 -34.75
CA MET OA 123 -72.29 -0.55 -36.12
C MET OA 123 -73.74 -0.99 -36.22
N HIS OA 124 -74.53 -0.29 -37.03
CA HIS OA 124 -75.91 -0.66 -37.29
C HIS OA 124 -76.25 -0.43 -38.76
N THR OA 125 -77.01 -1.36 -39.35
CA THR OA 125 -77.32 -1.35 -40.78
C THR OA 125 -78.83 -1.43 -41.00
N ASN OA 126 -79.26 -1.12 -42.22
CA ASN OA 126 -80.66 -1.24 -42.62
C ASN OA 126 -80.80 -1.82 -44.04
N MET OA 127 -80.07 -2.89 -44.32
CA MET OA 127 -80.05 -3.50 -45.67
C MET OA 127 -81.27 -4.38 -45.90
N PRO OA 128 -81.99 -4.21 -47.01
CA PRO OA 128 -83.01 -5.19 -47.41
C PRO OA 128 -82.41 -6.34 -48.21
N ASN OA 129 -83.09 -7.49 -48.18
CA ASN OA 129 -82.47 -8.70 -48.73
C ASN OA 129 -82.50 -8.77 -50.26
N VAL OA 130 -83.43 -8.09 -50.93
CA VAL OA 130 -83.48 -8.07 -52.39
C VAL OA 130 -83.17 -6.65 -52.84
N ASN OA 131 -81.99 -6.44 -53.43
CA ASN OA 131 -81.57 -5.11 -53.83
C ASN OA 131 -80.55 -5.22 -54.96
N GLU OA 132 -80.35 -4.09 -55.65
CA GLU OA 132 -79.48 -4.07 -56.82
C GLU OA 132 -77.99 -4.08 -56.46
N TYR OA 133 -77.62 -3.41 -55.38
CA TYR OA 133 -76.21 -3.22 -55.06
C TYR OA 133 -75.51 -4.54 -54.76
N MET OA 134 -76.23 -5.51 -54.21
CA MET OA 134 -75.66 -6.79 -53.82
C MET OA 134 -75.95 -7.92 -54.81
N PHE OA 135 -76.46 -7.59 -56.00
CA PHE OA 135 -76.69 -8.56 -57.09
C PHE OA 135 -77.70 -9.64 -56.71
N SER OA 136 -78.65 -9.32 -55.83
CA SER OA 136 -79.75 -10.22 -55.51
C SER OA 136 -81.04 -9.80 -56.19
N ASN OA 137 -80.92 -9.08 -57.30
CA ASN OA 137 -82.03 -8.44 -57.98
C ASN OA 137 -82.39 -9.07 -59.31
N LYS OA 138 -81.55 -9.94 -59.85
CA LYS OA 138 -81.66 -10.33 -61.25
C LYS OA 138 -81.14 -11.75 -61.46
N PHE OA 139 -81.59 -12.36 -62.56
CA PHE OA 139 -81.12 -13.66 -63.02
C PHE OA 139 -81.40 -13.76 -64.52
N LYS OA 140 -80.83 -14.77 -65.16
CA LYS OA 140 -80.99 -14.99 -66.59
C LYS OA 140 -81.63 -16.35 -66.86
N ALA OA 141 -82.41 -16.43 -67.93
CA ALA OA 141 -83.09 -17.66 -68.30
C ALA OA 141 -83.35 -17.68 -69.81
N ARG OA 142 -83.59 -18.87 -70.33
CA ARG OA 142 -83.87 -19.09 -71.75
C ARG OA 142 -85.27 -19.64 -71.91
N VAL OA 143 -86.12 -18.92 -72.63
CA VAL OA 143 -87.52 -19.27 -72.82
C VAL OA 143 -87.84 -19.28 -74.31
N MET OA 144 -89.07 -19.69 -74.64
CA MET OA 144 -89.51 -19.82 -76.02
C MET OA 144 -90.17 -18.52 -76.48
N VAL OA 145 -89.73 -18.02 -77.63
CA VAL OA 145 -90.21 -16.76 -78.16
C VAL OA 145 -91.22 -16.95 -79.30
N SER OA 146 -91.11 -18.02 -80.08
CA SER OA 146 -92.01 -18.23 -81.21
C SER OA 146 -92.23 -19.72 -81.42
N ARG OA 147 -93.50 -20.10 -81.59
CA ARG OA 147 -93.86 -21.37 -82.19
C ARG OA 147 -93.97 -21.15 -83.70
N LYS OA 148 -94.51 -22.13 -84.42
CA LYS OA 148 -94.66 -21.99 -85.86
C LYS OA 148 -95.71 -20.94 -86.20
N ASP OA 171 -93.81 -28.06 -86.71
CA ASP OA 171 -93.65 -26.82 -85.97
C ASP OA 171 -92.18 -26.54 -85.68
N ILE OA 172 -91.76 -25.29 -85.87
CA ILE OA 172 -90.40 -24.85 -85.58
C ILE OA 172 -90.46 -23.92 -84.38
N LEU OA 173 -89.58 -24.18 -83.40
CA LEU OA 173 -89.59 -23.48 -82.12
C LEU OA 173 -88.31 -22.67 -81.97
N LYS OA 174 -88.46 -21.43 -81.51
CA LYS OA 174 -87.32 -20.52 -81.33
C LYS OA 174 -87.21 -20.13 -79.86
N TYR OA 175 -85.98 -20.07 -79.37
CA TYR OA 175 -85.68 -19.74 -77.98
C TYR OA 175 -84.65 -18.62 -77.93
N GLU OA 176 -84.63 -17.90 -76.80
CA GLU OA 176 -83.72 -16.78 -76.62
C GLU OA 176 -83.45 -16.55 -75.14
N TRP OA 177 -82.30 -15.96 -74.85
CA TRP OA 177 -81.90 -15.60 -73.49
C TRP OA 177 -82.38 -14.19 -73.15
N PHE OA 178 -82.76 -14.00 -71.89
CA PHE OA 178 -83.15 -12.69 -71.37
C PHE OA 178 -82.62 -12.54 -69.96
N GLU OA 179 -82.59 -11.30 -69.48
CA GLU OA 179 -82.30 -10.98 -68.09
C GLU OA 179 -83.55 -10.43 -67.43
N PHE OA 180 -83.89 -10.96 -66.26
CA PHE OA 180 -85.12 -10.63 -65.55
C PHE OA 180 -84.80 -9.83 -64.29
N ILE OA 181 -85.65 -8.85 -63.97
CA ILE OA 181 -85.43 -7.92 -62.87
C ILE OA 181 -86.62 -7.97 -61.92
N LEU OA 182 -86.34 -8.06 -60.60
CA LEU OA 182 -87.29 -8.02 -59.50
C LEU OA 182 -87.31 -6.63 -58.88
N PRO OA 183 -88.42 -6.22 -58.27
CA PRO OA 183 -88.42 -4.96 -57.52
C PRO OA 183 -87.84 -5.14 -56.12
N GLU OA 184 -87.29 -4.06 -55.58
CA GLU OA 184 -86.51 -4.12 -54.34
C GLU OA 184 -87.40 -4.08 -53.09
N GLY OA 185 -86.90 -4.72 -52.05
CA GLY OA 185 -87.63 -4.81 -50.79
C GLY OA 185 -87.06 -5.92 -49.92
N ASN OA 186 -87.69 -6.10 -48.77
CA ASN OA 186 -87.28 -7.10 -47.79
C ASN OA 186 -88.37 -8.17 -47.71
N PHE OA 187 -88.13 -9.32 -48.32
CA PHE OA 187 -89.15 -10.34 -48.53
C PHE OA 187 -88.74 -11.66 -47.91
N SER OA 188 -89.74 -12.48 -47.58
CA SER OA 188 -89.48 -13.86 -47.18
C SER OA 188 -89.13 -14.70 -48.40
N ALA OA 189 -88.69 -15.93 -48.13
CA ALA OA 189 -88.24 -16.80 -49.22
C ALA OA 189 -89.39 -17.20 -50.13
N THR OA 190 -90.56 -17.51 -49.56
CA THR OA 190 -91.70 -17.86 -50.41
C THR OA 190 -92.15 -16.68 -51.27
N MET OA 191 -92.20 -15.48 -50.69
CA MET OA 191 -92.59 -14.31 -51.45
C MET OA 191 -91.59 -14.00 -52.55
N THR OA 192 -90.30 -14.28 -52.32
CA THR OA 192 -89.30 -14.07 -53.36
C THR OA 192 -89.51 -15.00 -54.54
N ILE OA 193 -89.87 -16.26 -54.28
CA ILE OA 193 -90.10 -17.22 -55.35
C ILE OA 193 -91.33 -16.83 -56.17
N ASP OA 194 -92.35 -16.25 -55.55
CA ASP OA 194 -93.49 -15.75 -56.30
C ASP OA 194 -93.08 -14.65 -57.27
N LEU OA 195 -92.19 -13.76 -56.84
CA LEU OA 195 -91.76 -12.67 -57.72
C LEU OA 195 -90.96 -13.17 -58.91
N MET OA 196 -90.16 -14.23 -58.73
CA MET OA 196 -89.41 -14.79 -59.84
C MET OA 196 -90.33 -15.43 -60.88
N ASN OA 197 -91.37 -16.14 -60.43
CA ASN OA 197 -92.35 -16.67 -61.37
C ASN OA 197 -93.08 -15.56 -62.10
N ASN OA 198 -93.44 -14.49 -61.38
CA ASN OA 198 -94.13 -13.36 -62.00
C ASN OA 198 -93.30 -12.70 -63.06
N ALA OA 199 -91.98 -12.64 -62.88
CA ALA OA 199 -91.10 -12.06 -63.90
C ALA OA 199 -91.11 -12.89 -65.17
N ILE OA 200 -91.11 -14.21 -65.06
CA ILE OA 200 -91.16 -15.08 -66.24
C ILE OA 200 -92.44 -14.84 -67.01
N ILE OA 201 -93.56 -14.76 -66.31
CA ILE OA 201 -94.86 -14.65 -66.97
C ILE OA 201 -95.01 -13.30 -67.68
N ASP OA 202 -94.49 -12.23 -67.10
CA ASP OA 202 -94.55 -10.92 -67.75
C ASP OA 202 -93.78 -10.90 -69.07
N ASN OA 203 -92.78 -11.77 -69.23
CA ASN OA 203 -92.11 -11.92 -70.51
C ASN OA 203 -92.99 -12.67 -71.51
N TYR OA 204 -93.80 -13.61 -71.03
CA TYR OA 204 -94.69 -14.35 -71.91
C TYR OA 204 -95.89 -13.51 -72.35
N LEU OA 205 -96.20 -12.43 -71.63
CA LEU OA 205 -97.30 -11.57 -72.03
C LEU OA 205 -96.88 -10.44 -72.96
N GLU OA 206 -95.60 -10.06 -72.95
CA GLU OA 206 -95.08 -9.00 -73.80
C GLU OA 206 -94.53 -9.53 -75.12
N ILE OA 207 -93.84 -10.66 -75.08
CA ILE OA 207 -93.38 -11.40 -76.24
C ILE OA 207 -94.10 -12.73 -76.11
N GLY OA 208 -93.85 -13.67 -77.02
CA GLY OA 208 -94.41 -14.97 -76.76
C GLY OA 208 -95.86 -15.06 -77.18
N ARG OA 209 -96.77 -14.86 -76.21
CA ARG OA 209 -98.21 -14.99 -76.43
C ARG OA 209 -98.68 -14.43 -77.77
N GLN OA 210 -98.19 -13.26 -78.15
CA GLN OA 210 -98.57 -12.66 -79.43
C GLN OA 210 -97.85 -13.28 -80.61
N ASN OA 211 -96.98 -14.27 -80.40
CA ASN OA 211 -96.27 -14.95 -81.48
C ASN OA 211 -96.55 -16.44 -81.49
N GLY OA 212 -97.67 -16.88 -80.92
CA GLY OA 212 -98.16 -18.23 -81.10
C GLY OA 212 -97.80 -19.25 -80.06
N VAL OA 213 -97.18 -18.86 -78.94
CA VAL OA 213 -96.90 -19.81 -77.88
C VAL OA 213 -98.11 -19.91 -76.98
N LEU OA 214 -98.38 -21.12 -76.51
CA LEU OA 214 -99.54 -21.36 -75.67
C LEU OA 214 -99.15 -21.34 -74.19
N GLU OA 215 -100.16 -21.24 -73.33
CA GLU OA 215 -99.91 -21.32 -71.90
C GLU OA 215 -99.81 -22.78 -71.48
N SER OA 216 -99.05 -23.57 -72.25
CA SER OA 216 -98.68 -24.92 -71.88
C SER OA 216 -97.25 -25.23 -72.31
N ASP OA 217 -96.51 -24.23 -72.81
CA ASP OA 217 -95.12 -24.40 -73.21
C ASP OA 217 -94.23 -23.33 -72.58
N ILE OA 218 -94.61 -22.82 -71.40
CA ILE OA 218 -93.85 -21.74 -70.76
C ILE OA 218 -92.39 -22.14 -70.58
N GLY OA 219 -92.14 -23.21 -69.81
CA GLY OA 219 -90.84 -23.84 -69.83
C GLY OA 219 -89.91 -23.55 -68.67
N VAL OA 220 -90.21 -22.59 -67.81
CA VAL OA 220 -89.41 -22.33 -66.62
C VAL OA 220 -90.33 -22.02 -65.45
N LYS OA 221 -90.24 -22.80 -64.38
CA LYS OA 221 -91.04 -22.56 -63.19
C LYS OA 221 -90.24 -22.94 -61.94
N PHE OA 222 -90.43 -22.17 -60.87
CA PHE OA 222 -89.81 -22.45 -59.57
C PHE OA 222 -90.87 -23.01 -58.62
N ASP OA 223 -90.61 -24.20 -58.07
CA ASP OA 223 -91.61 -24.91 -57.28
C ASP OA 223 -90.99 -25.34 -55.94
N THR OA 224 -91.80 -26.03 -55.13
CA THR OA 224 -91.36 -26.58 -53.86
C THR OA 224 -91.78 -28.02 -53.61
N ARG OA 225 -92.49 -28.66 -54.54
CA ARG OA 225 -93.13 -29.94 -54.27
C ARG OA 225 -92.22 -31.12 -54.60
N ASN OA 226 -92.54 -32.26 -54.01
CA ASN OA 226 -91.89 -33.53 -54.34
C ASN OA 226 -92.83 -34.28 -55.28
N PHE OA 227 -92.61 -34.11 -56.58
CA PHE OA 227 -93.36 -34.88 -57.54
C PHE OA 227 -92.97 -36.36 -57.41
N ARG OA 228 -93.87 -37.24 -57.85
CA ARG OA 228 -93.75 -38.70 -57.76
C ARG OA 228 -93.85 -39.23 -56.32
N LEU OA 229 -94.44 -38.47 -55.40
CA LEU OA 229 -94.62 -38.97 -54.04
C LEU OA 229 -95.58 -40.16 -54.02
N GLY OA 230 -96.76 -40.00 -54.61
CA GLY OA 230 -97.75 -41.08 -54.59
C GLY OA 230 -97.62 -42.07 -55.73
N TRP OA 231 -96.41 -42.25 -56.22
CA TRP OA 231 -96.14 -43.11 -57.37
C TRP OA 231 -96.36 -44.57 -57.02
N ASP OA 232 -96.82 -45.34 -58.01
CA ASP OA 232 -97.12 -46.76 -57.84
C ASP OA 232 -96.18 -47.59 -58.68
N PRO OA 233 -95.54 -48.61 -58.10
CA PRO OA 233 -94.51 -49.34 -58.86
C PRO OA 233 -95.05 -50.22 -59.98
N GLU OA 234 -96.35 -50.52 -59.99
CA GLU OA 234 -96.93 -51.36 -61.04
C GLU OA 234 -97.48 -50.52 -62.18
N THR OA 235 -98.42 -49.61 -61.88
CA THR OA 235 -99.00 -48.76 -62.91
C THR OA 235 -98.08 -47.63 -63.34
N LYS OA 236 -97.09 -47.29 -62.51
CA LYS OA 236 -96.12 -46.23 -62.82
C LYS OA 236 -96.80 -44.89 -63.10
N LEU OA 237 -97.85 -44.59 -62.34
CA LEU OA 237 -98.54 -43.31 -62.43
C LEU OA 237 -98.89 -42.84 -61.04
N ILE OA 238 -99.17 -41.54 -60.92
CA ILE OA 238 -99.54 -40.94 -59.63
C ILE OA 238 -101.00 -41.29 -59.39
N MET OA 239 -101.23 -42.31 -58.56
CA MET OA 239 -102.59 -42.84 -58.39
C MET OA 239 -103.62 -41.83 -57.90
N PRO OA 240 -103.33 -40.94 -56.93
CA PRO OA 240 -104.37 -40.01 -56.47
C PRO OA 240 -104.91 -39.08 -57.55
N GLY OA 241 -104.19 -38.88 -58.66
CA GLY OA 241 -104.61 -37.96 -59.69
C GLY OA 241 -104.19 -36.53 -59.47
N VAL OA 242 -103.61 -36.19 -58.32
CA VAL OA 242 -103.04 -34.88 -58.06
C VAL OA 242 -101.72 -35.07 -57.32
N TYR OA 243 -100.73 -34.25 -57.66
CA TYR OA 243 -99.46 -34.28 -56.96
C TYR OA 243 -99.64 -33.82 -55.51
N THR OA 244 -98.85 -34.40 -54.61
CA THR OA 244 -98.95 -34.06 -53.20
C THR OA 244 -98.63 -32.59 -52.99
N TYR OA 245 -99.50 -31.89 -52.26
CA TYR OA 245 -99.41 -30.44 -52.12
C TYR OA 245 -98.69 -30.05 -50.82
N GLU OA 246 -97.44 -30.51 -50.68
CA GLU OA 246 -96.61 -30.24 -49.52
C GLU OA 246 -95.25 -29.71 -49.96
N ALA OA 247 -94.69 -28.82 -49.15
CA ALA OA 247 -93.40 -28.19 -49.46
C ALA OA 247 -92.25 -29.01 -48.90
N PHE OA 248 -91.25 -29.27 -49.74
CA PHE OA 248 -90.08 -30.04 -49.34
C PHE OA 248 -88.78 -29.24 -49.42
N HIS OA 249 -88.51 -28.61 -50.57
CA HIS OA 249 -87.29 -27.87 -50.86
C HIS OA 249 -87.50 -27.14 -52.18
N PRO OA 250 -86.99 -25.92 -52.34
CA PRO OA 250 -87.17 -25.21 -53.60
C PRO OA 250 -86.54 -25.95 -54.77
N ASP OA 251 -87.19 -25.84 -55.94
CA ASP OA 251 -86.92 -26.71 -57.07
C ASP OA 251 -87.07 -25.91 -58.37
N ILE OA 252 -86.44 -26.44 -59.43
CA ILE OA 252 -86.47 -25.85 -60.77
C ILE OA 252 -87.08 -26.87 -61.72
N VAL OA 253 -88.09 -26.45 -62.49
CA VAL OA 253 -88.77 -27.31 -63.45
C VAL OA 253 -88.57 -26.75 -64.86
N LEU OA 254 -88.17 -27.62 -65.79
CA LEU OA 254 -87.78 -27.21 -67.13
C LEU OA 254 -88.45 -28.04 -68.21
N LEU OA 255 -88.67 -27.42 -69.38
CA LEU OA 255 -89.09 -28.00 -70.65
C LEU OA 255 -87.91 -28.06 -71.61
N PRO OA 256 -87.97 -28.88 -72.65
CA PRO OA 256 -86.82 -28.99 -73.57
C PRO OA 256 -86.49 -27.66 -74.22
N GLY OA 257 -85.20 -27.39 -74.37
CA GLY OA 257 -84.72 -26.16 -74.95
C GLY OA 257 -84.55 -24.99 -74.00
N CYS OA 258 -84.88 -25.13 -72.72
CA CYS OA 258 -84.83 -24.04 -71.77
C CYS OA 258 -83.69 -24.24 -70.77
N GLY OA 259 -83.50 -23.24 -69.90
CA GLY OA 259 -82.46 -23.31 -68.89
C GLY OA 259 -82.39 -22.01 -68.11
N VAL OA 260 -81.63 -22.06 -67.02
CA VAL OA 260 -81.38 -20.89 -66.17
C VAL OA 260 -79.88 -20.76 -65.95
N ASP OA 261 -79.44 -19.52 -65.70
CA ASP OA 261 -78.02 -19.21 -65.53
C ASP OA 261 -77.84 -18.27 -64.35
N PHE OA 262 -77.06 -18.69 -63.35
CA PHE OA 262 -76.85 -17.93 -62.13
C PHE OA 262 -75.44 -17.37 -62.00
N THR OA 263 -74.77 -17.15 -63.12
CA THR OA 263 -73.38 -16.69 -63.07
C THR OA 263 -73.26 -15.32 -62.40
N GLU OA 264 -74.22 -14.43 -62.65
CA GLU OA 264 -74.15 -13.08 -62.11
C GLU OA 264 -75.31 -12.82 -61.17
N SER OA 265 -75.58 -13.75 -60.25
CA SER OA 265 -76.73 -13.66 -59.37
C SER OA 265 -76.43 -14.38 -58.07
N ARG OA 266 -77.03 -13.90 -56.99
CA ARG OA 266 -76.92 -14.54 -55.68
C ARG OA 266 -78.19 -15.24 -55.26
N LEU OA 267 -79.16 -15.38 -56.16
CA LEU OA 267 -80.42 -16.03 -55.83
C LEU OA 267 -80.33 -17.54 -55.76
N SER OA 268 -79.23 -18.14 -56.21
CA SER OA 268 -79.06 -19.58 -56.02
C SER OA 268 -78.84 -19.95 -54.56
N ASN OA 269 -78.30 -19.04 -53.75
CA ASN OA 269 -78.17 -19.29 -52.31
C ASN OA 269 -79.54 -19.34 -51.63
N LEU OA 270 -80.47 -18.49 -52.05
CA LEU OA 270 -81.81 -18.52 -51.49
C LEU OA 270 -82.56 -19.79 -51.90
N LEU OA 271 -82.24 -20.37 -53.05
CA LEU OA 271 -82.87 -21.60 -53.48
C LEU OA 271 -82.28 -22.84 -52.83
N GLY OA 272 -81.11 -22.74 -52.22
CA GLY OA 272 -80.47 -23.90 -51.64
C GLY OA 272 -79.88 -24.86 -52.64
N ILE OA 273 -79.37 -24.36 -53.76
CA ILE OA 273 -78.69 -25.15 -54.78
C ILE OA 273 -77.30 -24.53 -55.00
N ARG OA 274 -76.26 -25.32 -54.77
CA ARG OA 274 -74.89 -24.84 -54.86
C ARG OA 274 -74.01 -25.83 -55.62
N LYS OA 275 -72.84 -25.37 -56.02
CA LYS OA 275 -71.88 -26.18 -56.77
C LYS OA 275 -70.88 -26.85 -55.83
N ARG OA 276 -70.53 -28.10 -56.14
CA ARG OA 276 -69.53 -28.81 -55.36
C ARG OA 276 -68.12 -28.27 -55.58
N HIS OA 277 -67.89 -27.52 -56.66
CA HIS OA 277 -66.63 -26.85 -56.92
C HIS OA 277 -66.93 -25.35 -57.02
N PRO OA 278 -67.04 -24.68 -55.87
CA PRO OA 278 -67.58 -23.31 -55.87
C PRO OA 278 -66.62 -22.27 -56.41
N PHE OA 279 -65.35 -22.59 -56.64
CA PHE OA 279 -64.41 -21.62 -57.17
C PHE OA 279 -64.28 -21.68 -58.69
N GLN OA 280 -65.03 -22.53 -59.38
CA GLN OA 280 -65.04 -22.59 -60.84
C GLN OA 280 -66.14 -21.66 -61.36
N GLU OA 281 -65.76 -20.73 -62.24
CA GLU OA 281 -66.70 -19.73 -62.72
C GLU OA 281 -67.78 -20.35 -63.59
N GLY OA 282 -69.00 -19.81 -63.49
CA GLY OA 282 -70.10 -20.25 -64.32
C GLY OA 282 -71.05 -21.22 -63.65
N PHE OA 283 -72.34 -20.94 -63.70
CA PHE OA 283 -73.36 -21.79 -63.08
C PHE OA 283 -74.60 -21.79 -63.99
N LYS OA 284 -74.69 -22.81 -64.84
CA LYS OA 284 -75.81 -22.95 -65.76
C LYS OA 284 -76.43 -24.33 -65.62
N ILE OA 285 -77.76 -24.40 -65.64
CA ILE OA 285 -78.50 -25.66 -65.55
C ILE OA 285 -79.47 -25.70 -66.73
N MET OA 286 -79.26 -26.64 -67.64
CA MET OA 286 -80.07 -26.79 -68.84
C MET OA 286 -80.89 -28.07 -68.79
N TYR OA 287 -81.82 -28.20 -69.74
CA TYR OA 287 -82.71 -29.35 -69.77
C TYR OA 287 -81.94 -30.65 -69.96
N GLU OA 288 -80.82 -30.61 -70.68
CA GLU OA 288 -80.03 -31.82 -70.92
C GLU OA 288 -79.27 -32.28 -69.68
N ASP OA 289 -79.10 -31.43 -68.68
CA ASP OA 289 -78.39 -31.80 -67.47
C ASP OA 289 -79.27 -32.48 -66.43
N LEU OA 290 -80.59 -32.48 -66.61
CA LEU OA 290 -81.53 -33.03 -65.65
C LEU OA 290 -82.01 -34.44 -66.02
N GLU OA 291 -81.13 -35.25 -66.60
CA GLU OA 291 -81.52 -36.59 -67.03
C GLU OA 291 -81.97 -37.43 -65.84
N GLY OA 292 -83.03 -38.21 -66.06
CA GLY OA 292 -83.62 -39.03 -65.02
C GLY OA 292 -84.63 -38.33 -64.14
N GLY OA 293 -84.92 -37.06 -64.39
CA GLY OA 293 -85.80 -36.31 -63.52
C GLY OA 293 -87.15 -35.99 -64.12
N ASN OA 294 -87.60 -36.77 -65.09
CA ASN OA 294 -88.91 -36.53 -65.71
C ASN OA 294 -90.03 -36.72 -64.69
N ILE OA 295 -91.01 -35.83 -64.74
CA ILE OA 295 -92.13 -35.85 -63.80
C ILE OA 295 -93.15 -36.88 -64.27
N PRO OA 296 -93.50 -37.88 -63.46
CA PRO OA 296 -94.46 -38.88 -63.90
C PRO OA 296 -95.82 -38.28 -64.19
N ALA OA 297 -96.48 -38.82 -65.21
CA ALA OA 297 -97.78 -38.30 -65.64
C ALA OA 297 -98.89 -38.73 -64.69
N LEU OA 298 -99.96 -37.93 -64.67
CA LEU OA 298 -101.20 -38.23 -63.96
C LEU OA 298 -100.99 -38.81 -62.58
N ILE OA 364 -107.03 -47.19 -66.63
CA ILE OA 364 -105.58 -47.12 -66.46
C ILE OA 364 -104.94 -46.39 -67.63
N GLN OA 365 -105.18 -45.09 -67.72
CA GLN OA 365 -104.56 -44.26 -68.76
C GLN OA 365 -104.21 -42.90 -68.17
N PRO OA 366 -103.11 -42.28 -68.61
CA PRO OA 366 -102.75 -40.96 -68.09
C PRO OA 366 -103.70 -39.89 -68.57
N LEU OA 367 -103.91 -38.88 -67.72
CA LEU OA 367 -104.65 -37.69 -68.13
C LEU OA 367 -103.78 -36.88 -69.09
N GLU OA 368 -104.37 -36.45 -70.20
CA GLU OA 368 -103.62 -35.78 -71.24
C GLU OA 368 -103.87 -34.28 -71.32
N LYS OA 369 -104.84 -33.76 -70.58
CA LYS OA 369 -105.16 -32.33 -70.66
C LYS OA 369 -105.79 -31.90 -69.34
N ASP OA 370 -105.82 -30.58 -69.13
CA ASP OA 370 -106.32 -29.99 -67.91
C ASP OA 370 -107.80 -29.66 -68.03
N SER OA 371 -108.37 -29.02 -67.01
CA SER OA 371 -109.79 -28.70 -67.01
C SER OA 371 -110.17 -27.74 -68.14
N LYS OA 372 -109.34 -26.72 -68.37
CA LYS OA 372 -109.60 -25.72 -69.39
C LYS OA 372 -108.89 -26.04 -70.71
N SER OA 373 -108.67 -27.32 -71.00
CA SER OA 373 -108.04 -27.77 -72.24
C SER OA 373 -106.64 -27.17 -72.40
N ARG OA 374 -105.77 -27.54 -71.46
CA ARG OA 374 -104.35 -27.24 -71.55
C ARG OA 374 -103.56 -28.54 -71.59
N SER OA 375 -102.65 -28.66 -72.53
CA SER OA 375 -101.86 -29.88 -72.68
C SER OA 375 -100.93 -30.06 -71.48
N TYR OA 376 -100.88 -31.28 -70.95
CA TYR OA 376 -99.90 -31.66 -69.96
C TYR OA 376 -98.58 -32.11 -70.57
N ASN OA 377 -98.47 -32.12 -71.90
CA ASN OA 377 -97.24 -32.51 -72.60
C ASN OA 377 -96.86 -33.97 -72.32
N VAL OA 378 -97.85 -34.85 -72.29
CA VAL OA 378 -97.56 -36.27 -72.10
C VAL OA 378 -96.84 -36.81 -73.34
N LEU OA 379 -95.94 -37.77 -73.11
CA LEU OA 379 -95.09 -38.32 -74.15
C LEU OA 379 -95.55 -39.73 -74.53
N GLU OA 380 -94.76 -40.37 -75.39
CA GLU OA 380 -95.01 -41.76 -75.72
C GLU OA 380 -94.72 -42.64 -74.50
N ASP OA 381 -95.27 -43.85 -74.54
CA ASP OA 381 -95.24 -44.84 -73.45
C ASP OA 381 -96.21 -44.45 -72.33
N LYS OA 382 -96.78 -43.25 -72.41
CA LYS OA 382 -97.93 -42.86 -71.60
C LYS OA 382 -97.67 -43.04 -70.10
N ILE OA 383 -96.44 -42.78 -69.66
CA ILE OA 383 -96.10 -42.81 -68.24
C ILE OA 383 -95.46 -41.51 -67.78
N ASN OA 384 -94.51 -40.98 -68.55
CA ASN OA 384 -93.76 -39.80 -68.14
C ASN OA 384 -94.14 -38.59 -68.99
N THR OA 385 -93.83 -37.43 -68.44
CA THR OA 385 -94.12 -36.13 -69.05
C THR OA 385 -92.81 -35.45 -69.43
N ALA OA 386 -92.89 -34.52 -70.38
CA ALA OA 386 -91.71 -33.81 -70.86
C ALA OA 386 -91.06 -32.93 -69.79
N TYR OA 387 -91.80 -32.55 -68.74
CA TYR OA 387 -91.22 -31.71 -67.69
C TYR OA 387 -90.15 -32.47 -66.91
N ARG OA 388 -89.05 -31.78 -66.61
CA ARG OA 388 -87.99 -32.31 -65.76
C ARG OA 388 -87.77 -31.36 -64.57
N SER OA 389 -87.32 -31.93 -63.45
CA SER OA 389 -87.09 -31.12 -62.25
C SER OA 389 -85.76 -31.48 -61.61
N TRP OA 390 -85.11 -30.47 -61.04
CA TRP OA 390 -83.81 -30.68 -60.39
C TRP OA 390 -83.91 -31.62 -59.20
N TYR OA 391 -84.96 -31.49 -58.40
CA TYR OA 391 -85.07 -32.29 -57.19
C TYR OA 391 -85.24 -33.77 -57.50
N LEU OA 392 -86.05 -34.10 -58.50
CA LEU OA 392 -86.24 -35.50 -58.88
C LEU OA 392 -84.95 -36.10 -59.41
N SER OA 393 -84.21 -35.34 -60.21
CA SER OA 393 -82.95 -35.83 -60.74
C SER OA 393 -81.90 -36.00 -59.65
N TYR OA 394 -81.88 -35.09 -58.68
CA TYR OA 394 -80.90 -35.17 -57.58
C TYR OA 394 -81.16 -36.39 -56.70
N ASN OA 395 -82.41 -36.70 -56.43
CA ASN OA 395 -82.74 -37.75 -55.47
C ASN OA 395 -82.99 -39.12 -56.10
N TYR OA 396 -83.48 -39.18 -57.33
CA TYR OA 396 -83.86 -40.44 -57.95
C TYR OA 396 -83.05 -40.79 -59.20
N GLY OA 397 -82.29 -39.86 -59.76
CA GLY OA 397 -81.51 -40.12 -60.95
C GLY OA 397 -80.25 -40.92 -60.66
N ASN OA 398 -79.40 -40.98 -61.67
CA ASN OA 398 -78.14 -41.72 -61.57
C ASN OA 398 -77.16 -40.99 -60.66
N PRO OA 399 -76.67 -41.61 -59.59
CA PRO OA 399 -75.79 -40.89 -58.65
C PRO OA 399 -74.49 -40.41 -59.27
N GLU OA 400 -73.96 -41.10 -60.29
CA GLU OA 400 -72.64 -40.79 -60.81
C GLU OA 400 -72.68 -40.12 -62.18
N LYS OA 401 -73.86 -39.82 -62.72
CA LYS OA 401 -73.96 -39.15 -64.01
C LYS OA 401 -74.97 -38.00 -64.03
N GLY OA 402 -75.94 -37.96 -63.13
CA GLY OA 402 -76.93 -36.92 -63.12
C GLY OA 402 -76.43 -35.64 -62.46
N ILE OA 403 -77.39 -34.77 -62.14
CA ILE OA 403 -77.08 -33.47 -61.56
C ILE OA 403 -76.45 -33.60 -60.18
N ARG OA 404 -76.60 -34.74 -59.52
CA ARG OA 404 -76.06 -34.95 -58.18
C ARG OA 404 -74.54 -35.03 -58.17
N SER OA 405 -73.90 -35.27 -59.31
CA SER OA 405 -72.46 -35.43 -59.33
C SER OA 405 -71.71 -34.11 -59.23
N TRP OA 406 -72.34 -32.98 -59.54
CA TRP OA 406 -71.66 -31.70 -59.45
C TRP OA 406 -72.49 -30.59 -58.80
N THR OA 407 -73.65 -30.88 -58.23
CA THR OA 407 -74.39 -29.91 -57.43
C THR OA 407 -74.68 -30.50 -56.05
N LEU OA 408 -75.06 -29.61 -55.13
CA LEU OA 408 -75.26 -29.97 -53.74
C LEU OA 408 -76.53 -29.31 -53.21
N LEU OA 409 -77.28 -30.04 -52.40
CA LEU OA 409 -78.52 -29.57 -51.81
C LEU OA 409 -78.25 -29.02 -50.41
N THR OA 410 -78.68 -27.78 -50.16
CA THR OA 410 -78.42 -27.11 -48.89
C THR OA 410 -79.70 -26.44 -48.38
N THR OA 411 -79.67 -26.01 -47.12
CA THR OA 411 -80.80 -25.26 -46.57
C THR OA 411 -80.89 -23.88 -47.20
N SER OA 412 -82.12 -23.41 -47.38
CA SER OA 412 -82.35 -22.09 -47.97
C SER OA 412 -81.82 -20.98 -47.06
N ASP OA 413 -81.13 -20.01 -47.65
CA ASP OA 413 -80.54 -18.90 -46.91
C ASP OA 413 -81.19 -17.60 -47.40
N VAL OA 414 -82.09 -17.03 -46.59
CA VAL OA 414 -82.89 -15.89 -47.01
C VAL OA 414 -82.05 -14.63 -47.18
N THR OA 415 -80.96 -14.48 -46.43
CA THR OA 415 -80.11 -13.30 -46.58
C THR OA 415 -79.33 -13.30 -47.89
N CYS OA 416 -79.35 -14.43 -48.63
CA CYS OA 416 -78.61 -14.63 -49.88
C CYS OA 416 -77.11 -14.71 -49.67
N GLY OA 417 -76.65 -14.92 -48.44
CA GLY OA 417 -75.24 -15.12 -48.18
C GLY OA 417 -74.52 -13.85 -47.79
N VAL OA 418 -74.23 -13.69 -46.53
CA VAL OA 418 -73.55 -12.49 -46.06
C VAL OA 418 -72.05 -12.73 -46.09
N GLU OA 419 -71.30 -11.67 -46.35
CA GLU OA 419 -69.85 -11.73 -46.34
C GLU OA 419 -69.33 -10.73 -45.31
N GLN OA 420 -68.01 -10.54 -45.28
CA GLN OA 420 -67.34 -9.77 -44.25
C GLN OA 420 -67.29 -8.29 -44.61
N VAL OA 421 -66.95 -7.47 -43.61
CA VAL OA 421 -66.69 -6.04 -43.77
C VAL OA 421 -65.35 -5.70 -43.13
N TYR OA 422 -64.72 -4.63 -43.62
CA TYR OA 422 -63.40 -4.20 -43.19
C TYR OA 422 -63.44 -2.76 -42.67
N TRP OA 423 -62.72 -2.50 -41.58
CA TRP OA 423 -62.55 -1.17 -41.01
C TRP OA 423 -61.19 -0.57 -41.38
N SER OA 424 -61.15 0.73 -41.64
CA SER OA 424 -59.92 1.47 -41.89
C SER OA 424 -59.87 2.75 -41.08
N LEU OA 425 -58.71 3.02 -40.47
CA LEU OA 425 -58.45 4.29 -39.77
C LEU OA 425 -57.07 4.80 -40.15
N PRO OA 426 -56.91 5.30 -41.38
CA PRO OA 426 -55.55 5.55 -41.89
C PRO OA 426 -54.78 6.66 -41.18
N ASP OA 427 -55.44 7.60 -40.52
CA ASP OA 427 -54.74 8.68 -39.83
C ASP OA 427 -54.45 8.39 -38.35
N MET OA 428 -54.84 7.22 -37.84
CA MET OA 428 -54.64 6.92 -36.44
C MET OA 428 -53.74 5.72 -36.20
N MET OA 429 -53.95 4.62 -36.90
CA MET OA 429 -53.20 3.39 -36.71
C MET OA 429 -52.07 3.27 -37.73
N GLN OA 430 -51.01 2.55 -37.34
CA GLN OA 430 -49.98 2.18 -38.30
C GLN OA 430 -50.49 1.09 -39.24
N ASP OA 431 -49.94 1.06 -40.45
CA ASP OA 431 -50.36 0.07 -41.44
C ASP OA 431 -49.90 -1.33 -41.00
N PRO OA 432 -50.78 -2.33 -41.01
CA PRO OA 432 -50.34 -3.70 -40.73
C PRO OA 432 -49.43 -4.24 -41.83
N VAL OA 433 -48.73 -5.33 -41.49
CA VAL OA 433 -47.62 -5.82 -42.30
C VAL OA 433 -48.09 -6.21 -43.72
N THR OA 434 -47.29 -5.79 -44.71
CA THR OA 434 -47.39 -5.96 -46.16
C THR OA 434 -48.39 -5.00 -46.83
N PHE OA 435 -49.15 -4.19 -46.09
CA PHE OA 435 -50.02 -3.18 -46.71
C PHE OA 435 -49.19 -1.95 -47.11
N ARG OA 436 -49.50 -1.39 -48.28
CA ARG OA 436 -48.86 -0.16 -48.74
C ARG OA 436 -49.64 1.08 -48.27
N SER OA 437 -48.90 2.15 -47.98
CA SER OA 437 -49.51 3.43 -47.69
C SER OA 437 -50.03 4.08 -48.96
N THR OA 438 -51.24 4.62 -48.91
CA THR OA 438 -51.88 5.17 -50.10
C THR OA 438 -53.00 6.12 -49.70
N ARG OA 439 -53.51 6.85 -50.69
CA ARG OA 439 -54.67 7.70 -50.52
C ARG OA 439 -55.84 7.28 -51.41
N GLN OA 440 -55.81 6.08 -51.98
CA GLN OA 440 -56.93 5.56 -52.75
C GLN OA 440 -57.87 4.81 -51.83
N VAL OA 441 -59.17 5.14 -51.89
CA VAL OA 441 -60.13 4.63 -50.92
C VAL OA 441 -60.28 3.12 -51.03
N SER OA 442 -60.32 2.60 -52.25
CA SER OA 442 -60.45 1.15 -52.40
C SER OA 442 -59.17 0.39 -52.04
N ASN OA 443 -58.12 1.01 -51.50
CA ASN OA 443 -56.92 0.27 -51.14
C ASN OA 443 -56.36 0.70 -49.78
N TYR OA 444 -57.19 1.25 -48.89
CA TYR OA 444 -56.75 1.59 -47.54
C TYR OA 444 -56.32 0.34 -46.79
N PRO OA 445 -55.30 0.43 -45.93
CA PRO OA 445 -54.96 -0.70 -45.06
C PRO OA 445 -56.09 -1.03 -44.09
N VAL OA 446 -56.21 -2.32 -43.77
CA VAL OA 446 -57.34 -2.87 -43.03
C VAL OA 446 -56.94 -3.08 -41.57
N VAL OA 447 -57.75 -2.56 -40.65
CA VAL OA 447 -57.46 -2.60 -39.23
C VAL OA 447 -58.35 -3.58 -38.45
N GLY OA 448 -59.43 -4.07 -39.05
CA GLY OA 448 -60.28 -5.05 -38.40
C GLY OA 448 -61.30 -5.61 -39.37
N ALA OA 449 -61.87 -6.76 -38.99
CA ALA OA 449 -62.84 -7.44 -39.84
C ALA OA 449 -63.92 -8.11 -38.99
N GLU OA 450 -65.11 -8.25 -39.57
CA GLU OA 450 -66.25 -8.92 -38.93
C GLU OA 450 -67.29 -9.20 -40.00
N LEU OA 451 -68.37 -9.88 -39.62
CA LEU OA 451 -69.45 -10.14 -40.54
C LEU OA 451 -70.37 -8.93 -40.68
N MET OA 452 -70.84 -8.69 -41.88
CA MET OA 452 -71.91 -7.72 -42.08
C MET OA 452 -73.13 -8.17 -41.27
N PRO OA 453 -73.67 -7.33 -40.39
CA PRO OA 453 -74.57 -7.81 -39.32
C PRO OA 453 -76.03 -8.00 -39.75
N VAL OA 454 -76.26 -8.99 -40.59
CA VAL OA 454 -77.59 -9.35 -41.07
C VAL OA 454 -77.78 -10.84 -40.86
N PHE OA 455 -78.91 -11.23 -40.27
CA PHE OA 455 -79.12 -12.61 -39.84
C PHE OA 455 -80.53 -13.08 -40.22
N SER OA 456 -80.66 -14.41 -40.29
CA SER OA 456 -81.92 -15.07 -40.58
C SER OA 456 -82.64 -15.44 -39.29
N LYS OA 457 -83.97 -15.34 -39.30
CA LYS OA 457 -84.81 -15.74 -38.17
C LYS OA 457 -85.95 -16.62 -38.66
N SER OA 458 -86.29 -17.64 -37.87
CA SER OA 458 -87.28 -18.64 -38.24
C SER OA 458 -88.61 -18.44 -37.50
N PHE OA 459 -89.70 -18.76 -38.19
CA PHE OA 459 -91.04 -18.74 -37.61
C PHE OA 459 -91.79 -20.00 -38.05
N TYR OA 460 -92.82 -20.34 -37.29
CA TYR OA 460 -93.63 -21.53 -37.57
C TYR OA 460 -95.01 -21.09 -38.02
N ASN OA 461 -95.47 -21.64 -39.16
CA ASN OA 461 -96.78 -21.31 -39.70
C ASN OA 461 -97.52 -22.55 -40.21
N HIS OA 478 -106.05 -12.91 -58.18
CA HIS OA 478 -104.78 -13.46 -57.73
C HIS OA 478 -103.73 -13.40 -58.84
N VAL OA 479 -102.86 -12.39 -58.78
CA VAL OA 479 -101.79 -12.26 -59.76
C VAL OA 479 -100.74 -13.35 -59.57
N PHE OA 480 -100.65 -13.96 -58.39
CA PHE OA 480 -99.70 -15.02 -58.12
C PHE OA 480 -100.26 -16.41 -58.37
N ASN OA 481 -101.47 -16.51 -58.92
CA ASN OA 481 -102.04 -17.81 -59.30
C ASN OA 481 -102.91 -17.56 -60.54
N ARG OA 482 -102.27 -17.70 -61.72
CA ARG OA 482 -102.93 -17.44 -63.00
C ARG OA 482 -103.41 -18.70 -63.70
N PHE OA 483 -103.00 -19.87 -63.23
CA PHE OA 483 -103.43 -21.15 -63.78
C PHE OA 483 -103.89 -22.04 -62.63
N PRO OA 484 -105.00 -21.70 -61.99
CA PRO OA 484 -105.44 -22.49 -60.83
C PRO OA 484 -105.71 -23.95 -61.15
N GLU OA 485 -106.17 -24.25 -62.37
CA GLU OA 485 -106.54 -25.62 -62.69
C GLU OA 485 -105.34 -26.50 -62.96
N ASN OA 486 -104.27 -25.96 -63.53
CA ASN OA 486 -103.16 -26.77 -64.03
C ASN OA 486 -102.32 -27.29 -62.87
N GLN OA 487 -102.18 -28.62 -62.80
CA GLN OA 487 -101.44 -29.23 -61.70
C GLN OA 487 -99.95 -28.91 -61.73
N ILE OA 488 -99.40 -28.56 -62.88
CA ILE OA 488 -97.99 -28.21 -62.97
C ILE OA 488 -97.76 -26.74 -62.69
N LEU OA 489 -98.68 -25.88 -63.13
CA LEU OA 489 -98.54 -24.43 -63.01
C LEU OA 489 -99.29 -23.85 -61.83
N ILE OA 490 -99.79 -24.70 -60.92
CA ILE OA 490 -100.43 -24.19 -59.71
C ILE OA 490 -99.40 -23.47 -58.83
N ARG OA 491 -99.89 -22.55 -58.01
CA ARG OA 491 -99.03 -21.80 -57.10
C ARG OA 491 -98.43 -22.74 -56.06
N PRO OA 492 -97.11 -22.68 -55.83
CA PRO OA 492 -96.48 -23.67 -54.96
C PRO OA 492 -96.99 -23.54 -53.54
N PRO OA 493 -97.08 -24.66 -52.82
CA PRO OA 493 -97.43 -24.59 -51.39
C PRO OA 493 -96.33 -23.91 -50.58
N ALA OA 494 -96.75 -23.26 -49.49
CA ALA OA 494 -95.85 -22.54 -48.61
C ALA OA 494 -95.25 -23.48 -47.56
N PRO OA 495 -93.97 -23.30 -47.22
CA PRO OA 495 -93.37 -24.17 -46.19
C PRO OA 495 -93.97 -23.90 -44.82
N THR OA 496 -93.91 -24.93 -43.97
CA THR OA 496 -94.31 -24.77 -42.58
C THR OA 496 -93.26 -24.00 -41.77
N ILE OA 497 -92.07 -23.78 -42.31
CA ILE OA 497 -91.03 -22.96 -41.68
C ILE OA 497 -90.73 -21.79 -42.59
N THR OA 498 -90.92 -20.57 -42.08
CA THR OA 498 -90.66 -19.34 -42.82
C THR OA 498 -89.46 -18.61 -42.21
N THR OA 499 -88.58 -18.09 -43.07
CA THR OA 499 -87.40 -17.36 -42.63
C THR OA 499 -87.39 -15.96 -43.22
N VAL OA 500 -86.98 -14.98 -42.41
CA VAL OA 500 -86.86 -13.58 -42.81
C VAL OA 500 -85.53 -13.05 -42.28
N SER OA 501 -85.01 -12.02 -42.93
CA SER OA 501 -83.71 -11.46 -42.59
C SER OA 501 -83.86 -10.21 -41.72
N GLU OA 502 -82.95 -10.04 -40.77
CA GLU OA 502 -82.98 -8.97 -39.78
C GLU OA 502 -81.64 -8.27 -39.66
N ASN OA 503 -81.68 -7.01 -39.27
CA ASN OA 503 -80.49 -6.22 -38.96
C ASN OA 503 -80.35 -6.11 -37.44
N VAL OA 504 -79.20 -6.52 -36.91
CA VAL OA 504 -78.94 -6.55 -35.48
C VAL OA 504 -77.69 -5.73 -35.19
N PRO OA 505 -77.74 -4.77 -34.26
CA PRO OA 505 -76.55 -3.96 -33.98
C PRO OA 505 -75.39 -4.81 -33.47
N ALA OA 506 -74.19 -4.48 -33.93
CA ALA OA 506 -72.99 -5.28 -33.69
C ALA OA 506 -72.01 -4.51 -32.82
N LEU OA 507 -71.58 -5.14 -31.73
CA LEU OA 507 -70.64 -4.56 -30.77
C LEU OA 507 -69.40 -5.44 -30.74
N THR OA 508 -68.26 -4.91 -31.14
CA THR OA 508 -67.08 -5.72 -31.44
C THR OA 508 -65.84 -5.18 -30.76
N ASP OA 509 -65.05 -6.07 -30.19
CA ASP OA 509 -63.73 -5.77 -29.65
C ASP OA 509 -62.68 -6.30 -30.61
N HIS OA 510 -61.86 -5.40 -31.17
CA HIS OA 510 -60.87 -5.75 -32.17
C HIS OA 510 -59.46 -5.93 -31.62
N GLY OA 511 -59.27 -5.83 -30.31
CA GLY OA 511 -57.94 -5.97 -29.72
C GLY OA 511 -57.10 -4.70 -29.82
N THR OA 512 -55.80 -4.87 -29.57
CA THR OA 512 -54.85 -3.76 -29.51
C THR OA 512 -54.01 -3.69 -30.78
N LEU OA 513 -53.87 -2.49 -31.34
CA LEU OA 513 -53.08 -2.23 -32.53
C LEU OA 513 -52.09 -1.09 -32.29
N PRO OA 514 -50.93 -1.12 -32.95
CA PRO OA 514 -49.95 -0.03 -32.78
C PRO OA 514 -50.46 1.31 -33.27
N LEU OA 515 -50.14 2.34 -32.52
CA LEU OA 515 -50.70 3.69 -32.67
C LEU OA 515 -49.61 4.65 -33.13
N ARG OA 516 -49.97 5.62 -33.97
CA ARG OA 516 -49.03 6.66 -34.37
C ARG OA 516 -48.74 7.61 -33.20
N SER OA 517 -47.50 8.11 -33.15
CA SER OA 517 -47.08 8.96 -32.03
C SER OA 517 -47.69 10.36 -32.09
N SER OA 518 -48.06 10.85 -33.27
CA SER OA 518 -48.68 12.16 -33.40
C SER OA 518 -49.99 12.00 -34.16
N ILE OA 519 -51.08 12.49 -33.56
CA ILE OA 519 -52.43 12.30 -34.07
C ILE OA 519 -53.00 13.67 -34.43
N ARG OA 520 -53.41 13.84 -35.68
CA ARG OA 520 -54.02 15.08 -36.12
C ARG OA 520 -55.47 15.18 -35.64
N GLY OA 521 -55.96 16.42 -35.60
CA GLY OA 521 -57.28 16.71 -35.06
C GLY OA 521 -58.44 16.23 -35.90
N VAL OA 522 -58.25 16.03 -37.20
CA VAL OA 522 -59.30 15.55 -38.09
C VAL OA 522 -58.92 14.15 -38.58
N GLN OA 523 -59.86 13.21 -38.48
CA GLN OA 523 -59.61 11.80 -38.75
C GLN OA 523 -60.62 11.26 -39.76
N ARG OA 524 -60.17 10.30 -40.57
CA ARG OA 524 -61.00 9.63 -41.57
C ARG OA 524 -61.43 8.25 -41.07
N VAL OA 525 -62.70 7.91 -41.29
CA VAL OA 525 -63.27 6.62 -40.90
C VAL OA 525 -63.92 5.99 -42.14
N THR OA 526 -63.58 4.73 -42.42
CA THR OA 526 -64.06 4.06 -43.63
C THR OA 526 -64.48 2.62 -43.34
N VAL OA 527 -65.57 2.18 -43.96
CA VAL OA 527 -66.07 0.81 -43.90
C VAL OA 527 -66.31 0.32 -45.33
N THR OA 528 -65.69 -0.81 -45.70
CA THR OA 528 -65.82 -1.37 -47.05
C THR OA 528 -66.12 -2.86 -46.99
N ASP OA 529 -66.66 -3.37 -48.11
CA ASP OA 529 -67.05 -4.77 -48.23
C ASP OA 529 -65.90 -5.60 -48.82
N ALA OA 530 -66.20 -6.85 -49.20
CA ALA OA 530 -65.16 -7.78 -49.63
C ALA OA 530 -64.54 -7.35 -50.96
N ARG OA 531 -65.29 -6.69 -51.83
CA ARG OA 531 -64.76 -6.16 -53.08
C ARG OA 531 -64.20 -4.75 -52.92
N ARG OA 532 -64.11 -4.25 -51.68
CA ARG OA 532 -63.56 -2.94 -51.34
C ARG OA 532 -64.40 -1.80 -51.91
N ARG OA 533 -65.72 -1.95 -51.89
CA ARG OA 533 -66.66 -0.86 -52.11
C ARG OA 533 -67.22 -0.40 -50.76
N THR OA 534 -67.55 0.88 -50.67
CA THR OA 534 -68.27 1.35 -49.49
C THR OA 534 -69.71 0.82 -49.52
N CYS OA 535 -70.30 0.70 -48.33
CA CYS OA 535 -71.64 0.13 -48.21
C CYS OA 535 -72.66 1.22 -47.93
N PRO OA 536 -73.60 1.48 -48.83
CA PRO OA 536 -74.61 2.53 -48.59
C PRO OA 536 -75.64 2.20 -47.52
N TYR OA 537 -75.64 1.00 -46.95
CA TYR OA 537 -76.65 0.65 -45.96
C TYR OA 537 -76.16 0.78 -44.51
N VAL OA 538 -74.96 1.29 -44.29
CA VAL OA 538 -74.53 1.66 -42.95
C VAL OA 538 -75.12 3.02 -42.61
N TYR OA 539 -75.77 3.13 -41.44
CA TYR OA 539 -76.26 4.43 -41.02
C TYR OA 539 -75.84 4.81 -39.59
N LYS OA 540 -75.00 4.02 -38.94
CA LYS OA 540 -74.45 4.37 -37.64
C LYS OA 540 -73.14 3.63 -37.44
N ALA OA 541 -72.07 4.36 -37.15
CA ALA OA 541 -70.76 3.78 -36.93
C ALA OA 541 -69.98 4.64 -35.94
N LEU OA 542 -69.52 4.03 -34.85
CA LEU OA 542 -68.75 4.71 -33.82
C LEU OA 542 -67.50 3.91 -33.47
N GLY OA 543 -66.47 4.62 -33.05
CA GLY OA 543 -65.25 4.00 -32.58
C GLY OA 543 -64.78 4.61 -31.28
N ILE OA 544 -64.20 3.78 -30.42
CA ILE OA 544 -63.62 4.19 -29.16
C ILE OA 544 -62.25 3.55 -29.03
N VAL OA 545 -61.22 4.36 -28.77
CA VAL OA 545 -59.85 3.89 -28.69
C VAL OA 545 -59.29 4.22 -27.31
N ALA OA 546 -58.58 3.26 -26.71
CA ALA OA 546 -57.95 3.43 -25.40
C ALA OA 546 -56.44 3.22 -25.50
N PRO OA 547 -55.65 4.29 -25.58
CA PRO OA 547 -54.18 4.13 -25.70
C PRO OA 547 -53.52 3.61 -24.43
N ARG OA 548 -52.39 2.92 -24.62
CA ARG OA 548 -51.53 2.49 -23.52
C ARG OA 548 -50.13 2.17 -24.05
N VAL OA 549 -49.17 2.12 -23.14
CA VAL OA 549 -47.78 1.89 -23.49
C VAL OA 549 -47.54 0.41 -23.78
N LEU OA 550 -46.85 0.13 -24.89
CA LEU OA 550 -46.47 -1.24 -25.27
C LEU OA 550 -45.02 -1.58 -24.95
N SER OA 551 -44.07 -0.73 -25.33
CA SER OA 551 -42.67 -1.00 -25.05
C SER OA 551 -41.90 0.31 -25.03
N SER OA 552 -40.64 0.21 -24.62
CA SER OA 552 -39.77 1.37 -24.49
C SER OA 552 -39.07 1.69 -25.80
N ARG OA 553 -38.75 2.97 -25.98
CA ARG OA 553 -37.97 3.49 -27.10
C ARG OA 553 -38.70 3.38 -28.43
N ARG PA 48 -17.36 -40.91 -14.12
CA ARG PA 48 -18.56 -40.96 -14.96
C ARG PA 48 -18.54 -42.14 -15.93
N ASN PA 49 -18.07 -43.30 -15.46
CA ASN PA 49 -17.93 -44.45 -16.34
C ASN PA 49 -18.37 -45.76 -15.67
N SER PA 50 -19.22 -45.71 -14.66
CA SER PA 50 -19.62 -46.91 -13.95
C SER PA 50 -20.82 -47.57 -14.61
N ILE PA 51 -20.97 -48.87 -14.37
CA ILE PA 51 -22.05 -49.69 -14.91
C ILE PA 51 -22.69 -50.46 -13.76
N ARG PA 52 -24.00 -50.32 -13.58
CA ARG PA 52 -24.68 -50.79 -12.39
C ARG PA 52 -25.87 -51.69 -12.73
N TYR PA 53 -26.11 -52.68 -11.88
CA TYR PA 53 -27.19 -53.63 -12.02
C TYR PA 53 -28.16 -53.46 -10.86
N SER PA 54 -29.46 -53.36 -11.17
CA SER PA 54 -30.44 -52.88 -10.20
C SER PA 54 -30.61 -53.81 -9.00
N GLU PA 55 -30.15 -55.06 -9.08
CA GLU PA 55 -30.29 -55.97 -7.94
C GLU PA 55 -29.12 -55.93 -6.97
N LEU PA 56 -28.12 -55.09 -7.20
CA LEU PA 56 -26.94 -55.02 -6.35
C LEU PA 56 -26.79 -53.62 -5.76
N SER PA 57 -26.32 -53.56 -4.50
CA SER PA 57 -26.13 -52.29 -3.80
C SER PA 57 -25.11 -52.47 -2.69
N PRO PA 58 -24.28 -51.47 -2.39
CA PRO PA 58 -23.27 -51.62 -1.35
C PRO PA 58 -23.82 -51.35 0.05
N LEU PA 59 -23.08 -51.82 1.06
CA LEU PA 59 -23.52 -51.83 2.45
C LEU PA 59 -22.76 -50.83 3.32
N TYR PA 60 -23.47 -50.22 4.27
CA TYR PA 60 -22.90 -49.21 5.16
C TYR PA 60 -23.46 -49.33 6.58
N ASP PA 61 -22.61 -48.92 7.53
CA ASP PA 61 -22.90 -48.56 8.93
C ASP PA 61 -23.21 -49.68 9.92
N THR PA 62 -23.71 -50.83 9.47
CA THR PA 62 -24.07 -51.93 10.37
C THR PA 62 -24.65 -53.08 9.56
N THR PA 63 -24.61 -54.27 10.14
CA THR PA 63 -25.10 -55.50 9.49
C THR PA 63 -25.20 -56.58 10.58
N ARG PA 64 -25.41 -57.83 10.17
CA ARG PA 64 -25.45 -58.97 11.08
C ARG PA 64 -24.51 -60.07 10.61
N LEU PA 65 -23.88 -60.77 11.55
CA LEU PA 65 -23.13 -61.99 11.30
C LEU PA 65 -23.71 -63.11 12.17
N TYR PA 66 -23.93 -64.28 11.57
CA TYR PA 66 -24.57 -65.39 12.25
C TYR PA 66 -23.60 -66.56 12.43
N LEU PA 67 -23.53 -67.07 13.66
CA LEU PA 67 -22.67 -68.20 14.02
C LEU PA 67 -23.56 -69.36 14.45
N VAL PA 68 -23.76 -70.31 13.54
CA VAL PA 68 -24.80 -71.32 13.69
C VAL PA 68 -24.14 -72.70 13.64
N ASP PA 69 -24.59 -73.60 14.52
CA ASP PA 69 -23.92 -74.87 14.75
C ASP PA 69 -24.48 -76.04 13.96
N ASN PA 70 -25.50 -75.85 13.11
CA ASN PA 70 -26.12 -76.98 12.44
C ASN PA 70 -26.40 -76.67 10.96
N LYS PA 71 -25.45 -76.05 10.28
CA LYS PA 71 -25.56 -75.91 8.83
C LYS PA 71 -25.29 -77.25 8.15
N SER PA 72 -26.06 -77.55 7.10
CA SER PA 72 -26.03 -78.89 6.53
C SER PA 72 -24.66 -79.23 5.94
N ALA PA 73 -24.07 -78.30 5.19
CA ALA PA 73 -22.79 -78.58 4.55
C ALA PA 73 -21.62 -78.57 5.53
N ASP PA 74 -21.68 -77.74 6.57
CA ASP PA 74 -20.61 -77.71 7.56
C ASP PA 74 -20.56 -78.98 8.38
N ILE PA 75 -21.69 -79.64 8.56
CA ILE PA 75 -21.72 -80.89 9.32
C ILE PA 75 -20.87 -81.96 8.63
N ALA PA 76 -21.00 -82.07 7.32
CA ALA PA 76 -20.35 -83.16 6.60
C ALA PA 76 -18.85 -82.95 6.46
N SER PA 77 -18.40 -81.73 6.18
CA SER PA 77 -17.03 -81.50 5.77
C SER PA 77 -16.15 -80.81 6.81
N LEU PA 78 -16.70 -80.34 7.93
CA LEU PA 78 -15.86 -79.62 8.88
C LEU PA 78 -15.78 -80.26 10.26
N ASN PA 79 -16.88 -80.82 10.76
CA ASN PA 79 -17.02 -81.09 12.19
C ASN PA 79 -17.16 -82.58 12.48
N TYR PA 80 -16.40 -83.41 11.79
CA TYR PA 80 -16.58 -84.86 11.94
C TYR PA 80 -16.17 -85.34 13.33
N GLN PA 81 -15.14 -84.75 13.92
CA GLN PA 81 -14.64 -85.16 15.23
C GLN PA 81 -14.99 -84.18 16.36
N ASN PA 82 -15.91 -83.25 16.14
CA ASN PA 82 -16.21 -82.18 17.09
C ASN PA 82 -17.54 -82.43 17.80
N ASP PA 83 -17.87 -81.55 18.74
CA ASP PA 83 -19.18 -81.53 19.38
C ASP PA 83 -19.63 -80.09 19.56
N HIS PA 84 -20.83 -79.90 20.13
CA HIS PA 84 -21.43 -78.57 20.19
C HIS PA 84 -20.71 -77.62 21.14
N SER PA 85 -19.80 -78.11 21.97
CA SER PA 85 -19.01 -77.25 22.82
C SER PA 85 -17.77 -76.68 22.13
N ASN PA 86 -17.36 -77.25 20.99
CA ASN PA 86 -16.15 -76.80 20.30
C ASN PA 86 -16.25 -77.22 18.82
N PHE PA 87 -16.61 -76.28 17.95
CA PHE PA 87 -16.91 -76.62 16.56
C PHE PA 87 -16.49 -75.49 15.63
N LEU PA 88 -16.57 -75.75 14.33
CA LEU PA 88 -16.27 -74.78 13.28
C LEU PA 88 -17.54 -74.47 12.49
N THR PA 89 -17.64 -73.23 12.01
CA THR PA 89 -18.79 -72.82 11.22
C THR PA 89 -18.37 -71.76 10.21
N THR PA 90 -19.19 -71.58 9.18
CA THR PA 90 -18.93 -70.60 8.14
C THR PA 90 -19.84 -69.39 8.32
N VAL PA 91 -19.26 -68.19 8.27
CA VAL PA 91 -20.05 -66.97 8.33
C VAL PA 91 -20.46 -66.48 6.95
N VAL PA 92 -19.99 -67.12 5.87
CA VAL PA 92 -20.42 -66.80 4.52
C VAL PA 92 -21.72 -67.54 4.26
N GLN PA 93 -22.78 -66.81 3.92
CA GLN PA 93 -24.12 -67.37 3.73
C GLN PA 93 -24.51 -67.47 2.26
N ASN PA 94 -23.56 -67.81 1.38
CA ASN PA 94 -23.76 -67.81 -0.08
C ASN PA 94 -23.49 -69.24 -0.57
N ASN PA 95 -24.54 -69.91 -1.05
CA ASN PA 95 -24.45 -71.32 -1.40
C ASN PA 95 -23.85 -71.57 -2.79
N ASP PA 96 -23.31 -70.54 -3.45
CA ASP PA 96 -22.52 -70.76 -4.65
C ASP PA 96 -21.17 -71.40 -4.35
N PHE PA 97 -20.79 -71.51 -3.08
CA PHE PA 97 -19.48 -72.01 -2.67
C PHE PA 97 -19.64 -73.07 -1.59
N THR PA 98 -18.71 -74.03 -1.58
CA THR PA 98 -18.62 -74.99 -0.49
C THR PA 98 -17.90 -74.37 0.70
N PRO PA 99 -18.05 -74.95 1.89
CA PRO PA 99 -17.34 -74.39 3.06
C PRO PA 99 -15.83 -74.36 2.89
N THR PA 100 -15.25 -75.36 2.22
CA THR PA 100 -13.81 -75.34 1.97
C THR PA 100 -13.42 -74.13 1.12
N GLU PA 101 -14.17 -73.86 0.05
CA GLU PA 101 -13.90 -72.67 -0.74
C GLU PA 101 -14.12 -71.39 0.06
N ALA PA 102 -15.16 -71.38 0.91
CA ALA PA 102 -15.47 -70.20 1.70
C ALA PA 102 -14.37 -69.86 2.70
N SER PA 103 -13.56 -70.85 3.10
CA SER PA 103 -12.56 -70.62 4.14
C SER PA 103 -11.53 -69.59 3.72
N THR PA 104 -11.27 -69.45 2.42
CA THR PA 104 -10.28 -68.49 1.94
C THR PA 104 -10.85 -67.10 1.68
N GLN PA 105 -12.17 -66.92 1.73
CA GLN PA 105 -12.77 -65.62 1.50
C GLN PA 105 -12.74 -64.78 2.78
N THR PA 106 -12.94 -63.46 2.62
CA THR PA 106 -12.91 -62.54 3.76
C THR PA 106 -14.05 -61.54 3.68
N ILE PA 107 -14.37 -60.97 4.84
CA ILE PA 107 -15.26 -59.82 4.99
C ILE PA 107 -14.44 -58.68 5.58
N ASN PA 108 -14.50 -57.51 4.96
CA ASN PA 108 -13.60 -56.42 5.31
C ASN PA 108 -14.37 -55.19 5.77
N PHE PA 109 -14.07 -54.72 6.97
CA PHE PA 109 -14.62 -53.50 7.54
C PHE PA 109 -13.63 -52.37 7.35
N ASP PA 110 -14.12 -51.19 6.95
CA ASP PA 110 -13.24 -50.13 6.46
C ASP PA 110 -12.11 -49.82 7.42
N GLU PA 111 -10.88 -49.85 6.92
CA GLU PA 111 -9.69 -49.75 7.75
C GLU PA 111 -9.45 -48.35 8.30
N ARG PA 112 -10.18 -47.36 7.83
CA ARG PA 112 -10.07 -46.01 8.39
C ARG PA 112 -10.89 -45.82 9.65
N SER PA 113 -11.56 -46.85 10.16
CA SER PA 113 -12.28 -46.81 11.42
C SER PA 113 -11.89 -48.01 12.27
N ARG PA 114 -12.09 -47.89 13.57
CA ARG PA 114 -12.03 -49.02 14.49
C ARG PA 114 -13.45 -49.48 14.78
N TRP PA 115 -13.67 -50.79 14.72
CA TRP PA 115 -15.01 -51.37 14.77
C TRP PA 115 -15.21 -52.19 16.06
N GLY PA 116 -16.44 -52.22 16.53
CA GLY PA 116 -16.82 -53.07 17.63
C GLY PA 116 -18.04 -53.90 17.28
N GLY PA 117 -18.25 -54.95 18.06
CA GLY PA 117 -19.36 -55.85 17.82
C GLY PA 117 -20.16 -56.20 19.06
N GLN PA 118 -21.46 -55.96 19.01
CA GLN PA 118 -22.35 -56.33 20.11
C GLN PA 118 -22.74 -57.80 19.98
N LEU PA 119 -22.56 -58.57 21.04
CA LEU PA 119 -22.69 -60.02 21.00
C LEU PA 119 -23.87 -60.50 21.84
N LYS PA 120 -24.72 -61.33 21.24
CA LYS PA 120 -25.81 -62.01 21.93
C LYS PA 120 -25.68 -63.52 21.70
N THR PA 121 -25.95 -64.31 22.73
CA THR PA 121 -25.81 -65.76 22.64
C THR PA 121 -27.06 -66.47 23.13
N ILE PA 122 -27.25 -67.69 22.63
CA ILE PA 122 -28.32 -68.59 23.05
C ILE PA 122 -27.70 -69.95 23.34
N MET PA 123 -27.99 -70.51 24.51
CA MET PA 123 -27.39 -71.78 24.94
C MET PA 123 -28.44 -72.66 25.62
N HIS PA 124 -28.36 -73.96 25.38
CA HIS PA 124 -29.22 -74.93 26.04
C HIS PA 124 -28.43 -76.19 26.40
N THR PA 125 -28.69 -76.74 27.59
CA THR PA 125 -27.94 -77.87 28.13
C THR PA 125 -28.88 -79.00 28.53
N ASN PA 126 -28.31 -80.19 28.75
CA ASN PA 126 -29.06 -81.35 29.21
C ASN PA 126 -28.27 -82.14 30.27
N MET PA 127 -27.70 -81.44 31.26
CA MET PA 127 -26.85 -82.06 32.28
C MET PA 127 -27.69 -82.71 33.38
N PRO PA 128 -27.42 -83.97 33.73
CA PRO PA 128 -28.02 -84.57 34.93
C PRO PA 128 -27.19 -84.26 36.18
N ASN PA 129 -27.86 -84.28 37.33
CA ASN PA 129 -27.22 -83.77 38.54
C ASN PA 129 -26.20 -84.74 39.16
N VAL PA 130 -26.31 -86.04 38.91
CA VAL PA 130 -25.35 -87.02 39.42
C VAL PA 130 -24.62 -87.62 38.22
N ASN PA 131 -23.35 -87.27 38.05
CA ASN PA 131 -22.59 -87.73 36.90
C ASN PA 131 -21.10 -87.71 37.24
N GLU PA 132 -20.33 -88.43 36.41
CA GLU PA 132 -18.90 -88.61 36.66
C GLU PA 132 -18.08 -87.36 36.30
N TYR PA 133 -18.46 -86.65 35.24
CA TYR PA 133 -17.65 -85.56 34.73
C TYR PA 133 -17.52 -84.42 35.73
N MET PA 134 -18.55 -84.21 36.55
CA MET PA 134 -18.59 -83.11 37.50
C MET PA 134 -18.27 -83.52 38.92
N PHE PA 135 -17.78 -84.75 39.13
CA PHE PA 135 -17.34 -85.24 40.44
C PHE PA 135 -18.47 -85.30 41.46
N SER PA 136 -19.71 -85.49 41.01
CA SER PA 136 -20.83 -85.70 41.90
C SER PA 136 -21.24 -87.17 41.97
N ASN PA 137 -20.30 -88.07 41.68
CA ASN PA 137 -20.55 -89.48 41.50
C ASN PA 137 -19.98 -90.35 42.61
N LYS PA 138 -19.12 -89.80 43.48
CA LYS PA 138 -18.30 -90.63 44.35
C LYS PA 138 -17.98 -89.90 45.65
N PHE PA 139 -17.64 -90.69 46.67
CA PHE PA 139 -17.16 -90.18 47.95
C PHE PA 139 -16.36 -91.30 48.61
N LYS PA 140 -15.65 -90.95 49.69
CA LYS PA 140 -14.82 -91.89 50.43
C LYS PA 140 -15.27 -92.00 51.87
N ALA PA 141 -15.12 -93.20 52.45
CA ALA PA 141 -15.52 -93.45 53.82
C ALA PA 141 -14.68 -94.58 54.41
N ARG PA 142 -14.65 -94.64 55.75
CA ARG PA 142 -13.91 -95.66 56.48
C ARG PA 142 -14.90 -96.51 57.28
N VAL PA 143 -14.91 -97.81 57.00
CA VAL PA 143 -15.83 -98.74 57.61
C VAL PA 143 -15.05 -99.92 58.21
N MET PA 144 -15.76 -100.81 58.89
CA MET PA 144 -15.16 -101.95 59.57
C MET PA 144 -15.14 -103.16 58.65
N VAL PA 145 -13.96 -103.78 58.52
CA VAL PA 145 -13.78 -104.91 57.63
C VAL PA 145 -13.74 -106.24 58.37
N SER PA 146 -13.28 -106.28 59.61
CA SER PA 146 -13.18 -107.53 60.35
C SER PA 146 -13.41 -107.28 61.84
N ARG PA 147 -14.25 -108.11 62.43
CA ARG PA 147 -14.28 -108.28 63.88
C ARG PA 147 -13.30 -109.39 64.24
N LYS PA 148 -13.33 -109.86 65.48
CA LYS PA 148 -12.43 -110.95 65.89
C LYS PA 148 -12.81 -112.25 65.21
N ASP PA 171 -12.07 -108.70 71.65
CA ASP PA 171 -12.30 -108.56 70.21
C ASP PA 171 -11.39 -107.48 69.62
N ILE PA 172 -10.79 -107.78 68.47
CA ILE PA 172 -9.95 -106.83 67.73
C ILE PA 172 -10.68 -106.43 66.46
N LEU PA 173 -10.76 -105.12 66.21
CA LEU PA 173 -11.54 -104.57 65.12
C LEU PA 173 -10.62 -103.90 64.12
N LYS PA 174 -10.86 -104.15 62.84
CA LYS PA 174 -10.06 -103.60 61.75
C LYS PA 174 -10.92 -102.73 60.85
N TYR PA 175 -10.36 -101.60 60.42
CA TYR PA 175 -11.06 -100.63 59.58
C TYR PA 175 -10.20 -100.31 58.37
N GLU PA 176 -10.86 -99.84 57.30
CA GLU PA 176 -10.17 -99.50 56.07
C GLU PA 176 -10.96 -98.46 55.28
N TRP PA 177 -10.25 -97.72 54.45
CA TRP PA 177 -10.84 -96.71 53.58
C TRP PA 177 -11.22 -97.32 52.23
N PHE PA 178 -12.33 -96.85 51.67
CA PHE PA 178 -12.78 -97.25 50.35
C PHE PA 178 -13.36 -96.04 49.62
N GLU PA 179 -13.49 -96.18 48.30
CA GLU PA 179 -14.18 -95.20 47.48
C GLU PA 179 -15.45 -95.82 46.91
N PHE PA 180 -16.57 -95.11 47.05
CA PHE PA 180 -17.89 -95.61 46.70
C PHE PA 180 -18.42 -94.89 45.47
N ILE PA 181 -19.11 -95.61 44.59
CA ILE PA 181 -19.57 -95.09 43.30
C ILE PA 181 -21.08 -95.27 43.20
N LEU PA 182 -21.79 -94.21 42.78
CA LEU PA 182 -23.22 -94.18 42.50
C LEU PA 182 -23.47 -94.29 41.00
N PRO PA 183 -24.62 -94.81 40.59
CA PRO PA 183 -24.97 -94.78 39.16
C PRO PA 183 -25.54 -93.42 38.74
N GLU PA 184 -25.37 -93.11 37.47
CA GLU PA 184 -25.65 -91.77 36.96
C GLU PA 184 -27.13 -91.58 36.63
N GLY PA 185 -27.58 -90.34 36.77
CA GLY PA 185 -28.97 -90.00 36.52
C GLY PA 185 -29.31 -88.66 37.14
N ASN PA 186 -30.57 -88.28 37.01
CA ASN PA 186 -31.09 -87.01 37.51
C ASN PA 186 -32.07 -87.31 38.64
N PHE PA 187 -31.63 -87.11 39.88
CA PHE PA 187 -32.37 -87.57 41.05
C PHE PA 187 -32.68 -86.41 42.00
N SER PA 188 -33.73 -86.59 42.79
CA SER PA 188 -34.01 -85.65 43.86
C SER PA 188 -33.04 -85.88 45.03
N ALA PA 189 -33.07 -84.97 45.99
CA ALA PA 189 -32.13 -85.04 47.11
C ALA PA 189 -32.38 -86.26 47.99
N THR PA 190 -33.65 -86.58 48.26
CA THR PA 190 -33.95 -87.77 49.06
C THR PA 190 -33.52 -89.04 48.35
N MET PA 191 -33.79 -89.14 47.06
CA MET PA 191 -33.39 -90.33 46.30
C MET PA 191 -31.87 -90.46 46.25
N THR PA 192 -31.14 -89.34 46.22
CA THR PA 192 -29.69 -89.40 46.23
C THR PA 192 -29.16 -89.97 47.54
N ILE PA 193 -29.77 -89.59 48.66
CA ILE PA 193 -29.33 -90.09 49.96
C ILE PA 193 -29.60 -91.58 50.09
N ASP PA 194 -30.68 -92.08 49.50
CA ASP PA 194 -30.92 -93.52 49.50
C ASP PA 194 -29.81 -94.26 48.75
N LEU PA 195 -29.33 -93.70 47.64
CA LEU PA 195 -28.29 -94.36 46.87
C LEU PA 195 -26.96 -94.40 47.62
N MET PA 196 -26.67 -93.36 48.41
CA MET PA 196 -25.43 -93.36 49.20
C MET PA 196 -25.49 -94.42 50.31
N ASN PA 197 -26.63 -94.57 50.97
CA ASN PA 197 -26.77 -95.65 51.96
C ASN PA 197 -26.64 -97.02 51.30
N ASN PA 198 -27.23 -97.18 50.12
CA ASN PA 198 -27.17 -98.46 49.41
C ASN PA 198 -25.74 -98.82 49.04
N ALA PA 199 -24.91 -97.82 48.70
CA ALA PA 199 -23.51 -98.09 48.40
C ALA PA 199 -22.75 -98.61 49.61
N ILE PA 200 -23.02 -98.06 50.80
CA ILE PA 200 -22.37 -98.52 52.01
C ILE PA 200 -22.72 -99.99 52.27
N ILE PA 201 -24.00 -100.32 52.13
CA ILE PA 201 -24.46 -101.67 52.46
C ILE PA 201 -23.91 -102.71 51.50
N ASP PA 202 -23.77 -102.37 50.23
CA ASP PA 202 -23.19 -103.31 49.26
C ASP PA 202 -21.74 -103.64 49.58
N ASN PA 203 -21.03 -102.75 50.28
CA ASN PA 203 -19.70 -103.05 50.77
C ASN PA 203 -19.75 -104.02 51.95
N TYR PA 204 -20.80 -103.92 52.78
CA TYR PA 204 -20.93 -104.82 53.91
C TYR PA 204 -21.38 -106.21 53.49
N LEU PA 205 -21.95 -106.36 52.30
CA LEU PA 205 -22.35 -107.67 51.81
C LEU PA 205 -21.24 -108.39 51.04
N GLU PA 206 -20.29 -107.66 50.48
CA GLU PA 206 -19.19 -108.23 49.72
C GLU PA 206 -17.97 -108.51 50.58
N ILE PA 207 -17.65 -107.60 51.50
CA ILE PA 207 -16.64 -107.78 52.52
C ILE PA 207 -17.41 -107.68 53.82
N GLY PA 208 -16.74 -107.76 54.96
CA GLY PA 208 -17.51 -107.50 56.16
C GLY PA 208 -18.27 -108.72 56.63
N ARG PA 209 -19.55 -108.80 56.24
CA ARG PA 209 -20.46 -109.86 56.67
C ARG PA 209 -19.80 -111.24 56.70
N GLN PA 210 -19.03 -111.57 55.68
CA GLN PA 210 -18.35 -112.87 55.64
C GLN PA 210 -17.11 -112.91 56.52
N ASN PA 211 -16.76 -111.82 57.20
CA ASN PA 211 -15.62 -111.79 58.10
C ASN PA 211 -16.01 -111.44 59.53
N GLY PA 212 -17.26 -111.68 59.90
CA GLY PA 212 -17.67 -111.63 61.29
C GLY PA 212 -18.27 -110.35 61.81
N VAL PA 213 -18.54 -109.36 60.95
CA VAL PA 213 -19.19 -108.14 61.41
C VAL PA 213 -20.69 -108.35 61.38
N LEU PA 214 -21.37 -107.80 62.37
CA LEU PA 214 -22.81 -107.96 62.49
C LEU PA 214 -23.52 -106.76 61.88
N GLU PA 215 -24.83 -106.93 61.65
CA GLU PA 215 -25.63 -105.81 61.17
C GLU PA 215 -26.05 -104.95 62.36
N SER PA 216 -25.09 -104.64 63.23
CA SER PA 216 -25.26 -103.65 64.29
C SER PA 216 -23.98 -102.85 64.49
N ASP PA 217 -22.98 -103.03 63.63
CA ASP PA 217 -21.73 -102.28 63.70
C ASP PA 217 -21.37 -101.66 62.35
N ILE PA 218 -22.38 -101.36 61.52
CA ILE PA 218 -22.12 -100.82 60.18
C ILE PA 218 -21.25 -99.57 60.26
N GLY PA 219 -21.75 -98.53 60.92
CA GLY PA 219 -20.89 -97.42 61.32
C GLY PA 219 -20.97 -96.16 60.49
N VAL PA 220 -21.64 -96.16 59.34
CA VAL PA 220 -21.84 -94.95 58.54
C VAL PA 220 -23.27 -94.95 58.00
N LYS PA 221 -24.03 -93.91 58.33
CA LYS PA 221 -25.38 -93.78 57.81
C LYS PA 221 -25.73 -92.31 57.59
N PHE PA 222 -26.48 -92.02 56.54
CA PHE PA 222 -26.97 -90.68 56.23
C PHE PA 222 -28.44 -90.58 56.58
N ASP PA 223 -28.79 -89.63 57.43
CA ASP PA 223 -30.15 -89.53 57.97
C ASP PA 223 -30.68 -88.11 57.81
N THR PA 224 -31.91 -87.89 58.29
CA THR PA 224 -32.53 -86.58 58.26
C THR PA 224 -33.20 -86.17 59.58
N ARG PA 225 -33.17 -87.02 60.60
CA ARG PA 225 -33.99 -86.81 61.79
C ARG PA 225 -33.27 -85.98 62.84
N ASN PA 226 -34.05 -85.40 63.74
CA ASN PA 226 -33.55 -84.71 64.92
C ASN PA 226 -33.67 -85.67 66.10
N PHE PA 227 -32.61 -86.41 66.36
CA PHE PA 227 -32.60 -87.26 67.55
C PHE PA 227 -32.62 -86.38 68.78
N ARG PA 228 -33.07 -86.94 69.90
CA ARG PA 228 -33.26 -86.28 71.19
C ARG PA 228 -34.38 -85.25 71.19
N LEU PA 229 -35.33 -85.32 70.25
CA LEU PA 229 -36.45 -84.39 70.27
C LEU PA 229 -37.32 -84.60 71.51
N GLY PA 230 -37.74 -85.83 71.77
CA GLY PA 230 -38.61 -86.10 72.91
C GLY PA 230 -37.88 -86.38 74.20
N TRP PA 231 -36.69 -85.80 74.36
CA TRP PA 231 -35.84 -86.04 75.50
C TRP PA 231 -36.44 -85.44 76.77
N ASP PA 232 -36.19 -86.11 77.90
CA ASP PA 232 -36.72 -85.68 79.19
C ASP PA 232 -35.59 -85.28 80.11
N PRO PA 233 -35.66 -84.11 80.74
CA PRO PA 233 -34.51 -83.62 81.51
C PRO PA 233 -34.25 -84.39 82.80
N GLU PA 234 -35.22 -85.17 83.29
CA GLU PA 234 -35.03 -85.93 84.53
C GLU PA 234 -34.53 -87.34 84.24
N THR PA 235 -35.28 -88.11 83.46
CA THR PA 235 -34.88 -89.47 83.13
C THR PA 235 -33.77 -89.53 82.09
N LYS PA 236 -33.58 -88.46 81.32
CA LYS PA 236 -32.53 -88.39 80.30
C LYS PA 236 -32.65 -89.52 79.28
N LEU PA 237 -33.87 -89.85 78.89
CA LEU PA 237 -34.13 -90.84 77.87
C LEU PA 237 -35.26 -90.36 76.98
N ILE PA 238 -35.37 -90.94 75.79
CA ILE PA 238 -36.43 -90.59 74.85
C ILE PA 238 -37.70 -91.30 75.33
N MET PA 239 -38.57 -90.55 76.01
CA MET PA 239 -39.73 -91.17 76.66
C MET PA 239 -40.67 -91.92 75.72
N PRO PA 240 -40.99 -91.43 74.51
CA PRO PA 240 -41.93 -92.18 73.65
C PRO PA 240 -41.45 -93.58 73.27
N GLY PA 241 -40.15 -93.86 73.36
CA GLY PA 241 -39.63 -95.13 72.94
C GLY PA 241 -39.27 -95.23 71.47
N VAL PA 242 -39.60 -94.23 70.67
CA VAL PA 242 -39.19 -94.15 69.27
C VAL PA 242 -38.77 -92.71 68.98
N TYR PA 243 -37.72 -92.56 68.18
CA TYR PA 243 -37.29 -91.24 67.76
C TYR PA 243 -38.34 -90.60 66.85
N THR PA 244 -38.47 -89.29 66.95
CA THR PA 244 -39.47 -88.57 66.14
C THR PA 244 -39.17 -88.75 64.66
N TYR PA 245 -40.20 -89.14 63.90
CA TYR PA 245 -40.03 -89.52 62.50
C TYR PA 245 -40.35 -88.34 61.57
N GLU PA 246 -39.61 -87.23 61.74
CA GLU PA 246 -39.76 -86.03 60.94
C GLU PA 246 -38.42 -85.58 60.39
N ALA PA 247 -38.44 -85.00 59.20
CA ALA PA 247 -37.23 -84.57 58.53
C ALA PA 247 -36.90 -83.13 58.89
N PHE PA 248 -35.65 -82.88 59.26
CA PHE PA 248 -35.17 -81.56 59.65
C PHE PA 248 -34.08 -81.03 58.73
N HIS PA 249 -33.02 -81.81 58.51
CA HIS PA 249 -31.84 -81.43 57.74
C HIS PA 249 -30.98 -82.67 57.56
N PRO PA 250 -30.36 -82.88 56.41
CA PRO PA 250 -29.51 -84.06 56.23
C PRO PA 250 -28.36 -84.12 57.24
N ASP PA 251 -28.02 -85.34 57.65
CA ASP PA 251 -27.17 -85.57 58.81
C ASP PA 251 -26.28 -86.78 58.56
N ILE PA 252 -25.18 -86.86 59.32
CA ILE PA 252 -24.22 -87.94 59.25
C ILE PA 252 -24.13 -88.60 60.62
N VAL PA 253 -24.27 -89.92 60.67
CA VAL PA 253 -24.23 -90.69 61.92
C VAL PA 253 -23.05 -91.65 61.87
N LEU PA 254 -22.24 -91.66 62.93
CA LEU PA 254 -20.98 -92.40 62.96
C LEU PA 254 -20.85 -93.25 64.23
N LEU PA 255 -20.12 -94.37 64.09
CA LEU PA 255 -19.64 -95.25 65.14
C LEU PA 255 -18.14 -95.05 65.34
N PRO PA 256 -17.59 -95.45 66.50
CA PRO PA 256 -16.15 -95.22 66.73
C PRO PA 256 -15.29 -95.90 65.68
N GLY PA 257 -14.23 -95.21 65.27
CA GLY PA 257 -13.31 -95.71 64.27
C GLY PA 257 -13.67 -95.41 62.83
N CYS PA 258 -14.80 -94.76 62.56
CA CYS PA 258 -15.27 -94.52 61.21
C CYS PA 258 -15.16 -93.04 60.86
N GLY PA 259 -15.49 -92.71 59.60
CA GLY PA 259 -15.45 -91.35 59.13
C GLY PA 259 -15.74 -91.27 57.65
N VAL PA 260 -15.95 -90.04 57.18
CA VAL PA 260 -16.19 -89.75 55.78
C VAL PA 260 -15.24 -88.64 55.32
N ASP PA 261 -14.93 -88.63 54.03
CA ASP PA 261 -13.99 -87.67 53.46
C ASP PA 261 -14.53 -87.14 52.14
N PHE PA 262 -14.71 -85.82 52.06
CA PHE PA 262 -15.30 -85.18 50.88
C PHE PA 262 -14.29 -84.34 50.10
N THR PA 263 -13.01 -84.69 50.18
CA THR PA 263 -11.98 -83.87 49.52
C THR PA 263 -12.17 -83.86 48.01
N GLU PA 264 -12.57 -84.99 47.43
CA GLU PA 264 -12.70 -85.09 45.98
C GLU PA 264 -14.15 -85.37 45.59
N SER PA 265 -15.09 -84.62 46.17
CA SER PA 265 -16.51 -84.88 45.97
C SER PA 265 -17.27 -83.58 46.12
N ARG PA 266 -18.38 -83.48 45.38
CA ARG PA 266 -19.27 -82.32 45.50
C ARG PA 266 -20.58 -82.67 46.19
N LEU PA 267 -20.68 -83.85 46.80
CA LEU PA 267 -21.89 -84.26 47.48
C LEU PA 267 -22.09 -83.60 48.84
N SER PA 268 -21.07 -82.93 49.38
CA SER PA 268 -21.27 -82.16 50.60
C SER PA 268 -22.17 -80.95 50.39
N ASN PA 269 -22.21 -80.39 49.18
CA ASN PA 269 -23.13 -79.29 48.89
C ASN PA 269 -24.58 -79.77 48.90
N LEU PA 270 -24.85 -80.97 48.42
CA LEU PA 270 -26.20 -81.52 48.47
C LEU PA 270 -26.63 -81.82 49.90
N LEU PA 271 -25.69 -82.13 50.79
CA LEU PA 271 -26.03 -82.40 52.19
C LEU PA 271 -26.21 -81.13 53.00
N GLY PA 272 -25.77 -79.97 52.49
CA GLY PA 272 -25.87 -78.75 53.26
C GLY PA 272 -24.89 -78.63 54.41
N ILE PA 273 -23.69 -79.19 54.25
CA ILE PA 273 -22.62 -79.09 55.23
C ILE PA 273 -21.39 -78.53 54.53
N ARG PA 274 -20.90 -77.38 55.00
CA ARG PA 274 -19.80 -76.67 54.37
C ARG PA 274 -18.79 -76.22 55.42
N LYS PA 275 -17.59 -75.85 54.94
CA LYS PA 275 -16.52 -75.37 55.80
C LYS PA 275 -16.53 -73.86 55.93
N ARG PA 276 -16.24 -73.37 57.12
CA ARG PA 276 -16.15 -71.92 57.34
C ARG PA 276 -14.91 -71.31 56.70
N HIS PA 277 -13.92 -72.12 56.35
CA HIS PA 277 -12.72 -71.68 55.62
C HIS PA 277 -12.68 -72.48 54.32
N PRO PA 278 -13.46 -72.07 53.31
CA PRO PA 278 -13.65 -72.93 52.14
C PRO PA 278 -12.44 -73.01 51.21
N PHE PA 279 -11.43 -72.18 51.40
CA PHE PA 279 -10.25 -72.24 50.54
C PHE PA 279 -9.13 -73.10 51.11
N GLN PA 280 -9.33 -73.73 52.26
CA GLN PA 280 -8.34 -74.65 52.82
C GLN PA 280 -8.64 -76.07 52.33
N GLU PA 281 -7.64 -76.71 51.72
CA GLU PA 281 -7.86 -78.01 51.12
C GLU PA 281 -8.11 -79.09 52.18
N GLY PA 282 -8.97 -80.04 51.84
CA GLY PA 282 -9.27 -81.16 52.72
C GLY PA 282 -10.54 -81.01 53.53
N PHE PA 283 -11.39 -82.04 53.49
CA PHE PA 283 -12.67 -82.02 54.22
C PHE PA 283 -12.93 -83.43 54.74
N LYS PA 284 -12.56 -83.67 55.99
CA LYS PA 284 -12.75 -84.97 56.63
C LYS PA 284 -13.49 -84.79 57.95
N ILE PA 285 -14.44 -85.68 58.23
CA ILE PA 285 -15.19 -85.68 59.48
C ILE PA 285 -15.09 -87.06 60.10
N MET PA 286 -14.45 -87.16 61.26
CA MET PA 286 -14.23 -88.43 61.94
C MET PA 286 -15.03 -88.48 63.24
N TYR PA 287 -15.07 -89.67 63.83
CA TYR PA 287 -15.84 -89.87 65.06
C TYR PA 287 -15.34 -89.00 66.19
N GLU PA 288 -14.04 -88.72 66.24
CA GLU PA 288 -13.48 -87.89 67.30
C GLU PA 288 -13.84 -86.42 67.17
N ASP PA 289 -14.29 -85.98 66.00
CA ASP PA 289 -14.66 -84.58 65.80
C ASP PA 289 -16.10 -84.28 66.20
N LEU PA 290 -16.91 -85.28 66.48
CA LEU PA 290 -18.32 -85.10 66.80
C LEU PA 290 -18.60 -85.15 68.30
N GLU PA 291 -17.68 -84.63 69.12
CA GLU PA 291 -17.85 -84.69 70.56
C GLU PA 291 -19.11 -83.93 71.00
N GLY PA 292 -19.83 -84.51 71.95
CA GLY PA 292 -21.06 -83.94 72.44
C GLY PA 292 -22.30 -84.31 71.65
N GLY PA 293 -22.16 -85.13 70.62
CA GLY PA 293 -23.28 -85.44 69.77
C GLY PA 293 -23.80 -86.86 69.89
N ASN PA 294 -23.57 -87.51 71.03
CA ASN PA 294 -24.05 -88.87 71.22
C ASN PA 294 -25.57 -88.90 71.22
N ILE PA 295 -26.12 -89.92 70.57
CA ILE PA 295 -27.57 -90.08 70.45
C ILE PA 295 -28.12 -90.70 71.72
N PRO PA 296 -29.06 -90.06 72.40
CA PRO PA 296 -29.59 -90.62 73.66
C PRO PA 296 -30.29 -91.94 73.42
N ALA PA 297 -30.15 -92.86 74.38
CA ALA PA 297 -30.70 -94.19 74.26
C ALA PA 297 -32.21 -94.18 74.50
N LEU PA 298 -32.87 -95.19 73.93
CA LEU PA 298 -34.30 -95.47 74.15
C LEU PA 298 -35.17 -94.23 74.16
N ILE PA 364 -37.88 -97.86 84.29
CA ILE PA 364 -36.95 -96.79 83.93
C ILE PA 364 -35.59 -97.38 83.57
N GLN PA 365 -35.52 -98.07 82.43
CA GLN PA 365 -34.27 -98.61 81.95
C GLN PA 365 -34.22 -98.49 80.42
N PRO PA 366 -33.05 -98.26 79.84
CA PRO PA 366 -32.96 -98.16 78.38
C PRO PA 366 -33.18 -99.50 77.71
N LEU PA 367 -33.77 -99.47 76.52
CA LEU PA 367 -33.85 -100.66 75.68
C LEU PA 367 -32.47 -100.98 75.14
N GLU PA 368 -32.07 -102.25 75.24
CA GLU PA 368 -30.73 -102.66 74.86
C GLU PA 368 -30.65 -103.41 73.54
N LYS PA 369 -31.79 -103.79 72.95
CA LYS PA 369 -31.76 -104.56 71.72
C LYS PA 369 -33.05 -104.31 70.95
N ASP PA 370 -33.03 -104.68 69.67
CA ASP PA 370 -34.15 -104.44 68.77
C ASP PA 370 -35.08 -105.66 68.76
N SER PA 371 -36.09 -105.62 67.89
CA SER PA 371 -37.08 -106.70 67.84
C SER PA 371 -36.45 -108.01 67.41
N LYS PA 372 -35.55 -107.98 66.42
CA LYS PA 372 -34.91 -109.18 65.90
C LYS PA 372 -33.55 -109.42 66.54
N SER PA 373 -33.36 -108.99 67.79
CA SER PA 373 -32.13 -109.19 68.54
C SER PA 373 -30.93 -108.56 67.82
N ARG PA 374 -30.99 -107.24 67.68
CA ARG PA 374 -29.86 -106.45 67.21
C ARG PA 374 -29.46 -105.46 68.31
N SER PA 375 -28.17 -105.40 68.60
CA SER PA 375 -27.68 -104.52 69.64
C SER PA 375 -27.85 -103.06 69.24
N TYR PA 376 -28.34 -102.25 70.17
CA TYR PA 376 -28.37 -100.80 70.00
C TYR PA 376 -27.07 -100.13 70.44
N ASN PA 377 -26.08 -100.91 70.89
CA ASN PA 377 -24.77 -100.38 71.30
C ASN PA 377 -24.90 -99.41 72.48
N VAL PA 378 -25.74 -99.74 73.45
CA VAL PA 378 -25.85 -98.92 74.64
C VAL PA 378 -24.58 -99.02 75.46
N LEU PA 379 -24.22 -97.92 76.12
CA LEU PA 379 -22.97 -97.80 76.86
C LEU PA 379 -23.23 -97.85 78.36
N GLU PA 380 -22.17 -97.63 79.14
CA GLU PA 380 -22.31 -97.50 80.58
C GLU PA 380 -23.06 -96.21 80.90
N ASP PA 381 -23.59 -96.16 82.12
CA ASP PA 381 -24.45 -95.09 82.65
C ASP PA 381 -25.85 -95.17 82.05
N LYS PA 382 -26.05 -96.05 81.06
CA LYS PA 382 -27.37 -96.44 80.59
C LYS PA 382 -28.24 -95.25 80.19
N ILE PA 383 -27.62 -94.23 79.60
CA ILE PA 383 -28.34 -93.08 79.07
C ILE PA 383 -28.01 -92.82 77.60
N ASN PA 384 -26.75 -92.86 77.23
CA ASN PA 384 -26.33 -92.52 75.89
C ASN PA 384 -25.86 -93.76 75.13
N THR PA 385 -25.83 -93.63 73.81
CA THR PA 385 -25.45 -94.67 72.88
C THR PA 385 -24.16 -94.28 72.17
N ALA PA 386 -23.44 -95.29 71.67
CA ALA PA 386 -22.17 -95.04 70.99
C ALA PA 386 -22.32 -94.25 69.70
N TYR PA 387 -23.50 -94.21 69.10
CA TYR PA 387 -23.69 -93.45 67.86
C TYR PA 387 -23.56 -91.96 68.12
N ARG PA 388 -22.89 -91.27 67.20
CA ARG PA 388 -22.79 -89.82 67.21
C ARG PA 388 -23.30 -89.25 65.89
N SER PA 389 -23.83 -88.02 65.93
CA SER PA 389 -24.36 -87.40 64.73
C SER PA 389 -23.89 -85.94 64.63
N TRP PA 390 -23.68 -85.50 63.38
CA TRP PA 390 -23.21 -84.14 63.14
C TRP PA 390 -24.23 -83.11 63.60
N TYR PA 391 -25.51 -83.35 63.37
CA TYR PA 391 -26.53 -82.35 63.69
C TYR PA 391 -26.65 -82.13 65.19
N LEU PA 392 -26.59 -83.21 65.98
CA LEU PA 392 -26.66 -83.07 67.43
C LEU PA 392 -25.45 -82.31 67.97
N SER PA 393 -24.26 -82.60 67.43
CA SER PA 393 -23.06 -81.90 67.88
C SER PA 393 -23.08 -80.44 67.47
N TYR PA 394 -23.60 -80.13 66.28
CA TYR PA 394 -23.67 -78.74 65.82
C TYR PA 394 -24.61 -77.91 66.68
N ASN PA 395 -25.75 -78.48 67.06
CA ASN PA 395 -26.78 -77.69 67.74
C ASN PA 395 -26.72 -77.78 69.27
N TYR PA 396 -26.24 -78.88 69.84
CA TYR PA 396 -26.25 -79.06 71.29
C TYR PA 396 -24.88 -79.19 71.92
N GLY PA 397 -23.82 -79.37 71.13
CA GLY PA 397 -22.49 -79.51 71.67
C GLY PA 397 -21.89 -78.19 72.10
N ASN PA 398 -20.58 -78.23 72.37
CA ASN PA 398 -19.87 -77.05 72.82
C ASN PA 398 -19.68 -76.07 71.66
N PRO PA 399 -20.14 -74.82 71.78
CA PRO PA 399 -20.05 -73.89 70.65
C PRO PA 399 -18.62 -73.59 70.22
N GLU PA 400 -17.64 -73.63 71.12
CA GLU PA 400 -16.30 -73.17 70.80
C GLU PA 400 -15.29 -74.32 70.68
N LYS PA 401 -15.73 -75.57 70.78
CA LYS PA 401 -14.85 -76.71 70.64
C LYS PA 401 -15.39 -77.81 69.76
N GLY PA 402 -16.69 -77.91 69.55
CA GLY PA 402 -17.27 -78.96 68.74
C GLY PA 402 -17.19 -78.67 67.26
N ILE PA 403 -17.97 -79.43 66.50
CA ILE PA 403 -17.96 -79.32 65.05
C ILE PA 403 -18.48 -77.96 64.57
N ARG PA 404 -19.21 -77.22 65.42
CA ARG PA 404 -19.75 -75.93 65.04
C ARG PA 404 -18.67 -74.85 64.88
N SER PA 405 -17.47 -75.07 65.39
CA SER PA 405 -16.44 -74.05 65.32
C SER PA 405 -15.80 -73.95 63.94
N TRP PA 406 -15.88 -74.99 63.12
CA TRP PA 406 -15.28 -74.93 61.79
C TRP PA 406 -16.16 -75.49 60.67
N THR PA 407 -17.43 -75.80 60.94
CA THR PA 407 -18.37 -76.15 59.87
C THR PA 407 -19.61 -75.25 59.97
N LEU PA 408 -20.38 -75.24 58.89
CA LEU PA 408 -21.52 -74.35 58.76
C LEU PA 408 -22.71 -75.12 58.17
N LEU PA 409 -23.90 -74.84 58.68
CA LEU PA 409 -25.12 -75.48 58.23
C LEU PA 409 -25.81 -74.60 57.19
N THR PA 410 -26.13 -75.17 56.02
CA THR PA 410 -26.71 -74.43 54.91
C THR PA 410 -27.88 -75.22 54.33
N THR PA 411 -28.67 -74.56 53.48
CA THR PA 411 -29.76 -75.23 52.78
C THR PA 411 -29.20 -76.20 51.74
N SER PA 412 -29.89 -77.32 51.56
CA SER PA 412 -29.47 -78.33 50.60
C SER PA 412 -29.57 -77.79 49.17
N ASP PA 413 -28.53 -78.05 48.37
CA ASP PA 413 -28.46 -77.60 46.98
C ASP PA 413 -28.42 -78.82 46.07
N VAL PA 414 -29.53 -79.10 45.41
CA VAL PA 414 -29.67 -80.34 44.63
C VAL PA 414 -28.77 -80.34 43.40
N THR PA 415 -28.49 -79.17 42.82
CA THR PA 415 -27.61 -79.13 41.65
C THR PA 415 -26.17 -79.43 41.99
N CYS PA 416 -25.82 -79.50 43.28
CA CYS PA 416 -24.47 -79.74 43.80
C CYS PA 416 -23.54 -78.55 43.56
N GLY PA 417 -24.08 -77.38 43.24
CA GLY PA 417 -23.27 -76.18 43.11
C GLY PA 417 -22.85 -75.92 41.69
N VAL PA 418 -23.47 -74.97 41.04
CA VAL PA 418 -23.15 -74.64 39.66
C VAL PA 418 -22.09 -73.56 39.65
N GLU PA 419 -21.23 -73.60 38.65
CA GLU PA 419 -20.20 -72.59 38.46
C GLU PA 419 -20.39 -71.93 37.09
N GLN PA 420 -19.44 -71.10 36.70
CA GLN PA 420 -19.56 -70.27 35.51
C GLN PA 420 -19.07 -71.00 34.27
N VAL PA 421 -19.39 -70.43 33.10
CA VAL PA 421 -18.90 -70.87 31.80
C VAL PA 421 -18.33 -69.68 31.05
N TYR PA 422 -17.40 -69.96 30.14
CA TYR PA 422 -16.69 -68.93 29.37
C TYR PA 422 -16.88 -69.16 27.87
N TRP PA 423 -17.06 -68.06 27.13
CA TRP PA 423 -17.16 -68.07 25.67
C TRP PA 423 -15.84 -67.60 25.04
N SER PA 424 -15.46 -68.23 23.92
CA SER PA 424 -14.30 -67.80 23.13
C SER PA 424 -14.64 -67.72 21.65
N LEU PA 425 -14.20 -66.65 21.01
CA LEU PA 425 -14.32 -66.49 19.55
C LEU PA 425 -12.99 -65.98 19.00
N PRO PA 426 -11.97 -66.84 18.94
CA PRO PA 426 -10.60 -66.34 18.67
C PRO PA 426 -10.38 -65.77 17.27
N ASP PA 427 -11.19 -66.13 16.27
CA ASP PA 427 -11.01 -65.60 14.93
C ASP PA 427 -11.84 -64.36 14.63
N MET PA 428 -12.63 -63.88 15.58
CA MET PA 428 -13.49 -62.73 15.33
C MET PA 428 -13.17 -61.53 16.21
N MET PA 429 -12.99 -61.73 17.51
CA MET PA 429 -12.75 -60.65 18.45
C MET PA 429 -11.27 -60.49 18.74
N GLN PA 430 -10.87 -59.27 19.10
CA GLN PA 430 -9.52 -59.04 19.61
C GLN PA 430 -9.40 -59.59 21.04
N ASP PA 431 -8.18 -59.99 21.39
CA ASP PA 431 -7.94 -60.53 22.73
C ASP PA 431 -8.10 -59.44 23.78
N PRO PA 432 -8.86 -59.68 24.85
CA PRO PA 432 -8.93 -58.70 25.95
C PRO PA 432 -7.59 -58.59 26.69
N VAL PA 433 -7.48 -57.51 27.47
CA VAL PA 433 -6.19 -57.09 28.03
C VAL PA 433 -5.61 -58.18 28.95
N THR PA 434 -4.31 -58.42 28.80
CA THR PA 434 -3.41 -59.36 29.48
C THR PA 434 -3.54 -60.81 28.98
N PHE PA 435 -4.48 -61.15 28.10
CA PHE PA 435 -4.53 -62.50 27.53
C PHE PA 435 -3.51 -62.64 26.41
N ARG PA 436 -2.84 -63.80 26.35
CA ARG PA 436 -1.91 -64.12 25.27
C ARG PA 436 -2.62 -64.78 24.10
N SER PA 437 -2.14 -64.49 22.89
CA SER PA 437 -2.61 -65.18 21.71
C SER PA 437 -2.01 -66.59 21.63
N THR PA 438 -2.85 -67.57 21.31
CA THR PA 438 -2.42 -68.96 21.34
C THR PA 438 -3.36 -69.81 20.50
N ARG PA 439 -2.95 -71.05 20.26
CA ARG PA 439 -3.79 -72.04 19.60
C ARG PA 439 -4.08 -73.25 20.49
N GLN PA 440 -3.83 -73.15 21.79
CA GLN PA 440 -4.18 -74.22 22.73
C GLN PA 440 -5.59 -74.00 23.25
N VAL PA 441 -6.43 -75.04 23.16
CA VAL PA 441 -7.86 -74.88 23.45
C VAL PA 441 -8.09 -74.50 24.90
N SER PA 442 -7.37 -75.12 25.82
CA SER PA 442 -7.55 -74.77 27.23
C SER PA 442 -6.98 -73.40 27.60
N ASN PA 443 -6.52 -72.57 26.66
CA ASN PA 443 -6.00 -71.26 27.03
C ASN PA 443 -6.47 -70.17 26.06
N TYR PA 444 -7.60 -70.37 25.38
CA TYR PA 444 -8.15 -69.33 24.52
C TYR PA 444 -8.53 -68.10 25.33
N PRO PA 445 -8.38 -66.89 24.77
CA PRO PA 445 -8.88 -65.69 25.45
C PRO PA 445 -10.39 -65.72 25.61
N VAL PA 446 -10.88 -65.13 26.70
CA VAL PA 446 -12.27 -65.22 27.12
C VAL PA 446 -13.01 -63.94 26.74
N VAL PA 447 -14.14 -64.10 26.06
CA VAL PA 447 -14.90 -62.97 25.55
C VAL PA 447 -16.21 -62.73 26.32
N GLY PA 448 -16.65 -63.65 27.15
CA GLY PA 448 -17.83 -63.46 27.97
C GLY PA 448 -17.99 -64.56 28.99
N ALA PA 449 -18.81 -64.30 30.00
CA ALA PA 449 -19.02 -65.24 31.09
C ALA PA 449 -20.46 -65.19 31.59
N GLU PA 450 -20.95 -66.30 32.10
CA GLU PA 450 -22.29 -66.43 32.67
C GLU PA 450 -22.34 -67.72 33.48
N LEU PA 451 -23.46 -67.95 34.14
CA LEU PA 451 -23.66 -69.20 34.89
C LEU PA 451 -24.05 -70.33 33.96
N MET PA 452 -23.53 -71.52 34.24
CA MET PA 452 -24.04 -72.73 33.60
C MET PA 452 -25.53 -72.86 33.92
N PRO PA 453 -26.40 -72.97 32.91
CA PRO PA 453 -27.85 -72.72 33.13
C PRO PA 453 -28.62 -73.92 33.69
N VAL PA 454 -28.35 -74.24 34.94
CA VAL PA 454 -29.03 -75.33 35.66
C VAL PA 454 -29.51 -74.78 36.99
N PHE PA 455 -30.78 -75.02 37.31
CA PHE PA 455 -31.42 -74.40 38.46
C PHE PA 455 -32.23 -75.41 39.27
N SER PA 456 -32.45 -75.07 40.52
CA SER PA 456 -33.25 -75.87 41.44
C SER PA 456 -34.71 -75.40 41.44
N LYS PA 457 -35.63 -76.34 41.56
CA LYS PA 457 -37.06 -76.05 41.67
C LYS PA 457 -37.67 -76.81 42.84
N SER PA 458 -38.60 -76.17 43.55
CA SER PA 458 -39.19 -76.71 44.76
C SER PA 458 -40.61 -77.20 44.54
N PHE PA 459 -40.98 -78.27 45.24
CA PHE PA 459 -42.32 -78.81 45.24
C PHE PA 459 -42.73 -79.15 46.67
N TYR PA 460 -44.03 -79.23 46.89
CA TYR PA 460 -44.59 -79.53 48.21
C TYR PA 460 -45.21 -80.92 48.19
N ASN PA 461 -44.85 -81.75 49.17
CA ASN PA 461 -45.37 -83.11 49.27
C ASN PA 461 -45.72 -83.48 50.71
N HIS PA 478 -38.26 -104.25 49.56
CA HIS PA 478 -37.72 -102.91 49.70
C HIS PA 478 -36.21 -102.93 49.87
N VAL PA 479 -35.50 -102.68 48.77
CA VAL PA 479 -34.04 -102.61 48.83
C VAL PA 479 -33.56 -101.39 49.61
N PHE PA 480 -34.39 -100.36 49.73
CA PHE PA 480 -34.03 -99.14 50.46
C PHE PA 480 -34.46 -99.18 51.92
N ASN PA 481 -34.96 -100.32 52.40
CA ASN PA 481 -35.29 -100.48 53.82
C ASN PA 481 -35.02 -101.95 54.17
N ARG PA 482 -33.80 -102.22 54.62
CA ARG PA 482 -33.35 -103.57 54.93
C ARG PA 482 -33.38 -103.89 56.42
N PHE PA 483 -33.58 -102.88 57.26
CA PHE PA 483 -33.68 -103.07 58.71
C PHE PA 483 -34.91 -102.32 59.20
N PRO PA 484 -36.11 -102.79 58.84
CA PRO PA 484 -37.32 -102.05 59.22
C PRO PA 484 -37.50 -101.91 60.72
N GLU PA 485 -37.04 -102.89 61.50
CA GLU PA 485 -37.27 -102.86 62.94
C GLU PA 485 -36.34 -101.88 63.66
N ASN PA 486 -35.11 -101.72 63.18
CA ASN PA 486 -34.09 -101.01 63.93
C ASN PA 486 -34.35 -99.50 63.88
N GLN PA 487 -34.47 -98.87 65.05
CA GLN PA 487 -34.78 -97.45 65.10
C GLN PA 487 -33.65 -96.57 64.57
N ILE PA 488 -32.42 -97.07 64.57
CA ILE PA 488 -31.30 -96.30 64.05
C ILE PA 488 -31.13 -96.50 62.55
N LEU PA 489 -31.37 -97.72 62.07
CA LEU PA 489 -31.15 -98.08 60.67
C LEU PA 489 -32.42 -98.03 59.85
N ILE PA 490 -33.51 -97.48 60.37
CA ILE PA 490 -34.72 -97.32 59.59
C ILE PA 490 -34.48 -96.33 58.45
N ARG PA 491 -35.28 -96.47 57.39
CA ARG PA 491 -35.18 -95.58 56.24
C ARG PA 491 -35.57 -94.16 56.64
N PRO PA 492 -34.78 -93.15 56.29
CA PRO PA 492 -35.07 -91.80 56.80
C PRO PA 492 -36.38 -91.29 56.27
N PRO PA 493 -37.09 -90.48 57.04
CA PRO PA 493 -38.30 -89.83 56.53
C PRO PA 493 -37.98 -88.81 55.45
N ALA PA 494 -38.93 -88.64 54.52
CA ALA PA 494 -38.80 -87.72 53.40
C ALA PA 494 -39.21 -86.31 53.80
N PRO PA 495 -38.50 -85.29 53.32
CA PRO PA 495 -38.89 -83.91 53.65
C PRO PA 495 -40.21 -83.53 53.02
N THR PA 496 -40.89 -82.59 53.65
CA THR PA 496 -42.11 -82.02 53.08
C THR PA 496 -41.80 -81.07 51.91
N ILE PA 497 -40.54 -80.68 51.71
CA ILE PA 497 -40.12 -79.87 50.57
C ILE PA 497 -39.12 -80.68 49.75
N THR PA 498 -39.44 -80.93 48.49
CA THR PA 498 -38.58 -81.67 47.57
C THR PA 498 -38.03 -80.73 46.50
N THR PA 499 -36.74 -80.88 46.19
CA THR PA 499 -36.10 -80.05 45.16
C THR PA 499 -35.49 -80.94 44.08
N VAL PA 500 -35.63 -80.51 42.82
CA VAL PA 500 -35.07 -81.18 41.66
C VAL PA 500 -34.41 -80.13 40.76
N SER PA 501 -33.44 -80.57 39.96
CA SER PA 501 -32.68 -79.67 39.11
C SER PA 501 -33.20 -79.68 37.68
N GLU PA 502 -33.17 -78.51 37.04
CA GLU PA 502 -33.73 -78.30 35.71
C GLU PA 502 -32.75 -77.55 34.81
N ASN PA 503 -32.87 -77.81 33.51
CA ASN PA 503 -32.12 -77.09 32.49
C ASN PA 503 -33.04 -76.06 31.83
N VAL PA 504 -32.62 -74.79 31.83
CA VAL PA 504 -33.43 -73.68 31.31
C VAL PA 504 -32.62 -72.96 30.26
N PRO PA 505 -33.15 -72.75 29.05
CA PRO PA 505 -32.38 -72.05 28.01
C PRO PA 505 -32.02 -70.63 28.43
N ALA PA 506 -30.79 -70.23 28.09
CA ALA PA 506 -30.21 -68.97 28.55
C ALA PA 506 -29.99 -68.03 27.37
N LEU PA 507 -30.51 -66.81 27.49
CA LEU PA 507 -30.41 -65.77 26.48
C LEU PA 507 -29.66 -64.60 27.09
N THR PA 508 -28.50 -64.27 26.54
CA THR PA 508 -27.56 -63.37 27.22
C THR PA 508 -27.06 -62.29 26.27
N ASP PA 509 -27.01 -61.06 26.77
CA ASP PA 509 -26.39 -59.94 26.09
C ASP PA 509 -25.04 -59.65 26.74
N HIS PA 510 -23.96 -59.78 25.98
CA HIS PA 510 -22.61 -59.62 26.50
C HIS PA 510 -22.00 -58.24 26.24
N GLY PA 511 -22.74 -57.31 25.66
CA GLY PA 511 -22.21 -56.00 25.37
C GLY PA 511 -21.36 -55.94 24.10
N THR PA 512 -20.63 -54.84 23.95
CA THR PA 512 -19.83 -54.56 22.76
C THR PA 512 -18.35 -54.84 23.01
N LEU PA 513 -17.71 -55.53 22.08
CA LEU PA 513 -16.29 -55.85 22.13
C LEU PA 513 -15.58 -55.44 20.84
N PRO PA 514 -14.31 -55.07 20.92
CA PRO PA 514 -13.57 -54.69 19.70
C PRO PA 514 -13.42 -55.84 18.71
N LEU PA 515 -13.57 -55.52 17.44
CA LEU PA 515 -13.67 -56.48 16.35
C LEU PA 515 -12.44 -56.38 15.45
N ARG PA 516 -12.00 -57.52 14.91
CA ARG PA 516 -10.91 -57.51 13.94
C ARG PA 516 -11.37 -56.92 12.61
N SER PA 517 -10.44 -56.23 11.93
CA SER PA 517 -10.79 -55.54 10.68
C SER PA 517 -11.01 -56.49 9.51
N SER PA 518 -10.39 -57.67 9.53
CA SER PA 518 -10.58 -58.66 8.48
C SER PA 518 -11.02 -59.97 9.10
N ILE PA 519 -12.14 -60.50 8.61
CA ILE PA 519 -12.78 -61.68 9.18
C ILE PA 519 -12.76 -62.79 8.14
N ARG PA 520 -12.18 -63.93 8.49
CA ARG PA 520 -12.15 -65.08 7.61
C ARG PA 520 -13.50 -65.78 7.56
N GLY PA 521 -13.70 -66.55 6.49
CA GLY PA 521 -14.98 -67.20 6.25
C GLY PA 521 -15.31 -68.34 7.18
N VAL PA 522 -14.31 -68.97 7.79
CA VAL PA 522 -14.52 -70.08 8.72
C VAL PA 522 -14.11 -69.63 10.12
N GLN PA 523 -14.98 -69.87 11.11
CA GLN PA 523 -14.81 -69.35 12.46
C GLN PA 523 -14.92 -70.48 13.47
N ARG PA 524 -14.17 -70.35 14.57
CA ARG PA 524 -14.18 -71.30 15.67
C ARG PA 524 -15.02 -70.78 16.84
N VAL PA 525 -15.83 -71.65 17.43
CA VAL PA 525 -16.68 -71.32 18.58
C VAL PA 525 -16.38 -72.32 19.70
N THR PA 526 -16.12 -71.82 20.90
CA THR PA 526 -15.73 -72.67 22.03
C THR PA 526 -16.42 -72.24 23.32
N VAL PA 527 -16.85 -73.22 24.11
CA VAL PA 527 -17.43 -73.03 25.44
C VAL PA 527 -16.71 -73.92 26.43
N THR PA 528 -16.16 -73.34 27.50
CA THR PA 528 -15.41 -74.08 28.52
C THR PA 528 -15.85 -73.71 29.93
N ASP PA 529 -15.55 -74.60 30.87
CA ASP PA 529 -15.93 -74.43 32.27
C ASP PA 529 -14.83 -73.72 33.06
N ALA PA 530 -14.97 -73.71 34.39
CA ALA PA 530 -14.04 -72.96 35.24
C ALA PA 530 -12.63 -73.53 35.21
N ARG PA 531 -12.48 -74.84 35.03
CA ARG PA 531 -11.18 -75.47 34.89
C ARG PA 531 -10.70 -75.51 33.45
N ARG PA 532 -11.42 -74.83 32.55
CA ARG PA 532 -11.06 -74.72 31.12
C ARG PA 532 -11.12 -76.08 30.41
N ARG PA 533 -12.11 -76.89 30.75
CA ARG PA 533 -12.48 -78.07 29.97
C ARG PA 533 -13.74 -77.76 29.17
N THR PA 534 -13.87 -78.39 28.00
CA THR PA 534 -15.12 -78.29 27.27
C THR PA 534 -16.20 -79.09 28.00
N CYS PA 535 -17.46 -78.69 27.79
CA CYS PA 535 -18.58 -79.31 28.48
C CYS PA 535 -19.35 -80.22 27.54
N PRO PA 536 -19.39 -81.53 27.77
CA PRO PA 536 -20.12 -82.44 26.88
C PRO PA 536 -21.64 -82.33 26.97
N TYR PA 537 -22.20 -81.53 27.88
CA TYR PA 537 -23.65 -81.45 28.01
C TYR PA 537 -24.26 -80.24 27.32
N VAL PA 538 -23.48 -79.47 26.57
CA VAL PA 538 -24.03 -78.46 25.68
C VAL PA 538 -24.51 -79.14 24.41
N TYR PA 539 -25.76 -78.87 24.00
CA TYR PA 539 -26.22 -79.40 22.72
C TYR PA 539 -26.84 -78.34 21.80
N LYS PA 540 -26.79 -77.07 22.17
CA LYS PA 540 -27.23 -75.99 21.29
C LYS PA 540 -26.53 -74.71 21.69
N ALA PA 541 -25.86 -74.07 20.75
CA ALA PA 541 -25.15 -72.83 20.99
C ALA PA 541 -25.16 -71.98 19.73
N LEU PA 542 -25.65 -70.75 19.83
CA LEU PA 542 -25.71 -69.82 18.72
C LEU PA 542 -25.16 -68.46 19.12
N GLY PA 543 -24.60 -67.75 18.16
CA GLY PA 543 -24.15 -66.39 18.37
C GLY PA 543 -24.60 -65.47 17.26
N ILE PA 544 -24.88 -64.22 17.64
CA ILE PA 544 -25.28 -63.17 16.72
C ILE PA 544 -24.47 -61.92 17.05
N VAL PA 545 -23.81 -61.36 16.04
CA VAL PA 545 -22.93 -60.21 16.22
C VAL PA 545 -23.43 -59.06 15.34
N ALA PA 546 -23.45 -57.86 15.91
CA ALA PA 546 -23.87 -56.65 15.19
C ALA PA 546 -22.75 -55.61 15.16
N PRO PA 547 -21.99 -55.50 14.08
CA PRO PA 547 -20.88 -54.55 14.04
C PRO PA 547 -21.34 -53.10 13.97
N ARG PA 548 -20.50 -52.20 14.48
CA ARG PA 548 -20.68 -50.75 14.35
C ARG PA 548 -19.37 -50.05 14.60
N VAL PA 549 -19.30 -48.78 14.18
CA VAL PA 549 -18.08 -47.98 14.29
C VAL PA 549 -17.92 -47.47 15.71
N LEU PA 550 -16.70 -47.60 16.26
CA LEU PA 550 -16.37 -47.10 17.59
C LEU PA 550 -15.60 -45.79 17.56
N SER PA 551 -14.53 -45.69 16.76
CA SER PA 551 -13.75 -44.46 16.68
C SER PA 551 -13.04 -44.41 15.35
N SER PA 552 -12.43 -43.25 15.08
CA SER PA 552 -11.73 -43.00 13.83
C SER PA 552 -10.29 -43.48 13.90
N ARG PA 553 -9.76 -43.84 12.72
CA ARG PA 553 -8.36 -44.22 12.52
C ARG PA 553 -8.00 -45.53 13.20
N ARG QA 48 37.44 6.00 -27.29
CA ARG QA 48 38.78 5.81 -26.76
C ARG QA 48 39.74 5.26 -27.83
N ASN QA 49 39.63 5.78 -29.05
CA ASN QA 49 40.45 5.28 -30.15
C ASN QA 49 41.00 6.38 -31.05
N SER QA 50 41.11 7.61 -30.56
CA SER QA 50 41.56 8.72 -31.38
C SER QA 50 43.10 8.82 -31.38
N ILE QA 51 43.62 9.44 -32.43
CA ILE QA 51 45.06 9.64 -32.62
C ILE QA 51 45.29 11.12 -32.95
N ARG QA 52 46.14 11.78 -32.16
CA ARG QA 52 46.27 13.23 -32.21
C ARG QA 52 47.71 13.67 -32.41
N TYR QA 53 47.89 14.77 -33.14
CA TYR QA 53 49.18 15.36 -33.43
C TYR QA 53 49.26 16.73 -32.76
N SER QA 54 50.37 16.98 -32.05
CA SER QA 54 50.43 18.10 -31.13
C SER QA 54 50.35 19.46 -31.81
N GLU QA 55 50.57 19.54 -33.12
CA GLU QA 55 50.49 20.83 -33.81
C GLU QA 55 49.10 21.17 -34.33
N LEU QA 56 48.09 20.32 -34.09
CA LEU QA 56 46.74 20.54 -34.59
C LEU QA 56 45.76 20.62 -33.43
N SER QA 57 44.75 21.49 -33.57
CA SER QA 57 43.73 21.68 -32.54
C SER QA 57 42.47 22.27 -33.17
N PRO QA 58 41.28 21.91 -32.70
CA PRO QA 58 40.05 22.44 -33.30
C PRO QA 58 39.66 23.80 -32.75
N LEU QA 59 38.80 24.50 -33.50
CA LEU QA 59 38.44 25.90 -33.26
C LEU QA 59 37.03 26.05 -32.73
N TYR QA 60 36.83 27.03 -31.82
CA TYR QA 60 35.54 27.28 -31.21
C TYR QA 60 35.31 28.78 -31.00
N ASP QA 61 34.02 29.14 -31.03
CA ASP QA 61 33.39 30.38 -30.53
C ASP QA 61 33.60 31.67 -31.32
N THR QA 62 34.69 31.80 -32.09
CA THR QA 62 34.97 33.02 -32.84
C THR QA 62 36.29 32.86 -33.58
N THR QA 63 36.48 33.67 -34.62
CA THR QA 63 37.67 33.65 -35.46
C THR QA 63 37.66 34.92 -36.32
N ARG QA 64 38.55 34.98 -37.30
CA ARG QA 64 38.60 36.10 -38.26
C ARG QA 64 38.58 35.58 -39.69
N LEU QA 65 37.92 36.33 -40.58
CA LEU QA 65 37.97 36.13 -42.02
C LEU QA 65 38.45 37.41 -42.68
N TYR QA 66 39.40 37.31 -43.60
CA TYR QA 66 40.03 38.46 -44.23
C TYR QA 66 39.68 38.53 -45.72
N LEU QA 67 39.23 39.70 -46.17
CA LEU QA 67 38.86 39.95 -47.57
C LEU QA 67 39.81 41.00 -48.13
N VAL QA 68 40.82 40.56 -48.87
CA VAL QA 68 41.95 41.38 -49.24
C VAL QA 68 42.06 41.43 -50.76
N ASP QA 69 42.33 42.63 -51.29
CA ASP QA 69 42.23 42.89 -52.72
C ASP QA 69 43.54 42.75 -53.48
N ASN QA 70 44.65 42.39 -52.85
CA ASN QA 70 45.94 42.37 -53.54
C ASN QA 70 46.75 41.13 -53.18
N LYS QA 71 46.11 39.96 -53.11
CA LYS QA 71 46.85 38.72 -52.99
C LYS QA 71 47.54 38.38 -54.31
N SER QA 72 48.77 37.87 -54.23
CA SER QA 72 49.60 37.72 -55.42
C SER QA 72 49.00 36.72 -56.41
N ALA QA 73 48.51 35.57 -55.91
CA ALA QA 73 47.98 34.55 -56.80
C ALA QA 73 46.59 34.91 -57.34
N ASP QA 74 45.79 35.63 -56.56
CA ASP QA 74 44.46 36.02 -57.03
C ASP QA 74 44.54 37.05 -58.14
N ILE QA 75 45.59 37.87 -58.15
CA ILE QA 75 45.77 38.87 -59.20
C ILE QA 75 45.89 38.21 -60.56
N ALA QA 76 46.69 37.14 -60.65
CA ALA QA 76 47.01 36.54 -61.93
C ALA QA 76 45.85 35.74 -62.50
N SER QA 77 45.13 34.98 -61.66
CA SER QA 77 44.19 33.99 -62.15
C SER QA 77 42.73 34.33 -61.95
N LEU QA 78 42.39 35.40 -61.25
CA LEU QA 78 40.98 35.69 -61.00
C LEU QA 78 40.52 37.02 -61.56
N ASN QA 79 41.33 38.07 -61.49
CA ASN QA 79 40.83 39.44 -61.62
C ASN QA 79 41.41 40.15 -62.82
N TYR QA 80 41.53 39.46 -63.95
CA TYR QA 80 42.19 40.04 -65.12
C TYR QA 80 41.39 41.20 -65.69
N GLN QA 81 40.07 41.13 -65.66
CA GLN QA 81 39.20 42.16 -66.23
C GLN QA 81 38.50 43.02 -65.18
N ASN QA 82 38.93 42.98 -63.92
CA ASN QA 82 38.24 43.64 -62.81
C ASN QA 82 39.00 44.88 -62.35
N ASP QA 83 38.41 45.60 -61.40
CA ASP QA 83 39.09 46.71 -60.72
C ASP QA 83 38.74 46.66 -59.24
N HIS QA 84 39.29 47.60 -58.47
CA HIS QA 84 39.18 47.56 -57.02
C HIS QA 84 37.76 47.82 -56.51
N SER QA 85 36.86 48.29 -57.36
CA SER QA 85 35.47 48.47 -56.98
C SER QA 85 34.64 47.19 -57.12
N ASN QA 86 35.12 46.19 -57.85
CA ASN QA 86 34.36 44.95 -58.09
C ASN QA 86 35.34 43.83 -58.44
N PHE QA 87 35.66 42.97 -57.47
CA PHE QA 87 36.72 41.99 -57.65
C PHE QA 87 36.39 40.70 -56.90
N LEU QA 88 37.21 39.68 -57.14
CA LEU QA 88 37.10 38.38 -56.46
C LEU QA 88 38.33 38.15 -55.59
N THR QA 89 38.12 37.44 -54.48
CA THR QA 89 39.22 37.13 -53.58
C THR QA 89 38.96 35.79 -52.90
N THR QA 90 40.02 35.20 -52.36
CA THR QA 90 39.93 33.92 -51.66
C THR QA 90 40.04 34.13 -50.16
N VAL QA 91 39.12 33.53 -49.41
CA VAL QA 91 39.19 33.58 -47.95
C VAL QA 91 39.97 32.42 -47.36
N VAL QA 92 40.41 31.47 -48.19
CA VAL QA 92 41.28 30.39 -47.73
C VAL QA 92 42.72 30.91 -47.74
N GLN QA 93 43.38 30.87 -46.59
CA GLN QA 93 44.73 31.41 -46.43
C GLN QA 93 45.80 30.31 -46.37
N ASN QA 94 45.66 29.25 -47.15
CA ASN QA 94 46.53 28.07 -47.11
C ASN QA 94 47.18 27.91 -48.48
N ASN QA 95 48.48 28.12 -48.57
CA ASN QA 95 49.18 28.15 -49.85
C ASN QA 95 49.52 26.76 -50.40
N ASP QA 96 49.00 25.69 -49.79
CA ASP QA 96 49.08 24.37 -50.40
C ASP QA 96 48.18 24.24 -51.62
N PHE QA 97 47.29 25.21 -51.87
CA PHE QA 97 46.32 25.15 -52.93
C PHE QA 97 46.33 26.44 -53.75
N THR QA 98 46.03 26.31 -55.04
CA THR QA 98 45.81 27.47 -55.89
C THR QA 98 44.41 28.03 -55.67
N PRO QA 99 44.17 29.29 -56.06
CA PRO QA 99 42.82 29.86 -55.89
C PRO QA 99 41.74 29.08 -56.63
N THR QA 100 42.05 28.51 -57.79
CA THR QA 100 41.08 27.69 -58.50
C THR QA 100 40.69 26.46 -57.67
N GLU QA 101 41.68 25.78 -57.09
CA GLU QA 101 41.38 24.66 -56.20
C GLU QA 101 40.62 25.11 -54.97
N ALA QA 102 40.97 26.28 -54.42
CA ALA QA 102 40.32 26.77 -53.21
C ALA QA 102 38.85 27.08 -53.44
N SER QA 103 38.45 27.36 -54.68
CA SER QA 103 37.08 27.79 -54.94
C SER QA 103 36.07 26.71 -54.59
N THR QA 104 36.47 25.44 -54.62
CA THR QA 104 35.55 24.35 -54.29
C THR QA 104 35.53 24.00 -52.80
N GLN QA 105 36.43 24.54 -51.99
CA GLN QA 105 36.46 24.24 -50.58
C GLN QA 105 35.46 25.12 -49.82
N THR QA 106 35.14 24.72 -48.58
CA THR QA 106 34.18 25.44 -47.77
C THR QA 106 34.66 25.59 -46.34
N ILE QA 107 34.09 26.58 -45.65
CA ILE QA 107 34.22 26.77 -44.20
C ILE QA 107 32.83 26.63 -43.61
N ASN QA 108 32.69 25.80 -42.57
CA ASN QA 108 31.38 25.43 -42.05
C ASN QA 108 31.23 25.83 -40.59
N PHE QA 109 30.20 26.62 -40.31
CA PHE QA 109 29.83 27.02 -38.96
C PHE QA 109 28.70 26.13 -38.47
N ASP QA 110 28.77 25.67 -37.21
CA ASP QA 110 27.92 24.60 -36.74
C ASP QA 110 26.44 24.89 -36.99
N GLU QA 111 25.77 23.94 -37.65
CA GLU QA 111 24.41 24.13 -38.13
C GLU QA 111 23.37 24.13 -37.01
N ARG QA 112 23.75 23.77 -35.79
CA ARG QA 112 22.82 23.85 -34.67
C ARG QA 112 22.74 25.24 -34.05
N SER QA 113 23.43 26.23 -34.62
CA SER QA 113 23.34 27.61 -34.19
C SER QA 113 23.11 28.51 -35.39
N ARG QA 114 22.57 29.70 -35.14
CA ARG QA 114 22.54 30.77 -36.13
C ARG QA 114 23.68 31.74 -35.83
N TRP QA 115 24.41 32.13 -36.86
CA TRP QA 115 25.64 32.89 -36.69
C TRP QA 115 25.50 34.30 -37.28
N GLY QA 116 26.22 35.24 -36.67
CA GLY QA 116 26.32 36.58 -37.21
C GLY QA 116 27.77 37.01 -37.33
N GLY QA 117 27.98 38.05 -38.12
CA GLY QA 117 29.32 38.55 -38.35
C GLY QA 117 29.46 40.05 -38.23
N GLN QA 118 30.37 40.50 -37.37
CA GLN QA 118 30.66 41.92 -37.23
C GLN QA 118 31.64 42.36 -38.32
N LEU QA 119 31.29 43.41 -39.05
CA LEU QA 119 32.01 43.82 -40.25
C LEU QA 119 32.69 45.17 -40.06
N LYS QA 120 33.98 45.23 -40.37
CA LYS QA 120 34.76 46.47 -40.41
C LYS QA 120 35.40 46.63 -41.78
N THR QA 121 35.41 47.84 -42.32
CA THR QA 121 35.96 48.09 -43.65
C THR QA 121 36.97 49.23 -43.62
N ILE QA 122 37.86 49.20 -44.60
CA ILE QA 122 38.85 50.25 -44.85
C ILE QA 122 38.79 50.61 -46.33
N MET QA 123 38.66 51.90 -46.65
CA MET QA 123 38.53 52.36 -48.02
C MET QA 123 39.35 53.62 -48.26
N HIS QA 124 39.94 53.73 -49.44
CA HIS QA 124 40.68 54.93 -49.83
C HIS QA 124 40.43 55.24 -51.31
N THR QA 125 40.26 56.53 -51.62
CA THR QA 125 39.89 56.99 -52.95
C THR QA 125 40.88 58.03 -53.46
N ASN QA 126 40.83 58.29 -54.77
CA ASN QA 126 41.66 59.33 -55.40
C ASN QA 126 40.86 60.12 -56.44
N MET QA 127 39.65 60.55 -56.08
CA MET QA 127 38.75 61.26 -57.02
C MET QA 127 39.12 62.73 -57.14
N PRO QA 128 39.27 63.26 -58.36
CA PRO QA 128 39.37 64.71 -58.54
C PRO QA 128 37.99 65.37 -58.64
N ASN QA 129 37.93 66.65 -58.29
CA ASN QA 129 36.63 67.29 -58.15
C ASN QA 129 35.95 67.66 -59.47
N VAL QA 130 36.70 67.84 -60.55
CA VAL QA 130 36.13 68.14 -61.87
C VAL QA 130 36.42 66.95 -62.77
N ASN QA 131 35.39 66.17 -63.10
CA ASN QA 131 35.57 64.97 -63.91
C ASN QA 131 34.26 64.64 -64.63
N GLU QA 132 34.38 63.80 -65.65
CA GLU QA 132 33.23 63.46 -66.50
C GLU QA 132 32.28 62.47 -65.84
N TYR QA 133 32.80 61.53 -65.07
CA TYR QA 133 31.97 60.44 -64.53
C TYR QA 133 30.91 60.95 -63.57
N MET QA 134 31.19 62.04 -62.85
CA MET QA 134 30.30 62.58 -61.85
C MET QA 134 29.51 63.80 -62.34
N PHE QA 135 29.55 64.10 -63.63
CA PHE QA 135 28.78 65.19 -64.24
C PHE QA 135 29.15 66.56 -63.69
N SER QA 136 30.40 66.75 -63.27
CA SER QA 136 30.91 68.05 -62.88
C SER QA 136 31.79 68.67 -63.95
N ASN QA 137 31.59 68.26 -65.20
CA ASN QA 137 32.46 68.59 -66.31
C ASN QA 137 31.83 69.54 -67.32
N LYS QA 138 30.52 69.79 -67.24
CA LYS QA 138 29.81 70.43 -68.33
C LYS QA 138 28.62 71.22 -67.81
N PHE QA 139 28.17 72.16 -68.64
CA PHE QA 139 26.97 72.94 -68.41
C PHE QA 139 26.49 73.49 -69.75
N LYS QA 140 25.27 74.02 -69.76
CA LYS QA 140 24.67 74.57 -70.98
C LYS QA 140 24.34 76.04 -70.80
N ALA QA 141 24.43 76.80 -71.90
CA ALA QA 141 24.16 78.23 -71.88
C ALA QA 141 23.69 78.69 -73.26
N ARG QA 142 23.04 79.85 -73.29
CA ARG QA 142 22.53 80.45 -74.52
C ARG QA 142 23.24 81.78 -74.76
N VAL QA 143 23.93 81.89 -75.89
CA VAL QA 143 24.72 83.07 -76.23
C VAL QA 143 24.32 83.56 -77.61
N MET QA 144 24.89 84.70 -78.01
CA MET QA 144 24.57 85.33 -79.28
C MET QA 144 25.51 84.85 -80.37
N VAL QA 145 24.94 84.41 -81.49
CA VAL QA 145 25.71 83.87 -82.59
C VAL QA 145 25.88 84.85 -83.75
N SER QA 146 24.91 85.74 -83.97
CA SER QA 146 24.99 86.67 -85.08
C SER QA 146 24.33 87.99 -84.72
N ARG QA 147 25.02 89.09 -85.01
CA ARG QA 147 24.38 90.39 -85.09
C ARG QA 147 23.93 90.60 -86.54
N LYS QA 148 23.53 91.82 -86.89
CA LYS QA 148 23.09 92.08 -88.26
C LYS QA 148 24.27 91.99 -89.24
N ASP QA 171 19.03 96.32 -86.32
CA ASP QA 171 19.85 95.13 -86.14
C ASP QA 171 19.02 93.94 -85.66
N ILE QA 172 19.25 92.78 -86.25
CA ILE QA 172 18.58 91.54 -85.86
C ILE QA 172 19.60 90.64 -85.19
N LEU QA 173 19.25 90.11 -84.02
CA LEU QA 173 20.15 89.33 -83.18
C LEU QA 173 19.67 87.90 -83.09
N LYS QA 174 20.59 86.95 -83.22
CA LYS QA 174 20.29 85.53 -83.18
C LYS QA 174 21.03 84.88 -82.01
N TYR QA 175 20.34 83.97 -81.32
CA TYR QA 175 20.89 83.28 -80.17
C TYR QA 175 20.71 81.77 -80.34
N GLU QA 176 21.54 81.00 -79.63
CA GLU QA 176 21.50 79.55 -79.73
C GLU QA 176 22.05 78.92 -78.45
N TRP QA 177 21.61 77.70 -78.18
CA TRP QA 177 22.07 76.92 -77.03
C TRP QA 177 23.28 76.08 -77.42
N PHE QA 178 24.22 75.93 -76.48
CA PHE QA 178 25.39 75.08 -76.64
C PHE QA 178 25.68 74.36 -75.33
N GLU QA 179 26.49 73.32 -75.42
CA GLU QA 179 27.03 72.63 -74.24
C GLU QA 179 28.53 72.84 -74.18
N PHE QA 180 29.01 73.24 -73.00
CA PHE QA 180 30.41 73.62 -72.80
C PHE QA 180 31.11 72.57 -71.95
N ILE QA 181 32.38 72.30 -72.26
CA ILE QA 181 33.16 71.25 -71.61
C ILE QA 181 34.43 71.84 -71.03
N LEU QA 182 34.73 71.48 -69.77
CA LEU QA 182 35.95 71.82 -69.04
C LEU QA 182 36.93 70.66 -69.06
N PRO QA 183 38.23 70.93 -68.95
CA PRO QA 183 39.19 69.83 -68.79
C PRO QA 183 39.26 69.34 -67.36
N GLU QA 184 39.63 68.07 -67.20
CA GLU QA 184 39.55 67.40 -65.91
C GLU QA 184 40.76 67.68 -65.02
N GLY QA 185 40.53 67.66 -63.72
CA GLY QA 185 41.56 67.94 -62.74
C GLY QA 185 40.95 68.26 -61.39
N ASN QA 186 41.82 68.57 -60.45
CA ASN QA 186 41.43 68.89 -59.07
C ASN QA 186 41.75 70.36 -58.81
N PHE QA 187 40.72 71.20 -58.82
CA PHE QA 187 40.89 72.65 -58.82
C PHE QA 187 40.17 73.29 -57.64
N SER QA 188 40.66 74.46 -57.25
CA SER QA 188 39.94 75.27 -56.27
C SER QA 188 38.72 75.93 -56.91
N ALA QA 189 37.88 76.53 -56.08
CA ALA QA 189 36.65 77.12 -56.57
C ALA QA 189 36.91 78.32 -57.47
N THR QA 190 37.88 79.17 -57.13
CA THR QA 190 38.20 80.32 -57.99
C THR QA 190 38.75 79.86 -59.33
N MET QA 191 39.64 78.87 -59.32
CA MET QA 191 40.20 78.36 -60.56
C MET QA 191 39.13 77.71 -61.43
N THR QA 192 38.13 77.09 -60.82
CA THR QA 192 37.04 76.50 -61.59
C THR QA 192 36.22 77.56 -62.32
N ILE QA 193 35.96 78.69 -61.64
CA ILE QA 193 35.20 79.77 -62.24
C ILE QA 193 35.96 80.39 -63.41
N ASP QA 194 37.29 80.47 -63.33
CA ASP QA 194 38.07 80.95 -64.47
C ASP QA 194 37.90 80.04 -65.68
N LEU QA 195 37.86 78.73 -65.46
CA LEU QA 195 37.72 77.79 -66.57
C LEU QA 195 36.35 77.90 -67.23
N MET QA 196 35.30 78.19 -66.46
CA MET QA 196 33.97 78.36 -67.05
C MET QA 196 33.90 79.62 -67.91
N ASN QA 197 34.51 80.72 -67.46
CA ASN QA 197 34.57 81.92 -68.29
C ASN QA 197 35.37 81.66 -69.56
N ASN QA 198 36.48 80.93 -69.45
CA ASN QA 198 37.31 80.63 -70.61
C ASN QA 198 36.55 79.80 -71.65
N ALA QA 199 35.67 78.90 -71.20
CA ALA QA 199 34.87 78.11 -72.13
C ALA QA 199 33.91 78.99 -72.92
N ILE QA 200 33.30 79.97 -72.27
CA ILE QA 200 32.39 80.88 -72.97
C ILE QA 200 33.13 81.65 -74.05
N ILE QA 201 34.32 82.16 -73.72
CA ILE QA 201 35.06 83.00 -74.65
C ILE QA 201 35.54 82.21 -75.86
N ASP QA 202 35.94 80.95 -75.67
CA ASP QA 202 36.37 80.13 -76.79
C ASP QA 202 35.24 79.88 -77.79
N ASN QA 203 33.99 79.95 -77.34
CA ASN QA 203 32.86 79.90 -78.26
C ASN QA 203 32.70 81.20 -79.04
N TYR QA 204 33.05 82.34 -78.41
CA TYR QA 204 32.96 83.61 -79.09
C TYR QA 204 34.10 83.81 -80.10
N LEU QA 205 35.18 83.04 -79.97
CA LEU QA 205 36.28 83.16 -80.94
C LEU QA 205 36.12 82.21 -82.12
N GLU QA 206 35.37 81.13 -81.97
CA GLU QA 206 35.15 80.16 -83.03
C GLU QA 206 33.90 80.47 -83.86
N ILE QA 207 32.83 80.89 -83.20
CA ILE QA 207 31.61 81.39 -83.82
C ILE QA 207 31.53 82.82 -83.32
N GLY QA 208 30.48 83.55 -83.68
CA GLY QA 208 30.36 84.84 -83.05
C GLY QA 208 31.21 85.90 -83.72
N ARG QA 209 32.42 86.12 -83.16
CA ARG QA 209 33.33 87.16 -83.62
C ARG QA 209 33.40 87.28 -85.14
N GLN QA 210 33.44 86.15 -85.84
CA GLN QA 210 33.49 86.18 -87.31
C GLN QA 210 32.13 86.44 -87.93
N ASN QA 211 31.07 86.60 -87.14
CA ASN QA 211 29.73 86.89 -87.65
C ASN QA 211 29.19 88.20 -87.11
N GLY QA 212 30.06 89.11 -86.69
CA GLY QA 212 29.65 90.47 -86.41
C GLY QA 212 29.32 90.83 -84.98
N VAL QA 213 29.53 89.93 -84.02
CA VAL QA 213 29.29 90.28 -82.62
C VAL QA 213 30.55 90.94 -82.07
N LEU QA 214 30.34 91.94 -81.22
CA LEU QA 214 31.44 92.68 -80.64
C LEU QA 214 31.80 92.13 -79.27
N GLU QA 215 32.97 92.53 -78.77
CA GLU QA 215 33.36 92.15 -77.41
C GLU QA 215 32.72 93.12 -76.43
N SER QA 216 31.43 93.39 -76.61
CA SER QA 216 30.63 94.12 -75.64
C SER QA 216 29.22 93.55 -75.56
N ASP QA 217 28.95 92.43 -76.24
CA ASP QA 217 27.66 91.76 -76.21
C ASP QA 217 27.80 90.28 -75.89
N ILE QA 218 28.85 89.89 -75.15
CA ILE QA 218 29.10 88.48 -74.84
C ILE QA 218 27.88 87.86 -74.18
N GLY QA 219 27.49 88.35 -73.02
CA GLY QA 219 26.19 88.04 -72.47
C GLY QA 219 26.12 87.02 -71.35
N VAL QA 220 27.22 86.31 -71.06
CA VAL QA 220 27.25 85.37 -69.93
C VAL QA 220 28.60 85.50 -69.25
N LYS QA 221 28.60 85.83 -67.95
CA LYS QA 221 29.84 85.91 -67.18
C LYS QA 221 29.58 85.47 -65.74
N PHE QA 222 30.57 84.79 -65.16
CA PHE QA 222 30.53 84.37 -63.75
C PHE QA 222 31.44 85.27 -62.93
N ASP QA 223 30.89 85.91 -61.90
CA ASP QA 223 31.60 86.92 -61.13
C ASP QA 223 31.51 86.62 -59.64
N THR QA 224 32.12 87.49 -58.83
CA THR QA 224 32.05 87.38 -57.37
C THR QA 224 31.75 88.69 -56.66
N ARG QA 225 31.56 89.79 -57.38
CA ARG QA 225 31.50 91.11 -56.77
C ARG QA 225 30.09 91.50 -56.36
N ASN QA 226 30.00 92.46 -55.44
CA ASN QA 226 28.73 93.08 -55.06
C ASN QA 226 28.66 94.41 -55.80
N PHE QA 227 28.02 94.39 -56.97
CA PHE QA 227 27.78 95.64 -57.67
C PHE QA 227 26.81 96.49 -56.86
N ARG QA 228 26.84 97.80 -57.09
CA ARG QA 228 26.06 98.82 -56.39
C ARG QA 228 26.48 99.00 -54.93
N LEU QA 229 27.70 98.62 -54.56
CA LEU QA 229 28.16 98.86 -53.20
C LEU QA 229 28.29 100.35 -52.92
N GLY QA 230 29.00 101.08 -53.77
CA GLY QA 230 29.21 102.50 -53.54
C GLY QA 230 28.13 103.40 -54.11
N TRP QA 231 26.91 102.88 -54.18
CA TRP QA 231 25.78 103.58 -54.78
C TRP QA 231 25.36 104.76 -53.93
N ASP QA 232 24.89 105.82 -54.60
CA ASP QA 232 24.48 107.05 -53.93
C ASP QA 232 22.99 107.26 -54.11
N PRO QA 233 22.24 107.52 -53.04
CA PRO QA 233 20.78 107.58 -53.16
C PRO QA 233 20.27 108.80 -53.91
N GLU QA 234 21.07 109.84 -54.11
CA GLU QA 234 20.64 111.03 -54.82
C GLU QA 234 20.99 110.96 -56.31
N THR QA 235 22.27 110.79 -56.62
CA THR QA 235 22.69 110.71 -58.01
C THR QA 235 22.39 109.36 -58.64
N LYS QA 236 22.18 108.32 -57.83
CA LYS QA 236 21.85 106.97 -58.31
C LYS QA 236 22.92 106.44 -59.27
N LEU QA 237 24.18 106.71 -58.96
CA LEU QA 237 25.30 106.19 -59.73
C LEU QA 237 26.41 105.78 -58.77
N ILE QA 238 27.32 104.94 -59.26
CA ILE QA 238 28.45 104.47 -58.45
C ILE QA 238 29.47 105.61 -58.43
N MET QA 239 29.49 106.36 -57.34
CA MET QA 239 30.31 107.58 -57.28
C MET QA 239 31.80 107.35 -57.49
N PRO QA 240 32.45 106.32 -56.94
CA PRO QA 240 33.90 106.18 -57.16
C PRO QA 240 34.30 106.01 -58.62
N GLY QA 241 33.39 105.62 -59.50
CA GLY QA 241 33.73 105.38 -60.89
C GLY QA 241 34.23 103.98 -61.20
N VAL QA 242 34.47 103.15 -60.18
CA VAL QA 242 34.80 101.75 -60.36
C VAL QA 242 34.03 100.94 -59.33
N TYR QA 243 33.56 99.76 -59.73
CA TYR QA 243 32.90 98.86 -58.80
C TYR QA 243 33.89 98.35 -57.77
N THR QA 244 33.39 98.13 -56.54
CA THR QA 244 34.25 97.65 -55.46
C THR QA 244 34.84 96.29 -55.81
N TYR QA 245 36.15 96.16 -55.66
CA TYR QA 245 36.88 94.98 -56.11
C TYR QA 245 37.10 93.99 -54.96
N GLU QA 246 35.99 93.55 -54.36
CA GLU QA 246 36.01 92.59 -53.25
C GLU QA 246 35.06 91.43 -53.55
N ALA QA 247 35.44 90.25 -53.07
CA ALA QA 247 34.67 89.04 -53.30
C ALA QA 247 33.63 88.83 -52.21
N PHE QA 248 32.39 88.57 -52.60
CA PHE QA 248 31.29 88.35 -51.67
C PHE QA 248 30.69 86.95 -51.78
N HIS QA 249 30.31 86.53 -52.98
CA HIS QA 249 29.64 85.25 -53.26
C HIS QA 249 29.59 85.09 -54.78
N PRO QA 250 29.77 83.87 -55.29
CA PRO QA 250 29.71 83.69 -56.75
C PRO QA 250 28.37 84.08 -57.33
N ASP QA 251 28.41 84.62 -58.55
CA ASP QA 251 27.28 85.33 -59.14
C ASP QA 251 27.23 85.07 -60.64
N ILE QA 252 26.05 85.28 -61.22
CA ILE QA 252 25.79 85.11 -62.65
C ILE QA 252 25.32 86.45 -63.21
N VAL QA 253 25.96 86.90 -64.30
CA VAL QA 253 25.63 88.17 -64.95
C VAL QA 253 25.15 87.89 -66.37
N LEU QA 254 24.01 88.47 -66.75
CA LEU QA 254 23.35 88.17 -68.01
C LEU QA 254 22.97 89.44 -68.77
N LEU QA 255 22.95 89.31 -70.10
CA LEU QA 255 22.42 90.25 -71.09
C LEU QA 255 21.10 89.75 -71.64
N PRO QA 256 20.28 90.62 -72.23
CA PRO QA 256 18.97 90.17 -72.74
C PRO QA 256 19.12 89.07 -73.78
N GLY QA 257 18.23 88.09 -73.72
CA GLY QA 257 18.24 86.97 -74.64
C GLY QA 257 19.10 85.79 -74.24
N CYS QA 258 19.82 85.87 -73.13
CA CYS QA 258 20.76 84.82 -72.72
C CYS QA 258 20.22 84.07 -71.50
N GLY QA 259 20.95 83.02 -71.10
CA GLY QA 259 20.58 82.24 -69.94
C GLY QA 259 21.52 81.06 -69.77
N VAL QA 260 21.40 80.41 -68.60
CA VAL QA 260 22.16 79.21 -68.28
C VAL QA 260 21.21 78.13 -67.79
N ASP QA 261 21.61 76.87 -67.98
CA ASP QA 261 20.77 75.73 -67.63
C ASP QA 261 21.62 74.67 -66.93
N PHE QA 262 21.25 74.32 -65.70
CA PHE QA 262 22.01 73.38 -64.88
C PHE QA 262 21.28 72.05 -64.68
N THR QA 263 20.40 71.66 -65.61
CA THR QA 263 19.62 70.45 -65.42
C THR QA 263 20.51 69.21 -65.36
N GLU QA 264 21.57 69.17 -66.17
CA GLU QA 264 22.43 68.01 -66.23
C GLU QA 264 23.84 68.35 -65.78
N SER QA 265 23.96 69.04 -64.65
CA SER QA 265 25.24 69.53 -64.18
C SER QA 265 25.22 69.64 -62.67
N ARG QA 266 26.37 69.44 -62.04
CA ARG QA 266 26.52 69.60 -60.60
C ARG QA 266 27.31 70.85 -60.24
N LEU QA 267 27.58 71.73 -61.20
CA LEU QA 267 28.34 72.94 -60.94
C LEU QA 267 27.54 74.02 -60.22
N SER QA 268 26.22 73.88 -60.12
CA SER QA 268 25.45 74.83 -59.32
C SER QA 268 25.73 74.69 -57.83
N ASN QA 269 26.13 73.50 -57.37
CA ASN QA 269 26.52 73.36 -55.97
C ASN QA 269 27.81 74.11 -55.66
N LEU QA 270 28.75 74.12 -56.59
CA LEU QA 270 29.99 74.88 -56.40
C LEU QA 270 29.74 76.38 -56.41
N LEU QA 271 28.70 76.84 -57.11
CA LEU QA 271 28.37 78.25 -57.14
C LEU QA 271 27.57 78.70 -55.91
N GLY QA 272 27.03 77.77 -55.14
CA GLY QA 272 26.20 78.16 -54.02
C GLY QA 272 24.84 78.70 -54.36
N ILE QA 273 24.23 78.21 -55.44
CA ILE QA 273 22.89 78.59 -55.85
C ILE QA 273 22.07 77.32 -56.00
N ARG QA 274 20.98 77.22 -55.23
CA ARG QA 274 20.16 76.01 -55.18
C ARG QA 274 18.69 76.37 -55.25
N LYS QA 275 17.86 75.37 -55.53
CA LYS QA 275 16.42 75.53 -55.63
C LYS QA 275 15.74 75.23 -54.29
N ARG QA 276 14.71 76.02 -53.98
CA ARG QA 276 13.93 75.79 -52.76
C ARG QA 276 13.05 74.55 -52.86
N HIS QA 277 12.80 74.04 -54.06
CA HIS QA 277 12.08 72.79 -54.29
C HIS QA 277 13.02 71.87 -55.05
N PRO QA 278 13.95 71.21 -54.34
CA PRO QA 278 15.03 70.49 -55.02
C PRO QA 278 14.61 69.21 -55.72
N PHE QA 279 13.39 68.72 -55.49
CA PHE QA 279 12.94 67.50 -56.15
C PHE QA 279 12.17 67.75 -57.44
N GLN QA 280 12.00 69.00 -57.85
CA GLN QA 280 11.36 69.32 -59.12
C GLN QA 280 12.42 69.40 -60.22
N GLU QA 281 12.23 68.63 -61.28
CA GLU QA 281 13.24 68.55 -62.33
C GLU QA 281 13.36 69.85 -63.10
N GLY QA 282 14.58 70.18 -63.51
CA GLY QA 282 14.83 71.36 -64.32
C GLY QA 282 15.34 72.56 -63.54
N PHE QA 283 16.42 73.16 -64.01
CA PHE QA 283 17.03 74.32 -63.34
C PHE QA 283 17.56 75.26 -64.43
N LYS QA 284 16.76 76.26 -64.79
CA LYS QA 284 17.13 77.23 -65.79
C LYS QA 284 16.95 78.64 -65.24
N ILE QA 285 17.91 79.52 -65.54
CA ILE QA 285 17.85 80.92 -65.12
C ILE QA 285 18.06 81.79 -66.36
N MET QA 286 17.03 82.55 -66.73
CA MET QA 286 17.05 83.38 -67.92
C MET QA 286 17.04 84.86 -67.53
N TYR QA 287 17.27 85.72 -68.53
CA TYR QA 287 17.34 87.15 -68.28
C TYR QA 287 16.02 87.70 -67.75
N GLU QA 288 14.89 87.11 -68.14
CA GLU QA 288 13.60 87.58 -67.67
C GLU QA 288 13.33 87.22 -66.22
N ASP QA 289 14.06 86.28 -65.64
CA ASP QA 289 13.85 85.89 -64.26
C ASP QA 289 14.62 86.75 -63.26
N LEU QA 290 15.54 87.61 -63.73
CA LEU QA 290 16.37 88.43 -62.87
C LEU QA 290 15.86 89.86 -62.73
N GLU QA 291 14.55 90.04 -62.71
CA GLU QA 291 13.98 91.38 -62.63
C GLU QA 291 14.40 92.09 -61.34
N GLY QA 292 14.71 93.37 -61.46
CA GLY QA 292 15.18 94.16 -60.34
C GLY QA 292 16.66 94.09 -60.07
N GLY QA 293 17.41 93.35 -60.88
CA GLY QA 293 18.83 93.17 -60.63
C GLY QA 293 19.75 93.88 -61.60
N ASN QA 294 19.27 94.94 -62.24
CA ASN QA 294 20.11 95.67 -63.19
C ASN QA 294 21.28 96.33 -62.47
N ILE QA 295 22.44 96.27 -63.09
CA ILE QA 295 23.68 96.80 -62.52
C ILE QA 295 23.73 98.31 -62.75
N PRO QA 296 23.83 99.12 -61.70
CA PRO QA 296 23.84 100.57 -61.90
C PRO QA 296 25.05 101.02 -62.71
N ALA QA 297 24.84 102.03 -63.54
CA ALA QA 297 25.88 102.53 -64.43
C ALA QA 297 26.91 103.37 -63.67
N LEU QA 298 28.12 103.42 -64.24
CA LEU QA 298 29.21 104.28 -63.77
C LEU QA 298 29.35 104.32 -62.27
N ILE QA 364 27.89 115.22 -63.78
CA ILE QA 364 26.92 114.23 -63.33
C ILE QA 364 26.30 113.50 -64.51
N GLN QA 365 27.10 112.68 -65.20
CA GLN QA 365 26.62 111.87 -66.30
C GLN QA 365 27.29 110.50 -66.26
N PRO QA 366 26.60 109.44 -66.66
CA PRO QA 366 27.21 108.11 -66.65
C PRO QA 366 28.27 107.98 -67.73
N LEU QA 367 29.29 107.18 -67.44
CA LEU QA 367 30.26 106.81 -68.46
C LEU QA 367 29.62 105.85 -69.44
N GLU QA 368 29.79 106.11 -70.74
CA GLU QA 368 29.13 105.32 -71.77
C GLU QA 368 30.04 104.35 -72.49
N LYS QA 369 31.35 104.41 -72.29
CA LYS QA 369 32.26 103.54 -73.00
C LYS QA 369 33.53 103.35 -72.17
N ASP QA 370 34.29 102.32 -72.53
CA ASP QA 370 35.50 101.95 -71.80
C ASP QA 370 36.72 102.65 -72.40
N SER QA 371 37.91 102.31 -71.90
CA SER QA 371 39.13 102.97 -72.35
C SER QA 371 39.41 102.68 -73.82
N LYS QA 372 39.20 101.44 -74.25
CA LYS QA 372 39.47 101.04 -75.62
C LYS QA 372 38.22 101.09 -76.50
N SER QA 373 37.28 101.98 -76.17
CA SER QA 373 36.05 102.18 -76.93
C SER QA 373 35.23 100.88 -77.00
N ARG QA 374 34.79 100.42 -75.83
CA ARG QA 374 33.85 99.34 -75.71
C ARG QA 374 32.59 99.85 -75.02
N SER QA 375 31.44 99.55 -75.60
CA SER QA 375 30.17 100.01 -75.04
C SER QA 375 29.89 99.34 -73.70
N TYR QA 376 29.47 100.14 -72.73
CA TYR QA 376 28.96 99.62 -71.45
C TYR QA 376 27.49 99.27 -71.50
N ASN QA 377 26.83 99.45 -72.66
CA ASN QA 377 25.41 99.12 -72.82
C ASN QA 377 24.52 99.93 -71.90
N VAL QA 378 24.82 101.22 -71.74
CA VAL QA 378 23.97 102.09 -70.93
C VAL QA 378 22.63 102.29 -71.63
N LEU QA 379 21.57 102.41 -70.83
CA LEU QA 379 20.21 102.49 -71.32
C LEU QA 379 19.67 103.93 -71.18
N GLU QA 380 18.39 104.09 -71.50
CA GLU QA 380 17.73 105.36 -71.27
C GLU QA 380 17.60 105.62 -69.77
N ASP QA 381 17.38 106.90 -69.43
CA ASP QA 381 17.33 107.42 -68.07
C ASP QA 381 18.73 107.50 -67.46
N LYS QA 382 19.73 106.97 -68.15
CA LYS QA 382 21.14 107.22 -67.85
C LYS QA 382 21.50 106.92 -66.39
N ILE QA 383 20.89 105.87 -65.83
CA ILE QA 383 21.24 105.41 -64.50
C ILE QA 383 21.61 103.93 -64.47
N ASN QA 384 20.84 103.09 -65.15
CA ASN QA 384 21.04 101.65 -65.11
C ASN QA 384 21.58 101.12 -66.43
N THR QA 385 22.16 99.94 -66.36
CA THR QA 385 22.77 99.25 -67.49
C THR QA 385 21.97 98.00 -67.81
N ALA QA 386 22.10 97.53 -69.05
CA ALA QA 386 21.36 96.34 -69.49
C ALA QA 386 21.79 95.07 -68.77
N TYR QA 387 22.97 95.03 -68.16
CA TYR QA 387 23.42 93.84 -67.45
C TYR QA 387 22.56 93.61 -66.20
N ARG QA 388 22.22 92.34 -65.96
CA ARG QA 388 21.53 91.92 -64.75
C ARG QA 388 22.34 90.84 -64.04
N SER QA 389 22.21 90.76 -62.72
CA SER QA 389 22.95 89.79 -61.93
C SER QA 389 22.06 89.11 -60.92
N TRP QA 390 22.32 87.82 -60.67
CA TRP QA 390 21.51 87.05 -59.72
C TRP QA 390 21.63 87.60 -58.30
N TYR QA 391 22.84 88.00 -57.90
CA TYR QA 391 23.02 88.44 -56.51
C TYR QA 391 22.27 89.73 -56.23
N LEU QA 392 22.29 90.68 -57.17
CA LEU QA 392 21.56 91.93 -56.96
C LEU QA 392 20.07 91.69 -56.89
N SER QA 393 19.55 90.80 -57.74
CA SER QA 393 18.13 90.50 -57.72
C SER QA 393 17.73 89.75 -56.44
N TYR QA 394 18.59 88.86 -55.95
CA TYR QA 394 18.28 88.12 -54.73
C TYR QA 394 18.23 89.03 -53.52
N ASN QA 395 19.14 90.00 -53.43
CA ASN QA 395 19.27 90.81 -52.23
C ASN QA 395 18.49 92.12 -52.29
N TYR QA 396 18.31 92.72 -53.47
CA TYR QA 396 17.68 94.03 -53.57
C TYR QA 396 16.36 94.04 -54.35
N GLY QA 397 16.02 92.96 -55.04
CA GLY QA 397 14.80 92.90 -55.82
C GLY QA 397 13.58 92.67 -54.95
N ASN QA 398 12.47 92.37 -55.61
CA ASN QA 398 11.20 92.14 -54.93
C ASN QA 398 11.23 90.80 -54.21
N PRO QA 399 11.01 90.76 -52.89
CA PRO QA 399 11.11 89.49 -52.15
C PRO QA 399 10.12 88.43 -52.61
N GLU QA 400 8.94 88.82 -53.10
CA GLU QA 400 7.88 87.86 -53.39
C GLU QA 400 7.66 87.64 -54.87
N LYS QA 401 8.46 88.25 -55.74
CA LYS QA 401 8.33 88.06 -57.17
C LYS QA 401 9.64 87.81 -57.90
N GLY QA 402 10.78 88.21 -57.34
CA GLY QA 402 12.05 88.04 -57.99
C GLY QA 402 12.60 86.63 -57.82
N ILE QA 403 13.90 86.50 -58.11
CA ILE QA 403 14.57 85.22 -58.06
C ILE QA 403 14.62 84.65 -56.65
N ARG QA 404 14.46 85.50 -55.63
CA ARG QA 404 14.51 85.06 -54.24
C ARG QA 404 13.33 84.17 -53.84
N SER QA 405 12.25 84.17 -54.61
CA SER QA 405 11.08 83.41 -54.23
C SER QA 405 11.23 81.91 -54.51
N TRP QA 406 12.15 81.51 -55.39
CA TRP QA 406 12.32 80.09 -55.68
C TRP QA 406 13.77 79.64 -55.75
N THR QA 407 14.74 80.48 -55.40
CA THR QA 407 16.12 80.05 -55.25
C THR QA 407 16.64 80.41 -53.87
N LEU QA 408 17.76 79.80 -53.51
CA LEU QA 408 18.33 79.92 -52.17
C LEU QA 408 19.84 80.11 -52.27
N LEU QA 409 20.38 80.98 -51.43
CA LEU QA 409 21.80 81.27 -51.39
C LEU QA 409 22.48 80.42 -50.32
N THR QA 410 23.53 79.71 -50.70
CA THR QA 410 24.23 78.79 -49.79
C THR QA 410 25.74 78.97 -49.92
N THR QA 411 26.48 78.40 -48.98
CA THR QA 411 27.94 78.42 -49.05
C THR QA 411 28.44 77.54 -50.20
N SER QA 412 29.51 77.99 -50.84
CA SER QA 412 30.09 77.24 -51.94
C SER QA 412 30.65 75.89 -51.48
N ASP QA 413 30.37 74.84 -52.24
CA ASP QA 413 30.82 73.49 -51.91
C ASP QA 413 31.74 72.99 -53.02
N VAL QA 414 33.05 72.98 -52.74
CA VAL QA 414 34.05 72.68 -53.77
C VAL QA 414 33.98 71.23 -54.24
N THR QA 415 33.56 70.31 -53.38
CA THR QA 415 33.45 68.91 -53.82
C THR QA 415 32.30 68.68 -54.80
N CYS QA 416 31.44 69.67 -54.99
CA CYS QA 416 30.25 69.62 -55.84
C CYS QA 416 29.16 68.70 -55.28
N GLY QA 417 29.25 68.35 -54.00
CA GLY QA 417 28.20 67.57 -53.36
C GLY QA 417 28.46 66.09 -53.38
N VAL QA 418 28.87 65.54 -52.26
CA VAL QA 418 29.18 64.12 -52.18
C VAL QA 418 27.92 63.37 -51.76
N GLU QA 419 27.78 62.15 -52.26
CA GLU QA 419 26.67 61.28 -51.89
C GLU QA 419 27.23 60.01 -51.26
N GLN QA 420 26.34 59.04 -51.03
CA GLN QA 420 26.68 57.84 -50.28
C GLN QA 420 27.23 56.75 -51.19
N VAL QA 421 27.81 55.72 -50.56
CA VAL QA 421 28.28 54.51 -51.23
C VAL QA 421 27.73 53.30 -50.50
N TYR QA 422 27.57 52.19 -51.23
CA TYR QA 422 26.99 50.96 -50.72
C TYR QA 422 27.97 49.78 -50.86
N TRP QA 423 28.03 48.94 -49.84
CA TRP QA 423 28.83 47.71 -49.84
C TRP QA 423 27.94 46.49 -50.09
N SER QA 424 28.46 45.53 -50.86
CA SER QA 424 27.80 44.25 -51.10
C SER QA 424 28.75 43.08 -50.89
N LEU QA 425 28.29 42.03 -50.20
CA LEU QA 425 29.04 40.78 -50.04
C LEU QA 425 28.09 39.60 -50.27
N PRO QA 426 27.70 39.36 -51.52
CA PRO QA 426 26.59 38.43 -51.77
C PRO QA 426 26.88 36.96 -51.42
N ASP QA 427 28.14 36.54 -51.37
CA ASP QA 427 28.46 35.14 -51.04
C ASP QA 427 28.72 34.91 -49.56
N MET QA 428 28.64 35.94 -48.72
CA MET QA 428 28.94 35.78 -47.30
C MET QA 428 27.76 36.07 -46.39
N MET QA 429 27.07 37.19 -46.62
CA MET QA 429 25.97 37.61 -45.76
C MET QA 429 24.62 37.19 -46.35
N GLN QA 430 23.63 37.02 -45.48
CA GLN QA 430 22.26 36.84 -45.94
C GLN QA 430 21.69 38.16 -46.44
N ASP QA 431 20.75 38.08 -47.37
CA ASP QA 431 20.13 39.28 -47.93
C ASP QA 431 19.27 39.97 -46.87
N PRO QA 432 19.42 41.27 -46.66
CA PRO QA 432 18.51 41.99 -45.75
C PRO QA 432 17.09 42.05 -46.29
N VAL QA 433 16.16 42.38 -45.38
CA VAL QA 433 14.74 42.22 -45.64
C VAL QA 433 14.28 43.06 -46.84
N THR QA 434 13.46 42.44 -47.69
CA THR QA 434 12.84 42.91 -48.94
C THR QA 434 13.78 42.93 -50.16
N PHE QA 435 15.08 42.65 -50.01
CA PHE QA 435 15.96 42.54 -51.17
C PHE QA 435 15.80 41.17 -51.84
N ARG QA 436 15.80 41.16 -53.17
CA ARG QA 436 15.75 39.91 -53.94
C ARG QA 436 17.16 39.37 -54.20
N SER QA 437 17.28 38.04 -54.21
CA SER QA 437 18.52 37.39 -54.63
C SER QA 437 18.68 37.45 -56.14
N THR QA 438 19.89 37.80 -56.59
CA THR QA 438 20.12 38.01 -58.01
C THR QA 438 21.61 37.91 -58.31
N ARG QA 439 21.93 37.86 -59.59
CA ARG QA 439 23.31 37.89 -60.07
C ARG QA 439 23.60 39.11 -60.95
N GLN QA 440 22.72 40.11 -60.94
CA GLN QA 440 22.96 41.35 -61.67
C GLN QA 440 23.69 42.34 -60.76
N VAL QA 441 24.79 42.89 -61.26
CA VAL QA 441 25.68 43.70 -60.41
C VAL QA 441 24.98 44.96 -59.93
N SER QA 442 24.23 45.62 -60.79
CA SER QA 442 23.53 46.83 -60.36
C SER QA 442 22.33 46.54 -59.44
N ASN QA 443 22.10 45.31 -58.97
CA ASN QA 443 20.99 45.06 -58.07
C ASN QA 443 21.37 44.12 -56.93
N TYR QA 444 22.65 44.05 -56.56
CA TYR QA 444 23.06 43.26 -55.41
C TYR QA 444 22.42 43.80 -54.13
N PRO QA 445 22.09 42.92 -53.17
CA PRO QA 445 21.64 43.40 -51.86
C PRO QA 445 22.73 44.19 -51.14
N VAL QA 446 22.30 45.18 -50.35
CA VAL QA 446 23.20 46.15 -49.73
C VAL QA 446 23.41 45.79 -48.27
N VAL QA 447 24.68 45.71 -47.85
CA VAL QA 447 25.05 45.30 -46.51
C VAL QA 447 25.56 46.44 -45.64
N GLY QA 448 25.87 47.60 -46.21
CA GLY QA 448 26.27 48.75 -45.42
C GLY QA 448 26.35 50.00 -46.28
N ALA QA 449 26.37 51.15 -45.62
CA ALA QA 449 26.37 52.44 -46.30
C ALA QA 449 27.20 53.45 -45.52
N GLU QA 450 27.78 54.41 -46.25
CA GLU QA 450 28.57 55.50 -45.67
C GLU QA 450 28.75 56.57 -46.75
N LEU QA 451 29.38 57.67 -46.37
CA LEU QA 451 29.66 58.73 -47.34
C LEU QA 451 30.91 58.39 -48.15
N MET QA 452 30.87 58.74 -49.44
CA MET QA 452 32.07 58.71 -50.25
C MET QA 452 33.10 59.66 -49.62
N PRO QA 453 34.30 59.18 -49.32
CA PRO QA 453 35.20 59.91 -48.39
C PRO QA 453 36.01 61.03 -49.01
N VAL QA 454 35.31 62.10 -49.40
CA VAL QA 454 35.93 63.28 -49.99
C VAL QA 454 35.41 64.51 -49.24
N PHE QA 455 36.32 65.38 -48.81
CA PHE QA 455 35.97 66.48 -47.92
C PHE QA 455 36.60 67.78 -48.38
N SER QA 456 36.01 68.88 -47.93
CA SER QA 456 36.50 70.22 -48.20
C SER QA 456 37.40 70.71 -47.08
N LYS QA 457 38.45 71.46 -47.44
CA LYS QA 457 39.36 72.07 -46.48
C LYS QA 457 39.56 73.54 -46.80
N SER QA 458 39.63 74.38 -45.76
CA SER QA 458 39.72 75.82 -45.91
C SER QA 458 41.12 76.35 -45.65
N PHE QA 459 41.49 77.40 -46.37
CA PHE QA 459 42.75 78.11 -46.17
C PHE QA 459 42.48 79.62 -46.22
N TYR QA 460 43.40 80.38 -45.64
CA TYR QA 460 43.30 81.84 -45.59
C TYR QA 460 44.36 82.46 -46.49
N ASN QA 461 43.93 83.37 -47.36
CA ASN QA 461 44.85 84.04 -48.29
C ASN QA 461 44.56 85.53 -48.40
N HIS QA 478 48.09 86.96 -70.17
CA HIS QA 478 47.05 86.49 -69.26
C HIS QA 478 45.82 86.01 -70.02
N VAL QA 479 45.72 84.69 -70.18
CA VAL QA 479 44.55 84.11 -70.85
C VAL QA 479 43.30 84.26 -70.00
N PHE QA 480 43.44 84.43 -68.69
CA PHE QA 480 42.29 84.59 -67.80
C PHE QA 480 41.92 86.05 -67.56
N ASN QA 481 42.53 86.99 -68.30
CA ASN QA 481 42.15 88.40 -68.23
C ASN QA 481 42.37 88.98 -69.63
N ARG QA 482 41.33 88.93 -70.46
CA ARG QA 482 41.40 89.38 -71.85
C ARG QA 482 40.82 90.76 -72.05
N PHE QA 483 40.13 91.31 -71.06
CA PHE QA 483 39.56 92.66 -71.13
C PHE QA 483 39.95 93.40 -69.86
N PRO QA 484 41.23 93.71 -69.68
CA PRO QA 484 41.67 94.36 -68.44
C PRO QA 484 40.99 95.70 -68.19
N GLU QA 485 40.66 96.44 -69.24
CA GLU QA 485 40.11 97.77 -69.05
C GLU QA 485 38.64 97.76 -68.65
N ASN QA 486 37.88 96.79 -69.12
CA ASN QA 486 36.42 96.81 -68.99
C ASN QA 486 36.03 96.47 -67.56
N GLN QA 487 35.28 97.36 -66.91
CA GLN QA 487 34.89 97.16 -65.51
C GLN QA 487 33.93 95.99 -65.33
N ILE QA 488 33.20 95.61 -66.37
CA ILE QA 488 32.28 94.48 -66.27
C ILE QA 488 32.98 93.16 -66.56
N LEU QA 489 33.91 93.17 -67.53
CA LEU QA 489 34.58 91.97 -67.99
C LEU QA 489 35.95 91.76 -67.34
N ILE QA 490 36.28 92.53 -66.31
CA ILE QA 490 37.53 92.31 -65.60
C ILE QA 490 37.50 90.97 -64.88
N ARG QA 491 38.69 90.41 -64.65
CA ARG QA 491 38.82 89.14 -63.95
C ARG QA 491 38.33 89.28 -62.51
N PRO QA 492 37.48 88.38 -62.03
CA PRO QA 492 36.88 88.56 -60.71
C PRO QA 492 37.94 88.52 -59.63
N PRO QA 493 37.76 89.28 -58.55
CA PRO QA 493 38.67 89.17 -57.40
C PRO QA 493 38.53 87.81 -56.72
N ALA QA 494 39.64 87.37 -56.12
CA ALA QA 494 39.71 86.10 -55.42
C ALA QA 494 39.23 86.24 -53.98
N PRO QA 495 38.52 85.25 -53.45
CA PRO QA 495 38.07 85.33 -52.06
C PRO QA 495 39.24 85.24 -51.09
N THR QA 496 39.05 85.82 -49.92
CA THR QA 496 40.02 85.68 -48.85
C THR QA 496 39.97 84.30 -48.20
N ILE QA 497 38.96 83.49 -48.50
CA ILE QA 497 38.86 82.10 -48.03
C ILE QA 497 38.84 81.19 -49.25
N THR QA 498 39.81 80.28 -49.34
CA THR QA 498 39.92 79.34 -50.44
C THR QA 498 39.66 77.92 -49.93
N THR QA 499 38.89 77.14 -50.70
CA THR QA 499 38.56 75.77 -50.33
C THR QA 499 39.00 74.81 -51.44
N VAL QA 500 39.55 73.66 -51.02
CA VAL QA 500 39.98 72.60 -51.92
C VAL QA 500 39.49 71.26 -51.36
N SER QA 501 39.33 70.28 -52.24
CA SER QA 501 38.80 68.98 -51.86
C SER QA 501 39.91 67.96 -51.66
N GLU QA 502 39.72 67.08 -50.67
CA GLU QA 502 40.71 66.10 -50.25
C GLU QA 502 40.11 64.71 -50.11
N ASN QA 503 40.95 63.70 -50.31
CA ASN QA 503 40.59 62.31 -50.09
C ASN QA 503 41.19 61.85 -48.75
N VAL QA 504 40.35 61.34 -47.86
CA VAL QA 504 40.75 60.93 -46.52
C VAL QA 504 40.36 59.47 -46.32
N PRO QA 505 41.28 58.60 -45.90
CA PRO QA 505 40.91 57.18 -45.71
C PRO QA 505 39.83 57.02 -44.64
N ALA QA 506 38.91 56.11 -44.91
CA ALA QA 506 37.71 55.92 -44.09
C ALA QA 506 37.74 54.56 -43.42
N LEU QA 507 37.56 54.56 -42.10
CA LEU QA 507 37.56 53.35 -41.27
C LEU QA 507 36.20 53.25 -40.60
N THR QA 508 35.45 52.21 -40.92
CA THR QA 508 34.04 52.16 -40.57
C THR QA 508 33.67 50.84 -39.91
N ASP QA 509 32.87 50.92 -38.85
CA ASP QA 509 32.27 49.76 -38.19
C ASP QA 509 30.79 49.69 -38.60
N HIS QA 510 30.40 48.61 -39.26
CA HIS QA 510 29.04 48.46 -39.78
C HIS QA 510 28.14 47.61 -38.89
N GLY QA 511 28.61 47.17 -37.73
CA GLY QA 511 27.80 46.33 -36.85
C GLY QA 511 27.76 44.86 -37.28
N THR QA 512 26.81 44.14 -36.68
CA THR QA 512 26.69 42.69 -36.85
C THR QA 512 25.55 42.37 -37.82
N LEU QA 513 25.81 41.47 -38.77
CA LEU QA 513 24.84 41.01 -39.75
C LEU QA 513 24.77 39.48 -39.78
N PRO QA 514 23.59 38.91 -40.08
CA PRO QA 514 23.49 37.45 -40.15
C PRO QA 514 24.34 36.83 -41.26
N LEU QA 515 24.96 35.71 -40.94
CA LEU QA 515 25.97 35.06 -41.76
C LEU QA 515 25.45 33.74 -42.31
N ARG QA 516 25.85 33.39 -43.52
CA ARG QA 516 25.50 32.09 -44.09
C ARG QA 516 26.26 30.97 -43.38
N SER QA 517 25.61 29.80 -43.26
CA SER QA 517 26.20 28.68 -42.53
C SER QA 517 27.35 28.01 -43.28
N SER QA 518 27.36 28.10 -44.61
CA SER QA 518 28.43 27.51 -45.40
C SER QA 518 29.01 28.59 -46.31
N ILE QA 519 30.32 28.78 -46.23
CA ILE QA 519 31.02 29.87 -46.92
C ILE QA 519 31.98 29.24 -47.93
N ARG QA 520 31.84 29.62 -49.19
CA ARG QA 520 32.73 29.13 -50.24
C ARG QA 520 34.08 29.85 -50.18
N GLY QA 521 35.09 29.22 -50.78
CA GLY QA 521 36.45 29.71 -50.72
C GLY QA 521 36.72 30.96 -51.52
N VAL QA 522 35.92 31.25 -52.55
CA VAL QA 522 36.07 32.44 -53.37
C VAL QA 522 34.87 33.35 -53.15
N GLN QA 523 35.14 34.63 -52.89
CA GLN QA 523 34.14 35.60 -52.49
C GLN QA 523 34.18 36.83 -53.39
N ARG QA 524 33.02 37.44 -53.62
CA ARG QA 524 32.87 38.65 -54.41
C ARG QA 524 32.70 39.87 -53.50
N VAL QA 525 33.40 40.96 -53.84
CA VAL QA 525 33.34 42.22 -53.11
C VAL QA 525 32.98 43.33 -54.09
N THR QA 526 31.96 44.15 -53.75
CA THR QA 526 31.47 45.18 -54.64
C THR QA 526 31.17 46.48 -53.89
N VAL QA 527 31.51 47.61 -54.52
CA VAL QA 527 31.21 48.94 -54.01
C VAL QA 527 30.53 49.74 -55.12
N THR QA 528 29.34 50.28 -54.85
CA THR QA 528 28.58 51.05 -55.84
C THR QA 528 28.07 52.36 -55.25
N ASP QA 529 27.73 53.30 -56.15
CA ASP QA 529 27.26 54.63 -55.77
C ASP QA 529 25.73 54.66 -55.68
N ALA QA 530 25.17 55.86 -55.57
CA ALA QA 530 23.74 56.01 -55.35
C ALA QA 530 22.90 55.55 -56.54
N ARG QA 531 23.44 55.68 -57.76
CA ARG QA 531 22.78 55.18 -58.95
C ARG QA 531 23.13 53.74 -59.27
N ARG QA 532 23.85 53.06 -58.36
CA ARG QA 532 24.25 51.66 -58.47
C ARG QA 532 25.21 51.43 -59.63
N ARG QA 533 26.12 52.36 -59.85
CA ARG QA 533 27.29 52.15 -60.70
C ARG QA 533 28.52 51.90 -59.84
N THR QA 534 29.46 51.11 -60.36
CA THR QA 534 30.73 50.98 -59.67
C THR QA 534 31.53 52.27 -59.81
N CYS QA 535 32.42 52.51 -58.85
CA CYS QA 535 33.19 53.75 -58.82
C CYS QA 535 34.62 53.50 -59.25
N PRO QA 536 35.08 54.07 -60.37
CA PRO QA 536 36.46 53.84 -60.82
C PRO QA 536 37.53 54.53 -59.97
N TYR QA 537 37.17 55.33 -58.98
CA TYR QA 537 38.17 56.04 -58.20
C TYR QA 537 38.48 55.37 -56.86
N VAL QA 538 37.94 54.18 -56.60
CA VAL QA 538 38.38 53.38 -55.46
C VAL QA 538 39.66 52.65 -55.86
N TYR QA 539 40.70 52.75 -55.03
CA TYR QA 539 41.91 51.98 -55.29
C TYR QA 539 42.40 51.17 -54.09
N LYS QA 540 41.65 51.12 -53.00
CA LYS QA 540 41.98 50.25 -51.88
C LYS QA 540 40.71 49.97 -51.09
N ALA QA 541 40.39 48.69 -50.90
CA ALA QA 541 39.21 48.27 -50.16
C ALA QA 541 39.50 46.95 -49.47
N LEU QA 542 39.31 46.91 -48.14
CA LEU QA 542 39.53 45.73 -47.33
C LEU QA 542 38.33 45.49 -46.41
N GLY QA 543 38.09 44.22 -46.10
CA GLY QA 543 37.07 43.86 -45.14
C GLY QA 543 37.59 42.84 -44.15
N ILE QA 544 37.10 42.95 -42.91
CA ILE QA 544 37.42 42.04 -41.83
C ILE QA 544 36.12 41.64 -41.13
N VAL QA 545 35.88 40.35 -41.00
CA VAL QA 545 34.64 39.83 -40.42
C VAL QA 545 34.98 38.98 -39.21
N ALA QA 546 34.22 39.14 -38.13
CA ALA QA 546 34.39 38.38 -36.89
C ALA QA 546 33.12 37.61 -36.54
N PRO QA 547 33.04 36.32 -36.87
CA PRO QA 547 31.80 35.57 -36.59
C PRO QA 547 31.59 35.30 -35.10
N ARG QA 548 30.32 35.16 -34.72
CA ARG QA 548 29.94 34.73 -33.38
C ARG QA 548 28.50 34.21 -33.40
N VAL QA 549 28.13 33.48 -32.34
CA VAL QA 549 26.82 32.85 -32.24
C VAL QA 549 25.77 33.89 -31.84
N LEU QA 550 24.64 33.88 -32.54
CA LEU QA 550 23.51 34.76 -32.23
C LEU QA 550 22.39 34.05 -31.48
N SER QA 551 21.94 32.89 -31.94
CA SER QA 551 20.87 32.17 -31.26
C SER QA 551 20.96 30.69 -31.61
N SER QA 552 20.15 29.90 -30.91
CA SER QA 552 20.14 28.45 -31.07
C SER QA 552 19.21 28.03 -32.20
N ARG QA 553 19.53 26.90 -32.80
CA ARG QA 553 18.74 26.23 -33.83
C ARG QA 553 18.65 27.03 -35.13
N ARG RA 48 44.66 -8.66 11.15
CA ARG RA 48 45.72 -8.54 10.15
C ARG RA 48 47.05 -8.09 10.77
N ASN RA 49 47.37 -8.61 11.94
CA ASN RA 49 48.57 -8.18 12.65
C ASN RA 49 49.34 -9.32 13.29
N SER RA 50 49.19 -10.55 12.80
CA SER RA 50 49.84 -11.69 13.41
C SER RA 50 51.24 -11.91 12.84
N ILE RA 51 52.09 -12.57 13.62
CA ILE RA 51 53.47 -12.87 13.25
C ILE RA 51 53.72 -14.36 13.48
N ARG RA 52 54.16 -15.07 12.44
CA ARG RA 52 54.20 -16.53 12.46
C ARG RA 52 55.58 -17.06 12.10
N TYR RA 53 55.94 -18.18 12.73
CA TYR RA 53 57.20 -18.86 12.51
C TYR RA 53 56.93 -20.23 11.88
N SER RA 54 57.67 -20.53 10.81
CA SER RA 54 57.30 -21.66 9.94
C SER RA 54 57.40 -23.01 10.62
N GLU RA 55 58.09 -23.13 11.76
CA GLU RA 55 58.18 -24.41 12.44
C GLU RA 55 57.07 -24.66 13.45
N LEU RA 56 56.12 -23.75 13.60
CA LEU RA 56 55.04 -23.89 14.57
C LEU RA 56 53.68 -23.88 13.87
N SER RA 57 52.75 -24.69 14.39
CA SER RA 57 51.41 -24.80 13.83
C SER RA 57 50.44 -25.31 14.89
N PRO RA 58 49.19 -24.86 14.90
CA PRO RA 58 48.24 -25.32 15.93
C PRO RA 58 47.58 -26.64 15.58
N LEU RA 59 47.02 -27.29 16.61
CA LEU RA 59 46.51 -28.66 16.52
C LEU RA 59 44.99 -28.71 16.58
N TYR RA 60 44.41 -29.66 15.83
CA TYR RA 60 42.97 -29.82 15.74
C TYR RA 60 42.57 -31.29 15.65
N ASP RA 61 41.36 -31.57 16.17
CA ASP RA 61 40.51 -32.75 15.97
C ASP RA 61 40.92 -34.07 16.63
N THR RA 62 42.20 -34.28 16.94
CA THR RA 62 42.67 -35.53 17.54
C THR RA 62 44.17 -35.47 17.72
N THR RA 63 44.68 -36.30 18.62
CA THR RA 63 46.11 -36.37 18.95
C THR RA 63 46.34 -37.65 19.76
N ARG RA 64 47.53 -37.79 20.35
CA ARG RA 64 47.86 -38.91 21.22
C ARG RA 64 48.41 -38.42 22.55
N LEU RA 65 48.08 -39.14 23.63
CA LEU RA 65 48.70 -38.95 24.94
C LEU RA 65 49.30 -40.28 25.39
N TYR RA 66 50.53 -40.25 25.89
CA TYR RA 66 51.27 -41.45 26.25
C TYR RA 66 51.50 -41.51 27.75
N LEU RA 67 51.19 -42.67 28.36
CA LEU RA 67 51.34 -42.91 29.79
C LEU RA 67 52.36 -44.03 29.96
N VAL RA 68 53.60 -43.67 30.27
CA VAL RA 68 54.73 -44.57 30.20
C VAL RA 68 55.40 -44.65 31.56
N ASP RA 69 55.77 -45.86 31.97
CA ASP RA 69 56.20 -46.14 33.33
C ASP RA 69 57.71 -46.10 33.55
N ASN RA 70 58.52 -45.80 32.53
CA ASN RA 70 59.97 -45.87 32.69
C ASN RA 70 60.67 -44.69 32.03
N LYS RA 71 60.14 -43.48 32.20
CA LYS RA 71 60.86 -42.29 31.79
C LYS RA 71 62.01 -42.01 32.74
N SER RA 72 63.15 -41.59 32.20
CA SER RA 72 64.37 -41.51 32.99
C SER RA 72 64.26 -40.49 34.13
N ALA RA 73 63.71 -39.31 33.82
CA ALA RA 73 63.61 -38.26 34.85
C ALA RA 73 62.52 -38.54 35.87
N ASP RA 74 61.42 -39.18 35.46
CA ASP RA 74 60.35 -39.50 36.39
C ASP RA 74 60.78 -40.54 37.41
N ILE RA 75 61.69 -41.43 37.03
CA ILE RA 75 62.18 -42.46 37.95
C ILE RA 75 62.86 -41.82 39.16
N ALA RA 76 63.70 -40.81 38.92
CA ALA RA 76 64.52 -40.25 39.98
C ALA RA 76 63.71 -39.39 40.93
N SER RA 77 62.79 -38.57 40.41
CA SER RA 77 62.17 -37.52 41.21
C SER RA 77 60.72 -37.76 41.59
N LEU RA 78 60.07 -38.80 41.08
CA LEU RA 78 58.66 -38.99 41.38
C LEU RA 78 58.34 -40.29 42.09
N ASN RA 79 58.99 -41.39 41.73
CA ASN RA 79 58.50 -42.73 42.05
C ASN RA 79 59.44 -43.50 42.96
N TYR RA 80 60.02 -42.83 43.95
CA TYR RA 80 61.03 -43.47 44.79
C TYR RA 80 60.43 -44.59 45.64
N GLN RA 81 59.20 -44.43 46.11
CA GLN RA 81 58.55 -45.41 46.97
C GLN RA 81 57.45 -46.20 46.27
N ASN RA 82 57.38 -46.17 44.95
CA ASN RA 82 56.27 -46.76 44.19
C ASN RA 82 56.72 -48.05 43.49
N ASP RA 83 55.77 -48.71 42.84
CA ASP RA 83 56.07 -49.86 41.98
C ASP RA 83 55.19 -49.76 40.73
N HIS RA 84 55.34 -50.73 39.82
CA HIS RA 84 54.69 -50.66 38.52
C HIS RA 84 53.18 -50.82 38.59
N SER RA 85 52.63 -51.23 39.72
CA SER RA 85 51.19 -51.32 39.88
C SER RA 85 50.56 -50.00 40.32
N ASN RA 86 51.36 -49.03 40.80
CA ASN RA 86 50.82 -47.75 41.29
C ASN RA 86 51.93 -46.70 41.24
N PHE RA 87 51.93 -45.86 40.20
CA PHE RA 87 53.04 -44.95 39.96
C PHE RA 87 52.53 -43.63 39.38
N LEU RA 88 53.44 -42.66 39.27
CA LEU RA 88 53.18 -41.36 38.67
C LEU RA 88 54.00 -41.19 37.41
N THR RA 89 53.44 -40.46 36.44
CA THR RA 89 54.14 -40.20 35.19
C THR RA 89 53.72 -38.84 34.64
N THR RA 90 54.54 -38.32 33.74
CA THR RA 90 54.29 -37.02 33.12
C THR RA 90 53.80 -37.22 31.69
N VAL RA 91 52.71 -36.55 31.33
CA VAL RA 91 52.21 -36.59 29.96
C VAL RA 91 52.80 -35.47 29.10
N VAL RA 92 53.58 -34.57 29.67
CA VAL RA 92 54.29 -33.54 28.92
C VAL RA 92 55.58 -34.15 28.40
N GLN RA 93 55.77 -34.13 27.08
CA GLN RA 93 56.92 -34.76 26.42
C GLN RA 93 57.95 -33.74 25.95
N ASN RA 94 58.20 -32.68 26.72
CA ASN RA 94 59.06 -31.57 26.33
C ASN RA 94 60.18 -31.47 27.36
N ASN RA 95 61.41 -31.77 26.95
CA ASN RA 95 62.53 -31.86 27.88
C ASN RA 95 63.13 -30.50 28.24
N ASP RA 96 62.51 -29.39 27.86
CA ASP RA 96 62.91 -28.09 28.38
C ASP RA 96 62.53 -27.91 29.85
N PHE RA 97 61.76 -28.83 30.42
CA PHE RA 97 61.26 -28.72 31.78
C PHE RA 97 61.49 -30.01 32.54
N THR RA 98 61.70 -29.90 33.84
CA THR RA 98 61.74 -31.04 34.73
C THR RA 98 60.33 -31.52 35.06
N PRO RA 99 60.17 -32.76 35.53
CA PRO RA 99 58.83 -33.23 35.90
C PRO RA 99 58.15 -32.38 36.96
N THR RA 100 58.91 -31.85 37.92
CA THR RA 100 58.34 -30.98 38.93
C THR RA 100 57.75 -29.72 38.30
N GLU RA 101 58.49 -29.10 37.38
CA GLU RA 101 57.95 -27.94 36.66
C GLU RA 101 56.76 -28.33 35.81
N ALA RA 102 56.80 -29.50 35.18
CA ALA RA 102 55.71 -29.94 34.31
C ALA RA 102 54.41 -30.15 35.08
N SER RA 103 54.50 -30.43 36.38
CA SER RA 103 53.30 -30.76 37.15
C SER RA 103 52.30 -29.61 37.19
N THR RA 104 52.76 -28.38 37.05
CA THR RA 104 51.87 -27.23 37.08
C THR RA 104 51.31 -26.85 35.70
N GLN RA 105 51.80 -27.44 34.62
CA GLN RA 105 51.32 -27.12 33.29
C GLN RA 105 50.05 -27.92 32.98
N THR RA 106 49.32 -27.48 31.95
CA THR RA 106 48.06 -28.12 31.57
C THR RA 106 47.97 -28.28 30.06
N ILE RA 107 47.12 -29.22 29.65
CA ILE RA 107 46.68 -29.40 28.27
C ILE RA 107 45.18 -29.17 28.24
N ASN RA 108 44.71 -28.32 27.33
CA ASN RA 108 43.33 -27.85 27.34
C ASN RA 108 42.62 -28.22 26.05
N PHE RA 109 41.50 -28.93 26.18
CA PHE RA 109 40.63 -29.29 25.07
C PHE RA 109 39.45 -28.31 25.03
N ASP RA 110 39.09 -27.85 23.83
CA ASP RA 110 38.18 -26.71 23.71
C ASP RA 110 36.90 -26.90 24.50
N GLU RA 111 36.59 -25.92 25.35
CA GLU RA 111 35.50 -26.04 26.31
C GLU RA 111 34.12 -25.95 25.67
N ARG RA 112 34.03 -25.59 24.40
CA ARG RA 112 32.76 -25.59 23.70
C ARG RA 112 32.35 -26.97 23.17
N SER RA 113 33.13 -28.00 23.45
CA SER RA 113 32.79 -29.38 23.10
C SER RA 113 32.98 -30.27 24.32
N ARG RA 114 32.30 -31.41 24.31
CA ARG RA 114 32.58 -32.50 25.25
C ARG RA 114 33.44 -33.54 24.54
N TRP RA 115 34.49 -33.99 25.23
CA TRP RA 115 35.52 -34.84 24.62
C TRP RA 115 35.51 -36.24 25.24
N GLY RA 116 35.88 -37.22 24.41
CA GLY RA 116 36.08 -38.57 24.88
C GLY RA 116 37.43 -39.10 24.46
N GLY RA 117 37.86 -40.16 25.12
CA GLY RA 117 39.15 -40.75 24.85
C GLY RA 117 39.14 -42.26 24.69
N GLN RA 118 39.63 -42.75 23.56
CA GLN RA 118 39.74 -44.18 23.33
C GLN RA 118 41.03 -44.70 23.98
N LEU RA 119 40.91 -45.74 24.80
CA LEU RA 119 42.00 -46.22 25.64
C LEU RA 119 42.46 -47.60 25.22
N LYS RA 120 43.78 -47.76 25.03
CA LYS RA 120 44.42 -49.04 24.80
C LYS RA 120 45.53 -49.25 25.82
N THR RA 121 45.65 -50.48 26.32
CA THR RA 121 46.64 -50.79 27.36
C THR RA 121 47.49 -51.99 26.96
N ILE RA 122 48.69 -52.03 27.53
CA ILE RA 122 49.62 -53.15 27.40
C ILE RA 122 50.11 -53.52 28.80
N MET RA 123 50.02 -54.81 29.15
CA MET RA 123 50.38 -55.27 30.48
C MET RA 123 51.15 -56.59 30.41
N HIS RA 124 52.14 -56.76 31.28
CA HIS RA 124 52.88 -58.00 31.39
C HIS RA 124 53.18 -58.32 32.85
N THR RA 125 53.06 -59.60 33.21
CA THR RA 125 53.19 -60.05 34.59
C THR RA 125 54.22 -61.16 34.71
N ASN RA 126 54.65 -61.44 35.93
CA ASN RA 126 55.58 -62.54 36.22
C ASN RA 126 55.19 -63.30 37.50
N MET RA 127 53.90 -63.63 37.63
CA MET RA 127 53.38 -64.29 38.84
C MET RA 127 53.66 -65.79 38.83
N PRO RA 128 54.23 -66.34 39.91
CA PRO RA 128 54.28 -67.80 40.06
C PRO RA 128 53.01 -68.36 40.68
N ASN RA 129 52.74 -69.63 40.39
CA ASN RA 129 51.44 -70.19 40.75
C ASN RA 129 51.29 -70.53 42.23
N VAL RA 130 52.37 -70.78 42.96
CA VAL RA 130 52.32 -71.05 44.40
C VAL RA 130 53.01 -69.90 45.12
N ASN RA 131 52.23 -69.07 45.81
CA ASN RA 131 52.78 -67.89 46.47
C ASN RA 131 51.87 -67.48 47.62
N GLU RA 132 52.43 -66.66 48.51
CA GLU RA 132 51.71 -66.26 49.72
C GLU RA 132 50.65 -65.21 49.46
N TYR RA 133 50.90 -64.29 48.53
CA TYR RA 133 50.00 -63.14 48.35
C TYR RA 133 48.63 -63.57 47.86
N MET RA 134 48.55 -64.67 47.11
CA MET RA 134 47.30 -65.13 46.51
C MET RA 134 46.68 -66.30 47.27
N PHE RA 135 47.19 -66.61 48.47
CA PHE RA 135 46.62 -67.65 49.34
C PHE RA 135 46.67 -69.05 48.71
N SER RA 136 47.66 -69.30 47.85
CA SER RA 136 47.88 -70.64 47.30
C SER RA 136 49.07 -71.32 47.97
N ASN RA 137 49.37 -70.92 49.19
CA ASN RA 137 50.58 -71.32 49.90
C ASN RA 137 50.31 -72.25 51.08
N LYS RA 138 49.06 -72.40 51.51
CA LYS RA 138 48.77 -73.01 52.80
C LYS RA 138 47.42 -73.71 52.78
N PHE RA 139 47.26 -74.64 53.72
CA PHE RA 139 46.00 -75.33 53.97
C PHE RA 139 46.03 -75.86 55.40
N LYS RA 140 44.87 -76.32 55.88
CA LYS RA 140 44.73 -76.84 57.23
C LYS RA 140 44.27 -78.29 57.22
N ALA RA 141 44.73 -79.06 58.20
CA ALA RA 141 44.37 -80.47 58.31
C ALA RA 141 44.42 -80.91 59.76
N ARG RA 142 43.75 -82.03 60.05
CA ARG RA 142 43.71 -82.62 61.39
C ARG RA 142 44.35 -83.99 61.36
N VAL RA 143 45.41 -84.16 62.15
CA VAL RA 143 46.20 -85.40 62.18
C VAL RA 143 46.31 -85.88 63.62
N MET RA 144 46.92 -87.06 63.79
CA MET RA 144 47.05 -87.69 65.09
C MET RA 144 48.37 -87.28 65.74
N VAL RA 145 48.29 -86.82 66.99
CA VAL RA 145 49.45 -86.34 67.71
C VAL RA 145 49.98 -87.35 68.73
N SER RA 146 49.12 -88.18 69.31
CA SER RA 146 49.55 -89.14 70.32
C SER RA 146 48.70 -90.40 70.24
N ARG RA 147 49.37 -91.54 70.27
CA ARG RA 147 48.73 -92.81 70.60
C ARG RA 147 48.85 -93.00 72.11
N LYS RA 148 48.53 -94.19 72.60
CA LYS RA 148 48.63 -94.44 74.04
C LYS RA 148 50.08 -94.45 74.51
N ASP RA 171 43.86 -98.38 73.83
CA ASP RA 171 44.62 -97.24 73.33
C ASP RA 171 43.75 -96.01 73.20
N ILE RA 172 44.27 -94.87 73.64
CA ILE RA 172 43.59 -93.58 73.51
C ILE RA 172 44.35 -92.74 72.50
N LEU RA 173 43.61 -92.16 71.55
CA LEU RA 173 44.18 -91.44 70.42
C LEU RA 173 43.79 -89.98 70.49
N LYS RA 174 44.76 -89.10 70.27
CA LYS RA 174 44.55 -87.66 70.32
C LYS RA 174 44.85 -87.04 68.96
N TYR RA 175 44.01 -86.07 68.56
CA TYR RA 175 44.13 -85.40 67.27
C TYR RA 175 44.13 -83.89 67.49
N GLU RA 176 44.68 -83.17 66.51
CA GLU RA 176 44.77 -81.72 66.60
C GLU RA 176 44.84 -81.11 65.20
N TRP RA 177 44.42 -79.86 65.09
CA TRP RA 177 44.47 -79.09 63.85
C TRP RA 177 45.79 -78.34 63.74
N PHE RA 178 46.31 -78.24 62.51
CA PHE RA 178 47.51 -77.48 62.22
C PHE RA 178 47.32 -76.76 60.89
N GLU RA 179 48.18 -75.77 60.64
CA GLU RA 179 48.28 -75.10 59.35
C GLU RA 179 49.63 -75.43 58.73
N PHE RA 180 49.60 -75.83 57.46
CA PHE RA 180 50.79 -76.30 56.75
C PHE RA 180 51.19 -75.30 55.68
N ILE RA 181 52.50 -75.10 55.49
CA ILE RA 181 53.04 -74.09 54.58
C ILE RA 181 53.96 -74.77 53.58
N LEU RA 182 53.79 -74.41 52.28
CA LEU RA 182 54.61 -74.83 51.16
C LEU RA 182 55.61 -73.73 50.79
N PRO RA 183 56.75 -74.07 50.20
CA PRO RA 183 57.65 -73.05 49.69
C PRO RA 183 57.21 -72.54 48.32
N GLU RA 184 57.58 -71.30 48.02
CA GLU RA 184 57.05 -70.60 46.84
C GLU RA 184 57.82 -70.96 45.57
N GLY RA 185 57.12 -70.89 44.45
CA GLY RA 185 57.69 -71.23 43.17
C GLY RA 185 56.59 -71.50 42.14
N ASN RA 186 57.03 -71.85 40.94
CA ASN RA 186 56.12 -72.11 39.82
C ASN RA 186 56.21 -73.60 39.47
N PHE RA 187 55.20 -74.37 39.88
CA PHE RA 187 55.27 -75.82 39.84
C PHE RA 187 54.12 -76.40 39.02
N SER RA 188 54.34 -77.60 38.49
CA SER RA 188 53.25 -78.34 37.87
C SER RA 188 52.33 -78.93 38.93
N ALA RA 189 51.19 -79.46 38.48
CA ALA RA 189 50.20 -79.98 39.40
C ALA RA 189 50.71 -81.20 40.17
N THR RA 190 51.41 -82.12 39.49
CA THR RA 190 51.95 -83.29 40.17
C THR RA 190 53.01 -82.88 41.20
N MET RA 191 53.89 -81.96 40.84
CA MET RA 191 54.91 -81.51 41.78
C MET RA 191 54.29 -80.80 42.98
N THR RA 192 53.17 -80.10 42.78
CA THR RA 192 52.49 -79.45 43.90
C THR RA 192 51.94 -80.48 44.89
N ILE RA 193 51.38 -81.57 44.39
CA ILE RA 193 50.83 -82.61 45.25
C ILE RA 193 51.92 -83.30 46.05
N ASP RA 194 53.11 -83.46 45.46
CA ASP RA 194 54.24 -84.00 46.24
C ASP RA 194 54.60 -83.11 47.41
N LEU RA 195 54.56 -81.79 47.20
CA LEU RA 195 54.92 -80.86 48.28
C LEU RA 195 53.90 -80.89 49.41
N MET RA 196 52.61 -81.09 49.09
CA MET RA 196 51.59 -81.18 50.13
C MET RA 196 51.77 -82.44 50.98
N ASN RA 197 52.08 -83.57 50.34
CA ASN RA 197 52.38 -84.79 51.11
C ASN RA 197 53.61 -84.60 51.98
N ASN RA 198 54.65 -83.95 51.44
CA ASN RA 198 55.87 -83.72 52.20
C ASN RA 198 55.62 -82.85 53.43
N ALA RA 199 54.70 -81.89 53.34
CA ALA RA 199 54.36 -81.07 54.50
C ALA RA 199 53.71 -81.89 55.61
N ILE RA 200 52.83 -82.83 55.25
CA ILE RA 200 52.20 -83.68 56.24
C ILE RA 200 53.24 -84.52 56.97
N ILE RA 201 54.18 -85.09 56.23
CA ILE RA 201 55.16 -85.99 56.81
C ILE RA 201 56.11 -85.25 57.75
N ASP RA 202 56.50 -84.02 57.40
CA ASP RA 202 57.37 -83.25 58.27
C ASP RA 202 56.72 -82.95 59.61
N ASN RA 203 55.39 -82.91 59.68
CA ASN RA 203 54.69 -82.81 60.96
C ASN RA 203 54.76 -84.11 61.74
N TYR RA 204 54.77 -85.25 61.05
CA TYR RA 204 54.86 -86.53 61.73
C TYR RA 204 56.27 -86.81 62.23
N LEU RA 205 57.28 -86.13 61.71
CA LEU RA 205 58.64 -86.32 62.18
C LEU RA 205 59.00 -85.39 63.33
N GLU RA 206 58.33 -84.25 63.47
CA GLU RA 206 58.59 -83.28 64.52
C GLU RA 206 57.73 -83.52 65.75
N ILE RA 207 56.46 -83.86 65.55
CA ILE RA 207 55.54 -84.29 66.59
C ILE RA 207 55.17 -85.71 66.18
N GLY RA 208 54.30 -86.37 66.91
CA GLY RA 208 53.86 -87.64 66.38
C GLY RA 208 54.83 -88.75 66.70
N ARG RA 209 55.71 -89.05 65.73
CA ARG RA 209 56.66 -90.15 65.83
C ARG RA 209 57.29 -90.30 67.21
N GLN RA 210 57.68 -89.19 67.83
CA GLN RA 210 58.26 -89.25 69.17
C GLN RA 210 57.23 -89.41 70.26
N ASN RA 211 55.93 -89.50 69.94
CA ASN RA 211 54.88 -89.70 70.92
C ASN RA 211 54.08 -90.97 70.64
N GLY RA 212 54.66 -91.92 69.93
CA GLY RA 212 54.09 -93.26 69.83
C GLY RA 212 53.22 -93.56 68.65
N VAL RA 213 53.12 -92.68 67.66
CA VAL RA 213 52.35 -92.98 66.47
C VAL RA 213 53.25 -93.72 65.49
N LEU RA 214 52.67 -94.69 64.79
CA LEU RA 214 53.43 -95.49 63.84
C LEU RA 214 53.27 -94.96 62.43
N GLU RA 215 54.14 -95.41 61.54
CA GLU RA 215 54.00 -95.05 60.13
C GLU RA 215 52.99 -95.96 59.47
N SER RA 216 51.85 -96.14 60.13
CA SER RA 216 50.69 -96.81 59.54
C SER RA 216 49.40 -96.14 59.99
N ASP RA 217 49.49 -95.02 60.71
CA ASP RA 217 48.33 -94.26 61.16
C ASP RA 217 48.43 -92.79 60.79
N ILE RA 218 49.14 -92.47 59.71
CA ILE RA 218 49.35 -91.07 59.31
C ILE RA 218 48.02 -90.35 59.16
N GLY RA 219 47.19 -90.81 58.22
CA GLY RA 219 45.81 -90.40 58.20
C GLY RA 219 45.39 -89.36 57.18
N VAL RA 220 46.33 -88.72 56.49
CA VAL RA 220 46.01 -87.77 55.42
C VAL RA 220 46.99 -87.98 54.27
N LYS RA 221 46.48 -88.29 53.08
CA LYS RA 221 47.32 -88.44 51.91
C LYS RA 221 46.57 -87.97 50.66
N PHE RA 222 47.31 -87.35 49.74
CA PHE RA 222 46.77 -86.91 48.45
C PHE RA 222 47.25 -87.86 47.36
N ASP RA 223 46.30 -88.44 46.62
CA ASP RA 223 46.60 -89.48 45.65
C ASP RA 223 45.97 -89.15 44.30
N THR RA 224 46.17 -90.05 43.33
CA THR RA 224 45.58 -89.92 42.00
C THR RA 224 44.93 -91.19 41.47
N ARG RA 225 44.96 -92.29 42.23
CA ARG RA 225 44.59 -93.60 41.69
C ARG RA 225 43.10 -93.88 41.86
N ASN RA 226 42.62 -94.81 41.06
CA ASN RA 226 41.26 -95.35 41.18
C ASN RA 226 41.37 -96.69 41.92
N PHE RA 227 41.23 -96.64 43.23
CA PHE RA 227 41.19 -97.88 43.99
C PHE RA 227 39.92 -98.65 43.62
N ARG RA 228 39.96 -99.96 43.84
CA ARG RA 228 38.90 -100.92 43.49
C ARG RA 228 38.73 -101.11 41.98
N LEU RA 229 39.74 -100.79 41.18
CA LEU RA 229 39.64 -101.04 39.75
C LEU RA 229 39.55 -102.54 39.45
N GLY RA 230 40.47 -103.33 39.98
CA GLY RA 230 40.48 -104.76 39.70
C GLY RA 230 39.64 -105.59 40.65
N TRP RA 231 38.59 -104.99 41.18
CA TRP RA 231 37.72 -105.62 42.16
C TRP RA 231 36.93 -106.76 41.55
N ASP RA 232 36.68 -107.80 42.35
CA ASP RA 232 35.96 -108.98 41.90
C ASP RA 232 34.63 -109.10 42.64
N PRO RA 233 33.52 -109.30 41.94
CA PRO RA 233 32.21 -109.26 42.60
C PRO RA 233 31.94 -110.45 43.51
N GLU RA 234 32.70 -111.55 43.38
CA GLU RA 234 32.47 -112.72 44.23
C GLU RA 234 33.36 -112.69 45.47
N THR RA 235 34.68 -112.62 45.28
CA THR RA 235 35.60 -112.58 46.40
C THR RA 235 35.65 -111.22 47.08
N LYS RA 236 35.22 -110.16 46.40
CA LYS RA 236 35.19 -108.80 46.95
C LYS RA 236 36.57 -108.35 47.43
N LEU RA 237 37.60 -108.70 46.67
CA LEU RA 237 38.96 -108.27 46.96
C LEU RA 237 39.65 -107.92 45.65
N ILE RA 238 40.74 -107.15 45.75
CA ILE RA 238 41.51 -106.75 44.57
C ILE RA 238 42.36 -107.95 44.18
N MET RA 239 41.93 -108.69 43.16
CA MET RA 239 42.57 -109.95 42.82
C MET RA 239 44.04 -109.83 42.44
N PRO RA 240 44.51 -108.84 41.68
CA PRO RA 240 45.94 -108.79 41.34
C PRO RA 240 46.87 -108.67 42.53
N GLY RA 241 46.39 -108.23 43.69
CA GLY RA 241 47.24 -108.03 44.84
C GLY RA 241 47.91 -106.68 44.92
N VAL RA 242 47.80 -105.85 43.88
CA VAL RA 242 48.28 -104.47 43.91
C VAL RA 242 47.24 -103.60 43.22
N TYR RA 243 47.03 -102.41 43.77
CA TYR RA 243 46.12 -101.45 43.15
C TYR RA 243 46.68 -100.98 41.81
N THR RA 244 45.78 -100.71 40.87
CA THR RA 244 46.20 -100.29 39.53
C THR RA 244 46.96 -98.98 39.61
N TYR RA 245 48.13 -98.93 38.98
CA TYR RA 245 49.05 -97.81 39.11
C TYR RA 245 48.87 -96.82 37.94
N GLU RA 246 47.66 -96.28 37.81
CA GLU RA 246 47.32 -95.33 36.76
C GLU RA 246 46.64 -94.11 37.37
N ALA RA 247 46.88 -92.95 36.77
CA ALA RA 247 46.34 -91.69 37.28
C ALA RA 247 44.98 -91.40 36.64
N PHE RA 248 44.00 -91.05 37.48
CA PHE RA 248 42.66 -90.75 37.02
C PHE RA 248 42.23 -89.32 37.34
N HIS RA 249 42.36 -88.88 38.58
CA HIS RA 249 41.94 -87.58 39.08
C HIS RA 249 42.48 -87.42 40.50
N PRO RA 250 42.92 -86.23 40.89
CA PRO RA 250 43.43 -86.06 42.27
C PRO RA 250 42.38 -86.38 43.32
N ASP RA 251 42.84 -86.94 44.43
CA ASP RA 251 41.97 -87.58 45.42
C ASP RA 251 42.51 -87.33 46.82
N ILE RA 252 41.62 -87.48 47.81
CA ILE RA 252 41.93 -87.31 49.22
C ILE RA 252 41.62 -88.62 49.94
N VAL RA 253 42.58 -89.13 50.71
CA VAL RA 253 42.44 -90.38 51.45
C VAL RA 253 42.56 -90.09 52.95
N LEU RA 254 41.61 -90.61 53.74
CA LEU RA 254 41.49 -90.27 55.14
C LEU RA 254 41.34 -91.53 56.01
N LEU RA 255 41.83 -91.42 57.26
CA LEU RA 255 41.65 -92.35 58.37
C LEU RA 255 40.68 -91.76 59.38
N PRO RA 256 40.08 -92.58 60.25
CA PRO RA 256 39.09 -92.05 61.20
C PRO RA 256 39.70 -90.98 62.10
N GLY RA 257 38.91 -89.93 62.37
CA GLY RA 257 39.34 -88.83 63.20
C GLY RA 257 40.07 -87.71 62.49
N CYS RA 258 40.32 -87.81 61.20
CA CYS RA 258 41.09 -86.82 60.46
C CYS RA 258 40.20 -86.02 59.51
N GLY RA 259 40.78 -85.04 58.85
CA GLY RA 259 40.06 -84.20 57.90
C GLY RA 259 40.94 -83.09 57.38
N VAL RA 260 40.44 -82.41 56.34
CA VAL RA 260 41.09 -81.27 55.73
C VAL RA 260 40.10 -80.12 55.63
N ASP RA 261 40.62 -78.89 55.64
CA ASP RA 261 39.80 -77.69 55.62
C ASP RA 261 40.39 -76.67 54.64
N PHE RA 262 39.61 -76.29 53.63
CA PHE RA 262 40.06 -75.39 52.58
C PHE RA 262 39.40 -74.01 52.65
N THR RA 263 38.97 -73.59 53.84
CA THR RA 263 38.27 -72.32 53.95
C THR RA 263 39.14 -71.14 53.55
N GLU RA 264 40.42 -71.18 53.89
CA GLU RA 264 41.32 -70.07 53.61
C GLU RA 264 42.44 -70.50 52.66
N SER RA 265 42.07 -71.19 51.58
CA SER RA 265 43.05 -71.76 50.66
C SER RA 265 42.44 -71.84 49.27
N ARG RA 266 43.29 -71.71 48.26
CA ARG RA 266 42.87 -71.85 46.87
C ARG RA 266 43.38 -73.15 46.24
N LEU RA 267 43.93 -74.05 47.05
CA LEU RA 267 44.46 -75.32 46.54
C LEU RA 267 43.38 -76.32 46.19
N SER RA 268 42.12 -76.10 46.59
CA SER RA 268 41.05 -76.98 46.15
C SER RA 268 40.75 -76.84 44.66
N ASN RA 269 41.03 -75.68 44.07
CA ASN RA 269 40.87 -75.54 42.62
C ASN RA 269 41.90 -76.37 41.86
N LEU RA 270 43.12 -76.45 42.37
CA LEU RA 270 44.14 -77.29 41.73
C LEU RA 270 43.80 -78.77 41.85
N LEU RA 271 43.09 -79.17 42.91
CA LEU RA 271 42.69 -80.56 43.06
C LEU RA 271 41.47 -80.94 42.24
N GLY RA 272 40.73 -79.97 41.72
CA GLY RA 272 39.53 -80.28 40.99
C GLY RA 272 38.36 -80.74 41.84
N ILE RA 273 38.24 -80.22 43.06
CA ILE RA 273 37.13 -80.52 43.95
C ILE RA 273 36.50 -79.19 44.37
N ARG RA 274 35.22 -79.00 44.07
CA ARG RA 274 34.52 -77.75 44.32
C ARG RA 274 33.16 -78.02 44.95
N LYS RA 275 32.58 -76.96 45.51
CA LYS RA 275 31.26 -77.03 46.14
C LYS RA 275 30.16 -76.67 45.17
N ARG RA 276 29.03 -77.38 45.27
CA ARG RA 276 27.88 -77.08 44.43
C ARG RA 276 27.18 -75.79 44.84
N HIS RA 277 27.44 -75.28 46.04
CA HIS RA 277 26.94 -73.99 46.50
C HIS RA 277 28.15 -73.14 46.84
N PRO RA 278 28.79 -72.53 45.83
CA PRO RA 278 30.10 -71.90 46.05
C PRO RA 278 30.05 -70.60 46.83
N PHE RA 279 28.88 -70.03 47.08
CA PHE RA 279 28.79 -68.79 47.83
C PHE RA 279 28.55 -69.01 49.33
N GLN RA 280 28.47 -70.26 49.79
CA GLN RA 280 28.33 -70.55 51.21
C GLN RA 280 29.72 -70.71 51.83
N GLU RA 281 30.00 -69.94 52.87
CA GLU RA 281 31.33 -69.94 53.47
C GLU RA 281 31.64 -71.27 54.15
N GLY RA 282 32.89 -71.68 54.08
CA GLY RA 282 33.36 -72.89 54.74
C GLY RA 282 33.45 -74.10 53.84
N PHE RA 283 34.60 -74.78 53.87
CA PHE RA 283 34.82 -75.97 53.04
C PHE RA 283 35.66 -76.96 53.86
N LYS RA 284 34.98 -77.91 54.50
CA LYS RA 284 35.64 -78.92 55.31
C LYS RA 284 35.17 -80.30 54.88
N ILE RA 285 36.11 -81.25 54.81
CA ILE RA 285 35.81 -82.64 54.46
C ILE RA 285 36.41 -83.53 55.54
N MET RA 286 35.55 -84.23 56.27
CA MET RA 286 35.96 -85.09 57.38
C MET RA 286 35.72 -86.55 57.04
N TYR RA 287 36.24 -87.42 57.89
CA TYR RA 287 36.11 -88.87 57.65
C TYR RA 287 34.66 -89.32 57.66
N GLU RA 288 33.81 -88.66 58.45
CA GLU RA 288 32.40 -89.03 58.50
C GLU RA 288 31.62 -88.64 57.25
N ASP RA 289 32.15 -87.74 56.43
CA ASP RA 289 31.46 -87.32 55.22
C ASP RA 289 31.73 -88.22 54.02
N LEU RA 290 32.69 -89.14 54.12
CA LEU RA 290 33.09 -90.00 53.02
C LEU RA 290 32.47 -91.39 53.10
N GLU RA 291 31.23 -91.49 53.58
CA GLU RA 291 30.58 -92.78 53.74
C GLU RA 291 30.45 -93.49 52.39
N GLY RA 292 30.69 -94.80 52.40
CA GLY RA 292 30.65 -95.60 51.20
C GLY RA 292 31.93 -95.63 50.39
N GLY RA 293 32.97 -94.95 50.85
CA GLY RA 293 34.20 -94.86 50.08
C GLY RA 293 35.36 -95.64 50.63
N ASN RA 294 35.09 -96.68 51.42
CA ASN RA 294 36.17 -97.48 51.99
C ASN RA 294 36.94 -98.20 50.89
N ILE RA 295 38.27 -98.22 51.03
CA ILE RA 295 39.15 -98.83 50.04
C ILE RA 295 39.18 -100.34 50.26
N PRO RA 296 38.82 -101.15 49.26
CA PRO RA 296 38.82 -102.59 49.45
C PRO RA 296 40.21 -103.14 49.75
N ALA RA 297 40.26 -104.14 50.61
CA ALA RA 297 41.52 -104.72 51.05
C ALA RA 297 42.13 -105.61 49.97
N LEU RA 298 43.45 -105.76 50.04
CA LEU RA 298 44.22 -106.67 49.21
C LEU RA 298 43.78 -106.70 47.76
N ILE RA 364 42.28 -117.50 49.85
CA ILE RA 364 41.28 -116.45 49.78
C ILE RA 364 41.20 -115.69 51.10
N GLN RA 365 42.25 -114.94 51.41
CA GLN RA 365 42.28 -114.11 52.61
C GLN RA 365 42.98 -112.79 52.31
N PRO RA 366 42.55 -111.70 52.92
CA PRO RA 366 43.21 -110.41 52.67
C PRO RA 366 44.60 -110.36 53.27
N LEU RA 367 45.49 -109.63 52.61
CA LEU RA 367 46.79 -109.34 53.18
C LEU RA 367 46.63 -108.35 54.32
N GLU RA 368 47.27 -108.63 55.46
CA GLU RA 368 47.09 -107.83 56.65
C GLU RA 368 48.27 -106.93 56.97
N LYS RA 369 49.41 -107.08 56.29
CA LYS RA 369 50.58 -106.28 56.60
C LYS RA 369 51.44 -106.16 55.34
N ASP RA 370 52.35 -105.19 55.38
CA ASP RA 370 53.22 -104.89 54.25
C ASP RA 370 54.53 -105.68 54.34
N SER RA 371 55.45 -105.42 53.42
CA SER RA 371 56.71 -106.16 53.39
C SER RA 371 57.54 -105.91 54.64
N LYS RA 372 57.61 -104.66 55.11
CA LYS RA 372 58.39 -104.30 56.27
C LYS RA 372 57.56 -104.27 57.55
N SER RA 373 56.51 -105.11 57.62
CA SER RA 373 55.64 -105.22 58.79
C SER RA 373 55.01 -103.88 59.14
N ARG RA 374 54.19 -103.38 58.22
CA ARG RA 374 53.33 -102.22 58.45
C ARG RA 374 51.89 -102.65 58.30
N SER RA 375 51.06 -102.27 59.26
CA SER RA 375 49.65 -102.65 59.22
C SER RA 375 48.93 -101.94 58.09
N TYR RA 376 48.12 -102.70 57.35
CA TYR RA 376 47.21 -102.13 56.36
C TYR RA 376 45.89 -101.68 56.95
N ASN RA 377 45.70 -101.83 58.27
CA ASN RA 377 44.47 -101.41 58.97
C ASN RA 377 43.24 -102.15 58.44
N VAL RA 378 43.37 -103.46 58.20
CA VAL RA 378 42.22 -104.25 57.78
C VAL RA 378 41.24 -104.37 58.93
N LEU RA 379 39.96 -104.41 58.60
CA LEU RA 379 38.87 -104.41 59.57
C LEU RA 379 38.23 -105.80 59.66
N GLU RA 380 37.15 -105.88 60.44
CA GLU RA 380 36.37 -107.10 60.49
C GLU RA 380 35.67 -107.33 59.16
N ASP RA 381 35.26 -108.58 58.94
CA ASP RA 381 34.66 -109.08 57.69
C ASP RA 381 35.72 -109.25 56.61
N LYS RA 382 36.94 -108.78 56.87
CA LYS RA 382 38.11 -109.13 56.06
C LYS RA 382 37.91 -108.83 54.58
N ILE RA 383 37.21 -107.75 54.27
CA ILE RA 383 37.05 -107.29 52.89
C ILE RA 383 37.49 -105.84 52.72
N ASN RA 384 37.09 -104.95 53.62
CA ASN RA 384 37.36 -103.53 53.48
C ASN RA 384 38.39 -103.06 54.51
N THR RA 385 38.98 -101.92 54.21
CA THR RA 385 40.02 -101.29 55.02
C THR RA 385 39.48 -99.99 55.59
N ALA RA 386 40.10 -99.55 56.70
CA ALA RA 386 39.66 -98.32 57.37
C ALA RA 386 39.86 -97.07 56.52
N TYR RA 387 40.74 -97.10 55.51
CA TYR RA 387 40.96 -95.93 54.67
C TYR RA 387 39.72 -95.62 53.84
N ARG RA 388 39.39 -94.33 53.73
CA ARG RA 388 38.33 -93.85 52.86
C ARG RA 388 38.89 -92.81 51.89
N SER RA 389 38.27 -92.71 50.71
CA SER RA 389 38.73 -91.78 49.69
C SER RA 389 37.55 -91.02 49.07
N TRP RA 390 37.79 -89.76 48.73
CA TRP RA 390 36.76 -88.92 48.15
C TRP RA 390 36.29 -89.45 46.80
N TYR RA 391 37.21 -89.93 45.97
CA TYR RA 391 36.84 -90.36 44.63
C TYR RA 391 35.95 -91.60 44.66
N LEU RA 392 36.25 -92.56 45.53
CA LEU RA 392 35.42 -93.75 45.63
C LEU RA 392 34.03 -93.40 46.13
N SER RA 393 33.93 -92.51 47.10
CA SER RA 393 32.62 -92.10 47.61
C SER RA 393 31.83 -91.32 46.58
N TYR RA 394 32.50 -90.48 45.78
CA TYR RA 394 31.81 -89.70 44.76
C TYR RA 394 31.24 -90.60 43.66
N ASN RA 395 31.99 -91.62 43.25
CA ASN RA 395 31.59 -92.42 42.10
C ASN RA 395 30.81 -93.68 42.46
N TYR RA 396 31.04 -94.27 43.63
CA TYR RA 396 30.42 -95.54 43.99
C TYR RA 396 29.50 -95.48 45.20
N GLY RA 397 29.51 -94.38 45.96
CA GLY RA 397 28.68 -94.26 47.13
C GLY RA 397 27.24 -93.93 46.78
N ASN RA 398 26.49 -93.57 47.83
CA ASN RA 398 25.07 -93.24 47.66
C ASN RA 398 24.92 -91.90 46.96
N PRO RA 399 24.21 -91.83 45.83
CA PRO RA 399 24.12 -90.56 45.10
C PRO RA 399 23.44 -89.44 45.87
N GLU RA 400 22.51 -89.76 46.78
CA GLU RA 400 21.71 -88.73 47.44
C GLU RA 400 22.08 -88.51 48.90
N LYS RA 401 23.10 -89.20 49.40
CA LYS RA 401 23.54 -89.00 50.78
C LYS RA 401 25.04 -88.86 50.95
N GLY RA 402 25.86 -89.33 50.01
CA GLY RA 402 27.29 -89.25 50.12
C GLY RA 402 27.82 -87.88 49.74
N ILE RA 403 29.14 -87.84 49.53
CA ILE RA 403 29.82 -86.60 49.21
C ILE RA 403 29.38 -86.03 47.87
N ARG RA 404 28.78 -86.83 47.00
CA ARG RA 404 28.35 -86.38 45.68
C ARG RA 404 27.17 -85.42 45.76
N SER RA 405 26.46 -85.36 46.88
CA SER RA 405 25.28 -84.51 46.95
C SER RA 405 25.63 -83.04 47.14
N TRP RA 406 26.83 -82.70 47.61
CA TRP RA 406 27.19 -81.30 47.79
C TRP RA 406 28.60 -80.96 47.30
N THR RA 407 29.30 -81.85 46.62
CA THR RA 407 30.55 -81.51 45.96
C THR RA 407 30.48 -81.88 44.49
N LEU RA 408 31.43 -81.34 43.72
CA LEU RA 408 31.44 -81.48 42.28
C LEU RA 408 32.86 -81.78 41.80
N LEU RA 409 32.98 -82.67 40.82
CA LEU RA 409 34.26 -83.06 40.26
C LEU RA 409 34.53 -82.24 39.00
N THR RA 410 35.70 -81.59 38.94
CA THR RA 410 36.07 -80.72 37.84
C THR RA 410 37.50 -81.00 37.39
N THR RA 411 37.87 -80.47 36.22
CA THR RA 411 39.24 -80.59 35.74
C THR RA 411 40.19 -79.77 36.61
N SER RA 412 41.40 -80.28 36.79
CA SER RA 412 42.40 -79.59 37.60
C SER RA 412 42.83 -78.28 36.93
N ASP RA 413 42.92 -77.23 37.73
CA ASP RA 413 43.30 -75.90 37.25
C ASP RA 413 44.61 -75.49 37.92
N VAL RA 414 45.71 -75.55 37.17
CA VAL RA 414 47.04 -75.34 37.75
C VAL RA 414 47.25 -73.90 38.19
N THR RA 415 46.61 -72.92 37.54
CA THR RA 415 46.77 -71.53 37.96
C THR RA 415 46.09 -71.24 39.29
N CYS RA 416 45.29 -72.18 39.81
CA CYS RA 416 44.52 -72.06 41.04
C CYS RA 416 43.37 -71.07 40.94
N GLY RA 417 42.99 -70.69 39.72
CA GLY RA 417 41.83 -69.84 39.50
C GLY RA 417 42.18 -68.37 39.41
N VAL RA 418 42.18 -67.85 38.21
CA VAL RA 418 42.52 -66.44 38.00
C VAL RA 418 41.25 -65.61 38.08
N GLU RA 419 41.39 -64.39 38.58
CA GLU RA 419 40.29 -63.45 38.64
C GLU RA 419 40.65 -62.20 37.84
N GLN RA 420 39.81 -61.18 37.94
CA GLN RA 420 39.91 -59.99 37.11
C GLN RA 420 40.85 -58.94 37.74
N VAL RA 421 41.22 -57.95 36.92
CA VAL RA 421 41.97 -56.78 37.35
C VAL RA 421 41.27 -55.53 36.87
N TYR RA 422 41.48 -54.42 37.58
CA TYR RA 422 40.83 -53.15 37.30
C TYR RA 422 41.87 -52.04 37.06
N TRP RA 423 41.59 -51.19 36.08
CA TRP RA 423 42.41 -50.01 35.78
C TRP RA 423 41.78 -48.74 36.32
N SER RA 424 42.61 -47.82 36.83
CA SER RA 424 42.16 -46.51 37.28
C SER RA 424 43.06 -45.41 36.71
N LEU RA 425 42.44 -44.32 36.24
CA LEU RA 425 43.15 -43.13 35.79
C LEU RA 425 42.44 -41.89 36.35
N PRO RA 426 42.57 -41.63 37.65
CA PRO RA 426 41.70 -40.64 38.30
C PRO RA 426 41.93 -39.19 37.84
N ASP RA 427 43.11 -38.84 37.31
CA ASP RA 427 43.37 -37.48 36.88
C ASP RA 427 43.06 -37.23 35.40
N MET RA 428 42.61 -38.24 34.66
CA MET RA 428 42.37 -38.08 33.24
C MET RA 428 40.91 -38.29 32.84
N MET RA 429 40.28 -39.36 33.33
CA MET RA 429 38.91 -39.69 32.95
C MET RA 429 37.92 -39.20 34.01
N GLN RA 430 36.70 -38.94 33.57
CA GLN RA 430 35.61 -38.68 34.50
C GLN RA 430 35.18 -39.97 35.20
N ASP RA 431 34.67 -39.83 36.41
CA ASP RA 431 34.22 -41.00 37.18
C ASP RA 431 32.99 -41.62 36.53
N PRO RA 432 32.96 -42.92 36.30
CA PRO RA 432 31.73 -43.57 35.81
C PRO RA 432 30.62 -43.53 36.84
N VAL RA 433 29.39 -43.79 36.36
CA VAL RA 433 28.19 -43.55 37.13
C VAL RA 433 28.16 -44.37 38.42
N THR RA 434 27.77 -43.71 39.51
CA THR RA 434 27.63 -44.15 40.91
C THR RA 434 28.96 -44.25 41.68
N PHE RA 435 30.12 -44.05 41.06
CA PHE RA 435 31.38 -44.01 41.79
C PHE RA 435 31.58 -42.66 42.46
N ARG RA 436 32.08 -42.66 43.69
CA ARG RA 436 32.41 -41.43 44.41
C ARG RA 436 33.84 -40.98 44.11
N SER RA 437 34.04 -39.67 44.07
CA SER RA 437 35.38 -39.10 43.97
C SER RA 437 36.10 -39.20 45.31
N THR RA 438 37.36 -39.62 45.28
CA THR RA 438 38.10 -39.87 46.51
C THR RA 438 39.60 -39.88 46.21
N ARG RA 439 40.38 -39.86 47.30
CA ARG RA 439 41.83 -40.01 47.20
C ARG RA 439 42.34 -41.25 47.93
N GLN RA 440 41.47 -42.18 48.27
CA GLN RA 440 41.89 -43.45 48.87
C GLN RA 440 42.14 -44.47 47.76
N VAL RA 441 43.31 -45.11 47.81
CA VAL RA 441 43.76 -45.95 46.71
C VAL RA 441 42.84 -47.16 46.53
N SER RA 442 42.43 -47.78 47.63
CA SER RA 442 41.54 -48.93 47.51
C SER RA 442 40.12 -48.55 47.10
N ASN RA 443 39.80 -47.30 46.74
CA ASN RA 443 38.45 -46.96 46.33
C ASN RA 443 38.43 -46.04 45.11
N TYR RA 444 39.48 -46.06 44.28
CA TYR RA 444 39.48 -45.28 43.05
C TYR RA 444 38.38 -45.75 42.11
N PRO RA 445 37.77 -44.84 41.34
CA PRO RA 445 36.82 -45.27 40.30
C PRO RA 445 37.51 -46.12 39.23
N VAL RA 446 36.75 -47.06 38.68
CA VAL RA 446 37.28 -48.08 37.77
C VAL RA 446 36.95 -47.71 36.33
N VAL RA 447 37.97 -47.72 35.48
CA VAL RA 447 37.83 -47.31 34.09
C VAL RA 447 37.90 -48.47 33.10
N GLY RA 448 38.32 -49.66 33.53
CA GLY RA 448 38.32 -50.83 32.66
C GLY RA 448 38.63 -52.09 33.44
N ALA RA 449 38.31 -53.22 32.83
CA ALA RA 449 38.50 -54.52 33.48
C ALA RA 449 38.91 -55.57 32.45
N GLU RA 450 39.64 -56.57 32.92
CA GLU RA 450 40.09 -57.70 32.09
C GLU RA 450 40.58 -58.81 33.04
N LEU RA 451 40.94 -59.95 32.47
CA LEU RA 451 41.50 -61.03 33.27
C LEU RA 451 42.98 -60.79 33.56
N MET RA 452 43.40 -61.15 34.76
CA MET RA 452 44.82 -61.22 35.06
C MET RA 452 45.48 -62.21 34.10
N PRO RA 453 46.51 -61.82 33.36
CA PRO RA 453 46.93 -62.58 32.17
C PRO RA 453 47.84 -63.78 32.46
N VAL RA 454 47.27 -64.80 33.10
CA VAL RA 454 47.99 -66.03 33.42
C VAL RA 454 47.14 -67.20 32.93
N PHE RA 455 47.76 -68.13 32.20
CA PHE RA 455 47.02 -69.19 31.53
C PHE RA 455 47.71 -70.54 31.72
N SER RA 456 46.91 -71.59 31.55
CA SER RA 456 47.37 -72.97 31.64
C SER RA 456 47.76 -73.49 30.25
N LYS RA 457 48.80 -74.31 30.20
CA LYS RA 457 49.24 -74.97 28.98
C LYS RA 457 49.45 -76.46 29.22
N SER RA 458 49.08 -77.28 28.24
CA SER RA 458 49.11 -78.74 28.36
C SER RA 458 50.28 -79.36 27.59
N PHE RA 459 50.81 -80.44 28.13
CA PHE RA 459 51.86 -81.22 27.49
C PHE RA 459 51.53 -82.70 27.65
N TYR RA 460 52.11 -83.52 26.78
CA TYR RA 460 51.89 -84.96 26.79
C TYR RA 460 53.17 -85.67 27.23
N ASN RA 461 53.04 -86.56 28.20
CA ASN RA 461 54.19 -87.30 28.72
C ASN RA 461 53.86 -88.77 28.96
N HIS RA 478 65.25 -90.75 47.81
CA HIS RA 478 63.97 -90.20 47.35
C HIS RA 478 63.16 -89.65 48.50
N VAL RA 479 63.21 -88.32 48.69
CA VAL RA 479 62.42 -87.69 49.73
C VAL RA 479 60.93 -87.74 49.42
N PHE RA 480 60.55 -87.90 48.16
CA PHE RA 480 59.15 -87.97 47.76
C PHE RA 480 58.61 -89.39 47.71
N ASN RA 481 59.40 -90.38 48.17
CA ASN RA 481 58.92 -91.75 48.27
C ASN RA 481 59.62 -92.38 49.48
N ARG RA 482 58.98 -92.26 50.65
CA ARG RA 482 59.53 -92.73 51.91
C ARG RA 482 58.98 -94.09 52.33
N PHE RA 483 57.94 -94.58 51.68
CA PHE RA 483 57.35 -95.88 51.98
C PHE RA 483 57.17 -96.63 50.67
N PRO RA 484 58.28 -97.02 50.02
CA PRO RA 484 58.16 -97.68 48.71
C PRO RA 484 57.35 -98.97 48.75
N GLU RA 485 57.39 -99.70 49.86
CA GLU RA 485 56.72 -100.99 49.90
C GLU RA 485 55.21 -100.86 50.08
N ASN RA 486 54.75 -99.86 50.81
CA ASN RA 486 53.36 -99.78 51.22
C ASN RA 486 52.48 -99.40 50.04
N GLN RA 487 51.48 -100.22 49.74
CA GLN RA 487 50.61 -99.98 48.59
C GLN RA 487 49.73 -98.76 48.77
N ILE RA 488 49.47 -98.33 50.00
CA ILE RA 488 48.66 -97.15 50.25
C ILE RA 488 49.51 -95.88 50.24
N LEU RA 489 50.73 -95.97 50.78
CA LEU RA 489 51.61 -94.81 50.93
C LEU RA 489 52.63 -94.69 49.82
N ILE RA 490 52.50 -95.47 48.75
CA ILE RA 490 53.40 -95.33 47.62
C ILE RA 490 53.20 -93.97 46.94
N ARG RA 491 54.25 -93.49 46.28
CA ARG RA 491 54.18 -92.22 45.57
C ARG RA 491 53.18 -92.30 44.42
N PRO RA 492 52.28 -91.34 44.29
CA PRO RA 492 51.21 -91.47 43.29
C PRO RA 492 51.79 -91.48 41.88
N PRO RA 493 51.16 -92.21 40.98
CA PRO RA 493 51.57 -92.14 39.57
C PRO RA 493 51.28 -90.78 38.96
N ALA RA 494 52.11 -90.40 37.98
CA ALA RA 494 52.00 -89.12 37.30
C ALA RA 494 51.01 -89.20 36.14
N PRO RA 495 50.21 -88.17 35.91
CA PRO RA 495 49.26 -88.19 34.79
C PRO RA 495 49.98 -88.17 33.46
N THR RA 496 49.33 -88.72 32.45
CA THR RA 496 49.84 -88.63 31.09
C THR RA 496 49.64 -87.24 30.48
N ILE RA 497 48.87 -86.36 31.13
CA ILE RA 497 48.70 -84.96 30.72
C ILE RA 497 49.19 -84.07 31.85
N THR RA 498 50.19 -83.24 31.56
CA THR RA 498 50.77 -82.31 32.52
C THR RA 498 50.43 -80.87 32.13
N THR RA 499 50.05 -80.06 33.12
CA THR RA 499 49.72 -78.66 32.89
C THR RA 499 50.59 -77.75 33.73
N VAL RA 500 51.02 -76.64 33.13
CA VAL RA 500 51.84 -75.62 33.79
C VAL RA 500 51.26 -74.25 33.44
N SER RA 501 51.52 -73.27 34.30
CA SER RA 501 50.97 -71.93 34.14
C SER RA 501 51.98 -70.99 33.52
N GLU RA 502 51.49 -70.08 32.66
CA GLU RA 502 52.32 -69.17 31.88
C GLU RA 502 51.80 -67.73 31.97
N ASN RA 503 52.72 -66.79 31.83
CA ASN RA 503 52.39 -65.36 31.74
C ASN RA 503 52.48 -64.92 30.27
N VAL RA 504 51.39 -64.35 29.75
CA VAL RA 504 51.30 -63.95 28.35
C VAL RA 504 50.95 -62.47 28.30
N PRO RA 505 51.70 -61.65 27.56
CA PRO RA 505 51.39 -60.21 27.50
C PRO RA 505 50.01 -59.95 26.91
N ALA RA 506 49.30 -59.00 27.51
CA ALA RA 506 47.91 -58.72 27.20
C ALA RA 506 47.77 -57.35 26.55
N LEU RA 507 47.11 -57.32 25.39
CA LEU RA 507 46.88 -56.11 24.60
C LEU RA 507 45.38 -55.91 24.50
N THR RA 508 44.86 -54.82 25.07
CA THR RA 508 43.43 -54.67 25.28
C THR RA 508 42.94 -53.31 24.79
N ASP RA 509 41.79 -53.33 24.11
CA ASP RA 509 41.07 -52.13 23.72
C ASP RA 509 39.86 -51.97 24.64
N HIS RA 510 39.82 -50.88 25.39
CA HIS RA 510 38.78 -50.63 26.38
C HIS RA 510 37.66 -49.72 25.89
N GLY RA 511 37.69 -49.29 24.63
CA GLY RA 511 36.66 -48.39 24.12
C GLY RA 511 36.88 -46.93 24.50
N THR RA 512 35.84 -46.13 24.30
CA THR RA 512 35.87 -44.68 24.50
C THR RA 512 35.21 -44.29 25.81
N LEU RA 513 35.88 -43.43 26.58
CA LEU RA 513 35.37 -42.92 27.85
C LEU RA 513 35.42 -41.39 27.88
N PRO RA 514 34.50 -40.75 28.60
CA PRO RA 514 34.51 -39.28 28.69
C PRO RA 514 35.77 -38.75 29.38
N LEU RA 515 36.29 -37.66 28.85
CA LEU RA 515 37.58 -37.08 29.21
C LEU RA 515 37.39 -35.74 29.90
N ARG RA 516 38.24 -35.44 30.87
CA ARG RA 516 38.22 -34.13 31.51
C ARG RA 516 38.73 -33.05 30.56
N SER RA 517 38.16 -31.85 30.67
CA SER RA 517 38.51 -30.76 29.76
C SER RA 517 39.90 -30.18 30.03
N SER RA 518 40.40 -30.27 31.25
CA SER RA 518 41.73 -29.77 31.57
C SER RA 518 42.54 -30.90 32.21
N ILE RA 519 43.70 -31.18 31.65
CA ILE RA 519 44.53 -32.31 32.03
C ILE RA 519 45.84 -31.77 32.59
N ARG RA 520 46.16 -32.16 33.82
CA ARG RA 520 47.42 -31.76 34.45
C ARG RA 520 48.60 -32.56 33.90
N GLY RA 521 49.79 -32.00 34.06
CA GLY RA 521 50.99 -32.58 33.50
C GLY RA 521 51.46 -33.86 34.16
N VAL RA 522 51.09 -34.10 35.41
CA VAL RA 522 51.47 -35.31 36.13
C VAL RA 522 50.21 -36.14 36.39
N GLN RA 523 50.28 -37.44 36.06
CA GLN RA 523 49.13 -38.33 36.09
C GLN RA 523 49.43 -39.57 36.92
N ARG RA 524 48.40 -40.09 37.57
CA ARG RA 524 48.49 -41.31 38.37
C ARG RA 524 47.91 -42.51 37.62
N VAL RA 525 48.59 -43.64 37.68
CA VAL RA 525 48.18 -44.89 37.04
C VAL RA 525 48.14 -45.99 38.10
N THR RA 526 47.02 -46.72 38.16
CA THR RA 526 46.83 -47.73 39.20
C THR RA 526 46.20 -49.00 38.62
N VAL RA 527 46.65 -50.16 39.09
CA VAL RA 527 46.11 -51.47 38.75
C VAL RA 527 45.84 -52.24 40.05
N THR RA 528 44.61 -52.69 40.25
CA THR RA 528 44.22 -53.42 41.46
C THR RA 528 43.44 -54.69 41.13
N ASP RA 529 43.41 -55.60 42.10
CA ASP RA 529 42.75 -56.90 41.93
C ASP RA 529 41.29 -56.82 42.43
N ALA RA 530 40.65 -57.98 42.55
CA ALA RA 530 39.23 -58.04 42.89
C ALA RA 530 38.95 -57.54 44.30
N ARG RA 531 39.88 -57.72 45.23
CA ARG RA 531 39.75 -57.20 46.58
C ARG RA 531 40.30 -55.78 46.72
N ARG RA 532 40.66 -55.15 45.59
CA ARG RA 532 41.17 -53.78 45.53
C ARG RA 532 42.51 -53.63 46.25
N ARG RA 533 43.38 -54.61 46.11
CA ARG RA 533 44.79 -54.49 46.47
C ARG RA 533 45.61 -54.32 45.20
N THR RA 534 46.73 -53.60 45.31
CA THR RA 534 47.66 -53.55 44.20
C THR RA 534 48.36 -54.89 44.04
N CYS RA 535 48.81 -55.18 42.82
CA CYS RA 535 49.42 -56.46 42.51
C CYS RA 535 50.93 -56.31 42.37
N PRO RA 536 51.73 -56.93 43.24
CA PRO RA 536 53.19 -56.80 43.14
C PRO RA 536 53.82 -57.55 41.96
N TYR RA 537 53.06 -58.31 41.18
CA TYR RA 537 53.63 -59.07 40.08
C TYR RA 537 53.47 -58.40 38.73
N VAL RA 538 52.95 -57.18 38.67
CA VAL RA 538 52.98 -56.39 37.45
C VAL RA 538 54.36 -55.75 37.31
N TYR RA 539 55.00 -55.92 36.15
CA TYR RA 539 56.26 -55.22 35.94
C TYR RA 539 56.32 -54.42 34.63
N LYS RA 540 55.22 -54.31 33.90
CA LYS RA 540 55.16 -53.45 32.72
C LYS RA 540 53.71 -53.08 32.48
N ALA RA 541 53.44 -51.79 32.41
CA ALA RA 541 52.09 -51.28 32.15
C ALA RA 541 52.19 -49.96 31.39
N LEU RA 542 51.51 -49.90 30.24
CA LEU RA 542 51.48 -48.72 29.39
C LEU RA 542 50.05 -48.38 28.99
N GLY RA 543 49.80 -47.10 28.77
CA GLY RA 543 48.52 -46.66 28.26
C GLY RA 543 48.68 -45.66 27.14
N ILE RA 544 47.76 -45.72 26.18
CA ILE RA 544 47.71 -44.81 25.04
C ILE RA 544 46.28 -44.33 24.89
N VAL RA 545 46.09 -43.01 24.84
CA VAL RA 545 44.77 -42.40 24.77
C VAL RA 545 44.68 -41.56 23.50
N ALA RA 546 43.55 -41.67 22.80
CA ALA RA 546 43.31 -40.89 21.58
C ALA RA 546 42.05 -40.04 21.72
N PRO RA 547 42.18 -38.74 22.04
CA PRO RA 547 40.99 -37.90 22.23
C PRO RA 547 40.24 -37.61 20.94
N ARG RA 548 38.94 -37.37 21.06
CA ARG RA 548 38.10 -36.90 19.96
C ARG RA 548 36.82 -36.29 20.51
N VAL RA 549 36.13 -35.53 19.66
CA VAL RA 549 34.93 -34.81 20.05
C VAL RA 549 33.74 -35.76 20.09
N LEU RA 550 32.95 -35.70 21.17
CA LEU RA 550 31.73 -36.49 21.32
C LEU RA 550 30.46 -35.70 21.03
N SER RA 551 30.30 -34.52 21.62
CA SER RA 551 29.11 -33.71 21.39
C SER RA 551 29.42 -32.25 21.66
N SER RA 552 28.46 -31.40 21.30
CA SER RA 552 28.60 -29.96 21.43
C SER RA 552 28.20 -29.50 22.83
N ARG RA 553 28.80 -28.38 23.25
CA ARG RA 553 28.50 -27.68 24.50
C ARG RA 553 28.86 -28.49 25.74
N ARG SA 48 7.80 43.65 -14.82
CA ARG SA 48 8.41 44.65 -13.94
C ARG SA 48 9.28 45.64 -14.72
N ASN SA 49 8.80 46.05 -15.90
CA ASN SA 49 9.60 46.93 -16.75
C ASN SA 49 8.78 48.04 -17.39
N SER SA 50 7.64 48.42 -16.82
CA SER SA 50 6.78 49.42 -17.42
C SER SA 50 7.20 50.83 -16.99
N ILE SA 51 6.82 51.81 -17.80
CA ILE SA 51 7.12 53.23 -17.58
C ILE SA 51 5.83 54.01 -17.74
N ARG SA 52 5.46 54.78 -16.71
CA ARG SA 52 4.12 55.39 -16.63
C ARG SA 52 4.20 56.89 -16.40
N TYR SA 53 3.26 57.61 -16.98
CA TYR SA 53 3.15 59.06 -16.86
C TYR SA 53 1.85 59.39 -16.12
N SER SA 54 1.96 60.26 -15.12
CA SER SA 54 0.87 60.43 -14.14
C SER SA 54 -0.40 61.01 -14.74
N GLU SA 55 -0.35 61.60 -15.94
CA GLU SA 55 -1.55 62.14 -16.54
C GLU SA 55 -2.32 61.15 -17.40
N LEU SA 56 -1.87 59.90 -17.51
CA LEU SA 56 -2.51 58.90 -18.35
C LEU SA 56 -2.96 57.70 -17.52
N SER SA 57 -4.10 57.13 -17.88
CA SER SA 57 -4.66 55.98 -17.18
C SER SA 57 -5.61 55.23 -18.09
N PRO SA 58 -5.69 53.91 -18.00
CA PRO SA 58 -6.57 53.14 -18.89
C PRO SA 58 -8.02 53.08 -18.39
N LEU SA 59 -8.93 52.74 -19.31
CA LEU SA 59 -10.37 52.82 -19.09
C LEU SA 59 -11.01 51.44 -18.96
N TYR SA 60 -12.02 51.34 -18.10
CA TYR SA 60 -12.72 50.09 -17.86
C TYR SA 60 -14.22 50.30 -17.63
N ASP SA 61 -14.99 49.28 -18.00
CA ASP SA 61 -16.38 48.98 -17.63
C ASP SA 61 -17.50 49.82 -18.25
N THR SA 62 -17.23 51.06 -18.68
CA THR SA 62 -18.26 51.92 -19.25
C THR SA 62 -17.63 53.27 -19.59
N THR SA 63 -18.29 54.00 -20.48
CA THR SA 63 -17.84 55.30 -20.96
C THR SA 63 -19.00 55.97 -21.71
N ARG SA 64 -18.73 57.07 -22.41
CA ARG SA 64 -19.73 57.75 -23.24
C ARG SA 64 -19.19 57.96 -24.64
N LEU SA 65 -20.08 57.87 -25.63
CA LEU SA 65 -19.80 58.25 -27.02
C LEU SA 65 -20.84 59.30 -27.44
N TYR SA 66 -20.38 60.38 -28.07
CA TYR SA 66 -21.24 61.51 -28.44
C TYR SA 66 -21.36 61.63 -29.95
N LEU SA 67 -22.59 61.75 -30.44
CA LEU SA 67 -22.90 61.89 -31.86
C LEU SA 67 -23.55 63.25 -32.07
N VAL SA 68 -22.77 64.22 -32.53
CA VAL SA 68 -23.16 65.63 -32.52
C VAL SA 68 -23.10 66.16 -33.94
N ASP SA 69 -24.11 66.95 -34.30
CA ASP SA 69 -24.34 67.35 -35.69
C ASP SA 69 -23.74 68.71 -36.07
N ASN SA 70 -23.06 69.40 -35.16
CA ASN SA 70 -22.58 70.75 -35.46
C ASN SA 70 -21.15 70.97 -34.96
N LYS SA 71 -20.28 69.99 -35.16
CA LYS SA 71 -18.86 70.22 -34.89
C LYS SA 71 -18.26 71.09 -35.98
N SER SA 72 -17.37 72.01 -35.59
CA SER SA 72 -16.90 73.04 -36.51
C SER SA 72 -16.12 72.45 -37.69
N ALA SA 73 -15.22 71.51 -37.41
CA ALA SA 73 -14.41 70.93 -38.48
C ALA SA 73 -15.19 69.96 -39.36
N ASP SA 74 -16.15 69.25 -38.80
CA ASP SA 74 -16.95 68.32 -39.59
C ASP SA 74 -17.85 69.05 -40.58
N ILE SA 75 -18.27 70.26 -40.24
CA ILE SA 75 -19.12 71.04 -41.14
C ILE SA 75 -18.39 71.33 -42.45
N ALA SA 76 -17.12 71.72 -42.36
CA ALA SA 76 -16.40 72.17 -43.54
C ALA SA 76 -16.00 71.01 -44.46
N SER SA 77 -15.56 69.89 -43.90
CA SER SA 77 -14.91 68.85 -44.69
C SER SA 77 -15.73 67.59 -44.89
N LEU SA 78 -16.89 67.44 -44.24
CA LEU SA 78 -17.63 66.20 -44.38
C LEU SA 78 -19.03 66.37 -44.98
N ASN SA 79 -19.74 67.43 -44.63
CA ASN SA 79 -21.19 67.48 -44.81
C ASN SA 79 -21.63 68.58 -45.75
N TYR SA 80 -20.89 68.77 -46.84
CA TYR SA 80 -21.17 69.89 -47.73
C TYR SA 80 -22.51 69.72 -48.45
N GLN SA 81 -22.89 68.49 -48.80
CA GLN SA 81 -24.12 68.22 -49.51
C GLN SA 81 -25.21 67.57 -48.66
N ASN SA 82 -25.07 67.58 -47.33
CA ASN SA 82 -25.97 66.86 -46.43
C ASN SA 82 -26.90 67.84 -45.71
N ASP SA 83 -27.82 67.27 -44.91
CA ASP SA 83 -28.66 68.05 -44.01
C ASP SA 83 -28.80 67.30 -42.69
N HIS SA 84 -29.53 67.90 -41.74
CA HIS SA 84 -29.58 67.36 -40.39
C HIS SA 84 -30.32 66.04 -40.28
N SER SA 85 -31.03 65.62 -41.32
CA SER SA 85 -31.68 64.32 -41.33
C SER SA 85 -30.74 63.19 -41.78
N ASN SA 86 -29.60 63.50 -42.40
CA ASN SA 86 -28.69 62.47 -42.91
C ASN SA 86 -27.29 63.08 -43.04
N PHE SA 87 -26.41 62.81 -42.07
CA PHE SA 87 -25.13 63.49 -42.00
C PHE SA 87 -24.06 62.56 -41.46
N LEU SA 88 -22.81 63.02 -41.51
CA LEU SA 88 -21.66 62.30 -40.98
C LEU SA 88 -21.06 63.08 -39.81
N THR SA 89 -20.50 62.36 -38.84
CA THR SA 89 -19.88 62.99 -37.69
C THR SA 89 -18.73 62.12 -37.19
N THR SA 90 -17.84 62.73 -36.41
CA THR SA 90 -16.70 62.02 -35.84
C THR SA 90 -16.92 61.76 -34.36
N VAL SA 91 -16.69 60.52 -33.93
CA VAL SA 91 -16.77 60.19 -32.52
C VAL SA 91 -15.44 60.35 -31.80
N VAL SA 92 -14.37 60.65 -32.52
CA VAL SA 92 -13.08 60.96 -31.90
C VAL SA 92 -13.09 62.43 -31.48
N GLN SA 93 -12.87 62.68 -30.19
CA GLN SA 93 -12.94 64.03 -29.62
C GLN SA 93 -11.55 64.61 -29.33
N ASN SA 94 -10.57 64.37 -30.19
CA ASN SA 94 -9.17 64.75 -29.96
C ASN SA 94 -8.75 65.66 -31.11
N ASN SA 95 -8.51 66.93 -30.81
CA ASN SA 95 -8.25 67.93 -31.85
C ASN SA 95 -6.82 67.93 -32.36
N ASP SA 96 -6.00 66.94 -31.99
CA ASP SA 96 -4.71 66.76 -32.63
C ASP SA 96 -4.83 66.23 -34.05
N PHE SA 97 -6.03 65.84 -34.48
CA PHE SA 97 -6.25 65.24 -35.78
C PHE SA 97 -7.42 65.91 -36.48
N THR SA 98 -7.37 65.95 -37.81
CA THR SA 98 -8.49 66.39 -38.62
C THR SA 98 -9.50 65.25 -38.77
N PRO SA 99 -10.75 65.56 -39.13
CA PRO SA 99 -11.74 64.48 -39.33
C PRO SA 99 -11.33 63.46 -40.37
N THR SA 100 -10.65 63.88 -41.43
CA THR SA 100 -10.17 62.93 -42.43
C THR SA 100 -9.18 61.94 -41.82
N GLU SA 101 -8.24 62.45 -41.02
CA GLU SA 101 -7.31 61.55 -40.33
C GLU SA 101 -8.03 60.67 -39.33
N ALA SA 102 -9.04 61.22 -38.63
CA ALA SA 102 -9.76 60.45 -37.63
C ALA SA 102 -10.55 59.30 -38.24
N SER SA 103 -10.89 59.38 -39.53
CA SER SA 103 -11.74 58.36 -40.14
C SER SA 103 -11.08 56.99 -40.14
N THR SA 104 -9.75 56.94 -40.14
CA THR SA 104 -9.04 55.67 -40.14
C THR SA 104 -8.78 55.11 -38.74
N GLN SA 105 -9.02 55.87 -37.69
CA GLN SA 105 -8.78 55.39 -36.33
C GLN SA 105 -9.96 54.56 -35.84
N THR SA 106 -9.74 53.80 -34.77
CA THR SA 106 -10.78 52.93 -34.22
C THR SA 106 -10.81 53.02 -32.70
N ILE SA 107 -11.96 52.64 -32.14
CA ILE SA 107 -12.15 52.41 -30.71
C ILE SA 107 -12.51 50.93 -30.53
N ASN SA 108 -11.83 50.25 -29.63
CA ASN SA 108 -11.94 48.79 -29.53
C ASN SA 108 -12.42 48.38 -28.14
N PHE SA 109 -13.51 47.63 -28.11
CA PHE SA 109 -14.06 47.05 -26.88
C PHE SA 109 -13.63 45.60 -26.79
N ASP SA 110 -13.22 45.17 -25.59
CA ASP SA 110 -12.51 43.90 -25.44
C ASP SA 110 -13.26 42.74 -26.09
N GLU SA 111 -12.57 42.00 -26.96
CA GLU SA 111 -13.19 40.99 -27.79
C GLU SA 111 -13.57 39.73 -27.01
N ARG SA 112 -13.16 39.60 -25.76
CA ARG SA 112 -13.57 38.48 -24.93
C ARG SA 112 -14.94 38.69 -24.29
N SER SA 113 -15.63 39.80 -24.57
CA SER SA 113 -16.98 40.05 -24.11
C SER SA 113 -17.85 40.49 -25.28
N ARG SA 114 -19.15 40.32 -25.12
CA ARG SA 114 -20.14 40.92 -26.01
C ARG SA 114 -20.69 42.18 -25.35
N TRP SA 115 -20.76 43.26 -26.10
CA TRP SA 115 -21.08 44.58 -25.56
C TRP SA 115 -22.43 45.08 -26.08
N GLY SA 116 -23.10 45.87 -25.24
CA GLY SA 116 -24.31 46.55 -25.64
C GLY SA 116 -24.24 48.03 -25.33
N GLY SA 117 -25.11 48.79 -25.97
CA GLY SA 117 -25.13 50.23 -25.80
C GLY SA 117 -26.50 50.81 -25.54
N GLN SA 118 -26.65 51.54 -24.45
CA GLN SA 118 -27.90 52.23 -24.15
C GLN SA 118 -27.95 53.56 -24.88
N LEU SA 119 -29.03 53.80 -25.62
CA LEU SA 119 -29.12 54.93 -26.55
C LEU SA 119 -30.17 55.93 -26.09
N LYS SA 120 -29.79 57.20 -26.02
CA LYS SA 120 -30.69 58.33 -25.78
C LYS SA 120 -30.56 59.35 -26.90
N THR SA 121 -31.69 59.91 -27.34
CA THR SA 121 -31.69 60.86 -28.45
C THR SA 121 -32.42 62.14 -28.06
N ILE SA 122 -32.06 63.21 -28.76
CA ILE SA 122 -32.72 64.51 -28.66
C ILE SA 122 -33.01 65.01 -30.07
N MET SA 123 -34.25 65.40 -30.33
CA MET SA 123 -34.67 65.82 -31.66
C MET SA 123 -35.59 67.04 -31.58
N HIS SA 124 -35.44 67.96 -32.55
CA HIS SA 124 -36.30 69.13 -32.65
C HIS SA 124 -36.63 69.41 -34.11
N THR SA 125 -37.88 69.78 -34.38
CA THR SA 125 -38.39 69.98 -35.75
C THR SA 125 -39.02 71.35 -35.89
N ASN SA 126 -39.23 71.77 -37.14
CA ASN SA 126 -39.91 73.03 -37.45
C ASN SA 126 -40.89 72.87 -38.63
N MET SA 127 -41.70 71.82 -38.60
CA MET SA 127 -42.62 71.50 -39.70
C MET SA 127 -43.89 72.36 -39.64
N PRO SA 128 -44.29 73.02 -40.72
CA PRO SA 128 -45.62 73.63 -40.79
C PRO SA 128 -46.68 72.64 -41.23
N ASN SA 129 -47.93 72.91 -40.85
CA ASN SA 129 -48.98 71.91 -41.02
C ASN SA 129 -49.49 71.80 -42.46
N VAL SA 130 -49.37 72.84 -43.28
CA VAL SA 130 -49.79 72.79 -44.68
C VAL SA 130 -48.54 72.92 -45.54
N ASN SA 131 -48.14 71.83 -46.19
CA ASN SA 131 -46.92 71.82 -46.99
C ASN SA 131 -47.01 70.74 -48.05
N GLU SA 132 -46.13 70.86 -49.05
CA GLU SA 132 -46.17 69.96 -50.21
C GLU SA 132 -45.58 68.58 -49.90
N TYR SA 133 -44.54 68.52 -49.07
CA TYR SA 133 -43.82 67.27 -48.85
C TYR SA 133 -44.70 66.22 -48.20
N MET SA 134 -45.65 66.63 -47.37
CA MET SA 134 -46.50 65.70 -46.62
C MET SA 134 -47.89 65.54 -47.24
N PHE SA 135 -48.11 66.04 -48.45
CA PHE SA 135 -49.36 65.88 -49.19
C PHE SA 135 -50.56 66.51 -48.49
N SER SA 136 -50.33 67.57 -47.72
CA SER SA 136 -51.41 68.35 -47.12
C SER SA 136 -51.65 69.65 -47.87
N ASN SA 137 -51.28 69.69 -49.14
CA ASN SA 137 -51.26 70.89 -49.94
C ASN SA 137 -52.33 70.93 -51.03
N LYS SA 138 -53.00 69.81 -51.31
CA LYS SA 138 -53.79 69.69 -52.51
C LYS SA 138 -54.96 68.74 -52.31
N PHE SA 139 -55.97 68.88 -53.17
CA PHE SA 139 -57.11 67.98 -53.23
C PHE SA 139 -57.73 68.12 -54.62
N LYS SA 140 -58.64 67.20 -54.96
CA LYS SA 140 -59.30 67.18 -56.25
C LYS SA 140 -60.81 67.33 -56.09
N ALA SA 141 -61.44 67.97 -57.06
CA ALA SA 141 -62.88 68.19 -57.04
C ALA SA 141 -63.42 68.31 -58.47
N ARG SA 142 -64.73 68.12 -58.61
CA ARG SA 142 -65.41 68.20 -59.90
C ARG SA 142 -66.42 69.34 -59.85
N VAL SA 143 -66.25 70.33 -60.73
CA VAL SA 143 -67.08 71.52 -60.76
C VAL SA 143 -67.62 71.71 -62.18
N MET SA 144 -68.49 72.72 -62.33
CA MET SA 144 -69.15 73.00 -63.60
C MET SA 144 -68.33 74.00 -64.41
N VAL SA 145 -68.07 73.66 -65.67
CA VAL SA 145 -67.25 74.48 -66.54
C VAL SA 145 -68.08 75.28 -67.54
N SER SA 146 -69.22 74.78 -67.98
CA SER SA 146 -70.03 75.47 -68.96
C SER SA 146 -71.51 75.20 -68.72
N ARG SA 147 -72.30 76.26 -68.74
CA ARG SA 147 -73.74 76.15 -68.92
C ARG SA 147 -74.03 76.21 -70.43
N LYS SA 148 -75.28 76.36 -70.81
CA LYS SA 148 -75.62 76.44 -72.23
C LYS SA 148 -75.12 77.75 -72.83
N ASP SA 171 -81.06 73.64 -71.26
CA ASP SA 171 -79.67 73.93 -70.92
C ASP SA 171 -78.86 72.66 -70.76
N ILE SA 172 -77.66 72.64 -71.33
CA ILE SA 172 -76.72 71.52 -71.22
C ILE SA 172 -75.56 71.95 -70.35
N LEU SA 173 -75.23 71.13 -69.36
CA LEU SA 173 -74.23 71.45 -68.34
C LEU SA 173 -73.04 70.51 -68.48
N LYS SA 174 -71.84 71.07 -68.40
CA LYS SA 174 -70.60 70.31 -68.52
C LYS SA 174 -69.78 70.43 -67.24
N TYR SA 175 -69.18 69.32 -66.82
CA TYR SA 175 -68.40 69.25 -65.60
C TYR SA 175 -67.03 68.65 -65.90
N GLU SA 176 -66.05 68.94 -65.04
CA GLU SA 176 -64.70 68.44 -65.24
C GLU SA 176 -63.97 68.37 -63.90
N TRP SA 177 -62.98 67.50 -63.82
CA TRP SA 177 -62.14 67.34 -62.64
C TRP SA 177 -60.92 68.26 -62.72
N PHE SA 178 -60.51 68.78 -61.56
CA PHE SA 178 -59.32 69.61 -61.45
C PHE SA 178 -58.59 69.26 -60.15
N GLU SA 179 -57.33 69.66 -60.07
CA GLU SA 179 -56.56 69.59 -58.84
C GLU SA 179 -56.26 71.00 -58.33
N PHE SA 180 -56.52 71.23 -57.05
CA PHE SA 180 -56.42 72.55 -56.45
C PHE SA 180 -55.24 72.59 -55.49
N ILE SA 181 -54.54 73.74 -55.45
CA ILE SA 181 -53.32 73.90 -54.67
C ILE SA 181 -53.48 75.08 -53.73
N LEU SA 182 -53.09 74.89 -52.46
CA LEU SA 182 -53.04 75.88 -51.39
C LEU SA 182 -51.62 76.39 -51.20
N PRO SA 183 -51.43 77.61 -50.72
CA PRO SA 183 -50.09 78.07 -50.36
C PRO SA 183 -49.66 77.56 -48.99
N GLU SA 184 -48.35 77.44 -48.82
CA GLU SA 184 -47.79 76.77 -47.64
C GLU SA 184 -47.69 77.71 -46.43
N GLY SA 185 -47.80 77.12 -45.25
CA GLY SA 185 -47.75 77.87 -44.02
C GLY SA 185 -48.32 77.04 -42.87
N ASN SA 186 -48.36 77.66 -41.70
CA ASN SA 186 -48.84 77.02 -40.48
C ASN SA 186 -50.13 77.73 -40.06
N PHE SA 187 -51.27 77.07 -40.31
CA PHE SA 187 -52.57 77.71 -40.17
C PHE SA 187 -53.46 76.94 -39.20
N SER SA 188 -54.43 77.65 -38.63
CA SER SA 188 -55.45 76.99 -37.83
C SER SA 188 -56.46 76.29 -38.76
N ALA SA 189 -57.35 75.51 -38.16
CA ALA SA 189 -58.30 74.73 -38.93
C ALA SA 189 -59.30 75.62 -39.67
N THR SA 190 -59.80 76.67 -39.00
CA THR SA 190 -60.72 77.58 -39.67
C THR SA 190 -60.06 78.31 -40.83
N MET SA 191 -58.83 78.79 -40.63
CA MET SA 191 -58.11 79.47 -41.69
C MET SA 191 -57.83 78.54 -42.87
N THR SA 192 -57.59 77.26 -42.59
CA THR SA 192 -57.37 76.29 -43.68
C THR SA 192 -58.62 76.12 -44.54
N ILE SA 193 -59.80 76.07 -43.90
CA ILE SA 193 -61.04 75.91 -44.63
C ILE SA 193 -61.34 77.13 -45.50
N ASP SA 194 -60.97 78.32 -45.04
CA ASP SA 194 -61.11 79.50 -45.89
C ASP SA 194 -60.26 79.39 -47.14
N LEU SA 195 -59.05 78.87 -47.03
CA LEU SA 195 -58.18 78.75 -48.18
C LEU SA 195 -58.70 77.74 -49.20
N MET SA 196 -59.35 76.67 -48.74
CA MET SA 196 -59.93 75.70 -49.65
C MET SA 196 -61.10 76.29 -50.42
N ASN SA 197 -61.96 77.07 -49.76
CA ASN SA 197 -63.03 77.76 -50.48
C ASN SA 197 -62.48 78.76 -51.48
N ASN SA 198 -61.42 79.48 -51.10
CA ASN SA 198 -60.81 80.46 -52.01
C ASN SA 198 -60.24 79.80 -53.25
N ALA SA 199 -59.71 78.58 -53.12
CA ALA SA 199 -59.19 77.87 -54.29
C ALA SA 199 -60.31 77.52 -55.27
N ILE SA 200 -61.47 77.10 -54.75
CA ILE SA 200 -62.60 76.78 -55.63
C ILE SA 200 -63.03 78.01 -56.41
N ILE SA 201 -63.12 79.16 -55.73
CA ILE SA 201 -63.63 80.37 -56.36
C ILE SA 201 -62.68 80.88 -57.43
N ASP SA 202 -61.37 80.77 -57.21
CA ASP SA 202 -60.41 81.21 -58.22
C ASP SA 202 -60.52 80.39 -59.50
N ASN SA 203 -61.01 79.15 -59.42
CA ASN SA 203 -61.31 78.38 -60.62
C ASN SA 203 -62.55 78.90 -61.33
N TYR SA 204 -63.53 79.39 -60.57
CA TYR SA 204 -64.74 79.94 -61.17
C TYR SA 204 -64.50 81.30 -61.81
N LEU SA 205 -63.42 82.00 -61.43
CA LEU SA 205 -63.12 83.29 -62.04
C LEU SA 205 -62.24 83.18 -63.28
N GLU SA 206 -61.48 82.09 -63.40
CA GLU SA 206 -60.60 81.88 -64.54
C GLU SA 206 -61.26 81.09 -65.65
N ILE SA 207 -62.05 80.08 -65.30
CA ILE SA 207 -62.91 79.33 -66.21
C ILE SA 207 -64.30 79.58 -65.67
N GLY SA 208 -65.32 78.98 -66.26
CA GLY SA 208 -66.60 79.11 -65.62
C GLY SA 208 -67.28 80.42 -65.96
N ARG SA 209 -67.11 81.42 -65.08
CA ARG SA 209 -67.77 82.73 -65.21
C ARG SA 209 -67.80 83.25 -66.63
N GLN SA 210 -66.69 83.13 -67.36
CA GLN SA 210 -66.65 83.58 -68.74
C GLN SA 210 -67.31 82.63 -69.71
N ASN SA 211 -67.86 81.50 -69.24
CA ASN SA 211 -68.55 80.54 -70.08
C ASN SA 211 -69.99 80.32 -69.64
N GLY SA 212 -70.58 81.28 -68.95
CA GLY SA 212 -72.00 81.30 -68.71
C GLY SA 212 -72.51 80.70 -67.42
N VAL SA 213 -71.63 80.32 -66.48
CA VAL SA 213 -72.09 79.83 -65.19
C VAL SA 213 -72.32 81.02 -64.27
N LEU SA 214 -73.36 80.93 -63.45
CA LEU SA 214 -73.72 82.01 -62.55
C LEU SA 214 -73.14 81.75 -61.17
N GLU SA 215 -73.14 82.80 -60.34
CA GLU SA 215 -72.72 82.63 -58.96
C GLU SA 215 -73.88 82.12 -58.13
N SER SA 216 -74.55 81.09 -58.65
CA SER SA 216 -75.55 80.33 -57.90
C SER SA 216 -75.48 78.85 -58.26
N ASP SA 217 -74.49 78.43 -59.05
CA ASP SA 217 -74.29 77.04 -59.41
C ASP SA 217 -72.86 76.58 -59.15
N ILE SA 218 -72.18 77.19 -58.18
CA ILE SA 218 -70.78 76.86 -57.90
C ILE SA 218 -70.62 75.37 -57.65
N GLY SA 219 -71.27 74.86 -56.60
CA GLY SA 219 -71.43 73.42 -56.46
C GLY SA 219 -70.52 72.71 -55.47
N VAL SA 220 -69.51 73.37 -54.93
CA VAL SA 220 -68.66 72.78 -53.89
C VAL SA 220 -68.36 73.85 -52.85
N LYS SA 221 -68.72 73.58 -51.59
CA LYS SA 221 -68.42 74.50 -50.50
C LYS SA 221 -68.14 73.72 -49.22
N PHE SA 222 -67.21 74.23 -48.42
CA PHE SA 222 -66.88 73.65 -47.11
C PHE SA 222 -67.45 74.54 -46.01
N ASP SA 223 -68.28 73.96 -45.15
CA ASP SA 223 -69.02 74.72 -44.15
C ASP SA 223 -68.83 74.10 -42.76
N THR SA 224 -69.48 74.71 -41.76
CA THR SA 224 -69.45 74.21 -40.40
C THR SA 224 -70.82 74.16 -39.72
N ARG SA 225 -71.89 74.56 -40.40
CA ARG SA 225 -73.17 74.78 -39.74
C ARG SA 225 -74.03 73.51 -39.74
N ASN SA 226 -74.99 73.49 -38.83
CA ASN SA 226 -76.02 72.45 -38.78
C ASN SA 226 -77.28 73.02 -39.43
N PHE SA 227 -77.42 72.78 -40.73
CA PHE SA 227 -78.65 73.18 -41.39
C PHE SA 227 -79.80 72.35 -40.84
N ARG SA 228 -81.02 72.88 -40.99
CA ARG SA 228 -82.27 72.32 -40.47
C ARG SA 228 -82.36 72.34 -38.94
N LEU SA 229 -81.60 73.21 -38.27
CA LEU SA 229 -81.73 73.32 -36.82
C LEU SA 229 -83.10 73.84 -36.42
N GLY SA 230 -83.52 74.97 -37.00
CA GLY SA 230 -84.80 75.56 -36.64
C GLY SA 230 -85.98 75.05 -37.43
N TRP SA 231 -85.89 73.79 -37.88
CA TRP SA 231 -86.91 73.18 -38.72
C TRP SA 231 -88.20 72.96 -37.95
N ASP SA 232 -89.32 73.07 -38.66
CA ASP SA 232 -90.64 72.91 -38.07
C ASP SA 232 -91.33 71.69 -38.65
N PRO SA 233 -91.88 70.80 -37.82
CA PRO SA 233 -92.42 69.54 -38.34
C PRO SA 233 -93.70 69.69 -39.13
N GLU SA 234 -94.40 70.82 -39.02
CA GLU SA 234 -95.64 71.02 -39.77
C GLU SA 234 -95.40 71.73 -41.09
N THR SA 235 -94.81 72.92 -41.05
CA THR SA 235 -94.53 73.67 -42.27
C THR SA 235 -93.33 73.13 -43.03
N LYS SA 236 -92.46 72.37 -42.38
CA LYS SA 236 -91.28 71.76 -43.01
C LYS SA 236 -90.37 72.82 -43.66
N LEU SA 237 -90.23 73.96 -42.99
CA LEU SA 237 -89.33 75.01 -43.45
C LEU SA 237 -88.61 75.59 -42.24
N ILE SA 238 -87.50 76.28 -42.51
CA ILE SA 238 -86.71 76.93 -41.44
C ILE SA 238 -87.44 78.21 -41.07
N MET SA 239 -88.19 78.17 -39.97
CA MET SA 239 -89.06 79.28 -39.62
C MET SA 239 -88.35 80.61 -39.42
N PRO SA 240 -87.18 80.70 -38.77
CA PRO SA 240 -86.56 82.02 -38.58
C PRO SA 240 -86.20 82.74 -39.87
N GLY SA 241 -86.10 82.04 -40.99
CA GLY SA 241 -85.71 82.66 -42.24
C GLY SA 241 -84.22 82.74 -42.48
N VAL SA 242 -83.39 82.38 -41.49
CA VAL SA 242 -81.95 82.27 -41.65
C VAL SA 242 -81.48 81.03 -40.92
N TYR SA 243 -80.52 80.32 -41.51
CA TYR SA 243 -79.93 79.17 -40.86
C TYR SA 243 -79.15 79.59 -39.61
N THR SA 244 -79.17 78.73 -38.60
CA THR SA 244 -78.48 79.04 -37.35
C THR SA 244 -76.98 79.21 -37.59
N TYR SA 245 -76.44 80.31 -37.09
CA TYR SA 245 -75.06 80.70 -37.39
C TYR SA 245 -74.10 80.24 -36.29
N GLU SA 246 -74.07 78.94 -36.04
CA GLU SA 246 -73.22 78.32 -35.03
C GLU SA 246 -72.42 77.17 -35.65
N ALA SA 247 -71.20 76.97 -35.15
CA ALA SA 247 -70.30 75.95 -35.67
C ALA SA 247 -70.51 74.64 -34.92
N PHE SA 248 -70.65 73.55 -35.67
CA PHE SA 248 -70.85 72.22 -35.10
C PHE SA 248 -69.73 71.25 -35.45
N HIS SA 249 -69.41 71.11 -36.72
CA HIS SA 249 -68.42 70.17 -37.26
C HIS SA 249 -68.21 70.51 -38.73
N PRO SA 250 -66.99 70.40 -39.25
CA PRO SA 250 -66.77 70.70 -40.67
C PRO SA 250 -67.58 69.79 -41.57
N ASP SA 251 -68.03 70.35 -42.71
CA ASP SA 251 -69.05 69.73 -43.55
C ASP SA 251 -68.75 70.03 -45.01
N ILE SA 252 -69.33 69.21 -45.89
CA ILE SA 252 -69.19 69.32 -47.34
C ILE SA 252 -70.59 69.49 -47.93
N VAL SA 253 -70.75 70.52 -48.77
CA VAL SA 253 -72.04 70.83 -49.41
C VAL SA 253 -71.87 70.71 -50.92
N LEU SA 254 -72.78 69.98 -51.57
CA LEU SA 254 -72.67 69.65 -52.98
C LEU SA 254 -73.96 69.94 -53.75
N LEU SA 255 -73.80 70.25 -55.03
CA LEU SA 255 -74.82 70.37 -56.06
C LEU SA 255 -74.76 69.17 -57.00
N PRO SA 256 -75.84 68.88 -57.75
CA PRO SA 256 -75.82 67.70 -58.62
C PRO SA 256 -74.70 67.77 -59.65
N GLY SA 257 -74.08 66.62 -59.89
CA GLY SA 257 -72.98 66.52 -60.84
C GLY SA 257 -71.59 66.80 -60.28
N CYS SA 258 -71.47 67.15 -59.01
CA CYS SA 258 -70.19 67.53 -58.42
C CYS SA 258 -69.71 66.47 -57.44
N GLY SA 259 -68.50 66.67 -56.91
CA GLY SA 259 -67.93 65.75 -55.94
C GLY SA 259 -66.51 66.15 -55.59
N VAL SA 260 -65.99 65.49 -54.55
CA VAL SA 260 -64.62 65.69 -54.10
C VAL SA 260 -63.94 64.33 -53.96
N ASP SA 261 -62.61 64.33 -54.10
CA ASP SA 261 -61.83 63.10 -54.06
C ASP SA 261 -60.57 63.32 -53.23
N PHE SA 262 -60.42 62.53 -52.17
CA PHE SA 262 -59.31 62.66 -51.23
C PHE SA 262 -58.31 61.52 -51.31
N THR SA 263 -58.21 60.87 -52.47
CA THR SA 263 -57.33 59.70 -52.59
C THR SA 263 -55.87 60.08 -52.35
N GLU SA 264 -55.45 61.25 -52.82
CA GLU SA 264 -54.05 61.65 -52.72
C GLU SA 264 -53.93 62.91 -51.86
N SER SA 265 -54.58 62.92 -50.71
CA SER SA 265 -54.63 64.11 -49.87
C SER SA 265 -54.81 63.69 -48.41
N ARG SA 266 -54.26 64.49 -47.51
CA ARG SA 266 -54.42 64.27 -46.08
C ARG SA 266 -55.35 65.28 -45.44
N LEU SA 267 -56.05 66.08 -46.23
CA LEU SA 267 -56.94 67.10 -45.69
C LEU SA 267 -58.25 66.54 -45.17
N SER SA 268 -58.57 65.27 -45.46
CA SER SA 268 -59.76 64.66 -44.85
C SER SA 268 -59.59 64.45 -43.35
N ASN SA 269 -58.36 64.29 -42.86
CA ASN SA 269 -58.14 64.20 -41.42
C ASN SA 269 -58.43 65.52 -40.72
N LEU SA 270 -58.09 66.64 -41.35
CA LEU SA 270 -58.40 67.94 -40.77
C LEU SA 270 -59.90 68.21 -40.76
N LEU SA 271 -60.65 67.64 -41.70
CA LEU SA 271 -62.09 67.81 -41.74
C LEU SA 271 -62.83 66.90 -40.76
N GLY SA 272 -62.16 65.88 -40.23
CA GLY SA 272 -62.85 64.95 -39.35
C GLY SA 272 -63.80 64.00 -40.04
N ILE SA 273 -63.50 63.60 -41.27
CA ILE SA 273 -64.29 62.62 -42.02
C ILE SA 273 -63.35 61.50 -42.45
N ARG SA 274 -63.66 60.28 -42.03
CA ARG SA 274 -62.79 59.13 -42.29
C ARG SA 274 -63.62 57.93 -42.75
N LYS SA 275 -62.94 56.94 -43.30
CA LYS SA 275 -63.57 55.72 -43.79
C LYS SA 275 -63.57 54.63 -42.72
N ARG SA 276 -64.66 53.88 -42.66
CA ARG SA 276 -64.75 52.76 -41.73
C ARG SA 276 -63.87 51.58 -42.14
N HIS SA 277 -63.43 51.54 -43.40
CA HIS SA 277 -62.49 50.53 -43.89
C HIS SA 277 -61.27 51.28 -44.41
N PRO SA 278 -60.37 51.70 -43.51
CA PRO SA 278 -59.31 52.64 -43.90
C PRO SA 278 -58.22 52.03 -44.75
N PHE SA 279 -58.16 50.71 -44.91
CA PHE SA 279 -57.13 50.09 -45.73
C PHE SA 279 -57.58 49.83 -47.17
N GLN SA 280 -58.80 50.23 -47.54
CA GLN SA 280 -59.26 50.11 -48.92
C GLN SA 280 -58.95 51.40 -49.67
N GLU SA 281 -58.24 51.28 -50.79
CA GLU SA 281 -57.78 52.46 -51.52
C GLU SA 281 -58.95 53.21 -52.14
N GLY SA 282 -58.83 54.53 -52.18
CA GLY SA 282 -59.82 55.38 -52.81
C GLY SA 282 -60.81 56.01 -51.85
N PHE SA 283 -61.00 57.33 -51.96
CA PHE SA 283 -61.91 58.07 -51.09
C PHE SA 283 -62.58 59.15 -51.93
N LYS SA 284 -63.77 58.87 -52.43
CA LYS SA 284 -64.53 59.81 -53.24
C LYS SA 284 -65.94 59.96 -52.67
N ILE SA 285 -66.43 61.18 -52.64
CA ILE SA 285 -67.79 61.48 -52.17
C ILE SA 285 -68.48 62.30 -53.25
N MET SA 286 -69.53 61.74 -53.85
CA MET SA 286 -70.26 62.37 -54.94
C MET SA 286 -71.67 62.75 -54.48
N TYR SA 287 -72.36 63.51 -55.32
CA TYR SA 287 -73.71 63.98 -54.98
C TYR SA 287 -74.68 62.82 -54.80
N GLU SA 288 -74.48 61.73 -55.53
CA GLU SA 288 -75.38 60.58 -55.42
C GLU SA 288 -75.19 59.80 -54.13
N ASP SA 289 -74.08 59.99 -53.42
CA ASP SA 289 -73.83 59.28 -52.17
C ASP SA 289 -74.43 59.98 -50.95
N LEU SA 290 -74.92 61.21 -51.10
CA LEU SA 290 -75.44 62.00 -49.99
C LEU SA 290 -76.97 61.96 -49.92
N GLU SA 291 -77.59 60.84 -50.25
CA GLU SA 291 -79.04 60.74 -50.26
C GLU SA 291 -79.60 61.00 -48.87
N GLY SA 292 -80.71 61.73 -48.82
CA GLY SA 292 -81.35 62.09 -47.57
C GLY SA 292 -80.79 63.33 -46.91
N GLY SA 293 -79.82 64.00 -47.52
CA GLY SA 293 -79.19 65.13 -46.88
C GLY SA 293 -79.51 66.47 -47.51
N ASN SA 294 -80.64 66.57 -48.20
CA ASN SA 294 -81.01 67.83 -48.83
C ASN SA 294 -81.26 68.91 -47.77
N ILE SA 295 -80.80 70.12 -48.05
CA ILE SA 295 -80.92 71.24 -47.13
C ILE SA 295 -82.31 71.84 -47.25
N PRO SA 296 -83.08 71.91 -46.17
CA PRO SA 296 -84.44 72.46 -46.26
C PRO SA 296 -84.42 73.92 -46.67
N ALA SA 297 -85.41 74.30 -47.48
CA ALA SA 297 -85.50 75.66 -48.01
C ALA SA 297 -85.97 76.64 -46.94
N LEU SA 298 -85.60 77.91 -47.14
CA LEU SA 298 -86.06 79.03 -46.34
C LEU SA 298 -86.11 78.76 -44.85
N ILE SA 364 -96.80 81.48 -46.07
CA ILE SA 364 -96.22 80.15 -45.98
C ILE SA 364 -95.69 79.68 -47.33
N GLN SA 365 -94.62 80.33 -47.79
CA GLN SA 365 -93.97 79.93 -49.04
C GLN SA 365 -92.47 80.08 -48.90
N PRO SA 366 -91.69 79.21 -49.54
CA PRO SA 366 -90.22 79.32 -49.43
C PRO SA 366 -89.70 80.54 -50.18
N LEU SA 367 -88.62 81.11 -49.66
CA LEU SA 367 -87.91 82.16 -50.38
C LEU SA 367 -87.18 81.53 -51.56
N GLU SA 368 -87.31 82.14 -52.74
CA GLU SA 368 -86.76 81.58 -53.95
C GLU SA 368 -85.50 82.28 -54.46
N LYS SA 369 -85.13 83.42 -53.88
CA LYS SA 369 -83.98 84.17 -54.37
C LYS SA 369 -83.41 85.00 -53.23
N ASP SA 370 -82.18 85.47 -53.43
CA ASP SA 370 -81.46 86.21 -52.41
C ASP SA 370 -81.68 87.71 -52.60
N SER SA 371 -80.99 88.53 -51.80
CA SER SA 371 -81.19 89.97 -51.85
C SER SA 371 -80.77 90.55 -53.20
N LYS SA 372 -79.64 90.08 -53.75
CA LYS SA 372 -79.12 90.57 -55.01
C LYS SA 372 -79.55 89.70 -56.19
N SER SA 373 -80.72 89.06 -56.09
CA SER SA 373 -81.28 88.23 -57.15
C SER SA 373 -80.33 87.09 -57.52
N ARG SA 374 -80.10 86.22 -56.55
CA ARG SA 374 -79.39 84.97 -56.77
C ARG SA 374 -80.31 83.81 -56.42
N SER SA 375 -80.39 82.83 -57.32
CA SER SA 375 -81.27 81.70 -57.11
C SER SA 375 -80.79 80.84 -55.95
N TYR SA 376 -81.73 80.44 -55.08
CA TYR SA 376 -81.45 79.46 -54.05
C TYR SA 376 -81.61 78.03 -54.53
N ASN SA 377 -81.96 77.83 -55.79
CA ASN SA 377 -82.11 76.48 -56.38
C ASN SA 377 -83.21 75.69 -55.69
N VAL SA 378 -84.33 76.34 -55.38
CA VAL SA 378 -85.46 75.63 -54.79
C VAL SA 378 -86.07 74.68 -55.82
N LEU SA 379 -86.57 73.55 -55.35
CA LEU SA 379 -87.08 72.48 -56.20
C LEU SA 379 -88.61 72.44 -56.12
N GLU SA 380 -89.18 71.43 -56.78
CA GLU SA 380 -90.61 71.19 -56.67
C GLU SA 380 -90.96 70.73 -55.25
N ASP SA 381 -92.24 70.86 -54.91
CA ASP SA 381 -92.81 70.60 -53.60
C ASP SA 381 -92.44 71.72 -52.61
N LYS SA 382 -91.58 72.64 -53.03
CA LYS SA 382 -91.36 73.91 -52.33
C LYS SA 382 -91.02 73.72 -50.86
N ILE SA 383 -90.26 72.66 -50.54
CA ILE SA 383 -89.76 72.44 -49.20
C ILE SA 383 -88.24 72.29 -49.16
N ASN SA 384 -87.67 71.51 -50.06
CA ASN SA 384 -86.25 71.21 -50.05
C ASN SA 384 -85.53 71.89 -51.20
N THR SA 385 -84.22 72.00 -51.04
CA THR SA 385 -83.33 72.63 -52.00
C THR SA 385 -82.40 71.60 -52.60
N ALA SA 386 -81.86 71.90 -53.79
CA ALA SA 386 -80.98 70.97 -54.48
C ALA SA 386 -79.66 70.73 -53.74
N TYR SA 387 -79.26 71.62 -52.82
CA TYR SA 387 -78.02 71.42 -52.09
C TYR SA 387 -78.13 70.22 -51.15
N ARG SA 388 -77.05 69.42 -51.09
CA ARG SA 388 -76.93 68.32 -50.14
C ARG SA 388 -75.68 68.51 -49.30
N SER SA 389 -75.71 67.98 -48.07
CA SER SA 389 -74.57 68.10 -47.18
C SER SA 389 -74.27 66.78 -46.49
N TRP SA 390 -72.98 66.53 -46.26
CA TRP SA 390 -72.55 65.28 -45.62
C TRP SA 390 -73.09 65.16 -44.20
N TYR SA 391 -73.10 66.26 -43.44
CA TYR SA 391 -73.49 66.19 -42.04
C TYR SA 391 -74.98 65.85 -41.90
N LEU SA 392 -75.83 66.45 -42.73
CA LEU SA 392 -77.25 66.15 -42.67
C LEU SA 392 -77.52 64.70 -43.04
N SER SA 393 -76.83 64.18 -44.05
CA SER SA 393 -77.01 62.80 -44.44
C SER SA 393 -76.50 61.83 -43.38
N TYR SA 394 -75.40 62.18 -42.72
CA TYR SA 394 -74.84 61.31 -41.67
C TYR SA 394 -75.77 61.23 -40.48
N ASN SA 395 -76.39 62.33 -40.08
CA ASN SA 395 -77.15 62.37 -38.84
C ASN SA 395 -78.65 62.13 -39.04
N TYR SA 396 -79.22 62.49 -40.19
CA TYR SA 396 -80.66 62.39 -40.39
C TYR SA 396 -81.08 61.43 -41.50
N GLY SA 397 -80.14 60.96 -42.32
CA GLY SA 397 -80.47 60.06 -43.41
C GLY SA 397 -80.68 58.63 -42.94
N ASN SA 398 -80.75 57.73 -43.91
CA ASN SA 398 -80.98 56.32 -43.61
C ASN SA 398 -79.74 55.70 -42.99
N PRO SA 399 -79.83 55.11 -41.79
CA PRO SA 399 -78.63 54.57 -41.14
C PRO SA 399 -77.94 53.45 -41.91
N GLU SA 400 -78.68 52.66 -42.69
CA GLU SA 400 -78.13 51.48 -43.32
C GLU SA 400 -77.93 51.62 -44.82
N LYS SA 401 -78.20 52.79 -45.39
CA LYS SA 401 -78.00 53.02 -46.82
C LYS SA 401 -77.31 54.32 -47.15
N GLY SA 402 -77.33 55.32 -46.27
CA GLY SA 402 -76.70 56.60 -46.55
C GLY SA 402 -75.21 56.58 -46.32
N ILE SA 403 -74.64 57.79 -46.25
CA ILE SA 403 -73.21 57.95 -46.08
C ILE SA 403 -72.72 57.41 -44.74
N ARG SA 404 -73.61 57.25 -43.76
CA ARG SA 404 -73.23 56.75 -42.44
C ARG SA 404 -72.81 55.30 -42.44
N SER SA 405 -73.14 54.54 -43.48
CA SER SA 405 -72.82 53.11 -43.49
C SER SA 405 -71.35 52.84 -43.79
N TRP SA 406 -70.64 53.78 -44.42
CA TRP SA 406 -69.23 53.56 -44.73
C TRP SA 406 -68.32 54.74 -44.42
N THR SA 407 -68.80 55.78 -43.76
CA THR SA 407 -67.94 56.85 -43.26
C THR SA 407 -68.16 57.04 -41.76
N LEU SA 408 -67.22 57.74 -41.14
CA LEU SA 408 -67.20 57.92 -39.69
C LEU SA 408 -66.88 59.37 -39.35
N LEU SA 409 -67.55 59.90 -38.34
CA LEU SA 409 -67.36 61.28 -37.90
C LEU SA 409 -66.37 61.29 -36.72
N THR SA 410 -65.33 62.11 -36.83
CA THR SA 410 -64.27 62.18 -35.83
C THR SA 410 -63.94 63.63 -35.52
N THR SA 411 -63.19 63.85 -34.44
CA THR SA 411 -62.72 65.19 -34.10
C THR SA 411 -61.68 65.67 -35.11
N SER SA 412 -61.71 66.97 -35.39
CA SER SA 412 -60.77 67.56 -36.34
C SER SA 412 -59.34 67.48 -35.80
N ASP SA 413 -58.42 67.09 -36.68
CA ASP SA 413 -57.00 66.96 -36.32
C ASP SA 413 -56.18 67.95 -37.16
N VAL SA 414 -55.74 69.03 -36.52
CA VAL SA 414 -55.09 70.12 -37.24
C VAL SA 414 -53.73 69.72 -37.81
N THR SA 415 -53.02 68.79 -37.15
CA THR SA 415 -51.73 68.37 -37.68
C THR SA 415 -51.86 67.53 -38.94
N CYS SA 416 -53.07 67.13 -39.31
CA CYS SA 416 -53.39 66.28 -40.46
C CYS SA 416 -52.91 64.85 -40.28
N GLY SA 417 -52.60 64.44 -39.06
CA GLY SA 417 -52.23 63.06 -38.79
C GLY SA 417 -50.75 62.82 -38.81
N VAL SA 418 -50.14 62.68 -37.66
CA VAL SA 418 -48.70 62.47 -37.58
C VAL SA 418 -48.44 60.97 -37.58
N GLU SA 419 -47.32 60.58 -38.16
CA GLU SA 419 -46.88 59.19 -38.17
C GLU SA 419 -45.52 59.09 -37.49
N GLN SA 420 -44.91 57.91 -37.57
CA GLN SA 420 -43.71 57.60 -36.83
C GLN SA 420 -42.45 57.99 -37.61
N VAL SA 421 -41.31 58.01 -36.90
CA VAL SA 421 -39.99 58.21 -37.48
C VAL SA 421 -39.07 57.10 -37.01
N TYR SA 422 -38.04 56.81 -37.81
CA TYR SA 422 -37.10 55.73 -37.55
C TYR SA 422 -35.66 56.26 -37.49
N TRP SA 423 -34.88 55.75 -36.55
CA TRP SA 423 -33.46 56.06 -36.40
C TRP SA 423 -32.58 54.94 -36.95
N SER SA 424 -31.48 55.30 -37.60
CA SER SA 424 -30.49 54.34 -38.09
C SER SA 424 -29.07 54.77 -37.69
N LEU SA 425 -28.28 53.81 -37.22
CA LEU SA 425 -26.85 54.02 -36.93
C LEU SA 425 -26.04 52.85 -37.49
N PRO SA 426 -25.90 52.77 -38.81
CA PRO SA 426 -25.38 51.53 -39.42
C PRO SA 426 -23.92 51.22 -39.09
N ASP SA 427 -23.10 52.19 -38.71
CA ASP SA 427 -21.70 51.92 -38.38
C ASP SA 427 -21.45 51.66 -36.90
N MET SA 428 -22.47 51.70 -36.06
CA MET SA 428 -22.28 51.51 -34.63
C MET SA 428 -22.99 50.29 -34.08
N MET SA 429 -24.27 50.09 -34.41
CA MET SA 429 -25.06 49.00 -33.88
C MET SA 429 -25.10 47.82 -34.85
N GLN SA 430 -25.28 46.63 -34.30
CA GLN SA 430 -25.56 45.46 -35.12
C GLN SA 430 -26.98 45.52 -35.69
N ASP SA 431 -27.17 44.91 -36.85
CA ASP SA 431 -28.49 44.91 -37.49
C ASP SA 431 -29.47 44.06 -36.68
N PRO SA 432 -30.65 44.57 -36.36
CA PRO SA 432 -31.67 43.74 -35.71
C PRO SA 432 -32.18 42.62 -36.62
N VAL SA 433 -32.84 41.65 -35.98
CA VAL SA 433 -33.15 40.38 -36.64
C VAL SA 433 -34.05 40.59 -37.87
N THR SA 434 -33.70 39.89 -38.95
CA THR SA 434 -34.30 39.83 -40.29
C THR SA 434 -33.95 41.03 -41.19
N PHE SA 435 -33.26 42.06 -40.70
CA PHE SA 435 -32.81 43.15 -41.58
C PHE SA 435 -31.56 42.74 -42.34
N ARG SA 436 -31.49 43.12 -43.62
CA ARG SA 436 -30.30 42.88 -44.44
C ARG SA 436 -29.31 44.04 -44.33
N SER SA 437 -28.03 43.71 -44.39
CA SER SA 437 -26.99 44.73 -44.47
C SER SA 437 -26.92 45.33 -45.87
N THR SA 438 -26.83 46.64 -45.95
CA THR SA 438 -26.89 47.34 -47.23
C THR SA 438 -26.29 48.73 -47.10
N ARG SA 439 -26.08 49.36 -48.26
CA ARG SA 439 -25.64 50.76 -48.31
C ARG SA 439 -26.65 51.66 -49.01
N GLN SA 440 -27.89 51.20 -49.19
CA GLN SA 440 -28.95 52.04 -49.75
C GLN SA 440 -29.68 52.75 -48.62
N VAL SA 441 -29.80 54.07 -48.75
CA VAL SA 441 -30.30 54.89 -47.64
C VAL SA 441 -31.74 54.55 -47.30
N SER SA 442 -32.58 54.34 -48.30
CA SER SA 442 -33.97 53.98 -48.01
C SER SA 442 -34.14 52.55 -47.48
N ASN SA 443 -33.07 51.80 -47.18
CA ASN SA 443 -33.25 50.46 -46.64
C ASN SA 443 -32.29 50.17 -45.49
N TYR SA 444 -31.81 51.19 -44.78
CA TYR SA 444 -30.97 50.98 -43.61
C TYR SA 444 -31.74 50.23 -42.53
N PRO SA 445 -31.06 49.36 -41.76
CA PRO SA 445 -31.72 48.74 -40.59
C PRO SA 445 -32.12 49.77 -39.55
N VAL SA 446 -33.23 49.49 -38.86
CA VAL SA 446 -33.87 50.45 -37.96
C VAL SA 446 -33.51 50.11 -36.52
N VAL SA 447 -33.04 51.11 -35.77
CA VAL SA 447 -32.57 50.92 -34.40
C VAL SA 447 -33.51 51.51 -33.36
N GLY SA 448 -34.48 52.34 -33.75
CA GLY SA 448 -35.47 52.86 -32.83
C GLY SA 448 -36.58 53.58 -33.55
N ALA SA 449 -37.69 53.78 -32.83
CA ALA SA 449 -38.87 54.42 -33.42
C ALA SA 449 -39.58 55.28 -32.38
N GLU SA 450 -40.26 56.31 -32.86
CA GLU SA 450 -41.04 57.23 -32.02
C GLU SA 450 -41.95 58.04 -32.93
N LEU SA 451 -42.80 58.86 -32.34
CA LEU SA 451 -43.66 59.75 -33.12
C LEU SA 451 -42.90 60.99 -33.58
N MET SA 452 -43.19 61.43 -34.79
CA MET SA 452 -42.73 62.74 -35.24
C MET SA 452 -43.29 63.80 -34.30
N PRO SA 453 -42.46 64.65 -33.70
CA PRO SA 453 -42.88 65.42 -32.50
C PRO SA 453 -43.65 66.69 -32.82
N VAL SA 454 -44.87 66.53 -33.33
CA VAL SA 454 -45.76 67.65 -33.65
C VAL SA 454 -47.10 67.37 -33.00
N PHE SA 455 -47.65 68.35 -32.29
CA PHE SA 455 -48.83 68.15 -31.46
C PHE SA 455 -49.83 69.29 -31.65
N SER SA 456 -51.09 68.99 -31.33
CA SER SA 456 -52.18 69.94 -31.36
C SER SA 456 -52.38 70.61 -30.00
N LYS SA 457 -52.72 71.90 -30.01
CA LYS SA 457 -53.03 72.64 -28.80
C LYS SA 457 -54.35 73.40 -28.97
N SER SA 458 -55.14 73.45 -27.91
CA SER SA 458 -56.47 74.05 -27.94
C SER SA 458 -56.51 75.41 -27.26
N PHE SA 459 -57.35 76.29 -27.79
CA PHE SA 459 -57.61 77.60 -27.22
C PHE SA 459 -59.11 77.88 -27.24
N TYR SA 460 -59.55 78.80 -26.39
CA TYR SA 460 -60.95 79.16 -26.28
C TYR SA 460 -61.15 80.58 -26.81
N ASN SA 461 -62.12 80.74 -27.71
CA ASN SA 461 -62.40 82.05 -28.29
C ASN SA 461 -63.90 82.32 -28.40
N HIS SA 478 -63.20 92.13 -48.19
CA HIS SA 478 -63.14 90.79 -47.64
C HIS SA 478 -63.07 89.74 -48.74
N VAL SA 479 -61.86 89.25 -49.00
CA VAL SA 479 -61.68 88.20 -50.00
C VAL SA 479 -62.27 86.87 -49.54
N PHE SA 480 -62.44 86.68 -48.22
CA PHE SA 480 -63.00 85.46 -47.68
C PHE SA 480 -64.52 85.54 -47.48
N ASN SA 481 -65.16 86.60 -47.96
CA ASN SA 481 -66.61 86.70 -47.92
C ASN SA 481 -67.04 87.50 -49.16
N ARG SA 482 -67.30 86.78 -50.25
CA ARG SA 482 -67.64 87.38 -51.53
C ARG SA 482 -69.13 87.38 -51.81
N PHE SA 483 -69.92 86.66 -51.03
CA PHE SA 483 -71.37 86.62 -51.16
C PHE SA 483 -71.99 86.84 -49.80
N PRO SA 484 -71.87 88.05 -49.25
CA PRO SA 484 -72.38 88.30 -47.89
C PRO SA 484 -73.88 88.07 -47.76
N GLU SA 485 -74.65 88.32 -48.83
CA GLU SA 485 -76.10 88.21 -48.73
C GLU SA 485 -76.58 86.76 -48.74
N ASN SA 486 -75.90 85.89 -49.48
CA ASN SA 486 -76.42 84.55 -49.74
C ASN SA 486 -76.28 83.67 -48.50
N GLN SA 487 -77.41 83.11 -48.05
CA GLN SA 487 -77.40 82.31 -46.83
C GLN SA 487 -76.63 81.00 -46.99
N ILE SA 488 -76.46 80.51 -48.22
CA ILE SA 488 -75.71 79.28 -48.44
C ILE SA 488 -74.23 79.56 -48.62
N LEU SA 489 -73.89 80.67 -49.27
CA LEU SA 489 -72.50 81.01 -49.59
C LEU SA 489 -71.89 81.98 -48.60
N ILE SA 490 -72.55 82.24 -47.48
CA ILE SA 490 -71.95 83.10 -46.45
C ILE SA 490 -70.72 82.43 -45.85
N ARG SA 491 -69.81 83.25 -45.33
CA ARG SA 491 -68.59 82.74 -44.70
C ARG SA 491 -68.94 81.94 -43.45
N PRO SA 492 -68.40 80.74 -43.29
CA PRO SA 492 -68.83 79.89 -42.18
C PRO SA 492 -68.47 80.53 -40.84
N PRO SA 493 -69.30 80.31 -39.83
CA PRO SA 493 -68.94 80.76 -38.47
C PRO SA 493 -67.73 80.00 -37.92
N ALA SA 494 -66.98 80.68 -37.07
CA ALA SA 494 -65.77 80.13 -36.46
C ALA SA 494 -66.12 79.34 -35.20
N PRO SA 495 -65.45 78.21 -34.95
CA PRO SA 495 -65.73 77.44 -33.74
C PRO SA 495 -65.29 78.19 -32.50
N THR SA 496 -65.96 77.88 -31.38
CA THR SA 496 -65.54 78.40 -30.09
C THR SA 496 -64.27 77.72 -29.56
N ILE SA 497 -63.84 76.62 -30.18
CA ILE SA 497 -62.58 75.95 -29.85
C ILE SA 497 -61.68 75.97 -31.07
N THR SA 498 -60.51 76.58 -30.94
CA THR SA 498 -59.52 76.67 -32.01
C THR SA 498 -58.30 75.81 -31.69
N THR SA 499 -57.79 75.09 -32.68
CA THR SA 499 -56.63 74.23 -32.51
C THR SA 499 -55.53 74.63 -33.49
N VAL SA 500 -54.28 74.63 -33.01
CA VAL SA 500 -53.10 74.92 -33.81
C VAL SA 500 -52.04 73.88 -33.49
N SER SA 501 -51.12 73.67 -34.44
CA SER SA 501 -50.09 72.64 -34.31
C SER SA 501 -48.77 73.26 -33.85
N GLU SA 502 -48.04 72.50 -33.01
CA GLU SA 502 -46.81 72.96 -32.39
C GLU SA 502 -45.71 71.92 -32.51
N ASN SA 503 -44.46 72.39 -32.51
CA ASN SA 503 -43.28 71.55 -32.48
C ASN SA 503 -42.71 71.55 -31.07
N VAL SA 504 -42.53 70.37 -30.48
CA VAL SA 504 -42.07 70.23 -29.10
C VAL SA 504 -40.84 69.34 -29.10
N PRO SA 505 -39.72 69.75 -28.50
CA PRO SA 505 -38.53 68.91 -28.49
C PRO SA 505 -38.76 67.58 -27.79
N ALA SA 506 -38.21 66.51 -28.36
CA ALA SA 506 -38.46 65.15 -27.93
C ALA SA 506 -37.20 64.53 -27.35
N LEU SA 507 -37.31 64.00 -26.13
CA LEU SA 507 -36.22 63.37 -25.41
C LEU SA 507 -36.60 61.93 -25.15
N THR SA 508 -35.85 60.99 -25.73
CA THR SA 508 -36.29 59.59 -25.80
C THR SA 508 -35.19 58.64 -25.34
N ASP SA 509 -35.57 57.65 -24.55
CA ASP SA 509 -34.71 56.54 -24.16
C ASP SA 509 -35.12 55.30 -24.95
N HIS SA 510 -34.21 54.79 -25.77
CA HIS SA 510 -34.49 53.66 -26.65
C HIS SA 510 -34.03 52.32 -26.10
N GLY SA 511 -33.50 52.26 -24.89
CA GLY SA 511 -33.01 51.01 -24.32
C GLY SA 511 -31.64 50.61 -24.82
N THR SA 512 -31.29 49.34 -24.55
CA THR SA 512 -29.97 48.80 -24.85
C THR SA 512 -29.99 47.94 -26.12
N LEU SA 513 -29.03 48.15 -27.00
CA LEU SA 513 -28.87 47.40 -28.23
C LEU SA 513 -27.46 46.84 -28.37
N PRO SA 514 -27.30 45.68 -29.02
CA PRO SA 514 -25.95 45.12 -29.21
C PRO SA 514 -25.05 46.01 -30.06
N LEU SA 515 -23.79 46.09 -29.65
CA LEU SA 515 -22.82 47.03 -30.19
C LEU SA 515 -21.72 46.27 -30.94
N ARG SA 516 -21.21 46.87 -32.01
CA ARG SA 516 -20.08 46.27 -32.73
C ARG SA 516 -18.80 46.40 -31.90
N SER SA 517 -17.92 45.39 -32.04
CA SER SA 517 -16.70 45.34 -31.24
C SER SA 517 -15.66 46.37 -31.68
N SER SA 518 -15.67 46.79 -32.94
CA SER SA 518 -14.74 47.78 -33.44
C SER SA 518 -15.52 48.91 -34.09
N ILE SA 519 -15.28 50.14 -33.63
CA ILE SA 519 -16.03 51.32 -34.02
C ILE SA 519 -15.09 52.26 -34.76
N ARG SA 520 -15.44 52.61 -35.99
CA ARG SA 520 -14.65 53.56 -36.77
C ARG SA 520 -14.87 55.00 -36.30
N GLY SA 521 -13.91 55.85 -36.62
CA GLY SA 521 -13.93 57.23 -36.15
C GLY SA 521 -14.99 58.11 -36.78
N VAL SA 522 -15.48 57.78 -37.96
CA VAL SA 522 -16.51 58.54 -38.65
C VAL SA 522 -17.79 57.71 -38.71
N GLN SA 523 -18.91 58.30 -38.32
CA GLN SA 523 -20.18 57.59 -38.16
C GLN SA 523 -21.29 58.30 -38.94
N ARG SA 524 -22.22 57.50 -39.45
CA ARG SA 524 -23.40 58.01 -40.17
C ARG SA 524 -24.64 58.00 -39.28
N VAL SA 525 -25.41 59.08 -39.35
CA VAL SA 525 -26.66 59.24 -38.59
C VAL SA 525 -27.79 59.55 -39.57
N THR SA 526 -28.90 58.81 -39.47
CA THR SA 526 -30.01 58.97 -40.41
C THR SA 526 -31.36 58.91 -39.69
N VAL SA 527 -32.28 59.76 -40.13
CA VAL SA 527 -33.66 59.80 -39.65
C VAL SA 527 -34.60 59.77 -40.86
N THR SA 528 -35.51 58.80 -40.91
CA THR SA 528 -36.45 58.65 -42.01
C THR SA 528 -37.88 58.45 -41.53
N ASP SA 529 -38.84 58.71 -42.42
CA ASP SA 529 -40.25 58.62 -42.11
C ASP SA 529 -40.80 57.23 -42.45
N ALA SA 530 -42.12 57.09 -42.44
CA ALA SA 530 -42.76 55.78 -42.62
C ALA SA 530 -42.55 55.23 -44.02
N ARG SA 531 -42.44 56.09 -45.03
CA ARG SA 531 -42.15 55.66 -46.39
C ARG SA 531 -40.66 55.60 -46.66
N ARG SA 532 -39.82 55.77 -45.63
CA ARG SA 532 -38.37 55.69 -45.71
C ARG SA 532 -37.77 56.81 -46.57
N ARG SA 533 -38.33 58.00 -46.47
CA ARG SA 533 -37.72 59.22 -46.98
C ARG SA 533 -37.11 60.00 -45.82
N THR SA 534 -36.03 60.73 -46.10
CA THR SA 534 -35.51 61.65 -45.09
C THR SA 534 -36.46 62.83 -44.93
N CYS SA 535 -36.42 63.44 -43.74
CA CYS SA 535 -37.34 64.53 -43.42
C CYS SA 535 -36.61 65.86 -43.45
N PRO SA 536 -36.94 66.77 -44.37
CA PRO SA 536 -36.26 68.08 -44.42
C PRO SA 536 -36.58 69.02 -43.27
N TYR SA 537 -37.50 68.68 -42.38
CA TYR SA 537 -37.87 69.59 -41.30
C TYR SA 537 -37.17 69.28 -39.97
N VAL SA 538 -36.25 68.33 -39.94
CA VAL SA 538 -35.39 68.13 -38.78
C VAL SA 538 -34.27 69.15 -38.84
N TYR SA 539 -34.05 69.89 -37.75
CA TYR SA 539 -32.90 70.80 -37.70
C TYR SA 539 -32.02 70.63 -36.48
N LYS SA 540 -32.27 69.63 -35.64
CA LYS SA 540 -31.39 69.32 -34.52
C LYS SA 540 -31.58 67.86 -34.14
N ALA SA 541 -30.49 67.11 -34.11
CA ALA SA 541 -30.51 65.69 -33.76
C ALA SA 541 -29.20 65.32 -33.08
N LEU SA 542 -29.28 64.76 -31.88
CA LEU SA 542 -28.13 64.33 -31.11
C LEU SA 542 -28.33 62.91 -30.58
N GLY SA 543 -27.24 62.19 -30.43
CA GLY SA 543 -27.28 60.89 -29.80
C GLY SA 543 -26.18 60.73 -28.77
N ILE SA 544 -26.50 59.98 -27.72
CA ILE SA 544 -25.57 59.65 -26.64
C ILE SA 544 -25.67 58.16 -26.36
N VAL SA 545 -24.53 57.48 -26.38
CA VAL SA 545 -24.47 56.03 -26.21
C VAL SA 545 -23.60 55.71 -25.00
N ALA SA 546 -24.06 54.77 -24.17
CA ALA SA 546 -23.33 54.33 -22.98
C ALA SA 546 -23.05 52.83 -23.05
N PRO SA 547 -21.85 52.41 -23.46
CA PRO SA 547 -21.55 50.97 -23.57
C PRO SA 547 -21.44 50.27 -22.22
N ARG SA 548 -21.74 48.98 -22.23
CA ARG SA 548 -21.52 48.11 -21.07
C ARG SA 548 -21.51 46.65 -21.53
N VAL SA 549 -20.99 45.79 -20.66
CA VAL SA 549 -20.83 44.36 -20.97
C VAL SA 549 -22.17 43.64 -20.81
N LEU SA 550 -22.52 42.82 -21.80
CA LEU SA 550 -23.73 42.01 -21.77
C LEU SA 550 -23.47 40.55 -21.40
N SER SA 551 -22.51 39.90 -22.04
CA SER SA 551 -22.21 38.50 -21.73
C SER SA 551 -20.77 38.19 -22.12
N SER SA 552 -20.33 37.01 -21.73
CA SER SA 552 -18.97 36.56 -21.96
C SER SA 552 -18.83 35.91 -23.33
N ARG SA 553 -17.62 36.00 -23.89
CA ARG SA 553 -17.22 35.35 -25.14
C ARG SA 553 -17.95 35.91 -26.35
N ARG TA 48 22.65 33.88 22.82
CA ARG TA 48 22.93 35.16 22.16
C ARG TA 48 22.92 36.33 23.15
N ASN TA 49 23.48 36.12 24.34
CA ASN TA 49 23.44 37.15 25.37
C ASN TA 49 24.76 37.28 26.12
N SER TA 50 25.88 36.87 25.54
CA SER TA 50 27.15 36.91 26.24
C SER TA 50 27.84 38.27 26.07
N ILE TA 51 28.72 38.59 26.99
CA ILE TA 51 29.47 39.84 27.02
C ILE TA 51 30.94 39.50 27.22
N ARG TA 52 31.80 39.96 26.30
CA ARG TA 52 33.19 39.52 26.23
C ARG TA 52 34.17 40.68 26.25
N TYR TA 53 35.32 40.46 26.87
CA TYR TA 53 36.39 41.44 26.97
C TYR TA 53 37.61 40.93 26.21
N SER TA 54 38.19 41.78 25.37
CA SER TA 54 39.14 41.32 24.37
C SER TA 54 40.44 40.78 24.97
N GLU TA 55 40.72 41.04 26.24
CA GLU TA 55 41.95 40.52 26.83
C GLU TA 55 41.77 39.15 27.49
N LEU TA 56 40.60 38.55 27.42
CA LEU TA 56 40.33 37.26 28.05
C LEU TA 56 39.89 36.23 27.00
N SER TA 57 40.32 34.98 27.19
CA SER TA 57 40.00 33.89 26.28
C SER TA 57 40.13 32.56 27.00
N PRO TA 58 39.29 31.57 26.69
CA PRO TA 58 39.36 30.27 27.38
C PRO TA 58 40.40 29.34 26.78
N LEU TA 59 40.79 28.33 27.57
CA LEU TA 59 41.91 27.44 27.28
C LEU TA 59 41.44 26.03 26.90
N TYR TA 60 42.17 25.42 25.95
CA TYR TA 60 41.85 24.08 25.46
C TYR TA 60 43.11 23.27 25.19
N ASP TA 61 42.96 21.95 25.33
CA ASP TA 61 43.78 20.84 24.83
C ASP TA 61 45.14 20.59 25.50
N THR TA 62 45.76 21.59 26.13
CA THR TA 62 47.06 21.43 26.77
C THR TA 62 47.50 22.76 27.36
N THR TA 63 48.42 22.69 28.31
CA THR TA 63 48.95 23.85 29.02
C THR TA 63 50.20 23.42 29.78
N ARG TA 64 50.71 24.27 30.67
CA ARG TA 64 51.85 23.95 31.52
C ARG TA 64 51.52 24.25 32.99
N LEU TA 65 52.05 23.41 33.88
CA LEU TA 65 52.02 23.65 35.33
C LEU TA 65 53.46 23.64 35.84
N TYR TA 66 53.83 24.62 36.66
CA TYR TA 66 55.19 24.78 37.14
C TYR TA 66 55.28 24.54 38.64
N LEU TA 67 56.23 23.72 39.06
CA LEU TA 67 56.47 23.38 40.47
C LEU TA 67 57.86 23.88 40.85
N VAL TA 68 57.91 25.03 41.50
CA VAL TA 68 59.14 25.78 41.69
C VAL TA 68 59.39 25.96 43.18
N ASP TA 69 60.64 25.78 43.60
CA ASP TA 69 61.00 25.70 45.01
C ASP TA 69 61.45 27.01 45.64
N ASN TA 70 61.49 28.12 44.90
CA ASN TA 70 62.03 29.36 45.44
C ASN TA 70 61.17 30.57 45.09
N LYS TA 71 59.85 30.44 45.17
CA LYS TA 71 58.98 31.59 45.05
C LYS TA 71 59.07 32.46 46.31
N SER TA 72 59.07 33.78 46.11
CA SER TA 72 59.38 34.68 47.23
C SER TA 72 58.32 34.60 48.34
N ALA TA 73 57.04 34.57 47.98
CA ALA TA 73 55.99 34.55 48.99
C ALA TA 73 55.84 33.18 49.65
N ASP TA 74 56.11 32.09 48.91
CA ASP TA 74 56.01 30.77 49.50
C ASP TA 74 57.10 30.52 50.53
N ILE TA 75 58.26 31.17 50.37
CA ILE TA 75 59.35 31.00 51.32
C ILE TA 75 58.94 31.49 52.70
N ALA TA 76 58.28 32.64 52.76
CA ALA TA 76 57.98 33.27 54.04
C ALA TA 76 56.86 32.55 54.79
N SER TA 77 55.81 32.15 54.08
CA SER TA 77 54.58 31.71 54.75
C SER TA 77 54.31 30.21 54.68
N LEU TA 78 55.09 29.44 53.95
CA LEU TA 78 54.78 28.01 53.84
C LEU TA 78 55.89 27.10 54.36
N ASN TA 79 57.15 27.42 54.13
CA ASN TA 79 58.23 26.44 54.21
C ASN TA 79 59.24 26.78 55.30
N TYR TA 80 58.76 27.26 56.45
CA TYR TA 80 59.67 27.71 57.50
C TYR TA 80 60.49 26.57 58.08
N GLN TA 81 59.92 25.38 58.20
CA GLN TA 81 60.59 24.22 58.79
C GLN TA 81 61.00 23.17 57.76
N ASN TA 82 60.99 23.49 56.47
CA ASN TA 82 61.22 22.51 55.41
C ASN TA 82 62.59 22.68 54.78
N ASP TA 83 62.93 21.79 53.85
CA ASP TA 83 64.13 21.92 53.03
C ASP TA 83 63.80 21.51 51.60
N HIS TA 84 64.80 21.58 50.71
CA HIS TA 84 64.55 21.40 49.29
C HIS TA 84 64.20 19.95 48.92
N SER TA 85 64.38 19.01 49.84
CA SER TA 85 63.97 17.64 49.60
C SER TA 85 62.49 17.38 49.91
N ASN TA 86 61.83 18.29 50.66
CA ASN TA 86 60.43 18.08 51.06
C ASN TA 86 59.82 19.44 51.37
N PHE TA 87 59.05 20.00 50.44
CA PHE TA 87 58.57 21.37 50.57
C PHE TA 87 57.18 21.52 49.95
N LEU TA 88 56.58 22.68 50.16
CA LEU TA 88 55.29 23.04 49.59
C LEU TA 88 55.45 24.20 48.61
N THR TA 89 54.61 24.21 47.57
CA THR TA 89 54.65 25.28 46.59
C THR TA 89 53.25 25.51 46.03
N THR TA 90 53.05 26.67 45.41
CA THR TA 90 51.77 27.03 44.83
C THR TA 90 51.86 26.94 43.30
N VAL TA 91 50.87 26.27 42.70
CA VAL TA 91 50.79 26.20 41.25
C VAL TA 91 49.97 27.34 40.66
N VAL TA 92 49.35 28.18 41.48
CA VAL TA 92 48.65 29.37 41.01
C VAL TA 92 49.68 30.49 40.83
N GLN TA 93 49.77 31.02 39.62
CA GLN TA 93 50.77 32.03 39.27
C GLN TA 93 50.16 33.43 39.16
N ASN TA 94 49.22 33.79 40.03
CA ASN TA 94 48.47 35.04 39.97
C ASN TA 94 48.72 35.79 41.27
N ASN TA 95 49.42 36.92 41.20
CA ASN TA 95 49.84 37.64 42.40
C ASN TA 95 48.77 38.53 42.99
N ASP TA 96 47.52 38.44 42.51
CA ASP TA 96 46.41 39.08 43.21
C ASP TA 96 46.06 38.39 44.52
N PHE TA 97 46.64 37.22 44.80
CA PHE TA 97 46.32 36.42 45.98
C PHE TA 97 47.59 36.01 46.69
N THR TA 98 47.50 35.86 48.01
CA THR TA 98 48.57 35.27 48.80
C THR TA 98 48.53 33.75 48.69
N PRO TA 99 49.63 33.07 49.03
CA PRO TA 99 49.60 31.60 48.98
C PRO TA 99 48.55 30.97 49.86
N THR TA 100 48.28 31.57 51.03
CA THR TA 100 47.23 31.05 51.89
C THR TA 100 45.86 31.10 51.20
N GLU TA 101 45.55 32.24 50.56
CA GLU TA 101 44.31 32.34 49.79
C GLU TA 101 44.31 31.37 48.62
N ALA TA 102 45.46 31.20 47.96
CA ALA TA 102 45.54 30.32 46.80
C ALA TA 102 45.27 28.86 47.16
N SER TA 103 45.52 28.48 48.42
CA SER TA 103 45.41 27.07 48.80
C SER TA 103 43.99 26.55 48.63
N THR TA 104 42.98 27.41 48.71
CA THR TA 104 41.60 26.98 48.56
C THR TA 104 41.10 26.98 47.11
N GLN TA 105 41.87 27.54 46.17
CA GLN TA 105 41.46 27.58 44.78
C GLN TA 105 41.79 26.25 44.08
N THR TA 106 41.18 26.03 42.91
CA THR TA 106 41.37 24.80 42.17
C THR TA 106 41.55 25.08 40.68
N ILE TA 107 42.16 24.12 39.99
CA ILE TA 107 42.23 24.05 38.54
C ILE TA 107 41.52 22.79 38.10
N ASN TA 108 40.60 22.90 37.15
CA ASN TA 108 39.70 21.81 36.82
C ASN TA 108 39.86 21.41 35.35
N PHE TA 109 40.14 20.13 35.12
CA PHE TA 109 40.22 19.54 33.79
C PHE TA 109 38.93 18.81 33.50
N ASP TA 110 38.41 18.97 32.28
CA ASP TA 110 37.03 18.57 31.97
C ASP TA 110 36.76 17.12 32.37
N GLU TA 111 35.70 16.93 33.16
CA GLU TA 111 35.40 15.64 33.78
C GLU TA 111 34.89 14.60 32.78
N ARG TA 112 34.57 15.00 31.56
CA ARG TA 112 34.17 14.04 30.53
C ARG TA 112 35.35 13.38 29.84
N SER TA 113 36.58 13.66 30.25
CA SER TA 113 37.77 13.00 29.75
C SER TA 113 38.63 12.53 30.91
N ARG TA 114 39.49 11.55 30.65
CA ARG TA 114 40.56 11.17 31.54
C ARG TA 114 41.86 11.80 31.06
N TRP TA 115 42.61 12.41 31.97
CA TRP TA 115 43.77 13.23 31.62
C TRP TA 115 45.06 12.58 32.12
N GLY TA 116 46.14 12.83 31.38
CA GLY TA 116 47.46 12.42 31.80
C GLY TA 116 48.43 13.60 31.73
N GLY TA 117 49.55 13.45 32.43
CA GLY TA 117 50.54 14.48 32.48
C GLY TA 117 51.96 14.02 32.24
N GLN TA 118 52.63 14.62 31.26
CA GLN TA 118 54.03 14.31 30.99
C GLN TA 118 54.93 15.12 31.93
N LEU TA 119 55.83 14.44 32.62
CA LEU TA 119 56.61 15.03 33.71
C LEU TA 119 58.09 15.11 33.35
N LYS TA 120 58.68 16.29 33.51
CA LYS TA 120 60.11 16.52 33.38
C LYS TA 120 60.64 17.15 34.66
N THR TA 121 61.83 16.73 35.11
CA THR TA 121 62.40 17.22 36.35
C THR TA 121 63.83 17.71 36.14
N ILE TA 122 64.25 18.61 37.01
CA ILE TA 122 65.63 19.12 37.08
C ILE TA 122 66.08 19.04 38.53
N MET TA 123 67.25 18.44 38.76
CA MET TA 123 67.76 18.24 40.11
C MET TA 123 69.26 18.51 40.17
N HIS TA 124 69.72 19.10 41.27
CA HIS TA 124 71.14 19.34 41.50
C HIS TA 124 71.48 19.09 42.97
N THR TA 125 72.63 18.46 43.21
CA THR TA 125 73.05 18.04 44.55
C THR TA 125 74.44 18.58 44.87
N ASN TA 126 74.80 18.52 46.15
CA ASN TA 126 76.14 18.92 46.61
C ASN TA 126 76.67 17.96 47.68
N MET TA 127 76.56 16.65 47.43
CA MET TA 127 76.96 15.62 48.41
C MET TA 127 78.46 15.39 48.39
N PRO TA 128 79.14 15.41 49.54
CA PRO TA 128 80.53 14.93 49.61
C PRO TA 128 80.60 13.43 49.82
N ASN TA 129 81.73 12.84 49.40
CA ASN TA 129 81.79 11.39 49.35
C ASN TA 129 82.01 10.73 50.71
N VAL TA 130 82.58 11.42 51.69
CA VAL TA 130 82.77 10.88 53.04
C VAL TA 130 81.90 11.68 53.98
N ASN TA 131 80.81 11.06 54.48
CA ASN TA 131 79.87 11.75 55.34
C ASN TA 131 79.14 10.75 56.22
N GLU TA 132 78.52 11.26 57.28
CA GLU TA 132 77.86 10.41 58.27
C GLU TA 132 76.52 9.87 57.79
N TYR TA 133 75.77 10.67 57.03
CA TYR TA 133 74.40 10.30 56.67
C TYR TA 133 74.37 9.05 55.79
N MET TA 134 75.40 8.82 54.98
CA MET TA 134 75.43 7.71 54.04
C MET TA 134 76.30 6.56 54.52
N PHE TA 135 76.73 6.57 55.79
CA PHE TA 135 77.49 5.48 56.41
C PHE TA 135 78.84 5.24 55.73
N SER TA 136 79.44 6.28 55.16
CA SER TA 136 80.79 6.20 54.62
C SER TA 136 81.81 6.84 55.55
N ASN TA 137 81.49 6.92 56.84
CA ASN TA 137 82.24 7.66 57.82
C ASN TA 137 82.99 6.79 58.82
N LYS TA 138 82.70 5.49 58.87
CA LYS TA 138 83.12 4.67 60.00
C LYS TA 138 83.34 3.23 59.56
N PHE TA 139 84.13 2.51 60.36
CA PHE TA 139 84.35 1.08 60.21
C PHE TA 139 84.80 0.54 61.56
N LYS TA 140 84.83 -0.80 61.67
CA LYS TA 140 85.22 -1.47 62.91
C LYS TA 140 86.43 -2.36 62.66
N ALA TA 141 87.28 -2.49 63.69
CA ALA TA 141 88.48 -3.31 63.61
C ALA TA 141 88.87 -3.81 64.99
N ARG TA 142 89.69 -4.86 65.02
CA ARG TA 142 90.17 -5.47 66.25
C ARG TA 142 91.68 -5.33 66.32
N VAL TA 143 92.17 -4.66 67.36
CA VAL TA 143 93.59 -4.37 67.52
C VAL TA 143 94.04 -4.83 68.91
N MET TA 144 95.34 -4.72 69.16
CA MET TA 144 95.94 -5.16 70.42
C MET TA 144 95.97 -4.03 71.43
N VAL TA 145 95.46 -4.30 72.63
CA VAL TA 145 95.37 -3.30 73.67
C VAL TA 145 96.46 -3.44 74.73
N SER TA 146 96.93 -4.65 75.00
CA SER TA 146 97.94 -4.87 76.03
C SER TA 146 98.85 -6.02 75.65
N ARG TA 147 100.16 -5.80 75.79
CA ARG TA 147 101.11 -6.89 75.85
C ARG TA 147 101.28 -7.27 77.33
N LYS TA 148 102.28 -8.09 77.64
CA LYS TA 148 102.50 -8.49 79.03
C LYS TA 148 102.98 -7.31 79.87
N ASP TA 171 104.63 -14.03 77.26
CA ASP TA 171 103.83 -12.82 77.08
C ASP TA 171 102.37 -13.16 76.77
N ILE TA 172 101.46 -12.45 77.40
CA ILE TA 172 100.02 -12.60 77.18
C ILE TA 172 99.51 -11.36 76.46
N LEU TA 173 98.77 -11.57 75.39
CA LEU TA 173 98.32 -10.49 74.50
C LEU TA 173 96.81 -10.38 74.56
N LYS TA 174 96.31 -9.15 74.65
CA LYS TA 174 94.88 -8.87 74.74
C LYS TA 174 94.44 -8.03 73.55
N TYR TA 175 93.27 -8.34 73.00
CA TYR TA 175 92.72 -7.66 71.83
C TYR TA 175 91.29 -7.23 72.13
N GLU TA 176 90.83 -6.21 71.39
CA GLU TA 176 89.49 -5.68 71.59
C GLU TA 176 89.00 -5.02 70.31
N TRP TA 177 87.67 -4.96 70.16
CA TRP TA 177 87.02 -4.32 69.03
C TRP TA 177 86.75 -2.85 69.34
N PHE TA 178 86.88 -2.00 68.31
CA PHE TA 178 86.57 -0.58 68.40
C PHE TA 178 85.88 -0.14 67.12
N GLU TA 179 85.24 1.03 67.19
CA GLU TA 179 84.70 1.70 66.02
C GLU TA 179 85.47 2.99 65.76
N PHE TA 180 85.88 3.19 64.52
CA PHE TA 180 86.75 4.30 64.15
C PHE TA 180 85.97 5.30 63.28
N ILE TA 181 86.24 6.58 63.48
CA ILE TA 181 85.50 7.66 62.83
C ILE TA 181 86.48 8.55 62.06
N LEU TA 182 86.14 8.89 60.80
CA LEU TA 182 86.84 9.80 59.93
C LEU TA 182 86.16 11.16 59.91
N PRO TA 183 86.88 12.24 59.64
CA PRO TA 183 86.24 13.54 59.46
C PRO TA 183 85.66 13.68 58.05
N GLU TA 184 84.62 14.51 57.94
CA GLU TA 184 83.84 14.60 56.72
C GLU TA 184 84.47 15.53 55.69
N GLY TA 185 84.22 15.24 54.43
CA GLY TA 185 84.77 16.00 53.32
C GLY TA 185 84.69 15.22 52.03
N ASN TA 186 85.21 15.82 50.97
CA ASN TA 186 85.21 15.24 49.64
C ASN TA 186 86.65 14.93 49.24
N PHE TA 187 87.03 13.65 49.31
CA PHE TA 187 88.42 13.24 49.19
C PHE TA 187 88.60 12.24 48.05
N SER TA 188 89.83 12.19 47.53
CA SER TA 188 90.18 11.15 46.59
C SER TA 188 90.39 9.83 47.32
N ALA TA 189 90.54 8.76 46.54
CA ALA TA 189 90.66 7.42 47.12
C ALA TA 189 91.95 7.26 47.92
N THR TA 190 93.06 7.79 47.40
CA THR TA 190 94.32 7.70 48.13
C THR TA 190 94.27 8.49 49.44
N MET TA 191 93.70 9.69 49.40
CA MET TA 191 93.57 10.50 50.61
C MET TA 191 92.67 9.84 51.63
N THR TA 192 91.63 9.12 51.17
CA THR TA 192 90.76 8.40 52.10
C THR TA 192 91.50 7.29 52.83
N ILE TA 193 92.36 6.57 52.12
CA ILE TA 193 93.12 5.49 52.73
C ILE TA 193 94.12 6.02 53.76
N ASP TA 194 94.69 7.20 53.53
CA ASP TA 194 95.54 7.82 54.54
C ASP TA 194 94.77 8.11 55.82
N LEU TA 195 93.53 8.57 55.70
CA LEU TA 195 92.74 8.89 56.88
C LEU TA 195 92.39 7.64 57.68
N MET TA 196 92.15 6.52 57.01
CA MET TA 196 91.86 5.27 57.72
C MET TA 196 93.08 4.77 58.51
N ASN TA 197 94.28 4.87 57.92
CA ASN TA 197 95.49 4.52 58.65
C ASN TA 197 95.69 5.45 59.84
N ASN TA 198 95.44 6.74 59.66
CA ASN TA 198 95.60 7.70 60.74
C ASN TA 198 94.66 7.42 61.90
N ALA TA 199 93.45 6.93 61.62
CA ALA TA 199 92.52 6.58 62.68
C ALA TA 199 93.04 5.41 63.51
N ILE TA 200 93.64 4.41 62.86
CA ILE TA 200 94.19 3.28 63.60
C ILE TA 200 95.30 3.74 64.53
N ILE TA 201 96.18 4.60 64.05
CA ILE TA 201 97.34 5.02 64.83
C ILE TA 201 96.93 5.87 66.02
N ASP TA 202 95.91 6.72 65.88
CA ASP TA 202 95.44 7.51 67.01
C ASP TA 202 94.89 6.65 68.13
N ASN TA 203 94.42 5.44 67.82
CA ASN TA 203 94.03 4.49 68.85
C ASN TA 203 95.25 3.90 69.56
N TYR TA 204 96.35 3.72 68.83
CA TYR TA 204 97.56 3.19 69.42
C TYR TA 204 98.29 4.23 70.28
N LEU TA 205 97.99 5.52 70.09
CA LEU TA 205 98.62 6.55 70.92
C LEU TA 205 97.82 6.86 72.18
N GLU TA 206 96.51 6.59 72.18
CA GLU TA 206 95.65 6.85 73.33
C GLU TA 206 95.54 5.64 74.26
N ILE TA 207 95.45 4.45 73.70
CA ILE TA 207 95.51 3.18 74.40
C ILE TA 207 96.73 2.50 73.83
N GLY TA 208 97.03 1.29 74.25
CA GLY TA 208 98.11 0.61 73.54
C GLY TA 208 99.47 1.04 74.04
N ARG TA 209 100.08 2.01 73.34
CA ARG TA 209 101.44 2.48 73.63
C ARG TA 209 101.73 2.61 75.12
N GLN TA 210 100.79 3.15 75.90
CA GLN TA 210 100.99 3.28 77.33
C GLN TA 210 100.77 1.98 78.08
N ASN TA 211 100.42 0.89 77.41
CA ASN TA 211 100.22 -0.41 78.04
C ASN TA 211 101.16 -1.47 77.48
N GLY TA 212 102.28 -1.06 76.91
CA GLY TA 212 103.35 -1.98 76.58
C GLY TA 212 103.40 -2.54 75.17
N VAL TA 213 102.56 -2.07 74.26
CA VAL TA 213 102.63 -2.52 72.88
C VAL TA 213 103.67 -1.69 72.14
N LEU TA 214 104.41 -2.32 71.25
CA LEU TA 214 105.46 -1.64 70.51
C LEU TA 214 104.95 -1.21 69.14
N GLU TA 215 105.70 -0.33 68.50
CA GLU TA 215 105.36 0.06 67.14
C GLU TA 215 105.92 -0.96 66.17
N SER TA 216 105.68 -2.24 66.47
CA SER TA 216 105.94 -3.33 65.54
C SER TA 216 104.87 -4.41 65.67
N ASP TA 217 103.82 -4.16 66.44
CA ASP TA 217 102.70 -5.09 66.60
C ASP TA 217 101.35 -4.40 66.36
N ILE TA 218 101.33 -3.35 65.54
CA ILE TA 218 100.10 -2.58 65.31
C ILE TA 218 98.98 -3.50 64.83
N GLY TA 219 99.17 -4.14 63.68
CA GLY TA 219 98.33 -5.25 63.30
C GLY TA 219 97.24 -4.99 62.27
N VAL TA 220 96.98 -3.74 61.91
CA VAL TA 220 96.01 -3.42 60.85
C VAL TA 220 96.58 -2.28 60.01
N LYS TA 221 96.74 -2.52 58.71
CA LYS TA 221 97.21 -1.48 57.80
C LYS TA 221 96.57 -1.64 56.43
N PHE TA 222 96.26 -0.52 55.78
CA PHE TA 222 95.71 -0.49 54.43
C PHE TA 222 96.80 -0.07 53.45
N ASP TA 223 97.07 -0.90 52.44
CA ASP TA 223 98.18 -0.70 51.54
C ASP TA 223 97.71 -0.78 50.09
N THR TA 224 98.65 -0.63 49.16
CA THR TA 224 98.38 -0.75 47.73
C THR TA 224 99.39 -1.60 46.97
N ARG TA 225 100.40 -2.16 47.62
CA ARG TA 225 101.52 -2.76 46.94
C ARG TA 225 101.29 -4.24 46.66
N ASN TA 226 102.05 -4.77 45.70
CA ASN TA 226 102.09 -6.21 45.42
C ASN TA 226 103.36 -6.74 46.07
N PHE TA 227 103.22 -7.24 47.29
CA PHE TA 227 104.34 -7.89 47.93
C PHE TA 227 104.67 -9.18 47.19
N ARG TA 228 105.90 -9.65 47.33
CA ARG TA 228 106.47 -10.82 46.64
C ARG TA 228 106.65 -10.61 45.13
N LEU TA 229 106.72 -9.36 44.66
CA LEU TA 229 106.97 -9.13 43.24
C LEU TA 229 108.36 -9.62 42.84
N GLY TA 230 109.39 -9.20 43.56
CA GLY TA 230 110.75 -9.58 43.21
C GLY TA 230 111.22 -10.89 43.84
N TRP TA 231 110.28 -11.79 44.09
CA TRP TA 231 110.55 -13.06 44.75
C TRP TA 231 111.39 -13.98 43.88
N ASP TA 232 112.25 -14.77 44.51
CA ASP TA 232 113.14 -15.67 43.81
C ASP TA 232 112.79 -17.11 44.15
N PRO TA 233 112.63 -17.98 43.15
CA PRO TA 233 112.14 -19.34 43.43
C PRO TA 233 113.14 -20.22 44.15
N GLU TA 234 114.41 -19.88 44.17
CA GLU TA 234 115.42 -20.70 44.85
C GLU TA 234 115.64 -20.24 46.29
N THR TA 235 116.01 -18.97 46.48
CA THR TA 235 116.25 -18.44 47.81
C THR TA 235 114.96 -18.15 48.57
N LYS TA 236 113.84 -17.99 47.85
CA LYS TA 236 112.53 -17.73 48.46
C LYS TA 236 112.55 -16.47 49.32
N LEU TA 237 113.25 -15.44 48.87
CA LEU TA 237 113.29 -14.15 49.54
C LEU TA 237 113.24 -13.05 48.49
N ILE TA 238 112.87 -11.85 48.93
CA ILE TA 238 112.79 -10.69 48.04
C ILE TA 238 114.22 -10.19 47.83
N MET TA 239 114.80 -10.56 46.69
CA MET TA 239 116.22 -10.29 46.46
C MET TA 239 116.62 -8.82 46.53
N PRO TA 240 115.86 -7.86 45.98
CA PRO TA 240 116.30 -6.46 46.05
C PRO TA 240 116.47 -5.91 47.46
N GLY TA 241 115.84 -6.53 48.46
CA GLY TA 241 115.90 -6.02 49.82
C GLY TA 241 114.85 -4.99 50.15
N VAL TA 242 114.07 -4.53 49.18
CA VAL TA 242 112.92 -3.65 49.42
C VAL TA 242 111.77 -4.11 48.53
N TYR TA 243 110.57 -4.06 49.07
CA TYR TA 243 109.38 -4.38 48.28
C TYR TA 243 109.18 -3.34 47.17
N THR TA 244 108.66 -3.80 46.04
CA THR TA 244 108.44 -2.92 44.90
C THR TA 244 107.46 -1.82 45.27
N TYR TA 245 107.83 -0.58 44.98
CA TYR TA 245 107.07 0.59 45.43
C TYR TA 245 106.12 1.09 44.33
N GLU TA 246 105.23 0.21 43.89
CA GLU TA 246 104.25 0.51 42.85
C GLU TA 246 102.86 0.13 43.33
N ALA TA 247 101.86 0.90 42.89
CA ALA TA 247 100.47 0.68 43.30
C ALA TA 247 99.78 -0.26 42.33
N PHE TA 248 99.09 -1.27 42.88
CA PHE TA 248 98.37 -2.26 42.10
C PHE TA 248 96.88 -2.26 42.36
N HIS TA 249 96.46 -2.35 43.62
CA HIS TA 249 95.08 -2.44 44.06
C HIS TA 249 95.06 -2.29 45.57
N PRO TA 250 94.07 -1.62 46.15
CA PRO TA 250 94.02 -1.49 47.62
C PRO TA 250 93.93 -2.84 48.32
N ASP TA 251 94.57 -2.93 49.48
CA ASP TA 251 94.86 -4.19 50.15
C ASP TA 251 94.75 -4.02 51.66
N ILE TA 252 94.56 -5.14 52.35
CA ILE TA 252 94.44 -5.21 53.80
C ILE TA 252 95.55 -6.12 54.33
N VAL TA 253 96.32 -5.63 55.30
CA VAL TA 253 97.43 -6.39 55.90
C VAL TA 253 97.15 -6.60 57.38
N LEU TA 254 97.28 -7.85 57.84
CA LEU TA 254 96.88 -8.24 59.18
C LEU TA 254 97.97 -9.03 59.90
N LEU TA 255 97.99 -8.90 61.23
CA LEU TA 255 98.76 -9.69 62.19
C LEU TA 255 97.85 -10.65 62.92
N PRO TA 256 98.39 -11.71 63.55
CA PRO TA 256 97.52 -12.69 64.21
C PRO TA 256 96.69 -12.04 65.31
N GLY TA 257 95.43 -12.48 65.41
CA GLY TA 257 94.52 -11.97 66.40
C GLY TA 257 93.71 -10.73 65.99
N CYS TA 258 93.95 -10.19 64.81
CA CYS TA 258 93.31 -8.95 64.37
C CYS TA 258 92.28 -9.23 63.27
N GLY TA 259 91.57 -8.19 62.86
CA GLY TA 259 90.58 -8.30 61.80
C GLY TA 259 89.84 -7.00 61.61
N VAL TA 260 89.08 -6.93 60.52
CA VAL TA 260 88.24 -5.79 60.19
C VAL TA 260 86.83 -6.28 59.88
N ASP TA 261 85.84 -5.41 60.11
CA ASP TA 261 84.44 -5.75 59.94
C ASP TA 261 83.72 -4.61 59.22
N PHE TA 262 83.13 -4.90 58.07
CA PHE TA 262 82.47 -3.90 57.23
C PHE TA 262 80.95 -4.06 57.21
N THR TA 263 80.36 -4.64 58.25
CA THR TA 263 78.93 -4.90 58.24
C THR TA 263 78.12 -3.61 58.16
N GLU TA 264 78.58 -2.55 58.84
CA GLU TA 264 77.84 -1.30 58.90
C GLU TA 264 78.66 -0.18 58.26
N SER TA 265 79.22 -0.42 57.09
CA SER TA 265 80.11 0.53 56.44
C SER TA 265 80.04 0.34 54.93
N ARG TA 266 80.24 1.44 54.20
CA ARG TA 266 80.29 1.40 52.75
C ARG TA 266 81.70 1.61 52.21
N LEU TA 267 82.70 1.57 53.07
CA LEU TA 267 84.08 1.79 52.65
C LEU TA 267 84.70 0.57 51.96
N SER TA 268 84.04 -0.60 52.02
CA SER TA 268 84.54 -1.74 51.25
C SER TA 268 84.36 -1.53 49.75
N ASN TA 269 83.38 -0.74 49.31
CA ASN TA 269 83.24 -0.42 47.90
C ASN TA 269 84.40 0.44 47.40
N LEU TA 270 84.87 1.38 48.23
CA LEU TA 270 86.01 2.19 47.84
C LEU TA 270 87.30 1.37 47.77
N LEU TA 271 87.40 0.30 48.56
CA LEU TA 271 88.57 -0.56 48.52
C LEU TA 271 88.55 -1.56 47.37
N GLY TA 272 87.40 -1.76 46.72
CA GLY TA 272 87.32 -2.74 45.67
C GLY TA 272 87.33 -4.18 46.13
N ILE TA 273 86.77 -4.46 47.30
CA ILE TA 273 86.64 -5.82 47.83
C ILE TA 273 85.17 -6.06 48.14
N ARG TA 274 84.58 -7.06 47.51
CA ARG TA 274 83.15 -7.35 47.63
C ARG TA 274 82.93 -8.84 47.84
N LYS TA 275 81.71 -9.18 48.28
CA LYS TA 275 81.31 -10.56 48.53
C LYS TA 275 80.65 -11.17 47.30
N ARG TA 276 80.93 -12.45 47.04
CA ARG TA 276 80.30 -13.16 45.94
C ARG TA 276 78.83 -13.47 46.22
N HIS TA 277 78.40 -13.41 47.48
CA HIS TA 277 77.00 -13.56 47.86
C HIS TA 277 76.59 -12.28 48.57
N PRO TA 278 76.27 -11.23 47.82
CA PRO TA 278 76.10 -9.90 48.42
C PRO TA 278 74.83 -9.73 49.24
N PHE TA 279 73.90 -10.67 49.19
CA PHE TA 279 72.67 -10.55 49.97
C PHE TA 279 72.74 -11.26 51.32
N GLN TA 280 73.87 -11.87 51.66
CA GLN TA 280 74.05 -12.50 52.97
C GLN TA 280 74.64 -11.47 53.93
N GLU TA 281 73.98 -11.26 55.06
CA GLU TA 281 74.39 -10.23 56.00
C GLU TA 281 75.72 -10.58 56.66
N GLY TA 282 76.54 -9.56 56.91
CA GLY TA 282 77.80 -9.73 57.60
C GLY TA 282 79.01 -9.80 56.69
N PHE TA 283 80.03 -8.99 56.99
CA PHE TA 283 81.26 -8.94 56.19
C PHE TA 283 82.44 -8.75 57.14
N LYS TA 284 83.07 -9.85 57.52
CA LYS TA 284 84.22 -9.82 58.41
C LYS TA 284 85.38 -10.57 57.79
N ILE TA 285 86.59 -10.02 57.92
CA ILE TA 285 87.81 -10.65 57.42
C ILE TA 285 88.82 -10.71 58.56
N MET TA 286 89.16 -11.92 58.99
CA MET TA 286 90.06 -12.14 60.11
C MET TA 286 91.37 -12.75 59.62
N TYR TA 287 92.35 -12.81 60.54
CA TYR TA 287 93.66 -13.33 60.18
C TYR TA 287 93.61 -14.79 59.76
N GLU TA 288 92.67 -15.57 60.32
CA GLU TA 288 92.56 -16.98 59.97
C GLU TA 288 91.97 -17.19 58.58
N ASP TA 289 91.33 -16.18 57.99
CA ASP TA 289 90.74 -16.33 56.66
C ASP TA 289 91.73 -16.04 55.53
N LEU TA 290 92.91 -15.51 55.84
CA LEU TA 290 93.89 -15.12 54.83
C LEU TA 290 94.99 -16.16 54.66
N GLU TA 291 94.66 -17.44 54.77
CA GLU TA 291 95.66 -18.50 54.66
C GLU TA 291 96.32 -18.48 53.29
N GLY TA 292 97.64 -18.70 53.28
CA GLY TA 292 98.43 -18.66 52.07
C GLY TA 292 98.91 -17.30 51.65
N GLY TA 293 98.60 -16.25 52.42
CA GLY TA 293 98.95 -14.90 52.03
C GLY TA 293 100.05 -14.27 52.83
N ASN TA 294 100.91 -15.07 53.46
CA ASN TA 294 102.01 -14.53 54.25
C ASN TA 294 102.98 -13.76 53.36
N ILE TA 295 103.44 -12.62 53.86
CA ILE TA 295 104.35 -11.74 53.12
C ILE TA 295 105.77 -12.28 53.24
N PRO TA 296 106.44 -12.57 52.14
CA PRO TA 296 107.81 -13.12 52.23
C PRO TA 296 108.76 -12.13 52.87
N ALA TA 297 109.69 -12.65 53.66
CA ALA TA 297 110.65 -11.83 54.39
C ALA TA 297 111.72 -11.27 53.47
N LEU TA 298 112.30 -10.14 53.88
CA LEU TA 298 113.46 -9.52 53.24
C LEU TA 298 113.39 -9.52 51.73
N ILE TA 364 122.99 -15.02 52.66
CA ILE TA 364 121.67 -15.55 52.39
C ILE TA 364 120.87 -15.75 53.68
N GLN TA 365 120.50 -14.63 54.31
CA GLN TA 365 119.69 -14.68 55.53
C GLN TA 365 118.69 -13.53 55.51
N PRO TA 366 117.50 -13.72 56.04
CA PRO TA 366 116.50 -12.63 56.06
C PRO TA 366 116.90 -11.54 57.03
N LEU TA 367 116.54 -10.30 56.68
CA LEU TA 367 116.69 -9.20 57.61
C LEU TA 367 115.65 -9.33 58.72
N GLU TA 368 116.10 -9.18 59.96
CA GLU TA 368 115.23 -9.40 61.11
C GLU TA 368 114.76 -8.13 61.79
N LYS TA 369 115.30 -6.97 61.44
CA LYS TA 369 114.93 -5.73 62.11
C LYS TA 369 115.15 -4.57 61.15
N ASP TA 370 114.55 -3.43 61.50
CA ASP TA 370 114.59 -2.24 60.67
C ASP TA 370 115.77 -1.34 61.08
N SER TA 371 115.85 -0.16 60.48
CA SER TA 371 116.98 0.74 60.74
C SER TA 371 116.98 1.22 62.19
N LYS TA 372 115.80 1.55 62.73
CA LYS TA 372 115.68 2.05 64.09
C LYS TA 372 115.33 0.95 65.08
N SER TA 373 115.77 -0.29 64.81
CA SER TA 373 115.54 -1.43 65.69
C SER TA 373 114.05 -1.67 65.93
N ARG TA 374 113.35 -1.98 64.84
CA ARG TA 374 111.96 -2.43 64.90
C ARG TA 374 111.88 -3.83 64.33
N SER TA 375 111.22 -4.73 65.05
CA SER TA 375 111.10 -6.11 64.60
C SER TA 375 110.25 -6.21 63.35
N TYR TA 376 110.71 -6.99 62.37
CA TYR TA 376 109.91 -7.33 61.21
C TYR TA 376 109.02 -8.54 61.44
N ASN TA 377 109.05 -9.14 62.65
CA ASN TA 377 108.23 -10.30 62.99
C ASN TA 377 108.53 -11.51 62.11
N VAL TA 378 109.81 -11.74 61.84
CA VAL TA 378 110.19 -12.93 61.07
C VAL TA 378 109.93 -14.18 61.89
N LEU TA 379 109.55 -15.25 61.20
CA LEU TA 379 109.16 -16.51 61.84
C LEU TA 379 110.26 -17.56 61.67
N GLU TA 380 109.94 -18.78 62.11
CA GLU TA 380 110.84 -19.91 61.87
C GLU TA 380 110.86 -20.23 60.38
N ASP TA 381 111.91 -20.96 59.98
CA ASP TA 381 112.22 -21.31 58.59
C ASP TA 381 112.78 -20.12 57.83
N LYS TA 382 112.74 -18.93 58.45
CA LYS TA 382 113.49 -17.76 57.98
C LYS TA 382 113.19 -17.42 56.52
N ILE TA 383 111.95 -17.61 56.09
CA ILE TA 383 111.51 -17.21 54.77
C ILE TA 383 110.30 -16.30 54.81
N ASN TA 384 109.30 -16.61 55.61
CA ASN TA 384 108.05 -15.87 55.64
C ASN TA 384 107.92 -15.08 56.93
N THR TA 385 107.05 -14.08 56.88
CA THR TA 385 106.77 -13.17 57.98
C THR TA 385 105.34 -13.38 58.47
N ALA TA 386 105.09 -12.99 59.73
CA ALA TA 386 103.77 -13.17 60.32
C ALA TA 386 102.68 -12.33 59.63
N TYR TA 387 103.04 -11.28 58.91
CA TYR TA 387 102.05 -10.45 58.23
C TYR TA 387 101.37 -11.23 57.11
N ARG TA 388 100.06 -11.07 56.99
CA ARG TA 388 99.27 -11.63 55.89
C ARG TA 388 98.53 -10.51 55.18
N SER TA 389 98.27 -10.71 53.89
CA SER TA 389 97.57 -9.69 53.10
C SER TA 389 96.49 -10.34 52.22
N TRP TA 390 95.39 -9.60 52.04
CA TRP TA 390 94.27 -10.10 51.24
C TRP TA 390 94.68 -10.32 49.79
N TYR TA 391 95.46 -9.41 49.22
CA TYR TA 391 95.80 -9.51 47.80
C TYR TA 391 96.66 -10.72 47.51
N LEU TA 392 97.64 -11.02 48.38
CA LEU TA 392 98.48 -12.19 48.17
C LEU TA 392 97.67 -13.47 48.28
N SER TA 393 96.75 -13.53 49.24
CA SER TA 393 95.93 -14.73 49.39
C SER TA 393 94.96 -14.89 48.23
N TYR TA 394 94.42 -13.78 47.70
CA TYR TA 394 93.49 -13.87 46.57
C TYR TA 394 94.18 -14.36 45.32
N ASN TA 395 95.40 -13.91 45.06
CA ASN TA 395 96.08 -14.21 43.80
C ASN TA 395 96.99 -15.43 43.86
N TYR TA 396 97.57 -15.74 45.01
CA TYR TA 396 98.55 -16.82 45.10
C TYR TA 396 98.14 -17.98 46.01
N GLY TA 397 97.10 -17.81 46.81
CA GLY TA 397 96.65 -18.85 47.71
C GLY TA 397 95.87 -19.94 47.00
N ASN TA 398 95.25 -20.79 47.81
CA ASN TA 398 94.47 -21.92 47.27
C ASN TA 398 93.18 -21.42 46.65
N PRO TA 399 92.92 -21.71 45.37
CA PRO TA 399 91.72 -21.17 44.72
C PRO TA 399 90.41 -21.63 45.35
N GLU TA 400 90.37 -22.82 45.94
CA GLU TA 400 89.11 -23.40 46.41
C GLU TA 400 88.98 -23.40 47.93
N LYS TA 401 89.94 -22.85 48.65
CA LYS TA 401 89.86 -22.79 50.10
C LYS TA 401 90.22 -21.42 50.69
N GLY TA 402 90.97 -20.58 49.98
CA GLY TA 402 91.36 -19.30 50.50
C GLY TA 402 90.27 -18.25 50.37
N ILE TA 403 90.68 -16.99 50.53
CA ILE TA 403 89.74 -15.88 50.49
C ILE TA 403 89.10 -15.71 49.11
N ARG TA 404 89.70 -16.28 48.06
CA ARG TA 404 89.18 -16.16 46.71
C ARG TA 404 87.87 -16.91 46.51
N SER TA 405 87.53 -17.85 47.39
CA SER TA 405 86.34 -18.65 47.20
C SER TA 405 85.06 -17.91 47.55
N TRP TA 406 85.13 -16.84 48.36
CA TRP TA 406 83.93 -16.11 48.72
C TRP TA 406 84.09 -14.59 48.66
N THR TA 407 85.19 -14.06 48.15
CA THR TA 407 85.32 -12.63 47.88
C THR TA 407 85.69 -12.41 46.43
N LEU TA 408 85.53 -11.16 45.98
CA LEU TA 408 85.72 -10.78 44.60
C LEU TA 408 86.48 -9.48 44.51
N LEU TA 409 87.40 -9.39 43.55
CA LEU TA 409 88.21 -8.19 43.34
C LEU TA 409 87.58 -7.33 42.26
N THR TA 410 87.36 -6.05 42.57
CA THR TA 410 86.69 -5.12 41.66
C THR TA 410 87.46 -3.80 41.61
N THR TA 411 87.12 -2.96 40.63
CA THR TA 411 87.70 -1.63 40.54
C THR TA 411 87.21 -0.74 41.68
N SER TA 412 88.10 0.12 42.16
CA SER TA 412 87.75 1.03 43.25
C SER TA 412 86.69 2.02 42.81
N ASP TA 413 85.69 2.24 43.67
CA ASP TA 413 84.59 3.15 43.39
C ASP TA 413 84.61 4.28 44.42
N VAL TA 414 85.06 5.46 44.00
CA VAL TA 414 85.30 6.57 44.93
C VAL TA 414 83.98 7.12 45.51
N THR TA 415 82.88 7.03 44.77
CA THR TA 415 81.61 7.52 45.30
C THR TA 415 81.05 6.63 46.41
N CYS TA 416 81.65 5.46 46.63
CA CYS TA 416 81.24 4.45 47.60
C CYS TA 416 79.92 3.78 47.24
N GLY TA 417 79.49 3.90 45.98
CA GLY TA 417 78.32 3.19 45.51
C GLY TA 417 77.05 4.02 45.60
N VAL TA 418 76.59 4.53 44.49
CA VAL TA 418 75.39 5.36 44.47
C VAL TA 418 74.19 4.47 44.25
N GLU TA 419 73.06 4.85 44.84
CA GLU TA 419 71.80 4.16 44.66
C GLU TA 419 70.77 5.12 44.05
N GLN TA 420 69.53 4.67 43.98
CA GLN TA 420 68.48 5.39 43.29
C GLN TA 420 67.78 6.40 44.20
N VAL TA 421 67.00 7.28 43.59
CA VAL TA 421 66.14 8.24 44.29
C VAL TA 421 64.73 8.14 43.70
N TYR TA 422 63.74 8.50 44.51
CA TYR TA 422 62.33 8.42 44.15
C TYR TA 422 61.65 9.77 44.27
N TRP TA 423 60.78 10.10 43.31
CA TRP TA 423 59.96 11.30 43.31
C TRP TA 423 58.52 11.00 43.73
N SER TA 424 57.93 11.91 44.50
CA SER TA 424 56.52 11.82 44.89
C SER TA 424 55.80 13.14 44.67
N LEU TA 425 54.60 13.07 44.10
CA LEU TA 425 53.71 14.24 43.95
C LEU TA 425 52.30 13.85 44.35
N PRO TA 426 52.06 13.68 45.66
CA PRO TA 426 50.80 13.05 46.10
C PRO TA 426 49.53 13.87 45.82
N ASP TA 427 49.61 15.17 45.65
CA ASP TA 427 48.42 15.99 45.39
C ASP TA 427 48.15 16.21 43.90
N MET TA 428 48.98 15.67 43.01
CA MET TA 428 48.80 15.91 41.59
C MET TA 428 48.52 14.64 40.79
N MET TA 429 49.29 13.58 41.01
CA MET TA 429 49.17 12.34 40.26
C MET TA 429 48.34 11.32 41.02
N GLN TA 430 47.70 10.42 40.28
CA GLN TA 430 47.06 9.26 40.88
C GLN TA 430 48.11 8.25 41.36
N ASP TA 431 47.77 7.50 42.40
CA ASP TA 431 48.69 6.51 42.93
C ASP TA 431 48.88 5.36 41.93
N PRO TA 432 50.11 4.98 41.62
CA PRO TA 432 50.32 3.79 40.78
C PRO TA 432 49.88 2.50 41.46
N VAL TA 433 49.74 1.46 40.64
CA VAL TA 433 49.07 0.23 41.07
C VAL TA 433 49.80 -0.42 42.25
N THR TA 434 49.00 -0.87 43.23
CA THR TA 434 49.33 -1.53 44.49
C THR TA 434 49.83 -0.58 45.60
N PHE TA 435 50.06 0.71 45.32
CA PHE TA 435 50.42 1.65 46.39
C PHE TA 435 49.17 2.09 47.16
N ARG TA 436 49.30 2.20 48.48
CA ARG TA 436 48.22 2.70 49.33
C ARG TA 436 48.29 4.21 49.48
N SER TA 437 47.12 4.84 49.57
CA SER TA 437 47.04 6.26 49.88
C SER TA 437 47.32 6.51 51.36
N THR TA 438 48.14 7.51 51.65
CA THR TA 438 48.58 7.75 53.02
C THR TA 438 49.09 9.18 53.15
N ARG TA 439 49.30 9.59 54.40
CA ARG TA 439 49.92 10.87 54.72
C ARG TA 439 51.23 10.72 55.47
N GLN TA 440 51.81 9.53 55.50
CA GLN TA 440 53.12 9.31 56.11
C GLN TA 440 54.21 9.52 55.06
N VAL TA 441 55.20 10.36 55.39
CA VAL TA 441 56.18 10.79 54.40
C VAL TA 441 57.02 9.62 53.91
N SER TA 442 57.43 8.73 54.82
CA SER TA 442 58.22 7.59 54.37
C SER TA 442 57.40 6.53 53.62
N ASN TA 443 56.14 6.77 53.26
CA ASN TA 443 55.38 5.78 52.51
C ASN TA 443 54.55 6.41 51.39
N TYR TA 444 54.95 7.58 50.89
CA TYR TA 444 54.25 8.19 49.76
C TYR TA 444 54.37 7.29 48.52
N PRO TA 445 53.35 7.26 47.68
CA PRO TA 445 53.47 6.56 46.39
C PRO TA 445 54.52 7.20 45.49
N VAL TA 446 55.18 6.36 44.70
CA VAL TA 446 56.36 6.75 43.92
C VAL TA 446 55.95 6.98 42.47
N VAL TA 447 56.33 8.13 41.93
CA VAL TA 447 55.94 8.54 40.58
C VAL TA 447 57.09 8.50 39.59
N GLY TA 448 58.35 8.36 40.04
CA GLY TA 448 59.48 8.22 39.14
C GLY TA 448 60.73 7.87 39.89
N ALA TA 449 61.72 7.38 39.15
CA ALA TA 449 62.99 6.93 39.74
C ALA TA 449 64.16 7.24 38.81
N GLU TA 450 65.32 7.44 39.40
CA GLU TA 450 66.57 7.70 38.67
C GLU TA 450 67.73 7.52 39.64
N LEU TA 451 68.95 7.64 39.13
CA LEU TA 451 70.12 7.56 39.98
C LEU TA 451 70.39 8.89 40.68
N MET TA 452 70.82 8.81 41.92
CA MET TA 452 71.34 9.98 42.60
C MET TA 452 72.54 10.52 41.81
N PRO TA 453 72.54 11.79 41.41
CA PRO TA 453 73.44 12.25 40.33
C PRO TA 453 74.86 12.60 40.79
N VAL TA 454 75.61 11.57 41.19
CA VAL TA 454 76.99 11.71 41.61
C VAL TA 454 77.83 10.70 40.84
N PHE TA 455 78.94 11.15 40.26
CA PHE TA 455 79.72 10.34 39.34
C PHE TA 455 81.21 10.44 39.63
N SER TA 456 81.95 9.43 39.19
CA SER TA 456 83.39 9.37 39.31
C SER TA 456 84.06 9.93 38.07
N LYS TA 457 85.19 10.61 38.26
CA LYS TA 457 86.00 11.14 37.15
C LYS TA 457 87.46 10.77 37.36
N SER TA 458 88.15 10.44 36.26
CA SER TA 458 89.52 9.95 36.31
C SER TA 458 90.52 11.01 35.85
N PHE TA 459 91.70 10.99 36.46
CA PHE TA 459 92.82 11.85 36.08
C PHE TA 459 94.09 11.02 36.05
N TYR TA 460 95.09 11.52 35.32
CA TYR TA 460 96.37 10.85 35.18
C TYR TA 460 97.45 11.64 35.92
N ASN TA 461 98.21 10.96 36.77
CA ASN TA 461 99.28 11.61 37.54
C ASN TA 461 100.55 10.77 37.58
N HIS TA 478 105.51 15.08 58.68
CA HIS TA 478 104.59 14.23 57.93
C HIS TA 478 103.75 13.35 58.85
N VAL TA 479 102.52 13.79 59.11
CA VAL TA 479 101.61 13.00 59.94
C VAL TA 479 101.17 11.72 59.22
N PHE TA 480 101.25 11.68 57.90
CA PHE TA 480 100.85 10.51 57.13
C PHE TA 480 102.03 9.58 56.84
N ASN TA 481 103.20 9.82 57.43
CA ASN TA 481 104.33 8.91 57.32
C ASN TA 481 105.10 8.99 58.64
N ARG TA 482 104.74 8.13 59.58
CA ARG TA 482 105.32 8.11 60.92
C ARG TA 482 106.41 7.06 61.10
N PHE TA 483 106.53 6.13 60.14
CA PHE TA 483 107.56 5.09 60.18
C PHE TA 483 108.25 5.05 58.83
N PRO TA 484 109.02 6.10 58.50
CA PRO TA 484 109.65 6.15 57.17
C PRO TA 484 110.59 4.99 56.91
N GLU TA 485 111.26 4.47 57.94
CA GLU TA 485 112.25 3.42 57.72
C GLU TA 485 111.62 2.06 57.48
N ASN TA 486 110.48 1.78 58.11
CA ASN TA 486 109.93 0.43 58.12
C ASN TA 486 109.32 0.09 56.77
N GLN TA 487 109.78 -1.00 56.15
CA GLN TA 487 109.30 -1.38 54.83
C GLN TA 487 107.84 -1.82 54.83
N ILE TA 488 107.32 -2.26 55.97
CA ILE TA 488 105.92 -2.67 56.05
C ILE TA 488 105.01 -1.49 56.36
N LEU TA 489 105.47 -0.57 57.20
CA LEU TA 489 104.68 0.56 57.67
C LEU TA 489 104.94 1.85 56.89
N ILE TA 490 105.67 1.77 55.78
CA ILE TA 490 105.89 2.95 54.95
C ILE TA 490 104.56 3.40 54.34
N ARG TA 491 104.49 4.69 54.01
CA ARG TA 491 103.28 5.25 53.39
C ARG TA 491 103.07 4.65 52.01
N PRO TA 492 101.87 4.18 51.69
CA PRO TA 492 101.67 3.47 50.43
C PRO TA 492 101.93 4.37 49.24
N PRO TA 493 102.44 3.81 48.15
CA PRO TA 493 102.56 4.60 46.92
C PRO TA 493 101.21 4.96 46.33
N ALA TA 494 101.16 6.12 45.65
CA ALA TA 494 99.93 6.63 45.04
C ALA TA 494 99.73 6.02 43.65
N PRO TA 495 98.50 5.71 43.27
CA PRO TA 495 98.26 5.16 41.94
C PRO TA 495 98.52 6.21 40.86
N THR TA 496 98.86 5.71 39.67
CA THR TA 496 98.98 6.58 38.51
C THR TA 496 97.63 7.02 37.97
N ILE TA 497 96.52 6.44 38.43
CA ILE TA 497 95.17 6.86 38.08
C ILE TA 497 94.45 7.29 39.35
N THR TA 498 94.02 8.54 39.39
CA THR TA 498 93.30 9.10 40.53
C THR TA 498 91.84 9.37 40.15
N THR TA 499 90.91 9.03 41.05
CA THR TA 499 89.49 9.25 40.82
C THR TA 499 88.90 10.11 41.92
N VAL TA 500 88.01 11.03 41.54
CA VAL TA 500 87.30 11.91 42.45
C VAL TA 500 85.83 11.95 42.04
N SER TA 501 84.96 12.25 43.00
CA SER TA 501 83.51 12.25 42.78
C SER TA 501 82.99 13.65 42.51
N GLU TA 502 82.01 13.75 41.62
CA GLU TA 502 81.44 15.01 41.15
C GLU TA 502 79.93 14.99 41.18
N ASN TA 503 79.34 16.17 41.35
CA ASN TA 503 77.90 16.37 41.26
C ASN TA 503 77.57 16.99 39.90
N VAL TA 504 76.68 16.36 39.14
CA VAL TA 504 76.33 16.80 37.80
C VAL TA 504 74.81 16.99 37.74
N PRO TA 505 74.32 18.14 37.29
CA PRO TA 505 72.86 18.35 37.23
C PRO TA 505 72.18 17.36 36.30
N ALA TA 506 71.02 16.87 36.73
CA ALA TA 506 70.30 15.79 36.07
C ALA TA 506 68.99 16.30 35.49
N LEU TA 507 68.79 16.04 34.20
CA LEU TA 507 67.60 16.46 33.46
C LEU TA 507 66.91 15.19 32.95
N THR TA 508 65.70 14.94 33.42
CA THR TA 508 65.06 13.64 33.24
C THR TA 508 63.64 13.77 32.71
N ASP TA 509 63.31 12.93 31.74
CA ASP TA 509 61.94 12.78 31.24
C ASP TA 509 61.36 11.49 31.80
N HIS TA 510 60.28 11.60 32.58
CA HIS TA 510 59.67 10.46 33.25
C HIS TA 510 58.45 9.90 32.53
N GLY TA 511 58.10 10.41 31.35
CA GLY TA 511 56.93 9.93 30.63
C GLY TA 511 55.62 10.51 31.15
N THR TA 512 54.53 9.88 30.72
CA THR TA 512 53.17 10.33 31.00
C THR TA 512 52.53 9.50 32.11
N LEU TA 513 51.91 10.17 33.08
CA LEU TA 513 51.22 9.53 34.19
C LEU TA 513 49.80 10.06 34.33
N PRO TA 514 48.86 9.24 34.80
CA PRO TA 514 47.47 9.72 34.97
C PRO TA 514 47.36 10.82 36.02
N LEU TA 515 46.52 11.80 35.72
CA LEU TA 515 46.41 13.05 36.46
C LEU TA 515 45.05 13.13 37.15
N ARG TA 516 45.03 13.73 38.34
CA ARG TA 516 43.75 13.96 39.01
C ARG TA 516 42.94 15.05 38.31
N SER TA 517 41.61 14.89 38.35
CA SER TA 517 40.73 15.83 37.62
C SER TA 517 40.65 17.19 38.30
N SER TA 518 40.86 17.27 39.61
CA SER TA 518 40.83 18.55 40.31
C SER TA 518 42.12 18.72 41.08
N ILE TA 519 42.80 19.84 40.84
CA ILE TA 519 44.13 20.10 41.37
C ILE TA 519 44.03 21.31 42.30
N ARG TA 520 44.46 21.12 43.56
CA ARG TA 520 44.47 22.21 44.52
C ARG TA 520 45.65 23.16 44.27
N GLY TA 521 45.51 24.37 44.80
CA GLY TA 521 46.48 25.42 44.55
C GLY TA 521 47.82 25.24 45.23
N VAL TA 522 47.87 24.47 46.31
CA VAL TA 522 49.12 24.21 47.05
C VAL TA 522 49.47 22.74 46.89
N GLN TA 523 50.72 22.46 46.52
CA GLN TA 523 51.18 21.12 46.17
C GLN TA 523 52.42 20.75 46.97
N ARG TA 524 52.54 19.46 47.29
CA ARG TA 524 53.69 18.92 48.00
C ARG TA 524 54.65 18.21 47.04
N VAL TA 525 55.95 18.45 47.23
CA VAL TA 525 57.01 17.84 46.43
C VAL TA 525 57.99 17.14 47.36
N THR TA 526 58.30 15.88 47.07
CA THR TA 526 59.16 15.08 47.94
C THR TA 526 60.16 14.24 47.14
N VAL TA 527 61.39 14.15 47.64
CA VAL TA 527 62.45 13.32 47.09
C VAL TA 527 63.04 12.46 48.21
N THR TA 528 63.05 11.14 48.04
CA THR TA 528 63.57 10.22 49.05
C THR TA 528 64.50 9.18 48.44
N ASP TA 529 65.33 8.58 49.30
CA ASP TA 529 66.33 7.60 48.89
C ASP TA 529 65.76 6.18 48.96
N ALA TA 530 66.64 5.19 48.84
CA ALA TA 530 66.20 3.79 48.76
C ALA TA 530 65.59 3.31 50.07
N ARG TA 531 66.03 3.83 51.21
CA ARG TA 531 65.45 3.50 52.50
C ARG TA 531 64.30 4.42 52.87
N ARG TA 532 63.86 5.27 51.93
CA ARG TA 532 62.74 6.20 52.09
C ARG TA 532 63.02 7.27 53.16
N ARG TA 533 64.24 7.75 53.21
CA ARG TA 533 64.59 8.97 53.95
C ARG TA 533 64.74 10.12 52.97
N THR TA 534 64.43 11.33 53.43
CA THR TA 534 64.73 12.51 52.63
C THR TA 534 66.24 12.74 52.59
N CYS TA 535 66.70 13.40 51.52
CA CYS TA 535 68.12 13.60 51.31
C CYS TA 535 68.49 15.06 51.60
N PRO TA 536 69.31 15.33 52.62
CA PRO TA 536 69.68 16.71 52.94
C PRO TA 536 70.63 17.36 51.93
N TYR TA 537 71.13 16.65 50.93
CA TYR TA 537 72.07 17.22 49.99
C TYR TA 537 71.44 17.68 48.68
N VAL TA 538 70.12 17.62 48.56
CA VAL TA 538 69.43 18.25 47.45
C VAL TA 538 69.29 19.75 47.74
N TYR TA 539 69.70 20.60 46.80
CA TYR TA 539 69.48 22.03 46.98
C TYR TA 539 68.80 22.71 45.79
N LYS TA 540 68.35 21.96 44.80
CA LYS TA 540 67.56 22.51 43.70
C LYS TA 540 66.74 21.40 43.08
N ALA TA 541 65.43 21.60 43.02
CA ALA TA 541 64.50 20.63 42.44
C ALA TA 541 63.33 21.36 41.80
N LEU TA 542 63.08 21.10 40.52
CA LEU TA 542 61.99 21.70 39.76
C LEU TA 542 61.21 20.64 39.01
N GLY TA 543 59.93 20.88 38.81
CA GLY TA 543 59.11 20.03 37.99
C GLY TA 543 58.26 20.82 37.02
N ILE TA 544 58.05 20.23 35.84
CA ILE TA 544 57.22 20.81 34.79
C ILE TA 544 56.29 19.72 34.27
N VAL TA 545 54.99 20.00 34.26
CA VAL TA 545 53.98 19.02 33.86
C VAL TA 545 53.19 19.58 32.67
N ALA TA 546 52.96 18.73 31.67
CA ALA TA 546 52.18 19.10 30.49
C ALA TA 546 50.95 18.21 30.33
N PRO TA 547 49.77 18.67 30.74
CA PRO TA 547 48.58 17.81 30.65
C PRO TA 547 48.10 17.60 29.22
N ARG TA 548 47.42 16.46 29.00
CA ARG TA 548 46.76 16.18 27.73
C ARG TA 548 45.73 15.07 27.95
N VAL TA 549 44.81 14.95 26.99
CA VAL TA 549 43.71 13.99 27.08
C VAL TA 549 44.21 12.58 26.73
N LEU TA 550 43.85 11.60 27.55
CA LEU TA 550 44.18 10.20 27.31
C LEU TA 550 43.03 9.39 26.73
N SER TA 551 41.84 9.47 27.32
CA SER TA 551 40.70 8.72 26.81
C SER TA 551 39.41 9.41 27.24
N SER TA 552 38.31 8.93 26.69
CA SER TA 552 36.99 9.49 26.95
C SER TA 552 36.37 8.89 28.21
N ARG TA 553 35.51 9.69 28.84
CA ARG TA 553 34.70 9.29 30.00
C ARG TA 553 35.53 9.01 31.23
N ARG UA 48 10.32 -35.18 -29.26
CA ARG UA 48 10.73 -36.48 -28.76
C ARG UA 48 10.27 -37.62 -29.67
N ASN UA 49 10.34 -37.41 -30.99
CA ASN UA 49 9.83 -38.41 -31.92
C ASN UA 49 10.74 -38.61 -33.13
N SER UA 50 12.03 -38.29 -33.02
CA SER UA 50 12.93 -38.39 -34.16
C SER UA 50 13.53 -39.80 -34.26
N ILE UA 51 13.96 -40.14 -35.46
CA ILE UA 51 14.56 -41.45 -35.77
C ILE UA 51 15.86 -41.20 -36.52
N ARG UA 52 16.97 -41.74 -36.01
CA ARG UA 52 18.31 -41.38 -36.48
C ARG UA 52 19.11 -42.61 -36.87
N TYR UA 53 19.95 -42.44 -37.89
CA TYR UA 53 20.83 -43.49 -38.41
C TYR UA 53 22.27 -43.08 -38.17
N SER UA 54 23.07 -44.00 -37.61
CA SER UA 54 24.37 -43.63 -37.06
C SER UA 54 25.37 -43.15 -38.11
N GLU UA 55 25.12 -43.40 -39.39
CA GLU UA 55 26.06 -42.94 -40.42
C GLU UA 55 25.75 -41.54 -40.95
N LEU UA 56 24.73 -40.87 -40.44
CA LEU UA 56 24.34 -39.55 -40.91
C LEU UA 56 24.41 -38.52 -39.78
N SER UA 57 24.82 -37.29 -40.11
CA SER UA 57 24.95 -36.22 -39.15
C SER UA 57 24.89 -34.87 -39.86
N PRO UA 58 24.31 -33.85 -39.25
CA PRO UA 58 24.20 -32.54 -39.91
C PRO UA 58 25.45 -31.69 -39.76
N LEU UA 59 25.58 -30.69 -40.64
CA LEU UA 59 26.79 -29.88 -40.79
C LEU UA 59 26.61 -28.46 -40.27
N TYR UA 60 27.67 -27.92 -39.68
CA TYR UA 60 27.67 -26.58 -39.10
C TYR UA 60 28.99 -25.85 -39.33
N ASP UA 61 28.88 -24.52 -39.40
CA ASP UA 61 29.92 -23.49 -39.26
C ASP UA 61 30.92 -23.31 -40.40
N THR UA 62 31.18 -24.33 -41.22
CA THR UA 62 32.15 -24.22 -42.31
C THR UA 62 32.23 -25.57 -43.03
N THR UA 63 32.72 -25.53 -44.26
CA THR UA 63 32.85 -26.71 -45.12
C THR UA 63 33.74 -26.33 -46.31
N ARG UA 64 33.81 -27.20 -47.32
CA ARG UA 64 34.54 -26.93 -48.55
C ARG UA 64 33.67 -27.16 -49.77
N LEU UA 65 33.86 -26.33 -50.80
CA LEU UA 65 33.28 -26.53 -52.12
C LEU UA 65 34.39 -26.60 -53.15
N TYR UA 66 34.34 -27.57 -54.05
CA TYR UA 66 35.41 -27.82 -55.02
C TYR UA 66 34.92 -27.54 -56.44
N LEU UA 67 35.69 -26.76 -57.19
CA LEU UA 67 35.39 -26.40 -58.58
C LEU UA 67 36.49 -26.98 -59.46
N VAL UA 68 36.21 -28.12 -60.09
CA VAL UA 68 37.22 -28.93 -60.74
C VAL UA 68 36.85 -29.09 -62.21
N ASP UA 69 37.86 -28.98 -63.08
CA ASP UA 69 37.65 -28.88 -64.52
C ASP UA 69 37.74 -30.20 -65.28
N ASN UA 70 37.97 -31.33 -64.61
CA ASN UA 70 38.17 -32.59 -65.33
C ASN UA 70 37.44 -33.75 -64.65
N LYS UA 71 36.19 -33.53 -64.23
CA LYS UA 71 35.36 -34.63 -63.78
C LYS UA 71 34.90 -35.46 -64.98
N SER UA 72 34.88 -36.79 -64.80
CA SER UA 72 34.66 -37.68 -65.95
C SER UA 72 33.28 -37.49 -66.56
N ALA UA 73 32.24 -37.40 -65.74
CA ALA UA 73 30.88 -37.27 -66.26
C ALA UA 73 30.60 -35.88 -66.83
N ASP UA 74 31.20 -34.84 -66.24
CA ASP UA 74 30.97 -33.48 -66.75
C ASP UA 74 31.61 -33.28 -68.11
N ILE UA 75 32.68 -34.00 -68.41
CA ILE UA 75 33.34 -33.89 -69.71
C ILE UA 75 32.39 -34.31 -70.82
N ALA UA 76 31.67 -35.41 -70.63
CA ALA UA 76 30.86 -35.98 -71.70
C ALA UA 76 29.59 -35.17 -71.95
N SER UA 77 28.92 -34.72 -70.90
CA SER UA 77 27.57 -34.18 -71.03
C SER UA 77 27.46 -32.67 -70.87
N LEU UA 78 28.51 -31.97 -70.49
CA LEU UA 78 28.38 -30.53 -70.27
C LEU UA 78 29.25 -29.68 -71.18
N ASN UA 79 30.48 -30.09 -71.45
CA ASN UA 79 31.51 -29.18 -71.94
C ASN UA 79 32.00 -29.56 -73.34
N TYR UA 80 31.08 -29.96 -74.22
CA TYR UA 80 31.48 -30.45 -75.53
C TYR UA 80 32.10 -29.35 -76.38
N GLN UA 81 31.61 -28.12 -76.28
CA GLN UA 81 32.09 -27.00 -77.07
C GLN UA 81 32.93 -26.00 -76.29
N ASN UA 82 33.40 -26.35 -75.09
CA ASN UA 82 34.08 -25.42 -74.19
C ASN UA 82 35.59 -25.71 -74.15
N ASP UA 83 36.31 -24.86 -73.42
CA ASP UA 83 37.72 -25.09 -73.13
C ASP UA 83 38.00 -24.70 -71.68
N HIS UA 84 39.25 -24.87 -71.24
CA HIS UA 84 39.58 -24.70 -69.83
C HIS UA 84 39.51 -23.25 -69.37
N SER UA 85 39.38 -22.29 -70.27
CA SER UA 85 39.19 -20.91 -69.88
C SER UA 85 37.73 -20.55 -69.61
N ASN UA 86 36.77 -21.38 -70.05
CA ASN UA 86 35.35 -21.07 -69.87
C ASN UA 86 34.56 -22.39 -69.93
N PHE UA 87 34.18 -22.92 -68.77
CA PHE UA 87 33.59 -24.26 -68.71
C PHE UA 87 32.54 -24.32 -67.60
N LEU UA 88 31.83 -25.44 -67.57
CA LEU UA 88 30.83 -25.73 -66.55
C LEU UA 88 31.27 -26.92 -65.70
N THR UA 89 30.90 -26.91 -64.42
CA THR UA 89 31.23 -28.00 -63.52
C THR UA 89 30.14 -28.16 -62.47
N THR UA 90 30.12 -29.33 -61.84
CA THR UA 90 29.14 -29.63 -60.80
C THR UA 90 29.80 -29.57 -59.42
N VAL UA 91 29.18 -28.86 -58.49
CA VAL UA 91 29.67 -28.83 -57.11
C VAL UA 91 29.06 -29.92 -56.25
N VAL UA 92 28.11 -30.69 -56.77
CA VAL UA 92 27.56 -31.85 -56.07
C VAL UA 92 28.50 -33.04 -56.30
N GLN UA 93 29.02 -33.61 -55.22
CA GLN UA 93 29.99 -34.69 -55.28
C GLN UA 93 29.38 -36.06 -54.95
N ASN UA 94 28.15 -36.32 -55.39
CA ASN UA 94 27.41 -37.53 -55.05
C ASN UA 94 27.07 -38.26 -56.35
N ASN UA 95 27.67 -39.43 -56.55
CA ASN UA 95 27.55 -40.14 -57.82
C ASN UA 95 26.25 -40.94 -57.95
N ASP UA 96 25.30 -40.79 -57.03
CA ASP UA 96 23.96 -41.33 -57.24
C ASP UA 96 23.20 -40.59 -58.32
N PHE UA 97 23.71 -39.44 -58.80
CA PHE UA 97 23.01 -38.61 -59.76
C PHE UA 97 23.94 -38.25 -60.91
N THR UA 98 23.36 -38.06 -62.08
CA THR UA 98 24.08 -37.52 -63.23
C THR UA 98 24.18 -36.00 -63.12
N PRO UA 99 25.12 -35.39 -63.84
CA PRO UA 99 25.23 -33.91 -63.79
C PRO UA 99 23.96 -33.20 -64.21
N THR UA 100 23.21 -33.74 -65.17
CA THR UA 100 21.95 -33.12 -65.56
C THR UA 100 20.95 -33.11 -64.40
N GLU UA 101 20.85 -34.24 -63.69
CA GLU UA 101 19.99 -34.29 -62.50
C GLU UA 101 20.51 -33.35 -61.42
N ALA UA 102 21.83 -33.28 -61.25
CA ALA UA 102 22.41 -32.43 -60.21
C ALA UA 102 22.13 -30.95 -60.44
N SER UA 103 21.89 -30.56 -61.69
CA SER UA 103 21.75 -29.13 -62.00
C SER UA 103 20.55 -28.52 -61.30
N THR UA 104 19.53 -29.31 -60.99
CA THR UA 104 18.35 -28.80 -60.31
C THR UA 104 18.45 -28.81 -58.78
N GLN UA 105 19.47 -29.44 -58.21
CA GLN UA 105 19.62 -29.49 -56.76
C GLN UA 105 20.29 -28.21 -56.25
N THR UA 106 20.18 -27.99 -54.94
CA THR UA 106 20.75 -26.78 -54.33
C THR UA 106 21.46 -27.12 -53.02
N ILE UA 107 22.36 -26.22 -52.62
CA ILE UA 107 22.99 -26.20 -51.31
C ILE UA 107 22.59 -24.90 -50.63
N ASN UA 108 22.10 -24.99 -49.40
CA ASN UA 108 21.47 -23.85 -48.74
C ASN UA 108 22.22 -23.50 -47.45
N PHE UA 109 22.66 -22.25 -47.34
CA PHE UA 109 23.29 -21.71 -46.15
C PHE UA 109 22.26 -20.90 -45.38
N ASP UA 110 22.24 -21.06 -44.05
CA ASP UA 110 21.12 -20.58 -43.24
C ASP UA 110 20.82 -19.11 -43.50
N GLU UA 111 19.55 -18.82 -43.83
CA GLU UA 111 19.14 -17.50 -44.28
C GLU UA 111 19.11 -16.46 -43.16
N ARG UA 112 19.27 -16.87 -41.91
CA ARG UA 112 19.36 -15.92 -40.81
C ARG UA 112 20.77 -15.35 -40.62
N SER UA 113 21.72 -15.70 -41.48
CA SER UA 113 23.06 -15.13 -41.46
C SER UA 113 23.43 -14.69 -42.87
N ARG UA 114 24.39 -13.78 -42.95
CA ARG UA 114 25.05 -13.44 -44.21
C ARG UA 114 26.39 -14.17 -44.25
N TRP UA 115 26.69 -14.80 -45.38
CA TRP UA 115 27.83 -15.69 -45.51
C TRP UA 115 28.88 -15.13 -46.47
N GLY UA 116 30.14 -15.46 -46.20
CA GLY UA 116 31.22 -15.14 -47.11
C GLY UA 116 32.05 -16.37 -47.42
N GLY UA 117 32.83 -16.27 -48.48
CA GLY UA 117 33.64 -17.37 -48.92
C GLY UA 117 35.09 -17.01 -49.24
N GLN UA 118 36.03 -17.67 -48.60
CA GLN UA 118 37.44 -17.47 -48.89
C GLN UA 118 37.85 -18.30 -50.09
N LEU UA 119 38.46 -17.67 -51.09
CA LEU UA 119 38.72 -18.28 -52.39
C LEU UA 119 40.22 -18.46 -52.63
N LYS UA 120 40.61 -19.68 -53.02
CA LYS UA 120 41.97 -19.99 -53.45
C LYS UA 120 41.92 -20.63 -54.83
N THR UA 121 42.86 -20.27 -55.69
CA THR UA 121 42.88 -20.77 -57.07
C THR UA 121 44.24 -21.34 -57.42
N ILE UA 122 44.23 -22.25 -58.39
CA ILE UA 122 45.43 -22.84 -58.98
C ILE UA 122 45.30 -22.76 -60.50
N MET UA 123 46.32 -22.23 -61.16
CA MET UA 123 46.29 -22.02 -62.60
C MET UA 123 47.63 -22.39 -63.23
N HIS UA 124 47.58 -22.98 -64.43
CA HIS UA 124 48.78 -23.31 -65.19
C HIS UA 124 48.56 -23.03 -66.67
N THR UA 125 49.57 -22.47 -67.35
CA THR UA 125 49.47 -22.04 -68.74
C THR UA 125 50.59 -22.65 -69.57
N ASN UA 126 50.43 -22.60 -70.89
CA ASN UA 126 51.45 -23.06 -71.83
C ASN UA 126 51.60 -22.10 -73.02
N MET UA 127 51.68 -20.80 -72.75
CA MET UA 127 51.74 -19.77 -73.80
C MET UA 127 53.16 -19.64 -74.36
N PRO UA 128 53.34 -19.67 -75.69
CA PRO UA 128 54.61 -19.28 -76.29
C PRO UA 128 54.71 -17.79 -76.51
N ASN UA 129 55.96 -17.29 -76.55
CA ASN UA 129 56.14 -15.84 -76.54
C ASN UA 129 55.86 -15.16 -77.87
N VAL UA 130 55.96 -15.86 -79.00
CA VAL UA 130 55.66 -15.29 -80.31
C VAL UA 130 54.43 -16.01 -80.84
N ASN UA 131 53.29 -15.31 -80.89
CA ASN UA 131 52.03 -15.91 -81.32
C ASN UA 131 51.10 -14.83 -81.85
N GLU UA 132 50.08 -15.27 -82.58
CA GLU UA 132 49.16 -14.37 -83.25
C GLU UA 132 48.14 -13.75 -82.28
N TYR UA 133 47.69 -14.51 -81.28
CA TYR UA 133 46.60 -14.06 -80.43
C TYR UA 133 46.99 -12.84 -79.61
N MET UA 134 48.26 -12.71 -79.25
CA MET UA 134 48.75 -11.63 -78.40
C MET UA 134 49.44 -10.51 -79.19
N PHE UA 135 49.34 -10.52 -80.52
CA PHE UA 135 49.88 -9.47 -81.38
C PHE UA 135 51.40 -9.33 -81.27
N SER UA 136 52.10 -10.42 -80.99
CA SER UA 136 53.56 -10.45 -81.01
C SER UA 136 54.09 -11.14 -82.25
N ASN UA 137 53.30 -11.15 -83.31
CA ASN UA 137 53.56 -11.92 -84.52
C ASN UA 137 53.92 -11.07 -85.73
N LYS UA 138 53.72 -9.75 -85.66
CA LYS UA 138 53.74 -8.93 -86.86
C LYS UA 138 54.21 -7.51 -86.54
N PHE UA 139 54.68 -6.83 -87.58
CA PHE UA 139 55.05 -5.42 -87.53
C PHE UA 139 54.98 -4.86 -88.94
N LYS UA 140 55.06 -3.54 -89.06
CA LYS UA 140 54.99 -2.85 -90.35
C LYS UA 140 56.27 -2.05 -90.59
N ALA UA 141 56.66 -1.95 -91.86
CA ALA UA 141 57.85 -1.22 -92.25
C ALA UA 141 57.71 -0.70 -93.68
N ARG UA 142 58.53 0.30 -94.01
CA ARG UA 142 58.55 0.91 -95.34
C ARG UA 142 59.90 0.67 -95.99
N VAL UA 143 59.91 -0.01 -97.14
CA VAL UA 143 61.13 -0.38 -97.84
C VAL UA 143 61.03 0.08 -99.28
N MET UA 144 62.12 -0.10 -100.02
CA MET UA 144 62.22 0.35 -101.41
C MET UA 144 61.79 -0.76 -102.36
N VAL UA 145 60.88 -0.42 -103.27
CA VAL UA 145 60.32 -1.40 -104.19
C VAL UA 145 60.93 -1.29 -105.59
N SER UA 146 61.35 -0.10 -106.02
CA SER UA 146 61.89 0.07 -107.36
C SER UA 146 62.95 1.16 -107.36
N ARG UA 147 64.09 0.85 -107.99
CA ARG UA 147 65.02 1.88 -108.42
C ARG UA 147 64.64 2.30 -109.84
N LYS UA 148 65.49 3.05 -110.52
CA LYS UA 148 65.19 3.48 -111.89
C LYS UA 148 65.22 2.30 -112.84
N ASP UA 171 68.22 8.81 -111.07
CA ASP UA 171 67.47 7.65 -110.59
C ASP UA 171 66.28 8.08 -109.74
N ILE UA 172 65.13 7.44 -109.98
CA ILE UA 172 63.91 7.68 -109.22
C ILE UA 172 63.64 6.46 -108.36
N LEU UA 173 63.38 6.68 -107.07
CA LEU UA 173 63.23 5.62 -106.09
C LEU UA 173 61.80 5.60 -105.56
N LYS UA 174 61.22 4.42 -105.46
CA LYS UA 174 59.85 4.24 -104.98
C LYS UA 174 59.85 3.38 -103.72
N TYR UA 175 59.01 3.76 -102.76
CA TYR UA 175 58.90 3.08 -101.47
C TYR UA 175 57.45 2.74 -101.20
N GLU UA 176 57.23 1.75 -100.34
CA GLU UA 176 55.88 1.31 -100.01
C GLU UA 176 55.87 0.64 -98.63
N TRP UA 177 54.70 0.67 -97.99
CA TRP UA 177 54.49 0.04 -96.69
C TRP UA 177 54.02 -1.40 -96.87
N PHE UA 178 54.47 -2.28 -95.97
CA PHE UA 178 54.06 -3.67 -95.94
C PHE UA 178 53.88 -4.11 -94.49
N GLU UA 179 53.19 -5.22 -94.31
CA GLU UA 179 53.08 -5.89 -93.02
C GLU UA 179 53.80 -7.24 -93.09
N PHE UA 180 54.65 -7.50 -92.11
CA PHE UA 180 55.51 -8.67 -92.09
C PHE UA 180 55.06 -9.64 -91.00
N ILE UA 181 55.14 -10.94 -91.28
CA ILE UA 181 54.64 -11.99 -90.39
C ILE UA 181 55.76 -12.96 -90.07
N LEU UA 182 55.91 -13.30 -88.77
CA LEU UA 182 56.83 -14.29 -88.23
C LEU UA 182 56.10 -15.61 -87.96
N PRO UA 183 56.80 -16.73 -87.99
CA PRO UA 183 56.18 -17.99 -87.58
C PRO UA 183 56.19 -18.14 -86.06
N GLU UA 184 55.22 -18.91 -85.56
CA GLU UA 184 54.95 -18.98 -84.13
C GLU UA 184 55.87 -19.98 -83.42
N GLY UA 185 56.14 -19.69 -82.15
CA GLY UA 185 57.02 -20.53 -81.35
C GLY UA 185 57.50 -19.77 -80.13
N ASN UA 186 58.34 -20.44 -79.36
CA ASN UA 186 58.89 -19.89 -78.12
C ASN UA 186 60.40 -19.69 -78.31
N PHE UA 187 60.81 -18.44 -78.51
CA PHE UA 187 62.17 -18.13 -78.95
C PHE UA 187 62.84 -17.18 -77.96
N SER UA 188 64.17 -17.22 -77.95
CA SER UA 188 64.94 -16.23 -77.22
C SER UA 188 64.94 -14.90 -77.98
N ALA UA 189 65.46 -13.86 -77.31
CA ALA UA 189 65.43 -12.52 -77.89
C ALA UA 189 66.33 -12.43 -79.12
N THR UA 190 67.52 -13.04 -79.08
CA THR UA 190 68.40 -13.01 -80.24
C THR UA 190 67.79 -13.76 -81.42
N MET UA 191 67.20 -14.92 -81.17
CA MET UA 191 66.57 -15.69 -82.24
C MET UA 191 65.38 -14.93 -82.83
N THR UA 192 64.65 -14.16 -82.01
CA THR UA 192 63.55 -13.37 -82.52
C THR UA 192 64.03 -12.29 -83.48
N ILE UA 193 65.14 -11.64 -83.17
CA ILE UA 193 65.69 -10.59 -84.02
C ILE UA 193 66.16 -11.16 -85.35
N ASP UA 194 66.69 -12.39 -85.35
CA ASP UA 194 67.05 -13.02 -86.62
C ASP UA 194 65.83 -13.23 -87.50
N LEU UA 195 64.69 -13.62 -86.91
CA LEU UA 195 63.49 -13.85 -87.70
C LEU UA 195 62.95 -12.56 -88.30
N MET UA 196 63.07 -11.44 -87.59
CA MET UA 196 62.62 -10.16 -88.13
C MET UA 196 63.47 -9.72 -89.32
N ASN UA 197 64.80 -9.91 -89.24
CA ASN UA 197 65.65 -9.62 -90.39
C ASN UA 197 65.31 -10.52 -91.56
N ASN UA 198 65.06 -11.81 -91.30
CA ASN UA 198 64.73 -12.75 -92.36
C ASN UA 198 63.43 -12.37 -93.07
N ALA UA 199 62.47 -11.81 -92.34
CA ALA UA 199 61.23 -11.37 -92.97
C ALA UA 199 61.46 -10.21 -93.93
N ILE UA 200 62.33 -9.27 -93.57
CA ILE UA 200 62.64 -8.15 -94.45
C ILE UA 200 63.26 -8.65 -95.74
N ILE UA 201 64.21 -9.60 -95.63
CA ILE UA 201 64.95 -10.07 -96.80
C ILE UA 201 64.05 -10.85 -97.75
N ASP UA 202 63.11 -11.62 -97.22
CA ASP UA 202 62.18 -12.37 -98.07
C ASP UA 202 61.30 -11.44 -98.90
N ASN UA 203 61.07 -10.21 -98.44
CA ASN UA 203 60.39 -9.21 -99.25
C ASN UA 203 61.28 -8.68 -100.36
N TYR UA 204 62.59 -8.59 -100.11
CA TYR UA 204 63.52 -8.12 -101.13
C TYR UA 204 63.77 -9.19 -102.19
N LEU UA 205 63.48 -10.46 -101.91
CA LEU UA 205 63.66 -11.50 -102.91
C LEU UA 205 62.43 -11.72 -103.76
N GLU UA 206 61.24 -11.36 -103.27
CA GLU UA 206 59.99 -11.53 -103.99
C GLU UA 206 59.61 -10.31 -104.81
N ILE UA 207 59.84 -9.12 -104.25
CA ILE UA 207 59.71 -7.84 -104.93
C ILE UA 207 61.10 -7.25 -104.87
N GLY UA 208 61.31 -6.06 -105.38
CA GLY UA 208 62.61 -5.47 -105.13
C GLY UA 208 63.65 -5.98 -106.13
N ARG UA 209 64.40 -7.00 -105.72
CA ARG UA 209 65.50 -7.55 -106.51
C ARG UA 209 65.19 -7.65 -108.00
N GLN UA 210 63.99 -8.10 -108.34
CA GLN UA 210 63.61 -8.21 -109.74
C GLN UA 210 63.21 -6.88 -110.35
N ASN UA 211 63.24 -5.79 -109.59
CA ASN UA 211 62.90 -4.46 -110.10
C ASN UA 211 64.05 -3.48 -109.94
N GLY UA 212 65.28 -3.98 -109.84
CA GLY UA 212 66.45 -3.13 -109.96
C GLY UA 212 67.08 -2.62 -108.68
N VAL UA 213 66.62 -3.06 -107.51
CA VAL UA 213 67.26 -2.66 -106.26
C VAL UA 213 68.43 -3.58 -105.99
N LEU UA 214 69.50 -3.02 -105.45
CA LEU UA 214 70.71 -3.79 -105.17
C LEU UA 214 70.73 -4.23 -103.71
N GLU UA 215 71.61 -5.17 -103.42
CA GLU UA 215 71.79 -5.59 -102.03
C GLU UA 215 72.74 -4.62 -101.35
N SER UA 216 72.51 -3.32 -101.52
CA SER UA 216 73.17 -2.27 -100.77
C SER UA 216 72.21 -1.13 -100.47
N ASP UA 217 70.94 -1.29 -100.78
CA ASP UA 217 69.92 -0.28 -100.49
C ASP UA 217 68.72 -0.89 -99.75
N ILE UA 218 68.94 -1.97 -98.99
CA ILE UA 218 67.84 -2.65 -98.30
C ILE UA 218 67.06 -1.67 -97.42
N GLY UA 219 67.73 -1.08 -96.44
CA GLY UA 219 67.17 0.07 -95.76
C GLY UA 219 66.55 -0.14 -94.39
N VAL UA 220 66.36 -1.39 -93.95
CA VAL UA 220 65.86 -1.67 -92.61
C VAL UA 220 66.62 -2.86 -92.06
N LYS UA 221 67.28 -2.69 -90.92
CA LYS UA 221 67.99 -3.78 -90.27
C LYS UA 221 67.93 -3.61 -88.75
N PHE UA 222 67.82 -4.73 -88.04
CA PHE UA 222 67.84 -4.75 -86.58
C PHE UA 222 69.18 -5.27 -86.09
N ASP UA 223 69.87 -4.49 -85.26
CA ASP UA 223 71.24 -4.79 -84.86
C ASP UA 223 71.37 -4.72 -83.34
N THR UA 224 72.58 -4.96 -82.85
CA THR UA 224 72.89 -4.86 -81.43
C THR UA 224 74.17 -4.10 -81.11
N ARG UA 225 74.89 -3.60 -82.11
CA ARG UA 225 76.24 -3.08 -81.90
C ARG UA 225 76.23 -1.59 -81.57
N ASN UA 226 77.33 -1.15 -80.96
CA ASN UA 226 77.58 0.27 -80.72
C ASN UA 226 78.53 0.75 -81.81
N PHE UA 227 77.97 1.28 -82.89
CA PHE UA 227 78.81 1.88 -83.91
C PHE UA 227 79.48 3.12 -83.34
N ARG UA 228 80.60 3.51 -83.94
CA ARG UA 228 81.47 4.62 -83.52
C ARG UA 228 82.20 4.36 -82.21
N LEU UA 229 82.35 3.10 -81.80
CA LEU UA 229 83.12 2.81 -80.59
C LEU UA 229 84.58 3.20 -80.75
N GLY UA 230 85.23 2.73 -81.82
CA GLY UA 230 86.64 3.02 -82.03
C GLY UA 230 86.92 4.30 -82.78
N TRP UA 231 86.02 5.27 -82.64
CA TRP UA 231 86.11 6.53 -83.36
C TRP UA 231 87.29 7.37 -82.87
N ASP UA 232 87.88 8.13 -83.79
CA ASP UA 232 89.04 8.96 -83.50
C ASP UA 232 88.69 10.42 -83.67
N PRO UA 233 88.99 11.27 -82.67
CA PRO UA 233 88.52 12.67 -82.74
C PRO UA 233 89.22 13.51 -83.80
N GLU UA 234 90.38 13.07 -84.31
CA GLU UA 234 91.10 13.85 -85.33
C GLU UA 234 90.71 13.41 -86.74
N THR UA 235 90.90 12.13 -87.05
CA THR UA 235 90.56 11.63 -88.38
C THR UA 235 89.06 11.43 -88.58
N LYS UA 236 88.29 11.34 -87.48
CA LYS UA 236 86.83 11.17 -87.54
C LYS UA 236 86.43 9.94 -88.35
N LEU UA 237 87.18 8.85 -88.19
CA LEU UA 237 86.87 7.59 -88.83
C LEU UA 237 87.14 6.46 -87.84
N ILE UA 238 86.55 5.30 -88.11
CA ILE UA 238 86.73 4.12 -87.27
C ILE UA 238 88.10 3.53 -87.61
N MET UA 239 89.10 3.82 -86.80
CA MET UA 239 90.48 3.46 -87.13
C MET UA 239 90.70 1.96 -87.34
N PRO UA 240 90.15 1.04 -86.55
CA PRO UA 240 90.45 -0.39 -86.78
C PRO UA 240 90.00 -0.89 -88.14
N GLY UA 241 89.09 -0.21 -88.82
CA GLY UA 241 88.59 -0.69 -90.10
C GLY UA 241 87.41 -1.63 -90.01
N VAL UA 242 87.04 -2.07 -88.81
CA VAL UA 242 85.83 -2.87 -88.58
C VAL UA 242 85.16 -2.36 -87.33
N TYR UA 243 83.82 -2.32 -87.35
CA TYR UA 243 83.07 -1.95 -86.17
C TYR UA 243 83.23 -2.98 -85.08
N THR UA 244 83.23 -2.53 -83.83
CA THR UA 244 83.40 -3.44 -82.69
C THR UA 244 82.27 -4.46 -82.65
N TYR UA 245 82.64 -5.73 -82.54
CA TYR UA 245 81.68 -6.83 -82.66
C TYR UA 245 81.20 -7.29 -81.27
N GLU UA 246 80.60 -6.37 -80.53
CA GLU UA 246 80.07 -6.64 -79.19
C GLU UA 246 78.63 -6.15 -79.09
N ALA UA 247 77.83 -6.86 -78.30
CA ALA UA 247 76.42 -6.55 -78.15
C ALA UA 247 76.22 -5.59 -76.99
N PHE UA 248 75.45 -4.53 -77.23
CA PHE UA 248 75.16 -3.51 -76.22
C PHE UA 248 73.68 -3.41 -75.89
N HIS UA 249 72.81 -3.26 -76.90
CA HIS UA 249 71.38 -3.07 -76.76
C HIS UA 249 70.77 -3.17 -78.16
N PRO UA 250 69.58 -3.75 -78.30
CA PRO UA 250 68.98 -3.84 -79.64
C PRO UA 250 68.72 -2.47 -80.25
N ASP UA 251 68.86 -2.40 -81.58
CA ASP UA 251 68.96 -1.13 -82.29
C ASP UA 251 68.27 -1.25 -83.65
N ILE UA 252 67.91 -0.10 -84.21
CA ILE UA 252 67.25 0.00 -85.51
C ILE UA 252 68.13 0.86 -86.41
N VAL UA 253 68.43 0.36 -87.61
CA VAL UA 253 69.27 1.05 -88.59
C VAL UA 253 68.45 1.33 -89.85
N LEU UA 254 68.49 2.58 -90.32
CA LEU UA 254 67.63 3.03 -91.41
C LEU UA 254 68.43 3.77 -92.48
N LEU UA 255 67.92 3.68 -93.72
CA LEU UA 255 68.31 4.43 -94.90
C LEU UA 255 67.25 5.48 -95.23
N PRO UA 256 67.60 6.51 -96.01
CA PRO UA 256 66.60 7.56 -96.29
C PRO UA 256 65.37 7.01 -96.98
N GLY UA 257 64.20 7.53 -96.59
CA GLY UA 257 62.95 7.11 -97.15
C GLY UA 257 62.28 5.92 -96.47
N CYS UA 258 62.91 5.33 -95.46
CA CYS UA 258 62.39 4.12 -94.81
C CYS UA 258 61.90 4.43 -93.40
N GLY UA 259 61.33 3.43 -92.74
CA GLY UA 259 60.84 3.58 -91.39
C GLY UA 259 60.14 2.32 -90.93
N VAL UA 260 59.85 2.28 -89.63
CA VAL UA 260 59.12 1.18 -89.00
C VAL UA 260 57.97 1.75 -88.18
N ASP UA 261 56.92 0.95 -88.01
CA ASP UA 261 55.72 1.38 -87.30
C ASP UA 261 55.25 0.28 -86.37
N PHE UA 262 55.17 0.57 -85.07
CA PHE UA 262 54.81 -0.42 -84.05
C PHE UA 262 53.45 -0.16 -83.44
N THR UA 263 52.54 0.50 -84.17
CA THR UA 263 51.23 0.84 -83.60
C THR UA 263 50.44 -0.40 -83.23
N GLU UA 264 50.52 -1.45 -84.04
CA GLU UA 264 49.74 -2.66 -83.80
C GLU UA 264 50.65 -3.85 -83.53
N SER UA 265 51.64 -3.67 -82.66
CA SER UA 265 52.64 -4.70 -82.41
C SER UA 265 53.17 -4.56 -81.00
N ARG UA 266 53.54 -5.68 -80.41
CA ARG UA 266 54.16 -5.68 -79.08
C ARG UA 266 55.65 -6.00 -79.13
N LEU UA 267 56.25 -6.01 -80.31
CA LEU UA 267 57.66 -6.31 -80.45
C LEU UA 267 58.58 -5.17 -80.05
N SER UA 268 58.03 -3.96 -79.85
CA SER UA 268 58.86 -2.88 -79.33
C SER UA 268 59.27 -3.11 -77.88
N ASN UA 269 58.47 -3.85 -77.10
CA ASN UA 269 58.87 -4.19 -75.74
C ASN UA 269 60.06 -5.15 -75.72
N LEU UA 270 60.11 -6.08 -76.67
CA LEU UA 270 61.25 -6.98 -76.75
C LEU UA 270 62.52 -6.25 -77.19
N LEU UA 271 62.39 -5.17 -77.95
CA LEU UA 271 63.54 -4.39 -78.37
C LEU UA 271 64.04 -3.43 -77.29
N GLY UA 272 63.25 -3.18 -76.26
CA GLY UA 272 63.65 -2.22 -75.26
C GLY UA 272 63.58 -0.76 -75.69
N ILE UA 273 62.63 -0.41 -76.54
CA ILE UA 273 62.40 0.96 -76.98
C ILE UA 273 60.95 1.30 -76.70
N ARG UA 274 60.72 2.33 -75.89
CA ARG UA 274 59.38 2.71 -75.45
C ARG UA 274 59.20 4.23 -75.56
N LYS UA 275 57.94 4.65 -75.49
CA LYS UA 275 57.58 6.06 -75.57
C LYS UA 275 57.48 6.68 -74.18
N ARG UA 276 57.93 7.93 -74.05
CA ARG UA 276 57.82 8.64 -72.78
C ARG UA 276 56.39 9.06 -72.47
N HIS UA 277 55.50 9.06 -73.47
CA HIS UA 277 54.07 9.31 -73.28
C HIS UA 277 53.33 8.08 -73.79
N PRO UA 278 53.25 7.03 -72.96
CA PRO UA 278 52.77 5.74 -73.46
C PRO UA 278 51.28 5.67 -73.73
N PHE UA 279 50.50 6.66 -73.32
CA PHE UA 279 49.06 6.66 -73.55
C PHE UA 279 48.66 7.39 -74.83
N GLN UA 280 49.61 7.94 -75.59
CA GLN UA 280 49.32 8.59 -76.86
C GLN UA 280 49.42 7.55 -77.98
N GLU UA 281 48.36 7.43 -78.77
CA GLU UA 281 48.30 6.39 -79.79
C GLU UA 281 49.30 6.68 -80.92
N GLY UA 282 49.88 5.60 -81.45
CA GLY UA 282 50.79 5.71 -82.59
C GLY UA 282 52.25 5.68 -82.21
N PHE UA 283 53.03 4.81 -82.89
CA PHE UA 283 54.46 4.67 -82.62
C PHE UA 283 55.17 4.42 -83.95
N LYS UA 284 55.69 5.49 -84.55
CA LYS UA 284 56.40 5.40 -85.82
C LYS UA 284 57.76 6.07 -85.68
N ILE UA 285 58.78 5.44 -86.27
CA ILE UA 285 60.14 5.97 -86.28
C ILE UA 285 60.63 6.00 -87.72
N MET UA 286 60.87 7.20 -88.25
CA MET UA 286 61.28 7.39 -89.63
C MET UA 286 62.71 7.91 -89.69
N TYR UA 287 63.27 7.92 -90.90
CA TYR UA 287 64.65 8.35 -91.08
C TYR UA 287 64.86 9.80 -90.67
N GLU UA 288 63.85 10.65 -90.82
CA GLU UA 288 63.98 12.05 -90.45
C GLU UA 288 63.98 12.27 -88.94
N ASP UA 289 63.55 11.28 -88.15
CA ASP UA 289 63.54 11.43 -86.70
C ASP UA 289 64.85 11.04 -86.04
N LEU UA 290 65.78 10.44 -86.78
CA LEU UA 290 67.05 9.97 -86.24
C LEU UA 290 68.20 10.94 -86.50
N GLU UA 291 67.94 12.24 -86.47
CA GLU UA 291 68.99 13.22 -86.75
C GLU UA 291 70.12 13.11 -85.74
N GLY UA 292 71.35 13.25 -86.25
CA GLY UA 292 72.53 13.13 -85.43
C GLY UA 292 73.04 11.72 -85.23
N GLY UA 293 72.39 10.72 -85.82
CA GLY UA 293 72.77 9.35 -85.59
C GLY UA 293 73.43 8.65 -86.77
N ASN UA 294 74.03 9.42 -87.67
CA ASN UA 294 74.70 8.83 -88.83
C ASN UA 294 75.88 7.98 -88.38
N ILE UA 295 76.03 6.82 -89.02
CA ILE UA 295 77.09 5.87 -88.68
C ILE UA 295 78.39 6.32 -89.35
N PRO UA 296 79.45 6.53 -88.59
CA PRO UA 296 80.71 6.99 -89.20
C PRO UA 296 81.27 5.96 -90.16
N ALA UA 297 81.87 6.44 -91.24
CA ALA UA 297 82.40 5.57 -92.29
C ALA UA 297 83.71 4.93 -91.85
N LEU UA 298 83.99 3.78 -92.47
CA LEU UA 298 85.26 3.06 -92.31
C LEU UA 298 85.79 3.02 -90.90
N ILE UA 364 94.65 7.91 -95.45
CA ILE UA 364 93.58 8.52 -94.68
C ILE UA 364 92.38 8.80 -95.58
N GLN UA 365 91.70 7.74 -96.02
CA GLN UA 365 90.49 7.87 -96.82
C GLN UA 365 89.50 6.79 -96.41
N PRO UA 366 88.20 7.07 -96.46
CA PRO UA 366 87.21 6.05 -96.09
C PRO UA 366 87.13 4.96 -97.13
N LEU UA 367 86.84 3.74 -96.67
CA LEU UA 367 86.53 2.64 -97.59
C LEU UA 367 85.17 2.88 -98.21
N GLU UA 368 85.08 2.73 -99.53
CA GLU UA 368 83.86 3.05 -100.26
C GLU UA 368 83.07 1.83 -100.71
N LYS UA 369 83.63 0.62 -100.60
CA LYS UA 369 82.94 -0.57 -101.07
C LYS UA 369 83.43 -1.76 -100.28
N ASP UA 370 82.66 -2.85 -100.37
CA ASP UA 370 82.93 -4.07 -99.62
C ASP UA 370 83.79 -5.02 -100.45
N SER UA 371 84.03 -6.22 -99.92
CA SER UA 371 84.89 -7.18 -100.60
C SER UA 371 84.30 -7.62 -101.94
N LYS UA 372 83.00 -7.86 -101.98
CA LYS UA 372 82.32 -8.31 -103.19
C LYS UA 372 81.70 -7.17 -103.98
N SER UA 373 82.29 -5.97 -103.88
CA SER UA 373 81.83 -4.79 -104.61
C SER UA 373 80.37 -4.46 -104.26
N ARG UA 374 80.17 -4.13 -102.99
CA ARG UA 374 78.90 -3.58 -102.51
C ARG UA 374 79.15 -2.19 -101.94
N SER UA 375 78.32 -1.24 -102.35
CA SER UA 375 78.49 0.14 -101.89
C SER UA 375 78.18 0.26 -100.41
N TYR UA 376 79.04 0.97 -99.68
CA TYR UA 376 78.78 1.33 -98.29
C TYR UA 376 77.96 2.61 -98.17
N ASN UA 377 77.57 3.23 -99.29
CA ASN UA 377 76.76 4.45 -99.29
C ASN UA 377 77.46 5.61 -98.59
N VAL UA 378 78.77 5.76 -98.84
CA VAL UA 378 79.49 6.89 -98.27
C VAL UA 378 79.02 8.19 -98.93
N LEU UA 379 79.02 9.27 -98.16
CA LEU UA 379 78.50 10.55 -98.59
C LEU UA 379 79.64 11.53 -98.84
N GLU UA 380 79.28 12.77 -99.14
CA GLU UA 380 80.27 13.83 -99.26
C GLU UA 380 80.89 14.12 -97.89
N ASP UA 381 82.06 14.76 -97.92
CA ASP UA 381 82.91 15.05 -96.78
C ASP UA 381 83.63 13.80 -96.29
N LYS UA 382 83.27 12.65 -96.84
CA LYS UA 382 84.06 11.42 -96.70
C LYS UA 382 84.32 11.06 -95.23
N ILE UA 383 83.35 11.31 -94.35
CA ILE UA 383 83.44 10.90 -92.96
C ILE UA 383 82.24 10.06 -92.54
N ASN UA 384 81.03 10.48 -92.89
CA ASN UA 384 79.82 9.82 -92.44
C ASN UA 384 79.14 9.07 -93.58
N THR UA 385 78.29 8.13 -93.20
CA THR UA 385 77.54 7.27 -94.10
C THR UA 385 76.06 7.59 -94.01
N ALA UA 386 75.32 7.24 -95.06
CA ALA UA 386 73.89 7.53 -95.10
C ALA UA 386 73.09 6.74 -94.05
N TYR UA 387 73.63 5.64 -93.53
CA TYR UA 387 72.92 4.87 -92.52
C TYR UA 387 72.78 5.67 -91.22
N ARG UA 388 71.60 5.58 -90.60
CA ARG UA 388 71.34 6.16 -89.29
C ARG UA 388 70.85 5.07 -88.35
N SER UA 389 71.13 5.26 -87.05
CA SER UA 389 70.71 4.26 -86.05
C SER UA 389 70.11 4.95 -84.83
N TRP UA 390 69.11 4.28 -84.24
CA TRP UA 390 68.42 4.83 -83.08
C TRP UA 390 69.37 4.98 -81.88
N TYR UA 391 70.24 4.01 -81.67
CA TYR UA 391 71.10 4.05 -80.49
C TYR UA 391 72.10 5.20 -80.55
N LEU UA 392 72.69 5.44 -81.72
CA LEU UA 392 73.62 6.56 -81.86
C LEU UA 392 72.92 7.89 -81.65
N SER UA 393 71.71 8.04 -82.17
CA SER UA 393 70.98 9.28 -82.00
C SER UA 393 70.55 9.48 -80.55
N TYR UA 394 70.18 8.39 -79.86
CA TYR UA 394 69.76 8.50 -78.46
C TYR UA 394 70.93 8.93 -77.57
N ASN UA 395 72.11 8.39 -77.81
CA ASN UA 395 73.23 8.61 -76.90
C ASN UA 395 74.14 9.77 -77.30
N TYR UA 396 74.26 10.07 -78.59
CA TYR UA 396 75.21 11.09 -79.05
C TYR UA 396 74.55 12.29 -79.73
N GLY UA 397 73.28 12.22 -80.07
CA GLY UA 397 72.60 13.31 -80.73
C GLY UA 397 72.22 14.43 -79.77
N ASN UA 398 71.40 15.34 -80.26
CA ASN UA 398 70.97 16.50 -79.49
C ASN UA 398 69.99 16.06 -78.40
N PRO UA 399 70.26 16.34 -77.12
CA PRO UA 399 69.37 15.85 -76.06
C PRO UA 399 67.95 16.42 -76.14
N GLU UA 400 67.77 17.63 -76.66
CA GLU UA 400 66.48 18.30 -76.61
C GLU UA 400 65.77 18.35 -77.95
N LYS UA 401 66.34 17.76 -79.00
CA LYS UA 401 65.70 17.73 -80.30
C LYS UA 401 65.71 16.38 -80.99
N GLY UA 402 66.61 15.47 -80.63
CA GLY UA 402 66.68 14.17 -81.26
C GLY UA 402 65.65 13.20 -80.71
N ILE UA 403 65.88 11.92 -81.01
CA ILE UA 403 64.96 10.86 -80.63
C ILE UA 403 64.88 10.71 -79.11
N ARG UA 404 65.87 11.20 -78.37
CA ARG UA 404 65.90 11.08 -76.92
C ARG UA 404 64.84 11.91 -76.23
N SER UA 405 64.26 12.89 -76.91
CA SER UA 405 63.29 13.76 -76.27
C SER UA 405 61.92 13.11 -76.11
N TRP UA 406 61.60 12.07 -76.88
CA TRP UA 406 60.30 11.43 -76.75
C TRP UA 406 60.36 9.90 -76.75
N THR UA 407 61.54 9.29 -76.71
CA THR UA 407 61.65 7.85 -76.52
C THR UA 407 62.54 7.55 -75.32
N LEU UA 408 62.47 6.31 -74.84
CA LEU UA 408 63.15 5.89 -73.63
C LEU UA 408 63.80 4.52 -73.85
N LEU UA 409 65.01 4.35 -73.33
CA LEU UA 409 65.74 3.11 -73.45
C LEU UA 409 65.52 2.25 -72.21
N THR UA 410 65.12 0.99 -72.41
CA THR UA 410 64.77 0.08 -71.31
C THR UA 410 65.41 -1.28 -71.56
N THR UA 411 65.41 -2.12 -70.53
CA THR UA 411 65.90 -3.49 -70.67
C THR UA 411 64.95 -4.31 -71.54
N SER UA 412 65.50 -5.22 -72.32
CA SER UA 412 64.71 -6.07 -73.19
C SER UA 412 63.83 -7.01 -72.38
N ASP UA 413 62.56 -7.14 -72.79
CA ASP UA 413 61.59 -7.99 -72.10
C ASP UA 413 61.13 -9.07 -73.07
N VAL UA 414 61.63 -10.30 -72.86
CA VAL UA 414 61.40 -11.39 -73.80
C VAL UA 414 59.94 -11.83 -73.83
N THR UA 415 59.21 -11.70 -72.72
CA THR UA 415 57.80 -12.09 -72.72
C THR UA 415 56.93 -11.13 -73.53
N CYS UA 416 57.48 -9.99 -73.96
CA CYS UA 416 56.80 -8.94 -74.70
C CYS UA 416 55.78 -8.19 -73.85
N GLY UA 417 55.85 -8.32 -72.53
CA GLY UA 417 54.99 -7.55 -71.64
C GLY UA 417 53.74 -8.30 -71.24
N VAL UA 418 53.70 -8.80 -70.03
CA VAL UA 418 52.56 -9.55 -69.56
C VAL UA 418 51.59 -8.59 -68.88
N GLU UA 419 50.30 -8.88 -69.00
CA GLU UA 419 49.26 -8.10 -68.34
C GLU UA 419 48.48 -9.01 -67.40
N GLN UA 420 47.40 -8.49 -66.84
CA GLN UA 420 46.64 -9.16 -65.80
C GLN UA 420 45.58 -10.09 -66.37
N VAL UA 421 45.04 -10.95 -65.51
CA VAL UA 421 43.90 -11.82 -65.81
C VAL UA 421 42.84 -11.66 -64.73
N TYR UA 422 41.59 -11.92 -65.10
CA TYR UA 422 40.44 -11.76 -64.22
C TYR UA 422 39.67 -13.07 -64.07
N TRP UA 423 39.21 -13.35 -62.85
CA TRP UA 423 38.38 -14.50 -62.54
C TRP UA 423 36.91 -14.09 -62.38
N SER UA 424 36.00 -14.94 -62.85
CA SER UA 424 34.56 -14.74 -62.67
C SER UA 424 33.89 -16.03 -62.18
N LEU UA 425 33.01 -15.90 -61.20
CA LEU UA 425 32.17 -17.01 -60.72
C LEU UA 425 30.74 -16.51 -60.55
N PRO UA 426 30.02 -16.29 -61.66
CA PRO UA 426 28.74 -15.57 -61.57
C PRO UA 426 27.63 -16.30 -60.83
N ASP UA 427 27.67 -17.62 -60.70
CA ASP UA 427 26.63 -18.36 -60.01
C ASP UA 427 26.93 -18.62 -58.53
N MET UA 428 28.07 -18.16 -58.02
CA MET UA 428 28.44 -18.43 -56.64
C MET UA 428 28.58 -17.16 -55.81
N MET UA 429 29.28 -16.15 -56.31
CA MET UA 429 29.55 -14.92 -55.56
C MET UA 429 28.56 -13.82 -55.95
N GLN UA 430 28.32 -12.92 -55.01
CA GLN UA 430 27.58 -11.70 -55.33
C GLN UA 430 28.44 -10.74 -56.17
N ASP UA 431 27.77 -9.94 -56.98
CA ASP UA 431 28.49 -8.99 -57.84
C ASP UA 431 29.13 -7.90 -56.99
N PRO UA 432 30.41 -7.60 -57.17
CA PRO UA 432 31.02 -6.46 -56.47
C PRO UA 432 30.44 -5.12 -56.94
N VAL UA 433 30.70 -4.09 -56.12
CA VAL UA 433 30.01 -2.82 -56.25
C VAL UA 433 30.26 -2.17 -57.62
N THR UA 434 29.19 -1.66 -58.22
CA THR UA 434 29.05 -0.98 -59.52
C THR UA 434 29.01 -1.93 -60.72
N PHE UA 435 29.24 -3.23 -60.57
CA PHE UA 435 29.09 -4.16 -61.68
C PHE UA 435 27.61 -4.50 -61.92
N ARG UA 436 27.22 -4.58 -63.19
CA ARG UA 436 25.87 -4.99 -63.56
C ARG UA 436 25.77 -6.50 -63.72
N SER UA 437 24.61 -7.05 -63.35
CA SER UA 437 24.32 -8.45 -63.62
C SER UA 437 23.98 -8.67 -65.09
N THR UA 438 24.56 -9.71 -65.67
CA THR UA 438 24.42 -9.94 -67.10
C THR UA 438 24.74 -11.40 -67.42
N ARG UA 439 24.42 -11.78 -68.66
CA ARG UA 439 24.78 -13.09 -69.18
C ARG UA 439 25.71 -13.01 -70.39
N GLN UA 440 26.31 -11.86 -70.65
CA GLN UA 440 27.30 -11.72 -71.71
C GLN UA 440 28.69 -12.02 -71.17
N VAL UA 441 29.41 -12.91 -71.85
CA VAL UA 441 30.67 -13.43 -71.31
C VAL UA 441 31.72 -12.33 -71.19
N SER UA 442 31.81 -11.46 -72.17
CA SER UA 442 32.79 -10.37 -72.07
C SER UA 442 32.40 -9.29 -71.06
N ASN UA 443 31.35 -9.45 -70.25
CA ASN UA 443 31.02 -8.43 -69.26
C ASN UA 443 30.64 -9.04 -67.91
N TYR UA 444 31.11 -10.25 -67.60
CA TYR UA 444 30.86 -10.84 -66.29
C TYR UA 444 31.51 -10.00 -65.18
N PRO UA 445 30.89 -9.92 -64.00
CA PRO UA 445 31.55 -9.26 -62.87
C PRO UA 445 32.82 -9.99 -62.45
N VAL UA 446 33.80 -9.23 -61.98
CA VAL UA 446 35.14 -9.71 -61.71
C VAL UA 446 35.32 -9.96 -60.21
N VAL UA 447 35.79 -11.15 -59.87
CA VAL UA 447 35.92 -11.57 -58.47
C VAL UA 447 37.38 -11.62 -58.00
N GLY UA 448 38.35 -11.56 -58.89
CA GLY UA 448 39.75 -11.52 -58.50
C GLY UA 448 40.64 -11.22 -59.68
N ALA UA 449 41.88 -10.83 -59.38
CA ALA UA 449 42.83 -10.45 -60.41
C ALA UA 449 44.25 -10.85 -60.00
N GLU UA 450 45.09 -11.12 -61.00
CA GLU UA 450 46.49 -11.47 -60.80
C GLU UA 450 47.20 -11.35 -62.15
N LEU UA 451 48.51 -11.56 -62.15
CA LEU UA 451 49.28 -11.52 -63.39
C LEU UA 451 49.15 -12.85 -64.13
N MET UA 452 49.08 -12.77 -65.45
CA MET UA 452 49.21 -13.95 -66.28
C MET UA 452 50.58 -14.58 -66.00
N PRO UA 453 50.65 -15.86 -65.63
CA PRO UA 453 51.87 -16.41 -64.99
C PRO UA 453 52.96 -16.83 -65.96
N VAL UA 454 53.57 -15.85 -66.61
CA VAL UA 454 54.68 -16.06 -67.55
C VAL UA 454 55.81 -15.13 -67.16
N PHE UA 455 57.03 -15.68 -67.04
CA PHE UA 455 58.16 -14.93 -66.50
C PHE UA 455 59.41 -15.13 -67.34
N SER UA 456 60.32 -14.19 -67.21
CA SER UA 456 61.62 -14.21 -67.89
C SER UA 456 62.68 -14.86 -67.00
N LYS UA 457 63.58 -15.61 -67.60
CA LYS UA 457 64.72 -16.21 -66.91
C LYS UA 457 66.01 -15.93 -67.66
N SER UA 458 67.09 -15.67 -66.91
CA SER UA 458 68.37 -15.28 -67.47
C SER UA 458 69.39 -16.42 -67.44
N PHE UA 459 70.24 -16.46 -68.46
CA PHE UA 459 71.35 -17.39 -68.54
C PHE UA 459 72.60 -16.65 -69.01
N TYR UA 460 73.76 -17.23 -68.72
CA TYR UA 460 75.04 -16.65 -69.09
C TYR UA 460 75.70 -17.50 -70.17
N ASN UA 461 76.11 -16.85 -71.26
CA ASN UA 461 76.76 -17.54 -72.38
C ASN UA 461 77.97 -16.78 -72.91
N HIS UA 478 74.11 -20.80 -94.29
CA HIS UA 478 73.61 -19.93 -93.23
C HIS UA 478 72.55 -18.97 -93.77
N VAL UA 479 71.28 -19.31 -93.53
CA VAL UA 479 70.19 -18.44 -93.95
C VAL UA 479 70.15 -17.16 -93.12
N PHE UA 480 70.73 -17.16 -91.92
CA PHE UA 480 70.76 -15.98 -91.06
C PHE UA 480 72.01 -15.14 -91.24
N ASN UA 481 72.84 -15.44 -92.25
CA ASN UA 481 73.99 -14.62 -92.58
C ASN UA 481 74.20 -14.71 -94.09
N ARG UA 482 73.55 -13.80 -94.82
CA ARG UA 482 73.58 -13.79 -96.28
C ARG UA 482 74.58 -12.79 -96.85
N PHE UA 483 75.13 -11.91 -96.04
CA PHE UA 483 76.13 -10.94 -96.46
C PHE UA 483 77.29 -10.98 -95.48
N PRO UA 484 78.04 -12.08 -95.47
CA PRO UA 484 79.13 -12.21 -94.49
C PRO UA 484 80.18 -11.12 -94.60
N GLU UA 485 80.44 -10.62 -95.81
CA GLU UA 485 81.51 -9.65 -95.99
C GLU UA 485 81.12 -8.25 -95.52
N ASN UA 486 79.85 -7.88 -95.67
CA ASN UA 486 79.44 -6.49 -95.47
C ASN UA 486 79.41 -6.15 -93.98
N GLN UA 487 80.16 -5.11 -93.60
CA GLN UA 487 80.25 -4.75 -92.18
C GLN UA 487 78.94 -4.21 -91.63
N ILE UA 488 78.05 -3.70 -92.47
CA ILE UA 488 76.76 -3.20 -92.00
C ILE UA 488 75.73 -4.32 -91.94
N LEU UA 489 75.76 -5.24 -92.90
CA LEU UA 489 74.77 -6.30 -93.02
C LEU UA 489 75.23 -7.61 -92.41
N ILE UA 490 76.33 -7.61 -91.67
CA ILE UA 490 76.76 -8.83 -90.98
C ILE UA 490 75.74 -9.22 -89.90
N ARG UA 491 75.70 -10.51 -89.58
CA ARG UA 491 74.80 -11.00 -88.54
C ARG UA 491 75.18 -10.42 -87.19
N PRO UA 492 74.23 -9.89 -86.42
CA PRO UA 492 74.58 -9.19 -85.19
C PRO UA 492 75.21 -10.15 -84.19
N PRO UA 493 76.14 -9.67 -83.38
CA PRO UA 493 76.67 -10.50 -82.29
C PRO UA 493 75.62 -10.79 -81.23
N ALA UA 494 75.76 -11.94 -80.58
CA ALA UA 494 74.83 -12.39 -79.55
C ALA UA 494 75.22 -11.82 -78.19
N PRO UA 495 74.26 -11.44 -77.37
CA PRO UA 495 74.58 -10.92 -76.04
C PRO UA 495 75.16 -11.99 -75.14
N THR UA 496 75.97 -11.57 -74.18
CA THR UA 496 76.47 -12.47 -73.16
C THR UA 496 75.40 -12.85 -72.13
N ILE UA 497 74.25 -12.17 -72.13
CA ILE UA 497 73.11 -12.52 -71.28
C ILE UA 497 71.93 -12.86 -72.19
N THR UA 498 71.42 -14.08 -72.06
CA THR UA 498 70.28 -14.56 -72.83
C THR UA 498 69.06 -14.74 -71.92
N THR UA 499 67.89 -14.32 -72.39
CA THR UA 499 66.66 -14.45 -71.63
C THR UA 499 65.62 -15.24 -72.42
N VAL UA 500 64.89 -16.11 -71.72
CA VAL UA 500 63.82 -16.92 -72.29
C VAL UA 500 62.62 -16.86 -71.35
N SER UA 501 61.43 -17.09 -71.89
CA SER UA 501 60.19 -16.99 -71.14
C SER UA 501 59.71 -18.36 -70.68
N GLU UA 502 59.14 -18.42 -69.48
CA GLU UA 502 58.72 -19.66 -68.84
C GLU UA 502 57.31 -19.54 -68.28
N ASN UA 503 56.61 -20.68 -68.21
CA ASN UA 503 55.31 -20.79 -67.56
C ASN UA 503 55.48 -21.43 -66.19
N VAL UA 504 55.00 -20.76 -65.15
CA VAL UA 504 55.16 -21.21 -63.77
C VAL UA 504 53.79 -21.30 -63.13
N PRO UA 505 53.42 -22.43 -62.53
CA PRO UA 505 52.09 -22.55 -61.91
C PRO UA 505 51.89 -21.53 -60.79
N ALA UA 506 50.69 -20.97 -60.74
CA ALA UA 506 50.36 -19.86 -59.86
C ALA UA 506 49.34 -20.30 -58.82
N LEU UA 507 49.67 -20.06 -57.54
CA LEU UA 507 48.83 -20.42 -56.41
C LEU UA 507 48.49 -19.13 -55.67
N THR UA 508 47.20 -18.78 -55.62
CA THR UA 508 46.79 -17.45 -55.22
C THR UA 508 45.67 -17.50 -54.18
N ASP UA 509 45.78 -16.67 -53.15
CA ASP UA 509 44.74 -16.45 -52.17
C ASP UA 509 44.08 -15.10 -52.46
N HIS UA 510 42.78 -15.13 -52.76
CA HIS UA 510 42.04 -13.94 -53.15
C HIS UA 510 41.25 -13.31 -52.00
N GLY UA 511 41.33 -13.83 -50.79
CA GLY UA 511 40.57 -13.30 -49.67
C GLY UA 511 39.11 -13.77 -49.64
N THR UA 512 38.33 -13.09 -48.82
CA THR UA 512 36.94 -13.45 -48.57
C THR UA 512 35.98 -12.53 -49.34
N LEU UA 513 34.98 -13.13 -50.00
CA LEU UA 513 33.96 -12.41 -50.75
C LEU UA 513 32.56 -12.86 -50.34
N PRO UA 514 31.58 -11.97 -50.40
CA PRO UA 514 30.21 -12.35 -50.03
C PRO UA 514 29.63 -13.41 -50.95
N LEU UA 515 28.90 -14.34 -50.36
CA LEU UA 515 28.42 -15.56 -50.99
C LEU UA 515 26.91 -15.53 -51.11
N ARG UA 516 26.37 -16.09 -52.19
CA ARG UA 516 24.91 -16.22 -52.33
C ARG UA 516 24.37 -17.27 -51.37
N SER UA 517 23.14 -17.04 -50.88
CA SER UA 517 22.55 -17.92 -49.89
C SER UA 517 22.11 -19.26 -50.47
N SER UA 518 21.79 -19.32 -51.76
CA SER UA 518 21.40 -20.56 -52.40
C SER UA 518 22.29 -20.80 -53.60
N ILE UA 519 22.92 -21.97 -53.65
CA ILE UA 519 23.92 -22.31 -54.65
C ILE UA 519 23.39 -23.47 -55.48
N ARG UA 520 23.32 -23.28 -56.79
CA ARG UA 520 22.88 -24.34 -57.69
C ARG UA 520 23.99 -25.37 -57.91
N GLY UA 521 23.58 -26.56 -58.35
CA GLY UA 521 24.48 -27.68 -58.50
C GLY UA 521 25.47 -27.56 -59.65
N VAL UA 522 25.16 -26.76 -60.67
CA VAL UA 522 26.04 -26.57 -61.81
C VAL UA 522 26.53 -25.13 -61.80
N GLN UA 523 27.84 -24.94 -61.95
CA GLN UA 523 28.50 -23.65 -61.80
C GLN UA 523 29.36 -23.33 -63.02
N ARG UA 524 29.44 -22.05 -63.35
CA ARG UA 524 30.26 -21.56 -64.46
C ARG UA 524 31.56 -20.94 -63.94
N VAL UA 525 32.67 -21.26 -64.62
CA VAL UA 525 34.00 -20.74 -64.27
C VAL UA 525 34.59 -20.09 -65.52
N THR UA 526 35.09 -18.85 -65.37
CA THR UA 526 35.59 -18.08 -66.51
C THR UA 526 36.87 -17.35 -66.15
N VAL UA 527 37.82 -17.31 -67.10
CA VAL UA 527 39.07 -16.58 -66.99
C VAL UA 527 39.24 -15.73 -68.25
N THR UA 528 39.42 -14.41 -68.10
CA THR UA 528 39.56 -13.49 -69.22
C THR UA 528 40.74 -12.55 -69.03
N ASP UA 529 41.21 -11.97 -70.13
CA ASP UA 529 42.35 -11.07 -70.13
C ASP UA 529 41.90 -9.62 -69.99
N ALA UA 530 42.83 -8.68 -70.20
CA ALA UA 530 42.55 -7.26 -69.97
C ALA UA 530 41.52 -6.70 -70.93
N ARG UA 531 41.46 -7.22 -72.15
CA ARG UA 531 40.45 -6.83 -73.12
C ARG UA 531 39.18 -7.65 -73.02
N ARG UA 532 39.07 -8.50 -71.98
CA ARG UA 532 37.91 -9.35 -71.71
C ARG UA 532 37.68 -10.40 -72.80
N ARG UA 533 38.76 -10.97 -73.32
CA ARG UA 533 38.71 -12.17 -74.13
C ARG UA 533 39.14 -13.37 -73.29
N THR UA 534 38.59 -14.54 -73.60
CA THR UA 534 39.09 -15.75 -72.97
C THR UA 534 40.48 -16.08 -73.51
N CYS UA 535 41.27 -16.79 -72.71
CA CYS UA 535 42.65 -17.11 -73.08
C CYS UA 535 42.77 -18.57 -73.48
N PRO UA 536 43.11 -18.86 -74.74
CA PRO UA 536 43.23 -20.26 -75.17
C PRO UA 536 44.45 -21.00 -74.62
N TYR UA 537 45.35 -20.34 -73.89
CA TYR UA 537 46.54 -21.01 -73.38
C TYR UA 537 46.42 -21.46 -71.93
N VAL UA 538 45.26 -21.32 -71.30
CA VAL UA 538 45.01 -21.95 -70.01
C VAL UA 538 44.66 -23.41 -70.23
N TYR UA 539 45.34 -24.31 -69.52
CA TYR UA 539 44.97 -25.72 -69.61
C TYR UA 539 44.74 -26.39 -68.25
N LYS UA 540 44.77 -25.63 -67.15
CA LYS UA 540 44.43 -26.17 -65.84
C LYS UA 540 43.98 -25.02 -64.94
N ALA UA 541 42.79 -25.15 -64.38
CA ALA UA 541 42.24 -24.13 -63.49
C ALA UA 541 41.34 -24.80 -62.46
N LEU UA 542 41.63 -24.56 -61.17
CA LEU UA 542 40.87 -25.11 -60.06
C LEU UA 542 40.53 -24.02 -59.06
N GLY UA 543 39.40 -24.19 -58.39
CA GLY UA 543 39.02 -23.30 -57.31
C GLY UA 543 38.56 -24.07 -56.09
N ILE UA 544 38.86 -23.50 -54.92
CA ILE UA 544 38.45 -24.05 -53.63
C ILE UA 544 37.88 -22.92 -52.80
N VAL UA 545 36.67 -23.11 -52.28
CA VAL UA 545 35.95 -22.08 -51.52
C VAL UA 545 35.65 -22.62 -50.12
N ALA UA 546 35.88 -21.79 -49.11
CA ALA UA 546 35.59 -22.14 -47.71
C ALA UA 546 34.59 -21.17 -47.10
N PRO UA 547 33.30 -21.54 -47.03
CA PRO UA 547 32.29 -20.61 -46.47
C PRO UA 547 32.43 -20.42 -44.97
N ARG UA 548 31.99 -19.25 -44.51
CA ARG UA 548 31.86 -18.95 -43.08
C ARG UA 548 30.92 -17.77 -42.88
N VAL UA 549 30.45 -17.61 -41.64
CA VAL UA 549 29.47 -16.58 -41.30
C VAL UA 549 30.17 -15.23 -41.16
N LEU UA 550 29.59 -14.19 -41.78
CA LEU UA 550 30.09 -12.83 -41.69
C LEU UA 550 29.31 -11.96 -40.70
N SER UA 551 27.98 -11.95 -40.79
CA SER UA 551 27.18 -11.15 -39.89
C SER UA 551 25.77 -11.73 -39.79
N SER UA 552 25.01 -11.19 -38.85
CA SER UA 552 23.65 -11.67 -38.58
C SER UA 552 22.64 -11.00 -39.50
N ARG UA 553 21.55 -11.71 -39.75
CA ARG UA 553 20.39 -11.23 -40.50
C ARG UA 553 20.71 -10.96 -41.97
N ARG VA 48 -33.18 -23.41 23.37
CA ARG VA 48 -34.33 -23.99 22.69
C ARG VA 48 -34.80 -25.29 23.36
N ASN VA 49 -34.79 -25.31 24.69
CA ASN VA 49 -35.15 -26.53 25.42
C ASN VA 49 -36.04 -26.27 26.62
N SER VA 50 -36.77 -25.16 26.67
CA SER VA 50 -37.58 -24.83 27.82
C SER VA 50 -38.96 -25.47 27.72
N ILE VA 51 -39.60 -25.64 28.88
CA ILE VA 51 -40.93 -26.23 29.00
C ILE VA 51 -41.78 -25.31 29.87
N ARG VA 52 -42.93 -24.87 29.35
CA ARG VA 52 -43.70 -23.79 29.97
C ARG VA 52 -45.15 -24.21 30.20
N TYR VA 53 -45.72 -23.72 31.28
CA TYR VA 53 -47.10 -23.97 31.68
C TYR VA 53 -47.89 -22.67 31.61
N SER VA 54 -49.05 -22.70 30.96
CA SER VA 54 -49.74 -21.47 30.56
C SER VA 54 -50.23 -20.64 31.74
N GLU VA 55 -50.30 -21.19 32.96
CA GLU VA 55 -50.74 -20.41 34.10
C GLU VA 55 -49.62 -19.70 34.84
N LEU VA 56 -48.37 -19.81 34.37
CA LEU VA 56 -47.23 -19.20 35.04
C LEU VA 56 -46.53 -18.22 34.11
N SER VA 57 -46.03 -17.11 34.68
CA SER VA 57 -45.34 -16.07 33.92
C SER VA 57 -44.44 -15.27 34.85
N PRO VA 58 -43.28 -14.81 34.38
CA PRO VA 58 -42.37 -14.06 35.25
C PRO VA 58 -42.72 -12.57 35.33
N LEU VA 59 -42.20 -11.91 36.38
CA LEU VA 59 -42.57 -10.55 36.75
C LEU VA 59 -41.44 -9.55 36.45
N TYR VA 60 -41.83 -8.34 36.05
CA TYR VA 60 -40.89 -7.28 35.70
C TYR VA 60 -41.41 -5.91 36.14
N ASP VA 61 -40.44 -5.03 36.43
CA ASP VA 61 -40.51 -3.57 36.54
C ASP VA 61 -41.21 -2.96 37.75
N THR VA 62 -42.13 -3.67 38.41
CA THR VA 62 -42.86 -3.13 39.56
C THR VA 62 -43.86 -4.18 40.04
N THR VA 63 -44.27 -4.03 41.30
CA THR VA 63 -45.22 -4.94 41.95
C THR VA 63 -45.70 -4.28 43.24
N ARG VA 64 -46.39 -5.04 44.10
CA ARG VA 64 -46.83 -4.56 45.40
C ARG VA 64 -46.41 -5.52 46.49
N LEU VA 65 -46.07 -4.97 47.67
CA LEU VA 65 -45.85 -5.74 48.89
C LEU VA 65 -46.80 -5.21 49.97
N TYR VA 66 -47.47 -6.10 50.69
CA TYR VA 66 -48.48 -5.73 51.67
C TYR VA 66 -48.03 -6.11 53.08
N LEU VA 67 -48.14 -5.15 54.00
CA LEU VA 67 -47.75 -5.33 55.41
C LEU VA 67 -49.01 -5.16 56.25
N VAL VA 68 -49.61 -6.29 56.66
CA VAL VA 68 -50.94 -6.32 57.23
C VAL VA 68 -50.88 -6.92 58.62
N ASP VA 69 -51.60 -6.32 59.56
CA ASP VA 69 -51.47 -6.64 60.98
C ASP VA 69 -52.47 -7.67 61.51
N ASN VA 70 -53.36 -8.21 60.67
CA ASN VA 70 -54.39 -9.12 61.17
C ASN VA 70 -54.58 -10.33 60.27
N LYS VA 71 -53.49 -10.92 59.81
CA LYS VA 71 -53.58 -12.20 59.11
C LYS VA 71 -53.86 -13.32 60.12
N SER VA 72 -54.73 -14.26 59.73
CA SER VA 72 -55.23 -15.25 60.68
C SER VA 72 -54.13 -16.14 61.23
N ALA VA 73 -53.24 -16.62 60.36
CA ALA VA 73 -52.19 -17.53 60.80
C ALA VA 73 -51.08 -16.81 61.57
N ASP VA 74 -50.79 -15.56 61.21
CA ASP VA 74 -49.75 -14.81 61.93
C ASP VA 74 -50.17 -14.48 63.35
N ILE VA 75 -51.48 -14.33 63.59
CA ILE VA 75 -51.96 -14.04 64.94
C ILE VA 75 -51.61 -15.16 65.89
N ALA VA 76 -51.81 -16.41 65.46
CA ALA VA 76 -51.66 -17.54 66.37
C ALA VA 76 -50.19 -17.85 66.67
N SER VA 77 -49.32 -17.79 65.66
CA SER VA 77 -47.98 -18.33 65.79
C SER VA 77 -46.87 -17.29 65.88
N LEU VA 78 -47.16 -16.01 65.70
CA LEU VA 78 -46.08 -15.02 65.72
C LEU VA 78 -46.21 -13.98 66.81
N ASN VA 79 -47.42 -13.50 67.10
CA ASN VA 79 -47.61 -12.25 67.81
C ASN VA 79 -48.31 -12.42 69.15
N TYR VA 80 -47.95 -13.47 69.88
CA TYR VA 80 -48.67 -13.79 71.11
C TYR VA 80 -48.44 -12.72 72.18
N GLN VA 81 -47.25 -12.15 72.25
CA GLN VA 81 -46.90 -11.16 73.26
C GLN VA 81 -46.80 -9.73 72.71
N ASN VA 82 -47.31 -9.47 71.51
CA ASN VA 82 -47.14 -8.18 70.84
C ASN VA 82 -48.43 -7.38 70.85
N ASP VA 83 -48.36 -6.16 70.32
CA ASP VA 83 -49.54 -5.33 70.09
C ASP VA 83 -49.39 -4.61 68.75
N HIS VA 84 -50.40 -3.82 68.38
CA HIS VA 84 -50.44 -3.23 67.05
C HIS VA 84 -49.39 -2.16 66.83
N SER VA 85 -48.71 -1.70 67.87
CA SER VA 85 -47.62 -0.75 67.72
C SER VA 85 -46.28 -1.43 67.42
N ASN VA 86 -46.16 -2.74 67.63
CA ASN VA 86 -44.88 -3.45 67.41
C ASN VA 86 -45.18 -4.94 67.19
N PHE VA 87 -45.18 -5.38 65.93
CA PHE VA 87 -45.64 -6.72 65.60
C PHE VA 87 -44.84 -7.28 64.43
N LEU VA 88 -45.06 -8.57 64.16
CA LEU VA 88 -44.45 -9.27 63.04
C LEU VA 88 -45.51 -9.69 62.03
N THR VA 89 -45.14 -9.71 60.75
CA THR VA 89 -46.06 -10.12 59.71
C THR VA 89 -45.29 -10.77 58.57
N THR VA 90 -46.01 -11.53 57.74
CA THR VA 90 -45.43 -12.22 56.61
C THR VA 90 -45.80 -11.51 55.31
N VAL VA 91 -44.79 -11.25 54.47
CA VAL VA 91 -45.05 -10.66 53.16
C VAL VA 91 -45.28 -11.71 52.08
N VAL VA 92 -45.12 -13.00 52.41
CA VAL VA 92 -45.45 -14.08 51.48
C VAL VA 92 -46.95 -14.35 51.57
N GLN VA 93 -47.64 -14.23 50.45
CA GLN VA 93 -49.09 -14.38 50.39
C GLN VA 93 -49.54 -15.71 49.79
N ASN VA 94 -48.84 -16.80 50.09
CA ASN VA 94 -49.06 -18.12 49.50
C ASN VA 94 -49.38 -19.09 50.63
N ASN VA 95 -50.63 -19.57 50.67
CA ASN VA 95 -51.09 -20.38 51.79
C ASN VA 95 -50.68 -21.86 51.69
N ASP VA 96 -49.81 -22.22 50.75
CA ASP VA 96 -49.20 -23.55 50.77
C ASP VA 96 -48.19 -23.70 51.90
N PHE VA 97 -47.84 -22.63 52.60
CA PHE VA 97 -46.83 -22.64 53.65
C PHE VA 97 -47.36 -21.96 54.90
N THR VA 98 -46.87 -22.42 56.05
CA THR VA 98 -47.12 -21.74 57.32
C THR VA 98 -46.17 -20.55 57.47
N PRO VA 99 -46.50 -19.61 58.35
CA PRO VA 99 -45.59 -18.45 58.55
C PRO VA 99 -44.20 -18.86 59.00
N THR VA 100 -44.07 -19.91 59.81
CA THR VA 100 -42.74 -20.39 60.20
C THR VA 100 -41.94 -20.84 59.00
N GLU VA 101 -42.56 -21.62 58.10
CA GLU VA 101 -41.89 -22.01 56.87
C GLU VA 101 -41.57 -20.80 56.00
N ALA VA 102 -42.48 -19.84 55.94
CA ALA VA 102 -42.28 -18.66 55.09
C ALA VA 102 -41.10 -17.81 55.56
N SER VA 103 -40.75 -17.90 56.84
CA SER VA 103 -39.71 -17.02 57.38
C SER VA 103 -38.36 -17.26 56.71
N THR VA 104 -38.12 -18.46 56.19
CA THR VA 104 -36.85 -18.76 55.54
C THR VA 104 -36.84 -18.44 54.04
N GLN VA 105 -37.97 -18.11 53.45
CA GLN VA 105 -38.03 -17.80 52.02
C GLN VA 105 -37.64 -16.34 51.78
N THR VA 106 -37.33 -16.02 50.52
CA THR VA 106 -36.90 -14.67 50.16
C THR VA 106 -37.57 -14.21 48.87
N ILE VA 107 -37.61 -12.89 48.70
CA ILE VA 107 -37.97 -12.23 47.45
C ILE VA 107 -36.76 -11.45 46.98
N ASN VA 108 -36.37 -11.63 45.71
CA ASN VA 108 -35.11 -11.10 45.22
C ASN VA 108 -35.34 -10.13 44.06
N PHE VA 109 -34.83 -8.91 44.21
CA PHE VA 109 -34.86 -7.89 43.17
C PHE VA 109 -33.49 -7.86 42.47
N ASP VA 110 -33.50 -7.76 41.14
CA ASP VA 110 -32.30 -8.03 40.35
C ASP VA 110 -31.11 -7.21 40.83
N GLU VA 111 -30.01 -7.91 41.11
CA GLU VA 111 -28.85 -7.30 41.75
C GLU VA 111 -28.06 -6.37 40.83
N ARG VA 112 -28.37 -6.35 39.54
CA ARG VA 112 -27.73 -5.42 38.62
C ARG VA 112 -28.37 -4.03 38.63
N SER VA 113 -29.37 -3.80 39.48
CA SER VA 113 -29.98 -2.48 39.66
C SER VA 113 -30.05 -2.16 41.14
N ARG VA 114 -30.16 -0.87 41.45
CA ARG VA 114 -30.51 -0.40 42.78
C ARG VA 114 -31.99 -0.04 42.79
N TRP VA 115 -32.70 -0.49 43.82
CA TRP VA 115 -34.15 -0.40 43.87
C TRP VA 115 -34.61 0.55 44.98
N GLY VA 116 -35.75 1.19 44.74
CA GLY VA 116 -36.39 2.00 45.76
C GLY VA 116 -37.84 1.60 45.91
N GLY VA 117 -38.42 2.02 47.03
CA GLY VA 117 -39.80 1.69 47.33
C GLY VA 117 -40.64 2.86 47.81
N GLN VA 118 -41.75 3.12 47.13
CA GLN VA 118 -42.67 4.16 47.54
C GLN VA 118 -43.61 3.63 48.62
N LEU VA 119 -43.70 4.33 49.74
CA LEU VA 119 -44.39 3.84 50.93
C LEU VA 119 -45.64 4.66 51.24
N LYS VA 120 -46.76 3.98 51.44
CA LYS VA 120 -48.01 4.58 51.91
C LYS VA 120 -48.48 3.85 53.15
N THR VA 121 -49.00 4.59 54.12
CA THR VA 121 -49.43 4.01 55.39
C THR VA 121 -50.85 4.44 55.73
N ILE VA 122 -51.51 3.62 56.53
CA ILE VA 122 -52.83 3.89 57.09
C ILE VA 122 -52.77 3.60 58.59
N MET VA 123 -53.22 4.55 59.41
CA MET VA 123 -53.15 4.44 60.86
C MET VA 123 -54.43 4.96 61.51
N HIS VA 124 -54.87 4.29 62.57
CA HIS VA 124 -56.02 4.73 63.35
C HIS VA 124 -55.77 4.52 64.84
N THR VA 125 -56.19 5.48 65.66
CA THR VA 125 -55.91 5.49 67.09
C THR VA 125 -57.21 5.66 67.89
N ASN VA 126 -57.14 5.36 69.19
CA ASN VA 126 -58.26 5.54 70.11
C ASN VA 126 -57.81 6.13 71.45
N MET VA 127 -56.98 7.18 71.41
CA MET VA 127 -56.41 7.79 72.62
C MET VA 127 -57.41 8.73 73.30
N PRO VA 128 -57.64 8.60 74.60
CA PRO VA 128 -58.37 9.63 75.35
C PRO VA 128 -57.45 10.74 75.82
N ASN VA 129 -58.04 11.92 76.03
CA ASN VA 129 -57.21 13.10 76.27
C ASN VA 129 -56.64 13.18 77.68
N VAL VA 130 -57.25 12.54 78.68
CA VAL VA 130 -56.72 12.52 80.04
C VAL VA 130 -56.32 11.09 80.37
N ASN VA 131 -55.02 10.83 80.45
CA ASN VA 131 -54.52 9.48 80.69
C ASN VA 131 -53.14 9.54 81.33
N GLU VA 132 -52.74 8.42 81.90
CA GLU VA 132 -51.48 8.35 82.64
C GLU VA 132 -50.26 8.28 81.73
N TYR VA 133 -50.37 7.59 80.59
CA TYR VA 133 -49.21 7.34 79.75
C TYR VA 133 -48.62 8.62 79.18
N MET VA 134 -49.46 9.63 78.95
CA MET VA 134 -49.04 10.88 78.33
C MET VA 134 -48.85 12.02 79.33
N PHE VA 135 -48.87 11.72 80.63
CA PHE VA 135 -48.62 12.69 81.69
C PHE VA 135 -49.65 13.83 81.72
N SER VA 136 -50.88 13.55 81.29
CA SER VA 136 -51.97 14.50 81.41
C SER VA 136 -52.91 14.14 82.55
N ASN VA 137 -52.40 13.42 83.55
CA ASN VA 137 -53.19 12.83 84.62
C ASN VA 137 -52.96 13.48 85.97
N LYS VA 138 -51.93 14.32 86.12
CA LYS VA 138 -51.47 14.73 87.44
C LYS VA 138 -50.85 16.11 87.40
N PHE VA 139 -50.81 16.74 88.57
CA PHE VA 139 -50.13 18.02 88.78
C PHE VA 139 -49.81 18.14 90.26
N LYS VA 140 -48.98 19.12 90.61
CA LYS VA 140 -48.56 19.36 91.99
C LYS VA 140 -48.98 20.74 92.46
N ALA VA 141 -49.28 20.86 93.74
CA ALA VA 141 -49.70 22.12 94.33
C ALA VA 141 -49.35 22.15 95.82
N ARG VA 142 -49.31 23.36 96.37
CA ARG VA 142 -49.00 23.59 97.78
C ARG VA 142 -50.19 24.22 98.46
N VAL VA 143 -50.72 23.53 99.48
CA VAL VA 143 -51.93 23.96 100.18
C VAL VA 143 -51.64 23.98 101.68
N MET VA 144 -52.62 24.45 102.46
CA MET VA 144 -52.49 24.61 103.90
C MET VA 144 -52.96 23.35 104.62
N VAL VA 145 -52.13 22.83 105.50
CA VAL VA 145 -52.42 21.60 106.21
C VAL VA 145 -52.89 21.83 107.64
N SER VA 146 -52.43 22.90 108.29
CA SER VA 146 -52.80 23.15 109.68
C SER VA 146 -52.87 24.65 109.94
N ARG VA 147 -53.94 25.09 110.58
CA ARG VA 147 -53.99 26.38 111.25
C ARG VA 147 -53.51 26.17 112.68
N LYS VA 148 -53.68 27.18 113.54
CA LYS VA 148 -53.26 27.04 114.94
C LYS VA 148 -54.14 26.05 115.67
N ASP VA 171 -51.88 33.08 115.25
CA ASP VA 171 -52.07 31.82 114.53
C ASP VA 171 -50.85 31.47 113.69
N ILE VA 172 -50.44 30.20 113.73
CA ILE VA 172 -49.32 29.70 112.94
C ILE VA 172 -49.88 28.77 111.87
N LEU VA 173 -49.46 28.98 110.63
CA LEU VA 173 -50.00 28.28 109.47
C LEU VA 173 -48.92 27.41 108.85
N LYS VA 174 -49.28 26.18 108.50
CA LYS VA 174 -48.36 25.22 107.91
C LYS VA 174 -48.84 24.82 106.53
N TYR VA 175 -47.90 24.69 105.59
CA TYR VA 175 -48.20 24.35 104.20
C TYR VA 175 -47.32 23.18 103.77
N GLU VA 176 -47.77 22.45 102.75
CA GLU VA 176 -47.05 21.29 102.25
C GLU VA 176 -47.41 21.04 100.79
N TRP VA 177 -46.47 20.39 100.08
CA TRP VA 177 -46.66 20.02 98.69
C TRP VA 177 -47.29 18.63 98.58
N PHE VA 178 -48.15 18.45 97.59
CA PHE VA 178 -48.77 17.18 97.29
C PHE VA 178 -48.85 16.99 95.78
N GLU VA 179 -49.06 15.75 95.35
CA GLU VA 179 -49.35 15.41 93.97
C GLU VA 179 -50.78 14.91 93.85
N PHE VA 180 -51.53 15.46 92.90
CA PHE VA 180 -52.95 15.19 92.74
C PHE VA 180 -53.19 14.38 91.47
N ILE VA 181 -54.14 13.44 91.54
CA ILE VA 181 -54.41 12.49 90.45
C ILE VA 181 -55.87 12.60 90.04
N LEU VA 182 -56.12 12.68 88.73
CA LEU VA 182 -57.43 12.68 88.09
C LEU VA 182 -57.77 11.29 87.54
N PRO VA 183 -59.03 10.92 87.43
CA PRO VA 183 -59.40 9.67 86.76
C PRO VA 183 -59.40 9.83 85.25
N GLU VA 184 -59.16 8.71 84.56
CA GLU VA 184 -58.92 8.74 83.12
C GLU VA 184 -60.22 8.74 82.32
N GLY VA 185 -60.15 9.34 81.13
CA GLY VA 185 -61.31 9.47 80.27
C GLY VA 185 -61.07 10.55 79.24
N ASN VA 186 -62.09 10.75 78.41
CA ASN VA 186 -62.06 11.73 77.32
C ASN VA 186 -63.05 12.86 77.66
N PHE VA 187 -62.53 14.00 78.09
CA PHE VA 187 -63.35 15.06 78.66
C PHE VA 187 -63.16 16.37 77.92
N SER VA 188 -64.17 17.22 77.99
CA SER VA 188 -64.02 18.58 77.48
C SER VA 188 -63.19 19.42 78.45
N ALA VA 189 -62.83 20.63 78.00
CA ALA VA 189 -61.96 21.48 78.81
C ALA VA 189 -62.64 21.94 80.10
N THR VA 190 -63.92 22.30 80.03
CA THR VA 190 -64.63 22.71 81.24
C THR VA 190 -64.76 21.56 82.23
N MET VA 191 -65.08 20.36 81.74
CA MET VA 191 -65.19 19.20 82.62
C MET VA 191 -63.85 18.85 83.24
N THR VA 192 -62.74 19.07 82.53
CA THR VA 192 -61.42 18.81 83.09
C THR VA 192 -61.12 19.74 84.25
N ILE VA 193 -61.49 21.02 84.13
CA ILE VA 193 -61.24 21.99 85.18
C ILE VA 193 -62.06 21.66 86.43
N ASP VA 194 -63.28 21.13 86.26
CA ASP VA 194 -64.05 20.70 87.42
C ASP VA 194 -63.34 19.58 88.16
N LEU VA 195 -62.73 18.65 87.44
CA LEU VA 195 -62.04 17.54 88.09
C LEU VA 195 -60.81 17.99 88.86
N MET VA 196 -60.11 19.02 88.37
CA MET VA 196 -58.95 19.54 89.08
C MET VA 196 -59.37 20.23 90.39
N ASN VA 197 -60.46 21.00 90.37
CA ASN VA 197 -60.98 21.58 91.60
C ASN VA 197 -61.41 20.49 92.59
N ASN VA 198 -62.07 19.45 92.08
CA ASN VA 198 -62.51 18.36 92.95
C ASN VA 198 -61.36 17.65 93.62
N ALA VA 199 -60.21 17.53 92.93
CA ALA VA 199 -59.04 16.91 93.53
C ALA VA 199 -58.50 17.74 94.70
N ILE VA 200 -58.50 19.07 94.56
CA ILE VA 200 -58.04 19.93 95.64
C ILE VA 200 -58.91 19.76 96.87
N ILE VA 201 -60.23 19.73 96.67
CA ILE VA 201 -61.17 19.69 97.79
C ILE VA 201 -61.09 18.35 98.52
N ASP VA 202 -60.88 17.24 97.81
CA ASP VA 202 -60.74 15.95 98.46
C ASP VA 202 -59.52 15.89 99.36
N ASN VA 203 -58.50 16.70 99.10
CA ASN VA 203 -57.38 16.83 100.02
C ASN VA 203 -57.76 17.62 101.26
N TYR VA 204 -58.65 18.61 101.13
CA TYR VA 204 -59.09 19.39 102.27
C TYR VA 204 -60.06 18.61 103.16
N LEU VA 205 -60.68 17.54 102.63
CA LEU VA 205 -61.58 16.74 103.45
C LEU VA 205 -60.86 15.60 104.17
N GLU VA 206 -59.71 15.16 103.67
CA GLU VA 206 -58.95 14.07 104.26
C GLU VA 206 -57.90 14.57 105.25
N ILE VA 207 -57.23 15.67 104.92
CA ILE VA 207 -56.33 16.39 105.80
C ILE VA 207 -56.96 17.75 105.93
N GLY VA 208 -56.34 18.68 106.65
CA GLY VA 208 -56.91 20.01 106.60
C GLY VA 208 -58.07 20.17 107.55
N ARG VA 209 -59.29 20.01 107.03
CA ARG VA 209 -60.53 20.21 107.79
C ARG VA 209 -60.46 19.67 109.22
N GLN VA 210 -59.90 18.48 109.39
CA GLN VA 210 -59.78 17.91 110.73
C GLN VA 210 -58.63 18.49 111.53
N ASN VA 211 -57.86 19.44 110.97
CA ASN VA 211 -56.77 20.08 111.67
C ASN VA 211 -56.95 21.59 111.76
N GLY VA 212 -58.18 22.08 111.66
CA GLY VA 212 -58.49 23.45 112.00
C GLY VA 212 -58.53 24.45 110.87
N VAL VA 213 -58.42 24.03 109.61
CA VAL VA 213 -58.53 24.96 108.50
C VAL VA 213 -60.00 25.12 108.14
N LEU VA 214 -60.39 26.33 107.80
CA LEU VA 214 -61.77 26.64 107.48
C LEU VA 214 -61.99 26.59 105.97
N GLU VA 215 -63.26 26.54 105.57
CA GLU VA 215 -63.58 26.60 104.15
C GLU VA 215 -63.59 28.06 103.71
N SER VA 216 -62.56 28.80 104.09
CA SER VA 216 -62.31 30.14 103.57
C SER VA 216 -60.81 30.38 103.41
N ASP VA 217 -59.98 29.36 103.60
CA ASP VA 217 -58.53 29.44 103.42
C ASP VA 217 -58.01 28.33 102.50
N ILE VA 218 -58.85 27.83 101.59
CA ILE VA 218 -58.45 26.72 100.71
C ILE VA 218 -57.16 27.06 99.98
N GLY VA 219 -57.19 28.10 99.15
CA GLY VA 219 -55.96 28.68 98.65
C GLY VA 219 -55.57 28.35 97.21
N VAL VA 220 -56.22 27.39 96.56
CA VAL VA 220 -55.96 27.09 95.15
C VAL VA 220 -57.28 26.82 94.46
N LYS VA 221 -57.59 27.59 93.42
CA LYS VA 221 -58.80 27.39 92.64
C LYS VA 221 -58.54 27.73 91.17
N PHE VA 222 -59.17 26.97 90.27
CA PHE VA 222 -59.09 27.22 88.83
C PHE VA 222 -60.41 27.82 88.36
N ASP VA 223 -60.34 28.99 87.73
CA ASP VA 223 -61.53 29.76 87.38
C ASP VA 223 -61.48 30.16 85.90
N THR VA 224 -62.51 30.88 85.46
CA THR VA 224 -62.57 31.40 84.10
C THR VA 224 -62.99 32.86 84.00
N ARG VA 225 -63.26 33.53 85.12
CA ARG VA 225 -63.90 34.84 85.10
C ARG VA 225 -62.88 35.98 85.02
N ASN VA 226 -63.35 37.14 84.58
CA ASN VA 226 -62.57 38.37 84.60
C ASN VA 226 -63.03 39.17 85.81
N PHE VA 227 -62.33 38.99 86.92
CA PHE VA 227 -62.61 39.80 88.09
C PHE VA 227 -62.24 41.26 87.79
N ARG VA 228 -62.84 42.18 88.52
CA ARG VA 228 -62.72 43.63 88.37
C ARG VA 228 -63.35 44.16 87.08
N LEU VA 229 -64.28 43.43 86.47
CA LEU VA 229 -64.96 43.94 85.29
C LEU VA 229 -65.80 45.18 85.61
N GLY VA 230 -66.66 45.07 86.62
CA GLY VA 230 -67.52 46.19 86.97
C GLY VA 230 -66.92 47.18 87.95
N TRP VA 231 -65.59 47.31 87.92
CA TRP VA 231 -64.86 48.15 88.85
C TRP VA 231 -65.15 49.63 88.59
N ASP VA 232 -65.15 50.41 89.66
CA ASP VA 232 -65.43 51.85 89.59
C ASP VA 232 -64.19 52.64 89.98
N PRO VA 233 -63.79 53.62 89.17
CA PRO VA 233 -62.52 54.31 89.45
C PRO VA 233 -62.53 55.20 90.67
N GLU VA 234 -63.71 55.57 91.19
CA GLU VA 234 -63.79 56.43 92.36
C GLU VA 234 -63.89 55.63 93.65
N THR VA 235 -64.90 54.77 93.76
CA THR VA 235 -65.07 53.95 94.95
C THR VA 235 -64.11 52.77 95.00
N LYS VA 236 -63.53 52.38 93.87
CA LYS VA 236 -62.57 51.28 93.79
C LYS VA 236 -63.15 49.97 94.34
N LEU VA 237 -64.42 49.72 94.07
CA LEU VA 237 -65.07 48.48 94.45
C LEU VA 237 -65.96 48.01 93.31
N ILE VA 238 -66.32 46.73 93.33
CA ILE VA 238 -67.19 46.16 92.32
C ILE VA 238 -68.62 46.57 92.65
N MET VA 239 -69.11 47.60 91.96
CA MET VA 239 -70.40 48.19 92.32
C MET VA 239 -71.59 47.24 92.29
N PRO VA 240 -71.74 46.34 91.31
CA PRO VA 240 -72.92 45.46 91.32
C PRO VA 240 -73.03 44.55 92.54
N GLY VA 241 -71.94 44.33 93.27
CA GLY VA 241 -71.96 43.42 94.40
C GLY VA 241 -71.73 41.97 94.08
N VAL VA 242 -71.66 41.61 92.80
CA VAL VA 242 -71.29 40.27 92.36
C VAL VA 242 -70.36 40.40 91.16
N TYR VA 243 -69.35 39.53 91.10
CA TYR VA 243 -68.46 39.50 89.96
C TYR VA 243 -69.21 39.04 88.71
N THR VA 244 -68.82 39.58 87.56
CA THR VA 244 -69.49 39.24 86.30
C THR VA 244 -69.33 37.76 86.01
N TYR VA 245 -70.44 37.10 85.71
CA TYR VA 245 -70.48 35.64 85.58
C TYR VA 245 -70.35 35.22 84.10
N GLU VA 246 -69.24 35.62 83.48
CA GLU VA 246 -68.94 35.30 82.09
C GLU VA 246 -67.54 34.71 81.97
N ALA VA 247 -67.38 33.79 81.02
CA ALA VA 247 -66.11 33.10 80.82
C ALA VA 247 -65.24 33.87 79.84
N PHE VA 248 -63.97 34.07 80.20
CA PHE VA 248 -63.02 34.78 79.36
C PHE VA 248 -61.84 33.92 78.96
N HIS VA 249 -61.16 33.29 79.91
CA HIS VA 249 -59.96 32.49 79.71
C HIS VA 249 -59.66 31.77 81.02
N PRO VA 250 -59.19 30.53 80.99
CA PRO VA 250 -58.88 29.82 82.25
C PRO VA 250 -57.81 30.54 83.07
N ASP VA 251 -57.96 30.46 84.39
CA ASP VA 251 -57.23 31.32 85.32
C ASP VA 251 -56.88 30.54 86.58
N ILE VA 252 -55.88 31.04 87.30
CA ILE VA 252 -55.40 30.46 88.55
C ILE VA 252 -55.54 31.50 89.65
N VAL VA 253 -56.18 31.13 90.76
CA VAL VA 253 -56.40 32.03 91.90
C VAL VA 253 -55.70 31.47 93.12
N LEU VA 254 -54.91 32.31 93.81
CA LEU VA 254 -54.04 31.88 94.89
C LEU VA 254 -54.21 32.75 96.13
N LEU VA 255 -53.98 32.14 97.30
CA LEU VA 255 -53.84 32.75 98.62
C LEU VA 255 -52.37 32.75 99.04
N PRO VA 256 -51.98 33.58 100.01
CA PRO VA 256 -50.57 33.63 100.40
C PRO VA 256 -50.07 32.28 100.90
N GLY VA 257 -48.83 31.95 100.53
CA GLY VA 257 -48.22 30.71 100.91
C GLY VA 257 -48.48 29.52 99.99
N CYS VA 258 -49.28 29.69 98.94
CA CYS VA 258 -49.66 28.58 98.06
C CYS VA 258 -49.00 28.73 96.70
N GLY VA 259 -49.20 27.72 95.85
CA GLY VA 259 -48.64 27.73 94.51
C GLY VA 259 -48.95 26.43 93.79
N VAL VA 260 -48.67 26.44 92.48
CA VAL VA 260 -48.83 25.26 91.63
C VAL VA 260 -47.55 25.05 90.84
N ASP VA 261 -47.29 23.79 90.46
CA ASP VA 261 -46.07 23.42 89.76
C ASP VA 261 -46.40 22.46 88.63
N PHE VA 262 -46.06 22.86 87.39
CA PHE VA 262 -46.39 22.07 86.20
C PHE VA 262 -45.16 21.46 85.55
N THR VA 263 -44.11 21.19 86.32
CA THR VA 263 -42.87 20.67 85.73
C THR VA 263 -43.09 19.30 85.10
N GLU VA 264 -43.90 18.45 85.72
CA GLU VA 264 -44.11 17.10 85.22
C GLU VA 264 -45.57 16.89 84.82
N SER VA 265 -46.13 17.83 84.07
CA SER VA 265 -47.53 17.80 83.71
C SER VA 265 -47.74 18.51 82.38
N ARG VA 266 -48.74 18.05 81.63
CA ARG VA 266 -49.11 18.67 80.37
C ARG VA 266 -50.42 19.44 80.47
N LEU VA 267 -50.94 19.63 81.67
CA LEU VA 267 -52.21 20.33 81.86
C LEU VA 267 -52.09 21.84 81.71
N SER VA 268 -50.88 22.40 81.68
CA SER VA 268 -50.73 23.82 81.41
C SER VA 268 -51.09 24.18 79.98
N ASN VA 269 -50.96 23.23 79.03
CA ASN VA 269 -51.38 23.48 77.66
C ASN VA 269 -52.91 23.59 77.57
N LEU VA 270 -53.63 22.79 78.34
CA LEU VA 270 -55.08 22.88 78.35
C LEU VA 270 -55.56 24.19 78.99
N LEU VA 271 -54.78 24.76 79.91
CA LEU VA 271 -55.15 26.02 80.54
C LEU VA 271 -54.80 27.23 79.68
N GLY VA 272 -53.97 27.07 78.65
CA GLY VA 272 -53.56 28.20 77.84
C GLY VA 272 -52.58 29.12 78.51
N ILE VA 273 -51.69 28.59 79.36
CA ILE VA 273 -50.64 29.36 80.00
C ILE VA 273 -49.31 28.69 79.69
N ARG VA 274 -48.40 29.42 79.05
CA ARG VA 274 -47.12 28.88 78.60
C ARG VA 274 -45.98 29.82 78.94
N LYS VA 275 -44.76 29.30 78.86
CA LYS VA 275 -43.55 30.07 79.15
C LYS VA 275 -42.98 30.69 77.88
N ARG VA 276 -42.47 31.91 78.01
CA ARG VA 276 -41.83 32.57 76.87
C ARG VA 276 -40.47 31.97 76.54
N HIS VA 277 -39.87 31.20 77.46
CA HIS VA 277 -38.63 30.47 77.22
C HIS VA 277 -38.94 29.00 77.45
N PRO VA 278 -39.53 28.33 76.46
CA PRO VA 278 -40.08 26.99 76.69
C PRO VA 278 -39.03 25.89 76.85
N PHE VA 279 -37.76 26.16 76.55
CA PHE VA 279 -36.73 25.15 76.70
C PHE VA 279 -36.01 25.19 78.04
N GLN VA 280 -36.40 26.10 78.95
CA GLN VA 280 -35.83 26.15 80.29
C GLN VA 280 -36.67 25.28 81.22
N GLU VA 281 -36.02 24.33 81.90
CA GLU VA 281 -36.75 23.38 82.72
C GLU VA 281 -37.37 24.06 83.95
N GLY VA 282 -38.55 23.58 84.34
CA GLY VA 282 -39.22 24.07 85.52
C GLY VA 282 -40.30 25.08 85.26
N PHE VA 283 -41.49 24.87 85.82
CA PHE VA 283 -42.64 25.76 85.63
C PHE VA 283 -43.40 25.82 86.95
N LYS VA 284 -43.12 26.85 87.75
CA LYS VA 284 -43.78 27.05 89.03
C LYS VA 284 -44.34 28.46 89.10
N ILE VA 285 -45.55 28.59 89.65
CA ILE VA 285 -46.21 29.87 89.83
C ILE VA 285 -46.63 29.97 91.29
N MET VA 286 -46.05 30.91 92.03
CA MET VA 286 -46.31 31.09 93.45
C MET VA 286 -47.04 32.41 93.70
N TYR VA 287 -47.51 32.59 94.94
CA TYR VA 287 -48.27 33.78 95.28
C TYR VA 287 -47.43 35.04 95.13
N GLU VA 288 -46.12 34.96 95.35
CA GLU VA 288 -45.25 36.12 95.24
C GLU VA 288 -45.01 36.55 93.80
N ASP VA 289 -45.29 35.68 92.82
CA ASP VA 289 -45.08 36.02 91.42
C ASP VA 289 -46.28 36.74 90.80
N LEU VA 290 -47.42 36.80 91.48
CA LEU VA 290 -48.64 37.39 90.95
C LEU VA 290 -48.87 38.82 91.45
N GLU VA 291 -47.80 39.59 91.63
CA GLU VA 291 -47.93 40.94 92.14
C GLU VA 291 -48.78 41.81 91.22
N GLY VA 292 -49.63 42.64 91.81
CA GLY VA 292 -50.54 43.48 91.07
C GLY VA 292 -51.84 42.83 90.67
N GLY VA 293 -52.06 41.58 91.04
CA GLY VA 293 -53.25 40.88 90.60
C GLY VA 293 -54.27 40.62 91.69
N ASN VA 294 -54.27 41.42 92.75
CA ASN VA 294 -55.24 41.24 93.82
C ASN VA 294 -56.66 41.49 93.33
N ILE VA 295 -57.58 40.65 93.77
CA ILE VA 295 -58.97 40.73 93.35
C ILE VA 295 -59.68 41.79 94.16
N PRO VA 296 -60.27 42.81 93.53
CA PRO VA 296 -60.94 43.87 94.29
C PRO VA 296 -62.11 43.33 95.10
N ALA VA 297 -62.30 43.89 96.29
CA ALA VA 297 -63.34 43.44 97.20
C ALA VA 297 -64.71 43.93 96.75
N LEU VA 298 -65.73 43.18 97.18
CA LEU VA 298 -67.14 43.54 97.00
C LEU VA 298 -67.47 44.10 95.63
N ILE VA 364 -71.05 52.78 101.55
CA ILE VA 364 -69.79 52.64 100.82
C ILE VA 364 -68.77 51.88 101.66
N GLN VA 365 -69.02 50.58 101.88
CA GLN VA 365 -68.09 49.73 102.60
C GLN VA 365 -68.05 48.36 101.95
N PRO VA 366 -66.90 47.69 101.95
CA PRO VA 366 -66.83 46.35 101.35
C PRO VA 366 -67.57 45.32 102.19
N LEU VA 367 -68.13 44.33 101.50
CA LEU VA 367 -68.69 43.18 102.19
C LEU VA 367 -67.57 42.33 102.75
N GLU VA 368 -67.69 41.93 104.02
CA GLU VA 368 -66.62 41.22 104.70
C GLU VA 368 -66.88 39.73 104.89
N LYS VA 369 -68.09 39.26 104.61
CA LYS VA 369 -68.41 37.86 104.83
C LYS VA 369 -69.53 37.45 103.88
N ASP VA 370 -69.69 36.13 103.72
CA ASP VA 370 -70.65 35.56 102.80
C ASP VA 370 -71.98 35.31 103.52
N SER VA 371 -72.93 34.69 102.81
CA SER VA 371 -74.25 34.45 103.37
C SER VA 371 -74.20 33.50 104.57
N LYS VA 372 -73.40 32.45 104.48
CA LYS VA 372 -73.28 31.47 105.55
C LYS VA 372 -72.10 31.75 106.47
N SER VA 373 -71.73 33.02 106.63
CA SER VA 373 -70.64 33.45 107.51
C SER VA 373 -69.32 32.78 107.12
N ARG VA 374 -68.87 33.09 105.91
CA ARG VA 374 -67.53 32.72 105.45
C ARG VA 374 -66.75 33.99 105.15
N SER VA 375 -65.53 34.07 105.65
CA SER VA 375 -64.70 35.24 105.45
C SER VA 375 -64.30 35.38 103.99
N TYR VA 376 -64.41 36.60 103.45
CA TYR VA 376 -63.88 36.92 102.14
C TYR VA 376 -62.41 37.32 102.18
N ASN VA 377 -61.78 37.31 103.36
CA ASN VA 377 -60.36 37.66 103.51
C ASN VA 377 -60.06 39.09 103.07
N VAL VA 378 -60.94 40.02 103.43
CA VAL VA 378 -60.69 41.42 103.10
C VAL VA 378 -59.52 41.93 103.94
N LEU VA 379 -58.74 42.84 103.37
CA LEU VA 379 -57.53 43.36 103.98
C LEU VA 379 -57.74 44.79 104.47
N GLU VA 380 -56.65 45.39 104.95
CA GLU VA 380 -56.68 46.80 105.31
C GLU VA 380 -56.87 47.66 104.06
N ASP VA 381 -57.30 48.90 104.28
CA ASP VA 381 -57.66 49.87 103.26
C ASP VA 381 -59.00 49.52 102.61
N LYS VA 382 -59.55 48.36 102.94
CA LYS VA 382 -60.94 48.01 102.64
C LYS VA 382 -61.29 48.19 101.16
N ILE VA 383 -60.33 47.87 100.28
CA ILE VA 383 -60.58 47.87 98.85
C ILE VA 383 -60.23 46.54 98.20
N ASN VA 384 -59.08 45.97 98.53
CA ASN VA 384 -58.60 44.75 97.89
C ASN VA 384 -58.67 43.56 98.84
N THR VA 385 -58.65 42.38 98.25
CA THR VA 385 -58.73 41.11 98.95
C THR VA 385 -57.41 40.36 98.80
N ALA VA 386 -57.16 39.44 99.73
CA ALA VA 386 -55.91 38.68 99.71
C ALA VA 386 -55.78 37.76 98.50
N TYR VA 387 -56.87 37.42 97.83
CA TYR VA 387 -56.80 36.55 96.66
C TYR VA 387 -56.08 37.26 95.52
N ARG VA 388 -55.22 36.52 94.81
CA ARG VA 388 -54.57 36.99 93.60
C ARG VA 388 -54.86 36.04 92.45
N SER VA 389 -54.87 36.57 91.23
CA SER VA 389 -55.15 35.76 90.06
C SER VA 389 -54.17 36.04 88.93
N TRP VA 390 -53.84 35.00 88.16
CA TRP VA 390 -52.89 35.14 87.07
C TRP VA 390 -53.41 36.08 85.99
N TYR VA 391 -54.70 36.01 85.67
CA TYR VA 391 -55.23 36.81 84.57
C TYR VA 391 -55.21 38.30 84.90
N LEU VA 392 -55.55 38.67 86.13
CA LEU VA 392 -55.50 40.07 86.52
C LEU VA 392 -54.08 40.61 86.49
N SER VA 393 -53.12 39.81 86.96
CA SER VA 393 -51.74 40.25 86.94
C SER VA 393 -51.20 40.36 85.52
N TYR VA 394 -51.60 39.44 84.63
CA TYR VA 394 -51.13 39.48 83.24
C TYR VA 394 -51.64 40.72 82.52
N ASN VA 395 -52.91 41.09 82.74
CA ASN VA 395 -53.53 42.15 81.96
C ASN VA 395 -53.45 43.52 82.62
N TYR VA 396 -53.42 43.61 83.95
CA TYR VA 396 -53.46 44.89 84.63
C TYR VA 396 -52.23 45.21 85.46
N GLY VA 397 -51.35 44.25 85.69
CA GLY VA 397 -50.15 44.47 86.48
C GLY VA 397 -49.07 45.20 85.70
N ASN VA 398 -47.88 45.21 86.30
CA ASN VA 398 -46.75 45.90 85.69
C ASN VA 398 -46.23 45.12 84.50
N PRO VA 399 -46.18 45.72 83.30
CA PRO VA 399 -45.75 44.95 82.11
C PRO VA 399 -44.34 44.41 82.19
N GLU VA 400 -43.43 45.06 82.90
CA GLU VA 400 -42.02 44.70 82.86
C GLU VA 400 -41.55 44.03 84.15
N LYS VA 401 -42.43 43.79 85.11
CA LYS VA 401 -42.06 43.13 86.35
C LYS VA 401 -43.02 42.04 86.80
N GLY VA 402 -44.26 42.04 86.34
CA GLY VA 402 -45.24 41.05 86.75
C GLY VA 402 -45.08 39.75 85.98
N ILE VA 403 -46.13 38.93 86.08
CA ILE VA 403 -46.13 37.61 85.45
C ILE VA 403 -46.08 37.70 83.92
N ARG VA 404 -46.44 38.86 83.35
CA ARG VA 404 -46.45 39.03 81.91
C ARG VA 404 -45.05 39.05 81.30
N SER VA 405 -44.01 39.24 82.10
CA SER VA 405 -42.67 39.34 81.54
C SER VA 405 -42.08 37.99 81.17
N TRP VA 406 -42.60 36.88 81.74
CA TRP VA 406 -42.05 35.56 81.41
C TRP VA 406 -43.12 34.50 81.17
N THR VA 407 -44.40 34.86 81.10
CA THR VA 407 -45.44 33.92 80.67
C THR VA 407 -46.22 34.51 79.49
N LEU VA 408 -46.97 33.64 78.82
CA LEU VA 408 -47.67 34.01 77.61
C LEU VA 408 -49.07 33.41 77.63
N LEU VA 409 -50.05 34.18 77.17
CA LEU VA 409 -51.45 33.76 77.13
C LEU VA 409 -51.77 33.19 75.74
N THR VA 410 -52.32 31.99 75.70
CA THR VA 410 -52.61 31.29 74.44
C THR VA 410 -54.01 30.68 74.50
N THR VA 411 -54.51 30.26 73.34
CA THR VA 411 -55.79 29.56 73.28
C THR VA 411 -55.69 28.19 73.92
N SER VA 412 -56.76 27.77 74.59
CA SER VA 412 -56.80 26.47 75.24
C SER VA 412 -56.72 25.34 74.22
N ASP VA 413 -55.90 24.34 74.51
CA ASP VA 413 -55.70 23.19 73.63
C ASP VA 413 -56.16 21.92 74.36
N VAL VA 414 -57.33 21.41 73.98
CA VAL VA 414 -57.95 20.30 74.70
C VAL VA 414 -57.16 19.00 74.55
N THR VA 415 -56.46 18.80 73.43
CA THR VA 415 -55.68 17.58 73.27
C THR VA 415 -54.45 17.55 74.17
N CYS VA 416 -54.12 18.67 74.83
CA CYS VA 416 -52.95 18.84 75.69
C CYS VA 416 -51.64 18.85 74.91
N GLY VA 417 -51.70 19.03 73.60
CA GLY VA 417 -50.49 19.17 72.80
C GLY VA 417 -50.04 17.86 72.19
N VAL VA 418 -50.28 17.68 70.92
CA VAL VA 418 -49.90 16.44 70.24
C VAL VA 418 -48.50 16.62 69.67
N GLU VA 419 -47.74 15.52 69.65
CA GLU VA 419 -46.41 15.50 69.06
C GLU VA 419 -46.38 14.49 67.93
N GLN VA 420 -45.19 14.23 67.41
CA GLN VA 420 -45.02 13.42 66.20
C GLN VA 420 -44.88 11.94 66.54
N VAL VA 421 -45.00 11.10 65.50
CA VAL VA 421 -44.77 9.66 65.59
C VAL VA 421 -43.80 9.26 64.48
N TYR VA 422 -43.08 8.17 64.70
CA TYR VA 422 -42.06 7.67 63.79
C TYR VA 422 -42.35 6.23 63.37
N TRP VA 423 -42.13 5.94 62.09
CA TRP VA 423 -42.26 4.59 61.53
C TRP VA 423 -40.89 3.94 61.34
N SER VA 424 -40.81 2.63 61.60
CA SER VA 424 -39.61 1.84 61.35
C SER VA 424 -39.94 0.55 60.62
N LEU VA 425 -39.13 0.22 59.60
CA LEU VA 425 -39.22 -1.05 58.89
C LEU VA 425 -37.82 -1.63 58.71
N PRO VA 426 -37.22 -2.14 59.79
CA PRO VA 426 -35.77 -2.45 59.74
C PRO VA 426 -35.40 -3.60 58.81
N ASP VA 427 -36.31 -4.51 58.46
CA ASP VA 427 -35.98 -5.62 57.59
C ASP VA 427 -36.28 -5.35 56.11
N MET VA 428 -36.78 -4.17 55.77
CA MET VA 428 -37.15 -3.88 54.39
C MET VA 428 -36.36 -2.72 53.79
N MET VA 429 -36.23 -1.61 54.50
CA MET VA 429 -35.55 -0.42 54.00
C MET VA 429 -34.11 -0.35 54.50
N GLN VA 430 -33.26 0.31 53.72
CA GLN VA 430 -31.93 0.64 54.18
C GLN VA 430 -31.98 1.75 55.22
N ASP VA 431 -30.99 1.75 56.12
CA ASP VA 431 -30.95 2.77 57.17
C ASP VA 431 -30.63 4.14 56.57
N PRO VA 432 -31.39 5.18 56.89
CA PRO VA 432 -31.03 6.53 56.43
C PRO VA 432 -29.75 7.03 57.08
N VAL VA 433 -29.20 8.09 56.47
CA VAL VA 433 -27.84 8.52 56.77
C VAL VA 433 -27.68 8.93 58.24
N THR VA 434 -26.58 8.49 58.85
CA THR VA 434 -26.11 8.65 60.23
C THR VA 434 -26.80 7.74 61.26
N PHE VA 435 -27.83 6.97 60.89
CA PHE VA 435 -28.41 6.00 61.82
C PHE VA 435 -27.55 4.74 61.89
N ARG VA 436 -27.40 4.20 63.09
CA ARG VA 436 -26.70 2.93 63.30
C ARG VA 436 -27.64 1.74 63.20
N SER VA 437 -27.12 0.64 62.66
CA SER VA 437 -27.87 -0.62 62.66
C SER VA 437 -27.87 -1.25 64.05
N THR VA 438 -29.03 -1.72 64.48
CA THR VA 438 -29.17 -2.24 65.84
C THR VA 438 -30.40 -3.13 65.94
N ARG VA 439 -30.50 -3.83 67.06
CA ARG VA 439 -31.68 -4.63 67.38
C ARG VA 439 -32.39 -4.15 68.64
N GLN VA 440 -32.08 -2.96 69.13
CA GLN VA 440 -32.79 -2.38 70.27
C GLN VA 440 -33.98 -1.58 69.77
N VAL VA 441 -35.15 -1.85 70.34
CA VAL VA 441 -36.40 -1.30 69.82
C VAL VA 441 -36.43 0.22 69.95
N SER VA 442 -35.98 0.75 71.07
CA SER VA 442 -35.97 2.20 71.23
C SER VA 442 -34.89 2.89 70.39
N ASN VA 443 -34.17 2.23 69.48
CA ASN VA 443 -33.18 2.91 68.67
C ASN VA 443 -33.22 2.44 67.21
N TYR VA 444 -34.36 1.93 66.73
CA TYR VA 444 -34.49 1.57 65.32
C TYR VA 444 -34.33 2.81 64.43
N PRO VA 445 -33.75 2.65 63.25
CA PRO VA 445 -33.72 3.76 62.28
C PRO VA 445 -35.13 4.16 61.84
N VAL VA 446 -35.30 5.45 61.56
CA VAL VA 446 -36.61 6.04 61.31
C VAL VA 446 -36.80 6.23 59.81
N VAL VA 447 -37.93 5.75 59.29
CA VAL VA 447 -38.22 5.78 57.86
C VAL VA 447 -39.30 6.79 57.49
N GLY VA 448 -40.04 7.33 58.44
CA GLY VA 448 -41.02 8.36 58.16
C GLY VA 448 -41.56 8.96 59.43
N ALA VA 449 -42.18 10.14 59.29
CA ALA VA 449 -42.71 10.87 60.43
C ALA VA 449 -44.00 11.60 60.05
N GLU VA 450 -44.86 11.80 61.05
CA GLU VA 450 -46.14 12.51 60.89
C GLU VA 450 -46.66 12.85 62.29
N LEU VA 451 -47.77 13.57 62.34
CA LEU VA 451 -48.40 13.89 63.61
C LEU VA 451 -49.23 12.72 64.12
N MET VA 452 -49.21 12.50 65.42
CA MET VA 452 -50.15 11.60 66.04
C MET VA 452 -51.57 12.10 65.76
N PRO VA 453 -52.45 11.29 65.18
CA PRO VA 453 -53.68 11.81 64.54
C PRO VA 453 -54.83 12.07 65.50
N VAL VA 454 -54.68 13.08 66.34
CA VAL VA 454 -55.70 13.50 67.30
C VAL VA 454 -55.89 15.00 67.16
N PHE VA 455 -57.15 15.44 67.03
CA PHE VA 455 -57.46 16.83 66.70
C PHE VA 455 -58.56 17.37 67.58
N SER VA 456 -58.60 18.69 67.68
CA SER VA 456 -59.62 19.41 68.42
C SER VA 456 -60.77 19.82 67.50
N LYS VA 457 -61.99 19.78 68.05
CA LYS VA 457 -63.19 20.22 67.33
C LYS VA 457 -64.00 21.16 68.20
N SER VA 458 -64.58 22.19 67.59
CA SER VA 458 -65.31 23.24 68.30
C SER VA 458 -66.82 23.10 68.14
N PHE VA 459 -67.54 23.47 69.19
CA PHE VA 459 -69.00 23.52 69.19
C PHE VA 459 -69.46 24.81 69.85
N TYR VA 460 -70.68 25.22 69.56
CA TYR VA 460 -71.27 26.43 70.11
C TYR VA 460 -72.38 26.07 71.08
N ASN VA 461 -72.33 26.64 72.28
CA ASN VA 461 -73.34 26.37 73.31
C ASN VA 461 -73.76 27.65 74.04
N HIS VA 478 -74.98 18.48 94.11
CA HIS VA 478 -73.95 18.96 93.19
C HIS VA 478 -72.57 18.85 93.81
N VAL VA 479 -71.84 17.80 93.42
CA VAL VA 479 -70.47 17.62 93.91
C VAL VA 479 -69.53 18.66 93.31
N PHE VA 480 -69.89 19.26 92.17
CA PHE VA 480 -69.06 20.27 91.53
C PHE VA 480 -69.44 21.69 91.94
N ASN VA 481 -70.32 21.84 92.92
CA ASN VA 481 -70.64 23.17 93.48
C ASN VA 481 -70.95 22.97 94.96
N ARG VA 482 -69.91 23.09 95.79
CA ARG VA 482 -70.01 22.86 97.22
C ARG VA 482 -70.13 24.14 98.03
N PHE VA 483 -69.89 25.29 97.41
CA PHE VA 483 -70.01 26.59 98.06
C PHE VA 483 -70.83 27.50 97.17
N PRO VA 484 -72.13 27.21 97.02
CA PRO VA 484 -72.96 28.02 96.11
C PRO VA 484 -73.02 29.48 96.48
N GLU VA 485 -72.95 29.82 97.77
CA GLU VA 485 -73.10 31.20 98.19
C GLU VA 485 -71.85 32.03 97.94
N ASN VA 486 -70.66 31.43 98.06
CA ASN VA 486 -69.42 32.19 98.08
C ASN VA 486 -69.08 32.67 96.67
N GLN VA 487 -68.92 33.99 96.51
CA GLN VA 487 -68.64 34.56 95.20
C GLN VA 487 -67.28 34.16 94.65
N ILE VA 488 -66.34 33.79 95.51
CA ILE VA 488 -65.02 33.37 95.04
C ILE VA 488 -64.99 31.89 94.72
N LEU VA 489 -65.70 31.07 95.51
CA LEU VA 489 -65.68 29.62 95.38
C LEU VA 489 -66.86 29.08 94.59
N ILE VA 490 -67.63 29.94 93.92
CA ILE VA 490 -68.71 29.46 93.08
C ILE VA 490 -68.15 28.71 91.88
N ARG VA 491 -68.96 27.80 91.34
CA ARG VA 491 -68.56 27.00 90.18
C ARG VA 491 -68.36 27.92 88.97
N PRO VA 492 -67.25 27.80 88.24
CA PRO VA 492 -66.98 28.75 87.17
C PRO VA 492 -68.02 28.65 86.07
N PRO VA 493 -68.33 29.76 85.42
CA PRO VA 493 -69.21 29.70 84.25
C PRO VA 493 -68.55 28.98 83.09
N ALA VA 494 -69.39 28.34 82.26
CA ALA VA 494 -68.94 27.57 81.11
C ALA VA 494 -68.76 28.48 79.89
N PRO VA 495 -67.73 28.24 79.08
CA PRO VA 495 -67.54 29.08 77.89
C PRO VA 495 -68.64 28.83 76.86
N THR VA 496 -68.88 29.85 76.04
CA THR VA 496 -69.79 29.71 74.92
C THR VA 496 -69.18 28.90 73.78
N ILE VA 497 -67.88 28.61 73.81
CA ILE VA 497 -67.21 27.75 72.84
C ILE VA 497 -66.63 26.55 73.58
N THR VA 498 -67.06 25.35 73.22
CA THR VA 498 -66.57 24.11 73.81
C THR VA 498 -65.75 23.33 72.81
N THR VA 499 -64.62 22.77 73.26
CA THR VA 499 -63.75 21.98 72.41
C THR VA 499 -63.55 20.57 72.98
N VAL VA 500 -63.56 19.58 72.09
CA VAL VA 500 -63.35 18.18 72.44
C VAL VA 500 -62.36 17.58 71.45
N SER VA 501 -61.66 16.52 71.87
CA SER VA 501 -60.63 15.90 71.04
C SER VA 501 -61.17 14.66 70.34
N GLU VA 502 -60.70 14.44 69.10
CA GLU VA 502 -61.18 13.37 68.23
C GLU VA 502 -60.02 12.61 67.61
N ASN VA 503 -60.26 11.34 67.30
CA ASN VA 503 -59.33 10.51 66.56
C ASN VA 503 -59.80 10.40 65.12
N VAL VA 504 -58.92 10.74 64.17
CA VAL VA 504 -59.25 10.75 62.74
C VAL VA 504 -58.26 9.87 62.01
N PRO VA 505 -58.70 8.91 61.20
CA PRO VA 505 -57.76 8.05 60.48
C PRO VA 505 -56.86 8.83 59.54
N ALA VA 506 -55.59 8.46 59.50
CA ALA VA 506 -54.54 9.18 58.80
C ALA VA 506 -54.02 8.37 57.63
N LEU VA 507 -54.02 8.97 56.44
CA LEU VA 507 -53.56 8.36 55.20
C LEU VA 507 -52.40 9.18 54.68
N THR VA 508 -51.21 8.58 54.61
CA THR VA 508 -49.99 9.34 54.40
C THR VA 508 -49.12 8.73 53.30
N ASP VA 509 -48.58 9.59 52.45
CA ASP VA 509 -47.60 9.22 51.44
C ASP VA 509 -46.22 9.70 51.90
N HIS VA 510 -45.30 8.76 52.11
CA HIS VA 510 -43.98 9.07 52.65
C HIS VA 510 -42.90 9.19 51.58
N GLY VA 511 -43.24 9.07 50.30
CA GLY VA 511 -42.25 9.13 49.24
C GLY VA 511 -41.48 7.83 49.03
N THR VA 512 -40.38 7.94 48.28
CA THR VA 512 -39.58 6.79 47.87
C THR VA 512 -38.31 6.68 48.72
N LEU VA 513 -38.02 5.47 49.20
CA LEU VA 513 -36.83 5.17 49.99
C LEU VA 513 -36.07 3.99 49.42
N PRO VA 514 -34.74 3.97 49.56
CA PRO VA 514 -33.96 2.84 49.04
C PRO VA 514 -34.29 1.52 49.73
N LEU VA 515 -34.35 0.47 48.93
CA LEU VA 515 -34.85 -0.85 49.31
C LEU VA 515 -33.71 -1.86 49.34
N ARG VA 516 -33.77 -2.81 50.27
CA ARG VA 516 -32.79 -3.90 50.28
C ARG VA 516 -33.02 -4.86 49.12
N SER VA 517 -31.93 -5.43 48.60
CA SER VA 517 -32.01 -6.29 47.42
C SER VA 517 -32.62 -7.66 47.74
N SER VA 518 -32.51 -8.12 48.98
CA SER VA 518 -33.09 -9.41 49.37
C SER VA 518 -33.99 -9.19 50.57
N ILE VA 519 -35.24 -9.62 50.46
CA ILE VA 519 -36.28 -9.37 51.47
C ILE VA 519 -36.71 -10.70 52.04
N ARG VA 520 -36.61 -10.85 53.36
CA ARG VA 520 -37.06 -12.06 54.04
C ARG VA 520 -38.58 -12.10 54.15
N GLY VA 521 -39.10 -13.31 54.34
CA GLY VA 521 -40.53 -13.53 54.36
C GLY VA 521 -41.26 -12.99 55.58
N VAL VA 522 -40.56 -12.80 56.69
CA VAL VA 522 -41.16 -12.26 57.92
C VAL VA 522 -40.55 -10.89 58.19
N GLN VA 523 -41.41 -9.91 58.45
CA GLN VA 523 -41.02 -8.51 58.57
C GLN VA 523 -41.52 -7.91 59.88
N ARG VA 524 -40.74 -6.98 60.43
CA ARG VA 524 -41.10 -6.27 61.65
C ARG VA 524 -41.61 -4.87 61.34
N VAL VA 525 -42.69 -4.47 62.03
CA VAL VA 525 -43.30 -3.15 61.87
C VAL VA 525 -43.38 -2.49 63.25
N THR VA 526 -42.91 -1.24 63.35
CA THR VA 526 -42.85 -0.54 64.64
C THR VA 526 -43.28 0.91 64.50
N VAL VA 527 -44.02 1.40 65.49
CA VAL VA 527 -44.45 2.80 65.60
C VAL VA 527 -44.09 3.29 66.99
N THR VA 528 -43.32 4.39 67.08
CA THR VA 528 -42.89 4.96 68.35
C THR VA 528 -43.11 6.47 68.40
N ASP VA 529 -43.15 7.01 69.62
CA ASP VA 529 -43.39 8.43 69.85
C ASP VA 529 -42.08 9.20 69.93
N ALA VA 530 -42.16 10.47 70.37
CA ALA VA 530 -40.99 11.34 70.35
C ALA VA 530 -39.91 10.89 71.32
N ARG VA 531 -40.29 10.27 72.44
CA ARG VA 531 -39.34 9.71 73.39
C ARG VA 531 -38.95 8.28 73.05
N ARG VA 532 -39.38 7.78 71.88
CA ARG VA 532 -39.06 6.44 71.39
C ARG VA 532 -39.66 5.33 72.27
N ARG VA 533 -40.87 5.56 72.76
CA ARG VA 533 -41.69 4.51 73.35
C ARG VA 533 -42.76 4.08 72.35
N THR VA 534 -43.16 2.81 72.41
CA THR VA 534 -44.30 2.38 71.62
C THR VA 534 -45.59 2.97 72.19
N CYS VA 535 -46.59 3.12 71.34
CA CYS VA 535 -47.84 3.75 71.73
C CYS VA 535 -48.94 2.71 71.90
N PRO VA 536 -49.46 2.50 73.10
CA PRO VA 536 -50.52 1.50 73.30
C PRO VA 536 -51.88 1.88 72.71
N TYR VA 537 -52.06 3.07 72.16
CA TYR VA 537 -53.35 3.48 71.63
C TYR VA 537 -53.48 3.33 70.12
N VAL VA 538 -52.49 2.75 69.46
CA VAL VA 538 -52.63 2.36 68.06
C VAL VA 538 -53.37 1.03 68.01
N TYR VA 539 -54.43 0.95 67.19
CA TYR VA 539 -55.10 -0.33 67.02
C TYR VA 539 -55.30 -0.73 65.56
N LYS VA 540 -54.74 0.02 64.61
CA LYS VA 540 -54.76 -0.37 63.20
C LYS VA 540 -53.61 0.31 62.49
N ALA VA 541 -52.76 -0.48 61.84
CA ALA VA 541 -51.62 0.04 61.09
C ALA VA 541 -51.33 -0.86 59.89
N LEU VA 542 -51.31 -0.27 58.70
CA LEU VA 542 -51.04 -0.99 57.46
C LEU VA 542 -50.00 -0.26 56.64
N GLY VA 543 -49.23 -1.02 55.86
CA GLY VA 543 -48.29 -0.44 54.94
C GLY VA 543 -48.38 -1.09 53.58
N ILE VA 544 -48.14 -0.29 52.54
CA ILE VA 544 -48.13 -0.73 51.15
C ILE VA 544 -46.89 -0.15 50.49
N VAL VA 545 -46.08 -1.01 49.86
CA VAL VA 545 -44.83 -0.62 49.24
C VAL VA 545 -44.88 -0.97 47.76
N ALA VA 546 -44.41 -0.04 46.91
CA ALA VA 546 -44.35 -0.25 45.47
C ALA VA 546 -42.92 -0.11 44.95
N PRO VA 547 -42.21 -1.22 44.73
CA PRO VA 547 -40.81 -1.13 44.28
C PRO VA 547 -40.68 -0.64 42.85
N ARG VA 548 -39.54 -0.02 42.55
CA ARG VA 548 -39.16 0.36 41.20
C ARG VA 548 -37.65 0.61 41.14
N VAL VA 549 -37.13 0.63 39.92
CA VAL VA 549 -35.69 0.78 39.69
C VAL VA 549 -35.29 2.25 39.84
N LEU VA 550 -34.21 2.50 40.58
CA LEU VA 550 -33.67 3.85 40.75
C LEU VA 550 -32.44 4.12 39.89
N SER VA 551 -31.45 3.22 39.88
CA SER VA 551 -30.26 3.42 39.07
C SER VA 551 -29.61 2.08 38.77
N SER VA 552 -28.61 2.11 37.90
CA SER VA 552 -27.92 0.91 37.46
C SER VA 552 -26.77 0.57 38.41
N ARG VA 553 -26.47 -0.73 38.46
CA ARG VA 553 -25.34 -1.28 39.21
C ARG VA 553 -25.48 -1.13 40.71
N ARG WA 48 -42.82 0.99 18.55
CA ARG WA 48 -43.25 -0.04 19.50
C ARG WA 48 -44.23 0.50 20.54
N ASN WA 49 -45.16 1.34 20.11
CA ASN WA 49 -46.08 1.98 21.04
C ASN WA 49 -47.51 2.04 20.52
N SER WA 50 -47.89 1.17 19.60
CA SER WA 50 -49.22 1.22 19.01
C SER WA 50 -50.23 0.42 19.84
N ILE WA 51 -51.49 0.77 19.69
CA ILE WA 51 -52.60 0.12 20.40
C ILE WA 51 -53.67 -0.24 19.38
N ARG WA 52 -54.05 -1.51 19.32
CA ARG WA 52 -54.87 -2.03 18.23
C ARG WA 52 -56.12 -2.76 18.75
N TYR WA 53 -57.20 -2.63 17.99
CA TYR WA 53 -58.48 -3.27 18.32
C TYR WA 53 -58.80 -4.30 17.24
N SER WA 54 -59.17 -5.51 17.67
CA SER WA 54 -59.20 -6.66 16.77
C SER WA 54 -60.25 -6.53 15.65
N GLU WA 55 -61.21 -5.63 15.77
CA GLU WA 55 -62.21 -5.48 14.72
C GLU WA 55 -61.83 -4.48 13.64
N LEU WA 56 -60.65 -3.88 13.71
CA LEU WA 56 -60.22 -2.87 12.75
C LEU WA 56 -58.94 -3.31 12.05
N SER WA 57 -58.83 -2.99 10.76
CA SER WA 57 -57.66 -3.35 9.95
C SER WA 57 -57.56 -2.42 8.75
N PRO WA 58 -56.35 -2.07 8.32
CA PRO WA 58 -56.20 -1.15 7.18
C PRO WA 58 -56.30 -1.85 5.83
N LEU WA 59 -56.56 -1.05 4.79
CA LEU WA 59 -56.87 -1.55 3.45
C LEU WA 59 -55.75 -1.30 2.45
N TYR WA 60 -55.56 -2.25 1.53
CA TYR WA 60 -54.50 -2.18 0.52
C TYR WA 60 -54.97 -2.73 -0.82
N ASP WA 61 -54.37 -2.18 -1.88
CA ASP WA 61 -54.29 -2.67 -3.27
C ASP WA 61 -55.54 -2.60 -4.14
N THR WA 62 -56.74 -2.58 -3.57
CA THR WA 62 -57.98 -2.54 -4.35
C THR WA 62 -59.16 -2.57 -3.40
N THR WA 63 -60.32 -2.12 -3.90
CA THR WA 63 -61.56 -2.05 -3.14
C THR WA 63 -62.70 -1.80 -4.13
N ARG WA 64 -63.89 -1.48 -3.61
CA ARG WA 64 -65.04 -1.13 -4.44
C ARG WA 64 -65.65 0.19 -3.99
N LEU WA 65 -66.14 0.97 -4.95
CA LEU WA 65 -66.96 2.16 -4.70
C LEU WA 65 -68.29 2.00 -5.41
N TYR WA 66 -69.39 2.30 -4.73
CA TYR WA 66 -70.74 2.09 -5.27
C TYR WA 66 -71.45 3.42 -5.46
N LEU WA 67 -72.02 3.60 -6.65
CA LEU WA 67 -72.77 4.81 -7.03
C LEU WA 67 -74.22 4.41 -7.28
N VAL WA 68 -75.07 4.65 -6.30
CA VAL WA 68 -76.42 4.09 -6.26
C VAL WA 68 -77.43 5.23 -6.18
N ASP WA 69 -78.51 5.11 -6.96
CA ASP WA 69 -79.44 6.19 -7.18
C ASP WA 69 -80.65 6.19 -6.25
N ASN WA 70 -80.78 5.24 -5.32
CA ASN WA 70 -81.99 5.15 -4.50
C ASN WA 70 -81.66 4.87 -3.04
N LYS WA 71 -80.66 5.54 -2.50
CA LYS WA 71 -80.43 5.49 -1.05
C LYS WA 71 -81.50 6.30 -0.32
N SER WA 72 -81.96 5.78 0.82
CA SER WA 72 -83.12 6.37 1.48
C SER WA 72 -82.86 7.79 1.95
N ALA WA 73 -81.69 8.03 2.57
CA ALA WA 73 -81.39 9.36 3.10
C ALA WA 73 -81.05 10.37 2.00
N ASP WA 74 -80.41 9.92 0.91
CA ASP WA 74 -80.07 10.82 -0.17
C ASP WA 74 -81.31 11.31 -0.91
N ILE WA 75 -82.37 10.50 -0.93
CA ILE WA 75 -83.61 10.92 -1.60
C ILE WA 75 -84.19 12.16 -0.93
N ALA WA 76 -84.21 12.17 0.39
CA ALA WA 76 -84.89 13.24 1.12
C ALA WA 76 -84.12 14.55 1.09
N SER WA 77 -82.79 14.50 1.24
CA SER WA 77 -82.01 15.70 1.49
C SER WA 77 -81.15 16.17 0.33
N LEU WA 78 -81.04 15.41 -0.74
CA LEU WA 78 -80.16 15.83 -1.83
C LEU WA 78 -80.86 16.07 -3.16
N ASN WA 79 -81.83 15.25 -3.52
CA ASN WA 79 -82.28 15.13 -4.89
C ASN WA 79 -83.73 15.55 -5.09
N TYR WA 80 -84.14 16.63 -4.42
CA TYR WA 80 -85.55 17.02 -4.45
C TYR WA 80 -85.98 17.48 -5.84
N GLN WA 81 -85.10 18.15 -6.57
CA GLN WA 81 -85.43 18.68 -7.88
C GLN WA 81 -84.76 17.91 -9.04
N ASN WA 82 -84.24 16.71 -8.79
CA ASN WA 82 -83.46 15.97 -9.78
C ASN WA 82 -84.27 14.79 -10.33
N ASP WA 83 -83.68 14.09 -11.29
CA ASP WA 83 -84.24 12.83 -11.80
C ASP WA 83 -83.10 11.85 -12.03
N HIS WA 84 -83.43 10.64 -12.49
CA HIS WA 84 -82.45 9.56 -12.57
C HIS WA 84 -81.40 9.78 -13.64
N SER WA 85 -81.59 10.76 -14.53
CA SER WA 85 -80.57 11.10 -15.52
C SER WA 85 -79.52 12.06 -14.99
N ASN WA 86 -79.77 12.74 -13.86
CA ASN WA 86 -78.83 13.72 -13.32
C ASN WA 86 -79.10 13.90 -11.82
N PHE WA 87 -78.29 13.25 -10.98
CA PHE WA 87 -78.56 13.20 -9.55
C PHE WA 87 -77.27 13.21 -8.75
N LEU WA 88 -77.42 13.33 -7.43
CA LEU WA 88 -76.30 13.29 -6.49
C LEU WA 88 -76.42 12.06 -5.60
N THR WA 89 -75.27 11.52 -5.19
CA THR WA 89 -75.26 10.35 -4.32
C THR WA 89 -74.02 10.41 -3.43
N THR WA 90 -74.06 9.64 -2.34
CA THR WA 90 -72.96 9.57 -1.39
C THR WA 90 -72.21 8.25 -1.56
N VAL WA 91 -70.88 8.32 -1.66
CA VAL WA 91 -70.07 7.12 -1.72
C VAL WA 91 -69.62 6.65 -0.33
N VAL WA 92 -69.92 7.40 0.73
CA VAL WA 92 -69.67 6.96 2.09
C VAL WA 92 -70.82 6.07 2.53
N GLN WA 93 -70.51 4.83 2.93
CA GLN WA 93 -71.52 3.84 3.29
C GLN WA 93 -71.60 3.62 4.80
N ASN WA 94 -71.48 4.68 5.60
CA ASN WA 94 -71.41 4.59 7.05
C ASN WA 94 -72.57 5.42 7.62
N ASN WA 95 -73.54 4.75 8.23
CA ASN WA 95 -74.76 5.42 8.67
C ASN WA 95 -74.62 6.15 10.01
N ASP WA 96 -73.40 6.29 10.54
CA ASP WA 96 -73.19 7.18 11.67
C ASP WA 96 -73.28 8.65 11.28
N PHE WA 97 -73.37 8.96 9.98
CA PHE WA 97 -73.38 10.33 9.49
C PHE WA 97 -74.53 10.52 8.50
N THR WA 98 -75.05 11.74 8.46
CA THR WA 98 -76.00 12.14 7.44
C THR WA 98 -75.28 12.47 6.15
N PRO WA 99 -75.98 12.48 5.01
CA PRO WA 99 -75.32 12.84 3.74
C PRO WA 99 -74.71 14.23 3.75
N THR WA 100 -75.33 15.19 4.43
CA THR WA 100 -74.75 16.53 4.53
C THR WA 100 -73.40 16.48 5.26
N GLU WA 101 -73.33 15.75 6.37
CA GLU WA 101 -72.05 15.58 7.05
C GLU WA 101 -71.05 14.83 6.19
N ALA WA 102 -71.52 13.82 5.45
CA ALA WA 102 -70.61 13.02 4.63
C ALA WA 102 -69.99 13.85 3.50
N SER WA 103 -70.64 14.94 3.09
CA SER WA 103 -70.15 15.70 1.94
C SER WA 103 -68.77 16.29 2.18
N THR WA 104 -68.41 16.55 3.43
CA THR WA 104 -67.11 17.12 3.74
C THR WA 104 -66.02 16.07 3.96
N GLN WA 105 -66.36 14.79 4.04
CA GLN WA 105 -65.36 13.74 4.24
C GLN WA 105 -64.70 13.35 2.92
N THR WA 106 -63.56 12.67 3.00
CA THR WA 106 -62.82 12.28 1.81
C THR WA 106 -62.32 10.84 1.93
N ILE WA 107 -62.04 10.25 0.77
CA ILE WA 107 -61.34 8.97 0.64
C ILE WA 107 -60.04 9.25 -0.10
N ASN WA 108 -58.92 8.77 0.44
CA ASN WA 108 -57.61 9.16 -0.07
C ASN WA 108 -56.83 7.94 -0.53
N PHE WA 109 -56.39 7.96 -1.79
CA PHE WA 109 -55.54 6.94 -2.38
C PHE WA 109 -54.10 7.43 -2.36
N ASP WA 110 -53.16 6.55 -1.99
CA ASP WA 110 -51.81 6.98 -1.67
C ASP WA 110 -51.18 7.82 -2.76
N GLU WA 111 -50.70 9.00 -2.38
CA GLU WA 111 -50.23 10.01 -3.34
C GLU WA 111 -48.91 9.66 -3.99
N ARG WA 112 -48.22 8.62 -3.53
CA ARG WA 112 -47.00 8.16 -4.18
C ARG WA 112 -47.26 7.24 -5.37
N SER WA 113 -48.52 7.00 -5.73
CA SER WA 113 -48.88 6.24 -6.92
C SER WA 113 -49.93 7.01 -7.72
N ARG WA 114 -50.02 6.69 -9.00
CA ARG WA 114 -51.13 7.11 -9.84
C ARG WA 114 -52.13 5.98 -9.95
N TRP WA 115 -53.41 6.28 -9.79
CA TRP WA 115 -54.45 5.27 -9.67
C TRP WA 115 -55.41 5.33 -10.86
N GLY WA 116 -55.96 4.16 -11.21
CA GLY WA 116 -57.00 4.08 -12.21
C GLY WA 116 -58.18 3.30 -11.68
N GLY WA 117 -59.31 3.47 -12.36
CA GLY WA 117 -60.54 2.81 -11.95
C GLY WA 117 -61.29 2.12 -13.07
N GLN WA 118 -61.55 0.84 -12.92
CA GLN WA 118 -62.35 0.09 -13.89
C GLN WA 118 -63.83 0.31 -13.62
N LEU WA 119 -64.57 0.72 -14.64
CA LEU WA 119 -65.96 1.16 -14.49
C LEU WA 119 -66.93 0.20 -15.18
N LYS WA 120 -67.96 -0.22 -14.45
CA LYS WA 120 -69.08 -1.00 -14.97
C LYS WA 120 -70.38 -0.29 -14.65
N THR WA 121 -71.32 -0.29 -15.60
CA THR WA 121 -72.58 0.40 -15.42
C THR WA 121 -73.76 -0.51 -15.73
N ILE WA 122 -74.90 -0.18 -15.14
CA ILE WA 122 -76.18 -0.83 -15.39
C ILE WA 122 -77.22 0.25 -15.64
N MET WA 123 -77.96 0.12 -16.75
CA MET WA 123 -78.94 1.13 -17.14
C MET WA 123 -80.23 0.46 -17.65
N HIS WA 124 -81.37 1.06 -17.34
CA HIS WA 124 -82.66 0.60 -17.84
C HIS WA 124 -83.55 1.80 -18.20
N THR WA 125 -84.27 1.68 -19.31
CA THR WA 125 -85.08 2.78 -19.85
C THR WA 125 -86.51 2.32 -20.07
N ASN WA 126 -87.42 3.29 -20.27
CA ASN WA 126 -88.81 3.02 -20.58
C ASN WA 126 -89.34 3.99 -21.66
N MET WA 127 -88.59 4.17 -22.74
CA MET WA 127 -88.94 5.12 -23.80
C MET WA 127 -89.97 4.53 -24.76
N PRO WA 128 -91.06 5.24 -25.05
CA PRO WA 128 -91.95 4.84 -26.15
C PRO WA 128 -91.47 5.40 -27.49
N ASN WA 129 -91.86 4.72 -28.56
CA ASN WA 129 -91.28 5.03 -29.86
C ASN WA 129 -91.84 6.30 -30.51
N VAL WA 130 -93.06 6.72 -30.17
CA VAL WA 130 -93.64 7.95 -30.69
C VAL WA 130 -93.80 8.93 -29.54
N ASN WA 131 -92.97 9.98 -29.53
CA ASN WA 131 -92.98 10.94 -28.42
C ASN WA 131 -92.44 12.28 -28.91
N GLU WA 132 -92.72 13.31 -28.13
CA GLU WA 132 -92.36 14.68 -28.50
C GLU WA 132 -90.87 14.97 -28.31
N TYR WA 133 -90.26 14.41 -27.27
CA TYR WA 133 -88.90 14.78 -26.91
C TYR WA 133 -87.91 14.38 -28.00
N MET WA 134 -88.18 13.31 -28.73
CA MET WA 134 -87.27 12.78 -29.73
C MET WA 134 -87.68 13.14 -31.15
N PHE WA 135 -88.64 14.05 -31.32
CA PHE WA 135 -89.07 14.56 -32.64
C PHE WA 135 -89.65 13.47 -33.54
N SER WA 136 -90.26 12.45 -32.95
CA SER WA 136 -90.96 11.43 -33.71
C SER WA 136 -92.47 11.62 -33.63
N ASN WA 137 -92.91 12.85 -33.38
CA ASN WA 137 -94.28 13.18 -33.09
C ASN WA 137 -94.98 13.98 -34.19
N LYS WA 138 -94.24 14.49 -35.17
CA LYS WA 138 -94.77 15.50 -36.06
C LYS WA 138 -94.11 15.43 -37.43
N PHE WA 139 -94.80 15.98 -38.42
CA PHE WA 139 -94.28 16.14 -39.77
C PHE WA 139 -95.08 17.26 -40.44
N LYS WA 140 -94.60 17.72 -41.60
CA LYS WA 140 -95.23 18.79 -42.35
C LYS WA 140 -95.64 18.32 -43.74
N ALA WA 141 -96.73 18.88 -44.25
CA ALA WA 141 -97.26 18.52 -45.55
C ALA WA 141 -98.03 19.69 -46.14
N ARG WA 142 -98.22 19.65 -47.47
CA ARG WA 142 -98.94 20.68 -48.20
C ARG WA 142 -100.18 20.06 -48.84
N VAL WA 143 -101.36 20.57 -48.47
CA VAL WA 143 -102.63 20.04 -48.93
C VAL WA 143 -103.47 21.18 -49.51
N MET WA 144 -104.62 20.82 -50.07
CA MET WA 144 -105.51 21.77 -50.73
C MET WA 144 -106.53 22.32 -49.73
N VAL WA 145 -106.63 23.65 -49.68
CA VAL WA 145 -107.51 24.32 -48.74
C VAL WA 145 -108.80 24.82 -49.39
N SER WA 146 -108.78 25.18 -50.66
CA SER WA 146 -109.96 25.70 -51.33
C SER WA 146 -109.98 25.30 -52.79
N ARG WA 147 -111.12 24.80 -53.24
CA ARG WA 147 -111.42 24.75 -54.67
C ARG WA 147 -112.12 26.06 -55.05
N LYS WA 148 -112.69 26.12 -56.25
CA LYS WA 148 -113.38 27.34 -56.66
C LYS WA 148 -114.66 27.55 -55.86
N ASP WA 171 -111.76 26.42 -62.57
CA ASP WA 171 -111.57 26.26 -61.13
C ASP WA 171 -110.18 26.71 -60.70
N ILE WA 172 -110.10 27.45 -59.60
CA ILE WA 172 -108.85 27.90 -59.02
C ILE WA 172 -108.63 27.17 -57.72
N LEU WA 173 -107.43 26.60 -57.55
CA LEU WA 173 -107.10 25.73 -56.42
C LEU WA 173 -106.04 26.39 -55.56
N LYS WA 174 -106.23 26.35 -54.25
CA LYS WA 174 -105.31 26.95 -53.30
C LYS WA 174 -104.74 25.88 -52.37
N TYR WA 175 -103.45 25.99 -52.08
CA TYR WA 175 -102.75 25.03 -51.23
C TYR WA 175 -102.00 25.77 -50.13
N GLU WA 176 -101.71 25.05 -49.05
CA GLU WA 176 -101.02 25.65 -47.91
C GLU WA 176 -100.29 24.57 -47.12
N TRP WA 177 -99.23 24.98 -46.41
CA TRP WA 177 -98.45 24.10 -45.56
C TRP WA 177 -99.02 24.08 -44.14
N PHE WA 178 -98.96 22.92 -43.50
CA PHE WA 178 -99.37 22.74 -42.12
C PHE WA 178 -98.39 21.80 -41.42
N GLU WA 179 -98.44 21.82 -40.09
CA GLU WA 179 -97.72 20.85 -39.27
C GLU WA 179 -98.72 19.96 -38.54
N PHE WA 180 -98.50 18.66 -38.61
CA PHE WA 180 -99.44 17.66 -38.10
C PHE WA 180 -98.84 16.98 -36.87
N ILE WA 181 -99.68 16.68 -35.88
CA ILE WA 181 -99.26 16.13 -34.59
C ILE WA 181 -99.99 14.83 -34.33
N LEU WA 182 -99.23 13.79 -33.91
CA LEU WA 182 -99.71 12.48 -33.50
C LEU WA 182 -99.77 12.39 -31.97
N PRO WA 183 -100.63 11.55 -31.41
CA PRO WA 183 -100.61 11.33 -29.97
C PRO WA 183 -99.52 10.32 -29.58
N GLU WA 184 -99.04 10.42 -28.35
CA GLU WA 184 -97.87 9.68 -27.91
C GLU WA 184 -98.22 8.27 -27.45
N GLY WA 185 -97.28 7.37 -27.62
CA GLY WA 185 -97.46 5.97 -27.26
C GLY WA 185 -96.43 5.10 -27.94
N ASN WA 186 -96.54 3.80 -27.69
CA ASN WA 186 -95.62 2.80 -28.23
C ASN WA 186 -96.38 1.93 -29.23
N PHE WA 187 -96.16 2.18 -30.53
CA PHE WA 187 -96.98 1.60 -31.59
C PHE WA 187 -96.14 0.81 -32.57
N SER WA 188 -96.78 -0.14 -33.23
CA SER WA 188 -96.12 -0.83 -34.34
C SER WA 188 -96.08 0.08 -35.57
N ALA WA 189 -95.35 -0.38 -36.60
CA ALA WA 189 -95.17 0.44 -37.79
C ALA WA 189 -96.49 0.62 -38.55
N THR WA 190 -97.29 -0.43 -38.68
CA THR WA 190 -98.57 -0.31 -39.36
C THR WA 190 -99.51 0.63 -38.61
N MET WA 191 -99.57 0.51 -37.29
CA MET WA 191 -100.43 1.39 -36.51
C MET WA 191 -99.97 2.84 -36.59
N THR WA 192 -98.66 3.07 -36.71
CA THR WA 192 -98.16 4.44 -36.86
C THR WA 192 -98.62 5.06 -38.18
N ILE WA 193 -98.61 4.27 -39.26
CA ILE WA 193 -99.03 4.78 -40.56
C ILE WA 193 -100.52 5.11 -40.57
N ASP WA 194 -101.33 4.34 -39.84
CA ASP WA 194 -102.74 4.69 -39.71
C ASP WA 194 -102.93 6.04 -39.03
N LEU WA 195 -102.12 6.33 -38.02
CA LEU WA 195 -102.26 7.61 -37.31
C LEU WA 195 -101.87 8.78 -38.19
N MET WA 196 -100.87 8.60 -39.07
CA MET WA 196 -100.48 9.68 -39.98
C MET WA 196 -101.59 9.97 -41.00
N ASN WA 197 -102.23 8.93 -41.54
CA ASN WA 197 -103.37 9.15 -42.42
C ASN WA 197 -104.51 9.85 -41.69
N ASN WA 198 -104.78 9.45 -40.46
CA ASN WA 198 -105.85 10.06 -39.67
C ASN WA 198 -105.60 11.54 -39.42
N ALA WA 199 -104.34 11.93 -39.24
CA ALA WA 199 -104.02 13.34 -39.05
C ALA WA 199 -104.33 14.16 -40.30
N ILE WA 200 -104.04 13.62 -41.49
CA ILE WA 200 -104.35 14.32 -42.72
C ILE WA 200 -105.85 14.54 -42.85
N ILE WA 201 -106.64 13.51 -42.56
CA ILE WA 201 -108.08 13.58 -42.76
C ILE WA 201 -108.73 14.56 -41.79
N ASP WA 202 -108.24 14.63 -40.56
CA ASP WA 202 -108.78 15.59 -39.60
C ASP WA 202 -108.56 17.03 -40.04
N ASN WA 203 -107.55 17.30 -40.85
CA ASN WA 203 -107.37 18.61 -41.46
C ASN WA 203 -108.40 18.86 -42.56
N TYR WA 204 -108.79 17.81 -43.29
CA TYR WA 204 -109.78 17.96 -44.34
C TYR WA 204 -111.19 18.11 -43.77
N LEU WA 205 -111.41 17.72 -42.53
CA LEU WA 205 -112.73 17.90 -41.92
C LEU WA 205 -112.89 19.25 -41.21
N GLU WA 206 -111.79 19.86 -40.80
CA GLU WA 206 -111.83 21.16 -40.12
C GLU WA 206 -111.71 22.33 -41.08
N ILE WA 207 -110.85 22.20 -42.08
CA ILE WA 207 -110.72 23.14 -43.19
C ILE WA 207 -111.07 22.31 -44.40
N GLY WA 208 -110.99 22.88 -45.60
CA GLY WA 208 -111.17 21.99 -46.73
C GLY WA 208 -112.63 21.73 -47.03
N ARG WA 209 -113.14 20.61 -46.52
CA ARG WA 209 -114.50 20.16 -46.78
C ARG WA 209 -115.53 21.29 -46.78
N GLN WA 210 -115.43 22.20 -45.83
CA GLN WA 210 -116.36 23.33 -45.77
C GLN WA 210 -116.02 24.43 -46.76
N ASN WA 211 -114.96 24.29 -47.55
CA ASN WA 211 -114.58 25.26 -48.57
C ASN WA 211 -114.56 24.67 -49.97
N GLY WA 212 -115.29 23.58 -50.19
CA GLY WA 212 -115.54 23.11 -51.53
C GLY WA 212 -114.64 22.02 -52.07
N VAL WA 213 -113.75 21.45 -51.26
CA VAL WA 213 -112.91 20.34 -51.73
C VAL WA 213 -113.69 19.04 -51.54
N LEU WA 214 -113.54 18.14 -52.49
CA LEU WA 214 -114.24 16.87 -52.45
C LEU WA 214 -113.35 15.79 -51.86
N GLU WA 215 -113.98 14.67 -51.48
CA GLU WA 215 -113.20 13.53 -51.00
C GLU WA 215 -112.70 12.73 -52.20
N SER WA 216 -112.13 13.45 -53.18
CA SER WA 216 -111.39 12.83 -54.27
C SER WA 216 -110.20 13.68 -54.67
N ASP WA 217 -109.89 14.73 -53.91
CA ASP WA 217 -108.74 15.58 -54.14
C ASP WA 217 -107.89 15.76 -52.88
N ILE WA 218 -107.92 14.77 -51.98
CA ILE WA 218 -107.19 14.89 -50.70
C ILE WA 218 -105.71 15.19 -50.96
N GLY WA 219 -105.01 14.30 -51.63
CA GLY WA 219 -103.71 14.62 -52.18
C GLY WA 219 -102.49 14.12 -51.44
N VAL WA 220 -102.64 13.58 -50.23
CA VAL WA 220 -101.51 12.98 -49.50
C VAL WA 220 -102.00 11.71 -48.82
N LYS WA 221 -101.38 10.58 -49.13
CA LYS WA 221 -101.72 9.31 -48.50
C LYS WA 221 -100.47 8.45 -48.35
N PHE WA 222 -100.39 7.71 -47.24
CA PHE WA 222 -99.30 6.77 -46.99
C PHE WA 222 -99.81 5.35 -47.19
N ASP WA 223 -99.16 4.59 -48.07
CA ASP WA 223 -99.64 3.28 -48.47
C ASP WA 223 -98.52 2.25 -48.35
N THR WA 224 -98.84 1.00 -48.71
CA THR WA 224 -97.86 -0.09 -48.72
C THR WA 224 -97.88 -0.94 -49.97
N ARG WA 225 -98.74 -0.65 -50.95
CA ARG WA 225 -98.98 -1.56 -52.06
C ARG WA 225 -98.05 -1.29 -53.23
N ASN WA 226 -97.91 -2.30 -54.09
CA ASN WA 226 -97.20 -2.18 -55.35
C ASN WA 226 -98.25 -2.00 -56.44
N PHE WA 227 -98.55 -0.75 -56.76
CA PHE WA 227 -99.45 -0.49 -57.88
C PHE WA 227 -98.77 -0.94 -59.17
N ARG WA 228 -99.58 -1.21 -60.19
CA ARG WA 228 -99.17 -1.72 -61.50
C ARG WA 228 -98.63 -3.15 -61.45
N LEU WA 229 -98.97 -3.93 -60.42
CA LEU WA 229 -98.56 -5.33 -60.39
C LEU WA 229 -99.20 -6.13 -61.53
N GLY WA 230 -100.52 -6.05 -61.65
CA GLY WA 230 -101.20 -6.82 -62.68
C GLY WA 230 -101.32 -6.13 -64.02
N TRP WA 231 -100.35 -5.27 -64.32
CA TRP WA 231 -100.36 -4.47 -65.53
C TRP WA 231 -100.17 -5.34 -66.77
N ASP WA 232 -100.80 -4.93 -67.87
CA ASP WA 232 -100.74 -5.67 -69.13
C ASP WA 232 -100.03 -4.84 -70.19
N PRO WA 233 -99.04 -5.41 -70.88
CA PRO WA 233 -98.23 -4.58 -71.80
C PRO WA 233 -98.97 -4.14 -73.05
N GLU WA 234 -100.10 -4.76 -73.39
CA GLU WA 234 -100.85 -4.38 -74.59
C GLU WA 234 -101.94 -3.35 -74.26
N THR WA 235 -102.85 -3.69 -73.35
CA THR WA 235 -103.92 -2.77 -72.97
C THR WA 235 -103.45 -1.66 -72.05
N LYS WA 236 -102.31 -1.85 -71.37
CA LYS WA 236 -101.73 -0.84 -70.47
C LYS WA 236 -102.72 -0.44 -69.37
N LEU WA 237 -103.45 -1.41 -68.85
CA LEU WA 237 -104.36 -1.19 -67.73
C LEU WA 237 -104.26 -2.37 -66.78
N ILE WA 238 -104.71 -2.16 -65.54
CA ILE WA 238 -104.70 -3.21 -64.53
C ILE WA 238 -105.88 -4.14 -64.82
N MET WA 239 -105.60 -5.27 -65.46
CA MET WA 239 -106.66 -6.14 -65.94
C MET WA 239 -107.62 -6.65 -64.87
N PRO WA 240 -107.17 -7.06 -63.67
CA PRO WA 240 -108.14 -7.58 -62.69
C PRO WA 240 -109.20 -6.56 -62.25
N GLY WA 241 -108.97 -5.27 -62.45
CA GLY WA 241 -109.90 -4.26 -62.00
C GLY WA 241 -109.71 -3.80 -60.57
N VAL WA 242 -108.84 -4.43 -59.81
CA VAL WA 242 -108.46 -3.99 -58.47
C VAL WA 242 -106.95 -4.14 -58.31
N TYR WA 243 -106.33 -3.19 -57.65
CA TYR WA 243 -104.91 -3.28 -57.36
C TYR WA 243 -104.64 -4.43 -56.39
N THR WA 244 -103.48 -5.07 -56.56
CA THR WA 244 -103.13 -6.20 -55.71
C THR WA 244 -103.03 -5.76 -54.25
N TYR WA 245 -103.69 -6.50 -53.38
CA TYR WA 245 -103.84 -6.11 -51.97
C TYR WA 245 -102.79 -6.80 -51.09
N GLU WA 246 -101.51 -6.56 -51.42
CA GLU WA 246 -100.38 -7.13 -50.69
C GLU WA 246 -99.40 -6.02 -50.31
N ALA WA 247 -98.75 -6.19 -49.16
CA ALA WA 247 -97.82 -5.19 -48.64
C ALA WA 247 -96.42 -5.48 -49.13
N PHE WA 248 -95.75 -4.43 -49.65
CA PHE WA 248 -94.39 -4.54 -50.16
C PHE WA 248 -93.40 -3.69 -49.40
N HIS WA 249 -93.68 -2.40 -49.23
CA HIS WA 249 -92.81 -1.41 -48.62
C HIS WA 249 -93.62 -0.13 -48.44
N PRO WA 250 -93.44 0.61 -47.35
CA PRO WA 250 -94.20 1.86 -47.17
C PRO WA 250 -93.91 2.87 -48.28
N ASP WA 251 -94.95 3.63 -48.64
CA ASP WA 251 -94.95 4.43 -49.86
C ASP WA 251 -95.70 5.73 -49.62
N ILE WA 252 -95.43 6.71 -50.48
CA ILE WA 252 -96.05 8.03 -50.44
C ILE WA 252 -96.76 8.27 -51.77
N VAL WA 253 -98.04 8.65 -51.71
CA VAL WA 253 -98.85 8.91 -52.90
C VAL WA 253 -99.28 10.37 -52.90
N LEU WA 254 -99.09 11.05 -54.04
CA LEU WA 254 -99.30 12.49 -54.14
C LEU WA 254 -100.15 12.85 -55.36
N LEU WA 255 -100.88 13.96 -55.23
CA LEU WA 255 -101.61 14.69 -56.26
C LEU WA 255 -100.88 15.96 -56.62
N PRO WA 256 -101.16 16.55 -57.79
CA PRO WA 256 -100.43 17.77 -58.18
C PRO WA 256 -100.62 18.90 -57.18
N GLY WA 257 -99.54 19.63 -56.93
CA GLY WA 257 -99.55 20.74 -55.99
C GLY WA 257 -99.27 20.39 -54.54
N CYS WA 258 -99.08 19.11 -54.21
CA CYS WA 258 -98.89 18.67 -52.83
C CYS WA 258 -97.45 18.22 -52.60
N GLY WA 259 -97.16 17.90 -51.35
CA GLY WA 259 -95.83 17.42 -50.97
C GLY WA 259 -95.72 17.22 -49.48
N VAL WA 260 -94.62 16.58 -49.07
CA VAL WA 260 -94.31 16.34 -47.67
C VAL WA 260 -92.88 16.80 -47.39
N ASP WA 261 -92.63 17.18 -46.14
CA ASP WA 261 -91.33 17.71 -45.73
C ASP WA 261 -90.92 17.09 -44.41
N PHE WA 262 -89.76 16.42 -44.40
CA PHE WA 262 -89.27 15.71 -43.22
C PHE WA 262 -88.05 16.37 -42.60
N THR WA 263 -87.88 17.67 -42.78
CA THR WA 263 -86.68 18.35 -42.28
C THR WA 263 -86.58 18.27 -40.76
N GLU WA 264 -87.71 18.38 -40.06
CA GLU WA 264 -87.71 18.39 -38.61
C GLU WA 264 -88.48 17.20 -38.06
N SER WA 265 -88.21 16.01 -38.59
CA SER WA 265 -88.97 14.82 -38.23
C SER WA 265 -88.08 13.59 -38.39
N ARG WA 266 -88.33 12.59 -37.56
CA ARG WA 266 -87.63 11.32 -37.65
C ARG WA 266 -88.50 10.19 -38.20
N LEU WA 267 -89.69 10.53 -38.71
CA LEU WA 267 -90.59 9.52 -39.23
C LEU WA 267 -90.20 9.00 -40.60
N SER WA 268 -89.25 9.63 -41.29
CA SER WA 268 -88.75 9.08 -42.53
C SER WA 268 -87.94 7.79 -42.32
N ASN WA 269 -87.34 7.61 -41.14
CA ASN WA 269 -86.65 6.36 -40.83
C ASN WA 269 -87.63 5.21 -40.69
N LEU WA 270 -88.80 5.47 -40.09
CA LEU WA 270 -89.82 4.43 -39.97
C LEU WA 270 -90.41 4.05 -41.32
N LEU WA 271 -90.43 4.99 -42.28
CA LEU WA 271 -90.93 4.69 -43.62
C LEU WA 271 -89.91 3.97 -44.49
N GLY WA 272 -88.64 3.95 -44.11
CA GLY WA 272 -87.63 3.33 -44.95
C GLY WA 272 -87.27 4.13 -46.18
N ILE WA 273 -87.31 5.46 -46.11
CA ILE WA 273 -86.90 6.33 -47.21
C ILE WA 273 -85.85 7.29 -46.67
N ARG WA 274 -84.66 7.27 -47.27
CA ARG WA 274 -83.52 8.05 -46.80
C ARG WA 274 -82.81 8.73 -47.96
N LYS WA 275 -81.99 9.71 -47.64
CA LYS WA 275 -81.22 10.46 -48.63
C LYS WA 275 -79.84 9.85 -48.85
N ARG WA 276 -79.40 9.86 -50.11
CA ARG WA 276 -78.06 9.36 -50.43
C ARG WA 276 -76.96 10.31 -49.96
N HIS WA 277 -77.29 11.57 -49.65
CA HIS WA 277 -76.36 12.53 -49.08
C HIS WA 277 -76.95 12.97 -47.75
N PRO WA 278 -76.77 12.17 -46.69
CA PRO WA 278 -77.52 12.40 -45.45
C PRO WA 278 -77.04 13.59 -44.65
N PHE WA 279 -75.90 14.21 -44.98
CA PHE WA 279 -75.42 15.36 -44.25
C PHE WA 279 -75.85 16.69 -44.86
N GLN WA 280 -76.61 16.67 -45.95
CA GLN WA 280 -77.15 17.90 -46.54
C GLN WA 280 -78.51 18.20 -45.94
N GLU WA 281 -78.66 19.42 -45.38
CA GLU WA 281 -79.88 19.77 -44.67
C GLU WA 281 -81.07 19.87 -45.63
N GLY WA 282 -82.24 19.47 -45.14
CA GLY WA 282 -83.47 19.58 -45.91
C GLY WA 282 -83.90 18.30 -46.59
N PHE WA 283 -85.16 17.91 -46.41
CA PHE WA 283 -85.70 16.68 -47.00
C PHE WA 283 -87.16 16.95 -47.40
N LYS WA 284 -87.36 17.31 -48.66
CA LYS WA 284 -88.70 17.59 -49.18
C LYS WA 284 -88.94 16.76 -50.44
N ILE WA 285 -90.15 16.22 -50.56
CA ILE WA 285 -90.56 15.43 -51.72
C ILE WA 285 -91.85 16.02 -52.25
N MET WA 286 -91.82 16.57 -53.46
CA MET WA 286 -92.97 17.22 -54.08
C MET WA 286 -93.46 16.42 -55.28
N TYR WA 287 -94.62 16.81 -55.79
CA TYR WA 287 -95.23 16.09 -56.91
C TYR WA 287 -94.35 16.14 -58.15
N GLU WA 288 -93.60 17.22 -58.35
CA GLU WA 288 -92.74 17.34 -59.51
C GLU WA 288 -91.50 16.45 -59.44
N ASP WA 289 -91.15 15.95 -58.27
CA ASP WA 289 -89.98 15.08 -58.14
C ASP WA 289 -90.28 13.61 -58.40
N LEU WA 290 -91.55 13.23 -58.53
CA LEU WA 290 -91.96 11.85 -58.71
C LEU WA 290 -92.26 11.51 -60.17
N GLU WA 291 -91.52 12.09 -61.11
CA GLU WA 291 -91.77 11.86 -62.52
C GLU WA 291 -91.60 10.39 -62.88
N GLY WA 292 -92.50 9.88 -63.72
CA GLY WA 292 -92.50 8.50 -64.12
C GLY WA 292 -93.23 7.56 -63.19
N GLY WA 293 -93.82 8.07 -62.11
CA GLY WA 293 -94.46 7.22 -61.13
C GLY WA 293 -95.97 7.28 -61.11
N ASN WA 294 -96.58 7.67 -62.22
CA ASN WA 294 -98.04 7.75 -62.28
C ASN WA 294 -98.66 6.36 -62.13
N ILE WA 295 -99.74 6.29 -61.36
CA ILE WA 295 -100.42 5.03 -61.08
C ILE WA 295 -101.33 4.68 -62.25
N PRO WA 296 -101.16 3.52 -62.88
CA PRO WA 296 -102.00 3.17 -64.02
C PRO WA 296 -103.47 3.05 -63.62
N ALA WA 297 -104.34 3.48 -64.53
CA ALA WA 297 -105.77 3.49 -64.28
C ALA WA 297 -106.36 2.08 -64.36
N LEU WA 298 -107.48 1.90 -63.66
CA LEU WA 298 -108.29 0.69 -63.71
C LEU WA 298 -107.49 -0.59 -63.72
N ILE WA 364 -112.88 -2.36 -73.26
CA ILE WA 364 -111.52 -1.88 -73.07
C ILE WA 364 -111.50 -0.39 -72.81
N GLN WA 365 -111.99 0.02 -71.64
CA GLN WA 365 -111.96 1.42 -71.24
C GLN WA 365 -111.69 1.51 -69.76
N PRO WA 366 -110.97 2.54 -69.30
CA PRO WA 366 -110.69 2.68 -67.87
C PRO WA 366 -111.95 3.05 -67.08
N LEU WA 367 -112.01 2.57 -65.85
CA LEU WA 367 -113.06 3.01 -64.93
C LEU WA 367 -112.78 4.44 -64.50
N GLU WA 368 -113.80 5.29 -64.55
CA GLU WA 368 -113.62 6.71 -64.30
C GLU WA 368 -114.16 7.16 -62.94
N LYS WA 369 -114.88 6.31 -62.22
CA LYS WA 369 -115.46 6.71 -60.95
C LYS WA 369 -115.64 5.48 -60.07
N ASP WA 370 -115.84 5.72 -58.78
CA ASP WA 370 -115.96 4.66 -57.79
C ASP WA 370 -117.42 4.28 -57.60
N SER WA 371 -117.69 3.39 -56.63
CA SER WA 371 -119.05 2.91 -56.42
C SER WA 371 -119.98 4.03 -55.96
N LYS WA 372 -119.51 4.90 -55.07
CA LYS WA 372 -120.30 6.00 -54.55
C LYS WA 372 -120.08 7.30 -55.30
N SER WA 373 -119.74 7.22 -56.58
CA SER WA 373 -119.52 8.38 -57.44
C SER WA 373 -118.43 9.29 -56.89
N ARG WA 374 -117.22 8.72 -56.84
CA ARG WA 374 -116.01 9.48 -56.54
C ARG WA 374 -115.06 9.40 -57.72
N SER WA 375 -114.55 10.54 -58.14
CA SER WA 375 -113.66 10.58 -59.30
C SER WA 375 -112.33 9.89 -58.98
N TYR WA 376 -111.87 9.05 -59.91
CA TYR WA 376 -110.53 8.48 -59.84
C TYR WA 376 -109.47 9.39 -60.44
N ASN WA 377 -109.85 10.57 -60.94
CA ASN WA 377 -108.90 11.54 -61.51
C ASN WA 377 -108.18 10.98 -62.74
N VAL WA 378 -108.91 10.27 -63.59
CA VAL WA 378 -108.31 9.76 -64.81
C VAL WA 378 -108.00 10.92 -65.76
N LEU WA 379 -106.92 10.78 -66.52
CA LEU WA 379 -106.41 11.83 -67.38
C LEU WA 379 -106.70 11.51 -68.84
N GLU WA 380 -106.18 12.35 -69.73
CA GLU WA 380 -106.26 12.07 -71.16
C GLU WA 380 -105.39 10.86 -71.50
N ASP WA 381 -105.67 10.26 -72.66
CA ASP WA 381 -105.06 9.03 -73.16
C ASP WA 381 -105.61 7.81 -72.42
N LYS WA 382 -106.39 8.04 -71.36
CA LYS WA 382 -107.22 7.00 -70.73
C LYS WA 382 -106.40 5.77 -70.33
N ILE WA 383 -105.17 5.99 -69.88
CA ILE WA 383 -104.34 4.91 -69.35
C ILE WA 383 -103.83 5.21 -67.95
N ASN WA 384 -103.34 6.42 -67.71
CA ASN WA 384 -102.73 6.76 -66.43
C ASN WA 384 -103.62 7.72 -65.65
N THR WA 385 -103.36 7.78 -64.35
CA THR WA 385 -104.08 8.59 -63.39
C THR WA 385 -103.16 9.68 -62.85
N ALA WA 386 -103.76 10.76 -62.35
CA ALA WA 386 -102.99 11.89 -61.83
C ALA WA 386 -102.18 11.53 -60.58
N TYR WA 387 -102.54 10.46 -59.87
CA TYR WA 387 -101.79 10.07 -58.67
C TYR WA 387 -100.39 9.60 -59.04
N ARG WA 388 -99.40 10.01 -58.24
CA ARG WA 388 -98.03 9.54 -58.36
C ARG WA 388 -97.58 8.94 -57.04
N SER WA 389 -96.65 7.98 -57.10
CA SER WA 389 -96.15 7.32 -55.91
C SER WA 389 -94.64 7.20 -55.95
N TRP WA 390 -94.02 7.30 -54.77
CA TRP WA 390 -92.57 7.22 -54.66
C TRP WA 390 -92.05 5.86 -55.08
N TYR WA 391 -92.74 4.78 -54.70
CA TYR WA 391 -92.24 3.44 -54.99
C TYR WA 391 -92.23 3.15 -56.49
N LEU WA 392 -93.29 3.56 -57.20
CA LEU WA 392 -93.32 3.35 -58.65
C LEU WA 392 -92.22 4.14 -59.34
N SER WA 393 -91.98 5.37 -58.91
CA SER WA 393 -90.93 6.18 -59.53
C SER WA 393 -89.55 5.62 -59.22
N TYR WA 394 -89.35 5.10 -58.00
CA TYR WA 394 -88.04 4.54 -57.63
C TYR WA 394 -87.73 3.29 -58.44
N ASN WA 395 -88.71 2.43 -58.68
CA ASN WA 395 -88.46 1.13 -59.30
C ASN WA 395 -88.66 1.12 -60.81
N TYR WA 396 -89.56 1.96 -61.35
CA TYR WA 396 -89.87 1.91 -62.77
C TYR WA 396 -89.53 3.19 -63.54
N GLY WA 397 -89.21 4.28 -62.85
CA GLY WA 397 -88.89 5.53 -63.50
C GLY WA 397 -87.49 5.54 -64.08
N ASN WA 398 -87.06 6.73 -64.48
CA ASN WA 398 -85.73 6.90 -65.08
C ASN WA 398 -84.65 6.77 -64.01
N PRO WA 399 -83.69 5.85 -64.17
CA PRO WA 399 -82.69 5.65 -63.11
C PRO WA 399 -81.82 6.88 -62.84
N GLU WA 400 -81.59 7.72 -63.84
CA GLU WA 400 -80.62 8.81 -63.69
C GLU WA 400 -81.28 10.18 -63.59
N LYS WA 401 -82.61 10.26 -63.57
CA LYS WA 401 -83.30 11.53 -63.44
C LYS WA 401 -84.44 11.52 -62.43
N GLY WA 402 -85.01 10.36 -62.09
CA GLY WA 402 -86.11 10.29 -61.17
C GLY WA 402 -85.66 10.37 -59.71
N ILE WA 403 -86.58 9.98 -58.83
CA ILE WA 403 -86.33 10.05 -57.39
C ILE WA 403 -85.23 9.08 -56.96
N ARG WA 404 -84.91 8.08 -57.78
CA ARG WA 404 -83.89 7.09 -57.45
C ARG WA 404 -82.48 7.67 -57.46
N SER WA 405 -82.27 8.83 -58.08
CA SER WA 405 -80.93 9.38 -58.18
C SER WA 405 -80.46 10.03 -56.88
N TRP WA 406 -81.36 10.41 -55.98
CA TRP WA 406 -80.95 11.03 -54.73
C TRP WA 406 -81.68 10.51 -53.49
N THR WA 407 -82.48 9.45 -53.61
CA THR WA 407 -83.04 8.79 -52.43
C THR WA 407 -82.70 7.30 -52.47
N LEU WA 408 -82.87 6.65 -51.32
CA LEU WA 408 -82.48 5.27 -51.13
C LEU WA 408 -83.57 4.52 -50.38
N LEU WA 409 -83.82 3.28 -50.78
CA LEU WA 409 -84.84 2.43 -50.17
C LEU WA 409 -84.18 1.53 -49.13
N THR WA 410 -84.71 1.54 -47.91
CA THR WA 410 -84.15 0.79 -46.79
C THR WA 410 -85.25 0.05 -46.04
N THR WA 411 -84.86 -0.87 -45.16
CA THR WA 411 -85.83 -1.56 -44.31
C THR WA 411 -86.40 -0.61 -43.26
N SER WA 412 -87.68 -0.79 -42.96
CA SER WA 412 -88.34 0.05 -41.96
C SER WA 412 -87.74 -0.16 -40.58
N ASP WA 413 -87.51 0.96 -39.88
CA ASP WA 413 -86.92 0.92 -38.54
C ASP WA 413 -87.93 1.51 -37.55
N VAL WA 414 -88.56 0.63 -36.76
CA VAL WA 414 -89.67 1.05 -35.89
C VAL WA 414 -89.20 1.95 -34.75
N THR WA 415 -87.95 1.79 -34.29
CA THR WA 415 -87.47 2.67 -33.22
C THR WA 415 -87.24 4.09 -33.68
N CYS WA 416 -87.30 4.35 -34.99
CA CYS WA 416 -87.05 5.64 -35.63
C CYS WA 416 -85.59 6.06 -35.56
N GLY WA 417 -84.69 5.13 -35.27
CA GLY WA 417 -83.26 5.40 -35.31
C GLY WA 417 -82.70 5.80 -33.94
N VAL WA 418 -82.01 4.89 -33.31
CA VAL WA 418 -81.45 5.15 -31.99
C VAL WA 418 -80.04 5.72 -32.16
N GLU WA 419 -79.65 6.59 -31.25
CA GLU WA 419 -78.32 7.15 -31.23
C GLU WA 419 -77.65 6.81 -29.90
N GLN WA 420 -76.48 7.40 -29.67
CA GLN WA 420 -75.65 7.04 -28.54
C GLN WA 420 -76.00 7.86 -27.29
N VAL WA 421 -75.48 7.41 -26.14
CA VAL WA 421 -75.58 8.12 -24.87
C VAL WA 421 -74.19 8.24 -24.26
N TYR WA 422 -74.00 9.26 -23.43
CA TYR WA 422 -72.71 9.56 -22.81
C TYR WA 422 -72.83 9.59 -21.28
N TRP WA 423 -71.83 9.04 -20.60
CA TRP WA 423 -71.72 9.06 -19.15
C TRP WA 423 -70.72 10.11 -18.68
N SER WA 424 -71.04 10.79 -17.57
CA SER WA 424 -70.13 11.74 -16.94
C SER WA 424 -70.04 11.49 -15.43
N LEU WA 425 -68.82 11.53 -14.91
CA LEU WA 425 -68.56 11.46 -13.46
C LEU WA 425 -67.54 12.52 -13.07
N PRO WA 426 -67.93 13.79 -13.06
CA PRO WA 426 -66.93 14.86 -12.98
C PRO WA 426 -66.19 14.94 -11.65
N ASP WA 427 -66.72 14.41 -10.55
CA ASP WA 427 -66.03 14.46 -9.26
C ASP WA 427 -65.18 13.23 -8.97
N MET WA 428 -65.13 12.26 -9.87
CA MET WA 428 -64.38 11.03 -9.61
C MET WA 428 -63.23 10.81 -10.59
N MET WA 429 -63.49 10.95 -11.89
CA MET WA 429 -62.49 10.70 -12.91
C MET WA 429 -61.81 11.99 -13.37
N GLN WA 430 -60.58 11.86 -13.84
CA GLN WA 430 -59.90 12.97 -14.51
C GLN WA 430 -60.51 13.21 -15.89
N ASP WA 431 -60.45 14.45 -16.35
CA ASP WA 431 -60.99 14.79 -17.66
C ASP WA 431 -60.15 14.15 -18.76
N PRO WA 432 -60.76 13.47 -19.72
CA PRO WA 432 -60.00 12.97 -20.87
C PRO WA 432 -59.47 14.09 -21.75
N VAL WA 433 -58.51 13.73 -22.61
CA VAL WA 433 -57.70 14.72 -23.33
C VAL WA 433 -58.56 15.61 -24.22
N THR WA 434 -58.27 16.91 -24.19
CA THR WA 434 -58.86 18.05 -24.88
C THR WA 434 -60.20 18.53 -24.29
N PHE WA 435 -60.77 17.85 -23.30
CA PHE WA 435 -61.98 18.37 -22.63
C PHE WA 435 -61.61 19.44 -21.62
N ARG WA 436 -62.42 20.50 -21.55
CA ARG WA 436 -62.24 21.56 -20.55
C ARG WA 436 -63.01 21.25 -19.27
N SER WA 437 -62.44 21.66 -18.14
CA SER WA 437 -63.13 21.57 -16.86
C SER WA 437 -64.19 22.66 -16.76
N THR WA 438 -65.38 22.30 -16.29
CA THR WA 438 -66.49 23.23 -16.26
C THR WA 438 -67.56 22.74 -15.28
N ARG WA 439 -68.51 23.63 -15.00
CA ARG WA 439 -69.68 23.28 -14.20
C ARG WA 439 -70.99 23.43 -14.97
N GLN WA 440 -70.93 23.53 -16.29
CA GLN WA 440 -72.14 23.56 -17.11
C GLN WA 440 -72.52 22.14 -17.50
N VAL WA 441 -73.79 21.78 -17.27
CA VAL WA 441 -74.22 20.39 -17.41
C VAL WA 441 -74.10 19.93 -18.87
N SER WA 442 -74.49 20.77 -19.80
CA SER WA 442 -74.38 20.38 -21.21
C SER WA 442 -72.94 20.35 -21.72
N ASN WA 443 -71.91 20.51 -20.90
CA ASN WA 443 -70.54 20.45 -21.40
C ASN WA 443 -69.62 19.66 -20.46
N TYR WA 444 -70.17 18.74 -19.66
CA TYR WA 444 -69.33 17.90 -18.82
C TYR WA 444 -68.42 17.02 -19.68
N PRO WA 445 -67.21 16.73 -19.21
CA PRO WA 445 -66.36 15.76 -19.92
C PRO WA 445 -66.98 14.36 -19.92
N VAL WA 446 -66.72 13.62 -21.00
CA VAL WA 446 -67.38 12.34 -21.26
C VAL WA 446 -66.46 11.19 -20.90
N VAL WA 447 -66.95 10.25 -20.09
CA VAL WA 447 -66.16 9.15 -19.60
C VAL WA 447 -66.51 7.80 -20.24
N GLY WA 448 -67.62 7.71 -20.97
CA GLY WA 448 -67.96 6.48 -21.67
C GLY WA 448 -69.14 6.71 -22.59
N ALA WA 449 -69.32 5.78 -23.54
CA ALA WA 449 -70.37 5.88 -24.54
C ALA WA 449 -70.92 4.50 -24.88
N GLU WA 450 -72.19 4.46 -25.28
CA GLU WA 450 -72.86 3.23 -25.69
C GLU WA 450 -74.15 3.63 -26.40
N LEU WA 451 -74.87 2.64 -26.93
CA LEU WA 451 -76.16 2.90 -27.57
C LEU WA 451 -77.26 3.04 -26.53
N MET WA 452 -78.18 3.95 -26.78
CA MET WA 452 -79.41 4.00 -26.01
C MET WA 452 -80.13 2.66 -26.17
N PRO WA 453 -80.47 1.97 -25.08
CA PRO WA 453 -80.82 0.53 -25.16
C PRO WA 453 -82.26 0.25 -25.56
N VAL WA 454 -82.59 0.54 -26.81
CA VAL WA 454 -83.91 0.30 -27.38
C VAL WA 454 -83.73 -0.46 -28.70
N PHE WA 455 -84.46 -1.56 -28.87
CA PHE WA 455 -84.25 -2.46 -29.99
C PHE WA 455 -85.56 -2.86 -30.64
N SER WA 456 -85.46 -3.29 -31.89
CA SER WA 456 -86.60 -3.77 -32.67
C SER WA 456 -86.72 -5.29 -32.55
N LYS WA 457 -87.96 -5.78 -32.51
CA LYS WA 457 -88.24 -7.22 -32.50
C LYS WA 457 -89.28 -7.57 -33.54
N SER WA 458 -89.12 -8.70 -34.21
CA SER WA 458 -89.97 -9.12 -35.31
C SER WA 458 -90.94 -10.23 -34.91
N PHE WA 459 -92.13 -10.19 -35.51
CA PHE WA 459 -93.14 -11.22 -35.32
C PHE WA 459 -93.74 -11.57 -36.68
N TYR WA 460 -94.34 -12.74 -36.77
CA TYR WA 460 -94.96 -13.23 -38.00
C TYR WA 460 -96.47 -13.26 -37.83
N ASN WA 461 -97.18 -12.67 -38.78
CA ASN WA 461 -98.65 -12.62 -38.74
C ASN WA 461 -99.28 -12.90 -40.11
N HIS WA 478 -115.42 2.09 -38.31
CA HIS WA 478 -113.99 2.05 -38.60
C HIS WA 478 -113.44 3.44 -38.92
N VAL WA 479 -112.83 4.08 -37.91
CA VAL WA 479 -112.22 5.39 -38.12
C VAL WA 479 -111.00 5.30 -39.03
N PHE WA 480 -110.37 4.13 -39.14
CA PHE WA 480 -109.20 3.95 -39.98
C PHE WA 480 -109.54 3.46 -41.38
N ASN WA 481 -110.82 3.42 -41.73
CA ASN WA 481 -111.25 3.08 -43.09
C ASN WA 481 -112.53 3.87 -43.38
N ARG WA 482 -112.36 5.08 -43.92
CA ARG WA 482 -113.46 5.99 -44.19
C ARG WA 482 -113.91 5.97 -45.64
N PHE WA 483 -113.15 5.35 -46.53
CA PHE WA 483 -113.50 5.23 -47.94
C PHE WA 483 -113.33 3.78 -48.36
N PRO WA 484 -114.18 2.88 -47.84
CA PRO WA 484 -114.01 1.46 -48.15
C PRO WA 484 -114.10 1.15 -49.63
N GLU WA 485 -114.90 1.89 -50.38
CA GLU WA 485 -115.10 1.57 -51.80
C GLU WA 485 -113.93 2.00 -52.67
N ASN WA 486 -113.26 3.09 -52.33
CA ASN WA 486 -112.28 3.71 -53.22
C ASN WA 486 -111.00 2.89 -53.24
N GLN WA 487 -110.59 2.45 -54.43
CA GLN WA 487 -109.40 1.61 -54.55
C GLN WA 487 -108.11 2.35 -54.20
N ILE WA 488 -108.10 3.67 -54.28
CA ILE WA 488 -106.91 4.44 -53.94
C ILE WA 488 -106.88 4.78 -52.45
N LEU WA 489 -108.04 5.06 -51.86
CA LEU WA 489 -108.14 5.49 -50.48
C LEU WA 489 -108.50 4.36 -49.53
N ILE WA 490 -108.46 3.11 -49.99
CA ILE WA 490 -108.70 1.99 -49.09
C ILE WA 490 -107.59 1.90 -48.05
N ARG WA 491 -107.91 1.30 -46.90
CA ARG WA 491 -106.93 1.12 -45.83
C ARG WA 491 -105.83 0.17 -46.29
N PRO WA 492 -104.55 0.53 -46.10
CA PRO WA 492 -103.48 -0.28 -46.66
C PRO WA 492 -103.46 -1.67 -46.02
N PRO WA 493 -103.07 -2.68 -46.79
CA PRO WA 493 -102.87 -4.01 -46.20
C PRO WA 493 -101.71 -4.04 -45.23
N ALA WA 494 -101.82 -4.92 -44.23
CA ALA WA 494 -100.80 -5.07 -43.18
C ALA WA 494 -99.70 -6.03 -43.64
N PRO WA 495 -98.45 -5.73 -43.30
CA PRO WA 495 -97.37 -6.65 -43.68
C PRO WA 495 -97.46 -7.97 -42.95
N THR WA 496 -96.91 -9.01 -43.57
CA THR WA 496 -96.79 -10.29 -42.92
C THR WA 496 -95.69 -10.32 -41.86
N ILE WA 497 -94.83 -9.29 -41.80
CA ILE WA 497 -93.81 -9.15 -40.77
C ILE WA 497 -94.09 -7.86 -40.01
N THR WA 498 -94.32 -7.97 -38.70
CA THR WA 498 -94.57 -6.83 -37.83
C THR WA 498 -93.40 -6.62 -36.87
N THR WA 499 -93.01 -5.36 -36.68
CA THR WA 499 -91.91 -5.01 -35.79
C THR WA 499 -92.37 -4.04 -34.72
N VAL WA 500 -91.90 -4.25 -33.48
CA VAL WA 500 -92.20 -3.40 -32.34
C VAL WA 500 -90.89 -3.14 -31.59
N SER WA 501 -90.86 -2.02 -30.86
CA SER WA 501 -89.65 -1.61 -30.15
C SER WA 501 -89.71 -2.00 -28.68
N GLU WA 502 -88.55 -2.37 -28.13
CA GLU WA 502 -88.44 -2.89 -26.77
C GLU WA 502 -87.29 -2.21 -26.02
N ASN WA 503 -87.43 -2.14 -24.70
CA ASN WA 503 -86.39 -1.66 -23.81
C ASN WA 503 -85.72 -2.87 -23.13
N VAL WA 504 -84.40 -2.97 -23.26
CA VAL WA 504 -83.64 -4.11 -22.74
C VAL WA 504 -82.56 -3.57 -21.81
N PRO WA 505 -82.45 -4.07 -20.58
CA PRO WA 505 -81.41 -3.56 -19.68
C PRO WA 505 -80.01 -3.80 -20.21
N ALA WA 506 -79.14 -2.81 -20.04
CA ALA WA 506 -77.81 -2.79 -20.64
C ALA WA 506 -76.74 -2.88 -19.55
N LEU WA 507 -75.83 -3.84 -19.71
CA LEU WA 507 -74.73 -4.08 -18.77
C LEU WA 507 -73.43 -3.89 -19.54
N THR WA 508 -72.63 -2.90 -19.13
CA THR WA 508 -71.52 -2.44 -19.95
C THR WA 508 -70.24 -2.33 -19.13
N ASP WA 509 -69.13 -2.80 -19.72
CA ASP WA 509 -67.80 -2.62 -19.17
C ASP WA 509 -67.09 -1.53 -19.98
N HIS WA 510 -66.72 -0.44 -19.33
CA HIS WA 510 -66.11 0.71 -19.99
C HIS WA 510 -64.59 0.74 -19.89
N GLY WA 511 -63.96 -0.26 -19.29
CA GLY WA 511 -62.51 -0.26 -19.15
C GLY WA 511 -62.02 0.60 -17.98
N THR WA 512 -60.71 0.85 -17.99
CA THR WA 512 -60.03 1.54 -16.90
C THR WA 512 -59.73 3.00 -17.28
N LEU WA 513 -60.04 3.92 -16.37
CA LEU WA 513 -59.79 5.34 -16.54
C LEU WA 513 -59.03 5.93 -15.36
N PRO WA 514 -58.20 6.95 -15.58
CA PRO WA 514 -57.45 7.55 -14.47
C PRO WA 514 -58.36 8.20 -13.44
N LEU WA 515 -57.99 8.03 -12.18
CA LEU WA 515 -58.80 8.38 -11.02
C LEU WA 515 -58.15 9.53 -10.25
N ARG WA 516 -58.98 10.41 -9.68
CA ARG WA 516 -58.46 11.47 -8.83
C ARG WA 516 -57.95 10.91 -7.51
N SER WA 517 -56.90 11.55 -6.97
CA SER WA 517 -56.27 11.05 -5.74
C SER WA 517 -57.12 11.29 -4.50
N SER WA 518 -57.96 12.30 -4.50
CA SER WA 518 -58.83 12.60 -3.37
C SER WA 518 -60.27 12.66 -3.85
N ILE WA 519 -61.14 11.87 -3.23
CA ILE WA 519 -62.52 11.69 -3.65
C ILE WA 519 -63.42 12.22 -2.54
N ARG WA 520 -64.29 13.17 -2.87
CA ARG WA 520 -65.25 13.70 -1.92
C ARG WA 520 -66.40 12.73 -1.70
N GLY WA 521 -67.08 12.92 -0.56
CA GLY WA 521 -68.13 12.01 -0.14
C GLY WA 521 -69.42 12.09 -0.95
N VAL WA 522 -69.67 13.20 -1.62
CA VAL WA 522 -70.86 13.38 -2.45
C VAL WA 522 -70.43 13.49 -3.91
N GLN WA 523 -71.08 12.72 -4.79
CA GLN WA 523 -70.68 12.59 -6.18
C GLN WA 523 -71.86 12.86 -7.10
N ARG WA 524 -71.56 13.42 -8.27
CA ARG WA 524 -72.55 13.71 -9.30
C ARG WA 524 -72.50 12.66 -10.41
N VAL WA 525 -73.67 12.21 -10.86
CA VAL WA 525 -73.82 11.23 -11.94
C VAL WA 525 -74.73 11.81 -13.01
N THR WA 526 -74.29 11.77 -14.27
CA THR WA 526 -75.04 12.39 -15.36
C THR WA 526 -75.04 11.49 -16.60
N VAL WA 527 -76.18 11.44 -17.29
CA VAL WA 527 -76.36 10.73 -18.55
C VAL WA 527 -77.00 11.68 -19.55
N THR WA 528 -76.36 11.89 -20.72
CA THR WA 528 -76.87 12.79 -21.74
C THR WA 528 -76.84 12.15 -23.12
N ASP WA 529 -77.63 12.71 -24.04
CA ASP WA 529 -77.77 12.19 -25.39
C ASP WA 529 -76.77 12.88 -26.33
N ALA WA 530 -76.95 12.67 -27.65
CA ALA WA 530 -75.99 13.17 -28.62
C ALA WA 530 -75.98 14.69 -28.70
N ARG WA 531 -77.10 15.34 -28.45
CA ARG WA 531 -77.18 16.80 -28.41
C ARG WA 531 -76.88 17.36 -27.02
N ARG WA 532 -76.44 16.50 -26.10
CA ARG WA 532 -76.06 16.86 -24.72
C ARG WA 532 -77.26 17.38 -23.91
N ARG WA 533 -78.42 16.77 -24.11
CA ARG WA 533 -79.56 16.94 -23.21
C ARG WA 533 -79.68 15.72 -22.31
N THR WA 534 -80.18 15.92 -21.10
CA THR WA 534 -80.49 14.77 -20.26
C THR WA 534 -81.72 14.04 -20.81
N CYS WA 535 -81.81 12.75 -20.50
CA CYS WA 535 -82.87 11.91 -21.04
C CYS WA 535 -83.91 11.61 -19.97
N PRO WA 536 -85.15 12.09 -20.11
CA PRO WA 536 -86.18 11.82 -19.09
C PRO WA 536 -86.66 10.38 -19.03
N TYR WA 537 -86.23 9.49 -19.93
CA TYR WA 537 -86.72 8.12 -19.93
C TYR WA 537 -85.78 7.13 -19.24
N VAL WA 538 -84.70 7.60 -18.64
CA VAL WA 538 -83.88 6.75 -17.77
C VAL WA 538 -84.56 6.67 -16.41
N TYR WA 539 -84.76 5.45 -15.90
CA TYR WA 539 -85.28 5.31 -14.55
C TYR WA 539 -84.47 4.39 -13.65
N LYS WA 540 -83.31 3.92 -14.10
CA LYS WA 540 -82.40 3.15 -13.25
C LYS WA 540 -80.99 3.27 -13.82
N ALA WA 541 -80.06 3.71 -12.98
CA ALA WA 541 -78.66 3.86 -13.38
C ALA WA 541 -77.76 3.61 -12.17
N LEU WA 542 -76.82 2.67 -12.31
CA LEU WA 542 -75.88 2.33 -11.27
C LEU WA 542 -74.47 2.28 -11.82
N GLY WA 543 -73.49 2.59 -10.95
CA GLY WA 543 -72.10 2.46 -11.31
C GLY WA 543 -71.31 1.76 -10.22
N ILE WA 544 -70.32 0.99 -10.66
CA ILE WA 544 -69.41 0.27 -9.77
C ILE WA 544 -67.98 0.52 -10.26
N VAL WA 545 -67.11 0.98 -9.37
CA VAL WA 545 -65.73 1.33 -9.71
C VAL WA 545 -64.79 0.48 -8.87
N ALA WA 546 -63.74 -0.05 -9.51
CA ALA WA 546 -62.72 -0.85 -8.83
C ALA WA 546 -61.34 -0.23 -8.99
N PRO WA 547 -60.84 0.51 -7.99
CA PRO WA 547 -59.53 1.17 -8.14
C PRO WA 547 -58.37 0.18 -8.11
N ARG WA 548 -57.28 0.57 -8.76
CA ARG WA 548 -56.01 -0.15 -8.71
C ARG WA 548 -54.87 0.77 -9.14
N VAL WA 549 -53.64 0.36 -8.82
CA VAL WA 549 -52.45 1.16 -9.10
C VAL WA 549 -52.06 1.02 -10.57
N LEU WA 550 -51.78 2.16 -11.22
CA LEU WA 550 -51.33 2.18 -12.61
C LEU WA 550 -49.82 2.39 -12.74
N SER WA 551 -49.26 3.38 -12.07
CA SER WA 551 -47.82 3.63 -12.14
C SER WA 551 -47.35 4.35 -10.90
N SER WA 552 -46.04 4.48 -10.78
CA SER WA 552 -45.41 5.10 -9.62
C SER WA 552 -45.32 6.61 -9.79
N ARG WA 553 -45.32 7.32 -8.65
CA ARG WA 553 -45.13 8.76 -8.57
C ARG WA 553 -46.26 9.55 -9.21
N ARG XA 48 -25.37 24.93 30.38
CA ARG XA 48 -26.45 25.78 29.91
C ARG XA 48 -27.60 25.87 30.92
N ASN XA 49 -27.25 25.97 32.21
CA ASN XA 49 -28.28 25.97 33.24
C ASN XA 49 -28.00 26.99 34.35
N SER XA 50 -27.21 28.02 34.09
CA SER XA 50 -26.86 28.98 35.12
C SER XA 50 -27.90 30.09 35.23
N ILE XA 51 -27.94 30.73 36.41
CA ILE XA 51 -28.88 31.81 36.70
C ILE XA 51 -28.08 32.96 37.30
N ARG XA 52 -28.19 34.14 36.69
CA ARG XA 52 -27.31 35.27 37.00
C ARG XA 52 -28.07 36.52 37.36
N TYR XA 53 -27.52 37.31 38.28
CA TYR XA 53 -28.08 38.56 38.74
C TYR XA 53 -27.16 39.71 38.33
N SER XA 54 -27.75 40.75 37.73
CA SER XA 54 -26.96 41.75 37.02
C SER XA 54 -26.04 42.56 37.93
N GLU XA 55 -26.24 42.54 39.25
CA GLU XA 55 -25.36 43.29 40.14
C GLU XA 55 -24.15 42.50 40.62
N LEU XA 56 -23.97 41.26 40.19
CA LEU XA 56 -22.88 40.42 40.63
C LEU XA 56 -22.01 39.99 39.45
N SER XA 57 -20.70 39.91 39.68
CA SER XA 57 -19.74 39.53 38.64
C SER XA 57 -18.47 38.99 39.29
N PRO XA 58 -17.80 38.00 38.69
CA PRO XA 58 -16.59 37.44 39.30
C PRO XA 58 -15.34 38.25 38.97
N LEU XA 59 -14.30 38.03 39.77
CA LEU XA 59 -13.07 38.83 39.74
C LEU XA 59 -11.88 38.06 39.17
N TYR XA 60 -11.02 38.78 38.44
CA TYR XA 60 -9.85 38.19 37.80
C TYR XA 60 -8.65 39.14 37.84
N ASP XA 61 -7.47 38.52 37.85
CA ASP XA 61 -6.13 39.05 37.54
C ASP XA 61 -5.47 40.00 38.56
N THR XA 62 -6.23 40.70 39.40
CA THR XA 62 -5.66 41.63 40.37
C THR XA 62 -6.80 42.29 41.14
N THR XA 63 -6.47 42.82 42.32
CA THR XA 63 -7.42 43.48 43.22
C THR XA 63 -6.62 44.24 44.27
N ARG XA 64 -7.30 44.71 45.31
CA ARG XA 64 -6.64 45.39 46.44
C ARG XA 64 -7.08 44.77 47.76
N LEU XA 65 -6.16 44.71 48.72
CA LEU XA 65 -6.45 44.35 50.11
C LEU XA 65 -5.98 45.49 51.01
N TYR XA 66 -6.81 45.90 51.96
CA TYR XA 66 -6.53 47.04 52.81
C TYR XA 66 -6.35 46.61 54.27
N LEU XA 67 -5.26 47.07 54.89
CA LEU XA 67 -4.92 46.75 56.27
C LEU XA 67 -4.94 48.06 57.07
N VAL XA 68 -6.04 48.30 57.77
CA VAL XA 68 -6.34 49.61 58.36
C VAL XA 68 -6.49 49.46 59.86
N ASP XA 69 -5.92 50.40 60.61
CA ASP XA 69 -5.78 50.28 62.06
C ASP XA 69 -6.89 50.94 62.87
N ASN XA 70 -7.89 51.55 62.24
CA ASN XA 70 -8.91 52.29 62.99
C ASN XA 70 -10.32 52.01 62.48
N LYS XA 71 -10.63 50.76 62.18
CA LYS XA 71 -12.01 50.40 61.88
C LYS XA 71 -12.84 50.40 63.16
N SER XA 72 -14.08 50.89 63.06
CA SER XA 72 -14.87 51.13 64.26
C SER XA 72 -15.18 49.84 65.02
N ALA XA 73 -15.58 48.79 64.31
CA ALA XA 73 -15.94 47.54 64.97
C ALA XA 73 -14.72 46.78 65.48
N ASP XA 74 -13.59 46.86 64.79
CA ASP XA 74 -12.39 46.17 65.24
C ASP XA 74 -11.83 46.78 66.51
N ILE XA 75 -12.05 48.07 66.73
CA ILE XA 75 -11.56 48.72 67.94
C ILE XA 75 -12.22 48.11 69.18
N ALA XA 76 -13.53 47.88 69.12
CA ALA XA 76 -14.27 47.45 70.30
C ALA XA 76 -13.99 45.99 70.64
N SER XA 77 -13.93 45.11 69.64
CA SER XA 77 -13.95 43.68 69.91
C SER XA 77 -12.63 42.95 69.67
N LEU XA 78 -11.61 43.61 69.14
CA LEU XA 78 -10.36 42.91 68.88
C LEU XA 78 -9.16 43.44 69.63
N ASN XA 79 -9.03 44.75 69.79
CA ASN XA 79 -7.76 45.38 70.12
C ASN XA 79 -7.78 46.09 71.46
N TYR XA 80 -8.44 45.48 72.45
CA TYR XA 80 -8.61 46.14 73.75
C TYR XA 80 -7.28 46.34 74.47
N GLN XA 81 -6.35 45.39 74.34
CA GLN XA 81 -5.07 45.45 75.02
C GLN XA 81 -3.89 45.76 74.09
N ASN XA 82 -4.14 46.23 72.88
CA ASN XA 82 -3.10 46.42 71.87
C ASN XA 82 -2.79 47.90 71.68
N ASP XA 83 -1.80 48.18 70.83
CA ASP XA 83 -1.49 49.54 70.39
C ASP XA 83 -1.16 49.52 68.91
N HIS XA 84 -0.86 50.69 68.35
CA HIS XA 84 -0.70 50.82 66.91
C HIS XA 84 0.55 50.14 66.36
N SER XA 85 1.47 49.72 67.23
CA SER XA 85 2.63 48.97 66.80
C SER XA 85 2.36 47.47 66.67
N ASN XA 86 1.27 46.96 67.24
CA ASN XA 86 0.98 45.52 67.21
C ASN XA 86 -0.53 45.32 67.42
N PHE XA 87 -1.27 45.09 66.34
CA PHE XA 87 -2.72 45.07 66.42
C PHE XA 87 -3.29 44.05 65.43
N LEU XA 88 -4.60 43.83 65.54
CA LEU XA 88 -5.35 42.95 64.65
C LEU XA 88 -6.35 43.76 63.82
N THR XA 89 -6.60 43.31 62.60
CA THR XA 89 -7.55 43.98 61.73
C THR XA 89 -8.21 42.96 60.80
N THR XA 90 -9.35 43.35 60.24
CA THR XA 90 -10.10 42.49 59.33
C THR XA 90 -9.92 42.97 57.89
N VAL XA 91 -9.60 42.04 57.00
CA VAL XA 91 -9.50 42.36 55.58
C VAL XA 91 -10.82 42.17 54.84
N VAL XA 92 -11.85 41.64 55.51
CA VAL XA 92 -13.18 41.54 54.93
C VAL XA 92 -13.89 42.88 55.12
N GLN XA 93 -14.31 43.50 54.02
CA GLN XA 93 -14.92 44.83 54.03
C GLN XA 93 -16.44 44.78 53.84
N ASN XA 94 -17.12 43.80 54.43
CA ASN XA 94 -18.55 43.56 54.23
C ASN XA 94 -19.23 43.65 55.59
N ASN XA 95 -20.05 44.68 55.79
CA ASN XA 95 -20.63 44.95 57.10
C ASN XA 95 -21.86 44.09 57.41
N ASP XA 96 -22.17 43.08 56.60
CA ASP XA 96 -23.17 42.09 56.99
C ASP XA 96 -22.69 41.17 58.10
N PHE XA 97 -21.41 41.23 58.46
CA PHE XA 97 -20.80 40.34 59.45
C PHE XA 97 -20.01 41.15 60.46
N THR XA 98 -19.96 40.63 61.69
CA THR XA 98 -19.08 41.16 62.72
C THR XA 98 -17.65 40.65 62.51
N PRO XA 99 -16.66 41.33 63.10
CA PRO XA 99 -15.28 40.84 62.96
C PRO XA 99 -15.07 39.42 63.47
N THR XA 100 -15.77 39.03 64.53
CA THR XA 100 -15.67 37.67 65.03
C THR XA 100 -16.14 36.66 63.99
N GLU XA 101 -17.29 36.94 63.35
CA GLU XA 101 -17.76 36.09 62.28
C GLU XA 101 -16.81 36.10 61.09
N ALA XA 102 -16.24 37.27 60.78
CA ALA XA 102 -15.35 37.39 59.63
C ALA XA 102 -14.07 36.56 59.81
N SER XA 103 -13.68 36.29 61.07
CA SER XA 103 -12.41 35.62 61.31
C SER XA 103 -12.36 34.22 60.72
N THR XA 104 -13.52 33.58 60.55
CA THR XA 104 -13.57 32.24 59.98
C THR XA 104 -13.68 32.22 58.46
N GLN XA 105 -13.91 33.36 57.82
CA GLN XA 105 -14.03 33.40 56.37
C GLN XA 105 -12.65 33.47 55.72
N THR XA 106 -12.60 33.18 54.41
CA THR XA 106 -11.34 33.17 53.68
C THR XA 106 -11.49 33.85 52.33
N ILE XA 107 -10.35 34.28 51.79
CA ILE XA 107 -10.20 34.75 50.41
C ILE XA 107 -9.23 33.81 49.72
N ASN XA 108 -9.61 33.30 48.55
CA ASN XA 108 -8.87 32.23 47.89
C ASN XA 108 -8.38 32.66 46.52
N PHE XA 109 -7.07 32.57 46.31
CA PHE XA 109 -6.43 32.83 45.03
C PHE XA 109 -6.17 31.50 44.33
N ASP XA 110 -6.45 31.45 43.02
CA ASP XA 110 -6.51 30.17 42.31
C ASP XA 110 -5.26 29.33 42.52
N GLU XA 111 -5.46 28.09 42.97
CA GLU XA 111 -4.36 27.22 43.39
C GLU XA 111 -3.52 26.70 42.23
N ARG XA 112 -3.95 26.91 40.99
CA ARG XA 112 -3.14 26.53 39.84
C ARG XA 112 -2.09 27.57 39.47
N SER XA 113 -1.96 28.65 40.24
CA SER XA 113 -0.93 29.64 40.05
C SER XA 113 -0.25 29.93 41.38
N ARG XA 114 0.97 30.45 41.31
CA ARG XA 114 1.65 31.03 42.46
C ARG XA 114 1.50 32.55 42.40
N TRP XA 115 1.15 33.16 43.52
CA TRP XA 115 0.78 34.56 43.58
C TRP XA 115 1.80 35.37 44.38
N GLY XA 116 1.95 36.64 44.00
CA GLY XA 116 2.75 37.57 44.76
C GLY XA 116 1.97 38.84 45.04
N GLY XA 117 2.46 39.60 46.01
CA GLY XA 117 1.81 40.82 46.41
C GLY XA 117 2.73 42.01 46.55
N GLN XA 118 2.43 43.09 45.84
CA GLN XA 118 3.18 44.32 45.96
C GLN XA 118 2.69 45.13 47.17
N LEU XA 119 3.60 45.52 48.05
CA LEU XA 119 3.26 46.10 49.34
C LEU XA 119 3.69 47.56 49.43
N LYS XA 120 2.77 48.43 49.83
CA LYS XA 120 3.03 49.83 50.12
C LYS XA 120 2.57 50.15 51.54
N THR XA 121 3.34 50.94 52.28
CA THR XA 121 3.01 51.26 53.66
C THR XA 121 3.05 52.77 53.89
N ILE XA 122 2.29 53.20 54.91
CA ILE XA 122 2.27 54.56 55.39
C ILE XA 122 2.44 54.54 56.90
N MET XA 123 3.39 55.32 57.42
CA MET XA 123 3.69 55.33 58.85
C MET XA 123 3.93 56.75 59.35
N HIS XA 124 3.48 57.04 60.57
CA HIS XA 124 3.72 58.32 61.21
C HIS XA 124 4.02 58.12 62.70
N THR XA 125 4.98 58.88 63.22
CA THR XA 125 5.47 58.73 64.59
C THR XA 125 5.42 60.06 65.33
N ASN XA 126 5.53 60.00 66.65
CA ASN XA 126 5.58 61.20 67.50
C ASN XA 126 6.62 61.06 68.62
N MET XA 127 7.82 60.59 68.26
CA MET XA 127 8.89 60.33 69.25
C MET XA 127 9.61 61.61 69.64
N PRO XA 128 9.77 61.89 70.94
CA PRO XA 128 10.67 62.96 71.38
C PRO XA 128 12.11 62.47 71.52
N ASN XA 129 13.05 63.41 71.39
CA ASN XA 129 14.45 63.01 71.28
C ASN XA 129 15.09 62.59 72.60
N VAL XA 130 14.59 63.05 73.74
CA VAL XA 130 15.11 62.65 75.04
C VAL XA 130 14.02 61.85 75.76
N ASN XA 131 14.23 60.54 75.88
CA ASN XA 131 13.24 59.67 76.48
C ASN XA 131 13.90 58.43 77.04
N GLU XA 132 13.17 57.73 77.92
CA GLU XA 132 13.71 56.57 78.62
C GLU XA 132 13.80 55.33 77.75
N TYR XA 133 12.83 55.14 76.85
CA TYR XA 133 12.74 53.90 76.10
C TYR XA 133 13.93 53.70 75.17
N MET XA 134 14.51 54.79 74.67
CA MET XA 134 15.61 54.73 73.72
C MET XA 134 16.98 54.99 74.36
N PHE XA 135 17.05 55.02 75.69
CA PHE XA 135 18.32 55.16 76.43
C PHE XA 135 19.01 56.48 76.16
N SER XA 136 18.25 57.54 75.86
CA SER XA 136 18.80 58.88 75.71
C SER XA 136 18.49 59.74 76.93
N ASN XA 137 18.26 59.10 78.07
CA ASN XA 137 17.77 59.75 79.28
C ASN XA 137 18.81 59.83 80.39
N LYS XA 138 19.93 59.13 80.28
CA LYS XA 138 20.80 58.92 81.43
C LYS XA 138 22.25 58.76 80.98
N PHE XA 139 23.16 59.01 81.93
CA PHE XA 139 24.59 58.77 81.76
C PHE XA 139 25.20 58.61 83.15
N LYS XA 140 26.45 58.16 83.19
CA LYS XA 140 27.17 57.94 84.44
C LYS XA 140 28.43 58.81 84.50
N ALA XA 141 28.79 59.22 85.71
CA ALA XA 141 29.96 60.07 85.92
C ALA XA 141 30.50 59.85 87.33
N ARG XA 142 31.77 60.23 87.52
CA ARG XA 142 32.45 60.11 88.80
C ARG XA 142 32.83 61.50 89.31
N VAL XA 143 32.31 61.85 90.48
CA VAL XA 143 32.51 63.17 91.07
C VAL XA 143 33.03 63.02 92.49
N MET XA 144 33.36 64.15 93.11
CA MET XA 144 33.93 64.18 94.46
C MET XA 144 32.82 64.30 95.51
N VAL XA 145 32.86 63.40 96.49
CA VAL XA 145 31.84 63.35 97.52
C VAL XA 145 32.30 63.97 98.84
N SER XA 146 33.59 63.92 99.15
CA SER XA 146 34.08 64.45 100.41
C SER XA 146 35.49 65.01 100.24
N ARG XA 147 35.71 66.21 100.76
CA ARG XA 147 37.05 66.70 101.03
C ARG XA 147 37.42 66.29 102.46
N LYS XA 148 38.50 66.83 102.99
CA LYS XA 148 38.90 66.50 104.36
C LYS XA 148 37.91 67.07 105.37
N ASP XA 171 44.89 67.10 102.94
CA ASP XA 171 43.50 66.84 102.61
C ASP XA 171 43.34 65.50 101.88
N ILE XA 172 42.34 64.72 102.27
CA ILE XA 172 42.02 63.45 101.63
C ILE XA 172 40.71 63.61 100.88
N LEU XA 173 40.70 63.18 99.62
CA LEU XA 173 39.58 63.39 98.71
C LEU XA 173 38.97 62.05 98.35
N LYS XA 174 37.63 61.98 98.37
CA LYS XA 174 36.90 60.76 98.06
C LYS XA 174 36.00 60.99 96.85
N TYR XA 175 35.93 59.99 95.96
CA TYR XA 175 35.15 60.06 94.74
C TYR XA 175 34.25 58.84 94.64
N GLU XA 176 33.17 58.96 93.87
CA GLU XA 176 32.22 57.88 93.70
C GLU XA 176 31.48 58.02 92.38
N TRP XA 177 31.00 56.90 91.87
CA TRP XA 177 30.21 56.86 90.64
C TRP XA 177 28.72 57.00 90.94
N PHE XA 178 28.01 57.69 90.04
CA PHE XA 178 26.57 57.85 90.13
C PHE XA 178 25.97 57.75 88.74
N GLU XA 179 24.66 57.54 88.69
CA GLU XA 179 23.90 57.61 87.45
C GLU XA 179 22.94 58.80 87.52
N PHE XA 180 22.94 59.60 86.45
CA PHE XA 180 22.19 60.86 86.41
C PHE XA 180 21.04 60.74 85.43
N ILE XA 181 19.90 61.35 85.77
CA ILE XA 181 18.67 61.22 84.99
C ILE XA 181 18.18 62.62 84.60
N LEU XA 182 17.80 62.78 83.32
CA LEU XA 182 17.21 63.96 82.73
C LEU XA 182 15.70 63.81 82.61
N PRO XA 183 14.93 64.89 82.63
CA PRO XA 183 13.50 64.79 82.34
C PRO XA 183 13.23 64.72 80.85
N GLU XA 184 12.10 64.10 80.49
CA GLU XA 184 11.80 63.78 79.10
C GLU XA 184 11.18 64.95 78.35
N GLY XA 185 11.42 64.98 77.06
CA GLY XA 185 10.94 66.06 76.21
C GLY XA 185 11.70 66.10 74.90
N ASN XA 186 11.34 67.07 74.07
CA ASN XA 186 11.94 67.27 72.76
C ASN XA 186 12.73 68.57 72.77
N PHE XA 187 14.05 68.47 72.87
CA PHE XA 187 14.91 69.62 73.13
C PHE XA 187 15.96 69.79 72.03
N SER XA 188 16.43 71.03 71.88
CA SER XA 188 17.57 71.27 71.01
C SER XA 188 18.86 70.82 71.69
N ALA XA 189 19.95 70.81 70.92
CA ALA XA 189 21.21 70.32 71.43
C ALA XA 189 21.77 71.20 72.55
N THR XA 190 21.66 72.52 72.41
CA THR XA 190 22.14 73.42 73.47
C THR XA 190 21.33 73.24 74.75
N MET XA 191 20.00 73.14 74.61
CA MET XA 191 19.15 72.95 75.79
C MET XA 191 19.43 71.62 76.47
N THR XA 192 19.79 70.59 75.69
CA THR XA 192 20.13 69.29 76.29
C THR XA 192 21.39 69.38 77.13
N ILE XA 193 22.39 70.12 76.65
CA ILE XA 193 23.65 70.28 77.39
C ILE XA 193 23.43 71.04 78.69
N ASP XA 194 22.51 72.01 78.69
CA ASP XA 194 22.18 72.70 79.94
C ASP XA 194 21.59 71.73 80.97
N LEU XA 195 20.76 70.79 80.52
CA LEU XA 195 20.15 69.86 81.45
C LEU XA 195 21.17 68.89 82.04
N MET XA 196 22.19 68.51 81.26
CA MET XA 196 23.23 67.63 81.78
C MET XA 196 24.07 68.33 82.85
N ASN XA 197 24.40 69.61 82.64
CA ASN XA 197 25.11 70.37 83.66
C ASN XA 197 24.26 70.51 84.91
N ASN XA 198 22.96 70.77 84.75
CA ASN XA 198 22.06 70.92 85.88
C ASN XA 198 21.97 69.64 86.71
N ALA XA 199 22.04 68.48 86.06
CA ALA XA 199 22.02 67.22 86.79
C ALA XA 199 23.26 67.05 87.67
N ILE XA 200 24.43 67.45 87.16
CA ILE XA 200 25.66 67.36 87.95
C ILE XA 200 25.56 68.23 89.19
N ILE XA 201 25.05 69.46 89.03
CA ILE XA 201 25.01 70.41 90.12
C ILE XA 201 24.03 69.97 91.21
N ASP XA 202 22.90 69.38 90.83
CA ASP XA 202 21.95 68.89 91.82
C ASP XA 202 22.53 67.79 92.68
N ASN XA 203 23.52 67.05 92.18
CA ASN XA 203 24.25 66.10 93.01
C ASN XA 203 25.19 66.80 93.98
N TYR XA 204 25.75 67.94 93.59
CA TYR XA 204 26.63 68.69 94.48
C TYR XA 204 25.86 69.42 95.57
N LEU XA 205 24.56 69.64 95.38
CA LEU XA 205 23.76 70.29 96.41
C LEU XA 205 23.14 69.32 97.40
N GLU XA 206 22.98 68.05 97.01
CA GLU XA 206 22.40 67.03 97.89
C GLU XA 206 23.45 66.28 98.67
N ILE XA 207 24.57 65.96 98.03
CA ILE XA 207 25.76 65.39 98.66
C ILE XA 207 26.83 66.43 98.41
N GLY XA 208 28.06 66.19 98.82
CA GLY XA 208 29.07 67.13 98.42
C GLY XA 208 29.10 68.35 99.31
N ARG XA 209 28.42 69.42 98.87
CA ARG XA 209 28.43 70.70 99.56
C ARG XA 209 28.34 70.59 101.08
N GLN XA 210 27.49 69.70 101.58
CA GLN XA 210 27.37 69.50 103.03
C GLN XA 210 28.49 68.65 103.61
N ASN XA 211 29.44 68.18 102.78
CA ASN XA 211 30.57 67.40 103.26
C ASN XA 211 31.90 68.05 102.92
N GLY XA 212 31.91 69.36 102.71
CA GLY XA 212 33.15 70.10 102.66
C GLY XA 212 33.75 70.37 101.30
N VAL XA 213 33.05 70.04 100.20
CA VAL XA 213 33.56 70.36 98.88
C VAL XA 213 33.14 71.78 98.52
N LEU XA 214 34.02 72.50 97.84
CA LEU XA 214 33.77 73.88 97.48
C LEU XA 214 33.24 73.95 96.05
N GLU XA 215 32.68 75.12 95.70
CA GLU XA 215 32.25 75.33 94.33
C GLU XA 215 33.45 75.76 93.50
N SER XA 216 34.56 75.05 93.64
CA SER XA 216 35.71 75.18 92.76
C SER XA 216 36.36 73.84 92.51
N ASP XA 217 35.75 72.74 92.96
CA ASP XA 217 36.24 71.39 92.73
C ASP XA 217 35.16 70.48 92.17
N ILE XA 218 34.19 71.04 91.44
CA ILE XA 218 33.07 70.26 90.91
C ILE XA 218 33.59 69.09 90.08
N GLY XA 219 34.30 69.38 89.00
CA GLY XA 219 35.08 68.36 88.32
C GLY XA 219 34.52 67.77 87.04
N VAL XA 220 33.26 68.05 86.69
CA VAL XA 220 32.68 67.60 85.43
C VAL XA 220 31.83 68.72 84.86
N LYS XA 221 32.15 69.17 83.65
CA LYS XA 221 31.37 70.19 82.98
C LYS XA 221 31.36 69.95 81.47
N PHE XA 222 30.22 70.24 80.83
CA PHE XA 222 30.07 70.15 79.38
C PHE XA 222 30.07 71.55 78.78
N ASP XA 223 30.99 71.80 77.85
CA ASP XA 223 31.20 73.14 77.31
C ASP XA 223 31.18 73.09 75.79
N THR XA 224 31.38 74.27 75.17
CA THR XA 224 31.46 74.39 73.72
C THR XA 224 32.63 75.24 73.23
N ARG XA 225 33.46 75.79 74.12
CA ARG XA 225 34.44 76.80 73.73
C ARG XA 225 35.76 76.17 73.33
N ASN XA 226 36.55 76.96 72.59
CA ASN XA 226 37.93 76.61 72.24
C ASN XA 226 38.84 77.38 73.19
N PHE XA 227 39.20 76.75 74.30
CA PHE XA 227 40.17 77.35 75.19
C PHE XA 227 41.52 77.43 74.48
N ARG XA 228 42.36 78.35 74.94
CA ARG XA 228 43.67 78.67 74.38
C ARG XA 228 43.60 79.34 73.00
N LEU XA 229 42.47 79.94 72.65
CA LEU XA 229 42.39 80.66 71.38
C LEU XA 229 43.34 81.87 71.35
N GLY XA 230 43.25 82.72 72.36
CA GLY XA 230 44.07 83.92 72.40
C GLY XA 230 45.43 83.72 73.05
N TRP XA 231 45.97 82.52 72.96
CA TRP XA 231 47.22 82.15 73.60
C TRP XA 231 48.40 82.86 72.95
N ASP XA 232 49.40 83.18 73.76
CA ASP XA 232 50.59 83.89 73.28
C ASP XA 232 51.81 83.00 73.41
N PRO XA 233 52.62 82.86 72.36
CA PRO XA 233 53.72 81.88 72.40
C PRO XA 233 54.86 82.28 73.33
N GLU XA 234 54.96 83.55 73.73
CA GLU XA 234 56.04 83.98 74.63
C GLU XA 234 55.62 83.92 76.09
N THR XA 235 54.54 84.62 76.45
CA THR XA 235 54.08 84.62 77.83
C THR XA 235 53.33 83.33 78.19
N LYS XA 236 52.85 82.59 77.21
CA LYS XA 236 52.13 81.32 77.43
C LYS XA 236 50.92 81.50 78.34
N LEU XA 237 50.21 82.61 78.15
CA LEU XA 237 48.98 82.86 78.89
C LEU XA 237 47.96 83.48 77.94
N ILE XA 238 46.68 83.42 78.34
CA ILE XA 238 45.61 83.99 77.53
C ILE XA 238 45.62 85.50 77.77
N MET XA 239 46.20 86.23 76.82
CA MET XA 239 46.43 87.67 77.02
C MET XA 239 45.17 88.48 77.28
N PRO XA 240 44.04 88.27 76.61
CA PRO XA 240 42.86 89.12 76.88
C PRO XA 240 42.35 89.03 78.31
N GLY XA 241 42.69 87.98 79.05
CA GLY XA 241 42.17 87.81 80.39
C GLY XA 241 40.83 87.11 80.48
N VAL XA 242 40.18 86.84 79.36
CA VAL XA 242 38.96 86.03 79.31
C VAL XA 242 39.05 85.10 78.11
N TYR XA 243 38.57 83.87 78.28
CA TYR XA 243 38.52 82.94 77.17
C TYR XA 243 37.52 83.42 76.12
N THR XA 244 37.83 83.12 74.85
CA THR XA 244 36.96 83.56 73.76
C THR XA 244 35.58 82.92 73.89
N TYR XA 245 34.54 83.75 73.80
CA TYR XA 245 33.18 83.31 74.09
C TYR XA 245 32.44 82.95 72.79
N GLU XA 246 32.99 81.98 72.06
CA GLU XA 246 32.41 81.50 70.81
C GLU XA 246 32.29 79.98 70.84
N ALA XA 247 31.26 79.47 70.19
CA ALA XA 247 30.98 78.04 70.17
C ALA XA 247 31.69 77.37 68.99
N PHE XA 248 32.38 76.27 69.26
CA PHE XA 248 33.11 75.53 68.24
C PHE XA 248 32.59 74.10 68.06
N HIS XA 249 32.49 73.34 69.15
CA HIS XA 249 32.10 71.93 69.17
C HIS XA 249 31.90 71.52 70.62
N PRO XA 250 30.92 70.69 70.93
CA PRO XA 250 30.72 70.27 72.33
C PRO XA 250 31.93 69.55 72.88
N ASP XA 251 32.17 69.76 74.19
CA ASP XA 251 33.44 69.40 74.82
C ASP XA 251 33.19 68.92 76.24
N ILE XA 252 34.15 68.18 76.78
CA ILE XA 252 34.12 67.64 78.14
C ILE XA 252 35.32 68.17 78.90
N VAL XA 253 35.09 68.75 80.08
CA VAL XA 253 36.13 69.32 80.92
C VAL XA 253 36.19 68.57 82.24
N LEU XA 254 37.39 68.14 82.65
CA LEU XA 254 37.57 67.27 83.79
C LEU XA 254 38.65 67.79 84.74
N LEU XA 255 38.49 67.46 86.03
CA LEU XA 255 39.44 67.62 87.12
C LEU XA 255 40.02 66.26 87.50
N PRO XA 256 41.17 66.22 88.18
CA PRO XA 256 41.78 64.93 88.52
C PRO XA 256 40.85 64.07 89.37
N GLY XA 257 40.85 62.78 89.08
CA GLY XA 257 40.01 61.83 89.79
C GLY XA 257 38.61 61.64 89.25
N CYS XA 258 38.22 62.37 88.22
CA CYS XA 258 36.85 62.32 87.69
C CYS XA 258 36.82 61.63 86.33
N GLY XA 259 35.62 61.45 85.79
CA GLY XA 259 35.43 60.83 84.49
C GLY XA 259 33.97 60.65 84.17
N VAL XA 260 33.70 60.30 82.91
CA VAL XA 260 32.36 60.01 82.43
C VAL XA 260 32.36 58.67 81.71
N ASP XA 261 31.20 58.02 81.70
CA ASP XA 261 31.06 56.69 81.10
C ASP XA 261 29.78 56.63 80.30
N PHE XA 262 29.91 56.33 79.00
CA PHE XA 262 28.77 56.31 78.08
C PHE XA 262 28.42 54.90 77.60
N THR XA 263 28.73 53.88 78.40
CA THR XA 263 28.49 52.51 77.96
C THR XA 263 27.01 52.23 77.74
N GLU XA 264 26.15 52.79 78.59
CA GLU XA 264 24.72 52.53 78.50
C GLU XA 264 23.95 53.80 78.19
N SER XA 265 24.42 54.57 77.22
CA SER XA 265 23.85 55.88 76.92
C SER XA 265 24.05 56.19 75.44
N ARG XA 266 23.11 56.94 74.86
CA ARG XA 266 23.23 57.39 73.49
C ARG XA 266 23.52 58.88 73.38
N LEU XA 267 23.85 59.52 74.50
CA LEU XA 267 24.14 60.96 74.50
C LEU XA 267 25.50 61.30 73.94
N SER XA 268 26.38 60.32 73.73
CA SER XA 268 27.65 60.61 73.07
C SER XA 268 27.47 60.95 71.60
N ASN XA 269 26.40 60.46 70.95
CA ASN XA 269 26.11 60.85 69.57
C ASN XA 269 25.70 62.32 69.48
N LEU XA 270 24.95 62.81 70.47
CA LEU XA 270 24.58 64.21 70.47
C LEU XA 270 25.78 65.12 70.72
N LEU XA 271 26.79 64.62 71.44
CA LEU XA 271 28.00 65.42 71.69
C LEU XA 271 28.97 65.40 70.52
N GLY XA 272 28.81 64.49 69.56
CA GLY XA 272 29.75 64.40 68.47
C GLY XA 272 31.08 63.81 68.83
N ILE XA 273 31.12 62.86 69.77
CA ILE XA 273 32.33 62.15 70.16
C ILE XA 273 32.06 60.66 70.02
N ARG XA 274 32.83 59.97 69.19
CA ARG XA 274 32.63 58.56 68.88
C ARG XA 274 33.95 57.80 68.92
N LYS XA 275 33.85 56.48 68.97
CA LYS XA 275 35.01 55.60 69.01
C LYS XA 275 35.40 55.15 67.61
N ARG XA 276 36.72 55.07 67.37
CA ARG XA 276 37.22 54.58 66.09
C ARG XA 276 37.01 53.08 65.92
N HIS XA 277 36.76 52.34 67.01
CA HIS XA 277 36.43 50.93 66.96
C HIS XA 277 35.05 50.77 67.60
N PRO XA 278 33.98 51.04 66.85
CA PRO XA 278 32.65 51.16 67.47
C PRO XA 278 32.04 49.84 67.90
N PHE XA 279 32.61 48.70 67.52
CA PHE XA 279 32.07 47.41 67.91
C PHE XA 279 32.70 46.86 69.19
N GLN XA 280 33.64 47.57 69.80
CA GLN XA 280 34.24 47.15 71.07
C GLN XA 280 33.44 47.74 72.22
N GLU XA 281 32.97 46.88 73.12
CA GLU XA 281 32.10 47.32 74.21
C GLU XA 281 32.85 48.21 75.20
N GLY XA 282 32.15 49.21 75.73
CA GLY XA 282 32.69 50.09 76.74
C GLY XA 282 33.20 51.42 76.21
N PHE XA 283 32.77 52.51 76.84
CA PHE XA 283 33.15 53.87 76.42
C PHE XA 283 33.33 54.71 77.68
N LYS XA 284 34.57 54.82 78.17
CA LYS XA 284 34.89 55.60 79.35
C LYS XA 284 36.00 56.58 79.03
N ILE XA 285 35.88 57.81 79.53
CA ILE XA 285 36.89 58.84 79.37
C ILE XA 285 37.24 59.39 80.74
N MET XA 286 38.48 59.18 81.18
CA MET XA 286 38.95 59.59 82.50
C MET XA 286 39.98 60.70 82.37
N TYR XA 287 40.32 61.30 83.51
CA TYR XA 287 41.26 62.42 83.52
C TYR XA 287 42.63 62.01 83.01
N GLU XA 288 43.03 60.76 83.23
CA GLU XA 288 44.34 60.29 82.78
C GLU XA 288 44.40 60.09 81.26
N ASP XA 289 43.27 60.01 80.58
CA ASP XA 289 43.26 59.82 79.13
C ASP XA 289 43.35 61.13 78.35
N LEU XA 290 43.24 62.28 79.02
CA LEU XA 290 43.24 63.58 78.36
C LEU XA 290 44.59 64.28 78.44
N GLU XA 291 45.68 63.52 78.37
CA GLU XA 291 47.02 64.10 78.49
C GLU XA 291 47.27 65.11 77.37
N GLY XA 292 47.91 66.22 77.73
CA GLY XA 292 48.19 67.29 76.80
C GLY XA 292 47.07 68.29 76.61
N GLY XA 293 45.96 68.14 77.33
CA GLY XA 293 44.83 69.01 77.13
C GLY XA 293 44.55 69.97 78.26
N ASN XA 294 45.58 70.31 79.05
CA ASN XA 294 45.39 71.24 80.15
C ASN XA 294 45.02 72.63 79.63
N ILE XA 295 44.08 73.26 80.30
CA ILE XA 295 43.59 74.59 79.91
C ILE XA 295 44.56 75.65 80.40
N PRO XA 296 45.11 76.48 79.52
CA PRO XA 296 46.07 77.50 79.97
C PRO XA 296 45.43 78.50 80.90
N ALA XA 297 46.21 78.94 81.90
CA ALA XA 297 45.72 79.85 82.92
C ALA XA 297 45.59 81.27 82.38
N LEU XA 298 44.70 82.03 83.01
CA LEU XA 298 44.52 83.47 82.77
C LEU XA 298 44.56 83.85 81.30
N ILE XA 364 52.89 90.40 84.60
CA ILE XA 364 52.97 89.11 83.93
C ILE XA 364 52.84 87.97 84.93
N GLN XA 365 51.64 87.81 85.49
CA GLN XA 365 51.37 86.71 86.41
C GLN XA 365 49.96 86.20 86.18
N PRO XA 366 49.72 84.90 86.34
CA PRO XA 366 48.36 84.37 86.14
C PRO XA 366 47.42 84.81 87.25
N LEU XA 367 46.15 84.99 86.88
CA LEU XA 367 45.11 85.21 87.88
C LEU XA 367 44.85 83.92 88.64
N GLU XA 368 44.81 84.01 89.96
CA GLU XA 368 44.69 82.82 90.80
C GLU XA 368 43.30 82.62 91.40
N LYS XA 369 42.41 83.59 91.28
CA LYS XA 369 41.10 83.47 91.91
C LYS XA 369 40.10 84.33 91.12
N ASP XA 370 38.82 84.06 91.35
CA ASP XA 370 37.74 84.73 90.64
C ASP XA 370 37.27 85.97 91.42
N SER XA 371 36.22 86.62 90.94
CA SER XA 371 35.73 87.83 91.56
C SER XA 371 35.23 87.57 92.99
N LYS XA 372 34.50 86.48 93.19
CA LYS XA 372 33.93 86.13 94.48
C LYS XA 372 34.82 85.18 95.26
N SER XA 373 36.13 85.24 95.04
CA SER XA 373 37.11 84.40 95.75
C SER XA 373 36.82 82.92 95.54
N ARG XA 374 36.93 82.49 94.29
CA ARG XA 374 36.89 81.09 93.93
C ARG XA 374 38.21 80.72 93.26
N SER XA 375 38.80 79.61 93.70
CA SER XA 375 40.09 79.19 93.16
C SER XA 375 39.94 78.74 91.72
N TYR XA 376 40.86 79.19 90.87
CA TYR XA 376 40.97 78.69 89.50
C TYR XA 376 41.81 77.43 89.40
N ASN XA 377 42.33 76.92 90.52
CA ASN XA 377 43.13 75.69 90.55
C ASN XA 377 44.41 75.82 89.72
N VAL XA 378 45.06 76.98 89.81
CA VAL XA 378 46.34 77.15 89.11
C VAL XA 378 47.40 76.26 89.74
N LEU XA 379 48.32 75.77 88.92
CA LEU XA 379 49.34 74.82 89.34
C LEU XA 379 50.71 75.51 89.42
N GLU XA 380 51.73 74.70 89.68
CA GLU XA 380 53.10 75.20 89.64
C GLU XA 380 53.48 75.54 88.20
N ASP XA 381 54.52 76.36 88.06
CA ASP XA 381 55.02 76.94 86.82
C ASP XA 381 54.09 78.04 86.32
N LYS XA 382 52.95 78.22 86.97
CA LYS XA 382 52.11 79.41 86.80
C LYS XA 382 51.75 79.68 85.34
N ILE XA 383 51.53 78.62 84.56
CA ILE XA 383 51.07 78.75 83.20
C ILE XA 383 49.79 77.95 82.94
N ASN XA 384 49.73 76.70 83.41
CA ASN XA 384 48.61 75.83 83.13
C ASN XA 384 47.77 75.59 84.37
N THR XA 385 46.54 75.15 84.14
CA THR XA 385 45.55 74.89 85.16
C THR XA 385 45.26 73.39 85.21
N ALA XA 386 44.75 72.93 86.36
CA ALA XA 386 44.46 71.52 86.54
C ALA XA 386 43.34 71.02 85.63
N TYR XA 387 42.49 71.90 85.10
CA TYR XA 387 41.41 71.47 84.23
C TYR XA 387 41.96 70.92 82.91
N ARG XA 388 41.38 69.83 82.43
CA ARG XA 388 41.68 69.26 81.13
C ARG XA 388 40.42 69.16 80.29
N SER XA 389 40.56 69.23 78.97
CA SER XA 389 39.42 69.18 78.08
C SER XA 389 39.69 68.25 76.90
N TRP XA 390 38.64 67.55 76.45
CA TRP XA 390 38.77 66.61 75.34
C TRP XA 390 39.17 67.32 74.05
N TYR XA 391 38.59 68.49 73.79
CA TYR XA 391 38.85 69.17 72.53
C TYR XA 391 40.31 69.64 72.41
N LEU XA 392 40.86 70.16 73.51
CA LEU XA 392 42.26 70.60 73.47
C LEU XA 392 43.19 69.41 73.27
N SER XA 393 42.91 68.29 73.92
CA SER XA 393 43.75 67.11 73.76
C SER XA 393 43.63 66.53 72.36
N TYR XA 394 42.43 66.56 71.77
CA TYR XA 394 42.24 66.02 70.43
C TYR XA 394 42.99 66.85 69.39
N ASN XA 395 42.98 68.17 69.52
CA ASN XA 395 43.53 69.03 68.49
C ASN XA 395 44.99 69.44 68.73
N TYR XA 396 45.44 69.53 69.98
CA TYR XA 396 46.77 70.02 70.27
C TYR XA 396 47.68 69.01 70.95
N GLY XA 397 47.15 67.90 71.43
CA GLY XA 397 47.95 66.89 72.11
C GLY XA 397 48.74 66.03 71.14
N ASN XA 398 49.31 64.96 71.68
CA ASN XA 398 50.13 64.05 70.89
C ASN XA 398 49.25 63.24 69.95
N PRO XA 399 49.49 63.29 68.63
CA PRO XA 399 48.61 62.56 67.70
C PRO XA 399 48.59 61.06 67.90
N GLU XA 400 49.68 60.45 68.38
CA GLU XA 400 49.78 59.00 68.43
C GLU XA 400 49.68 58.43 69.84
N LYS XA 401 49.44 59.27 70.84
CA LYS XA 401 49.30 58.80 72.22
C LYS XA 401 48.12 59.41 72.96
N GLY XA 402 47.60 60.55 72.55
CA GLY XA 402 46.50 61.18 73.24
C GLY XA 402 45.16 60.58 72.86
N ILE XA 403 44.10 61.32 73.21
CA ILE XA 403 42.73 60.86 72.98
C ILE XA 403 42.42 60.74 71.49
N ARG XA 404 43.19 61.39 70.62
CA ARG XA 404 42.96 61.35 69.18
C ARG XA 404 43.25 59.98 68.57
N SER XA 405 43.99 59.12 69.26
CA SER XA 405 44.35 57.84 68.68
C SER XA 405 43.21 56.83 68.70
N TRP XA 406 42.20 57.02 69.56
CA TRP XA 406 41.10 56.07 69.60
C TRP XA 406 39.72 56.72 69.69
N THR XA 407 39.60 58.04 69.55
CA THR XA 407 38.31 58.69 69.41
C THR XA 407 38.27 59.53 68.14
N LEU XA 408 37.07 59.93 67.75
CA LEU XA 408 36.83 60.62 66.49
C LEU XA 408 35.86 61.76 66.71
N LEU XA 409 36.11 62.90 66.07
CA LEU XA 409 35.28 64.08 66.17
C LEU XA 409 34.28 64.11 65.01
N THR XA 410 33.00 64.24 65.31
CA THR XA 410 31.93 64.21 64.31
C THR XA 410 30.94 65.35 64.56
N THR XA 411 30.08 65.60 63.58
CA THR XA 411 29.02 66.59 63.74
C THR XA 411 27.98 66.11 64.75
N SER XA 412 27.44 67.05 65.52
CA SER XA 412 26.43 66.73 66.52
C SER XA 412 25.15 66.23 65.85
N ASP XA 413 24.59 65.16 66.40
CA ASP XA 413 23.37 64.54 65.87
C ASP XA 413 22.28 64.64 66.94
N VAL XA 414 21.32 65.55 66.73
CA VAL XA 414 20.33 65.85 67.75
C VAL XA 414 19.35 64.69 67.97
N THR XA 415 19.10 63.88 66.93
CA THR XA 415 18.19 62.74 67.12
C THR XA 415 18.81 61.64 67.96
N CYS XA 416 20.10 61.73 68.27
CA CYS XA 416 20.87 60.73 69.02
C CYS XA 416 21.08 59.44 68.25
N GLY XA 417 20.87 59.45 66.94
CA GLY XA 417 21.16 58.30 66.11
C GLY XA 417 19.95 57.41 65.89
N VAL XA 418 19.37 57.49 64.72
CA VAL XA 418 18.19 56.69 64.41
C VAL XA 418 18.64 55.37 63.80
N GLU XA 419 17.88 54.32 64.07
CA GLU XA 419 18.13 53.01 63.49
C GLU XA 419 16.91 52.57 62.68
N GLN XA 420 16.91 51.33 62.23
CA GLN XA 420 15.91 50.82 61.31
C GLN XA 420 14.70 50.26 62.04
N VAL XA 421 13.62 50.04 61.29
CA VAL XA 421 12.41 49.37 61.77
C VAL XA 421 12.05 48.24 60.80
N TYR XA 422 11.36 47.24 61.32
CA TYR XA 422 10.98 46.05 60.56
C TYR XA 422 9.47 45.85 60.56
N TRP XA 423 8.93 45.44 59.41
CA TRP XA 423 7.51 45.11 59.26
C TRP XA 423 7.31 43.60 59.24
N SER XA 424 6.21 43.13 59.85
CA SER XA 424 5.82 41.73 59.82
C SER XA 424 4.34 41.58 59.47
N LEU XA 425 4.03 40.64 58.59
CA LEU XA 425 2.64 40.28 58.26
C LEU XA 425 2.52 38.75 58.23
N PRO XA 426 2.55 38.11 59.39
CA PRO XA 426 2.71 36.64 59.41
C PRO XA 426 1.54 35.84 58.83
N ASP XA 427 0.33 36.41 58.78
CA ASP XA 427 -0.82 35.68 58.23
C ASP XA 427 -1.06 35.94 56.74
N MET XA 428 -0.25 36.76 56.10
CA MET XA 428 -0.48 37.09 54.70
C MET XA 428 0.66 36.65 53.79
N MET XA 429 1.91 36.93 54.15
CA MET XA 429 3.07 36.63 53.32
C MET XA 429 3.73 35.33 53.75
N GLN XA 430 4.39 34.68 52.80
CA GLN XA 430 5.24 33.54 53.13
C GLN XA 430 6.52 34.01 53.82
N ASP XA 431 7.08 33.15 54.66
CA ASP XA 431 8.30 33.50 55.39
C ASP XA 431 9.48 33.59 54.41
N PRO XA 432 10.27 34.66 54.45
CA PRO XA 432 11.48 34.71 53.62
C PRO XA 432 12.53 33.69 54.08
N VAL XA 433 13.49 33.46 53.18
CA VAL XA 433 14.41 32.32 53.33
C VAL XA 433 15.22 32.42 54.62
N THR XA 434 15.34 31.28 55.31
CA THR XA 434 16.02 30.99 56.57
C THR XA 434 15.25 31.43 57.83
N PHE XA 435 14.13 32.13 57.71
CA PHE XA 435 13.32 32.46 58.89
C PHE XA 435 12.46 31.26 59.30
N ARG XA 436 12.35 31.03 60.61
CA ARG XA 436 11.48 29.98 61.14
C ARG XA 436 10.07 30.50 61.39
N SER XA 437 9.09 29.62 61.19
CA SER XA 437 7.71 29.94 61.54
C SER XA 437 7.52 29.84 63.06
N THR XA 438 6.83 30.83 63.63
CA THR XA 438 6.69 30.90 65.08
C THR XA 438 5.52 31.79 65.44
N ARG XA 439 5.15 31.75 66.72
CA ARG XA 439 4.13 32.63 67.27
C ARG XA 439 4.69 33.55 68.36
N GLN XA 440 6.01 33.67 68.49
CA GLN XA 440 6.61 34.61 69.43
C GLN XA 440 6.82 35.95 68.75
N VAL XA 441 6.35 37.02 69.40
CA VAL XA 441 6.30 38.33 68.76
C VAL XA 441 7.71 38.84 68.46
N SER XA 442 8.64 38.66 69.38
CA SER XA 442 10.00 39.12 69.12
C SER XA 442 10.75 38.25 68.10
N ASN XA 443 10.12 37.30 67.41
CA ASN XA 443 10.84 36.51 66.41
C ASN XA 443 10.02 36.29 65.15
N TYR XA 444 9.06 37.18 64.85
CA TYR XA 444 8.30 37.09 63.61
C TYR XA 444 9.22 37.26 62.40
N PRO XA 445 8.95 36.56 61.29
CA PRO XA 445 9.70 36.82 60.06
C PRO XA 445 9.49 38.23 59.55
N VAL XA 446 10.52 38.78 58.92
CA VAL XA 446 10.58 40.19 58.54
C VAL XA 446 10.29 40.32 57.05
N VAL XA 447 9.34 41.21 56.70
CA VAL XA 447 8.88 41.37 55.34
C VAL XA 447 9.35 42.69 54.70
N GLY XA 448 9.87 43.63 55.48
CA GLY XA 448 10.41 44.86 54.94
C GLY XA 448 11.14 45.66 56.00
N ALA XA 449 11.96 46.60 55.55
CA ALA XA 449 12.77 47.42 56.44
C ALA XA 449 12.91 48.84 55.91
N GLU XA 450 13.08 49.79 56.81
CA GLU XA 450 13.28 51.21 56.48
C GLU XA 450 13.79 51.91 57.73
N LEU XA 451 14.12 53.19 57.60
CA LEU XA 451 14.55 53.98 58.75
C LEU XA 451 13.36 54.45 59.57
N MET XA 452 13.52 54.45 60.89
CA MET XA 452 12.57 55.11 61.76
C MET XA 452 12.48 56.59 61.36
N PRO XA 453 11.31 57.13 61.06
CA PRO XA 453 11.22 58.40 60.32
C PRO XA 453 11.35 59.65 61.19
N VAL XA 454 12.54 59.88 61.71
CA VAL XA 454 12.86 61.04 62.53
C VAL XA 454 14.12 61.69 61.97
N PHE XA 455 14.08 63.00 61.75
CA PHE XA 455 15.15 63.70 61.04
C PHE XA 455 15.53 64.99 61.76
N SER XA 456 16.74 65.44 61.48
CA SER XA 456 17.28 66.69 62.01
C SER XA 456 17.02 67.84 61.04
N LYS XA 457 16.74 69.02 61.59
CA LYS XA 457 16.56 70.24 60.80
C LYS XA 457 17.39 71.38 61.38
N SER XA 458 17.97 72.19 60.52
CA SER XA 458 18.89 73.26 60.91
C SER XA 458 18.23 74.63 60.82
N PHE XA 459 18.63 75.52 61.75
CA PHE XA 459 18.20 76.91 61.75
C PHE XA 459 19.40 77.80 62.04
N TYR XA 460 19.29 79.07 61.66
CA TYR XA 460 20.36 80.04 61.86
C TYR XA 460 19.94 81.05 62.91
N ASN XA 461 20.80 81.27 63.90
CA ASN XA 461 20.51 82.22 64.98
C ASN XA 461 21.73 83.06 65.34
N HIS XA 478 18.49 82.84 87.19
CA HIS XA 478 19.00 81.95 86.16
C HIS XA 478 19.51 80.65 86.75
N VAL XA 479 18.69 79.60 86.67
CA VAL XA 479 19.10 78.29 87.15
C VAL XA 479 20.19 77.68 86.27
N PHE XA 480 20.30 78.12 85.02
CA PHE XA 480 21.31 77.61 84.10
C PHE XA 480 22.59 78.43 84.11
N ASN XA 481 22.72 79.39 85.02
CA ASN XA 481 23.96 80.16 85.18
C ASN XA 481 24.09 80.49 86.67
N ARG XA 482 24.74 79.60 87.42
CA ARG XA 482 24.90 79.74 88.86
C ARG XA 482 26.25 80.32 89.27
N PHE XA 483 27.20 80.40 88.35
CA PHE XA 483 28.52 80.96 88.61
C PHE XA 483 28.83 81.97 87.52
N PRO XA 484 28.12 83.09 87.48
CA PRO XA 484 28.33 84.05 86.39
C PRO XA 484 29.75 84.60 86.33
N GLU XA 485 30.42 84.74 87.48
CA GLU XA 485 31.74 85.35 87.49
C GLU XA 485 32.83 84.40 86.99
N ASN XA 486 32.70 83.11 87.26
CA ASN XA 486 33.79 82.16 87.04
C ASN XA 486 33.96 81.88 85.54
N GLN XA 487 35.16 82.12 85.02
CA GLN XA 487 35.41 81.96 83.59
C GLN XA 487 35.34 80.50 83.15
N ILE XA 488 35.53 79.55 84.06
CA ILE XA 488 35.45 78.14 83.71
C ILE XA 488 34.02 77.62 83.82
N LEU XA 489 33.27 78.09 84.82
CA LEU XA 489 31.93 77.61 85.10
C LEU XA 489 30.84 78.50 84.52
N ILE XA 490 31.20 79.45 83.65
CA ILE XA 490 30.19 80.27 82.99
C ILE XA 490 29.35 79.40 82.06
N ARG XA 491 28.12 79.85 81.80
CA ARG XA 491 27.22 79.14 80.90
C ARG XA 491 27.77 79.15 79.48
N PRO XA 492 27.82 78.01 78.80
CA PRO XA 492 28.48 77.97 77.50
C PRO XA 492 27.77 78.84 76.49
N PRO XA 493 28.50 79.43 75.56
CA PRO XA 493 27.84 80.16 74.46
C PRO XA 493 27.07 79.22 73.54
N ALA XA 494 26.01 79.76 72.95
CA ALA XA 494 25.14 79.00 72.04
C ALA XA 494 25.69 79.02 70.62
N PRO XA 495 25.59 77.92 69.89
CA PRO XA 495 26.07 77.91 68.51
C PRO XA 495 25.22 78.80 67.62
N THR XA 496 25.85 79.28 66.54
CA THR XA 496 25.11 80.01 65.53
C THR XA 496 24.26 79.10 64.64
N ILE XA 497 24.44 77.78 64.74
CA ILE XA 497 23.60 76.81 64.03
C ILE XA 497 22.91 75.93 65.08
N THR XA 498 21.57 75.94 65.07
CA THR XA 498 20.77 75.15 65.98
C THR XA 498 20.05 74.04 65.22
N THR XA 499 20.02 72.83 65.79
CA THR XA 499 19.36 71.70 65.19
C THR XA 499 18.30 71.12 66.13
N VAL XA 500 17.15 70.74 65.55
CA VAL XA 500 16.05 70.13 66.28
C VAL XA 500 15.55 68.94 65.47
N SER XA 501 14.93 67.98 66.16
CA SER XA 501 14.48 66.75 65.53
C SER XA 501 12.98 66.81 65.21
N GLU XA 502 12.60 66.21 64.08
CA GLU XA 502 11.25 66.26 63.56
C GLU XA 502 10.76 64.88 63.15
N ASN XA 503 9.44 64.70 63.21
CA ASN XA 503 8.77 63.49 62.73
C ASN XA 503 8.12 63.79 61.37
N VAL XA 504 8.46 63.01 60.35
CA VAL XA 504 7.99 63.21 59.00
C VAL XA 504 7.30 61.94 58.52
N PRO XA 505 6.07 62.00 58.01
CA PRO XA 505 5.39 60.79 57.56
C PRO XA 505 6.14 60.11 56.42
N ALA XA 506 6.19 58.78 56.47
CA ALA XA 506 7.00 57.98 55.56
C ALA XA 506 6.11 57.14 54.66
N LEU XA 507 6.33 57.24 53.36
CA LEU XA 507 5.58 56.52 52.33
C LEU XA 507 6.56 55.63 51.57
N THR XA 508 6.37 54.32 51.66
CA THR XA 508 7.41 53.38 51.23
C THR XA 508 6.82 52.30 50.32
N ASP XA 509 7.55 51.99 49.25
CA ASP XA 509 7.25 50.86 48.37
C ASP XA 509 8.25 49.75 48.66
N HIS XA 510 7.75 48.60 49.11
CA HIS XA 510 8.60 47.48 49.51
C HIS XA 510 8.76 46.41 48.42
N GLY XA 511 8.20 46.61 47.24
CA GLY XA 511 8.29 45.60 46.19
C GLY XA 511 7.30 44.46 46.34
N THR XA 512 7.54 43.40 45.57
CA THR XA 512 6.65 42.24 45.49
C THR XA 512 7.19 41.08 46.32
N LEU XA 513 6.32 40.45 47.11
CA LEU XA 513 6.64 39.30 47.93
C LEU XA 513 5.65 38.16 47.70
N PRO XA 514 6.10 36.91 47.82
CA PRO XA 514 5.18 35.78 47.62
C PRO XA 514 4.07 35.74 48.66
N LEU XA 515 2.87 35.39 48.19
CA LEU XA 515 1.63 35.49 48.95
C LEU XA 515 1.07 34.09 49.22
N ARG XA 516 0.46 33.92 50.38
CA ARG XA 516 -0.21 32.65 50.69
C ARG XA 516 -1.48 32.48 49.84
N SER XA 517 -1.78 31.23 49.49
CA SER XA 517 -2.92 30.95 48.61
C SER XA 517 -4.26 31.13 49.31
N SER XA 518 -4.32 30.97 50.63
CA SER XA 518 -5.55 31.15 51.37
C SER XA 518 -5.32 32.16 52.49
N ILE XA 519 -6.14 33.20 52.52
CA ILE XA 519 -5.97 34.33 53.43
C ILE XA 519 -7.17 34.37 54.36
N ARG XA 520 -6.91 34.34 55.67
CA ARG XA 520 -7.97 34.42 56.66
C ARG XA 520 -8.46 35.86 56.81
N GLY XA 521 -9.67 35.99 57.35
CA GLY XA 521 -10.33 37.28 57.45
C GLY XA 521 -9.73 38.22 58.48
N VAL XA 522 -9.04 37.71 59.49
CA VAL XA 522 -8.41 38.52 60.52
C VAL XA 522 -6.90 38.41 60.38
N GLN XA 523 -6.20 39.55 60.38
CA GLN XA 523 -4.78 39.62 60.08
C GLN XA 523 -4.04 40.38 61.18
N ARG XA 524 -2.80 39.97 61.43
CA ARG XA 524 -1.93 40.61 62.41
C ARG XA 524 -0.91 41.52 61.73
N VAL XA 525 -0.71 42.72 62.30
CA VAL XA 525 0.24 43.71 61.79
C VAL XA 525 1.20 44.09 62.93
N THR XA 526 2.50 44.03 62.67
CA THR XA 526 3.51 44.29 63.70
C THR XA 526 4.66 45.14 63.16
N VAL XA 527 5.13 46.07 64.00
CA VAL XA 527 6.29 46.92 63.71
C VAL XA 527 7.24 46.84 64.90
N THR XA 528 8.50 46.47 64.65
CA THR XA 528 9.51 46.32 65.72
C THR XA 528 10.81 47.02 65.34
N ASP XA 529 11.62 47.31 66.35
CA ASP XA 529 12.90 48.00 66.19
C ASP XA 529 14.04 47.00 66.01
N ALA XA 530 15.28 47.50 66.08
CA ALA XA 530 16.45 46.67 65.80
C ALA XA 530 16.65 45.58 66.84
N ARG XA 531 16.26 45.82 68.09
CA ARG XA 531 16.33 44.81 69.14
C ARG XA 531 15.06 43.98 69.22
N ARG XA 532 14.15 44.14 68.24
CA ARG XA 532 12.90 43.38 68.14
C ARG XA 532 11.94 43.67 69.30
N ARG XA 533 11.89 44.93 69.73
CA ARG XA 533 10.83 45.42 70.61
C ARG XA 533 9.83 46.21 69.79
N THR XA 534 8.57 46.20 70.21
CA THR XA 534 7.60 47.10 69.61
C THR XA 534 7.88 48.54 70.00
N CYS XA 535 7.46 49.47 69.16
CA CYS XA 535 7.74 50.89 69.38
C CYS XA 535 6.49 51.61 69.85
N PRO XA 536 6.46 52.14 71.08
CA PRO XA 536 5.27 52.84 71.57
C PRO XA 536 5.00 54.19 70.93
N TYR XA 537 5.89 54.70 70.06
CA TYR XA 537 5.70 56.01 69.46
C TYR XA 537 5.11 55.97 68.06
N VAL XA 538 4.73 54.80 67.56
CA VAL XA 538 3.94 54.71 66.34
C VAL XA 538 2.48 54.99 66.67
N TYR XA 539 1.85 55.91 65.94
CA TYR XA 539 0.42 56.13 66.14
C TYR XA 539 -0.39 56.08 64.85
N LYS XA 540 0.20 55.72 63.72
CA LYS XA 540 -0.54 55.52 62.48
C LYS XA 540 0.26 54.58 61.59
N ALA XA 541 -0.37 53.50 61.16
CA ALA XA 541 0.27 52.51 60.29
C ALA XA 541 -0.79 51.88 59.39
N LEU XA 542 -0.57 51.94 58.08
CA LEU XA 542 -1.48 51.38 57.08
C LEU XA 542 -0.70 50.55 56.07
N GLY XA 543 -1.35 49.54 55.53
CA GLY XA 543 -0.78 48.75 54.46
C GLY XA 543 -1.78 48.53 53.33
N ILE XA 544 -1.25 48.49 52.12
CA ILE XA 544 -2.02 48.24 50.91
C ILE XA 544 -1.29 47.19 50.08
N VAL XA 545 -1.97 46.11 49.71
CA VAL XA 545 -1.39 45.00 48.98
C VAL XA 545 -2.12 44.83 47.66
N ALA XA 546 -1.36 44.62 46.58
CA ALA XA 546 -1.92 44.39 45.25
C ALA XA 546 -1.49 43.04 44.69
N PRO XA 547 -2.32 42.00 44.78
CA PRO XA 547 -1.91 40.68 44.30
C PRO XA 547 -1.82 40.59 42.77
N ARG XA 548 -0.97 39.68 42.30
CA ARG XA 548 -0.87 39.35 40.89
C ARG XA 548 -0.17 38.00 40.73
N VAL XA 549 -0.32 37.41 39.54
CA VAL XA 549 0.22 36.07 39.26
C VAL XA 549 1.72 36.17 38.98
N LEU XA 550 2.50 35.28 39.60
CA LEU XA 550 3.93 35.20 39.38
C LEU XA 550 4.34 34.06 38.45
N SER XA 551 3.85 32.84 38.68
CA SER XA 551 4.18 31.72 37.82
C SER XA 551 3.09 30.66 37.91
N SER XA 552 3.21 29.67 37.03
CA SER XA 552 2.22 28.60 36.94
C SER XA 552 2.52 27.48 37.93
N ARG XA 553 1.47 26.79 38.34
CA ARG XA 553 1.53 25.59 39.19
C ARG XA 553 2.03 25.89 40.60
N ARG YA 48 -6.70 30.12 34.96
CA ARG YA 48 -6.01 29.94 36.23
C ARG YA 48 -5.69 31.28 36.91
N ASN YA 49 -6.63 32.22 36.85
CA ASN YA 49 -6.38 33.56 37.39
C ASN YA 49 -7.58 34.12 38.15
N SER YA 50 -8.48 33.27 38.66
CA SER YA 50 -9.67 33.76 39.33
C SER YA 50 -9.40 34.00 40.82
N ILE YA 51 -10.23 34.86 41.42
CA ILE YA 51 -10.13 35.23 42.83
C ILE YA 51 -11.52 35.08 43.45
N ARG YA 52 -11.64 34.29 44.51
CA ARG YA 52 -12.93 33.87 45.03
C ARG YA 52 -13.06 34.17 46.52
N TYR YA 53 -14.27 34.51 46.94
CA TYR YA 53 -14.60 34.82 48.32
C TYR YA 53 -15.58 33.76 48.84
N SER YA 54 -15.28 33.21 50.03
CA SER YA 54 -15.95 31.99 50.48
C SER YA 54 -17.44 32.17 50.74
N GLU YA 55 -17.93 33.39 50.86
CA GLU YA 55 -19.36 33.59 51.09
C GLU YA 55 -20.19 33.71 49.81
N LEU YA 56 -19.58 33.60 48.64
CA LEU YA 56 -20.27 33.74 47.36
C LEU YA 56 -20.15 32.47 46.53
N SER YA 57 -21.22 32.14 45.81
CA SER YA 57 -21.26 30.94 44.98
C SER YA 57 -22.32 31.11 43.89
N PRO YA 58 -22.11 30.58 42.69
CA PRO YA 58 -23.09 30.74 41.61
C PRO YA 58 -24.21 29.71 41.66
N LEU YA 59 -25.31 30.03 40.98
CA LEU YA 59 -26.56 29.26 41.06
C LEU YA 59 -26.84 28.47 39.79
N TYR YA 60 -27.43 27.28 39.95
CA TYR YA 60 -27.74 26.40 38.84
C TYR YA 60 -29.06 25.66 39.06
N ASP YA 61 -29.71 25.35 37.94
CA ASP YA 61 -30.79 24.37 37.72
C ASP YA 61 -32.19 24.71 38.23
N THR YA 62 -32.34 25.57 39.23
CA THR YA 62 -33.64 25.91 39.79
C THR YA 62 -33.45 26.88 40.94
N THR YA 63 -34.52 27.61 41.27
CA THR YA 63 -34.53 28.61 42.33
C THR YA 63 -35.99 28.98 42.61
N ARG YA 64 -36.20 30.04 43.40
CA ARG YA 64 -37.54 30.56 43.68
C ARG YA 64 -37.60 32.05 43.40
N LEU YA 65 -38.76 32.52 42.90
CA LEU YA 65 -39.08 33.94 42.79
C LEU YA 65 -40.37 34.20 43.55
N TYR YA 66 -40.39 35.27 44.34
CA TYR YA 66 -41.51 35.58 45.22
C TYR YA 66 -42.20 36.87 44.78
N LEU YA 67 -43.53 36.83 44.66
CA LEU YA 67 -44.35 37.97 44.25
C LEU YA 67 -45.28 38.30 45.41
N VAL YA 68 -44.91 39.32 46.18
CA VAL YA 68 -45.53 39.60 47.48
C VAL YA 68 -46.11 41.01 47.46
N ASP YA 69 -47.31 41.15 48.01
CA ASP YA 69 -48.09 42.37 47.87
C ASP YA 69 -47.94 43.36 49.02
N ASN YA 70 -47.12 43.09 50.04
CA ASN YA 70 -47.05 43.97 51.21
C ASN YA 70 -45.60 44.19 51.67
N LYS YA 71 -44.69 44.40 50.72
CA LYS YA 71 -43.34 44.82 51.10
C LYS YA 71 -43.36 46.28 51.55
N SER YA 72 -42.58 46.59 52.59
CA SER YA 72 -42.69 47.89 53.23
C SER YA 72 -42.29 49.03 52.29
N ALA YA 73 -41.19 48.87 51.55
CA ALA YA 73 -40.72 49.93 50.67
C ALA YA 73 -41.57 50.07 49.42
N ASP YA 74 -42.12 48.96 48.91
CA ASP YA 74 -42.96 49.04 47.71
C ASP YA 74 -44.27 49.74 47.99
N ILE YA 75 -44.76 49.67 49.23
CA ILE YA 75 -46.01 50.33 49.59
C ILE YA 75 -45.88 51.84 49.41
N ALA YA 76 -44.77 52.41 49.87
CA ALA YA 76 -44.62 53.86 49.89
C ALA YA 76 -44.37 54.44 48.50
N SER YA 77 -43.55 53.78 47.68
CA SER YA 77 -43.05 54.41 46.47
C SER YA 77 -43.64 53.84 45.18
N LEU YA 78 -44.43 52.78 45.22
CA LEU YA 78 -44.92 52.20 43.98
C LEU YA 78 -46.44 52.21 43.85
N ASN YA 79 -47.16 51.93 44.93
CA ASN YA 79 -48.55 51.51 44.84
C ASN YA 79 -49.51 52.50 45.50
N TYR YA 80 -49.27 53.80 45.31
CA TYR YA 80 -50.07 54.80 46.01
C TYR YA 80 -51.52 54.81 45.54
N GLN YA 81 -51.75 54.57 44.25
CA GLN YA 81 -53.09 54.60 43.67
C GLN YA 81 -53.64 53.22 43.33
N ASN YA 82 -53.04 52.14 43.83
CA ASN YA 82 -53.39 50.78 43.45
C ASN YA 82 -54.16 50.07 44.57
N ASP YA 83 -54.61 48.85 44.29
CA ASP YA 83 -55.20 47.98 45.30
C ASP YA 83 -54.69 46.56 45.07
N HIS YA 84 -55.13 45.63 45.94
CA HIS YA 84 -54.58 44.27 45.93
C HIS YA 84 -54.97 43.47 44.70
N SER YA 85 -55.91 43.94 43.90
CA SER YA 85 -56.26 43.28 42.65
C SER YA 85 -55.36 43.68 41.48
N ASN YA 86 -54.61 44.78 41.61
CA ASN YA 86 -53.76 45.26 40.51
C ASN YA 86 -52.65 46.14 41.09
N PHE YA 87 -51.45 45.58 41.23
CA PHE YA 87 -50.38 46.27 41.96
C PHE YA 87 -49.02 45.93 41.33
N LEU YA 88 -48.00 46.63 41.80
CA LEU YA 88 -46.61 46.43 41.39
C LEU YA 88 -45.79 45.91 42.57
N THR YA 89 -44.79 45.07 42.27
CA THR YA 89 -43.92 44.54 43.31
C THR YA 89 -42.53 44.30 42.73
N THR YA 90 -41.55 44.19 43.62
CA THR YA 90 -40.17 43.95 43.23
C THR YA 90 -39.79 42.51 43.52
N VAL YA 91 -39.19 41.85 42.53
CA VAL YA 91 -38.69 40.49 42.73
C VAL YA 91 -37.24 40.47 43.20
N VAL YA 92 -36.57 41.61 43.28
CA VAL YA 92 -35.23 41.71 43.86
C VAL YA 92 -35.36 41.81 45.37
N GLN YA 93 -34.74 40.87 46.08
CA GLN YA 93 -34.87 40.77 47.54
C GLN YA 93 -33.60 41.27 48.26
N ASN YA 94 -32.96 42.32 47.76
CA ASN YA 94 -31.68 42.82 48.27
C ASN YA 94 -31.89 44.27 48.72
N ASN YA 95 -31.80 44.51 50.02
CA ASN YA 95 -32.13 45.81 50.59
C ASN YA 95 -31.00 46.84 50.46
N ASP YA 96 -29.94 46.54 49.72
CA ASP YA 96 -28.96 47.55 49.38
C ASP YA 96 -29.49 48.57 48.37
N PHE YA 97 -30.66 48.32 47.79
CA PHE YA 97 -31.23 49.16 46.74
C PHE YA 97 -32.69 49.49 47.07
N THR YA 98 -33.12 50.67 46.63
CA THR YA 98 -34.53 51.03 46.67
C THR YA 98 -35.29 50.40 45.52
N PRO YA 99 -36.62 50.30 45.61
CA PRO YA 99 -37.38 49.72 44.49
C PRO YA 99 -37.19 50.46 43.18
N THR YA 100 -37.03 51.79 43.22
CA THR YA 100 -36.78 52.54 42.00
C THR YA 100 -35.47 52.12 41.36
N GLU YA 101 -34.42 51.97 42.15
CA GLU YA 101 -33.15 51.47 41.62
C GLU YA 101 -33.28 50.04 41.13
N ALA YA 102 -34.05 49.21 41.84
CA ALA YA 102 -34.20 47.82 41.46
C ALA YA 102 -34.91 47.65 40.12
N SER YA 103 -35.72 48.64 39.72
CA SER YA 103 -36.51 48.51 38.51
C SER YA 103 -35.66 48.35 37.26
N THR YA 104 -34.43 48.88 37.27
CA THR YA 104 -33.54 48.76 36.12
C THR YA 104 -32.69 47.50 36.13
N GLN YA 105 -32.67 46.73 37.21
CA GLN YA 105 -31.87 45.51 37.27
C GLN YA 105 -32.62 44.34 36.62
N THR YA 106 -31.88 43.28 36.31
CA THR YA 106 -32.46 42.11 35.65
C THR YA 106 -31.96 40.82 36.28
N ILE YA 107 -32.73 39.75 36.07
CA ILE YA 107 -32.34 38.39 36.37
C ILE YA 107 -32.33 37.63 35.04
N ASN YA 108 -31.24 36.91 34.76
CA ASN YA 108 -31.02 36.33 33.45
C ASN YA 108 -30.89 34.81 33.54
N PHE YA 109 -31.73 34.09 32.80
CA PHE YA 109 -31.68 32.65 32.68
C PHE YA 109 -30.97 32.29 31.38
N ASP YA 110 -30.08 31.30 31.44
CA ASP YA 110 -29.13 31.05 30.34
C ASP YA 110 -29.83 30.93 28.99
N GLU YA 111 -29.38 31.74 28.03
CA GLU YA 111 -30.05 31.87 26.74
C GLU YA 111 -29.88 30.66 25.85
N ARG YA 112 -29.03 29.71 26.20
CA ARG YA 112 -28.90 28.48 25.44
C ARG YA 112 -29.95 27.43 25.80
N SER YA 113 -30.88 27.75 26.69
CA SER YA 113 -31.99 26.87 27.04
C SER YA 113 -33.30 27.66 26.98
N ARG YA 114 -34.40 26.94 26.81
CA ARG YA 114 -35.74 27.50 27.00
C ARG YA 114 -36.23 27.10 28.38
N TRP YA 115 -36.78 28.06 29.12
CA TRP YA 115 -37.13 27.88 30.52
C TRP YA 115 -38.64 27.92 30.73
N GLY YA 116 -39.10 27.18 31.74
CA GLY YA 116 -40.48 27.25 32.17
C GLY YA 116 -40.57 27.48 33.66
N GLY YA 117 -41.75 27.91 34.09
CA GLY YA 117 -41.97 28.20 35.50
C GLY YA 117 -43.24 27.60 36.06
N GLN YA 118 -43.11 26.83 37.14
CA GLN YA 118 -44.27 26.28 37.83
C GLN YA 118 -44.84 27.31 38.80
N LEU YA 119 -46.14 27.58 38.70
CA LEU YA 119 -46.77 28.69 39.40
C LEU YA 119 -47.76 28.18 40.45
N LYS YA 120 -47.62 28.70 41.68
CA LYS YA 120 -48.57 28.45 42.77
C LYS YA 120 -49.06 29.79 43.31
N THR YA 121 -50.34 29.89 43.63
CA THR YA 121 -50.93 31.13 44.10
C THR YA 121 -51.71 30.91 45.40
N ILE YA 122 -51.83 31.99 46.16
CA ILE YA 122 -52.64 32.04 47.38
C ILE YA 122 -53.51 33.29 47.31
N MET YA 123 -54.82 33.13 47.53
CA MET YA 123 -55.76 34.24 47.41
C MET YA 123 -56.79 34.18 48.53
N HIS YA 124 -57.19 35.35 49.04
CA HIS YA 124 -58.23 35.46 50.05
C HIS YA 124 -59.12 36.67 49.76
N THR YA 125 -60.43 36.50 49.96
CA THR YA 125 -61.41 37.52 49.62
C THR YA 125 -62.31 37.82 50.81
N ASN YA 126 -63.04 38.94 50.74
CA ASN YA 126 -64.01 39.33 51.77
C ASN YA 126 -65.30 39.88 51.14
N MET YA 127 -65.83 39.21 50.13
CA MET YA 127 -67.02 39.68 49.40
C MET YA 127 -68.31 39.36 50.16
N PRO YA 128 -69.19 40.34 50.35
CA PRO YA 128 -70.55 40.05 50.84
C PRO YA 128 -71.49 39.69 49.69
N ASN YA 129 -72.54 38.93 50.04
CA ASN YA 129 -73.36 38.35 48.99
C ASN YA 129 -74.34 39.33 48.34
N VAL YA 130 -74.72 40.41 49.02
CA VAL YA 130 -75.61 41.43 48.44
C VAL YA 130 -74.80 42.71 48.31
N ASN YA 131 -74.47 43.09 47.08
CA ASN YA 131 -73.64 44.28 46.84
C ASN YA 131 -73.91 44.82 45.44
N GLU YA 132 -73.50 46.06 45.23
CA GLU YA 132 -73.77 46.76 43.97
C GLU YA 132 -72.86 46.31 42.84
N TYR YA 133 -71.60 45.99 43.13
CA TYR YA 133 -70.63 45.71 42.08
C TYR YA 133 -70.99 44.46 41.29
N MET YA 134 -71.64 43.49 41.92
CA MET YA 134 -71.97 42.21 41.30
C MET YA 134 -73.43 42.12 40.86
N PHE YA 135 -74.16 43.23 40.88
CA PHE YA 135 -75.54 43.30 40.39
C PHE YA 135 -76.50 42.41 41.18
N SER YA 136 -76.21 42.18 42.45
CA SER YA 136 -77.12 41.47 43.34
C SER YA 136 -77.86 42.42 44.27
N ASN YA 137 -78.00 43.67 43.87
CA ASN YA 137 -78.50 44.75 44.69
C ASN YA 137 -79.88 45.26 44.28
N LYS YA 138 -80.38 44.87 43.11
CA LYS YA 138 -81.52 45.55 42.53
C LYS YA 138 -82.32 44.60 41.65
N PHE YA 139 -83.59 44.97 41.42
CA PHE YA 139 -84.48 44.28 40.51
C PHE YA 139 -85.57 45.26 40.10
N LYS YA 140 -86.35 44.88 39.08
CA LYS YA 140 -87.43 45.72 38.56
C LYS YA 140 -88.77 45.01 38.69
N ALA YA 141 -89.82 45.80 38.89
CA ALA YA 141 -91.17 45.25 39.04
C ALA YA 141 -92.20 46.30 38.61
N ARG YA 142 -93.41 45.83 38.32
CA ARG YA 142 -94.52 46.67 37.89
C ARG YA 142 -95.64 46.58 38.93
N VAL YA 143 -95.99 47.72 39.52
CA VAL YA 143 -96.98 47.79 40.58
C VAL YA 143 -98.04 48.83 40.22
N MET YA 144 -99.06 48.93 41.06
CA MET YA 144 -100.18 49.85 40.83
C MET YA 144 -99.92 51.18 41.51
N VAL YA 145 -100.07 52.26 40.74
CA VAL YA 145 -99.79 53.60 41.23
C VAL YA 145 -101.07 54.38 41.57
N SER YA 146 -102.18 54.12 40.89
CA SER YA 146 -103.41 54.86 41.14
C SER YA 146 -104.61 53.96 40.91
N ARG YA 147 -105.54 53.99 41.85
CA ARG YA 147 -106.91 53.53 41.61
C ARG YA 147 -107.73 54.72 41.11
N LYS YA 148 -109.04 54.58 41.04
CA LYS YA 148 -109.88 55.69 40.59
C LYS YA 148 -109.89 56.82 41.61
N ASP YA 171 -113.95 51.76 38.07
CA ASP YA 171 -112.62 52.13 38.53
C ASP YA 171 -111.57 51.92 37.43
N ILE YA 172 -110.68 52.90 37.28
CA ILE YA 172 -109.59 52.83 36.33
C ILE YA 172 -108.28 52.69 37.10
N LEU YA 173 -107.47 51.72 36.70
CA LEU YA 173 -106.25 51.35 37.42
C LEU YA 173 -105.03 51.66 36.56
N LYS YA 174 -104.02 52.26 37.16
CA LYS YA 174 -102.79 52.62 36.47
C LYS YA 174 -101.61 51.90 37.09
N TYR YA 175 -100.69 51.44 36.23
CA TYR YA 175 -99.52 50.69 36.66
C TYR YA 175 -98.26 51.32 36.04
N GLU YA 176 -97.12 51.07 36.68
CA GLU YA 176 -95.86 51.63 36.21
C GLU YA 176 -94.70 50.75 36.68
N TRP YA 177 -93.59 50.82 35.92
CA TRP YA 177 -92.37 50.10 36.25
C TRP YA 177 -91.46 50.94 37.13
N PHE YA 178 -90.76 50.29 38.06
CA PHE YA 178 -89.79 50.92 38.93
C PHE YA 178 -88.59 50.01 39.11
N GLU YA 179 -87.50 50.57 39.58
CA GLU YA 179 -86.32 49.81 39.99
C GLU YA 179 -86.14 49.94 41.49
N PHE YA 180 -85.95 48.81 42.17
CA PHE YA 180 -85.89 48.74 43.62
C PHE YA 180 -84.47 48.42 44.07
N ILE YA 181 -84.04 49.03 45.19
CA ILE YA 181 -82.67 48.91 45.68
C ILE YA 181 -82.69 48.40 47.12
N LEU YA 182 -81.84 47.41 47.41
CA LEU YA 182 -81.60 46.83 48.73
C LEU YA 182 -80.32 47.41 49.33
N PRO YA 183 -80.22 47.45 50.66
CA PRO YA 183 -78.95 47.85 51.28
C PRO YA 183 -77.96 46.68 51.33
N GLU YA 184 -76.68 47.02 51.34
CA GLU YA 184 -75.61 46.03 51.17
C GLU YA 184 -75.26 45.33 52.48
N GLY YA 185 -74.82 44.09 52.35
CA GLY YA 185 -74.47 43.28 53.50
C GLY YA 185 -74.41 41.81 53.12
N ASN YA 186 -74.13 40.99 54.13
CA ASN YA 186 -74.01 39.54 53.96
C ASN YA 186 -75.17 38.87 54.69
N PHE YA 187 -76.18 38.42 53.95
CA PHE YA 187 -77.43 37.97 54.52
C PHE YA 187 -77.74 36.54 54.12
N SER YA 188 -78.55 35.86 54.94
CA SER YA 188 -79.08 34.56 54.56
C SER YA 188 -80.20 34.73 53.53
N ALA YA 189 -80.64 33.60 52.97
CA ALA YA 189 -81.64 33.64 51.92
C ALA YA 189 -82.99 34.14 52.44
N THR YA 190 -83.40 33.70 53.62
CA THR YA 190 -84.66 34.18 54.19
C THR YA 190 -84.61 35.67 54.47
N MET YA 191 -83.51 36.15 55.05
CA MET YA 191 -83.38 37.57 55.34
C MET YA 191 -83.36 38.41 54.06
N THR YA 192 -82.81 37.86 52.98
CA THR YA 192 -82.82 38.58 51.70
C THR YA 192 -84.24 38.75 51.17
N ILE YA 193 -85.07 37.71 51.29
CA ILE YA 193 -86.44 37.78 50.82
C ILE YA 193 -87.26 38.79 51.61
N ASP YA 194 -86.98 38.92 52.92
CA ASP YA 194 -87.64 39.96 53.71
C ASP YA 194 -87.30 41.35 53.18
N LEU YA 195 -86.05 41.57 52.79
CA LEU YA 195 -85.65 42.89 52.31
C LEU YA 195 -86.31 43.23 50.98
N MET YA 196 -86.53 42.23 50.12
CA MET YA 196 -87.21 42.47 48.85
C MET YA 196 -88.67 42.84 49.06
N ASN YA 197 -89.36 42.18 49.99
CA ASN YA 197 -90.73 42.57 50.32
C ASN YA 197 -90.78 43.97 50.90
N ASN YA 198 -89.82 44.30 51.77
CA ASN YA 198 -89.78 45.63 52.38
C ASN YA 198 -89.59 46.72 51.35
N ALA YA 199 -88.82 46.45 50.29
CA ALA YA 199 -88.64 47.43 49.23
C ALA YA 199 -89.94 47.71 48.49
N ILE YA 200 -90.74 46.66 48.24
CA ILE YA 200 -92.02 46.86 47.56
C ILE YA 200 -92.94 47.73 48.40
N ILE YA 201 -92.99 47.47 49.70
CA ILE YA 201 -93.92 48.18 50.58
C ILE YA 201 -93.53 49.66 50.71
N ASP YA 202 -92.24 49.96 50.77
CA ASP YA 202 -91.81 51.35 50.84
C ASP YA 202 -92.21 52.16 49.61
N ASN YA 203 -92.41 51.50 48.47
CA ASN YA 203 -92.96 52.16 47.30
C ASN YA 203 -94.45 52.43 47.46
N TYR YA 204 -95.17 51.53 48.16
CA TYR YA 204 -96.59 51.73 48.38
C TYR YA 204 -96.86 52.79 49.44
N LEU YA 205 -95.88 53.13 50.27
CA LEU YA 205 -96.07 54.18 51.27
C LEU YA 205 -95.70 55.56 50.75
N GLU YA 206 -94.84 55.65 49.74
CA GLU YA 206 -94.40 56.91 49.16
C GLU YA 206 -95.28 57.35 48.00
N ILE YA 207 -95.67 56.42 47.15
CA ILE YA 207 -96.64 56.60 46.08
C ILE YA 207 -97.76 55.66 46.43
N GLY YA 208 -98.80 55.56 45.62
CA GLY YA 208 -99.75 54.52 45.92
C GLY YA 208 -100.74 54.96 46.98
N ARG YA 209 -100.46 54.57 48.23
CA ARG YA 209 -101.35 54.83 49.37
C ARG YA 209 -102.00 56.21 49.33
N GLN YA 210 -101.23 57.24 49.00
CA GLN YA 210 -101.78 58.59 48.94
C GLN YA 210 -102.56 58.84 47.66
N ASN YA 211 -102.66 57.86 46.76
CA ASN YA 211 -103.43 58.01 45.52
C ASN YA 211 -104.54 56.98 45.40
N GLY YA 212 -105.00 56.43 46.53
CA GLY YA 212 -106.22 55.66 46.55
C GLY YA 212 -106.09 54.16 46.45
N VAL YA 213 -104.89 53.59 46.48
CA VAL YA 213 -104.74 52.15 46.47
C VAL YA 213 -104.84 51.63 47.90
N LEU YA 214 -105.47 50.48 48.06
CA LEU YA 214 -105.68 49.90 49.37
C LEU YA 214 -104.60 48.86 49.66
N GLU YA 215 -104.49 48.49 50.94
CA GLU YA 215 -103.57 47.42 51.31
C GLU YA 215 -104.24 46.09 51.07
N SER YA 216 -104.85 45.93 49.89
CA SER YA 216 -105.33 44.64 49.41
C SER YA 216 -105.13 44.51 47.91
N ASP YA 217 -104.43 45.47 47.28
CA ASP YA 217 -104.12 45.42 45.86
C ASP YA 217 -102.63 45.64 45.60
N ILE YA 218 -101.76 45.26 46.55
CA ILE YA 218 -100.33 45.49 46.42
C ILE YA 218 -99.80 44.87 45.13
N GLY YA 219 -99.93 43.55 44.99
CA GLY YA 219 -99.74 42.92 43.70
C GLY YA 219 -98.43 42.22 43.45
N VAL YA 220 -97.42 42.37 44.30
CA VAL YA 220 -96.16 41.64 44.18
C VAL YA 220 -95.71 41.20 45.56
N LYS YA 221 -95.54 39.89 45.75
CA LYS YA 221 -95.03 39.38 47.02
C LYS YA 221 -94.17 38.15 46.77
N PHE YA 222 -93.12 37.99 47.57
CA PHE YA 222 -92.24 36.83 47.52
C PHE YA 222 -92.53 35.92 48.72
N ASP YA 223 -92.86 34.66 48.46
CA ASP YA 223 -93.32 33.75 49.50
C ASP YA 223 -92.52 32.44 49.44
N THR YA 224 -92.86 31.51 50.33
CA THR YA 224 -92.25 30.19 50.37
C THR YA 224 -93.24 29.04 50.50
N ARG YA 225 -94.54 29.31 50.58
CA ARG YA 225 -95.51 28.30 50.95
C ARG YA 225 -96.05 27.55 49.74
N ASN YA 226 -96.60 26.36 50.00
CA ASN YA 226 -97.31 25.58 49.00
C ASN YA 226 -98.80 25.80 49.24
N PHE YA 227 -99.36 26.79 48.54
CA PHE YA 227 -100.80 26.98 48.60
C PHE YA 227 -101.49 25.77 47.97
N ARG YA 228 -102.75 25.56 48.36
CA ARG YA 228 -103.60 24.44 47.96
C ARG YA 228 -103.14 23.09 48.53
N LEU YA 229 -102.36 23.10 49.61
CA LEU YA 229 -101.97 21.84 50.24
C LEU YA 229 -103.18 21.10 50.81
N GLY YA 230 -103.98 21.79 51.63
CA GLY YA 230 -105.13 21.14 52.24
C GLY YA 230 -106.40 21.18 51.42
N TRP YA 231 -106.24 21.20 50.10
CA TRP YA 231 -107.35 21.33 49.17
C TRP YA 231 -108.22 20.07 49.17
N ASP YA 232 -109.53 20.25 48.98
CA ASP YA 232 -110.48 19.16 48.97
C ASP YA 232 -111.09 18.99 47.59
N PRO YA 233 -111.12 17.78 47.04
CA PRO YA 233 -111.56 17.62 45.65
C PRO YA 233 -113.05 17.82 45.45
N GLU YA 234 -113.86 17.79 46.51
CA GLU YA 234 -115.30 17.98 46.36
C GLU YA 234 -115.69 19.45 46.55
N THR YA 235 -115.36 20.02 47.71
CA THR YA 235 -115.69 21.42 47.97
C THR YA 235 -114.78 22.39 47.25
N LYS YA 236 -113.59 21.94 46.82
CA LYS YA 236 -112.64 22.78 46.08
C LYS YA 236 -112.25 24.03 46.87
N LEU YA 237 -112.09 23.88 48.19
CA LEU YA 237 -111.63 24.96 49.04
C LEU YA 237 -110.65 24.40 50.06
N ILE YA 238 -109.87 25.29 50.66
CA ILE YA 238 -108.89 24.91 51.67
C ILE YA 238 -109.66 24.69 52.97
N MET YA 239 -109.94 23.43 53.30
CA MET YA 239 -110.82 23.13 54.42
C MET YA 239 -110.34 23.66 55.77
N PRO YA 240 -109.05 23.61 56.13
CA PRO YA 240 -108.66 24.11 57.47
C PRO YA 240 -108.95 25.59 57.69
N GLY YA 241 -109.13 26.37 56.63
CA GLY YA 241 -109.35 27.80 56.77
C GLY YA 241 -108.09 28.64 56.83
N VAL YA 242 -106.91 28.02 56.90
CA VAL YA 242 -105.63 28.70 56.81
C VAL YA 242 -104.70 27.87 55.94
N TYR YA 243 -103.91 28.55 55.12
CA TYR YA 243 -102.91 27.87 54.31
C TYR YA 243 -101.84 27.26 55.19
N THR YA 244 -101.31 26.12 54.75
CA THR YA 244 -100.29 25.41 55.53
C THR YA 244 -99.04 26.29 55.68
N TYR YA 245 -98.57 26.42 56.91
CA TYR YA 245 -97.49 27.37 57.24
C TYR YA 245 -96.13 26.66 57.25
N GLU YA 246 -95.78 26.06 56.12
CA GLU YA 246 -94.50 25.35 55.96
C GLU YA 246 -93.79 25.84 54.70
N ALA YA 247 -92.46 25.85 54.76
CA ALA YA 247 -91.64 26.34 53.66
C ALA YA 247 -91.30 25.19 52.71
N PHE YA 248 -91.49 25.44 51.41
CA PHE YA 248 -91.21 24.45 50.38
C PHE YA 248 -90.14 24.90 49.40
N HIS YA 249 -90.28 26.09 48.82
CA HIS YA 249 -89.41 26.65 47.80
C HIS YA 249 -89.81 28.10 47.58
N PRO YA 250 -88.86 29.02 47.36
CA PRO YA 250 -89.24 30.42 47.13
C PRO YA 250 -90.14 30.59 45.91
N ASP YA 251 -91.05 31.54 46.01
CA ASP YA 251 -92.17 31.66 45.08
C ASP YA 251 -92.49 33.13 44.84
N ILE YA 252 -93.18 33.38 43.72
CA ILE YA 252 -93.60 34.72 43.31
C ILE YA 252 -95.13 34.72 43.19
N VAL YA 253 -95.79 35.68 43.83
CA VAL YA 253 -97.24 35.81 43.82
C VAL YA 253 -97.62 37.14 43.17
N LEU YA 254 -98.55 37.09 42.21
CA LEU YA 254 -98.90 38.25 41.39
C LEU YA 254 -100.41 38.47 41.33
N LEU YA 255 -100.79 39.73 41.16
CA LEU YA 255 -102.12 40.24 40.84
C LEU YA 255 -102.18 40.69 39.39
N PRO YA 256 -103.37 40.80 38.80
CA PRO YA 256 -103.45 41.19 37.39
C PRO YA 256 -102.82 42.54 37.13
N GLY YA 257 -102.11 42.66 36.01
CA GLY YA 257 -101.45 43.87 35.62
C GLY YA 257 -100.03 44.05 36.15
N CYS YA 258 -99.52 43.12 36.95
CA CYS YA 258 -98.21 43.26 37.57
C CYS YA 258 -97.22 42.28 36.95
N GLY YA 259 -95.96 42.38 37.40
CA GLY YA 259 -94.91 41.50 36.92
C GLY YA 259 -93.57 41.89 37.50
N VAL YA 260 -92.58 41.01 37.29
CA VAL YA 260 -91.21 41.24 37.70
C VAL YA 260 -90.29 40.98 36.52
N ASP YA 261 -89.12 41.63 36.53
CA ASP YA 261 -88.16 41.54 35.44
C ASP YA 261 -86.75 41.39 36.01
N PHE YA 262 -86.08 40.30 35.66
CA PHE YA 262 -84.75 40.00 36.19
C PHE YA 262 -83.66 40.12 35.13
N THR YA 263 -83.85 40.94 34.11
CA THR YA 263 -82.87 41.04 33.03
C THR YA 263 -81.53 41.55 33.54
N GLU YA 264 -81.54 42.49 34.47
CA GLU YA 264 -80.30 43.10 34.95
C GLU YA 264 -80.12 42.81 36.43
N SER YA 265 -80.31 41.55 36.84
CA SER YA 265 -80.26 41.18 38.25
C SER YA 265 -79.82 39.74 38.38
N ARG YA 266 -79.14 39.44 39.48
CA ARG YA 266 -78.73 38.08 39.78
C ARG YA 266 -79.52 37.46 40.92
N LEU YA 267 -80.61 38.11 41.34
CA LEU YA 267 -81.42 37.60 42.44
C LEU YA 267 -82.32 36.44 42.03
N SER YA 268 -82.47 36.16 40.74
CA SER YA 268 -83.21 34.97 40.34
C SER YA 268 -82.48 33.68 40.68
N ASN YA 269 -81.15 33.71 40.78
CA ASN YA 269 -80.40 32.53 41.22
C ASN YA 269 -80.67 32.23 42.70
N LEU YA 270 -80.80 33.27 43.53
CA LEU YA 270 -81.11 33.05 44.93
C LEU YA 270 -82.53 32.51 45.12
N LEU YA 271 -83.45 32.84 44.20
CA LEU YA 271 -84.81 32.33 44.28
C LEU YA 271 -84.95 30.91 43.75
N GLY YA 272 -83.96 30.40 43.03
CA GLY YA 272 -84.09 29.08 42.44
C GLY YA 272 -85.03 28.99 41.26
N ILE YA 273 -85.13 30.04 40.46
CA ILE YA 273 -85.94 30.06 39.24
C ILE YA 273 -85.02 30.46 38.09
N ARG YA 274 -84.91 29.58 37.09
CA ARG YA 274 -84.01 29.80 35.97
C ARG YA 274 -84.70 29.48 34.65
N LYS YA 275 -84.10 29.92 33.55
CA LYS YA 275 -84.61 29.70 32.21
C LYS YA 275 -84.02 28.45 31.59
N ARG YA 276 -84.86 27.71 30.85
CA ARG YA 276 -84.39 26.52 30.14
C ARG YA 276 -83.51 26.86 28.95
N HIS YA 277 -83.56 28.11 28.47
CA HIS YA 277 -82.69 28.60 27.40
C HIS YA 277 -81.90 29.77 27.98
N PRO YA 278 -80.83 29.50 28.73
CA PRO YA 278 -80.19 30.56 29.51
C PRO YA 278 -79.39 31.56 28.69
N PHE YA 279 -79.14 31.29 27.41
CA PHE YA 279 -78.39 32.22 26.58
C PHE YA 279 -79.27 33.20 25.80
N GLN YA 280 -80.59 33.14 25.97
CA GLN YA 280 -81.49 34.10 25.34
C GLN YA 280 -81.72 35.27 26.28
N GLU YA 281 -81.46 36.49 25.80
CA GLU YA 281 -81.53 37.66 26.65
C GLU YA 281 -82.96 37.97 27.06
N GLY YA 282 -83.11 38.46 28.30
CA GLY YA 282 -84.42 38.86 28.80
C GLY YA 282 -85.09 37.83 29.68
N PHE YA 283 -85.55 38.26 30.87
CA PHE YA 283 -86.20 37.36 31.83
C PHE YA 283 -87.32 38.15 32.50
N LYS YA 284 -88.53 38.02 31.99
CA LYS YA 284 -89.70 38.70 32.54
C LYS YA 284 -90.81 37.68 32.82
N ILE YA 285 -91.48 37.84 33.95
CA ILE YA 285 -92.60 36.98 34.33
C ILE YA 285 -93.79 37.88 34.67
N MET YA 286 -94.85 37.79 33.87
CA MET YA 286 -96.03 38.62 34.03
C MET YA 286 -97.23 37.78 34.48
N TYR YA 287 -98.31 38.46 34.85
CA TYR YA 287 -99.50 37.76 35.34
C TYR YA 287 -100.10 36.86 34.29
N GLU YA 288 -99.98 37.21 33.00
CA GLU YA 288 -100.54 36.40 31.94
C GLU YA 288 -99.75 35.12 31.69
N ASP YA 289 -98.52 35.02 32.18
CA ASP YA 289 -97.70 33.83 31.98
C ASP YA 289 -97.94 32.76 33.05
N LEU YA 290 -98.66 33.07 34.12
CA LEU YA 290 -98.89 32.15 35.23
C LEU YA 290 -100.25 31.46 35.16
N GLU YA 291 -100.72 31.14 33.95
CA GLU YA 291 -102.03 30.52 33.79
C GLU YA 291 -102.08 29.18 34.51
N GLY YA 292 -103.22 28.91 35.16
CA GLY YA 292 -103.41 27.70 35.91
C GLY YA 292 -102.90 27.75 37.33
N GLY YA 293 -102.36 28.87 37.78
CA GLY YA 293 -101.76 28.94 39.10
C GLY YA 293 -102.54 29.77 40.10
N ASN YA 294 -103.85 29.93 39.89
CA ASN YA 294 -104.65 30.71 40.82
C ASN YA 294 -104.70 30.04 42.18
N ILE YA 295 -104.60 30.85 43.23
CA ILE YA 295 -104.59 30.36 44.60
C ILE YA 295 -106.02 30.08 45.05
N PRO YA 296 -106.34 28.86 45.47
CA PRO YA 296 -107.71 28.58 45.88
C PRO YA 296 -108.13 29.39 47.10
N ALA YA 297 -109.39 29.79 47.11
CA ALA YA 297 -109.93 30.64 48.18
C ALA YA 297 -110.16 29.85 49.45
N LEU YA 298 -110.13 30.56 50.57
CA LEU YA 298 -110.47 30.04 51.90
C LEU YA 298 -109.93 28.65 52.17
N ILE YA 364 -120.64 26.20 53.74
CA ILE YA 364 -119.81 25.93 52.57
C ILE YA 364 -119.73 27.17 51.67
N GLN YA 365 -119.04 28.21 52.15
CA GLN YA 365 -118.84 29.42 51.36
C GLN YA 365 -117.44 29.95 51.62
N PRO YA 366 -116.79 30.54 50.63
CA PRO YA 366 -115.44 31.08 50.84
C PRO YA 366 -115.47 32.32 51.72
N LEU YA 367 -114.41 32.50 52.50
CA LEU YA 367 -114.23 33.73 53.24
C LEU YA 367 -113.87 34.84 52.27
N GLU YA 368 -114.53 35.99 52.41
CA GLU YA 368 -114.35 37.09 51.46
C GLU YA 368 -113.53 38.25 52.00
N LYS YA 369 -113.21 38.27 53.28
CA LYS YA 369 -112.47 39.38 53.86
C LYS YA 369 -111.70 38.89 55.07
N ASP YA 370 -110.72 39.71 55.49
CA ASP YA 370 -109.84 39.37 56.59
C ASP YA 370 -110.40 39.90 57.91
N SER YA 371 -109.63 39.76 58.99
CA SER YA 371 -110.10 40.18 60.31
C SER YA 371 -110.32 41.69 60.38
N LYS YA 372 -109.40 42.47 59.80
CA LYS YA 372 -109.48 43.92 59.82
C LYS YA 372 -110.14 44.49 58.56
N SER YA 373 -111.04 43.73 57.95
CA SER YA 373 -111.78 44.15 56.76
C SER YA 373 -110.84 44.49 55.61
N ARG YA 374 -110.10 43.48 55.16
CA ARG YA 374 -109.30 43.56 53.95
C ARG YA 374 -109.81 42.52 52.95
N SER YA 375 -110.01 42.96 51.72
CA SER YA 375 -110.53 42.06 50.69
C SER YA 375 -109.50 40.99 50.34
N TYR YA 376 -109.96 39.74 50.24
CA TYR YA 376 -109.15 38.65 49.72
C TYR YA 376 -109.20 38.56 48.21
N ASN YA 377 -109.94 39.44 47.53
CA ASN YA 377 -110.04 39.46 46.07
C ASN YA 377 -110.64 38.17 45.51
N VAL YA 378 -111.67 37.65 46.18
CA VAL YA 378 -112.35 36.46 45.68
C VAL YA 378 -113.10 36.80 44.40
N LEU YA 379 -113.17 35.83 43.49
CA LEU YA 379 -113.75 36.02 42.17
C LEU YA 379 -115.11 35.33 42.08
N GLU YA 380 -115.68 35.34 40.87
CA GLU YA 380 -116.89 34.59 40.63
C GLU YA 380 -116.61 33.09 40.69
N ASP YA 381 -117.68 32.31 40.88
CA ASP YA 381 -117.66 30.87 41.09
C ASP YA 381 -117.19 30.53 42.49
N LYS YA 382 -116.73 31.52 43.24
CA LYS YA 382 -116.52 31.42 44.68
C LYS YA 382 -115.63 30.23 45.07
N ILE YA 383 -114.62 29.94 44.24
CA ILE YA 383 -113.63 28.92 44.54
C ILE YA 383 -112.21 29.46 44.48
N ASN YA 384 -111.87 30.21 43.45
CA ASN YA 384 -110.52 30.68 43.25
C ASN YA 384 -110.40 32.19 43.50
N THR YA 385 -109.17 32.62 43.73
CA THR YA 385 -108.83 33.99 44.02
C THR YA 385 -107.99 34.57 42.88
N ALA YA 386 -108.00 35.90 42.76
CA ALA YA 386 -107.27 36.56 41.69
C ALA YA 386 -105.75 36.38 41.79
N TYR YA 387 -105.22 36.05 42.97
CA TYR YA 387 -103.78 35.86 43.12
C TYR YA 387 -103.31 34.64 42.33
N ARG YA 388 -102.17 34.77 41.66
CA ARG YA 388 -101.51 33.66 40.99
C ARG YA 388 -100.09 33.51 41.52
N SER YA 389 -99.57 32.27 41.47
CA SER YA 389 -98.22 32.01 41.97
C SER YA 389 -97.46 31.12 41.01
N TRP YA 390 -96.15 31.37 40.92
CA TRP YA 390 -95.29 30.61 40.01
C TRP YA 390 -95.24 29.13 40.39
N TYR YA 391 -95.17 28.83 41.69
CA TYR YA 391 -95.01 27.44 42.11
C TYR YA 391 -96.25 26.61 41.78
N LEU YA 392 -97.45 27.17 41.99
CA LEU YA 392 -98.66 26.44 41.66
C LEU YA 392 -98.77 26.19 40.16
N SER YA 393 -98.41 27.18 39.35
CA SER YA 393 -98.46 27.00 37.90
C SER YA 393 -97.41 26.00 37.42
N TYR YA 394 -96.24 25.99 38.03
CA TYR YA 394 -95.18 25.05 37.64
C TYR YA 394 -95.58 23.61 37.94
N ASN YA 395 -96.20 23.38 39.09
CA ASN YA 395 -96.46 22.01 39.55
C ASN YA 395 -97.85 21.50 39.17
N TYR YA 396 -98.86 22.37 39.06
CA TYR YA 396 -100.23 21.92 38.82
C TYR YA 396 -100.83 22.39 37.51
N GLY YA 397 -100.20 23.33 36.82
CA GLY YA 397 -100.71 23.85 35.57
C GLY YA 397 -100.46 22.91 34.40
N ASN YA 398 -100.70 23.44 33.21
CA ASN YA 398 -100.55 22.65 31.99
C ASN YA 398 -99.07 22.42 31.70
N PRO YA 399 -98.60 21.17 31.59
CA PRO YA 399 -97.17 20.93 31.38
C PRO YA 399 -96.61 21.53 30.10
N GLU YA 400 -97.42 21.64 29.04
CA GLU YA 400 -96.91 22.03 27.73
C GLU YA 400 -97.31 23.45 27.33
N LYS YA 401 -97.99 24.19 28.20
CA LYS YA 401 -98.36 25.57 27.90
C LYS YA 401 -98.11 26.55 29.03
N GLY YA 402 -97.99 26.11 30.27
CA GLY YA 402 -97.77 27.00 31.38
C GLY YA 402 -96.31 27.39 31.53
N ILE YA 403 -96.00 27.95 32.71
CA ILE YA 403 -94.66 28.44 32.99
C ILE YA 403 -93.63 27.32 33.00
N ARG YA 404 -94.05 26.07 33.15
CA ARG YA 404 -93.13 24.93 33.20
C ARG YA 404 -92.47 24.65 31.86
N SER YA 405 -93.01 25.17 30.76
CA SER YA 405 -92.45 24.86 29.46
C SER YA 405 -91.18 25.64 29.16
N TRP YA 406 -90.92 26.76 29.84
CA TRP YA 406 -89.71 27.52 29.58
C TRP YA 406 -88.99 27.99 30.83
N THR YA 407 -89.39 27.57 32.03
CA THR YA 407 -88.62 27.82 33.25
C THR YA 407 -88.31 26.50 33.95
N LEU YA 408 -87.36 26.57 34.89
CA LEU YA 408 -86.85 25.39 35.57
C LEU YA 408 -86.71 25.69 37.06
N LEU YA 409 -87.06 24.72 37.89
CA LEU YA 409 -86.97 24.84 39.34
C LEU YA 409 -85.66 24.24 39.83
N THR YA 410 -84.89 25.02 40.60
CA THR YA 410 -83.58 24.62 41.08
C THR YA 410 -83.44 24.94 42.56
N THR YA 411 -82.40 24.39 43.19
CA THR YA 411 -82.10 24.70 44.58
C THR YA 411 -81.62 26.14 44.72
N SER YA 412 -82.00 26.78 45.82
CA SER YA 412 -81.59 28.16 46.07
C SER YA 412 -80.08 28.26 46.27
N ASP YA 413 -79.48 29.26 45.62
CA ASP YA 413 -78.04 29.49 45.70
C ASP YA 413 -77.78 30.85 46.36
N VAL YA 414 -77.35 30.82 47.62
CA VAL YA 414 -77.23 32.06 48.41
C VAL YA 414 -76.12 32.96 47.89
N THR YA 415 -75.06 32.40 47.30
CA THR YA 415 -73.98 33.24 46.77
C THR YA 415 -74.41 34.02 45.53
N CYS YA 416 -75.58 33.71 44.96
CA CYS YA 416 -76.12 34.30 43.74
C CYS YA 416 -75.35 33.90 42.49
N GLY YA 417 -74.54 32.85 42.58
CA GLY YA 417 -73.85 32.32 41.41
C GLY YA 417 -72.46 32.88 41.25
N VAL YA 418 -71.46 32.10 41.57
CA VAL YA 418 -70.07 32.54 41.47
C VAL YA 418 -69.55 32.18 40.08
N GLU YA 419 -68.66 33.02 39.56
CA GLU YA 419 -68.01 32.76 38.29
C GLU YA 419 -66.50 32.70 38.51
N GLN YA 420 -65.75 32.64 37.41
CA GLN YA 420 -64.32 32.41 37.46
C GLN YA 420 -63.53 33.72 37.60
N VAL YA 421 -62.25 33.58 37.92
CA VAL YA 421 -61.29 34.68 37.96
C VAL YA 421 -60.06 34.30 37.15
N TYR YA 422 -59.37 35.32 36.63
CA TYR YA 422 -58.20 35.14 35.77
C TYR YA 422 -56.98 35.84 36.35
N TRP YA 423 -55.81 35.19 36.26
CA TRP YA 423 -54.53 35.73 36.67
C TRP YA 423 -53.72 36.21 35.47
N SER YA 424 -53.01 37.33 35.62
CA SER YA 424 -52.10 37.85 34.61
C SER YA 424 -50.76 38.22 35.21
N LEU YA 425 -49.68 37.84 34.54
CA LEU YA 425 -48.31 38.24 34.91
C LEU YA 425 -47.56 38.68 33.65
N PRO YA 426 -47.89 39.85 33.10
CA PRO YA 426 -47.40 40.18 31.75
C PRO YA 426 -45.90 40.40 31.64
N ASP YA 427 -45.18 40.72 32.73
CA ASP YA 427 -43.74 40.92 32.66
C ASP YA 427 -42.92 39.67 32.97
N MET YA 428 -43.56 38.54 33.25
CA MET YA 428 -42.83 37.35 33.62
C MET YA 428 -43.04 36.19 32.65
N MET YA 429 -44.29 35.90 32.28
CA MET YA 429 -44.62 34.78 31.42
C MET YA 429 -44.78 35.22 29.97
N GLN YA 430 -44.53 34.30 29.05
CA GLN YA 430 -44.86 34.53 27.65
C GLN YA 430 -46.37 34.46 27.44
N ASP YA 431 -46.85 35.19 26.44
CA ASP YA 431 -48.28 35.20 26.14
C ASP YA 431 -48.72 33.83 25.60
N PRO YA 432 -49.79 33.24 26.13
CA PRO YA 432 -50.31 32.00 25.54
C PRO YA 432 -50.89 32.22 24.14
N VAL YA 433 -51.08 31.11 23.43
CA VAL YA 433 -51.36 31.16 22.00
C VAL YA 433 -52.66 31.90 21.71
N THR YA 434 -52.62 32.75 20.68
CA THR YA 434 -53.64 33.64 20.11
C THR YA 434 -53.88 34.93 20.92
N PHE YA 435 -53.27 35.12 22.09
CA PHE YA 435 -53.39 36.39 22.82
C PHE YA 435 -52.44 37.42 22.21
N ARG YA 436 -52.91 38.67 22.11
CA ARG YA 436 -52.09 39.78 21.65
C ARG YA 436 -51.36 40.46 22.80
N SER YA 437 -50.14 40.93 22.54
CA SER YA 437 -49.42 41.74 23.51
C SER YA 437 -49.99 43.15 23.55
N THR YA 438 -50.17 43.67 24.77
CA THR YA 438 -50.83 44.97 24.94
C THR YA 438 -50.50 45.53 26.31
N ARG YA 439 -50.84 46.80 26.49
CA ARG YA 439 -50.73 47.47 27.79
C ARG YA 439 -52.08 47.94 28.32
N GLN YA 440 -53.19 47.45 27.77
CA GLN YA 440 -54.52 47.76 28.30
C GLN YA 440 -54.90 46.71 29.34
N VAL YA 441 -55.32 47.19 30.52
CA VAL YA 441 -55.52 46.30 31.66
C VAL YA 441 -56.65 45.30 31.38
N SER YA 442 -57.73 45.76 30.79
CA SER YA 442 -58.83 44.83 30.50
C SER YA 442 -58.51 43.87 29.35
N ASN YA 443 -57.29 43.80 28.82
CA ASN YA 443 -57.00 42.85 27.75
C ASN YA 443 -55.64 42.16 27.94
N TYR YA 444 -55.15 42.07 29.18
CA TYR YA 444 -53.92 41.34 29.45
C TYR YA 444 -54.08 39.85 29.10
N PRO YA 445 -53.03 39.20 28.61
CA PRO YA 445 -53.08 37.74 28.41
C PRO YA 445 -53.27 37.01 29.74
N VAL YA 446 -53.96 35.88 29.68
CA VAL YA 446 -54.41 35.14 30.86
C VAL YA 446 -53.50 33.95 31.09
N VAL YA 447 -52.99 33.82 32.31
CA VAL YA 447 -52.03 32.78 32.65
C VAL YA 447 -52.61 31.67 33.54
N GLY YA 448 -53.80 31.88 34.12
CA GLY YA 448 -54.45 30.84 34.90
C GLY YA 448 -55.87 31.24 35.25
N ALA YA 449 -56.66 30.24 35.65
CA ALA YA 449 -58.07 30.45 35.96
C ALA YA 449 -58.50 29.55 37.10
N GLU YA 450 -59.49 30.00 37.87
CA GLU YA 450 -60.08 29.25 38.98
C GLU YA 450 -61.38 29.92 39.36
N LEU YA 451 -62.11 29.32 40.31
CA LEU YA 451 -63.33 29.92 40.80
C LEU YA 451 -63.04 31.02 41.82
N MET YA 452 -63.83 32.07 41.78
CA MET YA 452 -63.82 33.06 42.85
C MET YA 452 -64.20 32.35 44.15
N PRO YA 453 -63.38 32.43 45.20
CA PRO YA 453 -63.48 31.49 46.33
C PRO YA 453 -64.53 31.84 47.38
N VAL YA 454 -65.81 31.73 46.99
CA VAL YA 454 -66.94 31.99 47.86
C VAL YA 454 -67.88 30.80 47.77
N PHE YA 455 -68.30 30.27 48.92
CA PHE YA 455 -69.05 29.03 48.97
C PHE YA 455 -70.24 29.13 49.91
N SER YA 456 -71.21 28.25 49.68
CA SER YA 456 -72.40 28.14 50.52
C SER YA 456 -72.21 27.11 51.61
N LYS YA 457 -72.77 27.37 52.78
CA LYS YA 457 -72.75 26.45 53.91
C LYS YA 457 -74.15 26.29 54.49
N SER YA 458 -74.51 25.06 54.89
CA SER YA 458 -75.84 24.74 55.36
C SER YA 458 -75.89 24.57 56.87
N PHE YA 459 -77.02 24.96 57.47
CA PHE YA 459 -77.29 24.77 58.88
C PHE YA 459 -78.72 24.27 59.06
N TYR YA 460 -78.98 23.65 60.19
CA TYR YA 460 -80.30 23.10 60.51
C TYR YA 460 -80.94 23.91 61.63
N ASN YA 461 -82.17 24.35 61.40
CA ASN YA 461 -82.90 25.14 62.40
C ASN YA 461 -84.36 24.70 62.53
N HIS YA 478 -92.78 45.04 64.52
CA HIS YA 478 -92.27 44.17 63.47
C HIS YA 478 -92.41 44.81 62.10
N VAL YA 479 -91.29 45.38 61.60
CA VAL YA 479 -91.30 45.98 60.28
C VAL YA 479 -91.42 44.93 59.19
N PHE YA 480 -91.06 43.67 59.48
CA PHE YA 480 -91.15 42.59 58.50
C PHE YA 480 -92.46 41.83 58.57
N ASN YA 481 -93.42 42.31 59.37
CA ASN YA 481 -94.77 41.71 59.39
C ASN YA 481 -95.75 42.85 59.67
N ARG YA 482 -96.25 43.47 58.60
CA ARG YA 482 -97.14 44.61 58.66
C ARG YA 482 -98.60 44.24 58.49
N PHE YA 483 -98.90 43.02 58.06
CA PHE YA 483 -100.27 42.53 57.91
C PHE YA 483 -100.38 41.17 58.58
N PRO YA 484 -100.29 41.15 59.91
CA PRO YA 484 -100.32 39.85 60.61
C PRO YA 484 -101.59 39.06 60.37
N GLU YA 485 -102.72 39.72 60.19
CA GLU YA 485 -103.99 39.01 60.05
C GLU YA 485 -104.16 38.38 58.67
N ASN YA 486 -103.65 39.02 57.62
CA ASN YA 486 -103.96 38.61 56.26
C ASN YA 486 -103.21 37.33 55.90
N GLN YA 487 -103.97 36.31 55.48
CA GLN YA 487 -103.37 35.02 55.18
C GLN YA 487 -102.48 35.06 53.94
N ILE YA 488 -102.68 36.02 53.05
CA ILE YA 488 -101.84 36.13 51.86
C ILE YA 488 -100.61 36.97 52.13
N LEU YA 489 -100.74 38.02 52.94
CA LEU YA 489 -99.66 38.97 53.21
C LEU YA 489 -98.92 38.68 54.51
N ILE YA 490 -99.17 37.52 55.12
CA ILE YA 490 -98.41 37.16 56.32
C ILE YA 490 -96.95 36.94 55.97
N ARG YA 491 -96.08 37.11 56.97
CA ARG YA 491 -94.65 36.91 56.78
C ARG YA 491 -94.35 35.44 56.48
N PRO YA 492 -93.57 35.14 55.44
CA PRO YA 492 -93.40 33.75 55.04
C PRO YA 492 -92.71 32.95 56.13
N PRO YA 493 -93.05 31.68 56.25
CA PRO YA 493 -92.32 30.81 57.19
C PRO YA 493 -90.88 30.58 56.74
N ALA YA 494 -90.00 30.38 57.72
CA ALA YA 494 -88.57 30.17 57.48
C ALA YA 494 -88.29 28.69 57.19
N PRO YA 495 -87.38 28.41 56.26
CA PRO YA 495 -87.05 27.01 55.97
C PRO YA 495 -86.34 26.36 57.14
N THR YA 496 -86.48 25.03 57.22
CA THR YA 496 -85.72 24.27 58.19
C THR YA 496 -84.25 24.10 57.81
N ILE YA 497 -83.87 24.46 56.59
CA ILE YA 497 -82.47 24.49 56.15
C ILE YA 497 -82.10 25.91 55.76
N THR YA 498 -81.10 26.47 56.44
CA THR YA 498 -80.61 27.82 56.18
C THR YA 498 -79.22 27.76 55.56
N THR YA 499 -78.98 28.60 54.55
CA THR YA 499 -77.68 28.66 53.87
C THR YA 499 -77.11 30.07 53.94
N VAL YA 500 -75.81 30.17 54.17
CA VAL YA 500 -75.07 31.43 54.21
C VAL YA 500 -73.79 31.26 53.41
N SER YA 501 -73.26 32.38 52.91
CA SER YA 501 -72.08 32.36 52.05
C SER YA 501 -70.82 32.70 52.85
N GLU YA 502 -69.72 32.05 52.50
CA GLU YA 502 -68.44 32.15 53.21
C GLU YA 502 -67.28 32.38 52.24
N ASN YA 503 -66.25 33.04 52.74
CA ASN YA 503 -65.00 33.22 52.02
C ASN YA 503 -63.96 32.25 52.57
N VAL YA 504 -63.37 31.44 51.70
CA VAL YA 504 -62.41 30.41 52.09
C VAL YA 504 -61.12 30.63 51.31
N PRO YA 505 -59.97 30.70 51.98
CA PRO YA 505 -58.71 30.92 51.25
C PRO YA 505 -58.42 29.79 50.25
N ALA YA 506 -57.92 30.17 49.09
CA ALA YA 506 -57.73 29.27 47.96
C ALA YA 506 -56.25 29.10 47.66
N LEU YA 507 -55.80 27.85 47.60
CA LEU YA 507 -54.43 27.47 47.33
C LEU YA 507 -54.41 26.64 46.05
N THR YA 508 -53.76 27.15 45.01
CA THR YA 508 -53.92 26.59 43.67
C THR YA 508 -52.57 26.36 43.00
N ASP YA 509 -52.46 25.20 42.35
CA ASP YA 509 -51.31 24.87 41.50
C ASP YA 509 -51.74 25.00 40.04
N HIS YA 510 -51.10 25.90 39.31
CA HIS YA 510 -51.47 26.19 37.93
C HIS YA 510 -50.60 25.49 36.89
N GLY YA 511 -49.66 24.64 37.31
CA GLY YA 511 -48.78 23.96 36.37
C GLY YA 511 -47.63 24.83 35.88
N THR YA 512 -46.97 24.35 34.82
CA THR YA 512 -45.76 24.98 34.27
C THR YA 512 -46.09 25.77 33.01
N LEU YA 513 -45.57 26.99 32.94
CA LEU YA 513 -45.74 27.88 31.79
C LEU YA 513 -44.40 28.40 31.30
N PRO YA 514 -44.26 28.66 29.99
CA PRO YA 514 -42.99 29.19 29.47
C PRO YA 514 -42.66 30.57 30.02
N LEU YA 515 -41.38 30.76 30.31
CA LEU YA 515 -40.85 31.90 31.03
C LEU YA 515 -39.98 32.76 30.11
N ARG YA 516 -40.03 34.08 30.30
CA ARG YA 516 -39.14 34.96 29.55
C ARG YA 516 -37.69 34.82 30.02
N SER YA 517 -36.75 34.97 29.07
CA SER YA 517 -35.34 34.77 29.38
C SER YA 517 -34.74 35.89 30.23
N SER YA 518 -35.30 37.09 30.15
CA SER YA 518 -34.81 38.22 30.94
C SER YA 518 -35.98 38.81 31.73
N ILE YA 519 -35.82 38.90 33.04
CA ILE YA 519 -36.87 39.31 33.96
C ILE YA 519 -36.46 40.62 34.62
N ARG YA 520 -37.29 41.64 34.48
CA ARG YA 520 -37.03 42.93 35.12
C ARG YA 520 -37.34 42.87 36.61
N GLY YA 521 -36.75 43.82 37.34
CA GLY YA 521 -36.85 43.85 38.79
C GLY YA 521 -38.21 44.22 39.34
N VAL YA 522 -39.03 44.94 38.57
CA VAL YA 522 -40.36 45.34 38.99
C VAL YA 522 -41.38 44.61 38.12
N GLN YA 523 -42.39 44.00 38.76
CA GLN YA 523 -43.35 43.13 38.10
C GLN YA 523 -44.78 43.57 38.42
N ARG YA 524 -45.67 43.37 37.46
CA ARG YA 524 -47.09 43.68 37.60
C ARG YA 524 -47.90 42.41 37.86
N VAL YA 525 -48.84 42.49 38.80
CA VAL YA 525 -49.72 41.38 39.16
C VAL YA 525 -51.17 41.86 39.04
N THR YA 526 -52.01 41.09 38.34
CA THR YA 526 -53.39 41.49 38.08
C THR YA 526 -54.35 40.31 38.24
N VAL YA 527 -55.52 40.58 38.82
CA VAL YA 527 -56.61 39.61 38.97
C VAL YA 527 -57.89 40.26 38.45
N THR YA 528 -58.56 39.61 37.49
CA THR YA 528 -59.78 40.15 36.89
C THR YA 528 -60.87 39.08 36.82
N ASP YA 529 -62.12 39.54 36.69
CA ASP YA 529 -63.29 38.67 36.65
C ASP YA 529 -63.65 38.30 35.21
N ALA YA 530 -64.82 37.71 35.02
CA ALA YA 530 -65.21 37.19 33.71
C ALA YA 530 -65.43 38.31 32.68
N ARG YA 531 -65.87 39.48 33.13
CA ARG YA 531 -66.02 40.63 32.26
C ARG YA 531 -64.74 41.47 32.16
N ARG YA 532 -63.64 40.97 32.73
CA ARG YA 532 -62.32 41.61 32.71
C ARG YA 532 -62.31 42.94 33.46
N ARG YA 533 -63.01 42.99 34.58
CA ARG YA 533 -62.86 44.06 35.56
C ARG YA 533 -62.03 43.57 36.74
N THR YA 534 -61.29 44.46 37.36
CA THR YA 534 -60.62 44.11 38.61
C THR YA 534 -61.65 43.95 39.73
N CYS YA 535 -61.30 43.14 40.72
CA CYS YA 535 -62.23 42.83 41.81
C CYS YA 535 -61.82 43.57 43.08
N PRO YA 536 -62.64 44.51 43.57
CA PRO YA 536 -62.28 45.24 44.81
C PRO YA 536 -62.33 44.42 46.08
N TYR YA 537 -62.78 43.17 46.05
CA TYR YA 537 -62.90 42.39 47.27
C TYR YA 537 -61.72 41.43 47.49
N VAL YA 538 -60.68 41.47 46.66
CA VAL YA 538 -59.45 40.77 46.95
C VAL YA 538 -58.63 41.60 47.93
N TYR YA 539 -58.18 40.98 49.02
CA TYR YA 539 -57.29 41.70 49.93
C TYR YA 539 -56.00 40.95 50.27
N LYS YA 540 -55.74 39.81 49.62
CA LYS YA 540 -54.47 39.11 49.79
C LYS YA 540 -54.23 38.25 48.56
N ALA YA 541 -53.08 38.45 47.92
CA ALA YA 541 -52.71 37.68 46.73
C ALA YA 541 -51.19 37.52 46.70
N LEU YA 542 -50.72 36.29 46.60
CA LEU YA 542 -49.31 35.96 46.54
C LEU YA 542 -49.04 34.98 45.41
N GLY YA 543 -47.85 35.06 44.85
CA GLY YA 543 -47.40 34.10 43.86
C GLY YA 543 -46.00 33.62 44.13
N ILE YA 544 -45.76 32.35 43.80
CA ILE YA 544 -44.47 31.70 43.94
C ILE YA 544 -44.17 30.96 42.65
N VAL YA 545 -43.01 31.22 42.05
CA VAL YA 545 -42.62 30.64 40.78
C VAL YA 545 -41.33 29.86 40.96
N ALA YA 546 -41.27 28.66 40.37
CA ALA YA 546 -40.08 27.81 40.42
C ALA YA 546 -39.56 27.50 39.02
N PRO YA 547 -38.54 28.22 38.54
CA PRO YA 547 -38.04 27.98 37.17
C PRO YA 547 -37.31 26.66 37.01
N ARG YA 548 -37.34 26.12 35.80
CA ARG YA 548 -36.56 24.95 35.41
C ARG YA 548 -36.44 24.89 33.89
N VAL YA 549 -35.48 24.08 33.43
CA VAL YA 549 -35.18 23.97 32.01
C VAL YA 549 -36.22 23.07 31.32
N LEU YA 550 -36.74 23.51 30.18
CA LEU YA 550 -37.67 22.74 29.37
C LEU YA 550 -37.03 22.07 28.17
N SER YA 551 -36.26 22.81 27.37
CA SER YA 551 -35.62 22.23 26.20
C SER YA 551 -34.38 23.05 25.85
N SER YA 552 -33.62 22.52 24.90
CA SER YA 552 -32.37 23.14 24.47
C SER YA 552 -32.62 24.17 23.37
N ARG YA 553 -31.74 25.16 23.31
CA ARG YA 553 -31.70 26.19 22.27
C ARG YA 553 -32.91 27.11 22.32
N ARG ZA 48 10.20 -44.35 11.55
CA ARG ZA 48 10.37 -45.37 10.52
C ARG ZA 48 11.39 -46.43 10.91
N ASN ZA 49 11.36 -46.85 12.19
CA ASN ZA 49 12.35 -47.79 12.68
C ASN ZA 49 11.76 -48.86 13.59
N SER ZA 50 10.46 -49.14 13.49
CA SER ZA 50 9.82 -50.10 14.38
C SER ZA 50 9.93 -51.52 13.83
N ILE ZA 51 9.83 -52.50 14.73
CA ILE ZA 51 9.92 -53.91 14.41
C ILE ZA 51 8.73 -54.62 15.06
N ARG ZA 52 7.95 -55.33 14.25
CA ARG ZA 52 6.65 -55.85 14.67
C ARG ZA 52 6.53 -57.34 14.43
N TYR ZA 53 5.82 -58.01 15.34
CA TYR ZA 53 5.56 -59.45 15.27
C TYR ZA 53 4.07 -59.68 15.08
N SER ZA 54 3.72 -60.53 14.11
CA SER ZA 54 2.35 -60.60 13.62
C SER ZA 54 1.35 -61.11 14.66
N GLU ZA 55 1.80 -61.72 15.74
CA GLU ZA 55 0.87 -62.20 16.76
C GLU ZA 55 0.56 -61.17 17.84
N LEU ZA 56 1.11 -59.96 17.76
CA LEU ZA 56 0.91 -58.93 18.78
C LEU ZA 56 0.26 -57.70 18.16
N SER ZA 57 -0.62 -57.05 18.93
CA SER ZA 57 -1.32 -55.86 18.48
C SER ZA 57 -1.80 -55.06 19.68
N PRO ZA 58 -1.81 -53.72 19.61
CA PRO ZA 58 -2.24 -52.92 20.76
C PRO ZA 58 -3.76 -52.75 20.84
N LEU ZA 59 -4.23 -52.37 22.04
CA LEU ZA 59 -5.65 -52.35 22.37
C LEU ZA 59 -6.19 -50.93 22.49
N TYR ZA 60 -7.44 -50.73 22.07
CA TYR ZA 60 -8.09 -49.42 22.09
C TYR ZA 60 -9.57 -49.55 22.45
N ASP ZA 61 -10.07 -48.47 23.08
CA ASP ZA 61 -11.48 -48.06 23.25
C ASP ZA 61 -12.34 -48.85 24.26
N THR ZA 62 -12.02 -50.11 24.55
CA THR ZA 62 -12.82 -50.91 25.47
C THR ZA 62 -12.21 -52.31 25.56
N THR ZA 63 -12.54 -53.01 26.65
CA THR ZA 63 -12.03 -54.35 26.92
C THR ZA 63 -12.88 -54.95 28.06
N ARG ZA 64 -12.44 -56.08 28.62
CA ARG ZA 64 -13.10 -56.70 29.75
C ARG ZA 64 -12.10 -56.99 30.87
N LEU ZA 65 -12.53 -56.86 32.11
CA LEU ZA 65 -11.80 -57.30 33.29
C LEU ZA 65 -12.66 -58.27 34.08
N TYR ZA 66 -12.08 -59.40 34.50
CA TYR ZA 66 -12.83 -60.46 35.16
C TYR ZA 66 -12.38 -60.61 36.61
N LEU ZA 67 -13.34 -60.66 37.52
CA LEU ZA 67 -13.10 -60.81 38.96
C LEU ZA 67 -13.72 -62.12 39.41
N VAL ZA 68 -12.90 -63.15 39.54
CA VAL ZA 68 -13.36 -64.53 39.69
C VAL ZA 68 -12.82 -65.10 41.00
N ASP ZA 69 -13.68 -65.83 41.71
CA ASP ZA 69 -13.40 -66.24 43.08
C ASP ZA 69 -12.80 -67.63 43.22
N ASN ZA 70 -12.55 -68.36 42.12
CA ASN ZA 70 -12.09 -69.74 42.24
C ASN ZA 70 -10.97 -70.05 41.24
N LYS ZA 71 -10.03 -69.14 41.07
CA LYS ZA 71 -8.83 -69.46 40.30
C LYS ZA 71 -7.92 -70.39 41.10
N SER ZA 72 -7.32 -71.37 40.40
CA SER ZA 72 -6.62 -72.45 41.09
C SER ZA 72 -5.42 -71.93 41.89
N ALA ZA 73 -4.61 -71.04 41.29
CA ALA ZA 73 -3.42 -70.55 41.96
C ALA ZA 73 -3.74 -69.55 43.07
N ASP ZA 74 -4.80 -68.75 42.90
CA ASP ZA 74 -5.17 -67.79 43.94
C ASP ZA 74 -5.69 -68.47 45.19
N ILE ZA 75 -6.28 -69.66 45.05
CA ILE ZA 75 -6.79 -70.39 46.20
C ILE ZA 75 -5.65 -70.76 47.14
N ALA ZA 76 -4.53 -71.23 46.59
CA ALA ZA 76 -3.45 -71.76 47.42
C ALA ZA 76 -2.66 -70.65 48.11
N SER ZA 77 -2.38 -69.55 47.41
CA SER ZA 77 -1.42 -68.58 47.90
C SER ZA 77 -2.01 -67.27 48.39
N LEU ZA 78 -3.30 -67.03 48.22
CA LEU ZA 78 -3.86 -65.74 48.62
C LEU ZA 78 -4.93 -65.83 49.70
N ASN ZA 79 -5.80 -66.82 49.64
CA ASN ZA 79 -7.07 -66.77 50.35
C ASN ZA 79 -7.21 -67.87 51.41
N TYR ZA 80 -6.12 -68.13 52.14
CA TYR ZA 80 -6.13 -69.24 53.08
C TYR ZA 80 -7.09 -69.00 54.24
N GLN ZA 81 -7.22 -67.75 54.70
CA GLN ZA 81 -8.07 -67.42 55.83
C GLN ZA 81 -9.36 -66.68 55.43
N ASN ZA 82 -9.73 -66.67 54.15
CA ASN ZA 82 -10.84 -65.88 53.65
C ASN ZA 82 -12.05 -66.76 53.33
N ASP ZA 83 -13.15 -66.13 52.93
CA ASP ZA 83 -14.32 -66.83 52.43
C ASP ZA 83 -14.88 -66.04 51.25
N HIS ZA 84 -15.96 -66.56 50.64
CA HIS ZA 84 -16.48 -65.99 49.40
C HIS ZA 84 -17.11 -64.61 49.57
N SER ZA 85 -17.34 -64.18 50.81
CA SER ZA 85 -17.84 -62.83 51.05
C SER ZA 85 -16.73 -61.77 51.11
N ASN ZA 86 -15.47 -62.19 51.26
CA ASN ZA 86 -14.37 -61.23 51.38
C ASN ZA 86 -13.07 -61.94 50.98
N PHE ZA 87 -12.60 -61.71 49.75
CA PHE ZA 87 -11.48 -62.48 49.22
C PHE ZA 87 -10.63 -61.59 48.29
N LEU ZA 88 -9.49 -62.14 47.88
CA LEU ZA 88 -8.57 -61.50 46.95
C LEU ZA 88 -8.51 -62.30 45.65
N THR ZA 89 -8.31 -61.59 44.54
CA THR ZA 89 -8.20 -62.23 43.23
C THR ZA 89 -7.28 -61.43 42.34
N THR ZA 90 -6.78 -62.08 41.29
CA THR ZA 90 -5.88 -61.46 40.33
C THR ZA 90 -6.64 -61.14 39.04
N VAL ZA 91 -6.49 -59.92 38.55
CA VAL ZA 91 -7.08 -59.55 37.27
C VAL ZA 91 -6.13 -59.78 36.10
N VAL ZA 92 -4.88 -60.18 36.36
CA VAL ZA 92 -3.94 -60.55 35.31
C VAL ZA 92 -4.21 -62.01 34.93
N GLN ZA 93 -4.52 -62.26 33.66
CA GLN ZA 93 -4.88 -63.58 33.16
C GLN ZA 93 -3.76 -64.25 32.38
N ASN ZA 94 -2.51 -64.08 32.80
CA ASN ZA 94 -1.33 -64.56 32.08
C ASN ZA 94 -0.58 -65.52 32.99
N ASN ZA 95 -0.55 -66.81 32.63
CA ASN ZA 95 0.00 -67.83 33.50
C ASN ZA 95 1.52 -67.94 33.43
N ASP ZA 96 2.21 -67.01 32.77
CA ASP ZA 96 3.65 -66.92 32.88
C ASP ZA 96 4.11 -66.42 34.24
N PHE ZA 97 3.19 -65.95 35.08
CA PHE ZA 97 3.51 -65.37 36.38
C PHE ZA 97 2.64 -65.98 37.47
N THR ZA 98 3.19 -66.05 38.67
CA THR ZA 98 2.42 -66.43 39.85
C THR ZA 98 1.62 -65.22 40.36
N PRO ZA 99 0.59 -65.46 41.17
CA PRO ZA 99 -0.17 -64.32 41.72
C PRO ZA 99 0.66 -63.35 42.52
N THR ZA 100 1.66 -63.83 43.25
CA THR ZA 100 2.55 -62.95 44.00
C THR ZA 100 3.31 -62.02 43.05
N GLU ZA 101 3.85 -62.57 41.97
CA GLU ZA 101 4.50 -61.72 40.97
C GLU ZA 101 3.52 -60.77 40.30
N ALA ZA 102 2.29 -61.23 40.05
CA ALA ZA 102 1.30 -60.40 39.38
C ALA ZA 102 0.90 -59.20 40.23
N SER ZA 103 1.05 -59.29 41.55
CA SER ZA 103 0.57 -58.23 42.43
C SER ZA 103 1.28 -56.91 42.18
N THR ZA 104 2.51 -56.95 41.68
CA THR ZA 104 3.25 -55.73 41.41
C THR ZA 104 3.02 -55.15 40.01
N GLN ZA 105 2.35 -55.88 39.13
CA GLN ZA 105 2.09 -55.39 37.78
C GLN ZA 105 0.86 -54.47 37.76
N THR ZA 106 0.72 -53.71 36.67
CA THR ZA 106 -0.37 -52.76 36.55
C THR ZA 106 -0.98 -52.81 35.16
N ILE ZA 107 -2.23 -52.34 35.06
CA ILE ZA 107 -2.92 -52.06 33.81
C ILE ZA 107 -3.22 -50.57 33.78
N ASN ZA 108 -2.87 -49.91 32.68
CA ASN ZA 108 -2.90 -48.45 32.61
C ASN ZA 108 -3.84 -47.97 31.51
N PHE ZA 109 -4.81 -47.15 31.88
CA PHE ZA 109 -5.74 -46.51 30.96
C PHE ZA 109 -5.26 -45.08 30.70
N ASP ZA 110 -5.30 -44.66 29.43
CA ASP ZA 110 -4.61 -43.44 29.01
C ASP ZA 110 -4.98 -42.24 29.88
N GLU ZA 111 -3.97 -41.59 30.43
CA GLU ZA 111 -4.15 -40.53 31.42
C GLU ZA 111 -4.71 -39.24 30.84
N ARG ZA 112 -4.78 -39.12 29.53
CA ARG ZA 112 -5.41 -37.95 28.91
C ARG ZA 112 -6.92 -38.05 28.82
N SER ZA 113 -7.53 -39.11 29.35
CA SER ZA 113 -8.97 -39.27 29.42
C SER ZA 113 -9.36 -39.66 30.84
N ARG ZA 114 -10.62 -39.41 31.19
CA ARG ZA 114 -11.24 -39.96 32.38
C ARG ZA 114 -12.09 -41.16 31.98
N TRP ZA 115 -11.95 -42.26 32.71
CA TRP ZA 115 -12.54 -43.53 32.34
C TRP ZA 115 -13.63 -43.95 33.33
N GLY ZA 116 -14.62 -44.67 32.81
CA GLY ZA 116 -15.64 -45.27 33.64
C GLY ZA 116 -15.79 -46.75 33.33
N GLY ZA 117 -16.41 -47.46 34.26
CA GLY ZA 117 -16.60 -48.89 34.10
C GLY ZA 117 -18.00 -49.38 34.39
N GLN ZA 118 -18.61 -50.07 33.43
CA GLN ZA 118 -19.92 -50.67 33.63
C GLN ZA 118 -19.79 -52.01 34.33
N LEU ZA 119 -20.52 -52.19 35.43
CA LEU ZA 119 -20.35 -53.32 36.33
C LEU ZA 119 -21.56 -54.24 36.31
N LYS ZA 120 -21.32 -55.54 36.11
CA LYS ZA 120 -22.34 -56.58 36.22
C LYS ZA 120 -21.86 -57.63 37.22
N THR ZA 121 -22.78 -58.14 38.06
CA THR ZA 121 -22.44 -59.10 39.09
C THR ZA 121 -23.35 -60.31 39.02
N ILE ZA 122 -22.83 -61.43 39.54
CA ILE ZA 122 -23.57 -62.68 39.70
C ILE ZA 122 -23.34 -63.18 41.12
N MET ZA 123 -24.42 -63.50 41.83
CA MET ZA 123 -24.35 -63.91 43.22
C MET ZA 123 -25.30 -65.07 43.50
N HIS ZA 124 -24.88 -66.01 44.34
CA HIS ZA 124 -25.72 -67.12 44.76
C HIS ZA 124 -25.49 -67.41 46.25
N THR ZA 125 -26.58 -67.70 46.97
CA THR ZA 125 -26.54 -67.89 48.42
C THR ZA 125 -27.17 -69.23 48.80
N ASN ZA 126 -26.94 -69.65 50.04
CA ASN ZA 126 -27.53 -70.88 50.59
C ASN ZA 126 -27.98 -70.67 52.05
N MET ZA 127 -28.67 -69.56 52.32
CA MET ZA 127 -29.09 -69.21 53.68
C MET ZA 127 -30.35 -69.98 54.10
N PRO ZA 128 -30.36 -70.62 55.26
CA PRO ZA 128 -31.61 -71.15 55.82
C PRO ZA 128 -32.35 -70.10 56.64
N ASN ZA 129 -33.67 -70.28 56.74
CA ASN ZA 129 -34.50 -69.21 57.30
C ASN ZA 129 -34.43 -69.09 58.82
N VAL ZA 130 -34.08 -70.16 59.53
CA VAL ZA 130 -33.94 -70.11 61.00
C VAL ZA 130 -32.48 -70.35 61.32
N ASN ZA 131 -31.78 -69.30 61.77
CA ASN ZA 131 -30.36 -69.39 62.05
C ASN ZA 131 -29.96 -68.33 63.07
N GLU ZA 132 -28.79 -68.53 63.66
CA GLU ZA 132 -28.31 -67.65 64.75
C GLU ZA 132 -27.80 -66.32 64.23
N TYR ZA 133 -27.15 -66.31 63.06
CA TYR ZA 133 -26.47 -65.11 62.60
C TYR ZA 133 -27.44 -63.97 62.31
N MET ZA 134 -28.67 -64.30 61.90
CA MET ZA 134 -29.67 -63.31 61.53
C MET ZA 134 -30.72 -63.07 62.61
N PHE ZA 135 -30.50 -63.58 63.82
CA PHE ZA 135 -31.37 -63.34 64.97
C PHE ZA 135 -32.78 -63.88 64.77
N SER ZA 136 -32.93 -64.94 63.99
CA SER ZA 136 -34.21 -65.63 63.83
C SER ZA 136 -34.24 -66.92 64.63
N ASN ZA 137 -33.43 -67.01 65.67
CA ASN ZA 137 -33.20 -68.24 66.41
C ASN ZA 137 -33.78 -68.22 67.82
N LYS ZA 138 -34.22 -67.06 68.32
CA LYS ZA 138 -34.49 -66.92 69.75
C LYS ZA 138 -35.58 -65.88 69.98
N PHE ZA 139 -36.20 -65.97 71.15
CA PHE ZA 139 -37.16 -65.00 71.64
C PHE ZA 139 -37.22 -65.12 73.16
N LYS ZA 140 -37.88 -64.15 73.80
CA LYS ZA 140 -38.00 -64.11 75.25
C LYS ZA 140 -39.47 -64.15 75.67
N ALA ZA 141 -39.73 -64.77 76.82
CA ALA ZA 141 -41.09 -64.89 77.34
C ALA ZA 141 -41.06 -65.00 78.85
N ARG ZA 142 -42.20 -64.73 79.48
CA ARG ZA 142 -42.37 -64.79 80.93
C ARG ZA 142 -43.39 -65.86 81.27
N VAL ZA 143 -42.97 -66.87 82.04
CA VAL ZA 143 -43.81 -68.00 82.38
C VAL ZA 143 -43.81 -68.19 83.90
N MET ZA 144 -44.62 -69.13 84.37
CA MET ZA 144 -44.77 -69.40 85.80
C MET ZA 144 -43.78 -70.47 86.25
N VAL ZA 145 -43.04 -70.18 87.31
CA VAL ZA 145 -42.01 -71.06 87.81
C VAL ZA 145 -42.46 -71.84 89.06
N SER ZA 146 -43.33 -71.26 89.89
CA SER ZA 146 -43.76 -71.92 91.11
C SER ZA 146 -45.19 -71.54 91.44
N ARG ZA 147 -46.00 -72.55 91.77
CA ARG ZA 147 -47.25 -72.35 92.47
C ARG ZA 147 -46.95 -72.42 93.97
N LYS ZA 148 -47.99 -72.49 94.79
CA LYS ZA 148 -47.77 -72.58 96.24
C LYS ZA 148 -47.17 -73.93 96.62
N ASP ZA 171 -52.96 -69.39 97.37
CA ASP ZA 171 -51.83 -69.76 96.53
C ASP ZA 171 -51.04 -68.54 96.07
N ILE ZA 172 -49.71 -68.63 96.15
CA ILE ZA 172 -48.82 -67.57 95.69
C ILE ZA 172 -48.09 -68.06 94.44
N LEU ZA 173 -48.09 -67.24 93.40
CA LEU ZA 173 -47.59 -67.61 92.09
C LEU ZA 173 -46.37 -66.76 91.75
N LYS ZA 174 -45.33 -67.40 91.24
CA LYS ZA 174 -44.08 -66.72 90.88
C LYS ZA 174 -43.82 -66.88 89.39
N TYR ZA 175 -43.33 -65.80 88.77
CA TYR ZA 175 -43.05 -65.76 87.34
C TYR ZA 175 -41.64 -65.26 87.11
N GLU ZA 176 -41.08 -65.60 85.95
CA GLU ZA 176 -39.72 -65.20 85.61
C GLU ZA 176 -39.55 -65.15 84.10
N TRP ZA 177 -38.59 -64.34 83.65
CA TRP ZA 177 -38.25 -64.21 82.24
C TRP ZA 177 -37.16 -65.22 81.87
N PHE ZA 178 -37.25 -65.74 80.65
CA PHE ZA 178 -36.25 -66.64 80.09
C PHE ZA 178 -36.04 -66.32 78.62
N GLU ZA 179 -34.94 -66.81 78.07
CA GLU ZA 179 -34.67 -66.75 76.64
C GLU ZA 179 -34.69 -68.17 76.06
N PHE ZA 180 -35.42 -68.36 74.97
CA PHE ZA 180 -35.66 -69.67 74.39
C PHE ZA 180 -34.93 -69.78 73.05
N ILE ZA 181 -34.37 -70.96 72.76
CA ILE ZA 181 -33.54 -71.20 71.59
C ILE ZA 181 -34.13 -72.34 70.78
N LEU ZA 182 -34.23 -72.14 69.45
CA LEU ZA 182 -34.66 -73.12 68.45
C LEU ZA 182 -33.45 -73.72 67.75
N PRO ZA 183 -33.55 -74.94 67.24
CA PRO ZA 183 -32.47 -75.48 66.41
C PRO ZA 183 -32.56 -74.98 64.98
N GLU ZA 184 -31.40 -74.94 64.31
CA GLU ZA 184 -31.27 -74.28 63.01
C GLU ZA 184 -31.70 -75.20 61.86
N GLY ZA 185 -32.20 -74.58 60.80
CA GLY ZA 185 -32.68 -75.30 59.65
C GLY ZA 185 -33.57 -74.41 58.79
N ASN ZA 186 -34.08 -75.01 57.72
CA ASN ZA 186 -34.94 -74.31 56.77
C ASN ZA 186 -36.35 -74.91 56.86
N PHE ZA 187 -37.26 -74.19 57.51
CA PHE ZA 187 -38.56 -74.72 57.89
C PHE ZA 187 -39.69 -73.88 57.32
N SER ZA 188 -40.85 -74.51 57.14
CA SER ZA 188 -42.05 -73.77 56.80
C SER ZA 188 -42.58 -73.03 58.02
N ALA ZA 189 -43.57 -72.16 57.79
CA ALA ZA 189 -44.10 -71.33 58.87
C ALA ZA 189 -44.81 -72.17 59.93
N THR ZA 190 -45.59 -73.17 59.51
CA THR ZA 190 -46.27 -74.02 60.48
C THR ZA 190 -45.28 -74.83 61.30
N MET ZA 191 -44.24 -75.38 60.66
CA MET ZA 191 -43.24 -76.14 61.39
C MET ZA 191 -42.46 -75.25 62.36
N THR ZA 192 -42.25 -73.98 62.02
CA THR ZA 192 -41.58 -73.07 62.92
C THR ZA 192 -42.40 -72.82 64.19
N ILE ZA 193 -43.73 -72.68 64.04
CA ILE ZA 193 -44.59 -72.44 65.18
C ILE ZA 193 -44.62 -73.66 66.11
N ASP ZA 194 -44.54 -74.87 65.56
CA ASP ZA 194 -44.44 -76.06 66.40
C ASP ZA 194 -43.18 -76.04 67.24
N LEU ZA 195 -42.06 -75.58 66.67
CA LEU ZA 195 -40.81 -75.55 67.42
C LEU ZA 195 -40.85 -74.54 68.55
N MET ZA 196 -41.55 -73.41 68.36
CA MET ZA 196 -41.66 -72.42 69.42
C MET ZA 196 -42.51 -72.94 70.59
N ASN ZA 197 -43.59 -73.66 70.29
CA ASN ZA 197 -44.37 -74.29 71.36
C ASN ZA 197 -43.55 -75.34 72.10
N ASN ZA 198 -42.77 -76.12 71.35
CA ASN ZA 198 -41.94 -77.15 71.97
C ASN ZA 198 -40.89 -76.57 72.90
N ALA ZA 199 -40.37 -75.39 72.57
CA ALA ZA 199 -39.40 -74.73 73.45
C ALA ZA 199 -40.04 -74.33 74.78
N ILE ZA 200 -41.28 -73.83 74.74
CA ILE ZA 200 -41.98 -73.45 75.97
C ILE ZA 200 -42.17 -74.66 76.86
N ILE ZA 201 -42.59 -75.78 76.28
CA ILE ZA 201 -42.92 -76.97 77.06
C ILE ZA 201 -41.67 -77.57 77.70
N ASP ZA 202 -40.53 -77.55 77.00
CA ASP ZA 202 -39.29 -78.07 77.58
C ASP ZA 202 -38.85 -77.28 78.80
N ASN ZA 203 -39.26 -76.01 78.91
CA ASN ZA 203 -39.02 -75.24 80.12
C ASN ZA 203 -39.95 -75.68 81.25
N TYR ZA 204 -41.17 -76.10 80.91
CA TYR ZA 204 -42.10 -76.57 81.93
C TYR ZA 204 -41.74 -77.97 82.44
N LEU ZA 205 -40.94 -78.72 81.69
CA LEU ZA 205 -40.53 -80.04 82.15
C LEU ZA 205 -39.24 -80.02 82.96
N GLU ZA 206 -38.41 -78.99 82.79
CA GLU ZA 206 -37.15 -78.86 83.51
C GLU ZA 206 -37.29 -78.06 84.80
N ILE ZA 207 -38.08 -76.99 84.75
CA ILE ZA 207 -38.47 -76.20 85.91
C ILE ZA 207 -39.99 -76.34 85.93
N GLY ZA 208 -40.66 -75.69 86.86
CA GLY ZA 208 -42.10 -75.72 86.74
C GLY ZA 208 -42.69 -76.98 87.32
N ARG ZA 209 -42.95 -77.97 86.44
CA ARG ZA 209 -43.59 -79.22 86.81
C ARG ZA 209 -43.12 -79.79 88.16
N GLN ZA 210 -41.82 -79.74 88.41
CA GLN ZA 210 -41.29 -80.24 89.69
C GLN ZA 210 -41.48 -79.25 90.83
N ASN ZA 211 -42.07 -78.08 90.59
CA ASN ZA 211 -42.33 -77.10 91.63
C ASN ZA 211 -43.81 -76.78 91.75
N GLY ZA 212 -44.69 -77.68 91.34
CA GLY ZA 212 -46.09 -77.58 91.65
C GLY ZA 212 -47.01 -76.93 90.63
N VAL ZA 213 -46.51 -76.60 89.44
CA VAL ZA 213 -47.39 -76.04 88.41
C VAL ZA 213 -48.03 -77.19 87.65
N LEU ZA 214 -49.29 -77.02 87.29
CA LEU ZA 214 -50.04 -78.04 86.59
C LEU ZA 214 -50.00 -77.80 85.08
N GLU ZA 215 -50.38 -78.83 84.33
CA GLU ZA 215 -50.50 -78.66 82.89
C GLU ZA 215 -51.85 -78.04 82.55
N SER ZA 216 -52.20 -76.99 83.29
CA SER ZA 216 -53.34 -76.15 82.95
C SER ZA 216 -53.05 -74.68 83.26
N ASP ZA 217 -51.80 -74.35 83.61
CA ASP ZA 217 -51.38 -72.99 83.87
C ASP ZA 217 -50.12 -72.62 83.08
N ILE ZA 218 -49.90 -73.25 81.93
CA ILE ZA 218 -48.70 -73.03 81.14
C ILE ZA 218 -48.53 -71.53 80.84
N GLY ZA 219 -49.48 -70.96 80.11
CA GLY ZA 219 -49.58 -69.51 80.03
C GLY ZA 219 -49.07 -68.85 78.78
N VAL ZA 220 -48.38 -69.56 77.89
CA VAL ZA 220 -47.94 -69.00 76.60
C VAL ZA 220 -48.13 -70.07 75.54
N LYS ZA 221 -48.91 -69.76 74.51
CA LYS ZA 221 -49.11 -70.66 73.39
C LYS ZA 221 -49.28 -69.88 72.09
N PHE ZA 222 -48.74 -70.43 71.00
CA PHE ZA 222 -48.89 -69.84 69.66
C PHE ZA 222 -49.90 -70.67 68.86
N ASP ZA 223 -50.94 -70.01 68.36
CA ASP ZA 223 -52.05 -70.70 67.72
C ASP ZA 223 -52.35 -70.07 66.36
N THR ZA 224 -53.38 -70.61 65.68
CA THR ZA 224 -53.82 -70.09 64.41
C THR ZA 224 -55.33 -69.93 64.29
N ARG ZA 225 -56.10 -70.28 65.33
CA ARG ZA 225 -57.55 -70.38 65.21
C ARG ZA 225 -58.26 -69.07 65.51
N ASN ZA 226 -59.49 -68.96 65.02
CA ASN ZA 226 -60.38 -67.85 65.36
C ASN ZA 226 -61.33 -68.35 66.44
N PHE ZA 227 -60.97 -68.13 67.69
CA PHE ZA 227 -61.88 -68.45 68.78
C PHE ZA 227 -63.09 -67.53 68.69
N ARG ZA 228 -64.20 -67.98 69.28
CA ARG ZA 228 -65.52 -67.32 69.26
C ARG ZA 228 -66.17 -67.31 67.88
N LEU ZA 229 -65.79 -68.20 66.98
CA LEU ZA 229 -66.45 -68.28 65.68
C LEU ZA 229 -67.91 -68.70 65.83
N GLY ZA 230 -68.16 -69.81 66.53
CA GLY ZA 230 -69.52 -70.30 66.68
C GLY ZA 230 -70.27 -69.72 67.86
N TRP ZA 231 -69.94 -68.49 68.23
CA TRP ZA 231 -70.51 -67.82 69.39
C TRP ZA 231 -71.98 -67.50 69.16
N ASP ZA 232 -72.76 -67.55 70.24
CA ASP ZA 232 -74.19 -67.29 70.18
C ASP ZA 232 -74.53 -66.03 70.98
N PRO ZA 233 -75.28 -65.09 70.41
CA PRO ZA 233 -75.49 -63.81 71.08
C PRO ZA 233 -76.39 -63.89 72.30
N GLU ZA 234 -77.17 -64.97 72.46
CA GLU ZA 234 -78.05 -65.10 73.62
C GLU ZA 234 -77.37 -65.85 74.77
N THR ZA 235 -76.93 -67.08 74.51
CA THR ZA 235 -76.27 -67.87 75.54
C THR ZA 235 -74.83 -67.43 75.80
N LYS ZA 236 -74.22 -66.71 74.85
CA LYS ZA 236 -72.85 -66.21 75.00
C LYS ZA 236 -71.85 -67.33 75.27
N LEU ZA 237 -72.04 -68.47 74.60
CA LEU ZA 237 -71.12 -69.58 74.69
C LEU ZA 237 -70.95 -70.20 73.30
N ILE ZA 238 -69.87 -70.97 73.14
CA ILE ZA 238 -69.59 -71.63 71.87
C ILE ZA 238 -70.49 -72.86 71.79
N MET ZA 239 -71.60 -72.74 71.06
CA MET ZA 239 -72.62 -73.78 71.06
C MET ZA 239 -72.12 -75.16 70.62
N PRO ZA 240 -71.30 -75.30 69.58
CA PRO ZA 240 -70.88 -76.67 69.17
C PRO ZA 240 -70.12 -77.43 70.25
N GLY ZA 241 -69.56 -76.76 71.25
CA GLY ZA 241 -68.77 -77.44 72.26
C GLY ZA 241 -67.31 -77.62 71.92
N VAL ZA 242 -66.90 -77.31 70.70
CA VAL ZA 242 -65.49 -77.30 70.30
C VAL ZA 242 -65.25 -76.07 69.44
N TYR ZA 243 -64.08 -75.45 69.62
CA TYR ZA 243 -63.70 -74.32 68.80
C TYR ZA 243 -63.47 -74.78 67.35
N THR ZA 244 -63.81 -73.90 66.41
CA THR ZA 244 -63.66 -74.22 65.00
C THR ZA 244 -62.20 -74.50 64.66
N TYR ZA 245 -61.95 -75.63 64.00
CA TYR ZA 245 -60.59 -76.12 63.75
C TYR ZA 245 -60.10 -75.71 62.36
N GLU ZA 246 -60.06 -74.39 62.13
CA GLU ZA 246 -59.61 -73.81 60.87
C GLU ZA 246 -58.56 -72.73 61.13
N ALA ZA 247 -57.61 -72.62 60.22
CA ALA ZA 247 -56.51 -71.67 60.36
C ALA ZA 247 -56.88 -70.33 59.72
N PHE ZA 248 -56.65 -69.24 60.46
CA PHE ZA 248 -56.96 -67.90 60.00
C PHE ZA 248 -55.72 -67.02 59.90
N HIS ZA 249 -54.93 -66.93 60.96
CA HIS ZA 249 -53.76 -66.06 61.08
C HIS ZA 249 -53.04 -66.44 62.37
N PRO ZA 250 -51.71 -66.44 62.40
CA PRO ZA 250 -50.99 -66.78 63.63
C PRO ZA 250 -51.33 -65.83 64.77
N ASP ZA 251 -51.36 -66.39 65.98
CA ASP ZA 251 -51.95 -65.72 67.15
C ASP ZA 251 -51.15 -66.06 68.39
N ILE ZA 252 -51.30 -65.21 69.42
CA ILE ZA 252 -50.63 -65.37 70.72
C ILE ZA 252 -51.72 -65.46 71.79
N VAL ZA 253 -51.63 -66.49 72.63
CA VAL ZA 253 -52.59 -66.73 73.71
C VAL ZA 253 -51.88 -66.66 75.05
N LEU ZA 254 -52.42 -65.88 75.99
CA LEU ZA 254 -51.77 -65.58 77.25
C LEU ZA 254 -52.69 -65.80 78.44
N LEU ZA 255 -52.08 -66.16 79.58
CA LEU ZA 255 -52.66 -66.23 80.92
C LEU ZA 255 -52.16 -65.06 81.75
N PRO ZA 256 -52.85 -64.71 82.85
CA PRO ZA 256 -52.43 -63.55 83.64
C PRO ZA 256 -51.00 -63.72 84.17
N GLY ZA 257 -50.26 -62.62 84.16
CA GLY ZA 257 -48.89 -62.61 84.63
C GLY ZA 257 -47.83 -62.97 83.60
N CYS ZA 258 -48.22 -63.31 82.38
CA CYS ZA 258 -47.28 -63.77 81.35
C CYS ZA 258 -47.13 -62.71 80.25
N GLY ZA 259 -46.23 -62.98 79.31
CA GLY ZA 259 -46.00 -62.08 78.20
C GLY ZA 259 -44.85 -62.58 77.34
N VAL ZA 260 -44.70 -61.94 76.17
CA VAL ZA 260 -43.62 -62.22 75.24
C VAL ZA 260 -42.94 -60.91 74.85
N ASP ZA 261 -41.67 -61.00 74.48
CA ASP ZA 261 -40.87 -59.83 74.15
C ASP ZA 261 -40.03 -60.11 72.90
N PHE ZA 262 -40.23 -59.30 71.85
CA PHE ZA 262 -39.56 -59.50 70.58
C PHE ZA 262 -38.53 -58.43 70.27
N THR ZA 263 -37.95 -57.81 71.30
CA THR ZA 263 -37.01 -56.72 71.07
C THR ZA 263 -35.78 -57.18 70.31
N GLU ZA 264 -35.30 -58.38 70.60
CA GLU ZA 264 -34.08 -58.88 69.98
C GLU ZA 264 -34.37 -60.13 69.15
N SER ZA 265 -35.42 -60.08 68.32
CA SER ZA 265 -35.86 -61.23 67.56
C SER ZA 265 -36.53 -60.78 66.28
N ARG ZA 266 -36.42 -61.59 65.25
CA ARG ZA 266 -37.09 -61.33 63.98
C ARG ZA 266 -38.26 -62.26 63.73
N LEU ZA 267 -38.68 -63.03 64.74
CA LEU ZA 267 -39.77 -63.97 64.58
C LEU ZA 267 -41.14 -63.31 64.59
N SER ZA 268 -41.23 -62.03 64.96
CA SER ZA 268 -42.51 -61.33 64.84
C SER ZA 268 -42.91 -61.09 63.39
N ASN ZA 269 -41.94 -61.01 62.47
CA ASN ZA 269 -42.27 -60.90 61.05
C ASN ZA 269 -42.90 -62.18 60.52
N LEU ZA 270 -42.42 -63.33 60.99
CA LEU ZA 270 -43.02 -64.60 60.57
C LEU ZA 270 -44.43 -64.76 61.12
N LEU ZA 271 -44.73 -64.16 62.28
CA LEU ZA 271 -46.07 -64.24 62.85
C LEU ZA 271 -47.05 -63.25 62.22
N GLY ZA 272 -46.56 -62.27 61.47
CA GLY ZA 272 -47.45 -61.27 60.91
C GLY ZA 272 -48.00 -60.28 61.90
N ILE ZA 273 -47.23 -59.93 62.92
CA ILE ZA 273 -47.62 -58.92 63.91
C ILE ZA 273 -46.50 -57.88 63.95
N ARG ZA 274 -46.85 -56.62 63.66
CA ARG ZA 274 -45.88 -55.54 63.58
C ARG ZA 274 -46.39 -54.31 64.30
N LYS ZA 275 -45.48 -53.37 64.55
CA LYS ZA 275 -45.79 -52.12 65.24
C LYS ZA 275 -46.11 -51.01 64.25
N ARG ZA 276 -47.10 -50.19 64.59
CA ARG ZA 276 -47.45 -49.04 63.75
C ARG ZA 276 -46.40 -47.93 63.80
N HIS ZA 277 -45.51 -47.95 64.79
CA HIS ZA 277 -44.39 -47.03 64.89
C HIS ZA 277 -43.12 -47.87 64.92
N PRO ZA 278 -42.66 -48.32 63.75
CA PRO ZA 278 -41.60 -49.34 63.73
C PRO ZA 278 -40.22 -48.83 64.10
N PHE ZA 279 -40.01 -47.52 64.22
CA PHE ZA 279 -38.72 -46.98 64.59
C PHE ZA 279 -38.57 -46.74 66.09
N GLN ZA 280 -39.59 -47.05 66.90
CA GLN ZA 280 -39.49 -46.93 68.34
C GLN ZA 280 -39.00 -48.26 68.92
N GLU ZA 281 -37.92 -48.21 69.70
CA GLU ZA 281 -37.31 -49.42 70.21
C GLU ZA 281 -38.21 -50.11 71.23
N GLY ZA 282 -38.18 -51.44 71.22
CA GLY ZA 282 -38.93 -52.23 72.19
C GLY ZA 282 -40.25 -52.77 71.68
N PHE ZA 283 -40.47 -54.07 71.85
CA PHE ZA 283 -41.70 -54.73 71.39
C PHE ZA 283 -42.08 -55.79 72.43
N LYS ZA 284 -42.97 -55.43 73.35
CA LYS ZA 284 -43.44 -56.34 74.38
C LYS ZA 284 -44.96 -56.38 74.38
N ILE ZA 285 -45.52 -57.57 74.54
CA ILE ZA 285 -46.97 -57.77 74.63
C ILE ZA 285 -47.27 -58.56 75.89
N MET ZA 286 -47.97 -57.93 76.84
CA MET ZA 286 -48.29 -58.53 78.12
C MET ZA 286 -49.79 -58.80 78.22
N TYR ZA 287 -50.16 -59.54 79.27
CA TYR ZA 287 -51.56 -59.90 79.46
C TYR ZA 287 -52.45 -58.68 79.65
N GLU ZA 288 -51.92 -57.61 80.25
CA GLU ZA 288 -52.70 -56.40 80.47
C GLU ZA 288 -52.96 -55.62 79.20
N ASP ZA 289 -52.20 -55.87 78.13
CA ASP ZA 289 -52.40 -55.15 76.88
C ASP ZA 289 -53.46 -55.78 75.98
N LEU ZA 290 -53.95 -56.98 76.30
CA LEU ZA 290 -54.90 -57.69 75.47
C LEU ZA 290 -56.33 -57.56 75.98
N GLU ZA 291 -56.69 -56.41 76.52
CA GLU ZA 291 -58.04 -56.21 77.07
C GLU ZA 291 -59.10 -56.39 75.99
N GLY ZA 292 -60.19 -57.04 76.36
CA GLY ZA 292 -61.27 -57.34 75.44
C GLY ZA 292 -61.10 -58.60 74.63
N GLY ZA 293 -60.01 -59.34 74.82
CA GLY ZA 293 -59.74 -60.51 74.01
C GLY ZA 293 -59.90 -61.83 74.72
N ASN ZA 294 -60.70 -61.87 75.79
CA ASN ZA 294 -60.90 -63.12 76.52
C ASN ZA 294 -61.61 -64.14 75.63
N ILE ZA 295 -61.15 -65.40 75.72
CA ILE ZA 295 -61.69 -66.48 74.92
C ILE ZA 295 -62.99 -66.99 75.56
N PRO ZA 296 -64.11 -66.98 74.85
CA PRO ZA 296 -65.36 -67.44 75.45
C PRO ZA 296 -65.30 -68.91 75.84
N ALA ZA 297 -65.94 -69.24 76.95
CA ALA ZA 297 -65.91 -70.59 77.48
C ALA ZA 297 -66.82 -71.52 76.68
N LEU ZA 298 -66.50 -72.82 76.73
CA LEU ZA 298 -67.30 -73.89 76.17
C LEU ZA 298 -67.89 -73.57 74.81
N ILE ZA 364 -77.51 -75.58 79.97
CA ILE ZA 364 -76.91 -74.29 79.65
C ILE ZA 364 -75.88 -73.90 80.70
N GLN ZA 365 -74.76 -74.62 80.73
CA GLN ZA 365 -73.67 -74.30 81.64
C GLN ZA 365 -72.34 -74.54 80.94
N PRO ZA 366 -71.32 -73.74 81.23
CA PRO ZA 366 -70.02 -73.96 80.60
C PRO ZA 366 -69.34 -75.22 81.11
N LEU ZA 367 -68.57 -75.86 80.22
CA LEU ZA 367 -67.72 -76.96 80.64
C LEU ZA 367 -66.56 -76.42 81.44
N GLU ZA 368 -66.28 -77.04 82.58
CA GLU ZA 368 -65.27 -76.54 83.50
C GLU ZA 368 -63.98 -77.33 83.51
N LYS ZA 369 -63.94 -78.49 82.84
CA LYS ZA 369 -62.75 -79.32 82.86
C LYS ZA 369 -62.71 -80.17 81.61
N ASP ZA 370 -61.52 -80.72 81.32
CA ASP ZA 370 -61.29 -81.49 80.11
C ASP ZA 370 -61.54 -82.98 80.38
N SER ZA 371 -61.25 -83.82 79.38
CA SER ZA 371 -61.51 -85.25 79.52
C SER ZA 371 -60.66 -85.88 80.60
N LYS ZA 372 -59.39 -85.50 80.70
CA LYS ZA 372 -58.47 -86.05 81.67
C LYS ZA 372 -58.36 -85.19 82.92
N SER ZA 373 -59.43 -84.47 83.26
CA SER ZA 373 -59.49 -83.62 84.46
C SER ZA 373 -58.39 -82.56 84.43
N ARG ZA 374 -58.48 -81.68 83.44
CA ARG ZA 374 -57.65 -80.48 83.37
C ARG ZA 374 -58.56 -79.26 83.40
N SER ZA 375 -58.22 -78.30 84.24
CA SER ZA 375 -59.03 -77.11 84.38
C SER ZA 375 -58.97 -76.25 83.11
N TYR ZA 376 -60.12 -75.77 82.66
CA TYR ZA 376 -60.19 -74.80 81.58
C TYR ZA 376 -60.05 -73.37 82.09
N ASN ZA 377 -59.89 -73.17 83.40
CA ASN ZA 377 -59.71 -71.83 83.98
C ASN ZA 377 -60.93 -70.94 83.75
N VAL ZA 378 -62.13 -71.51 83.88
CA VAL ZA 378 -63.34 -70.71 83.76
C VAL ZA 378 -63.45 -69.75 84.94
N LEU ZA 379 -64.01 -68.57 84.68
CA LEU ZA 379 -64.09 -67.49 85.65
C LEU ZA 379 -65.52 -67.34 86.16
N GLU ZA 380 -65.73 -66.31 86.97
CA GLU ZA 380 -67.08 -65.97 87.41
C GLU ZA 380 -67.89 -65.47 86.23
N ASP ZA 381 -69.22 -65.49 86.39
CA ASP ZA 381 -70.22 -65.17 85.38
C ASP ZA 381 -70.33 -66.28 84.34
N LYS ZA 382 -69.44 -67.27 84.40
CA LYS ZA 382 -69.59 -68.54 83.69
C LYS ZA 382 -69.81 -68.34 82.19
N ILE ZA 383 -69.15 -67.34 81.61
CA ILE ZA 383 -69.17 -67.12 80.16
C ILE ZA 383 -67.78 -67.06 79.56
N ASN ZA 384 -66.86 -66.34 80.19
CA ASN ZA 384 -65.52 -66.15 79.64
C ASN ZA 384 -64.48 -66.89 80.44
N THR ZA 385 -63.34 -67.10 79.80
CA THR ZA 385 -62.20 -67.81 80.35
C THR ZA 385 -61.04 -66.86 80.55
N ALA ZA 386 -60.13 -67.23 81.46
CA ALA ZA 386 -58.98 -66.38 81.76
C ALA ZA 386 -58.02 -66.20 80.58
N TYR ZA 387 -58.06 -67.09 79.59
CA TYR ZA 387 -57.17 -66.97 78.43
C TYR ZA 387 -57.53 -65.74 77.60
N ARG ZA 388 -56.52 -65.03 77.14
CA ARG ZA 388 -56.67 -63.91 76.21
C ARG ZA 388 -55.85 -64.16 74.96
N SER ZA 389 -56.29 -63.61 73.83
CA SER ZA 389 -55.58 -63.79 72.58
C SER ZA 389 -55.47 -62.47 71.82
N TRP ZA 390 -54.34 -62.31 71.11
CA TRP ZA 390 -54.10 -61.07 70.36
C TRP ZA 390 -55.12 -60.89 69.24
N TYR ZA 391 -55.47 -61.98 68.54
CA TYR ZA 391 -56.38 -61.85 67.40
C TYR ZA 391 -57.78 -61.40 67.82
N LEU ZA 392 -58.29 -61.96 68.92
CA LEU ZA 392 -59.61 -61.56 69.40
C LEU ZA 392 -59.62 -60.10 69.82
N SER ZA 393 -58.56 -59.66 70.50
CA SER ZA 393 -58.49 -58.26 70.93
C SER ZA 393 -58.34 -57.32 69.75
N TYR ZA 394 -57.59 -57.73 68.72
CA TYR ZA 394 -57.41 -56.88 67.53
C TYR ZA 394 -58.72 -56.69 66.77
N ASN ZA 395 -59.50 -57.76 66.63
CA ASN ZA 395 -60.68 -57.72 65.79
C ASN ZA 395 -61.97 -57.37 66.53
N TYR ZA 396 -62.09 -57.72 67.81
CA TYR ZA 396 -63.34 -57.52 68.54
C TYR ZA 396 -63.25 -56.57 69.71
N GLY ZA 397 -62.04 -56.18 70.12
CA GLY ZA 397 -61.87 -55.28 71.25
C GLY ZA 397 -62.14 -53.83 70.88
N ASN ZA 398 -61.78 -52.95 71.80
CA ASN ZA 398 -62.01 -51.51 71.61
C ASN ZA 398 -61.04 -50.97 70.56
N PRO ZA 399 -61.53 -50.35 69.48
CA PRO ZA 399 -60.62 -49.88 68.42
C PRO ZA 399 -59.63 -48.84 68.88
N GLU ZA 400 -59.96 -48.01 69.87
CA GLU ZA 400 -59.12 -46.88 70.23
C GLU ZA 400 -58.38 -47.07 71.55
N LYS ZA 401 -58.51 -48.23 72.19
CA LYS ZA 401 -57.82 -48.50 73.44
C LYS ZA 401 -57.14 -49.86 73.49
N GLY ZA 402 -57.55 -50.83 72.70
CA GLY ZA 402 -56.97 -52.15 72.73
C GLY ZA 402 -55.67 -52.23 71.95
N ILE ZA 403 -55.26 -53.48 71.68
CA ILE ZA 403 -54.00 -53.73 70.99
C ILE ZA 403 -54.02 -53.20 69.55
N ARG ZA 404 -55.19 -52.95 68.99
CA ARG ZA 404 -55.31 -52.47 67.62
C ARG ZA 404 -54.81 -51.04 67.45
N SER ZA 405 -54.68 -50.28 68.53
CA SER ZA 405 -54.27 -48.88 68.42
C SER ZA 405 -52.79 -48.72 68.15
N TRP ZA 406 -51.95 -49.71 68.45
CA TRP ZA 406 -50.52 -49.59 68.22
C TRP ZA 406 -49.88 -50.82 67.59
N THR ZA 407 -50.65 -51.83 67.17
CA THR ZA 407 -50.11 -52.94 66.39
C THR ZA 407 -50.89 -53.08 65.08
N LEU ZA 408 -50.31 -53.83 64.15
CA LEU ZA 408 -50.84 -53.97 62.81
C LEU ZA 408 -50.78 -55.44 62.38
N LEU ZA 409 -51.81 -55.90 61.71
CA LEU ZA 409 -51.91 -57.28 61.22
C LEU ZA 409 -51.43 -57.34 59.77
N THR ZA 410 -50.48 -58.22 59.48
CA THR ZA 410 -49.88 -58.35 58.16
C THR ZA 410 -49.80 -59.82 57.75
N THR ZA 411 -49.52 -60.05 56.46
CA THR ZA 411 -49.31 -61.42 55.99
C THR ZA 411 -48.01 -61.99 56.54
N SER ZA 412 -48.02 -63.28 56.82
CA SER ZA 412 -46.84 -63.96 57.34
C SER ZA 412 -45.72 -63.97 56.32
N ASP ZA 413 -44.50 -63.66 56.78
CA ASP ZA 413 -43.32 -63.62 55.91
C ASP ZA 413 -42.32 -64.68 56.38
N VAL ZA 414 -42.23 -65.78 55.64
CA VAL ZA 414 -41.44 -66.93 56.08
C VAL ZA 414 -39.94 -66.63 56.08
N THR ZA 415 -39.47 -65.74 55.21
CA THR ZA 415 -38.04 -65.41 55.20
C THR ZA 415 -37.63 -64.60 56.42
N CYS ZA 416 -38.58 -64.13 57.22
CA CYS ZA 416 -38.38 -63.28 58.40
C CYS ZA 416 -37.91 -61.88 58.05
N GLY ZA 417 -38.04 -61.47 56.79
CA GLY ZA 417 -37.71 -60.12 56.39
C GLY ZA 417 -36.31 -59.97 55.85
N VAL ZA 418 -36.17 -59.85 54.56
CA VAL ZA 418 -34.86 -59.74 53.94
C VAL ZA 418 -34.50 -58.26 53.83
N GLU ZA 419 -33.22 -57.96 53.96
CA GLU ZA 419 -32.73 -56.60 53.80
C GLU ZA 419 -31.71 -56.59 52.65
N GLN ZA 420 -31.04 -55.45 52.48
CA GLN ZA 420 -30.17 -55.21 51.35
C GLN ZA 420 -28.74 -55.71 51.60
N VAL ZA 421 -27.96 -55.78 50.52
CA VAL ZA 421 -26.54 -56.09 50.57
C VAL ZA 421 -25.78 -55.03 49.77
N TYR ZA 422 -24.51 -54.83 50.13
CA TYR ZA 422 -23.65 -53.82 49.53
C TYR ZA 422 -22.39 -54.45 48.94
N TRP ZA 423 -21.98 -53.97 47.76
CA TRP ZA 423 -20.74 -54.36 47.10
C TRP ZA 423 -19.65 -53.32 47.28
N SER ZA 424 -18.41 -53.77 47.46
CA SER ZA 424 -17.25 -52.89 47.54
C SER ZA 424 -16.12 -53.41 46.64
N LEU ZA 425 -15.48 -52.50 45.90
CA LEU ZA 425 -14.29 -52.80 45.10
C LEU ZA 425 -13.26 -51.70 45.31
N PRO ZA 426 -12.62 -51.66 46.48
CA PRO ZA 426 -11.82 -50.47 46.84
C PRO ZA 426 -10.58 -50.24 45.99
N ASP ZA 427 -10.03 -51.26 45.33
CA ASP ZA 427 -8.84 -51.09 44.51
C ASP ZA 427 -9.15 -50.81 43.04
N MET ZA 428 -10.40 -50.75 42.64
CA MET ZA 428 -10.75 -50.56 41.24
C MET ZA 428 -11.52 -49.28 40.98
N MET ZA 429 -12.56 -49.00 41.77
CA MET ZA 429 -13.42 -47.84 41.57
C MET ZA 429 -13.00 -46.69 42.48
N GLN ZA 430 -13.30 -45.47 42.03
CA GLN ZA 430 -13.17 -44.30 42.90
C GLN ZA 430 -14.26 -44.29 43.95
N ASP ZA 431 -13.96 -43.68 45.10
CA ASP ZA 431 -14.95 -43.61 46.18
C ASP ZA 431 -16.09 -42.68 45.79
N PRO ZA 432 -17.34 -43.09 45.94
CA PRO ZA 432 -18.47 -42.18 45.71
C PRO ZA 432 -18.53 -41.05 46.74
N VAL ZA 433 -19.29 -40.02 46.40
CA VAL ZA 433 -19.25 -38.76 47.11
C VAL ZA 433 -19.63 -38.93 48.59
N THR ZA 434 -18.86 -38.27 49.46
CA THR ZA 434 -18.91 -38.21 50.92
C THR ZA 434 -18.33 -39.45 51.64
N PHE ZA 435 -17.96 -40.52 50.93
CA PHE ZA 435 -17.29 -41.65 51.58
C PHE ZA 435 -15.81 -41.34 51.81
N ARG ZA 436 -15.29 -41.75 52.98
CA ARG ZA 436 -13.87 -41.61 53.29
C ARG ZA 436 -13.08 -42.84 52.83
N SER ZA 437 -11.84 -42.60 52.40
CA SER ZA 437 -10.93 -43.68 52.08
C SER ZA 437 -10.39 -44.31 53.36
N THR ZA 438 -10.37 -45.64 53.41
CA THR ZA 438 -9.99 -46.35 54.62
C THR ZA 438 -9.59 -47.78 54.29
N ARG ZA 439 -9.01 -48.45 55.28
CA ARG ZA 439 -8.68 -49.87 55.18
C ARG ZA 439 -9.42 -50.71 56.20
N GLN ZA 440 -10.46 -50.18 56.84
CA GLN ZA 440 -11.30 -50.95 57.76
C GLN ZA 440 -12.44 -51.59 56.99
N VAL ZA 441 -12.60 -52.90 57.16
CA VAL ZA 441 -13.54 -53.66 56.33
C VAL ZA 441 -14.98 -53.21 56.55
N SER ZA 442 -15.36 -52.97 57.79
CA SER ZA 442 -16.72 -52.50 58.05
C SER ZA 442 -16.97 -51.05 57.61
N ASN ZA 443 -16.05 -50.37 56.92
CA ASN ZA 443 -16.31 -49.01 56.47
C ASN ZA 443 -15.83 -48.76 55.04
N TYR ZA 444 -15.73 -49.80 54.22
CA TYR ZA 444 -15.39 -49.63 52.81
C TYR ZA 444 -16.44 -48.79 52.10
N PRO ZA 445 -16.05 -47.96 51.13
CA PRO ZA 445 -17.04 -47.27 50.30
C PRO ZA 445 -17.88 -48.25 49.48
N VAL ZA 446 -19.14 -47.88 49.25
CA VAL ZA 446 -20.14 -48.78 48.66
C VAL ZA 446 -20.33 -48.43 47.19
N VAL ZA 447 -20.24 -49.45 46.34
CA VAL ZA 447 -20.30 -49.26 44.89
C VAL ZA 447 -21.61 -49.76 44.28
N GLY ZA 448 -22.42 -50.52 45.01
CA GLY ZA 448 -23.71 -50.97 44.51
C GLY ZA 448 -24.52 -51.61 45.61
N ALA ZA 449 -25.83 -51.73 45.37
CA ALA ZA 449 -26.75 -52.29 46.35
C ALA ZA 449 -27.85 -53.08 45.66
N GLU ZA 450 -28.38 -54.08 46.37
CA GLU ZA 450 -29.48 -54.92 45.88
C GLU ZA 450 -30.03 -55.69 47.08
N LEU ZA 451 -31.11 -56.44 46.86
CA LEU ZA 451 -31.67 -57.28 47.91
C LEU ZA 451 -30.89 -58.58 48.05
N MET ZA 452 -30.73 -59.02 49.28
CA MET ZA 452 -30.23 -60.36 49.54
C MET ZA 452 -31.18 -61.37 48.88
N PRO ZA 453 -30.70 -62.25 48.01
CA PRO ZA 453 -31.59 -62.97 47.07
C PRO ZA 453 -32.27 -64.20 47.66
N VAL ZA 454 -33.20 -63.97 48.59
CA VAL ZA 454 -33.98 -65.02 49.23
C VAL ZA 454 -35.45 -64.63 49.13
N PHE ZA 455 -36.30 -65.56 48.67
CA PHE ZA 455 -37.68 -65.26 48.36
C PHE ZA 455 -38.62 -66.33 48.91
N SER ZA 456 -39.87 -65.94 49.08
CA SER ZA 456 -40.94 -66.83 49.54
C SER ZA 456 -41.67 -67.43 48.35
N LYS ZA 457 -42.08 -68.70 48.49
CA LYS ZA 457 -42.88 -69.40 47.49
C LYS ZA 457 -44.08 -70.07 48.15
N SER ZA 458 -45.22 -70.04 47.46
CA SER ZA 458 -46.48 -70.54 47.99
C SER ZA 458 -46.88 -71.88 47.38
N PHE ZA 459 -47.51 -72.72 48.19
CA PHE ZA 459 -48.06 -74.00 47.76
C PHE ZA 459 -49.45 -74.17 48.35
N TYR ZA 460 -50.24 -75.04 47.73
CA TYR ZA 460 -51.61 -75.31 48.17
C TYR ZA 460 -51.70 -76.72 48.73
N ASN ZA 461 -52.25 -76.83 49.93
CA ASN ZA 461 -52.40 -78.14 50.59
C ASN ZA 461 -53.77 -78.29 51.25
N HIS ZA 478 -46.42 -88.56 69.39
CA HIS ZA 478 -46.47 -87.21 68.85
C HIS ZA 478 -45.92 -86.19 69.84
N VAL ZA 479 -44.66 -85.80 69.62
CA VAL ZA 479 -44.05 -84.78 70.46
C VAL ZA 479 -44.67 -83.41 70.25
N PHE ZA 480 -45.30 -83.18 69.10
CA PHE ZA 480 -45.95 -81.90 68.80
C PHE ZA 480 -47.42 -81.88 69.18
N ASN ZA 481 -47.91 -82.90 69.87
CA ASN ZA 481 -49.28 -82.91 70.38
C ASN ZA 481 -49.27 -83.70 71.69
N ARG ZA 482 -49.05 -82.99 72.81
CA ARG ZA 482 -48.93 -83.59 74.12
C ARG ZA 482 -50.21 -83.49 74.94
N PHE ZA 483 -51.18 -82.70 74.50
CA PHE ZA 483 -52.46 -82.55 75.18
C PHE ZA 483 -53.57 -82.71 74.15
N PRO ZA 484 -53.74 -83.92 73.60
CA PRO ZA 484 -54.74 -84.10 72.54
C PRO ZA 484 -56.16 -83.77 72.98
N GLU ZA 485 -56.49 -83.99 74.25
CA GLU ZA 485 -57.86 -83.77 74.69
C GLU ZA 485 -58.19 -82.29 74.89
N ASN ZA 486 -57.22 -81.49 75.31
CA ASN ZA 486 -57.51 -80.13 75.75
C ASN ZA 486 -57.78 -79.23 74.54
N GLN ZA 487 -58.95 -78.58 74.53
CA GLN ZA 487 -59.34 -77.76 73.39
C GLN ZA 487 -58.47 -76.51 73.26
N ILE ZA 488 -57.83 -76.06 74.32
CA ILE ZA 488 -56.97 -74.89 74.24
C ILE ZA 488 -55.56 -75.27 73.84
N LEU ZA 489 -55.07 -76.42 74.32
CA LEU ZA 489 -53.70 -76.85 74.11
C LEU ZA 489 -53.56 -77.85 72.97
N ILE ZA 490 -54.61 -78.04 72.18
CA ILE ZA 490 -54.51 -78.92 71.01
C ILE ZA 490 -53.54 -78.32 69.98
N ARG ZA 491 -52.96 -79.18 69.17
CA ARG ZA 491 -52.03 -78.75 68.12
C ARG ZA 491 -52.77 -77.90 67.09
N PRO ZA 492 -52.24 -76.74 66.72
CA PRO ZA 492 -52.99 -75.84 65.85
C PRO ZA 492 -53.21 -76.46 64.49
N PRO ZA 493 -54.33 -76.16 63.84
CA PRO ZA 493 -54.54 -76.62 62.47
C PRO ZA 493 -53.58 -75.92 61.50
N ALA ZA 494 -53.25 -76.64 60.42
CA ALA ZA 494 -52.32 -76.15 59.40
C ALA ZA 494 -53.06 -75.32 58.36
N PRO ZA 495 -52.46 -74.23 57.89
CA PRO ZA 495 -53.11 -73.43 56.85
C PRO ZA 495 -53.22 -74.17 55.54
N THR ZA 496 -54.23 -73.80 54.76
CA THR ZA 496 -54.36 -74.32 53.41
C THR ZA 496 -53.35 -73.71 52.43
N ILE ZA 497 -52.64 -72.65 52.84
CA ILE ZA 497 -51.55 -72.07 52.05
C ILE ZA 497 -50.26 -72.18 52.86
N THR ZA 498 -49.27 -72.86 52.29
CA THR ZA 498 -47.97 -73.04 52.93
C THR ZA 498 -46.90 -72.27 52.16
N THR ZA 499 -46.01 -71.60 52.89
CA THR ZA 499 -44.93 -70.82 52.28
C THR ZA 499 -43.57 -71.32 52.78
N VAL ZA 500 -42.60 -71.39 51.87
CA VAL ZA 500 -41.23 -71.77 52.17
C VAL ZA 500 -40.28 -70.80 51.47
N SER ZA 501 -39.07 -70.68 52.01
CA SER ZA 501 -38.10 -69.72 51.49
C SER ZA 501 -37.09 -70.40 50.57
N GLU ZA 502 -36.68 -69.70 49.53
CA GLU ZA 502 -35.80 -70.22 48.48
C GLU ZA 502 -34.67 -69.26 48.17
N ASN ZA 503 -33.55 -69.82 47.73
CA ASN ZA 503 -32.40 -69.05 47.25
C ASN ZA 503 -32.40 -69.07 45.71
N VAL ZA 504 -32.38 -67.89 45.10
CA VAL ZA 504 -32.46 -67.75 43.64
C VAL ZA 504 -31.25 -66.95 43.18
N PRO ZA 505 -30.47 -67.43 42.20
CA PRO ZA 505 -29.30 -66.66 41.74
C PRO ZA 505 -29.70 -65.31 41.17
N ALA ZA 506 -28.90 -64.30 41.49
CA ALA ZA 506 -29.20 -62.91 41.17
C ALA ZA 506 -28.20 -62.37 40.16
N LEU ZA 507 -28.72 -61.81 39.07
CA LEU ZA 507 -27.93 -61.23 37.98
C LEU ZA 507 -28.28 -59.76 37.88
N THR ZA 508 -27.30 -58.88 38.13
CA THR ZA 508 -27.58 -57.47 38.35
C THR ZA 508 -26.67 -56.58 37.51
N ASP ZA 509 -27.26 -55.55 36.91
CA ASP ZA 509 -26.52 -54.50 36.22
C ASP ZA 509 -26.51 -53.25 37.10
N HIS ZA 510 -25.33 -52.81 37.52
CA HIS ZA 510 -25.17 -51.70 38.43
C HIS ZA 510 -24.87 -50.37 37.74
N GLY ZA 511 -24.83 -50.33 36.41
CA GLY ZA 511 -24.50 -49.10 35.71
C GLY ZA 511 -23.01 -48.80 35.65
N THR ZA 512 -22.70 -47.56 35.27
CA THR ZA 512 -21.33 -47.12 35.04
C THR ZA 512 -20.81 -46.28 36.21
N LEU ZA 513 -19.60 -46.58 36.68
CA LEU ZA 513 -18.95 -45.86 37.76
C LEU ZA 513 -17.55 -45.41 37.35
N PRO ZA 514 -17.07 -44.29 37.89
CA PRO ZA 514 -15.72 -43.81 37.55
C PRO ZA 514 -14.63 -44.78 38.01
N LEU ZA 515 -13.63 -44.94 37.17
CA LEU ZA 515 -12.59 -45.95 37.29
C LEU ZA 515 -11.24 -45.29 37.58
N ARG ZA 516 -10.41 -45.95 38.39
CA ARG ZA 516 -9.06 -45.45 38.61
C ARG ZA 516 -8.19 -45.64 37.37
N SER ZA 517 -7.25 -44.70 37.17
CA SER ZA 517 -6.42 -44.71 35.97
C SER ZA 517 -5.37 -45.82 35.99
N SER ZA 518 -4.95 -46.26 37.17
CA SER ZA 518 -3.96 -47.32 37.29
C SER ZA 518 -4.52 -48.42 38.18
N ILE ZA 519 -4.54 -49.64 37.67
CA ILE ZA 519 -5.18 -50.78 38.34
C ILE ZA 519 -4.10 -51.80 38.67
N ARG ZA 520 -4.00 -52.16 39.94
CA ARG ZA 520 -3.03 -53.17 40.37
C ARG ZA 520 -3.53 -54.58 40.02
N GLY ZA 521 -2.59 -55.51 39.97
CA GLY ZA 521 -2.87 -56.87 39.55
C GLY ZA 521 -3.67 -57.69 40.53
N VAL ZA 522 -3.66 -57.34 41.81
CA VAL ZA 522 -4.43 -58.06 42.84
C VAL ZA 522 -5.51 -57.13 43.37
N GLN ZA 523 -6.75 -57.64 43.43
CA GLN ZA 523 -7.92 -56.85 43.76
C GLN ZA 523 -8.70 -57.49 44.90
N ARG ZA 524 -9.33 -56.65 45.72
CA ARG ZA 524 -10.17 -57.08 46.83
C ARG ZA 524 -11.66 -56.97 46.47
N VAL ZA 525 -12.43 -57.99 46.83
CA VAL ZA 525 -13.87 -58.05 46.59
C VAL ZA 525 -14.57 -58.31 47.93
N THR ZA 526 -15.57 -57.50 48.25
CA THR ZA 526 -16.27 -57.58 49.54
C THR ZA 526 -17.77 -57.43 49.38
N VAL ZA 527 -18.53 -58.22 50.14
CA VAL ZA 527 -19.99 -58.15 50.21
C VAL ZA 527 -20.39 -58.08 51.68
N THR ZA 528 -21.15 -57.06 52.06
CA THR ZA 528 -21.59 -56.86 53.44
C THR ZA 528 -23.08 -56.56 53.52
N ASP ZA 529 -23.65 -56.78 54.71
CA ASP ZA 529 -25.07 -56.58 54.96
C ASP ZA 529 -25.35 -55.16 55.47
N ALA ZA 530 -26.57 -54.93 55.95
CA ALA ZA 530 -27.00 -53.58 56.34
C ALA ZA 530 -26.24 -53.08 57.56
N ARG ZA 531 -25.82 -53.96 58.46
CA ARG ZA 531 -25.01 -53.59 59.61
C ARG ZA 531 -23.52 -53.63 59.31
N ARG ZA 532 -23.16 -53.83 58.05
CA ARG ZA 532 -21.77 -53.86 57.57
C ARG ZA 532 -20.99 -55.04 58.15
N ARG ZA 533 -21.63 -56.19 58.28
CA ARG ZA 533 -20.95 -57.45 58.52
C ARG ZA 533 -20.88 -58.25 57.23
N THR ZA 534 -19.83 -59.06 57.08
CA THR ZA 534 -19.79 -59.98 55.96
C THR ZA 534 -20.82 -61.10 56.17
N CYS ZA 535 -21.27 -61.68 55.06
CA CYS ZA 535 -22.31 -62.70 55.11
C CYS ZA 535 -21.72 -64.08 54.87
N PRO ZA 536 -21.75 -64.99 55.85
CA PRO ZA 536 -21.19 -66.33 55.65
C PRO ZA 536 -21.99 -67.23 54.71
N TYR ZA 537 -23.15 -66.81 54.23
CA TYR ZA 537 -23.95 -67.67 53.37
C TYR ZA 537 -23.79 -67.37 51.88
N VAL ZA 538 -22.88 -66.49 51.50
CA VAL ZA 538 -22.51 -66.33 50.10
C VAL ZA 538 -21.52 -67.43 49.73
N TYR ZA 539 -21.78 -68.14 48.65
CA TYR ZA 539 -20.80 -69.13 48.18
C TYR ZA 539 -20.43 -69.00 46.71
N LYS ZA 540 -20.91 -67.96 46.03
CA LYS ZA 540 -20.49 -67.70 44.65
C LYS ZA 540 -20.71 -66.21 44.36
N ALA ZA 541 -19.65 -65.54 43.93
CA ALA ZA 541 -19.71 -64.12 43.60
C ALA ZA 541 -18.72 -63.82 42.48
N LEU ZA 542 -19.21 -63.24 41.39
CA LEU ZA 542 -18.40 -62.86 40.24
C LEU ZA 542 -18.69 -61.43 39.82
N GLY ZA 543 -17.67 -60.78 39.26
CA GLY ZA 543 -17.85 -59.46 38.69
C GLY ZA 543 -17.21 -59.36 37.32
N ILE ZA 544 -17.84 -58.56 36.46
CA ILE ZA 544 -17.36 -58.28 35.12
C ILE ZA 544 -17.45 -56.78 34.89
N VAL ZA 545 -16.34 -56.17 34.47
CA VAL ZA 545 -16.25 -54.73 34.28
C VAL ZA 545 -15.88 -54.44 32.83
N ALA ZA 546 -16.55 -53.46 32.23
CA ALA ZA 546 -16.28 -53.04 30.85
C ALA ZA 546 -15.89 -51.57 30.80
N PRO ZA 547 -14.59 -51.25 30.72
CA PRO ZA 547 -14.18 -49.84 30.71
C PRO ZA 547 -14.53 -49.12 29.42
N ARG ZA 548 -14.71 -47.80 29.52
CA ARG ZA 548 -14.88 -46.93 28.36
C ARG ZA 548 -14.60 -45.48 28.77
N VAL ZA 549 -14.38 -44.64 27.76
CA VAL ZA 549 -14.02 -43.24 27.99
C VAL ZA 549 -15.26 -42.42 28.34
N LEU ZA 550 -15.15 -41.60 29.39
CA LEU ZA 550 -16.23 -40.71 29.81
C LEU ZA 550 -16.02 -39.26 29.36
N SER ZA 551 -14.85 -38.69 29.58
CA SER ZA 551 -14.59 -37.31 29.18
C SER ZA 551 -13.08 -37.11 29.00
N SER ZA 552 -12.74 -35.95 28.46
CA SER ZA 552 -11.35 -35.61 28.17
C SER ZA 552 -10.67 -34.99 29.39
N ARG ZA 553 -9.35 -35.17 29.44
CA ARG ZA 553 -8.47 -34.58 30.45
C ARG ZA 553 -8.73 -35.12 31.85
N ARG AB 48 5.28 17.50 -43.00
CA ARG AB 48 6.09 16.81 -44.00
C ARG AB 48 5.55 17.01 -45.42
N ASN AB 49 5.11 18.22 -45.72
CA ASN AB 49 4.50 18.49 -47.02
C ASN AB 49 4.94 19.81 -47.63
N SER AB 50 6.09 20.35 -47.24
CA SER AB 50 6.53 21.64 -47.72
C SER AB 50 7.31 21.50 -49.04
N ILE AB 51 7.34 22.59 -49.80
CA ILE AB 51 8.02 22.66 -51.10
C ILE AB 51 8.90 23.91 -51.09
N ARG AB 52 10.20 23.74 -51.35
CA ARG AB 52 11.18 24.80 -51.14
C ARG AB 52 12.01 25.05 -52.39
N TYR AB 53 12.38 26.31 -52.59
CA TYR AB 53 13.19 26.75 -53.72
C TYR AB 53 14.52 27.27 -53.18
N SER AB 54 15.63 26.81 -53.78
CA SER AB 54 16.95 26.99 -53.18
C SER AB 54 17.39 28.45 -53.08
N GLU AB 55 16.75 29.37 -53.82
CA GLU AB 55 17.15 30.76 -53.74
C GLU AB 55 16.41 31.56 -52.67
N LEU AB 56 15.54 30.93 -51.90
CA LEU AB 56 14.76 31.62 -50.88
C LEU AB 56 15.04 31.03 -49.50
N SER AB 57 15.05 31.89 -48.48
CA SER AB 57 15.31 31.48 -47.10
C SER AB 57 14.74 32.51 -46.14
N PRO AB 58 14.23 32.09 -44.98
CA PRO AB 58 13.64 33.05 -44.03
C PRO AB 58 14.68 33.72 -43.14
N LEU AB 59 14.29 34.85 -42.55
CA LEU AB 59 15.18 35.74 -41.81
C LEU AB 59 14.94 35.69 -40.30
N TYR AB 60 16.02 35.80 -39.53
CA TYR AB 60 15.96 35.75 -38.07
C TYR AB 60 16.94 36.72 -37.43
N ASP AB 61 16.57 37.18 -36.24
CA ASP AB 61 17.38 37.82 -35.19
C ASP AB 61 17.85 39.27 -35.42
N THR AB 62 17.98 39.73 -36.66
CA THR AB 62 18.46 41.08 -36.94
C THR AB 62 18.54 41.28 -38.44
N THR AB 63 18.53 42.54 -38.87
CA THR AB 63 18.57 42.92 -40.27
C THR AB 63 18.88 44.43 -40.34
N ARG AB 64 18.75 45.02 -41.53
CA ARG AB 64 18.93 46.46 -41.71
C ARG AB 64 17.74 47.07 -42.43
N LEU AB 65 17.39 48.29 -42.05
CA LEU AB 65 16.41 49.12 -42.77
C LEU AB 65 17.08 50.43 -43.18
N TYR AB 66 16.90 50.85 -44.42
CA TYR AB 66 17.58 52.02 -44.96
C TYR AB 66 16.57 53.13 -45.27
N LEU AB 67 16.86 54.34 -44.81
CA LEU AB 67 16.01 55.52 -45.02
C LEU AB 67 16.81 56.52 -45.84
N VAL AB 68 16.55 56.56 -47.15
CA VAL AB 68 17.39 57.26 -48.11
C VAL AB 68 16.56 58.31 -48.84
N ASP AB 69 17.15 59.49 -49.03
CA ASP AB 69 16.43 60.67 -49.48
C ASP AB 69 16.48 60.91 -50.99
N ASN AB 70 17.15 60.05 -51.76
CA ASN AB 70 17.32 60.33 -53.20
C ASN AB 70 17.10 59.07 -54.04
N LYS AB 71 16.08 58.29 -53.73
CA LYS AB 71 15.70 57.19 -54.61
C LYS AB 71 15.01 57.75 -55.86
N SER AB 72 15.30 57.15 -57.01
CA SER AB 72 14.86 57.73 -58.28
C SER AB 72 13.34 57.77 -58.40
N ALA AB 73 12.67 56.68 -58.04
CA ALA AB 73 11.21 56.61 -58.19
C ALA AB 73 10.49 57.44 -57.13
N ASP AB 74 11.04 57.53 -55.92
CA ASP AB 74 10.41 58.33 -54.87
C ASP AB 74 10.46 59.82 -55.18
N ILE AB 75 11.47 60.26 -55.91
CA ILE AB 75 11.57 61.67 -56.28
C ILE AB 75 10.39 62.10 -57.13
N ALA AB 76 10.02 61.27 -58.10
CA ALA AB 76 9.01 61.67 -59.08
C ALA AB 76 7.60 61.64 -58.48
N SER AB 77 7.28 60.63 -57.69
CA SER AB 77 5.89 60.37 -57.31
C SER AB 77 5.56 60.69 -55.85
N LEU AB 78 6.52 61.03 -55.02
CA LEU AB 78 6.20 61.27 -53.62
C LEU AB 78 6.51 62.67 -53.13
N ASN AB 79 7.62 63.27 -53.57
CA ASN AB 79 8.21 64.41 -52.87
C ASN AB 79 8.23 65.67 -53.72
N TYR AB 80 7.15 65.92 -54.47
CA TYR AB 80 7.14 67.03 -55.41
C TYR AB 80 7.19 68.38 -54.69
N GLN AB 81 6.55 68.49 -53.54
CA GLN AB 81 6.48 69.74 -52.79
C GLN AB 81 7.34 69.74 -51.52
N ASN AB 82 8.27 68.80 -51.37
CA ASN AB 82 9.03 68.62 -50.14
C ASN AB 82 10.47 69.09 -50.32
N ASP AB 83 11.24 69.05 -49.23
CA ASP AB 83 12.68 69.29 -49.28
C ASP AB 83 13.38 68.30 -48.35
N HIS AB 84 14.70 68.38 -48.28
CA HIS AB 84 15.49 67.37 -47.56
C HIS AB 84 15.31 67.42 -46.06
N SER AB 85 14.68 68.47 -45.53
CA SER AB 85 14.38 68.52 -44.10
C SER AB 85 13.08 67.83 -43.74
N ASN AB 86 12.20 67.52 -44.71
CA ASN AB 86 10.91 66.90 -44.42
C ASN AB 86 10.42 66.20 -45.70
N PHE AB 87 10.59 64.87 -45.75
CA PHE AB 87 10.33 64.14 -46.99
C PHE AB 87 9.78 62.75 -46.68
N LEU AB 88 9.36 62.06 -47.73
CA LEU AB 88 8.86 60.69 -47.65
C LEU AB 88 9.80 59.75 -48.40
N THR AB 89 9.90 58.51 -47.92
CA THR AB 89 10.75 57.52 -48.57
C THR AB 89 10.16 56.13 -48.35
N THR AB 90 10.59 55.19 -49.19
CA THR AB 90 10.13 53.81 -49.12
C THR AB 90 11.21 52.92 -48.52
N VAL AB 91 10.83 52.12 -47.53
CA VAL AB 91 11.78 51.15 -46.95
C VAL AB 91 11.73 49.81 -47.66
N VAL AB 92 10.83 49.61 -48.61
CA VAL AB 92 10.80 48.41 -49.44
C VAL AB 92 11.80 48.58 -50.57
N GLN AB 93 12.76 47.68 -50.66
CA GLN AB 93 13.85 47.77 -51.65
C GLN AB 93 13.67 46.78 -52.81
N ASN AB 94 12.44 46.57 -53.28
CA ASN AB 94 12.11 45.57 -54.29
C ASN AB 94 11.47 46.30 -55.47
N ASN AB 95 12.18 46.33 -56.60
CA ASN AB 95 11.75 47.12 -57.75
C ASN AB 95 10.67 46.45 -58.61
N ASP AB 96 10.09 45.33 -58.14
CA ASP AB 96 8.91 44.79 -58.79
C ASP AB 96 7.67 45.64 -58.55
N PHE AB 97 7.75 46.63 -57.66
CA PHE AB 97 6.61 47.45 -57.27
C PHE AB 97 6.98 48.93 -57.34
N THR AB 98 5.99 49.76 -57.64
CA THR AB 98 6.14 51.21 -57.56
C THR AB 98 5.98 51.66 -56.10
N PRO AB 99 6.46 52.86 -55.78
CA PRO AB 99 6.29 53.35 -54.39
C PRO AB 99 4.85 53.43 -53.94
N THR AB 100 3.92 53.77 -54.83
CA THR AB 100 2.51 53.79 -54.48
C THR AB 100 2.02 52.41 -54.08
N GLU AB 101 2.39 51.38 -54.85
CA GLU AB 101 2.04 50.01 -54.47
C GLU AB 101 2.72 49.61 -53.17
N ALA AB 102 3.97 50.03 -52.98
CA ALA AB 102 4.71 49.65 -51.78
C ALA AB 102 4.09 50.24 -50.51
N SER AB 103 3.36 51.34 -50.63
CA SER AB 103 2.84 52.01 -49.45
C SER AB 103 1.87 51.14 -48.66
N THR AB 104 1.20 50.19 -49.31
CA THR AB 104 0.28 49.31 -48.63
C THR AB 104 0.91 48.05 -48.06
N GLN AB 105 2.17 47.77 -48.37
CA GLN AB 105 2.85 46.58 -47.86
C GLN AB 105 3.40 46.83 -46.46
N THR AB 106 3.72 45.75 -45.75
CA THR AB 106 4.23 45.86 -44.39
C THR AB 106 5.41 44.93 -44.16
N ILE AB 107 6.20 45.25 -43.14
CA ILE AB 107 7.24 44.39 -42.60
C ILE AB 107 6.87 44.08 -41.15
N ASN AB 108 6.88 42.80 -40.79
CA ASN AB 108 6.33 42.37 -39.50
C ASN AB 108 7.39 41.69 -38.66
N PHE AB 109 7.61 42.20 -37.45
CA PHE AB 109 8.51 41.62 -36.46
C PHE AB 109 7.69 40.81 -35.47
N ASP AB 110 8.18 39.63 -35.11
CA ASP AB 110 7.35 38.64 -34.40
C ASP AB 110 6.70 39.23 -33.15
N GLU AB 111 5.37 39.09 -33.07
CA GLU AB 111 4.59 39.75 -32.04
C GLU AB 111 4.76 39.13 -30.66
N ARG AB 112 5.43 37.99 -30.55
CA ARG AB 112 5.72 37.41 -29.25
C ARG AB 112 6.96 38.01 -28.58
N SER AB 113 7.60 39.01 -29.20
CA SER AB 113 8.72 39.73 -28.61
C SER AB 113 8.47 41.22 -28.73
N ARG AB 114 9.14 41.98 -27.87
CA ARG AB 114 9.24 43.43 -28.01
C ARG AB 114 10.58 43.76 -28.65
N TRP AB 115 10.57 44.64 -29.65
CA TRP AB 115 11.73 44.91 -30.47
C TRP AB 115 12.24 46.33 -30.26
N GLY AB 116 13.56 46.51 -30.42
CA GLY AB 116 14.15 47.82 -30.42
C GLY AB 116 15.04 48.01 -31.63
N GLY AB 117 15.35 49.26 -31.92
CA GLY AB 117 16.16 49.60 -33.07
C GLY AB 117 17.28 50.58 -32.79
N GLN AB 118 18.51 50.19 -33.12
CA GLN AB 118 19.65 51.08 -32.98
C GLN AB 118 19.75 52.00 -34.19
N LEU AB 119 19.83 53.30 -33.96
CA LEU AB 119 19.72 54.31 -35.01
C LEU AB 119 21.04 55.05 -35.21
N LYS AB 120 21.49 55.13 -36.46
CA LYS AB 120 22.63 55.94 -36.86
C LYS AB 120 22.21 56.89 -37.98
N THR AB 121 22.70 58.13 -37.94
CA THR AB 121 22.32 59.14 -38.93
C THR AB 121 23.55 59.79 -39.53
N ILE AB 122 23.36 60.32 -40.73
CA ILE AB 122 24.36 61.10 -41.45
C ILE AB 122 23.68 62.37 -41.96
N MET AB 123 24.28 63.53 -41.68
CA MET AB 123 23.69 64.82 -42.05
C MET AB 123 24.76 65.77 -42.57
N HIS AB 124 24.41 66.57 -43.58
CA HIS AB 124 25.29 67.60 -44.11
C HIS AB 124 24.50 68.86 -44.44
N THR AB 125 25.07 70.02 -44.13
CA THR AB 125 24.40 71.31 -44.27
C THR AB 125 25.25 72.27 -45.10
N ASN AB 126 24.62 73.36 -45.56
CA ASN AB 126 25.30 74.41 -46.31
C ASN AB 126 24.83 75.80 -45.87
N MET AB 127 24.75 76.04 -44.57
CA MET AB 127 24.24 77.30 -44.01
C MET AB 127 25.30 78.40 -44.04
N PRO AB 128 24.99 79.59 -44.57
CA PRO AB 128 25.87 80.75 -44.39
C PRO AB 128 25.59 81.47 -43.09
N ASN AB 129 26.62 82.17 -42.60
CA ASN AB 129 26.52 82.72 -41.24
C ASN AB 129 25.66 83.98 -41.13
N VAL AB 130 25.47 84.74 -42.21
CA VAL AB 130 24.62 85.92 -42.20
C VAL AB 130 23.43 85.64 -43.11
N ASN AB 131 22.25 85.46 -42.54
CA ASN AB 131 21.07 85.12 -43.31
C ASN AB 131 19.82 85.54 -42.56
N GLU AB 132 18.71 85.62 -43.29
CA GLU AB 132 17.45 86.11 -42.74
C GLU AB 132 16.76 85.09 -41.85
N TYR AB 133 16.84 83.80 -42.20
CA TYR AB 133 16.07 82.78 -41.50
C TYR AB 133 16.49 82.64 -40.04
N MET AB 134 17.75 82.90 -39.73
CA MET AB 134 18.28 82.73 -38.38
C MET AB 134 18.43 84.05 -37.63
N PHE AB 135 17.87 85.14 -38.15
CA PHE AB 135 17.85 86.45 -37.48
C PHE AB 135 19.24 87.01 -37.25
N SER AB 136 20.20 86.68 -38.12
CA SER AB 136 21.52 87.28 -38.09
C SER AB 136 21.70 88.33 -39.18
N ASN AB 137 20.60 88.92 -39.63
CA ASN AB 137 20.55 89.78 -40.78
C ASN AB 137 20.28 91.24 -40.45
N LYS AB 138 19.88 91.55 -39.21
CA LYS AB 138 19.31 92.85 -38.91
C LYS AB 138 19.58 93.24 -37.46
N PHE AB 139 19.50 94.55 -37.21
CA PHE AB 139 19.59 95.12 -35.87
C PHE AB 139 18.92 96.49 -35.91
N LYS AB 140 18.68 97.05 -34.72
CA LYS AB 140 18.04 98.36 -34.59
C LYS AB 140 18.96 99.35 -33.88
N ALA AB 141 18.85 100.62 -34.26
CA ALA AB 141 19.66 101.68 -33.68
C ALA AB 141 18.92 103.01 -33.75
N ARG AB 142 19.36 103.96 -32.93
CA ARG AB 142 18.77 105.30 -32.86
C ARG AB 142 19.83 106.31 -33.28
N VAL AB 143 19.55 107.08 -34.34
CA VAL AB 143 20.49 108.03 -34.89
C VAL AB 143 19.79 109.39 -35.02
N MET AB 144 20.56 110.39 -35.43
CA MET AB 144 20.07 111.77 -35.54
C MET AB 144 19.55 112.03 -36.95
N VAL AB 145 18.32 112.55 -37.02
CA VAL AB 145 17.67 112.79 -38.30
C VAL AB 145 17.70 114.26 -38.71
N SER AB 146 17.69 115.19 -37.76
CA SER AB 146 17.68 116.61 -38.09
C SER AB 146 18.45 117.41 -37.04
N ARG AB 147 19.32 118.29 -37.51
CA ARG AB 147 19.82 119.38 -36.69
C ARG AB 147 18.88 120.57 -36.87
N LYS AB 148 19.28 121.75 -36.39
CA LYS AB 148 18.43 122.93 -36.53
C LYS AB 148 18.34 123.37 -37.99
N ASP AB 171 20.46 125.24 -31.16
CA ASP AB 171 20.18 124.14 -32.08
C ASP AB 171 19.30 123.08 -31.42
N ILE AB 172 18.30 122.60 -32.14
CA ILE AB 172 17.41 121.54 -31.68
C ILE AB 172 17.70 120.30 -32.50
N LEU AB 173 17.88 119.18 -31.81
CA LEU AB 173 18.30 117.92 -32.42
C LEU AB 173 17.19 116.89 -32.30
N LYS AB 174 16.92 116.17 -33.38
CA LYS AB 174 15.88 115.15 -33.42
C LYS AB 174 16.49 113.79 -33.72
N TYR AB 175 15.99 112.75 -33.05
CA TYR AB 175 16.48 111.39 -33.18
C TYR AB 175 15.32 110.45 -33.46
N GLU AB 176 15.62 109.31 -34.05
CA GLU AB 176 14.59 108.33 -34.39
C GLU AB 176 15.20 106.94 -34.48
N TRP AB 177 14.36 105.93 -34.26
CA TRP AB 177 14.76 104.53 -34.36
C TRP AB 177 14.54 104.00 -35.78
N PHE AB 178 15.43 103.13 -36.23
CA PHE AB 178 15.33 102.48 -37.52
C PHE AB 178 15.77 101.02 -37.37
N GLU AB 179 15.42 100.21 -38.37
CA GLU AB 179 15.92 98.85 -38.49
C GLU AB 179 16.81 98.75 -39.73
N PHE AB 180 17.99 98.17 -39.56
CA PHE AB 180 19.00 98.10 -40.60
C PHE AB 180 19.17 96.67 -41.09
N ILE AB 181 19.38 96.50 -42.40
CA ILE AB 181 19.44 95.20 -43.04
C ILE AB 181 20.77 95.06 -43.77
N LEU AB 182 21.43 93.89 -43.59
CA LEU AB 182 22.66 93.48 -44.25
C LEU AB 182 22.35 92.52 -45.38
N PRO AB 183 23.19 92.45 -46.42
CA PRO AB 183 23.02 91.42 -47.45
C PRO AB 183 23.59 90.08 -46.99
N GLU AB 184 23.03 89.01 -47.55
CA GLU AB 184 23.31 87.66 -47.09
C GLU AB 184 24.59 87.09 -47.70
N GLY AB 185 25.25 86.22 -46.94
CA GLY AB 185 26.49 85.61 -47.36
C GLY AB 185 27.22 85.02 -46.19
N ASN AB 186 28.40 84.48 -46.47
CA ASN AB 186 29.24 83.83 -45.47
C ASN AB 186 30.51 84.66 -45.29
N PHE AB 187 30.57 85.42 -44.20
CA PHE AB 187 31.59 86.44 -44.01
C PHE AB 187 32.39 86.19 -42.73
N SER AB 188 33.62 86.71 -42.71
CA SER AB 188 34.38 86.73 -41.48
C SER AB 188 33.87 87.82 -40.54
N ALA AB 189 34.37 87.79 -39.31
CA ALA AB 189 33.89 88.73 -38.29
C ALA AB 189 34.25 90.18 -38.64
N THR AB 190 35.47 90.41 -39.13
CA THR AB 190 35.85 91.77 -39.51
C THR AB 190 35.02 92.28 -40.68
N MET AB 191 34.79 91.43 -41.68
CA MET AB 191 33.98 91.84 -42.82
C MET AB 191 32.53 92.11 -42.42
N THR AB 192 32.02 91.38 -41.41
CA THR AB 192 30.67 91.64 -40.93
C THR AB 192 30.55 93.01 -40.28
N ILE AB 193 31.57 93.40 -39.51
CA ILE AB 193 31.55 94.70 -38.84
C ILE AB 193 31.62 95.84 -39.86
N ASP AB 194 32.34 95.65 -40.97
CA ASP AB 194 32.34 96.65 -42.03
C ASP AB 194 30.94 96.85 -42.61
N LEU AB 195 30.19 95.75 -42.79
CA LEU AB 195 28.86 95.86 -43.35
C LEU AB 195 27.90 96.58 -42.42
N MET AB 196 28.06 96.40 -41.11
CA MET AB 196 27.20 97.11 -40.15
C MET AB 196 27.47 98.61 -40.17
N ASN AB 197 28.74 99.02 -40.25
CA ASN AB 197 29.06 100.44 -40.38
C ASN AB 197 28.50 101.00 -41.68
N ASN AB 198 28.60 100.24 -42.77
CA ASN AB 198 28.10 100.69 -44.07
C ASN AB 198 26.60 100.90 -44.04
N ALA AB 199 25.87 100.08 -43.29
CA ALA AB 199 24.42 100.26 -43.18
C ALA AB 199 24.07 101.57 -42.46
N ILE AB 200 24.82 101.92 -41.43
CA ILE AB 200 24.58 103.17 -40.71
C ILE AB 200 24.77 104.35 -41.65
N ILE AB 201 25.86 104.33 -42.43
CA ILE AB 201 26.20 105.47 -43.28
C ILE AB 201 25.18 105.65 -44.40
N ASP AB 202 24.66 104.55 -44.96
CA ASP AB 202 23.66 104.66 -46.01
C ASP AB 202 22.37 105.32 -45.51
N ASN AB 203 22.10 105.25 -44.20
CA ASN AB 203 21.00 106.00 -43.62
C ASN AB 203 21.32 107.47 -43.52
N TYR AB 204 22.58 107.82 -43.29
CA TYR AB 204 22.97 109.22 -43.20
C TYR AB 204 23.02 109.88 -44.58
N LEU AB 205 23.11 109.10 -45.65
CA LEU AB 205 23.11 109.67 -46.99
C LEU AB 205 21.72 109.82 -47.57
N GLU AB 206 20.75 109.04 -47.10
CA GLU AB 206 19.38 109.09 -47.60
C GLU AB 206 18.50 110.05 -46.80
N ILE AB 207 18.68 110.06 -45.48
CA ILE AB 207 18.07 111.02 -44.56
C ILE AB 207 19.26 111.72 -43.94
N GLY AB 208 19.03 112.64 -43.01
CA GLY AB 208 20.20 113.15 -42.33
C GLY AB 208 20.89 114.24 -43.13
N ARG AB 209 21.93 113.86 -43.87
CA ARG AB 209 22.75 114.79 -44.63
C ARG AB 209 21.96 115.90 -45.31
N GLN AB 210 20.82 115.56 -45.92
CA GLN AB 210 19.99 116.57 -46.58
C GLN AB 210 19.15 117.37 -45.59
N ASN AB 211 19.24 117.10 -44.30
CA ASN AB 211 18.49 117.83 -43.27
C ASN AB 211 19.42 118.50 -42.26
N GLY AB 212 20.67 118.74 -42.62
CA GLY AB 212 21.53 119.59 -41.84
C GLY AB 212 22.47 118.92 -40.86
N VAL AB 213 22.56 117.60 -40.84
CA VAL AB 213 23.50 116.93 -39.95
C VAL AB 213 24.85 116.86 -40.65
N LEU AB 214 25.92 117.02 -39.88
CA LEU AB 214 27.26 117.02 -40.43
C LEU AB 214 27.89 115.63 -40.27
N GLU AB 215 28.98 115.43 -41.00
CA GLU AB 215 29.72 114.18 -40.84
C GLU AB 215 30.66 114.30 -39.65
N SER AB 216 30.13 114.80 -38.53
CA SER AB 216 30.81 114.77 -37.25
C SER AB 216 29.82 114.51 -36.11
N ASP AB 217 28.56 114.21 -36.43
CA ASP AB 217 27.55 113.87 -35.44
C ASP AB 217 26.83 112.57 -35.77
N ILE AB 218 27.51 111.65 -36.46
CA ILE AB 218 26.89 110.38 -36.87
C ILE AB 218 26.30 109.65 -35.68
N GLY AB 219 27.15 109.29 -34.72
CA GLY AB 219 26.66 108.87 -33.42
C GLY AB 219 26.63 107.37 -33.13
N VAL AB 220 26.84 106.51 -34.12
CA VAL AB 220 26.93 105.07 -33.88
C VAL AB 220 28.05 104.51 -34.75
N LYS AB 221 29.03 103.87 -34.12
CA LYS AB 221 30.12 103.22 -34.84
C LYS AB 221 30.57 101.97 -34.11
N PHE AB 222 30.95 100.94 -34.87
CA PHE AB 222 31.49 99.70 -34.33
C PHE AB 222 32.99 99.65 -34.58
N ASP AB 223 33.77 99.50 -33.50
CA ASP AB 223 35.22 99.60 -33.57
C ASP AB 223 35.86 98.37 -32.92
N THR AB 224 37.21 98.37 -32.89
CA THR AB 224 37.97 97.31 -32.25
C THR AB 224 39.11 97.81 -31.37
N ARG AB 225 39.31 99.12 -31.26
CA ARG AB 225 40.52 99.66 -30.64
C ARG AB 225 40.35 99.88 -29.15
N ASN AB 226 41.48 99.96 -28.46
CA ASN AB 226 41.53 100.32 -27.04
C ASN AB 226 41.92 101.79 -26.97
N PHE AB 227 40.92 102.66 -26.92
CA PHE AB 227 41.21 104.07 -26.72
C PHE AB 227 41.78 104.27 -25.33
N ARG AB 228 42.51 105.37 -25.16
CA ARG AB 228 43.24 105.74 -23.93
C ARG AB 228 44.43 104.82 -23.63
N LEU AB 229 44.96 104.11 -24.63
CA LEU AB 229 46.15 103.30 -24.40
C LEU AB 229 47.35 104.16 -24.04
N GLY AB 230 47.65 105.17 -24.86
CA GLY AB 230 48.82 106.01 -24.62
C GLY AB 230 48.55 107.19 -23.70
N TRP AB 231 47.60 107.04 -22.79
CA TRP AB 231 47.18 108.10 -21.89
C TRP AB 231 48.27 108.45 -20.89
N ASP AB 232 48.34 109.73 -20.52
CA ASP AB 232 49.35 110.22 -19.58
C ASP AB 232 48.69 110.70 -18.31
N PRO AB 233 49.15 110.27 -17.14
CA PRO AB 233 48.43 110.60 -15.90
C PRO AB 233 48.54 112.07 -15.49
N GLU AB 234 49.49 112.82 -16.05
CA GLU AB 234 49.63 114.24 -15.68
C GLU AB 234 48.86 115.13 -16.64
N THR AB 235 49.16 115.06 -17.94
CA THR AB 235 48.48 115.87 -18.93
C THR AB 235 47.07 115.37 -19.24
N LYS AB 236 46.78 114.10 -18.95
CA LYS AB 236 45.46 113.50 -19.18
C LYS AB 236 45.04 113.62 -20.65
N LEU AB 237 45.98 113.43 -21.56
CA LEU AB 237 45.71 113.42 -22.99
C LEU AB 237 46.53 112.31 -23.63
N ILE AB 238 46.11 111.91 -24.84
CA ILE AB 238 46.82 110.88 -25.59
C ILE AB 238 48.04 111.53 -26.22
N MET AB 239 49.20 111.34 -25.58
CA MET AB 239 50.41 112.05 -25.99
C MET AB 239 50.83 111.82 -27.44
N PRO AB 240 50.78 110.62 -28.01
CA PRO AB 240 51.24 110.46 -29.40
C PRO AB 240 50.45 111.26 -30.42
N GLY AB 241 49.24 111.71 -30.08
CA GLY AB 241 48.41 112.43 -31.04
C GLY AB 241 47.55 111.57 -31.93
N VAL AB 242 47.72 110.25 -31.89
CA VAL AB 242 46.85 109.30 -32.59
C VAL AB 242 46.59 108.12 -31.67
N TYR AB 243 45.35 107.63 -31.70
CA TYR AB 243 45.01 106.44 -30.93
C TYR AB 243 45.75 105.22 -31.47
N THR AB 244 46.11 104.31 -30.57
CA THR AB 244 46.85 103.12 -30.97
C THR AB 244 46.02 102.28 -31.94
N TYR AB 245 46.65 101.90 -33.06
CA TYR AB 245 45.94 101.25 -34.16
C TYR AB 245 46.08 99.73 -34.09
N GLU AB 246 45.63 99.16 -32.97
CA GLU AB 246 45.68 97.71 -32.73
C GLU AB 246 44.31 97.22 -32.30
N ALA AB 247 43.99 95.98 -32.69
CA ALA AB 247 42.70 95.38 -32.40
C ALA AB 247 42.74 94.63 -31.08
N PHE AB 248 41.75 94.88 -30.23
CA PHE AB 248 41.65 94.25 -28.92
C PHE AB 248 40.40 93.40 -28.76
N HIS AB 249 39.23 93.96 -29.05
CA HIS AB 249 37.92 93.33 -28.87
C HIS AB 249 36.87 94.24 -29.53
N PRO AB 250 35.86 93.69 -30.18
CA PRO AB 250 34.84 94.55 -30.80
C PRO AB 250 34.13 95.43 -29.78
N ASP AB 251 33.77 96.64 -30.21
CA ASP AB 251 33.36 97.71 -29.31
C ASP AB 251 32.26 98.54 -29.97
N ILE AB 252 31.51 99.26 -29.14
CA ILE AB 252 30.42 100.13 -29.56
C ILE AB 252 30.73 101.55 -29.08
N VAL AB 253 30.68 102.52 -29.99
CA VAL AB 253 30.97 103.92 -29.69
C VAL AB 253 29.71 104.77 -29.95
N LEU AB 254 29.34 105.59 -28.97
CA LEU AB 254 28.08 106.33 -29.01
C LEU AB 254 28.27 107.81 -28.70
N LEU AB 255 27.39 108.63 -29.28
CA LEU AB 255 27.18 110.05 -29.02
C LEU AB 255 25.90 110.25 -28.22
N PRO AB 256 25.73 111.40 -27.56
CA PRO AB 256 24.53 111.59 -26.73
C PRO AB 256 23.25 111.50 -27.57
N GLY AB 257 22.23 110.86 -26.99
CA GLY AB 257 20.97 110.68 -27.65
C GLY AB 257 20.83 109.44 -28.51
N CYS AB 258 21.88 108.64 -28.64
CA CYS AB 258 21.87 107.47 -29.53
C CYS AB 258 21.86 106.18 -28.72
N GLY AB 259 21.77 105.06 -29.43
CA GLY AB 259 21.77 103.75 -28.79
C GLY AB 259 21.54 102.66 -29.81
N VAL AB 260 21.75 101.42 -29.36
CA VAL AB 260 21.52 100.22 -30.17
C VAL AB 260 20.66 99.25 -29.37
N ASP AB 261 19.91 98.41 -30.09
CA ASP AB 261 18.99 97.47 -29.48
C ASP AB 261 19.10 96.11 -30.17
N PHE AB 262 19.44 95.07 -29.40
CA PHE AB 262 19.67 93.73 -29.93
C PHE AB 262 18.58 92.75 -29.52
N THR AB 263 17.36 93.22 -29.24
CA THR AB 263 16.31 92.33 -28.76
C THR AB 263 15.96 91.27 -29.80
N GLU AB 264 15.94 91.65 -31.07
CA GLU AB 264 15.54 90.72 -32.13
C GLU AB 264 16.70 90.46 -33.09
N SER AB 265 17.88 90.18 -32.55
CA SER AB 265 19.08 90.03 -33.35
C SER AB 265 20.04 89.08 -32.65
N ARG AB 266 20.82 88.36 -33.45
CA ARG AB 266 21.85 87.48 -32.93
C ARG AB 266 23.25 88.01 -33.17
N LEU AB 267 23.38 89.27 -33.60
CA LEU AB 267 24.68 89.85 -33.88
C LEU AB 267 25.44 90.25 -32.62
N SER AB 268 24.80 90.27 -31.46
CA SER AB 268 25.53 90.53 -30.23
C SER AB 268 26.47 89.38 -29.86
N ASN AB 269 26.16 88.14 -30.29
CA ASN AB 269 27.07 87.02 -30.07
C ASN AB 269 28.35 87.18 -30.89
N LEU AB 270 28.24 87.70 -32.12
CA LEU AB 270 29.42 87.93 -32.94
C LEU AB 270 30.28 89.05 -32.36
N LEU AB 271 29.68 90.02 -31.66
CA LEU AB 271 30.44 91.10 -31.04
C LEU AB 271 31.09 90.70 -29.73
N GLY AB 272 30.69 89.58 -29.13
CA GLY AB 272 31.24 89.21 -27.84
C GLY AB 272 30.74 90.03 -26.68
N ILE AB 273 29.49 90.50 -26.73
CA ILE AB 273 28.87 91.24 -25.63
C ILE AB 273 27.57 90.52 -25.27
N ARG AB 274 27.46 90.09 -24.02
CA ARG AB 274 26.32 89.30 -23.56
C ARG AB 274 25.82 89.82 -22.22
N LYS AB 275 24.62 89.39 -21.85
CA LYS AB 275 23.99 89.79 -20.59
C LYS AB 275 24.27 88.77 -19.50
N ARG AB 276 24.50 89.26 -18.27
CA ARG AB 276 24.71 88.38 -17.13
C ARG AB 276 23.43 87.67 -16.69
N HIS AB 277 22.27 88.16 -17.12
CA HIS AB 277 20.98 87.52 -16.87
C HIS AB 277 20.37 87.23 -18.22
N PRO AB 278 20.78 86.15 -18.88
CA PRO AB 278 20.41 85.95 -20.29
C PRO AB 278 18.97 85.55 -20.52
N PHE AB 279 18.22 85.21 -19.47
CA PHE AB 279 16.81 84.84 -19.65
C PHE AB 279 15.85 86.01 -19.46
N GLN AB 280 16.34 87.21 -19.21
CA GLN AB 280 15.49 88.40 -19.11
C GLN AB 280 15.39 89.05 -20.48
N GLU AB 281 14.15 89.24 -20.96
CA GLU AB 281 13.95 89.76 -22.30
C GLU AB 281 14.39 91.20 -22.43
N GLY AB 282 14.94 91.54 -23.60
CA GLY AB 282 15.34 92.91 -23.89
C GLY AB 282 16.82 93.17 -23.72
N PHE AB 283 17.45 93.77 -24.74
CA PHE AB 283 18.88 94.07 -24.71
C PHE AB 283 19.10 95.40 -25.41
N LYS AB 284 19.15 96.48 -24.64
CA LYS AB 284 19.37 97.82 -25.17
C LYS AB 284 20.54 98.48 -24.45
N ILE AB 285 21.37 99.18 -25.20
CA ILE AB 285 22.51 99.92 -24.66
C ILE AB 285 22.44 101.35 -25.16
N MET AB 286 22.23 102.29 -24.24
CA MET AB 286 22.07 103.70 -24.57
C MET AB 286 23.27 104.50 -24.07
N TYR AB 287 23.33 105.77 -24.49
CA TYR AB 287 24.46 106.63 -24.11
C TYR AB 287 24.53 106.83 -22.60
N GLU AB 288 23.38 106.84 -21.93
CA GLU AB 288 23.36 107.05 -20.48
C GLU AB 288 23.87 105.84 -19.70
N ASP AB 289 23.94 104.67 -20.32
CA ASP AB 289 24.42 103.47 -19.63
C ASP AB 289 25.93 103.31 -19.68
N LEU AB 290 26.64 104.12 -20.48
CA LEU AB 290 28.07 104.01 -20.65
C LEU AB 290 28.85 105.01 -19.81
N GLU AB 291 28.37 105.32 -18.61
CA GLU AB 291 29.03 106.31 -17.76
C GLU AB 291 30.46 105.88 -17.43
N GLY AB 292 31.38 106.85 -17.45
CA GLY AB 292 32.77 106.58 -17.19
C GLY AB 292 33.58 106.15 -18.39
N GLY AB 293 32.96 106.05 -19.56
CA GLY AB 293 33.65 105.56 -20.74
C GLY AB 293 33.97 106.60 -21.80
N ASN AB 294 34.05 107.86 -21.41
CA ASN AB 294 34.36 108.91 -22.36
C ASN AB 294 35.76 108.73 -22.93
N ILE AB 295 35.89 108.94 -24.24
CA ILE AB 295 37.16 108.77 -24.94
C ILE AB 295 38.02 110.01 -24.73
N PRO AB 296 39.23 109.87 -24.19
CA PRO AB 296 40.07 111.05 -23.95
C PRO AB 296 40.43 111.75 -25.24
N ALA AB 297 40.50 113.08 -25.18
CA ALA AB 297 40.78 113.89 -26.36
C ALA AB 297 42.26 113.83 -26.73
N LEU AB 298 42.51 114.09 -28.01
CA LEU AB 298 43.86 114.24 -28.56
C LEU AB 298 44.86 113.23 -28.04
N ILE AB 364 50.39 122.32 -24.88
CA ILE AB 364 49.56 121.44 -24.07
C ILE AB 364 48.09 121.80 -24.20
N GLN AB 365 47.53 121.54 -25.39
CA GLN AB 365 46.11 121.78 -25.63
C GLN AB 365 45.56 120.68 -26.51
N PRO AB 366 44.30 120.28 -26.32
CA PRO AB 366 43.73 119.23 -27.17
C PRO AB 366 43.48 119.72 -28.58
N LEU AB 367 43.61 118.80 -29.54
CA LEU AB 367 43.21 119.09 -30.91
C LEU AB 367 41.70 119.15 -30.99
N GLU AB 368 41.18 120.19 -31.63
CA GLU AB 368 39.74 120.43 -31.67
C GLU AB 368 39.09 120.08 -33.00
N LYS AB 369 39.87 119.81 -34.05
CA LYS AB 369 39.30 119.54 -35.36
C LYS AB 369 40.26 118.66 -36.15
N ASP AB 370 39.74 118.07 -37.22
CA ASP AB 370 40.48 117.13 -38.04
C ASP AB 370 41.15 117.87 -39.20
N SER AB 371 41.79 117.11 -40.10
CA SER AB 371 42.51 117.72 -41.21
C SER AB 371 41.58 118.47 -42.15
N LYS AB 372 40.41 117.91 -42.45
CA LYS AB 372 39.45 118.51 -43.36
C LYS AB 372 38.38 119.31 -42.62
N SER AB 373 38.73 119.87 -41.46
CA SER AB 373 37.82 120.70 -40.66
C SER AB 373 36.56 119.92 -40.28
N ARG AB 374 36.75 118.86 -39.50
CA ARG AB 374 35.67 118.13 -38.87
C ARG AB 374 35.83 118.21 -37.36
N SER AB 375 34.75 118.54 -36.67
CA SER AB 375 34.80 118.67 -35.22
C SER AB 375 35.04 117.32 -34.55
N TYR AB 376 35.95 117.29 -33.58
CA TYR AB 376 36.13 116.13 -32.73
C TYR AB 376 35.17 116.12 -31.53
N ASN AB 377 34.31 117.13 -31.41
CA ASN AB 377 33.33 117.20 -30.32
C ASN AB 377 34.00 117.28 -28.95
N VAL AB 378 35.07 118.06 -28.85
CA VAL AB 378 35.72 118.25 -27.56
C VAL AB 378 34.81 119.05 -26.64
N LEU AB 379 34.88 118.76 -25.34
CA LEU AB 379 34.00 119.34 -24.34
C LEU AB 379 34.77 120.35 -23.49
N GLU AB 380 34.09 120.86 -22.47
CA GLU AB 380 34.75 121.73 -21.49
C GLU AB 380 35.76 120.90 -20.67
N ASP AB 381 36.69 121.62 -20.04
CA ASP AB 381 37.82 121.08 -19.30
C ASP AB 381 38.89 120.53 -20.24
N LYS AB 382 38.59 120.47 -21.53
CA LYS AB 382 39.59 120.26 -22.58
C LYS AB 382 40.43 119.01 -22.34
N ILE AB 383 39.80 117.95 -21.81
CA ILE AB 383 40.46 116.66 -21.65
C ILE AB 383 39.68 115.53 -22.32
N ASN AB 384 38.37 115.48 -22.12
CA ASN AB 384 37.55 114.39 -22.62
C ASN AB 384 36.67 114.84 -23.77
N THR AB 385 36.20 113.85 -24.53
CA THR AB 385 35.36 114.04 -25.70
C THR AB 385 33.99 113.47 -25.43
N ALA AB 386 32.99 113.95 -26.18
CA ALA AB 386 31.61 113.50 -26.00
C ALA AB 386 31.41 112.03 -26.36
N TYR AB 387 32.31 111.43 -27.15
CA TYR AB 387 32.16 110.02 -27.51
C TYR AB 387 32.35 109.12 -26.28
N ARG AB 388 31.50 108.10 -26.18
CA ARG AB 388 31.63 107.07 -25.15
C ARG AB 388 31.73 105.70 -25.81
N SER AB 389 32.40 104.76 -25.15
CA SER AB 389 32.58 103.42 -25.69
C SER AB 389 32.33 102.37 -24.62
N TRP AB 390 31.76 101.24 -25.05
CA TRP AB 390 31.44 100.15 -24.13
C TRP AB 390 32.70 99.57 -23.49
N TYR AB 391 33.77 99.41 -24.27
CA TYR AB 391 34.97 98.77 -23.75
C TYR AB 391 35.64 99.61 -22.66
N LEU AB 392 35.70 100.92 -22.86
CA LEU AB 392 36.31 101.79 -21.85
C LEU AB 392 35.48 101.78 -20.57
N SER AB 393 34.16 101.79 -20.68
CA SER AB 393 33.32 101.75 -19.50
C SER AB 393 33.41 100.41 -18.78
N TYR AB 394 33.52 99.31 -19.53
CA TYR AB 394 33.63 97.99 -18.92
C TYR AB 394 34.92 97.84 -18.13
N ASN AB 395 36.03 98.34 -18.67
CA ASN AB 395 37.33 98.09 -18.08
C ASN AB 395 37.79 99.18 -17.12
N TYR AB 396 37.39 100.44 -17.32
CA TYR AB 396 37.89 101.54 -16.52
C TYR AB 396 36.82 102.26 -15.70
N GLY AB 397 35.55 102.01 -15.95
CA GLY AB 397 34.48 102.66 -15.22
C GLY AB 397 34.27 102.07 -13.84
N ASN AB 398 33.16 102.46 -13.23
CA ASN AB 398 32.83 102.01 -11.88
C ASN AB 398 32.40 100.55 -11.91
N PRO AB 399 33.06 99.66 -11.15
CA PRO AB 399 32.71 98.23 -11.23
C PRO AB 399 31.29 97.92 -10.80
N GLU AB 400 30.70 98.70 -9.89
CA GLU AB 400 29.41 98.35 -9.31
C GLU AB 400 28.27 99.23 -9.81
N LYS AB 401 28.53 100.14 -10.73
CA LYS AB 401 27.48 101.00 -11.28
C LYS AB 401 27.50 101.13 -12.79
N GLY AB 402 28.63 100.88 -13.45
CA GLY AB 402 28.71 101.02 -14.89
C GLY AB 402 28.16 99.81 -15.62
N ILE AB 403 28.50 99.73 -16.90
CA ILE AB 403 28.00 98.68 -17.77
C ILE AB 403 28.51 97.30 -17.34
N ARG AB 404 29.59 97.24 -16.57
CA ARG AB 404 30.15 95.97 -16.12
C ARG AB 404 29.26 95.23 -15.13
N SER AB 405 28.30 95.91 -14.51
CA SER AB 405 27.48 95.26 -13.50
C SER AB 405 26.41 94.35 -14.10
N TRP AB 406 26.05 94.54 -15.37
CA TRP AB 406 25.03 93.69 -15.97
C TRP AB 406 25.37 93.21 -17.38
N THR AB 407 26.58 93.44 -17.88
CA THR AB 407 27.03 92.83 -19.13
C THR AB 407 28.33 92.08 -18.91
N LEU AB 408 28.67 91.23 -19.87
CA LEU AB 408 29.82 90.33 -19.77
C LEU AB 408 30.58 90.33 -21.08
N LEU AB 409 31.91 90.30 -21.00
CA LEU AB 409 32.78 90.29 -22.16
C LEU AB 409 33.18 88.86 -22.48
N THR AB 410 32.98 88.44 -23.73
CA THR AB 410 33.23 87.08 -24.17
C THR AB 410 33.99 87.09 -25.50
N THR AB 411 34.52 85.93 -25.88
CA THR AB 411 35.17 85.78 -27.17
C THR AB 411 34.15 85.87 -28.31
N SER AB 412 34.55 86.46 -29.42
CA SER AB 412 33.67 86.60 -30.57
C SER AB 412 33.34 85.24 -31.17
N ASP AB 413 32.06 85.02 -31.49
CA ASP AB 413 31.58 83.76 -32.06
C ASP AB 413 31.03 84.04 -33.45
N VAL AB 414 31.79 83.65 -34.48
CA VAL AB 414 31.45 84.00 -35.86
C VAL AB 414 30.19 83.29 -36.35
N THR AB 415 29.90 82.09 -35.82
CA THR AB 415 28.68 81.39 -36.25
C THR AB 415 27.42 82.05 -35.71
N CYS AB 416 27.55 83.02 -34.80
CA CYS AB 416 26.46 83.73 -34.14
C CYS AB 416 25.68 82.84 -33.17
N GLY AB 417 26.25 81.70 -32.78
CA GLY AB 417 25.63 80.85 -31.77
C GLY AB 417 24.78 79.76 -32.36
N VAL AB 418 25.28 78.55 -32.36
CA VAL AB 418 24.54 77.43 -32.92
C VAL AB 418 23.71 76.78 -31.82
N GLU AB 419 22.56 76.27 -32.19
CA GLU AB 419 21.69 75.54 -31.27
C GLU AB 419 21.49 74.12 -31.77
N GLN AB 420 20.59 73.39 -31.13
CA GLN AB 420 20.41 71.97 -31.38
C GLN AB 420 19.40 71.72 -32.51
N VAL AB 421 19.38 70.48 -32.99
CA VAL AB 421 18.41 69.99 -33.96
C VAL AB 421 17.79 68.69 -33.44
N TYR AB 422 16.57 68.41 -33.88
CA TYR AB 422 15.80 67.25 -33.44
C TYR AB 422 15.40 66.38 -34.63
N TRP AB 423 15.48 65.06 -34.44
CA TRP AB 423 15.04 64.07 -35.42
C TRP AB 423 13.69 63.47 -35.04
N SER AB 424 12.85 63.23 -36.05
CA SER AB 424 11.56 62.56 -35.87
C SER AB 424 11.37 61.45 -36.89
N LEU AB 425 10.89 60.29 -36.44
CA LEU AB 425 10.51 59.17 -37.31
C LEU AB 425 9.16 58.62 -36.86
N PRO AB 426 8.07 59.35 -37.10
CA PRO AB 426 6.79 59.00 -36.45
C PRO AB 426 6.18 57.67 -36.90
N ASP AB 427 6.51 57.15 -38.07
CA ASP AB 427 5.96 55.88 -38.54
C ASP AB 427 6.81 54.67 -38.18
N MET AB 428 7.95 54.85 -37.52
CA MET AB 428 8.83 53.73 -37.22
C MET AB 428 9.01 53.50 -35.73
N MET AB 429 9.29 54.54 -34.95
CA MET AB 429 9.55 54.43 -33.53
C MET AB 429 8.30 54.71 -32.70
N GLN AB 430 8.25 54.13 -31.52
CA GLN AB 430 7.23 54.50 -30.55
C GLN AB 430 7.53 55.88 -29.95
N ASP AB 431 6.47 56.58 -29.55
CA ASP AB 431 6.64 57.91 -28.97
C ASP AB 431 7.32 57.81 -27.60
N PRO AB 432 8.36 58.59 -27.34
CA PRO AB 432 8.96 58.62 -26.00
C PRO AB 432 8.01 59.23 -24.97
N VAL AB 433 8.33 58.98 -23.70
CA VAL AB 433 7.41 59.25 -22.60
C VAL AB 433 7.03 60.72 -22.52
N THR AB 434 5.74 60.97 -22.32
CA THR AB 434 5.01 62.25 -22.18
C THR AB 434 4.74 62.95 -23.53
N PHE AB 435 5.24 62.46 -24.66
CA PHE AB 435 4.89 63.04 -25.96
C PHE AB 435 3.52 62.54 -26.42
N ARG AB 436 2.71 63.43 -27.00
CA ARG AB 436 1.42 63.07 -27.57
C ARG AB 436 1.56 62.66 -29.04
N SER AB 437 0.74 61.69 -29.45
CA SER AB 437 0.66 61.33 -30.86
C SER AB 437 -0.13 62.38 -31.63
N THR AB 438 0.39 62.77 -32.80
CA THR AB 438 -0.22 63.85 -33.56
C THR AB 438 0.23 63.76 -35.01
N ARG AB 439 -0.43 64.55 -35.86
CA ARG AB 439 -0.03 64.72 -37.25
C ARG AB 439 0.37 66.14 -37.60
N GLN AB 440 0.61 66.99 -36.60
CA GLN AB 440 1.11 68.35 -36.84
C GLN AB 440 2.63 68.33 -36.85
N VAL AB 441 3.21 68.91 -37.90
CA VAL AB 441 4.65 68.80 -38.12
C VAL AB 441 5.44 69.47 -37.02
N SER AB 442 5.00 70.64 -36.57
CA SER AB 442 5.73 71.32 -35.50
C SER AB 442 5.53 70.65 -34.13
N ASN AB 443 4.90 69.48 -34.01
CA ASN AB 443 4.75 68.85 -32.71
C ASN AB 443 5.01 67.34 -32.77
N TYR AB 444 5.78 66.87 -33.75
CA TYR AB 444 6.13 65.45 -33.80
C TYR AB 444 6.96 65.06 -32.58
N PRO AB 445 6.80 63.84 -32.08
CA PRO AB 445 7.68 63.35 -31.00
C PRO AB 445 9.14 63.26 -31.46
N VAL AB 446 10.05 63.50 -30.52
CA VAL AB 446 11.47 63.66 -30.83
C VAL AB 446 12.21 62.37 -30.47
N VAL AB 447 13.00 61.86 -31.42
CA VAL AB 447 13.70 60.59 -31.26
C VAL AB 447 15.21 60.76 -31.07
N GLY AB 448 15.77 61.94 -31.31
CA GLY AB 448 17.18 62.17 -31.07
C GLY AB 448 17.52 63.64 -31.21
N ALA AB 449 18.68 64.02 -30.67
CA ALA AB 449 19.11 65.42 -30.67
C ALA AB 449 20.63 65.50 -30.83
N GLU AB 450 21.09 66.60 -31.42
CA GLU AB 450 22.51 66.88 -31.62
C GLU AB 450 22.65 68.36 -31.98
N LEU AB 451 23.89 68.81 -32.11
CA LEU AB 451 24.14 70.19 -32.53
C LEU AB 451 24.00 70.33 -34.04
N MET AB 452 23.45 71.45 -34.47
CA MET AB 452 23.50 71.82 -35.88
C MET AB 452 24.97 71.93 -36.30
N PRO AB 453 25.41 71.21 -37.33
CA PRO AB 453 26.86 70.96 -37.53
C PRO AB 453 27.59 72.10 -38.25
N VAL AB 454 27.73 73.23 -37.56
CA VAL AB 454 28.44 74.40 -38.08
C VAL AB 454 29.44 74.83 -37.02
N PHE AB 455 30.69 75.05 -37.42
CA PHE AB 455 31.78 75.29 -36.49
C PHE AB 455 32.66 76.45 -36.93
N SER AB 456 33.37 77.02 -35.97
CA SER AB 456 34.31 78.10 -36.19
C SER AB 456 35.72 77.56 -36.40
N LYS AB 457 36.48 78.20 -37.29
CA LYS AB 457 37.88 77.85 -37.53
C LYS AB 457 38.74 79.11 -37.50
N SER AB 458 39.94 79.00 -36.93
CA SER AB 458 40.84 80.13 -36.73
C SER AB 458 41.99 80.13 -37.72
N PHE AB 459 42.42 81.34 -38.10
CA PHE AB 459 43.59 81.53 -38.96
C PHE AB 459 44.41 82.68 -38.41
N TYR AB 460 45.69 82.71 -38.77
CA TYR AB 460 46.62 83.73 -38.32
C TYR AB 460 46.98 84.64 -39.49
N ASN AB 461 46.86 85.95 -39.29
CA ASN AB 461 47.18 86.94 -40.32
C ASN AB 461 47.94 88.13 -39.77
N HIS AB 478 37.52 103.44 -51.83
CA HIS AB 478 37.28 102.64 -50.64
C HIS AB 478 35.95 102.98 -50.00
N VAL AB 479 34.93 102.15 -50.28
CA VAL AB 479 33.62 102.36 -49.69
C VAL AB 479 33.63 102.06 -48.20
N PHE AB 480 34.60 101.27 -47.71
CA PHE AB 480 34.70 100.94 -46.29
C PHE AB 480 35.61 101.89 -45.52
N ASN AB 481 36.07 102.98 -46.17
CA ASN AB 481 36.85 104.00 -45.47
C ASN AB 481 36.51 105.34 -46.13
N ARG AB 482 35.49 106.01 -45.59
CA ARG AB 482 34.98 107.26 -46.13
C ARG AB 482 35.51 108.49 -45.40
N PHE AB 483 36.13 108.31 -44.24
CA PHE AB 483 36.71 109.40 -43.46
C PHE AB 483 38.12 109.02 -43.08
N PRO AB 484 39.03 108.95 -44.06
CA PRO AB 484 40.40 108.50 -43.76
C PRO AB 484 41.11 109.39 -42.75
N GLU AB 485 40.82 110.70 -42.74
CA GLU AB 485 41.55 111.60 -41.86
C GLU AB 485 41.09 111.51 -40.42
N ASN AB 486 39.81 111.26 -40.17
CA ASN AB 486 39.24 111.38 -38.84
C ASN AB 486 39.68 110.22 -37.96
N GLN AB 487 40.31 110.53 -36.82
CA GLN AB 487 40.83 109.49 -35.93
C GLN AB 487 39.72 108.67 -35.29
N ILE AB 488 38.51 109.19 -35.18
CA ILE AB 488 37.41 108.44 -34.60
C ILE AB 488 36.70 107.60 -35.65
N LEU AB 489 36.56 108.12 -36.86
CA LEU AB 489 35.80 107.47 -37.93
C LEU AB 489 36.70 106.69 -38.89
N ILE AB 490 37.97 106.51 -38.56
CA ILE AB 490 38.84 105.69 -39.41
C ILE AB 490 38.37 104.23 -39.38
N ARG AB 491 38.70 103.51 -40.45
CA ARG AB 491 38.34 102.10 -40.56
C ARG AB 491 39.07 101.28 -39.49
N PRO AB 492 38.36 100.43 -38.75
CA PRO AB 492 39.00 99.76 -37.62
C PRO AB 492 40.11 98.84 -38.09
N PRO AB 493 41.16 98.69 -37.29
CA PRO AB 493 42.20 97.70 -37.62
C PRO AB 493 41.67 96.28 -37.52
N ALA AB 494 42.25 95.39 -38.34
CA ALA AB 494 41.86 93.99 -38.41
C ALA AB 494 42.59 93.17 -37.34
N PRO AB 495 41.93 92.21 -36.72
CA PRO AB 495 42.61 91.39 -35.71
C PRO AB 495 43.66 90.50 -36.34
N THR AB 496 44.67 90.15 -35.53
CA THR AB 496 45.66 89.18 -35.96
C THR AB 496 45.13 87.75 -35.96
N ILE AB 497 43.94 87.51 -35.39
CA ILE AB 497 43.27 86.21 -35.43
C ILE AB 497 41.93 86.38 -36.14
N THR AB 498 41.75 85.66 -37.25
CA THR AB 498 40.52 85.70 -38.03
C THR AB 498 39.78 84.37 -37.90
N THR AB 499 38.46 84.44 -37.74
CA THR AB 499 37.61 83.25 -37.62
C THR AB 499 36.53 83.24 -38.70
N VAL AB 500 36.30 82.06 -39.27
CA VAL AB 500 35.26 81.85 -40.28
C VAL AB 500 34.49 80.57 -39.92
N SER AB 501 33.26 80.49 -40.40
CA SER AB 501 32.38 79.36 -40.07
C SER AB 501 32.36 78.33 -41.18
N GLU AB 502 32.28 77.06 -40.80
CA GLU AB 502 32.36 75.92 -41.71
C GLU AB 502 31.25 74.92 -41.45
N ASN AB 503 30.86 74.21 -42.50
CA ASN AB 503 29.92 73.10 -42.41
C ASN AB 503 30.69 71.78 -42.47
N VAL AB 504 30.50 70.92 -41.48
CA VAL AB 504 31.23 69.66 -41.36
C VAL AB 504 30.21 68.53 -41.26
N PRO AB 505 30.31 67.49 -42.09
CA PRO AB 505 29.33 66.39 -42.02
C PRO AB 505 29.37 65.70 -40.66
N ALA AB 506 28.17 65.36 -40.17
CA ALA AB 506 27.98 64.83 -38.82
C ALA AB 506 27.51 63.39 -38.87
N LEU AB 507 28.21 62.52 -38.16
CA LEU AB 507 27.93 61.09 -38.08
C LEU AB 507 27.63 60.75 -36.63
N THR AB 508 26.41 60.32 -36.35
CA THR AB 508 25.92 60.25 -34.98
C THR AB 508 25.28 58.90 -34.68
N ASP AB 509 25.59 58.35 -33.51
CA ASP AB 509 24.95 57.15 -32.98
C ASP AB 509 23.97 57.59 -31.88
N HIS AB 510 22.69 57.31 -32.08
CA HIS AB 510 21.65 57.74 -31.15
C HIS AB 510 21.21 56.65 -30.17
N GLY AB 511 21.83 55.48 -30.18
CA GLY AB 511 21.43 54.40 -29.30
C GLY AB 511 20.20 53.64 -29.78
N THR AB 512 19.64 52.84 -28.87
CA THR AB 512 18.53 51.94 -29.17
C THR AB 512 17.21 52.52 -28.66
N LEU AB 513 16.17 52.48 -29.51
CA LEU AB 513 14.84 52.94 -29.18
C LEU AB 513 13.79 51.87 -29.49
N PRO AB 514 12.70 51.83 -28.73
CA PRO AB 514 11.64 50.84 -29.01
C PRO AB 514 10.98 51.04 -30.36
N LEU AB 515 10.72 49.92 -31.03
CA LEU AB 515 10.29 49.86 -32.41
C LEU AB 515 8.85 49.35 -32.50
N ARG AB 516 8.09 49.88 -33.45
CA ARG AB 516 6.73 49.36 -33.69
C ARG AB 516 6.78 47.97 -34.31
N SER AB 517 5.79 47.15 -33.97
CA SER AB 517 5.77 45.75 -34.43
C SER AB 517 5.41 45.63 -35.91
N SER AB 518 4.68 46.58 -36.47
CA SER AB 518 4.32 46.56 -37.88
C SER AB 518 4.75 47.87 -38.52
N ILE AB 519 5.53 47.76 -39.59
CA ILE AB 519 6.16 48.91 -40.24
C ILE AB 519 5.60 49.02 -41.66
N ARG AB 520 5.02 50.16 -41.99
CA ARG AB 520 4.50 50.40 -43.32
C ARG AB 520 5.63 50.70 -44.31
N GLY AB 521 5.33 50.50 -45.60
CA GLY AB 521 6.32 50.62 -46.64
C GLY AB 521 6.78 52.04 -46.94
N VAL AB 522 5.98 53.04 -46.60
CA VAL AB 522 6.34 54.45 -46.82
C VAL AB 522 6.52 55.12 -45.46
N GLN AB 523 7.63 55.83 -45.29
CA GLN AB 523 8.03 56.40 -44.01
C GLN AB 523 8.32 57.89 -44.15
N ARG AB 524 8.03 58.64 -43.09
CA ARG AB 524 8.29 60.07 -43.02
C ARG AB 524 9.55 60.37 -42.20
N VAL AB 525 10.37 61.28 -42.70
CA VAL AB 525 11.62 61.70 -42.04
C VAL AB 525 11.59 63.22 -41.88
N THR AB 526 11.85 63.71 -40.66
CA THR AB 526 11.76 65.13 -40.37
C THR AB 526 12.92 65.60 -39.49
N VAL AB 527 13.44 66.79 -39.79
CA VAL AB 527 14.48 67.45 -39.01
C VAL AB 527 14.02 68.88 -38.70
N THR AB 528 13.99 69.25 -37.42
CA THR AB 528 13.54 70.58 -37.00
C THR AB 528 14.50 71.20 -35.99
N ASP AB 529 14.42 72.53 -35.87
CA ASP AB 529 15.30 73.30 -34.99
C ASP AB 529 14.66 73.47 -33.61
N ALA AB 530 15.25 74.34 -32.79
CA ALA AB 530 14.81 74.50 -31.41
C ALA AB 530 13.42 75.09 -31.30
N ARG AB 531 13.03 75.94 -32.25
CA ARG AB 531 11.68 76.49 -32.29
C ARG AB 531 10.71 75.60 -33.08
N ARG AB 532 11.16 74.41 -33.47
CA ARG AB 532 10.35 73.41 -34.19
C ARG AB 532 9.95 73.90 -35.59
N ARG AB 533 10.85 74.59 -36.27
CA ARG AB 533 10.75 74.86 -37.70
C ARG AB 533 11.68 73.92 -38.45
N THR AB 534 11.29 73.57 -39.68
CA THR AB 534 12.20 72.83 -40.54
C THR AB 534 13.34 73.75 -40.99
N CYS AB 535 14.48 73.14 -41.30
CA CYS AB 535 15.67 73.90 -41.67
C CYS AB 535 15.92 73.81 -43.17
N PRO AB 536 15.83 74.92 -43.91
CA PRO AB 536 16.07 74.87 -45.36
C PRO AB 536 17.51 74.64 -45.77
N TYR AB 537 18.46 74.60 -44.85
CA TYR AB 537 19.86 74.43 -45.22
C TYR AB 537 20.36 72.99 -45.09
N VAL AB 538 19.49 72.05 -44.77
CA VAL AB 538 19.84 70.63 -44.86
C VAL AB 538 19.74 70.19 -46.32
N TYR AB 539 20.78 69.56 -46.84
CA TYR AB 539 20.68 69.01 -48.19
C TYR AB 539 21.09 67.54 -48.30
N LYS AB 540 21.36 66.87 -47.19
CA LYS AB 540 21.62 65.43 -47.20
C LYS AB 540 21.31 64.87 -45.81
N ALA AB 541 20.45 63.86 -45.76
CA ALA AB 541 20.07 63.22 -44.50
C ALA AB 541 19.75 61.76 -44.77
N LEU AB 542 20.43 60.87 -44.04
CA LEU AB 542 20.24 59.43 -44.16
C LEU AB 542 20.08 58.80 -42.78
N GLY AB 543 19.33 57.71 -42.73
CA GLY AB 543 19.18 56.94 -41.51
C GLY AB 543 19.35 55.46 -41.78
N ILE AB 544 19.93 54.77 -40.79
CA ILE AB 544 20.13 53.32 -40.82
C ILE AB 544 19.69 52.76 -39.49
N VAL AB 545 18.80 51.77 -39.52
CA VAL AB 545 18.23 51.18 -38.31
C VAL AB 545 18.56 49.69 -38.29
N ALA AB 546 18.96 49.19 -37.12
CA ALA AB 546 19.27 47.77 -36.93
C ALA AB 546 18.39 47.16 -35.84
N PRO AB 547 17.31 46.46 -36.20
CA PRO AB 547 16.41 45.90 -35.19
C PRO AB 547 17.03 44.73 -34.42
N ARG AB 548 16.57 44.54 -33.18
CA ARG AB 548 16.92 43.38 -32.37
C ARG AB 548 15.89 43.22 -31.25
N VAL AB 549 15.88 42.03 -30.65
CA VAL AB 549 14.91 41.69 -29.61
C VAL AB 549 15.34 42.31 -28.28
N LEU AB 550 14.39 42.94 -27.58
CA LEU AB 550 14.63 43.53 -26.27
C LEU AB 550 14.10 42.66 -25.13
N SER AB 551 12.85 42.21 -25.20
CA SER AB 551 12.29 41.37 -24.15
C SER AB 551 11.16 40.53 -24.72
N SER AB 552 10.68 39.61 -23.89
CA SER AB 552 9.64 38.67 -24.28
C SER AB 552 8.24 39.26 -24.06
N ARG AB 553 7.29 38.80 -24.86
CA ARG AB 553 5.88 39.13 -24.76
C ARG AB 553 5.59 40.60 -25.05
N ARG BB 48 19.84 -18.43 38.06
CA ARG BB 48 21.00 -17.79 38.66
C ARG BB 48 21.04 -17.98 40.18
N ASN BB 49 20.68 -19.17 40.65
CA ASN BB 49 20.60 -19.42 42.08
C ASN BB 49 21.17 -20.77 42.50
N SER BB 50 22.05 -21.37 41.70
CA SER BB 50 22.57 -22.69 42.00
C SER BB 50 23.79 -22.61 42.91
N ILE BB 51 24.05 -23.70 43.61
CA ILE BB 51 25.18 -23.83 44.54
C ILE BB 51 25.91 -25.13 44.22
N ARG BB 52 27.22 -25.03 43.96
CA ARG BB 52 27.98 -26.14 43.41
C ARG BB 52 29.21 -26.46 44.23
N TYR BB 53 29.55 -27.74 44.31
CA TYR BB 53 30.71 -28.23 45.03
C TYR BB 53 31.70 -28.83 44.03
N SER BB 54 32.98 -28.44 44.16
CA SER BB 54 33.95 -28.69 43.09
C SER BB 54 34.24 -30.17 42.86
N GLU BB 55 33.89 -31.05 43.80
CA GLU BB 55 34.14 -32.47 43.59
C GLU BB 55 33.00 -33.21 42.90
N LEU BB 56 31.93 -32.53 42.51
CA LEU BB 56 30.77 -33.15 41.87
C LEU BB 56 30.54 -32.57 40.49
N SER BB 57 30.11 -33.42 39.55
CA SER BB 57 29.85 -33.01 38.17
C SER BB 57 28.90 -33.99 37.52
N PRO BB 58 28.00 -33.55 36.64
CA PRO BB 58 27.04 -34.46 36.01
C PRO BB 58 27.62 -35.17 34.79
N LEU BB 59 26.96 -36.28 34.41
CA LEU BB 59 27.45 -37.21 33.40
C LEU BB 59 26.64 -37.13 32.10
N TYR BB 60 27.34 -37.30 30.98
CA TYR BB 60 26.73 -37.23 29.66
C TYR BB 60 27.34 -38.25 28.69
N ASP BB 61 26.50 -38.68 27.74
CA ASP BB 61 26.80 -39.36 26.47
C ASP BB 61 27.25 -40.82 26.52
N THR BB 62 27.82 -41.31 27.62
CA THR BB 62 28.29 -42.69 27.72
C THR BB 62 28.92 -42.90 29.08
N THR BB 63 29.01 -44.16 29.48
CA THR BB 63 29.57 -44.57 30.78
C THR BB 63 29.79 -46.08 30.73
N ARG BB 64 30.09 -46.68 31.89
CA ARG BB 64 30.24 -48.12 32.01
C ARG BB 64 29.38 -48.67 33.14
N LEU BB 65 28.85 -49.88 32.95
CA LEU BB 65 28.17 -50.65 33.99
C LEU BB 65 28.88 -52.00 34.13
N TYR BB 66 29.16 -52.42 35.35
CA TYR BB 66 29.93 -53.63 35.61
C TYR BB 66 29.06 -54.68 36.31
N LEU BB 67 29.07 -55.90 35.78
CA LEU BB 67 28.31 -57.04 36.31
C LEU BB 67 29.30 -58.09 36.78
N VAL BB 68 29.55 -58.13 38.08
CA VAL BB 68 30.67 -58.88 38.66
C VAL BB 68 30.13 -59.90 39.66
N ASP BB 69 30.67 -61.11 39.62
CA ASP BB 69 30.11 -62.24 40.34
C ASP BB 69 30.73 -62.49 41.71
N ASN BB 70 31.69 -61.69 42.16
CA ASN BB 70 32.38 -61.98 43.42
C ASN BB 70 32.58 -60.73 44.27
N LYS BB 71 31.56 -59.88 44.36
CA LYS BB 71 31.61 -58.78 45.31
C LYS BB 71 31.41 -59.31 46.73
N SER BB 72 32.17 -58.74 47.68
CA SER BB 72 32.22 -59.31 49.02
C SER BB 72 30.87 -59.26 49.73
N ALA BB 73 30.17 -58.12 49.63
CA ALA BB 73 28.89 -57.98 50.32
C ALA BB 73 27.76 -58.75 49.64
N ASP BB 74 27.80 -58.86 48.31
CA ASP BB 74 26.76 -59.61 47.59
C ASP BB 74 26.84 -61.09 47.88
N ILE BB 75 28.04 -61.61 48.18
CA ILE BB 75 28.20 -63.03 48.49
C ILE BB 75 27.40 -63.39 49.74
N ALA BB 76 27.49 -62.56 50.78
CA ALA BB 76 26.90 -62.90 52.05
C ALA BB 76 25.38 -62.79 52.05
N SER BB 77 24.84 -61.74 51.43
CA SER BB 77 23.43 -61.41 51.60
C SER BB 77 22.54 -61.69 50.40
N LEU BB 78 23.09 -62.08 49.26
CA LEU BB 78 22.24 -62.29 48.09
C LEU BB 78 22.26 -63.70 47.54
N ASN BB 79 23.41 -64.37 47.53
CA ASN BB 79 23.62 -65.52 46.69
C ASN BB 79 23.90 -66.80 47.48
N TYR BB 80 23.18 -66.98 48.58
CA TYR BB 80 23.47 -68.11 49.47
C TYR BB 80 23.16 -69.44 48.80
N GLN BB 81 22.11 -69.51 47.99
CA GLN BB 81 21.69 -70.75 47.34
C GLN BB 81 21.99 -70.79 45.84
N ASN BB 82 22.85 -69.89 45.33
CA ASN BB 82 23.09 -69.75 43.89
C ASN BB 82 24.45 -70.32 43.52
N ASP BB 83 24.75 -70.30 42.22
CA ASP BB 83 26.07 -70.63 41.71
C ASP BB 83 26.42 -69.67 40.57
N HIS BB 84 27.61 -69.82 40.00
CA HIS BB 84 28.12 -68.85 39.03
C HIS BB 84 27.37 -68.88 37.70
N SER BB 85 26.53 -69.89 37.46
CA SER BB 85 25.71 -69.91 36.27
C SER BB 85 24.40 -69.13 36.42
N ASN BB 86 23.99 -68.79 37.65
CA ASN BB 86 22.72 -68.09 37.87
C ASN BB 86 22.79 -67.37 39.23
N PHE BB 87 23.05 -66.06 39.20
CA PHE BB 87 23.32 -65.32 40.43
C PHE BB 87 22.78 -63.90 40.33
N LEU BB 88 22.83 -63.20 41.45
CA LEU BB 88 22.43 -61.80 41.55
C LEU BB 88 23.63 -60.92 41.88
N THR BB 89 23.63 -59.69 41.37
CA THR BB 89 24.71 -58.76 41.64
C THR BB 89 24.16 -57.34 41.65
N THR BB 90 24.93 -56.43 42.24
CA THR BB 90 24.56 -55.02 42.33
C THR BB 90 25.38 -54.20 41.35
N VAL BB 91 24.70 -53.36 40.57
CA VAL BB 91 25.39 -52.44 39.67
C VAL BB 91 25.70 -51.10 40.31
N VAL BB 92 25.25 -50.86 41.54
CA VAL BB 92 25.61 -49.67 42.29
C VAL BB 92 26.96 -49.91 42.96
N GLN BB 93 27.94 -49.07 42.67
CA GLN BB 93 29.31 -49.23 43.16
C GLN BB 93 29.64 -48.26 44.28
N ASN BB 94 28.70 -47.98 45.19
CA ASN BB 94 28.85 -46.96 46.24
C ASN BB 94 28.68 -47.66 47.58
N ASN BB 95 29.75 -47.75 48.36
CA ASN BB 95 29.76 -48.53 49.59
C ASN BB 95 29.13 -47.80 50.78
N ASP BB 96 28.49 -46.65 50.57
CA ASP BB 96 27.67 -46.04 51.61
C ASP BB 96 26.39 -46.82 51.86
N PHE BB 97 26.06 -47.81 51.03
CA PHE BB 97 24.82 -48.55 51.13
C PHE BB 97 25.10 -50.04 51.06
N THR BB 98 24.25 -50.83 51.74
CA THR BB 98 24.27 -52.28 51.61
C THR BB 98 23.55 -52.70 50.35
N PRO BB 99 23.79 -53.93 49.87
CA PRO BB 99 23.08 -54.39 48.67
C PRO BB 99 21.57 -54.38 48.80
N THR BB 100 21.05 -54.68 50.00
CA THR BB 100 19.60 -54.61 50.21
C THR BB 100 19.08 -53.19 50.01
N GLU BB 101 19.77 -52.20 50.56
CA GLU BB 101 19.38 -50.82 50.33
C GLU BB 101 19.54 -50.43 48.86
N ALA BB 102 20.59 -50.92 48.21
CA ALA BB 102 20.83 -50.58 46.81
C ALA BB 102 19.74 -51.12 45.89
N SER BB 103 19.05 -52.17 46.30
CA SER BB 103 18.07 -52.82 45.41
C SER BB 103 16.93 -51.87 45.04
N THR BB 104 16.63 -50.89 45.89
CA THR BB 104 15.55 -49.96 45.60
C THR BB 104 16.00 -48.73 44.82
N GLN BB 105 17.29 -48.53 44.62
CA GLN BB 105 17.78 -47.37 43.87
C GLN BB 105 17.74 -47.64 42.37
N THR BB 106 17.83 -46.58 41.58
CA THR BB 106 17.77 -46.70 40.12
C THR BB 106 18.83 -45.83 39.45
N ILE BB 107 19.14 -46.19 38.22
CA ILE BB 107 19.94 -45.39 37.29
C ILE BB 107 19.05 -45.05 36.11
N ASN BB 108 19.00 -43.77 35.74
CA ASN BB 108 18.03 -43.30 34.77
C ASN BB 108 18.72 -42.66 33.57
N PHE BB 109 18.42 -43.18 32.37
CA PHE BB 109 18.90 -42.64 31.11
C PHE BB 109 17.81 -41.77 30.49
N ASP BB 110 18.20 -40.61 29.96
CA ASP BB 110 17.22 -39.58 29.61
C ASP BB 110 16.10 -40.12 28.72
N GLU BB 111 14.86 -39.89 29.15
CA GLU BB 111 13.70 -40.49 28.51
C GLU BB 111 13.36 -39.87 27.16
N ARG BB 112 14.01 -38.78 26.78
CA ARG BB 112 13.80 -38.21 25.46
C ARG BB 112 14.66 -38.86 24.37
N SER BB 113 15.42 -39.90 24.71
CA SER BB 113 16.19 -40.68 23.75
C SER BB 113 15.92 -42.16 23.97
N ARG BB 114 16.17 -42.95 22.93
CA ARG BB 114 16.22 -44.41 23.05
C ARG BB 114 17.69 -44.83 23.13
N TRP BB 115 18.01 -45.70 24.07
CA TRP BB 115 19.39 -46.06 24.38
C TRP BB 115 19.69 -47.50 24.01
N GLY BB 116 20.94 -47.76 23.66
CA GLY BB 116 21.42 -49.10 23.44
C GLY BB 116 22.70 -49.35 24.23
N GLY BB 117 23.02 -50.63 24.39
CA GLY BB 117 24.18 -51.02 25.15
C GLY BB 117 25.06 -52.06 24.47
N GLN BB 118 26.33 -51.75 24.29
CA GLN BB 118 27.28 -52.69 23.74
C GLN BB 118 27.79 -53.63 24.84
N LEU BB 119 27.71 -54.93 24.60
CA LEU BB 119 27.94 -55.94 25.63
C LEU BB 119 29.19 -56.77 25.32
N LYS BB 120 30.08 -56.88 26.30
CA LYS BB 120 31.25 -57.76 26.24
C LYS BB 120 31.23 -58.70 27.45
N THR BB 121 31.59 -59.96 27.24
CA THR BB 121 31.57 -60.95 28.30
C THR BB 121 32.90 -61.68 28.40
N ILE BB 122 33.16 -62.21 29.60
CA ILE BB 122 34.31 -63.06 29.88
C ILE BB 122 33.80 -64.30 30.63
N MET BB 123 34.18 -65.48 30.16
CA MET BB 123 33.70 -66.73 30.74
C MET BB 123 34.83 -67.75 30.82
N HIS BB 124 34.85 -68.54 31.90
CA HIS BB 124 35.81 -69.62 32.06
C HIS BB 124 35.13 -70.84 32.68
N THR BB 125 35.48 -72.03 32.20
CA THR BB 125 34.84 -73.28 32.60
C THR BB 125 35.88 -74.29 33.07
N ASN BB 126 35.41 -75.34 33.75
CA ASN BB 126 36.27 -76.45 34.19
C ASN BB 126 35.59 -77.81 33.98
N MET BB 127 35.00 -78.02 32.80
CA MET BB 127 34.25 -79.25 32.51
C MET BB 127 35.17 -80.41 32.15
N PRO BB 128 35.02 -81.57 32.77
CA PRO BB 128 35.70 -82.78 32.28
C PRO BB 128 34.90 -83.48 31.20
N ASN BB 129 35.61 -84.24 30.35
CA ASN BB 129 34.96 -84.76 29.15
C ASN BB 129 34.06 -85.97 29.40
N VAL BB 130 34.26 -86.73 30.47
CA VAL BB 130 33.39 -87.86 30.81
C VAL BB 130 32.68 -87.52 32.10
N ASN BB 131 31.38 -87.26 32.02
CA ASN BB 131 30.60 -86.86 33.19
C ASN BB 131 29.14 -87.20 32.99
N GLU BB 132 28.39 -87.21 34.09
CA GLU BB 132 26.99 -87.63 34.06
C GLU BB 132 26.07 -86.56 33.50
N TYR BB 133 26.35 -85.29 33.77
CA TYR BB 133 25.44 -84.22 33.41
C TYR BB 133 25.27 -84.09 31.90
N MET BB 134 26.29 -84.41 31.13
CA MET BB 134 26.28 -84.27 29.68
C MET BB 134 26.05 -85.58 28.95
N PHE BB 135 25.67 -86.64 29.66
CA PHE BB 135 25.31 -87.94 29.06
C PHE BB 135 26.48 -88.59 28.32
N SER BB 136 27.71 -88.32 28.75
CA SER BB 136 28.89 -89.00 28.22
C SER BB 136 29.41 -90.07 29.18
N ASN BB 137 28.53 -90.58 30.02
CA ASN BB 137 28.89 -91.46 31.12
C ASN BB 137 28.42 -92.90 30.92
N LYS BB 138 27.56 -93.17 29.95
CA LYS BB 138 26.85 -94.43 29.90
C LYS BB 138 26.51 -94.83 28.47
N PHE BB 139 26.27 -96.12 28.28
CA PHE BB 139 25.81 -96.69 27.02
C PHE BB 139 25.12 -98.01 27.33
N LYS BB 140 24.42 -98.56 26.33
CA LYS BB 140 23.69 -99.82 26.47
C LYS BB 140 24.22 -100.85 25.49
N ALA BB 141 24.17 -102.12 25.90
CA ALA BB 141 24.65 -103.21 25.07
C ALA BB 141 23.91 -104.50 25.44
N ARG BB 142 23.94 -105.47 24.52
CA ARG BB 142 23.31 -106.76 24.71
C ARG BB 142 24.38 -107.85 24.69
N VAL BB 143 24.48 -108.60 25.78
CA VAL BB 143 25.51 -109.62 25.95
C VAL BB 143 24.84 -110.94 26.36
N MET BB 144 25.65 -111.98 26.45
CA MET BB 144 25.16 -113.33 26.76
C MET BB 144 25.20 -113.57 28.26
N VAL BB 145 24.07 -114.02 28.81
CA VAL BB 145 23.95 -114.23 30.25
C VAL BB 145 24.05 -115.71 30.63
N SER BB 146 23.63 -116.63 29.76
CA SER BB 146 23.66 -118.05 30.10
C SER BB 146 23.92 -118.88 28.85
N ARG BB 147 24.85 -119.81 28.95
CA ARG BB 147 24.94 -120.92 28.02
C ARG BB 147 24.06 -122.06 28.56
N LYS BB 148 24.18 -123.25 27.98
CA LYS BB 148 23.38 -124.38 28.46
C LYS BB 148 23.84 -124.83 29.84
N ASP BB 171 23.06 -126.75 22.75
CA ASP BB 171 23.22 -125.66 23.69
C ASP BB 171 22.22 -124.53 23.40
N ILE BB 172 21.60 -124.01 24.45
CA ILE BB 172 20.66 -122.89 24.35
C ILE BB 172 21.31 -121.67 24.98
N LEU BB 173 21.28 -120.55 24.26
CA LEU BB 173 21.97 -119.34 24.64
C LEU BB 173 20.97 -118.24 24.94
N LYS BB 174 21.17 -117.51 26.03
CA LYS BB 174 20.29 -116.45 26.46
C LYS BB 174 21.05 -115.12 26.49
N TYR BB 175 20.39 -114.06 26.04
CA TYR BB 175 20.97 -112.73 25.96
C TYR BB 175 20.05 -111.73 26.64
N GLU BB 176 20.63 -110.60 27.07
CA GLU BB 176 19.87 -109.57 27.77
C GLU BB 176 20.54 -108.21 27.59
N TRP BB 177 19.75 -107.15 27.70
CA TRP BB 177 20.23 -105.78 27.62
C TRP BB 177 20.60 -105.27 29.01
N PHE BB 178 21.65 -104.44 29.05
CA PHE BB 178 22.09 -103.80 30.28
C PHE BB 178 22.53 -102.37 29.96
N GLU BB 179 22.63 -101.55 31.00
CA GLU BB 179 23.21 -100.22 30.90
C GLU BB 179 24.51 -100.18 31.71
N PHE BB 180 25.57 -99.66 31.09
CA PHE BB 180 26.91 -99.67 31.65
C PHE BB 180 27.33 -98.26 32.03
N ILE BB 181 28.04 -98.13 33.14
CA ILE BB 181 28.42 -96.82 33.71
C ILE BB 181 29.93 -96.76 33.86
N LEU BB 182 30.54 -95.65 33.42
CA LEU BB 182 31.95 -95.30 33.55
C LEU BB 182 32.16 -94.34 34.71
N PRO BB 183 33.33 -94.33 35.33
CA PRO BB 183 33.62 -93.31 36.34
C PRO BB 183 34.06 -92.00 35.70
N GLU BB 184 33.82 -90.90 36.40
CA GLU BB 184 33.98 -89.56 35.84
C GLU BB 184 35.43 -89.08 35.91
N GLY BB 185 35.78 -88.24 34.95
CA GLY BB 185 37.13 -87.71 34.85
C GLY BB 185 37.38 -87.14 33.47
N ASN BB 186 38.61 -86.68 33.28
CA ASN BB 186 39.04 -86.07 32.02
C ASN BB 186 40.08 -86.97 31.37
N PHE BB 187 39.68 -87.73 30.36
CA PHE BB 187 40.49 -88.80 29.81
C PHE BB 187 40.74 -88.59 28.31
N SER BB 188 41.85 -89.18 27.83
CA SER BB 188 42.08 -89.22 26.40
C SER BB 188 41.17 -90.27 25.74
N ALA BB 189 41.17 -90.27 24.41
CA ALA BB 189 40.28 -91.17 23.68
C ALA BB 189 40.66 -92.63 23.88
N THR BB 190 41.96 -92.95 23.87
CA THR BB 190 42.39 -94.33 24.09
C THR BB 190 42.03 -94.80 25.50
N MET BB 191 42.26 -93.95 26.50
CA MET BB 191 41.92 -94.32 27.87
C MET BB 191 40.41 -94.49 28.05
N THR BB 192 39.60 -93.74 27.32
CA THR BB 192 38.16 -93.90 27.39
C THR BB 192 37.72 -95.26 26.85
N ILE BB 193 38.34 -95.71 25.76
CA ILE BB 193 37.99 -97.00 25.16
C ILE BB 193 38.38 -98.14 26.09
N ASP BB 194 39.48 -98.01 26.84
CA ASP BB 194 39.82 -99.02 27.82
C ASP BB 194 38.75 -99.13 28.90
N LEU BB 195 38.20 -98.01 29.34
CA LEU BB 195 37.18 -98.04 30.38
C LEU BB 195 35.89 -98.69 29.89
N MET BB 196 35.54 -98.52 28.62
CA MET BB 196 34.34 -99.16 28.08
C MET BB 196 34.51 -100.67 28.01
N ASN BB 197 35.69 -101.15 27.60
CA ASN BB 197 35.95 -102.59 27.62
C ASN BB 197 35.91 -103.14 29.04
N ASN BB 198 36.47 -102.40 29.99
CA ASN BB 198 36.48 -102.83 31.38
C ASN BB 198 35.07 -102.95 31.95
N ALA BB 199 34.15 -102.07 31.53
CA ALA BB 199 32.76 -102.17 31.97
C ALA BB 199 32.10 -103.45 31.47
N ILE BB 200 32.37 -103.84 30.23
CA ILE BB 200 31.79 -105.06 29.69
C ILE BB 200 32.27 -106.27 30.48
N ILE BB 201 33.57 -106.31 30.79
CA ILE BB 201 34.14 -107.47 31.46
C ILE BB 201 33.63 -107.60 32.89
N ASP BB 202 33.43 -106.49 33.59
CA ASP BB 202 32.89 -106.55 34.95
C ASP BB 202 31.49 -107.13 34.98
N ASN BB 203 30.73 -107.02 33.88
CA ASN BB 203 29.44 -107.69 33.78
C ASN BB 203 29.62 -109.20 33.59
N TYR BB 204 30.68 -109.61 32.88
CA TYR BB 204 30.92 -111.04 32.68
C TYR BB 204 31.47 -111.71 33.94
N LEU BB 205 32.00 -110.94 34.89
CA LEU BB 205 32.48 -111.53 36.13
C LEU BB 205 31.42 -111.60 37.21
N GLU BB 206 30.38 -110.76 37.13
CA GLU BB 206 29.31 -110.74 38.12
C GLU BB 206 28.14 -111.64 37.72
N ILE BB 207 27.80 -111.64 36.44
CA ILE BB 207 26.83 -112.55 35.84
C ILE BB 207 27.64 -113.32 34.82
N GLY BB 208 27.03 -114.21 34.06
CA GLY BB 208 27.81 -114.78 32.99
C GLY BB 208 28.68 -115.93 33.48
N ARG BB 209 29.95 -115.61 33.77
CA ARG BB 209 30.96 -116.60 34.16
C ARG BB 209 30.42 -117.67 35.11
N GLN BB 210 29.62 -117.26 36.11
CA GLN BB 210 29.05 -118.23 37.04
C GLN BB 210 27.85 -118.97 36.47
N ASN BB 211 27.45 -118.69 35.23
CA ASN BB 211 26.33 -119.37 34.59
C ASN BB 211 26.75 -120.07 33.30
N GLY BB 212 28.04 -120.40 33.16
CA GLY BB 212 28.48 -121.28 32.12
C GLY BB 212 29.00 -120.66 30.84
N VAL BB 213 29.15 -119.35 30.77
CA VAL BB 213 29.73 -118.72 29.58
C VAL BB 213 31.24 -118.73 29.71
N LEU BB 214 31.91 -118.96 28.59
CA LEU BB 214 33.37 -119.03 28.57
C LEU BB 214 33.96 -117.70 28.17
N GLU BB 215 35.27 -117.55 28.42
CA GLU BB 215 35.95 -116.35 27.97
C GLU BB 215 36.35 -116.51 26.51
N SER BB 216 35.40 -116.97 25.69
CA SER BB 216 35.54 -116.97 24.25
C SER BB 216 34.21 -116.64 23.58
N ASP BB 217 33.18 -116.26 24.35
CA ASP BB 217 31.88 -115.87 23.83
C ASP BB 217 31.43 -114.52 24.38
N ILE BB 218 32.37 -113.65 24.75
CA ILE BB 218 32.04 -112.36 25.35
C ILE BB 218 31.08 -111.58 24.46
N GLY BB 219 31.51 -111.25 23.25
CA GLY BB 219 30.58 -110.79 22.23
C GLY BB 219 30.52 -109.30 21.95
N VAL BB 220 31.15 -108.47 22.77
CA VAL BB 220 31.23 -107.03 22.51
C VAL BB 220 32.63 -106.54 22.86
N LYS BB 221 33.33 -105.95 21.89
CA LYS BB 221 34.64 -105.38 22.14
C LYS BB 221 34.85 -104.14 21.27
N PHE BB 222 35.56 -103.16 21.82
CA PHE BB 222 35.91 -101.94 21.09
C PHE BB 222 37.39 -101.98 20.73
N ASP BB 223 37.70 -101.85 19.45
CA ASP BB 223 39.06 -102.04 18.95
C ASP BB 223 39.48 -100.86 18.08
N THR BB 224 40.70 -100.93 17.55
CA THR BB 224 41.22 -99.91 16.65
C THR BB 224 41.91 -100.47 15.40
N ARG BB 225 41.97 -101.80 15.24
CA ARG BB 225 42.81 -102.39 14.22
C ARG BB 225 42.07 -102.58 12.90
N ASN BB 226 42.85 -102.71 11.83
CA ASN BB 226 42.32 -103.07 10.51
C ASN BB 226 42.58 -104.56 10.32
N PHE BB 227 41.58 -105.37 10.67
CA PHE BB 227 41.68 -106.79 10.39
C PHE BB 227 41.67 -107.01 8.89
N ARG BB 228 42.21 -108.14 8.46
CA ARG BB 228 42.39 -108.54 7.06
C ARG BB 228 43.42 -107.70 6.31
N LEU BB 229 44.34 -107.04 7.02
CA LEU BB 229 45.39 -106.29 6.34
C LEU BB 229 46.32 -107.22 5.55
N GLY BB 230 46.84 -108.25 6.21
CA GLY BB 230 47.77 -109.15 5.55
C GLY BB 230 47.11 -110.31 4.82
N TRP BB 231 45.90 -110.09 4.34
CA TRP BB 231 45.10 -111.13 3.70
C TRP BB 231 45.70 -111.51 2.36
N ASP BB 232 45.55 -112.80 2.00
CA ASP BB 232 46.09 -113.33 0.76
C ASP BB 232 44.96 -113.77 -0.16
N PRO BB 233 44.96 -113.35 -1.42
CA PRO BB 233 43.81 -113.63 -2.28
C PRO BB 233 43.66 -115.09 -2.69
N GLU BB 234 44.70 -115.91 -2.53
CA GLU BB 234 44.62 -117.32 -2.90
C GLU BB 234 44.23 -118.19 -1.70
N THR BB 235 45.01 -118.14 -0.62
CA THR BB 235 44.70 -118.93 0.56
C THR BB 235 43.56 -118.35 1.38
N LYS BB 236 43.26 -117.06 1.21
CA LYS BB 236 42.17 -116.38 1.92
C LYS BB 236 42.33 -116.49 3.44
N LEU BB 237 43.57 -116.37 3.91
CA LEU BB 237 43.86 -116.35 5.33
C LEU BB 237 44.93 -115.30 5.61
N ILE BB 238 45.03 -114.90 6.87
CA ILE BB 238 46.03 -113.91 7.28
C ILE BB 238 47.36 -114.64 7.40
N MET BB 239 48.20 -114.50 6.37
CA MET BB 239 49.42 -115.29 6.28
C MET BB 239 50.38 -115.11 7.46
N PRO BB 240 50.63 -113.90 7.99
CA PRO BB 240 51.59 -113.78 9.10
C PRO BB 240 51.21 -114.55 10.35
N GLY BB 241 49.94 -114.92 10.52
CA GLY BB 241 49.50 -115.61 11.71
C GLY BB 241 49.10 -114.70 12.86
N VAL BB 242 49.32 -113.39 12.74
CA VAL BB 242 48.84 -112.40 13.71
C VAL BB 242 48.30 -111.21 12.94
N TYR BB 243 47.22 -110.63 13.44
CA TYR BB 243 46.68 -109.42 12.85
C TYR BB 243 47.64 -108.26 13.04
N THR BB 244 47.67 -107.36 12.06
CA THR BB 244 48.57 -106.21 12.13
C THR BB 244 48.24 -105.34 13.33
N TYR BB 245 49.26 -105.01 14.12
CA TYR BB 245 49.07 -104.33 15.40
C TYR BB 245 49.26 -102.82 15.26
N GLU BB 246 48.45 -102.21 14.39
CA GLU BB 246 48.48 -100.77 14.13
C GLU BB 246 47.09 -100.19 14.25
N ALA BB 247 47.02 -98.94 14.72
CA ALA BB 247 45.75 -98.26 14.95
C ALA BB 247 45.31 -97.51 13.70
N PHE BB 248 44.06 -97.68 13.29
CA PHE BB 248 43.50 -97.04 12.11
C PHE BB 248 42.34 -96.11 12.44
N HIS BB 249 41.34 -96.61 13.16
CA HIS BB 249 40.10 -95.91 13.50
C HIS BB 249 39.35 -96.76 14.51
N PRO BB 250 38.68 -96.15 15.50
CA PRO BB 250 37.93 -96.97 16.47
C PRO BB 250 36.84 -97.79 15.82
N ASP BB 251 36.61 -98.97 16.37
CA ASP BB 251 35.82 -100.00 15.71
C ASP BB 251 35.02 -100.79 16.75
N ILE BB 252 33.96 -101.45 16.29
CA ILE BB 252 33.07 -102.26 17.10
C ILE BB 252 33.08 -103.69 16.56
N VAL BB 253 33.33 -104.67 17.43
CA VAL BB 253 33.40 -106.08 17.06
C VAL BB 253 32.30 -106.85 17.79
N LEU BB 254 31.53 -107.65 17.05
CA LEU BB 254 30.35 -108.30 17.57
C LEU BB 254 30.32 -109.79 17.24
N LEU BB 255 29.68 -110.57 18.13
CA LEU BB 255 29.31 -111.97 17.98
C LEU BB 255 27.80 -112.07 17.75
N PRO BB 256 27.32 -113.21 17.21
CA PRO BB 256 25.89 -113.32 16.91
C PRO BB 256 25.04 -113.16 18.17
N GLY BB 257 23.92 -112.47 18.02
CA GLY BB 257 23.01 -112.22 19.12
C GLY BB 257 23.29 -110.98 19.94
N CYS BB 258 24.36 -110.24 19.66
CA CYS BB 258 24.75 -109.09 20.46
C CYS BB 258 24.51 -107.79 19.69
N GLY BB 259 24.75 -106.67 20.37
CA GLY BB 259 24.60 -105.36 19.77
C GLY BB 259 24.83 -104.26 20.79
N VAL BB 260 24.93 -103.03 20.27
CA VAL BB 260 25.09 -101.84 21.09
C VAL BB 260 24.05 -100.80 20.67
N ASP BB 261 23.69 -99.94 21.60
CA ASP BB 261 22.66 -98.93 21.39
C ASP BB 261 23.10 -97.59 21.96
N PHE BB 262 23.18 -96.57 21.11
CA PHE BB 262 23.66 -95.25 21.50
C PHE BB 262 22.57 -94.20 21.52
N THR BB 263 21.32 -94.59 21.74
CA THR BB 263 20.21 -93.64 21.68
C THR BB 263 20.34 -92.57 22.76
N GLU BB 264 20.80 -92.96 23.95
CA GLU BB 264 20.89 -92.03 25.07
C GLU BB 264 22.33 -91.84 25.50
N SER BB 265 23.24 -91.62 24.55
CA SER BB 265 24.66 -91.56 24.83
C SER BB 265 25.33 -90.66 23.81
N ARG BB 266 26.40 -89.98 24.23
CA ARG BB 266 27.20 -89.15 23.34
C ARG BB 266 28.55 -89.78 23.03
N LEU BB 267 28.76 -91.03 23.39
CA LEU BB 267 30.04 -91.70 23.15
C LEU BB 267 30.23 -92.14 21.71
N SER BB 268 29.18 -92.11 20.89
CA SER BB 268 29.37 -92.39 19.47
C SER BB 268 30.15 -91.30 18.76
N ASN BB 269 30.11 -90.05 19.25
CA ASN BB 269 30.94 -88.99 18.69
C ASN BB 269 32.42 -89.23 18.95
N LEU BB 270 32.75 -89.74 20.14
CA LEU BB 270 34.15 -90.05 20.44
C LEU BB 270 34.66 -91.22 19.59
N LEU BB 271 33.77 -92.13 19.19
CA LEU BB 271 34.18 -93.26 18.35
C LEU BB 271 34.29 -92.89 16.88
N GLY BB 272 33.76 -91.74 16.47
CA GLY BB 272 33.78 -91.38 15.07
C GLY BB 272 32.84 -92.17 14.19
N ILE BB 273 31.68 -92.57 14.71
CA ILE BB 273 30.64 -93.26 13.96
C ILE BB 273 29.35 -92.46 14.11
N ARG BB 274 28.79 -92.01 12.99
CA ARG BB 274 27.60 -91.15 13.00
C ARG BB 274 26.60 -91.62 11.95
N LYS BB 275 25.37 -91.13 12.07
CA LYS BB 275 24.29 -91.47 11.15
C LYS BB 275 24.19 -90.45 10.02
N ARG BB 276 23.90 -90.95 8.81
CA ARG BB 276 23.70 -90.07 7.67
C ARG BB 276 22.41 -89.29 7.74
N HIS BB 277 21.46 -89.71 8.58
CA HIS BB 277 20.21 -88.99 8.84
C HIS BB 277 20.18 -88.68 10.33
N PRO BB 278 20.89 -87.63 10.76
CA PRO BB 278 21.10 -87.42 12.20
C PRO BB 278 19.88 -86.94 12.96
N PHE BB 279 18.81 -86.55 12.29
CA PHE BB 279 17.61 -86.10 12.97
C PHE BB 279 16.58 -87.20 13.20
N GLN BB 280 16.86 -88.44 12.79
CA GLN BB 280 15.98 -89.57 13.04
C GLN BB 280 16.36 -90.23 14.35
N GLU BB 281 15.40 -90.36 15.27
CA GLU BB 281 15.70 -90.86 16.60
C GLU BB 281 16.07 -92.34 16.57
N GLY BB 282 17.01 -92.72 17.44
CA GLY BB 282 17.41 -94.11 17.57
C GLY BB 282 18.70 -94.45 16.85
N PHE BB 283 19.63 -95.11 17.55
CA PHE BB 283 20.93 -95.48 16.98
C PHE BB 283 21.30 -96.84 17.57
N LYS BB 284 21.00 -97.91 16.84
CA LYS BB 284 21.33 -99.27 17.26
C LYS BB 284 22.09 -99.99 16.16
N ILE BB 285 23.11 -100.74 16.55
CA ILE BB 285 23.91 -101.53 15.61
C ILE BB 285 23.95 -102.96 16.13
N MET BB 286 23.35 -103.89 15.37
CA MET BB 286 23.26 -105.29 15.76
C MET BB 286 24.11 -106.16 14.84
N TYR BB 287 24.27 -107.42 15.22
CA TYR BB 287 25.10 -108.34 14.45
C TYR BB 287 24.57 -108.54 13.04
N GLU BB 288 23.25 -108.48 12.86
CA GLU BB 288 22.67 -108.66 11.53
C GLU BB 288 22.91 -107.47 10.60
N ASP BB 289 23.28 -106.31 11.13
CA ASP BB 289 23.53 -105.14 10.29
C ASP BB 289 24.95 -105.07 9.76
N LEU BB 290 25.86 -105.93 10.23
CA LEU BB 290 27.26 -105.90 9.84
C LEU BB 290 27.59 -106.95 8.77
N GLU BB 291 26.67 -107.21 7.85
CA GLU BB 291 26.90 -108.23 6.83
C GLU BB 291 28.10 -107.88 5.97
N GLY BB 292 28.90 -108.89 5.64
CA GLY BB 292 30.10 -108.71 4.87
C GLY BB 292 31.34 -108.34 5.67
N GLY BB 293 31.23 -108.23 6.99
CA GLY BB 293 32.33 -107.78 7.79
C GLY BB 293 32.97 -108.85 8.66
N ASN BB 294 32.83 -110.11 8.29
CA ASN BB 294 33.42 -111.19 9.07
C ASN BB 294 34.95 -111.09 9.06
N ILE BB 295 35.55 -111.32 10.21
CA ILE BB 295 36.99 -111.23 10.36
C ILE BB 295 37.64 -112.52 9.86
N PRO BB 296 38.56 -112.44 8.89
CA PRO BB 296 39.17 -113.66 8.36
C PRO BB 296 39.96 -114.40 9.42
N ALA BB 297 39.92 -115.73 9.36
CA ALA BB 297 40.59 -116.56 10.35
C ALA BB 297 42.09 -116.60 10.13
N LEU BB 298 42.82 -116.88 11.21
CA LEU BB 298 44.26 -117.11 11.21
C LEU BB 298 45.03 -116.15 10.33
N ILE BB 364 48.40 -125.52 5.41
CA ILE BB 364 47.37 -124.59 4.97
C ILE BB 364 46.04 -124.86 5.66
N GLN BB 365 45.98 -124.59 6.97
CA GLN BB 365 44.76 -124.75 7.74
C GLN BB 365 44.65 -123.62 8.75
N PRO BB 366 43.45 -123.15 9.05
CA PRO BB 366 43.31 -122.08 10.04
C PRO BB 366 43.60 -122.56 11.45
N LEU BB 367 44.13 -121.67 12.27
CA LEU BB 367 44.28 -121.95 13.69
C LEU BB 367 42.91 -121.92 14.34
N GLU BB 368 42.62 -122.93 15.16
CA GLU BB 368 41.29 -123.08 15.75
C GLU BB 368 41.23 -122.72 17.22
N LYS BB 369 42.36 -122.50 17.88
CA LYS BB 369 42.35 -122.21 19.31
C LYS BB 369 43.59 -121.39 19.65
N ASP BB 370 43.55 -120.78 20.84
CA ASP BB 370 44.62 -119.90 21.30
C ASP BB 370 45.63 -120.69 22.12
N SER BB 371 46.61 -119.97 22.69
CA SER BB 371 47.68 -120.64 23.45
C SER BB 371 47.13 -121.34 24.68
N LYS BB 372 46.20 -120.71 25.40
CA LYS BB 372 45.64 -121.27 26.62
C LYS BB 372 44.31 -122.00 26.36
N SER BB 373 44.15 -122.56 25.16
CA SER BB 373 42.96 -123.33 24.79
C SER BB 373 41.70 -122.47 24.91
N ARG BB 374 41.64 -121.42 24.09
CA ARG BB 374 40.44 -120.62 23.92
C ARG BB 374 40.01 -120.69 22.47
N SER BB 375 38.73 -120.96 22.25
CA SER BB 375 38.21 -121.08 20.89
C SER BB 375 38.25 -119.74 20.17
N TYR BB 376 38.71 -119.75 18.92
CA TYR BB 376 38.62 -118.59 18.05
C TYR BB 376 37.28 -118.52 17.31
N ASN BB 377 36.37 -119.47 17.54
CA ASN BB 377 35.05 -119.48 16.92
C ASN BB 377 35.13 -119.58 15.40
N VAL BB 378 36.04 -120.42 14.90
CA VAL BB 378 36.14 -120.63 13.46
C VAL BB 378 34.90 -121.38 12.98
N LEU BB 379 34.48 -121.07 11.75
CA LEU BB 379 33.26 -121.59 11.16
C LEU BB 379 33.57 -122.64 10.10
N GLU BB 380 32.52 -123.10 9.42
CA GLU BB 380 32.71 -123.98 8.29
C GLU BB 380 33.37 -123.23 7.13
N ASP BB 381 33.95 -123.98 6.20
CA ASP BB 381 34.73 -123.50 5.07
C ASP BB 381 36.11 -123.03 5.52
N LYS BB 382 36.34 -122.96 6.83
CA LYS BB 382 37.68 -122.82 7.41
C LYS BB 382 38.43 -121.61 6.85
N ILE BB 383 37.71 -120.52 6.59
CA ILE BB 383 38.32 -119.27 6.17
C ILE BB 383 37.92 -118.10 7.06
N ASN BB 384 36.65 -117.98 7.39
CA ASN BB 384 36.14 -116.84 8.14
C ASN BB 384 35.74 -117.25 9.55
N THR BB 385 35.67 -116.25 10.42
CA THR BB 385 35.34 -116.40 11.83
C THR BB 385 33.99 -115.73 12.11
N ALA BB 386 33.34 -116.18 13.19
CA ALA BB 386 32.03 -115.64 13.54
C ALA BB 386 32.07 -114.16 13.93
N TYR BB 387 33.22 -113.62 14.30
CA TYR BB 387 33.31 -112.21 14.68
C TYR BB 387 33.07 -111.31 13.46
N ARG BB 388 32.31 -110.24 13.67
CA ARG BB 388 32.09 -109.22 12.66
C ARG BB 388 32.51 -107.86 13.21
N SER BB 389 32.93 -106.96 12.32
CA SER BB 389 33.38 -105.63 12.75
C SER BB 389 32.80 -104.56 11.84
N TRP BB 390 32.50 -103.40 12.44
CA TRP BB 390 31.92 -102.28 11.69
C TRP BB 390 32.86 -101.77 10.61
N TYR BB 391 34.16 -101.69 10.92
CA TYR BB 391 35.10 -101.11 9.97
C TYR BB 391 35.26 -101.97 8.72
N LEU BB 392 35.32 -103.30 8.90
CA LEU BB 392 35.43 -104.18 7.74
C LEU BB 392 34.18 -104.10 6.87
N SER BB 393 33.01 -104.05 7.49
CA SER BB 393 31.77 -103.95 6.73
C SER BB 393 31.65 -102.60 6.01
N TYR BB 394 32.11 -101.52 6.65
CA TYR BB 394 32.05 -100.21 6.02
C TYR BB 394 32.96 -100.11 4.80
N ASN BB 395 34.15 -100.70 4.87
CA ASN BB 395 35.13 -100.51 3.82
C ASN BB 395 35.13 -101.63 2.78
N TYR BB 396 34.76 -102.85 3.14
CA TYR BB 396 34.86 -103.98 2.21
C TYR BB 396 33.51 -104.62 1.88
N GLY BB 397 32.45 -104.30 2.59
CA GLY BB 397 31.14 -104.88 2.35
C GLY BB 397 30.46 -104.27 1.14
N ASN BB 398 29.18 -104.60 1.01
CA ASN BB 398 28.38 -104.11 -0.12
C ASN BB 398 28.08 -102.62 0.05
N PRO BB 399 28.45 -101.76 -0.90
CA PRO BB 399 28.23 -100.32 -0.73
C PRO BB 399 26.79 -99.92 -0.58
N GLU BB 400 25.85 -100.66 -1.18
CA GLU BB 400 24.46 -100.23 -1.23
C GLU BB 400 23.54 -101.04 -0.32
N LYS BB 401 24.09 -101.99 0.45
CA LYS BB 401 23.28 -102.78 1.37
C LYS BB 401 23.88 -102.93 2.75
N GLY BB 402 25.18 -102.75 2.93
CA GLY BB 402 25.80 -102.89 4.23
C GLY BB 402 25.64 -101.67 5.10
N ILE BB 403 26.46 -101.64 6.16
CA ILE BB 403 26.38 -100.55 7.13
C ILE BB 403 26.77 -99.20 6.52
N ARG BB 404 27.46 -99.20 5.39
CA ARG BB 404 27.89 -97.96 4.75
C ARG BB 404 26.74 -97.17 4.16
N SER BB 405 25.57 -97.77 3.97
CA SER BB 405 24.47 -97.07 3.34
C SER BB 405 23.76 -96.11 4.29
N TRP BB 406 23.91 -96.28 5.61
CA TRP BB 406 23.25 -95.38 6.55
C TRP BB 406 24.13 -94.93 7.72
N THR BB 407 25.42 -95.24 7.70
CA THR BB 407 26.35 -94.68 8.68
C THR BB 407 27.51 -93.99 7.96
N LEU BB 408 28.24 -93.18 8.72
CA LEU BB 408 29.31 -92.35 8.18
C LEU BB 408 30.52 -92.40 9.09
N LEU BB 409 31.71 -92.45 8.49
CA LEU BB 409 32.97 -92.50 9.23
C LEU BB 409 33.54 -91.10 9.36
N THR BB 410 33.85 -90.69 10.58
CA THR BB 410 34.35 -89.34 10.88
C THR BB 410 35.54 -89.40 11.81
N THR BB 411 36.25 -88.28 11.94
CA THR BB 411 37.36 -88.19 12.89
C THR BB 411 36.84 -88.22 14.32
N SER BB 412 37.61 -88.85 15.20
CA SER BB 412 37.24 -88.95 16.60
C SER BB 412 37.23 -87.58 17.26
N ASP BB 413 36.20 -87.30 18.05
CA ASP BB 413 36.05 -86.02 18.74
C ASP BB 413 36.05 -86.27 20.25
N VAL BB 414 37.17 -85.93 20.90
CA VAL BB 414 37.37 -86.28 22.30
C VAL BB 414 36.43 -85.49 23.22
N THR BB 415 36.03 -84.28 22.84
CA THR BB 415 35.12 -83.52 23.69
C THR BB 415 33.71 -84.09 23.69
N CYS BB 416 33.42 -85.06 22.82
CA CYS BB 416 32.12 -85.69 22.63
C CYS BB 416 31.08 -84.76 22.02
N GLY BB 417 31.52 -83.65 21.43
CA GLY BB 417 30.62 -82.77 20.72
C GLY BB 417 30.12 -81.62 21.58
N VAL BB 418 30.65 -80.44 21.37
CA VAL BB 418 30.25 -79.29 22.16
C VAL BB 418 29.10 -78.58 21.45
N GLU BB 419 28.21 -78.00 22.23
CA GLU BB 419 27.10 -77.22 21.70
C GLU BB 419 27.19 -75.79 22.23
N GLN BB 420 26.16 -75.00 21.97
CA GLN BB 420 26.17 -73.58 22.25
C GLN BB 420 25.69 -73.29 23.68
N VAL BB 421 25.93 -72.04 24.11
CA VAL BB 421 25.43 -71.51 25.38
C VAL BB 421 24.74 -70.18 25.12
N TYR BB 422 23.79 -69.83 25.99
CA TYR BB 422 22.99 -68.63 25.87
C TYR BB 422 23.13 -67.74 27.10
N TRP BB 423 23.20 -66.43 26.88
CA TRP BB 423 23.24 -65.42 27.94
C TRP BB 423 21.87 -64.75 28.10
N SER BB 424 21.50 -64.46 29.35
CA SER BB 424 20.27 -63.71 29.67
C SER BB 424 20.56 -62.61 30.67
N LEU BB 425 20.01 -61.41 30.42
CA LEU BB 425 20.06 -60.29 31.35
C LEU BB 425 18.68 -59.65 31.45
N PRO BB 426 17.73 -60.32 32.10
CA PRO BB 426 16.32 -59.89 31.99
C PRO BB 426 16.01 -58.53 32.63
N ASP BB 427 16.80 -58.04 33.57
CA ASP BB 427 16.52 -56.74 34.19
C ASP BB 427 17.25 -55.58 33.52
N MET BB 428 18.03 -55.82 32.48
CA MET BB 428 18.79 -54.75 31.85
C MET BB 428 18.40 -54.51 30.40
N MET BB 429 18.30 -55.56 29.59
CA MET BB 429 18.01 -55.45 28.17
C MET BB 429 16.52 -55.66 27.90
N GLN BB 430 16.04 -55.06 26.81
CA GLN BB 430 14.71 -55.36 26.31
C GLN BB 430 14.67 -56.75 25.67
N ASP BB 431 13.51 -57.39 25.71
CA ASP BB 431 13.36 -58.72 25.13
C ASP BB 431 13.47 -58.65 23.61
N PRO BB 432 14.28 -59.48 22.97
CA PRO BB 432 14.32 -59.53 21.51
C PRO BB 432 13.00 -60.07 20.93
N VAL BB 433 12.83 -59.84 19.62
CA VAL BB 433 11.55 -60.03 18.97
C VAL BB 433 11.08 -61.49 19.06
N THR BB 434 9.80 -61.66 19.38
CA THR BB 434 9.01 -62.88 19.55
C THR BB 434 9.23 -63.58 20.90
N PHE BB 435 10.16 -63.15 21.75
CA PHE BB 435 10.30 -63.71 23.09
C PHE BB 435 9.24 -63.13 24.03
N ARG BB 436 8.67 -63.98 24.89
CA ARG BB 436 7.73 -63.55 25.91
C ARG BB 436 8.44 -63.16 27.21
N SER BB 437 7.89 -62.16 27.89
CA SER BB 437 8.38 -61.80 29.21
C SER BB 437 7.89 -62.81 30.26
N THR BB 438 8.79 -63.23 31.14
CA THR BB 438 8.47 -64.29 32.09
C THR BB 438 9.46 -64.24 33.25
N ARG BB 439 9.12 -65.01 34.29
CA ARG BB 439 10.01 -65.20 35.44
C ARG BB 439 10.42 -66.65 35.62
N GLN BB 440 10.22 -67.50 34.61
CA GLN BB 440 10.69 -68.89 34.66
C GLN BB 440 12.09 -68.97 34.09
N VAL BB 441 13.00 -69.59 34.84
CA VAL BB 441 14.42 -69.55 34.49
C VAL BB 441 14.68 -70.26 33.17
N SER BB 442 14.05 -71.40 32.96
CA SER BB 442 14.25 -72.11 31.68
C SER BB 442 13.59 -71.42 30.49
N ASN BB 443 13.03 -70.22 30.61
CA ASN BB 443 12.42 -69.57 29.45
C ASN BB 443 12.77 -68.08 29.39
N TYR BB 444 13.89 -67.65 29.99
CA TYR BB 444 14.32 -66.26 29.89
C TYR BB 444 14.63 -65.91 28.43
N PRO BB 445 14.36 -64.67 28.02
CA PRO BB 445 14.80 -64.22 26.68
C PRO BB 445 16.32 -64.23 26.55
N VAL BB 446 16.78 -64.51 25.33
CA VAL BB 446 18.20 -64.76 25.06
C VAL BB 446 18.81 -63.51 24.44
N VAL BB 447 19.94 -63.07 25.00
CA VAL BB 447 20.60 -61.83 24.57
C VAL BB 447 21.90 -62.08 23.82
N GLY BB 448 22.44 -63.29 23.84
CA GLY BB 448 23.64 -63.61 23.08
C GLY BB 448 23.91 -65.10 23.09
N ALA BB 449 24.75 -65.54 22.16
CA ALA BB 449 25.07 -66.95 22.01
C ALA BB 449 26.52 -67.12 21.58
N GLU BB 450 27.11 -68.26 21.96
CA GLU BB 450 28.48 -68.62 21.59
C GLU BB 450 28.67 -70.11 21.89
N LEU BB 451 29.83 -70.64 21.55
CA LEU BB 451 30.14 -72.03 21.86
C LEU BB 451 30.59 -72.18 23.30
N MET BB 452 30.18 -73.27 23.93
CA MET BB 452 30.75 -73.65 25.21
C MET BB 452 32.26 -73.85 25.04
N PRO BB 453 33.11 -73.17 25.81
CA PRO BB 453 34.53 -73.02 25.45
C PRO BB 453 35.41 -74.20 25.84
N VAL BB 454 35.21 -75.32 25.16
CA VAL BB 454 36.00 -76.53 25.38
C VAL BB 454 36.49 -77.02 24.02
N PHE BB 455 37.79 -77.31 23.92
CA PHE BB 455 38.42 -77.61 22.63
C PHE BB 455 39.33 -78.82 22.72
N SER BB 456 39.57 -79.42 21.57
CA SER BB 456 40.47 -80.56 21.44
C SER BB 456 41.89 -80.10 21.07
N LYS BB 457 42.89 -80.79 21.62
CA LYS BB 457 44.29 -80.53 21.29
C LYS BB 457 45.00 -81.84 20.96
N SER BB 458 45.89 -81.79 19.97
CA SER BB 458 46.57 -82.97 19.45
C SER BB 458 48.02 -83.04 19.92
N PHE BB 459 48.49 -84.27 20.13
CA PHE BB 459 49.87 -84.55 20.47
C PHE BB 459 50.36 -85.75 19.66
N TYR BB 460 51.69 -85.85 19.51
CA TYR BB 460 52.31 -86.93 18.75
C TYR BB 460 53.03 -87.86 19.70
N ASN BB 461 52.77 -89.16 19.57
CA ASN BB 461 53.40 -90.17 20.42
C ASN BB 461 53.83 -91.40 19.63
N HIS BB 478 47.99 -106.20 34.97
CA HIS BB 478 47.35 -105.37 33.95
C HIS BB 478 45.85 -105.62 33.89
N VAL BB 479 45.08 -104.74 34.53
CA VAL BB 479 43.63 -104.85 34.48
C VAL BB 479 43.08 -104.56 33.09
N PHE BB 480 43.82 -103.83 32.27
CA PHE BB 480 43.40 -103.48 30.92
C PHE BB 480 43.89 -104.48 29.87
N ASN BB 481 44.49 -105.59 30.30
CA ASN BB 481 44.88 -106.65 29.37
C ASN BB 481 44.75 -107.98 30.12
N ARG BB 482 43.56 -108.58 30.03
CA ARG BB 482 43.23 -109.81 30.75
C ARG BB 482 43.35 -111.06 29.88
N PHE BB 483 43.50 -110.90 28.57
CA PHE BB 483 43.67 -112.02 27.65
C PHE BB 483 44.86 -111.71 26.74
N PRO BB 484 46.07 -111.70 27.30
CA PRO BB 484 47.24 -111.34 26.48
C PRO BB 484 47.46 -112.25 25.29
N GLU BB 485 47.10 -113.53 25.42
CA GLU BB 485 47.39 -114.48 24.34
C GLU BB 485 46.42 -114.35 23.18
N ASN BB 486 45.15 -114.01 23.44
CA ASN BB 486 44.11 -114.09 22.43
C ASN BB 486 44.25 -112.95 21.44
N GLN BB 487 44.36 -113.29 20.15
CA GLN BB 487 44.57 -112.28 19.12
C GLN BB 487 43.35 -111.37 18.93
N ILE BB 488 42.16 -111.84 19.31
CA ILE BB 488 40.96 -111.01 19.18
C ILE BB 488 40.75 -110.14 20.41
N LEU BB 489 41.07 -110.66 21.59
CA LEU BB 489 40.83 -109.98 22.86
C LEU BB 489 42.06 -109.27 23.39
N ILE BB 490 43.11 -109.15 22.59
CA ILE BB 490 44.28 -108.39 23.03
C ILE BB 490 43.94 -106.91 23.17
N ARG BB 491 44.69 -106.22 24.02
CA ARG BB 491 44.48 -104.79 24.24
C ARG BB 491 44.78 -104.02 22.96
N PRO BB 492 43.90 -103.11 22.54
CA PRO BB 492 44.09 -102.46 21.24
C PRO BB 492 45.35 -101.62 21.24
N PRO BB 493 46.02 -101.52 20.09
CA PRO BB 493 47.16 -100.60 19.98
C PRO BB 493 46.72 -99.14 20.08
N ALA BB 494 47.62 -98.30 20.60
CA ALA BB 494 47.36 -96.88 20.79
C ALA BB 494 47.67 -96.11 19.51
N PRO BB 495 46.88 -95.10 19.17
CA PRO BB 495 47.17 -94.30 17.98
C PRO BB 495 48.43 -93.48 18.14
N THR BB 496 49.06 -93.18 17.01
CA THR BB 496 50.20 -92.28 17.00
C THR BB 496 49.79 -90.81 17.19
N ILE BB 497 48.49 -90.50 17.11
CA ILE BB 497 47.97 -89.17 17.39
C ILE BB 497 47.00 -89.27 18.57
N THR BB 498 47.29 -88.55 19.65
CA THR BB 498 46.45 -88.52 20.84
C THR BB 498 45.80 -87.16 21.00
N THR BB 499 44.52 -87.14 21.36
CA THR BB 499 43.77 -85.91 21.56
C THR BB 499 43.19 -85.85 22.97
N VAL BB 500 43.26 -84.66 23.56
CA VAL BB 500 42.71 -84.39 24.89
C VAL BB 500 41.93 -83.08 24.83
N SER BB 501 40.97 -82.92 25.75
CA SER BB 501 40.11 -81.75 25.76
C SER BB 501 40.58 -80.73 26.79
N GLU BB 502 40.43 -79.45 26.45
CA GLU BB 502 40.92 -78.33 27.25
C GLU BB 502 39.86 -77.25 27.42
N ASN BB 503 39.94 -76.53 28.52
CA ASN BB 503 39.11 -75.37 28.80
C ASN BB 503 39.91 -74.09 28.54
N VAL BB 504 39.40 -73.22 27.68
CA VAL BB 504 40.10 -72.00 27.27
C VAL BB 504 39.19 -70.82 27.56
N PRO BB 505 39.67 -69.79 28.27
CA PRO BB 505 38.80 -68.64 28.56
C PRO BB 505 38.35 -67.93 27.29
N ALA BB 506 37.09 -67.51 27.30
CA ALA BB 506 36.42 -66.97 26.11
C ALA BB 506 36.08 -65.50 26.33
N LEU BB 507 36.51 -64.67 25.38
CA LEU BB 507 36.29 -63.23 25.41
C LEU BB 507 35.48 -62.86 24.18
N THR BB 508 34.27 -62.34 24.38
CA THR BB 508 33.30 -62.23 23.30
C THR BB 508 32.67 -60.85 23.25
N ASP BB 509 32.54 -60.31 22.04
CA ASP BB 509 31.81 -59.07 21.78
C ASP BB 509 30.48 -59.43 21.14
N HIS BB 510 29.38 -59.09 21.81
CA HIS BB 510 28.04 -59.45 21.37
C HIS BB 510 27.32 -58.32 20.62
N GLY BB 511 27.96 -57.19 20.39
CA GLY BB 511 27.31 -56.08 19.71
C GLY BB 511 26.42 -55.24 20.61
N THR BB 512 25.59 -54.41 19.97
CA THR BB 512 24.74 -53.46 20.66
C THR BB 512 23.29 -53.95 20.71
N LEU BB 513 22.67 -53.86 21.89
CA LEU BB 513 21.28 -54.24 22.11
C LEU BB 513 20.50 -53.12 22.78
N PRO BB 514 19.20 -53.01 22.51
CA PRO BB 514 18.40 -51.95 23.14
C PRO BB 514 18.30 -52.13 24.65
N LEU BB 515 18.37 -51.00 25.35
CA LEU BB 515 18.51 -50.93 26.80
C LEU BB 515 17.25 -50.35 27.42
N ARG BB 516 16.88 -50.83 28.61
CA ARG BB 516 15.76 -50.24 29.34
C ARG BB 516 16.12 -48.86 29.88
N SER BB 517 15.12 -47.97 29.92
CA SER BB 517 15.36 -46.59 30.34
C SER BB 517 15.61 -46.45 31.83
N SER BB 518 15.09 -47.37 32.65
CA SER BB 518 15.31 -47.33 34.09
C SER BB 518 15.88 -48.67 34.54
N ILE BB 519 17.02 -48.63 35.21
CA ILE BB 519 17.77 -49.82 35.59
C ILE BB 519 17.79 -49.90 37.12
N ARG BB 520 17.32 -51.01 37.66
CA ARG BB 520 17.35 -51.24 39.10
C ARG BB 520 18.75 -51.61 39.58
N GLY BB 521 18.97 -51.40 40.88
CA GLY BB 521 20.29 -51.60 41.46
C GLY BB 521 20.73 -53.03 41.58
N VAL BB 522 19.81 -53.99 41.59
CA VAL BB 522 20.15 -55.42 41.67
C VAL BB 522 19.75 -56.08 40.36
N GLN BB 523 20.67 -56.86 39.79
CA GLN BB 523 20.52 -57.43 38.46
C GLN BB 523 20.74 -58.94 38.49
N ARG BB 524 20.03 -59.66 37.64
CA ARG BB 524 20.17 -61.11 37.50
C ARG BB 524 20.99 -61.47 36.26
N VAL BB 525 21.89 -62.43 36.41
CA VAL BB 525 22.75 -62.92 35.33
C VAL BB 525 22.58 -64.43 35.22
N THR BB 526 22.32 -64.93 34.00
CA THR BB 526 22.05 -66.34 33.78
C THR BB 526 22.76 -66.86 32.53
N VAL BB 527 23.27 -68.09 32.62
CA VAL BB 527 23.90 -68.80 31.51
C VAL BB 527 23.28 -70.19 31.42
N THR BB 528 22.72 -70.55 30.26
CA THR BB 528 22.07 -71.85 30.06
C THR BB 528 22.54 -72.52 28.77
N ASP BB 529 22.34 -73.83 28.70
CA ASP BB 529 22.77 -74.64 27.56
C ASP BB 529 21.64 -74.76 26.54
N ALA BB 530 21.82 -75.66 25.56
CA ALA BB 530 20.88 -75.78 24.46
C ALA BB 530 19.51 -76.29 24.91
N ARG BB 531 19.47 -77.12 25.95
CA ARG BB 531 18.21 -77.59 26.52
C ARG BB 531 17.67 -76.66 27.59
N ARG BB 532 18.30 -75.49 27.77
CA ARG BB 532 17.90 -74.47 28.73
C ARG BB 532 18.03 -74.94 30.18
N ARG BB 533 19.09 -75.69 30.47
CA ARG BB 533 19.53 -75.95 31.83
C ARG BB 533 20.72 -75.08 32.17
N THR BB 534 20.86 -74.72 33.44
CA THR BB 534 22.07 -74.05 33.86
C THR BB 534 23.24 -75.03 33.86
N CYS BB 535 24.45 -74.50 33.71
CA CYS BB 535 25.65 -75.33 33.60
C CYS BB 535 26.45 -75.27 34.89
N PRO BB 536 26.59 -76.38 35.62
CA PRO BB 536 27.37 -76.36 36.87
C PRO BB 536 28.87 -76.22 36.69
N TYR BB 537 29.41 -76.22 35.47
CA TYR BB 537 30.84 -76.14 35.27
C TYR BB 537 31.33 -74.73 34.93
N VAL BB 538 30.46 -73.73 34.97
CA VAL BB 538 30.91 -72.33 34.90
C VAL BB 538 31.40 -71.91 36.27
N TYR BB 539 32.60 -71.34 36.35
CA TYR BB 539 33.05 -70.80 37.63
C TYR BB 539 33.55 -69.36 37.55
N LYS BB 540 33.41 -68.70 36.40
CA LYS BB 540 33.74 -67.28 36.30
C LYS BB 540 32.95 -66.69 35.13
N ALA BB 541 32.20 -65.64 35.40
CA ALA BB 541 31.40 -64.96 34.39
C ALA BB 541 31.30 -63.48 34.72
N LEU BB 542 31.70 -62.62 33.79
CA LEU BB 542 31.65 -61.18 33.94
C LEU BB 542 31.00 -60.53 32.73
N GLY BB 543 30.35 -59.40 32.95
CA GLY BB 543 29.80 -58.60 31.87
C GLY BB 543 30.14 -57.13 32.03
N ILE BB 544 30.34 -56.48 30.89
CA ILE BB 544 30.61 -55.04 30.83
C ILE BB 544 29.73 -54.44 29.75
N VAL BB 545 28.98 -53.40 30.11
CA VAL BB 545 28.02 -52.76 29.21
C VAL BB 545 28.40 -51.30 29.05
N ALA BB 546 28.35 -50.81 27.80
CA ALA BB 546 28.65 -49.41 27.48
C ALA BB 546 27.45 -48.74 26.82
N PRO BB 547 26.64 -47.98 27.55
CA PRO BB 547 25.45 -47.36 26.94
C PRO BB 547 25.79 -46.22 25.99
N ARG BB 548 24.90 -45.99 25.02
CA ARG BB 548 24.97 -44.85 24.13
C ARG BB 548 23.61 -44.62 23.48
N VAL BB 549 23.44 -43.42 22.91
CA VAL BB 549 22.17 -43.02 22.31
C VAL BB 549 22.01 -43.65 20.94
N LEU BB 550 20.84 -44.22 20.67
CA LEU BB 550 20.52 -44.80 19.36
C LEU BB 550 19.63 -43.89 18.51
N SER BB 551 18.54 -43.37 19.05
CA SER BB 551 17.66 -42.49 18.29
C SER BB 551 16.89 -41.59 19.23
N SER BB 552 16.19 -40.63 18.64
CA SER BB 552 15.43 -39.64 19.39
C SER BB 552 14.03 -40.15 19.72
N ARG BB 553 13.49 -39.64 20.83
CA ARG BB 553 12.12 -39.90 21.29
C ARG BB 553 11.89 -41.34 21.69
N ARG CB 48 23.19 40.37 -2.91
CA ARG CB 48 24.65 40.41 -2.84
C ARG CB 48 25.23 41.54 -3.70
N ASN CB 49 24.58 42.70 -3.70
CA ASN CB 49 25.01 43.80 -4.55
C ASN CB 49 24.98 45.15 -3.86
N SER CB 50 25.03 45.19 -2.53
CA SER CB 50 24.93 46.45 -1.81
C SER CB 50 26.30 47.11 -1.65
N ILE CB 51 26.28 48.43 -1.45
CA ILE CB 51 27.48 49.24 -1.29
C ILE CB 51 27.29 50.11 -0.05
N ARG CB 52 28.23 50.02 0.90
CA ARG CB 52 28.05 50.59 2.24
C ARG CB 52 29.21 51.50 2.61
N TYR CB 53 28.88 52.56 3.35
CA TYR CB 53 29.85 53.53 3.84
C TYR CB 53 29.91 53.46 5.37
N SER CB 54 31.13 53.40 5.91
CA SER CB 54 31.31 53.00 7.31
C SER CB 54 30.72 54.02 8.30
N GLU CB 55 30.43 55.24 7.88
CA GLU CB 55 29.86 56.21 8.80
C GLU CB 55 28.33 56.20 8.86
N LEU CB 56 27.67 55.30 8.13
CA LEU CB 56 26.22 55.24 8.09
C LEU CB 56 25.73 53.88 8.56
N SER CB 57 24.60 53.87 9.28
CA SER CB 57 24.00 52.64 9.81
C SER CB 57 22.52 52.86 10.07
N PRO CB 58 21.67 51.85 9.87
CA PRO CB 58 20.23 52.02 10.08
C PRO CB 58 19.82 51.85 11.54
N LEU CB 59 18.63 52.37 11.85
CA LEU CB 59 18.14 52.47 13.23
C LEU CB 59 17.00 51.49 13.51
N TYR CB 60 16.98 50.97 14.75
CA TYR CB 60 15.98 49.99 15.18
C TYR CB 60 15.55 50.22 16.62
N ASP CB 61 14.31 49.84 16.91
CA ASP CB 61 13.68 49.57 18.21
C ASP CB 61 13.35 50.76 19.11
N THR CB 62 14.02 51.90 18.98
CA THR CB 62 13.77 53.07 19.83
C THR CB 62 14.73 54.18 19.45
N THR CB 63 14.37 55.40 19.81
CA THR CB 63 15.15 56.60 19.51
C THR CB 63 14.58 57.75 20.36
N ARG CB 64 15.01 58.98 20.07
CA ARG CB 64 14.50 60.17 20.74
C ARG CB 64 14.05 61.21 19.72
N LEU CB 65 12.99 61.94 20.05
CA LEU CB 65 12.54 63.12 19.31
C LEU CB 65 12.50 64.30 20.27
N TYR CB 66 13.03 65.44 19.84
CA TYR CB 66 13.15 66.62 20.70
C TYR CB 66 12.27 67.76 20.18
N LEU CB 67 11.48 68.35 21.08
CA LEU CB 67 10.58 69.46 20.77
C LEU CB 67 11.04 70.67 21.56
N VAL CB 68 11.77 71.57 20.91
CA VAL CB 68 12.51 72.64 21.56
C VAL CB 68 12.04 73.98 21.04
N ASP CB 69 11.86 74.94 21.95
CA ASP CB 69 11.19 76.20 21.64
C ASP CB 69 12.12 77.34 21.26
N ASN CB 70 13.45 77.13 21.23
CA ASN CB 70 14.36 78.25 20.99
C ASN CB 70 15.48 77.87 20.01
N LYS CB 71 15.13 77.17 18.94
CA LYS CB 71 16.10 76.95 17.87
C LYS CB 71 16.30 78.23 17.07
N SER CB 72 17.55 78.50 16.69
CA SER CB 72 17.89 79.80 16.11
C SER CB 72 17.17 80.06 14.80
N ALA CB 73 17.13 79.06 13.91
CA ALA CB 73 16.51 79.25 12.60
C ALA CB 73 14.98 79.26 12.68
N ASP CB 74 14.39 78.50 13.61
CA ASP CB 74 12.95 78.48 13.74
C ASP CB 74 12.41 79.80 14.27
N ILE CB 75 13.22 80.52 15.06
CA ILE CB 75 12.79 81.81 15.59
C ILE CB 75 12.53 82.80 14.46
N ALA CB 76 13.44 82.84 13.49
CA ALA CB 76 13.36 83.86 12.45
C ALA CB 76 12.24 83.60 11.45
N SER CB 77 12.05 82.34 11.04
CA SER CB 77 11.21 82.04 9.89
C SER CB 77 9.88 81.38 10.23
N LEU CB 78 9.63 81.00 11.48
CA LEU CB 78 8.38 80.31 11.79
C LEU CB 78 7.50 81.03 12.78
N ASN CB 79 8.06 81.66 13.81
CA ASN CB 79 7.31 82.01 15.00
C ASN CB 79 7.25 83.52 15.23
N TYR CB 80 7.08 84.29 14.16
CA TYR CB 80 7.14 85.74 14.28
C TYR CB 80 5.98 86.30 15.11
N GLN CB 81 4.79 85.70 15.00
CA GLN CB 81 3.61 86.17 15.70
C GLN CB 81 3.20 85.27 16.87
N ASN CB 82 4.05 84.36 17.33
CA ASN CB 82 3.70 83.36 18.33
C ASN CB 82 4.33 83.70 19.68
N ASP CB 83 4.01 82.89 20.69
CA ASP CB 83 4.66 82.97 21.99
C ASP CB 83 4.90 81.54 22.50
N HIS CB 84 5.51 81.43 23.69
CA HIS CB 84 5.94 80.13 24.20
C HIS CB 84 4.79 79.22 24.58
N SER CB 85 3.57 79.72 24.66
CA SER CB 85 2.42 78.88 24.91
C SER CB 85 1.85 78.23 23.65
N ASN CB 86 2.22 78.72 22.45
CA ASN CB 86 1.66 78.19 21.20
C ASN CB 86 2.64 78.52 20.06
N PHE CB 87 3.45 77.55 19.65
CA PHE CB 87 4.54 77.81 18.72
C PHE CB 87 4.75 76.60 17.80
N LEU CB 88 5.61 76.80 16.80
CA LEU CB 88 6.00 75.76 15.86
C LEU CB 88 7.48 75.44 16.01
N THR CB 89 7.85 74.18 15.78
CA THR CB 89 9.24 73.77 15.88
C THR CB 89 9.50 72.63 14.90
N THR CB 90 10.77 72.42 14.59
CA THR CB 90 11.20 71.38 13.67
C THR CB 90 11.80 70.21 14.44
N VAL CB 91 11.35 68.99 14.14
CA VAL CB 91 11.94 67.80 14.75
C VAL CB 91 13.10 67.24 13.93
N VAL CB 92 13.37 67.79 12.76
CA VAL CB 92 14.54 67.41 11.96
C VAL CB 92 15.75 68.19 12.49
N GLN CB 93 16.78 67.47 12.92
CA GLN CB 93 17.96 68.07 13.54
C GLN CB 93 19.17 68.08 12.59
N ASN CB 94 18.96 68.35 11.30
CA ASN CB 94 20.00 68.27 10.27
C ASN CB 94 20.09 69.65 9.62
N ASN CB 95 21.22 70.33 9.84
CA ASN CB 95 21.37 71.72 9.40
C ASN CB 95 21.74 71.86 7.91
N ASP CB 96 21.70 70.77 7.14
CA ASP CB 96 21.80 70.90 5.69
C ASP CB 96 20.55 71.50 5.07
N PHE CB 97 19.48 71.67 5.83
CA PHE CB 97 18.20 72.16 5.33
C PHE CB 97 17.68 73.28 6.21
N THR CB 98 16.95 74.20 5.60
CA THR CB 98 16.22 75.23 6.33
C THR CB 98 14.92 74.65 6.88
N PRO CB 99 14.31 75.31 7.89
CA PRO CB 99 13.04 74.79 8.42
C PRO CB 99 11.94 74.71 7.38
N THR CB 100 11.90 75.63 6.42
CA THR CB 100 10.91 75.56 5.35
C THR CB 100 11.09 74.29 4.53
N GLU CB 101 12.33 73.97 4.16
CA GLU CB 101 12.60 72.74 3.44
C GLU CB 101 12.27 71.52 4.30
N ALA CB 102 12.58 71.59 5.60
CA ALA CB 102 12.34 70.46 6.49
C ALA CB 102 10.85 70.14 6.63
N SER CB 103 9.99 71.14 6.41
CA SER CB 103 8.56 70.93 6.65
C SER CB 103 7.97 69.85 5.75
N THR CB 104 8.56 69.62 4.59
CA THR CB 104 8.06 68.60 3.67
C THR CB 104 8.65 67.22 3.90
N GLN CB 105 9.66 67.08 4.75
CA GLN CB 105 10.28 65.79 5.02
C GLN CB 105 9.47 65.02 6.08
N THR CB 106 9.72 63.72 6.16
CA THR CB 106 8.99 62.87 7.11
C THR CB 106 9.94 61.90 7.80
N ILE CB 107 9.49 61.41 8.96
CA ILE CB 107 10.10 60.31 9.68
C ILE CB 107 9.07 59.18 9.74
N ASN CB 108 9.49 57.98 9.36
CA ASN CB 108 8.55 56.87 9.16
C ASN CB 108 8.88 55.70 10.09
N PHE CB 109 7.90 55.30 10.89
CA PHE CB 109 7.99 54.13 11.76
C PHE CB 109 7.30 52.95 11.08
N ASP CB 110 7.92 51.77 11.14
CA ASP CB 110 7.52 50.65 10.29
C ASP CB 110 6.03 50.36 10.40
N GLU CB 111 5.36 50.32 9.25
CA GLU CB 111 3.90 50.23 9.20
C GLU CB 111 3.36 48.86 9.58
N ARG CB 112 4.22 47.86 9.73
CA ARG CB 112 3.79 46.55 10.19
C ARG CB 112 3.67 46.45 11.71
N SER CB 113 3.91 47.54 12.43
CA SER CB 113 3.72 47.61 13.88
C SER CB 113 2.90 48.84 14.23
N ARG CB 114 2.28 48.79 15.40
CA ARG CB 114 1.68 49.97 16.01
C ARG CB 114 2.63 50.51 17.07
N TRP CB 115 2.86 51.82 17.06
CA TRP CB 115 3.89 52.44 17.88
C TRP CB 115 3.28 53.34 18.95
N GLY CB 116 3.97 53.44 20.08
CA GLY CB 116 3.61 54.38 21.12
C GLY CB 116 4.80 55.22 21.52
N GLY CB 117 4.51 56.33 22.19
CA GLY CB 117 5.54 57.25 22.62
C GLY CB 117 5.44 57.70 24.06
N GLN CB 118 6.50 57.50 24.83
CA GLN CB 118 6.54 57.97 26.21
C GLN CB 118 6.95 59.44 26.24
N LEU CB 119 6.16 60.27 26.92
CA LEU CB 119 6.29 61.71 26.86
C LEU CB 119 6.73 62.28 28.21
N LYS CB 120 7.79 63.11 28.20
CA LYS CB 120 8.23 63.88 29.36
C LYS CB 120 8.29 65.35 29.00
N THR CB 121 7.88 66.22 29.92
CA THR CB 121 7.83 67.65 29.67
C THR CB 121 8.54 68.42 30.76
N ILE CB 122 9.00 69.62 30.40
CA ILE CB 122 9.60 70.58 31.32
C ILE CB 122 8.95 71.94 31.08
N MET CB 123 8.47 72.58 32.14
CA MET CB 123 7.76 73.84 32.04
C MET CB 123 8.18 74.79 33.14
N HIS CB 124 8.26 76.09 32.81
CA HIS CB 124 8.56 77.12 33.80
C HIS CB 124 7.72 78.37 33.51
N THR CB 125 7.22 79.00 34.58
CA THR CB 125 6.30 80.13 34.48
C THR CB 125 6.82 81.31 35.29
N ASN CB 126 6.24 82.49 35.04
CA ASN CB 126 6.56 83.71 35.78
C ASN CB 126 5.30 84.53 36.09
N MET CB 127 4.24 83.87 36.57
CA MET CB 127 2.96 84.52 36.83
C MET CB 127 2.96 85.27 38.16
N PRO CB 128 2.55 86.54 38.20
CA PRO CB 128 2.30 87.22 39.46
C PRO CB 128 0.88 86.95 39.97
N ASN CB 129 0.72 87.07 41.30
CA ASN CB 129 -0.54 86.61 41.90
C ASN CB 129 -1.71 87.59 41.70
N VAL CB 130 -1.46 88.87 41.48
CA VAL CB 130 -2.52 89.84 41.24
C VAL CB 130 -2.36 90.34 39.81
N ASN CB 131 -3.28 89.93 38.92
CA ASN CB 131 -3.19 90.30 37.51
C ASN CB 131 -4.57 90.25 36.88
N GLU CB 132 -4.68 90.89 35.71
CA GLU CB 132 -5.97 91.03 35.04
C GLU CB 132 -6.41 89.74 34.35
N TYR CB 133 -5.47 88.99 33.79
CA TYR CB 133 -5.82 87.84 32.95
C TYR CB 133 -6.53 86.75 33.75
N MET CB 134 -6.21 86.63 35.05
CA MET CB 134 -6.77 85.58 35.89
C MET CB 134 -7.89 86.07 36.80
N PHE CB 135 -8.39 87.29 36.59
CA PHE CB 135 -9.52 87.85 37.32
C PHE CB 135 -9.25 88.00 38.82
N SER CB 136 -7.99 88.22 39.19
CA SER CB 136 -7.63 88.52 40.57
C SER CB 136 -7.33 90.00 40.76
N ASN CB 137 -7.90 90.84 39.90
CA ASN CB 137 -7.58 92.26 39.82
C ASN CB 137 -8.71 93.16 40.29
N LYS CB 138 -9.91 92.64 40.50
CA LYS CB 138 -11.09 93.49 40.64
C LYS CB 138 -12.13 92.82 41.52
N PHE CB 139 -13.01 93.66 42.07
CA PHE CB 139 -14.19 93.22 42.82
C PHE CB 139 -15.21 94.34 42.79
N LYS CB 140 -16.43 94.03 43.24
CA LYS CB 140 -17.53 94.99 43.26
C LYS CB 140 -18.03 95.20 44.68
N ALA CB 141 -18.50 96.42 44.96
CA ALA CB 141 -19.02 96.77 46.27
C ALA CB 141 -20.03 97.90 46.16
N ARG CB 142 -20.85 98.04 47.19
CA ARG CB 142 -21.89 99.08 47.26
C ARG CB 142 -21.59 100.00 48.42
N VAL CB 143 -21.40 101.30 48.12
CA VAL CB 143 -21.02 102.29 49.11
C VAL CB 143 -22.00 103.47 49.02
N MET CB 144 -21.84 104.42 49.94
CA MET CB 144 -22.71 105.58 50.04
C MET CB 144 -22.17 106.73 49.20
N VAL CB 145 -23.01 107.30 48.35
CA VAL CB 145 -22.61 108.36 47.45
C VAL CB 145 -23.07 109.74 47.93
N SER CB 146 -24.20 109.84 48.63
CA SER CB 146 -24.72 111.12 49.07
C SER CB 146 -25.44 110.98 50.40
N ARG CB 147 -25.12 111.86 51.33
CA ARG CB 147 -25.98 112.12 52.48
C ARG CB 147 -26.96 113.22 52.09
N LYS CB 148 -27.69 113.76 53.07
CA LYS CB 148 -28.64 114.83 52.78
C LYS CB 148 -27.92 116.11 52.37
N ASP CB 171 -32.44 112.92 57.27
CA ASP CB 171 -31.39 112.71 56.27
C ASP CB 171 -31.76 111.56 55.34
N ILE CB 172 -31.54 111.78 54.04
CA ILE CB 172 -31.76 110.76 53.02
C ILE CB 172 -30.42 110.31 52.49
N LEU CB 173 -30.21 109.00 52.42
CA LEU CB 173 -28.94 108.40 52.06
C LEU CB 173 -29.06 107.64 50.76
N LYS CB 174 -28.09 107.82 49.87
CA LYS CB 174 -28.08 107.18 48.56
C LYS CB 174 -26.86 106.29 48.43
N TYR CB 175 -27.05 105.11 47.83
CA TYR CB 175 -26.00 104.13 47.65
C TYR CB 175 -25.94 103.70 46.18
N GLU CB 176 -24.77 103.19 45.77
CA GLU CB 176 -24.58 102.77 44.40
C GLU CB 176 -23.49 101.71 44.33
N TRP CB 177 -23.55 100.88 43.29
CA TRP CB 177 -22.56 99.84 43.02
C TRP CB 177 -21.44 100.38 42.14
N PHE CB 178 -20.22 99.92 42.40
CA PHE CB 178 -19.05 100.26 41.60
C PHE CB 178 -18.17 99.04 41.45
N GLU CB 179 -17.26 99.09 40.47
CA GLU CB 179 -16.21 98.09 40.31
C GLU CB 179 -14.86 98.73 40.59
N PHE CB 180 -14.07 98.05 41.42
CA PHE CB 180 -12.79 98.59 41.90
C PHE CB 180 -11.63 97.81 41.30
N ILE CB 181 -10.55 98.50 40.97
CA ILE CB 181 -9.41 97.93 40.27
C ILE CB 181 -8.14 98.15 41.09
N LEU CB 182 -7.33 97.10 41.25
CA LEU CB 182 -6.02 97.09 41.90
C LEU CB 182 -4.91 97.13 40.86
N PRO CB 183 -3.74 97.65 41.20
CA PRO CB 183 -2.61 97.55 40.28
C PRO CB 183 -1.91 96.19 40.38
N GLU CB 184 -1.28 95.79 39.28
CA GLU CB 184 -0.75 94.44 39.14
C GLU CB 184 0.62 94.29 39.80
N GLY CB 185 0.90 93.07 40.26
CA GLY CB 185 2.14 92.77 40.93
C GLY CB 185 2.01 91.48 41.72
N ASN CB 186 3.11 91.14 42.40
CA ASN CB 186 3.20 89.91 43.20
C ASN CB 186 3.30 90.31 44.67
N PHE CB 187 2.20 90.18 45.40
CA PHE CB 187 2.07 90.74 46.75
C PHE CB 187 1.74 89.64 47.76
N SER CB 188 2.09 89.91 49.01
CA SER CB 188 1.65 89.04 50.10
C SER CB 188 0.19 89.31 50.42
N ALA CB 189 -0.38 88.45 51.27
CA ALA CB 189 -1.81 88.56 51.58
C ALA CB 189 -2.13 89.84 52.35
N THR CB 190 -1.28 90.23 53.30
CA THR CB 190 -1.52 91.46 54.05
C THR CB 190 -1.42 92.68 53.13
N MET CB 191 -0.42 92.72 52.26
CA MET CB 191 -0.28 93.83 51.34
C MET CB 191 -1.44 93.91 50.36
N THR CB 192 -2.01 92.76 49.97
CA THR CB 192 -3.18 92.78 49.10
C THR CB 192 -4.39 93.40 49.79
N ILE CB 193 -4.59 93.10 51.06
CA ILE CB 193 -5.72 93.66 51.80
C ILE CB 193 -5.58 95.17 51.96
N ASP CB 194 -4.35 95.68 52.11
CA ASP CB 194 -4.15 97.12 52.16
C ASP CB 194 -4.57 97.78 50.85
N LEU CB 195 -4.28 97.14 49.71
CA LEU CB 195 -4.65 97.71 48.42
C LEU CB 195 -6.15 97.75 48.22
N MET CB 196 -6.88 96.75 48.73
CA MET CB 196 -8.33 96.75 48.62
C MET CB 196 -8.96 97.87 49.45
N ASN CB 197 -8.45 98.12 50.66
CA ASN CB 197 -8.92 99.25 51.45
C ASN CB 197 -8.61 100.57 50.76
N ASN CB 198 -7.42 100.69 50.17
CA ASN CB 198 -7.04 101.91 49.49
C ASN CB 198 -7.94 102.20 48.30
N ALA CB 199 -8.41 101.16 47.60
CA ALA CB 199 -9.33 101.36 46.49
C ALA CB 199 -10.66 101.93 46.95
N ILE CB 200 -11.17 101.45 48.09
CA ILE CB 200 -12.43 101.96 48.63
C ILE CB 200 -12.30 103.44 48.96
N ILE CB 201 -11.19 103.83 49.60
CA ILE CB 201 -11.01 105.20 50.05
C ILE CB 201 -10.87 106.16 48.88
N ASP CB 202 -10.19 105.75 47.80
CA ASP CB 202 -10.06 106.60 46.63
C ASP CB 202 -11.41 106.90 45.98
N ASN CB 203 -12.40 106.02 46.16
CA ASN CB 203 -13.76 106.32 45.72
C ASN CB 203 -14.43 107.35 46.63
N TYR CB 204 -14.11 107.34 47.92
CA TYR CB 204 -14.68 108.31 48.84
C TYR CB 204 -14.05 109.69 48.68
N LEU CB 205 -12.87 109.78 48.06
CA LEU CB 205 -12.25 111.08 47.84
C LEU CB 205 -12.65 111.71 46.51
N GLU CB 206 -13.08 110.91 45.53
CA GLU CB 206 -13.48 111.40 44.22
C GLU CB 206 -14.98 111.69 44.15
N ILE CB 207 -15.79 110.83 44.76
CA ILE CB 207 -17.22 111.02 44.93
C ILE CB 207 -17.40 111.04 46.44
N GLY CB 208 -18.61 111.15 46.93
CA GLY CB 208 -18.73 110.99 48.36
C GLY CB 208 -18.40 112.27 49.11
N ARG CB 209 -17.15 112.36 49.58
CA ARG CB 209 -16.68 113.49 50.40
C ARG CB 209 -17.20 114.84 49.92
N GLN CB 210 -17.20 115.07 48.62
CA GLN CB 210 -17.70 116.34 48.09
C GLN CB 210 -19.23 116.40 48.04
N ASN CB 211 -19.92 115.34 48.45
CA ASN CB 211 -21.39 115.33 48.46
C ASN CB 211 -21.94 115.08 49.87
N GLY CB 212 -21.16 115.38 50.91
CA GLY CB 212 -21.69 115.43 52.25
C GLY CB 212 -21.53 114.20 53.12
N VAL CB 213 -20.82 113.17 52.66
CA VAL CB 213 -20.58 112.00 53.50
C VAL CB 213 -19.37 112.27 54.38
N LEU CB 214 -19.43 111.80 55.61
CA LEU CB 214 -18.35 112.01 56.56
C LEU CB 214 -17.42 110.81 56.59
N GLU CB 215 -16.24 111.01 57.19
CA GLU CB 215 -15.33 109.89 57.37
C GLU CB 215 -15.72 109.12 58.63
N SER CB 216 -17.01 108.83 58.75
CA SER CB 216 -17.52 107.92 59.76
C SER CB 216 -18.67 107.08 59.22
N ASP CB 217 -18.96 107.17 57.91
CA ASP CB 217 -19.99 106.39 57.26
C ASP CB 217 -19.46 105.68 56.01
N ILE CB 218 -18.17 105.36 55.99
CA ILE CB 218 -17.56 104.74 54.80
C ILE CB 218 -18.30 103.46 54.43
N GLY CB 219 -18.32 102.48 55.32
CA GLY CB 219 -19.25 101.37 55.19
C GLY CB 219 -18.70 100.06 54.67
N VAL CB 220 -17.46 100.02 54.16
CA VAL CB 220 -16.84 98.76 53.73
C VAL CB 220 -15.38 98.79 54.17
N LYS CB 221 -14.97 97.80 54.96
CA LYS CB 221 -13.58 97.69 55.38
C LYS CB 221 -13.20 96.21 55.51
N PHE CB 222 -11.95 95.89 55.15
CA PHE CB 222 -11.40 94.55 55.30
C PHE CB 222 -10.44 94.52 56.48
N ASP CB 223 -10.68 93.63 57.44
CA ASP CB 223 -9.94 93.62 58.69
C ASP CB 223 -9.42 92.20 58.97
N THR CB 224 -8.73 92.06 60.11
CA THR CB 224 -8.23 90.77 60.56
C THR CB 224 -8.50 90.47 62.03
N ARG CB 225 -9.14 91.37 62.77
CA ARG CB 225 -9.22 91.27 64.22
C ARG CB 225 -10.43 90.47 64.68
N ASN CB 226 -10.36 89.98 65.91
CA ASN CB 226 -11.48 89.34 66.58
C ASN CB 226 -12.08 90.37 67.52
N PHE CB 227 -13.09 91.09 67.04
CA PHE CB 227 -13.81 92.01 67.92
C PHE CB 227 -14.55 91.21 68.97
N ARG CB 228 -14.86 91.85 70.09
CA ARG CB 228 -15.50 91.28 71.27
C ARG CB 228 -14.61 90.27 72.02
N LEU CB 229 -13.29 90.33 71.85
CA LEU CB 229 -12.42 89.45 72.61
C LEU CB 229 -12.48 89.76 74.10
N GLY CB 230 -12.29 91.02 74.48
CA GLY CB 230 -12.28 91.38 75.88
C GLY CB 230 -13.65 91.72 76.45
N TRP CB 231 -14.69 91.11 75.89
CA TRP CB 231 -16.06 91.38 76.27
C TRP CB 231 -16.36 90.87 77.68
N ASP CB 232 -17.23 91.60 78.38
CA ASP CB 232 -17.60 91.27 79.75
C ASP CB 232 -19.06 90.89 79.82
N PRO CB 233 -19.40 89.75 80.45
CA PRO CB 233 -20.79 89.28 80.40
C PRO CB 233 -21.77 90.12 81.21
N GLU CB 234 -21.28 90.95 82.13
CA GLU CB 234 -22.18 91.78 82.95
C GLU CB 234 -22.39 93.15 82.33
N THR CB 235 -21.30 93.90 82.10
CA THR CB 235 -21.42 95.22 81.51
C THR CB 235 -21.67 95.19 80.01
N LYS CB 236 -21.37 94.06 79.35
CA LYS CB 236 -21.58 93.88 77.91
C LYS CB 236 -20.86 94.96 77.10
N LEU CB 237 -19.65 95.31 77.51
CA LEU CB 237 -18.82 96.25 76.78
C LEU CB 237 -17.38 95.75 76.81
N ILE CB 238 -16.57 96.27 75.88
CA ILE CB 238 -15.16 95.89 75.81
C ILE CB 238 -14.43 96.67 76.90
N MET CB 239 -14.16 96.01 78.02
CA MET CB 239 -13.63 96.70 79.19
C MET CB 239 -12.30 97.42 78.95
N PRO CB 240 -11.32 96.88 78.24
CA PRO CB 240 -10.05 97.60 78.08
C PRO CB 240 -10.18 98.95 77.37
N GLY CB 241 -11.27 99.19 76.65
CA GLY CB 241 -11.41 100.43 75.91
C GLY CB 241 -10.81 100.43 74.52
N VAL CB 242 -10.07 99.40 74.15
CA VAL CB 242 -9.56 99.22 72.80
C VAL CB 242 -9.72 97.75 72.41
N TYR CB 243 -10.08 97.52 71.16
CA TYR CB 243 -10.17 96.15 70.65
C TYR CB 243 -8.80 95.50 70.62
N THR CB 244 -8.75 94.20 70.85
CA THR CB 244 -7.48 93.47 70.87
C THR CB 244 -6.81 93.55 69.50
N TYR CB 245 -5.54 93.92 69.50
CA TYR CB 245 -4.81 94.21 68.26
C TYR CB 245 -4.01 93.00 67.79
N GLU CB 246 -4.72 91.88 67.56
CA GLU CB 246 -4.11 90.64 67.10
C GLU CB 246 -4.86 90.11 65.88
N ALA CB 247 -4.12 89.46 64.98
CA ALA CB 247 -4.68 88.95 63.75
C ALA CB 247 -5.17 87.52 63.95
N PHE CB 248 -6.40 87.25 63.49
CA PHE CB 248 -7.02 85.94 63.60
C PHE CB 248 -7.34 85.32 62.25
N HIS CB 249 -8.05 86.04 61.38
CA HIS CB 249 -8.51 85.58 60.08
C HIS CB 249 -9.08 86.78 59.34
N PRO CB 250 -8.88 86.89 58.02
CA PRO CB 250 -9.43 88.05 57.30
C PRO CB 250 -10.94 88.12 57.39
N ASP CB 251 -11.46 89.34 57.43
CA ASP CB 251 -12.84 89.61 57.82
C ASP CB 251 -13.38 90.78 57.00
N ILE CB 252 -14.71 90.85 56.93
CA ILE CB 252 -15.44 91.90 56.22
C ILE CB 252 -16.33 92.63 57.21
N VAL CB 253 -16.24 93.97 57.25
CA VAL CB 253 -17.02 94.80 58.15
C VAL CB 253 -17.92 95.73 57.33
N LEU CB 254 -19.21 95.77 57.68
CA LEU CB 254 -20.22 96.47 56.90
C LEU CB 254 -21.08 97.38 57.76
N LEU CB 255 -21.57 98.46 57.15
CA LEU CB 255 -22.59 99.39 57.62
C LEU CB 255 -23.90 99.14 56.89
N PRO CB 256 -25.04 99.60 57.43
CA PRO CB 256 -26.32 99.34 56.77
C PRO CB 256 -26.36 99.92 55.36
N GLY CB 257 -26.96 99.17 54.45
CA GLY CB 257 -27.08 99.57 53.07
C GLY CB 257 -25.93 99.20 52.16
N CYS CB 258 -24.87 98.58 52.68
CA CYS CB 258 -23.68 98.28 51.91
C CYS CB 258 -23.57 96.77 51.66
N GLY CB 259 -22.56 96.38 50.88
CA GLY CB 259 -22.31 94.98 50.58
C GLY CB 259 -21.18 94.84 49.60
N VAL CB 260 -20.73 93.58 49.43
CA VAL CB 260 -19.69 93.22 48.48
C VAL CB 260 -20.18 92.05 47.63
N ASP CB 261 -19.65 91.96 46.41
CA ASP CB 261 -20.06 90.94 45.46
C ASP CB 261 -18.84 90.35 44.77
N PHE CB 262 -18.66 89.02 44.91
CA PHE CB 262 -17.49 88.34 44.38
C PHE CB 262 -17.81 87.42 43.20
N THR CB 263 -18.88 87.72 42.47
CA THR CB 263 -19.30 86.84 41.38
C THR CB 263 -18.23 86.74 40.29
N GLU CB 264 -17.56 87.85 40.00
CA GLU CB 264 -16.57 87.87 38.92
C GLU CB 264 -15.18 88.18 39.47
N SER CB 265 -14.79 87.49 40.54
CA SER CB 265 -13.54 87.79 41.22
C SER CB 265 -13.04 86.53 41.90
N ARG CB 266 -11.71 86.41 41.99
CA ARG CB 266 -11.08 85.31 42.70
C ARG CB 266 -10.46 85.73 44.02
N LEU CB 267 -10.75 86.95 44.48
CA LEU CB 267 -10.18 87.45 45.73
C LEU CB 267 -10.85 86.88 46.97
N SER CB 268 -11.99 86.19 46.82
CA SER CB 268 -12.58 85.52 47.97
C SER CB 268 -11.75 84.33 48.43
N ASN CB 269 -10.99 83.70 47.53
CA ASN CB 269 -10.09 82.62 47.93
C ASN CB 269 -8.94 83.14 48.80
N LEU CB 270 -8.43 84.33 48.48
CA LEU CB 270 -7.38 84.93 49.31
C LEU CB 270 -7.89 85.33 50.68
N LEU CB 271 -9.18 85.66 50.79
CA LEU CB 271 -9.76 86.01 52.08
C LEU CB 271 -10.13 84.80 52.93
N GLY CB 272 -10.17 83.60 52.35
CA GLY CB 272 -10.57 82.44 53.10
C GLY CB 272 -12.04 82.35 53.42
N ILE CB 273 -12.90 82.86 52.53
CA ILE CB 273 -14.34 82.78 52.67
C ILE CB 273 -14.90 82.12 51.41
N ARG CB 274 -15.59 81.00 51.57
CA ARG CB 274 -16.10 80.22 50.45
C ARG CB 274 -17.53 79.78 50.69
N LYS CB 275 -18.19 79.35 49.62
CA LYS CB 275 -19.57 78.90 49.68
C LYS CB 275 -19.64 77.39 49.89
N ARG CB 276 -20.62 76.96 50.70
CA ARG CB 276 -20.83 75.53 50.92
C ARG CB 276 -21.43 74.83 49.70
N HIS CB 277 -22.00 75.59 48.76
CA HIS CB 277 -22.51 75.07 47.49
C HIS CB 277 -21.75 75.79 46.39
N PRO CB 278 -20.53 75.35 46.09
CA PRO CB 278 -19.65 76.14 45.21
C PRO CB 278 -20.06 76.12 43.74
N PHE CB 279 -20.98 75.27 43.32
CA PHE CB 279 -21.40 75.23 41.94
C PHE CB 279 -22.63 76.08 41.64
N GLN CB 280 -23.17 76.79 42.63
CA GLN CB 280 -24.28 77.71 42.42
C GLN CB 280 -23.73 79.10 42.12
N GLU CB 281 -24.15 79.67 40.99
CA GLU CB 281 -23.60 80.94 40.55
C GLU CB 281 -24.03 82.08 41.47
N GLY CB 282 -23.13 83.04 41.67
CA GLY CB 282 -23.42 84.22 42.46
C GLY CB 282 -22.91 84.18 43.87
N PHE CB 283 -22.19 85.22 44.30
CA PHE CB 283 -21.62 85.29 45.65
C PHE CB 283 -21.72 86.74 46.12
N LYS CB 284 -22.77 87.04 46.87
CA LYS CB 284 -22.99 88.38 47.41
C LYS CB 284 -23.21 88.31 48.91
N ILE CB 285 -22.62 89.24 49.65
CA ILE CB 285 -22.78 89.33 51.09
C ILE CB 285 -23.22 90.75 51.44
N MET CB 286 -24.43 90.90 51.95
CA MET CB 286 -25.01 92.20 52.27
C MET CB 286 -25.15 92.36 53.79
N TYR CB 287 -25.47 93.58 54.20
CA TYR CB 287 -25.60 93.88 55.62
C TYR CB 287 -26.70 93.06 56.28
N GLU CB 288 -27.76 92.74 55.55
CA GLU CB 288 -28.86 91.96 56.11
C GLU CB 288 -28.50 90.50 56.32
N ASP CB 289 -27.43 90.00 55.70
CA ASP CB 289 -27.05 88.61 55.86
C ASP CB 289 -26.15 88.37 57.07
N LEU CB 290 -25.66 89.43 57.72
CA LEU CB 290 -24.73 89.32 58.83
C LEU CB 290 -25.41 89.46 60.19
N GLU CB 291 -26.64 88.96 60.32
CA GLU CB 291 -27.38 89.11 61.56
C GLU CB 291 -26.65 88.42 62.71
N GLY CB 292 -26.66 89.08 63.87
CA GLY CB 292 -25.97 88.58 65.04
C GLY CB 292 -24.51 88.96 65.14
N GLY CB 293 -23.99 89.69 64.17
CA GLY CB 293 -22.57 90.01 64.16
C GLY CB 293 -22.22 91.44 64.47
N ASN CB 294 -23.10 92.15 65.20
CA ASN CB 294 -22.82 93.53 65.55
C ASN CB 294 -21.61 93.62 66.47
N ILE CB 295 -20.76 94.61 66.22
CA ILE CB 295 -19.53 94.82 66.98
C ILE CB 295 -19.87 95.54 68.28
N PRO CB 296 -19.54 94.96 69.44
CA PRO CB 296 -19.87 95.62 70.71
C PRO CB 296 -19.16 96.95 70.86
N ALA CB 297 -19.85 97.91 71.46
CA ALA CB 297 -19.32 99.25 71.63
C ALA CB 297 -18.28 99.31 72.72
N LEU CB 298 -17.39 100.30 72.61
CA LEU CB 298 -16.39 100.64 73.62
C LEU CB 298 -15.71 99.44 74.24
N ILE CB 364 -19.67 103.76 83.67
CA ILE CB 364 -20.20 102.65 82.90
C ILE CB 364 -21.05 103.15 81.74
N GLN CB 365 -20.42 103.78 80.76
CA GLN CB 365 -21.12 104.26 79.56
C GLN CB 365 -20.23 104.04 78.35
N PRO CB 366 -20.81 103.73 77.18
CA PRO CB 366 -19.99 103.54 75.98
C PRO CB 366 -19.40 104.85 75.48
N LEU CB 367 -18.21 104.76 74.90
CA LEU CB 367 -17.64 105.90 74.21
C LEU CB 367 -18.39 106.15 72.92
N GLU CB 368 -18.76 107.41 72.67
CA GLU CB 368 -19.60 107.74 71.53
C GLU CB 368 -18.85 108.41 70.38
N LYS CB 369 -17.59 108.80 70.58
CA LYS CB 369 -16.85 109.49 69.54
C LYS CB 369 -15.36 109.25 69.73
N ASP CB 370 -14.60 109.53 68.67
CA ASP CB 370 -13.18 109.28 68.65
C ASP CB 370 -12.41 110.52 69.12
N SER CB 371 -11.08 110.47 69.04
CA SER CB 371 -10.26 111.57 69.53
C SER CB 371 -10.49 112.84 68.71
N LYS CB 372 -10.60 112.71 67.39
CA LYS CB 372 -10.79 113.85 66.50
C LYS CB 372 -12.26 114.09 66.17
N SER CB 373 -13.16 113.73 67.09
CA SER CB 373 -14.60 113.92 66.92
C SER CB 373 -15.11 113.22 65.66
N ARG CB 374 -15.01 111.89 65.68
CA ARG CB 374 -15.62 111.03 64.68
C ARG CB 374 -16.60 110.11 65.37
N SER CB 375 -17.81 110.02 64.83
CA SER CB 375 -18.84 109.18 65.42
C SER CB 375 -18.48 107.70 65.31
N TYR CB 376 -18.66 106.97 66.39
CA TYR CB 376 -18.55 105.51 66.37
C TYR CB 376 -19.85 104.83 65.98
N ASN CB 377 -20.90 105.59 65.68
CA ASN CB 377 -22.20 105.04 65.26
C ASN CB 377 -22.83 104.16 66.33
N VAL CB 378 -22.73 104.58 67.60
CA VAL CB 378 -23.37 103.83 68.66
C VAL CB 378 -24.88 103.93 68.53
N LEU CB 379 -25.58 102.86 68.91
CA LEU CB 379 -27.02 102.74 68.75
C LEU CB 379 -27.73 102.89 70.10
N GLU CB 380 -29.04 102.68 70.08
CA GLU CB 380 -29.80 102.64 71.32
C GLU CB 380 -29.41 101.39 72.13
N ASP CB 381 -29.73 101.44 73.42
CA ASP CB 381 -29.37 100.44 74.43
C ASP CB 381 -27.89 100.53 74.79
N LYS CB 382 -27.13 101.35 74.06
CA LYS CB 382 -25.79 101.77 74.47
C LYS CB 382 -24.87 100.57 74.76
N ILE CB 383 -25.02 99.50 73.98
CA ILE CB 383 -24.13 98.36 74.08
C ILE CB 383 -23.49 98.00 72.75
N ASN CB 384 -24.28 97.96 71.67
CA ASN CB 384 -23.81 97.54 70.37
C ASN CB 384 -23.71 98.71 69.40
N THR CB 385 -22.93 98.50 68.35
CA THR CB 385 -22.66 99.47 67.31
C THR CB 385 -23.26 99.00 66.00
N ALA CB 386 -23.52 99.94 65.09
CA ALA CB 386 -24.12 99.62 63.81
C ALA CB 386 -23.23 98.76 62.92
N TYR CB 387 -21.93 98.72 63.17
CA TYR CB 387 -21.02 97.90 62.35
C TYR CB 387 -21.30 96.41 62.57
N ARG CB 388 -21.29 95.65 61.49
CA ARG CB 388 -21.38 94.20 61.54
C ARG CB 388 -20.18 93.57 60.84
N SER CB 389 -19.81 92.37 61.27
CA SER CB 389 -18.65 91.69 60.70
C SER CB 389 -18.97 90.22 60.42
N TRP CB 390 -18.39 89.70 59.34
CA TRP CB 390 -18.62 88.31 58.95
C TRP CB 390 -18.10 87.33 60.00
N TYR CB 391 -16.94 87.62 60.58
CA TYR CB 391 -16.33 86.68 61.53
C TYR CB 391 -17.16 86.55 62.81
N LEU CB 392 -17.67 87.67 63.32
CA LEU CB 392 -18.49 87.61 64.52
C LEU CB 392 -19.79 86.85 64.26
N SER CB 393 -20.40 87.06 63.10
CA SER CB 393 -21.63 86.36 62.77
C SER CB 393 -21.38 84.87 62.56
N TYR CB 394 -20.25 84.51 61.95
CA TYR CB 394 -19.94 83.10 61.73
C TYR CB 394 -19.71 82.35 63.04
N ASN CB 395 -19.03 82.97 64.00
CA ASN CB 395 -18.63 82.27 65.20
C ASN CB 395 -19.61 82.45 66.36
N TYR CB 396 -20.33 83.56 66.45
CA TYR CB 396 -21.18 83.84 67.60
C TYR CB 396 -22.66 83.95 67.27
N GLY CB 397 -23.03 84.05 65.99
CA GLY CB 397 -24.41 84.18 65.60
C GLY CB 397 -25.16 82.85 65.66
N ASN CB 398 -26.36 82.86 65.09
CA ASN CB 398 -27.21 81.69 65.09
C ASN CB 398 -26.67 80.63 64.13
N PRO CB 399 -26.38 79.42 64.59
CA PRO CB 399 -25.78 78.42 63.69
C PRO CB 399 -26.65 78.04 62.51
N GLU CB 400 -27.97 78.09 62.63
CA GLU CB 400 -28.86 77.59 61.60
C GLU CB 400 -29.57 78.68 60.82
N LYS CB 401 -29.28 79.94 61.09
CA LYS CB 401 -29.89 81.05 60.34
C LYS CB 401 -28.91 82.12 59.89
N GLY CB 402 -27.75 82.24 60.52
CA GLY CB 402 -26.79 83.27 60.16
C GLY CB 402 -25.96 82.88 58.95
N ILE CB 403 -24.86 83.63 58.77
CA ILE CB 403 -23.99 83.43 57.62
C ILE CB 403 -23.31 82.06 57.64
N ARG CB 404 -23.25 81.40 58.81
CA ARG CB 404 -22.61 80.10 58.93
C ARG CB 404 -23.37 78.99 58.22
N SER CB 405 -24.63 79.19 57.89
CA SER CB 405 -25.41 78.13 57.28
C SER CB 405 -25.09 77.93 55.81
N TRP CB 406 -24.51 78.92 55.13
CA TRP CB 406 -24.19 78.77 53.72
C TRP CB 406 -22.81 79.28 53.33
N THR CB 407 -21.96 79.66 54.28
CA THR CB 407 -20.56 79.97 53.99
C THR CB 407 -19.65 79.12 54.86
N LEU CB 408 -18.38 79.07 54.48
CA LEU CB 408 -17.39 78.21 55.13
C LEU CB 408 -16.09 78.99 55.32
N LEU CB 409 -15.45 78.78 56.48
CA LEU CB 409 -14.20 79.44 56.81
C LEU CB 409 -13.03 78.52 56.46
N THR CB 410 -12.07 79.04 55.69
CA THR CB 410 -10.93 78.26 55.22
C THR CB 410 -9.65 79.05 55.40
N THR CB 411 -8.51 78.36 55.26
CA THR CB 411 -7.21 79.03 55.30
C THR CB 411 -7.02 79.92 54.08
N SER CB 412 -6.35 81.05 54.28
CA SER CB 412 -6.09 81.98 53.19
C SER CB 412 -5.16 81.37 52.15
N ASP CB 413 -5.50 81.54 50.88
CA ASP CB 413 -4.72 81.00 49.77
C ASP CB 413 -4.18 82.16 48.93
N VAL CB 414 -2.89 82.45 49.07
CA VAL CB 414 -2.31 83.64 48.44
C VAL CB 414 -2.27 83.53 46.92
N THR CB 415 -2.15 82.31 46.37
CA THR CB 415 -2.14 82.18 44.92
C THR CB 415 -3.50 82.45 44.29
N CYS CB 416 -4.55 82.59 45.10
CA CYS CB 416 -5.93 82.80 44.68
C CYS CB 416 -6.54 81.58 44.01
N GLY CB 417 -5.93 80.41 44.16
CA GLY CB 417 -6.50 79.18 43.66
C GLY CB 417 -5.98 78.80 42.28
N VAL CB 418 -5.10 77.85 42.22
CA VAL CB 418 -4.52 77.43 40.95
C VAL CB 418 -5.36 76.31 40.38
N GLU CB 419 -5.45 76.26 39.05
CA GLU CB 419 -6.16 75.20 38.35
C GLU CB 419 -5.18 74.48 37.43
N GLN CB 420 -5.71 73.60 36.59
CA GLN CB 420 -4.90 72.70 35.79
C GLN CB 420 -4.53 73.33 34.45
N VAL CB 421 -3.57 72.70 33.76
CA VAL CB 421 -3.17 73.06 32.41
C VAL CB 421 -3.17 71.80 31.55
N TYR CB 422 -3.37 71.99 30.24
CA TYR CB 422 -3.47 70.90 29.28
C TYR CB 422 -2.42 71.04 28.17
N TRP CB 423 -1.82 69.92 27.78
CA TRP CB 423 -0.87 69.83 26.67
C TRP CB 423 -1.53 69.28 25.42
N SER CB 424 -1.16 69.82 24.26
CA SER CB 424 -1.60 69.31 22.96
C SER CB 424 -0.43 69.16 21.99
N LEU CB 425 -0.40 68.03 21.27
CA LEU CB 425 0.57 67.79 20.21
C LEU CB 425 -0.15 67.20 19.00
N PRO CB 426 -0.92 68.01 18.28
CA PRO CB 426 -1.84 67.46 17.28
C PRO CB 426 -1.18 66.80 16.07
N ASP CB 427 0.07 67.13 15.74
CA ASP CB 427 0.74 66.52 14.60
C ASP CB 427 1.57 65.29 14.95
N MET CB 428 1.62 64.89 16.22
CA MET CB 428 2.45 63.77 16.63
C MET CB 428 1.64 62.61 17.20
N MET CB 429 0.72 62.87 18.12
CA MET CB 429 -0.05 61.84 18.79
C MET CB 429 -1.42 61.65 18.12
N GLN CB 430 -1.96 60.44 18.25
CA GLN CB 430 -3.34 60.20 17.87
C GLN CB 430 -4.30 60.83 18.88
N ASP CB 431 -5.48 61.20 18.41
CA ASP CB 431 -6.47 61.82 19.29
C ASP CB 431 -7.00 60.79 20.29
N PRO CB 432 -7.03 61.12 21.58
CA PRO CB 432 -7.66 60.22 22.55
C PRO CB 432 -9.17 60.10 22.34
N VAL CB 433 -9.74 59.07 22.97
CA VAL CB 433 -11.10 58.64 22.66
C VAL CB 433 -12.11 59.76 22.97
N THR CB 434 -13.05 59.94 22.05
CA THR CB 434 -14.17 60.89 21.97
C THR CB 434 -13.76 62.32 21.57
N PHE CB 435 -12.48 62.63 21.40
CA PHE CB 435 -12.08 63.94 20.89
C PHE CB 435 -12.21 63.98 19.38
N ARG CB 436 -12.69 65.11 18.85
CA ARG CB 436 -12.78 65.33 17.41
C ARG CB 436 -11.50 65.96 16.86
N SER CB 437 -11.16 65.57 15.63
CA SER CB 437 -10.05 66.20 14.92
C SER CB 437 -10.47 67.58 14.41
N THR CB 438 -9.60 68.57 14.60
CA THR CB 438 -9.95 69.95 14.26
C THR CB 438 -8.68 70.78 14.12
N ARG CB 439 -8.86 71.99 13.58
CA ARG CB 439 -7.78 72.97 13.50
C ARG CB 439 -8.08 74.24 14.29
N GLN CB 440 -9.06 74.21 15.19
CA GLN CB 440 -9.35 75.34 16.07
C GLN CB 440 -8.54 75.20 17.35
N VAL CB 441 -7.82 76.25 17.71
CA VAL CB 441 -6.86 76.17 18.82
C VAL CB 441 -7.55 75.89 20.14
N SER CB 442 -8.68 76.53 20.39
CA SER CB 442 -9.39 76.28 21.64
C SER CB 442 -10.09 74.92 21.68
N ASN CB 443 -9.89 74.01 20.72
CA ASN CB 443 -10.53 72.70 20.78
C ASN CB 443 -9.58 71.57 20.37
N TYR CB 444 -8.27 71.77 20.50
CA TYR CB 444 -7.32 70.71 20.22
C TYR CB 444 -7.52 69.53 21.19
N PRO CB 445 -7.31 68.30 20.73
CA PRO CB 445 -7.33 67.15 21.65
C PRO CB 445 -6.22 67.25 22.69
N VAL CB 446 -6.51 66.74 23.89
CA VAL CB 446 -5.65 66.91 25.06
C VAL CB 446 -4.85 65.63 25.29
N VAL CB 447 -3.53 65.78 25.43
CA VAL CB 447 -2.62 64.65 25.56
C VAL CB 447 -2.05 64.50 26.98
N GLY CB 448 -2.20 65.50 27.85
CA GLY CB 448 -1.76 65.39 29.22
C GLY CB 448 -2.25 66.56 30.05
N ALA CB 449 -2.21 66.39 31.37
CA ALA CB 449 -2.70 67.40 32.30
C ALA CB 449 -1.84 67.42 33.56
N GLU CB 450 -1.77 68.59 34.19
CA GLU CB 450 -1.04 68.79 35.44
C GLU CB 450 -1.48 70.13 36.03
N LEU CB 451 -0.98 70.44 37.22
CA LEU CB 451 -1.27 71.73 37.84
C LEU CB 451 -0.38 72.82 37.27
N MET CB 452 -0.96 74.01 37.10
CA MET CB 452 -0.15 75.18 36.80
C MET CB 452 0.84 75.39 37.95
N PRO CB 453 2.14 75.48 37.68
CA PRO CB 453 3.16 75.29 38.74
C PRO CB 453 3.44 76.54 39.57
N VAL CB 454 2.47 76.93 40.38
CA VAL CB 454 2.59 78.08 41.27
C VAL CB 454 2.16 77.63 42.66
N PHE CB 455 2.97 77.93 43.67
CA PHE CB 455 2.78 77.40 45.02
C PHE CB 455 2.94 78.49 46.08
N SER CB 456 2.35 78.23 47.24
CA SER CB 456 2.45 79.11 48.39
C SER CB 456 3.60 78.69 49.31
N LYS CB 457 4.27 79.68 49.89
CA LYS CB 457 5.34 79.44 50.86
C LYS CB 457 5.12 80.29 52.11
N SER CB 458 5.41 79.72 53.27
CA SER CB 458 5.16 80.36 54.56
C SER CB 458 6.43 80.88 55.20
N PHE CB 459 6.30 82.00 55.92
CA PHE CB 459 7.38 82.60 56.69
C PHE CB 459 6.84 83.03 58.04
N TYR CB 460 7.74 83.17 59.01
CA TYR CB 460 7.39 83.56 60.37
C TYR CB 460 7.91 84.96 60.64
N ASN CB 461 7.03 85.84 61.13
CA ASN CB 461 7.39 87.22 61.44
C ASN CB 461 6.81 87.70 62.76
N HIS CB 478 1.75 108.09 55.91
CA HIS CB 478 1.22 106.74 55.79
C HIS CB 478 -0.09 106.71 55.00
N VAL CB 479 0.00 106.36 53.72
CA VAL CB 479 -1.19 106.26 52.90
C VAL CB 479 -2.05 105.07 53.31
N PHE CB 480 -1.48 104.07 53.97
CA PHE CB 480 -2.21 102.90 54.41
C PHE CB 480 -2.75 103.03 55.83
N ASN CB 481 -2.64 104.21 56.44
CA ASN CB 481 -3.24 104.47 57.75
C ASN CB 481 -3.65 105.95 57.76
N ARG CB 482 -4.90 106.20 57.36
CA ARG CB 482 -5.43 107.55 57.25
C ARG CB 482 -6.29 107.96 58.43
N PHE CB 483 -6.66 107.01 59.29
CA PHE CB 483 -7.46 107.29 60.48
C PHE CB 483 -6.78 106.61 61.66
N PRO CB 484 -5.60 107.10 62.07
CA PRO CB 484 -4.88 106.44 63.16
C PRO CB 484 -5.65 106.39 64.47
N GLU CB 485 -6.48 107.39 64.74
CA GLU CB 485 -7.17 107.46 66.03
C GLU CB 485 -8.35 106.49 66.10
N ASN CB 486 -9.05 106.26 64.99
CA ASN CB 486 -10.32 105.55 65.01
C ASN CB 486 -10.09 104.06 65.23
N GLN CB 487 -10.70 103.51 66.27
CA GLN CB 487 -10.50 102.11 66.60
C GLN CB 487 -11.09 101.16 65.56
N ILE CB 488 -12.06 101.61 64.78
CA ILE CB 488 -12.65 100.77 63.74
C ILE CB 488 -11.87 100.87 62.44
N LEU CB 489 -11.37 102.07 62.11
CA LEU CB 489 -10.70 102.34 60.85
C LEU CB 489 -9.19 102.28 60.96
N ILE CB 490 -8.65 101.80 62.08
CA ILE CB 490 -7.21 101.65 62.20
C ILE CB 490 -6.71 100.57 61.22
N ARG CB 491 -5.44 100.69 60.85
CA ARG CB 491 -4.83 99.72 59.93
C ARG CB 491 -4.76 98.35 60.60
N PRO CB 492 -5.20 97.28 59.91
CA PRO CB 492 -5.29 95.98 60.57
C PRO CB 492 -3.92 95.49 60.99
N PRO CB 493 -3.83 94.75 62.09
CA PRO CB 493 -2.57 94.12 62.46
C PRO CB 493 -2.18 93.02 61.47
N ALA CB 494 -0.87 92.83 61.33
CA ALA CB 494 -0.30 91.85 60.41
C ALA CB 494 -0.22 90.47 61.08
N PRO CB 495 -0.50 89.39 60.34
CA PRO CB 495 -0.41 88.06 60.94
C PRO CB 495 1.02 87.69 61.26
N THR CB 496 1.17 86.81 62.24
CA THR CB 496 2.48 86.25 62.56
C THR CB 496 2.93 85.22 61.52
N ILE CB 497 2.06 84.78 60.62
CA ILE CB 497 2.40 83.89 59.51
C ILE CB 497 2.11 84.61 58.20
N THR CB 498 3.13 84.79 57.37
CA THR CB 498 3.01 85.44 56.08
C THR CB 498 3.22 84.44 54.96
N THR CB 499 2.39 84.51 53.92
CA THR CB 499 2.48 83.61 52.77
C THR CB 499 2.66 84.41 51.48
N VAL CB 500 3.53 83.90 50.60
CA VAL CB 500 3.80 84.49 49.30
C VAL CB 500 3.81 83.37 48.26
N SER CB 501 3.53 83.72 47.01
CA SER CB 501 3.43 82.75 45.93
C SER CB 501 4.71 82.69 45.11
N GLU CB 502 5.07 81.48 44.67
CA GLU CB 502 6.32 81.21 43.97
C GLU CB 502 6.08 80.38 42.71
N ASN CB 503 6.96 80.56 41.73
CA ASN CB 503 6.98 79.76 40.52
C ASN CB 503 8.10 78.72 40.62
N VAL CB 504 7.76 77.44 40.46
CA VAL CB 504 8.70 76.34 40.61
C VAL CB 504 8.69 75.52 39.33
N PRO CB 505 9.85 75.26 38.71
CA PRO CB 505 9.86 74.47 37.47
C PRO CB 505 9.31 73.07 37.68
N ALA CB 506 8.53 72.61 36.70
CA ALA CB 506 7.78 71.36 36.79
C ALA CB 506 8.31 70.35 35.80
N LEU CB 507 8.64 69.15 36.29
CA LEU CB 507 9.17 68.05 35.49
C LEU CB 507 8.20 66.88 35.61
N THR CB 508 7.60 66.49 34.49
CA THR CB 508 6.44 65.60 34.52
C THR CB 508 6.60 64.45 33.54
N ASP CB 509 6.25 63.25 33.99
CA ASP CB 509 6.15 62.07 33.15
C ASP CB 509 4.68 61.77 32.88
N HIS CB 510 4.29 61.81 31.61
CA HIS CB 510 2.90 61.65 31.21
C HIS CB 510 2.56 60.24 30.74
N GLY CB 511 3.50 59.29 30.79
CA GLY CB 511 3.24 57.94 30.31
C GLY CB 511 3.32 57.79 28.80
N THR CB 512 2.82 56.66 28.32
CA THR CB 512 2.92 56.27 26.91
C THR CB 512 1.58 56.51 26.20
N LEU CB 513 1.65 57.13 25.01
CA LEU CB 513 0.49 57.40 24.17
C LEU CB 513 0.70 56.90 22.75
N PRO CB 514 -0.36 56.47 22.06
CA PRO CB 514 -0.20 55.99 20.68
C PRO CB 514 0.28 57.08 19.74
N LEU CB 515 1.17 56.70 18.84
CA LEU CB 515 1.92 57.59 17.96
C LEU CB 515 1.49 57.40 16.52
N ARG CB 516 1.47 58.49 15.75
CA ARG CB 516 1.19 58.38 14.31
C ARG CB 516 2.36 57.73 13.57
N SER CB 517 2.03 56.97 12.52
CA SER CB 517 3.05 56.22 11.79
C SER CB 517 3.94 57.10 10.93
N SER CB 518 3.45 58.26 10.50
CA SER CB 518 4.25 59.19 9.70
C SER CB 518 4.24 60.55 10.37
N ILE CB 519 5.42 61.09 10.63
CA ILE CB 519 5.60 62.32 11.39
C ILE CB 519 6.22 63.36 10.47
N ARG CB 520 5.56 64.51 10.33
CA ARG CB 520 6.08 65.60 9.52
C ARG CB 520 7.18 66.34 10.26
N GLY CB 521 8.00 67.06 9.48
CA GLY CB 521 9.17 67.73 10.01
C GLY CB 521 8.88 68.95 10.87
N VAL CB 522 7.72 69.57 10.71
CA VAL CB 522 7.33 70.73 11.50
C VAL CB 522 6.15 70.35 12.39
N GLN CB 523 6.25 70.67 13.68
CA GLN CB 523 5.29 70.24 14.69
C GLN CB 523 4.76 71.43 15.48
N ARG CB 524 3.52 71.34 15.91
CA ARG CB 524 2.86 72.37 16.73
C ARG CB 524 2.80 71.93 18.19
N VAL CB 525 3.11 72.87 19.09
CA VAL CB 525 3.08 72.64 20.54
C VAL CB 525 2.17 73.70 21.17
N THR CB 526 1.23 73.26 22.01
CA THR CB 526 0.25 74.16 22.61
C THR CB 526 0.02 73.83 24.08
N VAL CB 527 -0.13 74.87 24.90
CA VAL CB 527 -0.46 74.77 26.32
C VAL CB 527 -1.64 75.70 26.60
N THR CB 528 -2.73 75.16 27.16
CA THR CB 528 -3.93 75.93 27.46
C THR CB 528 -4.43 75.66 28.87
N ASP CB 529 -5.25 76.60 29.39
CA ASP CB 529 -5.78 76.53 30.74
C ASP CB 529 -7.14 75.82 30.74
N ALA CB 530 -7.85 75.90 31.87
CA ALA CB 530 -9.10 75.17 32.04
C ALA CB 530 -10.20 75.70 31.13
N ARG CB 531 -10.19 76.98 30.81
CA ARG CB 531 -11.15 77.56 29.86
C ARG CB 531 -10.66 77.49 28.43
N ARG CB 532 -9.54 76.78 28.19
CA ARG CB 532 -8.95 76.58 26.86
C ARG CB 532 -8.46 77.89 26.23
N ARG CB 533 -7.88 78.77 27.05
CA ARG CB 533 -7.11 79.89 26.57
C ARG CB 533 -5.63 79.58 26.72
N THR CB 534 -4.81 80.15 25.82
CA THR CB 534 -3.37 80.06 26.01
C THR CB 534 -2.93 80.92 27.19
N CYS CB 535 -1.81 80.56 27.81
CA CYS CB 535 -1.34 81.26 28.99
C CYS CB 535 -0.15 82.13 28.65
N PRO CB 536 -0.25 83.46 28.77
CA PRO CB 536 0.88 84.34 28.45
C PRO CB 536 2.03 84.29 29.45
N TYR CB 537 1.92 83.57 30.55
CA TYR CB 537 2.98 83.55 31.55
C TYR CB 537 3.89 82.32 31.45
N VAL CB 538 3.72 81.48 30.43
CA VAL CB 538 4.69 80.44 30.13
C VAL CB 538 5.85 81.06 29.37
N TYR CB 539 7.08 80.81 29.82
CA TYR CB 539 8.23 81.27 29.04
C TYR CB 539 9.27 80.19 28.77
N LYS CB 540 8.99 78.94 29.11
CA LYS CB 540 9.88 77.83 28.76
C LYS CB 540 9.06 76.55 28.74
N ALA CB 541 9.09 75.83 27.63
CA ALA CB 541 8.37 74.58 27.47
C ALA CB 541 9.14 73.66 26.53
N LEU CB 542 9.45 72.45 27.00
CA LEU CB 542 10.17 71.46 26.22
C LEU CB 542 9.47 70.11 26.30
N GLY CB 543 9.61 69.32 25.24
CA GLY CB 543 9.11 67.96 25.23
C GLY CB 543 10.13 67.00 24.69
N ILE CB 544 10.12 65.78 25.24
CA ILE CB 544 10.98 64.69 24.82
C ILE CB 544 10.13 63.44 24.68
N VAL CB 545 10.20 62.80 23.52
CA VAL CB 545 9.39 61.62 23.21
C VAL CB 545 10.31 60.45 22.90
N ALA CB 546 9.98 59.28 23.45
CA ALA CB 546 10.74 58.05 23.21
C ALA CB 546 9.86 56.97 22.58
N PRO CB 547 9.89 56.78 21.27
CA PRO CB 547 9.03 55.77 20.63
C PRO CB 547 9.43 54.34 20.95
N ARG CB 548 8.44 53.45 20.90
CA ARG CB 548 8.66 52.01 21.01
C ARG CB 548 7.45 51.26 20.47
N VAL CB 549 7.65 49.97 20.19
CA VAL CB 549 6.61 49.13 19.58
C VAL CB 549 5.60 48.70 20.65
N LEU CB 550 4.31 48.84 20.34
CA LEU CB 550 3.24 48.40 21.22
C LEU CB 550 2.63 47.06 20.82
N SER CB 551 2.27 46.88 19.55
CA SER CB 551 1.68 45.63 19.10
C SER CB 551 1.91 45.47 17.60
N SER CB 552 1.59 44.28 17.12
CA SER CB 552 1.79 43.93 15.72
C SER CB 552 0.60 44.36 14.86
N ARG CB 553 0.90 44.62 13.59
CA ARG CB 553 -0.08 44.95 12.55
C ARG CB 553 -0.78 46.28 12.79
N ARG DB 48 -21.23 8.62 40.66
CA ARG DB 48 -21.30 9.98 41.20
C ARG DB 48 -22.57 10.23 41.99
N ASN DB 49 -22.99 9.24 42.79
CA ASN DB 49 -24.24 9.35 43.52
C ASN DB 49 -24.15 8.84 44.96
N SER DB 50 -22.95 8.80 45.55
CA SER DB 50 -22.79 8.24 46.88
C SER DB 50 -23.02 9.32 47.95
N ILE DB 51 -23.36 8.86 49.15
CA ILE DB 51 -23.63 9.72 50.30
C ILE DB 51 -22.83 9.19 51.48
N ARG DB 52 -21.99 10.04 52.08
CA ARG DB 52 -21.00 9.60 53.05
C ARG DB 52 -21.10 10.37 54.37
N TYR DB 53 -20.82 9.68 55.47
CA TYR DB 53 -20.85 10.25 56.80
C TYR DB 53 -19.43 10.23 57.36
N SER DB 54 -18.99 11.37 57.92
CA SER DB 54 -17.58 11.57 58.21
C SER DB 54 -17.03 10.64 59.29
N GLU DB 55 -17.88 9.99 60.07
CA GLU DB 55 -17.39 9.07 61.10
C GLU DB 55 -17.21 7.64 60.62
N LEU DB 56 -17.48 7.35 59.35
CA LEU DB 56 -17.38 6.00 58.82
C LEU DB 56 -16.36 5.94 57.69
N SER DB 57 -15.63 4.82 57.61
CA SER DB 57 -14.60 4.62 56.58
C SER DB 57 -14.35 3.14 56.39
N PRO DB 58 -14.06 2.68 55.18
CA PRO DB 58 -13.84 1.24 54.95
C PRO DB 58 -12.40 0.82 55.26
N LEU DB 59 -12.23 -0.50 55.45
CA LEU DB 59 -10.99 -1.09 55.93
C LEU DB 59 -10.25 -1.86 54.85
N TYR DB 60 -8.91 -1.80 54.89
CA TYR DB 60 -8.06 -2.45 53.90
C TYR DB 60 -6.79 -3.03 54.56
N ASP DB 61 -6.29 -4.10 53.94
CA ASP DB 61 -4.96 -4.69 54.03
C ASP DB 61 -4.57 -5.46 55.31
N THR DB 62 -5.20 -5.17 56.45
CA THR DB 62 -4.87 -5.83 57.71
C THR DB 62 -5.73 -5.25 58.82
N THR DB 63 -5.87 -6.01 59.90
CA THR DB 63 -6.68 -5.64 61.06
C THR DB 63 -6.33 -6.60 62.20
N ARG DB 64 -7.11 -6.57 63.29
CA ARG DB 64 -6.95 -7.49 64.41
C ARG DB 64 -8.26 -8.18 64.75
N LEU DB 65 -8.18 -9.44 65.17
CA LEU DB 65 -9.29 -10.18 65.73
C LEU DB 65 -8.89 -10.67 67.12
N TYR DB 66 -9.78 -10.51 68.10
CA TYR DB 66 -9.47 -10.83 69.50
C TYR DB 66 -10.34 -11.99 69.98
N LEU DB 67 -9.71 -12.97 70.60
CA LEU DB 67 -10.37 -14.17 71.13
C LEU DB 67 -10.17 -14.18 72.64
N VAL DB 68 -11.18 -13.73 73.38
CA VAL DB 68 -11.05 -13.42 74.79
C VAL DB 68 -12.04 -14.26 75.59
N ASP DB 69 -11.59 -14.80 76.72
CA ASP DB 69 -12.32 -15.81 77.46
C ASP DB 69 -13.19 -15.27 78.60
N ASN DB 70 -13.24 -13.96 78.82
CA ASN DB 70 -13.97 -13.42 79.97
C ASN DB 70 -14.79 -12.19 79.61
N LYS DB 71 -15.46 -12.22 78.46
CA LYS DB 71 -16.43 -11.16 78.15
C LYS DB 71 -17.68 -11.34 79.00
N SER DB 72 -18.23 -10.22 79.47
CA SER DB 72 -19.30 -10.27 80.46
C SER DB 72 -20.55 -10.96 79.92
N ALA DB 73 -20.96 -10.61 78.70
CA ALA DB 73 -22.18 -11.17 78.14
C ALA DB 73 -22.01 -12.62 77.69
N ASP DB 74 -20.82 -12.99 77.22
CA ASP DB 74 -20.57 -14.37 76.80
C ASP DB 74 -20.58 -15.33 77.98
N ILE DB 75 -20.21 -14.86 79.17
CA ILE DB 75 -20.21 -15.70 80.35
C ILE DB 75 -21.62 -16.18 80.67
N ALA DB 76 -22.59 -15.28 80.59
CA ALA DB 76 -23.94 -15.61 81.03
C ALA DB 76 -24.67 -16.52 80.04
N SER DB 77 -24.53 -16.27 78.74
CA SER DB 77 -25.39 -16.89 77.75
C SER DB 77 -24.72 -17.97 76.90
N LEU DB 78 -23.41 -18.16 76.99
CA LEU DB 78 -22.76 -19.13 76.13
C LEU DB 78 -22.08 -20.27 76.86
N ASN DB 79 -21.43 -20.01 78.00
CA ASN DB 79 -20.43 -20.90 78.54
C ASN DB 79 -20.82 -21.46 79.90
N TYR DB 80 -22.10 -21.80 80.08
CA TYR DB 80 -22.57 -22.21 81.40
C TYR DB 80 -21.96 -23.54 81.84
N GLN DB 81 -21.73 -24.46 80.90
CA GLN DB 81 -21.19 -25.79 81.21
C GLN DB 81 -19.73 -25.97 80.78
N ASN DB 82 -19.01 -24.89 80.46
CA ASN DB 82 -17.67 -24.97 79.89
C ASN DB 82 -16.62 -24.56 80.93
N ASP DB 83 -15.35 -24.67 80.53
CA ASP DB 83 -14.23 -24.17 81.33
C ASP DB 83 -13.21 -23.52 80.40
N HIS DB 84 -12.13 -22.98 80.97
CA HIS DB 84 -11.18 -22.19 80.20
C HIS DB 84 -10.37 -23.01 79.19
N SER DB 85 -10.43 -24.33 79.27
CA SER DB 85 -9.77 -25.17 78.28
C SER DB 85 -10.63 -25.43 77.04
N ASN DB 86 -11.93 -25.15 77.09
CA ASN DB 86 -12.82 -25.42 75.96
C ASN DB 86 -14.07 -24.53 76.10
N PHE DB 87 -14.10 -23.42 75.35
CA PHE DB 87 -15.15 -22.43 75.54
C PHE DB 87 -15.52 -21.77 74.21
N LEU DB 88 -16.57 -20.97 74.24
CA LEU DB 88 -17.05 -20.19 73.10
C LEU DB 88 -16.88 -18.70 73.37
N THR DB 89 -16.62 -17.94 72.31
CA THR DB 89 -16.47 -16.50 72.44
C THR DB 89 -16.92 -15.82 71.15
N THR DB 90 -17.21 -14.53 71.25
CA THR DB 90 -17.66 -13.74 70.11
C THR DB 90 -16.53 -12.84 69.62
N VAL DB 91 -16.29 -12.85 68.32
CA VAL DB 91 -15.30 -11.96 67.73
C VAL DB 91 -15.90 -10.64 67.28
N VAL DB 92 -17.22 -10.48 67.37
CA VAL DB 92 -17.88 -9.20 67.10
C VAL DB 92 -17.79 -8.34 68.36
N GLN DB 93 -17.19 -7.16 68.25
CA GLN DB 93 -16.95 -6.27 69.39
C GLN DB 93 -17.91 -5.08 69.41
N ASN DB 94 -19.17 -5.27 69.04
CA ASN DB 94 -20.16 -4.21 68.89
C ASN DB 94 -21.32 -4.51 69.85
N ASN DB 95 -21.48 -3.68 70.88
CA ASN DB 95 -22.45 -3.96 71.93
C ASN DB 95 -23.88 -3.56 71.58
N ASP DB 96 -24.16 -3.19 70.32
CA ASP DB 96 -25.53 -3.04 69.87
C ASP DB 96 -26.25 -4.38 69.75
N PHE DB 97 -25.54 -5.50 69.86
CA PHE DB 97 -26.11 -6.82 69.67
C PHE DB 97 -25.71 -7.74 70.83
N THR DB 98 -26.59 -8.68 71.13
CA THR DB 98 -26.27 -9.75 72.06
C THR DB 98 -25.44 -10.83 71.38
N PRO DB 99 -24.75 -11.67 72.15
CA PRO DB 99 -23.97 -12.75 71.53
C PRO DB 99 -24.80 -13.69 70.68
N THR DB 100 -26.05 -13.97 71.08
CA THR DB 100 -26.92 -14.81 70.27
C THR DB 100 -27.17 -14.18 68.90
N GLU DB 101 -27.48 -12.87 68.88
CA GLU DB 101 -27.64 -12.18 67.61
C GLU DB 101 -26.35 -12.15 66.81
N ALA DB 102 -25.21 -11.98 67.50
CA ALA DB 102 -23.93 -11.89 66.81
C ALA DB 102 -23.57 -13.20 66.13
N SER DB 103 -24.10 -14.33 66.60
CA SER DB 103 -23.70 -15.63 66.07
C SER DB 103 -24.04 -15.78 64.59
N THR DB 104 -25.07 -15.08 64.11
CA THR DB 104 -25.45 -15.16 62.71
C THR DB 104 -24.72 -14.16 61.81
N GLN DB 105 -23.97 -13.23 62.36
CA GLN DB 105 -23.25 -12.25 61.55
C GLN DB 105 -21.92 -12.84 61.06
N THR DB 106 -21.34 -12.18 60.06
CA THR DB 106 -20.08 -12.66 59.48
C THR DB 106 -19.12 -11.50 59.23
N ILE DB 107 -17.84 -11.85 59.13
CA ILE DB 107 -16.78 -10.97 58.67
C ILE DB 107 -16.20 -11.58 57.40
N ASN DB 108 -16.08 -10.78 56.34
CA ASN DB 108 -15.76 -11.29 55.02
C ASN DB 108 -14.47 -10.67 54.49
N PHE DB 109 -13.51 -11.52 54.15
CA PHE DB 109 -12.25 -11.11 53.53
C PHE DB 109 -12.35 -11.34 52.02
N ASP DB 110 -11.86 -10.38 51.24
CA ASP DB 110 -12.16 -10.35 49.80
C ASP DB 110 -11.82 -11.67 49.12
N GLU DB 111 -12.81 -12.21 48.41
CA GLU DB 111 -12.72 -13.56 47.85
C GLU DB 111 -11.78 -13.65 46.66
N ARG DB 112 -11.31 -12.53 46.12
CA ARG DB 112 -10.33 -12.55 45.05
C ARG DB 112 -8.90 -12.72 45.55
N SER DB 113 -8.70 -12.90 46.85
CA SER DB 113 -7.39 -13.20 47.42
C SER DB 113 -7.50 -14.38 48.36
N ARG DB 114 -6.37 -15.04 48.60
CA ARG DB 114 -6.24 -16.03 49.67
C ARG DB 114 -5.55 -15.36 50.85
N TRP DB 115 -6.11 -15.56 52.05
CA TRP DB 115 -5.69 -14.85 53.24
C TRP DB 115 -5.02 -15.78 54.25
N GLY DB 116 -4.08 -15.22 55.01
CA GLY DB 116 -3.48 -15.94 56.12
C GLY DB 116 -3.54 -15.11 57.39
N GLY DB 117 -3.35 -15.79 58.52
CA GLY DB 117 -3.41 -15.13 59.81
C GLY DB 117 -2.27 -15.47 60.74
N GLN DB 118 -1.55 -14.46 61.21
CA GLN DB 118 -0.50 -14.65 62.18
C GLN DB 118 -1.08 -14.74 63.59
N LEU DB 119 -0.74 -15.80 64.32
CA LEU DB 119 -1.38 -16.13 65.59
C LEU DB 119 -0.41 -15.99 66.75
N LYS DB 120 -0.83 -15.26 67.79
CA LYS DB 120 -0.11 -15.16 69.06
C LYS DB 120 -1.03 -15.55 70.19
N THR DB 121 -0.51 -16.27 71.18
CA THR DB 121 -1.32 -16.77 72.29
C THR DB 121 -0.67 -16.40 73.62
N ILE DB 122 -1.52 -16.33 74.65
CA ILE DB 122 -1.12 -16.13 76.03
C ILE DB 122 -1.83 -17.17 76.89
N MET DB 123 -1.08 -17.89 77.72
CA MET DB 123 -1.63 -18.97 78.53
C MET DB 123 -1.04 -18.96 79.93
N HIS DB 124 -1.86 -19.26 80.94
CA HIS DB 124 -1.40 -19.38 82.31
C HIS DB 124 -2.09 -20.55 83.00
N THR DB 125 -1.34 -21.30 83.81
CA THR DB 125 -1.82 -22.53 84.45
C THR DB 125 -1.59 -22.48 85.96
N ASN DB 126 -2.26 -23.38 86.68
CA ASN DB 126 -2.08 -23.51 88.13
C ASN DB 126 -2.04 -24.98 88.55
N MET DB 127 -1.26 -25.80 87.84
CA MET DB 127 -1.19 -27.25 88.09
C MET DB 127 -0.27 -27.56 89.27
N PRO DB 128 -0.72 -28.36 90.24
CA PRO DB 128 0.19 -28.91 91.26
C PRO DB 128 0.86 -30.19 90.79
N ASN DB 129 2.03 -30.47 91.36
CA ASN DB 129 2.85 -31.54 90.82
C ASN DB 129 2.37 -32.96 91.20
N VAL DB 130 1.64 -33.12 92.29
CA VAL DB 130 1.10 -34.41 92.69
C VAL DB 130 -0.42 -34.34 92.59
N ASN DB 131 -0.99 -35.01 91.60
CA ASN DB 131 -2.44 -34.95 91.37
C ASN DB 131 -2.90 -36.20 90.64
N GLU DB 132 -4.20 -36.44 90.68
CA GLU DB 132 -4.78 -37.65 90.12
C GLU DB 132 -4.87 -37.61 88.59
N TYR DB 133 -5.15 -36.44 88.02
CA TYR DB 133 -5.42 -36.35 86.58
C TYR DB 133 -4.20 -36.73 85.75
N MET DB 134 -3.00 -36.47 86.26
CA MET DB 134 -1.76 -36.71 85.53
C MET DB 134 -1.04 -37.99 85.96
N PHE DB 135 -1.70 -38.84 86.76
CA PHE DB 135 -1.16 -40.14 87.17
C PHE DB 135 0.12 -40.03 87.99
N SER DB 136 0.28 -38.93 88.73
CA SER DB 136 1.39 -38.78 89.65
C SER DB 136 0.96 -38.99 91.10
N ASN DB 137 -0.13 -39.73 91.29
CA ASN DB 137 -0.79 -39.88 92.57
C ASN DB 137 -0.64 -41.26 93.19
N LYS DB 138 -0.16 -42.25 92.43
CA LYS DB 138 -0.29 -43.65 92.85
C LYS DB 138 0.87 -44.47 92.30
N PHE DB 139 1.09 -45.61 92.95
CA PHE DB 139 2.05 -46.62 92.51
C PHE DB 139 1.65 -47.96 93.14
N LYS DB 140 2.26 -49.04 92.65
CA LYS DB 140 1.98 -50.38 93.14
C LYS DB 140 3.23 -51.02 93.72
N ALA DB 141 3.03 -51.87 94.74
CA ALA DB 141 4.13 -52.55 95.40
C ALA DB 141 3.64 -53.86 96.00
N ARG DB 142 4.59 -54.76 96.27
CA ARG DB 142 4.30 -56.06 96.86
C ARG DB 142 4.98 -56.16 98.23
N VAL DB 143 4.17 -56.38 99.27
CA VAL DB 143 4.65 -56.41 100.64
C VAL DB 143 4.16 -57.70 101.31
N MET DB 144 4.61 -57.91 102.55
CA MET DB 144 4.29 -59.12 103.29
C MET DB 144 3.03 -58.92 104.12
N VAL DB 145 2.09 -59.84 103.99
CA VAL DB 145 0.81 -59.75 104.67
C VAL DB 145 0.73 -60.65 105.90
N SER DB 146 1.41 -61.79 105.91
CA SER DB 146 1.33 -62.72 107.02
C SER DB 146 2.66 -63.44 107.20
N ARG DB 147 3.14 -63.50 108.45
CA ARG DB 147 4.14 -64.46 108.84
C ARG DB 147 3.43 -65.72 109.33
N LYS DB 148 4.14 -66.64 109.95
CA LYS DB 148 3.51 -67.87 110.44
C LYS DB 148 2.58 -67.56 111.62
N ASP DB 171 8.67 -71.13 109.42
CA ASP DB 171 7.77 -70.01 109.16
C ASP DB 171 7.39 -69.93 107.69
N ILE DB 172 6.12 -69.70 107.41
CA ILE DB 172 5.60 -69.53 106.05
C ILE DB 172 5.19 -68.07 105.89
N LEU DB 173 5.66 -67.45 104.80
CA LEU DB 173 5.47 -66.03 104.55
C LEU DB 173 4.59 -65.82 103.33
N LYS DB 174 3.64 -64.90 103.44
CA LYS DB 174 2.70 -64.61 102.36
C LYS DB 174 2.85 -63.15 101.93
N TYR DB 175 2.78 -62.92 100.62
CA TYR DB 175 2.94 -61.59 100.04
C TYR DB 175 1.77 -61.31 99.10
N GLU DB 176 1.52 -60.02 98.87
CA GLU DB 176 0.41 -59.62 98.01
C GLU DB 176 0.70 -58.23 97.42
N TRP DB 177 0.07 -57.97 96.27
CA TRP DB 177 0.18 -56.68 95.60
C TRP DB 177 -0.93 -55.73 96.07
N PHE DB 178 -0.59 -54.44 96.16
CA PHE DB 178 -1.54 -53.40 96.51
C PHE DB 178 -1.26 -52.16 95.67
N GLU DB 179 -2.23 -51.26 95.62
CA GLU DB 179 -2.05 -49.94 95.02
C GLU DB 179 -2.15 -48.89 96.12
N PHE DB 180 -1.19 -47.97 96.13
CA PHE DB 180 -1.05 -46.97 97.19
C PHE DB 180 -1.37 -45.59 96.64
N ILE DB 181 -2.03 -44.76 97.46
CA ILE DB 181 -2.52 -43.45 97.04
C ILE DB 181 -1.95 -42.39 97.97
N LEU DB 182 -1.45 -41.28 97.38
CA LEU DB 182 -0.95 -40.09 98.06
C LEU DB 182 -1.99 -38.99 98.02
N PRO DB 183 -1.99 -38.07 98.99
CA PRO DB 183 -2.87 -36.90 98.89
C PRO DB 183 -2.28 -35.83 97.99
N GLU DB 184 -3.17 -35.02 97.40
CA GLU DB 184 -2.78 -34.08 96.36
C GLU DB 184 -2.23 -32.77 96.92
N GLY DB 185 -1.34 -32.15 96.16
CA GLY DB 185 -0.69 -30.92 96.56
C GLY DB 185 0.55 -30.68 95.74
N ASN DB 186 1.22 -29.59 96.06
CA ASN DB 186 2.44 -29.17 95.36
C ASN DB 186 3.62 -29.29 96.33
N PHE DB 187 4.42 -30.34 96.16
CA PHE DB 187 5.43 -30.71 97.14
C PHE DB 187 6.82 -30.76 96.51
N SER DB 188 7.84 -30.58 97.35
CA SER DB 188 9.21 -30.80 96.91
C SER DB 188 9.50 -32.29 96.79
N ALA DB 189 10.65 -32.60 96.22
CA ALA DB 189 11.00 -34.00 95.98
C ALA DB 189 11.21 -34.77 97.29
N THR DB 190 11.87 -34.15 98.27
CA THR DB 190 12.07 -34.83 99.55
C THR DB 190 10.74 -35.07 100.26
N MET DB 191 9.85 -34.07 100.26
CA MET DB 191 8.56 -34.23 100.89
C MET DB 191 7.72 -35.30 100.20
N THR DB 192 7.87 -35.44 98.88
CA THR DB 192 7.15 -36.50 98.16
C THR DB 192 7.60 -37.88 98.59
N ILE DB 193 8.91 -38.06 98.79
CA ILE DB 193 9.44 -39.35 99.20
C ILE DB 193 8.98 -39.71 100.60
N ASP DB 194 8.82 -38.73 101.49
CA ASP DB 194 8.26 -39.00 102.81
C ASP DB 194 6.84 -39.53 102.71
N LEU DB 195 6.04 -38.97 101.79
CA LEU DB 195 4.65 -39.41 101.66
C LEU DB 195 4.57 -40.84 101.13
N MET DB 196 5.49 -41.23 100.24
CA MET DB 196 5.49 -42.60 99.74
C MET DB 196 5.84 -43.60 100.83
N ASN DB 197 6.82 -43.28 101.69
CA ASN DB 197 7.12 -44.14 102.83
C ASN DB 197 5.94 -44.23 103.78
N ASN DB 198 5.27 -43.10 104.03
CA ASN DB 198 4.12 -43.09 104.92
C ASN DB 198 2.98 -43.97 104.40
N ALA DB 199 2.80 -44.03 103.08
CA ALA DB 199 1.77 -44.88 102.51
C ALA DB 199 2.06 -46.36 102.76
N ILE DB 200 3.33 -46.76 102.65
CA ILE DB 200 3.71 -48.15 102.91
C ILE DB 200 3.41 -48.52 104.35
N ILE DB 201 3.75 -47.63 105.28
CA ILE DB 201 3.60 -47.94 106.70
C ILE DB 201 2.14 -48.04 107.10
N ASP DB 202 1.27 -47.19 106.53
CA ASP DB 202 -0.15 -47.27 106.84
C ASP DB 202 -0.77 -48.59 106.39
N ASN DB 203 -0.18 -49.27 105.41
CA ASN DB 203 -0.60 -50.61 105.05
C ASN DB 203 -0.14 -51.63 106.09
N TYR DB 204 1.02 -51.41 106.70
CA TYR DB 204 1.52 -52.32 107.71
C TYR DB 204 0.77 -52.16 109.04
N LEU DB 205 0.09 -51.04 109.24
CA LEU DB 205 -0.69 -50.85 110.47
C LEU DB 205 -2.12 -51.34 110.35
N GLU DB 206 -2.66 -51.43 109.13
CA GLU DB 206 -4.02 -51.88 108.89
C GLU DB 206 -4.10 -53.39 108.64
N ILE DB 207 -3.15 -53.91 107.88
CA ILE DB 207 -2.96 -55.34 107.66
C ILE DB 207 -1.57 -55.60 108.23
N GLY DB 208 -1.07 -56.82 108.14
CA GLY DB 208 0.31 -56.99 108.54
C GLY DB 208 0.45 -57.12 110.03
N ARG DB 209 0.75 -56.00 110.71
CA ARG DB 209 1.01 -55.97 112.14
C ARG DB 209 0.08 -56.87 112.95
N GLN DB 210 -1.22 -56.86 112.63
CA GLN DB 210 -2.16 -57.71 113.35
C GLN DB 210 -2.13 -59.16 112.89
N ASN DB 211 -1.28 -59.52 111.92
CA ASN DB 211 -1.15 -60.89 111.44
C ASN DB 211 0.27 -61.42 111.63
N GLY DB 212 1.04 -60.86 112.55
CA GLY DB 212 2.29 -61.45 112.96
C GLY DB 212 3.55 -60.96 112.30
N VAL DB 213 3.50 -59.92 111.48
CA VAL DB 213 4.72 -59.39 110.88
C VAL DB 213 5.33 -58.37 111.85
N LEU DB 214 6.65 -58.37 111.93
CA LEU DB 214 7.36 -57.48 112.84
C LEU DB 214 7.80 -56.22 112.12
N GLU DB 215 8.17 -55.21 112.90
CA GLU DB 215 8.73 -54.00 112.31
C GLU DB 215 10.21 -54.21 112.03
N SER DB 216 10.53 -55.34 111.42
CA SER DB 216 11.86 -55.59 110.87
C SER DB 216 11.78 -56.38 109.57
N ASP DB 217 10.57 -56.59 109.04
CA ASP DB 217 10.36 -57.28 107.76
C ASP DB 217 9.48 -56.47 106.82
N ILE DB 218 9.48 -55.13 106.96
CA ILE DB 218 8.61 -54.28 106.13
C ILE DB 218 8.83 -54.56 104.65
N GLY DB 219 10.04 -54.32 104.16
CA GLY DB 219 10.43 -54.83 102.86
C GLY DB 219 10.44 -53.85 101.70
N VAL DB 220 9.91 -52.64 101.86
CA VAL DB 220 9.98 -51.62 100.81
C VAL DB 220 10.26 -50.28 101.48
N LYS DB 221 11.34 -49.63 101.08
CA LYS DB 221 11.68 -48.31 101.58
C LYS DB 221 12.36 -47.48 100.50
N PHE DB 222 12.07 -46.18 100.48
CA PHE DB 222 12.70 -45.24 99.55
C PHE DB 222 13.71 -44.39 100.32
N ASP DB 223 14.97 -44.40 99.87
CA ASP DB 223 16.06 -43.77 100.59
C ASP DB 223 16.85 -42.85 99.66
N THR DB 224 17.89 -42.23 100.22
CA THR DB 224 18.79 -41.36 99.45
C THR DB 224 20.27 -41.62 99.70
N ARG DB 225 20.63 -42.57 100.56
CA ARG DB 225 22.01 -42.70 101.04
C ARG DB 225 22.82 -43.62 100.15
N ASN DB 226 24.15 -43.47 100.25
CA ASN DB 226 25.10 -44.38 99.61
C ASN DB 226 25.59 -45.34 100.69
N PHE DB 227 24.93 -46.49 100.79
CA PHE DB 227 25.42 -47.51 101.70
C PHE DB 227 26.75 -48.03 101.19
N ARG DB 228 27.53 -48.60 102.10
CA ARG DB 228 28.90 -49.10 101.87
C ARG DB 228 29.91 -47.99 101.60
N LEU DB 229 29.64 -46.75 102.00
CA LEU DB 229 30.62 -45.68 101.83
C LEU DB 229 31.87 -45.94 102.67
N GLY DB 230 31.69 -46.19 103.97
CA GLY DB 230 32.82 -46.39 104.85
C GLY DB 230 33.32 -47.83 104.93
N TRP DB 231 33.13 -48.58 103.85
CA TRP DB 231 33.46 -49.99 103.80
C TRP DB 231 34.97 -50.20 103.84
N ASP DB 232 35.38 -51.30 104.47
CA ASP DB 232 36.80 -51.63 104.62
C ASP DB 232 37.12 -52.89 103.85
N PRO DB 233 38.17 -52.89 103.03
CA PRO DB 233 38.42 -54.05 102.15
C PRO DB 233 38.90 -55.28 102.89
N GLU DB 234 39.37 -55.17 104.13
CA GLU DB 234 39.84 -56.33 104.88
C GLU DB 234 38.74 -56.93 105.74
N THR DB 235 38.15 -56.13 106.64
CA THR DB 235 37.10 -56.63 107.50
C THR DB 235 35.75 -56.75 106.78
N LYS DB 236 35.58 -56.06 105.65
CA LYS DB 236 34.36 -56.12 104.85
C LYS DB 236 33.13 -55.72 105.67
N LEU DB 237 33.28 -54.72 106.53
CA LEU DB 237 32.17 -54.18 107.30
C LEU DB 237 32.29 -52.67 107.35
N ILE DB 238 31.18 -52.01 107.67
CA ILE DB 238 31.15 -50.55 107.78
C ILE DB 238 31.79 -50.18 109.12
N MET DB 239 33.06 -49.79 109.08
CA MET DB 239 33.81 -49.58 110.32
C MET DB 239 33.21 -48.54 111.26
N PRO DB 240 32.70 -47.39 110.82
CA PRO DB 240 32.17 -46.41 111.79
C PRO DB 240 31.01 -46.93 112.62
N GLY DB 241 30.31 -47.98 112.19
CA GLY DB 241 29.16 -48.48 112.91
C GLY DB 241 27.84 -47.82 112.54
N VAL DB 242 27.87 -46.76 111.73
CA VAL DB 242 26.67 -46.12 111.20
C VAL DB 242 26.92 -45.78 109.74
N TYR DB 243 25.89 -45.97 108.92
CA TYR DB 243 25.98 -45.59 107.52
C TYR DB 243 26.11 -44.07 107.38
N THR DB 244 26.85 -43.62 106.37
CA THR DB 244 27.05 -42.20 106.16
C THR DB 244 25.73 -41.50 105.89
N TYR DB 245 25.48 -40.42 106.61
CA TYR DB 245 24.18 -39.75 106.59
C TYR DB 245 24.18 -38.56 105.62
N GLU DB 246 24.47 -38.86 104.34
CA GLU DB 246 24.52 -37.86 103.28
C GLU DB 246 23.67 -38.31 102.11
N ALA DB 247 23.05 -37.35 101.42
CA ALA DB 247 22.17 -37.63 100.30
C ALA DB 247 22.96 -37.66 99.00
N PHE DB 248 22.74 -38.71 98.20
CA PHE DB 248 23.41 -38.86 96.92
C PHE DB 248 22.46 -38.89 95.74
N HIS DB 249 21.43 -39.72 95.78
CA HIS DB 249 20.45 -39.94 94.71
C HIS DB 249 19.33 -40.80 95.27
N PRO DB 250 18.08 -40.57 94.90
CA PRO DB 250 16.99 -41.41 95.41
C PRO DB 250 17.17 -42.88 95.03
N ASP DB 251 16.74 -43.75 95.94
CA ASP DB 251 17.08 -45.17 95.88
C ASP DB 251 15.91 -46.00 96.38
N ILE DB 252 15.91 -47.28 96.00
CA ILE DB 252 14.90 -48.26 96.37
C ILE DB 252 15.58 -49.40 97.12
N VAL DB 253 15.06 -49.74 98.30
CA VAL DB 253 15.61 -50.81 99.14
C VAL DB 253 14.57 -51.91 99.32
N LEU DB 254 14.96 -53.16 99.07
CA LEU DB 254 14.04 -54.28 99.04
C LEU DB 254 14.52 -55.45 99.88
N LEU DB 255 13.55 -56.22 100.41
CA LEU DB 255 13.70 -57.51 101.08
C LEU DB 255 13.22 -58.62 100.15
N PRO DB 256 13.62 -59.87 100.40
CA PRO DB 256 13.22 -60.96 99.49
C PRO DB 256 11.70 -61.09 99.42
N GLY DB 257 11.21 -61.36 98.22
CA GLY DB 257 9.79 -61.52 97.97
C GLY DB 257 9.03 -60.25 97.66
N CYS DB 258 9.68 -59.08 97.67
CA CYS DB 258 9.01 -57.81 97.47
C CYS DB 258 9.37 -57.20 96.12
N GLY DB 259 8.75 -56.08 95.79
CA GLY DB 259 9.02 -55.38 94.55
C GLY DB 259 8.10 -54.20 94.39
N VAL DB 260 8.42 -53.36 93.39
CA VAL DB 260 7.61 -52.20 93.02
C VAL DB 260 7.34 -52.23 91.52
N ASP DB 261 6.23 -51.61 91.12
CA ASP DB 261 5.80 -51.61 89.73
C ASP DB 261 5.33 -50.23 89.34
N PHE DB 262 5.97 -49.64 88.32
CA PHE DB 262 5.67 -48.28 87.89
C PHE DB 262 4.99 -48.22 86.53
N THR DB 263 4.27 -49.28 86.15
CA THR DB 263 3.66 -49.31 84.82
C THR DB 263 2.64 -48.21 84.63
N GLU DB 264 1.87 -47.91 85.68
CA GLU DB 264 0.81 -46.91 85.58
C GLU DB 264 1.08 -45.74 86.50
N SER DB 265 2.31 -45.21 86.48
CA SER DB 265 2.72 -44.17 87.41
C SER DB 265 3.81 -43.33 86.76
N ARG DB 266 3.84 -42.05 87.12
CA ARG DB 266 4.88 -41.14 86.66
C ARG DB 266 5.87 -40.79 87.75
N LEU DB 267 5.82 -41.47 88.89
CA LEU DB 267 6.72 -41.18 90.00
C LEU DB 267 8.13 -41.71 89.79
N SER DB 268 8.36 -42.56 88.79
CA SER DB 268 9.72 -42.98 88.49
C SER DB 268 10.56 -41.84 87.91
N ASN DB 269 9.93 -40.86 87.25
CA ASN DB 269 10.67 -39.68 86.78
C ASN DB 269 11.16 -38.83 87.94
N LEU DB 270 10.37 -38.71 89.00
CA LEU DB 270 10.80 -37.95 90.17
C LEU DB 270 11.93 -38.66 90.90
N LEU DB 271 12.00 -40.00 90.83
CA LEU DB 271 13.07 -40.74 91.47
C LEU DB 271 14.36 -40.75 90.65
N GLY DB 272 14.31 -40.36 89.38
CA GLY DB 272 15.49 -40.42 88.55
C GLY DB 272 15.93 -41.81 88.14
N ILE DB 273 14.98 -42.72 87.94
CA ILE DB 273 15.25 -44.07 87.47
C ILE DB 273 14.39 -44.30 86.22
N ARG DB 274 15.04 -44.60 85.10
CA ARG DB 274 14.36 -44.75 83.81
C ARG DB 274 14.87 -45.99 83.09
N LYS DB 275 14.12 -46.40 82.07
CA LYS DB 275 14.45 -47.57 81.26
C LYS DB 275 15.26 -47.17 80.02
N ARG DB 276 16.23 -48.00 79.67
CA ARG DB 276 17.02 -47.76 78.47
C ARG DB 276 16.24 -48.03 77.19
N HIS DB 277 15.12 -48.75 77.28
CA HIS DB 277 14.21 -48.97 76.16
C HIS DB 277 12.86 -48.42 76.57
N PRO DB 278 12.67 -47.10 76.46
CA PRO DB 278 11.48 -46.48 77.07
C PRO DB 278 10.18 -46.75 76.34
N PHE DB 279 10.21 -47.32 75.14
CA PHE DB 279 8.98 -47.61 74.41
C PHE DB 279 8.47 -49.03 74.64
N GLN DB 280 9.12 -49.83 75.47
CA GLN DB 280 8.65 -51.17 75.82
C GLN DB 280 7.77 -51.07 77.06
N GLU DB 281 6.54 -51.57 76.96
CA GLU DB 281 5.58 -51.44 78.06
C GLU DB 281 6.00 -52.27 79.27
N GLY DB 282 5.73 -51.75 80.46
CA GLY DB 282 6.00 -52.45 81.69
C GLY DB 282 7.28 -52.03 82.39
N PHE DB 283 7.19 -51.72 83.68
CA PHE DB 283 8.35 -51.29 84.47
C PHE DB 283 8.20 -51.88 85.88
N LYS DB 284 8.85 -53.02 86.10
CA LYS DB 284 8.81 -53.69 87.39
C LYS DB 284 10.24 -53.97 87.86
N ILE DB 285 10.49 -53.77 89.15
CA ILE DB 285 11.79 -54.04 89.77
C ILE DB 285 11.55 -54.92 90.98
N MET DB 286 12.07 -56.16 90.92
CA MET DB 286 11.88 -57.14 91.98
C MET DB 286 13.20 -57.42 92.69
N TYR DB 287 13.11 -58.15 93.80
CA TYR DB 287 14.31 -58.45 94.59
C TYR DB 287 15.31 -59.28 93.80
N GLU DB 288 14.85 -60.12 92.90
CA GLU DB 288 15.76 -60.95 92.10
C GLU DB 288 16.51 -60.16 91.03
N ASP DB 289 16.06 -58.96 90.70
CA ASP DB 289 16.75 -58.15 89.69
C ASP DB 289 17.88 -57.30 90.27
N LEU DB 290 18.00 -57.22 91.60
CA LEU DB 290 19.00 -56.37 92.25
C LEU DB 290 20.23 -57.16 92.69
N GLU DB 291 20.64 -58.17 91.92
CA GLU DB 291 21.78 -59.00 92.32
C GLU DB 291 23.04 -58.16 92.43
N GLY DB 292 23.84 -58.45 93.46
CA GLY DB 292 25.06 -57.73 93.72
C GLY DB 292 24.89 -56.47 94.54
N GLY DB 293 23.67 -56.15 94.96
CA GLY DB 293 23.43 -54.91 95.67
C GLY DB 293 23.11 -55.06 97.14
N ASN DB 294 23.56 -56.16 97.75
CA ASN DB 294 23.30 -56.36 99.17
C ASN DB 294 24.02 -55.31 100.01
N ILE DB 295 23.32 -54.82 101.03
CA ILE DB 295 23.85 -53.77 101.90
C ILE DB 295 24.78 -54.39 102.94
N PRO DB 296 26.04 -53.98 103.01
CA PRO DB 296 26.96 -54.58 103.98
C PRO DB 296 26.51 -54.35 105.42
N ALA DB 297 26.73 -55.35 106.26
CA ALA DB 297 26.29 -55.29 107.65
C ALA DB 297 27.20 -54.39 108.48
N LEU DB 298 26.63 -53.86 109.56
CA LEU DB 298 27.34 -53.10 110.58
C LEU DB 298 28.35 -52.11 110.01
N ILE DB 364 35.51 -57.85 116.26
CA ILE DB 364 35.29 -57.94 114.82
C ILE DB 364 34.10 -58.84 114.52
N GLN DB 365 32.90 -58.37 114.85
CA GLN DB 365 31.67 -59.10 114.56
C GLN DB 365 30.57 -58.12 114.17
N PRO DB 366 29.68 -58.49 113.26
CA PRO DB 366 28.60 -57.58 112.86
C PRO DB 366 27.59 -57.41 113.98
N LEU DB 367 27.00 -56.21 114.04
CA LEU DB 367 25.87 -56.00 114.93
C LEU DB 367 24.65 -56.71 114.38
N GLU DB 368 23.94 -57.44 115.24
CA GLU DB 368 22.82 -58.27 114.80
C GLU DB 368 21.46 -57.71 115.15
N LYS DB 369 21.39 -56.65 115.96
CA LYS DB 369 20.10 -56.10 116.38
C LYS DB 369 20.27 -54.64 116.71
N ASP DB 370 19.14 -53.93 116.78
CA ASP DB 370 19.11 -52.50 117.01
C ASP DB 370 18.98 -52.21 118.51
N SER DB 371 18.83 -50.93 118.86
CA SER DB 371 18.77 -50.54 120.26
C SER DB 371 17.53 -51.11 120.95
N LYS DB 372 16.39 -51.09 120.27
CA LYS DB 372 15.14 -51.57 120.83
C LYS DB 372 14.84 -53.02 120.43
N SER DB 373 15.89 -53.81 120.20
CA SER DB 373 15.77 -55.23 119.84
C SER DB 373 14.95 -55.41 118.56
N ARG DB 374 15.49 -54.87 117.47
CA ARG DB 374 14.96 -55.12 116.14
C ARG DB 374 16.03 -55.80 115.30
N SER DB 375 15.66 -56.87 114.63
CA SER DB 375 16.61 -57.61 113.81
C SER DB 375 17.07 -56.79 112.62
N TYR DB 376 18.37 -56.80 112.37
CA TYR DB 376 18.93 -56.23 111.16
C TYR DB 376 18.94 -57.21 109.99
N ASN DB 377 18.45 -58.43 110.19
CA ASN DB 377 18.37 -59.45 109.14
C ASN DB 377 19.75 -59.82 108.61
N VAL DB 378 20.72 -59.95 109.50
CA VAL DB 378 22.05 -60.39 109.09
C VAL DB 378 22.01 -61.84 108.64
N LEU DB 379 22.83 -62.19 107.66
CA LEU DB 379 22.84 -63.50 107.03
C LEU DB 379 24.07 -64.30 107.47
N GLU DB 380 24.22 -65.47 106.87
CA GLU DB 380 25.43 -66.26 107.08
C GLU DB 380 26.63 -65.55 106.47
N ASP DB 381 27.82 -65.94 106.93
CA ASP DB 381 29.12 -65.35 106.58
C ASP DB 381 29.30 -64.00 107.28
N LYS DB 382 28.25 -63.50 107.94
CA LYS DB 382 28.35 -62.40 108.88
C LYS DB 382 29.03 -61.16 108.27
N ILE DB 383 28.77 -60.90 106.99
CA ILE DB 383 29.26 -59.70 106.34
C ILE DB 383 28.12 -58.90 105.69
N ASN DB 384 27.22 -59.57 104.98
CA ASN DB 384 26.17 -58.89 104.24
C ASN DB 384 24.81 -59.12 104.88
N THR DB 385 23.88 -58.24 104.53
CA THR DB 385 22.53 -58.23 105.03
C THR DB 385 21.55 -58.56 103.90
N ALA DB 386 20.37 -59.05 104.28
CA ALA DB 386 19.37 -59.43 103.28
C ALA DB 386 18.84 -58.25 102.47
N TYR DB 387 18.98 -57.02 102.95
CA TYR DB 387 18.50 -55.86 102.21
C TYR DB 387 19.32 -55.66 100.94
N ARG DB 388 18.63 -55.32 99.85
CA ARG DB 388 19.27 -54.96 98.58
C ARG DB 388 18.79 -53.57 98.15
N SER DB 389 19.65 -52.87 97.42
CA SER DB 389 19.31 -51.51 96.97
C SER DB 389 19.67 -51.33 95.50
N TRP DB 390 18.85 -50.54 94.79
CA TRP DB 390 19.06 -50.30 93.38
C TRP DB 390 20.38 -49.56 93.13
N TYR DB 391 20.72 -48.58 93.97
CA TYR DB 391 21.90 -47.78 93.74
C TYR DB 391 23.18 -48.60 93.88
N LEU DB 392 23.25 -49.47 94.89
CA LEU DB 392 24.42 -50.32 95.05
C LEU DB 392 24.59 -51.28 93.90
N SER DB 393 23.49 -51.84 93.41
CA SER DB 393 23.56 -52.76 92.28
C SER DB 393 23.95 -52.04 90.99
N TYR DB 394 23.46 -50.81 90.81
CA TYR DB 394 23.79 -50.04 89.60
C TYR DB 394 25.27 -49.68 89.56
N ASN DB 395 25.84 -49.30 90.69
CA ASN DB 395 27.20 -48.78 90.72
C ASN DB 395 28.26 -49.83 91.01
N TYR DB 396 27.95 -50.86 91.78
CA TYR DB 396 28.96 -51.84 92.20
C TYR DB 396 28.71 -53.25 91.70
N GLY DB 397 27.53 -53.55 91.15
CA GLY DB 397 27.22 -54.87 90.65
C GLY DB 397 27.86 -55.16 89.31
N ASN DB 398 27.43 -56.26 88.71
CA ASN DB 398 27.96 -56.70 87.42
C ASN DB 398 27.46 -55.77 86.31
N PRO DB 399 28.36 -55.14 85.54
CA PRO DB 399 27.90 -54.19 84.52
C PRO DB 399 27.02 -54.81 83.44
N GLU DB 400 27.21 -56.09 83.12
CA GLU DB 400 26.54 -56.71 81.97
C GLU DB 400 25.44 -57.67 82.37
N LYS DB 401 25.15 -57.82 83.67
CA LYS DB 401 24.09 -58.70 84.11
C LYS DB 401 23.17 -58.10 85.17
N GLY DB 402 23.61 -57.07 85.90
CA GLY DB 402 22.79 -56.47 86.93
C GLY DB 402 21.78 -55.48 86.38
N ILE DB 403 21.24 -54.68 87.29
CA ILE DB 403 20.21 -53.72 86.94
C ILE DB 403 20.73 -52.63 85.99
N ARG DB 404 22.05 -52.45 85.92
CA ARG DB 404 22.63 -51.43 85.06
C ARG DB 404 22.49 -51.74 83.57
N SER DB 405 22.20 -52.98 83.21
CA SER DB 405 22.13 -53.34 81.81
C SER DB 405 20.83 -52.88 81.14
N TRP DB 406 19.77 -52.61 81.91
CA TRP DB 406 18.53 -52.16 81.31
C TRP DB 406 17.87 -50.99 82.03
N THR DB 407 18.52 -50.37 83.01
CA THR DB 407 18.03 -49.13 83.60
C THR DB 407 19.11 -48.06 83.51
N LEU DB 408 18.68 -46.80 83.73
CA LEU DB 408 19.54 -45.64 83.57
C LEU DB 408 19.31 -44.68 84.72
N LEU DB 409 20.40 -44.08 85.21
CA LEU DB 409 20.35 -43.13 86.32
C LEU DB 409 20.32 -41.71 85.76
N THR DB 410 19.33 -40.92 86.20
CA THR DB 410 19.13 -39.56 85.69
C THR DB 410 18.88 -38.61 86.86
N THR DB 411 18.95 -37.31 86.57
CA THR DB 411 18.63 -36.30 87.58
C THR DB 411 17.14 -36.32 87.91
N SER DB 412 16.82 -36.07 89.18
CA SER DB 412 15.43 -36.04 89.62
C SER DB 412 14.66 -34.90 88.97
N ASP DB 413 13.45 -35.19 88.50
CA ASP DB 413 12.61 -34.20 87.84
C ASP DB 413 11.33 -34.03 88.67
N VAL DB 414 11.24 -32.91 89.38
CA VAL DB 414 10.16 -32.70 90.34
C VAL DB 414 8.80 -32.51 89.65
N THR DB 415 8.78 -31.99 88.42
CA THR DB 415 7.51 -31.84 87.72
C THR DB 415 6.93 -33.17 87.27
N CYS DB 416 7.69 -34.26 87.38
CA CYS DB 416 7.32 -35.61 86.95
C CYS DB 416 7.24 -35.75 85.43
N GLY DB 417 7.80 -34.81 84.68
CA GLY DB 417 7.88 -34.92 83.24
C GLY DB 417 6.74 -34.22 82.54
N VAL DB 418 7.00 -33.07 81.97
CA VAL DB 418 5.97 -32.30 81.29
C VAL DB 418 5.95 -32.71 79.83
N GLU DB 419 4.77 -32.69 79.23
CA GLU DB 419 4.60 -32.98 77.81
C GLU DB 419 3.98 -31.76 77.13
N GLN DB 420 3.62 -31.92 75.86
CA GLN DB 420 3.18 -30.81 75.02
C GLN DB 420 1.67 -30.58 75.15
N VAL DB 421 1.24 -29.43 74.63
CA VAL DB 421 -0.18 -29.07 74.53
C VAL DB 421 -0.46 -28.61 73.10
N TYR DB 422 -1.71 -28.77 72.67
CA TYR DB 422 -2.15 -28.46 71.32
C TYR DB 422 -3.29 -27.43 71.33
N TRP DB 423 -3.24 -26.49 70.39
CA TRP DB 423 -4.29 -25.49 70.19
C TRP DB 423 -5.17 -25.85 68.99
N SER DB 424 -6.47 -25.60 69.11
CA SER DB 424 -7.42 -25.78 68.01
C SER DB 424 -8.32 -24.56 67.86
N LEU DB 425 -8.52 -24.12 66.61
CA LEU DB 425 -9.47 -23.05 66.28
C LEU DB 425 -10.30 -23.46 65.07
N PRO DB 426 -11.22 -24.41 65.24
CA PRO DB 426 -11.84 -25.04 64.05
C PRO DB 426 -12.73 -24.11 63.22
N ASP DB 427 -13.24 -23.02 63.76
CA ASP DB 427 -14.09 -22.12 62.99
C ASP DB 427 -13.33 -20.96 62.35
N MET DB 428 -12.03 -20.88 62.53
CA MET DB 428 -11.27 -19.75 61.99
C MET DB 428 -10.22 -20.18 60.97
N MET DB 429 -9.42 -21.20 61.27
CA MET DB 429 -8.33 -21.64 60.41
C MET DB 429 -8.76 -22.83 59.55
N GLN DB 430 -8.12 -22.96 58.39
CA GLN DB 430 -8.27 -24.16 57.58
C GLN DB 430 -7.53 -25.33 58.23
N ASP DB 431 -8.03 -26.54 57.98
CA ASP DB 431 -7.40 -27.73 58.54
C ASP DB 431 -6.04 -27.96 57.91
N PRO DB 432 -4.99 -28.19 58.70
CA PRO DB 432 -3.69 -28.55 58.10
C PRO DB 432 -3.73 -29.93 57.45
N VAL DB 433 -2.70 -30.18 56.63
CA VAL DB 433 -2.71 -31.31 55.71
C VAL DB 433 -2.80 -32.64 56.45
N THR DB 434 -3.65 -33.53 55.94
CA THR DB 434 -4.01 -34.88 56.38
C THR DB 434 -4.99 -34.93 57.56
N PHE DB 435 -5.35 -33.80 58.19
CA PHE DB 435 -6.37 -33.81 59.22
C PHE DB 435 -7.77 -33.86 58.61
N ARG DB 436 -8.67 -34.64 59.21
CA ARG DB 436 -10.07 -34.70 58.79
C ARG DB 436 -10.92 -33.66 59.51
N SER DB 437 -11.90 -33.12 58.80
CA SER DB 437 -12.89 -32.24 59.42
C SER DB 437 -13.88 -33.04 60.26
N THR DB 438 -14.17 -32.55 61.45
CA THR DB 438 -15.00 -33.30 62.39
C THR DB 438 -15.56 -32.36 63.44
N ARG DB 439 -16.51 -32.88 64.21
CA ARG DB 439 -17.07 -32.17 65.36
C ARG DB 439 -16.82 -32.91 66.68
N GLN DB 440 -15.93 -33.89 66.70
CA GLN DB 440 -15.56 -34.58 67.94
C GLN DB 440 -14.39 -33.86 68.58
N VAL DB 441 -14.53 -33.53 69.87
CA VAL DB 441 -13.56 -32.67 70.55
C VAL DB 441 -12.19 -33.33 70.61
N SER DB 442 -12.15 -34.62 70.91
CA SER DB 442 -10.85 -35.28 70.97
C SER DB 442 -10.22 -35.50 69.60
N ASN DB 443 -10.74 -34.96 68.49
CA ASN DB 443 -10.11 -35.16 67.19
C ASN DB 443 -10.10 -33.87 66.37
N TYR DB 444 -10.16 -32.70 66.99
CA TYR DB 444 -10.06 -31.44 66.28
C TYR DB 444 -8.68 -31.32 65.59
N PRO DB 445 -8.63 -30.70 64.42
CA PRO DB 445 -7.32 -30.42 63.80
C PRO DB 445 -6.49 -29.47 64.65
N VAL DB 446 -5.18 -29.65 64.60
CA VAL DB 446 -4.23 -28.97 65.49
C VAL DB 446 -3.57 -27.81 64.75
N VAL DB 447 -3.60 -26.63 65.36
CA VAL DB 447 -3.09 -25.41 64.73
C VAL DB 447 -1.78 -24.92 65.35
N GLY DB 448 -1.38 -25.43 66.51
CA GLY DB 448 -0.11 -25.08 67.12
C GLY DB 448 0.20 -25.96 68.30
N ALA DB 449 1.48 -25.95 68.69
CA ALA DB 449 1.95 -26.80 69.78
C ALA DB 449 3.04 -26.09 70.58
N GLU DB 450 3.15 -26.43 71.86
CA GLU DB 450 4.16 -25.88 72.77
C GLU DB 450 4.18 -26.77 74.01
N LEU DB 451 5.10 -26.48 74.92
CA LEU DB 451 5.18 -27.21 76.18
C LEU DB 451 4.15 -26.69 77.17
N MET DB 452 3.56 -27.58 77.94
CA MET DB 452 2.76 -27.19 79.08
C MET DB 452 3.65 -26.39 80.05
N PRO DB 453 3.28 -25.17 80.42
CA PRO DB 453 4.24 -24.22 81.01
C PRO DB 453 4.48 -24.40 82.50
N VAL DB 454 5.14 -25.51 82.86
CA VAL DB 454 5.48 -25.82 84.25
C VAL DB 454 6.96 -26.17 84.28
N PHE DB 455 7.71 -25.56 85.21
CA PHE DB 455 9.15 -25.67 85.23
C PHE DB 455 9.67 -25.93 86.64
N SER DB 456 10.88 -26.47 86.70
CA SER DB 456 11.57 -26.76 87.95
C SER DB 456 12.49 -25.59 88.32
N LYS DB 457 12.59 -25.30 89.62
CA LYS DB 457 13.49 -24.29 90.15
C LYS DB 457 14.31 -24.84 91.31
N SER DB 458 15.57 -24.46 91.38
CA SER DB 458 16.51 -24.99 92.37
C SER DB 458 16.79 -24.00 93.48
N PHE DB 459 17.00 -24.52 94.69
CA PHE DB 459 17.39 -23.74 95.86
C PHE DB 459 18.50 -24.47 96.60
N TYR DB 460 19.25 -23.73 97.39
CA TYR DB 460 20.36 -24.28 98.17
C TYR DB 460 20.01 -24.27 99.65
N ASN DB 461 20.17 -25.41 100.31
CA ASN DB 461 19.87 -25.52 101.73
C ASN DB 461 20.93 -26.32 102.49
N HIS DB 478 6.86 -37.19 115.62
CA HIS DB 478 7.33 -37.25 114.24
C HIS DB 478 6.72 -38.42 113.48
N VAL DB 479 5.68 -38.14 112.70
CA VAL DB 479 5.06 -39.18 111.89
C VAL DB 479 5.97 -39.64 110.77
N PHE DB 480 6.93 -38.82 110.36
CA PHE DB 480 7.86 -39.17 109.30
C PHE DB 480 9.15 -39.82 109.81
N ASN DB 481 9.22 -40.13 111.11
CA ASN DB 481 10.36 -40.86 111.67
C ASN DB 481 9.81 -41.72 112.81
N ARG DB 482 9.42 -42.96 112.46
CA ARG DB 482 8.82 -43.89 113.41
C ARG DB 482 9.80 -44.91 113.96
N PHE DB 483 10.99 -45.02 113.38
CA PHE DB 483 12.03 -45.93 113.83
C PHE DB 483 13.34 -45.15 113.95
N PRO DB 484 13.42 -44.22 114.90
CA PRO DB 484 14.62 -43.39 115.01
C PRO DB 484 15.89 -44.19 115.25
N GLU DB 485 15.81 -45.31 115.95
CA GLU DB 485 17.00 -46.07 116.30
C GLU DB 485 17.54 -46.88 115.14
N ASN DB 486 16.67 -47.39 114.27
CA ASN DB 486 17.07 -48.37 113.26
C ASN DB 486 17.85 -47.68 112.14
N GLN DB 487 19.07 -48.16 111.89
CA GLN DB 487 19.92 -47.53 110.88
C GLN DB 487 19.39 -47.73 109.47
N ILE DB 488 18.57 -48.73 109.23
CA ILE DB 488 18.00 -48.95 107.90
C ILE DB 488 16.71 -48.17 107.72
N LEU DB 489 15.90 -48.06 108.76
CA LEU DB 489 14.59 -47.44 108.70
C LEU DB 489 14.60 -45.99 109.19
N ILE DB 490 15.78 -45.41 109.39
CA ILE DB 490 15.84 -44.00 109.77
C ILE DB 490 15.35 -43.12 108.62
N ARG DB 491 14.87 -41.93 108.96
CA ARG DB 491 14.38 -40.98 107.96
C ARG DB 491 15.53 -40.53 107.06
N PRO DB 492 15.36 -40.55 105.74
CA PRO DB 492 16.49 -40.26 104.86
C PRO DB 492 16.96 -38.83 105.04
N PRO DB 493 18.26 -38.59 104.88
CA PRO DB 493 18.77 -37.22 104.89
C PRO DB 493 18.27 -36.43 103.68
N ALA DB 494 18.13 -35.12 103.88
CA ALA DB 494 17.65 -34.21 102.84
C ALA DB 494 18.80 -33.74 101.95
N PRO DB 495 18.57 -33.61 100.65
CA PRO DB 495 19.64 -33.14 99.76
C PRO DB 495 19.98 -31.68 100.04
N THR DB 496 21.22 -31.32 99.73
CA THR DB 496 21.63 -29.93 99.79
C THR DB 496 21.07 -29.10 98.64
N ILE DB 497 20.49 -29.73 97.61
CA ILE DB 497 19.81 -29.04 96.51
C ILE DB 497 18.35 -29.47 96.51
N THR DB 498 17.45 -28.51 96.66
CA THR DB 498 16.01 -28.75 96.66
C THR DB 498 15.38 -28.15 95.41
N THR DB 499 14.46 -28.89 94.79
CA THR DB 499 13.76 -28.44 93.59
C THR DB 499 12.25 -28.44 93.81
N VAL DB 500 11.59 -27.40 93.30
CA VAL DB 500 10.15 -27.25 93.36
C VAL DB 500 9.65 -26.82 91.99
N SER DB 501 8.37 -27.11 91.70
CA SER DB 501 7.79 -26.83 90.39
C SER DB 501 6.98 -25.54 90.42
N GLU DB 502 7.03 -24.79 89.32
CA GLU DB 502 6.41 -23.48 89.20
C GLU DB 502 5.61 -23.35 87.91
N ASN DB 503 4.59 -22.51 87.94
CA ASN DB 503 3.79 -22.15 86.77
C ASN DB 503 4.23 -20.77 86.28
N VAL DB 504 4.62 -20.68 85.02
CA VAL DB 504 5.13 -19.44 84.43
C VAL DB 504 4.29 -19.10 83.21
N PRO DB 505 3.74 -17.89 83.10
CA PRO DB 505 2.93 -17.54 81.93
C PRO DB 505 3.72 -17.63 80.63
N ALA DB 506 3.06 -18.15 79.60
CA ALA DB 506 3.71 -18.47 78.33
C ALA DB 506 3.16 -17.57 77.23
N LEU DB 507 4.07 -16.92 76.51
CA LEU DB 507 3.75 -16.00 75.41
C LEU DB 507 4.39 -16.56 74.15
N THR DB 508 3.57 -16.93 73.17
CA THR DB 508 4.04 -17.74 72.04
C THR DB 508 3.60 -17.15 70.71
N ASP DB 509 4.52 -17.13 69.75
CA ASP DB 509 4.22 -16.78 68.36
C ASP DB 509 4.20 -18.06 67.53
N HIS DB 510 3.05 -18.37 66.94
CA HIS DB 510 2.87 -19.60 66.18
C HIS DB 510 3.02 -19.44 64.68
N GLY DB 511 3.38 -18.25 64.19
CA GLY DB 511 3.51 -18.03 62.76
C GLY DB 511 2.18 -17.80 62.05
N THR DB 512 2.24 -17.88 60.72
CA THR DB 512 1.10 -17.58 59.85
C THR DB 512 0.45 -18.86 59.35
N LEU DB 513 -0.88 -18.93 59.42
CA LEU DB 513 -1.67 -20.06 58.95
C LEU DB 513 -2.79 -19.60 58.01
N PRO DB 514 -3.17 -20.42 57.03
CA PRO DB 514 -4.25 -20.04 56.12
C PRO DB 514 -5.58 -19.87 56.82
N LEU DB 515 -6.32 -18.85 56.40
CA LEU DB 515 -7.53 -18.37 57.06
C LEU DB 515 -8.74 -18.62 56.17
N ARG DB 516 -9.88 -18.93 56.80
CA ARG DB 516 -11.12 -19.06 56.04
C ARG DB 516 -11.62 -17.71 55.55
N SER DB 517 -12.25 -17.70 54.37
CA SER DB 517 -12.70 -16.45 53.75
C SER DB 517 -13.90 -15.83 54.46
N SER DB 518 -14.73 -16.64 55.12
CA SER DB 518 -15.89 -16.14 55.85
C SER DB 518 -15.82 -16.63 57.28
N ILE DB 519 -15.89 -15.70 58.23
CA ILE DB 519 -15.70 -15.98 59.65
C ILE DB 519 -17.00 -15.66 60.37
N ARG DB 520 -17.54 -16.64 61.08
CA ARG DB 520 -18.75 -16.45 61.85
C ARG DB 520 -18.46 -15.70 63.14
N GLY DB 521 -19.52 -15.10 63.70
CA GLY DB 521 -19.39 -14.24 64.87
C GLY DB 521 -19.07 -14.96 66.17
N VAL DB 522 -19.38 -16.25 66.27
CA VAL DB 522 -19.10 -17.04 67.46
C VAL DB 522 -18.05 -18.08 67.12
N GLN DB 523 -17.01 -18.19 67.94
CA GLN DB 523 -15.85 -19.02 67.67
C GLN DB 523 -15.56 -19.94 68.85
N ARG DB 524 -15.04 -21.13 68.53
CA ARG DB 524 -14.66 -22.12 69.53
C ARG DB 524 -13.14 -22.14 69.74
N VAL DB 525 -12.72 -22.21 71.00
CA VAL DB 525 -11.31 -22.26 71.38
C VAL DB 525 -11.08 -23.49 72.25
N THR DB 526 -10.07 -24.30 71.92
CA THR DB 526 -9.81 -25.56 72.62
C THR DB 526 -8.32 -25.77 72.85
N VAL DB 527 -7.98 -26.28 74.03
CA VAL DB 527 -6.62 -26.66 74.41
C VAL DB 527 -6.64 -28.09 74.94
N THR DB 528 -5.84 -28.98 74.36
CA THR DB 528 -5.79 -30.39 74.76
C THR DB 528 -4.35 -30.87 74.94
N ASP DB 529 -4.20 -31.96 75.68
CA ASP DB 529 -2.91 -32.54 76.00
C ASP DB 529 -2.52 -33.60 74.97
N ALA DB 530 -1.46 -34.37 75.26
CA ALA DB 530 -0.92 -35.33 74.30
C ALA DB 530 -1.89 -36.48 74.03
N ARG DB 531 -2.70 -36.87 75.00
CA ARG DB 531 -3.71 -37.89 74.82
C ARG DB 531 -5.04 -37.31 74.34
N ARG DB 532 -5.06 -36.01 73.99
CA ARG DB 532 -6.23 -35.31 73.47
C ARG DB 532 -7.37 -35.22 74.50
N ARG DB 533 -7.02 -35.00 75.76
CA ARG DB 533 -7.97 -34.60 76.79
C ARG DB 533 -7.82 -33.11 77.05
N THR DB 534 -8.91 -32.46 77.44
CA THR DB 534 -8.81 -31.08 77.89
C THR DB 534 -8.12 -31.04 79.25
N CYS DB 535 -7.49 -29.90 79.54
CA CYS DB 535 -6.72 -29.75 80.77
C CYS DB 535 -7.47 -28.89 81.77
N PRO DB 536 -7.88 -29.42 82.91
CA PRO DB 536 -8.62 -28.60 83.90
C PRO DB 536 -7.77 -27.56 84.63
N TYR DB 537 -6.46 -27.51 84.43
CA TYR DB 537 -5.62 -26.56 85.15
C TYR DB 537 -5.30 -25.31 84.34
N VAL DB 538 -5.87 -25.13 83.15
CA VAL DB 538 -5.79 -23.86 82.45
C VAL DB 538 -6.82 -22.91 83.04
N TYR DB 539 -6.41 -21.70 83.40
CA TYR DB 539 -7.38 -20.71 83.85
C TYR DB 539 -7.28 -19.37 83.15
N LYS DB 540 -6.44 -19.25 82.12
CA LYS DB 540 -6.39 -18.04 81.31
C LYS DB 540 -5.82 -18.39 79.94
N ALA DB 541 -6.55 -18.06 78.89
CA ALA DB 541 -6.13 -18.33 77.53
C ALA DB 541 -6.68 -17.25 76.61
N LEU DB 542 -5.80 -16.60 75.85
CA LEU DB 542 -6.16 -15.55 74.91
C LEU DB 542 -5.50 -15.78 73.57
N GLY DB 543 -6.15 -15.33 72.50
CA GLY DB 543 -5.58 -15.37 71.18
C GLY DB 543 -5.76 -14.06 70.46
N ILE DB 544 -4.77 -13.71 69.64
CA ILE DB 544 -4.78 -12.52 68.81
C ILE DB 544 -4.34 -12.92 67.41
N VAL DB 545 -5.15 -12.57 66.41
CA VAL DB 545 -4.91 -12.93 65.02
C VAL DB 545 -4.79 -11.68 64.18
N ALA DB 546 -3.80 -11.64 63.29
CA ALA DB 546 -3.57 -10.52 62.38
C ALA DB 546 -3.64 -10.97 60.92
N PRO DB 547 -4.77 -10.78 60.24
CA PRO DB 547 -4.89 -11.23 58.84
C PRO DB 547 -4.05 -10.42 57.88
N ARG DB 548 -3.66 -11.06 56.77
CA ARG DB 548 -3.00 -10.39 55.65
C ARG DB 548 -3.11 -11.27 54.40
N VAL DB 549 -2.86 -10.65 53.25
CA VAL DB 549 -3.00 -11.33 51.95
C VAL DB 549 -1.78 -12.21 51.70
N LEU DB 550 -2.02 -13.45 51.27
CA LEU DB 550 -0.96 -14.39 50.91
C LEU DB 550 -0.74 -14.50 49.40
N SER DB 551 -1.80 -14.71 48.63
CA SER DB 551 -1.67 -14.82 47.18
C SER DB 551 -2.98 -14.45 46.52
N SER DB 552 -2.93 -14.35 45.19
CA SER DB 552 -4.08 -13.96 44.39
C SER DB 552 -4.96 -15.16 44.05
N ARG DB 553 -6.25 -14.88 43.85
CA ARG DB 553 -7.25 -15.84 43.40
C ARG DB 553 -7.51 -16.94 44.41
N ARG EB 48 -21.17 -29.26 -29.55
CA ARG EB 48 -20.99 -29.10 -31.00
C ARG EB 48 -21.04 -30.45 -31.73
N ASN EB 49 -21.95 -31.34 -31.31
CA ASN EB 49 -22.01 -32.67 -31.88
C ASN EB 49 -23.43 -33.15 -32.14
N SER EB 50 -24.40 -32.25 -32.27
CA SER EB 50 -25.79 -32.65 -32.45
C SER EB 50 -26.11 -32.88 -33.93
N ILE EB 51 -27.15 -33.68 -34.16
CA ILE EB 51 -27.62 -34.04 -35.49
C ILE EB 51 -29.13 -33.80 -35.54
N ARG EB 52 -29.59 -32.99 -36.50
CA ARG EB 52 -30.96 -32.48 -36.51
C ARG EB 52 -31.65 -32.76 -37.82
N TYR EB 53 -32.96 -33.02 -37.75
CA TYR EB 53 -33.80 -33.29 -38.90
C TYR EB 53 -34.82 -32.17 -39.03
N SER EB 54 -34.96 -31.62 -40.24
CA SER EB 54 -35.68 -30.36 -40.43
C SER EB 54 -37.16 -30.43 -40.10
N GLU EB 55 -37.75 -31.63 -40.01
CA GLU EB 55 -39.16 -31.74 -39.69
C GLU EB 55 -39.45 -31.83 -38.19
N LEU EB 56 -38.43 -31.76 -37.33
CA LEU EB 56 -38.61 -31.88 -35.90
C LEU EB 56 -38.11 -30.63 -35.19
N SER EB 57 -38.81 -30.23 -34.12
CA SER EB 57 -38.46 -29.05 -33.34
C SER EB 57 -39.03 -29.16 -31.93
N PRO EB 58 -38.35 -28.66 -30.91
CA PRO EB 58 -38.85 -28.78 -29.54
C PRO EB 58 -39.85 -27.67 -29.19
N LEU EB 59 -40.63 -27.92 -28.12
CA LEU EB 59 -41.77 -27.09 -27.74
C LEU EB 59 -41.50 -26.30 -26.47
N TYR EB 60 -42.03 -25.07 -26.41
CA TYR EB 60 -41.85 -24.18 -25.28
C TYR EB 60 -43.11 -23.37 -24.99
N ASP EB 61 -43.26 -23.02 -23.71
CA ASP EB 61 -44.12 -21.98 -23.12
C ASP EB 61 -45.62 -22.23 -23.05
N THR EB 62 -46.19 -23.07 -23.92
CA THR EB 62 -47.62 -23.32 -23.93
C THR EB 62 -47.94 -24.29 -25.07
N THR EB 63 -49.10 -24.94 -24.95
CA THR EB 63 -49.57 -25.93 -25.93
C THR EB 63 -51.05 -26.21 -25.63
N ARG EB 64 -51.61 -27.24 -26.27
CA ARG EB 64 -52.98 -27.67 -26.03
C ARG EB 64 -53.03 -29.16 -25.72
N LEU EB 65 -53.94 -29.55 -24.82
CA LEU EB 65 -54.28 -30.95 -24.56
C LEU EB 65 -55.78 -31.13 -24.78
N TYR EB 66 -56.16 -32.19 -25.50
CA TYR EB 66 -57.56 -32.41 -25.89
C TYR EB 66 -58.10 -33.66 -25.21
N LEU EB 67 -59.28 -33.54 -24.59
CA LEU EB 67 -59.96 -34.63 -23.89
C LEU EB 67 -61.27 -34.90 -24.61
N VAL EB 68 -61.29 -35.92 -25.45
CA VAL EB 68 -62.36 -36.14 -26.42
C VAL EB 68 -62.98 -37.51 -26.17
N ASP EB 69 -64.31 -37.58 -26.23
CA ASP EB 69 -65.06 -38.75 -25.79
C ASP EB 69 -65.41 -39.73 -26.89
N ASN EB 70 -65.02 -39.50 -28.15
CA ASN EB 70 -65.44 -40.36 -29.24
C ASN EB 70 -64.30 -40.67 -30.21
N LYS EB 71 -63.11 -40.95 -29.69
CA LYS EB 71 -62.03 -41.45 -30.53
C LYS EB 71 -62.30 -42.90 -30.92
N SER EB 72 -62.00 -43.25 -32.18
CA SER EB 72 -62.42 -44.53 -32.71
C SER EB 72 -61.77 -45.70 -31.98
N ALA EB 73 -60.46 -45.61 -31.71
CA ALA EB 73 -59.76 -46.72 -31.06
C ALA EB 73 -60.09 -46.81 -29.58
N ASP EB 74 -60.33 -45.69 -28.90
CA ASP EB 74 -60.65 -45.72 -27.49
C ASP EB 74 -62.03 -46.34 -27.24
N ILE EB 75 -62.94 -46.22 -28.20
CA ILE EB 75 -64.27 -46.80 -28.06
C ILE EB 75 -64.18 -48.32 -27.93
N ALA EB 76 -63.35 -48.95 -28.76
CA ALA EB 76 -63.32 -50.40 -28.82
C ALA EB 76 -62.61 -51.01 -27.62
N SER EB 77 -61.49 -50.43 -27.18
CA SER EB 77 -60.61 -51.09 -26.23
C SER EB 77 -60.63 -50.51 -24.82
N LEU EB 78 -61.31 -49.40 -24.58
CA LEU EB 78 -61.27 -48.81 -23.24
C LEU EB 78 -62.63 -48.71 -22.56
N ASN EB 79 -63.68 -48.39 -23.29
CA ASN EB 79 -64.91 -47.88 -22.69
C ASN EB 79 -66.10 -48.80 -22.92
N TYR EB 80 -65.89 -50.11 -22.83
CA TYR EB 80 -66.95 -51.05 -23.16
C TYR EB 80 -68.11 -50.98 -22.18
N GLN EB 81 -67.83 -50.74 -20.90
CA GLN EB 81 -68.85 -50.69 -19.86
C GLN EB 81 -69.15 -49.28 -19.35
N ASN EB 82 -68.71 -48.24 -20.06
CA ASN EB 82 -68.81 -46.85 -19.58
C ASN EB 82 -69.90 -46.10 -20.34
N ASP EB 83 -70.13 -44.85 -19.93
CA ASP EB 83 -71.00 -43.93 -20.65
C ASP EB 83 -70.36 -42.54 -20.66
N HIS EB 84 -71.03 -41.58 -21.30
CA HIS EB 84 -70.44 -40.26 -21.51
C HIS EB 84 -70.29 -39.45 -20.24
N SER EB 85 -70.88 -39.87 -19.13
CA SER EB 85 -70.69 -39.21 -17.86
C SER EB 85 -69.44 -39.68 -17.11
N ASN EB 86 -68.86 -40.83 -17.50
CA ASN EB 86 -67.70 -41.37 -16.78
C ASN EB 86 -66.95 -42.31 -17.74
N PHE EB 87 -65.85 -41.82 -18.33
CA PHE EB 87 -65.18 -42.56 -19.39
C PHE EB 87 -63.67 -42.32 -19.33
N LEU EB 88 -62.94 -43.07 -20.14
CA LEU EB 88 -61.50 -42.96 -20.29
C LEU EB 88 -61.14 -42.49 -21.70
N THR EB 89 -60.06 -41.72 -21.80
CA THR EB 89 -59.62 -41.23 -23.10
C THR EB 89 -58.09 -41.07 -23.09
N THR EB 90 -57.52 -41.02 -24.29
CA THR EB 90 -56.08 -40.87 -24.45
C THR EB 90 -55.74 -39.45 -24.88
N VAL EB 91 -54.78 -38.85 -24.19
CA VAL EB 91 -54.31 -37.52 -24.59
C VAL EB 91 -53.14 -37.58 -25.57
N VAL EB 92 -52.63 -38.76 -25.87
CA VAL EB 92 -51.61 -38.94 -26.90
C VAL EB 92 -52.31 -39.01 -28.26
N GLN EB 93 -51.96 -38.10 -29.17
CA GLN EB 93 -52.59 -37.98 -30.48
C GLN EB 93 -51.73 -38.54 -31.61
N ASN EB 94 -51.02 -39.65 -31.37
CA ASN EB 94 -50.06 -40.21 -32.32
C ASN EB 94 -50.51 -41.64 -32.64
N ASN EB 95 -50.94 -41.87 -33.88
CA ASN EB 95 -51.54 -43.14 -34.26
C ASN EB 95 -50.52 -44.24 -34.56
N ASP EB 96 -49.23 -44.01 -34.29
CA ASP EB 96 -48.26 -45.09 -34.32
C ASP EB 96 -48.43 -46.09 -33.17
N PHE EB 97 -49.29 -45.77 -32.20
CA PHE EB 97 -49.47 -46.59 -31.00
C PHE EB 97 -50.95 -46.82 -30.75
N THR EB 98 -51.26 -47.98 -30.17
CA THR EB 98 -52.60 -48.26 -29.68
C THR EB 98 -52.82 -47.58 -28.32
N PRO EB 99 -54.08 -47.40 -27.91
CA PRO EB 99 -54.33 -46.80 -26.60
C PRO EB 99 -53.72 -47.56 -25.45
N THR EB 100 -53.67 -48.89 -25.52
CA THR EB 100 -53.02 -49.68 -24.47
C THR EB 100 -51.54 -49.33 -24.38
N GLU EB 101 -50.85 -49.25 -25.51
CA GLU EB 101 -49.45 -48.84 -25.51
C GLU EB 101 -49.30 -47.40 -25.01
N ALA EB 102 -50.23 -46.52 -25.40
CA ALA EB 102 -50.14 -45.12 -25.00
C ALA EB 102 -50.28 -44.93 -23.50
N SER EB 103 -50.94 -45.88 -22.82
CA SER EB 103 -51.21 -45.71 -21.39
C SER EB 103 -49.93 -45.61 -20.56
N THR EB 104 -48.84 -46.21 -21.03
CA THR EB 104 -47.58 -46.17 -20.29
C THR EB 104 -46.71 -44.97 -20.64
N GLN EB 105 -47.05 -44.18 -21.66
CA GLN EB 105 -46.26 -43.02 -22.03
C GLN EB 105 -46.63 -41.81 -21.16
N THR EB 106 -45.77 -40.80 -21.17
CA THR EB 106 -45.99 -39.61 -20.35
C THR EB 106 -45.67 -38.34 -21.14
N ILE EB 107 -46.24 -37.24 -20.67
CA ILE EB 107 -45.92 -35.88 -21.10
C ILE EB 107 -45.35 -35.14 -19.90
N ASN EB 108 -44.20 -34.51 -20.06
CA ASN EB 108 -43.47 -33.95 -18.92
C ASN EB 108 -43.28 -32.44 -19.08
N PHE EB 109 -43.74 -31.69 -18.09
CA PHE EB 109 -43.55 -30.25 -18.01
C PHE EB 109 -42.39 -29.96 -17.08
N ASP EB 110 -41.53 -29.02 -17.47
CA ASP EB 110 -40.23 -28.84 -16.82
C ASP EB 110 -40.37 -28.69 -15.31
N GLU EB 111 -39.62 -29.53 -14.58
CA GLU EB 111 -39.77 -29.65 -13.14
C GLU EB 111 -39.20 -28.46 -12.38
N ARG EB 112 -38.49 -27.56 -13.04
CA ARG EB 112 -38.00 -26.35 -12.40
C ARG EB 112 -39.04 -25.24 -12.36
N SER EB 113 -40.26 -25.48 -12.83
CA SER EB 113 -41.36 -24.54 -12.73
C SER EB 113 -42.59 -25.24 -12.18
N ARG EB 114 -43.51 -24.46 -11.62
CA ARG EB 114 -44.85 -24.93 -11.29
C ARG EB 114 -45.81 -24.48 -12.38
N TRP EB 115 -46.65 -25.39 -12.85
CA TRP EB 115 -47.48 -25.17 -14.02
C TRP EB 115 -48.97 -25.12 -13.65
N GLY EB 116 -49.72 -24.34 -14.41
CA GLY EB 116 -51.16 -24.31 -14.28
C GLY EB 116 -51.82 -24.52 -15.63
N GLY EB 117 -53.10 -24.87 -15.59
CA GLY EB 117 -53.85 -25.13 -16.80
C GLY EB 117 -55.20 -24.46 -16.86
N GLN EB 118 -55.44 -23.68 -17.90
CA GLN EB 118 -56.74 -23.04 -18.12
C GLN EB 118 -57.69 -24.03 -18.79
N LEU EB 119 -58.87 -24.22 -18.20
CA LEU EB 119 -59.79 -25.28 -18.60
C LEU EB 119 -61.07 -24.70 -19.21
N LYS EB 120 -61.44 -25.19 -20.39
CA LYS EB 120 -62.71 -24.89 -21.04
C LYS EB 120 -63.44 -26.19 -21.35
N THR EB 121 -64.76 -26.20 -21.16
CA THR EB 121 -65.56 -27.40 -21.36
C THR EB 121 -66.75 -27.12 -22.27
N ILE EB 122 -67.22 -28.18 -22.92
CA ILE EB 122 -68.42 -28.17 -23.74
C ILE EB 122 -69.29 -29.36 -23.33
N MET EB 123 -70.56 -29.11 -23.05
CA MET EB 123 -71.46 -30.16 -22.57
C MET EB 123 -72.83 -30.02 -23.22
N HIS EB 124 -73.46 -31.16 -23.53
CA HIS EB 124 -74.81 -31.19 -24.06
C HIS EB 124 -75.61 -32.34 -23.46
N THR EB 125 -76.88 -32.09 -23.13
CA THR EB 125 -77.73 -33.06 -22.44
C THR EB 125 -79.02 -33.29 -23.21
N ASN EB 126 -79.73 -34.36 -22.85
CA ASN EB 126 -81.04 -34.67 -23.43
C ASN EB 126 -82.03 -35.16 -22.37
N MET EB 127 -82.11 -34.45 -21.24
CA MET EB 127 -82.95 -34.86 -20.10
C MET EB 127 -84.41 -34.46 -20.32
N PRO EB 128 -85.36 -35.38 -20.16
CA PRO EB 128 -86.78 -35.00 -20.10
C PRO EB 128 -87.21 -34.60 -18.69
N ASN EB 129 -88.25 -33.77 -18.62
CA ASN EB 129 -88.58 -33.15 -17.35
C ASN EB 129 -89.30 -34.08 -16.37
N VAL EB 130 -89.97 -35.13 -16.83
CA VAL EB 130 -90.64 -36.09 -15.96
C VAL EB 130 -89.92 -37.42 -16.13
N ASN EB 131 -89.17 -37.84 -15.10
CA ASN EB 131 -88.40 -39.07 -15.18
C ASN EB 131 -88.15 -39.60 -13.79
N GLU EB 132 -87.77 -40.88 -13.73
CA GLU EB 132 -87.59 -41.58 -12.45
C GLU EB 132 -86.29 -41.19 -11.74
N TYR EB 133 -85.23 -40.95 -12.50
CA TYR EB 133 -83.92 -40.74 -11.89
C TYR EB 133 -83.87 -39.49 -11.04
N MET EB 134 -84.65 -38.47 -11.39
CA MET EB 134 -84.64 -37.18 -10.71
C MET EB 134 -85.82 -37.00 -9.75
N PHE EB 135 -86.57 -38.07 -9.47
CA PHE EB 135 -87.67 -38.06 -8.50
C PHE EB 135 -88.80 -37.10 -8.89
N SER EB 136 -88.99 -36.87 -10.18
CA SER EB 136 -90.13 -36.09 -10.67
C SER EB 136 -91.22 -36.98 -11.24
N ASN EB 137 -91.27 -38.24 -10.79
CA ASN EB 137 -92.11 -39.27 -11.36
C ASN EB 137 -93.26 -39.69 -10.46
N LYS EB 138 -93.26 -39.29 -9.19
CA LYS EB 138 -94.13 -39.90 -8.20
C LYS EB 138 -94.48 -38.91 -7.10
N PHE EB 139 -95.59 -39.20 -6.42
CA PHE EB 139 -96.04 -38.47 -5.24
C PHE EB 139 -96.94 -39.39 -4.43
N LYS EB 140 -97.26 -38.98 -3.20
CA LYS EB 140 -98.11 -39.75 -2.30
C LYS EB 140 -99.35 -38.97 -1.92
N ALA EB 141 -100.46 -39.68 -1.71
CA ALA EB 141 -101.73 -39.06 -1.34
C ALA EB 141 -102.58 -40.03 -0.55
N ARG EB 142 -103.55 -39.49 0.18
CA ARG EB 142 -104.47 -40.28 1.00
C ARG EB 142 -105.89 -40.10 0.46
N VAL EB 143 -106.52 -41.21 0.05
CA VAL EB 143 -107.84 -41.19 -0.55
C VAL EB 143 -108.74 -42.19 0.18
N MET EB 144 -110.01 -42.21 -0.20
CA MET EB 144 -111.01 -43.05 0.45
C MET EB 144 -111.11 -44.39 -0.26
N VAL EB 145 -111.03 -45.47 0.52
CA VAL EB 145 -111.04 -46.82 -0.02
C VAL EB 145 -112.39 -47.51 0.15
N SER EB 146 -113.15 -47.19 1.20
CA SER EB 146 -114.42 -47.85 1.44
C SER EB 146 -115.39 -46.88 2.10
N ARG EB 147 -116.61 -46.84 1.57
CA ARG EB 147 -117.75 -46.29 2.30
C ARG EB 147 -118.39 -47.44 3.09
N LYS EB 148 -119.57 -47.22 3.64
CA LYS EB 148 -120.26 -48.27 4.39
C LYS EB 148 -120.72 -49.40 3.47
N ASP EB 171 -122.82 -44.13 8.21
CA ASP EB 171 -121.78 -44.58 7.29
C ASP EB 171 -120.39 -44.45 7.90
N ILE EB 172 -119.57 -45.49 7.73
CA ILE EB 172 -118.19 -45.50 8.20
C ILE EB 172 -117.28 -45.42 6.99
N LEU EB 173 -116.30 -44.51 7.04
CA LEU EB 173 -115.43 -44.22 5.91
C LEU EB 173 -114.00 -44.60 6.25
N LYS EB 174 -113.33 -45.26 5.31
CA LYS EB 174 -111.95 -45.71 5.50
C LYS EB 174 -111.04 -45.05 4.47
N TYR EB 175 -109.85 -44.66 4.91
CA TYR EB 175 -108.87 -43.99 4.07
C TYR EB 175 -107.53 -44.70 4.18
N GLU EB 176 -106.69 -44.50 3.15
CA GLU EB 176 -105.39 -45.15 3.12
C GLU EB 176 -104.44 -44.34 2.24
N TRP EB 177 -103.13 -44.49 2.52
CA TRP EB 177 -102.08 -43.84 1.74
C TRP EB 177 -101.63 -44.73 0.60
N PHE EB 178 -101.30 -44.11 -0.53
CA PHE EB 178 -100.76 -44.81 -1.70
C PHE EB 178 -99.66 -43.95 -2.32
N GLU EB 179 -98.86 -44.58 -3.17
CA GLU EB 179 -97.88 -43.88 -4.00
C GLU EB 179 -98.29 -44.01 -5.47
N PHE EB 180 -98.30 -42.88 -6.17
CA PHE EB 180 -98.78 -42.81 -7.54
C PHE EB 180 -97.63 -42.56 -8.49
N ILE EB 181 -97.67 -43.19 -9.67
CA ILE EB 181 -96.59 -43.15 -10.65
C ILE EB 181 -97.12 -42.62 -11.98
N LEU EB 182 -96.38 -41.68 -12.59
CA LEU EB 182 -96.62 -41.11 -13.91
C LEU EB 182 -95.71 -41.76 -14.94
N PRO EB 183 -96.11 -41.78 -16.20
CA PRO EB 183 -95.19 -42.25 -17.25
C PRO EB 183 -94.23 -41.15 -17.69
N GLU EB 184 -93.07 -41.56 -18.17
CA GLU EB 184 -91.96 -40.65 -18.43
C GLU EB 184 -92.09 -39.95 -19.79
N GLY EB 185 -91.55 -38.74 -19.85
CA GLY EB 185 -91.61 -37.94 -21.05
C GLY EB 185 -91.32 -36.49 -20.75
N ASN EB 186 -91.39 -35.67 -21.78
CA ASN EB 186 -91.12 -34.23 -21.70
C ASN EB 186 -92.43 -33.48 -21.95
N PHE EB 187 -93.05 -32.98 -20.88
CA PHE EB 187 -94.41 -32.45 -20.94
C PHE EB 187 -94.45 -31.00 -20.47
N SER EB 188 -95.46 -30.27 -20.94
CA SER EB 188 -95.73 -28.95 -20.40
C SER EB 188 -96.38 -29.06 -19.03
N ALA EB 189 -96.51 -27.91 -18.36
CA ALA EB 189 -97.05 -27.90 -17.01
C ALA EB 189 -98.52 -28.31 -16.97
N THR EB 190 -99.32 -27.83 -17.92
CA THR EB 190 -100.72 -28.22 -17.96
C THR EB 190 -100.88 -29.71 -18.23
N MET EB 191 -100.11 -30.25 -19.17
CA MET EB 191 -100.18 -31.67 -19.47
C MET EB 191 -99.74 -32.51 -18.28
N THR EB 192 -98.78 -32.03 -17.49
CA THR EB 192 -98.35 -32.75 -16.30
C THR EB 192 -99.48 -32.84 -15.26
N ILE EB 193 -100.22 -31.76 -15.09
CA ILE EB 193 -101.32 -31.74 -14.12
C ILE EB 193 -102.44 -32.69 -14.55
N ASP EB 194 -102.69 -32.83 -15.85
CA ASP EB 194 -103.66 -33.81 -16.32
C ASP EB 194 -103.24 -35.22 -15.95
N LEU EB 195 -101.94 -35.53 -16.06
CA LEU EB 195 -101.48 -36.88 -15.74
C LEU EB 195 -101.61 -37.19 -14.25
N MET EB 196 -101.42 -36.18 -13.39
CA MET EB 196 -101.58 -36.41 -11.95
C MET EB 196 -103.04 -36.68 -11.60
N ASN EB 197 -103.99 -35.96 -12.21
CA ASN EB 197 -105.40 -36.25 -11.99
C ASN EB 197 -105.74 -37.65 -12.50
N ASN EB 198 -105.21 -38.03 -13.66
CA ASN EB 198 -105.48 -39.35 -14.23
C ASN EB 198 -104.98 -40.46 -13.32
N ALA EB 199 -103.86 -40.25 -12.64
CA ALA EB 199 -103.35 -41.25 -11.71
C ALA EB 199 -104.29 -41.46 -10.52
N ILE EB 200 -104.87 -40.38 -10.01
CA ILE EB 200 -105.82 -40.49 -8.90
C ILE EB 200 -107.03 -41.30 -9.32
N ILE EB 201 -107.56 -41.02 -10.51
CA ILE EB 201 -108.79 -41.66 -10.97
C ILE EB 201 -108.58 -43.16 -11.22
N ASP EB 202 -107.41 -43.54 -11.75
CA ASP EB 202 -107.14 -44.96 -11.96
C ASP EB 202 -107.10 -45.75 -10.66
N ASN EB 203 -106.80 -45.10 -9.54
CA ASN EB 203 -106.92 -45.73 -8.24
C ASN EB 203 -108.38 -45.90 -7.82
N TYR EB 204 -109.24 -44.96 -8.21
CA TYR EB 204 -110.66 -45.06 -7.88
C TYR EB 204 -111.37 -46.10 -8.74
N LEU EB 205 -110.80 -46.49 -9.88
CA LEU EB 205 -111.41 -47.50 -10.72
C LEU EB 205 -110.95 -48.92 -10.37
N GLU EB 206 -109.79 -49.06 -9.74
CA GLU EB 206 -109.25 -50.36 -9.36
C GLU EB 206 -109.64 -50.76 -7.94
N ILE EB 207 -109.63 -49.81 -7.03
CA ILE EB 207 -110.13 -49.95 -5.66
C ILE EB 207 -111.25 -48.93 -5.58
N GLY EB 208 -111.89 -48.79 -4.44
CA GLY EB 208 -112.83 -47.68 -4.37
C GLY EB 208 -114.17 -48.04 -4.97
N ARG EB 209 -114.35 -47.66 -6.24
CA ARG EB 209 -115.61 -47.84 -6.96
C ARG EB 209 -116.29 -49.18 -6.67
N GLN EB 210 -115.51 -50.27 -6.64
CA GLN EB 210 -116.09 -51.58 -6.35
C GLN EB 210 -116.33 -51.79 -4.87
N ASN EB 211 -116.03 -50.83 -4.00
CA ASN EB 211 -116.28 -50.94 -2.57
C ASN EB 211 -117.21 -49.84 -2.06
N GLY EB 212 -118.02 -49.26 -2.94
CA GLY EB 212 -119.11 -48.41 -2.52
C GLY EB 212 -118.87 -46.91 -2.48
N VAL EB 213 -117.73 -46.43 -2.98
CA VAL EB 213 -117.49 -44.99 -3.03
C VAL EB 213 -118.09 -44.46 -4.33
N LEU EB 214 -118.66 -43.28 -4.25
CA LEU EB 214 -119.31 -42.66 -5.40
C LEU EB 214 -118.35 -41.69 -6.09
N GLU EB 215 -118.72 -41.31 -7.31
CA GLU EB 215 -117.94 -40.30 -8.01
C GLU EB 215 -118.39 -38.92 -7.55
N SER EB 216 -118.49 -38.74 -6.24
CA SER EB 216 -118.68 -37.44 -5.62
C SER EB 216 -117.92 -37.34 -4.32
N ASP EB 217 -117.10 -38.33 -3.98
CA ASP EB 217 -116.26 -38.33 -2.79
C ASP EB 217 -114.80 -38.64 -3.10
N ILE EB 218 -114.35 -38.31 -4.31
CA ILE EB 218 -112.98 -38.63 -4.73
C ILE EB 218 -111.98 -38.06 -3.74
N GLY EB 219 -111.96 -36.75 -3.59
CA GLY EB 219 -111.26 -36.14 -2.47
C GLY EB 219 -109.90 -35.52 -2.73
N VAL EB 220 -109.30 -35.72 -3.91
CA VAL EB 220 -108.05 -35.07 -4.27
C VAL EB 220 -108.13 -34.65 -5.73
N LYS EB 221 -107.95 -33.36 -5.99
CA LYS EB 221 -107.94 -32.84 -7.35
C LYS EB 221 -106.97 -31.67 -7.46
N PHE EB 222 -106.29 -31.58 -8.61
CA PHE EB 222 -105.38 -30.47 -8.91
C PHE EB 222 -106.04 -29.54 -9.92
N ASP EB 223 -106.17 -28.26 -9.56
CA ASP EB 223 -106.92 -27.31 -10.37
C ASP EB 223 -106.09 -26.06 -10.62
N THR EB 224 -106.69 -25.09 -11.34
CA THR EB 224 -106.04 -23.81 -11.61
C THR EB 224 -106.94 -22.61 -11.38
N ARG EB 225 -108.19 -22.79 -10.96
CA ARG EB 225 -109.16 -21.71 -10.95
C ARG EB 225 -109.16 -20.95 -9.64
N ASN EB 226 -109.69 -19.72 -9.69
CA ASN EB 226 -109.93 -18.91 -8.50
C ASN EB 226 -111.41 -19.04 -8.15
N PHE EB 227 -111.73 -19.99 -7.28
CA PHE EB 227 -113.09 -20.10 -6.80
C PHE EB 227 -113.42 -18.86 -5.97
N ARG EB 228 -114.71 -18.57 -5.85
CA ARG EB 228 -115.28 -17.39 -5.18
C ARG EB 228 -114.98 -16.08 -5.90
N LEU EB 229 -114.67 -16.12 -7.20
CA LEU EB 229 -114.47 -14.87 -7.94
C LEU EB 229 -115.75 -14.06 -8.02
N GLY EB 230 -116.85 -14.68 -8.47
CA GLY EB 230 -118.10 -13.95 -8.61
C GLY EB 230 -118.97 -13.93 -7.37
N TRP EB 231 -118.32 -13.98 -6.20
CA TRP EB 231 -119.01 -14.04 -4.92
C TRP EB 231 -119.73 -12.73 -4.62
N ASP EB 232 -120.88 -12.84 -3.94
CA ASP EB 232 -121.69 -11.68 -3.60
C ASP EB 232 -121.73 -11.50 -2.10
N PRO EB 233 -121.46 -10.29 -1.59
CA PRO EB 233 -121.34 -10.12 -0.14
C PRO EB 233 -122.65 -10.23 0.62
N GLU EB 234 -123.80 -10.14 -0.05
CA GLU EB 234 -125.08 -10.25 0.62
C GLU EB 234 -125.61 -11.68 0.62
N THR EB 235 -125.77 -12.26 -0.57
CA THR EB 235 -126.27 -13.62 -0.68
C THR EB 235 -125.21 -14.66 -0.34
N LYS EB 236 -123.93 -14.30 -0.39
CA LYS EB 236 -122.82 -15.20 -0.07
C LYS EB 236 -122.84 -16.46 -0.92
N LEU EB 237 -123.18 -16.31 -2.20
CA LEU EB 237 -123.14 -17.41 -3.15
C LEU EB 237 -122.58 -16.90 -4.48
N ILE EB 238 -122.14 -17.83 -5.31
CA ILE EB 238 -121.59 -17.49 -6.62
C ILE EB 238 -122.78 -17.21 -7.55
N MET EB 239 -123.08 -15.94 -7.75
CA MET EB 239 -124.30 -15.55 -8.47
C MET EB 239 -124.40 -16.11 -9.89
N PRO EB 240 -123.34 -16.13 -10.72
CA PRO EB 240 -123.52 -16.65 -12.09
C PRO EB 240 -123.96 -18.10 -12.16
N GLY EB 241 -123.77 -18.89 -11.11
CA GLY EB 241 -124.12 -20.29 -11.14
C GLY EB 241 -123.03 -21.20 -11.66
N VAL EB 242 -121.93 -20.64 -12.17
CA VAL EB 242 -120.74 -21.42 -12.57
C VAL EB 242 -119.51 -20.66 -12.11
N TYR EB 243 -118.51 -21.40 -11.65
CA TYR EB 243 -117.24 -20.80 -11.27
C TYR EB 243 -116.54 -20.23 -12.51
N THR EB 244 -115.82 -19.13 -12.32
CA THR EB 244 -115.12 -18.49 -13.43
C THR EB 244 -114.09 -19.43 -14.03
N TYR EB 245 -114.12 -19.58 -15.34
CA TYR EB 245 -113.31 -20.58 -16.04
C TYR EB 245 -112.01 -19.97 -16.57
N GLU EB 246 -111.22 -19.40 -15.67
CA GLU EB 246 -109.94 -18.77 -16.00
C GLU EB 246 -108.84 -19.32 -15.11
N ALA EB 247 -107.63 -19.41 -15.67
CA ALA EB 247 -106.48 -19.97 -14.95
C ALA EB 247 -105.75 -18.86 -14.20
N PHE EB 248 -105.45 -19.10 -12.93
CA PHE EB 248 -104.74 -18.15 -12.09
C PHE EB 248 -103.41 -18.68 -11.58
N HIS EB 249 -103.39 -19.86 -10.97
CA HIS EB 249 -102.23 -20.49 -10.36
C HIS EB 249 -102.61 -21.91 -9.98
N PRO EB 250 -101.71 -22.89 -10.12
CA PRO EB 250 -102.07 -24.26 -9.75
C PRO EB 250 -102.45 -24.39 -8.28
N ASP EB 251 -103.39 -25.29 -8.01
CA ASP EB 251 -104.08 -25.35 -6.73
C ASP EB 251 -104.38 -26.79 -6.37
N ILE EB 252 -104.60 -27.02 -5.07
CA ILE EB 252 -104.93 -28.33 -4.50
C ILE EB 252 -106.29 -28.24 -3.82
N VAL EB 253 -107.19 -29.16 -4.16
CA VAL EB 253 -108.54 -29.19 -3.60
C VAL EB 253 -108.74 -30.50 -2.85
N LEU EB 254 -109.23 -30.41 -1.60
CA LEU EB 254 -109.31 -31.55 -0.71
C LEU EB 254 -110.70 -31.67 -0.07
N LEU EB 255 -111.07 -32.92 0.25
CA LEU EB 255 -112.21 -33.34 1.05
C LEU EB 255 -111.74 -33.80 2.42
N PRO EB 256 -112.64 -33.85 3.41
CA PRO EB 256 -112.20 -34.24 4.76
C PRO EB 256 -111.60 -35.64 4.77
N GLY EB 257 -110.54 -35.81 5.56
CA GLY EB 257 -109.85 -37.08 5.67
C GLY EB 257 -108.75 -37.33 4.66
N CYS EB 258 -108.52 -36.43 3.71
CA CYS EB 258 -107.56 -36.64 2.64
C CYS EB 258 -106.34 -35.73 2.82
N GLY EB 259 -105.35 -35.91 1.95
CA GLY EB 259 -104.15 -35.09 1.98
C GLY EB 259 -103.15 -35.56 0.95
N VAL EB 260 -102.11 -34.75 0.75
CA VAL EB 260 -101.00 -35.06 -0.15
C VAL EB 260 -99.69 -34.86 0.60
N ASP EB 261 -98.66 -35.59 0.16
CA ASP EB 261 -97.35 -35.58 0.81
C ASP EB 261 -96.26 -35.51 -0.24
N PHE EB 262 -95.43 -34.46 -0.18
CA PHE EB 262 -94.39 -34.24 -1.18
C PHE EB 262 -92.99 -34.43 -0.62
N THR EB 263 -92.83 -35.27 0.41
CA THR EB 263 -91.53 -35.43 1.05
C THR EB 263 -90.51 -36.02 0.08
N GLU EB 264 -90.93 -36.95 -0.77
CA GLU EB 264 -90.01 -37.62 -1.68
C GLU EB 264 -90.37 -37.33 -3.13
N SER EB 265 -90.62 -36.06 -3.45
CA SER EB 265 -91.09 -35.68 -4.76
C SER EB 265 -90.64 -34.25 -5.08
N ARG EB 266 -90.41 -33.99 -6.35
CA ARG EB 266 -90.05 -32.65 -6.81
C ARG EB 266 -91.19 -31.97 -7.57
N LEU EB 267 -92.39 -32.55 -7.54
CA LEU EB 267 -93.51 -31.98 -8.25
C LEU EB 267 -94.13 -30.76 -7.56
N SER EB 268 -93.76 -30.49 -6.31
CA SER EB 268 -94.22 -29.27 -5.66
C SER EB 268 -93.60 -28.02 -6.28
N ASN EB 269 -92.39 -28.13 -6.87
CA ASN EB 269 -91.80 -27.00 -7.58
C ASN EB 269 -92.58 -26.66 -8.85
N LEU EB 270 -93.08 -27.68 -9.56
CA LEU EB 270 -93.89 -27.43 -10.74
C LEU EB 270 -95.23 -26.80 -10.39
N LEU EB 271 -95.76 -27.08 -9.18
CA LEU EB 271 -97.02 -26.48 -8.75
C LEU EB 271 -96.86 -25.07 -8.23
N GLY EB 272 -95.64 -24.63 -7.93
CA GLY EB 272 -95.46 -23.31 -7.36
C GLY EB 272 -95.87 -23.17 -5.91
N ILE EB 273 -95.73 -24.22 -5.12
CA ILE EB 273 -96.01 -24.20 -3.70
C ILE EB 273 -94.76 -24.67 -2.96
N ARG EB 274 -94.24 -23.83 -2.09
CA ARG EB 274 -92.99 -24.10 -1.38
C ARG EB 274 -93.11 -23.76 0.10
N LYS EB 275 -92.16 -24.25 0.88
CA LYS EB 275 -92.13 -24.02 2.32
C LYS EB 275 -91.26 -22.82 2.66
N ARG EB 276 -91.71 -22.03 3.65
CA ARG EB 276 -90.94 -20.89 4.11
C ARG EB 276 -89.70 -21.30 4.89
N HIS EB 277 -89.63 -22.54 5.37
CA HIS EB 277 -88.46 -23.10 6.03
C HIS EB 277 -88.03 -24.31 5.22
N PRO EB 278 -87.30 -24.10 4.12
CA PRO EB 278 -87.07 -25.19 3.16
C PRO EB 278 -86.08 -26.24 3.64
N PHE EB 279 -85.36 -26.00 4.72
CA PHE EB 279 -84.40 -26.98 5.22
C PHE EB 279 -84.98 -27.91 6.28
N GLN EB 280 -86.27 -27.78 6.63
CA GLN EB 280 -86.93 -28.68 7.57
C GLN EB 280 -87.56 -29.83 6.79
N GLU EB 281 -87.21 -31.06 7.16
CA GLU EB 281 -87.67 -32.22 6.40
C GLU EB 281 -89.17 -32.44 6.56
N GLY EB 282 -89.81 -32.90 5.49
CA GLY EB 282 -91.23 -33.22 5.52
C GLY EB 282 -92.12 -32.13 4.94
N PHE EB 283 -93.01 -32.52 4.03
CA PHE EB 283 -93.93 -31.58 3.37
C PHE EB 283 -95.26 -32.28 3.17
N LYS EB 284 -96.18 -32.08 4.11
CA LYS EB 284 -97.51 -32.67 4.05
C LYS EB 284 -98.57 -31.59 4.20
N ILE EB 285 -99.63 -31.69 3.40
CA ILE EB 285 -100.76 -30.76 3.45
C ILE EB 285 -102.04 -31.58 3.60
N MET EB 286 -102.72 -31.43 4.73
CA MET EB 286 -103.92 -32.19 5.04
C MET EB 286 -105.13 -31.26 5.07
N TYR EB 287 -106.32 -31.87 5.14
CA TYR EB 287 -107.56 -31.10 5.12
C TYR EB 287 -107.67 -30.17 6.31
N GLU EB 288 -107.09 -30.55 7.46
CA GLU EB 288 -107.15 -29.71 8.65
C GLU EB 288 -106.25 -28.48 8.56
N ASP EB 289 -105.29 -28.47 7.64
CA ASP EB 289 -104.40 -27.33 7.51
C ASP EB 289 -104.94 -26.23 6.60
N LEU EB 290 -106.05 -26.49 5.89
CA LEU EB 290 -106.61 -25.54 4.94
C LEU EB 290 -107.79 -24.77 5.51
N GLU EB 291 -107.75 -24.44 6.79
CA GLU EB 291 -108.87 -23.74 7.42
C GLU EB 291 -109.10 -22.38 6.77
N GLY EB 292 -110.38 -22.04 6.60
CA GLY EB 292 -110.77 -20.81 5.95
C GLY EB 292 -110.84 -20.87 4.43
N GLY EB 293 -110.57 -22.02 3.84
CA GLY EB 293 -110.52 -22.12 2.39
C GLY EB 293 -111.66 -22.88 1.77
N ASN EB 294 -112.80 -22.97 2.46
CA ASN EB 294 -113.95 -23.68 1.91
C ASN EB 294 -114.47 -22.99 0.65
N ILE EB 295 -114.82 -23.79 -0.35
CA ILE EB 295 -115.30 -23.28 -1.63
C ILE EB 295 -116.76 -22.92 -1.51
N PRO EB 296 -117.15 -21.67 -1.79
CA PRO EB 296 -118.56 -21.28 -1.66
C PRO EB 296 -119.45 -22.07 -2.62
N ALA EB 297 -120.65 -22.39 -2.15
CA ALA EB 297 -121.59 -23.18 -2.92
C ALA EB 297 -122.24 -22.36 -4.03
N LEU EB 298 -122.68 -23.07 -5.08
CA LEU EB 298 -123.46 -22.51 -6.18
C LEU EB 298 -122.98 -21.15 -6.65
N ILE EB 364 -133.32 -18.03 -4.10
CA ILE EB 364 -132.09 -17.82 -3.33
C ILE EB 364 -131.76 -19.06 -2.51
N GLN EB 365 -131.37 -20.14 -3.21
CA GLN EB 365 -130.96 -21.37 -2.54
C GLN EB 365 -129.79 -21.99 -3.31
N PRO EB 366 -128.85 -22.63 -2.61
CA PRO EB 366 -127.72 -23.26 -3.31
C PRO EB 366 -128.16 -24.48 -4.10
N LEU EB 367 -127.48 -24.70 -5.23
CA LEU EB 367 -127.66 -25.94 -5.97
C LEU EB 367 -127.04 -27.09 -5.19
N GLU EB 368 -127.77 -28.19 -5.04
CA GLU EB 368 -127.32 -29.30 -4.21
C GLU EB 368 -126.83 -30.51 -5.01
N LYS EB 369 -127.02 -30.52 -6.32
CA LYS EB 369 -126.63 -31.68 -7.12
C LYS EB 369 -126.34 -31.23 -8.55
N ASP EB 370 -125.65 -32.10 -9.29
CA ASP EB 370 -125.22 -31.80 -10.65
C ASP EB 370 -126.27 -32.29 -11.65
N SER EB 371 -125.96 -32.18 -12.94
CA SER EB 371 -126.91 -32.55 -13.98
C SER EB 371 -127.23 -34.04 -13.95
N LYS EB 372 -126.21 -34.88 -13.74
CA LYS EB 372 -126.39 -36.33 -13.71
C LYS EB 372 -126.56 -36.86 -12.29
N SER EB 373 -127.12 -36.06 -11.40
CA SER EB 373 -127.38 -36.45 -10.02
C SER EB 373 -126.09 -36.87 -9.30
N ARG EB 374 -125.19 -35.90 -9.17
CA ARG EB 374 -123.99 -36.05 -8.35
C ARG EB 374 -124.02 -35.00 -7.25
N SER EB 375 -123.77 -35.43 -6.02
CA SER EB 375 -123.80 -34.52 -4.89
C SER EB 375 -122.65 -33.52 -4.96
N TYR EB 376 -122.97 -32.25 -4.71
CA TYR EB 376 -121.96 -31.21 -4.55
C TYR EB 376 -121.42 -31.13 -3.13
N ASN EB 377 -121.91 -31.97 -2.21
CA ASN EB 377 -121.45 -32.01 -0.83
C ASN EB 377 -121.72 -30.69 -0.10
N VAL EB 378 -122.89 -30.10 -0.34
CA VAL EB 378 -123.26 -28.87 0.36
C VAL EB 378 -123.49 -29.19 1.84
N LEU EB 379 -123.15 -28.23 2.70
CA LEU EB 379 -123.20 -28.39 4.14
C LEU EB 379 -124.38 -27.61 4.73
N GLU EB 380 -124.45 -27.60 6.06
CA GLU EB 380 -125.43 -26.78 6.74
C GLU EB 380 -125.10 -25.31 6.55
N ASP EB 381 -126.11 -24.47 6.78
CA ASP EB 381 -126.08 -23.02 6.56
C ASP EB 381 -126.17 -22.69 5.07
N LYS EB 382 -126.07 -23.70 4.21
CA LYS EB 382 -126.42 -23.59 2.80
C LYS EB 382 -125.66 -22.46 2.10
N ILE EB 383 -124.40 -22.25 2.48
CA ILE EB 383 -123.54 -21.28 1.81
C ILE EB 383 -122.24 -21.90 1.34
N ASN EB 384 -121.59 -22.70 2.18
CA ASN EB 384 -120.28 -23.25 1.86
C ASN EB 384 -120.37 -24.75 1.61
N THR EB 385 -119.35 -25.26 0.94
CA THR EB 385 -119.22 -26.66 0.55
C THR EB 385 -118.05 -27.29 1.30
N ALA EB 386 -118.10 -28.62 1.42
CA ALA EB 386 -117.06 -29.34 2.15
C ALA EB 386 -115.68 -29.26 1.49
N TYR EB 387 -115.62 -28.94 0.20
CA TYR EB 387 -114.33 -28.84 -0.48
C TYR EB 387 -113.53 -27.66 0.05
N ARG EB 388 -112.23 -27.86 0.24
CA ARG EB 388 -111.29 -26.80 0.61
C ARG EB 388 -110.17 -26.74 -0.43
N SER EB 389 -109.59 -25.54 -0.60
CA SER EB 389 -108.52 -25.36 -1.57
C SER EB 389 -107.39 -24.53 -0.97
N TRP EB 390 -106.16 -24.86 -1.38
CA TRP EB 390 -104.99 -24.16 -0.88
C TRP EB 390 -104.98 -22.69 -1.26
N TYR EB 391 -105.40 -22.37 -2.50
CA TYR EB 391 -105.33 -20.99 -2.96
C TYR EB 391 -106.29 -20.10 -2.20
N LEU EB 392 -107.51 -20.58 -1.93
CA LEU EB 392 -108.47 -19.78 -1.18
C LEU EB 392 -107.99 -19.54 0.24
N SER EB 393 -107.40 -20.56 0.87
CA SER EB 393 -106.90 -20.39 2.22
C SER EB 393 -105.69 -19.46 2.27
N TYR EB 394 -104.82 -19.52 1.26
CA TYR EB 394 -103.65 -18.65 1.22
C TYR EB 394 -104.04 -17.18 1.06
N ASN EB 395 -105.04 -16.90 0.23
CA ASN EB 395 -105.36 -15.51 -0.10
C ASN EB 395 -106.47 -14.92 0.76
N TYR EB 396 -107.41 -15.72 1.25
CA TYR EB 396 -108.57 -15.20 1.98
C TYR EB 396 -108.65 -15.65 3.43
N GLY EB 397 -107.87 -16.65 3.84
CA GLY EB 397 -107.90 -17.14 5.20
C GLY EB 397 -107.18 -16.23 6.18
N ASN EB 398 -106.99 -16.75 7.38
CA ASN EB 398 -106.32 -15.99 8.44
C ASN EB 398 -104.84 -15.86 8.15
N PRO EB 399 -104.29 -14.64 8.06
CA PRO EB 399 -102.87 -14.50 7.71
C PRO EB 399 -101.91 -15.14 8.70
N GLU EB 400 -102.26 -15.22 9.98
CA GLU EB 400 -101.33 -15.66 11.01
C GLU EB 400 -101.63 -17.05 11.54
N LYS EB 401 -102.63 -17.73 11.01
CA LYS EB 401 -102.95 -19.09 11.44
C LYS EB 401 -103.19 -20.07 10.31
N GLY EB 402 -103.54 -19.62 9.11
CA GLY EB 402 -103.81 -20.51 8.00
C GLY EB 402 -102.54 -21.00 7.32
N ILE EB 403 -102.73 -21.55 6.12
CA ILE EB 403 -101.62 -22.12 5.37
C ILE EB 403 -100.60 -21.07 4.95
N ARG EB 404 -100.97 -19.79 4.95
CA ARG EB 404 -100.08 -18.72 4.55
C ARG EB 404 -98.94 -18.49 5.54
N SER EB 405 -99.05 -18.99 6.77
CA SER EB 405 -98.03 -18.73 7.76
C SER EB 405 -96.78 -19.59 7.57
N TRP EB 406 -96.88 -20.71 6.86
CA TRP EB 406 -95.71 -21.56 6.65
C TRP EB 406 -95.54 -22.06 5.21
N THR EB 407 -96.34 -21.58 4.26
CA THR EB 407 -96.10 -21.88 2.85
C THR EB 407 -95.99 -20.57 2.06
N LEU EB 408 -95.48 -20.69 0.84
CA LEU EB 408 -95.19 -19.54 0.00
C LEU EB 408 -95.64 -19.83 -1.43
N LEU EB 409 -96.21 -18.82 -2.08
CA LEU EB 409 -96.68 -18.94 -3.46
C LEU EB 409 -95.62 -18.42 -4.41
N THR EB 410 -95.26 -19.23 -5.40
CA THR EB 410 -94.19 -18.90 -6.35
C THR EB 410 -94.64 -19.22 -7.77
N THR EB 411 -93.88 -18.72 -8.75
CA THR EB 411 -94.15 -19.03 -10.15
C THR EB 411 -93.84 -20.50 -10.44
N SER EB 412 -94.65 -21.10 -11.31
CA SER EB 412 -94.45 -22.50 -11.68
C SER EB 412 -93.14 -22.69 -12.42
N ASP EB 413 -92.40 -23.74 -12.05
CA ASP EB 413 -91.11 -24.06 -12.66
C ASP EB 413 -91.20 -25.42 -13.34
N VAL EB 414 -91.28 -25.41 -14.67
CA VAL EB 414 -91.54 -26.63 -15.43
C VAL EB 414 -90.37 -27.61 -15.37
N THR EB 415 -89.14 -27.12 -15.22
CA THR EB 415 -88.01 -28.04 -15.13
C THR EB 415 -87.97 -28.80 -13.81
N CYS EB 416 -88.82 -28.43 -12.84
CA CYS EB 416 -88.90 -29.00 -11.51
C CYS EB 416 -87.69 -28.66 -10.64
N GLY EB 417 -86.90 -27.67 -11.04
CA GLY EB 417 -85.81 -27.20 -10.22
C GLY EB 417 -84.49 -27.84 -10.59
N VAL EB 418 -83.64 -27.12 -11.27
CA VAL EB 418 -82.35 -27.65 -11.69
C VAL EB 418 -81.31 -27.34 -10.62
N GLU EB 419 -80.36 -28.23 -10.45
CA GLU EB 419 -79.26 -28.04 -9.52
C GLU EB 419 -77.94 -28.06 -10.29
N GLN EB 420 -76.83 -28.07 -9.57
CA GLN EB 420 -75.51 -27.92 -10.14
C GLN EB 420 -74.92 -29.27 -10.55
N VAL EB 421 -73.84 -29.21 -11.34
CA VAL EB 421 -73.05 -30.36 -11.73
C VAL EB 421 -71.57 -30.07 -11.44
N TYR EB 422 -70.80 -31.13 -11.21
CA TYR EB 422 -69.40 -31.04 -10.86
C TYR EB 422 -68.52 -31.82 -11.85
N TRP EB 423 -67.38 -31.24 -12.20
CA TRP EB 423 -66.38 -31.86 -13.06
C TRP EB 423 -65.21 -32.40 -12.24
N SER EB 424 -64.68 -33.56 -12.65
CA SER EB 424 -63.48 -34.15 -12.04
C SER EB 424 -62.49 -34.60 -13.10
N LEU EB 425 -61.21 -34.29 -12.89
CA LEU EB 425 -60.11 -34.77 -13.73
C LEU EB 425 -58.97 -35.26 -12.85
N PRO EB 426 -59.15 -36.42 -12.21
CA PRO EB 426 -58.21 -36.80 -11.13
C PRO EB 426 -56.78 -37.11 -11.61
N ASP EB 427 -56.56 -37.46 -12.87
CA ASP EB 427 -55.21 -37.75 -13.35
C ASP EB 427 -54.50 -36.56 -13.96
N MET EB 428 -55.12 -35.39 -14.00
CA MET EB 428 -54.51 -34.23 -14.63
C MET EB 428 -54.28 -33.08 -13.66
N MET EB 429 -55.27 -32.71 -12.85
CA MET EB 429 -55.17 -31.59 -11.94
C MET EB 429 -54.80 -32.04 -10.53
N GLN EB 430 -54.16 -31.15 -9.79
CA GLN EB 430 -53.96 -31.37 -8.37
C GLN EB 430 -55.27 -31.21 -7.59
N ASP EB 431 -55.38 -31.91 -6.48
CA ASP EB 431 -56.60 -31.84 -5.67
C ASP EB 431 -56.71 -30.46 -5.02
N PRO EB 432 -57.85 -29.79 -5.12
CA PRO EB 432 -58.05 -28.53 -4.39
C PRO EB 432 -58.08 -28.73 -2.87
N VAL EB 433 -57.91 -27.62 -2.16
CA VAL EB 433 -57.64 -27.66 -0.73
C VAL EB 433 -58.78 -28.33 0.05
N THR EB 434 -58.40 -29.20 0.99
CA THR EB 434 -59.19 -30.02 1.91
C THR EB 434 -59.79 -31.29 1.27
N PHE EB 435 -59.68 -31.49 -0.04
CA PHE EB 435 -60.13 -32.75 -0.65
C PHE EB 435 -59.10 -33.85 -0.44
N ARG EB 436 -59.57 -35.07 -0.15
CA ARG EB 436 -58.70 -36.23 -0.01
C ARG EB 436 -58.52 -36.94 -1.35
N SER EB 437 -57.32 -37.48 -1.56
CA SER EB 437 -57.06 -38.33 -2.72
C SER EB 437 -57.69 -39.71 -2.54
N THR EB 438 -58.36 -40.19 -3.58
CA THR EB 438 -59.11 -41.44 -3.48
C THR EB 438 -59.35 -42.01 -4.87
N ARG EB 439 -59.82 -43.26 -4.89
CA ARG EB 439 -60.24 -43.91 -6.12
C ARG EB 439 -61.72 -44.29 -6.11
N GLN EB 440 -62.51 -43.74 -5.18
CA GLN EB 440 -63.95 -43.96 -5.17
C GLN EB 440 -64.64 -42.89 -6.00
N VAL EB 441 -65.50 -43.31 -6.93
CA VAL EB 441 -66.06 -42.40 -7.92
C VAL EB 441 -66.93 -41.34 -7.25
N SER EB 442 -67.74 -41.73 -6.29
CA SER EB 442 -68.58 -40.74 -5.61
C SER EB 442 -67.80 -39.81 -4.68
N ASN EB 443 -66.47 -39.83 -4.65
CA ASN EB 443 -65.74 -38.91 -3.78
C ASN EB 443 -64.52 -38.30 -4.48
N TYR EB 444 -64.52 -38.23 -5.81
CA TYR EB 444 -63.44 -37.57 -6.54
C TYR EB 444 -63.37 -36.09 -6.17
N PRO EB 445 -62.16 -35.52 -6.12
CA PRO EB 445 -62.06 -34.06 -5.94
C PRO EB 445 -62.67 -33.29 -7.11
N VAL EB 446 -63.23 -32.12 -6.80
CA VAL EB 446 -64.03 -31.35 -7.73
C VAL EB 446 -63.20 -30.21 -8.31
N VAL EB 447 -63.18 -30.09 -9.63
CA VAL EB 447 -62.36 -29.10 -10.32
C VAL EB 447 -63.17 -27.97 -10.93
N GLY EB 448 -64.49 -28.09 -11.02
CA GLY EB 448 -65.33 -27.00 -11.51
C GLY EB 448 -66.79 -27.30 -11.29
N ALA EB 449 -67.61 -26.26 -11.38
CA ALA EB 449 -69.05 -26.37 -11.14
C ALA EB 449 -69.82 -25.43 -12.04
N GLU EB 450 -71.06 -25.81 -12.37
CA GLU EB 450 -71.96 -25.01 -13.19
C GLU EB 450 -73.36 -25.60 -13.05
N LEU EB 451 -74.34 -24.95 -13.66
CA LEU EB 451 -75.71 -25.46 -13.65
C LEU EB 451 -75.89 -26.55 -14.69
N MET EB 452 -76.67 -27.57 -14.34
CA MET EB 452 -77.13 -28.53 -15.32
C MET EB 452 -77.92 -27.79 -16.40
N PRO EB 453 -77.56 -27.92 -17.68
CA PRO EB 453 -78.02 -26.95 -18.70
C PRO EB 453 -79.41 -27.23 -19.26
N VAL EB 454 -80.42 -27.03 -18.42
CA VAL EB 454 -81.83 -27.22 -18.80
C VAL EB 454 -82.58 -25.97 -18.37
N PHE EB 455 -83.37 -25.41 -19.28
CA PHE EB 455 -84.01 -24.11 -19.07
C PHE EB 455 -85.47 -24.13 -19.49
N SER EB 456 -86.22 -23.19 -18.94
CA SER EB 456 -87.63 -23.01 -19.25
C SER EB 456 -87.80 -21.96 -20.35
N LYS EB 457 -88.79 -22.18 -21.22
CA LYS EB 457 -89.13 -21.24 -22.28
C LYS EB 457 -90.64 -20.99 -22.30
N SER EB 458 -91.04 -19.76 -22.55
CA SER EB 458 -92.43 -19.33 -22.49
C SER EB 458 -93.04 -19.14 -23.88
N PHE EB 459 -94.32 -19.46 -23.99
CA PHE EB 459 -95.10 -19.23 -25.20
C PHE EB 459 -96.45 -18.64 -24.83
N TYR EB 460 -97.08 -17.99 -25.80
CA TYR EB 460 -98.38 -17.36 -25.60
C TYR EB 460 -99.45 -18.12 -26.38
N ASN EB 461 -100.53 -18.48 -25.70
CA ASN EB 461 -101.63 -19.22 -26.34
C ASN EB 461 -103.00 -18.68 -25.93
N HIS EB 478 -112.78 -38.43 -24.35
CA HIS EB 478 -111.87 -37.61 -23.58
C HIS EB 478 -111.52 -38.25 -22.25
N VAL EB 479 -110.35 -38.89 -22.20
CA VAL EB 479 -109.88 -39.51 -20.96
C VAL EB 479 -109.52 -38.46 -19.92
N PHE EB 480 -109.22 -37.23 -20.34
CA PHE EB 480 -108.86 -36.16 -19.42
C PHE EB 480 -110.06 -35.32 -18.99
N ASN EB 481 -111.28 -35.72 -19.36
CA ASN EB 481 -112.49 -35.05 -18.89
C ASN EB 481 -113.57 -36.12 -18.76
N ARG EB 482 -113.66 -36.71 -17.57
CA ARG EB 482 -114.59 -37.80 -17.28
C ARG EB 482 -115.86 -37.34 -16.58
N PHE EB 483 -115.90 -36.11 -16.09
CA PHE EB 483 -117.07 -35.54 -15.43
C PHE EB 483 -117.34 -34.17 -16.03
N PRO EB 484 -117.76 -34.13 -17.30
CA PRO EB 484 -117.97 -32.83 -17.96
C PRO EB 484 -119.00 -31.96 -17.26
N GLU EB 485 -120.02 -32.56 -16.65
CA GLU EB 485 -121.09 -31.77 -16.06
C GLU EB 485 -120.70 -31.15 -14.73
N ASN EB 486 -119.87 -31.83 -13.94
CA ASN EB 486 -119.61 -31.42 -12.56
C ASN EB 486 -118.71 -30.19 -12.52
N GLN EB 487 -119.19 -29.12 -11.87
CA GLN EB 487 -118.43 -27.88 -11.83
C GLN EB 487 -117.16 -27.99 -11.02
N ILE EB 488 -117.06 -28.94 -10.11
CA ILE EB 488 -115.85 -29.13 -9.32
C ILE EB 488 -114.86 -30.04 -10.02
N LEU EB 489 -115.35 -31.07 -10.71
CA LEU EB 489 -114.52 -32.07 -11.34
C LEU EB 489 -114.30 -31.81 -12.83
N ILE EB 490 -114.69 -30.64 -13.33
CA ILE EB 490 -114.43 -30.32 -14.72
C ILE EB 490 -112.92 -30.19 -14.96
N ARG EB 491 -112.51 -30.41 -16.20
CA ARG EB 491 -111.10 -30.29 -16.58
C ARG EB 491 -110.62 -28.85 -16.42
N PRO EB 492 -109.49 -28.62 -15.77
CA PRO EB 492 -109.09 -27.24 -15.47
C PRO EB 492 -108.82 -26.47 -16.75
N PRO EB 493 -109.10 -25.17 -16.75
CA PRO EB 493 -108.72 -24.34 -17.89
C PRO EB 493 -107.21 -24.21 -18.03
N ALA EB 494 -106.76 -24.04 -19.27
CA ALA EB 494 -105.33 -23.94 -19.58
C ALA EB 494 -104.86 -22.48 -19.44
N PRO EB 495 -103.66 -22.26 -18.93
CA PRO EB 495 -103.16 -20.90 -18.81
C PRO EB 495 -102.89 -20.27 -20.17
N THR EB 496 -102.98 -18.94 -20.20
CA THR EB 496 -102.60 -18.21 -21.41
C THR EB 496 -101.08 -18.15 -21.60
N ILE EB 497 -100.29 -18.55 -20.61
CA ILE EB 497 -98.83 -18.66 -20.72
C ILE EB 497 -98.44 -20.11 -20.49
N THR EB 498 -97.80 -20.72 -21.48
CA THR EB 498 -97.33 -22.09 -21.41
C THR EB 498 -95.81 -22.14 -21.37
N THR EB 499 -95.26 -23.00 -20.50
CA THR EB 499 -93.81 -23.15 -20.37
C THR EB 499 -93.40 -24.59 -20.62
N VAL EB 500 -92.28 -24.76 -21.33
CA VAL EB 500 -91.70 -26.06 -21.63
C VAL EB 500 -90.20 -25.99 -21.37
N SER EB 501 -89.59 -27.15 -21.09
CA SER EB 501 -88.17 -27.22 -20.75
C SER EB 501 -87.33 -27.62 -21.95
N GLU EB 502 -86.14 -27.04 -22.05
CA GLU EB 502 -85.25 -27.21 -23.19
C GLU EB 502 -83.82 -27.52 -22.73
N ASN EB 503 -83.09 -28.25 -23.58
CA ASN EB 503 -81.67 -28.52 -23.38
C ASN EB 503 -80.85 -27.60 -24.29
N VAL EB 504 -79.93 -26.84 -23.72
CA VAL EB 504 -79.14 -25.86 -24.44
C VAL EB 504 -77.66 -26.17 -24.21
N PRO EB 505 -76.84 -26.31 -25.26
CA PRO EB 505 -75.42 -26.62 -25.06
C PRO EB 505 -74.71 -25.53 -24.26
N ALA EB 506 -73.83 -25.95 -23.36
CA ALA EB 506 -73.18 -25.07 -22.40
C ALA EB 506 -71.69 -25.00 -22.68
N LEU EB 507 -71.18 -23.78 -22.80
CA LEU EB 507 -69.78 -23.50 -23.08
C LEU EB 507 -69.23 -22.68 -21.92
N THR EB 508 -68.27 -23.24 -21.19
CA THR EB 508 -67.87 -22.69 -19.89
C THR EB 508 -66.36 -22.54 -19.78
N ASP EB 509 -65.93 -21.40 -19.23
CA ASP EB 509 -64.54 -21.16 -18.88
C ASP EB 509 -64.39 -21.27 -17.37
N HIS EB 510 -63.58 -22.23 -16.92
CA HIS EB 510 -63.42 -22.52 -15.50
C HIS EB 510 -62.18 -21.87 -14.88
N GLY EB 511 -61.42 -21.09 -15.63
CA GLY EB 511 -60.21 -20.47 -15.10
C GLY EB 511 -59.02 -21.42 -15.07
N THR EB 512 -57.98 -20.99 -14.34
CA THR EB 512 -56.70 -21.69 -14.28
C THR EB 512 -56.57 -22.48 -12.98
N LEU EB 513 -56.14 -23.74 -13.09
CA LEU EB 513 -55.92 -24.63 -11.96
C LEU EB 513 -54.52 -25.24 -12.00
N PRO EB 514 -53.93 -25.52 -10.83
CA PRO EB 514 -52.58 -26.13 -10.82
C PRO EB 514 -52.57 -27.52 -11.43
N LEU EB 515 -51.51 -27.79 -12.18
CA LEU EB 515 -51.37 -28.96 -13.04
C LEU EB 515 -50.27 -29.87 -12.50
N ARG EB 516 -50.46 -31.18 -12.65
CA ARG EB 516 -49.41 -32.13 -12.27
C ARG EB 516 -48.25 -32.07 -13.25
N SER EB 517 -47.03 -32.29 -12.73
CA SER EB 517 -45.83 -32.18 -13.55
C SER EB 517 -45.67 -33.33 -14.55
N SER EB 518 -46.22 -34.49 -14.25
CA SER EB 518 -46.15 -35.63 -15.15
C SER EB 518 -47.55 -36.13 -15.44
N ILE EB 519 -47.91 -36.23 -16.72
CA ILE EB 519 -49.25 -36.55 -17.16
C ILE EB 519 -49.20 -37.88 -17.91
N ARG EB 520 -49.99 -38.85 -17.46
CA ARG EB 520 -50.06 -40.14 -18.13
C ARG EB 520 -50.90 -40.06 -19.39
N GLY EB 521 -50.70 -41.03 -20.28
CA GLY EB 521 -51.33 -41.02 -21.59
C GLY EB 521 -52.82 -41.32 -21.58
N VAL EB 522 -53.33 -41.98 -20.55
CA VAL EB 522 -54.75 -42.30 -20.42
C VAL EB 522 -55.32 -41.52 -19.25
N GLN EB 523 -56.45 -40.84 -19.47
CA GLN EB 523 -57.04 -39.92 -18.50
C GLN EB 523 -58.50 -40.26 -18.26
N ARG EB 524 -58.95 -40.02 -17.03
CA ARG EB 524 -60.34 -40.24 -16.63
C ARG EB 524 -61.10 -38.92 -16.58
N VAL EB 525 -62.34 -38.93 -17.09
CA VAL EB 525 -63.22 -37.76 -17.12
C VAL EB 525 -64.54 -38.15 -16.45
N THR EB 526 -65.01 -37.34 -15.49
CA THR EB 526 -66.21 -37.65 -14.73
C THR EB 526 -67.08 -36.41 -14.53
N VAL EB 527 -68.40 -36.60 -14.62
CA VAL EB 527 -69.40 -35.57 -14.37
C VAL EB 527 -70.43 -36.15 -13.39
N THR EB 528 -70.64 -35.47 -12.26
CA THR EB 528 -71.59 -35.94 -11.23
C THR EB 528 -72.50 -34.80 -10.77
N ASP EB 529 -73.64 -35.18 -10.18
CA ASP EB 529 -74.64 -34.24 -9.71
C ASP EB 529 -74.41 -33.87 -8.24
N ALA EB 530 -75.39 -33.20 -7.63
CA ALA EB 530 -75.22 -32.69 -6.27
C ALA EB 530 -75.11 -33.79 -5.24
N ARG EB 531 -75.75 -34.93 -5.47
CA ARG EB 531 -75.63 -36.09 -4.59
C ARG EB 531 -74.47 -37.00 -4.97
N ARG EB 532 -73.63 -36.56 -5.93
CA ARG EB 532 -72.45 -37.29 -6.38
C ARG EB 532 -72.80 -38.60 -7.08
N ARG EB 533 -73.87 -38.61 -7.86
CA ARG EB 533 -74.18 -39.67 -8.80
C ARG EB 533 -73.82 -39.20 -10.21
N THR EB 534 -73.43 -40.15 -11.06
CA THR EB 534 -73.25 -39.82 -12.47
C THR EB 534 -74.62 -39.57 -13.11
N CYS EB 535 -74.62 -38.78 -14.17
CA CYS EB 535 -75.87 -38.40 -14.85
C CYS EB 535 -76.00 -39.15 -16.16
N PRO EB 536 -77.01 -40.03 -16.30
CA PRO EB 536 -77.19 -40.76 -17.57
C PRO EB 536 -77.67 -39.93 -18.74
N TYR EB 537 -78.00 -38.65 -18.56
CA TYR EB 537 -78.50 -37.84 -19.66
C TYR EB 537 -77.45 -36.95 -20.31
N VAL EB 538 -76.18 -37.08 -19.93
CA VAL EB 538 -75.10 -36.46 -20.68
C VAL EB 538 -74.77 -37.32 -21.88
N TYR EB 539 -74.72 -36.72 -23.06
CA TYR EB 539 -74.29 -37.48 -24.23
C TYR EB 539 -73.18 -36.80 -25.04
N LYS EB 540 -72.62 -35.70 -24.56
CA LYS EB 540 -71.47 -35.08 -25.20
C LYS EB 540 -70.73 -34.25 -24.16
N ALA EB 541 -69.44 -34.52 -24.01
CA ALA EB 541 -68.60 -33.80 -23.04
C ALA EB 541 -67.18 -33.73 -23.59
N LEU EB 542 -66.63 -32.52 -23.69
CA LEU EB 542 -65.28 -32.28 -24.17
C LEU EB 542 -64.54 -31.34 -23.24
N GLY EB 543 -63.23 -31.50 -23.16
CA GLY EB 543 -62.39 -30.59 -22.42
C GLY EB 543 -61.17 -30.18 -23.22
N ILE EB 544 -60.75 -28.94 -23.01
CA ILE EB 544 -59.56 -28.37 -23.63
C ILE EB 544 -58.75 -27.66 -22.56
N VAL EB 545 -57.47 -28.00 -22.44
CA VAL EB 545 -56.59 -27.47 -21.42
C VAL EB 545 -55.42 -26.76 -22.08
N ALA EB 546 -55.06 -25.58 -21.57
CA ALA EB 546 -53.93 -24.80 -22.07
C ALA EB 546 -52.91 -24.55 -20.98
N PRO EB 547 -51.83 -25.33 -20.91
CA PRO EB 547 -50.83 -25.14 -19.83
C PRO EB 547 -50.02 -23.86 -19.98
N ARG EB 548 -49.55 -23.35 -18.84
CA ARG EB 548 -48.62 -22.23 -18.80
C ARG EB 548 -47.93 -22.19 -17.43
N VAL EB 549 -46.82 -21.46 -17.37
CA VAL EB 549 -46.00 -21.37 -16.17
C VAL EB 549 -46.64 -20.42 -15.17
N LEU EB 550 -46.72 -20.85 -13.90
CA LEU EB 550 -47.24 -20.03 -12.82
C LEU EB 550 -46.14 -19.41 -11.95
N SER EB 551 -45.18 -20.21 -11.49
CA SER EB 551 -44.11 -19.68 -10.66
C SER EB 551 -42.89 -20.58 -10.78
N SER EB 552 -41.78 -20.12 -10.21
CA SER EB 552 -40.51 -20.81 -10.26
C SER EB 552 -40.40 -21.84 -9.14
N ARG EB 553 -39.62 -22.89 -9.40
CA ARG EB 553 -39.26 -23.93 -8.44
C ARG EB 553 -40.45 -24.77 -8.01
N ARG FB 48 -35.85 -6.86 -29.76
CA ARG FB 48 -36.22 -8.20 -30.20
C ARG FB 48 -37.72 -8.33 -30.45
N ASN FB 49 -38.33 -7.29 -31.04
CA ASN FB 49 -39.78 -7.30 -31.23
C ASN FB 49 -40.20 -6.76 -32.59
N SER FB 50 -39.32 -6.79 -33.59
CA SER FB 50 -39.64 -6.23 -34.89
C SER FB 50 -40.34 -7.24 -35.79
N ILE FB 51 -41.08 -6.74 -36.76
CA ILE FB 51 -41.84 -7.56 -37.73
C ILE FB 51 -41.50 -7.05 -39.12
N ARG FB 52 -41.04 -7.95 -39.99
CA ARG FB 52 -40.46 -7.57 -41.27
C ARG FB 52 -41.12 -8.30 -42.43
N TYR FB 53 -41.22 -7.61 -43.56
CA TYR FB 53 -41.81 -8.14 -44.79
C TYR FB 53 -40.72 -8.22 -45.85
N SER FB 54 -40.62 -9.38 -46.52
CA SER FB 54 -39.43 -9.68 -47.33
C SER FB 54 -39.28 -8.77 -48.55
N GLU FB 55 -40.31 -8.04 -48.95
CA GLU FB 55 -40.18 -7.14 -50.10
C GLU FB 55 -39.72 -5.74 -49.73
N LEU FB 56 -39.44 -5.46 -48.46
CA LEU FB 56 -39.04 -4.12 -48.02
C LEU FB 56 -37.68 -4.17 -47.36
N SER FB 57 -36.88 -3.12 -47.58
CA SER FB 57 -35.53 -3.02 -47.02
C SER FB 57 -35.11 -1.56 -46.97
N PRO FB 58 -34.33 -1.16 -45.96
CA PRO FB 58 -33.93 0.25 -45.84
C PRO FB 58 -32.69 0.58 -46.68
N LEU FB 59 -32.50 1.87 -46.93
CA LEU FB 59 -31.49 2.37 -47.86
C LEU FB 59 -30.33 3.07 -47.15
N TYR FB 60 -29.13 2.90 -47.70
CA TYR FB 60 -27.91 3.47 -47.13
C TYR FB 60 -26.95 3.95 -48.22
N ASP FB 61 -26.17 4.97 -47.85
CA ASP FB 61 -24.93 5.46 -48.46
C ASP FB 61 -25.01 6.21 -49.78
N THR FB 62 -26.04 6.01 -50.59
CA THR FB 62 -26.17 6.68 -51.89
C THR FB 62 -27.43 6.19 -52.57
N THR FB 63 -27.92 6.98 -53.53
CA THR FB 63 -29.13 6.70 -54.28
C THR FB 63 -29.17 7.65 -55.49
N ARG FB 64 -30.31 7.71 -56.18
CA ARG FB 64 -30.51 8.63 -57.29
C ARG FB 64 -31.79 9.43 -57.10
N LEU FB 65 -31.77 10.69 -57.53
CA LEU FB 65 -32.96 11.54 -57.64
C LEU FB 65 -33.09 12.02 -59.08
N TYR FB 66 -34.29 11.95 -59.65
CA TYR FB 66 -34.52 12.28 -61.05
C TYR FB 66 -35.40 13.50 -61.18
N LEU FB 67 -34.98 14.46 -62.00
CA LEU FB 67 -35.70 15.71 -62.24
C LEU FB 67 -36.09 15.74 -63.72
N VAL FB 68 -37.34 15.39 -64.01
CA VAL FB 68 -37.79 15.10 -65.36
C VAL FB 68 -38.94 16.04 -65.72
N ASP FB 69 -38.91 16.56 -66.94
CA ASP FB 69 -39.79 17.65 -67.36
C ASP FB 69 -41.06 17.20 -68.07
N ASN FB 70 -41.30 15.90 -68.25
CA ASN FB 70 -42.46 15.45 -69.02
C ASN FB 70 -43.17 14.27 -68.36
N LYS FB 71 -43.35 14.33 -67.05
CA LYS FB 71 -44.20 13.34 -66.38
C LYS FB 71 -45.67 13.63 -66.69
N SER FB 72 -46.45 12.57 -66.89
CA SER FB 72 -47.81 12.73 -67.41
C SER FB 72 -48.69 13.50 -66.44
N ALA FB 73 -48.63 13.16 -65.14
CA ALA FB 73 -49.49 13.80 -64.16
C ALA FB 73 -49.05 15.22 -63.83
N ASP FB 74 -47.74 15.49 -63.86
CA ASP FB 74 -47.25 16.83 -63.57
C ASP FB 74 -47.63 17.82 -64.66
N ILE FB 75 -47.78 17.33 -65.90
CA ILE FB 75 -48.17 18.22 -67.01
C ILE FB 75 -49.55 18.81 -66.76
N ALA FB 76 -50.48 17.98 -66.31
CA ALA FB 76 -51.87 18.43 -66.20
C ALA FB 76 -52.09 19.36 -65.01
N SER FB 77 -51.47 19.08 -63.86
CA SER FB 77 -51.84 19.75 -62.62
C SER FB 77 -50.81 20.74 -62.10
N LEU FB 78 -49.63 20.83 -62.70
CA LEU FB 78 -48.62 21.73 -62.15
C LEU FB 78 -48.19 22.83 -63.10
N ASN FB 79 -48.04 22.54 -64.39
CA ASN FB 79 -47.26 23.37 -65.29
C ASN FB 79 -48.10 23.98 -66.40
N TYR FB 80 -49.31 24.43 -66.08
CA TYR FB 80 -50.22 24.91 -67.12
C TYR FB 80 -49.71 26.20 -67.77
N GLN FB 81 -49.07 27.07 -66.99
CA GLN FB 81 -48.58 28.35 -67.51
C GLN FB 81 -47.06 28.41 -67.66
N ASN FB 82 -46.37 27.28 -67.63
CA ASN FB 82 -44.91 27.24 -67.63
C ASN FB 82 -44.37 26.78 -68.98
N ASP FB 83 -43.04 26.79 -69.11
CA ASP FB 83 -42.37 26.21 -70.27
C ASP FB 83 -41.12 25.47 -69.79
N HIS FB 84 -40.38 24.87 -70.73
CA HIS FB 84 -39.28 23.98 -70.37
C HIS FB 84 -38.09 24.71 -69.77
N SER FB 85 -38.05 26.04 -69.82
CA SER FB 85 -37.01 26.80 -69.17
C SER FB 85 -37.29 27.08 -67.70
N ASN FB 86 -38.54 26.92 -67.25
CA ASN FB 86 -38.90 27.23 -65.86
C ASN FB 86 -40.18 26.45 -65.51
N PHE FB 87 -40.01 25.32 -64.79
CA PHE FB 87 -41.13 24.41 -64.56
C PHE FB 87 -41.01 23.77 -63.18
N LEU FB 88 -42.06 23.04 -62.80
CA LEU FB 88 -42.12 22.28 -61.56
C LEU FB 88 -42.19 20.79 -61.85
N THR FB 89 -41.60 19.99 -60.97
CA THR FB 89 -41.63 18.54 -61.13
C THR FB 89 -41.60 17.88 -59.77
N THR FB 90 -42.01 16.61 -59.74
CA THR FB 90 -42.05 15.82 -58.51
C THR FB 90 -40.90 14.83 -58.48
N VAL FB 91 -40.17 14.80 -57.37
CA VAL FB 91 -39.11 13.82 -57.19
C VAL FB 91 -39.60 12.53 -56.54
N VAL FB 92 -40.86 12.47 -56.12
CA VAL FB 92 -41.46 11.24 -55.60
C VAL FB 92 -41.94 10.41 -56.79
N GLN FB 93 -41.43 9.18 -56.90
CA GLN FB 93 -41.72 8.31 -58.04
C GLN FB 93 -42.70 7.20 -57.68
N ASN FB 94 -43.71 7.48 -56.87
CA ASN FB 94 -44.65 6.49 -56.34
C ASN FB 94 -46.06 6.90 -56.78
N ASN FB 95 -46.67 6.11 -57.66
CA ASN FB 95 -47.94 6.48 -58.27
C ASN FB 95 -49.16 6.19 -57.39
N ASP FB 96 -48.95 5.82 -56.12
CA ASP FB 96 -50.06 5.76 -55.17
C ASP FB 96 -50.57 7.15 -54.79
N PHE FB 97 -49.87 8.21 -55.18
CA PHE FB 97 -50.20 9.57 -54.80
C PHE FB 97 -50.22 10.48 -56.02
N THR FB 98 -51.06 11.50 -55.98
CA THR FB 98 -51.05 12.55 -56.98
C THR FB 98 -49.93 13.55 -56.67
N PRO FB 99 -49.52 14.36 -57.65
CA PRO FB 99 -48.48 15.36 -57.38
C PRO FB 99 -48.84 16.34 -56.29
N THR FB 100 -50.11 16.72 -56.18
CA THR FB 100 -50.54 17.61 -55.11
C THR FB 100 -50.32 16.97 -53.74
N GLU FB 101 -50.68 15.70 -53.59
CA GLU FB 101 -50.41 14.98 -52.35
C GLU FB 101 -48.91 14.84 -52.11
N ALA FB 102 -48.15 14.59 -53.17
CA ALA FB 102 -46.70 14.39 -53.03
C ALA FB 102 -46.00 15.66 -52.56
N SER FB 103 -46.59 16.84 -52.80
CA SER FB 103 -45.91 18.09 -52.47
C SER FB 103 -45.65 18.22 -50.98
N THR FB 104 -46.46 17.59 -50.14
CA THR FB 104 -46.27 17.67 -48.70
C THR FB 104 -45.34 16.60 -48.13
N GLN FB 105 -44.93 15.63 -48.92
CA GLN FB 105 -44.03 14.57 -48.43
C GLN FB 105 -42.58 15.04 -48.50
N THR FB 106 -41.70 14.34 -47.80
CA THR FB 106 -40.30 14.70 -47.74
C THR FB 106 -39.41 13.46 -47.87
N ILE FB 107 -38.16 13.71 -48.28
CA ILE FB 107 -37.08 12.73 -48.26
C ILE FB 107 -36.01 13.26 -47.30
N ASN FB 108 -35.56 12.43 -46.36
CA ASN FB 108 -34.72 12.89 -45.27
C ASN FB 108 -33.38 12.15 -45.28
N PHE FB 109 -32.30 12.92 -45.33
CA PHE FB 109 -30.93 12.41 -45.24
C PHE FB 109 -30.43 12.62 -43.82
N ASP FB 110 -29.76 11.60 -43.27
CA ASP FB 110 -29.49 11.55 -41.83
C ASP FB 110 -28.82 12.83 -41.34
N GLU FB 111 -29.41 13.44 -40.31
CA GLU FB 111 -29.00 14.76 -39.84
C GLU FB 111 -27.67 14.74 -39.10
N ARG FB 112 -27.12 13.58 -38.79
CA ARG FB 112 -25.81 13.50 -38.16
C ARG FB 112 -24.66 13.58 -39.17
N SER FB 113 -24.96 13.77 -40.45
CA SER FB 113 -23.95 13.96 -41.49
C SER FB 113 -24.32 15.19 -42.32
N ARG FB 114 -23.31 15.76 -42.98
CA ARG FB 114 -23.53 16.76 -44.03
C ARG FB 114 -23.41 16.06 -45.38
N TRP FB 115 -24.36 16.34 -46.27
CA TRP FB 115 -24.48 15.62 -47.53
C TRP FB 115 -24.19 16.52 -48.72
N GLY FB 116 -23.65 15.91 -49.78
CA GLY FB 116 -23.47 16.60 -51.05
C GLY FB 116 -24.07 15.81 -52.18
N GLY FB 117 -24.28 16.50 -53.30
CA GLY FB 117 -24.88 15.87 -54.46
C GLY FB 117 -24.15 16.15 -55.77
N GLN FB 118 -23.77 15.10 -56.47
CA GLN FB 118 -23.15 15.23 -57.77
C GLN FB 118 -24.22 15.40 -58.84
N LEU FB 119 -24.10 16.44 -59.66
CA LEU FB 119 -25.15 16.84 -60.59
C LEU FB 119 -24.71 16.66 -62.05
N LYS FB 120 -25.56 15.99 -62.83
CA LYS FB 120 -25.39 15.85 -64.27
C LYS FB 120 -26.65 16.35 -64.97
N THR FB 121 -26.47 17.05 -66.09
CA THR FB 121 -27.61 17.63 -66.81
C THR FB 121 -27.56 17.26 -68.29
N ILE FB 122 -28.73 17.27 -68.91
CA ILE FB 122 -28.90 17.07 -70.34
C ILE FB 122 -29.81 18.18 -70.87
N MET FB 123 -29.37 18.86 -71.93
CA MET FB 123 -30.10 20.00 -72.47
C MET FB 123 -30.10 19.97 -73.99
N HIS FB 124 -31.22 20.35 -74.61
CA HIS FB 124 -31.31 20.47 -76.06
C HIS FB 124 -32.12 21.71 -76.44
N THR FB 125 -31.67 22.41 -77.48
CA THR FB 125 -32.26 23.69 -77.89
C THR FB 125 -32.63 23.65 -79.37
N ASN FB 126 -33.45 24.62 -79.80
CA ASN FB 126 -33.84 24.77 -81.20
C ASN FB 126 -33.84 26.25 -81.63
N MET FB 127 -32.79 26.99 -81.27
CA MET FB 127 -32.70 28.43 -81.54
C MET FB 127 -32.29 28.70 -82.99
N PRO FB 128 -33.01 29.56 -83.72
CA PRO FB 128 -32.52 30.05 -85.01
C PRO FB 128 -31.62 31.27 -84.84
N ASN FB 129 -30.73 31.47 -85.82
CA ASN FB 129 -29.68 32.47 -85.64
C ASN FB 129 -30.16 33.91 -85.82
N VAL FB 130 -31.23 34.16 -86.56
CA VAL FB 130 -31.78 35.51 -86.73
C VAL FB 130 -33.15 35.54 -86.05
N ASN FB 131 -33.24 36.23 -84.92
CA ASN FB 131 -34.48 36.28 -84.15
C ASN FB 131 -34.52 37.54 -83.31
N GLU FB 132 -35.73 37.87 -82.85
CA GLU FB 132 -35.95 39.12 -82.12
C GLU FB 132 -35.44 39.06 -80.68
N TYR FB 133 -35.58 37.89 -80.03
CA TYR FB 133 -35.28 37.80 -78.60
C TYR FB 133 -33.81 38.06 -78.31
N MET FB 134 -32.92 37.72 -79.24
CA MET FB 134 -31.48 37.85 -79.04
C MET FB 134 -30.89 39.08 -79.72
N PHE FB 135 -31.72 39.99 -80.21
CA PHE FB 135 -31.29 41.26 -80.81
C PHE FB 135 -30.43 41.06 -82.06
N SER FB 136 -30.65 39.97 -82.79
CA SER FB 136 -30.00 39.76 -84.08
C SER FB 136 -30.94 40.04 -85.24
N ASN FB 137 -31.95 40.87 -85.01
CA ASN FB 137 -33.04 41.10 -85.94
C ASN FB 137 -33.02 42.48 -86.57
N LYS FB 138 -32.21 43.40 -86.08
CA LYS FB 138 -32.37 44.81 -86.42
C LYS FB 138 -31.04 45.54 -86.36
N PHE FB 139 -30.98 46.67 -87.06
CA PHE FB 139 -29.85 47.59 -87.03
C PHE FB 139 -30.37 48.97 -87.46
N LYS FB 140 -29.53 49.99 -87.26
CA LYS FB 140 -29.86 51.37 -87.61
C LYS FB 140 -28.89 51.92 -88.64
N ALA FB 141 -29.40 52.80 -89.51
CA ALA FB 141 -28.58 53.41 -90.54
C ALA FB 141 -29.15 54.78 -90.92
N ARG FB 142 -28.32 55.59 -91.55
CA ARG FB 142 -28.69 56.94 -92.00
C ARG FB 142 -28.59 57.01 -93.51
N VAL FB 143 -29.71 57.31 -94.16
CA VAL FB 143 -29.80 57.33 -95.62
C VAL FB 143 -30.40 58.66 -96.05
N MET FB 144 -30.45 58.88 -97.37
CA MET FB 144 -30.92 60.13 -97.95
C MET FB 144 -32.42 60.04 -98.24
N VAL FB 145 -33.16 61.03 -97.77
CA VAL FB 145 -34.61 61.05 -97.90
C VAL FB 145 -35.08 61.98 -99.00
N SER FB 146 -34.36 63.07 -99.28
CA SER FB 146 -34.78 64.03 -100.29
C SER FB 146 -33.58 64.65 -100.98
N ARG FB 147 -33.61 64.70 -102.30
CA ARG FB 147 -32.76 65.58 -103.07
C ARG FB 147 -33.51 66.91 -103.24
N LYS FB 148 -33.01 67.78 -104.11
CA LYS FB 148 -33.68 69.06 -104.33
C LYS FB 148 -35.01 68.87 -105.06
N ASP FB 171 -28.28 71.90 -105.39
CA ASP FB 171 -29.10 70.85 -104.79
C ASP FB 171 -28.88 70.75 -103.29
N ILE FB 172 -29.98 70.62 -102.55
CA ILE FB 172 -29.94 70.46 -101.09
C ILE FB 172 -30.37 69.04 -100.77
N LEU FB 173 -29.58 68.37 -99.93
CA LEU FB 173 -29.77 66.95 -99.62
C LEU FB 173 -30.13 66.79 -98.15
N LYS FB 174 -31.12 65.95 -97.89
CA LYS FB 174 -31.60 65.70 -96.53
C LYS FB 174 -31.41 64.23 -96.17
N TYR FB 175 -30.99 63.97 -94.94
CA TYR FB 175 -30.72 62.62 -94.45
C TYR FB 175 -31.46 62.41 -93.14
N GLU FB 176 -31.71 61.14 -92.81
CA GLU FB 176 -32.44 60.80 -91.59
C GLU FB 176 -32.06 59.39 -91.15
N TRP FB 177 -32.21 59.13 -89.85
CA TRP FB 177 -31.96 57.83 -89.25
C TRP FB 177 -33.23 56.99 -89.25
N PHE FB 178 -33.06 55.69 -89.45
CA PHE FB 178 -34.15 54.72 -89.39
C PHE FB 178 -33.66 53.44 -88.73
N GLU FB 179 -34.62 52.62 -88.30
CA GLU FB 179 -34.34 51.28 -87.81
C GLU FB 179 -34.92 50.25 -88.77
N PHE FB 180 -34.11 49.27 -89.15
CA PHE FB 180 -34.47 48.28 -90.17
C PHE FB 180 -34.67 46.92 -89.52
N ILE FB 181 -35.66 46.17 -90.01
CA ILE FB 181 -36.05 44.89 -89.43
C ILE FB 181 -35.98 43.80 -90.50
N LEU FB 182 -35.36 42.66 -90.15
CA LEU FB 182 -35.26 41.44 -90.95
C LEU FB 182 -36.31 40.42 -90.50
N PRO FB 183 -36.74 39.53 -91.38
CA PRO FB 183 -37.60 38.43 -90.95
C PRO FB 183 -36.80 37.30 -90.33
N GLU FB 184 -37.47 36.54 -89.45
CA GLU FB 184 -36.78 35.56 -88.62
C GLU FB 184 -36.60 34.22 -89.34
N GLY FB 185 -35.54 33.52 -88.97
CA GLY FB 185 -35.19 32.26 -89.58
C GLY FB 185 -33.76 31.90 -89.29
N ASN FB 186 -33.34 30.76 -89.85
CA ASN FB 186 -31.99 30.23 -89.67
C ASN FB 186 -31.27 30.28 -91.01
N PHE FB 187 -30.38 31.26 -91.17
CA PHE FB 187 -29.79 31.58 -92.46
C PHE FB 187 -28.27 31.51 -92.41
N SER FB 188 -27.67 31.26 -93.58
CA SER FB 188 -26.23 31.36 -93.70
C SER FB 188 -25.79 32.83 -93.71
N ALA FB 189 -24.49 33.04 -93.63
CA ALA FB 189 -23.96 34.41 -93.56
C ALA FB 189 -24.21 35.18 -94.86
N THR FB 190 -24.02 34.55 -96.01
CA THR FB 190 -24.29 35.22 -97.28
C THR FB 190 -25.76 35.58 -97.43
N MET FB 191 -26.65 34.65 -97.07
CA MET FB 191 -28.07 34.93 -97.16
C MET FB 191 -28.49 36.04 -96.20
N THR FB 192 -27.84 36.15 -95.04
CA THR FB 192 -28.14 37.23 -94.11
C THR FB 192 -27.78 38.59 -94.70
N ILE FB 193 -26.63 38.67 -95.38
CA ILE FB 193 -26.20 39.93 -95.98
C ILE FB 193 -27.14 40.35 -97.11
N ASP FB 194 -27.70 39.40 -97.85
CA ASP FB 194 -28.70 39.75 -98.86
C ASP FB 194 -29.92 40.38 -98.22
N LEU FB 195 -30.36 39.87 -97.08
CA LEU FB 195 -31.54 40.42 -96.42
C LEU FB 195 -31.31 41.83 -95.90
N MET FB 196 -30.09 42.13 -95.45
CA MET FB 196 -29.79 43.49 -94.99
C MET FB 196 -29.80 44.49 -96.14
N ASN FB 197 -29.26 44.10 -97.31
CA ASN FB 197 -29.35 44.96 -98.49
C ASN FB 197 -30.80 45.17 -98.90
N ASN FB 198 -31.59 44.10 -98.86
CA ASN FB 198 -33.00 44.20 -99.25
C ASN FB 198 -33.77 45.14 -98.35
N ALA FB 199 -33.42 45.19 -97.05
CA ALA FB 199 -34.09 46.12 -96.14
C ALA FB 199 -33.79 47.56 -96.50
N ILE FB 200 -32.55 47.86 -96.89
CA ILE FB 200 -32.20 49.22 -97.28
C ILE FB 200 -33.00 49.65 -98.49
N ILE FB 201 -33.11 48.77 -99.49
CA ILE FB 201 -33.76 49.11 -100.75
C ILE FB 201 -35.26 49.33 -100.55
N ASP FB 202 -35.90 48.54 -99.68
CA ASP FB 202 -37.32 48.73 -99.41
C ASP FB 202 -37.62 50.09 -98.79
N ASN FB 203 -36.64 50.70 -98.10
CA ASN FB 203 -36.78 52.07 -97.63
C ASN FB 203 -36.66 53.07 -98.76
N TYR FB 204 -35.85 52.77 -99.78
CA TYR FB 204 -35.71 53.66 -100.92
C TYR FB 204 -36.92 53.59 -101.85
N LEU FB 205 -37.72 52.52 -101.76
CA LEU FB 205 -38.92 52.43 -102.60
C LEU FB 205 -40.15 53.03 -101.94
N GLU FB 206 -40.17 53.12 -100.61
CA GLU FB 206 -41.29 53.68 -99.87
C GLU FB 206 -41.15 55.18 -99.62
N ILE FB 207 -39.94 55.61 -99.29
CA ILE FB 207 -39.56 57.01 -99.18
C ILE FB 207 -38.49 57.19 -100.23
N GLY FB 208 -37.90 58.36 -100.35
CA GLY FB 208 -36.78 58.43 -101.25
C GLY FB 208 -37.20 58.58 -102.69
N ARG FB 209 -37.28 57.47 -103.41
CA ARG FB 209 -37.59 57.44 -104.84
C ARG FB 209 -38.68 58.43 -105.24
N GLN FB 210 -39.75 58.51 -104.45
CA GLN FB 210 -40.83 59.45 -104.75
C GLN FB 210 -40.50 60.87 -104.35
N ASN FB 211 -39.33 61.14 -103.79
CA ASN FB 211 -38.91 62.49 -103.41
C ASN FB 211 -37.63 62.91 -104.13
N GLY FB 212 -37.32 62.32 -105.26
CA GLY FB 212 -36.28 62.83 -106.14
C GLY FB 212 -34.90 62.22 -106.00
N VAL FB 213 -34.71 61.17 -105.22
CA VAL FB 213 -33.41 60.54 -105.13
C VAL FB 213 -33.31 59.50 -106.25
N LEU FB 214 -32.12 59.39 -106.82
CA LEU FB 214 -31.89 58.48 -107.92
C LEU FB 214 -31.31 57.16 -107.42
N GLU FB 215 -31.35 56.15 -108.28
CA GLU FB 215 -30.71 54.88 -107.93
C GLU FB 215 -29.22 54.97 -108.24
N SER FB 216 -28.59 56.07 -107.81
CA SER FB 216 -27.14 56.20 -107.82
C SER FB 216 -26.67 56.96 -106.59
N ASP FB 217 -27.55 57.25 -105.65
CA ASP FB 217 -27.20 57.91 -104.40
C ASP FB 217 -27.72 57.16 -103.18
N ILE FB 218 -27.87 55.83 -103.29
CA ILE FB 218 -28.43 55.03 -102.19
C ILE FB 218 -27.63 55.26 -100.92
N GLY FB 219 -26.35 54.92 -100.92
CA GLY FB 219 -25.45 55.37 -99.88
C GLY FB 219 -25.07 54.37 -98.80
N VAL FB 220 -25.72 53.20 -98.73
CA VAL FB 220 -25.35 52.16 -97.78
C VAL FB 220 -25.44 50.81 -98.48
N LYS FB 221 -24.34 50.07 -98.53
CA LYS FB 221 -24.34 48.74 -99.12
C LYS FB 221 -23.36 47.84 -98.36
N PHE FB 222 -23.73 46.56 -98.22
CA PHE FB 222 -22.87 45.55 -97.61
C PHE FB 222 -22.30 44.65 -98.69
N ASP FB 223 -20.97 44.55 -98.76
CA ASP FB 223 -20.29 43.85 -99.84
C ASP FB 223 -19.28 42.86 -99.27
N THR FB 224 -18.58 42.16 -100.19
CA THR FB 224 -17.53 41.22 -99.82
C THR FB 224 -16.24 41.37 -100.62
N ARG FB 225 -16.16 42.30 -101.56
CA ARG FB 225 -15.08 42.34 -102.52
C ARG FB 225 -13.91 43.18 -102.03
N ASN FB 226 -12.74 42.92 -102.62
CA ASN FB 226 -11.55 43.74 -102.41
C ASN FB 226 -11.43 44.68 -103.59
N PHE FB 227 -11.98 45.88 -103.44
CA PHE FB 227 -11.80 46.88 -104.48
C PHE FB 227 -10.33 47.28 -104.53
N ARG FB 228 -9.91 47.82 -105.68
CA ARG FB 228 -8.54 48.20 -106.00
C ARG FB 228 -7.59 47.02 -106.12
N LEU FB 229 -8.10 45.80 -106.37
CA LEU FB 229 -7.21 44.66 -106.58
C LEU FB 229 -6.37 44.84 -107.84
N GLY FB 230 -7.00 45.14 -108.98
CA GLY FB 230 -6.28 45.27 -110.23
C GLY FB 230 -5.75 46.66 -110.50
N TRP FB 231 -5.45 47.40 -109.43
CA TRP FB 231 -5.01 48.79 -109.53
C TRP FB 231 -3.62 48.87 -110.14
N ASP FB 232 -3.39 49.96 -110.90
CA ASP FB 232 -2.13 50.18 -111.58
C ASP FB 232 -1.43 51.40 -111.00
N PRO FB 233 -0.15 51.30 -110.65
CA PRO FB 233 0.51 52.41 -109.95
C PRO FB 233 0.77 53.63 -110.82
N GLU FB 234 0.72 53.49 -112.15
CA GLU FB 234 0.97 54.64 -113.03
C GLU FB 234 -0.34 55.34 -113.40
N THR FB 235 -1.28 54.61 -114.01
CA THR FB 235 -2.55 55.20 -114.40
C THR FB 235 -3.50 55.41 -113.22
N LYS FB 236 -3.28 54.72 -112.10
CA LYS FB 236 -4.09 54.85 -110.90
C LYS FB 236 -5.57 54.57 -111.17
N LEU FB 237 -5.84 53.57 -112.02
CA LEU FB 237 -7.20 53.15 -112.30
C LEU FB 237 -7.23 51.63 -112.38
N ILE FB 238 -8.42 51.06 -112.25
CA ILE FB 238 -8.61 49.61 -112.32
C ILE FB 238 -8.56 49.23 -113.80
N MET FB 239 -7.41 48.73 -114.25
CA MET FB 239 -7.21 48.49 -115.68
C MET FB 239 -8.21 47.53 -116.32
N PRO FB 240 -8.60 46.41 -115.70
CA PRO FB 240 -9.54 45.51 -116.38
C PRO FB 240 -10.89 46.13 -116.71
N GLY FB 241 -11.27 47.22 -116.05
CA GLY FB 241 -12.57 47.82 -116.27
C GLY FB 241 -13.69 47.25 -115.43
N VAL FB 242 -13.45 46.18 -114.69
CA VAL FB 242 -14.40 45.63 -113.73
C VAL FB 242 -13.64 45.24 -112.47
N TYR FB 243 -14.25 45.48 -111.31
CA TYR FB 243 -13.66 45.06 -110.05
C TYR FB 243 -13.63 43.54 -109.97
N THR FB 244 -12.58 43.01 -109.32
CA THR FB 244 -12.43 41.57 -109.19
C THR FB 244 -13.60 40.97 -108.42
N TYR FB 245 -14.19 39.92 -108.98
CA TYR FB 245 -15.43 39.36 -108.46
C TYR FB 245 -15.16 38.15 -107.55
N GLU FB 246 -14.38 38.40 -106.49
CA GLU FB 246 -14.02 37.37 -105.52
C GLU FB 246 -14.30 37.86 -104.11
N ALA FB 247 -14.68 36.94 -103.24
CA ALA FB 247 -15.05 37.26 -101.86
C ALA FB 247 -13.82 37.19 -100.96
N PHE FB 248 -13.63 38.23 -100.15
CA PHE FB 248 -12.50 38.32 -99.23
C PHE FB 248 -12.94 38.38 -97.77
N HIS FB 249 -13.83 39.30 -97.42
CA HIS FB 249 -14.30 39.55 -96.07
C HIS FB 249 -15.48 40.53 -96.16
N PRO FB 250 -16.51 40.38 -95.33
CA PRO FB 250 -17.63 41.32 -95.39
C PRO FB 250 -17.21 42.76 -95.12
N ASP FB 251 -17.88 43.68 -95.80
CA ASP FB 251 -17.44 45.06 -95.89
C ASP FB 251 -18.64 46.00 -95.91
N ILE FB 252 -18.38 47.26 -95.57
CA ILE FB 252 -19.39 48.33 -95.54
C ILE FB 252 -18.96 49.43 -96.49
N VAL FB 253 -19.85 49.83 -97.40
CA VAL FB 253 -19.58 50.88 -98.38
C VAL FB 253 -20.52 52.04 -98.15
N LEU FB 254 -19.97 53.26 -98.10
CA LEU FB 254 -20.71 54.46 -97.72
C LEU FB 254 -20.50 55.60 -98.70
N LEU FB 255 -21.52 56.45 -98.82
CA LEU FB 255 -21.55 57.74 -99.50
C LEU FB 255 -21.54 58.86 -98.47
N PRO FB 256 -21.17 60.09 -98.87
CA PRO FB 256 -21.11 61.18 -97.89
C PRO FB 256 -22.46 61.44 -97.24
N GLY FB 257 -22.43 61.72 -95.93
CA GLY FB 257 -23.63 61.97 -95.17
C GLY FB 257 -24.32 60.75 -94.57
N CYS FB 258 -23.81 59.55 -94.82
CA CYS FB 258 -24.46 58.32 -94.37
C CYS FB 258 -23.65 57.66 -93.26
N GLY FB 259 -24.20 56.58 -92.71
CA GLY FB 259 -23.53 55.83 -91.66
C GLY FB 259 -24.41 54.72 -91.14
N VAL FB 260 -23.80 53.84 -90.33
CA VAL FB 260 -24.49 52.74 -89.69
C VAL FB 260 -24.16 52.75 -88.20
N ASP FB 261 -25.08 52.22 -87.40
CA ASP FB 261 -24.95 52.22 -85.94
C ASP FB 261 -25.35 50.85 -85.38
N PHE FB 262 -24.41 50.20 -84.69
CA PHE FB 262 -24.63 48.86 -84.16
C PHE FB 262 -24.74 48.82 -82.65
N THR FB 263 -25.16 49.92 -82.02
CA THR FB 263 -25.21 49.98 -80.56
C THR FB 263 -26.18 48.94 -79.99
N GLU FB 264 -27.31 48.72 -80.67
CA GLU FB 264 -28.32 47.82 -80.15
C GLU FB 264 -28.53 46.64 -81.10
N SER FB 265 -27.43 46.03 -81.55
CA SER FB 265 -27.49 44.98 -82.55
C SER FB 265 -26.31 44.04 -82.37
N ARG FB 266 -26.51 42.77 -82.70
CA ARG FB 266 -25.45 41.78 -82.67
C ARG FB 266 -24.99 41.37 -84.06
N LEU FB 267 -25.41 42.09 -85.09
CA LEU FB 267 -25.04 41.75 -86.46
C LEU FB 267 -23.62 42.16 -86.81
N SER FB 268 -22.96 42.97 -85.98
CA SER FB 268 -21.55 43.28 -86.22
C SER FB 268 -20.65 42.07 -86.00
N ASN FB 269 -21.05 41.11 -85.14
CA ASN FB 269 -20.29 39.88 -84.98
C ASN FB 269 -20.35 39.02 -86.24
N LEU FB 270 -21.50 38.99 -86.91
CA LEU FB 270 -21.61 38.22 -88.15
C LEU FB 270 -20.79 38.86 -89.27
N LEU FB 271 -20.59 40.19 -89.23
CA LEU FB 271 -19.79 40.85 -90.23
C LEU FB 271 -18.29 40.75 -89.98
N GLY FB 272 -17.88 40.33 -88.78
CA GLY FB 272 -16.46 40.28 -88.47
C GLY FB 272 -15.80 41.63 -88.27
N ILE FB 273 -16.52 42.60 -87.74
CA ILE FB 273 -15.99 43.91 -87.41
C ILE FB 273 -16.28 44.18 -85.93
N ARG FB 274 -15.23 44.41 -85.14
CA ARG FB 274 -15.34 44.58 -83.71
C ARG FB 274 -14.50 45.76 -83.24
N LYS FB 275 -14.77 46.21 -82.01
CA LYS FB 275 -14.06 47.32 -81.40
C LYS FB 275 -12.88 46.83 -80.57
N ARG FB 276 -11.77 47.57 -80.63
CA ARG FB 276 -10.61 47.25 -79.81
C ARG FB 276 -10.82 47.55 -78.34
N HIS FB 277 -11.83 48.36 -77.99
CA HIS FB 277 -12.21 48.62 -76.61
C HIS FB 277 -13.67 48.19 -76.47
N PRO FB 278 -13.91 46.89 -76.28
CA PRO FB 278 -15.28 46.36 -76.39
C PRO FB 278 -16.17 46.72 -75.21
N PHE FB 279 -15.64 47.26 -74.12
CA PHE FB 279 -16.46 47.63 -72.97
C PHE FB 279 -16.92 49.08 -73.00
N GLN FB 280 -16.56 49.85 -74.03
CA GLN FB 280 -17.03 51.23 -74.18
C GLN FB 280 -18.32 51.24 -74.99
N GLU FB 281 -19.38 51.83 -74.44
CA GLU FB 281 -20.69 51.79 -75.08
C GLU FB 281 -20.70 52.62 -76.37
N GLY FB 282 -21.45 52.13 -77.35
CA GLY FB 282 -21.62 52.84 -78.60
C GLY FB 282 -20.74 52.35 -79.73
N PHE FB 283 -21.34 52.08 -80.89
CA PHE FB 283 -20.61 51.57 -82.06
C PHE FB 283 -21.23 52.21 -83.30
N LYS FB 284 -20.64 53.30 -83.77
CA LYS FB 284 -21.10 54.00 -84.96
C LYS FB 284 -19.95 54.19 -85.94
N ILE FB 285 -20.23 53.98 -87.23
CA ILE FB 285 -19.25 54.17 -88.29
C ILE FB 285 -19.86 55.10 -89.34
N MET FB 286 -19.28 56.29 -89.48
CA MET FB 286 -19.77 57.30 -90.41
C MET FB 286 -18.80 57.51 -91.56
N TYR FB 287 -19.24 58.27 -92.56
CA TYR FB 287 -18.43 58.48 -93.75
C TYR FB 287 -17.14 59.22 -93.42
N GLU FB 288 -17.14 60.07 -92.40
CA GLU FB 288 -15.95 60.80 -92.03
C GLU FB 288 -14.90 59.94 -91.33
N ASP FB 289 -15.28 58.76 -90.84
CA ASP FB 289 -14.34 57.88 -90.16
C ASP FB 289 -13.58 56.96 -91.12
N LEU FB 290 -13.97 56.90 -92.39
CA LEU FB 290 -13.37 56.01 -93.36
C LEU FB 290 -12.35 56.69 -94.26
N GLU FB 291 -11.61 57.66 -93.71
CA GLU FB 291 -10.65 58.40 -94.52
C GLU FB 291 -9.59 57.47 -95.10
N GLY FB 292 -9.21 57.73 -96.35
CA GLY FB 292 -8.26 56.92 -97.06
C GLY FB 292 -8.83 55.70 -97.74
N GLY FB 293 -10.13 55.47 -97.66
CA GLY FB 293 -10.73 54.28 -98.22
C GLY FB 293 -11.57 54.48 -99.45
N ASN FB 294 -11.31 55.55 -100.21
CA ASN FB 294 -12.08 55.82 -101.42
C ASN FB 294 -11.82 54.73 -102.46
N ILE FB 295 -12.89 54.31 -103.13
CA ILE FB 295 -12.82 53.25 -104.12
C ILE FB 295 -12.31 53.83 -105.44
N PRO FB 296 -11.21 53.32 -105.99
CA PRO FB 296 -10.69 53.87 -107.24
C PRO FB 296 -11.67 53.70 -108.39
N ALA FB 297 -11.71 54.70 -109.26
CA ALA FB 297 -12.66 54.71 -110.38
C ALA FB 297 -12.21 53.75 -111.48
N LEU FB 298 -13.19 53.30 -112.27
CA LEU FB 298 -12.98 52.51 -113.47
C LEU FB 298 -11.93 51.44 -113.32
N ILE FB 364 -7.26 56.74 -121.88
CA ILE FB 364 -6.91 56.82 -120.47
C ILE FB 364 -7.82 57.80 -119.75
N GLN FB 365 -9.09 57.43 -119.60
CA GLN FB 365 -10.05 58.26 -118.86
C GLN FB 365 -10.98 57.35 -118.08
N PRO FB 366 -11.43 57.77 -116.89
CA PRO FB 366 -12.34 56.93 -116.11
C PRO FB 366 -13.72 56.87 -116.74
N LEU FB 367 -14.38 55.72 -116.56
CA LEU FB 367 -15.78 55.61 -116.95
C LEU FB 367 -16.64 56.40 -115.97
N GLU FB 368 -17.56 57.21 -116.50
CA GLU FB 368 -18.34 58.11 -115.68
C GLU FB 368 -19.78 57.66 -115.47
N LYS FB 369 -20.24 56.64 -116.19
CA LYS FB 369 -21.63 56.20 -116.07
C LYS FB 369 -21.72 54.72 -116.43
N ASP FB 370 -22.84 54.12 -116.05
CA ASP FB 370 -23.08 52.70 -116.24
C ASP FB 370 -23.78 52.45 -117.58
N SER FB 371 -24.16 51.20 -117.83
CA SER FB 371 -24.79 50.84 -119.10
C SER FB 371 -26.14 51.52 -119.27
N LYS FB 372 -26.94 51.58 -118.20
CA LYS FB 372 -28.26 52.17 -118.24
C LYS FB 372 -28.26 53.62 -117.77
N SER FB 373 -27.15 54.32 -117.97
CA SER FB 373 -27.02 55.74 -117.61
C SER FB 373 -27.26 55.95 -116.11
N ARG FB 374 -26.39 55.36 -115.30
CA ARG FB 374 -26.35 55.61 -113.88
C ARG FB 374 -24.99 56.18 -113.52
N SER FB 375 -24.98 57.26 -112.75
CA SER FB 375 -23.74 57.91 -112.38
C SER FB 375 -22.92 57.03 -111.45
N TYR FB 376 -21.62 56.93 -111.72
CA TYR FB 376 -20.69 56.29 -110.80
C TYR FB 376 -20.17 57.24 -109.74
N ASN FB 377 -20.60 58.50 -109.74
CA ASN FB 377 -20.18 59.49 -108.75
C ASN FB 377 -18.67 59.76 -108.80
N VAL FB 378 -18.11 59.83 -110.00
CA VAL FB 378 -16.69 60.15 -110.13
C VAL FB 378 -16.45 61.59 -109.70
N LEU FB 379 -15.29 61.85 -109.12
CA LEU FB 379 -14.94 63.14 -108.55
C LEU FB 379 -13.91 63.85 -109.43
N GLU FB 380 -13.45 65.00 -108.95
CA GLU FB 380 -12.35 65.69 -109.62
C GLU FB 380 -11.06 64.88 -109.50
N ASP FB 381 -10.12 65.19 -110.39
CA ASP FB 381 -8.84 64.50 -110.57
C ASP FB 381 -9.05 63.16 -111.27
N LYS FB 382 -10.30 62.75 -111.46
CA LYS FB 382 -10.65 61.66 -112.36
C LYS FB 382 -9.90 60.36 -112.06
N ILE FB 383 -9.67 60.10 -110.77
CA ILE FB 383 -9.07 58.85 -110.33
C ILE FB 383 -9.92 58.13 -109.30
N ASN FB 384 -10.43 58.84 -108.30
CA ASN FB 384 -11.18 58.23 -107.22
C ASN FB 384 -12.65 58.57 -107.29
N THR FB 385 -13.44 57.76 -106.60
CA THR FB 385 -14.89 57.88 -106.54
C THR FB 385 -15.32 58.25 -105.12
N ALA FB 386 -16.52 58.84 -105.02
CA ALA FB 386 -17.02 59.28 -103.72
C ALA FB 386 -17.29 58.12 -102.76
N TYR FB 387 -17.44 56.89 -103.26
CA TYR FB 387 -17.70 55.76 -102.38
C TYR FB 387 -16.47 55.46 -101.51
N ARG FB 388 -16.71 55.15 -100.24
CA ARG FB 388 -15.67 54.71 -99.31
C ARG FB 388 -16.05 53.37 -98.72
N SER FB 389 -15.04 52.56 -98.36
CA SER FB 389 -15.29 51.24 -97.80
C SER FB 389 -14.41 50.99 -96.59
N TRP FB 390 -14.96 50.25 -95.62
CA TRP FB 390 -14.24 49.96 -94.39
C TRP FB 390 -12.99 49.12 -94.65
N TYR FB 391 -13.09 48.15 -95.55
CA TYR FB 391 -11.97 47.24 -95.79
C TYR FB 391 -10.78 47.96 -96.42
N LEU FB 392 -11.04 48.85 -97.37
CA LEU FB 392 -9.95 49.61 -98.00
C LEU FB 392 -9.27 50.53 -96.98
N SER FB 393 -10.06 51.17 -96.13
CA SER FB 393 -9.48 52.05 -95.11
C SER FB 393 -8.69 51.27 -94.07
N TYR FB 394 -9.17 50.07 -93.70
CA TYR FB 394 -8.47 49.26 -92.71
C TYR FB 394 -7.12 48.78 -93.24
N ASN FB 395 -7.06 48.38 -94.50
CA ASN FB 395 -5.85 47.75 -95.03
C ASN FB 395 -4.90 48.73 -95.73
N TYR FB 396 -5.41 49.81 -96.32
CA TYR FB 396 -4.57 50.72 -97.10
C TYR FB 396 -4.48 52.14 -96.55
N GLY FB 397 -5.33 52.50 -95.60
CA GLY FB 397 -5.33 53.83 -95.04
C GLY FB 397 -4.20 54.04 -94.04
N ASN FB 398 -4.28 55.15 -93.33
CA ASN FB 398 -3.26 55.51 -92.35
C ASN FB 398 -3.36 54.62 -91.13
N PRO FB 399 -2.30 53.90 -90.75
CA PRO FB 399 -2.41 52.96 -89.62
C PRO FB 399 -2.74 53.62 -88.29
N GLU FB 400 -2.35 54.88 -88.08
CA GLU FB 400 -2.47 55.51 -86.77
C GLU FB 400 -3.57 56.57 -86.73
N LYS FB 401 -4.31 56.77 -87.81
CA LYS FB 401 -5.40 57.74 -87.83
C LYS FB 401 -6.69 57.22 -88.44
N GLY FB 402 -6.66 56.19 -89.28
CA GLY FB 402 -7.85 55.68 -89.92
C GLY FB 402 -8.64 54.77 -89.01
N ILE FB 403 -9.56 54.02 -89.64
CA ILE FB 403 -10.45 53.13 -88.90
C ILE FB 403 -9.69 51.99 -88.23
N ARG FB 404 -8.46 51.71 -88.65
CA ARG FB 404 -7.68 50.63 -88.09
C ARG FB 404 -7.21 50.91 -86.66
N SER FB 405 -7.24 52.16 -86.22
CA SER FB 405 -6.74 52.49 -84.90
C SER FB 405 -7.71 52.11 -83.78
N TRP FB 406 -9.00 51.94 -84.09
CA TRP FB 406 -9.96 51.58 -83.04
C TRP FB 406 -10.94 50.48 -83.46
N THR FB 407 -10.76 49.83 -84.60
CA THR FB 407 -11.55 48.66 -84.94
C THR FB 407 -10.61 47.49 -85.27
N LEU FB 408 -11.18 46.29 -85.30
CA LEU FB 408 -10.42 45.06 -85.47
C LEU FB 408 -11.14 44.15 -86.44
N LEU FB 409 -10.38 43.48 -87.30
CA LEU FB 409 -10.92 42.56 -88.29
C LEU FB 409 -10.85 41.13 -87.76
N THR FB 410 -11.99 40.43 -87.78
CA THR FB 410 -12.10 39.08 -87.23
C THR FB 410 -12.84 38.17 -88.20
N THR FB 411 -12.78 36.87 -87.95
CA THR FB 411 -13.55 35.91 -88.75
C THR FB 411 -15.04 36.05 -88.48
N SER FB 412 -15.83 35.86 -89.53
CA SER FB 412 -17.28 35.95 -89.40
C SER FB 412 -17.84 34.85 -88.50
N ASP FB 413 -18.74 35.23 -87.61
CA ASP FB 413 -19.35 34.30 -86.66
C ASP FB 413 -20.85 34.23 -86.93
N VAL FB 414 -21.30 33.14 -87.56
CA VAL FB 414 -22.68 33.04 -88.01
C VAL FB 414 -23.68 32.94 -86.85
N THR FB 415 -23.27 32.39 -85.71
CA THR FB 415 -24.19 32.33 -84.57
C THR FB 415 -24.44 33.68 -83.94
N CYS FB 416 -23.69 34.72 -84.35
CA CYS FB 416 -23.76 36.08 -83.82
C CYS FB 416 -23.24 36.19 -82.39
N GLY FB 417 -22.51 35.19 -81.91
CA GLY FB 417 -21.88 35.26 -80.61
C GLY FB 417 -22.72 34.64 -79.52
N VAL FB 418 -22.36 33.46 -79.09
CA VAL FB 418 -23.10 32.76 -78.05
C VAL FB 418 -22.52 33.13 -76.69
N GLU FB 419 -23.38 33.19 -75.69
CA GLU FB 419 -22.97 33.45 -74.32
C GLU FB 419 -23.38 32.27 -73.43
N GLN FB 420 -23.21 32.43 -72.13
CA GLN FB 420 -23.39 31.35 -71.18
C GLN FB 420 -24.84 31.23 -70.72
N VAL FB 421 -25.14 30.10 -70.06
CA VAL FB 421 -26.43 29.85 -69.42
C VAL FB 421 -26.18 29.39 -67.98
N TYR FB 422 -27.15 29.63 -67.11
CA TYR FB 422 -27.06 29.33 -65.69
C TYR FB 422 -28.20 28.39 -65.26
N TRP FB 423 -27.87 27.43 -64.40
CA TRP FB 423 -28.84 26.51 -63.81
C TRP FB 423 -29.16 26.91 -62.36
N SER FB 424 -30.42 26.76 -61.97
CA SER FB 424 -30.86 26.99 -60.59
C SER FB 424 -31.73 25.83 -60.10
N LEU FB 425 -31.48 25.38 -58.87
CA LEU FB 425 -32.31 24.38 -58.19
C LEU FB 425 -32.56 24.83 -56.76
N PRO FB 426 -33.40 25.86 -56.56
CA PRO FB 426 -33.47 26.51 -55.24
C PRO FB 426 -34.04 25.63 -54.12
N ASP FB 427 -34.82 24.60 -54.41
CA ASP FB 427 -35.37 23.74 -53.37
C ASP FB 427 -34.52 22.51 -53.06
N MET FB 428 -33.40 22.33 -53.72
CA MET FB 428 -32.58 21.15 -53.51
C MET FB 428 -31.19 21.46 -52.98
N MET FB 429 -30.49 22.42 -53.57
CA MET FB 429 -29.12 22.76 -53.19
C MET FB 429 -29.09 23.95 -52.24
N GLN FB 430 -28.05 24.00 -51.42
CA GLN FB 430 -27.78 25.20 -50.63
C GLN FB 430 -27.26 26.33 -51.51
N ASP FB 431 -27.52 27.56 -51.10
CA ASP FB 431 -27.07 28.72 -51.88
C ASP FB 431 -25.55 28.83 -51.81
N PRO FB 432 -24.86 28.99 -52.95
CA PRO FB 432 -23.41 29.24 -52.90
C PRO FB 432 -23.08 30.59 -52.30
N VAL FB 433 -21.80 30.75 -51.93
CA VAL FB 433 -21.37 31.85 -51.09
C VAL FB 433 -21.64 33.21 -51.75
N THR FB 434 -22.15 34.15 -50.96
CA THR FB 434 -22.54 35.53 -51.23
C THR FB 434 -23.89 35.68 -51.95
N PHE FB 435 -24.55 34.61 -52.37
CA PHE FB 435 -25.89 34.71 -52.95
C PHE FB 435 -26.94 34.86 -51.84
N ARG FB 436 -27.93 35.71 -52.06
CA ARG FB 436 -29.05 35.87 -51.14
C ARG FB 436 -30.19 34.91 -51.47
N SER FB 437 -30.87 34.44 -50.43
CA SER FB 437 -32.08 33.65 -50.61
C SER FB 437 -33.25 34.54 -51.01
N THR FB 438 -34.02 34.11 -52.01
CA THR FB 438 -35.08 34.93 -52.56
C THR FB 438 -36.07 34.07 -53.32
N ARG FB 439 -37.21 34.68 -53.66
CA ARG FB 439 -38.22 34.04 -54.50
C ARG FB 439 -38.44 34.79 -55.82
N GLN FB 440 -37.55 35.70 -56.19
CA GLN FB 440 -37.62 36.38 -57.48
C GLN FB 440 -36.85 35.59 -58.52
N VAL FB 441 -37.50 35.30 -59.65
CA VAL FB 441 -36.94 34.38 -60.63
C VAL FB 441 -35.65 34.93 -61.23
N SER FB 442 -35.61 36.22 -61.54
CA SER FB 442 -34.39 36.79 -62.09
C SER FB 442 -33.26 36.93 -61.07
N ASN FB 443 -33.36 36.41 -59.84
CA ASN FB 443 -32.27 36.53 -58.88
C ASN FB 443 -32.05 35.22 -58.11
N TYR FB 444 -32.44 34.07 -58.67
CA TYR FB 444 -32.17 32.79 -58.03
C TYR FB 444 -30.65 32.55 -57.92
N PRO FB 445 -30.20 31.90 -56.86
CA PRO FB 445 -28.79 31.50 -56.79
C PRO FB 445 -28.42 30.51 -57.89
N VAL FB 446 -27.18 30.59 -58.34
CA VAL FB 446 -26.71 29.86 -59.52
C VAL FB 446 -25.91 28.64 -59.08
N VAL FB 447 -26.26 27.47 -59.62
CA VAL FB 447 -25.65 26.21 -59.23
C VAL FB 447 -24.73 25.63 -60.30
N GLY FB 448 -24.76 26.15 -61.53
CA GLY FB 448 -23.85 25.70 -62.57
C GLY FB 448 -23.93 26.59 -63.78
N ALA FB 449 -22.91 26.49 -64.63
CA ALA FB 449 -22.83 27.32 -65.84
C ALA FB 449 -22.20 26.54 -66.98
N GLU FB 450 -22.56 26.91 -68.21
CA GLU FB 450 -22.03 26.31 -69.43
C GLU FB 450 -22.40 27.22 -70.59
N LEU FB 451 -21.92 26.87 -71.78
CA LEU FB 451 -22.28 27.63 -72.98
C LEU FB 451 -23.66 27.20 -73.50
N MET FB 452 -24.41 28.16 -73.99
CA MET FB 452 -25.62 27.87 -74.74
C MET FB 452 -25.23 27.02 -75.95
N PRO FB 453 -25.82 25.85 -76.15
CA PRO FB 453 -25.22 24.83 -77.06
C PRO FB 453 -25.57 25.03 -78.53
N VAL FB 454 -25.02 26.09 -79.12
CA VAL FB 454 -25.20 26.41 -80.54
C VAL FB 454 -23.82 26.64 -81.14
N PHE FB 455 -23.55 25.99 -82.27
CA PHE FB 455 -22.21 25.99 -82.85
C PHE FB 455 -22.25 26.24 -84.35
N SER FB 456 -21.12 26.70 -84.88
CA SER FB 456 -20.93 26.94 -86.30
C SER FB 456 -20.33 25.73 -86.99
N LYS FB 457 -20.76 25.47 -88.23
CA LYS FB 457 -20.21 24.39 -89.04
C LYS FB 457 -19.87 24.91 -90.43
N SER FB 458 -18.76 24.44 -90.99
CA SER FB 458 -18.23 24.91 -92.26
C SER FB 458 -18.47 23.92 -93.39
N PHE FB 459 -18.71 24.46 -94.59
CA PHE FB 459 -18.85 23.68 -95.80
C PHE FB 459 -18.06 24.34 -96.92
N TYR FB 460 -17.73 23.56 -97.95
CA TYR FB 460 -16.97 24.04 -99.08
C TYR FB 460 -17.85 24.08 -100.32
N ASN FB 461 -17.87 25.23 -101.01
CA ASN FB 461 -18.69 25.40 -102.20
C ASN FB 461 -17.94 26.13 -103.31
N HIS FB 478 -35.04 38.35 -110.13
CA HIS FB 478 -34.06 38.34 -109.04
C HIS FB 478 -34.25 39.54 -108.12
N VAL FB 479 -34.93 39.33 -107.00
CA VAL FB 479 -35.12 40.39 -106.02
C VAL FB 479 -33.80 40.75 -105.33
N PHE FB 480 -32.83 39.85 -105.32
CA PHE FB 480 -31.53 40.10 -104.70
C PHE FB 480 -30.50 40.65 -105.67
N ASN FB 481 -30.91 40.99 -106.90
CA ASN FB 481 -30.01 41.65 -107.85
C ASN FB 481 -30.87 42.58 -108.71
N ARG FB 482 -31.01 43.83 -108.26
CA ARG FB 482 -31.85 44.83 -108.90
C ARG FB 482 -31.07 45.78 -109.79
N PHE FB 483 -29.75 45.78 -109.71
CA PHE FB 483 -28.89 46.62 -110.55
C PHE FB 483 -27.81 45.74 -111.14
N PRO FB 484 -28.16 44.84 -112.04
CA PRO FB 484 -27.16 43.92 -112.60
C PRO FB 484 -26.02 44.62 -113.31
N GLU FB 485 -26.29 45.76 -113.94
CA GLU FB 485 -25.26 46.43 -114.73
C GLU FB 485 -24.25 47.18 -113.87
N ASN FB 486 -24.67 47.73 -112.73
CA ASN FB 486 -23.84 48.65 -111.97
C ASN FB 486 -22.76 47.88 -111.23
N GLN FB 487 -21.49 48.25 -111.46
CA GLN FB 487 -20.38 47.55 -110.86
C GLN FB 487 -20.30 47.74 -109.35
N ILE FB 488 -20.90 48.81 -108.82
CA ILE FB 488 -20.89 49.04 -107.38
C ILE FB 488 -22.06 48.36 -106.70
N LEU FB 489 -23.23 48.34 -107.36
CA LEU FB 489 -24.46 47.80 -106.79
C LEU FB 489 -24.75 46.38 -107.24
N ILE FB 490 -23.79 45.71 -107.87
CA ILE FB 490 -23.99 44.31 -108.23
C ILE FB 490 -24.07 43.45 -106.97
N ARG FB 491 -24.74 42.31 -107.10
CA ARG FB 491 -24.89 41.38 -105.98
C ARG FB 491 -23.52 40.81 -105.59
N PRO FB 492 -23.16 40.81 -104.30
CA PRO FB 492 -21.82 40.42 -103.92
C PRO FB 492 -21.56 38.97 -104.26
N PRO FB 493 -20.32 38.62 -104.61
CA PRO FB 493 -19.97 37.22 -104.79
C PRO FB 493 -20.02 36.44 -103.48
N ALA FB 494 -20.34 35.14 -103.59
CA ALA FB 494 -20.46 34.26 -102.45
C ALA FB 494 -19.09 33.68 -102.07
N PRO FB 495 -18.80 33.53 -100.77
CA PRO FB 495 -17.53 32.96 -100.37
C PRO FB 495 -17.43 31.49 -100.73
N THR FB 496 -16.20 31.02 -100.92
CA THR FB 496 -15.96 29.61 -101.12
C THR FB 496 -16.10 28.80 -99.83
N ILE FB 497 -16.19 29.45 -98.67
CA ILE FB 497 -16.45 28.79 -97.39
C ILE FB 497 -17.76 29.33 -96.83
N THR FB 498 -18.73 28.44 -96.62
CA THR FB 498 -20.03 28.79 -96.06
C THR FB 498 -20.18 28.22 -94.67
N THR FB 499 -20.74 29.02 -93.74
CA THR FB 499 -20.95 28.59 -92.36
C THR FB 499 -22.41 28.71 -91.99
N VAL FB 500 -22.92 27.71 -91.25
CA VAL FB 500 -24.29 27.68 -90.76
C VAL FB 500 -24.26 27.26 -89.29
N SER FB 501 -25.28 27.64 -88.55
CA SER FB 501 -25.34 27.37 -87.11
C SER FB 501 -26.21 26.16 -86.81
N GLU FB 502 -25.81 25.38 -85.80
CA GLU FB 502 -26.43 24.11 -85.45
C GLU FB 502 -26.69 24.02 -83.95
N ASN FB 503 -27.71 23.26 -83.58
CA ASN FB 503 -28.01 22.94 -82.19
C ASN FB 503 -27.54 21.52 -81.89
N VAL FB 504 -26.70 21.36 -80.87
CA VAL FB 504 -26.11 20.08 -80.52
C VAL FB 504 -26.44 19.78 -79.07
N PRO FB 505 -27.00 18.60 -78.75
CA PRO FB 505 -27.33 18.30 -77.35
C PRO FB 505 -26.10 18.30 -76.46
N ALA FB 506 -26.26 18.84 -75.25
CA ALA FB 506 -25.16 19.08 -74.33
C ALA FB 506 -25.30 18.21 -73.10
N LEU FB 507 -24.25 17.46 -72.77
CA LEU FB 507 -24.20 16.55 -71.63
C LEU FB 507 -23.08 17.03 -70.71
N THR FB 508 -23.43 17.44 -69.50
CA THR FB 508 -22.50 18.18 -68.65
C THR FB 508 -22.45 17.60 -67.25
N ASP FB 509 -21.24 17.49 -66.71
CA ASP FB 509 -21.00 17.13 -65.32
C ASP FB 509 -20.60 18.39 -64.54
N HIS FB 510 -21.40 18.76 -63.56
CA HIS FB 510 -21.19 20.00 -62.80
C HIS FB 510 -20.48 19.78 -61.47
N GLY FB 511 -20.07 18.56 -61.14
CA GLY FB 511 -19.41 18.30 -59.87
C GLY FB 511 -20.38 18.16 -58.70
N THR FB 512 -19.82 18.20 -57.50
CA THR FB 512 -20.56 17.97 -56.26
C THR FB 512 -20.85 19.30 -55.55
N LEU FB 513 -22.10 19.46 -55.11
CA LEU FB 513 -22.56 20.63 -54.38
C LEU FB 513 -23.26 20.24 -53.08
N PRO FB 514 -23.17 21.07 -52.04
CA PRO FB 514 -23.85 20.75 -50.77
C PRO FB 514 -25.36 20.70 -50.91
N LEU FB 515 -25.96 19.72 -50.24
CA LEU FB 515 -27.36 19.35 -50.39
C LEU FB 515 -28.12 19.67 -49.10
N ARG FB 516 -29.38 20.09 -49.24
CA ARG FB 516 -30.22 20.30 -48.06
C ARG FB 516 -30.60 18.97 -47.41
N SER FB 517 -30.74 18.99 -46.08
CA SER FB 517 -31.00 17.77 -45.33
C SER FB 517 -32.43 17.26 -45.51
N SER FB 518 -33.38 18.15 -45.82
CA SER FB 518 -34.77 17.76 -46.03
C SER FB 518 -35.22 18.27 -47.39
N ILE FB 519 -35.71 17.37 -48.23
CA ILE FB 519 -36.06 17.66 -49.61
C ILE FB 519 -37.57 17.47 -49.77
N ARG FB 520 -38.25 18.51 -50.23
CA ARG FB 520 -39.68 18.42 -50.49
C ARG FB 520 -39.97 17.67 -51.79
N GLY FB 521 -41.20 17.18 -51.89
CA GLY FB 521 -41.59 16.33 -53.01
C GLY FB 521 -41.74 17.06 -54.33
N VAL FB 522 -41.96 18.37 -54.31
CA VAL FB 522 -42.10 19.17 -55.54
C VAL FB 522 -40.92 20.12 -55.62
N GLN FB 523 -40.27 20.16 -56.78
CA GLN FB 523 -39.02 20.89 -57.00
C GLN FB 523 -39.14 21.82 -58.20
N ARG FB 524 -38.45 22.95 -58.12
CA ARG FB 524 -38.40 23.95 -59.20
C ARG FB 524 -37.08 23.84 -59.96
N VAL FB 525 -37.17 23.91 -61.30
CA VAL FB 525 -36.02 23.85 -62.19
C VAL FB 525 -36.04 25.09 -63.08
N THR FB 526 -34.92 25.80 -63.17
CA THR FB 526 -34.85 27.06 -63.92
C THR FB 526 -33.55 27.16 -64.72
N VAL FB 527 -33.65 27.68 -65.95
CA VAL FB 527 -32.50 27.95 -66.82
C VAL FB 527 -32.62 29.39 -67.31
N THR FB 528 -31.58 30.20 -67.09
CA THR FB 528 -31.58 31.62 -67.49
C THR FB 528 -30.28 31.99 -68.22
N ASP FB 529 -30.34 33.08 -68.97
CA ASP FB 529 -29.22 33.56 -69.76
C ASP FB 529 -28.39 34.57 -68.97
N ALA FB 530 -27.47 35.26 -69.66
CA ALA FB 530 -26.53 36.15 -68.98
C ALA FB 530 -27.21 37.36 -68.37
N ARG FB 531 -28.31 37.83 -68.96
CA ARG FB 531 -29.09 38.92 -68.41
C ARG FB 531 -30.17 38.44 -67.45
N ARG FB 532 -30.16 37.14 -67.11
CA ARG FB 532 -31.09 36.52 -66.17
C ARG FB 532 -32.54 36.54 -66.69
N ARG FB 533 -32.71 36.34 -67.98
CA ARG FB 533 -34.01 36.03 -68.56
C ARG FB 533 -34.09 34.54 -68.85
N THR FB 534 -35.30 33.98 -68.78
CA THR FB 534 -35.49 32.61 -69.23
C THR FB 534 -35.38 32.53 -70.75
N CYS FB 535 -35.00 31.36 -71.25
CA CYS FB 535 -34.78 31.18 -72.68
C CYS FB 535 -35.92 30.40 -73.31
N PRO FB 536 -36.70 30.99 -74.21
CA PRO FB 536 -37.82 30.26 -74.83
C PRO FB 536 -37.40 29.17 -75.83
N TYR FB 537 -36.13 29.02 -76.13
CA TYR FB 537 -35.70 28.02 -77.11
C TYR FB 537 -35.20 26.72 -76.49
N VAL FB 538 -35.28 26.57 -75.17
CA VAL FB 538 -35.04 25.28 -74.54
C VAL FB 538 -36.29 24.43 -74.67
N TYR FB 539 -36.15 23.20 -75.16
CA TYR FB 539 -37.30 22.30 -75.20
C TYR FB 539 -37.04 20.93 -74.57
N LYS FB 540 -35.89 20.72 -73.95
CA LYS FB 540 -35.62 19.50 -73.21
C LYS FB 540 -34.55 19.78 -72.17
N ALA FB 541 -34.85 19.48 -70.91
CA ALA FB 541 -33.92 19.68 -69.81
C ALA FB 541 -34.16 18.63 -68.74
N LEU FB 542 -33.11 17.89 -68.38
CA LEU FB 542 -33.17 16.85 -67.36
C LEU FB 542 -32.02 17.00 -66.38
N GLY FB 543 -32.26 16.58 -65.14
CA GLY FB 543 -31.21 16.55 -64.14
C GLY FB 543 -31.21 15.23 -63.39
N ILE FB 544 -30.01 14.80 -63.01
CA ILE FB 544 -29.80 13.59 -62.23
C ILE FB 544 -28.83 13.91 -61.10
N VAL FB 545 -29.21 13.60 -59.87
CA VAL FB 545 -28.43 13.93 -58.69
C VAL FB 545 -28.10 12.64 -57.94
N ALA FB 546 -26.85 12.51 -57.50
CA ALA FB 546 -26.38 11.35 -56.74
C ALA FB 546 -25.85 11.77 -55.37
N PRO FB 547 -26.65 11.65 -54.31
CA PRO FB 547 -26.19 12.08 -52.98
C PRO FB 547 -25.11 11.18 -52.39
N ARG FB 548 -24.28 11.77 -51.53
CA ARG FB 548 -23.29 11.03 -50.75
C ARG FB 548 -22.85 11.88 -49.56
N VAL FB 549 -22.23 11.23 -48.58
CA VAL FB 549 -21.80 11.87 -47.34
C VAL FB 549 -20.51 12.65 -47.58
N LEU FB 550 -20.47 13.89 -47.10
CA LEU FB 550 -19.27 14.74 -47.19
C LEU FB 550 -18.50 14.81 -45.88
N SER FB 551 -19.16 15.08 -44.75
CA SER FB 551 -18.47 15.15 -43.47
C SER FB 551 -19.46 14.86 -42.35
N SER FB 552 -18.91 14.73 -41.14
CA SER FB 552 -19.69 14.41 -39.96
C SER FB 552 -20.27 15.67 -39.32
N ARG FB 553 -21.40 15.48 -38.65
CA ARG FB 553 -22.07 16.51 -37.85
C ARG FB 553 -22.62 17.66 -38.69
N ARG GB 48 -46.78 1.90 -1.05
CA ARG GB 48 -47.48 2.96 -1.78
C ARG GB 48 -48.80 2.48 -2.36
N ASN GB 49 -49.54 1.67 -1.60
CA ASN GB 49 -50.78 1.11 -2.10
C ASN GB 49 -51.91 1.12 -1.08
N SER GB 50 -51.86 2.00 -0.08
CA SER GB 50 -52.88 2.02 0.96
C SER GB 50 -54.07 2.89 0.57
N ILE GB 51 -55.21 2.60 1.19
CA ILE GB 51 -56.47 3.31 0.95
C ILE GB 51 -57.05 3.73 2.29
N ARG GB 52 -57.31 5.02 2.48
CA ARG GB 52 -57.63 5.58 3.79
C ARG GB 52 -58.93 6.37 3.76
N TYR GB 53 -59.65 6.30 4.87
CA TYR GB 53 -60.92 7.00 5.05
C TYR GB 53 -60.75 8.05 6.16
N SER GB 54 -61.19 9.28 5.88
CA SER GB 54 -60.82 10.42 6.71
C SER GB 54 -61.37 10.35 8.13
N GLU GB 55 -62.35 9.50 8.41
CA GLU GB 55 -62.89 9.40 9.76
C GLU GB 55 -62.18 8.38 10.63
N LEU GB 56 -61.15 7.70 10.13
CA LEU GB 56 -60.43 6.67 10.87
C LEU GB 56 -58.96 7.04 11.02
N SER GB 57 -58.38 6.70 12.18
CA SER GB 57 -56.98 6.99 12.48
C SER GB 57 -56.48 6.05 13.56
N PRO GB 58 -55.22 5.63 13.51
CA PRO GB 58 -54.71 4.70 14.52
C PRO GB 58 -54.25 5.40 15.80
N LEU GB 59 -54.13 4.61 16.87
CA LEU GB 59 -53.89 5.11 18.23
C LEU GB 59 -52.49 4.80 18.72
N TYR GB 60 -51.91 5.72 19.49
CA TYR GB 60 -50.56 5.59 20.02
C TYR GB 60 -50.44 6.15 21.43
N ASP GB 61 -49.51 5.57 22.19
CA ASP GB 61 -48.88 6.04 23.43
C ASP GB 61 -49.71 6.03 24.72
N THR GB 62 -51.04 6.08 24.65
CA THR GB 62 -51.89 6.11 25.85
C THR GB 62 -53.35 6.21 25.42
N THR GB 63 -54.24 5.82 26.32
CA THR GB 63 -55.68 5.82 26.09
C THR GB 63 -56.37 5.62 27.44
N ARG GB 64 -57.69 5.38 27.42
CA ARG GB 64 -58.45 5.09 28.63
C ARG GB 64 -59.26 3.80 28.45
N LEU GB 65 -59.39 3.04 29.54
CA LEU GB 65 -60.30 1.91 29.64
C LEU GB 65 -61.25 2.13 30.81
N TYR GB 66 -62.55 1.90 30.60
CA TYR GB 66 -63.56 2.18 31.59
C TYR GB 66 -64.22 0.89 32.08
N LEU GB 67 -64.32 0.73 33.39
CA LEU GB 67 -64.92 -0.44 34.04
C LEU GB 67 -66.14 0.03 34.81
N VAL GB 68 -67.32 -0.14 34.23
CA VAL GB 68 -68.54 0.49 34.70
C VAL GB 68 -69.57 -0.59 35.03
N ASP GB 69 -70.27 -0.41 36.15
CA ASP GB 69 -71.11 -1.46 36.73
C ASP GB 69 -72.58 -1.38 36.34
N ASN GB 70 -73.00 -0.42 35.51
CA ASN GB 70 -74.42 -0.25 35.22
C ASN GB 70 -74.66 0.02 33.74
N LYS GB 71 -73.98 -0.70 32.85
CA LYS GB 71 -74.30 -0.65 31.44
C LYS GB 71 -75.61 -1.41 31.18
N SER GB 72 -76.44 -0.85 30.29
CA SER GB 72 -77.80 -1.38 30.13
C SER GB 72 -77.81 -2.80 29.61
N ALA GB 73 -76.99 -3.11 28.60
CA ALA GB 73 -76.98 -4.43 28.02
C ALA GB 73 -76.30 -5.46 28.91
N ASP GB 74 -75.27 -5.06 29.67
CA ASP GB 74 -74.58 -5.99 30.56
C ASP GB 74 -75.47 -6.42 31.72
N ILE GB 75 -76.41 -5.56 32.13
CA ILE GB 75 -77.33 -5.90 33.22
C ILE GB 75 -78.18 -7.10 32.84
N ALA GB 76 -78.70 -7.11 31.63
CA ALA GB 76 -79.67 -8.13 31.24
C ALA GB 76 -79.00 -9.48 30.99
N SER GB 77 -77.84 -9.50 30.34
CA SER GB 77 -77.27 -10.75 29.83
C SER GB 77 -76.07 -11.27 30.59
N LEU GB 78 -75.51 -10.53 31.53
CA LEU GB 78 -74.31 -11.00 32.20
C LEU GB 78 -74.47 -11.20 33.70
N ASN GB 79 -75.19 -10.34 34.39
CA ASN GB 79 -75.07 -10.20 35.84
C ASN GB 79 -76.36 -10.54 36.56
N TYR GB 80 -77.06 -11.58 36.12
CA TYR GB 80 -78.36 -11.91 36.68
C TYR GB 80 -78.26 -12.35 38.14
N GLN GB 81 -77.20 -13.08 38.50
CA GLN GB 81 -77.02 -13.59 39.84
C GLN GB 81 -75.94 -12.87 40.64
N ASN GB 82 -75.49 -11.69 40.21
CA ASN GB 82 -74.36 -11.00 40.80
C ASN GB 82 -74.83 -9.79 41.61
N ASP GB 83 -73.88 -9.12 42.27
CA ASP GB 83 -74.14 -7.85 42.93
C ASP GB 83 -72.94 -6.93 42.69
N HIS GB 84 -73.02 -5.70 43.22
CA HIS GB 84 -72.02 -4.68 42.92
C HIS GB 84 -70.65 -4.97 43.51
N SER GB 85 -70.54 -5.94 44.42
CA SER GB 85 -69.24 -6.34 44.95
C SER GB 85 -68.52 -7.36 44.08
N ASN GB 86 -69.22 -8.01 43.14
CA ASN GB 86 -68.60 -9.05 42.30
C ASN GB 86 -69.43 -9.19 41.02
N PHE GB 87 -68.96 -8.59 39.92
CA PHE GB 87 -69.77 -8.50 38.71
C PHE GB 87 -68.88 -8.59 37.47
N LEU GB 88 -69.52 -8.69 36.30
CA LEU GB 88 -68.85 -8.71 35.01
C LEU GB 88 -69.23 -7.47 34.22
N THR GB 89 -68.29 -6.99 33.40
CA THR GB 89 -68.55 -5.82 32.56
C THR GB 89 -67.74 -5.93 31.28
N THR GB 90 -68.15 -5.16 30.27
CA THR GB 90 -67.49 -5.14 28.97
C THR GB 90 -66.67 -3.87 28.83
N VAL GB 91 -65.41 -4.02 28.41
CA VAL GB 91 -64.57 -2.86 28.14
C VAL GB 91 -64.66 -2.40 26.69
N VAL GB 92 -65.38 -3.13 25.83
CA VAL GB 92 -65.64 -2.70 24.46
C VAL GB 92 -66.83 -1.75 24.47
N GLN GB 93 -66.62 -0.52 23.99
CA GLN GB 93 -67.64 0.54 24.02
C GLN GB 93 -68.28 0.77 22.65
N ASN GB 94 -68.52 -0.29 21.87
CA ASN GB 94 -69.01 -0.21 20.49
C ASN GB 94 -70.33 -0.96 20.43
N ASN GB 95 -71.43 -0.24 20.22
CA ASN GB 95 -72.76 -0.83 20.28
C ASN GB 95 -73.18 -1.56 19.00
N ASP GB 96 -72.26 -1.76 18.06
CA ASP GB 96 -72.53 -2.66 16.94
C ASP GB 96 -72.56 -4.12 17.36
N PHE GB 97 -72.16 -4.43 18.59
CA PHE GB 97 -72.06 -5.81 19.07
C PHE GB 97 -72.75 -5.94 20.42
N THR GB 98 -73.28 -7.13 20.68
CA THR GB 98 -73.80 -7.48 21.99
C THR GB 98 -72.65 -7.86 22.93
N PRO GB 99 -72.88 -7.84 24.25
CA PRO GB 99 -71.80 -8.25 25.16
C PRO GB 99 -71.31 -9.66 24.95
N THR GB 100 -72.20 -10.59 24.57
CA THR GB 100 -71.77 -11.95 24.28
C THR GB 100 -70.80 -11.97 23.10
N GLU GB 101 -71.11 -11.24 22.02
CA GLU GB 101 -70.19 -11.14 20.90
C GLU GB 101 -68.89 -10.45 21.31
N ALA GB 102 -68.98 -9.42 22.15
CA ALA GB 102 -67.80 -8.68 22.56
C ALA GB 102 -66.84 -9.54 23.39
N SER GB 103 -67.34 -10.59 24.03
CA SER GB 103 -66.50 -11.39 24.92
C SER GB 103 -65.35 -12.06 24.18
N THR GB 104 -65.50 -12.33 22.89
CA THR GB 104 -64.44 -12.96 22.11
C THR GB 104 -63.47 -11.98 21.48
N GLN GB 105 -63.74 -10.68 21.52
CA GLN GB 105 -62.84 -9.69 20.94
C GLN GB 105 -61.71 -9.35 21.91
N THR GB 106 -60.65 -8.73 21.38
CA THR GB 106 -59.49 -8.38 22.20
C THR GB 106 -59.01 -6.97 21.88
N ILE GB 107 -58.27 -6.40 22.84
CA ILE GB 107 -57.50 -5.17 22.67
C ILE GB 107 -56.04 -5.52 22.88
N ASN GB 108 -55.18 -5.11 21.94
CA ASN GB 108 -53.79 -5.56 21.91
C ASN GB 108 -52.83 -4.39 22.02
N PHE GB 109 -51.96 -4.45 23.02
CA PHE GB 109 -50.89 -3.48 23.24
C PHE GB 109 -49.60 -4.05 22.69
N ASP GB 110 -48.82 -3.22 21.97
CA ASP GB 110 -47.72 -3.72 21.16
C ASP GB 110 -46.77 -4.61 21.96
N GLU GB 111 -46.53 -5.81 21.43
CA GLU GB 111 -45.80 -6.84 22.15
C GLU GB 111 -44.31 -6.57 22.25
N ARG GB 112 -43.79 -5.56 21.55
CA ARG GB 112 -42.39 -5.19 21.68
C ARG GB 112 -42.13 -4.25 22.87
N SER GB 113 -43.15 -3.95 23.67
CA SER GB 113 -42.99 -3.18 24.90
C SER GB 113 -43.69 -3.90 26.05
N ARG GB 114 -43.26 -3.58 27.26
CA ARG GB 114 -43.99 -3.95 28.47
C ARG GB 114 -44.81 -2.75 28.93
N TRP GB 115 -46.08 -2.99 29.27
CA TRP GB 115 -47.03 -1.92 29.54
C TRP GB 115 -47.46 -1.94 31.00
N GLY GB 116 -47.77 -0.74 31.52
CA GLY GB 116 -48.35 -0.62 32.83
C GLY GB 116 -49.60 0.24 32.79
N GLY GB 117 -50.40 0.13 33.84
CA GLY GB 117 -51.65 0.85 33.93
C GLY GB 117 -51.88 1.57 35.24
N GLN GB 118 -52.12 2.88 35.18
CA GLN GB 118 -52.44 3.65 36.37
C GLN GB 118 -53.92 3.52 36.68
N LEU GB 119 -54.25 3.15 37.91
CA LEU GB 119 -55.60 2.79 38.31
C LEU GB 119 -56.19 3.80 39.30
N LYS GB 120 -57.40 4.28 38.99
CA LYS GB 120 -58.19 5.11 39.90
C LYS GB 120 -59.55 4.47 40.11
N THR GB 121 -60.05 4.52 41.35
CA THR GB 121 -61.33 3.90 41.68
C THR GB 121 -62.25 4.87 42.39
N ILE GB 122 -63.55 4.60 42.28
CA ILE GB 122 -64.60 5.34 42.99
C ILE GB 122 -65.53 4.31 43.64
N MET GB 123 -65.79 4.47 44.94
CA MET GB 123 -66.60 3.52 45.69
C MET GB 123 -67.54 4.25 46.64
N HIS GB 124 -68.75 3.71 46.79
CA HIS GB 124 -69.73 4.24 47.73
C HIS GB 124 -70.47 3.10 48.42
N THR GB 125 -70.72 3.23 49.72
CA THR GB 125 -71.32 2.19 50.54
C THR GB 125 -72.53 2.72 51.29
N ASN GB 126 -73.34 1.80 51.82
CA ASN GB 126 -74.50 2.15 52.65
C ASN GB 126 -74.63 1.20 53.85
N MET GB 127 -73.53 0.97 54.56
CA MET GB 127 -73.50 0.03 55.69
C MET GB 127 -74.06 0.67 56.97
N PRO GB 128 -75.00 0.02 57.66
CA PRO GB 128 -75.38 0.46 59.01
C PRO GB 128 -74.47 -0.13 60.07
N ASN GB 129 -74.37 0.57 61.20
CA ASN GB 129 -73.36 0.21 62.19
C ASN GB 129 -73.71 -1.03 63.02
N VAL GB 130 -74.97 -1.38 63.18
CA VAL GB 130 -75.38 -2.58 63.91
C VAL GB 130 -76.01 -3.54 62.91
N ASN GB 131 -75.31 -4.63 62.60
CA ASN GB 131 -75.79 -5.58 61.60
C ASN GB 131 -75.18 -6.95 61.86
N GLU GB 132 -75.79 -7.96 61.26
CA GLU GB 132 -75.39 -9.36 61.49
C GLU GB 132 -74.11 -9.73 60.75
N TYR GB 133 -73.91 -9.19 59.55
CA TYR GB 133 -72.80 -9.63 58.71
C TYR GB 133 -71.45 -9.30 59.33
N MET GB 134 -71.37 -8.21 60.09
CA MET GB 134 -70.12 -7.74 60.67
C MET GB 134 -69.98 -8.09 62.15
N PHE GB 135 -70.85 -8.95 62.69
CA PHE GB 135 -70.77 -9.44 64.06
C PHE GB 135 -70.90 -8.32 65.10
N SER GB 136 -71.64 -7.27 64.77
CA SER GB 136 -71.95 -6.22 65.73
C SER GB 136 -73.38 -6.33 66.24
N ASN GB 137 -73.94 -7.53 66.18
CA ASN GB 137 -75.35 -7.78 66.44
C ASN GB 137 -75.61 -8.54 67.74
N LYS GB 138 -74.58 -9.10 68.36
CA LYS GB 138 -74.79 -10.09 69.41
C LYS GB 138 -73.65 -10.06 70.42
N PHE GB 139 -73.95 -10.58 71.61
CA PHE GB 139 -72.96 -10.78 72.67
C PHE GB 139 -73.50 -11.86 73.61
N LYS GB 140 -72.64 -12.34 74.50
CA LYS GB 140 -72.99 -13.39 75.46
C LYS GB 140 -72.83 -12.90 76.88
N ALA GB 141 -73.68 -13.41 77.78
CA ALA GB 141 -73.64 -13.03 79.19
C ALA GB 141 -74.20 -14.16 80.04
N ARG GB 142 -73.86 -14.12 81.32
CA ARG GB 142 -74.30 -15.11 82.31
C ARG GB 142 -75.17 -14.43 83.35
N VAL GB 143 -76.43 -14.87 83.46
CA VAL GB 143 -77.40 -14.27 84.37
C VAL GB 143 -78.02 -15.36 85.24
N MET GB 144 -78.85 -14.94 86.19
CA MET GB 144 -79.48 -15.85 87.15
C MET GB 144 -80.82 -16.34 86.62
N VAL GB 145 -81.01 -17.66 86.63
CA VAL GB 145 -82.21 -18.27 86.10
C VAL GB 145 -83.19 -18.69 87.19
N SER GB 146 -82.69 -19.07 88.38
CA SER GB 146 -83.57 -19.53 89.45
C SER GB 146 -83.00 -19.14 90.80
N ARG GB 147 -83.86 -18.59 91.65
CA ARG GB 147 -83.60 -18.53 93.08
C ARG GB 147 -84.16 -19.80 93.71
N LYS GB 148 -84.24 -19.84 95.04
CA LYS GB 148 -84.78 -21.02 95.71
C LYS GB 148 -86.28 -21.15 95.45
N ASP GB 171 -81.00 -20.22 100.54
CA ASP GB 171 -81.36 -20.08 99.13
C ASP GB 171 -80.26 -20.58 98.22
N ILE GB 172 -80.65 -21.33 97.19
CA ILE GB 172 -79.73 -21.85 96.18
C ILE GB 172 -79.99 -21.11 94.88
N LEU GB 173 -78.92 -20.61 94.25
CA LEU GB 173 -79.00 -19.76 93.08
C LEU GB 173 -78.37 -20.47 91.89
N LYS GB 174 -79.05 -20.41 90.75
CA LYS GB 174 -78.60 -21.05 89.52
C LYS GB 174 -78.37 -20.01 88.44
N TYR GB 175 -77.29 -20.18 87.67
CA TYR GB 175 -76.90 -19.26 86.61
C TYR GB 175 -76.66 -20.03 85.32
N GLU GB 176 -76.78 -19.32 84.19
CA GLU GB 176 -76.60 -19.95 82.89
C GLU GB 176 -76.17 -18.91 81.87
N TRP GB 177 -75.48 -19.38 80.82
CA TRP GB 177 -75.04 -18.54 79.72
C TRP GB 177 -76.10 -18.48 78.62
N PHE GB 178 -76.22 -17.31 77.99
CA PHE GB 178 -77.12 -17.11 76.86
C PHE GB 178 -76.45 -16.22 75.84
N GLU GB 179 -76.99 -16.21 74.62
CA GLU GB 179 -76.58 -15.29 73.57
C GLU GB 179 -77.73 -14.34 73.27
N PHE GB 180 -77.44 -13.05 73.23
CA PHE GB 180 -78.44 -12.00 73.09
C PHE GB 180 -78.32 -11.33 71.72
N ILE GB 181 -79.46 -10.99 71.12
CA ILE GB 181 -79.52 -10.47 69.76
C ILE GB 181 -80.23 -9.11 69.78
N LEU GB 182 -79.63 -8.13 69.08
CA LEU GB 182 -80.17 -6.78 68.87
C LEU GB 182 -80.79 -6.68 67.48
N PRO GB 183 -81.77 -5.80 67.27
CA PRO GB 183 -82.27 -5.56 65.92
C PRO GB 183 -81.37 -4.60 65.15
N GLU GB 184 -81.39 -4.74 63.82
CA GLU GB 184 -80.44 -4.05 62.96
C GLU GB 184 -80.86 -2.62 62.64
N GLY GB 185 -79.87 -1.77 62.42
CA GLY GB 185 -80.11 -0.36 62.15
C GLY GB 185 -78.85 0.43 62.36
N ASN GB 186 -78.98 1.75 62.17
CA ASN GB 186 -77.87 2.69 62.30
C ASN GB 186 -78.15 3.59 63.50
N PHE GB 187 -77.46 3.33 64.61
CA PHE GB 187 -77.79 3.94 65.90
C PHE GB 187 -76.59 4.68 66.47
N SER GB 188 -76.88 5.67 67.32
CA SER GB 188 -75.82 6.31 68.09
C SER GB 188 -75.37 5.40 69.23
N ALA GB 189 -74.28 5.79 69.88
CA ALA GB 189 -73.70 4.97 70.93
C ALA GB 189 -74.63 4.85 72.14
N THR GB 190 -75.27 5.95 72.54
CA THR GB 190 -76.20 5.89 73.67
C THR GB 190 -77.41 5.00 73.35
N MET GB 191 -77.96 5.14 72.15
CA MET GB 191 -79.09 4.32 71.75
C MET GB 191 -78.72 2.84 71.69
N THR GB 192 -77.47 2.53 71.30
CA THR GB 192 -77.03 1.14 71.28
C THR GB 192 -76.98 0.54 72.67
N ILE GB 193 -76.52 1.32 73.65
CA ILE GB 193 -76.45 0.83 75.03
C ILE GB 193 -77.84 0.58 75.61
N ASP GB 194 -78.82 1.40 75.22
CA ASP GB 194 -80.20 1.12 75.65
C ASP GB 194 -80.70 -0.21 75.12
N LEU GB 195 -80.35 -0.54 73.87
CA LEU GB 195 -80.81 -1.80 73.29
C LEU GB 195 -80.17 -3.00 73.97
N MET GB 196 -78.92 -2.88 74.41
CA MET GB 196 -78.27 -3.99 75.11
C MET GB 196 -78.92 -4.23 76.47
N ASN GB 197 -79.25 -3.16 77.21
CA ASN GB 197 -79.97 -3.33 78.46
C ASN GB 197 -81.35 -3.95 78.24
N ASN GB 198 -82.04 -3.52 77.18
CA ASN GB 198 -83.36 -4.06 76.87
C ASN GB 198 -83.31 -5.55 76.57
N ALA GB 199 -82.23 -6.02 75.93
CA ALA GB 199 -82.08 -7.44 75.66
C ALA GB 199 -81.94 -8.25 76.94
N ILE GB 200 -81.20 -7.73 77.92
CA ILE GB 200 -81.04 -8.42 79.19
C ILE GB 200 -82.38 -8.57 79.88
N ILE GB 201 -83.17 -7.49 79.90
CA ILE GB 201 -84.43 -7.48 80.63
C ILE GB 201 -85.45 -8.42 79.99
N ASP GB 202 -85.48 -8.51 78.66
CA ASP GB 202 -86.40 -9.43 78.00
C ASP GB 202 -86.10 -10.89 78.35
N ASN GB 203 -84.86 -11.21 78.72
CA ASN GB 203 -84.55 -12.54 79.23
C ASN GB 203 -85.08 -12.73 80.64
N TYR GB 204 -85.12 -11.67 81.44
CA TYR GB 204 -85.64 -11.77 82.80
C TYR GB 204 -87.16 -11.85 82.82
N LEU GB 205 -87.82 -11.44 81.73
CA LEU GB 205 -89.28 -11.53 81.68
C LEU GB 205 -89.77 -12.86 81.11
N GLU GB 206 -88.95 -13.54 80.32
CA GLU GB 206 -89.31 -14.82 79.72
C GLU GB 206 -88.89 -16.01 80.58
N ILE GB 207 -87.71 -15.94 81.18
CA ILE GB 207 -87.22 -16.88 82.16
C ILE GB 207 -87.03 -16.04 83.42
N GLY GB 208 -86.54 -16.61 84.50
CA GLY GB 208 -86.23 -15.73 85.60
C GLY GB 208 -87.44 -15.40 86.43
N ARG GB 209 -88.06 -14.25 86.14
CA ARG GB 209 -89.20 -13.73 86.89
C ARG GB 209 -90.20 -14.80 87.29
N GLN GB 210 -90.52 -15.71 86.38
CA GLN GB 210 -91.46 -16.78 86.71
C GLN GB 210 -90.83 -17.90 87.51
N ASN GB 211 -89.53 -17.82 87.83
CA ASN GB 211 -88.86 -18.83 88.64
C ASN GB 211 -88.27 -18.24 89.92
N GLY GB 212 -88.80 -17.12 90.39
CA GLY GB 212 -88.51 -16.64 91.72
C GLY GB 212 -87.40 -15.61 91.86
N VAL GB 213 -86.86 -15.08 90.76
CA VAL GB 213 -85.86 -14.03 90.87
C VAL GB 213 -86.57 -12.69 90.96
N LEU GB 214 -86.02 -11.80 91.77
CA LEU GB 214 -86.62 -10.49 91.98
C LEU GB 214 -85.97 -9.46 91.07
N GLU GB 215 -86.63 -8.30 90.95
CA GLU GB 215 -86.03 -7.21 90.20
C GLU GB 215 -85.07 -6.44 91.10
N SER GB 216 -84.22 -7.19 91.80
CA SER GB 216 -83.09 -6.62 92.53
C SER GB 216 -81.88 -7.54 92.45
N ASP GB 217 -81.94 -8.60 91.65
CA ASP GB 217 -80.83 -9.52 91.44
C ASP GB 217 -80.54 -9.73 89.96
N ILE GB 218 -80.85 -8.74 89.11
CA ILE GB 218 -80.67 -8.89 87.66
C ILE GB 218 -79.23 -9.28 87.34
N GLY GB 219 -78.27 -8.42 87.69
CA GLY GB 219 -76.88 -8.83 87.70
C GLY GB 219 -76.00 -8.39 86.54
N VAL GB 220 -76.57 -7.83 85.48
CA VAL GB 220 -75.78 -7.29 84.36
C VAL GB 220 -76.42 -5.98 83.90
N LYS GB 221 -75.66 -4.89 83.93
CA LYS GB 221 -76.15 -3.61 83.46
C LYS GB 221 -75.01 -2.82 82.83
N PHE GB 222 -75.32 -2.07 81.77
CA PHE GB 222 -74.37 -1.19 81.10
C PHE GB 222 -74.68 0.25 81.46
N ASP GB 223 -73.70 0.97 82.02
CA ASP GB 223 -73.92 2.30 82.56
C ASP GB 223 -72.87 3.28 81.99
N THR GB 224 -72.96 4.54 82.43
CA THR GB 224 -72.01 5.56 82.05
C THR GB 224 -71.50 6.40 83.22
N ARG GB 225 -71.95 6.16 84.45
CA ARG GB 225 -71.69 7.08 85.55
C ARG GB 225 -70.41 6.75 86.29
N ASN GB 226 -69.90 7.74 87.01
CA ASN GB 226 -68.77 7.57 87.91
C ASN GB 226 -69.33 7.44 89.32
N PHE GB 227 -69.56 6.21 89.76
CA PHE GB 227 -69.97 6.00 91.12
C PHE GB 227 -68.83 6.38 92.06
N ARG GB 228 -69.18 6.70 93.31
CA ARG GB 228 -68.27 7.18 94.35
C ARG GB 228 -67.72 8.58 94.08
N LEU GB 229 -68.38 9.39 93.26
CA LEU GB 229 -67.93 10.76 93.04
C LEU GB 229 -68.05 11.59 94.32
N GLY GB 230 -69.23 11.59 94.95
CA GLY GB 230 -69.44 12.39 96.14
C GLY GB 230 -69.06 11.69 97.43
N TRP GB 231 -68.10 10.78 97.36
CA TRP GB 231 -67.69 9.97 98.50
C TRP GB 231 -67.00 10.82 99.55
N ASP GB 232 -67.18 10.44 100.82
CA ASP GB 232 -66.61 11.16 101.95
C ASP GB 232 -65.60 10.29 102.67
N PRO GB 233 -64.39 10.79 102.93
CA PRO GB 233 -63.35 9.93 103.48
C PRO GB 233 -63.58 9.51 104.92
N GLU GB 234 -64.46 10.19 105.67
CA GLU GB 234 -64.72 9.85 107.06
C GLU GB 234 -65.90 8.87 107.18
N THR GB 235 -67.07 9.28 106.68
CA THR GB 235 -68.24 8.42 106.76
C THR GB 235 -68.22 7.29 105.73
N LYS GB 236 -67.42 7.41 104.67
CA LYS GB 236 -67.28 6.39 103.64
C LYS GB 236 -68.63 6.05 103.00
N LEU GB 237 -69.46 7.06 102.78
CA LEU GB 237 -70.73 6.90 102.10
C LEU GB 237 -70.93 8.08 101.15
N ILE GB 238 -71.83 7.90 100.19
CA ILE GB 238 -72.15 8.96 99.23
C ILE GB 238 -73.08 9.94 99.93
N MET GB 239 -72.52 11.05 100.41
CA MET GB 239 -73.28 11.97 101.25
C MET GB 239 -74.53 12.55 100.60
N PRO GB 240 -74.56 12.94 99.32
CA PRO GB 240 -75.79 13.51 98.77
C PRO GB 240 -76.99 12.57 98.78
N GLY GB 241 -76.77 11.26 98.90
CA GLY GB 241 -77.87 10.31 98.85
C GLY GB 241 -78.26 9.85 97.47
N VAL GB 242 -77.70 10.44 96.41
CA VAL GB 242 -77.88 9.98 95.04
C VAL GB 242 -76.54 10.05 94.32
N TYR GB 243 -76.28 9.07 93.49
CA TYR GB 243 -75.06 9.08 92.67
C TYR GB 243 -75.12 10.22 91.66
N THR GB 244 -73.96 10.79 91.37
CA THR GB 244 -73.89 11.91 90.43
C THR GB 244 -74.38 11.49 89.05
N TYR GB 245 -75.29 12.26 88.48
CA TYR GB 245 -75.97 11.89 87.25
C TYR GB 245 -75.29 12.52 86.02
N GLU GB 246 -74.01 12.21 85.85
CA GLU GB 246 -73.21 12.72 84.73
C GLU GB 246 -72.51 11.56 84.02
N ALA GB 247 -72.34 11.70 82.71
CA ALA GB 247 -71.74 10.66 81.90
C ALA GB 247 -70.22 10.86 81.81
N PHE GB 248 -69.47 9.79 82.05
CA PHE GB 248 -68.01 9.81 82.01
C PHE GB 248 -67.43 8.91 80.94
N HIS GB 249 -67.83 7.64 80.91
CA HIS GB 249 -67.31 6.60 80.02
C HIS GB 249 -68.19 5.37 80.19
N PRO GB 250 -68.48 4.63 79.13
CA PRO GB 250 -69.32 3.43 79.27
C PRO GB 250 -68.69 2.40 80.20
N ASP GB 251 -69.54 1.69 80.93
CA ASP GB 251 -69.13 0.89 82.08
C ASP GB 251 -69.98 -0.37 82.17
N ILE GB 252 -69.46 -1.37 82.86
CA ILE GB 252 -70.11 -2.66 83.08
C ILE GB 252 -70.28 -2.86 84.59
N VAL GB 253 -71.49 -3.17 85.03
CA VAL GB 253 -71.81 -3.39 86.44
C VAL GB 253 -72.29 -4.83 86.63
N LEU GB 254 -71.71 -5.52 87.61
CA LEU GB 254 -71.94 -6.95 87.81
C LEU GB 254 -72.28 -7.27 89.26
N LEU GB 255 -73.08 -8.34 89.44
CA LEU GB 255 -73.39 -9.03 90.68
C LEU GB 255 -72.65 -10.35 90.75
N PRO GB 256 -72.49 -10.93 91.95
CA PRO GB 256 -71.73 -12.18 92.06
C PRO GB 256 -72.35 -13.29 91.21
N GLY GB 257 -71.49 -14.08 90.58
CA GLY GB 257 -71.92 -15.18 89.74
C GLY GB 257 -72.18 -14.83 88.29
N CYS GB 258 -72.06 -13.57 87.89
CA CYS GB 258 -72.40 -13.14 86.54
C CYS GB 258 -71.13 -12.76 85.77
N GLY GB 259 -71.31 -12.45 84.49
CA GLY GB 259 -70.20 -12.04 83.64
C GLY GB 259 -70.67 -11.83 82.20
N VAL GB 260 -69.76 -11.25 81.41
CA VAL GB 260 -70.00 -11.03 79.98
C VAL GB 260 -68.82 -11.57 79.20
N ASP GB 261 -69.08 -11.94 77.94
CA ASP GB 261 -68.06 -12.55 77.08
C ASP GB 261 -68.15 -11.94 75.69
N PHE GB 262 -67.04 -11.34 75.23
CA PHE GB 262 -67.01 -10.65 73.94
C PHE GB 262 -66.14 -11.37 72.92
N THR GB 263 -65.99 -12.68 73.04
CA THR GB 263 -65.11 -13.41 72.13
C THR GB 263 -65.59 -13.33 70.69
N GLU GB 264 -66.91 -13.38 70.48
CA GLU GB 264 -67.46 -13.38 69.13
C GLU GB 264 -68.32 -12.14 68.89
N SER GB 265 -67.80 -10.98 69.26
CA SER GB 265 -68.57 -9.74 69.20
C SER GB 265 -67.62 -8.57 69.00
N ARG GB 266 -68.11 -7.54 68.31
CA ARG GB 266 -67.36 -6.32 68.11
C ARG GB 266 -67.91 -5.15 68.93
N LEU GB 267 -68.82 -5.42 69.86
CA LEU GB 267 -69.41 -4.37 70.67
C LEU GB 267 -68.50 -3.87 71.78
N SER GB 268 -67.39 -4.56 72.05
CA SER GB 268 -66.43 -4.04 73.02
C SER GB 268 -65.71 -2.81 72.49
N ASN GB 269 -65.57 -2.66 71.17
CA ASN GB 269 -64.99 -1.44 70.61
C ASN GB 269 -65.89 -0.24 70.83
N LEU GB 270 -67.21 -0.43 70.72
CA LEU GB 270 -68.14 0.66 70.98
C LEU GB 270 -68.15 1.06 72.45
N LEU GB 271 -67.85 0.13 73.36
CA LEU GB 271 -67.79 0.45 74.78
C LEU GB 271 -66.49 1.10 75.19
N GLY GB 272 -65.46 1.05 74.35
CA GLY GB 272 -64.18 1.61 74.74
C GLY GB 272 -63.41 0.79 75.76
N ILE GB 273 -63.54 -0.53 75.73
CA ILE GB 273 -62.80 -1.44 76.60
C ILE GB 273 -62.08 -2.45 75.71
N ARG GB 274 -60.76 -2.49 75.81
CA ARG GB 274 -59.92 -3.34 74.96
C ARG GB 274 -58.87 -4.06 75.78
N LYS GB 275 -58.28 -5.08 75.18
CA LYS GB 275 -57.23 -5.88 75.82
C LYS GB 275 -55.85 -5.35 75.49
N ARG GB 276 -54.96 -5.39 76.49
CA ARG GB 276 -53.58 -4.97 76.27
C ARG GB 276 -52.78 -5.97 75.43
N HIS GB 277 -53.28 -7.20 75.29
CA HIS GB 277 -52.69 -8.21 74.42
C HIS GB 277 -53.76 -8.61 73.42
N PRO GB 278 -53.96 -7.82 72.36
CA PRO GB 278 -55.13 -8.00 71.49
C PRO GB 278 -55.06 -9.22 70.59
N PHE GB 279 -53.91 -9.88 70.48
CA PHE GB 279 -53.80 -11.06 69.64
C PHE GB 279 -54.03 -12.38 70.38
N GLN GB 280 -54.34 -12.32 71.68
CA GLN GB 280 -54.65 -13.52 72.45
C GLN GB 280 -56.17 -13.75 72.42
N GLU GB 281 -56.58 -14.94 71.97
CA GLU GB 281 -58.00 -15.22 71.79
C GLU GB 281 -58.74 -15.27 73.12
N GLY GB 282 -59.98 -14.80 73.11
CA GLY GB 282 -60.83 -14.84 74.29
C GLY GB 282 -60.89 -13.55 75.07
N PHE GB 283 -62.12 -13.09 75.37
CA PHE GB 283 -62.32 -11.84 76.10
C PHE GB 283 -63.53 -12.04 77.03
N LYS GB 284 -63.27 -12.39 78.28
CA LYS GB 284 -64.30 -12.59 79.28
C LYS GB 284 -64.01 -11.76 80.51
N ILE GB 285 -65.05 -11.15 81.08
CA ILE GB 285 -64.94 -10.35 82.30
C ILE GB 285 -65.97 -10.87 83.29
N MET GB 286 -65.51 -11.44 84.40
CA MET GB 286 -66.37 -12.02 85.42
C MET GB 286 -66.32 -11.20 86.70
N TYR GB 287 -67.23 -11.53 87.62
CA TYR GB 287 -67.32 -10.78 88.88
C TYR GB 287 -66.05 -10.89 89.70
N GLU GB 288 -65.34 -12.01 89.60
CA GLU GB 288 -64.11 -12.20 90.36
C GLU GB 288 -62.94 -11.37 89.82
N ASP GB 289 -63.03 -10.87 88.58
CA ASP GB 289 -61.96 -10.08 88.00
C ASP GB 289 -62.06 -8.59 88.34
N LEU GB 290 -63.16 -8.14 88.94
CA LEU GB 290 -63.39 -6.74 89.24
C LEU GB 290 -63.10 -6.40 90.71
N GLU GB 291 -62.09 -7.03 91.29
CA GLU GB 291 -61.78 -6.79 92.70
C GLU GB 291 -61.41 -5.33 92.94
N GLY GB 292 -61.88 -4.79 94.05
CA GLY GB 292 -61.66 -3.40 94.40
C GLY GB 292 -62.64 -2.42 93.80
N GLY GB 293 -63.63 -2.89 93.04
CA GLY GB 293 -64.54 -2.00 92.36
C GLY GB 293 -65.95 -1.98 92.91
N ASN GB 294 -66.12 -2.34 94.18
CA ASN GB 294 -67.45 -2.34 94.79
C ASN GB 294 -67.99 -0.91 94.85
N ILE GB 295 -69.28 -0.78 94.56
CA ILE GB 295 -69.95 0.52 94.54
C ILE GB 295 -70.33 0.91 95.96
N PRO GB 296 -69.87 2.05 96.45
CA PRO GB 296 -70.20 2.44 97.84
C PRO GB 296 -71.69 2.64 98.02
N ALA GB 297 -72.18 2.25 99.20
CA ALA GB 297 -73.60 2.32 99.50
C ALA GB 297 -74.04 3.76 99.78
N LEU GB 298 -75.33 4.02 99.56
CA LEU GB 298 -75.99 5.26 99.91
C LEU GB 298 -75.17 6.50 99.58
N ILE GB 364 -76.44 8.50 110.43
CA ILE GB 364 -75.28 7.96 109.75
C ILE GB 364 -75.43 6.45 109.51
N GLN GB 365 -76.36 6.08 108.62
CA GLN GB 365 -76.56 4.69 108.28
C GLN GB 365 -76.87 4.59 106.79
N PRO GB 366 -76.44 3.53 106.11
CA PRO GB 366 -76.73 3.39 104.69
C PRO GB 366 -78.20 3.09 104.45
N LEU GB 367 -78.71 3.59 103.31
CA LEU GB 367 -80.05 3.20 102.88
C LEU GB 367 -80.03 1.76 102.39
N GLU GB 368 -80.99 0.97 102.84
CA GLU GB 368 -81.01 -0.45 102.55
C GLU GB 368 -82.04 -0.87 101.51
N LYS GB 369 -82.93 0.02 101.10
CA LYS GB 369 -83.97 -0.34 100.15
C LYS GB 369 -84.41 0.91 99.39
N ASP GB 370 -85.09 0.69 98.28
CA ASP GB 370 -85.52 1.76 97.39
C ASP GB 370 -86.93 2.22 97.77
N SER GB 371 -87.50 3.13 96.96
CA SER GB 371 -88.82 3.68 97.26
C SER GB 371 -89.90 2.62 97.21
N LYS GB 372 -89.85 1.73 96.22
CA LYS GB 372 -90.84 0.68 96.06
C LYS GB 372 -90.42 -0.63 96.69
N SER GB 373 -89.61 -0.57 97.75
CA SER GB 373 -89.16 -1.76 98.48
C SER GB 373 -88.39 -2.71 97.57
N ARG GB 374 -87.27 -2.22 97.05
CA ARG GB 374 -86.32 -3.05 96.32
C ARG GB 374 -84.99 -3.02 97.06
N SER GB 375 -84.40 -4.19 97.27
CA SER GB 375 -83.15 -4.28 98.00
C SER GB 375 -82.01 -3.67 97.19
N TYR GB 376 -81.18 -2.87 97.86
CA TYR GB 376 -79.95 -2.36 97.28
C TYR GB 376 -78.79 -3.34 97.45
N ASN GB 377 -79.01 -4.50 98.07
CA ASN GB 377 -77.97 -5.52 98.26
C ASN GB 377 -76.80 -5.01 99.10
N VAL GB 378 -77.11 -4.26 100.17
CA VAL GB 378 -76.07 -3.79 101.07
C VAL GB 378 -75.49 -4.97 101.83
N LEU GB 379 -74.19 -4.90 102.12
CA LEU GB 379 -73.45 -5.98 102.75
C LEU GB 379 -73.15 -5.65 104.20
N GLU GB 380 -72.36 -6.53 104.84
CA GLU GB 380 -71.88 -6.25 106.18
C GLU GB 380 -70.89 -5.10 106.15
N ASP GB 381 -70.68 -4.50 107.33
CA ASP GB 381 -69.87 -3.30 107.54
C ASP GB 381 -70.59 -2.05 107.04
N LYS GB 382 -71.72 -2.22 106.36
CA LYS GB 382 -72.66 -1.14 106.08
C LYS GB 382 -72.00 0.04 105.38
N ILE GB 383 -71.04 -0.23 104.50
CA ILE GB 383 -70.42 0.80 103.68
C ILE GB 383 -70.50 0.49 102.19
N ASN GB 384 -70.21 -0.75 101.80
CA ASN GB 384 -70.15 -1.12 100.39
C ASN GB 384 -71.31 -2.02 100.02
N THR GB 385 -71.56 -2.08 98.72
CA THR GB 385 -72.63 -2.85 98.12
C THR GB 385 -72.05 -3.98 97.29
N ALA GB 386 -72.86 -5.04 97.07
CA ALA GB 386 -72.40 -6.19 96.31
C ALA GB 386 -72.11 -5.88 94.85
N TYR GB 387 -72.65 -4.78 94.30
CA TYR GB 387 -72.39 -4.43 92.90
C TYR GB 387 -70.93 -4.04 92.71
N ARG GB 388 -70.35 -4.49 91.61
CA ARG GB 388 -69.02 -4.10 91.18
C ARG GB 388 -69.07 -3.52 89.78
N SER GB 389 -68.14 -2.61 89.48
CA SER GB 389 -68.09 -1.97 88.17
C SER GB 389 -66.67 -1.93 87.63
N TRP GB 390 -66.56 -2.06 86.30
CA TRP GB 390 -65.25 -2.06 85.65
C TRP GB 390 -64.54 -0.73 85.83
N TYR GB 391 -65.26 0.38 85.72
CA TYR GB 391 -64.62 1.69 85.78
C TYR GB 391 -64.03 1.97 87.16
N LEU GB 392 -64.75 1.61 88.22
CA LEU GB 392 -64.23 1.82 89.57
C LEU GB 392 -62.99 0.97 89.81
N SER GB 393 -63.00 -0.28 89.34
CA SER GB 393 -61.83 -1.14 89.52
C SER GB 393 -60.65 -0.65 88.70
N TYR GB 394 -60.89 -0.14 87.49
CA TYR GB 394 -59.80 0.36 86.65
C TYR GB 394 -59.13 1.58 87.26
N ASN GB 395 -59.91 2.49 87.84
CA ASN GB 395 -59.37 3.76 88.29
C ASN GB 395 -58.99 3.77 89.78
N TYR GB 396 -59.64 2.98 90.62
CA TYR GB 396 -59.40 3.04 92.06
C TYR GB 396 -58.86 1.74 92.66
N GLY GB 397 -58.88 0.64 91.91
CA GLY GB 397 -58.40 -0.62 92.42
C GLY GB 397 -56.89 -0.72 92.42
N ASN GB 398 -56.41 -1.94 92.63
CA ASN GB 398 -54.97 -2.19 92.69
C ASN GB 398 -54.37 -2.10 91.30
N PRO GB 399 -53.37 -1.24 91.06
CA PRO GB 399 -52.84 -1.09 89.70
C PRO GB 399 -52.20 -2.36 89.14
N GLU GB 400 -51.64 -3.23 89.98
CA GLU GB 400 -50.87 -4.36 89.50
C GLU GB 400 -51.59 -5.70 89.67
N LYS GB 401 -52.83 -5.70 90.17
CA LYS GB 401 -53.59 -6.93 90.32
C LYS GB 401 -55.02 -6.85 89.82
N GLY GB 402 -55.61 -5.67 89.70
CA GLY GB 402 -56.98 -5.53 89.26
C GLY GB 402 -57.11 -5.61 87.76
N ILE GB 403 -58.28 -5.18 87.28
CA ILE GB 403 -58.60 -5.24 85.86
C ILE GB 403 -57.69 -4.33 85.03
N ARG GB 404 -57.04 -3.35 85.65
CA ARG GB 404 -56.16 -2.42 84.94
C ARG GB 404 -54.90 -3.09 84.42
N SER GB 405 -54.53 -4.26 84.94
CA SER GB 405 -53.29 -4.88 84.53
C SER GB 405 -53.37 -5.54 83.16
N TRP GB 406 -54.57 -5.88 82.67
CA TRP GB 406 -54.70 -6.50 81.37
C TRP GB 406 -55.81 -5.94 80.49
N THR GB 407 -56.45 -4.83 80.88
CA THR GB 407 -57.39 -4.14 80.01
C THR GB 407 -56.98 -2.67 79.88
N LEU GB 408 -57.54 -2.00 78.87
CA LEU GB 408 -57.17 -0.64 78.53
C LEU GB 408 -58.43 0.17 78.24
N LEU GB 409 -58.43 1.42 78.70
CA LEU GB 409 -59.56 2.33 78.50
C LEU GB 409 -59.30 3.19 77.27
N THR GB 410 -60.26 3.22 76.34
CA THR GB 410 -60.12 3.95 75.09
C THR GB 410 -61.39 4.74 74.79
N THR GB 411 -61.31 5.66 73.83
CA THR GB 411 -62.49 6.40 73.39
C THR GB 411 -63.47 5.49 72.66
N SER GB 412 -64.75 5.74 72.85
CA SER GB 412 -65.78 4.95 72.20
C SER GB 412 -65.75 5.12 70.69
N ASP GB 413 -65.86 4.02 69.97
CA ASP GB 413 -65.82 4.01 68.50
C ASP GB 413 -67.16 3.50 67.97
N VAL GB 414 -68.00 4.41 67.48
CA VAL GB 414 -69.37 4.07 67.10
C VAL GB 414 -69.41 3.15 65.88
N THR GB 415 -68.44 3.23 64.98
CA THR GB 415 -68.45 2.35 63.82
C THR GB 415 -68.12 0.90 64.18
N CYS GB 416 -67.70 0.65 65.42
CA CYS GB 416 -67.30 -0.67 65.93
C CYS GB 416 -65.99 -1.16 65.32
N GLY GB 417 -65.22 -0.28 64.69
CA GLY GB 417 -63.91 -0.64 64.19
C GLY GB 417 -63.93 -1.05 62.73
N VAL GB 418 -63.49 -0.18 61.86
CA VAL GB 418 -63.48 -0.46 60.44
C VAL GB 418 -62.15 -1.09 60.07
N GLU GB 419 -62.19 -1.99 59.09
CA GLU GB 419 -60.99 -2.63 58.57
C GLU GB 419 -60.85 -2.31 57.09
N GLN GB 420 -59.90 -2.96 56.43
CA GLN GB 420 -59.54 -2.65 55.06
C GLN GB 420 -60.38 -3.44 54.06
N VAL GB 421 -60.31 -3.01 52.79
CA VAL GB 421 -60.92 -3.70 51.66
C VAL GB 421 -59.88 -3.88 50.57
N TYR GB 422 -60.07 -4.92 49.75
CA TYR GB 422 -59.13 -5.29 48.69
C TYR GB 422 -59.83 -5.30 47.33
N TRP GB 423 -59.12 -4.80 46.31
CA TRP GB 423 -59.58 -4.81 44.91
C TRP GB 423 -58.90 -5.92 44.13
N SER GB 424 -59.64 -6.57 43.23
CA SER GB 424 -59.10 -7.57 42.32
C SER GB 424 -59.56 -7.31 40.88
N LEU GB 425 -58.65 -7.42 39.93
CA LEU GB 425 -58.95 -7.34 38.50
C LEU GB 425 -58.21 -8.46 37.76
N PRO GB 426 -58.65 -9.71 37.93
CA PRO GB 426 -57.81 -10.84 37.47
C PRO GB 426 -57.64 -10.95 35.96
N ASP GB 427 -58.51 -10.37 35.14
CA ASP GB 427 -58.38 -10.46 33.69
C ASP GB 427 -57.63 -9.28 33.09
N MET GB 428 -57.19 -8.31 33.88
CA MET GB 428 -56.53 -7.13 33.34
C MET GB 428 -55.10 -6.98 33.81
N MET GB 429 -54.83 -7.11 35.11
CA MET GB 429 -53.51 -6.92 35.68
C MET GB 429 -52.78 -8.25 35.85
N GLN GB 430 -51.45 -8.19 35.82
CA GLN GB 430 -50.64 -9.34 36.20
C GLN GB 430 -50.69 -9.55 37.71
N ASP GB 431 -50.52 -10.80 38.13
CA ASP GB 431 -50.55 -11.13 39.56
C ASP GB 431 -49.32 -10.53 40.25
N PRO GB 432 -49.48 -9.82 41.36
CA PRO GB 432 -48.31 -9.38 42.12
C PRO GB 432 -47.54 -10.54 42.75
N VAL GB 433 -46.32 -10.23 43.17
CA VAL GB 433 -45.34 -11.26 43.54
C VAL GB 433 -45.85 -12.11 44.72
N THR GB 434 -45.66 -13.42 44.59
CA THR GB 434 -46.01 -14.54 45.49
C THR GB 434 -47.49 -14.94 45.44
N PHE GB 435 -48.37 -14.23 44.74
CA PHE GB 435 -49.76 -14.67 44.59
C PHE GB 435 -49.86 -15.76 43.52
N ARG GB 436 -50.69 -16.77 43.78
CA ARG GB 436 -50.96 -17.83 42.81
C ARG GB 436 -52.14 -17.46 41.91
N SER GB 437 -52.06 -17.89 40.65
CA SER GB 437 -53.19 -17.76 39.73
C SER GB 437 -54.26 -18.80 40.05
N THR GB 438 -55.51 -18.36 40.06
CA THR GB 438 -56.61 -19.23 40.48
C THR GB 438 -57.93 -18.68 39.97
N ARG GB 439 -58.97 -19.51 40.08
CA ARG GB 439 -60.33 -19.10 39.77
C ARG GB 439 -61.26 -19.18 40.98
N GLN GB 440 -60.72 -19.29 42.20
CA GLN GB 440 -61.52 -19.26 43.41
C GLN GB 440 -61.64 -17.82 43.90
N VAL GB 441 -62.88 -17.40 44.15
CA VAL GB 441 -63.15 -15.98 44.43
C VAL GB 441 -62.47 -15.53 45.72
N SER GB 442 -62.52 -16.37 46.76
CA SER GB 442 -61.87 -15.98 48.00
C SER GB 442 -60.34 -16.03 47.94
N ASN GB 443 -59.70 -16.25 46.78
CA ASN GB 443 -58.25 -16.27 46.73
C ASN GB 443 -57.71 -15.53 45.50
N TYR GB 444 -58.47 -14.58 44.94
CA TYR GB 444 -57.97 -13.77 43.84
C TYR GB 444 -56.76 -12.94 44.27
N PRO GB 445 -55.79 -12.72 43.38
CA PRO GB 445 -54.70 -11.80 43.70
C PRO GB 445 -55.19 -10.38 43.92
N VAL GB 446 -54.50 -9.65 44.79
CA VAL GB 446 -54.95 -8.34 45.28
C VAL GB 446 -54.17 -7.25 44.57
N VAL GB 447 -54.88 -6.28 44.01
CA VAL GB 447 -54.28 -5.21 43.22
C VAL GB 447 -54.29 -3.85 43.93
N GLY GB 448 -55.04 -3.70 45.02
CA GLY GB 448 -55.01 -2.47 45.79
C GLY GB 448 -55.77 -2.63 47.09
N ALA GB 449 -55.52 -1.70 48.01
CA ALA GB 449 -56.12 -1.75 49.34
C ALA GB 449 -56.42 -0.34 49.85
N GLU GB 450 -57.44 -0.23 50.70
CA GLU GB 450 -57.85 1.03 51.32
C GLU GB 450 -58.79 0.69 52.47
N LEU GB 451 -59.19 1.72 53.22
CA LEU GB 451 -60.15 1.52 54.29
C LEU GB 451 -61.58 1.46 53.76
N MET GB 452 -62.38 0.60 54.35
CA MET GB 452 -63.81 0.61 54.11
C MET GB 452 -64.35 1.98 54.51
N PRO GB 453 -65.03 2.71 53.63
CA PRO GB 453 -65.24 4.16 53.81
C PRO GB 453 -66.40 4.53 54.72
N VAL GB 454 -66.25 4.24 56.01
CA VAL GB 454 -67.25 4.56 57.03
C VAL GB 454 -66.54 5.29 58.17
N PHE GB 455 -67.09 6.42 58.58
CA PHE GB 455 -66.43 7.30 59.53
C PHE GB 455 -67.37 7.78 60.62
N SER GB 456 -66.78 8.19 61.74
CA SER GB 456 -67.50 8.73 62.88
C SER GB 456 -67.57 10.25 62.80
N LYS GB 457 -68.71 10.81 63.23
CA LYS GB 457 -68.90 12.26 63.29
C LYS GB 457 -69.45 12.65 64.66
N SER GB 458 -68.97 13.78 65.18
CA SER GB 458 -69.33 14.24 66.53
C SER GB 458 -70.32 15.40 66.50
N PHE GB 459 -71.19 15.42 67.51
CA PHE GB 459 -72.14 16.51 67.71
C PHE GB 459 -72.17 16.88 69.19
N TYR GB 460 -72.62 18.09 69.48
CA TYR GB 460 -72.69 18.59 70.85
C TYR GB 460 -74.15 18.71 71.26
N ASN GB 461 -74.49 18.15 72.42
CA ASN GB 461 -75.86 18.20 72.94
C ASN GB 461 -75.90 18.49 74.44
N HIS GB 478 -92.28 4.42 79.13
CA HIS GB 478 -90.85 4.38 78.85
C HIS GB 478 -90.31 2.96 78.96
N VAL GB 479 -90.15 2.30 77.81
CA VAL GB 479 -89.59 0.96 77.79
C VAL GB 479 -88.11 0.97 78.16
N PHE GB 480 -87.43 2.10 78.01
CA PHE GB 480 -86.01 2.22 78.34
C PHE GB 480 -85.77 2.71 79.76
N ASN GB 481 -86.82 2.83 80.57
CA ASN GB 481 -86.67 3.17 81.98
C ASN GB 481 -87.79 2.46 82.74
N ARG GB 482 -87.49 1.23 83.20
CA ARG GB 482 -88.45 0.38 83.88
C ARG GB 482 -88.32 0.42 85.39
N PHE GB 483 -87.24 0.99 85.92
CA PHE GB 483 -87.03 1.12 87.35
C PHE GB 483 -86.63 2.56 87.65
N PRO GB 484 -87.57 3.50 87.48
CA PRO GB 484 -87.22 4.91 87.68
C PRO GB 484 -86.72 5.22 89.09
N GLU GB 485 -87.21 4.52 90.10
CA GLU GB 485 -86.85 4.84 91.47
C GLU GB 485 -85.45 4.34 91.84
N ASN GB 486 -85.03 3.21 91.29
CA ASN GB 486 -83.82 2.54 91.75
C ASN GB 486 -82.59 3.29 91.27
N GLN GB 487 -81.72 3.69 92.20
CA GLN GB 487 -80.53 4.46 91.85
C GLN GB 487 -79.52 3.66 91.05
N ILE GB 488 -79.55 2.34 91.15
CA ILE GB 488 -78.63 1.51 90.38
C ILE GB 488 -79.17 1.18 89.00
N LEU GB 489 -80.48 0.97 88.91
CA LEU GB 489 -81.13 0.54 87.68
C LEU GB 489 -81.77 1.70 86.91
N ILE GB 490 -81.49 2.94 87.30
CA ILE GB 490 -81.99 4.08 86.55
C ILE GB 490 -81.35 4.12 85.16
N ARG GB 491 -82.05 4.75 84.22
CA ARG GB 491 -81.54 4.88 82.85
C ARG GB 491 -80.30 5.76 82.84
N PRO GB 492 -79.22 5.34 82.19
CA PRO GB 492 -77.97 6.09 82.27
C PRO GB 492 -78.11 7.46 81.67
N PRO GB 493 -77.40 8.45 82.21
CA PRO GB 493 -77.39 9.77 81.58
C PRO GB 493 -76.67 9.74 80.23
N ALA GB 494 -77.11 10.64 79.34
CA ALA GB 494 -76.56 10.74 77.98
C ALA GB 494 -75.32 11.62 77.97
N PRO GB 495 -74.30 11.28 77.19
CA PRO GB 495 -73.11 12.12 77.11
C PRO GB 495 -73.40 13.45 76.44
N THR GB 496 -72.61 14.45 76.81
CA THR GB 496 -72.68 15.74 76.13
C THR GB 496 -72.05 15.70 74.74
N ILE GB 497 -71.34 14.63 74.38
CA ILE GB 497 -70.80 14.44 73.04
C ILE GB 497 -71.42 13.17 72.45
N THR GB 498 -72.11 13.30 71.33
CA THR GB 498 -72.74 12.18 70.64
C THR GB 498 -72.04 11.91 69.32
N THR GB 499 -71.81 10.64 69.00
CA THR GB 499 -71.16 10.24 67.76
C THR GB 499 -72.05 9.30 66.97
N VAL GB 500 -72.07 9.49 65.64
CA VAL GB 500 -72.82 8.66 64.71
C VAL GB 500 -71.91 8.33 63.52
N SER GB 501 -72.21 7.23 62.84
CA SER GB 501 -71.38 6.75 61.75
C SER GB 501 -71.99 7.15 60.40
N GLU GB 502 -71.10 7.47 59.45
CA GLU GB 502 -71.48 7.99 58.13
C GLU GB 502 -70.75 7.25 57.02
N ASN GB 503 -71.39 7.20 55.85
CA ASN GB 503 -70.79 6.67 54.64
C ASN GB 503 -70.36 7.83 53.74
N VAL GB 504 -69.09 7.87 53.36
CA VAL GB 504 -68.52 8.96 52.56
C VAL GB 504 -67.90 8.38 51.31
N PRO GB 505 -68.24 8.87 50.12
CA PRO GB 505 -67.65 8.31 48.89
C PRO GB 505 -66.13 8.48 48.86
N ALA GB 506 -65.46 7.43 48.38
CA ALA GB 506 -64.01 7.33 48.43
C ALA GB 506 -63.43 7.37 47.02
N LEU GB 507 -62.47 8.28 46.80
CA LEU GB 507 -61.81 8.48 45.52
C LEU GB 507 -60.32 8.20 45.73
N THR GB 508 -59.80 7.18 45.07
CA THR GB 508 -58.48 6.65 45.41
C THR GB 508 -57.61 6.47 44.18
N ASP GB 509 -56.34 6.88 44.29
CA ASP GB 509 -55.33 6.62 43.28
C ASP GB 509 -54.42 5.50 43.78
N HIS GB 510 -54.38 4.39 43.05
CA HIS GB 510 -53.64 3.21 43.45
C HIS GB 510 -52.27 3.09 42.78
N GLY GB 511 -51.85 4.06 41.97
CA GLY GB 511 -50.58 3.98 41.28
C GLY GB 511 -50.61 3.12 40.02
N THR GB 512 -49.41 2.79 39.54
CA THR GB 512 -49.23 2.06 38.29
C THR GB 512 -48.91 0.59 38.54
N LEU GB 513 -49.58 -0.30 37.84
CA LEU GB 513 -49.37 -1.75 37.93
C LEU GB 513 -49.13 -2.36 36.54
N PRO GB 514 -48.33 -3.43 36.46
CA PRO GB 514 -48.09 -4.06 35.16
C PRO GB 514 -49.36 -4.66 34.55
N LEU GB 515 -49.49 -4.50 33.25
CA LEU GB 515 -50.70 -4.80 32.48
C LEU GB 515 -50.45 -5.98 31.55
N ARG GB 516 -51.48 -6.80 31.35
CA ARG GB 516 -51.38 -7.90 30.38
C ARG GB 516 -51.38 -7.35 28.95
N SER GB 517 -50.65 -8.03 28.06
CA SER GB 517 -50.51 -7.56 26.69
C SER GB 517 -51.77 -7.75 25.86
N SER GB 518 -52.61 -8.72 26.20
CA SER GB 518 -53.85 -8.95 25.48
C SER GB 518 -55.00 -8.94 26.48
N ILE GB 519 -56.00 -8.10 26.21
CA ILE GB 519 -57.11 -7.85 27.12
C ILE GB 519 -58.40 -8.31 26.46
N ARG GB 520 -59.12 -9.22 27.11
CA ARG GB 520 -60.40 -9.69 26.59
C ARG GB 520 -61.50 -8.67 26.81
N GLY GB 521 -62.56 -8.79 26.02
CA GLY GB 521 -63.65 -7.83 26.02
C GLY GB 521 -64.52 -7.85 27.25
N VAL GB 522 -64.57 -8.95 27.99
CA VAL GB 522 -65.36 -9.07 29.21
C VAL GB 522 -64.41 -9.22 30.39
N GLN GB 523 -64.64 -8.41 31.44
CA GLN GB 523 -63.73 -8.31 32.57
C GLN GB 523 -64.49 -8.52 33.89
N ARG GB 524 -63.80 -9.11 34.86
CA ARG GB 524 -64.34 -9.34 36.19
C ARG GB 524 -63.82 -8.32 37.20
N VAL GB 525 -64.71 -7.80 38.04
CA VAL GB 525 -64.37 -6.82 39.07
C VAL GB 525 -64.85 -7.36 40.42
N THR GB 526 -63.95 -7.36 41.42
CA THR GB 526 -64.26 -7.93 42.73
C THR GB 526 -63.74 -7.04 43.86
N VAL GB 527 -64.54 -6.93 44.93
CA VAL GB 527 -64.18 -6.22 46.16
C VAL GB 527 -64.44 -7.15 47.34
N THR GB 528 -63.42 -7.39 48.17
CA THR GB 528 -63.55 -8.28 49.33
C THR GB 528 -62.96 -7.64 50.59
N ASP GB 529 -63.38 -8.16 51.74
CA ASP GB 529 -62.96 -7.65 53.03
C ASP GB 529 -61.72 -8.41 53.55
N ALA GB 530 -61.38 -8.20 54.82
CA ALA GB 530 -60.15 -8.75 55.37
C ALA GB 530 -60.18 -10.27 55.47
N ARG GB 531 -61.36 -10.85 55.67
CA ARG GB 531 -61.51 -12.31 55.67
C ARG GB 531 -61.80 -12.86 54.28
N ARG GB 532 -61.70 -12.02 53.25
CA ARG GB 532 -61.89 -12.40 51.84
C ARG GB 532 -63.33 -12.85 51.56
N ARG GB 533 -64.30 -12.18 52.17
CA ARG GB 533 -65.70 -12.28 51.77
C ARG GB 533 -66.08 -11.05 50.97
N THR GB 534 -67.02 -11.21 50.04
CA THR GB 534 -67.57 -10.05 49.37
C THR GB 534 -68.45 -9.25 50.33
N CYS GB 535 -68.58 -7.95 50.06
CA CYS GB 535 -69.32 -7.07 50.94
C CYS GB 535 -70.66 -6.70 50.34
N PRO GB 536 -71.78 -7.10 50.95
CA PRO GB 536 -73.10 -6.77 50.39
C PRO GB 536 -73.49 -5.30 50.50
N TYR GB 537 -72.71 -4.45 51.15
CA TYR GB 537 -73.09 -3.05 51.32
C TYR GB 537 -72.42 -2.12 50.32
N VAL GB 538 -71.68 -2.64 49.35
CA VAL GB 538 -71.21 -1.83 48.23
C VAL GB 538 -72.36 -1.70 47.22
N TYR GB 539 -72.66 -0.47 46.81
CA TYR GB 539 -73.66 -0.29 45.75
C TYR GB 539 -73.18 0.58 44.60
N LYS GB 540 -71.92 0.99 44.57
CA LYS GB 540 -71.37 1.71 43.43
C LYS GB 540 -69.86 1.52 43.42
N ALA GB 541 -69.33 1.03 42.30
CA ALA GB 541 -67.90 0.80 42.15
C ALA GB 541 -67.52 1.00 40.68
N LEU GB 542 -66.55 1.89 40.44
CA LEU GB 542 -66.06 2.19 39.10
C LEU GB 542 -64.53 2.15 39.08
N GLY GB 543 -63.99 1.80 37.92
CA GLY GB 543 -62.55 1.85 37.71
C GLY GB 543 -62.20 2.51 36.40
N ILE GB 544 -61.08 3.22 36.41
CA ILE GB 544 -60.54 3.88 35.24
C ILE GB 544 -59.05 3.57 35.15
N VAL GB 545 -58.61 3.06 34.01
CA VAL GB 545 -57.22 2.64 33.80
C VAL GB 545 -56.62 3.44 32.65
N ALA GB 546 -55.39 3.91 32.84
CA ALA GB 546 -54.66 4.66 31.81
C ALA GB 546 -53.36 3.95 31.44
N PRO GB 547 -53.31 3.20 30.35
CA PRO GB 547 -52.09 2.47 29.99
C PRO GB 547 -50.97 3.38 29.51
N ARG GB 548 -49.73 2.93 29.70
CA ARG GB 548 -48.54 3.58 29.16
C ARG GB 548 -47.37 2.60 29.15
N VAL GB 549 -46.34 2.94 28.38
CA VAL GB 549 -45.18 2.08 28.19
C VAL GB 549 -44.26 2.18 29.40
N LEU GB 550 -43.81 1.04 29.92
CA LEU GB 550 -42.86 0.97 31.03
C LEU GB 550 -41.43 0.68 30.59
N SER GB 551 -41.22 -0.33 29.75
CA SER GB 551 -39.88 -0.65 29.29
C SER GB 551 -39.96 -1.41 27.97
N SER GB 552 -38.80 -1.60 27.36
CA SER GB 552 -38.69 -2.25 26.06
C SER GB 552 -38.62 -3.77 26.21
N ARG GB 553 -39.10 -4.46 25.17
CA ARG GB 553 -39.02 -5.91 25.03
C ARG GB 553 -39.87 -6.65 26.07
N ARG HB 48 -26.46 29.40 -25.05
CA ARG HB 48 -27.91 29.26 -25.08
C ARG HB 48 -28.62 30.60 -25.22
N ASN HB 49 -28.07 31.48 -26.06
CA ASN HB 49 -28.62 32.83 -26.19
C ASN HB 49 -28.67 33.31 -27.64
N SER HB 50 -28.67 32.41 -28.62
CA SER HB 50 -28.65 32.81 -30.01
C SER HB 50 -30.07 33.07 -30.54
N ILE HB 51 -30.15 33.87 -31.60
CA ILE HB 51 -31.40 34.24 -32.24
C ILE HB 51 -31.24 34.00 -33.75
N ARG HB 52 -32.14 33.19 -34.33
CA ARG HB 52 -31.96 32.70 -35.69
C ARG HB 52 -33.17 32.99 -36.57
N TYR HB 53 -32.91 33.25 -37.84
CA TYR HB 53 -33.94 33.53 -38.84
C TYR HB 53 -33.93 32.41 -39.88
N SER HB 54 -35.11 31.88 -40.18
CA SER HB 54 -35.21 30.61 -40.91
C SER HB 54 -34.68 30.69 -42.34
N GLU HB 55 -34.50 31.89 -42.90
CA GLU HB 55 -33.98 31.99 -44.26
C GLU HB 55 -32.46 32.07 -44.34
N LEU HB 56 -31.75 31.99 -43.21
CA LEU HB 56 -30.30 32.10 -43.20
C LEU HB 56 -29.68 30.84 -42.60
N SER HB 57 -28.53 30.43 -43.15
CA SER HB 57 -27.81 29.24 -42.69
C SER HB 57 -26.35 29.34 -43.07
N PRO HB 58 -25.43 28.83 -42.25
CA PRO HB 58 -24.00 28.94 -42.56
C PRO HB 58 -23.52 27.84 -43.50
N LEU HB 59 -22.36 28.08 -44.13
CA LEU HB 59 -21.83 27.25 -45.20
C LEU HB 59 -20.61 26.44 -44.77
N TYR HB 60 -20.50 25.21 -45.29
CA TYR HB 60 -19.40 24.31 -44.95
C TYR HB 60 -18.95 23.50 -46.16
N ASP HB 61 -17.66 23.14 -46.13
CA ASP HB 61 -16.97 22.10 -46.90
C ASP HB 61 -16.69 22.35 -48.39
N THR HB 62 -17.47 23.19 -49.06
CA THR HB 62 -17.28 23.45 -50.50
C THR HB 62 -18.36 24.42 -50.96
N THR HB 63 -18.08 25.08 -52.08
CA THR HB 63 -18.97 26.08 -52.68
C THR HB 63 -18.47 26.36 -54.11
N ARG HB 64 -19.00 27.39 -54.74
CA ARG HB 64 -18.57 27.82 -56.07
C ARG HB 64 -18.25 29.31 -56.08
N LEU HB 65 -17.24 29.70 -56.84
CA LEU HB 65 -16.92 31.09 -57.15
C LEU HB 65 -16.93 31.28 -58.66
N TYR HB 66 -17.58 32.34 -59.14
CA TYR HB 66 -17.76 32.57 -60.57
C TYR HB 66 -17.00 33.82 -61.01
N LEU HB 67 -16.24 33.68 -62.09
CA LEU HB 67 -15.44 34.77 -62.67
C LEU HB 67 -15.97 35.05 -64.07
N VAL HB 68 -16.79 36.08 -64.20
CA VAL HB 68 -17.60 36.32 -65.39
C VAL HB 68 -17.25 37.68 -65.97
N ASP HB 69 -17.12 37.75 -67.29
CA ASP HB 69 -16.57 38.92 -67.96
C ASP HB 69 -17.62 39.91 -68.47
N ASN HB 70 -18.91 39.68 -68.25
CA ASN HB 70 -19.93 40.57 -68.82
C ASN HB 70 -21.04 40.88 -67.82
N LYS HB 71 -20.69 41.15 -66.57
CA LYS HB 71 -21.67 41.66 -65.62
C LYS HB 71 -22.00 43.12 -65.94
N SER HB 72 -23.29 43.47 -65.81
CA SER HB 72 -23.76 44.77 -66.30
C SER HB 72 -23.11 45.92 -65.55
N ALA HB 73 -23.02 45.83 -64.22
CA ALA HB 73 -22.47 46.92 -63.44
C ALA HB 73 -20.94 47.01 -63.55
N ASP HB 74 -20.26 45.88 -63.69
CA ASP HB 74 -18.81 45.89 -63.83
C ASP HB 74 -18.37 46.52 -65.15
N ILE HB 75 -19.20 46.40 -66.19
CA ILE HB 75 -18.86 47.00 -67.48
C ILE HB 75 -18.73 48.51 -67.36
N ALA HB 76 -19.67 49.14 -66.67
CA ALA HB 76 -19.72 50.60 -66.64
C ALA HB 76 -18.62 51.20 -65.76
N SER HB 77 -18.34 50.60 -64.60
CA SER HB 77 -17.52 51.26 -63.60
C SER HB 77 -16.13 50.66 -63.42
N LEU HB 78 -15.81 49.55 -64.06
CA LEU HB 78 -14.50 48.95 -63.83
C LEU HB 78 -13.63 48.85 -65.09
N ASN HB 79 -14.20 48.53 -66.23
CA ASN HB 79 -13.44 48.02 -67.36
C ASN HB 79 -13.51 48.93 -68.58
N TYR HB 80 -13.43 50.26 -68.35
CA TYR HB 80 -13.61 51.20 -69.45
C TYR HB 80 -12.47 51.12 -70.46
N GLN HB 81 -11.24 50.86 -70.00
CA GLN HB 81 -10.08 50.81 -70.87
C GLN HB 81 -9.55 49.40 -71.10
N ASN HB 82 -10.32 48.36 -70.77
CA ASN HB 82 -9.84 46.98 -70.80
C ASN HB 82 -10.45 46.23 -71.99
N ASP HB 83 -10.03 44.98 -72.16
CA ASP HB 83 -10.63 44.06 -73.13
C ASP HB 83 -10.73 42.68 -72.50
N HIS HB 84 -11.28 41.72 -73.25
CA HIS HB 84 -11.59 40.41 -72.70
C HIS HB 84 -10.35 39.58 -72.37
N SER HB 85 -9.16 40.00 -72.81
CA SER HB 85 -7.94 39.31 -72.45
C SER HB 85 -7.36 39.79 -71.11
N ASN HB 86 -7.81 40.93 -70.58
CA ASN HB 86 -7.27 41.47 -69.33
C ASN HB 86 -8.31 42.41 -68.72
N PHE HB 87 -9.05 41.93 -67.72
CA PHE HB 87 -10.19 42.68 -67.19
C PHE HB 87 -10.34 42.44 -65.69
N LEU HB 88 -11.24 43.19 -65.08
CA LEU HB 88 -11.59 43.08 -63.67
C LEU HB 88 -13.03 42.62 -63.52
N THR HB 89 -13.30 41.85 -62.47
CA THR HB 89 -14.64 41.37 -62.20
C THR HB 89 -14.85 41.21 -60.70
N THR HB 90 -16.11 41.17 -60.29
CA THR HB 90 -16.47 41.03 -58.88
C THR HB 90 -16.96 39.60 -58.62
N VAL HB 91 -16.42 38.99 -57.56
CA VAL HB 91 -16.88 37.66 -57.16
C VAL HB 91 -18.02 37.73 -56.14
N VAL HB 92 -18.38 38.92 -55.67
CA VAL HB 92 -19.54 39.10 -54.80
C VAL HB 92 -20.79 39.18 -55.69
N GLN HB 93 -21.74 38.28 -55.46
CA GLN HB 93 -22.95 38.17 -56.28
C GLN HB 93 -24.18 38.74 -55.58
N ASN HB 94 -24.04 39.84 -54.84
CA ASN HB 94 -25.11 40.42 -54.01
C ASN HB 94 -25.35 41.85 -54.50
N ASN HB 95 -26.52 42.09 -55.10
CA ASN HB 95 -26.80 43.37 -55.74
C ASN HB 95 -27.23 44.46 -54.77
N ASP HB 96 -27.13 44.23 -53.46
CA ASP HB 96 -27.30 45.32 -52.49
C ASP HB 96 -26.12 46.29 -52.51
N PHE HB 97 -25.04 45.97 -53.21
CA PHE HB 97 -23.83 46.78 -53.23
C PHE HB 97 -23.37 47.02 -54.67
N THR HB 98 -22.74 48.16 -54.89
CA THR HB 98 -22.07 48.44 -56.15
C THR HB 98 -20.71 47.76 -56.18
N PRO HB 99 -20.13 47.58 -57.37
CA PRO HB 99 -18.79 46.96 -57.44
C PRO HB 99 -17.72 47.72 -56.67
N THR HB 100 -17.81 49.04 -56.62
CA THR HB 100 -16.85 49.82 -55.84
C THR HB 100 -16.95 49.47 -54.36
N GLU HB 101 -18.18 49.39 -53.83
CA GLU HB 101 -18.37 48.98 -52.45
C GLU HB 101 -17.91 47.55 -52.23
N ALA HB 102 -18.17 46.66 -53.20
CA ALA HB 102 -17.81 45.26 -53.06
C ALA HB 102 -16.30 45.07 -53.01
N SER HB 103 -15.52 46.00 -53.55
CA SER HB 103 -14.08 45.81 -53.62
C SER HB 103 -13.43 45.71 -52.25
N THR HB 104 -14.04 46.32 -51.23
CA THR HB 104 -13.49 46.27 -49.87
C THR HB 104 -13.96 45.06 -49.07
N GLN HB 105 -14.93 44.29 -49.55
CA GLN HB 105 -15.42 43.13 -48.82
C GLN HB 105 -14.52 41.92 -49.08
N THR HB 106 -14.65 40.91 -48.22
CA THR HB 106 -13.82 39.70 -48.33
C THR HB 106 -14.65 38.45 -48.13
N ILE HB 107 -14.12 37.34 -48.63
CA ILE HB 107 -14.61 35.99 -48.37
C ILE HB 107 -13.50 35.23 -47.65
N ASN HB 108 -13.82 34.60 -46.53
CA ASN HB 108 -12.80 34.03 -45.65
C ASN HB 108 -13.00 32.53 -45.50
N PHE HB 109 -11.96 31.77 -45.81
CA PHE HB 109 -11.92 30.32 -45.62
C PHE HB 109 -11.16 30.01 -44.34
N ASP HB 110 -11.68 29.07 -43.54
CA ASP HB 110 -11.22 28.90 -42.16
C ASP HB 110 -9.71 28.74 -42.09
N GLU HB 111 -9.08 29.57 -41.25
CA GLU HB 111 -7.62 29.67 -41.20
C GLU HB 111 -6.96 28.47 -40.53
N ARG HB 112 -7.73 27.57 -39.92
CA ARG HB 112 -7.16 26.36 -39.35
C ARG HB 112 -6.99 25.24 -40.38
N SER HB 113 -7.28 25.50 -41.66
CA SER HB 113 -7.04 24.56 -42.74
C SER HB 113 -6.31 25.26 -43.87
N ARG HB 114 -5.64 24.48 -44.71
CA ARG HB 114 -5.13 24.94 -45.99
C ARG HB 114 -6.09 24.50 -47.08
N TRP HB 115 -6.42 25.42 -47.98
CA TRP HB 115 -7.47 25.21 -48.97
C TRP HB 115 -6.90 25.16 -50.39
N GLY HB 116 -7.55 24.39 -51.24
CA GLY HB 116 -7.23 24.36 -52.65
C GLY HB 116 -8.48 24.59 -53.50
N GLY HB 117 -8.25 24.93 -54.75
CA GLY HB 117 -9.34 25.20 -55.66
C GLY HB 117 -9.21 24.54 -57.01
N GLN HB 118 -10.23 23.76 -57.40
CA GLN HB 118 -10.26 23.14 -58.71
C GLN HB 118 -10.79 24.13 -59.74
N LEU HB 119 -10.04 24.32 -60.82
CA LEU HB 119 -10.31 25.38 -61.79
C LEU HB 119 -10.73 24.81 -63.15
N LYS HB 120 -11.85 25.32 -63.67
CA LYS HB 120 -12.31 25.02 -65.02
C LYS HB 120 -12.51 26.31 -65.80
N THR HB 121 -12.14 26.33 -67.07
CA THR HB 121 -12.22 27.53 -67.88
C THR HB 121 -12.95 27.25 -69.19
N ILE HB 122 -13.53 28.33 -69.74
CA ILE HB 122 -14.17 28.32 -71.05
C ILE HB 122 -13.64 29.51 -71.84
N MET HB 123 -13.18 29.26 -73.07
CA MET HB 123 -12.57 30.31 -73.89
C MET HB 123 -13.03 30.18 -75.34
N HIS HB 124 -13.24 31.32 -76.00
CA HIS HB 124 -13.59 31.36 -77.41
C HIS HB 124 -12.86 32.51 -78.11
N THR HB 125 -12.37 32.26 -79.32
CA THR HB 125 -11.56 33.22 -80.07
C THR HB 125 -12.14 33.46 -81.46
N ASN HB 126 -11.67 34.53 -82.11
CA ASN HB 126 -12.07 34.85 -83.48
C ASN HB 126 -10.87 35.32 -84.31
N MET HB 127 -9.74 34.61 -84.23
CA MET HB 127 -8.51 35.01 -84.91
C MET HB 127 -8.52 34.61 -86.39
N PRO HB 128 -8.22 35.53 -87.31
CA PRO HB 128 -7.98 35.15 -88.70
C PRO HB 128 -6.53 34.74 -88.93
N ASN HB 129 -6.32 33.91 -89.96
CA ASN HB 129 -5.01 33.28 -90.12
C ASN HB 129 -3.93 34.20 -90.69
N VAL HB 130 -4.30 35.25 -91.42
CA VAL HB 130 -3.33 36.21 -91.95
C VAL HB 130 -3.58 37.55 -91.26
N ASN HB 131 -2.67 37.94 -90.38
CA ASN HB 131 -2.84 39.18 -89.61
C ASN HB 131 -1.48 39.71 -89.18
N GLU HB 132 -1.47 40.99 -88.78
CA GLU HB 132 -0.23 41.66 -88.43
C GLU HB 132 0.30 41.27 -87.06
N TYR HB 133 -0.60 41.03 -86.10
CA TYR HB 133 -0.18 40.83 -84.72
C TYR HB 133 0.65 39.56 -84.56
N MET HB 134 0.39 38.54 -85.38
CA MET HB 134 1.06 37.25 -85.28
C MET HB 134 2.17 37.06 -86.32
N PHE HB 135 2.56 38.12 -87.02
CA PHE HB 135 3.67 38.11 -87.97
C PHE HB 135 3.44 37.15 -89.14
N SER HB 136 2.18 36.94 -89.52
CA SER HB 136 1.84 36.17 -90.71
C SER HB 136 1.43 37.06 -91.87
N ASN HB 137 1.90 38.31 -91.85
CA ASN HB 137 1.46 39.35 -92.77
C ASN HB 137 2.52 39.77 -93.77
N LYS HB 138 3.77 39.35 -93.60
CA LYS HB 138 4.87 39.97 -94.33
C LYS HB 138 6.00 38.96 -94.53
N PHE HB 139 6.84 39.25 -95.52
CA PHE HB 139 8.06 38.51 -95.80
C PHE HB 139 9.00 39.43 -96.60
N LYS HB 140 10.25 39.00 -96.74
CA LYS HB 140 11.27 39.77 -97.45
C LYS HB 140 11.81 38.97 -98.64
N ALA HB 141 12.18 39.69 -99.70
CA ALA HB 141 12.71 39.06 -100.90
C ALA HB 141 13.62 40.04 -101.64
N ARG HB 142 14.47 39.49 -102.50
CA ARG HB 142 15.41 40.27 -103.29
C ARG HB 142 15.08 40.10 -104.78
N VAL HB 143 14.77 41.22 -105.45
CA VAL HB 143 14.36 41.21 -106.84
C VAL HB 143 15.22 42.19 -107.62
N MET HB 144 15.02 42.22 -108.94
CA MET HB 144 15.80 43.06 -109.84
C MET HB 144 15.13 44.41 -110.03
N VAL HB 145 15.90 45.48 -109.84
CA VAL HB 145 15.37 46.83 -109.92
C VAL HB 145 15.73 47.52 -111.24
N SER HB 146 16.87 47.19 -111.84
CA SER HB 146 17.29 47.85 -113.07
C SER HB 146 18.07 46.88 -113.94
N ARG HB 147 17.73 46.84 -115.22
CA ARG HB 147 18.60 46.30 -116.25
C ARG HB 147 19.48 47.43 -116.77
N LYS HB 148 20.18 47.21 -117.87
CA LYS HB 148 21.03 48.26 -118.43
C LYS HB 148 20.19 49.39 -119.01
N ASP HB 171 25.14 44.09 -120.46
CA ASP HB 171 24.08 44.54 -119.56
C ASP HB 171 24.50 44.41 -118.10
N ILE HB 172 24.22 45.44 -117.31
CA ILE HB 172 24.49 45.45 -115.87
C ILE HB 172 23.16 45.38 -115.13
N LEU HB 173 23.07 44.48 -114.17
CA LEU HB 173 21.83 44.19 -113.46
C LEU HB 173 21.98 44.57 -112.00
N LYS HB 174 20.96 45.23 -111.45
CA LYS HB 174 20.96 45.68 -110.07
C LYS HB 174 19.80 45.03 -109.31
N TYR HB 175 20.08 44.63 -108.07
CA TYR HB 175 19.10 43.96 -107.22
C TYR HB 175 19.03 44.66 -105.87
N GLU HB 176 17.90 44.48 -105.19
CA GLU HB 176 17.69 45.12 -103.89
C GLU HB 176 16.68 44.33 -103.07
N TRP HB 177 16.78 44.47 -101.75
CA TRP HB 177 15.86 43.83 -100.82
C TRP HB 177 14.67 44.73 -100.52
N PHE HB 178 13.50 44.12 -100.34
CA PHE HB 178 12.28 44.82 -99.98
C PHE HB 178 11.49 43.97 -98.98
N GLU HB 179 10.55 44.60 -98.30
CA GLU HB 179 9.58 43.91 -97.45
C GLU HB 179 8.20 44.05 -98.05
N PHE HB 180 7.49 42.93 -98.16
CA PHE HB 180 6.19 42.87 -98.84
C PHE HB 180 5.09 42.63 -97.82
N ILE HB 181 3.94 43.26 -98.04
CA ILE HB 181 2.81 43.23 -97.10
C ILE HB 181 1.57 42.72 -97.80
N LEU HB 182 0.86 41.78 -97.16
CA LEU HB 182 -0.42 41.22 -97.58
C LEU HB 182 -1.56 41.87 -96.82
N PRO HB 183 -2.77 41.92 -97.39
CA PRO HB 183 -3.92 42.39 -96.63
C PRO HB 183 -4.50 41.29 -95.74
N GLU HB 184 -5.14 41.71 -94.65
CA GLU HB 184 -5.56 40.79 -93.59
C GLU HB 184 -6.88 40.11 -93.90
N GLY HB 185 -7.04 38.90 -93.39
CA GLY HB 185 -8.22 38.11 -93.62
C GLY HB 185 -7.97 36.66 -93.29
N ASN HB 186 -9.00 35.84 -93.50
CA ASN HB 186 -8.95 34.41 -93.23
C ASN HB 186 -9.03 33.65 -94.56
N PHE HB 187 -7.90 33.15 -95.02
CA PHE HB 187 -7.77 32.63 -96.38
C PHE HB 187 -7.31 31.16 -96.37
N SER HB 188 -7.65 30.45 -97.43
CA SER HB 188 -7.08 29.12 -97.63
C SER HB 188 -5.63 29.21 -98.08
N ALA HB 189 -4.96 28.06 -98.12
CA ALA HB 189 -3.55 28.05 -98.46
C ALA HB 189 -3.31 28.45 -99.91
N THR HB 190 -4.14 27.99 -100.83
CA THR HB 190 -3.98 28.38 -102.24
C THR HB 190 -4.21 29.87 -102.43
N MET HB 191 -5.24 30.42 -101.79
CA MET HB 191 -5.52 31.84 -101.90
C MET HB 191 -4.39 32.67 -101.30
N THR HB 192 -3.75 32.18 -100.24
CA THR HB 192 -2.62 32.90 -99.65
C THR HB 192 -1.45 32.97 -100.62
N ILE HB 193 -1.18 31.89 -101.34
CA ILE HB 193 -0.07 31.86 -102.29
C ILE HB 193 -0.32 32.81 -103.45
N ASP HB 194 -1.59 32.97 -103.88
CA ASP HB 194 -1.91 33.95 -104.90
C ASP HB 194 -1.58 35.37 -104.43
N LEU HB 195 -1.87 35.67 -103.16
CA LEU HB 195 -1.60 37.01 -102.65
C LEU HB 195 -0.11 37.30 -102.58
N MET HB 196 0.71 36.30 -102.27
CA MET HB 196 2.15 36.51 -102.24
C MET HB 196 2.72 36.78 -103.63
N ASN HB 197 2.23 36.06 -104.65
CA ASN HB 197 2.64 36.36 -106.02
C ASN HB 197 2.20 37.76 -106.43
N ASN HB 198 0.99 38.16 -106.06
CA ASN HB 198 0.47 39.47 -106.40
C ASN HB 198 1.31 40.59 -105.78
N ALA HB 199 1.83 40.36 -104.57
CA ALA HB 199 2.69 41.36 -103.94
C ALA HB 199 4.00 41.55 -104.71
N ILE HB 200 4.58 40.46 -105.21
CA ILE HB 200 5.81 40.57 -106.00
C ILE HB 200 5.57 41.39 -107.26
N ILE HB 201 4.46 41.12 -107.95
CA ILE HB 201 4.18 41.77 -109.22
C ILE HB 201 3.91 43.26 -109.04
N ASP HB 202 3.23 43.65 -107.97
CA ASP HB 202 2.99 45.06 -107.71
C ASP HB 202 4.29 45.85 -107.50
N ASN HB 203 5.35 45.18 -107.05
CA ASN HB 203 6.65 45.82 -106.98
C ASN HB 203 7.27 45.97 -108.36
N TYR HB 204 7.00 45.04 -109.27
CA TYR HB 204 7.52 45.14 -110.63
C TYR HB 204 6.78 46.18 -111.46
N LEU HB 205 5.58 46.58 -111.05
CA LEU HB 205 4.83 47.61 -111.77
C LEU HB 205 5.14 49.02 -111.27
N GLU HB 206 5.59 49.16 -110.02
CA GLU HB 206 5.91 50.46 -109.43
C GLU HB 206 7.36 50.84 -109.63
N ILE HB 207 8.27 49.88 -109.48
CA ILE HB 207 9.69 50.02 -109.80
C ILE HB 207 9.91 48.99 -110.89
N GLY HB 208 11.14 48.84 -111.37
CA GLY HB 208 11.32 47.74 -112.29
C GLY HB 208 10.91 48.10 -113.70
N ARG HB 209 9.67 47.73 -114.06
CA ARG HB 209 9.15 47.92 -115.41
C ARG HB 209 9.53 49.26 -116.03
N GLN HB 210 9.47 50.34 -115.27
CA GLN HB 210 9.84 51.65 -115.78
C GLN HB 210 11.35 51.86 -115.82
N ASN HB 211 12.16 50.88 -115.41
CA ASN HB 211 13.61 50.98 -115.46
C ASN HB 211 14.23 49.88 -116.30
N GLY HB 212 13.47 49.31 -117.23
CA GLY HB 212 14.03 48.46 -118.25
C GLY HB 212 14.02 46.96 -118.01
N VAL HB 213 13.37 46.49 -116.95
CA VAL HB 213 13.27 45.05 -116.74
C VAL HB 213 12.06 44.52 -117.50
N LEU HB 214 12.21 43.33 -118.07
CA LEU HB 214 11.16 42.73 -118.87
C LEU HB 214 10.34 41.77 -118.02
N GLU HB 215 9.17 41.40 -118.55
CA GLU HB 215 8.35 40.39 -117.87
C GLU HB 215 8.86 39.01 -118.26
N SER HB 216 10.18 38.82 -118.18
CA SER HB 216 10.81 37.50 -118.29
C SER HB 216 12.00 37.40 -117.35
N ASP HB 217 12.21 38.39 -116.50
CA ASP HB 217 13.29 38.37 -115.51
C ASP HB 217 12.78 38.69 -114.10
N ILE HB 218 11.51 38.37 -113.82
CA ILE HB 218 10.91 38.69 -112.52
C ILE HB 218 11.75 38.11 -111.38
N GLY HB 219 11.88 36.79 -111.35
CA GLY HB 219 12.90 36.17 -110.51
C GLY HB 219 12.44 35.55 -109.20
N VAL HB 220 11.19 35.77 -108.78
CA VAL HB 220 10.65 35.12 -107.58
C VAL HB 220 9.22 34.70 -107.85
N LYS HB 221 8.93 33.41 -107.73
CA LYS HB 221 7.57 32.91 -107.90
C LYS HB 221 7.30 31.75 -106.96
N PHE HB 222 6.08 31.65 -106.44
CA PHE HB 222 5.64 30.55 -105.60
C PHE HB 222 4.73 29.64 -106.40
N ASP HB 223 5.09 28.35 -106.47
CA ASP HB 223 4.39 27.40 -107.34
C ASP HB 223 4.01 26.15 -106.54
N THR HB 224 3.37 25.21 -107.23
CA THR HB 224 3.00 23.92 -106.64
C THR HB 224 3.35 22.71 -107.51
N ARG HB 225 3.93 22.89 -108.68
CA ARG HB 225 4.07 21.82 -109.65
C ARG HB 225 5.37 21.04 -109.46
N ASN HB 226 5.39 19.82 -110.00
CA ASN HB 226 6.59 19.00 -110.07
C ASN HB 226 7.12 19.13 -111.49
N PHE HB 227 8.05 20.07 -111.68
CA PHE HB 227 8.72 20.17 -112.96
C PHE HB 227 9.57 18.93 -113.18
N ARG HB 228 9.87 18.64 -114.44
CA ARG HB 228 10.59 17.46 -114.92
C ARG HB 228 9.83 16.15 -114.72
N LEU HB 229 8.50 16.20 -114.60
CA LEU HB 229 7.73 14.96 -114.51
C LEU HB 229 7.82 14.15 -115.79
N GLY HB 230 7.54 14.77 -116.93
CA GLY HB 230 7.56 14.06 -118.19
C GLY HB 230 8.91 14.01 -118.88
N TRP HB 231 9.97 14.06 -118.08
CA TRP HB 231 11.34 14.11 -118.59
C TRP HB 231 11.72 12.79 -119.26
N ASP HB 232 12.55 12.90 -120.29
CA ASP HB 232 13.00 11.75 -121.07
C ASP HB 232 14.49 11.54 -120.88
N PRO HB 233 14.95 10.33 -120.56
CA PRO HB 233 16.37 10.15 -120.24
C PRO HB 233 17.30 10.26 -121.44
N GLU HB 234 16.79 10.17 -122.67
CA GLU HB 234 17.64 10.27 -123.85
C GLU HB 234 17.71 11.71 -124.37
N THR HB 235 16.57 12.31 -124.68
CA THR HB 235 16.54 13.67 -125.19
C THR HB 235 16.74 14.71 -124.09
N LYS HB 236 16.51 14.33 -122.84
CA LYS HB 236 16.69 15.23 -121.68
C LYS HB 236 15.85 16.50 -121.82
N LEU HB 237 14.63 16.35 -122.33
CA LEU HB 237 13.69 17.46 -122.42
C LEU HB 237 12.30 16.97 -122.06
N ILE HB 238 11.42 17.91 -121.73
CA ILE HB 238 10.04 17.57 -121.37
C ILE HB 238 9.30 17.31 -122.66
N MET HB 239 9.12 16.03 -123.00
CA MET HB 239 8.57 15.67 -124.31
C MET HB 239 7.19 16.22 -124.60
N PRO HB 240 6.22 16.26 -123.67
CA PRO HB 240 4.89 16.79 -124.03
C PRO HB 240 4.89 18.24 -124.47
N GLY HB 241 5.92 19.01 -124.14
CA GLY HB 241 5.94 20.42 -124.48
C GLY HB 241 5.29 21.33 -123.47
N VAL HB 242 4.61 20.79 -122.46
CA VAL HB 242 4.07 21.56 -121.35
C VAL HB 242 4.34 20.80 -120.06
N TYR HB 243 4.68 21.53 -118.99
CA TYR HB 243 4.86 20.92 -117.69
C TYR HB 243 3.53 20.36 -117.17
N THR HB 244 3.62 19.26 -116.44
CA THR HB 244 2.42 18.62 -115.90
C THR HB 244 1.69 19.57 -114.95
N TYR HB 245 0.39 19.74 -115.16
CA TYR HB 245 -0.40 20.74 -114.45
C TYR HB 245 -1.12 20.13 -113.25
N GLU HB 246 -0.33 19.56 -112.33
CA GLU HB 246 -0.85 18.93 -111.12
C GLU HB 246 -0.11 19.46 -109.90
N ALA HB 247 -0.82 19.56 -108.78
CA ALA HB 247 -0.26 20.11 -107.55
C ALA HB 247 0.35 18.99 -106.71
N PHE HB 248 1.58 19.22 -106.25
CA PHE HB 248 2.30 18.25 -105.43
C PHE HB 248 2.63 18.78 -104.04
N HIS HB 249 3.23 19.96 -103.93
CA HIS HB 249 3.69 20.58 -102.70
C HIS HB 249 4.12 22.00 -103.03
N PRO HB 250 3.88 22.97 -102.15
CA PRO HB 250 4.30 24.36 -102.44
C PRO HB 250 5.81 24.46 -102.61
N ASP HB 251 6.21 25.36 -103.50
CA ASP HB 251 7.59 25.40 -104.01
C ASP HB 251 7.99 26.85 -104.26
N ILE HB 252 9.31 27.07 -104.30
CA ILE HB 252 9.92 28.37 -104.54
C ILE HB 252 10.79 28.28 -105.79
N VAL HB 253 10.59 29.20 -106.74
CA VAL HB 253 11.33 29.23 -108.00
C VAL HB 253 12.12 30.54 -108.09
N LEU HB 254 13.41 30.43 -108.40
CA LEU HB 254 14.33 31.56 -108.35
C LEU HB 254 15.15 31.69 -109.64
N LEU HB 255 15.52 32.93 -109.95
CA LEU HB 255 16.48 33.35 -110.98
C LEU HB 255 17.78 33.80 -110.32
N PRO HB 256 18.89 33.84 -111.06
CA PRO HB 256 20.16 34.22 -110.45
C PRO HB 256 20.10 35.61 -109.85
N GLY HB 257 20.73 35.77 -108.68
CA GLY HB 257 20.76 37.04 -107.99
C GLY HB 257 19.60 37.30 -107.04
N CYS HB 258 18.63 36.41 -106.94
CA CYS HB 258 17.44 36.62 -106.13
C CYS HB 258 17.44 35.71 -104.91
N GLY HB 259 16.44 35.88 -104.06
CA GLY HB 259 16.30 35.07 -102.85
C GLY HB 259 15.14 35.56 -102.00
N VAL HB 260 14.81 34.74 -101.00
CA VAL HB 260 13.76 35.06 -100.04
C VAL HB 260 14.31 34.85 -98.63
N ASP HB 261 13.75 35.58 -97.67
CA ASP HB 261 14.21 35.56 -96.29
C ASP HB 261 13.01 35.51 -95.35
N PHE HB 262 12.94 34.46 -94.53
CA PHE HB 262 11.81 34.23 -93.63
C PHE HB 262 12.18 34.42 -92.16
N THR HB 263 13.19 35.24 -91.87
CA THR HB 263 13.64 35.41 -90.49
C THR HB 263 12.55 36.00 -89.60
N GLU HB 264 11.76 36.94 -90.14
CA GLU HB 264 10.75 37.61 -89.35
C GLU HB 264 9.36 37.34 -89.92
N SER HB 265 9.06 36.07 -90.21
CA SER HB 265 7.82 35.70 -90.85
C SER HB 265 7.44 34.28 -90.45
N ARG HB 266 6.14 34.03 -90.40
CA ARG HB 266 5.63 32.69 -90.12
C ARG HB 266 5.03 32.02 -91.34
N LEU HB 267 5.23 32.60 -92.52
CA LEU HB 267 4.67 32.04 -93.74
C LEU HB 267 5.43 30.82 -94.26
N SER HB 268 6.62 30.54 -93.72
CA SER HB 268 7.30 29.30 -94.09
C SER HB 268 6.59 28.06 -93.57
N ASN HB 269 5.85 28.17 -92.46
CA ASN HB 269 5.06 27.05 -91.97
C ASN HB 269 3.91 26.72 -92.92
N LEU HB 270 3.29 27.74 -93.50
CA LEU HB 270 2.22 27.51 -94.47
C LEU HB 270 2.76 26.88 -95.76
N LEU HB 271 4.01 27.15 -96.11
CA LEU HB 271 4.61 26.55 -97.29
C LEU HB 271 5.10 25.13 -97.07
N GLY HB 272 5.22 24.68 -95.83
CA GLY HB 272 5.75 23.36 -95.57
C GLY HB 272 7.23 23.22 -95.79
N ILE HB 273 8.01 24.26 -95.52
CA ILE HB 273 9.46 24.23 -95.62
C ILE HB 273 10.02 24.68 -94.27
N ARG HB 274 10.80 23.83 -93.63
CA ARG HB 274 11.33 24.10 -92.29
C ARG HB 274 12.81 23.74 -92.22
N LYS HB 275 13.46 24.24 -91.16
CA LYS HB 275 14.88 23.98 -90.93
C LYS HB 275 15.08 22.77 -90.03
N ARG HB 276 16.12 21.98 -90.35
CA ARG HB 276 16.46 20.83 -89.52
C ARG HB 276 17.07 21.23 -88.18
N HIS HB 277 17.54 22.47 -88.05
CA HIS HB 277 18.05 23.02 -86.78
C HIS HB 277 17.19 24.24 -86.47
N PRO HB 278 16.00 24.04 -85.91
CA PRO HB 278 15.02 25.13 -85.80
C PRO HB 278 15.37 26.18 -84.75
N PHE HB 279 16.34 25.94 -83.89
CA PHE HB 279 16.71 26.91 -82.87
C PHE HB 279 17.85 27.83 -83.30
N GLN HB 280 18.37 27.69 -84.52
CA GLN HB 280 19.39 28.59 -85.04
C GLN HB 280 18.72 29.75 -85.77
N GLU HB 281 19.05 30.97 -85.37
CA GLU HB 281 18.39 32.14 -85.92
C GLU HB 281 18.74 32.36 -87.39
N GLY HB 282 17.78 32.82 -88.17
CA GLY HB 282 18.00 33.14 -89.57
C GLY HB 282 17.54 32.07 -90.53
N PHE HB 283 16.76 32.46 -91.54
CA PHE HB 283 16.24 31.54 -92.55
C PHE HB 283 16.23 32.24 -93.90
N LYS HB 284 17.28 32.03 -94.68
CA LYS HB 284 17.40 32.63 -96.00
C LYS HB 284 17.69 31.55 -97.03
N ILE HB 285 17.05 31.66 -98.20
CA ILE HB 285 17.26 30.73 -99.31
C ILE HB 285 17.59 31.55 -100.55
N MET HB 286 18.81 31.39 -101.07
CA MET HB 286 19.28 32.15 -102.21
C MET HB 286 19.47 31.22 -103.41
N TYR HB 287 19.70 31.84 -104.57
CA TYR HB 287 19.85 31.07 -105.81
C TYR HB 287 21.04 30.12 -105.75
N GLU HB 288 22.10 30.49 -105.03
CA GLU HB 288 23.28 29.64 -104.92
C GLU HB 288 23.06 28.42 -104.05
N ASP HB 289 22.01 28.40 -103.22
CA ASP HB 289 21.74 27.26 -102.36
C ASP HB 289 20.91 26.18 -103.03
N LEU HB 290 20.35 26.44 -104.21
CA LEU HB 290 19.48 25.50 -104.91
C LEU HB 290 20.21 24.73 -106.00
N GLU HB 291 21.48 24.38 -105.79
CA GLU HB 291 22.25 23.68 -106.80
C GLU HB 291 21.62 22.33 -107.13
N GLY HB 292 21.62 22.00 -108.42
CA GLY HB 292 21.02 20.77 -108.89
C GLY HB 292 19.54 20.84 -109.18
N GLY HB 293 18.91 21.99 -108.99
CA GLY HB 293 17.48 22.11 -109.14
C GLY HB 293 17.03 22.88 -110.36
N ASN HB 294 17.86 22.96 -111.39
CA ASN HB 294 17.49 23.68 -112.61
C ASN HB 294 16.31 23.00 -113.29
N ILE HB 295 15.37 23.82 -113.77
CA ILE HB 295 14.16 23.32 -114.42
C ILE HB 295 14.49 22.95 -115.86
N PRO HB 296 14.25 21.72 -116.28
CA PRO HB 296 14.57 21.33 -117.66
C PRO HB 296 13.75 22.11 -118.68
N ALA HB 297 14.38 22.44 -119.80
CA ALA HB 297 13.75 23.24 -120.84
C ALA HB 297 12.74 22.43 -121.63
N LEU HB 298 11.78 23.14 -122.21
CA LEU HB 298 10.79 22.59 -123.14
C LEU HB 298 10.24 21.24 -122.73
N ILE HB 364 14.17 18.10 -132.62
CA ILE HB 364 14.76 17.90 -131.31
C ILE HB 364 15.53 19.13 -130.86
N GLN HB 365 14.81 20.21 -130.57
CA GLN HB 365 15.41 21.44 -130.07
C GLN HB 365 14.50 22.06 -129.02
N PRO HB 366 15.07 22.70 -127.99
CA PRO HB 366 14.22 23.32 -126.96
C PRO HB 366 13.51 24.55 -127.50
N LEU HB 367 12.30 24.79 -126.98
CA LEU HB 367 11.61 26.04 -127.27
C LEU HB 367 12.30 27.17 -126.53
N GLU HB 368 12.55 28.28 -127.23
CA GLU HB 368 13.32 29.38 -126.68
C GLU HB 368 12.48 30.59 -126.30
N LYS HB 369 11.19 30.63 -126.67
CA LYS HB 369 10.37 31.78 -126.39
C LYS HB 369 8.92 31.35 -126.30
N ASP HB 370 8.09 32.21 -125.72
CA ASP HB 370 6.69 31.93 -125.48
C ASP HB 370 5.84 32.43 -126.65
N SER HB 371 4.51 32.33 -126.52
CA SER HB 371 3.62 32.71 -127.61
C SER HB 371 3.71 34.20 -127.92
N LYS HB 372 3.79 35.04 -126.88
CA LYS HB 372 3.85 36.49 -127.05
C LYS HB 372 5.28 37.01 -127.02
N SER HB 373 6.24 36.20 -127.45
CA SER HB 373 7.65 36.57 -127.52
C SER HB 373 8.19 36.98 -126.14
N ARG HB 374 8.18 36.02 -125.22
CA ARG HB 374 8.82 36.15 -123.93
C ARG HB 374 9.91 35.10 -123.81
N SER HB 375 11.09 35.52 -123.39
CA SER HB 375 12.22 34.59 -123.28
C SER HB 375 11.98 33.59 -122.15
N TYR HB 376 12.26 32.32 -122.43
CA TYR HB 376 12.26 31.29 -121.41
C TYR HB 376 13.60 31.19 -120.68
N ASN HB 377 14.58 32.03 -121.03
CA ASN HB 377 15.89 32.04 -120.38
C ASN HB 377 16.64 30.72 -120.56
N VAL HB 378 16.56 30.14 -121.75
CA VAL HB 378 17.29 28.91 -122.02
C VAL HB 378 18.79 29.20 -122.04
N LEU HB 379 19.58 28.24 -121.59
CA LEU HB 379 21.02 28.39 -121.44
C LEU HB 379 21.76 27.60 -122.53
N GLU HB 380 23.09 27.58 -122.41
CA GLU HB 380 23.89 26.76 -123.29
C GLU HB 380 23.65 25.28 -123.00
N ASP HB 381 24.00 24.44 -123.97
CA ASP HB 381 23.77 23.00 -123.98
C ASP HB 381 22.30 22.69 -124.26
N LYS HB 382 21.45 23.70 -124.29
CA LYS HB 382 20.09 23.60 -124.83
C LYS HB 382 19.28 22.48 -124.18
N ILE HB 383 19.49 22.25 -122.87
CA ILE HB 383 18.70 21.30 -122.12
C ILE HB 383 18.05 21.92 -120.89
N ASN HB 384 18.80 22.71 -120.13
CA ASN HB 384 18.31 23.27 -118.88
C ASN HB 384 18.09 24.77 -118.99
N THR HB 385 17.28 25.28 -118.07
CA THR HB 385 16.90 26.67 -118.00
C THR HB 385 17.48 27.31 -116.74
N ALA HB 386 17.63 28.63 -116.76
CA ALA HB 386 18.21 29.35 -115.63
C ALA HB 386 17.36 29.27 -114.36
N TYR HB 387 16.07 28.96 -114.47
CA TYR HB 387 15.21 28.86 -113.30
C TYR HB 387 15.62 27.67 -112.43
N ARG HB 388 15.63 27.88 -111.11
CA ARG HB 388 15.86 26.82 -110.14
C ARG HB 388 14.67 26.75 -109.17
N SER HB 389 14.42 25.56 -108.63
CA SER HB 389 13.31 25.38 -107.71
C SER HB 389 13.74 24.55 -106.51
N TRP HB 390 13.16 24.88 -105.34
CA TRP HB 390 13.49 24.17 -104.10
C TRP HB 390 13.10 22.71 -104.17
N TYR HB 391 11.94 22.41 -104.74
CA TYR HB 391 11.45 21.02 -104.74
C TYR HB 391 12.33 20.12 -105.59
N LEU HB 392 12.76 20.61 -106.76
CA LEU HB 392 13.63 19.79 -107.61
C LEU HB 392 14.97 19.55 -106.93
N SER HB 393 15.53 20.55 -106.27
CA SER HB 393 16.80 20.39 -105.59
C SER HB 393 16.67 19.44 -104.38
N TYR HB 394 15.54 19.52 -103.66
CA TYR HB 394 15.34 18.64 -102.51
C TYR HB 394 15.23 17.18 -102.93
N ASN HB 395 14.53 16.91 -104.02
CA ASN HB 395 14.24 15.52 -104.40
C ASN HB 395 15.24 14.92 -105.38
N TYR HB 396 15.87 15.72 -106.24
CA TYR HB 396 16.74 15.19 -107.28
C TYR HB 396 18.20 15.63 -107.16
N GLY HB 397 18.50 16.61 -106.33
CA GLY HB 397 19.85 17.10 -106.18
C GLY HB 397 20.71 16.18 -105.32
N ASN HB 398 21.88 16.69 -104.96
CA ASN HB 398 22.83 15.92 -104.17
C ASN HB 398 22.34 15.79 -102.73
N PRO HB 399 22.17 14.58 -102.21
CA PRO HB 399 21.62 14.43 -100.85
C PRO HB 399 22.47 15.06 -99.77
N GLU HB 400 23.80 15.13 -99.94
CA GLU HB 400 24.69 15.55 -98.86
C GLU HB 400 25.27 16.94 -99.08
N LYS HB 401 24.88 17.64 -100.15
CA LYS HB 401 25.37 18.99 -100.41
C LYS HB 401 24.29 19.99 -100.80
N GLY HB 402 23.14 19.54 -101.30
CA GLY HB 402 22.09 20.44 -101.71
C GLY HB 402 21.26 20.94 -100.56
N ILE HB 403 20.10 21.49 -100.91
CA ILE HB 403 19.20 22.08 -99.92
C ILE HB 403 18.64 21.03 -98.96
N ARG HB 404 18.68 19.74 -99.34
CA ARG HB 404 18.14 18.68 -98.51
C ARG HB 404 18.97 18.43 -97.25
N SER HB 405 20.20 18.92 -97.19
CA SER HB 405 21.05 18.66 -96.04
C SER HB 405 20.69 19.51 -94.82
N TRP HB 406 20.00 20.65 -95.02
CA TRP HB 406 19.64 21.48 -93.88
C TRP HB 406 18.21 22.00 -93.92
N THR HB 407 17.36 21.54 -94.84
CA THR HB 407 15.93 21.85 -94.80
C THR HB 407 15.14 20.55 -94.81
N LEU HB 408 13.85 20.67 -94.46
CA LEU HB 408 12.96 19.53 -94.30
C LEU HB 408 11.61 19.83 -94.94
N LEU HB 409 11.04 18.83 -95.60
CA LEU HB 409 9.76 18.95 -96.26
C LEU HB 409 8.65 18.45 -95.34
N THR HB 410 7.62 19.26 -95.11
CA THR HB 410 6.54 18.94 -94.19
C THR HB 410 5.19 19.27 -94.83
N THR HB 411 4.11 18.78 -94.21
CA THR HB 411 2.77 19.11 -94.67
C THR HB 411 2.46 20.58 -94.40
N SER HB 412 1.71 21.19 -95.32
CA SER HB 412 1.32 22.59 -95.18
C SER HB 412 0.41 22.79 -93.97
N ASP HB 413 0.69 23.83 -93.19
CA ASP HB 413 -0.09 24.15 -91.99
C ASP HB 413 -0.74 25.52 -92.17
N VAL HB 414 -2.05 25.52 -92.44
CA VAL HB 414 -2.75 26.75 -92.80
C VAL HB 414 -2.84 27.73 -91.63
N THR HB 415 -2.88 27.23 -90.39
CA THR HB 415 -2.94 28.15 -89.25
C THR HB 415 -1.63 28.90 -89.04
N CYS HB 416 -0.56 28.52 -89.75
CA CYS HB 416 0.79 29.09 -89.63
C CYS HB 416 1.47 28.73 -88.32
N GLY HB 417 0.96 27.73 -87.59
CA GLY HB 417 1.61 27.26 -86.39
C GLY HB 417 1.08 27.91 -85.14
N VAL HB 418 0.27 27.19 -84.40
CA VAL HB 418 -0.32 27.72 -83.18
C VAL HB 418 0.60 27.39 -82.01
N GLU HB 419 0.64 28.29 -81.03
CA GLU HB 419 1.40 28.09 -79.81
C GLU HB 419 0.46 28.12 -78.61
N GLN HB 420 1.03 28.11 -77.42
CA GLN HB 420 0.27 27.97 -76.19
C GLN HB 420 -0.21 29.32 -75.65
N VAL HB 421 -1.13 29.27 -74.70
CA VAL HB 421 -1.62 30.42 -73.95
C VAL HB 421 -1.54 30.12 -72.47
N TYR HB 422 -1.41 31.19 -71.67
CA TYR HB 422 -1.25 31.09 -70.21
C TYR HB 422 -2.35 31.87 -69.49
N TRP HB 423 -2.87 31.28 -68.40
CA TRP HB 423 -3.86 31.92 -67.53
C TRP HB 423 -3.19 32.45 -66.26
N SER HB 424 -3.66 33.61 -65.79
CA SER HB 424 -3.21 34.19 -64.52
C SER HB 424 -4.40 34.65 -63.68
N LEU HB 425 -4.37 34.34 -62.39
CA LEU HB 425 -5.36 34.82 -61.42
C LEU HB 425 -4.64 35.31 -60.16
N PRO HB 426 -3.96 36.46 -60.25
CA PRO HB 426 -3.03 36.84 -59.17
C PRO HB 426 -3.69 37.15 -57.82
N ASP HB 427 -4.97 37.50 -57.77
CA ASP HB 427 -5.62 37.81 -56.50
C ASP HB 427 -6.34 36.61 -55.88
N MET HB 428 -6.31 35.44 -56.51
CA MET HB 428 -7.02 34.28 -55.99
C MET HB 428 -6.11 33.13 -55.62
N MET HB 429 -5.17 32.76 -56.50
CA MET HB 429 -4.29 31.62 -56.28
C MET HB 429 -2.94 32.06 -55.72
N GLN HB 430 -2.30 31.16 -54.99
CA GLN HB 430 -0.92 31.37 -54.58
C GLN HB 430 0.02 31.20 -55.78
N ASP HB 431 1.15 31.90 -55.73
CA ASP HB 431 2.12 31.81 -56.82
C ASP HB 431 2.77 30.43 -56.85
N PRO HB 432 2.83 29.77 -58.01
CA PRO HB 432 3.56 28.49 -58.10
C PRO HB 432 5.07 28.69 -57.91
N VAL HB 433 5.74 27.56 -57.66
CA VAL HB 433 7.13 27.59 -57.18
C VAL HB 433 8.04 28.27 -58.20
N THR HB 434 8.94 29.11 -57.70
CA THR HB 434 9.97 29.94 -58.35
C THR HB 434 9.43 31.21 -59.03
N PHE HB 435 8.12 31.43 -59.10
CA PHE HB 435 7.58 32.69 -59.63
C PHE HB 435 7.66 33.79 -58.57
N ARG HB 436 8.03 35.00 -59.00
CA ARG HB 436 8.05 36.17 -58.11
C ARG HB 436 6.70 36.88 -58.11
N SER HB 437 6.34 37.43 -56.95
CA SER HB 437 5.16 38.28 -56.86
C SER HB 437 5.44 39.66 -57.46
N THR HB 438 4.51 40.16 -58.25
CA THR HB 438 4.72 41.41 -58.98
C THR HB 438 3.39 41.99 -59.42
N ARG HB 439 3.44 43.24 -59.88
CA ARG HB 439 2.28 43.90 -60.47
C ARG HB 439 2.50 44.28 -61.93
N GLN HB 440 3.52 43.73 -62.58
CA GLN HB 440 3.74 43.95 -64.00
C GLN HB 440 2.99 42.88 -64.80
N VAL HB 441 2.20 43.33 -65.78
CA VAL HB 441 1.29 42.42 -66.48
C VAL HB 441 2.06 41.35 -67.26
N SER HB 442 3.14 41.73 -67.92
CA SER HB 442 3.91 40.74 -68.66
C SER HB 442 4.72 39.80 -67.76
N ASN HB 443 4.57 39.81 -66.44
CA ASN HB 443 5.31 38.89 -65.60
C ASN HB 443 4.45 38.29 -64.49
N TYR HB 444 3.13 38.22 -64.68
CA TYR HB 444 2.26 37.57 -63.71
C TYR HB 444 2.59 36.08 -63.58
N PRO HB 445 2.47 35.50 -62.39
CA PRO HB 445 2.63 34.05 -62.27
C PRO HB 445 1.54 33.30 -63.04
N VAL HB 446 1.92 32.12 -63.55
CA VAL HB 446 1.10 31.36 -64.48
C VAL HB 446 0.41 30.22 -63.73
N VAL HB 447 -0.91 30.12 -63.90
CA VAL HB 447 -1.71 29.13 -63.19
C VAL HB 447 -2.22 28.00 -64.07
N GLY HB 448 -2.12 28.12 -65.40
CA GLY HB 448 -2.50 27.04 -66.30
C GLY HB 448 -2.08 27.35 -67.72
N ALA HB 449 -2.06 26.30 -68.54
CA ALA HB 449 -1.62 26.42 -69.93
C ALA HB 449 -2.42 25.49 -70.82
N GLU HB 450 -2.57 25.88 -72.09
CA GLU HB 450 -3.27 25.09 -73.10
C GLU HB 450 -2.92 25.67 -74.47
N LEU HB 451 -3.40 25.02 -75.52
CA LEU HB 451 -3.19 25.54 -76.88
C LEU HB 451 -4.19 26.65 -77.19
N MET HB 452 -3.73 27.65 -77.91
CA MET HB 452 -4.63 28.63 -78.50
C MET HB 452 -5.59 27.90 -79.44
N PRO HB 453 -6.91 28.03 -79.26
CA PRO HB 453 -7.86 27.07 -79.86
C PRO HB 453 -8.22 27.36 -81.31
N VAL HB 454 -7.26 27.16 -82.20
CA VAL HB 454 -7.43 27.35 -83.63
C VAL HB 454 -6.92 26.10 -84.33
N PHE HB 455 -7.72 25.54 -85.25
CA PHE HB 455 -7.43 24.25 -85.85
C PHE HB 455 -7.65 24.28 -87.36
N SER HB 456 -6.99 23.34 -88.02
CA SER HB 456 -7.11 23.16 -89.46
C SER HB 456 -8.19 22.12 -89.79
N LYS HB 457 -8.92 22.35 -90.88
CA LYS HB 457 -9.93 21.41 -91.38
C LYS HB 457 -9.73 21.18 -92.86
N SER HB 458 -9.93 19.93 -93.30
CA SER HB 458 -9.69 19.52 -94.68
C SER HB 458 -10.98 19.33 -95.46
N PHE HB 459 -10.91 19.66 -96.76
CA PHE HB 459 -12.01 19.44 -97.69
C PHE HB 459 -11.46 18.86 -98.98
N TYR HB 460 -12.33 18.20 -99.74
CA TYR HB 460 -11.96 17.57 -101.00
C TYR HB 460 -12.58 18.34 -102.16
N ASN HB 461 -11.77 18.70 -103.14
CA ASN HB 461 -12.24 19.44 -104.31
C ASN HB 461 -11.64 18.91 -105.61
N HIS HB 478 -8.54 38.66 -115.04
CA HIS HB 478 -7.92 37.83 -114.03
C HIS HB 478 -6.64 38.46 -113.49
N VAL HB 479 -6.76 39.10 -112.32
CA VAL HB 479 -5.59 39.71 -111.69
C VAL HB 479 -4.61 38.64 -111.19
N PHE HB 480 -5.08 37.43 -110.95
CA PHE HB 480 -4.23 36.34 -110.48
C PHE HB 480 -3.66 35.50 -111.61
N ASN HB 481 -3.84 35.91 -112.87
CA ASN HB 481 -3.22 35.23 -114.01
C ASN HB 481 -2.93 36.31 -115.06
N ARG HB 482 -1.72 36.88 -114.98
CA ARG HB 482 -1.31 37.97 -115.85
C ARG HB 482 -0.44 37.50 -117.01
N PHE HB 483 0.04 36.27 -116.98
CA PHE HB 483 0.85 35.70 -118.06
C PHE HB 483 0.28 34.34 -118.42
N PRO HB 484 -0.91 34.31 -119.00
CA PRO HB 484 -1.55 33.01 -119.30
C PRO HB 484 -0.73 32.14 -120.23
N GLU HB 485 0.02 32.73 -121.16
CA GLU HB 485 0.75 31.94 -122.14
C GLU HB 485 2.01 31.31 -121.56
N ASN HB 486 2.68 31.98 -120.63
CA ASN HB 486 4.01 31.56 -120.19
C ASN HB 486 3.91 30.33 -119.29
N GLN HB 487 4.61 29.25 -119.68
CA GLN HB 487 4.54 28.01 -118.94
C GLN HB 487 5.17 28.11 -117.55
N ILE HB 488 6.07 29.06 -117.33
CA ILE HB 488 6.68 29.23 -116.02
C ILE HB 488 5.85 30.15 -115.13
N LEU HB 489 5.25 31.18 -115.71
CA LEU HB 489 4.51 32.19 -114.97
C LEU HB 489 3.01 31.95 -114.97
N ILE HB 490 2.56 30.78 -115.42
CA ILE HB 490 1.14 30.46 -115.35
C ILE HB 490 0.69 30.33 -113.89
N ARG HB 491 -0.59 30.56 -113.66
CA ARG HB 491 -1.16 30.46 -112.32
C ARG HB 491 -1.08 29.01 -111.83
N PRO HB 492 -0.58 28.76 -110.62
CA PRO HB 492 -0.36 27.39 -110.19
C PRO HB 492 -1.67 26.63 -110.09
N PRO HB 493 -1.65 25.33 -110.37
CA PRO HB 493 -2.85 24.50 -110.16
C PRO HB 493 -3.18 24.38 -108.68
N ALA HB 494 -4.48 24.22 -108.40
CA ALA HB 494 -4.99 24.11 -107.04
C ALA HB 494 -4.92 22.66 -106.56
N PRO HB 495 -4.59 22.43 -105.30
CA PRO HB 495 -4.55 21.06 -104.78
C PRO HB 495 -5.94 20.45 -104.71
N THR HB 496 -5.97 19.13 -104.80
CA THR HB 496 -7.21 18.40 -104.59
C THR HB 496 -7.62 18.34 -103.12
N ILE HB 497 -6.75 18.73 -102.20
CA ILE HB 497 -7.05 18.83 -100.77
C ILE HB 497 -6.87 20.28 -100.35
N THR HB 498 -7.94 20.89 -99.85
CA THR HB 498 -7.91 22.28 -99.37
C THR HB 498 -8.09 22.32 -97.86
N THR HB 499 -7.31 23.17 -97.19
CA THR HB 499 -7.36 23.31 -95.74
C THR HB 499 -7.66 24.76 -95.36
N VAL HB 500 -8.52 24.94 -94.35
CA VAL HB 500 -8.88 26.24 -93.82
C VAL HB 500 -8.83 26.16 -92.29
N SER HB 501 -8.64 27.31 -91.65
CA SER HB 501 -8.48 27.38 -90.20
C SER HB 501 -9.79 27.79 -89.53
N GLU HB 502 -10.06 27.21 -88.35
CA GLU HB 502 -11.31 27.39 -87.63
C GLU HB 502 -11.04 27.70 -86.16
N ASN HB 503 -11.98 28.42 -85.55
CA ASN HB 503 -11.98 28.70 -84.11
C ASN HB 503 -13.00 27.79 -83.44
N VAL HB 504 -12.56 27.01 -82.45
CA VAL HB 504 -13.40 26.04 -81.76
C VAL HB 504 -13.38 26.35 -80.26
N PRO HB 505 -14.53 26.49 -79.60
CA PRO HB 505 -14.52 26.80 -78.16
C PRO HB 505 -13.85 25.70 -77.36
N ALA HB 506 -13.07 26.12 -76.36
CA ALA HB 506 -12.21 25.23 -75.59
C ALA HB 506 -12.70 25.14 -74.14
N LEU HB 507 -12.90 23.93 -73.66
CA LEU HB 507 -13.37 23.65 -72.30
C LEU HB 507 -12.30 22.82 -71.61
N THR HB 508 -11.71 23.37 -70.55
CA THR HB 508 -10.48 22.81 -69.99
C THR HB 508 -10.59 22.66 -68.47
N ASP HB 509 -10.11 21.52 -67.98
CA ASP HB 509 -9.95 21.27 -66.55
C ASP HB 509 -8.48 21.38 -66.20
N HIS HB 510 -8.14 22.33 -65.33
CA HIS HB 510 -6.75 22.60 -64.97
C HIS HB 510 -6.32 21.95 -63.66
N GLY HB 511 -7.16 21.16 -63.01
CA GLY HB 511 -6.82 20.55 -61.74
C GLY HB 511 -6.95 21.49 -60.55
N THR HB 512 -6.37 21.05 -59.43
CA THR HB 512 -6.47 21.74 -58.15
C THR HB 512 -5.20 22.53 -57.84
N LEU HB 513 -5.35 23.78 -57.42
CA LEU HB 513 -4.26 24.66 -57.05
C LEU HB 513 -4.49 25.27 -55.67
N PRO HB 514 -3.42 25.54 -54.92
CA PRO HB 514 -3.58 26.15 -53.59
C PRO HB 514 -4.19 27.54 -53.65
N LEU HB 515 -5.07 27.81 -52.69
CA LEU HB 515 -5.92 28.99 -52.67
C LEU HB 515 -5.54 29.90 -51.51
N ARG HB 516 -5.64 31.21 -51.72
CA ARG HB 516 -5.41 32.16 -50.63
C ARG HB 516 -6.55 32.11 -49.60
N SER HB 517 -6.20 32.33 -48.33
CA SER HB 517 -7.18 32.21 -47.25
C SER HB 517 -8.17 33.36 -47.22
N SER HB 518 -7.79 34.53 -47.74
CA SER HB 518 -8.69 35.68 -47.77
C SER HB 518 -8.77 36.19 -49.20
N ILE HB 519 -9.98 36.29 -49.73
CA ILE HB 519 -10.23 36.62 -51.12
C ILE HB 519 -10.97 37.96 -51.18
N ARG HB 520 -10.41 38.93 -51.88
CA ARG HB 520 -11.06 40.22 -52.05
C ARG HB 520 -12.19 40.15 -53.06
N GLY HB 521 -13.09 41.12 -52.97
CA GLY HB 521 -14.30 41.13 -53.79
C GLY HB 521 -14.07 41.43 -55.26
N VAL HB 522 -12.98 42.09 -55.62
CA VAL HB 522 -12.66 42.41 -57.01
C VAL HB 522 -11.42 41.62 -57.42
N GLN HB 523 -11.49 40.94 -58.56
CA GLN HB 523 -10.47 40.01 -59.01
C GLN HB 523 -10.01 40.36 -60.43
N ARG HB 524 -8.73 40.10 -60.71
CA ARG HB 524 -8.15 40.32 -62.03
C ARG HB 524 -8.00 39.00 -62.78
N VAL HB 525 -8.34 39.01 -64.07
CA VAL HB 525 -8.25 37.85 -64.95
C VAL HB 525 -7.41 38.23 -66.17
N THR HB 526 -6.40 37.42 -66.49
CA THR HB 526 -5.47 37.73 -67.58
C THR HB 526 -5.16 36.49 -68.42
N VAL HB 527 -5.08 36.68 -69.74
CA VAL HB 527 -4.69 35.64 -70.69
C VAL HB 527 -3.57 36.21 -71.58
N THR HB 528 -2.42 35.53 -71.64
CA THR HB 528 -1.28 35.98 -72.44
C THR HB 528 -0.71 34.85 -73.28
N ASP HB 529 0.04 35.23 -74.32
CA ASP HB 529 0.63 34.29 -75.26
C ASP HB 529 2.05 33.90 -74.81
N ALA HB 530 2.78 33.23 -75.70
CA ALA HB 530 4.10 32.70 -75.36
C ALA HB 530 5.12 33.80 -75.10
N ARG HB 531 5.00 34.94 -75.76
CA ARG HB 531 5.86 36.09 -75.52
C ARG HB 531 5.32 36.99 -74.42
N ARG HB 532 4.26 36.57 -73.72
CA ARG HB 532 3.65 37.29 -72.61
C ARG HB 532 3.03 38.62 -73.05
N ARG HB 533 2.40 38.63 -74.22
CA ARG HB 533 1.52 39.70 -74.65
C ARG HB 533 0.08 39.25 -74.49
N THR HB 534 -0.82 40.20 -74.21
CA THR HB 534 -2.24 39.88 -74.25
C THR HB 534 -2.70 39.64 -75.68
N CYS HB 535 -3.76 38.86 -75.83
CA CYS HB 535 -4.24 38.49 -77.16
C CYS HB 535 -5.52 39.25 -77.48
N PRO HB 536 -5.51 40.13 -78.49
CA PRO HB 536 -6.73 40.88 -78.84
C PRO HB 536 -7.84 40.06 -79.48
N TYR HB 537 -7.63 38.78 -79.78
CA TYR HB 537 -8.64 37.99 -80.44
C TYR HB 537 -9.46 37.10 -79.49
N VAL HB 538 -9.25 37.22 -78.19
CA VAL HB 538 -10.14 36.60 -77.21
C VAL HB 538 -11.37 37.47 -77.05
N TYR HB 539 -12.56 36.89 -77.16
CA TYR HB 539 -13.77 37.65 -76.90
C TYR HB 539 -14.73 36.99 -75.92
N LYS HB 540 -14.34 35.87 -75.29
CA LYS HB 540 -15.14 35.25 -74.25
C LYS HB 540 -14.22 34.42 -73.37
N ALA HB 541 -14.23 34.68 -72.07
CA ALA HB 541 -13.41 33.95 -71.12
C ALA HB 541 -14.14 33.89 -69.78
N LEU HB 542 -14.33 32.67 -69.25
CA LEU HB 542 -15.00 32.45 -67.98
C LEU HB 542 -14.18 31.49 -67.12
N GLY HB 543 -14.30 31.64 -65.81
CA GLY HB 543 -13.68 30.73 -64.88
C GLY HB 543 -14.64 30.33 -63.78
N ILE HB 544 -14.50 29.08 -63.34
CA ILE HB 544 -15.29 28.52 -62.25
C ILE HB 544 -14.35 27.80 -61.30
N VAL HB 545 -14.41 28.14 -60.02
CA VAL HB 545 -13.51 27.58 -59.01
C VAL HB 545 -14.34 26.89 -57.94
N ALA HB 546 -13.90 25.70 -57.52
CA ALA HB 546 -14.56 24.92 -56.48
C ALA HB 546 -13.61 24.66 -55.31
N PRO HB 547 -13.68 25.44 -54.23
CA PRO HB 547 -12.76 25.24 -53.10
C PRO HB 547 -13.03 23.96 -52.32
N ARG HB 548 -11.97 23.44 -51.70
CA ARG HB 548 -12.07 22.31 -50.77
C ARG HB 548 -10.82 22.26 -49.90
N VAL HB 549 -10.92 21.53 -48.80
CA VAL HB 549 -9.83 21.43 -47.81
C VAL HB 549 -8.76 20.47 -48.31
N LEU HB 550 -7.49 20.88 -48.22
CA LEU HB 550 -6.35 20.05 -48.58
C LEU HB 550 -5.65 19.44 -47.38
N SER HB 551 -5.33 20.22 -46.35
CA SER HB 551 -4.66 19.69 -45.18
C SER HB 551 -4.93 20.59 -43.99
N SER HB 552 -4.52 20.11 -42.82
CA SER HB 552 -4.74 20.81 -41.56
C SER HB 552 -3.64 21.83 -41.28
N ARG HB 553 -4.00 22.87 -40.55
CA ARG HB 553 -3.09 23.90 -40.06
C ARG HB 553 -2.49 24.75 -41.18
#